data_7MUQ
#
_entry.id   7MUQ
#
_cell.length_a   1.00
_cell.length_b   1.00
_cell.length_c   1.00
_cell.angle_alpha   90.00
_cell.angle_beta   90.00
_cell.angle_gamma   90.00
#
_symmetry.space_group_name_H-M   'P 1'
#
loop_
_entity.id
_entity.type
_entity.pdbx_description
1 polymer 'IcmE protein'
2 polymer DotC
3 polymer DotF
4 polymer DotD
5 polymer 'Type IV secretion protein IcmK'
6 polymer 'Inner membrane lipoprotein YiaD'
7 polymer 'Outer membrane protein, OmpA family protein'
8 polymer 'DUF2807 domain-containing protein'
9 polymer 'Neurogenic locus notch'
10 polymer 'Unknown protein fragment'
11 polymer 'Unknown protein fragment'
#
loop_
_entity_poly.entity_id
_entity_poly.type
_entity_poly.pdbx_seq_one_letter_code
_entity_poly.pdbx_strand_id
1 'polypeptide(L)'
;MASKKENLKSLFSNTRTRVIIIFTAALLIIAVVIGFFKIRGATTGSIAAAEVSTVPGGIQSIPGVLDPTAQYAKLQEEQN
ITQAQVAEKTGGSAIPTIIRTQALGEGVGVIGSQSGVGFAALAQEELGGPQRSLWIQELQDGSCSKSVITKVVNQGAQLT
DLKAACSCVQLKDSGYGLQELEQVCECKELKSAGYNARQLKEAGYSAGRLRNCGFDACELRNAGFTAQEMKDGGFSDGEL
KGAGFSDAEIAKASGLPDGITADDVRKAGCGAAALAKLRQAGVSASAIRKISGCTAEQLKAAGYTAKELKDAGFSAADLR
RAGFSAAELKDAGFTARDLLNAGFTPADLAKAGFSDAQIKAAQAELPPGITPQDVKNAGCDVEALKKEREAGVSAALIRQ
YAGCSAQALKAAGFTDADLANAGFTPAQISAATPLSDAEIKAAGCDPDKLKKLFSAGVSAKRIKELNGCSAEALKAAGYD
AQSLLAAGFTPQELLAAGFTPKQLEDAGLNPVSIIADGRVADCSVESLKKARAAGVSALTIKQTLGCSAAALKAAGYTAK
ELKDAGFTAAELKAAGFSAKELKDAGFTAKELRDAGFSAQELKDVGFSAKDLKDAGFSAAELKAAGFTAAQLKAAGFSAK
DLKDAGFSAAELKAAGFSAKELKDAGFSASDLKNAGFSAKELKDAGFSASDLKSAGFSASELKNAGYSADELKKAGYTSA
ELRNAGFSPQESAVAGLQGPDLQQLDSSITGIPSIPGATPRPTTSDAASSAEQLQAILQKQNEQLAEQKYQQEIQQRTSD
MLTAATQLVQDWKQVETQVYTEGTEETKTSGGESAVPGTGTGTGSNNQPVDQGAVSAQNQAIIKTGDIMFAVLDTSVNSD
EPGPILATIVTGKLKGSKLIGSFNLPSNADKMVITFNTMSIPGAEKTISISAYAIDPNTARTALASRTNHHYLMRYGSLF
ASSFLQGFGNAFQSANTTITIGGTGGGNNITVANGVGRSTLENAVIGLATVGKAWSQQAQQLFNTPTTVEVYSGTGLGIL
FTQDVTTI
;
AG,Gg,Hg,BG,Bg,Ig,Jg,CG,Kg,Lg,DG,Cg,Mg,Ag,VG,WG,EG,XG,YG,ZG,FG,Dg,GG,Eg,Fg,HG,IG,JG,KG,LG,MG,NG,OG,PG
2 'polypeptide(L)'
;MRKFILSLSILLSALLVACSSRNHYGDTGSLAGLQAMADSKYTRAQKKQKMGKIREMALKETALSVGAQAGLAWRAKIID
EQLNKQARNLDAIYDFNSLVLEHNILPPVLLEGRNTLNLADAQSIRISDRTYKVAKQAHFITTPPTWRQYLWMDYVKPEA
PNVTLLPKTKAEKEIWCIYTERGWKNGIDQANTILEENIARIKEDFGGMILYRKLLAMNMVSPPYVSHTDLGVTGDGSEI
HIDDRVLRITALPELNVNSAEWRAAVAKDENALERFKNMEKLANQAKIVITNKSWQPIIAPVS
;
BC,EC,CC,DC,FC,GC,IC,JC,KC,MC,HC,LC,AC
3 'polypeptide(L)'
;MMAEHDQNNDEYKFAELDSYDMDQAGESDLDSEASYQSGKEGLTKKKDIKRNALIAIGAVVFIMVMYKIIGWMFFSDKSS
QVTSKPAIPPVTQVATPQPVQTIPTTTPIQQVQPTTIIEDDPDLKKKVSAIEMTQQSLRSEVNALSEQINAVNNNIKNLN
AQIVNLNQIIGNMSNQIARQSEVINVLMARTTPKKVVKVSRPIVQARIIYYIQAVIPGRAWLIGSNGSTLTVREGSKIPG
YGMVKLIDSLQGRILTSSGQVIKFSQEDS
;
AF,GF,Gf,HF,Hf,IF,If,JF,Jf,KF,Kf,LF,Lf,MF,Mf,VF,WF,XF,YF,Df,ZF,Af,BF,CF,Bf,Cf,DF,EF,Ef,FF,Ff
4 'polypeptide(L)'
;MNNNKIVIMFIFSALLAGCAGTMKFKKPPINNPSDDATIKLAEAAVSVSDSMLEMAKVEKVITPPSKDNTLTIPNAYNLQ
ARASVDWSGPIEELTARIAKAAHFRFRVLGKSPSVPVLISISTKDESLAEILRDIDYQAGKKASIHVYPNSQVVELRYAK
IYS
;
GD,Gd,HD,Hd,ID,Dd,Id,JD,Jd,KD,Kd,LD,Ld,MD,Md,CD,Ad,BD,Bd,AD,Cd,DD,ED,Ed,FD,Fd
5 'polypeptide(L)'
;MMKKYDQLCKYCLVIGLTFSMSCSIYAADQSDDAQQALQQLRMLQQKLSQNPSPDAQSGAGDGGDNAASDSTQQPNQSGQ
ANAPAANQTATAGGDGQIISQDDAEVIDKKAFKDMTRNLYPLNPEQVVKLKQIYETSEYAKAATPGTPPKPTATSQFVNL
SPGSTPPVIRLSQGFVSSLVFLDSTGAPWPIAAYDLGDPSSFNIQWDKTSNTLMIQATKLYNYGNLAVRLRGLNTPVMLT
LIPGQKAVDYRVDLRVQGYGPNAKSMPTEEGIPPSANDLLLHVLEGVPPPGSRRLVVSGGDARAWLSNEKMYVRTNLTIL
SPGWLASMTSADGTHAYEMQKSPVLLVSWHGKVMQLKVEGL
;
GH,HH,IH,JH,AH,KH,LH,MH,VH,WH,XH,YH,ZH,BH,CH,DH,EH,FH
6 'polypeptide(L)'
;MRSLRTNYIYVLFKTTGLLFLLLLSACNRSGYIPENEVPKLPCRVDGACDATIIKMMTDLNKKGIKVASVGQNYLISIPA
SALFADQSPRLNWASYSLLNEIAAFLKQFRKIAITVTSYSSKYVSVKRERALTLARSRVVSEYLWSQGVDSRIIFTQGLG
SDKPITSYTLGGDRSPNARVEITFRRAVA
;
GK,HK,IK,JK,KK,LK,AK,MK,BK,CK,DK,EK,FK
7 'polypeptide(L)'
;MRNLMRCLIMIKSLIKGVDMSRKLAKTRILGYGLMICFLAGCFHPPYNNFQPDRRAVKRVGVDTGIGAVAGAIASGTASG
TLIGAAAGGTVGLVASIYRDSKRKIIRDLQKQDIQYVEYGDTRTLIIPTDKYFMFSSPRLNEICYPGLNNVIRLLNFYPQ
STIYVAGFTDNVGSRSHKRKLSQAQAETMMTFLWANGIAAKRLKAEGYGDKNAISDNAIIHGSAQNRRIEIQWFTSPAQP
PQPQMAYVK
;
GL,HL,IL,JL,KL,LL,ML,AL,BL,CL,DL,EL,FL
8 'polypeptide(L)'
;MLKRCYLLILLMFVLASCAHHKPQTPPAEVKKQGTSSTRQFRQVSSFNQIVVQGRLNVNLHTGYNKPEVMLRGDPRDLVQ
VRTIVKQNTLYVSLGQGYPDYGAVTVDIKTKFLNRFRYEGAGVVTGNNLRTSYLDLYLANEGTTRLAGNIGLQKLEAVGN
GVTQINGVSSRNLQIVLKGDPKVLISGFVNLRQLDMYGKGTLSLYWIKSDTLTIRAKKAAKIQLAGIVNRLDVELWDFAQ
FKGKYLRAQRSFVKTHDKSVAEISAVNHQSSLATDASDIYYYNLSKTRADFMAFNGSVLDMREWGQSDLKDFDRYNKQFP
;
GM,HM,IM,JM,KM,LM,MM,AM,BM,CM,DM,EM,FM
9 'polypeptide(L)'
;MLFLKIKTNQRTTMNILKPKAFLLASVFVLSISPAFAADGCCSKMGGINYCDSSAGRLVCNNGFYSTCYCTRHAVMDLQF
LMGCCLWHGGVYPQLNSSGLVVCNDGYVSEECSLQKPVEQISVY
;
GN,HN,IN,JN,KN,LN,MN,AN,BN,CN,DN,EN,FN
10 'polypeptide(L)' (UNK)(UNK)(UNK)(UNK)(UNK)(UNK)(UNK)(UNK)(UNK) GU,HU,IU,JU,KU,LU,MU,AU,BU,CU,DU,EU,FU
11 'polypeptide(L)'
;(UNK)(UNK)(UNK)(UNK)(UNK)(UNK)(UNK)(UNK)(UNK)(UNK)(UNK)(UNK)(UNK)(UNK)(UNK)(UNK)
(UNK)(UNK)(UNK)(UNK)(UNK)(UNK)(UNK)(UNK)(UNK)(UNK)(UNK)(UNK)(UNK)(UNK)(UNK)(UNK)
(UNK)(UNK)(UNK)(UNK)(UNK)(UNK)(UNK)(UNK)(UNK)(UNK)(UNK)(UNK)(UNK)(UNK)(UNK)(UNK)
;
GX,DX,HX,IX,JX,KX,LX,MX,VX,WX,XX,YX,ZX,AX,BX,CX,EX,FX
#
# COMPACT_ATOMS: atom_id res chain seq x y z
N ILE A 862 -2.46 39.64 54.80
CA ILE A 862 -3.77 38.99 54.82
C ILE A 862 -4.83 39.97 55.28
N ILE A 863 -5.71 40.36 54.34
CA ILE A 863 -6.85 41.21 54.64
C ILE A 863 -8.11 40.39 54.44
N LYS A 864 -9.01 40.45 55.42
CA LYS A 864 -10.23 39.64 55.41
C LYS A 864 -11.13 40.03 54.24
N THR A 865 -11.84 39.03 53.72
CA THR A 865 -12.76 39.23 52.60
C THR A 865 -13.97 40.02 53.07
N GLY A 866 -14.38 41.01 52.28
CA GLY A 866 -15.58 41.78 52.55
C GLY A 866 -15.53 42.67 53.78
N ASP A 867 -14.54 43.55 53.85
CA ASP A 867 -14.50 44.59 54.88
C ASP A 867 -14.55 45.97 54.23
N ILE A 868 -14.56 47.01 55.06
CA ILE A 868 -14.78 48.39 54.62
C ILE A 868 -13.63 49.25 55.12
N MET A 869 -13.01 49.99 54.20
CA MET A 869 -11.94 50.93 54.54
C MET A 869 -12.20 52.25 53.84
N PHE A 870 -11.27 53.19 53.93
CA PHE A 870 -11.44 54.52 53.36
C PHE A 870 -10.19 54.97 52.62
N ALA A 871 -10.42 55.73 51.54
CA ALA A 871 -9.39 56.15 50.61
C ALA A 871 -9.76 57.54 50.09
N VAL A 872 -8.96 58.05 49.15
CA VAL A 872 -9.19 59.37 48.58
C VAL A 872 -9.06 59.27 47.05
N LEU A 873 -10.10 59.68 46.34
CA LEU A 873 -10.02 59.89 44.90
C LEU A 873 -10.12 61.37 44.61
N ASP A 874 -9.19 61.88 43.81
CA ASP A 874 -9.09 63.32 43.61
C ASP A 874 -9.18 63.71 42.14
N THR A 875 -8.92 62.78 41.24
CA THR A 875 -8.94 63.09 39.82
C THR A 875 -10.38 63.21 39.34
N SER A 876 -10.62 64.08 38.37
CA SER A 876 -11.94 64.22 37.77
C SER A 876 -11.96 63.62 36.38
N VAL A 877 -13.04 62.87 36.09
CA VAL A 877 -13.29 62.34 34.77
C VAL A 877 -14.80 62.14 34.63
N ASN A 878 -15.28 62.21 33.40
CA ASN A 878 -16.68 62.00 33.08
C ASN A 878 -16.88 60.58 32.57
N SER A 879 -18.15 60.15 32.52
CA SER A 879 -18.50 58.87 31.94
C SER A 879 -18.56 58.96 30.41
N ASP A 880 -17.45 59.38 29.79
CA ASP A 880 -17.42 59.53 28.35
C ASP A 880 -16.24 58.84 27.70
N GLU A 881 -15.06 58.91 28.29
CA GLU A 881 -13.86 58.30 27.73
C GLU A 881 -13.14 57.54 28.84
N PRO A 882 -12.93 56.24 28.70
CA PRO A 882 -12.16 55.51 29.72
C PRO A 882 -10.71 55.90 29.70
N GLY A 883 -10.09 55.85 30.87
CA GLY A 883 -8.71 56.19 31.01
C GLY A 883 -8.21 55.85 32.40
N PRO A 884 -6.91 56.00 32.64
CA PRO A 884 -6.40 55.77 33.99
C PRO A 884 -6.88 56.84 34.96
N ILE A 885 -7.54 56.43 36.03
CA ILE A 885 -7.87 57.29 37.14
C ILE A 885 -7.28 56.66 38.40
N LEU A 886 -6.71 57.48 39.27
CA LEU A 886 -5.96 57.01 40.42
C LEU A 886 -6.52 57.57 41.73
N ALA A 887 -6.90 56.67 42.63
CA ALA A 887 -7.26 57.01 44.00
C ALA A 887 -6.11 56.63 44.91
N THR A 888 -6.22 56.98 46.19
CA THR A 888 -5.15 56.74 47.15
C THR A 888 -5.73 56.20 48.45
N ILE A 889 -5.32 54.98 48.79
CA ILE A 889 -5.71 54.36 50.05
C ILE A 889 -4.92 55.00 51.18
N VAL A 890 -5.64 55.52 52.18
CA VAL A 890 -5.03 56.42 53.15
C VAL A 890 -4.95 55.82 54.55
N THR A 891 -5.89 54.99 54.95
CA THR A 891 -5.94 54.58 56.36
C THR A 891 -5.93 53.07 56.48
N GLY A 892 -6.19 52.57 57.68
CA GLY A 892 -6.08 51.14 57.90
C GLY A 892 -4.63 50.72 57.95
N LYS A 893 -4.37 49.51 57.47
CA LYS A 893 -3.01 49.00 57.46
C LYS A 893 -2.17 49.60 56.34
N LEU A 894 -2.74 49.78 55.15
CA LEU A 894 -1.95 50.10 53.97
C LEU A 894 -1.53 51.57 53.98
N LYS A 895 -0.25 51.80 53.75
CA LYS A 895 0.35 53.13 53.85
C LYS A 895 0.68 53.63 52.46
N GLY A 896 0.00 54.71 52.05
CA GLY A 896 0.34 55.40 50.82
C GLY A 896 0.03 54.67 49.53
N SER A 897 -0.96 53.77 49.53
CA SER A 897 -1.24 52.96 48.36
C SER A 897 -1.91 53.80 47.28
N LYS A 898 -1.50 53.58 46.03
CA LYS A 898 -2.16 54.19 44.88
C LYS A 898 -3.01 53.12 44.18
N LEU A 899 -4.03 53.56 43.44
CA LEU A 899 -5.02 52.63 42.90
C LEU A 899 -5.50 53.14 41.54
N ILE A 900 -5.09 52.46 40.48
CA ILE A 900 -5.33 52.86 39.10
C ILE A 900 -6.42 51.97 38.50
N GLY A 901 -7.41 52.61 37.85
CA GLY A 901 -8.42 51.93 37.06
C GLY A 901 -9.22 52.85 36.15
N SER A 902 -10.50 52.54 35.94
CA SER A 902 -11.40 53.41 35.18
C SER A 902 -12.80 53.23 35.76
N PHE A 903 -13.82 53.71 35.03
CA PHE A 903 -15.18 53.77 35.56
C PHE A 903 -16.05 52.68 34.96
N ASN A 904 -17.29 52.61 35.44
CA ASN A 904 -18.26 51.68 34.89
C ASN A 904 -19.42 52.46 34.30
N LEU A 905 -20.02 51.90 33.26
CA LEU A 905 -21.16 52.52 32.60
C LEU A 905 -22.42 51.73 32.91
N PRO A 906 -23.42 52.36 33.49
CA PRO A 906 -24.67 51.65 33.79
C PRO A 906 -25.66 51.75 32.64
N SER A 907 -26.70 50.92 32.72
CA SER A 907 -27.77 51.01 31.73
C SER A 907 -28.69 52.18 31.98
N ASN A 908 -28.91 52.54 33.25
CA ASN A 908 -29.70 53.69 33.64
C ASN A 908 -28.88 54.56 34.58
N ALA A 909 -29.18 55.86 34.60
CA ALA A 909 -28.29 56.87 35.17
C ALA A 909 -28.51 57.12 36.65
N ASP A 910 -28.95 56.12 37.41
CA ASP A 910 -29.23 56.28 38.82
C ASP A 910 -28.07 55.85 39.73
N LYS A 911 -26.92 55.47 39.18
CA LYS A 911 -25.78 55.04 39.98
C LYS A 911 -24.50 55.20 39.19
N MET A 912 -23.38 55.06 39.91
CA MET A 912 -22.06 55.02 39.28
C MET A 912 -21.13 54.23 40.19
N VAL A 913 -20.31 53.36 39.58
CA VAL A 913 -19.26 52.66 40.31
C VAL A 913 -17.97 52.70 39.49
N ILE A 914 -16.85 52.52 40.19
CA ILE A 914 -15.52 52.71 39.62
C ILE A 914 -14.78 51.39 39.64
N THR A 915 -14.24 51.00 38.49
CA THR A 915 -13.45 49.77 38.37
C THR A 915 -12.03 50.07 38.83
N PHE A 916 -11.65 49.53 39.99
CA PHE A 916 -10.36 49.83 40.60
C PHE A 916 -9.64 48.56 41.00
N ASN A 917 -8.49 48.33 40.40
CA ASN A 917 -7.72 47.10 40.62
C ASN A 917 -6.24 47.33 40.87
N THR A 918 -5.63 48.30 40.20
CA THR A 918 -4.17 48.41 40.22
C THR A 918 -3.77 49.02 41.56
N MET A 919 -3.48 48.16 42.53
CA MET A 919 -3.23 48.55 43.92
C MET A 919 -1.72 48.46 44.19
N SER A 920 -1.04 49.59 44.12
CA SER A 920 0.40 49.64 44.27
C SER A 920 0.74 50.19 45.66
N ILE A 921 1.54 49.43 46.40
CA ILE A 921 1.94 49.79 47.77
C ILE A 921 3.40 50.22 47.74
N PRO A 922 3.73 51.40 48.26
CA PRO A 922 5.11 51.87 48.23
C PRO A 922 5.99 51.19 49.27
N GLY A 923 7.21 51.69 49.43
CA GLY A 923 8.15 51.07 50.34
C GLY A 923 8.98 50.02 49.62
N ALA A 924 8.33 48.97 49.15
CA ALA A 924 8.97 47.97 48.31
C ALA A 924 8.38 48.01 46.91
N GLU A 925 9.15 47.49 45.96
CA GLU A 925 8.79 47.49 44.55
C GLU A 925 7.70 46.44 44.32
N LYS A 926 6.47 46.79 44.70
CA LYS A 926 5.35 45.86 44.65
C LYS A 926 4.08 46.58 44.23
N THR A 927 3.14 45.81 43.69
CA THR A 927 1.85 46.31 43.24
C THR A 927 0.88 45.14 43.30
N ILE A 928 0.05 45.11 44.34
CA ILE A 928 -0.82 43.95 44.55
C ILE A 928 -2.05 44.08 43.66
N SER A 929 -2.79 42.98 43.50
CA SER A 929 -3.80 42.93 42.45
C SER A 929 -5.21 42.70 42.99
N ILE A 930 -5.58 43.44 44.04
CA ILE A 930 -6.96 43.39 44.53
C ILE A 930 -7.81 44.30 43.65
N SER A 931 -8.85 43.73 43.05
CA SER A 931 -9.77 44.46 42.20
C SER A 931 -11.00 44.79 43.01
N ALA A 932 -11.42 46.04 42.98
CA ALA A 932 -12.50 46.46 43.86
C ALA A 932 -13.32 47.56 43.19
N TYR A 933 -14.41 47.90 43.84
CA TYR A 933 -15.40 48.87 43.41
C TYR A 933 -15.53 49.95 44.47
N ALA A 934 -16.66 50.66 44.45
CA ALA A 934 -16.89 51.78 45.36
C ALA A 934 -18.10 51.54 46.24
N ILE A 935 -18.05 52.12 47.45
CA ILE A 935 -19.20 52.42 48.28
C ILE A 935 -19.00 53.82 48.86
N ASP A 936 -20.09 54.50 49.14
CA ASP A 936 -20.03 55.91 49.51
C ASP A 936 -19.50 56.08 50.92
N PRO A 937 -18.54 56.98 51.15
CA PRO A 937 -18.35 57.52 52.49
C PRO A 937 -19.54 58.41 52.86
N ASN A 938 -20.00 58.25 54.11
CA ASN A 938 -21.12 58.91 54.76
C ASN A 938 -22.49 58.59 54.15
N THR A 939 -22.58 57.70 53.15
CA THR A 939 -23.89 57.27 52.69
C THR A 939 -23.98 55.77 52.57
N ALA A 940 -22.88 55.15 52.14
CA ALA A 940 -22.77 53.72 51.80
C ALA A 940 -23.82 53.31 50.77
N ARG A 941 -23.96 54.16 49.76
CA ARG A 941 -24.92 53.95 48.69
C ARG A 941 -24.20 54.09 47.36
N THR A 942 -24.77 53.48 46.32
CA THR A 942 -24.08 53.35 45.03
C THR A 942 -24.30 54.54 44.11
N ALA A 943 -24.99 55.58 44.56
CA ALA A 943 -25.16 56.78 43.73
C ALA A 943 -23.89 57.60 43.71
N LEU A 944 -23.85 58.59 42.82
CA LEU A 944 -22.73 59.50 42.70
C LEU A 944 -23.13 60.91 43.10
N ALA A 945 -22.22 61.59 43.78
CA ALA A 945 -22.38 63.01 44.08
C ALA A 945 -22.19 63.79 42.79
N SER A 946 -23.28 63.93 42.06
CA SER A 946 -23.29 64.68 40.81
C SER A 946 -24.74 65.08 40.52
N ARG A 947 -24.92 65.73 39.39
CA ARG A 947 -26.24 66.02 38.85
C ARG A 947 -26.57 65.02 37.74
N THR A 948 -27.83 64.97 37.36
CA THR A 948 -28.27 64.02 36.36
C THR A 948 -29.27 64.57 35.35
N ASN A 949 -29.61 65.86 35.42
CA ASN A 949 -30.66 66.45 34.60
C ASN A 949 -30.11 67.14 33.37
N HIS A 950 -29.01 66.63 32.80
CA HIS A 950 -28.28 67.38 31.79
C HIS A 950 -28.96 67.37 30.43
N HIS A 951 -29.57 66.25 30.06
CA HIS A 951 -29.97 66.06 28.68
C HIS A 951 -31.37 65.49 28.61
N TYR A 952 -32.30 66.17 29.26
CA TYR A 952 -33.72 65.99 28.98
C TYR A 952 -34.32 67.20 28.27
N LEU A 953 -34.13 68.39 28.86
CA LEU A 953 -34.81 69.58 28.40
C LEU A 953 -34.27 70.06 27.06
N MET A 954 -32.98 69.84 26.80
CA MET A 954 -32.37 70.26 25.54
C MET A 954 -33.00 69.53 24.37
N ARG A 955 -33.06 68.20 24.44
CA ARG A 955 -33.62 67.44 23.32
C ARG A 955 -35.12 67.60 23.22
N TYR A 956 -35.83 67.72 24.37
CA TYR A 956 -37.27 67.95 24.32
C TYR A 956 -37.61 69.28 23.66
N GLY A 957 -36.86 70.33 24.02
CA GLY A 957 -37.12 71.63 23.44
C GLY A 957 -36.76 71.70 21.97
N SER A 958 -35.70 71.01 21.56
CA SER A 958 -35.35 70.96 20.15
C SER A 958 -36.43 70.27 19.34
N LEU A 959 -36.95 69.15 19.87
CA LEU A 959 -38.04 68.42 19.21
C LEU A 959 -39.28 69.28 19.09
N PHE A 960 -39.67 69.93 20.18
CA PHE A 960 -40.89 70.72 20.17
C PHE A 960 -40.76 71.95 19.28
N ALA A 961 -39.58 72.58 19.24
CA ALA A 961 -39.38 73.73 18.38
C ALA A 961 -39.47 73.35 16.91
N SER A 962 -38.79 72.27 16.52
CA SER A 962 -38.81 71.86 15.12
C SER A 962 -40.21 71.41 14.69
N SER A 963 -40.89 70.67 15.55
CA SER A 963 -42.24 70.20 15.22
C SER A 963 -43.23 71.35 15.15
N PHE A 964 -43.17 72.29 16.09
CA PHE A 964 -44.05 73.45 16.09
C PHE A 964 -43.83 74.30 14.86
N LEU A 965 -42.57 74.42 14.43
CA LEU A 965 -42.27 75.18 13.23
C LEU A 965 -42.85 74.51 11.99
N GLN A 966 -42.66 73.20 11.89
CA GLN A 966 -43.24 72.39 10.82
C GLN A 966 -44.73 72.62 10.70
N GLY A 967 -45.42 72.53 11.83
CA GLY A 967 -46.85 72.72 11.85
C GLY A 967 -47.28 74.12 11.49
N PHE A 968 -46.50 75.12 11.93
CA PHE A 968 -46.86 76.51 11.68
C PHE A 968 -46.83 76.80 10.21
N GLY A 969 -45.76 76.35 9.54
CA GLY A 969 -45.68 76.55 8.12
C GLY A 969 -46.76 75.82 7.34
N ASN A 970 -46.94 74.52 7.60
CA ASN A 970 -47.89 73.78 6.77
C ASN A 970 -49.34 74.21 7.03
N ALA A 971 -49.76 74.33 8.28
CA ALA A 971 -51.16 74.62 8.53
C ALA A 971 -51.47 76.09 8.27
N PHE A 972 -50.52 77.00 8.52
CA PHE A 972 -50.83 78.38 8.20
C PHE A 972 -50.63 78.70 6.73
N GLN A 973 -50.05 77.78 5.96
CA GLN A 973 -50.23 77.86 4.52
C GLN A 973 -51.58 77.29 4.12
N SER A 974 -52.03 76.24 4.80
CA SER A 974 -53.26 75.56 4.42
C SER A 974 -54.49 76.42 4.68
N ALA A 975 -54.50 77.14 5.80
CA ALA A 975 -55.67 77.91 6.20
C ALA A 975 -55.74 79.28 5.54
N ASN A 976 -55.02 79.48 4.44
CA ASN A 976 -55.01 80.80 3.81
C ASN A 976 -56.27 81.06 2.99
N THR A 977 -57.01 80.01 2.65
CA THR A 977 -58.17 80.18 1.79
C THR A 977 -59.35 80.83 2.52
N THR A 978 -59.61 80.41 3.75
CA THR A 978 -60.80 80.86 4.46
C THR A 978 -60.49 82.00 5.43
N SER A 999 -48.02 89.10 3.37
CA SER A 999 -46.65 88.89 2.89
C SER A 999 -45.75 88.44 4.02
N THR A 1000 -45.73 89.24 5.09
CA THR A 1000 -44.91 88.92 6.24
C THR A 1000 -45.39 87.67 6.95
N LEU A 1001 -46.72 87.48 7.02
CA LEU A 1001 -47.26 86.24 7.58
C LEU A 1001 -46.91 85.07 6.68
N GLU A 1002 -46.87 85.29 5.36
CA GLU A 1002 -46.39 84.26 4.45
C GLU A 1002 -44.93 83.95 4.70
N ASN A 1003 -44.13 84.94 5.08
CA ASN A 1003 -42.73 84.68 5.39
C ASN A 1003 -42.56 83.93 6.70
N ALA A 1004 -43.46 84.17 7.66
CA ALA A 1004 -43.46 83.35 8.87
C ALA A 1004 -43.79 81.90 8.57
N VAL A 1005 -44.78 81.70 7.70
CA VAL A 1005 -45.11 80.37 7.15
C VAL A 1005 -43.88 79.75 6.49
N ILE A 1006 -43.18 80.55 5.69
CA ILE A 1006 -41.98 80.15 4.95
C ILE A 1006 -40.92 79.62 5.91
N GLY A 1007 -40.63 80.41 6.94
CA GLY A 1007 -39.46 80.16 7.74
C GLY A 1007 -39.69 78.96 8.62
N LEU A 1008 -40.83 78.93 9.29
CA LEU A 1008 -41.09 77.84 10.21
C LEU A 1008 -41.35 76.55 9.43
N ALA A 1009 -41.99 76.70 8.25
CA ALA A 1009 -42.27 75.59 7.33
C ALA A 1009 -41.03 74.82 6.97
N THR A 1010 -40.02 75.51 6.48
CA THR A 1010 -38.94 74.71 5.95
C THR A 1010 -37.77 74.54 6.89
N VAL A 1011 -37.63 75.36 7.94
CA VAL A 1011 -36.63 75.00 8.93
C VAL A 1011 -37.16 73.99 9.94
N GLY A 1012 -38.46 73.69 9.92
CA GLY A 1012 -38.97 72.66 10.80
C GLY A 1012 -38.45 71.26 10.49
N LYS A 1013 -38.45 70.90 9.21
CA LYS A 1013 -38.32 69.49 8.85
C LYS A 1013 -36.90 68.97 9.05
N ALA A 1014 -35.90 69.72 8.59
CA ALA A 1014 -34.52 69.28 8.73
C ALA A 1014 -34.09 69.26 10.18
N TRP A 1015 -34.50 70.27 10.94
CA TRP A 1015 -34.25 70.28 12.37
C TRP A 1015 -34.98 69.14 13.06
N SER A 1016 -36.16 68.76 12.54
CA SER A 1016 -36.91 67.65 13.11
C SER A 1016 -36.19 66.33 12.92
N GLN A 1017 -35.69 66.08 11.72
CA GLN A 1017 -35.01 64.80 11.51
C GLN A 1017 -33.66 64.76 12.21
N GLN A 1018 -32.97 65.89 12.31
CA GLN A 1018 -31.72 65.92 13.06
C GLN A 1018 -31.95 65.69 14.54
N ALA A 1019 -33.00 66.31 15.10
CA ALA A 1019 -33.30 66.10 16.52
C ALA A 1019 -33.78 64.68 16.78
N GLN A 1020 -34.49 64.10 15.81
CA GLN A 1020 -34.87 62.70 15.89
C GLN A 1020 -33.66 61.79 15.89
N GLN A 1021 -32.64 62.18 15.13
CA GLN A 1021 -31.37 61.45 15.18
C GLN A 1021 -30.71 61.58 16.56
N LEU A 1022 -30.64 62.79 17.10
CA LEU A 1022 -29.83 63.01 18.29
C LEU A 1022 -30.59 62.87 19.60
N PHE A 1023 -31.86 62.45 19.56
CA PHE A 1023 -32.65 62.43 20.78
C PHE A 1023 -32.21 61.34 21.75
N ASN A 1024 -31.61 60.27 21.25
CA ASN A 1024 -31.38 59.06 22.05
C ASN A 1024 -30.17 59.13 22.98
N THR A 1025 -29.59 60.31 23.18
CA THR A 1025 -28.40 60.42 24.01
C THR A 1025 -28.76 60.30 25.49
N PRO A 1026 -28.06 59.47 26.25
CA PRO A 1026 -28.35 59.33 27.69
C PRO A 1026 -27.88 60.55 28.46
N THR A 1027 -28.28 60.61 29.73
CA THR A 1027 -27.86 61.66 30.64
C THR A 1027 -26.56 61.23 31.31
N THR A 1028 -25.48 61.97 31.04
CA THR A 1028 -24.16 61.57 31.48
C THR A 1028 -23.97 61.90 32.96
N VAL A 1029 -22.92 61.29 33.54
CA VAL A 1029 -22.50 61.57 34.90
C VAL A 1029 -20.99 61.73 34.92
N GLU A 1030 -20.51 62.42 35.95
CA GLU A 1030 -19.10 62.76 36.08
C GLU A 1030 -18.70 62.54 37.52
N VAL A 1031 -17.49 61.98 37.72
CA VAL A 1031 -17.03 61.74 39.08
C VAL A 1031 -16.59 63.05 39.72
N TYR A 1032 -16.47 63.03 41.05
CA TYR A 1032 -16.12 64.23 41.79
C TYR A 1032 -14.62 64.30 42.08
N SER A 1033 -14.06 65.48 41.89
CA SER A 1033 -12.63 65.71 42.07
C SER A 1033 -12.27 66.13 43.48
N GLY A 1034 -13.23 66.22 44.38
CA GLY A 1034 -12.92 66.73 45.70
C GLY A 1034 -13.51 65.91 46.82
N THR A 1035 -13.91 64.67 46.53
CA THR A 1035 -14.44 63.78 47.55
C THR A 1035 -13.64 62.48 47.55
N GLY A 1036 -13.16 62.10 48.72
CA GLY A 1036 -12.56 60.80 48.91
C GLY A 1036 -13.63 59.72 48.94
N LEU A 1037 -13.17 58.49 49.11
CA LEU A 1037 -14.08 57.37 48.93
C LEU A 1037 -13.95 56.40 50.11
N GLY A 1038 -14.87 55.42 50.12
CA GLY A 1038 -14.76 54.25 50.95
C GLY A 1038 -14.79 53.01 50.05
N ILE A 1039 -14.33 51.90 50.60
CA ILE A 1039 -14.13 50.68 49.80
C ILE A 1039 -14.75 49.50 50.54
N LEU A 1040 -15.62 48.78 49.83
CA LEU A 1040 -16.04 47.43 50.18
C LEU A 1040 -15.07 46.45 49.53
N PHE A 1041 -14.83 45.33 50.19
CA PHE A 1041 -13.84 44.43 49.62
C PHE A 1041 -14.48 43.24 48.91
N THR A 1042 -13.74 42.74 47.93
CA THR A 1042 -14.18 41.67 47.05
C THR A 1042 -13.44 40.37 47.29
N GLN A 1043 -12.11 40.39 47.26
CA GLN A 1043 -11.28 39.25 47.56
C GLN A 1043 -10.19 39.66 48.55
N ASP A 1044 -9.35 38.69 48.93
CA ASP A 1044 -8.30 38.90 49.91
C ASP A 1044 -6.96 39.14 49.22
N VAL A 1045 -5.94 39.40 50.05
CA VAL A 1045 -4.56 39.52 49.60
C VAL A 1045 -3.66 38.82 50.62
N THR A 1046 -2.36 38.94 50.40
CA THR A 1046 -1.37 38.33 51.30
C THR A 1046 -0.68 39.39 52.15
N LYS B 60 17.36 84.12 22.13
CA LYS B 60 17.76 83.34 23.29
C LYS B 60 19.26 83.28 23.40
N GLU B 61 19.78 82.13 23.83
CA GLU B 61 21.21 81.96 24.12
C GLU B 61 22.08 81.98 22.87
N THR B 62 21.48 81.94 21.68
CA THR B 62 22.23 82.13 20.46
C THR B 62 22.91 83.50 20.44
N ALA B 63 22.19 84.52 20.93
CA ALA B 63 22.78 85.85 21.08
C ALA B 63 23.94 85.83 22.05
N LEU B 64 23.82 85.04 23.12
CA LEU B 64 24.93 84.90 24.07
C LEU B 64 26.15 84.28 23.43
N SER B 65 25.95 83.24 22.62
CA SER B 65 27.07 82.57 21.97
C SER B 65 27.75 83.48 20.94
N VAL B 66 26.96 84.18 20.12
CA VAL B 66 27.59 85.04 19.13
C VAL B 66 28.19 86.27 19.78
N GLY B 67 27.67 86.68 20.94
CA GLY B 67 28.30 87.75 21.68
C GLY B 67 29.65 87.33 22.22
N ALA B 68 29.76 86.07 22.66
CA ALA B 68 31.05 85.52 23.06
C ALA B 68 32.04 85.52 21.90
N GLN B 69 31.58 85.08 20.73
CA GLN B 69 32.45 85.02 19.56
C GLN B 69 32.90 86.42 19.14
N ALA B 70 31.97 87.37 19.10
CA ALA B 70 32.28 88.71 18.65
C ALA B 70 33.22 89.43 19.61
N GLY B 71 32.97 89.30 20.92
CA GLY B 71 33.84 89.93 21.89
C GLY B 71 35.24 89.35 21.89
N LEU B 72 35.35 88.02 21.83
CA LEU B 72 36.66 87.38 21.78
C LEU B 72 37.44 87.78 20.54
N ALA B 73 36.76 87.82 19.39
CA ALA B 73 37.42 88.19 18.16
C ALA B 73 37.88 89.65 18.17
N TRP B 74 37.03 90.54 18.68
CA TRP B 74 37.39 91.96 18.67
C TRP B 74 38.54 92.26 19.61
N ARG B 75 38.53 91.65 20.78
CA ARG B 75 39.64 91.83 21.70
C ARG B 75 40.93 91.23 21.15
N ALA B 76 40.81 90.12 20.41
CA ALA B 76 41.96 89.55 19.74
C ALA B 76 42.52 90.50 18.69
N LYS B 77 41.63 91.17 17.96
CA LYS B 77 42.06 92.16 16.97
C LYS B 77 42.80 93.31 17.61
N ILE B 78 42.28 93.79 18.74
CA ILE B 78 42.92 94.92 19.42
C ILE B 78 44.27 94.49 20.01
N ILE B 79 44.37 93.28 20.53
CA ILE B 79 45.64 92.89 21.13
C ILE B 79 46.69 92.57 20.06
N ASP B 80 46.27 92.07 18.89
CA ASP B 80 47.23 91.92 17.81
C ASP B 80 47.68 93.28 17.30
N GLU B 81 46.77 94.26 17.30
CA GLU B 81 47.15 95.63 16.94
C GLU B 81 48.13 96.20 17.94
N GLN B 82 47.92 95.94 19.22
CA GLN B 82 48.82 96.50 20.24
C GLN B 82 50.19 95.84 20.19
N LEU B 83 50.22 94.54 19.91
CA LEU B 83 51.49 93.85 19.80
C LEU B 83 52.24 94.25 18.54
N ASN B 84 51.52 94.62 17.48
CA ASN B 84 52.21 95.20 16.35
C ASN B 84 52.66 96.62 16.64
N LYS B 85 51.91 97.32 17.51
CA LYS B 85 52.25 98.71 17.84
C LYS B 85 53.57 98.78 18.58
N GLN B 86 53.70 97.96 19.62
CA GLN B 86 54.99 97.89 20.31
C GLN B 86 55.75 96.72 19.69
N ALA B 87 56.73 97.04 18.86
CA ALA B 87 57.42 96.01 18.11
C ALA B 87 58.88 95.84 18.52
N ARG B 88 59.68 96.89 18.42
CA ARG B 88 61.13 96.68 18.41
C ARG B 88 61.68 96.37 19.79
N ASN B 89 61.03 96.87 20.84
CA ASN B 89 61.48 96.54 22.18
C ASN B 89 61.24 95.07 22.50
N LEU B 90 60.28 94.44 21.82
CA LEU B 90 59.96 93.04 22.11
C LEU B 90 61.07 92.11 21.64
N ASP B 91 61.45 92.22 20.37
CA ASP B 91 62.57 91.40 19.92
C ASP B 91 63.89 91.92 20.46
N ALA B 92 63.94 93.18 20.88
CA ALA B 92 65.10 93.67 21.61
C ALA B 92 65.26 92.95 22.93
N ILE B 93 64.17 92.79 23.67
CA ILE B 93 64.26 92.21 25.00
C ILE B 93 64.38 90.69 24.91
N TYR B 94 63.83 90.08 23.87
CA TYR B 94 63.91 88.62 23.75
C TYR B 94 64.94 88.24 22.69
N ASP B 95 66.20 88.50 23.00
CA ASP B 95 67.29 88.12 22.10
C ASP B 95 67.55 86.64 22.29
N PHE B 96 67.09 85.83 21.33
CA PHE B 96 67.53 84.45 21.32
C PHE B 96 68.93 84.30 20.75
N ASN B 97 69.32 85.18 19.84
CA ASN B 97 70.50 84.96 19.03
C ASN B 97 71.79 85.11 19.82
N SER B 98 71.78 85.85 20.91
CA SER B 98 72.94 85.83 21.78
C SER B 98 73.01 84.57 22.62
N LEU B 99 71.90 83.84 22.76
CA LEU B 99 71.94 82.66 23.60
C LEU B 99 72.54 81.45 22.89
N VAL B 100 72.77 81.54 21.58
CA VAL B 100 73.26 80.39 20.85
C VAL B 100 74.71 80.13 21.19
N LEU B 101 75.07 78.85 21.26
CA LEU B 101 76.44 78.44 21.56
C LEU B 101 77.35 78.51 20.34
N GLU B 102 78.50 77.85 20.43
CA GLU B 102 79.51 77.93 19.38
C GLU B 102 79.04 77.27 18.09
N HIS B 103 78.48 76.06 18.18
CA HIS B 103 78.17 75.27 17.00
C HIS B 103 76.71 75.37 16.60
N ASN B 104 76.12 76.57 16.71
CA ASN B 104 74.77 76.90 16.25
C ASN B 104 73.72 76.00 16.89
N ILE B 105 73.85 75.79 18.19
CA ILE B 105 73.03 74.83 18.92
C ILE B 105 72.26 75.59 20.00
N LEU B 106 70.95 75.39 20.03
CA LEU B 106 70.12 75.99 21.07
C LEU B 106 70.49 75.39 22.41
N PRO B 107 70.76 76.20 23.43
CA PRO B 107 71.00 75.67 24.76
C PRO B 107 69.74 75.03 25.31
N PRO B 108 69.87 74.01 26.14
CA PRO B 108 68.68 73.32 26.67
C PRO B 108 68.05 74.15 27.79
N VAL B 109 66.93 73.67 28.28
CA VAL B 109 66.06 74.42 29.18
C VAL B 109 66.04 73.75 30.54
N LEU B 110 66.26 74.53 31.58
CA LEU B 110 66.39 74.04 32.94
C LEU B 110 65.31 74.65 33.83
N LEU B 111 64.89 73.92 34.85
CA LEU B 111 63.93 74.42 35.79
C LEU B 111 64.38 74.19 37.22
N GLU B 112 64.04 75.14 38.09
CA GLU B 112 64.45 75.16 39.48
C GLU B 112 63.25 74.93 40.39
N GLY B 113 63.56 74.63 41.65
CA GLY B 113 62.55 74.59 42.70
C GLY B 113 63.15 74.74 44.08
N ARG B 114 62.61 75.66 44.88
CA ARG B 114 63.13 75.92 46.22
C ARG B 114 62.19 75.33 47.25
N ASN B 115 62.78 74.60 48.22
CA ASN B 115 62.15 74.20 49.47
C ASN B 115 60.91 73.34 49.24
N THR B 116 61.17 72.15 48.72
CA THR B 116 60.10 71.21 48.40
C THR B 116 59.77 70.37 49.62
N LEU B 117 58.48 70.18 49.85
CA LEU B 117 58.00 69.22 50.83
C LEU B 117 56.79 68.53 50.26
N ASN B 118 56.77 67.19 50.32
CA ASN B 118 55.59 66.44 49.99
C ASN B 118 55.35 65.38 51.04
N LEU B 119 54.12 65.28 51.51
CA LEU B 119 53.72 64.23 52.42
C LEU B 119 53.14 63.09 51.61
N ALA B 120 53.65 61.87 51.83
CA ALA B 120 53.08 60.74 51.11
C ALA B 120 51.82 60.25 51.80
N ASP B 121 51.94 59.84 53.05
CA ASP B 121 50.82 59.36 53.85
C ASP B 121 51.21 59.53 55.30
N ALA B 122 50.54 58.81 56.19
CA ALA B 122 50.91 58.81 57.59
C ALA B 122 52.32 58.25 57.76
N GLN B 123 53.07 58.88 58.68
CA GLN B 123 54.44 58.52 59.05
C GLN B 123 55.39 58.54 57.86
N SER B 124 55.14 59.43 56.89
CA SER B 124 55.91 59.40 55.65
C SER B 124 55.88 60.79 55.00
N ILE B 125 56.99 61.50 55.12
CA ILE B 125 57.17 62.79 54.45
C ILE B 125 58.52 62.78 53.75
N ARG B 126 58.67 63.71 52.82
CA ARG B 126 59.94 63.86 52.13
C ARG B 126 60.15 65.32 51.82
N ILE B 127 61.29 65.85 52.29
CA ILE B 127 61.65 67.23 52.09
C ILE B 127 62.91 67.29 51.24
N SER B 128 63.12 68.44 50.63
CA SER B 128 64.34 68.71 49.89
C SER B 128 64.52 70.21 49.82
N ASP B 129 65.78 70.63 49.77
CA ASP B 129 66.09 72.05 49.76
C ASP B 129 65.94 72.64 48.36
N ARG B 130 66.70 72.14 47.40
CA ARG B 130 66.65 72.64 46.04
C ARG B 130 66.58 71.49 45.04
N THR B 131 65.76 71.67 44.01
CA THR B 131 65.57 70.70 42.96
C THR B 131 65.81 71.35 41.60
N TYR B 132 66.31 70.55 40.66
CA TYR B 132 66.50 71.01 39.29
C TYR B 132 66.18 69.89 38.30
N LYS B 133 65.57 70.29 37.18
CA LYS B 133 65.09 69.37 36.16
C LYS B 133 65.48 69.86 34.78
N VAL B 134 66.01 68.96 33.96
CA VAL B 134 66.18 69.20 32.54
C VAL B 134 64.84 69.00 31.84
N ALA B 135 64.39 69.99 31.07
CA ALA B 135 63.11 69.86 30.40
C ALA B 135 63.27 69.26 29.00
N LYS B 136 63.96 69.97 28.12
CA LYS B 136 64.18 69.52 26.75
C LYS B 136 65.67 69.61 26.45
N GLN B 137 66.19 68.62 25.74
CA GLN B 137 67.60 68.56 25.48
C GLN B 137 68.00 69.60 24.43
N ALA B 138 69.29 69.83 24.32
CA ALA B 138 69.83 70.71 23.30
C ALA B 138 69.88 70.00 21.95
N HIS B 139 69.77 70.79 20.89
CA HIS B 139 69.87 70.27 19.54
C HIS B 139 70.31 71.38 18.61
N PHE B 140 70.58 71.02 17.36
CA PHE B 140 70.90 72.02 16.35
C PHE B 140 69.67 72.83 16.00
N ILE B 141 69.91 74.05 15.52
CA ILE B 141 68.85 74.93 15.06
C ILE B 141 69.35 75.63 13.82
N THR B 142 68.51 75.68 12.80
CA THR B 142 68.84 76.36 11.57
C THR B 142 68.57 77.86 11.65
N THR B 143 67.86 78.32 12.67
CA THR B 143 67.55 79.73 12.85
C THR B 143 67.22 79.96 14.31
N PRO B 144 67.55 81.12 14.87
CA PRO B 144 67.01 81.47 16.16
C PRO B 144 65.51 81.69 16.04
N PRO B 145 64.75 81.35 17.06
CA PRO B 145 63.30 81.59 17.03
C PRO B 145 63.01 83.07 17.23
N THR B 146 61.73 83.39 17.19
CA THR B 146 61.26 84.71 17.58
C THR B 146 60.15 84.54 18.59
N TRP B 147 59.57 85.67 19.00
CA TRP B 147 58.45 85.61 19.93
C TRP B 147 57.13 85.41 19.23
N ARG B 148 57.10 85.41 17.89
CA ARG B 148 55.83 85.40 17.19
C ARG B 148 55.16 84.04 17.27
N GLN B 149 55.94 82.96 17.34
CA GLN B 149 55.40 81.63 17.57
C GLN B 149 55.19 81.35 19.05
N TYR B 150 55.17 82.38 19.86
CA TYR B 150 54.77 82.28 21.25
C TYR B 150 53.70 83.29 21.64
N LEU B 151 53.56 84.39 20.92
CA LEU B 151 52.67 85.44 21.35
C LEU B 151 51.57 85.78 20.37
N TRP B 152 51.76 85.53 19.08
CA TRP B 152 50.74 85.90 18.13
C TRP B 152 49.54 84.95 18.24
N MET B 153 48.35 85.50 17.99
CA MET B 153 47.14 84.70 18.06
C MET B 153 46.36 84.86 16.76
N ASP B 154 45.50 83.89 16.50
CA ASP B 154 44.80 83.84 15.23
C ASP B 154 43.65 84.85 15.21
N TYR B 155 43.03 84.99 14.04
CA TYR B 155 41.96 85.96 13.87
C TYR B 155 41.11 85.58 12.68
N VAL B 156 39.80 85.46 12.90
CA VAL B 156 38.81 85.39 11.84
C VAL B 156 37.67 86.31 12.21
N LYS B 157 36.70 86.43 11.32
CA LYS B 157 35.49 87.15 11.65
C LYS B 157 34.36 86.18 11.87
N PRO B 158 33.79 86.13 13.05
CA PRO B 158 32.48 85.49 13.23
C PRO B 158 31.44 86.34 12.53
N GLU B 159 30.90 85.84 11.43
CA GLU B 159 30.24 86.70 10.46
C GLU B 159 28.78 86.39 10.24
N ALA B 160 28.25 85.26 10.72
CA ALA B 160 26.97 84.76 10.24
C ALA B 160 26.01 84.53 11.40
N PRO B 161 25.28 85.54 11.81
CA PRO B 161 24.02 85.30 12.51
C PRO B 161 22.92 85.08 11.48
N ASN B 162 22.41 83.86 11.41
CA ASN B 162 21.36 83.53 10.46
C ASN B 162 20.09 84.28 10.82
N VAL B 163 19.27 84.57 9.81
CA VAL B 163 18.07 85.36 10.08
C VAL B 163 17.02 84.41 10.60
N THR B 164 17.17 84.03 11.87
CA THR B 164 16.29 83.13 12.58
C THR B 164 15.74 83.78 13.82
N LEU B 165 16.61 84.36 14.65
CA LEU B 165 16.24 84.93 15.93
C LEU B 165 16.50 86.44 15.84
N LEU B 166 15.51 87.15 15.34
CA LEU B 166 15.53 88.59 15.31
C LEU B 166 14.42 89.11 16.21
N PRO B 167 14.74 90.00 17.16
CA PRO B 167 13.70 90.47 18.10
C PRO B 167 12.79 91.50 17.45
N LYS B 168 11.48 91.27 17.56
CA LYS B 168 10.48 92.22 17.08
C LYS B 168 9.74 92.92 18.21
N THR B 169 9.82 92.40 19.43
CA THR B 169 9.23 93.07 20.58
C THR B 169 10.33 93.68 21.44
N LYS B 170 9.90 94.58 22.31
CA LYS B 170 10.83 95.34 23.14
C LYS B 170 11.53 94.44 24.15
N ALA B 171 10.79 93.48 24.73
CA ALA B 171 11.35 92.60 25.74
C ALA B 171 12.41 91.68 25.16
N GLU B 172 12.12 91.06 24.00
CA GLU B 172 13.13 90.22 23.37
C GLU B 172 14.28 91.05 22.85
N LYS B 173 14.02 92.31 22.47
CA LYS B 173 15.08 93.23 22.09
C LYS B 173 16.06 93.45 23.24
N GLU B 174 15.55 93.77 24.42
CA GLU B 174 16.46 94.10 25.51
C GLU B 174 17.12 92.86 26.10
N ILE B 175 16.43 91.71 26.13
CA ILE B 175 17.12 90.52 26.63
C ILE B 175 18.17 90.05 25.62
N TRP B 176 17.93 90.27 24.33
CA TRP B 176 18.93 90.04 23.30
C TRP B 176 20.14 90.91 23.53
N CYS B 177 19.88 92.19 23.87
CA CYS B 177 20.96 93.14 24.14
C CYS B 177 21.80 92.73 25.34
N ILE B 178 21.15 92.36 26.44
CA ILE B 178 21.92 92.06 27.65
C ILE B 178 22.64 90.72 27.52
N TYR B 179 22.05 89.76 26.80
CA TYR B 179 22.73 88.48 26.63
C TYR B 179 23.95 88.64 25.75
N THR B 180 23.82 89.46 24.69
CA THR B 180 24.96 89.79 23.85
C THR B 180 26.04 90.51 24.64
N GLU B 181 25.63 91.39 25.55
CA GLU B 181 26.58 92.17 26.34
C GLU B 181 27.40 91.27 27.26
N ARG B 182 26.73 90.35 27.96
CA ARG B 182 27.49 89.49 28.86
C ARG B 182 28.33 88.48 28.09
N GLY B 183 27.88 88.10 26.88
CA GLY B 183 28.74 87.35 26.00
C GLY B 183 29.99 88.10 25.60
N TRP B 184 29.84 89.40 25.32
CA TRP B 184 30.96 90.26 24.94
C TRP B 184 32.00 90.32 26.06
N LYS B 185 31.53 90.50 27.29
CA LYS B 185 32.44 90.55 28.44
C LYS B 185 33.12 89.20 28.66
N ASN B 186 32.37 88.11 28.47
CA ASN B 186 32.93 86.77 28.62
C ASN B 186 34.03 86.52 27.59
N GLY B 187 33.84 87.00 26.36
CA GLY B 187 34.85 86.87 25.34
C GLY B 187 36.11 87.66 25.65
N ILE B 188 35.92 88.86 26.23
CA ILE B 188 37.05 89.67 26.72
C ILE B 188 37.89 88.87 27.72
N ASP B 189 37.20 88.25 28.68
CA ASP B 189 37.90 87.50 29.74
C ASP B 189 38.65 86.30 29.17
N GLN B 190 38.02 85.58 28.23
CA GLN B 190 38.65 84.41 27.66
C GLN B 190 39.89 84.76 26.84
N ALA B 191 39.82 85.88 26.10
CA ALA B 191 40.96 86.30 25.31
C ALA B 191 42.15 86.67 26.19
N ASN B 192 41.88 87.39 27.29
CA ASN B 192 42.98 87.77 28.17
C ASN B 192 43.60 86.55 28.87
N THR B 193 42.77 85.55 29.17
CA THR B 193 43.30 84.31 29.72
C THR B 193 44.25 83.62 28.74
N ILE B 194 43.88 83.62 27.47
CA ILE B 194 44.71 83.02 26.43
C ILE B 194 46.06 83.73 26.36
N LEU B 195 46.02 85.06 26.40
CA LEU B 195 47.24 85.86 26.30
C LEU B 195 48.18 85.58 27.47
N GLU B 196 47.66 85.53 28.68
CA GLU B 196 48.55 85.36 29.82
C GLU B 196 49.10 83.94 29.90
N GLU B 197 48.38 82.95 29.37
CA GLU B 197 48.96 81.62 29.26
C GLU B 197 50.14 81.61 28.28
N ASN B 198 49.99 82.33 27.16
CA ASN B 198 51.11 82.45 26.22
C ASN B 198 52.31 83.14 26.85
N ILE B 199 52.03 84.19 27.65
CA ILE B 199 53.08 84.94 28.35
C ILE B 199 53.87 84.02 29.27
N ALA B 200 53.14 83.19 30.02
CA ALA B 200 53.77 82.26 30.93
C ALA B 200 54.65 81.27 30.18
N ARG B 201 54.20 80.82 29.02
CA ARG B 201 54.99 79.85 28.26
C ARG B 201 56.30 80.44 27.76
N ILE B 202 56.24 81.66 27.22
CA ILE B 202 57.48 82.21 26.67
C ILE B 202 58.44 82.63 27.79
N LYS B 203 57.91 83.07 28.93
CA LYS B 203 58.76 83.35 30.08
C LYS B 203 59.42 82.07 30.60
N GLU B 204 58.69 80.96 30.53
CA GLU B 204 59.22 79.66 30.91
C GLU B 204 60.44 79.29 30.07
N ASP B 205 60.31 79.45 28.75
CA ASP B 205 61.43 79.02 27.89
C ASP B 205 62.63 79.93 28.04
N PHE B 206 62.39 81.23 28.16
CA PHE B 206 63.51 82.17 28.33
C PHE B 206 64.21 81.95 29.66
N GLY B 207 63.45 81.67 30.72
CA GLY B 207 64.04 81.36 31.99
C GLY B 207 64.85 80.09 31.96
N GLY B 208 64.38 79.11 31.17
CA GLY B 208 65.12 77.85 31.07
C GLY B 208 66.48 78.02 30.43
N MET B 209 66.54 78.75 29.32
CA MET B 209 67.84 78.91 28.67
C MET B 209 68.77 79.80 29.50
N ILE B 210 68.22 80.83 30.16
CA ILE B 210 69.10 81.68 30.95
C ILE B 210 69.59 80.94 32.19
N LEU B 211 68.81 79.97 32.67
CA LEU B 211 69.24 79.15 33.78
C LEU B 211 70.37 78.22 33.36
N TYR B 212 70.32 77.72 32.12
CA TYR B 212 71.44 76.91 31.63
C TYR B 212 72.72 77.73 31.55
N ARG B 213 72.61 78.98 31.08
CA ARG B 213 73.80 79.84 31.02
C ARG B 213 74.38 80.08 32.41
N LYS B 214 73.51 80.34 33.39
CA LYS B 214 73.94 80.57 34.76
C LYS B 214 74.64 79.34 35.33
N LEU B 215 74.10 78.15 35.10
CA LEU B 215 74.71 76.96 35.66
C LEU B 215 76.00 76.59 34.96
N LEU B 216 76.10 76.86 33.66
CA LEU B 216 77.36 76.63 32.95
C LEU B 216 78.44 77.53 33.49
N ALA B 217 78.08 78.76 33.86
CA ALA B 217 79.01 79.58 34.61
C ALA B 217 79.32 78.98 35.98
N MET B 218 78.30 78.40 36.62
CA MET B 218 78.44 77.87 37.98
C MET B 218 79.27 76.59 38.04
N ASN B 219 79.56 75.98 36.89
CA ASN B 219 80.18 74.66 36.79
C ASN B 219 79.31 73.62 37.50
N MET B 220 78.15 73.42 36.90
CA MET B 220 77.20 72.40 37.30
C MET B 220 76.81 71.48 36.17
N VAL B 221 77.07 71.84 34.92
CA VAL B 221 76.68 71.07 33.76
C VAL B 221 77.83 71.05 32.78
N SER B 222 78.10 69.88 32.24
CA SER B 222 79.10 69.77 31.19
C SER B 222 78.56 70.38 29.90
N PRO B 223 79.38 71.13 29.17
CA PRO B 223 78.94 71.67 27.89
C PRO B 223 78.83 70.56 26.87
N PRO B 224 78.01 70.72 25.83
CA PRO B 224 77.89 69.67 24.81
C PRO B 224 79.14 69.58 23.97
N TYR B 225 79.48 68.36 23.57
CA TYR B 225 80.70 68.10 22.83
C TYR B 225 80.40 67.73 21.38
N VAL B 226 81.22 68.21 20.46
CA VAL B 226 80.95 68.11 19.05
C VAL B 226 82.00 67.23 18.38
N SER B 227 81.80 66.96 17.11
CA SER B 227 82.83 66.35 16.28
C SER B 227 82.62 66.80 14.84
N HIS B 228 83.72 67.13 14.19
CA HIS B 228 83.71 67.45 12.76
C HIS B 228 84.55 66.40 12.05
N THR B 229 83.89 65.52 11.32
CA THR B 229 84.55 64.56 10.45
C THR B 229 84.67 65.21 9.07
N ASP B 230 85.89 65.47 8.66
CA ASP B 230 86.15 66.07 7.36
C ASP B 230 86.45 64.99 6.35
N LEU B 231 85.87 65.13 5.16
CA LEU B 231 86.19 64.31 4.02
C LEU B 231 86.56 65.24 2.88
N GLY B 232 87.48 64.78 2.03
CA GLY B 232 87.89 65.57 0.91
C GLY B 232 86.90 65.47 -0.22
N VAL B 233 87.40 65.17 -1.42
CA VAL B 233 86.49 64.95 -2.52
C VAL B 233 85.80 63.60 -2.35
N THR B 234 84.61 63.47 -2.91
CA THR B 234 83.88 62.22 -2.89
C THR B 234 82.88 62.19 -4.03
N GLY B 235 82.43 60.99 -4.35
CA GLY B 235 81.45 60.77 -5.41
C GLY B 235 82.07 60.07 -6.61
N ASP B 236 81.19 59.71 -7.54
CA ASP B 236 81.59 59.04 -8.77
C ASP B 236 81.89 60.08 -9.84
N GLY B 237 82.06 59.64 -11.09
CA GLY B 237 82.23 60.53 -12.21
C GLY B 237 80.99 61.26 -12.66
N SER B 238 79.85 61.03 -12.00
CA SER B 238 78.62 61.77 -12.25
C SER B 238 78.34 62.84 -11.21
N GLU B 239 78.56 62.54 -9.94
CA GLU B 239 78.21 63.45 -8.84
C GLU B 239 79.44 63.77 -8.02
N ILE B 240 79.58 65.03 -7.61
CA ILE B 240 80.66 65.36 -6.69
C ILE B 240 80.23 66.42 -5.70
N HIS B 241 80.84 66.36 -4.52
CA HIS B 241 80.95 67.48 -3.62
C HIS B 241 82.43 67.79 -3.46
N ILE B 242 82.75 69.08 -3.26
CA ILE B 242 84.15 69.49 -3.19
C ILE B 242 84.79 68.99 -1.90
N ASP B 243 84.30 69.46 -0.76
CA ASP B 243 84.67 68.92 0.53
C ASP B 243 83.38 68.57 1.25
N ASP B 244 83.46 67.59 2.14
CA ASP B 244 82.26 67.09 2.81
C ASP B 244 82.52 67.10 4.30
N ARG B 245 81.85 67.98 5.03
CA ARG B 245 82.03 68.03 6.47
C ARG B 245 80.79 67.49 7.15
N VAL B 246 80.99 66.57 8.08
CA VAL B 246 79.92 65.98 8.85
C VAL B 246 80.07 66.48 10.27
N LEU B 247 79.08 67.22 10.75
CA LEU B 247 79.11 67.77 12.10
C LEU B 247 78.10 67.01 12.95
N ARG B 248 78.57 66.50 14.09
CA ARG B 248 77.70 65.81 15.02
C ARG B 248 77.95 66.31 16.42
N ILE B 249 76.99 66.06 17.30
CA ILE B 249 77.21 66.25 18.73
C ILE B 249 76.98 64.93 19.44
N THR B 250 77.73 64.72 20.52
CA THR B 250 77.73 63.43 21.20
C THR B 250 77.23 63.54 22.64
N ALA B 251 77.84 64.38 23.45
CA ALA B 251 77.53 64.44 24.89
C ALA B 251 76.39 65.41 25.09
N LEU B 252 75.19 64.89 25.33
CA LEU B 252 74.10 65.75 25.72
C LEU B 252 74.37 66.29 27.12
N PRO B 253 74.16 67.59 27.34
CA PRO B 253 74.54 68.19 28.62
C PRO B 253 73.68 67.70 29.77
N GLU B 254 74.33 67.45 30.90
CA GLU B 254 73.67 66.91 32.07
C GLU B 254 74.37 67.43 33.31
N LEU B 255 73.69 67.28 34.44
CA LEU B 255 74.22 67.78 35.71
C LEU B 255 75.29 66.84 36.24
N ASN B 256 76.25 67.42 36.96
CA ASN B 256 77.27 66.63 37.63
C ASN B 256 76.83 66.31 39.06
N VAL B 257 77.45 65.29 39.64
CA VAL B 257 77.13 64.90 41.01
C VAL B 257 78.30 65.06 41.95
N ASN B 258 79.52 65.25 41.44
CA ASN B 258 80.67 65.43 42.30
C ASN B 258 80.62 66.85 42.84
N SER B 259 80.10 66.99 44.05
CA SER B 259 79.89 68.30 44.65
C SER B 259 81.20 69.01 44.97
N ALA B 260 82.29 68.26 45.11
CA ALA B 260 83.59 68.88 45.35
C ALA B 260 84.07 69.70 44.16
N GLU B 261 83.58 69.41 42.96
CA GLU B 261 83.92 70.21 41.80
C GLU B 261 82.95 71.34 41.55
N TRP B 262 81.96 71.53 42.42
CA TRP B 262 81.03 72.62 42.25
C TRP B 262 81.67 73.89 42.76
N ARG B 263 81.83 74.87 41.89
CA ARG B 263 82.51 76.11 42.23
C ARG B 263 81.49 77.17 42.60
N ALA B 264 81.67 77.77 43.77
CA ALA B 264 80.79 78.84 44.20
C ALA B 264 81.24 80.18 43.62
N ALA B 265 80.49 81.23 43.93
CA ALA B 265 80.81 82.55 43.43
C ALA B 265 80.30 83.57 44.43
N VAL B 266 81.14 84.55 44.76
CA VAL B 266 80.78 85.59 45.73
C VAL B 266 81.07 86.94 45.09
N ALA B 267 80.05 87.79 45.03
CA ALA B 267 80.16 89.09 44.38
C ALA B 267 80.78 90.11 45.33
N LYS B 268 80.71 91.38 44.96
CA LYS B 268 81.15 92.48 45.82
C LYS B 268 80.18 93.65 45.72
N LYS C 60 9.11 46.08 -75.54
CA LYS C 60 10.48 46.35 -75.91
C LYS C 60 11.23 45.04 -76.16
N GLU C 61 11.40 44.29 -75.07
CA GLU C 61 12.17 43.06 -75.10
C GLU C 61 11.43 41.95 -75.84
N THR C 62 10.10 41.90 -75.74
CA THR C 62 9.32 40.94 -76.52
C THR C 62 9.47 41.18 -78.01
N ALA C 63 9.40 42.46 -78.41
CA ALA C 63 9.65 42.84 -79.79
C ALA C 63 11.07 42.51 -80.21
N LEU C 64 12.02 42.69 -79.30
CA LEU C 64 13.41 42.36 -79.56
C LEU C 64 13.59 40.87 -79.83
N SER C 65 12.92 40.04 -79.03
CA SER C 65 13.01 38.59 -79.19
C SER C 65 12.38 38.14 -80.50
N VAL C 66 11.15 38.62 -80.79
CA VAL C 66 10.47 38.15 -81.99
C VAL C 66 11.13 38.71 -83.24
N GLY C 67 11.74 39.90 -83.14
CA GLY C 67 12.48 40.44 -84.26
C GLY C 67 13.74 39.64 -84.53
N ALA C 68 14.41 39.20 -83.47
CA ALA C 68 15.58 38.33 -83.62
C ALA C 68 15.21 37.03 -84.29
N GLN C 69 14.09 36.43 -83.87
CA GLN C 69 13.66 35.16 -84.46
C GLN C 69 13.28 35.33 -85.92
N ALA C 70 12.51 36.36 -86.24
CA ALA C 70 12.05 36.57 -87.59
C ALA C 70 13.20 36.91 -88.53
N GLY C 71 14.13 37.75 -88.06
CA GLY C 71 15.28 38.09 -88.87
C GLY C 71 16.20 36.92 -89.12
N LEU C 72 16.41 36.09 -88.09
CA LEU C 72 17.22 34.89 -88.24
C LEU C 72 16.61 33.93 -89.26
N ALA C 73 15.29 33.72 -89.16
CA ALA C 73 14.61 32.79 -90.06
C ALA C 73 14.64 33.31 -91.50
N TRP C 74 14.33 34.58 -91.69
CA TRP C 74 14.22 35.13 -93.04
C TRP C 74 15.60 35.23 -93.71
N ARG C 75 16.61 35.63 -92.95
CA ARG C 75 17.97 35.72 -93.48
C ARG C 75 18.49 34.34 -93.86
N ALA C 76 18.23 33.33 -93.03
CA ALA C 76 18.65 31.98 -93.37
C ALA C 76 17.92 31.46 -94.60
N LYS C 77 16.65 31.85 -94.75
CA LYS C 77 15.88 31.46 -95.93
C LYS C 77 16.50 32.01 -97.21
N ILE C 78 16.84 33.30 -97.19
CA ILE C 78 17.45 33.94 -98.36
C ILE C 78 18.83 33.34 -98.63
N ILE C 79 19.56 33.02 -97.56
CA ILE C 79 20.89 32.44 -97.71
C ILE C 79 20.80 31.05 -98.34
N ASP C 80 19.80 30.27 -97.94
CA ASP C 80 19.62 28.95 -98.52
C ASP C 80 19.18 29.05 -99.97
N GLU C 81 18.38 30.07 -100.30
CA GLU C 81 17.96 30.26 -101.68
C GLU C 81 19.14 30.60 -102.57
N GLN C 82 20.01 31.49 -102.10
CA GLN C 82 21.19 31.85 -102.88
C GLN C 82 22.15 30.68 -103.00
N LEU C 83 22.28 29.90 -101.92
CA LEU C 83 23.15 28.74 -101.92
C LEU C 83 22.64 27.66 -102.87
N ASN C 84 21.33 27.52 -102.97
CA ASN C 84 20.79 26.55 -103.92
C ASN C 84 20.87 27.07 -105.35
N LYS C 85 20.74 28.38 -105.54
CA LYS C 85 20.82 28.96 -106.87
C LYS C 85 22.21 28.77 -107.46
N GLN C 86 23.24 29.08 -106.68
CA GLN C 86 24.60 28.77 -107.12
C GLN C 86 24.87 27.32 -106.73
N ALA C 87 24.67 26.41 -107.68
CA ALA C 87 24.64 25.00 -107.37
C ALA C 87 25.85 24.24 -107.91
N ARG C 88 26.08 24.27 -109.23
CA ARG C 88 26.98 23.29 -109.82
C ARG C 88 28.45 23.59 -109.58
N ASN C 89 28.81 24.87 -109.52
CA ASN C 89 30.19 25.23 -109.26
C ASN C 89 30.61 24.87 -107.85
N LEU C 90 29.66 24.75 -106.93
CA LEU C 90 29.94 24.38 -105.55
C LEU C 90 30.55 22.99 -105.46
N ASP C 91 29.79 21.96 -105.84
CA ASP C 91 30.32 20.60 -105.83
C ASP C 91 31.37 20.38 -106.90
N ALA C 92 31.39 21.21 -107.94
CA ALA C 92 32.50 21.18 -108.88
C ALA C 92 33.80 21.57 -108.19
N ILE C 93 33.74 22.58 -107.33
CA ILE C 93 34.91 23.01 -106.59
C ILE C 93 35.30 21.98 -105.54
N TYR C 94 34.32 21.43 -104.83
CA TYR C 94 34.62 20.49 -103.75
C TYR C 94 34.43 19.05 -104.21
N ASP C 95 35.26 18.62 -105.16
CA ASP C 95 35.19 17.25 -105.64
C ASP C 95 35.94 16.36 -104.65
N PHE C 96 35.19 15.74 -103.74
CA PHE C 96 35.79 14.74 -102.86
C PHE C 96 36.18 13.49 -103.63
N ASN C 97 35.35 13.10 -104.61
CA ASN C 97 35.48 11.80 -105.23
C ASN C 97 36.68 11.71 -106.15
N SER C 98 37.32 12.83 -106.49
CA SER C 98 38.64 12.75 -107.05
C SER C 98 39.66 12.31 -106.01
N LEU C 99 39.46 12.71 -104.75
CA LEU C 99 40.53 12.58 -103.76
C LEU C 99 40.64 11.21 -103.14
N VAL C 100 39.71 10.31 -103.43
CA VAL C 100 39.65 9.04 -102.72
C VAL C 100 40.75 8.12 -103.23
N LEU C 101 41.33 7.34 -102.33
CA LEU C 101 42.41 6.44 -102.69
C LEU C 101 41.85 5.17 -103.32
N GLU C 102 42.70 4.15 -103.45
CA GLU C 102 42.38 3.01 -104.31
C GLU C 102 41.34 2.09 -103.69
N HIS C 103 41.33 1.96 -102.37
CA HIS C 103 40.42 1.02 -101.72
C HIS C 103 39.27 1.74 -101.00
N ASN C 104 38.79 2.83 -101.61
CA ASN C 104 37.67 3.64 -101.11
C ASN C 104 37.89 4.11 -99.67
N ILE C 105 39.11 4.56 -99.41
CA ILE C 105 39.52 4.96 -98.07
C ILE C 105 39.76 6.45 -98.06
N LEU C 106 39.14 7.14 -97.12
CA LEU C 106 39.29 8.58 -97.02
C LEU C 106 40.68 8.93 -96.53
N PRO C 107 41.45 9.72 -97.29
CA PRO C 107 42.71 10.20 -96.77
C PRO C 107 42.49 11.19 -95.65
N PRO C 108 43.36 11.21 -94.64
CA PRO C 108 43.07 11.97 -93.42
C PRO C 108 43.33 13.46 -93.56
N VAL C 109 43.29 14.17 -92.43
CA VAL C 109 43.42 15.62 -92.41
C VAL C 109 44.69 15.99 -91.65
N LEU C 110 45.51 16.84 -92.25
CA LEU C 110 46.79 17.24 -91.69
C LEU C 110 46.79 18.74 -91.44
N LEU C 111 47.42 19.14 -90.35
CA LEU C 111 47.55 20.55 -90.00
C LEU C 111 49.02 20.90 -89.88
N GLU C 112 49.37 22.05 -90.44
CA GLU C 112 50.75 22.51 -90.48
C GLU C 112 50.85 23.87 -89.83
N GLY C 113 52.05 24.15 -89.33
CA GLY C 113 52.29 25.42 -88.66
C GLY C 113 53.70 25.90 -88.93
N ARG C 114 53.84 27.22 -88.93
CA ARG C 114 55.10 27.90 -89.21
C ARG C 114 55.49 28.77 -88.04
N ASN C 115 56.77 28.68 -87.66
CA ASN C 115 57.45 29.66 -86.81
C ASN C 115 56.79 29.74 -85.43
N THR C 116 56.92 28.64 -84.70
CA THR C 116 56.26 28.47 -83.41
C THR C 116 57.16 28.88 -82.26
N LEU C 117 56.55 29.46 -81.23
CA LEU C 117 57.28 29.90 -80.05
C LEU C 117 56.33 29.87 -78.86
N ASN C 118 56.83 29.37 -77.73
CA ASN C 118 56.13 29.46 -76.47
C ASN C 118 57.05 30.06 -75.42
N LEU C 119 56.46 30.84 -74.53
CA LEU C 119 57.11 31.31 -73.31
C LEU C 119 56.42 30.66 -72.14
N ALA C 120 57.16 29.90 -71.34
CA ALA C 120 56.56 29.33 -70.14
C ALA C 120 56.60 30.34 -69.00
N ASP C 121 57.80 30.79 -68.65
CA ASP C 121 58.02 31.81 -67.64
C ASP C 121 59.36 32.47 -67.94
N ALA C 122 59.93 33.14 -66.96
CA ALA C 122 61.26 33.70 -67.12
C ALA C 122 62.28 32.59 -67.35
N GLN C 123 63.25 32.90 -68.22
CA GLN C 123 64.34 31.99 -68.64
C GLN C 123 63.83 30.69 -69.24
N SER C 124 62.68 30.71 -69.90
CA SER C 124 62.10 29.47 -70.40
C SER C 124 61.23 29.79 -71.61
N ILE C 125 61.78 29.58 -72.80
CA ILE C 125 61.05 29.67 -74.05
C ILE C 125 61.44 28.47 -74.91
N ARG C 126 60.64 28.22 -75.92
CA ARG C 126 60.91 27.12 -76.84
C ARG C 126 60.45 27.52 -78.23
N ILE C 127 61.33 27.34 -79.22
CA ILE C 127 61.02 27.74 -80.58
C ILE C 127 61.18 26.56 -81.53
N SER C 128 60.45 26.65 -82.64
CA SER C 128 60.57 25.69 -83.73
C SER C 128 60.12 26.35 -85.01
N ASP C 129 60.48 25.74 -86.13
CA ASP C 129 60.24 26.33 -87.44
C ASP C 129 58.94 25.86 -88.06
N ARG C 130 58.74 24.55 -88.16
CA ARG C 130 57.53 23.98 -88.72
C ARG C 130 57.00 22.87 -87.83
N THR C 131 55.68 22.71 -87.83
CA THR C 131 55.01 21.65 -87.10
C THR C 131 53.97 20.99 -87.99
N TYR C 132 53.74 19.71 -87.75
CA TYR C 132 52.68 18.98 -88.44
C TYR C 132 51.94 18.12 -87.43
N LYS C 133 50.65 17.89 -87.69
CA LYS C 133 49.83 17.13 -86.77
C LYS C 133 48.64 16.53 -87.51
N VAL C 134 48.39 15.25 -87.27
CA VAL C 134 47.19 14.58 -87.76
C VAL C 134 46.01 15.04 -86.92
N ALA C 135 44.91 15.41 -87.58
CA ALA C 135 43.72 15.77 -86.82
C ALA C 135 42.79 14.57 -86.63
N LYS C 136 42.26 14.04 -87.73
CA LYS C 136 41.40 12.87 -87.69
C LYS C 136 42.05 11.76 -88.48
N GLN C 137 41.96 10.54 -87.95
CA GLN C 137 42.62 9.41 -88.56
C GLN C 137 41.94 9.02 -89.86
N ALA C 138 42.73 8.52 -90.80
CA ALA C 138 42.19 7.99 -92.04
C ALA C 138 41.33 6.77 -91.76
N HIS C 139 40.22 6.64 -92.48
CA HIS C 139 39.28 5.56 -92.26
C HIS C 139 38.57 5.26 -93.56
N PHE C 140 37.55 4.42 -93.48
CA PHE C 140 36.82 4.02 -94.66
C PHE C 140 35.72 5.02 -95.00
N ILE C 141 35.22 4.90 -96.22
CA ILE C 141 34.03 5.59 -96.67
C ILE C 141 33.29 4.71 -97.66
N THR C 142 32.08 4.31 -97.30
CA THR C 142 31.23 3.64 -98.25
C THR C 142 30.69 4.58 -99.31
N THR C 143 30.78 5.88 -99.09
CA THR C 143 30.32 6.88 -100.03
C THR C 143 31.11 8.15 -99.81
N PRO C 144 31.39 8.91 -100.86
CA PRO C 144 32.05 10.20 -100.66
C PRO C 144 31.12 11.18 -99.99
N PRO C 145 31.64 12.15 -99.26
CA PRO C 145 30.81 13.19 -98.65
C PRO C 145 30.47 14.27 -99.66
N THR C 146 29.78 15.29 -99.20
CA THR C 146 29.50 16.48 -100.00
C THR C 146 29.48 17.69 -99.07
N TRP C 147 29.03 18.81 -99.59
CA TRP C 147 28.98 20.05 -98.85
C TRP C 147 27.65 20.31 -98.19
N ARG C 148 26.66 19.45 -98.43
CA ARG C 148 25.34 19.70 -97.89
C ARG C 148 25.34 19.58 -96.38
N GLN C 149 26.21 18.75 -95.83
CA GLN C 149 26.35 18.63 -94.39
C GLN C 149 27.25 19.70 -93.81
N TYR C 150 27.84 20.55 -94.65
CA TYR C 150 28.66 21.63 -94.14
C TYR C 150 28.02 22.99 -94.27
N LEU C 151 27.21 23.20 -95.31
CA LEU C 151 26.75 24.54 -95.63
C LEU C 151 25.26 24.74 -95.51
N TRP C 152 24.46 23.69 -95.67
CA TRP C 152 23.02 23.84 -95.54
C TRP C 152 22.66 24.02 -94.06
N MET C 153 21.61 24.80 -93.83
CA MET C 153 21.19 25.11 -92.47
C MET C 153 19.69 24.96 -92.32
N ASP C 154 19.26 24.80 -91.08
CA ASP C 154 17.86 24.52 -90.77
C ASP C 154 17.00 25.76 -90.99
N TYR C 155 15.71 25.52 -91.19
CA TYR C 155 14.75 26.59 -91.43
C TYR C 155 13.36 26.14 -91.01
N VAL C 156 12.77 26.84 -90.05
CA VAL C 156 11.37 26.68 -89.71
C VAL C 156 10.67 27.99 -90.00
N LYS C 157 9.36 27.99 -89.88
CA LYS C 157 8.56 29.21 -89.99
C LYS C 157 7.85 29.48 -88.67
N PRO C 158 8.41 30.32 -87.80
CA PRO C 158 7.64 30.79 -86.65
C PRO C 158 6.47 31.64 -87.13
N GLU C 159 5.32 31.43 -86.50
CA GLU C 159 4.09 31.96 -87.09
C GLU C 159 3.12 32.60 -86.12
N ALA C 160 3.19 32.37 -84.82
CA ALA C 160 2.15 32.80 -83.89
C ALA C 160 2.75 33.42 -82.64
N PRO C 161 3.10 34.69 -82.67
CA PRO C 161 3.35 35.41 -81.43
C PRO C 161 2.03 35.87 -80.83
N ASN C 162 1.69 35.34 -79.67
CA ASN C 162 0.37 35.56 -79.09
C ASN C 162 0.25 36.98 -78.53
N VAL C 163 -0.98 37.39 -78.29
CA VAL C 163 -1.27 38.77 -77.92
C VAL C 163 -0.92 38.98 -76.46
N THR C 164 0.31 39.44 -76.20
CA THR C 164 0.76 39.77 -74.85
C THR C 164 1.12 41.25 -74.73
N LEU C 165 1.99 41.76 -75.59
CA LEU C 165 2.36 43.18 -75.61
C LEU C 165 2.14 43.71 -77.03
N LEU C 166 0.90 44.08 -77.33
CA LEU C 166 0.52 44.70 -78.60
C LEU C 166 0.50 46.22 -78.46
N PRO C 167 1.07 46.95 -79.42
CA PRO C 167 1.24 48.41 -79.25
C PRO C 167 -0.06 49.17 -79.44
N LYS C 168 -0.49 49.86 -78.38
CA LYS C 168 -1.77 50.56 -78.38
C LYS C 168 -1.64 52.05 -78.63
N THR C 169 -0.48 52.65 -78.40
CA THR C 169 -0.27 54.08 -78.56
C THR C 169 0.90 54.33 -79.48
N LYS C 170 1.12 55.61 -79.78
CA LYS C 170 2.08 56.00 -80.82
C LYS C 170 3.51 55.73 -80.39
N ALA C 171 3.86 56.07 -79.15
CA ALA C 171 5.22 55.90 -78.67
C ALA C 171 5.60 54.43 -78.56
N GLU C 172 4.69 53.60 -78.02
CA GLU C 172 4.98 52.17 -77.95
C GLU C 172 4.95 51.54 -79.34
N LYS C 173 4.15 52.10 -80.25
CA LYS C 173 4.13 51.64 -81.63
C LYS C 173 5.48 51.87 -82.31
N GLU C 174 6.04 53.07 -82.14
CA GLU C 174 7.29 53.37 -82.83
C GLU C 174 8.48 52.68 -82.18
N ILE C 175 8.48 52.55 -80.84
CA ILE C 175 9.59 51.82 -80.24
C ILE C 175 9.45 50.32 -80.53
N TRP C 176 8.22 49.83 -80.70
CA TRP C 176 8.00 48.45 -81.12
C TRP C 176 8.56 48.22 -82.51
N CYS C 177 8.31 49.17 -83.42
CA CYS C 177 8.81 49.09 -84.79
C CYS C 177 10.33 49.10 -84.81
N ILE C 178 10.95 50.07 -84.14
CA ILE C 178 12.40 50.19 -84.23
C ILE C 178 13.09 49.07 -83.45
N TYR C 179 12.45 48.54 -82.40
CA TYR C 179 13.10 47.51 -81.62
C TYR C 179 13.02 46.17 -82.33
N THR C 180 11.89 45.92 -82.99
CA THR C 180 11.77 44.78 -83.87
C THR C 180 12.76 44.87 -85.03
N GLU C 181 12.95 46.08 -85.55
CA GLU C 181 13.91 46.31 -86.62
C GLU C 181 15.34 46.01 -86.20
N ARG C 182 15.73 46.46 -85.00
CA ARG C 182 17.10 46.24 -84.59
C ARG C 182 17.35 44.79 -84.18
N GLY C 183 16.33 44.12 -83.63
CA GLY C 183 16.44 42.69 -83.38
C GLY C 183 16.55 41.90 -84.68
N TRP C 184 15.84 42.36 -85.71
CA TRP C 184 15.95 41.78 -87.05
C TRP C 184 17.37 41.88 -87.57
N LYS C 185 17.97 43.06 -87.42
CA LYS C 185 19.36 43.24 -87.83
C LYS C 185 20.29 42.33 -87.05
N ASN C 186 20.04 42.18 -85.75
CA ASN C 186 20.90 41.35 -84.91
C ASN C 186 20.82 39.88 -85.30
N GLY C 187 19.62 39.39 -85.62
CA GLY C 187 19.49 38.02 -86.08
C GLY C 187 20.15 37.78 -87.42
N ILE C 188 20.08 38.77 -88.31
CA ILE C 188 20.78 38.70 -89.59
C ILE C 188 22.28 38.56 -89.37
N ASP C 189 22.82 39.37 -88.45
CA ASP C 189 24.23 39.33 -88.13
C ASP C 189 24.63 37.98 -87.55
N GLN C 190 23.77 37.40 -86.71
CA GLN C 190 24.06 36.10 -86.12
C GLN C 190 24.13 35.00 -87.18
N ALA C 191 23.22 35.06 -88.15
CA ALA C 191 23.25 34.09 -89.24
C ALA C 191 24.51 34.23 -90.08
N ASN C 192 24.95 35.47 -90.30
CA ASN C 192 26.19 35.68 -91.03
C ASN C 192 27.39 35.10 -90.30
N THR C 193 27.40 35.24 -88.97
CA THR C 193 28.45 34.63 -88.16
C THR C 193 28.45 33.12 -88.28
N ILE C 194 27.26 32.52 -88.32
CA ILE C 194 27.13 31.07 -88.46
C ILE C 194 27.71 30.61 -89.79
N LEU C 195 27.42 31.36 -90.86
CA LEU C 195 27.97 30.99 -92.17
C LEU C 195 29.48 31.11 -92.20
N GLU C 196 30.04 32.12 -91.50
CA GLU C 196 31.50 32.24 -91.41
C GLU C 196 32.11 31.03 -90.72
N GLU C 197 31.49 30.57 -89.64
CA GLU C 197 32.00 29.38 -88.94
C GLU C 197 31.96 28.13 -89.81
N ASN C 198 30.87 27.97 -90.57
CA ASN C 198 30.78 26.81 -91.46
C ASN C 198 31.82 26.85 -92.55
N ILE C 199 32.06 28.03 -93.11
CA ILE C 199 33.07 28.20 -94.15
C ILE C 199 34.44 27.83 -93.61
N ALA C 200 34.73 28.24 -92.38
CA ALA C 200 35.98 27.88 -91.75
C ALA C 200 36.12 26.37 -91.59
N ARG C 201 35.03 25.70 -91.21
CA ARG C 201 35.09 24.25 -90.98
C ARG C 201 35.39 23.49 -92.28
N ILE C 202 34.67 23.84 -93.35
CA ILE C 202 34.85 23.10 -94.59
C ILE C 202 36.22 23.38 -95.20
N LYS C 203 36.71 24.62 -95.05
CA LYS C 203 38.05 24.94 -95.53
C LYS C 203 39.10 24.18 -94.75
N GLU C 204 38.90 24.02 -93.44
CA GLU C 204 39.85 23.29 -92.61
C GLU C 204 39.96 21.84 -93.05
N ASP C 205 38.82 21.20 -93.28
CA ASP C 205 38.85 19.78 -93.63
C ASP C 205 39.45 19.57 -95.02
N PHE C 206 39.07 20.42 -95.98
CA PHE C 206 39.59 20.27 -97.33
C PHE C 206 41.08 20.57 -97.40
N GLY C 207 41.53 21.56 -96.65
CA GLY C 207 42.95 21.85 -96.59
C GLY C 207 43.74 20.71 -95.98
N GLY C 208 43.14 20.04 -94.99
CA GLY C 208 43.82 18.90 -94.39
C GLY C 208 44.02 17.75 -95.37
N MET C 209 42.98 17.42 -96.13
CA MET C 209 43.16 16.29 -97.06
C MET C 209 44.07 16.67 -98.23
N ILE C 210 44.02 17.92 -98.71
CA ILE C 210 44.92 18.26 -99.81
C ILE C 210 46.36 18.36 -99.33
N LEU C 211 46.56 18.76 -98.07
CA LEU C 211 47.88 18.77 -97.49
C LEU C 211 48.42 17.36 -97.32
N TYR C 212 47.54 16.41 -97.01
CA TYR C 212 47.97 15.02 -96.94
C TYR C 212 48.43 14.51 -98.29
N ARG C 213 47.70 14.86 -99.35
CA ARG C 213 48.14 14.47 -100.69
C ARG C 213 49.49 15.09 -101.02
N LYS C 214 49.70 16.34 -100.59
CA LYS C 214 50.98 17.01 -100.79
C LYS C 214 52.12 16.30 -100.07
N LEU C 215 51.91 15.91 -98.83
CA LEU C 215 52.98 15.27 -98.09
C LEU C 215 53.23 13.85 -98.58
N LEU C 216 52.20 13.19 -99.09
CA LEU C 216 52.39 11.89 -99.71
C LEU C 216 53.23 12.01 -100.96
N ALA C 217 53.05 13.09 -101.70
CA ALA C 217 53.95 13.36 -102.81
C ALA C 217 55.35 13.68 -102.32
N MET C 218 55.46 14.37 -101.20
CA MET C 218 56.76 14.78 -100.69
C MET C 218 57.50 13.67 -99.97
N ASN C 219 56.85 12.52 -99.77
CA ASN C 219 57.34 11.40 -98.95
C ASN C 219 57.63 11.87 -97.52
N MET C 220 56.56 12.27 -96.86
CA MET C 220 56.58 12.53 -95.43
C MET C 220 55.67 11.58 -94.67
N VAL C 221 54.92 10.74 -95.38
CA VAL C 221 53.94 9.87 -94.75
C VAL C 221 53.91 8.52 -95.45
N SER C 222 53.76 7.47 -94.66
CA SER C 222 53.55 6.15 -95.24
C SER C 222 52.13 6.06 -95.79
N PRO C 223 51.94 5.41 -96.94
CA PRO C 223 50.59 5.19 -97.46
C PRO C 223 49.87 4.17 -96.60
N PRO C 224 48.54 4.18 -96.60
CA PRO C 224 47.79 3.17 -95.84
C PRO C 224 47.98 1.79 -96.46
N TYR C 225 48.21 0.79 -95.60
CA TYR C 225 48.51 -0.55 -96.07
C TYR C 225 47.30 -1.45 -95.88
N VAL C 226 46.89 -2.08 -96.97
CA VAL C 226 45.67 -2.86 -97.00
C VAL C 226 46.03 -4.33 -96.91
N SER C 227 45.01 -5.16 -96.73
CA SER C 227 45.17 -6.61 -96.74
C SER C 227 43.87 -7.25 -97.13
N HIS C 228 43.96 -8.33 -97.89
CA HIS C 228 42.81 -9.08 -98.34
C HIS C 228 43.03 -10.56 -98.11
N THR C 229 42.00 -11.23 -97.61
CA THR C 229 41.99 -12.67 -97.46
C THR C 229 40.82 -13.24 -98.23
N ASP C 230 41.11 -14.21 -99.09
CA ASP C 230 40.10 -14.80 -99.96
C ASP C 230 39.71 -16.17 -99.43
N LEU C 231 38.41 -16.45 -99.41
CA LEU C 231 37.88 -17.73 -99.01
C LEU C 231 36.94 -18.22 -100.10
N GLY C 232 36.91 -19.54 -100.28
CA GLY C 232 36.07 -20.15 -101.28
C GLY C 232 34.64 -20.31 -100.81
N VAL C 233 34.08 -21.51 -100.95
CA VAL C 233 32.72 -21.72 -100.49
C VAL C 233 32.67 -21.69 -98.97
N THR C 234 31.48 -21.42 -98.44
CA THR C 234 31.34 -21.25 -97.00
C THR C 234 29.91 -21.53 -96.57
N GLY C 235 29.75 -21.76 -95.28
CA GLY C 235 28.46 -21.98 -94.69
C GLY C 235 28.07 -23.43 -94.64
N ASP C 236 26.92 -23.68 -94.05
CA ASP C 236 26.39 -25.02 -93.88
C ASP C 236 25.62 -25.42 -95.13
N GLY C 237 24.84 -26.50 -95.04
CA GLY C 237 23.97 -26.90 -96.11
C GLY C 237 22.71 -26.08 -96.27
N SER C 238 22.46 -25.12 -95.37
CA SER C 238 21.30 -24.25 -95.46
C SER C 238 21.65 -22.81 -95.80
N GLU C 239 22.82 -22.33 -95.40
CA GLU C 239 23.26 -20.97 -95.70
C GLU C 239 24.57 -21.03 -96.44
N ILE C 240 24.69 -20.30 -97.54
CA ILE C 240 25.92 -20.32 -98.31
C ILE C 240 26.24 -18.93 -98.85
N HIS C 241 27.52 -18.64 -98.94
CA HIS C 241 28.02 -17.53 -99.72
C HIS C 241 29.00 -18.09 -100.73
N ILE C 242 29.10 -17.44 -101.90
CA ILE C 242 29.88 -18.01 -102.98
C ILE C 242 31.37 -17.88 -102.69
N ASP C 243 31.87 -16.65 -102.64
CA ASP C 243 33.26 -16.41 -102.27
C ASP C 243 33.27 -15.32 -101.21
N ASP C 244 34.15 -15.46 -100.23
CA ASP C 244 34.16 -14.59 -99.06
C ASP C 244 35.47 -13.84 -99.04
N ARG C 245 35.43 -12.56 -99.38
CA ARG C 245 36.65 -11.77 -99.40
C ARG C 245 36.64 -10.78 -98.25
N VAL C 246 37.71 -10.78 -97.48
CA VAL C 246 37.85 -9.97 -96.28
C VAL C 246 38.85 -8.88 -96.57
N LEU C 247 38.48 -7.63 -96.29
CA LEU C 247 39.35 -6.50 -96.52
C LEU C 247 39.60 -5.79 -95.20
N ARG C 248 40.86 -5.70 -94.81
CA ARG C 248 41.27 -4.98 -93.62
C ARG C 248 42.35 -3.98 -93.98
N ILE C 249 42.56 -3.02 -93.08
CA ILE C 249 43.66 -2.07 -93.19
C ILE C 249 44.55 -2.29 -91.98
N THR C 250 45.81 -2.64 -92.22
CA THR C 250 46.68 -3.05 -91.13
C THR C 250 47.64 -1.98 -90.69
N ALA C 251 47.72 -0.85 -91.39
CA ALA C 251 48.64 0.22 -91.02
C ALA C 251 48.00 1.56 -91.32
N LEU C 252 47.64 2.29 -90.28
CA LEU C 252 47.18 3.65 -90.48
C LEU C 252 48.33 4.53 -90.93
N PRO C 253 48.07 5.49 -91.80
CA PRO C 253 49.13 6.40 -92.23
C PRO C 253 49.61 7.29 -91.10
N GLU C 254 50.90 7.65 -91.15
CA GLU C 254 51.52 8.46 -90.13
C GLU C 254 52.81 9.06 -90.70
N LEU C 255 53.34 10.03 -89.98
CA LEU C 255 54.56 10.72 -90.38
C LEU C 255 55.76 9.79 -90.29
N ASN C 256 56.82 10.14 -91.02
CA ASN C 256 58.12 9.52 -90.85
C ASN C 256 59.06 10.53 -90.21
N VAL C 257 59.99 10.03 -89.41
CA VAL C 257 60.94 10.90 -88.72
C VAL C 257 62.32 10.83 -89.31
N ASN C 258 62.60 9.86 -90.16
CA ASN C 258 63.92 9.74 -90.76
C ASN C 258 64.06 10.80 -91.83
N SER C 259 65.07 11.65 -91.67
CA SER C 259 65.21 12.83 -92.49
C SER C 259 65.62 12.50 -93.92
N ALA C 260 66.49 11.51 -94.08
CA ALA C 260 67.17 11.29 -95.34
C ALA C 260 66.26 10.77 -96.44
N GLU C 261 65.08 10.29 -96.11
CA GLU C 261 64.15 9.85 -97.14
C GLU C 261 63.36 10.97 -97.75
N TRP C 262 63.51 12.19 -97.24
CA TRP C 262 62.61 13.26 -97.64
C TRP C 262 63.09 13.86 -98.96
N ARG C 263 62.17 13.98 -99.90
CA ARG C 263 62.50 14.42 -101.25
C ARG C 263 62.00 15.83 -101.47
N ALA C 264 62.88 16.69 -101.95
CA ALA C 264 62.52 18.05 -102.29
C ALA C 264 61.94 18.12 -103.68
N ALA C 265 61.37 19.27 -104.01
CA ALA C 265 60.79 19.51 -105.32
C ALA C 265 61.26 20.85 -105.85
N VAL C 266 61.43 20.94 -107.16
CA VAL C 266 61.93 22.16 -107.80
C VAL C 266 61.09 22.43 -109.04
N ALA C 267 60.56 23.64 -109.15
CA ALA C 267 59.74 24.04 -110.28
C ALA C 267 60.61 24.65 -111.37
N LYS C 268 59.97 25.27 -112.36
CA LYS C 268 60.69 26.00 -113.40
C LYS C 268 60.00 27.31 -113.73
N ARG D 207 -27.86 -109.16 -2.64
CA ARG D 207 -26.80 -108.88 -1.67
C ARG D 207 -26.07 -107.59 -2.02
N ILE D 208 -25.01 -107.29 -1.28
CA ILE D 208 -24.23 -106.07 -1.45
C ILE D 208 -22.76 -106.43 -1.47
N ILE D 209 -22.05 -106.01 -2.51
CA ILE D 209 -20.63 -106.30 -2.68
C ILE D 209 -19.82 -105.14 -2.12
N TYR D 210 -18.90 -105.44 -1.22
CA TYR D 210 -18.00 -104.47 -0.65
C TYR D 210 -16.69 -104.50 -1.42
N TYR D 211 -16.21 -103.34 -1.82
CA TYR D 211 -14.92 -103.21 -2.49
C TYR D 211 -13.92 -102.59 -1.54
N ILE D 212 -12.68 -103.08 -1.60
CA ILE D 212 -11.62 -102.50 -0.78
C ILE D 212 -11.30 -101.11 -1.31
N GLN D 213 -11.69 -100.08 -0.57
CA GLN D 213 -11.43 -98.72 -1.01
C GLN D 213 -10.13 -98.18 -0.42
N ALA D 214 -9.90 -98.40 0.87
CA ALA D 214 -8.64 -98.04 1.51
C ALA D 214 -8.23 -99.16 2.43
N VAL D 215 -6.96 -99.53 2.36
CA VAL D 215 -6.44 -100.62 3.18
C VAL D 215 -5.12 -100.16 3.78
N ILE D 216 -5.00 -100.26 5.11
CA ILE D 216 -3.76 -100.09 5.83
C ILE D 216 -3.67 -101.30 6.75
N PRO D 217 -2.52 -101.60 7.36
CA PRO D 217 -2.52 -102.59 8.43
C PRO D 217 -3.41 -102.14 9.59
N GLY D 218 -4.21 -103.08 10.09
CA GLY D 218 -5.20 -102.81 11.10
C GLY D 218 -6.62 -102.57 10.60
N ARG D 219 -6.85 -101.52 9.83
CA ARG D 219 -8.19 -101.13 9.43
C ARG D 219 -8.33 -101.19 7.91
N ALA D 220 -9.54 -101.48 7.45
CA ALA D 220 -9.83 -101.53 6.03
C ALA D 220 -11.11 -100.76 5.74
N TRP D 221 -11.24 -100.24 4.52
CA TRP D 221 -12.37 -99.41 4.17
C TRP D 221 -13.13 -100.05 3.02
N LEU D 222 -14.38 -100.42 3.28
CA LEU D 222 -15.21 -101.14 2.32
C LEU D 222 -16.36 -100.26 1.89
N ILE D 223 -16.56 -100.18 0.57
CA ILE D 223 -17.64 -99.42 -0.04
C ILE D 223 -18.65 -100.40 -0.60
N GLY D 224 -19.91 -100.27 -0.17
CA GLY D 224 -20.94 -101.18 -0.62
C GLY D 224 -21.42 -100.90 -2.01
N SER D 225 -22.20 -101.84 -2.54
CA SER D 225 -22.77 -101.70 -3.88
C SER D 225 -23.79 -100.57 -3.93
N ASN D 226 -24.60 -100.44 -2.88
CA ASN D 226 -25.53 -99.32 -2.79
C ASN D 226 -24.81 -98.00 -2.58
N GLY D 227 -23.60 -98.03 -2.03
CA GLY D 227 -22.87 -96.82 -1.75
C GLY D 227 -22.52 -96.70 -0.28
N SER D 228 -22.78 -97.73 0.49
CA SER D 228 -22.50 -97.71 1.93
C SER D 228 -21.00 -97.84 2.17
N THR D 229 -20.44 -96.92 2.92
CA THR D 229 -19.02 -96.91 3.24
C THR D 229 -18.82 -97.18 4.73
N LEU D 230 -17.86 -98.06 5.04
CA LEU D 230 -17.62 -98.41 6.43
C LEU D 230 -16.17 -98.85 6.62
N THR D 231 -15.73 -98.81 7.86
CA THR D 231 -14.37 -99.14 8.24
C THR D 231 -14.37 -100.34 9.16
N VAL D 232 -13.43 -101.26 8.93
CA VAL D 232 -13.38 -102.57 9.57
C VAL D 232 -12.08 -102.69 10.34
N ARG D 233 -12.16 -103.26 11.54
CA ARG D 233 -10.98 -103.69 12.28
C ARG D 233 -10.74 -105.17 12.00
N GLU D 234 -9.73 -105.75 12.66
CA GLU D 234 -9.42 -107.16 12.46
C GLU D 234 -10.50 -108.06 13.05
N GLY D 235 -10.95 -107.77 14.25
CA GLY D 235 -11.97 -108.60 14.85
C GLY D 235 -13.35 -108.02 14.61
N SER D 236 -14.04 -108.54 13.60
CA SER D 236 -15.35 -108.00 13.25
C SER D 236 -16.19 -109.09 12.60
N LYS D 237 -17.46 -109.12 12.98
CA LYS D 237 -18.45 -110.03 12.39
C LYS D 237 -19.35 -109.20 11.48
N ILE D 238 -18.94 -109.05 10.22
CA ILE D 238 -19.70 -108.27 9.25
C ILE D 238 -20.85 -109.13 8.75
N PRO D 239 -22.11 -108.71 8.92
CA PRO D 239 -23.22 -109.46 8.36
C PRO D 239 -23.21 -109.41 6.85
N GLY D 240 -23.70 -110.49 6.25
CA GLY D 240 -23.68 -110.65 4.82
C GLY D 240 -22.40 -111.28 4.29
N TYR D 241 -21.28 -111.05 4.97
CA TYR D 241 -20.01 -111.67 4.61
C TYR D 241 -19.50 -112.63 5.66
N GLY D 242 -19.61 -112.29 6.94
CA GLY D 242 -19.22 -113.21 7.99
C GLY D 242 -18.20 -112.66 8.97
N MET D 243 -17.19 -113.45 9.30
CA MET D 243 -16.15 -113.01 10.22
C MET D 243 -14.91 -112.59 9.44
N VAL D 244 -14.34 -111.45 9.82
CA VAL D 244 -13.08 -111.02 9.24
C VAL D 244 -11.98 -111.97 9.68
N LYS D 245 -11.52 -112.80 8.74
CA LYS D 245 -10.52 -113.81 9.08
C LYS D 245 -9.14 -113.20 9.21
N LEU D 246 -8.61 -112.66 8.12
CA LEU D 246 -7.28 -112.06 8.13
C LEU D 246 -7.32 -110.72 7.41
N ILE D 247 -6.41 -109.85 7.80
CA ILE D 247 -6.18 -108.58 7.11
C ILE D 247 -4.73 -108.58 6.64
N ASP D 248 -4.54 -108.46 5.33
CA ASP D 248 -3.20 -108.33 4.76
C ASP D 248 -3.17 -107.05 3.94
N SER D 249 -2.24 -106.15 4.26
CA SER D 249 -2.13 -104.90 3.55
C SER D 249 -1.65 -105.12 2.12
N LEU D 250 -0.78 -106.10 1.91
CA LEU D 250 -0.34 -106.43 0.57
C LEU D 250 -1.43 -107.18 -0.18
N GLN D 251 -1.38 -107.05 -1.52
CA GLN D 251 -2.14 -107.80 -2.51
C GLN D 251 -3.64 -107.50 -2.53
N GLY D 252 -4.12 -106.70 -1.58
CA GLY D 252 -5.52 -106.27 -1.55
C GLY D 252 -6.53 -107.38 -1.39
N ARG D 253 -6.25 -108.34 -0.51
CA ARG D 253 -7.15 -109.47 -0.31
C ARG D 253 -7.47 -109.63 1.17
N ILE D 254 -8.76 -109.73 1.48
CA ILE D 254 -9.22 -109.93 2.86
C ILE D 254 -10.02 -111.22 2.91
N LEU D 255 -9.65 -112.10 3.82
CA LEU D 255 -10.32 -113.40 3.96
C LEU D 255 -11.53 -113.28 4.87
N THR D 256 -12.62 -113.92 4.46
CA THR D 256 -13.86 -113.93 5.24
C THR D 256 -14.17 -115.34 5.72
N SER D 257 -15.04 -115.43 6.72
CA SER D 257 -15.44 -116.73 7.25
C SER D 257 -16.29 -117.51 6.28
N SER D 258 -16.88 -116.85 5.29
CA SER D 258 -17.58 -117.50 4.20
C SER D 258 -16.64 -117.97 3.10
N GLY D 259 -15.33 -117.83 3.30
CA GLY D 259 -14.37 -118.14 2.27
C GLY D 259 -14.21 -117.07 1.23
N GLN D 260 -14.90 -115.94 1.38
CA GLN D 260 -14.86 -114.89 0.38
C GLN D 260 -13.56 -114.11 0.48
N VAL D 261 -13.04 -113.74 -0.68
CA VAL D 261 -11.82 -112.95 -0.78
C VAL D 261 -12.23 -111.56 -1.24
N ILE D 262 -12.36 -110.65 -0.29
CA ILE D 262 -12.75 -109.27 -0.59
C ILE D 262 -11.56 -108.56 -1.20
N LYS D 263 -11.82 -107.83 -2.29
CA LYS D 263 -10.77 -107.11 -3.00
C LYS D 263 -11.37 -105.84 -3.59
N PHE D 264 -10.60 -105.20 -4.48
CA PHE D 264 -10.99 -103.95 -5.11
C PHE D 264 -12.12 -104.15 -6.10
N SER D 265 -12.54 -103.05 -6.70
CA SER D 265 -13.41 -103.13 -7.86
C SER D 265 -12.64 -103.65 -9.06
N GLN D 266 -13.38 -104.22 -10.02
CA GLN D 266 -12.77 -104.57 -11.29
C GLN D 266 -12.39 -103.33 -12.08
N GLU D 267 -13.15 -102.25 -11.93
CA GLU D 267 -12.87 -101.00 -12.60
C GLU D 267 -11.96 -100.08 -11.81
N ASP D 268 -11.68 -100.40 -10.56
CA ASP D 268 -10.73 -99.65 -9.74
C ASP D 268 -9.51 -100.53 -9.59
N SER D 269 -8.63 -100.48 -10.58
CA SER D 269 -7.46 -101.35 -10.62
C SER D 269 -6.32 -100.72 -11.39
N MET E 23 40.57 124.19 45.46
CA MET E 23 39.89 123.19 46.26
C MET E 23 39.99 121.80 45.63
N LYS E 24 40.43 121.75 44.38
CA LYS E 24 40.61 120.47 43.73
C LYS E 24 41.90 119.80 44.22
N PHE E 25 41.98 118.50 44.00
CA PHE E 25 43.12 117.71 44.46
C PHE E 25 43.61 116.80 43.34
N LYS E 26 44.91 116.84 43.08
CA LYS E 26 45.51 116.04 42.02
C LYS E 26 46.77 115.38 42.54
N LYS E 27 47.43 114.69 41.64
CA LYS E 27 48.71 114.02 41.85
C LYS E 27 49.53 114.20 40.58
N PRO E 28 50.85 114.13 40.67
CA PRO E 28 51.70 114.48 39.50
C PRO E 28 51.53 113.55 38.30
N PRO E 29 51.74 112.21 38.40
CA PRO E 29 51.84 111.43 37.15
C PRO E 29 50.47 111.08 36.60
N ILE E 30 50.10 111.70 35.49
CA ILE E 30 48.84 111.43 34.83
C ILE E 30 49.11 111.28 33.33
N ASN E 31 48.69 110.16 32.75
CA ASN E 31 49.01 109.84 31.37
C ASN E 31 47.75 109.46 30.60
N ASN E 32 47.95 109.12 29.34
CA ASN E 32 46.91 108.49 28.56
C ASN E 32 46.68 107.07 29.08
N PRO E 33 45.48 106.53 28.93
CA PRO E 33 45.17 105.22 29.52
C PRO E 33 45.91 104.06 28.88
N SER E 34 46.02 102.97 29.63
CA SER E 34 46.87 101.83 29.33
C SER E 34 46.05 100.63 28.84
N ASP E 35 46.72 99.49 28.70
CA ASP E 35 46.11 98.20 28.41
C ASP E 35 46.68 97.16 29.36
N ASP E 36 45.78 96.32 29.88
CA ASP E 36 46.15 95.31 30.87
C ASP E 36 47.13 94.28 30.33
N ALA E 37 47.07 94.01 29.04
CA ALA E 37 48.03 93.08 28.47
C ALA E 37 49.42 93.70 28.44
N THR E 38 49.50 95.00 28.15
CA THR E 38 50.78 95.71 28.26
C THR E 38 51.26 95.74 29.70
N ILE E 39 50.33 95.84 30.64
CA ILE E 39 50.67 95.76 32.06
C ILE E 39 51.32 94.43 32.38
N LYS E 40 50.72 93.34 31.91
CA LYS E 40 51.25 92.01 32.17
C LYS E 40 52.58 91.79 31.46
N LEU E 41 52.74 92.36 30.26
CA LEU E 41 54.00 92.29 29.55
C LEU E 41 55.12 92.96 30.34
N ALA E 42 54.84 94.15 30.87
CA ALA E 42 55.83 94.86 31.66
C ALA E 42 56.14 94.12 32.95
N GLU E 43 55.12 93.50 33.55
CA GLU E 43 55.33 92.75 34.77
C GLU E 43 56.13 91.47 34.53
N ALA E 44 56.08 90.92 33.32
CA ALA E 44 57.03 89.86 33.01
C ALA E 44 58.42 90.42 32.79
N ALA E 45 58.48 91.58 32.13
CA ALA E 45 59.75 92.14 31.67
C ALA E 45 60.64 92.57 32.82
N VAL E 46 60.04 93.04 33.92
CA VAL E 46 60.84 93.47 35.05
C VAL E 46 61.58 92.29 35.68
N SER E 47 60.89 91.15 35.85
CA SER E 47 61.51 89.97 36.42
C SER E 47 62.55 89.39 35.47
N VAL E 48 62.27 89.48 34.16
CA VAL E 48 63.23 89.04 33.16
C VAL E 48 64.50 89.88 33.23
N SER E 49 64.34 91.19 33.37
CA SER E 49 65.48 92.10 33.46
C SER E 49 66.30 91.83 34.71
N ASP E 50 65.62 91.56 35.83
CA ASP E 50 66.34 91.26 37.07
C ASP E 50 67.10 89.96 36.95
N SER E 51 66.51 88.95 36.31
CA SER E 51 67.19 87.67 36.14
C SER E 51 68.42 87.82 35.27
N MET E 52 68.31 88.58 34.18
CA MET E 52 69.45 88.78 33.29
C MET E 52 70.55 89.57 33.98
N LEU E 53 70.16 90.55 34.81
CA LEU E 53 71.14 91.31 35.58
C LEU E 53 71.87 90.41 36.56
N GLU E 54 71.14 89.49 37.20
CA GLU E 54 71.73 88.55 38.13
C GLU E 54 72.76 87.67 37.45
N MET E 55 72.39 87.13 36.29
CA MET E 55 73.29 86.23 35.57
C MET E 55 74.55 86.96 35.12
N ALA E 56 74.38 88.16 34.57
CA ALA E 56 75.52 88.91 34.05
C ALA E 56 76.46 89.33 35.16
N LYS E 57 75.91 89.74 36.30
CA LYS E 57 76.73 90.16 37.42
C LYS E 57 77.55 89.00 37.97
N VAL E 58 76.91 87.82 38.12
CA VAL E 58 77.63 86.67 38.65
C VAL E 58 78.71 86.20 37.69
N GLU E 59 78.41 86.20 36.39
CA GLU E 59 79.39 85.79 35.38
C GLU E 59 80.59 86.73 35.36
N LYS E 60 80.33 88.04 35.45
CA LYS E 60 81.40 89.02 35.47
C LYS E 60 82.26 88.87 36.72
N VAL E 61 81.64 88.53 37.84
CA VAL E 61 82.39 88.31 39.06
C VAL E 61 83.30 87.10 38.94
N ILE E 62 82.77 85.99 38.42
CA ILE E 62 83.56 84.77 38.46
C ILE E 62 84.66 84.79 37.40
N THR E 63 84.46 85.45 36.28
CA THR E 63 85.55 85.52 35.29
C THR E 63 86.00 86.96 35.11
N PRO E 64 87.21 87.30 35.50
CA PRO E 64 87.71 88.66 35.29
C PRO E 64 88.35 88.78 33.92
N PRO E 65 88.02 89.84 33.18
CA PRO E 65 88.61 90.02 31.86
C PRO E 65 90.03 90.54 31.95
N SER E 66 90.70 90.58 30.81
CA SER E 66 92.07 91.05 30.72
C SER E 66 92.19 92.32 29.89
N LYS E 67 91.80 92.28 28.63
CA LYS E 67 91.91 93.44 27.76
C LYS E 67 90.57 93.73 27.10
N ASP E 68 90.55 94.61 26.12
CA ASP E 68 89.35 94.94 25.39
C ASP E 68 89.72 95.24 23.95
N ASN E 69 88.70 95.43 23.13
CA ASN E 69 88.87 95.57 21.68
C ASN E 69 89.29 96.96 21.25
N THR E 70 89.57 97.84 22.21
CA THR E 70 90.05 99.18 21.90
C THR E 70 91.40 99.13 21.22
N LEU E 71 92.28 98.23 21.66
CA LEU E 71 93.58 98.09 21.06
C LEU E 71 93.47 97.56 19.63
N THR E 72 92.54 96.65 19.39
CA THR E 72 92.30 96.18 18.03
C THR E 72 91.74 97.26 17.15
N ILE E 73 90.83 98.08 17.69
CA ILE E 73 90.13 99.09 16.90
C ILE E 73 90.45 100.47 17.44
N PRO E 74 91.45 101.16 16.92
CA PRO E 74 91.68 102.55 17.33
C PRO E 74 90.77 103.50 16.58
N ASN E 75 90.98 104.80 16.74
CA ASN E 75 90.15 105.79 16.06
C ASN E 75 91.04 106.79 15.35
N ALA E 76 90.67 107.12 14.12
CA ALA E 76 91.43 108.08 13.32
C ALA E 76 90.47 109.11 12.75
N TYR E 77 91.03 110.06 12.00
CA TYR E 77 90.20 111.12 11.47
C TYR E 77 89.32 110.59 10.36
N ASN E 78 88.20 111.31 10.15
CA ASN E 78 87.07 111.06 9.24
C ASN E 78 86.21 109.91 9.76
N LEU E 79 86.67 109.24 10.80
CA LEU E 79 85.86 108.26 11.51
C LEU E 79 85.06 108.88 12.62
N GLN E 80 85.07 110.20 12.75
CA GLN E 80 84.31 110.87 13.79
C GLN E 80 83.02 111.47 13.27
N ALA E 81 82.55 111.02 12.11
CA ALA E 81 81.18 111.34 11.71
C ALA E 81 80.20 110.58 12.61
N ARG E 82 78.98 111.08 12.69
CA ARG E 82 78.05 110.49 13.65
C ARG E 82 76.91 109.81 12.91
N ALA E 83 76.20 108.95 13.62
CA ALA E 83 75.16 108.14 12.99
C ALA E 83 74.14 107.69 14.02
N SER E 84 72.94 107.35 13.52
CA SER E 84 71.95 106.66 14.33
C SER E 84 71.24 105.64 13.45
N VAL E 85 70.99 104.45 14.01
CA VAL E 85 70.73 103.29 13.18
C VAL E 85 69.58 102.44 13.72
N ASP E 86 69.01 101.64 12.84
CA ASP E 86 68.11 100.54 13.20
C ASP E 86 68.21 99.49 12.10
N TRP E 87 68.90 98.38 12.38
CA TRP E 87 69.17 97.37 11.38
C TRP E 87 68.98 96.00 12.04
N SER E 88 68.42 95.06 11.29
CA SER E 88 68.17 93.73 11.86
C SER E 88 68.46 92.63 10.86
N GLY E 89 69.55 92.73 10.12
CA GLY E 89 69.81 91.78 9.06
C GLY E 89 71.15 91.08 9.15
N PRO E 90 71.57 90.47 8.05
CA PRO E 90 72.96 90.02 7.93
C PRO E 90 73.90 91.21 7.89
N ILE E 91 75.13 90.97 8.35
CA ILE E 91 76.03 92.07 8.70
C ILE E 91 76.69 92.72 7.51
N GLU E 92 76.64 92.10 6.34
CA GLU E 92 77.54 92.48 5.24
C GLU E 92 77.11 93.76 4.58
N GLU E 93 75.80 93.93 4.35
CA GLU E 93 75.28 95.17 3.81
C GLU E 93 75.55 96.32 4.77
N LEU E 94 75.45 96.05 6.07
CA LEU E 94 75.69 97.04 7.10
C LEU E 94 77.14 97.52 7.09
N THR E 95 78.09 96.59 7.05
CA THR E 95 79.48 97.02 7.08
C THR E 95 79.91 97.62 5.75
N ALA E 96 79.29 97.22 4.65
CA ALA E 96 79.57 97.89 3.38
C ALA E 96 79.08 99.33 3.39
N ARG E 97 77.91 99.57 3.98
CA ARG E 97 77.41 100.93 4.10
C ARG E 97 78.30 101.77 4.99
N ILE E 98 78.80 101.20 6.07
CA ILE E 98 79.65 102.00 6.96
C ILE E 98 81.02 102.24 6.31
N ALA E 99 81.48 101.33 5.45
CA ALA E 99 82.72 101.58 4.73
C ALA E 99 82.54 102.68 3.70
N LYS E 100 81.39 102.70 3.05
CA LYS E 100 81.07 103.77 2.11
C LYS E 100 80.98 105.12 2.81
N ALA E 101 80.49 105.12 4.05
CA ALA E 101 80.53 106.34 4.85
C ALA E 101 81.96 106.76 5.13
N ALA E 102 82.82 105.82 5.49
CA ALA E 102 84.17 106.16 5.91
C ALA E 102 85.12 106.42 4.76
N HIS E 103 84.69 106.15 3.52
CA HIS E 103 85.54 106.16 2.32
C HIS E 103 86.76 105.27 2.52
N PHE E 104 86.52 104.08 3.05
CA PHE E 104 87.59 103.14 3.32
C PHE E 104 87.50 101.95 2.38
N ARG E 105 88.62 101.27 2.21
CA ARG E 105 88.62 100.02 1.48
C ARG E 105 88.02 98.94 2.35
N PHE E 106 86.95 98.33 1.86
CA PHE E 106 86.26 97.27 2.58
C PHE E 106 86.76 95.91 2.09
N ARG E 107 86.97 95.01 3.03
CA ARG E 107 87.55 93.72 2.67
C ARG E 107 86.95 92.61 3.54
N VAL E 108 86.82 91.44 2.94
CA VAL E 108 86.35 90.26 3.65
C VAL E 108 87.50 89.28 3.76
N LEU E 109 87.37 88.36 4.72
CA LEU E 109 88.30 87.26 4.88
C LEU E 109 87.54 86.03 5.34
N GLY E 110 87.86 84.89 4.72
CA GLY E 110 87.15 83.67 4.98
C GLY E 110 85.83 83.63 4.25
N LYS E 111 84.99 82.69 4.65
CA LYS E 111 83.68 82.52 4.03
C LYS E 111 82.57 82.61 5.06
N SER E 112 81.51 83.31 4.69
CA SER E 112 80.31 83.32 5.50
C SER E 112 79.68 81.94 5.48
N PRO E 113 79.40 81.35 6.63
CA PRO E 113 78.83 79.99 6.64
C PRO E 113 77.36 80.04 6.23
N SER E 114 76.83 78.85 5.97
CA SER E 114 75.45 78.71 5.54
C SER E 114 74.45 79.11 6.63
N VAL E 115 74.85 79.03 7.89
CA VAL E 115 74.05 79.65 8.94
C VAL E 115 74.43 81.12 8.99
N PRO E 116 73.50 82.03 8.72
CA PRO E 116 73.84 83.45 8.65
C PRO E 116 74.05 84.04 10.03
N VAL E 117 74.68 85.21 10.04
CA VAL E 117 74.95 85.96 11.27
C VAL E 117 74.04 87.19 11.26
N LEU E 118 73.16 87.28 12.25
CA LEU E 118 72.17 88.33 12.33
C LEU E 118 72.37 89.12 13.61
N ILE E 119 72.36 90.45 13.51
CA ILE E 119 72.50 91.31 14.66
C ILE E 119 71.49 92.46 14.58
N SER E 120 71.21 93.05 15.73
CA SER E 120 70.20 94.09 15.83
C SER E 120 70.75 95.24 16.66
N ILE E 121 70.93 96.39 16.05
CA ILE E 121 71.45 97.58 16.72
C ILE E 121 70.43 98.70 16.58
N SER E 122 70.05 99.29 17.70
CA SER E 122 69.11 100.42 17.71
C SER E 122 69.61 101.45 18.72
N THR E 123 70.51 102.33 18.29
CA THR E 123 71.10 103.30 19.21
C THR E 123 70.93 104.72 18.71
N LYS E 124 71.60 105.67 19.36
CA LYS E 124 71.40 107.09 19.09
C LYS E 124 72.71 107.85 19.23
N ASP E 125 73.24 108.34 18.10
CA ASP E 125 74.34 109.31 18.04
C ASP E 125 75.63 108.78 18.69
N GLU E 126 76.20 107.79 18.05
CA GLU E 126 77.44 107.19 18.53
C GLU E 126 78.59 107.48 17.57
N SER E 127 79.80 107.18 18.05
CA SER E 127 80.95 107.16 17.17
C SER E 127 80.90 105.95 16.26
N LEU E 128 81.54 106.09 15.09
CA LEU E 128 81.68 104.96 14.19
C LEU E 128 82.52 103.87 14.82
N ALA E 129 83.57 104.26 15.54
CA ALA E 129 84.43 103.31 16.22
C ALA E 129 83.67 102.54 17.29
N GLU E 130 82.84 103.24 18.06
CA GLU E 130 82.09 102.56 19.11
C GLU E 130 80.99 101.68 18.52
N ILE E 131 80.43 102.10 17.39
CA ILE E 131 79.48 101.25 16.67
C ILE E 131 80.16 99.96 16.22
N LEU E 132 81.38 100.09 15.68
CA LEU E 132 82.11 98.91 15.22
C LEU E 132 82.50 98.00 16.37
N ARG E 133 82.87 98.58 17.51
CA ARG E 133 83.21 97.76 18.66
C ARG E 133 81.98 97.05 19.20
N ASP E 134 80.81 97.71 19.14
CA ASP E 134 79.56 97.05 19.48
C ASP E 134 79.27 95.91 18.52
N ILE E 135 79.59 96.11 17.24
CA ILE E 135 79.37 95.07 16.24
C ILE E 135 80.24 93.86 16.54
N ASP E 136 81.50 94.11 16.91
CA ASP E 136 82.39 93.00 17.24
C ASP E 136 81.94 92.27 18.49
N TYR E 137 81.47 93.01 19.49
CA TYR E 137 81.04 92.37 20.73
C TYR E 137 79.77 91.57 20.53
N GLN E 138 78.85 92.08 19.70
CA GLN E 138 77.66 91.29 19.41
C GLN E 138 77.95 90.14 18.47
N ALA E 139 79.03 90.23 17.70
CA ALA E 139 79.47 89.09 16.91
C ALA E 139 79.98 87.98 17.81
N GLY E 140 80.86 88.33 18.74
CA GLY E 140 81.38 87.34 19.67
C GLY E 140 82.32 86.34 19.02
N LYS E 141 81.91 85.09 18.93
CA LYS E 141 82.78 84.04 18.42
C LYS E 141 82.35 83.55 17.04
N LYS E 142 81.69 84.40 16.26
CA LYS E 142 81.32 84.05 14.90
C LYS E 142 82.17 84.76 13.86
N ALA E 143 82.43 86.05 14.05
CA ALA E 143 83.28 86.79 13.14
C ALA E 143 83.95 87.91 13.90
N SER E 144 85.06 88.40 13.34
CA SER E 144 85.86 89.41 13.98
C SER E 144 86.16 90.52 12.98
N ILE E 145 86.54 91.68 13.51
CA ILE E 145 86.73 92.87 12.70
C ILE E 145 88.10 93.46 13.01
N HIS E 146 88.72 94.05 11.99
CA HIS E 146 89.98 94.75 12.18
C HIS E 146 90.01 95.97 11.27
N VAL E 147 90.78 96.96 11.67
CA VAL E 147 90.97 98.18 10.90
C VAL E 147 92.45 98.46 10.80
N TYR E 148 92.91 98.71 9.59
CA TYR E 148 94.22 99.33 9.46
C TYR E 148 93.99 100.78 9.07
N PRO E 149 94.16 101.72 9.98
CA PRO E 149 93.69 103.09 9.73
C PRO E 149 94.58 103.85 8.77
N ASN E 150 95.88 103.63 8.87
CA ASN E 150 96.83 104.29 7.98
C ASN E 150 96.63 103.85 6.54
N SER E 151 96.37 102.58 6.33
CA SER E 151 96.01 102.10 5.00
C SER E 151 94.54 102.29 4.69
N GLN E 152 93.75 102.74 5.67
CA GLN E 152 92.34 103.11 5.51
C GLN E 152 91.49 101.92 5.06
N VAL E 153 91.62 100.81 5.77
CA VAL E 153 90.96 99.57 5.40
C VAL E 153 90.18 99.04 6.58
N VAL E 154 88.90 98.75 6.36
CA VAL E 154 88.10 97.94 7.29
C VAL E 154 87.98 96.55 6.71
N GLU E 155 88.42 95.55 7.47
CA GLU E 155 88.44 94.17 6.99
C GLU E 155 87.84 93.26 8.05
N LEU E 156 86.91 92.43 7.62
CA LEU E 156 86.33 91.44 8.53
C LEU E 156 86.91 90.07 8.25
N ARG E 157 86.72 89.17 9.20
CA ARG E 157 87.14 87.80 9.03
C ARG E 157 86.16 86.88 9.74
N TYR E 158 85.65 85.89 9.02
CA TYR E 158 84.78 84.92 9.66
C TYR E 158 85.61 83.94 10.47
N ALA E 159 84.94 83.19 11.34
CA ALA E 159 85.63 82.21 12.17
C ALA E 159 86.09 81.05 11.30
N LYS E 160 87.40 80.88 11.17
CA LYS E 160 87.95 79.77 10.39
C LYS E 160 88.06 78.55 11.29
N ILE E 161 86.91 77.93 11.52
CA ILE E 161 86.77 76.71 12.29
C ILE E 161 85.57 75.99 11.69
N TYR E 162 85.31 74.75 12.16
CA TYR E 162 84.43 73.76 11.53
C TYR E 162 84.86 73.55 10.09
N ARG F 207 92.94 35.37 56.29
CA ARG F 207 93.06 34.64 55.03
C ARG F 207 91.95 33.61 54.91
N ILE F 208 91.60 33.25 53.68
CA ILE F 208 90.48 32.35 53.43
C ILE F 208 90.88 30.92 53.76
N ILE F 209 90.13 30.28 54.64
CA ILE F 209 90.34 28.87 54.91
C ILE F 209 89.48 28.08 53.93
N TYR F 210 89.88 26.84 53.69
CA TYR F 210 89.16 25.97 52.77
C TYR F 210 88.84 24.67 53.48
N TYR F 211 87.78 24.02 53.02
CA TYR F 211 87.40 22.72 53.52
C TYR F 211 87.18 21.77 52.37
N ILE F 212 87.37 20.48 52.64
CA ILE F 212 87.29 19.47 51.61
C ILE F 212 85.83 19.25 51.25
N GLN F 213 85.49 19.55 50.00
CA GLN F 213 84.19 19.26 49.43
C GLN F 213 84.11 17.82 48.94
N ALA F 214 85.13 17.41 48.18
CA ALA F 214 85.22 16.04 47.69
C ALA F 214 86.68 15.72 47.45
N VAL F 215 87.05 14.46 47.66
CA VAL F 215 88.39 13.99 47.34
C VAL F 215 88.26 12.63 46.66
N ILE F 216 88.86 12.52 45.47
CA ILE F 216 88.98 11.24 44.77
C ILE F 216 90.48 10.99 44.60
N PRO F 217 90.91 9.78 44.26
CA PRO F 217 92.31 9.62 43.81
C PRO F 217 92.57 10.37 42.53
N GLY F 218 93.39 11.41 42.61
CA GLY F 218 93.74 12.19 41.44
C GLY F 218 93.25 13.63 41.47
N ARG F 219 92.02 13.84 41.96
CA ARG F 219 91.43 15.18 42.02
C ARG F 219 90.88 15.44 43.42
N ALA F 220 90.94 16.69 43.82
CA ALA F 220 90.42 17.10 45.11
C ALA F 220 89.58 18.36 44.94
N TRP F 221 88.66 18.56 45.88
CA TRP F 221 87.75 19.69 45.82
C TRP F 221 87.80 20.45 47.14
N LEU F 222 87.94 21.77 47.06
CA LEU F 222 87.92 22.63 48.22
C LEU F 222 86.85 23.69 48.06
N ILE F 223 86.33 24.15 49.19
CA ILE F 223 85.37 25.24 49.25
C ILE F 223 85.78 26.19 50.36
N GLY F 224 85.88 27.48 50.04
CA GLY F 224 86.25 28.48 51.02
C GLY F 224 85.07 28.98 51.82
N SER F 225 85.35 29.97 52.67
CA SER F 225 84.31 30.60 53.49
C SER F 225 83.47 31.58 52.70
N ASN F 226 83.97 32.06 51.56
CA ASN F 226 83.28 33.06 50.76
C ASN F 226 82.33 32.45 49.73
N GLY F 227 82.19 31.13 49.71
CA GLY F 227 81.40 30.48 48.70
C GLY F 227 82.14 30.11 47.45
N SER F 228 83.43 30.44 47.36
CA SER F 228 84.23 30.06 46.21
C SER F 228 84.75 28.64 46.41
N THR F 229 84.30 27.72 45.57
CA THR F 229 84.82 26.37 45.57
C THR F 229 85.55 26.11 44.26
N LEU F 230 86.50 25.20 44.30
CA LEU F 230 87.31 24.89 43.14
C LEU F 230 87.90 23.49 43.29
N THR F 231 88.42 22.98 42.19
CA THR F 231 89.05 21.67 42.15
C THR F 231 90.53 21.82 41.86
N VAL F 232 91.32 20.92 42.46
CA VAL F 232 92.77 20.95 42.38
C VAL F 232 93.28 19.55 42.08
N ARG F 233 94.52 19.50 41.61
CA ARG F 233 95.26 18.25 41.48
C ARG F 233 96.60 18.39 42.20
N GLU F 234 97.51 17.43 41.99
CA GLU F 234 98.81 17.50 42.66
C GLU F 234 99.65 18.66 42.13
N GLY F 235 99.79 18.77 40.81
CA GLY F 235 100.48 19.92 40.29
C GLY F 235 99.48 21.04 40.13
N SER F 236 99.42 21.92 41.13
CA SER F 236 98.39 22.94 41.16
C SER F 236 98.87 24.08 42.06
N LYS F 237 98.52 25.31 41.67
CA LYS F 237 98.93 26.51 42.38
C LYS F 237 97.70 27.25 42.87
N ILE F 238 97.72 27.67 44.13
CA ILE F 238 96.62 28.42 44.71
C ILE F 238 97.16 29.65 45.43
N PRO F 239 96.52 30.80 45.29
CA PRO F 239 97.02 32.01 45.96
C PRO F 239 96.76 31.96 47.47
N GLY F 240 97.74 32.45 48.22
CA GLY F 240 97.71 32.37 49.67
C GLY F 240 98.18 31.06 50.24
N TYR F 241 98.35 30.04 49.40
CA TYR F 241 98.78 28.73 49.85
C TYR F 241 99.84 28.12 48.96
N GLY F 242 99.98 28.56 47.73
CA GLY F 242 101.11 28.20 46.88
C GLY F 242 100.90 26.87 46.19
N MET F 243 101.88 25.98 46.32
CA MET F 243 101.92 24.72 45.59
C MET F 243 101.18 23.64 46.38
N VAL F 244 100.35 22.87 45.69
CA VAL F 244 99.76 21.68 46.30
C VAL F 244 100.86 20.65 46.49
N LYS F 245 101.04 20.20 47.73
CA LYS F 245 102.14 19.29 48.01
C LYS F 245 101.74 17.83 47.93
N LEU F 246 100.61 17.46 48.55
CA LEU F 246 100.23 16.06 48.57
C LEU F 246 98.72 15.90 48.69
N ILE F 247 98.18 15.02 47.86
CA ILE F 247 96.79 14.60 47.94
C ILE F 247 96.75 13.22 48.56
N ASP F 248 96.19 13.11 49.75
CA ASP F 248 95.98 11.82 50.40
C ASP F 248 94.50 11.50 50.27
N SER F 249 94.18 10.50 49.46
CA SER F 249 92.79 10.09 49.27
C SER F 249 92.20 9.54 50.57
N LEU F 250 92.99 8.76 51.30
CA LEU F 250 92.60 8.38 52.64
C LEU F 250 92.78 9.55 53.59
N GLN F 251 92.03 9.50 54.69
CA GLN F 251 92.14 10.37 55.87
C GLN F 251 91.75 11.82 55.62
N GLY F 252 91.47 12.20 54.37
CA GLY F 252 91.09 13.55 54.02
C GLY F 252 92.13 14.61 54.35
N ARG F 253 93.38 14.38 54.00
CA ARG F 253 94.48 15.25 54.39
C ARG F 253 95.10 15.90 53.16
N ILE F 254 95.29 17.22 53.21
CA ILE F 254 95.90 17.96 52.11
C ILE F 254 97.11 18.70 52.65
N LEU F 255 98.27 18.46 52.04
CA LEU F 255 99.52 19.11 52.40
C LEU F 255 99.74 20.35 51.54
N THR F 256 100.31 21.40 52.14
CA THR F 256 100.47 22.67 51.46
C THR F 256 101.91 23.14 51.47
N SER F 257 102.28 23.88 50.42
CA SER F 257 103.59 24.54 50.35
C SER F 257 103.73 25.65 51.38
N SER F 258 102.61 26.17 51.89
CA SER F 258 102.62 27.03 53.05
C SER F 258 102.76 26.24 54.35
N GLY F 259 102.92 24.93 54.28
CA GLY F 259 103.03 24.08 55.44
C GLY F 259 101.71 23.72 56.08
N GLN F 260 100.60 24.22 55.54
CA GLN F 260 99.31 24.01 56.17
C GLN F 260 98.71 22.68 55.74
N VAL F 261 97.77 22.20 56.54
CA VAL F 261 97.09 20.94 56.31
C VAL F 261 95.60 21.21 56.30
N ILE F 262 94.94 20.90 55.19
CA ILE F 262 93.51 21.11 55.04
C ILE F 262 92.80 19.77 55.18
N LYS F 263 91.79 19.73 56.02
CA LYS F 263 91.02 18.53 56.29
C LYS F 263 89.57 18.73 55.86
N PHE F 264 88.72 17.76 56.19
CA PHE F 264 87.29 17.91 56.01
C PHE F 264 86.73 18.86 57.06
N SER F 265 85.52 19.35 56.81
CA SER F 265 84.86 20.25 57.75
C SER F 265 84.50 19.52 59.03
N GLN F 266 84.84 20.14 60.17
CA GLN F 266 84.58 19.51 61.46
C GLN F 266 83.08 19.48 61.78
N GLU F 267 82.41 20.62 61.59
CA GLU F 267 80.98 20.67 61.87
C GLU F 267 80.13 20.12 60.74
N ASP F 268 80.70 19.95 59.55
CA ASP F 268 80.01 19.36 58.40
C ASP F 268 80.81 18.13 57.99
N SER F 269 80.52 17.01 58.62
CA SER F 269 81.27 15.78 58.38
C SER F 269 80.34 14.60 58.20
N GLN G 791 98.42 -31.04 61.48
CA GLN G 791 99.06 -30.19 60.49
C GLN G 791 98.32 -30.26 59.15
N GLN G 792 97.66 -31.39 58.91
CA GLN G 792 96.83 -31.56 57.74
C GLN G 792 95.38 -31.19 57.98
N GLU G 793 95.01 -30.90 59.23
CA GLU G 793 93.64 -30.53 59.57
C GLU G 793 93.30 -29.09 59.18
N ILE G 794 94.29 -28.31 58.78
CA ILE G 794 94.08 -26.91 58.45
C ILE G 794 93.29 -26.76 57.16
N GLN G 795 93.41 -27.75 56.27
CA GLN G 795 92.90 -27.59 54.90
C GLN G 795 91.38 -27.63 54.86
N GLN G 796 90.77 -28.58 55.57
CA GLN G 796 89.32 -28.58 55.71
C GLN G 796 88.88 -27.42 56.59
N ARG G 797 89.72 -27.01 57.54
CA ARG G 797 89.47 -25.79 58.29
C ARG G 797 89.59 -24.57 57.39
N THR G 798 90.47 -24.62 56.40
CA THR G 798 90.51 -23.55 55.40
C THR G 798 89.27 -23.60 54.52
N SER G 799 88.86 -24.80 54.13
CA SER G 799 87.85 -24.95 53.09
C SER G 799 86.46 -24.63 53.60
N ASP G 800 86.11 -25.10 54.81
CA ASP G 800 84.73 -25.07 55.26
C ASP G 800 84.23 -23.67 55.56
N MET G 801 85.13 -22.76 55.90
CA MET G 801 84.77 -21.37 56.10
C MET G 801 85.10 -20.50 54.90
N LEU G 802 85.82 -21.03 53.92
CA LEU G 802 85.96 -20.34 52.65
C LEU G 802 84.61 -20.19 51.97
N THR G 803 83.86 -21.29 51.89
CA THR G 803 82.54 -21.23 51.29
C THR G 803 81.56 -20.43 52.14
N ALA G 804 81.78 -20.40 53.47
CA ALA G 804 80.99 -19.55 54.33
C ALA G 804 81.24 -18.08 54.00
N ALA G 805 82.50 -17.71 53.78
CA ALA G 805 82.78 -16.35 53.33
C ALA G 805 82.37 -16.15 51.88
N THR G 806 82.50 -17.19 51.06
CA THR G 806 81.99 -17.12 49.70
C THR G 806 80.48 -17.02 49.68
N GLN G 807 79.81 -17.54 50.72
CA GLN G 807 78.38 -17.30 50.85
C GLN G 807 78.09 -15.85 51.17
N LEU G 808 78.79 -15.29 52.15
CA LEU G 808 78.43 -13.95 52.59
C LEU G 808 79.01 -12.85 51.73
N VAL G 809 79.96 -13.16 50.84
CA VAL G 809 80.45 -12.12 49.95
C VAL G 809 79.40 -11.76 48.90
N GLN G 810 78.52 -12.70 48.55
CA GLN G 810 77.38 -12.38 47.70
C GLN G 810 76.38 -11.50 48.42
N ASP G 811 76.38 -11.53 49.74
CA ASP G 811 75.50 -10.74 50.56
C ASP G 811 75.99 -9.32 50.76
N TRP G 812 77.00 -8.89 50.01
CA TRP G 812 77.37 -7.50 49.92
C TRP G 812 77.20 -6.91 48.54
N LYS G 813 77.40 -7.70 47.48
CA LYS G 813 77.45 -7.14 46.14
C LYS G 813 76.07 -6.72 45.65
N GLN G 814 75.03 -7.44 46.05
CA GLN G 814 73.70 -7.07 45.60
C GLN G 814 73.20 -5.86 46.36
N VAL G 815 72.38 -5.07 45.69
CA VAL G 815 71.78 -3.87 46.26
C VAL G 815 70.46 -3.63 45.54
N GLU G 816 69.37 -3.54 46.30
CA GLU G 816 68.07 -3.31 45.71
C GLU G 816 67.79 -1.82 45.60
N THR G 817 66.93 -1.47 44.66
CA THR G 817 66.59 -0.08 44.43
C THR G 817 65.43 0.32 45.32
N GLN G 818 64.83 1.46 45.04
CA GLN G 818 63.73 2.00 45.81
C GLN G 818 62.40 1.71 45.14
N VAL G 819 61.33 1.98 45.87
CA VAL G 819 59.98 1.95 45.34
C VAL G 819 59.32 3.28 45.69
N TYR G 820 58.80 3.97 44.68
CA TYR G 820 58.17 5.27 44.87
C TYR G 820 56.67 5.07 44.98
N THR G 821 56.09 5.56 46.07
CA THR G 821 54.69 5.33 46.38
C THR G 821 53.94 6.66 46.35
N GLU G 822 52.90 6.72 45.53
CA GLU G 822 52.08 7.91 45.39
C GLU G 822 50.65 7.61 45.84
N GLY G 823 49.94 8.69 46.19
CA GLY G 823 48.55 8.60 46.56
C GLY G 823 47.73 9.66 45.84
N THR G 824 46.41 9.56 46.00
CA THR G 824 45.49 10.52 45.44
C THR G 824 44.19 10.56 46.24
N ALA H 104 62.93 -54.15 90.34
CA ALA H 104 63.22 -54.55 88.97
C ALA H 104 62.45 -53.69 87.98
N GLU H 105 62.31 -52.41 88.29
CA GLU H 105 61.54 -51.50 87.47
C GLU H 105 62.31 -50.26 87.04
N VAL H 106 63.57 -50.13 87.44
CA VAL H 106 64.37 -48.96 87.11
C VAL H 106 64.80 -48.93 85.64
N ILE H 107 64.67 -50.06 84.95
CA ILE H 107 65.04 -50.13 83.55
C ILE H 107 64.15 -49.23 82.72
N ASP H 108 62.85 -49.19 83.05
CA ASP H 108 61.93 -48.29 82.37
C ASP H 108 62.25 -46.83 82.65
N LYS H 109 62.72 -46.52 83.86
CA LYS H 109 63.11 -45.15 84.18
C LYS H 109 64.36 -44.73 83.42
N LYS H 110 65.34 -45.64 83.30
CA LYS H 110 66.52 -45.36 82.50
C LYS H 110 66.16 -45.19 81.03
N ALA H 111 65.20 -45.97 80.55
CA ALA H 111 64.70 -45.82 79.20
C ALA H 111 64.02 -44.47 79.00
N PHE H 112 63.26 -44.03 80.00
CA PHE H 112 62.57 -42.75 79.92
C PHE H 112 63.56 -41.58 79.89
N LYS H 113 64.61 -41.64 80.70
CA LYS H 113 65.57 -40.54 80.69
C LYS H 113 66.45 -40.57 79.45
N ASP H 114 66.76 -41.75 78.92
CA ASP H 114 67.46 -41.82 77.64
C ASP H 114 66.59 -41.29 76.52
N MET H 115 65.29 -41.55 76.59
CA MET H 115 64.34 -41.00 75.62
C MET H 115 64.29 -39.49 75.72
N THR H 116 64.32 -38.96 76.94
CA THR H 116 64.27 -37.52 77.15
C THR H 116 65.51 -36.84 76.59
N ARG H 117 66.69 -37.41 76.87
CA ARG H 117 67.92 -36.79 76.38
C ARG H 117 68.09 -36.98 74.88
N ASN H 118 67.51 -38.04 74.31
CA ASN H 118 67.57 -38.19 72.88
C ASN H 118 66.60 -37.26 72.17
N LEU H 119 65.43 -37.02 72.78
CA LEU H 119 64.48 -36.07 72.22
C LEU H 119 65.03 -34.66 72.26
N TYR H 120 65.68 -34.29 73.36
CA TYR H 120 66.33 -32.99 73.45
C TYR H 120 67.78 -33.18 73.83
N PRO H 121 68.66 -33.35 72.85
CA PRO H 121 70.10 -33.25 73.13
C PRO H 121 70.51 -31.86 73.60
N LEU H 122 69.85 -30.82 73.11
CA LEU H 122 70.21 -29.45 73.45
C LEU H 122 69.56 -29.05 74.76
N ASN H 123 70.39 -28.59 75.71
CA ASN H 123 69.86 -28.03 76.94
C ASN H 123 69.18 -26.69 76.63
N PRO H 124 68.11 -26.37 77.35
CA PRO H 124 67.48 -25.06 77.19
C PRO H 124 68.41 -23.88 77.49
N GLU H 125 69.29 -24.02 78.49
CA GLU H 125 70.21 -22.94 78.82
C GLU H 125 71.20 -22.69 77.70
N GLN H 126 71.77 -23.75 77.13
CA GLN H 126 72.65 -23.55 75.99
C GLN H 126 71.89 -23.21 74.72
N VAL H 127 70.58 -23.49 74.67
CA VAL H 127 69.75 -22.99 73.59
C VAL H 127 69.66 -21.47 73.65
N VAL H 128 69.44 -20.93 74.85
CA VAL H 128 69.41 -19.47 75.01
C VAL H 128 70.80 -18.88 74.77
N LYS H 129 71.84 -19.62 75.17
CA LYS H 129 73.21 -19.19 74.90
C LYS H 129 73.49 -19.10 73.40
N LEU H 130 73.06 -20.10 72.64
CA LEU H 130 73.28 -20.07 71.20
C LEU H 130 72.36 -19.07 70.52
N LYS H 131 71.22 -18.75 71.14
CA LYS H 131 70.40 -17.64 70.66
C LYS H 131 71.16 -16.34 70.77
N GLN H 132 71.85 -16.14 71.91
CA GLN H 132 72.72 -14.98 72.09
C GLN H 132 73.86 -14.99 71.08
N ILE H 133 74.44 -16.16 70.83
CA ILE H 133 75.56 -16.30 69.89
C ILE H 133 75.11 -15.96 68.47
N TYR H 134 73.93 -16.45 68.07
CA TYR H 134 73.41 -16.20 66.75
C TYR H 134 73.05 -14.74 66.56
N GLU H 135 72.50 -14.11 67.61
CA GLU H 135 72.26 -12.67 67.56
C GLU H 135 73.56 -11.89 67.42
N THR H 136 74.61 -12.34 68.11
CA THR H 136 75.92 -11.72 67.99
C THR H 136 76.47 -11.88 66.58
N SER H 137 76.23 -13.03 65.96
CA SER H 137 76.67 -13.24 64.59
C SER H 137 75.90 -12.37 63.62
N GLU H 138 74.61 -12.14 63.88
CA GLU H 138 73.82 -11.22 63.09
C GLU H 138 74.36 -9.80 63.22
N TYR H 139 74.79 -9.43 64.43
CA TYR H 139 75.43 -8.14 64.62
C TYR H 139 76.77 -8.06 63.91
N ALA H 140 77.49 -9.18 63.85
CA ALA H 140 78.76 -9.25 63.13
C ALA H 140 78.56 -9.04 61.64
N LYS H 141 77.50 -9.66 61.09
CA LYS H 141 77.20 -9.46 59.68
C LYS H 141 76.76 -8.04 59.41
N ALA H 142 75.84 -7.53 60.22
CA ALA H 142 75.29 -6.19 60.00
C ALA H 142 76.27 -5.08 60.36
N ALA H 143 77.39 -5.40 61.00
CA ALA H 143 78.39 -4.39 61.32
C ALA H 143 79.09 -3.95 60.04
N THR H 144 79.13 -2.63 59.82
CA THR H 144 79.77 -2.05 58.66
C THR H 144 81.06 -1.39 59.08
N PRO H 145 82.21 -1.76 58.52
CA PRO H 145 83.46 -1.09 58.90
C PRO H 145 83.50 0.35 58.40
N GLY H 146 84.24 1.17 59.14
CA GLY H 146 84.32 2.58 58.84
C GLY H 146 83.21 3.39 59.49
N THR H 147 83.50 4.67 59.72
CA THR H 147 82.41 5.44 60.27
C THR H 147 81.51 5.97 59.17
N PRO H 148 80.19 5.95 59.39
CA PRO H 148 79.28 6.48 58.40
C PRO H 148 79.40 7.99 58.30
N PRO H 149 79.05 8.57 57.16
CA PRO H 149 78.94 10.02 57.07
C PRO H 149 77.80 10.53 57.93
N LYS H 150 77.98 11.75 58.44
CA LYS H 150 76.90 12.41 59.17
C LYS H 150 75.83 12.83 58.18
N PRO H 151 74.55 12.59 58.47
CA PRO H 151 73.47 12.99 57.56
C PRO H 151 73.36 14.49 57.45
N THR H 152 73.62 15.01 56.26
CA THR H 152 73.69 16.45 56.02
C THR H 152 72.68 16.84 54.96
N ALA H 153 71.74 17.70 55.32
CA ALA H 153 70.80 18.31 54.39
C ALA H 153 71.22 19.77 54.24
N THR H 154 71.83 20.08 53.11
CA THR H 154 72.45 21.38 52.88
C THR H 154 71.80 22.10 51.70
N SER H 155 72.11 23.38 51.58
CA SER H 155 71.66 24.19 50.47
C SER H 155 72.86 24.85 49.81
N GLN H 156 72.93 24.75 48.48
CA GLN H 156 74.04 25.32 47.73
C GLN H 156 73.49 26.18 46.60
N PHE H 157 74.38 26.95 46.01
CA PHE H 157 74.05 27.82 44.89
C PHE H 157 74.93 27.47 43.70
N VAL H 158 74.37 27.58 42.51
CA VAL H 158 75.06 27.26 41.27
C VAL H 158 75.25 28.54 40.48
N ASN H 159 76.49 28.84 40.14
CA ASN H 159 76.79 29.87 39.17
C ASN H 159 76.62 29.29 37.77
N LEU H 160 75.94 30.04 36.91
CA LEU H 160 75.68 29.61 35.54
C LEU H 160 76.53 30.39 34.53
N SER H 161 77.71 30.82 34.94
CA SER H 161 78.59 31.54 34.03
C SER H 161 79.19 30.58 33.01
N PRO H 162 79.59 31.07 31.82
CA PRO H 162 80.22 30.19 30.83
C PRO H 162 81.68 29.87 31.12
N GLY H 163 82.18 30.29 32.28
CA GLY H 163 83.46 29.85 32.76
C GLY H 163 83.31 29.25 34.14
N SER H 164 82.07 29.17 34.62
CA SER H 164 81.80 28.65 35.95
C SER H 164 82.02 27.14 36.00
N THR H 165 82.63 26.68 37.07
CA THR H 165 82.91 25.27 37.23
C THR H 165 81.64 24.51 37.63
N PRO H 166 81.42 23.32 37.06
CA PRO H 166 80.23 22.54 37.43
C PRO H 166 80.38 21.95 38.82
N PRO H 167 79.31 21.92 39.60
CA PRO H 167 79.41 21.44 40.97
C PRO H 167 79.40 19.92 41.08
N VAL H 168 79.79 19.46 42.27
CA VAL H 168 79.84 18.06 42.61
C VAL H 168 78.73 17.79 43.63
N ILE H 169 78.33 16.52 43.70
CA ILE H 169 77.39 16.05 44.72
C ILE H 169 77.95 14.76 45.30
N ARG H 170 78.15 14.73 46.61
CA ARG H 170 78.53 13.51 47.28
C ARG H 170 77.35 12.55 47.37
N LEU H 171 77.62 11.27 47.19
CA LEU H 171 76.60 10.24 47.21
C LEU H 171 77.02 9.16 48.18
N SER H 172 76.10 8.24 48.47
CA SER H 172 76.38 7.15 49.38
C SER H 172 75.57 5.94 48.97
N GLN H 173 76.08 4.77 49.30
CA GLN H 173 75.48 3.52 48.88
C GLN H 173 74.18 3.25 49.65
N GLY H 174 73.11 2.97 48.93
CA GLY H 174 71.87 2.55 49.56
C GLY H 174 71.09 3.65 50.24
N PHE H 175 71.28 4.90 49.85
CA PHE H 175 70.56 6.01 50.47
C PHE H 175 70.09 6.99 49.42
N VAL H 176 69.01 7.69 49.75
CA VAL H 176 68.36 8.61 48.83
C VAL H 176 68.99 9.98 48.97
N SER H 177 69.60 10.46 47.89
CA SER H 177 69.95 11.85 47.74
C SER H 177 68.78 12.55 47.10
N SER H 178 68.23 13.54 47.80
CA SER H 178 67.04 14.27 47.35
C SER H 178 67.47 15.67 46.94
N LEU H 179 67.25 16.00 45.67
CA LEU H 179 67.65 17.30 45.13
C LEU H 179 66.39 18.11 44.85
N VAL H 180 66.31 19.29 45.46
CA VAL H 180 65.15 20.16 45.33
C VAL H 180 65.63 21.48 44.74
N PHE H 181 65.00 21.92 43.65
CA PHE H 181 65.54 22.95 42.77
C PHE H 181 64.73 24.22 42.86
N LEU H 182 65.38 25.32 43.22
CA LEU H 182 64.78 26.64 43.25
C LEU H 182 65.64 27.62 42.48
N ASP H 183 65.03 28.69 42.04
CA ASP H 183 65.71 29.74 41.28
C ASP H 183 66.31 30.76 42.25
N SER H 184 66.68 31.94 41.72
CA SER H 184 67.11 33.02 42.59
C SER H 184 65.98 33.52 43.47
N THR H 185 64.75 33.51 42.96
CA THR H 185 63.60 33.92 43.77
C THR H 185 63.15 32.85 44.73
N GLY H 186 63.67 31.62 44.63
CA GLY H 186 63.24 30.54 45.47
C GLY H 186 62.03 29.78 44.98
N ALA H 187 61.48 30.15 43.83
CA ALA H 187 60.36 29.41 43.27
C ALA H 187 60.83 28.08 42.70
N PRO H 188 60.06 27.01 42.87
CA PRO H 188 60.46 25.71 42.31
C PRO H 188 60.39 25.71 40.79
N TRP H 189 61.35 25.00 40.20
CA TRP H 189 61.44 24.89 38.75
C TRP H 189 61.27 23.44 38.36
N PRO H 190 60.20 23.09 37.63
CA PRO H 190 59.99 21.70 37.24
C PRO H 190 61.03 21.22 36.24
N ILE H 191 61.02 19.92 36.01
CA ILE H 191 62.07 19.25 35.25
C ILE H 191 61.49 18.78 33.93
N ALA H 192 62.10 19.21 32.83
CA ALA H 192 61.61 18.84 31.50
C ALA H 192 62.22 17.54 31.02
N ALA H 193 63.56 17.49 30.94
CA ALA H 193 64.25 16.30 30.45
C ALA H 193 65.59 16.19 31.14
N TYR H 194 66.10 14.96 31.24
CA TYR H 194 67.43 14.76 31.78
C TYR H 194 68.06 13.53 31.18
N ASP H 195 69.37 13.62 30.97
CA ASP H 195 70.20 12.50 30.56
C ASP H 195 71.11 12.11 31.72
N LEU H 196 71.02 10.85 32.11
CA LEU H 196 71.78 10.28 33.21
C LEU H 196 72.80 9.30 32.65
N GLY H 197 74.08 9.57 32.92
CA GLY H 197 75.12 8.63 32.56
C GLY H 197 75.27 7.58 33.64
N ASP H 198 75.73 6.40 33.22
CA ASP H 198 75.88 5.18 34.05
C ASP H 198 74.58 4.85 34.79
N PRO H 199 73.57 4.30 34.11
CA PRO H 199 72.34 3.90 34.83
C PRO H 199 72.56 2.80 35.86
N SER H 200 73.66 2.04 35.78
CA SER H 200 73.91 0.99 36.75
C SER H 200 74.33 1.52 38.12
N SER H 201 74.66 2.80 38.24
CA SER H 201 75.03 3.35 39.53
C SER H 201 73.91 4.16 40.18
N PHE H 202 72.88 4.52 39.43
CA PHE H 202 71.88 5.47 39.91
C PHE H 202 70.49 4.97 39.57
N ASN H 203 69.57 5.14 40.52
CA ASN H 203 68.18 4.76 40.35
C ASN H 203 67.32 5.98 40.66
N ILE H 204 66.49 6.38 39.70
CA ILE H 204 65.67 7.58 39.80
C ILE H 204 64.21 7.21 39.58
N GLN H 205 63.36 7.63 40.50
CA GLN H 205 61.91 7.52 40.34
C GLN H 205 61.36 8.94 40.47
N TRP H 206 61.10 9.58 39.34
CA TRP H 206 60.87 11.02 39.27
C TRP H 206 59.53 11.30 38.61
N ASP H 207 58.68 12.05 39.31
CA ASP H 207 57.44 12.50 38.71
C ASP H 207 57.73 13.52 37.63
N LYS H 208 57.05 13.36 36.49
CA LYS H 208 57.36 14.14 35.30
C LYS H 208 57.09 15.62 35.48
N THR H 209 55.99 15.95 36.16
CA THR H 209 55.59 17.34 36.34
C THR H 209 56.10 17.93 37.64
N SER H 210 56.89 17.18 38.41
CA SER H 210 57.42 17.69 39.66
C SER H 210 58.74 18.41 39.42
N ASN H 211 59.44 18.74 40.51
CA ASN H 211 60.69 19.48 40.42
C ASN H 211 61.81 18.84 41.24
N THR H 212 61.57 17.70 41.85
CA THR H 212 62.52 17.11 42.80
C THR H 212 62.99 15.75 42.31
N LEU H 213 64.25 15.46 42.56
CA LEU H 213 64.87 14.20 42.14
C LEU H 213 65.27 13.38 43.36
N MET H 214 65.16 12.07 43.23
CA MET H 214 65.57 11.13 44.28
C MET H 214 66.47 10.07 43.67
N ILE H 215 67.73 10.04 44.11
CA ILE H 215 68.72 9.14 43.53
C ILE H 215 69.30 8.27 44.63
N GLN H 216 69.92 7.16 44.22
CA GLN H 216 70.74 6.38 45.13
C GLN H 216 71.97 5.87 44.40
N ALA H 217 73.10 5.89 45.08
CA ALA H 217 74.35 5.40 44.51
C ALA H 217 74.31 3.88 44.59
N THR H 218 74.05 3.23 43.47
CA THR H 218 73.90 1.77 43.46
C THR H 218 75.23 1.08 43.68
N LYS H 219 76.30 1.60 43.10
CA LYS H 219 77.62 1.02 43.31
C LYS H 219 78.32 1.79 44.44
N LEU H 220 79.62 1.54 44.62
CA LEU H 220 80.32 2.02 45.80
C LEU H 220 81.19 3.25 45.54
N TYR H 221 82.15 3.16 44.62
CA TYR H 221 83.10 4.25 44.40
C TYR H 221 83.29 4.52 42.91
N ASN H 222 82.19 4.72 42.19
CA ASN H 222 82.26 5.12 40.80
C ASN H 222 81.47 6.40 40.60
N TYR H 223 82.11 7.42 40.07
CA TYR H 223 81.52 8.73 39.91
C TYR H 223 80.93 8.88 38.51
N GLY H 224 79.91 9.72 38.41
CA GLY H 224 79.22 9.93 37.15
C GLY H 224 78.91 11.39 36.88
N ASN H 225 78.18 11.66 35.80
CA ASN H 225 77.73 13.01 35.47
C ASN H 225 76.24 12.98 35.18
N LEU H 226 75.68 14.17 35.01
CA LEU H 226 74.26 14.30 34.75
C LEU H 226 73.98 15.63 34.05
N ALA H 227 73.16 15.59 33.00
CA ALA H 227 72.72 16.79 32.31
C ALA H 227 71.21 16.92 32.46
N VAL H 228 70.75 18.11 32.84
CA VAL H 228 69.32 18.36 33.05
C VAL H 228 68.93 19.60 32.27
N ARG H 229 67.91 19.47 31.40
CA ARG H 229 67.29 20.60 30.74
C ARG H 229 65.92 20.84 31.36
N LEU H 230 65.70 22.06 31.87
CA LEU H 230 64.47 22.39 32.59
C LEU H 230 63.44 23.01 31.64
N ARG H 231 62.38 23.57 32.21
CA ARG H 231 61.25 24.03 31.41
C ARG H 231 61.57 25.31 30.67
N GLY H 232 62.21 26.27 31.33
CA GLY H 232 62.37 27.58 30.74
C GLY H 232 63.76 27.86 30.19
N LEU H 233 64.79 27.43 30.90
CA LEU H 233 66.16 27.75 30.52
C LEU H 233 66.56 27.01 29.26
N ASN H 234 67.37 27.68 28.44
CA ASN H 234 67.90 27.01 27.26
C ASN H 234 69.15 26.22 27.57
N THR H 235 70.12 26.84 28.23
CA THR H 235 71.36 26.16 28.56
C THR H 235 71.12 25.18 29.70
N PRO H 236 71.39 23.89 29.50
CA PRO H 236 71.11 22.92 30.55
C PRO H 236 72.11 22.99 31.68
N VAL H 237 71.69 22.56 32.85
CA VAL H 237 72.57 22.47 34.00
C VAL H 237 73.26 21.12 33.99
N MET H 238 74.48 21.08 34.52
CA MET H 238 75.29 19.88 34.50
C MET H 238 75.88 19.65 35.88
N LEU H 239 76.12 18.39 36.22
CA LEU H 239 76.52 18.07 37.58
C LEU H 239 77.39 16.82 37.56
N THR H 240 78.29 16.69 38.54
CA THR H 240 78.96 15.42 38.72
C THR H 240 78.60 14.81 40.07
N LEU H 241 78.77 13.50 40.15
CA LEU H 241 78.20 12.68 41.22
C LEU H 241 79.27 11.74 41.73
N ILE H 242 79.85 12.04 42.87
CA ILE H 242 80.96 11.26 43.44
C ILE H 242 80.45 10.53 44.67
N PRO H 243 80.48 9.21 44.70
CA PRO H 243 79.97 8.48 45.87
C PRO H 243 81.02 8.29 46.94
N GLY H 244 80.61 7.72 48.07
CA GLY H 244 81.54 7.28 49.11
C GLY H 244 82.31 8.37 49.82
N GLN H 245 81.66 9.48 50.15
CA GLN H 245 82.33 10.58 50.83
C GLN H 245 82.00 10.55 52.33
N LYS H 246 82.74 11.36 53.08
CA LYS H 246 82.57 11.40 54.52
C LYS H 246 81.42 12.29 54.97
N ALA H 247 80.75 12.96 54.04
CA ALA H 247 79.49 13.63 54.32
C ALA H 247 78.50 13.22 53.24
N VAL H 248 77.27 12.89 53.64
CA VAL H 248 76.27 12.43 52.70
C VAL H 248 75.35 13.60 52.37
N ASP H 249 75.22 13.91 51.08
CA ASP H 249 74.29 14.91 50.60
C ASP H 249 72.89 14.30 50.66
N TYR H 250 72.33 14.31 51.87
CA TYR H 250 71.01 13.75 52.11
C TYR H 250 69.95 14.52 51.34
N ARG H 251 69.91 15.84 51.51
CA ARG H 251 69.13 16.72 50.69
C ARG H 251 70.01 17.87 50.24
N VAL H 252 69.88 18.24 48.98
CA VAL H 252 70.55 19.41 48.44
C VAL H 252 69.49 20.34 47.90
N ASP H 253 69.38 21.51 48.52
CA ASP H 253 68.52 22.59 48.04
C ASP H 253 69.38 23.45 47.11
N LEU H 254 69.18 23.27 45.81
CA LEU H 254 70.05 23.89 44.82
C LEU H 254 69.38 25.14 44.28
N ARG H 255 70.06 26.27 44.43
CA ARG H 255 69.61 27.56 43.95
C ARG H 255 70.29 27.88 42.62
N VAL H 256 69.51 28.40 41.68
CA VAL H 256 70.02 28.74 40.36
C VAL H 256 70.07 30.25 40.23
N GLN H 257 71.02 30.74 39.43
CA GLN H 257 71.22 32.19 39.27
C GLN H 257 70.12 32.85 38.45
N GLY H 258 69.30 32.09 37.74
CA GLY H 258 68.18 32.65 37.01
C GLY H 258 66.94 32.76 37.88
N TYR H 259 65.86 33.17 37.25
CA TYR H 259 64.54 33.25 37.87
C TYR H 259 63.64 32.18 37.25
N GLY H 260 62.71 31.70 38.05
CA GLY H 260 61.95 30.52 37.70
C GLY H 260 60.82 30.82 36.75
N PRO H 261 60.16 29.75 36.28
CA PRO H 261 58.95 29.96 35.47
C PRO H 261 57.79 30.49 36.28
N ASN H 262 57.76 30.17 37.57
CA ASN H 262 56.86 30.85 38.49
C ASN H 262 57.35 32.28 38.68
N ALA H 263 56.56 33.24 38.22
CA ALA H 263 56.99 34.63 38.15
C ALA H 263 55.98 35.50 38.89
N LYS H 264 55.68 35.12 40.14
CA LYS H 264 54.53 35.67 40.86
C LYS H 264 54.66 37.17 41.13
N SER H 265 55.80 37.61 41.66
CA SER H 265 55.89 38.98 42.14
C SER H 265 57.35 39.39 42.22
N MET H 266 57.56 40.70 42.27
CA MET H 266 58.88 41.24 42.58
C MET H 266 59.17 41.05 44.07
N PRO H 267 60.45 40.98 44.44
CA PRO H 267 60.79 41.02 45.88
C PRO H 267 60.42 42.35 46.50
N THR H 268 60.12 42.31 47.79
CA THR H 268 59.60 43.48 48.48
C THR H 268 60.74 44.41 48.88
N GLU H 269 60.64 45.67 48.46
CA GLU H 269 61.55 46.73 48.87
C GLU H 269 60.80 47.73 49.74
N GLU H 270 61.46 48.20 50.79
CA GLU H 270 60.82 49.15 51.70
C GLU H 270 60.64 50.50 51.01
N GLY H 271 59.48 51.11 51.24
CA GLY H 271 59.07 52.26 50.46
C GLY H 271 59.82 53.56 50.72
N ILE H 272 60.69 53.93 49.79
CA ILE H 272 61.17 55.30 49.75
C ILE H 272 60.04 56.13 49.16
N PRO H 273 59.59 57.17 49.85
CA PRO H 273 58.50 57.98 49.32
C PRO H 273 58.97 58.76 48.11
N PRO H 274 58.06 59.12 47.21
CA PRO H 274 58.43 59.95 46.07
C PRO H 274 58.83 61.35 46.52
N SER H 275 59.65 61.98 45.67
CA SER H 275 60.21 63.28 46.04
C SER H 275 59.13 64.36 46.04
N ALA H 276 58.56 64.63 44.88
CA ALA H 276 57.46 65.56 44.73
C ALA H 276 56.76 65.17 43.44
N ASN H 277 55.90 66.05 42.95
CA ASN H 277 55.34 65.88 41.62
C ASN H 277 55.97 66.92 40.72
N ASP H 278 56.48 66.46 39.58
CA ASP H 278 57.13 67.37 38.65
C ASP H 278 56.15 68.31 37.96
N LEU H 279 54.85 68.03 38.02
CA LEU H 279 53.86 68.97 37.53
C LEU H 279 53.84 70.23 38.38
N LEU H 280 54.20 70.10 39.65
CA LEU H 280 54.30 71.27 40.52
C LEU H 280 55.40 72.21 40.05
N LEU H 281 56.43 71.69 39.37
CA LEU H 281 57.46 72.55 38.79
C LEU H 281 56.88 73.43 37.68
N HIS H 282 56.12 72.83 36.78
CA HIS H 282 55.51 73.59 35.69
C HIS H 282 54.49 74.59 36.21
N VAL H 283 53.78 74.22 37.28
CA VAL H 283 52.85 75.16 37.90
C VAL H 283 53.62 76.30 38.54
N LEU H 284 54.71 75.98 39.24
CA LEU H 284 55.54 76.98 39.91
C LEU H 284 56.13 77.96 38.93
N GLU H 285 56.43 77.47 37.73
CA GLU H 285 56.75 78.39 36.66
C GLU H 285 55.53 79.20 36.23
N GLY H 286 54.38 78.55 36.14
CA GLY H 286 53.23 79.16 35.53
C GLY H 286 52.78 78.47 34.26
N VAL H 287 53.46 77.41 33.85
CA VAL H 287 52.96 76.58 32.76
C VAL H 287 51.74 75.81 33.23
N PRO H 288 50.62 75.86 32.52
CA PRO H 288 49.51 74.98 32.85
C PRO H 288 49.88 73.55 32.56
N PRO H 289 49.37 72.59 33.33
CA PRO H 289 49.69 71.19 33.09
C PRO H 289 48.97 70.70 31.85
N PRO H 290 49.54 69.72 31.15
CA PRO H 290 48.95 69.30 29.87
C PRO H 290 47.66 68.53 30.05
N GLY H 291 46.73 68.78 29.13
CA GLY H 291 45.49 68.02 29.07
C GLY H 291 44.53 68.30 30.19
N SER H 292 44.72 69.37 30.93
CA SER H 292 43.94 69.62 32.13
C SER H 292 42.84 70.63 31.82
N ARG H 293 42.13 71.06 32.85
CA ARG H 293 41.02 71.98 32.68
C ARG H 293 41.19 73.15 33.64
N ARG H 294 40.83 74.34 33.15
CA ARG H 294 41.01 75.56 33.91
C ARG H 294 39.93 75.69 34.99
N LEU H 295 40.06 76.75 35.79
CA LEU H 295 39.18 76.99 36.91
C LEU H 295 38.92 78.49 37.04
N VAL H 296 38.00 78.84 37.93
CA VAL H 296 37.64 80.23 38.18
C VAL H 296 37.96 80.55 39.64
N VAL H 297 38.82 81.56 39.84
CA VAL H 297 39.24 81.98 41.16
C VAL H 297 38.77 83.40 41.38
N SER H 298 38.10 83.63 42.50
CA SER H 298 37.56 84.95 42.79
C SER H 298 37.90 85.36 44.22
N GLY H 299 38.11 86.65 44.41
CA GLY H 299 38.34 87.23 45.71
C GLY H 299 39.79 87.46 46.08
N GLY H 300 40.72 86.79 45.41
CA GLY H 300 42.13 86.90 45.73
C GLY H 300 42.95 87.18 44.49
N ASP H 301 44.14 86.58 44.46
CA ASP H 301 45.02 86.69 43.29
C ASP H 301 45.75 85.36 43.11
N ALA H 302 45.18 84.48 42.30
CA ALA H 302 45.73 83.15 42.16
C ALA H 302 45.29 82.55 40.83
N ARG H 303 45.96 81.48 40.44
CA ARG H 303 45.57 80.70 39.27
C ARG H 303 45.41 79.25 39.69
N ALA H 304 44.52 78.54 38.99
CA ALA H 304 44.11 77.21 39.40
C ALA H 304 43.90 76.30 38.20
N TRP H 305 44.05 75.00 38.45
CA TRP H 305 43.91 73.99 37.43
C TRP H 305 43.42 72.69 38.04
N LEU H 306 42.89 71.81 37.18
CA LEU H 306 42.41 70.50 37.60
C LEU H 306 42.80 69.48 36.56
N SER H 307 43.56 68.46 36.97
CA SER H 307 44.03 67.44 36.04
C SER H 307 43.50 66.05 36.36
N ASN H 308 43.79 65.55 37.55
CA ASN H 308 43.52 64.17 37.94
C ASN H 308 42.84 64.13 39.28
N GLU H 309 41.75 64.90 39.39
CA GLU H 309 40.98 65.11 40.62
C GLU H 309 41.85 65.73 41.70
N LYS H 310 42.78 66.58 41.29
CA LYS H 310 43.68 67.29 42.18
C LYS H 310 43.70 68.76 41.78
N MET H 311 43.73 69.63 42.78
CA MET H 311 43.68 71.05 42.50
C MET H 311 45.09 71.63 42.47
N TYR H 312 45.35 72.45 41.48
CA TYR H 312 46.69 72.96 41.20
C TYR H 312 46.64 74.47 41.32
N VAL H 313 47.24 75.02 42.37
CA VAL H 313 47.03 76.42 42.70
C VAL H 313 48.38 77.12 42.84
N ARG H 314 48.51 78.25 42.14
CA ARG H 314 49.68 79.12 42.21
C ARG H 314 49.24 80.49 42.69
N THR H 315 49.96 81.02 43.67
CA THR H 315 49.72 82.36 44.18
C THR H 315 50.99 82.87 44.83
N ASN H 316 50.87 83.88 45.68
CA ASN H 316 51.94 84.31 46.56
C ASN H 316 51.39 84.58 47.95
N LEU H 317 50.38 83.82 48.33
CA LEU H 317 49.73 83.89 49.62
C LEU H 317 50.14 82.71 50.49
N THR H 318 49.46 82.54 51.62
CA THR H 318 49.73 81.43 52.54
C THR H 318 48.42 80.73 52.87
N ILE H 319 48.32 79.46 52.52
CA ILE H 319 47.08 78.72 52.63
C ILE H 319 46.96 78.08 54.00
N LEU H 320 45.76 78.06 54.55
CA LEU H 320 45.55 77.61 55.93
C LEU H 320 44.71 76.36 56.05
N SER H 321 43.49 76.34 55.54
CA SER H 321 42.54 75.36 56.06
C SER H 321 42.67 73.92 55.57
N PRO H 322 42.52 73.61 54.27
CA PRO H 322 42.20 72.23 53.91
C PRO H 322 43.40 71.29 53.90
N GLY H 323 44.60 71.76 54.16
CA GLY H 323 45.78 70.96 53.98
C GLY H 323 46.17 70.85 52.53
N TRP H 324 47.33 70.25 52.31
CA TRP H 324 47.76 69.94 50.96
C TRP H 324 48.73 68.79 51.00
N LEU H 325 48.93 68.17 49.85
CA LEU H 325 49.87 67.07 49.76
C LEU H 325 51.27 67.55 49.45
N ALA H 326 51.44 68.43 48.47
CA ALA H 326 52.78 68.85 48.08
C ALA H 326 52.85 70.35 47.94
N SER H 327 54.03 70.91 48.12
CA SER H 327 54.16 72.35 48.03
C SER H 327 55.58 72.71 47.64
N MET H 328 55.69 73.74 46.79
CA MET H 328 56.98 74.28 46.39
C MET H 328 56.88 75.79 46.29
N THR H 329 58.03 76.43 46.28
CA THR H 329 58.12 77.88 46.33
C THR H 329 59.23 78.31 45.39
N SER H 330 59.00 79.39 44.65
CA SER H 330 60.01 79.93 43.74
C SER H 330 61.07 80.70 44.51
N ALA H 331 61.97 81.31 43.76
CA ALA H 331 62.97 82.16 44.35
C ALA H 331 62.46 83.55 44.69
N ASP H 332 61.26 83.91 44.23
CA ASP H 332 60.71 85.23 44.48
C ASP H 332 59.60 85.23 45.53
N GLY H 333 59.27 84.08 46.08
CA GLY H 333 58.18 84.00 47.04
C GLY H 333 56.88 83.50 46.47
N THR H 334 56.85 83.10 45.21
CA THR H 334 55.66 82.49 44.65
C THR H 334 55.46 81.11 45.25
N HIS H 335 54.21 80.75 45.47
CA HIS H 335 53.84 79.50 46.13
C HIS H 335 52.99 78.65 45.20
N ALA H 336 53.29 77.36 45.15
CA ALA H 336 52.57 76.39 44.34
C ALA H 336 52.21 75.20 45.20
N TYR H 337 50.97 74.72 45.07
CA TYR H 337 50.45 73.75 46.01
C TYR H 337 49.83 72.56 45.30
N GLU H 338 49.52 71.54 46.10
CA GLU H 338 48.92 70.31 45.60
C GLU H 338 48.05 69.69 46.69
N MET H 339 46.73 69.76 46.50
CA MET H 339 45.74 69.26 47.45
C MET H 339 44.57 68.62 46.70
N GLN H 340 43.64 68.10 47.50
CA GLN H 340 42.43 67.44 47.03
C GLN H 340 41.38 68.46 46.60
N LYS H 341 40.22 67.95 46.19
CA LYS H 341 39.18 68.81 45.66
C LYS H 341 38.47 69.55 46.78
N SER H 342 38.26 70.85 46.58
CA SER H 342 37.59 71.67 47.57
C SER H 342 37.10 72.94 46.89
N PRO H 343 35.94 73.47 47.28
CA PRO H 343 35.45 74.71 46.68
C PRO H 343 35.97 75.98 47.31
N VAL H 344 36.62 75.92 48.47
CA VAL H 344 36.97 77.13 49.20
C VAL H 344 38.41 77.06 49.67
N LEU H 345 38.99 78.23 49.94
CA LEU H 345 40.35 78.31 50.43
C LEU H 345 40.43 79.33 51.56
N LEU H 346 41.42 79.15 52.42
CA LEU H 346 41.69 80.07 53.51
C LEU H 346 43.10 80.63 53.37
N VAL H 347 43.22 81.94 53.51
CA VAL H 347 44.52 82.61 53.42
C VAL H 347 44.61 83.67 54.50
N SER H 348 45.69 83.66 55.27
CA SER H 348 46.05 84.82 56.07
C SER H 348 46.86 85.75 55.19
N TRP H 349 46.21 86.78 54.67
CA TRP H 349 46.85 87.61 53.67
C TRP H 349 47.85 88.57 54.30
N HIS H 350 47.38 89.44 55.17
CA HIS H 350 48.24 90.39 55.84
C HIS H 350 47.93 90.41 57.32
N GLY H 351 47.91 89.23 57.91
CA GLY H 351 47.48 89.05 59.27
C GLY H 351 45.98 88.98 59.43
N LYS H 352 45.24 89.14 58.34
CA LYS H 352 43.79 89.14 58.34
C LYS H 352 43.31 87.94 57.57
N VAL H 353 42.36 87.22 58.15
CA VAL H 353 41.88 85.96 57.58
C VAL H 353 40.95 86.26 56.41
N MET H 354 41.12 85.53 55.31
CA MET H 354 40.25 85.69 54.15
C MET H 354 39.87 84.33 53.60
N GLN H 355 38.67 84.26 53.03
CA GLN H 355 38.17 83.07 52.37
C GLN H 355 38.07 83.33 50.87
N LEU H 356 38.60 82.42 50.07
CA LEU H 356 38.64 82.53 48.62
C LEU H 356 37.67 81.53 48.00
N LYS H 357 36.84 82.01 47.09
CA LYS H 357 35.85 81.16 46.43
C LYS H 357 36.43 80.58 45.16
N VAL H 358 36.31 79.26 45.02
CA VAL H 358 36.71 78.55 43.81
C VAL H 358 35.48 77.83 43.28
N GLU H 359 35.06 78.19 42.09
CA GLU H 359 33.86 77.62 41.50
C GLU H 359 34.21 76.85 40.22
N GLY H 360 33.23 76.13 39.72
CA GLY H 360 33.43 75.37 38.51
C GLY H 360 34.26 74.10 38.69
N LEU H 361 34.13 73.45 39.84
CA LEU H 361 34.80 72.17 40.07
C LEU H 361 34.24 71.09 39.16
N VAL I 38 41.23 91.74 -2.80
CA VAL I 38 41.68 93.09 -3.14
C VAL I 38 41.85 94.04 -1.92
N PRO I 39 40.92 94.12 -0.95
CA PRO I 39 41.26 94.88 0.26
C PRO I 39 42.26 94.19 1.16
N LYS I 40 42.56 92.92 0.93
CA LYS I 40 43.58 92.22 1.70
C LYS I 40 44.98 92.65 1.33
N LEU I 41 45.17 93.35 0.21
CA LEU I 41 46.46 93.89 -0.17
C LEU I 41 46.32 95.39 -0.38
N PRO I 42 47.22 96.20 0.17
CA PRO I 42 47.14 97.65 -0.06
C PRO I 42 47.53 98.00 -1.48
N CYS I 43 46.75 98.87 -2.10
CA CYS I 43 46.99 99.27 -3.48
C CYS I 43 48.16 100.22 -3.63
N ARG I 44 48.54 100.91 -2.55
CA ARG I 44 49.65 101.85 -2.60
C ARG I 44 50.33 101.83 -1.25
N VAL I 45 51.55 102.37 -1.20
CA VAL I 45 52.21 102.60 0.07
C VAL I 45 51.44 103.68 0.83
N ASP I 46 51.17 103.45 2.10
CA ASP I 46 50.29 104.30 2.87
C ASP I 46 50.89 105.67 3.10
N GLY I 47 50.03 106.68 3.13
CA GLY I 47 50.47 108.04 3.27
C GLY I 47 51.13 108.60 2.02
N ALA I 48 50.75 108.12 0.85
CA ALA I 48 51.35 108.58 -0.38
C ALA I 48 50.27 109.08 -1.34
N CYS I 49 50.47 110.29 -1.85
CA CYS I 49 49.69 110.81 -2.95
C CYS I 49 50.64 111.68 -3.75
N ASP I 50 50.92 111.26 -4.98
CA ASP I 50 52.00 111.86 -5.73
C ASP I 50 51.66 113.27 -6.18
N ALA I 51 50.37 113.57 -6.32
CA ALA I 51 49.95 114.95 -6.54
C ALA I 51 50.31 115.84 -5.36
N THR I 52 50.10 115.34 -4.14
CA THR I 52 50.48 116.10 -2.95
C THR I 52 51.99 116.25 -2.86
N ILE I 53 52.73 115.22 -3.28
CA ILE I 53 54.18 115.30 -3.32
C ILE I 53 54.64 116.38 -4.28
N ILE I 54 54.02 116.45 -5.46
CA ILE I 54 54.32 117.48 -6.45
C ILE I 54 54.01 118.86 -5.90
N LYS I 55 52.88 118.99 -5.20
CA LYS I 55 52.45 120.28 -4.69
C LYS I 55 53.39 120.77 -3.60
N MET I 56 53.82 119.88 -2.72
CA MET I 56 54.70 120.33 -1.65
C MET I 56 56.11 120.59 -2.16
N MET I 57 56.54 119.90 -3.22
CA MET I 57 57.83 120.21 -3.81
C MET I 57 57.83 121.60 -4.44
N THR I 58 56.76 121.91 -5.19
CA THR I 58 56.67 123.24 -5.77
C THR I 58 56.51 124.32 -4.72
N ASP I 59 55.82 123.99 -3.62
CA ASP I 59 55.67 124.92 -2.51
C ASP I 59 57.01 125.23 -1.86
N LEU I 60 57.86 124.21 -1.68
CA LEU I 60 59.17 124.46 -1.10
C LEU I 60 60.06 125.24 -2.05
N ASN I 61 59.95 125.01 -3.36
CA ASN I 61 60.73 125.81 -4.30
C ASN I 61 60.28 127.26 -4.32
N LYS I 62 58.98 127.51 -4.15
CA LYS I 62 58.54 128.88 -4.04
C LYS I 62 58.93 129.49 -2.71
N LYS I 63 59.06 128.67 -1.68
CA LYS I 63 59.51 129.20 -0.40
C LYS I 63 60.98 129.54 -0.42
N GLY I 64 61.77 128.84 -1.22
CA GLY I 64 63.16 129.22 -1.35
C GLY I 64 64.10 128.14 -0.88
N ILE I 65 63.68 126.90 -1.03
CA ILE I 65 64.43 125.74 -0.60
C ILE I 65 64.82 124.93 -1.83
N LYS I 66 66.12 124.68 -1.99
CA LYS I 66 66.58 124.08 -3.24
C LYS I 66 66.24 122.59 -3.24
N VAL I 67 65.49 122.16 -4.25
CA VAL I 67 65.13 120.75 -4.42
C VAL I 67 65.64 120.30 -5.78
N ALA I 68 66.38 119.20 -5.79
CA ALA I 68 66.91 118.70 -7.05
C ALA I 68 66.94 117.18 -7.04
N SER I 69 66.85 116.62 -8.24
CA SER I 69 66.87 115.17 -8.36
C SER I 69 67.34 114.76 -9.75
N VAL I 70 67.94 113.58 -9.81
CA VAL I 70 68.28 112.92 -11.07
C VAL I 70 68.09 111.43 -10.87
N GLY I 71 67.06 110.88 -11.52
CA GLY I 71 66.77 109.46 -11.38
C GLY I 71 66.25 109.11 -10.00
N GLN I 72 67.07 108.46 -9.19
CA GLN I 72 66.69 108.11 -7.84
C GLN I 72 67.39 108.93 -6.77
N ASN I 73 68.32 109.79 -7.12
CA ASN I 73 69.08 110.53 -6.13
C ASN I 73 68.40 111.86 -5.87
N TYR I 74 67.90 112.04 -4.66
CA TYR I 74 67.22 113.27 -4.29
C TYR I 74 68.08 114.04 -3.28
N LEU I 75 68.16 115.36 -3.51
CA LEU I 75 68.90 116.25 -2.65
C LEU I 75 68.07 117.50 -2.39
N ILE I 76 68.09 117.97 -1.15
CA ILE I 76 67.48 119.25 -0.80
C ILE I 76 68.44 120.07 0.03
N SER I 77 68.47 121.37 -0.25
CA SER I 77 69.46 122.31 0.29
C SER I 77 68.77 123.48 0.95
N ILE I 78 69.24 123.83 2.15
CA ILE I 78 68.69 124.96 2.89
C ILE I 78 69.82 125.86 3.38
N PRO I 79 69.75 127.16 3.16
CA PRO I 79 70.71 128.08 3.79
C PRO I 79 70.53 128.13 5.30
N ALA I 80 71.64 128.27 6.01
CA ALA I 80 71.62 128.21 7.47
C ALA I 80 71.00 129.45 8.11
N SER I 81 70.85 130.53 7.34
CA SER I 81 70.31 131.78 7.87
C SER I 81 68.85 131.65 8.25
N ALA I 82 68.13 130.73 7.64
CA ALA I 82 66.74 130.48 7.96
C ALA I 82 66.59 129.49 9.10
N LEU I 83 67.68 129.01 9.68
CA LEU I 83 67.59 128.10 10.80
C LEU I 83 68.22 128.64 12.08
N PHE I 84 69.48 129.03 12.03
CA PHE I 84 70.23 129.25 13.26
C PHE I 84 70.40 130.74 13.52
N ALA I 85 71.04 131.03 14.65
CA ALA I 85 71.59 132.35 14.84
C ALA I 85 72.94 132.42 14.13
N ASP I 86 73.53 133.60 14.14
CA ASP I 86 74.76 133.85 13.39
C ASP I 86 75.92 133.15 14.07
N GLN I 87 76.50 132.17 13.37
CA GLN I 87 77.65 131.36 13.82
C GLN I 87 77.35 130.66 15.14
N SER I 88 76.12 130.19 15.31
CA SER I 88 75.70 129.72 16.61
C SER I 88 74.85 128.47 16.53
N PRO I 89 75.00 127.56 17.48
CA PRO I 89 74.12 126.39 17.56
C PRO I 89 72.93 126.63 18.49
N ARG I 90 72.17 127.67 18.22
CA ARG I 90 70.88 127.90 18.83
C ARG I 90 69.83 127.98 17.73
N LEU I 91 68.63 127.51 18.03
CA LEU I 91 67.57 127.36 17.04
C LEU I 91 66.43 128.32 17.32
N ASN I 92 65.95 128.97 16.27
CA ASN I 92 64.77 129.80 16.41
C ASN I 92 63.54 128.94 16.60
N TRP I 93 62.52 129.53 17.19
CA TRP I 93 61.31 128.77 17.48
C TRP I 93 60.48 128.56 16.23
N ALA I 94 60.49 129.52 15.31
CA ALA I 94 59.69 129.37 14.09
C ALA I 94 60.32 128.36 13.13
N SER I 95 61.60 128.06 13.28
CA SER I 95 62.26 127.11 12.40
C SER I 95 61.79 125.68 12.61
N TYR I 96 61.21 125.39 13.78
CA TYR I 96 60.61 124.09 14.01
C TYR I 96 59.43 123.84 13.09
N SER I 97 58.73 124.89 12.67
CA SER I 97 57.63 124.72 11.72
C SER I 97 58.14 124.26 10.36
N LEU I 98 59.23 124.86 9.88
CA LEU I 98 59.81 124.40 8.62
C LEU I 98 60.40 123.02 8.77
N LEU I 99 60.94 122.70 9.94
CA LEU I 99 61.39 121.34 10.20
C LEU I 99 60.24 120.35 10.17
N ASN I 100 59.09 120.75 10.68
CA ASN I 100 57.90 119.90 10.62
C ASN I 100 57.45 119.69 9.19
N GLU I 101 57.50 120.75 8.38
CA GLU I 101 57.11 120.64 6.98
C GLU I 101 58.05 119.73 6.22
N ILE I 102 59.35 119.83 6.47
CA ILE I 102 60.28 119.02 5.72
C ILE I 102 60.24 117.57 6.21
N ALA I 103 59.88 117.34 7.47
CA ALA I 103 59.68 115.97 7.93
C ALA I 103 58.43 115.36 7.31
N ALA I 104 57.38 116.17 7.15
CA ALA I 104 56.18 115.70 6.49
C ALA I 104 56.43 115.37 5.02
N PHE I 105 57.32 116.12 4.37
CA PHE I 105 57.72 115.70 3.03
C PHE I 105 58.51 114.41 3.07
N LEU I 106 59.44 114.29 4.01
CA LEU I 106 60.34 113.14 4.00
C LEU I 106 59.66 111.85 4.43
N LYS I 107 58.48 111.92 5.04
CA LYS I 107 57.75 110.70 5.37
C LYS I 107 57.25 109.93 4.16
N GLN I 108 57.26 110.53 2.97
CA GLN I 108 56.56 109.95 1.83
C GLN I 108 57.27 108.72 1.29
N PHE I 109 58.57 108.79 1.08
CA PHE I 109 59.19 107.78 0.23
C PHE I 109 59.70 106.62 1.06
N ARG I 110 59.91 105.51 0.37
CA ARG I 110 60.63 104.40 0.97
C ARG I 110 62.12 104.69 0.89
N LYS I 111 62.83 104.47 1.99
CA LYS I 111 64.20 104.95 2.15
C LYS I 111 65.03 103.90 2.85
N ILE I 112 66.35 104.06 2.81
CA ILE I 112 67.21 103.23 3.63
C ILE I 112 68.19 104.07 4.43
N ALA I 113 68.98 104.90 3.74
CA ALA I 113 70.05 105.65 4.37
C ALA I 113 69.96 107.09 3.92
N ILE I 114 70.03 108.01 4.86
CA ILE I 114 70.05 109.43 4.54
C ILE I 114 71.35 110.00 5.07
N THR I 115 71.87 111.00 4.36
CA THR I 115 73.09 111.67 4.79
C THR I 115 72.84 113.17 4.85
N VAL I 116 73.11 113.75 6.01
CA VAL I 116 72.99 115.19 6.21
C VAL I 116 74.38 115.76 6.42
N THR I 117 74.71 116.77 5.62
CA THR I 117 76.00 117.44 5.71
C THR I 117 75.81 118.90 6.02
N SER I 118 76.73 119.45 6.79
CA SER I 118 76.64 120.83 7.22
C SER I 118 77.87 121.61 6.74
N TYR I 119 77.62 122.81 6.21
CA TYR I 119 78.62 123.65 5.60
C TYR I 119 78.48 125.08 6.12
N SER I 120 79.62 125.77 6.25
CA SER I 120 79.62 127.10 6.82
C SER I 120 80.67 127.94 6.12
N SER I 121 80.89 129.15 6.63
CA SER I 121 81.90 130.05 6.12
C SER I 121 83.16 129.96 6.97
N LYS I 122 84.10 130.86 6.73
CA LYS I 122 85.32 130.95 7.53
C LYS I 122 85.15 132.05 8.56
N TYR I 123 85.33 131.71 9.83
CA TYR I 123 85.09 132.66 10.91
C TYR I 123 86.33 132.93 11.75
N VAL I 124 86.89 131.94 12.43
CA VAL I 124 88.05 132.19 13.28
C VAL I 124 89.17 131.23 12.94
N SER I 125 88.86 129.94 12.89
CA SER I 125 89.84 128.88 12.93
C SER I 125 89.43 127.87 11.87
N VAL I 126 89.89 126.63 12.01
CA VAL I 126 89.25 125.51 11.38
C VAL I 126 88.36 124.75 12.36
N LYS I 127 88.82 124.66 13.61
CA LYS I 127 88.13 123.89 14.64
C LYS I 127 86.76 124.48 14.95
N ARG I 128 86.65 125.81 14.92
CA ARG I 128 85.43 126.49 15.31
C ARG I 128 84.27 126.13 14.38
N GLU I 129 84.47 126.29 13.08
CA GLU I 129 83.41 125.96 12.16
C GLU I 129 83.24 124.46 11.96
N ARG I 130 84.30 123.67 12.17
CA ARG I 130 84.13 122.22 12.13
C ARG I 130 83.20 121.76 13.25
N ALA I 131 83.40 122.27 14.45
CA ALA I 131 82.54 121.92 15.57
C ALA I 131 81.14 122.49 15.38
N LEU I 132 81.03 123.68 14.77
CA LEU I 132 79.72 124.29 14.55
C LEU I 132 78.90 123.46 13.58
N THR I 133 79.53 123.02 12.48
CA THR I 133 78.83 122.17 11.52
C THR I 133 78.46 120.83 12.13
N LEU I 134 79.36 120.26 12.95
CA LEU I 134 79.06 118.99 13.59
C LEU I 134 77.88 119.11 14.54
N ALA I 135 77.82 120.20 15.31
CA ALA I 135 76.73 120.39 16.23
C ALA I 135 75.40 120.62 15.50
N ARG I 136 75.43 121.40 14.44
CA ARG I 136 74.20 121.67 13.69
C ARG I 136 73.66 120.40 13.04
N SER I 137 74.57 119.58 12.49
CA SER I 137 74.18 118.29 11.93
C SER I 137 73.61 117.38 12.99
N ARG I 138 74.22 117.38 14.18
CA ARG I 138 73.72 116.55 15.28
C ARG I 138 72.32 116.96 15.70
N VAL I 139 72.06 118.27 15.78
CA VAL I 139 70.75 118.75 16.23
C VAL I 139 69.67 118.40 15.22
N VAL I 140 69.95 118.64 13.93
CA VAL I 140 68.93 118.36 12.92
C VAL I 140 68.72 116.85 12.78
N SER I 141 69.77 116.06 13.02
CA SER I 141 69.62 114.61 12.96
C SER I 141 68.78 114.10 14.12
N GLU I 142 68.97 114.65 15.31
CA GLU I 142 68.22 114.18 16.46
C GLU I 142 66.74 114.52 16.35
N TYR I 143 66.41 115.75 15.91
CA TYR I 143 64.99 116.05 15.75
C TYR I 143 64.37 115.29 14.59
N LEU I 144 65.15 115.04 13.54
CA LEU I 144 64.64 114.24 12.43
C LEU I 144 64.37 112.80 12.85
N TRP I 145 65.24 112.25 13.71
CA TRP I 145 65.00 110.90 14.20
C TRP I 145 63.82 110.87 15.15
N SER I 146 63.60 111.96 15.88
CA SER I 146 62.41 112.06 16.71
C SER I 146 61.15 112.02 15.87
N GLN I 147 61.19 112.68 14.73
CA GLN I 147 60.08 112.54 13.81
C GLN I 147 60.14 111.18 13.14
N GLY I 148 58.99 110.78 12.59
CA GLY I 148 58.80 109.42 12.12
C GLY I 148 59.17 109.22 10.67
N VAL I 149 60.45 109.22 10.37
CA VAL I 149 60.95 108.87 9.04
C VAL I 149 61.64 107.52 9.16
N ASP I 150 61.09 106.52 8.48
CA ASP I 150 61.49 105.14 8.75
C ASP I 150 62.74 104.75 7.97
N SER I 151 63.77 105.56 8.02
CA SER I 151 65.04 105.22 7.40
C SER I 151 65.85 104.39 8.38
N ARG I 152 66.57 103.41 7.86
CA ARG I 152 67.37 102.57 8.74
C ARG I 152 68.63 103.29 9.20
N ILE I 153 69.16 104.21 8.41
CA ILE I 153 70.47 104.81 8.67
C ILE I 153 70.37 106.32 8.56
N ILE I 154 70.83 107.03 9.59
CA ILE I 154 71.07 108.45 9.51
C ILE I 154 72.56 108.68 9.70
N PHE I 155 73.20 109.22 8.68
CA PHE I 155 74.59 109.64 8.71
C PHE I 155 74.63 111.15 8.80
N THR I 156 75.41 111.67 9.73
CA THR I 156 75.58 113.11 9.87
C THR I 156 77.06 113.44 9.82
N GLN I 157 77.40 114.47 9.04
CA GLN I 157 78.75 115.02 9.08
C GLN I 157 78.72 116.47 8.64
N GLY I 158 79.66 117.22 9.20
CA GLY I 158 79.82 118.61 8.84
C GLY I 158 81.28 118.91 8.58
N LEU I 159 81.52 119.79 7.62
CA LEU I 159 82.89 120.03 7.17
C LEU I 159 83.34 121.47 7.32
N GLY I 160 82.47 122.38 7.70
CA GLY I 160 82.87 123.75 7.86
C GLY I 160 82.90 124.53 6.57
N SER I 161 84.08 124.90 6.12
CA SER I 161 84.27 125.76 4.97
C SER I 161 85.34 125.22 4.06
N ASP I 162 85.26 123.94 3.72
CA ASP I 162 86.27 123.32 2.88
C ASP I 162 85.85 123.15 1.44
N LYS I 163 84.54 123.05 1.17
CA LYS I 163 84.03 122.87 -0.19
C LYS I 163 82.93 123.89 -0.44
N PRO I 164 83.29 125.14 -0.70
CA PRO I 164 82.29 126.15 -1.00
C PRO I 164 81.77 125.99 -2.42
N ILE I 165 80.69 126.69 -2.72
CA ILE I 165 80.09 126.59 -4.04
C ILE I 165 79.83 127.97 -4.63
N THR I 166 80.53 128.98 -4.12
CA THR I 166 80.39 130.33 -4.66
C THR I 166 81.68 131.10 -4.38
N SER I 167 82.31 131.61 -5.43
CA SER I 167 83.52 132.39 -5.24
C SER I 167 83.23 133.74 -4.61
N TYR I 168 82.04 134.28 -4.84
CA TYR I 168 81.63 135.56 -4.28
C TYR I 168 81.40 135.38 -2.79
N THR I 169 82.34 135.86 -1.98
CA THR I 169 82.34 135.62 -0.53
C THR I 169 82.20 136.93 0.24
N LEU I 170 81.28 137.79 -0.19
CA LEU I 170 81.08 139.05 0.51
C LEU I 170 80.39 138.85 1.86
N GLY I 171 79.32 138.07 1.88
CA GLY I 171 78.50 137.96 3.07
C GLY I 171 79.12 137.07 4.12
N GLY I 172 78.53 137.12 5.31
CA GLY I 172 78.95 136.27 6.40
C GLY I 172 78.10 135.02 6.45
N ASP I 173 77.20 134.94 7.42
CA ASP I 173 76.25 133.84 7.43
C ASP I 173 75.07 134.06 6.50
N ARG I 174 74.91 135.27 5.98
CA ARG I 174 73.87 135.49 4.98
C ARG I 174 74.23 134.90 3.63
N SER I 175 75.52 134.68 3.37
CA SER I 175 75.96 134.20 2.08
C SER I 175 75.56 132.74 1.87
N PRO I 176 75.12 132.37 0.68
CA PRO I 176 74.53 131.04 0.48
C PRO I 176 75.52 129.89 0.45
N ASN I 177 76.80 130.11 0.71
CA ASN I 177 77.70 128.97 0.82
C ASN I 177 77.50 128.23 2.13
N ALA I 178 77.13 128.93 3.20
CA ALA I 178 76.77 128.27 4.44
C ALA I 178 75.39 127.64 4.28
N ARG I 179 75.31 126.35 4.52
CA ARG I 179 74.14 125.60 4.10
C ARG I 179 74.08 124.27 4.82
N VAL I 180 72.96 123.59 4.66
CA VAL I 180 72.81 122.19 5.04
C VAL I 180 72.21 121.44 3.86
N GLU I 181 72.73 120.24 3.64
CA GLU I 181 72.34 119.42 2.51
C GLU I 181 71.82 118.08 3.01
N ILE I 182 70.71 117.64 2.44
CA ILE I 182 70.14 116.33 2.71
C ILE I 182 70.20 115.54 1.40
N THR I 183 70.86 114.38 1.45
CA THR I 183 71.01 113.51 0.30
C THR I 183 70.47 112.12 0.61
N PHE I 184 69.77 111.52 -0.34
CA PHE I 184 69.37 110.12 -0.23
C PHE I 184 69.03 109.56 -1.60
N ARG I 185 68.85 108.24 -1.64
CA ARG I 185 68.44 107.53 -2.84
C ARG I 185 67.15 106.77 -2.58
N ARG I 186 66.16 107.01 -3.43
CA ARG I 186 64.92 106.25 -3.38
C ARG I 186 65.18 104.83 -3.86
N ALA I 187 64.55 103.87 -3.18
CA ALA I 187 64.74 102.45 -3.50
C ALA I 187 63.40 101.81 -3.78
N VAL I 188 63.16 101.48 -5.06
CA VAL I 188 62.12 100.56 -5.51
C VAL I 188 60.69 100.91 -5.09
N CYS J 42 58.38 141.05 22.10
CA CYS J 42 57.29 141.02 23.07
C CYS J 42 57.44 139.84 24.02
N PHE J 43 57.70 138.66 23.47
CA PHE J 43 57.94 137.46 24.25
C PHE J 43 58.71 136.47 23.41
N HIS J 44 59.34 135.50 24.08
CA HIS J 44 59.89 134.36 23.39
C HIS J 44 59.53 133.08 24.12
N PRO J 45 59.01 132.09 23.41
CA PRO J 45 58.80 130.75 24.00
C PRO J 45 60.07 130.10 24.53
N PRO J 46 61.30 130.32 23.93
CA PRO J 46 62.48 129.78 24.63
C PRO J 46 62.85 130.54 25.90
N TYR J 47 62.03 130.39 26.94
CA TYR J 47 62.25 130.91 28.30
C TYR J 47 62.48 132.43 28.31
N ASN J 48 61.91 133.11 27.32
CA ASN J 48 62.03 134.56 27.12
C ASN J 48 63.47 135.03 27.06
N ASN J 49 64.35 134.17 26.52
CA ASN J 49 65.77 134.45 26.28
C ASN J 49 66.51 134.84 27.56
N PHE J 50 66.07 134.28 28.69
CA PHE J 50 66.66 134.48 30.02
C PHE J 50 66.64 135.93 30.46
N GLN J 51 65.75 136.70 29.92
CA GLN J 51 65.50 138.06 30.36
C GLN J 51 64.60 138.04 31.58
N PRO J 52 64.50 139.15 32.32
CA PRO J 52 63.40 139.28 33.27
C PRO J 52 62.06 139.25 32.54
N ASP J 53 61.22 138.27 32.87
CA ASP J 53 59.96 138.10 32.16
C ASP J 53 58.98 139.19 32.54
N ARG J 54 58.37 139.81 31.53
CA ARG J 54 57.50 140.96 31.70
C ARG J 54 56.13 140.64 31.11
N ARG J 55 55.24 140.11 31.94
CA ARG J 55 53.92 139.75 31.47
C ARG J 55 52.88 140.82 31.82
N ALA J 56 53.00 141.41 33.01
CA ALA J 56 51.96 142.30 33.53
C ALA J 56 51.90 143.62 32.78
N VAL J 57 53.05 144.15 32.34
CA VAL J 57 53.05 145.42 31.61
C VAL J 57 52.41 145.25 30.24
N LYS J 58 52.69 144.14 29.57
CA LYS J 58 52.02 143.86 28.29
C LYS J 58 50.54 143.60 28.50
N ARG J 59 50.18 142.95 29.61
CA ARG J 59 48.77 142.72 29.91
C ARG J 59 48.04 144.02 30.16
N VAL J 60 48.63 144.95 30.91
CA VAL J 60 47.92 146.20 31.15
C VAL J 60 47.94 147.08 29.90
N GLY J 61 48.95 146.91 29.04
CA GLY J 61 48.93 147.61 27.76
C GLY J 61 47.80 147.17 26.86
N VAL J 62 47.61 145.84 26.73
CA VAL J 62 46.51 145.36 25.90
C VAL J 62 45.17 145.52 26.60
N ASP J 63 45.15 145.70 27.93
CA ASP J 63 43.91 146.02 28.60
C ASP J 63 43.52 147.48 28.36
N THR J 64 44.49 148.40 28.39
CA THR J 64 44.21 149.79 28.07
C THR J 64 43.85 149.95 26.59
N GLY J 65 44.40 149.08 25.74
CA GLY J 65 43.97 149.06 24.36
C GLY J 65 42.58 148.48 24.20
N GLY J 88 39.80 149.24 30.84
CA GLY J 88 40.35 150.39 31.53
C GLY J 88 41.69 150.12 32.19
N GLY J 89 42.36 151.20 32.62
CA GLY J 89 43.63 151.05 33.30
C GLY J 89 43.49 150.36 34.64
N THR J 90 42.44 150.69 35.40
CA THR J 90 42.18 149.99 36.64
C THR J 90 41.75 148.55 36.39
N VAL J 91 41.09 148.30 35.25
CA VAL J 91 40.76 146.93 34.86
C VAL J 91 42.02 146.12 34.60
N GLY J 92 42.98 146.73 33.92
CA GLY J 92 44.27 146.07 33.73
C GLY J 92 45.02 145.89 35.04
N LEU J 93 44.88 146.85 35.95
CA LEU J 93 45.52 146.74 37.25
C LEU J 93 44.94 145.61 38.08
N VAL J 94 43.62 145.47 38.09
CA VAL J 94 43.02 144.39 38.89
C VAL J 94 43.26 143.05 38.23
N ALA J 95 43.34 143.00 36.89
CA ALA J 95 43.72 141.77 36.21
C ALA J 95 45.16 141.39 36.54
N SER J 96 46.05 142.37 36.60
CA SER J 96 47.45 142.11 36.92
C SER J 96 47.61 141.65 38.36
N ILE J 97 46.91 142.28 39.30
CA ILE J 97 47.06 141.85 40.69
C ILE J 97 46.32 140.55 40.95
N TYR J 98 45.35 140.19 40.11
CA TYR J 98 44.82 138.83 40.21
C TYR J 98 45.81 137.82 39.65
N ARG J 99 46.48 138.18 38.55
CA ARG J 99 47.36 137.21 37.89
C ARG J 99 48.63 136.97 38.67
N ASP J 100 49.27 138.04 39.16
CA ASP J 100 50.54 137.86 39.84
C ASP J 100 50.36 137.47 41.31
N SER J 101 49.13 137.40 41.79
CA SER J 101 48.85 136.94 43.14
C SER J 101 49.26 135.49 43.32
N LYS J 102 49.68 135.15 44.52
CA LYS J 102 50.22 133.84 44.80
C LYS J 102 49.15 132.76 44.72
N ARG J 103 47.91 133.11 45.09
CA ARG J 103 46.83 132.14 45.10
C ARG J 103 46.51 131.65 43.69
N LYS J 104 46.41 132.57 42.74
CA LYS J 104 46.14 132.18 41.37
C LYS J 104 47.33 131.47 40.75
N ILE J 105 48.54 131.78 41.22
CA ILE J 105 49.73 131.08 40.78
C ILE J 105 49.68 129.62 41.21
N ILE J 106 49.32 129.39 42.48
CA ILE J 106 49.22 128.02 42.99
C ILE J 106 48.10 127.26 42.29
N ARG J 107 46.97 127.94 42.04
CA ARG J 107 45.86 127.29 41.34
C ARG J 107 46.22 126.97 39.90
N ASP J 108 47.02 127.80 39.25
CA ASP J 108 47.49 127.47 37.90
C ASP J 108 48.49 126.33 37.93
N LEU J 109 49.30 126.24 38.99
CA LEU J 109 50.15 125.08 39.14
C LEU J 109 49.34 123.82 39.37
N GLN J 110 48.20 123.94 40.03
CA GLN J 110 47.30 122.81 40.21
C GLN J 110 46.60 122.46 38.90
N LYS J 111 46.36 123.44 38.05
CA LYS J 111 45.88 123.14 36.70
C LYS J 111 46.95 122.44 35.89
N GLN J 112 48.20 122.73 36.16
CA GLN J 112 49.30 121.92 35.66
C GLN J 112 49.45 120.70 36.57
N ASP J 113 50.48 119.90 36.33
CA ASP J 113 50.63 118.63 37.01
C ASP J 113 51.65 118.69 38.15
N ILE J 114 51.76 119.84 38.81
CA ILE J 114 52.82 120.07 39.78
C ILE J 114 52.18 120.10 41.17
N GLN J 115 52.79 119.42 42.12
CA GLN J 115 52.27 119.33 43.47
C GLN J 115 52.96 120.35 44.36
N TYR J 116 52.19 121.25 44.95
CA TYR J 116 52.70 122.25 45.87
C TYR J 116 52.21 121.96 47.27
N VAL J 117 53.13 121.94 48.25
CA VAL J 117 52.77 121.65 49.63
C VAL J 117 53.44 122.65 50.55
N GLU J 118 52.64 123.28 51.41
CA GLU J 118 53.14 124.09 52.50
C GLU J 118 52.69 123.48 53.82
N TYR J 119 53.62 123.35 54.76
CA TYR J 119 53.33 122.74 56.05
C TYR J 119 54.29 123.31 57.09
N GLY J 120 53.76 124.05 58.06
CA GLY J 120 54.60 124.72 59.02
C GLY J 120 55.35 125.86 58.38
N ASP J 121 56.65 125.71 58.20
CA ASP J 121 57.45 126.67 57.47
C ASP J 121 58.24 126.06 56.33
N THR J 122 58.35 124.73 56.28
CA THR J 122 59.06 124.05 55.21
C THR J 122 58.15 124.00 53.99
N ARG J 123 58.66 124.46 52.85
CA ARG J 123 57.84 124.51 51.64
C ARG J 123 58.43 123.57 50.59
N THR J 124 57.56 122.72 50.02
CA THR J 124 58.02 121.66 49.14
C THR J 124 57.23 121.65 47.84
N LEU J 125 57.93 121.30 46.77
CA LEU J 125 57.39 121.22 45.42
C LEU J 125 57.76 119.88 44.83
N ILE J 126 56.82 119.28 44.09
CA ILE J 126 57.00 117.97 43.49
C ILE J 126 56.68 118.04 42.01
N ILE J 127 57.60 117.59 41.18
CA ILE J 127 57.50 117.67 39.73
C ILE J 127 57.59 116.27 39.14
N PRO J 128 56.72 115.88 38.21
CA PRO J 128 56.78 114.56 37.58
C PRO J 128 57.79 114.52 36.45
N THR J 129 58.78 113.63 36.60
CA THR J 129 59.89 113.56 35.65
C THR J 129 59.46 113.01 34.31
N ASP J 130 58.49 112.10 34.28
CA ASP J 130 58.05 111.51 33.04
C ASP J 130 57.34 112.53 32.16
N LYS J 131 56.54 113.40 32.77
CA LYS J 131 55.93 114.48 32.00
C LYS J 131 56.97 115.52 31.60
N TYR J 132 57.85 115.92 32.51
CA TYR J 132 58.69 117.05 32.21
C TYR J 132 59.99 116.70 31.53
N PHE J 133 60.23 115.44 31.22
CA PHE J 133 61.52 115.06 30.67
C PHE J 133 61.33 114.16 29.46
N MET J 134 62.28 114.24 28.54
CA MET J 134 62.38 113.21 27.53
C MET J 134 62.84 111.92 28.19
N PHE J 135 62.38 110.80 27.64
CA PHE J 135 62.51 109.51 28.31
C PHE J 135 63.96 109.08 28.39
N SER J 136 64.35 108.60 29.58
CA SER J 136 65.67 108.01 29.85
C SER J 136 66.79 109.00 29.59
N SER J 137 66.54 110.27 29.83
CA SER J 137 67.44 111.30 29.37
C SER J 137 67.61 112.38 30.43
N PRO J 138 68.78 112.98 30.51
CA PRO J 138 68.92 114.25 31.23
C PRO J 138 68.48 115.47 30.43
N ARG J 139 67.90 115.29 29.26
CA ARG J 139 67.41 116.42 28.48
C ARG J 139 66.16 116.98 29.11
N LEU J 140 66.13 118.30 29.30
CA LEU J 140 64.91 118.94 29.74
C LEU J 140 63.95 119.05 28.57
N ASN J 141 62.74 118.56 28.74
CA ASN J 141 61.73 118.68 27.70
C ASN J 141 61.22 120.11 27.63
N GLU J 142 61.03 120.61 26.41
CA GLU J 142 60.74 122.01 26.19
C GLU J 142 59.26 122.32 26.15
N ILE J 143 58.40 121.33 26.35
CA ILE J 143 56.98 121.54 26.12
C ILE J 143 56.35 122.36 27.24
N CYS J 144 56.71 122.06 28.49
CA CYS J 144 56.02 122.64 29.63
C CYS J 144 56.71 123.87 30.18
N TYR J 145 57.26 124.67 29.26
CA TYR J 145 57.77 125.98 29.61
C TYR J 145 56.77 126.93 30.28
N PRO J 146 55.43 126.88 30.07
CA PRO J 146 54.59 127.68 30.97
C PRO J 146 54.66 127.24 32.41
N GLY J 147 54.79 125.93 32.63
CA GLY J 147 55.02 125.43 33.98
C GLY J 147 56.33 125.92 34.56
N LEU J 148 57.38 125.96 33.73
CA LEU J 148 58.67 126.44 34.23
C LEU J 148 58.65 127.94 34.53
N ASN J 149 57.94 128.72 33.71
CA ASN J 149 57.80 130.14 33.99
C ASN J 149 57.02 130.38 35.26
N ASN J 150 55.99 129.56 35.51
CA ASN J 150 55.28 129.63 36.77
C ASN J 150 56.18 129.25 37.93
N VAL J 151 57.08 128.30 37.71
CA VAL J 151 58.02 127.88 38.75
C VAL J 151 58.95 129.02 39.13
N ILE J 152 59.47 129.73 38.12
CA ILE J 152 60.36 130.85 38.37
C ILE J 152 59.63 131.98 39.07
N ARG J 153 58.42 132.29 38.60
CA ARG J 153 57.66 133.39 39.18
C ARG J 153 57.25 133.09 40.62
N LEU J 154 56.99 131.83 40.94
CA LEU J 154 56.69 131.50 42.33
C LEU J 154 57.95 131.57 43.18
N LEU J 155 59.05 130.98 42.70
CA LEU J 155 60.23 130.88 43.54
C LEU J 155 61.02 132.18 43.64
N ASN J 156 60.61 133.23 42.91
CA ASN J 156 61.22 134.53 43.15
C ASN J 156 60.84 135.16 44.48
N PHE J 157 59.86 134.62 45.21
CA PHE J 157 59.27 135.35 46.33
C PHE J 157 60.16 135.36 47.56
N TYR J 158 61.04 134.38 47.73
CA TYR J 158 61.80 134.23 48.97
C TYR J 158 63.28 134.25 48.65
N PRO J 159 63.88 135.42 48.53
CA PRO J 159 65.25 135.49 48.00
C PRO J 159 66.34 135.25 49.02
N GLN J 160 66.00 134.67 50.17
CA GLN J 160 67.02 134.38 51.18
C GLN J 160 67.08 132.93 51.60
N SER J 161 66.07 132.13 51.30
CA SER J 161 66.05 130.75 51.73
C SER J 161 66.94 129.88 50.85
N THR J 162 67.72 129.03 51.48
CA THR J 162 68.53 128.08 50.75
C THR J 162 67.65 126.99 50.15
N ILE J 163 68.16 126.34 49.10
CA ILE J 163 67.39 125.40 48.32
C ILE J 163 68.03 124.03 48.41
N TYR J 164 67.24 123.04 48.80
CA TYR J 164 67.62 121.65 48.63
C TYR J 164 66.82 121.11 47.47
N VAL J 165 67.49 120.43 46.55
CA VAL J 165 66.82 119.78 45.44
C VAL J 165 67.30 118.35 45.34
N ALA J 166 66.39 117.45 45.00
CA ALA J 166 66.71 116.04 44.96
C ALA J 166 65.89 115.35 43.87
N GLY J 167 66.41 114.21 43.45
CA GLY J 167 65.76 113.43 42.42
C GLY J 167 65.56 112.00 42.88
N PHE J 168 64.50 111.38 42.36
CA PHE J 168 64.21 110.00 42.70
C PHE J 168 63.75 109.22 41.47
N THR J 169 64.08 107.94 41.47
CA THR J 169 63.78 107.01 40.40
C THR J 169 63.18 105.72 40.95
N ASP J 170 62.77 104.85 40.05
CA ASP J 170 62.12 103.59 40.40
C ASP J 170 63.16 102.54 40.76
N ASN J 171 62.72 101.28 40.79
CA ASN J 171 63.44 100.23 41.49
C ASN J 171 64.06 99.19 40.56
N VAL J 172 64.20 99.49 39.27
CA VAL J 172 64.50 98.48 38.27
C VAL J 172 65.79 98.85 37.56
N GLY J 173 66.73 97.92 37.51
CA GLY J 173 67.96 98.10 36.78
C GLY J 173 69.18 98.16 37.67
N SER J 174 70.26 98.70 37.12
CA SER J 174 71.49 98.89 37.88
C SER J 174 71.34 100.05 38.85
N ARG J 175 71.73 99.81 40.10
CA ARG J 175 71.67 100.85 41.13
C ARG J 175 72.57 102.02 40.80
N SER J 176 73.76 101.73 40.25
CA SER J 176 74.66 102.79 39.81
C SER J 176 74.04 103.59 38.69
N HIS J 177 73.32 102.91 37.79
CA HIS J 177 72.63 103.60 36.70
C HIS J 177 71.54 104.52 37.24
N LYS J 178 70.78 104.05 38.23
CA LYS J 178 69.75 104.90 38.83
C LYS J 178 70.36 106.11 39.51
N ARG J 179 71.46 105.90 40.23
CA ARG J 179 72.13 106.98 40.93
C ARG J 179 72.66 108.03 39.95
N LYS J 180 73.25 107.57 38.85
CA LYS J 180 73.76 108.48 37.84
C LYS J 180 72.63 109.28 37.20
N LEU J 181 71.51 108.62 36.89
CA LEU J 181 70.39 109.33 36.26
C LEU J 181 69.80 110.38 37.19
N SER J 182 69.64 110.04 38.47
CA SER J 182 69.07 110.98 39.41
C SER J 182 70.00 112.16 39.66
N GLN J 183 71.30 111.89 39.81
CA GLN J 183 72.25 112.99 40.05
C GLN J 183 72.35 113.89 38.83
N ALA J 184 72.27 113.32 37.62
CA ALA J 184 72.30 114.14 36.42
C ALA J 184 71.07 115.03 36.30
N GLN J 185 69.89 114.49 36.60
CA GLN J 185 68.69 115.30 36.54
C GLN J 185 68.71 116.40 37.59
N ALA J 186 69.25 116.09 38.77
CA ALA J 186 69.40 117.09 39.81
C ALA J 186 70.31 118.22 39.38
N GLU J 187 71.43 117.87 38.74
CA GLU J 187 72.34 118.90 38.26
C GLU J 187 71.72 119.72 37.15
N THR J 188 70.86 119.10 36.35
CA THR J 188 70.17 119.82 35.29
C THR J 188 69.25 120.88 35.84
N MET J 189 68.42 120.49 36.81
CA MET J 189 67.49 121.45 37.39
C MET J 189 68.23 122.53 38.19
N MET J 190 69.32 122.14 38.85
CA MET J 190 70.14 123.08 39.60
C MET J 190 70.75 124.12 38.68
N THR J 191 71.26 123.68 37.53
CA THR J 191 71.83 124.59 36.55
C THR J 191 70.78 125.52 35.98
N PHE J 192 69.58 124.98 35.74
CA PHE J 192 68.48 125.80 35.24
C PHE J 192 68.12 126.91 36.22
N LEU J 193 68.09 126.58 37.51
CA LEU J 193 67.81 127.61 38.50
C LEU J 193 68.97 128.57 38.65
N TRP J 194 70.19 128.08 38.48
CA TRP J 194 71.37 128.92 38.54
C TRP J 194 71.40 129.93 37.40
N ALA J 195 70.79 129.58 36.29
CA ALA J 195 70.70 130.47 35.15
C ALA J 195 69.56 131.48 35.28
N ASN J 196 69.03 131.70 36.46
CA ASN J 196 67.96 132.65 36.65
C ASN J 196 68.20 133.51 37.89
N GLY J 197 69.41 134.07 37.96
CA GLY J 197 69.73 135.07 38.97
C GLY J 197 69.77 134.56 40.39
N ILE J 198 70.27 133.36 40.61
CA ILE J 198 70.38 132.77 41.94
C ILE J 198 71.85 132.45 42.19
N ALA J 199 72.36 132.90 43.34
CA ALA J 199 73.76 132.71 43.67
C ALA J 199 74.04 131.24 43.93
N ALA J 200 75.25 130.82 43.56
CA ALA J 200 75.61 129.40 43.58
C ALA J 200 75.77 128.84 44.97
N LYS J 201 75.90 129.69 45.99
CA LYS J 201 75.96 129.19 47.36
C LYS J 201 74.58 128.86 47.92
N ARG J 202 73.52 129.23 47.21
CA ARG J 202 72.18 129.07 47.74
C ARG J 202 71.57 127.71 47.44
N LEU J 203 72.31 126.80 46.80
CA LEU J 203 71.73 125.57 46.30
C LEU J 203 72.51 124.36 46.78
N LYS J 204 71.81 123.24 46.86
CA LYS J 204 72.45 121.96 47.11
C LYS J 204 71.63 120.89 46.42
N ALA J 205 72.28 120.09 45.57
CA ALA J 205 71.60 119.12 44.73
C ALA J 205 71.98 117.70 45.13
N GLU J 206 71.01 116.80 45.04
CA GLU J 206 71.25 115.40 45.35
C GLU J 206 70.30 114.51 44.58
N GLY J 207 70.82 113.39 44.07
CA GLY J 207 69.97 112.43 43.41
C GLY J 207 70.03 111.05 44.03
N TYR J 208 68.95 110.62 44.66
CA TYR J 208 68.89 109.30 45.25
C TYR J 208 68.25 108.31 44.31
N GLY J 209 68.33 107.04 44.66
CA GLY J 209 67.81 106.00 43.81
C GLY J 209 66.39 105.66 44.18
N ASP J 210 66.24 104.57 44.90
CA ASP J 210 64.96 104.11 45.43
C ASP J 210 65.03 103.99 46.94
N LYS J 211 65.66 104.98 47.58
CA LYS J 211 65.95 104.86 49.00
C LYS J 211 64.72 105.04 49.87
N ASN J 212 63.73 105.80 49.39
CA ASN J 212 62.52 106.01 50.17
C ASN J 212 61.40 106.32 49.18
N ALA J 213 60.57 105.32 48.93
CA ALA J 213 59.43 105.53 48.06
C ALA J 213 58.31 106.21 48.84
N ILE J 214 57.34 106.75 48.09
CA ILE J 214 56.07 107.16 48.65
C ILE J 214 54.95 106.20 48.28
N SER J 215 55.20 105.29 47.34
CA SER J 215 54.24 104.28 46.95
C SER J 215 55.01 103.09 46.42
N ASP J 216 54.37 101.92 46.47
CA ASP J 216 55.04 100.67 46.13
C ASP J 216 55.27 100.55 44.63
N ASN J 217 56.45 100.05 44.27
CA ASN J 217 56.83 99.89 42.87
C ASN J 217 56.36 98.58 42.25
N ALA J 218 55.69 97.72 43.00
CA ALA J 218 55.16 96.50 42.42
C ALA J 218 53.80 96.70 41.76
N ILE J 219 53.16 97.84 41.97
CA ILE J 219 51.93 98.18 41.28
C ILE J 219 52.24 99.32 40.33
N ILE J 220 51.58 99.33 39.18
CA ILE J 220 51.98 100.14 38.04
C ILE J 220 51.84 101.62 38.34
N HIS J 221 50.72 102.03 38.95
CA HIS J 221 50.54 103.45 39.18
C HIS J 221 51.47 103.97 40.26
N GLY J 222 51.75 103.16 41.27
CA GLY J 222 52.75 103.56 42.26
C GLY J 222 54.14 103.62 41.68
N SER J 223 54.46 102.70 40.77
CA SER J 223 55.73 102.74 40.08
C SER J 223 55.85 103.96 39.19
N ALA J 224 54.74 104.41 38.63
CA ALA J 224 54.75 105.69 37.94
C ALA J 224 54.92 106.85 38.93
N GLN J 225 54.36 106.71 40.12
CA GLN J 225 54.43 107.78 41.11
C GLN J 225 55.83 107.95 41.68
N ASN J 226 56.61 106.87 41.70
CA ASN J 226 57.81 106.81 42.53
C ASN J 226 58.87 107.79 42.07
N ARG J 227 59.20 107.80 40.78
CA ARG J 227 60.20 108.73 40.29
C ARG J 227 59.65 110.15 40.29
N ARG J 228 60.48 111.10 40.70
CA ARG J 228 59.98 112.44 41.00
C ARG J 228 61.14 113.41 41.12
N ILE J 229 60.79 114.70 41.16
CA ILE J 229 61.73 115.77 41.46
C ILE J 229 61.21 116.51 42.68
N GLU J 230 62.07 116.63 43.69
CA GLU J 230 61.71 117.16 45.00
C GLU J 230 62.47 118.45 45.24
N ILE J 231 61.74 119.51 45.61
CA ILE J 231 62.35 120.81 45.88
C ILE J 231 61.89 121.24 47.26
N GLN J 232 62.82 121.32 48.21
CA GLN J 232 62.54 121.75 49.56
C GLN J 232 63.23 123.08 49.80
N TRP J 233 62.56 123.98 50.52
CA TRP J 233 63.29 125.13 51.03
C TRP J 233 62.72 125.61 52.36
N PHE J 234 63.59 126.30 53.10
CA PHE J 234 63.38 126.76 54.46
C PHE J 234 62.79 128.16 54.47
N THR J 235 62.82 128.78 55.64
CA THR J 235 62.37 130.15 55.82
C THR J 235 63.47 131.07 56.31
N SER J 236 64.17 130.69 57.37
CA SER J 236 65.27 131.49 57.90
C SER J 236 66.61 130.83 57.63
N LEU K 113 111.32 143.66 56.31
CA LEU K 113 110.57 143.67 55.06
C LEU K 113 109.11 143.32 55.31
N ASN K 114 108.31 144.35 55.60
CA ASN K 114 106.94 144.17 56.01
C ASN K 114 105.95 144.72 54.99
N ARG K 115 106.07 146.00 54.67
CA ARG K 115 105.29 146.61 53.60
C ARG K 115 106.23 147.39 52.71
N PHE K 116 106.17 147.12 51.41
CA PHE K 116 107.06 147.76 50.44
C PHE K 116 106.17 148.40 49.38
N ARG K 117 106.07 149.73 49.42
CA ARG K 117 105.32 150.50 48.45
C ARG K 117 106.32 151.35 47.66
N TYR K 118 106.30 151.21 46.34
CA TYR K 118 107.28 151.88 45.50
C TYR K 118 106.61 152.55 44.31
N GLU K 119 107.18 153.69 43.91
CA GLU K 119 106.84 154.38 42.68
C GLU K 119 108.14 154.83 42.02
N GLY K 120 108.09 155.04 40.71
CA GLY K 120 109.18 155.74 40.06
C GLY K 120 110.33 154.96 39.46
N ALA K 121 110.02 154.02 38.56
CA ALA K 121 110.97 153.42 37.61
C ALA K 121 112.12 152.69 38.32
N GLY K 122 111.77 151.58 38.95
CA GLY K 122 112.78 150.89 39.73
C GLY K 122 113.09 149.52 39.21
N VAL K 123 114.30 149.04 39.47
CA VAL K 123 114.69 147.66 39.17
C VAL K 123 115.21 147.06 40.47
N VAL K 124 114.49 146.05 40.98
CA VAL K 124 114.85 145.38 42.22
C VAL K 124 115.04 143.89 41.91
N THR K 125 116.20 143.36 42.28
CA THR K 125 116.50 141.94 42.09
C THR K 125 116.92 141.34 43.42
N GLY K 126 116.28 140.25 43.80
CA GLY K 126 116.59 139.59 45.05
C GLY K 126 116.32 138.11 44.97
N ASN K 127 117.05 137.36 45.77
CA ASN K 127 116.84 135.93 45.88
C ASN K 127 117.18 135.50 47.30
N ASN K 128 116.62 134.36 47.70
CA ASN K 128 116.85 133.71 48.99
C ASN K 128 116.48 134.62 50.17
N LEU K 129 115.30 135.22 50.09
CA LEU K 129 114.75 136.03 51.17
C LEU K 129 113.63 135.25 51.85
N ARG K 130 113.76 135.06 53.16
CA ARG K 130 112.81 134.25 53.91
C ARG K 130 111.92 135.15 54.76
N THR K 131 110.61 134.99 54.60
CA THR K 131 109.65 135.79 55.35
C THR K 131 108.35 135.01 55.49
N SER K 132 107.55 135.43 56.46
CA SER K 132 106.22 134.88 56.63
C SER K 132 105.22 135.57 55.71
N TYR K 133 105.24 136.90 55.70
CA TYR K 133 104.32 137.70 54.90
C TYR K 133 104.90 139.09 54.71
N LEU K 134 104.75 139.63 53.51
CA LEU K 134 104.96 141.05 53.26
C LEU K 134 103.99 141.51 52.20
N ASP K 135 103.71 142.81 52.20
CA ASP K 135 102.71 143.41 51.31
C ASP K 135 103.41 144.31 50.30
N LEU K 136 103.22 143.99 49.02
CA LEU K 136 103.80 144.77 47.93
C LEU K 136 102.76 145.71 47.33
N TYR K 137 103.18 146.94 47.07
CA TYR K 137 102.32 147.97 46.49
C TYR K 137 103.20 148.71 45.47
N LEU K 138 103.19 148.23 44.24
CA LEU K 138 104.12 148.72 43.22
C LEU K 138 103.42 149.67 42.26
N ALA K 139 104.19 150.61 41.71
CA ALA K 139 103.71 151.55 40.74
C ALA K 139 104.85 152.02 39.87
N ASN K 140 104.51 152.45 38.65
CA ASN K 140 105.38 153.19 37.73
C ASN K 140 106.65 152.39 37.40
N GLU K 141 106.42 151.23 36.76
CA GLU K 141 107.47 150.38 36.20
C GLU K 141 108.45 149.88 37.27
N GLY K 142 107.95 148.98 38.11
CA GLY K 142 108.81 148.24 39.00
C GLY K 142 109.24 146.92 38.40
N THR K 143 110.42 146.88 37.80
CA THR K 143 110.99 145.66 37.23
C THR K 143 111.57 144.85 38.37
N THR K 144 110.85 143.82 38.79
CA THR K 144 111.19 143.05 39.98
C THR K 144 111.52 141.63 39.58
N ARG K 145 112.68 141.14 40.04
CA ARG K 145 113.00 139.72 40.01
C ARG K 145 113.09 139.24 41.45
N LEU K 146 112.31 138.22 41.79
CA LEU K 146 112.34 137.62 43.12
C LEU K 146 112.47 136.12 42.94
N ALA K 147 113.67 135.61 43.16
CA ALA K 147 113.97 134.19 42.99
C ALA K 147 114.05 133.48 44.33
N GLY K 148 113.25 133.94 45.30
CA GLY K 148 113.20 133.36 46.61
C GLY K 148 111.94 132.54 46.84
N ASN K 149 111.76 132.15 48.09
CA ASN K 149 110.60 131.36 48.53
C ASN K 149 109.89 132.19 49.59
N ILE K 150 108.85 132.89 49.18
CA ILE K 150 108.19 133.88 50.03
C ILE K 150 106.71 133.55 50.09
N GLY K 151 106.19 133.42 51.30
CA GLY K 151 104.75 133.41 51.50
C GLY K 151 104.26 134.84 51.64
N LEU K 152 103.12 135.12 51.00
CA LEU K 152 102.49 136.42 51.13
C LEU K 152 101.01 136.28 50.87
N GLN K 153 100.26 137.30 51.26
CA GLN K 153 98.81 137.29 51.23
C GLN K 153 98.20 138.42 50.41
N LYS K 154 98.87 139.56 50.29
CA LYS K 154 98.34 140.69 49.56
C LYS K 154 99.38 141.21 48.58
N LEU K 155 98.91 141.70 47.43
CA LEU K 155 99.77 142.31 46.43
C LEU K 155 98.92 143.29 45.64
N GLU K 156 99.49 144.47 45.35
CA GLU K 156 98.79 145.48 44.59
C GLU K 156 99.75 146.11 43.59
N ALA K 157 99.31 146.21 42.33
CA ALA K 157 100.03 146.95 41.30
C ALA K 157 99.11 148.06 40.82
N VAL K 158 99.62 149.29 40.82
CA VAL K 158 98.80 150.45 40.51
C VAL K 158 98.45 150.48 39.04
N GLY K 159 99.43 150.22 38.18
CA GLY K 159 99.18 150.18 36.75
C GLY K 159 100.40 150.48 35.91
N ASN K 160 100.47 149.84 34.74
CA ASN K 160 101.55 149.98 33.75
C ASN K 160 102.91 149.63 34.36
N GLY K 161 103.05 148.35 34.70
CA GLY K 161 104.30 147.82 35.18
C GLY K 161 104.37 146.33 34.94
N VAL K 162 105.58 145.82 34.77
CA VAL K 162 105.82 144.42 34.47
C VAL K 162 106.59 143.80 35.62
N THR K 163 106.08 142.69 36.15
CA THR K 163 106.67 142.03 37.32
C THR K 163 106.58 140.52 37.19
N GLN K 164 107.73 139.86 37.25
CA GLN K 164 107.83 138.41 37.22
C GLN K 164 108.44 137.94 38.53
N ILE K 165 107.73 137.06 39.23
CA ILE K 165 108.18 136.52 40.50
C ILE K 165 108.38 135.02 40.35
N ASN K 166 109.55 134.53 40.70
CA ASN K 166 109.88 133.12 40.59
C ASN K 166 109.87 132.51 41.99
N GLY K 167 108.74 131.92 42.36
CA GLY K 167 108.62 131.20 43.61
C GLY K 167 107.85 131.94 44.69
N VAL K 168 106.56 131.61 44.83
CA VAL K 168 105.73 132.08 45.93
C VAL K 168 104.91 130.90 46.43
N SER K 169 105.00 130.62 47.72
CA SER K 169 104.26 129.52 48.32
C SER K 169 103.66 129.99 49.63
N SER K 170 102.33 130.12 49.66
CA SER K 170 101.63 130.59 50.85
C SER K 170 100.37 129.76 51.05
N ARG K 171 99.90 129.76 52.29
CA ARG K 171 98.63 129.12 52.59
C ARG K 171 97.45 129.95 52.06
N ASN K 172 97.64 131.26 51.92
CA ASN K 172 96.53 132.11 51.53
C ASN K 172 97.07 133.29 50.73
N LEU K 173 96.19 133.88 49.92
CA LEU K 173 96.52 135.06 49.13
C LEU K 173 95.23 135.72 48.69
N GLN K 174 95.17 137.06 48.80
CA GLN K 174 94.09 137.83 48.21
C GLN K 174 94.69 138.96 47.39
N ILE K 175 94.21 139.12 46.16
CA ILE K 175 94.81 140.01 45.18
C ILE K 175 93.70 140.70 44.42
N VAL K 176 93.82 142.02 44.25
CA VAL K 176 93.01 142.77 43.29
C VAL K 176 93.97 143.66 42.50
N LEU K 177 93.54 144.08 41.32
CA LEU K 177 94.34 144.94 40.46
C LEU K 177 93.48 146.03 39.86
N LYS K 178 94.13 147.15 39.51
CA LYS K 178 93.41 148.36 39.12
C LYS K 178 93.83 148.93 37.77
N GLY K 179 95.11 148.93 37.45
CA GLY K 179 95.57 149.52 36.21
C GLY K 179 95.82 148.51 35.13
N ASP K 180 96.96 148.60 34.43
CA ASP K 180 97.28 147.70 33.34
C ASP K 180 98.63 147.05 33.58
N PRO K 181 98.70 146.06 34.46
CA PRO K 181 99.99 145.43 34.77
C PRO K 181 100.24 144.20 33.90
N LYS K 182 101.48 143.71 33.97
CA LYS K 182 101.92 142.52 33.26
C LYS K 182 102.70 141.70 34.27
N VAL K 183 101.99 140.82 34.97
CA VAL K 183 102.57 140.12 36.11
C VAL K 183 102.52 138.63 35.86
N LEU K 184 103.44 137.92 36.50
CA LEU K 184 103.41 136.46 36.50
C LEU K 184 104.10 135.97 37.75
N ILE K 185 103.51 134.95 38.38
CA ILE K 185 103.99 134.41 39.64
C ILE K 185 104.15 132.90 39.48
N SER K 186 105.26 132.37 39.96
CA SER K 186 105.47 130.93 40.01
C SER K 186 105.24 130.42 41.43
N GLY K 187 104.79 129.16 41.53
CA GLY K 187 104.67 128.50 42.81
C GLY K 187 103.29 127.90 43.00
N PHE K 188 102.89 127.76 44.27
CA PHE K 188 101.59 127.22 44.64
C PHE K 188 100.90 128.19 45.58
N VAL K 189 99.67 128.55 45.26
CA VAL K 189 98.89 129.50 46.04
C VAL K 189 97.48 128.98 46.20
N ASN K 190 97.01 128.92 47.44
CA ASN K 190 95.60 128.64 47.71
C ASN K 190 94.82 129.96 47.66
N LEU K 191 94.60 130.42 46.43
CA LEU K 191 93.85 131.65 46.22
C LEU K 191 92.38 131.43 46.50
N ARG K 192 91.67 132.52 46.79
CA ARG K 192 90.23 132.48 47.00
C ARG K 192 89.47 133.28 45.97
N GLN K 193 89.82 134.56 45.80
CA GLN K 193 89.02 135.47 45.01
C GLN K 193 89.93 136.31 44.13
N LEU K 194 89.49 136.60 42.91
CA LEU K 194 90.24 137.48 42.02
C LEU K 194 89.29 138.28 41.15
N ASP K 195 89.52 139.58 41.11
CA ASP K 195 88.70 140.51 40.35
C ASP K 195 89.59 141.35 39.46
N MET K 196 89.17 141.53 38.22
CA MET K 196 89.90 142.32 37.25
C MET K 196 88.95 143.30 36.58
N TYR K 197 89.36 144.58 36.56
CA TYR K 197 88.52 145.63 36.03
C TYR K 197 89.22 146.50 35.01
N GLY K 198 90.48 146.24 34.70
CA GLY K 198 91.22 147.05 33.76
C GLY K 198 91.59 146.34 32.49
N LYS K 199 92.89 146.35 32.15
CA LYS K 199 93.42 145.74 30.93
C LYS K 199 94.60 144.87 31.28
N GLY K 200 94.38 143.97 32.24
CA GLY K 200 95.46 143.25 32.88
C GLY K 200 95.72 141.86 32.34
N THR K 201 96.94 141.41 32.56
CA THR K 201 97.37 140.05 32.23
C THR K 201 97.88 139.37 33.49
N LEU K 202 97.78 138.05 33.50
CA LEU K 202 98.10 137.28 34.69
C LEU K 202 98.37 135.84 34.27
N SER K 203 99.31 135.19 34.95
CA SER K 203 99.57 133.78 34.73
C SER K 203 100.19 133.17 35.98
N LEU K 204 99.63 132.05 36.42
CA LEU K 204 100.15 131.31 37.55
C LEU K 204 100.49 129.89 37.11
N TYR K 205 101.53 129.32 37.73
CA TYR K 205 101.94 127.98 37.36
C TYR K 205 101.05 126.93 38.00
N TRP K 206 101.00 126.91 39.32
CA TRP K 206 100.22 125.89 40.01
C TRP K 206 99.27 126.56 40.99
N ILE K 207 98.07 126.01 41.09
CA ILE K 207 97.10 126.40 42.11
C ILE K 207 96.49 125.14 42.68
N LYS K 208 96.43 125.06 44.01
CA LYS K 208 95.83 123.94 44.73
C LYS K 208 94.93 124.56 45.77
N SER K 209 93.66 124.76 45.42
CA SER K 209 92.69 125.38 46.30
C SER K 209 91.36 124.66 46.13
N ASP K 210 90.32 125.20 46.74
CA ASP K 210 88.99 124.60 46.66
C ASP K 210 87.93 125.56 46.18
N THR K 211 87.94 126.82 46.63
CA THR K 211 86.90 127.79 46.28
C THR K 211 87.54 128.93 45.52
N LEU K 212 87.05 129.17 44.30
CA LEU K 212 87.59 130.23 43.47
C LEU K 212 86.46 131.09 42.92
N THR K 213 86.61 132.39 43.08
CA THR K 213 85.70 133.36 42.50
C THR K 213 86.47 134.20 41.51
N ILE K 214 85.92 134.35 40.30
CA ILE K 214 86.58 135.14 39.26
C ILE K 214 85.57 136.15 38.73
N ARG K 215 85.94 137.42 38.79
CA ARG K 215 85.15 138.49 38.19
C ARG K 215 86.00 139.20 37.14
N ALA K 216 85.46 139.35 35.94
CA ALA K 216 86.20 140.03 34.88
C ALA K 216 85.32 141.07 34.20
N LYS K 217 85.84 142.29 34.10
CA LYS K 217 85.06 143.42 33.60
C LYS K 217 85.46 143.85 32.19
N LYS K 218 86.71 144.24 31.96
CA LYS K 218 87.05 144.95 30.74
C LYS K 218 88.00 144.20 29.83
N ALA K 219 89.19 143.83 30.30
CA ALA K 219 90.15 143.12 29.45
C ALA K 219 91.07 142.35 30.37
N ALA K 220 90.94 141.04 30.38
CA ALA K 220 91.76 140.21 31.25
C ALA K 220 92.33 139.06 30.44
N LYS K 221 93.63 138.85 30.58
CA LYS K 221 94.32 137.73 29.93
C LYS K 221 94.87 136.86 31.05
N ILE K 222 94.06 135.90 31.50
CA ILE K 222 94.36 135.12 32.68
C ILE K 222 94.72 133.71 32.26
N GLN K 223 95.85 133.22 32.76
CA GLN K 223 96.36 131.90 32.41
C GLN K 223 96.65 131.14 33.70
N LEU K 224 95.72 130.25 34.09
CA LEU K 224 95.83 129.48 35.31
C LEU K 224 95.83 128.00 34.99
N ALA K 225 96.42 127.21 35.88
CA ALA K 225 96.44 125.77 35.70
C ALA K 225 96.61 125.11 37.07
N GLY K 226 95.73 124.18 37.40
CA GLY K 226 95.82 123.50 38.68
C GLY K 226 94.54 122.78 39.04
N ILE K 227 94.37 122.56 40.34
CA ILE K 227 93.28 121.79 40.91
C ILE K 227 92.43 122.71 41.78
N VAL K 228 91.16 122.86 41.42
CA VAL K 228 90.22 123.69 42.19
C VAL K 228 88.93 122.91 42.33
N ASN K 229 88.45 122.76 43.56
CA ASN K 229 87.26 121.95 43.78
C ASN K 229 85.97 122.64 43.36
N ARG K 230 85.98 123.97 43.24
CA ARG K 230 84.73 124.69 42.97
C ARG K 230 85.09 126.04 42.36
N LEU K 231 84.61 126.30 41.13
CA LEU K 231 84.97 127.51 40.41
C LEU K 231 83.73 128.25 39.95
N ASP K 232 83.69 129.55 40.24
CA ASP K 232 82.66 130.46 39.75
C ASP K 232 83.31 131.49 38.84
N VAL K 233 82.72 131.68 37.66
CA VAL K 233 83.27 132.59 36.66
C VAL K 233 82.20 133.57 36.23
N GLU K 234 82.49 134.87 36.35
CA GLU K 234 81.65 135.91 35.79
C GLU K 234 82.47 136.71 34.78
N LEU K 235 81.99 136.77 33.55
CA LEU K 235 82.65 137.54 32.50
C LEU K 235 81.68 138.55 31.92
N TRP K 236 82.09 139.82 31.86
CA TRP K 236 81.20 140.85 31.31
C TRP K 236 81.45 141.15 29.84
N ASP K 237 82.61 141.67 29.49
CA ASP K 237 82.84 142.10 28.11
C ASP K 237 84.32 142.12 27.80
N PHE K 238 84.67 141.58 26.63
CA PHE K 238 86.05 141.44 26.15
C PHE K 238 86.93 140.71 27.15
N ALA K 239 86.35 139.68 27.78
CA ALA K 239 87.08 138.84 28.71
C ALA K 239 87.65 137.66 27.96
N GLN K 240 88.92 137.35 28.24
CA GLN K 240 89.64 136.29 27.56
C GLN K 240 90.20 135.37 28.63
N PHE K 241 89.39 134.44 29.08
CA PHE K 241 89.76 133.54 30.16
C PHE K 241 90.28 132.25 29.56
N LYS K 242 91.58 132.02 29.69
CA LYS K 242 92.21 130.82 29.13
C LYS K 242 92.42 129.77 30.21
N GLY K 243 91.34 129.32 30.84
CA GLY K 243 91.52 128.41 31.96
C GLY K 243 91.68 126.96 31.56
N LYS K 244 92.47 126.69 30.52
CA LYS K 244 92.81 125.33 30.20
C LYS K 244 93.85 124.82 31.20
N TYR K 245 94.05 123.50 31.20
CA TYR K 245 94.89 122.78 32.15
C TYR K 245 94.48 123.02 33.60
N LEU K 246 93.19 123.30 33.83
CA LEU K 246 92.67 123.66 35.14
C LEU K 246 91.50 122.73 35.41
N ARG K 247 91.77 121.63 36.12
CA ARG K 247 90.74 120.62 36.35
C ARG K 247 89.86 121.06 37.51
N ALA K 248 88.55 120.98 37.31
CA ALA K 248 87.59 121.42 38.32
C ALA K 248 86.58 120.33 38.58
N GLN K 249 86.22 120.14 39.85
CA GLN K 249 85.11 119.25 40.17
C GLN K 249 83.78 119.90 39.81
N ARG K 250 83.61 121.16 40.16
CA ARG K 250 82.41 121.92 39.85
C ARG K 250 82.78 123.19 39.12
N SER K 251 82.14 123.43 37.99
CA SER K 251 82.37 124.66 37.24
C SER K 251 81.05 125.33 36.96
N PHE K 252 80.95 126.63 37.25
CA PHE K 252 79.75 127.41 36.94
C PHE K 252 80.19 128.70 36.29
N VAL K 253 79.84 128.86 35.00
CA VAL K 253 80.36 129.94 34.18
C VAL K 253 79.21 130.73 33.59
N LYS K 254 79.22 132.05 33.81
CA LYS K 254 78.23 132.96 33.24
C LYS K 254 78.97 134.00 32.40
N THR K 255 78.60 134.09 31.12
CA THR K 255 79.28 134.98 30.18
C THR K 255 78.27 135.90 29.53
N HIS K 256 78.52 137.20 29.64
CA HIS K 256 77.76 138.22 28.94
C HIS K 256 78.44 138.49 27.60
N ASP K 257 78.13 139.63 26.98
CA ASP K 257 78.47 139.90 25.59
C ASP K 257 79.98 139.90 25.31
N LYS K 258 80.37 139.16 24.28
CA LYS K 258 81.74 139.09 23.75
C LYS K 258 82.74 138.66 24.82
N SER K 259 82.52 137.48 25.35
CA SER K 259 83.42 136.89 26.33
C SER K 259 83.80 135.50 25.87
N VAL K 260 85.09 135.20 25.95
CA VAL K 260 85.62 133.91 25.54
C VAL K 260 86.22 133.25 26.76
N ALA K 261 85.80 132.03 27.03
CA ALA K 261 86.32 131.28 28.17
C ALA K 261 86.61 129.85 27.76
N GLU K 262 87.74 129.35 28.26
CA GLU K 262 88.24 128.03 27.94
C GLU K 262 88.30 127.22 29.22
N ILE K 263 87.44 126.20 29.35
CA ILE K 263 87.32 125.46 30.59
C ILE K 263 87.76 124.02 30.37
N SER K 264 88.02 123.34 31.48
CA SER K 264 88.52 121.97 31.47
C SER K 264 87.76 121.12 32.48
N ALA K 265 86.43 121.20 32.42
CA ALA K 265 85.57 120.60 33.44
C ALA K 265 85.65 119.07 33.44
N VAL K 266 85.56 118.50 34.62
CA VAL K 266 85.79 117.08 34.82
C VAL K 266 84.50 116.34 35.16
N ASN K 267 83.74 116.83 36.12
CA ASN K 267 82.62 116.07 36.65
C ASN K 267 81.29 116.79 36.55
N HIS K 268 81.21 118.06 36.92
CA HIS K 268 79.96 118.81 36.90
C HIS K 268 80.21 120.16 36.25
N GLN K 269 79.47 120.43 35.18
CA GLN K 269 79.69 121.62 34.37
C GLN K 269 78.38 122.35 34.10
N SER K 270 78.37 123.65 34.39
CA SER K 270 77.20 124.50 34.15
C SER K 270 77.63 125.75 33.39
N SER K 271 76.95 126.01 32.27
CA SER K 271 77.42 127.02 31.33
C SER K 271 76.27 127.88 30.81
N LEU K 272 76.46 129.20 30.83
CA LEU K 272 75.45 130.10 30.29
C LEU K 272 76.11 131.20 29.47
N ALA K 273 75.58 131.42 28.26
CA ALA K 273 76.06 132.46 27.36
C ALA K 273 74.90 133.34 26.93
N THR K 274 75.11 134.66 27.01
CA THR K 274 74.04 135.57 26.58
C THR K 274 74.03 135.74 25.07
N ASP K 275 75.09 136.34 24.53
CA ASP K 275 75.17 136.63 23.10
C ASP K 275 76.63 136.88 22.74
N ALA K 276 77.02 136.38 21.57
CA ALA K 276 78.37 136.53 21.00
C ALA K 276 79.43 136.01 21.96
N SER K 277 79.10 134.95 22.69
CA SER K 277 79.93 134.48 23.80
C SER K 277 80.41 133.08 23.48
N ASP K 278 81.72 132.89 23.51
CA ASP K 278 82.32 131.60 23.19
C ASP K 278 82.75 130.90 24.46
N ILE K 279 82.28 129.67 24.64
CA ILE K 279 82.64 128.85 25.77
C ILE K 279 83.14 127.53 25.21
N TYR K 280 84.44 127.28 25.36
CA TYR K 280 85.03 126.08 24.79
C TYR K 280 85.44 125.17 25.94
N TYR K 281 84.77 124.03 26.06
CA TYR K 281 85.20 123.07 27.06
C TYR K 281 86.36 122.26 26.52
N TYR K 282 87.00 121.50 27.39
CA TYR K 282 88.12 120.69 26.94
C TYR K 282 88.18 119.31 27.56
N ASN K 283 87.12 118.85 28.20
CA ASN K 283 87.09 117.49 28.73
C ASN K 283 85.64 117.05 28.84
N LEU K 284 85.47 115.74 28.95
CA LEU K 284 84.14 115.14 28.92
C LEU K 284 83.61 115.09 30.35
N SER K 285 82.88 116.13 30.71
CA SER K 285 82.30 116.18 32.05
C SER K 285 81.21 115.14 32.17
N LYS K 286 81.15 114.49 33.34
CA LYS K 286 80.15 113.45 33.56
C LYS K 286 78.75 114.04 33.67
N THR K 287 78.63 115.33 33.94
CA THR K 287 77.37 116.02 33.80
C THR K 287 77.63 117.38 33.17
N ARG K 288 76.91 117.66 32.10
CA ARG K 288 77.07 118.88 31.34
C ARG K 288 75.71 119.53 31.16
N ALA K 289 75.61 120.82 31.45
CA ALA K 289 74.40 121.55 31.11
C ALA K 289 74.77 122.93 30.59
N ASP K 290 74.22 123.27 29.42
CA ASP K 290 74.59 124.48 28.70
C ASP K 290 73.34 125.21 28.24
N PHE K 291 73.44 126.53 28.20
CA PHE K 291 72.35 127.35 27.68
C PHE K 291 72.91 128.56 26.94
N MET K 292 72.24 128.92 25.86
CA MET K 292 72.59 130.10 25.08
C MET K 292 71.32 130.92 24.85
N ALA K 293 71.45 132.26 24.94
CA ALA K 293 70.28 133.12 24.92
C ALA K 293 70.02 133.76 23.56
N PHE K 294 70.97 134.52 23.04
CA PHE K 294 70.78 135.21 21.77
C PHE K 294 71.77 134.75 20.70
N ASN K 295 73.05 134.82 20.99
CA ASN K 295 74.07 134.45 20.01
C ASN K 295 75.21 133.71 20.68
N GLY K 296 74.91 132.92 21.69
CA GLY K 296 75.94 132.23 22.43
C GLY K 296 76.49 131.05 21.66
N SER K 297 77.51 130.42 22.26
CA SER K 297 78.15 129.29 21.62
C SER K 297 78.86 128.45 22.68
N VAL K 298 78.52 127.16 22.72
CA VAL K 298 79.19 126.19 23.56
C VAL K 298 79.78 125.13 22.65
N LEU K 299 81.10 124.96 22.71
CA LEU K 299 81.78 124.14 21.73
C LEU K 299 82.91 123.35 22.36
N ASP K 300 83.32 122.30 21.65
CA ASP K 300 84.29 121.33 22.11
C ASP K 300 85.72 121.73 21.78
N MET K 301 85.99 121.99 20.50
CA MET K 301 87.32 122.36 20.00
C MET K 301 88.37 121.31 20.36
N ARG K 302 87.98 120.04 20.30
CA ARG K 302 88.90 118.97 20.64
C ARG K 302 89.73 118.60 19.42
N GLU K 303 90.40 117.46 19.50
CA GLU K 303 91.44 117.09 18.55
C GLU K 303 91.00 116.05 17.53
N TRP K 304 90.26 115.02 17.98
CA TRP K 304 89.58 113.97 17.21
C TRP K 304 90.53 112.95 16.59
N GLY K 305 91.82 113.18 16.67
CA GLY K 305 92.80 112.26 16.12
C GLY K 305 93.54 111.48 17.17
N GLN K 306 93.11 111.51 18.42
CA GLN K 306 93.79 110.80 19.48
C GLN K 306 93.47 109.32 19.39
N SER K 307 94.36 108.51 19.97
CA SER K 307 94.16 107.06 19.93
C SER K 307 93.18 106.58 20.98
N ASP K 308 92.81 107.41 21.95
CA ASP K 308 92.05 106.95 23.10
C ASP K 308 90.97 107.93 23.47
N LEU K 309 90.32 108.53 22.48
CA LEU K 309 89.22 109.42 22.76
C LEU K 309 87.94 108.62 22.94
N LYS K 310 87.14 108.99 23.94
CA LYS K 310 85.91 108.29 24.23
C LYS K 310 84.71 109.16 23.89
N ASP K 311 83.59 108.51 23.59
CA ASP K 311 82.38 109.21 23.23
C ASP K 311 81.50 109.38 24.45
N PHE K 312 80.28 109.85 24.24
CA PHE K 312 79.33 110.11 25.31
C PHE K 312 78.70 108.82 25.79
N ASP K 313 77.91 108.94 26.85
CA ASP K 313 77.04 107.88 27.32
C ASP K 313 75.62 108.41 27.45
N ARG K 314 74.72 107.61 28.03
CA ARG K 314 73.34 108.01 28.18
C ARG K 314 73.12 109.06 29.26
N TYR K 315 74.16 109.39 30.03
CA TYR K 315 73.98 110.31 31.14
C TYR K 315 74.38 111.73 30.82
N ASN K 316 75.18 111.95 29.79
CA ASN K 316 75.64 113.30 29.46
C ASN K 316 75.42 113.64 28.00
N LYS K 317 74.45 112.98 27.36
CA LYS K 317 74.22 113.16 25.93
C LYS K 317 73.28 114.33 25.68
N GLN K 318 73.78 115.52 26.00
CA GLN K 318 73.00 116.75 25.87
C GLN K 318 73.22 117.34 24.50
N PHE K 319 72.13 117.66 23.81
CA PHE K 319 72.22 118.19 22.47
C PHE K 319 72.04 119.69 22.50
N PRO K 320 73.06 120.48 22.13
CA PRO K 320 72.95 121.93 22.09
C PRO K 320 72.05 122.41 20.95
N ASP L 39 42.33 104.78 -6.91
CA ASP L 39 42.48 104.40 -8.32
C ASP L 39 43.36 105.39 -9.06
N GLY L 40 43.22 106.66 -8.72
CA GLY L 40 44.04 107.69 -9.33
C GLY L 40 45.47 107.61 -8.87
N CYS L 41 46.35 107.15 -9.75
CA CYS L 41 47.75 106.95 -9.40
C CYS L 41 48.64 108.07 -9.93
N CYS L 42 48.66 108.28 -11.24
CA CYS L 42 49.46 109.37 -11.79
C CYS L 42 48.64 110.66 -11.91
N SER L 43 47.97 111.03 -10.82
CA SER L 43 47.21 112.27 -10.79
C SER L 43 48.16 113.44 -10.60
N LYS L 44 47.87 114.53 -11.32
CA LYS L 44 48.76 115.70 -11.46
C LYS L 44 50.14 115.30 -11.96
N MET L 45 50.19 114.26 -12.79
CA MET L 45 51.38 113.85 -13.48
C MET L 45 51.03 113.79 -14.95
N GLY L 46 51.92 113.24 -15.78
CA GLY L 46 51.60 113.14 -17.19
C GLY L 46 50.55 112.11 -17.52
N GLY L 47 50.31 111.17 -16.61
CA GLY L 47 49.42 110.07 -16.88
C GLY L 47 50.18 108.76 -16.76
N ILE L 48 49.46 107.67 -16.57
CA ILE L 48 50.12 106.38 -16.39
C ILE L 48 50.65 105.90 -17.72
N ASN L 49 51.94 105.57 -17.76
CA ASN L 49 52.52 105.07 -19.00
C ASN L 49 52.36 103.56 -19.10
N TYR L 50 52.99 102.81 -18.20
CA TYR L 50 52.82 101.37 -18.11
C TYR L 50 53.36 100.88 -16.77
N CYS L 51 53.29 99.56 -16.59
CA CYS L 51 53.71 98.88 -15.38
C CYS L 51 55.00 98.10 -15.66
N ASP L 52 56.05 98.43 -14.93
CA ASP L 52 57.24 97.59 -14.94
C ASP L 52 57.02 96.41 -14.01
N SER L 53 57.31 95.21 -14.53
CA SER L 53 57.15 93.99 -13.78
C SER L 53 58.40 93.59 -13.01
N SER L 54 59.53 94.25 -13.24
CA SER L 54 60.71 93.92 -12.46
C SER L 54 60.59 94.42 -11.04
N ALA L 55 59.88 95.53 -10.83
CA ALA L 55 59.65 96.06 -9.51
C ALA L 55 58.18 96.09 -9.14
N GLY L 56 57.30 95.69 -10.03
CA GLY L 56 55.87 95.68 -9.76
C GLY L 56 55.29 97.06 -9.56
N ARG L 57 55.72 98.02 -10.37
CA ARG L 57 55.38 99.42 -10.12
C ARG L 57 54.96 100.13 -11.39
N LEU L 58 54.08 101.10 -11.24
CA LEU L 58 53.70 101.95 -12.35
C LEU L 58 54.77 102.99 -12.62
N VAL L 59 54.79 103.49 -13.85
CA VAL L 59 55.64 104.61 -14.23
C VAL L 59 54.76 105.67 -14.88
N CYS L 60 54.77 106.88 -14.35
CA CYS L 60 54.00 107.95 -14.96
C CYS L 60 54.71 108.48 -16.20
N ASN L 61 54.03 109.36 -16.94
CA ASN L 61 54.60 109.86 -18.19
C ASN L 61 55.77 110.80 -17.93
N ASN L 62 55.68 111.62 -16.90
CA ASN L 62 56.88 112.21 -16.34
C ASN L 62 57.68 111.10 -15.68
N GLY L 63 59.00 111.12 -15.89
CA GLY L 63 59.81 109.96 -15.58
C GLY L 63 60.06 109.69 -14.11
N PHE L 64 59.03 109.34 -13.37
CA PHE L 64 59.16 109.10 -11.94
C PHE L 64 58.46 107.81 -11.57
N TYR L 65 59.00 107.13 -10.57
CA TYR L 65 58.35 105.93 -10.08
C TYR L 65 57.14 106.33 -9.25
N SER L 66 55.96 105.91 -9.68
CA SER L 66 54.78 106.21 -8.90
C SER L 66 54.68 105.27 -7.71
N THR L 67 53.80 105.62 -6.79
CA THR L 67 53.63 104.90 -5.54
C THR L 67 52.55 103.84 -5.62
N CYS L 68 52.11 103.48 -6.82
CA CYS L 68 51.13 102.42 -6.98
C CYS L 68 51.82 101.13 -7.40
N TYR L 69 51.11 100.03 -7.24
CA TYR L 69 51.60 98.70 -7.56
C TYR L 69 50.85 98.13 -8.75
N CYS L 70 51.43 97.13 -9.40
CA CYS L 70 50.67 96.44 -10.42
C CYS L 70 50.69 94.92 -10.26
N THR L 71 51.77 94.37 -9.72
CA THR L 71 51.83 92.93 -9.51
C THR L 71 51.86 92.61 -8.02
N ARG L 72 51.43 91.39 -7.69
CA ARG L 72 51.60 90.92 -6.33
C ARG L 72 53.05 90.61 -6.01
N HIS L 73 53.89 90.41 -7.02
CA HIS L 73 55.32 90.19 -6.81
C HIS L 73 56.07 91.51 -6.71
N ALA L 74 55.67 92.33 -5.75
CA ALA L 74 56.33 93.60 -5.53
C ALA L 74 56.58 93.77 -4.05
N VAL L 75 57.39 94.76 -3.71
CA VAL L 75 57.83 94.95 -2.32
C VAL L 75 56.67 95.56 -1.57
N MET L 76 55.98 94.75 -0.79
CA MET L 76 55.00 95.22 0.16
C MET L 76 55.67 95.38 1.52
N ASP L 77 54.96 96.07 2.41
CA ASP L 77 55.38 96.14 3.81
C ASP L 77 54.21 95.60 4.62
N LEU L 78 54.13 94.30 4.74
CA LEU L 78 53.06 93.65 5.46
C LEU L 78 53.38 93.64 6.94
N GLN L 79 52.37 93.91 7.77
CA GLN L 79 52.50 93.77 9.21
C GLN L 79 51.37 92.99 9.86
N PHE L 80 50.18 92.95 9.28
CA PHE L 80 49.06 92.27 9.87
C PHE L 80 48.66 91.10 9.01
N LEU L 81 48.18 90.03 9.64
CA LEU L 81 47.79 88.83 8.92
C LEU L 81 46.50 88.27 9.50
N MET L 82 45.90 87.35 8.76
CA MET L 82 44.63 86.76 9.15
C MET L 82 44.68 85.24 9.09
N GLY L 83 43.54 84.59 9.25
CA GLY L 83 43.46 83.15 9.12
C GLY L 83 43.90 82.39 10.35
N CYS L 84 43.25 81.27 10.63
CA CYS L 84 43.63 80.49 11.80
C CYS L 84 44.88 79.67 11.52
N CYS L 85 45.39 79.06 12.58
CA CYS L 85 46.56 78.17 12.56
C CYS L 85 47.79 78.85 11.98
N LEU L 86 47.98 80.11 12.32
CA LEU L 86 49.19 80.79 11.94
C LEU L 86 50.35 80.31 12.79
N TRP L 87 51.56 80.44 12.23
CA TRP L 87 52.83 80.08 12.89
C TRP L 87 52.87 78.62 13.31
N HIS L 88 52.14 77.78 12.58
CA HIS L 88 52.03 76.36 12.85
C HIS L 88 51.84 75.68 11.50
N GLY L 89 51.33 74.45 11.52
CA GLY L 89 51.22 73.70 10.29
C GLY L 89 50.13 74.15 9.34
N GLY L 90 49.38 75.19 9.66
CA GLY L 90 48.23 75.54 8.85
C GLY L 90 47.03 74.73 9.26
N VAL L 91 45.91 75.02 8.60
CA VAL L 91 44.67 74.36 8.98
C VAL L 91 44.68 72.91 8.52
N TYR L 92 44.21 72.05 9.36
CA TYR L 92 44.09 70.67 8.96
C TYR L 92 42.93 70.51 7.98
N PRO L 93 43.07 69.67 6.96
CA PRO L 93 42.00 69.54 5.95
C PRO L 93 40.73 68.86 6.44
N GLN L 94 40.75 68.18 7.59
CA GLN L 94 39.58 67.44 8.02
C GLN L 94 38.52 68.39 8.59
N LEU L 95 37.30 67.87 8.70
CA LEU L 95 36.20 68.54 9.39
C LEU L 95 35.46 67.50 10.21
N ASN L 96 35.05 67.89 11.42
CA ASN L 96 34.54 66.94 12.39
C ASN L 96 33.12 67.30 12.80
N SER L 97 32.64 66.59 13.81
CA SER L 97 31.33 66.89 14.40
C SER L 97 31.38 68.20 15.18
N SER L 98 32.39 68.36 16.03
CA SER L 98 32.50 69.53 16.87
C SER L 98 33.26 70.63 16.12
N GLY L 99 33.52 71.74 16.80
CA GLY L 99 34.26 72.84 16.22
C GLY L 99 35.73 72.75 16.49
N LEU L 100 36.19 71.55 16.84
CA LEU L 100 37.59 71.32 17.17
C LEU L 100 38.44 71.45 15.92
N VAL L 101 39.24 72.51 15.85
CA VAL L 101 40.16 72.75 14.74
C VAL L 101 41.57 72.76 15.30
N VAL L 102 42.44 71.97 14.71
CA VAL L 102 43.79 71.78 15.22
C VAL L 102 44.78 71.93 14.06
N CYS L 103 45.85 72.69 14.30
CA CYS L 103 46.89 72.85 13.29
C CYS L 103 47.70 71.57 13.14
N ASN L 104 48.41 71.47 12.01
CA ASN L 104 49.08 70.24 11.60
C ASN L 104 50.25 69.85 12.49
N ASP L 105 50.73 70.76 13.33
CA ASP L 105 51.71 70.41 14.34
C ASP L 105 51.06 69.90 15.62
N GLY L 106 49.74 69.72 15.62
CA GLY L 106 49.04 69.07 16.69
C GLY L 106 48.59 69.98 17.80
N TYR L 107 49.14 71.19 17.89
CA TYR L 107 48.68 72.15 18.88
C TYR L 107 47.33 72.70 18.45
N VAL L 108 46.32 72.53 19.29
CA VAL L 108 44.96 72.95 18.95
C VAL L 108 44.85 74.45 19.18
N SER L 109 43.77 75.05 18.70
CA SER L 109 43.59 76.50 18.72
C SER L 109 42.19 76.80 19.26
N GLU L 110 42.08 76.92 20.59
CA GLU L 110 40.78 77.04 21.21
C GLU L 110 40.14 78.41 20.96
N GLU L 111 40.95 79.41 20.65
CA GLU L 111 40.40 80.68 20.18
C GLU L 111 39.70 80.50 18.84
N CYS L 112 40.29 79.69 17.96
CA CYS L 112 39.65 79.44 16.68
C CYS L 112 38.48 78.48 16.82
N SER L 113 38.51 77.62 17.82
CA SER L 113 37.53 76.53 17.89
C SER L 113 36.18 77.02 18.37
N LEU L 114 35.13 76.44 17.79
CA LEU L 114 33.76 76.68 18.20
C LEU L 114 33.48 75.94 19.50
N GLN L 115 32.85 76.62 20.45
CA GLN L 115 32.68 76.04 21.78
C GLN L 115 31.39 76.54 22.42
N LYS L 116 30.97 75.83 23.45
CA LYS L 116 29.86 76.24 24.29
C LYS L 116 30.36 76.46 25.71
N UNK M 1 75.89 108.18 -0.74
CA UNK M 1 75.89 109.03 -1.93
C UNK M 1 76.55 110.37 -1.64
N UNK M 2 75.79 111.25 -0.96
CA UNK M 2 76.24 112.54 -0.45
C UNK M 2 76.70 113.49 -1.55
N UNK M 3 76.20 113.30 -2.76
CA UNK M 3 76.59 114.16 -3.88
C UNK M 3 75.49 114.08 -4.92
N UNK M 4 74.74 115.17 -5.10
CA UNK M 4 73.74 115.19 -6.16
C UNK M 4 74.40 115.34 -7.52
N UNK M 5 75.37 116.25 -7.64
CA UNK M 5 76.05 116.50 -8.91
C UNK M 5 77.51 116.12 -8.74
N UNK M 6 77.87 114.95 -9.24
CA UNK M 6 79.26 114.51 -9.17
C UNK M 6 80.08 115.35 -10.14
N UNK M 7 81.11 116.01 -9.60
CA UNK M 7 81.88 116.96 -10.39
C UNK M 7 82.72 116.22 -11.42
N UNK M 8 82.48 116.51 -12.68
CA UNK M 8 83.20 115.85 -13.77
C UNK M 8 84.40 116.72 -14.09
N UNK M 9 85.46 116.55 -13.28
CA UNK M 9 86.78 117.19 -13.44
C UNK M 9 86.74 118.72 -13.47
N UNK N 1 81.69 -6.86 82.57
CA UNK N 1 81.39 -6.69 81.15
C UNK N 1 82.66 -6.63 80.32
N UNK N 2 82.67 -5.76 79.31
CA UNK N 2 83.85 -5.56 78.49
C UNK N 2 84.91 -4.82 79.28
N UNK N 3 86.17 -5.20 79.07
CA UNK N 3 87.29 -4.63 79.81
C UNK N 3 87.60 -3.25 79.25
N UNK N 4 87.31 -2.21 80.04
CA UNK N 4 87.63 -0.85 79.62
C UNK N 4 89.12 -0.62 79.57
N UNK N 5 89.88 -1.24 80.48
CA UNK N 5 91.34 -1.10 80.47
C UNK N 5 91.95 -1.71 79.22
N UNK N 6 91.51 -2.92 78.86
CA UNK N 6 92.02 -3.55 77.64
C UNK N 6 91.50 -2.86 76.40
N UNK N 7 90.29 -2.30 76.45
CA UNK N 7 89.77 -1.52 75.32
C UNK N 7 90.58 -0.26 75.09
N UNK N 8 90.92 0.45 76.16
CA UNK N 8 91.75 1.65 76.04
C UNK N 8 93.16 1.29 75.60
N UNK N 9 93.69 0.16 76.08
CA UNK N 9 95.02 -0.30 75.65
C UNK N 9 95.04 -0.67 74.18
N UNK N 10 94.00 -1.33 73.69
CA UNK N 10 93.92 -1.67 72.28
C UNK N 10 93.73 -0.43 71.41
N UNK N 11 92.91 0.53 71.89
CA UNK N 11 92.74 1.78 71.16
C UNK N 11 94.04 2.57 71.08
N UNK N 12 94.80 2.61 72.18
CA UNK N 12 96.10 3.26 72.17
C UNK N 12 97.11 2.52 71.28
N UNK N 13 97.04 1.19 71.26
CA UNK N 13 97.93 0.41 70.39
C UNK N 13 97.63 0.65 68.92
N UNK N 14 96.34 0.75 68.58
CA UNK N 14 95.97 1.09 67.21
C UNK N 14 96.32 2.54 66.87
N UNK N 15 96.27 3.43 67.86
CA UNK N 15 96.68 4.81 67.64
C UNK N 15 98.19 4.89 67.39
N UNK N 16 98.98 4.28 68.27
CA UNK N 16 100.42 4.16 68.06
C UNK N 16 100.77 2.83 67.41
N UNK N 17 100.06 2.49 66.33
CA UNK N 17 100.52 1.41 65.48
C UNK N 17 101.79 1.82 64.73
N UNK N 18 101.80 3.04 64.19
CA UNK N 18 102.90 3.62 63.40
C UNK N 18 103.29 2.71 62.23
N UNK N 19 102.29 2.11 61.60
CA UNK N 19 102.49 1.09 60.57
C UNK N 19 101.97 1.64 59.26
N UNK N 20 102.84 2.36 58.54
CA UNK N 20 102.48 2.93 57.25
C UNK N 20 103.76 3.15 56.45
N UNK N 21 104.03 2.25 55.50
CA UNK N 21 105.16 2.36 54.59
C UNK N 21 104.67 2.25 53.16
N UNK N 22 105.09 3.20 52.32
CA UNK N 22 104.57 3.34 50.97
C UNK N 22 105.59 2.91 49.93
N UNK N 23 105.08 2.38 48.82
CA UNK N 23 105.88 2.02 47.66
C UNK N 23 105.18 2.53 46.40
N UNK N 24 105.95 3.14 45.50
CA UNK N 24 105.36 3.80 44.35
C UNK N 24 105.79 3.10 43.06
N UNK N 25 105.08 3.42 41.98
CA UNK N 25 105.38 2.85 40.67
C UNK N 25 104.86 3.81 39.60
N UNK N 26 105.73 4.15 38.66
CA UNK N 26 105.41 5.13 37.62
C UNK N 26 104.59 4.47 36.50
N UNK N 27 104.48 5.18 35.37
CA UNK N 27 103.60 4.74 34.29
C UNK N 27 104.17 3.57 33.50
N UNK N 28 105.49 3.48 33.37
CA UNK N 28 106.13 2.47 32.53
C UNK N 28 106.63 1.27 33.34
N UNK N 29 105.87 0.90 34.38
CA UNK N 29 106.14 -0.26 35.25
C UNK N 29 107.49 -0.18 35.94
N UNK N 30 107.96 1.03 36.24
CA UNK N 30 109.17 1.25 37.04
C UNK N 30 108.72 1.52 38.47
N UNK N 31 108.92 0.55 39.34
CA UNK N 31 108.51 0.66 40.73
C UNK N 31 109.71 0.93 41.62
N UNK N 32 109.43 1.42 42.82
CA UNK N 32 110.45 1.62 43.83
C UNK N 32 109.80 1.60 45.19
N UNK N 33 110.42 0.85 46.11
CA UNK N 33 110.05 0.84 47.51
C UNK N 33 111.23 1.34 48.32
N UNK N 34 111.00 2.33 49.16
CA UNK N 34 112.04 2.86 50.03
C UNK N 34 112.09 2.02 51.30
N UNK N 35 112.81 2.51 52.32
CA UNK N 35 112.89 1.79 53.57
C UNK N 35 111.58 1.91 54.34
N UNK N 36 111.43 1.05 55.34
CA UNK N 36 110.23 1.02 56.16
C UNK N 36 110.18 2.27 57.03
N UNK N 37 109.54 3.31 56.53
CA UNK N 37 109.45 4.59 57.22
C UNK N 37 108.37 4.54 58.28
N UNK N 38 108.69 5.11 59.46
CA UNK N 38 107.86 5.10 60.66
C UNK N 38 107.39 3.70 61.06
N UNK N 39 102.21 10.26 37.62
CA UNK N 39 101.15 9.48 38.23
C UNK N 39 101.70 8.19 38.84
N UNK N 40 102.06 8.24 40.12
CA UNK N 40 102.57 7.08 40.84
C UNK N 40 101.91 6.90 42.20
N UNK N 41 100.98 7.76 42.57
CA UNK N 41 100.39 7.77 43.91
C UNK N 41 99.38 6.64 44.03
N UNK N 42 99.84 5.52 44.56
CA UNK N 42 98.94 4.41 44.86
C UNK N 42 98.24 4.67 46.18
N UNK N 43 96.91 4.58 46.17
CA UNK N 43 96.16 4.69 47.41
C UNK N 43 96.34 3.47 48.29
N UNK N 44 96.71 2.33 47.70
CA UNK N 44 97.03 1.12 48.44
C UNK N 44 98.53 0.91 48.59
N UNK N 45 99.31 1.99 48.56
CA UNK N 45 100.75 1.87 48.72
C UNK N 45 101.16 1.52 50.14
N UNK N 46 100.28 1.77 51.12
CA UNK N 46 100.63 1.61 52.53
C UNK N 46 100.74 0.14 52.90
N UNK N 47 101.82 -0.22 53.60
CA UNK N 47 102.03 -1.56 54.11
C UNK N 47 102.41 -1.47 55.58
N UNK N 48 101.74 -2.28 56.39
CA UNK N 48 101.96 -2.26 57.84
C UNK N 48 103.28 -2.94 58.21
N LYS O 24 56.44 128.63 15.08
CA LYS O 24 55.07 128.81 15.55
C LYS O 24 54.54 127.57 16.25
N PHE O 25 55.00 126.41 15.78
CA PHE O 25 54.53 125.14 16.32
C PHE O 25 55.69 124.17 16.39
N LYS O 26 55.75 123.44 17.48
CA LYS O 26 56.74 122.39 17.68
C LYS O 26 56.02 121.16 18.19
N LYS O 27 56.27 120.05 17.56
CA LYS O 27 55.57 118.86 18.00
C LYS O 27 56.51 117.94 18.79
N PRO O 28 55.97 117.15 19.71
CA PRO O 28 56.79 116.13 20.36
C PRO O 28 57.07 115.00 19.40
N PRO O 29 58.02 114.12 19.73
CA PRO O 29 58.21 112.90 18.93
C PRO O 29 56.97 112.02 18.93
N ILE O 30 56.81 111.27 17.84
CA ILE O 30 55.56 110.56 17.60
C ILE O 30 55.42 109.39 18.56
N ASN O 31 56.40 108.49 18.57
CA ASN O 31 56.29 107.32 19.43
C ASN O 31 56.96 107.54 20.76
N ASN O 32 56.59 108.64 21.41
CA ASN O 32 57.03 108.88 22.76
C ASN O 32 56.38 107.87 23.69
N PRO O 33 57.11 107.33 24.63
CA PRO O 33 56.48 106.47 25.63
C PRO O 33 55.63 107.29 26.59
N SER O 34 54.42 107.64 26.17
CA SER O 34 53.55 108.43 27.04
C SER O 34 52.98 107.59 28.15
N ASP O 35 52.56 106.38 27.83
CA ASP O 35 51.92 105.53 28.82
C ASP O 35 52.96 104.94 29.77
N ASP O 36 52.54 104.76 31.01
CA ASP O 36 53.44 104.30 32.06
C ASP O 36 53.90 102.88 31.82
N ALA O 37 53.03 102.03 31.26
CA ALA O 37 53.44 100.68 30.90
C ALA O 37 54.52 100.71 29.82
N THR O 38 54.36 101.60 28.85
CA THR O 38 55.37 101.78 27.82
C THR O 38 56.66 102.29 28.42
N ILE O 39 56.56 103.17 29.41
CA ILE O 39 57.72 103.70 30.12
C ILE O 39 58.50 102.58 30.79
N LYS O 40 57.76 101.74 31.53
CA LYS O 40 58.38 100.64 32.24
C LYS O 40 59.00 99.64 31.28
N LEU O 41 58.31 99.37 30.18
CA LEU O 41 58.77 98.39 29.21
C LEU O 41 60.05 98.85 28.52
N ALA O 42 60.09 100.09 28.07
CA ALA O 42 61.25 100.60 27.36
C ALA O 42 62.45 100.71 28.30
N GLU O 43 62.20 101.07 29.56
CA GLU O 43 63.26 101.11 30.53
C GLU O 43 63.84 99.72 30.77
N ALA O 44 62.95 98.71 30.85
CA ALA O 44 63.41 97.33 31.00
C ALA O 44 64.24 96.88 29.82
N ALA O 45 63.84 97.29 28.62
CA ALA O 45 64.58 96.94 27.41
C ALA O 45 65.98 97.53 27.43
N VAL O 46 66.10 98.79 27.86
CA VAL O 46 67.41 99.43 27.93
C VAL O 46 68.31 98.69 28.92
N SER O 47 67.75 98.34 30.07
CA SER O 47 68.52 97.66 31.10
C SER O 47 69.02 96.30 30.63
N VAL O 48 68.14 95.53 30.00
CA VAL O 48 68.54 94.19 29.59
C VAL O 48 69.51 94.25 28.41
N SER O 49 69.41 95.30 27.58
CA SER O 49 70.35 95.44 26.47
C SER O 49 71.76 95.71 26.98
N ASP O 50 71.88 96.61 27.96
CA ASP O 50 73.21 96.89 28.49
C ASP O 50 73.77 95.71 29.26
N SER O 51 72.89 94.97 29.95
CA SER O 51 73.35 93.77 30.66
C SER O 51 73.87 92.70 29.71
N MET O 52 73.17 92.47 28.59
CA MET O 52 73.60 91.44 27.66
C MET O 52 74.89 91.83 26.95
N LEU O 53 75.02 93.11 26.59
CA LEU O 53 76.27 93.59 26.02
C LEU O 53 77.43 93.44 26.99
N GLU O 54 77.16 93.68 28.28
CA GLU O 54 78.18 93.50 29.30
C GLU O 54 78.64 92.05 29.39
N MET O 55 77.70 91.10 29.36
CA MET O 55 78.07 89.70 29.49
C MET O 55 78.87 89.22 28.28
N ALA O 56 78.47 89.67 27.08
CA ALA O 56 79.22 89.31 25.88
C ALA O 56 80.61 89.91 25.90
N LYS O 57 80.75 91.13 26.44
CA LYS O 57 82.06 91.75 26.55
C LYS O 57 82.95 90.99 27.52
N VAL O 58 82.41 90.56 28.65
CA VAL O 58 83.25 89.89 29.63
C VAL O 58 83.57 88.46 29.22
N GLU O 59 82.82 87.87 28.27
CA GLU O 59 83.18 86.54 27.83
C GLU O 59 83.94 86.53 26.51
N LYS O 60 83.98 87.63 25.78
CA LYS O 60 84.54 87.63 24.44
C LYS O 60 86.07 87.53 24.48
N VAL O 61 86.62 86.73 23.58
CA VAL O 61 88.06 86.55 23.47
C VAL O 61 88.58 87.37 22.30
N ILE O 62 89.59 88.19 22.56
CA ILE O 62 90.18 89.02 21.52
C ILE O 62 91.59 88.53 21.22
N THR O 63 92.23 89.16 20.24
CA THR O 63 93.61 88.83 19.91
C THR O 63 94.46 90.09 19.93
N PRO O 64 95.68 90.01 20.41
CA PRO O 64 96.55 91.18 20.39
C PRO O 64 97.08 91.44 19.00
N PRO O 65 97.19 92.71 18.59
CA PRO O 65 97.69 93.03 17.26
C PRO O 65 99.20 92.95 17.12
N SER O 66 99.91 92.52 18.16
CA SER O 66 101.32 92.21 18.06
C SER O 66 101.59 90.72 17.92
N LYS O 67 100.80 89.87 18.58
CA LYS O 67 100.95 88.43 18.47
C LYS O 67 100.02 87.83 17.43
N ASP O 68 99.44 88.67 16.57
CA ASP O 68 98.49 88.18 15.57
C ASP O 68 99.24 87.40 14.49
N ASN O 69 99.14 86.08 14.54
CA ASN O 69 99.80 85.21 13.57
C ASN O 69 99.05 85.31 12.25
N THR O 70 99.37 86.37 11.50
CA THR O 70 98.74 86.65 10.23
C THR O 70 99.81 87.06 9.24
N LEU O 71 99.53 86.84 7.96
CA LEU O 71 100.45 87.27 6.91
C LEU O 71 100.27 88.76 6.66
N THR O 72 101.36 89.51 6.75
CA THR O 72 101.29 90.92 6.43
C THR O 72 101.37 91.12 4.92
N ILE O 73 101.09 92.35 4.50
CA ILE O 73 101.13 92.69 3.08
C ILE O 73 102.58 92.72 2.60
N PRO O 74 102.92 91.99 1.54
CA PRO O 74 104.32 91.93 1.10
C PRO O 74 104.81 93.18 0.40
N ASN O 75 103.90 94.07 -0.03
CA ASN O 75 104.15 95.44 -0.54
C ASN O 75 105.22 95.51 -1.64
N ALA O 76 105.38 94.46 -2.42
CA ALA O 76 106.28 94.51 -3.56
C ALA O 76 105.62 95.28 -4.70
N TYR O 77 106.39 95.54 -5.76
CA TYR O 77 105.86 96.33 -6.86
C TYR O 77 104.89 95.54 -7.73
N ASN O 78 105.20 94.29 -8.03
CA ASN O 78 104.44 93.58 -9.05
C ASN O 78 103.12 93.05 -8.54
N LEU O 79 102.85 93.12 -7.25
CA LEU O 79 101.70 92.46 -6.67
C LEU O 79 100.42 93.28 -6.76
N GLN O 80 100.39 94.29 -7.61
CA GLN O 80 99.27 95.22 -7.67
C GLN O 80 98.59 95.17 -9.03
N ALA O 81 98.35 93.97 -9.52
CA ALA O 81 97.54 93.77 -10.70
C ALA O 81 96.14 93.36 -10.30
N ARG O 82 95.21 93.53 -11.23
CA ARG O 82 93.81 93.16 -11.02
C ARG O 82 93.51 91.84 -11.72
N ALA O 83 92.95 90.90 -10.99
CA ALA O 83 92.62 89.60 -11.53
C ALA O 83 91.23 89.20 -11.09
N SER O 84 90.52 88.51 -11.97
CA SER O 84 89.22 87.95 -11.66
C SER O 84 89.41 86.45 -11.50
N VAL O 85 89.40 85.98 -10.27
CA VAL O 85 89.82 84.63 -9.95
C VAL O 85 88.67 83.89 -9.27
N ASP O 86 88.31 82.74 -9.84
CA ASP O 86 87.41 81.80 -9.18
C ASP O 86 88.08 80.44 -9.08
N TRP O 87 88.11 79.89 -7.88
CA TRP O 87 88.69 78.59 -7.64
C TRP O 87 88.10 78.03 -6.36
N SER O 88 87.89 76.72 -6.35
CA SER O 88 87.51 76.05 -5.11
C SER O 88 88.06 74.63 -5.16
N GLY O 89 89.25 74.46 -4.60
CA GLY O 89 89.88 73.16 -4.60
C GLY O 89 91.23 73.17 -3.91
N PRO O 90 92.19 72.42 -4.44
CA PRO O 90 93.53 72.39 -3.87
C PRO O 90 94.24 73.71 -4.04
N ILE O 91 95.26 73.91 -3.20
CA ILE O 91 95.92 75.21 -3.12
C ILE O 91 97.25 75.23 -3.86
N GLU O 92 97.82 74.07 -4.17
CA GLU O 92 99.18 74.02 -4.71
C GLU O 92 99.24 74.56 -6.13
N GLU O 93 98.32 74.11 -6.97
CA GLU O 93 98.27 74.63 -8.34
C GLU O 93 97.88 76.10 -8.36
N LEU O 94 97.04 76.52 -7.42
CA LEU O 94 96.64 77.92 -7.37
C LEU O 94 97.80 78.82 -7.01
N THR O 95 98.59 78.44 -6.00
CA THR O 95 99.71 79.29 -5.63
C THR O 95 100.81 79.26 -6.68
N ALA O 96 101.02 78.12 -7.35
CA ALA O 96 102.00 78.09 -8.42
C ALA O 96 101.54 78.92 -9.61
N ARG O 97 100.23 78.91 -9.89
CA ARG O 97 99.72 79.67 -11.02
C ARG O 97 99.79 81.16 -10.77
N ILE O 98 99.49 81.59 -9.53
CA ILE O 98 99.58 83.01 -9.26
C ILE O 98 101.05 83.45 -9.18
N ALA O 99 101.95 82.55 -8.78
CA ALA O 99 103.37 82.88 -8.80
C ALA O 99 103.89 83.03 -10.23
N LYS O 100 103.43 82.15 -11.13
CA LYS O 100 103.81 82.29 -12.53
C LYS O 100 103.21 83.54 -13.14
N ALA O 101 102.01 83.91 -12.72
CA ALA O 101 101.44 85.18 -13.15
C ALA O 101 102.23 86.37 -12.60
N ALA O 102 102.87 86.20 -11.44
CA ALA O 102 103.66 87.26 -10.85
C ALA O 102 105.12 87.25 -11.30
N HIS O 103 105.53 86.25 -12.11
CA HIS O 103 106.92 86.03 -12.53
C HIS O 103 107.85 85.87 -11.34
N PHE O 104 107.39 85.14 -10.31
CA PHE O 104 108.21 84.86 -9.15
C PHE O 104 108.49 83.38 -9.11
N ARG O 105 109.66 83.03 -8.57
CA ARG O 105 109.94 81.63 -8.32
C ARG O 105 109.10 81.12 -7.16
N PHE O 106 108.96 79.80 -7.07
CA PHE O 106 108.07 79.21 -6.10
C PHE O 106 108.58 77.84 -5.69
N ARG O 107 108.51 77.56 -4.38
CA ARG O 107 108.87 76.23 -3.93
C ARG O 107 108.11 75.89 -2.65
N VAL O 108 108.27 74.63 -2.23
CA VAL O 108 107.51 74.06 -1.13
C VAL O 108 108.47 73.42 -0.14
N LEU O 109 108.18 73.57 1.15
CA LEU O 109 108.90 72.90 2.22
C LEU O 109 107.89 72.12 3.05
N GLY O 110 107.92 70.81 2.95
CA GLY O 110 107.01 69.96 3.68
C GLY O 110 106.49 68.86 2.79
N LYS O 111 105.52 68.13 3.31
CA LYS O 111 104.96 66.98 2.63
C LYS O 111 103.47 67.16 2.43
N SER O 112 102.99 66.78 1.26
CA SER O 112 101.57 66.83 1.00
C SER O 112 100.86 65.73 1.78
N PRO O 113 99.85 66.05 2.56
CA PRO O 113 99.12 65.01 3.28
C PRO O 113 98.20 64.22 2.37
N SER O 114 97.53 63.21 2.92
CA SER O 114 96.62 62.39 2.13
C SER O 114 95.39 63.18 1.73
N VAL O 115 94.74 63.84 2.69
CA VAL O 115 93.63 64.71 2.37
C VAL O 115 94.23 66.06 1.98
N PRO O 116 93.93 66.56 0.79
CA PRO O 116 94.53 67.82 0.36
C PRO O 116 93.90 69.02 1.08
N VAL O 117 94.70 70.08 1.20
CA VAL O 117 94.19 71.34 1.72
C VAL O 117 93.27 71.96 0.69
N LEU O 118 92.08 72.36 1.12
CA LEU O 118 91.05 72.84 0.22
C LEU O 118 90.69 74.27 0.57
N ILE O 119 90.40 75.07 -0.46
CA ILE O 119 90.06 76.48 -0.30
C ILE O 119 88.89 76.79 -1.21
N SER O 120 88.37 78.03 -1.09
CA SER O 120 87.24 78.46 -1.90
C SER O 120 87.27 79.99 -1.97
N ILE O 121 87.74 80.50 -3.11
CA ILE O 121 87.91 81.93 -3.31
C ILE O 121 87.31 82.31 -4.66
N SER O 122 86.37 83.25 -4.66
CA SER O 122 85.80 83.79 -5.88
C SER O 122 85.71 85.29 -5.75
N THR O 123 86.41 86.01 -6.62
CA THR O 123 86.34 87.46 -6.62
C THR O 123 86.67 87.98 -8.01
N LYS O 124 86.35 89.24 -8.22
CA LYS O 124 86.52 89.86 -9.52
C LYS O 124 87.69 90.83 -9.57
N ASP O 125 87.97 91.56 -8.48
CA ASP O 125 89.06 92.55 -8.50
C ASP O 125 89.54 92.77 -7.08
N GLU O 126 90.71 92.22 -6.75
CA GLU O 126 91.42 92.54 -5.52
C GLU O 126 92.90 92.57 -5.82
N SER O 127 93.69 92.82 -4.78
CA SER O 127 95.13 92.61 -4.89
C SER O 127 95.45 91.15 -4.74
N LEU O 128 96.39 90.68 -5.55
CA LEU O 128 96.85 89.31 -5.42
C LEU O 128 97.61 89.09 -4.13
N ALA O 129 98.22 90.14 -3.58
CA ALA O 129 98.92 90.01 -2.32
C ALA O 129 97.96 89.74 -1.16
N GLU O 130 96.89 90.52 -1.06
CA GLU O 130 95.90 90.22 -0.03
C GLU O 130 95.10 88.98 -0.38
N ILE O 131 95.06 88.58 -1.65
CA ILE O 131 94.52 87.27 -2.00
C ILE O 131 95.38 86.17 -1.39
N LEU O 132 96.70 86.31 -1.45
CA LEU O 132 97.58 85.34 -0.81
C LEU O 132 97.45 85.39 0.71
N ARG O 133 97.18 86.57 1.25
CA ARG O 133 96.87 86.68 2.66
C ARG O 133 95.62 85.91 3.02
N ASP O 134 94.60 85.99 2.16
CA ASP O 134 93.39 85.21 2.37
C ASP O 134 93.66 83.72 2.23
N ILE O 135 94.59 83.35 1.34
CA ILE O 135 95.00 81.95 1.23
C ILE O 135 95.56 81.46 2.55
N ASP O 136 96.43 82.27 3.16
CA ASP O 136 97.01 81.90 4.45
C ASP O 136 95.95 81.86 5.54
N TYR O 137 94.99 82.78 5.49
CA TYR O 137 93.96 82.82 6.52
C TYR O 137 93.02 81.62 6.42
N GLN O 138 92.66 81.22 5.20
CA GLN O 138 91.88 80.01 5.06
C GLN O 138 92.71 78.77 5.36
N ALA O 139 94.02 78.84 5.16
CA ALA O 139 94.88 77.73 5.51
C ALA O 139 94.91 77.51 7.02
N GLY O 140 95.10 78.58 7.78
CA GLY O 140 95.09 78.47 9.21
C GLY O 140 96.30 77.76 9.77
N LYS O 141 96.11 76.52 10.20
CA LYS O 141 97.13 75.82 10.96
C LYS O 141 98.14 75.09 10.07
N LYS O 142 97.64 74.17 9.24
CA LYS O 142 98.50 73.17 8.61
C LYS O 142 99.38 73.75 7.52
N ALA O 143 99.05 74.92 7.01
CA ALA O 143 99.82 75.53 5.93
C ALA O 143 100.16 76.96 6.30
N SER O 144 101.25 77.45 5.70
CA SER O 144 101.63 78.85 5.83
C SER O 144 102.48 79.21 4.61
N ILE O 145 102.70 80.51 4.44
CA ILE O 145 103.37 81.02 3.25
C ILE O 145 104.34 82.12 3.66
N HIS O 146 105.57 82.04 3.17
CA HIS O 146 106.49 83.17 3.23
C HIS O 146 106.78 83.68 1.83
N VAL O 147 107.21 84.93 1.76
CA VAL O 147 107.53 85.57 0.50
C VAL O 147 108.85 86.31 0.67
N TYR O 148 109.79 86.09 -0.24
CA TYR O 148 111.01 86.86 -0.24
C TYR O 148 111.00 87.80 -1.43
N PRO O 149 111.10 89.10 -1.21
CA PRO O 149 111.03 90.06 -2.32
C PRO O 149 112.38 90.34 -2.97
N ASN O 150 113.46 90.10 -2.24
CA ASN O 150 114.79 90.31 -2.79
C ASN O 150 115.08 89.27 -3.86
N SER O 151 115.15 88.01 -3.47
CA SER O 151 115.09 86.89 -4.41
C SER O 151 113.61 86.53 -4.51
N GLN O 152 112.99 86.92 -5.63
CA GLN O 152 111.55 87.02 -5.72
C GLN O 152 110.90 85.64 -5.75
N VAL O 153 110.58 85.13 -4.56
CA VAL O 153 110.18 83.74 -4.41
C VAL O 153 109.04 83.65 -3.40
N VAL O 154 108.21 82.63 -3.56
CA VAL O 154 107.15 82.32 -2.61
C VAL O 154 107.32 80.89 -2.13
N GLU O 155 107.28 80.72 -0.81
CA GLU O 155 107.57 79.46 -0.16
C GLU O 155 106.33 78.98 0.57
N LEU O 156 105.91 77.75 0.27
CA LEU O 156 104.76 77.13 0.92
C LEU O 156 105.24 76.18 2.00
N ARG O 157 105.03 76.54 3.25
CA ARG O 157 105.54 75.83 4.40
C ARG O 157 104.43 74.97 4.99
N TYR O 158 104.64 73.66 5.01
CA TYR O 158 103.69 72.75 5.63
C TYR O 158 103.99 72.61 7.11
N ALA O 159 103.03 72.04 7.84
CA ALA O 159 103.20 71.77 9.25
C ALA O 159 103.54 70.31 9.48
N LYS O 160 103.95 70.01 10.70
CA LYS O 160 104.32 68.65 11.07
C LYS O 160 103.11 67.87 11.55
N ILE P 208 104.93 100.79 41.92
CA ILE P 208 103.82 101.72 42.13
C ILE P 208 103.54 102.49 40.85
N ILE P 209 102.50 103.34 40.88
CA ILE P 209 102.11 104.13 39.73
C ILE P 209 102.12 105.61 40.12
N TYR P 210 101.90 106.45 39.12
CA TYR P 210 101.78 107.88 39.29
C TYR P 210 100.55 108.38 38.55
N TYR P 211 100.17 109.61 38.83
CA TYR P 211 99.06 110.24 38.12
C TYR P 211 99.40 111.69 37.80
N ILE P 212 98.75 112.21 36.77
CA ILE P 212 98.99 113.55 36.27
C ILE P 212 97.97 114.50 36.90
N GLN P 213 98.40 115.70 37.25
CA GLN P 213 97.51 116.68 37.84
C GLN P 213 97.29 117.88 36.92
N ALA P 214 98.35 118.56 36.51
CA ALA P 214 98.21 119.69 35.61
C ALA P 214 99.48 119.82 34.78
N VAL P 215 99.30 120.25 33.54
CA VAL P 215 100.38 120.27 32.56
C VAL P 215 100.47 121.66 31.94
N ILE P 216 101.64 122.29 32.10
CA ILE P 216 101.99 123.49 31.35
C ILE P 216 102.85 122.97 30.19
N PRO P 217 103.00 123.69 29.09
CA PRO P 217 103.97 123.23 28.09
C PRO P 217 105.39 123.32 28.60
N GLY P 218 105.95 122.17 28.94
CA GLY P 218 107.31 122.08 29.45
C GLY P 218 107.42 121.41 30.80
N ARG P 219 106.49 121.69 31.71
CA ARG P 219 106.55 121.17 33.07
C ARG P 219 105.22 120.53 33.43
N ALA P 220 105.25 119.68 34.44
CA ALA P 220 104.03 118.99 34.84
C ALA P 220 104.03 118.69 36.33
N TRP P 221 102.85 118.43 36.85
CA TRP P 221 102.63 118.11 38.26
C TRP P 221 102.19 116.67 38.36
N LEU P 222 102.81 115.91 39.25
CA LEU P 222 102.59 114.48 39.34
C LEU P 222 102.33 114.08 40.78
N ILE P 223 101.43 113.11 40.95
CA ILE P 223 101.12 112.52 42.25
C ILE P 223 101.30 111.01 42.15
N GLY P 224 102.09 110.45 43.05
CA GLY P 224 102.36 109.02 43.06
C GLY P 224 101.29 108.25 43.81
N SER P 225 101.57 106.95 43.97
CA SER P 225 100.64 106.06 44.65
C SER P 225 100.58 106.34 46.14
N ASN P 226 101.70 106.73 46.73
CA ASN P 226 101.77 106.99 48.16
C ASN P 226 101.44 108.44 48.52
N GLY P 227 100.90 109.21 47.57
CA GLY P 227 100.57 110.58 47.83
C GLY P 227 101.70 111.56 47.67
N SER P 228 102.87 111.10 47.24
CA SER P 228 104.00 112.00 47.05
C SER P 228 103.80 112.86 45.81
N THR P 229 104.30 114.09 45.88
CA THR P 229 104.14 115.07 44.81
C THR P 229 105.48 115.37 44.15
N LEU P 230 105.44 115.62 42.85
CA LEU P 230 106.61 116.06 42.11
C LEU P 230 106.21 117.08 41.07
N THR P 231 107.15 117.98 40.76
CA THR P 231 107.02 118.89 39.63
C THR P 231 108.19 118.61 38.70
N VAL P 232 107.89 118.29 37.45
CA VAL P 232 108.88 117.74 36.53
C VAL P 232 109.11 118.71 35.38
N ARG P 233 110.37 118.81 34.97
CA ARG P 233 110.83 119.69 33.91
C ARG P 233 110.60 119.02 32.56
N GLU P 234 111.19 119.58 31.50
CA GLU P 234 111.26 118.88 30.23
C GLU P 234 112.11 117.62 30.35
N GLY P 235 113.27 117.74 30.98
CA GLY P 235 114.10 116.58 31.28
C GLY P 235 114.14 116.34 32.77
N SER P 236 113.67 115.19 33.22
CA SER P 236 113.60 114.90 34.64
C SER P 236 113.86 113.42 34.86
N LYS P 237 114.16 113.07 36.11
CA LYS P 237 114.46 111.70 36.49
C LYS P 237 113.45 111.24 37.52
N ILE P 238 112.78 110.14 37.24
CA ILE P 238 111.84 109.53 38.17
C ILE P 238 112.29 108.09 38.43
N PRO P 239 112.57 107.73 39.68
CA PRO P 239 112.92 106.33 39.98
C PRO P 239 111.74 105.39 39.74
N GLY P 240 112.06 104.21 39.22
CA GLY P 240 111.06 103.29 38.75
C GLY P 240 110.63 103.50 37.32
N TYR P 241 110.92 104.67 36.75
CA TYR P 241 110.56 105.00 35.38
C TYR P 241 111.67 105.67 34.59
N GLY P 242 112.67 106.25 35.23
CA GLY P 242 113.85 106.72 34.52
C GLY P 242 113.72 108.16 34.06
N MET P 243 114.02 108.40 32.80
CA MET P 243 114.16 109.74 32.24
C MET P 243 113.02 110.02 31.26
N VAL P 244 112.37 111.16 31.45
CA VAL P 244 111.30 111.58 30.54
C VAL P 244 111.92 112.28 29.34
N LYS P 245 111.68 111.74 28.16
CA LYS P 245 112.23 112.34 26.95
C LYS P 245 111.41 113.51 26.47
N LEU P 246 110.09 113.38 26.45
CA LEU P 246 109.23 114.47 26.03
C LEU P 246 107.88 114.34 26.73
N ILE P 247 107.15 115.44 26.76
CA ILE P 247 105.82 115.48 27.33
C ILE P 247 104.85 115.95 26.27
N ASP P 248 103.58 115.97 26.63
CA ASP P 248 102.53 116.50 25.78
C ASP P 248 101.69 117.46 26.59
N SER P 249 101.31 118.57 25.96
CA SER P 249 100.39 119.52 26.60
C SER P 249 98.98 119.41 26.04
N LEU P 250 98.83 119.11 24.76
CA LEU P 250 97.50 118.86 24.21
C LEU P 250 96.92 117.57 24.78
N GLN P 251 97.76 116.55 24.93
CA GLN P 251 97.36 115.27 25.48
C GLN P 251 97.99 115.10 26.85
N GLY P 252 97.35 114.31 27.68
CA GLY P 252 97.89 114.02 28.99
C GLY P 252 98.73 112.76 28.98
N ARG P 253 99.80 112.75 28.20
CA ARG P 253 100.65 111.58 28.07
C ARG P 253 102.10 111.97 28.31
N ILE P 254 102.84 111.09 28.99
CA ILE P 254 104.24 111.34 29.31
C ILE P 254 105.06 110.20 28.71
N LEU P 255 106.04 110.55 27.89
CA LEU P 255 106.91 109.57 27.25
C LEU P 255 108.24 109.55 28.00
N THR P 256 108.61 108.39 28.51
CA THR P 256 109.82 108.27 29.33
C THR P 256 110.70 107.15 28.82
N SER P 257 111.84 107.00 29.48
CA SER P 257 112.85 106.03 29.07
C SER P 257 112.40 104.60 29.32
N SER P 258 111.52 104.38 30.30
CA SER P 258 111.02 103.04 30.56
C SER P 258 109.87 102.66 29.63
N GLY P 259 109.46 103.56 28.75
CA GLY P 259 108.49 103.21 27.74
C GLY P 259 107.05 103.23 28.19
N GLN P 260 106.78 103.66 29.42
CA GLN P 260 105.41 103.74 29.88
C GLN P 260 104.83 105.12 29.56
N VAL P 261 103.51 105.19 29.55
CA VAL P 261 102.79 106.43 29.29
C VAL P 261 101.84 106.68 30.45
N ILE P 262 101.93 107.86 31.04
CA ILE P 262 101.12 108.22 32.19
C ILE P 262 99.84 108.89 31.71
N LYS P 263 98.75 108.68 32.44
CA LYS P 263 97.45 109.24 32.10
C LYS P 263 96.79 109.87 33.32
N PHE P 264 95.52 110.23 33.19
CA PHE P 264 94.76 110.79 34.30
C PHE P 264 93.91 109.73 34.98
N SER P 265 93.19 110.14 36.01
CA SER P 265 92.34 109.25 36.77
C SER P 265 91.02 109.01 36.06
N GLN P 266 90.44 107.85 36.31
CA GLN P 266 89.17 107.48 35.70
C GLN P 266 88.13 107.18 36.76
N MET Q 23 56.47 124.94 -14.83
CA MET Q 23 57.39 124.69 -13.73
C MET Q 23 57.40 123.22 -13.36
N LYS Q 24 56.80 122.39 -14.21
CA LYS Q 24 56.76 120.96 -13.96
C LYS Q 24 58.13 120.34 -14.20
N PHE Q 25 58.44 119.30 -13.44
CA PHE Q 25 59.72 118.63 -13.54
C PHE Q 25 59.58 117.31 -14.29
N LYS Q 26 60.72 116.82 -14.77
CA LYS Q 26 60.72 115.64 -15.61
C LYS Q 26 62.10 115.02 -15.64
N LYS Q 27 62.15 113.70 -15.62
CA LYS Q 27 63.37 112.98 -15.86
C LYS Q 27 63.40 112.53 -17.32
N PRO Q 28 64.56 112.57 -17.97
CA PRO Q 28 64.62 112.62 -19.45
C PRO Q 28 64.08 111.39 -20.16
N PRO Q 29 64.64 110.16 -19.95
CA PRO Q 29 64.41 109.13 -20.98
C PRO Q 29 63.03 108.50 -20.87
N ILE Q 30 62.14 108.90 -21.76
CA ILE Q 30 60.79 108.35 -21.81
C ILE Q 30 60.59 107.73 -23.19
N ASN Q 31 60.09 106.51 -23.20
CA ASN Q 31 59.99 105.80 -24.48
C ASN Q 31 58.60 105.28 -24.70
N ASN Q 32 58.44 104.51 -25.78
CA ASN Q 32 57.20 103.80 -26.01
C ASN Q 32 57.05 102.69 -24.98
N PRO Q 33 55.82 102.38 -24.57
CA PRO Q 33 55.63 101.47 -23.44
C PRO Q 33 56.11 100.05 -23.70
N SER Q 34 56.59 99.41 -22.65
CA SER Q 34 57.27 98.14 -22.76
C SER Q 34 56.29 97.00 -22.54
N ASP Q 35 56.80 95.78 -22.47
CA ASP Q 35 55.97 94.63 -22.20
C ASP Q 35 56.75 93.60 -21.39
N ASP Q 36 56.04 92.98 -20.45
CA ASP Q 36 56.65 92.13 -19.43
C ASP Q 36 57.34 90.91 -20.01
N ALA Q 37 56.85 90.41 -21.14
CA ALA Q 37 57.52 89.29 -21.79
C ALA Q 37 58.92 89.68 -22.26
N THR Q 38 59.02 90.86 -22.86
CA THR Q 38 60.32 91.37 -23.26
C THR Q 38 61.19 91.69 -22.05
N ILE Q 39 60.55 92.08 -20.94
CA ILE Q 39 61.29 92.31 -19.69
C ILE Q 39 61.92 91.02 -19.20
N LYS Q 40 61.16 89.92 -19.24
CA LYS Q 40 61.68 88.62 -18.85
C LYS Q 40 62.81 88.19 -19.77
N LEU Q 41 62.66 88.46 -21.06
CA LEU Q 41 63.70 88.12 -22.04
C LEU Q 41 65.00 88.83 -21.73
N ALA Q 42 64.92 90.13 -21.47
CA ALA Q 42 66.11 90.91 -21.13
C ALA Q 42 66.72 90.46 -19.82
N GLU Q 43 65.86 90.11 -18.87
CA GLU Q 43 66.32 89.69 -17.56
C GLU Q 43 67.07 88.37 -17.63
N ALA Q 44 66.66 87.49 -18.54
CA ALA Q 44 67.49 86.30 -18.78
C ALA Q 44 68.76 86.65 -19.53
N ALA Q 45 68.64 87.60 -20.47
CA ALA Q 45 69.71 87.87 -21.42
C ALA Q 45 70.94 88.44 -20.73
N VAL Q 46 70.72 89.28 -19.72
CA VAL Q 46 71.85 89.91 -19.04
C VAL Q 46 72.71 88.85 -18.33
N SER Q 47 72.05 87.89 -17.67
CA SER Q 47 72.77 86.84 -16.97
C SER Q 47 73.52 85.92 -17.93
N VAL Q 48 72.87 85.59 -19.05
CA VAL Q 48 73.51 84.73 -20.04
C VAL Q 48 74.73 85.40 -20.64
N SER Q 49 74.61 86.69 -20.95
CA SER Q 49 75.71 87.44 -21.53
C SER Q 49 76.88 87.57 -20.56
N ASP Q 50 76.57 87.80 -19.29
CA ASP Q 50 77.62 87.89 -18.28
C ASP Q 50 78.34 86.57 -18.09
N SER Q 51 77.59 85.46 -18.09
CA SER Q 51 78.20 84.14 -17.92
C SER Q 51 79.10 83.80 -19.10
N MET Q 52 78.65 84.10 -20.31
CA MET Q 52 79.48 83.78 -21.46
C MET Q 52 80.68 84.71 -21.58
N LEU Q 53 80.55 85.94 -21.09
CA LEU Q 53 81.71 86.82 -21.02
C LEU Q 53 82.75 86.26 -20.05
N GLU Q 54 82.27 85.72 -18.92
CA GLU Q 54 83.18 85.08 -17.97
C GLU Q 54 83.89 83.88 -18.59
N MET Q 55 83.14 83.05 -19.32
CA MET Q 55 83.73 81.85 -19.92
C MET Q 55 84.75 82.22 -20.99
N ALA Q 56 84.45 83.20 -21.83
CA ALA Q 56 85.40 83.59 -22.85
C ALA Q 56 86.64 84.22 -22.26
N LYS Q 57 86.47 84.99 -21.17
CA LYS Q 57 87.61 85.62 -20.51
C LYS Q 57 88.55 84.57 -19.93
N VAL Q 58 87.98 83.58 -19.24
CA VAL Q 58 88.83 82.56 -18.63
C VAL Q 58 89.43 81.65 -19.69
N GLU Q 59 88.74 81.46 -20.83
CA GLU Q 59 89.27 80.64 -21.90
C GLU Q 59 90.48 81.29 -22.56
N LYS Q 60 90.34 82.57 -22.89
CA LYS Q 60 91.45 83.33 -23.48
C LYS Q 60 92.62 83.43 -22.52
N VAL Q 61 92.34 83.48 -21.22
CA VAL Q 61 93.41 83.46 -20.24
C VAL Q 61 94.14 82.12 -20.23
N ILE Q 62 93.37 81.01 -20.20
CA ILE Q 62 94.02 79.73 -19.91
C ILE Q 62 94.76 79.19 -21.13
N THR Q 63 94.30 79.46 -22.34
CA THR Q 63 95.08 79.00 -23.49
C THR Q 63 95.42 80.18 -24.39
N PRO Q 64 96.69 80.47 -24.61
CA PRO Q 64 97.07 81.56 -25.49
C PRO Q 64 97.07 81.11 -26.94
N PRO Q 65 96.87 82.02 -27.88
CA PRO Q 65 96.86 81.65 -29.29
C PRO Q 65 98.28 81.57 -29.84
N SER Q 66 98.37 81.28 -31.13
CA SER Q 66 99.64 81.26 -31.84
C SER Q 66 99.70 82.29 -32.95
N LYS Q 67 98.73 82.28 -33.86
CA LYS Q 67 98.75 83.16 -35.01
C LYS Q 67 97.31 83.57 -35.31
N ASP Q 68 97.10 84.12 -36.49
CA ASP Q 68 95.80 84.60 -36.94
C ASP Q 68 95.55 84.08 -38.34
N ASN Q 69 94.27 83.96 -38.69
CA ASN Q 69 93.91 83.52 -40.04
C ASN Q 69 94.21 84.55 -41.11
N THR Q 70 94.56 85.77 -40.72
CA THR Q 70 94.98 86.80 -41.66
C THR Q 70 96.29 86.47 -42.36
N LEU Q 71 97.09 85.55 -41.81
CA LEU Q 71 98.27 85.09 -42.52
C LEU Q 71 97.89 84.32 -43.78
N THR Q 72 97.03 83.31 -43.64
CA THR Q 72 96.64 82.54 -44.82
C THR Q 72 95.56 83.21 -45.63
N ILE Q 73 94.92 84.25 -45.10
CA ILE Q 73 93.95 84.99 -45.88
C ILE Q 73 94.47 86.41 -46.04
N PRO Q 74 95.17 86.70 -47.13
CA PRO Q 74 95.48 88.09 -47.45
C PRO Q 74 94.29 88.74 -48.16
N ASN Q 75 94.40 90.03 -48.35
CA ASN Q 75 93.47 90.76 -49.18
C ASN Q 75 94.24 91.43 -50.32
N ALA Q 76 93.52 91.78 -51.37
CA ALA Q 76 94.14 92.40 -52.51
C ALA Q 76 93.13 93.37 -53.11
N TYR Q 77 93.38 93.79 -54.35
CA TYR Q 77 92.43 94.68 -55.00
C TYR Q 77 91.19 93.91 -55.43
N ASN Q 78 90.21 94.66 -55.95
CA ASN Q 78 88.81 94.30 -56.17
C ASN Q 78 88.26 93.47 -55.03
N LEU Q 79 88.55 93.88 -53.80
CA LEU Q 79 88.07 93.21 -52.62
C LEU Q 79 87.60 94.21 -51.57
N GLN Q 80 87.59 95.49 -51.87
CA GLN Q 80 87.18 96.50 -50.92
C GLN Q 80 85.74 96.95 -51.14
N ALA Q 81 85.05 96.34 -52.11
CA ALA Q 81 83.64 96.60 -52.28
C ALA Q 81 82.88 96.12 -51.05
N ARG Q 82 81.86 96.85 -50.65
CA ARG Q 82 81.28 96.59 -49.35
C ARG Q 82 80.02 95.74 -49.47
N ALA Q 83 79.62 95.20 -48.32
CA ALA Q 83 78.45 94.34 -48.27
C ALA Q 83 77.78 94.47 -46.91
N SER Q 84 76.47 94.26 -46.91
CA SER Q 84 75.72 94.14 -45.67
C SER Q 84 74.75 92.99 -45.82
N VAL Q 85 74.80 92.04 -44.89
CA VAL Q 85 74.24 90.72 -45.12
C VAL Q 85 73.34 90.30 -43.98
N ASP Q 86 72.53 89.28 -44.26
CA ASP Q 86 71.82 88.51 -43.25
C ASP Q 86 71.54 87.14 -43.83
N TRP Q 87 72.06 86.09 -43.20
CA TRP Q 87 71.94 84.75 -43.74
C TRP Q 87 71.81 83.75 -42.61
N SER Q 88 70.92 82.78 -42.79
CA SER Q 88 70.67 81.79 -41.74
C SER Q 88 70.50 80.39 -42.32
N GLY Q 89 71.38 80.01 -43.25
CA GLY Q 89 71.26 78.71 -43.88
C GLY Q 89 72.59 77.99 -44.06
N PRO Q 90 72.70 77.22 -45.14
CA PRO Q 90 73.96 76.55 -45.45
C PRO Q 90 75.01 77.48 -46.02
N ILE Q 91 76.14 76.91 -46.43
CA ILE Q 91 77.34 77.69 -46.66
C ILE Q 91 77.68 77.86 -48.14
N GLU Q 92 77.35 76.88 -48.99
CA GLU Q 92 77.90 76.80 -50.33
C GLU Q 92 77.37 77.89 -51.23
N GLU Q 93 76.06 78.11 -51.22
CA GLU Q 93 75.47 79.11 -52.09
C GLU Q 93 75.83 80.51 -51.63
N LEU Q 94 76.03 80.71 -50.33
CA LEU Q 94 76.49 82.00 -49.84
C LEU Q 94 77.90 82.31 -50.31
N THR Q 95 78.78 81.31 -50.25
CA THR Q 95 80.13 81.49 -50.76
C THR Q 95 80.15 81.69 -52.26
N ALA Q 96 79.25 81.01 -52.97
CA ALA Q 96 79.18 81.19 -54.41
C ALA Q 96 78.68 82.58 -54.78
N ARG Q 97 77.72 83.10 -54.00
CA ARG Q 97 77.22 84.45 -54.25
C ARG Q 97 78.31 85.48 -54.03
N ILE Q 98 79.07 85.35 -52.94
CA ILE Q 98 80.11 86.33 -52.69
C ILE Q 98 81.26 86.17 -53.69
N ALA Q 99 81.51 84.96 -54.18
CA ALA Q 99 82.54 84.77 -55.19
C ALA Q 99 82.13 85.37 -56.53
N LYS Q 100 80.87 85.19 -56.91
CA LYS Q 100 80.36 85.76 -58.15
C LYS Q 100 80.37 87.28 -58.11
N ALA Q 101 80.13 87.86 -56.94
CA ALA Q 101 80.41 89.29 -56.79
C ALA Q 101 81.90 89.57 -56.91
N ALA Q 102 82.73 88.67 -56.42
CA ALA Q 102 84.16 88.93 -56.29
C ALA Q 102 84.92 88.76 -57.59
N HIS Q 103 84.29 88.22 -58.63
CA HIS Q 103 84.93 87.87 -59.92
C HIS Q 103 86.08 86.90 -59.71
N PHE Q 104 85.90 85.96 -58.79
CA PHE Q 104 86.90 84.95 -58.53
C PHE Q 104 86.34 83.58 -58.91
N ARG Q 105 87.24 82.69 -59.30
CA ARG Q 105 86.80 81.34 -59.57
C ARG Q 105 86.57 80.58 -58.27
N PHE Q 106 85.68 79.59 -58.33
CA PHE Q 106 85.21 78.90 -57.15
C PHE Q 106 85.72 77.46 -57.14
N ARG Q 107 86.08 76.97 -55.96
CA ARG Q 107 86.59 75.61 -55.88
C ARG Q 107 86.26 74.98 -54.54
N VAL Q 108 85.88 73.71 -54.57
CA VAL Q 108 85.49 72.95 -53.40
C VAL Q 108 86.38 71.72 -53.28
N LEU Q 109 86.76 71.39 -52.06
CA LEU Q 109 87.63 70.25 -51.81
C LEU Q 109 87.01 69.39 -50.72
N GLY Q 110 87.03 68.09 -50.94
CA GLY Q 110 86.41 67.17 -50.02
C GLY Q 110 84.97 66.91 -50.41
N LYS Q 111 84.28 66.23 -49.50
CA LYS Q 111 82.86 65.93 -49.65
C LYS Q 111 82.07 66.64 -48.58
N SER Q 112 80.89 67.10 -48.93
CA SER Q 112 80.00 67.66 -47.93
C SER Q 112 79.49 66.56 -47.03
N PRO Q 113 79.64 66.69 -45.71
CA PRO Q 113 79.14 65.66 -44.80
C PRO Q 113 77.62 65.67 -44.76
N SER Q 114 77.07 64.57 -44.25
CA SER Q 114 75.62 64.39 -44.26
C SER Q 114 74.92 65.40 -43.35
N VAL Q 115 75.45 65.63 -42.16
CA VAL Q 115 74.95 66.74 -41.36
C VAL Q 115 75.49 68.00 -42.01
N PRO Q 116 74.63 68.91 -42.44
CA PRO Q 116 75.12 70.11 -43.11
C PRO Q 116 75.74 71.07 -42.11
N VAL Q 117 76.51 72.00 -42.65
CA VAL Q 117 77.15 73.04 -41.86
C VAL Q 117 76.30 74.29 -41.98
N LEU Q 118 75.89 74.84 -40.83
CA LEU Q 118 74.94 75.94 -40.80
C LEU Q 118 75.57 77.15 -40.13
N ILE Q 119 75.35 78.33 -40.72
CA ILE Q 119 75.98 79.57 -40.30
C ILE Q 119 74.93 80.66 -40.23
N SER Q 120 74.90 81.39 -39.12
CA SER Q 120 74.09 82.59 -39.00
C SER Q 120 75.01 83.80 -38.91
N ILE Q 121 74.82 84.77 -39.78
CA ILE Q 121 75.59 86.01 -39.78
C ILE Q 121 74.62 87.17 -39.94
N SER Q 122 74.72 88.14 -39.02
CA SER Q 122 73.94 89.38 -39.10
C SER Q 122 74.92 90.53 -38.91
N THR Q 123 75.56 90.96 -39.99
CA THR Q 123 76.53 92.04 -39.96
C THR Q 123 76.17 93.06 -41.03
N LYS Q 124 76.93 94.15 -41.08
CA LYS Q 124 76.59 95.27 -41.96
C LYS Q 124 77.80 96.16 -42.18
N ASP Q 125 78.11 96.42 -43.45
CA ASP Q 125 79.16 97.35 -43.90
C ASP Q 125 80.53 96.94 -43.37
N GLU Q 126 81.03 95.83 -43.90
CA GLU Q 126 82.39 95.41 -43.64
C GLU Q 126 83.15 95.26 -44.96
N SER Q 127 84.34 94.69 -44.86
CA SER Q 127 85.16 94.34 -46.01
C SER Q 127 85.01 92.87 -46.33
N LEU Q 128 85.29 92.53 -47.59
CA LEU Q 128 85.12 91.16 -48.06
C LEU Q 128 86.06 90.21 -47.36
N ALA Q 129 87.30 90.63 -47.17
CA ALA Q 129 88.30 89.76 -46.54
C ALA Q 129 87.95 89.46 -45.10
N GLU Q 130 87.57 90.48 -44.35
CA GLU Q 130 87.22 90.26 -42.95
C GLU Q 130 85.90 89.53 -42.81
N ILE Q 131 84.98 89.74 -43.76
CA ILE Q 131 83.75 88.97 -43.78
C ILE Q 131 84.05 87.49 -43.98
N LEU Q 132 84.94 87.19 -44.92
CA LEU Q 132 85.30 85.80 -45.17
C LEU Q 132 86.08 85.20 -44.01
N ARG Q 133 86.89 86.01 -43.34
CA ARG Q 133 87.58 85.55 -42.14
C ARG Q 133 86.60 85.24 -41.02
N ASP Q 134 85.54 86.06 -40.91
CA ASP Q 134 84.48 85.78 -39.95
C ASP Q 134 83.76 84.49 -40.30
N ILE Q 135 83.56 84.24 -41.59
CA ILE Q 135 82.93 83.00 -42.04
C ILE Q 135 83.78 81.80 -41.64
N ASP Q 136 85.08 81.89 -41.84
CA ASP Q 136 85.96 80.78 -41.49
C ASP Q 136 86.03 80.58 -39.99
N TYR Q 137 86.02 81.68 -39.23
CA TYR Q 137 85.98 81.58 -37.78
C TYR Q 137 84.68 80.95 -37.32
N GLN Q 138 83.58 81.24 -38.02
CA GLN Q 138 82.31 80.59 -37.71
C GLN Q 138 82.36 79.11 -38.04
N ALA Q 139 83.10 78.76 -39.09
CA ALA Q 139 83.22 77.35 -39.47
C ALA Q 139 83.95 76.57 -38.40
N GLY Q 140 85.09 77.08 -37.95
CA GLY Q 140 85.82 76.40 -36.90
C GLY Q 140 86.44 75.12 -37.40
N LYS Q 141 86.17 74.02 -36.70
CA LYS Q 141 86.80 72.76 -37.07
C LYS Q 141 86.08 72.05 -38.22
N LYS Q 142 84.96 72.60 -38.69
CA LYS Q 142 84.22 71.92 -39.76
C LYS Q 142 84.88 72.07 -41.11
N ALA Q 143 85.35 73.27 -41.45
CA ALA Q 143 85.84 73.52 -42.80
C ALA Q 143 86.84 74.65 -42.76
N SER Q 144 87.58 74.80 -43.86
CA SER Q 144 88.61 75.82 -43.98
C SER Q 144 88.43 76.59 -45.28
N ILE Q 145 88.90 77.84 -45.25
CA ILE Q 145 88.70 78.81 -46.31
C ILE Q 145 90.07 79.30 -46.75
N HIS Q 146 90.32 79.35 -48.05
CA HIS Q 146 91.53 79.94 -48.57
C HIS Q 146 91.20 80.75 -49.80
N VAL Q 147 92.01 81.78 -50.05
CA VAL Q 147 91.86 82.62 -51.22
C VAL Q 147 93.24 82.88 -51.78
N TYR Q 148 93.42 82.59 -53.07
CA TYR Q 148 94.68 82.89 -53.71
C TYR Q 148 94.49 84.07 -54.64
N PRO Q 149 95.20 85.17 -54.42
CA PRO Q 149 94.99 86.39 -55.20
C PRO Q 149 95.63 86.29 -56.57
N ASN Q 150 96.70 85.52 -56.67
CA ASN Q 150 97.39 85.39 -57.95
C ASN Q 150 96.58 84.56 -58.93
N SER Q 151 95.96 83.49 -58.45
CA SER Q 151 95.10 82.71 -59.32
C SER Q 151 93.68 83.21 -59.33
N GLN Q 152 93.36 84.20 -58.49
CA GLN Q 152 92.02 84.80 -58.36
C GLN Q 152 90.98 83.74 -58.03
N VAL Q 153 91.28 82.92 -57.04
CA VAL Q 153 90.40 81.81 -56.71
C VAL Q 153 90.05 81.83 -55.23
N VAL Q 154 88.88 81.29 -54.92
CA VAL Q 154 88.48 81.00 -53.55
C VAL Q 154 88.20 79.52 -53.45
N GLU Q 155 88.87 78.88 -52.51
CA GLU Q 155 88.83 77.44 -52.35
C GLU Q 155 88.41 77.14 -50.93
N LEU Q 156 87.32 76.41 -50.78
CA LEU Q 156 86.99 75.88 -49.46
C LEU Q 156 87.35 74.41 -49.43
N ARG Q 157 87.67 73.93 -48.24
CA ARG Q 157 87.92 72.51 -48.05
C ARG Q 157 87.17 72.03 -46.82
N TYR Q 158 86.63 70.83 -46.89
CA TYR Q 158 85.92 70.30 -45.74
C TYR Q 158 86.93 69.74 -44.73
N ALA Q 159 86.41 69.25 -43.61
CA ALA Q 159 87.27 68.58 -42.64
C ALA Q 159 87.62 67.19 -43.16
N LYS Q 160 88.91 66.89 -43.19
CA LYS Q 160 89.35 65.53 -43.48
C LYS Q 160 89.14 64.71 -42.20
N ILE Q 161 87.93 64.21 -42.06
CA ILE Q 161 87.51 63.40 -40.93
C ILE Q 161 86.75 62.23 -41.53
N TYR Q 162 86.36 61.27 -40.67
CA TYR Q 162 85.62 60.05 -41.02
C TYR Q 162 86.43 59.15 -41.94
N UNK R 1 8.22 -86.17 75.48
CA UNK R 1 9.53 -86.46 74.91
C UNK R 1 10.62 -86.30 75.97
N UNK R 2 11.10 -85.07 76.12
CA UNK R 2 12.06 -84.77 77.18
C UNK R 2 11.37 -84.82 78.53
N UNK R 3 12.15 -85.14 79.57
CA UNK R 3 11.60 -85.32 80.90
C UNK R 3 11.39 -83.96 81.56
N UNK R 4 10.13 -83.56 81.71
CA UNK R 4 9.82 -82.28 82.32
C UNK R 4 10.11 -82.27 83.82
N UNK R 5 10.01 -83.43 84.48
CA UNK R 5 10.42 -83.53 85.88
C UNK R 5 11.93 -83.31 86.03
N UNK R 6 12.71 -83.88 85.11
CA UNK R 6 14.15 -83.61 85.10
C UNK R 6 14.44 -82.16 84.74
N UNK R 7 13.59 -81.54 83.92
CA UNK R 7 13.73 -80.11 83.62
C UNK R 7 13.48 -79.26 84.87
N UNK R 8 12.46 -79.62 85.66
CA UNK R 8 12.20 -78.92 86.90
C UNK R 8 13.31 -79.14 87.91
N UNK R 9 13.88 -80.35 87.93
CA UNK R 9 15.02 -80.64 88.82
C UNK R 9 16.27 -79.87 88.40
N UNK R 10 16.48 -79.71 87.08
CA UNK R 10 17.59 -78.89 86.60
C UNK R 10 17.36 -77.42 86.92
N UNK R 11 16.10 -76.96 86.84
CA UNK R 11 15.77 -75.60 87.24
C UNK R 11 16.02 -75.38 88.73
N UNK R 12 15.70 -76.37 89.55
CA UNK R 12 15.96 -76.29 90.98
C UNK R 12 17.46 -76.32 91.28
N UNK R 13 18.21 -77.10 90.51
CA UNK R 13 19.66 -77.14 90.68
C UNK R 13 20.30 -75.83 90.26
N UNK R 14 19.79 -75.22 89.19
CA UNK R 14 20.32 -73.95 88.73
C UNK R 14 19.84 -72.76 89.56
N UNK R 15 18.75 -72.93 90.31
CA UNK R 15 18.28 -71.87 91.19
C UNK R 15 19.27 -71.62 92.33
N UNK R 16 19.85 -72.69 92.86
CA UNK R 16 20.95 -72.60 93.81
C UNK R 16 22.13 -73.33 93.19
N UNK R 17 22.87 -72.61 92.34
CA UNK R 17 24.01 -73.22 91.65
C UNK R 17 25.22 -73.37 92.57
N UNK R 18 25.32 -72.50 93.58
CA UNK R 18 26.41 -72.48 94.56
C UNK R 18 27.78 -72.34 93.90
N UNK R 19 27.84 -71.54 92.83
CA UNK R 19 29.09 -71.34 92.10
C UNK R 19 29.05 -69.95 91.48
N UNK R 20 29.67 -68.98 92.16
CA UNK R 20 29.89 -67.64 91.63
C UNK R 20 31.01 -67.00 92.42
N UNK R 21 32.13 -66.72 91.76
CA UNK R 21 33.30 -66.12 92.41
C UNK R 21 33.39 -64.66 92.00
N UNK R 22 33.18 -63.77 92.96
CA UNK R 22 33.08 -62.34 92.69
C UNK R 22 34.41 -61.64 92.94
N UNK R 23 34.55 -60.49 92.28
CA UNK R 23 35.77 -59.69 92.38
C UNK R 23 35.40 -58.22 92.32
N UNK R 24 36.40 -57.38 92.61
CA UNK R 24 36.24 -55.94 92.54
C UNK R 24 37.61 -55.32 92.29
N UNK R 25 37.59 -54.08 91.82
CA UNK R 25 38.82 -53.38 91.49
C UNK R 25 38.74 -51.95 91.98
N UNK R 26 39.89 -51.36 92.23
CA UNK R 26 39.97 -49.98 92.68
C UNK R 26 40.20 -49.05 91.49
N UNK R 27 40.15 -47.75 91.75
CA UNK R 27 40.46 -46.77 90.72
C UNK R 27 41.95 -46.71 90.42
N UNK R 28 42.79 -47.15 91.36
CA UNK R 28 44.22 -47.31 91.13
C UNK R 28 44.60 -48.72 90.70
N UNK R 29 43.64 -49.46 90.12
CA UNK R 29 43.81 -50.82 89.59
C UNK R 29 44.33 -51.79 90.66
N UNK R 30 43.79 -51.67 91.88
CA UNK R 30 44.08 -52.61 92.94
C UNK R 30 42.97 -53.66 92.97
N UNK R 31 43.35 -54.93 92.78
CA UNK R 31 42.38 -55.99 92.62
C UNK R 31 42.03 -56.61 93.96
N UNK R 32 40.82 -57.17 94.06
CA UNK R 32 40.38 -57.87 95.25
C UNK R 32 39.30 -58.87 94.84
N UNK R 33 39.68 -60.14 94.75
CA UNK R 33 38.76 -61.22 94.40
C UNK R 33 38.46 -62.05 95.64
N UNK R 34 37.18 -62.27 95.91
CA UNK R 34 36.75 -62.91 97.14
C UNK R 34 36.51 -64.40 96.94
N UNK R 35 36.34 -65.10 98.06
CA UNK R 35 35.96 -66.51 98.01
C UNK R 35 34.49 -66.64 97.61
N UNK R 36 34.20 -67.70 96.85
CA UNK R 36 32.85 -67.91 96.35
C UNK R 36 31.90 -68.35 97.46
N UNK R 37 30.62 -68.07 97.26
CA UNK R 37 29.59 -68.39 98.24
C UNK R 37 28.30 -68.64 97.50
N UNK R 38 27.17 -68.55 98.22
CA UNK R 38 25.80 -68.75 97.72
C UNK R 38 25.60 -70.12 97.08
N UNK R 39 33.74 -47.15 89.75
CA UNK R 39 34.61 -48.19 89.24
C UNK R 39 35.02 -49.16 90.35
N UNK R 40 34.03 -49.76 91.00
CA UNK R 40 34.29 -50.75 92.05
C UNK R 40 34.28 -52.17 91.48
N UNK R 41 33.18 -52.55 90.83
CA UNK R 41 33.09 -53.87 90.22
C UNK R 41 32.20 -53.77 89.00
N UNK R 42 32.34 -54.74 88.11
CA UNK R 42 31.51 -54.83 86.91
C UNK R 42 30.55 -56.01 87.03
N UNK R 43 29.58 -56.04 86.11
CA UNK R 43 28.51 -57.03 86.15
C UNK R 43 29.01 -58.44 85.88
N UNK R 44 30.18 -58.59 85.26
CA UNK R 44 30.80 -59.90 85.09
C UNK R 44 31.78 -60.22 86.21
N UNK R 45 31.63 -59.58 87.38
CA UNK R 45 32.53 -59.81 88.50
C UNK R 45 32.37 -61.23 89.06
N UNK R 46 31.13 -61.69 89.20
CA UNK R 46 30.89 -63.05 89.68
C UNK R 46 31.20 -64.06 88.58
N UNK R 47 31.95 -65.11 88.93
CA UNK R 47 32.36 -66.13 87.98
C UNK R 47 32.05 -67.51 88.54
N UNK R 48 31.33 -68.32 87.77
CA UNK R 48 30.94 -69.66 88.21
C UNK R 48 32.12 -70.62 88.18
N ARG S 207 102.87 39.86 22.71
CA ARG S 207 102.62 38.97 21.58
C ARG S 207 101.35 38.15 21.81
N ILE S 208 101.35 36.90 21.35
CA ILE S 208 100.25 35.97 21.54
C ILE S 208 100.81 34.67 22.10
N ILE S 209 100.23 34.21 23.21
CA ILE S 209 100.75 33.05 23.94
C ILE S 209 99.83 31.86 23.69
N TYR S 210 100.42 30.72 23.37
CA TYR S 210 99.68 29.52 22.99
C TYR S 210 99.67 28.53 24.14
N TYR S 211 98.51 27.94 24.38
CA TYR S 211 98.35 26.82 25.30
C TYR S 211 98.26 25.53 24.49
N ILE S 212 97.91 24.43 25.16
CA ILE S 212 97.65 23.16 24.52
C ILE S 212 96.20 22.80 24.74
N GLN S 213 95.50 22.42 23.67
CA GLN S 213 94.10 22.06 23.72
C GLN S 213 93.85 20.59 23.41
N ALA S 214 94.53 20.05 22.41
CA ALA S 214 94.39 18.64 22.06
C ALA S 214 95.72 18.12 21.55
N VAL S 215 96.03 16.87 21.89
CA VAL S 215 97.28 16.25 21.47
C VAL S 215 97.03 14.81 21.07
N ILE S 216 97.55 14.42 19.92
CA ILE S 216 97.67 13.03 19.49
C ILE S 216 99.10 12.85 19.00
N PRO S 217 99.58 11.60 18.91
CA PRO S 217 100.89 11.39 18.28
C PRO S 217 100.87 11.75 16.80
N GLY S 218 101.53 12.86 16.47
CA GLY S 218 101.57 13.34 15.10
C GLY S 218 100.99 14.73 14.93
N ARG S 219 99.87 15.04 15.59
CA ARG S 219 99.21 16.33 15.44
C ARG S 219 98.96 16.95 16.81
N ALA S 220 99.09 18.27 16.88
CA ALA S 220 98.90 18.99 18.12
C ALA S 220 97.99 20.19 17.88
N TRP S 221 97.24 20.57 18.91
CA TRP S 221 96.30 21.67 18.83
C TRP S 221 96.67 22.74 19.85
N LEU S 222 96.93 23.95 19.37
CA LEU S 222 97.32 25.07 20.22
C LEU S 222 96.34 26.21 20.03
N ILE S 223 95.99 26.86 21.15
CA ILE S 223 95.07 27.98 21.17
C ILE S 223 95.84 29.19 21.68
N GLY S 224 95.83 30.27 20.89
CA GLY S 224 96.53 31.46 21.27
C GLY S 224 95.80 32.27 22.31
N SER S 225 96.40 33.41 22.67
CA SER S 225 95.83 34.23 23.72
C SER S 225 94.62 35.03 23.25
N ASN S 226 94.64 35.47 21.99
CA ASN S 226 93.63 36.42 21.51
C ASN S 226 92.42 35.76 20.88
N GLY S 227 92.37 34.44 20.80
CA GLY S 227 91.21 33.72 20.31
C GLY S 227 91.45 32.83 19.12
N SER S 228 92.50 33.06 18.35
CA SER S 228 92.80 32.21 17.21
C SER S 228 93.48 30.91 17.66
N THR S 229 93.60 29.97 16.74
CA THR S 229 94.18 28.67 17.05
C THR S 229 94.81 28.07 15.82
N LEU S 230 95.65 27.06 16.04
CA LEU S 230 96.26 26.30 14.97
C LEU S 230 96.44 24.85 15.41
N THR S 231 96.62 23.97 14.42
CA THR S 231 97.06 22.61 14.67
C THR S 231 98.31 22.35 13.83
N VAL S 232 99.27 21.67 14.43
CA VAL S 232 100.61 21.51 13.87
C VAL S 232 101.01 20.04 13.85
N ARG S 233 102.16 19.79 13.24
CA ARG S 233 102.80 18.49 13.24
C ARG S 233 104.21 18.65 13.77
N GLU S 234 105.05 17.62 13.60
CA GLU S 234 106.39 17.63 14.18
C GLU S 234 107.28 18.69 13.54
N GLY S 235 107.36 18.71 12.21
CA GLY S 235 108.12 19.75 11.57
C GLY S 235 107.26 20.98 11.36
N SER S 236 107.36 21.94 12.27
CA SER S 236 106.42 23.05 12.26
C SER S 236 107.07 24.32 12.81
N LYS S 237 106.95 25.41 12.08
CA LYS S 237 107.49 26.70 12.47
C LYS S 237 106.37 27.56 13.05
N ILE S 238 106.55 28.03 14.27
CA ILE S 238 105.56 28.84 14.97
C ILE S 238 106.22 30.15 15.36
N PRO S 239 105.65 31.30 14.96
CA PRO S 239 106.20 32.58 15.41
C PRO S 239 106.03 32.77 16.91
N GLY S 240 107.04 33.39 17.53
CA GLY S 240 107.06 33.60 18.96
C GLY S 240 107.69 32.50 19.77
N TYR S 241 107.84 31.32 19.20
CA TYR S 241 108.55 30.23 19.85
C TYR S 241 109.60 29.61 18.95
N GLY S 242 109.35 29.50 17.65
CA GLY S 242 110.34 28.98 16.74
C GLY S 242 109.88 27.76 15.98
N MET S 243 110.61 26.66 16.14
CA MET S 243 110.38 25.42 15.40
C MET S 243 110.12 24.29 16.38
N VAL S 244 109.12 23.46 16.08
CA VAL S 244 108.72 22.39 16.99
C VAL S 244 109.79 21.32 17.02
N LYS S 245 110.53 21.25 18.13
CA LYS S 245 111.62 20.28 18.25
C LYS S 245 111.07 18.87 18.41
N LEU S 246 110.08 18.69 19.29
CA LEU S 246 109.48 17.39 19.54
C LEU S 246 108.09 17.59 20.11
N ILE S 247 107.26 16.55 19.96
CA ILE S 247 105.93 16.52 20.54
C ILE S 247 105.90 15.41 21.58
N ASP S 248 105.59 15.78 22.81
CA ASP S 248 105.40 14.81 23.89
C ASP S 248 103.91 14.57 24.00
N SER S 249 103.44 13.44 23.43
CA SER S 249 102.04 13.09 23.54
C SER S 249 101.66 12.79 24.98
N LEU S 250 102.55 12.14 25.71
CA LEU S 250 102.37 11.97 27.14
C LEU S 250 102.70 13.27 27.86
N GLN S 251 102.01 13.50 28.98
CA GLN S 251 102.20 14.58 29.94
C GLN S 251 101.92 15.98 29.38
N GLY S 252 101.36 16.07 28.17
CA GLY S 252 100.81 17.32 27.64
C GLY S 252 101.75 18.49 27.47
N ARG S 253 102.90 18.29 26.84
CA ARG S 253 103.86 19.37 26.64
C ARG S 253 104.46 19.28 25.25
N ILE S 254 104.90 20.45 24.75
CA ILE S 254 105.39 20.59 23.38
C ILE S 254 106.77 21.24 23.41
N LEU S 255 107.74 20.61 22.75
CA LEU S 255 109.09 21.13 22.70
C LEU S 255 109.28 22.06 21.50
N THR S 256 110.23 22.99 21.66
CA THR S 256 110.54 23.96 20.62
C THR S 256 112.05 23.97 20.36
N SER S 257 112.43 24.47 19.19
CA SER S 257 113.85 24.54 18.81
C SER S 257 114.63 25.51 19.68
N SER S 258 114.03 26.63 20.05
CA SER S 258 114.67 27.61 20.92
C SER S 258 114.37 27.34 22.40
N GLY S 259 114.13 26.08 22.76
CA GLY S 259 114.04 25.67 24.14
C GLY S 259 112.71 25.90 24.83
N GLN S 260 111.71 26.39 24.12
CA GLN S 260 110.42 26.68 24.74
C GLN S 260 109.60 25.40 24.89
N VAL S 261 108.79 25.38 25.93
CA VAL S 261 107.89 24.27 26.22
C VAL S 261 106.47 24.82 26.32
N ILE S 262 105.65 24.49 25.34
CA ILE S 262 104.24 24.83 25.37
C ILE S 262 103.52 23.86 26.30
N LYS S 263 102.58 24.37 27.08
CA LYS S 263 101.92 23.61 28.12
C LYS S 263 100.46 24.02 28.17
N PHE S 264 99.67 23.21 28.88
CA PHE S 264 98.29 23.52 29.19
C PHE S 264 98.19 24.72 30.13
N SER S 265 96.99 25.25 30.25
CA SER S 265 96.74 26.32 31.21
C SER S 265 96.79 25.77 32.63
N GLN S 266 97.18 26.65 33.56
CA GLN S 266 97.11 26.29 34.97
C GLN S 266 95.66 26.25 35.44
N GLU S 267 94.78 27.01 34.80
CA GLU S 267 93.37 26.98 35.14
C GLU S 267 92.73 25.64 34.78
N ASP S 268 93.12 25.07 33.65
CA ASP S 268 92.66 23.74 33.23
C ASP S 268 93.87 22.81 33.21
N SER S 269 94.19 22.25 34.37
CA SER S 269 95.32 21.35 34.50
C SER S 269 94.85 19.93 34.83
N GLN T 791 108.83 -24.79 45.17
CA GLN T 791 109.69 -24.50 44.03
C GLN T 791 108.95 -24.75 42.73
N GLN T 792 108.00 -25.69 42.78
CA GLN T 792 107.26 -26.13 41.60
C GLN T 792 105.79 -25.78 41.66
N GLU T 793 105.40 -24.86 42.54
CA GLU T 793 104.01 -24.52 42.77
C GLU T 793 103.59 -23.23 42.08
N ILE T 794 104.44 -22.71 41.18
CA ILE T 794 104.29 -21.35 40.65
C ILE T 794 103.06 -21.25 39.77
N GLN T 795 102.79 -22.29 38.98
CA GLN T 795 101.74 -22.21 37.97
C GLN T 795 100.36 -22.28 38.61
N GLN T 796 100.18 -23.15 39.60
CA GLN T 796 98.93 -23.17 40.36
C GLN T 796 98.76 -21.91 41.17
N ARG T 797 99.87 -21.29 41.57
CA ARG T 797 99.83 -19.95 42.11
C ARG T 797 99.50 -18.93 41.03
N THR T 798 99.81 -19.23 39.77
CA THR T 798 99.58 -18.27 38.69
C THR T 798 98.19 -18.44 38.07
N SER T 799 97.76 -19.68 37.85
CA SER T 799 96.62 -19.92 36.98
C SER T 799 95.29 -19.57 37.64
N ASP T 800 95.23 -19.66 38.97
CA ASP T 800 93.99 -19.32 39.67
C ASP T 800 93.71 -17.82 39.60
N MET T 801 94.73 -17.00 39.83
CA MET T 801 94.54 -15.56 39.73
C MET T 801 94.59 -15.10 38.28
N LEU T 802 95.06 -15.96 37.38
CA LEU T 802 94.93 -15.70 35.95
C LEU T 802 93.48 -15.63 35.55
N THR T 803 92.66 -16.54 36.08
CA THR T 803 91.23 -16.53 35.81
C THR T 803 90.57 -15.29 36.40
N ALA T 804 90.97 -14.91 37.61
CA ALA T 804 90.42 -13.72 38.23
C ALA T 804 90.88 -12.45 37.51
N ALA T 805 92.07 -12.49 36.92
CA ALA T 805 92.54 -11.35 36.14
C ALA T 805 91.74 -11.20 34.85
N THR T 806 91.32 -12.31 34.26
CA THR T 806 90.49 -12.24 33.06
C THR T 806 89.10 -11.73 33.40
N GLN T 807 88.68 -11.89 34.66
CA GLN T 807 87.35 -11.48 35.05
C GLN T 807 87.18 -9.96 35.02
N LEU T 808 88.10 -9.24 35.67
CA LEU T 808 87.91 -7.81 35.85
C LEU T 808 88.22 -7.03 34.58
N VAL T 809 89.09 -7.55 33.71
CA VAL T 809 89.34 -6.85 32.46
C VAL T 809 88.11 -6.96 31.56
N GLN T 810 87.36 -8.06 31.65
CA GLN T 810 86.05 -8.15 31.02
C GLN T 810 85.08 -7.18 31.66
N ASP T 811 85.14 -7.06 33.00
CA ASP T 811 84.33 -6.07 33.71
C ASP T 811 84.72 -4.65 33.32
N TRP T 812 86.00 -4.42 33.08
CA TRP T 812 86.44 -3.12 32.61
C TRP T 812 86.30 -2.96 31.10
N LYS T 813 86.04 -4.05 30.38
CA LYS T 813 85.86 -3.92 28.94
C LYS T 813 84.53 -3.29 28.59
N GLN T 814 83.44 -3.75 29.21
CA GLN T 814 82.14 -3.28 28.79
C GLN T 814 81.82 -1.94 29.43
N VAL T 815 80.92 -1.21 28.79
CA VAL T 815 80.50 0.11 29.24
C VAL T 815 79.08 0.34 28.76
N GLU T 816 78.19 0.66 29.68
CA GLU T 816 76.80 0.88 29.31
C GLU T 816 76.63 2.23 28.62
N THR T 817 75.48 2.41 27.99
CA THR T 817 75.19 3.63 27.27
C THR T 817 74.38 4.57 28.14
N GLN T 818 74.02 5.71 27.56
CA GLN T 818 73.26 6.72 28.26
C GLN T 818 71.77 6.43 28.17
N VAL T 819 71.01 7.12 29.01
CA VAL T 819 69.55 7.05 28.98
C VAL T 819 69.00 8.47 28.96
N TYR T 820 67.80 8.59 28.43
CA TYR T 820 67.16 9.89 28.25
C TYR T 820 65.76 9.83 28.85
N THR T 821 65.31 10.97 29.35
CA THR T 821 63.98 11.07 29.93
C THR T 821 63.19 12.16 29.22
N GLU T 822 61.87 12.02 29.22
CA GLU T 822 60.96 13.04 28.73
C GLU T 822 59.86 13.25 29.74
N GLY T 823 59.64 14.50 30.15
CA GLY T 823 58.59 14.81 31.09
C GLY T 823 57.65 15.89 30.62
N THR T 824 56.39 15.54 30.41
CA THR T 824 55.38 16.52 29.98
C THR T 824 54.01 16.14 30.54
N ALA U 104 82.88 -37.06 82.27
CA ALA U 104 81.75 -37.77 81.68
C ALA U 104 80.64 -36.80 81.31
N GLU U 105 80.30 -35.94 82.27
CA GLU U 105 79.24 -34.96 82.05
C GLU U 105 79.66 -33.83 81.13
N VAL U 106 80.97 -33.60 80.96
CA VAL U 106 81.46 -32.54 80.10
C VAL U 106 81.49 -32.93 78.63
N ILE U 107 81.05 -34.16 78.31
CA ILE U 107 80.99 -34.62 76.92
C ILE U 107 80.00 -33.78 76.13
N ASP U 108 78.86 -33.47 76.75
CA ASP U 108 77.88 -32.58 76.13
C ASP U 108 78.41 -31.17 76.01
N LYS U 109 79.26 -30.75 76.95
CA LYS U 109 79.84 -29.41 76.89
C LYS U 109 80.82 -29.27 75.73
N LYS U 110 81.71 -30.26 75.58
CA LYS U 110 82.66 -30.24 74.47
C LYS U 110 81.95 -30.42 73.14
N ALA U 111 80.88 -31.21 73.13
CA ALA U 111 80.05 -31.34 71.93
C ALA U 111 79.39 -30.02 71.57
N PHE U 112 78.93 -29.27 72.58
CA PHE U 112 78.31 -27.97 72.30
C PHE U 112 79.33 -26.96 71.82
N LYS U 113 80.54 -27.00 72.37
CA LYS U 113 81.59 -26.06 71.96
C LYS U 113 82.04 -26.31 70.52
N ASP U 114 82.34 -27.57 70.19
CA ASP U 114 82.72 -27.85 68.82
C ASP U 114 81.52 -27.77 67.88
N MET U 115 80.30 -27.90 68.40
CA MET U 115 79.10 -27.62 67.62
C MET U 115 79.04 -26.14 67.24
N THR U 116 79.33 -25.27 68.19
CA THR U 116 79.36 -23.84 67.92
C THR U 116 80.43 -23.51 66.89
N ARG U 117 81.59 -24.18 66.99
CA ARG U 117 82.65 -23.97 66.02
C ARG U 117 82.26 -24.49 64.64
N ASN U 118 81.52 -25.61 64.59
CA ASN U 118 81.09 -26.13 63.29
C ASN U 118 80.01 -25.28 62.66
N LEU U 119 79.13 -24.70 63.47
CA LEU U 119 78.13 -23.77 62.94
C LEU U 119 78.80 -22.52 62.41
N TYR U 120 79.66 -21.91 63.21
CA TYR U 120 80.36 -20.69 62.83
C TYR U 120 81.84 -20.97 62.89
N PRO U 121 82.47 -21.35 61.78
CA PRO U 121 83.93 -21.42 61.73
C PRO U 121 84.60 -20.06 61.64
N LEU U 122 83.85 -18.97 61.58
CA LEU U 122 84.42 -17.62 61.47
C LEU U 122 84.04 -16.79 62.68
N ASN U 123 85.02 -16.15 63.29
CA ASN U 123 84.78 -15.19 64.35
C ASN U 123 84.34 -13.86 63.75
N PRO U 124 83.63 -13.04 64.54
CA PRO U 124 83.28 -11.68 64.07
C PRO U 124 84.48 -10.81 63.72
N GLU U 125 85.62 -11.01 64.36
CA GLU U 125 86.80 -10.22 64.04
C GLU U 125 87.31 -10.51 62.63
N GLN U 126 87.44 -11.79 62.29
CA GLN U 126 87.84 -12.15 60.93
C GLN U 126 86.74 -11.84 59.93
N VAL U 127 85.49 -11.85 60.38
CA VAL U 127 84.38 -11.39 59.54
C VAL U 127 84.56 -9.91 59.21
N VAL U 128 84.91 -9.10 60.20
CA VAL U 128 85.11 -7.67 60.02
C VAL U 128 86.30 -7.42 59.11
N LYS U 129 87.40 -8.14 59.32
CA LYS U 129 88.59 -7.96 58.50
C LYS U 129 88.35 -8.42 57.06
N LEU U 130 87.58 -9.49 56.88
CA LEU U 130 87.29 -9.98 55.54
C LEU U 130 86.37 -9.01 54.79
N LYS U 131 85.39 -8.45 55.49
CA LYS U 131 84.53 -7.44 54.90
C LYS U 131 85.33 -6.20 54.54
N GLN U 132 86.27 -5.83 55.41
CA GLN U 132 87.10 -4.65 55.20
C GLN U 132 88.04 -4.83 54.02
N ILE U 133 88.63 -6.02 53.87
CA ILE U 133 89.50 -6.24 52.71
C ILE U 133 88.68 -6.42 51.45
N TYR U 134 87.42 -6.84 51.57
CA TYR U 134 86.52 -6.85 50.41
C TYR U 134 86.28 -5.44 49.90
N GLU U 135 85.93 -4.51 50.80
CA GLU U 135 85.67 -3.16 50.32
C GLU U 135 86.95 -2.42 49.99
N THR U 136 88.08 -2.84 50.56
CA THR U 136 89.37 -2.33 50.12
C THR U 136 89.67 -2.75 48.68
N SER U 137 89.39 -4.01 48.35
CA SER U 137 89.54 -4.46 46.99
C SER U 137 88.57 -3.77 46.05
N GLU U 138 87.37 -3.46 46.54
CA GLU U 138 86.42 -2.69 45.75
C GLU U 138 86.93 -1.28 45.49
N TYR U 139 87.58 -0.68 46.49
CA TYR U 139 88.23 0.60 46.29
C TYR U 139 89.36 0.50 45.29
N ALA U 140 90.10 -0.60 45.34
CA ALA U 140 91.21 -0.83 44.42
C ALA U 140 90.74 -0.97 42.98
N LYS U 141 89.67 -1.71 42.78
CA LYS U 141 89.14 -1.85 41.42
C LYS U 141 88.38 -0.61 40.98
N ALA U 142 87.90 0.21 41.91
CA ALA U 142 87.17 1.41 41.58
C ALA U 142 88.06 2.63 41.47
N ALA U 143 89.36 2.47 41.73
CA ALA U 143 90.29 3.56 41.52
C ALA U 143 90.47 3.84 40.04
N THR U 144 90.97 5.04 39.74
CA THR U 144 91.13 5.48 38.37
C THR U 144 92.60 5.63 38.02
N PRO U 145 93.00 5.29 36.80
CA PRO U 145 94.40 5.47 36.39
C PRO U 145 94.72 6.94 36.15
N GLY U 146 95.95 7.33 36.52
CA GLY U 146 96.42 8.69 36.31
C GLY U 146 95.65 9.70 37.14
N THR U 147 95.50 10.89 36.59
CA THR U 147 94.60 11.80 37.26
C THR U 147 93.41 12.12 36.38
N PRO U 148 92.21 12.26 36.95
CA PRO U 148 91.03 12.54 36.15
C PRO U 148 91.09 13.94 35.56
N PRO U 149 90.43 14.17 34.43
CA PRO U 149 90.51 15.47 33.77
C PRO U 149 89.73 16.54 34.53
N LYS U 150 90.04 17.78 34.19
CA LYS U 150 89.37 18.92 34.80
C LYS U 150 87.98 19.08 34.20
N PRO U 151 86.93 19.09 35.01
CA PRO U 151 85.59 19.38 34.46
C PRO U 151 85.43 20.84 34.09
N THR U 152 85.43 21.13 32.79
CA THR U 152 85.42 22.51 32.30
C THR U 152 84.18 22.74 31.46
N ALA U 153 83.37 23.70 31.88
CA ALA U 153 82.22 24.18 31.11
C ALA U 153 82.65 25.50 30.48
N THR U 154 82.97 25.46 29.19
CA THR U 154 83.54 26.61 28.51
C THR U 154 82.74 26.95 27.26
N SER U 155 82.69 28.23 26.93
CA SER U 155 82.03 28.70 25.72
C SER U 155 83.08 28.92 24.64
N GLN U 156 82.71 28.67 23.39
CA GLN U 156 83.59 28.91 22.26
C GLN U 156 82.78 29.42 21.08
N PHE U 157 83.42 30.25 20.26
CA PHE U 157 82.81 30.82 19.08
C PHE U 157 83.37 30.14 17.85
N VAL U 158 82.49 29.51 17.06
CA VAL U 158 82.91 28.77 15.89
C VAL U 158 83.34 29.73 14.78
N ASN U 159 84.12 29.21 13.84
CA ASN U 159 84.60 29.99 12.72
C ASN U 159 84.05 29.41 11.43
N LEU U 160 83.41 30.26 10.63
CA LEU U 160 82.87 29.89 9.34
C LEU U 160 83.83 30.18 8.20
N SER U 161 85.11 30.33 8.49
CA SER U 161 86.09 30.65 7.48
C SER U 161 86.37 29.44 6.59
N PRO U 162 86.68 29.66 5.31
CA PRO U 162 87.00 28.55 4.42
C PRO U 162 88.44 28.06 4.50
N GLY U 163 89.20 28.46 5.52
CA GLY U 163 90.54 27.94 5.71
C GLY U 163 90.84 27.67 7.17
N SER U 164 89.87 27.94 8.03
CA SER U 164 90.07 27.82 9.47
C SER U 164 90.13 26.36 9.90
N THR U 165 90.79 26.14 11.02
CA THR U 165 90.76 24.81 11.63
C THR U 165 89.41 24.59 12.30
N PRO U 166 88.78 23.43 12.06
CA PRO U 166 87.53 23.13 12.74
C PRO U 166 87.78 22.90 14.23
N PRO U 167 86.81 23.22 15.08
CA PRO U 167 87.00 23.02 16.52
C PRO U 167 86.90 21.55 16.91
N VAL U 168 87.55 21.24 18.04
CA VAL U 168 87.55 19.91 18.60
C VAL U 168 86.86 19.95 19.96
N ILE U 169 86.41 18.78 20.40
CA ILE U 169 85.75 18.62 21.69
C ILE U 169 86.42 17.47 22.44
N ARG U 170 86.89 17.76 23.65
CA ARG U 170 87.51 16.74 24.50
C ARG U 170 86.42 16.02 25.31
N LEU U 171 86.52 14.70 25.36
CA LEU U 171 85.50 13.86 25.96
C LEU U 171 86.09 12.91 27.00
N SER U 172 85.22 12.40 27.85
CA SER U 172 85.56 11.38 28.83
C SER U 172 84.73 10.13 28.59
N GLN U 173 85.27 9.01 29.04
CA GLN U 173 84.73 7.68 28.76
C GLN U 173 83.37 7.51 29.44
N GLY U 174 82.31 7.50 28.65
CA GLY U 174 80.98 7.32 29.18
C GLY U 174 80.36 8.56 29.79
N PHE U 175 81.07 9.68 29.77
CA PHE U 175 80.57 10.91 30.35
C PHE U 175 80.00 11.79 29.25
N VAL U 176 78.70 12.05 29.32
CA VAL U 176 77.99 12.69 28.22
C VAL U 176 78.24 14.18 28.26
N SER U 177 78.78 14.71 27.17
CA SER U 177 78.96 16.14 27.04
C SER U 177 77.74 16.76 26.37
N SER U 178 77.52 18.03 26.67
CA SER U 178 76.39 18.78 26.15
C SER U 178 76.90 19.94 25.30
N LEU U 179 76.37 20.06 24.09
CA LEU U 179 76.66 21.17 23.19
C LEU U 179 75.34 21.88 22.90
N VAL U 180 75.27 23.15 23.25
CA VAL U 180 74.10 23.99 23.01
C VAL U 180 74.52 25.11 22.07
N PHE U 181 73.76 25.30 21.00
CA PHE U 181 74.18 26.14 19.89
C PHE U 181 73.37 27.44 19.85
N LEU U 182 74.08 28.56 19.77
CA LEU U 182 73.49 29.88 19.79
C LEU U 182 74.00 30.69 18.61
N ASP U 183 73.13 31.53 18.04
CA ASP U 183 73.48 32.31 16.87
C ASP U 183 74.27 33.56 17.21
N SER U 184 74.38 34.49 16.26
CA SER U 184 75.13 35.72 16.47
C SER U 184 74.52 36.57 17.58
N THR U 185 73.19 36.67 17.61
CA THR U 185 72.54 37.31 18.75
C THR U 185 72.59 36.44 20.00
N GLY U 186 72.81 35.14 19.84
CA GLY U 186 72.85 34.22 20.95
C GLY U 186 71.58 33.43 21.17
N ALA U 187 70.58 33.57 20.31
CA ALA U 187 69.35 32.81 20.46
C ALA U 187 69.61 31.33 20.16
N PRO U 188 68.96 30.41 20.88
CA PRO U 188 69.21 28.99 20.65
C PRO U 188 68.71 28.53 19.29
N TRP U 189 69.56 27.78 18.61
CA TRP U 189 69.30 27.40 17.23
C TRP U 189 68.55 26.08 17.20
N PRO U 190 67.36 26.01 16.60
CA PRO U 190 66.72 24.71 16.40
C PRO U 190 67.44 23.90 15.33
N ILE U 191 67.95 22.75 15.72
CA ILE U 191 68.80 21.95 14.85
C ILE U 191 67.94 21.19 13.85
N ALA U 192 68.39 21.15 12.59
CA ALA U 192 67.65 20.44 11.55
C ALA U 192 68.07 18.97 11.44
N ALA U 193 69.34 18.70 11.15
CA ALA U 193 69.75 17.33 10.87
C ALA U 193 71.21 17.16 11.22
N TYR U 194 71.66 15.91 11.29
CA TYR U 194 73.08 15.65 11.51
C TYR U 194 73.51 14.36 10.84
N ASP U 195 74.83 14.21 10.73
CA ASP U 195 75.48 13.08 10.11
C ASP U 195 76.64 12.68 11.01
N LEU U 196 76.65 11.42 11.44
CA LEU U 196 77.64 10.93 12.37
C LEU U 196 78.41 9.76 11.76
N GLY U 197 79.72 9.76 11.99
CA GLY U 197 80.57 8.65 11.61
C GLY U 197 81.03 7.93 12.87
N ASP U 198 81.31 6.64 12.72
CA ASP U 198 81.73 5.71 13.78
C ASP U 198 80.78 5.71 14.96
N PRO U 199 79.62 5.06 14.85
CA PRO U 199 78.68 5.07 15.98
C PRO U 199 79.11 4.22 17.15
N SER U 200 80.07 3.31 16.97
CA SER U 200 80.47 2.41 18.05
C SER U 200 81.31 3.07 19.12
N SER U 201 81.76 4.31 18.91
CA SER U 201 82.49 5.02 19.95
C SER U 201 81.68 6.14 20.59
N PHE U 202 80.71 6.70 19.88
CA PHE U 202 79.95 7.83 20.38
C PHE U 202 78.48 7.68 20.02
N ASN U 203 77.62 8.11 20.92
CA ASN U 203 76.17 8.01 20.73
C ASN U 203 75.52 9.33 21.12
N ILE U 204 74.52 9.73 20.35
CA ILE U 204 73.85 11.02 20.50
C ILE U 204 72.37 10.78 20.78
N GLN U 205 71.84 11.42 21.82
CA GLN U 205 70.42 11.40 22.15
C GLN U 205 69.82 12.73 21.70
N TRP U 206 69.46 12.84 20.43
CA TRP U 206 68.97 14.09 19.86
C TRP U 206 67.46 14.02 19.71
N ASP U 207 66.76 14.85 20.47
CA ASP U 207 65.33 15.00 20.29
C ASP U 207 65.07 15.81 19.02
N LYS U 208 63.84 15.68 18.50
CA LYS U 208 63.55 16.07 17.12
C LYS U 208 63.67 17.59 16.90
N THR U 209 63.18 18.38 17.85
CA THR U 209 63.26 19.83 17.74
C THR U 209 64.19 20.43 18.78
N SER U 210 65.07 19.62 19.35
CA SER U 210 65.95 20.09 20.41
C SER U 210 67.08 20.93 19.83
N ASN U 211 67.72 21.69 20.70
CA ASN U 211 68.87 22.50 20.34
C ASN U 211 70.16 22.00 20.97
N THR U 212 70.08 20.99 21.83
CA THR U 212 71.22 20.51 22.58
C THR U 212 71.58 19.10 22.14
N LEU U 213 72.83 18.90 21.78
CA LEU U 213 73.36 17.59 21.42
C LEU U 213 74.10 17.02 22.62
N MET U 214 73.68 15.85 23.07
CA MET U 214 74.28 15.20 24.22
C MET U 214 74.97 13.94 23.71
N ILE U 215 76.30 13.94 23.76
CA ILE U 215 77.10 12.89 23.14
C ILE U 215 77.90 12.18 24.21
N GLN U 216 77.80 10.85 24.23
CA GLN U 216 78.61 10.03 25.12
C GLN U 216 79.81 9.47 24.37
N ALA U 217 80.65 8.76 25.12
CA ALA U 217 81.85 8.15 24.57
C ALA U 217 81.93 6.68 24.96
N THR U 218 82.32 5.83 24.02
CA THR U 218 82.45 4.41 24.27
C THR U 218 83.88 3.90 24.21
N LYS U 219 84.69 4.41 23.30
CA LYS U 219 86.09 4.03 23.24
C LYS U 219 86.90 4.91 24.19
N LEU U 220 88.21 4.69 24.22
CA LEU U 220 89.10 5.41 25.11
C LEU U 220 89.87 6.53 24.41
N TYR U 221 90.41 6.25 23.23
CA TYR U 221 91.28 7.21 22.56
C TYR U 221 90.91 7.50 21.12
N ASN U 222 90.11 6.67 20.47
CA ASN U 222 89.82 6.84 19.05
C ASN U 222 88.84 7.99 18.84
N TYR U 223 89.19 8.87 17.92
CA TYR U 223 88.51 10.13 17.70
C TYR U 223 87.59 10.04 16.49
N GLY U 224 86.91 11.14 16.17
CA GLY U 224 86.04 11.11 15.01
C GLY U 224 85.62 12.49 14.55
N ASN U 225 84.91 12.51 13.43
CA ASN U 225 84.34 13.71 12.85
C ASN U 225 82.82 13.68 13.01
N LEU U 226 82.21 14.83 12.75
CA LEU U 226 80.76 14.95 12.82
C LEU U 226 80.34 16.09 11.93
N ALA U 227 79.11 16.02 11.42
CA ALA U 227 78.53 17.14 10.68
C ALA U 227 77.12 17.40 11.17
N VAL U 228 76.73 18.67 11.15
CA VAL U 228 75.38 19.10 11.50
C VAL U 228 74.92 20.07 10.43
N ARG U 229 73.73 19.80 9.88
CA ARG U 229 73.06 20.69 8.95
C ARG U 229 72.01 21.49 9.73
N LEU U 230 72.10 22.82 9.63
CA LEU U 230 71.31 23.70 10.45
C LEU U 230 69.95 23.96 9.81
N ARG U 231 69.14 24.79 10.47
CA ARG U 231 67.78 25.04 10.05
C ARG U 231 67.74 25.86 8.76
N GLY U 232 68.26 27.08 8.81
CA GLY U 232 68.23 27.95 7.65
C GLY U 232 69.61 28.10 7.02
N LEU U 233 70.64 27.77 7.79
CA LEU U 233 72.01 27.97 7.32
C LEU U 233 72.38 26.90 6.31
N ASN U 234 72.80 27.35 5.12
CA ASN U 234 73.07 26.42 4.03
C ASN U 234 74.38 25.69 4.25
N THR U 235 75.34 26.31 4.90
CA THR U 235 76.65 25.71 5.05
C THR U 235 76.65 24.71 6.19
N PRO U 236 77.06 23.47 5.97
CA PRO U 236 77.13 22.49 7.07
C PRO U 236 78.28 22.81 8.01
N VAL U 237 78.13 22.36 9.25
CA VAL U 237 79.12 22.59 10.29
C VAL U 237 79.74 21.26 10.66
N MET U 238 81.06 21.15 10.54
CA MET U 238 81.77 19.91 10.79
C MET U 238 82.72 20.11 11.95
N LEU U 239 82.68 19.19 12.91
CA LEU U 239 83.46 19.28 14.13
C LEU U 239 84.28 18.01 14.31
N THR U 240 85.28 18.09 15.18
CA THR U 240 86.04 16.91 15.55
C THR U 240 85.89 16.66 17.04
N LEU U 241 85.87 15.38 17.42
CA LEU U 241 85.74 15.00 18.81
C LEU U 241 86.81 13.99 19.16
N ILE U 242 87.54 14.25 20.25
CA ILE U 242 88.59 13.37 20.74
C ILE U 242 88.24 12.99 22.17
N PRO U 243 88.22 11.71 22.51
CA PRO U 243 88.08 11.31 23.91
C PRO U 243 89.42 11.33 24.64
N GLY U 244 89.32 11.48 25.96
CA GLY U 244 90.48 11.29 26.80
C GLY U 244 91.58 12.32 26.75
N GLN U 245 91.32 13.52 27.27
CA GLN U 245 92.35 14.52 27.44
C GLN U 245 92.40 14.94 28.91
N LYS U 246 93.19 15.98 29.19
CA LYS U 246 93.41 16.43 30.56
C LYS U 246 92.31 17.34 31.07
N ALA U 247 91.33 17.67 30.24
CA ALA U 247 90.20 18.48 30.67
C ALA U 247 88.98 18.08 29.87
N VAL U 248 87.96 17.57 30.55
CA VAL U 248 86.72 17.18 29.91
C VAL U 248 85.92 18.44 29.59
N ASP U 249 85.55 18.59 28.33
CA ASP U 249 84.68 19.69 27.93
C ASP U 249 83.27 19.40 28.40
N TYR U 250 82.93 19.89 29.59
CA TYR U 250 81.69 19.52 30.25
C TYR U 250 80.48 20.11 29.52
N ARG U 251 80.56 21.38 29.17
CA ARG U 251 79.42 22.06 28.55
C ARG U 251 79.95 23.11 27.59
N VAL U 252 79.53 23.03 26.33
CA VAL U 252 79.97 23.98 25.31
C VAL U 252 78.76 24.71 24.76
N ASP U 253 78.72 26.02 24.95
CA ASP U 253 77.73 26.88 24.32
C ASP U 253 78.40 27.46 23.07
N LEU U 254 78.24 26.75 21.95
CA LEU U 254 78.90 27.15 20.72
C LEU U 254 78.20 28.36 20.11
N ARG U 255 79.00 29.27 19.56
CA ARG U 255 78.51 30.50 18.94
C ARG U 255 78.66 30.38 17.44
N VAL U 256 77.55 30.23 16.74
CA VAL U 256 77.54 30.22 15.29
C VAL U 256 77.78 31.64 14.77
N GLN U 257 78.44 31.74 13.61
CA GLN U 257 78.74 33.05 13.05
C GLN U 257 77.49 33.77 12.55
N GLY U 258 76.50 33.04 12.08
CA GLY U 258 75.29 33.66 11.61
C GLY U 258 74.34 34.01 12.75
N TYR U 259 73.33 34.80 12.41
CA TYR U 259 72.23 35.11 13.32
C TYR U 259 70.98 34.38 12.85
N GLY U 260 70.16 33.97 13.81
CA GLY U 260 69.10 33.03 13.55
C GLY U 260 67.82 33.63 13.06
N PRO U 261 66.89 32.77 12.63
CA PRO U 261 65.51 33.23 12.40
C PRO U 261 64.78 33.57 13.68
N ASN U 262 65.25 33.08 14.82
CA ASN U 262 64.70 33.39 16.13
C ASN U 262 65.44 34.54 16.81
N ALA U 263 65.96 35.48 16.04
CA ALA U 263 66.84 36.52 16.56
C ALA U 263 66.06 37.51 17.43
N LYS U 264 66.61 37.81 18.61
CA LYS U 264 65.99 38.73 19.55
C LYS U 264 66.49 40.16 19.41
N SER U 265 67.51 40.39 18.59
CA SER U 265 68.07 41.72 18.47
C SER U 265 68.64 41.91 17.07
N MET U 266 68.78 43.18 16.69
CA MET U 266 69.38 43.55 15.43
C MET U 266 70.50 44.55 15.67
N PRO U 267 71.63 44.41 15.00
CA PRO U 267 72.72 45.39 15.18
C PRO U 267 72.34 46.77 14.65
N THR U 268 72.88 47.78 15.31
CA THR U 268 72.54 49.17 15.00
C THR U 268 73.25 49.59 13.73
N GLU U 269 72.59 49.42 12.60
CA GLU U 269 73.12 49.84 11.32
C GLU U 269 72.75 51.30 11.08
N GLU U 270 73.76 52.13 10.86
CA GLU U 270 73.58 53.53 10.51
C GLU U 270 74.59 53.87 9.44
N GLY U 271 74.75 55.16 9.16
CA GLY U 271 75.72 55.56 8.17
C GLY U 271 75.86 57.06 8.13
N ILE U 272 76.50 57.53 7.07
CA ILE U 272 76.65 58.97 6.85
C ILE U 272 75.27 59.54 6.53
N PRO U 273 74.88 60.65 7.15
CA PRO U 273 73.63 61.30 6.77
C PRO U 273 73.71 61.82 5.34
N PRO U 274 72.60 61.82 4.62
CA PRO U 274 72.64 62.13 3.19
C PRO U 274 72.92 63.59 2.92
N SER U 275 73.39 63.85 1.70
CA SER U 275 73.99 65.16 1.39
C SER U 275 72.93 66.23 1.17
N ALA U 276 72.14 66.09 0.11
CA ALA U 276 71.19 67.12 -0.28
C ALA U 276 70.19 66.49 -1.24
N ASN U 277 69.20 67.28 -1.64
CA ASN U 277 68.20 66.84 -2.59
C ASN U 277 68.40 67.57 -3.90
N ASP U 278 68.41 66.83 -4.99
CA ASP U 278 68.80 67.36 -6.29
C ASP U 278 67.72 68.23 -6.89
N LEU U 279 66.50 68.17 -6.36
CA LEU U 279 65.43 69.03 -6.85
C LEU U 279 65.70 70.49 -6.51
N LEU U 280 66.45 70.72 -5.43
CA LEU U 280 66.83 72.06 -5.02
C LEU U 280 67.67 72.75 -6.09
N LEU U 281 68.42 71.98 -6.87
CA LEU U 281 69.17 72.55 -7.98
C LEU U 281 68.24 73.11 -9.04
N HIS U 282 67.17 72.38 -9.36
CA HIS U 282 66.19 72.87 -10.31
C HIS U 282 65.46 74.09 -9.76
N VAL U 283 65.22 74.10 -8.45
CA VAL U 283 64.61 75.27 -7.82
C VAL U 283 65.52 76.48 -7.91
N LEU U 284 66.83 76.25 -7.77
CA LEU U 284 67.81 77.31 -7.99
C LEU U 284 67.76 77.79 -9.43
N GLU U 285 67.55 76.89 -10.36
CA GLU U 285 67.44 77.28 -11.74
C GLU U 285 66.08 77.84 -12.11
N GLY U 286 65.11 77.80 -11.19
CA GLY U 286 63.79 78.31 -11.48
C GLY U 286 62.86 77.31 -12.11
N VAL U 287 63.35 76.13 -12.46
CA VAL U 287 62.48 75.08 -12.99
C VAL U 287 61.78 74.40 -11.83
N PRO U 288 60.45 74.31 -11.85
CA PRO U 288 59.76 73.54 -10.83
C PRO U 288 60.09 72.07 -10.97
N PRO U 289 60.13 71.33 -9.87
CA PRO U 289 60.35 69.90 -9.97
C PRO U 289 59.14 69.22 -10.57
N PRO U 290 59.32 68.08 -11.24
CA PRO U 290 58.18 67.43 -11.90
C PRO U 290 57.22 66.85 -10.89
N GLY U 291 55.93 66.98 -11.19
CA GLY U 291 54.90 66.58 -10.26
C GLY U 291 54.53 67.60 -9.22
N SER U 292 55.22 68.74 -9.17
CA SER U 292 54.86 69.76 -8.21
C SER U 292 53.71 70.61 -8.75
N ARG U 293 53.14 71.44 -7.87
CA ARG U 293 52.04 72.30 -8.22
C ARG U 293 52.30 73.69 -7.69
N ARG U 294 51.72 74.69 -8.35
CA ARG U 294 52.07 76.07 -8.11
C ARG U 294 51.50 76.58 -6.80
N LEU U 295 52.04 77.71 -6.35
CA LEU U 295 51.65 78.36 -5.12
C LEU U 295 51.47 79.85 -5.38
N VAL U 296 50.72 80.49 -4.51
CA VAL U 296 50.45 81.92 -4.63
C VAL U 296 51.20 82.62 -3.51
N VAL U 297 52.18 83.44 -3.89
CA VAL U 297 52.98 84.20 -2.95
C VAL U 297 52.77 85.68 -3.22
N SER U 298 52.53 86.45 -2.17
CA SER U 298 52.37 87.89 -2.32
C SER U 298 53.12 88.58 -1.20
N GLY U 299 53.67 89.76 -1.52
CA GLY U 299 54.32 90.62 -0.54
C GLY U 299 55.74 90.98 -0.89
N GLY U 300 56.44 90.10 -1.62
CA GLY U 300 57.85 90.33 -1.88
C GLY U 300 58.31 89.90 -3.25
N ASP U 301 59.38 89.10 -3.31
CA ASP U 301 59.92 88.59 -4.56
C ASP U 301 60.41 87.17 -4.33
N ALA U 302 59.56 86.20 -4.63
CA ALA U 302 59.91 84.79 -4.48
C ALA U 302 59.00 83.96 -5.36
N ARG U 303 59.41 82.72 -5.59
CA ARG U 303 58.56 81.74 -6.23
C ARG U 303 58.57 80.49 -5.36
N ALA U 304 57.47 79.73 -5.39
CA ALA U 304 57.37 78.59 -4.49
C ALA U 304 56.55 77.48 -5.13
N TRP U 305 56.79 76.26 -4.65
CA TRP U 305 56.15 75.06 -5.17
C TRP U 305 55.94 74.06 -4.04
N LEU U 306 55.05 73.11 -4.31
CA LEU U 306 54.72 72.04 -3.39
C LEU U 306 54.72 70.73 -4.16
N SER U 307 55.57 69.79 -3.75
CA SER U 307 55.67 68.51 -4.44
C SER U 307 55.40 67.32 -3.53
N ASN U 308 56.04 67.27 -2.37
CA ASN U 308 56.03 66.11 -1.50
C ASN U 308 55.76 66.53 -0.08
N GLU U 309 54.66 67.28 0.10
CA GLU U 309 54.20 67.98 1.31
C GLU U 309 55.32 68.74 2.00
N LYS U 310 56.23 69.31 1.20
CA LYS U 310 57.30 70.16 1.68
C LYS U 310 57.35 71.40 0.79
N MET U 311 57.42 72.57 1.39
CA MET U 311 57.48 73.81 0.61
C MET U 311 58.87 74.00 0.04
N TYR U 312 58.93 74.39 -1.23
CA TYR U 312 60.19 74.69 -1.90
C TYR U 312 60.10 76.12 -2.40
N VAL U 313 61.10 76.93 -2.10
CA VAL U 313 61.01 78.36 -2.37
C VAL U 313 62.34 78.85 -2.93
N ARG U 314 62.28 79.59 -4.03
CA ARG U 314 63.41 80.32 -4.57
C ARG U 314 63.20 81.80 -4.28
N THR U 315 64.23 82.43 -3.73
CA THR U 315 64.20 83.87 -3.51
C THR U 315 65.63 84.38 -3.45
N ASN U 316 65.79 85.60 -2.97
CA ASN U 316 67.14 86.13 -2.75
C ASN U 316 67.21 86.90 -1.45
N LEU U 317 66.26 86.69 -0.56
CA LEU U 317 66.27 87.33 0.74
C LEU U 317 66.75 86.31 1.76
N THR U 318 66.67 86.67 3.04
CA THR U 318 67.13 85.79 4.11
C THR U 318 65.93 85.44 5.00
N ILE U 319 65.40 84.25 4.81
CA ILE U 319 64.19 83.84 5.53
C ILE U 319 64.57 83.44 6.95
N LEU U 320 63.76 83.86 7.92
CA LEU U 320 64.09 83.75 9.33
C LEU U 320 63.22 82.74 10.08
N SER U 321 61.90 82.92 10.08
CA SER U 321 61.17 82.37 11.21
C SER U 321 60.92 80.87 11.22
N PRO U 322 60.21 80.27 10.27
CA PRO U 322 59.56 78.99 10.57
C PRO U 322 60.48 77.79 10.51
N GLY U 323 61.78 78.00 10.30
CA GLY U 323 62.75 76.93 10.38
C GLY U 323 62.86 76.28 9.02
N TRP U 324 63.99 76.43 8.36
CA TRP U 324 64.12 75.84 7.04
C TRP U 324 64.97 74.59 7.13
N LEU U 325 64.51 73.55 6.44
CA LEU U 325 65.14 72.24 6.57
C LEU U 325 66.46 72.20 5.84
N ALA U 326 66.52 72.73 4.62
CA ALA U 326 67.79 72.75 3.90
C ALA U 326 67.82 73.94 2.95
N SER U 327 69.02 74.33 2.55
CA SER U 327 69.16 75.47 1.66
C SER U 327 70.44 75.39 0.86
N MET U 328 70.49 76.21 -0.17
CA MET U 328 71.67 76.33 -1.02
C MET U 328 71.67 77.72 -1.64
N THR U 329 72.81 78.08 -2.23
CA THR U 329 72.96 79.39 -2.83
C THR U 329 73.63 79.28 -4.19
N SER U 330 73.31 80.23 -5.06
CA SER U 330 73.95 80.34 -6.37
C SER U 330 75.33 80.96 -6.23
N ALA U 331 75.90 81.35 -7.35
CA ALA U 331 77.13 82.13 -7.33
C ALA U 331 76.87 83.62 -7.35
N ASP U 332 75.61 84.03 -7.19
CA ASP U 332 75.22 85.42 -7.42
C ASP U 332 74.24 85.95 -6.37
N GLY U 333 74.02 85.23 -5.28
CA GLY U 333 73.17 85.71 -4.22
C GLY U 333 71.75 85.24 -4.24
N THR U 334 71.41 84.28 -5.10
CA THR U 334 70.07 83.72 -5.13
C THR U 334 70.03 82.51 -4.21
N HIS U 335 69.11 82.52 -3.27
CA HIS U 335 69.00 81.50 -2.25
C HIS U 335 67.82 80.58 -2.53
N ALA U 336 68.00 79.31 -2.19
CA ALA U 336 66.99 78.29 -2.41
C ALA U 336 66.76 77.54 -1.10
N TYR U 337 65.51 77.47 -0.68
CA TYR U 337 65.15 76.89 0.60
C TYR U 337 64.12 75.81 0.43
N GLU U 338 64.19 74.80 1.27
CA GLU U 338 63.10 73.85 1.38
C GLU U 338 62.82 73.55 2.84
N MET U 339 61.53 73.47 3.16
CA MET U 339 61.09 73.53 4.54
C MET U 339 59.68 72.96 4.65
N GLN U 340 59.07 73.13 5.83
CA GLN U 340 57.74 72.63 6.11
C GLN U 340 56.69 73.49 5.41
N LYS U 341 55.44 73.10 5.56
CA LYS U 341 54.33 73.88 5.03
C LYS U 341 53.92 74.93 6.04
N SER U 342 53.80 76.17 5.58
CA SER U 342 53.35 77.27 6.40
C SER U 342 52.71 78.28 5.47
N PRO U 343 51.62 78.91 5.86
CA PRO U 343 51.05 79.97 5.04
C PRO U 343 51.80 81.28 5.12
N VAL U 344 52.82 81.38 5.97
CA VAL U 344 53.42 82.66 6.31
C VAL U 344 54.93 82.50 6.33
N LEU U 345 55.63 83.44 5.70
CA LEU U 345 57.08 83.53 5.82
C LEU U 345 57.47 84.86 6.46
N LEU U 346 58.69 84.92 6.98
CA LEU U 346 59.18 86.10 7.68
C LEU U 346 60.63 86.33 7.33
N VAL U 347 60.91 87.35 6.54
CA VAL U 347 62.24 87.57 5.99
C VAL U 347 62.79 88.89 6.49
N SER U 348 64.07 89.11 6.19
CA SER U 348 64.72 90.40 6.36
C SER U 348 65.01 90.97 4.98
N TRP U 349 64.66 92.23 4.78
CA TRP U 349 64.88 92.82 3.46
C TRP U 349 66.16 93.62 3.42
N HIS U 350 66.18 94.75 4.12
CA HIS U 350 67.35 95.60 4.18
C HIS U 350 67.55 96.05 5.62
N GLY U 351 67.50 95.10 6.53
CA GLY U 351 67.45 95.46 7.92
C GLY U 351 66.07 95.78 8.43
N LYS U 352 65.05 95.65 7.59
CA LYS U 352 63.67 95.74 8.03
C LYS U 352 63.01 94.37 7.88
N VAL U 353 62.29 93.96 8.90
CA VAL U 353 61.66 92.65 8.92
C VAL U 353 60.33 92.71 8.19
N MET U 354 60.05 91.69 7.39
CA MET U 354 58.87 91.70 6.55
C MET U 354 58.14 90.37 6.65
N GLN U 355 56.82 90.44 6.54
CA GLN U 355 55.96 89.27 6.51
C GLN U 355 55.63 88.92 5.07
N LEU U 356 55.24 87.67 4.85
CA LEU U 356 54.95 87.15 3.52
C LEU U 356 53.74 86.23 3.61
N LYS U 357 52.70 86.55 2.86
CA LYS U 357 51.47 85.77 2.87
C LYS U 357 51.49 84.76 1.73
N VAL U 358 51.24 83.50 2.06
CA VAL U 358 51.21 82.44 1.08
C VAL U 358 49.92 81.66 1.25
N GLU U 359 49.14 81.53 0.18
CA GLU U 359 48.02 80.63 0.21
C GLU U 359 47.99 79.78 -1.04
N GLY U 360 46.90 79.04 -1.22
CA GLY U 360 46.80 78.15 -2.36
C GLY U 360 47.28 76.74 -2.10
N LEU U 361 47.32 76.31 -0.84
CA LEU U 361 47.74 74.96 -0.51
C LEU U 361 46.66 73.95 -0.90
N VAL V 38 41.33 79.57 -48.16
CA VAL V 38 41.30 80.99 -48.49
C VAL V 38 41.32 81.96 -47.27
N PRO V 39 40.47 81.79 -46.22
CA PRO V 39 40.61 82.71 -45.08
C PRO V 39 41.81 82.41 -44.22
N LYS V 40 42.39 81.22 -44.32
CA LYS V 40 43.55 80.85 -43.52
C LYS V 40 44.84 80.79 -44.33
N LEU V 41 44.76 80.44 -45.59
CA LEU V 41 45.96 80.54 -46.40
C LEU V 41 46.04 81.91 -47.05
N PRO V 42 47.24 82.49 -47.18
CA PRO V 42 47.38 83.76 -47.90
C PRO V 42 47.37 83.52 -49.40
N CYS V 43 46.27 83.92 -50.04
CA CYS V 43 46.13 83.70 -51.48
C CYS V 43 46.93 84.67 -52.33
N ARG V 44 47.22 85.86 -51.83
CA ARG V 44 48.06 86.81 -52.53
C ARG V 44 49.34 87.00 -51.75
N VAL V 45 50.35 87.58 -52.40
CA VAL V 45 51.59 87.87 -51.71
C VAL V 45 51.39 89.04 -50.76
N ASP V 46 52.30 89.17 -49.80
CA ASP V 46 52.12 90.11 -48.70
C ASP V 46 52.62 91.48 -49.10
N GLY V 47 51.75 92.48 -48.98
CA GLY V 47 52.12 93.87 -49.12
C GLY V 47 52.59 94.29 -50.49
N ALA V 48 51.88 93.87 -51.54
CA ALA V 48 52.25 94.29 -52.88
C ALA V 48 51.00 94.26 -53.76
N CYS V 49 50.80 95.34 -54.51
CA CYS V 49 49.70 95.43 -55.45
C CYS V 49 50.24 95.79 -56.82
N ASP V 50 49.81 95.03 -57.83
CA ASP V 50 50.32 95.19 -59.18
C ASP V 50 49.98 96.54 -59.76
N ALA V 51 48.76 97.04 -59.47
CA ALA V 51 48.36 98.34 -59.98
C ALA V 51 49.21 99.45 -59.38
N THR V 52 49.55 99.31 -58.09
CA THR V 52 50.46 100.26 -57.46
C THR V 52 51.84 100.19 -58.09
N ILE V 53 52.30 98.97 -58.41
CA ILE V 53 53.60 98.78 -59.04
C ILE V 53 53.64 99.48 -60.38
N ILE V 54 52.60 99.29 -61.19
CA ILE V 54 52.53 99.88 -62.52
C ILE V 54 52.46 101.40 -62.45
N LYS V 55 51.63 101.91 -61.54
CA LYS V 55 51.45 103.35 -61.40
C LYS V 55 52.74 104.03 -60.97
N MET V 56 53.42 103.48 -59.97
CA MET V 56 54.66 104.09 -59.55
C MET V 56 55.79 103.86 -60.53
N MET V 57 55.71 102.82 -61.37
CA MET V 57 56.65 102.66 -62.46
C MET V 57 56.53 103.82 -63.44
N THR V 58 55.29 104.13 -63.82
CA THR V 58 55.03 105.22 -64.73
C THR V 58 55.44 106.55 -64.13
N ASP V 59 55.15 106.75 -62.85
CA ASP V 59 55.50 108.01 -62.21
C ASP V 59 57.00 108.16 -62.00
N LEU V 60 57.70 107.06 -61.76
CA LEU V 60 59.16 107.14 -61.59
C LEU V 60 59.85 107.49 -62.90
N ASN V 61 59.46 106.83 -63.99
CA ASN V 61 60.03 107.21 -65.27
C ASN V 61 59.55 108.58 -65.73
N LYS V 62 58.40 109.03 -65.26
CA LYS V 62 57.99 110.39 -65.54
C LYS V 62 58.85 111.40 -64.79
N LYS V 63 59.19 111.08 -63.54
CA LYS V 63 60.01 111.98 -62.74
C LYS V 63 61.43 112.04 -63.26
N GLY V 64 61.91 110.98 -63.88
CA GLY V 64 63.18 111.09 -64.55
C GLY V 64 64.16 110.02 -64.13
N ILE V 65 63.81 109.32 -63.06
CA ILE V 65 64.56 108.14 -62.67
C ILE V 65 64.20 107.04 -63.63
N LYS V 66 65.20 106.47 -64.29
CA LYS V 66 64.92 105.59 -65.41
C LYS V 66 64.90 104.14 -64.94
N VAL V 67 63.87 103.41 -65.36
CA VAL V 67 63.72 102.01 -65.01
C VAL V 67 63.83 101.16 -66.26
N ALA V 68 64.51 100.03 -66.14
CA ALA V 68 64.64 99.06 -67.20
C ALA V 68 64.23 97.68 -66.69
N SER V 69 63.54 96.94 -67.54
CA SER V 69 62.90 95.68 -67.15
C SER V 69 63.16 94.62 -68.21
N VAL V 70 63.95 93.61 -67.89
CA VAL V 70 64.25 92.52 -68.81
C VAL V 70 64.36 91.23 -68.02
N GLY V 71 63.53 90.24 -68.38
CA GLY V 71 63.55 88.96 -67.70
C GLY V 71 63.09 89.09 -66.27
N GLN V 72 63.87 88.53 -65.36
CA GLN V 72 63.67 88.75 -63.93
C GLN V 72 64.52 89.91 -63.42
N ASN V 73 65.30 90.53 -64.27
CA ASN V 73 66.30 91.50 -63.86
C ASN V 73 65.78 92.91 -64.07
N TYR V 74 66.08 93.78 -63.13
CA TYR V 74 65.62 95.15 -63.20
C TYR V 74 66.74 96.10 -62.85
N LEU V 75 66.77 97.21 -63.57
CA LEU V 75 67.72 98.30 -63.38
C LEU V 75 66.98 99.56 -63.02
N ILE V 76 67.46 100.25 -61.99
CA ILE V 76 67.00 101.60 -61.67
C ILE V 76 68.20 102.51 -61.72
N SER V 77 68.10 103.60 -62.48
CA SER V 77 69.22 104.50 -62.69
C SER V 77 68.82 105.92 -62.31
N ILE V 78 69.66 106.56 -61.53
CA ILE V 78 69.43 107.90 -60.99
C ILE V 78 70.55 108.80 -61.48
N PRO V 79 70.25 109.98 -62.00
CA PRO V 79 71.29 110.99 -62.20
C PRO V 79 71.84 111.47 -60.86
N ALA V 80 73.14 111.78 -60.86
CA ALA V 80 73.80 112.12 -59.61
C ALA V 80 73.46 113.51 -59.11
N SER V 81 73.18 114.45 -60.02
CA SER V 81 73.00 115.83 -59.63
C SER V 81 71.70 116.06 -58.88
N ALA V 82 70.73 115.17 -59.03
CA ALA V 82 69.53 115.25 -58.23
C ALA V 82 69.73 114.73 -56.82
N LEU V 83 70.90 114.20 -56.51
CA LEU V 83 71.16 113.57 -55.22
C LEU V 83 72.33 114.17 -54.47
N PHE V 84 73.27 114.81 -55.16
CA PHE V 84 74.46 115.32 -54.50
C PHE V 84 74.79 116.70 -55.03
N ALA V 85 75.62 117.42 -54.29
CA ALA V 85 76.18 118.66 -54.79
C ALA V 85 77.45 118.34 -55.57
N ASP V 86 78.21 119.38 -55.92
CA ASP V 86 79.33 119.27 -56.85
C ASP V 86 80.46 118.49 -56.20
N GLN V 87 80.62 117.24 -56.64
CA GLN V 87 81.53 116.24 -56.05
C GLN V 87 81.30 116.11 -54.54
N SER V 88 80.06 116.17 -54.14
CA SER V 88 79.81 116.16 -52.71
C SER V 88 79.58 114.75 -52.23
N PRO V 89 80.29 114.31 -51.21
CA PRO V 89 79.94 113.06 -50.52
C PRO V 89 78.91 113.28 -49.42
N ARG V 90 77.83 113.98 -49.76
CA ARG V 90 76.81 114.29 -48.77
C ARG V 90 75.50 114.53 -49.49
N LEU V 91 74.42 113.98 -48.92
CA LEU V 91 73.10 114.19 -49.47
C LEU V 91 72.62 115.60 -49.20
N ASN V 92 71.74 116.07 -50.08
CA ASN V 92 70.93 117.23 -49.78
C ASN V 92 69.72 116.79 -48.98
N TRP V 93 69.08 117.74 -48.32
CA TRP V 93 67.97 117.37 -47.45
C TRP V 93 66.73 117.01 -48.25
N ALA V 94 66.59 117.54 -49.47
CA ALA V 94 65.40 117.27 -50.26
C ALA V 94 65.37 115.86 -50.83
N SER V 95 66.51 115.16 -50.81
CA SER V 95 66.60 113.86 -51.46
C SER V 95 65.87 112.77 -50.70
N TYR V 96 65.52 113.00 -49.43
CA TYR V 96 64.94 111.95 -48.62
C TYR V 96 63.54 111.59 -49.08
N SER V 97 62.83 112.54 -49.71
CA SER V 97 61.54 112.22 -50.32
C SER V 97 61.72 111.20 -51.44
N LEU V 98 62.72 111.41 -52.29
CA LEU V 98 62.95 110.50 -53.41
C LEU V 98 63.43 109.15 -52.92
N LEU V 99 64.24 109.14 -51.86
CA LEU V 99 64.68 107.88 -51.29
C LEU V 99 63.52 107.12 -50.65
N ASN V 100 62.59 107.85 -50.03
CA ASN V 100 61.40 107.21 -49.49
C ASN V 100 60.54 106.63 -50.61
N GLU V 101 60.44 107.35 -51.73
CA GLU V 101 59.70 106.85 -52.89
C GLU V 101 60.32 105.58 -53.43
N ILE V 102 61.65 105.54 -53.54
CA ILE V 102 62.26 104.37 -54.14
C ILE V 102 62.26 103.19 -53.17
N ALA V 103 62.27 103.45 -51.86
CA ALA V 103 62.10 102.35 -50.92
C ALA V 103 60.69 101.80 -50.97
N ALA V 104 59.70 102.68 -51.10
CA ALA V 104 58.31 102.24 -51.22
C ALA V 104 58.09 101.45 -52.49
N PHE V 105 58.80 101.79 -53.56
CA PHE V 105 58.76 100.94 -54.75
C PHE V 105 59.41 99.60 -54.49
N LEU V 106 60.58 99.61 -53.85
CA LEU V 106 61.37 98.39 -53.70
C LEU V 106 60.73 97.40 -52.72
N LYS V 107 59.79 97.88 -51.90
CA LYS V 107 59.13 97.02 -50.94
C LYS V 107 58.29 95.92 -51.58
N GLN V 108 57.88 96.06 -52.83
CA GLN V 108 56.92 95.15 -53.43
C GLN V 108 57.56 94.03 -54.22
N PHE V 109 58.72 93.54 -53.82
CA PHE V 109 59.40 92.51 -54.59
C PHE V 109 60.00 91.45 -53.67
N ARG V 110 60.32 90.31 -54.27
CA ARG V 110 60.94 89.21 -53.56
C ARG V 110 62.27 88.89 -54.22
N LYS V 111 63.34 88.87 -53.42
CA LYS V 111 64.68 88.85 -53.98
C LYS V 111 65.66 88.27 -52.98
N ILE V 112 66.89 88.08 -53.43
CA ILE V 112 67.98 87.61 -52.60
C ILE V 112 68.99 88.71 -52.35
N ALA V 113 69.49 89.33 -53.42
CA ALA V 113 70.58 90.28 -53.32
C ALA V 113 70.28 91.50 -54.18
N ILE V 114 70.85 92.63 -53.80
CA ILE V 114 70.84 93.81 -54.65
C ILE V 114 72.27 94.25 -54.84
N THR V 115 72.56 94.90 -55.97
CA THR V 115 73.85 95.53 -56.18
C THR V 115 73.68 97.01 -56.51
N VAL V 116 74.53 97.83 -55.90
CA VAL V 116 74.54 99.27 -56.11
C VAL V 116 75.90 99.66 -56.67
N THR V 117 75.90 100.46 -57.72
CA THR V 117 77.12 100.98 -58.32
C THR V 117 77.02 102.49 -58.46
N SER V 118 78.15 103.16 -58.25
CA SER V 118 78.21 104.61 -58.37
C SER V 118 79.24 105.02 -59.42
N TYR V 119 78.81 105.79 -60.41
CA TYR V 119 79.67 106.25 -61.49
C TYR V 119 79.65 107.76 -61.56
N SER V 120 80.79 108.35 -61.90
CA SER V 120 80.92 109.80 -61.90
C SER V 120 81.76 110.22 -63.10
N SER V 121 82.20 111.48 -63.08
CA SER V 121 83.15 111.99 -64.05
C SER V 121 84.50 112.19 -63.39
N LYS V 122 85.53 112.30 -64.22
CA LYS V 122 86.90 112.42 -63.74
C LYS V 122 87.18 113.87 -63.38
N TYR V 123 87.62 114.10 -62.14
CA TYR V 123 87.76 115.47 -61.63
C TYR V 123 89.19 115.85 -61.30
N VAL V 124 89.86 115.12 -60.42
CA VAL V 124 91.16 115.56 -59.92
C VAL V 124 92.18 114.45 -60.11
N SER V 125 91.80 113.24 -59.76
CA SER V 125 92.72 112.13 -59.63
C SER V 125 92.06 110.92 -60.29
N VAL V 126 92.49 109.74 -59.91
CA VAL V 126 91.69 108.52 -60.09
C VAL V 126 91.11 108.05 -58.76
N LYS V 127 91.95 108.04 -57.72
CA LYS V 127 91.56 107.57 -56.42
C LYS V 127 90.51 108.46 -55.79
N ARG V 128 90.49 109.74 -56.16
CA ARG V 128 89.53 110.66 -55.57
C ARG V 128 88.11 110.29 -55.96
N GLU V 129 87.87 110.07 -57.25
CA GLU V 129 86.52 109.69 -57.64
C GLU V 129 86.20 108.27 -57.25
N ARG V 130 87.23 107.41 -57.14
CA ARG V 130 86.99 106.06 -56.63
C ARG V 130 86.48 106.10 -55.20
N ALA V 131 87.13 106.90 -54.35
CA ALA V 131 86.73 107.03 -52.96
C ALA V 131 85.38 107.72 -52.84
N LEU V 132 85.15 108.77 -53.65
CA LEU V 132 83.91 109.53 -53.57
C LEU V 132 82.71 108.67 -53.95
N THR V 133 82.85 107.90 -55.03
CA THR V 133 81.80 106.98 -55.44
C THR V 133 81.57 105.90 -54.41
N LEU V 134 82.65 105.40 -53.79
CA LEU V 134 82.52 104.39 -52.75
C LEU V 134 81.74 104.94 -51.57
N ALA V 135 82.00 106.19 -51.19
CA ALA V 135 81.32 106.80 -50.06
C ALA V 135 79.85 107.02 -50.36
N ARG V 136 79.53 107.50 -51.57
CA ARG V 136 78.13 107.76 -51.91
C ARG V 136 77.32 106.46 -51.96
N SER V 137 77.92 105.42 -52.54
CA SER V 137 77.26 104.12 -52.56
C SER V 137 77.10 103.55 -51.16
N ARG V 138 78.08 103.77 -50.28
CA ARG V 138 77.99 103.32 -48.90
C ARG V 138 76.83 103.99 -48.17
N VAL V 139 76.69 105.29 -48.37
CA VAL V 139 75.64 106.03 -47.67
C VAL V 139 74.27 105.60 -48.14
N VAL V 140 74.09 105.48 -49.46
CA VAL V 140 72.76 105.13 -49.96
C VAL V 140 72.41 103.68 -49.61
N SER V 141 73.42 102.79 -49.58
CA SER V 141 73.16 101.41 -49.17
C SER V 141 72.81 101.35 -47.70
N GLU V 142 73.47 102.16 -46.88
CA GLU V 142 73.24 102.13 -45.45
C GLU V 142 71.84 102.63 -45.10
N TYR V 143 71.42 103.74 -45.72
CA TYR V 143 70.06 104.21 -45.45
C TYR V 143 69.02 103.28 -46.05
N LEU V 144 69.34 102.64 -47.17
CA LEU V 144 68.41 101.68 -47.76
C LEU V 144 68.21 100.48 -46.86
N TRP V 145 69.30 99.98 -46.26
CA TRP V 145 69.19 98.86 -45.33
C TRP V 145 68.48 99.27 -44.06
N SER V 146 68.66 100.51 -43.64
CA SER V 146 67.95 100.99 -42.46
C SER V 146 66.46 101.08 -42.72
N GLN V 147 66.09 101.46 -43.94
CA GLN V 147 64.69 101.34 -44.33
C GLN V 147 64.35 99.87 -44.49
N GLY V 148 63.07 99.58 -44.32
CA GLY V 148 62.65 98.20 -44.16
C GLY V 148 62.59 97.36 -45.43
N VAL V 149 63.66 97.37 -46.22
CA VAL V 149 63.65 96.59 -47.44
C VAL V 149 63.82 95.12 -47.11
N ASP V 150 63.32 94.28 -47.99
CA ASP V 150 63.49 92.84 -47.86
C ASP V 150 64.67 92.47 -48.74
N SER V 151 65.73 92.00 -48.11
CA SER V 151 66.86 91.46 -48.82
C SER V 151 67.51 90.42 -47.96
N ARG V 152 68.46 89.72 -48.54
CA ARG V 152 69.44 88.97 -47.80
C ARG V 152 70.82 89.56 -47.95
N ILE V 153 71.17 90.06 -49.14
CA ILE V 153 72.50 90.58 -49.41
C ILE V 153 72.38 91.97 -50.05
N ILE V 154 73.23 92.89 -49.59
CA ILE V 154 73.47 94.16 -50.26
C ILE V 154 74.93 94.23 -50.63
N PHE V 155 75.21 94.37 -51.93
CA PHE V 155 76.55 94.63 -52.43
C PHE V 155 76.64 96.06 -52.91
N THR V 156 77.74 96.73 -52.58
CA THR V 156 77.92 98.11 -53.02
C THR V 156 79.33 98.32 -53.55
N GLN V 157 79.42 99.07 -54.64
CA GLN V 157 80.71 99.43 -55.23
C GLN V 157 80.57 100.72 -56.03
N GLY V 158 81.62 101.52 -55.95
CA GLY V 158 81.70 102.73 -56.74
C GLY V 158 82.99 102.76 -57.52
N LEU V 159 82.90 103.19 -58.77
CA LEU V 159 84.03 103.10 -59.69
C LEU V 159 84.49 104.42 -60.27
N GLY V 160 83.72 105.49 -60.13
CA GLY V 160 84.18 106.77 -60.64
C GLY V 160 83.86 107.00 -62.10
N SER V 161 84.90 107.11 -62.91
CA SER V 161 84.76 107.54 -64.30
C SER V 161 85.42 106.54 -65.22
N ASP V 162 85.10 105.28 -65.04
CA ASP V 162 85.72 104.22 -65.82
C ASP V 162 84.92 103.87 -67.07
N LYS V 163 83.68 103.46 -66.90
CA LYS V 163 82.80 103.18 -68.04
C LYS V 163 81.63 104.15 -68.00
N PRO V 164 81.67 105.21 -68.78
CA PRO V 164 80.50 106.07 -68.94
C PRO V 164 79.57 105.47 -69.98
N ILE V 165 78.35 106.00 -70.01
CA ILE V 165 77.41 105.67 -71.05
C ILE V 165 77.14 106.88 -71.94
N THR V 166 78.10 107.79 -72.04
CA THR V 166 77.95 108.94 -72.89
C THR V 166 79.30 109.32 -73.46
N SER V 167 79.26 110.03 -74.59
CA SER V 167 80.41 110.75 -75.10
C SER V 167 80.28 112.26 -74.92
N TYR V 168 79.12 112.73 -74.48
CA TYR V 168 78.87 114.15 -74.28
C TYR V 168 79.52 114.55 -72.95
N THR V 169 80.82 114.80 -73.01
CA THR V 169 81.62 115.02 -71.81
C THR V 169 81.71 116.49 -71.43
N LEU V 170 80.77 117.32 -71.88
CA LEU V 170 80.87 118.75 -71.63
C LEU V 170 80.55 119.11 -70.19
N GLY V 171 79.50 118.51 -69.63
CA GLY V 171 79.12 118.84 -68.28
C GLY V 171 80.06 118.26 -67.24
N GLY V 172 79.92 118.76 -66.02
CA GLY V 172 80.71 118.24 -64.92
C GLY V 172 79.93 117.18 -64.18
N ASP V 173 79.43 117.51 -62.98
CA ASP V 173 78.45 116.63 -62.36
C ASP V 173 77.10 116.75 -63.03
N ARG V 174 76.87 117.82 -63.78
CA ARG V 174 75.65 117.95 -64.57
C ARG V 174 75.61 117.01 -65.76
N SER V 175 76.75 116.43 -66.12
CA SER V 175 76.80 115.52 -67.26
C SER V 175 76.07 114.22 -66.91
N PRO V 176 75.27 113.68 -67.84
CA PRO V 176 74.34 112.60 -67.47
C PRO V 176 75.01 111.28 -67.18
N ASN V 177 76.28 111.11 -67.50
CA ASN V 177 76.98 109.89 -67.10
C ASN V 177 77.25 109.84 -65.60
N ALA V 178 77.12 110.96 -64.90
CA ALA V 178 77.17 110.95 -63.44
C ALA V 178 75.90 110.31 -62.91
N ARG V 179 76.01 109.11 -62.36
CA ARG V 179 74.84 108.29 -62.14
C ARG V 179 75.06 107.32 -61.00
N VAL V 180 73.96 106.75 -60.53
CA VAL V 180 73.98 105.62 -59.62
C VAL V 180 72.98 104.60 -60.10
N GLU V 181 73.40 103.34 -60.13
CA GLU V 181 72.59 102.26 -60.67
C GLU V 181 72.37 101.20 -59.60
N ILE V 182 71.15 100.67 -59.56
CA ILE V 182 70.80 99.56 -58.69
C ILE V 182 70.23 98.46 -59.56
N THR V 183 70.76 97.26 -59.40
CA THR V 183 70.35 96.11 -60.19
C THR V 183 69.94 94.98 -59.27
N PHE V 184 68.92 94.22 -59.70
CA PHE V 184 68.58 93.00 -58.98
C PHE V 184 67.92 92.01 -59.91
N ARG V 185 67.84 90.77 -59.45
CA ARG V 185 67.13 89.70 -60.15
C ARG V 185 65.96 89.26 -59.29
N ARG V 186 64.76 89.31 -59.87
CA ARG V 186 63.59 88.80 -59.17
C ARG V 186 63.65 87.28 -59.10
N ALA V 187 63.13 86.73 -58.01
CA ALA V 187 63.24 85.29 -57.75
C ALA V 187 61.90 84.75 -57.29
N VAL V 188 61.09 84.30 -58.25
CA VAL V 188 59.83 83.59 -58.03
C VAL V 188 58.86 84.35 -57.13
N CYS W 42 65.98 131.80 -44.93
CA CYS W 42 65.24 130.59 -44.58
C CYS W 42 66.05 129.74 -43.61
N PHE W 43 65.64 128.49 -43.43
CA PHE W 43 66.32 127.59 -42.51
C PHE W 43 66.57 126.24 -43.16
N HIS W 44 67.69 125.62 -42.79
CA HIS W 44 68.03 124.31 -43.31
C HIS W 44 68.13 123.32 -42.16
N PRO W 45 67.44 122.18 -42.24
CA PRO W 45 67.45 121.20 -41.14
C PRO W 45 68.82 120.63 -40.83
N PRO W 46 69.73 120.41 -41.82
CA PRO W 46 71.06 120.03 -41.30
C PRO W 46 71.87 121.21 -40.77
N TYR W 47 71.59 121.57 -39.52
CA TYR W 47 72.30 122.53 -38.69
C TYR W 47 72.40 123.92 -39.31
N ASN W 48 71.51 124.24 -40.26
CA ASN W 48 71.55 125.44 -41.09
C ASN W 48 72.94 125.65 -41.69
N ASN W 49 73.51 124.56 -42.20
CA ASN W 49 74.84 124.50 -42.79
C ASN W 49 75.92 125.01 -41.85
N PHE W 50 75.73 124.76 -40.54
CA PHE W 50 76.61 125.23 -39.47
C PHE W 50 76.77 126.75 -39.48
N GLN W 51 75.70 127.46 -39.84
CA GLN W 51 75.85 128.89 -39.92
C GLN W 51 75.02 129.57 -38.84
N PRO W 52 75.44 130.74 -38.36
CA PRO W 52 74.63 131.48 -37.38
C PRO W 52 73.31 131.95 -37.97
N ASP W 53 72.22 131.41 -37.46
CA ASP W 53 70.92 131.62 -38.06
C ASP W 53 70.30 132.93 -37.62
N ARG W 54 69.23 133.31 -38.30
CA ARG W 54 68.48 134.53 -38.04
C ARG W 54 67.01 134.20 -37.95
N ARG W 55 66.34 134.72 -36.91
CA ARG W 55 64.95 134.39 -36.68
C ARG W 55 64.09 135.64 -36.54
N ALA W 56 64.67 136.69 -35.96
CA ALA W 56 63.93 137.91 -35.66
C ALA W 56 63.47 138.62 -36.92
N VAL W 57 64.25 138.53 -38.00
CA VAL W 57 63.86 139.09 -39.29
C VAL W 57 62.62 138.39 -39.83
N LYS W 58 62.58 137.05 -39.71
CA LYS W 58 61.41 136.29 -40.11
C LYS W 58 60.20 136.64 -39.28
N ARG W 59 60.41 136.84 -37.96
CA ARG W 59 59.31 137.18 -37.07
C ARG W 59 58.72 138.55 -37.40
N VAL W 60 59.57 139.55 -37.63
CA VAL W 60 59.04 140.87 -37.95
C VAL W 60 58.48 140.90 -39.37
N GLY W 61 58.98 140.05 -40.26
CA GLY W 61 58.40 139.96 -41.59
C GLY W 61 57.00 139.39 -41.59
N VAL W 62 56.80 138.29 -40.86
CA VAL W 62 55.45 137.72 -40.80
C VAL W 62 54.54 138.55 -39.89
N ASP W 63 55.09 139.39 -39.02
CA ASP W 63 54.23 140.30 -38.29
C ASP W 63 53.82 141.50 -39.15
N THR W 64 54.72 141.97 -40.02
CA THR W 64 54.35 143.04 -40.96
C THR W 64 53.46 142.53 -42.07
N GLY W 65 53.43 141.22 -42.32
CA GLY W 65 52.52 140.65 -43.28
C GLY W 65 51.06 140.67 -42.85
N GLY W 88 52.72 145.84 -37.78
CA GLY W 88 52.98 145.05 -36.59
C GLY W 88 54.45 144.86 -36.28
N GLY W 89 55.24 145.88 -36.62
CA GLY W 89 56.68 145.79 -36.37
C GLY W 89 57.03 145.79 -34.89
N THR W 90 56.33 146.60 -34.10
CA THR W 90 56.61 146.68 -32.67
C THR W 90 56.19 145.40 -31.95
N VAL W 91 55.02 144.85 -32.30
CA VAL W 91 54.59 143.61 -31.67
C VAL W 91 55.46 142.45 -32.14
N GLY W 92 55.97 142.51 -33.38
CA GLY W 92 56.92 141.50 -33.83
C GLY W 92 58.24 141.56 -33.08
N LEU W 93 58.74 142.78 -32.85
CA LEU W 93 60.00 142.95 -32.12
C LEU W 93 59.85 142.53 -30.67
N VAL W 94 58.74 142.87 -30.03
CA VAL W 94 58.60 142.52 -28.62
C VAL W 94 58.28 141.03 -28.47
N ALA W 95 57.62 140.41 -29.44
CA ALA W 95 57.44 138.97 -29.40
C ALA W 95 58.76 138.25 -29.65
N SER W 96 59.63 138.83 -30.48
CA SER W 96 60.95 138.25 -30.71
C SER W 96 61.82 138.38 -29.46
N ILE W 97 61.73 139.49 -28.75
CA ILE W 97 62.49 139.60 -27.50
C ILE W 97 61.86 138.76 -26.40
N TYR W 98 60.58 138.40 -26.52
CA TYR W 98 60.02 137.41 -25.62
C TYR W 98 60.56 136.01 -25.94
N ARG W 99 60.62 135.66 -27.22
CA ARG W 99 61.05 134.34 -27.63
C ARG W 99 62.58 134.18 -27.62
N ASP W 100 63.32 135.27 -27.47
CA ASP W 100 64.76 135.19 -27.32
C ASP W 100 65.19 135.12 -25.86
N SER W 101 64.23 135.01 -24.94
CA SER W 101 64.54 134.94 -23.53
C SER W 101 65.22 133.62 -23.19
N LYS W 102 65.94 133.63 -22.07
CA LYS W 102 66.54 132.42 -21.56
C LYS W 102 65.48 131.41 -21.12
N ARG W 103 64.41 131.90 -20.49
CA ARG W 103 63.39 131.03 -19.92
C ARG W 103 62.62 130.28 -21.00
N LYS W 104 62.37 130.93 -22.14
CA LYS W 104 61.71 130.26 -23.24
C LYS W 104 62.57 129.15 -23.80
N ILE W 105 63.88 129.37 -23.87
CA ILE W 105 64.81 128.35 -24.34
C ILE W 105 64.81 127.16 -23.38
N ILE W 106 64.87 127.42 -22.08
CA ILE W 106 64.89 126.35 -21.10
C ILE W 106 63.58 125.59 -21.08
N ARG W 107 62.46 126.29 -21.28
CA ARG W 107 61.17 125.62 -21.38
C ARG W 107 61.07 124.77 -22.64
N ASP W 108 61.72 125.19 -23.73
CA ASP W 108 61.78 124.34 -24.92
C ASP W 108 62.62 123.10 -24.66
N LEU W 109 63.70 123.25 -23.89
CA LEU W 109 64.49 122.08 -23.49
C LEU W 109 63.69 121.16 -22.58
N GLN W 110 62.79 121.74 -21.80
CA GLN W 110 61.87 120.93 -21.01
C GLN W 110 60.84 120.24 -21.88
N LYS W 111 60.45 120.88 -22.99
CA LYS W 111 59.55 120.25 -23.93
C LYS W 111 60.21 119.06 -24.61
N GLN W 112 61.50 119.19 -24.91
CA GLN W 112 62.28 118.03 -25.30
C GLN W 112 62.65 117.22 -24.06
N ASP W 113 63.35 116.11 -24.27
CA ASP W 113 63.76 115.28 -23.14
C ASP W 113 65.13 115.68 -22.62
N ILE W 114 65.32 116.97 -22.35
CA ILE W 114 66.62 117.52 -21.97
C ILE W 114 66.47 118.15 -20.60
N GLN W 115 67.36 117.79 -19.67
CA GLN W 115 67.25 118.32 -18.31
C GLN W 115 68.34 119.34 -18.04
N TYR W 116 67.99 120.37 -17.27
CA TYR W 116 68.87 121.48 -16.96
C TYR W 116 68.87 121.72 -15.46
N VAL W 117 70.05 121.77 -14.86
CA VAL W 117 70.16 121.98 -13.41
C VAL W 117 71.17 123.08 -13.17
N GLU W 118 70.75 124.11 -12.45
CA GLU W 118 71.67 125.14 -11.99
C GLU W 118 71.54 125.27 -10.48
N TYR W 119 72.66 125.13 -9.78
CA TYR W 119 72.68 125.19 -8.33
C TYR W 119 74.04 125.70 -7.91
N GLY W 120 74.08 126.88 -7.31
CA GLY W 120 75.33 127.57 -7.11
C GLY W 120 75.73 128.27 -8.39
N ASP W 121 77.02 128.34 -8.66
CA ASP W 121 77.53 129.01 -9.86
C ASP W 121 77.84 128.05 -10.99
N THR W 122 77.44 126.79 -10.84
CA THR W 122 77.73 125.75 -11.81
C THR W 122 76.44 125.32 -12.51
N ARG W 123 76.55 125.01 -13.80
CA ARG W 123 75.38 124.57 -14.54
C ARG W 123 75.66 123.24 -15.22
N THR W 124 74.68 122.34 -15.16
CA THR W 124 74.78 120.98 -15.69
C THR W 124 73.61 120.69 -16.61
N LEU W 125 73.92 119.97 -17.68
CA LEU W 125 72.99 119.61 -18.73
C LEU W 125 72.97 118.10 -18.89
N ILE W 126 71.77 117.55 -19.02
CA ILE W 126 71.56 116.11 -19.05
C ILE W 126 70.90 115.75 -20.37
N ILE W 127 71.58 114.91 -21.14
CA ILE W 127 71.16 114.50 -22.48
C ILE W 127 70.95 113.00 -22.53
N PRO W 128 69.87 112.51 -23.13
CA PRO W 128 69.69 111.06 -23.25
C PRO W 128 70.25 110.48 -24.55
N THR W 129 71.09 109.46 -24.37
CA THR W 129 71.79 108.84 -25.49
C THR W 129 70.84 108.14 -26.45
N ASP W 130 69.84 107.47 -25.91
CA ASP W 130 68.92 106.70 -26.74
C ASP W 130 68.03 107.59 -27.57
N LYS W 131 67.69 108.76 -27.06
CA LYS W 131 66.94 109.70 -27.88
C LYS W 131 67.83 110.38 -28.90
N TYR W 132 69.08 110.68 -28.54
CA TYR W 132 69.87 111.57 -29.38
C TYR W 132 71.06 110.90 -30.05
N PHE W 133 71.03 109.59 -30.21
CA PHE W 133 71.97 108.90 -31.07
C PHE W 133 71.25 107.75 -31.73
N MET W 134 71.77 107.31 -32.87
CA MET W 134 71.37 106.01 -33.37
C MET W 134 71.99 104.94 -32.49
N PHE W 135 71.40 103.75 -32.54
CA PHE W 135 71.74 102.71 -31.58
C PHE W 135 73.15 102.16 -31.84
N SER W 136 73.91 102.03 -30.75
CA SER W 136 75.21 101.37 -30.71
C SER W 136 76.23 102.04 -31.61
N SER W 137 76.06 103.33 -31.87
CA SER W 137 76.97 104.07 -32.71
C SER W 137 77.14 105.47 -32.17
N PRO W 138 78.33 106.06 -32.34
CA PRO W 138 78.51 107.46 -31.96
C PRO W 138 77.99 108.45 -32.99
N ARG W 139 77.48 107.99 -34.12
CA ARG W 139 76.86 108.89 -35.06
C ARG W 139 75.54 109.41 -34.49
N LEU W 140 75.12 110.55 -35.00
CA LEU W 140 74.03 111.31 -34.43
C LEU W 140 72.77 111.15 -35.26
N ASN W 141 71.65 110.90 -34.60
CA ASN W 141 70.36 111.01 -35.29
C ASN W 141 70.11 112.47 -35.62
N GLU W 142 69.64 112.72 -36.84
CA GLU W 142 69.41 114.10 -37.24
C GLU W 142 68.14 114.66 -36.62
N ILE W 143 67.14 113.82 -36.39
CA ILE W 143 65.77 114.30 -36.37
C ILE W 143 65.43 115.08 -35.11
N CYS W 144 66.20 114.92 -34.05
CA CYS W 144 65.97 115.70 -32.84
C CYS W 144 66.83 116.97 -32.78
N TYR W 145 67.16 117.54 -33.93
CA TYR W 145 67.93 118.78 -34.04
C TYR W 145 67.39 120.08 -33.42
N PRO W 146 66.07 120.28 -33.18
CA PRO W 146 65.68 121.50 -32.43
C PRO W 146 66.29 121.59 -31.05
N GLY W 147 66.46 120.45 -30.37
CA GLY W 147 67.17 120.45 -29.11
C GLY W 147 68.63 120.86 -29.27
N LEU W 148 69.25 120.46 -30.37
CA LEU W 148 70.64 120.85 -30.63
C LEU W 148 70.76 122.36 -30.82
N ASN W 149 69.86 122.93 -31.61
CA ASN W 149 69.91 124.37 -31.85
C ASN W 149 69.61 125.15 -30.57
N ASN W 150 68.67 124.64 -29.76
CA ASN W 150 68.40 125.25 -28.47
C ASN W 150 69.60 125.18 -27.55
N VAL W 151 70.33 124.07 -27.61
CA VAL W 151 71.52 123.89 -26.76
C VAL W 151 72.58 124.90 -27.13
N ILE W 152 72.79 125.11 -28.43
CA ILE W 152 73.84 126.06 -28.84
C ILE W 152 73.43 127.49 -28.53
N ARG W 153 72.15 127.82 -28.75
CA ARG W 153 71.66 129.16 -28.41
C ARG W 153 71.71 129.42 -26.92
N LEU W 154 71.53 128.39 -26.11
CA LEU W 154 71.66 128.58 -24.67
C LEU W 154 73.12 128.71 -24.26
N LEU W 155 74.01 127.95 -24.90
CA LEU W 155 75.41 127.97 -24.51
C LEU W 155 76.09 129.26 -24.93
N ASN W 156 75.54 129.98 -25.92
CA ASN W 156 76.15 131.25 -26.32
C ASN W 156 76.08 132.34 -25.26
N PHE W 157 75.27 132.17 -24.21
CA PHE W 157 75.19 133.19 -23.19
C PHE W 157 76.38 133.21 -22.23
N TYR W 158 77.26 132.22 -22.27
CA TYR W 158 78.37 132.12 -21.32
C TYR W 158 79.69 131.96 -22.07
N PRO W 159 80.17 133.02 -22.71
CA PRO W 159 81.32 132.88 -23.60
C PRO W 159 82.67 132.92 -22.91
N GLN W 160 82.74 132.79 -21.59
CA GLN W 160 84.01 132.77 -20.89
C GLN W 160 84.07 131.62 -19.90
N SER W 161 83.69 130.43 -20.35
CA SER W 161 83.52 129.30 -19.46
C SER W 161 84.22 128.08 -20.02
N THR W 162 84.80 127.29 -19.12
CA THR W 162 85.35 126.01 -19.50
C THR W 162 84.23 124.97 -19.49
N ILE W 163 84.34 124.00 -20.39
CA ILE W 163 83.28 123.02 -20.60
C ILE W 163 83.84 121.63 -20.30
N TYR W 164 83.09 120.84 -19.56
CA TYR W 164 83.39 119.44 -19.39
C TYR W 164 82.25 118.61 -19.98
N VAL W 165 82.60 117.65 -20.83
CA VAL W 165 81.62 116.77 -21.45
C VAL W 165 81.99 115.32 -21.10
N ALA W 166 80.99 114.56 -20.68
CA ALA W 166 81.23 113.22 -20.16
C ALA W 166 80.14 112.27 -20.62
N GLY W 167 80.54 111.02 -20.81
CA GLY W 167 79.65 110.00 -21.33
C GLY W 167 79.50 108.82 -20.38
N PHE W 168 78.27 108.35 -20.21
CA PHE W 168 77.97 107.29 -19.27
C PHE W 168 77.07 106.23 -19.91
N THR W 169 77.27 104.99 -19.49
CA THR W 169 76.68 103.81 -20.10
C THR W 169 75.82 103.07 -19.08
N ASP W 170 75.33 101.90 -19.49
CA ASP W 170 74.70 100.95 -18.58
C ASP W 170 75.74 99.97 -18.07
N ASN W 171 75.30 98.87 -17.47
CA ASN W 171 76.18 98.01 -16.68
C ASN W 171 76.65 96.77 -17.40
N VAL W 172 76.22 96.54 -18.63
CA VAL W 172 76.29 95.21 -19.23
C VAL W 172 77.21 95.21 -20.45
N GLY W 173 78.17 94.31 -20.45
CA GLY W 173 79.11 94.13 -21.54
C GLY W 173 80.53 94.10 -21.01
N SER W 174 81.47 93.98 -21.95
CA SER W 174 82.86 94.19 -21.61
C SER W 174 83.10 95.66 -21.32
N ARG W 175 83.73 95.95 -20.19
CA ARG W 175 83.91 97.33 -19.77
C ARG W 175 84.88 98.07 -20.67
N SER W 176 85.77 97.35 -21.36
CA SER W 176 86.60 97.97 -22.39
C SER W 176 85.73 98.49 -23.52
N HIS W 177 84.78 97.69 -23.97
CA HIS W 177 83.82 98.11 -24.97
C HIS W 177 82.97 99.27 -24.46
N LYS W 178 82.62 99.23 -23.17
CA LYS W 178 81.85 100.30 -22.55
C LYS W 178 82.60 101.61 -22.59
N ARG W 179 83.84 101.61 -22.14
CA ARG W 179 84.59 102.85 -22.04
C ARG W 179 84.98 103.37 -23.41
N LYS W 180 85.19 102.47 -24.37
CA LYS W 180 85.52 102.93 -25.73
C LYS W 180 84.31 103.56 -26.38
N LEU W 181 83.12 102.98 -26.17
CA LEU W 181 81.90 103.60 -26.66
C LEU W 181 81.69 104.97 -26.03
N SER W 182 81.93 105.08 -24.73
CA SER W 182 81.70 106.33 -24.04
C SER W 182 82.66 107.41 -24.51
N GLN W 183 83.93 107.05 -24.69
CA GLN W 183 84.92 108.01 -25.17
C GLN W 183 84.60 108.48 -26.57
N ALA W 184 84.15 107.55 -27.43
CA ALA W 184 83.76 107.94 -28.79
C ALA W 184 82.55 108.85 -28.79
N GLN W 185 81.56 108.55 -27.95
CA GLN W 185 80.35 109.38 -27.86
C GLN W 185 80.70 110.77 -27.35
N ALA W 186 81.56 110.84 -26.35
CA ALA W 186 81.97 112.13 -25.80
C ALA W 186 82.76 112.94 -26.83
N GLU W 187 83.60 112.28 -27.62
CA GLU W 187 84.37 113.01 -28.60
C GLU W 187 83.50 113.50 -29.75
N THR W 188 82.45 112.76 -30.09
CA THR W 188 81.51 113.26 -31.09
C THR W 188 80.76 114.48 -30.59
N MET W 189 80.32 114.45 -29.32
CA MET W 189 79.64 115.61 -28.75
C MET W 189 80.54 116.83 -28.69
N MET W 190 81.80 116.60 -28.29
CA MET W 190 82.79 117.67 -28.23
C MET W 190 83.07 118.22 -29.60
N THR W 191 83.10 117.35 -30.61
CA THR W 191 83.34 117.78 -31.98
C THR W 191 82.21 118.66 -32.51
N PHE W 192 80.97 118.26 -32.23
CA PHE W 192 79.84 119.08 -32.67
C PHE W 192 79.84 120.43 -31.97
N LEU W 193 80.16 120.46 -30.69
CA LEU W 193 80.28 121.74 -30.02
C LEU W 193 81.44 122.56 -30.56
N TRP W 194 82.52 121.90 -30.95
CA TRP W 194 83.69 122.57 -31.52
C TRP W 194 83.37 123.20 -32.86
N ALA W 195 82.40 122.62 -33.57
CA ALA W 195 82.04 123.13 -34.89
C ALA W 195 81.35 124.49 -34.87
N ASN W 196 80.96 125.01 -33.72
CA ASN W 196 80.04 126.14 -33.70
C ASN W 196 80.63 127.38 -33.04
N GLY W 197 81.86 127.73 -33.38
CA GLY W 197 82.45 128.96 -32.92
C GLY W 197 83.08 128.90 -31.55
N ILE W 198 83.56 127.73 -31.12
CA ILE W 198 84.20 127.57 -29.83
C ILE W 198 85.63 127.11 -30.06
N ALA W 199 86.58 127.83 -29.50
CA ALA W 199 87.98 127.42 -29.60
C ALA W 199 88.24 126.19 -28.76
N ALA W 200 89.15 125.35 -29.22
CA ALA W 200 89.33 124.00 -28.69
C ALA W 200 89.94 123.96 -27.31
N LYS W 201 90.43 125.08 -26.78
CA LYS W 201 90.97 125.08 -25.43
C LYS W 201 89.88 124.98 -24.37
N ARG W 202 88.63 125.20 -24.73
CA ARG W 202 87.54 125.22 -23.77
C ARG W 202 86.83 123.88 -23.62
N LEU W 203 87.26 122.85 -24.34
CA LEU W 203 86.53 121.59 -24.40
C LEU W 203 87.43 120.45 -23.93
N LYS W 204 86.96 119.70 -22.93
CA LYS W 204 87.66 118.54 -22.41
C LYS W 204 86.73 117.34 -22.42
N ALA W 205 87.20 116.23 -22.99
CA ALA W 205 86.37 115.05 -23.15
C ALA W 205 86.64 114.03 -22.04
N GLU W 206 85.59 113.32 -21.65
CA GLU W 206 85.74 112.21 -20.73
C GLU W 206 84.63 111.20 -20.95
N GLY W 207 84.99 110.00 -21.35
CA GLY W 207 84.01 108.93 -21.43
C GLY W 207 84.18 107.94 -20.31
N TYR W 208 83.37 108.06 -19.27
CA TYR W 208 83.51 107.17 -18.12
C TYR W 208 82.80 105.87 -18.40
N GLY W 209 83.02 104.91 -17.53
CA GLY W 209 82.31 103.66 -17.68
C GLY W 209 81.01 103.75 -16.91
N ASP W 210 80.87 102.89 -15.92
CA ASP W 210 79.75 102.95 -15.00
C ASP W 210 80.26 103.00 -13.58
N LYS W 211 81.28 103.84 -13.34
CA LYS W 211 81.87 103.94 -12.01
C LYS W 211 80.93 104.62 -11.04
N ASN W 212 80.03 105.47 -11.53
CA ASN W 212 79.09 106.14 -10.66
C ASN W 212 77.80 106.32 -11.46
N ALA W 213 76.90 105.37 -11.34
CA ALA W 213 75.60 105.52 -11.93
C ALA W 213 74.78 106.51 -11.13
N ILE W 214 73.87 107.21 -11.82
CA ILE W 214 72.96 108.12 -11.14
C ILE W 214 71.72 107.40 -10.65
N SER W 215 71.62 106.10 -10.86
CA SER W 215 70.46 105.33 -10.45
C SER W 215 70.88 103.87 -10.34
N ASP W 216 69.90 102.97 -10.30
CA ASP W 216 70.17 101.55 -10.25
C ASP W 216 70.24 100.96 -11.66
N ASN W 217 70.95 99.85 -11.77
CA ASN W 217 71.02 99.13 -13.03
C ASN W 217 70.24 97.82 -13.04
N ALA W 218 69.95 97.26 -11.87
CA ALA W 218 69.15 96.04 -11.83
C ALA W 218 67.70 96.28 -12.21
N ILE W 219 67.22 97.47 -12.02
CA ILE W 219 65.86 97.80 -12.42
C ILE W 219 65.88 98.34 -13.84
N ILE W 220 64.74 98.18 -14.51
CA ILE W 220 64.68 98.40 -15.95
C ILE W 220 64.72 99.89 -16.26
N HIS W 221 63.82 100.65 -15.66
CA HIS W 221 63.69 102.05 -16.03
C HIS W 221 64.87 102.86 -15.52
N GLY W 222 65.36 102.55 -14.33
CA GLY W 222 66.59 103.18 -13.85
C GLY W 222 67.80 102.79 -14.68
N SER W 223 67.82 101.56 -15.17
CA SER W 223 68.90 101.13 -16.06
C SER W 223 68.89 101.92 -17.35
N ALA W 224 67.71 102.23 -17.85
CA ALA W 224 67.61 103.11 -19.01
C ALA W 224 68.02 104.54 -18.64
N GLN W 225 67.66 104.98 -17.44
CA GLN W 225 67.95 106.35 -17.04
C GLN W 225 69.42 106.58 -16.73
N ASN W 226 70.20 105.51 -16.53
CA ASN W 226 71.60 105.67 -16.17
C ASN W 226 72.44 106.26 -17.30
N ARG W 227 72.34 105.71 -18.51
CA ARG W 227 73.25 106.10 -19.58
C ARG W 227 72.89 107.50 -20.08
N ARG W 228 73.90 108.35 -20.22
CA ARG W 228 73.61 109.77 -20.38
C ARG W 228 74.83 110.51 -20.94
N ILE W 229 74.57 111.74 -21.35
CA ILE W 229 75.61 112.69 -21.71
C ILE W 229 75.51 113.85 -20.72
N GLU W 230 76.63 114.15 -20.06
CA GLU W 230 76.69 115.12 -18.98
C GLU W 230 77.53 116.31 -19.42
N ILE W 231 76.98 117.51 -19.25
CA ILE W 231 77.68 118.74 -19.60
C ILE W 231 77.76 119.63 -18.36
N GLN W 232 78.97 120.04 -18.00
CA GLN W 232 79.17 120.91 -16.86
C GLN W 232 79.92 122.16 -17.28
N TRP W 233 79.51 123.32 -16.75
CA TRP W 233 80.34 124.50 -16.91
C TRP W 233 80.21 125.45 -15.73
N PHE W 234 81.32 126.13 -15.46
CA PHE W 234 81.48 127.08 -14.38
C PHE W 234 81.12 128.48 -14.87
N THR W 235 81.51 129.49 -14.09
CA THR W 235 81.34 130.89 -14.48
C THR W 235 82.66 131.63 -14.64
N SER W 236 83.60 131.43 -13.73
CA SER W 236 84.91 132.09 -13.83
C SER W 236 86.03 131.10 -14.07
N LEU X 113 128.11 136.95 -32.91
CA LEU X 113 127.50 135.64 -33.11
C LEU X 113 126.15 135.56 -32.40
N ASN X 114 125.39 136.65 -32.47
CA ASN X 114 124.10 136.73 -31.81
C ASN X 114 122.96 137.05 -32.76
N ARG X 115 123.18 137.95 -33.72
CA ARG X 115 122.15 138.30 -34.69
C ARG X 115 122.82 138.73 -35.99
N PHE X 116 122.34 138.20 -37.10
CA PHE X 116 122.84 138.60 -38.42
C PHE X 116 121.66 138.96 -39.31
N ARG X 117 121.69 140.18 -39.87
CA ARG X 117 120.73 140.63 -40.85
C ARG X 117 121.45 140.87 -42.16
N TYR X 118 120.91 140.35 -43.25
CA TYR X 118 121.48 140.61 -44.56
C TYR X 118 120.40 141.03 -45.54
N GLU X 119 120.76 141.95 -46.43
CA GLU X 119 119.88 142.45 -47.47
C GLU X 119 120.66 142.51 -48.78
N GLY X 120 119.92 142.50 -49.89
CA GLY X 120 120.44 143.00 -51.15
C GLY X 120 121.22 142.08 -52.08
N ALA X 121 120.59 140.99 -52.53
CA ALA X 121 121.03 140.17 -53.67
C ALA X 121 122.44 139.60 -53.46
N GLY X 122 122.55 138.78 -52.40
CA GLY X 122 123.88 138.32 -52.02
C GLY X 122 123.85 136.91 -51.49
N VAL X 123 125.05 136.40 -51.24
CA VAL X 123 125.27 135.02 -50.80
C VAL X 123 125.91 135.07 -49.42
N VAL X 124 125.33 134.34 -48.48
CA VAL X 124 125.95 134.08 -47.18
C VAL X 124 126.20 132.57 -47.10
N THR X 125 127.40 132.20 -46.64
CA THR X 125 127.80 130.80 -46.64
C THR X 125 128.62 130.48 -45.41
N GLY X 126 128.21 129.46 -44.67
CA GLY X 126 128.90 129.07 -43.45
C GLY X 126 128.68 127.61 -43.14
N ASN X 127 129.68 126.99 -42.51
CA ASN X 127 129.63 125.57 -42.21
C ASN X 127 130.24 125.32 -40.84
N ASN X 128 129.78 124.22 -40.21
CA ASN X 128 130.35 123.65 -38.99
C ASN X 128 130.28 124.61 -37.80
N LEU X 129 129.33 125.53 -37.80
CA LEU X 129 129.25 126.49 -36.71
C LEU X 129 128.51 125.89 -35.53
N ARG X 130 128.85 126.38 -34.33
CA ARG X 130 128.16 125.99 -33.11
C ARG X 130 127.78 127.25 -32.35
N THR X 131 126.59 127.21 -31.74
CA THR X 131 126.08 128.35 -30.97
C THR X 131 125.03 127.86 -29.99
N SER X 132 124.74 128.69 -29.00
CA SER X 132 123.61 128.43 -28.13
C SER X 132 122.32 128.95 -28.75
N TYR X 133 122.31 130.23 -29.12
CA TYR X 133 121.15 130.84 -29.76
C TYR X 133 121.62 132.05 -30.57
N LEU X 134 121.18 132.13 -31.82
CA LEU X 134 121.36 133.35 -32.59
C LEU X 134 120.20 133.49 -33.57
N ASP X 135 119.97 134.73 -34.00
CA ASP X 135 118.84 135.08 -34.84
C ASP X 135 119.33 135.54 -36.22
N LEU X 136 118.52 135.23 -37.23
CA LEU X 136 118.83 135.59 -38.61
C LEU X 136 117.68 136.37 -39.22
N TYR X 137 118.02 137.33 -40.09
CA TYR X 137 117.02 138.14 -40.78
C TYR X 137 117.50 138.28 -42.23
N LEU X 138 116.92 137.47 -43.10
CA LEU X 138 117.22 137.50 -44.52
C LEU X 138 116.31 138.48 -45.23
N ALA X 139 116.85 139.12 -46.26
CA ALA X 139 116.04 139.92 -47.15
C ALA X 139 116.70 139.99 -48.52
N ASN X 140 115.86 140.13 -49.55
CA ASN X 140 116.25 140.52 -50.91
C ASN X 140 117.28 139.56 -51.52
N GLU X 141 116.85 138.31 -51.69
CA GLU X 141 117.65 137.23 -52.28
C GLU X 141 118.96 137.03 -51.51
N GLY X 142 118.79 136.66 -50.25
CA GLY X 142 119.93 136.24 -49.47
C GLY X 142 120.10 134.75 -49.56
N THR X 143 120.87 134.29 -50.52
CA THR X 143 121.06 132.86 -50.72
C THR X 143 122.00 132.34 -49.64
N THR X 144 121.47 131.46 -48.79
CA THR X 144 122.17 131.04 -47.58
C THR X 144 122.54 129.57 -47.68
N ARG X 145 123.81 129.27 -47.48
CA ARG X 145 124.28 127.92 -47.32
C ARG X 145 124.75 127.76 -45.87
N LEU X 146 124.23 126.75 -45.19
CA LEU X 146 124.58 126.50 -43.80
C LEU X 146 124.82 125.01 -43.60
N ALA X 147 125.93 124.68 -42.93
CA ALA X 147 126.26 123.29 -42.64
C ALA X 147 126.75 123.13 -41.20
N GLY X 148 126.00 123.68 -40.25
CA GLY X 148 126.33 123.52 -38.85
C GLY X 148 125.08 123.35 -38.01
N ASN X 149 125.29 122.98 -36.75
CA ASN X 149 124.21 122.84 -35.79
C ASN X 149 124.01 124.17 -35.06
N ILE X 150 122.85 124.78 -35.24
CA ILE X 150 122.57 126.10 -34.71
C ILE X 150 121.27 126.06 -33.92
N GLY X 151 121.33 126.48 -32.66
CA GLY X 151 120.13 126.73 -31.89
C GLY X 151 119.59 128.10 -32.22
N LEU X 152 118.26 128.20 -32.29
CA LEU X 152 117.63 129.48 -32.56
C LEU X 152 116.20 129.45 -32.05
N GLN X 153 115.73 130.60 -31.60
CA GLN X 153 114.36 130.82 -31.19
C GLN X 153 113.58 131.64 -32.19
N LYS X 154 114.25 132.48 -32.95
CA LYS X 154 113.62 133.36 -33.91
C LYS X 154 114.26 133.19 -35.28
N LEU X 155 113.50 133.48 -36.32
CA LEU X 155 114.02 133.61 -37.66
C LEU X 155 113.12 134.56 -38.43
N GLU X 156 113.71 135.33 -39.32
CA GLU X 156 112.93 136.18 -40.21
C GLU X 156 113.50 136.13 -41.61
N ALA X 157 112.59 136.09 -42.58
CA ALA X 157 112.90 136.34 -43.98
C ALA X 157 111.84 137.29 -44.51
N VAL X 158 112.28 138.32 -45.24
CA VAL X 158 111.34 139.31 -45.76
C VAL X 158 110.48 138.70 -46.85
N GLY X 159 111.08 137.99 -47.77
CA GLY X 159 110.34 137.29 -48.80
C GLY X 159 111.14 137.15 -50.07
N ASN X 160 110.74 136.18 -50.90
CA ASN X 160 111.29 135.92 -52.24
C ASN X 160 112.79 135.63 -52.20
N GLY X 161 113.17 134.74 -51.26
CA GLY X 161 114.55 134.31 -51.15
C GLY X 161 114.61 132.80 -51.05
N VAL X 162 115.84 132.29 -51.00
CA VAL X 162 116.09 130.86 -50.86
C VAL X 162 117.03 130.65 -49.69
N THR X 163 116.67 129.72 -48.80
CA THR X 163 117.44 129.45 -47.60
C THR X 163 117.65 127.94 -47.47
N GLN X 164 118.80 127.57 -46.91
CA GLN X 164 119.21 126.18 -46.83
C GLN X 164 119.98 125.99 -45.53
N ILE X 165 119.33 125.42 -44.53
CA ILE X 165 119.91 125.18 -43.22
C ILE X 165 119.92 123.68 -42.96
N ASN X 166 121.01 123.19 -42.38
CA ASN X 166 121.21 121.75 -42.20
C ASN X 166 121.59 121.45 -40.75
N GLY X 167 120.61 121.03 -39.95
CA GLY X 167 120.86 120.62 -38.59
C GLY X 167 120.55 121.71 -37.58
N VAL X 168 119.39 121.63 -36.93
CA VAL X 168 118.93 122.65 -35.99
C VAL X 168 118.37 121.96 -34.76
N SER X 169 118.80 122.38 -33.58
CA SER X 169 118.28 121.85 -32.32
C SER X 169 117.92 123.01 -31.41
N SER X 170 116.66 123.07 -30.99
CA SER X 170 116.24 124.11 -30.06
C SER X 170 115.07 123.61 -29.24
N ARG X 171 114.88 124.24 -28.08
CA ARG X 171 113.74 123.95 -27.22
C ARG X 171 112.49 124.72 -27.61
N ASN X 172 112.62 125.74 -28.45
CA ASN X 172 111.47 126.51 -28.91
C ASN X 172 111.85 127.21 -30.21
N LEU X 173 110.84 127.65 -30.94
CA LEU X 173 111.08 128.36 -32.19
C LEU X 173 109.91 129.26 -32.50
N GLN X 174 110.20 130.47 -32.96
CA GLN X 174 109.21 131.39 -33.48
C GLN X 174 109.61 131.80 -34.88
N ILE X 175 108.65 131.80 -35.80
CA ILE X 175 108.93 132.10 -37.21
C ILE X 175 107.67 132.65 -37.84
N VAL X 176 107.80 133.75 -38.57
CA VAL X 176 106.69 134.34 -39.30
C VAL X 176 107.25 135.08 -40.52
N LEU X 177 106.68 134.79 -41.69
CA LEU X 177 107.13 135.40 -42.93
C LEU X 177 106.01 136.24 -43.53
N LYS X 178 106.39 137.34 -44.16
CA LYS X 178 105.45 138.23 -44.83
C LYS X 178 105.43 138.05 -46.34
N GLY X 179 106.59 137.94 -46.97
CA GLY X 179 106.69 137.64 -48.39
C GLY X 179 106.69 136.16 -48.63
N ASP X 180 107.28 135.75 -49.75
CA ASP X 180 107.19 134.36 -50.19
C ASP X 180 108.58 133.78 -50.44
N PRO X 181 109.30 133.40 -49.39
CA PRO X 181 110.60 132.76 -49.59
C PRO X 181 110.41 131.30 -49.97
N LYS X 182 111.53 130.64 -50.26
CA LYS X 182 111.56 129.22 -50.62
C LYS X 182 112.66 128.60 -49.79
N VAL X 183 112.32 128.15 -48.59
CA VAL X 183 113.29 127.72 -47.61
C VAL X 183 113.13 126.22 -47.36
N LEU X 184 114.15 125.64 -46.74
CA LEU X 184 114.11 124.26 -46.29
C LEU X 184 115.07 124.13 -45.12
N ILE X 185 114.60 123.51 -44.04
CA ILE X 185 115.28 123.52 -42.74
C ILE X 185 115.44 122.08 -42.27
N SER X 186 116.62 121.75 -41.77
CA SER X 186 116.89 120.43 -41.23
C SER X 186 117.15 120.48 -39.73
N GLY X 187 116.75 119.42 -39.02
CA GLY X 187 117.02 119.29 -37.61
C GLY X 187 115.85 118.82 -36.76
N PHE X 188 115.85 119.19 -35.46
CA PHE X 188 114.76 118.87 -34.54
C PHE X 188 114.19 120.18 -34.00
N VAL X 189 112.86 120.32 -34.06
CA VAL X 189 112.19 121.58 -33.76
C VAL X 189 111.08 121.33 -32.74
N ASN X 190 111.04 122.14 -31.70
CA ASN X 190 109.85 122.29 -30.86
C ASN X 190 109.16 123.59 -31.27
N LEU X 191 108.31 123.51 -32.27
CA LEU X 191 107.62 124.71 -32.72
C LEU X 191 106.48 125.04 -31.77
N ARG X 192 106.04 126.29 -31.81
CA ARG X 192 104.91 126.74 -31.01
C ARG X 192 103.70 127.13 -31.87
N GLN X 193 103.87 128.07 -32.78
CA GLN X 193 102.72 128.65 -33.48
C GLN X 193 103.18 129.21 -34.81
N LEU X 194 102.35 129.09 -35.84
CA LEU X 194 102.70 129.60 -37.15
C LEU X 194 101.50 130.17 -37.87
N ASP X 195 101.67 131.36 -38.44
CA ASP X 195 100.64 132.05 -39.21
C ASP X 195 101.24 132.55 -40.52
N MET X 196 100.58 132.23 -41.63
CA MET X 196 101.12 132.50 -42.96
C MET X 196 100.14 133.30 -43.79
N TYR X 197 100.68 134.30 -44.51
CA TYR X 197 99.86 135.29 -45.20
C TYR X 197 100.35 135.63 -46.61
N GLY X 198 101.25 134.86 -47.18
CA GLY X 198 101.73 135.16 -48.52
C GLY X 198 101.61 134.01 -49.50
N LYS X 199 102.74 133.62 -50.09
CA LYS X 199 102.86 132.47 -50.98
C LYS X 199 104.03 131.62 -50.52
N GLY X 200 104.01 131.29 -49.23
CA GLY X 200 105.17 130.69 -48.61
C GLY X 200 105.40 129.24 -49.01
N THR X 201 106.63 128.79 -48.76
CA THR X 201 107.03 127.41 -49.00
C THR X 201 107.97 127.00 -47.87
N LEU X 202 107.59 125.97 -47.12
CA LEU X 202 108.38 125.54 -45.99
C LEU X 202 108.41 124.02 -45.91
N SER X 203 109.41 123.52 -45.21
CA SER X 203 109.56 122.09 -45.00
C SER X 203 110.32 121.85 -43.71
N LEU X 204 109.94 120.79 -43.00
CA LEU X 204 110.61 120.41 -41.76
C LEU X 204 110.71 118.90 -41.67
N TYR X 205 111.92 118.41 -41.44
CA TYR X 205 112.17 116.97 -41.45
C TYR X 205 111.61 116.31 -40.19
N TRP X 206 112.10 116.72 -39.03
CA TRP X 206 111.68 116.10 -37.78
C TRP X 206 111.35 117.18 -36.77
N ILE X 207 110.16 117.09 -36.18
CA ILE X 207 109.76 118.02 -35.14
C ILE X 207 109.45 117.23 -33.88
N LYS X 208 109.56 117.92 -32.74
CA LYS X 208 109.35 117.31 -31.43
C LYS X 208 108.61 118.34 -30.59
N SER X 209 107.29 118.26 -30.61
CA SER X 209 106.45 119.21 -29.90
C SER X 209 105.26 118.46 -29.33
N ASP X 210 104.35 119.22 -28.73
CA ASP X 210 103.07 118.70 -28.33
C ASP X 210 101.90 119.48 -28.90
N THR X 211 101.99 120.80 -28.90
CA THR X 211 100.88 121.67 -29.29
C THR X 211 101.31 122.50 -30.48
N LEU X 212 100.52 122.44 -31.55
CA LEU X 212 100.78 123.22 -32.74
C LEU X 212 99.53 123.97 -33.15
N THR X 213 99.71 125.21 -33.59
CA THR X 213 98.61 126.09 -33.98
C THR X 213 98.97 126.76 -35.30
N ILE X 214 98.24 126.39 -36.36
CA ILE X 214 98.57 126.81 -37.71
C ILE X 214 97.41 127.63 -38.27
N ARG X 215 97.74 128.79 -38.83
CA ARG X 215 96.75 129.67 -39.47
C ARG X 215 97.24 130.04 -40.86
N ALA X 216 96.68 129.44 -41.90
CA ALA X 216 97.11 129.72 -43.27
C ALA X 216 96.04 130.54 -43.98
N LYS X 217 96.49 131.61 -44.64
CA LYS X 217 95.59 132.60 -45.20
C LYS X 217 95.47 132.51 -46.71
N LYS X 218 96.58 132.65 -47.44
CA LYS X 218 96.52 132.91 -48.87
C LYS X 218 97.11 131.78 -49.71
N ALA X 219 98.39 131.45 -49.52
CA ALA X 219 99.05 130.45 -50.36
C ALA X 219 100.26 129.94 -49.61
N ALA X 220 100.31 128.63 -49.35
CA ALA X 220 101.47 128.06 -48.69
C ALA X 220 101.61 126.61 -49.10
N LYS X 221 102.84 126.20 -49.32
CA LYS X 221 103.18 124.80 -49.59
C LYS X 221 104.09 124.34 -48.46
N ILE X 222 103.54 123.54 -47.56
CA ILE X 222 104.19 123.17 -46.32
C ILE X 222 104.34 121.66 -46.31
N GLN X 223 105.58 121.18 -46.29
CA GLN X 223 105.86 119.76 -46.14
C GLN X 223 106.49 119.57 -44.76
N LEU X 224 105.75 118.93 -43.86
CA LEU X 224 106.19 118.74 -42.49
C LEU X 224 106.22 117.26 -42.16
N ALA X 225 107.12 116.88 -41.26
CA ALA X 225 107.08 115.53 -40.72
C ALA X 225 107.54 115.55 -39.27
N GLY X 226 106.98 114.67 -38.47
CA GLY X 226 107.31 114.60 -37.06
C GLY X 226 106.11 114.23 -36.23
N ILE X 227 106.24 114.45 -34.92
CA ILE X 227 105.31 113.95 -33.91
C ILE X 227 104.76 115.13 -33.13
N VAL X 228 103.44 115.16 -32.94
CA VAL X 228 102.78 116.23 -32.19
C VAL X 228 101.64 115.62 -31.38
N ASN X 229 101.53 116.01 -30.11
CA ASN X 229 100.43 115.53 -29.29
C ASN X 229 99.10 116.14 -29.72
N ARG X 230 99.06 117.46 -29.89
CA ARG X 230 97.80 118.15 -30.12
C ARG X 230 98.00 119.20 -31.20
N LEU X 231 97.14 119.19 -32.22
CA LEU X 231 97.32 120.03 -33.39
C LEU X 231 96.01 120.70 -33.77
N ASP X 232 96.08 121.99 -34.06
CA ASP X 232 94.93 122.75 -34.55
C ASP X 232 95.33 123.47 -35.82
N VAL X 233 94.56 123.24 -36.90
CA VAL X 233 94.86 123.78 -38.21
C VAL X 233 93.66 124.56 -38.72
N GLU X 234 93.90 125.81 -39.14
CA GLU X 234 92.91 126.64 -39.79
C GLU X 234 93.41 126.98 -41.19
N LEU X 235 92.58 126.73 -42.19
CA LEU X 235 92.90 127.06 -43.57
C LEU X 235 91.81 127.96 -44.12
N TRP X 236 92.20 129.08 -44.72
CA TRP X 236 91.21 130.02 -45.24
C TRP X 236 90.88 129.80 -46.71
N ASP X 237 91.85 130.00 -47.60
CA ASP X 237 91.55 129.98 -49.03
C ASP X 237 92.84 129.77 -49.80
N PHE X 238 92.77 128.92 -50.83
CA PHE X 238 93.90 128.55 -51.68
C PHE X 238 95.08 128.02 -50.86
N ALA X 239 94.76 127.25 -49.83
CA ALA X 239 95.77 126.69 -48.95
C ALA X 239 95.93 125.23 -49.29
N GLN X 240 97.12 124.85 -49.71
CA GLN X 240 97.43 123.48 -50.10
C GLN X 240 98.40 122.92 -49.07
N PHE X 241 97.85 122.42 -47.97
CA PHE X 241 98.65 121.91 -46.88
C PHE X 241 98.63 120.39 -46.88
N LYS X 242 99.80 119.78 -46.77
CA LYS X 242 99.92 118.34 -46.73
C LYS X 242 100.77 117.97 -45.52
N GLY X 243 100.12 117.61 -44.42
CA GLY X 243 100.83 117.05 -43.30
C GLY X 243 100.86 115.54 -43.38
N LYS X 244 101.25 115.03 -44.54
CA LYS X 244 101.60 113.63 -44.63
C LYS X 244 102.85 113.37 -43.80
N TYR X 245 102.97 112.14 -43.30
CA TYR X 245 104.08 111.68 -42.47
C TYR X 245 104.22 112.51 -41.20
N LEU X 246 103.11 113.02 -40.68
CA LEU X 246 103.11 113.92 -39.52
C LEU X 246 102.06 113.39 -38.54
N ARG X 247 102.46 112.41 -37.74
CA ARG X 247 101.49 111.64 -36.96
C ARG X 247 101.10 112.39 -35.70
N ALA X 248 99.79 112.58 -35.51
CA ALA X 248 99.26 113.42 -34.45
C ALA X 248 98.23 112.66 -33.65
N GLN X 249 98.29 112.81 -32.33
CA GLN X 249 97.33 112.17 -31.45
C GLN X 249 95.99 112.89 -31.49
N ARG X 250 96.01 114.21 -31.33
CA ARG X 250 94.81 115.01 -31.30
C ARG X 250 94.78 115.92 -32.51
N SER X 251 93.71 115.86 -33.29
CA SER X 251 93.66 116.60 -34.53
C SER X 251 92.39 117.42 -34.60
N PHE X 252 92.53 118.72 -34.80
CA PHE X 252 91.41 119.61 -35.06
C PHE X 252 91.69 120.30 -36.38
N VAL X 253 90.80 120.09 -37.35
CA VAL X 253 90.98 120.62 -38.70
C VAL X 253 89.77 121.45 -39.07
N LYS X 254 90.01 122.70 -39.47
CA LYS X 254 88.93 123.59 -39.90
C LYS X 254 89.32 124.22 -41.23
N THR X 255 88.61 123.84 -42.29
CA THR X 255 88.94 124.28 -43.64
C THR X 255 87.80 125.12 -44.20
N HIS X 256 88.12 126.34 -44.63
CA HIS X 256 87.17 127.17 -45.34
C HIS X 256 87.31 126.91 -46.84
N ASP X 257 86.84 127.86 -47.66
CA ASP X 257 86.62 127.62 -49.07
C ASP X 257 87.91 127.39 -49.85
N LYS X 258 87.86 126.41 -50.76
CA LYS X 258 88.89 126.10 -51.75
C LYS X 258 90.24 125.82 -51.09
N SER X 259 90.25 124.74 -50.33
CA SER X 259 91.42 124.37 -49.56
C SER X 259 91.66 122.87 -49.71
N VAL X 260 92.92 122.49 -49.55
CA VAL X 260 93.36 121.10 -49.63
C VAL X 260 94.13 120.79 -48.36
N ALA X 261 93.75 119.73 -47.66
CA ALA X 261 94.43 119.36 -46.42
C ALA X 261 94.64 117.85 -46.38
N GLU X 262 95.91 117.44 -46.32
CA GLU X 262 96.26 116.04 -46.13
C GLU X 262 96.59 115.82 -44.66
N ILE X 263 95.88 114.88 -44.04
CA ILE X 263 95.87 114.70 -42.59
C ILE X 263 96.45 113.35 -42.24
N SER X 264 97.10 113.28 -41.08
CA SER X 264 97.72 112.06 -40.59
C SER X 264 97.31 111.80 -39.15
N ALA X 265 96.00 111.79 -38.90
CA ALA X 265 95.48 111.53 -37.57
C ALA X 265 95.70 110.09 -37.15
N VAL X 266 95.91 109.88 -35.84
CA VAL X 266 96.20 108.58 -35.28
C VAL X 266 95.12 108.13 -34.31
N ASN X 267 94.73 109.00 -33.38
CA ASN X 267 93.81 108.60 -32.32
C ASN X 267 92.47 109.32 -32.37
N HIS X 268 92.47 110.65 -32.31
CA HIS X 268 91.25 111.42 -32.12
C HIS X 268 91.23 112.51 -33.16
N GLN X 269 90.20 112.51 -34.01
CA GLN X 269 90.16 113.42 -35.14
C GLN X 269 88.83 114.13 -35.20
N SER X 270 88.89 115.45 -35.34
CA SER X 270 87.72 116.29 -35.55
C SER X 270 87.95 117.10 -36.82
N SER X 271 87.01 117.01 -37.76
CA SER X 271 87.19 117.62 -39.07
C SER X 271 85.97 118.42 -39.48
N LEU X 272 86.20 119.63 -39.95
CA LEU X 272 85.12 120.50 -40.40
C LEU X 272 85.51 121.15 -41.72
N ALA X 273 84.62 121.04 -42.71
CA ALA X 273 84.85 121.64 -44.01
C ALA X 273 83.65 122.48 -44.41
N THR X 274 83.89 123.66 -44.99
CA THR X 274 82.77 124.53 -45.30
C THR X 274 82.23 124.31 -46.70
N ASP X 275 83.06 124.55 -47.71
CA ASP X 275 82.62 124.47 -49.10
C ASP X 275 83.83 124.31 -50.00
N ALA X 276 83.72 123.45 -51.00
CA ALA X 276 84.70 123.26 -52.07
C ALA X 276 86.09 122.91 -51.52
N SER X 277 86.13 122.24 -50.38
CA SER X 277 87.37 121.96 -49.70
C SER X 277 87.54 120.45 -49.61
N ASP X 278 88.79 120.01 -49.65
CA ASP X 278 89.09 118.58 -49.66
C ASP X 278 89.96 118.24 -48.48
N ILE X 279 89.61 117.16 -47.79
CA ILE X 279 90.35 116.66 -46.66
C ILE X 279 90.63 115.19 -46.91
N TYR X 280 91.90 114.82 -46.89
CA TYR X 280 92.35 113.47 -47.20
C TYR X 280 93.11 112.96 -45.99
N TYR X 281 92.42 112.24 -45.11
CA TYR X 281 93.11 111.57 -44.02
C TYR X 281 93.78 110.32 -44.55
N TYR X 282 94.97 110.03 -44.04
CA TYR X 282 95.74 108.92 -44.53
C TYR X 282 95.93 107.83 -43.50
N ASN X 283 95.12 107.84 -42.45
CA ASN X 283 95.15 106.75 -41.49
C ASN X 283 93.77 106.65 -40.86
N LEU X 284 93.39 105.43 -40.50
CA LEU X 284 92.15 105.20 -39.79
C LEU X 284 92.40 105.43 -38.30
N SER X 285 91.88 106.53 -37.79
CA SER X 285 92.04 106.83 -36.38
C SER X 285 91.18 105.90 -35.54
N LYS X 286 91.44 105.89 -34.24
CA LYS X 286 90.57 105.16 -33.34
C LYS X 286 89.23 105.86 -33.16
N THR X 287 89.17 107.17 -33.40
CA THR X 287 87.92 107.90 -33.28
C THR X 287 87.96 109.07 -34.26
N ARG X 288 86.95 109.15 -35.11
CA ARG X 288 86.91 110.15 -36.16
C ARG X 288 85.51 110.74 -36.23
N ALA X 289 85.43 112.07 -36.24
CA ALA X 289 84.16 112.76 -36.42
C ALA X 289 84.32 113.85 -37.47
N ASP X 290 83.39 113.88 -38.43
CA ASP X 290 83.51 114.69 -39.62
C ASP X 290 82.23 115.46 -39.88
N PHE X 291 82.37 116.69 -40.36
CA PHE X 291 81.22 117.47 -40.78
C PHE X 291 81.59 118.35 -41.97
N MET X 292 80.74 118.35 -42.99
CA MET X 292 80.91 119.21 -44.16
C MET X 292 79.62 119.99 -44.40
N ALA X 293 79.77 121.27 -44.71
CA ALA X 293 78.64 122.19 -44.72
C ALA X 293 77.98 122.31 -46.09
N PHE X 294 78.74 122.76 -47.09
CA PHE X 294 78.16 123.02 -48.41
C PHE X 294 78.67 122.04 -49.46
N ASN X 295 79.98 122.01 -49.69
CA ASN X 295 80.55 121.13 -50.69
C ASN X 295 81.83 120.47 -50.20
N GLY X 296 82.08 120.50 -48.89
CA GLY X 296 83.31 119.96 -48.36
C GLY X 296 83.33 118.45 -48.46
N SER X 297 84.53 117.90 -48.56
CA SER X 297 84.70 116.48 -48.81
C SER X 297 85.76 115.91 -47.88
N VAL X 298 85.49 114.72 -47.36
CA VAL X 298 86.44 113.95 -46.57
C VAL X 298 86.57 112.59 -47.22
N LEU X 299 87.79 112.15 -47.44
CA LEU X 299 88.01 110.94 -48.22
C LEU X 299 88.98 110.00 -47.53
N ASP X 300 88.77 108.70 -47.76
CA ASP X 300 89.54 107.67 -47.08
C ASP X 300 90.98 107.64 -47.58
N MET X 301 91.17 107.67 -48.90
CA MET X 301 92.45 107.99 -49.56
C MET X 301 93.58 107.03 -49.19
N ARG X 302 93.27 105.79 -48.87
CA ARG X 302 94.28 104.77 -48.78
C ARG X 302 94.30 103.96 -50.07
N GLU X 303 95.44 103.32 -50.33
CA GLU X 303 95.70 102.80 -51.66
C GLU X 303 94.92 101.54 -52.01
N TRP X 304 94.28 100.88 -51.03
CA TRP X 304 93.52 99.63 -51.19
C TRP X 304 94.38 98.50 -51.75
N GLY X 305 95.67 98.50 -51.43
CA GLY X 305 96.55 97.49 -51.99
C GLY X 305 97.52 97.00 -50.94
N GLN X 306 97.24 97.38 -49.70
CA GLN X 306 98.08 96.94 -48.59
C GLN X 306 97.86 95.46 -48.33
N SER X 307 98.95 94.78 -47.96
CA SER X 307 98.82 93.41 -47.51
C SER X 307 98.09 93.31 -46.18
N ASP X 308 98.10 94.36 -45.37
CA ASP X 308 97.51 94.30 -44.04
C ASP X 308 96.77 95.57 -43.70
N LEU X 309 95.95 96.07 -44.63
CA LEU X 309 95.06 97.17 -44.29
C LEU X 309 93.95 96.70 -43.37
N LYS X 310 93.72 97.43 -42.28
CA LYS X 310 92.70 97.04 -41.34
C LYS X 310 91.38 97.74 -41.66
N ASP X 311 90.34 97.34 -40.92
CA ASP X 311 88.96 97.69 -41.23
C ASP X 311 88.39 98.64 -40.17
N PHE X 312 87.10 98.90 -40.29
CA PHE X 312 86.38 99.69 -39.30
C PHE X 312 85.84 98.79 -38.20
N ASP X 313 85.82 99.33 -36.98
CA ASP X 313 85.20 98.65 -35.85
C ASP X 313 84.04 99.50 -35.35
N ARG X 314 83.34 98.99 -34.34
CA ARG X 314 82.04 99.51 -33.96
C ARG X 314 82.11 100.92 -33.39
N TYR X 315 83.21 101.28 -32.75
CA TYR X 315 83.33 102.63 -32.24
C TYR X 315 83.65 103.62 -33.35
N ASN X 316 84.44 103.21 -34.33
CA ASN X 316 85.02 104.13 -35.30
C ASN X 316 84.31 104.15 -36.63
N LYS X 317 83.20 103.42 -36.77
CA LYS X 317 82.57 103.22 -38.07
C LYS X 317 81.61 104.38 -38.37
N GLN X 318 82.19 105.57 -38.49
CA GLN X 318 81.38 106.74 -38.77
C GLN X 318 81.09 106.82 -40.26
N PHE X 319 79.85 107.12 -40.59
CA PHE X 319 79.46 107.15 -41.98
C PHE X 319 79.31 108.58 -42.44
N PRO X 320 79.86 108.93 -43.60
CA PRO X 320 79.65 110.26 -44.19
C PRO X 320 78.27 110.42 -44.83
N ASP Y 39 41.01 91.15 -55.48
CA ASP Y 39 40.35 90.10 -56.23
C ASP Y 39 40.90 90.02 -57.65
N GLY Y 40 41.19 91.17 -58.24
CA GLY Y 40 41.78 91.19 -59.56
C GLY Y 40 43.27 91.04 -59.43
N CYS Y 41 43.77 89.83 -59.71
CA CYS Y 41 45.18 89.55 -59.48
C CYS Y 41 46.05 90.18 -60.56
N CYS Y 42 45.66 90.08 -61.81
CA CYS Y 42 46.35 90.79 -62.88
C CYS Y 42 45.66 92.12 -63.19
N SER Y 43 45.41 92.91 -62.14
CA SER Y 43 44.70 94.17 -62.34
C SER Y 43 45.63 95.22 -62.93
N LYS Y 44 45.02 96.20 -63.60
CA LYS Y 44 45.68 97.26 -64.38
C LYS Y 44 46.57 96.68 -65.47
N MET Y 45 46.23 95.50 -65.96
CA MET Y 45 46.80 94.95 -67.17
C MET Y 45 45.67 94.28 -67.93
N GLY Y 46 46.02 93.49 -68.96
CA GLY Y 46 45.00 92.92 -69.82
C GLY Y 46 44.23 91.77 -69.20
N GLY Y 47 44.64 91.26 -68.05
CA GLY Y 47 43.92 90.21 -67.38
C GLY Y 47 44.81 89.01 -67.12
N ILE Y 48 44.17 87.91 -66.75
CA ILE Y 48 44.86 86.67 -66.41
C ILE Y 48 45.07 85.87 -67.68
N ASN Y 49 46.31 85.46 -67.95
CA ASN Y 49 46.52 84.56 -69.06
C ASN Y 49 46.54 83.10 -68.62
N TYR Y 50 47.51 82.69 -67.80
CA TYR Y 50 47.51 81.31 -67.34
C TYR Y 50 48.33 81.17 -66.07
N CYS Y 51 48.10 80.07 -65.36
CA CYS Y 51 48.77 79.80 -64.09
C CYS Y 51 50.00 78.94 -64.35
N ASP Y 52 51.18 79.53 -64.18
CA ASP Y 52 52.42 78.75 -64.15
C ASP Y 52 52.40 77.92 -62.88
N SER Y 53 52.23 76.61 -63.05
CA SER Y 53 52.21 75.70 -61.92
C SER Y 53 53.61 75.31 -61.46
N SER Y 54 54.64 75.54 -62.27
CA SER Y 54 55.98 75.20 -61.83
C SER Y 54 56.47 76.14 -60.74
N ALA Y 55 56.00 77.38 -60.76
CA ALA Y 55 56.33 78.33 -59.71
C ALA Y 55 55.12 78.78 -58.92
N GLY Y 56 53.93 78.28 -59.25
CA GLY Y 56 52.73 78.64 -58.51
C GLY Y 56 52.31 80.08 -58.65
N ARG Y 57 52.55 80.68 -59.80
CA ARG Y 57 52.26 82.09 -59.98
C ARG Y 57 51.42 82.29 -61.23
N LEU Y 58 50.51 83.25 -61.18
CA LEU Y 58 49.76 83.61 -62.36
C LEU Y 58 50.63 84.45 -63.29
N VAL Y 59 50.43 84.27 -64.59
CA VAL Y 59 51.07 85.09 -65.61
C VAL Y 59 49.97 85.82 -66.37
N CYS Y 60 50.14 87.13 -66.50
CA CYS Y 60 49.11 88.04 -66.99
C CYS Y 60 49.18 88.15 -68.51
N ASN Y 61 48.44 89.10 -69.07
CA ASN Y 61 48.44 89.31 -70.51
C ASN Y 61 49.79 89.79 -70.99
N ASN Y 62 50.27 90.89 -70.43
CA ASN Y 62 51.69 91.18 -70.55
C ASN Y 62 52.47 90.17 -69.72
N GLY Y 63 53.67 89.86 -70.17
CA GLY Y 63 54.42 88.76 -69.57
C GLY Y 63 55.05 89.07 -68.24
N PHE Y 64 54.24 89.40 -67.24
CA PHE Y 64 54.74 89.75 -65.92
C PHE Y 64 54.17 88.82 -64.86
N TYR Y 65 54.97 88.51 -63.87
CA TYR Y 65 54.52 87.70 -62.76
C TYR Y 65 53.68 88.51 -61.80
N SER Y 66 52.49 88.01 -61.48
CA SER Y 66 51.56 88.74 -60.65
C SER Y 66 51.98 88.68 -59.19
N THR Y 67 51.15 89.27 -58.34
CA THR Y 67 51.38 89.29 -56.90
C THR Y 67 50.43 88.35 -56.16
N CYS Y 68 49.89 87.36 -56.85
CA CYS Y 68 49.02 86.38 -56.22
C CYS Y 68 49.69 85.02 -56.19
N TYR Y 69 48.94 84.02 -55.76
CA TYR Y 69 49.36 82.63 -55.78
C TYR Y 69 48.33 81.81 -56.54
N CYS Y 70 48.78 80.86 -57.36
CA CYS Y 70 47.84 80.07 -58.12
C CYS Y 70 47.90 78.57 -57.82
N THR Y 71 48.87 78.09 -57.05
CA THR Y 71 48.80 76.76 -56.49
C THR Y 71 48.96 76.82 -54.99
N ARG Y 72 48.68 75.70 -54.33
CA ARG Y 72 49.00 75.58 -52.93
C ARG Y 72 50.51 75.59 -52.71
N HIS Y 73 51.26 74.82 -53.50
CA HIS Y 73 52.70 74.79 -53.37
C HIS Y 73 53.27 76.04 -53.99
N ALA Y 74 53.68 76.99 -53.14
CA ALA Y 74 54.28 78.21 -53.63
C ALA Y 74 55.23 78.72 -52.56
N VAL Y 75 55.60 79.98 -52.64
CA VAL Y 75 56.54 80.58 -51.70
C VAL Y 75 55.77 81.61 -50.89
N MET Y 76 55.34 81.23 -49.70
CA MET Y 76 54.78 82.16 -48.74
C MET Y 76 55.59 82.10 -47.46
N ASP Y 77 55.76 83.25 -46.81
CA ASP Y 77 56.56 83.32 -45.58
C ASP Y 77 55.64 83.08 -44.39
N LEU Y 78 55.34 81.82 -44.14
CA LEU Y 78 54.53 81.45 -43.00
C LEU Y 78 55.38 81.54 -41.75
N GLN Y 79 55.01 82.42 -40.83
CA GLN Y 79 55.72 82.60 -39.57
C GLN Y 79 54.86 82.26 -38.37
N PHE Y 80 53.67 82.82 -38.29
CA PHE Y 80 52.79 82.61 -37.15
C PHE Y 80 51.61 81.75 -37.60
N LEU Y 81 51.44 80.60 -36.94
CA LEU Y 81 50.30 79.74 -37.23
C LEU Y 81 49.89 79.03 -35.94
N MET Y 82 48.61 78.69 -35.86
CA MET Y 82 48.04 78.15 -34.64
C MET Y 82 48.02 76.63 -34.68
N GLY Y 83 47.39 76.04 -33.68
CA GLY Y 83 47.34 74.59 -33.54
C GLY Y 83 47.62 74.14 -32.13
N CYS Y 84 46.74 73.32 -31.58
CA CYS Y 84 46.96 72.77 -30.25
C CYS Y 84 48.04 71.71 -30.29
N CYS Y 85 48.83 71.63 -29.21
CA CYS Y 85 50.00 70.73 -29.08
C CYS Y 85 50.99 70.92 -30.21
N LEU Y 86 51.19 72.15 -30.62
CA LEU Y 86 52.10 72.44 -31.71
C LEU Y 86 53.54 72.44 -31.20
N TRP Y 87 54.46 72.36 -32.16
CA TRP Y 87 55.92 72.39 -31.93
C TRP Y 87 56.38 71.22 -31.07
N HIS Y 88 55.59 70.14 -31.14
CA HIS Y 88 55.75 68.91 -30.41
C HIS Y 88 55.23 67.82 -31.33
N GLY Y 89 54.89 66.67 -30.76
CA GLY Y 89 54.37 65.60 -31.59
C GLY Y 89 52.95 65.74 -32.08
N GLY Y 90 52.30 66.86 -31.84
CA GLY Y 90 50.89 66.99 -32.15
C GLY Y 90 50.03 66.42 -31.04
N VAL Y 91 48.73 66.58 -31.18
CA VAL Y 91 47.82 66.14 -30.13
C VAL Y 91 47.74 64.63 -30.09
N TYR Y 92 47.31 64.10 -28.95
CA TYR Y 92 46.99 62.70 -28.86
C TYR Y 92 45.50 62.52 -29.11
N PRO Y 93 45.11 61.71 -30.07
CA PRO Y 93 43.71 61.72 -30.51
C PRO Y 93 42.80 60.80 -29.72
N GLN Y 94 43.25 60.31 -28.56
CA GLN Y 94 42.46 59.37 -27.80
C GLN Y 94 41.24 60.06 -27.18
N LEU Y 95 40.24 59.25 -26.84
CA LEU Y 95 39.02 59.76 -26.22
C LEU Y 95 39.35 60.22 -24.82
N ASN Y 96 39.10 61.50 -24.55
CA ASN Y 96 39.50 62.13 -23.29
C ASN Y 96 38.29 62.29 -22.39
N SER Y 97 38.41 61.83 -21.15
CA SER Y 97 37.35 62.02 -20.17
C SER Y 97 37.26 63.48 -19.75
N SER Y 98 38.29 63.98 -19.10
CA SER Y 98 38.37 65.40 -18.78
C SER Y 98 39.02 66.11 -19.96
N GLY Y 99 39.38 67.37 -19.76
CA GLY Y 99 40.00 68.17 -20.79
C GLY Y 99 41.51 68.13 -20.82
N LEU Y 100 42.15 67.22 -20.08
CA LEU Y 100 43.59 67.13 -20.08
C LEU Y 100 44.06 66.57 -21.42
N VAL Y 101 44.64 67.44 -22.25
CA VAL Y 101 45.08 67.08 -23.59
C VAL Y 101 46.59 66.97 -23.59
N VAL Y 102 47.12 65.88 -24.10
CA VAL Y 102 48.53 65.54 -24.02
C VAL Y 102 49.11 65.50 -25.42
N CYS Y 103 50.31 66.07 -25.58
CA CYS Y 103 50.98 65.98 -26.86
C CYS Y 103 51.56 64.60 -27.07
N ASN Y 104 51.90 64.29 -28.32
CA ASN Y 104 52.35 62.95 -28.67
C ASN Y 104 53.75 62.66 -28.16
N ASP Y 105 54.57 63.68 -27.90
CA ASP Y 105 55.90 63.47 -27.36
C ASP Y 105 55.91 63.43 -25.84
N GLY Y 106 54.76 63.18 -25.22
CA GLY Y 106 54.68 63.04 -23.78
C GLY Y 106 54.50 64.35 -23.03
N TYR Y 107 54.64 65.47 -23.71
CA TYR Y 107 54.42 66.77 -23.10
C TYR Y 107 52.93 67.00 -22.91
N VAL Y 108 52.59 67.83 -21.93
CA VAL Y 108 51.19 68.18 -21.66
C VAL Y 108 51.03 69.67 -21.86
N SER Y 109 49.95 70.06 -22.55
CA SER Y 109 49.69 71.45 -22.91
C SER Y 109 48.44 71.90 -22.19
N GLU Y 110 48.62 72.36 -20.95
CA GLU Y 110 47.50 72.89 -20.18
C GLU Y 110 47.00 74.20 -20.73
N GLU Y 111 47.85 74.92 -21.47
CA GLU Y 111 47.43 76.13 -22.16
C GLU Y 111 46.41 75.84 -23.26
N CYS Y 112 46.44 74.63 -23.81
CA CYS Y 112 45.34 74.18 -24.65
C CYS Y 112 44.24 73.53 -23.82
N SER Y 113 44.59 72.92 -22.69
CA SER Y 113 43.61 72.24 -21.87
C SER Y 113 42.73 73.23 -21.10
N LEU Y 114 41.72 72.69 -20.42
CA LEU Y 114 40.74 73.52 -19.74
C LEU Y 114 41.24 73.94 -18.35
N GLN Y 115 40.58 74.96 -17.81
CA GLN Y 115 40.88 75.48 -16.48
C GLN Y 115 39.88 74.93 -15.48
N LYS Y 116 40.05 75.32 -14.22
CA LYS Y 116 39.07 75.02 -13.18
C LYS Y 116 39.11 76.08 -12.07
N UNK Z 1 74.04 89.95 -60.38
CA UNK Z 1 73.79 90.56 -61.67
C UNK Z 1 74.87 91.59 -62.01
N UNK Z 2 74.77 92.75 -61.36
CA UNK Z 2 75.73 93.86 -61.42
C UNK Z 2 75.92 94.41 -62.83
N UNK Z 3 74.92 94.22 -63.71
CA UNK Z 3 74.97 94.71 -65.07
C UNK Z 3 73.55 94.68 -65.62
N UNK Z 4 73.18 95.68 -66.40
CA UNK Z 4 71.86 95.71 -66.99
C UNK Z 4 71.85 95.11 -68.39
N UNK Z 5 72.67 95.65 -69.29
CA UNK Z 5 72.72 95.18 -70.66
C UNK Z 5 74.12 94.67 -70.97
N UNK Z 6 74.21 93.40 -71.33
CA UNK Z 6 75.50 92.81 -71.68
C UNK Z 6 75.96 93.32 -73.05
N UNK Z 7 77.27 93.47 -73.19
CA UNK Z 7 77.83 94.04 -74.40
C UNK Z 7 77.96 92.97 -75.49
N UNK Z 8 78.60 93.34 -76.59
CA UNK Z 8 78.99 92.38 -77.63
C UNK Z 8 80.16 93.01 -78.37
N UNK Z 9 81.37 92.54 -78.06
CA UNK Z 9 82.64 92.93 -78.71
C UNK Z 9 82.92 94.44 -78.73
N UNK AA 1 97.14 7.29 59.72
CA UNK AA 1 97.07 5.91 59.26
C UNK AA 1 97.98 5.69 58.06
N UNK AA 2 98.27 6.77 57.35
CA UNK AA 2 99.23 6.76 56.25
C UNK AA 2 100.32 7.78 56.53
N UNK AA 3 101.57 7.40 56.28
CA UNK AA 3 102.73 8.22 56.62
C UNK AA 3 103.17 9.02 55.40
N UNK AA 4 103.10 10.35 55.52
CA UNK AA 4 103.46 11.23 54.40
C UNK AA 4 104.94 11.17 54.09
N UNK AA 5 105.78 10.91 55.10
CA UNK AA 5 107.21 10.72 54.86
C UNK AA 5 107.46 9.49 54.01
N UNK AA 6 106.74 8.40 54.28
CA UNK AA 6 106.84 7.20 53.46
C UNK AA 6 106.29 7.45 52.06
N UNK AA 7 105.22 8.24 51.94
CA UNK AA 7 104.65 8.56 50.64
C UNK AA 7 105.61 9.39 49.80
N UNK AA 8 106.22 10.41 50.39
CA UNK AA 8 107.17 11.26 49.67
C UNK AA 8 108.45 10.50 49.35
N UNK AA 9 108.89 9.61 50.25
CA UNK AA 9 110.06 8.78 49.97
C UNK AA 9 109.81 7.83 48.82
N UNK AA 10 108.62 7.22 48.78
CA UNK AA 10 108.26 6.33 47.68
C UNK AA 10 108.16 7.08 46.36
N UNK AA 11 107.55 8.28 46.38
CA UNK AA 11 107.44 9.08 45.17
C UNK AA 11 108.80 9.54 44.66
N UNK AA 12 109.69 9.95 45.57
CA UNK AA 12 111.02 10.37 45.17
C UNK AA 12 111.85 9.20 44.68
N UNK AA 13 111.71 8.02 45.29
CA UNK AA 13 112.45 6.85 44.84
C UNK AA 13 111.97 6.38 43.47
N UNK AA 14 110.66 6.45 43.22
CA UNK AA 14 110.14 6.09 41.91
C UNK AA 14 110.51 7.14 40.87
N UNK AA 15 110.65 8.40 41.27
CA UNK AA 15 111.11 9.43 40.34
C UNK AA 15 112.59 9.23 40.01
N UNK AA 16 113.40 8.89 41.01
CA UNK AA 16 114.83 8.71 40.82
C UNK AA 16 115.09 7.24 40.47
N UNK AA 17 114.66 6.87 39.27
CA UNK AA 17 115.00 5.58 38.70
C UNK AA 17 116.21 5.66 37.80
N UNK AA 18 116.21 6.63 36.87
CA UNK AA 18 117.35 6.98 36.00
C UNK AA 18 117.82 5.81 35.15
N UNK AA 19 116.91 4.90 34.80
CA UNK AA 19 117.29 3.71 34.03
C UNK AA 19 116.10 3.36 33.14
N UNK AA 20 116.14 3.85 31.90
CA UNK AA 20 115.10 3.56 30.92
C UNK AA 20 115.72 3.64 29.55
N UNK AA 21 115.75 2.50 28.85
CA UNK AA 21 116.35 2.40 27.53
C UNK AA 21 115.28 2.59 26.47
N UNK AA 22 115.61 3.34 25.42
CA UNK AA 22 114.65 3.71 24.39
C UNK AA 22 115.09 3.18 23.04
N UNK AA 23 114.20 2.43 22.41
CA UNK AA 23 114.35 2.00 21.01
C UNK AA 23 113.15 2.51 20.23
N UNK AA 24 113.42 3.22 19.14
CA UNK AA 24 112.38 3.69 18.23
C UNK AA 24 112.44 2.91 16.94
N UNK AA 25 111.42 3.09 16.12
CA UNK AA 25 111.27 2.33 14.90
C UNK AA 25 111.07 3.27 13.72
N UNK AA 26 111.46 2.79 12.54
CA UNK AA 26 111.33 3.56 11.31
C UNK AA 26 109.93 3.35 10.73
N UNK AA 27 109.71 3.85 9.52
CA UNK AA 27 108.41 3.77 8.86
C UNK AA 27 108.27 2.56 7.95
N UNK AA 28 109.29 1.70 7.87
CA UNK AA 28 109.24 0.51 7.03
C UNK AA 28 109.83 -0.69 7.75
N UNK AA 29 109.44 -0.87 9.02
CA UNK AA 29 109.84 -1.99 9.88
C UNK AA 29 111.36 -2.09 10.04
N UNK AA 30 111.97 -1.00 10.49
CA UNK AA 30 113.37 -0.94 10.86
C UNK AA 30 113.49 -0.25 12.21
N UNK AA 31 114.44 -0.69 13.03
CA UNK AA 31 114.53 -0.25 14.41
C UNK AA 31 115.91 0.30 14.72
N UNK AA 32 115.97 1.12 15.78
CA UNK AA 32 117.23 1.63 16.29
C UNK AA 32 117.07 1.91 17.78
N UNK AA 33 118.09 1.55 18.56
CA UNK AA 33 118.05 1.65 20.01
C UNK AA 33 119.15 2.59 20.52
N UNK AA 34 118.93 3.13 21.71
CA UNK AA 34 119.90 3.98 22.38
C UNK AA 34 120.07 3.53 23.83
N UNK AA 35 121.19 3.93 24.42
CA UNK AA 35 121.48 3.57 25.80
C UNK AA 35 120.57 4.34 26.76
N UNK AA 36 120.41 3.78 27.96
CA UNK AA 36 119.50 4.35 28.96
C UNK AA 36 120.05 5.65 29.51
N UNK AA 37 119.15 6.58 29.83
CA UNK AA 37 119.54 7.89 30.32
C UNK AA 37 118.40 8.44 31.18
N UNK AA 38 118.49 9.74 31.50
CA UNK AA 38 117.52 10.51 32.30
C UNK AA 38 117.20 9.89 33.65
N UNK AA 39 104.84 7.90 13.22
CA UNK AA 39 105.32 6.63 13.75
C UNK AA 39 106.74 6.78 14.29
N UNK AA 40 107.29 7.98 14.16
CA UNK AA 40 108.66 8.22 14.57
C UNK AA 40 108.80 8.20 16.09
N UNK AA 41 107.79 8.71 16.80
CA UNK AA 41 107.85 8.83 18.26
C UNK AA 41 106.80 7.91 18.86
N UNK AA 42 107.21 6.69 19.20
CA UNK AA 42 106.32 5.74 19.84
C UNK AA 42 106.05 6.19 21.28
N UNK AA 43 104.82 5.92 21.74
CA UNK AA 43 104.50 6.18 23.14
C UNK AA 43 105.26 5.23 24.06
N UNK AA 44 105.54 4.02 23.60
CA UNK AA 44 106.32 3.05 24.35
C UNK AA 44 107.68 2.80 23.71
N UNK AA 45 108.30 3.84 23.17
CA UNK AA 45 109.67 3.68 22.67
C UNK AA 45 110.65 3.49 23.82
N UNK AA 46 110.38 4.05 24.98
CA UNK AA 46 111.26 3.96 26.13
C UNK AA 46 110.67 3.04 27.18
N UNK AA 47 111.49 2.10 27.67
CA UNK AA 47 111.08 1.16 28.70
C UNK AA 47 112.08 1.18 29.85
N UNK AA 48 111.57 1.17 31.07
CA UNK AA 48 112.41 1.25 32.26
C UNK AA 48 112.53 -0.10 32.97
N ILE BA 862 14.37 52.55 40.47
CA ILE BA 862 13.07 51.95 40.76
C ILE BA 862 12.08 53.04 41.17
N ILE BA 863 11.05 53.21 40.36
CA ILE BA 863 10.04 54.25 40.58
C ILE BA 863 8.71 53.55 40.85
N LYS BA 864 8.01 54.01 41.88
CA LYS BA 864 6.72 53.45 42.24
C LYS BA 864 5.68 53.70 41.15
N THR BA 865 4.69 52.80 41.08
CA THR BA 865 3.69 52.78 40.00
C THR BA 865 2.75 53.97 40.12
N GLY BA 866 2.39 54.56 38.97
CA GLY BA 866 1.33 55.54 38.86
C GLY BA 866 1.54 56.84 39.61
N ASP BA 867 2.74 57.40 39.56
CA ASP BA 867 3.07 58.55 40.38
C ASP BA 867 2.75 59.85 39.64
N ILE BA 868 2.89 60.96 40.37
CA ILE BA 868 2.46 62.28 39.90
C ILE BA 868 3.69 63.16 39.74
N MET BA 869 3.88 63.69 38.53
CA MET BA 869 4.95 64.64 38.24
C MET BA 869 4.38 65.80 37.44
N PHE BA 870 5.22 66.74 37.04
CA PHE BA 870 4.78 67.89 36.28
C PHE BA 870 5.78 68.20 35.18
N ALA BA 871 5.26 68.61 34.02
CA ALA BA 871 6.05 68.76 32.82
C ALA BA 871 5.63 70.05 32.10
N VAL BA 872 6.25 70.28 30.93
CA VAL BA 872 6.06 71.50 30.16
C VAL BA 872 5.77 71.13 28.70
N LEU BA 873 4.67 71.64 28.16
CA LEU BA 873 4.32 71.46 26.76
C LEU BA 873 4.61 72.74 25.99
N ASP BA 874 5.23 72.58 24.81
CA ASP BA 874 5.62 73.73 24.01
C ASP BA 874 4.91 73.79 22.66
N THR BA 875 4.78 72.66 21.97
CA THR BA 875 4.26 72.69 20.61
C THR BA 875 2.73 72.73 20.62
N SER BA 876 2.16 73.46 19.67
CA SER BA 876 0.71 73.42 19.45
C SER BA 876 0.37 72.34 18.45
N VAL BA 877 -0.69 71.59 18.78
CA VAL BA 877 -1.26 70.59 17.90
C VAL BA 877 -2.75 70.51 18.22
N ASN BA 878 -3.54 70.23 17.19
CA ASN BA 878 -4.98 70.12 17.32
C ASN BA 878 -5.38 68.66 17.28
N SER BA 879 -6.53 68.35 17.87
CA SER BA 879 -7.12 67.02 17.79
C SER BA 879 -7.75 66.75 16.43
N ASP BA 880 -6.97 66.87 15.37
CA ASP BA 880 -7.38 66.43 14.04
C ASP BA 880 -6.33 65.58 13.34
N GLU BA 881 -5.04 65.91 13.51
CA GLU BA 881 -3.96 65.27 12.78
C GLU BA 881 -2.89 64.84 13.77
N PRO BA 882 -2.57 63.55 13.87
CA PRO BA 882 -1.51 63.10 14.78
C PRO BA 882 -0.13 63.50 14.30
N GLY BA 883 0.79 63.61 15.27
CA GLY BA 883 2.17 63.92 14.99
C GLY BA 883 3.03 63.79 16.22
N PRO BA 884 4.36 63.81 16.04
CA PRO BA 884 5.26 63.77 17.19
C PRO BA 884 5.21 65.06 17.99
N ILE BA 885 4.76 64.97 19.24
CA ILE BA 885 4.73 66.09 20.16
C ILE BA 885 5.49 65.69 21.42
N LEU BA 886 6.25 66.61 21.99
CA LEU BA 886 7.11 66.31 23.13
C LEU BA 886 6.87 67.26 24.29
N ALA BA 887 6.83 66.71 25.50
CA ALA BA 887 6.84 67.44 26.75
C ALA BA 887 8.17 67.19 27.46
N THR BA 888 8.40 67.88 28.58
CA THR BA 888 9.69 67.83 29.26
C THR BA 888 9.51 67.66 30.76
N ILE BA 889 10.00 66.54 31.28
CA ILE BA 889 10.00 66.29 32.72
C ILE BA 889 10.99 67.23 33.40
N VAL BA 890 10.50 68.00 34.36
CA VAL BA 890 11.31 69.06 34.95
C VAL BA 890 11.47 68.93 36.47
N THR BA 891 10.52 68.30 37.16
CA THR BA 891 10.54 68.32 38.62
C THR BA 891 10.52 66.92 39.18
N GLY BA 892 10.29 66.78 40.49
CA GLY BA 892 10.17 65.47 41.08
C GLY BA 892 11.53 64.81 41.24
N LYS BA 893 11.71 63.71 40.52
CA LYS BA 893 13.04 63.10 40.48
C LYS BA 893 13.81 63.49 39.23
N LEU BA 894 13.31 63.12 38.05
CA LEU BA 894 14.09 63.26 36.82
C LEU BA 894 14.08 64.70 36.32
N LYS BA 895 15.25 65.18 35.95
CA LYS BA 895 15.43 66.55 35.48
C LYS BA 895 15.94 66.48 34.05
N GLY BA 896 15.32 67.27 33.16
CA GLY BA 896 15.78 67.34 31.79
C GLY BA 896 15.36 66.19 30.90
N SER BA 897 14.49 65.31 31.40
CA SER BA 897 13.99 64.22 30.57
C SER BA 897 13.01 64.76 29.54
N LYS BA 898 12.99 64.16 28.36
CA LYS BA 898 12.01 64.54 27.34
C LYS BA 898 11.04 63.39 27.12
N LEU BA 899 9.90 63.70 26.49
CA LEU BA 899 8.79 62.75 26.39
C LEU BA 899 8.07 62.95 25.07
N ILE BA 900 8.17 61.97 24.18
CA ILE BA 900 7.64 62.00 22.81
C ILE BA 900 6.37 61.15 22.74
N GLY BA 901 5.34 61.69 22.06
CA GLY BA 901 4.14 60.94 21.73
C GLY BA 901 3.17 61.64 20.78
N SER BA 902 1.88 61.37 20.96
CA SER BA 902 0.78 61.94 20.17
C SER BA 902 -0.43 62.05 21.09
N PHE BA 903 -1.63 62.22 20.54
CA PHE BA 903 -2.79 62.46 21.39
C PHE BA 903 -3.76 61.28 21.36
N ASN BA 904 -4.92 61.49 21.98
CA ASN BA 904 -6.00 60.52 21.98
C ASN BA 904 -7.23 61.16 21.36
N LEU BA 905 -8.14 60.31 20.87
CA LEU BA 905 -9.38 60.77 20.30
C LEU BA 905 -10.54 60.51 21.24
N PRO BA 906 -11.30 61.53 21.61
CA PRO BA 906 -12.54 61.31 22.36
C PRO BA 906 -13.76 61.26 21.45
N SER BA 907 -14.78 60.52 21.91
CA SER BA 907 -16.04 60.49 21.19
C SER BA 907 -16.83 61.78 21.37
N ASN BA 908 -16.79 62.35 22.59
CA ASN BA 908 -17.34 63.66 22.87
C ASN BA 908 -16.21 64.57 23.30
N ALA BA 909 -16.24 65.83 22.85
CA ALA BA 909 -15.08 66.71 22.88
C ALA BA 909 -14.91 67.46 24.20
N ASP BA 910 -15.45 66.95 25.30
CA ASP BA 910 -15.38 67.64 26.58
C ASP BA 910 -14.13 67.30 27.38
N LYS BA 911 -13.23 66.48 26.84
CA LYS BA 911 -11.99 66.16 27.53
C LYS BA 911 -10.93 65.78 26.51
N MET BA 912 -9.67 65.77 26.96
CA MET BA 912 -8.55 65.42 26.11
C MET BA 912 -7.52 64.66 26.93
N VAL BA 913 -6.85 63.68 26.32
CA VAL BA 913 -5.64 63.12 26.89
C VAL BA 913 -4.60 62.92 25.80
N ILE BA 914 -3.33 62.95 26.21
CA ILE BA 914 -2.18 62.96 25.30
C ILE BA 914 -1.36 61.72 25.59
N THR BA 915 -1.08 60.95 24.56
CA THR BA 915 -0.31 59.72 24.68
C THR BA 915 1.18 60.08 24.74
N PHE BA 916 1.87 59.67 25.80
CA PHE BA 916 3.27 60.04 25.99
C PHE BA 916 4.06 58.83 26.44
N ASN BA 917 4.96 58.35 25.57
CA ASN BA 917 5.65 57.10 25.88
C ASN BA 917 7.16 57.16 25.77
N THR BA 918 7.71 57.92 24.82
CA THR BA 918 9.15 57.84 24.59
C THR BA 918 9.82 58.78 25.59
N MET BA 919 10.37 58.20 26.66
CA MET BA 919 10.93 58.97 27.78
C MET BA 919 12.46 58.86 27.73
N SER BA 920 13.10 59.94 27.31
CA SER BA 920 14.54 59.94 27.11
C SER BA 920 15.22 60.74 28.23
N ILE BA 921 16.21 60.12 28.86
CA ILE BA 921 16.98 60.71 29.95
C ILE BA 921 18.37 61.05 29.42
N PRO BA 922 18.86 62.27 29.61
CA PRO BA 922 20.22 62.59 29.21
C PRO BA 922 21.26 62.06 30.19
N GLY BA 923 22.52 62.44 29.99
CA GLY BA 923 23.60 61.94 30.81
C GLY BA 923 24.25 60.72 30.20
N ALA BA 924 23.51 59.61 30.16
CA ALA BA 924 23.90 58.43 29.42
C ALA BA 924 22.99 58.25 28.22
N GLU BA 925 23.50 57.51 27.23
CA GLU BA 925 22.76 57.25 26.00
C GLU BA 925 21.66 56.21 26.30
N LYS BA 926 20.58 56.69 26.91
CA LYS BA 926 19.47 55.84 27.31
C LYS BA 926 18.15 56.54 27.04
N THR BA 927 17.10 55.74 26.88
CA THR BA 927 15.73 56.24 26.65
C THR BA 927 14.78 55.14 27.12
N ILE BA 928 14.11 55.38 28.24
CA ILE BA 928 13.19 54.38 28.77
C ILE BA 928 11.85 54.53 28.06
N SER BA 929 10.94 53.56 28.26
CA SER BA 929 9.70 53.55 27.51
C SER BA 929 8.47 53.47 28.41
N ILE BA 930 8.41 54.32 29.43
CA ILE BA 930 7.21 54.43 30.24
C ILE BA 930 6.15 55.18 29.43
N SER BA 931 5.00 54.55 29.25
CA SER BA 931 3.91 55.15 28.50
C SER BA 931 2.91 55.73 29.49
N ALA BA 932 2.63 57.02 29.36
CA ALA BA 932 1.78 57.68 30.33
C ALA BA 932 1.01 58.80 29.64
N TYR BA 933 0.12 59.42 30.39
CA TYR BA 933 -0.77 60.47 29.93
C TYR BA 933 -0.55 61.71 30.79
N ALA BA 934 -1.49 62.64 30.72
CA ALA BA 934 -1.42 63.88 31.46
C ALA BA 934 -2.59 64.04 32.42
N ILE BA 935 -2.37 64.85 33.46
CA ILE BA 935 -3.41 65.34 34.36
C ILE BA 935 -3.23 66.84 34.51
N ASP BA 936 -4.35 67.55 34.69
CA ASP BA 936 -4.33 69.02 34.69
C ASP BA 936 -3.63 69.55 35.92
N PRO BA 937 -2.65 70.43 35.76
CA PRO BA 937 -2.21 71.24 36.90
C PRO BA 937 -3.35 72.12 37.41
N ASN BA 938 -3.40 72.25 38.74
CA ASN BA 938 -4.30 73.08 39.54
C ASN BA 938 -5.76 72.66 39.50
N THR BA 939 -6.12 71.61 38.78
CA THR BA 939 -7.50 71.14 38.82
C THR BA 939 -7.57 69.64 38.98
N ALA BA 940 -6.60 68.94 38.38
CA ALA BA 940 -6.56 67.48 38.26
C ALA BA 940 -7.84 66.94 37.63
N ARG BA 941 -8.23 67.57 36.54
CA ARG BA 941 -9.43 67.20 35.80
C ARG BA 941 -9.03 66.89 34.37
N THR BA 942 -9.74 65.95 33.75
CA THR BA 942 -9.32 65.41 32.46
C THR BA 942 -9.69 66.30 31.28
N ALA BA 943 -10.45 67.36 31.47
CA ALA BA 943 -10.74 68.28 30.38
C ALA BA 943 -9.52 69.15 30.09
N LEU BA 944 -9.55 69.83 28.94
CA LEU BA 944 -8.46 70.67 28.50
C LEU BA 944 -8.88 72.13 28.49
N ALA BA 945 -7.90 73.03 28.61
CA ALA BA 945 -8.10 74.46 28.43
C ALA BA 945 -8.18 74.74 26.94
N SER BA 946 -9.39 74.63 26.42
CA SER BA 946 -9.70 74.99 25.04
C SER BA 946 -11.18 75.32 24.97
N ARG BA 947 -11.57 75.95 23.88
CA ARG BA 947 -12.98 76.22 23.64
C ARG BA 947 -13.60 75.07 22.86
N THR BA 948 -14.89 74.85 23.09
CA THR BA 948 -15.59 73.75 22.47
C THR BA 948 -16.78 74.19 21.63
N ASN BA 949 -17.01 75.49 21.47
CA ASN BA 949 -18.16 76.01 20.73
C ASN BA 949 -17.81 76.32 19.29
N HIS BA 950 -16.86 75.57 18.71
CA HIS BA 950 -16.26 75.96 17.44
C HIS BA 950 -17.15 75.65 16.25
N HIS BA 951 -17.93 74.59 16.32
CA HIS BA 951 -18.60 74.10 15.13
C HIS BA 951 -20.06 73.81 15.42
N TYR BA 952 -20.72 74.80 16.01
CA TYR BA 952 -22.16 74.75 16.21
C TYR BA 952 -22.89 75.80 15.38
N LEU BA 953 -22.44 77.05 15.50
CA LEU BA 953 -23.14 78.17 14.88
C LEU BA 953 -23.05 78.16 13.37
N MET BA 954 -21.92 77.74 12.82
CA MET BA 954 -21.73 77.77 11.36
C MET BA 954 -22.68 76.79 10.67
N ARG BA 955 -22.70 75.55 11.12
CA ARG BA 955 -23.57 74.56 10.49
C ARG BA 955 -25.05 74.84 10.79
N TYR BA 956 -25.36 75.33 12.00
CA TYR BA 956 -26.75 75.68 12.31
C TYR BA 956 -27.26 76.80 11.42
N GLY BA 957 -26.46 77.86 11.26
CA GLY BA 957 -26.88 78.97 10.43
C GLY BA 957 -26.98 78.62 8.96
N SER BA 958 -26.05 77.78 8.46
CA SER BA 958 -26.11 77.36 7.08
C SER BA 958 -27.37 76.52 6.81
N LEU BA 959 -27.70 75.61 7.72
CA LEU BA 959 -28.91 74.80 7.59
C LEU BA 959 -30.16 75.66 7.59
N PHE BA 960 -30.27 76.57 8.57
CA PHE BA 960 -31.47 77.38 8.68
C PHE BA 960 -31.61 78.35 7.51
N ALA BA 961 -30.50 78.89 7.02
CA ALA BA 961 -30.55 79.79 5.89
C ALA BA 961 -30.99 79.08 4.61
N SER BA 962 -30.42 77.89 4.36
CA SER BA 962 -30.80 77.14 3.15
C SER BA 962 -32.27 76.72 3.20
N SER BA 963 -32.73 76.29 4.38
CA SER BA 963 -34.13 75.92 4.55
C SER BA 963 -35.07 77.11 4.32
N PHE BA 964 -34.75 78.26 4.95
CA PHE BA 964 -35.55 79.46 4.79
C PHE BA 964 -35.63 79.90 3.34
N LEU BA 965 -34.52 79.72 2.61
CA LEU BA 965 -34.50 80.06 1.18
C LEU BA 965 -35.45 79.17 0.38
N GLN BA 966 -35.40 77.85 0.64
CA GLN BA 966 -36.30 76.91 -0.02
C GLN BA 966 -37.76 77.28 0.22
N GLY BA 967 -38.09 77.56 1.48
CA GLY BA 967 -39.46 77.93 1.81
C GLY BA 967 -39.90 79.22 1.16
N PHE BA 968 -38.98 80.19 1.08
CA PHE BA 968 -39.34 81.50 0.54
C PHE BA 968 -39.68 81.40 -0.92
N GLY BA 969 -38.85 80.68 -1.67
CA GLY BA 969 -39.13 80.51 -3.08
C GLY BA 969 -40.42 79.77 -3.35
N ASN BA 970 -40.61 78.62 -2.69
CA ASN BA 970 -41.79 77.82 -3.03
C ASN BA 970 -43.09 78.50 -2.57
N ALA BA 971 -43.14 79.03 -1.35
CA ALA BA 971 -44.40 79.56 -0.88
C ALA BA 971 -44.71 80.92 -1.48
N PHE BA 972 -43.69 81.75 -1.72
CA PHE BA 972 -44.01 83.02 -2.36
C PHE BA 972 -44.23 82.88 -3.86
N GLN BA 973 -43.85 81.75 -4.46
CA GLN BA 973 -44.39 81.45 -5.77
C GLN BA 973 -45.82 80.93 -5.68
N SER BA 974 -46.11 80.14 -4.65
CA SER BA 974 -47.40 79.47 -4.54
C SER BA 974 -48.53 80.43 -4.23
N ALA BA 975 -48.29 81.40 -3.35
CA ALA BA 975 -49.34 82.30 -2.91
C ALA BA 975 -49.54 83.48 -3.83
N ASN BA 976 -49.03 83.41 -5.06
CA ASN BA 976 -49.19 84.50 -6.01
C ASN BA 976 -50.63 84.59 -6.51
N THR BA 977 -51.35 83.47 -6.49
CA THR BA 977 -52.73 83.47 -6.98
C THR BA 977 -53.66 84.19 -6.00
N THR BA 978 -53.36 84.16 -4.72
CA THR BA 978 -54.18 84.86 -3.74
C THR BA 978 -53.44 86.00 -3.07
N SER BA 999 -42.18 91.88 -10.20
CA SER BA 999 -41.02 91.43 -10.97
C SER BA 999 -39.86 91.13 -10.05
N THR BA 1000 -39.45 92.12 -9.26
CA THR BA 1000 -38.34 91.94 -8.34
C THR BA 1000 -38.69 90.98 -7.21
N LEU BA 1001 -39.96 90.96 -6.80
CA LEU BA 1001 -40.42 89.95 -5.86
C LEU BA 1001 -40.30 88.56 -6.47
N GLU BA 1002 -40.60 88.44 -7.77
CA GLU BA 1002 -40.41 87.18 -8.46
C GLU BA 1002 -38.93 86.81 -8.53
N ASN BA 1003 -38.06 87.81 -8.63
CA ASN BA 1003 -36.62 87.55 -8.60
C ASN BA 1003 -36.17 87.06 -7.23
N ALA BA 1004 -36.78 87.58 -6.17
CA ALA BA 1004 -36.51 87.06 -4.84
C ALA BA 1004 -36.95 85.61 -4.70
N VAL BA 1005 -38.14 85.30 -5.24
CA VAL BA 1005 -38.64 83.94 -5.32
C VAL BA 1005 -37.64 83.05 -6.05
N ILE BA 1006 -37.13 83.55 -7.18
CA ILE BA 1006 -36.15 82.86 -8.02
C ILE BA 1006 -34.92 82.50 -7.19
N GLY BA 1007 -34.38 83.49 -6.49
CA GLY BA 1007 -33.07 83.34 -5.90
C GLY BA 1007 -33.12 82.38 -4.74
N LEU BA 1008 -34.06 82.61 -3.83
CA LEU BA 1008 -34.10 81.77 -2.64
C LEU BA 1008 -34.63 80.39 -3.00
N ALA BA 1009 -35.54 80.32 -3.99
CA ALA BA 1009 -36.12 79.08 -4.50
C ALA BA 1009 -35.09 78.09 -4.97
N THR BA 1010 -34.09 78.54 -5.70
CA THR BA 1010 -33.24 77.52 -6.26
C THR BA 1010 -31.85 77.50 -5.66
N VAL BA 1011 -31.40 78.55 -4.97
CA VAL BA 1011 -30.21 78.37 -4.17
C VAL BA 1011 -30.50 77.73 -2.82
N GLY BA 1012 -31.77 77.56 -2.44
CA GLY BA 1012 -32.06 76.85 -1.21
C GLY BA 1012 -31.70 75.38 -1.27
N LYS BA 1013 -32.01 74.71 -2.39
CA LYS BA 1013 -31.96 73.25 -2.45
C LYS BA 1013 -30.55 72.72 -2.41
N ALA BA 1014 -29.66 73.26 -3.25
CA ALA BA 1014 -28.28 72.79 -3.31
C ALA BA 1014 -27.54 73.09 -2.01
N TRP BA 1015 -27.77 74.27 -1.46
CA TRP BA 1015 -27.22 74.62 -0.17
C TRP BA 1015 -27.79 73.73 0.94
N SER BA 1016 -29.04 73.31 0.80
CA SER BA 1016 -29.67 72.46 1.80
C SER BA 1016 -29.05 71.07 1.81
N GLN BA 1017 -28.87 70.48 0.64
CA GLN BA 1017 -28.27 69.15 0.60
C GLN BA 1017 -26.80 69.19 0.99
N GLN BA 1018 -26.11 70.29 0.68
CA GLN BA 1018 -24.74 70.41 1.16
C GLN BA 1018 -24.67 70.59 2.66
N ALA BA 1019 -25.64 71.30 3.25
CA ALA BA 1019 -25.70 71.43 4.69
C ALA BA 1019 -25.97 70.09 5.37
N GLN BA 1020 -26.86 69.29 4.77
CA GLN BA 1020 -27.11 67.95 5.28
C GLN BA 1020 -25.88 67.07 5.14
N GLN BA 1021 -25.07 67.33 4.11
CA GLN BA 1021 -23.80 66.64 3.96
C GLN BA 1021 -22.83 66.99 5.09
N LEU BA 1022 -22.63 68.28 5.35
CA LEU BA 1022 -21.53 68.72 6.19
C LEU BA 1022 -21.92 68.96 7.64
N PHE BA 1023 -23.17 68.67 8.03
CA PHE BA 1023 -23.61 68.98 9.39
C PHE BA 1023 -22.94 68.08 10.43
N ASN BA 1024 -22.38 66.95 10.01
CA ASN BA 1024 -21.89 65.91 10.90
C ASN BA 1024 -20.49 66.18 11.46
N THR BA 1025 -20.01 67.41 11.46
CA THR BA 1025 -18.62 67.65 11.85
C THR BA 1025 -18.48 67.60 13.37
N PRO BA 1026 -17.58 66.77 13.90
CA PRO BA 1026 -17.31 66.76 15.33
C PRO BA 1026 -16.48 67.98 15.73
N THR BA 1027 -16.59 68.36 16.99
CA THR BA 1027 -15.93 69.56 17.51
C THR BA 1027 -14.50 69.22 17.87
N THR BA 1028 -13.57 70.04 17.38
CA THR BA 1028 -12.17 69.82 17.70
C THR BA 1028 -11.79 70.57 18.97
N VAL BA 1029 -10.72 70.09 19.61
CA VAL BA 1029 -10.06 70.81 20.69
C VAL BA 1029 -8.58 70.86 20.33
N GLU BA 1030 -7.88 71.82 20.93
CA GLU BA 1030 -6.49 72.06 20.57
C GLU BA 1030 -5.66 72.16 21.83
N VAL BA 1031 -4.44 71.61 21.79
CA VAL BA 1031 -3.53 71.77 22.92
C VAL BA 1031 -2.97 73.18 22.90
N TYR BA 1032 -2.49 73.61 24.07
CA TYR BA 1032 -1.91 74.94 24.19
C TYR BA 1032 -0.42 74.89 23.97
N SER BA 1033 0.10 75.89 23.25
CA SER BA 1033 1.52 75.97 22.95
C SER BA 1033 2.32 76.70 24.02
N GLY BA 1034 1.72 77.02 25.15
CA GLY BA 1034 2.48 77.65 26.22
C GLY BA 1034 2.06 77.21 27.61
N THR BA 1035 1.33 76.11 27.71
CA THR BA 1035 0.80 75.66 28.98
C THR BA 1035 1.51 74.39 29.39
N GLY BA 1036 2.03 74.37 30.61
CA GLY BA 1036 2.62 73.18 31.18
C GLY BA 1036 1.54 72.20 31.59
N LEU BA 1037 1.98 71.14 32.26
CA LEU BA 1037 1.10 70.02 32.51
C LEU BA 1037 1.54 69.29 33.77
N GLY BA 1038 0.68 68.39 34.23
CA GLY BA 1038 1.05 67.36 35.18
C GLY BA 1038 0.84 66.01 34.52
N ILE BA 1039 1.48 64.99 35.09
CA ILE BA 1039 1.47 63.65 34.51
C ILE BA 1039 1.18 62.63 35.60
N LEU BA 1040 0.15 61.83 35.37
CA LEU BA 1040 -0.06 60.56 36.06
C LEU BA 1040 0.72 59.48 35.32
N PHE BA 1041 1.34 58.58 36.07
CA PHE BA 1041 2.03 57.46 35.46
C PHE BA 1041 1.09 56.27 35.34
N THR BA 1042 1.55 55.26 34.60
CA THR BA 1042 0.81 54.02 34.39
C THR BA 1042 1.55 52.80 34.89
N GLN BA 1043 2.85 52.68 34.59
CA GLN BA 1043 3.65 51.56 35.05
C GLN BA 1043 4.94 52.06 35.70
N ASP BA 1044 5.71 51.14 36.25
CA ASP BA 1044 6.97 51.45 36.91
C ASP BA 1044 8.10 51.55 35.90
N VAL BA 1045 9.23 52.10 36.35
CA VAL BA 1045 10.52 52.01 35.66
C VAL BA 1045 11.59 51.76 36.72
N THR BA 1046 12.83 51.61 36.26
CA THR BA 1046 13.94 51.33 37.17
C THR BA 1046 14.87 52.54 37.28
N LYS CA 24 62.82 116.80 -47.38
CA LYS CA 24 62.02 117.23 -46.24
C LYS CA 24 61.71 116.07 -45.31
N PHE CA 25 60.89 115.15 -45.80
CA PHE CA 25 60.44 114.02 -44.99
C PHE CA 25 61.54 112.96 -44.95
N LYS CA 26 62.16 112.79 -43.79
CA LYS CA 26 63.11 111.72 -43.57
C LYS CA 26 62.56 110.81 -42.49
N LYS CA 27 62.74 109.53 -42.66
CA LYS CA 27 62.14 108.58 -41.75
C LYS CA 27 63.16 108.04 -40.75
N PRO CA 28 62.72 107.64 -39.57
CA PRO CA 28 63.60 106.93 -38.66
C PRO CA 28 63.79 105.50 -39.13
N PRO CA 29 64.77 104.77 -38.58
CA PRO CA 29 64.85 103.33 -38.83
C PRO CA 29 63.62 102.62 -38.29
N ILE CA 30 63.19 101.59 -39.02
CA ILE CA 30 61.89 101.00 -38.76
C ILE CA 30 61.94 100.08 -37.55
N ASN CA 31 62.85 99.12 -37.56
CA ASN CA 31 62.99 98.24 -36.40
C ASN CA 31 64.09 98.73 -35.48
N ASN CA 32 64.03 100.00 -35.16
CA ASN CA 32 64.93 100.53 -34.16
C ASN CA 32 64.47 100.08 -32.79
N PRO CA 33 65.38 99.66 -31.93
CA PRO CA 33 64.99 99.27 -30.57
C PRO CA 33 64.56 100.46 -29.73
N SER CA 34 63.36 100.99 -29.99
CA SER CA 34 62.85 102.18 -29.33
C SER CA 34 62.10 101.84 -28.04
N ASP CA 35 62.45 100.73 -27.41
CA ASP CA 35 61.78 100.29 -26.19
C ASP CA 35 62.83 99.82 -25.20
N ASP CA 36 62.44 99.89 -23.92
CA ASP CA 36 63.35 99.73 -22.81
C ASP CA 36 64.00 98.36 -22.79
N ALA CA 37 63.21 97.32 -23.01
CA ALA CA 37 63.77 95.99 -23.04
C ALA CA 37 64.51 95.71 -24.35
N THR CA 38 64.06 96.32 -25.44
CA THR CA 38 64.69 96.09 -26.74
C THR CA 38 66.11 96.62 -26.77
N ILE CA 39 66.36 97.71 -26.05
CA ILE CA 39 67.70 98.26 -25.94
C ILE CA 39 68.65 97.24 -25.31
N LYS CA 40 68.24 96.68 -24.17
CA LYS CA 40 69.03 95.69 -23.48
C LYS CA 40 69.21 94.44 -24.33
N LEU CA 41 68.15 94.06 -25.04
CA LEU CA 41 68.19 92.86 -25.86
C LEU CA 41 69.20 93.00 -26.99
N ALA CA 42 69.19 94.14 -27.66
CA ALA CA 42 70.08 94.34 -28.80
C ALA CA 42 71.54 94.44 -28.35
N GLU CA 43 71.79 95.17 -27.26
CA GLU CA 43 73.19 95.25 -26.82
C GLU CA 43 73.66 93.91 -26.26
N ALA CA 44 72.76 93.12 -25.67
CA ALA CA 44 73.10 91.79 -25.23
C ALA CA 44 73.47 90.90 -26.40
N ALA CA 45 72.75 91.04 -27.51
CA ALA CA 45 73.07 90.29 -28.72
C ALA CA 45 74.45 90.67 -29.24
N VAL CA 46 74.76 91.96 -29.18
CA VAL CA 46 76.08 92.43 -29.60
C VAL CA 46 77.18 91.81 -28.76
N SER CA 47 76.97 91.79 -27.43
CA SER CA 47 77.97 91.26 -26.51
C SER CA 47 78.20 89.78 -26.72
N VAL CA 48 77.12 89.01 -26.86
CA VAL CA 48 77.31 87.56 -26.97
C VAL CA 48 77.89 87.19 -28.33
N SER CA 49 77.60 87.98 -29.37
CA SER CA 49 78.22 87.73 -30.66
C SER CA 49 79.72 87.99 -30.59
N ASP CA 50 80.11 89.06 -29.89
CA ASP CA 50 81.53 89.36 -29.73
C ASP CA 50 82.23 88.28 -28.94
N SER CA 51 81.60 87.79 -27.88
CA SER CA 51 82.21 86.75 -27.07
C SER CA 51 82.32 85.44 -27.84
N MET CA 52 81.32 85.12 -28.66
CA MET CA 52 81.36 83.90 -29.46
C MET CA 52 82.46 83.94 -30.49
N LEU CA 53 82.62 85.07 -31.19
CA LEU CA 53 83.68 85.15 -32.17
C LEU CA 53 85.04 85.20 -31.50
N GLU CA 54 85.13 85.76 -30.30
CA GLU CA 54 86.37 85.71 -29.53
C GLU CA 54 86.75 84.28 -29.18
N MET CA 55 85.75 83.49 -28.78
CA MET CA 55 85.98 82.09 -28.45
C MET CA 55 86.45 81.32 -29.67
N ALA CA 56 85.83 81.58 -30.82
CA ALA CA 56 86.27 80.92 -32.05
C ALA CA 56 87.66 81.37 -32.47
N LYS CA 57 87.99 82.64 -32.23
CA LYS CA 57 89.32 83.15 -32.56
C LYS CA 57 90.40 82.47 -31.74
N VAL CA 58 90.14 82.25 -30.45
CA VAL CA 58 91.11 81.50 -29.68
C VAL CA 58 91.03 80.02 -29.97
N GLU CA 59 89.96 79.55 -30.59
CA GLU CA 59 89.77 78.12 -30.74
C GLU CA 59 90.37 77.55 -32.02
N LYS CA 60 90.32 78.31 -33.11
CA LYS CA 60 90.67 77.77 -34.43
C LYS CA 60 92.16 77.45 -34.54
N VAL CA 61 92.46 76.26 -35.03
CA VAL CA 61 93.82 75.88 -35.37
C VAL CA 61 94.03 76.13 -36.87
N ILE CA 62 95.08 76.86 -37.20
CA ILE CA 62 95.35 77.23 -38.59
C ILE CA 62 96.62 76.54 -39.04
N THR CA 63 96.99 76.74 -40.30
CA THR CA 63 98.18 76.13 -40.84
C THR CA 63 99.00 77.19 -41.57
N PRO CA 64 100.33 77.08 -41.54
CA PRO CA 64 101.16 77.99 -42.33
C PRO CA 64 101.01 77.70 -43.81
N PRO CA 65 101.12 78.72 -44.66
CA PRO CA 65 101.00 78.48 -46.10
C PRO CA 65 102.18 77.76 -46.71
N SER CA 66 103.28 77.64 -45.98
CA SER CA 66 104.46 76.96 -46.50
C SER CA 66 104.47 75.47 -46.23
N LYS CA 67 103.96 75.05 -45.08
CA LYS CA 67 104.11 73.68 -44.62
C LYS CA 67 102.87 72.82 -44.87
N ASP CA 68 101.92 73.32 -45.66
CA ASP CA 68 100.74 72.54 -45.98
C ASP CA 68 101.10 71.38 -46.89
N ASN CA 69 100.51 70.22 -46.62
CA ASN CA 69 100.80 69.01 -47.38
C ASN CA 69 99.77 68.84 -48.49
N THR CA 70 99.81 69.78 -49.42
CA THR CA 70 98.94 69.76 -50.59
C THR CA 70 99.81 69.74 -51.84
N LEU CA 71 99.17 69.39 -52.95
CA LEU CA 71 99.83 69.38 -54.25
C LEU CA 71 99.60 70.72 -54.94
N THR CA 72 100.69 71.35 -55.38
CA THR CA 72 100.55 72.58 -56.13
C THR CA 72 100.21 72.26 -57.58
N ILE CA 73 99.87 73.31 -58.31
CA ILE CA 73 99.55 73.14 -59.73
C ILE CA 73 100.83 72.92 -60.52
N PRO CA 74 100.94 71.83 -61.29
CA PRO CA 74 102.16 71.61 -62.07
C PRO CA 74 102.32 72.56 -63.24
N ASN CA 75 101.23 73.16 -63.71
CA ASN CA 75 101.23 74.26 -64.68
C ASN CA 75 101.82 73.86 -66.04
N ALA CA 76 101.75 72.58 -66.40
CA ALA CA 76 102.14 72.20 -67.74
C ALA CA 76 100.99 72.46 -68.70
N TYR CA 77 101.33 72.54 -69.99
CA TYR CA 77 100.33 72.91 -70.98
C TYR CA 77 99.31 71.80 -71.20
N ASN CA 78 99.72 70.55 -71.15
CA ASN CA 78 98.82 69.44 -71.39
C ASN CA 78 97.86 69.17 -70.25
N LEU CA 79 97.99 69.89 -69.15
CA LEU CA 79 97.12 69.71 -67.99
C LEU CA 79 96.07 70.79 -67.88
N GLN CA 80 95.79 71.51 -68.96
CA GLN CA 80 94.83 72.59 -68.94
C GLN CA 80 93.51 72.23 -69.59
N ALA CA 81 93.30 70.97 -69.90
CA ALA CA 81 92.04 70.56 -70.48
C ALA CA 81 90.97 70.43 -69.40
N ARG CA 82 89.73 70.26 -69.84
CA ARG CA 82 88.59 70.09 -68.94
C ARG CA 82 87.90 68.76 -69.24
N ALA CA 83 87.23 68.22 -68.22
CA ALA CA 83 86.55 66.94 -68.36
C ALA CA 83 85.41 66.88 -67.36
N SER CA 84 84.64 65.80 -67.44
CA SER CA 84 83.56 65.53 -66.49
C SER CA 84 83.81 64.17 -65.85
N VAL CA 85 83.78 64.13 -64.53
CA VAL CA 85 84.12 62.93 -63.77
C VAL CA 85 83.05 62.66 -62.73
N ASP CA 86 82.49 61.44 -62.77
CA ASP CA 86 81.61 60.93 -61.71
C ASP CA 86 82.17 59.57 -61.32
N TRP CA 87 83.06 59.55 -60.33
CA TRP CA 87 83.70 58.32 -59.93
C TRP CA 87 83.72 58.22 -58.40
N SER CA 88 83.50 57.01 -57.90
CA SER CA 88 83.73 56.72 -56.50
C SER CA 88 84.18 55.26 -56.40
N GLY CA 89 85.48 55.05 -56.30
CA GLY CA 89 86.03 53.73 -56.20
C GLY CA 89 87.52 53.73 -55.94
N PRO CA 90 88.21 52.70 -56.40
CA PRO CA 90 89.67 52.67 -56.27
C PRO CA 90 90.32 53.73 -57.14
N ILE CA 91 91.57 54.03 -56.82
CA ILE CA 91 92.19 55.27 -57.29
C ILE CA 91 93.25 55.06 -58.36
N GLU CA 92 93.84 53.87 -58.47
CA GLU CA 92 95.02 53.70 -59.32
C GLU CA 92 94.63 53.69 -60.78
N GLU CA 93 93.55 53.02 -61.13
CA GLU CA 93 93.10 53.02 -62.52
C GLU CA 93 92.56 54.38 -62.92
N LEU CA 94 92.01 55.14 -61.97
CA LEU CA 94 91.56 56.49 -62.28
C LEU CA 94 92.73 57.39 -62.58
N THR CA 95 93.81 57.29 -61.80
CA THR CA 95 95.03 58.05 -62.09
C THR CA 95 95.65 57.61 -63.40
N ALA CA 96 95.58 56.31 -63.71
CA ALA CA 96 96.09 55.81 -64.97
C ALA CA 96 95.31 56.38 -66.15
N ARG CA 97 93.99 56.48 -66.02
CA ARG CA 97 93.19 57.08 -67.08
C ARG CA 97 93.46 58.56 -67.22
N ILE CA 98 93.72 59.23 -66.09
CA ILE CA 98 94.07 60.65 -66.13
C ILE CA 98 95.39 60.86 -66.86
N ALA CA 99 96.38 60.03 -66.56
CA ALA CA 99 97.65 60.11 -67.24
C ALA CA 99 97.54 59.72 -68.72
N LYS CA 100 96.62 58.79 -69.03
CA LYS CA 100 96.38 58.42 -70.42
C LYS CA 100 95.79 59.56 -71.20
N ALA CA 101 94.86 60.31 -70.59
CA ALA CA 101 94.32 61.48 -71.26
C ALA CA 101 95.36 62.58 -71.37
N ALA CA 102 96.27 62.66 -70.41
CA ALA CA 102 97.33 63.64 -70.47
C ALA CA 102 98.50 63.21 -71.35
N HIS CA 103 98.45 61.98 -71.89
CA HIS CA 103 99.54 61.34 -72.62
C HIS CA 103 100.80 61.30 -71.78
N PHE CA 104 100.65 60.94 -70.51
CA PHE CA 104 101.74 60.84 -69.57
C PHE CA 104 101.87 59.41 -69.09
N ARG CA 105 103.10 59.02 -68.78
CA ARG CA 105 103.34 57.75 -68.14
C ARG CA 105 102.95 57.82 -66.68
N PHE CA 106 102.57 56.68 -66.13
CA PHE CA 106 102.06 56.62 -64.77
C PHE CA 106 102.69 55.43 -64.07
N ARG CA 107 103.08 55.61 -62.82
CA ARG CA 107 103.62 54.47 -62.10
C ARG CA 107 103.34 54.59 -60.60
N VAL CA 108 103.50 53.46 -59.92
CA VAL CA 108 103.19 53.35 -58.51
C VAL CA 108 104.48 53.07 -57.75
N LEU CA 109 104.41 53.23 -56.43
CA LEU CA 109 105.55 53.01 -55.56
C LEU CA 109 104.98 52.71 -54.17
N GLY CA 110 105.00 51.46 -53.78
CA GLY CA 110 104.40 51.02 -52.55
C GLY CA 110 103.40 49.90 -52.77
N LYS CA 111 102.73 49.53 -51.69
CA LYS CA 111 101.82 48.40 -51.69
C LYS CA 111 100.40 48.87 -51.44
N SER CA 112 99.48 48.46 -52.29
CA SER CA 112 98.08 48.64 -51.99
C SER CA 112 97.69 47.65 -50.90
N PRO CA 113 97.02 48.09 -49.84
CA PRO CA 113 96.54 47.15 -48.84
C PRO CA 113 95.36 46.35 -49.36
N SER CA 114 94.94 45.38 -48.55
CA SER CA 114 93.73 44.65 -48.84
C SER CA 114 92.51 45.57 -48.77
N VAL CA 115 92.49 46.45 -47.79
CA VAL CA 115 91.45 47.48 -47.78
C VAL CA 115 91.73 48.49 -48.87
N PRO CA 116 90.78 48.77 -49.75
CA PRO CA 116 91.00 49.77 -50.79
C PRO CA 116 90.98 51.17 -50.21
N VAL CA 117 91.65 52.07 -50.89
CA VAL CA 117 91.51 53.49 -50.67
C VAL CA 117 90.50 54.01 -51.68
N LEU CA 118 89.47 54.70 -51.20
CA LEU CA 118 88.34 55.07 -52.02
C LEU CA 118 88.21 56.58 -52.06
N ILE CA 119 87.96 57.10 -53.26
CA ILE CA 119 87.83 58.54 -53.44
C ILE CA 119 86.45 58.83 -53.99
N SER CA 120 86.17 60.10 -54.27
CA SER CA 120 84.84 60.50 -54.71
C SER CA 120 84.96 61.83 -55.43
N ILE CA 121 84.83 61.81 -56.75
CA ILE CA 121 84.91 63.00 -57.57
C ILE CA 121 83.61 63.11 -58.36
N SER CA 122 83.02 64.30 -58.39
CA SER CA 122 81.77 64.50 -59.08
C SER CA 122 81.71 65.95 -59.57
N THR CA 123 82.05 66.16 -60.84
CA THR CA 123 81.92 67.48 -61.43
C THR CA 123 81.78 67.36 -62.94
N LYS CA 124 81.38 68.48 -63.55
CA LYS CA 124 81.10 68.54 -64.97
C LYS CA 124 82.22 69.18 -65.78
N ASP CA 125 82.90 70.18 -65.23
CA ASP CA 125 83.99 70.83 -65.95
C ASP CA 125 85.03 71.24 -64.93
N GLU CA 126 86.22 70.67 -65.04
CA GLU CA 126 87.30 71.00 -64.12
C GLU CA 126 88.62 70.70 -64.79
N SER CA 127 89.65 71.45 -64.41
CA SER CA 127 90.96 71.22 -64.99
C SER CA 127 91.70 70.15 -64.20
N LEU CA 128 92.58 69.45 -64.91
CA LEU CA 128 93.23 68.26 -64.41
C LEU CA 128 94.18 68.55 -63.25
N ALA CA 129 94.70 69.77 -63.19
CA ALA CA 129 95.59 70.14 -62.09
C ALA CA 129 94.85 70.14 -60.76
N GLU CA 130 93.72 70.84 -60.69
CA GLU CA 130 92.98 70.81 -59.45
C GLU CA 130 92.23 69.50 -59.26
N ILE CA 131 92.03 68.74 -60.34
CA ILE CA 131 91.56 67.37 -60.18
C ILE CA 131 92.57 66.55 -59.40
N LEU CA 132 93.84 66.66 -59.76
CA LEU CA 132 94.91 65.98 -59.03
C LEU CA 132 95.03 66.50 -57.62
N ARG CA 133 94.83 67.82 -57.45
CA ARG CA 133 94.85 68.43 -56.13
C ARG CA 133 93.73 67.87 -55.24
N ASP CA 134 92.56 67.66 -55.85
CA ASP CA 134 91.44 67.05 -55.14
C ASP CA 134 91.75 65.61 -54.75
N ILE CA 135 92.43 64.88 -55.63
CA ILE CA 135 92.81 63.50 -55.32
C ILE CA 135 93.76 63.46 -54.14
N ASP CA 136 94.75 64.35 -54.15
CA ASP CA 136 95.73 64.40 -53.08
C ASP CA 136 95.10 64.78 -51.75
N TYR CA 137 94.20 65.76 -51.77
CA TYR CA 137 93.58 66.16 -50.51
C TYR CA 137 92.60 65.11 -50.01
N GLN CA 138 91.93 64.40 -50.92
CA GLN CA 138 90.99 63.38 -50.47
C GLN CA 138 91.69 62.14 -49.94
N ALA CA 139 92.81 61.76 -50.57
CA ALA CA 139 93.57 60.65 -50.03
C ALA CA 139 94.25 61.02 -48.72
N GLY CA 140 94.85 62.20 -48.68
CA GLY CA 140 95.43 62.72 -47.46
C GLY CA 140 96.68 62.01 -47.01
N LYS CA 141 96.59 61.32 -45.88
CA LYS CA 141 97.78 60.77 -45.23
C LYS CA 141 98.30 59.54 -45.96
N LYS CA 142 97.41 58.64 -46.38
CA LYS CA 142 97.84 57.30 -46.75
C LYS CA 142 98.51 57.24 -48.12
N ALA CA 143 98.31 58.25 -48.96
CA ALA CA 143 98.87 58.23 -50.29
C ALA CA 143 99.41 59.61 -50.65
N SER CA 144 100.37 59.62 -51.56
CA SER CA 144 100.94 60.85 -52.08
C SER CA 144 101.11 60.72 -53.59
N ILE CA 145 101.24 61.85 -54.26
CA ILE CA 145 101.38 61.87 -55.71
C ILE CA 145 102.33 62.98 -56.09
N HIS CA 146 103.16 62.72 -57.09
CA HIS CA 146 104.06 63.73 -57.62
C HIS CA 146 104.01 63.75 -59.13
N VAL CA 147 104.30 64.93 -59.69
CA VAL CA 147 104.20 65.19 -61.11
C VAL CA 147 105.58 65.56 -61.63
N TYR CA 148 106.16 64.73 -62.48
CA TYR CA 148 107.42 65.07 -63.11
C TYR CA 148 107.17 65.46 -64.55
N PRO CA 149 107.39 66.72 -64.93
CA PRO CA 149 107.17 67.13 -66.32
C PRO CA 149 108.38 66.97 -67.22
N ASN CA 150 109.57 66.71 -66.67
CA ASN CA 150 110.76 66.52 -67.48
C ASN CA 150 110.66 65.22 -68.27
N SER CA 151 110.60 64.09 -67.57
CA SER CA 151 110.12 62.85 -68.15
C SER CA 151 108.67 62.73 -67.73
N GLN CA 152 107.77 62.71 -68.72
CA GLN CA 152 106.37 63.05 -68.53
C GLN CA 152 105.68 61.92 -67.75
N VAL CA 153 105.82 61.98 -66.42
CA VAL CA 153 105.37 60.88 -65.58
C VAL CA 153 104.65 61.42 -64.35
N VAL CA 154 103.78 60.60 -63.80
CA VAL CA 154 103.11 60.87 -62.53
C VAL CA 154 103.24 59.64 -61.65
N GLU CA 155 103.60 59.85 -60.39
CA GLU CA 155 103.89 58.75 -59.49
C GLU CA 155 102.96 58.79 -58.29
N LEU CA 156 102.52 57.61 -57.89
CA LEU CA 156 101.80 57.39 -56.64
C LEU CA 156 102.75 56.77 -55.64
N ARG CA 157 102.66 57.21 -54.38
CA ARG CA 157 103.49 56.70 -53.31
C ARG CA 157 102.59 56.30 -52.15
N TYR CA 158 102.66 55.03 -51.76
CA TYR CA 158 101.86 54.52 -50.66
C TYR CA 158 102.49 54.87 -49.32
N ALA CA 159 101.70 54.71 -48.26
CA ALA CA 159 102.19 54.87 -46.90
C ALA CA 159 102.84 53.58 -46.42
N LYS CA 160 103.08 53.48 -45.13
CA LYS CA 160 103.78 52.33 -44.55
C LYS CA 160 102.87 51.55 -43.60
N ILE DA 208 116.82 93.40 -28.72
CA ILE DA 208 116.00 94.56 -28.43
C ILE DA 208 115.04 94.77 -29.60
N ILE DA 209 114.00 95.57 -29.39
CA ILE DA 209 112.93 95.74 -30.36
C ILE DA 209 112.86 97.20 -30.77
N TYR DA 210 112.74 97.45 -32.08
CA TYR DA 210 112.70 98.78 -32.65
C TYR DA 210 111.35 99.08 -33.25
N TYR DA 211 111.08 100.38 -33.45
CA TYR DA 211 109.90 100.85 -34.15
C TYR DA 211 110.21 102.14 -34.88
N ILE DA 212 109.35 102.48 -35.83
CA ILE DA 212 109.54 103.67 -36.64
C ILE DA 212 108.74 104.82 -36.04
N GLN DA 213 109.13 106.04 -36.40
CA GLN DA 213 108.40 107.23 -35.99
C GLN DA 213 107.78 107.96 -37.18
N ALA DA 214 108.58 108.35 -38.17
CA ALA DA 214 108.08 109.04 -39.35
C ALA DA 214 109.03 108.79 -40.50
N VAL DA 215 108.52 108.96 -41.72
CA VAL DA 215 109.23 108.51 -42.92
C VAL DA 215 109.17 109.60 -43.99
N ILE DA 216 110.33 110.00 -44.48
CA ILE DA 216 110.43 110.83 -45.67
C ILE DA 216 110.80 109.86 -46.79
N PRO DA 217 110.60 110.19 -48.06
CA PRO DA 217 111.24 109.39 -49.11
C PRO DA 217 112.76 109.42 -49.02
N GLY DA 218 113.35 108.28 -48.68
CA GLY DA 218 114.79 108.13 -48.62
C GLY DA 218 115.35 107.84 -47.24
N ARG DA 219 114.87 108.54 -46.23
CA ARG DA 219 115.34 108.39 -44.87
C ARG DA 219 114.15 108.30 -43.92
N ALA DA 220 114.41 107.86 -42.70
CA ALA DA 220 113.33 107.73 -41.72
C ALA DA 220 113.86 107.88 -40.31
N TRP DA 221 112.94 108.11 -39.38
CA TRP DA 221 113.23 108.17 -37.97
C TRP DA 221 113.02 106.79 -37.35
N LEU DA 222 113.77 106.50 -36.30
CA LEU DA 222 113.75 105.19 -35.69
C LEU DA 222 113.73 105.32 -34.18
N ILE DA 223 112.90 104.50 -33.54
CA ILE DA 223 112.78 104.49 -32.09
C ILE DA 223 113.02 103.06 -31.60
N GLY DA 224 113.36 102.94 -30.32
CA GLY DA 224 113.53 101.64 -29.70
C GLY DA 224 112.81 101.58 -28.36
N SER DA 225 112.76 100.37 -27.81
CA SER DA 225 112.13 100.18 -26.51
C SER DA 225 112.94 100.80 -25.38
N ASN DA 226 114.27 100.83 -25.53
CA ASN DA 226 115.11 101.53 -24.58
C ASN DA 226 115.15 103.03 -24.84
N GLY DA 227 114.52 103.49 -25.91
CA GLY DA 227 114.50 104.90 -26.23
C GLY DA 227 115.62 105.37 -27.13
N SER DA 228 116.36 104.46 -27.75
CA SER DA 228 117.49 104.82 -28.58
C SER DA 228 116.98 105.34 -29.93
N THR DA 229 117.01 106.65 -30.11
CA THR DA 229 116.60 107.26 -31.35
C THR DA 229 117.66 107.04 -32.43
N LEU DA 230 117.22 107.01 -33.68
CA LEU DA 230 118.15 106.71 -34.76
C LEU DA 230 117.63 107.31 -36.06
N THR DA 231 118.55 107.50 -37.00
CA THR DA 231 118.23 107.97 -38.34
C THR DA 231 118.63 106.89 -39.34
N VAL DA 232 117.74 106.59 -40.27
CA VAL DA 232 117.94 105.49 -41.21
C VAL DA 232 118.00 106.06 -42.62
N ARG DA 233 119.14 105.86 -43.26
CA ARG DA 233 119.31 106.22 -44.67
C ARG DA 233 118.94 105.03 -45.54
N GLU DA 234 119.34 105.07 -46.81
CA GLU DA 234 119.03 104.00 -47.76
C GLU DA 234 119.70 102.69 -47.35
N GLY DA 235 120.95 102.75 -46.95
CA GLY DA 235 121.65 101.59 -46.45
C GLY DA 235 122.28 101.87 -45.11
N SER DA 236 121.92 101.09 -44.10
CA SER DA 236 122.48 101.29 -42.77
C SER DA 236 122.42 99.99 -41.99
N LYS DA 237 123.19 99.95 -40.91
CA LYS DA 237 123.33 98.77 -40.07
C LYS DA 237 122.61 98.98 -38.76
N ILE DA 238 121.76 98.04 -38.39
CA ILE DA 238 121.04 98.08 -37.12
C ILE DA 238 121.24 96.74 -36.40
N PRO DA 239 121.45 96.76 -35.08
CA PRO DA 239 121.79 95.52 -34.38
C PRO DA 239 120.60 94.58 -34.28
N GLY DA 240 120.87 93.29 -34.42
CA GLY DA 240 119.85 92.29 -34.42
C GLY DA 240 119.13 92.13 -35.74
N TYR DA 241 119.33 93.03 -36.69
CA TYR DA 241 118.65 92.98 -37.97
C TYR DA 241 119.62 92.93 -39.14
N GLY DA 242 120.61 93.82 -39.19
CA GLY DA 242 121.60 93.83 -40.25
C GLY DA 242 121.52 95.10 -41.08
N MET DA 243 121.69 94.94 -42.38
CA MET DA 243 121.75 96.06 -43.31
C MET DA 243 120.40 96.24 -43.99
N VAL DA 244 119.77 97.38 -43.76
CA VAL DA 244 118.49 97.66 -44.41
C VAL DA 244 118.78 98.13 -45.83
N LYS DA 245 118.14 97.48 -46.81
CA LYS DA 245 118.38 97.81 -48.20
C LYS DA 245 117.37 98.78 -48.79
N LEU DA 246 116.13 98.77 -48.29
CA LEU DA 246 115.11 99.61 -48.88
C LEU DA 246 114.08 100.00 -47.83
N ILE DA 247 113.36 101.09 -48.14
CA ILE DA 247 112.24 101.58 -47.35
C ILE DA 247 111.07 101.77 -48.30
N ASP DA 248 109.95 102.28 -47.76
CA ASP DA 248 108.79 102.62 -48.58
C ASP DA 248 108.05 103.77 -47.92
N SER DA 249 107.88 104.87 -48.66
CA SER DA 249 107.20 106.02 -48.10
C SER DA 249 105.68 105.82 -48.05
N LEU DA 250 105.14 105.03 -48.97
CA LEU DA 250 103.69 104.84 -49.00
C LEU DA 250 103.22 103.96 -47.85
N GLN DA 251 103.91 102.86 -47.61
CA GLN DA 251 103.53 101.90 -46.58
C GLN DA 251 104.67 101.76 -45.60
N GLY DA 252 104.38 101.85 -44.31
CA GLY DA 252 105.40 101.84 -43.29
C GLY DA 252 105.95 100.47 -42.97
N ARG DA 253 106.49 99.79 -43.99
CA ARG DA 253 107.14 98.51 -43.80
C ARG DA 253 108.58 98.67 -44.26
N ILE DA 254 109.53 98.37 -43.38
CA ILE DA 254 110.94 98.48 -43.70
C ILE DA 254 111.57 97.09 -43.59
N LEU DA 255 112.34 96.70 -44.59
CA LEU DA 255 112.94 95.38 -44.64
C LEU DA 255 114.40 95.44 -44.25
N THR DA 256 114.84 94.46 -43.47
CA THR DA 256 116.26 94.34 -43.17
C THR DA 256 116.83 93.14 -43.90
N SER DA 257 118.16 92.98 -43.78
CA SER DA 257 118.85 91.89 -44.45
C SER DA 257 118.49 90.52 -43.89
N SER DA 258 118.02 90.45 -42.65
CA SER DA 258 117.63 89.18 -42.06
C SER DA 258 116.19 88.80 -42.41
N GLY DA 259 115.54 89.56 -43.28
CA GLY DA 259 114.16 89.32 -43.63
C GLY DA 259 113.15 89.87 -42.67
N GLN DA 260 113.59 90.51 -41.59
CA GLN DA 260 112.66 91.07 -40.62
C GLN DA 260 112.08 92.38 -41.13
N VAL DA 261 110.80 92.58 -40.84
CA VAL DA 261 110.06 93.78 -41.24
C VAL DA 261 109.77 94.60 -40.00
N ILE DA 262 109.97 95.91 -40.09
CA ILE DA 262 109.69 96.82 -39.00
C ILE DA 262 108.60 97.79 -39.46
N LYS DA 263 107.54 97.89 -38.63
CA LYS DA 263 106.38 98.74 -38.85
C LYS DA 263 106.16 99.65 -37.65
N PHE DA 264 105.00 100.30 -37.58
CA PHE DA 264 104.65 101.07 -36.40
C PHE DA 264 104.25 100.14 -35.25
N SER DA 265 104.16 100.73 -34.07
CA SER DA 265 103.69 100.02 -32.89
C SER DA 265 102.19 100.28 -32.69
N GLN DA 266 101.54 99.38 -31.96
CA GLN DA 266 100.12 99.51 -31.68
C GLN DA 266 99.86 99.68 -30.20
N GLN EA 791 33.45 -114.04 16.47
CA GLN EA 791 32.70 -113.40 17.54
C GLN EA 791 33.12 -111.94 17.71
N GLN EA 792 34.24 -111.57 17.09
CA GLN EA 792 34.72 -110.19 17.17
C GLN EA 792 34.04 -109.28 16.16
N GLU EA 793 33.40 -109.85 15.14
CA GLU EA 793 32.72 -109.07 14.13
C GLU EA 793 31.27 -108.79 14.44
N ILE EA 794 30.74 -109.39 15.52
CA ILE EA 794 29.37 -109.09 15.94
C ILE EA 794 29.28 -107.65 16.42
N GLN EA 795 30.33 -107.18 17.07
CA GLN EA 795 30.37 -105.82 17.59
C GLN EA 795 30.45 -104.80 16.47
N GLN EA 796 31.14 -105.14 15.39
CA GLN EA 796 31.08 -104.31 14.19
C GLN EA 796 29.68 -104.30 13.61
N ARG EA 797 29.03 -105.47 13.59
CA ARG EA 797 27.62 -105.53 13.21
C ARG EA 797 26.74 -104.81 14.24
N THR EA 798 27.16 -104.82 15.50
CA THR EA 798 26.45 -104.04 16.51
C THR EA 798 26.65 -102.56 16.29
N SER EA 799 27.90 -102.13 16.06
CA SER EA 799 28.21 -100.72 15.99
C SER EA 799 27.69 -100.07 14.72
N ASP EA 800 27.68 -100.80 13.60
CA ASP EA 800 27.12 -100.21 12.39
C ASP EA 800 25.60 -100.17 12.47
N MET EA 801 24.99 -101.03 13.29
CA MET EA 801 23.56 -100.95 13.51
C MET EA 801 23.19 -99.90 14.53
N LEU EA 802 24.18 -99.28 15.17
CA LEU EA 802 23.89 -98.24 16.16
C LEU EA 802 23.33 -97.00 15.50
N THR EA 803 23.94 -96.56 14.39
CA THR EA 803 23.63 -95.27 13.81
C THR EA 803 22.23 -95.22 13.22
N ALA EA 804 21.83 -96.31 12.57
CA ALA EA 804 20.45 -96.42 12.11
C ALA EA 804 19.50 -96.49 13.29
N ALA EA 805 19.90 -97.19 14.35
CA ALA EA 805 19.10 -97.23 15.57
C ALA EA 805 19.06 -95.86 16.23
N THR EA 806 20.17 -95.12 16.15
CA THR EA 806 20.15 -93.74 16.62
C THR EA 806 19.40 -92.81 15.68
N GLN EA 807 19.05 -93.28 14.48
CA GLN EA 807 18.41 -92.38 13.53
C GLN EA 807 16.91 -92.31 13.73
N LEU EA 808 16.22 -93.45 13.63
CA LEU EA 808 14.77 -93.43 13.56
C LEU EA 808 14.10 -93.13 14.89
N VAL EA 809 14.85 -93.16 16.00
CA VAL EA 809 14.31 -92.69 17.27
C VAL EA 809 13.99 -91.20 17.19
N GLN EA 810 14.85 -90.43 16.54
CA GLN EA 810 14.54 -89.05 16.24
C GLN EA 810 13.42 -88.95 15.22
N ASP EA 811 13.40 -89.86 14.25
CA ASP EA 811 12.48 -89.72 13.12
C ASP EA 811 11.05 -90.03 13.53
N TRP EA 812 10.86 -90.90 14.51
CA TRP EA 812 9.53 -91.09 15.06
C TRP EA 812 9.12 -89.96 16.00
N LYS EA 813 10.07 -89.14 16.44
CA LYS EA 813 9.73 -87.92 17.14
C LYS EA 813 9.58 -86.73 16.19
N GLN EA 814 9.83 -86.92 14.90
CA GLN EA 814 9.74 -85.83 13.94
C GLN EA 814 8.29 -85.49 13.64
N VAL EA 815 7.65 -84.71 14.52
CA VAL EA 815 6.27 -84.30 14.31
C VAL EA 815 6.22 -82.78 14.42
N GLU EA 816 5.73 -82.14 13.37
CA GLU EA 816 5.59 -80.70 13.36
C GLU EA 816 4.18 -80.33 13.80
N THR EA 817 3.84 -79.05 13.68
CA THR EA 817 2.55 -78.57 14.14
C THR EA 817 1.58 -78.47 12.99
N GLN EA 818 0.37 -78.05 13.30
CA GLN EA 818 -0.65 -77.83 12.29
C GLN EA 818 -0.45 -76.47 11.64
N VAL EA 819 -1.39 -76.10 10.79
CA VAL EA 819 -1.44 -74.77 10.23
C VAL EA 819 -2.90 -74.44 9.94
N TYR EA 820 -3.37 -73.32 10.48
CA TYR EA 820 -4.65 -72.78 10.07
C TYR EA 820 -4.42 -71.80 8.95
N THR EA 821 -5.24 -71.92 7.91
CA THR EA 821 -5.15 -71.07 6.72
C THR EA 821 -6.47 -70.33 6.59
N GLU EA 822 -6.41 -69.02 6.54
CA GLU EA 822 -7.61 -68.19 6.45
C GLU EA 822 -7.70 -67.60 5.05
N GLY EA 823 -8.88 -67.68 4.45
CA GLY EA 823 -9.11 -67.08 3.15
C GLY EA 823 -10.47 -66.49 2.93
N THR EA 824 -10.52 -65.34 2.25
CA THR EA 824 -11.80 -64.75 1.84
C THR EA 824 -11.82 -64.57 0.34
N MET FA 23 52.23 103.83 -73.24
CA MET FA 23 53.57 103.56 -72.74
C MET FA 23 53.58 102.27 -71.93
N LYS FA 24 52.66 101.38 -72.28
CA LYS FA 24 52.48 100.15 -71.52
C LYS FA 24 53.65 99.20 -71.71
N PHE FA 25 54.15 98.67 -70.59
CA PHE FA 25 55.24 97.72 -70.64
C PHE FA 25 54.70 96.33 -70.93
N LYS FA 26 55.47 95.56 -71.70
CA LYS FA 26 55.02 94.24 -72.10
C LYS FA 26 56.24 93.38 -72.41
N LYS FA 27 56.33 92.25 -71.75
CA LYS FA 27 57.43 91.34 -72.03
C LYS FA 27 57.19 90.65 -73.37
N PRO FA 28 58.26 90.33 -74.11
CA PRO FA 28 58.11 89.93 -75.52
C PRO FA 28 57.43 88.59 -75.75
N PRO FA 29 57.78 87.47 -75.04
CA PRO FA 29 57.13 86.21 -75.42
C PRO FA 29 55.69 86.13 -74.92
N ILE FA 30 54.75 86.10 -75.87
CA ILE FA 30 53.34 85.92 -75.58
C ILE FA 30 52.80 84.88 -76.56
N ASN FA 31 52.18 83.84 -76.03
CA ASN FA 31 51.71 82.76 -76.88
C ASN FA 31 50.44 82.17 -76.25
N ASN FA 32 50.09 80.96 -76.66
CA ASN FA 32 48.92 80.29 -76.15
C ASN FA 32 49.12 79.89 -74.69
N PRO FA 33 48.05 79.87 -73.90
CA PRO FA 33 48.17 79.45 -72.50
C PRO FA 33 48.49 77.97 -72.39
N SER FA 34 49.09 77.62 -71.27
CA SER FA 34 49.68 76.30 -71.08
C SER FA 34 48.73 75.39 -70.32
N ASP FA 35 49.25 74.24 -69.88
CA ASP FA 35 48.50 73.31 -69.07
C ASP FA 35 49.46 72.50 -68.21
N ASP FA 36 49.02 72.23 -66.98
CA ASP FA 36 49.86 71.62 -65.95
C ASP FA 36 50.36 70.24 -66.35
N ALA FA 37 49.54 69.48 -67.09
CA ALA FA 37 49.95 68.14 -67.48
C ALA FA 37 51.12 68.19 -68.45
N THR FA 38 51.05 69.10 -69.42
CA THR FA 38 52.17 69.27 -70.33
C THR FA 38 53.39 69.84 -69.62
N ILE FA 39 53.15 70.67 -68.60
CA ILE FA 39 54.25 71.20 -67.79
C ILE FA 39 55.01 70.07 -67.11
N LYS FA 40 54.27 69.17 -66.47
CA LYS FA 40 54.89 68.06 -65.76
C LYS FA 40 55.56 67.10 -66.72
N LEU FA 41 54.95 66.92 -67.89
CA LEU FA 41 55.54 66.08 -68.93
C LEU FA 41 56.89 66.63 -69.38
N ALA FA 42 56.96 67.95 -69.59
CA ALA FA 42 58.20 68.55 -70.06
C ALA FA 42 59.27 68.53 -68.98
N GLU FA 43 58.88 68.77 -67.73
CA GLU FA 43 59.89 68.77 -66.68
C GLU FA 43 60.40 67.36 -66.39
N ALA FA 44 59.61 66.32 -66.68
CA ALA FA 44 60.19 64.98 -66.64
C ALA FA 44 61.12 64.75 -67.84
N ALA FA 45 60.71 65.27 -69.00
CA ALA FA 45 61.46 65.06 -70.23
C ALA FA 45 62.86 65.67 -70.17
N VAL FA 46 62.99 66.76 -69.42
CA VAL FA 46 64.29 67.41 -69.24
C VAL FA 46 65.27 66.45 -68.57
N SER FA 47 64.84 65.81 -67.49
CA SER FA 47 65.72 64.92 -66.74
C SER FA 47 66.07 63.68 -67.53
N VAL FA 48 65.09 63.12 -68.24
CA VAL FA 48 65.36 61.92 -69.04
C VAL FA 48 66.35 62.24 -70.15
N SER FA 49 66.20 63.41 -70.77
CA SER FA 49 67.12 63.84 -71.81
C SER FA 49 68.52 64.02 -71.28
N ASP FA 50 68.65 64.62 -70.10
CA ASP FA 50 69.97 64.86 -69.53
C ASP FA 50 70.68 63.55 -69.18
N SER FA 51 69.95 62.61 -68.57
CA SER FA 51 70.56 61.33 -68.21
C SER FA 51 70.96 60.53 -69.44
N MET FA 52 70.11 60.52 -70.47
CA MET FA 52 70.46 59.81 -71.70
C MET FA 52 71.64 60.46 -72.39
N LEU FA 53 71.72 61.79 -72.32
CA LEU FA 53 72.82 62.53 -72.93
C LEU FA 53 74.15 62.17 -72.29
N GLU FA 54 74.20 62.17 -70.95
CA GLU FA 54 75.47 61.86 -70.30
C GLU FA 54 75.83 60.39 -70.44
N MET FA 55 74.83 59.50 -70.48
CA MET FA 55 75.11 58.08 -70.71
C MET FA 55 75.74 57.86 -72.08
N ALA FA 56 75.19 58.53 -73.09
CA ALA FA 56 75.74 58.38 -74.44
C ALA FA 56 77.14 58.98 -74.53
N LYS FA 57 77.40 60.07 -73.80
CA LYS FA 57 78.74 60.64 -73.79
C LYS FA 57 79.75 59.67 -73.18
N VAL FA 58 79.37 59.03 -72.09
CA VAL FA 58 80.25 58.06 -71.43
C VAL FA 58 80.50 56.87 -72.34
N GLU FA 59 79.45 56.37 -72.99
CA GLU FA 59 79.61 55.24 -73.91
C GLU FA 59 80.49 55.60 -75.10
N LYS FA 60 80.32 56.80 -75.63
CA LYS FA 60 81.11 57.27 -76.76
C LYS FA 60 82.58 57.36 -76.39
N VAL FA 61 82.88 57.87 -75.20
CA VAL FA 61 84.28 57.98 -74.82
C VAL FA 61 84.84 56.65 -74.36
N ILE FA 62 84.00 55.68 -73.99
CA ILE FA 62 84.54 54.41 -73.51
C ILE FA 62 84.88 53.51 -74.68
N THR FA 63 83.97 53.37 -75.64
CA THR FA 63 84.29 52.53 -76.78
C THR FA 63 84.58 53.41 -77.98
N PRO FA 64 85.82 53.48 -78.44
CA PRO FA 64 86.13 54.31 -79.59
C PRO FA 64 85.69 53.63 -80.87
N PRO FA 65 84.84 54.27 -81.67
CA PRO FA 65 84.42 53.67 -82.93
C PRO FA 65 85.56 53.61 -83.93
N SER FA 66 85.52 52.59 -84.77
CA SER FA 66 86.59 52.34 -85.71
C SER FA 66 86.14 52.33 -87.15
N LYS FA 67 84.92 51.91 -87.44
CA LYS FA 67 84.44 51.82 -88.81
C LYS FA 67 83.06 52.44 -88.90
N ASP FA 68 82.69 52.81 -90.12
CA ASP FA 68 81.41 53.44 -90.39
C ASP FA 68 80.73 52.73 -91.54
N ASN FA 69 79.39 52.80 -91.57
CA ASN FA 69 78.65 52.03 -92.55
C ASN FA 69 78.66 52.63 -93.94
N THR FA 70 79.35 53.76 -94.13
CA THR FA 70 79.62 54.27 -95.47
C THR FA 70 80.45 53.29 -96.29
N LEU FA 71 81.26 52.48 -95.61
CA LEU FA 71 81.98 51.39 -96.29
C LEU FA 71 81.02 50.35 -96.85
N THR FA 72 80.08 49.88 -96.03
CA THR FA 72 79.24 48.79 -96.49
C THR FA 72 78.08 49.25 -97.37
N ILE FA 73 77.72 50.53 -97.32
CA ILE FA 73 76.72 51.03 -98.24
C ILE FA 73 77.05 52.48 -98.58
N PRO FA 74 77.44 52.76 -99.81
CA PRO FA 74 77.60 54.15 -100.26
C PRO FA 74 76.32 54.62 -100.95
N ASN FA 75 76.33 55.88 -101.34
CA ASN FA 75 75.27 56.39 -102.18
C ASN FA 75 75.66 56.26 -103.64
N ALA FA 76 74.67 56.46 -104.51
CA ALA FA 76 74.88 56.37 -105.95
C ALA FA 76 73.82 57.22 -106.63
N TYR FA 77 73.86 57.24 -107.96
CA TYR FA 77 72.86 57.98 -108.70
C TYR FA 77 71.52 57.26 -108.63
N ASN FA 78 70.46 57.99 -109.00
CA ASN FA 78 69.03 57.71 -108.85
C ASN FA 78 68.73 57.19 -107.45
N LEU FA 79 69.37 57.82 -106.48
CA LEU FA 79 69.08 57.60 -105.08
C LEU FA 79 68.92 58.92 -104.36
N GLN FA 80 69.02 60.03 -105.07
CA GLN FA 80 68.98 61.33 -104.45
C GLN FA 80 67.60 61.94 -104.46
N ALA FA 81 66.60 61.18 -104.92
CA ALA FA 81 65.22 61.56 -104.66
C ALA FA 81 64.97 61.53 -103.17
N ARG FA 82 64.13 62.42 -102.68
CA ARG FA 82 64.05 62.60 -101.24
C ARG FA 82 62.72 62.09 -100.72
N ALA FA 83 62.63 62.01 -99.40
CA ALA FA 83 61.46 61.41 -98.76
C ALA FA 83 61.27 61.99 -97.38
N SER FA 84 60.01 62.16 -97.00
CA SER FA 84 59.65 62.51 -95.63
C SER FA 84 58.72 61.43 -95.11
N VAL FA 85 59.06 60.85 -93.96
CA VAL FA 85 58.38 59.65 -93.50
C VAL FA 85 57.80 59.87 -92.11
N ASP FA 86 56.88 58.98 -91.76
CA ASP FA 86 56.49 58.74 -90.38
C ASP FA 86 56.02 57.28 -90.31
N TRP FA 87 56.81 56.42 -89.70
CA TRP FA 87 56.52 55.00 -89.72
C TRP FA 87 56.73 54.38 -88.35
N SER FA 88 55.81 53.52 -87.96
CA SER FA 88 55.88 52.87 -86.66
C SER FA 88 55.46 51.41 -86.75
N GLY FA 89 55.95 50.70 -87.75
CA GLY FA 89 55.59 49.30 -87.90
C GLY FA 89 56.78 48.40 -88.06
N PRO FA 90 56.59 47.27 -88.74
CA PRO FA 90 57.71 46.41 -89.13
C PRO FA 90 58.45 47.02 -90.32
N ILE FA 91 59.51 46.34 -90.75
CA ILE FA 91 60.51 46.97 -91.59
C ILE FA 91 60.50 46.50 -93.04
N GLU FA 92 59.98 45.30 -93.31
CA GLU FA 92 60.21 44.65 -94.60
C GLU FA 92 59.45 45.35 -95.73
N GLU FA 93 58.17 45.60 -95.53
CA GLU FA 93 57.39 46.29 -96.56
C GLU FA 93 57.78 47.75 -96.67
N LEU FA 94 58.32 48.34 -95.60
CA LEU FA 94 58.85 49.70 -95.71
C LEU FA 94 60.04 49.75 -96.63
N THR FA 95 60.97 48.80 -96.46
CA THR FA 95 62.09 48.69 -97.38
C THR FA 95 61.65 48.32 -98.78
N ALA FA 96 60.56 47.55 -98.90
CA ALA FA 96 60.03 47.20 -100.21
C ALA FA 96 59.47 48.42 -100.92
N ARG FA 97 58.80 49.30 -100.18
CA ARG FA 97 58.33 50.55 -100.77
C ARG FA 97 59.50 51.43 -101.17
N ILE FA 98 60.57 51.42 -100.36
CA ILE FA 98 61.77 52.18 -100.71
C ILE FA 98 62.38 51.64 -101.99
N ALA FA 99 62.41 50.32 -102.15
CA ALA FA 99 62.97 49.73 -103.36
C ALA FA 99 62.10 50.01 -104.58
N LYS FA 100 60.78 50.00 -104.39
CA LYS FA 100 59.87 50.30 -105.49
C LYS FA 100 60.03 51.73 -105.95
N ALA FA 101 60.20 52.66 -105.01
CA ALA FA 101 60.53 54.03 -105.40
C ALA FA 101 61.95 54.14 -105.92
N ALA FA 102 62.81 53.19 -105.60
CA ALA FA 102 64.20 53.23 -106.02
C ALA FA 102 64.45 52.59 -107.37
N HIS FA 103 63.44 51.91 -107.92
CA HIS FA 103 63.55 51.13 -109.17
C HIS FA 103 64.66 50.09 -109.08
N PHE FA 104 64.73 49.43 -107.93
CA PHE FA 104 65.77 48.44 -107.68
C PHE FA 104 65.15 47.07 -107.49
N ARG FA 105 66.00 46.07 -107.36
CA ARG FA 105 65.55 44.76 -106.97
C ARG FA 105 65.77 44.57 -105.48
N PHE FA 106 64.99 43.67 -104.89
CA PHE FA 106 64.96 43.48 -103.45
C PHE FA 106 65.26 42.03 -103.12
N ARG FA 107 65.99 41.81 -102.03
CA ARG FA 107 66.37 40.45 -101.67
C ARG FA 107 66.39 40.26 -100.16
N VAL FA 108 65.99 39.07 -99.73
CA VAL FA 108 65.83 38.71 -98.33
C VAL FA 108 66.79 37.57 -98.00
N LEU FA 109 67.50 37.69 -96.89
CA LEU FA 109 68.47 36.69 -96.48
C LEU FA 109 68.21 36.28 -95.04
N GLY FA 110 68.09 34.98 -94.81
CA GLY FA 110 67.67 34.48 -93.53
C GLY FA 110 66.17 34.56 -93.37
N LYS FA 111 65.68 33.94 -92.30
CA LYS FA 111 64.26 34.02 -91.98
C LYS FA 111 64.06 35.00 -90.83
N SER FA 112 62.95 35.73 -90.88
CA SER FA 112 62.62 36.66 -89.82
C SER FA 112 62.32 35.89 -88.53
N PRO FA 113 62.72 36.42 -87.39
CA PRO FA 113 62.39 35.77 -86.12
C PRO FA 113 60.90 35.90 -85.81
N SER FA 114 60.47 35.09 -84.84
CA SER FA 114 59.06 35.04 -84.46
C SER FA 114 58.60 36.35 -83.87
N VAL FA 115 59.42 36.96 -83.03
CA VAL FA 115 59.17 38.34 -82.63
C VAL FA 115 59.39 39.24 -83.83
N PRO FA 116 58.45 40.13 -84.16
CA PRO FA 116 58.70 41.08 -85.24
C PRO FA 116 59.75 42.11 -84.85
N VAL FA 117 60.73 42.31 -85.72
CA VAL FA 117 61.67 43.40 -85.55
C VAL FA 117 60.94 44.69 -85.90
N LEU FA 118 60.82 45.59 -84.93
CA LEU FA 118 60.02 46.79 -85.10
C LEU FA 118 60.90 48.02 -84.96
N ILE FA 119 60.53 49.07 -85.69
CA ILE FA 119 61.23 50.35 -85.63
C ILE FA 119 60.20 51.46 -85.47
N SER FA 120 60.72 52.65 -85.21
CA SER FA 120 59.89 53.86 -85.11
C SER FA 120 60.71 55.01 -85.66
N ILE FA 121 60.36 55.49 -86.84
CA ILE FA 121 61.14 56.50 -87.54
C ILE FA 121 60.29 57.74 -87.71
N SER FA 122 60.82 58.87 -87.24
CA SER FA 122 60.15 60.16 -87.35
C SER FA 122 61.18 61.18 -87.80
N THR FA 123 61.33 61.33 -89.12
CA THR FA 123 62.24 62.32 -89.67
C THR FA 123 61.54 63.11 -90.76
N LYS FA 124 62.29 63.92 -91.51
CA LYS FA 124 61.70 64.76 -92.55
C LYS FA 124 62.78 65.17 -93.54
N ASP FA 125 62.59 64.81 -94.81
CA ASP FA 125 63.37 65.28 -95.96
C ASP FA 125 64.86 64.96 -95.84
N GLU FA 126 65.15 63.66 -95.92
CA GLU FA 126 66.52 63.19 -96.00
C GLU FA 126 66.79 62.54 -97.34
N SER FA 127 68.04 62.17 -97.54
CA SER FA 127 68.40 61.30 -98.64
C SER FA 127 68.03 59.88 -98.31
N LEU FA 128 67.83 59.08 -99.35
CA LEU FA 128 67.54 57.67 -99.15
C LEU FA 128 68.72 56.94 -98.57
N ALA FA 129 69.95 57.36 -98.93
CA ALA FA 129 71.14 56.72 -98.39
C ALA FA 129 71.25 56.93 -96.89
N GLU FA 130 70.98 58.14 -96.43
CA GLU FA 130 71.07 58.39 -95.00
C GLU FA 130 69.88 57.80 -94.27
N ILE FA 131 68.72 57.71 -94.94
CA ILE FA 131 67.58 57.01 -94.36
C ILE FA 131 67.91 55.55 -94.15
N LEU FA 132 68.55 54.92 -95.13
CA LEU FA 132 68.92 53.53 -95.00
C LEU FA 132 69.99 53.32 -93.94
N ARG FA 133 70.95 54.25 -93.84
CA ARG FA 133 71.97 54.14 -92.79
C ARG FA 133 71.36 54.25 -91.40
N ASP FA 134 70.42 55.19 -91.23
CA ASP FA 134 69.75 55.32 -89.95
C ASP FA 134 68.84 54.13 -89.67
N ILE FA 135 68.30 53.52 -90.72
CA ILE FA 135 67.51 52.30 -90.57
C ILE FA 135 68.38 51.17 -90.05
N ASP FA 136 69.59 51.05 -90.58
CA ASP FA 136 70.52 50.03 -90.10
C ASP FA 136 70.93 50.29 -88.67
N TYR FA 137 71.17 51.55 -88.32
CA TYR FA 137 71.53 51.88 -86.94
C TYR FA 137 70.38 51.61 -85.99
N GLN FA 138 69.15 51.89 -86.42
CA GLN FA 138 68.00 51.59 -85.59
C GLN FA 138 67.76 50.10 -85.44
N ALA FA 139 68.10 49.33 -86.48
CA ALA FA 139 67.92 47.89 -86.41
C ALA FA 139 68.94 47.26 -85.49
N GLY FA 140 70.20 47.67 -85.60
CA GLY FA 140 71.24 47.19 -84.71
C GLY FA 140 71.60 45.73 -84.89
N LYS FA 141 71.56 44.97 -83.81
CA LYS FA 141 72.05 43.60 -83.82
C LYS FA 141 71.14 42.64 -84.55
N LYS FA 142 69.91 43.02 -84.87
CA LYS FA 142 68.98 42.04 -85.39
C LYS FA 142 69.03 41.91 -86.90
N ALA FA 143 69.23 43.01 -87.62
CA ALA FA 143 69.24 42.94 -89.07
C ALA FA 143 70.33 43.83 -89.62
N SER FA 144 70.61 43.64 -90.91
CA SER FA 144 71.63 44.43 -91.59
C SER FA 144 71.20 44.67 -93.02
N ILE FA 145 71.71 45.77 -93.57
CA ILE FA 145 71.34 46.27 -94.89
C ILE FA 145 72.59 46.32 -95.76
N HIS FA 146 72.46 45.88 -97.00
CA HIS FA 146 73.53 46.05 -97.97
C HIS FA 146 72.95 46.55 -99.29
N VAL FA 147 73.76 47.35 -99.99
CA VAL FA 147 73.37 47.92 -101.27
C VAL FA 147 74.44 47.57 -102.29
N TYR FA 148 74.05 46.94 -103.38
CA TYR FA 148 74.98 46.77 -104.48
C TYR FA 148 74.51 47.60 -105.66
N PRO FA 149 75.20 48.68 -106.00
CA PRO FA 149 74.72 49.59 -107.03
C PRO FA 149 75.00 49.06 -108.43
N ASN FA 150 76.06 48.25 -108.53
CA ASN FA 150 76.44 47.67 -109.81
C ASN FA 150 75.37 46.72 -110.33
N SER FA 151 74.69 46.02 -109.44
CA SER FA 151 73.56 45.19 -109.82
C SER FA 151 72.23 45.76 -109.38
N GLN FA 152 72.23 46.91 -108.70
CA GLN FA 152 71.03 47.67 -108.33
C GLN FA 152 70.10 46.87 -107.43
N VAL FA 153 70.68 46.26 -106.40
CA VAL FA 153 69.93 45.40 -105.49
C VAL FA 153 70.07 45.90 -104.07
N VAL FA 154 68.99 45.80 -103.32
CA VAL FA 154 68.96 46.13 -101.90
C VAL FA 154 68.67 44.84 -101.15
N GLU FA 155 69.57 44.48 -100.25
CA GLU FA 155 69.53 43.18 -99.58
C GLU FA 155 69.38 43.39 -98.10
N LEU FA 156 68.38 42.73 -97.52
CA LEU FA 156 68.18 42.71 -96.08
C LEU FA 156 68.60 41.35 -95.57
N ARG FA 157 69.30 41.30 -94.45
CA ARG FA 157 69.68 40.04 -93.84
C ARG FA 157 69.34 40.05 -92.36
N TYR FA 158 68.90 38.91 -91.87
CA TYR FA 158 68.65 38.73 -90.44
C TYR FA 158 69.84 38.07 -89.77
N ALA FA 159 70.01 38.37 -88.48
CA ALA FA 159 71.11 37.78 -87.73
C ALA FA 159 70.84 36.31 -87.45
N LYS FA 160 71.91 35.51 -87.48
CA LYS FA 160 71.78 34.05 -87.37
C LYS FA 160 71.77 33.65 -85.90
N ILE FA 161 70.65 33.95 -85.25
CA ILE FA 161 70.37 33.45 -83.91
C ILE FA 161 68.92 33.05 -83.87
N TYR FA 162 68.42 32.70 -82.68
CA TYR FA 162 67.06 32.24 -82.41
C TYR FA 162 66.71 30.99 -83.22
N ARG GA 207 102.72 19.37 -42.45
CA ARG GA 207 102.58 17.96 -42.09
C ARG GA 207 101.51 17.77 -41.02
N ILE GA 208 100.48 17.01 -41.36
CA ILE GA 208 99.43 16.70 -40.41
C ILE GA 208 99.89 15.55 -39.52
N ILE GA 209 99.86 15.77 -38.21
CA ILE GA 209 100.50 14.90 -37.23
C ILE GA 209 99.47 13.90 -36.71
N TYR GA 210 99.85 12.64 -36.65
CA TYR GA 210 98.98 11.58 -36.17
C TYR GA 210 99.46 11.12 -34.80
N TYR GA 211 98.52 10.97 -33.88
CA TYR GA 211 98.78 10.40 -32.57
C TYR GA 211 97.99 9.11 -32.41
N ILE GA 212 98.51 8.21 -31.58
CA ILE GA 212 97.85 6.93 -31.36
C ILE GA 212 96.57 7.15 -30.55
N GLN GA 213 95.45 6.67 -31.09
CA GLN GA 213 94.20 6.73 -30.36
C GLN GA 213 93.95 5.46 -29.56
N ALA GA 214 94.34 4.30 -30.08
CA ALA GA 214 94.10 3.04 -29.38
C ALA GA 214 95.25 2.08 -29.64
N VAL GA 215 95.61 1.32 -28.61
CA VAL GA 215 96.69 0.34 -28.67
C VAL GA 215 96.07 -1.04 -28.50
N ILE GA 216 95.85 -1.74 -29.61
CA ILE GA 216 95.53 -3.16 -29.57
C ILE GA 216 96.52 -3.89 -30.46
N PRO GA 217 96.71 -5.19 -30.24
CA PRO GA 217 97.41 -5.99 -31.24
C PRO GA 217 96.63 -6.02 -32.55
N GLY GA 218 97.35 -6.00 -33.66
CA GLY GA 218 96.74 -6.12 -34.96
C GLY GA 218 96.34 -4.81 -35.61
N ARG GA 219 95.41 -4.08 -35.02
CA ARG GA 219 94.94 -2.83 -35.60
C ARG GA 219 95.50 -1.64 -34.83
N ALA GA 220 95.51 -0.49 -35.48
CA ALA GA 220 96.02 0.74 -34.90
C ALA GA 220 95.14 1.90 -35.34
N TRP GA 221 95.03 2.90 -34.47
CA TRP GA 221 94.20 4.06 -34.70
C TRP GA 221 95.03 5.33 -34.58
N LEU GA 222 94.92 6.19 -35.59
CA LEU GA 222 95.61 7.47 -35.62
C LEU GA 222 94.60 8.58 -35.85
N ILE GA 223 94.84 9.71 -35.21
CA ILE GA 223 93.99 10.89 -35.35
C ILE GA 223 94.83 12.00 -35.95
N GLY GA 224 94.36 12.54 -37.07
CA GLY GA 224 95.06 13.65 -37.71
C GLY GA 224 94.79 14.98 -37.02
N SER GA 225 95.44 16.01 -37.54
CA SER GA 225 95.31 17.34 -36.99
C SER GA 225 93.93 17.93 -37.25
N ASN GA 226 93.34 17.63 -38.40
CA ASN GA 226 92.05 18.18 -38.79
C ASN GA 226 90.88 17.24 -38.53
N GLY GA 227 91.09 16.18 -37.76
CA GLY GA 227 90.04 15.22 -37.49
C GLY GA 227 90.05 13.99 -38.37
N SER GA 228 91.11 13.78 -39.14
CA SER GA 228 91.21 12.60 -40.01
C SER GA 228 91.57 11.40 -39.14
N THR GA 229 90.62 10.49 -38.98
CA THR GA 229 90.83 9.28 -38.19
C THR GA 229 91.08 8.12 -39.14
N LEU GA 230 92.19 7.41 -38.92
CA LEU GA 230 92.55 6.28 -39.76
C LEU GA 230 92.94 5.11 -38.87
N THR GA 231 92.19 4.01 -38.99
CA THR GA 231 92.68 2.75 -38.48
C THR GA 231 93.38 2.01 -39.60
N VAL GA 232 94.38 1.22 -39.23
CA VAL GA 232 95.26 0.58 -40.20
C VAL GA 232 95.84 -0.67 -39.56
N ARG GA 233 96.37 -1.56 -40.40
CA ARG GA 233 96.95 -2.81 -39.95
C ARG GA 233 98.44 -2.64 -39.68
N GLU GA 234 99.13 -3.76 -39.48
CA GLU GA 234 100.57 -3.73 -39.22
C GLU GA 234 101.35 -3.36 -40.47
N GLY GA 235 101.09 -4.04 -41.58
CA GLY GA 235 101.83 -3.77 -42.80
C GLY GA 235 101.01 -3.01 -43.83
N SER GA 236 101.26 -1.71 -43.95
CA SER GA 236 100.54 -0.86 -44.87
C SER GA 236 101.40 0.37 -45.16
N LYS GA 237 100.79 1.38 -45.79
CA LYS GA 237 101.48 2.60 -46.14
C LYS GA 237 100.81 3.78 -45.45
N ILE GA 238 101.61 4.78 -45.10
CA ILE GA 238 101.12 5.99 -44.48
C ILE GA 238 101.50 7.18 -45.34
N PRO GA 239 100.55 7.98 -45.81
CA PRO GA 239 100.89 9.17 -46.58
C PRO GA 239 101.54 10.22 -45.70
N GLY GA 240 102.62 10.81 -46.22
CA GLY GA 240 103.42 11.74 -45.46
C GLY GA 240 104.44 11.11 -44.55
N TYR GA 241 104.38 9.80 -44.33
CA TYR GA 241 105.38 9.12 -43.54
C TYR GA 241 105.81 7.79 -44.14
N GLY GA 242 105.30 7.41 -45.31
CA GLY GA 242 105.82 6.28 -46.04
C GLY GA 242 105.13 4.96 -45.76
N MET GA 243 105.90 3.99 -45.29
CA MET GA 243 105.37 2.67 -44.94
C MET GA 243 105.24 2.55 -43.44
N VAL GA 244 104.71 1.42 -42.99
CA VAL GA 244 104.64 1.08 -41.58
C VAL GA 244 105.63 -0.03 -41.33
N LYS GA 245 106.56 0.19 -40.41
CA LYS GA 245 107.62 -0.79 -40.16
C LYS GA 245 107.10 -1.88 -39.22
N LEU GA 246 106.78 -1.51 -37.98
CA LEU GA 246 106.27 -2.46 -37.00
C LEU GA 246 105.50 -1.69 -35.94
N ILE GA 247 104.67 -2.42 -35.20
CA ILE GA 247 103.90 -1.85 -34.11
C ILE GA 247 104.19 -2.67 -32.87
N ASP GA 248 104.74 -2.02 -31.85
CA ASP GA 248 104.89 -2.66 -30.55
C ASP GA 248 103.51 -2.73 -29.90
N SER GA 249 103.04 -3.96 -29.63
CA SER GA 249 101.71 -4.15 -29.07
C SER GA 249 101.58 -3.63 -27.66
N LEU GA 250 102.70 -3.51 -26.93
CA LEU GA 250 102.74 -2.84 -25.65
C LEU GA 250 103.35 -1.47 -25.82
N GLN GA 251 103.17 -0.62 -24.79
CA GLN GA 251 103.77 0.69 -24.60
C GLN GA 251 103.33 1.75 -25.62
N GLY GA 252 102.47 1.42 -26.59
CA GLY GA 252 102.01 2.38 -27.57
C GLY GA 252 103.09 2.93 -28.50
N ARG GA 253 103.92 2.04 -29.03
CA ARG GA 253 105.03 2.42 -29.92
C ARG GA 253 104.75 1.89 -31.31
N ILE GA 254 104.71 2.79 -32.29
CA ILE GA 254 104.56 2.41 -33.70
C ILE GA 254 105.81 2.86 -34.43
N LEU GA 255 106.46 1.92 -35.10
CA LEU GA 255 107.65 2.23 -35.88
C LEU GA 255 107.24 2.65 -37.29
N THR GA 256 107.70 3.82 -37.70
CA THR GA 256 107.38 4.36 -39.02
C THR GA 256 108.58 4.25 -39.94
N SER GA 257 108.29 4.14 -41.25
CA SER GA 257 109.35 3.96 -42.23
C SER GA 257 110.16 5.23 -42.43
N SER GA 258 109.58 6.39 -42.11
CA SER GA 258 110.32 7.62 -42.10
C SER GA 258 110.94 7.91 -40.73
N GLY GA 259 110.97 6.91 -39.86
CA GLY GA 259 111.72 7.02 -38.62
C GLY GA 259 111.02 7.76 -37.52
N GLN GA 260 109.76 7.42 -37.23
CA GLN GA 260 109.02 8.07 -36.16
C GLN GA 260 108.44 7.01 -35.23
N VAL GA 261 108.51 7.27 -33.93
CA VAL GA 261 107.85 6.44 -32.93
C VAL GA 261 106.52 7.12 -32.66
N ILE GA 262 105.49 6.66 -33.37
CA ILE GA 262 104.15 7.20 -33.17
C ILE GA 262 103.60 6.67 -31.86
N LYS GA 263 103.00 7.57 -31.08
CA LYS GA 263 102.53 7.28 -29.74
C LYS GA 263 101.31 8.15 -29.48
N PHE GA 264 100.92 8.28 -28.21
CA PHE GA 264 99.85 9.17 -27.83
C PHE GA 264 100.30 10.62 -27.91
N SER GA 265 99.40 11.53 -27.52
CA SER GA 265 99.73 12.93 -27.41
C SER GA 265 100.68 13.15 -26.23
N GLN GA 266 101.39 14.28 -26.28
CA GLN GA 266 102.25 14.62 -25.15
C GLN GA 266 101.43 15.08 -23.96
N GLU GA 267 100.45 15.95 -24.19
CA GLU GA 267 99.57 16.38 -23.11
C GLU GA 267 98.49 15.36 -22.81
N ASP GA 268 98.28 14.38 -23.69
CA ASP GA 268 97.36 13.28 -23.46
C ASP GA 268 98.12 12.00 -23.78
N SER GA 269 98.87 11.49 -22.80
CA SER GA 269 99.64 10.27 -22.98
C SER GA 269 99.04 9.14 -22.17
N GLN HA 791 117.16 -28.72 3.06
CA GLN HA 791 116.95 -28.54 1.64
C GLN HA 791 115.59 -29.10 1.22
N GLN HA 792 114.98 -29.86 2.12
CA GLN HA 792 113.62 -30.37 1.91
C GLN HA 792 112.57 -29.50 2.61
N GLU HA 793 112.98 -28.41 3.24
CA GLU HA 793 112.09 -27.50 3.94
C GLU HA 793 111.46 -26.48 3.01
N ILE HA 794 111.78 -26.54 1.72
CA ILE HA 794 111.27 -25.56 0.76
C ILE HA 794 109.77 -25.71 0.58
N GLN HA 795 109.27 -26.96 0.61
CA GLN HA 795 107.84 -27.19 0.44
C GLN HA 795 107.07 -26.69 1.65
N GLN HA 796 107.69 -26.73 2.83
CA GLN HA 796 107.13 -26.02 3.98
C GLN HA 796 107.09 -24.52 3.71
N ARG HA 797 108.15 -24.00 3.10
CA ARG HA 797 108.21 -22.59 2.76
C ARG HA 797 107.34 -22.25 1.55
N THR HA 798 106.93 -23.24 0.76
CA THR HA 798 106.15 -22.93 -0.43
C THR HA 798 104.65 -23.10 -0.19
N SER HA 799 104.26 -24.06 0.64
CA SER HA 799 102.84 -24.39 0.77
C SER HA 799 102.07 -23.32 1.52
N ASP HA 800 102.71 -22.70 2.51
CA ASP HA 800 102.04 -21.70 3.33
C ASP HA 800 101.75 -20.44 2.53
N MET HA 801 102.71 -19.99 1.72
CA MET HA 801 102.49 -18.81 0.90
C MET HA 801 101.61 -19.11 -0.30
N LEU HA 802 101.49 -20.38 -0.68
CA LEU HA 802 100.65 -20.76 -1.81
C LEU HA 802 99.17 -20.48 -1.55
N THR HA 803 98.69 -20.85 -0.37
CA THR HA 803 97.29 -20.60 -0.03
C THR HA 803 97.02 -19.12 0.10
N ALA HA 804 97.99 -18.38 0.63
CA ALA HA 804 97.90 -16.92 0.63
C ALA HA 804 97.93 -16.37 -0.79
N ALA HA 805 98.74 -16.98 -1.67
CA ALA HA 805 98.80 -16.54 -3.05
C ALA HA 805 97.48 -16.76 -3.76
N THR HA 806 96.83 -17.89 -3.51
CA THR HA 806 95.51 -18.14 -4.06
C THR HA 806 94.48 -17.19 -3.49
N GLN HA 807 94.69 -16.73 -2.26
CA GLN HA 807 93.75 -15.81 -1.63
C GLN HA 807 93.77 -14.45 -2.31
N LEU HA 808 94.96 -13.88 -2.50
CA LEU HA 808 95.05 -12.52 -3.02
C LEU HA 808 94.72 -12.46 -4.50
N VAL HA 809 95.00 -13.54 -5.23
CA VAL HA 809 94.64 -13.55 -6.64
C VAL HA 809 93.14 -13.67 -6.80
N GLN HA 810 92.44 -14.23 -5.81
CA GLN HA 810 90.99 -14.22 -5.83
C GLN HA 810 90.47 -12.81 -5.56
N ASP HA 811 91.19 -12.05 -4.73
CA ASP HA 811 90.76 -10.71 -4.38
C ASP HA 811 90.84 -9.75 -5.55
N TRP HA 812 91.74 -10.02 -6.50
CA TRP HA 812 91.83 -9.18 -7.67
C TRP HA 812 90.79 -9.53 -8.73
N LYS HA 813 90.02 -10.60 -8.53
CA LYS HA 813 88.97 -10.94 -9.47
C LYS HA 813 87.74 -10.06 -9.31
N GLN HA 814 87.43 -9.65 -8.09
CA GLN HA 814 86.11 -9.08 -7.81
C GLN HA 814 86.04 -7.64 -8.29
N VAL HA 815 85.10 -7.39 -9.18
CA VAL HA 815 84.72 -6.05 -9.59
C VAL HA 815 83.21 -5.94 -9.39
N GLU HA 816 82.80 -4.97 -8.60
CA GLU HA 816 81.39 -4.82 -8.32
C GLU HA 816 80.77 -3.81 -9.26
N THR HA 817 79.46 -3.93 -9.45
CA THR HA 817 78.76 -3.11 -10.42
C THR HA 817 78.51 -1.71 -9.87
N GLN HA 818 78.53 -0.74 -10.78
CA GLN HA 818 78.09 0.60 -10.45
C GLN HA 818 76.58 0.61 -10.24
N VAL HA 819 76.12 1.64 -9.54
CA VAL HA 819 74.69 1.90 -9.41
C VAL HA 819 74.44 3.37 -9.66
N TYR HA 820 73.62 3.67 -10.66
CA TYR HA 820 73.15 5.02 -10.88
C TYR HA 820 71.99 5.27 -9.92
N THR HA 821 72.21 6.18 -8.98
CA THR HA 821 71.20 6.51 -7.98
C THR HA 821 70.44 7.73 -8.47
N GLU HA 822 69.13 7.59 -8.63
CA GLU HA 822 68.27 8.68 -9.08
C GLU HA 822 67.40 9.13 -7.92
N GLY HA 823 67.38 10.44 -7.69
CA GLY HA 823 66.51 10.99 -6.67
C GLY HA 823 65.87 12.30 -7.07
N THR HA 824 64.55 12.36 -7.02
CA THR HA 824 63.83 13.58 -7.37
C THR HA 824 63.10 14.14 -6.16
N ALA IA 104 109.65 -16.91 50.41
CA ALA IA 104 108.29 -17.20 50.84
C ALA IA 104 107.34 -16.12 50.33
N GLU IA 105 107.91 -15.12 49.66
CA GLU IA 105 107.15 -13.95 49.28
C GLU IA 105 107.43 -13.58 47.83
N VAL IA 106 108.59 -13.95 47.31
CA VAL IA 106 108.92 -13.66 45.91
C VAL IA 106 108.25 -14.64 44.97
N ILE IA 107 107.68 -15.72 45.51
CA ILE IA 107 106.85 -16.63 44.72
C ILE IA 107 105.67 -15.89 44.12
N ASP IA 108 105.05 -15.00 44.91
CA ASP IA 108 103.94 -14.20 44.43
C ASP IA 108 104.37 -13.24 43.33
N LYS IA 109 105.56 -12.64 43.47
CA LYS IA 109 106.04 -11.72 42.45
C LYS IA 109 106.39 -12.43 41.16
N LYS IA 110 107.03 -13.60 41.25
CA LYS IA 110 107.34 -14.39 40.06
C LYS IA 110 106.08 -14.85 39.35
N ALA IA 111 105.09 -15.31 40.13
CA ALA IA 111 103.84 -15.78 39.56
C ALA IA 111 103.05 -14.62 38.94
N PHE IA 112 103.14 -13.43 39.53
CA PHE IA 112 102.47 -12.27 38.94
C PHE IA 112 103.18 -11.81 37.67
N LYS IA 113 104.50 -11.92 37.62
CA LYS IA 113 105.23 -11.59 36.39
C LYS IA 113 104.88 -12.57 35.28
N ASP IA 114 104.80 -13.86 35.59
CA ASP IA 114 104.37 -14.84 34.61
C ASP IA 114 102.90 -14.62 34.22
N MET IA 115 102.09 -14.14 35.15
CA MET IA 115 100.70 -13.81 34.87
C MET IA 115 100.59 -12.69 33.86
N THR IA 116 101.40 -11.63 34.04
CA THR IA 116 101.44 -10.53 33.09
C THR IA 116 101.96 -10.98 31.74
N ARG IA 117 102.99 -11.85 31.76
CA ARG IA 117 103.54 -12.42 30.53
C ARG IA 117 102.50 -13.22 29.77
N ASN IA 118 101.68 -13.99 30.49
CA ASN IA 118 100.68 -14.80 29.81
C ASN IA 118 99.51 -13.97 29.34
N LEU IA 119 99.16 -12.91 30.08
CA LEU IA 119 98.05 -12.05 29.67
C LEU IA 119 98.39 -11.27 28.43
N TYR IA 120 99.55 -10.62 28.41
CA TYR IA 120 99.95 -9.84 27.25
C TYR IA 120 101.18 -10.45 26.62
N PRO IA 121 101.01 -11.14 25.49
CA PRO IA 121 102.18 -11.71 24.79
C PRO IA 121 102.98 -10.68 24.03
N LEU IA 122 102.43 -9.50 23.76
CA LEU IA 122 103.03 -8.55 22.84
C LEU IA 122 103.42 -7.26 23.54
N ASN IA 123 104.54 -6.69 23.10
CA ASN IA 123 104.92 -5.37 23.54
C ASN IA 123 104.06 -4.31 22.84
N PRO IA 124 103.85 -3.16 23.49
CA PRO IA 124 103.14 -2.06 22.81
C PRO IA 124 103.84 -1.58 21.55
N GLU IA 125 105.17 -1.53 21.58
CA GLU IA 125 105.92 -1.21 20.37
C GLU IA 125 105.80 -2.30 19.33
N GLN IA 126 105.65 -3.55 19.76
CA GLN IA 126 105.39 -4.63 18.81
C GLN IA 126 104.01 -4.47 18.17
N VAL IA 127 103.04 -4.00 18.95
CA VAL IA 127 101.71 -3.68 18.41
C VAL IA 127 101.82 -2.57 17.36
N VAL IA 128 102.63 -1.55 17.66
CA VAL IA 128 102.83 -0.42 16.75
C VAL IA 128 103.49 -0.88 15.45
N LYS IA 129 104.52 -1.73 15.56
CA LYS IA 129 105.19 -2.23 14.37
C LYS IA 129 104.30 -3.16 13.57
N LEU IA 130 103.45 -3.92 14.24
CA LEU IA 130 102.50 -4.77 13.53
C LEU IA 130 101.46 -3.93 12.79
N LYS IA 131 101.06 -2.81 13.38
CA LYS IA 131 100.19 -1.87 12.69
C LYS IA 131 100.88 -1.29 11.46
N GLN IA 132 102.18 -1.00 11.60
CA GLN IA 132 102.95 -0.47 10.49
C GLN IA 132 103.06 -1.46 9.34
N ILE IA 133 103.38 -2.71 9.64
CA ILE IA 133 103.52 -3.70 8.58
C ILE IA 133 102.16 -4.09 8.02
N TYR IA 134 101.11 -3.97 8.83
CA TYR IA 134 99.74 -4.22 8.37
C TYR IA 134 99.33 -3.20 7.32
N GLU IA 135 99.56 -1.91 7.62
CA GLU IA 135 99.32 -0.86 6.64
C GLU IA 135 100.23 -1.01 5.43
N THR IA 136 101.47 -1.46 5.65
CA THR IA 136 102.43 -1.63 4.57
C THR IA 136 101.98 -2.69 3.58
N SER IA 137 101.54 -3.84 4.10
CA SER IA 137 101.10 -4.92 3.23
C SER IA 137 99.81 -4.56 2.53
N GLU IA 138 98.92 -3.83 3.21
CA GLU IA 138 97.71 -3.37 2.55
C GLU IA 138 98.01 -2.38 1.42
N TYR IA 139 98.96 -1.48 1.65
CA TYR IA 139 99.39 -0.56 0.60
C TYR IA 139 100.04 -1.28 -0.56
N ALA IA 140 100.83 -2.32 -0.26
CA ALA IA 140 101.48 -3.11 -1.30
C ALA IA 140 100.47 -3.88 -2.13
N LYS IA 141 99.48 -4.47 -1.49
CA LYS IA 141 98.49 -5.24 -2.23
C LYS IA 141 97.54 -4.35 -3.00
N ALA IA 142 97.28 -3.14 -2.49
CA ALA IA 142 96.41 -2.22 -3.19
C ALA IA 142 97.15 -1.35 -4.20
N ALA IA 143 98.47 -1.47 -4.27
CA ALA IA 143 99.22 -0.79 -5.32
C ALA IA 143 98.88 -1.38 -6.69
N THR IA 144 98.89 -0.53 -7.71
CA THR IA 144 98.58 -0.95 -9.07
C THR IA 144 99.84 -0.85 -9.92
N PRO IA 145 100.34 -1.95 -10.47
CA PRO IA 145 101.53 -1.90 -11.33
C PRO IA 145 101.25 -1.30 -12.71
N GLY IA 146 102.28 -1.23 -13.54
CA GLY IA 146 102.12 -0.59 -14.84
C GLY IA 146 102.11 0.91 -14.68
N THR IA 147 101.09 1.57 -15.24
CA THR IA 147 100.86 2.98 -15.06
C THR IA 147 99.38 3.28 -15.26
N PRO IA 148 98.78 4.12 -14.42
CA PRO IA 148 97.38 4.46 -14.61
C PRO IA 148 97.20 5.36 -15.82
N PRO IA 149 96.08 5.24 -16.53
CA PRO IA 149 95.84 6.10 -17.68
C PRO IA 149 95.61 7.55 -17.28
N LYS IA 150 95.85 8.44 -18.24
CA LYS IA 150 95.76 9.87 -17.99
C LYS IA 150 94.30 10.29 -17.86
N PRO IA 151 93.91 10.89 -16.75
CA PRO IA 151 92.50 11.30 -16.56
C PRO IA 151 92.16 12.48 -17.45
N THR IA 152 91.22 12.28 -18.36
CA THR IA 152 90.86 13.26 -19.35
C THR IA 152 89.35 13.43 -19.40
N ALA IA 153 88.92 14.51 -20.04
CA ALA IA 153 87.49 14.77 -20.27
C ALA IA 153 87.40 15.45 -21.63
N THR IA 154 87.04 14.70 -22.66
CA THR IA 154 87.24 15.11 -24.04
C THR IA 154 85.91 15.31 -24.77
N SER IA 155 86.00 16.03 -25.88
CA SER IA 155 84.89 16.19 -26.81
C SER IA 155 85.35 15.75 -28.19
N GLN IA 156 84.50 14.97 -28.87
CA GLN IA 156 84.81 14.45 -30.18
C GLN IA 156 83.64 14.68 -31.13
N PHE IA 157 83.96 14.93 -32.39
CA PHE IA 157 82.95 15.02 -33.43
C PHE IA 157 82.66 13.64 -34.00
N VAL IA 158 81.44 13.45 -34.47
CA VAL IA 158 80.97 12.19 -35.02
C VAL IA 158 80.67 12.41 -36.50
N ASN IA 159 81.38 11.69 -37.35
CA ASN IA 159 81.19 11.77 -38.79
C ASN IA 159 80.29 10.63 -39.25
N LEU IA 160 79.35 10.93 -40.14
CA LEU IA 160 78.33 9.98 -40.56
C LEU IA 160 78.53 9.52 -42.00
N SER IA 161 79.77 9.40 -42.45
CA SER IA 161 80.02 9.02 -43.83
C SER IA 161 79.79 7.51 -44.02
N PRO IA 162 79.35 7.10 -45.22
CA PRO IA 162 79.15 5.67 -45.47
C PRO IA 162 80.41 4.95 -45.92
N GLY IA 163 81.56 5.57 -45.71
CA GLY IA 163 82.83 4.94 -46.03
C GLY IA 163 83.88 5.18 -44.96
N SER IA 164 83.54 5.99 -43.98
CA SER IA 164 84.50 6.36 -42.94
C SER IA 164 84.56 5.31 -41.84
N THR IA 165 85.53 5.48 -40.96
CA THR IA 165 85.68 4.60 -39.81
C THR IA 165 84.72 5.03 -38.69
N PRO IA 166 84.13 4.08 -37.98
CA PRO IA 166 83.26 4.42 -36.86
C PRO IA 166 84.06 4.98 -35.69
N PRO IA 167 83.44 5.77 -34.82
CA PRO IA 167 84.17 6.35 -33.68
C PRO IA 167 84.59 5.32 -32.65
N VAL IA 168 85.68 5.65 -31.96
CA VAL IA 168 86.36 4.78 -31.01
C VAL IA 168 86.35 5.47 -29.65
N ILE IA 169 85.93 4.75 -28.62
CA ILE IA 169 85.81 5.30 -27.28
C ILE IA 169 86.70 4.51 -26.33
N ARG IA 170 87.61 5.23 -25.66
CA ARG IA 170 88.45 4.61 -24.65
C ARG IA 170 87.66 4.32 -23.39
N LEU IA 171 88.06 3.25 -22.69
CA LEU IA 171 87.32 2.78 -21.52
C LEU IA 171 88.25 2.52 -20.34
N SER IA 172 87.69 2.63 -19.14
CA SER IA 172 88.37 2.26 -17.90
C SER IA 172 87.59 1.16 -17.20
N GLN IA 173 88.32 0.19 -16.66
CA GLN IA 173 87.68 -0.94 -16.00
C GLN IA 173 87.09 -0.48 -14.67
N GLY IA 174 85.77 -0.54 -14.55
CA GLY IA 174 85.07 -0.17 -13.35
C GLY IA 174 84.76 1.31 -13.23
N PHE IA 175 85.64 2.18 -13.72
CA PHE IA 175 85.43 3.61 -13.58
C PHE IA 175 84.39 4.09 -14.58
N VAL IA 176 83.47 4.91 -14.09
CA VAL IA 176 82.25 5.26 -14.83
C VAL IA 176 82.61 6.25 -15.92
N SER IA 177 82.11 6.00 -17.14
CA SER IA 177 82.28 6.91 -18.26
C SER IA 177 80.93 7.47 -18.68
N SER IA 178 80.87 8.77 -18.88
CA SER IA 178 79.64 9.47 -19.24
C SER IA 178 79.76 10.03 -20.64
N LEU IA 179 78.83 9.66 -21.51
CA LEU IA 179 78.78 10.17 -22.88
C LEU IA 179 77.59 11.09 -23.01
N VAL IA 180 77.85 12.35 -23.38
CA VAL IA 180 76.81 13.35 -23.55
C VAL IA 180 76.70 13.66 -25.03
N PHE IA 181 75.49 13.52 -25.59
CA PHE IA 181 75.27 13.58 -27.02
C PHE IA 181 74.62 14.92 -27.39
N LEU IA 182 75.36 15.76 -28.11
CA LEU IA 182 74.86 17.04 -28.58
C LEU IA 182 75.03 17.11 -30.10
N ASP IA 183 74.05 17.67 -30.78
CA ASP IA 183 74.08 17.72 -32.24
C ASP IA 183 74.99 18.85 -32.71
N SER IA 184 74.97 19.12 -34.03
CA SER IA 184 75.73 20.24 -34.59
C SER IA 184 75.19 21.57 -34.09
N THR IA 185 73.89 21.64 -33.81
CA THR IA 185 73.32 22.79 -33.12
C THR IA 185 73.64 22.79 -31.63
N GLY IA 186 74.19 21.70 -31.10
CA GLY IA 186 74.53 21.60 -29.71
C GLY IA 186 73.43 21.08 -28.82
N ALA IA 187 72.25 20.82 -29.36
CA ALA IA 187 71.13 20.40 -28.55
C ALA IA 187 71.27 18.95 -28.12
N PRO IA 188 70.85 18.62 -26.90
CA PRO IA 188 70.92 17.23 -26.43
C PRO IA 188 69.90 16.37 -27.17
N TRP IA 189 70.40 15.47 -28.01
CA TRP IA 189 69.53 14.65 -28.83
C TRP IA 189 68.99 13.50 -28.00
N PRO IA 190 67.68 13.39 -27.84
CA PRO IA 190 67.12 12.30 -27.02
C PRO IA 190 67.34 10.94 -27.64
N ILE IA 191 67.47 9.94 -26.77
CA ILE IA 191 67.87 8.59 -27.15
C ILE IA 191 66.63 7.72 -27.24
N ALA IA 192 66.48 7.02 -28.36
CA ALA IA 192 65.35 6.11 -28.50
C ALA IA 192 65.67 4.72 -27.95
N ALA IA 193 66.76 4.11 -28.42
CA ALA IA 193 67.11 2.78 -27.97
C ALA IA 193 68.60 2.57 -28.17
N TYR IA 194 69.09 1.44 -27.64
CA TYR IA 194 70.48 1.07 -27.85
C TYR IA 194 70.61 -0.44 -27.73
N ASP IA 195 71.72 -0.94 -28.23
CA ASP IA 195 72.13 -2.32 -28.00
C ASP IA 195 73.64 -2.39 -27.98
N LEU IA 196 74.17 -3.05 -26.97
CA LEU IA 196 75.60 -3.22 -26.80
C LEU IA 196 76.01 -4.66 -27.07
N GLY IA 197 77.29 -4.85 -27.33
CA GLY IA 197 77.90 -6.17 -27.31
C GLY IA 197 78.54 -6.40 -25.96
N ASP IA 198 78.47 -7.66 -25.51
CA ASP IA 198 78.98 -8.15 -24.24
C ASP IA 198 78.52 -7.36 -23.02
N PRO IA 199 77.26 -7.53 -22.57
CA PRO IA 199 76.84 -6.94 -21.29
C PRO IA 199 77.59 -7.48 -20.09
N SER IA 200 78.22 -8.66 -20.19
CA SER IA 200 79.11 -9.08 -19.12
C SER IA 200 80.34 -8.19 -19.01
N SER IA 201 80.91 -7.78 -20.14
CA SER IA 201 82.06 -6.89 -20.09
C SER IA 201 81.68 -5.46 -19.77
N PHE IA 202 80.54 -4.99 -20.26
CA PHE IA 202 80.17 -3.59 -20.09
C PHE IA 202 78.77 -3.48 -19.51
N ASN IA 203 78.63 -2.70 -18.45
CA ASN IA 203 77.34 -2.45 -17.83
C ASN IA 203 76.85 -1.06 -18.24
N ILE IA 204 75.60 -0.98 -18.67
CA ILE IA 204 74.99 0.26 -19.14
C ILE IA 204 73.80 0.57 -18.27
N GLN IA 205 73.74 1.80 -17.76
CA GLN IA 205 72.56 2.33 -17.11
C GLN IA 205 72.06 3.49 -17.95
N TRP IA 206 70.77 3.54 -18.21
CA TRP IA 206 70.21 4.61 -19.03
C TRP IA 206 68.80 4.92 -18.57
N ASP IA 207 68.65 6.04 -17.88
CA ASP IA 207 67.32 6.62 -17.70
C ASP IA 207 66.78 7.05 -19.05
N LYS IA 208 65.46 6.92 -19.21
CA LYS IA 208 64.83 7.04 -20.52
C LYS IA 208 64.80 8.45 -21.07
N THR IA 209 65.13 9.46 -20.27
CA THR IA 209 64.92 10.84 -20.66
C THR IA 209 66.18 11.53 -21.18
N SER IA 210 67.33 11.27 -20.57
CA SER IA 210 68.51 12.06 -20.87
C SER IA 210 69.16 11.61 -22.16
N ASN IA 211 70.07 12.44 -22.65
CA ASN IA 211 70.94 12.07 -23.76
C ASN IA 211 72.26 11.48 -23.27
N THR IA 212 72.41 11.27 -21.97
CA THR IA 212 73.67 10.88 -21.37
C THR IA 212 73.69 9.38 -21.11
N LEU IA 213 74.87 8.79 -21.29
CA LEU IA 213 75.07 7.35 -21.13
C LEU IA 213 76.13 7.10 -20.07
N MET IA 214 75.81 6.23 -19.13
CA MET IA 214 76.73 5.79 -18.09
C MET IA 214 77.19 4.38 -18.42
N ILE IA 215 78.50 4.22 -18.64
CA ILE IA 215 79.09 2.95 -19.07
C ILE IA 215 80.13 2.55 -18.04
N GLN IA 216 80.04 1.30 -17.56
CA GLN IA 216 81.04 0.73 -16.68
C GLN IA 216 81.59 -0.53 -17.34
N ALA IA 217 82.90 -0.54 -17.57
CA ALA IA 217 83.55 -1.74 -18.09
C ALA IA 217 83.96 -2.64 -16.95
N THR IA 218 83.78 -3.94 -17.14
CA THR IA 218 84.02 -4.90 -16.08
C THR IA 218 85.34 -5.63 -16.20
N LYS IA 219 85.81 -5.87 -17.42
CA LYS IA 219 87.02 -6.64 -17.65
C LYS IA 219 88.12 -5.74 -18.20
N LEU IA 220 89.27 -6.34 -18.48
CA LEU IA 220 90.48 -5.56 -18.71
C LEU IA 220 90.76 -5.26 -20.18
N TYR IA 221 90.88 -6.30 -21.01
CA TYR IA 221 91.31 -6.12 -22.39
C TYR IA 221 90.32 -6.76 -23.35
N ASN IA 222 89.04 -6.44 -23.17
CA ASN IA 222 87.98 -6.97 -24.02
C ASN IA 222 87.17 -5.81 -24.56
N TYR IA 223 87.05 -5.73 -25.88
CA TYR IA 223 86.38 -4.63 -26.55
C TYR IA 223 84.93 -5.00 -26.86
N GLY IA 224 84.20 -4.04 -27.41
CA GLY IA 224 82.83 -4.27 -27.82
C GLY IA 224 82.37 -3.22 -28.79
N ASN IA 225 81.12 -3.35 -29.24
CA ASN IA 225 80.52 -2.40 -30.14
C ASN IA 225 79.16 -1.98 -29.59
N LEU IA 226 78.66 -0.87 -30.12
CA LEU IA 226 77.42 -0.30 -29.62
C LEU IA 226 76.65 0.33 -30.77
N ALA IA 227 75.35 0.07 -30.80
CA ALA IA 227 74.44 0.71 -31.73
C ALA IA 227 73.49 1.59 -30.92
N VAL IA 228 73.41 2.87 -31.27
CA VAL IA 228 72.55 3.82 -30.58
C VAL IA 228 71.59 4.42 -31.59
N ARG IA 229 70.30 4.38 -31.28
CA ARG IA 229 69.27 4.98 -32.10
C ARG IA 229 68.64 6.13 -31.32
N LEU IA 230 68.61 7.31 -31.91
CA LEU IA 230 68.03 8.50 -31.31
C LEU IA 230 66.61 8.71 -31.82
N ARG IA 231 65.89 9.57 -31.10
CA ARG IA 231 64.46 9.75 -31.38
C ARG IA 231 64.24 10.54 -32.65
N GLY IA 232 65.01 11.60 -32.87
CA GLY IA 232 64.76 12.49 -33.98
C GLY IA 232 65.15 11.94 -35.34
N LEU IA 233 66.01 10.93 -35.37
CA LEU IA 233 66.51 10.40 -36.63
C LEU IA 233 65.96 9.00 -36.87
N ASN IA 234 66.25 8.50 -38.08
CA ASN IA 234 66.04 7.11 -38.46
C ASN IA 234 67.33 6.34 -38.56
N THR IA 235 68.37 6.96 -39.10
CA THR IA 235 69.63 6.29 -39.31
C THR IA 235 70.40 6.20 -38.00
N PRO IA 236 70.69 5.01 -37.50
CA PRO IA 236 71.35 4.87 -36.20
C PRO IA 236 72.84 5.14 -36.29
N VAL IA 237 73.45 5.32 -35.12
CA VAL IA 237 74.89 5.58 -35.02
C VAL IA 237 75.56 4.36 -34.38
N MET IA 238 76.84 4.21 -34.68
CA MET IA 238 77.60 3.04 -34.27
C MET IA 238 78.93 3.45 -33.67
N LEU IA 239 79.25 2.91 -32.51
CA LEU IA 239 80.47 3.20 -31.79
C LEU IA 239 81.19 1.89 -31.49
N THR IA 240 82.49 1.98 -31.25
CA THR IA 240 83.20 0.85 -30.66
C THR IA 240 83.87 1.29 -29.38
N LEU IA 241 83.97 0.35 -28.45
CA LEU IA 241 84.41 0.61 -27.08
C LEU IA 241 85.62 -0.25 -26.80
N ILE IA 242 86.74 0.38 -26.42
CA ILE IA 242 88.00 -0.31 -26.24
C ILE IA 242 88.60 0.08 -24.89
N PRO IA 243 88.88 -0.87 -24.01
CA PRO IA 243 89.58 -0.54 -22.76
C PRO IA 243 91.09 -0.70 -22.91
N GLY IA 244 91.83 -0.41 -21.85
CA GLY IA 244 93.25 -0.70 -21.84
C GLY IA 244 94.09 0.23 -22.70
N GLN IA 245 94.15 1.50 -22.31
CA GLN IA 245 94.95 2.49 -23.01
C GLN IA 245 95.48 3.47 -21.98
N LYS IA 246 96.32 4.40 -22.43
CA LYS IA 246 97.01 5.30 -21.52
C LYS IA 246 96.23 6.57 -21.23
N ALA IA 247 94.97 6.65 -21.64
CA ALA IA 247 94.10 7.75 -21.29
C ALA IA 247 92.76 7.21 -20.86
N VAL IA 248 92.11 7.91 -19.94
CA VAL IA 248 90.75 7.60 -19.52
C VAL IA 248 89.93 8.87 -19.70
N ASP IA 249 88.85 8.77 -20.46
CA ASP IA 249 87.96 9.90 -20.69
C ASP IA 249 86.82 9.81 -19.68
N TYR IA 250 86.87 10.68 -18.67
CA TYR IA 250 85.80 10.75 -17.68
C TYR IA 250 84.49 11.24 -18.27
N ARG IA 251 84.55 11.97 -19.37
CA ARG IA 251 83.36 12.45 -20.06
C ARG IA 251 83.70 12.58 -21.53
N VAL IA 252 82.80 12.14 -22.39
CA VAL IA 252 82.96 12.30 -23.83
C VAL IA 252 81.76 13.08 -24.35
N ASP IA 253 82.04 14.24 -24.93
CA ASP IA 253 81.01 15.09 -25.50
C ASP IA 253 80.98 14.83 -27.01
N LEU IA 254 79.95 14.12 -27.47
CA LEU IA 254 79.87 13.68 -28.85
C LEU IA 254 79.01 14.63 -29.67
N ARG IA 255 79.59 15.16 -30.75
CA ARG IA 255 78.96 16.17 -31.59
C ARG IA 255 78.42 15.50 -32.86
N VAL IA 256 77.12 15.57 -33.05
CA VAL IA 256 76.45 14.89 -34.16
C VAL IA 256 76.42 15.80 -35.37
N GLN IA 257 76.44 15.21 -36.56
CA GLN IA 257 76.29 15.98 -37.79
C GLN IA 257 74.89 16.57 -37.90
N GLY IA 258 73.87 15.75 -37.69
CA GLY IA 258 72.51 16.12 -38.06
C GLY IA 258 71.86 17.10 -37.10
N TYR IA 259 70.69 17.58 -37.52
CA TYR IA 259 69.88 18.48 -36.71
C TYR IA 259 68.97 17.65 -35.81
N GLY IA 260 69.10 17.86 -34.50
CA GLY IA 260 68.21 17.20 -33.56
C GLY IA 260 66.84 17.83 -33.54
N PRO IA 261 65.99 17.30 -32.66
CA PRO IA 261 64.65 17.90 -32.52
C PRO IA 261 64.66 19.26 -31.87
N ASN IA 262 65.71 19.61 -31.14
CA ASN IA 262 65.84 20.94 -30.55
C ASN IA 262 66.86 21.78 -31.31
N ALA IA 263 66.88 21.67 -32.64
CA ALA IA 263 67.93 22.26 -33.46
C ALA IA 263 67.87 23.79 -33.57
N LYS IA 264 67.01 24.47 -32.82
CA LYS IA 264 67.00 25.93 -32.79
C LYS IA 264 68.25 26.41 -32.07
N SER IA 265 69.27 26.77 -32.84
CA SER IA 265 70.58 27.11 -32.30
C SER IA 265 70.71 28.62 -32.14
N MET IA 266 71.91 29.08 -31.79
CA MET IA 266 72.15 30.48 -31.50
C MET IA 266 72.44 31.26 -32.79
N PRO IA 267 71.65 32.29 -33.12
CA PRO IA 267 71.97 33.11 -34.29
C PRO IA 267 72.94 34.24 -33.97
N THR IA 268 73.18 35.12 -34.95
CA THR IA 268 74.09 36.23 -34.77
C THR IA 268 73.43 37.34 -33.93
N GLU IA 269 74.12 37.75 -32.87
CA GLU IA 269 73.64 38.79 -31.96
C GLU IA 269 74.63 39.95 -31.93
N GLU IA 270 74.17 41.06 -31.32
CA GLU IA 270 74.96 42.28 -31.08
C GLU IA 270 75.54 42.84 -32.38
N GLY IA 271 74.71 42.84 -33.41
CA GLY IA 271 75.19 43.10 -34.75
C GLY IA 271 75.47 44.57 -35.01
N ILE IA 272 75.87 44.83 -36.24
CA ILE IA 272 76.14 46.19 -36.71
C ILE IA 272 74.83 46.96 -36.75
N PRO IA 273 74.82 48.24 -36.40
CA PRO IA 273 73.64 49.06 -36.64
C PRO IA 273 73.30 49.12 -38.12
N PRO IA 274 72.02 49.14 -38.47
CA PRO IA 274 71.62 48.95 -39.86
C PRO IA 274 71.89 50.19 -40.69
N SER IA 275 71.80 50.01 -42.00
CA SER IA 275 71.93 51.11 -42.94
C SER IA 275 70.59 51.84 -43.03
N ALA IA 276 70.46 52.72 -44.03
CA ALA IA 276 69.23 53.45 -44.20
C ALA IA 276 68.11 52.54 -44.69
N ASN IA 277 66.88 52.95 -44.44
CA ASN IA 277 65.75 52.20 -44.94
C ASN IA 277 65.65 52.34 -46.45
N ASP IA 278 65.20 51.29 -47.10
CA ASP IA 278 65.20 51.25 -48.56
C ASP IA 278 64.05 52.02 -49.16
N LEU IA 279 63.08 52.45 -48.37
CA LEU IA 279 61.93 53.17 -48.88
C LEU IA 279 62.33 54.54 -49.42
N LEU IA 280 63.40 55.11 -48.88
CA LEU IA 280 63.88 56.41 -49.35
C LEU IA 280 64.35 56.39 -50.78
N LEU IA 281 64.70 55.22 -51.32
CA LEU IA 281 65.03 55.12 -52.72
C LEU IA 281 63.81 55.36 -53.60
N HIS IA 282 62.69 54.73 -53.26
CA HIS IA 282 61.44 55.01 -53.98
C HIS IA 282 60.99 56.44 -53.76
N VAL IA 283 61.24 56.99 -52.58
CA VAL IA 283 60.90 58.39 -52.33
C VAL IA 283 61.76 59.32 -53.16
N LEU IA 284 63.03 58.97 -53.33
CA LEU IA 284 63.94 59.73 -54.18
C LEU IA 284 63.47 59.69 -55.62
N GLU IA 285 62.93 58.55 -56.03
CA GLU IA 285 62.26 58.49 -57.32
C GLU IA 285 60.92 59.21 -57.32
N GLY IA 286 60.38 59.55 -56.16
CA GLY IA 286 59.09 60.18 -56.09
C GLY IA 286 57.95 59.20 -55.95
N VAL IA 287 58.21 57.90 -56.07
CA VAL IA 287 57.16 56.90 -55.93
C VAL IA 287 56.83 56.76 -54.46
N PRO IA 288 55.56 56.94 -54.07
CA PRO IA 288 55.19 56.70 -52.68
C PRO IA 288 55.33 55.24 -52.33
N PRO IA 289 55.65 54.92 -51.08
CA PRO IA 289 55.87 53.53 -50.71
C PRO IA 289 54.56 52.78 -50.68
N PRO IA 290 54.57 51.48 -50.95
CA PRO IA 290 53.32 50.72 -50.97
C PRO IA 290 52.70 50.59 -49.59
N GLY IA 291 51.37 50.60 -49.58
CA GLY IA 291 50.63 50.52 -48.34
C GLY IA 291 50.52 51.81 -47.57
N SER IA 292 51.11 52.89 -48.08
CA SER IA 292 51.09 54.17 -47.39
C SER IA 292 49.88 54.97 -47.83
N ARG IA 293 49.84 56.25 -47.47
CA ARG IA 293 48.70 57.09 -47.83
C ARG IA 293 49.16 58.52 -48.01
N ARG IA 294 48.26 59.33 -48.55
CA ARG IA 294 48.59 60.67 -49.00
C ARG IA 294 48.79 61.61 -47.82
N LEU IA 295 49.40 62.76 -48.13
CA LEU IA 295 49.59 63.83 -47.18
C LEU IA 295 49.51 65.15 -47.94
N VAL IA 296 49.25 66.24 -47.21
CA VAL IA 296 49.14 67.55 -47.81
C VAL IA 296 49.97 68.53 -46.99
N VAL IA 297 50.84 69.29 -47.66
CA VAL IA 297 51.64 70.33 -47.04
C VAL IA 297 51.48 71.61 -47.82
N SER IA 298 51.96 72.70 -47.21
CA SER IA 298 51.84 74.03 -47.81
C SER IA 298 53.06 74.85 -47.46
N GLY IA 299 53.30 75.87 -48.27
CA GLY IA 299 54.32 76.86 -48.01
C GLY IA 299 55.58 76.72 -48.83
N GLY IA 300 55.80 75.57 -49.47
CA GLY IA 300 57.01 75.36 -50.25
C GLY IA 300 56.76 74.54 -51.50
N ASP IA 301 57.68 73.62 -51.80
CA ASP IA 301 57.48 72.63 -52.87
C ASP IA 301 58.02 71.30 -52.36
N ALA IA 302 57.13 70.51 -51.76
CA ALA IA 302 57.55 69.24 -51.20
C ALA IA 302 56.37 68.29 -51.19
N ARG IA 303 56.67 67.00 -51.05
CA ARG IA 303 55.63 66.00 -50.91
C ARG IA 303 55.94 65.13 -49.70
N ALA IA 304 54.92 64.43 -49.21
CA ALA IA 304 55.10 63.63 -48.01
C ALA IA 304 54.13 62.46 -48.01
N TRP IA 305 54.50 61.41 -47.26
CA TRP IA 305 53.70 60.22 -47.13
C TRP IA 305 53.88 59.61 -45.74
N LEU IA 306 52.95 58.74 -45.38
CA LEU IA 306 52.89 58.14 -44.05
C LEU IA 306 52.59 56.66 -44.19
N SER IA 307 53.46 55.81 -43.65
CA SER IA 307 53.29 54.37 -43.75
C SER IA 307 53.09 53.69 -42.40
N ASN IA 308 54.05 53.84 -41.48
CA ASN IA 308 54.07 53.08 -40.24
C ASN IA 308 54.41 53.99 -39.08
N GLU IA 309 53.66 55.10 -39.00
CA GLU IA 309 53.79 56.15 -37.99
C GLU IA 309 55.14 56.84 -38.07
N LYS IA 310 55.78 56.78 -39.23
CA LYS IA 310 57.02 57.46 -39.53
C LYS IA 310 56.80 58.14 -40.86
N MET IA 311 56.96 59.44 -40.92
CA MET IA 311 56.60 60.14 -42.13
C MET IA 311 57.82 60.43 -42.99
N TYR IA 312 57.58 60.52 -44.30
CA TYR IA 312 58.61 60.65 -45.31
C TYR IA 312 58.33 61.90 -46.13
N VAL IA 313 59.38 62.66 -46.40
CA VAL IA 313 59.21 63.96 -47.05
C VAL IA 313 60.28 64.11 -48.13
N ARG IA 314 59.84 64.49 -49.32
CA ARG IA 314 60.71 64.70 -50.48
C ARG IA 314 60.74 66.17 -50.85
N THR IA 315 61.94 66.75 -50.92
CA THR IA 315 62.09 68.16 -51.26
C THR IA 315 63.50 68.40 -51.77
N ASN IA 316 63.88 69.67 -51.89
CA ASN IA 316 65.26 70.03 -52.16
C ASN IA 316 65.71 71.22 -51.31
N LEU IA 317 64.97 71.54 -50.27
CA LEU IA 317 65.32 72.60 -49.35
C LEU IA 317 66.15 72.01 -48.22
N THR IA 318 66.35 72.76 -47.15
CA THR IA 318 67.05 72.24 -45.97
C THR IA 318 66.19 72.47 -44.75
N ILE IA 319 66.11 71.45 -43.89
CA ILE IA 319 65.15 71.40 -42.81
C ILE IA 319 65.85 71.54 -41.47
N LEU IA 320 65.13 72.10 -40.50
CA LEU IA 320 65.75 72.49 -39.23
C LEU IA 320 65.18 71.75 -38.02
N SER IA 321 63.88 71.85 -37.78
CA SER IA 321 63.38 71.71 -36.42
C SER IA 321 63.34 70.29 -35.85
N PRO IA 322 62.49 69.38 -36.33
CA PRO IA 322 62.02 68.32 -35.43
C PRO IA 322 62.95 67.13 -35.29
N GLY IA 323 64.12 67.15 -35.91
CA GLY IA 323 64.96 65.98 -35.95
C GLY IA 323 64.48 64.97 -36.98
N TRP IA 324 65.37 64.04 -37.33
CA TRP IA 324 65.01 63.00 -38.27
C TRP IA 324 65.93 61.82 -38.07
N LEU IA 325 65.51 60.68 -38.60
CA LEU IA 325 66.32 59.49 -38.48
C LEU IA 325 67.07 59.13 -39.75
N ALA IA 326 66.58 59.51 -40.93
CA ALA IA 326 67.30 59.13 -42.12
C ALA IA 326 67.19 60.22 -43.18
N SER IA 327 68.27 60.39 -43.93
CA SER IA 327 68.31 61.34 -45.03
C SER IA 327 69.00 60.71 -46.23
N MET IA 328 68.51 61.05 -47.41
CA MET IA 328 69.11 60.54 -48.64
C MET IA 328 69.19 61.66 -49.66
N THR IA 329 70.18 61.56 -50.54
CA THR IA 329 70.47 62.62 -51.50
C THR IA 329 70.63 62.01 -52.88
N SER IA 330 69.95 62.63 -53.85
CA SER IA 330 70.08 62.24 -55.25
C SER IA 330 71.46 62.64 -55.78
N ALA IA 331 71.77 62.11 -56.97
CA ALA IA 331 72.88 62.66 -57.73
C ALA IA 331 72.54 64.07 -58.20
N ASP IA 332 71.26 64.36 -58.43
CA ASP IA 332 70.85 65.69 -58.81
C ASP IA 332 71.04 66.69 -57.67
N GLY IA 333 70.75 66.26 -56.45
CA GLY IA 333 70.81 67.18 -55.33
C GLY IA 333 69.47 67.33 -54.65
N THR IA 334 68.67 66.28 -54.71
CA THR IA 334 67.33 66.27 -54.16
C THR IA 334 67.35 65.47 -52.85
N HIS IA 335 66.72 66.01 -51.82
CA HIS IA 335 66.77 65.42 -50.50
C HIS IA 335 65.48 64.68 -50.16
N ALA IA 336 65.63 63.60 -49.41
CA ALA IA 336 64.50 62.86 -48.88
C ALA IA 336 64.77 62.53 -47.42
N TYR IA 337 63.73 62.59 -46.60
CA TYR IA 337 63.89 62.42 -45.18
C TYR IA 337 62.86 61.49 -44.59
N GLU IA 338 63.30 60.61 -43.70
CA GLU IA 338 62.44 59.76 -42.87
C GLU IA 338 62.55 60.23 -41.43
N MET IA 339 61.42 60.57 -40.83
CA MET IA 339 61.41 61.25 -39.55
C MET IA 339 60.13 60.96 -38.79
N GLN IA 340 60.07 61.50 -37.56
CA GLN IA 340 58.86 61.44 -36.76
C GLN IA 340 57.81 62.37 -37.33
N LYS IA 341 56.56 62.12 -36.96
CA LYS IA 341 55.48 62.98 -37.42
C LYS IA 341 55.51 64.30 -36.66
N SER IA 342 55.25 65.38 -37.38
CA SER IA 342 55.12 66.72 -36.84
C SER IA 342 54.11 67.43 -37.71
N PRO IA 343 53.27 68.29 -37.14
CA PRO IA 343 52.35 69.07 -37.95
C PRO IA 343 52.95 70.34 -38.51
N VAL IA 344 54.19 70.65 -38.18
CA VAL IA 344 54.81 71.89 -38.63
C VAL IA 344 56.29 71.65 -38.86
N LEU IA 345 56.80 72.12 -40.00
CA LEU IA 345 58.21 72.02 -40.35
C LEU IA 345 58.85 73.40 -40.39
N LEU IA 346 60.17 73.42 -40.25
CA LEU IA 346 60.95 74.64 -40.32
C LEU IA 346 62.02 74.48 -41.40
N VAL IA 347 62.06 75.43 -42.34
CA VAL IA 347 62.92 75.29 -43.50
C VAL IA 347 63.74 76.54 -43.71
N SER IA 348 64.93 76.34 -44.29
CA SER IA 348 65.82 77.40 -44.71
C SER IA 348 65.83 77.44 -46.24
N TRP IA 349 65.48 78.60 -46.79
CA TRP IA 349 65.29 78.72 -48.23
C TRP IA 349 66.54 79.20 -48.93
N HIS IA 350 66.97 80.41 -48.60
CA HIS IA 350 68.20 80.99 -49.13
C HIS IA 350 68.88 81.78 -48.02
N GLY IA 351 69.00 81.16 -46.86
CA GLY IA 351 69.43 81.85 -45.68
C GLY IA 351 68.30 82.53 -44.93
N LYS IA 352 67.07 82.37 -45.39
CA LYS IA 352 65.89 82.93 -44.75
C LYS IA 352 64.99 81.78 -44.31
N VAL IA 353 64.40 81.91 -43.14
CA VAL IA 353 63.71 80.81 -42.49
C VAL IA 353 62.21 81.00 -42.63
N MET IA 354 61.49 79.90 -42.86
CA MET IA 354 60.03 79.92 -42.78
C MET IA 354 59.50 78.62 -42.20
N GLN IA 355 58.21 78.63 -41.91
CA GLN IA 355 57.49 77.46 -41.46
C GLN IA 355 56.71 76.85 -42.62
N LEU IA 356 56.45 75.55 -42.51
CA LEU IA 356 55.57 74.82 -43.39
C LEU IA 356 54.50 74.15 -42.56
N LYS IA 357 53.26 74.21 -43.02
CA LYS IA 357 52.15 73.59 -42.31
C LYS IA 357 51.88 72.21 -42.89
N VAL IA 358 51.68 71.25 -42.01
CA VAL IA 358 51.50 69.85 -42.40
C VAL IA 358 50.11 69.43 -41.97
N GLU IA 359 49.35 68.90 -42.92
CA GLU IA 359 48.02 68.38 -42.63
C GLU IA 359 47.91 66.94 -43.08
N GLY IA 360 47.16 66.14 -42.33
CA GLY IA 360 46.96 64.74 -42.62
C GLY IA 360 47.03 63.92 -41.36
N LEU IA 361 47.72 64.44 -40.36
CA LEU IA 361 47.82 63.78 -39.07
C LEU IA 361 46.49 63.85 -38.33
N VAL JA 38 26.38 53.28 -81.17
CA VAL JA 38 26.07 53.82 -82.48
C VAL JA 38 25.84 55.35 -82.47
N PRO JA 39 25.19 55.95 -81.45
CA PRO JA 39 25.40 57.38 -81.24
C PRO JA 39 26.79 57.70 -80.73
N LYS JA 40 27.51 56.72 -80.21
CA LYS JA 40 28.90 56.88 -79.81
C LYS JA 40 29.87 56.34 -80.85
N LEU JA 41 29.55 55.21 -81.48
CA LEU JA 41 30.42 54.63 -82.49
C LEU JA 41 30.41 55.49 -83.76
N PRO JA 42 31.50 55.49 -84.52
CA PRO JA 42 31.54 56.30 -85.75
C PRO JA 42 30.62 55.77 -86.83
N CYS JA 43 30.09 56.68 -87.63
CA CYS JA 43 29.27 56.34 -88.78
C CYS JA 43 30.00 56.49 -90.09
N ARG JA 44 30.89 57.49 -90.19
CA ARG JA 44 31.65 57.74 -91.40
C ARG JA 44 33.04 58.21 -90.99
N VAL JA 45 33.91 58.43 -91.98
CA VAL JA 45 35.20 59.01 -91.68
C VAL JA 45 35.04 60.48 -91.37
N ASP JA 46 35.86 60.98 -90.45
CA ASP JA 46 35.71 62.34 -89.96
C ASP JA 46 36.13 63.35 -91.03
N GLY JA 47 35.27 64.34 -91.25
CA GLY JA 47 35.51 65.37 -92.24
C GLY JA 47 35.55 64.84 -93.66
N ALA JA 48 34.66 63.91 -94.01
CA ALA JA 48 34.64 63.32 -95.33
C ALA JA 48 33.22 63.40 -95.88
N CYS JA 49 33.09 63.92 -97.09
CA CYS JA 49 31.80 64.04 -97.76
C CYS JA 49 32.03 63.97 -99.25
N ASP JA 50 31.46 62.95 -99.88
CA ASP JA 50 31.70 62.73 -101.30
C ASP JA 50 31.08 63.82 -102.15
N ALA JA 51 30.02 64.47 -101.65
CA ALA JA 51 29.46 65.62 -102.33
C ALA JA 51 30.49 66.75 -102.40
N THR JA 52 31.20 66.98 -101.30
CA THR JA 52 32.27 67.97 -101.31
C THR JA 52 33.41 67.55 -102.21
N ILE JA 53 33.70 66.24 -102.26
CA ILE JA 53 34.75 65.73 -103.14
C ILE JA 53 34.40 65.99 -104.59
N ILE JA 54 33.16 65.69 -104.97
CA ILE JA 54 32.70 65.86 -106.35
C ILE JA 54 32.69 67.34 -106.72
N LYS JA 55 32.21 68.19 -105.80
CA LYS JA 55 32.15 69.61 -106.08
C LYS JA 55 33.53 70.22 -106.24
N MET JA 56 34.47 69.85 -105.38
CA MET JA 56 35.79 70.45 -105.50
C MET JA 56 36.57 69.87 -106.66
N MET JA 57 36.33 68.62 -107.06
CA MET JA 57 37.04 68.15 -108.24
C MET JA 57 36.45 68.76 -109.50
N THR JA 58 35.15 69.07 -109.48
CA THR JA 58 34.56 69.82 -110.57
C THR JA 58 35.15 71.22 -110.67
N ASP JA 59 35.32 71.88 -109.51
CA ASP JA 59 35.89 73.22 -109.50
C ASP JA 59 37.35 73.21 -109.90
N LEU JA 60 38.08 72.15 -109.55
CA LEU JA 60 39.49 72.07 -109.91
C LEU JA 60 39.67 71.87 -111.41
N ASN JA 61 38.89 70.95 -112.00
CA ASN JA 61 39.01 70.73 -113.43
C ASN JA 61 38.47 71.91 -114.23
N LYS JA 62 37.49 72.64 -113.69
CA LYS JA 62 37.07 73.85 -114.39
C LYS JA 62 38.01 75.02 -114.11
N LYS JA 63 38.84 74.92 -113.08
CA LYS JA 63 39.93 75.87 -112.91
C LYS JA 63 41.09 75.56 -113.83
N GLY JA 64 41.15 74.35 -114.37
CA GLY JA 64 42.14 74.01 -115.35
C GLY JA 64 43.29 73.20 -114.80
N ILE JA 65 43.34 73.03 -113.49
CA ILE JA 65 44.25 72.07 -112.91
C ILE JA 65 43.71 70.67 -113.20
N LYS JA 66 44.56 69.81 -113.77
CA LYS JA 66 44.06 68.54 -114.27
C LYS JA 66 43.85 67.57 -113.12
N VAL JA 67 42.63 67.05 -113.01
CA VAL JA 67 42.25 66.05 -112.02
C VAL JA 67 41.88 64.78 -112.77
N ALA JA 68 42.56 63.69 -112.48
CA ALA JA 68 42.37 62.45 -113.20
C ALA JA 68 42.14 61.31 -112.24
N SER JA 69 41.13 60.50 -112.51
CA SER JA 69 40.79 59.35 -111.69
C SER JA 69 40.46 58.19 -112.59
N VAL JA 70 41.18 57.09 -112.41
CA VAL JA 70 40.94 55.89 -113.21
C VAL JA 70 41.41 54.69 -112.41
N GLY JA 71 40.55 53.69 -112.29
CA GLY JA 71 40.83 52.56 -111.41
C GLY JA 71 40.84 52.98 -109.95
N GLN JA 72 41.94 52.69 -109.27
CA GLN JA 72 42.12 53.13 -107.88
C GLN JA 72 43.33 54.02 -107.72
N ASN JA 73 43.76 54.67 -108.78
CA ASN JA 73 44.85 55.62 -108.71
C ASN JA 73 44.33 57.00 -109.09
N TYR JA 74 44.94 58.02 -108.49
CA TYR JA 74 44.49 59.38 -108.66
C TYR JA 74 45.69 60.27 -108.95
N LEU JA 75 45.52 61.15 -109.94
CA LEU JA 75 46.56 62.03 -110.44
C LEU JA 75 46.06 63.47 -110.39
N ILE JA 76 46.92 64.37 -109.91
CA ILE JA 76 46.65 65.79 -110.01
C ILE JA 76 47.87 66.44 -110.65
N SER JA 77 47.65 67.14 -111.76
CA SER JA 77 48.72 67.79 -112.52
C SER JA 77 48.49 69.28 -112.59
N ILE JA 78 49.57 70.04 -112.39
CA ILE JA 78 49.55 71.50 -112.34
C ILE JA 78 50.58 72.06 -113.32
N PRO JA 79 50.20 73.02 -114.16
CA PRO JA 79 51.20 73.76 -114.93
C PRO JA 79 52.07 74.61 -114.03
N ALA JA 80 53.34 74.72 -114.38
CA ALA JA 80 54.29 75.45 -113.55
C ALA JA 80 54.12 76.95 -113.64
N SER JA 81 53.42 77.44 -114.66
CA SER JA 81 53.32 78.88 -114.88
C SER JA 81 52.47 79.56 -113.82
N ALA JA 82 51.45 78.87 -113.31
CA ALA JA 82 50.62 79.43 -112.25
C ALA JA 82 51.22 79.21 -110.88
N LEU JA 83 52.40 78.61 -110.79
CA LEU JA 83 53.00 78.27 -109.51
C LEU JA 83 54.30 78.99 -109.25
N PHE JA 84 55.23 78.99 -110.20
CA PHE JA 84 56.55 79.53 -109.92
C PHE JA 84 56.82 80.76 -110.79
N ALA JA 85 58.00 81.34 -110.58
CA ALA JA 85 58.49 82.38 -111.46
C ALA JA 85 59.11 81.72 -112.68
N ASP JA 86 59.69 82.52 -113.56
CA ASP JA 86 60.19 82.04 -114.84
C ASP JA 86 61.44 81.21 -114.63
N GLN JA 87 61.27 79.88 -114.68
CA GLN JA 87 62.32 78.88 -114.46
C GLN JA 87 63.01 79.09 -113.12
N SER JA 88 62.23 79.42 -112.11
CA SER JA 88 62.78 79.90 -110.88
C SER JA 88 62.04 79.32 -109.68
N PRO JA 89 62.75 78.77 -108.71
CA PRO JA 89 62.10 78.32 -107.48
C PRO JA 89 61.70 79.46 -106.57
N ARG JA 90 60.50 80.00 -106.81
CA ARG JA 90 59.88 80.92 -105.87
C ARG JA 90 58.38 80.76 -105.98
N LEU JA 91 57.66 81.14 -104.94
CA LEU JA 91 56.23 80.90 -104.85
C LEU JA 91 55.46 82.22 -104.88
N ASN JA 92 54.50 82.31 -105.81
CA ASN JA 92 53.63 83.46 -105.86
C ASN JA 92 52.71 83.48 -104.65
N TRP JA 93 52.47 84.68 -104.11
CA TRP JA 93 51.71 84.77 -102.88
C TRP JA 93 50.24 84.44 -103.08
N ALA JA 94 49.72 84.62 -104.29
CA ALA JA 94 48.34 84.25 -104.55
C ALA JA 94 48.16 82.74 -104.71
N SER JA 95 49.24 82.00 -104.95
CA SER JA 95 49.14 80.58 -105.24
C SER JA 95 48.80 79.75 -104.01
N TYR JA 96 48.94 80.32 -102.81
CA TYR JA 96 48.70 79.57 -101.60
C TYR JA 96 47.23 79.22 -101.42
N SER JA 97 46.33 80.00 -102.02
CA SER JA 97 44.92 79.65 -102.01
C SER JA 97 44.66 78.35 -102.75
N LEU JA 98 45.27 78.21 -103.93
CA LEU JA 98 45.18 76.97 -104.68
C LEU JA 98 45.85 75.83 -103.93
N LEU JA 99 46.96 76.13 -103.26
CA LEU JA 99 47.67 75.11 -102.48
C LEU JA 99 46.81 74.62 -101.32
N ASN JA 100 46.12 75.53 -100.64
CA ASN JA 100 45.22 75.12 -99.57
C ASN JA 100 44.03 74.36 -100.12
N GLU JA 101 43.60 74.66 -101.34
CA GLU JA 101 42.55 73.87 -101.96
C GLU JA 101 43.02 72.43 -102.19
N ILE JA 102 44.28 72.28 -102.60
CA ILE JA 102 44.86 70.95 -102.77
C ILE JA 102 44.90 70.22 -101.44
N ALA JA 103 45.26 70.94 -100.37
CA ALA JA 103 45.28 70.34 -99.04
C ALA JA 103 43.90 69.91 -98.59
N ALA JA 104 42.89 70.74 -98.87
CA ALA JA 104 41.52 70.41 -98.50
C ALA JA 104 41.01 69.21 -99.29
N PHE JA 105 41.50 69.02 -100.51
CA PHE JA 105 41.16 67.80 -101.22
C PHE JA 105 41.88 66.58 -100.63
N LEU JA 106 43.15 66.75 -100.29
CA LEU JA 106 43.93 65.59 -99.84
C LEU JA 106 43.58 65.16 -98.43
N LYS JA 107 42.88 66.02 -97.67
CA LYS JA 107 42.39 65.55 -96.38
C LYS JA 107 41.21 64.59 -96.50
N GLN JA 108 40.61 64.49 -97.68
CA GLN JA 108 39.39 63.72 -97.85
C GLN JA 108 39.63 62.25 -98.11
N PHE JA 109 40.88 61.81 -98.17
CA PHE JA 109 41.17 60.44 -98.53
C PHE JA 109 42.13 59.82 -97.54
N ARG JA 110 42.14 58.50 -97.49
CA ARG JA 110 43.03 57.75 -96.63
C ARG JA 110 44.06 57.05 -97.50
N LYS JA 111 45.34 57.26 -97.21
CA LYS JA 111 46.39 56.84 -98.10
C LYS JA 111 47.56 56.24 -97.32
N ILE JA 112 48.63 55.98 -98.06
CA ILE JA 112 49.90 55.51 -97.51
C ILE JA 112 51.00 56.47 -97.95
N ALA JA 113 51.16 56.59 -99.27
CA ALA JA 113 52.30 57.27 -99.86
C ALA JA 113 51.84 58.19 -100.98
N ILE JA 114 52.47 59.34 -101.07
CA ILE JA 114 52.22 60.30 -102.13
C ILE JA 114 53.52 60.53 -102.87
N THR JA 115 53.48 60.50 -104.20
CA THR JA 115 54.65 60.83 -104.98
C THR JA 115 54.43 62.14 -105.71
N VAL JA 116 55.38 63.06 -105.54
CA VAL JA 116 55.36 64.34 -106.25
C VAL JA 116 56.56 64.39 -107.17
N THR JA 117 56.28 64.59 -108.45
CA THR JA 117 57.31 64.63 -109.48
C THR JA 117 57.26 65.98 -110.17
N SER JA 118 58.44 66.47 -110.55
CA SER JA 118 58.56 67.73 -111.24
C SER JA 118 59.28 67.55 -112.56
N TYR JA 119 58.76 68.21 -113.60
CA TYR JA 119 59.38 68.19 -114.91
C TYR JA 119 59.39 69.61 -115.45
N SER JA 120 60.35 69.90 -116.33
CA SER JA 120 60.54 71.26 -116.81
C SER JA 120 60.89 71.19 -118.29
N SER JA 121 61.31 72.33 -118.83
CA SER JA 121 61.76 72.44 -120.21
C SER JA 121 63.26 72.62 -120.27
N LYS JA 122 63.84 72.34 -121.43
CA LYS JA 122 65.27 72.45 -121.61
C LYS JA 122 65.67 73.92 -121.66
N TYR JA 123 66.57 74.33 -120.75
CA TYR JA 123 67.01 75.72 -120.69
C TYR JA 123 68.49 75.88 -120.97
N VAL JA 124 69.37 75.22 -120.23
CA VAL JA 124 70.79 75.48 -120.35
C VAL JA 124 71.56 74.19 -120.58
N SER JA 125 71.28 73.19 -119.74
CA SER JA 125 72.15 72.03 -119.58
C SER JA 125 71.26 70.82 -119.31
N VAL JA 126 71.82 69.82 -118.67
CA VAL JA 126 71.01 68.85 -117.95
C VAL JA 126 70.85 69.25 -116.49
N LYS JA 127 71.98 69.61 -115.87
CA LYS JA 127 72.07 69.71 -114.42
C LYS JA 127 71.20 70.83 -113.88
N ARG JA 128 71.11 71.94 -114.62
CA ARG JA 128 70.27 73.05 -114.18
C ARG JA 128 68.80 72.65 -114.14
N GLU JA 129 68.36 71.90 -115.14
CA GLU JA 129 66.96 71.46 -115.18
C GLU JA 129 66.68 70.44 -114.08
N ARG JA 130 67.65 69.57 -113.83
CA ARG JA 130 67.54 68.62 -112.73
C ARG JA 130 67.40 69.33 -111.40
N ALA JA 131 68.24 70.34 -111.17
CA ALA JA 131 68.23 71.06 -109.89
C ALA JA 131 66.96 71.89 -109.73
N LEU JA 132 66.48 72.50 -110.82
CA LEU JA 132 65.25 73.26 -110.76
C LEU JA 132 64.06 72.38 -110.39
N THR JA 133 63.97 71.21 -111.04
CA THR JA 133 62.89 70.29 -110.75
C THR JA 133 62.96 69.79 -109.31
N LEU JA 134 64.17 69.49 -108.84
CA LEU JA 134 64.35 68.99 -107.49
C LEU JA 134 63.95 70.03 -106.46
N ALA JA 135 64.31 71.29 -106.68
CA ALA JA 135 63.97 72.34 -105.74
C ALA JA 135 62.46 72.59 -105.69
N ARG JA 136 61.81 72.61 -106.86
CA ARG JA 136 60.38 72.86 -106.90
C ARG JA 136 59.60 71.77 -106.19
N SER JA 137 59.97 70.51 -106.47
CA SER JA 137 59.31 69.38 -105.84
C SER JA 137 59.53 69.38 -104.34
N ARG JA 138 60.75 69.70 -103.91
CA ARG JA 138 61.06 69.72 -102.47
C ARG JA 138 60.23 70.77 -101.75
N VAL JA 139 60.09 71.95 -102.35
CA VAL JA 139 59.38 73.05 -101.71
C VAL JA 139 57.90 72.70 -101.55
N VAL JA 140 57.28 72.23 -102.63
CA VAL JA 140 55.85 71.94 -102.54
C VAL JA 140 55.59 70.73 -101.64
N SER JA 141 56.51 69.77 -101.60
CA SER JA 141 56.36 68.61 -100.73
C SER JA 141 56.47 68.99 -99.26
N GLU JA 142 57.43 69.86 -98.92
CA GLU JA 142 57.59 70.22 -97.53
C GLU JA 142 56.44 71.08 -97.06
N TYR JA 143 55.87 71.92 -97.94
CA TYR JA 143 54.70 72.68 -97.51
C TYR JA 143 53.50 71.79 -97.32
N LEU JA 144 53.34 70.78 -98.16
CA LEU JA 144 52.21 69.88 -98.00
C LEU JA 144 52.36 69.01 -96.76
N TRP JA 145 53.58 68.63 -96.42
CA TRP JA 145 53.80 67.88 -95.20
C TRP JA 145 53.51 68.73 -93.98
N SER JA 146 53.92 70.00 -94.01
CA SER JA 146 53.65 70.86 -92.87
C SER JA 146 52.17 71.16 -92.72
N GLN JA 147 51.46 71.23 -93.83
CA GLN JA 147 50.03 71.38 -93.70
C GLN JA 147 49.40 70.05 -93.34
N GLY JA 148 48.10 70.10 -93.05
CA GLY JA 148 47.42 68.98 -92.45
C GLY JA 148 47.04 67.85 -93.38
N VAL JA 149 47.98 67.39 -94.21
CA VAL JA 149 47.74 66.19 -94.96
C VAL JA 149 47.82 64.99 -94.04
N ASP JA 150 47.22 63.89 -94.47
CA ASP JA 150 47.24 62.65 -93.70
C ASP JA 150 47.94 61.62 -94.57
N SER JA 151 49.23 61.45 -94.35
CA SER JA 151 50.01 60.46 -95.06
C SER JA 151 50.95 59.78 -94.09
N ARG JA 152 51.64 58.79 -94.59
CA ARG JA 152 52.80 58.22 -93.93
C ARG JA 152 54.08 58.48 -94.68
N ILE JA 153 54.05 58.40 -96.00
CA ILE JA 153 55.24 58.51 -96.83
C ILE JA 153 55.02 59.59 -97.87
N ILE JA 154 56.00 60.48 -98.02
CA ILE JA 154 56.06 61.37 -99.18
C ILE JA 154 57.38 61.10 -99.91
N PHE JA 155 57.27 60.74 -101.19
CA PHE JA 155 58.41 60.65 -102.10
C PHE JA 155 58.40 61.87 -103.01
N THR JA 156 59.57 62.49 -103.19
CA THR JA 156 59.69 63.64 -104.06
C THR JA 156 60.86 63.45 -105.02
N GLN JA 157 60.62 63.73 -106.30
CA GLN JA 157 61.69 63.66 -107.28
C GLN JA 157 61.40 64.55 -108.48
N GLY JA 158 62.46 64.93 -109.17
CA GLY JA 158 62.36 65.70 -110.39
C GLY JA 158 63.24 65.09 -111.45
N LEU JA 159 62.80 65.23 -112.70
CA LEU JA 159 63.48 64.56 -113.80
C LEU JA 159 63.92 65.50 -114.92
N GLY JA 160 63.88 66.81 -114.68
CA GLY JA 160 64.30 67.75 -115.70
C GLY JA 160 63.32 67.84 -116.86
N SER JA 161 63.73 67.30 -118.00
CA SER JA 161 62.88 67.39 -119.19
C SER JA 161 62.85 66.09 -119.96
N ASP JA 162 63.19 64.97 -119.33
CA ASP JA 162 63.39 63.74 -120.08
C ASP JA 162 62.08 63.03 -120.42
N LYS JA 163 60.97 63.42 -119.81
CA LYS JA 163 59.69 62.76 -120.05
C LYS JA 163 58.66 63.80 -120.46
N PRO JA 164 58.70 64.25 -121.71
CA PRO JA 164 57.66 65.15 -122.19
C PRO JA 164 56.38 64.39 -122.48
N ILE JA 165 55.28 65.12 -122.46
CA ILE JA 165 53.99 64.57 -122.82
C ILE JA 165 53.40 65.26 -124.03
N THR JA 166 54.16 66.16 -124.64
CA THR JA 166 53.68 66.92 -125.78
C THR JA 166 54.90 67.33 -126.60
N SER JA 167 54.89 67.00 -127.88
CA SER JA 167 56.00 67.37 -128.74
C SER JA 167 55.98 68.84 -129.15
N TYR JA 168 54.89 69.54 -128.91
CA TYR JA 168 54.78 70.95 -129.28
C TYR JA 168 55.57 71.77 -128.28
N THR JA 169 56.86 71.94 -128.56
CA THR JA 169 57.78 72.62 -127.67
C THR JA 169 58.06 74.04 -128.13
N LEU JA 170 57.03 74.69 -128.66
CA LEU JA 170 57.19 76.05 -129.16
C LEU JA 170 57.43 77.04 -128.03
N GLY JA 171 56.60 76.99 -126.99
CA GLY JA 171 56.68 77.96 -125.93
C GLY JA 171 57.77 77.65 -124.92
N GLY JA 172 57.89 78.52 -123.93
CA GLY JA 172 58.83 78.30 -122.86
C GLY JA 172 58.17 77.59 -121.70
N ASP JA 173 58.04 78.28 -120.56
CA ASP JA 173 57.34 77.69 -119.44
C ASP JA 173 55.84 77.69 -119.62
N ARG JA 174 55.32 78.42 -120.59
CA ARG JA 174 53.89 78.40 -120.86
C ARG JA 174 53.44 77.09 -121.50
N SER JA 175 54.35 76.35 -122.10
CA SER JA 175 54.03 75.02 -122.59
C SER JA 175 53.74 74.08 -121.42
N PRO JA 176 52.71 73.25 -121.51
CA PRO JA 176 52.24 72.52 -120.33
C PRO JA 176 53.11 71.35 -119.92
N ASN JA 177 54.14 71.00 -120.68
CA ASN JA 177 54.99 69.88 -120.29
C ASN JA 177 55.80 70.19 -119.04
N ALA JA 178 56.23 71.43 -118.87
CA ALA JA 178 56.82 71.85 -117.61
C ALA JA 178 55.71 71.89 -116.56
N ARG JA 179 55.76 70.96 -115.61
CA ARG JA 179 54.60 70.73 -114.78
C ARG JA 179 55.01 70.04 -113.49
N VAL JA 180 54.04 69.93 -112.58
CA VAL JA 180 54.22 69.20 -111.34
C VAL JA 180 53.03 68.27 -111.15
N GLU JA 181 53.32 67.02 -110.81
CA GLU JA 181 52.27 66.03 -110.63
C GLU JA 181 52.37 65.40 -109.26
N ILE JA 182 51.21 65.02 -108.74
CA ILE JA 182 51.12 64.19 -107.55
C ILE JA 182 50.27 62.99 -107.89
N THR JA 183 50.75 61.81 -107.52
CA THR JA 183 50.01 60.57 -107.70
C THR JA 183 49.89 59.86 -106.37
N PHE JA 184 48.72 59.25 -106.16
CA PHE JA 184 48.56 58.35 -105.03
C PHE JA 184 47.48 57.31 -105.32
N ARG JA 185 47.61 56.16 -104.67
CA ARG JA 185 46.61 55.09 -104.74
C ARG JA 185 45.80 55.10 -103.46
N ARG JA 186 44.47 55.05 -103.60
CA ARG JA 186 43.60 55.06 -102.44
C ARG JA 186 43.76 53.79 -101.63
N ALA JA 187 43.78 53.94 -100.30
CA ALA JA 187 44.04 52.83 -99.39
C ALA JA 187 42.70 52.33 -98.85
N VAL JA 188 42.26 51.19 -99.37
CA VAL JA 188 41.04 50.48 -98.98
C VAL JA 188 39.79 51.35 -99.04
N CYS KA 42 50.19 97.80 -105.78
CA CYS KA 42 50.53 98.70 -104.67
C CYS KA 42 51.78 98.24 -103.94
N PHE KA 43 51.61 97.26 -103.06
CA PHE KA 43 52.67 96.76 -102.20
C PHE KA 43 52.73 95.25 -102.31
N HIS KA 44 53.94 94.70 -102.26
CA HIS KA 44 54.00 93.26 -102.35
C HIS KA 44 54.26 92.64 -100.99
N PRO KA 45 53.50 91.60 -100.65
CA PRO KA 45 53.69 90.87 -99.38
C PRO KA 45 55.09 90.29 -99.20
N PRO KA 46 55.77 89.74 -100.25
CA PRO KA 46 57.12 89.26 -99.87
C PRO KA 46 58.17 90.35 -99.84
N TYR KA 47 58.09 91.17 -98.78
CA TYR KA 47 59.06 92.23 -98.46
C TYR KA 47 59.23 93.24 -99.59
N ASN KA 48 58.17 93.41 -100.39
CA ASN KA 48 58.11 94.28 -101.55
C ASN KA 48 59.22 94.00 -102.56
N ASN KA 49 59.66 92.74 -102.61
CA ASN KA 49 60.79 92.27 -103.42
C ASN KA 49 62.06 93.08 -103.13
N PHE KA 50 62.24 93.43 -101.85
CA PHE KA 50 63.39 94.17 -101.34
C PHE KA 50 63.56 95.51 -102.04
N GLN KA 51 62.53 96.12 -102.30
CA GLN KA 51 62.58 97.43 -102.91
C GLN KA 51 62.30 98.51 -101.89
N PRO KA 52 62.83 99.71 -102.07
CA PRO KA 52 62.44 100.82 -101.20
C PRO KA 52 61.00 101.20 -101.44
N ASP KA 53 60.14 100.86 -100.48
CA ASP KA 53 58.70 100.96 -100.69
C ASP KA 53 58.24 102.41 -100.68
N ARG KA 54 57.11 102.63 -101.34
CA ARG KA 54 56.48 103.95 -101.38
C ARG KA 54 55.13 103.79 -100.68
N ARG KA 55 55.07 104.19 -99.42
CA ARG KA 55 53.90 103.98 -98.60
C ARG KA 55 53.05 105.24 -98.40
N ALA KA 56 53.68 106.41 -98.41
CA ALA KA 56 52.94 107.64 -98.17
C ALA KA 56 52.07 108.05 -99.36
N VAL KA 57 52.44 107.60 -100.57
CA VAL KA 57 51.72 108.02 -101.77
C VAL KA 57 50.31 107.44 -101.79
N LYS KA 58 50.15 106.20 -101.31
CA LYS KA 58 48.82 105.60 -101.24
C LYS KA 58 47.93 106.34 -100.27
N ARG KA 59 48.50 106.75 -99.12
CA ARG KA 59 47.72 107.48 -98.12
C ARG KA 59 47.32 108.85 -98.62
N VAL KA 60 48.24 109.57 -99.28
CA VAL KA 60 47.85 110.89 -99.75
C VAL KA 60 46.92 110.79 -100.96
N GLY KA 61 47.02 109.72 -101.75
CA GLY KA 61 46.08 109.52 -102.84
C GLY KA 61 44.67 109.24 -102.35
N VAL KA 62 44.54 108.37 -101.35
CA VAL KA 62 43.20 108.11 -100.82
C VAL KA 62 42.68 109.26 -99.96
N ASP KA 63 43.58 110.11 -99.44
CA ASP KA 63 43.12 111.29 -98.73
C ASP KA 63 42.67 112.39 -99.68
N THR KA 64 43.29 112.49 -100.87
CA THR KA 64 42.72 113.31 -101.92
C THR KA 64 41.40 112.75 -102.40
N GLY KA 65 41.29 111.42 -102.48
CA GLY KA 65 40.05 110.77 -102.83
C GLY KA 65 39.00 110.81 -101.74
N GLY KA 88 42.39 118.02 -97.62
CA GLY KA 88 42.78 116.91 -98.47
C GLY KA 88 44.28 116.64 -98.46
N GLY KA 89 45.02 117.51 -99.17
CA GLY KA 89 46.47 117.34 -99.24
C GLY KA 89 47.16 117.57 -97.91
N THR KA 90 46.72 118.57 -97.16
CA THR KA 90 47.35 118.88 -95.88
C THR KA 90 47.00 117.82 -94.83
N VAL KA 91 45.77 117.33 -94.83
CA VAL KA 91 45.42 116.29 -93.87
C VAL KA 91 46.10 114.98 -94.25
N GLY KA 92 46.33 114.75 -95.56
CA GLY KA 92 47.15 113.62 -95.95
C GLY KA 92 48.60 113.78 -95.54
N LEU KA 93 49.11 115.01 -95.58
CA LEU KA 93 50.48 115.27 -95.14
C LEU KA 93 50.64 115.06 -93.64
N VAL KA 94 49.68 115.53 -92.84
CA VAL KA 94 49.82 115.33 -91.40
C VAL KA 94 49.54 113.88 -91.04
N ALA KA 95 48.74 113.17 -91.86
CA ALA KA 95 48.60 111.73 -91.69
C ALA KA 95 49.92 111.02 -91.98
N SER KA 96 50.64 111.50 -92.99
CA SER KA 96 51.95 110.95 -93.31
C SER KA 96 52.94 111.18 -92.17
N ILE KA 97 52.97 112.40 -91.63
CA ILE KA 97 53.91 112.66 -90.54
C ILE KA 97 53.46 112.04 -89.23
N TYR KA 98 52.19 111.65 -89.10
CA TYR KA 98 51.78 110.94 -87.90
C TYR KA 98 52.11 109.46 -88.02
N ARG KA 99 51.89 108.88 -89.18
CA ARG KA 99 52.02 107.45 -89.37
C ARG KA 99 53.39 107.04 -89.91
N ASP KA 100 54.32 107.98 -90.07
CA ASP KA 100 55.71 107.62 -90.31
C ASP KA 100 56.60 108.00 -89.16
N SER KA 101 56.06 108.67 -88.14
CA SER KA 101 56.86 109.22 -87.05
C SER KA 101 57.47 108.11 -86.19
N LYS KA 102 58.61 108.43 -85.59
CA LYS KA 102 59.44 107.45 -84.91
C LYS KA 102 58.75 106.88 -83.68
N ARG KA 103 58.09 107.75 -82.91
CA ARG KA 103 57.41 107.31 -81.70
C ARG KA 103 56.22 106.43 -82.02
N LYS KA 104 55.50 106.74 -83.11
CA LYS KA 104 54.43 105.87 -83.58
C LYS KA 104 54.96 104.53 -84.05
N ILE KA 105 56.16 104.54 -84.65
CA ILE KA 105 56.79 103.31 -85.12
C ILE KA 105 57.13 102.41 -83.94
N ILE KA 106 57.71 102.98 -82.88
CA ILE KA 106 58.04 102.17 -81.72
C ILE KA 106 56.78 101.74 -80.98
N ARG KA 107 55.73 102.56 -80.99
CA ARG KA 107 54.47 102.14 -80.37
C ARG KA 107 53.84 100.98 -81.12
N ASP KA 108 53.97 100.97 -82.45
CA ASP KA 108 53.55 99.79 -83.20
C ASP KA 108 54.44 98.59 -82.93
N LEU KA 109 55.75 98.84 -82.70
CA LEU KA 109 56.65 97.77 -82.33
C LEU KA 109 56.26 97.15 -80.99
N GLN KA 110 55.76 97.97 -80.07
CA GLN KA 110 55.25 97.48 -78.81
C GLN KA 110 53.88 96.83 -78.97
N LYS KA 111 53.12 97.26 -79.98
CA LYS KA 111 51.86 96.58 -80.30
C LYS KA 111 52.13 95.17 -80.77
N GLN KA 112 53.16 95.00 -81.59
CA GLN KA 112 53.68 93.68 -81.87
C GLN KA 112 54.58 93.24 -80.72
N ASP KA 113 55.12 92.03 -80.80
CA ASP KA 113 55.87 91.53 -79.65
C ASP KA 113 57.37 91.70 -79.79
N ILE KA 114 57.85 92.91 -80.08
CA ILE KA 114 59.28 93.17 -80.22
C ILE KA 114 59.64 94.31 -79.29
N GLN KA 115 60.71 94.13 -78.51
CA GLN KA 115 61.00 95.04 -77.40
C GLN KA 115 62.08 96.04 -77.79
N TYR KA 116 61.79 97.32 -77.54
CA TYR KA 116 62.73 98.41 -77.80
C TYR KA 116 63.24 98.94 -76.48
N VAL KA 117 64.56 99.03 -76.33
CA VAL KA 117 65.16 99.62 -75.13
C VAL KA 117 66.17 100.67 -75.58
N GLU KA 118 65.97 101.90 -75.15
CA GLU KA 118 66.87 103.00 -75.43
C GLU KA 118 67.46 103.48 -74.12
N TYR KA 119 68.79 103.51 -74.04
CA TYR KA 119 69.45 103.80 -72.77
C TYR KA 119 70.83 104.36 -73.05
N GLY KA 120 71.04 105.62 -72.68
CA GLY KA 120 72.34 106.23 -72.89
C GLY KA 120 72.58 106.51 -74.35
N ASP KA 121 73.80 106.21 -74.81
CA ASP KA 121 74.18 106.41 -76.18
C ASP KA 121 73.91 105.21 -77.07
N THR KA 122 73.54 104.07 -76.49
CA THR KA 122 73.36 102.84 -77.23
C THR KA 122 71.89 102.44 -77.21
N ARG KA 123 71.50 101.64 -78.20
CA ARG KA 123 70.12 101.19 -78.25
C ARG KA 123 70.05 99.72 -78.61
N THR KA 124 69.00 99.05 -78.12
CA THR KA 124 68.88 97.60 -78.23
C THR KA 124 67.47 97.21 -78.62
N LEU KA 125 67.40 96.13 -79.38
CA LEU KA 125 66.16 95.50 -79.81
C LEU KA 125 66.17 94.05 -79.37
N ILE KA 126 65.03 93.57 -78.88
CA ILE KA 126 64.90 92.22 -78.35
C ILE KA 126 63.80 91.51 -79.13
N ILE KA 127 64.12 90.32 -79.64
CA ILE KA 127 63.18 89.59 -80.50
C ILE KA 127 62.98 88.17 -79.97
N PRO KA 128 61.73 87.73 -79.78
CA PRO KA 128 61.47 86.34 -79.39
C PRO KA 128 61.43 85.41 -80.60
N THR KA 129 62.27 84.37 -80.53
CA THR KA 129 62.49 83.47 -81.64
C THR KA 129 61.25 82.65 -81.95
N ASP KA 130 60.52 82.24 -80.91
CA ASP KA 130 59.44 81.29 -81.09
C ASP KA 130 58.24 81.91 -81.79
N LYS KA 131 58.15 83.22 -81.83
CA LYS KA 131 57.14 83.89 -82.62
C LYS KA 131 57.70 84.56 -83.86
N TYR KA 132 59.00 84.75 -83.95
CA TYR KA 132 59.57 85.32 -85.16
C TYR KA 132 60.59 84.39 -85.81
N PHE KA 133 60.30 83.10 -85.84
CA PHE KA 133 61.19 82.13 -86.47
C PHE KA 133 60.39 80.90 -86.84
N MET KA 134 61.03 80.02 -87.59
CA MET KA 134 60.53 78.66 -87.71
C MET KA 134 61.13 77.81 -86.61
N PHE KA 135 60.39 76.79 -86.20
CA PHE KA 135 60.80 76.00 -85.04
C PHE KA 135 61.98 75.10 -85.37
N SER KA 136 63.00 75.17 -84.51
CA SER KA 136 64.18 74.30 -84.53
C SER KA 136 64.93 74.35 -85.84
N SER KA 137 64.95 75.50 -86.49
CA SER KA 137 65.61 75.63 -87.78
C SER KA 137 66.01 77.07 -87.98
N PRO KA 138 67.02 77.35 -88.79
CA PRO KA 138 67.36 78.74 -89.13
C PRO KA 138 66.42 79.37 -90.15
N ARG KA 139 65.33 78.73 -90.52
CA ARG KA 139 64.36 79.37 -91.40
C ARG KA 139 63.64 80.49 -90.67
N LEU KA 140 63.04 81.37 -91.44
CA LEU KA 140 62.34 82.53 -90.92
C LEU KA 140 60.85 82.39 -91.21
N ASN KA 141 60.04 82.71 -90.20
CA ASN KA 141 58.59 82.70 -90.36
C ASN KA 141 58.15 83.78 -91.35
N GLU KA 142 57.07 83.51 -92.06
CA GLU KA 142 56.57 84.43 -93.07
C GLU KA 142 55.42 85.29 -92.60
N ILE KA 143 54.73 84.89 -91.53
CA ILE KA 143 53.48 85.55 -91.18
C ILE KA 143 53.75 86.91 -90.56
N CYS KA 144 54.80 87.03 -89.77
CA CYS KA 144 55.03 88.24 -88.99
C CYS KA 144 55.97 89.22 -89.69
N TYR KA 145 55.89 89.30 -91.00
CA TYR KA 145 56.60 90.29 -91.81
C TYR KA 145 56.37 91.78 -91.54
N PRO KA 146 55.23 92.25 -90.98
CA PRO KA 146 55.20 93.69 -90.59
C PRO KA 146 56.24 94.04 -89.55
N GLY KA 147 56.57 93.11 -88.65
CA GLY KA 147 57.66 93.36 -87.72
C GLY KA 147 58.99 93.54 -88.41
N LEU KA 148 59.26 92.72 -89.42
CA LEU KA 148 60.50 92.84 -90.18
C LEU KA 148 60.54 94.16 -90.94
N ASN KA 149 59.41 94.55 -91.54
CA ASN KA 149 59.35 95.81 -92.27
C ASN KA 149 59.58 97.00 -91.35
N ASN KA 150 58.98 96.98 -90.17
CA ASN KA 150 59.19 98.07 -89.23
C ASN KA 150 60.61 98.06 -88.67
N VAL KA 151 61.22 96.88 -88.56
CA VAL KA 151 62.62 96.79 -88.14
C VAL KA 151 63.51 97.49 -89.16
N ILE KA 152 63.23 97.26 -90.44
CA ILE KA 152 64.04 97.90 -91.47
C ILE KA 152 63.76 99.40 -91.54
N ARG KA 153 62.50 99.79 -91.34
CA ARG KA 153 62.16 101.22 -91.34
C ARG KA 153 62.79 101.96 -90.18
N LEU KA 154 62.90 101.30 -89.02
CA LEU KA 154 63.61 101.91 -87.90
C LEU KA 154 65.11 101.97 -88.15
N LEU KA 155 65.69 100.86 -88.60
CA LEU KA 155 67.13 100.82 -88.75
C LEU KA 155 67.64 101.55 -89.97
N ASN KA 156 66.75 102.06 -90.83
CA ASN KA 156 67.19 102.99 -91.85
C ASN KA 156 67.49 104.37 -91.30
N PHE KA 157 67.13 104.66 -90.05
CA PHE KA 157 67.26 106.01 -89.53
C PHE KA 157 68.59 106.30 -88.88
N TYR KA 158 69.44 105.30 -88.64
CA TYR KA 158 70.75 105.51 -88.04
C TYR KA 158 71.81 104.90 -88.95
N PRO KA 159 72.11 105.54 -90.08
CA PRO KA 159 72.93 104.86 -91.08
C PRO KA 159 74.42 104.91 -90.84
N GLN KA 160 74.87 105.20 -89.64
CA GLN KA 160 76.28 105.48 -89.41
C GLN KA 160 76.99 104.39 -88.63
N SER KA 161 76.52 104.08 -87.43
CA SER KA 161 77.33 103.31 -86.50
C SER KA 161 77.28 101.82 -86.83
N THR KA 162 78.14 101.07 -86.14
CA THR KA 162 78.21 99.63 -86.31
C THR KA 162 77.03 98.95 -85.66
N ILE KA 163 76.81 97.69 -86.04
CA ILE KA 163 75.71 96.87 -85.55
C ILE KA 163 76.29 95.59 -84.97
N TYR KA 164 75.80 95.20 -83.80
CA TYR KA 164 76.06 93.87 -83.27
C TYR KA 164 74.75 93.09 -83.22
N VAL KA 165 74.81 91.84 -83.66
CA VAL KA 165 73.67 90.93 -83.60
C VAL KA 165 74.09 89.66 -82.88
N ALA KA 166 73.26 89.20 -81.95
CA ALA KA 166 73.63 88.06 -81.12
C ALA KA 166 72.43 87.17 -80.86
N GLY KA 167 72.72 85.88 -80.65
CA GLY KA 167 71.70 84.87 -80.50
C GLY KA 167 71.80 84.14 -79.17
N PHE KA 168 70.63 83.75 -78.63
CA PHE KA 168 70.54 83.11 -77.33
C PHE KA 168 69.47 82.02 -77.32
N THR KA 169 69.80 80.90 -76.70
CA THR KA 169 68.89 79.76 -76.56
C THR KA 169 68.58 79.52 -75.09
N ASP KA 170 67.89 78.41 -74.81
CA ASP KA 170 67.69 77.95 -73.46
C ASP KA 170 68.77 76.95 -73.09
N ASN KA 171 68.60 76.23 -71.98
CA ASN KA 171 69.63 75.37 -71.43
C ASN KA 171 69.52 73.91 -71.85
N VAL KA 172 68.57 73.54 -72.69
CA VAL KA 172 68.36 72.12 -72.97
C VAL KA 172 69.35 71.66 -74.05
N GLY KA 173 69.60 70.35 -74.07
CA GLY KA 173 70.37 69.75 -75.14
C GLY KA 173 71.88 69.89 -74.99
N SER KA 174 72.57 69.45 -76.04
CA SER KA 174 74.03 69.48 -76.06
C SER KA 174 74.57 70.88 -76.30
N ARG KA 175 75.78 71.11 -75.80
CA ARG KA 175 76.43 72.40 -75.92
C ARG KA 175 76.74 72.74 -77.37
N SER KA 176 77.24 71.76 -78.12
CA SER KA 176 77.52 71.95 -79.53
C SER KA 176 76.26 72.25 -80.32
N HIS KA 177 75.17 71.57 -79.96
CA HIS KA 177 73.88 71.83 -80.57
C HIS KA 177 73.41 73.26 -80.32
N LYS KA 178 73.57 73.72 -79.07
CA LYS KA 178 73.18 75.09 -78.71
C LYS KA 178 73.95 76.11 -79.52
N ARG KA 179 75.28 75.97 -79.55
CA ARG KA 179 76.08 76.98 -80.21
C ARG KA 179 75.91 76.95 -81.72
N LYS KA 180 75.68 75.77 -82.30
CA LYS KA 180 75.47 75.71 -83.73
C LYS KA 180 74.14 76.33 -84.11
N LEU KA 181 73.09 76.11 -83.31
CA LEU KA 181 71.81 76.72 -83.62
C LEU KA 181 71.87 78.23 -83.48
N SER KA 182 72.53 78.73 -82.43
CA SER KA 182 72.64 80.17 -82.25
C SER KA 182 73.46 80.81 -83.37
N GLN KA 183 74.50 80.11 -83.83
CA GLN KA 183 75.26 80.59 -84.98
C GLN KA 183 74.42 80.64 -86.23
N ALA KA 184 73.53 79.65 -86.40
CA ALA KA 184 72.65 79.63 -87.56
C ALA KA 184 71.69 80.82 -87.55
N GLN KA 185 71.09 81.10 -86.40
CA GLN KA 185 70.13 82.19 -86.30
C GLN KA 185 70.81 83.54 -86.49
N ALA KA 186 72.01 83.69 -85.92
CA ALA KA 186 72.76 84.93 -86.09
C ALA KA 186 73.13 85.15 -87.54
N GLU KA 187 73.53 84.07 -88.22
CA GLU KA 187 73.91 84.19 -89.62
C GLU KA 187 72.73 84.58 -90.50
N THR KA 188 71.56 84.00 -90.26
CA THR KA 188 70.46 84.35 -91.16
C THR KA 188 69.91 85.74 -90.87
N MET KA 189 69.91 86.17 -89.59
CA MET KA 189 69.49 87.54 -89.31
C MET KA 189 70.45 88.54 -89.90
N MET KA 190 71.75 88.24 -89.82
CA MET KA 190 72.78 89.06 -90.44
C MET KA 190 72.59 89.13 -91.94
N THR KA 191 72.25 88.00 -92.56
CA THR KA 191 72.07 87.95 -94.00
C THR KA 191 70.89 88.80 -94.44
N PHE KA 192 69.80 88.73 -93.69
CA PHE KA 192 68.64 89.57 -94.04
C PHE KA 192 68.95 91.04 -93.87
N LEU KA 193 69.65 91.41 -92.80
CA LEU KA 193 70.04 92.80 -92.62
C LEU KA 193 71.01 93.26 -93.71
N TRP KA 194 71.81 92.35 -94.24
CA TRP KA 194 72.67 92.68 -95.36
C TRP KA 194 71.86 92.91 -96.62
N ALA KA 195 70.91 92.02 -96.89
CA ALA KA 195 70.17 92.07 -98.14
C ALA KA 195 69.15 93.20 -98.16
N ASN KA 196 68.83 93.77 -97.01
CA ASN KA 196 67.96 94.93 -97.04
C ASN KA 196 68.66 96.17 -97.59
N GLY KA 197 69.98 96.18 -97.63
CA GLY KA 197 70.66 97.31 -98.25
C GLY KA 197 71.82 97.89 -97.47
N ILE KA 198 72.25 97.21 -96.41
CA ILE KA 198 73.37 97.66 -95.61
C ILE KA 198 74.57 96.77 -95.87
N ALA KA 199 75.72 97.39 -96.14
CA ALA KA 199 76.92 96.68 -96.52
C ALA KA 199 77.49 95.90 -95.35
N ALA KA 200 78.46 95.04 -95.66
CA ALA KA 200 79.07 94.17 -94.66
C ALA KA 200 80.16 94.87 -93.86
N LYS KA 201 80.43 96.14 -94.13
CA LYS KA 201 81.45 96.86 -93.38
C LYS KA 201 81.00 97.11 -91.94
N ARG KA 202 79.71 97.32 -91.73
CA ARG KA 202 79.20 97.77 -90.45
C ARG KA 202 78.67 96.63 -89.59
N LEU KA 203 79.00 95.38 -89.94
CA LEU KA 203 78.27 94.24 -89.41
C LEU KA 203 79.20 93.21 -88.80
N LYS KA 204 78.66 92.48 -87.82
CA LYS KA 204 79.39 91.43 -87.13
C LYS KA 204 78.37 90.56 -86.41
N ALA KA 205 78.53 89.23 -86.51
CA ALA KA 205 77.54 88.29 -86.02
C ALA KA 205 78.08 87.46 -84.87
N GLU KA 206 77.21 87.16 -83.90
CA GLU KA 206 77.64 86.37 -82.76
C GLU KA 206 76.45 85.68 -82.11
N GLY KA 207 76.64 84.42 -81.74
CA GLY KA 207 75.61 83.69 -81.02
C GLY KA 207 76.19 82.81 -79.95
N TYR KA 208 75.69 82.93 -78.72
CA TYR KA 208 76.16 82.08 -77.65
C TYR KA 208 75.11 81.03 -77.32
N GLY KA 209 75.47 80.11 -76.44
CA GLY KA 209 74.52 79.12 -76.03
C GLY KA 209 73.71 79.67 -74.88
N ASP KA 210 73.83 79.04 -73.72
CA ASP KA 210 73.17 79.52 -72.51
C ASP KA 210 74.17 80.18 -71.58
N LYS KA 211 75.12 80.92 -72.14
CA LYS KA 211 76.26 81.36 -71.35
C LYS KA 211 75.89 82.50 -70.42
N ASN KA 212 75.08 83.45 -70.88
CA ASN KA 212 74.64 84.57 -70.05
C ASN KA 212 73.13 84.67 -70.16
N ALA KA 213 72.43 83.89 -69.35
CA ALA KA 213 70.99 83.93 -69.33
C ALA KA 213 70.50 85.19 -68.63
N ILE KA 214 69.46 85.78 -69.19
CA ILE KA 214 68.77 86.86 -68.51
C ILE KA 214 67.48 86.38 -67.85
N SER KA 215 67.32 85.07 -67.75
CA SER KA 215 66.14 84.51 -67.11
C SER KA 215 66.55 83.22 -66.40
N ASP KA 216 65.55 82.44 -66.01
CA ASP KA 216 65.77 81.20 -65.28
C ASP KA 216 65.22 80.03 -66.08
N ASN KA 217 65.83 78.87 -65.91
CA ASN KA 217 65.44 77.69 -66.66
C ASN KA 217 64.56 76.73 -65.87
N ALA KA 218 64.61 76.78 -64.54
CA ALA KA 218 63.81 75.87 -63.73
C ALA KA 218 62.32 76.22 -63.75
N ILE KA 219 61.97 77.41 -64.22
CA ILE KA 219 60.58 77.82 -64.38
C ILE KA 219 60.29 77.90 -65.86
N ILE KA 220 59.16 77.33 -66.27
CA ILE KA 220 58.84 77.15 -67.69
C ILE KA 220 58.66 78.50 -68.38
N HIS KA 221 57.96 79.44 -67.74
CA HIS KA 221 57.73 80.73 -68.37
C HIS KA 221 59.01 81.53 -68.48
N GLY KA 222 59.87 81.45 -67.47
CA GLY KA 222 61.16 82.12 -67.56
C GLY KA 222 62.05 81.53 -68.63
N SER KA 223 62.05 80.20 -68.75
CA SER KA 223 62.86 79.57 -69.79
C SER KA 223 62.30 79.84 -71.17
N ALA KA 224 60.99 80.04 -71.27
CA ALA KA 224 60.42 80.53 -72.51
C ALA KA 224 60.88 81.94 -72.81
N GLN KA 225 60.97 82.78 -71.77
CA GLN KA 225 61.39 84.15 -71.98
C GLN KA 225 62.88 84.28 -72.24
N ASN KA 226 63.66 83.27 -71.89
CA ASN KA 226 65.11 83.42 -71.96
C ASN KA 226 65.62 83.40 -73.39
N ARG KA 227 65.15 82.46 -74.20
CA ARG KA 227 65.71 82.32 -75.54
C ARG KA 227 65.25 83.47 -76.42
N ARG KA 228 66.19 84.07 -77.13
CA ARG KA 228 65.95 85.39 -77.70
C ARG KA 228 67.01 85.66 -78.75
N ILE KA 229 66.84 86.78 -79.43
CA ILE KA 229 67.89 87.29 -80.29
C ILE KA 229 67.95 88.80 -80.14
N GLU KA 230 69.15 89.32 -79.88
CA GLU KA 230 69.34 90.72 -79.53
C GLU KA 230 70.09 91.45 -80.62
N ILE KA 231 69.77 92.73 -80.75
CA ILE KA 231 70.45 93.64 -81.66
C ILE KA 231 70.89 94.86 -80.86
N GLN KA 232 72.20 95.08 -80.78
CA GLN KA 232 72.75 96.25 -80.12
C GLN KA 232 73.34 97.15 -81.21
N TRP KA 233 73.21 98.46 -81.04
CA TRP KA 233 73.98 99.35 -81.89
C TRP KA 233 74.33 100.66 -81.20
N PHE KA 234 75.47 101.20 -81.63
CA PHE KA 234 76.09 102.40 -81.10
C PHE KA 234 75.54 103.62 -81.81
N THR KA 235 76.12 104.79 -81.56
CA THR KA 235 75.78 105.97 -82.33
C THR KA 235 76.99 106.53 -83.06
N SER KA 236 78.12 106.67 -82.39
CA SER KA 236 79.34 107.15 -83.04
C SER KA 236 79.92 106.05 -83.91
N LEU LA 113 114.37 97.17 -113.65
CA LEU LA 113 113.68 98.37 -114.12
C LEU LA 113 112.65 98.85 -113.11
N ASN LA 114 112.09 100.02 -113.36
CA ASN LA 114 111.10 100.60 -112.46
C ASN LA 114 109.82 101.01 -113.18
N ARG LA 115 109.92 101.51 -114.41
CA ARG LA 115 108.78 101.99 -115.16
C ARG LA 115 108.72 101.25 -116.49
N PHE LA 116 107.53 100.75 -116.85
CA PHE LA 116 107.34 100.14 -118.17
C PHE LA 116 105.95 100.52 -118.65
N ARG LA 117 105.87 101.61 -119.41
CA ARG LA 117 104.62 102.09 -119.99
C ARG LA 117 104.75 102.01 -121.51
N TYR LA 118 104.02 101.08 -122.13
CA TYR LA 118 104.11 100.91 -123.57
C TYR LA 118 102.73 101.04 -124.22
N GLU LA 119 102.72 101.68 -125.38
CA GLU LA 119 101.57 101.77 -126.25
C GLU LA 119 102.01 101.49 -127.68
N GLY LA 120 101.14 100.88 -128.46
CA GLY LA 120 101.38 100.80 -129.89
C GLY LA 120 102.06 99.58 -130.48
N ALA LA 121 101.45 98.40 -130.28
CA ALA LA 121 101.68 97.19 -131.09
C ALA LA 121 103.12 96.70 -131.03
N GLY LA 122 103.50 96.23 -129.84
CA GLY LA 122 104.83 95.71 -129.63
C GLY LA 122 104.76 94.36 -128.94
N VAL LA 123 105.79 93.56 -129.19
CA VAL LA 123 105.95 92.26 -128.56
C VAL LA 123 107.20 92.33 -127.69
N VAL LA 124 107.02 92.14 -126.38
CA VAL LA 124 108.09 92.23 -125.41
C VAL LA 124 108.22 90.88 -124.72
N THR LA 125 109.44 90.36 -124.67
CA THR LA 125 109.74 89.07 -124.06
C THR LA 125 110.83 89.27 -123.02
N GLY LA 126 110.61 88.73 -121.83
CA GLY LA 126 111.59 88.83 -120.77
C GLY LA 126 111.57 87.64 -119.82
N ASN LA 127 112.73 87.05 -119.56
CA ASN LA 127 112.83 85.91 -118.67
C ASN LA 127 114.00 86.10 -117.72
N ASN LA 128 113.91 85.39 -116.58
CA ASN LA 128 114.95 85.33 -115.55
C ASN LA 128 115.24 86.70 -114.95
N LEU LA 129 114.20 87.50 -114.73
CA LEU LA 129 114.33 88.80 -114.09
C LEU LA 129 113.81 88.71 -112.66
N ARG LA 130 114.58 89.26 -111.72
CA ARG LA 130 114.16 89.37 -110.33
C ARG LA 130 114.14 90.84 -109.96
N THR LA 131 113.07 91.27 -109.29
CA THR LA 131 112.96 92.67 -108.89
C THR LA 131 112.05 92.76 -107.68
N SER LA 132 112.11 93.90 -107.01
CA SER LA 132 111.20 94.17 -105.90
C SER LA 132 109.85 94.67 -106.42
N TYR LA 133 109.87 95.76 -107.17
CA TYR LA 133 108.64 96.32 -107.72
C TYR LA 133 108.98 97.14 -108.96
N LEU LA 134 108.19 96.96 -110.01
CA LEU LA 134 108.16 97.89 -111.13
C LEU LA 134 106.71 98.06 -111.56
N ASP LA 135 106.39 99.25 -112.06
CA ASP LA 135 105.05 99.54 -112.52
C ASP LA 135 104.91 99.21 -114.00
N LEU LA 136 103.76 98.63 -114.35
CA LEU LA 136 103.46 98.20 -115.70
C LEU LA 136 102.20 98.89 -116.18
N TYR LA 137 102.27 99.49 -117.37
CA TYR LA 137 101.13 100.16 -117.98
C TYR LA 137 101.12 99.78 -119.45
N LEU LA 138 100.23 98.89 -119.83
CA LEU LA 138 100.21 98.34 -121.18
C LEU LA 138 98.99 98.84 -121.94
N ALA LA 139 99.20 99.13 -123.23
CA ALA LA 139 98.10 99.52 -124.11
C ALA LA 139 98.45 99.11 -125.53
N ASN LA 140 97.39 98.85 -126.32
CA ASN LA 140 97.45 98.77 -127.77
C ASN LA 140 98.39 97.67 -128.26
N GLU LA 141 97.97 96.44 -128.00
CA GLU LA 141 98.61 95.20 -128.47
C GLU LA 141 100.05 95.10 -127.93
N GLY LA 142 100.11 94.96 -126.62
CA GLY LA 142 101.37 94.59 -126.01
C GLY LA 142 101.41 93.09 -125.77
N THR LA 143 101.99 92.35 -126.71
CA THR LA 143 102.11 90.89 -126.54
C THR LA 143 103.35 90.63 -125.70
N THR LA 144 103.12 90.26 -124.44
CA THR LA 144 104.20 90.12 -123.48
C THR LA 144 104.34 88.67 -123.06
N ARG LA 145 105.56 88.15 -123.14
CA ARG LA 145 105.87 86.81 -122.67
C ARG LA 145 106.99 86.89 -121.64
N LEU LA 146 106.67 86.58 -120.40
CA LEU LA 146 107.61 86.73 -119.30
C LEU LA 146 107.77 85.40 -118.59
N ALA LA 147 108.97 85.21 -118.03
CA ALA LA 147 109.25 84.09 -117.16
C ALA LA 147 110.03 84.47 -115.92
N GLY LA 148 110.39 85.73 -115.75
CA GLY LA 148 111.09 86.17 -114.56
C GLY LA 148 110.16 86.30 -113.38
N ASN LA 149 110.66 85.90 -112.20
CA ASN LA 149 109.87 85.96 -110.98
C ASN LA 149 109.77 87.40 -110.51
N ILE LA 150 108.74 88.10 -110.97
CA ILE LA 150 108.60 89.54 -110.81
C ILE LA 150 107.54 89.80 -109.75
N GLY LA 151 107.90 90.54 -108.72
CA GLY LA 151 106.94 91.03 -107.74
C GLY LA 151 106.54 92.45 -108.11
N LEU LA 152 105.26 92.75 -107.92
CA LEU LA 152 104.77 94.08 -108.24
C LEU LA 152 103.52 94.37 -107.42
N GLN LA 153 103.29 95.66 -107.19
CA GLN LA 153 102.15 96.14 -106.43
C GLN LA 153 101.12 96.82 -107.31
N LYS LA 154 101.51 97.27 -108.50
CA LYS LA 154 100.58 97.94 -109.40
C LYS LA 154 100.76 97.38 -110.81
N LEU LA 155 99.64 97.16 -111.48
CA LEU LA 155 99.62 96.89 -112.91
C LEU LA 155 98.38 97.52 -113.51
N GLU LA 156 98.51 98.04 -114.73
CA GLU LA 156 97.39 98.65 -115.43
C GLU LA 156 97.43 98.26 -116.89
N ALA LA 157 96.29 97.85 -117.41
CA ALA LA 157 96.14 97.50 -118.81
C ALA LA 157 94.94 98.25 -119.38
N VAL LA 158 95.08 98.71 -120.62
CA VAL LA 158 93.95 99.39 -121.25
C VAL LA 158 92.99 98.37 -121.84
N GLY LA 159 93.47 97.53 -122.73
CA GLY LA 159 92.62 96.55 -123.39
C GLY LA 159 93.18 96.20 -124.75
N ASN LA 160 92.48 95.26 -125.40
CA ASN LA 160 92.82 94.75 -126.74
C ASN LA 160 94.24 94.18 -126.80
N GLY LA 161 94.66 93.52 -125.73
CA GLY LA 161 96.00 92.98 -125.66
C GLY LA 161 95.99 91.59 -125.06
N VAL LA 162 97.15 90.95 -125.13
CA VAL LA 162 97.34 89.61 -124.57
C VAL LA 162 98.65 89.60 -123.79
N THR LA 163 98.61 89.05 -122.57
CA THR LA 163 99.79 89.06 -121.72
C THR LA 163 99.76 87.88 -120.76
N GLN LA 164 100.83 87.08 -120.75
CA GLN LA 164 100.98 85.98 -119.82
C GLN LA 164 102.24 86.16 -119.00
N ILE LA 165 102.10 86.07 -117.68
CA ILE LA 165 103.22 86.12 -116.76
C ILE LA 165 103.27 84.82 -115.99
N ASN LA 166 104.48 84.26 -115.85
CA ASN LA 166 104.70 82.99 -115.17
C ASN LA 166 105.35 83.25 -113.82
N GLY LA 167 104.53 83.43 -112.79
CA GLY LA 167 105.02 83.52 -111.42
C GLY LA 167 105.16 84.92 -110.90
N VAL LA 168 104.19 85.39 -110.12
CA VAL LA 168 104.23 86.70 -109.50
C VAL LA 168 103.90 86.53 -108.02
N SER LA 169 104.82 86.96 -107.15
CA SER LA 169 104.63 86.92 -105.71
C SER LA 169 104.76 88.33 -105.16
N SER LA 170 103.79 88.75 -104.35
CA SER LA 170 103.84 90.10 -103.80
C SER LA 170 103.05 90.16 -102.50
N ARG LA 171 103.53 91.01 -101.58
CA ARG LA 171 102.81 91.25 -100.35
C ARG LA 171 101.56 92.09 -100.57
N ASN LA 172 101.55 92.91 -101.62
CA ASN LA 172 100.39 93.69 -101.98
C ASN LA 172 100.37 93.80 -103.50
N LEU LA 173 99.16 93.91 -104.05
CA LEU LA 173 99.00 94.08 -105.49
C LEU LA 173 97.63 94.68 -105.74
N GLN LA 174 97.59 95.90 -106.26
CA GLN LA 174 96.35 96.55 -106.65
C GLN LA 174 96.35 96.67 -108.18
N ILE LA 175 95.46 95.94 -108.82
CA ILE LA 175 95.40 95.82 -110.27
C ILE LA 175 93.99 96.12 -110.72
N VAL LA 176 93.85 97.00 -111.70
CA VAL LA 176 92.56 97.27 -112.32
C VAL LA 176 92.76 97.48 -113.82
N LEU LA 177 91.67 97.29 -114.58
CA LEU LA 177 91.69 97.53 -116.01
C LEU LA 177 90.27 97.83 -116.46
N LYS LA 178 90.16 98.35 -117.68
CA LYS LA 178 88.90 98.90 -118.17
C LYS LA 178 88.36 98.23 -119.41
N GLY LA 179 89.19 98.00 -120.43
CA GLY LA 179 88.68 97.62 -121.74
C GLY LA 179 88.44 96.14 -121.91
N ASP LA 180 89.09 95.54 -122.91
CA ASP LA 180 89.00 94.11 -123.16
C ASP LA 180 90.40 93.53 -123.35
N PRO LA 181 91.15 93.32 -122.27
CA PRO LA 181 92.44 92.64 -122.40
C PRO LA 181 92.32 91.15 -122.17
N LYS LA 182 93.43 90.44 -122.27
CA LYS LA 182 93.50 89.02 -121.97
C LYS LA 182 94.74 88.77 -121.14
N VAL LA 183 94.56 88.23 -119.94
CA VAL LA 183 95.64 88.01 -119.00
C VAL LA 183 95.39 86.73 -118.22
N LEU LA 184 96.36 85.83 -118.22
CA LEU LA 184 96.38 84.69 -117.31
C LEU LA 184 97.75 84.68 -116.63
N ILE LA 185 97.74 84.84 -115.32
CA ILE LA 185 98.94 85.11 -114.54
C ILE LA 185 99.15 83.99 -113.54
N SER LA 186 100.41 83.60 -113.33
CA SER LA 186 100.76 82.62 -112.32
C SER LA 186 101.41 83.30 -111.11
N GLY LA 187 101.46 82.57 -110.00
CA GLY LA 187 102.08 83.03 -108.78
C GLY LA 187 101.11 83.02 -107.60
N PHE LA 188 101.40 83.85 -106.61
CA PHE LA 188 100.55 84.03 -105.45
C PHE LA 188 100.31 85.52 -105.26
N VAL LA 189 99.04 85.92 -105.20
CA VAL LA 189 98.64 87.31 -105.28
C VAL LA 189 97.87 87.69 -104.03
N ASN LA 190 98.31 88.76 -103.36
CA ASN LA 190 97.54 89.37 -102.27
C ASN LA 190 96.63 90.42 -102.89
N LEU LA 191 95.46 89.96 -103.34
CA LEU LA 191 94.52 90.85 -103.99
C LEU LA 191 93.76 91.69 -102.98
N ARG LA 192 93.40 92.91 -103.39
CA ARG LA 192 92.68 93.84 -102.54
C ARG LA 192 91.34 94.27 -103.12
N GLN LA 193 91.30 94.71 -104.38
CA GLN LA 193 90.11 95.32 -104.93
C GLN LA 193 90.14 95.19 -106.45
N LEU LA 194 89.03 94.76 -107.04
CA LEU LA 194 89.02 94.57 -108.48
C LEU LA 194 87.72 95.07 -109.10
N ASP LA 195 87.85 95.90 -110.12
CA ASP LA 195 86.72 96.53 -110.78
C ASP LA 195 86.79 96.33 -112.29
N MET LA 196 85.65 95.99 -112.89
CA MET LA 196 85.54 95.71 -114.31
C MET LA 196 84.36 96.48 -114.88
N TYR LA 197 84.56 97.13 -116.01
CA TYR LA 197 83.52 97.93 -116.65
C TYR LA 197 83.41 97.68 -118.14
N GLY LA 198 84.26 96.84 -118.72
CA GLY LA 198 84.22 96.60 -120.15
C GLY LA 198 83.94 95.17 -120.53
N LYS LA 199 84.91 94.52 -121.18
CA LYS LA 199 84.84 93.14 -121.61
C LYS LA 199 86.04 92.38 -121.08
N GLY LA 200 86.28 92.51 -119.78
CA GLY LA 200 87.51 92.02 -119.21
C GLY LA 200 87.57 90.51 -119.14
N THR LA 201 88.77 89.98 -119.35
CA THR LA 201 89.03 88.55 -119.25
C THR LA 201 90.28 88.33 -118.42
N LEU LA 202 90.22 87.40 -117.47
CA LEU LA 202 91.29 87.31 -116.50
C LEU LA 202 91.30 85.92 -115.84
N SER LA 203 92.51 85.40 -115.66
CA SER LA 203 92.71 84.16 -114.93
C SER LA 203 93.94 84.29 -114.05
N LEU LA 204 93.84 83.78 -112.83
CA LEU LA 204 94.97 83.70 -111.92
C LEU LA 204 95.16 82.26 -111.48
N TYR LA 205 96.41 81.90 -111.25
CA TYR LA 205 96.69 80.54 -110.78
C TYR LA 205 96.30 80.37 -109.31
N TRP LA 206 96.92 81.12 -108.42
CA TRP LA 206 96.67 80.99 -107.00
C TRP LA 206 96.48 82.37 -106.40
N ILE LA 207 95.66 82.45 -105.35
CA ILE LA 207 95.50 83.68 -104.59
C ILE LA 207 95.55 83.34 -103.11
N LYS LA 208 96.29 84.15 -102.36
CA LYS LA 208 96.39 84.04 -100.91
C LYS LA 208 96.10 85.41 -100.33
N SER LA 209 94.88 85.61 -99.86
CA SER LA 209 94.47 86.83 -99.20
C SER LA 209 93.28 86.51 -98.29
N ASP LA 210 92.83 87.51 -97.56
CA ASP LA 210 91.69 87.35 -96.66
C ASP LA 210 90.47 88.14 -97.09
N THR LA 211 90.67 89.28 -97.75
CA THR LA 211 89.60 90.19 -98.10
C THR LA 211 89.58 90.41 -99.60
N LEU LA 212 88.39 90.42 -100.19
CA LEU LA 212 88.29 90.64 -101.62
C LEU LA 212 86.97 91.30 -101.94
N THR LA 213 87.03 92.34 -102.77
CA THR LA 213 85.85 93.07 -103.21
C THR LA 213 85.88 93.17 -104.73
N ILE LA 214 84.85 92.63 -105.37
CA ILE LA 214 84.75 92.61 -106.82
C ILE LA 214 83.53 93.41 -107.24
N ARG LA 215 83.75 94.35 -108.16
CA ARG LA 215 82.69 95.17 -108.73
C ARG LA 215 82.69 94.96 -110.23
N ALA LA 216 81.70 94.24 -110.76
CA ALA LA 216 81.65 93.96 -112.19
C ALA LA 216 80.42 94.61 -112.81
N LYS LA 217 80.62 95.28 -113.94
CA LYS LA 217 79.60 96.13 -114.53
C LYS LA 217 79.04 95.58 -115.83
N LYS LA 218 79.88 95.32 -116.84
CA LYS LA 218 79.38 95.11 -118.19
C LYS LA 218 79.58 93.69 -118.70
N ALA LA 219 80.83 93.21 -118.76
CA ALA LA 219 81.09 91.83 -119.17
C ALA LA 219 82.44 91.45 -118.60
N ALA LA 220 82.43 90.67 -117.53
CA ALA LA 220 83.65 90.27 -116.84
C ALA LA 220 83.81 88.77 -116.93
N LYS LA 221 85.03 88.33 -117.09
CA LYS LA 221 85.37 86.92 -117.24
C LYS LA 221 86.49 86.64 -116.25
N ILE LA 222 86.21 85.81 -115.26
CA ILE LA 222 87.08 85.66 -114.11
C ILE LA 222 87.33 84.17 -113.88
N GLN LA 223 88.59 83.81 -113.63
CA GLN LA 223 88.94 82.43 -113.32
C GLN LA 223 90.03 82.45 -112.24
N LEU LA 224 89.63 82.29 -110.99
CA LEU LA 224 90.55 82.33 -109.85
C LEU LA 224 90.42 81.06 -109.01
N ALA LA 225 91.43 80.83 -108.19
CA ALA LA 225 91.46 79.66 -107.31
C ALA LA 225 92.38 79.95 -106.14
N GLY LA 226 91.90 79.71 -104.92
CA GLY LA 226 92.72 79.95 -103.75
C GLY LA 226 91.88 79.96 -102.47
N ILE LA 227 92.43 80.64 -101.47
CA ILE LA 227 91.84 80.72 -100.13
C ILE LA 227 91.56 82.18 -99.82
N VAL LA 228 90.32 82.47 -99.44
CA VAL LA 228 89.91 83.84 -99.11
C VAL LA 228 89.01 83.80 -97.89
N ASN LA 229 89.33 84.62 -96.88
CA ASN LA 229 88.52 84.66 -95.68
C ASN LA 229 87.20 85.39 -95.91
N ARG LA 230 87.24 86.50 -96.62
CA ARG LA 230 86.07 87.35 -96.77
C ARG LA 230 85.95 87.78 -98.23
N LEU LA 231 84.85 87.42 -98.87
CA LEU LA 231 84.67 87.66 -100.30
C LEU LA 231 83.34 88.35 -100.50
N ASP LA 232 83.35 89.44 -101.27
CA ASP LA 232 82.15 90.19 -101.57
C ASP LA 232 82.11 90.50 -103.06
N VAL LA 233 80.97 90.21 -103.69
CA VAL LA 233 80.84 90.31 -105.13
C VAL LA 233 79.57 91.07 -105.47
N GLU LA 234 79.70 92.10 -106.31
CA GLU LA 234 78.58 92.82 -106.91
C GLU LA 234 78.61 92.62 -108.41
N LEU LA 235 77.51 92.15 -108.97
CA LEU LA 235 77.36 91.95 -110.40
C LEU LA 235 76.20 92.79 -110.90
N TRP LA 236 76.46 93.63 -111.90
CA TRP LA 236 75.42 94.53 -112.37
C TRP LA 236 74.63 93.94 -113.54
N ASP LA 237 75.30 93.65 -114.65
CA ASP LA 237 74.61 93.11 -115.82
C ASP LA 237 75.60 92.33 -116.67
N PHE LA 238 75.15 91.18 -117.15
CA PHE LA 238 75.88 90.31 -118.08
C PHE LA 238 77.23 89.89 -117.51
N ALA LA 239 77.30 89.74 -116.19
CA ALA LA 239 78.57 89.55 -115.50
C ALA LA 239 78.75 88.09 -115.17
N GLN LA 240 79.93 87.57 -115.48
CA GLN LA 240 80.21 86.14 -115.37
C GLN LA 240 81.31 85.93 -114.35
N PHE LA 241 80.94 85.41 -113.18
CA PHE LA 241 81.90 85.10 -112.13
C PHE LA 241 82.02 83.60 -112.00
N LYS LA 242 83.14 83.06 -112.46
CA LYS LA 242 83.37 81.62 -112.40
C LYS LA 242 84.28 81.30 -111.22
N GLY LA 243 83.78 81.57 -110.02
CA GLY LA 243 84.58 81.28 -108.85
C GLY LA 243 84.54 79.83 -108.40
N LYS LA 244 84.65 78.90 -109.34
CA LYS LA 244 84.89 77.53 -108.98
C LYS LA 244 86.32 77.37 -108.51
N TYR LA 245 86.55 76.31 -107.72
CA TYR LA 245 87.84 75.98 -107.10
C TYR LA 245 88.37 77.10 -106.21
N LEU LA 246 87.47 77.88 -105.60
CA LEU LA 246 87.86 79.03 -104.80
C LEU LA 246 87.15 78.91 -103.45
N ARG LA 247 87.83 78.30 -102.49
CA ARG LA 247 87.23 78.03 -101.19
C ARG LA 247 87.21 79.33 -100.39
N ALA LA 248 86.01 79.79 -100.07
CA ALA LA 248 85.81 81.06 -99.40
C ALA LA 248 85.15 80.83 -98.06
N GLN LA 249 85.71 81.42 -97.00
CA GLN LA 249 85.15 81.26 -95.67
C GLN LA 249 83.83 82.01 -95.54
N ARG LA 250 83.81 83.27 -95.95
CA ARG LA 250 82.64 84.12 -95.83
C ARG LA 250 82.29 84.67 -97.20
N SER LA 251 81.04 84.50 -97.61
CA SER LA 251 80.67 84.94 -98.95
C SER LA 251 79.47 85.85 -98.91
N PHE LA 252 79.52 86.92 -99.70
CA PHE LA 252 78.39 87.83 -99.86
C PHE LA 252 78.23 88.10 -101.35
N VAL LA 253 77.21 87.51 -101.97
CA VAL LA 253 77.00 87.72 -103.39
C VAL LA 253 75.73 88.55 -103.60
N LYS LA 254 75.82 89.49 -104.53
CA LYS LA 254 74.70 90.34 -104.89
C LYS LA 254 74.65 90.42 -106.41
N THR LA 255 73.55 89.96 -106.98
CA THR LA 255 73.44 89.80 -108.43
C THR LA 255 72.22 90.54 -108.95
N HIS LA 256 72.44 91.39 -109.94
CA HIS LA 256 71.36 91.99 -110.69
C HIS LA 256 71.25 91.29 -112.04
N ASP LA 257 70.54 91.92 -112.98
CA ASP LA 257 69.95 91.26 -114.15
C ASP LA 257 70.96 90.54 -115.03
N LYS LA 258 70.61 89.29 -115.38
CA LYS LA 258 71.35 88.46 -116.35
C LYS LA 258 72.79 88.24 -115.93
N SER LA 259 73.03 88.09 -114.63
CA SER LA 259 74.36 87.86 -114.12
C SER LA 259 74.45 86.44 -113.56
N VAL LA 260 75.57 85.79 -113.83
CA VAL LA 260 75.80 84.41 -113.44
C VAL LA 260 77.03 84.37 -112.55
N ALA LA 261 76.92 83.70 -111.41
CA ALA LA 261 78.06 83.52 -110.54
C ALA LA 261 78.01 82.13 -109.91
N GLU LA 262 79.17 81.50 -109.82
CA GLU LA 262 79.28 80.20 -109.17
C GLU LA 262 80.37 80.26 -108.11
N ILE LA 263 80.00 79.86 -106.89
CA ILE LA 263 80.77 80.09 -105.67
C ILE LA 263 80.98 78.78 -104.93
N SER LA 264 81.90 78.81 -103.97
CA SER LA 264 82.41 77.61 -103.29
C SER LA 264 82.57 77.85 -101.79
N ALA LA 265 81.53 78.31 -101.11
CA ALA LA 265 81.61 78.61 -99.68
C ALA LA 265 81.80 77.35 -98.83
N VAL LA 266 82.39 77.55 -97.65
CA VAL LA 266 82.62 76.45 -96.71
C VAL LA 266 81.86 76.64 -95.39
N ASN LA 267 81.78 77.87 -94.90
CA ASN LA 267 81.20 78.10 -93.58
C ASN LA 267 79.93 78.92 -93.64
N HIS LA 268 79.96 80.11 -94.22
CA HIS LA 268 78.85 81.05 -94.10
C HIS LA 268 78.66 81.75 -95.44
N GLN LA 269 77.48 81.56 -96.04
CA GLN LA 269 77.21 82.20 -97.31
C GLN LA 269 75.91 82.98 -97.28
N SER LA 270 75.95 84.16 -97.90
CA SER LA 270 74.79 85.04 -98.03
C SER LA 270 74.64 85.41 -99.49
N SER LA 271 73.43 85.23 -100.02
CA SER LA 271 73.21 85.46 -101.43
C SER LA 271 71.93 86.22 -101.69
N LEU LA 272 72.02 87.21 -102.59
CA LEU LA 272 70.84 87.96 -103.00
C LEU LA 272 70.79 88.05 -104.52
N ALA LA 273 69.63 87.73 -105.08
CA ALA LA 273 69.43 87.78 -106.53
C ALA LA 273 68.20 88.60 -106.86
N THR LA 274 68.32 89.54 -107.79
CA THR LA 274 67.15 90.34 -108.17
C THR LA 274 66.30 89.60 -109.19
N ASP LA 275 66.84 89.40 -110.39
CA ASP LA 275 66.08 88.87 -111.50
C ASP LA 275 67.05 88.36 -112.54
N ALA LA 276 66.68 87.26 -113.20
CA ALA LA 276 67.46 86.59 -114.24
C ALA LA 276 68.87 86.24 -113.77
N SER LA 277 69.03 85.94 -112.49
CA SER LA 277 70.34 85.79 -111.88
C SER LA 277 70.56 84.34 -111.51
N ASP LA 278 71.78 83.87 -111.70
CA ASP LA 278 72.12 82.49 -111.39
C ASP LA 278 73.15 82.45 -110.28
N ILE LA 279 72.82 81.73 -109.21
CA ILE LA 279 73.70 81.59 -108.05
C ILE LA 279 73.99 80.11 -107.90
N TYR LA 280 75.16 79.66 -108.33
CA TYR LA 280 75.46 78.24 -108.38
C TYR LA 280 76.48 77.92 -107.29
N TYR LA 281 76.05 77.23 -106.25
CA TYR LA 281 76.93 76.89 -105.14
C TYR LA 281 77.46 75.47 -105.32
N TYR LA 282 78.78 75.32 -105.29
CA TYR LA 282 79.37 74.05 -105.61
C TYR LA 282 79.77 73.24 -104.40
N ASN LA 283 79.54 73.75 -103.20
CA ASN LA 283 79.86 73.00 -102.00
C ASN LA 283 78.95 73.46 -100.86
N LEU LA 284 78.58 72.53 -100.02
CA LEU LA 284 77.69 72.83 -98.90
C LEU LA 284 78.46 73.59 -97.85
N SER LA 285 78.04 74.83 -97.59
CA SER LA 285 78.54 75.51 -96.41
C SER LA 285 77.86 74.95 -95.17
N LYS LA 286 78.42 75.30 -94.01
CA LYS LA 286 77.73 74.95 -92.77
C LYS LA 286 76.48 75.77 -92.57
N THR LA 287 76.44 76.99 -93.10
CA THR LA 287 75.27 77.85 -92.96
C THR LA 287 75.06 78.66 -94.22
N ARG LA 288 73.85 78.57 -94.75
CA ARG LA 288 73.50 79.09 -96.06
C ARG LA 288 72.23 79.92 -95.95
N ALA LA 289 72.23 81.12 -96.51
CA ALA LA 289 71.00 81.89 -96.59
C ALA LA 289 70.95 82.69 -97.89
N ASP LA 290 69.84 82.57 -98.60
CA ASP LA 290 69.70 83.15 -99.92
C ASP LA 290 68.32 83.78 -100.05
N PHE LA 291 68.21 84.72 -100.98
CA PHE LA 291 66.93 85.34 -101.29
C PHE LA 291 66.86 85.69 -102.77
N MET LA 292 65.67 85.54 -103.36
CA MET LA 292 65.39 85.94 -104.72
C MET LA 292 64.26 86.97 -104.73
N ALA LA 293 64.37 87.96 -105.62
CA ALA LA 293 63.42 89.07 -105.65
C ALA LA 293 62.38 88.89 -106.73
N PHE LA 294 62.80 88.74 -107.98
CA PHE LA 294 61.88 88.48 -109.08
C PHE LA 294 62.21 87.18 -109.78
N ASN LA 295 63.36 87.10 -110.44
CA ASN LA 295 63.63 85.97 -111.32
C ASN LA 295 65.03 85.41 -111.13
N GLY LA 296 65.72 85.76 -110.05
CA GLY LA 296 66.95 85.08 -109.71
C GLY LA 296 66.68 83.74 -109.07
N SER LA 297 67.71 82.90 -109.06
CA SER LA 297 67.55 81.56 -108.52
C SER LA 297 68.88 81.05 -108.01
N VAL LA 298 68.79 80.09 -107.09
CA VAL LA 298 69.93 79.52 -106.40
C VAL LA 298 69.92 78.01 -106.64
N LEU LA 299 71.01 77.49 -107.18
CA LEU LA 299 71.08 76.11 -107.62
C LEU LA 299 72.37 75.45 -107.19
N ASP LA 300 72.29 74.15 -106.96
CA ASP LA 300 73.38 73.35 -106.42
C ASP LA 300 74.27 72.77 -107.52
N MET LA 301 73.67 72.03 -108.46
CA MET LA 301 74.31 71.19 -109.48
C MET LA 301 75.56 70.44 -108.96
N ARG LA 302 75.41 69.78 -107.83
CA ARG LA 302 76.36 68.73 -107.49
C ARG LA 302 76.00 67.46 -108.25
N GLU LA 303 77.04 66.73 -108.66
CA GLU LA 303 76.94 65.78 -109.76
C GLU LA 303 76.15 64.52 -109.45
N TRP LA 304 75.83 64.26 -108.18
CA TRP LA 304 75.10 63.10 -107.67
C TRP LA 304 75.79 61.77 -107.96
N GLY LA 305 77.04 61.77 -108.40
CA GLY LA 305 77.80 60.57 -108.59
C GLY LA 305 78.87 60.35 -107.55
N GLN LA 306 78.84 61.10 -106.45
CA GLN LA 306 79.88 60.95 -105.44
C GLN LA 306 79.69 59.67 -104.66
N SER LA 307 80.80 59.06 -104.26
CA SER LA 307 80.75 57.92 -103.36
C SER LA 307 80.44 58.32 -101.93
N ASP LA 308 80.71 59.56 -101.56
CA ASP LA 308 80.68 59.97 -100.16
C ASP LA 308 80.08 61.36 -100.00
N LEU LA 309 78.99 61.63 -100.70
CA LEU LA 309 78.45 62.99 -100.69
C LEU LA 309 77.77 63.30 -99.38
N LYS LA 310 78.10 64.45 -98.80
CA LYS LA 310 77.43 64.93 -97.60
C LYS LA 310 76.01 65.35 -97.95
N ASP LA 311 75.15 65.34 -96.94
CA ASP LA 311 73.75 65.72 -97.09
C ASP LA 311 73.44 66.90 -96.19
N PHE LA 312 72.17 67.30 -96.20
CA PHE LA 312 71.70 68.34 -95.31
C PHE LA 312 71.69 67.83 -93.87
N ASP LA 313 71.71 68.79 -92.95
CA ASP LA 313 71.44 68.50 -91.55
C ASP LA 313 70.32 69.41 -91.09
N ARG LA 314 70.09 69.45 -89.78
CA ARG LA 314 69.08 70.34 -89.22
C ARG LA 314 69.47 71.79 -89.38
N TYR LA 315 70.76 72.07 -89.34
CA TYR LA 315 71.24 73.43 -89.18
C TYR LA 315 71.33 74.17 -90.51
N ASN LA 316 71.07 73.51 -91.61
CA ASN LA 316 71.33 74.09 -92.92
C ASN LA 316 70.23 73.81 -93.93
N LYS LA 317 69.21 73.04 -93.59
CA LYS LA 317 68.20 72.59 -94.55
C LYS LA 317 67.26 73.75 -94.85
N GLN LA 318 67.76 74.70 -95.61
CA GLN LA 318 67.03 75.91 -95.93
C GLN LA 318 66.43 75.73 -97.31
N PHE LA 319 65.12 75.63 -97.36
CA PHE LA 319 64.43 75.44 -98.63
C PHE LA 319 64.51 76.72 -99.43
N PRO LA 320 65.07 76.69 -100.65
CA PRO LA 320 65.07 77.88 -101.49
C PRO LA 320 63.73 78.09 -102.19
N ASP MA 39 24.07 61.71 -93.17
CA ASP MA 39 23.36 60.48 -93.46
C ASP MA 39 23.62 59.97 -94.87
N GLY MA 40 23.47 60.87 -95.84
CA GLY MA 40 23.57 60.50 -97.24
C GLY MA 40 24.95 60.06 -97.65
N CYS MA 41 25.12 58.77 -97.89
CA CYS MA 41 26.45 58.22 -98.13
C CYS MA 41 26.90 58.46 -99.56
N CYS MA 42 26.15 57.96 -100.53
CA CYS MA 42 26.43 58.29 -101.92
C CYS MA 42 25.57 59.45 -102.40
N SER MA 43 25.54 60.54 -101.63
CA SER MA 43 24.84 61.73 -102.07
C SER MA 43 25.64 62.42 -103.17
N LYS MA 44 24.91 63.14 -104.03
CA LYS MA 44 25.42 63.70 -105.30
C LYS MA 44 26.05 62.62 -106.19
N MET MA 45 25.55 61.41 -106.05
CA MET MA 45 25.84 60.30 -106.95
C MET MA 45 24.51 59.60 -107.18
N GLY MA 46 24.55 58.43 -107.81
CA GLY MA 46 23.31 57.72 -108.09
C GLY MA 46 22.64 57.18 -106.84
N GLY MA 47 23.43 56.68 -105.91
CA GLY MA 47 22.90 56.17 -104.67
C GLY MA 47 23.69 54.97 -104.21
N ILE MA 48 23.10 54.21 -103.30
CA ILE MA 48 23.77 53.08 -102.69
C ILE MA 48 23.43 51.84 -103.48
N ASN MA 49 24.44 51.03 -103.81
CA ASN MA 49 24.18 49.77 -104.51
C ASN MA 49 24.21 48.59 -103.56
N TYR MA 50 25.34 48.35 -102.89
CA TYR MA 50 25.47 47.25 -101.96
C TYR MA 50 26.68 47.50 -101.08
N CYS MA 51 27.03 46.49 -100.28
CA CYS MA 51 28.15 46.59 -99.36
C CYS MA 51 29.11 45.44 -99.59
N ASP MA 52 30.38 45.71 -99.36
CA ASP MA 52 31.43 44.69 -99.38
C ASP MA 52 31.91 44.54 -97.95
N SER MA 53 31.48 43.46 -97.29
CA SER MA 53 31.92 43.18 -95.94
C SER MA 53 33.39 42.81 -95.88
N SER MA 54 33.97 42.34 -96.97
CA SER MA 54 35.41 42.18 -97.02
C SER MA 54 36.11 43.52 -97.08
N ALA MA 55 35.42 44.56 -97.52
CA ALA MA 55 35.97 45.89 -97.57
C ALA MA 55 35.45 46.81 -96.48
N GLY MA 56 34.20 46.68 -96.09
CA GLY MA 56 33.65 47.59 -95.11
C GLY MA 56 33.27 48.94 -95.65
N ARG MA 57 33.18 49.08 -96.96
CA ARG MA 57 32.74 50.32 -97.58
C ARG MA 57 31.54 50.05 -98.46
N LEU MA 58 30.68 51.04 -98.55
CA LEU MA 58 29.54 50.92 -99.44
C LEU MA 58 29.97 51.07 -100.89
N VAL MA 59 29.12 50.59 -101.80
CA VAL MA 59 29.33 50.72 -103.23
C VAL MA 59 28.33 51.72 -103.77
N CYS MA 60 28.83 52.82 -104.33
CA CYS MA 60 27.95 53.81 -104.93
C CYS MA 60 27.55 53.36 -106.33
N ASN MA 61 26.75 54.19 -107.01
CA ASN MA 61 26.37 53.87 -108.38
C ASN MA 61 27.55 54.04 -109.33
N ASN MA 62 28.33 55.10 -109.15
CA ASN MA 62 29.64 55.11 -109.77
C ASN MA 62 30.56 54.17 -109.01
N GLY MA 63 31.67 53.83 -109.64
CA GLY MA 63 32.58 52.89 -109.02
C GLY MA 63 33.54 53.56 -108.06
N PHE MA 64 33.02 54.39 -107.17
CA PHE MA 64 33.84 55.12 -106.21
C PHE MA 64 33.47 54.67 -104.81
N TYR MA 65 34.49 54.32 -104.03
CA TYR MA 65 34.26 53.83 -102.68
C TYR MA 65 33.86 55.00 -101.79
N SER MA 66 32.70 54.90 -101.16
CA SER MA 66 32.15 56.00 -100.39
C SER MA 66 32.84 56.13 -99.04
N THR MA 67 32.47 57.19 -98.32
CA THR MA 67 33.05 57.49 -97.04
C THR MA 67 32.29 56.89 -95.87
N CYS MA 68 31.17 56.21 -96.12
CA CYS MA 68 30.45 55.57 -95.04
C CYS MA 68 31.06 54.21 -94.73
N TYR MA 69 30.50 53.54 -93.73
CA TYR MA 69 30.87 52.18 -93.36
C TYR MA 69 29.63 51.31 -93.43
N CYS MA 70 29.83 50.03 -93.77
CA CYS MA 70 28.70 49.13 -93.88
C CYS MA 70 28.83 47.89 -93.02
N THR MA 71 29.88 47.79 -92.21
CA THR MA 71 29.99 46.77 -91.19
C THR MA 71 30.94 47.25 -90.10
N ARG MA 72 30.86 46.62 -88.95
CA ARG MA 72 31.83 46.90 -87.90
C ARG MA 72 33.21 46.37 -88.26
N HIS MA 73 33.30 45.39 -89.13
CA HIS MA 73 34.59 44.83 -89.53
C HIS MA 73 35.18 45.68 -90.66
N ALA MA 74 35.66 46.85 -90.26
CA ALA MA 74 36.32 47.76 -91.18
C ALA MA 74 37.30 48.61 -90.39
N VAL MA 75 38.17 49.31 -91.11
CA VAL MA 75 39.29 49.99 -90.49
C VAL MA 75 38.78 51.27 -89.84
N MET MA 76 38.81 51.31 -88.52
CA MET MA 76 38.39 52.47 -87.74
C MET MA 76 39.63 53.08 -87.09
N ASP MA 77 39.87 54.36 -87.37
CA ASP MA 77 40.97 55.07 -86.74
C ASP MA 77 40.56 55.39 -85.31
N LEU MA 78 40.93 54.52 -84.38
CA LEU MA 78 40.48 54.61 -83.00
C LEU MA 78 41.65 54.91 -82.07
N GLN MA 79 41.50 55.94 -81.25
CA GLN MA 79 42.52 56.30 -80.27
C GLN MA 79 41.97 56.60 -78.88
N PHE MA 80 40.71 57.00 -78.75
CA PHE MA 80 40.15 57.38 -77.48
C PHE MA 80 38.88 56.58 -77.24
N LEU MA 81 38.75 55.99 -76.05
CA LEU MA 81 37.64 55.10 -75.79
C LEU MA 81 37.23 55.21 -74.32
N MET MA 82 36.05 54.68 -74.02
CA MET MA 82 35.46 54.74 -72.69
C MET MA 82 35.96 53.57 -71.85
N GLY MA 83 35.29 53.32 -70.74
CA GLY MA 83 35.61 52.19 -69.88
C GLY MA 83 36.66 52.54 -68.83
N CYS MA 84 36.86 51.59 -67.92
CA CYS MA 84 37.88 51.72 -66.89
C CYS MA 84 38.58 50.38 -66.73
N CYS MA 85 39.61 50.36 -65.88
CA CYS MA 85 40.59 49.28 -65.77
C CYS MA 85 41.23 48.96 -67.11
N LEU MA 86 41.54 50.01 -67.88
CA LEU MA 86 42.13 49.85 -69.19
C LEU MA 86 43.61 49.56 -69.06
N TRP MA 87 44.12 48.76 -70.01
CA TRP MA 87 45.47 48.18 -69.99
C TRP MA 87 45.73 47.43 -68.68
N HIS MA 88 44.69 46.78 -68.19
CA HIS MA 88 44.78 45.95 -66.99
C HIS MA 88 43.81 44.80 -67.19
N GLY MA 89 43.54 44.08 -66.13
CA GLY MA 89 42.72 42.89 -66.25
C GLY MA 89 41.23 43.12 -66.35
N GLY MA 90 40.78 44.35 -66.63
CA GLY MA 90 39.37 44.62 -66.67
C GLY MA 90 38.80 44.68 -65.28
N VAL MA 91 37.49 44.90 -65.22
CA VAL MA 91 36.82 44.97 -63.92
C VAL MA 91 36.70 43.56 -63.35
N TYR MA 92 37.15 43.38 -62.13
CA TYR MA 92 36.92 42.12 -61.44
C TYR MA 92 35.44 41.96 -61.17
N PRO MA 93 34.82 40.84 -61.55
CA PRO MA 93 33.36 40.74 -61.55
C PRO MA 93 32.72 40.49 -60.19
N GLN MA 94 33.45 40.61 -59.09
CA GLN MA 94 32.84 40.40 -57.79
C GLN MA 94 31.94 41.57 -57.42
N LEU MA 95 30.98 41.31 -56.55
CA LEU MA 95 30.04 42.31 -56.07
C LEU MA 95 30.53 42.83 -54.72
N ASN MA 96 30.75 44.14 -54.64
CA ASN MA 96 31.41 44.73 -53.49
C ASN MA 96 30.45 45.66 -52.75
N SER MA 97 30.39 45.48 -51.44
CA SER MA 97 29.69 46.46 -50.62
C SER MA 97 30.48 47.76 -50.50
N SER MA 98 31.81 47.68 -50.51
CA SER MA 98 32.63 48.87 -50.43
C SER MA 98 32.89 49.43 -51.82
N GLY MA 99 33.65 50.51 -51.87
CA GLY MA 99 33.92 51.18 -53.13
C GLY MA 99 35.22 50.75 -53.77
N LEU MA 100 35.75 49.60 -53.35
CA LEU MA 100 37.00 49.10 -53.90
C LEU MA 100 36.74 48.54 -55.29
N VAL MA 101 37.27 49.20 -56.31
CA VAL MA 101 37.22 48.72 -57.69
C VAL MA 101 38.64 48.35 -58.07
N VAL MA 102 38.88 47.07 -58.29
CA VAL MA 102 40.23 46.56 -58.45
C VAL MA 102 40.29 45.76 -59.75
N CYS MA 103 41.29 46.07 -60.58
CA CYS MA 103 41.46 45.31 -61.81
C CYS MA 103 42.05 43.95 -61.51
N ASN MA 104 41.92 43.04 -62.48
CA ASN MA 104 42.25 41.64 -62.26
C ASN MA 104 43.75 41.38 -62.13
N ASP MA 105 44.60 42.37 -62.38
CA ASP MA 105 46.02 42.23 -62.10
C ASP MA 105 46.37 42.66 -60.68
N GLY MA 106 45.38 42.93 -59.85
CA GLY MA 106 45.60 43.39 -58.50
C GLY MA 106 45.68 44.89 -58.36
N TYR MA 107 45.65 45.62 -59.46
CA TYR MA 107 45.72 47.07 -59.43
C TYR MA 107 44.35 47.63 -59.06
N VAL MA 108 44.34 48.65 -58.21
CA VAL MA 108 43.11 49.25 -57.71
C VAL MA 108 43.02 50.67 -58.23
N SER MA 109 41.96 50.96 -58.97
CA SER MA 109 41.80 52.24 -59.63
C SER MA 109 40.81 53.09 -58.85
N GLU MA 110 41.33 54.03 -58.06
CA GLU MA 110 40.45 54.90 -57.30
C GLU MA 110 39.77 55.94 -58.18
N GLU MA 111 40.33 56.24 -59.35
CA GLU MA 111 39.63 57.10 -60.30
C GLU MA 111 38.36 56.45 -60.80
N CYS MA 112 38.42 55.15 -61.07
CA CYS MA 112 37.21 54.39 -61.37
C CYS MA 112 36.36 54.21 -60.13
N SER MA 113 36.96 54.25 -58.95
CA SER MA 113 36.21 54.19 -57.70
C SER MA 113 35.65 55.57 -57.35
N LEU MA 114 35.14 55.70 -56.13
CA LEU MA 114 34.53 56.93 -55.65
C LEU MA 114 35.32 57.50 -54.48
N GLN MA 115 35.06 58.77 -54.19
CA GLN MA 115 35.69 59.44 -53.07
C GLN MA 115 35.17 58.90 -51.75
N LYS MA 116 36.05 58.87 -50.76
CA LYS MA 116 35.67 58.55 -49.39
C LYS MA 116 36.10 59.66 -48.43
N UNK NA 1 53.27 54.00 -106.92
CA UNK NA 1 52.51 54.48 -108.06
C UNK NA 1 53.43 55.01 -109.15
N UNK NA 2 53.90 56.25 -108.96
CA UNK NA 2 54.91 56.98 -109.71
C UNK NA 2 54.50 57.37 -111.13
N UNK NA 3 53.32 56.94 -111.61
CA UNK NA 3 52.82 57.27 -112.93
C UNK NA 3 51.34 56.95 -112.96
N UNK NA 4 50.57 57.75 -113.70
CA UNK NA 4 49.12 57.58 -113.69
C UNK NA 4 48.62 56.71 -114.82
N UNK NA 5 49.12 56.91 -116.04
CA UNK NA 5 48.67 56.14 -117.20
C UNK NA 5 49.89 55.48 -117.82
N UNK NA 6 49.97 54.16 -117.71
CA UNK NA 6 51.13 53.44 -118.18
C UNK NA 6 51.17 53.37 -119.70
N UNK NA 7 52.36 53.21 -120.24
CA UNK NA 7 52.55 53.18 -121.68
C UNK NA 7 52.21 51.80 -122.23
N UNK NA 8 52.45 51.64 -123.53
CA UNK NA 8 52.42 50.36 -124.21
C UNK NA 8 53.25 50.49 -125.46
N UNK NA 9 54.03 49.46 -125.76
CA UNK NA 9 54.93 49.38 -126.93
C UNK NA 9 55.91 50.55 -127.07
N UNK OA 1 116.28 7.48 6.27
CA UNK OA 1 115.34 6.37 6.35
C UNK OA 1 115.23 5.65 5.00
N UNK OA 2 114.85 6.41 3.98
CA UNK OA 2 114.66 5.85 2.64
C UNK OA 2 115.97 5.88 1.87
N UNK OA 3 116.26 4.79 1.16
CA UNK OA 3 117.45 4.71 0.31
C UNK OA 3 117.10 5.27 -1.07
N UNK OA 4 117.04 6.60 -1.12
CA UNK OA 4 116.64 7.27 -2.36
C UNK OA 4 117.73 7.20 -3.42
N UNK OA 5 119.00 7.33 -3.02
CA UNK OA 5 120.10 7.22 -3.97
C UNK OA 5 120.23 5.81 -4.52
N UNK OA 6 120.07 4.81 -3.65
CA UNK OA 6 120.09 3.42 -4.09
C UNK OA 6 118.90 3.11 -5.00
N UNK OA 7 117.73 3.69 -4.71
CA UNK OA 7 116.57 3.49 -5.55
C UNK OA 7 116.71 4.15 -6.91
N UNK OA 8 117.32 5.34 -6.95
CA UNK OA 8 117.56 6.02 -8.23
C UNK OA 8 118.59 5.29 -9.06
N UNK OA 9 119.66 4.79 -8.42
CA UNK OA 9 120.65 3.99 -9.13
C UNK OA 9 120.06 2.68 -9.63
N UNK OA 10 119.19 2.06 -8.83
CA UNK OA 10 118.50 0.84 -9.26
C UNK OA 10 117.50 1.13 -10.39
N UNK OA 11 116.88 2.31 -10.36
CA UNK OA 11 115.99 2.73 -11.45
C UNK OA 11 116.78 2.90 -12.75
N UNK OA 12 117.96 3.50 -12.66
CA UNK OA 12 118.83 3.62 -13.83
C UNK OA 12 119.29 2.24 -14.33
N UNK OA 13 119.64 1.34 -13.40
CA UNK OA 13 120.11 0.02 -13.78
C UNK OA 13 119.00 -0.84 -14.39
N UNK OA 14 117.77 -0.70 -13.88
CA UNK OA 14 116.65 -1.43 -14.47
C UNK OA 14 116.19 -0.80 -15.78
N UNK OA 15 116.38 0.51 -15.94
CA UNK OA 15 116.14 1.13 -17.24
C UNK OA 15 117.15 0.62 -18.27
N UNK OA 16 118.40 0.46 -17.86
CA UNK OA 16 119.42 -0.16 -18.71
C UNK OA 16 119.37 -1.68 -18.53
N UNK OA 17 118.27 -2.26 -18.99
CA UNK OA 17 118.01 -3.67 -18.77
C UNK OA 17 118.97 -4.54 -19.59
N UNK OA 18 119.10 -4.22 -20.89
CA UNK OA 18 119.98 -4.91 -21.84
C UNK OA 18 119.69 -6.41 -21.94
N UNK OA 19 118.41 -6.78 -21.84
CA UNK OA 19 118.01 -8.18 -21.92
C UNK OA 19 116.57 -8.23 -22.43
N UNK OA 20 116.42 -8.53 -23.72
CA UNK OA 20 115.10 -8.76 -24.32
C UNK OA 20 115.32 -9.58 -25.58
N UNK OA 21 114.92 -10.86 -25.54
CA UNK OA 21 115.05 -11.76 -26.68
C UNK OA 21 113.67 -12.05 -27.24
N UNK OA 22 113.60 -12.13 -28.57
CA UNK OA 22 112.34 -12.26 -29.29
C UNK OA 22 112.23 -13.62 -29.94
N UNK OA 23 111.02 -14.19 -29.89
CA UNK OA 23 110.73 -15.46 -30.55
C UNK OA 23 109.28 -15.40 -31.01
N UNK OA 24 109.08 -15.17 -32.30
CA UNK OA 24 107.74 -15.10 -32.86
C UNK OA 24 107.30 -16.48 -33.32
N UNK OA 25 106.02 -16.56 -33.71
CA UNK OA 25 105.45 -17.82 -34.17
C UNK OA 25 104.52 -17.54 -35.34
N UNK OA 26 104.31 -18.57 -36.15
CA UNK OA 26 103.41 -18.49 -37.29
C UNK OA 26 102.11 -19.23 -36.97
N UNK OA 27 101.16 -19.15 -37.91
CA UNK OA 27 99.87 -19.82 -37.76
C UNK OA 27 99.96 -21.32 -37.98
N UNK OA 28 101.08 -21.81 -38.52
CA UNK OA 28 101.30 -23.24 -38.70
C UNK OA 28 102.07 -23.85 -37.55
N UNK OA 29 102.04 -23.20 -36.38
CA UNK OA 29 102.72 -23.62 -35.14
C UNK OA 29 104.22 -23.80 -35.37
N UNK OA 30 104.82 -22.93 -36.16
CA UNK OA 30 106.26 -22.93 -36.39
C UNK OA 30 106.84 -21.70 -35.72
N UNK OA 31 107.80 -21.91 -34.83
CA UNK OA 31 108.40 -20.83 -34.08
C UNK OA 31 109.73 -20.42 -34.71
N UNK OA 32 110.06 -19.15 -34.54
CA UNK OA 32 111.33 -18.63 -35.03
C UNK OA 32 111.84 -17.60 -34.02
N UNK OA 33 113.04 -17.82 -33.51
CA UNK OA 33 113.65 -16.94 -32.52
C UNK OA 33 114.79 -16.16 -33.14
N UNK OA 34 115.00 -14.94 -32.65
CA UNK OA 34 116.06 -14.08 -33.13
C UNK OA 34 117.18 -13.97 -32.11
N UNK OA 35 118.19 -13.19 -32.47
CA UNK OA 35 119.33 -12.97 -31.59
C UNK OA 35 118.93 -12.07 -30.42
N UNK OA 36 119.57 -12.30 -29.27
CA UNK OA 36 119.32 -11.50 -28.08
C UNK OA 36 119.94 -10.12 -28.28
N UNK OA 37 119.12 -9.16 -28.69
CA UNK OA 37 119.56 -7.79 -28.95
C UNK OA 37 119.00 -6.88 -27.86
N UNK OA 38 119.59 -5.69 -27.77
CA UNK OA 38 119.27 -4.64 -26.79
C UNK OA 38 119.32 -5.14 -25.35
N UNK OA 39 99.14 -12.43 -35.23
CA UNK OA 39 100.10 -13.46 -34.84
C UNK OA 39 101.47 -13.20 -35.44
N UNK OA 40 101.89 -11.94 -35.45
CA UNK OA 40 103.20 -11.56 -35.96
C UNK OA 40 104.19 -11.28 -34.83
N UNK OA 41 103.82 -10.41 -33.90
CA UNK OA 41 104.67 -10.09 -32.75
C UNK OA 41 103.75 -9.90 -31.56
N UNK OA 42 103.70 -10.91 -30.69
CA UNK OA 42 102.90 -10.82 -29.48
C UNK OA 42 103.59 -9.92 -28.46
N UNK OA 43 102.83 -9.55 -27.43
CA UNK OA 43 103.41 -8.79 -26.32
C UNK OA 43 104.38 -9.66 -25.53
N UNK OA 44 104.12 -10.96 -25.44
CA UNK OA 44 105.01 -11.90 -24.80
C UNK OA 44 106.01 -12.51 -25.77
N UNK OA 45 105.99 -12.11 -27.04
CA UNK OA 45 106.95 -12.65 -27.99
C UNK OA 45 108.36 -12.19 -27.67
N UNK OA 46 108.50 -10.99 -27.10
CA UNK OA 46 109.77 -10.53 -26.59
C UNK OA 46 109.77 -10.63 -25.07
N UNK OA 47 110.75 -11.35 -24.52
CA UNK OA 47 110.83 -11.57 -23.09
C UNK OA 47 112.24 -11.29 -22.61
N UNK OA 48 112.36 -10.86 -21.36
CA UNK OA 48 113.66 -10.51 -20.79
C UNK OA 48 114.52 -11.73 -20.53
N LYS PA 24 -54.49 41.10 122.69
CA LYS PA 24 -55.84 40.67 122.38
C LYS PA 24 -55.85 39.43 121.49
N PHE PA 25 -54.87 39.31 120.61
CA PHE PA 25 -54.77 38.18 119.70
C PHE PA 25 -53.37 37.59 119.77
N LYS PA 26 -53.30 36.26 119.76
CA LYS PA 26 -52.04 35.52 119.76
C LYS PA 26 -51.93 34.73 118.47
N LYS PA 27 -50.79 34.86 117.80
CA LYS PA 27 -50.54 34.09 116.60
C LYS PA 27 -50.31 32.62 116.96
N PRO PA 28 -50.66 31.71 116.07
CA PRO PA 28 -50.24 30.33 116.23
C PRO PA 28 -48.79 30.16 115.85
N PRO PA 29 -48.16 29.02 116.13
CA PRO PA 29 -46.86 28.74 115.51
C PRO PA 29 -46.99 28.66 114.00
N ILE PA 30 -46.02 29.24 113.31
CA ILE PA 30 -46.15 29.43 111.87
C ILE PA 30 -45.79 28.15 111.14
N ASN PA 31 -44.58 27.64 111.36
CA ASN PA 31 -44.20 26.39 110.71
C ASN PA 31 -44.50 25.19 111.59
N ASN PA 32 -45.70 25.14 112.10
CA ASN PA 32 -46.19 23.99 112.82
C ASN PA 32 -46.62 22.93 111.82
N PRO PA 33 -46.46 21.67 112.15
CA PRO PA 33 -46.98 20.62 111.27
C PRO PA 33 -48.50 20.58 111.26
N SER PA 34 -49.10 21.46 110.48
CA SER PA 34 -50.55 21.47 110.35
C SER PA 34 -51.08 20.41 109.41
N ASP PA 35 -50.21 19.69 108.72
CA ASP PA 35 -50.63 18.60 107.86
C ASP PA 35 -50.24 17.26 108.49
N ASP PA 36 -51.09 16.26 108.25
CA ASP PA 36 -50.92 14.95 108.86
C ASP PA 36 -49.63 14.27 108.39
N ALA PA 37 -49.29 14.45 107.12
CA ALA PA 37 -48.06 13.89 106.60
C ALA PA 37 -46.84 14.53 107.25
N THR PA 38 -46.91 15.85 107.47
CA THR PA 38 -45.85 16.53 108.20
C THR PA 38 -45.77 16.05 109.63
N ILE PA 39 -46.92 15.74 110.23
CA ILE PA 39 -46.97 15.25 111.61
C ILE PA 39 -46.25 13.91 111.72
N LYS PA 40 -46.58 13.00 110.79
CA LYS PA 40 -45.94 11.69 110.78
C LYS PA 40 -44.46 11.81 110.48
N LEU PA 41 -44.11 12.73 109.58
CA LEU PA 41 -42.72 12.94 109.21
C LEU PA 41 -41.91 13.46 110.39
N ALA PA 42 -42.46 14.42 111.13
CA ALA PA 42 -41.75 14.99 112.26
C ALA PA 42 -41.62 13.97 113.39
N GLU PA 43 -42.63 13.13 113.56
CA GLU PA 43 -42.52 12.05 114.53
C GLU PA 43 -41.39 11.08 114.15
N ALA PA 44 -41.28 10.77 112.85
CA ALA PA 44 -40.19 9.91 112.39
C ALA PA 44 -38.85 10.57 112.61
N ALA PA 45 -38.78 11.88 112.43
CA ALA PA 45 -37.53 12.61 112.64
C ALA PA 45 -37.11 12.57 114.10
N VAL PA 46 -38.07 12.72 115.01
CA VAL PA 46 -37.78 12.63 116.43
C VAL PA 46 -37.26 11.25 116.79
N SER PA 47 -37.92 10.21 116.26
CA SER PA 47 -37.51 8.84 116.57
C SER PA 47 -36.11 8.54 116.06
N VAL PA 48 -35.81 8.96 114.83
CA VAL PA 48 -34.51 8.63 114.28
C VAL PA 48 -33.41 9.45 114.96
N SER PA 49 -33.74 10.66 115.44
CA SER PA 49 -32.77 11.44 116.21
C SER PA 49 -32.41 10.73 117.50
N ASP PA 50 -33.42 10.25 118.23
CA ASP PA 50 -33.14 9.57 119.50
C ASP PA 50 -32.41 8.26 119.27
N SER PA 51 -32.74 7.55 118.19
CA SER PA 51 -32.06 6.29 117.89
C SER PA 51 -30.59 6.51 117.57
N MET PA 52 -30.29 7.54 116.76
CA MET PA 52 -28.91 7.86 116.45
C MET PA 52 -28.12 8.28 117.68
N LEU PA 53 -28.75 9.09 118.54
CA LEU PA 53 -28.12 9.51 119.78
C LEU PA 53 -27.81 8.32 120.66
N GLU PA 54 -28.73 7.37 120.71
CA GLU PA 54 -28.54 6.18 121.54
C GLU PA 54 -27.40 5.31 121.03
N MET PA 55 -27.31 5.13 119.70
CA MET PA 55 -26.23 4.28 119.20
C MET PA 55 -24.88 4.96 119.33
N ALA PA 56 -24.84 6.29 119.23
CA ALA PA 56 -23.59 7.00 119.50
C ALA PA 56 -23.20 6.90 120.96
N LYS PA 57 -24.20 6.94 121.84
CA LYS PA 57 -23.96 6.75 123.27
C LYS PA 57 -23.39 5.37 123.55
N VAL PA 58 -23.97 4.34 122.93
CA VAL PA 58 -23.52 2.98 123.20
C VAL PA 58 -22.21 2.66 122.52
N GLU PA 59 -21.77 3.47 121.56
CA GLU PA 59 -20.49 3.20 120.93
C GLU PA 59 -19.45 4.29 121.15
N LYS PA 60 -19.67 5.19 122.11
CA LYS PA 60 -18.63 6.17 122.45
C LYS PA 60 -17.86 5.71 123.68
N VAL PA 61 -16.53 5.78 123.60
CA VAL PA 61 -15.67 5.44 124.72
C VAL PA 61 -15.38 6.71 125.50
N ILE PA 62 -14.99 6.54 126.76
CA ILE PA 62 -14.57 7.64 127.62
C ILE PA 62 -13.51 7.13 128.59
N THR PA 63 -12.35 7.77 128.59
CA THR PA 63 -11.45 7.48 129.70
C THR PA 63 -11.92 8.23 130.95
N PRO PA 64 -11.77 7.65 132.13
CA PRO PA 64 -12.22 8.36 133.33
C PRO PA 64 -11.30 9.53 133.64
N PRO PA 65 -11.82 10.60 134.24
CA PRO PA 65 -10.96 11.73 134.61
C PRO PA 65 -10.01 11.42 135.75
N SER PA 66 -10.24 10.33 136.48
CA SER PA 66 -9.29 9.88 137.48
C SER PA 66 -7.98 9.46 136.84
N LYS PA 67 -8.05 8.76 135.71
CA LYS PA 67 -6.84 8.18 135.14
C LYS PA 67 -6.56 8.68 133.73
N ASP PA 68 -6.68 9.98 133.51
CA ASP PA 68 -6.21 10.56 132.25
C ASP PA 68 -4.69 10.68 132.30
N ASN PA 69 -4.05 10.36 131.18
CA ASN PA 69 -2.60 10.48 131.07
C ASN PA 69 -2.21 11.83 130.47
N THR PA 70 -2.76 12.90 131.05
CA THR PA 70 -2.54 14.25 130.58
C THR PA 70 -1.92 15.05 131.71
N LEU PA 71 -0.85 15.78 131.40
CA LEU PA 71 -0.15 16.53 132.43
C LEU PA 71 -0.96 17.74 132.85
N THR PA 72 -1.16 17.91 134.15
CA THR PA 72 -1.94 19.01 134.68
C THR PA 72 -1.06 20.26 134.81
N ILE PA 73 -1.59 21.26 135.49
CA ILE PA 73 -0.93 22.56 135.61
C ILE PA 73 0.20 22.44 136.64
N PRO PA 74 1.44 22.81 136.28
CA PRO PA 74 2.53 22.78 137.27
C PRO PA 74 2.53 23.94 138.26
N ASN PA 75 1.72 24.97 138.02
CA ASN PA 75 1.37 26.06 138.94
C ASN PA 75 2.58 26.80 139.55
N ALA PA 76 3.73 26.79 138.89
CA ALA PA 76 4.82 27.66 139.32
C ALA PA 76 4.66 29.03 138.69
N TYR PA 77 5.21 30.05 139.36
CA TYR PA 77 4.93 31.43 138.96
C TYR PA 77 5.60 31.79 137.64
N ASN PA 78 6.77 31.23 137.36
CA ASN PA 78 7.48 31.60 136.15
C ASN PA 78 6.90 30.99 134.89
N LEU PA 79 5.89 30.13 135.02
CA LEU PA 79 5.26 29.50 133.88
C LEU PA 79 3.96 30.18 133.49
N GLN PA 80 3.68 31.36 134.05
CA GLN PA 80 2.40 32.03 133.85
C GLN PA 80 2.48 33.20 132.88
N ALA PA 81 3.57 33.33 132.15
CA ALA PA 81 3.74 34.47 131.26
C ALA PA 81 2.87 34.33 130.02
N ARG PA 82 2.86 35.38 129.21
CA ARG PA 82 2.06 35.41 128.00
C ARG PA 82 2.97 35.50 126.79
N ALA PA 83 2.73 34.62 125.81
CA ALA PA 83 3.65 34.47 124.69
C ALA PA 83 2.91 34.45 123.36
N SER PA 84 3.65 34.11 122.30
CA SER PA 84 3.08 34.00 120.96
C SER PA 84 4.03 33.12 120.17
N VAL PA 85 3.60 31.92 119.79
CA VAL PA 85 4.53 30.98 119.22
C VAL PA 85 3.96 30.32 117.98
N ASP PA 86 4.87 29.85 117.14
CA ASP PA 86 4.51 29.19 115.89
C ASP PA 86 5.68 28.32 115.48
N TRP PA 87 5.45 27.02 115.44
CA TRP PA 87 6.48 26.04 115.13
C TRP PA 87 5.81 24.86 114.44
N SER PA 88 6.58 24.19 113.59
CA SER PA 88 6.09 22.96 112.98
C SER PA 88 7.30 22.07 112.72
N GLY PA 89 7.56 21.14 113.62
CA GLY PA 89 8.62 20.19 113.40
C GLY PA 89 9.17 19.58 114.67
N PRO PA 90 10.51 19.62 114.82
CA PRO PA 90 11.16 18.99 115.96
C PRO PA 90 10.80 19.69 117.27
N ILE PA 91 11.06 18.97 118.35
CA ILE PA 91 10.41 19.23 119.63
C ILE PA 91 11.46 19.64 120.66
N GLU PA 92 12.66 19.09 120.52
CA GLU PA 92 13.68 19.17 121.56
C GLU PA 92 14.17 20.59 121.78
N GLU PA 93 14.55 21.27 120.70
CA GLU PA 93 15.01 22.64 120.81
C GLU PA 93 13.87 23.58 121.18
N LEU PA 94 12.64 23.23 120.80
CA LEU PA 94 11.50 24.03 121.23
C LEU PA 94 11.31 23.96 122.74
N THR PA 95 11.42 22.77 123.31
CA THR PA 95 11.31 22.59 124.74
C THR PA 95 12.46 23.28 125.47
N ALA PA 96 13.66 23.20 124.90
CA ALA PA 96 14.81 23.89 125.49
C ALA PA 96 14.63 25.40 125.44
N ARG PA 97 14.02 25.91 124.36
CA ARG PA 97 13.71 27.33 124.26
C ARG PA 97 12.72 27.75 125.32
N ILE PA 98 11.70 26.91 125.56
CA ILE PA 98 10.71 27.21 126.59
C ILE PA 98 11.36 27.24 127.96
N ALA PA 99 12.23 26.26 128.22
CA ALA PA 99 12.93 26.20 129.51
C ALA PA 99 13.86 27.38 129.70
N LYS PA 100 14.54 27.79 128.63
CA LYS PA 100 15.42 28.95 128.68
C LYS PA 100 14.63 30.23 128.96
N ALA PA 101 13.45 30.35 128.34
CA ALA PA 101 12.60 31.50 128.62
C ALA PA 101 12.06 31.45 130.04
N ALA PA 102 11.83 30.26 130.57
CA ALA PA 102 11.30 30.12 131.92
C ALA PA 102 12.39 30.08 132.98
N HIS PA 103 13.66 30.21 132.58
CA HIS PA 103 14.82 30.14 133.47
C HIS PA 103 14.87 28.81 134.22
N PHE PA 104 14.54 27.74 133.52
CA PHE PA 104 14.55 26.41 134.10
C PHE PA 104 15.54 25.53 133.35
N ARG PA 105 16.18 24.63 134.09
CA ARG PA 105 17.10 23.71 133.45
C ARG PA 105 16.33 22.65 132.68
N PHE PA 106 17.03 22.04 131.73
CA PHE PA 106 16.43 21.13 130.76
C PHE PA 106 17.16 19.80 130.80
N ARG PA 107 16.41 18.70 130.72
CA ARG PA 107 17.03 17.39 130.71
C ARG PA 107 16.24 16.46 129.80
N VAL PA 108 16.96 15.51 129.19
CA VAL PA 108 16.35 14.47 128.36
C VAL PA 108 16.76 13.12 128.91
N LEU PA 109 15.88 12.14 128.78
CA LEU PA 109 16.10 10.79 129.28
C LEU PA 109 15.71 9.82 128.18
N GLY PA 110 16.71 9.27 127.50
CA GLY PA 110 16.49 8.27 126.48
C GLY PA 110 17.42 8.49 125.31
N LYS PA 111 17.18 7.71 124.25
CA LYS PA 111 17.96 7.79 123.03
C LYS PA 111 17.13 8.45 121.95
N SER PA 112 17.75 9.36 121.20
CA SER PA 112 17.03 10.13 120.19
C SER PA 112 16.59 9.24 119.03
N PRO PA 113 15.30 9.22 118.70
CA PRO PA 113 14.82 8.36 117.61
C PRO PA 113 15.28 8.85 116.24
N SER PA 114 15.47 7.90 115.33
CA SER PA 114 16.01 8.20 114.01
C SER PA 114 15.04 9.04 113.19
N VAL PA 115 13.79 8.59 113.08
CA VAL PA 115 12.76 9.44 112.49
C VAL PA 115 12.33 10.40 113.59
N PRO PA 116 12.44 11.70 113.38
CA PRO PA 116 12.18 12.64 114.47
C PRO PA 116 10.69 12.76 114.77
N VAL PA 117 10.39 12.98 116.05
CA VAL PA 117 9.03 13.27 116.47
C VAL PA 117 8.68 14.68 116.03
N LEU PA 118 7.60 14.83 115.28
CA LEU PA 118 7.26 16.10 114.65
C LEU PA 118 5.92 16.58 115.17
N ILE PA 119 5.91 17.81 115.65
CA ILE PA 119 4.69 18.45 116.11
C ILE PA 119 4.63 19.87 115.59
N SER PA 120 3.42 20.37 115.44
CA SER PA 120 3.17 21.75 115.03
C SER PA 120 2.28 22.40 116.06
N ILE PA 121 2.70 23.55 116.55
CA ILE PA 121 1.97 24.32 117.54
C ILE PA 121 1.97 25.77 117.11
N SER PA 122 0.79 26.38 117.02
CA SER PA 122 0.72 27.79 116.71
C SER PA 122 -0.37 28.43 117.54
N THR PA 123 -0.01 29.48 118.27
CA THR PA 123 -0.99 30.27 118.99
C THR PA 123 -0.49 31.70 119.16
N LYS PA 124 -1.43 32.58 119.44
CA LYS PA 124 -1.21 34.02 119.53
C LYS PA 124 -1.02 34.51 120.96
N ASP PA 125 -1.82 34.02 121.90
CA ASP PA 125 -1.71 34.47 123.28
C ASP PA 125 -2.11 33.33 124.21
N GLU PA 126 -1.11 32.64 124.74
CA GLU PA 126 -1.35 31.56 125.69
C GLU PA 126 -0.33 31.69 126.81
N SER PA 127 -0.28 30.68 127.66
CA SER PA 127 0.74 30.61 128.69
C SER PA 127 1.49 29.30 128.59
N LEU PA 128 2.62 29.27 129.29
CA LEU PA 128 3.60 28.21 129.12
C LEU PA 128 3.08 26.88 129.67
N ALA PA 129 2.17 26.93 130.64
CA ALA PA 129 1.63 25.70 131.20
C ALA PA 129 0.81 24.93 130.18
N GLU PA 130 -0.13 25.61 129.54
CA GLU PA 130 -0.93 24.94 128.51
C GLU PA 130 -0.13 24.71 127.25
N ILE PA 131 0.91 25.51 127.01
CA ILE PA 131 1.86 25.22 125.94
C ILE PA 131 2.49 23.86 126.16
N LEU PA 132 2.97 23.62 127.38
CA LEU PA 132 3.57 22.34 127.74
C LEU PA 132 2.56 21.22 127.69
N ARG PA 133 1.32 21.50 128.10
CA ARG PA 133 0.27 20.49 128.11
C ARG PA 133 -0.07 20.03 126.70
N ASP PA 134 -0.22 20.97 125.78
CA ASP PA 134 -0.52 20.62 124.40
C ASP PA 134 0.66 19.93 123.75
N ILE PA 135 1.88 20.31 124.11
CA ILE PA 135 3.06 19.64 123.60
C ILE PA 135 3.08 18.18 124.03
N ASP PA 136 2.76 17.93 125.29
CA ASP PA 136 2.77 16.56 125.79
C ASP PA 136 1.67 15.72 125.15
N TYR PA 137 0.48 16.29 124.99
CA TYR PA 137 -0.60 15.54 124.36
C TYR PA 137 -0.30 15.27 122.89
N GLN PA 138 0.25 16.25 122.19
CA GLN PA 138 0.58 16.05 120.79
C GLN PA 138 1.75 15.10 120.63
N ALA PA 139 2.61 15.00 121.62
CA ALA PA 139 3.63 13.94 121.62
C ALA PA 139 2.97 12.58 121.75
N GLY PA 140 2.03 12.44 122.68
CA GLY PA 140 1.26 11.23 122.71
C GLY PA 140 1.95 10.05 123.35
N LYS PA 141 2.43 9.11 122.54
CA LYS PA 141 2.94 7.86 123.06
C LYS PA 141 4.44 7.70 122.98
N LYS PA 142 5.11 8.46 122.11
CA LYS PA 142 6.54 8.29 121.95
C LYS PA 142 7.33 8.88 123.11
N ALA PA 143 6.82 9.94 123.73
CA ALA PA 143 7.57 10.62 124.77
C ALA PA 143 6.61 11.28 125.74
N SER PA 144 7.12 11.58 126.91
CA SER PA 144 6.36 12.27 127.94
C SER PA 144 7.22 13.39 128.52
N ILE PA 145 6.58 14.26 129.28
CA ILE PA 145 7.25 15.40 129.86
C ILE PA 145 7.00 15.40 131.36
N HIS PA 146 7.88 16.07 132.09
CA HIS PA 146 7.82 16.07 133.53
C HIS PA 146 8.35 17.38 134.07
N VAL PA 147 7.76 17.84 135.17
CA VAL PA 147 8.07 19.11 135.79
C VAL PA 147 8.59 18.85 137.19
N TYR PA 148 9.68 19.53 137.57
CA TYR PA 148 10.12 19.52 138.94
C TYR PA 148 10.31 20.95 139.40
N PRO PA 149 9.55 21.40 140.40
CA PRO PA 149 9.71 22.77 140.92
C PRO PA 149 10.56 22.83 142.16
N ASN PA 150 10.93 21.68 142.72
CA ASN PA 150 11.87 21.67 143.83
C ASN PA 150 13.26 22.07 143.36
N SER PA 151 13.81 21.32 142.41
CA SER PA 151 14.94 21.77 141.61
C SER PA 151 14.38 22.15 140.25
N GLN PA 152 14.60 23.40 139.85
CA GLN PA 152 13.81 24.05 138.81
C GLN PA 152 14.17 23.47 137.45
N VAL PA 153 13.53 22.35 137.12
CA VAL PA 153 13.96 21.59 135.95
C VAL PA 153 12.75 20.99 135.24
N VAL PA 154 12.90 20.77 133.94
CA VAL PA 154 11.92 20.05 133.14
C VAL PA 154 12.62 18.92 132.40
N GLU PA 155 11.93 17.79 132.31
CA GLU PA 155 12.52 16.54 131.87
C GLU PA 155 11.69 15.95 130.75
N LEU PA 156 12.35 15.60 129.65
CA LEU PA 156 11.70 14.96 128.51
C LEU PA 156 12.11 13.50 128.51
N ARG PA 157 11.18 12.62 128.83
CA ARG PA 157 11.46 11.19 128.88
C ARG PA 157 10.96 10.54 127.61
N TYR PA 158 11.71 9.56 127.11
CA TYR PA 158 11.35 8.85 125.90
C TYR PA 158 10.66 7.54 126.23
N ALA PA 159 10.21 6.86 125.18
CA ALA PA 159 9.79 5.47 125.29
C ALA PA 159 10.87 4.56 124.75
N LYS PA 160 10.66 3.26 124.91
CA LYS PA 160 11.61 2.28 124.39
C LYS PA 160 10.92 1.26 123.50
N LYS QA 24 47.47 84.86 -101.27
CA LYS QA 24 46.99 85.88 -100.36
C LYS QA 24 46.84 85.35 -98.94
N PHE QA 25 46.71 84.04 -98.82
CA PHE QA 25 46.47 83.39 -97.53
C PHE QA 25 47.43 82.23 -97.38
N LYS QA 26 48.53 82.44 -96.65
CA LYS QA 26 49.39 81.34 -96.25
C LYS QA 26 49.09 80.99 -94.80
N LYS QA 27 48.66 79.77 -94.56
CA LYS QA 27 48.26 79.38 -93.23
C LYS QA 27 49.48 79.04 -92.38
N PRO QA 28 49.35 79.13 -91.05
CA PRO QA 28 50.42 78.67 -90.17
C PRO QA 28 50.47 77.15 -90.17
N PRO QA 29 51.54 76.55 -89.63
CA PRO QA 29 51.54 75.11 -89.42
C PRO QA 29 50.43 74.68 -88.46
N ILE QA 30 49.82 73.54 -88.78
CA ILE QA 30 48.57 73.17 -88.13
C ILE QA 30 48.83 72.56 -86.76
N ASN QA 31 49.69 71.56 -86.69
CA ASN QA 31 50.10 71.03 -85.38
C ASN QA 31 51.43 71.63 -84.96
N ASN QA 32 51.50 72.94 -84.99
CA ASN QA 32 52.71 73.61 -84.59
C ASN QA 32 52.83 73.65 -83.08
N PRO QA 33 54.01 73.46 -82.54
CA PRO QA 33 54.21 73.71 -81.11
C PRO QA 33 54.18 75.20 -80.80
N SER QA 34 52.98 75.75 -80.67
CA SER QA 34 52.81 77.17 -80.39
C SER QA 34 52.68 77.48 -78.91
N ASP QA 35 52.97 76.51 -78.04
CA ASP QA 35 52.98 76.72 -76.61
C ASP QA 35 54.36 76.38 -76.09
N ASP QA 36 54.76 77.08 -75.02
CA ASP QA 36 56.10 76.98 -74.47
C ASP QA 36 56.41 75.57 -73.96
N ALA QA 37 55.46 74.95 -73.26
CA ALA QA 37 55.66 73.60 -72.78
C ALA QA 37 55.80 72.62 -73.94
N THR QA 38 55.00 72.83 -74.98
CA THR QA 38 55.11 72.01 -76.18
C THR QA 38 56.46 72.21 -76.85
N ILE QA 39 56.97 73.44 -76.82
CA ILE QA 39 58.26 73.76 -77.42
C ILE QA 39 59.38 73.01 -76.70
N LYS QA 40 59.35 73.09 -75.37
CA LYS QA 40 60.36 72.42 -74.56
C LYS QA 40 60.28 70.91 -74.71
N LEU QA 41 59.06 70.40 -74.78
CA LEU QA 41 58.84 68.97 -74.96
C LEU QA 41 59.37 68.48 -76.29
N ALA QA 42 59.10 69.24 -77.36
CA ALA QA 42 59.53 68.84 -78.70
C ALA QA 42 61.04 68.89 -78.84
N GLU QA 43 61.67 69.93 -78.30
CA GLU QA 43 63.12 69.99 -78.43
C GLU QA 43 63.80 68.95 -77.55
N ALA QA 44 63.18 68.60 -76.43
CA ALA QA 44 63.69 67.49 -75.63
C ALA QA 44 63.61 66.18 -76.41
N ALA QA 45 62.53 66.02 -77.17
CA ALA QA 45 62.38 64.83 -78.01
C ALA QA 45 63.47 64.78 -79.08
N VAL QA 46 63.77 65.92 -79.68
CA VAL QA 46 64.83 65.99 -80.69
C VAL QA 46 66.17 65.61 -80.08
N SER QA 47 66.44 66.14 -78.89
CA SER QA 47 67.70 65.87 -78.19
C SER QA 47 67.86 64.39 -77.87
N VAL QA 48 66.81 63.77 -77.33
CA VAL QA 48 66.94 62.38 -76.91
C VAL QA 48 67.00 61.46 -78.12
N SER QA 49 66.37 61.86 -79.24
CA SER QA 49 66.49 61.10 -80.47
C SER QA 49 67.93 61.11 -80.97
N ASP QA 50 68.57 62.28 -80.94
CA ASP QA 50 69.95 62.38 -81.38
C ASP QA 50 70.88 61.56 -80.50
N SER QA 51 70.64 61.59 -79.18
CA SER QA 51 71.48 60.85 -78.25
C SER QA 51 71.35 59.34 -78.48
N MET QA 52 70.12 58.86 -78.70
CA MET QA 52 69.93 57.45 -78.98
C MET QA 52 70.54 57.04 -80.32
N LEU QA 53 70.51 57.96 -81.29
CA LEU QA 53 71.13 57.70 -82.58
C LEU QA 53 72.63 57.47 -82.43
N GLU QA 54 73.28 58.30 -81.63
CA GLU QA 54 74.71 58.10 -81.41
C GLU QA 54 74.98 56.86 -80.58
N MET QA 55 74.05 56.52 -79.67
CA MET QA 55 74.18 55.29 -78.88
C MET QA 55 74.21 54.07 -79.78
N ALA QA 56 73.27 54.01 -80.74
CA ALA QA 56 73.23 52.89 -81.66
C ALA QA 56 74.41 52.91 -82.61
N LYS QA 57 74.89 54.11 -82.98
CA LYS QA 57 76.08 54.23 -83.82
C LYS QA 57 77.30 53.63 -83.14
N VAL QA 58 77.42 53.84 -81.84
CA VAL QA 58 78.52 53.21 -81.12
C VAL QA 58 78.32 51.71 -81.04
N GLU QA 59 77.10 51.28 -80.71
CA GLU QA 59 76.89 49.87 -80.40
C GLU QA 59 76.92 48.98 -81.63
N LYS QA 60 76.67 49.51 -82.82
CA LYS QA 60 76.57 48.68 -84.01
C LYS QA 60 77.93 48.13 -84.44
N VAL QA 61 77.97 46.83 -84.72
CA VAL QA 61 79.16 46.17 -85.24
C VAL QA 61 78.95 45.89 -86.72
N ILE QA 62 79.87 46.33 -87.56
CA ILE QA 62 79.82 46.08 -88.98
C ILE QA 62 81.06 45.30 -89.38
N THR QA 63 81.05 44.80 -90.61
CA THR QA 63 82.22 44.26 -91.25
C THR QA 63 82.26 44.83 -92.66
N PRO QA 64 83.43 45.26 -93.14
CA PRO QA 64 83.51 45.78 -94.49
C PRO QA 64 83.33 44.67 -95.51
N PRO QA 65 82.75 44.95 -96.67
CA PRO QA 65 82.46 43.90 -97.65
C PRO QA 65 83.66 43.44 -98.46
N SER QA 66 84.86 43.89 -98.12
CA SER QA 66 86.06 43.40 -98.79
C SER QA 66 86.32 41.95 -98.44
N LYS QA 67 86.09 41.57 -97.18
CA LYS QA 67 86.51 40.27 -96.70
C LYS QA 67 85.40 39.52 -95.95
N ASP QA 68 84.14 39.89 -96.17
CA ASP QA 68 83.05 39.14 -95.56
C ASP QA 68 82.88 37.79 -96.26
N ASN QA 69 82.57 36.76 -95.49
CA ASN QA 69 82.51 35.39 -95.99
C ASN QA 69 81.08 35.07 -96.42
N THR QA 70 80.80 35.33 -97.69
CA THR QA 70 79.53 34.95 -98.30
C THR QA 70 79.79 34.69 -99.77
N LEU QA 71 79.28 33.58 -100.28
CA LEU QA 71 79.45 33.26 -101.69
C LEU QA 71 78.73 34.28 -102.56
N THR QA 72 79.45 34.82 -103.53
CA THR QA 72 78.89 35.77 -104.47
C THR QA 72 78.26 35.05 -105.64
N ILE QA 73 77.76 35.83 -106.60
CA ILE QA 73 77.08 35.27 -107.76
C ILE QA 73 78.13 34.73 -108.74
N PRO QA 74 78.06 33.46 -109.12
CA PRO QA 74 79.04 32.89 -110.06
C PRO QA 74 78.72 33.13 -111.52
N ASN QA 75 77.58 33.77 -111.82
CA ASN QA 75 77.07 34.20 -113.13
C ASN QA 75 77.19 33.19 -114.26
N ALA QA 76 77.08 31.90 -113.96
CA ALA QA 76 76.96 30.90 -115.02
C ALA QA 76 75.59 31.03 -115.67
N TYR QA 77 75.56 30.83 -116.99
CA TYR QA 77 74.36 31.16 -117.76
C TYR QA 77 73.20 30.22 -117.45
N ASN QA 78 73.51 28.94 -117.23
CA ASN QA 78 72.47 27.99 -116.89
C ASN QA 78 71.97 28.16 -115.47
N LEU QA 79 72.64 28.97 -114.66
CA LEU QA 79 72.25 29.22 -113.29
C LEU QA 79 71.26 30.37 -113.16
N GLN QA 80 70.80 30.94 -114.27
CA GLN QA 80 69.99 32.14 -114.25
C GLN QA 80 68.52 31.88 -114.45
N ALA QA 81 68.08 30.63 -114.38
CA ALA QA 81 66.68 30.32 -114.60
C ALA QA 81 65.85 30.68 -113.37
N ARG QA 82 64.53 30.61 -113.54
CA ARG QA 82 63.59 30.92 -112.48
C ARG QA 82 62.87 29.65 -112.03
N ALA QA 83 62.53 29.61 -110.75
CA ALA QA 83 61.89 28.44 -110.17
C ALA QA 83 61.10 28.85 -108.94
N SER QA 84 60.60 27.86 -108.21
CA SER QA 84 59.95 28.06 -106.93
C SER QA 84 60.16 26.81 -106.09
N VAL QA 85 60.39 27.00 -104.79
CA VAL QA 85 60.65 25.89 -103.89
C VAL QA 85 60.01 26.12 -102.53
N ASP QA 86 59.85 25.03 -101.80
CA ASP QA 86 59.39 25.08 -100.41
C ASP QA 86 59.95 23.86 -99.70
N TRP QA 87 60.76 24.10 -98.66
CA TRP QA 87 61.49 23.02 -98.04
C TRP QA 87 61.87 23.41 -96.62
N SER QA 88 61.85 22.45 -95.73
CA SER QA 88 62.40 22.65 -94.38
C SER QA 88 62.95 21.31 -93.90
N GLY QA 89 64.27 21.16 -93.98
CA GLY QA 89 64.90 19.96 -93.49
C GLY QA 89 66.38 19.84 -93.78
N PRO QA 90 66.79 18.69 -94.29
CA PRO QA 90 68.19 18.47 -94.64
C PRO QA 90 68.63 19.34 -95.80
N ILE QA 91 69.95 19.31 -96.02
CA ILE QA 91 70.59 20.19 -96.98
C ILE QA 91 71.09 19.43 -98.20
N GLU QA 92 71.41 18.15 -98.05
CA GLU QA 92 72.01 17.39 -99.15
C GLU QA 92 71.02 17.15 -100.25
N GLU QA 93 69.78 16.79 -99.89
CA GLU QA 93 68.74 16.54 -100.87
C GLU QA 93 68.42 17.79 -101.67
N LEU QA 94 68.33 18.94 -101.01
CA LEU QA 94 68.00 20.18 -101.69
C LEU QA 94 69.13 20.59 -102.63
N THR QA 95 70.38 20.49 -102.17
CA THR QA 95 71.49 20.88 -103.03
C THR QA 95 71.65 19.95 -104.21
N ALA QA 96 71.45 18.64 -103.99
CA ALA QA 96 71.53 17.68 -105.08
C ALA QA 96 70.43 17.92 -106.09
N ARG QA 97 69.23 18.25 -105.63
CA ARG QA 97 68.13 18.53 -106.55
C ARG QA 97 68.39 19.81 -107.33
N ILE QA 98 68.99 20.81 -106.68
CA ILE QA 98 69.30 22.05 -107.36
C ILE QA 98 70.35 21.84 -108.44
N ALA QA 99 71.40 21.08 -108.13
CA ALA QA 99 72.42 20.78 -109.12
C ALA QA 99 71.88 19.92 -110.24
N LYS QA 100 70.96 19.01 -109.92
CA LYS QA 100 70.33 18.16 -110.93
C LYS QA 100 69.47 18.98 -111.87
N ALA QA 101 68.82 20.01 -111.33
CA ALA QA 101 68.08 20.93 -112.19
C ALA QA 101 69.03 21.78 -113.02
N ALA QA 102 70.20 22.09 -112.47
CA ALA QA 102 71.17 22.91 -113.19
C ALA QA 102 72.04 22.11 -114.15
N HIS QA 103 71.86 20.78 -114.21
CA HIS QA 103 72.72 19.86 -114.95
C HIS QA 103 74.17 20.00 -114.52
N PHE QA 104 74.39 20.10 -113.21
CA PHE QA 104 75.71 20.21 -112.62
C PHE QA 104 76.01 18.97 -111.80
N ARG QA 105 77.24 18.52 -111.83
CA ARG QA 105 77.59 17.43 -110.95
C ARG QA 105 77.82 17.97 -109.54
N PHE QA 106 77.45 17.16 -108.57
CA PHE QA 106 77.30 17.59 -107.19
C PHE QA 106 78.07 16.65 -106.29
N ARG QA 107 78.82 17.21 -105.35
CA ARG QA 107 79.69 16.38 -104.53
C ARG QA 107 79.81 16.99 -103.14
N VAL QA 108 80.29 16.16 -102.21
CA VAL QA 108 80.39 16.54 -100.81
C VAL QA 108 81.77 16.16 -100.31
N LEU QA 109 82.46 17.12 -99.71
CA LEU QA 109 83.69 16.88 -98.95
C LEU QA 109 83.38 17.05 -97.47
N GLY QA 110 83.83 16.10 -96.67
CA GLY QA 110 83.51 16.06 -95.26
C GLY QA 110 82.45 15.02 -94.98
N LYS QA 111 82.05 14.95 -93.71
CA LYS QA 111 81.01 14.04 -93.27
C LYS QA 111 79.86 14.82 -92.68
N SER QA 112 78.65 14.35 -92.95
CA SER QA 112 77.50 14.88 -92.24
C SER QA 112 77.58 14.42 -90.79
N PRO QA 113 77.32 15.30 -89.83
CA PRO QA 113 77.36 14.89 -88.43
C PRO QA 113 76.15 14.07 -88.04
N SER QA 114 76.07 13.72 -86.75
CA SER QA 114 74.93 12.96 -86.25
C SER QA 114 73.66 13.79 -86.31
N VAL QA 115 73.69 14.99 -85.77
CA VAL QA 115 72.55 15.90 -85.89
C VAL QA 115 72.63 16.58 -87.25
N PRO QA 116 71.54 16.59 -88.02
CA PRO QA 116 71.58 17.25 -89.32
C PRO QA 116 71.63 18.76 -89.18
N VAL QA 117 72.06 19.41 -90.25
CA VAL QA 117 72.05 20.86 -90.34
C VAL QA 117 70.79 21.26 -91.10
N LEU QA 118 69.94 22.05 -90.46
CA LEU QA 118 68.59 22.27 -90.97
C LEU QA 118 68.38 23.71 -91.41
N ILE QA 119 67.62 23.87 -92.50
CA ILE QA 119 67.34 25.16 -93.10
C ILE QA 119 65.88 25.16 -93.54
N SER QA 120 65.40 26.32 -93.99
CA SER QA 120 63.99 26.44 -94.35
C SER QA 120 63.82 27.55 -95.37
N ILE QA 121 63.43 27.19 -96.59
CA ILE QA 121 63.30 28.14 -97.69
C ILE QA 121 61.96 27.93 -98.37
N SER QA 122 61.18 29.00 -98.49
CA SER QA 122 59.96 28.98 -99.29
C SER QA 122 59.98 30.20 -100.19
N THR QA 123 60.24 30.00 -101.47
CA THR QA 123 60.40 31.09 -102.41
C THR QA 123 59.55 30.86 -103.63
N LYS QA 124 58.88 31.92 -104.10
CA LYS QA 124 57.97 31.86 -105.22
C LYS QA 124 58.63 32.17 -106.55
N ASP QA 125 59.52 33.16 -106.60
CA ASP QA 125 60.10 33.56 -107.87
C ASP QA 125 61.45 34.23 -107.61
N GLU QA 126 62.53 33.50 -107.90
CA GLU QA 126 63.88 34.04 -107.89
C GLU QA 126 64.75 33.12 -108.75
N SER QA 127 66.06 33.25 -108.61
CA SER QA 127 66.97 32.46 -109.40
C SER QA 127 67.94 31.66 -108.52
N LEU QA 128 68.59 30.71 -109.19
CA LEU QA 128 69.36 29.68 -108.52
C LEU QA 128 70.56 30.24 -107.78
N ALA QA 129 71.14 31.32 -108.30
CA ALA QA 129 72.33 31.89 -107.69
C ALA QA 129 72.03 32.48 -106.33
N GLU QA 130 70.99 33.33 -106.24
CA GLU QA 130 70.64 33.89 -104.95
C GLU QA 130 70.03 32.84 -104.04
N ILE QA 131 69.42 31.79 -104.61
CA ILE QA 131 68.98 30.66 -103.78
C ILE QA 131 70.17 30.00 -103.11
N LEU QA 132 71.24 29.76 -103.87
CA LEU QA 132 72.46 29.19 -103.31
C LEU QA 132 73.10 30.11 -102.29
N ARG QA 133 73.08 31.41 -102.57
CA ARG QA 133 73.66 32.41 -101.68
C ARG QA 133 72.93 32.43 -100.34
N ASP QA 134 71.61 32.36 -100.38
CA ASP QA 134 70.84 32.33 -99.15
C ASP QA 134 70.99 30.99 -98.42
N ILE QA 135 71.21 29.91 -99.17
CA ILE QA 135 71.46 28.60 -98.56
C ILE QA 135 72.75 28.66 -97.75
N ASP QA 136 73.79 29.26 -98.32
CA ASP QA 136 75.05 29.38 -97.59
C ASP QA 136 74.93 30.31 -96.40
N TYR QA 137 74.17 31.40 -96.57
CA TYR QA 137 74.02 32.36 -95.47
C TYR QA 137 73.26 31.76 -94.31
N GLN QA 138 72.28 30.90 -94.59
CA GLN QA 138 71.65 30.18 -93.51
C GLN QA 138 72.54 29.08 -92.97
N ALA QA 139 73.47 28.56 -93.77
CA ALA QA 139 74.34 27.50 -93.29
C ALA QA 139 75.33 28.03 -92.26
N GLY QA 140 75.98 29.14 -92.57
CA GLY QA 140 76.88 29.73 -91.60
C GLY QA 140 78.19 28.98 -91.42
N LYS QA 141 78.33 28.28 -90.30
CA LYS QA 141 79.63 27.80 -89.86
C LYS QA 141 79.87 26.30 -89.99
N LYS QA 142 78.81 25.49 -89.99
CA LYS QA 142 79.03 24.04 -90.00
C LYS QA 142 79.50 23.54 -91.35
N ALA QA 143 79.05 24.19 -92.42
CA ALA QA 143 79.49 23.82 -93.76
C ALA QA 143 79.35 25.03 -94.66
N SER QA 144 79.97 24.94 -95.83
CA SER QA 144 79.89 25.96 -96.85
C SER QA 144 79.74 25.30 -98.20
N ILE QA 145 79.52 26.11 -99.23
CA ILE QA 145 79.33 25.60 -100.58
C ILE QA 145 80.33 26.28 -101.49
N HIS QA 146 80.67 25.60 -102.58
CA HIS QA 146 81.57 26.17 -103.56
C HIS QA 146 81.14 25.78 -104.96
N VAL QA 147 81.34 26.71 -105.88
CA VAL QA 147 80.98 26.58 -107.28
C VAL QA 147 82.26 26.50 -108.11
N TYR QA 148 82.24 25.71 -109.18
CA TYR QA 148 83.25 25.82 -110.21
C TYR QA 148 82.53 25.76 -111.55
N PRO QA 149 82.65 26.81 -112.38
CA PRO QA 149 81.91 26.86 -113.64
C PRO QA 149 82.73 26.41 -114.84
N ASN QA 150 84.02 26.16 -114.65
CA ASN QA 150 84.82 25.59 -115.72
C ASN QA 150 84.39 24.15 -116.00
N SER QA 151 84.52 23.29 -115.00
CA SER QA 151 83.87 21.99 -114.98
C SER QA 151 82.71 22.11 -114.00
N GLN QA 152 81.50 21.83 -114.47
CA GLN QA 152 80.26 22.26 -113.82
C GLN QA 152 80.04 21.47 -112.54
N VAL QA 153 80.70 21.92 -111.46
CA VAL QA 153 80.66 21.15 -110.23
C VAL QA 153 80.32 22.06 -109.05
N VAL QA 154 79.54 21.52 -108.12
CA VAL QA 154 79.25 22.19 -106.84
C VAL QA 154 79.62 21.27 -105.70
N GLU QA 155 80.45 21.75 -104.79
CA GLU QA 155 80.95 20.94 -103.69
C GLU QA 155 80.50 21.53 -102.36
N LEU QA 156 80.01 20.65 -101.49
CA LEU QA 156 79.58 21.02 -100.15
C LEU QA 156 80.70 20.64 -99.19
N ARG QA 157 81.27 21.64 -98.54
CA ARG QA 157 82.46 21.47 -97.71
C ARG QA 157 82.05 21.55 -96.25
N TYR QA 158 82.13 20.44 -95.54
CA TYR QA 158 81.87 20.46 -94.11
C TYR QA 158 83.07 21.03 -93.36
N ALA QA 159 82.87 21.31 -92.08
CA ALA QA 159 83.95 21.63 -91.17
C ALA QA 159 83.98 20.62 -90.05
N LYS QA 160 85.18 20.38 -89.50
CA LYS QA 160 85.32 19.41 -88.42
C LYS QA 160 84.85 19.99 -87.10
N ILE RA 208 103.51 61.28 -90.81
CA ILE RA 208 103.18 62.57 -91.38
C ILE RA 208 102.06 62.39 -92.41
N ILE RA 209 101.39 63.48 -92.76
CA ILE RA 209 100.31 63.46 -93.74
C ILE RA 209 100.22 64.84 -94.36
N TYR RA 210 99.55 64.95 -95.50
CA TYR RA 210 99.33 66.22 -96.17
C TYR RA 210 97.88 66.30 -96.62
N TYR RA 211 97.45 67.50 -96.98
CA TYR RA 211 96.08 67.72 -97.42
C TYR RA 211 96.08 68.63 -98.64
N ILE RA 212 95.02 68.54 -99.42
CA ILE RA 212 94.92 69.33 -100.64
C ILE RA 212 94.39 70.71 -100.30
N GLN RA 213 95.12 71.74 -100.72
CA GLN RA 213 94.73 73.12 -100.48
C GLN RA 213 93.75 73.61 -101.54
N ALA RA 214 94.14 73.56 -102.80
CA ALA RA 214 93.28 73.97 -103.90
C ALA RA 214 93.56 73.09 -105.12
N VAL RA 215 92.58 72.99 -106.00
CA VAL RA 215 92.62 72.04 -107.11
C VAL RA 215 92.28 72.77 -108.40
N ILE RA 216 93.13 72.60 -109.41
CA ILE RA 216 92.85 73.10 -110.76
C ILE RA 216 92.99 71.91 -111.70
N PRO RA 217 92.39 71.97 -112.90
CA PRO RA 217 92.70 70.93 -113.89
C PRO RA 217 94.18 70.91 -114.27
N GLY RA 218 94.87 69.85 -113.85
CA GLY RA 218 96.27 69.68 -114.19
C GLY RA 218 97.23 69.89 -113.04
N ARG RA 219 96.99 70.94 -112.24
CA ARG RA 219 97.90 71.32 -111.17
C ARG RA 219 97.16 71.30 -109.85
N ALA RA 220 97.92 71.29 -108.76
CA ALA RA 220 97.29 71.30 -107.45
C ALA RA 220 98.23 71.94 -106.43
N TRP RA 221 97.62 72.56 -105.44
CA TRP RA 221 98.30 73.04 -104.26
C TRP RA 221 97.97 72.10 -103.10
N LEU RA 222 98.99 71.62 -102.42
CA LEU RA 222 98.86 70.68 -101.32
C LEU RA 222 99.46 71.31 -100.08
N ILE RA 223 98.87 71.03 -98.92
CA ILE RA 223 99.36 71.58 -97.66
C ILE RA 223 99.59 70.44 -96.67
N GLY RA 224 100.78 70.40 -96.08
CA GLY RA 224 101.14 69.31 -95.18
C GLY RA 224 100.70 69.56 -93.75
N SER RA 225 100.71 68.48 -92.96
CA SER RA 225 100.36 68.57 -91.55
C SER RA 225 101.44 69.23 -90.71
N ASN RA 226 102.69 69.19 -91.18
CA ASN RA 226 103.76 69.90 -90.48
C ASN RA 226 103.65 71.41 -90.65
N GLY RA 227 102.93 71.87 -91.65
CA GLY RA 227 102.89 73.26 -92.00
C GLY RA 227 103.57 73.61 -93.31
N SER RA 228 103.78 72.64 -94.19
CA SER RA 228 104.48 72.86 -95.44
C SER RA 228 103.49 72.98 -96.59
N THR RA 229 103.93 73.68 -97.64
CA THR RA 229 103.17 73.85 -98.86
C THR RA 229 103.92 73.18 -99.99
N LEU RA 230 103.17 72.51 -100.87
CA LEU RA 230 103.75 71.79 -102.00
C LEU RA 230 102.92 72.05 -103.24
N THR RA 231 103.59 72.07 -104.38
CA THR RA 231 102.94 72.22 -105.68
C THR RA 231 103.09 70.90 -106.42
N VAL RA 232 101.97 70.37 -106.91
CA VAL RA 232 101.95 69.02 -107.47
C VAL RA 232 101.33 69.06 -108.86
N ARG RA 233 102.05 68.52 -109.84
CA ARG RA 233 101.63 68.38 -111.22
C ARG RA 233 100.85 67.08 -111.39
N GLU RA 234 100.32 66.87 -112.60
CA GLU RA 234 99.66 65.61 -112.92
C GLU RA 234 100.65 64.45 -112.85
N GLY RA 235 101.84 64.64 -113.40
CA GLY RA 235 102.91 63.72 -113.13
C GLY RA 235 103.94 64.38 -112.26
N SER RA 236 103.98 64.02 -110.98
CA SER RA 236 104.90 64.64 -110.05
C SER RA 236 105.15 63.68 -108.89
N LYS RA 237 106.23 63.94 -108.17
CA LYS RA 237 106.70 63.04 -107.13
C LYS RA 237 106.33 63.59 -105.76
N ILE RA 238 105.70 62.74 -104.95
CA ILE RA 238 105.38 63.09 -103.57
C ILE RA 238 106.04 62.05 -102.67
N PRO RA 239 106.69 62.45 -101.58
CA PRO RA 239 107.32 61.47 -100.69
C PRO RA 239 106.31 60.58 -99.98
N GLY RA 240 106.64 59.30 -99.92
CA GLY RA 240 105.79 58.30 -99.31
C GLY RA 240 104.75 57.72 -100.23
N TYR RA 241 104.49 58.35 -101.37
CA TYR RA 241 103.48 57.89 -102.30
C TYR RA 241 103.94 57.85 -103.75
N GLY RA 242 105.16 58.28 -104.05
CA GLY RA 242 105.68 58.17 -105.39
C GLY RA 242 105.07 59.15 -106.36
N MET RA 243 104.65 58.63 -107.52
CA MET RA 243 104.08 59.46 -108.57
C MET RA 243 102.57 59.52 -108.39
N VAL RA 244 102.00 60.69 -108.64
CA VAL RA 244 100.54 60.81 -108.69
C VAL RA 244 100.06 60.28 -110.03
N LYS RA 245 99.14 59.32 -110.00
CA LYS RA 245 98.67 58.75 -111.25
C LYS RA 245 97.57 59.57 -111.89
N LEU RA 246 96.72 60.21 -111.10
CA LEU RA 246 95.59 60.92 -111.67
C LEU RA 246 95.12 62.01 -110.71
N ILE RA 247 94.79 63.17 -111.27
CA ILE RA 247 94.26 64.30 -110.52
C ILE RA 247 92.83 64.53 -110.96
N ASP RA 248 91.91 64.50 -110.01
CA ASP RA 248 90.50 64.78 -110.26
C ASP RA 248 90.22 66.24 -110.01
N SER RA 249 89.57 66.91 -110.96
CA SER RA 249 89.24 68.31 -110.80
C SER RA 249 87.83 68.52 -110.28
N LEU RA 250 86.93 67.55 -110.52
CA LEU RA 250 85.60 67.64 -109.96
C LEU RA 250 85.63 67.50 -108.44
N GLN RA 251 86.33 66.49 -107.95
CA GLN RA 251 86.42 66.24 -106.52
C GLN RA 251 87.89 66.16 -106.13
N GLY RA 252 88.14 66.39 -104.84
CA GLY RA 252 89.50 66.39 -104.35
C GLY RA 252 90.06 64.99 -104.16
N ARG RA 253 90.26 64.28 -105.26
CA ARG RA 253 90.73 62.91 -105.22
C ARG RA 253 92.15 62.88 -105.77
N ILE RA 254 93.12 62.82 -104.85
CA ILE RA 254 94.53 62.79 -105.23
C ILE RA 254 94.99 61.35 -105.16
N LEU RA 255 94.92 60.64 -106.27
CA LEU RA 255 95.28 59.24 -106.33
C LEU RA 255 96.67 59.09 -106.93
N THR RA 256 97.47 58.21 -106.33
CA THR RA 256 98.89 58.14 -106.60
C THR RA 256 99.30 56.67 -106.63
N SER RA 257 100.61 56.44 -106.70
CA SER RA 257 101.14 55.09 -106.76
C SER RA 257 101.01 54.35 -105.43
N SER RA 258 100.81 55.07 -104.34
CA SER RA 258 100.55 54.40 -103.07
C SER RA 258 99.15 53.82 -103.01
N GLY RA 259 98.23 54.31 -103.84
CA GLY RA 259 96.90 53.76 -103.91
C GLY RA 259 95.92 54.34 -102.93
N GLN RA 260 96.36 55.17 -102.00
CA GLN RA 260 95.45 55.86 -101.11
C GLN RA 260 95.08 57.20 -101.74
N VAL RA 261 94.35 58.03 -101.02
CA VAL RA 261 93.87 59.28 -101.57
C VAL RA 261 94.12 60.39 -100.54
N ILE RA 262 94.13 61.63 -101.04
CA ILE RA 262 94.33 62.82 -100.21
C ILE RA 262 93.09 63.68 -100.33
N LYS RA 263 92.57 64.13 -99.19
CA LYS RA 263 91.27 64.78 -99.12
C LYS RA 263 91.40 66.13 -98.42
N PHE RA 264 90.41 66.99 -98.64
CA PHE RA 264 90.34 68.26 -97.94
C PHE RA 264 90.11 68.05 -96.45
N SER RA 265 90.62 68.98 -95.66
CA SER RA 265 90.34 69.01 -94.23
C SER RA 265 88.91 69.49 -94.04
N GLN RA 266 87.99 68.57 -93.85
CA GLN RA 266 86.57 68.90 -93.68
C GLN RA 266 86.30 69.65 -92.37
N MET SA 23 28.97 66.14 -117.37
CA MET SA 23 30.26 66.30 -116.71
C MET SA 23 30.42 65.26 -115.61
N LYS SA 24 29.67 64.18 -115.71
CA LYS SA 24 29.63 63.18 -114.65
C LYS SA 24 30.87 62.30 -114.69
N PHE SA 25 31.01 61.48 -113.66
CA PHE SA 25 32.18 60.64 -113.49
C PHE SA 25 31.75 59.21 -113.20
N LYS SA 26 32.47 58.25 -113.77
CA LYS SA 26 32.12 56.86 -113.62
C LYS SA 26 33.38 56.02 -113.54
N LYS SA 27 33.18 54.74 -113.31
CA LYS SA 27 34.16 53.68 -113.47
C LYS SA 27 33.50 52.65 -114.36
N PRO SA 28 34.27 51.80 -115.05
CA PRO SA 28 33.67 50.88 -116.02
C PRO SA 28 32.71 49.86 -115.42
N PRO SA 29 33.11 48.97 -114.46
CA PRO SA 29 32.19 47.87 -114.17
C PRO SA 29 31.06 48.27 -113.26
N ILE SA 30 29.87 48.44 -113.82
CA ILE SA 30 28.68 48.87 -113.08
C ILE SA 30 27.64 47.78 -113.29
N ASN SA 31 27.59 46.82 -112.37
CA ASN SA 31 26.71 45.67 -112.55
C ASN SA 31 25.76 45.54 -111.37
N ASN SA 32 25.02 44.44 -111.37
CA ASN SA 32 24.00 44.19 -110.37
C ASN SA 32 24.66 43.90 -109.02
N PRO SA 33 23.97 44.18 -107.91
CA PRO SA 33 24.57 43.97 -106.59
C PRO SA 33 24.74 42.49 -106.25
N SER SA 34 25.53 42.26 -105.22
CA SER SA 34 25.94 40.93 -104.80
C SER SA 34 25.43 40.64 -103.39
N ASP SA 35 25.90 39.54 -102.83
CA ASP SA 35 25.59 39.16 -101.47
C ASP SA 35 26.87 38.76 -100.75
N ASP SA 36 26.96 39.14 -99.47
CA ASP SA 36 28.16 38.91 -98.68
C ASP SA 36 28.46 37.42 -98.52
N ALA SA 37 27.43 36.58 -98.47
CA ALA SA 37 27.66 35.15 -98.34
C ALA SA 37 28.32 34.58 -99.59
N THR SA 38 27.84 34.99 -100.76
CA THR SA 38 28.49 34.59 -102.01
C THR SA 38 29.90 35.13 -102.09
N ILE SA 39 30.09 36.35 -101.58
CA ILE SA 39 31.40 36.99 -101.56
C ILE SA 39 32.37 36.16 -100.73
N LYS SA 40 31.92 35.73 -99.55
CA LYS SA 40 32.79 34.95 -98.68
C LYS SA 40 33.02 33.55 -99.23
N LEU SA 41 32.03 33.01 -99.95
CA LEU SA 41 32.19 31.74 -100.64
C LEU SA 41 33.32 31.80 -101.65
N ALA SA 42 33.29 32.85 -102.50
CA ALA SA 42 34.32 33.01 -103.51
C ALA SA 42 35.67 33.31 -102.88
N GLU SA 43 35.67 34.06 -101.79
CA GLU SA 43 36.94 34.41 -101.15
C GLU SA 43 37.55 33.21 -100.44
N ALA SA 44 36.74 32.20 -100.09
CA ALA SA 44 37.33 30.94 -99.69
C ALA SA 44 37.86 30.18 -100.89
N ALA SA 45 37.08 30.20 -101.98
CA ALA SA 45 37.36 29.37 -103.14
C ALA SA 45 38.67 29.74 -103.82
N VAL SA 46 39.01 31.04 -103.81
CA VAL SA 46 40.26 31.45 -104.46
C VAL SA 46 41.46 30.88 -103.72
N SER SA 47 41.41 30.84 -102.39
CA SER SA 47 42.51 30.29 -101.61
C SER SA 47 42.64 28.79 -101.84
N VAL SA 48 41.50 28.11 -101.91
CA VAL SA 48 41.51 26.67 -102.17
C VAL SA 48 42.09 26.38 -103.55
N SER SA 49 41.73 27.20 -104.54
CA SER SA 49 42.24 27.02 -105.89
C SER SA 49 43.74 27.26 -105.95
N ASP SA 50 44.22 28.24 -105.19
CA ASP SA 50 45.66 28.49 -105.14
C ASP SA 50 46.42 27.31 -104.55
N SER SA 51 45.89 26.73 -103.46
CA SER SA 51 46.58 25.59 -102.85
C SER SA 51 46.57 24.38 -103.77
N MET SA 52 45.46 24.16 -104.48
CA MET SA 52 45.38 23.03 -105.39
C MET SA 52 46.31 23.22 -106.58
N LEU SA 53 46.46 24.46 -107.06
CA LEU SA 53 47.38 24.73 -108.15
C LEU SA 53 48.82 24.46 -107.72
N GLU SA 54 49.16 24.86 -106.50
CA GLU SA 54 50.50 24.59 -105.97
C GLU SA 54 50.78 23.10 -105.87
N MET SA 55 49.78 22.35 -105.38
CA MET SA 55 49.92 20.90 -105.25
C MET SA 55 50.10 20.24 -106.61
N ALA SA 56 49.33 20.68 -107.60
CA ALA SA 56 49.41 20.08 -108.92
C ALA SA 56 50.75 20.38 -109.59
N LYS SA 57 51.27 21.60 -109.41
CA LYS SA 57 52.58 21.95 -109.97
C LYS SA 57 53.68 21.10 -109.33
N VAL SA 58 53.62 20.93 -108.01
CA VAL SA 58 54.63 20.15 -107.31
C VAL SA 58 54.59 18.70 -107.75
N GLU SA 59 53.38 18.13 -107.85
CA GLU SA 59 53.26 16.73 -108.22
C GLU SA 59 53.69 16.50 -109.67
N LYS SA 60 53.39 17.45 -110.55
CA LYS SA 60 53.83 17.34 -111.94
C LYS SA 60 55.35 17.38 -112.04
N VAL SA 61 55.99 18.29 -111.33
CA VAL SA 61 57.44 18.38 -111.49
C VAL SA 61 58.17 17.30 -110.73
N ILE SA 62 57.52 16.62 -109.77
CA ILE SA 62 58.21 15.51 -109.12
C ILE SA 62 57.94 14.18 -109.79
N THR SA 63 56.82 14.03 -110.48
CA THR SA 63 56.53 12.76 -111.13
C THR SA 63 56.69 12.92 -112.63
N PRO SA 64 57.60 12.20 -113.26
CA PRO SA 64 57.78 12.31 -114.70
C PRO SA 64 56.67 11.57 -115.42
N PRO SA 65 55.87 12.26 -116.23
CA PRO SA 65 54.91 11.55 -117.07
C PRO SA 65 55.63 10.77 -118.16
N SER SA 66 55.04 9.64 -118.53
CA SER SA 66 55.68 8.73 -119.47
C SER SA 66 54.92 8.64 -120.79
N LYS SA 67 53.64 8.28 -120.76
CA LYS SA 67 52.94 8.00 -121.99
C LYS SA 67 51.63 8.75 -122.08
N ASP SA 68 50.81 8.40 -123.07
CA ASP SA 68 49.58 9.11 -123.35
C ASP SA 68 48.51 8.10 -123.73
N ASN SA 69 47.25 8.48 -123.49
CA ASN SA 69 46.15 7.59 -123.77
C ASN SA 69 45.72 7.60 -125.22
N THR SA 70 46.32 8.45 -126.05
CA THR SA 70 45.85 8.59 -127.42
C THR SA 70 46.26 7.39 -128.27
N LEU SA 71 47.35 6.71 -127.92
CA LEU SA 71 47.68 5.49 -128.64
C LEU SA 71 46.73 4.37 -128.26
N THR SA 72 46.15 4.43 -127.07
CA THR SA 72 45.10 3.49 -126.71
C THR SA 72 43.77 3.87 -127.38
N ILE SA 73 43.49 5.16 -127.49
CA ILE SA 73 42.24 5.65 -128.03
C ILE SA 73 42.54 6.52 -129.25
N PRO SA 74 42.62 5.94 -130.44
CA PRO SA 74 42.71 6.76 -131.64
C PRO SA 74 41.35 7.28 -132.03
N ASN SA 75 41.34 8.41 -132.73
CA ASN SA 75 40.10 8.96 -133.25
C ASN SA 75 39.89 8.49 -134.67
N ALA SA 76 38.73 7.92 -134.94
CA ALA SA 76 38.38 7.46 -136.26
C ALA SA 76 37.22 8.29 -136.78
N TYR SA 77 36.71 7.91 -137.95
CA TYR SA 77 35.60 8.65 -138.51
C TYR SA 77 34.32 8.36 -137.73
N ASN SA 78 33.27 9.11 -138.07
CA ASN SA 78 31.99 9.25 -137.40
C ASN SA 78 32.13 9.34 -135.89
N LEU SA 79 33.16 10.06 -135.46
CA LEU SA 79 33.43 10.31 -134.05
C LEU SA 79 33.62 11.79 -133.81
N GLN SA 80 33.42 12.62 -134.83
CA GLN SA 80 33.62 14.05 -134.68
C GLN SA 80 32.32 14.81 -134.49
N ALA SA 81 31.19 14.11 -134.40
CA ALA SA 81 29.95 14.77 -134.02
C ALA SA 81 30.06 15.24 -132.58
N ARG SA 82 29.66 16.47 -132.33
CA ARG SA 82 30.05 17.04 -131.06
C ARG SA 82 28.96 16.88 -130.02
N ALA SA 83 29.28 17.27 -128.80
CA ALA SA 83 28.36 17.08 -127.69
C ALA SA 83 28.62 18.15 -126.63
N SER SA 84 27.56 18.50 -125.92
CA SER SA 84 27.66 19.30 -124.72
C SER SA 84 26.83 18.64 -123.63
N VAL SA 85 27.41 18.48 -122.45
CA VAL SA 85 26.88 17.54 -121.49
C VAL SA 85 26.83 18.17 -120.10
N ASP SA 86 26.02 17.57 -119.23
CA ASP SA 86 26.06 17.85 -117.80
C ASP SA 86 25.59 16.62 -117.06
N TRP SA 87 26.52 15.88 -116.47
CA TRP SA 87 26.22 14.59 -115.87
C TRP SA 87 26.90 14.46 -114.52
N SER SA 88 26.18 13.92 -113.54
CA SER SA 88 26.73 13.76 -112.20
C SER SA 88 26.32 12.44 -111.56
N GLY SA 89 26.40 11.35 -112.30
CA GLY SA 89 25.94 10.09 -111.77
C GLY SA 89 26.90 8.92 -111.99
N PRO SA 90 26.34 7.74 -112.18
CA PRO SA 90 27.18 6.58 -112.51
C PRO SA 90 27.67 6.61 -113.95
N ILE SA 91 28.35 5.55 -114.38
CA ILE SA 91 29.20 5.61 -115.55
C ILE SA 91 28.64 4.82 -116.73
N GLU SA 92 28.13 3.60 -116.46
CA GLU SA 92 27.98 2.59 -117.50
C GLU SA 92 26.91 2.97 -118.52
N GLU SA 93 25.75 3.40 -118.04
CA GLU SA 93 24.70 3.76 -118.96
C GLU SA 93 25.02 5.04 -119.72
N LEU SA 94 25.85 5.91 -119.14
CA LEU SA 94 26.29 7.09 -119.87
C LEU SA 94 27.20 6.71 -121.04
N THR SA 95 28.11 5.77 -120.80
CA THR SA 95 28.93 5.26 -121.90
C THR SA 95 28.09 4.52 -122.93
N ALA SA 96 27.04 3.83 -122.49
CA ALA SA 96 26.15 3.17 -123.41
C ALA SA 96 25.42 4.17 -124.30
N ARG SA 97 24.99 5.29 -123.71
CA ARG SA 97 24.32 6.33 -124.48
C ARG SA 97 25.24 6.94 -125.52
N ILE SA 98 26.49 7.21 -125.14
CA ILE SA 98 27.37 7.86 -126.10
C ILE SA 98 27.81 6.88 -127.19
N ALA SA 99 27.92 5.58 -126.88
CA ALA SA 99 28.20 4.61 -127.92
C ALA SA 99 27.01 4.44 -128.87
N LYS SA 100 25.79 4.52 -128.33
CA LYS SA 100 24.59 4.44 -129.16
C LYS SA 100 24.51 5.62 -130.10
N ALA SA 101 24.93 6.80 -129.65
CA ALA SA 101 25.08 7.92 -130.57
C ALA SA 101 26.17 7.66 -131.60
N ALA SA 102 27.21 6.92 -131.22
CA ALA SA 102 28.28 6.63 -132.16
C ALA SA 102 27.96 5.55 -133.16
N HIS SA 103 26.83 4.84 -132.99
CA HIS SA 103 26.48 3.63 -133.75
C HIS SA 103 27.53 2.54 -133.55
N PHE SA 104 28.08 2.45 -132.36
CA PHE SA 104 29.12 1.48 -132.08
C PHE SA 104 28.58 0.42 -131.13
N ARG SA 105 29.06 -0.79 -131.32
CA ARG SA 105 28.71 -1.87 -130.40
C ARG SA 105 29.41 -1.64 -129.08
N PHE SA 106 28.72 -1.94 -127.99
CA PHE SA 106 29.19 -1.65 -126.65
C PHE SA 106 29.49 -2.95 -125.92
N ARG SA 107 30.51 -2.93 -125.07
CA ARG SA 107 30.92 -4.14 -124.39
C ARG SA 107 31.52 -3.80 -123.04
N VAL SA 108 31.22 -4.64 -122.05
CA VAL SA 108 31.72 -4.49 -120.69
C VAL SA 108 32.41 -5.76 -120.28
N LEU SA 109 33.52 -5.62 -119.55
CA LEU SA 109 34.27 -6.76 -119.07
C LEU SA 109 34.46 -6.60 -117.56
N GLY SA 110 34.81 -7.71 -116.93
CA GLY SA 110 34.98 -7.68 -115.50
C GLY SA 110 33.65 -7.56 -114.79
N LYS SA 111 33.72 -7.17 -113.53
CA LYS SA 111 32.52 -7.04 -112.72
C LYS SA 111 32.49 -5.68 -112.05
N SER SA 112 31.31 -5.06 -112.07
CA SER SA 112 31.12 -3.81 -111.37
C SER SA 112 31.19 -4.04 -109.86
N PRO SA 113 31.88 -3.18 -109.13
CA PRO SA 113 32.02 -3.39 -107.69
C PRO SA 113 30.76 -3.05 -106.92
N SER SA 114 30.83 -3.22 -105.59
CA SER SA 114 29.67 -2.93 -104.75
C SER SA 114 29.40 -1.44 -104.70
N VAL SA 115 30.39 -0.66 -104.28
CA VAL SA 115 30.28 0.79 -104.34
C VAL SA 115 30.38 1.23 -105.80
N PRO SA 116 29.42 1.97 -106.31
CA PRO SA 116 29.46 2.36 -107.72
C PRO SA 116 30.51 3.42 -107.96
N VAL SA 117 30.93 3.52 -109.21
CA VAL SA 117 31.87 4.56 -109.63
C VAL SA 117 31.09 5.81 -109.95
N LEU SA 118 31.55 6.95 -109.43
CA LEU SA 118 30.85 8.22 -109.59
C LEU SA 118 31.58 9.09 -110.59
N ILE SA 119 30.83 9.58 -111.58
CA ILE SA 119 31.37 10.42 -112.64
C ILE SA 119 30.65 11.75 -112.62
N SER SA 120 31.41 12.83 -112.61
CA SER SA 120 30.85 14.18 -112.65
C SER SA 120 31.56 14.97 -113.74
N ILE SA 121 30.86 15.24 -114.84
CA ILE SA 121 31.45 15.90 -115.99
C ILE SA 121 30.57 17.07 -116.39
N SER SA 122 31.17 18.25 -116.49
CA SER SA 122 30.46 19.47 -116.87
C SER SA 122 31.31 20.25 -117.86
N THR SA 123 31.10 20.00 -119.14
CA THR SA 123 31.86 20.67 -120.18
C THR SA 123 30.97 20.90 -121.38
N LYS SA 124 31.53 21.49 -122.43
CA LYS SA 124 30.71 21.95 -123.53
C LYS SA 124 31.48 21.98 -124.84
N ASP SA 125 30.92 21.31 -125.85
CA ASP SA 125 31.30 21.43 -127.26
C ASP SA 125 32.76 21.04 -127.52
N GLU SA 126 33.02 19.73 -127.41
CA GLU SA 126 34.27 19.19 -127.89
C GLU SA 126 33.97 17.85 -128.55
N SER SA 127 35.02 17.05 -128.75
CA SER SA 127 34.93 15.82 -129.52
C SER SA 127 34.51 14.66 -128.65
N LEU SA 128 34.01 13.62 -129.31
CA LEU SA 128 33.75 12.36 -128.64
C LEU SA 128 35.03 11.74 -128.11
N ALA SA 129 36.11 11.81 -128.90
CA ALA SA 129 37.37 11.22 -128.49
C ALA SA 129 37.95 11.94 -127.29
N GLU SA 130 37.90 13.27 -127.30
CA GLU SA 130 38.40 14.03 -126.16
C GLU SA 130 37.51 13.84 -124.94
N ILE SA 131 36.20 13.71 -125.14
CA ILE SA 131 35.28 13.45 -124.03
C ILE SA 131 35.58 12.10 -123.41
N LEU SA 132 35.82 11.09 -124.25
CA LEU SA 132 36.15 9.76 -123.76
C LEU SA 132 37.48 9.75 -123.04
N ARG SA 133 38.45 10.53 -123.53
CA ARG SA 133 39.73 10.64 -122.84
C ARG SA 133 39.57 11.33 -121.49
N ASP SA 134 38.69 12.32 -121.42
CA ASP SA 134 38.39 12.98 -120.15
C ASP SA 134 37.72 12.01 -119.19
N ILE SA 135 36.85 11.15 -119.72
CA ILE SA 135 36.19 10.14 -118.91
C ILE SA 135 37.21 9.17 -118.34
N ASP SA 136 38.15 8.75 -119.18
CA ASP SA 136 39.18 7.82 -118.74
C ASP SA 136 40.09 8.46 -117.69
N TYR SA 137 40.40 9.75 -117.86
CA TYR SA 137 41.24 10.43 -116.90
C TYR SA 137 40.52 10.66 -115.58
N GLN SA 138 39.21 10.94 -115.63
CA GLN SA 138 38.45 11.05 -114.39
C GLN SA 138 38.30 9.69 -113.72
N ALA SA 139 38.23 8.63 -114.51
CA ALA SA 139 38.15 7.29 -113.95
C ALA SA 139 39.43 6.93 -113.20
N GLY SA 140 40.58 7.09 -113.85
CA GLY SA 140 41.83 6.91 -113.17
C GLY SA 140 42.15 5.49 -112.75
N LYS SA 141 42.05 5.21 -111.46
CA LYS SA 141 42.54 3.96 -110.89
C LYS SA 141 41.48 2.88 -110.78
N LYS SA 142 40.29 3.09 -111.31
CA LYS SA 142 39.23 2.12 -111.11
C LYS SA 142 38.69 1.53 -112.40
N ALA SA 143 38.51 2.34 -113.43
CA ALA SA 143 37.91 1.88 -114.67
C ALA SA 143 38.75 2.37 -115.83
N SER SA 144 38.57 1.72 -116.99
CA SER SA 144 39.34 2.11 -118.16
C SER SA 144 38.51 1.87 -119.41
N ILE SA 145 38.77 2.69 -120.43
CA ILE SA 145 38.05 2.68 -121.69
C ILE SA 145 39.04 2.36 -122.80
N HIS SA 146 38.69 1.39 -123.64
CA HIS SA 146 39.48 1.07 -124.82
C HIS SA 146 38.59 1.08 -126.04
N VAL SA 147 39.18 1.31 -127.19
CA VAL SA 147 38.44 1.52 -128.43
C VAL SA 147 38.98 0.57 -129.48
N TYR SA 148 38.10 -0.21 -130.09
CA TYR SA 148 38.53 -1.00 -131.23
C TYR SA 148 37.89 -0.44 -132.49
N PRO SA 149 38.66 0.25 -133.34
CA PRO SA 149 38.08 0.91 -134.50
C PRO SA 149 37.81 -0.03 -135.67
N ASN SA 150 38.51 -1.16 -135.76
CA ASN SA 150 38.27 -2.09 -136.85
C ASN SA 150 36.93 -2.78 -136.72
N SER SA 151 36.39 -2.87 -135.52
CA SER SA 151 35.09 -3.50 -135.32
C SER SA 151 34.10 -2.60 -134.61
N GLN SA 152 34.45 -1.33 -134.36
CA GLN SA 152 33.57 -0.31 -133.79
C GLN SA 152 33.05 -0.71 -132.42
N VAL SA 153 34.00 -1.00 -131.53
CA VAL SA 153 33.72 -1.58 -130.23
C VAL SA 153 34.14 -0.61 -129.14
N VAL SA 154 33.24 -0.34 -128.21
CA VAL SA 154 33.53 0.45 -127.04
C VAL SA 154 33.73 -0.51 -125.87
N GLU SA 155 34.96 -0.64 -125.41
CA GLU SA 155 35.29 -1.61 -124.38
C GLU SA 155 35.42 -0.89 -123.05
N LEU SA 156 34.65 -1.32 -122.07
CA LEU SA 156 34.81 -0.89 -120.70
C LEU SA 156 35.44 -2.03 -119.92
N ARG SA 157 36.46 -1.72 -119.12
CA ARG SA 157 37.09 -2.73 -118.29
C ARG SA 157 37.30 -2.17 -116.89
N TYR SA 158 36.88 -2.93 -115.89
CA TYR SA 158 37.03 -2.51 -114.51
C TYR SA 158 38.44 -2.83 -114.02
N ALA SA 159 38.68 -2.57 -112.74
CA ALA SA 159 39.92 -2.99 -112.13
C ALA SA 159 39.85 -4.45 -111.71
N LYS SA 160 41.02 -5.10 -111.68
CA LYS SA 160 41.17 -6.44 -111.12
C LYS SA 160 41.54 -6.27 -109.65
N ILE SA 161 40.53 -5.95 -108.84
CA ILE SA 161 40.67 -5.80 -107.40
C ILE SA 161 39.28 -5.98 -106.83
N TYR SA 162 39.20 -6.26 -105.53
CA TYR SA 162 37.98 -6.62 -104.77
C TYR SA 162 37.36 -7.89 -105.33
N ARG TA 207 92.31 0.65 -66.09
CA ARG TA 207 91.48 -0.53 -66.32
C ARG TA 207 90.77 -0.94 -65.02
N ILE TA 208 89.93 -1.96 -65.10
CA ILE TA 208 89.15 -2.39 -63.95
C ILE TA 208 89.92 -3.46 -63.19
N ILE TA 209 90.15 -3.22 -61.90
CA ILE TA 209 90.85 -4.15 -61.04
C ILE TA 209 89.89 -4.61 -59.96
N TYR TA 210 89.76 -5.93 -59.81
CA TYR TA 210 88.82 -6.50 -58.87
C TYR TA 210 89.44 -6.59 -57.48
N TYR TA 211 88.62 -6.38 -56.46
CA TYR TA 211 88.98 -6.59 -55.08
C TYR TA 211 88.27 -7.81 -54.55
N ILE TA 212 88.86 -8.41 -53.52
CA ILE TA 212 88.23 -9.54 -52.86
C ILE TA 212 87.09 -9.03 -51.99
N GLN TA 213 85.92 -9.64 -52.13
CA GLN TA 213 84.82 -9.38 -51.20
C GLN TA 213 84.67 -10.47 -50.15
N ALA TA 214 84.61 -11.74 -50.57
CA ALA TA 214 84.40 -12.83 -49.65
C ALA TA 214 85.31 -14.00 -50.00
N VAL TA 215 85.84 -14.66 -48.97
CA VAL TA 215 86.71 -15.83 -49.13
C VAL TA 215 86.13 -16.97 -48.31
N ILE TA 216 85.70 -18.03 -49.00
CA ILE TA 216 85.50 -19.33 -48.38
C ILE TA 216 86.23 -20.35 -49.25
N PRO TA 217 86.59 -21.51 -48.69
CA PRO TA 217 87.13 -22.58 -49.53
C PRO TA 217 86.09 -23.06 -50.53
N GLY TA 218 86.52 -23.20 -51.78
CA GLY TA 218 85.64 -23.54 -52.88
C GLY TA 218 85.11 -22.40 -53.70
N ARG TA 219 84.51 -21.38 -53.09
CA ARG TA 219 83.87 -20.30 -53.83
C ARG TA 219 84.49 -18.95 -53.47
N ALA TA 220 84.54 -18.06 -54.45
CA ALA TA 220 85.18 -16.76 -54.30
C ALA TA 220 84.27 -15.66 -54.82
N TRP TA 221 84.37 -14.50 -54.18
CA TRP TA 221 83.58 -13.33 -54.53
C TRP TA 221 84.50 -12.16 -54.81
N LEU TA 222 84.23 -11.45 -55.90
CA LEU TA 222 85.07 -10.36 -56.37
C LEU TA 222 84.22 -9.14 -56.64
N ILE TA 223 84.76 -7.99 -56.25
CA ILE TA 223 84.14 -6.69 -56.50
C ILE TA 223 85.17 -5.84 -57.24
N GLY TA 224 84.79 -5.35 -58.42
CA GLY TA 224 85.66 -4.52 -59.22
C GLY TA 224 85.40 -3.03 -59.02
N SER TA 225 86.09 -2.24 -59.83
CA SER TA 225 85.87 -0.80 -59.82
C SER TA 225 84.55 -0.42 -60.46
N ASN TA 226 83.99 -1.29 -61.31
CA ASN TA 226 82.69 -1.04 -61.91
C ASN TA 226 81.57 -1.14 -60.89
N GLY TA 227 81.76 -1.87 -59.80
CA GLY TA 227 80.76 -2.04 -58.78
C GLY TA 227 80.04 -3.38 -58.79
N SER TA 228 80.18 -4.15 -59.86
CA SER TA 228 79.48 -5.43 -59.94
C SER TA 228 80.11 -6.47 -59.02
N THR TA 229 79.31 -7.47 -58.67
CA THR TA 229 79.73 -8.55 -57.80
C THR TA 229 79.74 -9.86 -58.59
N LEU TA 230 80.86 -10.58 -58.53
CA LEU TA 230 81.03 -11.81 -59.29
C LEU TA 230 81.42 -12.95 -58.36
N THR TA 231 80.80 -14.10 -58.58
CA THR TA 231 81.07 -15.27 -57.74
C THR TA 231 81.47 -16.44 -58.63
N VAL TA 232 82.54 -17.12 -58.20
CA VAL TA 232 83.17 -18.16 -59.01
C VAL TA 232 83.56 -19.32 -58.10
N ARG TA 233 83.89 -20.45 -58.73
CA ARG TA 233 84.49 -21.59 -58.07
C ARG TA 233 85.96 -21.68 -58.49
N GLU TA 234 86.61 -22.79 -58.12
CA GLU TA 234 88.01 -23.00 -58.49
C GLU TA 234 88.20 -23.05 -60.00
N GLY TA 235 87.32 -23.78 -60.70
CA GLY TA 235 87.40 -23.79 -62.14
C GLY TA 235 86.35 -22.90 -62.77
N SER TA 236 86.74 -21.69 -63.15
CA SER TA 236 85.82 -20.72 -63.72
C SER TA 236 86.61 -19.69 -64.51
N LYS TA 237 85.89 -18.95 -65.35
CA LYS TA 237 86.51 -17.97 -66.23
C LYS TA 237 86.14 -16.56 -65.76
N ILE TA 238 87.15 -15.71 -65.62
CA ILE TA 238 86.98 -14.31 -65.29
C ILE TA 238 87.16 -13.50 -66.57
N PRO TA 239 86.19 -12.66 -66.94
CA PRO TA 239 86.34 -11.83 -68.14
C PRO TA 239 87.42 -10.77 -67.94
N GLY TA 240 88.42 -10.79 -68.82
CA GLY TA 240 89.53 -9.88 -68.77
C GLY TA 240 90.78 -10.43 -68.15
N TYR TA 241 90.67 -11.42 -67.26
CA TYR TA 241 91.83 -12.02 -66.63
C TYR TA 241 92.04 -13.47 -66.99
N GLY TA 242 91.02 -14.16 -67.51
CA GLY TA 242 91.20 -15.51 -67.98
C GLY TA 242 90.63 -16.56 -67.04
N MET TA 243 91.51 -17.29 -66.37
CA MET TA 243 91.14 -18.43 -65.55
C MET TA 243 91.63 -18.22 -64.13
N VAL TA 244 90.78 -18.47 -63.15
CA VAL TA 244 91.24 -18.53 -61.76
C VAL TA 244 92.08 -19.79 -61.62
N LYS TA 245 93.39 -19.61 -61.52
CA LYS TA 245 94.30 -20.75 -61.53
C LYS TA 245 94.20 -21.55 -60.24
N LEU TA 246 94.22 -20.87 -59.10
CA LEU TA 246 94.16 -21.52 -57.80
C LEU TA 246 93.49 -20.59 -56.80
N ILE TA 247 93.02 -21.18 -55.70
CA ILE TA 247 92.36 -20.45 -54.62
C ILE TA 247 93.11 -20.74 -53.33
N ASP TA 248 93.55 -19.68 -52.67
CA ASP TA 248 94.13 -19.78 -51.32
C ASP TA 248 93.08 -19.28 -50.34
N SER TA 249 92.67 -20.15 -49.41
CA SER TA 249 91.67 -19.77 -48.42
C SER TA 249 92.24 -18.78 -47.42
N LEU TA 250 93.53 -18.85 -47.15
CA LEU TA 250 94.16 -17.97 -46.17
C LEU TA 250 94.90 -16.83 -46.86
N GLN TA 251 95.13 -15.76 -46.09
CA GLN TA 251 96.00 -14.63 -46.40
C GLN TA 251 95.52 -13.80 -47.59
N GLY TA 252 94.27 -13.97 -48.03
CA GLY TA 252 93.68 -13.11 -49.06
C GLY TA 252 94.32 -13.18 -50.43
N ARG TA 253 94.57 -14.40 -50.92
CA ARG TA 253 95.29 -14.62 -52.16
C ARG TA 253 94.39 -15.31 -53.17
N ILE TA 254 94.15 -14.67 -54.31
CA ILE TA 254 93.45 -15.29 -55.42
C ILE TA 254 94.37 -15.33 -56.62
N LEU TA 255 94.61 -16.52 -57.15
CA LEU TA 255 95.56 -16.72 -58.23
C LEU TA 255 94.84 -16.85 -59.55
N THR TA 256 95.28 -16.07 -60.55
CA THR TA 256 94.63 -16.04 -61.84
C THR TA 256 95.59 -16.49 -62.94
N SER TA 257 95.02 -16.79 -64.11
CA SER TA 257 95.83 -17.19 -65.25
C SER TA 257 96.63 -16.03 -65.85
N SER TA 258 96.23 -14.79 -65.55
CA SER TA 258 96.97 -13.62 -66.02
C SER TA 258 98.06 -13.20 -65.04
N GLY TA 259 98.49 -14.11 -64.18
CA GLY TA 259 99.53 -13.82 -63.19
C GLY TA 259 99.10 -12.80 -62.16
N GLN TA 260 97.84 -12.85 -61.74
CA GLN TA 260 97.28 -11.85 -60.85
C GLN TA 260 96.91 -12.47 -59.53
N VAL TA 261 97.34 -11.82 -58.45
CA VAL TA 261 96.96 -12.18 -57.09
C VAL TA 261 95.98 -11.11 -56.63
N ILE TA 262 94.69 -11.42 -56.73
CA ILE TA 262 93.67 -10.55 -56.18
C ILE TA 262 93.72 -10.63 -54.66
N LYS TA 263 93.68 -9.46 -54.02
CA LYS TA 263 93.71 -9.32 -52.58
C LYS TA 263 92.45 -8.58 -52.11
N PHE TA 264 92.32 -8.45 -50.80
CA PHE TA 264 91.22 -7.72 -50.21
C PHE TA 264 91.39 -6.22 -50.44
N SER TA 265 90.33 -5.47 -50.15
CA SER TA 265 90.35 -4.03 -50.32
C SER TA 265 91.31 -3.39 -49.33
N GLN TA 266 92.07 -2.40 -49.81
CA GLN TA 266 93.05 -1.74 -48.95
C GLN TA 266 92.40 -0.75 -48.00
N GLU TA 267 91.34 -0.05 -48.44
CA GLU TA 267 90.58 0.82 -47.55
C GLU TA 267 89.86 0.01 -46.48
N ASP TA 268 89.28 -1.12 -46.87
CA ASP TA 268 88.57 -1.99 -45.94
C ASP TA 268 89.40 -3.27 -45.78
N SER TA 269 90.40 -3.19 -44.92
CA SER TA 269 91.34 -4.29 -44.75
C SER TA 269 90.94 -5.19 -43.60
N GLN UA 791 113.14 -37.33 -13.62
CA GLN UA 791 113.14 -37.45 -15.07
C GLN UA 791 111.79 -37.93 -15.56
N GLN UA 792 111.04 -38.57 -14.66
CA GLN UA 792 109.72 -39.11 -14.96
C GLN UA 792 108.60 -38.18 -14.53
N GLU UA 793 108.93 -36.97 -14.10
CA GLU UA 793 107.96 -36.00 -13.63
C GLU UA 793 107.44 -35.09 -14.74
N ILE UA 794 107.71 -35.45 -16.00
CA ILE UA 794 107.21 -34.67 -17.13
C ILE UA 794 105.69 -34.75 -17.18
N GLN UA 795 105.14 -35.94 -16.96
CA GLN UA 795 103.70 -36.13 -16.97
C GLN UA 795 103.06 -35.47 -15.76
N GLN UA 796 103.80 -35.37 -14.65
CA GLN UA 796 103.34 -34.58 -13.52
C GLN UA 796 103.23 -33.11 -13.91
N ARG UA 797 104.19 -32.62 -14.69
CA ARG UA 797 104.09 -31.28 -15.23
C ARG UA 797 103.10 -31.19 -16.38
N THR UA 798 102.74 -32.32 -16.97
CA THR UA 798 101.82 -32.31 -18.10
C THR UA 798 100.37 -32.35 -17.63
N SER UA 799 100.08 -33.22 -16.66
CA SER UA 799 98.70 -33.55 -16.35
C SER UA 799 97.98 -32.44 -15.61
N ASP UA 800 98.71 -31.68 -14.79
CA ASP UA 800 98.09 -30.70 -13.91
C ASP UA 800 97.52 -29.53 -14.69
N MET UA 801 98.31 -28.95 -15.58
CA MET UA 801 97.85 -27.76 -16.29
C MET UA 801 97.05 -28.11 -17.53
N LEU UA 802 96.98 -29.39 -17.88
CA LEU UA 802 96.09 -29.83 -18.95
C LEU UA 802 94.64 -29.56 -18.57
N THR UA 803 94.29 -29.79 -17.32
CA THR UA 803 92.99 -29.37 -16.81
C THR UA 803 92.86 -27.86 -16.84
N ALA UA 804 93.93 -27.16 -16.50
CA ALA UA 804 93.94 -25.71 -16.60
C ALA UA 804 93.90 -25.27 -18.06
N ALA UA 805 94.55 -26.04 -18.94
CA ALA UA 805 94.40 -25.80 -20.38
C ALA UA 805 92.98 -26.05 -20.82
N THR UA 806 92.33 -27.06 -20.24
CA THR UA 806 90.92 -27.29 -20.52
C THR UA 806 90.06 -26.21 -19.86
N GLN UA 807 90.58 -25.60 -18.80
CA GLN UA 807 89.81 -24.59 -18.08
C GLN UA 807 89.64 -23.32 -18.92
N LEU UA 808 90.70 -22.88 -19.59
CA LEU UA 808 90.61 -21.64 -20.35
C LEU UA 808 89.82 -21.81 -21.63
N VAL UA 809 89.86 -23.00 -22.24
CA VAL UA 809 89.02 -23.22 -23.41
C VAL UA 809 87.56 -23.36 -23.01
N GLN UA 810 87.28 -23.70 -21.74
CA GLN UA 810 85.92 -23.59 -21.23
C GLN UA 810 85.46 -22.15 -21.09
N ASP UA 811 86.38 -21.18 -21.19
CA ASP UA 811 86.06 -19.77 -21.19
C ASP UA 811 86.08 -19.17 -22.58
N TRP UA 812 86.06 -20.02 -23.62
CA TRP UA 812 86.18 -19.52 -24.98
C TRP UA 812 85.02 -19.89 -25.88
N LYS UA 813 84.54 -21.14 -25.85
CA LYS UA 813 83.50 -21.57 -26.78
C LYS UA 813 82.18 -20.89 -26.50
N GLN UA 814 81.90 -20.57 -25.24
CA GLN UA 814 80.70 -19.85 -24.91
C GLN UA 814 80.82 -18.39 -25.32
N VAL UA 815 79.69 -17.79 -25.65
CA VAL UA 815 79.58 -16.36 -25.82
C VAL UA 815 78.16 -15.97 -25.45
N GLU UA 816 78.01 -15.12 -24.45
CA GLU UA 816 76.69 -14.63 -24.11
C GLU UA 816 76.19 -13.68 -25.19
N THR UA 817 74.93 -13.82 -25.55
CA THR UA 817 74.41 -13.05 -26.67
C THR UA 817 74.01 -11.65 -26.23
N GLN UA 818 73.80 -10.80 -27.23
CA GLN UA 818 73.44 -9.41 -27.00
C GLN UA 818 71.99 -9.29 -26.52
N VAL UA 819 71.68 -8.13 -25.96
CA VAL UA 819 70.32 -7.78 -25.55
C VAL UA 819 69.96 -6.45 -26.18
N TYR UA 820 68.82 -6.42 -26.87
CA TYR UA 820 68.28 -5.17 -27.38
C TYR UA 820 67.38 -4.57 -26.30
N THR UA 821 67.78 -3.43 -25.78
CA THR UA 821 67.05 -2.74 -24.72
C THR UA 821 66.31 -1.56 -25.32
N GLU UA 822 64.99 -1.55 -25.17
CA GLU UA 822 64.14 -0.48 -25.63
C GLU UA 822 63.52 0.23 -24.43
N GLY UA 823 63.66 1.54 -24.39
CA GLY UA 823 63.00 2.32 -23.36
C GLY UA 823 62.42 3.60 -23.91
N THR UA 824 61.13 3.82 -23.71
CA THR UA 824 60.50 5.03 -24.19
C THR UA 824 60.37 6.05 -23.07
N ALA VA 104 118.54 -13.14 27.76
CA ALA VA 104 117.55 -14.16 28.02
C ALA VA 104 116.21 -13.83 27.36
N GLU VA 105 116.10 -12.60 26.84
CA GLU VA 105 114.84 -12.12 26.30
C GLU VA 105 114.86 -11.91 24.79
N VAL VA 106 116.01 -12.05 24.14
CA VAL VA 106 116.09 -11.87 22.69
C VAL VA 106 115.41 -13.01 21.95
N ILE VA 107 115.14 -14.12 22.63
CA ILE VA 107 114.40 -15.22 22.03
C ILE VA 107 112.96 -14.80 21.72
N ASP VA 108 112.43 -13.85 22.50
CA ASP VA 108 111.11 -13.29 22.20
C ASP VA 108 111.15 -12.45 20.93
N LYS VA 109 112.23 -11.69 20.72
CA LYS VA 109 112.32 -10.88 19.51
C LYS VA 109 112.54 -11.75 18.28
N LYS VA 110 113.31 -12.82 18.41
CA LYS VA 110 113.44 -13.77 17.32
C LYS VA 110 112.11 -14.46 17.03
N ALA VA 111 111.34 -14.76 18.08
CA ALA VA 111 110.01 -15.31 17.91
C ALA VA 111 109.09 -14.30 17.22
N PHE VA 112 109.25 -13.01 17.50
CA PHE VA 112 108.47 -12.00 16.81
C PHE VA 112 108.84 -11.94 15.33
N LYS VA 113 110.14 -12.12 15.04
CA LYS VA 113 110.60 -12.18 13.65
C LYS VA 113 109.98 -13.36 12.90
N ASP VA 114 110.07 -14.56 13.47
CA ASP VA 114 109.49 -15.71 12.78
C ASP VA 114 107.96 -15.69 12.84
N MET VA 115 107.38 -14.99 13.80
CA MET VA 115 105.94 -14.78 13.84
C MET VA 115 105.48 -13.95 12.65
N THR VA 116 106.18 -12.84 12.38
CA THR VA 116 105.85 -12.04 11.21
C THR VA 116 106.14 -12.79 9.92
N ARG VA 117 107.17 -13.64 9.94
CA ARG VA 117 107.45 -14.53 8.83
C ARG VA 117 106.29 -15.47 8.55
N ASN VA 118 105.70 -16.03 9.61
CA ASN VA 118 104.54 -16.91 9.44
C ASN VA 118 103.29 -16.14 9.05
N LEU VA 119 103.18 -14.90 9.53
CA LEU VA 119 102.02 -14.07 9.19
C LEU VA 119 102.00 -13.76 7.70
N TYR VA 120 103.09 -13.17 7.19
CA TYR VA 120 103.17 -12.78 5.79
C TYR VA 120 104.40 -13.45 5.21
N PRO VA 121 104.26 -14.66 4.66
CA PRO VA 121 105.41 -15.33 4.05
C PRO VA 121 105.90 -14.67 2.78
N LEU VA 122 105.10 -13.81 2.16
CA LEU VA 122 105.43 -13.22 0.88
C LEU VA 122 105.92 -11.79 1.03
N ASN VA 123 106.94 -11.45 0.25
CA ASN VA 123 107.45 -10.10 0.23
C ASN VA 123 106.47 -9.18 -0.49
N PRO VA 124 106.41 -7.90 -0.09
CA PRO VA 124 105.51 -6.95 -0.78
C PRO VA 124 105.84 -6.75 -2.25
N GLU VA 125 107.12 -6.71 -2.59
CA GLU VA 125 107.50 -6.58 -3.99
C GLU VA 125 107.21 -7.86 -4.76
N GLN VA 126 107.31 -9.01 -4.09
CA GLN VA 126 106.86 -10.26 -4.68
C GLN VA 126 105.38 -10.23 -4.97
N VAL VA 127 104.60 -9.65 -4.05
CA VAL VA 127 103.16 -9.49 -4.24
C VAL VA 127 102.87 -8.60 -5.45
N VAL VA 128 103.64 -7.51 -5.58
CA VAL VA 128 103.46 -6.57 -6.69
C VAL VA 128 103.78 -7.24 -8.02
N LYS VA 129 104.88 -8.00 -8.09
CA LYS VA 129 105.20 -8.65 -9.35
C LYS VA 129 104.29 -9.84 -9.64
N LEU VA 130 103.71 -10.46 -8.61
CA LEU VA 130 102.68 -11.47 -8.84
C LEU VA 130 101.44 -10.84 -9.44
N LYS VA 131 101.09 -9.64 -8.97
CA LYS VA 131 100.01 -8.87 -9.59
C LYS VA 131 100.34 -8.52 -11.03
N GLN VA 132 101.60 -8.17 -11.29
CA GLN VA 132 102.03 -7.81 -12.64
C GLN VA 132 101.95 -9.00 -13.59
N ILE VA 133 102.40 -10.17 -13.15
CA ILE VA 133 102.37 -11.33 -14.04
C ILE VA 133 100.93 -11.86 -14.15
N TYR VA 134 100.09 -11.59 -13.16
CA TYR VA 134 98.67 -11.84 -13.29
C TYR VA 134 98.07 -10.95 -14.38
N GLU VA 135 98.50 -9.69 -14.45
CA GLU VA 135 98.06 -8.79 -15.50
C GLU VA 135 98.54 -9.26 -16.87
N THR VA 136 99.77 -9.76 -16.95
CA THR VA 136 100.25 -10.27 -18.23
C THR VA 136 99.54 -11.56 -18.63
N SER VA 137 99.20 -12.39 -17.66
CA SER VA 137 98.43 -13.60 -17.94
C SER VA 137 97.05 -13.24 -18.46
N GLU VA 138 96.43 -12.21 -17.89
CA GLU VA 138 95.16 -11.71 -18.40
C GLU VA 138 95.32 -11.13 -19.80
N TYR VA 139 96.45 -10.48 -20.07
CA TYR VA 139 96.70 -9.94 -21.40
C TYR VA 139 96.87 -11.05 -22.43
N ALA VA 140 97.55 -12.12 -22.05
CA ALA VA 140 97.69 -13.27 -22.94
C ALA VA 140 96.36 -13.98 -23.14
N LYS VA 141 95.54 -14.04 -22.10
CA LYS VA 141 94.21 -14.63 -22.23
C LYS VA 141 93.32 -13.80 -23.16
N ALA VA 142 93.36 -12.49 -23.02
CA ALA VA 142 92.56 -11.60 -23.87
C ALA VA 142 93.22 -11.33 -25.21
N ALA VA 143 94.41 -11.87 -25.44
CA ALA VA 143 95.08 -11.70 -26.72
C ALA VA 143 94.40 -12.55 -27.79
N THR VA 144 94.16 -11.96 -28.95
CA THR VA 144 93.53 -12.64 -30.05
C THR VA 144 94.59 -13.10 -31.03
N PRO VA 145 94.67 -14.39 -31.35
CA PRO VA 145 95.65 -14.85 -32.33
C PRO VA 145 95.28 -14.40 -33.73
N GLY VA 146 96.28 -14.35 -34.59
CA GLY VA 146 96.06 -13.95 -35.96
C GLY VA 146 95.99 -12.45 -36.15
N THR VA 147 95.08 -12.01 -37.02
CA THR VA 147 94.95 -10.60 -37.36
C THR VA 147 93.48 -10.20 -37.22
N PRO VA 148 93.16 -9.20 -36.40
CA PRO VA 148 91.79 -8.71 -36.30
C PRO VA 148 91.36 -8.00 -37.58
N PRO VA 149 90.06 -7.98 -37.87
CA PRO VA 149 89.58 -7.31 -39.08
C PRO VA 149 89.57 -5.80 -38.90
N LYS VA 150 89.11 -5.11 -39.94
CA LYS VA 150 89.00 -3.65 -39.91
C LYS VA 150 87.53 -3.25 -39.88
N PRO VA 151 87.17 -2.33 -38.99
CA PRO VA 151 85.79 -1.83 -38.99
C PRO VA 151 85.49 -0.99 -40.21
N THR VA 152 84.24 -1.04 -40.65
CA THR VA 152 83.77 -0.20 -41.74
C THR VA 152 82.26 -0.05 -41.63
N ALA VA 153 81.71 0.81 -42.49
CA ALA VA 153 80.28 0.90 -42.72
C ALA VA 153 80.06 0.97 -44.23
N THR VA 154 78.93 0.45 -44.69
CA THR VA 154 78.68 0.34 -46.12
C THR VA 154 77.26 0.77 -46.47
N SER VA 155 77.10 1.28 -47.70
CA SER VA 155 75.81 1.62 -48.26
C SER VA 155 75.74 1.06 -49.67
N GLN VA 156 74.95 0.01 -49.86
CA GLN VA 156 74.93 -0.74 -51.11
C GLN VA 156 73.52 -0.80 -51.68
N PHE VA 157 73.44 -0.77 -53.00
CA PHE VA 157 72.20 -1.00 -53.72
C PHE VA 157 72.07 -2.47 -54.06
N VAL VA 158 70.83 -2.96 -54.01
CA VAL VA 158 70.52 -4.33 -54.38
C VAL VA 158 69.57 -4.30 -55.58
N ASN VA 159 69.94 -5.01 -56.64
CA ASN VA 159 69.08 -5.19 -57.79
C ASN VA 159 68.31 -6.49 -57.66
N LEU VA 160 67.02 -6.44 -57.98
CA LEU VA 160 66.12 -7.56 -57.77
C LEU VA 160 65.89 -8.39 -59.01
N SER VA 161 66.61 -8.10 -60.10
CA SER VA 161 66.39 -8.84 -61.34
C SER VA 161 66.90 -10.27 -61.22
N PRO VA 162 66.26 -11.22 -61.88
CA PRO VA 162 66.69 -12.62 -61.78
C PRO VA 162 68.01 -12.95 -62.45
N GLY VA 163 68.64 -12.01 -63.13
CA GLY VA 163 69.97 -12.25 -63.64
C GLY VA 163 71.09 -11.91 -62.66
N SER VA 164 70.75 -11.41 -61.48
CA SER VA 164 71.76 -10.88 -60.56
C SER VA 164 72.28 -12.00 -59.66
N THR VA 165 73.07 -11.60 -58.66
CA THR VA 165 73.60 -12.44 -57.62
C THR VA 165 73.18 -11.89 -56.26
N PRO VA 166 72.93 -12.74 -55.27
CA PRO VA 166 72.52 -12.25 -53.95
C PRO VA 166 73.68 -11.59 -53.24
N PRO VA 167 73.44 -10.44 -52.59
CA PRO VA 167 74.52 -9.76 -51.89
C PRO VA 167 74.97 -10.49 -50.64
N VAL VA 168 76.25 -10.27 -50.33
CA VAL VA 168 76.97 -10.97 -49.28
C VAL VA 168 77.30 -9.98 -48.17
N ILE VA 169 77.11 -10.39 -46.93
CA ILE VA 169 77.34 -9.54 -45.77
C ILE VA 169 78.38 -10.20 -44.87
N ARG VA 170 79.44 -9.45 -44.58
CA ARG VA 170 80.49 -9.89 -43.68
C ARG VA 170 80.00 -9.84 -42.23
N LEU VA 171 80.52 -10.76 -41.42
CA LEU VA 171 80.17 -10.82 -40.01
C LEU VA 171 81.39 -11.29 -39.21
N SER VA 172 81.29 -11.15 -37.90
CA SER VA 172 82.37 -11.55 -37.01
C SER VA 172 81.80 -11.97 -35.66
N GLN VA 173 82.57 -12.77 -34.93
CA GLN VA 173 82.14 -13.28 -33.65
C GLN VA 173 82.22 -12.21 -32.57
N GLY VA 174 81.23 -12.19 -31.71
CA GLY VA 174 81.19 -11.24 -30.62
C GLY VA 174 80.88 -9.81 -31.04
N PHE VA 175 80.45 -9.58 -32.27
CA PHE VA 175 80.18 -8.25 -32.75
C PHE VA 175 78.87 -8.20 -33.50
N VAL VA 176 78.07 -7.18 -33.18
CA VAL VA 176 76.72 -7.03 -33.71
C VAL VA 176 76.76 -6.01 -34.82
N SER VA 177 76.30 -6.40 -36.00
CA SER VA 177 76.15 -5.47 -37.11
C SER VA 177 74.71 -5.01 -37.21
N SER VA 178 74.52 -3.93 -37.94
CA SER VA 178 73.19 -3.36 -38.15
C SER VA 178 72.93 -3.19 -39.64
N LEU VA 179 71.70 -3.51 -40.04
CA LEU VA 179 71.26 -3.35 -41.42
C LEU VA 179 70.01 -2.49 -41.42
N VAL VA 180 69.98 -1.51 -42.34
CA VAL VA 180 68.82 -0.65 -42.49
C VAL VA 180 68.50 -0.55 -43.99
N PHE VA 181 67.28 -0.14 -44.29
CA PHE VA 181 66.73 -0.29 -45.64
C PHE VA 181 66.04 0.98 -46.10
N LEU VA 182 66.42 1.44 -47.31
CA LEU VA 182 65.76 2.53 -47.99
C LEU VA 182 65.35 2.08 -49.38
N ASP VA 183 64.36 2.75 -49.94
CA ASP VA 183 63.84 2.44 -51.27
C ASP VA 183 64.69 3.16 -52.32
N SER VA 184 64.18 3.22 -53.56
CA SER VA 184 64.87 3.96 -54.61
C SER VA 184 64.86 5.47 -54.34
N THR VA 185 63.83 5.97 -53.64
CA THR VA 185 63.73 7.38 -53.30
C THR VA 185 64.46 7.73 -52.01
N GLY VA 186 64.94 6.75 -51.26
CA GLY VA 186 65.59 7.00 -50.00
C GLY VA 186 64.69 7.01 -48.78
N ALA VA 187 63.39 6.81 -48.96
CA ALA VA 187 62.49 6.75 -47.82
C ALA VA 187 62.72 5.47 -47.02
N PRO VA 188 62.60 5.52 -45.69
CA PRO VA 188 62.75 4.31 -44.90
C PRO VA 188 61.59 3.36 -45.08
N TRP VA 189 61.85 2.23 -45.72
CA TRP VA 189 60.83 1.25 -46.01
C TRP VA 189 60.82 0.22 -44.89
N PRO VA 190 59.78 0.13 -44.08
CA PRO VA 190 59.76 -0.84 -42.99
C PRO VA 190 59.60 -2.26 -43.50
N ILE VA 191 59.96 -3.20 -42.63
CA ILE VA 191 60.01 -4.62 -42.98
C ILE VA 191 58.74 -5.30 -42.50
N ALA VA 192 58.04 -5.97 -43.41
CA ALA VA 192 56.83 -6.69 -43.03
C ALA VA 192 57.17 -7.94 -42.21
N ALA VA 193 58.10 -8.75 -42.68
CA ALA VA 193 58.40 -10.02 -42.03
C ALA VA 193 59.79 -10.46 -42.40
N TYR VA 194 60.31 -11.43 -41.64
CA TYR VA 194 61.59 -12.03 -41.96
C TYR VA 194 61.52 -13.53 -41.69
N ASP VA 195 62.43 -14.25 -42.34
CA ASP VA 195 62.66 -15.65 -42.08
C ASP VA 195 64.15 -15.86 -41.92
N LEU VA 196 64.53 -16.47 -40.80
CA LEU VA 196 65.91 -16.79 -40.51
C LEU VA 196 66.03 -18.29 -40.32
N GLY VA 197 66.95 -18.91 -41.04
CA GLY VA 197 67.32 -20.29 -40.83
C GLY VA 197 68.56 -20.38 -39.97
N ASP VA 198 68.71 -21.53 -39.29
CA ASP VA 198 69.81 -21.87 -38.40
C ASP VA 198 70.02 -20.82 -37.29
N PRO VA 199 69.12 -20.73 -36.30
CA PRO VA 199 69.23 -19.63 -35.32
C PRO VA 199 70.41 -19.71 -34.38
N SER VA 200 71.07 -20.86 -34.24
CA SER VA 200 72.25 -20.90 -33.38
C SER VA 200 73.51 -20.45 -34.09
N SER VA 201 73.38 -19.84 -35.27
CA SER VA 201 74.47 -19.12 -35.90
C SER VA 201 74.32 -17.61 -35.80
N PHE VA 202 73.10 -17.11 -35.84
CA PHE VA 202 72.84 -15.68 -35.81
C PHE VA 202 71.64 -15.38 -34.93
N ASN VA 203 71.74 -14.31 -34.16
CA ASN VA 203 70.61 -13.79 -33.39
C ASN VA 203 70.21 -12.44 -33.95
N ILE VA 204 68.93 -12.28 -34.24
CA ILE VA 204 68.38 -11.06 -34.82
C ILE VA 204 67.54 -10.36 -33.76
N GLN VA 205 67.83 -9.09 -33.53
CA GLN VA 205 66.99 -8.23 -32.72
C GLN VA 205 66.25 -7.28 -33.64
N TRP VA 206 64.93 -7.20 -33.49
CA TRP VA 206 64.12 -6.35 -34.36
C TRP VA 206 62.85 -5.97 -33.62
N ASP VA 207 62.74 -4.69 -33.30
CA ASP VA 207 61.45 -4.16 -32.88
C ASP VA 207 60.48 -4.23 -34.05
N LYS VA 208 59.20 -4.46 -33.72
CA LYS VA 208 58.23 -4.94 -34.69
C LYS VA 208 57.88 -3.92 -35.77
N THR VA 209 58.23 -2.65 -35.59
CA THR VA 209 57.79 -1.61 -36.50
C THR VA 209 58.92 -0.89 -37.23
N SER VA 210 60.17 -1.30 -37.05
CA SER VA 210 61.26 -0.62 -37.73
C SER VA 210 61.72 -1.42 -38.95
N ASN VA 211 62.80 -0.96 -39.57
CA ASN VA 211 63.49 -1.73 -40.60
C ASN VA 211 64.96 -1.90 -40.23
N THR VA 212 65.23 -1.96 -38.93
CA THR VA 212 66.58 -2.06 -38.40
C THR VA 212 66.82 -3.47 -37.88
N LEU VA 213 67.88 -4.10 -38.35
CA LEU VA 213 68.23 -5.46 -37.91
C LEU VA 213 69.59 -5.43 -37.23
N MET VA 214 69.61 -5.84 -35.96
CA MET VA 214 70.84 -5.99 -35.20
C MET VA 214 71.17 -7.48 -35.10
N ILE VA 215 72.29 -7.87 -35.71
CA ILE VA 215 72.62 -9.28 -35.91
C ILE VA 215 73.92 -9.59 -35.19
N GLN VA 216 73.91 -10.62 -34.36
CA GLN VA 216 75.11 -11.13 -33.72
C GLN VA 216 75.36 -12.55 -34.21
N ALA VA 217 76.51 -12.75 -34.84
CA ALA VA 217 76.93 -14.10 -35.22
C ALA VA 217 77.26 -14.91 -33.98
N THR VA 218 76.89 -16.18 -33.99
CA THR VA 218 77.07 -17.05 -32.83
C THR VA 218 78.21 -18.04 -33.01
N LYS VA 219 78.21 -18.80 -34.10
CA LYS VA 219 79.28 -19.75 -34.34
C LYS VA 219 80.39 -19.10 -35.16
N LEU VA 220 81.55 -19.77 -35.16
CA LEU VA 220 82.79 -19.14 -35.60
C LEU VA 220 82.82 -18.92 -37.11
N TYR VA 221 82.47 -19.93 -37.90
CA TYR VA 221 82.62 -19.84 -39.34
C TYR VA 221 81.42 -20.34 -40.15
N ASN VA 222 80.35 -20.77 -39.49
CA ASN VA 222 79.21 -21.30 -40.21
C ASN VA 222 78.36 -20.16 -40.75
N TYR VA 223 78.08 -20.20 -42.05
CA TYR VA 223 77.41 -19.13 -42.75
C TYR VA 223 75.93 -19.43 -42.92
N GLY VA 224 75.19 -18.43 -43.39
CA GLY VA 224 73.75 -18.59 -43.49
C GLY VA 224 73.12 -17.69 -44.53
N ASN VA 225 71.80 -17.79 -44.63
CA ASN VA 225 71.01 -17.00 -45.56
C ASN VA 225 69.74 -16.54 -44.87
N LEU VA 226 69.27 -15.34 -45.24
CA LEU VA 226 68.12 -14.73 -44.60
C LEU VA 226 67.16 -14.20 -45.65
N ALA VA 227 65.87 -14.33 -45.38
CA ALA VA 227 64.82 -13.84 -46.29
C ALA VA 227 64.09 -12.69 -45.63
N VAL VA 228 63.90 -11.60 -46.37
CA VAL VA 228 63.32 -10.36 -45.86
C VAL VA 228 62.16 -9.97 -46.76
N ARG VA 229 60.99 -9.73 -46.17
CA ARG VA 229 59.82 -9.26 -46.89
C ARG VA 229 59.44 -7.87 -46.39
N LEU VA 230 59.35 -6.92 -47.31
CA LEU VA 230 58.97 -5.57 -46.97
C LEU VA 230 57.46 -5.39 -47.16
N ARG VA 231 56.99 -4.16 -46.99
CA ARG VA 231 55.56 -3.90 -46.96
C ARG VA 231 54.94 -3.92 -48.34
N GLY VA 232 55.36 -2.98 -49.21
CA GLY VA 232 54.68 -2.81 -50.48
C GLY VA 232 54.95 -3.92 -51.48
N LEU VA 233 56.18 -4.40 -51.52
CA LEU VA 233 56.57 -5.36 -52.54
C LEU VA 233 56.02 -6.75 -52.24
N ASN VA 234 55.93 -7.56 -53.29
CA ASN VA 234 55.45 -8.93 -53.18
C ASN VA 234 56.58 -9.94 -53.03
N THR VA 235 57.54 -9.92 -53.94
CA THR VA 235 58.58 -10.94 -53.93
C THR VA 235 59.66 -10.55 -52.93
N PRO VA 236 59.94 -11.37 -51.94
CA PRO VA 236 60.92 -11.01 -50.91
C PRO VA 236 62.35 -11.13 -51.43
N VAL VA 237 63.27 -10.63 -50.62
CA VAL VA 237 64.69 -10.63 -50.97
C VAL VA 237 65.39 -11.68 -50.10
N MET VA 238 66.58 -12.07 -50.56
CA MET VA 238 67.40 -13.04 -49.84
C MET VA 238 68.84 -12.60 -49.85
N LEU VA 239 69.46 -12.58 -48.67
CA LEU VA 239 70.83 -12.15 -48.51
C LEU VA 239 71.65 -13.27 -47.89
N THR VA 240 72.94 -13.31 -48.20
CA THR VA 240 73.79 -14.31 -47.57
C THR VA 240 74.75 -13.64 -46.60
N LEU VA 241 75.06 -14.35 -45.51
CA LEU VA 241 75.84 -13.81 -44.41
C LEU VA 241 76.97 -14.77 -44.10
N ILE VA 242 78.20 -14.28 -44.15
CA ILE VA 242 79.39 -15.07 -43.89
C ILE VA 242 80.09 -14.48 -42.69
N PRO VA 243 80.40 -15.26 -41.65
CA PRO VA 243 81.15 -14.74 -40.51
C PRO VA 243 82.65 -14.89 -40.70
N GLY VA 244 83.39 -14.16 -39.88
CA GLY VA 244 84.83 -14.34 -39.76
C GLY VA 244 85.67 -13.99 -40.97
N GLN VA 245 85.39 -12.88 -41.63
CA GLN VA 245 86.21 -12.43 -42.75
C GLN VA 245 87.19 -11.36 -42.29
N LYS VA 246 87.88 -10.75 -43.26
CA LYS VA 246 88.94 -9.81 -42.92
C LYS VA 246 88.44 -8.41 -42.66
N ALA VA 247 87.14 -8.16 -42.75
CA ALA VA 247 86.58 -6.87 -42.44
C ALA VA 247 85.29 -7.07 -41.66
N VAL VA 248 84.89 -6.07 -40.89
CA VAL VA 248 83.65 -6.14 -40.12
C VAL VA 248 82.78 -4.94 -40.48
N ASP VA 249 81.55 -5.24 -40.91
CA ASP VA 249 80.56 -4.22 -41.26
C ASP VA 249 79.83 -3.79 -40.00
N TYR VA 250 79.61 -2.49 -39.86
CA TYR VA 250 78.85 -1.98 -38.72
C TYR VA 250 77.41 -1.74 -39.12
N ARG VA 251 77.19 -0.86 -40.09
CA ARG VA 251 75.86 -0.60 -40.64
C ARG VA 251 75.92 -0.71 -42.15
N VAL VA 252 74.99 -1.46 -42.71
CA VAL VA 252 74.82 -1.56 -44.15
C VAL VA 252 73.46 -0.96 -44.49
N ASP VA 253 73.48 0.07 -45.33
CA ASP VA 253 72.27 0.75 -45.79
C ASP VA 253 71.94 0.20 -47.17
N LEU VA 254 70.82 -0.51 -47.27
CA LEU VA 254 70.47 -1.23 -48.48
C LEU VA 254 69.44 -0.45 -49.27
N ARG VA 255 69.77 -0.13 -50.51
CA ARG VA 255 68.87 0.56 -51.41
C ARG VA 255 68.21 -0.46 -52.32
N VAL VA 256 66.89 -0.35 -52.46
CA VAL VA 256 66.12 -1.26 -53.29
C VAL VA 256 65.45 -0.47 -54.40
N GLN VA 257 65.06 -1.19 -55.46
CA GLN VA 257 64.45 -0.57 -56.63
C GLN VA 257 63.08 0.01 -56.35
N GLY VA 258 62.39 -0.48 -55.33
CA GLY VA 258 61.01 -0.13 -55.10
C GLY VA 258 60.84 1.25 -54.49
N TYR VA 259 59.63 1.49 -54.01
CA TYR VA 259 59.25 2.77 -53.44
C TYR VA 259 58.67 2.55 -52.05
N GLY VA 260 59.06 3.41 -51.13
CA GLY VA 260 58.68 3.25 -49.75
C GLY VA 260 57.39 3.98 -49.42
N PRO VA 261 57.26 4.45 -48.18
CA PRO VA 261 56.05 5.18 -47.81
C PRO VA 261 56.02 6.59 -48.37
N ASN VA 262 57.13 7.31 -48.31
CA ASN VA 262 57.18 8.66 -48.87
C ASN VA 262 57.19 8.60 -50.40
N ALA VA 263 58.09 7.79 -50.96
CA ALA VA 263 58.19 7.50 -52.40
C ALA VA 263 58.34 8.76 -53.25
N LYS VA 264 59.06 9.77 -52.76
CA LYS VA 264 59.23 11.01 -53.51
C LYS VA 264 60.22 10.76 -54.64
N SER VA 265 59.70 10.57 -55.85
CA SER VA 265 60.52 10.46 -57.05
C SER VA 265 60.91 11.86 -57.47
N MET VA 266 62.15 12.24 -57.19
CA MET VA 266 62.56 13.64 -57.30
C MET VA 266 62.84 14.02 -58.74
N PRO VA 267 62.15 15.01 -59.30
CA PRO VA 267 62.49 15.48 -60.65
C PRO VA 267 63.71 16.37 -60.61
N THR VA 268 64.90 15.76 -60.71
CA THR VA 268 66.15 16.52 -60.66
C THR VA 268 66.29 17.44 -61.87
N GLU VA 269 65.92 16.96 -63.04
CA GLU VA 269 65.84 17.79 -64.23
C GLU VA 269 64.37 17.93 -64.63
N GLU VA 270 63.94 19.17 -64.85
CA GLU VA 270 62.52 19.43 -65.13
C GLU VA 270 62.12 18.90 -66.49
N GLY VA 271 62.89 19.22 -67.52
CA GLY VA 271 62.56 18.80 -68.87
C GLY VA 271 62.19 19.99 -69.73
N ILE VA 272 61.63 19.67 -70.89
CA ILE VA 272 61.31 20.67 -71.90
C ILE VA 272 60.05 21.43 -71.51
N PRO VA 273 60.03 22.75 -71.66
CA PRO VA 273 58.78 23.50 -71.57
C PRO VA 273 57.88 23.15 -72.74
N PRO VA 274 56.56 23.32 -72.61
CA PRO VA 274 55.65 22.91 -73.67
C PRO VA 274 55.83 23.71 -74.96
N SER VA 275 55.66 23.02 -76.09
CA SER VA 275 56.03 23.58 -77.38
C SER VA 275 55.03 24.63 -77.85
N ALA VA 276 53.77 24.24 -77.98
CA ALA VA 276 52.68 25.14 -78.33
C ALA VA 276 51.38 24.41 -78.05
N ASN VA 277 50.37 25.14 -77.59
CA ASN VA 277 49.05 24.54 -77.50
C ASN VA 277 48.50 24.33 -78.90
N ASP VA 278 48.05 23.11 -79.16
CA ASP VA 278 47.70 22.71 -80.52
C ASP VA 278 46.34 23.22 -80.96
N LEU VA 279 45.59 23.91 -80.09
CA LEU VA 279 44.33 24.51 -80.48
C LEU VA 279 44.53 25.64 -81.47
N LEU VA 280 45.74 26.21 -81.53
CA LEU VA 280 46.04 27.32 -82.41
C LEU VA 280 45.91 26.96 -83.87
N LEU VA 281 46.00 25.68 -84.23
CA LEU VA 281 45.81 25.29 -85.61
C LEU VA 281 44.38 25.52 -86.05
N HIS VA 282 43.42 25.02 -85.27
CA HIS VA 282 42.03 25.28 -85.59
C HIS VA 282 41.69 26.75 -85.44
N VAL VA 283 42.36 27.44 -84.52
CA VAL VA 283 42.21 28.90 -84.42
C VAL VA 283 42.70 29.57 -85.69
N LEU VA 284 43.80 29.08 -86.24
CA LEU VA 284 44.37 29.61 -87.48
C LEU VA 284 43.42 29.37 -88.64
N GLU VA 285 42.73 28.25 -88.62
CA GLU VA 285 41.72 28.01 -89.64
C GLU VA 285 40.35 28.56 -89.28
N GLY VA 286 40.24 29.26 -88.16
CA GLY VA 286 38.99 29.88 -87.80
C GLY VA 286 38.03 28.98 -87.06
N VAL VA 287 38.37 27.71 -86.90
CA VAL VA 287 37.52 26.80 -86.15
C VAL VA 287 37.68 27.12 -84.67
N PRO VA 288 36.60 27.48 -83.98
CA PRO VA 288 36.70 27.72 -82.54
C PRO VA 288 36.98 26.42 -81.81
N PRO VA 289 37.69 26.48 -80.68
CA PRO VA 289 37.85 25.29 -79.87
C PRO VA 289 36.53 24.87 -79.26
N PRO VA 290 36.35 23.59 -78.95
CA PRO VA 290 35.08 23.14 -78.38
C PRO VA 290 34.85 23.71 -76.99
N GLY VA 291 33.59 24.05 -76.73
CA GLY VA 291 33.19 24.61 -75.46
C GLY VA 291 33.46 26.09 -75.30
N SER VA 292 33.97 26.75 -76.33
CA SER VA 292 34.28 28.17 -76.23
C SER VA 292 33.04 29.00 -76.58
N ARG VA 293 33.21 30.31 -76.72
CA ARG VA 293 32.09 31.18 -77.01
C ARG VA 293 32.57 32.38 -77.81
N ARG VA 294 31.67 32.94 -78.59
CA ARG VA 294 32.03 34.01 -79.52
C ARG VA 294 32.20 35.33 -78.78
N LEU VA 295 33.03 36.19 -79.34
CA LEU VA 295 33.33 37.50 -78.80
C LEU VA 295 33.04 38.55 -79.86
N VAL VA 296 33.08 39.82 -79.46
CA VAL VA 296 32.81 40.93 -80.35
C VAL VA 296 34.07 41.77 -80.48
N VAL VA 297 34.56 41.90 -81.71
CA VAL VA 297 35.70 42.74 -82.02
C VAL VA 297 35.22 43.84 -82.95
N SER VA 298 35.60 45.07 -82.67
CA SER VA 298 35.28 46.18 -83.54
C SER VA 298 36.50 47.07 -83.73
N GLY VA 299 36.51 47.79 -84.85
CA GLY VA 299 37.59 48.66 -85.21
C GLY VA 299 38.44 48.14 -86.35
N GLY VA 300 38.34 46.88 -86.69
CA GLY VA 300 39.18 46.33 -87.73
C GLY VA 300 38.67 44.99 -88.21
N ASP VA 301 39.57 44.21 -88.80
CA ASP VA 301 39.24 42.89 -89.31
C ASP VA 301 40.02 41.86 -88.49
N ALA VA 302 39.37 41.36 -87.45
CA ALA VA 302 39.93 40.26 -86.67
C ALA VA 302 38.76 39.51 -86.05
N ARG VA 303 39.04 38.28 -85.62
CA ARG VA 303 38.05 37.50 -84.89
C ARG VA 303 38.69 37.00 -83.60
N ALA VA 304 37.85 36.63 -82.64
CA ALA VA 304 38.38 36.25 -81.34
C ALA VA 304 37.49 35.22 -80.66
N TRP VA 305 38.08 34.48 -79.74
CA TRP VA 305 37.41 33.39 -79.04
C TRP VA 305 37.90 33.31 -77.61
N LEU VA 306 37.06 32.73 -76.76
CA LEU VA 306 37.36 32.58 -75.34
C LEU VA 306 36.90 31.22 -74.86
N SER VA 307 37.83 30.43 -74.36
CA SER VA 307 37.54 29.06 -73.94
C SER VA 307 37.80 28.81 -72.46
N ASN VA 308 39.00 29.10 -71.98
CA ASN VA 308 39.43 28.74 -70.63
C ASN VA 308 40.04 29.92 -69.92
N GLU VA 309 39.31 31.04 -69.97
CA GLU VA 309 39.73 32.34 -69.45
C GLU VA 309 41.04 32.79 -70.09
N LYS VA 310 41.23 32.38 -71.33
CA LYS VA 310 42.41 32.73 -72.12
C LYS VA 310 41.91 33.08 -73.50
N MET VA 311 42.32 34.24 -73.99
CA MET VA 311 41.86 34.67 -75.30
C MET VA 311 42.62 33.97 -76.40
N TYR VA 312 41.91 33.74 -77.50
CA TYR VA 312 42.53 33.41 -78.77
C TYR VA 312 42.11 34.48 -79.75
N VAL VA 313 43.05 34.99 -80.53
CA VAL VA 313 42.69 36.00 -81.49
C VAL VA 313 43.29 35.63 -82.83
N ARG VA 314 42.68 36.14 -83.89
CA ARG VA 314 43.08 35.81 -85.25
C ARG VA 314 43.00 37.04 -86.10
N THR VA 315 44.10 37.38 -86.76
CA THR VA 315 44.10 38.43 -87.76
C THR VA 315 45.26 38.19 -88.71
N ASN VA 316 45.56 39.19 -89.53
CA ASN VA 316 46.81 39.25 -90.24
C ASN VA 316 47.56 40.53 -89.89
N LEU VA 317 47.15 41.21 -88.85
CA LEU VA 317 47.81 42.41 -88.39
C LEU VA 317 48.75 42.06 -87.23
N THR VA 318 49.32 43.07 -86.60
CA THR VA 318 50.24 42.85 -85.50
C THR VA 318 49.79 43.66 -84.29
N ILE VA 319 49.45 42.96 -83.23
CA ILE VA 319 49.09 43.58 -81.97
C ILE VA 319 50.37 43.99 -81.25
N LEU VA 320 50.27 45.01 -80.42
CA LEU VA 320 51.45 45.52 -79.74
C LEU VA 320 51.36 45.44 -78.23
N SER VA 321 50.32 45.99 -77.61
CA SER VA 321 50.38 46.31 -76.19
C SER VA 321 50.38 45.11 -75.24
N PRO VA 322 49.31 44.34 -75.11
CA PRO VA 322 49.08 43.65 -73.84
C PRO VA 322 49.93 42.43 -73.60
N GLY VA 323 50.78 42.05 -74.54
CA GLY VA 323 51.72 40.97 -74.34
C GLY VA 323 51.09 39.62 -74.59
N TRP VA 324 51.65 38.85 -75.50
CA TRP VA 324 51.06 37.56 -75.81
C TRP VA 324 51.97 36.43 -75.37
N LEU VA 325 51.41 35.24 -75.39
CA LEU VA 325 52.09 34.05 -74.90
C LEU VA 325 52.42 33.04 -76.00
N ALA VA 326 51.60 32.93 -77.03
CA ALA VA 326 51.97 32.05 -78.13
C ALA VA 326 51.54 32.65 -79.46
N SER VA 327 52.41 32.55 -80.46
CA SER VA 327 52.12 33.12 -81.77
C SER VA 327 52.30 32.06 -82.85
N MET VA 328 51.30 31.95 -83.70
CA MET VA 328 51.30 30.98 -84.77
C MET VA 328 51.12 31.71 -86.09
N THR VA 329 51.83 31.26 -87.10
CA THR VA 329 51.79 31.89 -88.41
C THR VA 329 51.39 30.87 -89.46
N SER VA 330 50.49 31.27 -90.34
CA SER VA 330 50.08 30.42 -91.46
C SER VA 330 51.17 30.42 -92.53
N ALA VA 331 50.88 29.75 -93.64
CA ALA VA 331 51.81 29.68 -94.75
C ALA VA 331 51.68 30.86 -95.70
N ASP VA 332 50.81 31.82 -95.39
CA ASP VA 332 50.58 32.93 -96.30
C ASP VA 332 50.44 34.27 -95.60
N GLY VA 333 50.65 34.35 -94.29
CA GLY VA 333 50.62 35.64 -93.63
C GLY VA 333 49.43 35.90 -92.74
N THR VA 334 49.01 34.89 -91.99
CA THR VA 334 47.93 35.03 -91.02
C THR VA 334 48.48 34.71 -89.63
N HIS VA 335 48.30 35.63 -88.70
CA HIS VA 335 48.83 35.49 -87.35
C HIS VA 335 47.70 35.17 -86.38
N ALA VA 336 47.88 34.11 -85.61
CA ALA VA 336 46.97 33.75 -84.54
C ALA VA 336 47.70 33.83 -83.23
N TYR VA 337 47.02 34.28 -82.20
CA TYR VA 337 47.66 34.53 -80.92
C TYR VA 337 46.91 33.83 -79.82
N GLU VA 338 47.64 33.10 -78.99
CA GLU VA 338 47.18 32.69 -77.67
C GLU VA 338 47.60 33.78 -76.68
N MET VA 339 46.60 34.44 -76.09
CA MET VA 339 46.74 35.71 -75.42
C MET VA 339 46.01 35.68 -74.08
N GLN VA 340 46.34 36.65 -73.24
CA GLN VA 340 45.53 36.91 -72.07
C GLN VA 340 44.30 37.74 -72.48
N LYS VA 341 43.32 37.82 -71.59
CA LYS VA 341 42.13 38.60 -71.88
C LYS VA 341 42.44 40.09 -71.76
N SER VA 342 41.69 40.90 -72.51
CA SER VA 342 41.95 42.33 -72.59
C SER VA 342 40.70 43.04 -73.03
N PRO VA 343 40.47 44.24 -72.57
CA PRO VA 343 39.36 45.03 -73.14
C PRO VA 343 39.74 45.59 -74.50
N VAL VA 344 41.02 45.80 -74.76
CA VAL VA 344 41.43 46.55 -75.94
C VAL VA 344 42.84 46.13 -76.32
N LEU VA 345 43.16 46.25 -77.61
CA LEU VA 345 44.46 45.92 -78.15
C LEU VA 345 45.01 47.11 -78.91
N LEU VA 346 46.34 47.18 -79.00
CA LEU VA 346 47.02 48.21 -79.76
C LEU VA 346 47.64 47.57 -81.00
N VAL VA 347 47.25 48.04 -82.18
CA VAL VA 347 47.66 47.45 -83.44
C VAL VA 347 48.33 48.51 -84.31
N SER VA 348 49.54 48.21 -84.76
CA SER VA 348 50.14 48.97 -85.85
C SER VA 348 49.65 48.36 -87.15
N TRP VA 349 48.88 49.13 -87.91
CA TRP VA 349 48.27 48.57 -89.11
C TRP VA 349 49.19 48.72 -90.32
N HIS VA 350 49.47 49.95 -90.70
CA HIS VA 350 50.23 50.22 -91.92
C HIS VA 350 51.24 51.31 -91.63
N GLY VA 351 52.01 51.14 -90.57
CA GLY VA 351 52.87 52.19 -90.10
C GLY VA 351 52.17 53.20 -89.23
N LYS VA 352 50.87 53.06 -89.04
CA LYS VA 352 50.09 53.96 -88.20
C LYS VA 352 49.46 53.13 -87.10
N VAL VA 353 49.37 53.71 -85.91
CA VAL VA 353 48.94 53.01 -84.71
C VAL VA 353 47.47 53.27 -84.47
N MET VA 354 46.69 52.22 -84.28
CA MET VA 354 45.29 52.30 -83.91
C MET VA 354 45.05 51.38 -82.73
N GLN VA 355 43.86 51.47 -82.17
CA GLN VA 355 43.42 50.60 -81.08
C GLN VA 355 42.16 49.87 -81.53
N LEU VA 356 42.05 48.61 -81.17
CA LEU VA 356 40.87 47.81 -81.49
C LEU VA 356 40.26 47.34 -80.18
N LYS VA 357 38.98 47.65 -79.98
CA LYS VA 357 38.34 47.28 -78.73
C LYS VA 357 37.67 45.92 -78.87
N VAL VA 358 37.57 45.23 -77.74
CA VAL VA 358 37.03 43.88 -77.68
C VAL VA 358 35.88 43.88 -76.71
N GLU VA 359 34.76 43.32 -77.12
CA GLU VA 359 33.58 43.23 -76.27
C GLU VA 359 33.20 41.77 -76.09
N GLY VA 360 32.87 41.40 -74.86
CA GLY VA 360 32.40 40.06 -74.58
C GLY VA 360 32.85 39.58 -73.23
N LEU VA 361 33.78 40.31 -72.62
CA LEU VA 361 34.26 39.95 -71.30
C LEU VA 361 33.23 40.26 -70.24
N VAL WA 38 -1.56 19.48 -99.95
CA VAL WA 38 -1.67 19.96 -101.32
C VAL WA 38 -0.77 21.18 -101.67
N PRO WA 39 -0.70 22.26 -100.85
CA PRO WA 39 0.28 23.31 -101.19
C PRO WA 39 1.71 22.98 -100.81
N LYS WA 40 1.92 22.00 -99.93
CA LYS WA 40 3.28 21.71 -99.49
C LYS WA 40 4.05 20.91 -100.53
N LEU WA 41 3.54 19.75 -100.89
CA LEU WA 41 4.14 19.02 -101.99
C LEU WA 41 3.71 19.64 -103.31
N PRO WA 42 4.59 19.67 -104.31
CA PRO WA 42 4.22 20.27 -105.60
C PRO WA 42 3.22 19.42 -106.36
N CYS WA 43 2.44 20.08 -107.20
CA CYS WA 43 1.36 19.42 -107.93
C CYS WA 43 1.65 19.19 -109.39
N ARG WA 44 2.51 20.00 -110.00
CA ARG WA 44 2.90 19.81 -111.38
C ARG WA 44 4.29 20.42 -111.55
N VAL WA 45 4.91 20.13 -112.70
CA VAL WA 45 6.21 20.71 -112.99
C VAL WA 45 6.04 22.20 -113.25
N ASP WA 46 7.07 22.97 -112.91
CA ASP WA 46 6.99 24.42 -112.96
C ASP WA 46 6.97 24.91 -114.39
N GLY WA 47 6.11 25.90 -114.63
CA GLY WA 47 5.92 26.45 -115.95
C GLY WA 47 5.36 25.46 -116.94
N ALA WA 48 4.40 24.65 -116.54
CA ALA WA 48 3.81 23.65 -117.42
C ALA WA 48 2.30 23.78 -117.42
N CYS WA 49 1.74 23.89 -118.62
CA CYS WA 49 0.29 23.90 -118.80
C CYS WA 49 0.00 23.36 -120.20
N ASP WA 50 -0.82 22.32 -120.24
CA ASP WA 50 -1.01 21.60 -121.50
C ASP WA 50 -1.79 22.42 -122.50
N ALA WA 51 -2.60 23.37 -122.02
CA ALA WA 51 -3.25 24.32 -122.92
C ALA WA 51 -2.21 25.15 -123.65
N THR WA 52 -1.18 25.60 -122.94
CA THR WA 52 -0.08 26.32 -123.58
C THR WA 52 0.68 25.42 -124.53
N ILE WA 53 0.82 24.14 -124.18
CA ILE WA 53 1.53 23.20 -125.04
C ILE WA 53 0.82 23.04 -126.38
N ILE WA 54 -0.48 22.77 -126.33
CA ILE WA 54 -1.27 22.57 -127.55
C ILE WA 54 -1.32 23.85 -128.36
N LYS WA 55 -1.49 24.98 -127.67
CA LYS WA 55 -1.60 26.27 -128.34
C LYS WA 55 -0.33 26.61 -129.11
N MET WA 56 0.83 26.49 -128.46
CA MET WA 56 2.05 26.89 -129.14
C MET WA 56 2.46 25.89 -130.21
N MET WA 57 2.16 24.60 -130.04
CA MET WA 57 2.51 23.67 -131.11
C MET WA 57 1.62 23.88 -132.32
N THR WA 58 0.35 24.25 -132.09
CA THR WA 58 -0.53 24.58 -133.22
C THR WA 58 -0.07 25.85 -133.91
N ASP WA 59 0.42 26.82 -133.13
CA ASP WA 59 0.92 28.06 -133.71
C ASP WA 59 2.15 27.82 -134.57
N LEU WA 60 3.07 26.98 -134.11
CA LEU WA 60 4.25 26.67 -134.93
C LEU WA 60 3.87 25.88 -136.17
N ASN WA 61 2.88 24.99 -136.05
CA ASN WA 61 2.44 24.23 -137.21
C ASN WA 61 1.82 25.13 -138.26
N LYS WA 62 1.03 26.12 -137.84
CA LYS WA 62 0.49 27.04 -138.82
C LYS WA 62 1.53 28.05 -139.29
N LYS WA 63 2.60 28.25 -138.52
CA LYS WA 63 3.67 29.10 -139.01
C LYS WA 63 4.48 28.41 -140.08
N GLY WA 64 4.59 27.08 -140.03
CA GLY WA 64 5.22 26.35 -141.11
C GLY WA 64 6.30 25.42 -140.65
N ILE WA 65 6.56 25.43 -139.35
CA ILE WA 65 7.54 24.53 -138.76
C ILE WA 65 6.93 23.14 -138.69
N LYS WA 66 7.67 22.14 -139.16
CA LYS WA 66 7.18 20.78 -139.12
C LYS WA 66 7.27 20.25 -137.70
N VAL WA 67 6.11 19.92 -137.12
CA VAL WA 67 6.00 19.38 -135.77
C VAL WA 67 5.43 17.98 -135.88
N ALA WA 68 6.09 17.00 -135.26
CA ALA WA 68 5.57 15.65 -135.33
C ALA WA 68 5.71 14.96 -133.99
N SER WA 69 4.63 14.29 -133.59
CA SER WA 69 4.55 13.56 -132.35
C SER WA 69 4.05 12.16 -132.64
N VAL WA 70 4.90 11.16 -132.40
CA VAL WA 70 4.52 9.77 -132.63
C VAL WA 70 5.19 8.89 -131.59
N GLY WA 71 4.40 8.13 -130.85
CA GLY WA 71 4.98 7.36 -129.76
C GLY WA 71 5.41 8.28 -128.64
N GLN WA 72 6.60 8.02 -128.11
CA GLN WA 72 7.17 8.86 -127.06
C GLN WA 72 8.17 9.87 -127.60
N ASN WA 73 8.42 9.88 -128.89
CA ASN WA 73 9.42 10.74 -129.47
C ASN WA 73 8.79 11.98 -130.08
N TYR WA 74 9.62 12.96 -130.37
CA TYR WA 74 9.18 14.16 -131.05
C TYR WA 74 10.24 14.61 -132.04
N LEU WA 75 9.76 15.03 -133.21
CA LEU WA 75 10.58 15.59 -134.28
C LEU WA 75 10.14 17.01 -134.56
N ILE WA 76 11.10 17.92 -134.72
CA ILE WA 76 10.82 19.28 -135.14
C ILE WA 76 11.77 19.64 -136.27
N SER WA 77 11.22 20.06 -137.41
CA SER WA 77 12.01 20.35 -138.59
C SER WA 77 11.72 21.75 -139.11
N ILE WA 78 12.76 22.41 -139.59
CA ILE WA 78 12.69 23.80 -140.04
C ILE WA 78 13.38 23.91 -141.39
N PRO WA 79 12.79 24.61 -142.37
CA PRO WA 79 13.51 24.90 -143.61
C PRO WA 79 14.70 25.80 -143.36
N ALA WA 80 15.81 25.50 -144.04
CA ALA WA 80 17.07 26.21 -143.80
C ALA WA 80 17.02 27.64 -144.30
N SER WA 81 16.19 27.92 -145.30
CA SER WA 81 16.06 29.28 -145.80
C SER WA 81 15.37 30.19 -144.80
N ALA WA 82 14.62 29.63 -143.87
CA ALA WA 82 14.01 30.42 -142.82
C ALA WA 82 15.00 30.82 -141.75
N LEU WA 83 16.20 30.24 -141.73
CA LEU WA 83 17.15 30.49 -140.66
C LEU WA 83 18.46 31.09 -141.15
N PHE WA 84 19.11 30.47 -142.13
CA PHE WA 84 20.44 30.88 -142.52
C PHE WA 84 20.40 31.74 -143.77
N ALA WA 85 21.57 32.14 -144.24
CA ALA WA 85 21.72 32.77 -145.53
C ALA WA 85 22.10 31.71 -146.56
N ASP WA 86 22.49 32.14 -147.75
CA ASP WA 86 22.69 31.25 -148.89
C ASP WA 86 23.96 30.43 -148.69
N GLN WA 87 23.77 29.19 -148.22
CA GLN WA 87 24.84 28.21 -147.99
C GLN WA 87 25.91 28.74 -147.07
N SER WA 88 25.50 29.52 -146.07
CA SER WA 88 26.46 30.24 -145.26
C SER WA 88 26.13 30.07 -143.79
N PRO WA 89 27.12 29.79 -142.97
CA PRO WA 89 26.92 29.69 -141.52
C PRO WA 89 26.89 31.05 -140.83
N ARG WA 90 25.94 31.89 -141.22
CA ARG WA 90 25.65 33.13 -140.52
C ARG WA 90 24.16 33.15 -140.24
N LEU WA 91 23.77 33.89 -139.20
CA LEU WA 91 22.38 33.90 -138.76
C LEU WA 91 21.79 35.29 -138.91
N ASN WA 92 20.62 35.36 -139.51
CA ASN WA 92 19.92 36.62 -139.62
C ASN WA 92 19.40 37.06 -138.27
N TRP WA 93 19.20 38.37 -138.13
CA TRP WA 93 18.84 38.89 -136.82
C TRP WA 93 17.39 38.60 -136.46
N ALA WA 94 16.49 38.62 -137.43
CA ALA WA 94 15.07 38.41 -137.14
C ALA WA 94 14.75 36.95 -136.84
N SER WA 95 15.66 36.03 -137.13
CA SER WA 95 15.46 34.62 -136.84
C SER WA 95 15.53 34.31 -135.35
N TYR WA 96 16.10 35.22 -134.56
CA TYR WA 96 16.25 34.97 -133.13
C TYR WA 96 14.92 34.91 -132.42
N SER WA 97 13.89 35.57 -132.94
CA SER WA 97 12.56 35.45 -132.36
C SER WA 97 12.02 34.04 -132.49
N LEU WA 98 12.18 33.44 -133.66
CA LEU WA 98 11.74 32.07 -133.87
C LEU WA 98 12.56 31.09 -133.06
N LEU WA 99 13.85 31.38 -132.91
CA LEU WA 99 14.69 30.55 -132.06
C LEU WA 99 14.27 30.65 -130.60
N ASN WA 100 13.88 31.84 -130.17
CA ASN WA 100 13.36 32.04 -128.83
C ASN WA 100 12.06 31.28 -128.62
N GLU WA 101 11.19 31.29 -129.64
CA GLU WA 101 9.91 30.58 -129.53
C GLU WA 101 10.11 29.07 -129.46
N ILE WA 102 11.01 28.54 -130.29
CA ILE WA 102 11.21 27.10 -130.26
C ILE WA 102 11.92 26.69 -128.98
N ALA WA 103 12.74 27.57 -128.39
CA ALA WA 103 13.34 27.25 -127.10
C ALA WA 103 12.31 27.27 -125.99
N ALA WA 104 11.38 28.23 -126.06
CA ALA WA 104 10.32 28.31 -125.05
C ALA WA 104 9.42 27.09 -125.09
N PHE WA 105 9.13 26.60 -126.29
CA PHE WA 105 8.42 25.34 -126.40
C PHE WA 105 9.28 24.17 -125.95
N LEU WA 106 10.58 24.22 -126.21
CA LEU WA 106 11.44 23.08 -125.98
C LEU WA 106 11.67 22.85 -124.49
N LYS WA 107 11.67 23.90 -123.70
CA LYS WA 107 11.88 23.71 -122.27
C LYS WA 107 10.61 23.32 -121.54
N GLN WA 108 9.51 23.08 -122.25
CA GLN WA 108 8.26 22.76 -121.60
C GLN WA 108 8.16 21.33 -121.13
N PHE WA 109 9.08 20.46 -121.52
CA PHE WA 109 9.02 19.07 -121.13
C PHE WA 109 10.24 18.72 -120.30
N ARG WA 110 10.37 17.43 -119.99
CA ARG WA 110 11.56 16.91 -119.35
C ARG WA 110 12.24 15.96 -120.31
N LYS WA 111 13.57 16.05 -120.39
CA LYS WA 111 14.26 15.35 -121.47
C LYS WA 111 15.67 15.00 -121.04
N ILE WA 112 16.26 14.03 -121.74
CA ILE WA 112 17.59 13.58 -121.39
C ILE WA 112 18.56 13.91 -122.51
N ALA WA 113 18.35 13.27 -123.65
CA ALA WA 113 19.27 13.36 -124.79
C ALA WA 113 18.55 14.02 -125.96
N ILE WA 114 19.17 15.04 -126.53
CA ILE WA 114 18.62 15.70 -127.69
C ILE WA 114 19.62 15.55 -128.83
N THR WA 115 19.12 15.25 -130.02
CA THR WA 115 19.97 15.12 -131.19
C THR WA 115 19.59 16.18 -132.20
N VAL WA 116 20.59 16.86 -132.73
CA VAL WA 116 20.40 17.93 -133.69
C VAL WA 116 21.14 17.56 -134.96
N THR WA 117 20.41 17.54 -136.06
CA THR WA 117 20.99 17.18 -137.34
C THR WA 117 20.73 18.28 -138.36
N SER WA 118 21.68 18.44 -139.28
CA SER WA 118 21.51 19.38 -140.38
C SER WA 118 21.63 18.66 -141.72
N TYR WA 119 20.86 19.13 -142.71
CA TYR WA 119 20.93 18.59 -144.06
C TYR WA 119 20.93 19.73 -145.06
N SER WA 120 21.60 19.51 -146.19
CA SER WA 120 21.78 20.56 -147.20
C SER WA 120 21.49 19.98 -148.58
N SER WA 121 21.76 20.79 -149.60
CA SER WA 121 21.69 20.41 -150.99
C SER WA 121 23.11 20.20 -151.52
N LYS WA 122 23.23 20.00 -152.84
CA LYS WA 122 24.53 19.76 -153.46
C LYS WA 122 25.05 21.05 -154.08
N TYR WA 123 26.17 21.53 -153.57
CA TYR WA 123 26.70 22.81 -154.02
C TYR WA 123 28.06 22.70 -154.71
N VAL WA 124 29.07 22.16 -154.03
CA VAL WA 124 30.41 22.14 -154.61
C VAL WA 124 31.01 20.75 -154.55
N SER WA 125 30.96 20.13 -153.37
CA SER WA 125 31.83 19.00 -153.07
C SER WA 125 31.08 18.04 -152.16
N VAL WA 126 31.82 17.24 -151.42
CA VAL WA 126 31.30 16.53 -150.28
C VAL WA 126 31.69 17.21 -148.98
N LYS WA 127 32.97 17.59 -148.89
CA LYS WA 127 33.54 18.11 -147.65
C LYS WA 127 32.92 19.43 -147.26
N ARG WA 128 32.71 20.31 -148.25
CA ARG WA 128 32.16 21.63 -147.99
C ARG WA 128 30.76 21.53 -147.41
N GLU WA 129 29.95 20.64 -147.97
CA GLU WA 129 28.57 20.51 -147.55
C GLU WA 129 28.46 19.87 -146.18
N ARG WA 130 29.29 18.84 -145.94
CA ARG WA 130 29.27 18.20 -144.63
C ARG WA 130 29.75 19.15 -143.54
N ALA WA 131 30.79 19.94 -143.83
CA ALA WA 131 31.30 20.86 -142.84
C ALA WA 131 30.34 22.02 -142.60
N LEU WA 132 29.63 22.46 -143.65
CA LEU WA 132 28.63 23.51 -143.47
C LEU WA 132 27.50 23.04 -142.59
N THR WA 133 27.00 21.83 -142.82
CA THR WA 133 25.94 21.28 -141.98
C THR WA 133 26.41 21.10 -140.55
N LEU WA 134 27.65 20.65 -140.37
CA LEU WA 134 28.21 20.47 -139.04
C LEU WA 134 28.30 21.78 -138.29
N ALA WA 135 28.76 22.83 -138.96
CA ALA WA 135 28.88 24.13 -138.31
C ALA WA 135 27.52 24.72 -137.97
N ARG WA 136 26.54 24.55 -138.88
CA ARG WA 136 25.20 25.08 -138.65
C ARG WA 136 24.56 24.43 -137.43
N SER WA 137 24.64 23.09 -137.37
CA SER WA 137 24.10 22.37 -136.24
C SER WA 137 24.84 22.73 -134.96
N ARG WA 138 26.16 22.94 -135.06
CA ARG WA 138 26.96 23.30 -133.91
C ARG WA 138 26.54 24.64 -133.32
N VAL WA 139 26.31 25.63 -134.18
CA VAL WA 139 25.95 26.95 -133.70
C VAL WA 139 24.56 26.95 -133.09
N VAL WA 140 23.59 26.31 -133.75
CA VAL WA 140 22.24 26.34 -133.21
C VAL WA 140 22.15 25.52 -131.93
N SER WA 141 22.93 24.44 -131.82
CA SER WA 141 22.95 23.65 -130.60
C SER WA 141 23.58 24.41 -129.46
N GLU WA 142 24.64 25.16 -129.76
CA GLU WA 142 25.31 25.91 -128.71
C GLU WA 142 24.42 27.04 -128.21
N TYR WA 143 23.68 27.69 -129.11
CA TYR WA 143 22.78 28.74 -128.66
C TYR WA 143 21.63 28.16 -127.84
N LEU WA 144 21.15 26.97 -128.22
CA LEU WA 144 20.10 26.33 -127.42
C LEU WA 144 20.60 25.97 -126.03
N TRP WA 145 21.84 25.46 -125.93
CA TRP WA 145 22.40 25.15 -124.62
C TRP WA 145 22.64 26.40 -123.80
N SER WA 146 23.02 27.50 -124.46
CA SER WA 146 23.17 28.77 -123.78
C SER WA 146 21.84 29.24 -123.22
N GLN WA 147 20.78 29.03 -123.97
CA GLN WA 147 19.45 29.27 -123.43
C GLN WA 147 19.13 28.23 -122.38
N GLY WA 148 18.20 28.59 -121.49
CA GLY WA 148 17.86 27.75 -120.38
C GLY WA 148 16.89 26.64 -120.73
N VAL WA 149 17.38 25.60 -121.39
CA VAL WA 149 16.60 24.39 -121.60
C VAL WA 149 17.21 23.30 -120.74
N ASP WA 150 16.35 22.53 -120.09
CA ASP WA 150 16.80 21.56 -119.11
C ASP WA 150 17.14 20.27 -119.86
N SER WA 151 18.33 20.26 -120.42
CA SER WA 151 18.83 19.06 -121.07
C SER WA 151 19.86 18.38 -120.19
N ARG WA 152 20.28 17.20 -120.65
CA ARG WA 152 21.42 16.53 -120.06
C ARG WA 152 22.53 16.32 -121.07
N ILE WA 153 22.20 15.81 -122.26
CA ILE WA 153 23.18 15.63 -123.32
C ILE WA 153 22.65 16.25 -124.61
N ILE WA 154 23.51 16.99 -125.31
CA ILE WA 154 23.24 17.52 -126.62
C ILE WA 154 24.23 16.90 -127.58
N PHE WA 155 23.72 16.23 -128.61
CA PHE WA 155 24.54 15.71 -129.69
C PHE WA 155 24.26 16.55 -130.93
N THR WA 156 25.32 16.95 -131.63
CA THR WA 156 25.17 17.80 -132.80
C THR WA 156 25.95 17.22 -133.97
N GLN WA 157 25.29 17.18 -135.13
CA GLN WA 157 25.91 16.67 -136.35
C GLN WA 157 25.14 17.15 -137.58
N GLY WA 158 25.82 17.04 -138.72
CA GLY WA 158 25.19 17.28 -139.99
C GLY WA 158 25.54 16.17 -140.95
N LEU WA 159 24.82 16.11 -142.05
CA LEU WA 159 25.05 15.07 -143.04
C LEU WA 159 25.09 15.59 -144.47
N GLY WA 160 24.96 16.88 -144.70
CA GLY WA 160 25.12 17.42 -146.04
C GLY WA 160 23.92 17.14 -146.90
N SER WA 161 24.16 16.56 -148.07
CA SER WA 161 23.10 16.20 -148.99
C SER WA 161 23.04 14.70 -149.19
N ASP WA 162 23.28 13.95 -148.11
CA ASP WA 162 23.40 12.51 -148.24
C ASP WA 162 22.11 11.76 -147.91
N LYS WA 163 21.17 12.40 -147.24
CA LYS WA 163 19.91 11.77 -146.84
C LYS WA 163 18.74 12.67 -147.17
N PRO WA 164 18.35 12.76 -148.43
CA PRO WA 164 17.25 13.65 -148.81
C PRO WA 164 15.91 13.03 -148.47
N ILE WA 165 14.87 13.85 -148.59
CA ILE WA 165 13.49 13.42 -148.41
C ILE WA 165 12.62 13.69 -149.62
N THR WA 166 13.20 14.21 -150.70
CA THR WA 166 12.46 14.52 -151.90
C THR WA 166 13.35 14.24 -153.10
N SER WA 167 12.81 13.54 -154.10
CA SER WA 167 13.56 13.30 -155.33
C SER WA 167 13.72 14.59 -156.14
N TYR WA 168 12.69 15.42 -156.16
CA TYR WA 168 12.75 16.69 -156.88
C TYR WA 168 13.67 17.66 -156.15
N THR WA 169 14.70 18.15 -156.83
CA THR WA 169 15.74 18.96 -156.19
C THR WA 169 16.14 20.14 -157.06
N LEU WA 170 15.17 20.80 -157.69
CA LEU WA 170 15.55 21.89 -158.59
C LEU WA 170 15.92 23.15 -157.85
N GLY WA 171 15.27 23.43 -156.72
CA GLY WA 171 15.58 24.63 -155.98
C GLY WA 171 16.93 24.55 -155.29
N GLY WA 172 17.43 25.71 -154.87
CA GLY WA 172 18.72 25.77 -154.24
C GLY WA 172 18.59 25.52 -152.75
N ASP WA 173 18.93 26.51 -151.93
CA ASP WA 173 18.64 26.39 -150.51
C ASP WA 173 17.16 26.56 -150.21
N ARG WA 174 16.36 26.99 -151.17
CA ARG WA 174 14.93 27.06 -151.00
C ARG WA 174 14.25 25.70 -151.13
N SER WA 175 14.97 24.69 -151.60
CA SER WA 175 14.40 23.36 -151.70
C SER WA 175 14.17 22.77 -150.31
N PRO WA 176 13.05 22.09 -150.09
CA PRO WA 176 12.68 21.70 -148.73
C PRO WA 176 13.53 20.59 -148.15
N ASN WA 177 14.33 19.90 -148.95
CA ASN WA 177 15.14 18.82 -148.40
C ASN WA 177 16.29 19.36 -147.56
N ALA WA 178 16.79 20.54 -147.87
CA ALA WA 178 17.74 21.19 -146.98
C ALA WA 178 16.99 21.71 -145.77
N ARG WA 179 17.45 21.32 -144.59
CA ARG WA 179 16.64 21.50 -143.40
C ARG WA 179 17.52 21.42 -142.16
N VAL WA 180 16.93 21.86 -141.04
CA VAL WA 180 17.51 21.70 -139.72
C VAL WA 180 16.50 20.96 -138.87
N GLU WA 181 16.93 19.89 -138.21
CA GLU WA 181 16.02 19.08 -137.42
C GLU WA 181 16.56 18.91 -136.01
N ILE WA 182 15.63 18.91 -135.05
CA ILE WA 182 15.93 18.63 -133.66
C ILE WA 182 14.93 17.58 -133.16
N THR WA 183 15.45 16.51 -132.57
CA THR WA 183 14.62 15.40 -132.15
C THR WA 183 14.99 14.96 -130.74
N PHE WA 184 14.00 14.39 -130.05
CA PHE WA 184 14.27 13.84 -128.72
C PHE WA 184 13.18 12.83 -128.36
N ARG WA 185 13.36 12.22 -127.18
CA ARG WA 185 12.42 11.28 -126.60
C ARG WA 185 11.99 11.77 -125.23
N ARG WA 186 10.69 11.78 -124.99
CA ARG WA 186 10.17 12.15 -123.69
C ARG WA 186 10.44 11.04 -122.68
N ALA WA 187 10.78 11.43 -121.45
CA ALA WA 187 11.04 10.47 -120.38
C ALA WA 187 10.15 10.79 -119.18
N VAL WA 188 9.07 10.03 -119.03
CA VAL WA 188 8.21 10.02 -117.85
C VAL WA 188 7.64 11.38 -117.48
N CYS XA 42 18.28 51.21 -144.33
CA CYS XA 42 17.98 51.30 -142.91
C CYS XA 42 19.23 51.00 -142.07
N PHE XA 43 19.19 49.90 -141.33
CA PHE XA 43 20.25 49.59 -140.39
C PHE XA 43 20.24 48.09 -140.11
N HIS XA 44 21.38 47.55 -139.69
CA HIS XA 44 21.43 46.17 -139.26
C HIS XA 44 22.08 46.11 -137.89
N PRO XA 45 21.55 45.33 -136.96
CA PRO XA 45 22.17 45.17 -135.65
C PRO XA 45 23.55 44.55 -135.68
N PRO XA 46 23.82 43.46 -136.49
CA PRO XA 46 25.23 42.99 -136.37
C PRO XA 46 26.23 43.82 -137.17
N TYR XA 47 26.64 44.93 -136.56
CA TYR XA 47 27.64 45.88 -137.06
C TYR XA 47 27.28 46.49 -138.41
N ASN XA 48 26.00 46.44 -138.77
CA ASN XA 48 25.44 46.99 -140.00
C ASN XA 48 26.13 46.48 -141.26
N ASN XA 49 26.49 45.19 -141.24
CA ASN XA 49 27.14 44.47 -142.34
C ASN XA 49 28.45 45.10 -142.77
N PHE XA 50 29.14 45.72 -141.81
CA PHE XA 50 30.42 46.41 -142.01
C PHE XA 50 30.34 47.48 -143.08
N GLN XA 51 29.21 48.11 -143.20
CA GLN XA 51 29.05 49.14 -144.21
C GLN XA 51 29.59 50.46 -143.69
N PRO XA 52 29.84 51.42 -144.57
CA PRO XA 52 29.96 52.81 -144.11
C PRO XA 52 28.65 53.29 -143.51
N ASP XA 53 28.68 53.62 -142.22
CA ASP XA 53 27.46 53.89 -141.47
C ASP XA 53 26.81 55.22 -141.88
N ARG XA 54 25.48 55.22 -141.93
CA ARG XA 54 24.72 56.40 -142.27
C ARG XA 54 23.69 56.67 -141.19
N ARG XA 55 23.67 57.91 -140.69
CA ARG XA 55 22.68 58.36 -139.72
C ARG XA 55 22.07 59.70 -140.09
N ALA XA 56 22.85 60.61 -140.67
CA ALA XA 56 22.42 62.00 -140.86
C ALA XA 56 21.31 62.12 -141.89
N VAL XA 57 21.39 61.36 -142.97
CA VAL XA 57 20.39 61.45 -144.03
C VAL XA 57 19.06 60.90 -143.54
N LYS XA 58 19.07 59.82 -142.76
CA LYS XA 58 17.82 59.29 -142.22
C LYS XA 58 17.23 60.24 -141.18
N ARG XA 59 18.08 60.90 -140.39
CA ARG XA 59 17.57 61.83 -139.41
C ARG XA 59 16.95 63.07 -140.06
N VAL XA 60 17.59 63.61 -141.10
CA VAL XA 60 17.00 64.76 -141.75
C VAL XA 60 15.77 64.36 -142.57
N GLY XA 61 15.72 63.11 -143.03
CA GLY XA 61 14.50 62.63 -143.66
C GLY XA 61 13.32 62.55 -142.70
N VAL XA 62 13.55 61.98 -141.51
CA VAL XA 62 12.46 61.85 -140.55
C VAL XA 62 12.15 63.16 -139.84
N ASP XA 63 13.01 64.17 -139.96
CA ASP XA 63 12.61 65.51 -139.51
C ASP XA 63 11.92 66.32 -140.59
N THR XA 64 12.28 66.14 -141.86
CA THR XA 64 11.61 66.86 -142.93
C THR XA 64 10.21 66.31 -143.19
N GLY XA 65 9.98 65.04 -142.88
CA GLY XA 65 8.66 64.45 -143.04
C GLY XA 65 7.62 65.02 -142.09
N GLY XA 88 11.68 69.62 -140.93
CA GLY XA 88 12.49 70.76 -141.30
C GLY XA 88 13.95 70.43 -141.57
N GLY XA 89 14.44 70.87 -142.73
CA GLY XA 89 15.80 70.56 -143.13
C GLY XA 89 16.84 71.21 -142.24
N THR XA 90 16.63 72.47 -141.87
CA THR XA 90 17.59 73.20 -141.06
C THR XA 90 17.66 72.65 -139.64
N VAL XA 91 16.51 72.38 -139.02
CA VAL XA 91 16.50 71.84 -137.67
C VAL XA 91 17.02 70.41 -137.66
N GLY XA 92 16.74 69.64 -138.72
CA GLY XA 92 17.34 68.32 -138.84
C GLY XA 92 18.84 68.36 -139.01
N LEU XA 93 19.33 69.35 -139.76
CA LEU XA 93 20.78 69.50 -139.96
C LEU XA 93 21.49 69.90 -138.67
N VAL XA 94 20.92 70.84 -137.92
CA VAL XA 94 21.58 71.25 -136.68
C VAL XA 94 21.47 70.16 -135.63
N ALA XA 95 20.39 69.36 -135.64
CA ALA XA 95 20.30 68.24 -134.73
C ALA XA 95 21.30 67.16 -135.10
N SER XA 96 21.52 66.94 -136.39
CA SER XA 96 22.51 65.97 -136.84
C SER XA 96 23.91 66.39 -136.44
N ILE XA 97 24.25 67.67 -136.60
CA ILE XA 97 25.60 68.07 -136.23
C ILE XA 97 25.75 68.16 -134.71
N TYR XA 98 24.65 68.39 -133.98
CA TYR XA 98 24.75 68.36 -132.52
C TYR XA 98 24.98 66.95 -132.02
N ARG XA 99 24.29 65.97 -132.59
CA ARG XA 99 24.47 64.59 -132.15
C ARG XA 99 25.66 63.91 -132.79
N ASP XA 100 26.30 64.55 -133.78
CA ASP XA 100 27.54 64.02 -134.33
C ASP XA 100 28.77 64.80 -133.90
N SER XA 101 28.59 65.87 -133.12
CA SER XA 101 29.73 66.51 -132.52
C SER XA 101 30.35 65.60 -131.44
N LYS XA 102 31.61 65.90 -131.11
CA LYS XA 102 32.41 65.01 -130.28
C LYS XA 102 31.89 64.94 -128.84
N ARG XA 103 31.30 66.03 -128.36
CA ARG XA 103 30.79 66.06 -127.00
C ARG XA 103 29.64 65.08 -126.82
N LYS XA 104 28.76 64.97 -127.82
CA LYS XA 104 27.60 64.10 -127.70
C LYS XA 104 28.01 62.63 -127.74
N ILE XA 105 28.94 62.27 -128.63
CA ILE XA 105 29.35 60.87 -128.70
C ILE XA 105 30.19 60.50 -127.48
N ILE XA 106 30.94 61.46 -126.93
CA ILE XA 106 31.66 61.23 -125.68
C ILE XA 106 30.67 61.01 -124.54
N ARG XA 107 29.60 61.79 -124.51
CA ARG XA 107 28.60 61.63 -123.46
C ARG XA 107 27.82 60.33 -123.61
N ASP XA 108 27.57 59.88 -124.83
CA ASP XA 108 26.92 58.58 -125.02
C ASP XA 108 27.85 57.44 -124.63
N LEU XA 109 29.15 57.58 -124.92
CA LEU XA 109 30.12 56.60 -124.48
C LEU XA 109 30.25 56.60 -122.97
N GLN XA 110 29.98 57.74 -122.33
CA GLN XA 110 29.91 57.78 -120.88
C GLN XA 110 28.61 57.18 -120.37
N LYS XA 111 27.54 57.27 -121.15
CA LYS XA 111 26.29 56.63 -120.77
C LYS XA 111 26.42 55.12 -120.79
N GLN XA 112 27.08 54.59 -121.81
CA GLN XA 112 27.54 53.22 -121.72
C GLN XA 112 28.71 53.14 -120.75
N ASP XA 113 29.07 51.93 -120.35
CA ASP XA 113 30.10 51.75 -119.33
C ASP XA 113 31.51 51.79 -119.93
N ILE XA 114 31.85 52.91 -120.56
CA ILE XA 114 33.10 53.03 -121.31
C ILE XA 114 33.86 54.24 -120.81
N GLN XA 115 35.15 54.07 -120.49
CA GLN XA 115 35.94 55.14 -119.90
C GLN XA 115 36.87 55.77 -120.93
N TYR XA 116 36.94 57.10 -120.93
CA TYR XA 116 37.72 57.87 -121.89
C TYR XA 116 38.64 58.84 -121.17
N VAL XA 117 39.90 58.92 -121.62
CA VAL XA 117 40.86 59.83 -121.02
C VAL XA 117 41.63 60.53 -122.12
N GLU XA 118 41.70 61.85 -122.06
CA GLU XA 118 42.54 62.66 -122.92
C GLU XA 118 43.57 63.37 -122.07
N TYR XA 119 44.84 63.24 -122.43
CA TYR XA 119 45.92 63.81 -121.63
C TYR XA 119 47.13 63.99 -122.51
N GLY XA 120 47.55 65.24 -122.71
CA GLY XA 120 48.70 65.49 -123.56
C GLY XA 120 48.34 65.25 -125.02
N ASP XA 121 49.27 64.65 -125.75
CA ASP XA 121 49.02 64.26 -127.12
C ASP XA 121 48.51 62.84 -127.25
N THR XA 122 48.30 62.17 -126.13
CA THR XA 122 47.88 60.77 -126.11
C THR XA 122 46.46 60.67 -125.61
N ARG XA 123 45.73 59.68 -126.12
CA ARG XA 123 44.39 59.44 -125.60
C ARG XA 123 44.18 57.95 -125.40
N THR XA 124 43.44 57.62 -124.35
CA THR XA 124 43.23 56.22 -123.96
C THR XA 124 41.76 55.93 -123.76
N LEU XA 125 41.41 54.68 -124.05
CA LEU XA 125 40.08 54.14 -123.92
C LEU XA 125 40.16 52.90 -123.04
N ILE XA 126 39.23 52.79 -122.08
CA ILE XA 126 39.17 51.67 -121.16
C ILE XA 126 37.84 50.98 -121.36
N ILE XA 127 37.90 49.67 -121.61
CA ILE XA 127 36.72 48.86 -121.88
C ILE XA 127 36.64 47.76 -120.84
N PRO XA 128 35.49 47.54 -120.22
CA PRO XA 128 35.36 46.41 -119.28
C PRO XA 128 35.00 45.11 -119.98
N THR XA 129 35.86 44.12 -119.74
CA THR XA 129 35.74 42.81 -120.39
C THR XA 129 34.48 42.09 -119.96
N ASP XA 130 34.09 42.25 -118.69
CA ASP XA 130 32.96 41.52 -118.13
C ASP XA 130 31.66 41.89 -118.83
N LYS XA 131 31.46 43.17 -119.12
CA LYS XA 131 30.25 43.54 -119.82
C LYS XA 131 30.38 43.35 -121.32
N TYR XA 132 31.50 43.77 -121.91
CA TYR XA 132 31.60 43.79 -123.36
C TYR XA 132 32.25 42.55 -123.91
N PHE XA 133 32.21 41.46 -123.17
CA PHE XA 133 32.77 40.21 -123.64
C PHE XA 133 32.03 39.06 -122.99
N MET XA 134 31.88 37.97 -123.73
CA MET XA 134 31.34 36.77 -123.13
C MET XA 134 32.37 36.17 -122.17
N PHE XA 135 31.88 35.47 -121.16
CA PHE XA 135 32.72 35.06 -120.04
C PHE XA 135 33.68 33.96 -120.46
N SER XA 136 34.95 34.15 -120.07
CA SER XA 136 36.01 33.14 -120.17
C SER XA 136 36.25 32.70 -121.60
N SER XA 137 36.09 33.62 -122.55
CA SER XA 137 36.14 33.22 -123.95
C SER XA 137 36.53 34.42 -124.78
N PRO XA 138 37.10 34.20 -125.96
CA PRO XA 138 37.18 35.26 -126.97
C PRO XA 138 35.90 35.45 -127.76
N ARG XA 139 34.78 34.87 -127.32
CA ARG XA 139 33.50 35.14 -127.94
C ARG XA 139 33.10 36.58 -127.66
N LEU XA 140 32.88 37.35 -128.73
CA LEU XA 140 32.41 38.72 -128.56
C LEU XA 140 30.97 38.71 -128.12
N ASN XA 141 30.66 39.45 -127.06
CA ASN XA 141 29.28 39.70 -126.72
C ASN XA 141 28.68 40.59 -127.79
N GLU XA 142 27.69 40.06 -128.51
CA GLU XA 142 27.11 40.80 -129.62
C GLU XA 142 26.25 41.95 -129.14
N ILE XA 143 25.67 41.83 -127.95
CA ILE XA 143 24.58 42.72 -127.56
C ILE XA 143 25.04 44.13 -127.20
N CYS XA 144 26.34 44.35 -127.04
CA CYS XA 144 26.87 45.68 -126.81
C CYS XA 144 27.24 46.39 -128.11
N TYR XA 145 26.56 46.03 -129.20
CA TYR XA 145 26.82 46.69 -130.48
C TYR XA 145 26.55 48.19 -130.54
N PRO XA 146 25.64 48.83 -129.76
CA PRO XA 146 25.65 50.31 -129.78
C PRO XA 146 26.94 50.90 -129.28
N GLY XA 147 27.50 50.30 -128.22
CA GLY XA 147 28.80 50.74 -127.75
C GLY XA 147 29.89 50.50 -128.77
N LEU XA 148 29.83 49.37 -129.47
CA LEU XA 148 30.86 49.08 -130.47
C LEU XA 148 30.77 50.03 -131.66
N ASN XA 149 29.56 50.33 -132.12
CA ASN XA 149 29.42 51.24 -133.26
C ASN XA 149 29.80 52.66 -132.89
N ASN XA 150 29.51 53.08 -131.66
CA ASN XA 150 29.95 54.40 -131.24
C ASN XA 150 31.46 54.45 -131.06
N VAL XA 151 32.08 53.32 -130.70
CA VAL XA 151 33.54 53.26 -130.61
C VAL XA 151 34.16 53.46 -131.99
N ILE XA 152 33.60 52.79 -133.00
CA ILE XA 152 34.10 52.98 -134.36
C ILE XA 152 33.84 54.40 -134.85
N ARG XA 153 32.68 54.96 -134.49
CA ARG XA 153 32.32 56.31 -134.90
C ARG XA 153 33.27 57.35 -134.31
N LEU XA 154 33.69 57.15 -133.07
CA LEU XA 154 34.68 58.05 -132.49
C LEU XA 154 36.04 57.85 -133.14
N LEU XA 155 36.48 56.60 -133.25
CA LEU XA 155 37.85 56.34 -133.66
C LEU XA 155 38.07 56.54 -135.15
N ASN XA 156 37.01 56.79 -135.91
CA ASN XA 156 37.19 57.19 -137.30
C ASN XA 156 37.78 58.59 -137.44
N PHE XA 157 37.78 59.40 -136.38
CA PHE XA 157 38.12 60.81 -136.51
C PHE XA 157 39.60 61.06 -136.72
N TYR XA 158 40.48 60.14 -136.32
CA TYR XA 158 41.92 60.35 -136.39
C TYR XA 158 42.53 59.27 -137.27
N PRO XA 159 42.50 59.44 -138.57
CA PRO XA 159 42.89 58.34 -139.46
C PRO XA 159 44.38 58.19 -139.66
N GLN XA 160 45.22 58.79 -138.82
CA GLN XA 160 46.65 58.65 -138.98
C GLN XA 160 47.38 58.22 -137.72
N SER XA 161 46.74 58.27 -136.56
CA SER XA 161 47.43 57.95 -135.33
C SER XA 161 47.67 56.45 -135.20
N THR XA 162 48.82 56.09 -134.65
CA THR XA 162 49.15 54.70 -134.41
C THR XA 162 48.36 54.17 -133.22
N ILE XA 163 48.02 52.89 -133.28
CA ILE XA 163 47.11 52.27 -132.32
C ILE XA 163 47.84 51.16 -131.59
N TYR XA 164 47.78 51.18 -130.26
CA TYR XA 164 48.20 50.05 -129.44
C TYR XA 164 47.01 49.57 -128.63
N VAL XA 165 46.89 48.25 -128.51
CA VAL XA 165 45.79 47.64 -127.77
C VAL XA 165 46.37 46.57 -126.86
N ALA XA 166 45.83 46.48 -125.64
CA ALA XA 166 46.34 45.56 -124.64
C ALA XA 166 45.22 44.98 -123.81
N GLY XA 167 45.48 43.80 -123.27
CA GLY XA 167 44.50 43.09 -122.46
C GLY XA 167 45.03 42.77 -121.07
N PHE XA 168 44.17 42.92 -120.06
CA PHE XA 168 44.58 42.72 -118.68
C PHE XA 168 43.54 41.92 -117.91
N THR XA 169 44.01 40.95 -117.14
CA THR XA 169 43.17 40.04 -116.39
C THR XA 169 43.27 40.30 -114.90
N ASP XA 170 42.55 39.47 -114.14
CA ASP XA 170 42.62 39.41 -112.69
C ASP XA 170 43.68 38.39 -112.30
N ASN XA 171 43.69 37.98 -111.03
CA ASN XA 171 44.78 37.16 -110.52
C ASN XA 171 44.34 35.75 -110.14
N VAL XA 172 43.22 35.28 -110.65
CA VAL XA 172 42.82 33.91 -110.41
C VAL XA 172 43.52 33.00 -111.41
N GLY XA 173 44.17 31.95 -110.92
CA GLY XA 173 44.60 30.87 -111.78
C GLY XA 173 46.06 30.91 -112.16
N SER XA 174 46.38 30.13 -113.18
CA SER XA 174 47.76 29.91 -113.60
C SER XA 174 48.24 31.00 -114.55
N ARG XA 175 49.57 31.19 -114.57
CA ARG XA 175 50.21 32.23 -115.36
C ARG XA 175 49.97 32.02 -116.84
N SER XA 176 50.09 30.77 -117.29
CA SER XA 176 49.89 30.44 -118.69
C SER XA 176 48.46 30.74 -119.12
N HIS XA 177 47.50 30.42 -118.26
CA HIS XA 177 46.10 30.68 -118.56
C HIS XA 177 45.83 32.17 -118.67
N LYS XA 178 46.40 32.96 -117.75
CA LYS XA 178 46.22 34.41 -117.81
C LYS XA 178 46.83 34.99 -119.07
N ARG XA 179 48.03 34.53 -119.42
CA ARG XA 179 48.71 35.00 -120.61
C ARG XA 179 47.91 34.69 -121.87
N LYS XA 180 47.42 33.46 -121.98
CA LYS XA 180 46.72 33.04 -123.19
C LYS XA 180 45.39 33.74 -123.33
N LEU XA 181 44.67 33.95 -122.22
CA LEU XA 181 43.38 34.62 -122.32
C LEU XA 181 43.56 36.08 -122.68
N SER XA 182 44.59 36.74 -122.15
CA SER XA 182 44.87 38.11 -122.53
C SER XA 182 45.25 38.21 -124.00
N GLN XA 183 46.04 37.25 -124.49
CA GLN XA 183 46.43 37.23 -125.90
C GLN XA 183 45.22 37.07 -126.81
N ALA XA 184 44.32 36.16 -126.45
CA ALA XA 184 43.13 35.92 -127.27
C ALA XA 184 42.23 37.14 -127.30
N GLN XA 185 42.03 37.77 -126.14
CA GLN XA 185 41.13 38.92 -126.09
C GLN XA 185 41.69 40.09 -126.87
N ALA XA 186 42.99 40.34 -126.74
CA ALA XA 186 43.61 41.45 -127.45
C ALA XA 186 43.56 41.24 -128.95
N GLU XA 187 43.83 40.01 -129.41
CA GLU XA 187 43.80 39.78 -130.84
C GLU XA 187 42.38 39.85 -131.39
N THR XA 188 41.38 39.48 -130.59
CA THR XA 188 40.00 39.61 -131.03
C THR XA 188 39.61 41.07 -131.22
N MET XA 189 39.98 41.92 -130.25
CA MET XA 189 39.69 43.34 -130.38
C MET XA 189 40.43 43.94 -131.57
N MET XA 190 41.67 43.50 -131.80
CA MET XA 190 42.45 43.93 -132.94
C MET XA 190 41.78 43.56 -134.26
N THR XA 191 41.22 42.35 -134.32
CA THR XA 191 40.58 41.90 -135.56
C THR XA 191 39.30 42.67 -135.83
N PHE XA 192 38.52 42.96 -134.79
CA PHE XA 192 37.32 43.77 -134.99
C PHE XA 192 37.67 45.17 -135.43
N LEU XA 193 38.81 45.69 -134.97
CA LEU XA 193 39.29 46.94 -135.53
C LEU XA 193 39.71 46.77 -136.98
N TRP XA 194 40.35 45.64 -137.31
CA TRP XA 194 40.85 45.41 -138.66
C TRP XA 194 39.74 45.27 -139.68
N ALA XA 195 38.55 44.93 -139.23
CA ALA XA 195 37.41 44.80 -140.13
C ALA XA 195 36.96 46.13 -140.73
N ASN XA 196 37.43 47.25 -140.23
CA ASN XA 196 36.91 48.54 -140.68
C ASN XA 196 38.00 49.42 -141.28
N GLY XA 197 38.83 48.81 -142.12
CA GLY XA 197 39.61 49.55 -143.09
C GLY XA 197 40.92 50.14 -142.60
N ILE XA 198 41.28 49.96 -141.35
CA ILE XA 198 42.56 50.49 -140.89
C ILE XA 198 43.67 49.54 -141.30
N ALA XA 199 44.81 50.12 -141.67
CA ALA XA 199 45.88 49.34 -142.27
C ALA XA 199 46.64 48.53 -141.22
N ALA XA 200 47.26 47.45 -141.67
CA ALA XA 200 47.87 46.49 -140.76
C ALA XA 200 49.14 47.03 -140.14
N LYS XA 201 49.86 47.88 -140.85
CA LYS XA 201 51.07 48.45 -140.28
C LYS XA 201 50.79 49.51 -139.24
N ARG XA 202 49.56 49.98 -139.12
CA ARG XA 202 49.21 50.93 -138.07
C ARG XA 202 48.98 50.26 -136.73
N LEU XA 203 49.00 48.94 -136.65
CA LEU XA 203 48.40 48.24 -135.53
C LEU XA 203 49.37 47.26 -134.88
N LYS XA 204 49.17 47.04 -133.59
CA LYS XA 204 49.94 46.11 -132.79
C LYS XA 204 49.13 45.74 -131.57
N ALA XA 205 49.10 44.46 -131.24
CA ALA XA 205 48.30 43.94 -130.14
C ALA XA 205 49.17 43.33 -129.06
N GLU XA 206 48.70 43.40 -127.82
CA GLU XA 206 49.44 42.82 -126.71
C GLU XA 206 48.49 42.48 -125.57
N GLY XA 207 48.63 41.28 -125.04
CA GLY XA 207 47.91 40.93 -123.83
C GLY XA 207 48.89 40.65 -122.71
N TYR XA 208 48.92 41.48 -121.68
CA TYR XA 208 49.92 41.32 -120.63
C TYR XA 208 49.45 40.28 -119.62
N GLY XA 209 50.09 40.24 -118.47
CA GLY XA 209 49.60 39.38 -117.41
C GLY XA 209 48.70 40.16 -116.48
N ASP XA 210 49.20 40.42 -115.29
CA ASP XA 210 48.51 41.27 -114.36
C ASP XA 210 49.50 42.16 -113.62
N LYS XA 211 50.64 42.44 -114.24
CA LYS XA 211 51.77 43.02 -113.54
C LYS XA 211 51.60 44.50 -113.22
N ASN XA 212 50.58 45.17 -113.75
CA ASN XA 212 50.30 46.54 -113.36
C ASN XA 212 48.82 46.60 -113.01
N ALA XA 213 48.51 46.25 -111.78
CA ALA XA 213 47.13 46.28 -111.33
C ALA XA 213 46.75 47.70 -110.98
N ILE XA 214 45.66 48.18 -111.58
CA ILE XA 214 45.15 49.50 -111.26
C ILE XA 214 44.38 49.51 -109.95
N SER XA 215 44.11 48.34 -109.39
CA SER XA 215 43.39 48.26 -108.14
C SER XA 215 43.91 47.08 -107.34
N ASP XA 216 43.68 47.12 -106.05
CA ASP XA 216 44.16 46.09 -105.14
C ASP XA 216 43.31 44.84 -105.28
N ASN XA 217 43.94 43.73 -105.65
CA ASN XA 217 43.20 42.58 -106.15
C ASN XA 217 42.50 41.80 -105.06
N ALA XA 218 42.87 41.99 -103.80
CA ALA XA 218 42.24 41.20 -102.73
C ALA XA 218 40.81 41.64 -102.46
N ILE XA 219 40.46 42.84 -102.83
CA ILE XA 219 39.12 43.34 -102.61
C ILE XA 219 38.29 43.11 -103.86
N ILE XA 220 37.01 42.81 -103.66
CA ILE XA 220 36.17 42.27 -104.73
C ILE XA 220 35.91 43.31 -105.80
N HIS XA 221 35.53 44.52 -105.40
CA HIS XA 221 35.15 45.54 -106.36
C HIS XA 221 36.36 46.02 -107.15
N GLY XA 222 37.50 46.21 -106.49
CA GLY XA 222 38.71 46.57 -107.20
C GLY XA 222 39.19 45.46 -108.11
N SER XA 223 39.01 44.21 -107.69
CA SER XA 223 39.37 43.08 -108.54
C SER XA 223 38.51 43.06 -109.79
N ALA XA 224 37.24 43.41 -109.66
CA ALA XA 224 36.39 43.54 -110.84
C ALA XA 224 36.80 44.75 -111.68
N GLN XA 225 37.35 45.78 -111.06
CA GLN XA 225 37.76 46.94 -111.84
C GLN XA 225 39.08 46.72 -112.57
N ASN XA 226 39.90 45.77 -112.12
CA ASN XA 226 41.22 45.59 -112.74
C ASN XA 226 41.13 45.02 -114.15
N ARG XA 227 40.22 44.08 -114.37
CA ARG XA 227 40.15 43.34 -115.63
C ARG XA 227 39.62 44.23 -116.74
N ARG XA 228 40.39 44.39 -117.82
CA ARG XA 228 40.08 45.47 -118.73
C ARG XA 228 40.74 45.25 -120.09
N ILE XA 229 40.34 46.08 -121.04
CA ILE XA 229 41.03 46.29 -122.30
C ILE XA 229 41.49 47.73 -122.37
N GLU XA 230 42.77 47.93 -122.65
CA GLU XA 230 43.40 49.24 -122.71
C GLU XA 230 43.68 49.58 -124.17
N ILE XA 231 43.30 50.78 -124.58
CA ILE XA 231 43.47 51.22 -125.96
C ILE XA 231 44.18 52.56 -125.93
N GLN XA 232 45.39 52.62 -126.47
CA GLN XA 232 46.17 53.85 -126.47
C GLN XA 232 46.39 54.29 -127.90
N TRP XA 233 46.28 55.60 -128.14
CA TRP XA 233 46.73 56.09 -129.43
C TRP XA 233 47.28 57.50 -129.33
N PHE XA 234 48.30 57.75 -130.14
CA PHE XA 234 49.07 58.98 -130.19
C PHE XA 234 48.36 60.04 -131.03
N THR XA 235 49.11 61.06 -131.43
CA THR XA 235 48.65 62.02 -132.41
C THR XA 235 49.50 61.99 -133.67
N SER XA 236 50.81 62.13 -133.54
CA SER XA 236 51.71 62.10 -134.69
C SER XA 236 51.92 60.68 -135.17
N LEU YA 113 75.80 37.68 -169.23
CA LEU YA 113 74.67 38.53 -169.57
C LEU YA 113 74.13 39.23 -168.33
N ASN YA 114 73.61 40.45 -168.51
CA ASN YA 114 73.13 41.25 -167.38
C ASN YA 114 71.75 41.81 -167.66
N ARG YA 115 71.41 41.97 -168.94
CA ARG YA 115 70.11 42.51 -169.31
C ARG YA 115 69.55 41.67 -170.44
N PHE YA 116 68.32 41.20 -170.27
CA PHE YA 116 67.65 40.39 -171.28
C PHE YA 116 66.28 40.98 -171.52
N ARG YA 117 65.98 41.32 -172.77
CA ARG YA 117 64.65 41.74 -173.18
C ARG YA 117 64.29 41.00 -174.45
N TYR YA 118 63.36 40.06 -174.35
CA TYR YA 118 63.02 39.17 -175.45
C TYR YA 118 61.61 39.46 -175.93
N GLU YA 119 61.48 39.71 -177.23
CA GLU YA 119 60.19 39.95 -177.87
C GLU YA 119 60.18 39.25 -179.22
N GLY YA 120 58.98 38.93 -179.69
CA GLY YA 120 58.82 38.52 -181.07
C GLY YA 120 58.76 37.04 -181.35
N ALA YA 121 58.17 36.28 -180.43
CA ALA YA 121 57.79 34.86 -180.61
C ALA YA 121 58.99 33.97 -180.92
N GLY YA 122 59.89 33.85 -179.93
CA GLY YA 122 61.02 32.95 -180.05
C GLY YA 122 61.13 32.07 -178.83
N VAL YA 123 61.85 30.96 -179.01
CA VAL YA 123 62.01 29.95 -177.98
C VAL YA 123 63.45 30.00 -177.49
N VAL YA 124 63.62 30.14 -176.19
CA VAL YA 124 64.94 30.21 -175.56
C VAL YA 124 65.08 29.02 -174.61
N THR YA 125 66.18 28.29 -174.74
CA THR YA 125 66.51 27.20 -173.84
C THR YA 125 67.95 27.37 -173.37
N GLY YA 126 68.16 27.37 -172.06
CA GLY YA 126 69.48 27.55 -171.52
C GLY YA 126 69.65 26.85 -170.18
N ASN YA 127 70.90 26.57 -169.84
CA ASN YA 127 71.23 26.00 -168.54
C ASN YA 127 72.63 26.44 -168.15
N ASN YA 128 72.90 26.38 -166.85
CA ASN YA 128 74.16 26.81 -166.23
C ASN YA 128 74.49 28.26 -166.55
N LEU YA 129 73.65 29.16 -166.04
CA LEU YA 129 73.86 30.60 -166.15
C LEU YA 129 73.96 31.18 -164.75
N ARG YA 130 74.91 32.09 -164.55
CA ARG YA 130 75.16 32.70 -163.25
C ARG YA 130 75.25 34.21 -163.39
N THR YA 131 74.81 34.90 -162.34
CA THR YA 131 74.99 36.34 -162.23
C THR YA 131 74.88 36.72 -160.75
N SER YA 132 75.37 37.93 -160.44
CA SER YA 132 74.95 38.57 -159.20
C SER YA 132 73.49 38.98 -159.28
N TYR YA 133 73.13 39.65 -160.37
CA TYR YA 133 71.75 40.00 -160.68
C TYR YA 133 71.69 40.36 -162.17
N LEU YA 134 70.71 39.81 -162.87
CA LEU YA 134 70.42 40.22 -164.23
C LEU YA 134 68.93 40.47 -164.35
N ASP YA 135 68.57 41.48 -165.14
CA ASP YA 135 67.17 41.87 -165.31
C ASP YA 135 66.57 41.17 -166.51
N LEU YA 136 65.28 40.83 -166.40
CA LEU YA 136 64.57 40.07 -167.43
C LEU YA 136 63.26 40.76 -167.77
N TYR YA 137 63.03 40.95 -169.06
CA TYR YA 137 61.76 41.39 -169.60
C TYR YA 137 61.40 40.45 -170.74
N LEU YA 138 60.21 39.87 -170.70
CA LEU YA 138 59.84 38.87 -171.68
C LEU YA 138 58.47 39.21 -172.27
N ALA YA 139 58.30 38.85 -173.55
CA ALA YA 139 57.08 39.21 -174.27
C ALA YA 139 56.85 38.22 -175.41
N ASN YA 140 55.63 38.28 -175.94
CA ASN YA 140 55.21 37.62 -177.18
C ASN YA 140 55.35 36.10 -177.11
N GLU YA 141 54.75 35.55 -176.05
CA GLU YA 141 54.75 34.12 -175.67
C GLU YA 141 56.11 33.44 -175.90
N GLY YA 142 57.16 34.08 -175.40
CA GLY YA 142 58.49 33.53 -175.50
C GLY YA 142 58.62 32.28 -174.67
N THR YA 143 58.68 31.12 -175.33
CA THR YA 143 58.76 29.84 -174.64
C THR YA 143 60.17 29.70 -174.08
N THR YA 144 60.30 29.89 -172.77
CA THR YA 144 61.59 30.00 -172.12
C THR YA 144 61.77 28.86 -171.13
N ARG YA 145 62.85 28.11 -171.30
CA ARG YA 145 63.21 26.99 -170.44
C ARG YA 145 64.62 27.24 -169.91
N LEU YA 146 64.71 27.76 -168.70
CA LEU YA 146 65.97 28.06 -168.06
C LEU YA 146 66.21 27.07 -166.95
N ALA YA 147 67.41 26.48 -166.90
CA ALA YA 147 67.74 25.40 -165.98
C ALA YA 147 69.10 25.64 -165.32
N GLY YA 148 69.32 26.86 -164.85
CA GLY YA 148 70.51 27.17 -164.11
C GLY YA 148 70.17 27.87 -162.81
N ASN YA 149 71.13 27.85 -161.88
CA ASN YA 149 70.99 28.53 -160.60
C ASN YA 149 71.48 29.96 -160.75
N ILE YA 150 70.55 30.88 -160.99
CA ILE YA 150 70.86 32.25 -161.33
C ILE YA 150 70.30 33.16 -160.25
N GLY YA 151 71.12 34.10 -159.77
CA GLY YA 151 70.62 35.07 -158.83
C GLY YA 151 69.81 36.14 -159.52
N LEU YA 152 68.49 36.06 -159.40
CA LEU YA 152 67.59 36.92 -160.14
C LEU YA 152 66.72 37.70 -159.16
N GLN YA 153 66.64 39.01 -159.35
CA GLN YA 153 65.84 39.85 -158.48
C GLN YA 153 64.67 40.49 -159.20
N LYS YA 154 64.89 41.10 -160.35
CA LYS YA 154 63.84 41.81 -161.06
C LYS YA 154 63.37 40.98 -162.24
N LEU YA 155 62.06 40.82 -162.37
CA LEU YA 155 61.47 40.14 -163.50
C LEU YA 155 60.24 40.92 -163.96
N GLU YA 156 60.03 40.96 -165.27
CA GLU YA 156 58.83 41.54 -165.83
C GLU YA 156 58.41 40.71 -167.04
N ALA YA 157 57.21 40.15 -166.97
CA ALA YA 157 56.61 39.44 -168.09
C ALA YA 157 55.43 40.24 -168.59
N VAL YA 158 55.31 40.35 -169.92
CA VAL YA 158 54.11 40.95 -170.49
C VAL YA 158 52.91 40.06 -170.22
N GLY YA 159 53.03 38.77 -170.53
CA GLY YA 159 51.93 37.85 -170.33
C GLY YA 159 51.57 37.10 -171.59
N ASN YA 160 50.50 36.31 -171.52
CA ASN YA 160 49.95 35.52 -172.63
C ASN YA 160 51.00 34.56 -173.20
N GLY YA 161 51.74 33.90 -172.31
CA GLY YA 161 52.79 33.00 -172.73
C GLY YA 161 53.06 31.87 -171.76
N VAL YA 162 54.26 31.28 -171.84
CA VAL YA 162 54.68 30.18 -170.98
C VAL YA 162 56.12 30.42 -170.57
N THR YA 163 56.43 30.16 -169.30
CA THR YA 163 57.74 30.48 -168.74
C THR YA 163 58.12 29.44 -167.71
N GLN YA 164 59.36 28.94 -167.76
CA GLN YA 164 59.87 28.06 -166.71
C GLN YA 164 61.32 28.40 -166.42
N ILE YA 165 61.60 28.81 -165.20
CA ILE YA 165 62.96 29.04 -164.72
C ILE YA 165 63.15 28.16 -163.49
N ASN YA 166 64.15 27.29 -163.54
CA ASN YA 166 64.38 26.29 -162.51
C ASN YA 166 65.63 26.67 -161.74
N GLY YA 167 65.44 27.21 -160.53
CA GLY YA 167 66.55 27.49 -159.64
C GLY YA 167 66.91 28.95 -159.56
N VAL YA 168 66.41 29.64 -158.54
CA VAL YA 168 66.76 31.03 -158.25
C VAL YA 168 67.07 31.13 -156.77
N SER YA 169 68.22 31.71 -156.44
CA SER YA 169 68.62 31.91 -155.05
C SER YA 169 68.94 33.39 -154.86
N SER YA 170 67.93 34.18 -154.56
CA SER YA 170 68.12 35.59 -154.27
C SER YA 170 67.30 35.97 -153.05
N ARG YA 171 67.76 37.00 -152.36
CA ARG YA 171 67.15 37.45 -151.13
C ARG YA 171 66.18 38.61 -151.32
N ASN YA 172 65.86 38.95 -152.57
CA ASN YA 172 64.90 40.01 -152.85
C ASN YA 172 64.25 39.74 -154.20
N LEU YA 173 63.09 40.35 -154.39
CA LEU YA 173 62.38 40.20 -155.64
C LEU YA 173 61.41 41.36 -155.79
N GLN YA 174 61.00 41.60 -157.04
CA GLN YA 174 59.89 42.50 -157.35
C GLN YA 174 59.39 42.12 -158.74
N ILE YA 175 58.15 41.67 -158.83
CA ILE YA 175 57.57 41.20 -160.09
C ILE YA 175 56.12 41.64 -160.17
N VAL YA 176 55.74 42.24 -161.31
CA VAL YA 176 54.36 42.53 -161.63
C VAL YA 176 54.14 42.14 -163.09
N LEU YA 177 52.87 41.98 -163.46
CA LEU YA 177 52.53 41.60 -164.83
C LEU YA 177 51.12 42.08 -165.16
N LYS YA 178 50.78 41.98 -166.43
CA LYS YA 178 49.51 42.47 -166.95
C LYS YA 178 48.75 41.43 -167.77
N GLY YA 179 49.44 40.57 -168.50
CA GLY YA 179 48.80 39.60 -169.37
C GLY YA 179 48.41 38.34 -168.63
N ASP YA 180 48.34 37.24 -169.37
CA ASP YA 180 47.90 35.95 -168.83
C ASP YA 180 48.89 34.85 -169.19
N PRO YA 181 50.08 34.85 -168.59
CA PRO YA 181 51.07 33.82 -168.92
C PRO YA 181 50.90 32.58 -168.07
N LYS YA 182 51.82 31.63 -168.22
CA LYS YA 182 51.90 30.44 -167.38
C LYS YA 182 53.34 30.35 -166.87
N VAL YA 183 53.54 30.63 -165.59
CA VAL YA 183 54.88 30.69 -165.04
C VAL YA 183 55.01 29.66 -163.92
N LEU YA 184 56.25 29.20 -163.72
CA LEU YA 184 56.56 28.23 -162.67
C LEU YA 184 58.04 28.37 -162.35
N ILE YA 185 58.34 28.77 -161.13
CA ILE YA 185 59.69 29.12 -160.71
C ILE YA 185 60.06 28.28 -159.49
N SER YA 186 61.26 27.72 -159.49
CA SER YA 186 61.78 26.96 -158.36
C SER YA 186 62.95 27.68 -157.72
N GLY YA 187 63.17 27.42 -156.43
CA GLY YA 187 64.27 27.97 -155.68
C GLY YA 187 63.80 28.49 -154.34
N PHE YA 188 64.64 29.30 -153.70
CA PHE YA 188 64.32 29.93 -152.42
C PHE YA 188 64.39 31.44 -152.64
N VAL YA 189 63.24 32.09 -152.64
CA VAL YA 189 63.13 33.48 -153.03
C VAL YA 189 62.39 34.25 -151.94
N ASN YA 190 62.96 35.37 -151.50
CA ASN YA 190 62.26 36.29 -150.63
C ASN YA 190 61.44 37.24 -151.49
N LEU YA 191 60.12 37.15 -151.40
CA LEU YA 191 59.27 38.12 -152.06
C LEU YA 191 59.18 39.39 -151.23
N ARG YA 192 58.64 40.43 -151.83
CA ARG YA 192 58.31 41.65 -151.11
C ARG YA 192 56.83 41.98 -151.20
N GLN YA 193 56.27 42.04 -152.41
CA GLN YA 193 54.89 42.46 -152.59
C GLN YA 193 54.42 41.99 -153.96
N LEU YA 194 53.17 41.54 -154.05
CA LEU YA 194 52.66 40.99 -155.31
C LEU YA 194 51.27 41.52 -155.62
N ASP YA 195 51.07 41.94 -156.87
CA ASP YA 195 49.82 42.49 -157.35
C ASP YA 195 49.43 41.82 -158.66
N MET YA 196 48.15 41.48 -158.79
CA MET YA 196 47.66 40.72 -159.94
C MET YA 196 46.36 41.33 -160.45
N TYR YA 197 46.29 41.53 -161.77
CA TYR YA 197 45.24 42.30 -162.40
C TYR YA 197 44.55 41.65 -163.59
N GLY YA 198 45.15 40.64 -164.21
CA GLY YA 198 44.55 40.08 -165.41
C GLY YA 198 43.99 38.69 -165.22
N LYS YA 199 44.59 37.72 -165.89
CA LYS YA 199 44.20 36.31 -165.87
C LYS YA 199 45.42 35.45 -165.60
N GLY YA 200 46.14 35.80 -164.54
CA GLY YA 200 47.46 35.23 -164.31
C GLY YA 200 47.45 33.90 -163.57
N THR YA 201 48.45 33.09 -163.88
CA THR YA 201 48.67 31.81 -163.23
C THR YA 201 50.12 31.74 -162.77
N LEU YA 202 50.32 31.47 -161.49
CA LEU YA 202 51.65 31.49 -160.91
C LEU YA 202 51.83 30.33 -159.96
N SER YA 203 53.08 29.92 -159.80
CA SER YA 203 53.42 28.86 -158.86
C SER YA 203 54.86 29.03 -158.44
N LEU YA 204 55.10 29.03 -157.13
CA LEU YA 204 56.44 29.17 -156.59
C LEU YA 204 56.73 28.01 -155.66
N TYR YA 205 57.96 27.51 -155.73
CA TYR YA 205 58.28 26.26 -155.05
C TYR YA 205 58.50 26.48 -153.55
N TRP YA 206 59.46 27.33 -153.20
CA TRP YA 206 59.72 27.61 -151.80
C TRP YA 206 59.92 29.11 -151.63
N ILE YA 207 59.38 29.64 -150.53
CA ILE YA 207 59.60 31.04 -150.17
C ILE YA 207 59.95 31.10 -148.69
N LYS YA 208 61.03 31.83 -148.39
CA LYS YA 208 61.43 32.14 -147.01
C LYS YA 208 61.52 33.65 -146.96
N SER YA 209 60.39 34.30 -146.75
CA SER YA 209 60.28 35.75 -146.87
C SER YA 209 59.71 36.30 -145.57
N ASP YA 210 59.63 37.63 -145.51
CA ASP YA 210 59.27 38.31 -144.27
C ASP YA 210 57.82 38.77 -144.24
N THR YA 211 57.44 39.66 -145.16
CA THR YA 211 56.12 40.27 -145.14
C THR YA 211 55.60 40.38 -146.57
N LEU YA 212 54.41 39.84 -146.80
CA LEU YA 212 53.85 39.83 -148.14
C LEU YA 212 52.49 40.50 -148.15
N THR YA 213 52.34 41.48 -149.03
CA THR YA 213 51.05 42.07 -149.34
C THR YA 213 50.62 41.60 -150.72
N ILE YA 214 49.44 40.99 -150.78
CA ILE YA 214 48.91 40.41 -152.00
C ILE YA 214 47.65 41.15 -152.40
N ARG YA 215 47.62 41.63 -153.64
CA ARG YA 215 46.46 42.27 -154.23
C ARG YA 215 45.97 41.42 -155.39
N ALA YA 216 44.69 41.04 -155.37
CA ALA YA 216 44.14 40.19 -156.42
C ALA YA 216 42.88 40.84 -156.97
N LYS YA 217 42.84 41.05 -158.29
CA LYS YA 217 41.75 41.82 -158.87
C LYS YA 217 40.78 40.97 -159.71
N LYS YA 218 41.26 40.31 -160.76
CA LYS YA 218 40.36 39.78 -161.77
C LYS YA 218 40.37 38.26 -161.86
N ALA YA 219 41.51 37.64 -162.15
CA ALA YA 219 41.56 36.18 -162.27
C ALA YA 219 42.99 35.74 -162.01
N ALA YA 220 43.17 34.88 -161.02
CA ALA YA 220 44.51 34.44 -160.67
C ALA YA 220 44.44 33.06 -160.08
N LYS YA 221 45.33 32.19 -160.54
CA LYS YA 221 45.50 30.85 -159.98
C LYS YA 221 46.93 30.79 -159.44
N ILE YA 222 47.07 30.97 -158.13
CA ILE YA 222 48.37 31.16 -157.51
C ILE YA 222 48.62 30.02 -156.55
N GLN YA 223 49.72 29.30 -156.75
CA GLN YA 223 50.10 28.18 -155.88
C GLN YA 223 51.44 28.51 -155.23
N LEU YA 224 51.41 28.84 -153.95
CA LEU YA 224 52.60 29.20 -153.19
C LEU YA 224 52.78 28.27 -152.01
N ALA YA 225 54.02 28.11 -151.58
CA ALA YA 225 54.33 27.22 -150.47
C ALA YA 225 55.63 27.66 -149.84
N GLY YA 226 55.66 27.73 -148.51
CA GLY YA 226 56.86 28.17 -147.82
C GLY YA 226 56.55 28.66 -146.42
N ILE YA 227 57.50 29.41 -145.87
CA ILE YA 227 57.45 29.90 -144.51
C ILE YA 227 57.60 31.41 -144.55
N VAL YA 228 56.51 32.13 -144.29
CA VAL YA 228 56.51 33.58 -144.17
C VAL YA 228 55.92 33.92 -142.81
N ASN YA 229 56.44 34.97 -142.18
CA ASN YA 229 55.91 35.37 -140.88
C ASN YA 229 54.57 36.09 -141.03
N ARG YA 230 54.44 36.95 -142.03
CA ARG YA 230 53.35 37.91 -142.05
C ARG YA 230 52.75 38.01 -143.44
N LEU YA 231 51.46 37.71 -143.57
CA LEU YA 231 50.75 37.79 -144.83
C LEU YA 231 49.51 38.65 -144.66
N ASP YA 232 49.32 39.61 -145.56
CA ASP YA 232 48.01 40.21 -145.72
C ASP YA 232 47.62 40.12 -147.19
N VAL YA 233 46.38 39.72 -147.43
CA VAL YA 233 45.95 39.42 -148.80
C VAL YA 233 44.51 39.87 -148.99
N GLU YA 234 44.30 40.65 -150.04
CA GLU YA 234 42.97 41.13 -150.42
C GLU YA 234 42.62 40.55 -151.78
N LEU YA 235 41.42 40.00 -151.89
CA LEU YA 235 40.92 39.47 -153.16
C LEU YA 235 39.59 40.12 -153.47
N TRP YA 236 39.44 40.58 -154.71
CA TRP YA 236 38.22 41.29 -155.07
C TRP YA 236 37.16 40.37 -155.69
N ASP YA 237 37.46 39.76 -156.84
CA ASP YA 237 36.46 38.97 -157.53
C ASP YA 237 37.12 37.95 -158.43
N PHE YA 238 36.62 36.70 -158.35
CA PHE YA 238 37.06 35.58 -159.19
C PHE YA 238 38.55 35.34 -159.11
N ALA YA 239 39.09 35.44 -157.90
CA ALA YA 239 40.50 35.18 -157.65
C ALA YA 239 40.60 33.97 -156.74
N GLN YA 240 41.45 33.03 -157.13
CA GLN YA 240 41.57 31.74 -156.47
C GLN YA 240 42.98 31.63 -155.92
N PHE YA 241 43.17 32.07 -154.69
CA PHE YA 241 44.47 32.03 -154.04
C PHE YA 241 44.60 30.70 -153.30
N LYS YA 242 45.51 29.86 -153.75
CA LYS YA 242 45.68 28.52 -153.18
C LYS YA 242 46.86 28.49 -152.22
N GLY YA 243 46.80 29.26 -151.14
CA GLY YA 243 47.93 29.28 -150.23
C GLY YA 243 47.98 28.15 -149.24
N LYS YA 244 47.49 26.97 -149.63
CA LYS YA 244 47.72 25.76 -148.87
C LYS YA 244 49.19 25.42 -148.92
N TYR YA 245 49.64 24.68 -147.89
CA TYR YA 245 51.03 24.29 -147.68
C TYR YA 245 51.95 25.51 -147.58
N LEU YA 246 51.43 26.62 -147.06
CA LEU YA 246 52.17 27.85 -146.88
C LEU YA 246 51.91 28.31 -145.45
N ARG YA 247 52.78 27.88 -144.53
CA ARG YA 247 52.55 28.13 -143.11
C ARG YA 247 52.93 29.57 -142.75
N ALA YA 248 52.05 30.24 -142.03
CA ALA YA 248 52.18 31.66 -141.74
C ALA YA 248 51.91 31.94 -140.27
N GLN YA 249 52.76 32.74 -139.65
CA GLN YA 249 52.55 33.11 -138.26
C GLN YA 249 51.40 34.09 -138.12
N ARG YA 250 51.37 35.10 -138.97
CA ARG YA 250 50.31 36.10 -138.94
C ARG YA 250 49.61 36.09 -140.29
N SER YA 251 48.29 36.03 -140.25
CA SER YA 251 47.56 36.10 -141.51
C SER YA 251 46.37 37.02 -141.37
N PHE YA 252 46.21 37.91 -142.34
CA PHE YA 252 45.04 38.75 -142.47
C PHE YA 252 44.51 38.59 -143.89
N VAL YA 253 43.24 38.21 -144.00
CA VAL YA 253 42.65 37.93 -145.31
C VAL YA 253 41.33 38.67 -145.43
N LYS YA 254 41.19 39.44 -146.51
CA LYS YA 254 39.96 40.15 -146.81
C LYS YA 254 39.46 39.72 -148.17
N THR YA 255 38.17 39.39 -148.25
CA THR YA 255 37.58 38.93 -149.50
C THR YA 255 36.30 39.69 -149.80
N HIS YA 256 36.23 40.23 -151.01
CA HIS YA 256 34.99 40.73 -151.58
C HIS YA 256 34.34 39.59 -152.36
N ASP YA 257 33.36 39.91 -153.21
CA ASP YA 257 32.44 38.92 -153.75
C ASP YA 257 33.12 37.90 -154.64
N LYS YA 258 32.77 36.62 -154.42
CA LYS YA 258 33.17 35.47 -155.24
C LYS YA 258 34.69 35.33 -155.32
N SER YA 259 35.27 35.08 -154.17
CA SER YA 259 36.70 34.91 -154.02
C SER YA 259 36.97 33.65 -153.23
N VAL YA 260 38.10 33.01 -153.50
CA VAL YA 260 38.45 31.76 -152.84
C VAL YA 260 39.85 31.87 -152.29
N ALA YA 261 40.02 31.55 -151.01
CA ALA YA 261 41.30 31.65 -150.34
C ALA YA 261 41.60 30.38 -149.55
N GLU YA 262 42.82 29.89 -149.69
CA GLU YA 262 43.28 28.68 -149.02
C GLU YA 262 44.41 29.06 -148.08
N ILE YA 263 44.09 29.17 -146.79
CA ILE YA 263 44.99 29.71 -145.78
C ILE YA 263 45.55 28.57 -144.96
N SER YA 264 46.79 28.72 -144.50
CA SER YA 264 47.46 27.73 -143.69
C SER YA 264 48.16 28.40 -142.50
N ALA YA 265 47.42 29.23 -141.76
CA ALA YA 265 47.97 29.98 -140.65
C ALA YA 265 48.33 29.06 -139.48
N VAL YA 266 49.22 29.55 -138.63
CA VAL YA 266 49.78 28.78 -137.52
C VAL YA 266 49.36 29.34 -136.18
N ASN YA 267 49.49 30.66 -136.01
CA ASN YA 267 49.37 31.25 -134.69
C ASN YA 267 48.24 32.25 -134.58
N HIS YA 268 48.16 33.22 -135.48
CA HIS YA 268 47.15 34.26 -135.40
C HIS YA 268 46.55 34.49 -136.77
N GLN YA 269 45.23 34.35 -136.87
CA GLN YA 269 44.54 34.55 -138.13
C GLN YA 269 43.31 35.43 -137.96
N SER YA 270 43.15 36.34 -138.92
CA SER YA 270 41.98 37.21 -138.97
C SER YA 270 41.40 37.19 -140.38
N SER YA 271 40.11 36.94 -140.47
CA SER YA 271 39.47 36.66 -141.75
C SER YA 271 38.18 37.46 -141.89
N LEU YA 272 37.96 38.02 -143.08
CA LEU YA 272 36.76 38.79 -143.32
C LEU YA 272 36.21 38.46 -144.70
N ALA YA 273 34.91 38.18 -144.78
CA ALA YA 273 34.29 37.92 -146.07
C ALA YA 273 33.04 38.79 -146.23
N THR YA 274 32.83 39.30 -147.44
CA THR YA 274 31.63 40.10 -147.68
C THR YA 274 30.43 39.25 -148.09
N ASP YA 275 30.53 38.56 -149.22
CA ASP YA 275 29.42 37.78 -149.76
C ASP YA 275 29.97 36.79 -150.76
N ALA YA 276 29.44 35.56 -150.71
CA ALA YA 276 29.78 34.46 -151.62
C ALA YA 276 31.27 34.18 -151.67
N SER YA 277 31.96 34.36 -150.54
CA SER YA 277 33.40 34.22 -150.46
C SER YA 277 33.73 33.01 -149.61
N ASP YA 278 34.79 32.30 -149.97
CA ASP YA 278 35.15 31.06 -149.32
C ASP YA 278 36.55 31.18 -148.74
N ILE YA 279 36.65 30.95 -147.43
CA ILE YA 279 37.90 31.06 -146.70
C ILE YA 279 38.15 29.71 -146.06
N TYR YA 280 39.10 28.96 -146.61
CA TYR YA 280 39.29 27.58 -146.20
C TYR YA 280 40.62 27.49 -145.45
N TYR YA 281 40.54 27.25 -144.15
CA TYR YA 281 41.75 27.14 -143.34
C TYR YA 281 42.13 25.68 -143.20
N TYR YA 282 43.38 25.36 -143.52
CA TYR YA 282 43.85 23.98 -143.44
C TYR YA 282 44.69 23.73 -142.20
N ASN YA 283 44.39 24.44 -141.12
CA ASN YA 283 45.08 24.29 -139.85
C ASN YA 283 44.17 24.82 -138.76
N LEU YA 284 44.52 24.50 -137.53
CA LEU YA 284 43.78 24.98 -136.37
C LEU YA 284 44.74 25.81 -135.52
N SER YA 285 44.71 27.13 -135.71
CA SER YA 285 45.70 28.00 -135.11
C SER YA 285 45.46 28.18 -133.62
N LYS YA 286 46.40 28.84 -132.97
CA LYS YA 286 46.24 29.17 -131.56
C LYS YA 286 45.38 30.41 -131.34
N THR YA 287 45.09 31.17 -132.38
CA THR YA 287 44.27 32.37 -132.24
C THR YA 287 43.55 32.63 -133.55
N ARG YA 288 42.24 32.68 -133.50
CA ARG YA 288 41.41 32.76 -134.69
C ARG YA 288 40.31 33.78 -134.48
N ALA YA 289 40.09 34.60 -135.51
CA ALA YA 289 38.89 35.44 -135.53
C ALA YA 289 38.48 35.68 -136.98
N ASP YA 290 37.18 35.71 -137.22
CA ASP YA 290 36.67 35.77 -138.57
C ASP YA 290 35.26 36.32 -138.54
N PHE YA 291 34.87 36.98 -139.64
CA PHE YA 291 33.57 37.60 -139.72
C PHE YA 291 32.99 37.46 -141.12
N MET YA 292 31.68 37.28 -141.17
CA MET YA 292 30.92 37.17 -142.41
C MET YA 292 29.95 38.33 -142.49
N ALA YA 293 29.83 38.93 -143.68
CA ALA YA 293 28.95 40.08 -143.83
C ALA YA 293 27.59 39.70 -144.41
N PHE YA 294 27.56 39.07 -145.58
CA PHE YA 294 26.30 38.67 -146.20
C PHE YA 294 26.24 37.19 -146.46
N ASN YA 295 27.10 36.67 -147.34
CA ASN YA 295 27.05 35.29 -147.73
C ASN YA 295 28.45 34.68 -147.73
N GLY YA 296 29.31 35.18 -146.87
CA GLY YA 296 30.64 34.63 -146.74
C GLY YA 296 30.63 33.29 -146.04
N SER YA 297 31.79 32.65 -146.04
CA SER YA 297 31.91 31.31 -145.51
C SER YA 297 33.34 31.07 -145.07
N VAL YA 298 33.52 30.62 -143.84
CA VAL YA 298 34.84 30.34 -143.28
C VAL YA 298 34.78 28.92 -142.75
N LEU YA 299 35.55 28.01 -143.36
CA LEU YA 299 35.38 26.59 -143.04
C LEU YA 299 36.71 25.85 -143.00
N ASP YA 300 36.63 24.65 -142.41
CA ASP YA 300 37.76 23.85 -141.99
C ASP YA 300 38.22 22.87 -143.07
N MET YA 301 37.33 21.95 -143.44
CA MET YA 301 37.56 20.78 -144.32
C MET YA 301 38.92 20.10 -144.08
N ARG YA 302 39.15 19.70 -142.84
CA ARG YA 302 40.18 18.69 -142.65
C ARG YA 302 39.59 17.30 -142.87
N GLU YA 303 40.46 16.31 -142.98
CA GLU YA 303 40.04 15.01 -143.49
C GLU YA 303 39.28 14.17 -142.46
N TRP YA 304 39.38 14.52 -141.17
CA TRP YA 304 38.74 13.81 -140.05
C TRP YA 304 39.13 12.33 -140.00
N GLY YA 305 40.35 12.01 -140.39
CA GLY YA 305 40.74 10.61 -140.46
C GLY YA 305 42.13 10.37 -139.91
N GLN YA 306 42.81 11.44 -139.52
CA GLN YA 306 44.14 11.31 -138.96
C GLN YA 306 44.08 10.76 -137.55
N SER YA 307 45.11 10.00 -137.19
CA SER YA 307 45.16 9.40 -135.87
C SER YA 307 45.60 10.36 -134.78
N ASP YA 308 46.10 11.55 -135.15
CA ASP YA 308 46.60 12.48 -134.16
C ASP YA 308 46.15 13.91 -134.49
N LEU YA 309 44.90 14.05 -134.90
CA LEU YA 309 44.32 15.37 -135.09
C LEU YA 309 44.08 16.03 -133.73
N LYS YA 310 44.39 17.32 -133.63
CA LYS YA 310 44.21 18.05 -132.38
C LYS YA 310 42.77 18.55 -132.27
N ASP YA 311 42.53 19.46 -131.34
CA ASP YA 311 41.18 19.96 -131.13
C ASP YA 311 41.24 21.39 -130.62
N PHE YA 312 40.09 22.03 -130.58
CA PHE YA 312 39.97 23.38 -130.04
C PHE YA 312 40.23 23.38 -128.54
N ASP YA 313 40.58 24.55 -128.04
CA ASP YA 313 40.72 24.79 -126.61
C ASP YA 313 39.82 25.97 -126.24
N ARG YA 314 39.95 26.42 -124.98
CA ARG YA 314 39.14 27.51 -124.47
C ARG YA 314 39.42 28.82 -125.18
N TYR YA 315 40.60 28.96 -125.75
CA TYR YA 315 40.96 30.15 -126.47
C TYR YA 315 40.63 30.08 -127.95
N ASN YA 316 40.03 28.98 -128.41
CA ASN YA 316 39.91 28.76 -129.83
C ASN YA 316 38.51 28.47 -130.34
N LYS YA 317 37.54 28.19 -129.47
CA LYS YA 317 36.21 27.86 -129.94
C LYS YA 317 35.42 29.14 -130.19
N GLN YA 318 35.89 29.90 -131.18
CA GLN YA 318 35.15 31.04 -131.66
C GLN YA 318 34.11 30.52 -132.63
N PHE YA 319 32.86 30.51 -132.20
CA PHE YA 319 31.81 29.85 -132.96
C PHE YA 319 31.37 30.69 -134.13
N PRO YA 320 31.43 30.16 -135.36
CA PRO YA 320 30.98 30.88 -136.55
C PRO YA 320 29.47 30.85 -136.70
N ASP ZA 39 -7.54 23.94 -112.12
CA ASP ZA 39 -7.76 22.52 -111.90
C ASP ZA 39 -7.63 21.74 -113.21
N GLY ZA 40 -7.75 22.45 -114.33
CA GLY ZA 40 -7.71 21.83 -115.63
C GLY ZA 40 -6.34 21.32 -116.00
N CYS ZA 41 -6.17 20.00 -116.01
CA CYS ZA 41 -4.90 19.41 -116.40
C CYS ZA 41 -4.89 19.04 -117.87
N CYS ZA 42 -5.92 18.36 -118.35
CA CYS ZA 42 -6.08 18.11 -119.78
C CYS ZA 42 -7.02 19.15 -120.41
N SER ZA 43 -6.69 20.42 -120.18
CA SER ZA 43 -7.51 21.51 -120.67
C SER ZA 43 -7.38 21.67 -122.18
N LYS ZA 44 -8.49 22.04 -122.82
CA LYS ZA 44 -8.75 21.94 -124.26
C LYS ZA 44 -8.15 20.67 -124.89
N MET ZA 45 -8.42 19.56 -124.22
CA MET ZA 45 -8.00 18.24 -124.66
C MET ZA 45 -9.16 17.30 -124.36
N GLY ZA 46 -8.89 16.00 -124.34
CA GLY ZA 46 -9.94 15.04 -124.07
C GLY ZA 46 -10.47 15.05 -122.66
N GLY ZA 47 -9.74 15.66 -121.73
CA GLY ZA 47 -10.08 15.58 -120.33
C GLY ZA 47 -9.37 14.42 -119.66
N ILE ZA 48 -9.49 14.38 -118.33
CA ILE ZA 48 -8.77 13.41 -117.52
C ILE ZA 48 -9.37 12.03 -117.72
N ASN ZA 49 -8.57 11.09 -118.23
CA ASN ZA 49 -9.03 9.71 -118.27
C ASN ZA 49 -8.75 9.01 -116.94
N TYR ZA 50 -7.47 8.82 -116.61
CA TYR ZA 50 -7.16 8.00 -115.44
C TYR ZA 50 -5.71 8.19 -115.03
N CYS ZA 51 -5.42 7.80 -113.79
CA CYS ZA 51 -4.08 7.96 -113.24
C CYS ZA 51 -3.28 6.68 -113.47
N ASP ZA 52 -2.23 6.78 -114.29
CA ASP ZA 52 -1.31 5.67 -114.45
C ASP ZA 52 -0.38 5.66 -113.25
N SER ZA 53 -0.58 4.68 -112.38
CA SER ZA 53 0.19 4.57 -111.16
C SER ZA 53 1.57 3.99 -111.40
N SER ZA 54 1.79 3.34 -112.54
CA SER ZA 54 3.14 2.92 -112.88
C SER ZA 54 4.00 4.14 -113.19
N ALA ZA 55 3.40 5.17 -113.77
CA ALA ZA 55 4.09 6.43 -114.00
C ALA ZA 55 3.78 7.47 -112.96
N GLY ZA 56 2.76 7.25 -112.13
CA GLY ZA 56 2.37 8.22 -111.13
C GLY ZA 56 1.80 9.48 -111.70
N ARG ZA 57 1.28 9.42 -112.93
CA ARG ZA 57 0.91 10.63 -113.65
C ARG ZA 57 -0.44 10.44 -114.30
N LEU ZA 58 -1.11 11.56 -114.56
CA LEU ZA 58 -2.42 11.50 -115.18
C LEU ZA 58 -2.30 11.20 -116.65
N VAL ZA 59 -3.29 10.49 -117.18
CA VAL ZA 59 -3.41 10.19 -118.60
C VAL ZA 59 -4.73 10.78 -119.07
N CYS ZA 60 -4.66 11.59 -120.11
CA CYS ZA 60 -5.82 12.29 -120.61
C CYS ZA 60 -6.68 11.36 -121.46
N ASN ZA 61 -7.85 11.84 -121.84
CA ASN ZA 61 -8.71 11.04 -122.72
C ASN ZA 61 -8.16 11.01 -124.14
N ASN ZA 62 -7.73 12.15 -124.67
CA ASN ZA 62 -6.84 12.11 -125.81
C ASN ZA 62 -5.49 11.58 -125.34
N GLY ZA 63 -4.80 10.88 -126.21
CA GLY ZA 63 -3.69 10.06 -125.77
C GLY ZA 63 -2.39 10.78 -125.46
N PHE ZA 64 -2.45 11.89 -124.74
CA PHE ZA 64 -1.26 12.64 -124.39
C PHE ZA 64 -0.96 12.46 -122.92
N TYR ZA 65 0.31 12.24 -122.61
CA TYR ZA 65 0.76 12.14 -121.23
C TYR ZA 65 0.70 13.53 -120.60
N SER ZA 66 -0.01 13.62 -119.47
CA SER ZA 66 -0.25 14.93 -118.88
C SER ZA 66 0.95 15.39 -118.06
N THR ZA 67 0.76 16.50 -117.36
CA THR ZA 67 1.79 17.09 -116.53
C THR ZA 67 1.46 17.04 -115.06
N CYS ZA 68 0.19 16.95 -114.71
CA CYS ZA 68 -0.20 16.86 -113.31
C CYS ZA 68 0.19 15.51 -112.73
N TYR ZA 69 0.49 15.50 -111.44
CA TYR ZA 69 0.83 14.28 -110.73
C TYR ZA 69 -0.39 13.74 -110.02
N CYS ZA 70 -0.46 12.41 -109.88
CA CYS ZA 70 -1.54 11.80 -109.12
C CYS ZA 70 -1.07 10.96 -107.95
N THR ZA 71 0.15 10.44 -107.95
CA THR ZA 71 0.69 9.77 -106.79
C THR ZA 71 1.90 10.52 -106.29
N ARG ZA 72 2.16 10.44 -104.99
CA ARG ZA 72 3.38 10.99 -104.46
C ARG ZA 72 4.60 10.17 -104.85
N HIS ZA 73 4.40 8.92 -105.27
CA HIS ZA 73 5.52 8.09 -105.73
C HIS ZA 73 5.82 8.37 -107.21
N ALA ZA 74 6.14 9.61 -107.49
CA ALA ZA 74 6.41 10.01 -108.87
C ALA ZA 74 7.75 10.71 -108.96
N VAL ZA 75 8.05 11.28 -110.12
CA VAL ZA 75 9.38 11.78 -110.41
C VAL ZA 75 9.29 13.30 -110.40
N MET ZA 76 9.74 13.90 -109.30
CA MET ZA 76 9.91 15.34 -109.24
C MET ZA 76 11.20 15.62 -108.50
N ASP ZA 77 11.74 16.80 -108.74
CA ASP ZA 77 12.95 17.24 -108.07
C ASP ZA 77 12.58 18.07 -106.86
N LEU ZA 78 13.28 17.83 -105.76
CA LEU ZA 78 13.25 18.70 -104.61
C LEU ZA 78 14.62 19.33 -104.46
N GLN ZA 79 14.67 20.64 -104.43
CA GLN ZA 79 15.91 21.35 -104.18
C GLN ZA 79 15.92 22.12 -102.87
N PHE ZA 80 14.76 22.54 -102.39
CA PHE ZA 80 14.66 23.36 -101.19
C PHE ZA 80 13.61 22.74 -100.29
N LEU ZA 81 13.94 22.61 -99.01
CA LEU ZA 81 13.10 21.89 -98.05
C LEU ZA 81 12.87 22.72 -96.80
N MET ZA 82 11.88 22.30 -96.03
CA MET ZA 82 11.65 22.82 -94.70
C MET ZA 82 12.44 21.99 -93.69
N GLY ZA 83 12.14 22.16 -92.41
CA GLY ZA 83 12.59 21.22 -91.41
C GLY ZA 83 13.75 21.73 -90.59
N CYS ZA 84 14.13 20.90 -89.62
CA CYS ZA 84 15.17 21.22 -88.66
C CYS ZA 84 15.88 19.93 -88.29
N CYS ZA 85 17.08 20.09 -87.69
CA CYS ZA 85 18.04 19.00 -87.46
C CYS ZA 85 18.33 18.24 -88.75
N LEU ZA 86 18.48 19.00 -89.84
CA LEU ZA 86 18.69 18.42 -91.14
C LEU ZA 86 20.10 17.86 -91.25
N TRP ZA 87 20.22 16.81 -92.08
CA TRP ZA 87 21.50 16.16 -92.41
C TRP ZA 87 22.23 15.67 -91.17
N HIS ZA 88 21.45 15.20 -90.20
CA HIS ZA 88 21.93 14.77 -88.91
C HIS ZA 88 21.00 13.66 -88.45
N GLY ZA 89 20.99 13.36 -87.17
CA GLY ZA 89 20.14 12.30 -86.69
C GLY ZA 89 18.67 12.63 -86.57
N GLY ZA 90 18.25 13.81 -86.99
CA GLY ZA 90 16.87 14.23 -86.80
C GLY ZA 90 16.68 14.80 -85.41
N VAL ZA 91 15.50 15.37 -85.20
CA VAL ZA 91 15.23 16.04 -83.94
C VAL ZA 91 14.98 14.99 -82.86
N TYR ZA 92 15.70 15.12 -81.76
CA TYR ZA 92 15.57 14.20 -80.64
C TYR ZA 92 14.20 14.37 -79.97
N PRO ZA 93 13.57 13.28 -79.52
CA PRO ZA 93 12.25 13.37 -78.93
C PRO ZA 93 12.21 13.72 -77.45
N GLN ZA 94 13.33 14.17 -76.87
CA GLN ZA 94 13.42 14.39 -75.45
C GLN ZA 94 12.75 15.70 -75.04
N LEU ZA 95 12.54 15.86 -73.74
CA LEU ZA 95 11.86 17.01 -73.16
C LEU ZA 95 12.84 17.76 -72.26
N ASN ZA 96 13.31 18.92 -72.71
CA ASN ZA 96 14.30 19.71 -72.00
C ASN ZA 96 13.74 21.10 -71.74
N SER ZA 97 14.04 21.62 -70.55
CA SER ZA 97 13.58 22.95 -70.15
C SER ZA 97 14.15 24.04 -71.05
N SER ZA 98 15.44 23.95 -71.36
CA SER ZA 98 16.06 24.92 -72.24
C SER ZA 98 15.65 24.66 -73.68
N GLY ZA 99 15.68 25.73 -74.47
CA GLY ZA 99 15.22 25.65 -75.84
C GLY ZA 99 16.19 25.08 -76.84
N LEU ZA 100 17.37 24.67 -76.38
CA LEU ZA 100 18.34 24.05 -77.27
C LEU ZA 100 17.87 22.67 -77.70
N VAL ZA 101 18.04 22.38 -78.99
CA VAL ZA 101 17.62 21.13 -79.58
C VAL ZA 101 18.84 20.48 -80.21
N VAL ZA 102 19.09 19.22 -79.88
CA VAL ZA 102 20.30 18.53 -80.27
C VAL ZA 102 19.92 17.30 -81.09
N CYS ZA 103 20.50 17.19 -82.28
CA CYS ZA 103 20.23 16.02 -83.09
C CYS ZA 103 21.05 14.83 -82.58
N ASN ZA 104 20.74 13.66 -83.12
CA ASN ZA 104 21.26 12.41 -82.57
C ASN ZA 104 22.75 12.23 -82.77
N ASP ZA 105 23.38 13.03 -83.62
CA ASP ZA 105 24.83 13.04 -83.72
C ASP ZA 105 25.48 13.91 -82.66
N GLY ZA 106 24.69 14.50 -81.76
CA GLY ZA 106 25.21 15.36 -80.73
C GLY ZA 106 25.39 16.80 -81.14
N TYR ZA 107 25.18 17.12 -82.41
CA TYR ZA 107 25.35 18.49 -82.89
C TYR ZA 107 24.22 19.36 -82.38
N VAL ZA 108 24.54 20.65 -82.19
CA VAL ZA 108 23.60 21.62 -81.65
C VAL ZA 108 23.20 22.57 -82.76
N SER ZA 109 21.90 22.76 -82.92
CA SER ZA 109 21.35 23.61 -83.98
C SER ZA 109 20.77 24.85 -83.34
N GLU ZA 110 21.58 25.91 -83.24
CA GLU ZA 110 21.09 27.15 -82.66
C GLU ZA 110 20.11 27.86 -83.59
N GLU ZA 111 20.27 27.68 -84.90
CA GLU ZA 111 19.34 28.27 -85.86
C GLU ZA 111 17.96 27.66 -85.78
N CYS ZA 112 17.86 26.44 -85.26
CA CYS ZA 112 16.57 25.83 -84.98
C CYS ZA 112 16.12 26.11 -83.56
N SER ZA 113 17.06 26.23 -82.63
CA SER ZA 113 16.72 26.56 -81.25
C SER ZA 113 16.32 28.03 -81.15
N LEU ZA 114 15.77 28.38 -79.99
CA LEU ZA 114 15.31 29.74 -79.74
C LEU ZA 114 16.48 30.60 -79.28
N GLN ZA 115 16.17 31.79 -78.78
CA GLN ZA 115 17.18 32.75 -78.37
C GLN ZA 115 16.88 33.27 -76.97
N LYS ZA 116 17.91 33.82 -76.35
CA LYS ZA 116 17.78 34.53 -75.08
C LYS ZA 116 17.02 35.83 -75.30
N UNK AB 1 17.48 8.26 -130.42
CA UNK AB 1 16.34 8.67 -131.22
C UNK AB 1 16.75 8.87 -132.68
N UNK AB 2 16.77 10.14 -133.10
CA UNK AB 2 17.34 10.60 -134.37
C UNK AB 2 16.64 10.03 -135.60
N UNK AB 3 15.43 9.53 -135.45
CA UNK AB 3 14.67 9.02 -136.60
C UNK AB 3 13.19 9.05 -136.23
N UNK AB 4 12.44 9.96 -136.83
CA UNK AB 4 11.01 9.98 -136.56
C UNK AB 4 10.30 8.81 -137.22
N UNK AB 5 10.74 8.41 -138.41
CA UNK AB 5 10.13 7.31 -139.15
C UNK AB 5 11.24 6.32 -139.50
N UNK AB 6 11.31 5.22 -138.76
CA UNK AB 6 12.24 4.14 -139.08
C UNK AB 6 11.78 3.49 -140.38
N UNK AB 7 12.47 3.81 -141.47
CA UNK AB 7 12.03 3.49 -142.82
C UNK AB 7 12.09 1.99 -143.02
N UNK AB 8 10.95 1.33 -142.90
CA UNK AB 8 10.90 -0.12 -142.95
C UNK AB 8 11.12 -0.58 -144.39
N UNK AB 9 12.40 -0.75 -144.76
CA UNK AB 9 12.85 -1.25 -146.06
C UNK AB 9 12.33 -0.46 -147.25
N UNK BB 1 112.72 -1.53 -22.67
CA UNK BB 1 112.15 -2.80 -22.22
C UNK BB 1 112.41 -3.89 -23.25
N UNK BB 2 111.49 -4.02 -24.19
CA UNK BB 2 111.63 -5.01 -25.25
C UNK BB 2 112.67 -4.55 -26.28
N UNK BB 3 113.03 -5.48 -27.16
CA UNK BB 3 114.01 -5.22 -28.22
C UNK BB 3 113.29 -5.19 -29.57
N UNK BB 4 113.19 -4.00 -30.16
CA UNK BB 4 112.50 -3.86 -31.45
C UNK BB 4 113.31 -4.45 -32.60
N UNK BB 5 114.64 -4.35 -32.54
CA UNK BB 5 115.48 -4.94 -33.59
C UNK BB 5 115.40 -6.45 -33.56
N UNK BB 6 115.46 -7.05 -32.37
CA UNK BB 6 115.27 -8.48 -32.25
C UNK BB 6 113.85 -8.90 -32.62
N UNK BB 7 112.86 -8.04 -32.35
CA UNK BB 7 111.49 -8.32 -32.77
C UNK BB 7 111.36 -8.34 -34.29
N UNK BB 8 112.00 -7.39 -34.97
CA UNK BB 8 111.97 -7.35 -36.42
C UNK BB 8 112.71 -8.55 -37.03
N UNK BB 9 113.84 -8.92 -36.43
CA UNK BB 9 114.57 -10.10 -36.91
C UNK BB 9 113.78 -11.38 -36.69
N UNK BB 10 113.07 -11.48 -35.57
CA UNK BB 10 112.23 -12.65 -35.32
C UNK BB 10 111.05 -12.70 -36.27
N UNK BB 11 110.47 -11.53 -36.58
CA UNK BB 11 109.37 -11.49 -37.55
C UNK BB 11 109.86 -11.87 -38.95
N UNK BB 12 111.05 -11.43 -39.33
CA UNK BB 12 111.61 -11.83 -40.62
C UNK BB 12 111.94 -13.31 -40.66
N UNK BB 13 112.42 -13.87 -39.53
CA UNK BB 13 112.71 -15.30 -39.47
C UNK BB 13 111.43 -16.12 -39.54
N UNK BB 14 110.35 -15.65 -38.93
CA UNK BB 14 109.08 -16.35 -39.03
C UNK BB 14 108.49 -16.23 -40.43
N UNK BB 15 108.69 -15.08 -41.09
CA UNK BB 15 108.24 -14.93 -42.47
C UNK BB 15 109.00 -15.86 -43.40
N UNK BB 16 110.31 -15.99 -43.20
CA UNK BB 16 111.14 -16.90 -43.98
C UNK BB 16 111.95 -17.74 -43.00
N UNK BB 17 111.34 -18.82 -42.52
CA UNK BB 17 112.04 -19.83 -41.75
C UNK BB 17 112.54 -20.97 -42.63
N UNK BB 18 112.53 -20.78 -43.95
CA UNK BB 18 113.00 -21.74 -44.97
C UNK BB 18 112.27 -23.09 -44.88
N UNK BB 19 110.95 -23.04 -44.75
CA UNK BB 19 110.15 -24.25 -44.64
C UNK BB 19 108.72 -23.96 -45.08
N UNK BB 20 108.20 -24.76 -46.01
CA UNK BB 20 106.77 -24.77 -46.34
C UNK BB 20 106.45 -26.12 -46.98
N UNK BB 21 105.77 -26.99 -46.23
CA UNK BB 21 105.46 -28.34 -46.68
C UNK BB 21 103.98 -28.42 -47.03
N UNK BB 22 103.67 -28.96 -48.20
CA UNK BB 22 102.30 -29.06 -48.68
C UNK BB 22 101.96 -30.50 -49.02
N UNK BB 23 100.78 -30.93 -48.57
CA UNK BB 23 100.18 -32.21 -48.92
C UNK BB 23 98.72 -31.97 -49.23
N UNK BB 24 98.30 -32.28 -50.45
CA UNK BB 24 96.93 -32.08 -50.89
C UNK BB 24 96.23 -33.42 -51.02
N UNK BB 25 94.91 -33.34 -51.11
CA UNK BB 25 94.06 -34.52 -51.24
C UNK BB 25 93.11 -34.35 -52.41
N UNK BB 26 92.84 -35.46 -53.09
CA UNK BB 26 91.90 -35.51 -54.19
C UNK BB 26 90.52 -35.94 -53.68
N UNK BB 27 89.61 -36.18 -54.62
CA UNK BB 27 88.21 -36.45 -54.30
C UNK BB 27 87.95 -37.89 -53.86
N UNK BB 28 88.95 -38.76 -53.91
CA UNK BB 28 88.81 -40.13 -53.46
C UNK BB 28 89.87 -40.52 -52.43
N UNK BB 29 90.18 -39.58 -51.51
CA UNK BB 29 91.16 -39.74 -50.44
C UNK BB 29 92.55 -40.10 -50.97
N UNK BB 30 92.92 -39.51 -52.10
CA UNK BB 30 94.25 -39.69 -52.67
C UNK BB 30 95.13 -38.53 -52.22
N UNK BB 31 96.07 -38.80 -51.34
CA UNK BB 31 96.90 -37.76 -50.74
C UNK BB 31 98.25 -37.74 -51.42
N UNK BB 32 98.66 -36.57 -51.90
CA UNK BB 32 99.96 -36.39 -52.53
C UNK BB 32 100.68 -35.25 -51.84
N UNK BB 33 101.90 -35.49 -51.38
CA UNK BB 33 102.71 -34.49 -50.71
C UNK BB 33 103.84 -34.06 -51.62
N UNK BB 34 104.01 -32.76 -51.79
CA UNK BB 34 105.04 -32.24 -52.67
C UNK BB 34 106.29 -31.89 -51.88
N UNK BB 35 107.25 -31.27 -52.55
CA UNK BB 35 108.50 -30.91 -51.90
C UNK BB 35 108.31 -29.73 -50.96
N UNK BB 36 109.26 -29.58 -50.02
CA UNK BB 36 109.22 -28.48 -49.07
C UNK BB 36 109.59 -27.18 -49.77
N UNK BB 37 108.76 -26.15 -49.57
CA UNK BB 37 108.95 -24.85 -50.19
C UNK BB 37 109.48 -23.87 -49.14
N UNK BB 38 109.60 -22.61 -49.56
CA UNK BB 38 110.12 -21.48 -48.77
C UNK BB 38 111.49 -21.75 -48.16
N UNK BB 39 86.68 -29.18 -52.86
CA UNK BB 39 87.51 -30.12 -52.14
C UNK BB 39 88.93 -30.12 -52.70
N UNK BB 40 89.44 -28.93 -52.97
CA UNK BB 40 90.79 -28.80 -53.52
C UNK BB 40 91.84 -28.92 -52.42
N UNK BB 41 91.81 -28.03 -51.44
CA UNK BB 41 92.83 -27.97 -50.41
C UNK BB 41 92.26 -27.28 -49.18
N UNK BB 42 92.51 -27.88 -48.01
CA UNK BB 42 92.10 -27.25 -46.77
C UNK BB 42 93.15 -26.24 -46.31
N UNK BB 43 92.90 -25.63 -45.15
CA UNK BB 43 93.85 -24.70 -44.57
C UNK BB 43 95.06 -25.42 -44.00
N UNK BB 44 94.95 -26.72 -43.72
CA UNK BB 44 96.05 -27.51 -43.22
C UNK BB 44 96.80 -28.23 -44.33
N UNK BB 45 96.50 -27.92 -45.59
CA UNK BB 45 97.20 -28.56 -46.69
C UNK BB 45 98.66 -28.11 -46.75
N UNK BB 46 98.92 -26.83 -46.60
CA UNK BB 46 100.28 -26.30 -46.60
C UNK BB 46 100.57 -25.65 -45.25
N UNK BB 47 101.70 -26.04 -44.65
CA UNK BB 47 102.14 -25.49 -43.38
C UNK BB 47 103.58 -25.01 -43.51
N UNK BB 48 103.84 -23.80 -43.01
CA UNK BB 48 105.17 -23.21 -43.15
C UNK BB 48 106.19 -23.88 -42.23
N ILE CB 862 26.74 60.80 19.30
CA ILE CB 862 25.55 60.29 19.98
C ILE CB 862 24.55 61.41 20.25
N ILE CB 863 23.50 61.47 19.45
CA ILE CB 863 22.47 62.48 19.58
C ILE CB 863 21.41 61.94 20.53
N LYS CB 864 21.10 62.72 21.56
CA LYS CB 864 20.05 62.35 22.49
C LYS CB 864 18.70 62.39 21.78
N THR CB 865 17.80 61.50 22.23
CA THR CB 865 16.51 61.32 21.57
C THR CB 865 15.63 62.54 21.76
N GLY CB 866 15.00 62.99 20.68
CA GLY CB 866 13.97 64.02 20.73
C GLY CB 866 14.42 65.38 21.21
N ASP CB 867 15.57 65.84 20.73
CA ASP CB 867 16.10 67.13 21.13
C ASP CB 867 15.74 68.17 20.07
N ILE CB 868 16.27 69.38 20.25
CA ILE CB 868 15.86 70.56 19.51
C ILE CB 868 17.02 71.04 18.65
N MET CB 869 16.77 71.17 17.36
CA MET CB 869 17.71 71.81 16.44
C MET CB 869 16.90 72.73 15.53
N PHE CB 870 17.57 73.35 14.56
CA PHE CB 870 16.91 74.26 13.63
C PHE CB 870 17.47 74.08 12.23
N ALA CB 871 16.64 74.41 11.24
CA ALA CB 871 17.00 74.19 9.84
C ALA CB 871 16.32 75.23 8.97
N VAL CB 872 16.57 75.12 7.67
CA VAL CB 872 16.13 76.11 6.68
C VAL CB 872 15.60 75.37 5.45
N LEU CB 873 14.41 75.74 5.00
CA LEU CB 873 13.86 75.23 3.74
C LEU CB 873 14.02 76.28 2.65
N ASP CB 874 14.45 75.83 1.46
CA ASP CB 874 14.68 76.74 0.36
C ASP CB 874 13.81 76.43 -0.87
N THR CB 875 13.59 75.15 -1.15
CA THR CB 875 12.80 74.76 -2.32
C THR CB 875 11.33 74.65 -1.92
N SER CB 876 10.45 75.17 -2.76
CA SER CB 876 9.02 75.16 -2.45
C SER CB 876 8.29 74.07 -3.22
N VAL CB 877 7.25 73.52 -2.59
CA VAL CB 877 6.33 72.59 -3.22
C VAL CB 877 5.01 72.67 -2.46
N ASN CB 878 3.93 72.28 -3.12
CA ASN CB 878 2.60 72.39 -2.56
C ASN CB 878 2.16 71.07 -1.93
N SER CB 879 1.13 71.14 -1.09
CA SER CB 879 0.54 69.95 -0.48
C SER CB 879 -0.37 69.21 -1.45
N ASP CB 880 0.15 68.83 -2.59
CA ASP CB 880 -0.60 68.01 -3.54
C ASP CB 880 0.19 66.83 -4.06
N GLU CB 881 1.48 67.00 -4.33
CA GLU CB 881 2.28 65.97 -4.97
C GLU CB 881 3.49 65.67 -4.11
N PRO CB 882 3.53 64.51 -3.44
CA PRO CB 882 4.71 64.16 -2.65
C PRO CB 882 5.93 63.90 -3.52
N GLY CB 883 7.07 64.39 -3.03
CA GLY CB 883 8.31 64.30 -3.76
C GLY CB 883 9.47 64.82 -2.93
N PRO CB 884 10.65 64.88 -3.53
CA PRO CB 884 11.85 65.28 -2.79
C PRO CB 884 11.87 66.75 -2.41
N ILE CB 885 11.96 67.00 -1.10
CA ILE CB 885 12.25 68.31 -0.52
C ILE CB 885 13.35 68.12 0.51
N LEU CB 886 14.11 69.18 0.79
CA LEU CB 886 15.24 69.07 1.70
C LEU CB 886 15.38 70.31 2.57
N ALA CB 887 15.98 70.13 3.74
CA ALA CB 887 16.35 71.21 4.64
C ALA CB 887 17.81 71.03 5.06
N THR CB 888 18.38 72.07 5.66
CA THR CB 888 19.77 72.06 6.10
C THR CB 888 19.85 72.61 7.51
N ILE CB 889 20.40 71.80 8.41
CA ILE CB 889 20.51 72.14 9.83
C ILE CB 889 21.47 73.31 10.00
N VAL CB 890 21.07 74.30 10.80
CA VAL CB 890 21.79 75.56 10.85
C VAL CB 890 22.46 75.84 12.19
N THR CB 891 21.92 75.36 13.30
CA THR CB 891 22.56 75.62 14.58
C THR CB 891 22.76 74.34 15.38
N GLY CB 892 23.10 74.49 16.66
CA GLY CB 892 23.25 73.33 17.50
C GLY CB 892 24.52 72.56 17.18
N LYS CB 893 24.46 71.25 17.40
CA LYS CB 893 25.61 70.40 17.15
C LYS CB 893 25.92 70.29 15.65
N LEU CB 894 24.93 69.94 14.84
CA LEU CB 894 25.19 69.69 13.44
C LEU CB 894 25.09 70.99 12.65
N LYS CB 895 26.17 71.32 11.97
CA LYS CB 895 26.24 72.49 11.12
C LYS CB 895 26.65 72.01 9.73
N GLY CB 896 25.85 72.37 8.72
CA GLY CB 896 26.11 71.88 7.38
C GLY CB 896 25.53 70.52 7.08
N SER CB 897 24.97 69.85 8.09
CA SER CB 897 24.25 68.61 7.86
C SER CB 897 22.90 68.93 7.23
N LYS CB 898 22.32 67.97 6.53
CA LYS CB 898 21.08 68.22 5.81
C LYS CB 898 20.17 67.00 5.87
N LEU CB 899 18.94 67.18 5.39
CA LEU CB 899 17.88 66.18 5.62
C LEU CB 899 16.82 66.28 4.54
N ILE CB 900 16.59 65.16 3.84
CA ILE CB 900 15.68 65.06 2.70
C ILE CB 900 14.42 64.31 3.12
N GLY CB 901 13.36 64.48 2.32
CA GLY CB 901 12.10 63.75 2.46
C GLY CB 901 10.95 64.29 1.62
N SER CB 902 9.75 64.25 2.18
CA SER CB 902 8.51 64.69 1.54
C SER CB 902 7.62 65.30 2.62
N PHE CB 903 6.31 65.28 2.42
CA PHE CB 903 5.41 65.91 3.39
C PHE CB 903 4.39 64.93 3.97
N ASN CB 904 3.41 65.50 4.66
CA ASN CB 904 2.25 64.76 5.15
C ASN CB 904 0.99 65.35 4.54
N LEU CB 905 -0.07 64.56 4.54
CA LEU CB 905 -1.38 65.03 4.12
C LEU CB 905 -2.34 65.10 5.30
N PRO CB 906 -2.82 66.28 5.65
CA PRO CB 906 -3.83 66.39 6.70
C PRO CB 906 -5.25 66.41 6.14
N SER CB 907 -6.17 65.82 6.89
CA SER CB 907 -7.58 65.87 6.53
C SER CB 907 -8.18 67.24 6.77
N ASN CB 908 -7.69 67.94 7.78
CA ASN CB 908 -8.02 69.35 8.01
C ASN CB 908 -6.74 70.16 7.89
N ALA CB 909 -6.79 71.22 7.08
CA ALA CB 909 -5.60 71.92 6.61
C ALA CB 909 -5.14 73.04 7.54
N ASP CB 910 -5.50 72.97 8.82
CA ASP CB 910 -5.07 73.95 9.79
C ASP CB 910 -3.72 73.61 10.41
N LYS CB 911 -3.11 72.51 10.00
CA LYS CB 911 -1.72 72.23 10.29
C LYS CB 911 -1.13 71.55 9.07
N MET CB 912 0.20 71.56 9.00
CA MET CB 912 0.92 70.90 7.91
C MET CB 912 2.30 70.54 8.41
N VAL CB 913 2.72 69.29 8.18
CA VAL CB 913 4.01 68.82 8.65
C VAL CB 913 4.75 68.10 7.52
N ILE CB 914 6.06 68.00 7.67
CA ILE CB 914 6.98 67.63 6.60
C ILE CB 914 7.64 66.30 6.96
N THR CB 915 7.49 65.31 6.09
CA THR CB 915 8.02 63.98 6.32
C THR CB 915 9.47 63.93 5.85
N PHE CB 916 10.40 64.07 6.79
CA PHE CB 916 11.82 64.14 6.50
C PHE CB 916 12.50 62.90 7.05
N ASN CB 917 13.27 62.21 6.22
CA ASN CB 917 13.83 60.95 6.69
C ASN CB 917 15.32 60.79 6.43
N THR CB 918 15.83 61.28 5.31
CA THR CB 918 17.20 60.96 4.92
C THR CB 918 18.13 62.04 5.47
N MET CB 919 18.79 61.73 6.60
CA MET CB 919 19.66 62.67 7.30
C MET CB 919 21.10 62.36 6.88
N SER CB 920 21.80 63.36 6.36
CA SER CB 920 23.17 63.22 5.90
C SER CB 920 24.06 64.18 6.68
N ILE CB 921 25.12 63.66 7.26
CA ILE CB 921 26.16 64.43 7.95
C ILE CB 921 27.38 64.44 7.05
N PRO CB 922 27.99 65.60 6.76
CA PRO CB 922 29.12 65.63 5.82
C PRO CB 922 30.40 65.04 6.38
N GLY CB 923 31.45 65.09 5.57
CA GLY CB 923 32.73 64.50 5.92
C GLY CB 923 32.90 63.09 5.39
N ALA CB 924 32.11 62.15 5.91
CA ALA CB 924 32.18 60.76 5.52
C ALA CB 924 31.09 60.44 4.51
N GLU CB 925 31.21 59.26 3.89
CA GLU CB 925 30.19 58.77 2.99
C GLU CB 925 29.22 57.87 3.77
N LYS CB 926 28.55 58.49 4.75
CA LYS CB 926 27.58 57.81 5.57
C LYS CB 926 26.30 58.61 5.61
N THR CB 927 25.18 57.92 5.85
CA THR CB 927 23.87 58.55 5.86
C THR CB 927 23.05 57.88 6.96
N ILE CB 928 22.79 58.61 8.04
CA ILE CB 928 22.15 58.03 9.21
C ILE CB 928 20.66 57.84 8.96
N SER CB 929 19.99 57.13 9.87
CA SER CB 929 18.64 56.65 9.64
C SER CB 929 17.63 57.27 10.61
N ILE CB 930 17.74 58.57 10.82
CA ILE CB 930 16.80 59.27 11.69
C ILE CB 930 15.78 60.00 10.83
N SER CB 931 14.51 59.69 11.05
CA SER CB 931 13.41 60.36 10.37
C SER CB 931 12.65 61.22 11.36
N ALA CB 932 12.57 62.52 11.07
CA ALA CB 932 11.96 63.46 12.01
C ALA CB 932 11.17 64.48 11.22
N TYR CB 933 10.43 65.33 11.94
CA TYR CB 933 9.54 66.30 11.33
C TYR CB 933 10.03 67.70 11.71
N ALA CB 934 9.20 68.70 11.44
CA ALA CB 934 9.56 70.09 11.67
C ALA CB 934 8.51 70.82 12.50
N ILE CB 935 8.94 71.90 13.16
CA ILE CB 935 8.06 72.85 13.81
C ILE CB 935 8.55 74.26 13.50
N ASP CB 936 7.65 75.23 13.61
CA ASP CB 936 8.03 76.62 13.37
C ASP CB 936 8.71 77.20 14.58
N PRO CB 937 9.79 77.96 14.41
CA PRO CB 937 10.44 78.61 15.56
C PRO CB 937 9.57 79.72 16.13
N ASN CB 938 9.74 79.96 17.43
CA ASN CB 938 9.17 81.04 18.24
C ASN CB 938 7.64 81.03 18.35
N THR CB 939 6.95 80.13 17.65
CA THR CB 939 5.50 80.10 17.65
C THR CB 939 5.10 78.75 18.23
N ALA CB 940 5.88 77.74 17.85
CA ALA CB 940 5.74 76.35 18.30
C ALA CB 940 4.33 75.83 18.03
N ARG CB 941 3.93 75.99 16.77
CA ARG CB 941 2.63 75.50 16.31
C ARG CB 941 2.87 74.63 15.09
N THR CB 942 2.03 73.61 14.94
CA THR CB 942 2.16 72.66 13.84
C THR CB 942 1.57 73.18 12.54
N ALA CB 943 0.99 74.38 12.54
CA ALA CB 943 0.50 74.97 11.31
C ALA CB 943 1.67 75.44 10.44
N LEU CB 944 1.41 75.55 9.15
CA LEU CB 944 2.39 76.03 8.20
C LEU CB 944 2.12 77.48 7.87
N ALA CB 945 3.18 78.23 7.58
CA ALA CB 945 3.06 79.59 7.07
C ALA CB 945 2.56 79.46 5.63
N SER CB 946 1.23 79.47 5.51
CA SER CB 946 0.58 79.39 4.21
C SER CB 946 -0.78 80.08 4.35
N ARG CB 947 -1.52 80.11 3.26
CA ARG CB 947 -2.86 80.66 3.24
C ARG CB 947 -3.90 79.54 3.30
N THR CB 948 -4.92 79.76 4.12
CA THR CB 948 -5.93 78.75 4.35
C THR CB 948 -7.32 79.16 3.90
N ASN CB 949 -7.48 80.33 3.29
CA ASN CB 949 -8.75 80.84 2.80
C ASN CB 949 -8.93 80.53 1.32
N HIS CB 950 -8.51 79.34 0.90
CA HIS CB 950 -8.14 79.13 -0.49
C HIS CB 950 -9.34 78.86 -1.41
N HIS CB 951 -10.20 77.92 -1.07
CA HIS CB 951 -11.14 77.40 -2.05
C HIS CB 951 -12.53 77.34 -1.49
N TYR CB 952 -12.98 78.48 -0.95
CA TYR CB 952 -14.36 78.65 -0.54
C TYR CB 952 -15.15 79.45 -1.56
N LEU CB 953 -14.62 80.61 -1.94
CA LEU CB 953 -15.38 81.60 -2.67
C LEU CB 953 -15.70 81.18 -4.09
N MET CB 954 -14.75 80.51 -4.77
CA MET CB 954 -14.93 80.14 -6.17
C MET CB 954 -16.07 79.13 -6.33
N ARG CB 955 -16.03 78.05 -5.55
CA ARG CB 955 -17.07 77.05 -5.63
C ARG CB 955 -18.39 77.56 -5.08
N TYR CB 956 -18.36 78.40 -4.04
CA TYR CB 956 -19.60 78.96 -3.50
C TYR CB 956 -20.30 79.85 -4.52
N GLY CB 957 -19.54 80.74 -5.18
CA GLY CB 957 -20.12 81.60 -6.18
C GLY CB 957 -20.61 80.83 -7.40
N SER CB 958 -19.86 79.78 -7.80
CA SER CB 958 -20.28 78.97 -8.93
C SER CB 958 -21.60 78.27 -8.66
N LEU CB 959 -21.73 77.66 -7.47
CA LEU CB 959 -22.96 76.95 -7.12
C LEU CB 959 -24.15 77.91 -7.02
N PHE CB 960 -23.96 79.02 -6.30
CA PHE CB 960 -25.06 79.96 -6.10
C PHE CB 960 -25.49 80.62 -7.40
N ALA CB 961 -24.53 80.93 -8.29
CA ALA CB 961 -24.87 81.51 -9.57
C ALA CB 961 -25.63 80.53 -10.45
N SER CB 962 -25.19 79.26 -10.50
CA SER CB 962 -25.87 78.26 -11.32
C SER CB 962 -27.30 78.02 -10.84
N SER CB 963 -27.48 77.96 -9.52
CA SER CB 963 -28.81 77.80 -8.96
C SER CB 963 -29.69 79.01 -9.24
N PHE CB 964 -29.14 80.23 -9.13
CA PHE CB 964 -29.91 81.43 -9.42
C PHE CB 964 -30.35 81.47 -10.87
N LEU CB 965 -29.49 81.01 -11.77
CA LEU CB 965 -29.82 80.96 -13.19
C LEU CB 965 -30.98 80.00 -13.44
N GLN CB 966 -30.89 78.79 -12.85
CA GLN CB 966 -31.96 77.80 -12.99
C GLN CB 966 -33.28 78.35 -12.49
N GLY CB 967 -33.25 79.03 -11.35
CA GLY CB 967 -34.46 79.60 -10.79
C GLY CB 967 -35.04 80.69 -11.65
N PHE CB 968 -34.18 81.52 -12.25
CA PHE CB 968 -34.67 82.63 -13.06
C PHE CB 968 -35.41 82.13 -14.27
N GLY CB 969 -34.83 81.12 -14.93
CA GLY CB 969 -35.48 80.57 -16.09
C GLY CB 969 -36.82 79.91 -15.78
N ASN CB 970 -36.83 79.00 -14.78
CA ASN CB 970 -38.07 78.28 -14.54
C ASN CB 970 -39.18 79.18 -13.98
N ALA CB 971 -38.85 80.04 -13.02
CA ALA CB 971 -39.92 80.84 -12.41
C ALA CB 971 -40.38 81.97 -13.32
N PHE CB 972 -39.47 82.57 -14.09
CA PHE CB 972 -39.95 83.64 -14.94
C PHE CB 972 -40.61 83.12 -16.21
N GLN CB 973 -40.39 81.86 -16.58
CA GLN CB 973 -41.29 81.28 -17.56
C GLN CB 973 -42.64 80.92 -16.93
N SER CB 974 -42.62 80.43 -15.69
CA SER CB 974 -43.83 79.88 -15.10
C SER CB 974 -44.83 80.96 -14.72
N ALA CB 975 -44.36 82.11 -14.23
CA ALA CB 975 -45.25 83.13 -13.72
C ALA CB 975 -45.82 84.04 -14.80
N ASN CB 976 -45.75 83.63 -16.07
CA ASN CB 976 -46.17 84.50 -17.16
C ASN CB 976 -47.68 84.59 -17.27
N THR CB 977 -48.41 83.66 -16.65
CA THR CB 977 -49.86 83.65 -16.80
C THR CB 977 -50.52 84.79 -16.04
N THR CB 978 -50.10 85.04 -14.80
CA THR CB 978 -50.78 86.01 -13.97
C THR CB 978 -50.03 87.34 -13.91
N SER CB 999 -40.21 89.23 -25.45
CA SER CB 999 -39.22 88.65 -26.35
C SER CB 999 -37.87 88.53 -25.67
N THR CB 1000 -37.23 89.69 -25.44
CA THR CB 1000 -35.91 89.71 -24.83
C THR CB 1000 -35.95 89.29 -23.37
N LEU CB 1001 -37.05 89.57 -22.68
CA LEU CB 1001 -37.24 89.05 -21.33
C LEU CB 1001 -37.30 87.52 -21.36
N GLU CB 1002 -38.00 86.97 -22.36
CA GLU CB 1002 -38.01 85.53 -22.56
C GLU CB 1002 -36.62 85.02 -22.94
N ASN CB 1003 -35.80 85.86 -23.55
CA ASN CB 1003 -34.42 85.46 -23.85
C ASN CB 1003 -33.57 85.41 -22.59
N ALA CB 1004 -33.85 86.30 -21.64
CA ALA CB 1004 -33.20 86.18 -20.33
C ALA CB 1004 -33.61 84.89 -19.63
N VAL CB 1005 -34.90 84.56 -19.71
CA VAL CB 1005 -35.42 83.28 -19.24
C VAL CB 1005 -34.69 82.13 -19.90
N ILE CB 1006 -34.48 82.24 -21.22
CA ILE CB 1006 -33.77 81.24 -22.02
C ILE CB 1006 -32.38 80.98 -21.48
N GLY CB 1007 -31.63 82.08 -21.27
CA GLY CB 1007 -30.21 81.94 -21.01
C GLY CB 1007 -30.00 81.36 -19.64
N LEU CB 1008 -30.70 81.91 -18.66
CA LEU CB 1008 -30.48 81.45 -17.29
C LEU CB 1008 -31.09 80.07 -17.08
N ALA CB 1009 -32.24 79.80 -17.75
CA ALA CB 1009 -32.90 78.50 -17.70
C ALA CB 1009 -32.00 77.37 -18.13
N THR CB 1010 -31.34 77.54 -19.26
CA THR CB 1010 -30.60 76.39 -19.74
C THR CB 1010 -29.16 76.34 -19.28
N VAL CB 1011 -28.55 77.47 -18.93
CA VAL CB 1011 -27.19 77.36 -18.41
C VAL CB 1011 -27.17 77.18 -16.90
N GLY CB 1012 -28.31 77.25 -16.22
CA GLY CB 1012 -28.32 76.92 -14.81
C GLY CB 1012 -28.05 75.45 -14.53
N LYS CB 1013 -28.67 74.56 -15.31
CA LYS CB 1013 -28.74 73.15 -14.96
C LYS CB 1013 -27.39 72.46 -15.09
N ALA CB 1014 -26.72 72.64 -16.24
CA ALA CB 1014 -25.44 71.97 -16.47
C ALA CB 1014 -24.37 72.51 -15.55
N TRP CB 1015 -24.37 73.82 -15.33
CA TRP CB 1015 -23.44 74.41 -14.38
C TRP CB 1015 -23.72 73.96 -12.96
N SER CB 1016 -24.99 73.70 -12.64
CA SER CB 1016 -25.35 73.21 -11.31
C SER CB 1016 -24.83 71.80 -11.09
N GLN CB 1017 -25.02 70.91 -12.06
CA GLN CB 1017 -24.53 69.55 -11.85
C GLN CB 1017 -23.01 69.49 -11.88
N GLN CB 1018 -22.35 70.35 -12.67
CA GLN CB 1018 -20.90 70.41 -12.62
C GLN CB 1018 -20.40 70.98 -11.30
N ALA CB 1019 -21.13 71.95 -10.74
CA ALA CB 1019 -20.76 72.49 -9.44
C ALA CB 1019 -20.91 71.45 -8.34
N GLN CB 1020 -21.98 70.66 -8.41
CA GLN CB 1020 -22.14 69.58 -7.43
C GLN CB 1020 -21.12 68.48 -7.66
N GLN CB 1021 -20.61 68.36 -8.88
CA GLN CB 1021 -19.53 67.42 -9.15
C GLN CB 1021 -18.23 67.87 -8.49
N LEU CB 1022 -17.84 69.14 -8.66
CA LEU CB 1022 -16.52 69.58 -8.25
C LEU CB 1022 -16.49 70.35 -6.93
N PHE CB 1023 -17.60 70.38 -6.19
CA PHE CB 1023 -17.66 71.23 -5.01
C PHE CB 1023 -16.78 70.71 -3.87
N ASN CB 1024 -16.49 69.42 -3.85
CA ASN CB 1024 -15.86 68.78 -2.72
C ASN CB 1024 -14.34 68.95 -2.67
N THR CB 1025 -13.75 69.79 -3.52
CA THR CB 1025 -12.29 69.91 -3.57
C THR CB 1025 -11.78 70.70 -2.37
N PRO CB 1026 -10.80 70.17 -1.63
CA PRO CB 1026 -10.40 70.79 -0.37
C PRO CB 1026 -9.56 72.05 -0.56
N THR CB 1027 -9.28 72.71 0.56
CA THR CB 1027 -8.42 73.88 0.61
C THR CB 1027 -6.97 73.42 0.67
N THR CB 1028 -6.09 74.14 0.00
CA THR CB 1028 -4.70 73.72 -0.06
C THR CB 1028 -3.82 74.64 0.78
N VAL CB 1029 -2.63 74.14 1.10
CA VAL CB 1029 -1.54 74.93 1.67
C VAL CB 1029 -0.27 74.56 0.93
N GLU CB 1030 0.73 75.43 1.02
CA GLU CB 1030 2.00 75.21 0.32
C GLU CB 1030 3.14 75.55 1.27
N VAL CB 1031 4.22 74.77 1.20
CA VAL CB 1031 5.42 75.11 1.97
C VAL CB 1031 6.05 76.37 1.39
N TYR CB 1032 6.76 77.10 2.26
CA TYR CB 1032 7.36 78.36 1.86
C TYR CB 1032 8.81 78.16 1.45
N SER CB 1033 9.22 78.90 0.43
CA SER CB 1033 10.55 78.75 -0.13
C SER CB 1033 11.61 79.53 0.64
N GLY CB 1034 11.24 80.25 1.70
CA GLY CB 1034 12.23 80.99 2.45
C GLY CB 1034 11.99 81.05 3.93
N THR CB 1035 11.28 80.07 4.48
CA THR CB 1035 10.90 80.09 5.89
C THR CB 1035 11.71 79.07 6.65
N GLY CB 1036 12.42 79.54 7.69
CA GLY CB 1036 13.20 78.67 8.54
C GLY CB 1036 12.31 77.88 9.48
N LEU CB 1037 12.92 76.92 10.16
CA LEU CB 1037 12.15 75.93 10.88
C LEU CB 1037 12.93 75.42 12.09
N GLY CB 1038 12.19 74.84 13.03
CA GLY CB 1038 12.77 74.12 14.14
C GLY CB 1038 12.45 72.63 14.01
N ILE CB 1039 13.30 71.82 14.62
CA ILE CB 1039 13.24 70.38 14.47
C ILE CB 1039 13.29 69.73 15.85
N LEU CB 1040 12.26 68.96 16.17
CA LEU CB 1040 12.32 67.97 17.23
C LEU CB 1040 12.81 66.66 16.63
N PHE CB 1041 13.62 65.93 17.38
CA PHE CB 1041 14.06 64.62 16.89
C PHE CB 1041 13.05 63.55 17.28
N THR CB 1042 13.23 62.36 16.71
CA THR CB 1042 12.34 61.22 16.98
C THR CB 1042 13.08 60.00 17.53
N GLN CB 1043 14.22 59.63 16.94
CA GLN CB 1043 15.01 58.50 17.40
C GLN CB 1043 16.49 58.90 17.50
N ASP CB 1044 17.32 57.94 17.93
CA ASP CB 1044 18.75 58.17 18.18
C ASP CB 1044 19.59 57.63 17.03
N VAL CB 1045 20.90 57.89 17.09
CA VAL CB 1045 21.89 57.34 16.18
C VAL CB 1045 23.09 56.87 16.99
N THR CB 1046 24.13 56.42 16.27
CA THR CB 1046 25.36 55.97 16.89
C THR CB 1046 26.48 56.98 16.69
N LYS DB 24 14.80 40.21 -133.75
CA LYS DB 24 14.76 41.51 -133.12
C LYS DB 24 15.05 41.42 -131.62
N PHE DB 25 15.15 40.20 -131.10
CA PHE DB 25 15.37 39.99 -129.68
C PHE DB 25 16.30 38.79 -129.49
N LYS DB 26 17.42 39.02 -128.83
CA LYS DB 26 18.41 38.00 -128.53
C LYS DB 26 18.73 38.08 -127.05
N LYS DB 27 18.36 37.07 -126.30
CA LYS DB 27 18.52 37.17 -124.86
C LYS DB 27 19.95 36.87 -124.43
N PRO DB 28 20.40 37.47 -123.34
CA PRO DB 28 21.56 36.96 -122.64
C PRO DB 28 21.23 35.64 -121.97
N PRO DB 29 22.23 34.81 -121.69
CA PRO DB 29 21.96 33.51 -121.06
C PRO DB 29 21.40 33.66 -119.65
N ILE DB 30 20.53 32.73 -119.29
CA ILE DB 30 19.74 32.86 -118.07
C ILE DB 30 20.62 32.71 -116.84
N ASN DB 31 21.43 31.65 -116.82
CA ASN DB 31 22.31 31.44 -115.67
C ASN DB 31 23.68 32.06 -115.91
N ASN DB 32 23.67 33.33 -116.29
CA ASN DB 32 24.95 33.94 -116.61
C ASN DB 32 25.53 34.63 -115.39
N PRO DB 33 26.84 34.50 -115.18
CA PRO DB 33 27.47 35.21 -114.06
C PRO DB 33 27.65 36.68 -114.38
N SER DB 34 26.60 37.47 -114.15
CA SER DB 34 26.66 38.91 -114.35
C SER DB 34 26.94 39.65 -113.05
N ASP DB 35 27.74 39.06 -112.18
CA ASP DB 35 28.00 39.63 -110.86
C ASP DB 35 29.45 39.39 -110.49
N ASP DB 36 30.00 40.34 -109.71
CA ASP DB 36 31.42 40.35 -109.39
C ASP DB 36 31.82 39.18 -108.52
N ALA DB 37 30.95 38.77 -107.59
CA ALA DB 37 31.23 37.54 -106.86
C ALA DB 37 31.18 36.33 -107.77
N THR DB 38 30.19 36.31 -108.67
CA THR DB 38 29.95 35.13 -109.47
C THR DB 38 31.05 34.90 -110.50
N ILE DB 39 31.61 35.97 -111.05
CA ILE DB 39 32.65 35.78 -112.07
C ILE DB 39 33.92 35.22 -111.44
N LYS DB 40 34.26 35.69 -110.24
CA LYS DB 40 35.42 35.16 -109.54
C LYS DB 40 35.18 33.73 -109.12
N LEU DB 41 33.95 33.42 -108.71
CA LEU DB 41 33.61 32.05 -108.33
C LEU DB 41 33.71 31.11 -109.53
N ALA DB 42 33.25 31.56 -110.70
CA ALA DB 42 33.31 30.71 -111.88
C ALA DB 42 34.73 30.52 -112.37
N GLU DB 43 35.55 31.56 -112.28
CA GLU DB 43 36.96 31.43 -112.64
C GLU DB 43 37.69 30.48 -111.71
N ALA DB 44 37.38 30.56 -110.42
CA ALA DB 44 37.94 29.62 -109.45
C ALA DB 44 37.51 28.20 -109.78
N ALA DB 45 36.26 28.03 -110.20
CA ALA DB 45 35.75 26.71 -110.53
C ALA DB 45 36.49 26.11 -111.73
N VAL DB 46 36.66 26.89 -112.78
CA VAL DB 46 37.29 26.34 -113.97
C VAL DB 46 38.79 26.09 -113.73
N SER DB 47 39.40 26.92 -112.87
CA SER DB 47 40.78 26.68 -112.48
C SER DB 47 40.94 25.38 -111.72
N VAL DB 48 40.03 25.13 -110.77
CA VAL DB 48 40.07 23.92 -109.95
C VAL DB 48 39.88 22.69 -110.82
N SER DB 49 38.95 22.77 -111.77
CA SER DB 49 38.68 21.65 -112.66
C SER DB 49 39.89 21.33 -113.52
N ASP DB 50 40.56 22.36 -114.06
CA ASP DB 50 41.73 22.13 -114.89
C ASP DB 50 42.88 21.53 -114.08
N SER DB 51 43.07 22.02 -112.86
CA SER DB 51 44.15 21.51 -112.01
C SER DB 51 43.91 20.04 -111.64
N MET DB 52 42.67 19.69 -111.31
CA MET DB 52 42.36 18.30 -110.98
C MET DB 52 42.47 17.40 -112.19
N LEU DB 53 42.14 17.92 -113.37
CA LEU DB 53 42.33 17.15 -114.59
C LEU DB 53 43.80 16.82 -114.80
N GLU DB 54 44.67 17.81 -114.59
CA GLU DB 54 46.10 17.57 -114.74
C GLU DB 54 46.60 16.58 -113.70
N MET DB 55 46.09 16.68 -112.47
CA MET DB 55 46.51 15.80 -111.39
C MET DB 55 46.12 14.36 -111.70
N ALA DB 56 44.89 14.13 -112.17
CA ALA DB 56 44.44 12.78 -112.48
C ALA DB 56 45.18 12.21 -113.67
N LYS DB 57 45.42 13.05 -114.68
CA LYS DB 57 46.12 12.59 -115.89
C LYS DB 57 47.54 12.19 -115.58
N VAL DB 58 48.24 12.97 -114.76
CA VAL DB 58 49.60 12.58 -114.42
C VAL DB 58 49.60 11.44 -113.39
N GLU DB 59 48.50 11.23 -112.68
CA GLU DB 59 48.51 10.14 -111.71
C GLU DB 59 48.24 8.79 -112.35
N LYS DB 60 47.40 8.72 -113.37
CA LYS DB 60 46.94 7.44 -113.88
C LYS DB 60 48.01 6.74 -114.71
N VAL DB 61 48.12 5.43 -114.53
CA VAL DB 61 48.97 4.60 -115.37
C VAL DB 61 48.14 4.05 -116.52
N ILE DB 62 48.82 3.60 -117.56
CA ILE DB 62 48.20 3.05 -118.76
C ILE DB 62 49.05 1.89 -119.27
N THR DB 63 48.61 1.27 -120.35
CA THR DB 63 49.41 0.24 -120.99
C THR DB 63 49.12 0.27 -122.48
N PRO DB 64 50.13 0.10 -123.33
CA PRO DB 64 49.88 0.09 -124.76
C PRO DB 64 49.20 -1.19 -125.18
N PRO DB 65 48.42 -1.17 -126.27
CA PRO DB 65 47.78 -2.40 -126.75
C PRO DB 65 48.75 -3.37 -127.40
N SER DB 66 50.01 -2.96 -127.64
CA SER DB 66 51.03 -3.87 -128.13
C SER DB 66 51.34 -4.96 -127.11
N LYS DB 67 51.34 -4.61 -125.83
CA LYS DB 67 51.57 -5.58 -124.77
C LYS DB 67 50.31 -5.80 -123.93
N ASP DB 68 49.15 -5.63 -124.54
CA ASP DB 68 47.90 -5.86 -123.85
C ASP DB 68 47.71 -7.35 -123.62
N ASN DB 69 47.42 -7.72 -122.38
CA ASN DB 69 47.36 -9.12 -122.00
C ASN DB 69 45.94 -9.66 -122.06
N THR DB 70 45.27 -9.43 -123.18
CA THR DB 70 43.92 -9.93 -123.44
C THR DB 70 43.95 -10.80 -124.69
N LEU DB 71 43.27 -11.93 -124.64
CA LEU DB 71 43.25 -12.81 -125.79
C LEU DB 71 42.36 -12.22 -126.88
N THR DB 72 42.89 -12.18 -128.09
CA THR DB 72 42.14 -11.60 -129.20
C THR DB 72 41.11 -12.59 -129.72
N ILE DB 73 40.31 -12.14 -130.68
CA ILE DB 73 39.16 -12.90 -131.18
C ILE DB 73 39.62 -13.99 -132.13
N PRO DB 74 39.32 -15.27 -131.85
CA PRO DB 74 39.70 -16.33 -132.78
C PRO DB 74 38.82 -16.38 -134.02
N ASN DB 75 37.58 -15.86 -133.93
CA ASN DB 75 36.67 -15.55 -135.06
C ASN DB 75 36.39 -16.74 -135.99
N ALA DB 76 36.57 -17.96 -135.50
CA ALA DB 76 36.20 -19.13 -136.30
C ALA DB 76 34.68 -19.28 -136.33
N TYR DB 77 34.19 -19.93 -137.40
CA TYR DB 77 32.75 -19.93 -137.67
C TYR DB 77 31.98 -20.75 -136.66
N ASN DB 78 32.60 -21.75 -136.07
CA ASN DB 78 31.92 -22.53 -135.04
C ASN DB 78 31.75 -21.75 -133.74
N LEU DB 79 32.41 -20.62 -133.58
CA LEU DB 79 32.32 -19.81 -132.38
C LEU DB 79 31.43 -18.59 -132.56
N GLN DB 80 30.66 -18.54 -133.64
CA GLN DB 80 29.85 -17.36 -133.92
C GLN DB 80 28.43 -17.49 -133.43
N ALA DB 81 28.15 -18.47 -132.59
CA ALA DB 81 26.80 -18.64 -132.07
C ALA DB 81 26.49 -17.61 -131.00
N ARG DB 82 25.20 -17.44 -130.74
CA ARG DB 82 24.69 -16.53 -129.75
C ARG DB 82 24.03 -17.33 -128.63
N ALA DB 83 24.19 -16.89 -127.40
CA ALA DB 83 23.66 -17.63 -126.27
C ALA DB 83 23.40 -16.69 -125.11
N SER DB 84 22.61 -17.19 -124.15
CA SER DB 84 22.40 -16.52 -122.88
C SER DB 84 22.98 -17.37 -121.77
N VAL DB 85 23.84 -16.78 -120.95
CA VAL DB 85 24.65 -17.53 -120.00
C VAL DB 85 24.43 -16.93 -118.61
N ASP DB 86 24.15 -17.79 -117.64
CA ASP DB 86 24.09 -17.39 -116.24
C ASP DB 86 24.93 -18.35 -115.42
N TRP DB 87 26.00 -17.84 -114.82
CA TRP DB 87 26.90 -18.70 -114.04
C TRP DB 87 27.60 -17.86 -113.01
N SER DB 88 27.86 -18.46 -111.84
CA SER DB 88 28.76 -17.87 -110.88
C SER DB 88 29.37 -19.01 -110.06
N GLY DB 89 30.56 -19.45 -110.45
CA GLY DB 89 31.20 -20.54 -109.75
C GLY DB 89 32.57 -20.89 -110.30
N PRO DB 90 32.93 -22.17 -110.24
CA PRO DB 90 34.25 -22.59 -110.75
C PRO DB 90 34.37 -22.52 -112.25
N ILE DB 91 35.51 -22.95 -112.77
CA ILE DB 91 35.97 -22.49 -114.08
C ILE DB 91 36.05 -23.62 -115.10
N GLU DB 92 36.54 -24.79 -114.69
CA GLU DB 92 36.88 -25.84 -115.65
C GLU DB 92 35.65 -26.45 -116.28
N GLU DB 93 34.61 -26.69 -115.48
CA GLU DB 93 33.37 -27.24 -116.01
C GLU DB 93 32.68 -26.25 -116.94
N LEU DB 94 32.75 -24.96 -116.60
CA LEU DB 94 32.14 -23.94 -117.44
C LEU DB 94 32.81 -23.86 -118.79
N THR DB 95 34.15 -23.83 -118.81
CA THR DB 95 34.81 -23.74 -120.11
C THR DB 95 34.72 -25.05 -120.88
N ALA DB 96 34.61 -26.18 -120.19
CA ALA DB 96 34.39 -27.44 -120.88
C ALA DB 96 33.02 -27.48 -121.54
N ARG DB 97 32.00 -26.94 -120.87
CA ARG DB 97 30.69 -26.86 -121.52
C ARG DB 97 30.69 -25.88 -122.67
N ILE DB 98 31.48 -24.81 -122.56
CA ILE DB 98 31.61 -23.86 -123.66
C ILE DB 98 32.21 -24.55 -124.87
N ALA DB 99 33.27 -25.33 -124.67
CA ALA DB 99 33.87 -26.07 -125.77
C ALA DB 99 32.94 -27.15 -126.30
N LYS DB 100 32.12 -27.73 -125.41
CA LYS DB 100 31.18 -28.77 -125.82
C LYS DB 100 30.12 -28.20 -126.74
N ALA DB 101 29.62 -27.02 -126.41
CA ALA DB 101 28.68 -26.35 -127.32
C ALA DB 101 29.38 -25.84 -128.56
N ALA DB 102 30.68 -25.60 -128.48
CA ALA DB 102 31.44 -25.13 -129.62
C ALA DB 102 32.02 -26.25 -130.47
N HIS DB 103 31.73 -27.50 -130.10
CA HIS DB 103 32.22 -28.70 -130.81
C HIS DB 103 33.75 -28.71 -130.90
N PHE DB 104 34.40 -28.29 -129.83
CA PHE DB 104 35.85 -28.29 -129.77
C PHE DB 104 36.29 -29.19 -128.63
N ARG DB 105 37.42 -29.86 -128.82
CA ARG DB 105 37.98 -30.60 -127.72
C ARG DB 105 38.59 -29.63 -126.71
N PHE DB 106 38.71 -30.08 -125.48
CA PHE DB 106 39.25 -29.23 -124.42
C PHE DB 106 40.26 -30.01 -123.59
N ARG DB 107 41.41 -29.38 -123.35
CA ARG DB 107 42.40 -29.97 -122.47
C ARG DB 107 42.99 -28.89 -121.59
N VAL DB 108 43.67 -29.33 -120.54
CA VAL DB 108 44.19 -28.41 -119.53
C VAL DB 108 45.60 -28.86 -119.14
N LEU DB 109 46.54 -27.93 -119.22
CA LEU DB 109 47.88 -28.14 -118.67
C LEU DB 109 47.98 -27.35 -117.37
N GLY DB 110 48.28 -28.06 -116.30
CA GLY DB 110 48.35 -27.50 -114.97
C GLY DB 110 47.53 -28.32 -114.01
N LYS DB 111 47.41 -27.81 -112.79
CA LYS DB 111 46.67 -28.51 -111.76
C LYS DB 111 45.86 -27.52 -110.95
N SER DB 112 44.65 -27.91 -110.59
CA SER DB 112 43.80 -27.04 -109.81
C SER DB 112 44.28 -27.00 -108.37
N PRO DB 113 44.47 -25.84 -107.79
CA PRO DB 113 44.83 -25.76 -106.38
C PRO DB 113 43.65 -26.04 -105.46
N SER DB 114 43.89 -25.89 -104.15
CA SER DB 114 42.86 -26.18 -103.15
C SER DB 114 41.73 -25.18 -103.24
N VAL DB 115 42.05 -23.90 -103.24
CA VAL DB 115 41.04 -22.87 -103.43
C VAL DB 115 40.70 -22.82 -104.91
N PRO DB 116 39.45 -22.99 -105.29
CA PRO DB 116 39.09 -22.94 -106.70
C PRO DB 116 39.13 -21.51 -107.23
N VAL DB 117 39.14 -21.41 -108.55
CA VAL DB 117 39.12 -20.12 -109.22
C VAL DB 117 37.67 -19.77 -109.53
N LEU DB 118 37.25 -18.60 -109.08
CA LEU DB 118 35.85 -18.22 -109.15
C LEU DB 118 35.64 -17.11 -110.17
N ILE DB 119 34.49 -17.16 -110.82
CA ILE DB 119 34.09 -16.20 -111.84
C ILE DB 119 32.59 -16.04 -111.74
N SER DB 120 32.05 -15.02 -112.41
CA SER DB 120 30.61 -14.75 -112.36
C SER DB 120 30.22 -13.94 -113.59
N ILE DB 121 29.38 -14.51 -114.44
CA ILE DB 121 28.90 -13.81 -115.61
C ILE DB 121 27.42 -14.12 -115.79
N SER DB 122 26.64 -13.06 -116.03
CA SER DB 122 25.23 -13.22 -116.37
C SER DB 122 24.93 -12.27 -117.52
N THR DB 123 24.49 -12.83 -118.65
CA THR DB 123 24.30 -12.04 -119.84
C THR DB 123 23.34 -12.79 -120.77
N LYS DB 124 22.88 -12.07 -121.78
CA LYS DB 124 21.80 -12.52 -122.63
C LYS DB 124 22.20 -12.79 -124.07
N ASP DB 125 23.05 -11.98 -124.68
CA ASP DB 125 23.28 -12.09 -126.12
C ASP DB 125 24.67 -11.57 -126.48
N GLU DB 126 25.60 -12.50 -126.70
CA GLU DB 126 26.86 -12.22 -127.37
C GLU DB 126 27.38 -13.53 -127.93
N SER DB 127 28.65 -13.54 -128.34
CA SER DB 127 29.27 -14.75 -128.85
C SER DB 127 30.29 -15.31 -127.87
N LEU DB 128 30.60 -16.58 -128.10
CA LEU DB 128 31.49 -17.32 -127.23
C LEU DB 128 32.91 -16.79 -127.25
N ALA DB 129 33.29 -16.08 -128.32
CA ALA DB 129 34.63 -15.49 -128.40
C ALA DB 129 34.81 -14.41 -127.33
N GLU DB 130 33.89 -13.46 -127.27
CA GLU DB 130 34.00 -12.44 -126.23
C GLU DB 130 33.64 -12.99 -124.87
N ILE DB 131 32.86 -14.09 -124.82
CA ILE DB 131 32.67 -14.79 -123.56
C ILE DB 131 34.02 -15.32 -123.04
N LEU DB 132 34.80 -15.93 -123.93
CA LEU DB 132 36.12 -16.43 -123.56
C LEU DB 132 37.07 -15.30 -123.20
N ARG DB 133 36.94 -14.18 -123.90
CA ARG DB 133 37.76 -13.00 -123.60
C ARG DB 133 37.47 -12.48 -122.20
N ASP DB 134 36.20 -12.42 -121.83
CA ASP DB 134 35.84 -12.01 -120.48
C ASP DB 134 36.27 -13.05 -119.46
N ILE DB 135 36.27 -14.32 -119.84
CA ILE DB 135 36.76 -15.37 -118.95
C ILE DB 135 38.23 -15.16 -118.63
N ASP DB 136 39.03 -14.89 -119.66
CA ASP DB 136 40.45 -14.70 -119.47
C ASP DB 136 40.74 -13.42 -118.70
N TYR DB 137 39.95 -12.37 -118.93
CA TYR DB 137 40.17 -11.14 -118.20
C TYR DB 137 39.77 -11.29 -116.73
N GLN DB 138 38.69 -12.04 -116.46
CA GLN DB 138 38.29 -12.25 -115.07
C GLN DB 138 39.23 -13.19 -114.34
N ALA DB 139 39.91 -14.07 -115.06
CA ALA DB 139 40.81 -15.01 -114.42
C ALA DB 139 41.99 -14.31 -113.76
N GLY DB 140 42.53 -13.28 -114.41
CA GLY DB 140 43.67 -12.60 -113.86
C GLY DB 140 44.96 -13.34 -114.06
N LYS DB 141 45.84 -13.32 -113.06
CA LYS DB 141 47.16 -13.88 -113.23
C LYS DB 141 47.21 -15.39 -113.08
N LYS DB 142 46.18 -16.02 -112.52
CA LYS DB 142 46.31 -17.42 -112.18
C LYS DB 142 46.13 -18.36 -113.36
N ALA DB 143 45.55 -17.89 -114.45
CA ALA DB 143 45.18 -18.79 -115.52
C ALA DB 143 45.24 -18.07 -116.85
N SER DB 144 45.25 -18.87 -117.92
CA SER DB 144 45.14 -18.34 -119.27
C SER DB 144 44.52 -19.42 -120.16
N ILE DB 145 44.08 -18.99 -121.33
CA ILE DB 145 43.45 -19.88 -122.30
C ILE DB 145 44.17 -19.74 -123.63
N HIS DB 146 44.10 -20.80 -124.43
CA HIS DB 146 44.62 -20.75 -125.78
C HIS DB 146 43.69 -21.48 -126.73
N VAL DB 147 43.53 -20.93 -127.93
CA VAL DB 147 42.57 -21.41 -128.91
C VAL DB 147 43.35 -21.91 -130.11
N TYR DB 148 43.01 -23.09 -130.61
CA TYR DB 148 43.61 -23.60 -131.84
C TYR DB 148 42.49 -23.98 -132.80
N PRO DB 149 42.37 -23.29 -133.94
CA PRO DB 149 41.35 -23.63 -134.93
C PRO DB 149 41.86 -24.54 -136.03
N ASN DB 150 43.17 -24.72 -136.13
CA ASN DB 150 43.72 -25.69 -137.06
C ASN DB 150 43.43 -27.10 -136.56
N SER DB 151 43.66 -27.34 -135.28
CA SER DB 151 43.21 -28.55 -134.59
C SER DB 151 42.26 -28.09 -133.50
N GLN DB 152 40.97 -28.43 -133.66
CA GLN DB 152 39.87 -27.71 -133.03
C GLN DB 152 39.85 -27.95 -131.53
N VAL DB 153 40.65 -27.15 -130.81
CA VAL DB 153 40.89 -27.42 -129.40
C VAL DB 153 41.03 -26.12 -128.63
N VAL DB 154 40.72 -26.19 -127.34
CA VAL DB 154 41.04 -25.14 -126.38
C VAL DB 154 41.89 -25.72 -125.28
N GLU DB 155 42.83 -24.91 -124.80
CA GLU DB 155 43.75 -25.29 -123.75
C GLU DB 155 43.59 -24.35 -122.57
N LEU DB 156 43.53 -24.92 -121.38
CA LEU DB 156 43.51 -24.16 -120.14
C LEU DB 156 44.88 -24.29 -119.48
N ARG DB 157 45.60 -23.18 -119.38
CA ARG DB 157 46.94 -23.18 -118.82
C ARG DB 157 46.89 -22.59 -117.42
N TYR DB 158 47.22 -23.40 -116.42
CA TYR DB 158 47.31 -22.89 -115.07
C TYR DB 158 48.63 -22.16 -114.86
N ALA DB 159 48.71 -21.45 -113.74
CA ALA DB 159 49.97 -20.91 -113.27
C ALA DB 159 50.60 -21.89 -112.29
N LYS DB 160 51.62 -21.44 -111.56
CA LYS DB 160 52.18 -22.24 -110.47
C LYS DB 160 52.20 -21.45 -109.17
N ILE EB 208 69.96 13.84 -132.51
CA ILE EB 208 69.51 14.97 -133.32
C ILE EB 208 68.28 14.55 -134.13
N ILE EB 209 67.21 15.34 -134.02
CA ILE EB 209 65.98 15.07 -134.72
C ILE EB 209 65.85 16.03 -135.89
N TYR EB 210 64.83 15.82 -136.71
CA TYR EB 210 64.59 16.68 -137.86
C TYR EB 210 63.11 16.99 -137.99
N TYR EB 211 62.82 18.19 -138.48
CA TYR EB 211 61.45 18.69 -138.58
C TYR EB 211 61.20 19.29 -139.96
N ILE EB 212 59.97 19.13 -140.42
CA ILE EB 212 59.59 19.52 -141.76
C ILE EB 212 59.22 21.00 -141.79
N GLN EB 213 59.42 21.63 -142.95
CA GLN EB 213 59.13 23.04 -143.13
C GLN EB 213 57.92 23.27 -144.04
N ALA EB 214 57.96 22.74 -145.25
CA ALA EB 214 56.89 22.93 -146.20
C ALA EB 214 56.62 21.61 -146.91
N VAL EB 215 55.41 21.47 -147.44
CA VAL EB 215 54.92 20.21 -147.99
C VAL EB 215 54.63 20.39 -149.48
N ILE EB 216 55.23 19.55 -150.29
CA ILE EB 216 54.80 19.37 -151.68
C ILE EB 216 54.81 17.89 -152.01
N PRO EB 217 53.94 17.47 -152.93
CA PRO EB 217 54.05 16.10 -153.43
C PRO EB 217 55.30 15.90 -154.25
N GLY EB 218 56.27 15.20 -153.69
CA GLY EB 218 57.52 14.94 -154.38
C GLY EB 218 58.76 15.35 -153.63
N ARG EB 219 58.70 16.45 -152.90
CA ARG EB 219 59.86 16.96 -152.18
C ARG EB 219 59.40 17.61 -150.88
N ALA EB 220 60.37 17.87 -150.01
CA ALA EB 220 60.10 18.52 -148.73
C ALA EB 220 61.33 19.26 -148.27
N TRP EB 221 61.14 20.14 -147.28
CA TRP EB 221 62.21 20.90 -146.65
C TRP EB 221 62.31 20.46 -145.20
N LEU EB 222 63.54 20.18 -144.76
CA LEU EB 222 63.81 19.64 -143.45
C LEU EB 222 64.81 20.54 -142.72
N ILE EB 223 64.57 20.76 -141.42
CA ILE EB 223 65.50 21.48 -140.56
C ILE EB 223 65.75 20.60 -139.35
N GLY EB 224 66.89 20.84 -138.71
CA GLY EB 224 67.24 20.13 -137.50
C GLY EB 224 67.65 21.06 -136.37
N SER EB 225 68.24 20.49 -135.32
CA SER EB 225 68.74 21.29 -134.21
C SER EB 225 69.96 22.10 -134.61
N ASN EB 226 70.81 21.55 -135.46
CA ASN EB 226 72.04 22.22 -135.88
C ASN EB 226 71.85 23.06 -137.14
N GLY EB 227 70.61 23.30 -137.55
CA GLY EB 227 70.31 24.21 -138.64
C GLY EB 227 70.76 23.77 -140.02
N SER EB 228 70.58 22.49 -140.35
CA SER EB 228 70.89 21.99 -141.69
C SER EB 228 69.61 21.97 -142.51
N THR EB 229 69.56 22.79 -143.56
CA THR EB 229 68.40 22.87 -144.44
C THR EB 229 68.54 21.83 -145.54
N LEU EB 230 67.64 20.85 -145.55
CA LEU EB 230 67.74 19.72 -146.45
C LEU EB 230 66.50 19.64 -147.34
N THR EB 231 66.70 19.58 -148.64
CA THR EB 231 65.62 19.35 -149.58
C THR EB 231 65.62 17.88 -149.96
N VAL EB 232 64.48 17.22 -149.80
CA VAL EB 232 64.42 15.78 -149.91
C VAL EB 232 63.39 15.38 -150.96
N ARG EB 233 63.82 14.52 -151.88
CA ARG EB 233 62.98 13.83 -152.83
C ARG EB 233 62.21 12.72 -152.13
N GLU EB 234 61.23 12.15 -152.83
CA GLU EB 234 60.64 10.90 -152.37
C GLU EB 234 61.68 9.79 -152.38
N GLY EB 235 62.34 9.61 -153.51
CA GLY EB 235 63.49 8.74 -153.53
C GLY EB 235 64.71 9.55 -153.16
N SER EB 236 65.10 9.48 -151.89
CA SER EB 236 66.20 10.28 -151.38
C SER EB 236 66.75 9.60 -150.13
N LYS EB 237 67.59 10.32 -149.40
CA LYS EB 237 68.29 9.78 -148.24
C LYS EB 237 68.17 10.75 -147.08
N ILE EB 238 68.04 10.19 -145.87
CA ILE EB 238 68.17 10.94 -144.63
C ILE EB 238 69.25 10.25 -143.82
N PRO EB 239 70.24 10.97 -143.30
CA PRO EB 239 71.26 10.34 -142.45
C PRO EB 239 70.66 9.89 -141.14
N GLY EB 240 71.05 8.68 -140.73
CA GLY EB 240 70.52 8.05 -139.53
C GLY EB 240 69.23 7.30 -139.75
N TYR EB 241 68.42 7.70 -140.73
CA TYR EB 241 67.15 7.05 -140.99
C TYR EB 241 67.01 6.53 -142.40
N GLY EB 242 68.05 6.64 -143.21
CA GLY EB 242 68.07 5.96 -144.50
C GLY EB 242 67.23 6.68 -145.52
N MET EB 243 66.34 5.93 -146.18
CA MET EB 243 65.58 6.44 -147.30
C MET EB 243 64.11 6.57 -146.91
N VAL EB 244 63.45 7.55 -147.51
CA VAL EB 244 62.03 7.79 -147.27
C VAL EB 244 61.23 6.85 -148.16
N LYS EB 245 60.39 6.02 -147.55
CA LYS EB 245 59.48 5.20 -148.32
C LYS EB 245 58.33 6.02 -148.87
N LEU EB 246 57.78 6.94 -148.07
CA LEU EB 246 56.63 7.72 -148.52
C LEU EB 246 56.56 9.03 -147.75
N ILE EB 247 56.00 10.03 -148.40
CA ILE EB 247 55.62 11.29 -147.77
C ILE EB 247 54.11 11.40 -147.84
N ASP EB 248 53.55 12.47 -147.27
CA ASP EB 248 52.13 12.73 -147.38
C ASP EB 248 51.92 14.19 -147.73
N SER EB 249 50.84 14.47 -148.45
CA SER EB 249 50.50 15.84 -148.82
C SER EB 249 49.57 16.48 -147.81
N LEU EB 250 48.44 15.84 -147.52
CA LEU EB 250 47.49 16.40 -146.58
C LEU EB 250 47.98 16.30 -145.14
N GLN EB 251 48.75 15.28 -144.84
CA GLN EB 251 49.29 15.08 -143.50
C GLN EB 251 50.77 15.41 -143.50
N GLY EB 252 51.25 15.87 -142.35
CA GLY EB 252 52.67 16.13 -142.19
C GLY EB 252 53.38 14.94 -141.59
N ARG EB 253 53.17 13.76 -142.14
CA ARG EB 253 53.70 12.52 -141.61
C ARG EB 253 54.63 11.90 -142.64
N ILE EB 254 55.91 11.77 -142.30
CA ILE EB 254 56.93 11.28 -143.21
C ILE EB 254 57.51 10.00 -142.64
N LEU EB 255 57.48 8.93 -143.42
CA LEU EB 255 57.96 7.63 -142.98
C LEU EB 255 59.23 7.26 -143.73
N THR EB 256 60.12 6.55 -143.05
CA THR EB 256 61.41 6.23 -143.64
C THR EB 256 61.75 4.75 -143.50
N SER EB 257 62.96 4.38 -143.93
CA SER EB 257 63.41 3.01 -143.80
C SER EB 257 63.68 2.65 -142.35
N SER EB 258 64.04 3.64 -141.52
CA SER EB 258 64.21 3.36 -140.10
C SER EB 258 62.88 3.16 -139.39
N GLY EB 259 61.79 3.65 -139.96
CA GLY EB 259 60.46 3.43 -139.42
C GLY EB 259 59.91 4.56 -138.57
N GLN EB 260 60.76 5.45 -138.07
CA GLN EB 260 60.26 6.54 -137.26
C GLN EB 260 59.65 7.62 -138.16
N VAL EB 261 58.90 8.53 -137.54
CA VAL EB 261 58.08 9.48 -138.28
C VAL EB 261 58.66 10.88 -138.11
N ILE EB 262 58.30 11.76 -139.05
CA ILE EB 262 58.62 13.18 -138.99
C ILE EB 262 57.30 13.93 -138.92
N LYS EB 263 57.23 14.90 -138.00
CA LYS EB 263 56.05 15.74 -137.87
C LYS EB 263 56.49 17.20 -137.86
N PHE EB 264 55.51 18.10 -137.71
CA PHE EB 264 55.81 19.51 -137.54
C PHE EB 264 56.21 19.81 -136.11
N SER EB 265 56.83 20.96 -135.91
CA SER EB 265 57.27 21.36 -134.59
C SER EB 265 56.10 21.76 -133.71
N GLN EB 266 56.28 21.61 -132.41
CA GLN EB 266 55.25 22.02 -131.44
C GLN EB 266 55.79 23.05 -130.47
N ALA FB 104 62.01 -95.76 -44.27
CA ALA FB 104 62.18 -94.58 -43.44
C ALA FB 104 60.91 -93.74 -43.45
N GLU FB 105 59.92 -94.20 -44.22
CA GLU FB 105 58.74 -93.40 -44.53
C GLU FB 105 57.47 -93.86 -43.83
N VAL FB 106 57.35 -95.14 -43.48
CA VAL FB 106 56.16 -95.61 -42.77
C VAL FB 106 56.23 -95.31 -41.28
N ILE FB 107 57.35 -94.75 -40.82
CA ILE FB 107 57.45 -94.23 -39.46
C ILE FB 107 56.38 -93.17 -39.22
N ASP FB 108 56.22 -92.27 -40.19
CA ASP FB 108 55.18 -91.26 -40.12
C ASP FB 108 53.79 -91.89 -40.18
N LYS FB 109 53.66 -92.98 -40.93
CA LYS FB 109 52.37 -93.65 -41.09
C LYS FB 109 51.92 -94.28 -39.77
N LYS FB 110 52.82 -95.00 -39.11
CA LYS FB 110 52.44 -95.62 -37.84
C LYS FB 110 52.32 -94.59 -36.72
N ALA FB 111 53.09 -93.49 -36.81
CA ALA FB 111 52.91 -92.39 -35.87
C ALA FB 111 51.54 -91.75 -36.03
N PHE FB 112 51.08 -91.61 -37.28
CA PHE FB 112 49.75 -91.11 -37.53
C PHE FB 112 48.68 -92.07 -37.05
N LYS FB 113 48.95 -93.37 -37.15
CA LYS FB 113 48.02 -94.38 -36.64
C LYS FB 113 47.83 -94.25 -35.13
N ASP FB 114 48.94 -94.25 -34.37
CA ASP FB 114 48.79 -94.11 -32.92
C ASP FB 114 48.33 -92.71 -32.54
N MET FB 115 48.54 -91.72 -33.41
CA MET FB 115 47.96 -90.40 -33.22
C MET FB 115 46.44 -90.46 -33.25
N THR FB 116 45.89 -91.16 -34.24
CA THR FB 116 44.45 -91.35 -34.29
C THR FB 116 43.96 -92.14 -33.09
N ARG FB 117 44.77 -93.11 -32.63
CA ARG FB 117 44.41 -93.89 -31.44
C ARG FB 117 44.31 -93.01 -30.21
N ASN FB 118 45.26 -92.09 -30.04
CA ASN FB 118 45.23 -91.18 -28.89
C ASN FB 118 44.11 -90.16 -29.03
N LEU FB 119 43.86 -89.69 -30.25
CA LEU FB 119 42.85 -88.65 -30.45
C LEU FB 119 41.46 -89.18 -30.18
N TYR FB 120 41.13 -90.33 -30.76
CA TYR FB 120 39.85 -90.99 -30.50
C TYR FB 120 40.15 -92.33 -29.87
N PRO FB 121 40.14 -92.41 -28.54
CA PRO FB 121 40.24 -93.73 -27.89
C PRO FB 121 39.03 -94.61 -28.12
N LEU FB 122 37.90 -94.04 -28.53
CA LEU FB 122 36.67 -94.80 -28.74
C LEU FB 122 36.39 -94.98 -30.22
N ASN FB 123 36.20 -96.22 -30.62
CA ASN FB 123 35.66 -96.50 -31.94
C ASN FB 123 34.19 -96.06 -31.98
N PRO FB 124 33.73 -95.56 -33.13
CA PRO FB 124 32.31 -95.16 -33.24
C PRO FB 124 31.32 -96.29 -33.02
N GLU FB 125 31.67 -97.52 -33.36
CA GLU FB 125 30.81 -98.65 -33.04
C GLU FB 125 30.68 -98.82 -31.52
N GLN FB 126 31.80 -98.66 -30.81
CA GLN FB 126 31.78 -98.68 -29.36
C GLN FB 126 31.00 -97.51 -28.81
N VAL FB 127 31.05 -96.36 -29.48
CA VAL FB 127 30.27 -95.19 -29.10
C VAL FB 127 28.78 -95.49 -29.20
N VAL FB 128 28.37 -96.12 -30.30
CA VAL FB 128 26.96 -96.42 -30.54
C VAL FB 128 26.45 -97.43 -29.50
N LYS FB 129 27.21 -98.50 -29.27
CA LYS FB 129 26.75 -99.49 -28.31
C LYS FB 129 26.80 -98.97 -26.88
N LEU FB 130 27.76 -98.09 -26.57
CA LEU FB 130 27.83 -97.51 -25.23
C LEU FB 130 26.70 -96.54 -24.99
N LYS FB 131 26.31 -95.78 -26.02
CA LYS FB 131 25.17 -94.89 -25.91
C LYS FB 131 23.89 -95.67 -25.73
N GLN FB 132 23.75 -96.80 -26.42
CA GLN FB 132 22.58 -97.65 -26.23
C GLN FB 132 22.52 -98.23 -24.82
N ILE FB 133 23.69 -98.61 -24.29
CA ILE FB 133 23.79 -99.08 -22.91
C ILE FB 133 23.37 -97.99 -21.94
N TYR FB 134 23.80 -96.75 -22.20
CA TYR FB 134 23.44 -95.61 -21.36
C TYR FB 134 21.95 -95.34 -21.40
N GLU FB 135 21.34 -95.46 -22.58
CA GLU FB 135 19.91 -95.26 -22.71
C GLU FB 135 19.12 -96.32 -21.94
N THR FB 136 19.56 -97.58 -22.02
CA THR FB 136 18.90 -98.64 -21.28
C THR FB 136 19.08 -98.46 -19.78
N SER FB 137 20.26 -97.98 -19.36
CA SER FB 137 20.50 -97.70 -17.95
C SER FB 137 19.61 -96.59 -17.44
N GLU FB 138 19.39 -95.56 -18.27
CA GLU FB 138 18.45 -94.50 -17.92
C GLU FB 138 17.04 -95.04 -17.81
N TYR FB 139 16.68 -95.97 -18.70
CA TYR FB 139 15.35 -96.58 -18.65
C TYR FB 139 15.14 -97.37 -17.37
N ALA FB 140 16.16 -98.14 -16.97
CA ALA FB 140 16.04 -98.94 -15.75
C ALA FB 140 16.06 -98.06 -14.51
N LYS FB 141 16.80 -96.95 -14.58
CA LYS FB 141 16.80 -95.99 -13.47
C LYS FB 141 15.43 -95.35 -13.32
N ALA FB 142 14.87 -94.86 -14.40
CA ALA FB 142 13.62 -94.13 -14.33
C ALA FB 142 12.40 -95.03 -14.21
N ALA FB 143 12.56 -96.33 -14.45
CA ALA FB 143 11.44 -97.26 -14.31
C ALA FB 143 11.10 -97.46 -12.84
N THR FB 144 9.80 -97.59 -12.55
CA THR FB 144 9.31 -97.75 -11.19
C THR FB 144 8.72 -99.15 -11.00
N PRO FB 145 8.93 -99.78 -9.84
CA PRO FB 145 8.50 -101.17 -9.67
C PRO FB 145 7.06 -101.29 -9.20
N GLY FB 146 6.60 -102.52 -9.03
CA GLY FB 146 5.25 -102.78 -8.59
C GLY FB 146 4.25 -102.55 -9.70
N THR FB 147 2.98 -102.56 -9.29
CA THR FB 147 1.89 -102.24 -10.20
C THR FB 147 1.60 -100.75 -10.15
N PRO FB 148 1.65 -100.03 -11.27
CA PRO FB 148 1.35 -98.61 -11.24
C PRO FB 148 -0.14 -98.38 -11.01
N PRO FB 149 -0.51 -97.26 -10.41
CA PRO FB 149 -1.92 -97.02 -10.09
C PRO FB 149 -2.74 -96.67 -11.32
N LYS FB 150 -4.04 -96.51 -11.09
CA LYS FB 150 -4.99 -96.21 -12.14
C LYS FB 150 -5.65 -94.87 -11.88
N PRO FB 151 -5.73 -93.99 -12.88
CA PRO FB 151 -6.46 -92.72 -12.71
C PRO FB 151 -7.95 -92.96 -12.59
N THR FB 152 -8.53 -92.48 -11.50
CA THR FB 152 -9.93 -92.74 -11.17
C THR FB 152 -10.66 -91.42 -10.94
N ALA FB 153 -11.83 -91.27 -11.57
CA ALA FB 153 -12.66 -90.08 -11.41
C ALA FB 153 -13.93 -90.47 -10.68
N THR FB 154 -14.27 -89.70 -9.63
CA THR FB 154 -15.38 -90.06 -8.77
C THR FB 154 -16.14 -88.83 -8.27
N SER FB 155 -17.41 -89.05 -7.99
CA SER FB 155 -18.23 -88.14 -7.21
C SER FB 155 -18.79 -88.88 -6.00
N GLN FB 156 -19.03 -88.14 -4.93
CA GLN FB 156 -19.47 -88.74 -3.68
C GLN FB 156 -20.33 -87.74 -2.93
N PHE FB 157 -21.47 -88.21 -2.42
CA PHE FB 157 -22.35 -87.37 -1.62
C PHE FB 157 -21.98 -87.53 -0.16
N VAL FB 158 -21.44 -86.49 0.44
CA VAL FB 158 -20.94 -86.53 1.81
C VAL FB 158 -22.10 -86.39 2.77
N ASN FB 159 -22.17 -87.29 3.74
CA ASN FB 159 -23.19 -87.26 4.78
C ASN FB 159 -22.56 -86.79 6.07
N LEU FB 160 -23.23 -85.83 6.73
CA LEU FB 160 -22.73 -85.22 7.95
C LEU FB 160 -23.47 -85.72 9.18
N SER FB 161 -23.94 -86.96 9.16
CA SER FB 161 -24.60 -87.53 10.30
C SER FB 161 -23.59 -87.86 11.40
N PRO FB 162 -24.02 -87.89 12.67
CA PRO FB 162 -23.15 -88.40 13.73
C PRO FB 162 -23.02 -89.91 13.78
N GLY FB 163 -23.46 -90.62 12.75
CA GLY FB 163 -23.15 -92.02 12.60
C GLY FB 163 -22.54 -92.26 11.24
N SER FB 164 -22.35 -91.18 10.48
CA SER FB 164 -21.87 -91.29 9.11
C SER FB 164 -20.38 -91.60 9.08
N THR FB 165 -19.94 -92.13 7.96
CA THR FB 165 -18.55 -92.49 7.74
C THR FB 165 -17.80 -91.30 7.15
N PRO FB 166 -16.65 -90.92 7.70
CA PRO FB 166 -15.86 -89.86 7.08
C PRO FB 166 -15.26 -90.32 5.77
N PRO FB 167 -15.29 -89.46 4.75
CA PRO FB 167 -14.77 -89.85 3.43
C PRO FB 167 -13.26 -89.99 3.42
N VAL FB 168 -12.79 -90.81 2.49
CA VAL FB 168 -11.40 -91.21 2.34
C VAL FB 168 -10.91 -90.72 0.98
N ILE FB 169 -9.75 -90.08 0.95
CA ILE FB 169 -9.18 -89.54 -0.28
C ILE FB 169 -7.92 -90.33 -0.63
N ARG FB 170 -7.89 -90.90 -1.82
CA ARG FB 170 -6.79 -91.74 -2.27
C ARG FB 170 -5.71 -90.88 -2.90
N LEU FB 171 -4.45 -91.09 -2.48
CA LEU FB 171 -3.34 -90.24 -2.88
C LEU FB 171 -2.21 -91.06 -3.47
N SER FB 172 -1.41 -90.40 -4.31
CA SER FB 172 -0.22 -90.99 -4.90
C SER FB 172 0.91 -89.98 -4.77
N GLN FB 173 2.14 -90.43 -5.03
CA GLN FB 173 3.31 -89.63 -4.76
C GLN FB 173 3.53 -88.59 -5.85
N GLY FB 174 3.51 -87.32 -5.47
CA GLY FB 174 3.90 -86.25 -6.36
C GLY FB 174 2.91 -85.94 -7.46
N PHE FB 175 1.65 -86.33 -7.32
CA PHE FB 175 0.66 -86.13 -8.37
C PHE FB 175 -0.48 -85.27 -7.86
N VAL FB 176 -0.91 -84.34 -8.70
CA VAL FB 176 -1.92 -83.36 -8.32
C VAL FB 176 -3.28 -84.04 -8.29
N SER FB 177 -3.92 -83.99 -7.13
CA SER FB 177 -5.26 -84.54 -6.94
C SER FB 177 -6.24 -83.38 -6.83
N SER FB 178 -7.28 -83.41 -7.65
CA SER FB 178 -8.26 -82.34 -7.73
C SER FB 178 -9.48 -82.70 -6.90
N LEU FB 179 -9.90 -81.77 -6.04
CA LEU FB 179 -11.07 -81.92 -5.21
C LEU FB 179 -11.96 -80.70 -5.36
N VAL FB 180 -13.25 -80.93 -5.61
CA VAL FB 180 -14.21 -79.84 -5.77
C VAL FB 180 -15.48 -80.17 -4.99
N PHE FB 181 -16.25 -79.12 -4.71
CA PHE FB 181 -17.39 -79.21 -3.79
C PHE FB 181 -18.61 -78.52 -4.40
N LEU FB 182 -19.71 -79.27 -4.51
CA LEU FB 182 -20.99 -78.77 -4.99
C LEU FB 182 -22.07 -79.14 -3.97
N ASP FB 183 -23.11 -78.33 -3.92
CA ASP FB 183 -24.18 -78.52 -2.96
C ASP FB 183 -25.19 -79.54 -3.49
N SER FB 184 -26.36 -79.61 -2.84
CA SER FB 184 -27.38 -80.56 -3.27
C SER FB 184 -28.05 -80.13 -4.56
N THR FB 185 -28.05 -78.84 -4.87
CA THR FB 185 -28.63 -78.35 -6.12
C THR FB 185 -27.65 -78.43 -7.29
N GLY FB 186 -26.42 -78.88 -7.06
CA GLY FB 186 -25.42 -78.91 -8.09
C GLY FB 186 -24.70 -77.60 -8.30
N ALA FB 187 -25.04 -76.57 -7.54
CA ALA FB 187 -24.40 -75.27 -7.66
C ALA FB 187 -22.98 -75.33 -7.09
N PRO FB 188 -22.10 -74.41 -7.50
CA PRO FB 188 -20.79 -74.33 -6.83
C PRO FB 188 -20.92 -73.97 -5.37
N TRP FB 189 -20.14 -74.65 -4.55
CA TRP FB 189 -20.21 -74.50 -3.09
C TRP FB 189 -18.84 -74.14 -2.56
N PRO FB 190 -18.65 -72.93 -2.04
CA PRO FB 190 -17.30 -72.43 -1.76
C PRO FB 190 -16.83 -72.80 -0.37
N ILE FB 191 -15.54 -72.54 -0.14
CA ILE FB 191 -14.85 -72.92 1.09
C ILE FB 191 -14.43 -71.64 1.81
N ALA FB 192 -14.78 -71.54 3.09
CA ALA FB 192 -14.26 -70.44 3.89
C ALA FB 192 -12.78 -70.62 4.18
N ALA FB 193 -12.43 -71.70 4.89
CA ALA FB 193 -11.06 -71.88 5.34
C ALA FB 193 -10.77 -73.36 5.52
N TYR FB 194 -9.52 -73.68 5.84
CA TYR FB 194 -9.14 -75.07 6.00
C TYR FB 194 -7.96 -75.19 6.95
N ASP FB 195 -7.96 -76.28 7.71
CA ASP FB 195 -6.83 -76.68 8.53
C ASP FB 195 -6.29 -78.00 8.01
N LEU FB 196 -5.00 -78.00 7.69
CA LEU FB 196 -4.29 -79.20 7.30
C LEU FB 196 -3.27 -79.54 8.37
N GLY FB 197 -3.32 -80.77 8.86
CA GLY FB 197 -2.29 -81.27 9.75
C GLY FB 197 -1.19 -81.93 8.93
N ASP FB 198 0.06 -81.76 9.40
CA ASP FB 198 1.29 -82.25 8.79
C ASP FB 198 1.41 -81.80 7.33
N PRO FB 199 1.75 -80.53 7.09
CA PRO FB 199 1.88 -80.06 5.70
C PRO FB 199 3.06 -80.65 4.96
N SER FB 200 4.02 -81.25 5.68
CA SER FB 200 5.17 -81.86 5.04
C SER FB 200 4.81 -83.10 4.24
N SER FB 201 3.65 -83.70 4.50
CA SER FB 201 3.23 -84.88 3.77
C SER FB 201 2.40 -84.53 2.54
N PHE FB 202 1.51 -83.54 2.66
CA PHE FB 202 0.60 -83.19 1.58
C PHE FB 202 0.63 -81.68 1.41
N ASN FB 203 0.73 -81.23 0.17
CA ASN FB 203 0.83 -79.82 -0.14
C ASN FB 203 -0.46 -79.36 -0.79
N ILE FB 204 -0.96 -78.20 -0.38
CA ILE FB 204 -2.22 -77.66 -0.89
C ILE FB 204 -2.02 -76.21 -1.30
N GLN FB 205 -2.44 -75.89 -2.52
CA GLN FB 205 -2.49 -74.52 -3.01
C GLN FB 205 -3.93 -74.20 -3.39
N TRP FB 206 -4.46 -73.10 -2.86
CA TRP FB 206 -5.87 -72.78 -3.05
C TRP FB 206 -6.06 -71.28 -3.27
N ASP FB 207 -6.63 -70.93 -4.41
CA ASP FB 207 -6.98 -69.55 -4.67
C ASP FB 207 -8.20 -69.16 -3.86
N LYS FB 208 -8.17 -67.95 -3.30
CA LYS FB 208 -9.04 -67.54 -2.22
C LYS FB 208 -10.52 -67.52 -2.57
N THR FB 209 -10.87 -67.49 -3.86
CA THR FB 209 -12.26 -67.31 -4.24
C THR FB 209 -13.01 -68.64 -4.30
N SER FB 210 -12.57 -69.54 -5.17
CA SER FB 210 -13.33 -70.75 -5.47
C SER FB 210 -13.05 -71.82 -4.44
N ASN FB 211 -13.48 -73.05 -4.73
CA ASN FB 211 -13.38 -74.17 -3.80
C ASN FB 211 -12.43 -75.25 -4.29
N THR FB 212 -11.75 -75.03 -5.42
CA THR FB 212 -10.94 -76.07 -6.04
C THR FB 212 -9.65 -76.28 -5.26
N LEU FB 213 -9.39 -77.52 -4.86
CA LEU FB 213 -8.21 -77.84 -4.08
C LEU FB 213 -7.34 -78.84 -4.83
N MET FB 214 -6.09 -78.49 -5.04
CA MET FB 214 -5.13 -79.38 -5.70
C MET FB 214 -4.11 -79.82 -4.66
N ILE FB 215 -4.01 -81.13 -4.46
CA ILE FB 215 -3.23 -81.70 -3.37
C ILE FB 215 -2.10 -82.53 -3.96
N GLN FB 216 -0.89 -82.31 -3.46
CA GLN FB 216 0.27 -83.11 -3.84
C GLN FB 216 0.84 -83.79 -2.61
N ALA FB 217 0.98 -85.11 -2.67
CA ALA FB 217 1.43 -85.91 -1.54
C ALA FB 217 2.94 -86.09 -1.63
N THR FB 218 3.63 -85.73 -0.54
CA THR FB 218 5.09 -85.78 -0.49
C THR FB 218 5.64 -87.01 0.18
N LYS FB 219 4.92 -87.59 1.13
CA LYS FB 219 5.39 -88.78 1.84
C LYS FB 219 4.69 -90.01 1.30
N LEU FB 220 5.40 -91.14 1.39
CA LEU FB 220 5.01 -92.35 0.64
C LEU FB 220 3.76 -92.99 1.21
N TYR FB 221 3.81 -93.41 2.47
CA TYR FB 221 2.69 -94.12 3.09
C TYR FB 221 2.40 -93.52 4.45
N ASN FB 222 2.34 -92.20 4.51
CA ASN FB 222 1.95 -91.48 5.72
C ASN FB 222 0.64 -90.78 5.44
N TYR FB 223 -0.37 -91.11 6.22
CA TYR FB 223 -1.72 -90.63 5.99
C TYR FB 223 -2.06 -89.51 6.96
N GLY FB 224 -3.21 -88.88 6.73
CA GLY FB 224 -3.60 -87.80 7.59
C GLY FB 224 -5.07 -87.47 7.46
N ASN FB 225 -5.44 -86.34 8.05
CA ASN FB 225 -6.81 -85.85 8.00
C ASN FB 225 -6.79 -84.38 7.60
N LEU FB 226 -7.97 -83.81 7.43
CA LEU FB 226 -8.10 -82.43 7.01
C LEU FB 226 -9.47 -81.91 7.43
N ALA FB 227 -9.50 -80.70 7.96
CA ALA FB 227 -10.74 -80.05 8.33
C ALA FB 227 -11.02 -78.91 7.36
N VAL FB 228 -12.23 -78.89 6.81
CA VAL FB 228 -12.63 -77.89 5.83
C VAL FB 228 -13.86 -77.17 6.35
N ARG FB 229 -13.77 -75.84 6.45
CA ARG FB 229 -14.91 -74.99 6.82
C ARG FB 229 -15.41 -74.27 5.58
N LEU FB 230 -16.72 -74.40 5.33
CA LEU FB 230 -17.36 -73.83 4.16
C LEU FB 230 -18.12 -72.56 4.54
N ARG FB 231 -18.79 -71.97 3.54
CA ARG FB 231 -19.27 -70.60 3.69
C ARG FB 231 -20.60 -70.53 4.43
N GLY FB 232 -21.65 -71.12 3.87
CA GLY FB 232 -22.98 -70.93 4.43
C GLY FB 232 -23.25 -71.70 5.69
N LEU FB 233 -22.64 -72.88 5.84
CA LEU FB 233 -22.98 -73.75 6.96
C LEU FB 233 -22.17 -73.36 8.20
N ASN FB 234 -22.25 -74.21 9.22
CA ASN FB 234 -21.58 -73.97 10.48
C ASN FB 234 -20.73 -75.12 10.95
N THR FB 235 -21.04 -76.35 10.57
CA THR FB 235 -20.28 -77.51 11.02
C THR FB 235 -19.32 -77.94 9.92
N PRO FB 236 -18.03 -78.08 10.20
CA PRO FB 236 -17.06 -78.38 9.14
C PRO FB 236 -17.14 -79.84 8.69
N VAL FB 237 -16.34 -80.14 7.66
CA VAL FB 237 -16.22 -81.51 7.15
C VAL FB 237 -14.81 -82.01 7.44
N MET FB 238 -14.74 -83.21 8.01
CA MET FB 238 -13.50 -83.84 8.41
C MET FB 238 -13.24 -85.01 7.47
N LEU FB 239 -12.25 -84.85 6.59
CA LEU FB 239 -12.00 -85.79 5.52
C LEU FB 239 -10.62 -86.39 5.71
N THR FB 240 -10.51 -87.72 5.64
CA THR FB 240 -9.21 -88.34 5.81
C THR FB 240 -8.60 -88.64 4.44
N LEU FB 241 -7.30 -88.88 4.44
CA LEU FB 241 -6.57 -88.98 3.18
C LEU FB 241 -5.40 -89.94 3.35
N ILE FB 242 -5.36 -90.96 2.49
CA ILE FB 242 -4.42 -92.05 2.58
C ILE FB 242 -3.61 -92.10 1.29
N PRO FB 243 -2.30 -92.16 1.36
CA PRO FB 243 -1.49 -92.37 0.15
C PRO FB 243 -1.18 -93.85 -0.07
N GLY FB 244 -0.54 -94.11 -1.20
CA GLY FB 244 0.01 -95.43 -1.48
C GLY FB 244 -1.00 -96.53 -1.73
N GLN FB 245 -1.76 -96.43 -2.81
CA GLN FB 245 -2.69 -97.48 -3.19
C GLN FB 245 -2.41 -97.91 -4.61
N LYS FB 246 -3.28 -98.76 -5.17
CA LYS FB 246 -3.18 -99.18 -6.56
C LYS FB 246 -4.05 -98.35 -7.48
N ALA FB 247 -4.55 -97.22 -7.00
CA ALA FB 247 -5.32 -96.29 -7.81
C ALA FB 247 -5.00 -94.88 -7.37
N VAL FB 248 -5.21 -93.93 -8.27
CA VAL FB 248 -5.03 -92.51 -7.97
C VAL FB 248 -6.32 -91.79 -8.32
N ASP FB 249 -6.86 -91.04 -7.38
CA ASP FB 249 -8.07 -90.27 -7.61
C ASP FB 249 -7.67 -88.93 -8.22
N TYR FB 250 -7.70 -88.88 -9.56
CA TYR FB 250 -7.46 -87.62 -10.26
C TYR FB 250 -8.55 -86.61 -9.95
N ARG FB 251 -9.80 -87.05 -9.93
CA ARG FB 251 -10.94 -86.16 -9.73
C ARG FB 251 -11.80 -86.70 -8.60
N VAL FB 252 -12.03 -85.88 -7.58
CA VAL FB 252 -13.01 -86.18 -6.54
C VAL FB 252 -13.93 -84.99 -6.40
N ASP FB 253 -15.20 -85.18 -6.70
CA ASP FB 253 -16.21 -84.16 -6.52
C ASP FB 253 -17.14 -84.57 -5.39
N LEU FB 254 -17.50 -83.61 -4.55
CA LEU FB 254 -18.27 -83.90 -3.36
C LEU FB 254 -19.59 -83.16 -3.40
N ARG FB 255 -20.61 -83.76 -2.79
CA ARG FB 255 -21.95 -83.19 -2.75
C ARG FB 255 -22.36 -82.96 -1.31
N VAL FB 256 -22.86 -81.77 -1.04
CA VAL FB 256 -23.23 -81.35 0.31
C VAL FB 256 -24.71 -81.61 0.53
N GLN FB 257 -25.07 -81.97 1.76
CA GLN FB 257 -26.47 -82.18 2.12
C GLN FB 257 -27.29 -80.90 2.02
N GLY FB 258 -26.72 -79.78 2.44
CA GLY FB 258 -27.45 -78.52 2.47
C GLY FB 258 -27.60 -77.89 1.10
N TYR FB 259 -28.19 -76.71 1.10
CA TYR FB 259 -28.42 -75.92 -0.10
C TYR FB 259 -27.36 -74.84 -0.24
N GLY FB 260 -26.93 -74.61 -1.48
CA GLY FB 260 -25.85 -73.70 -1.73
C GLY FB 260 -26.27 -72.25 -1.76
N PRO FB 261 -25.38 -71.37 -2.23
CA PRO FB 261 -25.74 -69.96 -2.37
C PRO FB 261 -26.49 -69.65 -3.66
N ASN FB 262 -26.73 -70.65 -4.50
CA ASN FB 262 -27.38 -70.47 -5.79
C ASN FB 262 -28.54 -71.46 -5.92
N ALA FB 263 -29.65 -70.98 -6.48
CA ALA FB 263 -30.82 -71.82 -6.70
C ALA FB 263 -30.70 -72.58 -8.01
N LYS FB 264 -31.46 -73.68 -8.10
CA LYS FB 264 -31.41 -74.53 -9.29
C LYS FB 264 -32.72 -75.32 -9.42
N SER FB 265 -33.18 -75.48 -10.66
CA SER FB 265 -34.35 -76.31 -10.98
C SER FB 265 -34.28 -76.66 -12.46
N MET FB 266 -35.05 -77.70 -12.85
CA MET FB 266 -35.16 -78.13 -14.24
C MET FB 266 -36.63 -78.25 -14.64
N PRO FB 267 -37.32 -77.11 -14.85
CA PRO FB 267 -38.77 -77.16 -15.10
C PRO FB 267 -39.19 -77.14 -16.56
N THR FB 268 -38.38 -77.66 -17.48
CA THR FB 268 -38.52 -77.42 -18.92
C THR FB 268 -39.84 -77.88 -19.53
N GLU FB 269 -40.08 -79.20 -19.56
CA GLU FB 269 -41.30 -79.84 -20.07
C GLU FB 269 -41.63 -79.38 -21.50
N GLU FB 270 -40.68 -79.70 -22.40
CA GLU FB 270 -40.63 -79.07 -23.72
C GLU FB 270 -41.77 -79.48 -24.64
N GLY FB 271 -42.38 -80.64 -24.41
CA GLY FB 271 -43.39 -81.11 -25.32
C GLY FB 271 -44.82 -80.86 -24.91
N ILE FB 272 -45.09 -80.92 -23.61
CA ILE FB 272 -46.45 -80.95 -23.10
C ILE FB 272 -47.12 -79.59 -23.20
N PRO FB 273 -48.25 -79.49 -23.86
CA PRO FB 273 -49.00 -78.24 -23.89
C PRO FB 273 -49.73 -78.01 -22.59
N PRO FB 274 -50.16 -76.79 -22.29
CA PRO FB 274 -51.09 -76.58 -21.19
C PRO FB 274 -52.43 -77.23 -21.46
N SER FB 275 -53.08 -77.66 -20.39
CA SER FB 275 -54.29 -78.46 -20.52
C SER FB 275 -55.47 -77.62 -20.95
N ALA FB 276 -55.87 -76.67 -20.11
CA ALA FB 276 -56.94 -75.70 -20.32
C ALA FB 276 -56.92 -74.76 -19.12
N ASN FB 277 -57.46 -73.57 -19.31
CA ASN FB 277 -57.55 -72.65 -18.19
C ASN FB 277 -58.64 -73.09 -17.25
N ASP FB 278 -58.44 -72.82 -15.96
CA ASP FB 278 -59.47 -73.13 -14.98
C ASP FB 278 -60.69 -72.24 -15.11
N LEU FB 279 -60.54 -71.10 -15.78
CA LEU FB 279 -61.61 -70.13 -15.92
C LEU FB 279 -62.76 -70.65 -16.78
N LEU FB 280 -62.50 -71.70 -17.56
CA LEU FB 280 -63.55 -72.28 -18.41
C LEU FB 280 -64.67 -72.87 -17.56
N LEU FB 281 -64.33 -73.44 -16.42
CA LEU FB 281 -65.36 -74.04 -15.56
C LEU FB 281 -66.24 -72.96 -14.94
N HIS FB 282 -65.64 -71.86 -14.50
CA HIS FB 282 -66.43 -70.76 -13.94
C HIS FB 282 -67.29 -70.12 -15.02
N VAL FB 283 -66.77 -69.99 -16.22
CA VAL FB 283 -67.60 -69.43 -17.27
C VAL FB 283 -68.62 -70.45 -17.77
N LEU FB 284 -68.39 -71.74 -17.51
CA LEU FB 284 -69.40 -72.74 -17.84
C LEU FB 284 -70.56 -72.62 -16.88
N GLU FB 285 -70.26 -72.53 -15.59
CA GLU FB 285 -71.32 -72.41 -14.61
C GLU FB 285 -71.99 -71.04 -14.63
N GLY FB 286 -71.39 -70.06 -15.28
CA GLY FB 286 -72.00 -68.74 -15.39
C GLY FB 286 -71.39 -67.72 -14.47
N VAL FB 287 -70.49 -68.13 -13.60
CA VAL FB 287 -69.75 -67.18 -12.77
C VAL FB 287 -68.84 -66.35 -13.67
N PRO FB 288 -68.91 -65.02 -13.63
CA PRO FB 288 -67.99 -64.22 -14.42
C PRO FB 288 -66.58 -64.38 -13.90
N PRO FB 289 -65.58 -64.34 -14.78
CA PRO FB 289 -64.21 -64.51 -14.32
C PRO FB 289 -63.78 -63.32 -13.48
N PRO FB 290 -62.95 -63.55 -12.46
CA PRO FB 290 -62.66 -62.49 -11.49
C PRO FB 290 -61.81 -61.39 -12.08
N GLY FB 291 -62.19 -60.15 -11.78
CA GLY FB 291 -61.47 -58.99 -12.24
C GLY FB 291 -61.80 -58.54 -13.65
N SER FB 292 -62.72 -59.21 -14.33
CA SER FB 292 -63.05 -58.86 -15.69
C SER FB 292 -64.19 -57.84 -15.71
N ARG FB 293 -64.78 -57.65 -16.88
CA ARG FB 293 -65.94 -56.79 -17.02
C ARG FB 293 -66.85 -57.38 -18.08
N ARG FB 294 -68.13 -57.01 -17.99
CA ARG FB 294 -69.14 -57.59 -18.86
C ARG FB 294 -69.04 -57.02 -20.27
N LEU FB 295 -69.81 -57.61 -21.17
CA LEU FB 295 -69.90 -57.20 -22.56
C LEU FB 295 -71.36 -57.11 -22.96
N VAL FB 296 -71.60 -56.70 -24.19
CA VAL FB 296 -72.94 -56.50 -24.71
C VAL FB 296 -73.14 -57.44 -25.88
N VAL FB 297 -74.13 -58.32 -25.78
CA VAL FB 297 -74.48 -59.25 -26.83
C VAL FB 297 -75.93 -59.00 -27.19
N SER FB 298 -76.22 -58.90 -28.48
CA SER FB 298 -77.59 -58.68 -28.92
C SER FB 298 -77.83 -59.33 -30.26
N GLY FB 299 -78.90 -60.10 -30.35
CA GLY FB 299 -79.28 -60.80 -31.57
C GLY FB 299 -79.41 -62.30 -31.42
N GLY FB 300 -78.94 -62.88 -30.34
CA GLY FB 300 -78.99 -64.33 -30.16
C GLY FB 300 -79.41 -64.65 -28.75
N ASP FB 301 -78.77 -65.69 -28.20
CA ASP FB 301 -79.03 -66.13 -26.83
C ASP FB 301 -77.66 -66.51 -26.25
N ALA FB 302 -76.94 -65.51 -25.77
CA ALA FB 302 -75.55 -65.76 -25.38
C ALA FB 302 -75.15 -64.74 -24.33
N ARG FB 303 -74.11 -65.09 -23.57
CA ARG FB 303 -73.50 -64.18 -22.62
C ARG FB 303 -71.99 -64.21 -22.82
N ALA FB 304 -71.32 -63.11 -22.47
CA ALA FB 304 -69.92 -62.97 -22.82
C ALA FB 304 -69.20 -62.07 -21.84
N TRP FB 305 -67.87 -62.21 -21.80
CA TRP FB 305 -67.02 -61.41 -20.93
C TRP FB 305 -65.68 -61.17 -21.60
N LEU FB 306 -64.95 -60.17 -21.09
CA LEU FB 306 -63.61 -59.84 -21.56
C LEU FB 306 -62.71 -59.64 -20.36
N SER FB 307 -61.63 -60.41 -20.28
CA SER FB 307 -60.78 -60.42 -19.09
C SER FB 307 -59.36 -59.97 -19.36
N ASN FB 308 -58.65 -60.65 -20.25
CA ASN FB 308 -57.23 -60.41 -20.51
C ASN FB 308 -57.02 -60.23 -22.00
N GLU FB 309 -57.81 -59.30 -22.56
CA GLU FB 309 -58.14 -59.11 -23.97
C GLU FB 309 -58.32 -60.45 -24.68
N LYS FB 310 -59.02 -61.36 -24.02
CA LYS FB 310 -59.43 -62.64 -24.58
C LYS FB 310 -60.88 -62.82 -24.20
N MET FB 311 -61.77 -62.91 -25.18
CA MET FB 311 -63.17 -62.97 -24.83
C MET FB 311 -63.58 -64.38 -24.47
N TYR FB 312 -64.62 -64.47 -23.65
CA TYR FB 312 -65.18 -65.73 -23.21
C TYR FB 312 -66.67 -65.69 -23.52
N VAL FB 313 -67.17 -66.74 -24.15
CA VAL FB 313 -68.56 -66.77 -24.59
C VAL FB 313 -69.22 -68.04 -24.09
N ARG FB 314 -70.36 -67.87 -23.42
CA ARG FB 314 -71.22 -68.98 -23.02
C ARG FB 314 -72.52 -68.93 -23.82
N THR FB 315 -72.83 -70.04 -24.47
CA THR FB 315 -74.07 -70.16 -25.25
C THR FB 315 -74.41 -71.63 -25.38
N ASN FB 316 -75.31 -71.94 -26.30
CA ASN FB 316 -75.54 -73.32 -26.69
C ASN FB 316 -75.75 -73.44 -28.19
N LEU FB 317 -75.20 -72.52 -28.96
CA LEU FB 317 -75.22 -72.61 -30.40
C LEU FB 317 -73.91 -73.22 -30.87
N THR FB 318 -73.66 -73.18 -32.18
CA THR FB 318 -72.40 -73.63 -32.74
C THR FB 318 -71.75 -72.48 -33.48
N ILE FB 319 -70.52 -72.19 -33.14
CA ILE FB 319 -69.83 -71.01 -33.66
C ILE FB 319 -68.94 -71.40 -34.82
N LEU FB 320 -68.80 -70.50 -35.78
CA LEU FB 320 -68.13 -70.82 -37.02
C LEU FB 320 -66.91 -69.94 -37.31
N SER FB 321 -67.07 -68.60 -37.32
CA SER FB 321 -66.10 -67.76 -38.03
C SER FB 321 -64.73 -67.67 -37.36
N PRO FB 322 -64.59 -67.03 -36.18
CA PRO FB 322 -63.28 -66.44 -35.86
C PRO FB 322 -62.23 -67.43 -35.38
N GLY FB 323 -62.59 -68.68 -35.12
CA GLY FB 323 -61.62 -69.63 -34.62
C GLY FB 323 -61.43 -69.48 -33.13
N TRP FB 324 -61.47 -70.57 -32.40
CA TRP FB 324 -61.39 -70.49 -30.95
C TRP FB 324 -60.21 -71.30 -30.44
N LEU FB 325 -59.74 -70.94 -29.25
CA LEU FB 325 -58.60 -71.62 -28.65
C LEU FB 325 -59.00 -72.56 -27.52
N ALA FB 326 -60.11 -72.29 -26.84
CA ALA FB 326 -60.53 -73.18 -25.77
C ALA FB 326 -62.01 -73.49 -25.89
N SER FB 327 -62.37 -74.76 -25.69
CA SER FB 327 -63.79 -75.11 -25.71
C SER FB 327 -64.09 -76.22 -24.73
N MET FB 328 -65.13 -76.02 -23.92
CA MET FB 328 -65.70 -77.07 -23.10
C MET FB 328 -67.21 -77.04 -23.26
N THR FB 329 -67.84 -78.15 -22.89
CA THR FB 329 -69.29 -78.24 -22.94
C THR FB 329 -69.75 -78.94 -21.67
N SER FB 330 -70.86 -78.46 -21.11
CA SER FB 330 -71.41 -79.05 -19.91
C SER FB 330 -72.12 -80.35 -20.23
N ALA FB 331 -72.68 -80.98 -19.19
CA ALA FB 331 -73.39 -82.23 -19.37
C ALA FB 331 -74.69 -82.04 -20.12
N ASP FB 332 -75.34 -80.90 -19.94
CA ASP FB 332 -76.60 -80.64 -20.62
C ASP FB 332 -76.42 -80.02 -21.99
N GLY FB 333 -75.18 -79.77 -22.41
CA GLY FB 333 -74.93 -79.29 -23.75
C GLY FB 333 -74.67 -77.81 -23.89
N THR FB 334 -74.57 -77.07 -22.80
CA THR FB 334 -74.19 -75.67 -22.91
C THR FB 334 -72.71 -75.56 -23.22
N HIS FB 335 -72.38 -74.86 -24.29
CA HIS FB 335 -71.01 -74.69 -24.72
C HIS FB 335 -70.41 -73.41 -24.15
N ALA FB 336 -69.11 -73.48 -23.87
CA ALA FB 336 -68.33 -72.33 -23.45
C ALA FB 336 -67.02 -72.33 -24.21
N TYR FB 337 -66.63 -71.17 -24.71
CA TYR FB 337 -65.41 -71.05 -25.49
C TYR FB 337 -64.63 -69.84 -25.04
N GLU FB 338 -63.33 -69.90 -25.28
CA GLU FB 338 -62.43 -68.76 -25.10
C GLU FB 338 -61.72 -68.52 -26.40
N MET FB 339 -61.77 -67.29 -26.88
CA MET FB 339 -61.18 -66.94 -28.16
C MET FB 339 -60.71 -65.49 -28.14
N GLN FB 340 -60.30 -65.00 -29.30
CA GLN FB 340 -59.71 -63.69 -29.46
C GLN FB 340 -60.78 -62.62 -29.54
N LYS FB 341 -60.33 -61.39 -29.82
CA LYS FB 341 -61.24 -60.27 -29.98
C LYS FB 341 -61.87 -60.28 -31.35
N SER FB 342 -63.19 -60.04 -31.39
CA SER FB 342 -63.91 -59.79 -32.63
C SER FB 342 -65.19 -59.06 -32.30
N PRO FB 343 -65.63 -58.12 -33.13
CA PRO FB 343 -66.94 -57.51 -32.91
C PRO FB 343 -68.09 -58.34 -33.40
N VAL FB 344 -67.82 -59.43 -34.11
CA VAL FB 344 -68.89 -60.21 -34.71
C VAL FB 344 -68.70 -61.68 -34.35
N LEU FB 345 -69.80 -62.41 -34.43
CA LEU FB 345 -69.82 -63.85 -34.22
C LEU FB 345 -70.65 -64.50 -35.31
N LEU FB 346 -70.36 -65.76 -35.61
CA LEU FB 346 -71.10 -66.51 -36.60
C LEU FB 346 -71.62 -67.78 -35.98
N VAL FB 347 -72.91 -68.05 -36.14
CA VAL FB 347 -73.51 -69.19 -35.48
C VAL FB 347 -74.43 -69.95 -36.43
N SER FB 348 -74.59 -71.23 -36.11
CA SER FB 348 -75.53 -72.12 -36.80
C SER FB 348 -76.62 -72.47 -35.82
N TRP FB 349 -77.79 -71.87 -35.99
CA TRP FB 349 -78.81 -71.99 -34.96
C TRP FB 349 -79.57 -73.31 -35.07
N HIS FB 350 -80.33 -73.48 -36.13
CA HIS FB 350 -81.15 -74.67 -36.31
C HIS FB 350 -81.00 -75.15 -37.74
N GLY FB 351 -79.75 -75.27 -38.19
CA GLY FB 351 -79.48 -75.47 -39.59
C GLY FB 351 -79.45 -74.20 -40.40
N LYS FB 352 -79.69 -73.06 -39.76
CA LYS FB 352 -79.71 -71.78 -40.43
C LYS FB 352 -78.56 -70.96 -39.89
N VAL FB 353 -77.85 -70.28 -40.77
CA VAL FB 353 -76.66 -69.54 -40.40
C VAL FB 353 -77.05 -68.10 -40.11
N MET FB 354 -76.64 -67.59 -38.96
CA MET FB 354 -76.91 -66.20 -38.60
C MET FB 354 -75.65 -65.53 -38.05
N GLN FB 355 -75.73 -64.20 -38.02
CA GLN FB 355 -74.67 -63.33 -37.53
C GLN FB 355 -75.05 -62.79 -36.16
N LEU FB 356 -74.04 -62.50 -35.35
CA LEU FB 356 -74.25 -61.98 -34.00
C LEU FB 356 -73.40 -60.74 -33.79
N LYS FB 357 -74.03 -59.67 -33.34
CA LYS FB 357 -73.37 -58.39 -33.14
C LYS FB 357 -73.01 -58.24 -31.66
N VAL FB 358 -71.72 -58.05 -31.40
CA VAL FB 358 -71.22 -57.87 -30.04
C VAL FB 358 -70.60 -56.50 -29.95
N GLU FB 359 -71.10 -55.68 -29.05
CA GLU FB 359 -70.61 -54.34 -28.81
C GLU FB 359 -69.93 -54.27 -27.45
N GLY FB 360 -69.35 -53.12 -27.16
CA GLY FB 360 -68.72 -52.89 -25.89
C GLY FB 360 -67.22 -52.95 -25.88
N LEU FB 361 -66.58 -53.08 -27.04
CA LEU FB 361 -65.13 -53.03 -27.08
C LEU FB 361 -64.66 -51.58 -27.06
N MET GB 23 -8.36 20.81 -136.27
CA MET GB 23 -6.93 20.51 -136.37
C MET GB 23 -6.43 19.90 -135.07
N LYS GB 24 -7.17 18.94 -134.56
CA LYS GB 24 -6.87 18.35 -133.26
C LYS GB 24 -5.68 17.41 -133.38
N PHE GB 25 -5.03 17.17 -132.24
CA PHE GB 25 -3.89 16.28 -132.15
C PHE GB 25 -4.21 15.17 -131.16
N LYS GB 26 -4.04 13.93 -131.58
CA LYS GB 26 -4.34 12.78 -130.75
C LYS GB 26 -3.36 11.66 -131.04
N LYS GB 27 -3.18 10.79 -130.07
CA LYS GB 27 -2.43 9.55 -130.17
C LYS GB 27 -3.39 8.39 -130.40
N PRO GB 28 -2.97 7.35 -131.13
CA PRO GB 28 -3.90 6.30 -131.58
C PRO GB 28 -4.53 5.49 -130.45
N PRO GB 29 -3.77 4.78 -129.58
CA PRO GB 29 -4.40 3.69 -128.82
C PRO GB 29 -5.18 4.21 -127.63
N ILE GB 30 -6.51 4.14 -127.72
CA ILE GB 30 -7.41 4.64 -126.70
C ILE GB 30 -8.20 3.46 -126.16
N ASN GB 31 -8.19 3.30 -124.84
CA ASN GB 31 -8.92 2.22 -124.22
C ASN GB 31 -9.66 2.73 -122.99
N ASN GB 32 -10.34 1.82 -122.31
CA ASN GB 32 -11.12 2.15 -121.14
C ASN GB 32 -10.20 2.46 -119.96
N PRO GB 33 -10.66 3.24 -118.98
CA PRO GB 33 -9.80 3.59 -117.85
C PRO GB 33 -9.42 2.38 -117.00
N SER GB 34 -8.24 2.47 -116.40
CA SER GB 34 -7.58 1.34 -115.77
C SER GB 34 -7.69 1.41 -114.25
N ASP GB 35 -6.97 0.52 -113.57
CA ASP GB 35 -6.89 0.56 -112.13
C ASP GB 35 -5.54 0.03 -111.65
N ASP GB 36 -5.07 0.63 -110.56
CA ASP GB 36 -3.73 0.34 -110.05
C ASP GB 36 -3.60 -1.08 -109.54
N ALA GB 37 -4.69 -1.69 -109.08
CA ALA GB 37 -4.62 -3.07 -108.63
C ALA GB 37 -4.30 -3.99 -109.79
N THR GB 38 -5.00 -3.78 -110.91
CA THR GB 38 -4.70 -4.48 -112.15
C THR GB 38 -3.29 -4.18 -112.63
N ILE GB 39 -2.84 -2.94 -112.42
CA ILE GB 39 -1.49 -2.54 -112.82
C ILE GB 39 -0.45 -3.32 -112.05
N LYS GB 40 -0.61 -3.40 -110.74
CA LYS GB 40 0.40 -4.06 -109.92
C LYS GB 40 0.36 -5.56 -110.10
N LEU GB 41 -0.83 -6.11 -110.40
CA LEU GB 41 -0.92 -7.52 -110.76
C LEU GB 41 -0.12 -7.80 -112.04
N ALA GB 42 -0.28 -6.94 -113.04
CA ALA GB 42 0.49 -7.10 -114.28
C ALA GB 42 1.97 -6.90 -114.04
N GLU GB 43 2.31 -5.98 -113.13
CA GLU GB 43 3.71 -5.67 -112.82
C GLU GB 43 4.40 -6.86 -112.17
N ALA GB 44 3.69 -7.58 -111.31
CA ALA GB 44 4.23 -8.84 -110.82
C ALA GB 44 4.29 -9.88 -111.92
N ALA GB 45 3.26 -9.87 -112.78
CA ALA GB 45 3.05 -10.95 -113.73
C ALA GB 45 4.15 -11.00 -114.79
N VAL GB 46 4.65 -9.84 -115.21
CA VAL GB 46 5.69 -9.84 -116.23
C VAL GB 46 6.98 -10.42 -115.69
N SER GB 47 7.30 -10.15 -114.42
CA SER GB 47 8.48 -10.72 -113.79
C SER GB 47 8.35 -12.23 -113.64
N VAL GB 48 7.14 -12.69 -113.26
CA VAL GB 48 6.89 -14.11 -113.14
C VAL GB 48 7.04 -14.81 -114.48
N SER GB 49 6.51 -14.19 -115.54
CA SER GB 49 6.59 -14.76 -116.87
C SER GB 49 8.02 -14.80 -117.38
N ASP GB 50 8.80 -13.77 -117.05
CA ASP GB 50 10.20 -13.75 -117.44
C ASP GB 50 10.99 -14.85 -116.75
N SER GB 51 10.76 -15.04 -115.45
CA SER GB 51 11.48 -16.08 -114.73
C SER GB 51 11.08 -17.46 -115.22
N MET GB 52 9.80 -17.66 -115.53
CA MET GB 52 9.37 -18.94 -116.09
C MET GB 52 9.95 -19.16 -117.47
N LEU GB 53 10.13 -18.10 -118.26
CA LEU GB 53 10.70 -18.24 -119.59
C LEU GB 53 12.15 -18.67 -119.52
N GLU GB 54 12.94 -18.01 -118.66
CA GLU GB 54 14.34 -18.40 -118.57
C GLU GB 54 14.50 -19.77 -117.92
N MET GB 55 13.59 -20.13 -117.01
CA MET GB 55 13.69 -21.45 -116.41
C MET GB 55 13.36 -22.54 -117.42
N ALA GB 56 12.41 -22.27 -118.34
CA ALA GB 56 12.11 -23.24 -119.37
C ALA GB 56 13.27 -23.37 -120.34
N LYS GB 57 13.94 -22.24 -120.63
CA LYS GB 57 15.10 -22.26 -121.51
C LYS GB 57 16.23 -23.09 -120.90
N VAL GB 58 16.48 -22.90 -119.60
CA VAL GB 58 17.54 -23.62 -118.91
C VAL GB 58 17.25 -25.11 -118.88
N GLU GB 59 16.01 -25.49 -118.56
CA GLU GB 59 15.67 -26.90 -118.49
C GLU GB 59 15.73 -27.57 -119.85
N LYS GB 60 15.28 -26.87 -120.89
CA LYS GB 60 15.35 -27.38 -122.25
C LYS GB 60 16.79 -27.59 -122.68
N VAL GB 61 17.68 -26.68 -122.26
CA VAL GB 61 19.10 -26.84 -122.58
C VAL GB 61 19.67 -28.06 -121.86
N ILE GB 62 19.44 -28.18 -120.56
CA ILE GB 62 20.18 -29.16 -119.79
C ILE GB 62 19.62 -30.56 -119.97
N THR GB 63 18.36 -30.70 -120.39
CA THR GB 63 17.91 -32.06 -120.49
C THR GB 63 17.63 -32.43 -121.93
N PRO GB 64 17.95 -33.66 -122.33
CA PRO GB 64 17.55 -34.14 -123.65
C PRO GB 64 16.19 -34.81 -123.59
N PRO GB 65 15.20 -34.26 -124.29
CA PRO GB 65 13.97 -35.03 -124.51
C PRO GB 65 14.26 -36.19 -125.44
N SER GB 66 13.51 -37.27 -125.27
CA SER GB 66 13.74 -38.48 -126.05
C SER GB 66 12.61 -38.74 -127.03
N LYS GB 67 11.38 -38.83 -126.54
CA LYS GB 67 10.21 -39.14 -127.35
C LYS GB 67 9.12 -38.13 -127.04
N ASP GB 68 7.98 -38.30 -127.68
CA ASP GB 68 6.79 -37.53 -127.39
C ASP GB 68 5.62 -38.49 -127.22
N ASN GB 69 4.60 -38.03 -126.50
CA ASN GB 69 3.47 -38.88 -126.17
C ASN GB 69 2.58 -39.17 -127.37
N THR GB 70 2.77 -38.47 -128.49
CA THR GB 70 2.01 -38.76 -129.69
C THR GB 70 2.39 -40.08 -130.32
N LEU GB 71 3.54 -40.65 -129.94
CA LEU GB 71 3.87 -42.00 -130.36
C LEU GB 71 2.89 -43.01 -129.78
N THR GB 72 2.70 -42.98 -128.46
CA THR GB 72 1.76 -43.92 -127.87
C THR GB 72 0.31 -43.47 -128.00
N ILE GB 73 0.06 -42.21 -128.34
CA ILE GB 73 -1.30 -41.75 -128.51
C ILE GB 73 -1.48 -41.34 -129.96
N PRO GB 74 -1.96 -42.21 -130.81
CA PRO GB 74 -2.23 -41.82 -132.18
C PRO GB 74 -3.61 -41.19 -132.30
N ASN GB 75 -4.04 -40.92 -133.52
CA ASN GB 75 -5.37 -40.41 -133.76
C ASN GB 75 -6.02 -41.25 -134.85
N ALA GB 76 -7.34 -41.32 -134.81
CA ALA GB 76 -8.08 -42.10 -135.78
C ALA GB 76 -9.31 -41.31 -136.19
N TYR GB 77 -10.24 -41.98 -136.85
CA TYR GB 77 -11.50 -41.36 -137.18
C TYR GB 77 -12.34 -41.19 -135.92
N ASN GB 78 -13.43 -40.44 -136.07
CA ASN GB 78 -14.35 -39.94 -135.05
C ASN GB 78 -13.62 -39.41 -133.81
N LEU GB 79 -12.50 -38.75 -134.06
CA LEU GB 79 -11.71 -38.11 -133.03
C LEU GB 79 -11.55 -36.62 -133.29
N GLN GB 80 -12.04 -36.13 -134.42
CA GLN GB 80 -11.78 -34.78 -134.87
C GLN GB 80 -12.88 -33.82 -134.50
N ALA GB 81 -13.95 -34.28 -133.85
CA ALA GB 81 -15.00 -33.37 -133.42
C ALA GB 81 -14.46 -32.47 -132.32
N ARG GB 82 -14.65 -31.18 -132.46
CA ARG GB 82 -13.80 -30.31 -131.65
C ARG GB 82 -14.51 -29.89 -130.37
N ALA GB 83 -13.75 -29.27 -129.48
CA ALA GB 83 -14.26 -28.96 -128.16
C ALA GB 83 -13.60 -27.71 -127.62
N SER GB 84 -14.37 -26.97 -126.83
CA SER GB 84 -13.87 -25.82 -126.08
C SER GB 84 -14.20 -26.04 -124.61
N VAL GB 85 -13.20 -26.01 -123.75
CA VAL GB 85 -13.35 -26.55 -122.41
C VAL GB 85 -12.73 -25.62 -121.39
N ASP GB 86 -13.51 -25.28 -120.35
CA ASP GB 86 -12.97 -24.64 -119.15
C ASP GB 86 -13.26 -25.55 -117.97
N TRP GB 87 -12.21 -26.10 -117.37
CA TRP GB 87 -12.38 -27.11 -116.33
C TRP GB 87 -11.31 -26.94 -115.25
N SER GB 88 -11.71 -27.09 -114.00
CA SER GB 88 -10.76 -26.99 -112.90
C SER GB 88 -11.09 -27.98 -111.79
N GLY GB 89 -11.40 -29.22 -112.13
CA GLY GB 89 -11.82 -30.17 -111.14
C GLY GB 89 -10.89 -31.36 -111.00
N PRO GB 90 -11.43 -32.50 -110.62
CA PRO GB 90 -10.68 -33.75 -110.69
C PRO GB 90 -10.64 -34.29 -112.11
N ILE GB 91 -10.11 -35.50 -112.29
CA ILE GB 91 -9.78 -36.00 -113.61
C ILE GB 91 -10.85 -36.91 -114.17
N GLU GB 92 -11.47 -37.73 -113.31
CA GLU GB 92 -12.18 -38.93 -113.73
C GLU GB 92 -13.43 -38.61 -114.53
N GLU GB 93 -14.25 -37.70 -114.02
CA GLU GB 93 -15.49 -37.38 -114.71
C GLU GB 93 -15.21 -36.61 -115.99
N LEU GB 94 -14.10 -35.88 -116.05
CA LEU GB 94 -13.76 -35.15 -117.26
C LEU GB 94 -13.35 -36.11 -118.38
N THR GB 95 -12.50 -37.08 -118.05
CA THR GB 95 -12.13 -38.02 -119.10
C THR GB 95 -13.26 -38.99 -119.43
N ALA GB 96 -14.17 -39.23 -118.48
CA ALA GB 96 -15.37 -40.01 -118.82
C ALA GB 96 -16.29 -39.23 -119.76
N ARG GB 97 -16.38 -37.91 -119.56
CA ARG GB 97 -17.16 -37.07 -120.45
C ARG GB 97 -16.61 -37.11 -121.87
N ILE GB 98 -15.28 -37.01 -122.00
CA ILE GB 98 -14.72 -37.01 -123.33
C ILE GB 98 -14.79 -38.42 -123.94
N ALA GB 99 -14.82 -39.47 -123.10
CA ALA GB 99 -15.06 -40.80 -123.61
C ALA GB 99 -16.47 -40.95 -124.17
N LYS GB 100 -17.46 -40.39 -123.45
CA LYS GB 100 -18.84 -40.47 -123.90
C LYS GB 100 -19.04 -39.69 -125.19
N ALA GB 101 -18.33 -38.58 -125.35
CA ALA GB 101 -18.34 -37.92 -126.65
C ALA GB 101 -17.65 -38.76 -127.71
N ALA GB 102 -16.62 -39.52 -127.34
CA ALA GB 102 -15.92 -40.34 -128.30
C ALA GB 102 -16.68 -41.59 -128.72
N HIS GB 103 -17.73 -41.97 -127.98
CA HIS GB 103 -18.41 -43.26 -128.08
C HIS GB 103 -17.40 -44.39 -127.92
N PHE GB 104 -16.49 -44.23 -126.97
CA PHE GB 104 -15.42 -45.20 -126.76
C PHE GB 104 -15.59 -45.88 -125.41
N ARG GB 105 -15.03 -47.08 -125.33
CA ARG GB 105 -14.96 -47.77 -124.05
C ARG GB 105 -13.99 -47.03 -123.14
N PHE GB 106 -14.36 -46.94 -121.87
CA PHE GB 106 -13.57 -46.23 -120.88
C PHE GB 106 -13.06 -47.21 -119.85
N ARG GB 107 -11.75 -47.16 -119.57
CA ARG GB 107 -11.19 -48.14 -118.65
C ARG GB 107 -10.30 -47.45 -117.62
N VAL GB 108 -10.37 -47.95 -116.40
CA VAL GB 108 -9.65 -47.41 -115.25
C VAL GB 108 -8.72 -48.47 -114.71
N LEU GB 109 -7.46 -48.10 -114.49
CA LEU GB 109 -6.48 -49.01 -113.94
C LEU GB 109 -5.76 -48.33 -112.79
N GLY GB 110 -5.37 -49.12 -111.82
CA GLY GB 110 -4.66 -48.60 -110.67
C GLY GB 110 -5.61 -48.01 -109.64
N LYS GB 111 -5.09 -47.87 -108.43
CA LYS GB 111 -5.90 -47.36 -107.33
C LYS GB 111 -5.92 -45.85 -107.36
N SER GB 112 -7.10 -45.28 -107.25
CA SER GB 112 -7.22 -43.84 -107.08
C SER GB 112 -6.69 -43.50 -105.69
N PRO GB 113 -5.67 -42.66 -105.59
CA PRO GB 113 -5.15 -42.29 -104.28
C PRO GB 113 -6.11 -41.33 -103.59
N SER GB 114 -5.93 -41.22 -102.27
CA SER GB 114 -6.80 -40.38 -101.46
C SER GB 114 -6.62 -38.92 -101.82
N VAL GB 115 -5.40 -38.49 -102.06
CA VAL GB 115 -5.16 -37.15 -102.55
C VAL GB 115 -5.63 -37.12 -104.00
N PRO GB 116 -6.57 -36.25 -104.35
CA PRO GB 116 -7.07 -36.23 -105.71
C PRO GB 116 -6.09 -35.53 -106.64
N VAL GB 117 -6.28 -35.77 -107.93
CA VAL GB 117 -5.46 -35.16 -108.96
C VAL GB 117 -6.30 -34.09 -109.66
N LEU GB 118 -5.79 -32.87 -109.67
CA LEU GB 118 -6.55 -31.72 -110.13
C LEU GB 118 -5.92 -31.15 -111.39
N ILE GB 119 -6.74 -30.88 -112.39
CA ILE GB 119 -6.30 -30.39 -113.68
C ILE GB 119 -7.00 -29.08 -113.97
N SER GB 120 -6.25 -28.08 -114.39
CA SER GB 120 -6.82 -26.82 -114.83
C SER GB 120 -6.63 -26.69 -116.34
N ILE GB 121 -7.73 -26.53 -117.06
CA ILE GB 121 -7.71 -26.47 -118.51
C ILE GB 121 -8.50 -25.25 -118.95
N SER GB 122 -7.86 -24.36 -119.70
CA SER GB 122 -8.53 -23.21 -120.32
C SER GB 122 -8.08 -23.14 -121.78
N THR GB 123 -8.76 -23.91 -122.63
CA THR GB 123 -8.45 -23.94 -124.05
C THR GB 123 -9.76 -24.03 -124.83
N LYS GB 124 -9.68 -23.76 -126.13
CA LYS GB 124 -10.90 -23.60 -126.92
C LYS GB 124 -10.63 -23.94 -128.38
N ASP GB 125 -11.47 -24.81 -128.94
CA ASP GB 125 -11.41 -25.27 -130.33
C ASP GB 125 -10.07 -25.95 -130.64
N GLU GB 126 -9.90 -27.12 -130.04
CA GLU GB 126 -8.79 -28.00 -130.35
C GLU GB 126 -9.31 -29.37 -130.73
N SER GB 127 -8.38 -30.29 -130.98
CA SER GB 127 -8.72 -31.66 -131.27
C SER GB 127 -8.60 -32.50 -130.01
N LEU GB 128 -9.40 -33.55 -129.95
CA LEU GB 128 -9.49 -34.37 -128.75
C LEU GB 128 -8.21 -35.13 -128.49
N ALA GB 129 -7.47 -35.45 -129.55
CA ALA GB 129 -6.15 -36.06 -129.38
C ALA GB 129 -5.22 -35.12 -128.64
N GLU GB 130 -5.23 -33.86 -129.02
CA GLU GB 130 -4.39 -32.89 -128.34
C GLU GB 130 -4.89 -32.61 -126.93
N ILE GB 131 -6.20 -32.68 -126.73
CA ILE GB 131 -6.77 -32.52 -125.39
C ILE GB 131 -6.28 -33.64 -124.48
N LEU GB 132 -6.32 -34.87 -125.00
CA LEU GB 132 -5.84 -36.03 -124.24
C LEU GB 132 -4.34 -35.94 -123.96
N ARG GB 133 -3.57 -35.48 -124.96
CA ARG GB 133 -2.14 -35.34 -124.78
C ARG GB 133 -1.80 -34.28 -123.75
N ASP GB 134 -2.56 -33.18 -123.74
CA ASP GB 134 -2.35 -32.16 -122.73
C ASP GB 134 -2.76 -32.65 -121.35
N ILE GB 135 -3.79 -33.49 -121.29
CA ILE GB 135 -4.17 -34.09 -120.00
C ILE GB 135 -3.05 -34.95 -119.47
N ASP GB 136 -2.43 -35.75 -120.34
CA ASP GB 136 -1.35 -36.61 -119.87
C ASP GB 136 -0.11 -35.81 -119.50
N TYR GB 137 0.15 -34.72 -120.24
CA TYR GB 137 1.25 -33.85 -119.88
C TYR GB 137 1.02 -33.17 -118.55
N GLN GB 138 -0.22 -32.73 -118.29
CA GLN GB 138 -0.55 -32.15 -117.00
C GLN GB 138 -0.47 -33.19 -115.90
N ALA GB 139 -0.75 -34.44 -116.22
CA ALA GB 139 -0.68 -35.52 -115.23
C ALA GB 139 0.76 -35.77 -114.81
N GLY GB 140 1.61 -36.13 -115.76
CA GLY GB 140 3.01 -36.35 -115.44
C GLY GB 140 3.28 -37.59 -114.62
N LYS GB 141 3.66 -37.41 -113.36
CA LYS GB 141 4.16 -38.51 -112.55
C LYS GB 141 3.06 -39.33 -111.89
N LYS GB 142 1.80 -38.95 -112.03
CA LYS GB 142 0.72 -39.63 -111.31
C LYS GB 142 -0.21 -40.43 -112.20
N ALA GB 143 -0.57 -39.92 -113.36
CA ALA GB 143 -1.55 -40.57 -114.20
C ALA GB 143 -1.01 -40.72 -115.62
N SER GB 144 -1.43 -41.78 -116.30
CA SER GB 144 -1.03 -42.00 -117.67
C SER GB 144 -2.22 -42.47 -118.48
N ILE GB 145 -2.14 -42.25 -119.79
CA ILE GB 145 -3.24 -42.50 -120.71
C ILE GB 145 -2.72 -43.32 -121.88
N HIS GB 146 -3.47 -44.35 -122.27
CA HIS GB 146 -3.20 -45.10 -123.49
C HIS GB 146 -4.48 -45.28 -124.27
N VAL GB 147 -4.32 -45.41 -125.59
CA VAL GB 147 -5.42 -45.50 -126.53
C VAL GB 147 -5.27 -46.78 -127.32
N TYR GB 148 -6.35 -47.55 -127.44
CA TYR GB 148 -6.42 -48.68 -128.34
C TYR GB 148 -7.53 -48.37 -129.34
N PRO GB 149 -7.21 -47.72 -130.46
CA PRO GB 149 -8.27 -47.27 -131.37
C PRO GB 149 -8.86 -48.39 -132.20
N ASN GB 150 -8.12 -49.47 -132.42
CA ASN GB 150 -8.70 -50.67 -133.01
C ASN GB 150 -9.80 -51.22 -132.11
N SER GB 151 -9.57 -51.23 -130.81
CA SER GB 151 -10.59 -51.66 -129.87
C SER GB 151 -11.49 -50.53 -129.41
N GLN GB 152 -11.16 -49.29 -129.79
CA GLN GB 152 -11.91 -48.08 -129.45
C GLN GB 152 -12.03 -47.91 -127.94
N VAL GB 153 -10.91 -48.11 -127.25
CA VAL GB 153 -10.85 -48.05 -125.80
C VAL GB 153 -9.86 -46.96 -125.40
N VAL GB 154 -10.30 -46.02 -124.58
CA VAL GB 154 -9.39 -45.13 -123.87
C VAL GB 154 -9.19 -45.67 -122.47
N GLU GB 155 -7.94 -45.77 -122.04
CA GLU GB 155 -7.62 -46.39 -120.78
C GLU GB 155 -6.69 -45.47 -120.01
N LEU GB 156 -7.00 -45.23 -118.75
CA LEU GB 156 -6.11 -44.46 -117.90
C LEU GB 156 -5.57 -45.36 -116.80
N ARG GB 157 -4.43 -44.95 -116.24
CA ARG GB 157 -3.76 -45.75 -115.24
C ARG GB 157 -3.13 -44.85 -114.21
N TYR GB 158 -3.50 -45.05 -112.95
CA TYR GB 158 -2.78 -44.48 -111.83
C TYR GB 158 -1.44 -45.16 -111.68
N ALA GB 159 -0.41 -44.37 -111.45
CA ALA GB 159 0.93 -44.91 -111.38
C ALA GB 159 1.13 -45.68 -110.08
N LYS GB 160 2.06 -46.63 -110.12
CA LYS GB 160 2.47 -47.30 -108.91
C LYS GB 160 3.29 -46.32 -108.08
N ILE GB 161 2.63 -45.60 -107.20
CA ILE GB 161 3.29 -44.62 -106.37
C ILE GB 161 4.13 -45.34 -105.33
N TYR GB 162 5.30 -44.77 -105.01
CA TYR GB 162 6.33 -45.33 -104.13
C TYR GB 162 6.81 -46.70 -104.60
N LYS HB 60 27.04 81.92 -12.17
CA LYS HB 60 27.89 82.65 -11.25
C LYS HB 60 29.36 82.41 -11.57
N GLU HB 61 29.78 81.15 -11.51
CA GLU HB 61 31.17 80.82 -11.76
C GLU HB 61 31.48 80.67 -13.24
N THR HB 62 30.45 80.60 -14.08
CA THR HB 62 30.65 80.48 -15.51
C THR HB 62 31.29 81.73 -16.09
N ALA HB 63 30.92 82.89 -15.55
CA ALA HB 63 31.56 84.14 -15.97
C ALA HB 63 33.04 84.15 -15.64
N LEU HB 64 33.39 83.63 -14.46
CA LEU HB 64 34.79 83.50 -14.08
C LEU HB 64 35.52 82.55 -15.03
N SER HB 65 34.87 81.45 -15.39
CA SER HB 65 35.47 80.46 -16.26
C SER HB 65 35.74 81.03 -17.65
N VAL HB 66 34.76 81.74 -18.21
CA VAL HB 66 34.95 82.26 -19.55
C VAL HB 66 35.91 83.45 -19.52
N GLY HB 67 35.99 84.16 -18.39
CA GLY HB 67 36.99 85.21 -18.26
C GLY HB 67 38.39 84.65 -18.27
N ALA HB 68 38.60 83.55 -17.55
CA ALA HB 68 39.90 82.87 -17.56
C ALA HB 68 40.24 82.37 -18.96
N GLN HB 69 39.26 81.78 -19.64
CA GLN HB 69 39.50 81.24 -20.97
C GLN HB 69 39.86 82.32 -21.97
N ALA HB 70 39.08 83.39 -21.99
CA ALA HB 70 39.29 84.45 -22.97
C ALA HB 70 40.58 85.21 -22.71
N GLY HB 71 40.90 85.45 -21.43
CA GLY HB 71 42.16 86.10 -21.10
C GLY HB 71 43.35 85.26 -21.48
N LEU HB 72 43.25 83.94 -21.26
CA LEU HB 72 44.32 83.03 -21.63
C LEU HB 72 44.56 83.05 -23.13
N ALA HB 73 43.48 82.98 -23.91
CA ALA HB 73 43.61 82.96 -25.37
C ALA HB 73 44.16 84.26 -25.91
N TRP HB 74 43.63 85.38 -25.44
CA TRP HB 74 44.02 86.68 -25.97
C TRP HB 74 45.46 87.02 -25.60
N ARG HB 75 45.84 86.80 -24.34
CA ARG HB 75 47.20 87.08 -23.92
C ARG HB 75 48.18 86.14 -24.58
N ALA HB 76 47.79 84.89 -24.82
CA ALA HB 76 48.65 83.94 -25.52
C ALA HB 76 48.92 84.39 -26.95
N LYS HB 77 47.88 84.85 -27.64
CA LYS HB 77 48.09 85.32 -29.00
C LYS HB 77 48.95 86.57 -29.03
N ILE HB 78 48.76 87.46 -28.04
CA ILE HB 78 49.56 88.69 -27.97
C ILE HB 78 51.02 88.39 -27.72
N ILE HB 79 51.31 87.48 -26.79
CA ILE HB 79 52.71 87.18 -26.49
C ILE HB 79 53.35 86.45 -27.64
N ASP HB 80 52.58 85.66 -28.41
CA ASP HB 80 53.18 84.98 -29.54
C ASP HB 80 53.49 85.93 -30.69
N GLU HB 81 52.61 86.92 -30.94
CA GLU HB 81 52.94 87.87 -32.01
C GLU HB 81 54.08 88.78 -31.60
N GLN HB 82 54.19 89.09 -30.30
CA GLN HB 82 55.35 89.80 -29.80
C GLN HB 82 56.61 88.98 -30.01
N LEU HB 83 56.50 87.66 -29.80
CA LEU HB 83 57.62 86.76 -29.97
C LEU HB 83 58.09 86.72 -31.41
N ASN HB 84 57.17 86.71 -32.38
CA ASN HB 84 57.67 86.70 -33.74
C ASN HB 84 58.17 88.06 -34.18
N LYS HB 85 57.61 89.15 -33.65
CA LYS HB 85 58.08 90.45 -34.11
C LYS HB 85 59.41 90.82 -33.48
N GLN HB 86 59.81 90.17 -32.41
CA GLN HB 86 61.20 90.25 -31.96
C GLN HB 86 61.84 88.92 -32.34
N ALA HB 87 62.42 88.86 -33.54
CA ALA HB 87 62.87 87.59 -34.08
C ALA HB 87 64.37 87.36 -33.94
N ARG HB 88 65.18 88.21 -34.56
CA ARG HB 88 66.56 87.81 -34.84
C ARG HB 88 67.45 87.84 -33.61
N ASN HB 89 67.16 88.72 -32.66
CA ASN HB 89 67.97 88.78 -31.45
C ASN HB 89 67.81 87.53 -30.62
N LEU HB 90 66.64 86.87 -30.71
CA LEU HB 90 66.37 85.67 -29.95
C LEU HB 90 67.30 84.53 -30.34
N ASP HB 91 67.25 84.11 -31.60
CA ASP HB 91 68.12 83.04 -32.05
C ASP HB 91 69.56 83.50 -32.16
N ALA HB 92 69.80 84.81 -32.26
CA ALA HB 92 71.17 85.31 -32.22
C ALA HB 92 71.79 85.06 -30.86
N ILE HB 93 71.06 85.39 -29.79
CA ILE HB 93 71.62 85.24 -28.47
C ILE HB 93 71.61 83.77 -28.06
N TYR HB 94 70.69 82.98 -28.56
CA TYR HB 94 70.69 81.56 -28.25
C TYR HB 94 71.21 80.77 -29.45
N ASP HB 95 72.49 80.97 -29.75
CA ASP HB 95 73.14 80.08 -30.70
C ASP HB 95 73.25 78.69 -30.08
N PHE HB 96 73.07 77.68 -30.89
CA PHE HB 96 73.31 76.32 -30.46
C PHE HB 96 74.44 75.67 -31.21
N ASN HB 97 74.51 75.86 -32.53
CA ASN HB 97 75.40 75.08 -33.36
C ASN HB 97 76.86 75.47 -33.19
N SER HB 98 77.14 76.67 -32.67
CA SER HB 98 78.53 77.01 -32.40
C SER HB 98 79.05 76.25 -31.19
N LEU HB 99 78.17 75.74 -30.35
CA LEU HB 99 78.58 75.07 -29.13
C LEU HB 99 78.65 73.57 -29.28
N VAL HB 100 78.37 73.03 -30.46
CA VAL HB 100 78.45 71.59 -30.62
C VAL HB 100 79.91 71.16 -30.71
N LEU HB 101 80.14 69.89 -30.48
CA LEU HB 101 81.51 69.40 -30.44
C LEU HB 101 81.98 69.04 -31.83
N GLU HB 102 83.10 68.33 -31.91
CA GLU HB 102 83.73 68.07 -33.19
C GLU HB 102 82.92 67.06 -34.01
N HIS HB 103 82.48 65.98 -33.38
CA HIS HB 103 81.81 64.91 -34.10
C HIS HB 103 80.31 65.02 -34.02
N ASN HB 104 79.80 66.25 -34.11
CA ASN HB 104 78.37 66.56 -34.21
C ASN HB 104 77.60 66.05 -33.00
N ILE HB 105 78.22 66.17 -31.84
CA ILE HB 105 77.66 65.71 -30.59
C ILE HB 105 77.20 66.91 -29.79
N LEU HB 106 76.00 66.81 -29.23
CA LEU HB 106 75.56 67.82 -28.28
C LEU HB 106 76.28 67.59 -26.97
N PRO HB 107 77.00 68.57 -26.45
CA PRO HB 107 77.71 68.40 -25.19
C PRO HB 107 76.73 68.31 -24.03
N PRO HB 108 77.11 67.71 -22.90
CA PRO HB 108 76.12 67.45 -21.85
C PRO HB 108 75.76 68.69 -21.06
N VAL HB 109 74.98 68.51 -20.00
CA VAL HB 109 74.48 69.60 -19.18
C VAL HB 109 75.00 69.41 -17.76
N LEU HB 110 75.58 70.46 -17.19
CA LEU HB 110 76.20 70.39 -15.88
C LEU HB 110 75.58 71.40 -14.93
N LEU HB 111 75.37 70.98 -13.69
CA LEU HB 111 74.76 71.83 -12.67
C LEU HB 111 75.72 71.99 -11.51
N GLU HB 112 75.88 73.24 -11.07
CA GLU HB 112 76.81 73.62 -10.01
C GLU HB 112 76.06 74.36 -8.92
N GLY HB 113 76.29 73.96 -7.68
CA GLY HB 113 75.69 74.63 -6.54
C GLY HB 113 76.73 74.96 -5.50
N ARG HB 114 76.48 76.05 -4.78
CA ARG HB 114 77.46 76.63 -3.86
C ARG HB 114 76.92 76.72 -2.45
N ASN HB 115 77.79 76.39 -1.48
CA ASN HB 115 77.58 76.57 -0.05
C ASN HB 115 76.35 75.80 0.44
N THR HB 116 76.44 74.48 0.33
CA THR HB 116 75.32 73.61 0.62
C THR HB 116 75.38 73.12 2.06
N LEU HB 117 74.20 72.95 2.66
CA LEU HB 117 74.07 72.44 4.02
C LEU HB 117 72.71 71.76 4.10
N ASN HB 118 72.69 70.58 4.71
CA ASN HB 118 71.43 69.95 5.06
C ASN HB 118 71.47 69.42 6.48
N LEU HB 119 70.38 69.68 7.20
CA LEU HB 119 70.07 69.00 8.44
C LEU HB 119 69.34 67.72 8.07
N ALA HB 120 70.04 66.60 8.13
CA ALA HB 120 69.35 65.33 7.96
C ALA HB 120 68.66 64.88 9.23
N ASP HB 121 69.07 65.39 10.38
CA ASP HB 121 68.56 64.98 11.67
C ASP HB 121 69.04 65.99 12.70
N ALA HB 122 68.45 65.92 13.89
CA ALA HB 122 69.10 66.50 15.05
C ALA HB 122 70.38 65.74 15.33
N GLN HB 123 71.34 66.44 15.94
CA GLN HB 123 72.67 66.00 16.36
C GLN HB 123 73.62 65.68 15.22
N SER HB 124 73.21 65.82 13.95
CA SER HB 124 74.06 65.50 12.82
C SER HB 124 73.63 66.30 11.61
N ILE HB 125 74.54 67.10 11.06
CA ILE HB 125 74.30 67.91 9.88
C ILE HB 125 75.46 67.70 8.93
N ARG HB 126 75.23 68.04 7.66
CA ARG HB 126 76.24 67.82 6.62
C ARG HB 126 76.37 69.07 5.77
N ILE HB 127 77.59 69.58 5.64
CA ILE HB 127 77.86 70.74 4.82
C ILE HB 127 78.83 70.37 3.71
N SER HB 128 78.80 71.17 2.65
CA SER HB 128 79.70 71.02 1.52
C SER HB 128 79.83 72.36 0.83
N ASP HB 129 80.94 72.55 0.12
CA ASP HB 129 81.15 73.84 -0.52
C ASP HB 129 80.42 73.92 -1.86
N ARG HB 130 80.79 73.08 -2.80
CA ARG HB 130 80.15 73.07 -4.10
C ARG HB 130 79.81 71.64 -4.49
N THR HB 131 78.72 71.51 -5.21
CA THR HB 131 78.23 70.24 -5.69
C THR HB 131 78.03 70.33 -7.19
N TYR HB 132 78.32 69.22 -7.88
CA TYR HB 132 78.20 69.18 -9.34
C TYR HB 132 77.46 67.91 -9.74
N LYS HB 133 76.48 68.10 -10.63
CA LYS HB 133 75.57 67.06 -11.10
C LYS HB 133 75.51 67.07 -12.61
N VAL HB 134 75.48 65.87 -13.21
CA VAL HB 134 75.24 65.75 -14.63
C VAL HB 134 73.75 65.64 -14.88
N ALA HB 135 73.17 66.62 -15.56
CA ALA HB 135 71.73 66.62 -15.78
C ALA HB 135 71.33 65.76 -16.98
N LYS HB 136 71.80 66.13 -18.17
CA LYS HB 136 71.50 65.40 -19.38
C LYS HB 136 72.78 64.78 -19.90
N GLN HB 137 72.76 63.47 -20.10
CA GLN HB 137 73.90 62.80 -20.69
C GLN HB 137 74.02 63.19 -22.16
N ALA HB 138 75.26 63.44 -22.59
CA ALA HB 138 75.51 63.87 -23.95
C ALA HB 138 75.23 62.75 -24.95
N HIS HB 139 74.41 63.05 -25.95
CA HIS HB 139 74.02 62.05 -26.94
C HIS HB 139 74.32 62.56 -28.33
N PHE HB 140 74.16 61.67 -29.29
CA PHE HB 140 74.29 62.07 -30.68
C PHE HB 140 73.10 62.91 -31.10
N ILE HB 141 73.31 63.70 -32.15
CA ILE HB 141 72.25 64.54 -32.71
C ILE HB 141 72.58 64.83 -34.15
N THR HB 142 71.55 65.14 -34.93
CA THR HB 142 71.72 65.51 -36.32
C THR HB 142 71.52 67.00 -36.53
N THR HB 143 70.37 67.52 -36.15
CA THR HB 143 70.18 68.95 -36.27
C THR HB 143 70.28 69.61 -34.92
N PRO HB 144 70.88 70.79 -34.83
CA PRO HB 144 70.87 71.53 -33.59
C PRO HB 144 69.47 71.98 -33.25
N PRO HB 145 69.11 72.03 -31.98
CA PRO HB 145 67.80 72.54 -31.62
C PRO HB 145 67.72 74.05 -31.70
N THR HB 146 66.60 74.60 -31.25
CA THR HB 146 66.38 76.03 -31.24
C THR HB 146 65.45 76.33 -30.08
N TRP HB 147 64.79 77.48 -30.11
CA TRP HB 147 63.79 77.80 -29.11
C TRP HB 147 62.44 77.20 -29.41
N ARG HB 148 62.38 76.16 -30.26
CA ARG HB 148 61.14 75.47 -30.52
C ARG HB 148 60.59 74.82 -29.26
N GLN HB 149 61.43 74.08 -28.56
CA GLN HB 149 61.01 73.32 -27.41
C GLN HB 149 60.96 74.14 -26.16
N TYR HB 150 61.12 75.45 -26.27
CA TYR HB 150 61.32 76.26 -25.09
C TYR HB 150 60.45 77.50 -25.09
N LEU HB 151 60.17 78.06 -26.27
CA LEU HB 151 59.65 79.41 -26.28
C LEU HB 151 58.25 79.53 -26.85
N TRP HB 152 57.98 78.89 -27.98
CA TRP HB 152 56.65 78.97 -28.55
C TRP HB 152 55.67 78.26 -27.65
N MET HB 153 54.48 78.82 -27.54
CA MET HB 153 53.43 78.24 -26.74
C MET HB 153 52.17 78.13 -27.57
N ASP HB 154 51.35 77.12 -27.25
CA ASP HB 154 50.19 76.78 -28.05
C ASP HB 154 49.15 77.88 -28.01
N TYR HB 155 48.42 78.01 -29.12
CA TYR HB 155 47.29 78.92 -29.20
C TYR HB 155 46.22 78.33 -30.11
N VAL HB 156 44.98 78.44 -29.66
CA VAL HB 156 43.82 78.14 -30.49
C VAL HB 156 42.69 79.04 -30.03
N LYS HB 157 42.07 79.75 -30.96
CA LYS HB 157 40.97 80.64 -30.60
C LYS HB 157 39.75 79.83 -30.23
N PRO HB 158 39.26 79.89 -29.00
CA PRO HB 158 38.06 79.11 -28.66
C PRO HB 158 36.83 79.83 -29.18
N GLU HB 159 36.28 79.34 -30.28
CA GLU HB 159 35.16 80.02 -30.92
C GLU HB 159 33.83 79.44 -30.50
N ALA HB 160 33.74 78.97 -29.25
CA ALA HB 160 32.50 78.41 -28.71
C ALA HB 160 32.21 79.01 -27.34
N PRO HB 161 31.62 80.20 -27.27
CA PRO HB 161 31.09 80.70 -25.99
C PRO HB 161 29.72 80.08 -25.75
N ASN HB 162 29.66 79.15 -24.80
CA ASN HB 162 28.40 78.53 -24.44
C ASN HB 162 27.83 79.29 -23.25
N VAL HB 163 26.78 80.06 -23.49
CA VAL HB 163 26.20 80.95 -22.50
C VAL HB 163 24.85 80.38 -22.08
N THR HB 164 24.74 80.03 -20.80
CA THR HB 164 23.50 79.50 -20.23
C THR HB 164 22.93 80.43 -19.18
N LEU HB 165 23.72 80.80 -18.16
CA LEU HB 165 23.28 81.70 -17.11
C LEU HB 165 23.40 83.14 -17.62
N LEU HB 166 22.49 83.50 -18.51
CA LEU HB 166 22.46 84.84 -19.05
C LEU HB 166 21.96 85.81 -17.99
N PRO HB 167 22.48 87.03 -17.94
CA PRO HB 167 22.01 88.00 -16.95
C PRO HB 167 20.61 88.49 -17.28
N LYS HB 168 19.83 88.74 -16.22
CA LYS HB 168 18.45 89.16 -16.41
C LYS HB 168 18.13 90.44 -15.63
N THR HB 169 18.70 90.59 -14.44
CA THR HB 169 18.54 91.82 -13.70
C THR HB 169 19.85 92.59 -13.65
N LYS HB 170 19.74 93.84 -13.18
CA LYS HB 170 20.87 94.75 -13.18
C LYS HB 170 21.97 94.30 -12.24
N ALA HB 171 21.58 93.76 -11.07
CA ALA HB 171 22.53 93.20 -10.14
C ALA HB 171 23.27 92.02 -10.74
N GLU HB 172 22.54 91.18 -11.48
CA GLU HB 172 23.13 90.06 -12.19
C GLU HB 172 24.13 90.55 -13.23
N LYS HB 173 23.78 91.64 -13.92
CA LYS HB 173 24.67 92.19 -14.94
C LYS HB 173 25.96 92.71 -14.32
N GLU HB 174 25.87 93.43 -13.21
CA GLU HB 174 27.11 93.99 -12.65
C GLU HB 174 27.96 92.94 -11.96
N ILE HB 175 27.35 91.93 -11.34
CA ILE HB 175 28.19 90.87 -10.76
C ILE HB 175 28.82 90.05 -11.87
N TRP HB 176 28.12 89.91 -13.01
CA TRP HB 176 28.69 89.25 -14.16
C TRP HB 176 29.89 90.02 -14.69
N CYS HB 177 29.77 91.35 -14.72
CA CYS HB 177 30.86 92.19 -15.18
C CYS HB 177 32.09 92.07 -14.28
N ILE HB 178 31.88 92.12 -12.96
CA ILE HB 178 33.04 92.12 -12.07
C ILE HB 178 33.70 90.74 -12.03
N TYR HB 179 32.91 89.66 -12.10
CA TYR HB 179 33.51 88.33 -12.09
C TYR HB 179 34.21 88.04 -13.41
N THR HB 180 33.67 88.59 -14.50
CA THR HB 180 34.35 88.56 -15.79
C THR HB 180 35.70 89.25 -15.71
N GLU HB 181 35.74 90.40 -15.02
CA GLU HB 181 36.97 91.17 -14.91
C GLU HB 181 38.05 90.39 -14.17
N ARG HB 182 37.68 89.80 -13.05
CA ARG HB 182 38.72 89.11 -12.29
C ARG HB 182 39.12 87.79 -12.95
N GLY HB 183 38.20 87.14 -13.66
CA GLY HB 183 38.60 85.97 -14.44
C GLY HB 183 39.55 86.31 -15.56
N TRP HB 184 39.33 87.46 -16.20
CA TRP HB 184 40.23 87.97 -17.22
C TRP HB 184 41.63 88.22 -16.65
N LYS HB 185 41.68 88.82 -15.46
CA LYS HB 185 42.97 89.09 -14.83
C LYS HB 185 43.69 87.80 -14.45
N ASN HB 186 42.94 86.80 -13.97
CA ASN HB 186 43.53 85.53 -13.62
C ASN HB 186 44.12 84.82 -14.84
N GLY HB 187 43.43 84.90 -15.98
CA GLY HB 187 43.97 84.30 -17.19
C GLY HB 187 45.24 84.98 -17.66
N ILE HB 188 45.29 86.31 -17.52
CA ILE HB 188 46.50 87.06 -17.87
C ILE HB 188 47.68 86.59 -17.03
N ASP HB 189 47.45 86.45 -15.72
CA ASP HB 189 48.54 86.05 -14.84
C ASP HB 189 48.97 84.61 -15.08
N GLN HB 190 48.02 83.74 -15.45
CA GLN HB 190 48.39 82.36 -15.75
C GLN HB 190 49.28 82.27 -16.99
N ALA HB 191 48.96 83.06 -18.02
CA ALA HB 191 49.80 83.09 -19.22
C ALA HB 191 51.20 83.61 -18.90
N ASN HB 192 51.28 84.63 -18.04
CA ASN HB 192 52.59 85.15 -17.64
C ASN HB 192 53.40 84.11 -16.88
N THR HB 193 52.75 83.32 -16.02
CA THR HB 193 53.44 82.29 -15.27
C THR HB 193 53.96 81.19 -16.20
N ILE HB 194 53.18 80.86 -17.23
CA ILE HB 194 53.59 79.87 -18.23
C ILE HB 194 54.87 80.33 -18.92
N LEU HB 195 54.90 81.59 -19.33
CA LEU HB 195 56.08 82.13 -19.99
C LEU HB 195 57.30 82.12 -19.07
N GLU HB 196 57.10 82.46 -17.80
CA GLU HB 196 58.21 82.51 -16.85
C GLU HB 196 58.80 81.12 -16.62
N GLU HB 197 57.95 80.11 -16.53
CA GLU HB 197 58.45 78.74 -16.39
C GLU HB 197 59.26 78.32 -17.61
N ASN HB 198 58.77 78.65 -18.81
CA ASN HB 198 59.48 78.28 -20.04
C ASN HB 198 60.85 78.94 -20.13
N ILE HB 199 60.91 80.24 -19.81
CA ILE HB 199 62.15 80.96 -19.97
C ILE HB 199 63.16 80.52 -18.91
N ALA HB 200 62.69 80.12 -17.74
CA ALA HB 200 63.60 79.53 -16.75
C ALA HB 200 64.19 78.23 -17.27
N ARG HB 201 63.36 77.41 -17.94
CA ARG HB 201 63.85 76.13 -18.44
C ARG HB 201 64.94 76.30 -19.50
N ILE HB 202 64.72 77.22 -20.45
CA ILE HB 202 65.70 77.38 -21.51
C ILE HB 202 66.99 77.97 -20.97
N LYS HB 203 66.88 78.90 -20.01
CA LYS HB 203 68.09 79.48 -19.43
C LYS HB 203 68.88 78.44 -18.66
N GLU HB 204 68.18 77.52 -17.98
CA GLU HB 204 68.86 76.45 -17.26
C GLU HB 204 69.64 75.55 -18.20
N ASP HB 205 69.04 75.17 -19.33
CA ASP HB 205 69.72 74.26 -20.25
C ASP HB 205 70.94 74.93 -20.89
N PHE HB 206 70.82 76.20 -21.28
CA PHE HB 206 71.94 76.91 -21.89
C PHE HB 206 73.07 77.10 -20.89
N GLY HB 207 72.74 77.42 -19.63
CA GLY HB 207 73.74 77.58 -18.61
C GLY HB 207 74.46 76.29 -18.31
N GLY HB 208 73.75 75.16 -18.37
CA GLY HB 208 74.41 73.88 -18.19
C GLY HB 208 75.42 73.58 -19.29
N MET HB 209 75.07 73.94 -20.53
CA MET HB 209 76.02 73.79 -21.64
C MET HB 209 77.27 74.62 -21.42
N ILE HB 210 77.09 75.89 -21.03
CA ILE HB 210 78.27 76.74 -20.93
C ILE HB 210 79.10 76.36 -19.69
N LEU HB 211 78.47 75.78 -18.68
CA LEU HB 211 79.21 75.26 -17.53
C LEU HB 211 80.06 74.08 -17.93
N TYR HB 212 79.52 73.21 -18.80
CA TYR HB 212 80.32 72.09 -19.30
C TYR HB 212 81.54 72.58 -20.05
N ARG HB 213 81.37 73.61 -20.88
CA ARG HB 213 82.51 74.13 -21.62
C ARG HB 213 83.56 74.71 -20.68
N LYS HB 214 83.12 75.41 -19.64
CA LYS HB 214 84.07 76.00 -18.70
C LYS HB 214 84.82 74.91 -17.94
N LEU HB 215 84.16 73.84 -17.56
CA LEU HB 215 84.88 72.80 -16.83
C LEU HB 215 85.79 72.00 -17.75
N LEU HB 216 85.44 71.87 -19.03
CA LEU HB 216 86.35 71.21 -19.95
C LEU HB 216 87.59 72.04 -20.19
N ALA HB 217 87.45 73.37 -20.18
CA ALA HB 217 88.62 74.22 -20.16
C ALA HB 217 89.42 74.06 -18.87
N MET HB 218 88.73 73.92 -17.75
CA MET HB 218 89.40 73.81 -16.46
C MET HB 218 90.00 72.44 -16.20
N ASN HB 219 89.75 71.48 -17.11
CA ASN HB 219 90.14 70.07 -16.96
C ASN HB 219 89.49 69.47 -15.71
N MET HB 220 88.17 69.39 -15.79
CA MET HB 220 87.38 68.67 -14.82
C MET HB 220 86.63 67.49 -15.42
N VAL HB 221 86.50 67.43 -16.74
CA VAL HB 221 85.72 66.40 -17.39
C VAL HB 221 86.50 65.84 -18.56
N SER HB 222 86.49 64.54 -18.68
CA SER HB 222 87.06 63.89 -19.84
C SER HB 222 86.17 64.14 -21.06
N PRO HB 223 86.77 64.48 -22.20
CA PRO HB 223 85.98 64.63 -23.41
C PRO HB 223 85.48 63.28 -23.89
N PRO HB 224 84.36 63.25 -24.60
CA PRO HB 224 83.83 61.96 -25.07
C PRO HB 224 84.62 61.36 -26.22
N TYR HB 225 85.28 60.23 -25.97
CA TYR HB 225 86.01 59.56 -27.03
C TYR HB 225 85.06 58.86 -27.98
N VAL HB 226 85.49 58.77 -29.23
CA VAL HB 226 84.69 58.23 -30.31
C VAL HB 226 85.57 57.29 -31.12
N SER HB 227 85.09 56.08 -31.35
CA SER HB 227 85.80 55.10 -32.16
C SER HB 227 85.01 54.82 -33.41
N HIS HB 228 85.70 54.81 -34.54
CA HIS HB 228 85.04 54.56 -35.82
C HIS HB 228 85.85 53.57 -36.64
N THR HB 229 85.14 52.63 -37.26
CA THR HB 229 85.73 51.58 -38.06
C THR HB 229 85.20 51.63 -39.48
N ASP HB 230 86.06 51.26 -40.43
CA ASP HB 230 85.74 51.28 -41.83
C ASP HB 230 85.54 49.87 -42.37
N LEU HB 231 84.74 49.77 -43.42
CA LEU HB 231 84.52 48.55 -44.16
C LEU HB 231 84.45 48.94 -45.63
N GLY HB 232 84.97 48.07 -46.50
CA GLY HB 232 84.99 48.36 -47.92
C GLY HB 232 83.66 48.14 -48.60
N VAL HB 233 83.70 47.66 -49.83
CA VAL HB 233 82.46 47.43 -50.59
C VAL HB 233 81.79 46.20 -50.04
N THR HB 234 80.56 46.35 -49.57
CA THR HB 234 79.86 45.32 -48.84
C THR HB 234 78.58 44.91 -49.55
N GLY HB 235 78.04 43.77 -49.12
CA GLY HB 235 76.75 43.31 -49.56
C GLY HB 235 76.85 42.16 -50.54
N ASP HB 236 75.69 41.74 -51.02
CA ASP HB 236 75.57 40.60 -51.91
C ASP HB 236 75.81 41.01 -53.35
N GLY HB 237 75.44 40.15 -54.29
CA GLY HB 237 75.45 40.49 -55.70
C GLY HB 237 74.35 41.42 -56.16
N SER HB 238 73.49 41.87 -55.25
CA SER HB 238 72.43 42.83 -55.56
C SER HB 238 72.54 44.14 -54.81
N GLU HB 239 73.04 44.14 -53.58
CA GLU HB 239 73.06 45.34 -52.75
C GLU HB 239 74.50 45.72 -52.46
N ILE HB 240 74.85 46.97 -52.72
CA ILE HB 240 76.23 47.41 -52.52
C ILE HB 240 76.26 48.76 -51.84
N HIS HB 241 77.05 48.87 -50.78
CA HIS HB 241 77.39 50.13 -50.15
C HIS HB 241 78.89 50.31 -50.27
N ILE HB 242 79.32 51.52 -50.64
CA ILE HB 242 80.68 51.70 -51.13
C ILE HB 242 81.69 51.64 -50.00
N ASP HB 243 81.58 52.55 -49.04
CA ASP HB 243 82.51 52.60 -47.91
C ASP HB 243 81.68 52.68 -46.64
N ASP HB 244 81.44 51.53 -46.02
CA ASP HB 244 80.66 51.51 -44.79
C ASP HB 244 81.52 52.07 -43.68
N ARG HB 245 80.97 52.99 -42.89
CA ARG HB 245 81.70 53.50 -41.74
C ARG HB 245 80.78 53.50 -40.53
N VAL HB 246 81.25 52.87 -39.47
CA VAL HB 246 80.49 52.72 -38.24
C VAL HB 246 81.17 53.60 -37.21
N LEU HB 247 80.44 54.54 -36.64
CA LEU HB 247 81.04 55.45 -35.67
C LEU HB 247 80.23 55.37 -34.39
N ARG HB 248 80.87 54.99 -33.30
CA ARG HB 248 80.21 54.93 -32.01
C ARG HB 248 81.03 55.69 -30.99
N ILE HB 249 80.40 55.95 -29.86
CA ILE HB 249 81.07 56.59 -28.73
C ILE HB 249 81.02 55.63 -27.56
N THR HB 250 82.18 55.30 -27.02
CA THR HB 250 82.27 54.49 -25.82
C THR HB 250 82.44 55.34 -24.57
N ALA HB 251 83.33 56.32 -24.61
CA ALA HB 251 83.61 57.13 -23.44
C ALA HB 251 82.57 58.22 -23.29
N LEU HB 252 81.79 58.13 -22.24
CA LEU HB 252 80.91 59.23 -21.91
C LEU HB 252 81.71 60.37 -21.28
N PRO HB 253 81.23 61.61 -21.38
CA PRO HB 253 81.87 62.71 -20.66
C PRO HB 253 81.73 62.52 -19.15
N GLU HB 254 82.85 62.57 -18.45
CA GLU HB 254 82.91 62.12 -17.08
C GLU HB 254 83.67 63.12 -16.22
N LEU HB 255 83.30 63.21 -14.95
CA LEU HB 255 84.04 64.02 -14.00
C LEU HB 255 85.34 63.32 -13.63
N ASN HB 256 86.33 64.12 -13.24
CA ASN HB 256 87.55 63.56 -12.66
C ASN HB 256 87.45 63.60 -11.14
N VAL HB 257 88.08 62.62 -10.51
CA VAL HB 257 88.23 62.63 -9.05
C VAL HB 257 89.68 62.73 -8.63
N ASN HB 258 90.61 62.61 -9.56
CA ASN HB 258 92.01 62.82 -9.23
C ASN HB 258 92.25 64.30 -9.04
N SER HB 259 92.67 64.68 -7.84
CA SER HB 259 92.83 66.08 -7.51
C SER HB 259 94.01 66.74 -8.21
N ALA HB 260 94.93 65.95 -8.75
CA ALA HB 260 96.18 66.52 -9.25
C ALA HB 260 96.05 67.12 -10.63
N GLU HB 261 94.92 66.96 -11.29
CA GLU HB 261 94.78 67.36 -12.69
C GLU HB 261 93.81 68.51 -12.83
N TRP HB 262 93.89 69.46 -11.91
CA TRP HB 262 92.87 70.50 -11.78
C TRP HB 262 93.53 71.80 -12.23
N ARG HB 263 93.34 72.11 -13.50
CA ARG HB 263 93.96 73.28 -14.10
C ARG HB 263 93.35 74.55 -13.52
N ALA HB 264 94.21 75.39 -12.97
CA ALA HB 264 93.77 76.63 -12.35
C ALA HB 264 93.87 77.77 -13.34
N ALA HB 265 93.29 78.91 -12.97
CA ALA HB 265 93.21 80.02 -13.90
C ALA HB 265 93.13 81.34 -13.13
N VAL HB 266 93.92 82.31 -13.56
CA VAL HB 266 93.92 83.64 -12.97
C VAL HB 266 93.93 84.66 -14.09
N ALA HB 267 92.95 85.56 -14.09
CA ALA HB 267 92.79 86.53 -15.16
C ALA HB 267 93.76 87.69 -14.99
N LYS HB 268 93.60 88.71 -15.83
CA LYS HB 268 94.39 89.92 -15.75
C LYS HB 268 93.57 91.17 -16.04
N ARG IB 207 73.15 -24.19 -82.18
CA ARG IB 207 72.46 -25.47 -82.00
C ARG IB 207 72.00 -25.61 -80.55
N ILE IB 208 71.11 -26.57 -80.29
CA ILE IB 208 70.48 -26.68 -78.99
C ILE IB 208 71.47 -27.25 -77.98
N ILE IB 209 71.65 -26.54 -76.88
CA ILE IB 209 72.65 -26.87 -75.87
C ILE IB 209 71.92 -27.38 -74.64
N TYR IB 210 72.33 -28.55 -74.16
CA TYR IB 210 71.70 -29.18 -73.01
C TYR IB 210 72.60 -29.02 -71.79
N TYR IB 211 72.05 -28.42 -70.74
CA TYR IB 211 72.74 -28.26 -69.47
C TYR IB 211 72.05 -29.10 -68.41
N ILE IB 212 72.84 -29.61 -67.48
CA ILE IB 212 72.28 -30.44 -66.42
C ILE IB 212 71.52 -29.57 -65.44
N GLN IB 213 70.28 -29.96 -65.15
CA GLN IB 213 69.49 -29.25 -64.16
C GLN IB 213 69.56 -29.94 -62.81
N ALA IB 214 69.46 -31.27 -62.80
CA ALA IB 214 69.70 -32.07 -61.62
C ALA IB 214 70.28 -33.41 -62.05
N VAL IB 215 71.07 -34.02 -61.16
CA VAL IB 215 71.71 -35.29 -61.47
C VAL IB 215 71.63 -36.19 -60.23
N ILE IB 216 71.02 -37.36 -60.40
CA ILE IB 216 71.11 -38.45 -59.44
C ILE IB 216 71.57 -39.65 -60.26
N PRO IB 217 72.01 -40.75 -59.65
CA PRO IB 217 72.12 -42.00 -60.41
C PRO IB 217 70.77 -42.44 -60.93
N GLY IB 218 70.75 -42.87 -62.18
CA GLY IB 218 69.52 -43.31 -62.81
C GLY IB 218 68.78 -42.26 -63.61
N ARG IB 219 68.41 -41.15 -62.98
CA ARG IB 219 67.66 -40.11 -63.66
C ARG IB 219 68.51 -38.86 -63.82
N ALA IB 220 68.38 -38.21 -64.98
CA ALA IB 220 69.08 -36.96 -65.24
C ALA IB 220 68.12 -35.97 -65.86
N TRP IB 221 68.41 -34.69 -65.68
CA TRP IB 221 67.56 -33.61 -66.19
C TRP IB 221 68.39 -32.70 -67.07
N LEU IB 222 67.85 -32.37 -68.24
CA LEU IB 222 68.54 -31.54 -69.21
C LEU IB 222 67.65 -30.37 -69.61
N ILE IB 223 68.27 -29.20 -69.71
CA ILE IB 223 67.61 -27.97 -70.14
C ILE IB 223 68.11 -27.67 -71.55
N GLY IB 224 67.21 -27.74 -72.52
CA GLY IB 224 67.55 -27.39 -73.88
C GLY IB 224 67.67 -25.90 -74.07
N SER IB 225 68.05 -25.51 -75.29
CA SER IB 225 68.17 -24.09 -75.63
C SER IB 225 66.82 -23.40 -75.67
N ASN IB 226 65.75 -24.13 -75.93
CA ASN IB 226 64.41 -23.57 -75.97
C ASN IB 226 63.78 -23.41 -74.60
N GLY IB 227 64.46 -23.85 -73.54
CA GLY IB 227 63.94 -23.77 -72.20
C GLY IB 227 63.24 -25.01 -71.70
N SER IB 228 63.08 -26.02 -72.55
CA SER IB 228 62.42 -27.26 -72.14
C SER IB 228 63.33 -28.09 -71.26
N THR IB 229 62.72 -28.88 -70.37
CA THR IB 229 63.43 -29.78 -69.49
C THR IB 229 63.01 -31.21 -69.78
N LEU IB 230 63.98 -32.10 -69.88
CA LEU IB 230 63.70 -33.51 -70.14
C LEU IB 230 64.52 -34.38 -69.21
N THR IB 231 63.88 -35.41 -68.65
CA THR IB 231 64.52 -36.35 -67.75
C THR IB 231 64.75 -37.68 -68.48
N VAL IB 232 65.91 -38.27 -68.21
CA VAL IB 232 66.40 -39.40 -69.00
C VAL IB 232 67.00 -40.46 -68.07
N ARG IB 233 67.09 -41.67 -68.62
CA ARG IB 233 67.76 -42.83 -68.04
C ARG IB 233 69.06 -43.08 -68.79
N GLU IB 234 69.76 -44.17 -68.43
CA GLU IB 234 71.03 -44.48 -69.06
C GLU IB 234 70.84 -44.94 -70.50
N GLY IB 235 69.92 -45.87 -70.73
CA GLY IB 235 69.66 -46.30 -72.08
C GLY IB 235 68.66 -45.36 -72.71
N SER IB 236 69.17 -44.37 -73.45
CA SER IB 236 68.33 -43.29 -73.94
C SER IB 236 68.81 -42.85 -75.31
N LYS IB 237 67.86 -42.35 -76.11
CA LYS IB 237 68.13 -41.86 -77.45
C LYS IB 237 68.09 -40.33 -77.41
N ILE IB 238 69.19 -39.71 -77.87
CA ILE IB 238 69.31 -38.25 -77.88
C ILE IB 238 69.46 -37.80 -79.32
N PRO IB 239 68.59 -36.92 -79.82
CA PRO IB 239 68.70 -36.47 -81.21
C PRO IB 239 69.87 -35.53 -81.40
N GLY IB 240 70.65 -35.79 -82.45
CA GLY IB 240 71.76 -34.93 -82.83
C GLY IB 240 73.02 -35.11 -82.02
N TYR IB 241 73.00 -35.91 -80.96
CA TYR IB 241 74.19 -36.11 -80.14
C TYR IB 241 74.42 -37.58 -79.83
N GLY IB 242 74.15 -38.47 -80.78
CA GLY IB 242 74.50 -39.87 -80.62
C GLY IB 242 73.60 -40.65 -79.69
N MET IB 243 74.20 -41.47 -78.85
CA MET IB 243 73.46 -42.26 -77.87
C MET IB 243 74.08 -42.07 -76.49
N VAL IB 244 73.24 -42.16 -75.47
CA VAL IB 244 73.70 -42.01 -74.09
C VAL IB 244 74.45 -43.27 -73.69
N LYS IB 245 75.73 -43.12 -73.36
CA LYS IB 245 76.60 -44.26 -73.09
C LYS IB 245 76.90 -44.43 -71.60
N LEU IB 246 77.42 -43.40 -70.94
CA LEU IB 246 77.84 -43.53 -69.57
C LEU IB 246 77.44 -42.30 -68.79
N ILE IB 247 76.79 -42.50 -67.64
CA ILE IB 247 76.31 -41.42 -66.80
C ILE IB 247 76.99 -41.53 -65.44
N ASP IB 248 77.66 -40.47 -65.04
CA ASP IB 248 78.32 -40.39 -63.74
C ASP IB 248 77.61 -39.37 -62.87
N SER IB 249 77.28 -39.76 -61.64
CA SER IB 249 76.63 -38.84 -60.73
C SER IB 249 77.59 -37.77 -60.24
N LEU IB 250 78.81 -38.16 -59.87
CA LEU IB 250 79.78 -37.21 -59.38
C LEU IB 250 80.37 -36.39 -60.52
N GLN IB 251 80.72 -35.14 -60.20
CA GLN IB 251 81.42 -34.17 -61.05
C GLN IB 251 80.63 -33.75 -62.29
N GLY IB 252 79.33 -34.09 -62.36
CA GLY IB 252 78.41 -33.55 -63.34
C GLY IB 252 78.71 -33.81 -64.80
N ARG IB 253 79.02 -35.05 -65.16
CA ARG IB 253 79.42 -35.39 -66.52
C ARG IB 253 78.54 -36.51 -67.07
N ILE IB 254 77.95 -36.27 -68.24
CA ILE IB 254 77.19 -37.28 -68.96
C ILE IB 254 77.89 -37.52 -70.29
N LEU IB 255 78.08 -38.80 -70.64
CA LEU IB 255 78.86 -39.15 -71.82
C LEU IB 255 77.94 -39.65 -72.92
N THR IB 256 78.07 -39.08 -74.11
CA THR IB 256 77.31 -39.50 -75.28
C THR IB 256 78.17 -40.40 -76.16
N SER IB 257 77.50 -41.10 -77.08
CA SER IB 257 78.23 -41.85 -78.10
C SER IB 257 78.80 -40.93 -79.17
N SER IB 258 78.37 -39.68 -79.22
CA SER IB 258 78.92 -38.68 -80.12
C SER IB 258 80.16 -38.00 -79.54
N GLY IB 259 80.76 -38.56 -78.51
CA GLY IB 259 81.95 -37.99 -77.90
C GLY IB 259 81.70 -36.66 -77.22
N GLN IB 260 80.54 -36.48 -76.59
CA GLN IB 260 80.18 -35.22 -75.97
C GLN IB 260 79.91 -35.43 -74.50
N VAL IB 261 80.41 -34.49 -73.70
CA VAL IB 261 80.24 -34.52 -72.25
C VAL IB 261 79.22 -33.45 -71.90
N ILE IB 262 77.98 -33.88 -71.68
CA ILE IB 262 76.93 -33.00 -71.21
C ILE IB 262 77.26 -32.58 -69.79
N LYS IB 263 77.15 -31.29 -69.51
CA LYS IB 263 77.73 -30.69 -68.32
C LYS IB 263 76.84 -29.53 -67.90
N PHE IB 264 77.01 -29.11 -66.64
CA PHE IB 264 76.50 -27.83 -66.19
C PHE IB 264 77.21 -26.70 -66.93
N SER IB 265 76.54 -25.56 -67.03
CA SER IB 265 77.15 -24.41 -67.69
C SER IB 265 78.25 -23.81 -66.82
N GLN IB 266 79.08 -22.98 -67.47
CA GLN IB 266 80.15 -22.31 -66.73
C GLN IB 266 79.58 -21.23 -65.80
N GLU IB 267 78.70 -20.39 -66.31
CA GLU IB 267 78.08 -19.36 -65.49
C GLU IB 267 76.89 -19.89 -64.69
N ASP IB 268 76.43 -21.10 -64.99
CA ASP IB 268 75.32 -21.73 -64.27
C ASP IB 268 75.84 -23.06 -63.74
N SER IB 269 76.44 -23.03 -62.56
CA SER IB 269 76.91 -24.23 -61.89
C SER IB 269 76.94 -24.02 -60.38
N GLN JB 791 104.02 -50.22 -31.29
CA GLN JB 791 103.48 -51.56 -31.49
C GLN JB 791 102.59 -51.92 -30.31
N GLN JB 792 103.06 -51.57 -29.12
CA GLN JB 792 102.31 -51.88 -27.90
C GLN JB 792 101.10 -50.97 -27.75
N GLU JB 793 101.28 -49.68 -28.00
CA GLU JB 793 100.32 -48.64 -27.66
C GLU JB 793 99.49 -48.18 -28.84
N ILE JB 794 99.25 -49.05 -29.83
CA ILE JB 794 98.47 -48.66 -31.00
C ILE JB 794 97.02 -48.40 -30.61
N GLN JB 795 96.45 -49.29 -29.80
CA GLN JB 795 95.06 -49.18 -29.40
C GLN JB 795 94.85 -48.02 -28.44
N GLN JB 796 95.87 -47.69 -27.65
CA GLN JB 796 95.79 -46.53 -26.77
C GLN JB 796 95.74 -45.25 -27.56
N ARG JB 797 96.46 -45.21 -28.68
CA ARG JB 797 96.36 -44.07 -29.58
C ARG JB 797 95.08 -44.10 -30.40
N THR JB 798 94.45 -45.27 -30.53
CA THR JB 798 93.31 -45.40 -31.42
C THR JB 798 91.98 -45.09 -30.76
N SER JB 799 91.75 -45.66 -29.57
CA SER JB 799 90.41 -45.69 -28.99
C SER JB 799 89.95 -44.30 -28.57
N ASP JB 800 90.86 -43.51 -28.02
CA ASP JB 800 90.55 -42.13 -27.64
C ASP JB 800 90.23 -41.29 -28.87
N MET JB 801 90.90 -41.56 -29.98
CA MET JB 801 90.59 -40.89 -31.23
C MET JB 801 89.20 -41.29 -31.74
N LEU JB 802 88.82 -42.55 -31.52
CA LEU JB 802 87.48 -43.00 -31.91
C LEU JB 802 86.40 -42.28 -31.13
N THR JB 803 86.65 -42.01 -29.84
CA THR JB 803 85.68 -41.31 -29.01
C THR JB 803 85.47 -39.88 -29.48
N ALA JB 804 86.56 -39.18 -29.78
CA ALA JB 804 86.44 -37.80 -30.25
C ALA JB 804 85.81 -37.77 -31.64
N ALA JB 805 86.09 -38.78 -32.45
CA ALA JB 805 85.44 -38.88 -33.75
C ALA JB 805 83.96 -39.15 -33.61
N THR JB 806 83.57 -39.95 -32.61
CA THR JB 806 82.16 -40.23 -32.39
C THR JB 806 81.44 -39.01 -31.81
N GLN JB 807 82.19 -38.07 -31.25
CA GLN JB 807 81.57 -36.85 -30.76
C GLN JB 807 81.11 -35.96 -31.90
N LEU JB 808 82.00 -35.69 -32.86
CA LEU JB 808 81.78 -34.61 -33.82
C LEU JB 808 80.77 -34.96 -34.90
N VAL JB 809 80.50 -36.25 -35.12
CA VAL JB 809 79.55 -36.64 -36.15
C VAL JB 809 78.14 -36.23 -35.78
N GLN JB 810 77.78 -36.37 -34.49
CA GLN JB 810 76.48 -35.89 -34.02
C GLN JB 810 76.39 -34.38 -34.10
N ASP JB 811 77.52 -33.70 -33.88
CA ASP JB 811 77.58 -32.26 -34.08
C ASP JB 811 77.39 -31.92 -35.55
N TRP JB 812 77.97 -32.73 -36.44
CA TRP JB 812 77.62 -32.61 -37.85
C TRP JB 812 76.18 -33.04 -38.10
N LYS JB 813 75.71 -34.04 -37.35
CA LYS JB 813 74.32 -34.44 -37.47
C LYS JB 813 73.37 -33.44 -36.83
N GLN JB 814 73.89 -32.50 -36.04
CA GLN JB 814 73.04 -31.47 -35.46
C GLN JB 814 72.55 -30.50 -36.54
N VAL JB 815 71.25 -30.28 -36.56
CA VAL JB 815 70.62 -29.37 -37.52
C VAL JB 815 69.36 -28.81 -36.88
N GLU JB 816 69.23 -27.49 -36.87
CA GLU JB 816 68.09 -26.84 -36.26
C GLU JB 816 67.10 -26.39 -37.33
N THR JB 817 66.03 -25.76 -36.89
CA THR JB 817 64.92 -25.38 -37.73
C THR JB 817 64.84 -23.87 -37.90
N GLN JB 818 64.42 -23.45 -39.08
CA GLN JB 818 64.19 -22.04 -39.34
C GLN JB 818 63.00 -21.52 -38.55
N VAL JB 819 62.97 -20.21 -38.37
CA VAL JB 819 61.87 -19.54 -37.66
C VAL JB 819 61.39 -18.36 -38.50
N TYR JB 820 60.09 -18.29 -38.69
CA TYR JB 820 59.46 -17.26 -39.51
C TYR JB 820 58.65 -16.36 -38.59
N THR JB 821 58.91 -15.06 -38.66
CA THR JB 821 58.33 -14.09 -37.75
C THR JB 821 57.74 -12.95 -38.54
N GLU JB 822 56.51 -12.56 -38.19
CA GLU JB 822 55.83 -11.46 -38.84
C GLU JB 822 56.08 -10.15 -38.09
N GLY JB 823 55.49 -9.09 -38.63
CA GLY JB 823 55.48 -7.79 -37.99
C GLY JB 823 54.07 -7.27 -37.86
N THR JB 824 53.96 -6.11 -37.22
CA THR JB 824 52.70 -5.38 -37.14
C THR JB 824 52.95 -3.90 -37.34
N ALA KB 104 121.65 -16.23 5.06
CA ALA KB 104 121.15 -17.43 4.40
C ALA KB 104 119.64 -17.38 4.28
N GLU KB 105 119.14 -16.76 3.20
CA GLU KB 105 117.70 -16.61 3.03
C GLU KB 105 117.26 -16.85 1.60
N VAL KB 106 118.02 -17.64 0.82
CA VAL KB 106 117.64 -17.94 -0.56
C VAL KB 106 116.52 -18.95 -0.66
N ILE KB 107 116.16 -19.58 0.46
CA ILE KB 107 115.02 -20.50 0.54
C ILE KB 107 113.74 -19.76 0.16
N ASP KB 108 113.62 -18.51 0.60
CA ASP KB 108 112.45 -17.69 0.28
C ASP KB 108 112.34 -17.42 -1.21
N LYS KB 109 113.48 -17.14 -1.87
CA LYS KB 109 113.46 -16.88 -3.30
C LYS KB 109 113.13 -18.15 -4.09
N LYS KB 110 113.71 -19.29 -3.69
CA LYS KB 110 113.41 -20.56 -4.35
C LYS KB 110 111.95 -20.93 -4.20
N ALA KB 111 111.39 -20.74 -3.00
CA ALA KB 111 109.98 -21.05 -2.76
C ALA KB 111 109.06 -20.11 -3.52
N PHE KB 112 109.46 -18.83 -3.65
CA PHE KB 112 108.67 -17.90 -4.44
C PHE KB 112 108.63 -18.31 -5.91
N LYS KB 113 109.78 -18.66 -6.46
CA LYS KB 113 109.83 -19.04 -7.87
C LYS KB 113 109.08 -20.35 -8.12
N ASP KB 114 109.18 -21.30 -7.19
CA ASP KB 114 108.46 -22.56 -7.37
C ASP KB 114 106.96 -22.39 -7.18
N MET KB 115 106.55 -21.50 -6.27
CA MET KB 115 105.13 -21.19 -6.11
C MET KB 115 104.58 -20.55 -7.37
N THR KB 116 105.37 -19.67 -7.99
CA THR KB 116 104.98 -19.06 -9.27
C THR KB 116 104.85 -20.12 -10.35
N ARG KB 117 105.80 -21.06 -10.41
CA ARG KB 117 105.78 -22.12 -11.40
C ARG KB 117 104.56 -23.02 -11.24
N ASN KB 118 104.22 -23.36 -10.00
CA ASN KB 118 103.06 -24.21 -9.76
C ASN KB 118 101.76 -23.47 -9.97
N LEU KB 119 101.73 -22.17 -9.68
CA LEU KB 119 100.50 -21.41 -9.85
C LEU KB 119 100.19 -21.19 -11.32
N TYR KB 120 101.20 -20.85 -12.11
CA TYR KB 120 101.01 -20.67 -13.55
C TYR KB 120 102.01 -21.54 -14.28
N PRO KB 121 101.63 -22.76 -14.66
CA PRO KB 121 102.52 -23.61 -15.44
C PRO KB 121 102.60 -23.26 -16.91
N LEU KB 122 101.85 -22.26 -17.36
CA LEU KB 122 101.70 -21.96 -18.78
C LEU KB 122 102.49 -20.71 -19.14
N ASN KB 123 103.27 -20.79 -20.21
CA ASN KB 123 103.84 -19.60 -20.79
C ASN KB 123 102.74 -18.80 -21.48
N PRO KB 124 102.82 -17.47 -21.45
CA PRO KB 124 101.83 -16.65 -22.18
C PRO KB 124 101.87 -16.87 -23.68
N GLU KB 125 103.08 -17.06 -24.23
CA GLU KB 125 103.21 -17.41 -25.64
C GLU KB 125 102.63 -18.79 -25.91
N GLN KB 126 102.78 -19.70 -24.95
CA GLN KB 126 102.15 -21.01 -25.07
C GLN KB 126 100.64 -20.91 -25.06
N VAL KB 127 100.09 -20.00 -24.26
CA VAL KB 127 98.65 -19.74 -24.22
C VAL KB 127 98.16 -19.23 -25.56
N VAL KB 128 98.91 -18.27 -26.14
CA VAL KB 128 98.52 -17.68 -27.41
C VAL KB 128 98.59 -18.72 -28.54
N LYS KB 129 99.64 -19.53 -28.57
CA LYS KB 129 99.72 -20.53 -29.62
C LYS KB 129 98.73 -21.67 -29.40
N LEU KB 130 98.34 -21.92 -28.15
CA LEU KB 130 97.28 -22.89 -27.90
C LEU KB 130 95.95 -22.40 -28.43
N LYS KB 131 95.66 -21.12 -28.23
CA LYS KB 131 94.44 -20.54 -28.81
C LYS KB 131 94.51 -20.52 -30.33
N GLN KB 132 95.71 -20.33 -30.88
CA GLN KB 132 95.90 -20.40 -32.33
C GLN KB 132 95.60 -21.79 -32.87
N ILE KB 133 96.10 -22.82 -32.19
CA ILE KB 133 95.82 -24.20 -32.57
C ILE KB 133 94.34 -24.50 -32.43
N TYR KB 134 93.72 -23.93 -31.39
CA TYR KB 134 92.29 -24.13 -31.14
C TYR KB 134 91.44 -23.56 -32.26
N GLU KB 135 91.73 -22.31 -32.65
CA GLU KB 135 90.93 -21.70 -33.73
C GLU KB 135 91.28 -22.29 -35.08
N THR KB 136 92.51 -22.81 -35.25
CA THR KB 136 92.87 -23.49 -36.48
C THR KB 136 92.10 -24.79 -36.65
N SER KB 137 92.01 -25.58 -35.57
CA SER KB 137 91.24 -26.82 -35.62
C SER KB 137 89.75 -26.53 -35.73
N GLU KB 138 89.28 -25.43 -35.14
CA GLU KB 138 87.89 -25.02 -35.29
C GLU KB 138 87.58 -24.67 -36.75
N TYR KB 139 88.48 -23.95 -37.41
CA TYR KB 139 88.29 -23.65 -38.82
C TYR KB 139 88.38 -24.90 -39.68
N ALA KB 140 89.25 -25.84 -39.29
CA ALA KB 140 89.33 -27.11 -40.00
C ALA KB 140 88.04 -27.91 -39.87
N LYS KB 141 87.41 -27.85 -38.70
CA LYS KB 141 86.12 -28.51 -38.54
C LYS KB 141 85.02 -27.81 -39.31
N ALA KB 142 84.99 -26.48 -39.25
CA ALA KB 142 83.93 -25.72 -39.90
C ALA KB 142 84.06 -25.72 -41.42
N ALA KB 143 85.24 -26.01 -41.94
CA ALA KB 143 85.40 -26.18 -43.38
C ALA KB 143 84.72 -27.47 -43.82
N THR KB 144 84.01 -27.39 -44.93
CA THR KB 144 83.33 -28.58 -45.43
C THR KB 144 83.96 -29.05 -46.73
N PRO KB 145 84.03 -30.36 -46.96
CA PRO KB 145 84.49 -30.85 -48.25
C PRO KB 145 83.50 -30.52 -49.37
N GLY KB 146 84.04 -30.44 -50.57
CA GLY KB 146 83.24 -30.10 -51.73
C GLY KB 146 83.13 -28.60 -51.91
N THR KB 147 83.05 -28.16 -53.16
CA THR KB 147 82.83 -26.75 -53.41
C THR KB 147 81.41 -26.37 -53.02
N PRO KB 148 81.21 -25.18 -52.44
CA PRO KB 148 79.87 -24.73 -52.13
C PRO KB 148 79.08 -24.47 -53.40
N PRO KB 149 77.78 -24.70 -53.38
CA PRO KB 149 76.99 -24.49 -54.60
C PRO KB 149 76.78 -23.01 -54.90
N LYS KB 150 76.63 -22.72 -56.18
CA LYS KB 150 76.48 -21.35 -56.62
C LYS KB 150 75.04 -20.89 -56.41
N PRO KB 151 74.82 -19.76 -55.75
CA PRO KB 151 73.45 -19.27 -55.49
C PRO KB 151 72.77 -18.78 -56.77
N THR KB 152 71.52 -19.18 -56.94
CA THR KB 152 70.72 -18.81 -58.10
C THR KB 152 69.40 -18.22 -57.65
N ALA KB 153 68.76 -17.45 -58.54
CA ALA KB 153 67.44 -16.87 -58.32
C ALA KB 153 66.81 -16.64 -59.69
N THR KB 154 65.91 -17.51 -60.10
CA THR KB 154 65.35 -17.48 -61.45
C THR KB 154 63.83 -17.66 -61.45
N SER KB 155 63.28 -17.65 -62.66
CA SER KB 155 61.86 -17.90 -62.91
C SER KB 155 61.71 -18.88 -64.05
N GLN KB 156 60.79 -19.82 -63.90
CA GLN KB 156 60.49 -20.81 -64.91
C GLN KB 156 59.00 -20.86 -65.16
N PHE KB 157 58.62 -21.52 -66.24
CA PHE KB 157 57.24 -21.57 -66.70
C PHE KB 157 56.67 -22.95 -66.43
N VAL KB 158 55.62 -23.01 -65.62
CA VAL KB 158 54.95 -24.26 -65.34
C VAL KB 158 54.09 -24.63 -66.55
N ASN KB 159 53.76 -25.91 -66.67
CA ASN KB 159 52.99 -26.38 -67.81
C ASN KB 159 51.75 -27.10 -67.30
N LEU KB 160 50.61 -26.78 -67.91
CA LEU KB 160 49.37 -27.48 -67.64
C LEU KB 160 49.11 -28.59 -68.64
N SER KB 161 50.04 -28.83 -69.57
CA SER KB 161 49.85 -29.88 -70.55
C SER KB 161 50.02 -31.25 -69.89
N PRO KB 162 49.21 -32.23 -70.27
CA PRO KB 162 49.23 -33.53 -69.57
C PRO KB 162 50.30 -34.48 -70.07
N GLY KB 163 51.27 -34.00 -70.84
CA GLY KB 163 52.33 -34.85 -71.32
C GLY KB 163 53.70 -34.25 -71.09
N SER KB 164 53.79 -33.32 -70.16
CA SER KB 164 55.00 -32.55 -69.96
C SER KB 164 55.78 -33.04 -68.75
N THR KB 165 56.99 -32.53 -68.62
CA THR KB 165 57.85 -32.84 -67.47
C THR KB 165 57.52 -31.90 -66.32
N PRO KB 166 57.23 -32.42 -65.12
CA PRO KB 166 57.01 -31.55 -63.98
C PRO KB 166 58.30 -30.87 -63.55
N PRO KB 167 58.22 -29.64 -63.03
CA PRO KB 167 59.43 -28.90 -62.67
C PRO KB 167 60.14 -29.45 -61.44
N VAL KB 168 61.46 -29.21 -61.41
CA VAL KB 168 62.38 -29.75 -60.44
C VAL KB 168 62.99 -28.60 -59.66
N ILE KB 169 63.11 -28.76 -58.34
CA ILE KB 169 63.64 -27.72 -57.47
C ILE KB 169 64.93 -28.23 -56.84
N ARG KB 170 66.02 -27.49 -57.04
CA ARG KB 170 67.30 -27.83 -56.44
C ARG KB 170 67.36 -27.31 -55.02
N LEU KB 171 67.84 -28.14 -54.09
CA LEU KB 171 67.82 -27.81 -52.67
C LEU KB 171 69.15 -28.10 -52.01
N SER KB 172 69.22 -27.71 -50.73
CA SER KB 172 70.35 -27.96 -49.86
C SER KB 172 69.87 -27.86 -48.42
N GLN KB 173 70.38 -28.74 -47.57
CA GLN KB 173 69.91 -28.82 -46.20
C GLN KB 173 70.42 -27.65 -45.37
N GLY KB 174 69.54 -27.08 -44.55
CA GLY KB 174 69.90 -25.95 -43.73
C GLY KB 174 69.77 -24.61 -44.42
N PHE KB 175 69.14 -24.56 -45.58
CA PHE KB 175 69.01 -23.30 -46.31
C PHE KB 175 67.59 -23.11 -46.79
N VAL KB 176 67.12 -21.88 -46.69
CA VAL KB 176 65.74 -21.55 -47.05
C VAL KB 176 65.65 -21.36 -48.55
N SER KB 177 64.64 -21.96 -49.15
CA SER KB 177 64.31 -21.74 -50.56
C SER KB 177 62.98 -21.02 -50.63
N SER KB 178 62.89 -20.03 -51.52
CA SER KB 178 61.72 -19.17 -51.64
C SER KB 178 61.02 -19.43 -52.95
N LEU KB 179 59.79 -19.94 -52.87
CA LEU KB 179 58.94 -20.15 -54.03
C LEU KB 179 57.91 -19.04 -54.12
N VAL KB 180 57.75 -18.47 -55.31
CA VAL KB 180 56.69 -17.50 -55.56
C VAL KB 180 55.97 -17.90 -56.84
N PHE KB 181 54.65 -17.99 -56.77
CA PHE KB 181 53.81 -18.47 -57.87
C PHE KB 181 53.00 -17.31 -58.41
N LEU KB 182 53.13 -17.05 -59.71
CA LEU KB 182 52.45 -15.95 -60.37
C LEU KB 182 51.76 -16.45 -61.63
N ASP KB 183 50.76 -15.69 -62.06
CA ASP KB 183 49.90 -16.01 -63.20
C ASP KB 183 50.57 -15.68 -64.53
N SER KB 184 49.74 -15.54 -65.57
CA SER KB 184 50.21 -15.33 -66.94
C SER KB 184 51.05 -14.06 -67.09
N THR KB 185 50.76 -13.04 -66.30
CA THR KB 185 51.56 -11.82 -66.37
C THR KB 185 52.50 -11.67 -65.18
N GLY KB 186 52.07 -12.04 -63.99
CA GLY KB 186 52.91 -11.85 -62.83
C GLY KB 186 52.22 -11.38 -61.56
N ALA KB 187 50.89 -11.33 -61.57
CA ALA KB 187 50.16 -10.98 -60.37
C ALA KB 187 50.24 -12.11 -59.35
N PRO KB 188 50.10 -11.81 -58.06
CA PRO KB 188 50.12 -12.88 -57.05
C PRO KB 188 48.90 -13.78 -57.17
N TRP KB 189 49.16 -15.08 -57.13
CA TRP KB 189 48.10 -16.07 -57.15
C TRP KB 189 47.98 -16.68 -55.78
N PRO KB 190 46.86 -16.48 -55.07
CA PRO KB 190 46.75 -16.95 -53.69
C PRO KB 190 46.71 -18.47 -53.59
N ILE KB 191 47.24 -18.97 -52.49
CA ILE KB 191 47.40 -20.40 -52.26
C ILE KB 191 46.32 -20.86 -51.30
N ALA KB 192 45.56 -21.87 -51.69
CA ALA KB 192 44.54 -22.42 -50.81
C ALA KB 192 45.11 -23.45 -49.86
N ALA KB 193 45.79 -24.47 -50.39
CA ALA KB 193 46.24 -25.57 -49.56
C ALA KB 193 47.43 -26.26 -50.21
N TYR KB 194 48.10 -27.11 -49.45
CA TYR KB 194 49.18 -27.91 -50.02
C TYR KB 194 49.28 -29.24 -49.28
N ASP KB 195 49.93 -30.18 -49.95
CA ASP KB 195 50.26 -31.48 -49.37
C ASP KB 195 51.75 -31.74 -49.59
N LEU KB 196 52.41 -32.21 -48.54
CA LEU KB 196 53.84 -32.46 -48.56
C LEU KB 196 54.11 -33.88 -48.12
N GLY KB 197 54.82 -34.64 -48.94
CA GLY KB 197 55.39 -35.89 -48.52
C GLY KB 197 56.76 -35.69 -47.92
N ASP KB 198 57.12 -36.57 -46.99
CA ASP KB 198 58.33 -36.53 -46.17
C ASP KB 198 58.54 -35.20 -45.44
N PRO KB 199 57.77 -34.91 -44.39
CA PRO KB 199 58.12 -33.76 -43.52
C PRO KB 199 59.45 -33.91 -42.82
N SER KB 200 59.93 -35.13 -42.58
CA SER KB 200 61.22 -35.31 -41.95
C SER KB 200 62.39 -34.97 -42.88
N SER KB 201 62.14 -34.85 -44.17
CA SER KB 201 63.16 -34.34 -45.07
C SER KB 201 62.87 -32.95 -45.61
N PHE KB 202 61.63 -32.47 -45.49
CA PHE KB 202 61.30 -31.14 -45.99
C PHE KB 202 60.46 -30.38 -44.98
N ASN KB 203 60.86 -29.14 -44.70
CA ASN KB 203 60.21 -28.29 -43.72
C ASN KB 203 59.67 -27.04 -44.42
N ILE KB 204 58.43 -26.67 -44.09
CA ILE KB 204 57.70 -25.61 -44.78
C ILE KB 204 57.21 -24.61 -43.74
N GLN KB 205 57.40 -23.32 -44.03
CA GLN KB 205 56.70 -22.25 -43.32
C GLN KB 205 55.82 -21.50 -44.30
N TRP KB 206 54.57 -21.26 -43.93
CA TRP KB 206 53.65 -20.57 -44.81
C TRP KB 206 52.55 -19.90 -44.00
N ASP KB 207 52.56 -18.57 -43.97
CA ASP KB 207 51.41 -17.83 -43.47
C ASP KB 207 50.24 -18.04 -44.43
N LYS KB 208 49.04 -18.13 -43.86
CA LYS KB 208 47.93 -18.80 -44.54
C LYS KB 208 47.31 -18.00 -45.67
N THR KB 209 47.75 -16.77 -45.93
CA THR KB 209 47.17 -15.97 -46.99
C THR KB 209 48.16 -15.54 -48.05
N SER KB 210 49.41 -16.00 -47.99
CA SER KB 210 50.41 -15.53 -48.93
C SER KB 210 50.46 -16.41 -50.17
N ASN KB 211 51.06 -15.87 -51.22
CA ASN KB 211 51.36 -16.63 -52.42
C ASN KB 211 52.76 -17.19 -52.41
N THR KB 212 53.48 -17.02 -51.30
CA THR KB 212 54.90 -17.33 -51.21
C THR KB 212 55.15 -18.46 -50.23
N LEU KB 213 56.18 -19.24 -50.49
CA LEU KB 213 56.52 -20.40 -49.70
C LEU KB 213 57.97 -20.33 -49.27
N MET KB 214 58.22 -20.55 -47.99
CA MET KB 214 59.57 -20.68 -47.43
C MET KB 214 59.80 -22.14 -47.06
N ILE KB 215 60.78 -22.77 -47.70
CA ILE KB 215 60.98 -24.21 -47.67
C ILE KB 215 62.35 -24.52 -47.10
N GLN KB 216 62.42 -25.56 -46.26
CA GLN KB 216 63.70 -26.04 -45.73
C GLN KB 216 63.82 -27.52 -45.97
N ALA KB 217 64.83 -27.93 -46.75
CA ALA KB 217 65.16 -29.34 -46.87
C ALA KB 217 65.87 -29.78 -45.60
N THR KB 218 65.49 -30.95 -45.08
CA THR KB 218 66.01 -31.42 -43.81
C THR KB 218 66.96 -32.61 -43.95
N LYS KB 219 67.27 -33.02 -45.18
CA LYS KB 219 68.26 -34.07 -45.40
C LYS KB 219 69.19 -33.64 -46.51
N LEU KB 220 70.29 -34.40 -46.66
CA LEU KB 220 71.32 -34.04 -47.63
C LEU KB 220 71.01 -34.54 -49.03
N TYR KB 221 70.49 -35.76 -49.15
CA TYR KB 221 70.27 -36.36 -50.46
C TYR KB 221 68.86 -36.90 -50.65
N ASN KB 222 68.04 -36.96 -49.62
CA ASN KB 222 66.69 -37.49 -49.76
C ASN KB 222 65.78 -36.49 -50.43
N TYR KB 223 64.97 -36.98 -51.36
CA TYR KB 223 64.25 -36.15 -52.31
C TYR KB 223 62.76 -36.48 -52.27
N GLY KB 224 61.93 -35.53 -52.68
CA GLY KB 224 60.50 -35.73 -52.59
C GLY KB 224 59.67 -34.99 -53.62
N ASN KB 225 58.36 -34.93 -53.41
CA ASN KB 225 57.46 -34.18 -54.27
C ASN KB 225 56.63 -33.24 -53.41
N LEU KB 226 55.77 -32.48 -54.08
CA LEU KB 226 54.91 -31.53 -53.38
C LEU KB 226 53.71 -31.23 -54.26
N ALA KB 227 52.54 -31.09 -53.63
CA ALA KB 227 51.33 -30.71 -54.35
C ALA KB 227 50.79 -29.42 -53.74
N VAL KB 228 50.33 -28.53 -54.59
CA VAL KB 228 49.81 -27.23 -54.15
C VAL KB 228 48.54 -26.92 -54.93
N ARG KB 229 47.48 -26.54 -54.22
CA ARG KB 229 46.25 -26.08 -54.82
C ARG KB 229 46.05 -24.61 -54.49
N LEU KB 230 45.86 -23.80 -55.53
CA LEU KB 230 45.59 -22.38 -55.41
C LEU KB 230 44.10 -22.15 -55.17
N ARG KB 231 43.79 -20.98 -54.62
CA ARG KB 231 42.39 -20.60 -54.43
C ARG KB 231 41.71 -20.35 -55.77
N GLY KB 232 42.37 -19.63 -56.65
CA GLY KB 232 41.85 -19.33 -57.97
C GLY KB 232 42.08 -20.39 -59.01
N LEU KB 233 42.64 -21.53 -58.63
CA LEU KB 233 42.90 -22.61 -59.56
C LEU KB 233 42.21 -23.88 -59.10
N ASN KB 234 41.61 -24.60 -60.05
CA ASN KB 234 41.07 -25.92 -59.80
C ASN KB 234 42.11 -27.02 -59.95
N THR KB 235 42.95 -26.90 -60.95
CA THR KB 235 43.88 -27.97 -61.31
C THR KB 235 45.07 -27.97 -60.37
N PRO KB 236 45.38 -29.09 -59.71
CA PRO KB 236 46.48 -29.12 -58.76
C PRO KB 236 47.84 -29.06 -59.46
N VAL KB 237 48.84 -28.58 -58.71
CA VAL KB 237 50.20 -28.45 -59.21
C VAL KB 237 51.08 -29.43 -58.47
N MET KB 238 51.86 -30.21 -59.22
CA MET KB 238 52.78 -31.19 -58.65
C MET KB 238 54.20 -30.86 -59.06
N LEU KB 239 55.09 -30.73 -58.08
CA LEU KB 239 56.49 -30.39 -58.31
C LEU KB 239 57.35 -31.45 -57.64
N THR KB 240 58.61 -31.56 -58.09
CA THR KB 240 59.54 -32.43 -57.41
C THR KB 240 60.72 -31.62 -56.88
N LEU KB 241 61.31 -32.11 -55.80
CA LEU KB 241 62.39 -31.40 -55.11
C LEU KB 241 63.52 -32.37 -54.83
N ILE KB 242 64.72 -32.02 -55.30
CA ILE KB 242 65.91 -32.84 -55.10
C ILE KB 242 66.98 -31.97 -54.44
N PRO KB 243 67.57 -32.42 -53.36
CA PRO KB 243 68.62 -31.62 -52.73
C PRO KB 243 70.00 -31.94 -53.28
N GLY KB 244 71.01 -31.24 -52.77
CA GLY KB 244 72.40 -31.58 -53.00
C GLY KB 244 72.93 -31.44 -54.42
N GLN KB 245 72.62 -30.32 -55.07
CA GLN KB 245 73.20 -30.03 -56.37
C GLN KB 245 74.19 -28.89 -56.24
N LYS KB 246 74.92 -28.64 -57.33
CA LYS KB 246 75.90 -27.56 -57.33
C LYS KB 246 75.27 -26.21 -57.62
N ALA KB 247 73.96 -26.14 -57.82
CA ALA KB 247 73.24 -24.89 -57.89
C ALA KB 247 72.21 -24.85 -56.78
N VAL KB 248 72.20 -23.77 -56.01
CA VAL KB 248 71.21 -23.58 -54.96
C VAL KB 248 70.19 -22.56 -55.43
N ASP KB 249 68.91 -22.93 -55.31
CA ASP KB 249 67.81 -22.05 -55.70
C ASP KB 249 67.40 -21.24 -54.49
N TYR KB 250 67.91 -20.00 -54.40
CA TYR KB 250 67.39 -19.08 -53.41
C TYR KB 250 65.95 -18.70 -53.72
N ARG KB 251 65.70 -18.27 -54.95
CA ARG KB 251 64.40 -17.77 -55.35
C ARG KB 251 63.98 -18.43 -56.66
N VAL KB 252 62.79 -19.01 -56.67
CA VAL KB 252 62.21 -19.56 -57.89
C VAL KB 252 60.81 -18.99 -58.04
N ASP KB 253 60.57 -18.34 -59.17
CA ASP KB 253 59.24 -17.88 -59.54
C ASP KB 253 58.67 -18.83 -60.59
N LEU KB 254 57.37 -19.10 -60.50
CA LEU KB 254 56.69 -20.00 -61.41
C LEU KB 254 55.58 -19.27 -62.16
N ARG KB 255 55.60 -19.38 -63.48
CA ARG KB 255 54.64 -18.71 -64.34
C ARG KB 255 53.56 -19.71 -64.73
N VAL KB 256 52.31 -19.41 -64.39
CA VAL KB 256 51.18 -20.27 -64.71
C VAL KB 256 50.50 -19.72 -65.96
N GLN KB 257 49.96 -20.63 -66.79
CA GLN KB 257 49.33 -20.24 -68.05
C GLN KB 257 48.08 -19.41 -67.84
N GLY KB 258 47.22 -19.83 -66.92
CA GLY KB 258 46.00 -19.09 -66.64
C GLY KB 258 46.25 -17.95 -65.68
N TYR KB 259 45.15 -17.38 -65.19
CA TYR KB 259 45.20 -16.34 -64.17
C TYR KB 259 44.21 -16.65 -63.07
N GLY KB 260 44.51 -16.16 -61.87
CA GLY KB 260 43.69 -16.38 -60.71
C GLY KB 260 42.65 -15.31 -60.53
N PRO KB 261 42.75 -14.55 -59.45
CA PRO KB 261 41.85 -13.39 -59.28
C PRO KB 261 42.04 -12.33 -60.33
N ASN KB 262 43.27 -12.19 -60.84
CA ASN KB 262 43.68 -11.20 -61.81
C ASN KB 262 45.08 -11.55 -62.25
N ALA KB 263 45.43 -11.19 -63.48
CA ALA KB 263 46.82 -11.10 -63.88
C ALA KB 263 47.19 -9.66 -64.21
N LYS KB 264 46.60 -9.08 -65.24
CA LYS KB 264 46.45 -7.64 -65.43
C LYS KB 264 45.03 -7.28 -65.85
N SER KB 265 44.43 -8.09 -66.71
CA SER KB 265 43.13 -7.93 -67.32
C SER KB 265 42.92 -9.16 -68.18
N MET KB 266 41.79 -9.27 -68.86
CA MET KB 266 41.66 -10.32 -69.84
C MET KB 266 42.49 -9.98 -71.08
N PRO KB 267 43.09 -10.97 -71.72
CA PRO KB 267 43.76 -10.72 -72.99
C PRO KB 267 42.77 -10.34 -74.09
N THR KB 268 43.21 -9.45 -74.97
CA THR KB 268 42.35 -8.84 -75.96
C THR KB 268 42.33 -9.70 -77.23
N GLU KB 269 41.13 -10.04 -77.69
CA GLU KB 269 40.92 -11.00 -78.76
C GLU KB 269 40.00 -10.40 -79.82
N GLU KB 270 40.36 -10.56 -81.10
CA GLU KB 270 39.57 -10.06 -82.22
C GLU KB 270 38.74 -11.19 -82.83
N GLY KB 271 38.10 -10.91 -83.95
CA GLY KB 271 37.28 -11.91 -84.62
C GLY KB 271 36.98 -11.53 -86.05
N ILE KB 272 36.42 -12.49 -86.78
CA ILE KB 272 36.05 -12.27 -88.18
C ILE KB 272 34.80 -11.39 -88.24
N PRO KB 273 34.81 -10.30 -89.00
CA PRO KB 273 33.62 -9.45 -89.12
C PRO KB 273 32.50 -10.18 -89.80
N PRO KB 274 31.26 -9.95 -89.38
CA PRO KB 274 30.13 -10.71 -89.90
C PRO KB 274 29.77 -10.26 -91.30
N SER KB 275 28.93 -11.07 -91.94
CA SER KB 275 28.50 -10.80 -93.31
C SER KB 275 27.31 -9.85 -93.32
N ALA KB 276 26.65 -9.75 -94.46
CA ALA KB 276 25.45 -8.94 -94.56
C ALA KB 276 24.32 -9.56 -93.75
N ASN KB 277 23.46 -8.71 -93.22
CA ASN KB 277 22.32 -9.20 -92.45
C ASN KB 277 21.23 -9.75 -93.37
N ASP KB 278 20.59 -10.82 -92.92
CA ASP KB 278 19.70 -11.59 -93.78
C ASP KB 278 18.37 -10.89 -94.04
N LEU KB 279 18.03 -9.87 -93.28
CA LEU KB 279 16.75 -9.19 -93.47
C LEU KB 279 16.68 -8.44 -94.78
N LEU KB 280 17.83 -8.12 -95.36
CA LEU KB 280 17.86 -7.37 -96.61
C LEU KB 280 17.30 -8.15 -97.78
N LEU KB 281 17.25 -9.48 -97.69
CA LEU KB 281 16.61 -10.26 -98.75
C LEU KB 281 15.11 -10.01 -98.77
N HIS KB 282 14.47 -10.06 -97.60
CA HIS KB 282 13.05 -9.74 -97.52
C HIS KB 282 12.79 -8.30 -97.89
N VAL KB 283 13.70 -7.41 -97.51
CA VAL KB 283 13.57 -5.99 -97.87
C VAL KB 283 13.70 -5.82 -99.38
N LEU KB 284 14.59 -6.59 -100.01
CA LEU KB 284 14.75 -6.57 -101.45
C LEU KB 284 13.51 -7.05 -102.15
N GLU KB 285 12.88 -8.08 -101.60
CA GLU KB 285 11.67 -8.58 -102.21
C GLU KB 285 10.45 -7.73 -101.90
N GLY KB 286 10.53 -6.83 -100.93
CA GLY KB 286 9.42 -5.96 -100.62
C GLY KB 286 8.62 -6.38 -99.42
N VAL KB 287 8.90 -7.54 -98.84
CA VAL KB 287 8.30 -7.93 -97.58
C VAL KB 287 8.92 -7.10 -96.48
N PRO KB 288 8.14 -6.32 -95.73
CA PRO KB 288 8.70 -5.62 -94.59
C PRO KB 288 9.00 -6.60 -93.47
N PRO KB 289 10.05 -6.36 -92.70
CA PRO KB 289 10.44 -7.29 -91.64
C PRO KB 289 9.43 -7.27 -90.51
N PRO KB 290 9.34 -8.35 -89.73
CA PRO KB 290 8.35 -8.38 -88.64
C PRO KB 290 8.67 -7.39 -87.54
N GLY KB 291 7.61 -6.84 -86.97
CA GLY KB 291 7.71 -5.89 -85.89
C GLY KB 291 8.00 -4.47 -86.31
N SER KB 292 8.17 -4.22 -87.60
CA SER KB 292 8.64 -2.92 -88.05
C SER KB 292 7.47 -2.02 -88.42
N ARG KB 293 7.75 -0.73 -88.48
CA ARG KB 293 6.76 0.27 -88.83
C ARG KB 293 7.06 0.76 -90.24
N ARG KB 294 6.02 0.80 -91.08
CA ARG KB 294 6.17 1.33 -92.42
C ARG KB 294 6.35 2.84 -92.36
N LEU KB 295 7.04 3.38 -93.35
CA LEU KB 295 7.32 4.82 -93.34
C LEU KB 295 6.56 5.50 -94.46
N VAL KB 296 6.75 6.81 -94.56
CA VAL KB 296 6.18 7.61 -95.63
C VAL KB 296 7.32 8.22 -96.41
N VAL KB 297 7.39 7.90 -97.69
CA VAL KB 297 8.47 8.35 -98.57
C VAL KB 297 7.83 9.18 -99.66
N SER KB 298 8.41 10.36 -99.93
CA SER KB 298 7.87 11.24 -100.96
C SER KB 298 8.97 11.73 -101.88
N GLY KB 299 8.59 12.01 -103.12
CA GLY KB 299 9.43 12.64 -104.09
C GLY KB 299 10.02 11.71 -105.14
N GLY KB 300 10.05 10.41 -104.87
CA GLY KB 300 10.70 9.49 -105.78
C GLY KB 300 10.00 8.15 -105.89
N ASP KB 301 10.78 7.08 -106.02
CA ASP KB 301 10.24 5.73 -106.15
C ASP KB 301 10.99 4.82 -105.19
N ALA KB 302 10.56 4.77 -103.94
CA ALA KB 302 11.20 3.91 -102.96
C ALA KB 302 10.22 3.57 -101.86
N ARG KB 303 10.48 2.45 -101.19
CA ARG KB 303 9.70 2.06 -100.03
C ARG KB 303 10.65 1.90 -98.85
N ALA KB 304 10.12 2.05 -97.65
CA ALA KB 304 11.01 2.09 -96.49
C ALA KB 304 10.31 1.64 -95.22
N TRP KB 305 11.06 0.93 -94.40
CA TRP KB 305 10.59 0.50 -93.09
C TRP KB 305 11.63 0.85 -92.03
N LEU KB 306 11.16 0.93 -90.79
CA LEU KB 306 12.03 1.13 -89.65
C LEU KB 306 11.73 0.05 -88.62
N SER KB 307 12.75 -0.70 -88.21
CA SER KB 307 12.55 -1.81 -87.28
C SER KB 307 13.28 -1.61 -85.96
N ASN KB 308 14.60 -1.46 -85.98
CA ASN KB 308 15.42 -1.49 -84.78
C ASN KB 308 16.40 -0.34 -84.80
N GLU KB 309 15.85 0.85 -85.03
CA GLU KB 309 16.57 2.12 -85.13
C GLU KB 309 17.56 2.12 -86.29
N LYS KB 310 17.24 1.37 -87.34
CA LYS KB 310 17.97 1.41 -88.59
C LYS KB 310 16.96 1.43 -89.72
N MET KB 311 17.17 2.30 -90.71
CA MET KB 311 16.21 2.39 -91.80
C MET KB 311 16.56 1.40 -92.90
N TYR KB 312 15.55 0.72 -93.40
CA TYR KB 312 15.71 -0.20 -94.52
C TYR KB 312 14.95 0.37 -95.70
N VAL KB 313 15.65 0.54 -96.81
CA VAL KB 313 15.08 1.23 -97.97
C VAL KB 313 15.24 0.32 -99.18
N ARG KB 314 14.16 0.19 -99.94
CA ARG KB 314 14.15 -0.52 -101.22
C ARG KB 314 13.91 0.47 -102.34
N THR KB 315 14.79 0.46 -103.33
CA THR KB 315 14.63 1.30 -104.51
C THR KB 315 15.39 0.65 -105.66
N ASN KB 316 15.62 1.41 -106.72
CA ASN KB 316 16.54 1.00 -107.74
C ASN KB 316 17.48 2.12 -108.14
N LEU KB 317 17.38 3.27 -107.51
CA LEU KB 317 18.20 4.42 -107.86
C LEU KB 317 19.47 4.37 -107.01
N THR KB 318 20.25 5.44 -107.00
CA THR KB 318 21.53 5.43 -106.29
C THR KB 318 21.59 6.56 -105.28
N ILE KB 319 21.98 6.24 -104.06
CA ILE KB 319 22.05 7.19 -102.96
C ILE KB 319 23.51 7.46 -102.61
N LEU KB 320 23.77 8.68 -102.17
CA LEU KB 320 25.13 9.10 -101.88
C LEU KB 320 25.33 9.64 -100.48
N SER KB 321 24.39 10.44 -99.98
CA SER KB 321 24.72 11.36 -98.89
C SER KB 321 24.93 10.73 -97.52
N PRO KB 322 23.96 10.12 -96.85
CA PRO KB 322 24.12 9.90 -95.41
C PRO KB 322 24.92 8.66 -95.05
N GLY KB 323 25.42 7.91 -96.02
CA GLY KB 323 26.14 6.69 -95.72
C GLY KB 323 25.23 5.51 -95.56
N TRP KB 324 25.59 4.37 -96.14
CA TRP KB 324 24.83 3.15 -95.94
C TRP KB 324 25.72 2.09 -95.31
N LEU KB 325 25.19 1.46 -94.26
CA LEU KB 325 25.98 0.45 -93.55
C LEU KB 325 26.09 -0.83 -94.36
N ALA KB 326 25.04 -1.20 -95.08
CA ALA KB 326 25.15 -2.36 -95.96
C ALA KB 326 24.24 -2.17 -97.15
N SER KB 327 24.61 -2.80 -98.26
CA SER KB 327 23.78 -2.74 -99.45
C SER KB 327 23.92 -4.02 -100.24
N MET KB 328 22.83 -4.41 -100.90
CA MET KB 328 22.91 -5.50 -101.85
C MET KB 328 21.84 -5.32 -102.92
N THR KB 329 22.06 -5.99 -104.05
CA THR KB 329 21.29 -5.75 -105.25
C THR KB 329 20.71 -7.06 -105.76
N SER KB 330 19.59 -6.93 -106.46
CA SER KB 330 18.85 -8.05 -107.02
C SER KB 330 19.55 -8.57 -108.27
N ALA KB 331 19.01 -9.66 -108.83
CA ALA KB 331 19.52 -10.15 -110.09
C ALA KB 331 19.15 -9.22 -111.24
N ASP KB 332 17.97 -8.60 -111.16
CA ASP KB 332 17.50 -7.71 -112.21
C ASP KB 332 17.78 -6.25 -111.92
N GLY KB 333 18.47 -5.94 -110.83
CA GLY KB 333 18.93 -4.58 -110.64
C GLY KB 333 18.05 -3.75 -109.72
N THR KB 334 17.72 -4.30 -108.57
CA THR KB 334 16.96 -3.58 -107.55
C THR KB 334 17.80 -3.48 -106.30
N HIS KB 335 17.99 -2.27 -105.80
CA HIS KB 335 18.97 -2.02 -104.74
C HIS KB 335 18.27 -1.93 -103.40
N ALA KB 336 18.95 -2.43 -102.36
CA ALA KB 336 18.40 -2.44 -101.02
C ALA KB 336 19.48 -2.02 -100.04
N TYR KB 337 19.12 -1.12 -99.13
CA TYR KB 337 20.07 -0.47 -98.26
C TYR KB 337 19.65 -0.57 -96.81
N GLU KB 338 20.60 -0.94 -95.96
CA GLU KB 338 20.48 -0.80 -94.52
C GLU KB 338 21.34 0.38 -94.09
N MET KB 339 20.70 1.38 -93.48
CA MET KB 339 21.37 2.65 -93.20
C MET KB 339 21.02 3.17 -91.82
N GLN KB 340 21.86 4.08 -91.36
CA GLN KB 340 21.52 4.99 -90.29
C GLN KB 340 20.33 5.84 -90.69
N LYS KB 341 19.48 6.16 -89.72
CA LYS KB 341 18.26 6.91 -90.02
C LYS KB 341 18.58 8.36 -90.36
N SER KB 342 17.66 8.98 -91.08
CA SER KB 342 17.79 10.35 -91.55
C SER KB 342 16.42 10.83 -91.98
N PRO KB 343 16.14 12.14 -91.86
CA PRO KB 343 14.92 12.67 -92.48
C PRO KB 343 15.06 12.90 -93.97
N VAL KB 344 16.27 13.01 -94.50
CA VAL KB 344 16.45 13.45 -95.87
C VAL KB 344 17.35 12.46 -96.60
N LEU KB 345 17.21 12.42 -97.92
CA LEU KB 345 18.00 11.56 -98.76
C LEU KB 345 18.34 12.33 -100.02
N LEU KB 346 19.33 11.83 -100.76
CA LEU KB 346 19.74 12.49 -101.99
C LEU KB 346 20.10 11.43 -103.02
N VAL KB 347 19.60 11.59 -104.23
CA VAL KB 347 19.77 10.61 -105.29
C VAL KB 347 20.29 11.27 -106.54
N SER KB 348 20.89 10.46 -107.41
CA SER KB 348 21.24 10.86 -108.76
C SER KB 348 20.48 9.98 -109.73
N TRP KB 349 19.63 10.60 -110.54
CA TRP KB 349 18.68 9.84 -111.33
C TRP KB 349 19.27 9.38 -112.65
N HIS KB 350 19.62 10.33 -113.51
CA HIS KB 350 20.29 10.01 -114.76
C HIS KB 350 21.41 11.01 -114.98
N GLY KB 351 22.23 11.21 -113.96
CA GLY KB 351 23.23 12.24 -113.96
C GLY KB 351 22.75 13.55 -113.41
N LYS KB 352 21.46 13.67 -113.09
CA LYS KB 352 20.88 14.85 -112.48
C LYS KB 352 20.49 14.51 -111.05
N VAL KB 353 20.77 15.42 -110.12
CA VAL KB 353 20.69 15.15 -108.70
C VAL KB 353 19.38 15.68 -108.15
N MET KB 354 18.70 14.87 -107.34
CA MET KB 354 17.48 15.28 -106.66
C MET KB 354 17.59 14.94 -105.18
N GLN KB 355 16.59 15.40 -104.42
CA GLN KB 355 16.51 15.14 -103.00
C GLN KB 355 15.18 14.49 -102.66
N LEU KB 356 15.19 13.71 -101.58
CA LEU KB 356 14.05 12.92 -101.15
C LEU KB 356 13.69 13.27 -99.72
N LYS KB 357 12.40 13.49 -99.47
CA LYS KB 357 11.88 13.72 -98.14
C LYS KB 357 11.30 12.43 -97.59
N VAL KB 358 11.71 12.07 -96.38
CA VAL KB 358 11.11 10.96 -95.65
C VAL KB 358 10.69 11.50 -94.29
N GLU KB 359 9.42 11.31 -93.97
CA GLU KB 359 8.88 11.75 -92.70
C GLU KB 359 8.28 10.57 -91.96
N GLY KB 360 7.94 10.80 -90.70
CA GLY KB 360 7.39 9.77 -89.87
C GLY KB 360 8.38 9.04 -89.00
N LEU KB 361 9.60 9.53 -88.87
CA LEU KB 361 10.57 8.96 -87.96
C LEU KB 361 10.22 9.28 -86.51
N VAL LB 38 -29.32 -13.13 -94.15
CA VAL LB 38 -30.47 -13.66 -94.91
C VAL LB 38 -30.70 -12.95 -96.27
N PRO LB 39 -30.71 -11.61 -96.37
CA PRO LB 39 -30.73 -11.00 -97.72
C PRO LB 39 -29.42 -11.15 -98.44
N LYS LB 40 -28.35 -11.50 -97.72
CA LYS LB 40 -27.08 -11.84 -98.36
C LYS LB 40 -27.21 -13.11 -99.18
N LEU LB 41 -28.06 -14.03 -98.78
CA LEU LB 41 -28.28 -15.24 -99.55
C LEU LB 41 -29.13 -14.92 -100.76
N PRO LB 42 -28.68 -15.22 -101.97
CA PRO LB 42 -29.50 -14.96 -103.16
C PRO LB 42 -30.65 -15.95 -103.23
N CYS LB 43 -31.88 -15.42 -103.15
CA CYS LB 43 -33.07 -16.26 -103.08
C CYS LB 43 -33.37 -16.96 -104.40
N ARG LB 44 -32.87 -16.43 -105.51
CA ARG LB 44 -33.07 -17.01 -106.83
C ARG LB 44 -31.79 -16.84 -107.62
N VAL LB 45 -31.63 -17.66 -108.65
CA VAL LB 45 -30.46 -17.51 -109.52
C VAL LB 45 -30.62 -16.25 -110.35
N ASP LB 46 -29.57 -15.45 -110.42
CA ASP LB 46 -29.62 -14.13 -111.04
C ASP LB 46 -29.84 -14.24 -112.54
N GLY LB 47 -30.49 -13.22 -113.09
CA GLY LB 47 -30.79 -13.16 -114.50
C GLY LB 47 -31.81 -14.17 -114.96
N ALA LB 48 -32.60 -14.72 -114.05
CA ALA LB 48 -33.50 -15.80 -114.37
C ALA LB 48 -34.92 -15.45 -113.97
N CYS LB 49 -35.86 -15.68 -114.89
CA CYS LB 49 -37.27 -15.51 -114.62
C CYS LB 49 -38.03 -16.42 -115.57
N ASP LB 50 -38.84 -17.29 -114.99
CA ASP LB 50 -39.53 -18.30 -115.77
C ASP LB 50 -40.58 -17.70 -116.69
N ALA LB 51 -41.09 -16.51 -116.34
CA ALA LB 51 -41.96 -15.77 -117.25
C ALA LB 51 -41.22 -15.41 -118.54
N THR LB 52 -39.97 -14.95 -118.40
CA THR LB 52 -39.15 -14.69 -119.57
C THR LB 52 -38.86 -15.98 -120.33
N ILE LB 53 -38.69 -17.08 -119.59
CA ILE LB 53 -38.43 -18.38 -120.23
C ILE LB 53 -39.58 -18.78 -121.14
N ILE LB 54 -40.80 -18.72 -120.60
CA ILE LB 54 -41.99 -19.09 -121.36
C ILE LB 54 -42.21 -18.13 -122.52
N LYS LB 55 -41.99 -16.82 -122.28
CA LYS LB 55 -42.22 -15.82 -123.31
C LYS LB 55 -41.28 -16.01 -124.49
N MET LB 56 -39.99 -16.18 -124.21
CA MET LB 56 -39.06 -16.32 -125.32
C MET LB 56 -39.18 -17.69 -125.98
N MET LB 57 -39.66 -18.70 -125.24
CA MET LB 57 -39.91 -19.98 -125.90
C MET LB 57 -41.05 -19.88 -126.89
N THR LB 58 -42.13 -19.20 -126.50
CA THR LB 58 -43.26 -19.01 -127.39
C THR LB 58 -42.86 -18.14 -128.59
N ASP LB 59 -42.02 -17.13 -128.35
CA ASP LB 59 -41.58 -16.28 -129.44
C ASP LB 59 -40.69 -17.06 -130.42
N LEU LB 60 -39.84 -17.94 -129.90
CA LEU LB 60 -38.97 -18.72 -130.78
C LEU LB 60 -39.77 -19.72 -131.59
N ASN LB 61 -40.80 -20.32 -130.98
CA ASN LB 61 -41.66 -21.22 -131.73
C ASN LB 61 -42.44 -20.49 -132.80
N LYS LB 62 -42.90 -19.28 -132.50
CA LYS LB 62 -43.63 -18.50 -133.49
C LYS LB 62 -42.72 -18.01 -134.60
N LYS LB 63 -41.45 -17.76 -134.29
CA LYS LB 63 -40.49 -17.47 -135.35
C LYS LB 63 -40.18 -18.69 -136.18
N GLY LB 64 -40.32 -19.88 -135.61
CA GLY LB 64 -40.14 -21.10 -136.36
C GLY LB 64 -38.91 -21.89 -135.97
N ILE LB 65 -38.15 -21.43 -134.98
CA ILE LB 65 -37.05 -22.20 -134.47
C ILE LB 65 -37.59 -23.31 -133.58
N LYS LB 66 -37.20 -24.54 -133.87
CA LYS LB 66 -37.83 -25.69 -133.22
C LYS LB 66 -37.30 -25.82 -131.81
N VAL LB 67 -38.11 -25.44 -130.82
CA VAL LB 67 -37.78 -25.63 -129.42
C VAL LB 67 -38.55 -26.85 -128.94
N ALA LB 68 -37.85 -27.77 -128.28
CA ALA LB 68 -38.55 -28.88 -127.67
C ALA LB 68 -37.79 -29.30 -126.42
N SER LB 69 -38.53 -29.86 -125.48
CA SER LB 69 -37.90 -30.42 -124.30
C SER LB 69 -38.75 -31.56 -123.79
N VAL LB 70 -38.12 -32.71 -123.61
CA VAL LB 70 -38.75 -33.85 -122.98
C VAL LB 70 -37.86 -34.25 -121.81
N GLY LB 71 -38.44 -34.31 -120.62
CA GLY LB 71 -37.67 -34.68 -119.45
C GLY LB 71 -36.72 -33.56 -119.07
N GLN LB 72 -35.47 -33.93 -118.82
CA GLN LB 72 -34.46 -33.00 -118.36
C GLN LB 72 -33.49 -32.65 -119.48
N ASN LB 73 -33.90 -32.84 -120.72
CA ASN LB 73 -33.04 -32.61 -121.87
C ASN LB 73 -33.74 -31.67 -122.82
N TYR LB 74 -32.97 -30.76 -123.40
CA TYR LB 74 -33.52 -29.69 -124.22
C TYR LB 74 -32.85 -29.72 -125.58
N LEU LB 75 -33.66 -29.59 -126.64
CA LEU LB 75 -33.19 -29.59 -128.01
C LEU LB 75 -33.78 -28.42 -128.77
N ILE LB 76 -32.91 -27.63 -129.40
CA ILE LB 76 -33.35 -26.53 -130.24
C ILE LB 76 -32.72 -26.68 -131.62
N SER LB 77 -33.55 -26.60 -132.65
CA SER LB 77 -33.16 -26.90 -134.01
C SER LB 77 -33.38 -25.68 -134.91
N ILE LB 78 -32.38 -25.37 -135.73
CA ILE LB 78 -32.40 -24.19 -136.58
C ILE LB 78 -32.16 -24.58 -138.03
N PRO LB 79 -33.02 -24.15 -138.96
CA PRO LB 79 -32.77 -24.41 -140.37
C PRO LB 79 -31.59 -23.61 -140.90
N ALA LB 80 -30.96 -24.14 -141.95
CA ALA LB 80 -29.74 -23.55 -142.46
C ALA LB 80 -30.00 -22.25 -143.22
N SER LB 81 -31.21 -22.08 -143.78
CA SER LB 81 -31.47 -20.98 -144.69
C SER LB 81 -31.51 -19.65 -143.97
N ALA LB 82 -31.87 -19.64 -142.70
CA ALA LB 82 -31.84 -18.41 -141.93
C ALA LB 82 -30.48 -18.12 -141.32
N LEU LB 83 -29.50 -19.00 -141.55
CA LEU LB 83 -28.19 -18.81 -140.94
C LEU LB 83 -27.10 -18.57 -141.98
N PHE LB 84 -26.97 -19.43 -142.96
CA PHE LB 84 -25.86 -19.37 -143.89
C PHE LB 84 -26.37 -19.01 -145.28
N ALA LB 85 -25.42 -18.69 -146.14
CA ALA LB 85 -25.72 -18.46 -147.54
C ALA LB 85 -25.75 -19.79 -148.28
N ASP LB 86 -25.58 -19.75 -149.59
CA ASP LB 86 -25.82 -20.92 -150.42
C ASP LB 86 -24.72 -21.98 -150.25
N GLN LB 87 -24.97 -22.93 -149.35
CA GLN LB 87 -24.01 -23.96 -148.95
C GLN LB 87 -22.70 -23.34 -148.51
N SER LB 88 -22.80 -22.36 -147.75
CA SER LB 88 -21.71 -21.48 -147.41
C SER LB 88 -21.17 -21.81 -146.03
N PRO LB 89 -19.86 -21.75 -145.88
CA PRO LB 89 -19.26 -21.59 -144.55
C PRO LB 89 -19.09 -20.12 -144.20
N ARG LB 90 -20.13 -19.33 -144.44
CA ARG LB 90 -20.08 -17.91 -144.18
C ARG LB 90 -21.39 -17.48 -143.55
N LEU LB 91 -21.32 -16.42 -142.76
CA LEU LB 91 -22.43 -15.97 -141.94
C LEU LB 91 -23.19 -14.84 -142.64
N ASN LB 92 -24.50 -15.00 -142.73
CA ASN LB 92 -25.35 -13.88 -143.12
C ASN LB 92 -25.35 -12.84 -142.02
N TRP LB 93 -25.46 -11.58 -142.42
CA TRP LB 93 -25.23 -10.50 -141.48
C TRP LB 93 -26.37 -10.33 -140.50
N ALA LB 94 -27.60 -10.46 -140.95
CA ALA LB 94 -28.75 -10.24 -140.07
C ALA LB 94 -28.96 -11.38 -139.07
N SER LB 95 -28.32 -12.52 -139.27
CA SER LB 95 -28.53 -13.67 -138.40
C SER LB 95 -27.88 -13.51 -137.04
N TYR LB 96 -27.04 -12.48 -136.86
CA TYR LB 96 -26.43 -12.24 -135.57
C TYR LB 96 -27.45 -11.85 -134.51
N SER LB 97 -28.58 -11.27 -134.92
CA SER LB 97 -29.64 -11.00 -133.96
C SER LB 97 -30.27 -12.30 -133.44
N LEU LB 98 -30.49 -13.25 -134.34
CA LEU LB 98 -31.01 -14.55 -133.94
C LEU LB 98 -30.01 -15.28 -133.06
N LEU LB 99 -28.72 -15.17 -133.40
CA LEU LB 99 -27.68 -15.73 -132.57
C LEU LB 99 -27.65 -15.07 -131.20
N ASN LB 100 -27.91 -13.77 -131.15
CA ASN LB 100 -27.88 -13.04 -129.89
C ASN LB 100 -29.02 -13.45 -128.98
N GLU LB 101 -30.23 -13.59 -129.52
CA GLU LB 101 -31.32 -14.01 -128.66
C GLU LB 101 -31.23 -15.49 -128.31
N ILE LB 102 -30.59 -16.28 -129.16
CA ILE LB 102 -30.32 -17.67 -128.80
C ILE LB 102 -29.33 -17.72 -127.64
N ALA LB 103 -28.35 -16.82 -127.64
CA ALA LB 103 -27.42 -16.78 -126.51
C ALA LB 103 -28.08 -16.23 -125.26
N ALA LB 104 -29.06 -15.34 -125.42
CA ALA LB 104 -29.81 -14.84 -124.28
C ALA LB 104 -30.63 -15.95 -123.65
N PHE LB 105 -31.19 -16.82 -124.47
CA PHE LB 105 -31.82 -18.03 -123.96
C PHE LB 105 -30.79 -18.94 -123.30
N LEU LB 106 -29.60 -19.02 -123.90
CA LEU LB 106 -28.62 -20.01 -123.48
C LEU LB 106 -28.00 -19.67 -122.13
N LYS LB 107 -27.86 -18.39 -121.82
CA LYS LB 107 -27.37 -18.02 -120.50
C LYS LB 107 -28.41 -18.17 -119.41
N GLN LB 108 -29.67 -18.41 -119.77
CA GLN LB 108 -30.73 -18.53 -118.80
C GLN LB 108 -30.81 -19.88 -118.14
N PHE LB 109 -29.90 -20.80 -118.45
CA PHE LB 109 -29.85 -22.10 -117.80
C PHE LB 109 -28.45 -22.40 -117.33
N ARG LB 110 -28.36 -23.28 -116.35
CA ARG LB 110 -27.10 -23.70 -115.77
C ARG LB 110 -26.83 -25.12 -116.25
N LYS LB 111 -25.70 -25.31 -116.91
CA LYS LB 111 -25.42 -26.49 -117.72
C LYS LB 111 -24.19 -27.21 -117.18
N ILE LB 112 -23.73 -28.19 -117.96
CA ILE LB 112 -22.34 -28.63 -117.84
C ILE LB 112 -21.72 -28.69 -119.23
N ALA LB 113 -22.40 -29.37 -120.15
CA ALA LB 113 -21.91 -29.61 -121.49
C ALA LB 113 -22.98 -29.30 -122.51
N ILE LB 114 -22.55 -28.82 -123.68
CA ILE LB 114 -23.44 -28.53 -124.80
C ILE LB 114 -22.96 -29.35 -125.99
N THR LB 115 -23.89 -29.91 -126.74
CA THR LB 115 -23.56 -30.59 -127.98
C THR LB 115 -24.13 -29.81 -129.16
N VAL LB 116 -23.27 -29.53 -130.14
CA VAL LB 116 -23.63 -28.82 -131.36
C VAL LB 116 -23.47 -29.81 -132.51
N THR LB 117 -24.53 -29.99 -133.28
CA THR LB 117 -24.52 -30.98 -134.33
C THR LB 117 -24.98 -30.33 -135.63
N SER LB 118 -24.30 -30.67 -136.73
CA SER LB 118 -24.58 -30.05 -138.01
C SER LB 118 -24.96 -31.08 -139.05
N TYR LB 119 -25.99 -30.77 -139.85
CA TYR LB 119 -26.52 -31.66 -140.88
C TYR LB 119 -26.68 -30.87 -142.16
N SER LB 120 -26.18 -31.43 -143.27
CA SER LB 120 -26.16 -30.74 -144.56
C SER LB 120 -27.11 -31.41 -145.53
N SER LB 121 -27.12 -30.90 -146.75
CA SER LB 121 -27.78 -31.55 -147.86
C SER LB 121 -26.77 -32.40 -148.63
N LYS LB 122 -27.23 -33.02 -149.71
CA LYS LB 122 -26.40 -33.87 -150.56
C LYS LB 122 -26.02 -33.07 -151.79
N TYR LB 123 -24.75 -32.67 -151.88
CA TYR LB 123 -24.34 -31.75 -152.94
C TYR LB 123 -23.33 -32.34 -153.90
N VAL LB 124 -22.15 -32.76 -153.44
CA VAL LB 124 -21.10 -33.15 -154.35
C VAL LB 124 -20.57 -34.54 -154.00
N SER LB 125 -20.24 -34.76 -152.74
CA SER LB 125 -19.41 -35.88 -152.34
C SER LB 125 -19.86 -36.30 -150.96
N VAL LB 126 -18.98 -36.96 -150.23
CA VAL LB 126 -19.11 -37.06 -148.79
C VAL LB 126 -18.24 -36.01 -148.09
N LYS LB 127 -17.06 -35.76 -148.67
CA LYS LB 127 -16.01 -35.07 -147.95
C LYS LB 127 -16.29 -33.59 -147.81
N ARG LB 128 -16.75 -32.96 -148.89
CA ARG LB 128 -17.07 -31.54 -148.86
C ARG LB 128 -18.21 -31.26 -147.91
N GLU LB 129 -19.17 -32.18 -147.86
CA GLU LB 129 -20.32 -32.04 -146.98
C GLU LB 129 -19.92 -32.18 -145.53
N ARG LB 130 -19.06 -33.16 -145.23
CA ARG LB 130 -18.58 -33.35 -143.87
C ARG LB 130 -17.77 -32.15 -143.41
N ALA LB 131 -16.89 -31.65 -144.29
CA ALA LB 131 -16.07 -30.50 -143.94
C ALA LB 131 -16.92 -29.25 -143.76
N LEU LB 132 -17.93 -29.07 -144.61
CA LEU LB 132 -18.78 -27.90 -144.52
C LEU LB 132 -19.59 -27.89 -143.22
N THR LB 133 -20.12 -29.05 -142.83
CA THR LB 133 -20.82 -29.16 -141.55
C THR LB 133 -19.88 -28.87 -140.39
N LEU LB 134 -18.64 -29.39 -140.47
CA LEU LB 134 -17.67 -29.17 -139.40
C LEU LB 134 -17.32 -27.69 -139.27
N ALA LB 135 -17.16 -27.01 -140.40
CA ALA LB 135 -16.82 -25.59 -140.37
C ALA LB 135 -17.96 -24.76 -139.80
N ARG LB 136 -19.19 -25.08 -140.21
CA ARG LB 136 -20.36 -24.35 -139.71
C ARG LB 136 -20.50 -24.53 -138.21
N SER LB 137 -20.32 -25.76 -137.74
CA SER LB 137 -20.40 -26.04 -136.31
C SER LB 137 -19.32 -25.32 -135.53
N ARG LB 138 -18.09 -25.28 -136.09
CA ARG LB 138 -17.00 -24.59 -135.43
C ARG LB 138 -17.26 -23.10 -135.31
N VAL LB 139 -17.81 -22.50 -136.37
CA VAL LB 139 -18.08 -21.06 -136.38
C VAL LB 139 -19.13 -20.71 -135.33
N VAL LB 140 -20.24 -21.46 -135.32
CA VAL LB 140 -21.30 -21.11 -134.41
C VAL LB 140 -20.89 -21.40 -132.97
N SER LB 141 -20.07 -22.44 -132.76
CA SER LB 141 -19.56 -22.73 -131.43
C SER LB 141 -18.65 -21.63 -130.93
N GLU LB 142 -17.79 -21.11 -131.82
CA GLU LB 142 -16.84 -20.10 -131.38
C GLU LB 142 -17.53 -18.80 -131.03
N TYR LB 143 -18.50 -18.37 -131.85
CA TYR LB 143 -19.19 -17.13 -131.51
C TYR LB 143 -20.06 -17.30 -130.27
N LEU LB 144 -20.69 -18.47 -130.11
CA LEU LB 144 -21.47 -18.72 -128.91
C LEU LB 144 -20.59 -18.73 -127.67
N TRP LB 145 -19.40 -19.31 -127.77
CA TRP LB 145 -18.46 -19.32 -126.65
C TRP LB 145 -18.01 -17.93 -126.28
N SER LB 146 -17.76 -17.09 -127.28
CA SER LB 146 -17.41 -15.70 -126.99
C SER LB 146 -18.58 -14.94 -126.39
N GLN LB 147 -19.80 -15.34 -126.72
CA GLN LB 147 -20.92 -14.75 -126.03
C GLN LB 147 -21.01 -15.28 -124.60
N GLY LB 148 -21.85 -14.62 -123.81
CA GLY LB 148 -21.89 -14.87 -122.39
C GLY LB 148 -22.67 -16.08 -121.95
N VAL LB 149 -22.10 -17.26 -122.12
CA VAL LB 149 -22.68 -18.49 -121.57
C VAL LB 149 -21.64 -19.11 -120.64
N ASP LB 150 -22.06 -19.44 -119.42
CA ASP LB 150 -21.16 -20.06 -118.47
C ASP LB 150 -21.05 -21.56 -118.68
N SER LB 151 -20.77 -21.97 -119.90
CA SER LB 151 -20.56 -23.36 -120.18
C SER LB 151 -19.25 -23.83 -119.58
N ARG LB 152 -19.14 -25.14 -119.45
CA ARG LB 152 -17.88 -25.77 -119.09
C ARG LB 152 -17.34 -26.59 -120.24
N ILE LB 153 -18.23 -27.23 -120.99
CA ILE LB 153 -17.83 -28.10 -122.10
C ILE LB 153 -18.66 -27.73 -123.32
N ILE LB 154 -17.97 -27.47 -124.44
CA ILE LB 154 -18.61 -27.24 -125.73
C ILE LB 154 -18.12 -28.30 -126.68
N PHE LB 155 -19.05 -29.06 -127.25
CA PHE LB 155 -18.75 -30.09 -128.25
C PHE LB 155 -19.35 -29.66 -129.58
N THR LB 156 -18.56 -29.78 -130.65
CA THR LB 156 -19.05 -29.46 -131.98
C THR LB 156 -18.71 -30.59 -132.93
N GLN LB 157 -19.71 -31.03 -133.69
CA GLN LB 157 -19.53 -32.09 -134.67
C GLN LB 157 -20.54 -31.95 -135.80
N GLY LB 158 -20.15 -32.45 -136.96
CA GLY LB 158 -21.00 -32.36 -138.14
C GLY LB 158 -20.97 -33.66 -138.91
N LEU LB 159 -22.11 -33.99 -139.50
CA LEU LB 159 -22.26 -35.28 -140.18
C LEU LB 159 -22.72 -35.18 -141.61
N GLY LB 160 -23.08 -34.00 -142.09
CA GLY LB 160 -23.46 -33.86 -143.48
C GLY LB 160 -24.84 -34.41 -143.78
N SER LB 161 -24.87 -35.54 -144.47
CA SER LB 161 -26.11 -36.14 -144.93
C SER LB 161 -26.15 -37.61 -144.55
N ASP LB 162 -25.85 -37.90 -143.29
CA ASP LB 162 -25.75 -39.29 -142.86
C ASP LB 162 -26.97 -39.77 -142.10
N LYS LB 163 -27.66 -38.90 -141.38
CA LYS LB 163 -28.86 -39.28 -140.64
C LYS LB 163 -29.98 -38.28 -140.96
N PRO LB 164 -30.62 -38.42 -142.12
CA PRO LB 164 -31.65 -37.45 -142.50
C PRO LB 164 -32.92 -37.64 -141.70
N ILE LB 165 -33.83 -36.70 -141.87
CA ILE LB 165 -35.04 -36.62 -141.06
C ILE LB 165 -36.32 -36.70 -141.87
N THR LB 166 -36.26 -36.59 -143.19
CA THR LB 166 -37.44 -36.72 -144.01
C THR LB 166 -37.12 -37.51 -145.27
N SER LB 167 -38.14 -38.18 -145.80
CA SER LB 167 -37.97 -38.87 -147.07
C SER LB 167 -37.97 -37.90 -148.24
N TYR LB 168 -38.66 -36.78 -148.10
CA TYR LB 168 -38.77 -35.81 -149.19
C TYR LB 168 -37.50 -34.97 -149.24
N THR LB 169 -36.67 -35.23 -150.25
CA THR LB 169 -35.34 -34.63 -150.31
C THR LB 169 -35.14 -33.77 -151.54
N LEU LB 170 -36.08 -32.89 -151.85
CA LEU LB 170 -35.97 -32.14 -153.10
C LEU LB 170 -35.36 -30.77 -152.93
N GLY LB 171 -35.47 -30.16 -151.75
CA GLY LB 171 -34.91 -28.84 -151.56
C GLY LB 171 -33.40 -28.86 -151.47
N GLY LB 172 -32.81 -27.68 -151.65
CA GLY LB 172 -31.38 -27.55 -151.52
C GLY LB 172 -31.02 -27.16 -150.12
N ASP LB 173 -30.56 -25.92 -149.94
CA ASP LB 173 -30.42 -25.39 -148.59
C ASP LB 173 -31.75 -25.04 -147.96
N ARG LB 174 -32.80 -24.89 -148.76
CA ARG LB 174 -34.13 -24.67 -148.22
C ARG LB 174 -34.79 -25.95 -147.74
N SER LB 175 -34.17 -27.10 -147.98
CA SER LB 175 -34.72 -28.37 -147.52
C SER LB 175 -34.69 -28.43 -146.00
N PRO LB 176 -35.70 -29.03 -145.37
CA PRO LB 176 -35.76 -29.05 -143.91
C PRO LB 176 -34.71 -29.94 -143.27
N ASN LB 177 -34.11 -30.86 -144.00
CA ASN LB 177 -33.11 -31.71 -143.38
C ASN LB 177 -31.80 -30.97 -143.13
N ALA LB 178 -31.52 -29.92 -143.90
CA ALA LB 178 -30.31 -29.14 -143.70
C ALA LB 178 -30.50 -28.23 -142.50
N ARG LB 179 -29.77 -28.49 -141.43
CA ARG LB 179 -30.10 -27.89 -140.15
C ARG LB 179 -28.91 -27.97 -139.22
N VAL LB 180 -29.04 -27.27 -138.09
CA VAL LB 180 -28.09 -27.41 -136.99
C VAL LB 180 -28.88 -27.52 -135.69
N GLU LB 181 -28.49 -28.47 -134.86
CA GLU LB 181 -29.19 -28.76 -133.62
C GLU LB 181 -28.27 -28.48 -132.44
N ILE LB 182 -28.86 -27.89 -131.41
CA ILE LB 182 -28.23 -27.69 -130.13
C ILE LB 182 -28.93 -28.59 -129.12
N THR LB 183 -28.16 -29.36 -128.37
CA THR LB 183 -28.71 -30.23 -127.36
C THR LB 183 -27.97 -30.05 -126.05
N PHE LB 184 -28.70 -30.15 -124.94
CA PHE LB 184 -28.05 -30.26 -123.64
C PHE LB 184 -28.98 -30.93 -122.67
N ARG LB 185 -28.47 -31.18 -121.46
CA ARG LB 185 -29.26 -31.64 -120.34
C ARG LB 185 -29.16 -30.63 -119.22
N ARG LB 186 -30.29 -30.16 -118.74
CA ARG LB 186 -30.31 -29.24 -117.62
C ARG LB 186 -29.90 -29.97 -116.36
N ALA LB 187 -28.99 -29.37 -115.60
CA ALA LB 187 -28.50 -29.96 -114.36
C ALA LB 187 -28.88 -29.03 -113.22
N VAL LB 188 -29.87 -29.44 -112.43
CA VAL LB 188 -30.31 -28.79 -111.20
C VAL LB 188 -30.73 -27.35 -111.41
N CYS MB 42 -28.47 -0.22 -151.27
CA CYS MB 42 -28.17 0.16 -149.90
C CYS MB 42 -26.68 0.00 -149.62
N PHE MB 43 -26.35 -0.83 -148.63
CA PHE MB 43 -24.98 -1.08 -148.24
C PHE MB 43 -24.89 -2.42 -147.53
N HIS MB 44 -23.77 -3.09 -147.68
CA HIS MB 44 -23.55 -4.36 -147.00
C HIS MB 44 -22.46 -4.22 -145.95
N PRO MB 45 -22.79 -4.40 -144.68
CA PRO MB 45 -21.81 -4.20 -143.58
C PRO MB 45 -20.60 -5.13 -143.66
N PRO MB 46 -20.72 -6.41 -144.12
CA PRO MB 46 -19.42 -7.08 -144.27
C PRO MB 46 -18.71 -6.77 -145.59
N TYR MB 47 -18.08 -5.59 -145.61
CA TYR MB 47 -17.14 -5.12 -146.63
C TYR MB 47 -17.74 -5.08 -148.03
N ASN MB 48 -19.07 -4.95 -148.11
CA ASN MB 48 -19.82 -4.77 -149.36
C ASN MB 48 -19.60 -5.88 -150.36
N ASN MB 49 -19.23 -7.07 -149.87
CA ASN MB 49 -18.87 -8.24 -150.67
C ASN MB 49 -17.76 -7.94 -151.67
N PHE MB 50 -16.88 -7.02 -151.27
CA PHE MB 50 -15.80 -6.48 -152.09
C PHE MB 50 -16.31 -5.90 -153.40
N GLN MB 51 -17.48 -5.30 -153.37
CA GLN MB 51 -17.88 -4.55 -154.54
C GLN MB 51 -17.17 -3.21 -154.54
N PRO MB 52 -16.89 -2.65 -155.72
CA PRO MB 52 -16.34 -1.28 -155.78
C PRO MB 52 -17.36 -0.28 -155.27
N ASP MB 53 -16.96 0.51 -154.28
CA ASP MB 53 -17.90 1.31 -153.52
C ASP MB 53 -18.36 2.53 -154.32
N ARG MB 54 -19.65 2.75 -154.34
CA ARG MB 54 -20.25 4.02 -154.71
C ARG MB 54 -21.02 4.51 -153.49
N ARG MB 55 -20.49 5.53 -152.82
CA ARG MB 55 -21.09 6.02 -151.58
C ARG MB 55 -22.00 7.21 -151.78
N ALA MB 56 -21.73 8.05 -152.77
CA ALA MB 56 -22.46 9.29 -152.94
C ALA MB 56 -23.74 9.15 -153.74
N VAL MB 57 -24.01 7.97 -154.30
CA VAL MB 57 -25.23 7.77 -155.08
C VAL MB 57 -26.47 7.87 -154.19
N LYS MB 58 -26.41 7.26 -153.01
CA LYS MB 58 -27.51 7.36 -152.06
C LYS MB 58 -27.70 8.78 -151.58
N ARG MB 59 -26.59 9.51 -151.41
CA ARG MB 59 -26.65 10.90 -150.98
C ARG MB 59 -27.31 11.77 -152.05
N VAL MB 60 -26.90 11.61 -153.31
CA VAL MB 60 -27.48 12.46 -154.36
C VAL MB 60 -28.92 12.06 -154.64
N GLY MB 61 -29.27 10.78 -154.48
CA GLY MB 61 -30.66 10.39 -154.62
C GLY MB 61 -31.55 10.96 -153.54
N VAL MB 62 -31.10 10.88 -152.29
CA VAL MB 62 -31.92 11.40 -151.19
C VAL MB 62 -31.90 12.92 -151.15
N ASP MB 63 -30.93 13.57 -151.80
CA ASP MB 63 -30.94 15.02 -151.89
C ASP MB 63 -31.74 15.53 -153.08
N THR MB 64 -31.85 14.75 -154.15
CA THR MB 64 -32.85 15.04 -155.16
C THR MB 64 -34.26 14.84 -154.61
N GLY MB 65 -34.43 13.83 -153.75
CA GLY MB 65 -35.71 13.62 -153.12
C GLY MB 65 -36.12 14.70 -152.13
N GLY MB 88 -31.78 19.03 -153.56
CA GLY MB 88 -31.52 19.19 -154.97
C GLY MB 88 -30.26 18.46 -155.41
N GLY MB 89 -30.16 18.24 -156.73
CA GLY MB 89 -29.02 17.52 -157.27
C GLY MB 89 -27.72 18.28 -157.12
N THR MB 90 -27.75 19.60 -157.31
CA THR MB 90 -26.53 20.41 -157.25
C THR MB 90 -25.99 20.50 -155.83
N VAL MB 91 -26.86 20.80 -154.86
CA VAL MB 91 -26.46 20.87 -153.46
C VAL MB 91 -26.04 19.48 -152.97
N GLY MB 92 -26.73 18.44 -153.45
CA GLY MB 92 -26.34 17.08 -153.10
C GLY MB 92 -24.97 16.70 -153.63
N LEU MB 93 -24.65 17.11 -154.86
CA LEU MB 93 -23.35 16.74 -155.42
C LEU MB 93 -22.22 17.54 -154.79
N VAL MB 94 -22.46 18.82 -154.47
CA VAL MB 94 -21.38 19.59 -153.86
C VAL MB 94 -21.17 19.15 -152.41
N ALA MB 95 -22.24 18.73 -151.72
CA ALA MB 95 -22.06 18.14 -150.40
C ALA MB 95 -21.37 16.78 -150.49
N SER MB 96 -21.65 16.03 -151.56
CA SER MB 96 -21.01 14.74 -151.77
C SER MB 96 -19.52 14.89 -152.00
N ILE MB 97 -19.11 15.88 -152.81
CA ILE MB 97 -17.69 16.07 -153.03
C ILE MB 97 -17.03 16.76 -151.84
N TYR MB 98 -17.79 17.48 -151.02
CA TYR MB 98 -17.23 17.97 -149.77
C TYR MB 98 -16.96 16.82 -148.81
N ARG MB 99 -17.89 15.88 -148.70
CA ARG MB 99 -17.71 14.73 -147.85
C ARG MB 99 -16.77 13.69 -148.45
N ASP MB 100 -16.46 13.79 -149.73
CA ASP MB 100 -15.48 12.91 -150.37
C ASP MB 100 -14.20 13.64 -150.73
N SER MB 101 -14.03 14.86 -150.25
CA SER MB 101 -12.72 15.49 -150.31
C SER MB 101 -11.74 14.73 -149.42
N LYS MB 102 -10.47 14.78 -149.78
CA LYS MB 102 -9.46 13.93 -149.15
C LYS MB 102 -9.27 14.27 -147.67
N ARG MB 103 -9.21 15.56 -147.35
CA ARG MB 103 -8.96 15.97 -145.98
C ARG MB 103 -10.15 15.67 -145.08
N LYS MB 104 -11.36 15.62 -145.65
CA LYS MB 104 -12.52 15.18 -144.88
C LYS MB 104 -12.36 13.74 -144.43
N ILE MB 105 -11.87 12.87 -145.33
CA ILE MB 105 -11.64 11.48 -144.96
C ILE MB 105 -10.50 11.37 -143.97
N ILE MB 106 -9.49 12.21 -144.10
CA ILE MB 106 -8.37 12.18 -143.16
C ILE MB 106 -8.82 12.59 -141.76
N ARG MB 107 -9.63 13.64 -141.68
CA ARG MB 107 -10.17 14.03 -140.37
C ARG MB 107 -11.17 13.01 -139.85
N ASP MB 108 -11.83 12.26 -140.74
CA ASP MB 108 -12.64 11.14 -140.28
C ASP MB 108 -11.78 10.05 -139.68
N LEU MB 109 -10.61 9.80 -140.28
CA LEU MB 109 -9.66 8.88 -139.67
C LEU MB 109 -9.17 9.39 -138.33
N GLN MB 110 -9.04 10.71 -138.19
CA GLN MB 110 -8.70 11.30 -136.90
C GLN MB 110 -9.84 11.14 -135.90
N LYS MB 111 -11.07 11.19 -136.37
CA LYS MB 111 -12.22 10.91 -135.50
C LYS MB 111 -12.19 9.47 -135.05
N GLN MB 112 -11.77 8.58 -135.94
CA GLN MB 112 -11.47 7.22 -135.54
C GLN MB 112 -10.10 7.18 -134.85
N ASP MB 113 -9.70 6.01 -134.41
CA ASP MB 113 -8.48 5.88 -133.63
C ASP MB 113 -7.29 5.45 -134.49
N ILE MB 114 -7.02 6.16 -135.58
CA ILE MB 114 -5.94 5.82 -136.51
C ILE MB 114 -5.05 7.03 -136.67
N GLN MB 115 -3.74 6.83 -136.64
CA GLN MB 115 -2.77 7.92 -136.72
C GLN MB 115 -2.25 8.04 -138.16
N TYR MB 116 -2.17 9.28 -138.66
CA TYR MB 116 -1.78 9.54 -140.04
C TYR MB 116 -0.67 10.59 -140.07
N VAL MB 117 0.44 10.29 -140.74
CA VAL MB 117 1.58 11.20 -140.81
C VAL MB 117 2.01 11.34 -142.26
N GLU MB 118 2.07 12.58 -142.74
CA GLU MB 118 2.57 12.89 -144.07
C GLU MB 118 3.77 13.82 -143.92
N TYR MB 119 4.89 13.42 -144.51
CA TYR MB 119 6.14 14.17 -144.32
C TYR MB 119 7.06 13.84 -145.47
N GLY MB 120 7.48 14.87 -146.21
CA GLY MB 120 8.25 14.61 -147.41
C GLY MB 120 7.39 13.93 -148.44
N ASP MB 121 8.00 13.04 -149.20
CA ASP MB 121 7.27 12.25 -150.18
C ASP MB 121 6.68 10.98 -149.59
N THR MB 122 6.95 10.71 -148.32
CA THR MB 122 6.61 9.44 -147.69
C THR MB 122 5.46 9.62 -146.73
N ARG MB 123 4.46 8.74 -146.81
CA ARG MB 123 3.31 8.84 -145.94
C ARG MB 123 3.09 7.53 -145.20
N THR MB 124 2.73 7.65 -143.92
CA THR MB 124 2.64 6.51 -143.02
C THR MB 124 1.32 6.53 -142.25
N LEU MB 125 0.82 5.32 -141.98
CA LEU MB 125 -0.40 5.09 -141.24
C LEU MB 125 -0.10 4.17 -140.08
N ILE MB 126 -0.67 4.49 -138.91
CA ILE MB 126 -0.43 3.76 -137.67
C ILE MB 126 -1.75 3.26 -137.13
N ILE MB 127 -1.85 1.96 -136.89
CA ILE MB 127 -3.09 1.32 -136.49
C ILE MB 127 -2.88 0.46 -135.24
N PRO MB 128 -3.67 0.66 -134.19
CA PRO MB 128 -3.53 -0.16 -132.97
C PRO MB 128 -4.15 -1.55 -133.13
N THR MB 129 -3.30 -2.56 -132.91
CA THR MB 129 -3.70 -3.95 -133.04
C THR MB 129 -4.77 -4.33 -132.04
N ASP MB 130 -4.64 -3.82 -130.81
CA ASP MB 130 -5.53 -4.19 -129.71
C ASP MB 130 -6.94 -3.70 -129.94
N LYS MB 131 -7.11 -2.66 -130.75
CA LYS MB 131 -8.44 -2.26 -131.15
C LYS MB 131 -8.90 -2.97 -132.41
N TYR MB 132 -8.00 -3.21 -133.36
CA TYR MB 132 -8.46 -3.67 -134.66
C TYR MB 132 -8.21 -5.15 -134.89
N PHE MB 133 -8.09 -5.94 -133.84
CA PHE MB 133 -8.08 -7.39 -133.98
C PHE MB 133 -8.77 -8.02 -132.80
N MET MB 134 -9.18 -9.26 -132.99
CA MET MB 134 -9.43 -10.11 -131.83
C MET MB 134 -8.12 -10.37 -131.13
N PHE MB 135 -8.19 -10.49 -129.81
CA PHE MB 135 -6.99 -10.50 -128.98
C PHE MB 135 -6.16 -11.76 -129.20
N SER MB 136 -4.85 -11.57 -129.29
CA SER MB 136 -3.85 -12.63 -129.37
C SER MB 136 -4.08 -13.55 -130.56
N SER MB 137 -4.49 -12.97 -131.68
CA SER MB 137 -4.84 -13.77 -132.84
C SER MB 137 -4.68 -12.93 -134.09
N PRO MB 138 -4.36 -13.56 -135.22
CA PRO MB 138 -4.49 -12.88 -136.51
C PRO MB 138 -5.92 -12.81 -137.02
N ARG MB 139 -6.90 -13.28 -136.25
CA ARG MB 139 -8.30 -13.05 -136.60
C ARG MB 139 -8.62 -11.57 -136.49
N LEU MB 140 -9.53 -11.13 -137.33
CA LEU MB 140 -9.84 -9.71 -137.51
C LEU MB 140 -11.18 -9.39 -136.88
N ASN MB 141 -11.22 -8.36 -136.04
CA ASN MB 141 -12.47 -7.92 -135.47
C ASN MB 141 -13.32 -7.24 -136.54
N GLU MB 142 -14.60 -7.57 -136.57
CA GLU MB 142 -15.48 -7.02 -137.59
C GLU MB 142 -15.87 -5.58 -137.32
N ILE MB 143 -16.05 -5.22 -136.05
CA ILE MB 143 -16.79 -4.00 -135.72
C ILE MB 143 -15.97 -2.73 -135.86
N CYS MB 144 -14.76 -2.82 -136.39
CA CYS MB 144 -13.98 -1.64 -136.72
C CYS MB 144 -13.93 -1.38 -138.23
N TYR MB 145 -14.92 -1.87 -138.97
CA TYR MB 145 -14.97 -1.73 -140.42
C TYR MB 145 -15.10 -0.34 -141.04
N PRO MB 146 -15.67 0.72 -140.39
CA PRO MB 146 -15.62 2.04 -141.05
C PRO MB 146 -14.20 2.54 -141.30
N GLY MB 147 -13.29 2.27 -140.38
CA GLY MB 147 -11.89 2.61 -140.62
C GLY MB 147 -11.30 1.83 -141.77
N LEU MB 148 -11.69 0.57 -141.91
CA LEU MB 148 -11.18 -0.25 -143.00
C LEU MB 148 -11.66 0.24 -144.35
N ASN MB 149 -12.95 0.60 -144.41
CA ASN MB 149 -13.51 1.16 -145.64
C ASN MB 149 -12.86 2.49 -145.97
N ASN MB 150 -12.59 3.30 -144.96
CA ASN MB 150 -11.92 4.57 -145.20
C ASN MB 150 -10.48 4.38 -145.63
N VAL MB 151 -9.81 3.33 -145.13
CA VAL MB 151 -8.45 3.03 -145.57
C VAL MB 151 -8.44 2.64 -147.04
N ILE MB 152 -9.40 1.82 -147.44
CA ILE MB 152 -9.50 1.44 -148.85
C ILE MB 152 -9.84 2.65 -149.71
N ARG MB 153 -10.68 3.54 -149.18
CA ARG MB 153 -11.08 4.74 -149.89
C ARG MB 153 -9.89 5.68 -150.12
N LEU MB 154 -9.08 5.90 -149.08
CA LEU MB 154 -7.92 6.77 -149.25
C LEU MB 154 -6.83 6.11 -150.07
N LEU MB 155 -6.68 4.80 -149.95
CA LEU MB 155 -5.65 4.12 -150.73
C LEU MB 155 -6.04 3.96 -152.18
N ASN MB 156 -7.32 4.17 -152.51
CA ASN MB 156 -7.69 4.25 -153.92
C ASN MB 156 -7.15 5.51 -154.58
N PHE MB 157 -6.80 6.54 -153.80
CA PHE MB 157 -6.30 7.78 -154.37
C PHE MB 157 -4.94 7.60 -155.00
N TYR MB 158 -4.03 6.90 -154.34
CA TYR MB 158 -2.69 6.77 -154.87
C TYR MB 158 -2.63 5.45 -155.63
N PRO MB 159 -2.46 5.45 -156.94
CA PRO MB 159 -2.49 4.20 -157.70
C PRO MB 159 -1.13 3.59 -158.01
N GLN MB 160 -0.04 4.17 -157.52
CA GLN MB 160 1.26 3.84 -158.10
C GLN MB 160 2.25 3.25 -157.12
N SER MB 161 2.48 3.88 -155.98
CA SER MB 161 3.65 3.56 -155.17
C SER MB 161 3.49 2.25 -154.43
N THR MB 162 4.61 1.60 -154.17
CA THR MB 162 4.63 0.33 -153.47
C THR MB 162 4.28 0.51 -152.00
N ILE MB 163 3.88 -0.59 -151.37
CA ILE MB 163 3.33 -0.58 -150.02
C ILE MB 163 4.17 -1.49 -149.13
N TYR MB 164 4.58 -0.98 -147.98
CA TYR MB 164 5.24 -1.78 -146.97
C TYR MB 164 4.36 -1.82 -145.73
N VAL MB 165 4.19 -3.00 -145.16
CA VAL MB 165 3.46 -3.15 -143.92
C VAL MB 165 4.34 -3.87 -142.91
N ALA MB 166 4.32 -3.41 -141.68
CA ALA MB 166 5.15 -4.00 -140.65
C ALA MB 166 4.39 -4.08 -139.33
N GLY MB 167 4.77 -5.08 -138.55
CA GLY MB 167 4.07 -5.37 -137.30
C GLY MB 167 5.01 -5.38 -136.11
N PHE MB 168 4.48 -4.93 -134.96
CA PHE MB 168 5.28 -4.77 -133.76
C PHE MB 168 4.51 -5.21 -132.53
N THR MB 169 5.22 -5.87 -131.62
CA THR MB 169 4.67 -6.33 -130.35
C THR MB 169 5.54 -5.80 -129.22
N ASP MB 170 5.17 -6.14 -127.99
CA ASP MB 170 5.81 -5.62 -126.79
C ASP MB 170 6.93 -6.56 -126.33
N ASN MB 171 7.39 -6.39 -125.09
CA ASN MB 171 8.60 -7.02 -124.60
C ASN MB 171 8.36 -8.36 -123.92
N VAL MB 172 7.12 -8.79 -123.74
CA VAL MB 172 6.81 -9.92 -122.88
C VAL MB 172 6.55 -11.14 -123.73
N GLY MB 173 7.25 -12.23 -123.42
CA GLY MB 173 7.00 -13.53 -124.02
C GLY MB 173 8.23 -14.08 -124.72
N SER MB 174 8.02 -15.23 -125.36
CA SER MB 174 9.04 -15.81 -126.21
C SER MB 174 9.26 -14.94 -127.43
N ARG MB 175 10.53 -14.71 -127.75
CA ARG MB 175 10.89 -13.90 -128.91
C ARG MB 175 10.42 -14.54 -130.20
N SER MB 176 10.52 -15.88 -130.27
CA SER MB 176 10.01 -16.61 -131.43
C SER MB 176 8.50 -16.45 -131.58
N HIS MB 177 7.79 -16.50 -130.46
CA HIS MB 177 6.34 -16.30 -130.47
C HIS MB 177 5.99 -14.89 -130.93
N LYS MB 178 6.78 -13.91 -130.50
CA LYS MB 178 6.61 -12.53 -130.95
C LYS MB 178 6.78 -12.44 -132.46
N ARG MB 179 7.80 -13.11 -132.98
CA ARG MB 179 8.09 -13.09 -134.40
C ARG MB 179 6.96 -13.67 -135.22
N LYS MB 180 6.46 -14.84 -134.83
CA LYS MB 180 5.43 -15.47 -135.65
C LYS MB 180 4.09 -14.77 -135.54
N LEU MB 181 3.78 -14.20 -134.37
CA LEU MB 181 2.55 -13.42 -134.26
C LEU MB 181 2.62 -12.17 -135.13
N SER MB 182 3.78 -11.51 -135.14
CA SER MB 182 3.93 -10.31 -135.96
C SER MB 182 3.81 -10.61 -137.43
N GLN MB 183 4.41 -11.72 -137.87
CA GLN MB 183 4.30 -12.12 -139.27
C GLN MB 183 2.88 -12.45 -139.64
N ALA MB 184 2.15 -13.10 -138.73
CA ALA MB 184 0.76 -13.44 -138.98
C ALA MB 184 -0.10 -12.19 -139.14
N GLN MB 185 0.09 -11.22 -138.25
CA GLN MB 185 -0.69 -9.98 -138.32
C GLN MB 185 -0.41 -9.23 -139.60
N ALA MB 186 0.87 -9.15 -139.98
CA ALA MB 186 1.25 -8.42 -141.17
C ALA MB 186 0.70 -9.08 -142.43
N GLU MB 187 0.74 -10.42 -142.48
CA GLU MB 187 0.24 -11.10 -143.66
C GLU MB 187 -1.27 -10.99 -143.75
N THR MB 188 -1.96 -10.94 -142.61
CA THR MB 188 -3.41 -10.76 -142.61
C THR MB 188 -3.77 -9.40 -143.19
N MET MB 189 -3.08 -8.35 -142.74
CA MET MB 189 -3.34 -7.01 -143.23
C MET MB 189 -3.04 -6.89 -144.72
N MET MB 190 -1.92 -7.48 -145.14
CA MET MB 190 -1.53 -7.45 -146.55
C MET MB 190 -2.53 -8.18 -147.40
N THR MB 191 -3.04 -9.31 -146.90
CA THR MB 191 -4.06 -10.07 -147.62
C THR MB 191 -5.34 -9.27 -147.77
N PHE MB 192 -5.76 -8.59 -146.69
CA PHE MB 192 -6.99 -7.81 -146.74
C PHE MB 192 -6.89 -6.67 -147.72
N LEU MB 193 -5.77 -5.96 -147.73
CA LEU MB 193 -5.65 -4.90 -148.71
C LEU MB 193 -5.40 -5.42 -150.11
N TRP MB 194 -4.84 -6.63 -150.24
CA TRP MB 194 -4.72 -7.28 -151.55
C TRP MB 194 -6.08 -7.64 -152.10
N ALA MB 195 -7.03 -7.93 -151.22
CA ALA MB 195 -8.35 -8.36 -151.61
C ALA MB 195 -9.16 -7.28 -152.30
N ASN MB 196 -8.74 -6.03 -152.26
CA ASN MB 196 -9.49 -4.96 -152.89
C ASN MB 196 -8.78 -4.38 -154.11
N GLY MB 197 -8.22 -5.27 -154.92
CA GLY MB 197 -7.86 -4.94 -156.29
C GLY MB 197 -6.45 -4.45 -156.48
N ILE MB 198 -5.69 -4.26 -155.42
CA ILE MB 198 -4.31 -3.83 -155.57
C ILE MB 198 -3.44 -5.05 -155.80
N ALA MB 199 -2.77 -5.09 -156.95
CA ALA MB 199 -2.17 -6.31 -157.46
C ALA MB 199 -0.92 -6.68 -156.67
N ALA MB 200 -0.52 -7.95 -156.83
CA ALA MB 200 0.43 -8.60 -155.95
C ALA MB 200 1.85 -8.08 -156.08
N LYS MB 201 2.17 -7.33 -157.13
CA LYS MB 201 3.53 -6.83 -157.25
C LYS MB 201 3.77 -5.56 -156.47
N ARG MB 202 2.84 -5.16 -155.60
CA ARG MB 202 2.92 -3.88 -154.93
C ARG MB 202 3.03 -3.98 -153.41
N LEU MB 203 3.12 -5.20 -152.86
CA LEU MB 203 3.01 -5.38 -151.42
C LEU MB 203 4.23 -6.09 -150.86
N LYS MB 204 4.65 -5.67 -149.67
CA LYS MB 204 5.59 -6.49 -148.90
C LYS MB 204 5.28 -6.34 -147.42
N ALA MB 205 5.33 -7.47 -146.70
CA ALA MB 205 4.92 -7.55 -145.31
C ALA MB 205 6.06 -8.07 -144.46
N GLU MB 206 6.23 -7.45 -143.29
CA GLU MB 206 7.29 -7.86 -142.38
C GLU MB 206 6.85 -7.59 -140.95
N GLY MB 207 7.20 -8.49 -140.05
CA GLY MB 207 6.85 -8.31 -138.67
C GLY MB 207 8.02 -8.53 -137.76
N TYR MB 208 8.42 -7.50 -137.02
CA TYR MB 208 9.49 -7.66 -136.04
C TYR MB 208 8.86 -7.82 -134.67
N GLY MB 209 9.72 -7.92 -133.66
CA GLY MB 209 9.21 -8.15 -132.33
C GLY MB 209 9.02 -6.82 -131.64
N ASP MB 210 9.97 -6.47 -130.79
CA ASP MB 210 9.98 -5.20 -130.09
C ASP MB 210 11.32 -4.52 -130.28
N LYS MB 211 11.88 -4.61 -131.48
CA LYS MB 211 13.28 -4.26 -131.69
C LYS MB 211 13.51 -2.76 -131.63
N ASN MB 212 12.59 -1.98 -132.18
CA ASN MB 212 12.73 -0.54 -132.21
C ASN MB 212 11.41 0.03 -131.72
N ALA MB 213 11.28 0.14 -130.40
CA ALA MB 213 10.06 0.65 -129.83
C ALA MB 213 10.02 2.17 -129.94
N ILE MB 214 8.80 2.69 -130.06
CA ILE MB 214 8.59 4.13 -130.10
C ILE MB 214 8.20 4.67 -128.74
N SER MB 215 8.18 3.84 -127.71
CA SER MB 215 7.89 4.25 -126.35
C SER MB 215 8.49 3.23 -125.41
N ASP MB 216 8.47 3.55 -124.12
CA ASP MB 216 9.02 2.65 -123.12
C ASP MB 216 8.13 1.43 -122.93
N ASN MB 217 8.74 0.24 -122.91
CA ASN MB 217 7.99 -0.99 -122.74
C ASN MB 217 7.87 -1.40 -121.28
N ALA MB 218 8.38 -0.61 -120.34
CA ALA MB 218 8.35 -0.98 -118.94
C ALA MB 218 7.17 -0.39 -118.18
N ILE MB 219 6.42 0.53 -118.77
CA ILE MB 219 5.25 1.09 -118.10
C ILE MB 219 4.03 0.85 -118.98
N ILE MB 220 2.85 1.10 -118.39
CA ILE MB 220 1.60 0.59 -118.93
C ILE MB 220 1.21 1.32 -120.21
N HIS MB 221 1.22 2.65 -120.18
CA HIS MB 221 0.68 3.37 -121.33
C HIS MB 221 1.63 3.31 -122.51
N GLY MB 222 2.93 3.31 -122.25
CA GLY MB 222 3.88 3.09 -123.33
C GLY MB 222 3.75 1.71 -123.92
N SER MB 223 3.53 0.70 -123.06
CA SER MB 223 3.33 -0.65 -123.55
C SER MB 223 2.06 -0.74 -124.39
N ALA MB 224 1.03 -0.02 -123.99
CA ALA MB 224 -0.21 0.00 -124.76
C ALA MB 224 0.00 0.68 -126.11
N GLN MB 225 0.85 1.71 -126.14
CA GLN MB 225 1.14 2.36 -127.40
C GLN MB 225 2.04 1.53 -128.30
N ASN MB 226 2.78 0.58 -127.72
CA ASN MB 226 3.87 -0.06 -128.45
C ASN MB 226 3.40 -0.96 -129.59
N ARG MB 227 2.44 -1.85 -129.33
CA ARG MB 227 2.09 -2.88 -130.31
C ARG MB 227 1.25 -2.29 -131.42
N ARG MB 228 1.69 -2.45 -132.66
CA ARG MB 228 1.17 -1.57 -133.69
C ARG MB 228 1.35 -2.18 -135.08
N ILE MB 229 0.60 -1.62 -136.02
CA ILE MB 229 0.76 -1.91 -137.43
C ILE MB 229 1.12 -0.61 -138.12
N GLU MB 230 2.23 -0.62 -138.86
CA GLU MB 230 2.62 0.55 -139.64
C GLU MB 230 2.52 0.26 -141.13
N ILE MB 231 2.01 1.24 -141.86
CA ILE MB 231 1.89 1.20 -143.31
C ILE MB 231 2.72 2.35 -143.85
N GLN MB 232 3.71 2.03 -144.67
CA GLN MB 232 4.57 3.04 -145.25
C GLN MB 232 4.43 3.01 -146.76
N TRP MB 233 4.38 4.19 -147.37
CA TRP MB 233 4.47 4.23 -148.81
C TRP MB 233 5.25 5.45 -149.27
N PHE MB 234 5.96 5.27 -150.39
CA PHE MB 234 6.63 6.32 -151.13
C PHE MB 234 5.61 7.02 -152.03
N THR MB 235 6.10 7.79 -153.00
CA THR MB 235 5.23 8.34 -154.03
C THR MB 235 5.58 7.81 -155.41
N SER MB 236 6.87 7.72 -155.72
CA SER MB 236 7.33 7.21 -157.01
C SER MB 236 8.61 6.38 -156.86
N LEU NB 113 17.81 -26.50 -188.15
CA LEU NB 113 17.30 -27.37 -187.10
C LEU NB 113 16.71 -26.55 -185.94
N ASN NB 114 15.99 -25.48 -186.28
CA ASN NB 114 15.49 -24.54 -185.29
C ASN NB 114 13.98 -24.35 -185.28
N ARG NB 115 13.26 -24.89 -186.26
CA ARG NB 115 11.81 -24.70 -186.30
C ARG NB 115 11.17 -25.97 -186.83
N PHE NB 116 10.24 -26.52 -186.07
CA PHE NB 116 9.42 -27.64 -186.52
C PHE NB 116 7.98 -27.19 -186.51
N ARG NB 117 7.41 -27.00 -187.69
CA ARG NB 117 6.03 -26.57 -187.85
C ARG NB 117 5.30 -27.60 -188.71
N TYR NB 118 4.16 -28.06 -188.23
CA TYR NB 118 3.38 -29.03 -188.98
C TYR NB 118 1.91 -28.63 -189.05
N GLU NB 119 1.36 -28.70 -190.26
CA GLU NB 119 -0.06 -28.55 -190.53
C GLU NB 119 -0.46 -29.58 -191.57
N GLY NB 120 -1.55 -30.30 -191.32
CA GLY NB 120 -2.07 -31.19 -192.33
C GLY NB 120 -2.27 -32.66 -191.98
N ALA NB 121 -2.44 -32.96 -190.68
CA ALA NB 121 -3.03 -34.21 -190.18
C ALA NB 121 -2.22 -35.45 -190.57
N GLY NB 122 -1.02 -35.56 -189.98
CA GLY NB 122 -0.25 -36.78 -190.06
C GLY NB 122 0.19 -37.24 -188.68
N VAL NB 123 0.89 -38.37 -188.65
CA VAL NB 123 1.42 -38.94 -187.43
C VAL NB 123 2.94 -38.80 -187.46
N VAL NB 124 3.48 -38.08 -186.48
CA VAL NB 124 4.89 -37.72 -186.46
C VAL NB 124 5.53 -38.31 -185.21
N THR NB 125 6.74 -38.83 -185.36
CA THR NB 125 7.51 -39.38 -184.24
C THR NB 125 8.96 -38.93 -184.35
N GLY NB 126 9.53 -38.51 -183.23
CA GLY NB 126 10.94 -38.15 -183.16
C GLY NB 126 11.50 -38.49 -181.80
N ASN NB 127 12.79 -38.79 -181.77
CA ASN NB 127 13.45 -39.13 -180.52
C ASN NB 127 14.94 -38.89 -180.66
N ASN NB 128 15.60 -38.76 -179.50
CA ASN NB 128 17.06 -38.58 -179.37
C ASN NB 128 17.53 -37.32 -180.11
N LEU NB 129 16.94 -36.19 -179.76
CA LEU NB 129 17.29 -34.90 -180.35
C LEU NB 129 17.95 -34.01 -179.30
N ARG NB 130 18.94 -33.25 -179.72
CA ARG NB 130 19.60 -32.26 -178.87
C ARG NB 130 19.55 -30.91 -179.55
N THR NB 131 19.17 -29.89 -178.78
CA THR NB 131 19.04 -28.54 -179.30
C THR NB 131 19.16 -27.53 -178.16
N SER NB 132 19.60 -26.33 -178.52
CA SER NB 132 19.57 -25.23 -177.57
C SER NB 132 18.14 -24.72 -177.40
N TYR NB 133 17.54 -24.28 -178.50
CA TYR NB 133 16.15 -23.88 -178.52
C TYR NB 133 15.63 -24.06 -179.93
N LEU NB 134 14.42 -24.62 -180.05
CA LEU NB 134 13.70 -24.61 -181.31
C LEU NB 134 12.26 -24.25 -181.04
N ASP NB 135 11.59 -23.73 -182.06
CA ASP NB 135 10.19 -23.36 -181.96
C ASP NB 135 9.34 -24.46 -182.58
N LEU NB 136 8.36 -24.94 -181.82
CA LEU NB 136 7.43 -25.96 -182.28
C LEU NB 136 6.08 -25.32 -182.53
N TYR NB 137 5.45 -25.67 -183.66
CA TYR NB 137 4.19 -25.06 -184.05
C TYR NB 137 3.33 -26.14 -184.70
N LEU NB 138 2.35 -26.63 -183.96
CA LEU NB 138 1.57 -27.80 -184.39
C LEU NB 138 0.14 -27.41 -184.66
N ALA NB 139 -0.47 -28.07 -185.64
CA ALA NB 139 -1.89 -27.85 -185.91
C ALA NB 139 -2.53 -29.09 -186.48
N ASN NB 140 -3.86 -29.15 -186.33
CA ASN NB 140 -4.78 -30.01 -187.08
C ASN NB 140 -4.44 -31.49 -186.90
N GLU NB 141 -4.62 -31.96 -185.66
CA GLU NB 141 -4.55 -33.37 -185.28
C GLU NB 141 -3.19 -33.99 -185.60
N GLY NB 142 -2.14 -33.37 -185.08
CA GLY NB 142 -0.82 -33.95 -185.24
C GLY NB 142 -0.56 -34.96 -184.14
N THR NB 143 -0.79 -36.23 -184.45
CA THR NB 143 -0.55 -37.31 -183.50
C THR NB 143 0.96 -37.46 -183.37
N THR NB 144 1.51 -36.95 -182.28
CA THR NB 144 2.94 -36.68 -182.19
C THR NB 144 3.55 -37.36 -180.98
N ARG NB 145 4.65 -38.08 -181.22
CA ARG NB 145 5.44 -38.72 -180.18
C ARG NB 145 6.85 -38.16 -180.19
N LEU NB 146 7.34 -37.76 -179.03
CA LEU NB 146 8.70 -37.28 -178.85
C LEU NB 146 9.34 -37.99 -177.68
N ALA NB 147 10.50 -38.59 -177.92
CA ALA NB 147 11.18 -39.39 -176.90
C ALA NB 147 12.67 -39.05 -176.84
N GLY NB 148 12.99 -37.76 -176.79
CA GLY NB 148 14.36 -37.33 -176.60
C GLY NB 148 14.51 -36.31 -175.49
N ASN NB 149 15.68 -35.71 -175.37
CA ASN NB 149 15.94 -34.67 -174.38
C ASN NB 149 16.07 -33.36 -175.16
N ILE NB 150 14.94 -32.74 -175.42
CA ILE NB 150 14.83 -31.65 -176.39
C ILE NB 150 14.75 -30.33 -175.63
N GLY NB 151 15.71 -29.44 -175.88
CA GLY NB 151 15.69 -28.13 -175.26
C GLY NB 151 14.89 -27.14 -176.09
N LEU NB 152 13.76 -26.70 -175.55
CA LEU NB 152 12.87 -25.82 -176.29
C LEU NB 152 12.27 -24.79 -175.34
N GLN NB 153 11.80 -23.70 -175.92
CA GLN NB 153 11.10 -22.70 -175.14
C GLN NB 153 9.73 -22.34 -175.71
N LYS NB 154 9.62 -22.17 -177.02
CA LYS NB 154 8.38 -21.69 -177.64
C LYS NB 154 7.68 -22.86 -178.32
N LEU NB 155 6.51 -23.21 -177.79
CA LEU NB 155 5.63 -24.19 -178.42
C LEU NB 155 4.25 -23.58 -178.54
N GLU NB 156 3.69 -23.62 -179.76
CA GLU NB 156 2.35 -23.12 -180.03
C GLU NB 156 1.59 -24.18 -180.81
N ALA NB 157 0.51 -24.66 -180.22
CA ALA NB 157 -0.43 -25.54 -180.89
C ALA NB 157 -1.71 -24.75 -181.17
N VAL NB 158 -2.28 -24.97 -182.35
CA VAL NB 158 -3.54 -24.32 -182.68
C VAL NB 158 -4.66 -24.88 -181.81
N GLY NB 159 -4.73 -26.20 -181.70
CA GLY NB 159 -5.74 -26.84 -180.90
C GLY NB 159 -6.17 -28.15 -181.53
N ASN NB 160 -7.02 -28.88 -180.78
CA ASN NB 160 -7.65 -30.13 -181.21
C ASN NB 160 -6.62 -31.20 -181.58
N GLY NB 161 -5.49 -31.19 -180.88
CA GLY NB 161 -4.42 -32.12 -181.16
C GLY NB 161 -3.86 -32.71 -179.89
N VAL NB 162 -3.35 -33.93 -180.02
CA VAL NB 162 -2.84 -34.72 -178.90
C VAL NB 162 -1.34 -34.85 -179.07
N THR NB 163 -0.59 -34.52 -178.01
CA THR NB 163 0.86 -34.54 -178.05
C THR NB 163 1.38 -35.36 -176.89
N GLN NB 164 2.41 -36.16 -177.15
CA GLN NB 164 3.13 -36.89 -176.11
C GLN NB 164 4.61 -36.56 -176.28
N ILE NB 165 5.17 -35.84 -175.31
CA ILE NB 165 6.59 -35.52 -175.27
C ILE NB 165 7.13 -36.02 -173.95
N ASN NB 166 8.23 -36.77 -174.00
CA ASN NB 166 8.79 -37.42 -172.82
C ASN NB 166 10.13 -36.77 -172.49
N GLY NB 167 10.09 -35.72 -171.68
CA GLY NB 167 11.31 -35.16 -171.11
C GLY NB 167 11.84 -33.94 -171.83
N VAL NB 168 11.60 -32.77 -171.26
CA VAL NB 168 12.09 -31.50 -171.81
C VAL NB 168 12.86 -30.79 -170.70
N SER NB 169 14.11 -30.47 -170.98
CA SER NB 169 14.98 -29.82 -170.00
C SER NB 169 15.51 -28.52 -170.61
N SER NB 170 14.89 -27.40 -170.24
CA SER NB 170 15.35 -26.10 -170.69
C SER NB 170 15.06 -25.08 -169.60
N ARG NB 171 15.81 -23.99 -169.62
CA ARG NB 171 15.69 -23.01 -168.56
C ARG NB 171 14.45 -22.12 -168.69
N ASN NB 172 13.73 -22.18 -169.80
CA ASN NB 172 12.55 -21.35 -169.95
C ASN NB 172 11.57 -21.99 -170.92
N LEU NB 173 10.30 -21.64 -170.76
CA LEU NB 173 9.27 -21.97 -171.72
C LEU NB 173 8.23 -20.87 -171.71
N GLN NB 174 7.46 -20.79 -172.80
CA GLN NB 174 6.42 -19.76 -172.91
C GLN NB 174 5.30 -20.35 -173.75
N ILE NB 175 4.20 -20.69 -173.09
CA ILE NB 175 3.11 -21.46 -173.69
C ILE NB 175 1.83 -20.65 -173.59
N VAL NB 176 1.09 -20.58 -174.69
CA VAL NB 176 -0.25 -20.02 -174.68
C VAL NB 176 -1.08 -20.79 -175.71
N LEU NB 177 -2.36 -20.98 -175.38
CA LEU NB 177 -3.27 -21.75 -176.23
C LEU NB 177 -4.55 -20.97 -176.43
N LYS NB 178 -5.22 -21.26 -177.55
CA LYS NB 178 -6.51 -20.67 -177.87
C LYS NB 178 -7.55 -21.67 -178.34
N GLY NB 179 -7.15 -22.87 -178.75
CA GLY NB 179 -8.08 -23.89 -179.18
C GLY NB 179 -8.42 -24.86 -178.08
N ASP NB 180 -8.47 -26.15 -178.42
CA ASP NB 180 -8.72 -27.22 -177.46
C ASP NB 180 -7.66 -28.31 -177.60
N PRO NB 181 -6.42 -28.05 -177.21
CA PRO NB 181 -5.37 -29.06 -177.38
C PRO NB 181 -5.22 -29.94 -176.15
N LYS NB 182 -4.41 -30.98 -176.32
CA LYS NB 182 -4.17 -31.99 -175.29
C LYS NB 182 -2.68 -32.24 -175.23
N VAL NB 183 -2.06 -31.95 -174.09
CA VAL NB 183 -0.62 -32.07 -173.95
C VAL NB 183 -0.30 -32.67 -172.58
N LEU NB 184 0.68 -33.58 -172.57
CA LEU NB 184 1.14 -34.21 -171.33
C LEU NB 184 2.63 -34.42 -171.46
N ILE NB 185 3.40 -33.55 -170.81
CA ILE NB 185 4.83 -33.42 -171.06
C ILE NB 185 5.60 -33.70 -169.77
N SER NB 186 6.65 -34.50 -169.90
CA SER NB 186 7.60 -34.75 -168.84
C SER NB 186 8.77 -33.78 -168.93
N GLY NB 187 9.60 -33.80 -167.89
CA GLY NB 187 10.84 -33.04 -167.91
C GLY NB 187 11.05 -32.07 -166.76
N PHE NB 188 11.79 -31.00 -167.02
CA PHE NB 188 12.11 -29.98 -166.03
C PHE NB 188 11.94 -28.63 -166.70
N VAL NB 189 10.98 -27.84 -166.24
CA VAL NB 189 10.63 -26.58 -166.89
C VAL NB 189 10.65 -25.48 -165.84
N ASN NB 190 11.36 -24.39 -166.14
CA ASN NB 190 11.27 -23.18 -165.34
C ASN NB 190 10.31 -22.23 -166.03
N LEU NB 191 9.03 -22.51 -165.88
CA LEU NB 191 7.98 -21.76 -166.55
C LEU NB 191 7.76 -20.40 -165.86
N ARG NB 192 7.23 -19.44 -166.63
CA ARG NB 192 6.91 -18.13 -166.11
C ARG NB 192 5.43 -17.81 -166.19
N GLN NB 193 4.85 -17.86 -167.39
CA GLN NB 193 3.51 -17.35 -167.66
C GLN NB 193 2.66 -18.42 -168.31
N LEU NB 194 1.34 -18.34 -168.08
CA LEU NB 194 0.41 -19.18 -168.81
C LEU NB 194 -0.96 -18.51 -168.87
N ASP NB 195 -1.50 -18.42 -170.08
CA ASP NB 195 -2.83 -17.90 -170.32
C ASP NB 195 -3.65 -18.96 -171.04
N MET NB 196 -4.86 -19.21 -170.54
CA MET NB 196 -5.75 -20.20 -171.13
C MET NB 196 -7.08 -19.55 -171.42
N TYR NB 197 -7.56 -19.72 -172.66
CA TYR NB 197 -8.80 -19.12 -173.11
C TYR NB 197 -9.73 -20.08 -173.83
N GLY NB 198 -9.32 -21.31 -174.08
CA GLY NB 198 -10.17 -22.24 -174.80
C GLY NB 198 -10.61 -23.44 -173.97
N LYS NB 199 -10.28 -24.63 -174.46
CA LYS NB 199 -10.63 -25.91 -173.84
C LYS NB 199 -9.41 -26.79 -173.72
N GLY NB 200 -8.35 -26.25 -173.12
CA GLY NB 200 -7.05 -26.91 -173.12
C GLY NB 200 -6.86 -27.86 -171.95
N THR NB 201 -6.22 -28.99 -172.23
CA THR NB 201 -5.85 -29.94 -171.19
C THR NB 201 -4.34 -30.09 -171.19
N LEU NB 202 -3.73 -29.84 -170.03
CA LEU NB 202 -2.28 -29.82 -169.89
C LEU NB 202 -1.89 -30.64 -168.66
N SER NB 203 -0.85 -31.44 -168.81
CA SER NB 203 -0.33 -32.24 -167.71
C SER NB 203 1.20 -32.15 -167.74
N LEU NB 204 1.76 -31.29 -166.90
CA LEU NB 204 3.20 -31.11 -166.86
C LEU NB 204 3.76 -31.83 -165.64
N TYR NB 205 4.88 -32.54 -165.84
CA TYR NB 205 5.38 -33.38 -164.76
C TYR NB 205 6.04 -32.56 -163.66
N TRP NB 206 7.11 -31.85 -163.98
CA TRP NB 206 7.91 -31.20 -162.93
C TRP NB 206 8.22 -29.77 -163.30
N ILE NB 207 8.21 -28.90 -162.29
CA ILE NB 207 8.60 -27.51 -162.46
C ILE NB 207 9.44 -27.09 -161.26
N LYS NB 208 10.56 -26.41 -161.55
CA LYS NB 208 11.39 -25.77 -160.53
C LYS NB 208 11.55 -24.34 -161.02
N SER NB 209 10.58 -23.50 -160.69
CA SER NB 209 10.49 -22.17 -161.26
C SER NB 209 10.22 -21.15 -160.18
N ASP NB 210 10.64 -19.92 -160.44
CA ASP NB 210 10.62 -18.88 -159.43
C ASP NB 210 9.22 -18.30 -159.24
N THR NB 211 8.68 -17.68 -160.28
CA THR NB 211 7.41 -16.97 -160.20
C THR NB 211 6.46 -17.50 -161.27
N LEU NB 212 5.27 -17.93 -160.86
CA LEU NB 212 4.30 -18.47 -161.79
C LEU NB 212 3.08 -17.56 -161.86
N THR NB 213 2.64 -17.26 -163.07
CA THR NB 213 1.49 -16.40 -163.29
C THR NB 213 0.49 -17.13 -164.18
N ILE NB 214 -0.66 -17.50 -163.62
CA ILE NB 214 -1.64 -18.29 -164.33
C ILE NB 214 -2.93 -17.49 -164.48
N ARG NB 215 -3.39 -17.33 -165.71
CA ARG NB 215 -4.68 -16.72 -165.99
C ARG NB 215 -5.54 -17.73 -166.73
N ALA NB 216 -6.74 -18.02 -166.22
CA ALA NB 216 -7.59 -19.02 -166.82
C ALA NB 216 -8.98 -18.46 -167.04
N LYS NB 217 -9.51 -18.66 -168.26
CA LYS NB 217 -10.75 -18.04 -168.67
C LYS NB 217 -11.90 -19.03 -168.82
N LYS NB 218 -11.77 -20.05 -169.67
CA LYS NB 218 -12.92 -20.85 -170.05
C LYS NB 218 -12.85 -22.29 -169.60
N ALA NB 219 -11.87 -23.07 -170.06
CA ALA NB 219 -11.83 -24.49 -169.71
C ALA NB 219 -10.39 -24.94 -169.75
N ALA NB 220 -9.78 -25.12 -168.59
CA ALA NB 220 -8.40 -25.55 -168.49
C ALA NB 220 -8.32 -26.69 -167.50
N LYS NB 221 -7.67 -27.77 -167.90
CA LYS NB 221 -7.52 -28.95 -167.06
C LYS NB 221 -6.03 -29.13 -166.85
N ILE NB 222 -5.51 -28.58 -165.77
CA ILE NB 222 -4.08 -28.46 -165.55
C ILE NB 222 -3.69 -29.39 -164.41
N GLN NB 223 -2.82 -30.35 -164.71
CA GLN NB 223 -2.27 -31.26 -163.71
C GLN NB 223 -0.77 -30.98 -163.62
N LEU NB 224 -0.35 -30.44 -162.48
CA LEU NB 224 1.04 -30.02 -162.28
C LEU NB 224 1.61 -30.67 -161.04
N ALA NB 225 2.94 -30.69 -160.98
CA ALA NB 225 3.67 -31.09 -159.79
C ALA NB 225 5.04 -30.44 -159.84
N GLY NB 226 5.60 -30.19 -158.66
CA GLY NB 226 6.90 -29.55 -158.57
C GLY NB 226 6.94 -28.59 -157.40
N ILE NB 227 7.95 -27.72 -157.43
CA ILE NB 227 8.19 -26.76 -156.35
C ILE NB 227 8.13 -25.36 -156.92
N VAL NB 228 7.31 -24.51 -156.31
CA VAL NB 228 7.12 -23.13 -156.73
C VAL NB 228 7.47 -22.23 -155.55
N ASN NB 229 8.31 -21.23 -155.78
CA ASN NB 229 8.52 -20.22 -154.75
C ASN NB 229 7.30 -19.36 -154.58
N ARG NB 230 6.75 -18.86 -155.67
CA ARG NB 230 5.73 -17.82 -155.62
C ARG NB 230 4.73 -18.06 -156.73
N LEU NB 231 3.45 -18.19 -156.37
CA LEU NB 231 2.43 -18.58 -157.32
C LEU NB 231 1.26 -17.61 -157.26
N ASP NB 232 0.84 -17.10 -158.42
CA ASP NB 232 -0.33 -16.25 -158.52
C ASP NB 232 -1.32 -16.88 -159.50
N VAL NB 233 -2.57 -16.99 -159.06
CA VAL NB 233 -3.59 -17.70 -159.81
C VAL NB 233 -4.82 -16.81 -159.92
N GLU NB 234 -5.27 -16.60 -161.16
CA GLU NB 234 -6.57 -15.99 -161.42
C GLU NB 234 -7.41 -16.98 -162.22
N LEU NB 235 -8.58 -17.31 -161.68
CA LEU NB 235 -9.51 -18.22 -162.35
C LEU NB 235 -10.84 -17.50 -162.54
N TRP NB 236 -11.36 -17.52 -163.76
CA TRP NB 236 -12.60 -16.79 -164.03
C TRP NB 236 -13.85 -17.66 -163.91
N ASP NB 237 -14.01 -18.66 -164.77
CA ASP NB 237 -15.22 -19.47 -164.72
C ASP NB 237 -14.99 -20.79 -165.43
N PHE NB 238 -15.58 -21.86 -164.87
CA PHE NB 238 -15.56 -23.22 -165.42
C PHE NB 238 -14.14 -23.76 -165.59
N ALA NB 239 -13.25 -23.36 -164.70
CA ALA NB 239 -11.86 -23.77 -164.74
C ALA NB 239 -11.58 -24.61 -163.52
N GLN NB 240 -10.91 -25.75 -163.71
CA GLN NB 240 -10.60 -26.68 -162.65
C GLN NB 240 -9.09 -26.76 -162.53
N PHE NB 241 -8.52 -25.85 -161.77
CA PHE NB 241 -7.08 -25.90 -161.54
C PHE NB 241 -6.76 -26.89 -160.45
N LYS NB 242 -5.78 -27.73 -160.70
CA LYS NB 242 -5.28 -28.68 -159.71
C LYS NB 242 -3.86 -28.31 -159.39
N GLY NB 243 -3.58 -28.04 -158.11
CA GLY NB 243 -2.22 -27.89 -157.66
C GLY NB 243 -1.94 -28.95 -156.65
N LYS NB 244 -2.62 -30.08 -156.80
CA LYS NB 244 -2.34 -31.23 -155.97
C LYS NB 244 -0.95 -31.75 -156.29
N TYR NB 245 -0.21 -32.09 -155.25
CA TYR NB 245 1.22 -32.41 -155.29
C TYR NB 245 2.03 -31.28 -155.92
N LEU NB 246 1.62 -30.04 -155.66
CA LEU NB 246 2.35 -28.86 -156.13
C LEU NB 246 2.45 -27.89 -154.95
N ARG NB 247 3.52 -28.03 -154.19
CA ARG NB 247 3.72 -27.22 -152.99
C ARG NB 247 4.16 -25.80 -153.35
N ALA NB 248 4.09 -24.92 -152.36
CA ALA NB 248 4.46 -23.53 -152.56
C ALA NB 248 4.87 -22.90 -151.24
N GLN NB 249 5.51 -21.75 -151.34
CA GLN NB 249 5.78 -20.91 -150.17
C GLN NB 249 4.77 -19.77 -150.08
N ARG NB 250 4.65 -18.99 -151.15
CA ARG NB 250 3.73 -17.88 -151.23
C ARG NB 250 2.67 -18.20 -152.27
N SER NB 251 1.41 -18.16 -151.87
CA SER NB 251 0.32 -18.48 -152.78
C SER NB 251 -0.74 -17.39 -152.75
N PHE NB 252 -1.17 -16.98 -153.94
CA PHE NB 252 -2.25 -16.02 -154.11
C PHE NB 252 -3.29 -16.64 -155.03
N VAL NB 253 -4.52 -16.73 -154.55
CA VAL NB 253 -5.59 -17.34 -155.34
C VAL NB 253 -6.77 -16.37 -155.39
N LYS NB 254 -7.21 -16.02 -156.60
CA LYS NB 254 -8.46 -15.33 -156.80
C LYS NB 254 -9.35 -16.16 -157.72
N THR NB 255 -10.56 -16.46 -157.26
CA THR NB 255 -11.50 -17.25 -158.05
C THR NB 255 -12.82 -16.51 -158.20
N HIS NB 256 -13.25 -16.33 -159.43
CA HIS NB 256 -14.56 -15.78 -159.71
C HIS NB 256 -15.56 -16.92 -159.81
N ASP NB 257 -16.73 -16.63 -160.37
CA ASP NB 257 -17.89 -17.51 -160.27
C ASP NB 257 -17.70 -18.83 -161.02
N LYS NB 258 -18.12 -19.92 -160.36
CA LYS NB 258 -18.13 -21.28 -160.89
C LYS NB 258 -16.73 -21.73 -161.32
N SER NB 259 -15.89 -21.91 -160.31
CA SER NB 259 -14.53 -22.31 -160.57
C SER NB 259 -14.01 -23.16 -159.42
N VAL NB 260 -13.23 -24.18 -159.77
CA VAL NB 260 -12.66 -25.12 -158.81
C VAL NB 260 -11.16 -24.91 -158.78
N ALA NB 261 -10.61 -24.71 -157.58
CA ALA NB 261 -9.18 -24.55 -157.43
C ALA NB 261 -8.69 -25.44 -156.30
N GLU NB 262 -7.64 -26.20 -156.55
CA GLU NB 262 -6.96 -27.00 -155.55
C GLU NB 262 -5.57 -26.42 -155.35
N ILE NB 263 -5.18 -26.24 -154.09
CA ILE NB 263 -3.91 -25.61 -153.77
C ILE NB 263 -3.20 -26.41 -152.68
N SER NB 264 -1.88 -26.24 -152.60
CA SER NB 264 -1.04 -26.96 -151.65
C SER NB 264 -0.01 -26.03 -151.01
N ALA NB 265 -0.47 -24.91 -150.47
CA ALA NB 265 0.45 -23.97 -149.84
C ALA NB 265 1.00 -24.53 -148.53
N VAL NB 266 2.26 -24.23 -148.26
CA VAL NB 266 2.95 -24.72 -147.08
C VAL NB 266 3.19 -23.60 -146.07
N ASN NB 267 3.52 -22.41 -146.54
CA ASN NB 267 3.90 -21.33 -145.64
C ASN NB 267 2.85 -20.22 -145.60
N HIS NB 268 2.50 -19.62 -146.72
CA HIS NB 268 1.72 -18.39 -146.70
C HIS NB 268 0.66 -18.42 -147.79
N GLN NB 269 -0.59 -18.21 -147.40
CA GLN NB 269 -1.70 -18.34 -148.33
C GLN NB 269 -2.67 -17.17 -148.21
N SER NB 270 -2.94 -16.52 -149.34
CA SER NB 270 -4.04 -15.57 -149.45
C SER NB 270 -5.05 -16.10 -150.47
N SER NB 271 -6.31 -16.16 -150.06
CA SER NB 271 -7.32 -16.84 -150.85
C SER NB 271 -8.62 -16.04 -150.89
N LEU NB 272 -9.18 -15.89 -152.09
CA LEU NB 272 -10.43 -15.15 -152.24
C LEU NB 272 -11.34 -15.85 -153.21
N ALA NB 273 -12.61 -16.02 -152.82
CA ALA NB 273 -13.62 -16.60 -153.71
C ALA NB 273 -14.81 -15.67 -153.77
N THR NB 274 -15.34 -15.46 -154.99
CA THR NB 274 -16.47 -14.54 -155.12
C THR NB 274 -17.80 -15.21 -154.78
N ASP NB 275 -18.19 -16.21 -155.57
CA ASP NB 275 -19.50 -16.83 -155.44
C ASP NB 275 -19.48 -18.15 -156.18
N ALA NB 276 -20.14 -19.16 -155.60
CA ALA NB 276 -20.38 -20.47 -156.21
C ALA NB 276 -19.09 -21.13 -156.67
N SER NB 277 -18.03 -20.94 -155.89
CA SER NB 277 -16.70 -21.33 -156.29
C SER NB 277 -16.02 -22.04 -155.13
N ASP NB 278 -15.13 -22.96 -155.46
CA ASP NB 278 -14.50 -23.83 -154.49
C ASP NB 278 -13.00 -23.60 -154.47
N ILE NB 279 -12.44 -23.45 -153.27
CA ILE NB 279 -11.01 -23.39 -153.06
C ILE NB 279 -10.66 -24.42 -152.01
N TYR NB 280 -9.90 -25.44 -152.39
CA TYR NB 280 -9.56 -26.53 -151.49
C TYR NB 280 -8.07 -26.52 -151.24
N TYR NB 281 -7.68 -26.31 -149.99
CA TYR NB 281 -6.27 -26.36 -149.63
C TYR NB 281 -5.98 -27.71 -149.00
N TYR NB 282 -4.91 -28.36 -149.46
CA TYR NB 282 -4.62 -29.70 -148.99
C TYR NB 282 -3.42 -29.74 -148.06
N ASN NB 283 -3.13 -28.64 -147.38
CA ASN NB 283 -2.02 -28.61 -146.46
C ASN NB 283 -2.27 -27.53 -145.43
N LEU NB 284 -1.81 -27.79 -144.21
CA LEU NB 284 -1.93 -26.82 -143.12
C LEU NB 284 -0.79 -25.83 -143.26
N SER NB 285 -1.10 -24.63 -143.70
CA SER NB 285 -0.07 -23.62 -143.88
C SER NB 285 0.34 -23.02 -142.54
N LYS NB 286 1.49 -22.35 -142.55
CA LYS NB 286 1.91 -21.62 -141.36
C LYS NB 286 1.22 -20.27 -141.25
N THR NB 287 0.59 -19.80 -142.31
CA THR NB 287 -0.21 -18.58 -142.27
C THR NB 287 -1.26 -18.67 -143.37
N ARG NB 288 -2.53 -18.55 -142.98
CA ARG NB 288 -3.64 -18.71 -143.90
C ARG NB 288 -4.60 -17.55 -143.73
N ALA NB 289 -5.10 -17.03 -144.85
CA ALA NB 289 -6.14 -16.02 -144.79
C ALA NB 289 -7.00 -16.12 -146.05
N ASP NB 290 -8.31 -15.98 -145.88
CA ASP NB 290 -9.24 -16.29 -146.96
C ASP NB 290 -10.55 -15.57 -146.73
N PHE NB 291 -11.24 -15.27 -147.83
CA PHE NB 291 -12.54 -14.59 -147.77
C PHE NB 291 -13.47 -15.10 -148.85
N MET NB 292 -14.76 -15.01 -148.57
CA MET NB 292 -15.82 -15.26 -149.55
C MET NB 292 -16.67 -14.02 -149.70
N ALA NB 293 -17.06 -13.71 -150.94
CA ALA NB 293 -17.82 -12.50 -151.22
C ALA NB 293 -19.33 -12.73 -151.15
N PHE NB 294 -19.84 -13.63 -151.98
CA PHE NB 294 -21.27 -13.97 -151.97
C PHE NB 294 -21.49 -15.43 -151.62
N ASN NB 295 -20.99 -16.35 -152.43
CA ASN NB 295 -21.24 -17.76 -152.19
C ASN NB 295 -19.99 -18.61 -152.35
N GLY NB 296 -18.81 -18.00 -152.31
CA GLY NB 296 -17.59 -18.75 -152.41
C GLY NB 296 -17.31 -19.57 -151.17
N SER NB 297 -16.44 -20.55 -151.33
CA SER NB 297 -16.22 -21.50 -150.24
C SER NB 297 -14.77 -21.94 -150.23
N VAL NB 298 -14.24 -22.12 -149.04
CA VAL NB 298 -12.87 -22.59 -148.84
C VAL NB 298 -12.92 -23.76 -147.88
N LEU NB 299 -12.31 -24.88 -148.27
CA LEU NB 299 -12.29 -26.05 -147.42
C LEU NB 299 -10.93 -26.73 -147.44
N ASP NB 300 -10.67 -27.48 -146.37
CA ASP NB 300 -9.46 -28.28 -146.24
C ASP NB 300 -9.61 -29.65 -146.89
N MET NB 301 -10.58 -30.42 -146.40
CA MET NB 301 -10.75 -31.87 -146.61
C MET NB 301 -9.43 -32.62 -146.61
N ARG NB 302 -8.70 -32.50 -145.51
CA ARG NB 302 -7.77 -33.56 -145.17
C ARG NB 302 -8.56 -34.76 -144.68
N GLU NB 303 -8.02 -35.95 -144.91
CA GLU NB 303 -8.83 -37.17 -144.85
C GLU NB 303 -9.15 -37.62 -143.43
N TRP NB 304 -8.49 -37.07 -142.41
CA TRP NB 304 -8.66 -37.42 -140.98
C TRP NB 304 -8.35 -38.90 -140.71
N GLY NB 305 -7.54 -39.52 -141.55
CA GLY NB 305 -7.25 -40.92 -141.40
C GLY NB 305 -5.75 -41.13 -141.32
N GLN NB 306 -5.02 -40.01 -141.35
CA GLN NB 306 -3.58 -40.06 -141.15
C GLN NB 306 -3.27 -40.47 -139.73
N SER NB 307 -2.21 -41.26 -139.57
CA SER NB 307 -1.73 -41.60 -138.25
C SER NB 307 -1.11 -40.42 -137.53
N ASP NB 308 -0.65 -39.39 -138.26
CA ASP NB 308 0.17 -38.35 -137.66
C ASP NB 308 -0.19 -36.97 -138.20
N LEU NB 309 -1.48 -36.65 -138.30
CA LEU NB 309 -1.87 -35.33 -138.75
C LEU NB 309 -1.68 -34.30 -137.65
N LYS NB 310 -0.97 -33.22 -137.97
CA LYS NB 310 -0.78 -32.17 -136.99
C LYS NB 310 -2.02 -31.29 -136.89
N ASP NB 311 -2.09 -30.51 -135.81
CA ASP NB 311 -3.32 -29.88 -135.35
C ASP NB 311 -3.29 -28.38 -135.60
N PHE NB 312 -4.45 -27.76 -135.39
CA PHE NB 312 -4.57 -26.32 -135.38
C PHE NB 312 -3.77 -25.72 -134.23
N ASP NB 313 -3.36 -24.47 -134.39
CA ASP NB 313 -2.53 -23.79 -133.42
C ASP NB 313 -3.15 -22.45 -133.06
N ARG NB 314 -2.42 -21.72 -132.22
CA ARG NB 314 -2.74 -20.32 -131.97
C ARG NB 314 -2.56 -19.49 -133.23
N TYR NB 315 -1.50 -19.74 -133.97
CA TYR NB 315 -1.09 -18.87 -135.06
C TYR NB 315 -1.75 -19.22 -136.38
N ASN NB 316 -2.36 -20.40 -136.48
CA ASN NB 316 -3.09 -20.80 -137.67
C ASN NB 316 -4.60 -20.78 -137.44
N LYS NB 317 -5.03 -20.29 -136.29
CA LYS NB 317 -6.45 -20.26 -135.96
C LYS NB 317 -7.12 -19.17 -136.77
N GLN NB 318 -7.88 -19.58 -137.79
CA GLN NB 318 -8.65 -18.61 -138.58
C GLN NB 318 -9.97 -19.27 -138.92
N PHE NB 319 -11.01 -18.88 -138.21
CA PHE NB 319 -12.32 -19.47 -138.42
C PHE NB 319 -12.93 -18.97 -139.72
N PRO NB 320 -13.34 -19.85 -140.63
CA PRO NB 320 -14.05 -19.46 -141.84
C PRO NB 320 -15.50 -19.12 -141.59
N ASP OB 39 -40.78 -12.43 -106.48
CA ASP OB 39 -41.58 -13.01 -105.40
C ASP OB 39 -42.38 -14.21 -105.91
N GLY OB 40 -43.11 -14.01 -107.00
CA GLY OB 40 -43.85 -15.09 -107.60
C GLY OB 40 -42.98 -15.83 -108.60
N CYS OB 41 -42.43 -16.96 -108.17
CA CYS OB 41 -41.46 -17.66 -109.00
C CYS OB 41 -42.13 -18.34 -110.18
N CYS OB 42 -43.25 -19.01 -109.95
CA CYS OB 42 -43.93 -19.69 -111.04
C CYS OB 42 -44.97 -18.80 -111.72
N SER OB 43 -44.57 -17.58 -112.07
CA SER OB 43 -45.46 -16.68 -112.79
C SER OB 43 -45.59 -17.14 -114.25
N LYS OB 44 -46.79 -16.95 -114.80
CA LYS OB 44 -47.34 -17.53 -116.03
C LYS OB 44 -46.92 -18.99 -116.23
N MET OB 45 -46.98 -19.75 -115.15
CA MET OB 45 -46.88 -21.20 -115.18
C MET OB 45 -48.07 -21.66 -114.34
N GLY OB 46 -48.06 -22.93 -113.95
CA GLY OB 46 -49.17 -23.43 -113.16
C GLY OB 46 -49.25 -22.96 -111.73
N GLY OB 47 -48.39 -22.05 -111.29
CA GLY OB 47 -48.36 -21.65 -109.90
C GLY OB 47 -47.39 -22.50 -109.11
N ILE OB 48 -47.28 -22.20 -107.83
CA ILE OB 48 -46.40 -22.97 -106.96
C ILE OB 48 -47.07 -24.30 -106.66
N ASN OB 49 -46.38 -25.40 -106.95
CA ASN OB 49 -46.92 -26.70 -106.57
C ASN OB 49 -46.36 -27.12 -105.22
N TYR OB 50 -45.04 -27.36 -105.14
CA TYR OB 50 -44.41 -27.72 -103.86
C TYR OB 50 -42.89 -27.67 -104.00
N CYS OB 51 -42.21 -27.70 -102.86
CA CYS OB 51 -40.75 -27.63 -102.84
C CYS OB 51 -40.15 -29.02 -102.66
N ASP OB 52 -39.06 -29.28 -103.37
CA ASP OB 52 -38.25 -30.45 -103.17
C ASP OB 52 -37.03 -30.08 -102.35
N SER OB 53 -36.81 -30.81 -101.27
CA SER OB 53 -35.66 -30.62 -100.42
C SER OB 53 -34.47 -31.46 -100.83
N SER OB 54 -34.63 -32.39 -101.78
CA SER OB 54 -33.49 -33.16 -102.23
C SER OB 54 -32.55 -32.29 -103.04
N ALA OB 55 -33.10 -31.50 -103.95
CA ALA OB 55 -32.31 -30.55 -104.71
C ALA OB 55 -32.46 -29.13 -104.20
N GLY OB 56 -33.37 -28.89 -103.26
CA GLY OB 56 -33.60 -27.55 -102.78
C GLY OB 56 -34.21 -26.65 -103.83
N ARG OB 57 -35.21 -27.12 -104.54
CA ARG OB 57 -35.79 -26.35 -105.63
C ARG OB 57 -37.30 -26.36 -105.55
N LEU OB 58 -37.90 -25.23 -105.89
CA LEU OB 58 -39.34 -25.19 -106.02
C LEU OB 58 -39.76 -25.95 -107.27
N VAL OB 59 -41.00 -26.42 -107.27
CA VAL OB 59 -41.58 -27.17 -108.37
C VAL OB 59 -42.92 -26.53 -108.66
N CYS OB 60 -43.07 -26.04 -109.90
CA CYS OB 60 -44.32 -25.46 -110.36
C CYS OB 60 -45.29 -26.57 -110.76
N ASN OB 61 -46.54 -26.18 -111.01
CA ASN OB 61 -47.57 -27.17 -111.30
C ASN OB 61 -47.34 -27.83 -112.64
N ASN OB 62 -46.87 -27.09 -113.63
CA ASN OB 62 -46.30 -27.73 -114.80
C ASN OB 62 -44.87 -28.18 -114.48
N GLY OB 63 -44.47 -29.27 -115.11
CA GLY OB 63 -43.31 -30.02 -114.65
C GLY OB 63 -41.96 -29.43 -114.93
N PHE OB 64 -41.64 -28.29 -114.34
CA PHE OB 64 -40.32 -27.70 -114.50
C PHE OB 64 -39.75 -27.34 -113.15
N TYR OB 65 -38.45 -27.56 -112.98
CA TYR OB 65 -37.79 -27.03 -111.82
C TYR OB 65 -37.70 -25.51 -111.96
N SER OB 66 -38.16 -24.80 -110.94
CA SER OB 66 -38.12 -23.36 -110.99
C SER OB 66 -36.72 -22.85 -110.72
N THR OB 67 -36.56 -21.56 -110.89
CA THR OB 67 -35.30 -20.89 -110.70
C THR OB 67 -35.12 -20.36 -109.28
N CYS OB 68 -36.03 -20.71 -108.38
CA CYS OB 68 -35.96 -20.26 -107.00
C CYS OB 68 -35.68 -21.44 -106.07
N TYR OB 69 -34.75 -21.25 -105.15
CA TYR OB 69 -34.42 -22.28 -104.19
C TYR OB 69 -35.32 -22.17 -102.97
N CYS OB 70 -35.57 -23.29 -102.31
CA CYS OB 70 -36.28 -23.24 -101.04
C CYS OB 70 -35.38 -23.35 -99.82
N THR OB 71 -34.45 -24.28 -99.79
CA THR OB 71 -33.65 -24.47 -98.59
C THR OB 71 -32.23 -24.01 -98.80
N ARG OB 72 -31.53 -23.84 -97.68
CA ARG OB 72 -30.13 -23.45 -97.72
C ARG OB 72 -29.23 -24.57 -98.20
N HIS OB 73 -29.71 -25.81 -98.24
CA HIS OB 73 -28.91 -26.90 -98.78
C HIS OB 73 -29.11 -27.03 -100.28
N ALA OB 74 -29.01 -25.94 -101.01
CA ALA OB 74 -29.15 -25.96 -102.45
C ALA OB 74 -27.83 -25.54 -103.09
N VAL OB 75 -27.82 -25.45 -104.41
CA VAL OB 75 -26.60 -25.19 -105.16
C VAL OB 75 -26.66 -23.74 -105.61
N MET OB 76 -26.14 -22.85 -104.79
CA MET OB 76 -25.95 -21.46 -105.16
C MET OB 76 -24.48 -21.25 -105.48
N ASP OB 77 -24.20 -20.65 -106.64
CA ASP OB 77 -22.84 -20.43 -107.06
C ASP OB 77 -22.29 -19.21 -106.32
N LEU OB 78 -21.87 -19.45 -105.09
CA LEU OB 78 -21.35 -18.37 -104.25
C LEU OB 78 -20.01 -17.90 -104.77
N GLN OB 79 -19.90 -16.61 -105.03
CA GLN OB 79 -18.66 -16.03 -105.53
C GLN OB 79 -18.25 -14.79 -104.76
N PHE OB 80 -18.81 -14.57 -103.58
CA PHE OB 80 -18.52 -13.37 -102.82
C PHE OB 80 -18.88 -13.62 -101.37
N LEU OB 81 -18.13 -12.99 -100.46
CA LEU OB 81 -18.33 -13.22 -99.03
C LEU OB 81 -18.14 -11.91 -98.30
N MET OB 82 -18.12 -12.00 -96.96
CA MET OB 82 -17.93 -10.85 -96.10
C MET OB 82 -17.43 -11.35 -94.74
N GLY OB 83 -17.18 -10.41 -93.85
CA GLY OB 83 -16.62 -10.72 -92.54
C GLY OB 83 -15.13 -10.47 -92.50
N CYS OB 84 -14.55 -10.75 -91.34
CA CYS OB 84 -13.12 -10.58 -91.13
C CYS OB 84 -12.46 -11.94 -90.93
N CYS OB 85 -11.13 -11.92 -91.02
CA CYS OB 85 -10.26 -13.09 -90.80
C CYS OB 85 -10.61 -14.24 -91.74
N LEU OB 86 -10.98 -13.91 -92.97
CA LEU OB 86 -11.21 -14.92 -93.98
C LEU OB 86 -9.89 -15.59 -94.35
N TRP OB 87 -9.98 -16.88 -94.70
CA TRP OB 87 -8.83 -17.77 -94.93
C TRP OB 87 -7.89 -17.79 -93.73
N HIS OB 88 -8.47 -17.69 -92.54
CA HIS OB 88 -7.73 -17.72 -91.31
C HIS OB 88 -8.64 -18.40 -90.28
N GLY OB 89 -8.31 -18.26 -89.01
CA GLY OB 89 -9.08 -18.95 -88.01
C GLY OB 89 -10.42 -18.34 -87.66
N GLY OB 90 -10.87 -17.34 -88.40
CA GLY OB 90 -12.07 -16.66 -88.04
C GLY OB 90 -11.78 -15.65 -86.95
N VAL OB 91 -12.86 -15.12 -86.38
CA VAL OB 91 -12.71 -14.15 -85.29
C VAL OB 91 -12.23 -14.89 -84.06
N TYR OB 92 -11.19 -14.38 -83.43
CA TYR OB 92 -10.74 -14.95 -82.18
C TYR OB 92 -11.75 -14.61 -81.09
N PRO OB 93 -12.17 -15.60 -80.28
CA PRO OB 93 -13.31 -15.36 -79.38
C PRO OB 93 -13.00 -14.42 -78.23
N GLN OB 94 -11.73 -14.25 -77.86
CA GLN OB 94 -11.40 -13.34 -76.79
C GLN OB 94 -11.20 -11.94 -77.33
N LEU OB 95 -11.92 -10.99 -76.73
CA LEU OB 95 -11.84 -9.60 -77.11
C LEU OB 95 -10.65 -8.92 -76.43
N ASN OB 96 -10.54 -7.62 -76.65
CA ASN OB 96 -9.49 -6.81 -76.06
C ASN OB 96 -10.08 -5.51 -75.57
N SER OB 97 -9.39 -4.90 -74.60
CA SER OB 97 -9.70 -3.52 -74.23
C SER OB 97 -9.37 -2.56 -75.37
N SER OB 98 -8.30 -2.83 -76.09
CA SER OB 98 -7.91 -1.98 -77.20
C SER OB 98 -8.75 -2.29 -78.44
N GLY OB 99 -8.62 -1.44 -79.44
CA GLY OB 99 -9.41 -1.51 -80.65
C GLY OB 99 -8.93 -2.47 -81.71
N LEU OB 100 -7.85 -3.20 -81.49
CA LEU OB 100 -7.36 -4.12 -82.50
C LEU OB 100 -8.03 -5.49 -82.36
N VAL OB 101 -7.99 -6.25 -83.44
CA VAL OB 101 -8.55 -7.60 -83.47
C VAL OB 101 -7.53 -8.51 -84.14
N VAL OB 102 -7.62 -9.79 -83.81
CA VAL OB 102 -6.71 -10.79 -84.36
C VAL OB 102 -7.52 -12.04 -84.68
N CYS OB 103 -6.96 -12.88 -85.55
CA CYS OB 103 -7.59 -14.12 -85.93
C CYS OB 103 -7.16 -15.22 -84.97
N ASN OB 104 -7.44 -16.47 -85.31
CA ASN OB 104 -7.07 -17.60 -84.48
C ASN OB 104 -5.77 -18.24 -84.91
N ASP OB 105 -4.93 -17.52 -85.64
CA ASP OB 105 -3.61 -18.00 -86.01
C ASP OB 105 -2.55 -16.93 -85.75
N GLY OB 106 -2.87 -15.92 -84.95
CA GLY OB 106 -1.93 -14.86 -84.67
C GLY OB 106 -1.81 -13.82 -85.76
N TYR OB 107 -2.57 -13.94 -86.84
CA TYR OB 107 -2.49 -13.01 -87.95
C TYR OB 107 -3.34 -11.78 -87.63
N VAL OB 108 -2.68 -10.65 -87.40
CA VAL OB 108 -3.39 -9.41 -87.18
C VAL OB 108 -3.99 -8.93 -88.50
N SER OB 109 -5.07 -8.16 -88.41
CA SER OB 109 -5.77 -7.69 -89.59
C SER OB 109 -6.27 -6.28 -89.28
N GLU OB 110 -5.47 -5.29 -89.66
CA GLU OB 110 -5.83 -3.91 -89.36
C GLU OB 110 -6.95 -3.40 -90.24
N GLU OB 111 -7.24 -4.08 -91.34
CA GLU OB 111 -8.32 -3.66 -92.23
C GLU OB 111 -9.69 -3.80 -91.57
N CYS OB 112 -9.81 -4.66 -90.57
CA CYS OB 112 -10.99 -4.64 -89.73
C CYS OB 112 -10.75 -3.94 -88.40
N SER OB 113 -9.51 -3.90 -87.94
CA SER OB 113 -9.19 -3.36 -86.63
C SER OB 113 -9.23 -1.84 -86.64
N LEU OB 114 -9.51 -1.27 -85.46
CA LEU OB 114 -9.54 0.17 -85.33
C LEU OB 114 -8.13 0.73 -85.39
N GLN OB 115 -7.98 1.86 -86.08
CA GLN OB 115 -6.69 2.40 -86.46
C GLN OB 115 -6.52 3.80 -85.89
N LYS OB 116 -5.42 4.02 -85.20
CA LYS OB 116 -4.99 5.36 -84.80
C LYS OB 116 -3.47 5.39 -84.60
N UNK PB 1 -25.83 -35.43 -124.49
CA UNK PB 1 -26.53 -36.67 -124.77
C UNK PB 1 -26.70 -36.89 -126.28
N UNK PB 2 -26.57 -35.78 -127.03
CA UNK PB 2 -26.49 -35.77 -128.51
C UNK PB 2 -27.73 -36.35 -129.17
N UNK PB 3 -28.89 -36.28 -128.50
CA UNK PB 3 -30.11 -36.88 -129.02
C UNK PB 3 -31.30 -36.31 -128.26
N UNK PB 4 -32.31 -35.86 -128.99
CA UNK PB 4 -33.57 -35.48 -128.35
C UNK PB 4 -34.45 -36.71 -128.12
N UNK PB 5 -34.86 -37.36 -129.19
CA UNK PB 5 -35.69 -38.56 -129.11
C UNK PB 5 -34.84 -39.74 -129.57
N UNK PB 6 -34.56 -40.66 -128.66
CA UNK PB 6 -33.80 -41.84 -129.00
C UNK PB 6 -34.67 -42.78 -129.82
N UNK PB 7 -34.24 -43.08 -131.04
CA UNK PB 7 -35.01 -43.96 -131.91
C UNK PB 7 -34.97 -45.39 -131.38
N UNK PB 8 -36.13 -45.99 -131.22
CA UNK PB 8 -36.27 -47.34 -130.70
C UNK PB 8 -36.54 -48.27 -131.88
N UNK PB 9 -35.47 -48.77 -132.49
CA UNK PB 9 -35.48 -49.74 -133.60
C UNK PB 9 -36.31 -49.32 -134.80
N UNK QB 1 105.97 -17.57 -44.92
CA UNK QB 1 104.67 -18.11 -44.52
C UNK QB 1 104.30 -19.31 -45.39
N UNK QB 2 103.00 -19.54 -45.56
CA UNK QB 2 102.53 -20.65 -46.37
C UNK QB 2 102.79 -20.35 -47.84
N UNK QB 3 103.35 -21.33 -48.55
CA UNK QB 3 103.69 -21.18 -49.96
C UNK QB 3 102.69 -21.92 -50.83
N UNK QB 4 102.58 -21.46 -52.09
CA UNK QB 4 101.59 -21.98 -53.02
C UNK QB 4 102.18 -22.85 -54.12
N UNK QB 5 103.49 -22.78 -54.35
CA UNK QB 5 104.12 -23.57 -55.40
C UNK QB 5 104.07 -25.06 -55.08
N UNK QB 6 104.37 -25.41 -53.82
CA UNK QB 6 104.25 -26.80 -53.40
C UNK QB 6 102.79 -27.25 -53.38
N UNK QB 7 101.86 -26.33 -53.09
CA UNK QB 7 100.44 -26.65 -53.16
C UNK QB 7 100.02 -26.99 -54.59
N UNK QB 8 100.51 -26.22 -55.55
CA UNK QB 8 100.22 -26.50 -56.96
C UNK QB 8 100.86 -27.80 -57.42
N UNK QB 9 102.08 -28.08 -56.95
CA UNK QB 9 102.75 -29.33 -57.29
C UNK QB 9 102.02 -30.54 -56.72
N UNK QB 10 101.54 -30.43 -55.47
CA UNK QB 10 100.76 -31.50 -54.87
C UNK QB 10 99.42 -31.68 -55.58
N UNK QB 11 98.81 -30.56 -56.01
CA UNK QB 11 97.56 -30.65 -56.76
C UNK QB 11 97.77 -31.32 -58.11
N UNK QB 12 98.88 -31.02 -58.78
CA UNK QB 12 99.18 -31.68 -60.05
C UNK QB 12 99.49 -33.16 -59.84
N UNK QB 13 100.13 -33.50 -58.72
CA UNK QB 13 100.41 -34.91 -58.43
C UNK QB 13 99.13 -35.67 -58.11
N UNK QB 14 98.19 -35.03 -57.40
CA UNK QB 14 96.95 -35.68 -57.03
C UNK QB 14 95.88 -35.58 -58.12
N UNK QB 15 96.14 -34.84 -59.20
CA UNK QB 15 95.20 -34.78 -60.32
C UNK QB 15 95.04 -36.14 -60.98
N UNK QB 16 96.13 -36.88 -61.14
CA UNK QB 16 96.12 -38.24 -61.67
C UNK QB 16 96.78 -39.12 -60.61
N UNK QB 17 95.95 -39.75 -59.77
CA UNK QB 17 96.46 -40.56 -58.67
C UNK QB 17 97.00 -41.91 -59.13
N UNK QB 18 96.66 -42.32 -60.37
CA UNK QB 18 97.07 -43.57 -61.00
C UNK QB 18 96.64 -44.82 -60.22
N UNK QB 19 95.61 -44.71 -59.38
CA UNK QB 19 95.04 -45.86 -58.68
C UNK QB 19 93.57 -45.55 -58.42
N UNK QB 20 92.72 -46.00 -59.35
CA UNK QB 20 91.28 -45.83 -59.25
C UNK QB 20 90.62 -46.82 -60.20
N UNK QB 21 89.69 -47.62 -59.68
CA UNK QB 21 88.97 -48.58 -60.51
C UNK QB 21 87.54 -48.68 -60.01
N UNK QB 22 86.58 -48.53 -60.92
CA UNK QB 22 85.18 -48.62 -60.57
C UNK QB 22 84.77 -50.07 -60.34
N UNK QB 23 84.18 -50.35 -59.20
CA UNK QB 23 83.74 -51.71 -58.84
C UNK QB 23 82.25 -51.80 -59.13
N UNK QB 24 81.90 -52.37 -60.28
CA UNK QB 24 80.52 -52.40 -60.73
C UNK QB 24 79.83 -53.68 -60.30
N UNK QB 25 78.51 -53.70 -60.52
CA UNK QB 25 77.68 -54.86 -60.25
C UNK QB 25 76.50 -54.82 -61.20
N UNK QB 26 75.51 -55.67 -60.94
CA UNK QB 26 74.31 -55.69 -61.77
C UNK QB 26 73.04 -55.60 -60.93
N UNK QB 27 71.88 -55.82 -61.56
CA UNK QB 27 70.61 -55.66 -60.88
C UNK QB 27 70.31 -56.80 -59.90
N UNK QB 28 70.92 -57.97 -60.09
CA UNK QB 28 70.71 -59.12 -59.21
C UNK QB 28 71.90 -59.37 -58.29
N UNK QB 29 72.65 -58.29 -57.99
CA UNK QB 29 73.87 -58.31 -57.18
C UNK QB 29 74.91 -59.28 -57.76
N UNK QB 30 75.28 -59.03 -59.01
CA UNK QB 30 76.25 -59.88 -59.71
C UNK QB 30 77.65 -59.33 -59.51
N UNK QB 31 78.61 -60.23 -59.34
CA UNK QB 31 80.00 -59.83 -59.14
C UNK QB 31 80.62 -59.38 -60.46
N UNK QB 32 81.27 -58.23 -60.42
CA UNK QB 32 81.96 -57.69 -61.58
C UNK QB 32 83.08 -56.76 -61.13
N UNK QB 33 84.17 -56.75 -61.89
CA UNK QB 33 85.29 -55.87 -61.61
C UNK QB 33 86.05 -55.64 -62.91
N UNK QB 34 86.91 -54.62 -62.90
CA UNK QB 34 87.72 -54.28 -64.05
C UNK QB 34 89.17 -54.17 -63.63
N UNK QB 35 90.06 -54.13 -64.63
CA UNK QB 35 91.47 -54.00 -64.37
C UNK QB 35 91.80 -52.57 -63.90
N UNK QB 36 92.98 -52.42 -63.33
CA UNK QB 36 93.42 -51.12 -62.83
C UNK QB 36 93.73 -50.19 -63.99
N UNK QB 37 93.34 -48.92 -63.83
CA UNK QB 37 93.54 -47.91 -64.85
C UNK QB 37 94.28 -46.71 -64.25
N UNK QB 38 94.34 -45.63 -65.03
CA UNK QB 38 95.03 -44.37 -64.70
C UNK QB 38 96.49 -44.57 -64.33
N UNK QB 39 71.54 -49.70 -61.70
CA UNK QB 39 72.21 -50.50 -60.69
C UNK QB 39 73.49 -51.12 -61.24
N UNK QB 40 74.26 -50.32 -61.98
CA UNK QB 40 75.50 -50.81 -62.56
C UNK QB 40 76.70 -50.49 -61.67
N UNK QB 41 76.94 -49.21 -61.41
CA UNK QB 41 78.09 -48.78 -60.62
C UNK QB 41 77.79 -47.42 -60.03
N UNK QB 42 77.68 -47.35 -58.71
CA UNK QB 42 77.41 -46.09 -58.03
C UNK QB 42 78.70 -45.29 -57.87
N UNK QB 43 78.58 -44.15 -57.18
CA UNK QB 43 79.72 -43.28 -56.93
C UNK QB 43 80.73 -43.90 -55.97
N UNK QB 44 80.32 -44.92 -55.23
CA UNK QB 44 81.23 -45.69 -54.39
C UNK QB 44 81.94 -46.80 -55.15
N UNK QB 45 81.69 -46.91 -56.46
CA UNK QB 45 82.32 -47.97 -57.25
C UNK QB 45 83.83 -47.75 -57.37
N UNK QB 46 84.26 -46.50 -57.50
CA UNK QB 46 85.68 -46.22 -57.66
C UNK QB 46 86.42 -46.41 -56.34
N UNK QB 47 87.55 -47.12 -56.40
CA UNK QB 47 88.37 -47.37 -55.23
C UNK QB 47 89.81 -47.55 -55.66
N UNK QB 48 90.72 -47.35 -54.71
CA UNK QB 48 92.15 -47.48 -54.98
C UNK QB 48 92.67 -48.82 -54.46
N LYS RB 24 -27.30 -7.75 -138.19
CA LYS RB 24 -27.50 -6.37 -137.79
C LYS RB 24 -26.63 -6.03 -136.58
N PHE RB 25 -27.08 -6.46 -135.41
CA PHE RB 25 -26.34 -6.23 -134.18
C PHE RB 25 -25.37 -7.37 -133.97
N LYS RB 26 -24.09 -7.09 -134.17
CA LYS RB 26 -23.02 -8.04 -133.86
C LYS RB 26 -22.31 -7.54 -132.61
N LYS RB 27 -22.52 -8.25 -131.52
CA LYS RB 27 -22.01 -7.81 -130.24
C LYS RB 27 -20.51 -8.07 -130.13
N PRO RB 28 -19.81 -7.29 -129.30
CA PRO RB 28 -18.43 -7.60 -129.00
C PRO RB 28 -18.36 -8.77 -128.04
N PRO RB 29 -17.18 -9.37 -127.86
CA PRO RB 29 -16.99 -10.32 -126.76
C PRO RB 29 -17.25 -9.65 -125.43
N ILE RB 30 -17.96 -10.34 -124.55
CA ILE RB 30 -18.50 -9.72 -123.36
C ILE RB 30 -17.40 -9.51 -122.32
N ASN RB 31 -16.64 -10.54 -122.01
CA ASN RB 31 -15.47 -10.37 -121.15
C ASN RB 31 -14.21 -10.17 -121.97
N ASN RB 32 -14.28 -9.19 -122.85
CA ASN RB 32 -13.11 -8.82 -123.64
C ASN RB 32 -12.10 -8.12 -122.75
N PRO RB 33 -10.82 -8.36 -122.96
CA PRO RB 33 -9.81 -7.54 -122.27
C PRO RB 33 -9.75 -6.15 -122.85
N SER RB 34 -10.69 -5.29 -122.47
CA SER RB 34 -10.76 -3.92 -122.99
C SER RB 34 -10.04 -2.94 -122.08
N ASP RB 35 -8.86 -3.32 -121.62
CA ASP RB 35 -8.04 -2.42 -120.83
C ASP RB 35 -6.57 -2.77 -121.04
N ASP RB 36 -5.74 -1.73 -121.02
CA ASP RB 36 -4.31 -1.86 -121.29
C ASP RB 36 -3.61 -2.73 -120.25
N ALA RB 37 -4.05 -2.66 -119.01
CA ALA RB 37 -3.51 -3.57 -118.01
C ALA RB 37 -3.99 -5.00 -118.26
N THR RB 38 -5.24 -5.13 -118.69
CA THR RB 38 -5.84 -6.45 -118.83
C THR RB 38 -5.22 -7.23 -119.98
N ILE RB 39 -4.92 -6.56 -121.10
CA ILE RB 39 -4.32 -7.27 -122.22
C ILE RB 39 -2.91 -7.72 -121.87
N LYS RB 40 -2.20 -6.90 -121.10
CA LYS RB 40 -0.89 -7.28 -120.61
C LYS RB 40 -0.98 -8.49 -119.70
N LEU RB 41 -1.98 -8.50 -118.83
CA LEU RB 41 -2.17 -9.61 -117.91
C LEU RB 41 -2.48 -10.90 -118.64
N ALA RB 42 -3.34 -10.83 -119.65
CA ALA RB 42 -3.70 -12.03 -120.40
C ALA RB 42 -2.55 -12.53 -121.27
N GLU RB 43 -1.74 -11.60 -121.80
CA GLU RB 43 -0.53 -11.99 -122.52
C GLU RB 43 0.42 -12.74 -121.60
N ALA RB 44 0.56 -12.25 -120.36
CA ALA RB 44 1.39 -12.93 -119.38
C ALA RB 44 0.84 -14.31 -119.06
N ALA RB 45 -0.49 -14.43 -119.00
CA ALA RB 45 -1.13 -15.71 -118.74
C ALA RB 45 -0.83 -16.72 -119.84
N VAL RB 46 -0.92 -16.28 -121.10
CA VAL RB 46 -0.63 -17.16 -122.22
C VAL RB 46 0.82 -17.60 -122.19
N SER RB 47 1.72 -16.67 -121.85
CA SER RB 47 3.14 -16.97 -121.78
C SER RB 47 3.44 -18.03 -120.73
N VAL RB 48 2.89 -17.86 -119.53
CA VAL RB 48 3.22 -18.79 -118.46
C VAL RB 48 2.53 -20.13 -118.69
N SER RB 49 1.38 -20.14 -119.36
CA SER RB 49 0.75 -21.40 -119.72
C SER RB 49 1.60 -22.19 -120.69
N ASP RB 50 2.13 -21.49 -121.71
CA ASP RB 50 2.97 -22.17 -122.69
C ASP RB 50 4.27 -22.64 -122.06
N SER RB 51 4.80 -21.88 -121.12
CA SER RB 51 6.01 -22.27 -120.42
C SER RB 51 5.77 -23.53 -119.58
N MET RB 52 4.64 -23.61 -118.90
CA MET RB 52 4.37 -24.80 -118.09
C MET RB 52 4.08 -26.02 -118.94
N LEU RB 53 3.45 -25.81 -120.10
CA LEU RB 53 3.25 -26.92 -121.02
C LEU RB 53 4.57 -27.46 -121.53
N GLU RB 54 5.51 -26.57 -121.84
CA GLU RB 54 6.84 -26.99 -122.25
C GLU RB 54 7.59 -27.67 -121.12
N MET RB 55 7.38 -27.20 -119.89
CA MET RB 55 8.00 -27.81 -118.72
C MET RB 55 7.53 -29.25 -118.56
N ALA RB 56 6.23 -29.47 -118.69
CA ALA RB 56 5.68 -30.82 -118.60
C ALA RB 56 6.12 -31.68 -119.77
N LYS RB 57 6.25 -31.06 -120.96
CA LYS RB 57 6.70 -31.80 -122.13
C LYS RB 57 8.11 -32.30 -121.97
N VAL RB 58 8.99 -31.45 -121.42
CA VAL RB 58 10.37 -31.90 -121.23
C VAL RB 58 10.48 -32.81 -120.02
N GLU RB 59 9.50 -32.81 -119.12
CA GLU RB 59 9.61 -33.63 -117.94
C GLU RB 59 8.89 -34.97 -118.05
N LYS RB 60 8.04 -35.15 -119.06
CA LYS RB 60 7.28 -36.39 -119.15
C LYS RB 60 8.16 -37.55 -119.56
N VAL RB 61 7.95 -38.71 -118.93
CA VAL RB 61 8.67 -39.92 -119.24
C VAL RB 61 7.67 -40.99 -119.63
N ILE RB 62 7.85 -41.58 -120.80
CA ILE RB 62 6.90 -42.51 -121.38
C ILE RB 62 7.60 -43.80 -121.73
N THR RB 63 6.81 -44.79 -122.08
CA THR RB 63 7.34 -46.07 -122.54
C THR RB 63 6.76 -46.39 -123.91
N PRO RB 64 7.54 -46.97 -124.80
CA PRO RB 64 7.01 -47.39 -126.09
C PRO RB 64 6.11 -48.58 -125.93
N PRO RB 65 4.93 -48.56 -126.56
CA PRO RB 65 4.04 -49.72 -126.52
C PRO RB 65 4.48 -50.87 -127.40
N SER RB 66 5.58 -50.72 -128.12
CA SER RB 66 6.19 -51.84 -128.81
C SER RB 66 6.79 -52.85 -127.84
N LYS RB 67 7.16 -52.41 -126.63
CA LYS RB 67 7.78 -53.33 -125.69
C LYS RB 67 7.30 -53.10 -124.26
N ASP RB 68 6.14 -52.46 -124.07
CA ASP RB 68 5.61 -52.27 -122.73
C ASP RB 68 5.17 -53.60 -122.14
N ASN RB 69 5.44 -53.78 -120.85
CA ASN RB 69 5.23 -55.07 -120.21
C ASN RB 69 3.88 -55.07 -119.50
N THR RB 70 2.82 -55.05 -120.32
CA THR RB 70 1.46 -55.12 -119.84
C THR RB 70 0.83 -56.42 -120.32
N LEU RB 71 -0.20 -56.86 -119.60
CA LEU RB 71 -0.85 -58.12 -119.93
C LEU RB 71 -1.71 -57.97 -121.17
N THR RB 72 -1.45 -58.78 -122.17
CA THR RB 72 -2.33 -58.82 -123.33
C THR RB 72 -3.61 -59.56 -123.00
N ILE RB 73 -4.69 -59.16 -123.65
CA ILE RB 73 -5.99 -59.79 -123.39
C ILE RB 73 -6.04 -61.14 -124.12
N PRO RB 74 -6.35 -62.23 -123.42
CA PRO RB 74 -6.30 -63.55 -124.05
C PRO RB 74 -7.40 -63.79 -125.07
N ASN RB 75 -8.52 -63.05 -124.96
CA ASN RB 75 -9.74 -63.11 -125.78
C ASN RB 75 -10.21 -64.52 -126.15
N ALA RB 76 -10.07 -65.47 -125.23
CA ALA RB 76 -10.78 -66.73 -125.38
C ALA RB 76 -12.21 -66.58 -124.88
N TYR RB 77 -13.08 -67.50 -125.31
CA TYR RB 77 -14.51 -67.31 -125.11
C TYR RB 77 -14.93 -67.51 -123.65
N ASN RB 78 -14.14 -68.21 -122.86
CA ASN RB 78 -14.46 -68.37 -121.45
C ASN RB 78 -14.26 -67.09 -120.65
N LEU RB 79 -13.64 -66.06 -121.22
CA LEU RB 79 -13.32 -64.85 -120.49
C LEU RB 79 -14.30 -63.73 -120.75
N GLN RB 80 -15.41 -64.01 -121.41
CA GLN RB 80 -16.30 -62.96 -121.88
C GLN RB 80 -17.51 -62.75 -120.99
N ALA RB 81 -17.61 -63.49 -119.88
CA ALA RB 81 -18.73 -63.31 -118.98
C ALA RB 81 -18.59 -62.02 -118.20
N ARG RB 82 -19.72 -61.35 -117.99
CA ARG RB 82 -19.75 -60.08 -117.28
C ARG RB 82 -20.22 -60.32 -115.85
N ALA RB 83 -19.52 -59.72 -114.89
CA ALA RB 83 -19.76 -60.05 -113.49
C ALA RB 83 -19.43 -58.86 -112.61
N SER RB 84 -19.57 -59.06 -111.30
CA SER RB 84 -19.23 -58.08 -110.28
C SER RB 84 -18.25 -58.70 -109.31
N VAL RB 85 -17.25 -57.94 -108.90
CA VAL RB 85 -16.20 -58.44 -108.02
C VAL RB 85 -15.99 -57.42 -106.91
N ASP RB 86 -16.06 -57.86 -105.67
CA ASP RB 86 -15.62 -57.05 -104.54
C ASP RB 86 -14.56 -57.82 -103.77
N TRP RB 87 -13.39 -57.23 -103.62
CA TRP RB 87 -12.30 -57.84 -102.88
C TRP RB 87 -11.33 -56.76 -102.45
N SER RB 88 -10.70 -56.96 -101.29
CA SER RB 88 -9.59 -56.10 -100.86
C SER RB 88 -8.67 -56.96 -99.99
N GLY RB 89 -7.67 -57.55 -100.62
CA GLY RB 89 -6.71 -58.34 -99.88
C GLY RB 89 -5.81 -59.20 -100.73
N PRO RB 90 -5.60 -60.46 -100.32
CA PRO RB 90 -4.70 -61.36 -101.04
C PRO RB 90 -5.12 -61.70 -102.45
N ILE RB 91 -4.28 -62.45 -103.15
CA ILE RB 91 -4.35 -62.57 -104.59
C ILE RB 91 -4.73 -63.99 -105.03
N GLU RB 92 -4.17 -65.00 -104.36
CA GLU RB 92 -4.27 -66.38 -104.84
C GLU RB 92 -5.69 -66.90 -104.80
N GLU RB 93 -6.44 -66.58 -103.74
CA GLU RB 93 -7.80 -67.06 -103.60
C GLU RB 93 -8.70 -66.43 -104.65
N LEU RB 94 -8.51 -65.14 -104.92
CA LEU RB 94 -9.29 -64.46 -105.95
C LEU RB 94 -9.00 -65.03 -107.33
N THR RB 95 -7.73 -65.31 -107.62
CA THR RB 95 -7.39 -65.90 -108.91
C THR RB 95 -7.95 -67.31 -109.04
N ALA RB 96 -7.95 -68.06 -107.96
CA ALA RB 96 -8.52 -69.41 -107.97
C ALA RB 96 -10.01 -69.38 -108.25
N ARG RB 97 -10.72 -68.44 -107.62
CA ARG RB 97 -12.15 -68.31 -107.90
C ARG RB 97 -12.39 -67.83 -109.33
N ILE RB 98 -11.49 -67.01 -109.87
CA ILE RB 98 -11.61 -66.56 -111.26
C ILE RB 98 -11.48 -67.74 -112.20
N ALA RB 99 -10.49 -68.59 -111.96
CA ALA RB 99 -10.31 -69.78 -112.80
C ALA RB 99 -11.46 -70.75 -112.65
N LYS RB 100 -12.02 -70.85 -111.44
CA LYS RB 100 -13.17 -71.71 -111.22
C LYS RB 100 -14.39 -71.20 -111.98
N ALA RB 101 -14.56 -69.88 -112.03
CA ALA RB 101 -15.63 -69.31 -112.82
C ALA RB 101 -15.38 -69.47 -114.31
N ALA RB 102 -14.12 -69.53 -114.71
CA ALA RB 102 -13.80 -69.66 -116.12
C ALA RB 102 -13.72 -71.11 -116.59
N HIS RB 103 -13.86 -72.08 -115.67
CA HIS RB 103 -13.61 -73.50 -115.91
C HIS RB 103 -12.22 -73.73 -116.45
N PHE RB 104 -11.25 -73.02 -115.88
CA PHE RB 104 -9.86 -73.13 -116.29
C PHE RB 104 -9.05 -73.73 -115.16
N ARG RB 105 -8.06 -74.54 -115.53
CA ARG RB 105 -7.15 -75.08 -114.53
C ARG RB 105 -6.24 -73.97 -114.03
N PHE RB 106 -5.76 -74.14 -112.81
CA PHE RB 106 -4.99 -73.11 -112.12
C PHE RB 106 -3.69 -73.70 -111.63
N ARG RB 107 -2.58 -72.99 -111.84
CA ARG RB 107 -1.34 -73.47 -111.29
C ARG RB 107 -0.45 -72.29 -110.92
N VAL RB 108 0.52 -72.58 -110.06
CA VAL RB 108 1.38 -71.57 -109.47
C VAL RB 108 2.83 -72.00 -109.61
N LEU RB 109 3.65 -71.14 -110.20
CA LEU RB 109 5.10 -71.30 -110.20
C LEU RB 109 5.68 -70.34 -109.19
N GLY RB 110 6.58 -70.83 -108.37
CA GLY RB 110 7.18 -69.98 -107.35
C GLY RB 110 6.40 -70.02 -106.06
N LYS RB 111 6.93 -69.32 -105.07
CA LYS RB 111 6.48 -69.44 -103.69
C LYS RB 111 5.86 -68.14 -103.22
N SER RB 112 4.80 -68.26 -102.44
CA SER RB 112 4.22 -67.08 -101.81
C SER RB 112 5.14 -66.56 -100.72
N PRO RB 113 5.46 -65.28 -100.70
CA PRO RB 113 6.34 -64.76 -99.65
C PRO RB 113 5.67 -64.67 -98.29
N SER RB 114 6.41 -64.17 -97.31
CA SER RB 114 5.91 -64.11 -95.94
C SER RB 114 4.77 -63.10 -95.82
N VAL RB 115 4.98 -61.89 -96.31
CA VAL RB 115 3.94 -60.86 -96.32
C VAL RB 115 3.22 -60.96 -97.66
N PRO RB 116 1.92 -61.25 -97.67
CA PRO RB 116 1.22 -61.46 -98.94
C PRO RB 116 0.92 -60.16 -99.66
N VAL RB 117 0.79 -60.27 -100.97
CA VAL RB 117 0.53 -59.11 -101.83
C VAL RB 117 -0.94 -58.75 -101.76
N LEU RB 118 -1.22 -57.45 -101.69
CA LEU RB 118 -2.56 -56.96 -101.41
C LEU RB 118 -3.10 -56.18 -102.61
N ILE RB 119 -4.32 -56.54 -103.03
CA ILE RB 119 -5.00 -55.92 -104.15
C ILE RB 119 -6.43 -55.63 -103.72
N SER RB 120 -6.91 -54.42 -104.00
CA SER RB 120 -8.30 -54.06 -103.74
C SER RB 120 -8.99 -53.70 -105.06
N ILE RB 121 -9.99 -54.50 -105.45
CA ILE RB 121 -10.80 -54.22 -106.63
C ILE RB 121 -12.25 -54.39 -106.25
N SER RB 122 -13.05 -53.35 -106.50
CA SER RB 122 -14.50 -53.43 -106.34
C SER RB 122 -15.13 -52.81 -107.59
N THR RB 123 -15.60 -53.67 -108.48
CA THR RB 123 -16.17 -53.25 -109.75
C THR RB 123 -17.48 -53.96 -109.98
N LYS RB 124 -18.35 -53.31 -110.75
CA LYS RB 124 -19.74 -53.70 -110.88
C LYS RB 124 -20.02 -54.53 -112.12
N ASP RB 125 -19.52 -54.11 -113.28
CA ASP RB 125 -19.86 -54.83 -114.51
C ASP RB 125 -18.68 -54.71 -115.47
N GLU RB 126 -17.79 -55.71 -115.43
CA GLU RB 126 -16.74 -55.88 -116.41
C GLU RB 126 -16.60 -57.35 -116.71
N SER RB 127 -15.63 -57.68 -117.57
CA SER RB 127 -15.36 -59.07 -117.92
C SER RB 127 -14.00 -59.50 -117.42
N LEU RB 128 -13.78 -60.81 -117.51
CA LEU RB 128 -12.65 -61.44 -116.82
C LEU RB 128 -11.32 -61.06 -117.44
N ALA RB 129 -11.32 -60.73 -118.74
CA ALA RB 129 -10.06 -60.37 -119.40
C ALA RB 129 -9.51 -59.06 -118.84
N GLU RB 130 -10.34 -58.02 -118.79
CA GLU RB 130 -9.89 -56.77 -118.22
C GLU RB 130 -9.74 -56.87 -116.70
N ILE RB 131 -10.49 -57.79 -116.07
CA ILE RB 131 -10.28 -58.06 -114.64
C ILE RB 131 -8.86 -58.58 -114.42
N LEU RB 132 -8.43 -59.53 -115.23
CA LEU RB 132 -7.09 -60.08 -115.11
C LEU RB 132 -6.03 -59.07 -115.48
N ARG RB 133 -6.33 -58.20 -116.44
CA ARG RB 133 -5.41 -57.13 -116.79
C ARG RB 133 -5.20 -56.19 -115.62
N ASP RB 134 -6.28 -55.83 -114.93
CA ASP RB 134 -6.18 -54.97 -113.77
C ASP RB 134 -5.44 -55.66 -112.64
N ILE RB 135 -5.63 -56.98 -112.50
CA ILE RB 135 -4.93 -57.74 -111.48
C ILE RB 135 -3.43 -57.73 -111.73
N ASP RB 136 -3.03 -58.00 -112.97
CA ASP RB 136 -1.60 -58.07 -113.26
C ASP RB 136 -0.95 -56.71 -113.21
N TYR RB 137 -1.69 -55.66 -113.54
CA TYR RB 137 -1.09 -54.33 -113.42
C TYR RB 137 -0.97 -53.91 -111.97
N GLN RB 138 -1.99 -54.16 -111.16
CA GLN RB 138 -1.88 -53.74 -109.77
C GLN RB 138 -1.01 -54.68 -108.94
N ALA RB 139 -0.67 -55.85 -109.47
CA ALA RB 139 0.22 -56.74 -108.76
C ALA RB 139 1.66 -56.23 -108.71
N GLY RB 140 2.01 -55.31 -109.58
CA GLY RB 140 3.35 -54.75 -109.52
C GLY RB 140 4.36 -55.70 -110.12
N LYS RB 141 5.45 -55.95 -109.39
CA LYS RB 141 6.59 -56.66 -109.93
C LYS RB 141 6.88 -57.98 -109.27
N LYS RB 142 6.27 -58.29 -108.13
CA LYS RB 142 6.53 -59.56 -107.49
C LYS RB 142 5.83 -60.71 -108.19
N ALA RB 143 4.79 -60.42 -108.97
CA ALA RB 143 3.95 -61.45 -109.53
C ALA RB 143 3.74 -61.17 -111.01
N SER RB 144 3.36 -62.23 -111.73
CA SER RB 144 2.99 -62.13 -113.13
C SER RB 144 1.96 -63.19 -113.43
N ILE RB 145 1.22 -62.98 -114.51
CA ILE RB 145 0.14 -63.89 -114.90
C ILE RB 145 0.38 -64.32 -116.33
N HIS RB 146 0.39 -65.63 -116.57
CA HIS RB 146 0.39 -66.15 -117.92
C HIS RB 146 -0.86 -66.98 -118.16
N VAL RB 147 -1.29 -66.98 -119.41
CA VAL RB 147 -2.51 -67.66 -119.80
C VAL RB 147 -2.19 -68.56 -120.98
N TYR RB 148 -2.53 -69.84 -120.85
CA TYR RB 148 -2.42 -70.72 -121.98
C TYR RB 148 -3.82 -71.15 -122.39
N PRO RB 149 -4.27 -70.80 -123.60
CA PRO RB 149 -5.60 -71.20 -124.04
C PRO RB 149 -5.64 -72.52 -124.80
N ASN RB 150 -4.49 -73.08 -125.16
CA ASN RB 150 -4.48 -74.40 -125.79
C ASN RB 150 -4.85 -75.45 -124.76
N SER RB 151 -4.06 -75.57 -123.71
CA SER RB 151 -4.45 -76.30 -122.50
C SER RB 151 -4.94 -75.25 -121.53
N GLN RB 152 -6.24 -75.27 -121.24
CA GLN RB 152 -6.96 -74.12 -120.69
C GLN RB 152 -6.53 -73.87 -119.25
N VAL RB 153 -5.42 -73.16 -119.11
CA VAL RB 153 -4.80 -73.00 -117.80
C VAL RB 153 -4.39 -71.55 -117.61
N VAL RB 154 -4.40 -71.13 -116.35
CA VAL RB 154 -3.82 -69.86 -115.93
C VAL RB 154 -2.73 -70.16 -114.91
N GLU RB 155 -1.58 -69.54 -115.10
CA GLU RB 155 -0.46 -69.75 -114.22
C GLU RB 155 -0.09 -68.43 -113.55
N LEU RB 156 -0.04 -68.46 -112.23
CA LEU RB 156 0.49 -67.34 -111.45
C LEU RB 156 1.97 -67.57 -111.20
N ARG RB 157 2.78 -66.57 -111.52
CA ARG RB 157 4.22 -66.67 -111.46
C ARG RB 157 4.75 -65.74 -110.38
N TYR RB 158 5.52 -66.29 -109.44
CA TYR RB 158 6.23 -65.46 -108.49
C TYR RB 158 7.60 -65.09 -109.01
N ALA RB 159 8.16 -64.02 -108.47
CA ALA RB 159 9.51 -63.62 -108.83
C ALA RB 159 10.53 -64.42 -108.02
N LYS RB 160 11.80 -64.20 -108.32
CA LYS RB 160 12.89 -64.85 -107.60
C LYS RB 160 13.07 -64.23 -106.21
N ILE SB 208 24.07 -39.60 -143.68
CA ILE SB 208 23.44 -39.36 -144.96
C ILE SB 208 21.94 -39.67 -144.86
N ILE SB 209 21.11 -38.70 -145.23
CA ILE SB 209 19.67 -38.86 -145.17
C ILE SB 209 19.04 -38.16 -146.36
N TYR SB 210 17.81 -38.59 -146.68
CA TYR SB 210 17.10 -38.14 -147.87
C TYR SB 210 15.76 -37.52 -147.48
N TYR SB 211 15.15 -36.84 -148.45
CA TYR SB 211 13.86 -36.17 -148.23
C TYR SB 211 13.03 -36.21 -149.50
N ILE SB 212 11.73 -36.06 -149.32
CA ILE SB 212 10.77 -36.09 -150.42
C ILE SB 212 10.42 -34.66 -150.80
N GLN SB 213 10.16 -34.44 -152.08
CA GLN SB 213 9.70 -33.14 -152.56
C GLN SB 213 8.28 -33.21 -153.09
N ALA SB 214 8.02 -34.10 -154.05
CA ALA SB 214 6.68 -34.25 -154.59
C ALA SB 214 6.50 -35.68 -155.02
N VAL SB 215 5.25 -36.14 -155.01
CA VAL SB 215 4.93 -37.50 -155.40
C VAL SB 215 3.75 -37.48 -156.35
N ILE SB 216 3.90 -38.18 -157.46
CA ILE SB 216 2.82 -38.37 -158.42
C ILE SB 216 2.44 -39.84 -158.25
N PRO SB 217 1.25 -40.28 -158.69
CA PRO SB 217 1.00 -41.73 -158.74
C PRO SB 217 1.96 -42.44 -159.67
N GLY SB 218 2.84 -43.24 -159.10
CA GLY SB 218 3.78 -44.02 -159.88
C GLY SB 218 5.25 -43.73 -159.64
N ARG SB 219 5.62 -42.47 -159.46
CA ARG SB 219 7.02 -42.11 -159.34
C ARG SB 219 7.19 -40.96 -158.36
N ALA SB 220 8.41 -40.83 -157.83
CA ALA SB 220 8.69 -39.92 -156.74
C ALA SB 220 10.01 -39.22 -156.94
N TRP SB 221 10.13 -38.05 -156.32
CA TRP SB 221 11.32 -37.23 -156.35
C TRP SB 221 11.96 -37.22 -154.96
N LEU SB 222 13.27 -37.45 -154.92
CA LEU SB 222 14.01 -37.51 -153.68
C LEU SB 222 15.22 -36.58 -153.75
N ILE SB 223 15.38 -35.73 -152.73
CA ILE SB 223 16.54 -34.87 -152.61
C ILE SB 223 17.08 -35.02 -151.20
N GLY SB 224 18.38 -35.28 -151.08
CA GLY SB 224 19.01 -35.55 -149.81
C GLY SB 224 19.86 -34.42 -149.28
N SER SB 225 20.71 -34.77 -148.30
CA SER SB 225 21.50 -33.77 -147.58
C SER SB 225 22.66 -33.26 -148.42
N ASN SB 226 23.23 -34.10 -149.28
CA ASN SB 226 24.43 -33.75 -150.02
C ASN SB 226 24.13 -33.14 -151.38
N GLY SB 227 22.87 -32.87 -151.69
CA GLY SB 227 22.52 -32.18 -152.91
C GLY SB 227 22.23 -33.05 -154.11
N SER SB 228 21.98 -34.34 -153.91
CA SER SB 228 21.65 -35.23 -155.02
C SER SB 228 20.15 -35.30 -155.19
N THR SB 229 19.68 -35.17 -156.43
CA THR SB 229 18.27 -35.28 -156.77
C THR SB 229 18.05 -36.55 -157.57
N LEU SB 230 16.91 -37.19 -157.36
CA LEU SB 230 16.66 -38.48 -157.98
C LEU SB 230 15.18 -38.68 -158.22
N THR SB 231 14.89 -39.53 -159.20
CA THR SB 231 13.56 -40.03 -159.48
C THR SB 231 13.55 -41.51 -159.17
N VAL SB 232 12.51 -41.98 -158.51
CA VAL SB 232 12.38 -43.39 -158.16
C VAL SB 232 11.02 -43.90 -158.60
N ARG SB 233 11.01 -45.12 -159.13
CA ARG SB 233 9.78 -45.80 -159.48
C ARG SB 233 9.25 -46.55 -158.25
N GLU SB 234 8.26 -47.42 -158.47
CA GLU SB 234 7.73 -48.23 -157.38
C GLU SB 234 8.77 -49.20 -156.84
N GLY SB 235 9.55 -49.83 -157.72
CA GLY SB 235 10.65 -50.66 -157.30
C GLY SB 235 11.96 -50.18 -157.89
N SER SB 236 12.83 -49.63 -157.05
CA SER SB 236 14.09 -49.07 -157.52
C SER SB 236 15.05 -49.04 -156.35
N LYS SB 237 16.34 -48.96 -156.67
CA LYS SB 237 17.41 -49.10 -155.69
C LYS SB 237 18.00 -47.73 -155.38
N ILE SB 238 18.18 -47.43 -154.10
CA ILE SB 238 18.82 -46.19 -153.68
C ILE SB 238 19.87 -46.53 -152.63
N PRO SB 239 21.00 -45.83 -152.62
CA PRO SB 239 22.02 -46.11 -151.60
C PRO SB 239 21.56 -45.65 -150.22
N GLY SB 240 21.93 -46.43 -149.21
CA GLY SB 240 21.48 -46.21 -147.86
C GLY SB 240 20.13 -46.81 -147.54
N TYR SB 241 19.38 -47.22 -148.52
CA TYR SB 241 18.09 -47.86 -148.30
C TYR SB 241 17.94 -49.16 -149.08
N GLY SB 242 18.46 -49.23 -150.30
CA GLY SB 242 18.22 -50.39 -151.14
C GLY SB 242 16.95 -50.25 -151.95
N MET SB 243 16.16 -51.31 -152.01
CA MET SB 243 14.92 -51.29 -152.77
C MET SB 243 13.86 -50.43 -152.06
N VAL SB 244 12.85 -50.05 -152.81
CA VAL SB 244 11.69 -49.35 -152.28
C VAL SB 244 10.46 -50.22 -152.52
N LYS SB 245 9.56 -50.26 -151.55
CA LYS SB 245 8.39 -51.12 -151.62
C LYS SB 245 7.19 -50.41 -152.24
N LEU SB 246 6.76 -49.30 -151.64
CA LEU SB 246 5.48 -48.71 -151.99
C LEU SB 246 5.62 -47.21 -152.14
N ILE SB 247 4.91 -46.67 -153.12
CA ILE SB 247 4.75 -45.23 -153.30
C ILE SB 247 3.34 -44.88 -152.87
N ASP SB 248 3.22 -44.00 -151.89
CA ASP SB 248 1.93 -43.51 -151.44
C ASP SB 248 1.73 -42.09 -151.95
N SER SB 249 0.67 -41.88 -152.72
CA SER SB 249 0.36 -40.55 -153.23
C SER SB 249 -0.62 -39.80 -152.36
N LEU SB 250 -1.38 -40.51 -151.51
CA LEU SB 250 -2.31 -39.84 -150.62
C LEU SB 250 -1.57 -39.06 -149.54
N GLN SB 251 -0.59 -39.68 -148.92
CA GLN SB 251 0.22 -39.05 -147.90
C GLN SB 251 1.68 -39.18 -148.28
N GLY SB 252 2.48 -38.22 -147.85
CA GLY SB 252 3.88 -38.19 -148.21
C GLY SB 252 4.74 -39.13 -147.40
N ARG SB 253 4.43 -40.42 -147.45
CA ARG SB 253 5.13 -41.45 -146.70
C ARG SB 253 5.62 -42.50 -147.68
N ILE SB 254 6.88 -42.87 -147.58
CA ILE SB 254 7.48 -43.82 -148.51
C ILE SB 254 8.01 -45.01 -147.71
N LEU SB 255 7.53 -46.20 -148.05
CA LEU SB 255 7.97 -47.43 -147.42
C LEU SB 255 9.25 -47.93 -148.06
N THR SB 256 10.21 -48.31 -147.22
CA THR SB 256 11.51 -48.80 -147.69
C THR SB 256 11.56 -50.32 -147.59
N SER SB 257 12.42 -50.93 -148.41
CA SER SB 257 12.73 -52.33 -148.20
C SER SB 257 13.63 -52.52 -146.99
N SER SB 258 14.41 -51.50 -146.63
CA SER SB 258 15.20 -51.57 -145.41
C SER SB 258 14.35 -51.43 -144.16
N GLY SB 259 13.12 -50.96 -144.28
CA GLY SB 259 12.18 -51.02 -143.18
C GLY SB 259 11.96 -49.72 -142.43
N GLN SB 260 11.85 -48.61 -143.15
CA GLN SB 260 11.47 -47.33 -142.54
C GLN SB 260 10.60 -46.57 -143.53
N VAL SB 261 10.31 -45.32 -143.18
CA VAL SB 261 9.41 -44.48 -143.97
C VAL SB 261 10.06 -43.12 -144.16
N ILE SB 262 10.14 -42.69 -145.39
CA ILE SB 262 10.62 -41.35 -145.75
C ILE SB 262 9.45 -40.40 -145.75
N LYS SB 263 9.70 -39.15 -145.35
CA LYS SB 263 8.67 -38.12 -145.27
C LYS SB 263 9.23 -36.82 -145.83
N PHE SB 264 8.47 -35.74 -145.69
CA PHE SB 264 8.96 -34.40 -146.00
C PHE SB 264 9.74 -33.85 -144.81
N SER SB 265 10.04 -32.56 -144.85
CA SER SB 265 10.58 -31.85 -143.71
C SER SB 265 9.55 -30.86 -143.20
N GLN SB 266 9.93 -30.06 -142.20
CA GLN SB 266 9.09 -28.98 -141.68
C GLN SB 266 9.94 -27.90 -141.02
N MET TB 23 -50.96 -21.63 -126.21
CA MET TB 23 -49.91 -22.62 -126.41
C MET TB 23 -49.00 -22.74 -125.19
N LYS TB 24 -49.45 -23.49 -124.19
CA LYS TB 24 -48.68 -23.65 -122.96
C LYS TB 24 -47.75 -24.85 -123.10
N PHE TB 25 -47.16 -25.28 -121.98
CA PHE TB 25 -46.34 -26.46 -121.94
C PHE TB 25 -46.55 -27.18 -120.63
N LYS TB 26 -46.33 -28.49 -120.66
CA LYS TB 26 -46.49 -29.31 -119.47
C LYS TB 26 -45.65 -30.56 -119.62
N LYS TB 27 -45.38 -31.21 -118.50
CA LYS TB 27 -44.60 -32.43 -118.41
C LYS TB 27 -45.45 -33.49 -117.71
N PRO TB 28 -45.27 -34.78 -118.02
CA PRO TB 28 -46.32 -35.78 -117.73
C PRO TB 28 -46.62 -36.00 -116.24
N PRO TB 29 -45.66 -36.43 -115.39
CA PRO TB 29 -46.12 -36.85 -114.06
C PRO TB 29 -46.35 -35.68 -113.13
N ILE TB 30 -47.60 -35.35 -112.91
CA ILE TB 30 -47.98 -34.33 -111.95
C ILE TB 30 -48.81 -35.01 -110.89
N ASN TB 31 -48.38 -34.87 -109.63
CA ASN TB 31 -49.03 -35.59 -108.55
C ASN TB 31 -49.42 -34.64 -107.44
N ASN TB 32 -49.86 -35.19 -106.32
CA ASN TB 32 -50.12 -34.40 -105.14
C ASN TB 32 -48.79 -33.91 -104.57
N PRO TB 33 -48.81 -32.78 -103.86
CA PRO TB 33 -47.59 -32.30 -103.23
C PRO TB 33 -47.06 -33.28 -102.19
N SER TB 34 -45.74 -33.41 -102.15
CA SER TB 34 -45.06 -34.43 -101.40
C SER TB 34 -44.64 -33.90 -100.03
N ASP TB 35 -43.82 -34.68 -99.33
CA ASP TB 35 -43.21 -34.22 -98.10
C ASP TB 35 -41.73 -34.57 -98.07
N ASP TB 36 -40.97 -33.66 -97.49
CA ASP TB 36 -39.52 -33.82 -97.37
C ASP TB 36 -39.13 -34.96 -96.45
N ALA TB 37 -39.92 -35.20 -95.40
CA ALA TB 37 -39.62 -36.34 -94.53
C ALA TB 37 -39.81 -37.65 -95.27
N THR TB 38 -40.87 -37.73 -96.07
CA THR TB 38 -41.12 -38.88 -96.92
C THR TB 38 -39.98 -39.06 -97.92
N ILE TB 39 -39.48 -37.94 -98.45
CA ILE TB 39 -38.35 -37.95 -99.36
C ILE TB 39 -37.11 -38.53 -98.68
N LYS TB 40 -36.87 -38.10 -97.44
CA LYS TB 40 -35.69 -38.56 -96.71
C LYS TB 40 -35.80 -40.04 -96.39
N LEU TB 41 -37.00 -40.50 -96.04
CA LEU TB 41 -37.19 -41.91 -95.74
C LEU TB 41 -36.96 -42.78 -96.98
N ALA TB 42 -37.48 -42.36 -98.13
CA ALA TB 42 -37.22 -43.11 -99.36
C ALA TB 42 -35.75 -43.06 -99.76
N GLU TB 43 -35.09 -41.93 -99.50
CA GLU TB 43 -33.69 -41.81 -99.82
C GLU TB 43 -32.83 -42.68 -98.91
N ALA TB 44 -33.28 -42.95 -97.70
CA ALA TB 44 -32.60 -43.98 -96.92
C ALA TB 44 -32.89 -45.37 -97.47
N ALA TB 45 -34.15 -45.59 -97.86
CA ALA TB 45 -34.61 -46.93 -98.20
C ALA TB 45 -33.97 -47.45 -99.47
N VAL TB 46 -33.65 -46.56 -100.41
CA VAL TB 46 -33.03 -47.00 -101.65
C VAL TB 46 -31.64 -47.57 -101.40
N SER TB 47 -30.87 -46.92 -100.53
CA SER TB 47 -29.53 -47.42 -100.18
C SER TB 47 -29.64 -48.71 -99.38
N VAL TB 48 -30.64 -48.79 -98.51
CA VAL TB 48 -30.88 -50.02 -97.76
C VAL TB 48 -31.20 -51.17 -98.70
N SER TB 49 -32.04 -50.92 -99.70
CA SER TB 49 -32.43 -51.93 -100.67
C SER TB 49 -31.24 -52.38 -101.51
N ASP TB 50 -30.39 -51.42 -101.89
CA ASP TB 50 -29.18 -51.77 -102.64
C ASP TB 50 -28.25 -52.65 -101.83
N SER TB 51 -28.08 -52.32 -100.55
CA SER TB 51 -27.20 -53.10 -99.69
C SER TB 51 -27.74 -54.52 -99.49
N MET TB 52 -29.05 -54.64 -99.29
CA MET TB 52 -29.67 -55.94 -99.14
C MET TB 52 -29.55 -56.77 -100.41
N LEU TB 53 -29.69 -56.11 -101.57
CA LEU TB 53 -29.51 -56.78 -102.85
C LEU TB 53 -28.09 -57.31 -103.00
N GLU TB 54 -27.11 -56.52 -102.58
CA GLU TB 54 -25.72 -56.93 -102.64
C GLU TB 54 -25.46 -58.15 -101.76
N MET TB 55 -26.02 -58.13 -100.55
CA MET TB 55 -25.85 -59.24 -99.62
C MET TB 55 -26.47 -60.51 -100.18
N ALA TB 56 -27.65 -60.40 -100.78
CA ALA TB 56 -28.31 -61.57 -101.34
C ALA TB 56 -27.54 -62.13 -102.52
N LYS TB 57 -27.00 -61.24 -103.36
CA LYS TB 57 -26.25 -61.68 -104.53
C LYS TB 57 -25.00 -62.45 -104.12
N VAL TB 58 -24.25 -61.92 -103.17
CA VAL TB 58 -23.02 -62.59 -102.77
C VAL TB 58 -23.33 -63.87 -102.01
N GLU TB 59 -24.45 -63.91 -101.28
CA GLU TB 59 -24.83 -65.12 -100.56
C GLU TB 59 -25.22 -66.24 -101.50
N LYS TB 60 -26.00 -65.90 -102.54
CA LYS TB 60 -26.37 -66.89 -103.55
C LYS TB 60 -25.14 -67.36 -104.33
N VAL TB 61 -24.20 -66.45 -104.56
CA VAL TB 61 -22.96 -66.82 -105.26
C VAL TB 61 -22.16 -67.83 -104.44
N ILE TB 62 -22.03 -67.59 -103.15
CA ILE TB 62 -21.18 -68.49 -102.34
C ILE TB 62 -21.88 -69.81 -102.11
N THR TB 63 -23.06 -69.78 -101.50
CA THR TB 63 -23.68 -71.02 -101.08
C THR TB 63 -24.50 -71.59 -102.23
N PRO TB 64 -24.26 -72.84 -102.63
CA PRO TB 64 -25.07 -73.45 -103.67
C PRO TB 64 -26.37 -73.98 -103.10
N PRO TB 65 -27.52 -73.57 -103.63
CA PRO TB 65 -28.78 -74.18 -103.23
C PRO TB 65 -28.86 -75.62 -103.69
N SER TB 66 -29.55 -76.44 -102.90
CA SER TB 66 -29.66 -77.86 -103.18
C SER TB 66 -31.08 -78.26 -103.55
N LYS TB 67 -32.05 -77.99 -102.69
CA LYS TB 67 -33.40 -78.45 -102.92
C LYS TB 67 -34.37 -77.59 -102.12
N ASP TB 68 -35.52 -77.31 -102.71
CA ASP TB 68 -36.51 -76.46 -102.08
C ASP TB 68 -37.51 -77.29 -101.29
N ASN TB 69 -38.47 -76.60 -100.67
CA ASN TB 69 -39.48 -77.20 -99.81
C ASN TB 69 -40.62 -77.86 -100.57
N THR TB 70 -40.50 -78.08 -101.88
CA THR TB 70 -41.54 -78.77 -102.62
C THR TB 70 -41.70 -80.21 -102.15
N LEU TB 71 -40.58 -80.88 -101.87
CA LEU TB 71 -40.65 -82.21 -101.28
C LEU TB 71 -41.18 -82.17 -99.86
N THR TB 72 -40.99 -81.06 -99.16
CA THR TB 72 -41.51 -80.95 -97.80
C THR TB 72 -43.02 -80.80 -97.80
N ILE TB 73 -43.53 -79.94 -98.67
CA ILE TB 73 -44.98 -79.72 -98.74
C ILE TB 73 -45.39 -79.79 -100.21
N PRO TB 74 -46.11 -80.84 -100.60
CA PRO TB 74 -46.69 -80.87 -101.95
C PRO TB 74 -48.12 -80.37 -101.94
N ASN TB 75 -48.46 -79.58 -102.96
CA ASN TB 75 -49.81 -79.05 -103.06
C ASN TB 75 -50.75 -80.13 -103.58
N ALA TB 76 -52.00 -80.05 -103.14
CA ALA TB 76 -53.01 -81.01 -103.54
C ALA TB 76 -54.32 -80.25 -103.72
N TYR TB 77 -55.42 -81.00 -103.85
CA TYR TB 77 -56.71 -80.38 -104.06
C TYR TB 77 -57.20 -79.72 -102.79
N ASN TB 78 -58.22 -78.86 -102.94
CA ASN TB 78 -58.77 -77.89 -102.00
C ASN TB 78 -57.68 -77.13 -101.25
N LEU TB 79 -56.62 -76.79 -101.97
CA LEU TB 79 -55.59 -75.88 -101.51
C LEU TB 79 -55.47 -74.70 -102.43
N GLN TB 80 -56.27 -74.65 -103.48
CA GLN TB 80 -56.23 -73.57 -104.44
C GLN TB 80 -57.20 -72.46 -104.10
N ALA TB 81 -57.95 -72.60 -103.02
CA ALA TB 81 -58.76 -71.48 -102.54
C ALA TB 81 -57.82 -70.37 -102.10
N ARG TB 82 -58.20 -69.13 -102.39
CA ARG TB 82 -57.21 -68.06 -102.32
C ARG TB 82 -57.42 -67.20 -101.09
N ALA TB 83 -56.43 -66.35 -100.82
CA ALA TB 83 -56.43 -65.56 -99.60
C ALA TB 83 -55.64 -64.28 -99.82
N SER TB 84 -55.95 -63.30 -98.98
CA SER TB 84 -55.14 -62.09 -98.88
C SER TB 84 -55.07 -61.68 -97.42
N VAL TB 85 -53.87 -61.48 -96.92
CA VAL TB 85 -53.64 -61.45 -95.48
C VAL TB 85 -52.66 -60.34 -95.12
N ASP TB 86 -53.05 -59.52 -94.14
CA ASP TB 86 -52.10 -58.70 -93.40
C ASP TB 86 -52.03 -59.23 -91.98
N TRP TB 87 -50.83 -59.54 -91.51
CA TRP TB 87 -50.69 -60.21 -90.22
C TRP TB 87 -49.35 -59.85 -89.61
N SER TB 88 -49.33 -59.75 -88.28
CA SER TB 88 -48.08 -59.51 -87.59
C SER TB 88 -47.94 -60.29 -86.28
N GLY TB 89 -48.91 -61.11 -85.92
CA GLY TB 89 -48.88 -61.77 -84.64
C GLY TB 89 -48.03 -63.01 -84.64
N PRO TB 90 -48.13 -63.81 -83.57
CA PRO TB 90 -47.40 -65.09 -83.54
C PRO TB 90 -48.02 -66.13 -84.45
N ILE TB 91 -47.46 -67.34 -84.40
CA ILE TB 91 -47.64 -68.28 -85.49
C ILE TB 91 -48.94 -69.07 -85.34
N GLU TB 92 -49.24 -69.51 -84.13
CA GLU TB 92 -50.21 -70.58 -83.91
C GLU TB 92 -51.62 -70.15 -84.25
N GLU TB 93 -51.97 -68.91 -83.95
CA GLU TB 93 -53.30 -68.39 -84.24
C GLU TB 93 -53.55 -68.36 -85.74
N LEU TB 94 -52.57 -67.86 -86.50
CA LEU TB 94 -52.72 -67.79 -87.95
C LEU TB 94 -52.75 -69.18 -88.57
N THR TB 95 -51.97 -70.10 -88.02
CA THR TB 95 -51.99 -71.47 -88.52
C THR TB 95 -53.34 -72.13 -88.29
N ALA TB 96 -53.93 -71.92 -87.12
CA ALA TB 96 -55.24 -72.49 -86.84
C ALA TB 96 -56.31 -71.86 -87.72
N ARG TB 97 -56.20 -70.55 -87.98
CA ARG TB 97 -57.13 -69.89 -88.88
C ARG TB 97 -57.08 -70.49 -90.28
N ILE TB 98 -55.88 -70.69 -90.81
CA ILE TB 98 -55.81 -71.18 -92.18
C ILE TB 98 -56.16 -72.66 -92.23
N ALA TB 99 -55.95 -73.41 -91.14
CA ALA TB 99 -56.37 -74.81 -91.15
C ALA TB 99 -57.88 -74.94 -91.13
N LYS TB 100 -58.55 -74.11 -90.32
CA LYS TB 100 -60.01 -74.12 -90.28
C LYS TB 100 -60.60 -73.64 -91.60
N ALA TB 101 -59.90 -72.77 -92.31
CA ALA TB 101 -60.28 -72.50 -93.69
C ALA TB 101 -60.07 -73.73 -94.56
N ALA TB 102 -58.98 -74.44 -94.35
CA ALA TB 102 -58.53 -75.46 -95.28
C ALA TB 102 -59.19 -76.82 -95.07
N HIS TB 103 -60.07 -76.95 -94.07
CA HIS TB 103 -60.81 -78.17 -93.78
C HIS TB 103 -59.88 -79.33 -93.45
N PHE TB 104 -58.80 -79.03 -92.75
CA PHE TB 104 -57.76 -80.02 -92.51
C PHE TB 104 -57.56 -80.25 -91.03
N ARG TB 105 -57.20 -81.49 -90.70
CA ARG TB 105 -56.73 -81.83 -89.37
C ARG TB 105 -55.45 -81.09 -89.05
N PHE TB 106 -55.35 -80.57 -87.84
CA PHE TB 106 -54.22 -79.78 -87.40
C PHE TB 106 -53.39 -80.57 -86.39
N ARG TB 107 -52.07 -80.38 -86.41
CA ARG TB 107 -51.24 -81.04 -85.43
C ARG TB 107 -50.03 -80.20 -85.08
N VAL TB 108 -49.61 -80.26 -83.81
CA VAL TB 108 -48.46 -79.52 -83.31
C VAL TB 108 -47.51 -80.48 -82.59
N LEU TB 109 -46.22 -80.31 -82.84
CA LEU TB 109 -45.19 -81.13 -82.24
C LEU TB 109 -44.07 -80.26 -81.71
N GLY TB 110 -43.46 -80.69 -80.61
CA GLY TB 110 -42.40 -79.94 -79.97
C GLY TB 110 -42.93 -78.97 -78.93
N LYS TB 111 -42.06 -78.64 -77.98
CA LYS TB 111 -42.43 -77.73 -76.92
C LYS TB 111 -42.41 -76.30 -77.45
N SER TB 112 -43.37 -75.51 -77.00
CA SER TB 112 -43.33 -74.08 -77.32
C SER TB 112 -42.19 -73.43 -76.55
N PRO TB 113 -41.31 -72.71 -77.21
CA PRO TB 113 -40.17 -72.09 -76.54
C PRO TB 113 -40.63 -70.84 -75.80
N SER TB 114 -39.70 -70.25 -75.05
CA SER TB 114 -40.01 -69.07 -74.27
C SER TB 114 -40.26 -67.87 -75.18
N VAL TB 115 -39.35 -67.61 -76.10
CA VAL TB 115 -39.53 -66.48 -77.01
C VAL TB 115 -40.52 -66.92 -78.07
N PRO TB 116 -41.63 -66.22 -78.22
CA PRO TB 116 -42.57 -66.59 -79.28
C PRO TB 116 -42.01 -66.22 -80.64
N VAL TB 117 -42.25 -67.10 -81.61
CA VAL TB 117 -41.74 -66.87 -82.95
C VAL TB 117 -42.72 -65.94 -83.66
N LEU TB 118 -42.26 -64.73 -83.98
CA LEU TB 118 -43.12 -63.69 -84.49
C LEU TB 118 -42.94 -63.56 -85.98
N ILE TB 119 -44.04 -63.48 -86.72
CA ILE TB 119 -44.01 -63.47 -88.18
C ILE TB 119 -44.81 -62.28 -88.67
N SER TB 120 -44.23 -61.50 -89.59
CA SER TB 120 -44.94 -60.48 -90.32
C SER TB 120 -45.01 -60.90 -91.79
N ILE TB 121 -46.21 -60.94 -92.34
CA ILE TB 121 -46.43 -61.35 -93.72
C ILE TB 121 -47.47 -60.43 -94.34
N SER TB 122 -47.14 -59.85 -95.49
CA SER TB 122 -48.09 -59.06 -96.26
C SER TB 122 -48.07 -59.54 -97.70
N THR TB 123 -49.22 -60.01 -98.18
CA THR TB 123 -49.35 -60.53 -99.53
C THR TB 123 -50.79 -60.39 -99.97
N LYS TB 124 -51.03 -60.58 -101.27
CA LYS TB 124 -52.37 -60.34 -101.80
C LYS TB 124 -52.66 -61.28 -102.96
N ASP TB 125 -53.71 -62.10 -102.81
CA ASP TB 125 -54.20 -63.05 -103.80
C ASP TB 125 -53.13 -64.08 -104.19
N GLU TB 126 -52.80 -64.94 -103.23
CA GLU TB 126 -51.92 -66.07 -103.48
C GLU TB 126 -52.58 -67.35 -102.99
N SER TB 127 -51.99 -68.47 -103.37
CA SER TB 127 -52.50 -69.77 -102.96
C SER TB 127 -52.14 -70.06 -101.52
N LEU TB 128 -52.94 -70.92 -100.89
CA LEU TB 128 -52.69 -71.31 -99.51
C LEU TB 128 -51.39 -72.09 -99.38
N ALA TB 129 -51.12 -72.96 -100.35
CA ALA TB 129 -49.91 -73.79 -100.28
C ALA TB 129 -48.66 -72.94 -100.39
N GLU TB 130 -48.65 -71.97 -101.30
CA GLU TB 130 -47.47 -71.13 -101.44
C GLU TB 130 -47.37 -70.14 -100.30
N ILE TB 131 -48.51 -69.75 -99.72
CA ILE TB 131 -48.49 -68.95 -98.50
C ILE TB 131 -47.82 -69.73 -97.37
N LEU TB 132 -48.14 -71.01 -97.25
CA LEU TB 132 -47.50 -71.82 -96.22
C LEU TB 132 -46.03 -72.07 -96.52
N ARG TB 133 -45.67 -72.21 -97.79
CA ARG TB 133 -44.27 -72.36 -98.16
C ARG TB 133 -43.49 -71.09 -97.82
N ASP TB 134 -44.10 -69.94 -98.06
CA ASP TB 134 -43.51 -68.66 -97.67
C ASP TB 134 -43.37 -68.57 -96.16
N ILE TB 135 -44.36 -69.06 -95.43
CA ILE TB 135 -44.33 -69.05 -93.97
C ILE TB 135 -43.20 -69.93 -93.47
N ASP TB 136 -43.03 -71.10 -94.08
CA ASP TB 136 -41.97 -72.02 -93.70
C ASP TB 136 -40.60 -71.41 -93.95
N TYR TB 137 -40.43 -70.74 -95.08
CA TYR TB 137 -39.15 -70.11 -95.35
C TYR TB 137 -38.90 -68.93 -94.44
N GLN TB 138 -39.92 -68.13 -94.15
CA GLN TB 138 -39.73 -66.95 -93.31
C GLN TB 138 -39.53 -67.34 -91.86
N ALA TB 139 -40.05 -68.49 -91.45
CA ALA TB 139 -39.66 -69.03 -90.16
C ALA TB 139 -38.21 -69.48 -90.20
N GLY TB 140 -37.84 -70.26 -91.20
CA GLY TB 140 -36.47 -70.69 -91.32
C GLY TB 140 -36.02 -71.67 -90.26
N LYS TB 141 -35.17 -71.19 -89.35
CA LYS TB 141 -34.48 -72.08 -88.42
C LYS TB 141 -35.39 -72.56 -87.30
N LYS TB 142 -36.25 -71.69 -86.78
CA LYS TB 142 -36.90 -71.96 -85.50
C LYS TB 142 -38.03 -72.97 -85.60
N ALA TB 143 -38.67 -73.09 -86.76
CA ALA TB 143 -39.82 -73.98 -86.86
C ALA TB 143 -39.88 -74.55 -88.26
N SER TB 144 -40.63 -75.63 -88.40
CA SER TB 144 -40.81 -76.26 -89.69
C SER TB 144 -42.26 -76.68 -89.85
N ILE TB 145 -42.65 -76.88 -91.11
CA ILE TB 145 -44.04 -77.16 -91.45
C ILE TB 145 -44.07 -78.42 -92.31
N HIS TB 146 -45.22 -79.09 -92.29
CA HIS TB 146 -45.37 -80.36 -92.99
C HIS TB 146 -46.83 -80.57 -93.34
N VAL TB 147 -47.06 -81.44 -94.32
CA VAL TB 147 -48.41 -81.83 -94.70
C VAL TB 147 -48.41 -83.29 -95.13
N TYR TB 148 -49.44 -84.02 -94.71
CA TYR TB 148 -49.75 -85.35 -95.22
C TYR TB 148 -51.12 -85.18 -95.86
N PRO TB 149 -51.18 -84.83 -97.14
CA PRO TB 149 -52.46 -84.47 -97.76
C PRO TB 149 -53.35 -85.66 -98.03
N ASN TB 150 -52.78 -86.87 -98.06
CA ASN TB 150 -53.57 -88.08 -98.12
C ASN TB 150 -54.45 -88.22 -96.89
N SER TB 151 -53.91 -87.92 -95.72
CA SER TB 151 -54.66 -88.00 -94.47
C SER TB 151 -55.22 -86.64 -94.06
N GLN TB 152 -55.06 -85.62 -94.90
CA GLN TB 152 -55.54 -84.25 -94.67
C GLN TB 152 -54.99 -83.64 -93.39
N VAL TB 153 -53.73 -83.93 -93.07
CA VAL TB 153 -53.10 -83.46 -91.85
C VAL TB 153 -52.10 -82.37 -92.21
N VAL TB 154 -52.16 -81.25 -91.50
CA VAL TB 154 -51.14 -80.21 -91.60
C VAL TB 154 -50.49 -80.08 -90.23
N GLU TB 155 -49.16 -80.19 -90.22
CA GLU TB 155 -48.39 -80.33 -88.98
C GLU TB 155 -47.40 -79.19 -88.87
N LEU TB 156 -47.22 -78.70 -87.66
CA LEU TB 156 -46.17 -77.75 -87.32
C LEU TB 156 -45.25 -78.38 -86.30
N ARG TB 157 -43.94 -78.20 -86.46
CA ARG TB 157 -42.98 -78.70 -85.49
C ARG TB 157 -42.07 -77.56 -85.06
N TYR TB 158 -41.92 -77.41 -83.74
CA TYR TB 158 -40.96 -76.47 -83.20
C TYR TB 158 -39.54 -77.00 -83.40
N ALA TB 159 -38.56 -76.14 -83.15
CA ALA TB 159 -37.18 -76.53 -83.29
C ALA TB 159 -36.70 -77.19 -82.00
N LYS TB 160 -36.31 -78.45 -82.10
CA LYS TB 160 -35.51 -79.04 -81.04
C LYS TB 160 -34.11 -78.45 -81.14
N ILE TB 161 -33.78 -77.58 -80.20
CA ILE TB 161 -32.52 -76.85 -80.22
C ILE TB 161 -32.01 -76.84 -78.78
N TYR TB 162 -30.76 -76.37 -78.62
CA TYR TB 162 -29.93 -76.53 -77.41
C TYR TB 162 -29.86 -77.99 -76.98
N ARG UB 207 25.57 -74.60 -80.87
CA ARG UB 207 24.97 -75.25 -79.71
C ARG UB 207 24.98 -74.30 -78.51
N ILE UB 208 25.03 -74.85 -77.31
CA ILE UB 208 24.99 -74.07 -76.07
C ILE UB 208 26.26 -74.35 -75.28
N ILE UB 209 26.97 -73.29 -74.91
CA ILE UB 209 28.33 -73.37 -74.42
C ILE UB 209 28.36 -72.95 -72.95
N TYR UB 210 28.98 -73.77 -72.11
CA TYR UB 210 28.99 -73.57 -70.67
C TYR UB 210 30.38 -73.13 -70.22
N TYR UB 211 30.41 -72.10 -69.37
CA TYR UB 211 31.64 -71.60 -68.77
C TYR UB 211 31.55 -71.81 -67.26
N ILE UB 212 32.64 -72.24 -66.66
CA ILE UB 212 32.67 -72.40 -65.22
C ILE UB 212 32.76 -71.02 -64.56
N GLN UB 213 32.00 -70.84 -63.49
CA GLN UB 213 32.06 -69.60 -62.73
C GLN UB 213 32.47 -69.85 -61.29
N ALA UB 214 31.90 -70.86 -60.65
CA ALA UB 214 32.29 -71.25 -59.30
C ALA UB 214 32.77 -72.70 -59.31
N VAL UB 215 33.97 -72.92 -58.78
CA VAL UB 215 34.60 -74.23 -58.78
C VAL UB 215 35.05 -74.56 -57.36
N ILE UB 216 34.58 -75.69 -56.84
CA ILE UB 216 35.00 -76.20 -55.54
C ILE UB 216 35.18 -77.71 -55.66
N PRO UB 217 35.88 -78.33 -54.71
CA PRO UB 217 35.85 -79.79 -54.67
C PRO UB 217 34.49 -80.34 -54.27
N GLY UB 218 33.77 -80.90 -55.23
CA GLY UB 218 32.47 -81.48 -54.97
C GLY UB 218 31.33 -80.90 -55.79
N ARG UB 219 31.36 -79.59 -56.05
CA ARG UB 219 30.33 -78.92 -56.84
C ARG UB 219 31.01 -78.00 -57.86
N ALA UB 220 30.23 -77.60 -58.86
CA ALA UB 220 30.75 -76.68 -59.87
C ALA UB 220 29.57 -75.93 -60.48
N TRP UB 221 29.70 -74.61 -60.59
CA TRP UB 221 28.64 -73.79 -61.16
C TRP UB 221 29.01 -73.45 -62.60
N LEU UB 222 28.10 -73.76 -63.52
CA LEU UB 222 28.32 -73.57 -64.95
C LEU UB 222 27.24 -72.67 -65.52
N ILE UB 223 27.66 -71.68 -66.29
CA ILE UB 223 26.76 -70.72 -66.92
C ILE UB 223 26.75 -71.03 -68.41
N GLY UB 224 25.57 -71.37 -68.94
CA GLY UB 224 25.46 -71.60 -70.36
C GLY UB 224 25.53 -70.32 -71.16
N SER UB 225 25.78 -70.48 -72.46
CA SER UB 225 25.74 -69.35 -73.37
C SER UB 225 24.32 -68.87 -73.64
N ASN UB 226 23.32 -69.70 -73.35
CA ASN UB 226 21.92 -69.26 -73.45
C ASN UB 226 21.58 -68.24 -72.38
N GLY UB 227 22.29 -68.23 -71.25
CA GLY UB 227 22.02 -67.28 -70.19
C GLY UB 227 21.74 -67.95 -68.87
N SER UB 228 21.05 -69.10 -68.90
CA SER UB 228 20.75 -69.82 -67.69
C SER UB 228 22.00 -70.50 -67.14
N THR UB 229 21.89 -71.06 -65.95
CA THR UB 229 23.02 -71.69 -65.30
C THR UB 229 22.57 -72.90 -64.49
N LEU UB 230 23.55 -73.61 -63.95
CA LEU UB 230 23.29 -74.79 -63.15
C LEU UB 230 24.48 -75.03 -62.23
N THR UB 231 24.29 -75.94 -61.27
CA THR UB 231 25.36 -76.41 -60.41
C THR UB 231 25.35 -77.93 -60.42
N VAL UB 232 26.54 -78.52 -60.50
CA VAL UB 232 26.68 -79.95 -60.70
C VAL UB 232 27.61 -80.54 -59.64
N ARG UB 233 27.51 -81.84 -59.50
CA ARG UB 233 28.38 -82.69 -58.71
C ARG UB 233 29.10 -83.65 -59.67
N GLU UB 234 29.79 -84.63 -59.10
CA GLU UB 234 30.49 -85.62 -59.92
C GLU UB 234 29.52 -86.45 -60.74
N GLY UB 235 28.45 -86.94 -60.11
CA GLY UB 235 27.45 -87.67 -60.85
C GLY UB 235 26.26 -86.81 -61.21
N SER UB 236 26.26 -86.30 -62.44
CA SER UB 236 25.16 -85.51 -62.97
C SER UB 236 25.20 -85.59 -64.47
N LYS UB 237 24.06 -85.34 -65.10
CA LYS UB 237 23.91 -85.49 -66.54
C LYS UB 237 23.66 -84.12 -67.16
N ILE UB 238 24.51 -83.75 -68.11
CA ILE UB 238 24.41 -82.48 -68.82
C ILE UB 238 24.10 -82.78 -70.29
N PRO UB 239 23.01 -82.26 -70.83
CA PRO UB 239 22.78 -82.40 -72.28
C PRO UB 239 23.78 -81.60 -73.08
N GLY UB 240 24.22 -82.18 -74.19
CA GLY UB 240 25.24 -81.57 -75.01
C GLY UB 240 26.66 -82.01 -74.67
N TYR UB 241 26.88 -82.61 -73.51
CA TYR UB 241 28.21 -83.08 -73.15
C TYR UB 241 28.13 -84.51 -72.62
N GLY UB 242 27.02 -84.85 -71.99
CA GLY UB 242 26.83 -86.20 -71.49
C GLY UB 242 27.02 -86.35 -70.00
N MET UB 243 27.98 -87.16 -69.59
CA MET UB 243 28.20 -87.50 -68.19
C MET UB 243 29.53 -86.93 -67.73
N VAL UB 244 29.53 -86.29 -66.56
CA VAL UB 244 30.75 -85.70 -66.03
C VAL UB 244 31.67 -86.80 -65.54
N LYS UB 245 32.90 -86.80 -66.04
CA LYS UB 245 33.86 -87.86 -65.71
C LYS UB 245 34.68 -87.51 -64.47
N LEU UB 246 35.32 -86.34 -64.46
CA LEU UB 246 36.09 -85.88 -63.31
C LEU UB 246 35.95 -84.36 -63.20
N ILE UB 247 36.21 -83.86 -62.01
CA ILE UB 247 36.26 -82.42 -61.74
C ILE UB 247 37.53 -82.15 -60.95
N ASP UB 248 38.40 -81.29 -61.48
CA ASP UB 248 39.60 -80.86 -60.79
C ASP UB 248 39.40 -79.43 -60.32
N SER UB 249 39.59 -79.18 -59.03
CA SER UB 249 39.34 -77.87 -58.46
C SER UB 249 40.37 -76.86 -58.93
N LEU UB 250 41.65 -77.23 -58.90
CA LEU UB 250 42.67 -76.39 -59.49
C LEU UB 250 42.71 -76.64 -61.01
N GLN UB 251 43.38 -75.72 -61.70
CA GLN UB 251 43.67 -75.70 -63.14
C GLN UB 251 42.42 -75.54 -64.02
N GLY UB 252 41.22 -75.46 -63.45
CA GLY UB 252 40.00 -75.30 -64.22
C GLY UB 252 39.67 -76.45 -65.13
N ARG UB 253 39.81 -77.68 -64.65
CA ARG UB 253 39.66 -78.88 -65.48
C ARG UB 253 38.47 -79.69 -64.99
N ILE UB 254 37.52 -79.93 -65.89
CA ILE UB 254 36.35 -80.77 -65.63
C ILE UB 254 36.15 -81.69 -66.83
N LEU UB 255 36.09 -83.00 -66.57
CA LEU UB 255 36.08 -83.99 -67.64
C LEU UB 255 34.66 -84.51 -67.88
N THR UB 256 34.37 -84.81 -69.15
CA THR UB 256 33.06 -85.25 -69.59
C THR UB 256 33.12 -86.66 -70.19
N SER UB 257 31.93 -87.22 -70.45
CA SER UB 257 31.85 -88.49 -71.17
C SER UB 257 32.27 -88.32 -72.62
N SER UB 258 32.01 -87.16 -73.20
CA SER UB 258 32.50 -86.84 -74.53
C SER UB 258 33.99 -86.52 -74.55
N GLY UB 259 34.61 -86.37 -73.39
CA GLY UB 259 36.02 -86.06 -73.30
C GLY UB 259 36.34 -84.59 -73.38
N GLN UB 260 35.34 -83.74 -73.58
CA GLN UB 260 35.58 -82.31 -73.68
C GLN UB 260 35.85 -81.72 -72.30
N VAL UB 261 36.97 -81.03 -72.16
CA VAL UB 261 37.37 -80.44 -70.89
C VAL UB 261 36.60 -79.14 -70.73
N ILE UB 262 35.71 -79.10 -69.73
CA ILE UB 262 35.00 -77.87 -69.43
C ILE UB 262 35.97 -76.90 -68.77
N LYS UB 263 36.07 -75.70 -69.32
CA LYS UB 263 37.05 -74.74 -68.83
C LYS UB 263 36.39 -73.39 -68.57
N PHE UB 264 37.21 -72.41 -68.19
CA PHE UB 264 36.76 -71.04 -68.18
C PHE UB 264 36.64 -70.52 -69.61
N SER UB 265 36.08 -69.33 -69.74
CA SER UB 265 36.17 -68.61 -70.99
C SER UB 265 37.63 -68.21 -71.22
N GLN UB 266 38.02 -68.15 -72.50
CA GLN UB 266 39.42 -67.90 -72.83
C GLN UB 266 39.82 -66.46 -72.51
N GLU UB 267 39.00 -65.49 -72.90
CA GLU UB 267 39.29 -64.10 -72.59
C GLU UB 267 38.88 -63.72 -71.17
N ASP UB 268 38.04 -64.54 -70.54
CA ASP UB 268 37.48 -64.26 -69.22
C ASP UB 268 37.97 -65.34 -68.28
N SER UB 269 39.14 -65.11 -67.69
CA SER UB 269 39.76 -66.08 -66.81
C SER UB 269 40.56 -65.40 -65.71
N GLN VB 791 78.43 -83.80 -39.59
CA GLN VB 791 77.09 -83.47 -40.04
C GLN VB 791 76.30 -82.82 -38.91
N GLN VB 792 77.04 -82.25 -37.96
CA GLN VB 792 76.48 -81.55 -36.81
C GLN VB 792 76.12 -80.10 -37.11
N GLU VB 793 76.34 -79.65 -38.35
CA GLU VB 793 76.05 -78.29 -38.76
C GLU VB 793 74.59 -78.08 -39.11
N ILE VB 794 73.79 -79.15 -39.13
CA ILE VB 794 72.40 -79.06 -39.58
C ILE VB 794 71.57 -78.25 -38.60
N GLN VB 795 71.81 -78.42 -37.30
CA GLN VB 795 71.06 -77.72 -36.28
C GLN VB 795 71.36 -76.23 -36.31
N GLN VB 796 72.55 -75.87 -36.77
CA GLN VB 796 72.95 -74.46 -36.82
C GLN VB 796 72.18 -73.71 -37.89
N ARG VB 797 72.01 -74.32 -39.06
CA ARG VB 797 71.15 -73.71 -40.06
C ARG VB 797 69.68 -73.85 -39.68
N THR VB 798 69.34 -74.88 -38.90
CA THR VB 798 68.00 -75.02 -38.37
C THR VB 798 67.66 -73.88 -37.41
N SER VB 799 68.61 -73.55 -36.52
CA SER VB 799 68.36 -72.54 -35.50
C SER VB 799 68.29 -71.14 -36.09
N ASP VB 800 69.10 -70.87 -37.11
CA ASP VB 800 69.14 -69.53 -37.68
C ASP VB 800 67.86 -69.22 -38.46
N MET VB 801 67.26 -70.23 -39.07
CA MET VB 801 66.15 -70.01 -39.98
C MET VB 801 64.79 -70.09 -39.31
N LEU VB 802 64.71 -70.64 -38.10
CA LEU VB 802 63.42 -71.10 -37.58
C LEU VB 802 62.52 -69.94 -37.18
N THR VB 803 63.08 -68.95 -36.49
CA THR VB 803 62.27 -67.79 -36.10
C THR VB 803 61.92 -66.93 -37.29
N ALA VB 804 62.83 -66.86 -38.28
CA ALA VB 804 62.51 -66.19 -39.53
C ALA VB 804 61.40 -66.92 -40.26
N ALA VB 805 61.40 -68.25 -40.19
CA ALA VB 805 60.26 -69.01 -40.69
C ALA VB 805 59.01 -68.76 -39.87
N THR VB 806 59.16 -68.64 -38.56
CA THR VB 806 58.00 -68.43 -37.70
C THR VB 806 57.50 -67.00 -37.72
N GLN VB 807 58.22 -66.08 -38.35
CA GLN VB 807 57.81 -64.68 -38.29
C GLN VB 807 56.79 -64.34 -39.38
N LEU VB 808 57.13 -64.60 -40.63
CA LEU VB 808 56.35 -64.08 -41.74
C LEU VB 808 55.02 -64.78 -41.91
N VAL VB 809 54.82 -65.94 -41.27
CA VAL VB 809 53.54 -66.62 -41.31
C VAL VB 809 52.48 -65.79 -40.60
N GLN VB 810 52.80 -65.28 -39.42
CA GLN VB 810 51.88 -64.36 -38.73
C GLN VB 810 51.75 -63.07 -39.51
N ASP VB 811 52.83 -62.63 -40.14
CA ASP VB 811 52.75 -61.49 -41.05
C ASP VB 811 51.92 -61.83 -42.28
N TRP VB 812 52.00 -63.09 -42.73
CA TRP VB 812 51.05 -63.52 -43.74
C TRP VB 812 49.65 -63.69 -43.15
N LYS VB 813 49.57 -64.00 -41.87
CA LYS VB 813 48.27 -64.03 -41.21
C LYS VB 813 47.75 -62.63 -40.92
N GLN VB 814 48.61 -61.62 -41.03
CA GLN VB 814 48.20 -60.24 -40.78
C GLN VB 814 47.34 -59.74 -41.93
N VAL VB 815 46.03 -59.87 -41.78
CA VAL VB 815 45.06 -59.32 -42.72
C VAL VB 815 44.24 -58.29 -41.96
N GLU VB 816 43.99 -57.15 -42.60
CA GLU VB 816 43.35 -56.05 -41.92
C GLU VB 816 42.01 -55.70 -42.57
N THR VB 817 41.17 -55.04 -41.80
CA THR VB 817 39.82 -54.71 -42.21
C THR VB 817 39.81 -53.56 -43.22
N GLN VB 818 38.77 -53.53 -44.03
CA GLN VB 818 38.49 -52.39 -44.88
C GLN VB 818 37.99 -51.22 -44.04
N VAL VB 819 38.09 -50.02 -44.61
CA VAL VB 819 37.55 -48.83 -43.98
C VAL VB 819 36.63 -48.13 -44.98
N TYR VB 820 35.80 -47.23 -44.47
CA TYR VB 820 34.84 -46.51 -45.29
C TYR VB 820 34.75 -45.08 -44.79
N THR VB 821 34.90 -44.14 -45.70
CA THR VB 821 34.85 -42.72 -45.38
C THR VB 821 33.87 -42.02 -46.31
N GLU VB 822 33.19 -41.02 -45.77
CA GLU VB 822 32.22 -40.22 -46.50
C GLU VB 822 32.65 -38.75 -46.45
N GLY VB 823 31.78 -37.89 -46.95
CA GLY VB 823 32.02 -36.46 -46.88
C GLY VB 823 30.73 -35.69 -46.97
N THR VB 824 30.80 -34.44 -46.56
CA THR VB 824 29.64 -33.54 -46.67
C THR VB 824 30.11 -32.10 -46.90
N ALA WB 104 109.01 -43.99 -36.93
CA ALA WB 104 108.44 -44.18 -35.60
C ALA WB 104 107.40 -43.11 -35.31
N GLU WB 105 106.71 -42.66 -36.35
CA GLU WB 105 105.67 -41.65 -36.20
C GLU WB 105 104.44 -41.89 -37.06
N VAL WB 106 104.36 -43.00 -37.79
CA VAL WB 106 103.16 -43.33 -38.56
C VAL WB 106 102.30 -44.27 -37.74
N ILE WB 107 102.65 -44.41 -36.45
CA ILE WB 107 101.83 -45.14 -35.50
C ILE WB 107 100.46 -44.49 -35.38
N ASP WB 108 100.43 -43.16 -35.29
CA ASP WB 108 99.18 -42.41 -35.24
C ASP WB 108 98.41 -42.55 -36.54
N LYS WB 109 99.11 -42.71 -37.67
CA LYS WB 109 98.43 -42.87 -38.95
C LYS WB 109 97.77 -44.24 -39.06
N LYS WB 110 98.49 -45.29 -38.65
CA LYS WB 110 97.92 -46.64 -38.62
C LYS WB 110 96.75 -46.71 -37.66
N ALA WB 111 96.86 -46.00 -36.53
CA ALA WB 111 95.76 -45.89 -35.59
C ALA WB 111 94.57 -45.16 -36.21
N PHE WB 112 94.84 -44.15 -37.04
CA PHE WB 112 93.77 -43.44 -37.73
C PHE WB 112 93.07 -44.35 -38.73
N LYS WB 113 93.83 -45.20 -39.44
CA LYS WB 113 93.23 -46.14 -40.38
C LYS WB 113 92.39 -47.19 -39.66
N ASP WB 114 92.89 -47.70 -38.53
CA ASP WB 114 92.12 -48.67 -37.75
C ASP WB 114 90.87 -48.02 -37.16
N MET WB 115 90.97 -46.76 -36.75
CA MET WB 115 89.81 -46.02 -36.28
C MET WB 115 88.81 -45.79 -37.40
N THR WB 116 89.29 -45.66 -38.64
CA THR WB 116 88.40 -45.54 -39.79
C THR WB 116 87.62 -46.82 -40.02
N ARG WB 117 88.32 -47.96 -39.98
CA ARG WB 117 87.66 -49.25 -40.14
C ARG WB 117 86.69 -49.53 -39.02
N ASN WB 118 87.03 -49.10 -37.80
CA ASN WB 118 86.13 -49.33 -36.67
C ASN WB 118 84.94 -48.40 -36.69
N LEU WB 119 85.12 -47.16 -37.16
CA LEU WB 119 84.02 -46.21 -37.23
C LEU WB 119 83.02 -46.63 -38.31
N TYR WB 120 83.53 -47.01 -39.47
CA TYR WB 120 82.66 -47.51 -40.53
C TYR WB 120 83.04 -48.95 -40.80
N PRO WB 121 82.31 -49.90 -40.20
CA PRO WB 121 82.62 -51.31 -40.44
C PRO WB 121 82.22 -51.81 -41.81
N LEU WB 122 81.50 -51.00 -42.60
CA LEU WB 122 80.98 -51.42 -43.89
C LEU WB 122 81.61 -50.64 -45.02
N ASN WB 123 81.90 -51.34 -46.11
CA ASN WB 123 82.21 -50.67 -47.36
C ASN WB 123 80.94 -50.09 -47.96
N PRO WB 124 81.00 -48.90 -48.57
CA PRO WB 124 79.79 -48.30 -49.16
C PRO WB 124 79.16 -49.10 -50.31
N GLU WB 125 79.96 -49.76 -51.14
CA GLU WB 125 79.36 -50.63 -52.15
C GLU WB 125 78.73 -51.85 -51.50
N GLN WB 126 79.30 -52.33 -50.39
CA GLN WB 126 78.65 -53.37 -49.61
C GLN WB 126 77.34 -52.89 -49.04
N VAL WB 127 77.28 -51.61 -48.66
CA VAL WB 127 76.03 -51.01 -48.19
C VAL WB 127 74.98 -50.99 -49.29
N VAL WB 128 75.40 -50.61 -50.50
CA VAL WB 128 74.48 -50.54 -51.64
C VAL WB 128 73.99 -51.94 -52.00
N LYS WB 129 74.88 -52.91 -52.03
CA LYS WB 129 74.50 -54.28 -52.37
C LYS WB 129 73.63 -54.90 -51.28
N LEU WB 130 73.87 -54.55 -50.02
CA LEU WB 130 73.05 -55.07 -48.95
C LEU WB 130 71.66 -54.46 -48.97
N LYS WB 131 71.56 -53.18 -49.32
CA LYS WB 131 70.25 -52.57 -49.55
C LYS WB 131 69.56 -53.23 -50.72
N GLN WB 132 70.32 -53.61 -51.74
CA GLN WB 132 69.75 -54.26 -52.91
C GLN WB 132 69.21 -55.64 -52.58
N ILE WB 133 69.95 -56.44 -51.82
CA ILE WB 133 69.46 -57.76 -51.47
C ILE WB 133 68.33 -57.64 -50.45
N TYR WB 134 68.33 -56.56 -49.67
CA TYR WB 134 67.24 -56.27 -48.75
C TYR WB 134 65.94 -56.03 -49.50
N GLU WB 135 65.97 -55.13 -50.48
CA GLU WB 135 64.76 -54.86 -51.27
C GLU WB 135 64.43 -56.01 -52.22
N THR WB 136 65.41 -56.81 -52.60
CA THR WB 136 65.14 -58.01 -53.38
C THR WB 136 64.37 -59.03 -52.56
N SER WB 137 64.78 -59.22 -51.31
CA SER WB 137 64.04 -60.09 -50.41
C SER WB 137 62.66 -59.53 -50.11
N GLU WB 138 62.54 -58.21 -50.04
CA GLU WB 138 61.23 -57.59 -49.87
C GLU WB 138 60.33 -57.88 -51.07
N TYR WB 139 60.87 -57.81 -52.27
CA TYR WB 139 60.10 -58.16 -53.46
C TYR WB 139 59.75 -59.64 -53.46
N ALA WB 140 60.68 -60.48 -53.03
CA ALA WB 140 60.45 -61.92 -53.00
C ALA WB 140 59.36 -62.30 -52.01
N LYS WB 141 59.39 -61.72 -50.82
CA LYS WB 141 58.31 -61.96 -49.87
C LYS WB 141 57.08 -61.15 -50.20
N ALA WB 142 57.16 -60.18 -51.09
CA ALA WB 142 56.01 -59.41 -51.49
C ALA WB 142 55.39 -59.91 -52.78
N ALA WB 143 55.96 -60.96 -53.36
CA ALA WB 143 55.37 -61.55 -54.56
C ALA WB 143 54.05 -62.21 -54.22
N THR WB 144 53.09 -62.10 -55.15
CA THR WB 144 51.77 -62.66 -54.91
C THR WB 144 51.82 -64.18 -55.03
N PRO WB 145 51.04 -64.88 -54.22
CA PRO WB 145 51.02 -66.35 -54.31
C PRO WB 145 50.34 -66.85 -55.56
N GLY WB 146 51.12 -67.37 -56.51
CA GLY WB 146 50.54 -67.96 -57.70
C GLY WB 146 49.96 -66.92 -58.64
N THR WB 147 49.00 -67.38 -59.44
CA THR WB 147 48.35 -66.52 -60.43
C THR WB 147 47.32 -65.62 -59.75
N PRO WB 148 47.42 -64.30 -59.88
CA PRO WB 148 46.41 -63.41 -59.32
C PRO WB 148 45.12 -63.49 -60.13
N PRO WB 149 43.99 -63.15 -59.52
CA PRO WB 149 42.72 -63.19 -60.26
C PRO WB 149 42.64 -62.10 -61.32
N LYS WB 150 41.85 -62.37 -62.34
CA LYS WB 150 41.59 -61.39 -63.37
C LYS WB 150 40.58 -60.36 -62.88
N PRO WB 151 40.89 -59.08 -62.94
CA PRO WB 151 39.92 -58.06 -62.53
C PRO WB 151 38.80 -57.87 -63.53
N THR WB 152 37.58 -58.25 -63.14
CA THR WB 152 36.43 -58.15 -64.03
C THR WB 152 35.34 -57.31 -63.38
N ALA WB 153 34.39 -56.89 -64.21
CA ALA WB 153 33.19 -56.19 -63.77
C ALA WB 153 32.09 -56.50 -64.77
N THR WB 154 30.90 -56.82 -64.26
CA THR WB 154 29.83 -57.27 -65.13
C THR WB 154 28.46 -57.01 -64.50
N SER WB 155 27.43 -57.29 -65.29
CA SER WB 155 26.04 -57.21 -64.87
C SER WB 155 25.39 -58.57 -65.04
N GLN WB 156 24.59 -58.96 -64.05
CA GLN WB 156 23.93 -60.24 -64.04
C GLN WB 156 22.44 -60.04 -63.80
N PHE WB 157 21.70 -61.14 -63.86
CA PHE WB 157 20.25 -61.12 -63.73
C PHE WB 157 19.84 -61.84 -62.45
N VAL WB 158 18.75 -61.36 -61.86
CA VAL WB 158 18.18 -61.91 -60.65
C VAL WB 158 16.93 -62.67 -61.05
N ASN WB 159 16.96 -63.98 -60.93
CA ASN WB 159 15.81 -64.82 -61.25
C ASN WB 159 15.25 -65.41 -59.97
N LEU WB 160 14.09 -64.92 -59.56
CA LEU WB 160 13.47 -65.31 -58.30
C LEU WB 160 12.44 -66.43 -58.47
N SER WB 161 12.68 -67.34 -59.41
CA SER WB 161 11.83 -68.52 -59.52
C SER WB 161 12.06 -69.44 -58.32
N PRO WB 162 11.03 -70.17 -57.88
CA PRO WB 162 11.21 -71.05 -56.71
C PRO WB 162 11.85 -72.38 -57.02
N GLY WB 163 12.48 -72.51 -58.19
CA GLY WB 163 13.24 -73.71 -58.52
C GLY WB 163 14.51 -73.40 -59.28
N SER WB 164 14.88 -72.13 -59.35
CA SER WB 164 15.97 -71.70 -60.22
C SER WB 164 17.30 -71.81 -59.50
N THR WB 165 18.35 -71.27 -60.15
CA THR WB 165 19.70 -71.31 -59.59
C THR WB 165 20.01 -69.98 -58.91
N PRO WB 166 20.32 -69.97 -57.62
CA PRO WB 166 20.69 -68.73 -56.94
C PRO WB 166 22.03 -68.23 -57.43
N PRO WB 167 22.19 -66.91 -57.57
CA PRO WB 167 23.44 -66.37 -58.12
C PRO WB 167 24.61 -66.48 -57.16
N VAL WB 168 25.81 -66.53 -57.76
CA VAL WB 168 27.07 -66.74 -57.08
C VAL WB 168 27.96 -65.54 -57.33
N ILE WB 169 28.71 -65.11 -56.30
CA ILE WB 169 29.61 -63.97 -56.40
C ILE WB 169 31.02 -64.43 -56.06
N ARG WB 170 31.96 -64.16 -56.97
CA ARG WB 170 33.37 -64.41 -56.70
C ARG WB 170 33.93 -63.35 -55.78
N LEU WB 171 34.84 -63.76 -54.90
CA LEU WB 171 35.41 -62.87 -53.90
C LEU WB 171 36.93 -62.98 -53.92
N SER WB 172 37.59 -61.89 -53.55
CA SER WB 172 39.04 -61.86 -53.42
C SER WB 172 39.41 -61.46 -52.00
N GLN WB 173 40.39 -62.16 -51.44
CA GLN WB 173 40.80 -61.93 -50.05
C GLN WB 173 41.45 -60.56 -49.92
N GLY WB 174 40.95 -59.77 -48.97
CA GLY WB 174 41.50 -58.44 -48.75
C GLY WB 174 41.04 -57.41 -49.74
N PHE WB 175 40.15 -57.76 -50.66
CA PHE WB 175 39.67 -56.82 -51.68
C PHE WB 175 38.17 -56.62 -51.54
N VAL WB 176 37.74 -55.40 -51.81
CA VAL WB 176 36.35 -55.00 -51.64
C VAL WB 176 35.72 -54.84 -53.02
N SER WB 177 34.60 -55.51 -53.21
CA SER WB 177 33.81 -55.43 -54.43
C SER WB 177 32.51 -54.71 -54.16
N SER WB 178 31.87 -54.26 -55.24
CA SER WB 178 30.63 -53.52 -55.17
C SER WB 178 29.50 -54.36 -55.77
N LEU WB 179 28.51 -54.67 -54.95
CA LEU WB 179 27.28 -55.30 -55.40
C LEU WB 179 26.21 -54.22 -55.48
N VAL WB 180 25.69 -53.98 -56.68
CA VAL WB 180 24.80 -52.85 -56.93
C VAL WB 180 23.52 -53.36 -57.56
N PHE WB 181 22.37 -52.92 -57.04
CA PHE WB 181 21.06 -53.43 -57.43
C PHE WB 181 20.37 -52.49 -58.40
N LEU WB 182 19.77 -53.06 -59.44
CA LEU WB 182 18.92 -52.35 -60.39
C LEU WB 182 17.76 -53.27 -60.74
N ASP WB 183 16.64 -52.69 -61.12
CA ASP WB 183 15.48 -53.51 -61.45
C ASP WB 183 15.55 -53.94 -62.92
N SER WB 184 14.42 -54.44 -63.44
CA SER WB 184 14.34 -54.74 -64.87
C SER WB 184 14.42 -53.48 -65.71
N THR WB 185 13.85 -52.38 -65.24
CA THR WB 185 13.89 -51.14 -65.99
C THR WB 185 15.27 -50.49 -65.91
N GLY WB 186 16.01 -50.75 -64.85
CA GLY WB 186 17.31 -50.13 -64.65
C GLY WB 186 17.38 -49.17 -63.48
N ALA WB 187 16.28 -48.91 -62.81
CA ALA WB 187 16.31 -48.04 -61.66
C ALA WB 187 16.85 -48.78 -60.44
N PRO WB 188 17.62 -48.10 -59.59
CA PRO WB 188 18.13 -48.74 -58.38
C PRO WB 188 17.03 -49.01 -57.37
N TRP WB 189 17.27 -50.00 -56.52
CA TRP WB 189 16.31 -50.39 -55.52
C TRP WB 189 16.85 -50.07 -54.13
N PRO WB 190 16.10 -49.33 -53.31
CA PRO WB 190 16.55 -49.06 -51.94
C PRO WB 190 16.56 -50.31 -51.09
N ILE WB 191 17.47 -50.34 -50.12
CA ILE WB 191 17.75 -51.52 -49.31
C ILE WB 191 17.10 -51.33 -47.94
N ALA WB 192 16.35 -52.33 -47.50
CA ALA WB 192 15.80 -52.30 -46.15
C ALA WB 192 16.73 -52.98 -45.15
N ALA WB 193 17.04 -54.26 -45.37
CA ALA WB 193 17.84 -54.97 -44.39
C ALA WB 193 18.63 -56.09 -45.06
N TYR WB 194 19.67 -56.56 -44.36
CA TYR WB 194 20.39 -57.74 -44.82
C TYR WB 194 20.83 -58.56 -43.63
N ASP WB 195 21.12 -59.83 -43.90
CA ASP WB 195 21.63 -60.79 -42.92
C ASP WB 195 22.80 -61.53 -43.55
N LEU WB 196 23.87 -61.67 -42.77
CA LEU WB 196 25.12 -62.27 -43.21
C LEU WB 196 25.62 -63.24 -42.16
N GLY WB 197 25.94 -64.46 -42.58
CA GLY WB 197 26.65 -65.38 -41.73
C GLY WB 197 28.15 -65.28 -41.93
N ASP WB 198 28.91 -65.77 -40.93
CA ASP WB 198 30.36 -65.67 -40.83
C ASP WB 198 30.83 -64.22 -41.00
N PRO WB 199 30.64 -63.38 -39.98
CA PRO WB 199 31.08 -61.98 -40.11
C PRO WB 199 32.58 -61.82 -40.12
N SER WB 200 33.33 -62.85 -39.70
CA SER WB 200 34.78 -62.77 -39.69
C SER WB 200 35.34 -62.68 -41.10
N SER WB 201 34.90 -63.57 -41.98
CA SER WB 201 35.45 -63.60 -43.32
C SER WB 201 34.98 -62.42 -44.15
N PHE WB 202 33.77 -61.92 -43.89
CA PHE WB 202 33.13 -60.96 -44.78
C PHE WB 202 32.69 -59.76 -43.97
N ASN WB 203 33.14 -58.58 -44.39
CA ASN WB 203 32.79 -57.33 -43.73
C ASN WB 203 31.98 -56.48 -44.69
N ILE WB 204 30.88 -55.93 -44.19
CA ILE WB 204 29.94 -55.17 -45.01
C ILE WB 204 29.88 -53.75 -44.48
N GLN WB 205 30.24 -52.78 -45.32
CA GLN WB 205 30.24 -51.37 -44.95
C GLN WB 205 29.17 -50.68 -45.80
N TRP WB 206 27.99 -50.50 -45.21
CA TRP WB 206 26.80 -50.07 -45.94
C TRP WB 206 26.20 -48.85 -45.28
N ASP WB 207 26.25 -47.71 -45.98
CA ASP WB 207 25.47 -46.55 -45.56
C ASP WB 207 23.99 -46.84 -45.77
N LYS WB 208 23.16 -46.37 -44.84
CA LYS WB 208 21.81 -46.88 -44.69
C LYS WB 208 20.87 -46.49 -45.82
N THR WB 209 21.23 -45.52 -46.65
CA THR WB 209 20.31 -45.00 -47.66
C THR WB 209 20.83 -45.22 -49.08
N SER WB 210 21.42 -46.37 -49.33
CA SER WB 210 22.02 -46.66 -50.63
C SER WB 210 21.42 -47.93 -51.24
N ASN WB 211 21.76 -48.15 -52.50
CA ASN WB 211 21.51 -49.40 -53.18
C ASN WB 211 22.79 -50.21 -53.37
N THR WB 212 23.89 -49.79 -52.75
CA THR WB 212 25.21 -50.35 -53.00
C THR WB 212 25.72 -51.10 -51.77
N LEU WB 213 26.46 -52.18 -52.00
CA LEU WB 213 27.09 -52.95 -50.94
C LEU WB 213 28.58 -53.06 -51.23
N MET WB 214 29.39 -52.77 -50.22
CA MET WB 214 30.85 -52.90 -50.31
C MET WB 214 31.26 -54.10 -49.48
N ILE WB 215 31.78 -55.13 -50.14
CA ILE WB 215 32.05 -56.41 -49.49
C ILE WB 215 33.52 -56.72 -49.60
N GLN WB 216 34.14 -57.04 -48.48
CA GLN WB 216 35.51 -57.52 -48.47
C GLN WB 216 35.53 -58.97 -48.03
N ALA WB 217 36.64 -59.64 -48.33
CA ALA WB 217 36.86 -61.01 -47.91
C ALA WB 217 38.13 -61.07 -47.07
N THR WB 218 38.03 -61.69 -45.90
CA THR WB 218 39.15 -61.78 -44.99
C THR WB 218 39.91 -63.10 -45.14
N LYS WB 219 39.18 -64.20 -45.31
CA LYS WB 219 39.80 -65.51 -45.39
C LYS WB 219 40.12 -65.83 -46.84
N LEU WB 220 40.69 -67.01 -47.06
CA LEU WB 220 41.15 -67.39 -48.38
C LEU WB 220 40.13 -68.21 -49.16
N TYR WB 221 39.73 -69.36 -48.61
CA TYR WB 221 38.85 -70.29 -49.31
C TYR WB 221 37.73 -70.76 -48.39
N ASN WB 222 37.07 -69.81 -47.75
CA ASN WB 222 35.93 -70.09 -46.89
C ASN WB 222 34.73 -69.33 -47.41
N TYR WB 223 33.68 -70.06 -47.77
CA TYR WB 223 32.57 -69.52 -48.55
C TYR WB 223 31.35 -69.29 -47.67
N GLY WB 224 30.38 -68.57 -48.22
CA GLY WB 224 29.21 -68.21 -47.45
C GLY WB 224 28.01 -67.89 -48.31
N ASN WB 225 26.96 -67.43 -47.65
CA ASN WB 225 25.74 -66.99 -48.31
C ASN WB 225 25.20 -65.75 -47.59
N LEU WB 226 24.17 -65.15 -48.17
CA LEU WB 226 23.69 -63.87 -47.67
C LEU WB 226 22.24 -63.69 -48.09
N ALA WB 227 21.49 -62.94 -47.26
CA ALA WB 227 20.10 -62.61 -47.54
C ALA WB 227 19.89 -61.12 -47.46
N VAL WB 228 19.05 -60.57 -48.34
CA VAL WB 228 18.70 -59.15 -48.34
C VAL WB 228 17.19 -59.01 -48.48
N ARG WB 229 16.57 -58.28 -47.57
CA ARG WB 229 15.16 -57.93 -47.66
C ARG WB 229 15.03 -56.50 -48.18
N LEU WB 230 14.17 -56.32 -49.18
CA LEU WB 230 13.98 -55.07 -49.90
C LEU WB 230 12.64 -54.46 -49.59
N ARG WB 231 12.42 -53.25 -50.12
CA ARG WB 231 11.23 -52.48 -49.79
C ARG WB 231 10.02 -52.94 -50.59
N GLY WB 232 10.07 -52.74 -51.91
CA GLY WB 232 8.93 -53.13 -52.75
C GLY WB 232 8.75 -54.62 -52.85
N LEU WB 233 9.84 -55.37 -52.92
CA LEU WB 233 9.77 -56.82 -52.97
C LEU WB 233 9.53 -57.37 -51.58
N ASN WB 234 8.35 -57.96 -51.37
CA ASN WB 234 8.11 -58.68 -50.12
C ASN WB 234 8.97 -59.92 -50.04
N THR WB 235 9.22 -60.55 -51.18
CA THR WB 235 10.13 -61.68 -51.23
C THR WB 235 11.57 -61.21 -51.11
N PRO WB 236 12.35 -61.71 -50.16
CA PRO WB 236 13.76 -61.33 -50.07
C PRO WB 236 14.62 -62.16 -51.01
N VAL WB 237 15.90 -61.80 -51.09
CA VAL WB 237 16.81 -62.35 -52.08
C VAL WB 237 17.97 -63.05 -51.38
N MET WB 238 18.17 -64.32 -51.68
CA MET WB 238 19.32 -65.09 -51.21
C MET WB 238 20.37 -65.15 -52.32
N LEU WB 239 21.63 -65.11 -51.93
CA LEU WB 239 22.73 -65.25 -52.88
C LEU WB 239 23.91 -65.89 -52.17
N THR WB 240 24.86 -66.42 -52.95
CA THR WB 240 25.99 -67.09 -52.34
C THR WB 240 27.30 -66.48 -52.83
N LEU WB 241 28.39 -66.76 -52.10
CA LEU WB 241 29.65 -66.08 -52.32
C LEU WB 241 30.82 -67.01 -52.04
N ILE WB 242 31.73 -67.10 -53.01
CA ILE WB 242 32.87 -68.02 -52.95
C ILE WB 242 34.14 -67.20 -53.10
N PRO WB 243 35.10 -67.33 -52.20
CA PRO WB 243 36.38 -66.62 -52.37
C PRO WB 243 37.40 -67.45 -53.12
N GLY WB 244 38.56 -66.86 -53.41
CA GLY WB 244 39.71 -67.58 -53.93
C GLY WB 244 39.60 -68.20 -55.32
N GLN WB 245 39.10 -67.45 -56.30
CA GLN WB 245 38.99 -67.93 -57.66
C GLN WB 245 40.21 -67.50 -58.48
N LYS WB 246 40.20 -67.86 -59.76
CA LYS WB 246 41.22 -67.39 -60.70
C LYS WB 246 40.81 -66.09 -61.38
N ALA WB 247 39.63 -65.58 -61.10
CA ALA WB 247 39.20 -64.26 -61.54
C ALA WB 247 38.22 -63.73 -60.51
N VAL WB 248 38.09 -62.40 -60.45
CA VAL WB 248 37.19 -61.79 -59.49
C VAL WB 248 36.38 -60.71 -60.18
N ASP WB 249 35.23 -60.41 -59.60
CA ASP WB 249 34.31 -59.41 -60.11
C ASP WB 249 34.43 -58.18 -59.23
N TYR WB 250 35.04 -57.12 -59.76
CA TYR WB 250 35.13 -55.87 -59.03
C TYR WB 250 33.78 -55.19 -58.88
N ARG WB 251 32.83 -55.47 -59.78
CA ARG WB 251 31.49 -54.93 -59.66
C ARG WB 251 30.52 -55.93 -60.25
N VAL WB 252 29.46 -56.22 -59.49
CA VAL WB 252 28.35 -57.01 -59.99
C VAL WB 252 27.11 -56.14 -59.94
N ASP WB 253 26.66 -55.71 -61.11
CA ASP WB 253 25.34 -55.12 -61.23
C ASP WB 253 24.31 -56.23 -61.25
N LEU WB 254 23.12 -55.93 -60.76
CA LEU WB 254 22.04 -56.90 -60.78
C LEU WB 254 20.83 -56.28 -61.46
N ARG WB 255 20.09 -57.12 -62.21
CA ARG WB 255 18.82 -56.74 -62.82
C ARG WB 255 17.74 -57.65 -62.27
N VAL WB 256 16.87 -57.11 -61.43
CA VAL WB 256 15.83 -57.91 -60.79
C VAL WB 256 14.60 -57.96 -61.69
N GLN WB 257 13.79 -59.02 -61.51
CA GLN WB 257 12.61 -59.24 -62.34
C GLN WB 257 11.57 -58.15 -62.18
N GLY WB 258 11.18 -57.84 -60.95
CA GLY WB 258 10.21 -56.80 -60.72
C GLY WB 258 10.79 -55.42 -60.97
N TYR WB 259 9.91 -54.52 -61.41
CA TYR WB 259 10.30 -53.13 -61.61
C TYR WB 259 10.46 -52.45 -60.27
N GLY WB 260 11.29 -51.41 -60.26
CA GLY WB 260 11.65 -50.73 -59.04
C GLY WB 260 10.51 -49.90 -58.50
N PRO WB 261 10.65 -49.41 -57.26
CA PRO WB 261 9.65 -48.49 -56.71
C PRO WB 261 9.64 -47.13 -57.38
N ASN WB 262 10.67 -46.79 -58.14
CA ASN WB 262 10.75 -45.51 -58.81
C ASN WB 262 11.04 -45.71 -60.29
N ALA WB 263 10.46 -44.82 -61.11
CA ALA WB 263 10.75 -44.68 -62.54
C ALA WB 263 10.47 -45.97 -63.32
N LYS WB 264 9.22 -46.41 -63.24
CA LYS WB 264 8.81 -47.64 -63.90
C LYS WB 264 8.41 -47.43 -65.35
N SER WB 265 8.45 -46.19 -65.84
CA SER WB 265 8.06 -45.86 -67.21
C SER WB 265 9.27 -45.77 -68.13
N MET WB 266 10.25 -46.65 -67.92
CA MET WB 266 11.43 -46.67 -68.77
C MET WB 266 11.15 -47.02 -70.24
N PRO WB 267 10.30 -48.04 -70.61
CA PRO WB 267 10.02 -48.19 -72.05
C PRO WB 267 9.10 -47.09 -72.59
N THR WB 268 9.68 -46.16 -73.34
CA THR WB 268 8.92 -45.11 -74.01
C THR WB 268 9.24 -45.17 -75.49
N GLU WB 269 8.22 -45.36 -76.32
CA GLU WB 269 8.41 -45.60 -77.74
C GLU WB 269 7.58 -44.61 -78.55
N GLU WB 270 8.27 -43.81 -79.36
CA GLU WB 270 7.60 -42.99 -80.37
C GLU WB 270 7.66 -43.73 -81.72
N GLY WB 271 6.85 -44.77 -81.81
CA GLY WB 271 6.94 -45.68 -82.93
C GLY WB 271 6.17 -45.21 -84.15
N ILE WB 272 5.20 -45.99 -84.57
CA ILE WB 272 4.36 -45.64 -85.72
C ILE WB 272 3.52 -44.43 -85.39
N PRO WB 273 3.35 -43.48 -86.31
CA PRO WB 273 2.36 -42.43 -86.11
C PRO WB 273 0.96 -43.02 -86.04
N PRO WB 274 0.06 -42.41 -85.29
CA PRO WB 274 -1.28 -42.99 -85.12
C PRO WB 274 -2.09 -42.94 -86.40
N SER WB 275 -3.07 -43.83 -86.48
CA SER WB 275 -3.88 -43.93 -87.70
C SER WB 275 -4.94 -42.85 -87.73
N ALA WB 276 -5.86 -42.97 -88.68
CA ALA WB 276 -6.96 -42.02 -88.78
C ALA WB 276 -7.90 -42.18 -87.59
N ASN WB 277 -8.56 -41.08 -87.25
CA ASN WB 277 -9.44 -41.08 -86.08
C ASN WB 277 -10.73 -41.83 -86.40
N ASP WB 278 -11.10 -42.73 -85.50
CA ASP WB 278 -12.20 -43.66 -85.70
C ASP WB 278 -13.56 -42.99 -85.67
N LEU WB 279 -13.67 -41.76 -85.17
CA LEU WB 279 -14.95 -41.06 -85.17
C LEU WB 279 -15.42 -40.71 -86.57
N LEU WB 280 -14.50 -40.70 -87.53
CA LEU WB 280 -14.83 -40.38 -88.91
C LEU WB 280 -15.80 -41.37 -89.52
N LEU WB 281 -15.85 -42.61 -89.04
CA LEU WB 281 -16.82 -43.57 -89.54
C LEU WB 281 -18.23 -43.14 -89.18
N HIS WB 282 -18.43 -42.73 -87.93
CA HIS WB 282 -19.72 -42.20 -87.51
C HIS WB 282 -20.05 -40.92 -88.27
N VAL WB 283 -19.03 -40.09 -88.51
CA VAL WB 283 -19.21 -38.85 -89.27
C VAL WB 283 -19.66 -39.16 -90.68
N LEU WB 284 -19.05 -40.17 -91.29
CA LEU WB 284 -19.41 -40.57 -92.65
C LEU WB 284 -20.83 -41.11 -92.72
N GLU WB 285 -21.21 -41.93 -91.74
CA GLU WB 285 -22.55 -42.48 -91.77
C GLU WB 285 -23.62 -41.45 -91.44
N GLY WB 286 -23.28 -40.41 -90.67
CA GLY WB 286 -24.25 -39.44 -90.25
C GLY WB 286 -24.47 -39.40 -88.75
N VAL WB 287 -23.84 -40.30 -88.01
CA VAL WB 287 -23.91 -40.27 -86.56
C VAL WB 287 -23.06 -39.11 -86.06
N PRO WB 288 -23.62 -38.15 -85.34
CA PRO WB 288 -22.81 -37.08 -84.78
C PRO WB 288 -21.90 -37.62 -83.69
N PRO WB 289 -20.73 -37.03 -83.50
CA PRO WB 289 -19.91 -37.40 -82.36
C PRO WB 289 -20.55 -36.91 -81.08
N PRO WB 290 -20.39 -37.63 -79.97
CA PRO WB 290 -21.02 -37.20 -78.72
C PRO WB 290 -20.41 -35.93 -78.18
N GLY WB 291 -21.26 -35.13 -77.53
CA GLY WB 291 -20.82 -33.90 -76.90
C GLY WB 291 -20.49 -32.77 -77.83
N SER WB 292 -20.86 -32.87 -79.10
CA SER WB 292 -20.51 -31.86 -80.08
C SER WB 292 -21.66 -30.87 -80.28
N ARG WB 293 -21.35 -29.81 -81.00
CA ARG WB 293 -22.31 -28.77 -81.34
C ARG WB 293 -22.57 -28.76 -82.83
N ARG WB 294 -23.81 -28.43 -83.17
CA ARG WB 294 -24.25 -28.33 -84.55
C ARG WB 294 -23.61 -27.12 -85.22
N LEU WB 295 -23.65 -27.12 -86.55
CA LEU WB 295 -23.16 -26.02 -87.35
C LEU WB 295 -24.13 -25.77 -88.50
N VAL WB 296 -24.09 -24.57 -89.04
CA VAL WB 296 -24.98 -24.17 -90.12
C VAL WB 296 -24.15 -23.98 -91.38
N VAL WB 297 -24.44 -24.79 -92.39
CA VAL WB 297 -23.73 -24.77 -93.66
C VAL WB 297 -24.69 -24.23 -94.70
N SER WB 298 -24.25 -23.24 -95.46
CA SER WB 298 -25.08 -22.66 -96.48
C SER WB 298 -24.35 -22.63 -97.81
N GLY WB 299 -25.06 -22.99 -98.88
CA GLY WB 299 -24.57 -22.84 -100.23
C GLY WB 299 -24.34 -24.13 -100.99
N GLY WB 300 -24.28 -25.28 -100.33
CA GLY WB 300 -23.99 -26.50 -101.04
C GLY WB 300 -24.79 -27.69 -100.56
N ASP WB 301 -24.12 -28.83 -100.37
CA ASP WB 301 -24.76 -30.04 -99.86
C ASP WB 301 -23.79 -30.72 -98.89
N ALA WB 302 -23.87 -30.34 -97.62
CA ALA WB 302 -22.94 -30.87 -96.62
C ALA WB 302 -23.54 -30.71 -95.25
N ARG WB 303 -23.02 -31.49 -94.30
CA ARG WB 303 -23.35 -31.34 -92.90
C ARG WB 303 -22.06 -31.21 -92.11
N ALA WB 304 -22.13 -30.55 -90.96
CA ALA WB 304 -20.93 -30.21 -90.21
C ALA WB 304 -21.17 -30.41 -88.72
N TRP WB 305 -20.05 -30.55 -88.00
CA TRP WB 305 -20.07 -30.70 -86.56
C TRP WB 305 -18.83 -30.05 -85.97
N LEU WB 306 -18.94 -29.61 -84.72
CA LEU WB 306 -17.77 -29.14 -83.99
C LEU WB 306 -17.73 -29.80 -82.62
N SER WB 307 -16.66 -30.55 -82.35
CA SER WB 307 -16.55 -31.26 -81.08
C SER WB 307 -15.38 -30.77 -80.24
N ASN WB 308 -14.17 -30.83 -80.77
CA ASN WB 308 -12.96 -30.68 -79.99
C ASN WB 308 -12.06 -29.65 -80.63
N GLU WB 309 -12.65 -28.46 -80.87
CA GLU WB 309 -12.12 -27.34 -81.67
C GLU WB 309 -11.55 -27.80 -83.01
N LYS WB 310 -12.18 -28.82 -83.58
CA LYS WB 310 -11.80 -29.39 -84.87
C LYS WB 310 -13.10 -29.67 -85.60
N MET WB 311 -13.33 -28.98 -86.70
CA MET WB 311 -14.58 -29.18 -87.41
C MET WB 311 -14.53 -30.46 -88.23
N TYR WB 312 -15.65 -31.17 -88.20
CA TYR WB 312 -15.87 -32.37 -88.97
C TYR WB 312 -16.90 -32.05 -90.04
N VAL WB 313 -16.68 -32.53 -91.25
CA VAL WB 313 -17.56 -32.20 -92.37
C VAL WB 313 -17.83 -33.46 -93.17
N ARG WB 314 -19.12 -33.73 -93.42
CA ARG WB 314 -19.54 -34.82 -94.29
C ARG WB 314 -20.18 -34.23 -95.54
N THR WB 315 -19.75 -34.70 -96.70
CA THR WB 315 -20.30 -34.25 -97.96
C THR WB 315 -20.05 -35.33 -99.00
N ASN WB 316 -20.26 -34.98 -100.26
CA ASN WB 316 -19.79 -35.82 -101.37
C ASN WB 316 -19.02 -34.98 -102.37
N LEU WB 317 -18.58 -33.81 -101.96
CA LEU WB 317 -17.82 -32.94 -102.83
C LEU WB 317 -16.35 -33.07 -102.51
N THR WB 318 -15.51 -32.24 -103.12
CA THR WB 318 -14.08 -32.29 -102.94
C THR WB 318 -13.56 -30.94 -102.50
N ILE WB 319 -12.83 -30.92 -101.41
CA ILE WB 319 -12.43 -29.66 -100.79
C ILE WB 319 -10.99 -29.33 -101.15
N LEU WB 320 -10.70 -28.03 -101.21
CA LEU WB 320 -9.39 -27.58 -101.71
C LEU WB 320 -8.59 -26.78 -100.69
N SER WB 321 -9.12 -25.68 -100.16
CA SER WB 321 -8.23 -24.66 -99.61
C SER WB 321 -7.64 -24.93 -98.22
N PRO WB 322 -8.43 -25.08 -97.15
CA PRO WB 322 -7.86 -24.83 -95.83
C PRO WB 322 -7.21 -26.05 -95.22
N GLY WB 323 -6.87 -27.04 -96.04
CA GLY WB 323 -6.22 -28.22 -95.56
C GLY WB 323 -7.19 -29.18 -94.90
N TRP WB 324 -6.73 -30.41 -94.72
CA TRP WB 324 -7.45 -31.36 -93.89
C TRP WB 324 -6.47 -32.37 -93.33
N LEU WB 325 -6.72 -32.79 -92.10
CA LEU WB 325 -5.91 -33.84 -91.51
C LEU WB 325 -6.52 -35.21 -91.74
N ALA WB 326 -7.77 -35.40 -91.35
CA ALA WB 326 -8.38 -36.72 -91.40
C ALA WB 326 -9.33 -36.82 -92.58
N SER WB 327 -9.10 -37.82 -93.44
CA SER WB 327 -9.89 -37.99 -94.64
C SER WB 327 -10.37 -39.42 -94.75
N MET WB 328 -11.66 -39.59 -94.96
CA MET WB 328 -12.23 -40.91 -95.14
C MET WB 328 -13.23 -40.84 -96.28
N THR WB 329 -13.36 -41.94 -96.99
CA THR WB 329 -14.32 -42.04 -98.07
C THR WB 329 -15.13 -43.32 -97.89
N SER WB 330 -16.37 -43.27 -98.36
CA SER WB 330 -17.26 -44.41 -98.29
C SER WB 330 -16.99 -45.34 -99.46
N ALA WB 331 -17.80 -46.37 -99.58
CA ALA WB 331 -17.89 -47.09 -100.83
C ALA WB 331 -18.86 -46.43 -101.79
N ASP WB 332 -19.55 -45.38 -101.35
CA ASP WB 332 -20.67 -44.81 -102.07
C ASP WB 332 -20.41 -43.37 -102.50
N GLY WB 333 -19.14 -43.00 -102.62
CA GLY WB 333 -18.82 -41.65 -103.07
C GLY WB 333 -19.13 -40.57 -102.07
N THR WB 334 -19.07 -40.89 -100.79
CA THR WB 334 -19.35 -39.93 -99.73
C THR WB 334 -18.06 -39.67 -98.98
N HIS WB 335 -17.67 -38.41 -98.88
CA HIS WB 335 -16.44 -38.02 -98.24
C HIS WB 335 -16.69 -37.46 -96.84
N ALA WB 336 -15.72 -37.67 -95.97
CA ALA WB 336 -15.74 -37.14 -94.62
C ALA WB 336 -14.36 -36.62 -94.27
N TYR WB 337 -14.31 -35.49 -93.59
CA TYR WB 337 -13.05 -34.85 -93.26
C TYR WB 337 -13.07 -34.28 -91.85
N GLU WB 338 -11.89 -34.15 -91.28
CA GLU WB 338 -11.68 -33.44 -90.03
C GLU WB 338 -10.48 -32.51 -90.18
N MET WB 339 -10.71 -31.22 -89.93
CA MET WB 339 -9.62 -30.24 -89.95
C MET WB 339 -9.93 -29.12 -88.96
N GLN WB 340 -9.13 -28.05 -89.02
CA GLN WB 340 -9.30 -26.90 -88.14
C GLN WB 340 -10.47 -26.04 -88.58
N LYS WB 341 -10.93 -25.22 -87.65
CA LYS WB 341 -12.07 -24.36 -87.92
C LYS WB 341 -11.72 -23.25 -88.89
N SER WB 342 -12.71 -22.86 -89.69
CA SER WB 342 -12.58 -21.79 -90.66
C SER WB 342 -13.99 -21.41 -91.04
N PRO WB 343 -14.28 -20.14 -91.31
CA PRO WB 343 -15.62 -19.77 -91.74
C PRO WB 343 -15.90 -20.06 -93.20
N VAL WB 344 -14.93 -20.55 -93.97
CA VAL WB 344 -15.10 -20.70 -95.40
C VAL WB 344 -14.63 -22.09 -95.82
N LEU WB 345 -15.17 -22.56 -96.94
CA LEU WB 345 -14.71 -23.77 -97.59
C LEU WB 345 -14.69 -23.56 -99.10
N LEU WB 346 -13.83 -24.32 -99.78
CA LEU WB 346 -13.69 -24.23 -101.22
C LEU WB 346 -13.93 -25.59 -101.85
N VAL WB 347 -14.80 -25.64 -102.84
CA VAL WB 347 -15.21 -26.92 -103.42
C VAL WB 347 -15.28 -26.77 -104.94
N SER WB 348 -14.66 -27.72 -105.65
CA SER WB 348 -14.82 -27.82 -107.10
C SER WB 348 -16.00 -28.75 -107.35
N TRP WB 349 -17.09 -28.20 -107.85
CA TRP WB 349 -18.32 -28.97 -107.91
C TRP WB 349 -18.35 -29.89 -109.12
N HIS WB 350 -18.47 -29.32 -110.30
CA HIS WB 350 -18.56 -30.11 -111.52
C HIS WB 350 -17.67 -29.50 -112.57
N GLY WB 351 -16.43 -29.22 -112.17
CA GLY WB 351 -15.53 -28.45 -113.01
C GLY WB 351 -15.66 -26.95 -112.84
N LYS WB 352 -16.53 -26.50 -111.95
CA LYS WB 352 -16.67 -25.09 -111.63
C LYS WB 352 -16.39 -24.91 -110.14
N VAL WB 353 -15.63 -23.89 -109.80
CA VAL WB 353 -15.22 -23.68 -108.42
C VAL WB 353 -16.34 -22.98 -107.67
N MET WB 354 -16.38 -23.17 -106.36
CA MET WB 354 -17.47 -22.61 -105.58
C MET WB 354 -17.04 -22.45 -104.13
N GLN WB 355 -17.78 -21.59 -103.42
CA GLN WB 355 -17.49 -21.20 -102.05
C GLN WB 355 -18.60 -21.69 -101.12
N LEU WB 356 -18.23 -21.98 -99.88
CA LEU WB 356 -19.17 -22.42 -98.85
C LEU WB 356 -18.97 -21.58 -97.61
N LYS WB 357 -20.08 -21.12 -97.03
CA LYS WB 357 -20.03 -20.27 -95.84
C LYS WB 357 -20.45 -21.08 -94.62
N VAL WB 358 -19.71 -20.91 -93.53
CA VAL WB 358 -19.95 -21.61 -92.28
C VAL WB 358 -20.25 -20.57 -91.22
N GLU WB 359 -21.39 -20.71 -90.56
CA GLU WB 359 -21.73 -19.85 -89.44
C GLU WB 359 -21.64 -20.64 -88.14
N GLY WB 360 -21.95 -19.96 -87.05
CA GLY WB 360 -21.98 -20.59 -85.75
C GLY WB 360 -20.63 -20.72 -85.08
N LEU WB 361 -19.56 -20.25 -85.72
CA LEU WB 361 -18.24 -20.32 -85.12
C LEU WB 361 -18.02 -19.10 -84.23
N VAL XB 38 -58.51 -39.16 -68.98
CA VAL XB 38 -59.86 -39.62 -69.30
C VAL XB 38 -60.45 -39.13 -70.66
N PRO XB 39 -60.48 -37.82 -70.98
CA PRO XB 39 -61.13 -37.42 -72.24
C PRO XB 39 -60.28 -37.72 -73.46
N LYS XB 40 -59.00 -38.01 -73.28
CA LYS XB 40 -58.14 -38.38 -74.41
C LYS XB 40 -58.54 -39.73 -74.98
N LEU XB 41 -59.03 -40.62 -74.13
CA LEU XB 41 -59.54 -41.89 -74.62
C LEU XB 41 -60.86 -41.67 -75.34
N PRO XB 42 -61.02 -42.20 -76.55
CA PRO XB 42 -62.25 -41.94 -77.32
C PRO XB 42 -63.46 -42.64 -76.71
N CYS XB 43 -64.61 -42.01 -76.88
CA CYS XB 43 -65.84 -42.53 -76.32
C CYS XB 43 -66.37 -43.73 -77.11
N ARG XB 44 -66.09 -43.78 -78.41
CA ARG XB 44 -66.59 -44.85 -79.25
C ARG XB 44 -65.55 -45.13 -80.32
N VAL XB 45 -65.65 -46.30 -80.93
CA VAL XB 45 -64.75 -46.61 -82.04
C VAL XB 45 -65.14 -45.76 -83.24
N ASP XB 46 -64.15 -45.07 -83.81
CA ASP XB 46 -64.42 -44.05 -84.82
C ASP XB 46 -64.88 -44.67 -86.13
N GLY XB 47 -65.59 -43.87 -86.91
CA GLY XB 47 -66.25 -44.38 -88.10
C GLY XB 47 -67.39 -45.32 -87.79
N ALA XB 48 -68.19 -45.00 -86.77
CA ALA XB 48 -69.31 -45.86 -86.42
C ALA XB 48 -70.42 -45.02 -85.84
N CYS XB 49 -71.65 -45.34 -86.25
CA CYS XB 49 -72.85 -44.77 -85.64
C CYS XB 49 -73.97 -45.77 -85.86
N ASP XB 50 -74.55 -46.25 -84.77
CA ASP XB 50 -75.42 -47.41 -84.85
C ASP XB 50 -76.74 -47.07 -85.53
N ALA XB 51 -77.19 -45.82 -85.44
CA ALA XB 51 -78.35 -45.38 -86.18
C ALA XB 51 -78.09 -45.44 -87.68
N THR XB 52 -76.90 -45.04 -88.10
CA THR XB 52 -76.54 -45.16 -89.50
C THR XB 52 -76.46 -46.62 -89.91
N ILE XB 53 -75.98 -47.48 -89.01
CA ILE XB 53 -75.87 -48.90 -89.33
C ILE XB 53 -77.25 -49.53 -89.52
N ILE XB 54 -78.20 -49.21 -88.64
CA ILE XB 54 -79.51 -49.82 -88.77
C ILE XB 54 -80.26 -49.25 -89.96
N LYS XB 55 -80.05 -47.95 -90.26
CA LYS XB 55 -80.68 -47.34 -91.41
C LYS XB 55 -80.19 -47.95 -92.71
N MET XB 56 -78.87 -48.10 -92.85
CA MET XB 56 -78.36 -48.63 -94.10
C MET XB 56 -78.64 -50.12 -94.23
N MET XB 57 -78.74 -50.83 -93.09
CA MET XB 57 -79.12 -52.24 -93.17
C MET XB 57 -80.55 -52.40 -93.64
N THR XB 58 -81.45 -51.55 -93.14
CA THR XB 58 -82.84 -51.59 -93.59
C THR XB 58 -82.95 -51.23 -95.06
N ASP XB 59 -82.21 -50.20 -95.50
CA ASP XB 59 -82.27 -49.79 -96.89
C ASP XB 59 -81.74 -50.87 -97.82
N LEU XB 60 -80.66 -51.54 -97.42
CA LEU XB 60 -80.08 -52.59 -98.23
C LEU XB 60 -81.01 -53.78 -98.34
N ASN XB 61 -81.57 -54.23 -97.20
CA ASN XB 61 -82.46 -55.38 -97.23
C ASN XB 61 -83.77 -55.06 -97.92
N LYS XB 62 -84.18 -53.78 -97.94
CA LYS XB 62 -85.34 -53.41 -98.73
C LYS XB 62 -85.02 -53.43 -100.21
N LYS XB 63 -83.88 -52.86 -100.61
CA LYS XB 63 -83.61 -52.73 -102.03
C LYS XB 63 -83.18 -54.03 -102.68
N GLY XB 64 -82.84 -55.06 -101.91
CA GLY XB 64 -82.81 -56.36 -102.54
C GLY XB 64 -81.60 -57.22 -102.33
N ILE XB 65 -80.79 -56.92 -101.34
CA ILE XB 65 -79.66 -57.76 -101.00
C ILE XB 65 -79.95 -58.45 -99.68
N LYS XB 66 -79.75 -59.77 -99.64
CA LYS XB 66 -80.14 -60.55 -98.48
C LYS XB 66 -79.19 -60.29 -97.32
N VAL XB 67 -79.74 -59.86 -96.18
CA VAL XB 67 -78.97 -59.58 -94.98
C VAL XB 67 -79.47 -60.51 -93.89
N ALA XB 68 -78.54 -61.16 -93.18
CA ALA XB 68 -78.90 -62.04 -92.10
C ALA XB 68 -77.94 -61.83 -90.94
N SER XB 69 -78.51 -61.76 -89.74
CA SER XB 69 -77.76 -61.55 -88.51
C SER XB 69 -78.27 -62.55 -87.49
N VAL XB 70 -77.42 -63.50 -87.10
CA VAL XB 70 -77.77 -64.49 -86.09
C VAL XB 70 -76.62 -64.57 -85.11
N GLY XB 71 -76.91 -64.31 -83.83
CA GLY XB 71 -75.89 -64.38 -82.80
C GLY XB 71 -74.82 -63.32 -82.98
N GLN XB 72 -73.64 -63.76 -83.40
CA GLN XB 72 -72.58 -62.84 -83.80
C GLN XB 72 -72.25 -62.89 -85.27
N ASN XB 73 -72.39 -64.04 -85.90
CA ASN XB 73 -71.97 -64.19 -87.29
C ASN XB 73 -72.98 -63.54 -88.22
N TYR XB 74 -72.47 -62.74 -89.15
CA TYR XB 74 -73.30 -62.04 -90.10
C TYR XB 74 -73.06 -62.58 -91.50
N LEU XB 75 -74.14 -62.65 -92.27
CA LEU XB 75 -74.12 -63.18 -93.63
C LEU XB 75 -74.86 -62.23 -94.54
N ILE XB 76 -74.34 -62.05 -95.75
CA ILE XB 76 -75.03 -61.27 -96.77
C ILE XB 76 -74.91 -61.99 -98.10
N SER XB 77 -76.02 -62.09 -98.81
CA SER XB 77 -76.10 -62.79 -100.08
C SER XB 77 -76.47 -61.81 -101.18
N ILE XB 78 -75.77 -61.92 -102.31
CA ILE XB 78 -76.01 -61.09 -103.48
C ILE XB 78 -76.23 -61.98 -104.69
N PRO XB 79 -77.38 -61.91 -105.35
CA PRO XB 79 -77.58 -62.65 -106.59
C PRO XB 79 -76.74 -62.08 -107.73
N ALA XB 80 -76.33 -62.97 -108.62
CA ALA XB 80 -75.38 -62.60 -109.66
C ALA XB 80 -76.00 -61.78 -110.78
N SER XB 81 -77.32 -61.82 -110.93
CA SER XB 81 -77.98 -61.15 -112.05
C SER XB 81 -77.88 -59.64 -111.92
N ALA XB 82 -77.79 -59.13 -110.70
CA ALA XB 82 -77.60 -57.70 -110.50
C ALA XB 82 -76.13 -57.33 -110.44
N LEU XB 83 -75.22 -58.28 -110.64
CA LEU XB 83 -73.80 -58.00 -110.48
C LEU XB 83 -73.02 -58.19 -111.77
N PHE XB 84 -73.08 -59.36 -112.40
CA PHE XB 84 -72.26 -59.63 -113.56
C PHE XB 84 -73.10 -59.53 -114.83
N ALA XB 85 -72.45 -59.79 -115.96
CA ALA XB 85 -73.19 -60.03 -117.18
C ALA XB 85 -73.52 -61.53 -117.24
N ASP XB 86 -74.13 -61.95 -118.34
CA ASP XB 86 -74.67 -63.29 -118.44
C ASP XB 86 -73.54 -64.30 -118.61
N GLN XB 87 -73.42 -65.21 -117.63
CA GLN XB 87 -72.38 -66.25 -117.57
C GLN XB 87 -70.99 -65.65 -117.68
N SER XB 88 -70.78 -64.53 -117.00
CA SER XB 88 -69.63 -63.73 -117.29
C SER XB 88 -68.69 -63.66 -116.10
N PRO XB 89 -67.40 -63.81 -116.31
CA PRO XB 89 -66.43 -63.37 -115.30
C PRO XB 89 -66.04 -61.91 -115.49
N ARG XB 90 -67.02 -61.05 -115.75
CA ARG XB 90 -66.80 -59.66 -116.06
C ARG XB 90 -67.85 -58.84 -115.33
N LEU XB 91 -67.55 -57.57 -115.09
CA LEU XB 91 -68.35 -56.74 -114.20
C LEU XB 91 -69.07 -55.65 -114.98
N ASN XB 92 -70.35 -55.47 -114.69
CA ASN XB 92 -71.08 -54.32 -115.20
C ASN XB 92 -70.60 -53.06 -114.52
N TRP XB 93 -70.73 -51.93 -115.23
CA TRP XB 93 -70.24 -50.67 -114.69
C TRP XB 93 -71.11 -50.16 -113.56
N ALA XB 94 -72.42 -50.43 -113.59
CA ALA XB 94 -73.30 -49.86 -112.59
C ALA XB 94 -73.17 -50.56 -111.24
N SER XB 95 -72.55 -51.73 -111.21
CA SER XB 95 -72.45 -52.49 -109.98
C SER XB 95 -71.44 -51.90 -109.00
N TYR XB 96 -70.57 -51.00 -109.46
CA TYR XB 96 -69.54 -50.44 -108.60
C TYR XB 96 -70.15 -49.57 -107.49
N SER XB 97 -71.27 -48.91 -107.76
CA SER XB 97 -71.90 -48.09 -106.73
C SER XB 97 -72.47 -48.96 -105.62
N LEU XB 98 -73.09 -50.08 -105.98
CA LEU XB 98 -73.59 -51.02 -104.99
C LEU XB 98 -72.43 -51.64 -104.21
N LEU XB 99 -71.32 -51.89 -104.90
CA LEU XB 99 -70.12 -52.39 -104.24
C LEU XB 99 -69.58 -51.37 -103.25
N ASN XB 100 -69.65 -50.09 -103.60
CA ASN XB 100 -69.24 -49.03 -102.70
C ASN XB 100 -70.14 -48.96 -101.48
N GLU XB 101 -71.44 -49.22 -101.67
CA GLU XB 101 -72.34 -49.30 -100.53
C GLU XB 101 -72.01 -50.47 -99.61
N ILE XB 102 -71.65 -51.60 -100.21
CA ILE XB 102 -71.24 -52.78 -99.44
C ILE XB 102 -70.00 -52.48 -98.62
N ALA XB 103 -69.03 -51.79 -99.23
CA ALA XB 103 -67.84 -51.40 -98.51
C ALA XB 103 -68.14 -50.37 -97.41
N ALA XB 104 -69.09 -49.47 -97.67
CA ALA XB 104 -69.49 -48.49 -96.67
C ALA XB 104 -70.15 -49.15 -95.48
N PHE XB 105 -70.91 -50.22 -95.71
CA PHE XB 105 -71.42 -51.02 -94.59
C PHE XB 105 -70.28 -51.70 -93.86
N LEU XB 106 -69.38 -52.34 -94.59
CA LEU XB 106 -68.39 -53.19 -93.95
C LEU XB 106 -67.29 -52.40 -93.27
N LYS XB 107 -67.19 -51.10 -93.54
CA LYS XB 107 -66.27 -50.28 -92.76
C LYS XB 107 -66.73 -50.09 -91.33
N GLN XB 108 -68.01 -50.31 -91.05
CA GLN XB 108 -68.55 -49.96 -89.75
C GLN XB 108 -68.32 -51.00 -88.68
N PHE XB 109 -67.79 -52.17 -89.01
CA PHE XB 109 -67.62 -53.20 -88.01
C PHE XB 109 -66.13 -53.41 -87.73
N ARG XB 110 -65.86 -54.28 -86.77
CA ARG XB 110 -64.51 -54.75 -86.49
C ARG XB 110 -64.47 -56.24 -86.74
N LYS XB 111 -63.45 -56.70 -87.44
CA LYS XB 111 -63.43 -58.05 -87.97
C LYS XB 111 -62.04 -58.64 -87.87
N ILE XB 112 -61.94 -59.92 -88.20
CA ILE XB 112 -60.65 -60.58 -88.38
C ILE XB 112 -60.62 -61.26 -89.73
N ALA XB 113 -61.58 -62.16 -89.95
CA ALA XB 113 -61.62 -63.03 -91.13
C ALA XB 113 -62.92 -62.82 -91.89
N ILE XB 114 -62.82 -62.60 -93.18
CA ILE XB 114 -63.99 -62.44 -94.05
C ILE XB 114 -63.93 -63.53 -95.09
N THR XB 115 -65.02 -64.26 -95.27
CA THR XB 115 -65.09 -65.30 -96.27
C THR XB 115 -66.05 -64.89 -97.38
N VAL XB 116 -65.57 -65.00 -98.62
CA VAL XB 116 -66.39 -64.77 -99.80
C VAL XB 116 -66.48 -66.09 -100.54
N THR XB 117 -67.72 -66.50 -100.81
CA THR XB 117 -67.99 -67.76 -101.50
C THR XB 117 -68.86 -67.50 -102.73
N SER XB 118 -68.65 -68.33 -103.74
CA SER XB 118 -69.34 -68.13 -105.03
C SER XB 118 -70.07 -69.39 -105.47
N TYR XB 119 -71.35 -69.24 -105.82
CA TYR XB 119 -72.22 -70.30 -106.28
C TYR XB 119 -72.73 -69.99 -107.68
N SER XB 120 -72.89 -71.05 -108.48
CA SER XB 120 -73.40 -70.90 -109.84
C SER XB 120 -74.41 -72.01 -110.11
N SER XB 121 -74.89 -72.06 -111.35
CA SER XB 121 -75.80 -73.09 -111.83
C SER XB 121 -75.07 -74.00 -112.82
N LYS XB 122 -75.71 -75.13 -113.13
CA LYS XB 122 -75.12 -76.08 -114.07
C LYS XB 122 -75.22 -75.56 -115.50
N TYR XB 123 -74.08 -75.39 -116.17
CA TYR XB 123 -74.08 -74.91 -117.55
C TYR XB 123 -73.47 -75.90 -118.54
N VAL XB 124 -72.22 -76.28 -118.40
CA VAL XB 124 -71.56 -77.10 -119.41
C VAL XB 124 -70.82 -78.27 -118.75
N SER XB 125 -70.08 -77.97 -117.69
CA SER XB 125 -69.11 -78.90 -117.14
C SER XB 125 -69.27 -78.88 -115.62
N VAL XB 126 -68.26 -79.35 -114.91
CA VAL XB 126 -68.05 -78.98 -113.53
C VAL XB 126 -66.86 -78.06 -113.38
N LYS XB 127 -65.83 -78.27 -114.20
CA LYS XB 127 -64.63 -77.46 -114.14
C LYS XB 127 -64.92 -76.04 -114.61
N ARG XB 128 -65.80 -75.90 -115.61
CA ARG XB 128 -66.18 -74.57 -116.08
C ARG XB 128 -66.88 -73.79 -114.99
N GLU XB 129 -67.78 -74.45 -114.26
CA GLU XB 129 -68.51 -73.78 -113.18
C GLU XB 129 -67.60 -73.40 -112.04
N ARG XB 130 -66.68 -74.30 -111.68
CA ARG XB 130 -65.73 -74.00 -110.62
C ARG XB 130 -64.81 -72.86 -111.02
N ALA XB 131 -64.38 -72.83 -112.28
CA ALA XB 131 -63.54 -71.75 -112.77
C ALA XB 131 -64.27 -70.42 -112.76
N LEU XB 132 -65.54 -70.42 -113.16
CA LEU XB 132 -66.32 -69.19 -113.17
C LEU XB 132 -66.51 -68.65 -111.75
N THR XB 133 -66.82 -69.53 -110.80
CA THR XB 133 -66.99 -69.11 -109.42
C THR XB 133 -65.69 -68.57 -108.84
N LEU XB 134 -64.58 -69.25 -109.13
CA LEU XB 134 -63.29 -68.82 -108.61
C LEU XB 134 -62.88 -67.47 -109.16
N ALA XB 135 -63.14 -67.25 -110.45
CA ALA XB 135 -62.82 -65.97 -111.07
C ALA XB 135 -63.65 -64.84 -110.50
N ARG XB 136 -64.96 -65.06 -110.34
CA ARG XB 136 -65.84 -64.01 -109.81
C ARG XB 136 -65.46 -63.64 -108.39
N SER XB 137 -65.18 -64.65 -107.57
CA SER XB 137 -64.78 -64.43 -106.19
C SER XB 137 -63.45 -63.70 -106.12
N ARG XB 138 -62.51 -64.06 -106.99
CA ARG XB 138 -61.21 -63.41 -107.01
C ARG XB 138 -61.35 -61.93 -107.37
N VAL XB 139 -62.21 -61.61 -108.33
CA VAL XB 139 -62.39 -60.23 -108.76
C VAL XB 139 -62.99 -59.39 -107.65
N VAL XB 140 -64.07 -59.89 -107.04
CA VAL XB 140 -64.75 -59.09 -106.03
C VAL XB 140 -63.89 -58.96 -104.77
N SER XB 141 -63.08 -59.98 -104.48
CA SER XB 141 -62.17 -59.89 -103.35
C SER XB 141 -61.08 -58.87 -103.61
N GLU XB 142 -60.58 -58.80 -104.84
CA GLU XB 142 -59.54 -57.83 -105.16
C GLU XB 142 -60.04 -56.40 -105.03
N TYR XB 143 -61.27 -56.13 -105.51
CA TYR XB 143 -61.77 -54.77 -105.34
C TYR XB 143 -62.06 -54.45 -103.87
N LEU XB 144 -62.53 -55.45 -103.11
CA LEU XB 144 -62.77 -55.19 -101.69
C LEU XB 144 -61.48 -54.91 -100.94
N TRP XB 145 -60.40 -55.61 -101.26
CA TRP XB 145 -59.13 -55.33 -100.62
C TRP XB 145 -58.56 -54.00 -101.05
N SER XB 146 -58.81 -53.61 -102.31
CA SER XB 146 -58.42 -52.28 -102.77
C SER XB 146 -59.12 -51.21 -101.98
N GLN XB 147 -60.40 -51.41 -101.70
CA GLN XB 147 -61.06 -50.51 -100.79
C GLN XB 147 -60.54 -50.71 -99.37
N GLY XB 148 -60.71 -49.69 -98.55
CA GLY XB 148 -60.11 -49.70 -97.23
C GLY XB 148 -61.00 -50.25 -96.15
N VAL XB 149 -61.42 -51.50 -96.27
CA VAL XB 149 -62.11 -52.17 -95.19
C VAL XB 149 -61.06 -52.83 -94.31
N ASP XB 150 -61.02 -52.43 -93.05
CA ASP XB 150 -59.99 -52.87 -92.12
C ASP XB 150 -60.28 -54.32 -91.74
N SER XB 151 -59.81 -55.22 -92.59
CA SER XB 151 -59.84 -56.62 -92.31
C SER XB 151 -58.45 -57.06 -91.87
N ARG XB 152 -58.31 -58.36 -91.66
CA ARG XB 152 -57.00 -58.97 -91.58
C ARG XB 152 -56.83 -60.07 -92.62
N ILE XB 153 -57.80 -60.95 -92.75
CA ILE XB 153 -57.72 -62.09 -93.68
C ILE XB 153 -58.97 -62.12 -94.54
N ILE XB 154 -58.77 -62.27 -95.84
CA ILE XB 154 -59.86 -62.52 -96.78
C ILE XB 154 -59.64 -63.90 -97.38
N PHE XB 155 -60.62 -64.76 -97.22
CA PHE XB 155 -60.61 -66.11 -97.79
C PHE XB 155 -61.65 -66.14 -98.90
N THR XB 156 -61.22 -66.47 -100.11
CA THR XB 156 -62.11 -66.51 -101.26
C THR XB 156 -62.16 -67.91 -101.84
N GLN XB 157 -63.37 -68.39 -102.10
CA GLN XB 157 -63.57 -69.70 -102.70
C GLN XB 157 -64.91 -69.76 -103.41
N GLY XB 158 -64.97 -70.61 -104.43
CA GLY XB 158 -66.21 -70.89 -105.12
C GLY XB 158 -66.40 -72.38 -105.25
N LEU XB 159 -67.66 -72.79 -105.22
CA LEU XB 159 -67.97 -74.21 -105.28
C LEU XB 159 -68.70 -74.62 -106.54
N GLY XB 160 -69.32 -73.70 -107.24
CA GLY XB 160 -69.96 -74.01 -108.52
C GLY XB 160 -71.47 -74.21 -108.34
N SER XB 161 -71.94 -75.37 -108.78
CA SER XB 161 -73.34 -75.75 -108.66
C SER XB 161 -73.53 -76.85 -107.64
N ASP XB 162 -72.54 -77.02 -106.77
CA ASP XB 162 -72.50 -78.16 -105.88
C ASP XB 162 -73.22 -77.93 -104.57
N LYS XB 163 -73.70 -76.72 -104.31
CA LYS XB 163 -74.54 -76.44 -103.15
C LYS XB 163 -75.75 -75.64 -103.58
N PRO XB 164 -76.78 -76.29 -104.09
CA PRO XB 164 -78.03 -75.59 -104.38
C PRO XB 164 -78.80 -75.33 -103.10
N ILE XB 165 -79.65 -74.30 -103.16
CA ILE XB 165 -80.47 -73.95 -102.01
C ILE XB 165 -81.92 -73.77 -102.45
N THR XB 166 -82.25 -74.26 -103.65
CA THR XB 166 -83.60 -74.12 -104.18
C THR XB 166 -83.83 -75.23 -105.18
N SER XB 167 -84.93 -75.97 -105.02
CA SER XB 167 -85.25 -77.04 -105.96
C SER XB 167 -85.65 -76.48 -107.32
N TYR XB 168 -86.28 -75.30 -107.34
CA TYR XB 168 -86.67 -74.63 -108.58
C TYR XB 168 -85.42 -74.16 -109.32
N THR XB 169 -85.19 -74.69 -110.51
CA THR XB 169 -83.99 -74.40 -111.29
C THR XB 169 -84.30 -74.15 -112.75
N LEU XB 170 -85.35 -73.36 -113.02
CA LEU XB 170 -85.72 -73.13 -114.41
C LEU XB 170 -84.81 -72.11 -115.08
N GLY XB 171 -84.56 -70.98 -114.40
CA GLY XB 171 -83.77 -69.92 -115.00
C GLY XB 171 -82.30 -70.23 -115.02
N GLY XB 172 -81.56 -69.39 -115.73
CA GLY XB 172 -80.12 -69.57 -115.85
C GLY XB 172 -79.40 -68.72 -114.83
N ASP XB 173 -78.80 -67.61 -115.28
CA ASP XB 173 -78.29 -66.64 -114.33
C ASP XB 173 -79.40 -65.90 -113.62
N ARG XB 174 -80.62 -65.92 -114.16
CA ARG XB 174 -81.75 -65.38 -113.44
C ARG XB 174 -82.19 -66.27 -112.29
N SER XB 175 -81.74 -67.51 -112.23
CA SER XB 175 -82.08 -68.37 -111.11
C SER XB 175 -81.39 -67.87 -109.85
N PRO XB 176 -82.10 -67.83 -108.72
CA PRO XB 176 -81.55 -67.16 -107.54
C PRO XB 176 -80.43 -67.90 -106.85
N ASN XB 177 -80.21 -69.17 -107.17
CA ASN XB 177 -79.17 -69.93 -106.49
C ASN XB 177 -77.77 -69.48 -106.90
N ALA XB 178 -77.62 -68.98 -108.12
CA ALA XB 178 -76.33 -68.48 -108.58
C ALA XB 178 -76.10 -67.10 -107.96
N ARG XB 179 -75.12 -67.02 -107.07
CA ARG XB 179 -75.00 -65.85 -106.21
C ARG XB 179 -73.62 -65.88 -105.54
N VAL XB 180 -73.40 -64.91 -104.65
CA VAL XB 180 -72.23 -64.92 -103.80
C VAL XB 180 -72.64 -64.61 -102.37
N GLU XB 181 -71.80 -65.03 -101.45
CA GLU XB 181 -72.05 -64.84 -100.03
C GLU XB 181 -70.82 -64.25 -99.35
N ILE XB 182 -71.06 -63.32 -98.44
CA ILE XB 182 -70.05 -62.77 -97.55
C ILE XB 182 -70.43 -63.18 -96.14
N THR XB 183 -69.49 -63.80 -95.44
CA THR XB 183 -69.73 -64.30 -94.10
C THR XB 183 -68.60 -63.91 -93.18
N PHE XB 184 -68.94 -63.52 -91.95
CA PHE XB 184 -67.90 -63.29 -90.94
C PHE XB 184 -68.49 -63.41 -89.55
N ARG XB 185 -67.60 -63.32 -88.57
CA ARG XB 185 -67.94 -63.28 -87.16
C ARG XB 185 -67.54 -61.93 -86.59
N ARG XB 186 -68.44 -61.29 -85.86
CA ARG XB 186 -68.09 -60.04 -85.19
C ARG XB 186 -67.19 -60.33 -84.00
N ALA XB 187 -66.18 -59.48 -83.81
CA ALA XB 187 -65.18 -59.69 -82.76
C ALA XB 187 -65.23 -58.52 -81.79
N VAL XB 188 -65.86 -58.75 -80.64
CA VAL XB 188 -65.84 -57.87 -79.47
C VAL XB 188 -66.30 -56.44 -79.73
N CYS YB 42 -75.94 -44.81 -125.62
CA CYS YB 42 -75.22 -43.56 -125.80
C CYS YB 42 -73.72 -43.78 -125.74
N PHE YB 43 -73.21 -44.13 -124.56
CA PHE YB 43 -71.78 -44.33 -124.39
C PHE YB 43 -71.55 -45.25 -123.19
N HIS YB 44 -70.43 -45.98 -123.22
CA HIS YB 44 -70.05 -46.86 -122.13
C HIS YB 44 -68.63 -46.59 -121.69
N PRO YB 45 -68.39 -46.37 -120.40
CA PRO YB 45 -67.03 -46.18 -119.88
C PRO YB 45 -66.11 -47.37 -120.12
N PRO YB 46 -66.59 -48.65 -120.10
CA PRO YB 46 -65.55 -49.64 -120.51
C PRO YB 46 -65.37 -49.72 -122.02
N TYR YB 47 -64.69 -48.70 -122.54
CA TYR YB 47 -64.18 -48.60 -123.91
C TYR YB 47 -65.29 -48.71 -124.95
N ASN YB 48 -66.51 -48.36 -124.55
CA ASN YB 48 -67.73 -48.47 -125.35
C ASN YB 48 -67.90 -49.86 -125.93
N ASN YB 49 -67.56 -50.87 -125.12
CA ASN YB 49 -67.60 -52.29 -125.48
C ASN YB 49 -66.79 -52.59 -126.74
N PHE YB 50 -65.69 -51.85 -126.94
CA PHE YB 50 -64.87 -51.91 -128.15
C PHE YB 50 -65.70 -51.66 -129.40
N GLN YB 51 -66.62 -50.74 -129.33
CA GLN YB 51 -67.38 -50.43 -130.51
C GLN YB 51 -66.64 -49.39 -131.34
N PRO YB 52 -66.92 -49.31 -132.65
CA PRO YB 52 -66.49 -48.13 -133.41
C PRO YB 52 -67.29 -46.93 -132.99
N ASP YB 53 -66.62 -45.95 -132.39
CA ASP YB 53 -67.30 -44.90 -131.64
C ASP YB 53 -68.05 -43.95 -132.56
N ARG YB 54 -69.34 -43.79 -132.29
CA ARG YB 54 -70.18 -42.82 -132.99
C ARG YB 54 -70.35 -41.64 -132.06
N ARG YB 55 -69.37 -40.74 -132.09
CA ARG YB 55 -69.35 -39.61 -131.17
C ARG YB 55 -70.23 -38.48 -131.64
N ALA YB 56 -70.16 -38.14 -132.93
CA ALA YB 56 -70.75 -36.91 -133.43
C ALA YB 56 -72.27 -36.99 -133.57
N VAL YB 57 -72.86 -38.18 -133.54
CA VAL YB 57 -74.29 -38.30 -133.72
C VAL YB 57 -75.05 -37.76 -132.51
N LYS YB 58 -74.54 -38.01 -131.31
CA LYS YB 58 -75.14 -37.41 -130.13
C LYS YB 58 -74.94 -35.91 -130.12
N ARG YB 59 -73.80 -35.43 -130.64
CA ARG YB 59 -73.53 -34.00 -130.72
C ARG YB 59 -74.52 -33.32 -131.65
N VAL YB 60 -74.75 -33.89 -132.83
CA VAL YB 60 -75.67 -33.25 -133.75
C VAL YB 60 -77.12 -33.43 -133.30
N GLY YB 61 -77.41 -34.50 -132.54
CA GLY YB 61 -78.73 -34.65 -131.97
C GLY YB 61 -79.03 -33.61 -130.90
N VAL YB 62 -78.07 -33.34 -130.01
CA VAL YB 62 -78.30 -32.33 -128.99
C VAL YB 62 -78.14 -30.92 -129.53
N ASP YB 63 -77.53 -30.75 -130.71
CA ASP YB 63 -77.49 -29.42 -131.30
C ASP YB 63 -78.76 -29.11 -132.10
N THR YB 64 -79.33 -30.11 -132.77
CA THR YB 64 -80.62 -29.91 -133.43
C THR YB 64 -81.78 -29.97 -132.45
N GLY YB 65 -81.57 -30.51 -131.26
CA GLY YB 65 -82.61 -30.52 -130.24
C GLY YB 65 -82.60 -29.27 -129.38
N GLY YB 88 -79.54 -26.65 -134.08
CA GLY YB 88 -79.58 -26.52 -135.52
C GLY YB 88 -78.55 -27.38 -136.23
N GLY YB 89 -78.81 -27.67 -137.52
CA GLY YB 89 -77.86 -28.44 -138.30
C GLY YB 89 -76.55 -27.72 -138.53
N THR YB 90 -76.62 -26.39 -138.69
CA THR YB 90 -75.42 -25.59 -138.90
C THR YB 90 -74.53 -25.57 -137.67
N VAL YB 91 -75.14 -25.36 -136.50
CA VAL YB 91 -74.34 -25.34 -135.27
C VAL YB 91 -73.87 -26.75 -134.92
N GLY YB 92 -74.63 -27.78 -135.33
CA GLY YB 92 -74.16 -29.14 -135.17
C GLY YB 92 -72.95 -29.46 -136.03
N LEU YB 93 -72.98 -28.99 -137.28
CA LEU YB 93 -71.84 -29.19 -138.18
C LEU YB 93 -70.61 -28.46 -137.70
N VAL YB 94 -70.78 -27.21 -137.22
CA VAL YB 94 -69.61 -26.46 -136.78
C VAL YB 94 -69.07 -27.02 -135.46
N ALA YB 95 -69.95 -27.57 -134.60
CA ALA YB 95 -69.47 -28.21 -133.38
C ALA YB 95 -68.74 -29.50 -133.70
N SER YB 96 -69.23 -30.25 -134.68
CA SER YB 96 -68.57 -31.48 -135.10
C SER YB 96 -67.20 -31.20 -135.68
N ILE YB 97 -67.08 -30.18 -136.52
CA ILE YB 97 -65.76 -29.90 -137.09
C ILE YB 97 -64.84 -29.22 -136.09
N TYR YB 98 -65.39 -28.60 -135.03
CA TYR YB 98 -64.49 -28.09 -133.99
C TYR YB 98 -63.97 -29.22 -133.12
N ARG YB 99 -64.81 -30.20 -132.80
CA ARG YB 99 -64.41 -31.27 -131.89
C ARG YB 99 -63.84 -32.48 -132.61
N ASP YB 100 -63.79 -32.47 -133.94
CA ASP YB 100 -63.17 -33.55 -134.68
C ASP YB 100 -61.82 -33.16 -135.26
N SER YB 101 -61.39 -31.93 -135.05
CA SER YB 101 -60.10 -31.49 -135.56
C SER YB 101 -58.97 -32.14 -134.78
N LYS YB 102 -57.82 -32.30 -135.47
CA LYS YB 102 -56.64 -32.86 -134.81
C LYS YB 102 -56.14 -31.95 -133.70
N ARG YB 103 -56.25 -30.63 -133.91
CA ARG YB 103 -55.75 -29.66 -132.94
C ARG YB 103 -56.51 -29.74 -131.62
N LYS YB 104 -57.83 -29.91 -131.69
CA LYS YB 104 -58.63 -30.02 -130.48
C LYS YB 104 -58.29 -31.30 -129.72
N ILE YB 105 -57.98 -32.37 -130.46
CA ILE YB 105 -57.58 -33.62 -129.84
C ILE YB 105 -56.24 -33.46 -129.12
N ILE YB 106 -55.28 -32.78 -129.75
CA ILE YB 106 -54.00 -32.57 -129.11
C ILE YB 106 -54.14 -31.67 -127.89
N ARG YB 107 -55.04 -30.68 -127.97
CA ARG YB 107 -55.29 -29.84 -126.80
C ARG YB 107 -55.98 -30.61 -125.69
N ASP YB 108 -56.79 -31.60 -126.03
CA ASP YB 108 -57.35 -32.49 -125.00
C ASP YB 108 -56.26 -33.34 -124.37
N LEU YB 109 -55.33 -33.83 -125.17
CA LEU YB 109 -54.23 -34.61 -124.63
C LEU YB 109 -53.32 -33.77 -123.74
N GLN YB 110 -53.19 -32.49 -124.06
CA GLN YB 110 -52.41 -31.58 -123.24
C GLN YB 110 -53.18 -31.15 -122.00
N LYS YB 111 -54.51 -31.16 -122.07
CA LYS YB 111 -55.31 -31.01 -120.87
C LYS YB 111 -55.09 -32.20 -119.95
N GLN YB 112 -54.96 -33.38 -120.53
CA GLN YB 112 -54.48 -34.51 -119.77
C GLN YB 112 -52.96 -34.44 -119.63
N ASP YB 113 -52.38 -35.39 -118.93
CA ASP YB 113 -50.95 -35.38 -118.67
C ASP YB 113 -50.18 -36.24 -119.67
N ILE YB 114 -50.46 -36.05 -120.96
CA ILE YB 114 -49.87 -36.86 -122.02
C ILE YB 114 -49.12 -35.93 -122.95
N GLN YB 115 -47.89 -36.30 -123.30
CA GLN YB 115 -47.07 -35.45 -124.14
C GLN YB 115 -47.07 -35.98 -125.56
N TYR YB 116 -47.02 -35.07 -126.52
CA TYR YB 116 -46.97 -35.42 -127.94
C TYR YB 116 -45.89 -34.60 -128.60
N VAL YB 117 -45.02 -35.26 -129.38
CA VAL YB 117 -43.90 -34.59 -130.02
C VAL YB 117 -43.91 -34.91 -131.50
N GLU YB 118 -43.96 -33.87 -132.33
CA GLU YB 118 -43.78 -34.00 -133.77
C GLU YB 118 -42.49 -33.27 -134.16
N TYR YB 119 -41.65 -33.93 -134.93
CA TYR YB 119 -40.33 -33.40 -135.23
C TYR YB 119 -39.85 -34.07 -136.50
N GLY YB 120 -39.70 -33.31 -137.57
CA GLY YB 120 -39.46 -33.91 -138.87
C GLY YB 120 -40.72 -34.59 -139.34
N ASP YB 121 -40.72 -35.92 -139.34
CA ASP YB 121 -41.93 -36.70 -139.52
C ASP YB 121 -42.09 -37.83 -138.53
N THR YB 122 -41.01 -38.26 -137.88
CA THR YB 122 -41.08 -39.26 -136.83
C THR YB 122 -41.82 -38.67 -135.63
N ARG YB 123 -42.88 -39.31 -135.20
CA ARG YB 123 -43.71 -38.74 -134.15
C ARG YB 123 -43.79 -39.65 -132.95
N THR YB 124 -43.89 -39.03 -131.77
CA THR YB 124 -43.83 -39.78 -130.52
C THR YB 124 -44.92 -39.32 -129.55
N LEU YB 125 -45.29 -40.25 -128.69
CA LEU YB 125 -46.25 -40.04 -127.62
C LEU YB 125 -45.64 -40.50 -126.31
N ILE YB 126 -45.89 -39.74 -125.24
CA ILE YB 126 -45.27 -39.98 -123.95
C ILE YB 126 -46.37 -40.08 -122.91
N ILE YB 127 -46.41 -41.21 -122.22
CA ILE YB 127 -47.44 -41.50 -121.21
C ILE YB 127 -46.75 -41.76 -119.88
N PRO YB 128 -47.17 -41.10 -118.79
CA PRO YB 128 -46.60 -41.42 -117.48
C PRO YB 128 -47.25 -42.65 -116.90
N THR YB 129 -46.48 -43.36 -116.08
CA THR YB 129 -46.93 -44.67 -115.61
C THR YB 129 -47.98 -44.53 -114.51
N ASP YB 130 -47.88 -43.49 -113.69
CA ASP YB 130 -48.57 -43.50 -112.40
C ASP YB 130 -50.07 -43.29 -112.54
N LYS YB 131 -50.49 -42.40 -113.41
CA LYS YB 131 -51.91 -42.12 -113.56
C LYS YB 131 -52.56 -42.95 -114.64
N TYR YB 132 -51.82 -43.80 -115.34
CA TYR YB 132 -52.38 -44.54 -116.47
C TYR YB 132 -52.04 -46.02 -116.39
N PHE YB 133 -51.87 -46.55 -115.20
CA PHE YB 133 -51.59 -47.96 -115.03
C PHE YB 133 -52.13 -48.37 -113.67
N MET YB 134 -51.64 -49.49 -113.16
CA MET YB 134 -51.75 -49.76 -111.74
C MET YB 134 -50.36 -50.06 -111.21
N PHE YB 135 -50.17 -49.76 -109.93
CA PHE YB 135 -48.84 -49.72 -109.35
C PHE YB 135 -48.25 -51.12 -109.23
N SER YB 136 -47.06 -51.29 -109.81
CA SER YB 136 -46.28 -52.53 -109.80
C SER YB 136 -47.08 -53.71 -110.35
N SER YB 137 -47.85 -53.45 -111.40
CA SER YB 137 -48.70 -54.47 -111.98
C SER YB 137 -48.97 -54.11 -113.42
N PRO YB 138 -49.24 -55.10 -114.28
CA PRO YB 138 -49.69 -54.81 -115.64
C PRO YB 138 -51.17 -54.52 -115.78
N ARG YB 139 -51.89 -54.26 -114.70
CA ARG YB 139 -53.28 -53.86 -114.81
C ARG YB 139 -53.39 -52.42 -115.29
N LEU YB 140 -54.53 -52.10 -115.88
CA LEU YB 140 -54.81 -50.75 -116.34
C LEU YB 140 -55.66 -50.00 -115.34
N ASN YB 141 -55.52 -48.69 -115.32
CA ASN YB 141 -56.43 -47.84 -114.56
C ASN YB 141 -57.72 -47.65 -115.32
N GLU YB 142 -58.83 -47.85 -114.64
CA GLU YB 142 -60.13 -47.72 -115.28
C GLU YB 142 -60.76 -46.37 -115.03
N ILE YB 143 -59.96 -45.34 -114.82
CA ILE YB 143 -60.47 -44.01 -114.59
C ILE YB 143 -60.10 -43.06 -115.72
N CYS YB 144 -58.87 -43.16 -116.22
CA CYS YB 144 -58.38 -42.20 -117.21
C CYS YB 144 -58.63 -42.65 -118.65
N TYR YB 145 -59.67 -43.44 -118.87
CA TYR YB 145 -60.13 -43.84 -120.20
C TYR YB 145 -60.47 -42.71 -121.20
N PRO YB 146 -60.79 -41.45 -120.80
CA PRO YB 146 -60.81 -40.40 -121.83
C PRO YB 146 -59.52 -40.25 -122.60
N GLY YB 147 -58.39 -40.41 -121.92
CA GLY YB 147 -57.12 -40.41 -122.61
C GLY YB 147 -56.99 -41.55 -123.60
N LEU YB 148 -57.52 -42.72 -123.24
CA LEU YB 148 -57.41 -43.86 -124.14
C LEU YB 148 -58.29 -43.69 -125.37
N ASN YB 149 -59.49 -43.14 -125.19
CA ASN YB 149 -60.34 -42.83 -126.33
C ASN YB 149 -59.71 -41.77 -127.21
N ASN YB 150 -59.04 -40.78 -126.59
CA ASN YB 150 -58.31 -39.78 -127.35
C ASN YB 150 -57.17 -40.42 -128.13
N VAL YB 151 -56.49 -41.38 -127.52
CA VAL YB 151 -55.39 -42.08 -128.19
C VAL YB 151 -55.88 -42.82 -129.40
N ILE YB 152 -57.03 -43.48 -129.29
CA ILE YB 152 -57.54 -44.25 -130.41
C ILE YB 152 -58.03 -43.32 -131.52
N ARG YB 153 -58.69 -42.21 -131.15
CA ARG YB 153 -59.16 -41.26 -132.14
C ARG YB 153 -58.01 -40.61 -132.88
N LEU YB 154 -56.93 -40.26 -132.18
CA LEU YB 154 -55.80 -39.67 -132.88
C LEU YB 154 -55.02 -40.71 -133.66
N LEU YB 155 -55.00 -41.95 -133.19
CA LEU YB 155 -54.29 -43.00 -133.89
C LEU YB 155 -55.00 -43.45 -135.14
N ASN YB 156 -56.29 -43.14 -135.26
CA ASN YB 156 -57.00 -43.48 -136.49
C ASN YB 156 -56.58 -42.65 -137.70
N PHE YB 157 -55.82 -41.58 -137.52
CA PHE YB 157 -55.48 -40.71 -138.64
C PHE YB 157 -54.24 -41.15 -139.40
N TYR YB 158 -53.50 -42.14 -138.92
CA TYR YB 158 -52.23 -42.53 -139.55
C TYR YB 158 -52.25 -44.03 -139.81
N PRO YB 159 -53.04 -44.49 -140.78
CA PRO YB 159 -53.34 -45.92 -140.89
C PRO YB 159 -52.31 -46.75 -141.65
N GLN YB 160 -51.10 -46.26 -141.87
CA GLN YB 160 -50.11 -47.05 -142.60
C GLN YB 160 -48.81 -47.25 -141.85
N SER YB 161 -48.56 -46.46 -140.81
CA SER YB 161 -47.27 -46.49 -140.12
C SER YB 161 -47.13 -47.72 -139.24
N THR YB 162 -45.94 -48.31 -139.25
CA THR YB 162 -45.59 -49.25 -138.21
C THR YB 162 -45.31 -48.50 -136.92
N ILE YB 163 -45.61 -49.15 -135.80
CA ILE YB 163 -45.52 -48.53 -134.49
C ILE YB 163 -44.50 -49.30 -133.66
N TYR YB 164 -43.68 -48.56 -132.93
CA TYR YB 164 -42.87 -49.13 -131.87
C TYR YB 164 -43.39 -48.61 -130.54
N VAL YB 165 -43.51 -49.49 -129.55
CA VAL YB 165 -43.81 -49.06 -128.20
C VAL YB 165 -42.66 -49.51 -127.30
N ALA YB 166 -42.40 -48.72 -126.26
CA ALA YB 166 -41.28 -49.01 -125.39
C ALA YB 166 -41.59 -48.57 -123.97
N GLY YB 167 -40.98 -49.28 -123.04
CA GLY YB 167 -41.23 -49.08 -121.62
C GLY YB 167 -39.96 -48.76 -120.87
N PHE YB 168 -40.05 -47.81 -119.95
CA PHE YB 168 -38.90 -47.39 -119.16
C PHE YB 168 -39.28 -47.19 -117.71
N THR YB 169 -38.39 -47.66 -116.83
CA THR YB 169 -38.59 -47.63 -115.39
C THR YB 169 -37.47 -46.83 -114.74
N ASP YB 170 -37.44 -46.85 -113.42
CA ASP YB 170 -36.39 -46.22 -112.64
C ASP YB 170 -35.23 -47.19 -112.47
N ASN YB 171 -34.32 -46.86 -111.56
CA ASN YB 171 -33.01 -47.49 -111.49
C ASN YB 171 -32.89 -48.56 -110.41
N VAL YB 172 -33.93 -48.79 -109.63
CA VAL YB 172 -33.78 -49.48 -108.36
C VAL YB 172 -34.35 -50.89 -108.48
N GLY YB 173 -33.57 -51.87 -108.06
CA GLY YB 173 -34.04 -53.24 -107.93
C GLY YB 173 -33.20 -54.20 -108.73
N SER YB 174 -33.73 -55.39 -108.92
CA SER YB 174 -33.10 -56.36 -109.81
C SER YB 174 -33.22 -55.90 -111.25
N ARG YB 175 -32.14 -56.14 -112.00
CA ARG YB 175 -32.15 -55.89 -113.44
C ARG YB 175 -33.21 -56.72 -114.13
N SER YB 176 -33.34 -57.98 -113.70
CA SER YB 176 -34.38 -58.85 -114.21
C SER YB 176 -35.77 -58.34 -113.84
N HIS YB 177 -35.89 -57.75 -112.64
CA HIS YB 177 -37.17 -57.20 -112.22
C HIS YB 177 -37.60 -56.03 -113.10
N LYS YB 178 -36.67 -55.13 -113.41
CA LYS YB 178 -36.98 -54.04 -114.31
C LYS YB 178 -37.32 -54.56 -115.70
N ARG YB 179 -36.59 -55.57 -116.16
CA ARG YB 179 -36.83 -56.14 -117.48
C ARG YB 179 -38.22 -56.74 -117.58
N LYS YB 180 -38.62 -57.51 -116.57
CA LYS YB 180 -39.94 -58.12 -116.53
C LYS YB 180 -41.04 -57.06 -116.50
N LEU YB 181 -40.86 -56.03 -115.65
CA LEU YB 181 -41.91 -55.04 -115.48
C LEU YB 181 -42.13 -54.25 -116.77
N SER YB 182 -41.04 -53.80 -117.39
CA SER YB 182 -41.16 -53.01 -118.60
C SER YB 182 -41.72 -53.83 -119.75
N GLN YB 183 -41.28 -55.09 -119.88
CA GLN YB 183 -41.80 -55.94 -120.95
C GLN YB 183 -43.29 -56.19 -120.78
N ALA YB 184 -43.72 -56.46 -119.54
CA ALA YB 184 -45.12 -56.71 -119.29
C ALA YB 184 -45.98 -55.49 -119.58
N GLN YB 185 -45.51 -54.31 -119.15
CA GLN YB 185 -46.29 -53.10 -119.35
C GLN YB 185 -46.43 -52.76 -120.82
N ALA YB 186 -45.33 -52.90 -121.58
CA ALA YB 186 -45.39 -52.59 -122.99
C ALA YB 186 -46.28 -53.57 -123.74
N GLU YB 187 -46.20 -54.85 -123.38
CA GLU YB 187 -46.99 -55.84 -124.09
C GLU YB 187 -48.47 -55.69 -123.77
N THR YB 188 -48.78 -55.28 -122.55
CA THR YB 188 -50.16 -54.97 -122.19
C THR YB 188 -50.69 -53.79 -122.99
N MET YB 189 -49.85 -52.76 -123.15
CA MET YB 189 -50.25 -51.58 -123.91
C MET YB 189 -50.53 -51.92 -125.37
N MET YB 190 -49.63 -52.70 -125.98
CA MET YB 190 -49.82 -53.04 -127.38
C MET YB 190 -50.99 -53.99 -127.58
N THR YB 191 -51.29 -54.81 -126.57
CA THR YB 191 -52.46 -55.67 -126.67
C THR YB 191 -53.75 -54.86 -126.61
N PHE YB 192 -53.79 -53.84 -125.75
CA PHE YB 192 -54.95 -52.96 -125.74
C PHE YB 192 -55.10 -52.23 -127.06
N LEU YB 193 -53.98 -51.85 -127.66
CA LEU YB 193 -54.04 -51.25 -128.98
C LEU YB 193 -54.55 -52.24 -130.02
N TRP YB 194 -54.12 -53.50 -129.91
CA TRP YB 194 -54.54 -54.53 -130.84
C TRP YB 194 -56.02 -54.83 -130.70
N ALA YB 195 -56.57 -54.64 -129.51
CA ALA YB 195 -57.99 -54.82 -129.29
C ALA YB 195 -58.83 -53.71 -129.89
N ASN YB 196 -58.22 -52.65 -130.39
CA ASN YB 196 -58.97 -51.61 -131.07
C ASN YB 196 -59.09 -51.84 -132.57
N GLY YB 197 -58.55 -52.94 -133.07
CA GLY YB 197 -58.75 -53.31 -134.46
C GLY YB 197 -57.63 -52.97 -135.42
N ILE YB 198 -56.45 -52.62 -134.91
CA ILE YB 198 -55.33 -52.28 -135.78
C ILE YB 198 -54.68 -53.56 -136.29
N ALA YB 199 -53.81 -53.43 -137.29
CA ALA YB 199 -53.17 -54.58 -137.89
C ALA YB 199 -52.06 -55.12 -137.00
N ALA YB 200 -52.01 -56.43 -136.86
CA ALA YB 200 -51.07 -57.05 -135.93
C ALA YB 200 -49.63 -56.95 -136.42
N LYS YB 201 -49.41 -56.97 -137.73
CA LYS YB 201 -48.05 -56.92 -138.23
C LYS YB 201 -47.43 -55.55 -138.14
N ARG YB 202 -48.22 -54.51 -137.85
CA ARG YB 202 -47.71 -53.15 -137.83
C ARG YB 202 -47.19 -52.74 -136.46
N LEU YB 203 -46.82 -53.69 -135.60
CA LEU YB 203 -46.53 -53.36 -134.21
C LEU YB 203 -45.21 -53.99 -133.77
N LYS YB 204 -44.57 -53.32 -132.81
CA LYS YB 204 -43.39 -53.84 -132.14
C LYS YB 204 -43.41 -53.39 -130.70
N ALA YB 205 -42.98 -54.27 -129.80
CA ALA YB 205 -42.99 -54.01 -128.38
C ALA YB 205 -41.58 -54.15 -127.82
N GLU YB 206 -41.19 -53.25 -126.92
CA GLU YB 206 -39.89 -53.35 -126.29
C GLU YB 206 -39.89 -52.66 -124.95
N GLY YB 207 -39.42 -53.36 -123.93
CA GLY YB 207 -39.29 -52.78 -122.61
C GLY YB 207 -37.86 -52.85 -122.14
N TYR YB 208 -37.24 -51.69 -121.94
CA TYR YB 208 -35.83 -51.68 -121.57
C TYR YB 208 -35.71 -51.66 -120.06
N GLY YB 209 -34.54 -51.30 -119.57
CA GLY YB 209 -34.38 -51.04 -118.16
C GLY YB 209 -34.36 -49.55 -117.96
N ASP YB 210 -33.16 -49.01 -117.80
CA ASP YB 210 -32.94 -47.59 -117.76
C ASP YB 210 -31.72 -47.23 -118.60
N LYS YB 211 -31.60 -47.85 -119.77
CA LYS YB 211 -30.40 -47.74 -120.59
C LYS YB 211 -30.25 -46.39 -121.26
N ASN YB 212 -31.30 -45.57 -121.26
CA ASN YB 212 -31.19 -44.19 -121.70
C ASN YB 212 -32.25 -43.40 -120.95
N ALA YB 213 -31.86 -42.81 -119.82
CA ALA YB 213 -32.81 -42.02 -119.07
C ALA YB 213 -32.97 -40.66 -119.71
N ILE YB 214 -34.03 -39.96 -119.30
CA ILE YB 214 -34.22 -38.58 -119.70
C ILE YB 214 -34.05 -37.63 -118.53
N SER YB 215 -33.82 -38.16 -117.34
CA SER YB 215 -33.52 -37.34 -116.17
C SER YB 215 -32.62 -38.17 -115.26
N ASP YB 216 -32.51 -37.77 -114.00
CA ASP YB 216 -31.69 -38.48 -113.03
C ASP YB 216 -32.58 -39.15 -111.99
N ASN YB 217 -32.19 -40.35 -111.58
CA ASN YB 217 -32.95 -41.09 -110.59
C ASN YB 217 -32.43 -40.91 -109.18
N ALA YB 218 -31.41 -40.09 -108.97
CA ALA YB 218 -31.04 -39.71 -107.62
C ALA YB 218 -31.84 -38.52 -107.12
N ILE YB 219 -32.70 -37.96 -107.97
CA ILE YB 219 -33.55 -36.84 -107.59
C ILE YB 219 -34.98 -37.33 -107.61
N ILE YB 220 -35.80 -36.73 -106.75
CA ILE YB 220 -37.15 -37.24 -106.51
C ILE YB 220 -38.05 -37.00 -107.72
N HIS YB 221 -38.17 -35.75 -108.13
CA HIS YB 221 -39.01 -35.45 -109.28
C HIS YB 221 -38.38 -35.95 -110.57
N GLY YB 222 -37.04 -36.08 -110.60
CA GLY YB 222 -36.40 -36.67 -111.75
C GLY YB 222 -36.74 -38.14 -111.94
N SER YB 223 -36.71 -38.90 -110.85
CA SER YB 223 -37.12 -40.30 -110.94
C SER YB 223 -38.61 -40.42 -111.12
N ALA YB 224 -39.38 -39.42 -110.70
CA ALA YB 224 -40.80 -39.41 -111.04
C ALA YB 224 -41.00 -39.21 -112.53
N GLN YB 225 -40.21 -38.34 -113.15
CA GLN YB 225 -40.31 -38.09 -114.57
C GLN YB 225 -39.67 -39.16 -115.42
N ASN YB 226 -38.81 -39.98 -114.83
CA ASN YB 226 -38.05 -40.94 -115.61
C ASN YB 226 -38.89 -42.13 -116.06
N ARG YB 227 -39.82 -42.58 -115.23
CA ARG YB 227 -40.65 -43.72 -115.59
C ARG YB 227 -41.66 -43.32 -116.66
N ARG YB 228 -41.69 -44.06 -117.76
CA ARG YB 228 -42.41 -43.54 -118.92
C ARG YB 228 -42.78 -44.65 -119.90
N ILE YB 229 -43.73 -44.32 -120.77
CA ILE YB 229 -44.14 -45.14 -121.90
C ILE YB 229 -43.97 -44.32 -123.16
N GLU YB 230 -43.25 -44.88 -124.14
CA GLU YB 230 -42.85 -44.18 -125.34
C GLU YB 230 -43.51 -44.83 -126.54
N ILE YB 231 -44.08 -44.02 -127.42
CA ILE YB 231 -44.68 -44.50 -128.66
C ILE YB 231 -43.98 -43.77 -129.81
N GLN YB 232 -43.35 -44.53 -130.69
CA GLN YB 232 -42.74 -43.97 -131.89
C GLN YB 232 -43.49 -44.50 -133.10
N TRP YB 233 -43.71 -43.63 -134.08
CA TRP YB 233 -44.11 -44.13 -135.38
C TRP YB 233 -43.59 -43.24 -136.50
N PHE YB 234 -43.22 -43.90 -137.60
CA PHE YB 234 -42.72 -43.24 -138.80
C PHE YB 234 -43.90 -42.80 -139.67
N THR YB 235 -43.63 -42.49 -140.93
CA THR YB 235 -44.70 -42.16 -141.85
C THR YB 235 -44.77 -43.12 -143.02
N SER YB 236 -43.65 -43.37 -143.70
CA SER YB 236 -43.64 -44.28 -144.84
C SER YB 236 -42.49 -45.28 -144.75
N LEU ZB 113 -46.67 -88.83 -162.02
CA LEU ZB 113 -46.75 -88.79 -160.57
C LEU ZB 113 -46.81 -87.34 -160.08
N ASN ZB 114 -47.59 -86.51 -160.77
CA ASN ZB 114 -47.66 -85.10 -160.43
C ASN ZB 114 -49.11 -84.63 -160.29
N ARG ZB 115 -50.01 -85.26 -161.03
CA ARG ZB 115 -51.40 -84.84 -161.11
C ARG ZB 115 -52.31 -85.96 -160.61
N PHE ZB 116 -53.28 -85.62 -159.77
CA PHE ZB 116 -54.32 -86.58 -159.42
C PHE ZB 116 -55.63 -85.85 -159.22
N ARG ZB 117 -56.66 -86.31 -159.93
CA ARG ZB 117 -58.03 -85.90 -159.70
C ARG ZB 117 -58.89 -87.16 -159.64
N TYR ZB 118 -59.70 -87.27 -158.59
CA TYR ZB 118 -60.46 -88.50 -158.34
C TYR ZB 118 -61.91 -88.14 -158.02
N GLU ZB 119 -62.83 -88.79 -158.73
CA GLU ZB 119 -64.26 -88.58 -158.54
C GLU ZB 119 -64.99 -89.89 -158.76
N GLY ZB 120 -66.12 -90.04 -158.08
CA GLY ZB 120 -67.04 -91.13 -158.39
C GLY ZB 120 -66.99 -92.37 -157.51
N ALA ZB 121 -67.01 -92.19 -156.19
CA ALA ZB 121 -67.24 -93.24 -155.19
C ALA ZB 121 -66.21 -94.36 -155.27
N GLY ZB 122 -64.95 -94.01 -155.01
CA GLY ZB 122 -63.86 -94.94 -155.22
C GLY ZB 122 -62.88 -94.94 -154.07
N VAL ZB 123 -61.99 -95.93 -154.11
CA VAL ZB 123 -60.99 -96.13 -153.08
C VAL ZB 123 -59.62 -96.07 -153.75
N VAL ZB 124 -58.74 -95.24 -153.21
CA VAL ZB 124 -57.34 -95.17 -153.62
C VAL ZB 124 -56.49 -95.58 -152.42
N THR ZB 125 -55.60 -96.54 -152.62
CA THR ZB 125 -54.69 -96.96 -151.57
C THR ZB 125 -53.30 -97.11 -152.15
N GLY ZB 126 -52.32 -96.49 -151.50
CA GLY ZB 126 -50.94 -96.59 -151.97
C GLY ZB 126 -50.00 -96.64 -150.79
N ASN ZB 127 -48.85 -97.30 -150.99
CA ASN ZB 127 -47.83 -97.39 -149.96
C ASN ZB 127 -46.48 -97.09 -150.55
N ASN ZB 128 -45.64 -96.41 -149.76
CA ASN ZB 128 -44.25 -96.07 -150.09
C ASN ZB 128 -44.16 -95.23 -151.37
N LEU ZB 129 -44.77 -94.05 -151.33
CA LEU ZB 129 -44.76 -93.11 -152.43
C LEU ZB 129 -43.89 -91.92 -152.07
N ARG ZB 130 -42.97 -91.57 -152.98
CA ARG ZB 130 -42.03 -90.48 -152.77
C ARG ZB 130 -42.03 -89.56 -153.98
N THR ZB 131 -42.07 -88.25 -153.72
CA THR ZB 131 -42.15 -87.25 -154.77
C THR ZB 131 -41.66 -85.92 -154.24
N SER ZB 132 -41.41 -85.00 -155.17
CA SER ZB 132 -41.16 -83.61 -154.82
C SER ZB 132 -42.46 -82.85 -154.64
N TYR ZB 133 -43.36 -82.96 -155.61
CA TYR ZB 133 -44.66 -82.31 -155.51
C TYR ZB 133 -45.66 -83.03 -156.40
N LEU ZB 134 -46.87 -83.21 -155.87
CA LEU ZB 134 -48.03 -83.58 -156.66
C LEU ZB 134 -49.25 -82.91 -156.05
N ASP ZB 135 -50.28 -82.71 -156.87
CA ASP ZB 135 -51.53 -82.10 -156.41
C ASP ZB 135 -52.67 -83.10 -156.48
N LEU ZB 136 -53.39 -83.21 -155.37
CA LEU ZB 136 -54.54 -84.09 -155.24
C LEU ZB 136 -55.82 -83.26 -155.25
N TYR ZB 137 -56.79 -83.69 -156.05
CA TYR ZB 137 -58.12 -83.08 -156.07
C TYR ZB 137 -59.15 -84.19 -155.90
N LEU ZB 138 -59.69 -84.30 -154.68
CA LEU ZB 138 -60.59 -85.38 -154.33
C LEU ZB 138 -62.03 -84.89 -154.31
N ALA ZB 139 -62.93 -85.74 -154.79
CA ALA ZB 139 -64.35 -85.44 -154.72
C ALA ZB 139 -65.13 -86.75 -154.81
N ASN ZB 140 -66.37 -86.68 -154.35
CA ASN ZB 140 -67.38 -87.75 -154.48
C ASN ZB 140 -66.91 -89.06 -153.86
N GLU ZB 141 -66.50 -88.96 -152.58
CA GLU ZB 141 -66.03 -90.09 -151.77
C GLU ZB 141 -64.83 -90.79 -152.42
N GLY ZB 142 -63.73 -90.04 -152.44
CA GLY ZB 142 -62.46 -90.67 -152.70
C GLY ZB 142 -61.83 -91.09 -151.39
N THR ZB 143 -62.00 -92.35 -151.02
CA THR ZB 143 -61.43 -92.88 -149.78
C THR ZB 143 -59.95 -93.15 -150.05
N THR ZB 144 -59.10 -92.23 -149.62
CA THR ZB 144 -57.71 -92.21 -150.03
C THR ZB 144 -56.82 -92.51 -148.84
N ARG ZB 145 -55.98 -93.53 -148.97
CA ARG ZB 145 -55.04 -93.92 -147.92
C ARG ZB 145 -53.64 -93.96 -148.51
N LEU ZB 146 -52.70 -93.33 -147.82
CA LEU ZB 146 -51.31 -93.28 -148.25
C LEU ZB 146 -50.41 -93.76 -147.13
N ALA ZB 147 -49.36 -94.48 -147.50
CA ALA ZB 147 -48.39 -95.03 -146.55
C ALA ZB 147 -46.97 -94.75 -147.02
N GLY ZB 148 -46.70 -93.51 -147.42
CA GLY ZB 148 -45.38 -93.12 -147.85
C GLY ZB 148 -45.07 -91.70 -147.45
N ASN ZB 149 -43.83 -91.30 -147.66
CA ASN ZB 149 -43.37 -89.94 -147.39
C ASN ZB 149 -43.50 -89.12 -148.67
N ILE ZB 150 -44.56 -88.34 -148.76
CA ILE ZB 150 -44.91 -87.59 -149.96
C ILE ZB 150 -44.62 -86.12 -149.70
N GLY ZB 151 -43.79 -85.51 -150.54
CA GLY ZB 151 -43.60 -84.08 -150.52
C GLY ZB 151 -44.59 -83.44 -151.46
N LEU ZB 152 -45.25 -82.39 -150.98
CA LEU ZB 152 -46.28 -81.73 -151.77
C LEU ZB 152 -46.47 -80.31 -151.28
N GLN ZB 153 -47.32 -79.57 -151.99
CA GLN ZB 153 -47.65 -78.20 -151.66
C GLN ZB 153 -49.17 -78.04 -151.61
N LYS ZB 154 -49.88 -78.76 -152.48
CA LYS ZB 154 -51.29 -78.49 -152.71
C LYS ZB 154 -52.13 -79.73 -152.52
N LEU ZB 155 -53.29 -79.55 -151.89
CA LEU ZB 155 -54.24 -80.62 -151.66
C LEU ZB 155 -55.63 -79.99 -151.55
N GLU ZB 156 -56.59 -80.54 -152.30
CA GLU ZB 156 -57.93 -79.99 -152.32
C GLU ZB 156 -58.96 -81.11 -152.30
N ALA ZB 157 -60.03 -80.89 -151.52
CA ALA ZB 157 -61.14 -81.81 -151.43
C ALA ZB 157 -62.43 -81.03 -151.55
N VAL ZB 158 -63.37 -81.55 -152.33
CA VAL ZB 158 -64.65 -80.88 -152.50
C VAL ZB 158 -65.49 -81.00 -151.23
N GLY ZB 159 -65.60 -82.19 -150.69
CA GLY ZB 159 -66.36 -82.41 -149.48
C GLY ZB 159 -67.03 -83.77 -149.51
N ASN ZB 160 -67.67 -84.08 -148.37
CA ASN ZB 160 -68.37 -85.35 -148.13
C ASN ZB 160 -67.45 -86.56 -148.32
N GLY ZB 161 -66.20 -86.41 -147.90
CA GLY ZB 161 -65.22 -87.46 -148.06
C GLY ZB 161 -64.30 -87.52 -146.87
N VAL ZB 162 -63.57 -88.63 -146.79
CA VAL ZB 162 -62.64 -88.90 -145.69
C VAL ZB 162 -61.27 -89.18 -146.30
N THR ZB 163 -60.27 -88.45 -145.82
CA THR ZB 163 -58.90 -88.61 -146.28
C THR ZB 163 -58.01 -88.86 -145.08
N GLN ZB 164 -57.21 -89.93 -145.13
CA GLN ZB 164 -56.18 -90.19 -144.14
C GLN ZB 164 -54.86 -90.38 -144.85
N ILE ZB 165 -53.89 -89.53 -144.55
CA ILE ZB 165 -52.55 -89.61 -145.11
C ILE ZB 165 -51.56 -89.78 -143.97
N ASN ZB 166 -50.70 -90.77 -144.09
CA ASN ZB 166 -49.75 -91.14 -143.04
C ASN ZB 166 -48.36 -90.65 -143.46
N GLY ZB 167 -47.97 -89.49 -142.96
CA GLY ZB 167 -46.62 -89.01 -143.16
C GLY ZB 167 -46.48 -88.09 -144.35
N VAL ZB 168 -46.35 -86.80 -144.12
CA VAL ZB 168 -46.04 -85.85 -145.18
C VAL ZB 168 -44.88 -84.99 -144.71
N SER ZB 169 -43.79 -85.00 -145.47
CA SER ZB 169 -42.57 -84.30 -145.11
C SER ZB 169 -42.34 -83.20 -146.14
N SER ZB 170 -42.95 -82.05 -145.90
CA SER ZB 170 -42.83 -80.92 -146.81
C SER ZB 170 -42.52 -79.66 -146.04
N ARG ZB 171 -41.74 -78.79 -146.66
CA ARG ZB 171 -41.35 -77.54 -146.05
C ARG ZB 171 -42.31 -76.40 -146.36
N ASN ZB 172 -43.32 -76.64 -147.20
CA ASN ZB 172 -44.30 -75.61 -147.49
C ASN ZB 172 -45.61 -76.27 -147.86
N LEU ZB 173 -46.71 -75.57 -147.56
CA LEU ZB 173 -48.05 -76.04 -147.84
C LEU ZB 173 -48.99 -74.84 -147.83
N GLN ZB 174 -50.09 -74.97 -148.56
CA GLN ZB 174 -51.12 -73.92 -148.56
C GLN ZB 174 -52.43 -74.58 -148.95
N ILE ZB 175 -53.34 -74.72 -147.98
CA ILE ZB 175 -54.56 -75.51 -148.14
C ILE ZB 175 -55.77 -74.60 -148.02
N VAL ZB 176 -56.75 -74.82 -148.89
CA VAL ZB 176 -58.08 -74.25 -148.70
C VAL ZB 176 -59.07 -75.40 -148.74
N LEU ZB 177 -60.26 -75.18 -148.18
CA LEU ZB 177 -61.32 -76.16 -148.19
C LEU ZB 177 -62.65 -75.47 -148.42
N LYS ZB 178 -63.61 -76.21 -148.92
CA LYS ZB 178 -64.91 -75.61 -149.18
C LYS ZB 178 -66.08 -76.38 -148.59
N GLY ZB 179 -66.01 -77.72 -148.56
CA GLY ZB 179 -67.13 -78.49 -148.09
C GLY ZB 179 -66.93 -79.09 -146.72
N ASP ZB 180 -67.19 -80.39 -146.59
CA ASP ZB 180 -67.04 -81.10 -145.33
C ASP ZB 180 -66.19 -82.33 -145.53
N PRO ZB 181 -64.86 -82.18 -145.54
CA PRO ZB 181 -63.98 -83.35 -145.52
C PRO ZB 181 -63.58 -83.73 -144.10
N LYS ZB 182 -63.06 -84.94 -143.98
CA LYS ZB 182 -62.58 -85.48 -142.70
C LYS ZB 182 -61.14 -85.89 -142.94
N VAL ZB 183 -60.20 -85.01 -142.62
CA VAL ZB 183 -58.81 -85.16 -143.01
C VAL ZB 183 -57.96 -85.45 -141.78
N LEU ZB 184 -57.22 -86.55 -141.82
CA LEU ZB 184 -56.28 -86.92 -140.77
C LEU ZB 184 -54.94 -87.17 -141.44
N ILE ZB 185 -54.01 -86.23 -141.29
CA ILE ZB 185 -52.72 -86.31 -141.94
C ILE ZB 185 -51.65 -86.26 -140.86
N SER ZB 186 -50.69 -87.16 -140.96
CA SER ZB 186 -49.51 -87.16 -140.11
C SER ZB 186 -48.31 -86.58 -140.86
N GLY ZB 187 -47.26 -86.27 -140.10
CA GLY ZB 187 -45.99 -85.86 -140.67
C GLY ZB 187 -45.49 -84.55 -140.09
N PHE ZB 188 -44.48 -84.00 -140.75
CA PHE ZB 188 -43.81 -82.78 -140.33
C PHE ZB 188 -44.13 -81.73 -141.40
N VAL ZB 189 -45.06 -80.84 -141.08
CA VAL ZB 189 -45.67 -79.95 -142.07
C VAL ZB 189 -45.47 -78.52 -141.63
N ASN ZB 190 -45.03 -77.67 -142.56
CA ASN ZB 190 -44.93 -76.24 -142.35
C ASN ZB 190 -46.12 -75.60 -143.07
N LEU ZB 191 -47.02 -74.99 -142.30
CA LEU ZB 191 -48.19 -74.32 -142.85
C LEU ZB 191 -48.23 -72.85 -142.43
N ARG ZB 192 -48.87 -72.05 -143.26
CA ARG ZB 192 -48.92 -70.61 -143.07
C ARG ZB 192 -50.32 -70.06 -142.90
N GLN ZB 193 -51.24 -70.33 -143.83
CA GLN ZB 193 -52.51 -69.63 -143.84
C GLN ZB 193 -53.64 -70.57 -144.21
N LEU ZB 194 -54.62 -70.72 -143.33
CA LEU ZB 194 -55.79 -71.55 -143.61
C LEU ZB 194 -57.05 -70.76 -143.36
N ASP ZB 195 -57.93 -70.74 -144.34
CA ASP ZB 195 -59.21 -70.06 -144.24
C ASP ZB 195 -60.33 -71.06 -144.53
N MET ZB 196 -61.33 -71.10 -143.66
CA MET ZB 196 -62.42 -72.04 -143.81
C MET ZB 196 -63.76 -71.32 -143.68
N TYR ZB 197 -64.70 -71.69 -144.56
CA TYR ZB 197 -65.98 -71.00 -144.70
C TYR ZB 197 -67.16 -71.94 -144.78
N GLY ZB 198 -66.97 -73.23 -144.55
CA GLY ZB 198 -68.07 -74.18 -144.69
C GLY ZB 198 -68.44 -74.90 -143.42
N LYS ZB 199 -68.40 -76.24 -143.47
CA LYS ZB 199 -68.67 -77.13 -142.34
C LYS ZB 199 -67.53 -78.12 -142.20
N GLY ZB 200 -66.32 -77.57 -142.15
CA GLY ZB 200 -65.13 -78.38 -142.27
C GLY ZB 200 -64.62 -78.99 -140.98
N THR ZB 201 -63.99 -80.15 -141.12
CA THR ZB 201 -63.33 -80.84 -140.03
C THR ZB 201 -61.88 -81.08 -140.45
N LEU ZB 202 -60.94 -80.57 -139.67
CA LEU ZB 202 -59.53 -80.71 -139.99
C LEU ZB 202 -58.77 -81.21 -138.77
N SER ZB 203 -57.83 -82.11 -139.02
CA SER ZB 203 -56.99 -82.63 -137.96
C SER ZB 203 -55.58 -82.83 -138.49
N LEU ZB 204 -54.60 -82.54 -137.64
CA LEU ZB 204 -53.20 -82.73 -138.02
C LEU ZB 204 -52.44 -83.32 -136.84
N TYR ZB 205 -51.33 -83.99 -137.15
CA TYR ZB 205 -50.55 -84.65 -136.11
C TYR ZB 205 -49.54 -83.69 -135.48
N TRP ZB 206 -48.61 -83.18 -136.28
CA TRP ZB 206 -47.63 -82.23 -135.82
C TRP ZB 206 -47.48 -81.16 -136.89
N ILE ZB 207 -47.21 -79.93 -136.45
CA ILE ZB 207 -46.86 -78.85 -137.35
C ILE ZB 207 -45.66 -78.13 -136.76
N LYS ZB 208 -44.70 -77.79 -137.62
CA LYS ZB 208 -43.56 -76.98 -137.23
C LYS ZB 208 -43.50 -75.80 -138.19
N SER ZB 209 -43.87 -74.63 -137.70
CA SER ZB 209 -43.84 -73.42 -138.51
C SER ZB 209 -43.61 -72.23 -137.59
N ASP ZB 210 -43.62 -71.05 -138.18
CA ASP ZB 210 -43.37 -69.82 -137.45
C ASP ZB 210 -44.51 -68.83 -137.50
N THR ZB 211 -45.18 -68.71 -138.64
CA THR ZB 211 -46.30 -67.80 -138.80
C THR ZB 211 -47.54 -68.59 -139.19
N LEU ZB 212 -48.58 -68.48 -138.37
CA LEU ZB 212 -49.86 -69.11 -138.67
C LEU ZB 212 -50.95 -68.05 -138.66
N THR ZB 213 -51.75 -68.03 -139.72
CA THR ZB 213 -52.94 -67.18 -139.79
C THR ZB 213 -54.12 -68.09 -140.08
N ILE ZB 214 -55.03 -68.21 -139.11
CA ILE ZB 214 -56.18 -69.08 -139.26
C ILE ZB 214 -57.43 -68.23 -139.22
N ARG ZB 215 -58.28 -68.38 -140.23
CA ARG ZB 215 -59.56 -67.71 -140.30
C ARG ZB 215 -60.66 -68.75 -140.41
N ALA ZB 216 -61.66 -68.64 -139.54
CA ALA ZB 216 -62.81 -69.54 -139.61
C ALA ZB 216 -64.09 -68.74 -139.55
N LYS ZB 217 -65.03 -69.06 -140.44
CA LYS ZB 217 -66.26 -68.30 -140.57
C LYS ZB 217 -67.49 -69.04 -140.04
N LYS ZB 218 -67.77 -70.24 -140.55
CA LYS ZB 218 -69.14 -70.75 -140.53
C LYS ZB 218 -69.34 -71.92 -139.58
N ALA ZB 219 -68.65 -73.04 -139.79
CA ALA ZB 219 -68.78 -74.20 -138.91
C ALA ZB 219 -67.58 -75.09 -139.15
N ALA ZB 220 -66.72 -75.22 -138.14
CA ALA ZB 220 -65.50 -75.97 -138.37
C ALA ZB 220 -64.99 -76.50 -137.04
N LYS ZB 221 -64.30 -77.63 -137.13
CA LYS ZB 221 -63.65 -78.28 -136.00
C LYS ZB 221 -62.19 -78.50 -136.39
N ILE ZB 222 -61.28 -77.75 -135.77
CA ILE ZB 222 -59.87 -77.81 -136.14
C ILE ZB 222 -59.06 -78.33 -134.96
N GLN ZB 223 -58.36 -79.43 -135.18
CA GLN ZB 223 -57.53 -80.03 -134.13
C GLN ZB 223 -56.09 -80.08 -134.62
N LEU ZB 224 -55.20 -79.43 -133.89
CA LEU ZB 224 -53.79 -79.31 -134.24
C LEU ZB 224 -52.94 -79.61 -133.03
N ALA ZB 225 -51.65 -79.81 -133.27
CA ALA ZB 225 -50.67 -79.94 -132.20
C ALA ZB 225 -49.30 -79.60 -132.73
N GLY ZB 226 -48.47 -79.00 -131.89
CA GLY ZB 226 -47.10 -78.78 -132.28
C GLY ZB 226 -46.56 -77.48 -131.74
N ILE ZB 227 -45.54 -76.97 -132.42
CA ILE ZB 227 -44.79 -75.79 -132.01
C ILE ZB 227 -44.92 -74.74 -133.11
N VAL ZB 228 -45.26 -73.53 -132.73
CA VAL ZB 228 -45.41 -72.41 -133.66
C VAL ZB 228 -44.83 -71.16 -133.00
N ASN ZB 229 -44.00 -70.42 -133.73
CA ASN ZB 229 -43.42 -69.20 -133.17
C ASN ZB 229 -44.49 -68.13 -132.96
N ARG ZB 230 -45.33 -67.89 -133.95
CA ARG ZB 230 -46.32 -66.82 -133.87
C ARG ZB 230 -47.60 -67.27 -134.55
N LEU ZB 231 -48.71 -67.19 -133.81
CA LEU ZB 231 -49.98 -67.70 -134.29
C LEU ZB 231 -51.07 -66.67 -134.05
N ASP ZB 232 -51.90 -66.45 -135.05
CA ASP ZB 232 -53.03 -65.53 -134.98
C ASP ZB 232 -54.30 -66.25 -135.40
N VAL ZB 233 -55.34 -66.12 -134.59
CA VAL ZB 233 -56.59 -66.84 -134.74
C VAL ZB 233 -57.73 -65.83 -134.90
N GLU ZB 234 -58.57 -66.06 -135.92
CA GLU ZB 234 -59.84 -65.34 -136.05
C GLU ZB 234 -60.95 -66.38 -136.16
N LEU ZB 235 -61.92 -66.28 -135.25
CA LEU ZB 235 -63.10 -67.14 -135.30
C LEU ZB 235 -64.34 -66.28 -135.36
N TRP ZB 236 -65.26 -66.62 -136.27
CA TRP ZB 236 -66.49 -65.85 -136.36
C TRP ZB 236 -67.61 -66.45 -135.51
N ASP ZB 237 -68.05 -67.67 -135.85
CA ASP ZB 237 -69.18 -68.25 -135.15
C ASP ZB 237 -69.21 -69.75 -135.38
N PHE ZB 238 -69.63 -70.48 -134.33
CA PHE ZB 238 -69.85 -71.93 -134.34
C PHE ZB 238 -68.61 -72.70 -134.78
N ALA ZB 239 -67.46 -72.27 -134.30
CA ALA ZB 239 -66.21 -72.95 -134.58
C ALA ZB 239 -65.63 -73.46 -133.28
N GLN ZB 240 -64.94 -74.59 -133.40
CA GLN ZB 240 -64.27 -75.24 -132.27
C GLN ZB 240 -62.82 -75.45 -132.66
N PHE ZB 241 -61.94 -74.64 -132.11
CA PHE ZB 241 -60.52 -74.74 -132.41
C PHE ZB 241 -59.83 -75.32 -131.19
N LYS ZB 242 -59.53 -76.61 -131.24
CA LYS ZB 242 -58.88 -77.31 -130.14
C LYS ZB 242 -57.36 -77.24 -130.30
N GLY ZB 243 -56.82 -76.05 -130.14
CA GLY ZB 243 -55.38 -75.88 -130.14
C GLY ZB 243 -54.72 -76.18 -128.81
N LYS ZB 244 -55.35 -77.04 -128.02
CA LYS ZB 244 -54.65 -77.70 -126.93
C LYS ZB 244 -53.54 -78.57 -127.52
N TYR ZB 245 -52.46 -78.71 -126.74
CA TYR ZB 245 -51.21 -79.37 -127.13
C TYR ZB 245 -50.57 -78.68 -128.34
N LEU ZB 246 -50.82 -77.39 -128.51
CA LEU ZB 246 -50.15 -76.57 -129.54
C LEU ZB 246 -49.48 -75.44 -128.78
N ARG ZB 247 -48.22 -75.63 -128.42
CA ARG ZB 247 -47.51 -74.64 -127.63
C ARG ZB 247 -47.03 -73.53 -128.56
N ALA ZB 248 -47.44 -72.29 -128.27
CA ALA ZB 248 -47.10 -71.14 -129.07
C ALA ZB 248 -46.45 -70.09 -128.18
N GLN ZB 249 -45.35 -69.50 -128.65
CA GLN ZB 249 -44.74 -68.42 -127.90
C GLN ZB 249 -45.60 -67.16 -127.98
N ARG ZB 250 -46.08 -66.85 -129.17
CA ARG ZB 250 -46.85 -65.64 -129.41
C ARG ZB 250 -48.24 -66.05 -129.86
N SER ZB 251 -49.25 -65.66 -129.08
CA SER ZB 251 -50.61 -66.05 -129.41
C SER ZB 251 -51.52 -64.83 -129.48
N PHE ZB 252 -52.24 -64.71 -130.58
CA PHE ZB 252 -53.25 -63.67 -130.76
C PHE ZB 252 -54.59 -64.34 -131.02
N VAL ZB 253 -55.61 -63.97 -130.27
CA VAL ZB 253 -56.92 -64.58 -130.38
C VAL ZB 253 -57.97 -63.51 -130.57
N LYS ZB 254 -58.76 -63.63 -131.63
CA LYS ZB 254 -59.95 -62.81 -131.82
C LYS ZB 254 -61.13 -63.73 -132.03
N THR ZB 255 -62.09 -63.67 -131.10
CA THR ZB 255 -63.28 -64.51 -131.16
C THR ZB 255 -64.52 -63.63 -131.20
N HIS ZB 256 -65.36 -63.87 -132.20
CA HIS ZB 256 -66.65 -63.22 -132.25
C HIS ZB 256 -67.69 -64.15 -131.61
N ASP ZB 257 -68.97 -63.86 -131.88
CA ASP ZB 257 -70.09 -64.49 -131.19
C ASP ZB 257 -70.16 -65.99 -131.42
N LYS ZB 258 -70.38 -66.74 -130.34
CA LYS ZB 258 -70.63 -68.18 -130.33
C LYS ZB 258 -69.48 -68.96 -130.98
N SER ZB 259 -68.35 -68.93 -130.28
CA SER ZB 259 -67.17 -69.66 -130.71
C SER ZB 259 -66.47 -70.22 -129.49
N VAL ZB 260 -65.72 -71.31 -129.69
CA VAL ZB 260 -64.98 -71.95 -128.62
C VAL ZB 260 -63.56 -72.21 -129.09
N ALA ZB 261 -62.58 -71.74 -128.33
CA ALA ZB 261 -61.18 -71.96 -128.64
C ALA ZB 261 -60.40 -72.38 -127.42
N GLU ZB 262 -59.61 -73.43 -127.57
CA GLU ZB 262 -58.66 -73.88 -126.55
C GLU ZB 262 -57.25 -73.59 -127.04
N ILE ZB 263 -56.45 -72.91 -126.21
CA ILE ZB 263 -55.10 -72.52 -126.61
C ILE ZB 263 -54.10 -72.78 -125.49
N SER ZB 264 -52.82 -72.74 -125.86
CA SER ZB 264 -51.72 -73.22 -125.03
C SER ZB 264 -50.52 -72.28 -125.11
N ALA ZB 265 -50.73 -70.99 -124.82
CA ALA ZB 265 -49.67 -70.00 -124.92
C ALA ZB 265 -48.53 -70.27 -123.93
N VAL ZB 266 -47.34 -69.77 -124.28
CA VAL ZB 266 -46.11 -70.03 -123.52
C VAL ZB 266 -45.57 -68.75 -122.91
N ASN ZB 267 -45.33 -67.74 -123.72
CA ASN ZB 267 -44.76 -66.48 -123.23
C ASN ZB 267 -45.77 -65.34 -123.27
N HIS ZB 268 -46.30 -65.02 -124.43
CA HIS ZB 268 -47.08 -63.80 -124.59
C HIS ZB 268 -48.44 -64.14 -125.18
N GLN ZB 269 -49.50 -63.76 -124.46
CA GLN ZB 269 -50.86 -64.20 -124.75
C GLN ZB 269 -51.75 -62.98 -124.87
N SER ZB 270 -52.42 -62.85 -126.01
CA SER ZB 270 -53.30 -61.73 -126.30
C SER ZB 270 -54.67 -62.27 -126.67
N SER ZB 271 -55.71 -61.83 -125.95
CA SER ZB 271 -57.05 -62.36 -126.17
C SER ZB 271 -58.08 -61.26 -126.28
N LEU ZB 272 -59.00 -61.44 -127.24
CA LEU ZB 272 -60.13 -60.54 -127.43
C LEU ZB 272 -61.38 -61.36 -127.69
N ALA ZB 273 -62.42 -61.13 -126.89
CA ALA ZB 273 -63.68 -61.82 -127.05
C ALA ZB 273 -64.81 -60.80 -127.16
N THR ZB 274 -65.70 -61.00 -128.13
CA THR ZB 274 -66.81 -60.06 -128.28
C THR ZB 274 -67.98 -60.39 -127.35
N ASP ZB 275 -68.62 -61.55 -127.56
CA ASP ZB 275 -69.82 -61.88 -126.81
C ASP ZB 275 -70.05 -63.37 -126.86
N ALA ZB 276 -70.33 -63.95 -125.68
CA ALA ZB 276 -70.82 -65.33 -125.52
C ALA ZB 276 -69.89 -66.36 -126.16
N SER ZB 277 -68.59 -66.10 -126.09
CA SER ZB 277 -67.60 -66.97 -126.67
C SER ZB 277 -66.64 -67.42 -125.58
N ASP ZB 278 -66.20 -68.66 -125.66
CA ASP ZB 278 -65.40 -69.27 -124.61
C ASP ZB 278 -63.99 -69.50 -125.11
N ILE ZB 279 -63.03 -68.89 -124.42
CA ILE ZB 279 -61.62 -69.10 -124.69
C ILE ZB 279 -61.00 -69.70 -123.45
N TYR ZB 280 -60.44 -70.89 -123.58
CA TYR ZB 280 -59.81 -71.58 -122.46
C TYR ZB 280 -58.36 -71.87 -122.80
N TYR ZB 281 -57.46 -71.53 -121.90
CA TYR ZB 281 -56.07 -71.90 -122.08
C TYR ZB 281 -55.75 -73.13 -121.25
N TYR ZB 282 -54.55 -73.65 -121.47
CA TYR ZB 282 -54.13 -74.83 -120.74
C TYR ZB 282 -52.69 -74.70 -120.28
N ASN ZB 283 -52.20 -73.48 -120.09
CA ASN ZB 283 -50.82 -73.27 -119.69
C ASN ZB 283 -50.70 -71.91 -119.03
N LEU ZB 284 -49.64 -71.75 -118.25
CA LEU ZB 284 -49.31 -70.47 -117.66
C LEU ZB 284 -48.39 -69.71 -118.61
N SER ZB 285 -48.85 -68.58 -119.10
CA SER ZB 285 -48.02 -67.72 -119.91
C SER ZB 285 -47.27 -66.74 -119.03
N LYS ZB 286 -46.07 -66.35 -119.47
CA LYS ZB 286 -45.33 -65.35 -118.73
C LYS ZB 286 -45.90 -63.96 -118.90
N THR ZB 287 -46.74 -63.75 -119.92
CA THR ZB 287 -47.37 -62.47 -120.15
C THR ZB 287 -48.80 -62.71 -120.57
N ARG ZB 288 -49.74 -62.20 -119.79
CA ARG ZB 288 -51.16 -62.43 -120.00
C ARG ZB 288 -51.86 -61.10 -120.26
N ALA ZB 289 -52.67 -61.04 -121.30
CA ALA ZB 289 -53.51 -59.87 -121.52
C ALA ZB 289 -54.77 -60.30 -122.25
N ASP ZB 290 -55.91 -60.10 -121.61
CA ASP ZB 290 -57.20 -60.56 -122.12
C ASP ZB 290 -58.22 -59.45 -122.02
N PHE ZB 291 -59.18 -59.47 -122.94
CA PHE ZB 291 -60.24 -58.47 -122.95
C PHE ZB 291 -61.54 -59.09 -123.43
N MET ZB 292 -62.62 -58.71 -122.77
CA MET ZB 292 -63.96 -59.21 -123.06
C MET ZB 292 -64.92 -58.04 -123.21
N ALA ZB 293 -65.75 -58.08 -124.26
CA ALA ZB 293 -66.58 -56.93 -124.59
C ALA ZB 293 -67.98 -57.00 -123.99
N PHE ZB 294 -68.76 -58.01 -124.35
CA PHE ZB 294 -70.15 -58.11 -123.89
C PHE ZB 294 -70.37 -59.28 -122.95
N ASN ZB 295 -70.09 -60.50 -123.39
CA ASN ZB 295 -70.31 -61.70 -122.59
C ASN ZB 295 -69.11 -62.61 -122.74
N GLY ZB 296 -67.91 -62.04 -122.65
CA GLY ZB 296 -66.71 -62.82 -122.85
C GLY ZB 296 -66.39 -63.70 -121.67
N SER ZB 297 -65.32 -64.47 -121.82
CA SER ZB 297 -65.01 -65.48 -120.82
C SER ZB 297 -63.53 -65.82 -120.91
N VAL ZB 298 -62.81 -65.59 -119.82
CA VAL ZB 298 -61.42 -65.97 -119.69
C VAL ZB 298 -61.32 -66.88 -118.48
N LEU ZB 299 -60.95 -68.14 -118.71
CA LEU ZB 299 -60.92 -69.14 -117.65
C LEU ZB 299 -59.63 -69.93 -117.71
N ASP ZB 300 -59.19 -70.41 -116.55
CA ASP ZB 300 -57.94 -71.14 -116.48
C ASP ZB 300 -58.10 -72.58 -116.94
N MET ZB 301 -59.07 -73.30 -116.37
CA MET ZB 301 -59.40 -74.68 -116.72
C MET ZB 301 -58.23 -75.64 -116.55
N ARG ZB 302 -57.46 -75.47 -115.48
CA ARG ZB 302 -56.45 -76.46 -115.14
C ARG ZB 302 -57.01 -77.46 -114.15
N GLU ZB 303 -56.31 -78.58 -114.01
CA GLU ZB 303 -56.87 -79.74 -113.33
C GLU ZB 303 -56.84 -79.64 -111.81
N TRP ZB 304 -56.04 -78.72 -111.26
CA TRP ZB 304 -55.86 -78.48 -109.82
C TRP ZB 304 -55.39 -79.71 -109.06
N GLY ZB 305 -54.71 -80.63 -109.75
CA GLY ZB 305 -54.32 -81.88 -109.11
C GLY ZB 305 -52.90 -82.27 -109.43
N GLN ZB 306 -52.31 -81.60 -110.42
CA GLN ZB 306 -50.91 -81.83 -110.71
C GLN ZB 306 -50.06 -81.24 -109.60
N SER ZB 307 -49.20 -82.08 -109.02
CA SER ZB 307 -48.46 -81.68 -107.83
C SER ZB 307 -47.45 -80.59 -108.13
N ASP ZB 308 -46.90 -80.57 -109.34
CA ASP ZB 308 -45.89 -79.59 -109.70
C ASP ZB 308 -46.48 -78.33 -110.30
N LEU ZB 309 -47.76 -78.08 -110.08
CA LEU ZB 309 -48.40 -76.90 -110.67
C LEU ZB 309 -47.95 -75.65 -109.94
N LYS ZB 310 -47.40 -74.70 -110.67
CA LYS ZB 310 -47.03 -73.42 -110.10
C LYS ZB 310 -48.25 -72.49 -110.12
N ASP ZB 311 -48.21 -71.50 -109.25
CA ASP ZB 311 -49.20 -70.45 -109.25
C ASP ZB 311 -48.54 -69.16 -109.75
N PHE ZB 312 -49.27 -68.06 -109.65
CA PHE ZB 312 -48.85 -66.81 -110.24
C PHE ZB 312 -47.64 -66.22 -109.52
N ASP ZB 313 -47.11 -65.16 -110.13
CA ASP ZB 313 -46.10 -64.32 -109.51
C ASP ZB 313 -46.62 -62.91 -109.55
N ARG ZB 314 -45.76 -61.93 -109.27
CA ARG ZB 314 -46.15 -60.53 -109.37
C ARG ZB 314 -46.48 -60.15 -110.81
N TYR ZB 315 -45.67 -60.60 -111.75
CA TYR ZB 315 -45.71 -60.02 -113.08
C TYR ZB 315 -46.85 -60.58 -113.92
N ASN ZB 316 -47.11 -61.88 -113.82
CA ASN ZB 316 -48.15 -62.49 -114.64
C ASN ZB 316 -49.55 -62.23 -114.10
N LYS ZB 317 -49.66 -61.65 -112.91
CA LYS ZB 317 -50.92 -61.51 -112.21
C LYS ZB 317 -51.78 -60.47 -112.92
N GLN ZB 318 -52.65 -60.93 -113.79
CA GLN ZB 318 -53.60 -60.05 -114.47
C GLN ZB 318 -55.01 -60.51 -114.12
N PHE ZB 319 -55.76 -59.63 -113.51
CA PHE ZB 319 -57.06 -60.02 -112.99
C PHE ZB 319 -58.10 -60.02 -114.09
N PRO ZB 320 -58.90 -61.08 -114.22
CA PRO ZB 320 -60.00 -61.13 -115.17
C PRO ZB 320 -61.25 -60.48 -114.59
N ASP AC 39 -72.72 -38.92 -77.43
CA ASP AC 39 -73.31 -39.35 -76.17
C ASP AC 39 -74.44 -40.33 -76.43
N GLY AC 40 -75.16 -40.14 -77.53
CA GLY AC 40 -76.23 -41.05 -77.88
C GLY AC 40 -75.67 -42.31 -78.48
N CYS AC 41 -75.70 -43.40 -77.73
CA CYS AC 41 -75.09 -44.64 -78.20
C CYS AC 41 -76.11 -45.55 -78.87
N CYS AC 42 -77.13 -45.98 -78.14
CA CYS AC 42 -78.17 -46.82 -78.73
C CYS AC 42 -79.32 -45.97 -79.27
N SER AC 43 -78.98 -44.97 -80.08
CA SER AC 43 -79.98 -44.10 -80.67
C SER AC 43 -80.55 -44.75 -81.92
N LYS AC 44 -81.85 -44.54 -82.15
CA LYS AC 44 -82.65 -45.24 -83.16
C LYS AC 44 -82.52 -46.76 -82.98
N MET AC 45 -82.51 -47.17 -81.73
CA MET AC 45 -82.22 -48.55 -81.35
C MET AC 45 -83.11 -48.85 -80.16
N GLY AC 46 -82.80 -49.91 -79.42
CA GLY AC 46 -83.62 -50.25 -78.28
C GLY AC 46 -83.48 -49.30 -77.11
N GLY AC 47 -82.40 -48.54 -77.04
CA GLY AC 47 -82.06 -47.80 -75.84
C GLY AC 47 -81.04 -48.55 -75.01
N ILE AC 48 -80.50 -47.86 -74.01
CA ILE AC 48 -79.39 -48.40 -73.24
C ILE AC 48 -79.87 -49.49 -72.30
N ASN AC 49 -79.26 -50.66 -72.37
CA ASN AC 49 -79.59 -51.64 -71.34
C ASN AC 49 -78.59 -51.58 -70.20
N TYR AC 50 -77.32 -51.92 -70.46
CA TYR AC 50 -76.32 -51.82 -69.39
C TYR AC 50 -74.91 -51.87 -70.00
N CYS AC 51 -73.91 -52.02 -69.13
CA CYS AC 51 -72.53 -52.16 -69.53
C CYS AC 51 -71.99 -53.51 -69.10
N ASP AC 52 -71.37 -54.21 -70.03
CA ASP AC 52 -70.64 -55.44 -69.73
C ASP AC 52 -69.17 -55.08 -69.69
N SER AC 53 -68.57 -55.21 -68.50
CA SER AC 53 -67.17 -54.84 -68.33
C SER AC 53 -66.24 -55.87 -68.92
N SER AC 54 -66.63 -57.15 -68.89
CA SER AC 54 -65.87 -58.17 -69.58
C SER AC 54 -65.87 -57.92 -71.08
N ALA AC 55 -67.00 -57.46 -71.60
CA ALA AC 55 -67.00 -56.93 -72.95
C ALA AC 55 -66.42 -55.52 -73.01
N GLY AC 56 -66.55 -54.74 -71.94
CA GLY AC 56 -66.20 -53.34 -71.99
C GLY AC 56 -67.12 -52.53 -72.86
N ARG AC 57 -68.33 -53.03 -73.10
CA ARG AC 57 -69.20 -52.48 -74.12
C ARG AC 57 -70.59 -52.24 -73.57
N LEU AC 58 -71.32 -51.36 -74.24
CA LEU AC 58 -72.68 -51.03 -73.86
C LEU AC 58 -73.63 -51.94 -74.62
N VAL AC 59 -74.35 -52.79 -73.91
CA VAL AC 59 -75.40 -53.60 -74.53
C VAL AC 59 -76.67 -52.78 -74.52
N CYS AC 60 -77.32 -52.71 -75.68
CA CYS AC 60 -78.57 -51.98 -75.85
C CYS AC 60 -79.75 -52.87 -75.46
N ASN AC 61 -80.96 -52.31 -75.56
CA ASN AC 61 -82.15 -53.08 -75.22
C ASN AC 61 -82.42 -54.18 -76.23
N ASN AC 62 -82.28 -53.87 -77.51
CA ASN AC 62 -82.18 -54.94 -78.49
C ASN AC 62 -80.88 -55.69 -78.28
N GLY AC 63 -80.89 -56.97 -78.62
CA GLY AC 63 -79.76 -57.82 -78.32
C GLY AC 63 -78.54 -57.59 -79.19
N PHE AC 64 -77.97 -56.39 -79.14
CA PHE AC 64 -76.86 -56.06 -80.01
C PHE AC 64 -75.80 -55.27 -79.24
N TYR AC 65 -74.55 -55.58 -79.53
CA TYR AC 65 -73.47 -54.77 -78.99
C TYR AC 65 -73.46 -53.42 -79.68
N SER AC 66 -73.37 -52.36 -78.89
CA SER AC 66 -73.16 -51.04 -79.48
C SER AC 66 -71.69 -50.83 -79.77
N THR AC 67 -71.38 -49.66 -80.32
CA THR AC 67 -70.01 -49.30 -80.63
C THR AC 67 -69.44 -48.30 -79.64
N CYS AC 68 -70.10 -48.09 -78.51
CA CYS AC 68 -69.55 -47.20 -77.50
C CYS AC 68 -68.66 -47.97 -76.54
N TYR AC 69 -68.17 -47.26 -75.52
CA TYR AC 69 -67.23 -47.81 -74.56
C TYR AC 69 -67.73 -47.57 -73.14
N CYS AC 70 -67.40 -48.47 -72.22
CA CYS AC 70 -67.80 -48.24 -70.84
C CYS AC 70 -66.78 -48.65 -69.78
N THR AC 71 -65.57 -49.05 -70.14
CA THR AC 71 -64.54 -49.29 -69.15
C THR AC 71 -63.22 -48.73 -69.64
N ARG AC 72 -62.31 -48.51 -68.68
CA ARG AC 72 -60.93 -48.28 -69.05
C ARG AC 72 -60.31 -49.54 -69.64
N HIS AC 73 -60.62 -50.70 -69.06
CA HIS AC 73 -60.19 -51.97 -69.64
C HIS AC 73 -61.11 -52.28 -70.81
N ALA AC 74 -60.79 -51.67 -71.95
CA ALA AC 74 -61.59 -51.85 -73.16
C ALA AC 74 -60.66 -51.99 -74.33
N VAL AC 75 -61.20 -52.44 -75.46
CA VAL AC 75 -60.39 -52.67 -76.66
C VAL AC 75 -60.44 -51.42 -77.52
N MET AC 76 -59.31 -50.73 -77.63
CA MET AC 76 -59.20 -49.55 -78.45
C MET AC 76 -57.94 -49.63 -79.28
N ASP AC 77 -57.94 -48.91 -80.40
CA ASP AC 77 -56.79 -48.85 -81.28
C ASP AC 77 -56.09 -47.52 -81.09
N LEU AC 78 -55.36 -47.41 -80.00
CA LEU AC 78 -54.55 -46.22 -79.75
C LEU AC 78 -53.39 -46.21 -80.71
N GLN AC 79 -53.32 -45.20 -81.57
CA GLN AC 79 -52.24 -45.09 -82.54
C GLN AC 79 -51.44 -43.80 -82.36
N PHE AC 80 -51.63 -43.10 -81.26
CA PHE AC 80 -51.10 -41.75 -81.15
C PHE AC 80 -51.04 -41.36 -79.69
N LEU AC 81 -49.87 -40.96 -79.22
CA LEU AC 81 -49.69 -40.61 -77.83
C LEU AC 81 -48.90 -39.32 -77.69
N MET AC 82 -49.11 -38.65 -76.57
CA MET AC 82 -48.44 -37.41 -76.24
C MET AC 82 -47.32 -37.69 -75.24
N GLY AC 83 -46.73 -36.63 -74.70
CA GLY AC 83 -45.79 -36.77 -73.61
C GLY AC 83 -44.34 -36.71 -74.05
N CYS AC 84 -43.46 -36.62 -73.06
CA CYS AC 84 -42.03 -36.54 -73.27
C CYS AC 84 -41.36 -37.79 -72.74
N CYS AC 85 -40.11 -37.97 -73.18
CA CYS AC 85 -39.23 -39.09 -72.79
C CYS AC 85 -39.85 -40.44 -73.08
N LEU AC 86 -40.58 -40.52 -74.19
CA LEU AC 86 -41.17 -41.77 -74.63
C LEU AC 86 -40.08 -42.71 -75.12
N TRP AC 87 -40.35 -44.01 -74.99
CA TRP AC 87 -39.46 -45.09 -75.42
C TRP AC 87 -38.10 -45.01 -74.75
N HIS AC 88 -38.09 -44.52 -73.52
CA HIS AC 88 -36.87 -44.32 -72.76
C HIS AC 88 -37.24 -44.57 -71.31
N GLY AC 89 -36.41 -44.07 -70.40
CA GLY AC 89 -36.69 -44.32 -69.00
C GLY AC 89 -37.78 -43.50 -68.37
N GLY AC 90 -38.51 -42.70 -69.14
CA GLY AC 90 -39.48 -41.79 -68.59
C GLY AC 90 -38.82 -40.48 -68.20
N VAL AC 91 -39.66 -39.52 -67.84
CA VAL AC 91 -39.16 -38.21 -67.47
C VAL AC 91 -38.59 -38.29 -66.05
N TYR AC 92 -37.37 -37.81 -65.88
CA TYR AC 92 -36.77 -37.81 -64.55
C TYR AC 92 -37.43 -36.74 -63.70
N PRO AC 93 -37.83 -37.06 -62.47
CA PRO AC 93 -38.58 -36.11 -61.65
C PRO AC 93 -37.73 -35.07 -60.93
N GLN AC 94 -36.45 -34.92 -61.26
CA GLN AC 94 -35.68 -33.86 -60.65
C GLN AC 94 -36.05 -32.52 -61.26
N LEU AC 95 -35.70 -31.45 -60.55
CA LEU AC 95 -36.00 -30.08 -60.99
C LEU AC 95 -34.70 -29.34 -61.19
N ASN AC 96 -34.52 -28.79 -62.39
CA ASN AC 96 -33.29 -28.09 -62.77
C ASN AC 96 -33.62 -26.66 -63.14
N SER AC 97 -32.65 -25.77 -62.92
CA SER AC 97 -32.81 -24.38 -63.34
C SER AC 97 -32.84 -24.27 -64.85
N SER AC 98 -32.04 -25.07 -65.54
CA SER AC 98 -32.11 -25.11 -66.99
C SER AC 98 -33.35 -25.87 -67.43
N GLY AC 99 -33.77 -25.59 -68.65
CA GLY AC 99 -34.88 -26.30 -69.23
C GLY AC 99 -34.54 -27.65 -69.80
N LEU AC 100 -33.27 -28.06 -69.69
CA LEU AC 100 -32.84 -29.34 -70.23
C LEU AC 100 -33.45 -30.48 -69.44
N VAL AC 101 -34.12 -31.39 -70.15
CA VAL AC 101 -34.87 -32.48 -69.53
C VAL AC 101 -34.29 -33.79 -70.03
N VAL AC 102 -34.00 -34.70 -69.10
CA VAL AC 102 -33.22 -35.89 -69.37
C VAL AC 102 -34.05 -37.12 -69.05
N CYS AC 103 -34.12 -38.03 -70.00
CA CYS AC 103 -34.82 -39.30 -69.78
C CYS AC 103 -33.90 -40.28 -69.04
N ASN AC 104 -34.54 -41.20 -68.31
CA ASN AC 104 -33.84 -42.03 -67.33
C ASN AC 104 -33.00 -43.13 -67.95
N ASP AC 105 -33.03 -43.28 -69.26
CA ASP AC 105 -32.03 -44.08 -69.95
C ASP AC 105 -30.74 -43.30 -70.20
N GLY AC 106 -30.66 -42.08 -69.70
CA GLY AC 106 -29.55 -41.20 -69.96
C GLY AC 106 -29.75 -40.28 -71.13
N TYR AC 107 -30.75 -40.54 -71.96
CA TYR AC 107 -31.00 -39.74 -73.13
C TYR AC 107 -31.59 -38.39 -72.73
N VAL AC 108 -31.48 -37.44 -73.64
CA VAL AC 108 -32.01 -36.12 -73.42
C VAL AC 108 -33.13 -35.88 -74.41
N SER AC 109 -33.96 -34.88 -74.11
CA SER AC 109 -35.11 -34.53 -74.93
C SER AC 109 -35.11 -33.03 -75.16
N GLU AC 110 -34.48 -32.58 -76.23
CA GLU AC 110 -34.47 -31.16 -76.55
C GLU AC 110 -35.80 -30.67 -77.09
N GLU AC 111 -36.66 -31.57 -77.56
CA GLU AC 111 -37.96 -31.18 -78.09
C GLU AC 111 -38.84 -30.58 -77.00
N CYS AC 112 -38.92 -31.26 -75.86
CA CYS AC 112 -39.65 -30.69 -74.75
C CYS AC 112 -38.83 -29.66 -73.98
N SER AC 113 -37.53 -29.60 -74.21
CA SER AC 113 -36.68 -28.70 -73.45
C SER AC 113 -36.80 -27.27 -73.95
N LEU AC 114 -36.40 -26.34 -73.08
CA LEU AC 114 -36.32 -24.94 -73.46
C LEU AC 114 -35.15 -24.74 -74.41
N GLN AC 115 -35.39 -24.09 -75.54
CA GLN AC 115 -34.43 -24.00 -76.63
C GLN AC 115 -33.83 -22.60 -76.70
N LYS AC 116 -32.52 -22.50 -76.49
CA LYS AC 116 -31.77 -21.27 -76.69
C LYS AC 116 -30.29 -21.60 -76.85
N UNK BC 1 -65.98 -69.29 -90.58
CA UNK BC 1 -67.32 -69.81 -90.30
C UNK BC 1 -67.94 -70.39 -91.57
N UNK BC 2 -68.12 -69.52 -92.57
CA UNK BC 2 -68.59 -69.84 -93.91
C UNK BC 2 -69.99 -70.46 -93.95
N UNK BC 3 -70.80 -70.25 -92.91
CA UNK BC 3 -72.16 -70.78 -92.86
C UNK BC 3 -72.95 -70.05 -91.79
N UNK BC 4 -74.10 -69.51 -92.16
CA UNK BC 4 -75.01 -68.92 -91.18
C UNK BC 4 -76.19 -69.83 -90.86
N UNK BC 5 -76.15 -71.09 -91.30
CA UNK BC 5 -77.22 -72.03 -91.00
C UNK BC 5 -76.60 -73.42 -90.93
N UNK BC 6 -76.47 -73.95 -89.72
CA UNK BC 6 -75.94 -75.29 -89.51
C UNK BC 6 -77.08 -76.28 -89.67
N UNK BC 7 -77.17 -76.90 -90.85
CA UNK BC 7 -78.21 -77.87 -91.12
C UNK BC 7 -77.98 -79.13 -90.30
N UNK BC 8 -79.07 -79.77 -89.89
CA UNK BC 8 -79.02 -81.01 -89.13
C UNK BC 8 -79.61 -82.11 -90.00
N UNK BC 9 -78.74 -83.03 -90.45
CA UNK BC 9 -79.07 -84.23 -91.24
C UNK BC 9 -79.89 -83.96 -92.50
N UNK CC 1 73.02 -60.47 -67.70
CA UNK CC 1 72.88 -60.86 -66.30
C UNK CC 1 72.19 -62.21 -66.19
N UNK CC 2 70.87 -62.20 -66.05
CA UNK CC 2 70.10 -63.44 -66.03
C UNK CC 2 70.05 -64.05 -67.43
N UNK CC 3 69.86 -65.37 -67.48
CA UNK CC 3 69.89 -66.13 -68.72
C UNK CC 3 68.48 -66.60 -69.06
N UNK CC 4 67.87 -65.98 -70.08
CA UNK CC 4 66.52 -66.37 -70.50
C UNK CC 4 66.50 -67.73 -71.17
N UNK CC 5 67.61 -68.14 -71.79
CA UNK CC 5 67.70 -69.49 -72.34
C UNK CC 5 67.67 -70.54 -71.24
N UNK CC 6 68.40 -70.30 -70.15
CA UNK CC 6 68.33 -71.18 -68.99
C UNK CC 6 66.95 -71.12 -68.33
N UNK CC 7 66.30 -69.96 -68.37
CA UNK CC 7 64.94 -69.84 -67.85
C UNK CC 7 63.96 -70.69 -68.66
N UNK CC 8 64.08 -70.65 -69.99
CA UNK CC 8 63.23 -71.46 -70.85
C UNK CC 8 63.52 -72.95 -70.67
N UNK CC 9 64.79 -73.31 -70.45
CA UNK CC 9 65.14 -74.71 -70.20
C UNK CC 9 64.57 -75.20 -68.87
N UNK CC 10 64.62 -74.35 -67.84
CA UNK CC 10 64.04 -74.71 -66.54
C UNK CC 10 62.52 -74.83 -66.62
N UNK CC 11 61.89 -73.95 -67.38
CA UNK CC 11 60.44 -74.04 -67.58
C UNK CC 11 60.06 -75.30 -68.35
N UNK CC 12 60.86 -75.67 -69.36
CA UNK CC 12 60.59 -76.89 -70.11
C UNK CC 12 60.81 -78.13 -69.26
N UNK CC 13 61.80 -78.10 -68.38
CA UNK CC 13 62.02 -79.22 -67.46
C UNK CC 13 60.89 -79.31 -66.44
N UNK CC 14 60.37 -78.18 -66.00
CA UNK CC 14 59.23 -78.18 -65.07
C UNK CC 14 57.91 -78.51 -65.76
N UNK CC 15 57.86 -78.39 -67.09
CA UNK CC 15 56.64 -78.73 -67.83
C UNK CC 15 56.31 -80.20 -67.72
N UNK CC 16 57.33 -81.06 -67.73
CA UNK CC 16 57.18 -82.49 -67.49
C UNK CC 16 58.03 -82.85 -66.28
N UNK CC 17 57.41 -82.92 -65.10
CA UNK CC 17 58.16 -83.22 -63.88
C UNK CC 17 58.51 -84.70 -63.78
N UNK CC 18 57.89 -85.55 -64.60
CA UNK CC 18 58.10 -86.99 -64.76
C UNK CC 18 57.71 -87.83 -63.54
N UNK CC 19 57.21 -87.21 -62.46
CA UNK CC 19 56.80 -87.95 -61.27
C UNK CC 19 55.75 -87.13 -60.54
N UNK CC 20 54.47 -87.44 -60.78
CA UNK CC 20 53.36 -86.78 -60.10
C UNK CC 20 52.40 -87.83 -59.59
N UNK CC 21 52.22 -87.89 -58.27
CA UNK CC 21 51.43 -88.94 -57.61
C UNK CC 21 50.25 -88.33 -56.88
N UNK CC 22 49.18 -89.11 -56.78
CA UNK CC 22 47.95 -88.69 -56.13
C UNK CC 22 47.45 -89.80 -55.22
N UNK CC 23 46.36 -89.50 -54.50
CA UNK CC 23 45.75 -90.47 -53.59
C UNK CC 23 44.26 -90.16 -53.50
N UNK CC 24 43.42 -91.06 -54.00
CA UNK CC 24 41.99 -90.92 -53.83
C UNK CC 24 41.57 -91.59 -52.53
N UNK CC 25 40.54 -91.03 -51.89
CA UNK CC 25 40.12 -91.45 -50.56
C UNK CC 25 38.71 -91.97 -50.62
N UNK CC 26 38.14 -92.22 -49.42
CA UNK CC 26 36.79 -92.76 -49.33
C UNK CC 26 36.08 -92.25 -48.07
N UNK CC 27 34.89 -92.78 -47.80
CA UNK CC 27 34.12 -92.35 -46.63
C UNK CC 27 34.65 -92.95 -45.33
N UNK CC 28 35.16 -94.18 -45.37
CA UNK CC 28 35.64 -94.87 -44.18
C UNK CC 28 37.15 -95.01 -44.15
N UNK CC 29 37.87 -94.01 -44.71
CA UNK CC 29 39.34 -93.93 -44.72
C UNK CC 29 39.99 -95.15 -45.37
N UNK CC 30 39.44 -95.59 -46.49
CA UNK CC 30 40.05 -96.62 -47.33
C UNK CC 30 40.57 -95.92 -48.58
N UNK CC 31 41.77 -95.35 -48.49
CA UNK CC 31 42.35 -94.53 -49.53
C UNK CC 31 43.36 -95.34 -50.33
N UNK CC 32 43.31 -95.20 -51.65
CA UNK CC 32 44.25 -95.83 -52.55
C UNK CC 32 45.00 -94.76 -53.32
N UNK CC 33 46.31 -94.92 -53.44
CA UNK CC 33 47.18 -93.94 -54.08
C UNK CC 33 47.73 -94.48 -55.38
N UNK CC 34 48.10 -93.56 -56.27
CA UNK CC 34 48.69 -93.90 -57.56
C UNK CC 34 50.16 -93.54 -57.57
N UNK CC 35 50.91 -94.23 -58.44
CA UNK CC 35 52.34 -94.02 -58.53
C UNK CC 35 52.65 -92.68 -59.22
N UNK CC 36 53.90 -92.25 -59.06
CA UNK CC 36 54.31 -90.96 -59.59
C UNK CC 36 54.81 -91.09 -61.02
N UNK CC 37 54.25 -90.28 -61.91
CA UNK CC 37 54.63 -90.26 -63.32
C UNK CC 37 54.25 -88.90 -63.89
N UNK CC 38 54.29 -88.79 -65.22
CA UNK CC 38 53.92 -87.60 -66.00
C UNK CC 38 54.67 -86.34 -65.60
N UNK CC 39 34.75 -86.29 -50.30
CA UNK CC 39 35.73 -86.99 -49.47
C UNK CC 39 36.36 -88.16 -50.23
N UNK CC 40 36.20 -88.16 -51.55
CA UNK CC 40 36.79 -89.18 -52.40
C UNK CC 40 38.08 -88.69 -53.05
N UNK CC 41 38.03 -87.54 -53.71
CA UNK CC 41 39.17 -86.99 -54.41
C UNK CC 41 39.72 -85.80 -53.63
N UNK CC 42 40.97 -85.91 -53.20
CA UNK CC 42 41.63 -84.81 -52.50
C UNK CC 42 42.35 -83.94 -53.52
N UNK CC 43 42.03 -82.64 -53.52
CA UNK CC 43 42.64 -81.72 -54.46
C UNK CC 43 44.12 -81.54 -54.19
N UNK CC 44 44.54 -81.70 -52.95
CA UNK CC 44 45.95 -81.71 -52.59
C UNK CC 44 46.61 -83.07 -52.78
N UNK CC 45 45.86 -84.03 -53.33
CA UNK CC 45 46.42 -85.37 -53.55
C UNK CC 45 47.48 -85.37 -54.64
N UNK CC 46 47.18 -84.76 -55.79
CA UNK CC 46 48.07 -84.79 -56.94
C UNK CC 46 49.23 -83.85 -56.72
N UNK CC 47 50.43 -84.40 -56.56
CA UNK CC 47 51.62 -83.59 -56.32
C UNK CC 47 52.77 -84.10 -57.16
N UNK CC 48 53.45 -83.19 -57.85
CA UNK CC 48 54.59 -83.54 -58.68
C UNK CC 48 55.91 -83.30 -57.94
N ILE DC 862 32.35 59.58 -5.09
CA ILE DC 862 31.56 59.66 -3.87
C ILE DC 862 30.92 61.04 -3.76
N ILE DC 863 29.60 61.06 -3.72
CA ILE DC 863 28.82 62.28 -3.58
C ILE DC 863 27.93 62.14 -2.35
N LYS DC 864 27.91 63.18 -1.53
CA LYS DC 864 26.99 63.23 -0.40
C LYS DC 864 25.55 63.24 -0.89
N THR DC 865 24.65 62.71 -0.06
CA THR DC 865 23.21 62.74 -0.32
C THR DC 865 22.74 64.19 -0.37
N GLY DC 866 21.85 64.50 -1.31
CA GLY DC 866 21.18 65.79 -1.37
C GLY DC 866 22.03 67.01 -1.68
N ASP DC 867 22.90 66.93 -2.68
CA ASP DC 867 23.60 68.11 -3.18
C ASP DC 867 22.78 68.73 -4.32
N ILE DC 868 23.21 69.92 -4.75
CA ILE DC 868 22.51 70.73 -5.73
C ILE DC 868 23.46 71.09 -6.87
N MET DC 869 23.05 70.82 -8.10
CA MET DC 869 23.79 71.18 -9.30
C MET DC 869 22.82 71.74 -10.33
N PHE DC 870 23.28 71.91 -11.57
CA PHE DC 870 22.45 72.47 -12.63
C PHE DC 870 22.63 71.70 -13.92
N ALA DC 871 21.58 71.67 -14.73
CA ALA DC 871 21.58 70.99 -16.03
C ALA DC 871 20.78 71.81 -17.04
N VAL DC 872 20.64 71.26 -18.24
CA VAL DC 872 20.06 71.97 -19.39
C VAL DC 872 19.03 71.07 -20.06
N LEU DC 873 17.81 71.58 -20.24
CA LEU DC 873 16.76 70.86 -20.93
C LEU DC 873 16.60 71.40 -22.34
N ASP DC 874 16.65 70.49 -23.31
CA ASP DC 874 16.73 70.89 -24.71
C ASP DC 874 15.72 70.21 -25.63
N THR DC 875 15.39 68.95 -25.39
CA THR DC 875 14.38 68.27 -26.20
C THR DC 875 13.02 68.45 -25.54
N SER DC 876 12.08 69.02 -26.27
CA SER DC 876 10.81 69.43 -25.69
C SER DC 876 9.92 68.22 -25.45
N VAL DC 877 9.04 68.35 -24.44
CA VAL DC 877 8.02 67.35 -24.17
C VAL DC 877 6.82 68.05 -23.55
N ASN DC 878 5.65 67.46 -23.71
CA ASN DC 878 4.46 67.95 -23.05
C ASN DC 878 4.01 66.91 -22.02
N SER DC 879 3.19 67.38 -21.08
CA SER DC 879 2.68 66.52 -20.02
C SER DC 879 1.48 65.70 -20.51
N ASP DC 880 1.65 64.99 -21.61
CA ASP DC 880 0.65 64.11 -22.18
C ASP DC 880 1.21 62.76 -22.59
N GLU DC 881 2.42 62.73 -23.14
CA GLU DC 881 3.01 61.51 -23.67
C GLU DC 881 4.33 61.29 -22.95
N PRO DC 882 4.44 60.25 -22.11
CA PRO DC 882 5.73 59.93 -21.50
C PRO DC 882 6.74 59.48 -22.53
N GLY DC 883 7.99 59.85 -22.28
CA GLY DC 883 9.07 59.54 -23.18
C GLY DC 883 10.43 59.87 -22.62
N PRO DC 884 11.48 59.43 -23.30
CA PRO DC 884 12.84 59.74 -22.85
C PRO DC 884 13.19 61.20 -23.08
N ILE DC 885 13.71 61.84 -22.03
CA ILE DC 885 14.24 63.19 -22.09
C ILE DC 885 15.64 63.17 -21.48
N LEU DC 886 16.54 64.00 -22.01
CA LEU DC 886 17.92 64.02 -21.57
C LEU DC 886 18.34 65.44 -21.18
N ALA DC 887 18.95 65.56 -20.01
CA ALA DC 887 19.58 66.78 -19.56
C ALA DC 887 21.09 66.55 -19.41
N THR DC 888 21.83 67.64 -19.23
CA THR DC 888 23.29 67.57 -19.20
C THR DC 888 23.83 68.49 -18.12
N ILE DC 889 24.50 67.89 -17.14
CA ILE DC 889 25.10 68.65 -16.04
C ILE DC 889 26.35 69.35 -16.55
N VAL DC 890 26.39 70.67 -16.38
CA VAL DC 890 27.47 71.47 -16.94
C VAL DC 890 28.31 72.18 -15.88
N THR DC 891 27.76 72.42 -14.69
CA THR DC 891 28.54 73.07 -13.64
C THR DC 891 28.71 72.13 -12.46
N GLY DC 892 29.27 72.63 -11.37
CA GLY DC 892 29.47 71.79 -10.22
C GLY DC 892 30.59 70.78 -10.45
N LYS DC 893 30.46 69.64 -9.79
CA LYS DC 893 31.47 68.59 -9.93
C LYS DC 893 31.45 67.95 -11.32
N LEU DC 894 30.28 67.54 -11.79
CA LEU DC 894 30.21 66.79 -13.03
C LEU DC 894 29.86 67.70 -14.19
N LYS DC 895 30.69 67.68 -15.22
CA LYS DC 895 30.54 68.52 -16.39
C LYS DC 895 30.28 67.64 -17.60
N GLY DC 896 29.19 67.90 -18.31
CA GLY DC 896 28.86 67.12 -19.49
C GLY DC 896 28.14 65.82 -19.21
N SER DC 897 27.71 65.59 -17.98
CA SER DC 897 27.07 64.32 -17.65
C SER DC 897 25.66 64.27 -18.21
N LYS DC 898 25.30 63.15 -18.84
CA LYS DC 898 24.01 63.01 -19.45
C LYS DC 898 23.06 62.35 -18.45
N LEU DC 899 21.78 62.69 -18.56
CA LEU DC 899 20.79 62.26 -17.57
C LEU DC 899 19.47 62.00 -18.29
N ILE DC 900 19.12 60.74 -18.43
CA ILE DC 900 17.98 60.28 -19.22
C ILE DC 900 16.86 59.86 -18.26
N GLY DC 901 15.64 60.30 -18.58
CA GLY DC 901 14.46 59.83 -17.89
C GLY DC 901 13.12 60.24 -18.50
N SER DC 902 12.16 60.57 -17.65
CA SER DC 902 10.76 60.71 -18.04
C SER DC 902 10.14 61.80 -17.17
N PHE DC 903 8.82 61.81 -17.06
CA PHE DC 903 8.16 62.74 -16.15
C PHE DC 903 7.07 62.02 -15.36
N ASN DC 904 6.31 62.83 -14.61
CA ASN DC 904 5.14 62.36 -13.89
C ASN DC 904 3.97 63.26 -14.25
N LEU DC 905 2.77 62.78 -13.99
CA LEU DC 905 1.58 63.60 -14.14
C LEU DC 905 1.02 63.95 -12.77
N PRO DC 906 0.90 65.23 -12.44
CA PRO DC 906 0.37 65.62 -11.15
C PRO DC 906 -1.14 65.47 -11.11
N SER DC 907 -1.65 65.25 -9.91
CA SER DC 907 -3.11 65.19 -9.72
C SER DC 907 -3.74 66.55 -9.93
N ASN DC 908 -3.09 67.61 -9.51
CA ASN DC 908 -3.45 68.98 -9.83
C ASN DC 908 -2.27 69.64 -10.53
N ALA DC 909 -2.56 70.34 -11.62
CA ALA DC 909 -1.55 70.68 -12.63
C ALA DC 909 -0.80 71.98 -12.34
N ASP DC 910 -0.70 72.39 -11.08
CA ASP DC 910 -0.01 73.63 -10.74
C ASP DC 910 1.49 73.44 -10.59
N LYS DC 911 2.00 72.22 -10.75
CA LYS DC 911 3.43 71.98 -10.73
C LYS DC 911 3.73 70.78 -11.62
N MET DC 912 5.01 70.59 -11.92
CA MET DC 912 5.44 69.50 -12.78
C MET DC 912 6.87 69.12 -12.42
N VAL DC 913 7.13 67.82 -12.27
CA VAL DC 913 8.48 67.36 -12.01
C VAL DC 913 8.89 66.35 -13.08
N ILE DC 914 10.20 66.25 -13.28
CA ILE DC 914 10.79 65.45 -14.35
C ILE DC 914 11.44 64.23 -13.69
N THR DC 915 11.02 63.05 -14.11
CA THR DC 915 11.53 61.81 -13.57
C THR DC 915 12.85 61.49 -14.26
N PHE DC 916 13.96 61.70 -13.55
CA PHE DC 916 15.28 61.39 -14.10
C PHE DC 916 15.89 60.27 -13.29
N ASN DC 917 16.32 59.22 -13.98
CA ASN DC 917 16.80 58.04 -13.27
C ASN DC 917 18.13 57.53 -13.78
N THR DC 918 18.47 57.78 -15.04
CA THR DC 918 19.68 57.18 -15.62
C THR DC 918 20.74 58.27 -15.79
N MET DC 919 21.72 58.28 -14.90
CA MET DC 919 22.81 59.26 -14.91
C MET DC 919 24.05 58.58 -15.46
N SER DC 920 24.71 59.21 -16.41
CA SER DC 920 25.91 58.66 -17.04
C SER DC 920 26.98 59.76 -17.18
N ILE DC 921 28.23 59.38 -16.99
CA ILE DC 921 29.39 60.26 -17.16
C ILE DC 921 30.10 59.84 -18.44
N PRO DC 922 30.44 60.77 -19.34
CA PRO DC 922 31.19 60.39 -20.54
C PRO DC 922 32.66 60.08 -20.26
N GLY DC 923 33.39 59.72 -21.31
CA GLY DC 923 34.78 59.32 -21.17
C GLY DC 923 34.94 57.81 -20.98
N ALA DC 924 34.52 57.31 -19.83
CA ALA DC 924 34.57 55.89 -19.53
C ALA DC 924 33.17 55.29 -19.54
N GLU DC 925 33.08 54.07 -20.05
CA GLU DC 925 31.78 53.40 -20.24
C GLU DC 925 31.24 52.93 -18.89
N LYS DC 926 30.60 53.86 -18.19
CA LYS DC 926 29.91 53.56 -16.94
C LYS DC 926 28.61 54.37 -16.90
N THR DC 927 27.67 53.91 -16.08
CA THR DC 927 26.38 54.57 -15.94
C THR DC 927 25.84 54.24 -14.55
N ILE DC 928 25.74 55.25 -13.70
CA ILE DC 928 25.26 55.03 -12.33
C ILE DC 928 23.75 54.89 -12.34
N SER DC 929 23.19 54.42 -11.23
CA SER DC 929 21.75 54.18 -11.14
C SER DC 929 21.11 55.13 -10.15
N ILE DC 930 21.52 56.39 -10.17
CA ILE DC 930 20.97 57.40 -9.26
C ILE DC 930 19.76 58.05 -9.91
N SER DC 931 18.64 58.02 -9.20
CA SER DC 931 17.41 58.64 -9.66
C SER DC 931 17.08 59.83 -8.77
N ALA DC 932 16.85 60.99 -9.40
CA ALA DC 932 16.49 62.20 -8.68
C ALA DC 932 15.75 63.11 -9.66
N TYR DC 933 15.09 64.13 -9.13
CA TYR DC 933 14.28 65.01 -9.96
C TYR DC 933 14.89 66.41 -9.96
N ALA DC 934 14.14 67.38 -10.48
CA ALA DC 934 14.68 68.69 -10.83
C ALA DC 934 14.04 69.81 -10.02
N ILE DC 935 14.68 70.99 -10.09
CA ILE DC 935 14.15 72.24 -9.54
C ILE DC 935 14.50 73.38 -10.48
N ASP DC 936 13.66 74.42 -10.51
CA ASP DC 936 13.88 75.58 -11.37
C ASP DC 936 14.98 76.47 -10.79
N PRO DC 937 15.93 76.94 -11.61
CA PRO DC 937 16.99 77.79 -11.07
C PRO DC 937 16.47 79.17 -10.70
N ASN DC 938 17.04 79.71 -9.62
CA ASN DC 938 16.85 81.08 -9.10
C ASN DC 938 15.40 81.38 -8.71
N THR DC 939 14.54 80.36 -8.57
CA THR DC 939 13.22 80.53 -7.98
C THR DC 939 13.05 79.46 -6.91
N ALA DC 940 13.77 78.36 -7.13
CA ALA DC 940 13.76 77.16 -6.27
C ALA DC 940 12.34 76.64 -6.09
N ARG DC 941 11.64 76.51 -7.21
CA ARG DC 941 10.24 76.08 -7.18
C ARG DC 941 10.03 74.97 -8.20
N THR DC 942 9.07 74.12 -7.92
CA THR DC 942 8.72 72.98 -8.75
C THR DC 942 7.63 73.28 -9.75
N ALA DC 943 6.97 74.43 -9.65
CA ALA DC 943 5.95 74.79 -10.62
C ALA DC 943 6.59 75.16 -11.94
N LEU DC 944 6.12 74.53 -13.01
CA LEU DC 944 6.78 74.62 -14.31
C LEU DC 944 6.49 75.98 -14.94
N ALA DC 945 7.53 76.56 -15.52
CA ALA DC 945 7.40 77.82 -16.24
C ALA DC 945 6.70 77.52 -17.57
N SER DC 946 5.38 77.57 -17.53
CA SER DC 946 4.55 77.42 -18.71
C SER DC 946 3.19 78.02 -18.40
N ARG DC 947 2.29 77.92 -19.35
CA ARG DC 947 0.94 78.43 -19.18
C ARG DC 947 0.02 77.32 -18.70
N THR DC 948 -0.94 77.70 -17.87
CA THR DC 948 -1.88 76.73 -17.31
C THR DC 948 -3.33 77.01 -17.70
N ASN DC 949 -3.60 78.05 -18.49
CA ASN DC 949 -4.96 78.42 -18.87
C ASN DC 949 -5.33 77.85 -20.23
N HIS DC 950 -4.90 76.62 -20.50
CA HIS DC 950 -4.93 76.06 -21.84
C HIS DC 950 -6.34 75.79 -22.35
N HIS DC 951 -7.18 75.17 -21.55
CA HIS DC 951 -8.47 74.69 -22.02
C HIS DC 951 -9.57 74.97 -21.03
N TYR DC 952 -9.64 76.21 -20.54
CA TYR DC 952 -10.81 76.64 -19.79
C TYR DC 952 -11.89 77.21 -20.68
N LEU DC 953 -11.51 78.24 -21.45
CA LEU DC 953 -12.47 79.08 -22.15
C LEU DC 953 -13.18 78.34 -23.28
N MET DC 954 -12.46 77.45 -23.97
CA MET DC 954 -13.03 76.74 -25.10
C MET DC 954 -14.18 75.83 -24.67
N ARG DC 955 -13.94 74.98 -23.67
CA ARG DC 955 -14.98 74.07 -23.23
C ARG DC 955 -16.10 74.79 -22.47
N TYR DC 956 -15.76 75.84 -21.71
CA TYR DC 956 -16.79 76.62 -21.03
C TYR DC 956 -17.72 77.29 -22.03
N GLY DC 957 -17.15 77.88 -23.09
CA GLY DC 957 -17.96 78.51 -24.11
C GLY DC 957 -18.79 77.52 -24.90
N SER DC 958 -18.23 76.33 -25.17
CA SER DC 958 -18.99 75.31 -25.88
C SER DC 958 -20.20 74.86 -25.07
N LEU DC 959 -20.00 74.64 -23.77
CA LEU DC 959 -21.08 74.22 -22.88
C LEU DC 959 -22.17 75.29 -22.80
N PHE DC 960 -21.78 76.55 -22.55
CA PHE DC 960 -22.78 77.59 -22.35
C PHE DC 960 -23.49 77.93 -23.65
N ALA DC 961 -22.80 77.82 -24.79
CA ALA DC 961 -23.44 78.09 -26.07
C ALA DC 961 -24.45 77.02 -26.43
N SER DC 962 -24.11 75.74 -26.19
CA SER DC 962 -25.06 74.66 -26.47
C SER DC 962 -26.29 74.77 -25.59
N SER DC 963 -26.09 75.11 -24.31
CA SER DC 963 -27.21 75.35 -23.41
C SER DC 963 -28.10 76.49 -23.92
N PHE DC 964 -27.50 77.65 -24.21
CA PHE DC 964 -28.26 78.82 -24.65
C PHE DC 964 -29.04 78.56 -25.93
N LEU DC 965 -28.48 77.73 -26.81
CA LEU DC 965 -29.19 77.32 -28.01
C LEU DC 965 -30.43 76.50 -27.67
N GLN DC 966 -30.25 75.49 -26.80
CA GLN DC 966 -31.37 74.65 -26.34
C GLN DC 966 -32.51 75.52 -25.79
N GLY DC 967 -32.14 76.45 -24.92
CA GLY DC 967 -33.13 77.31 -24.30
C GLY DC 967 -33.84 78.20 -25.29
N PHE DC 968 -33.09 78.75 -26.25
CA PHE DC 968 -33.66 79.71 -27.18
C PHE DC 968 -34.70 79.07 -28.06
N GLY DC 969 -34.36 77.89 -28.60
CA GLY DC 969 -35.31 77.20 -29.44
C GLY DC 969 -36.55 76.77 -28.69
N ASN DC 970 -36.39 76.16 -27.50
CA ASN DC 970 -37.58 75.64 -26.83
C ASN DC 970 -38.49 76.75 -26.31
N ALA DC 971 -37.92 77.80 -25.73
CA ALA DC 971 -38.80 78.80 -25.13
C ALA DC 971 -39.40 79.72 -26.17
N PHE DC 972 -38.71 79.98 -27.29
CA PHE DC 972 -39.44 80.73 -28.29
C PHE DC 972 -40.39 79.86 -29.11
N GLN DC 973 -40.26 78.54 -29.04
CA GLN DC 973 -41.35 77.70 -29.50
C GLN DC 973 -42.54 77.79 -28.56
N SER DC 974 -42.28 77.83 -27.26
CA SER DC 974 -43.35 77.90 -26.27
C SER DC 974 -44.02 79.26 -26.27
N ALA DC 975 -43.30 80.31 -26.68
CA ALA DC 975 -43.80 81.68 -26.61
C ALA DC 975 -44.79 82.00 -27.74
N ASN DC 976 -44.98 81.09 -28.68
CA ASN DC 976 -45.93 81.32 -29.77
C ASN DC 976 -47.38 81.26 -29.29
N THR DC 977 -47.64 80.63 -28.15
CA THR DC 977 -48.99 80.63 -27.60
C THR DC 977 -49.35 81.99 -27.04
N THR DC 978 -48.46 82.59 -26.26
CA THR DC 978 -48.75 83.89 -25.64
C THR DC 978 -47.73 84.94 -26.06
N SER DC 999 -41.83 83.16 -39.40
CA SER DC 999 -41.07 82.42 -40.39
C SER DC 999 -39.59 82.40 -40.00
N THR DC 1000 -38.97 83.58 -40.04
CA THR DC 1000 -37.57 83.69 -39.64
C THR DC 1000 -37.40 83.45 -38.16
N LEU DC 1001 -38.36 83.90 -37.35
CA LEU DC 1001 -38.35 83.59 -35.93
C LEU DC 1001 -38.54 82.10 -35.70
N GLU DC 1002 -39.36 81.46 -36.55
CA GLU DC 1002 -39.48 80.01 -36.50
C GLU DC 1002 -38.17 79.33 -36.84
N ASN DC 1003 -37.42 79.88 -37.80
CA ASN DC 1003 -36.15 79.28 -38.16
C ASN DC 1003 -35.10 79.48 -37.08
N ALA DC 1004 -35.20 80.60 -36.34
CA ALA DC 1004 -34.36 80.78 -35.16
C ALA DC 1004 -34.66 79.72 -34.11
N VAL DC 1005 -35.96 79.47 -33.86
CA VAL DC 1005 -36.40 78.39 -32.99
C VAL DC 1005 -35.83 77.06 -33.45
N ILE DC 1006 -35.90 76.82 -34.75
CA ILE DC 1006 -35.43 75.60 -35.39
C ILE DC 1006 -33.96 75.37 -35.11
N GLY DC 1007 -33.15 76.39 -35.38
CA GLY DC 1007 -31.71 76.20 -35.40
C GLY DC 1007 -31.19 76.01 -34.02
N LEU DC 1008 -31.58 76.90 -33.11
CA LEU DC 1008 -31.05 76.84 -31.77
C LEU DC 1008 -31.62 75.63 -31.02
N ALA DC 1009 -32.92 75.34 -31.24
CA ALA DC 1009 -33.62 74.21 -30.62
C ALA DC 1009 -32.95 72.89 -30.89
N THR DC 1010 -32.53 72.65 -32.13
CA THR DC 1010 -32.10 71.30 -32.37
C THR DC 1010 -30.59 71.17 -32.49
N VAL DC 1011 -29.84 72.24 -32.78
CA VAL DC 1011 -28.40 72.11 -32.63
C VAL DC 1011 -27.95 72.32 -31.18
N GLY DC 1012 -28.86 72.70 -30.27
CA GLY DC 1012 -28.48 72.75 -28.87
C GLY DC 1012 -28.17 71.39 -28.28
N LYS DC 1013 -28.99 70.38 -28.59
CA LYS DC 1013 -29.00 69.14 -27.81
C LYS DC 1013 -27.75 68.30 -28.04
N ALA DC 1014 -27.38 68.10 -29.31
CA ALA DC 1014 -26.22 67.26 -29.61
C ALA DC 1014 -24.93 67.90 -29.13
N TRP DC 1015 -24.82 69.22 -29.31
CA TRP DC 1015 -23.70 69.95 -28.78
C TRP DC 1015 -23.69 69.94 -27.26
N SER DC 1016 -24.86 69.89 -26.62
CA SER DC 1016 -24.92 69.84 -25.17
C SER DC 1016 -24.41 68.51 -24.63
N GLN DC 1017 -24.85 67.40 -25.22
CA GLN DC 1017 -24.37 66.12 -24.74
C GLN DC 1017 -22.91 65.90 -25.09
N GLN DC 1018 -22.45 66.42 -26.23
CA GLN DC 1018 -21.03 66.32 -26.54
C GLN DC 1018 -20.20 67.23 -25.64
N ALA DC 1019 -20.76 68.36 -25.21
CA ALA DC 1019 -20.06 69.21 -24.25
C ALA DC 1019 -19.93 68.54 -22.90
N GLN DC 1020 -20.97 67.83 -22.47
CA GLN DC 1020 -20.86 67.05 -21.24
C GLN DC 1020 -19.92 65.87 -21.42
N GLN DC 1021 -19.76 65.40 -22.65
CA GLN DC 1021 -18.76 64.39 -22.93
C GLN DC 1021 -17.34 64.96 -22.78
N LEU DC 1022 -17.07 66.11 -23.38
CA LEU DC 1022 -15.69 66.60 -23.47
C LEU DC 1022 -15.33 67.59 -22.38
N PHE DC 1023 -16.23 67.85 -21.43
CA PHE DC 1023 -16.01 68.94 -20.50
C PHE DC 1023 -14.92 68.65 -19.49
N ASN DC 1024 -14.64 67.39 -19.24
CA ASN DC 1024 -13.77 66.96 -18.14
C ASN DC 1024 -12.29 66.94 -18.50
N THR DC 1025 -11.90 67.45 -19.66
CA THR DC 1025 -10.49 67.38 -20.05
C THR DC 1025 -9.69 68.43 -19.29
N PRO DC 1026 -8.63 68.04 -18.58
CA PRO DC 1026 -7.89 68.99 -17.74
C PRO DC 1026 -6.92 69.82 -18.56
N THR DC 1027 -6.32 70.82 -17.90
CA THR DC 1027 -5.35 71.71 -18.52
C THR DC 1027 -3.96 71.22 -18.19
N THR DC 1028 -3.10 71.13 -19.22
CA THR DC 1028 -1.76 70.62 -19.05
C THR DC 1028 -0.75 71.76 -18.98
N VAL DC 1029 0.50 71.40 -18.70
CA VAL DC 1029 1.65 72.28 -18.88
C VAL DC 1029 2.60 71.59 -19.83
N GLU DC 1030 3.53 72.36 -20.38
CA GLU DC 1030 4.49 71.83 -21.34
C GLU DC 1030 5.89 72.31 -20.97
N VAL DC 1031 6.85 71.38 -20.91
CA VAL DC 1031 8.22 71.79 -20.66
C VAL DC 1031 8.81 72.43 -21.92
N TYR DC 1032 9.90 73.15 -21.73
CA TYR DC 1032 10.47 73.93 -22.82
C TYR DC 1032 11.65 73.21 -23.45
N SER DC 1033 12.04 73.67 -24.63
CA SER DC 1033 13.18 73.10 -25.34
C SER DC 1033 14.46 73.92 -25.17
N GLY DC 1034 14.47 74.90 -24.28
CA GLY DC 1034 15.68 75.67 -24.07
C GLY DC 1034 15.93 76.16 -22.66
N THR DC 1035 15.27 75.58 -21.67
CA THR DC 1035 15.28 76.11 -20.31
C THR DC 1035 16.20 75.28 -19.42
N GLY DC 1036 17.15 75.95 -18.79
CA GLY DC 1036 18.04 75.31 -17.85
C GLY DC 1036 17.33 75.01 -16.54
N LEU DC 1037 18.01 74.27 -15.68
CA LEU DC 1037 17.38 73.71 -14.50
C LEU DC 1037 18.40 73.46 -13.42
N GLY DC 1038 17.90 73.25 -12.19
CA GLY DC 1038 18.72 72.81 -11.08
C GLY DC 1038 18.27 71.44 -10.61
N ILE DC 1039 19.15 70.77 -9.88
CA ILE DC 1039 18.94 69.38 -9.47
C ILE DC 1039 19.35 69.21 -8.02
N LEU DC 1040 18.44 68.64 -7.22
CA LEU DC 1040 18.74 68.13 -5.90
C LEU DC 1040 18.97 66.62 -5.97
N PHE DC 1041 19.70 66.08 -5.01
CA PHE DC 1041 19.96 64.64 -5.00
C PHE DC 1041 19.10 63.91 -3.97
N THR DC 1042 18.94 62.60 -4.19
CA THR DC 1042 18.05 61.75 -3.41
C THR DC 1042 18.76 60.61 -2.69
N GLN DC 1043 19.67 59.88 -3.36
CA GLN DC 1043 20.42 58.80 -2.75
C GLN DC 1043 21.90 58.95 -3.08
N ASP DC 1044 22.74 58.26 -2.30
CA ASP DC 1044 24.19 58.39 -2.40
C ASP DC 1044 24.75 57.46 -3.47
N VAL DC 1045 25.96 57.75 -3.95
CA VAL DC 1045 26.60 57.01 -5.04
C VAL DC 1045 28.06 56.77 -4.69
N THR DC 1046 28.79 56.22 -5.66
CA THR DC 1046 30.22 56.02 -5.56
C THR DC 1046 30.98 57.03 -6.41
N LYS EC 24 -71.90 -46.33 -112.52
CA LYS EC 24 -71.55 -44.92 -112.60
C LYS EC 24 -70.22 -44.65 -111.93
N PHE EC 25 -70.25 -44.43 -110.63
CA PHE EC 25 -69.05 -44.12 -109.87
C PHE EC 25 -68.21 -45.37 -109.67
N LYS EC 26 -66.94 -45.28 -110.03
CA LYS EC 26 -65.95 -46.29 -109.66
C LYS EC 26 -64.95 -45.60 -108.75
N LYS EC 27 -64.88 -46.04 -107.53
CA LYS EC 27 -63.99 -45.40 -106.59
C LYS EC 27 -62.55 -45.84 -106.84
N PRO EC 28 -61.59 -44.93 -106.77
CA PRO EC 28 -60.20 -45.34 -106.71
C PRO EC 28 -59.91 -46.01 -105.39
N PRO EC 29 -58.89 -46.87 -105.32
CA PRO EC 29 -58.50 -47.46 -104.03
C PRO EC 29 -57.98 -46.38 -103.10
N ILE EC 30 -58.51 -46.38 -101.88
CA ILE EC 30 -58.44 -45.17 -101.06
C ILE EC 30 -57.05 -44.94 -100.48
N ASN EC 31 -56.39 -46.00 -100.02
CA ASN EC 31 -55.05 -45.81 -99.47
C ASN EC 31 -53.97 -46.03 -100.53
N ASN EC 32 -54.07 -45.32 -101.59
CA ASN EC 32 -53.15 -45.58 -102.67
C ASN EC 32 -51.94 -44.66 -102.60
N PRO EC 33 -50.79 -45.14 -103.04
CA PRO EC 33 -49.61 -44.26 -103.13
C PRO EC 33 -49.72 -43.34 -104.34
N SER EC 34 -50.47 -42.26 -104.15
CA SER EC 34 -50.64 -41.28 -105.22
C SER EC 34 -49.47 -40.31 -105.32
N ASP EC 35 -48.52 -40.37 -104.40
CA ASP EC 35 -47.40 -39.46 -104.38
C ASP EC 35 -46.12 -40.15 -104.87
N ASP EC 36 -45.27 -39.37 -105.53
CA ASP EC 36 -44.04 -39.90 -106.13
C ASP EC 36 -43.09 -40.43 -105.06
N ALA EC 37 -42.93 -39.70 -103.96
CA ALA EC 37 -42.01 -40.13 -102.91
C ALA EC 37 -42.51 -41.41 -102.25
N THR EC 38 -43.81 -41.47 -101.96
CA THR EC 38 -44.30 -42.66 -101.29
C THR EC 38 -44.38 -43.85 -102.25
N ILE EC 39 -44.51 -43.60 -103.54
CA ILE EC 39 -44.53 -44.74 -104.45
C ILE EC 39 -43.12 -45.26 -104.66
N LYS EC 40 -42.12 -44.36 -104.56
CA LYS EC 40 -40.74 -44.80 -104.52
C LYS EC 40 -40.46 -45.65 -103.29
N LEU EC 41 -41.03 -45.22 -102.14
CA LEU EC 41 -40.86 -45.98 -100.91
C LEU EC 41 -41.49 -47.36 -100.99
N ALA EC 42 -42.68 -47.45 -101.59
CA ALA EC 42 -43.35 -48.73 -101.72
C ALA EC 42 -42.59 -49.67 -102.65
N GLU EC 43 -42.03 -49.11 -103.72
CA GLU EC 43 -41.18 -49.90 -104.60
C GLU EC 43 -39.95 -50.42 -103.87
N ALA EC 44 -39.36 -49.58 -103.02
CA ALA EC 44 -38.21 -50.01 -102.22
C ALA EC 44 -38.61 -51.11 -101.26
N ALA EC 45 -39.82 -51.02 -100.71
CA ALA EC 45 -40.33 -52.05 -99.81
C ALA EC 45 -40.48 -53.39 -100.53
N VAL EC 46 -40.99 -53.34 -101.77
CA VAL EC 46 -41.13 -54.54 -102.58
C VAL EC 46 -39.77 -55.18 -102.83
N SER EC 47 -38.79 -54.34 -103.16
CA SER EC 47 -37.44 -54.82 -103.46
C SER EC 47 -36.81 -55.52 -102.27
N VAL EC 48 -36.86 -54.87 -101.11
CA VAL EC 48 -36.18 -55.44 -99.95
C VAL EC 48 -36.92 -56.68 -99.44
N SER EC 49 -38.25 -56.72 -99.62
CA SER EC 49 -39.00 -57.91 -99.21
C SER EC 49 -38.64 -59.11 -100.07
N ASP EC 50 -38.56 -58.91 -101.38
CA ASP EC 50 -38.21 -60.02 -102.27
C ASP EC 50 -36.76 -60.47 -102.04
N SER EC 51 -35.87 -59.52 -101.75
CA SER EC 51 -34.48 -59.87 -101.46
C SER EC 51 -34.36 -60.67 -100.18
N MET EC 52 -35.12 -60.29 -99.15
CA MET EC 52 -35.10 -61.05 -97.90
C MET EC 52 -35.68 -62.44 -98.08
N LEU EC 53 -36.70 -62.57 -98.94
CA LEU EC 53 -37.23 -63.90 -99.24
C LEU EC 53 -36.20 -64.76 -99.95
N GLU EC 54 -35.42 -64.15 -100.84
CA GLU EC 54 -34.37 -64.89 -101.53
C GLU EC 54 -33.31 -65.38 -100.55
N MET EC 55 -32.94 -64.53 -99.59
CA MET EC 55 -31.99 -64.92 -98.56
C MET EC 55 -32.53 -66.07 -97.72
N ALA EC 56 -33.82 -66.03 -97.38
CA ALA EC 56 -34.38 -67.08 -96.57
C ALA EC 56 -34.44 -68.40 -97.33
N LYS EC 57 -34.79 -68.33 -98.62
CA LYS EC 57 -34.90 -69.53 -99.43
C LYS EC 57 -33.55 -70.18 -99.63
N VAL EC 58 -32.51 -69.38 -99.82
CA VAL EC 58 -31.18 -69.97 -99.91
C VAL EC 58 -30.69 -70.42 -98.54
N GLU EC 59 -31.30 -69.96 -97.46
CA GLU EC 59 -30.82 -70.38 -96.15
C GLU EC 59 -31.39 -71.73 -95.73
N LYS EC 60 -32.72 -71.87 -95.77
CA LYS EC 60 -33.40 -72.84 -94.90
C LYS EC 60 -33.09 -74.28 -95.26
N VAL EC 61 -32.58 -75.03 -94.28
CA VAL EC 61 -32.25 -76.43 -94.45
C VAL EC 61 -33.54 -77.24 -94.47
N ILE EC 62 -33.68 -78.10 -95.48
CA ILE EC 62 -34.85 -78.95 -95.61
C ILE EC 62 -34.43 -80.39 -95.32
N THR EC 63 -35.43 -81.26 -95.26
CA THR EC 63 -35.22 -82.68 -95.01
C THR EC 63 -36.03 -83.46 -96.04
N PRO EC 64 -35.43 -84.45 -96.70
CA PRO EC 64 -36.19 -85.26 -97.65
C PRO EC 64 -37.25 -86.08 -96.94
N PRO EC 65 -38.42 -86.28 -97.58
CA PRO EC 65 -39.54 -86.95 -96.92
C PRO EC 65 -39.39 -88.45 -96.82
N SER EC 66 -38.34 -89.03 -97.37
CA SER EC 66 -38.08 -90.45 -97.21
C SER EC 66 -36.95 -90.74 -96.23
N LYS EC 67 -35.96 -89.87 -96.14
CA LYS EC 67 -34.79 -90.12 -95.31
C LYS EC 67 -34.96 -89.58 -93.90
N ASP EC 68 -36.08 -88.94 -93.61
CA ASP EC 68 -36.37 -88.48 -92.26
C ASP EC 68 -36.72 -89.65 -91.36
N ASN EC 69 -36.15 -89.67 -90.16
CA ASN EC 69 -36.38 -90.77 -89.24
C ASN EC 69 -37.31 -90.29 -88.12
N THR EC 70 -38.61 -90.36 -88.39
CA THR EC 70 -39.64 -90.16 -87.39
C THR EC 70 -40.64 -91.29 -87.50
N LEU EC 71 -41.08 -91.81 -86.37
CA LEU EC 71 -41.98 -92.96 -86.38
C LEU EC 71 -43.37 -92.53 -86.81
N THR EC 72 -43.92 -93.25 -87.78
CA THR EC 72 -45.25 -92.97 -88.28
C THR EC 72 -46.29 -93.74 -87.47
N ILE EC 73 -47.53 -93.67 -87.90
CA ILE EC 73 -48.65 -94.24 -87.16
C ILE EC 73 -48.77 -95.72 -87.52
N PRO EC 74 -48.79 -96.62 -86.54
CA PRO EC 74 -48.84 -98.06 -86.83
C PRO EC 74 -50.23 -98.59 -87.15
N ASN EC 75 -51.25 -97.72 -87.19
CA ASN EC 75 -52.64 -98.00 -87.65
C ASN EC 75 -53.28 -99.24 -87.02
N ALA EC 76 -52.88 -99.59 -85.80
CA ALA EC 76 -53.57 -100.67 -85.12
C ALA EC 76 -54.87 -100.16 -84.51
N TYR EC 77 -55.81 -101.08 -84.29
CA TYR EC 77 -57.12 -100.67 -83.79
C TYR EC 77 -57.06 -100.25 -82.33
N ASN EC 78 -56.13 -100.80 -81.56
CA ASN EC 78 -56.02 -100.47 -80.15
C ASN EC 78 -55.47 -99.07 -79.91
N LEU EC 79 -55.00 -98.37 -80.94
CA LEU EC 79 -54.47 -97.03 -80.78
C LEU EC 79 -55.35 -95.98 -81.45
N GLN EC 80 -56.66 -96.13 -81.34
CA GLN EC 80 -57.58 -95.19 -81.95
C GLN EC 80 -58.47 -94.46 -80.95
N ALA EC 81 -58.28 -94.69 -79.65
CA ALA EC 81 -59.13 -94.09 -78.65
C ALA EC 81 -58.75 -92.62 -78.45
N ARG EC 82 -59.63 -91.89 -77.78
CA ARG EC 82 -59.45 -90.47 -77.51
C ARG EC 82 -59.21 -90.27 -76.02
N ALA EC 83 -58.34 -89.31 -75.70
CA ALA EC 83 -57.86 -89.15 -74.33
C ALA EC 83 -57.64 -87.67 -74.03
N SER EC 84 -57.11 -87.42 -72.83
CA SER EC 84 -56.71 -86.08 -72.41
C SER EC 84 -55.63 -86.26 -71.35
N VAL EC 85 -54.44 -85.75 -71.59
CA VAL EC 85 -53.32 -86.08 -70.74
C VAL EC 85 -52.42 -84.88 -70.53
N ASP EC 86 -51.93 -84.72 -69.30
CA ASP EC 86 -50.89 -83.77 -68.96
C ASP EC 86 -49.79 -84.52 -68.24
N TRP EC 87 -48.55 -84.17 -68.55
CA TRP EC 87 -47.40 -84.83 -67.95
C TRP EC 87 -46.20 -83.91 -67.99
N SER EC 88 -45.40 -83.95 -66.93
CA SER EC 88 -44.12 -83.28 -66.92
C SER EC 88 -43.19 -84.12 -66.06
N GLY EC 89 -42.39 -84.98 -66.69
CA GLY EC 89 -41.48 -85.84 -65.96
C GLY EC 89 -40.74 -86.79 -66.86
N PRO EC 90 -40.21 -87.87 -66.29
CA PRO EC 90 -39.45 -88.85 -67.07
C PRO EC 90 -40.34 -89.64 -68.00
N ILE EC 91 -39.69 -90.37 -68.90
CA ILE EC 91 -40.36 -90.89 -70.08
C ILE EC 91 -40.90 -92.30 -69.85
N GLU EC 92 -40.14 -93.13 -69.14
CA GLU EC 92 -40.38 -94.57 -69.18
C GLU EC 92 -41.64 -94.96 -68.42
N GLU EC 93 -41.92 -94.28 -67.31
CA GLU EC 93 -43.12 -94.62 -66.56
C GLU EC 93 -44.38 -94.20 -67.31
N LEU EC 94 -44.32 -93.05 -67.99
CA LEU EC 94 -45.43 -92.60 -68.81
C LEU EC 94 -45.69 -93.54 -69.98
N THR EC 95 -44.62 -94.00 -70.64
CA THR EC 95 -44.87 -94.86 -71.78
C THR EC 95 -45.30 -96.26 -71.36
N ALA EC 96 -44.88 -96.71 -70.17
CA ALA EC 96 -45.42 -97.95 -69.64
C ALA EC 96 -46.90 -97.80 -69.31
N ARG EC 97 -47.30 -96.65 -68.77
CA ARG EC 97 -48.70 -96.44 -68.45
C ARG EC 97 -49.55 -96.35 -69.70
N ILE EC 98 -49.03 -95.71 -70.76
CA ILE EC 98 -49.85 -95.60 -71.96
C ILE EC 98 -49.91 -96.94 -72.68
N ALA EC 99 -48.89 -97.79 -72.51
CA ALA EC 99 -48.98 -99.16 -73.02
C ALA EC 99 -50.01 -99.96 -72.24
N LYS EC 100 -50.09 -99.71 -70.92
CA LYS EC 100 -51.12 -100.34 -70.10
C LYS EC 100 -52.50 -99.91 -70.56
N ALA EC 101 -52.65 -98.64 -70.94
CA ALA EC 101 -53.89 -98.19 -71.55
C ALA EC 101 -54.12 -98.87 -72.89
N ALA EC 102 -53.04 -99.20 -73.60
CA ALA EC 102 -53.16 -99.87 -74.88
C ALA EC 102 -53.41 -101.37 -74.76
N HIS EC 103 -53.34 -101.93 -73.56
CA HIS EC 103 -53.30 -103.38 -73.31
C HIS EC 103 -52.19 -104.05 -74.12
N PHE EC 104 -51.02 -103.42 -74.12
CA PHE EC 104 -49.89 -103.94 -74.86
C PHE EC 104 -48.78 -104.35 -73.92
N ARG EC 105 -48.04 -105.37 -74.32
CA ARG EC 105 -46.80 -105.71 -73.63
C ARG EC 105 -45.78 -104.61 -73.86
N PHE EC 106 -44.87 -104.46 -72.90
CA PHE EC 106 -43.93 -103.36 -72.90
C PHE EC 106 -42.57 -103.86 -72.50
N ARG EC 107 -41.52 -103.38 -73.16
CA ARG EC 107 -40.18 -103.77 -72.77
C ARG EC 107 -39.18 -102.67 -73.11
N VAL EC 108 -38.00 -102.79 -72.50
CA VAL EC 108 -36.96 -101.79 -72.62
C VAL EC 108 -35.64 -102.46 -72.98
N LEU EC 109 -34.92 -101.87 -73.92
CA LEU EC 109 -33.58 -102.30 -74.31
C LEU EC 109 -32.67 -101.10 -74.10
N GLY EC 110 -31.96 -101.11 -72.99
CA GLY EC 110 -31.09 -99.99 -72.67
C GLY EC 110 -31.06 -99.72 -71.18
N LYS EC 111 -30.20 -98.79 -70.78
CA LYS EC 111 -30.03 -98.43 -69.38
C LYS EC 111 -30.31 -96.94 -69.20
N SER EC 112 -31.04 -96.62 -68.15
CA SER EC 112 -31.31 -95.22 -67.85
C SER EC 112 -30.05 -94.53 -67.39
N PRO EC 113 -29.68 -93.39 -67.98
CA PRO EC 113 -28.52 -92.64 -67.49
C PRO EC 113 -28.83 -91.99 -66.16
N SER EC 114 -27.77 -91.44 -65.55
CA SER EC 114 -27.91 -90.78 -64.25
C SER EC 114 -28.74 -89.51 -64.37
N VAL EC 115 -28.58 -88.77 -65.45
CA VAL EC 115 -29.51 -87.70 -65.79
C VAL EC 115 -30.60 -88.32 -66.67
N PRO EC 116 -31.86 -88.25 -66.26
CA PRO EC 116 -32.92 -88.93 -67.00
C PRO EC 116 -33.39 -88.10 -68.18
N VAL EC 117 -34.39 -88.63 -68.88
CA VAL EC 117 -34.94 -88.00 -70.08
C VAL EC 117 -36.33 -87.49 -69.76
N LEU EC 118 -36.55 -86.20 -69.92
CA LEU EC 118 -37.76 -85.54 -69.47
C LEU EC 118 -38.56 -85.02 -70.66
N ILE EC 119 -39.87 -85.18 -70.59
CA ILE EC 119 -40.80 -84.56 -71.53
C ILE EC 119 -42.02 -84.08 -70.76
N SER EC 120 -42.78 -83.18 -71.39
CA SER EC 120 -43.92 -82.55 -70.73
C SER EC 120 -44.97 -82.27 -71.79
N ILE EC 121 -45.99 -83.12 -71.86
CA ILE EC 121 -46.97 -83.08 -72.92
C ILE EC 121 -48.34 -82.85 -72.31
N SER EC 122 -49.08 -81.90 -72.85
CA SER EC 122 -50.42 -81.60 -72.37
C SER EC 122 -51.35 -81.41 -73.55
N THR EC 123 -52.47 -82.14 -73.54
CA THR EC 123 -53.47 -82.03 -74.59
C THR EC 123 -54.81 -82.48 -74.06
N LYS EC 124 -55.86 -82.02 -74.75
CA LYS EC 124 -57.23 -82.25 -74.34
C LYS EC 124 -57.94 -83.31 -75.16
N ASP EC 125 -57.57 -83.47 -76.42
CA ASP EC 125 -58.16 -84.53 -77.24
C ASP EC 125 -57.18 -84.88 -78.34
N GLU EC 126 -56.77 -86.13 -78.39
CA GLU EC 126 -55.87 -86.63 -79.42
C GLU EC 126 -56.06 -88.14 -79.48
N SER EC 127 -55.14 -88.83 -80.14
CA SER EC 127 -55.09 -90.27 -80.06
C SER EC 127 -53.66 -90.72 -79.74
N LEU EC 128 -53.58 -91.96 -79.29
CA LEU EC 128 -52.38 -92.47 -78.67
C LEU EC 128 -51.24 -92.60 -79.66
N ALA EC 129 -51.56 -92.81 -80.94
CA ALA EC 129 -50.52 -92.98 -81.95
C ALA EC 129 -49.74 -91.69 -82.16
N GLU EC 130 -50.43 -90.59 -82.37
CA GLU EC 130 -49.73 -89.32 -82.51
C GLU EC 130 -49.20 -88.82 -81.18
N ILE EC 131 -49.77 -89.28 -80.06
CA ILE EC 131 -49.17 -89.04 -78.76
C ILE EC 131 -47.78 -89.66 -78.69
N LEU EC 132 -47.67 -90.92 -79.12
CA LEU EC 132 -46.38 -91.59 -79.12
C LEU EC 132 -45.43 -90.98 -80.14
N ARG EC 133 -45.97 -90.53 -81.28
CA ARG EC 133 -45.16 -89.89 -82.30
C ARG EC 133 -44.54 -88.60 -81.78
N ASP EC 134 -45.34 -87.80 -81.06
CA ASP EC 134 -44.82 -86.57 -80.49
C ASP EC 134 -43.83 -86.86 -79.36
N ILE EC 135 -44.06 -87.93 -78.60
CA ILE EC 135 -43.14 -88.33 -77.55
C ILE EC 135 -41.79 -88.71 -78.14
N ASP EC 136 -41.81 -89.49 -79.21
CA ASP EC 136 -40.57 -89.91 -79.84
C ASP EC 136 -39.87 -88.75 -80.53
N TYR EC 137 -40.64 -87.79 -81.03
CA TYR EC 137 -40.02 -86.61 -81.63
C TYR EC 137 -39.34 -85.77 -80.57
N GLN EC 138 -39.96 -85.61 -79.41
CA GLN EC 138 -39.32 -84.85 -78.35
C GLN EC 138 -38.24 -85.63 -77.64
N ALA EC 139 -38.13 -86.94 -77.91
CA ALA EC 139 -37.07 -87.73 -77.30
C ALA EC 139 -35.69 -87.29 -77.79
N GLY EC 140 -35.57 -86.96 -79.07
CA GLY EC 140 -34.28 -86.62 -79.60
C GLY EC 140 -33.39 -87.84 -79.79
N LYS EC 141 -32.09 -87.58 -79.79
CA LYS EC 141 -31.11 -88.61 -80.11
C LYS EC 141 -30.85 -89.59 -78.98
N LYS EC 142 -31.38 -89.34 -77.79
CA LYS EC 142 -31.02 -90.20 -76.67
C LYS EC 142 -31.71 -91.54 -76.72
N ALA EC 143 -32.92 -91.61 -77.26
CA ALA EC 143 -33.65 -92.87 -77.29
C ALA EC 143 -34.65 -92.84 -78.42
N SER EC 144 -35.14 -94.03 -78.77
CA SER EC 144 -36.18 -94.19 -79.76
C SER EC 144 -37.16 -95.23 -79.27
N ILE EC 145 -38.29 -95.32 -79.94
CA ILE EC 145 -39.31 -96.30 -79.60
C ILE EC 145 -39.54 -97.19 -80.81
N HIS EC 146 -40.12 -98.35 -80.55
CA HIS EC 146 -40.59 -99.20 -81.62
C HIS EC 146 -41.87 -99.87 -81.19
N VAL EC 147 -42.69 -100.22 -82.17
CA VAL EC 147 -44.01 -100.77 -81.95
C VAL EC 147 -44.18 -101.97 -82.87
N TYR EC 148 -44.55 -103.11 -82.29
CA TYR EC 148 -44.80 -104.30 -83.09
C TYR EC 148 -46.24 -104.72 -82.91
N PRO EC 149 -47.03 -104.78 -83.98
CA PRO EC 149 -48.44 -105.11 -83.85
C PRO EC 149 -48.73 -106.58 -84.09
N ASN EC 150 -47.72 -107.34 -84.48
CA ASN EC 150 -47.90 -108.79 -84.58
C ASN EC 150 -48.01 -109.40 -83.20
N SER EC 151 -46.96 -109.28 -82.40
CA SER EC 151 -47.03 -109.51 -80.97
C SER EC 151 -47.13 -108.14 -80.32
N GLN EC 152 -48.24 -107.89 -79.64
CA GLN EC 152 -48.72 -106.52 -79.37
C GLN EC 152 -47.82 -105.86 -78.33
N VAL EC 153 -46.72 -105.29 -78.80
CA VAL EC 153 -45.67 -104.84 -77.89
C VAL EC 153 -45.19 -103.45 -78.31
N VAL EC 154 -44.67 -102.72 -77.32
CA VAL EC 154 -43.89 -101.50 -77.55
C VAL EC 154 -42.61 -101.60 -76.75
N GLU EC 155 -41.53 -101.10 -77.34
CA GLU EC 155 -40.22 -101.16 -76.70
C GLU EC 155 -39.56 -99.80 -76.74
N LEU EC 156 -38.75 -99.56 -75.72
CA LEU EC 156 -37.97 -98.34 -75.57
C LEU EC 156 -36.50 -98.68 -75.72
N ARG EC 157 -35.86 -98.16 -76.77
CA ARG EC 157 -34.46 -98.46 -77.05
C ARG EC 157 -33.64 -97.22 -76.71
N TYR EC 158 -32.68 -97.39 -75.81
CA TYR EC 158 -31.84 -96.28 -75.38
C TYR EC 158 -30.64 -96.13 -76.32
N ALA EC 159 -29.84 -95.10 -76.08
CA ALA EC 159 -28.65 -94.84 -76.87
C ALA EC 159 -27.42 -95.41 -76.19
N LYS EC 160 -26.27 -95.25 -76.84
CA LYS EC 160 -25.03 -95.83 -76.36
C LYS EC 160 -23.93 -94.78 -76.23
N ILE FC 208 -26.75 -87.15 -121.50
CA ILE FC 208 -27.77 -86.80 -122.48
C ILE FC 208 -29.08 -86.47 -121.78
N ILE FC 209 -29.65 -85.31 -122.10
CA ILE FC 209 -30.85 -84.80 -121.45
C ILE FC 209 -31.92 -84.63 -122.52
N TYR FC 210 -33.14 -85.08 -122.21
CA TYR FC 210 -34.27 -84.97 -123.11
C TYR FC 210 -35.38 -84.12 -122.51
N TYR FC 211 -36.22 -83.57 -123.38
CA TYR FC 211 -37.37 -82.79 -122.99
C TYR FC 211 -38.51 -83.06 -123.96
N ILE FC 212 -39.70 -82.68 -123.54
CA ILE FC 212 -40.89 -82.85 -124.37
C ILE FC 212 -40.99 -81.70 -125.35
N GLN FC 213 -41.61 -81.96 -126.50
CA GLN FC 213 -42.00 -80.91 -127.43
C GLN FC 213 -43.50 -80.87 -127.63
N ALA FC 214 -44.13 -82.00 -127.95
CA ALA FC 214 -45.56 -82.04 -128.20
C ALA FC 214 -46.13 -83.32 -127.61
N VAL FC 215 -47.44 -83.30 -127.39
CA VAL FC 215 -48.11 -84.31 -126.58
C VAL FC 215 -49.39 -84.74 -127.28
N ILE FC 216 -49.55 -86.06 -127.45
CA ILE FC 216 -50.82 -86.64 -127.84
C ILE FC 216 -50.97 -88.00 -127.16
N PRO FC 217 -52.19 -88.45 -126.95
CA PRO FC 217 -52.37 -89.85 -126.55
C PRO FC 217 -51.88 -90.81 -127.61
N GLY FC 218 -50.84 -91.55 -127.29
CA GLY FC 218 -50.32 -92.54 -128.21
C GLY FC 218 -48.85 -92.37 -128.54
N ARG FC 219 -48.41 -91.13 -128.71
CA ARG FC 219 -47.02 -90.86 -129.07
C ARG FC 219 -46.68 -89.45 -128.65
N ALA FC 220 -45.38 -89.16 -128.63
CA ALA FC 220 -44.93 -87.82 -128.26
C ALA FC 220 -43.62 -87.49 -128.95
N TRP FC 221 -43.34 -86.19 -129.03
CA TRP FC 221 -42.13 -85.68 -129.64
C TRP FC 221 -41.14 -85.31 -128.55
N LEU FC 222 -39.90 -85.76 -128.71
CA LEU FC 222 -38.88 -85.58 -127.70
C LEU FC 222 -37.65 -84.95 -128.34
N ILE FC 223 -37.05 -84.01 -127.63
CA ILE FC 223 -35.86 -83.29 -128.09
C ILE FC 223 -34.72 -83.58 -127.12
N GLY FC 224 -33.61 -84.05 -127.65
CA GLY FC 224 -32.44 -84.31 -126.84
C GLY FC 224 -31.59 -83.06 -126.67
N SER FC 225 -30.63 -83.15 -125.74
CA SER FC 225 -29.66 -82.08 -125.57
C SER FC 225 -28.69 -82.00 -126.74
N ASN FC 226 -28.55 -83.09 -127.49
CA ASN FC 226 -27.78 -83.12 -128.72
C ASN FC 226 -28.56 -82.57 -129.90
N GLY FC 227 -29.82 -82.20 -129.71
CA GLY FC 227 -30.64 -81.78 -130.81
C GLY FC 227 -31.31 -82.89 -131.56
N SER FC 228 -31.45 -84.05 -130.95
CA SER FC 228 -32.07 -85.20 -131.60
C SER FC 228 -33.58 -85.13 -131.46
N THR FC 229 -34.28 -85.22 -132.58
CA THR FC 229 -35.73 -85.19 -132.62
C THR FC 229 -36.26 -86.60 -132.77
N LEU FC 230 -37.15 -87.00 -131.86
CA LEU FC 230 -37.60 -88.39 -131.83
C LEU FC 230 -39.10 -88.43 -131.63
N THR FC 231 -39.76 -89.32 -132.35
CA THR FC 231 -41.19 -89.60 -132.16
C THR FC 231 -41.31 -90.96 -131.48
N VAL FC 232 -41.89 -90.97 -130.28
CA VAL FC 232 -41.81 -92.10 -129.38
C VAL FC 232 -43.22 -92.61 -129.10
N ARG FC 233 -43.41 -93.92 -129.25
CA ARG FC 233 -44.68 -94.57 -128.99
C ARG FC 233 -44.78 -94.89 -127.49
N GLU FC 234 -45.76 -95.71 -127.12
CA GLU FC 234 -45.98 -96.02 -125.71
C GLU FC 234 -44.89 -96.93 -125.16
N GLY FC 235 -44.53 -97.96 -125.89
CA GLY FC 235 -43.47 -98.85 -125.45
C GLY FC 235 -42.32 -98.92 -126.42
N SER FC 236 -41.16 -98.39 -126.02
CA SER FC 236 -39.99 -98.34 -126.87
C SER FC 236 -38.75 -98.11 -126.00
N LYS FC 237 -37.60 -98.22 -126.63
CA LYS FC 237 -36.32 -98.08 -125.93
C LYS FC 237 -35.77 -96.68 -126.12
N ILE FC 238 -35.50 -96.01 -125.02
CA ILE FC 238 -34.98 -94.65 -124.99
C ILE FC 238 -33.57 -94.71 -124.41
N PRO FC 239 -32.57 -94.11 -125.07
CA PRO FC 239 -31.19 -94.18 -124.55
C PRO FC 239 -31.04 -93.41 -123.25
N GLY FC 240 -30.48 -94.08 -122.25
CA GLY FC 240 -30.34 -93.53 -120.93
C GLY FC 240 -31.54 -93.68 -120.04
N TYR FC 241 -32.69 -94.07 -120.60
CA TYR FC 241 -33.92 -94.18 -119.85
C TYR FC 241 -34.59 -95.54 -119.95
N GLY FC 242 -34.08 -96.45 -120.77
CA GLY FC 242 -34.64 -97.78 -120.82
C GLY FC 242 -35.97 -97.83 -121.57
N MET FC 243 -36.82 -98.77 -121.17
CA MET FC 243 -38.11 -98.96 -121.82
C MET FC 243 -39.14 -97.99 -121.24
N VAL FC 244 -39.77 -97.21 -122.10
CA VAL FC 244 -40.85 -96.34 -121.63
C VAL FC 244 -42.10 -97.17 -121.44
N LYS FC 245 -42.73 -97.02 -120.27
CA LYS FC 245 -43.97 -97.73 -120.00
C LYS FC 245 -45.21 -96.95 -120.38
N LEU FC 246 -45.32 -95.68 -119.97
CA LEU FC 246 -46.53 -94.93 -120.21
C LEU FC 246 -46.25 -93.45 -120.21
N ILE FC 247 -47.21 -92.69 -120.73
CA ILE FC 247 -47.14 -91.24 -120.81
C ILE FC 247 -48.44 -90.68 -120.24
N ASP FC 248 -48.40 -89.41 -119.88
CA ASP FC 248 -49.57 -88.65 -119.49
C ASP FC 248 -49.81 -87.55 -120.52
N SER FC 249 -51.06 -87.38 -120.92
CA SER FC 249 -51.42 -86.33 -121.85
C SER FC 249 -52.12 -85.16 -121.19
N LEU FC 250 -52.69 -85.35 -119.99
CA LEU FC 250 -53.25 -84.23 -119.26
C LEU FC 250 -52.16 -83.29 -118.78
N GLN FC 251 -51.09 -83.85 -118.23
CA GLN FC 251 -49.90 -83.09 -117.87
C GLN FC 251 -48.71 -83.74 -118.54
N GLY FC 252 -47.65 -82.96 -118.73
CA GLY FC 252 -46.49 -83.46 -119.47
C GLY FC 252 -45.65 -84.45 -118.68
N ARG FC 253 -46.19 -85.63 -118.41
CA ARG FC 253 -45.55 -86.60 -117.54
C ARG FC 253 -45.29 -87.88 -118.33
N ILE FC 254 -44.04 -88.34 -118.32
CA ILE FC 254 -43.63 -89.54 -119.03
C ILE FC 254 -42.84 -90.42 -118.07
N LEU FC 255 -43.23 -91.69 -117.96
CA LEU FC 255 -42.58 -92.64 -117.09
C LEU FC 255 -41.93 -93.75 -117.89
N THR FC 256 -40.74 -94.17 -117.47
CA THR FC 256 -39.99 -95.21 -118.16
C THR FC 256 -39.52 -96.29 -117.19
N SER FC 257 -38.74 -97.24 -117.68
CA SER FC 257 -38.16 -98.26 -116.81
C SER FC 257 -37.03 -97.70 -115.96
N SER FC 258 -36.46 -96.56 -116.34
CA SER FC 258 -35.51 -95.89 -115.47
C SER FC 258 -36.20 -95.22 -114.30
N GLY FC 259 -37.51 -94.97 -114.41
CA GLY FC 259 -38.29 -94.44 -113.32
C GLY FC 259 -38.20 -92.95 -113.12
N GLN FC 260 -37.39 -92.25 -113.92
CA GLN FC 260 -37.21 -90.82 -113.79
C GLN FC 260 -38.09 -90.09 -114.80
N VAL FC 261 -38.78 -89.07 -114.32
CA VAL FC 261 -39.72 -88.35 -115.16
C VAL FC 261 -38.98 -87.34 -116.02
N ILE FC 262 -39.62 -86.93 -117.11
CA ILE FC 262 -39.08 -85.95 -118.04
C ILE FC 262 -40.16 -84.92 -118.34
N LYS FC 263 -39.82 -83.65 -118.18
CA LYS FC 263 -40.75 -82.53 -118.29
C LYS FC 263 -40.32 -81.60 -119.42
N PHE FC 264 -40.97 -80.45 -119.48
CA PHE FC 264 -40.57 -79.41 -120.42
C PHE FC 264 -39.41 -78.61 -119.87
N SER FC 265 -38.58 -78.11 -120.78
CA SER FC 265 -37.44 -77.28 -120.41
C SER FC 265 -37.91 -75.89 -120.01
N GLN FC 266 -37.02 -75.16 -119.34
CA GLN FC 266 -37.33 -73.82 -118.88
C GLN FC 266 -36.28 -72.82 -119.34
N VAL GC 38 -89.37 -42.89 13.66
CA VAL GC 38 -90.73 -43.36 13.92
C VAL GC 38 -91.44 -44.00 12.68
N PRO GC 39 -91.43 -43.40 11.47
CA PRO GC 39 -92.05 -44.12 10.34
C PRO GC 39 -91.26 -45.33 9.86
N LYS GC 40 -90.02 -45.50 10.31
CA LYS GC 40 -89.25 -46.68 9.94
C LYS GC 40 -89.65 -47.91 10.75
N LEU GC 41 -90.37 -47.74 11.85
CA LEU GC 41 -90.84 -48.87 12.63
C LEU GC 41 -92.36 -48.88 12.68
N PRO GC 42 -92.99 -50.03 12.56
CA PRO GC 42 -94.46 -50.07 12.63
C PRO GC 42 -94.94 -49.92 14.07
N CYS GC 43 -95.93 -49.05 14.25
CA CYS GC 43 -96.39 -48.68 15.57
C CYS GC 43 -97.39 -49.66 16.16
N ARG GC 44 -97.96 -50.56 15.35
CA ARG GC 44 -98.92 -51.54 15.83
C ARG GC 44 -98.73 -52.82 15.03
N VAL GC 45 -99.67 -53.76 15.17
CA VAL GC 45 -99.63 -54.96 14.35
C VAL GC 45 -100.40 -54.71 13.06
N ASP GC 46 -100.05 -55.49 12.03
CA ASP GC 46 -100.62 -55.30 10.71
C ASP GC 46 -102.06 -55.80 10.67
N GLY GC 47 -102.95 -54.96 10.17
CA GLY GC 47 -104.36 -55.28 10.13
C GLY GC 47 -104.98 -55.43 11.50
N ALA GC 48 -104.69 -54.52 12.42
CA ALA GC 48 -105.13 -54.67 13.80
C ALA GC 48 -105.96 -53.46 14.21
N CYS GC 49 -107.10 -53.75 14.83
CA CYS GC 49 -107.98 -52.71 15.37
C CYS GC 49 -108.80 -53.36 16.47
N ASP GC 50 -108.59 -52.92 17.70
CA ASP GC 50 -109.25 -53.55 18.83
C ASP GC 50 -110.73 -53.23 18.85
N ALA GC 51 -111.10 -52.07 18.31
CA ALA GC 51 -112.50 -51.74 18.13
C ALA GC 51 -113.16 -52.73 17.16
N THR GC 52 -112.44 -53.08 16.09
CA THR GC 52 -112.93 -54.08 15.16
C THR GC 52 -113.05 -55.44 15.83
N ILE GC 53 -112.09 -55.77 16.70
CA ILE GC 53 -112.14 -57.02 17.47
C ILE GC 53 -113.40 -57.09 18.31
N ILE GC 54 -113.65 -56.04 19.07
CA ILE GC 54 -114.80 -55.99 19.96
C ILE GC 54 -116.10 -56.03 19.18
N LYS GC 55 -116.18 -55.26 18.10
CA LYS GC 55 -117.42 -55.13 17.36
C LYS GC 55 -117.78 -56.44 16.67
N MET GC 56 -116.81 -57.05 15.99
CA MET GC 56 -117.13 -58.30 15.31
C MET GC 56 -117.33 -59.44 16.30
N MET GC 57 -116.66 -59.38 17.46
CA MET GC 57 -116.86 -60.40 18.49
C MET GC 57 -118.28 -60.35 19.03
N THR GC 58 -118.74 -59.13 19.35
CA THR GC 58 -120.09 -58.94 19.85
C THR GC 58 -121.12 -59.32 18.81
N ASP GC 59 -120.87 -58.97 17.55
CA ASP GC 59 -121.87 -59.22 16.51
C ASP GC 59 -121.99 -60.70 16.21
N LEU GC 60 -120.88 -61.43 16.14
CA LEU GC 60 -121.03 -62.84 15.89
C LEU GC 60 -121.54 -63.58 17.12
N ASN GC 61 -121.24 -63.08 18.32
CA ASN GC 61 -121.75 -63.75 19.50
C ASN GC 61 -123.26 -63.55 19.65
N LYS GC 62 -123.75 -62.37 19.31
CA LYS GC 62 -125.20 -62.19 19.30
C LYS GC 62 -125.84 -62.84 18.08
N LYS GC 63 -125.06 -63.12 17.04
CA LYS GC 63 -125.57 -63.94 15.95
C LYS GC 63 -125.80 -65.36 16.42
N GLY GC 64 -124.95 -65.86 17.31
CA GLY GC 64 -125.30 -67.10 17.98
C GLY GC 64 -124.12 -68.03 18.22
N ILE GC 65 -123.03 -67.75 17.55
CA ILE GC 65 -121.81 -68.52 17.73
C ILE GC 65 -121.16 -68.11 19.04
N LYS GC 66 -120.88 -69.08 19.90
CA LYS GC 66 -120.45 -68.73 21.24
C LYS GC 66 -118.97 -68.39 21.25
N VAL GC 67 -118.63 -67.27 21.86
CA VAL GC 67 -117.25 -66.81 22.01
C VAL GC 67 -116.97 -66.63 23.49
N ALA GC 68 -115.91 -67.28 23.98
CA ALA GC 68 -115.53 -67.17 25.38
C ALA GC 68 -114.03 -66.93 25.50
N SER GC 69 -113.65 -66.11 26.47
CA SER GC 69 -112.25 -65.76 26.67
C SER GC 69 -112.00 -65.61 28.16
N VAL GC 70 -111.14 -66.47 28.72
CA VAL GC 70 -110.77 -66.40 30.12
C VAL GC 70 -109.26 -66.41 30.21
N GLY GC 71 -108.70 -65.33 30.74
CA GLY GC 71 -107.25 -65.22 30.84
C GLY GC 71 -106.59 -64.96 29.51
N GLN GC 72 -105.91 -65.98 28.98
CA GLN GC 72 -105.21 -65.83 27.72
C GLN GC 72 -105.60 -66.91 26.73
N ASN GC 73 -106.80 -67.45 26.85
CA ASN GC 73 -107.23 -68.52 25.99
C ASN GC 73 -108.62 -68.20 25.47
N TYR GC 74 -108.88 -68.64 24.25
CA TYR GC 74 -110.08 -68.27 23.52
C TYR GC 74 -110.73 -69.53 22.97
N LEU GC 75 -112.05 -69.62 23.19
CA LEU GC 75 -112.87 -70.75 22.80
C LEU GC 75 -113.99 -70.29 21.87
N ILE GC 76 -114.13 -70.97 20.74
CA ILE GC 76 -115.17 -70.71 19.76
C ILE GC 76 -116.03 -71.96 19.63
N SER GC 77 -117.33 -71.81 19.84
CA SER GC 77 -118.26 -72.92 19.83
C SER GC 77 -119.30 -72.72 18.75
N ILE GC 78 -119.44 -73.72 17.88
CA ILE GC 78 -120.40 -73.66 16.77
C ILE GC 78 -121.29 -74.89 16.81
N PRO GC 79 -122.61 -74.71 16.73
CA PRO GC 79 -123.50 -75.87 16.63
C PRO GC 79 -123.35 -76.57 15.29
N ALA GC 80 -123.64 -77.88 15.30
CA ALA GC 80 -123.42 -78.69 14.11
C ALA GC 80 -124.47 -78.43 13.04
N SER GC 81 -125.70 -78.10 13.45
CA SER GC 81 -126.78 -77.95 12.49
C SER GC 81 -126.62 -76.71 11.63
N ALA GC 82 -125.97 -75.68 12.16
CA ALA GC 82 -125.73 -74.48 11.38
C ALA GC 82 -124.53 -74.61 10.46
N LEU GC 83 -123.82 -75.74 10.50
CA LEU GC 83 -122.64 -75.92 9.68
C LEU GC 83 -122.80 -77.04 8.67
N PHE GC 84 -123.11 -78.25 9.11
CA PHE GC 84 -123.05 -79.40 8.21
C PHE GC 84 -124.46 -79.83 7.83
N ALA GC 85 -124.52 -80.89 7.04
CA ALA GC 85 -125.77 -81.57 6.81
C ALA GC 85 -125.89 -82.74 7.78
N ASP GC 86 -127.11 -83.26 7.88
CA ASP GC 86 -127.48 -84.17 8.98
C ASP GC 86 -126.78 -85.50 8.85
N GLN GC 87 -125.98 -85.83 9.87
CA GLN GC 87 -125.21 -87.07 9.97
C GLN GC 87 -124.29 -87.27 8.79
N SER GC 88 -123.75 -86.18 8.24
CA SER GC 88 -123.05 -86.30 7.00
C SER GC 88 -122.00 -85.21 6.87
N PRO GC 89 -120.83 -85.53 6.35
CA PRO GC 89 -119.76 -84.53 6.15
C PRO GC 89 -119.89 -83.78 4.83
N ARG GC 90 -121.09 -83.35 4.50
CA ARG GC 90 -121.29 -82.45 3.38
C ARG GC 90 -121.45 -81.04 3.92
N LEU GC 91 -121.01 -80.08 3.14
CA LEU GC 91 -121.02 -78.69 3.57
C LEU GC 91 -122.08 -77.91 2.83
N ASN GC 92 -122.92 -77.21 3.58
CA ASN GC 92 -123.90 -76.31 2.98
C ASN GC 92 -123.19 -75.11 2.40
N TRP GC 93 -123.77 -74.55 1.34
CA TRP GC 93 -123.11 -73.46 0.63
C TRP GC 93 -123.09 -72.17 1.42
N ALA GC 94 -124.09 -71.95 2.26
CA ALA GC 94 -124.16 -70.70 3.00
C ALA GC 94 -123.12 -70.63 4.11
N SER GC 95 -122.62 -71.78 4.56
CA SER GC 95 -121.72 -71.82 5.70
C SER GC 95 -120.34 -71.26 5.39
N TYR GC 96 -120.01 -71.05 4.11
CA TYR GC 96 -118.71 -70.49 3.77
C TYR GC 96 -118.60 -69.04 4.21
N SER GC 97 -119.70 -68.30 4.28
CA SER GC 97 -119.68 -66.96 4.84
C SER GC 97 -119.32 -66.99 6.32
N LEU GC 98 -119.92 -67.93 7.06
CA LEU GC 98 -119.63 -68.10 8.48
C LEU GC 98 -118.16 -68.43 8.70
N LEU GC 99 -117.65 -69.37 7.91
CA LEU GC 99 -116.24 -69.72 8.00
C LEU GC 99 -115.35 -68.57 7.58
N ASN GC 100 -115.81 -67.75 6.63
CA ASN GC 100 -115.04 -66.61 6.16
C ASN GC 100 -114.85 -65.58 7.25
N GLU GC 101 -115.93 -65.26 7.98
CA GLU GC 101 -115.76 -64.27 9.04
C GLU GC 101 -115.06 -64.87 10.26
N ILE GC 102 -115.16 -66.19 10.45
CA ILE GC 102 -114.37 -66.85 11.49
C ILE GC 102 -112.88 -66.72 11.17
N ALA GC 103 -112.51 -66.93 9.91
CA ALA GC 103 -111.11 -66.77 9.52
C ALA GC 103 -110.68 -65.31 9.58
N ALA GC 104 -111.60 -64.38 9.30
CA ALA GC 104 -111.27 -62.96 9.45
C ALA GC 104 -110.99 -62.62 10.89
N PHE GC 105 -111.74 -63.20 11.82
CA PHE GC 105 -111.45 -63.06 13.23
C PHE GC 105 -110.13 -63.73 13.60
N LEU GC 106 -109.87 -64.89 13.01
CA LEU GC 106 -108.70 -65.68 13.41
C LEU GC 106 -107.41 -65.07 12.89
N LYS GC 107 -107.49 -64.33 11.78
CA LYS GC 107 -106.31 -63.66 11.25
C LYS GC 107 -105.85 -62.52 12.16
N GLN GC 108 -106.71 -62.06 13.06
CA GLN GC 108 -106.38 -60.91 13.87
C GLN GC 108 -105.32 -61.24 14.92
N PHE GC 109 -105.37 -62.43 15.50
CA PHE GC 109 -104.55 -62.75 16.66
C PHE GC 109 -103.31 -63.54 16.28
N ARG GC 110 -102.18 -63.15 16.87
CA ARG GC 110 -100.94 -63.90 16.74
C ARG GC 110 -100.95 -65.06 17.72
N LYS GC 111 -100.77 -66.28 17.20
CA LYS GC 111 -100.89 -67.48 18.01
C LYS GC 111 -99.80 -68.47 17.62
N ILE GC 112 -99.95 -69.72 18.06
CA ILE GC 112 -99.05 -70.79 17.64
C ILE GC 112 -99.84 -71.99 17.15
N ALA GC 113 -100.72 -72.49 18.01
CA ALA GC 113 -101.39 -73.77 17.83
C ALA GC 113 -102.88 -73.59 17.89
N ILE GC 114 -103.57 -74.07 16.86
CA ILE GC 114 -105.02 -74.09 16.86
C ILE GC 114 -105.47 -75.53 17.00
N THR GC 115 -106.38 -75.78 17.92
CA THR GC 115 -106.90 -77.13 18.10
C THR GC 115 -108.39 -77.14 17.81
N VAL GC 116 -108.79 -78.03 16.92
CA VAL GC 116 -110.16 -78.14 16.45
C VAL GC 116 -110.69 -79.50 16.87
N THR GC 117 -111.81 -79.50 17.59
CA THR GC 117 -112.44 -80.72 18.07
C THR GC 117 -113.87 -80.79 17.59
N SER GC 118 -114.31 -82.01 17.30
CA SER GC 118 -115.69 -82.21 16.86
C SER GC 118 -116.43 -83.19 17.76
N TYR GC 119 -117.71 -82.90 17.99
CA TYR GC 119 -118.56 -83.67 18.88
C TYR GC 119 -119.95 -83.81 18.28
N SER GC 120 -120.63 -84.91 18.60
CA SER GC 120 -121.90 -85.23 17.98
C SER GC 120 -122.75 -86.00 18.98
N SER GC 121 -123.77 -86.69 18.46
CA SER GC 121 -124.65 -87.55 19.23
C SER GC 121 -124.60 -88.96 18.67
N LYS GC 122 -125.14 -89.90 19.44
CA LYS GC 122 -125.13 -91.31 19.05
C LYS GC 122 -126.12 -91.57 17.94
N TYR GC 123 -125.66 -92.14 16.84
CA TYR GC 123 -126.54 -92.53 15.75
C TYR GC 123 -126.49 -94.01 15.44
N VAL GC 124 -125.29 -94.55 15.18
CA VAL GC 124 -125.19 -95.94 14.78
C VAL GC 124 -124.35 -96.73 15.78
N SER GC 125 -123.09 -96.34 15.93
CA SER GC 125 -122.13 -97.09 16.72
C SER GC 125 -121.19 -96.09 17.36
N VAL GC 126 -120.04 -96.56 17.82
CA VAL GC 126 -119.00 -95.64 18.23
C VAL GC 126 -118.20 -95.17 17.02
N LYS GC 127 -117.87 -96.11 16.14
CA LYS GC 127 -116.86 -95.89 15.12
C LYS GC 127 -117.35 -94.93 14.05
N ARG GC 128 -118.62 -95.05 13.68
CA ARG GC 128 -119.20 -94.16 12.68
C ARG GC 128 -119.22 -92.73 13.17
N GLU GC 129 -119.58 -92.53 14.44
CA GLU GC 129 -119.61 -91.18 14.99
C GLU GC 129 -118.21 -90.59 15.12
N ARG GC 130 -117.25 -91.43 15.52
CA ARG GC 130 -115.87 -90.96 15.61
C ARG GC 130 -115.32 -90.56 14.25
N ALA GC 131 -115.61 -91.37 13.22
CA ALA GC 131 -115.17 -91.06 11.88
C ALA GC 131 -115.84 -89.79 11.35
N LEU GC 132 -117.13 -89.62 11.66
CA LEU GC 132 -117.85 -88.44 11.21
C LEU GC 132 -117.27 -87.18 11.81
N THR GC 133 -116.95 -87.23 13.11
CA THR GC 133 -116.34 -86.08 13.77
C THR GC 133 -114.96 -85.78 13.19
N LEU GC 134 -114.18 -86.81 12.91
CA LEU GC 134 -112.84 -86.60 12.34
C LEU GC 134 -112.93 -86.01 10.95
N ALA GC 135 -113.90 -86.43 10.15
CA ALA GC 135 -114.07 -85.88 8.81
C ALA GC 135 -114.48 -84.42 8.86
N ARG GC 136 -115.38 -84.06 9.77
CA ARG GC 136 -115.78 -82.67 9.93
C ARG GC 136 -114.60 -81.80 10.32
N SER GC 137 -113.77 -82.31 11.25
CA SER GC 137 -112.58 -81.60 11.69
C SER GC 137 -111.60 -81.40 10.55
N ARG GC 138 -111.42 -82.44 9.73
CA ARG GC 138 -110.48 -82.35 8.62
C ARG GC 138 -110.93 -81.32 7.59
N VAL GC 139 -112.24 -81.28 7.31
CA VAL GC 139 -112.75 -80.34 6.31
C VAL GC 139 -112.57 -78.91 6.77
N VAL GC 140 -112.98 -78.62 8.02
CA VAL GC 140 -112.89 -77.23 8.48
C VAL GC 140 -111.43 -76.80 8.66
N SER GC 141 -110.56 -77.72 9.09
CA SER GC 141 -109.16 -77.39 9.27
C SER GC 141 -108.47 -77.14 7.94
N GLU GC 142 -108.80 -77.95 6.94
CA GLU GC 142 -108.13 -77.80 5.65
C GLU GC 142 -108.55 -76.51 4.96
N TYR GC 143 -109.83 -76.15 5.06
CA TYR GC 143 -110.24 -74.86 4.48
C TYR GC 143 -109.60 -73.71 5.24
N LEU GC 144 -109.48 -73.84 6.57
CA LEU GC 144 -108.88 -72.77 7.34
C LEU GC 144 -107.40 -72.59 6.98
N TRP GC 145 -106.67 -73.69 6.83
CA TRP GC 145 -105.27 -73.59 6.46
C TRP GC 145 -105.11 -73.04 5.05
N SER GC 146 -106.05 -73.36 4.15
CA SER GC 146 -106.03 -72.76 2.83
C SER GC 146 -106.27 -71.26 2.90
N GLN GC 147 -107.09 -70.83 3.84
CA GLN GC 147 -107.22 -69.42 4.11
C GLN GC 147 -105.98 -68.92 4.83
N GLY GC 148 -105.87 -67.60 4.90
CA GLY GC 148 -104.67 -66.97 5.43
C GLY GC 148 -104.67 -66.76 6.93
N VAL GC 149 -104.48 -67.82 7.70
CA VAL GC 149 -104.25 -67.72 9.13
C VAL GC 149 -102.81 -68.12 9.39
N ASP GC 150 -102.06 -67.23 10.04
CA ASP GC 150 -100.65 -67.49 10.30
C ASP GC 150 -100.56 -68.46 11.47
N SER GC 151 -100.71 -69.73 11.16
CA SER GC 151 -100.48 -70.74 12.17
C SER GC 151 -99.09 -71.32 12.01
N ARG GC 152 -98.55 -71.79 13.12
CA ARG GC 152 -97.46 -72.74 13.03
C ARG GC 152 -97.99 -74.16 12.99
N ILE GC 153 -99.04 -74.44 13.77
CA ILE GC 153 -99.50 -75.81 13.87
C ILE GC 153 -101.01 -75.84 14.07
N ILE GC 154 -101.68 -76.69 13.28
CA ILE GC 154 -103.10 -76.98 13.44
C ILE GC 154 -103.24 -78.44 13.80
N PHE GC 155 -103.85 -78.70 14.96
CA PHE GC 155 -104.26 -80.02 15.39
C PHE GC 155 -105.77 -80.15 15.22
N THR GC 156 -106.20 -81.29 14.69
CA THR GC 156 -107.61 -81.59 14.52
C THR GC 156 -107.91 -82.97 15.06
N GLN GC 157 -109.07 -83.11 15.71
CA GLN GC 157 -109.55 -84.38 16.21
C GLN GC 157 -111.04 -84.34 16.46
N GLY GC 158 -111.64 -85.52 16.53
CA GLY GC 158 -113.04 -85.64 16.87
C GLY GC 158 -113.24 -86.76 17.85
N LEU GC 159 -114.28 -86.64 18.67
CA LEU GC 159 -114.50 -87.57 19.77
C LEU GC 159 -115.85 -88.26 19.71
N GLY GC 160 -116.47 -88.31 18.53
CA GLY GC 160 -117.74 -88.97 18.38
C GLY GC 160 -118.88 -88.30 19.14
N SER GC 161 -119.29 -88.92 20.23
CA SER GC 161 -120.37 -88.39 21.05
C SER GC 161 -120.08 -88.57 22.52
N ASP GC 162 -118.84 -88.87 22.87
CA ASP GC 162 -118.48 -89.35 24.20
C ASP GC 162 -118.15 -88.24 25.16
N LYS GC 163 -118.32 -86.98 24.75
CA LYS GC 163 -118.14 -85.83 25.62
C LYS GC 163 -119.39 -84.98 25.57
N PRO GC 164 -120.43 -85.36 26.30
CA PRO GC 164 -121.67 -84.57 26.31
C PRO GC 164 -121.61 -83.43 27.31
N ILE GC 165 -122.43 -82.43 27.04
CA ILE GC 165 -122.58 -81.29 27.93
C ILE GC 165 -124.03 -81.06 28.31
N THR GC 166 -124.92 -81.97 27.90
CA THR GC 166 -126.33 -81.86 28.20
C THR GC 166 -126.86 -83.26 28.46
N SER GC 167 -127.45 -83.46 29.63
CA SER GC 167 -128.15 -84.71 29.88
C SER GC 167 -129.40 -84.82 29.02
N TYR GC 168 -130.03 -83.69 28.72
CA TYR GC 168 -131.23 -83.66 27.89
C TYR GC 168 -130.86 -83.95 26.45
N THR GC 169 -131.25 -85.13 25.96
CA THR GC 169 -130.80 -85.61 24.66
C THR GC 169 -131.95 -85.87 23.70
N LEU GC 170 -132.88 -84.93 23.59
CA LEU GC 170 -133.98 -85.11 22.64
C LEU GC 170 -133.48 -85.00 21.20
N GLY GC 171 -132.72 -83.95 20.89
CA GLY GC 171 -132.31 -83.74 19.54
C GLY GC 171 -131.20 -84.68 19.11
N GLY GC 172 -131.07 -84.83 17.80
CA GLY GC 172 -129.97 -85.60 17.25
C GLY GC 172 -128.88 -84.64 16.85
N ASP GC 173 -128.76 -84.37 15.56
CA ASP GC 173 -127.92 -83.27 15.12
C ASP GC 173 -128.57 -81.92 15.42
N ARG GC 174 -129.86 -81.90 15.71
CA ARG GC 174 -130.52 -80.69 16.18
C ARG GC 174 -130.15 -80.35 17.61
N SER GC 175 -129.60 -81.30 18.36
CA SER GC 175 -129.26 -81.04 19.75
C SER GC 175 -128.06 -80.10 19.85
N PRO GC 176 -128.04 -79.20 20.82
CA PRO GC 176 -126.92 -78.26 20.93
C PRO GC 176 -125.61 -78.89 21.34
N ASN GC 177 -125.60 -80.11 21.88
CA ASN GC 177 -124.35 -80.69 22.32
C ASN GC 177 -123.47 -81.13 21.15
N ALA GC 178 -124.06 -81.39 19.99
CA ALA GC 178 -123.28 -81.63 18.80
C ALA GC 178 -122.65 -80.31 18.36
N ARG GC 179 -121.33 -80.30 18.24
CA ARG GC 179 -120.65 -79.02 18.17
C ARG GC 179 -119.30 -79.18 17.51
N VAL GC 180 -118.74 -78.04 17.13
CA VAL GC 180 -117.36 -77.94 16.70
C VAL GC 180 -116.72 -76.82 17.50
N GLU GC 181 -115.57 -77.12 18.11
CA GLU GC 181 -114.90 -76.23 19.03
C GLU GC 181 -113.51 -75.89 18.51
N ILE GC 182 -113.19 -74.60 18.53
CA ILE GC 182 -111.87 -74.11 18.15
C ILE GC 182 -111.25 -73.45 19.38
N THR GC 183 -110.12 -73.97 19.82
CA THR GC 183 -109.42 -73.46 20.99
C THR GC 183 -108.04 -72.98 20.60
N PHE GC 184 -107.64 -71.83 21.15
CA PHE GC 184 -106.24 -71.42 21.03
C PHE GC 184 -105.85 -70.52 22.19
N ARG GC 185 -104.57 -70.16 22.22
CA ARG GC 185 -104.01 -69.27 23.23
C ARG GC 185 -103.26 -68.14 22.57
N ARG GC 186 -103.57 -66.90 22.94
CA ARG GC 186 -102.82 -65.75 22.48
C ARG GC 186 -101.42 -65.78 23.06
N ALA GC 187 -100.42 -65.54 22.23
CA ALA GC 187 -99.02 -65.73 22.60
C ALA GC 187 -98.30 -64.39 22.62
N VAL GC 188 -98.12 -63.84 23.83
CA VAL GC 188 -97.36 -62.61 24.10
C VAL GC 188 -97.84 -61.41 23.30
N MET HC 23 -89.40 -53.07 -90.26
CA MET HC 23 -89.27 -54.32 -89.51
C MET HC 23 -88.16 -54.20 -88.48
N LYS HC 24 -88.54 -54.24 -87.21
CA LYS HC 24 -87.55 -54.15 -86.15
C LYS HC 24 -86.76 -55.46 -86.05
N PHE HC 25 -85.54 -55.35 -85.54
CA PHE HC 25 -84.62 -56.48 -85.47
C PHE HC 25 -84.33 -56.81 -84.01
N LYS HC 26 -84.18 -58.10 -83.72
CA LYS HC 26 -84.01 -58.49 -82.33
C LYS HC 26 -83.29 -59.83 -82.25
N LYS HC 27 -82.49 -59.96 -81.23
CA LYS HC 27 -81.82 -61.16 -80.80
C LYS HC 27 -82.47 -61.65 -79.51
N PRO HC 28 -82.50 -62.95 -79.25
CA PRO HC 28 -83.39 -63.50 -78.21
C PRO HC 28 -83.12 -63.03 -76.78
N PRO HC 29 -81.91 -63.25 -76.20
CA PRO HC 29 -81.85 -63.20 -74.73
C PRO HC 29 -81.86 -61.79 -74.16
N ILE HC 30 -83.00 -61.40 -73.60
CA ILE HC 30 -83.17 -60.09 -72.97
C ILE HC 30 -83.55 -60.34 -71.52
N ASN HC 31 -82.72 -59.84 -70.60
CA ASN HC 31 -83.00 -59.98 -69.19
C ASN HC 31 -82.90 -58.64 -68.47
N ASN HC 32 -82.98 -58.69 -67.16
CA ASN HC 32 -82.69 -57.53 -66.34
C ASN HC 32 -81.21 -57.21 -66.40
N PRO HC 33 -80.82 -55.95 -66.19
CA PRO HC 33 -79.40 -55.59 -66.26
C PRO HC 33 -78.59 -56.24 -65.15
N SER HC 34 -77.33 -56.52 -65.48
CA SER HC 34 -76.44 -57.30 -64.63
C SER HC 34 -75.48 -56.38 -63.88
N ASP HC 35 -74.56 -56.99 -63.14
CA ASP HC 35 -73.62 -56.22 -62.33
C ASP HC 35 -72.24 -56.85 -62.40
N ASP HC 36 -71.23 -55.97 -62.33
CA ASP HC 36 -69.84 -56.37 -62.52
C ASP HC 36 -69.34 -57.29 -61.42
N ALA HC 37 -69.87 -57.17 -60.20
CA ALA HC 37 -69.45 -58.07 -59.14
C ALA HC 37 -69.89 -59.50 -59.43
N THR HC 38 -71.12 -59.63 -59.92
CA THR HC 38 -71.62 -60.90 -60.39
C THR HC 38 -70.79 -61.41 -61.57
N ILE HC 39 -70.37 -60.49 -62.43
CA ILE HC 39 -69.55 -60.83 -63.59
C ILE HC 39 -68.21 -61.41 -63.14
N LYS HC 40 -67.56 -60.75 -62.19
CA LYS HC 40 -66.27 -61.19 -61.68
C LYS HC 40 -66.40 -62.53 -60.99
N LEU HC 41 -67.49 -62.72 -60.25
CA LEU HC 41 -67.72 -64.00 -59.59
C LEU HC 41 -67.91 -65.12 -60.61
N ALA HC 42 -68.63 -64.84 -61.70
CA ALA HC 42 -68.83 -65.86 -62.74
C ALA HC 42 -67.53 -66.20 -63.44
N GLU HC 43 -66.72 -65.19 -63.76
CA GLU HC 43 -65.49 -65.46 -64.48
C GLU HC 43 -64.44 -66.12 -63.59
N ALA HC 44 -64.54 -65.95 -62.28
CA ALA HC 44 -63.73 -66.78 -61.40
C ALA HC 44 -64.28 -68.20 -61.35
N ALA HC 45 -65.61 -68.31 -61.33
CA ALA HC 45 -66.26 -69.57 -61.07
C ALA HC 45 -66.08 -70.56 -62.20
N VAL HC 46 -65.99 -70.07 -63.44
CA VAL HC 46 -65.78 -70.99 -64.56
C VAL HC 46 -64.41 -71.67 -64.46
N SER HC 47 -63.37 -70.89 -64.12
CA SER HC 47 -62.03 -71.44 -63.98
C SER HC 47 -61.96 -72.41 -62.81
N VAL HC 48 -62.60 -72.05 -61.71
CA VAL HC 48 -62.67 -72.92 -60.55
C VAL HC 48 -63.35 -74.23 -60.89
N SER HC 49 -64.46 -74.15 -61.63
CA SER HC 49 -65.24 -75.33 -61.95
C SER HC 49 -64.51 -76.26 -62.89
N ASP HC 50 -63.80 -75.72 -63.89
CA ASP HC 50 -63.10 -76.64 -64.77
C ASP HC 50 -61.90 -77.27 -64.08
N SER HC 51 -61.25 -76.53 -63.18
CA SER HC 51 -60.15 -77.11 -62.43
C SER HC 51 -60.64 -78.23 -61.53
N MET HC 52 -61.79 -78.04 -60.90
CA MET HC 52 -62.38 -79.07 -60.05
C MET HC 52 -62.79 -80.28 -60.87
N LEU HC 53 -63.35 -80.06 -62.05
CA LEU HC 53 -63.77 -81.15 -62.92
C LEU HC 53 -62.57 -81.97 -63.38
N GLU HC 54 -61.49 -81.28 -63.75
CA GLU HC 54 -60.28 -81.97 -64.18
C GLU HC 54 -59.67 -82.77 -63.04
N MET HC 55 -59.69 -82.20 -61.82
CA MET HC 55 -59.19 -82.92 -60.65
C MET HC 55 -60.00 -84.19 -60.40
N ALA HC 56 -61.32 -84.09 -60.53
CA ALA HC 56 -62.17 -85.26 -60.32
C ALA HC 56 -61.92 -86.33 -61.37
N LYS HC 57 -61.71 -85.92 -62.61
CA LYS HC 57 -61.44 -86.87 -63.69
C LYS HC 57 -60.12 -87.59 -63.46
N VAL HC 58 -59.08 -86.86 -63.05
CA VAL HC 58 -57.78 -87.47 -62.83
C VAL HC 58 -57.82 -88.40 -61.62
N GLU HC 59 -58.54 -88.00 -60.57
CA GLU HC 59 -58.69 -88.86 -59.40
C GLU HC 59 -59.42 -90.14 -59.75
N LYS HC 60 -60.46 -90.05 -60.57
CA LYS HC 60 -61.19 -91.23 -61.01
C LYS HC 60 -60.31 -92.16 -61.84
N VAL HC 61 -59.53 -91.61 -62.78
CA VAL HC 61 -58.74 -92.50 -63.62
C VAL HC 61 -57.48 -93.00 -62.93
N ILE HC 62 -57.09 -92.43 -61.81
CA ILE HC 62 -55.99 -93.00 -61.06
C ILE HC 62 -56.46 -93.94 -59.96
N THR HC 63 -57.71 -93.84 -59.52
CA THR HC 63 -58.21 -94.73 -58.48
C THR HC 63 -59.36 -95.57 -59.00
N PRO HC 64 -59.17 -96.88 -59.15
CA PRO HC 64 -60.27 -97.74 -59.56
C PRO HC 64 -61.26 -97.91 -58.44
N PRO HC 65 -62.53 -97.56 -58.65
CA PRO HC 65 -63.53 -97.68 -57.59
C PRO HC 65 -63.85 -99.14 -57.29
N SER HC 66 -64.25 -99.38 -56.06
CA SER HC 66 -64.51 -100.74 -55.60
C SER HC 66 -65.98 -100.97 -55.26
N LYS HC 67 -66.53 -100.21 -54.32
CA LYS HC 67 -67.85 -100.50 -53.77
C LYS HC 67 -68.75 -99.27 -53.91
N ASP HC 68 -69.91 -99.34 -53.27
CA ASP HC 68 -70.81 -98.21 -53.13
C ASP HC 68 -71.70 -98.47 -51.92
N ASN HC 69 -72.18 -97.39 -51.31
CA ASN HC 69 -72.87 -97.52 -50.03
C ASN HC 69 -74.31 -98.01 -50.16
N THR HC 70 -74.77 -98.27 -51.39
CA THR HC 70 -76.08 -98.91 -51.57
C THR HC 70 -76.08 -100.32 -51.00
N LEU HC 71 -74.91 -100.97 -50.95
CA LEU HC 71 -74.81 -102.25 -50.25
C LEU HC 71 -75.09 -102.10 -48.77
N THR HC 72 -74.50 -101.09 -48.13
CA THR HC 72 -74.73 -100.89 -46.70
C THR HC 72 -76.15 -100.43 -46.45
N ILE HC 73 -76.70 -99.62 -47.33
CA ILE HC 73 -77.98 -98.97 -47.13
C ILE HC 73 -78.91 -99.42 -48.25
N PRO HC 74 -79.73 -100.42 -48.02
CA PRO HC 74 -80.79 -100.75 -48.97
C PRO HC 74 -82.00 -99.85 -48.74
N ASN HC 75 -82.92 -99.89 -49.68
CA ASN HC 75 -84.18 -99.19 -49.54
C ASN HC 75 -85.30 -100.18 -49.27
N ALA HC 76 -86.11 -99.86 -48.28
CA ALA HC 76 -87.26 -100.67 -47.92
C ALA HC 76 -88.50 -99.82 -48.02
N TYR HC 77 -89.65 -100.42 -47.70
CA TYR HC 77 -90.88 -99.67 -47.66
C TYR HC 77 -90.86 -98.68 -46.50
N ASN HC 78 -91.58 -97.58 -46.68
CA ASN HC 78 -91.67 -96.38 -45.84
C ASN HC 78 -90.37 -95.57 -45.85
N LEU HC 79 -89.34 -96.05 -46.54
CA LEU HC 79 -88.11 -95.31 -46.74
C LEU HC 79 -88.13 -94.49 -48.02
N GLN HC 80 -89.26 -94.42 -48.69
CA GLN HC 80 -89.34 -93.83 -50.01
C GLN HC 80 -90.19 -92.56 -50.04
N ALA HC 81 -90.65 -92.09 -48.89
CA ALA HC 81 -91.31 -90.79 -48.82
C ALA HC 81 -90.30 -89.70 -49.15
N ARG HC 82 -90.77 -88.64 -49.78
CA ARG HC 82 -89.81 -87.74 -50.41
C ARG HC 82 -89.58 -86.50 -49.56
N ALA HC 83 -88.51 -85.79 -49.87
CA ALA HC 83 -88.08 -84.68 -49.04
C ALA HC 83 -87.24 -83.71 -49.84
N SER HC 84 -87.31 -82.44 -49.45
CA SER HC 84 -86.43 -81.41 -50.00
C SER HC 84 -85.94 -80.52 -48.87
N VAL HC 85 -84.63 -80.29 -48.82
CA VAL HC 85 -83.98 -79.78 -47.63
C VAL HC 85 -83.09 -78.60 -47.96
N ASP HC 86 -82.74 -77.86 -46.91
CA ASP HC 86 -81.63 -76.92 -46.94
C ASP HC 86 -81.11 -76.80 -45.51
N TRP HC 87 -79.89 -77.26 -45.28
CA TRP HC 87 -79.36 -77.37 -43.93
C TRP HC 87 -77.87 -77.04 -43.95
N SER HC 88 -77.39 -76.37 -42.90
CA SER HC 88 -75.99 -76.01 -42.86
C SER HC 88 -75.42 -76.11 -41.45
N GLY HC 89 -75.83 -77.11 -40.68
CA GLY HC 89 -75.39 -77.22 -39.31
C GLY HC 89 -74.68 -78.52 -39.00
N PRO HC 90 -74.78 -78.98 -37.76
CA PRO HC 90 -74.22 -80.29 -37.41
C PRO HC 90 -75.10 -81.43 -37.89
N ILE HC 91 -74.76 -82.65 -37.50
CA ILE HC 91 -75.29 -83.83 -38.16
C ILE HC 91 -76.39 -84.52 -37.35
N GLU HC 92 -76.30 -84.50 -36.02
CA GLU HC 92 -77.10 -85.39 -35.19
C GLU HC 92 -78.57 -84.98 -35.18
N GLU HC 93 -78.83 -83.67 -35.11
CA GLU HC 93 -80.20 -83.19 -35.13
C GLU HC 93 -80.87 -83.47 -36.47
N LEU HC 94 -80.11 -83.34 -37.55
CA LEU HC 94 -80.65 -83.61 -38.88
C LEU HC 94 -81.03 -85.08 -39.03
N THR HC 95 -80.17 -85.97 -38.56
CA THR HC 95 -80.49 -87.38 -38.59
C THR HC 95 -81.66 -87.72 -37.67
N ALA HC 96 -81.79 -86.99 -36.55
CA ALA HC 96 -82.93 -87.21 -35.67
C ALA HC 96 -84.24 -86.82 -36.33
N ARG HC 97 -84.22 -85.72 -37.09
CA ARG HC 97 -85.40 -85.32 -37.86
C ARG HC 97 -85.76 -86.38 -38.89
N ILE HC 98 -84.74 -86.94 -39.56
CA ILE HC 98 -84.98 -87.99 -40.54
C ILE HC 98 -85.57 -89.23 -39.90
N ALA HC 99 -85.06 -89.60 -38.72
CA ALA HC 99 -85.59 -90.76 -38.02
C ALA HC 99 -87.02 -90.53 -37.55
N LYS HC 100 -87.32 -89.32 -37.09
CA LYS HC 100 -88.68 -88.99 -36.68
C LYS HC 100 -89.65 -89.08 -37.84
N ALA HC 101 -89.21 -88.66 -39.03
CA ALA HC 101 -90.04 -88.85 -40.20
C ALA HC 101 -90.18 -90.32 -40.56
N ALA HC 102 -89.10 -91.08 -40.47
CA ALA HC 102 -89.06 -92.41 -41.02
C ALA HC 102 -89.56 -93.48 -40.07
N HIS HC 103 -89.92 -93.09 -38.83
CA HIS HC 103 -90.38 -94.00 -37.77
C HIS HC 103 -89.37 -95.10 -37.49
N PHE HC 104 -88.10 -94.73 -37.44
CA PHE HC 104 -87.03 -95.66 -37.12
C PHE HC 104 -86.43 -95.30 -35.77
N ARG HC 105 -85.63 -96.21 -35.24
CA ARG HC 105 -84.99 -96.00 -33.95
C ARG HC 105 -83.55 -95.59 -34.12
N PHE HC 106 -83.13 -94.63 -33.31
CA PHE HC 106 -81.82 -94.02 -33.42
C PHE HC 106 -80.82 -94.74 -32.53
N ARG HC 107 -79.62 -94.97 -33.06
CA ARG HC 107 -78.51 -95.46 -32.24
C ARG HC 107 -77.24 -94.69 -32.56
N VAL HC 108 -76.49 -94.37 -31.52
CA VAL HC 108 -75.29 -93.56 -31.62
C VAL HC 108 -74.11 -94.38 -31.11
N LEU HC 109 -73.06 -94.48 -31.93
CA LEU HC 109 -71.87 -95.23 -31.58
C LEU HC 109 -70.68 -94.28 -31.54
N GLY HC 110 -70.01 -94.24 -30.40
CA GLY HC 110 -68.89 -93.34 -30.22
C GLY HC 110 -69.31 -91.98 -29.73
N LYS HC 111 -68.46 -91.38 -28.92
CA LYS HC 111 -68.66 -90.02 -28.49
C LYS HC 111 -68.31 -89.08 -29.63
N SER HC 112 -69.10 -88.02 -29.78
CA SER HC 112 -68.79 -86.99 -30.76
C SER HC 112 -67.50 -86.28 -30.39
N PRO HC 113 -66.59 -86.08 -31.35
CA PRO HC 113 -65.36 -85.36 -31.05
C PRO HC 113 -65.64 -83.89 -30.89
N SER HC 114 -64.63 -83.18 -30.38
CA SER HC 114 -64.80 -81.81 -29.92
C SER HC 114 -65.07 -80.86 -31.07
N VAL HC 115 -64.37 -81.01 -32.18
CA VAL HC 115 -64.67 -80.20 -33.35
C VAL HC 115 -65.92 -80.80 -33.97
N PRO HC 116 -66.98 -80.01 -34.17
CA PRO HC 116 -68.18 -80.55 -34.80
C PRO HC 116 -67.96 -80.83 -36.27
N VAL HC 117 -68.76 -81.74 -36.80
CA VAL HC 117 -68.73 -82.08 -38.22
C VAL HC 117 -69.88 -81.36 -38.90
N LEU HC 118 -69.61 -80.66 -39.99
CA LEU HC 118 -70.57 -79.77 -40.61
C LEU HC 118 -70.85 -80.19 -42.04
N ILE HC 119 -72.13 -80.25 -42.40
CA ILE HC 119 -72.57 -80.62 -43.73
C ILE HC 119 -73.48 -79.53 -44.27
N SER HC 120 -73.28 -79.17 -45.53
CA SER HC 120 -74.16 -78.25 -46.24
C SER HC 120 -74.86 -78.99 -47.37
N ILE HC 121 -76.19 -79.07 -47.30
CA ILE HC 121 -77.00 -79.79 -48.27
C ILE HC 121 -78.07 -78.85 -48.82
N SER HC 122 -78.21 -78.80 -50.14
CA SER HC 122 -79.25 -77.99 -50.78
C SER HC 122 -79.71 -78.73 -52.03
N THR HC 123 -80.82 -79.46 -51.92
CA THR HC 123 -81.26 -80.32 -53.01
C THR HC 123 -82.78 -80.42 -52.99
N LYS HC 124 -83.34 -80.85 -54.12
CA LYS HC 124 -84.79 -80.84 -54.33
C LYS HC 124 -85.29 -82.24 -54.69
N ASP HC 125 -86.21 -82.76 -53.87
CA ASP HC 125 -86.95 -84.00 -54.11
C ASP HC 125 -86.01 -85.20 -54.28
N GLU HC 126 -85.39 -85.58 -53.18
CA GLU HC 126 -84.57 -86.77 -53.15
C GLU HC 126 -85.20 -87.83 -52.27
N SER HC 127 -84.87 -89.09 -52.53
CA SER HC 127 -85.29 -90.15 -51.64
C SER HC 127 -84.54 -90.07 -50.32
N LEU HC 128 -85.09 -90.74 -49.32
CA LEU HC 128 -84.41 -90.84 -48.05
C LEU HC 128 -83.13 -91.63 -48.18
N ALA HC 129 -83.14 -92.68 -48.99
CA ALA HC 129 -81.94 -93.49 -49.20
C ALA HC 129 -80.84 -92.69 -49.85
N GLU HC 130 -81.18 -91.88 -50.84
CA GLU HC 130 -80.15 -91.11 -51.51
C GLU HC 130 -79.69 -89.94 -50.66
N ILE HC 131 -80.59 -89.37 -49.86
CA ILE HC 131 -80.18 -88.34 -48.90
C ILE HC 131 -79.21 -88.91 -47.89
N LEU HC 132 -79.51 -90.11 -47.37
CA LEU HC 132 -78.65 -90.75 -46.39
C LEU HC 132 -77.31 -91.13 -46.99
N ARG HC 133 -77.31 -91.68 -48.20
CA ARG HC 133 -76.06 -92.05 -48.85
C ARG HC 133 -75.22 -90.82 -49.19
N ASP HC 134 -75.87 -89.75 -49.61
CA ASP HC 134 -75.19 -88.50 -49.88
C ASP HC 134 -74.58 -87.92 -48.60
N ILE HC 135 -75.32 -88.00 -47.50
CA ILE HC 135 -74.81 -87.52 -46.21
C ILE HC 135 -73.61 -88.32 -45.78
N ASP HC 136 -73.69 -89.64 -45.92
CA ASP HC 136 -72.59 -90.51 -45.54
C ASP HC 136 -71.36 -90.27 -46.42
N TYR HC 137 -71.58 -90.05 -47.71
CA TYR HC 137 -70.46 -89.74 -48.61
C TYR HC 137 -69.83 -88.40 -48.27
N GLN HC 138 -70.64 -87.39 -47.96
CA GLN HC 138 -70.08 -86.09 -47.67
C GLN HC 138 -69.40 -86.06 -46.30
N ALA HC 139 -69.82 -86.95 -45.39
CA ALA HC 139 -69.05 -87.12 -44.17
C ALA HC 139 -67.72 -87.81 -44.47
N GLY HC 140 -67.77 -88.90 -45.25
CA GLY HC 140 -66.58 -89.60 -45.65
C GLY HC 140 -65.83 -90.28 -44.52
N LYS HC 141 -64.65 -89.75 -44.20
CA LYS HC 141 -63.77 -90.38 -43.23
C LYS HC 141 -64.29 -90.22 -41.80
N LYS HC 142 -65.12 -89.20 -41.54
CA LYS HC 142 -65.45 -88.84 -40.18
C LYS HC 142 -66.42 -89.82 -39.55
N ALA HC 143 -67.46 -90.22 -40.29
CA ALA HC 143 -68.56 -90.96 -39.68
C ALA HC 143 -69.16 -91.89 -40.71
N SER HC 144 -70.11 -92.71 -40.26
CA SER HC 144 -70.78 -93.64 -41.15
C SER HC 144 -72.18 -93.95 -40.64
N ILE HC 145 -73.00 -94.45 -41.55
CA ILE HC 145 -74.42 -94.71 -41.30
C ILE HC 145 -74.73 -96.13 -41.73
N HIS HC 146 -75.35 -96.91 -40.84
CA HIS HC 146 -75.87 -98.22 -41.19
C HIS HC 146 -77.35 -98.28 -40.90
N VAL HC 147 -78.07 -99.09 -41.67
CA VAL HC 147 -79.50 -99.29 -41.52
C VAL HC 147 -79.77 -100.78 -41.46
N TYR HC 148 -80.42 -101.22 -40.40
CA TYR HC 148 -80.96 -102.55 -40.40
C TYR HC 148 -82.46 -102.44 -40.63
N PRO HC 149 -82.96 -102.77 -41.82
CA PRO HC 149 -84.32 -102.41 -42.18
C PRO HC 149 -85.35 -103.35 -41.59
N ASN HC 150 -84.91 -104.58 -41.33
CA ASN HC 150 -85.76 -105.56 -40.66
C ASN HC 150 -86.11 -105.11 -39.25
N SER HC 151 -85.15 -104.55 -38.53
CA SER HC 151 -85.37 -104.09 -37.18
C SER HC 151 -85.65 -102.60 -37.10
N GLN HC 152 -85.69 -101.91 -38.24
CA GLN HC 152 -85.98 -100.47 -38.35
C GLN HC 152 -85.03 -99.62 -37.52
N VAL HC 153 -83.74 -99.95 -37.61
CA VAL HC 153 -82.72 -99.29 -36.82
C VAL HC 153 -81.83 -98.48 -37.75
N VAL HC 154 -81.64 -97.20 -37.43
CA VAL HC 154 -80.62 -96.37 -38.04
C VAL HC 154 -79.54 -96.14 -36.99
N GLU HC 155 -78.34 -96.61 -37.27
CA GLU HC 155 -77.22 -96.37 -36.38
C GLU HC 155 -76.19 -95.50 -37.07
N LEU HC 156 -75.58 -94.62 -36.29
CA LEU HC 156 -74.57 -93.70 -36.77
C LEU HC 156 -73.33 -93.89 -35.93
N ARG HC 157 -72.19 -94.11 -36.57
CA ARG HC 157 -70.96 -94.38 -35.83
C ARG HC 157 -69.93 -93.32 -36.17
N TYR HC 158 -69.19 -92.89 -35.13
CA TYR HC 158 -68.08 -91.96 -35.31
C TYR HC 158 -66.82 -92.72 -35.67
N ALA HC 159 -65.81 -91.97 -36.13
CA ALA HC 159 -64.58 -92.59 -36.56
C ALA HC 159 -63.65 -92.83 -35.38
N LYS HC 160 -63.24 -94.08 -35.19
CA LYS HC 160 -62.16 -94.41 -34.27
C LYS HC 160 -60.86 -93.90 -34.90
N ILE HC 161 -60.37 -92.79 -34.38
CA ILE HC 161 -59.35 -92.00 -35.05
C ILE HC 161 -58.40 -91.47 -33.98
N TYR HC 162 -57.31 -90.86 -34.43
CA TYR HC 162 -56.15 -90.41 -33.63
C TYR HC 162 -55.54 -91.59 -32.89
N ARG IC 207 3.79 -95.13 -63.47
CA ARG IC 207 4.09 -95.59 -62.12
C ARG IC 207 4.64 -94.44 -61.28
N ILE IC 208 4.30 -94.40 -60.00
CA ILE IC 208 4.68 -93.27 -59.15
C ILE IC 208 6.10 -93.48 -58.64
N ILE IC 209 6.95 -92.48 -58.88
CA ILE IC 209 8.36 -92.53 -58.52
C ILE IC 209 8.60 -91.56 -57.38
N TYR IC 210 9.24 -92.04 -56.32
CA TYR IC 210 9.54 -91.23 -55.15
C TYR IC 210 11.00 -90.77 -55.19
N TYR IC 211 11.26 -89.62 -54.58
CA TYR IC 211 12.60 -89.06 -54.49
C TYR IC 211 12.96 -88.82 -53.04
N ILE IC 212 14.23 -89.06 -52.69
CA ILE IC 212 14.67 -88.87 -51.32
C ILE IC 212 14.77 -87.38 -51.02
N GLN IC 213 14.09 -86.95 -49.95
CA GLN IC 213 14.21 -85.57 -49.48
C GLN IC 213 14.90 -85.47 -48.14
N ALA IC 214 14.41 -86.18 -47.13
CA ALA IC 214 15.04 -86.17 -45.81
C ALA IC 214 15.33 -87.59 -45.38
N VAL IC 215 16.58 -87.85 -45.00
CA VAL IC 215 17.03 -89.19 -44.63
C VAL IC 215 17.79 -89.07 -43.31
N ILE IC 216 17.35 -89.83 -42.30
CA ILE IC 216 18.07 -89.90 -41.04
C ILE IC 216 18.34 -91.38 -40.78
N PRO IC 217 19.16 -91.74 -39.79
CA PRO IC 217 19.17 -93.14 -39.35
C PRO IC 217 17.82 -93.54 -38.80
N GLY IC 218 17.28 -94.64 -39.32
CA GLY IC 218 15.95 -95.09 -38.95
C GLY IC 218 14.84 -94.66 -39.87
N ARG IC 219 14.57 -93.35 -39.94
CA ARG IC 219 13.45 -92.85 -40.73
C ARG IC 219 13.94 -92.22 -42.03
N ALA IC 220 13.00 -92.06 -42.97
CA ALA IC 220 13.33 -91.45 -44.25
C ALA IC 220 12.09 -90.74 -44.77
N TRP IC 221 12.32 -89.73 -45.61
CA TRP IC 221 11.24 -88.95 -46.19
C TRP IC 221 11.35 -88.99 -47.71
N LEU IC 222 10.24 -89.29 -48.37
CA LEU IC 222 10.13 -89.30 -49.81
C LEU IC 222 9.06 -88.33 -50.25
N ILE IC 223 9.06 -88.01 -51.54
CA ILE IC 223 8.05 -87.15 -52.14
C ILE IC 223 7.35 -87.92 -53.25
N GLY IC 224 6.03 -87.99 -53.18
CA GLY IC 224 5.26 -88.69 -54.20
C GLY IC 224 5.24 -87.94 -55.52
N SER IC 225 4.89 -88.68 -56.57
CA SER IC 225 4.85 -88.09 -57.91
C SER IC 225 3.71 -87.09 -58.05
N ASN IC 226 2.63 -87.29 -57.30
CA ASN IC 226 1.52 -86.34 -57.28
C ASN IC 226 1.76 -85.18 -56.33
N GLY IC 227 2.89 -85.17 -55.62
CA GLY IC 227 3.17 -84.17 -54.62
C GLY IC 227 2.94 -84.63 -53.19
N SER IC 228 2.42 -85.83 -53.00
CA SER IC 228 2.14 -86.35 -51.67
C SER IC 228 3.44 -86.88 -51.07
N THR IC 229 4.13 -86.04 -50.31
CA THR IC 229 5.32 -86.49 -49.62
C THR IC 229 4.94 -87.24 -48.36
N LEU IC 230 5.86 -88.10 -47.92
CA LEU IC 230 5.60 -89.00 -46.81
C LEU IC 230 6.90 -89.39 -46.14
N THR IC 231 6.79 -90.13 -45.05
CA THR IC 231 7.94 -90.68 -44.34
C THR IC 231 7.70 -92.16 -44.08
N VAL IC 232 8.81 -92.89 -43.96
CA VAL IC 232 8.77 -94.35 -43.85
C VAL IC 232 9.96 -94.82 -43.02
N ARG IC 233 9.88 -96.05 -42.52
CA ARG IC 233 10.93 -96.65 -41.72
C ARG IC 233 11.31 -98.02 -42.29
N GLU IC 234 12.08 -98.81 -41.54
CA GLU IC 234 12.51 -100.12 -42.02
C GLU IC 234 11.32 -101.08 -42.13
N GLY IC 235 10.51 -101.19 -41.09
CA GLY IC 235 9.37 -102.08 -41.17
C GLY IC 235 8.08 -101.34 -41.43
N SER IC 236 7.65 -101.31 -42.70
CA SER IC 236 6.45 -100.61 -43.12
C SER IC 236 6.06 -101.09 -44.51
N LYS IC 237 4.84 -100.75 -44.91
CA LYS IC 237 4.34 -101.07 -46.23
C LYS IC 237 4.24 -99.79 -47.06
N ILE IC 238 4.97 -99.76 -48.17
CA ILE IC 238 4.95 -98.63 -49.09
C ILE IC 238 3.84 -98.89 -50.11
N PRO IC 239 2.86 -98.01 -50.26
CA PRO IC 239 1.86 -98.18 -51.32
C PRO IC 239 2.50 -97.98 -52.68
N GLY IC 240 2.29 -98.96 -53.56
CA GLY IC 240 2.88 -98.94 -54.88
C GLY IC 240 4.21 -99.64 -55.02
N TYR IC 241 4.83 -100.05 -53.91
CA TYR IC 241 6.07 -100.81 -53.98
C TYR IC 241 6.15 -102.00 -53.04
N GLY IC 242 5.25 -102.16 -52.09
CA GLY IC 242 5.21 -103.37 -51.29
C GLY IC 242 5.83 -103.25 -49.92
N MET IC 243 6.92 -103.95 -49.70
CA MET IC 243 7.60 -104.00 -48.41
C MET IC 243 8.87 -103.19 -48.48
N VAL IC 244 9.11 -102.35 -47.47
CA VAL IC 244 10.33 -101.57 -47.39
C VAL IC 244 11.46 -102.49 -46.92
N LYS IC 245 12.45 -102.69 -47.78
CA LYS IC 245 13.48 -103.68 -47.49
C LYS IC 245 14.56 -103.12 -46.58
N LEU IC 246 15.15 -101.99 -46.95
CA LEU IC 246 16.22 -101.42 -46.14
C LEU IC 246 16.32 -99.93 -46.40
N ILE IC 247 16.74 -99.21 -45.36
CA ILE IC 247 16.97 -97.77 -45.41
C ILE IC 247 18.39 -97.53 -44.93
N ASP IC 248 19.20 -96.88 -45.75
CA ASP IC 248 20.56 -96.53 -45.39
C ASP IC 248 20.64 -95.03 -45.17
N SER IC 249 21.19 -94.64 -44.01
CA SER IC 249 21.34 -93.21 -43.72
C SER IC 249 22.40 -92.57 -44.58
N LEU IC 250 23.41 -93.32 -44.98
CA LEU IC 250 24.44 -92.86 -45.89
C LEU IC 250 24.12 -93.33 -47.31
N GLN IC 251 24.80 -92.70 -48.26
CA GLN IC 251 24.82 -93.00 -49.70
C GLN IC 251 23.49 -92.80 -50.41
N GLY IC 252 22.43 -92.41 -49.70
CA GLY IC 252 21.13 -92.12 -50.31
C GLY IC 252 20.46 -93.28 -50.99
N ARG IC 253 20.43 -94.44 -50.34
CA ARG IC 253 19.89 -95.65 -50.94
C ARG IC 253 18.77 -96.21 -50.07
N ILE IC 254 17.62 -96.48 -50.67
CA ILE IC 254 16.52 -97.14 -49.99
C ILE IC 254 16.19 -98.41 -50.74
N LEU IC 255 16.22 -99.54 -50.05
CA LEU IC 255 15.94 -100.84 -50.68
C LEU IC 255 14.46 -101.17 -50.56
N THR IC 256 13.92 -101.81 -51.60
CA THR IC 256 12.53 -102.20 -51.62
C THR IC 256 12.39 -103.69 -51.93
N SER IC 257 11.23 -104.25 -51.56
CA SER IC 257 10.87 -105.59 -52.00
C SER IC 257 10.53 -105.63 -53.49
N SER IC 258 10.24 -104.47 -54.08
CA SER IC 258 9.99 -104.38 -55.52
C SER IC 258 11.27 -104.30 -56.33
N GLY IC 259 12.42 -104.58 -55.73
CA GLY IC 259 13.68 -104.52 -56.45
C GLY IC 259 14.13 -103.12 -56.78
N GLN IC 260 13.64 -102.12 -56.06
CA GLN IC 260 13.94 -100.73 -56.35
C GLN IC 260 14.78 -100.13 -55.25
N VAL IC 261 15.80 -99.39 -55.65
CA VAL IC 261 16.63 -98.61 -54.73
C VAL IC 261 16.31 -97.15 -55.00
N ILE IC 262 15.48 -96.57 -54.13
CA ILE IC 262 15.12 -95.17 -54.25
C ILE IC 262 16.32 -94.32 -53.84
N LYS IC 263 16.64 -93.34 -54.67
CA LYS IC 263 17.76 -92.43 -54.45
C LYS IC 263 17.24 -90.99 -54.41
N PHE IC 264 18.17 -90.05 -54.35
CA PHE IC 264 17.85 -88.65 -54.52
C PHE IC 264 17.47 -88.37 -55.97
N SER IC 265 16.79 -87.25 -56.18
CA SER IC 265 16.58 -86.78 -57.54
C SER IC 265 17.88 -86.27 -58.15
N GLN IC 266 17.90 -86.17 -59.47
CA GLN IC 266 19.06 -85.58 -60.13
C GLN IC 266 19.10 -84.08 -59.90
N GLU IC 267 17.94 -83.44 -59.87
CA GLU IC 267 17.88 -82.01 -59.53
C GLU IC 267 18.06 -81.76 -58.04
N ASP IC 268 17.86 -82.78 -57.21
CA ASP IC 268 17.98 -82.66 -55.76
C ASP IC 268 19.18 -83.50 -55.34
N SER IC 269 20.37 -82.93 -55.47
CA SER IC 269 21.62 -83.64 -55.20
C SER IC 269 22.77 -82.66 -54.98
N GLN JC 791 33.86 -109.47 37.97
CA GLN JC 791 32.48 -108.98 38.06
C GLN JC 791 32.43 -107.50 37.74
N GLN JC 792 33.34 -107.05 36.88
CA GLN JC 792 33.44 -105.63 36.52
C GLN JC 792 32.29 -105.17 35.63
N GLU JC 793 31.51 -106.09 35.07
CA GLU JC 793 30.45 -105.78 34.12
C GLU JC 793 29.31 -105.01 34.76
N ILE JC 794 29.15 -105.10 36.08
CA ILE JC 794 28.15 -104.30 36.77
C ILE JC 794 28.50 -102.83 36.70
N GLN JC 795 29.79 -102.52 36.75
CA GLN JC 795 30.24 -101.13 36.75
C GLN JC 795 30.03 -100.48 35.39
N GLN JC 796 30.21 -101.25 34.32
CA GLN JC 796 29.76 -100.79 33.01
C GLN JC 796 28.24 -100.71 32.96
N ARG JC 797 27.56 -101.64 33.62
CA ARG JC 797 26.10 -101.58 33.71
C ARG JC 797 25.65 -100.45 34.64
N THR JC 798 26.49 -100.08 35.60
CA THR JC 798 26.19 -98.91 36.41
C THR JC 798 26.30 -97.64 35.58
N SER JC 799 27.25 -97.60 34.64
CA SER JC 799 27.57 -96.35 33.97
C SER JC 799 26.50 -95.94 32.98
N ASP JC 800 26.11 -96.87 32.10
CA ASP JC 800 25.26 -96.52 30.96
C ASP JC 800 23.83 -96.21 31.39
N MET JC 801 23.31 -96.97 32.35
CA MET JC 801 21.95 -96.75 32.84
C MET JC 801 21.84 -95.48 33.66
N LEU JC 802 22.96 -94.97 34.17
CA LEU JC 802 22.95 -93.75 34.98
C LEU JC 802 22.54 -92.53 34.18
N THR JC 803 22.84 -92.53 32.88
CA THR JC 803 22.57 -91.37 32.04
C THR JC 803 21.08 -91.19 31.81
N ALA JC 804 20.38 -92.27 31.48
CA ALA JC 804 18.95 -92.17 31.21
C ALA JC 804 18.17 -91.92 32.49
N ALA JC 805 18.67 -92.42 33.63
CA ALA JC 805 18.07 -92.08 34.91
C ALA JC 805 18.25 -90.60 35.22
N THR JC 806 19.42 -90.04 34.87
CA THR JC 806 19.63 -88.61 35.03
C THR JC 806 18.89 -87.80 33.97
N GLN JC 807 18.45 -88.46 32.90
CA GLN JC 807 17.84 -87.72 31.81
C GLN JC 807 16.41 -87.33 32.12
N LEU JC 808 15.54 -88.32 32.35
CA LEU JC 808 14.11 -88.03 32.31
C LEU JC 808 13.60 -87.49 33.65
N VAL JC 809 14.47 -87.41 34.66
CA VAL JC 809 14.03 -87.01 35.99
C VAL JC 809 13.62 -85.53 35.99
N GLN JC 810 14.33 -84.69 35.25
CA GLN JC 810 13.98 -83.28 35.22
C GLN JC 810 12.71 -83.01 34.42
N ASP JC 811 12.32 -83.94 33.55
CA ASP JC 811 11.09 -83.76 32.78
C ASP JC 811 9.87 -83.79 33.69
N TRP JC 812 9.87 -84.70 34.66
CA TRP JC 812 8.82 -84.64 35.67
C TRP JC 812 9.02 -83.46 36.60
N LYS JC 813 10.27 -83.06 36.82
CA LYS JC 813 10.53 -81.82 37.55
C LYS JC 813 10.13 -80.60 36.73
N GLN JC 814 10.15 -80.71 35.42
CA GLN JC 814 9.70 -79.62 34.57
C GLN JC 814 8.18 -79.49 34.66
N VAL JC 815 7.71 -78.29 34.96
CA VAL JC 815 6.29 -77.96 34.97
C VAL JC 815 6.07 -76.84 33.96
N GLU JC 816 5.18 -77.06 33.02
CA GLU JC 816 4.94 -76.05 32.00
C GLU JC 816 4.06 -74.93 32.55
N THR JC 817 3.99 -73.84 31.80
CA THR JC 817 3.16 -72.70 32.16
C THR JC 817 2.05 -72.53 31.14
N GLN JC 818 0.82 -72.41 31.64
CA GLN JC 818 -0.36 -72.29 30.80
C GLN JC 818 -0.41 -70.93 30.11
N VAL JC 819 -1.34 -70.80 29.18
CA VAL JC 819 -1.55 -69.56 28.43
C VAL JC 819 -2.98 -69.11 28.62
N TYR JC 820 -3.24 -67.87 28.20
CA TYR JC 820 -4.59 -67.33 28.12
C TYR JC 820 -4.76 -66.72 26.74
N THR JC 821 -5.99 -66.76 26.24
CA THR JC 821 -6.32 -66.18 24.95
C THR JC 821 -7.55 -65.32 25.10
N GLU JC 822 -7.61 -64.26 24.30
CA GLU JC 822 -8.74 -63.36 24.29
C GLU JC 822 -9.45 -63.44 22.95
N GLY JC 823 -10.46 -62.59 22.79
CA GLY JC 823 -11.22 -62.53 21.56
C GLY JC 823 -12.10 -61.31 21.54
N THR JC 824 -12.81 -61.15 20.43
CA THR JC 824 -13.71 -60.01 20.26
C THR JC 824 -14.87 -60.38 19.35
N GLN KC 791 64.04 -96.28 -34.20
CA GLN KC 791 62.81 -97.00 -33.89
C GLN KC 791 62.02 -96.24 -32.85
N GLN KC 792 62.70 -95.33 -32.15
CA GLN KC 792 62.12 -94.58 -31.06
C GLN KC 792 61.78 -93.16 -31.46
N GLU KC 793 61.72 -92.88 -32.74
CA GLU KC 793 61.40 -91.56 -33.27
C GLU KC 793 59.90 -91.32 -33.41
N ILE KC 794 59.08 -92.30 -33.00
CA ILE KC 794 57.63 -92.17 -33.13
C ILE KC 794 57.09 -91.12 -32.18
N GLN KC 795 57.54 -91.16 -30.93
CA GLN KC 795 56.93 -90.37 -29.85
C GLN KC 795 57.19 -88.89 -30.04
N GLN KC 796 58.41 -88.53 -30.44
CA GLN KC 796 58.71 -87.16 -30.81
C GLN KC 796 57.96 -86.73 -32.06
N ARG KC 797 57.76 -87.64 -33.00
CA ARG KC 797 56.87 -87.36 -34.12
C ARG KC 797 55.42 -87.30 -33.65
N THR KC 798 55.08 -88.05 -32.61
CA THR KC 798 53.71 -88.04 -32.12
C THR KC 798 53.39 -86.76 -31.35
N SER KC 799 54.35 -86.27 -30.58
CA SER KC 799 54.07 -85.23 -29.59
C SER KC 799 53.70 -83.91 -30.25
N ASP KC 800 54.51 -83.45 -31.20
CA ASP KC 800 54.22 -82.20 -31.88
C ASP KC 800 53.03 -82.33 -32.81
N MET KC 801 52.80 -83.55 -33.32
CA MET KC 801 51.62 -83.80 -34.15
C MET KC 801 50.34 -83.66 -33.33
N LEU KC 802 50.38 -84.04 -32.06
CA LEU KC 802 49.19 -83.93 -31.22
C LEU KC 802 48.86 -82.49 -30.91
N THR KC 803 49.90 -81.70 -30.61
CA THR KC 803 49.71 -80.27 -30.37
C THR KC 803 49.23 -79.58 -31.64
N ALA KC 804 49.73 -80.03 -32.80
CA ALA KC 804 49.17 -79.58 -34.06
C ALA KC 804 47.74 -80.05 -34.21
N ALA KC 805 47.46 -81.29 -33.82
CA ALA KC 805 46.09 -81.81 -33.89
C ALA KC 805 45.18 -81.11 -32.90
N THR KC 806 45.71 -80.79 -31.71
CA THR KC 806 44.92 -80.09 -30.70
C THR KC 806 44.58 -78.68 -31.15
N GLN KC 807 45.46 -78.07 -31.95
CA GLN KC 807 45.19 -76.74 -32.46
C GLN KC 807 44.06 -76.77 -33.47
N LEU KC 808 44.12 -77.68 -34.45
CA LEU KC 808 43.15 -77.67 -35.53
C LEU KC 808 41.78 -78.14 -35.06
N VAL KC 809 41.75 -79.04 -34.07
CA VAL KC 809 40.47 -79.56 -33.58
C VAL KC 809 39.72 -78.48 -32.81
N GLN KC 810 40.42 -77.44 -32.34
CA GLN KC 810 39.73 -76.31 -31.78
C GLN KC 810 39.04 -75.49 -32.86
N ASP KC 811 39.68 -75.38 -34.02
CA ASP KC 811 39.19 -74.51 -35.09
C ASP KC 811 37.89 -75.04 -35.69
N TRP KC 812 37.84 -76.33 -35.98
CA TRP KC 812 36.63 -76.90 -36.52
C TRP KC 812 35.53 -77.02 -35.48
N LYS KC 813 35.89 -77.01 -34.19
CA LYS KC 813 34.87 -77.11 -33.17
C LYS KC 813 34.04 -75.84 -33.05
N GLN KC 814 34.69 -74.68 -33.05
CA GLN KC 814 33.98 -73.44 -32.84
C GLN KC 814 33.49 -72.87 -34.16
N VAL KC 815 32.35 -72.19 -34.08
CA VAL KC 815 31.77 -71.47 -35.21
C VAL KC 815 30.92 -70.35 -34.64
N GLU KC 816 31.18 -69.12 -35.09
CA GLU KC 816 30.50 -67.97 -34.54
C GLU KC 816 29.09 -67.87 -35.12
N THR KC 817 28.34 -66.88 -34.64
CA THR KC 817 26.97 -66.68 -35.06
C THR KC 817 26.93 -65.82 -36.32
N GLN KC 818 25.75 -65.37 -36.68
CA GLN KC 818 25.53 -64.48 -37.80
C GLN KC 818 25.39 -63.05 -37.29
N VAL KC 819 25.00 -62.15 -38.18
CA VAL KC 819 24.70 -60.78 -37.79
C VAL KC 819 23.59 -60.24 -38.68
N TYR KC 820 22.51 -59.78 -38.08
CA TYR KC 820 21.39 -59.22 -38.81
C TYR KC 820 21.37 -57.71 -38.64
N THR KC 821 21.32 -57.00 -39.76
CA THR KC 821 21.41 -55.55 -39.77
C THR KC 821 20.09 -54.94 -40.20
N GLU KC 822 19.81 -53.74 -39.69
CA GLU KC 822 18.65 -52.96 -40.09
C GLU KC 822 19.09 -51.53 -40.38
N GLY KC 823 18.68 -50.99 -41.52
CA GLY KC 823 19.05 -49.65 -41.89
C GLY KC 823 17.85 -48.83 -42.34
N THR KC 824 17.98 -47.52 -42.18
CA THR KC 824 16.93 -46.58 -42.54
C THR KC 824 17.51 -45.33 -43.19
N GLN LC 791 37.93 -113.64 -3.86
CA GLN LC 791 37.54 -113.37 -2.48
C GLN LC 791 38.09 -112.03 -2.02
N GLN LC 792 39.38 -111.80 -2.31
CA GLN LC 792 40.05 -110.58 -1.91
C GLN LC 792 39.62 -109.36 -2.70
N GLU LC 793 38.93 -109.56 -3.81
CA GLU LC 793 38.42 -108.48 -4.65
C GLU LC 793 36.98 -108.10 -4.33
N ILE LC 794 36.37 -108.76 -3.33
CA ILE LC 794 34.99 -108.47 -2.94
C ILE LC 794 34.87 -107.06 -2.38
N GLN LC 795 35.83 -106.68 -1.53
CA GLN LC 795 35.84 -105.36 -0.92
C GLN LC 795 36.07 -104.28 -1.96
N GLN LC 796 36.89 -104.58 -2.97
CA GLN LC 796 37.02 -103.69 -4.12
C GLN LC 796 35.71 -103.61 -4.88
N ARG LC 797 35.07 -104.76 -5.11
CA ARG LC 797 33.79 -104.77 -5.79
C ARG LC 797 32.65 -104.30 -4.91
N THR LC 798 32.86 -104.19 -3.60
CA THR LC 798 31.87 -103.56 -2.75
C THR LC 798 31.88 -102.05 -2.86
N SER LC 799 33.07 -101.47 -3.04
CA SER LC 799 33.25 -100.02 -2.91
C SER LC 799 32.59 -99.26 -4.04
N ASP LC 800 32.79 -99.71 -5.28
CA ASP LC 800 32.08 -99.12 -6.41
C ASP LC 800 30.60 -99.44 -6.35
N MET LC 801 30.25 -100.60 -5.80
CA MET LC 801 28.85 -100.89 -5.54
C MET LC 801 28.33 -100.04 -4.39
N LEU LC 802 29.21 -99.62 -3.48
CA LEU LC 802 28.77 -98.75 -2.39
C LEU LC 802 28.48 -97.34 -2.89
N THR LC 803 29.32 -96.83 -3.80
CA THR LC 803 29.29 -95.41 -4.12
C THR LC 803 28.07 -95.03 -4.92
N ALA LC 804 27.75 -95.80 -5.96
CA ALA LC 804 26.63 -95.46 -6.81
C ALA LC 804 25.31 -95.70 -6.11
N ALA LC 805 25.24 -96.73 -5.27
CA ALA LC 805 24.01 -97.03 -4.53
C ALA LC 805 23.72 -95.95 -3.50
N THR LC 806 24.76 -95.44 -2.84
CA THR LC 806 24.58 -94.32 -1.93
C THR LC 806 24.14 -93.06 -2.68
N GLN LC 807 24.66 -92.87 -3.90
CA GLN LC 807 24.14 -91.82 -4.76
C GLN LC 807 22.69 -92.12 -5.16
N LEU LC 808 22.38 -93.40 -5.39
CA LEU LC 808 21.09 -93.79 -5.94
C LEU LC 808 19.96 -93.51 -4.96
N VAL LC 809 20.21 -93.67 -3.66
CA VAL LC 809 19.16 -93.50 -2.67
C VAL LC 809 18.77 -92.03 -2.51
N GLN LC 810 19.60 -91.10 -2.96
CA GLN LC 810 19.23 -89.70 -2.92
C GLN LC 810 18.15 -89.37 -3.94
N ASP LC 811 18.17 -90.07 -5.08
CA ASP LC 811 17.35 -89.67 -6.23
C ASP LC 811 15.87 -89.88 -5.95
N TRP LC 812 15.51 -91.04 -5.40
CA TRP LC 812 14.12 -91.28 -5.04
C TRP LC 812 13.74 -90.60 -3.73
N LYS LC 813 14.70 -90.03 -3.01
CA LYS LC 813 14.37 -89.14 -1.91
C LYS LC 813 13.97 -87.76 -2.40
N GLN LC 814 14.50 -87.32 -3.54
CA GLN LC 814 14.22 -85.99 -4.07
C GLN LC 814 12.82 -85.94 -4.64
N VAL LC 815 11.95 -85.15 -4.03
CA VAL LC 815 10.61 -84.89 -4.54
C VAL LC 815 10.36 -83.40 -4.43
N GLU LC 816 10.01 -82.78 -5.55
CA GLU LC 816 9.75 -81.35 -5.53
C GLU LC 816 8.27 -81.08 -5.28
N THR LC 817 7.92 -79.80 -5.25
CA THR LC 817 6.59 -79.38 -4.85
C THR LC 817 5.74 -79.04 -6.06
N GLN LC 818 4.42 -79.10 -5.86
CA GLN LC 818 3.48 -78.65 -6.87
C GLN LC 818 3.58 -77.14 -7.03
N VAL LC 819 3.36 -76.67 -8.26
CA VAL LC 819 3.43 -75.26 -8.56
C VAL LC 819 2.15 -74.87 -9.28
N TYR LC 820 1.83 -73.58 -9.23
CA TYR LC 820 0.58 -73.08 -9.81
C TYR LC 820 0.82 -71.71 -10.43
N THR LC 821 0.22 -71.48 -11.58
CA THR LC 821 0.31 -70.22 -12.30
C THR LC 821 -1.08 -69.67 -12.53
N GLU LC 822 -1.25 -68.38 -12.26
CA GLU LC 822 -2.51 -67.69 -12.53
C GLU LC 822 -2.24 -66.44 -13.35
N GLY LC 823 -2.99 -66.25 -14.43
CA GLY LC 823 -2.84 -65.06 -15.25
C GLY LC 823 -4.16 -64.66 -15.87
N THR LC 824 -4.34 -63.35 -16.04
CA THR LC 824 -5.56 -62.83 -16.64
C THR LC 824 -5.26 -62.04 -17.91
N ALA MC 104 95.53 -58.46 -46.99
CA ALA MC 104 94.90 -58.23 -45.69
C ALA MC 104 93.46 -57.77 -45.86
N GLU MC 105 92.80 -58.32 -46.87
CA GLU MC 105 91.47 -57.84 -47.28
C GLU MC 105 90.46 -58.95 -47.52
N VAL MC 106 90.89 -60.17 -47.81
CA VAL MC 106 89.95 -61.28 -47.93
C VAL MC 106 89.33 -61.64 -46.60
N ILE MC 107 89.94 -61.23 -45.48
CA ILE MC 107 89.31 -61.32 -44.18
C ILE MC 107 88.03 -60.50 -44.16
N ASP MC 108 88.12 -59.25 -44.64
CA ASP MC 108 86.94 -58.39 -44.74
C ASP MC 108 85.94 -58.95 -45.73
N LYS MC 109 86.43 -59.51 -46.83
CA LYS MC 109 85.56 -60.10 -47.85
C LYS MC 109 84.75 -61.27 -47.29
N LYS MC 110 85.44 -62.23 -46.67
CA LYS MC 110 84.78 -63.42 -46.16
C LYS MC 110 83.88 -63.09 -44.97
N ALA MC 111 84.29 -62.14 -44.14
CA ALA MC 111 83.45 -61.70 -43.04
C ALA MC 111 82.16 -61.06 -43.54
N PHE MC 112 82.27 -60.29 -44.63
CA PHE MC 112 81.08 -59.73 -45.26
C PHE MC 112 80.18 -60.83 -45.80
N LYS MC 113 80.78 -61.87 -46.40
CA LYS MC 113 80.00 -62.98 -46.94
C LYS MC 113 79.27 -63.74 -45.83
N ASP MC 114 79.96 -64.04 -44.73
CA ASP MC 114 79.29 -64.83 -43.70
C ASP MC 114 78.30 -64.00 -42.91
N MET MC 115 78.51 -62.69 -42.78
CA MET MC 115 77.47 -61.88 -42.15
C MET MC 115 76.28 -61.73 -43.07
N THR MC 116 76.49 -61.79 -44.39
CA THR MC 116 75.36 -61.85 -45.31
C THR MC 116 74.55 -63.12 -45.11
N ARG MC 117 75.25 -64.26 -44.97
CA ARG MC 117 74.58 -65.53 -44.74
C ARG MC 117 73.85 -65.55 -43.41
N ASN MC 118 74.45 -64.98 -42.38
CA ASN MC 118 73.81 -64.96 -41.06
C ASN MC 118 72.69 -63.93 -41.00
N LEU MC 119 72.74 -62.88 -41.82
CA LEU MC 119 71.61 -61.97 -41.92
C LEU MC 119 70.43 -62.64 -42.57
N TYR MC 120 70.66 -63.31 -43.69
CA TYR MC 120 69.57 -63.99 -44.40
C TYR MC 120 69.84 -65.49 -44.48
N PRO MC 121 69.22 -66.29 -43.63
CA PRO MC 121 69.33 -67.75 -43.74
C PRO MC 121 68.32 -68.37 -44.69
N LEU MC 122 67.54 -67.55 -45.40
CA LEU MC 122 66.48 -68.02 -46.28
C LEU MC 122 66.73 -67.52 -47.69
N ASN MC 123 66.74 -68.43 -48.65
CA ASN MC 123 66.78 -68.03 -50.04
C ASN MC 123 65.43 -67.42 -50.42
N PRO MC 124 65.44 -66.44 -51.34
CA PRO MC 124 64.16 -65.94 -51.90
C PRO MC 124 63.32 -67.02 -52.57
N GLU MC 125 63.95 -67.96 -53.25
CA GLU MC 125 63.19 -69.06 -53.81
C GLU MC 125 62.68 -70.00 -52.73
N GLN MC 126 63.40 -70.09 -51.60
CA GLN MC 126 62.87 -70.82 -50.45
C GLN MC 126 61.67 -70.10 -49.85
N VAL MC 127 61.67 -68.77 -49.90
CA VAL MC 127 60.50 -67.99 -49.48
C VAL MC 127 59.32 -68.30 -50.39
N VAL MC 128 59.58 -68.37 -51.69
CA VAL MC 128 58.53 -68.72 -52.67
C VAL MC 128 57.99 -70.12 -52.41
N LYS MC 129 58.90 -71.08 -52.14
CA LYS MC 129 58.51 -72.45 -51.86
C LYS MC 129 57.69 -72.57 -50.58
N LEU MC 130 58.10 -71.86 -49.52
CA LEU MC 130 57.37 -71.95 -48.27
C LEU MC 130 56.02 -71.25 -48.37
N LYS MC 131 55.94 -70.17 -49.15
CA LYS MC 131 54.64 -69.53 -49.31
C LYS MC 131 53.70 -70.38 -50.13
N GLN MC 132 54.24 -71.07 -51.14
CA GLN MC 132 53.42 -72.00 -51.92
C GLN MC 132 52.94 -73.17 -51.07
N ILE MC 133 53.82 -73.72 -50.22
CA ILE MC 133 53.37 -74.82 -49.38
C ILE MC 133 52.45 -74.32 -48.27
N TYR MC 134 52.57 -73.04 -47.89
CA TYR MC 134 51.64 -72.46 -46.94
C TYR MC 134 50.25 -72.34 -47.53
N GLU MC 135 50.15 -71.84 -48.77
CA GLU MC 135 48.83 -71.74 -49.39
C GLU MC 135 48.29 -73.11 -49.75
N THR MC 136 49.19 -74.09 -49.96
CA THR MC 136 48.78 -75.47 -50.12
C THR MC 136 48.11 -75.99 -48.86
N SER MC 137 48.74 -75.74 -47.70
CA SER MC 137 48.13 -76.11 -46.43
C SER MC 137 46.86 -75.32 -46.16
N GLU MC 138 46.80 -74.08 -46.65
CA GLU MC 138 45.60 -73.27 -46.51
C GLU MC 138 44.42 -73.89 -47.25
N TYR MC 139 44.65 -74.31 -48.49
CA TYR MC 139 43.59 -74.97 -49.24
C TYR MC 139 43.26 -76.34 -48.67
N ALA MC 140 44.27 -77.03 -48.15
CA ALA MC 140 44.05 -78.33 -47.52
C ALA MC 140 43.18 -78.21 -46.28
N LYS MC 141 43.40 -77.17 -45.49
CA LYS MC 141 42.51 -76.89 -44.38
C LYS MC 141 41.12 -76.50 -44.87
N ALA MC 142 41.05 -75.54 -45.79
CA ALA MC 142 39.79 -74.93 -46.18
C ALA MC 142 38.93 -75.82 -47.07
N ALA MC 143 39.46 -76.97 -47.50
CA ALA MC 143 38.63 -77.94 -48.18
C ALA MC 143 37.58 -78.51 -47.23
N THR MC 144 36.44 -78.89 -47.79
CA THR MC 144 35.33 -79.42 -47.02
C THR MC 144 35.19 -80.92 -47.26
N PRO MC 145 34.86 -81.69 -46.24
CA PRO MC 145 34.68 -83.13 -46.43
C PRO MC 145 33.37 -83.44 -47.14
N GLY MC 146 33.34 -84.62 -47.75
CA GLY MC 146 32.16 -85.11 -48.42
C GLY MC 146 31.85 -84.31 -49.68
N THR MC 147 30.56 -84.23 -49.97
CA THR MC 147 30.13 -83.36 -51.06
C THR MC 147 29.29 -82.22 -50.53
N PRO MC 148 29.46 -81.01 -51.08
CA PRO MC 148 28.65 -79.89 -50.63
C PRO MC 148 27.21 -80.05 -51.07
N PRO MC 149 26.26 -79.57 -50.28
CA PRO MC 149 24.86 -79.64 -50.69
C PRO MC 149 24.54 -78.69 -51.83
N LYS MC 150 23.55 -79.07 -52.62
CA LYS MC 150 23.13 -78.23 -53.74
C LYS MC 150 22.25 -77.09 -53.23
N PRO MC 151 22.54 -75.84 -53.63
CA PRO MC 151 21.65 -74.73 -53.27
C PRO MC 151 20.28 -74.82 -53.93
N THR MC 152 19.25 -75.05 -53.13
CA THR MC 152 17.90 -75.31 -53.62
C THR MC 152 16.91 -74.31 -53.05
N ALA MC 153 16.00 -73.85 -53.89
CA ALA MC 153 14.82 -73.11 -53.47
C ALA MC 153 13.60 -73.99 -53.68
N THR MC 154 12.61 -73.85 -52.79
CA THR MC 154 11.42 -74.69 -52.87
C THR MC 154 10.23 -73.95 -52.28
N SER MC 155 9.05 -74.20 -52.88
CA SER MC 155 7.80 -73.60 -52.44
C SER MC 155 6.78 -74.72 -52.25
N GLN MC 156 6.39 -74.98 -51.01
CA GLN MC 156 5.50 -76.09 -50.71
C GLN MC 156 4.27 -75.61 -49.97
N PHE MC 157 3.16 -76.28 -50.25
CA PHE MC 157 1.93 -76.02 -49.52
C PHE MC 157 2.00 -76.68 -48.15
N VAL MC 158 1.44 -75.99 -47.16
CA VAL MC 158 1.33 -76.52 -45.80
C VAL MC 158 -0.10 -77.01 -45.62
N ASN MC 159 -0.26 -78.31 -45.45
CA ASN MC 159 -1.58 -78.88 -45.22
C ASN MC 159 -1.86 -78.90 -43.72
N LEU MC 160 -2.93 -78.21 -43.32
CA LEU MC 160 -3.34 -78.12 -41.93
C LEU MC 160 -4.42 -79.13 -41.56
N SER MC 161 -4.44 -80.27 -42.22
CA SER MC 161 -5.31 -81.37 -41.82
C SER MC 161 -4.81 -81.94 -40.49
N PRO MC 162 -5.73 -82.47 -39.66
CA PRO MC 162 -5.30 -83.05 -38.38
C PRO MC 162 -4.38 -84.26 -38.51
N GLY MC 163 -4.53 -85.05 -39.56
CA GLY MC 163 -3.62 -86.16 -39.81
C GLY MC 163 -2.51 -85.87 -40.80
N SER MC 164 -2.34 -84.62 -41.21
CA SER MC 164 -1.36 -84.29 -42.23
C SER MC 164 0.06 -84.37 -41.71
N THR MC 165 0.97 -84.74 -42.60
CA THR MC 165 2.38 -84.88 -42.25
C THR MC 165 3.02 -83.50 -42.14
N PRO MC 166 3.71 -83.20 -41.03
CA PRO MC 166 4.27 -81.85 -40.87
C PRO MC 166 5.45 -81.63 -41.79
N PRO MC 167 5.72 -80.38 -42.17
CA PRO MC 167 6.83 -80.10 -43.09
C PRO MC 167 8.20 -80.25 -42.44
N VAL MC 168 9.19 -80.54 -43.29
CA VAL MC 168 10.58 -80.70 -42.90
C VAL MC 168 11.43 -79.74 -43.72
N ILE MC 169 12.54 -79.29 -43.12
CA ILE MC 169 13.46 -78.36 -43.76
C ILE MC 169 14.89 -78.89 -43.65
N ARG MC 170 15.55 -79.05 -44.79
CA ARG MC 170 16.98 -79.38 -44.79
C ARG MC 170 17.79 -78.12 -44.49
N LEU MC 171 18.83 -78.28 -43.66
CA LEU MC 171 19.58 -77.15 -43.14
C LEU MC 171 21.06 -77.29 -43.45
N SER MC 172 21.72 -76.14 -43.53
CA SER MC 172 23.17 -76.04 -43.61
C SER MC 172 23.69 -75.26 -42.43
N GLN MC 173 24.73 -75.77 -41.79
CA GLN MC 173 25.31 -75.13 -40.62
C GLN MC 173 26.05 -73.86 -41.02
N GLY MC 174 25.78 -72.78 -40.29
CA GLY MC 174 26.41 -71.51 -40.58
C GLY MC 174 25.88 -70.80 -41.79
N PHE MC 175 24.76 -71.26 -42.35
CA PHE MC 175 24.23 -70.70 -43.57
C PHE MC 175 22.77 -70.31 -43.35
N VAL MC 176 22.36 -69.27 -44.05
CA VAL MC 176 21.06 -68.66 -43.82
C VAL MC 176 19.99 -69.51 -44.48
N SER MC 177 18.95 -69.82 -43.71
CA SER MC 177 17.75 -70.46 -44.22
C SER MC 177 16.64 -69.42 -44.21
N SER MC 178 15.98 -69.26 -45.35
CA SER MC 178 14.98 -68.24 -45.58
C SER MC 178 13.60 -68.89 -45.53
N LEU MC 179 12.93 -68.76 -44.39
CA LEU MC 179 11.59 -69.28 -44.20
C LEU MC 179 10.61 -68.14 -44.40
N VAL MC 180 9.72 -68.28 -45.40
CA VAL MC 180 8.71 -67.26 -45.61
C VAL MC 180 7.35 -67.92 -45.58
N PHE MC 181 6.33 -67.13 -45.26
CA PHE MC 181 4.96 -67.60 -45.12
C PHE MC 181 4.05 -66.85 -46.09
N LEU MC 182 3.20 -67.60 -46.77
CA LEU MC 182 2.35 -67.05 -47.81
C LEU MC 182 0.94 -67.60 -47.66
N ASP MC 183 -0.06 -66.77 -47.98
CA ASP MC 183 -1.44 -67.17 -47.94
C ASP MC 183 -1.95 -67.53 -49.33
N SER MC 184 -3.27 -67.73 -49.42
CA SER MC 184 -3.88 -68.23 -50.65
C SER MC 184 -3.86 -67.21 -51.77
N THR MC 185 -3.95 -65.92 -51.44
CA THR MC 185 -3.84 -64.89 -52.45
C THR MC 185 -2.42 -64.61 -52.87
N GLY MC 186 -1.43 -65.16 -52.17
CA GLY MC 186 -0.06 -64.78 -52.39
C GLY MC 186 0.38 -63.57 -51.60
N ALA MC 187 -0.47 -63.05 -50.72
CA ALA MC 187 -0.06 -61.97 -49.85
C ALA MC 187 0.86 -62.50 -48.76
N PRO MC 188 1.71 -61.65 -48.18
CA PRO MC 188 2.47 -62.08 -47.01
C PRO MC 188 1.57 -62.17 -45.79
N TRP MC 189 1.68 -63.28 -45.07
CA TRP MC 189 1.02 -63.42 -43.79
C TRP MC 189 2.03 -63.06 -42.71
N PRO MC 190 1.78 -62.02 -41.91
CA PRO MC 190 2.73 -61.64 -40.87
C PRO MC 190 2.80 -62.67 -39.76
N ILE MC 191 3.98 -62.79 -39.18
CA ILE MC 191 4.21 -63.73 -38.10
C ILE MC 191 3.96 -63.03 -36.78
N ALA MC 192 3.16 -63.66 -35.92
CA ALA MC 192 2.83 -63.07 -34.63
C ALA MC 192 3.83 -63.48 -33.55
N ALA MC 193 3.95 -64.77 -33.28
CA ALA MC 193 4.82 -65.20 -32.19
C ALA MC 193 5.39 -66.57 -32.51
N TYR MC 194 6.48 -66.92 -31.85
CA TYR MC 194 7.05 -68.24 -32.11
C TYR MC 194 7.71 -68.80 -30.85
N ASP MC 195 8.04 -70.09 -30.94
CA ASP MC 195 8.66 -70.82 -29.84
C ASP MC 195 9.62 -71.86 -30.41
N LEU MC 196 10.73 -72.03 -29.69
CA LEU MC 196 11.83 -72.88 -30.15
C LEU MC 196 12.43 -73.63 -28.98
N GLY MC 197 12.51 -74.95 -29.11
CA GLY MC 197 13.29 -75.74 -28.18
C GLY MC 197 14.73 -75.84 -28.67
N ASP MC 198 15.65 -76.01 -27.71
CA ASP MC 198 17.10 -75.98 -27.88
C ASP MC 198 17.55 -74.73 -28.63
N PRO MC 199 17.56 -73.57 -27.96
CA PRO MC 199 17.92 -72.33 -28.66
C PRO MC 199 19.38 -72.23 -29.04
N SER MC 200 20.25 -73.07 -28.47
CA SER MC 200 21.66 -72.98 -28.81
C SER MC 200 21.93 -73.46 -30.23
N SER MC 201 21.16 -74.41 -30.71
CA SER MC 201 21.42 -74.97 -32.03
C SER MC 201 21.01 -74.04 -33.16
N PHE MC 202 20.14 -73.07 -32.92
CA PHE MC 202 19.60 -72.24 -33.98
C PHE MC 202 19.50 -70.80 -33.52
N ASN MC 203 20.06 -69.88 -34.30
CA ASN MC 203 19.88 -68.46 -34.06
C ASN MC 203 18.78 -67.95 -34.99
N ILE MC 204 17.75 -67.34 -34.41
CA ILE MC 204 16.60 -66.88 -35.16
C ILE MC 204 16.54 -65.36 -35.03
N GLN MC 205 17.08 -64.66 -36.02
CA GLN MC 205 16.83 -63.24 -36.13
C GLN MC 205 15.43 -63.01 -36.65
N TRP MC 206 14.68 -62.12 -36.01
CA TRP MC 206 13.30 -61.89 -36.44
C TRP MC 206 12.90 -60.46 -36.08
N ASP MC 207 12.61 -59.66 -37.10
CA ASP MC 207 11.95 -58.39 -36.84
C ASP MC 207 10.52 -58.66 -36.40
N LYS MC 208 10.11 -58.03 -35.31
CA LYS MC 208 8.92 -58.44 -34.57
C LYS MC 208 7.62 -58.19 -35.31
N THR MC 209 7.66 -57.42 -36.40
CA THR MC 209 6.48 -57.20 -37.24
C THR MC 209 6.66 -57.76 -38.64
N SER MC 210 7.69 -58.56 -38.87
CA SER MC 210 7.99 -59.05 -40.20
C SER MC 210 7.23 -60.35 -40.47
N ASN MC 211 7.60 -61.03 -41.55
CA ASN MC 211 7.00 -62.31 -41.91
C ASN MC 211 8.02 -63.34 -42.37
N THR MC 212 9.31 -63.04 -42.30
CA THR MC 212 10.36 -63.95 -42.73
C THR MC 212 11.25 -64.33 -41.55
N LEU MC 213 11.86 -65.49 -41.64
CA LEU MC 213 12.82 -65.97 -40.66
C LEU MC 213 14.12 -66.33 -41.36
N MET MC 214 15.22 -65.75 -40.89
CA MET MC 214 16.55 -65.97 -41.44
C MET MC 214 17.34 -66.70 -40.37
N ILE MC 215 17.35 -68.03 -40.44
CA ILE MC 215 17.82 -68.87 -39.35
C ILE MC 215 19.03 -69.67 -39.82
N GLN MC 216 20.06 -69.71 -38.98
CA GLN MC 216 21.19 -70.60 -39.22
C GLN MC 216 21.23 -71.65 -38.12
N ALA MC 217 21.78 -72.81 -38.45
CA ALA MC 217 21.89 -73.91 -37.51
C ALA MC 217 23.32 -73.98 -36.98
N THR MC 218 23.44 -74.22 -35.68
CA THR MC 218 24.75 -74.22 -35.04
C THR MC 218 25.43 -75.59 -35.10
N LYS MC 219 24.70 -76.64 -34.79
CA LYS MC 219 25.27 -77.97 -34.73
C LYS MC 219 25.27 -78.60 -36.13
N LEU MC 220 25.67 -79.86 -36.21
CA LEU MC 220 25.86 -80.51 -37.50
C LEU MC 220 24.81 -81.58 -37.79
N TYR MC 221 24.48 -82.41 -36.82
CA TYR MC 221 23.52 -83.49 -37.01
C TYR MC 221 22.55 -83.56 -35.85
N ASN MC 222 21.97 -82.41 -35.51
CA ASN MC 222 20.98 -82.35 -34.44
C ASN MC 222 19.71 -81.74 -35.03
N TYR MC 223 18.73 -82.59 -35.30
CA TYR MC 223 17.45 -82.15 -35.78
C TYR MC 223 16.67 -81.45 -34.68
N GLY MC 224 15.76 -80.57 -35.09
CA GLY MC 224 14.95 -79.81 -34.16
C GLY MC 224 13.56 -79.58 -34.72
N ASN MC 225 12.71 -78.98 -33.89
CA ASN MC 225 11.36 -78.63 -34.26
C ASN MC 225 11.20 -77.11 -34.16
N LEU MC 226 9.99 -76.64 -34.47
CA LEU MC 226 9.69 -75.21 -34.43
C LEU MC 226 8.19 -75.01 -34.34
N ALA MC 227 7.76 -74.05 -33.52
CA ALA MC 227 6.34 -73.72 -33.44
C ALA MC 227 6.15 -72.24 -33.74
N VAL MC 228 5.12 -71.92 -34.52
CA VAL MC 228 4.79 -70.55 -34.87
C VAL MC 228 3.29 -70.36 -34.77
N ARG MC 229 2.86 -69.31 -34.07
CA ARG MC 229 1.46 -68.92 -34.03
C ARG MC 229 1.31 -67.61 -34.79
N LEU MC 230 0.30 -67.55 -35.65
CA LEU MC 230 0.07 -66.41 -36.53
C LEU MC 230 -0.95 -65.45 -35.94
N ARG MC 231 -1.13 -64.34 -36.65
CA ARG MC 231 -1.99 -63.26 -36.18
C ARG MC 231 -3.46 -63.65 -36.27
N GLY MC 232 -3.87 -64.29 -37.36
CA GLY MC 232 -5.27 -64.59 -37.56
C GLY MC 232 -5.69 -66.02 -37.24
N LEU MC 233 -4.74 -66.89 -36.93
CA LEU MC 233 -5.01 -68.30 -36.77
C LEU MC 233 -4.90 -68.71 -35.31
N ASN MC 234 -5.94 -69.39 -34.82
CA ASN MC 234 -5.87 -70.01 -33.50
C ASN MC 234 -5.12 -71.34 -33.54
N THR MC 235 -4.92 -71.89 -34.72
CA THR MC 235 -4.23 -73.17 -34.86
C THR MC 235 -2.73 -72.95 -34.98
N PRO MC 236 -1.92 -73.61 -34.15
CA PRO MC 236 -0.47 -73.46 -34.28
C PRO MC 236 0.05 -74.16 -35.52
N VAL MC 237 1.20 -73.69 -36.00
CA VAL MC 237 1.88 -74.31 -37.13
C VAL MC 237 3.19 -74.88 -36.61
N MET MC 238 3.37 -76.17 -36.81
CA MET MC 238 4.55 -76.88 -36.32
C MET MC 238 5.35 -77.36 -37.52
N LEU MC 239 6.66 -77.21 -37.45
CA LEU MC 239 7.56 -77.68 -38.49
C LEU MC 239 8.74 -78.36 -37.84
N THR MC 240 9.52 -79.09 -38.64
CA THR MC 240 10.75 -79.66 -38.14
C THR MC 240 11.84 -79.50 -39.18
N LEU MC 241 13.08 -79.51 -38.70
CA LEU MC 241 14.22 -79.25 -39.56
C LEU MC 241 15.38 -80.15 -39.17
N ILE MC 242 16.14 -80.56 -40.18
CA ILE MC 242 17.26 -81.48 -40.02
C ILE MC 242 18.48 -80.88 -40.69
N PRO MC 243 19.61 -80.77 -40.00
CA PRO MC 243 20.83 -80.28 -40.65
C PRO MC 243 21.59 -81.38 -41.37
N GLY MC 244 22.49 -80.96 -42.26
CA GLY MC 244 23.42 -81.87 -42.89
C GLY MC 244 22.83 -82.78 -43.96
N GLN MC 245 22.43 -82.21 -45.09
CA GLN MC 245 21.87 -82.98 -46.19
C GLN MC 245 22.66 -82.69 -47.48
N LYS MC 246 22.25 -83.34 -48.56
CA LYS MC 246 22.89 -83.18 -49.85
C LYS MC 246 22.30 -82.04 -50.67
N ALA MC 247 21.36 -81.29 -50.09
CA ALA MC 247 20.77 -80.13 -50.77
C ALA MC 247 20.27 -79.16 -49.72
N VAL MC 248 20.80 -77.95 -49.74
CA VAL MC 248 20.46 -76.94 -48.74
C VAL MC 248 19.27 -76.13 -49.23
N ASP MC 249 18.22 -76.07 -48.40
CA ASP MC 249 17.02 -75.30 -48.72
C ASP MC 249 17.34 -73.83 -48.56
N TYR MC 250 17.72 -73.18 -49.66
CA TYR MC 250 17.99 -71.75 -49.60
C TYR MC 250 16.72 -70.94 -49.45
N ARG MC 251 15.56 -71.51 -49.78
CA ARG MC 251 14.30 -70.82 -49.61
C ARG MC 251 13.20 -71.84 -49.38
N VAL MC 252 12.43 -71.66 -48.32
CA VAL MC 252 11.24 -72.45 -48.05
C VAL MC 252 10.06 -71.51 -48.04
N ASP MC 253 9.23 -71.60 -49.08
CA ASP MC 253 8.02 -70.79 -49.20
C ASP MC 253 6.83 -71.62 -48.72
N LEU MC 254 6.36 -71.31 -47.52
CA LEU MC 254 5.31 -72.10 -46.88
C LEU MC 254 3.96 -71.53 -47.28
N ARG MC 255 3.28 -72.23 -48.16
CA ARG MC 255 1.97 -71.83 -48.64
C ARG MC 255 0.89 -72.41 -47.73
N VAL MC 256 0.00 -71.56 -47.24
CA VAL MC 256 -1.00 -71.98 -46.29
C VAL MC 256 -2.36 -72.02 -46.98
N GLN MC 257 -3.31 -72.69 -46.31
CA GLN MC 257 -4.62 -72.90 -46.90
C GLN MC 257 -5.51 -71.66 -46.79
N GLY MC 258 -5.55 -71.04 -45.61
CA GLY MC 258 -6.48 -69.97 -45.38
C GLY MC 258 -6.06 -68.66 -46.01
N TYR MC 259 -7.05 -67.79 -46.20
CA TYR MC 259 -6.80 -66.43 -46.67
C TYR MC 259 -6.08 -65.64 -45.59
N GLY MC 260 -5.15 -64.79 -46.01
CA GLY MC 260 -4.38 -63.98 -45.10
C GLY MC 260 -5.14 -62.76 -44.64
N PRO MC 261 -4.57 -62.08 -43.64
CA PRO MC 261 -5.17 -60.81 -43.21
C PRO MC 261 -4.97 -59.69 -44.21
N ASN MC 262 -3.94 -59.77 -45.04
CA ASN MC 262 -3.70 -58.80 -46.09
C ASN MC 262 -4.23 -59.29 -47.44
N ALA MC 263 -5.10 -60.29 -47.44
CA ALA MC 263 -5.70 -60.81 -48.67
C ALA MC 263 -6.83 -59.87 -49.09
N LYS MC 264 -6.44 -58.71 -49.62
CA LYS MC 264 -7.42 -57.72 -50.04
C LYS MC 264 -8.05 -58.06 -51.38
N SER MC 265 -7.30 -58.70 -52.28
CA SER MC 265 -7.78 -58.99 -53.62
C SER MC 265 -8.15 -60.47 -53.69
N MET MC 266 -9.43 -60.74 -53.56
CA MET MC 266 -9.89 -62.12 -53.64
C MET MC 266 -10.20 -62.50 -55.08
N PRO MC 267 -9.98 -63.75 -55.45
CA PRO MC 267 -10.41 -64.21 -56.78
C PRO MC 267 -11.93 -64.26 -56.86
N THR MC 268 -12.44 -64.09 -58.07
CA THR MC 268 -13.87 -63.99 -58.34
C THR MC 268 -14.46 -65.35 -58.69
N GLU MC 269 -15.76 -65.50 -58.43
CA GLU MC 269 -16.49 -66.72 -58.69
C GLU MC 269 -17.61 -66.46 -59.68
N GLU MC 270 -17.81 -67.39 -60.61
CA GLU MC 270 -18.95 -67.33 -61.52
C GLU MC 270 -19.78 -68.58 -61.33
N GLY MC 271 -21.08 -68.40 -61.08
CA GLY MC 271 -21.96 -69.50 -60.79
C GLY MC 271 -23.28 -69.43 -61.52
N ILE MC 272 -24.27 -70.14 -60.99
CA ILE MC 272 -25.57 -70.26 -61.65
C ILE MC 272 -26.35 -68.96 -61.44
N PRO MC 273 -26.91 -68.37 -62.49
CA PRO MC 273 -27.84 -67.25 -62.31
C PRO MC 273 -29.12 -67.70 -61.65
N PRO MC 274 -29.82 -66.80 -60.95
CA PRO MC 274 -31.05 -67.20 -60.26
C PRO MC 274 -32.18 -67.52 -61.22
N SER MC 275 -33.14 -68.28 -60.70
CA SER MC 275 -34.17 -68.88 -61.55
C SER MC 275 -35.18 -67.85 -62.05
N ALA MC 276 -35.93 -67.25 -61.14
CA ALA MC 276 -36.90 -66.20 -61.45
C ALA MC 276 -37.28 -65.53 -60.15
N ASN MC 277 -37.92 -64.39 -60.26
CA ASN MC 277 -38.53 -63.77 -59.08
C ASN MC 277 -39.85 -64.48 -58.82
N ASP MC 278 -39.96 -65.09 -57.64
CA ASP MC 278 -41.17 -65.84 -57.30
C ASP MC 278 -42.36 -64.94 -57.02
N LEU MC 279 -42.15 -63.63 -56.89
CA LEU MC 279 -43.26 -62.71 -56.81
C LEU MC 279 -44.04 -62.65 -58.12
N LEU MC 280 -43.40 -63.01 -59.23
CA LEU MC 280 -44.09 -63.07 -60.51
C LEU MC 280 -45.17 -64.13 -60.51
N LEU MC 281 -45.03 -65.18 -59.70
CA LEU MC 281 -46.09 -66.17 -59.55
C LEU MC 281 -47.33 -65.54 -58.94
N HIS MC 282 -47.13 -64.70 -57.93
CA HIS MC 282 -48.24 -63.97 -57.32
C HIS MC 282 -48.86 -63.02 -58.33
N VAL MC 283 -48.01 -62.38 -59.15
CA VAL MC 283 -48.49 -61.52 -60.22
C VAL MC 283 -49.33 -62.31 -61.21
N LEU MC 284 -48.91 -63.53 -61.50
CA LEU MC 284 -49.62 -64.38 -62.45
C LEU MC 284 -50.99 -64.77 -61.93
N GLU MC 285 -51.06 -65.20 -60.68
CA GLU MC 285 -52.35 -65.64 -60.16
C GLU MC 285 -53.27 -64.47 -59.86
N GLY MC 286 -52.74 -63.30 -59.55
CA GLY MC 286 -53.62 -62.17 -59.36
C GLY MC 286 -53.42 -61.35 -58.09
N VAL MC 287 -52.71 -61.90 -57.12
CA VAL MC 287 -52.46 -61.17 -55.88
C VAL MC 287 -51.30 -60.19 -56.12
N PRO MC 288 -51.48 -58.91 -55.83
CA PRO MC 288 -50.39 -57.97 -56.02
C PRO MC 288 -49.31 -58.19 -54.99
N PRO MC 289 -48.06 -57.84 -55.30
CA PRO MC 289 -46.99 -58.02 -54.34
C PRO MC 289 -47.13 -57.05 -53.19
N PRO MC 290 -46.66 -57.42 -52.00
CA PRO MC 290 -46.78 -56.52 -50.85
C PRO MC 290 -45.90 -55.30 -51.01
N GLY MC 291 -46.35 -54.19 -50.46
CA GLY MC 291 -45.64 -52.93 -50.52
C GLY MC 291 -45.76 -52.21 -51.83
N SER MC 292 -46.46 -52.77 -52.81
CA SER MC 292 -46.56 -52.14 -54.11
C SER MC 292 -47.73 -51.17 -54.13
N ARG MC 293 -47.95 -50.56 -55.29
CA ARG MC 293 -49.07 -49.67 -55.48
C ARG MC 293 -49.64 -49.89 -56.87
N ARG MC 294 -50.88 -49.47 -57.04
CA ARG MC 294 -51.60 -49.75 -58.27
C ARG MC 294 -51.12 -48.86 -59.41
N LEU MC 295 -51.58 -49.20 -60.61
CA LEU MC 295 -51.28 -48.45 -61.82
C LEU MC 295 -52.55 -48.34 -62.64
N VAL MC 296 -52.63 -47.29 -63.45
CA VAL MC 296 -53.79 -47.02 -64.27
C VAL MC 296 -53.43 -47.31 -65.71
N VAL MC 297 -54.05 -48.33 -66.29
CA VAL MC 297 -53.72 -48.83 -67.62
C VAL MC 297 -54.96 -48.69 -68.48
N SER MC 298 -54.79 -48.17 -69.69
CA SER MC 298 -55.90 -47.97 -70.60
C SER MC 298 -55.59 -48.61 -71.95
N GLY MC 299 -56.64 -48.76 -72.74
CA GLY MC 299 -56.51 -49.13 -74.12
C GLY MC 299 -56.61 -50.61 -74.41
N GLY MC 300 -56.40 -51.45 -73.40
CA GLY MC 300 -56.47 -52.88 -73.61
C GLY MC 300 -57.16 -53.58 -72.46
N ASP MC 301 -56.54 -54.65 -71.96
CA ASP MC 301 -57.01 -55.32 -70.75
C ASP MC 301 -55.79 -55.92 -70.07
N ALA MC 302 -55.29 -55.22 -69.06
CA ALA MC 302 -54.12 -55.69 -68.34
C ALA MC 302 -54.12 -55.08 -66.96
N ARG MC 303 -53.36 -55.69 -66.08
CA ARG MC 303 -53.18 -55.18 -64.73
C ARG MC 303 -51.70 -54.95 -64.48
N ALA MC 304 -51.39 -53.95 -63.67
CA ALA MC 304 -50.00 -53.54 -63.55
C ALA MC 304 -49.74 -53.02 -62.15
N TRP MC 305 -48.49 -53.18 -61.70
CA TRP MC 305 -48.09 -52.69 -60.39
C TRP MC 305 -46.65 -52.20 -60.46
N LEU MC 306 -46.31 -51.34 -59.51
CA LEU MC 306 -44.94 -50.89 -59.32
C LEU MC 306 -44.54 -51.20 -57.89
N SER MC 307 -43.46 -51.97 -57.72
CA SER MC 307 -43.04 -52.41 -56.40
C SER MC 307 -41.68 -51.87 -56.01
N ASN MC 308 -40.63 -52.15 -56.78
CA ASN MC 308 -39.27 -51.79 -56.42
C ASN MC 308 -38.59 -51.10 -57.59
N GLU MC 309 -39.31 -50.13 -58.17
CA GLU MC 309 -38.94 -49.41 -59.39
C GLU MC 309 -38.78 -50.38 -60.56
N LYS MC 310 -39.55 -51.46 -60.53
CA LYS MC 310 -39.55 -52.48 -61.56
C LYS MC 310 -41.00 -52.85 -61.80
N MET MC 311 -41.50 -52.60 -63.00
CA MET MC 311 -42.93 -52.76 -63.21
C MET MC 311 -43.29 -54.21 -63.43
N TYR MC 312 -44.44 -54.60 -62.90
CA TYR MC 312 -45.00 -55.93 -63.07
C TYR MC 312 -46.28 -55.81 -63.87
N VAL MC 313 -46.47 -56.69 -64.84
CA VAL MC 313 -47.62 -56.59 -65.72
C VAL MC 313 -48.20 -57.97 -65.97
N ARG MC 314 -49.52 -58.09 -65.87
CA ARG MC 314 -50.25 -59.29 -66.20
C ARG MC 314 -51.23 -58.99 -67.32
N THR MC 315 -51.25 -59.85 -68.33
CA THR MC 315 -52.25 -59.77 -69.38
C THR MC 315 -52.42 -61.16 -69.98
N ASN MC 316 -53.02 -61.23 -71.15
CA ASN MC 316 -53.02 -62.43 -71.98
C ASN MC 316 -52.61 -62.07 -73.40
N LEU MC 317 -51.85 -61.00 -73.55
CA LEU MC 317 -51.40 -60.51 -74.83
C LEU MC 317 -49.93 -60.87 -75.03
N THR MC 318 -49.33 -60.34 -76.09
CA THR MC 318 -47.91 -60.56 -76.34
C THR MC 318 -47.25 -59.20 -76.54
N ILE MC 319 -46.23 -58.94 -75.76
CA ILE MC 319 -45.64 -57.61 -75.71
C ILE MC 319 -44.41 -57.55 -76.57
N LEU MC 320 -44.10 -56.36 -77.07
CA LEU MC 320 -43.09 -56.19 -78.10
C LEU MC 320 -41.94 -55.28 -77.70
N SER MC 321 -42.22 -54.05 -77.27
CA SER MC 321 -41.22 -52.99 -77.37
C SER MC 321 -40.07 -53.10 -76.39
N PRO MC 322 -40.26 -52.97 -75.07
CA PRO MC 322 -39.13 -52.56 -74.24
C PRO MC 322 -38.22 -53.70 -73.77
N GLY MC 323 -38.52 -54.95 -74.09
CA GLY MC 323 -37.81 -56.03 -73.48
C GLY MC 323 -38.36 -56.35 -72.10
N TRP MC 324 -37.98 -57.52 -71.59
CA TRP MC 324 -38.48 -57.95 -70.30
C TRP MC 324 -37.48 -58.89 -69.67
N LEU MC 325 -37.12 -58.59 -68.43
CA LEU MC 325 -36.15 -59.41 -67.73
C LEU MC 325 -36.75 -60.75 -67.33
N ALA MC 326 -38.04 -60.77 -67.00
CA ALA MC 326 -38.60 -62.03 -66.54
C ALA MC 326 -39.98 -62.24 -67.12
N SER MC 327 -40.30 -63.50 -67.39
CA SER MC 327 -41.61 -63.83 -67.92
C SER MC 327 -42.04 -65.21 -67.47
N MET MC 328 -43.32 -65.36 -67.22
CA MET MC 328 -43.90 -66.67 -67.01
C MET MC 328 -45.33 -66.65 -67.50
N THR MC 329 -45.87 -67.85 -67.69
CA THR MC 329 -47.16 -68.03 -68.31
C THR MC 329 -47.92 -69.10 -67.55
N SER MC 330 -49.22 -68.89 -67.39
CA SER MC 330 -50.04 -69.84 -66.67
C SER MC 330 -50.34 -71.04 -67.55
N ALA MC 331 -51.13 -71.97 -67.01
CA ALA MC 331 -51.63 -73.06 -67.83
C ALA MC 331 -52.76 -72.63 -68.75
N ASP MC 332 -53.32 -71.43 -68.54
CA ASP MC 332 -54.41 -70.94 -69.36
C ASP MC 332 -53.97 -69.93 -70.40
N GLY MC 333 -52.67 -69.77 -70.59
CA GLY MC 333 -52.16 -68.88 -71.62
C GLY MC 333 -51.98 -67.44 -71.19
N THR MC 334 -52.34 -67.10 -69.95
CA THR MC 334 -52.17 -65.73 -69.49
C THR MC 334 -50.72 -65.48 -69.12
N HIS MC 335 -50.21 -64.34 -69.56
CA HIS MC 335 -48.80 -63.99 -69.45
C HIS MC 335 -48.58 -62.99 -68.34
N ALA MC 336 -47.41 -63.10 -67.70
CA ALA MC 336 -46.99 -62.15 -66.68
C ALA MC 336 -45.51 -61.86 -66.84
N TYR MC 337 -45.15 -60.59 -66.67
CA TYR MC 337 -43.82 -60.13 -66.98
C TYR MC 337 -43.30 -59.19 -65.91
N GLU MC 338 -42.01 -59.32 -65.62
CA GLU MC 338 -41.25 -58.32 -64.91
C GLU MC 338 -40.42 -57.54 -65.92
N MET MC 339 -40.71 -56.24 -66.03
CA MET MC 339 -40.06 -55.36 -66.97
C MET MC 339 -39.51 -54.14 -66.26
N GLN MC 340 -38.60 -53.45 -66.95
CA GLN MC 340 -38.21 -52.12 -66.57
C GLN MC 340 -39.36 -51.15 -66.86
N LYS MC 341 -39.40 -50.04 -66.14
CA LYS MC 341 -40.56 -49.16 -66.17
C LYS MC 341 -40.68 -48.42 -67.49
N SER MC 342 -41.90 -48.01 -67.80
CA SER MC 342 -42.22 -47.49 -69.12
C SER MC 342 -43.51 -46.70 -69.04
N PRO MC 343 -43.68 -45.69 -69.86
CA PRO MC 343 -44.99 -45.04 -69.95
C PRO MC 343 -45.88 -45.68 -70.99
N VAL MC 344 -45.30 -46.41 -71.93
CA VAL MC 344 -46.04 -46.90 -73.08
C VAL MC 344 -45.72 -48.36 -73.30
N LEU MC 345 -46.57 -49.03 -74.06
CA LEU MC 345 -46.38 -50.45 -74.30
C LEU MC 345 -46.87 -50.81 -75.70
N LEU MC 346 -46.27 -51.85 -76.27
CA LEU MC 346 -46.55 -52.29 -77.62
C LEU MC 346 -46.97 -53.75 -77.61
N VAL MC 347 -48.08 -54.06 -78.29
CA VAL MC 347 -48.62 -55.42 -78.28
C VAL MC 347 -49.15 -55.80 -79.65
N SER MC 348 -49.34 -57.10 -79.84
CA SER MC 348 -49.98 -57.67 -81.01
C SER MC 348 -51.23 -58.41 -80.57
N TRP MC 349 -52.37 -58.09 -81.19
CA TRP MC 349 -53.61 -58.60 -80.67
C TRP MC 349 -54.06 -59.87 -81.38
N HIS MC 350 -54.46 -59.75 -82.65
CA HIS MC 350 -54.81 -60.91 -83.44
C HIS MC 350 -54.24 -60.74 -84.84
N GLY MC 351 -53.04 -60.23 -84.93
CA GLY MC 351 -52.53 -59.76 -86.20
C GLY MC 351 -52.66 -58.27 -86.40
N LYS MC 352 -53.01 -57.52 -85.36
CA LYS MC 352 -53.04 -56.07 -85.42
C LYS MC 352 -52.14 -55.53 -84.33
N VAL MC 353 -51.37 -54.51 -84.67
CA VAL MC 353 -50.47 -53.88 -83.71
C VAL MC 353 -51.25 -52.84 -82.90
N MET MC 354 -51.04 -52.81 -81.59
CA MET MC 354 -51.72 -51.86 -80.75
C MET MC 354 -50.78 -51.26 -79.72
N GLN MC 355 -51.15 -50.06 -79.26
CA GLN MC 355 -50.39 -49.31 -78.27
C GLN MC 355 -51.20 -49.20 -76.99
N LEU MC 356 -50.51 -49.26 -75.86
CA LEU MC 356 -51.12 -49.16 -74.54
C LEU MC 356 -50.45 -48.05 -73.76
N LYS MC 357 -51.25 -47.25 -73.07
CA LYS MC 357 -50.75 -46.13 -72.29
C LYS MC 357 -50.89 -46.41 -70.81
N VAL MC 358 -49.79 -46.26 -70.08
CA VAL MC 358 -49.78 -46.41 -68.64
C VAL MC 358 -49.34 -45.09 -68.05
N GLU MC 359 -50.22 -44.45 -67.29
CA GLU MC 359 -49.91 -43.18 -66.67
C GLU MC 359 -49.80 -43.38 -65.17
N GLY MC 360 -49.45 -42.29 -64.48
CA GLY MC 360 -49.29 -42.34 -63.04
C GLY MC 360 -48.13 -43.18 -62.59
N LEU MC 361 -47.01 -43.12 -63.31
CA LEU MC 361 -45.82 -43.87 -62.93
C LEU MC 361 -45.20 -43.25 -61.69
N VAL NC 38 -82.38 -49.15 -31.60
CA VAL NC 38 -83.70 -49.20 -32.18
C VAL NC 38 -83.72 -48.99 -33.72
N PRO NC 39 -82.96 -48.03 -34.29
CA PRO NC 39 -82.77 -48.11 -35.75
C PRO NC 39 -81.82 -49.22 -36.14
N LYS NC 40 -80.87 -49.57 -35.27
CA LYS NC 40 -79.93 -50.63 -35.57
C LYS NC 40 -80.56 -52.01 -35.37
N LEU NC 41 -81.40 -52.17 -34.36
CA LEU NC 41 -82.01 -53.46 -34.06
C LEU NC 41 -83.43 -53.46 -34.59
N PRO NC 42 -83.78 -54.38 -35.49
CA PRO NC 42 -85.17 -54.47 -35.93
C PRO NC 42 -86.11 -54.82 -34.79
N CYS NC 43 -87.29 -54.20 -34.80
CA CYS NC 43 -88.22 -54.32 -33.70
C CYS NC 43 -88.92 -55.68 -33.68
N ARG NC 44 -89.06 -56.33 -34.83
CA ARG NC 44 -89.78 -57.59 -34.89
C ARG NC 44 -89.21 -58.43 -36.02
N VAL NC 45 -89.76 -59.64 -36.17
CA VAL NC 45 -89.52 -60.44 -37.36
C VAL NC 45 -90.17 -59.74 -38.55
N ASP NC 46 -89.52 -59.83 -39.71
CA ASP NC 46 -89.86 -58.95 -40.83
C ASP NC 46 -91.20 -59.32 -41.47
N GLY NC 47 -91.93 -58.29 -41.88
CA GLY NC 47 -93.19 -58.43 -42.60
C GLY NC 47 -94.30 -59.05 -41.79
N ALA NC 48 -94.42 -58.67 -40.52
CA ALA NC 48 -95.29 -59.37 -39.59
C ALA NC 48 -96.31 -58.42 -38.99
N CYS NC 49 -97.56 -58.87 -38.93
CA CYS NC 49 -98.63 -58.14 -38.29
C CYS NC 49 -99.69 -59.13 -37.87
N ASP NC 50 -99.93 -59.24 -36.56
CA ASP NC 50 -100.87 -60.22 -36.05
C ASP NC 50 -102.30 -59.92 -36.46
N ALA NC 51 -102.61 -58.65 -36.69
CA ALA NC 51 -103.93 -58.28 -37.20
C ALA NC 51 -104.14 -58.85 -38.60
N THR NC 52 -103.12 -58.76 -39.45
CA THR NC 52 -103.20 -59.41 -40.75
C THR NC 52 -103.28 -60.92 -40.61
N ILE NC 53 -102.60 -61.48 -39.60
CA ILE NC 53 -102.62 -62.92 -39.38
C ILE NC 53 -104.04 -63.39 -39.05
N ILE NC 54 -104.67 -62.75 -38.07
CA ILE NC 54 -106.02 -63.16 -37.66
C ILE NC 54 -107.03 -62.88 -38.76
N LYS NC 55 -106.85 -61.78 -39.50
CA LYS NC 55 -107.80 -61.45 -40.56
C LYS NC 55 -107.72 -62.44 -41.70
N MET NC 56 -106.52 -62.80 -42.13
CA MET NC 56 -106.42 -63.72 -43.25
C MET NC 56 -106.77 -65.14 -42.83
N MET NC 57 -106.54 -65.52 -41.56
CA MET NC 57 -106.97 -66.86 -41.20
C MET NC 57 -108.48 -66.93 -41.03
N THR NC 58 -109.12 -65.82 -40.64
CA THR NC 58 -110.58 -65.78 -40.61
C THR NC 58 -111.16 -65.88 -42.02
N ASP NC 59 -110.54 -65.17 -42.97
CA ASP NC 59 -110.98 -65.24 -44.35
C ASP NC 59 -110.80 -66.63 -44.93
N LEU NC 60 -109.68 -67.28 -44.60
CA LEU NC 60 -109.44 -68.65 -45.04
C LEU NC 60 -110.47 -69.61 -44.47
N ASN NC 61 -110.78 -69.45 -43.18
CA ASN NC 61 -111.73 -70.35 -42.53
C ASN NC 61 -113.12 -70.18 -43.10
N LYS NC 62 -113.54 -68.95 -43.35
CA LYS NC 62 -114.85 -68.76 -43.96
C LYS NC 62 -114.86 -69.11 -45.43
N LYS NC 63 -113.71 -69.10 -46.09
CA LYS NC 63 -113.66 -69.48 -47.49
C LYS NC 63 -113.78 -70.98 -47.66
N GLY NC 64 -113.23 -71.74 -46.72
CA GLY NC 64 -113.48 -73.16 -46.78
C GLY NC 64 -112.29 -74.07 -46.50
N ILE NC 65 -111.19 -73.50 -46.08
CA ILE NC 65 -110.00 -74.28 -45.77
C ILE NC 65 -109.89 -74.41 -44.26
N LYS NC 66 -109.74 -75.64 -43.77
CA LYS NC 66 -109.76 -75.85 -42.34
C LYS NC 66 -108.43 -75.44 -41.74
N VAL NC 67 -108.50 -74.62 -40.69
CA VAL NC 67 -107.32 -74.11 -40.00
C VAL NC 67 -107.47 -74.49 -38.53
N ALA NC 68 -106.47 -75.17 -37.99
CA ALA NC 68 -106.54 -75.68 -36.62
C ALA NC 68 -105.29 -75.28 -35.87
N SER NC 69 -105.51 -74.77 -34.65
CA SER NC 69 -104.43 -74.29 -33.80
C SER NC 69 -104.54 -74.93 -32.43
N VAL NC 70 -103.46 -75.59 -32.00
CA VAL NC 70 -103.35 -76.15 -30.66
C VAL NC 70 -101.90 -76.04 -30.21
N GLY NC 71 -101.68 -75.44 -29.05
CA GLY NC 71 -100.34 -75.26 -28.51
C GLY NC 71 -99.52 -74.28 -29.33
N GLN NC 72 -98.39 -74.74 -29.84
CA GLN NC 72 -97.65 -74.00 -30.85
C GLN NC 72 -97.74 -74.68 -32.20
N ASN NC 73 -98.56 -75.71 -32.32
CA ASN NC 73 -98.65 -76.49 -33.54
C ASN NC 73 -99.86 -76.07 -34.35
N TYR NC 74 -99.73 -76.18 -35.66
CA TYR NC 74 -100.77 -75.73 -36.58
C TYR NC 74 -100.97 -76.75 -37.68
N LEU NC 75 -102.23 -76.97 -38.01
CA LEU NC 75 -102.61 -77.93 -39.03
C LEU NC 75 -103.61 -77.30 -39.99
N ILE NC 76 -103.32 -77.37 -41.28
CA ILE NC 76 -104.20 -76.81 -42.29
C ILE NC 76 -104.61 -77.92 -43.24
N SER NC 77 -105.92 -78.05 -43.44
CA SER NC 77 -106.52 -79.11 -44.24
C SER NC 77 -107.21 -78.52 -45.45
N ILE NC 78 -106.99 -79.15 -46.60
CA ILE NC 78 -107.56 -78.75 -47.87
C ILE NC 78 -108.36 -79.92 -48.45
N PRO NC 79 -109.64 -79.73 -48.77
CA PRO NC 79 -110.36 -80.75 -49.54
C PRO NC 79 -109.91 -80.75 -50.98
N ALA NC 80 -109.85 -81.95 -51.56
CA ALA NC 80 -109.16 -82.15 -52.83
C ALA NC 80 -109.95 -81.63 -54.03
N SER NC 81 -111.28 -81.57 -53.92
CA SER NC 81 -112.11 -81.23 -55.07
C SER NC 81 -111.93 -79.79 -55.50
N ALA NC 82 -111.54 -78.92 -54.58
CA ALA NC 82 -111.29 -77.54 -54.95
C ALA NC 82 -109.92 -77.34 -55.58
N LEU NC 83 -109.08 -78.36 -55.58
CA LEU NC 83 -107.70 -78.17 -56.03
C LEU NC 83 -107.36 -78.98 -57.27
N PHE NC 84 -107.64 -80.26 -57.27
CA PHE NC 84 -107.21 -81.10 -58.38
C PHE NC 84 -108.38 -81.37 -59.32
N ALA NC 85 -108.16 -82.27 -60.27
CA ALA NC 85 -109.24 -82.76 -61.09
C ALA NC 85 -109.61 -84.18 -60.65
N ASP NC 86 -110.64 -84.72 -61.27
CA ASP NC 86 -111.28 -85.95 -60.83
C ASP NC 86 -110.37 -87.14 -61.10
N GLN NC 87 -109.88 -87.75 -60.01
CA GLN NC 87 -108.91 -88.84 -60.04
C GLN NC 87 -107.65 -88.47 -60.81
N SER NC 88 -107.23 -87.21 -60.66
CA SER NC 88 -106.20 -86.70 -61.53
C SER NC 88 -105.12 -85.97 -60.75
N PRO NC 89 -103.86 -86.26 -61.03
CA PRO NC 89 -102.74 -85.52 -60.43
C PRO NC 89 -102.33 -84.31 -61.25
N ARG NC 90 -103.30 -83.51 -61.66
CA ARG NC 90 -103.03 -82.33 -62.47
C ARG NC 90 -103.56 -81.11 -61.73
N LEU NC 91 -103.06 -79.95 -62.12
CA LEU NC 91 -103.33 -78.71 -61.41
C LEU NC 91 -104.34 -77.89 -62.19
N ASN NC 92 -105.46 -77.57 -61.54
CA ASN NC 92 -106.41 -76.64 -62.13
C ASN NC 92 -105.84 -75.23 -62.09
N TRP NC 93 -106.27 -74.41 -63.03
CA TRP NC 93 -105.63 -73.10 -63.17
C TRP NC 93 -106.07 -72.13 -62.09
N ALA NC 94 -107.33 -72.21 -61.66
CA ALA NC 94 -107.83 -71.26 -60.68
C ALA NC 94 -107.27 -71.51 -59.29
N SER NC 95 -106.72 -72.70 -59.06
CA SER NC 95 -106.21 -73.07 -57.74
C SER NC 95 -104.92 -72.33 -57.38
N TYR NC 96 -104.26 -71.71 -58.36
CA TYR NC 96 -103.02 -71.01 -58.08
C TYR NC 96 -103.23 -69.82 -57.16
N SER NC 97 -104.39 -69.18 -57.22
CA SER NC 97 -104.71 -68.11 -56.28
C SER NC 97 -104.79 -68.62 -54.85
N LEU NC 98 -105.42 -69.79 -54.67
CA LEU NC 98 -105.51 -70.39 -53.34
C LEU NC 98 -104.13 -70.81 -52.84
N LEU NC 99 -103.30 -71.31 -53.75
CA LEU NC 99 -101.93 -71.66 -53.38
C LEU NC 99 -101.13 -70.43 -52.98
N ASN NC 100 -101.35 -69.30 -53.67
CA ASN NC 100 -100.69 -68.06 -53.30
C ASN NC 100 -101.15 -67.57 -51.93
N GLU NC 101 -102.44 -67.74 -51.62
CA GLU NC 101 -102.93 -67.37 -50.30
C GLU NC 101 -102.32 -68.24 -49.22
N ILE NC 102 -102.18 -69.54 -49.51
CA ILE NC 102 -101.51 -70.47 -48.61
C ILE NC 102 -100.07 -70.06 -48.37
N ALA NC 103 -99.37 -69.65 -49.44
CA ALA NC 103 -97.99 -69.21 -49.31
C ALA NC 103 -97.89 -67.91 -48.52
N ALA NC 104 -98.84 -67.00 -48.69
CA ALA NC 104 -98.82 -65.73 -47.96
C ALA NC 104 -99.02 -65.96 -46.47
N PHE NC 105 -99.92 -66.88 -46.11
CA PHE NC 105 -100.07 -67.21 -44.71
C PHE NC 105 -98.88 -67.98 -44.19
N LEU NC 106 -98.26 -68.80 -45.03
CA LEU NC 106 -97.12 -69.59 -44.58
C LEU NC 106 -95.89 -68.72 -44.36
N LYS NC 107 -95.79 -67.60 -45.08
CA LYS NC 107 -94.66 -66.70 -44.91
C LYS NC 107 -94.63 -66.04 -43.55
N GLN NC 108 -95.78 -65.92 -42.88
CA GLN NC 108 -95.89 -65.14 -41.66
C GLN NC 108 -95.47 -65.90 -40.41
N PHE NC 109 -94.76 -67.01 -40.56
CA PHE NC 109 -94.35 -67.80 -39.41
C PHE NC 109 -92.89 -68.18 -39.57
N ARG NC 110 -92.23 -68.42 -38.45
CA ARG NC 110 -90.84 -68.86 -38.45
C ARG NC 110 -90.83 -70.35 -38.15
N LYS NC 111 -90.37 -71.14 -39.12
CA LYS NC 111 -90.56 -72.58 -39.10
C LYS NC 111 -89.22 -73.29 -39.05
N ILE NC 112 -89.29 -74.62 -39.00
CA ILE NC 112 -88.12 -75.47 -39.15
C ILE NC 112 -88.44 -76.56 -40.17
N ALA NC 113 -89.54 -77.26 -39.95
CA ALA NC 113 -89.95 -78.37 -40.80
C ALA NC 113 -91.43 -78.26 -41.11
N ILE NC 114 -91.79 -78.48 -42.38
CA ILE NC 114 -93.19 -78.55 -42.78
C ILE NC 114 -93.43 -79.95 -43.33
N THR NC 115 -94.58 -80.52 -43.02
CA THR NC 115 -94.92 -81.86 -43.51
C THR NC 115 -96.21 -81.82 -44.33
N VAL NC 116 -96.18 -82.50 -45.46
CA VAL NC 116 -97.30 -82.59 -46.40
C VAL NC 116 -97.73 -84.04 -46.49
N THR NC 117 -99.00 -84.29 -46.20
CA THR NC 117 -99.58 -85.62 -46.29
C THR NC 117 -100.78 -85.58 -47.21
N SER NC 118 -100.95 -86.62 -48.01
CA SER NC 118 -102.07 -86.68 -48.94
C SER NC 118 -102.91 -87.91 -48.72
N TYR NC 119 -104.23 -87.77 -48.91
CA TYR NC 119 -105.18 -88.83 -48.64
C TYR NC 119 -106.29 -88.81 -49.69
N SER NC 120 -106.85 -89.99 -49.94
CA SER NC 120 -107.81 -90.16 -51.01
C SER NC 120 -108.83 -91.20 -50.59
N SER NC 121 -109.72 -91.54 -51.53
CA SER NC 121 -110.67 -92.63 -51.39
C SER NC 121 -110.30 -93.76 -52.33
N LYS NC 122 -110.78 -94.96 -52.02
CA LYS NC 122 -110.41 -96.13 -52.81
C LYS NC 122 -111.14 -96.12 -54.15
N TYR NC 123 -110.38 -96.24 -55.23
CA TYR NC 123 -110.95 -96.20 -56.57
C TYR NC 123 -110.73 -97.49 -57.35
N VAL NC 124 -109.49 -97.96 -57.45
CA VAL NC 124 -109.14 -99.08 -58.32
C VAL NC 124 -108.32 -100.12 -57.57
N SER NC 125 -107.33 -99.68 -56.82
CA SER NC 125 -106.23 -100.53 -56.38
C SER NC 125 -105.87 -100.07 -54.98
N VAL NC 126 -104.67 -100.37 -54.56
CA VAL NC 126 -104.04 -99.67 -53.44
C VAL NC 126 -102.95 -98.72 -53.93
N LYS NC 127 -102.07 -99.22 -54.81
CA LYS NC 127 -100.96 -98.43 -55.26
C LYS NC 127 -101.38 -97.33 -56.22
N ARG NC 128 -102.56 -97.45 -56.84
CA ARG NC 128 -103.03 -96.40 -57.74
C ARG NC 128 -103.31 -95.12 -56.98
N GLU NC 129 -104.09 -95.21 -55.91
CA GLU NC 129 -104.30 -94.02 -55.10
C GLU NC 129 -103.08 -93.67 -54.27
N ARG NC 130 -102.22 -94.65 -53.96
CA ARG NC 130 -100.97 -94.30 -53.30
C ARG NC 130 -100.10 -93.43 -54.18
N ALA NC 131 -99.99 -93.77 -55.46
CA ALA NC 131 -99.25 -92.96 -56.40
C ALA NC 131 -99.92 -91.62 -56.64
N LEU NC 132 -101.26 -91.60 -56.66
CA LEU NC 132 -101.97 -90.34 -56.83
C LEU NC 132 -101.68 -89.39 -55.67
N THR NC 133 -101.73 -89.90 -54.45
CA THR NC 133 -101.44 -89.10 -53.27
C THR NC 133 -99.99 -88.62 -53.28
N LEU NC 134 -99.06 -89.52 -53.64
CA LEU NC 134 -97.65 -89.17 -53.64
C LEU NC 134 -97.34 -88.10 -54.67
N ALA NC 135 -97.93 -88.22 -55.86
CA ALA NC 135 -97.67 -87.26 -56.92
C ALA NC 135 -98.27 -85.90 -56.59
N ARG NC 136 -99.49 -85.89 -56.01
CA ARG NC 136 -100.10 -84.63 -55.61
C ARG NC 136 -99.28 -83.93 -54.55
N SER NC 137 -98.75 -84.71 -53.59
CA SER NC 137 -97.89 -84.15 -52.55
C SER NC 137 -96.60 -83.60 -53.15
N ARG NC 138 -96.03 -84.30 -54.13
CA ARG NC 138 -94.83 -83.81 -54.80
C ARG NC 138 -95.09 -82.49 -55.51
N VAL NC 139 -96.25 -82.39 -56.16
CA VAL NC 139 -96.59 -81.18 -56.90
C VAL NC 139 -96.73 -79.99 -55.97
N VAL NC 140 -97.48 -80.17 -54.89
CA VAL NC 140 -97.73 -79.04 -54.01
C VAL NC 140 -96.46 -78.68 -53.24
N SER NC 141 -95.62 -79.67 -52.92
CA SER NC 141 -94.37 -79.39 -52.22
C SER NC 141 -93.40 -78.62 -53.12
N GLU NC 142 -93.32 -79.02 -54.39
CA GLU NC 142 -92.39 -78.34 -55.29
C GLU NC 142 -92.83 -76.91 -55.55
N TYR NC 143 -94.13 -76.68 -55.76
CA TYR NC 143 -94.55 -75.30 -55.98
C TYR NC 143 -94.41 -74.47 -54.72
N LEU NC 144 -94.61 -75.08 -53.55
CA LEU NC 144 -94.45 -74.35 -52.31
C LEU NC 144 -93.00 -73.95 -52.08
N TRP NC 145 -92.06 -74.85 -52.38
CA TRP NC 145 -90.65 -74.52 -52.27
C TRP NC 145 -90.26 -73.47 -53.29
N SER NC 146 -90.85 -73.53 -54.49
CA SER NC 146 -90.55 -72.53 -55.50
C SER NC 146 -91.03 -71.15 -55.08
N GLN NC 147 -92.16 -71.09 -54.41
CA GLN NC 147 -92.54 -69.84 -53.79
C GLN NC 147 -91.70 -69.61 -52.55
N GLY NC 148 -91.73 -68.38 -52.06
CA GLY NC 148 -90.78 -67.95 -51.06
C GLY NC 148 -91.11 -68.22 -49.60
N VAL NC 149 -90.95 -69.45 -49.15
CA VAL NC 149 -91.07 -69.76 -47.73
C VAL NC 149 -89.76 -70.33 -47.23
N ASP NC 150 -89.35 -69.88 -46.05
CA ASP NC 150 -88.01 -70.16 -45.53
C ASP NC 150 -87.98 -71.45 -44.71
N SER NC 151 -88.49 -72.54 -45.27
CA SER NC 151 -88.39 -73.80 -44.59
C SER NC 151 -86.98 -74.34 -44.68
N ARG NC 152 -86.61 -75.12 -43.68
CA ARG NC 152 -85.41 -75.93 -43.79
C ARG NC 152 -85.73 -77.34 -44.26
N ILE NC 153 -86.84 -77.90 -43.80
CA ILE NC 153 -87.24 -79.24 -44.17
C ILE NC 153 -88.62 -79.22 -44.79
N ILE NC 154 -88.77 -79.86 -45.95
CA ILE NC 154 -90.07 -80.11 -46.54
C ILE NC 154 -90.21 -81.62 -46.71
N PHE NC 155 -91.16 -82.19 -45.99
CA PHE NC 155 -91.44 -83.61 -46.08
C PHE NC 155 -92.72 -83.80 -46.87
N THR NC 156 -92.74 -84.82 -47.73
CA THR NC 156 -93.93 -85.12 -48.50
C THR NC 156 -94.18 -86.61 -48.52
N GLN NC 157 -95.44 -87.00 -48.25
CA GLN NC 157 -95.87 -88.39 -48.42
C GLN NC 157 -97.38 -88.45 -48.55
N GLY NC 158 -97.82 -89.57 -49.14
CA GLY NC 158 -99.23 -89.84 -49.27
C GLY NC 158 -99.53 -91.24 -48.75
N LEU NC 159 -100.80 -91.44 -48.40
CA LEU NC 159 -101.20 -92.68 -47.77
C LEU NC 159 -102.35 -93.38 -48.47
N GLY NC 160 -102.97 -92.75 -49.45
CA GLY NC 160 -104.07 -93.38 -50.17
C GLY NC 160 -105.40 -93.31 -49.45
N SER NC 161 -105.93 -94.46 -49.07
CA SER NC 161 -107.26 -94.55 -48.48
C SER NC 161 -107.23 -95.43 -47.25
N ASP NC 162 -106.25 -95.20 -46.38
CA ASP NC 162 -106.07 -96.03 -45.19
C ASP NC 162 -106.37 -95.31 -43.90
N LYS NC 163 -106.61 -94.00 -43.92
CA LYS NC 163 -106.81 -93.21 -42.71
C LYS NC 163 -108.03 -92.30 -42.90
N PRO NC 164 -109.23 -92.88 -42.89
CA PRO NC 164 -110.42 -92.05 -43.09
C PRO NC 164 -110.77 -91.26 -41.84
N ILE NC 165 -111.46 -90.14 -42.07
CA ILE NC 165 -111.97 -89.33 -40.98
C ILE NC 165 -113.48 -89.42 -40.87
N THR NC 166 -114.15 -90.06 -41.82
CA THR NC 166 -115.59 -90.20 -41.79
C THR NC 166 -115.95 -91.52 -42.41
N SER NC 167 -116.73 -92.34 -41.70
CA SER NC 167 -117.15 -93.62 -42.24
C SER NC 167 -118.16 -93.48 -43.36
N TYR NC 168 -118.84 -92.33 -43.45
CA TYR NC 168 -119.72 -92.05 -44.58
C TYR NC 168 -118.86 -91.87 -45.83
N THR NC 169 -119.03 -92.75 -46.81
CA THR NC 169 -118.14 -92.82 -47.97
C THR NC 169 -118.91 -92.88 -49.27
N LEU NC 170 -119.98 -92.10 -49.40
CA LEU NC 170 -120.79 -92.19 -50.62
C LEU NC 170 -120.16 -91.46 -51.79
N GLY NC 171 -119.59 -90.29 -51.54
CA GLY NC 171 -118.96 -89.56 -52.62
C GLY NC 171 -117.62 -90.15 -53.02
N GLY NC 172 -117.15 -89.76 -54.19
CA GLY NC 172 -115.83 -90.17 -54.65
C GLY NC 172 -114.82 -89.08 -54.38
N ASP NC 173 -114.42 -88.36 -55.44
CA ASP NC 173 -113.57 -87.21 -55.23
C ASP NC 173 -114.31 -86.02 -54.63
N ARG NC 174 -115.64 -86.04 -54.68
CA ARG NC 174 -116.41 -85.04 -53.97
C ARG NC 174 -116.46 -85.28 -52.47
N SER NC 175 -116.10 -86.48 -52.02
CA SER NC 175 -116.21 -86.81 -50.61
C SER NC 175 -115.14 -86.07 -49.81
N PRO NC 176 -115.48 -85.55 -48.63
CA PRO NC 176 -114.56 -84.66 -47.92
C PRO NC 176 -113.37 -85.35 -47.31
N ASN NC 177 -113.34 -86.67 -47.23
CA ASN NC 177 -112.18 -87.34 -46.66
C ASN NC 177 -110.99 -87.35 -47.60
N ALA NC 178 -111.20 -87.12 -48.90
CA ALA NC 178 -110.10 -86.96 -49.83
C ALA NC 178 -109.51 -85.58 -49.65
N ARG NC 179 -108.24 -85.51 -49.25
CA ARG NC 179 -107.75 -84.30 -48.60
C ARG NC 179 -106.23 -84.24 -48.69
N VAL NC 180 -105.71 -83.06 -48.36
CA VAL NC 180 -104.28 -82.88 -48.16
C VAL NC 180 -104.07 -82.04 -46.90
N GLU NC 181 -103.16 -82.51 -46.05
CA GLU NC 181 -102.86 -81.84 -44.79
C GLU NC 181 -101.45 -81.31 -44.81
N ILE NC 182 -101.26 -80.14 -44.23
CA ILE NC 182 -99.94 -79.61 -43.92
C ILE NC 182 -99.86 -79.37 -42.43
N THR NC 183 -98.81 -79.89 -41.83
CA THR NC 183 -98.58 -79.76 -40.40
C THR NC 183 -97.27 -79.04 -40.17
N PHE NC 184 -97.24 -78.20 -39.13
CA PHE NC 184 -95.97 -77.64 -38.65
C PHE NC 184 -96.11 -77.22 -37.21
N ARG NC 185 -94.99 -76.75 -36.66
CA ARG NC 185 -94.92 -76.21 -35.30
C ARG NC 185 -94.18 -74.89 -35.35
N ARG NC 186 -94.81 -73.84 -34.85
CA ARG NC 186 -94.15 -72.56 -34.73
C ARG NC 186 -93.15 -72.60 -33.59
N ALA NC 187 -91.95 -72.10 -33.82
CA ALA NC 187 -90.87 -72.17 -32.83
C ALA NC 187 -90.34 -70.77 -32.55
N VAL NC 188 -90.61 -70.29 -31.33
CA VAL NC 188 -89.92 -69.16 -30.72
C VAL NC 188 -90.00 -67.85 -31.51
N CYS OC 42 -114.14 -70.05 -73.34
CA CYS OC 42 -113.10 -69.24 -73.95
C CYS OC 42 -111.81 -70.04 -74.13
N PHE OC 43 -110.73 -69.54 -73.54
CA PHE OC 43 -109.41 -70.13 -73.72
C PHE OC 43 -108.88 -70.61 -72.37
N HIS OC 44 -108.20 -71.75 -72.38
CA HIS OC 44 -107.64 -72.24 -71.14
C HIS OC 44 -106.12 -72.15 -71.15
N PRO OC 45 -105.52 -71.73 -70.05
CA PRO OC 45 -104.06 -71.53 -69.99
C PRO OC 45 -103.25 -72.80 -70.25
N PRO OC 46 -103.69 -74.01 -69.81
CA PRO OC 46 -102.90 -75.12 -70.35
C PRO OC 46 -103.30 -75.52 -71.77
N TYR OC 47 -102.80 -74.72 -72.72
CA TYR OC 47 -102.85 -74.98 -74.18
C TYR OC 47 -104.27 -75.15 -74.70
N ASN OC 48 -105.25 -74.62 -73.97
CA ASN OC 48 -106.69 -74.87 -74.18
C ASN OC 48 -106.99 -76.37 -74.26
N ASN OC 49 -106.31 -77.13 -73.41
CA ASN OC 49 -106.48 -78.59 -73.26
C ASN OC 49 -106.29 -79.33 -74.58
N PHE OC 50 -105.31 -78.88 -75.36
CA PHE OC 50 -104.94 -79.45 -76.66
C PHE OC 50 -106.10 -79.42 -77.65
N GLN OC 51 -106.90 -78.46 -77.55
CA GLN OC 51 -107.93 -78.30 -78.55
C GLN OC 51 -107.48 -77.32 -79.62
N PRO OC 52 -107.95 -77.50 -80.86
CA PRO OC 52 -107.74 -76.48 -81.89
C PRO OC 52 -108.48 -75.21 -81.52
N ASP OC 53 -107.71 -74.13 -81.34
CA ASP OC 53 -108.24 -72.91 -80.75
C ASP OC 53 -109.21 -72.20 -81.68
N ARG OC 54 -110.17 -71.51 -81.08
CA ARG OC 54 -111.19 -70.77 -81.79
C ARG OC 54 -111.12 -69.33 -81.28
N ARG OC 55 -110.25 -68.53 -81.89
CA ARG OC 55 -110.11 -67.13 -81.52
C ARG OC 55 -110.81 -66.19 -82.49
N ALA OC 56 -110.75 -66.50 -83.79
CA ALA OC 56 -111.32 -65.62 -84.80
C ALA OC 56 -112.83 -65.55 -84.73
N VAL OC 57 -113.49 -66.69 -84.47
CA VAL OC 57 -114.93 -66.72 -84.41
C VAL OC 57 -115.44 -65.99 -83.17
N LYS OC 58 -114.73 -66.12 -82.05
CA LYS OC 58 -115.09 -65.36 -80.85
C LYS OC 58 -114.86 -63.88 -81.05
N ARG OC 59 -113.80 -63.52 -81.76
CA ARG OC 59 -113.53 -62.12 -82.07
C ARG OC 59 -114.62 -61.52 -82.94
N VAL OC 60 -115.05 -62.25 -83.98
CA VAL OC 60 -116.09 -61.68 -84.82
C VAL OC 60 -117.44 -61.73 -84.14
N GLY OC 61 -117.63 -62.63 -83.16
CA GLY OC 61 -118.82 -62.58 -82.34
C GLY OC 61 -118.87 -61.34 -81.46
N VAL OC 62 -117.74 -61.00 -80.84
CA VAL OC 62 -117.73 -59.79 -80.02
C VAL OC 62 -117.67 -58.53 -80.89
N ASP OC 63 -117.31 -58.65 -82.17
CA ASP OC 63 -117.37 -57.50 -83.06
C ASP OC 63 -118.77 -57.27 -83.60
N THR OC 64 -119.53 -58.35 -83.82
CA THR OC 64 -120.97 -58.21 -84.05
C THR OC 64 -121.66 -57.66 -82.81
N GLY OC 65 -121.16 -58.02 -81.63
CA GLY OC 65 -121.57 -57.36 -80.41
C GLY OC 65 -121.03 -55.93 -80.33
N GLY OC 88 -118.68 -53.65 -86.47
CA GLY OC 88 -119.39 -54.39 -87.50
C GLY OC 88 -118.88 -55.79 -87.71
N GLY OC 89 -119.76 -56.66 -88.22
CA GLY OC 89 -119.34 -58.02 -88.55
C GLY OC 89 -118.35 -58.05 -89.70
N THR OC 90 -118.52 -57.14 -90.66
CA THR OC 90 -117.62 -57.08 -91.81
C THR OC 90 -116.22 -56.64 -91.40
N VAL OC 91 -116.13 -55.58 -90.59
CA VAL OC 91 -114.83 -55.12 -90.12
C VAL OC 91 -114.25 -56.13 -89.13
N GLY OC 92 -115.10 -56.86 -88.41
CA GLY OC 92 -114.62 -57.95 -87.59
C GLY OC 92 -114.00 -59.08 -88.40
N LEU OC 93 -114.61 -59.41 -89.54
CA LEU OC 93 -114.06 -60.45 -90.41
C LEU OC 93 -112.74 -60.03 -91.03
N VAL OC 94 -112.65 -58.77 -91.48
CA VAL OC 94 -111.40 -58.36 -92.11
C VAL OC 94 -110.29 -58.19 -91.06
N ALA OC 95 -110.63 -57.79 -89.83
CA ALA OC 95 -109.63 -57.75 -88.78
C ALA OC 95 -109.22 -59.15 -88.37
N SER OC 96 -110.16 -60.10 -88.37
CA SER OC 96 -109.85 -61.48 -88.04
C SER OC 96 -108.90 -62.10 -89.07
N ILE OC 97 -109.13 -61.85 -90.36
CA ILE OC 97 -108.23 -62.43 -91.34
C ILE OC 97 -106.89 -61.70 -91.38
N TYR OC 98 -106.87 -60.39 -91.09
CA TYR OC 98 -105.59 -59.69 -91.08
C TYR OC 98 -104.77 -60.00 -89.84
N ARG OC 99 -105.40 -60.45 -88.77
CA ARG OC 99 -104.63 -60.94 -87.64
C ARG OC 99 -104.47 -62.46 -87.65
N ASP OC 100 -105.10 -63.15 -88.59
CA ASP OC 100 -104.73 -64.52 -88.90
C ASP OC 100 -103.70 -64.59 -90.00
N SER OC 101 -103.34 -63.46 -90.59
CA SER OC 101 -102.29 -63.42 -91.59
C SER OC 101 -100.95 -63.78 -90.97
N LYS OC 102 -100.05 -64.26 -91.82
CA LYS OC 102 -98.75 -64.76 -91.36
C LYS OC 102 -97.86 -63.66 -90.81
N ARG OC 103 -97.90 -62.49 -91.46
CA ARG OC 103 -96.97 -61.41 -91.13
C ARG OC 103 -97.18 -60.85 -89.74
N LYS OC 104 -98.45 -60.68 -89.34
CA LYS OC 104 -98.72 -60.20 -87.99
C LYS OC 104 -98.35 -61.25 -86.94
N ILE OC 105 -98.46 -62.53 -87.29
CA ILE OC 105 -98.03 -63.59 -86.40
C ILE OC 105 -96.52 -63.55 -86.20
N ILE OC 106 -95.77 -63.37 -87.28
CA ILE OC 106 -94.32 -63.29 -87.19
C ILE OC 106 -93.90 -62.04 -86.42
N ARG OC 107 -94.60 -60.93 -86.63
CA ARG OC 107 -94.32 -59.70 -85.89
C ARG OC 107 -94.64 -59.86 -84.40
N ASP OC 108 -95.66 -60.64 -84.06
CA ASP OC 108 -95.93 -60.90 -82.65
C ASP OC 108 -94.87 -61.81 -82.04
N LEU OC 109 -94.37 -62.76 -82.82
CA LEU OC 109 -93.25 -63.55 -82.34
C LEU OC 109 -91.99 -62.70 -82.17
N GLN OC 110 -91.86 -61.65 -82.98
CA GLN OC 110 -90.78 -60.70 -82.81
C GLN OC 110 -91.01 -59.81 -81.59
N LYS OC 111 -92.28 -59.58 -81.26
CA LYS OC 111 -92.59 -58.87 -80.02
C LYS OC 111 -92.21 -59.72 -78.82
N GLN OC 112 -92.39 -61.03 -78.94
CA GLN OC 112 -91.75 -61.93 -78.00
C GLN OC 112 -90.26 -62.07 -78.33
N ASP OC 113 -89.53 -62.79 -77.50
CA ASP OC 113 -88.10 -62.95 -77.70
C ASP OC 113 -87.79 -64.21 -78.53
N ILE OC 114 -88.40 -64.27 -79.70
CA ILE OC 114 -88.34 -65.45 -80.55
C ILE OC 114 -87.76 -65.04 -81.89
N GLN OC 115 -86.77 -65.79 -82.37
CA GLN OC 115 -86.06 -65.41 -83.58
C GLN OC 115 -86.57 -66.24 -84.76
N TYR OC 116 -86.97 -65.56 -85.83
CA TYR OC 116 -87.45 -66.21 -87.04
C TYR OC 116 -86.56 -65.80 -88.20
N VAL OC 117 -86.09 -66.78 -88.98
CA VAL OC 117 -85.27 -66.49 -90.15
C VAL OC 117 -85.74 -67.38 -91.30
N GLU OC 118 -86.05 -66.77 -92.43
CA GLU OC 118 -86.31 -67.51 -93.66
C GLU OC 118 -85.30 -67.07 -94.72
N TYR OC 119 -84.56 -68.03 -95.24
CA TYR OC 119 -83.59 -67.78 -96.30
C TYR OC 119 -83.69 -68.90 -97.32
N GLY OC 120 -83.71 -68.52 -98.59
CA GLY OC 120 -83.86 -69.50 -99.65
C GLY OC 120 -85.24 -70.11 -99.61
N ASP OC 121 -85.32 -71.35 -99.16
CA ASP OC 121 -86.59 -72.03 -98.97
C ASP OC 121 -86.75 -72.65 -97.59
N THR OC 122 -85.68 -72.81 -96.84
CA THR OC 122 -85.73 -73.40 -95.51
C THR OC 122 -86.09 -72.35 -94.47
N ARG OC 123 -86.66 -72.80 -93.37
CA ARG OC 123 -87.11 -71.90 -92.31
C ARG OC 123 -86.48 -72.33 -90.99
N THR OC 124 -85.98 -71.35 -90.24
CA THR OC 124 -85.32 -71.60 -88.97
C THR OC 124 -85.97 -70.77 -87.87
N LEU OC 125 -86.15 -71.39 -86.73
CA LEU OC 125 -86.68 -70.77 -85.54
C LEU OC 125 -85.70 -70.97 -84.39
N ILE OC 126 -85.48 -69.91 -83.62
CA ILE OC 126 -84.58 -69.95 -82.49
C ILE OC 126 -85.35 -69.54 -81.24
N ILE OC 127 -85.29 -70.42 -80.23
CA ILE OC 127 -86.01 -70.22 -78.97
C ILE OC 127 -84.97 -70.17 -77.85
N PRO OC 128 -85.01 -69.18 -76.97
CA PRO OC 128 -84.03 -69.09 -75.88
C PRO OC 128 -84.47 -69.89 -74.66
N THR OC 129 -83.56 -70.73 -74.18
CA THR OC 129 -83.88 -71.71 -73.14
C THR OC 129 -84.21 -71.05 -71.82
N ASP OC 130 -83.47 -69.99 -71.48
CA ASP OC 130 -83.60 -69.36 -70.18
C ASP OC 130 -84.93 -68.64 -70.00
N LYS OC 131 -85.58 -68.31 -71.11
CA LYS OC 131 -86.92 -67.73 -71.02
C LYS OC 131 -88.02 -68.74 -71.25
N TYR OC 132 -87.80 -69.76 -72.08
CA TYR OC 132 -88.90 -70.64 -72.41
C TYR OC 132 -88.77 -72.02 -71.76
N PHE OC 133 -87.92 -72.15 -70.76
CA PHE OC 133 -87.81 -73.37 -69.99
C PHE OC 133 -87.76 -72.99 -68.52
N MET OC 134 -88.04 -73.96 -67.66
CA MET OC 134 -87.58 -73.85 -66.30
C MET OC 134 -86.06 -74.05 -66.27
N PHE OC 135 -85.42 -73.50 -65.25
CA PHE OC 135 -83.97 -73.47 -65.24
C PHE OC 135 -83.40 -74.85 -64.95
N SER OC 136 -82.40 -75.23 -65.76
CA SER OC 136 -81.57 -76.43 -65.57
C SER OC 136 -82.41 -77.69 -65.52
N SER OC 137 -83.47 -77.73 -66.31
CA SER OC 137 -84.46 -78.78 -66.18
C SER OC 137 -85.18 -78.93 -67.51
N PRO OC 138 -85.74 -80.09 -67.79
CA PRO OC 138 -86.61 -80.24 -68.96
C PRO OC 138 -88.04 -79.77 -68.73
N ARG OC 139 -88.33 -79.13 -67.61
CA ARG OC 139 -89.65 -78.53 -67.44
C ARG OC 139 -89.79 -77.31 -68.33
N LEU OC 140 -91.03 -76.95 -68.60
CA LEU OC 140 -91.33 -75.78 -69.40
C LEU OC 140 -91.90 -74.70 -68.50
N ASN OC 141 -91.41 -73.48 -68.67
CA ASN OC 141 -92.00 -72.35 -67.98
C ASN OC 141 -93.41 -72.11 -68.49
N GLU OC 142 -94.38 -72.12 -67.59
CA GLU OC 142 -95.77 -72.07 -68.00
C GLU OC 142 -96.19 -70.69 -68.48
N ILE OC 143 -95.41 -69.65 -68.18
CA ILE OC 143 -95.84 -68.30 -68.50
C ILE OC 143 -95.54 -67.91 -69.93
N CYS OC 144 -94.72 -68.68 -70.64
CA CYS OC 144 -94.45 -68.43 -72.04
C CYS OC 144 -95.32 -69.32 -72.94
N TYR OC 145 -96.51 -69.66 -72.46
CA TYR OC 145 -97.49 -70.34 -73.30
C TYR OC 145 -97.95 -69.59 -74.57
N PRO OC 146 -98.21 -68.26 -74.59
CA PRO OC 146 -98.85 -67.71 -75.79
C PRO OC 146 -97.93 -67.67 -76.99
N GLY OC 147 -96.62 -67.58 -76.76
CA GLY OC 147 -95.68 -67.78 -77.84
C GLY OC 147 -95.76 -69.19 -78.41
N LEU OC 148 -95.99 -70.18 -77.54
CA LEU OC 148 -96.12 -71.55 -78.02
C LEU OC 148 -97.41 -71.73 -78.82
N ASN OC 149 -98.49 -71.08 -78.38
CA ASN OC 149 -99.75 -71.14 -79.11
C ASN OC 149 -99.60 -70.48 -80.48
N ASN OC 150 -98.88 -69.37 -80.53
CA ASN OC 150 -98.61 -68.73 -81.81
C ASN OC 150 -97.68 -69.57 -82.67
N VAL OC 151 -96.77 -70.33 -82.04
CA VAL OC 151 -95.90 -71.24 -82.77
C VAL OC 151 -96.71 -72.32 -83.45
N ILE OC 152 -97.70 -72.85 -82.73
CA ILE OC 152 -98.56 -73.87 -83.29
C ILE OC 152 -99.41 -73.29 -84.41
N ARG OC 153 -99.90 -72.06 -84.22
CA ARG OC 153 -100.70 -71.42 -85.27
C ARG OC 153 -99.88 -71.16 -86.53
N LEU OC 154 -98.62 -70.77 -86.38
CA LEU OC 154 -97.79 -70.55 -87.55
C LEU OC 154 -97.42 -71.86 -88.22
N LEU OC 155 -97.00 -72.85 -87.44
CA LEU OC 155 -96.58 -74.12 -88.03
C LEU OC 155 -97.76 -74.93 -88.56
N ASN OC 156 -98.98 -74.54 -88.22
CA ASN OC 156 -100.15 -75.09 -88.88
C ASN OC 156 -100.23 -74.72 -90.36
N PHE OC 157 -99.55 -73.65 -90.78
CA PHE OC 157 -99.62 -73.23 -92.18
C PHE OC 157 -98.83 -74.13 -93.12
N TYR OC 158 -97.89 -74.91 -92.61
CA TYR OC 158 -96.92 -75.61 -93.44
C TYR OC 158 -97.01 -77.10 -93.13
N PRO OC 159 -97.96 -77.81 -93.74
CA PRO OC 159 -98.28 -79.17 -93.31
C PRO OC 159 -97.48 -80.28 -93.98
N GLN OC 160 -96.31 -80.02 -94.55
CA GLN OC 160 -95.70 -81.03 -95.39
C GLN OC 160 -94.31 -81.47 -94.97
N SER OC 161 -93.39 -80.54 -94.70
CA SER OC 161 -92.00 -80.95 -94.62
C SER OC 161 -91.69 -81.60 -93.27
N THR OC 162 -90.58 -82.32 -93.25
CA THR OC 162 -90.09 -82.92 -92.02
C THR OC 162 -89.48 -81.86 -91.12
N ILE OC 163 -89.29 -82.21 -89.85
CA ILE OC 163 -88.89 -81.26 -88.83
C ILE OC 163 -87.59 -81.74 -88.21
N TYR OC 164 -86.63 -80.83 -88.06
CA TYR OC 164 -85.44 -81.08 -87.27
C TYR OC 164 -85.44 -80.16 -86.06
N VAL OC 165 -85.23 -80.72 -84.87
CA VAL OC 165 -85.09 -79.92 -83.67
C VAL OC 165 -83.78 -80.27 -82.97
N ALA OC 166 -83.08 -79.25 -82.50
CA ALA OC 166 -81.77 -79.44 -81.89
C ALA OC 166 -81.63 -78.54 -80.67
N GLY OC 167 -80.80 -79.00 -79.74
CA GLY OC 167 -80.56 -78.29 -78.49
C GLY OC 167 -79.08 -77.97 -78.30
N PHE OC 168 -78.80 -76.79 -77.73
CA PHE OC 168 -77.42 -76.35 -77.59
C PHE OC 168 -77.21 -75.63 -76.26
N THR OC 169 -76.00 -75.76 -75.73
CA THR OC 169 -75.62 -75.16 -74.46
C THR OC 169 -74.18 -74.67 -74.51
N ASP OC 170 -73.72 -74.12 -73.40
CA ASP OC 170 -72.44 -73.43 -73.31
C ASP OC 170 -71.34 -74.39 -72.88
N ASN OC 171 -70.19 -73.84 -72.49
CA ASN OC 171 -68.98 -74.62 -72.30
C ASN OC 171 -68.78 -75.13 -70.88
N VAL OC 172 -69.63 -74.77 -69.94
CA VAL OC 172 -69.38 -75.10 -68.54
C VAL OC 172 -69.86 -76.52 -68.27
N GLY OC 173 -68.99 -77.34 -67.72
CA GLY OC 173 -69.35 -78.66 -67.24
C GLY OC 173 -68.80 -79.78 -68.10
N SER OC 174 -69.18 -81.00 -67.74
CA SER OC 174 -68.79 -82.17 -68.51
C SER OC 174 -69.53 -82.22 -69.83
N ARG OC 175 -68.86 -82.79 -70.83
CA ARG OC 175 -69.44 -82.96 -72.15
C ARG OC 175 -70.66 -83.86 -72.10
N SER OC 176 -70.61 -84.89 -71.26
CA SER OC 176 -71.76 -85.77 -71.04
C SER OC 176 -72.92 -84.99 -70.45
N HIS OC 177 -72.63 -84.09 -69.51
CA HIS OC 177 -73.67 -83.28 -68.89
C HIS OC 177 -74.33 -82.35 -69.90
N LYS OC 178 -73.51 -81.74 -70.76
CA LYS OC 178 -74.03 -80.86 -71.81
C LYS OC 178 -74.93 -81.64 -72.76
N ARG OC 179 -74.47 -82.81 -73.19
CA ARG OC 179 -75.21 -83.59 -74.16
C ARG OC 179 -76.52 -84.08 -73.58
N LYS OC 180 -76.51 -84.51 -72.32
CA LYS OC 180 -77.73 -85.01 -71.70
C LYS OC 180 -78.75 -83.89 -71.51
N LEU OC 181 -78.29 -82.71 -71.06
CA LEU OC 181 -79.22 -81.60 -70.87
C LEU OC 181 -79.84 -81.14 -72.18
N SER OC 182 -79.01 -81.04 -73.23
CA SER OC 182 -79.52 -80.63 -74.53
C SER OC 182 -80.49 -81.65 -75.10
N GLN OC 183 -80.18 -82.94 -74.95
CA GLN OC 183 -81.04 -83.98 -75.47
C GLN OC 183 -82.39 -83.98 -74.76
N ALA OC 184 -82.37 -83.77 -73.44
CA ALA OC 184 -83.62 -83.73 -72.69
C ALA OC 184 -84.49 -82.56 -73.10
N GLN OC 185 -83.89 -81.37 -73.22
CA GLN OC 185 -84.68 -80.19 -73.58
C GLN OC 185 -85.25 -80.30 -74.98
N ALA OC 186 -84.45 -80.82 -75.91
CA ALA OC 186 -84.92 -80.99 -77.27
C ALA OC 186 -86.03 -82.01 -77.35
N GLU OC 187 -85.93 -83.09 -76.58
CA GLU OC 187 -86.99 -84.10 -76.64
C GLU OC 187 -88.27 -83.60 -76.00
N THR OC 188 -88.15 -82.72 -75.00
CA THR OC 188 -89.34 -82.09 -74.43
C THR OC 188 -90.06 -81.24 -75.46
N MET OC 189 -89.30 -80.41 -76.18
CA MET OC 189 -89.90 -79.59 -77.23
C MET OC 189 -90.51 -80.44 -78.33
N MET OC 190 -89.82 -81.54 -78.66
CA MET OC 190 -90.29 -82.45 -79.71
C MET OC 190 -91.61 -83.09 -79.34
N THR OC 191 -91.72 -83.59 -78.12
CA THR OC 191 -92.97 -84.26 -77.79
C THR OC 191 -94.10 -83.28 -77.53
N PHE OC 192 -93.79 -82.02 -77.20
CA PHE OC 192 -94.85 -81.01 -77.21
C PHE OC 192 -95.38 -80.82 -78.62
N LEU OC 193 -94.48 -80.77 -79.61
CA LEU OC 193 -94.89 -80.66 -81.00
C LEU OC 193 -95.67 -81.88 -81.45
N TRP OC 194 -95.28 -83.06 -80.97
CA TRP OC 194 -96.00 -84.28 -81.30
C TRP OC 194 -97.40 -84.27 -80.71
N ALA OC 195 -97.54 -83.78 -79.49
CA ALA OC 195 -98.84 -83.73 -78.87
C ALA OC 195 -99.73 -82.67 -79.49
N ASN OC 196 -99.16 -81.67 -80.14
CA ASN OC 196 -100.03 -80.69 -80.78
C ASN OC 196 -100.67 -81.21 -82.07
N GLY OC 197 -100.31 -82.38 -82.56
CA GLY OC 197 -101.10 -83.00 -83.59
C GLY OC 197 -100.41 -83.36 -84.89
N ILE OC 198 -99.11 -83.61 -84.85
CA ILE OC 198 -98.36 -83.95 -86.04
C ILE OC 198 -98.01 -85.43 -86.00
N ALA OC 199 -97.88 -86.03 -87.18
CA ALA OC 199 -97.52 -87.43 -87.29
C ALA OC 199 -96.10 -87.65 -86.79
N ALA OC 200 -95.91 -88.74 -86.05
CA ALA OC 200 -94.67 -88.97 -85.33
C ALA OC 200 -93.50 -89.35 -86.23
N LYS OC 201 -93.76 -89.69 -87.49
CA LYS OC 201 -92.68 -89.94 -88.44
C LYS OC 201 -92.27 -88.68 -89.18
N ARG OC 202 -92.55 -87.49 -88.64
CA ARG OC 202 -92.15 -86.24 -89.23
C ARG OC 202 -91.15 -85.49 -88.37
N LEU OC 203 -90.57 -86.15 -87.37
CA LEU OC 203 -89.74 -85.51 -86.37
C LEU OC 203 -88.36 -86.15 -86.31
N LYS OC 204 -87.34 -85.33 -86.19
CA LYS OC 204 -86.00 -85.79 -85.82
C LYS OC 204 -85.44 -84.84 -84.79
N ALA OC 205 -84.84 -85.40 -83.74
CA ALA OC 205 -84.42 -84.62 -82.58
C ALA OC 205 -82.98 -84.95 -82.22
N GLU OC 206 -82.24 -83.92 -81.83
CA GLU OC 206 -80.87 -84.11 -81.35
C GLU OC 206 -80.46 -82.94 -80.48
N GLY OC 207 -79.73 -83.24 -79.41
CA GLY OC 207 -79.16 -82.19 -78.60
C GLY OC 207 -77.66 -82.30 -78.50
N TYR OC 208 -76.94 -81.37 -79.11
CA TYR OC 208 -75.49 -81.41 -79.06
C TYR OC 208 -75.00 -80.53 -77.92
N GLY OC 209 -73.70 -80.56 -77.69
CA GLY OC 209 -73.16 -79.74 -76.64
C GLY OC 209 -72.90 -78.33 -77.12
N ASP OC 210 -71.67 -77.88 -76.95
CA ASP OC 210 -71.22 -76.56 -77.38
C ASP OC 210 -70.40 -76.67 -78.66
N LYS OC 211 -70.84 -77.54 -79.56
CA LYS OC 211 -70.01 -77.91 -80.71
C LYS OC 211 -69.88 -76.77 -81.72
N ASN OC 212 -70.89 -75.93 -81.85
CA ASN OC 212 -70.81 -74.81 -82.78
C ASN OC 212 -71.59 -73.65 -82.17
N ALA OC 213 -70.89 -72.80 -81.44
CA ALA OC 213 -71.51 -71.64 -80.85
C ALA OC 213 -71.65 -70.54 -81.90
N ILE OC 214 -72.67 -69.70 -81.72
CA ILE OC 214 -72.85 -68.56 -82.60
C ILE OC 214 -72.23 -67.31 -82.02
N SER OC 215 -71.57 -67.41 -80.87
CA SER OC 215 -70.79 -66.32 -80.28
C SER OC 215 -69.67 -66.95 -79.46
N ASP OC 216 -69.12 -66.20 -78.53
CA ASP OC 216 -68.03 -66.69 -77.70
C ASP OC 216 -68.54 -67.13 -76.33
N ASN OC 217 -67.81 -68.07 -75.73
CA ASN OC 217 -68.04 -68.42 -74.34
C ASN OC 217 -67.32 -67.48 -73.38
N ALA OC 218 -66.42 -66.64 -73.87
CA ALA OC 218 -65.62 -65.80 -73.01
C ALA OC 218 -66.32 -64.50 -72.61
N ILE OC 219 -67.51 -64.24 -73.13
CA ILE OC 219 -68.24 -63.03 -72.79
C ILE OC 219 -69.61 -63.42 -72.27
N ILE OC 220 -70.15 -62.56 -71.42
CA ILE OC 220 -71.39 -62.87 -70.69
C ILE OC 220 -72.58 -62.88 -71.63
N HIS OC 221 -72.68 -61.87 -72.49
CA HIS OC 221 -73.82 -61.81 -73.40
C HIS OC 221 -73.77 -62.93 -74.43
N GLY OC 222 -72.57 -63.26 -74.91
CA GLY OC 222 -72.46 -64.37 -75.84
C GLY OC 222 -72.79 -65.71 -75.21
N SER OC 223 -72.34 -65.90 -73.96
CA SER OC 223 -72.67 -67.14 -73.27
C SER OC 223 -74.15 -67.21 -72.94
N ALA OC 224 -74.80 -66.08 -72.76
CA ALA OC 224 -76.26 -66.09 -72.66
C ALA OC 224 -76.88 -66.43 -74.00
N GLN OC 225 -76.30 -65.94 -75.10
CA GLN OC 225 -76.85 -66.19 -76.42
C GLN OC 225 -76.69 -67.63 -76.83
N ASN OC 226 -75.72 -68.33 -76.25
CA ASN OC 226 -75.29 -69.62 -76.79
C ASN OC 226 -76.36 -70.69 -76.66
N ARG OC 227 -76.93 -70.86 -75.47
CA ARG OC 227 -77.85 -71.97 -75.26
C ARG OC 227 -79.18 -71.68 -75.95
N ARG OC 228 -79.65 -72.65 -76.73
CA ARG OC 228 -80.68 -72.33 -77.69
C ARG OC 228 -81.41 -73.60 -78.12
N ILE OC 229 -82.59 -73.39 -78.68
CA ILE OC 229 -83.35 -74.44 -79.35
C ILE OC 229 -83.49 -74.04 -80.79
N GLU OC 230 -83.03 -74.92 -81.68
CA GLU OC 230 -83.03 -74.70 -83.12
C GLU OC 230 -84.12 -75.54 -83.74
N ILE OC 231 -84.91 -74.93 -84.62
CA ILE OC 231 -85.92 -75.62 -85.41
C ILE OC 231 -85.65 -75.35 -86.88
N GLN OC 232 -85.37 -76.41 -87.63
CA GLN OC 232 -85.23 -76.33 -89.07
C GLN OC 232 -86.40 -77.04 -89.70
N TRP OC 233 -86.99 -76.45 -90.73
CA TRP OC 233 -87.81 -77.26 -91.61
C TRP OC 233 -87.73 -76.76 -93.05
N PHE OC 234 -87.67 -77.73 -93.96
CA PHE OC 234 -87.57 -77.53 -95.40
C PHE OC 234 -88.91 -77.17 -95.99
N THR OC 235 -89.05 -77.28 -97.30
CA THR OC 235 -90.35 -77.18 -97.93
C THR OC 235 -90.78 -78.44 -98.64
N SER OC 236 -89.87 -79.38 -98.91
CA SER OC 236 -90.23 -80.64 -99.55
C SER OC 236 -89.24 -81.73 -99.18
N LEU PC 113 -100.32 -127.23 -97.81
CA LEU PC 113 -99.15 -126.63 -97.21
C LEU PC 113 -99.06 -125.14 -97.55
N ASN PC 114 -99.96 -124.65 -98.39
CA ASN PC 114 -99.87 -123.29 -98.91
C ASN PC 114 -101.02 -122.40 -98.45
N ARG PC 115 -102.26 -122.82 -98.67
CA ARG PC 115 -103.41 -121.95 -98.42
C ARG PC 115 -104.49 -122.77 -97.73
N PHE PC 116 -104.89 -122.35 -96.53
CA PHE PC 116 -105.95 -123.03 -95.81
C PHE PC 116 -106.99 -122.01 -95.35
N ARG PC 117 -108.24 -122.29 -95.70
CA ARG PC 117 -109.37 -121.50 -95.22
C ARG PC 117 -110.41 -122.46 -94.66
N TYR PC 118 -110.89 -122.19 -93.46
CA TYR PC 118 -111.96 -123.00 -92.89
C TYR PC 118 -113.05 -122.14 -92.28
N GLU PC 119 -114.28 -122.57 -92.49
CA GLU PC 119 -115.46 -122.07 -91.80
C GLU PC 119 -116.28 -123.26 -91.33
N GLY PC 120 -116.99 -123.10 -90.21
CA GLY PC 120 -118.00 -124.08 -89.87
C GLY PC 120 -117.75 -125.07 -88.74
N ALA PC 121 -117.22 -124.60 -87.60
CA ALA PC 121 -117.19 -125.30 -86.32
C ALA PC 121 -116.40 -126.61 -86.39
N GLY PC 122 -115.10 -126.46 -86.58
CA GLY PC 122 -114.22 -127.61 -86.71
C GLY PC 122 -113.01 -127.52 -85.82
N VAL PC 123 -112.62 -128.67 -85.28
CA VAL PC 123 -111.45 -128.81 -84.43
C VAL PC 123 -110.36 -129.45 -85.30
N VAL PC 124 -109.33 -128.67 -85.59
CA VAL PC 124 -108.23 -129.09 -86.47
C VAL PC 124 -106.95 -129.11 -85.65
N THR PC 125 -106.23 -130.22 -85.71
CA THR PC 125 -104.98 -130.37 -84.98
C THR PC 125 -103.88 -130.76 -85.96
N GLY PC 126 -102.71 -130.14 -85.81
CA GLY PC 126 -101.58 -130.46 -86.66
C GLY PC 126 -100.28 -130.09 -86.00
N ASN PC 127 -99.23 -130.84 -86.35
CA ASN PC 127 -97.90 -130.56 -85.84
C ASN PC 127 -96.88 -131.02 -86.87
N ASN PC 128 -95.64 -130.52 -86.69
CA ASN PC 128 -94.48 -130.83 -87.53
C ASN PC 128 -94.73 -130.47 -88.99
N LEU PC 129 -95.44 -129.37 -89.21
CA LEU PC 129 -95.67 -128.86 -90.56
C LEU PC 129 -94.59 -127.83 -90.89
N ARG PC 130 -93.89 -128.06 -91.99
CA ARG PC 130 -92.82 -127.18 -92.43
C ARG PC 130 -93.27 -126.40 -93.65
N THR PC 131 -92.86 -125.14 -93.71
CA THR PC 131 -93.33 -124.25 -94.76
C THR PC 131 -92.34 -123.12 -94.95
N SER PC 132 -92.43 -122.49 -96.12
CA SER PC 132 -91.84 -121.17 -96.31
C SER PC 132 -92.86 -120.08 -96.02
N TYR PC 133 -94.08 -120.24 -96.51
CA TYR PC 133 -95.16 -119.31 -96.26
C TYR PC 133 -96.48 -120.04 -96.42
N LEU PC 134 -97.42 -119.77 -95.53
CA LEU PC 134 -98.79 -120.22 -95.70
C LEU PC 134 -99.74 -119.10 -95.32
N ASP PC 135 -100.94 -119.15 -95.88
CA ASP PC 135 -101.97 -118.16 -95.59
C ASP PC 135 -103.21 -118.86 -95.02
N LEU PC 136 -103.67 -118.37 -93.86
CA LEU PC 136 -104.80 -118.94 -93.16
C LEU PC 136 -105.95 -117.95 -93.08
N TYR PC 137 -107.16 -118.46 -93.28
CA TYR PC 137 -108.39 -117.70 -93.06
C TYR PC 137 -109.31 -118.56 -92.21
N LEU PC 138 -109.57 -118.11 -90.99
CA LEU PC 138 -110.43 -118.83 -90.06
C LEU PC 138 -111.73 -118.09 -89.82
N ALA PC 139 -112.82 -118.85 -89.73
CA ALA PC 139 -114.10 -118.31 -89.36
C ALA PC 139 -114.95 -119.39 -88.74
N ASN PC 140 -115.95 -118.96 -87.97
CA ASN PC 140 -117.10 -119.77 -87.53
C ASN PC 140 -116.66 -120.99 -86.73
N GLU PC 141 -116.06 -120.69 -85.56
CA GLU PC 141 -115.58 -121.67 -84.58
C GLU PC 141 -114.52 -122.60 -85.19
N GLY PC 142 -113.40 -122.00 -85.57
CA GLY PC 142 -112.25 -122.77 -85.97
C GLY PC 142 -111.33 -122.99 -84.80
N THR PC 143 -111.43 -124.15 -84.17
CA THR PC 143 -110.67 -124.48 -82.97
C THR PC 143 -109.43 -125.26 -83.40
N THR PC 144 -108.27 -124.61 -83.39
CA THR PC 144 -107.10 -125.13 -84.09
C THR PC 144 -105.89 -125.19 -83.19
N ARG PC 145 -105.15 -126.30 -83.28
CA ARG PC 145 -103.87 -126.47 -82.61
C ARG PC 145 -102.79 -126.67 -83.68
N LEU PC 146 -101.73 -125.88 -83.60
CA LEU PC 146 -100.58 -126.02 -84.48
C LEU PC 146 -99.33 -126.13 -83.61
N ALA PC 147 -98.62 -127.24 -83.72
CA ALA PC 147 -97.42 -127.50 -82.93
C ALA PC 147 -96.25 -127.84 -83.84
N GLY PC 148 -96.06 -127.05 -84.89
CA GLY PC 148 -94.94 -127.23 -85.78
C GLY PC 148 -94.33 -125.89 -86.14
N ASN PC 149 -93.04 -125.94 -86.47
CA ASN PC 149 -92.28 -124.74 -86.83
C ASN PC 149 -92.78 -124.23 -88.18
N ILE PC 150 -93.53 -123.13 -88.14
CA ILE PC 150 -94.25 -122.65 -89.30
C ILE PC 150 -93.78 -121.23 -89.64
N GLY PC 151 -93.42 -121.00 -90.89
CA GLY PC 151 -93.17 -119.67 -91.39
C GLY PC 151 -94.36 -119.19 -92.21
N LEU PC 152 -94.76 -117.94 -91.96
CA LEU PC 152 -95.89 -117.35 -92.66
C LEU PC 152 -95.77 -115.84 -92.57
N GLN PC 153 -96.69 -115.16 -93.25
CA GLN PC 153 -96.80 -113.72 -93.20
C GLN PC 153 -98.21 -113.23 -92.93
N LYS PC 154 -99.22 -113.86 -93.53
CA LYS PC 154 -100.58 -113.34 -93.50
C LYS PC 154 -101.48 -114.28 -92.73
N LEU PC 155 -102.25 -113.72 -91.81
CA LEU PC 155 -103.29 -114.46 -91.13
C LEU PC 155 -104.56 -113.63 -91.13
N GLU PC 156 -105.70 -114.29 -91.26
CA GLU PC 156 -106.99 -113.63 -91.17
C GLU PC 156 -107.92 -114.47 -90.33
N ALA PC 157 -108.60 -113.82 -89.40
CA ALA PC 157 -109.62 -114.49 -88.59
C ALA PC 157 -110.81 -113.57 -88.50
N VAL PC 158 -112.01 -114.12 -88.67
CA VAL PC 158 -113.20 -113.32 -88.51
C VAL PC 158 -113.49 -113.08 -87.03
N GLY PC 159 -113.77 -114.14 -86.30
CA GLY PC 159 -114.07 -114.02 -84.89
C GLY PC 159 -114.84 -115.23 -84.41
N ASN PC 160 -115.17 -115.19 -83.11
CA ASN PC 160 -115.87 -116.26 -82.38
C ASN PC 160 -115.11 -117.59 -82.49
N GLY PC 161 -113.81 -117.53 -82.23
CA GLY PC 161 -112.98 -118.72 -82.28
C GLY PC 161 -111.72 -118.55 -81.47
N VAL PC 162 -111.22 -119.68 -80.96
CA VAL PC 162 -109.98 -119.70 -80.21
C VAL PC 162 -108.89 -120.22 -81.12
N THR PC 163 -107.65 -120.00 -80.72
CA THR PC 163 -106.50 -120.34 -81.55
C THR PC 163 -105.29 -120.57 -80.67
N GLN PC 164 -104.66 -121.73 -80.81
CA GLN PC 164 -103.35 -122.01 -80.24
C GLN PC 164 -102.41 -122.34 -81.40
N ILE PC 165 -101.32 -121.59 -81.53
CA ILE PC 165 -100.28 -121.90 -82.51
C ILE PC 165 -98.94 -121.91 -81.78
N ASN PC 166 -98.20 -122.99 -81.94
CA ASN PC 166 -96.91 -123.15 -81.26
C ASN PC 166 -95.80 -123.19 -82.30
N GLY PC 167 -95.07 -122.08 -82.42
CA GLY PC 167 -93.85 -122.01 -83.19
C GLY PC 167 -94.02 -121.39 -84.54
N VAL PC 168 -93.76 -120.08 -84.63
CA VAL PC 168 -93.85 -119.32 -85.87
C VAL PC 168 -92.56 -118.55 -86.04
N SER PC 169 -91.95 -118.68 -87.21
CA SER PC 169 -90.73 -117.94 -87.55
C SER PC 169 -91.07 -117.02 -88.72
N SER PC 170 -91.21 -115.73 -88.45
CA SER PC 170 -91.61 -114.77 -89.47
C SER PC 170 -90.75 -113.52 -89.36
N ARG PC 171 -90.19 -113.10 -90.49
CA ARG PC 171 -89.54 -111.81 -90.59
C ARG PC 171 -90.49 -110.74 -91.10
N ASN PC 172 -91.73 -111.10 -91.39
CA ASN PC 172 -92.76 -110.14 -91.72
C ASN PC 172 -94.10 -110.73 -91.32
N LEU PC 173 -95.00 -109.88 -90.85
CA LEU PC 173 -96.33 -110.33 -90.42
C LEU PC 173 -97.28 -109.15 -90.49
N GLN PC 174 -98.52 -109.43 -90.87
CA GLN PC 174 -99.60 -108.44 -90.82
C GLN PC 174 -100.89 -109.21 -90.61
N ILE PC 175 -101.57 -108.94 -89.50
CA ILE PC 175 -102.75 -109.71 -89.09
C ILE PC 175 -103.84 -108.72 -88.69
N VAL PC 176 -105.04 -108.91 -89.23
CA VAL PC 176 -106.20 -108.11 -88.86
C VAL PC 176 -107.31 -109.04 -88.39
N LEU PC 177 -108.22 -108.49 -87.59
CA LEU PC 177 -109.38 -109.23 -87.12
C LEU PC 177 -110.49 -108.24 -86.79
N LYS PC 178 -111.72 -108.74 -86.80
CA LYS PC 178 -112.89 -107.89 -86.70
C LYS PC 178 -113.88 -108.33 -85.64
N GLY PC 179 -114.08 -109.63 -85.45
CA GLY PC 179 -115.07 -110.08 -84.49
C GLY PC 179 -114.49 -110.29 -83.12
N ASP PC 180 -114.60 -111.52 -82.60
CA ASP PC 180 -114.09 -111.87 -81.29
C ASP PC 180 -113.21 -113.12 -81.36
N PRO PC 181 -111.95 -112.98 -81.78
CA PRO PC 181 -111.03 -114.12 -81.69
C PRO PC 181 -110.21 -114.08 -80.40
N LYS PC 182 -109.69 -115.25 -80.06
CA LYS PC 182 -108.86 -115.43 -78.87
C LYS PC 182 -107.65 -116.28 -79.27
N VAL PC 183 -106.55 -115.61 -79.60
CA VAL PC 183 -105.45 -116.25 -80.33
C VAL PC 183 -104.15 -116.09 -79.53
N LEU PC 184 -103.48 -117.23 -79.29
CA LEU PC 184 -102.22 -117.28 -78.56
C LEU PC 184 -101.16 -117.94 -79.44
N ILE PC 185 -100.04 -117.23 -79.65
CA ILE PC 185 -99.02 -117.63 -80.60
C ILE PC 185 -97.67 -117.68 -79.89
N SER PC 186 -96.93 -118.76 -80.11
CA SER PC 186 -95.54 -118.85 -79.70
C SER PC 186 -94.61 -118.65 -80.89
N GLY PC 187 -93.45 -118.06 -80.64
CA GLY PC 187 -92.44 -117.92 -81.68
C GLY PC 187 -91.69 -116.60 -81.72
N PHE PC 188 -91.25 -116.23 -82.93
CA PHE PC 188 -90.46 -115.02 -83.15
C PHE PC 188 -91.09 -114.28 -84.32
N VAL PC 189 -91.68 -113.13 -84.06
CA VAL PC 189 -92.45 -112.40 -85.06
C VAL PC 189 -91.87 -111.01 -85.24
N ASN PC 190 -91.54 -110.66 -86.47
CA ASN PC 190 -91.23 -109.29 -86.84
C ASN PC 190 -92.53 -108.63 -87.30
N LEU PC 191 -93.34 -108.26 -86.31
CA LEU PC 191 -94.66 -107.71 -86.58
C LEU PC 191 -94.57 -106.30 -87.15
N ARG PC 192 -95.60 -105.89 -87.86
CA ARG PC 192 -95.64 -104.58 -88.47
C ARG PC 192 -96.80 -103.72 -87.98
N GLN PC 193 -98.03 -104.22 -88.02
CA GLN PC 193 -99.18 -103.37 -87.79
C GLN PC 193 -100.38 -104.19 -87.37
N LEU PC 194 -101.30 -103.55 -86.67
CA LEU PC 194 -102.53 -104.18 -86.18
C LEU PC 194 -103.70 -103.23 -86.38
N ASP PC 195 -104.91 -103.80 -86.35
CA ASP PC 195 -106.13 -103.00 -86.35
C ASP PC 195 -107.24 -103.82 -85.73
N MET PC 196 -107.68 -103.45 -84.53
CA MET PC 196 -108.75 -104.13 -83.82
C MET PC 196 -109.98 -103.24 -83.80
N TYR PC 197 -111.13 -103.83 -84.07
CA TYR PC 197 -112.39 -103.08 -84.03
C TYR PC 197 -113.50 -103.87 -83.35
N GLY PC 198 -113.21 -105.04 -82.80
CA GLY PC 198 -114.23 -105.83 -82.12
C GLY PC 198 -113.88 -106.10 -80.67
N LYS PC 199 -113.71 -107.39 -80.35
CA LYS PC 199 -113.44 -107.88 -79.01
C LYS PC 199 -112.29 -108.86 -79.03
N GLY PC 200 -111.19 -108.46 -79.67
CA GLY PC 200 -110.11 -109.39 -80.01
C GLY PC 200 -109.06 -109.48 -78.93
N THR PC 201 -108.71 -110.71 -78.55
CA THR PC 201 -107.68 -110.97 -77.56
C THR PC 201 -106.56 -111.78 -78.20
N LEU PC 202 -105.32 -111.34 -78.03
CA LEU PC 202 -104.20 -112.07 -78.58
C LEU PC 202 -103.00 -111.99 -77.65
N SER PC 203 -102.10 -112.97 -77.81
CA SER PC 203 -100.89 -113.02 -77.01
C SER PC 203 -99.73 -113.51 -77.86
N LEU PC 204 -98.58 -112.88 -77.66
CA LEU PC 204 -97.31 -113.33 -78.19
C LEU PC 204 -96.33 -113.54 -77.05
N TYR PC 205 -95.41 -114.49 -77.24
CA TYR PC 205 -94.38 -114.72 -76.24
C TYR PC 205 -93.16 -113.85 -76.48
N TRP PC 206 -92.58 -113.94 -77.67
CA TRP PC 206 -91.40 -113.17 -78.00
C TRP PC 206 -91.58 -112.55 -79.37
N ILE PC 207 -91.07 -111.33 -79.54
CA ILE PC 207 -91.11 -110.63 -80.80
C ILE PC 207 -89.75 -109.99 -81.06
N LYS PC 208 -89.46 -109.73 -82.32
CA LYS PC 208 -88.21 -109.11 -82.71
C LYS PC 208 -88.50 -108.17 -83.88
N SER PC 209 -88.74 -106.91 -83.57
CA SER PC 209 -88.93 -105.90 -84.60
C SER PC 209 -88.46 -104.56 -84.05
N ASP PC 210 -88.69 -103.52 -84.82
CA ASP PC 210 -88.11 -102.21 -84.54
C ASP PC 210 -89.18 -101.13 -84.53
N THR PC 211 -90.25 -101.35 -85.29
CA THR PC 211 -91.27 -100.34 -85.50
C THR PC 211 -92.64 -100.98 -85.44
N LEU PC 212 -93.47 -100.54 -84.51
CA LEU PC 212 -94.84 -101.02 -84.42
C LEU PC 212 -95.80 -99.85 -84.32
N THR PC 213 -96.97 -100.01 -84.92
CA THR PC 213 -98.02 -98.99 -84.89
C THR PC 213 -99.34 -99.68 -84.61
N ILE PC 214 -100.02 -99.26 -83.55
CA ILE PC 214 -101.22 -99.93 -83.07
C ILE PC 214 -102.35 -98.91 -83.03
N ARG PC 215 -103.46 -99.23 -83.68
CA ARG PC 215 -104.69 -98.47 -83.58
C ARG PC 215 -105.74 -99.35 -82.93
N ALA PC 216 -106.29 -98.90 -81.80
CA ALA PC 216 -107.27 -99.71 -81.07
C ALA PC 216 -108.52 -98.90 -80.82
N LYS PC 217 -109.67 -99.51 -81.11
CA LYS PC 217 -110.94 -98.80 -81.20
C LYS PC 217 -111.94 -99.24 -80.14
N LYS PC 218 -112.29 -100.53 -80.07
CA LYS PC 218 -113.44 -100.95 -79.27
C LYS PC 218 -113.08 -101.86 -78.11
N ALA PC 219 -112.48 -103.03 -78.37
CA ALA PC 219 -112.11 -103.94 -77.29
C ALA PC 219 -110.96 -104.80 -77.79
N ALA PC 220 -109.77 -104.49 -77.32
CA ALA PC 220 -108.58 -105.25 -77.69
C ALA PC 220 -107.80 -105.60 -76.44
N LYS PC 221 -107.38 -106.85 -76.35
CA LYS PC 221 -106.56 -107.33 -75.24
C LYS PC 221 -105.27 -107.87 -75.83
N ILE PC 222 -104.16 -107.31 -75.40
CA ILE PC 222 -102.86 -107.57 -76.01
C ILE PC 222 -101.91 -108.04 -74.93
N GLN PC 223 -101.35 -109.23 -75.10
CA GLN PC 223 -100.28 -109.67 -74.22
C GLN PC 223 -99.02 -109.79 -75.08
N LEU PC 224 -98.29 -108.67 -75.18
CA LEU PC 224 -97.10 -108.58 -76.00
C LEU PC 224 -95.89 -108.35 -75.13
N ALA PC 225 -94.78 -109.02 -75.46
CA ALA PC 225 -93.57 -108.90 -74.66
C ALA PC 225 -92.35 -109.16 -75.53
N GLY PC 226 -91.34 -108.30 -75.41
CA GLY PC 226 -90.15 -108.50 -76.22
C GLY PC 226 -89.39 -107.20 -76.41
N ILE PC 227 -88.74 -107.10 -77.57
CA ILE PC 227 -87.78 -106.05 -77.87
C ILE PC 227 -88.32 -105.21 -79.02
N VAL PC 228 -88.37 -103.89 -78.81
CA VAL PC 228 -88.92 -102.96 -79.79
C VAL PC 228 -88.07 -101.71 -79.80
N ASN PC 229 -87.63 -101.28 -80.99
CA ASN PC 229 -86.93 -100.02 -81.08
C ASN PC 229 -87.87 -98.82 -81.03
N ARG PC 230 -89.03 -98.91 -81.68
CA ARG PC 230 -89.93 -97.78 -81.74
C ARG PC 230 -91.37 -98.27 -81.76
N LEU PC 231 -92.19 -97.68 -80.90
CA LEU PC 231 -93.53 -98.19 -80.63
C LEU PC 231 -94.49 -97.01 -80.60
N ASP PC 232 -95.62 -97.14 -81.30
CA ASP PC 232 -96.63 -96.10 -81.30
C ASP PC 232 -98.00 -96.72 -81.07
N VAL PC 233 -98.75 -96.15 -80.14
CA VAL PC 233 -100.04 -96.70 -79.74
C VAL PC 233 -101.06 -95.57 -79.70
N GLU PC 234 -102.19 -95.78 -80.39
CA GLU PC 234 -103.35 -94.91 -80.28
C GLU PC 234 -104.52 -95.73 -79.75
N LEU PC 235 -105.11 -95.28 -78.65
CA LEU PC 235 -106.28 -95.93 -78.04
C LEU PC 235 -107.44 -94.97 -78.05
N TRP PC 236 -108.61 -95.43 -78.51
CA TRP PC 236 -109.78 -94.57 -78.54
C TRP PC 236 -110.69 -94.75 -77.33
N ASP PC 237 -111.25 -95.94 -77.13
CA ASP PC 237 -112.20 -96.10 -76.04
C ASP PC 237 -112.28 -97.55 -75.60
N PHE PC 238 -112.37 -97.74 -74.28
CA PHE PC 238 -112.62 -99.03 -73.63
C PHE PC 238 -111.55 -100.06 -73.99
N ALA PC 239 -110.31 -99.59 -74.13
CA ALA PC 239 -109.23 -100.42 -74.63
C ALA PC 239 -108.17 -100.58 -73.57
N GLN PC 240 -107.52 -101.74 -73.60
CA GLN PC 240 -106.43 -102.07 -72.69
C GLN PC 240 -105.23 -102.50 -73.52
N PHE PC 241 -104.07 -101.94 -73.22
CA PHE PC 241 -102.83 -102.35 -73.86
C PHE PC 241 -101.82 -102.67 -72.76
N LYS PC 242 -101.62 -103.96 -72.51
CA LYS PC 242 -100.78 -104.42 -71.42
C LYS PC 242 -99.35 -104.62 -71.95
N GLY PC 243 -98.70 -103.50 -72.25
CA GLY PC 243 -97.33 -103.58 -72.68
C GLY PC 243 -96.31 -103.65 -71.55
N LYS PC 244 -96.59 -104.45 -70.52
CA LYS PC 244 -95.52 -104.87 -69.63
C LYS PC 244 -94.63 -105.87 -70.35
N TYR PC 245 -93.39 -105.97 -69.88
CA TYR PC 245 -92.33 -106.84 -70.41
C TYR PC 245 -92.03 -106.55 -71.88
N LEU PC 246 -92.32 -105.35 -72.35
CA LEU PC 246 -92.20 -104.97 -73.76
C LEU PC 246 -91.25 -103.78 -73.80
N ARG PC 247 -89.96 -104.06 -73.88
CA ARG PC 247 -88.95 -103.02 -73.69
C ARG PC 247 -88.84 -102.19 -74.96
N ALA PC 248 -89.12 -100.90 -74.84
CA ALA PC 248 -89.16 -100.00 -75.99
C ALA PC 248 -88.14 -98.88 -75.81
N GLN PC 249 -87.32 -98.67 -76.83
CA GLN PC 249 -86.42 -97.53 -76.80
C GLN PC 249 -87.19 -96.22 -76.96
N ARG PC 250 -88.09 -96.19 -77.93
CA ARG PC 250 -88.93 -95.02 -78.17
C ARG PC 250 -90.39 -95.44 -78.03
N SER PC 251 -91.12 -94.71 -77.20
CA SER PC 251 -92.54 -95.02 -77.03
C SER PC 251 -93.37 -93.75 -77.21
N PHE PC 252 -94.48 -93.90 -77.94
CA PHE PC 252 -95.43 -92.82 -78.12
C PHE PC 252 -96.82 -93.35 -77.82
N VAL PC 253 -97.49 -92.73 -76.85
CA VAL PC 253 -98.80 -93.18 -76.38
C VAL PC 253 -99.79 -92.04 -76.51
N LYS PC 254 -100.91 -92.30 -77.17
CA LYS PC 254 -101.98 -91.31 -77.28
C LYS PC 254 -103.31 -91.97 -76.90
N THR PC 255 -103.87 -91.58 -75.76
CA THR PC 255 -105.03 -92.26 -75.18
C THR PC 255 -106.19 -91.30 -75.05
N HIS PC 256 -107.31 -91.66 -75.66
CA HIS PC 256 -108.55 -90.90 -75.52
C HIS PC 256 -109.36 -91.52 -74.39
N ASP PC 257 -110.68 -91.25 -74.35
CA ASP PC 257 -111.49 -91.50 -73.17
C ASP PC 257 -111.58 -92.98 -72.80
N LYS PC 258 -111.37 -93.27 -71.52
CA LYS PC 258 -111.49 -94.59 -70.90
C LYS PC 258 -110.56 -95.60 -71.57
N SER PC 259 -109.26 -95.35 -71.40
CA SER PC 259 -108.24 -96.21 -71.97
C SER PC 259 -107.19 -96.51 -70.92
N VAL PC 260 -106.65 -97.73 -70.99
CA VAL PC 260 -105.66 -98.22 -70.04
C VAL PC 260 -104.43 -98.65 -70.83
N ALA PC 261 -103.27 -98.12 -70.46
CA ALA PC 261 -102.03 -98.51 -71.11
C ALA PC 261 -100.97 -98.76 -70.05
N GLU PC 262 -100.18 -99.80 -70.25
CA GLU PC 262 -99.11 -100.16 -69.33
C GLU PC 262 -97.81 -100.26 -70.13
N ILE PC 263 -96.91 -99.31 -69.89
CA ILE PC 263 -95.77 -99.05 -70.78
C ILE PC 263 -94.49 -99.48 -70.08
N SER PC 264 -93.52 -99.93 -70.87
CA SER PC 264 -92.23 -100.39 -70.36
C SER PC 264 -91.09 -99.81 -71.17
N ALA PC 265 -91.10 -98.48 -71.33
CA ALA PC 265 -90.10 -97.79 -72.14
C ALA PC 265 -88.73 -97.87 -71.49
N VAL PC 266 -87.70 -97.73 -72.33
CA VAL PC 266 -86.31 -97.87 -71.90
C VAL PC 266 -85.56 -96.54 -72.00
N ASN PC 267 -85.59 -95.91 -73.17
CA ASN PC 267 -84.78 -94.72 -73.39
C ASN PC 267 -85.61 -93.45 -73.45
N HIS PC 268 -86.61 -93.38 -74.32
CA HIS PC 268 -87.37 -92.15 -74.52
C HIS PC 268 -88.85 -92.45 -74.56
N GLN PC 269 -89.62 -91.68 -73.80
CA GLN PC 269 -91.02 -91.97 -73.58
C GLN PC 269 -91.85 -90.71 -73.69
N SER PC 270 -92.91 -90.77 -74.50
CA SER PC 270 -93.82 -89.65 -74.68
C SER PC 270 -95.25 -90.12 -74.50
N SER PC 271 -95.99 -89.44 -73.62
CA SER PC 271 -97.31 -89.89 -73.20
C SER PC 271 -98.32 -88.75 -73.27
N LEU PC 272 -99.50 -89.03 -73.81
CA LEU PC 272 -100.55 -88.04 -73.90
C LEU PC 272 -101.89 -88.67 -73.60
N ALA PC 273 -102.65 -88.04 -72.71
CA ALA PC 273 -103.98 -88.52 -72.35
C ALA PC 273 -104.98 -87.39 -72.48
N THR PC 274 -106.19 -87.72 -72.91
CA THR PC 274 -107.21 -86.67 -73.07
C THR PC 274 -108.04 -86.51 -71.80
N ASP PC 275 -108.76 -87.56 -71.40
CA ASP PC 275 -109.62 -87.54 -70.23
C ASP PC 275 -109.95 -88.98 -69.87
N ALA PC 276 -109.95 -89.27 -68.55
CA ALA PC 276 -110.23 -90.59 -67.99
C ALA PC 276 -109.33 -91.67 -68.58
N SER PC 277 -108.09 -91.31 -68.87
CA SER PC 277 -107.15 -92.20 -69.54
C SER PC 277 -105.95 -92.40 -68.63
N ASP PC 278 -105.48 -93.64 -68.57
CA ASP PC 278 -104.46 -94.03 -67.61
C ASP PC 278 -103.27 -94.62 -68.34
N ILE PC 279 -102.08 -94.13 -67.99
CA ILE PC 279 -100.84 -94.62 -68.57
C ILE PC 279 -99.89 -94.94 -67.42
N TYR PC 280 -99.45 -96.19 -67.36
CA TYR PC 280 -98.70 -96.68 -66.21
C TYR PC 280 -97.30 -97.06 -66.69
N TYR PC 281 -96.34 -96.18 -66.47
CA TYR PC 281 -94.97 -96.48 -66.87
C TYR PC 281 -94.35 -97.43 -65.87
N TYR PC 282 -93.58 -98.39 -66.34
CA TYR PC 282 -93.03 -99.41 -65.45
C TYR PC 282 -91.52 -99.45 -65.45
N ASN PC 283 -90.86 -98.47 -66.06
CA ASN PC 283 -89.42 -98.31 -65.92
C ASN PC 283 -89.08 -96.86 -66.15
N LEU PC 284 -88.28 -96.29 -65.26
CA LEU PC 284 -87.91 -94.88 -65.38
C LEU PC 284 -86.91 -94.73 -66.50
N SER PC 285 -87.38 -94.27 -67.65
CA SER PC 285 -86.53 -94.17 -68.83
C SER PC 285 -85.57 -93.00 -68.70
N LYS PC 286 -84.64 -92.91 -69.65
CA LYS PC 286 -83.69 -91.83 -69.62
C LYS PC 286 -84.31 -90.48 -69.98
N THR PC 287 -85.48 -90.50 -70.63
CA THR PC 287 -86.23 -89.27 -70.84
C THR PC 287 -87.71 -89.59 -70.80
N ARG PC 288 -88.44 -88.89 -69.92
CA ARG PC 288 -89.87 -89.11 -69.72
C ARG PC 288 -90.57 -87.80 -69.92
N ALA PC 289 -91.62 -87.78 -70.75
CA ALA PC 289 -92.38 -86.57 -70.94
C ALA PC 289 -93.82 -86.91 -71.29
N ASP PC 290 -94.74 -86.09 -70.82
CA ASP PC 290 -96.14 -86.48 -70.77
C ASP PC 290 -97.02 -85.26 -70.60
N PHE PC 291 -98.29 -85.43 -71.00
CA PHE PC 291 -99.30 -84.38 -70.87
C PHE PC 291 -100.66 -85.02 -70.67
N MET PC 292 -101.47 -84.41 -69.80
CA MET PC 292 -102.88 -84.76 -69.60
C MET PC 292 -103.74 -83.56 -69.96
N ALA PC 293 -104.84 -83.81 -70.67
CA ALA PC 293 -105.65 -82.73 -71.22
C ALA PC 293 -106.80 -82.35 -70.30
N PHE PC 294 -107.68 -83.30 -69.96
CA PHE PC 294 -108.77 -83.03 -69.05
C PHE PC 294 -108.68 -83.87 -67.78
N ASN PC 295 -108.71 -85.20 -67.92
CA ASN PC 295 -108.75 -86.08 -66.77
C ASN PC 295 -107.78 -87.23 -66.93
N GLY PC 296 -106.66 -86.98 -67.60
CA GLY PC 296 -105.68 -88.01 -67.83
C GLY PC 296 -104.80 -88.27 -66.62
N SER PC 297 -103.99 -89.31 -66.73
CA SER PC 297 -103.18 -89.72 -65.59
C SER PC 297 -101.98 -90.53 -66.08
N VAL PC 298 -100.81 -90.23 -65.50
CA VAL PC 298 -99.58 -90.96 -65.78
C VAL PC 298 -98.96 -91.34 -64.44
N LEU PC 299 -98.80 -92.65 -64.21
CA LEU PC 299 -98.48 -93.16 -62.88
C LEU PC 299 -97.45 -94.27 -62.94
N ASP PC 300 -96.82 -94.50 -61.80
CA ASP PC 300 -95.68 -95.39 -61.69
C ASP PC 300 -96.08 -96.84 -61.40
N MET PC 301 -96.73 -97.07 -60.25
CA MET PC 301 -96.94 -98.38 -59.61
C MET PC 301 -95.76 -99.33 -59.76
N ARG PC 302 -94.62 -98.90 -59.25
CA ARG PC 302 -93.56 -99.86 -58.98
C ARG PC 302 -93.79 -100.51 -57.63
N GLU PC 303 -93.08 -101.61 -57.38
CA GLU PC 303 -93.31 -102.39 -56.18
C GLU PC 303 -92.75 -101.74 -54.92
N TRP PC 304 -91.81 -100.80 -55.07
CA TRP PC 304 -91.18 -100.00 -54.00
C TRP PC 304 -90.39 -100.84 -53.01
N GLY PC 305 -90.18 -102.12 -53.27
CA GLY PC 305 -89.52 -102.99 -52.33
C GLY PC 305 -88.31 -103.61 -52.97
N GLN PC 306 -88.02 -103.20 -54.20
CA GLN PC 306 -86.79 -103.59 -54.87
C GLN PC 306 -85.61 -103.00 -54.13
N SER PC 307 -84.63 -103.84 -53.82
CA SER PC 307 -83.49 -103.39 -53.05
C SER PC 307 -82.53 -102.52 -53.85
N ASP PC 308 -82.69 -102.43 -55.17
CA ASP PC 308 -81.76 -101.71 -56.02
C ASP PC 308 -82.50 -100.83 -57.02
N LEU PC 309 -83.46 -100.05 -56.53
CA LEU PC 309 -84.19 -99.13 -57.38
C LEU PC 309 -83.58 -97.74 -57.30
N LYS PC 310 -83.32 -97.14 -58.46
CA LYS PC 310 -82.73 -95.82 -58.53
C LYS PC 310 -83.81 -94.75 -58.62
N ASP PC 311 -83.40 -93.51 -58.30
CA ASP PC 311 -84.33 -92.39 -58.24
C ASP PC 311 -84.17 -91.50 -59.46
N PHE PC 312 -84.82 -90.33 -59.43
CA PHE PC 312 -84.75 -89.39 -60.53
C PHE PC 312 -83.44 -88.63 -60.50
N ASP PC 313 -82.81 -88.50 -61.66
CA ASP PC 313 -81.61 -87.70 -61.80
C ASP PC 313 -82.00 -86.26 -62.12
N ARG PC 314 -81.00 -85.43 -62.37
CA ARG PC 314 -81.23 -84.03 -62.72
C ARG PC 314 -81.94 -83.91 -64.06
N TYR PC 315 -81.64 -84.81 -64.99
CA TYR PC 315 -82.27 -84.76 -66.29
C TYR PC 315 -83.68 -85.29 -66.28
N ASN PC 316 -83.99 -86.24 -65.41
CA ASN PC 316 -85.28 -86.93 -65.47
C ASN PC 316 -86.26 -86.44 -64.43
N LYS PC 317 -85.98 -85.32 -63.78
CA LYS PC 317 -86.76 -84.87 -62.63
C LYS PC 317 -87.97 -84.04 -63.08
N GLN PC 318 -88.80 -84.66 -63.91
CA GLN PC 318 -89.99 -84.00 -64.43
C GLN PC 318 -91.16 -84.25 -63.49
N PHE PC 319 -91.77 -83.17 -63.02
CA PHE PC 319 -92.86 -83.25 -62.07
C PHE PC 319 -94.19 -83.20 -62.80
N PRO PC 320 -95.00 -84.26 -62.75
CA PRO PC 320 -96.32 -84.27 -63.37
C PRO PC 320 -97.34 -83.55 -62.50
N ASP QC 39 -97.19 -48.72 -33.08
CA ASP QC 39 -96.43 -49.75 -32.39
C ASP QC 39 -97.34 -50.73 -31.68
N GLY QC 40 -98.53 -50.92 -32.23
CA GLY QC 40 -99.45 -51.89 -31.67
C GLY QC 40 -99.00 -53.31 -31.93
N CYS QC 41 -98.56 -54.01 -30.88
CA CYS QC 41 -98.06 -55.36 -31.08
C CYS QC 41 -99.18 -56.39 -30.99
N CYS QC 42 -100.01 -56.32 -29.95
CA CYS QC 42 -101.18 -57.19 -29.89
C CYS QC 42 -102.43 -56.48 -30.42
N SER QC 43 -102.35 -55.94 -31.62
CA SER QC 43 -103.53 -55.35 -32.24
C SER QC 43 -104.42 -56.44 -32.80
N LYS QC 44 -105.73 -56.18 -32.79
CA LYS QC 44 -106.79 -57.16 -33.06
C LYS QC 44 -106.65 -58.38 -32.17
N MET QC 45 -106.22 -58.14 -30.93
CA MET QC 45 -106.00 -59.17 -29.94
C MET QC 45 -106.58 -58.65 -28.63
N GLY QC 46 -106.29 -59.36 -27.55
CA GLY QC 46 -106.76 -58.86 -26.28
C GLY QC 46 -105.88 -57.82 -25.63
N GLY QC 47 -104.79 -57.42 -26.28
CA GLY QC 47 -103.84 -56.52 -25.67
C GLY QC 47 -102.60 -57.27 -25.20
N ILE QC 48 -101.70 -56.52 -24.58
CA ILE QC 48 -100.41 -57.03 -24.17
C ILE QC 48 -100.53 -57.55 -22.74
N ASN QC 49 -100.11 -58.79 -22.52
CA ASN QC 49 -100.15 -59.31 -21.16
C ASN QC 49 -98.85 -58.99 -20.42
N TYR QC 50 -97.73 -59.54 -20.90
CA TYR QC 50 -96.42 -59.28 -20.31
C TYR QC 50 -95.38 -59.80 -21.28
N CYS QC 51 -94.13 -59.47 -20.99
CA CYS QC 51 -93.00 -59.88 -21.81
C CYS QC 51 -92.30 -61.05 -21.14
N ASP QC 52 -92.26 -62.18 -21.83
CA ASP QC 52 -91.47 -63.31 -21.37
C ASP QC 52 -89.99 -63.01 -21.51
N SER QC 53 -89.21 -63.32 -20.49
CA SER QC 53 -87.78 -63.08 -20.55
C SER QC 53 -86.99 -64.26 -21.09
N SER QC 54 -87.59 -65.45 -21.22
CA SER QC 54 -86.81 -66.59 -21.67
C SER QC 54 -86.62 -66.55 -23.17
N ALA QC 55 -87.71 -66.64 -23.92
CA ALA QC 55 -87.64 -66.60 -25.38
C ALA QC 55 -87.75 -65.19 -25.93
N GLY QC 56 -87.96 -64.20 -25.07
CA GLY QC 56 -87.96 -62.81 -25.49
C GLY QC 56 -89.10 -62.43 -26.41
N ARG QC 57 -90.28 -62.97 -26.18
CA ARG QC 57 -91.44 -62.65 -26.98
C ARG QC 57 -92.54 -62.12 -26.09
N LEU QC 58 -93.32 -61.21 -26.63
CA LEU QC 58 -94.52 -60.78 -25.94
C LEU QC 58 -95.56 -61.90 -25.96
N VAL QC 59 -96.46 -61.85 -24.99
CA VAL QC 59 -97.60 -62.74 -24.93
C VAL QC 59 -98.84 -61.88 -24.93
N CYS QC 60 -99.73 -62.10 -25.90
CA CYS QC 60 -100.95 -61.33 -25.95
C CYS QC 60 -101.95 -61.87 -24.93
N ASN QC 61 -103.09 -61.18 -24.80
CA ASN QC 61 -104.06 -61.61 -23.80
C ASN QC 61 -104.80 -62.86 -24.24
N ASN QC 62 -104.95 -63.07 -25.54
CA ASN QC 62 -105.24 -64.40 -26.02
C ASN QC 62 -103.93 -65.16 -26.14
N GLY QC 63 -104.01 -66.48 -26.03
CA GLY QC 63 -102.80 -67.27 -25.88
C GLY QC 63 -101.95 -67.47 -27.12
N PHE QC 64 -101.48 -66.40 -27.72
CA PHE QC 64 -100.61 -66.49 -28.89
C PHE QC 64 -99.30 -65.79 -28.62
N TYR QC 65 -98.21 -66.35 -29.13
CA TYR QC 65 -96.95 -65.63 -29.14
C TYR QC 65 -97.04 -64.54 -30.19
N SER QC 66 -96.83 -63.29 -29.78
CA SER QC 66 -96.98 -62.19 -30.71
C SER QC 66 -95.78 -62.11 -31.65
N THR QC 67 -95.92 -61.29 -32.68
CA THR QC 67 -94.84 -61.15 -33.65
C THR QC 67 -93.69 -60.32 -33.11
N CYS QC 68 -93.96 -59.41 -32.18
CA CYS QC 68 -92.95 -58.45 -31.75
C CYS QC 68 -91.90 -59.09 -30.85
N TYR QC 69 -90.74 -58.45 -30.79
CA TYR QC 69 -89.73 -58.78 -29.80
C TYR QC 69 -90.04 -58.08 -28.49
N CYS QC 70 -89.42 -58.55 -27.41
CA CYS QC 70 -89.54 -57.84 -26.16
C CYS QC 70 -88.26 -57.82 -25.32
N THR QC 71 -87.16 -58.35 -25.81
CA THR QC 71 -85.85 -58.12 -25.20
C THR QC 71 -84.78 -58.28 -26.27
N ARG QC 72 -83.56 -57.86 -25.93
CA ARG QC 72 -82.48 -57.94 -26.90
C ARG QC 72 -81.89 -59.33 -27.03
N HIS QC 73 -82.15 -60.22 -26.07
CA HIS QC 73 -81.59 -61.57 -26.13
C HIS QC 73 -82.63 -62.51 -26.73
N ALA QC 74 -82.78 -62.41 -28.04
CA ALA QC 74 -83.83 -63.16 -28.72
C ALA QC 74 -83.27 -63.88 -29.94
N VAL QC 75 -84.01 -64.88 -30.40
CA VAL QC 75 -83.72 -65.48 -31.69
C VAL QC 75 -84.19 -64.46 -32.71
N MET QC 76 -83.26 -63.66 -33.19
CA MET QC 76 -83.58 -62.50 -34.01
C MET QC 76 -82.53 -62.43 -35.11
N ASP QC 77 -82.98 -62.47 -36.35
CA ASP QC 77 -82.05 -62.60 -37.46
C ASP QC 77 -81.38 -61.27 -37.76
N LEU QC 78 -80.07 -61.31 -37.97
CA LEU QC 78 -79.31 -60.16 -38.42
C LEU QC 78 -78.54 -60.60 -39.65
N GLN QC 79 -78.72 -59.88 -40.76
CA GLN QC 79 -78.07 -60.27 -42.00
C GLN QC 79 -77.30 -59.11 -42.62
N PHE QC 80 -76.90 -58.14 -41.80
CA PHE QC 80 -76.26 -56.92 -42.29
C PHE QC 80 -75.60 -56.27 -41.08
N LEU QC 81 -74.42 -55.69 -41.29
CA LEU QC 81 -73.69 -55.09 -40.18
C LEU QC 81 -73.05 -53.79 -40.63
N MET QC 82 -72.72 -52.97 -39.66
CA MET QC 82 -71.99 -51.73 -39.87
C MET QC 82 -70.62 -51.82 -39.21
N GLY QC 83 -69.89 -50.71 -39.24
CA GLY QC 83 -68.59 -50.63 -38.62
C GLY QC 83 -67.50 -51.20 -39.50
N CYS QC 84 -66.27 -50.75 -39.23
CA CYS QC 84 -65.12 -51.18 -40.02
C CYS QC 84 -64.41 -52.34 -39.32
N CYS QC 85 -63.44 -52.91 -40.03
CA CYS QC 85 -62.61 -54.02 -39.57
C CYS QC 85 -63.43 -55.25 -39.21
N LEU QC 86 -64.50 -55.48 -39.96
CA LEU QC 86 -65.32 -56.67 -39.76
C LEU QC 86 -64.57 -57.90 -40.23
N TRP QC 87 -64.82 -59.01 -39.53
CA TRP QC 87 -64.06 -60.27 -39.65
C TRP QC 87 -62.56 -60.04 -39.48
N HIS QC 88 -62.21 -59.12 -38.60
CA HIS QC 88 -60.82 -58.82 -38.31
C HIS QC 88 -60.73 -58.43 -36.85
N GLY QC 89 -59.62 -57.81 -36.46
CA GLY QC 89 -59.38 -57.50 -35.07
C GLY QC 89 -60.16 -56.33 -34.51
N GLY QC 90 -61.09 -55.77 -35.27
CA GLY QC 90 -61.79 -54.59 -34.81
C GLY QC 90 -60.92 -53.37 -35.01
N VAL QC 91 -61.45 -52.23 -34.58
CA VAL QC 91 -60.74 -50.98 -34.76
C VAL QC 91 -59.66 -50.87 -33.70
N TYR QC 92 -58.41 -50.71 -34.15
CA TYR QC 92 -57.31 -50.49 -33.22
C TYR QC 92 -57.49 -49.14 -32.53
N PRO QC 93 -57.20 -49.06 -31.26
CA PRO QC 93 -57.50 -47.81 -30.53
C PRO QC 93 -56.46 -46.71 -30.69
N GLN QC 94 -55.60 -46.78 -31.70
CA GLN QC 94 -54.57 -45.77 -31.84
C GLN QC 94 -55.16 -44.44 -32.30
N LEU QC 95 -54.37 -43.38 -32.11
CA LEU QC 95 -54.74 -42.01 -32.48
C LEU QC 95 -53.86 -41.62 -33.67
N ASN QC 96 -54.30 -41.97 -34.87
CA ASN QC 96 -53.54 -41.68 -36.08
C ASN QC 96 -54.00 -40.36 -36.67
N SER QC 97 -53.05 -39.46 -36.89
CA SER QC 97 -53.35 -38.25 -37.65
C SER QC 97 -53.53 -38.57 -39.12
N SER QC 98 -52.82 -39.58 -39.62
CA SER QC 98 -52.93 -39.96 -41.02
C SER QC 98 -54.25 -40.67 -41.27
N GLY QC 99 -54.64 -40.72 -42.53
CA GLY QC 99 -55.93 -41.28 -42.90
C GLY QC 99 -56.02 -42.78 -42.80
N LEU QC 100 -54.89 -43.47 -42.66
CA LEU QC 100 -54.91 -44.91 -42.53
C LEU QC 100 -55.43 -45.33 -41.16
N VAL QC 101 -56.29 -46.34 -41.16
CA VAL QC 101 -56.68 -47.03 -39.94
C VAL QC 101 -56.44 -48.52 -40.17
N VAL QC 102 -55.70 -49.13 -39.26
CA VAL QC 102 -55.28 -50.52 -39.40
C VAL QC 102 -55.92 -51.32 -38.27
N CYS QC 103 -56.52 -52.46 -38.61
CA CYS QC 103 -57.21 -53.26 -37.62
C CYS QC 103 -56.21 -53.99 -36.72
N ASN QC 104 -56.73 -54.60 -35.66
CA ASN QC 104 -55.89 -55.23 -34.65
C ASN QC 104 -55.22 -56.51 -35.12
N ASP QC 105 -55.65 -57.07 -36.24
CA ASP QC 105 -54.88 -58.15 -36.84
C ASP QC 105 -53.71 -57.64 -37.65
N GLY QC 106 -53.58 -56.33 -37.81
CA GLY QC 106 -52.52 -55.75 -38.59
C GLY QC 106 -52.87 -55.43 -40.02
N TYR QC 107 -53.98 -55.93 -40.52
CA TYR QC 107 -54.41 -55.60 -41.87
C TYR QC 107 -54.96 -54.19 -41.91
N VAL QC 108 -54.73 -53.49 -43.02
CA VAL QC 108 -55.14 -52.10 -43.20
C VAL QC 108 -56.46 -52.09 -43.96
N SER QC 109 -57.44 -51.37 -43.42
CA SER QC 109 -58.75 -51.20 -44.05
C SER QC 109 -58.77 -49.90 -44.83
N GLU QC 110 -58.28 -49.96 -46.07
CA GLU QC 110 -58.30 -48.78 -46.93
C GLU QC 110 -59.70 -48.41 -47.39
N GLU QC 111 -60.64 -49.35 -47.31
CA GLU QC 111 -62.02 -49.07 -47.68
C GLU QC 111 -62.69 -48.12 -46.70
N CYS QC 112 -62.25 -48.09 -45.45
CA CYS QC 112 -62.67 -47.06 -44.52
C CYS QC 112 -61.65 -45.95 -44.38
N SER QC 113 -60.38 -46.22 -44.70
CA SER QC 113 -59.35 -45.21 -44.59
C SER QC 113 -59.51 -44.19 -45.71
N LEU QC 114 -59.51 -42.91 -45.35
CA LEU QC 114 -59.69 -41.87 -46.35
C LEU QC 114 -58.42 -41.68 -47.15
N GLN QC 115 -58.60 -41.43 -48.45
CA GLN QC 115 -57.50 -41.37 -49.40
C GLN QC 115 -56.92 -39.96 -49.48
N LYS QC 116 -55.72 -39.88 -50.03
CA LYS QC 116 -55.07 -38.61 -50.31
C LYS QC 116 -55.61 -38.05 -51.62
N UNK RC 1 -94.85 -82.84 -37.20
CA UNK RC 1 -95.29 -83.85 -36.24
C UNK RC 1 -96.38 -84.73 -36.84
N UNK RC 2 -96.88 -84.33 -38.01
CA UNK RC 2 -97.77 -85.15 -38.87
C UNK RC 2 -99.07 -85.53 -38.20
N UNK RC 3 -99.54 -84.74 -37.23
CA UNK RC 3 -100.80 -84.99 -36.56
C UNK RC 3 -101.28 -83.71 -35.91
N UNK RC 4 -102.59 -83.61 -35.70
CA UNK RC 4 -103.16 -82.55 -34.88
C UNK RC 4 -103.97 -83.10 -33.73
N UNK RC 5 -104.85 -84.05 -33.98
CA UNK RC 5 -105.62 -84.71 -32.95
C UNK RC 5 -105.01 -86.08 -32.70
N UNK RC 6 -104.18 -86.17 -31.67
CA UNK RC 6 -103.60 -87.45 -31.28
C UNK RC 6 -104.71 -88.30 -30.70
N UNK RC 7 -105.23 -89.21 -31.51
CA UNK RC 7 -106.40 -90.00 -31.15
C UNK RC 7 -106.02 -91.01 -30.09
N UNK RC 8 -106.39 -90.74 -28.84
CA UNK RC 8 -106.13 -91.67 -27.75
C UNK RC 8 -107.12 -92.81 -27.86
N UNK RC 9 -106.73 -93.81 -28.66
CA UNK RC 9 -107.49 -95.03 -28.96
C UNK RC 9 -108.90 -94.76 -29.49
N UNK SC 1 52.79 -81.49 -65.18
CA UNK SC 1 52.12 -80.85 -64.05
C UNK SC 1 51.32 -81.87 -63.25
N UNK SC 2 50.05 -81.58 -63.03
CA UNK SC 2 49.17 -82.51 -62.33
C UNK SC 2 48.86 -83.71 -63.20
N UNK SC 3 49.02 -84.90 -62.65
CA UNK SC 3 48.84 -86.14 -63.40
C UNK SC 3 47.36 -86.50 -63.42
N UNK SC 4 46.66 -86.09 -64.48
CA UNK SC 4 45.21 -86.30 -64.57
C UNK SC 4 44.87 -87.77 -64.76
N UNK SC 5 45.60 -88.47 -65.63
CA UNK SC 5 45.33 -89.89 -65.86
C UNK SC 5 45.68 -90.73 -64.64
N UNK SC 6 46.79 -90.39 -63.95
CA UNK SC 6 47.13 -91.10 -62.73
C UNK SC 6 46.15 -90.80 -61.60
N UNK SC 7 45.61 -89.58 -61.56
CA UNK SC 7 44.55 -89.27 -60.60
C UNK SC 7 43.28 -90.07 -60.90
N UNK SC 8 42.96 -90.24 -62.19
CA UNK SC 8 41.82 -91.07 -62.58
C UNK SC 8 42.04 -92.52 -62.20
N UNK SC 9 43.28 -93.01 -62.35
CA UNK SC 9 43.63 -94.36 -61.94
C UNK SC 9 43.51 -94.53 -60.43
N UNK SC 10 43.92 -93.51 -59.68
CA UNK SC 10 43.75 -93.54 -58.22
C UNK SC 10 42.28 -93.54 -57.83
N UNK SC 11 41.46 -92.77 -58.55
CA UNK SC 11 40.02 -92.75 -58.30
C UNK SC 11 39.38 -94.10 -58.57
N UNK SC 12 39.77 -94.73 -59.68
CA UNK SC 12 39.24 -96.07 -60.01
C UNK SC 12 39.70 -97.11 -59.01
N UNK SC 13 40.96 -97.06 -58.58
CA UNK SC 13 41.48 -98.04 -57.63
C UNK SC 13 40.85 -97.87 -56.25
N UNK SC 14 40.60 -96.64 -55.83
CA UNK SC 14 39.96 -96.42 -54.54
C UNK SC 14 38.48 -96.76 -54.59
N UNK SC 15 37.83 -96.55 -55.74
CA UNK SC 15 36.45 -96.99 -55.88
C UNK SC 15 36.37 -98.51 -55.87
N UNK SC 16 37.32 -99.18 -56.49
CA UNK SC 16 37.34 -100.64 -56.56
C UNK SC 16 38.12 -101.23 -55.39
N UNK SC 17 37.60 -101.00 -54.18
CA UNK SC 17 38.21 -101.57 -53.00
C UNK SC 17 37.89 -103.07 -52.90
N UNK SC 18 36.60 -103.40 -52.88
CA UNK SC 18 36.08 -104.78 -52.90
C UNK SC 18 36.58 -105.63 -51.73
N UNK SC 19 36.76 -105.01 -50.56
CA UNK SC 19 37.21 -105.73 -49.36
C UNK SC 19 36.74 -104.97 -48.14
N UNK SC 20 35.69 -105.47 -47.48
CA UNK SC 20 35.18 -104.88 -46.25
C UNK SC 20 34.38 -105.92 -45.50
N UNK SC 21 33.91 -105.54 -44.31
CA UNK SC 21 33.05 -106.39 -43.50
C UNK SC 21 32.22 -105.52 -42.57
N UNK SC 22 30.94 -105.85 -42.45
CA UNK SC 22 30.02 -105.12 -41.60
C UNK SC 22 29.49 -106.02 -40.49
N UNK SC 23 29.37 -105.46 -39.29
CA UNK SC 23 28.85 -106.17 -38.13
C UNK SC 23 27.85 -105.30 -37.42
N UNK SC 24 26.83 -105.93 -36.86
CA UNK SC 24 25.74 -105.23 -36.20
C UNK SC 24 25.75 -105.55 -34.70
N UNK SC 25 24.98 -104.75 -33.96
CA UNK SC 25 24.79 -105.00 -32.54
C UNK SC 25 23.35 -104.70 -32.18
N UNK SC 26 22.90 -105.31 -31.09
CA UNK SC 26 21.53 -105.17 -30.62
C UNK SC 26 21.45 -104.14 -29.50
N UNK SC 27 20.25 -103.99 -28.94
CA UNK SC 27 20.04 -103.06 -27.85
C UNK SC 27 20.61 -103.56 -26.53
N UNK SC 28 20.58 -104.87 -26.31
CA UNK SC 28 21.05 -105.47 -25.06
C UNK SC 28 22.45 -106.05 -25.19
N UNK SC 29 23.33 -105.37 -25.94
CA UNK SC 29 24.74 -105.73 -26.14
C UNK SC 29 24.91 -107.12 -26.74
N UNK SC 30 24.06 -107.45 -27.71
CA UNK SC 30 24.18 -108.70 -28.45
C UNK SC 30 24.72 -108.36 -29.84
N UNK SC 31 26.01 -108.63 -30.04
CA UNK SC 31 26.65 -108.34 -31.31
C UNK SC 31 26.47 -109.52 -32.27
N UNK SC 32 26.69 -109.24 -33.55
CA UNK SC 32 26.52 -110.25 -34.59
C UNK SC 32 27.38 -109.85 -35.77
N UNK SC 33 28.34 -110.71 -36.12
CA UNK SC 33 29.14 -110.55 -37.32
C UNK SC 33 28.98 -111.79 -38.18
N UNK SC 34 28.87 -111.59 -39.48
CA UNK SC 34 28.77 -112.68 -40.45
C UNK SC 34 30.05 -112.74 -41.26
N UNK SC 35 30.05 -113.60 -42.28
CA UNK SC 35 31.19 -113.67 -43.19
C UNK SC 35 31.26 -112.40 -44.04
N UNK SC 36 32.48 -111.96 -44.32
CA UNK SC 36 32.68 -110.77 -45.14
C UNK SC 36 32.32 -111.05 -46.59
N UNK SC 37 31.67 -110.09 -47.23
CA UNK SC 37 31.24 -110.21 -48.61
C UNK SC 37 31.80 -109.05 -49.43
N UNK SC 38 31.38 -108.98 -50.69
CA UNK SC 38 31.77 -107.95 -51.67
C UNK SC 38 33.29 -107.82 -51.84
N UNK SC 39 18.82 -98.91 -33.90
CA UNK SC 39 19.85 -99.41 -33.00
C UNK SC 39 20.42 -100.73 -33.49
N UNK SC 40 19.68 -101.40 -34.37
CA UNK SC 40 20.12 -102.70 -34.86
C UNK SC 40 21.29 -102.55 -35.83
N UNK SC 41 21.22 -101.57 -36.73
CA UNK SC 41 22.24 -101.37 -37.75
C UNK SC 41 22.84 -99.98 -37.58
N UNK SC 42 24.10 -99.93 -37.16
CA UNK SC 42 24.77 -98.65 -36.92
C UNK SC 42 25.16 -97.99 -38.22
N UNK SC 43 25.35 -96.67 -38.15
CA UNK SC 43 25.90 -95.94 -39.29
C UNK SC 43 27.39 -96.17 -39.45
N UNK SC 44 28.06 -96.65 -38.41
CA UNK SC 44 29.47 -97.02 -38.46
C UNK SC 44 29.65 -98.53 -38.32
N UNK SC 45 28.73 -99.29 -38.90
CA UNK SC 45 28.70 -100.74 -38.72
C UNK SC 45 29.72 -101.48 -39.58
N UNK SC 46 30.31 -100.84 -40.59
CA UNK SC 46 31.18 -101.50 -41.53
C UNK SC 46 32.61 -100.98 -41.42
N UNK SC 47 33.57 -101.89 -41.51
CA UNK SC 47 34.99 -101.57 -41.54
C UNK SC 47 35.60 -102.14 -42.82
N UNK SC 48 36.39 -101.33 -43.50
CA UNK SC 48 37.02 -101.75 -44.75
C UNK SC 48 38.52 -101.84 -44.61
N LYS TC 24 -106.10 -68.13 -61.48
CA LYS TC 24 -106.09 -66.87 -62.21
C LYS TC 24 -104.67 -66.49 -62.56
N PHE TC 25 -103.96 -65.94 -61.59
CA PHE TC 25 -102.61 -65.50 -61.82
C PHE TC 25 -101.66 -66.66 -61.55
N LYS TC 26 -100.38 -66.44 -61.82
CA LYS TC 26 -99.36 -67.44 -61.55
C LYS TC 26 -98.09 -66.70 -61.16
N LYS TC 27 -97.47 -67.12 -60.07
CA LYS TC 27 -96.32 -66.30 -59.76
C LYS TC 27 -95.03 -66.98 -60.20
N PRO TC 28 -94.07 -66.22 -60.73
CA PRO TC 28 -92.78 -66.81 -61.08
C PRO TC 28 -91.99 -67.15 -59.84
N PRO TC 29 -90.97 -67.98 -59.94
CA PRO TC 29 -90.10 -68.20 -58.78
C PRO TC 29 -89.38 -66.92 -58.40
N ILE TC 30 -89.35 -66.64 -57.11
CA ILE TC 30 -88.99 -65.29 -56.64
C ILE TC 30 -87.49 -65.08 -56.75
N ASN TC 31 -86.71 -65.93 -56.13
CA ASN TC 31 -85.25 -65.83 -56.25
C ASN TC 31 -84.75 -66.70 -57.40
N ASN TC 32 -85.39 -66.56 -58.53
CA ASN TC 32 -85.01 -67.23 -59.75
C ASN TC 32 -83.77 -66.55 -60.32
N PRO TC 33 -82.86 -67.29 -60.91
CA PRO TC 33 -81.78 -66.66 -61.65
C PRO TC 33 -82.30 -66.04 -62.93
N SER TC 34 -82.87 -64.85 -62.83
CA SER TC 34 -83.36 -64.10 -63.99
C SER TC 34 -82.31 -63.18 -64.56
N ASP TC 35 -81.03 -63.50 -64.37
CA ASP TC 35 -79.96 -62.70 -64.91
C ASP TC 35 -78.89 -63.61 -65.49
N ASP TC 36 -78.25 -63.10 -66.55
CA ASP TC 36 -77.26 -63.89 -67.29
C ASP TC 36 -76.03 -64.19 -66.46
N ALA TC 37 -75.69 -63.32 -65.52
CA ALA TC 37 -74.63 -63.67 -64.60
C ALA TC 37 -75.08 -64.74 -63.61
N THR TC 38 -76.33 -64.63 -63.16
CA THR TC 38 -76.81 -65.50 -62.10
C THR TC 38 -76.96 -66.93 -62.58
N ILE TC 39 -77.40 -67.13 -63.83
CA ILE TC 39 -77.52 -68.49 -64.35
C ILE TC 39 -76.15 -69.14 -64.48
N LYS TC 40 -75.14 -68.33 -64.84
CA LYS TC 40 -73.78 -68.85 -64.91
C LYS TC 40 -73.29 -69.25 -63.53
N LEU TC 41 -73.62 -68.44 -62.52
CA LEU TC 41 -73.24 -68.77 -61.15
C LEU TC 41 -73.88 -70.07 -60.69
N ALA TC 42 -75.16 -70.26 -61.01
CA ALA TC 42 -75.86 -71.46 -60.57
C ALA TC 42 -75.35 -72.71 -61.30
N GLU TC 43 -75.02 -72.56 -62.59
CA GLU TC 43 -74.42 -73.67 -63.34
C GLU TC 43 -73.07 -74.04 -62.76
N ALA TC 44 -72.29 -73.04 -62.35
CA ALA TC 44 -71.01 -73.31 -61.70
C ALA TC 44 -71.20 -74.06 -60.39
N ALA TC 45 -72.25 -73.69 -59.64
CA ALA TC 45 -72.54 -74.38 -58.38
C ALA TC 45 -72.89 -75.83 -58.61
N VAL TC 46 -73.70 -76.10 -59.64
CA VAL TC 46 -74.07 -77.46 -59.98
C VAL TC 46 -72.84 -78.27 -60.36
N SER TC 47 -71.95 -77.65 -61.13
CA SER TC 47 -70.73 -78.33 -61.58
C SER TC 47 -69.84 -78.71 -60.42
N VAL TC 48 -69.58 -77.77 -59.52
CA VAL TC 48 -68.66 -78.07 -58.42
C VAL TC 48 -69.29 -79.04 -57.43
N SER TC 49 -70.62 -79.03 -57.30
CA SER TC 49 -71.28 -79.98 -56.42
C SER TC 49 -71.15 -81.39 -56.95
N ASP TC 50 -71.36 -81.58 -58.26
CA ASP TC 50 -71.22 -82.91 -58.83
C ASP TC 50 -69.78 -83.39 -58.78
N SER TC 51 -68.83 -82.47 -58.97
CA SER TC 51 -67.43 -82.85 -58.90
C SER TC 51 -67.04 -83.29 -57.49
N MET TC 52 -67.50 -82.58 -56.47
CA MET TC 52 -67.14 -82.99 -55.11
C MET TC 52 -67.85 -84.26 -54.69
N LEU TC 53 -69.07 -84.48 -55.19
CA LEU TC 53 -69.74 -85.75 -54.96
C LEU TC 53 -68.95 -86.90 -55.57
N GLU TC 54 -68.42 -86.70 -56.78
CA GLU TC 54 -67.59 -87.71 -57.40
C GLU TC 54 -66.31 -87.95 -56.61
N MET TC 55 -65.74 -86.88 -56.06
CA MET TC 55 -64.55 -86.98 -55.22
C MET TC 55 -64.80 -87.87 -54.02
N ALA TC 56 -65.93 -87.64 -53.34
CA ALA TC 56 -66.25 -88.43 -52.17
C ALA TC 56 -66.54 -89.88 -52.53
N LYS TC 57 -67.23 -90.10 -53.65
CA LYS TC 57 -67.56 -91.47 -54.06
C LYS TC 57 -66.32 -92.26 -54.40
N VAL TC 58 -65.37 -91.64 -55.08
CA VAL TC 58 -64.14 -92.36 -55.40
C VAL TC 58 -63.20 -92.45 -54.22
N GLU TC 59 -63.42 -91.65 -53.17
CA GLU TC 59 -62.48 -91.77 -52.06
C GLU TC 59 -62.94 -92.73 -50.98
N LYS TC 60 -64.22 -92.71 -50.62
CA LYS TC 60 -64.63 -93.28 -49.35
C LYS TC 60 -64.62 -94.81 -49.38
N VAL TC 61 -63.92 -95.39 -48.42
CA VAL TC 61 -63.82 -96.84 -48.27
C VAL TC 61 -64.90 -97.28 -47.31
N ILE TC 62 -65.69 -98.27 -47.72
CA ILE TC 62 -66.70 -98.84 -46.85
C ILE TC 62 -66.38 -100.30 -46.61
N THR TC 63 -67.20 -100.97 -45.82
CA THR TC 63 -66.99 -102.38 -45.54
C THR TC 63 -68.27 -103.16 -45.82
N PRO TC 64 -68.16 -104.38 -46.32
CA PRO TC 64 -69.35 -105.20 -46.50
C PRO TC 64 -69.97 -105.57 -45.17
N PRO TC 65 -71.30 -105.69 -45.10
CA PRO TC 65 -71.96 -105.91 -43.80
C PRO TC 65 -71.80 -107.31 -43.27
N SER TC 66 -71.40 -108.27 -44.08
CA SER TC 66 -71.19 -109.62 -43.60
C SER TC 66 -69.76 -109.88 -43.17
N LYS TC 67 -68.88 -108.90 -43.29
CA LYS TC 67 -67.48 -109.05 -42.89
C LYS TC 67 -67.08 -108.06 -41.81
N ASP TC 68 -68.03 -107.35 -41.21
CA ASP TC 68 -67.70 -106.35 -40.20
C ASP TC 68 -67.29 -107.04 -38.90
N ASN TC 69 -66.36 -106.42 -38.19
CA ASN TC 69 -65.96 -106.93 -36.89
C ASN TC 69 -66.75 -106.26 -35.77
N THR TC 70 -68.06 -106.23 -35.94
CA THR TC 70 -68.97 -105.61 -34.98
C THR TC 70 -69.86 -106.71 -34.42
N LEU TC 71 -69.96 -106.76 -33.10
CA LEU TC 71 -70.81 -107.76 -32.47
C LEU TC 71 -72.28 -107.40 -32.69
N THR TC 72 -73.06 -108.40 -33.08
CA THR TC 72 -74.48 -108.21 -33.28
C THR TC 72 -75.22 -108.32 -31.95
N ILE TC 73 -76.53 -108.11 -32.00
CA ILE TC 73 -77.35 -108.12 -30.79
C ILE TC 73 -77.67 -109.56 -30.42
N PRO TC 74 -77.33 -110.01 -29.20
CA PRO TC 74 -77.52 -111.42 -28.86
C PRO TC 74 -78.96 -111.81 -28.58
N ASN TC 75 -79.83 -110.83 -28.30
CA ASN TC 75 -81.31 -110.94 -28.22
C ASN TC 75 -81.81 -112.01 -27.23
N ALA TC 76 -80.96 -112.48 -26.31
CA ALA TC 76 -81.45 -113.31 -25.23
C ALA TC 76 -82.27 -112.47 -24.27
N TYR TC 77 -83.27 -113.12 -23.64
CA TYR TC 77 -84.37 -112.40 -23.01
C TYR TC 77 -83.93 -111.56 -21.81
N ASN TC 78 -82.90 -111.99 -21.09
CA ASN TC 78 -82.49 -111.30 -19.88
C ASN TC 78 -81.64 -110.07 -20.14
N LEU TC 79 -81.58 -109.59 -21.38
CA LEU TC 79 -80.84 -108.39 -21.73
C LEU TC 79 -81.75 -107.30 -22.29
N GLN TC 80 -83.07 -107.50 -22.26
CA GLN TC 80 -84.00 -106.56 -22.85
C GLN TC 80 -84.67 -105.69 -21.79
N ALA TC 81 -83.93 -105.32 -20.75
CA ALA TC 81 -84.41 -104.36 -19.79
C ALA TC 81 -83.89 -102.97 -20.17
N ARG TC 82 -84.24 -101.97 -19.37
CA ARG TC 82 -83.87 -100.60 -19.64
C ARG TC 82 -83.00 -100.07 -18.51
N ALA TC 83 -82.11 -99.14 -18.85
CA ALA TC 83 -81.16 -98.60 -17.89
C ALA TC 83 -80.98 -97.11 -18.12
N SER TC 84 -80.10 -96.52 -17.32
CA SER TC 84 -79.76 -95.10 -17.42
C SER TC 84 -78.36 -94.95 -16.83
N VAL TC 85 -77.35 -94.93 -17.69
CA VAL TC 85 -75.99 -95.16 -17.21
C VAL TC 85 -75.09 -94.04 -17.67
N ASP TC 86 -74.40 -93.41 -16.73
CA ASP TC 86 -73.30 -92.51 -17.03
C ASP TC 86 -72.03 -93.05 -16.40
N TRP TC 87 -70.98 -93.16 -17.20
CA TRP TC 87 -69.70 -93.67 -16.73
C TRP TC 87 -68.62 -93.17 -17.67
N SER TC 88 -67.44 -92.93 -17.11
CA SER TC 88 -66.27 -92.66 -17.92
C SER TC 88 -65.05 -93.17 -17.13
N GLY TC 89 -64.64 -94.39 -17.44
CA GLY TC 89 -63.49 -94.97 -16.79
C GLY TC 89 -63.11 -96.32 -17.35
N PRO TC 90 -62.47 -97.14 -16.53
CA PRO TC 90 -62.07 -98.48 -16.97
C PRO TC 90 -63.27 -99.38 -17.23
N ILE TC 91 -63.05 -100.37 -18.08
CA ILE TC 91 -64.14 -101.06 -18.76
C ILE TC 91 -64.64 -102.26 -17.96
N GLU TC 92 -63.71 -103.03 -17.40
CA GLU TC 92 -64.01 -104.36 -16.88
C GLU TC 92 -64.95 -104.33 -15.68
N GLU TC 93 -64.77 -103.35 -14.79
CA GLU TC 93 -65.66 -103.22 -13.65
C GLU TC 93 -67.07 -102.86 -14.09
N LEU TC 94 -67.17 -102.00 -15.10
CA LEU TC 94 -68.46 -101.62 -15.64
C LEU TC 94 -69.16 -102.81 -16.26
N THR TC 95 -68.43 -103.63 -17.01
CA THR TC 95 -69.01 -104.81 -17.63
C THR TC 95 -69.42 -105.85 -16.59
N ALA TC 96 -68.64 -105.97 -15.52
CA ALA TC 96 -69.02 -106.88 -14.44
C ALA TC 96 -70.31 -106.42 -13.77
N ARG TC 97 -70.47 -105.12 -13.59
CA ARG TC 97 -71.71 -104.59 -13.06
C ARG TC 97 -72.87 -104.85 -14.00
N ILE TC 98 -72.61 -104.77 -15.31
CA ILE TC 98 -73.63 -105.10 -16.31
C ILE TC 98 -74.05 -106.55 -16.20
N ALA TC 99 -73.08 -107.44 -16.01
CA ALA TC 99 -73.37 -108.87 -15.87
C ALA TC 99 -74.18 -109.15 -14.61
N LYS TC 100 -73.84 -108.47 -13.51
CA LYS TC 100 -74.59 -108.64 -12.27
C LYS TC 100 -76.03 -108.14 -12.43
N ALA TC 101 -76.21 -107.03 -13.13
CA ALA TC 101 -77.57 -106.57 -13.41
C ALA TC 101 -78.30 -107.52 -14.35
N ALA TC 102 -77.56 -108.21 -15.21
CA ALA TC 102 -78.15 -109.11 -16.18
C ALA TC 102 -78.38 -110.51 -15.64
N HIS TC 103 -77.94 -110.78 -14.40
CA HIS TC 103 -77.99 -112.11 -13.77
C HIS TC 103 -77.21 -113.13 -14.61
N PHE TC 104 -76.09 -112.70 -15.16
CA PHE TC 104 -75.22 -113.57 -15.93
C PHE TC 104 -73.88 -113.69 -15.22
N ARG TC 105 -73.24 -114.83 -15.41
CA ARG TC 105 -71.90 -114.99 -14.88
C ARG TC 105 -70.90 -114.26 -15.78
N PHE TC 106 -69.75 -113.94 -15.20
CA PHE TC 106 -68.80 -113.00 -15.81
C PHE TC 106 -67.40 -113.60 -15.79
N ARG TC 107 -66.66 -113.42 -16.88
CA ARG TC 107 -65.29 -113.92 -16.90
C ARG TC 107 -64.42 -113.07 -17.80
N VAL TC 108 -63.11 -113.23 -17.62
CA VAL TC 108 -62.11 -112.45 -18.35
C VAL TC 108 -61.03 -113.40 -18.85
N LEU TC 109 -60.76 -113.35 -20.14
CA LEU TC 109 -59.66 -114.08 -20.75
C LEU TC 109 -58.62 -113.10 -21.27
N GLY TC 110 -57.35 -113.48 -21.12
CA GLY TC 110 -56.26 -112.66 -21.61
C GLY TC 110 -55.55 -111.96 -20.48
N LYS TC 111 -55.07 -110.75 -20.74
CA LYS TC 111 -54.39 -109.97 -19.71
C LYS TC 111 -54.79 -108.51 -19.83
N SER TC 112 -55.16 -107.92 -18.71
CA SER TC 112 -55.41 -106.48 -18.71
C SER TC 112 -54.08 -105.74 -18.73
N PRO TC 113 -53.95 -104.68 -19.52
CA PRO TC 113 -52.67 -103.97 -19.60
C PRO TC 113 -52.44 -103.10 -18.38
N SER TC 114 -51.19 -102.65 -18.26
CA SER TC 114 -50.87 -101.67 -17.23
C SER TC 114 -51.55 -100.35 -17.51
N VAL TC 115 -51.55 -99.91 -18.77
CA VAL TC 115 -52.32 -98.75 -19.15
C VAL TC 115 -53.77 -99.18 -19.23
N PRO TC 116 -54.67 -98.53 -18.50
CA PRO TC 116 -56.06 -98.99 -18.47
C PRO TC 116 -56.81 -98.58 -19.72
N VAL TC 117 -57.71 -99.46 -20.16
CA VAL TC 117 -58.57 -99.16 -21.29
C VAL TC 117 -59.76 -98.36 -20.80
N LEU TC 118 -60.04 -97.24 -21.44
CA LEU TC 118 -61.00 -96.28 -20.94
C LEU TC 118 -62.11 -96.08 -21.95
N ILE TC 119 -63.36 -96.09 -21.48
CA ILE TC 119 -64.51 -95.79 -22.30
C ILE TC 119 -65.41 -94.83 -21.53
N SER TC 120 -66.24 -94.11 -22.28
CA SER TC 120 -67.08 -93.05 -21.72
C SER TC 120 -68.45 -93.14 -22.36
N ILE TC 121 -69.42 -93.67 -21.61
CA ILE TC 121 -70.77 -93.87 -22.11
C ILE TC 121 -71.74 -93.13 -21.22
N SER TC 122 -72.58 -92.30 -21.82
CA SER TC 122 -73.65 -91.61 -21.11
C SER TC 122 -74.94 -91.79 -21.91
N THR TC 123 -75.80 -92.68 -21.44
CA THR TC 123 -77.09 -92.92 -22.06
C THR TC 123 -78.20 -92.69 -21.04
N LYS TC 124 -79.29 -92.11 -21.53
CA LYS TC 124 -80.42 -91.86 -20.66
C LYS TC 124 -81.39 -93.03 -20.63
N ASP TC 125 -81.66 -93.66 -21.77
CA ASP TC 125 -82.52 -94.84 -21.78
C ASP TC 125 -82.19 -95.68 -23.00
N GLU TC 126 -81.58 -96.84 -22.78
CA GLU TC 126 -81.40 -97.82 -23.82
C GLU TC 126 -81.44 -99.19 -23.17
N SER TC 127 -80.92 -100.18 -23.87
CA SER TC 127 -80.86 -101.52 -23.33
C SER TC 127 -79.43 -102.04 -23.32
N LEU TC 128 -79.26 -103.10 -22.53
CA LEU TC 128 -77.94 -103.65 -22.25
C LEU TC 128 -77.30 -104.24 -23.49
N ALA TC 129 -78.12 -104.71 -24.43
CA ALA TC 129 -77.57 -105.33 -25.64
C ALA TC 129 -76.83 -104.32 -26.49
N GLU TC 130 -77.48 -103.19 -26.80
CA GLU TC 130 -76.79 -102.18 -27.58
C GLU TC 130 -75.74 -101.44 -26.76
N ILE TC 131 -75.90 -101.39 -25.44
CA ILE TC 131 -74.84 -100.83 -24.61
C ILE TC 131 -73.59 -101.69 -24.70
N LEU TC 132 -73.76 -103.00 -24.65
CA LEU TC 132 -72.64 -103.93 -24.82
C LEU TC 132 -72.04 -103.82 -26.21
N ARG TC 133 -72.88 -103.68 -27.22
CA ARG TC 133 -72.41 -103.57 -28.59
C ARG TC 133 -71.58 -102.31 -28.79
N ASP TC 134 -72.06 -101.20 -28.24
CA ASP TC 134 -71.34 -99.95 -28.37
C ASP TC 134 -70.07 -99.94 -27.53
N ILE TC 135 -70.07 -100.64 -26.39
CA ILE TC 135 -68.84 -100.79 -25.61
C ILE TC 135 -67.82 -101.58 -26.39
N ASP TC 136 -68.26 -102.64 -27.06
CA ASP TC 136 -67.36 -103.45 -27.88
C ASP TC 136 -66.78 -102.64 -29.02
N TYR TC 137 -67.60 -101.79 -29.63
CA TYR TC 137 -67.09 -100.93 -30.69
C TYR TC 137 -66.13 -99.88 -30.15
N GLN TC 138 -66.45 -99.30 -28.99
CA GLN TC 138 -65.62 -98.27 -28.41
C GLN TC 138 -64.30 -98.81 -27.90
N ALA TC 139 -64.24 -100.11 -27.60
CA ALA TC 139 -63.02 -100.69 -27.07
C ALA TC 139 -61.89 -100.72 -28.07
N GLY TC 140 -62.18 -100.72 -29.36
CA GLY TC 140 -61.12 -100.89 -30.31
C GLY TC 140 -60.64 -102.33 -30.34
N LYS TC 141 -59.51 -102.52 -30.99
CA LYS TC 141 -58.99 -103.85 -31.23
C LYS TC 141 -58.26 -104.44 -30.03
N LYS TC 142 -58.12 -103.70 -28.95
CA LYS TC 142 -57.34 -104.19 -27.81
C LYS TC 142 -58.08 -105.28 -27.05
N ALA TC 143 -59.40 -105.30 -27.13
CA ALA TC 143 -60.20 -106.32 -26.47
C ALA TC 143 -61.57 -106.37 -27.15
N SER TC 144 -62.32 -107.41 -26.82
CA SER TC 144 -63.69 -107.53 -27.27
C SER TC 144 -64.46 -108.34 -26.25
N ILE TC 145 -65.72 -108.62 -26.57
CA ILE TC 145 -66.61 -109.34 -25.67
C ILE TC 145 -67.25 -110.49 -26.42
N HIS TC 146 -67.67 -111.48 -25.66
CA HIS TC 146 -68.44 -112.59 -26.22
C HIS TC 146 -69.54 -112.99 -25.25
N VAL TC 147 -70.62 -113.49 -25.82
CA VAL TC 147 -71.83 -113.85 -25.08
C VAL TC 147 -72.05 -115.34 -25.27
N TYR TC 148 -72.35 -116.04 -24.18
CA TYR TC 148 -72.73 -117.44 -24.27
C TYR TC 148 -74.11 -117.59 -23.64
N PRO TC 149 -75.13 -117.89 -24.44
CA PRO TC 149 -76.50 -117.99 -23.94
C PRO TC 149 -76.93 -119.42 -23.66
N ASN TC 150 -76.13 -120.41 -24.04
CA ASN TC 150 -76.43 -121.78 -23.64
C ASN TC 150 -76.17 -121.96 -22.14
N SER TC 151 -75.04 -121.44 -21.67
CA SER TC 151 -74.75 -121.29 -20.25
C SER TC 151 -74.46 -119.83 -20.01
N GLN TC 152 -75.30 -119.18 -19.18
CA GLN TC 152 -75.51 -117.73 -19.24
C GLN TC 152 -74.28 -117.01 -18.71
N VAL TC 153 -73.30 -116.85 -19.59
CA VAL TC 153 -72.02 -116.27 -19.19
C VAL TC 153 -71.59 -115.27 -20.24
N VAL TC 154 -70.77 -114.31 -19.82
CA VAL TC 154 -70.16 -113.34 -20.71
C VAL TC 154 -68.67 -113.31 -20.47
N GLU TC 155 -67.93 -112.95 -21.50
CA GLU TC 155 -66.48 -113.04 -21.48
C GLU TC 155 -65.90 -111.75 -22.05
N LEU TC 156 -64.91 -111.21 -21.35
CA LEU TC 156 -64.12 -110.09 -21.85
C LEU TC 156 -62.77 -110.65 -22.26
N ARG TC 157 -62.48 -110.60 -23.56
CA ARG TC 157 -61.27 -111.21 -24.10
C ARG TC 157 -60.31 -110.10 -24.53
N TYR TC 158 -59.14 -110.05 -23.91
CA TYR TC 158 -58.13 -109.08 -24.30
C TYR TC 158 -57.37 -109.56 -25.54
N ALA TC 159 -56.38 -108.78 -25.95
CA ALA TC 159 -55.52 -109.19 -27.05
C ALA TC 159 -54.05 -109.09 -26.65
N LYS TC 160 -53.15 -109.15 -27.64
CA LYS TC 160 -51.72 -109.13 -27.36
C LYS TC 160 -51.04 -107.94 -28.00
N ILE UC 208 -67.95 -116.60 -69.30
CA ILE UC 208 -68.76 -115.57 -69.93
C ILE UC 208 -69.85 -115.11 -68.98
N ILE UC 209 -70.51 -114.01 -69.35
CA ILE UC 209 -71.55 -113.42 -68.53
C ILE UC 209 -72.79 -113.20 -69.39
N TYR UC 210 -73.93 -113.66 -68.91
CA TYR UC 210 -75.20 -113.52 -69.60
C TYR UC 210 -75.95 -112.28 -69.09
N TYR UC 211 -77.01 -111.93 -69.81
CA TYR UC 211 -77.85 -110.82 -69.43
C TYR UC 211 -79.29 -111.11 -69.82
N ILE UC 212 -80.22 -110.67 -68.98
CA ILE UC 212 -81.63 -110.93 -69.25
C ILE UC 212 -82.10 -110.02 -70.37
N GLN UC 213 -83.08 -110.52 -71.15
CA GLN UC 213 -83.65 -109.72 -72.24
C GLN UC 213 -85.13 -109.44 -72.01
N ALA UC 214 -85.95 -110.47 -71.85
CA ALA UC 214 -87.37 -110.31 -71.67
C ALA UC 214 -87.89 -111.47 -70.84
N VAL UC 215 -88.87 -111.18 -69.98
CA VAL UC 215 -89.33 -112.14 -68.98
C VAL UC 215 -90.84 -112.26 -69.06
N ILE UC 216 -91.33 -113.49 -69.01
CA ILE UC 216 -92.75 -113.80 -68.84
C ILE UC 216 -92.85 -114.73 -67.64
N PRO UC 217 -94.02 -114.82 -67.01
CA PRO UC 217 -94.19 -115.90 -66.02
C PRO UC 217 -94.05 -117.28 -66.65
N GLY UC 218 -92.97 -117.95 -66.31
CA GLY UC 218 -92.70 -119.29 -66.79
C GLY UC 218 -91.46 -119.45 -67.64
N ARG UC 219 -91.24 -118.51 -68.57
CA ARG UC 219 -90.15 -118.62 -69.53
C ARG UC 219 -89.35 -117.33 -69.55
N ALA UC 220 -88.10 -117.42 -69.98
CA ALA UC 220 -87.27 -116.23 -70.05
C ALA UC 220 -86.33 -116.29 -71.25
N TRP UC 221 -85.86 -115.11 -71.65
CA TRP UC 221 -84.96 -114.93 -72.79
C TRP UC 221 -83.67 -114.29 -72.32
N LEU UC 222 -82.55 -114.81 -72.81
CA LEU UC 222 -81.23 -114.47 -72.30
C LEU UC 222 -80.27 -114.23 -73.45
N ILE UC 223 -79.37 -113.28 -73.25
CA ILE UC 223 -78.33 -112.94 -74.23
C ILE UC 223 -76.98 -113.21 -73.59
N GLY UC 224 -75.98 -113.45 -74.44
CA GLY UC 224 -74.63 -113.70 -73.99
C GLY UC 224 -73.66 -112.66 -74.51
N SER UC 225 -72.45 -112.68 -73.95
CA SER UC 225 -71.42 -111.75 -74.37
C SER UC 225 -70.84 -112.10 -75.73
N ASN UC 226 -71.00 -113.33 -76.17
CA ASN UC 226 -70.61 -113.74 -77.51
C ASN UC 226 -71.74 -113.57 -78.52
N GLY UC 227 -72.85 -112.98 -78.11
CA GLY UC 227 -74.00 -112.85 -78.97
C GLY UC 227 -74.91 -114.06 -79.01
N SER UC 228 -74.63 -115.08 -78.21
CA SER UC 228 -75.48 -116.26 -78.20
C SER UC 228 -76.79 -115.97 -77.49
N THR UC 229 -77.82 -116.71 -77.86
CA THR UC 229 -79.15 -116.55 -77.31
C THR UC 229 -79.53 -117.77 -76.49
N LEU UC 230 -80.51 -117.60 -75.61
CA LEU UC 230 -80.95 -118.71 -74.77
C LEU UC 230 -82.40 -118.52 -74.34
N THR UC 231 -83.18 -119.59 -74.42
CA THR UC 231 -84.54 -119.64 -73.88
C THR UC 231 -84.53 -120.59 -72.69
N VAL UC 232 -85.01 -120.11 -71.54
CA VAL UC 232 -84.78 -120.80 -70.28
C VAL UC 232 -86.11 -121.02 -69.56
N ARG UC 233 -86.34 -122.27 -69.16
CA ARG UC 233 -87.44 -122.72 -68.32
C ARG UC 233 -87.02 -122.67 -66.84
N GLU UC 234 -88.00 -122.85 -65.95
CA GLU UC 234 -87.70 -122.88 -64.51
C GLU UC 234 -86.80 -124.06 -64.16
N GLY UC 235 -87.13 -125.25 -64.65
CA GLY UC 235 -86.25 -126.39 -64.46
C GLY UC 235 -85.34 -126.59 -65.64
N SER UC 236 -84.11 -126.10 -65.55
CA SER UC 236 -83.20 -126.15 -66.69
C SER UC 236 -81.78 -126.01 -66.18
N LYS UC 237 -80.83 -126.29 -67.06
CA LYS UC 237 -79.41 -126.16 -66.78
C LYS UC 237 -78.76 -125.24 -67.81
N ILE UC 238 -77.87 -124.36 -67.35
CA ILE UC 238 -77.16 -123.47 -68.25
C ILE UC 238 -75.65 -123.58 -67.98
N PRO UC 239 -74.81 -123.44 -69.00
CA PRO UC 239 -73.37 -123.44 -68.76
C PRO UC 239 -72.92 -122.17 -68.05
N GLY UC 240 -71.87 -122.30 -67.26
CA GLY UC 240 -71.34 -121.22 -66.46
C GLY UC 240 -72.01 -121.06 -65.11
N TYR UC 241 -73.31 -121.27 -65.04
CA TYR UC 241 -74.06 -121.08 -63.81
C TYR UC 241 -74.68 -122.36 -63.27
N GLY UC 242 -75.05 -123.29 -64.12
CA GLY UC 242 -75.56 -124.58 -63.67
C GLY UC 242 -77.08 -124.62 -63.68
N MET UC 243 -77.66 -125.04 -62.56
CA MET UC 243 -79.09 -125.32 -62.47
C MET UC 243 -79.88 -124.02 -62.34
N VAL UC 244 -80.91 -123.87 -63.16
CA VAL UC 244 -81.82 -122.75 -63.07
C VAL UC 244 -82.74 -122.97 -61.88
N LYS UC 245 -82.78 -121.99 -60.98
CA LYS UC 245 -83.53 -122.14 -59.74
C LYS UC 245 -84.83 -121.35 -59.74
N LEU UC 246 -84.81 -120.06 -60.05
CA LEU UC 246 -86.02 -119.28 -59.98
C LEU UC 246 -85.93 -118.07 -60.91
N ILE UC 247 -87.03 -117.81 -61.60
CA ILE UC 247 -87.22 -116.56 -62.33
C ILE UC 247 -88.18 -115.70 -61.52
N ASP UC 248 -88.17 -114.40 -61.82
CA ASP UC 248 -89.10 -113.47 -61.21
C ASP UC 248 -89.73 -112.63 -62.31
N SER UC 249 -91.05 -112.53 -62.30
CA SER UC 249 -91.74 -111.74 -63.31
C SER UC 249 -91.85 -110.28 -62.94
N LEU UC 250 -91.88 -109.97 -61.64
CA LEU UC 250 -92.03 -108.57 -61.23
C LEU UC 250 -90.77 -107.78 -61.48
N GLN UC 251 -89.61 -108.33 -61.11
CA GLN UC 251 -88.34 -107.68 -61.30
C GLN UC 251 -87.43 -108.60 -62.10
N GLY UC 252 -86.53 -107.99 -62.86
CA GLY UC 252 -85.59 -108.75 -63.66
C GLY UC 252 -84.47 -109.32 -62.82
N ARG UC 253 -84.79 -110.33 -62.03
CA ARG UC 253 -83.83 -110.97 -61.14
C ARG UC 253 -83.92 -112.47 -61.35
N ILE UC 254 -82.89 -113.05 -61.94
CA ILE UC 254 -82.87 -114.49 -62.21
C ILE UC 254 -81.78 -115.12 -61.36
N LEU UC 255 -82.16 -115.86 -60.33
CA LEU UC 255 -81.21 -116.47 -59.42
C LEU UC 255 -80.89 -117.90 -59.83
N THR UC 256 -79.65 -118.31 -59.63
CA THR UC 256 -79.22 -119.63 -60.08
C THR UC 256 -78.72 -120.46 -58.90
N SER UC 257 -78.33 -121.70 -59.23
CA SER UC 257 -77.83 -122.62 -58.22
C SER UC 257 -76.44 -122.25 -57.73
N SER UC 258 -75.58 -121.75 -58.62
CA SER UC 258 -74.22 -121.40 -58.22
C SER UC 258 -74.14 -120.16 -57.36
N GLY UC 259 -75.21 -119.37 -57.29
CA GLY UC 259 -75.27 -118.32 -56.30
C GLY UC 259 -75.18 -116.92 -56.84
N GLN UC 260 -75.76 -116.64 -58.00
CA GLN UC 260 -75.78 -115.29 -58.53
C GLN UC 260 -77.13 -115.01 -59.17
N VAL UC 261 -77.41 -113.72 -59.30
CA VAL UC 261 -78.63 -113.22 -59.91
C VAL UC 261 -78.25 -112.47 -61.17
N ILE UC 262 -79.14 -112.54 -62.15
CA ILE UC 262 -78.97 -111.87 -63.43
C ILE UC 262 -79.99 -110.76 -63.52
N LYS UC 263 -79.53 -109.54 -63.82
CA LYS UC 263 -80.31 -108.33 -64.00
C LYS UC 263 -80.25 -107.88 -65.45
N PHE UC 264 -80.82 -106.71 -65.72
CA PHE UC 264 -80.71 -106.09 -67.04
C PHE UC 264 -79.33 -105.48 -67.23
N SER UC 265 -78.96 -105.28 -68.49
CA SER UC 265 -77.64 -104.78 -68.83
C SER UC 265 -77.63 -103.26 -68.85
N GLN UC 266 -76.47 -102.69 -68.56
CA GLN UC 266 -76.27 -101.24 -68.65
C GLN UC 266 -74.92 -100.91 -69.26
N ARG VC 207 -14.94 -67.69 88.74
CA ARG VC 207 -13.64 -67.95 88.13
C ARG VC 207 -13.71 -67.75 86.62
N ILE VC 208 -12.60 -67.35 86.02
CA ILE VC 208 -12.52 -67.10 84.59
C ILE VC 208 -11.42 -67.98 84.01
N ILE VC 209 -11.76 -68.73 82.96
CA ILE VC 209 -10.82 -69.63 82.29
C ILE VC 209 -9.95 -68.83 81.34
N TYR VC 210 -8.65 -69.08 81.38
CA TYR VC 210 -7.68 -68.42 80.52
C TYR VC 210 -7.09 -69.42 79.53
N TYR VC 211 -6.64 -68.91 78.39
CA TYR VC 211 -6.02 -69.74 77.38
C TYR VC 211 -4.80 -69.03 76.81
N ILE VC 212 -3.80 -69.81 76.43
CA ILE VC 212 -2.53 -69.25 75.96
C ILE VC 212 -2.72 -68.70 74.56
N GLN VC 213 -2.43 -67.42 74.38
CA GLN VC 213 -2.49 -66.81 73.07
C GLN VC 213 -1.14 -66.88 72.37
N ALA VC 214 -0.07 -66.45 73.04
CA ALA VC 214 1.27 -66.51 72.48
C ALA VC 214 2.24 -67.05 73.52
N VAL VC 215 3.18 -67.87 73.06
CA VAL VC 215 4.18 -68.48 73.93
C VAL VC 215 5.55 -68.31 73.27
N ILE VC 216 6.47 -67.69 74.00
CA ILE VC 216 7.85 -67.48 73.54
C ILE VC 216 8.78 -67.94 74.66
N PRO VC 217 10.09 -68.03 74.43
CA PRO VC 217 11.01 -68.09 75.58
C PRO VC 217 10.92 -66.83 76.43
N GLY VC 218 10.97 -67.01 77.74
CA GLY VC 218 10.90 -65.90 78.66
C GLY VC 218 9.50 -65.47 79.04
N ARG VC 219 8.73 -64.99 78.08
CA ARG VC 219 7.40 -64.46 78.33
C ARG VC 219 6.33 -65.42 77.81
N ALA VC 220 5.09 -65.15 78.18
CA ALA VC 220 3.95 -65.90 77.68
C ALA VC 220 2.74 -64.98 77.66
N TRP VC 221 1.82 -65.26 76.75
CA TRP VC 221 0.62 -64.44 76.59
C TRP VC 221 -0.62 -65.31 76.80
N LEU VC 222 -1.56 -64.82 77.60
CA LEU VC 222 -2.77 -65.55 77.89
C LEU VC 222 -3.95 -64.60 77.85
N ILE VC 223 -5.13 -65.15 77.61
CA ILE VC 223 -6.35 -64.37 77.43
C ILE VC 223 -7.51 -65.12 78.07
N GLY VC 224 -8.30 -64.41 78.88
CA GLY VC 224 -9.47 -64.98 79.52
C GLY VC 224 -10.72 -64.85 78.67
N SER VC 225 -11.82 -65.40 79.19
CA SER VC 225 -13.09 -65.34 78.48
C SER VC 225 -13.74 -63.96 78.57
N ASN VC 226 -13.37 -63.17 79.57
CA ASN VC 226 -13.99 -61.86 79.76
C ASN VC 226 -13.54 -60.85 78.72
N GLY VC 227 -12.36 -61.04 78.13
CA GLY VC 227 -11.73 -60.06 77.26
C GLY VC 227 -10.44 -59.49 77.79
N SER VC 228 -9.95 -59.91 78.96
CA SER VC 228 -8.71 -59.41 79.51
C SER VC 228 -7.55 -60.29 79.04
N THR VC 229 -6.57 -59.69 78.37
CA THR VC 229 -5.40 -60.39 77.89
C THR VC 229 -4.17 -59.84 78.59
N LEU VC 230 -3.31 -60.74 79.06
CA LEU VC 230 -2.12 -60.34 79.78
C LEU VC 230 -0.92 -61.15 79.30
N THR VC 231 0.26 -60.67 79.69
CA THR VC 231 1.51 -61.36 79.42
C THR VC 231 2.26 -61.53 80.72
N VAL VC 232 2.63 -62.76 81.01
CA VAL VC 232 3.27 -63.12 82.28
C VAL VC 232 4.64 -63.69 81.97
N ARG VC 233 5.61 -63.33 82.81
CA ARG VC 233 6.92 -63.96 82.81
C ARG VC 233 6.87 -65.21 83.69
N GLU VC 234 8.03 -65.83 83.92
CA GLU VC 234 8.07 -66.96 84.83
C GLU VC 234 7.87 -66.51 86.28
N GLY VC 235 8.57 -65.47 86.69
CA GLY VC 235 8.45 -65.02 88.06
C GLY VC 235 7.39 -63.96 88.25
N SER VC 236 6.19 -64.38 88.62
CA SER VC 236 5.04 -63.52 88.86
C SER VC 236 3.96 -64.35 89.53
N LYS VC 237 2.82 -63.71 89.80
CA LYS VC 237 1.66 -64.36 90.37
C LYS VC 237 0.45 -64.11 89.47
N ILE VC 238 -0.58 -64.94 89.64
CA ILE VC 238 -1.79 -64.82 88.85
C ILE VC 238 -2.99 -64.87 89.77
N PRO VC 239 -3.91 -63.90 89.69
CA PRO VC 239 -5.15 -63.97 90.48
C PRO VC 239 -6.05 -65.10 90.00
N GLY VC 240 -6.53 -65.89 90.96
CA GLY VC 240 -7.39 -67.02 90.68
C GLY VC 240 -6.67 -68.29 90.31
N TYR VC 241 -5.36 -68.25 90.12
CA TYR VC 241 -4.60 -69.46 89.83
C TYR VC 241 -3.32 -69.59 90.65
N GLY VC 242 -2.78 -68.50 91.19
CA GLY VC 242 -1.71 -68.59 92.16
C GLY VC 242 -0.36 -68.14 91.69
N MET VC 243 0.60 -69.06 91.67
CA MET VC 243 1.99 -68.77 91.37
C MET VC 243 2.41 -69.57 90.13
N VAL VC 244 3.09 -68.89 89.20
CA VAL VC 244 3.58 -69.56 88.00
C VAL VC 244 4.73 -70.47 88.38
N LYS VC 245 4.55 -71.77 88.18
CA LYS VC 245 5.62 -72.72 88.46
C LYS VC 245 6.53 -72.93 87.25
N LEU VC 246 5.96 -73.10 86.06
CA LEU VC 246 6.76 -73.37 84.88
C LEU VC 246 6.06 -72.84 83.64
N ILE VC 247 6.80 -72.09 82.84
CA ILE VC 247 6.40 -71.73 81.48
C ILE VC 247 7.39 -72.38 80.52
N ASP VC 248 6.89 -73.22 79.64
CA ASP VC 248 7.70 -73.84 78.61
C ASP VC 248 7.54 -73.06 77.31
N SER VC 249 8.65 -72.83 76.62
CA SER VC 249 8.60 -72.11 75.35
C SER VC 249 7.99 -72.96 74.23
N LEU VC 250 7.94 -74.27 74.41
CA LEU VC 250 7.34 -75.17 73.43
C LEU VC 250 6.13 -75.87 74.03
N GLN VC 251 5.24 -76.30 73.13
CA GLN VC 251 3.99 -77.04 73.34
C GLN VC 251 2.89 -76.23 74.03
N GLY VC 252 3.15 -74.99 74.46
CA GLY VC 252 2.14 -74.17 75.09
C GLY VC 252 1.64 -74.71 76.41
N ARG VC 253 2.55 -75.10 77.29
CA ARG VC 253 2.21 -75.74 78.57
C ARG VC 253 2.70 -74.85 79.71
N ILE VC 254 1.76 -74.38 80.54
CA ILE VC 254 2.12 -73.61 81.73
C ILE VC 254 1.52 -74.30 82.94
N LEU VC 255 2.32 -74.53 83.96
CA LEU VC 255 1.86 -75.14 85.20
C LEU VC 255 1.87 -74.10 86.31
N THR VC 256 0.76 -73.99 87.03
CA THR VC 256 0.60 -73.03 88.12
C THR VC 256 0.92 -73.69 89.45
N SER VC 257 0.74 -72.92 90.53
CA SER VC 257 1.07 -73.38 91.87
C SER VC 257 0.20 -74.55 92.30
N SER VC 258 -1.10 -74.47 92.01
CA SER VC 258 -2.03 -75.54 92.32
C SER VC 258 -2.10 -76.60 91.22
N GLY VC 259 -1.08 -76.67 90.36
CA GLY VC 259 -1.07 -77.62 89.28
C GLY VC 259 -2.00 -77.30 88.14
N GLN VC 260 -2.58 -76.10 88.12
CA GLN VC 260 -3.51 -75.73 87.06
C GLN VC 260 -2.76 -75.51 85.76
N VAL VC 261 -3.34 -76.01 84.67
CA VAL VC 261 -2.67 -76.10 83.38
C VAL VC 261 -3.22 -75.02 82.48
N ILE VC 262 -2.31 -74.20 81.93
CA ILE VC 262 -2.66 -73.20 80.93
C ILE VC 262 -2.15 -73.70 79.59
N LYS VC 263 -3.02 -73.62 78.58
CA LYS VC 263 -2.78 -74.24 77.28
C LYS VC 263 -3.45 -73.40 76.20
N PHE VC 264 -3.40 -73.90 74.98
CA PHE VC 264 -4.26 -73.40 73.92
C PHE VC 264 -5.66 -73.98 74.08
N SER VC 265 -6.61 -73.41 73.34
CA SER VC 265 -7.96 -73.92 73.38
C SER VC 265 -8.06 -75.23 72.60
N GLN VC 266 -9.15 -75.96 72.84
CA GLN VC 266 -9.39 -77.19 72.11
C GLN VC 266 -9.70 -76.91 70.65
N GLU VC 267 -10.60 -75.98 70.38
CA GLU VC 267 -10.94 -75.63 69.01
C GLU VC 267 -10.02 -74.58 68.42
N ASP VC 268 -9.22 -73.90 69.24
CA ASP VC 268 -8.22 -72.95 68.79
C ASP VC 268 -6.86 -73.54 69.11
N SER VC 269 -6.32 -74.31 68.18
CA SER VC 269 -5.01 -74.94 68.35
C SER VC 269 -4.12 -74.63 67.16
N GLN WC 791 36.32 -98.75 53.57
CA GLN WC 791 36.32 -97.63 54.50
C GLN WC 791 36.12 -96.31 53.74
N GLN WC 792 36.61 -96.27 52.51
CA GLN WC 792 36.48 -95.06 51.68
C GLN WC 792 35.05 -94.87 51.19
N GLU WC 793 34.23 -95.92 51.26
CA GLU WC 793 32.81 -95.81 50.97
C GLU WC 793 32.13 -94.86 51.95
N ILE WC 794 32.60 -94.83 53.21
CA ILE WC 794 32.09 -93.88 54.19
C ILE WC 794 32.32 -92.45 53.73
N GLN WC 795 33.53 -92.17 53.25
CA GLN WC 795 33.89 -90.81 52.83
C GLN WC 795 33.13 -90.41 51.57
N GLN WC 796 33.02 -91.34 50.62
CA GLN WC 796 32.29 -91.07 49.38
C GLN WC 796 30.81 -90.84 49.64
N ARG WC 797 30.21 -91.68 50.49
CA ARG WC 797 28.81 -91.54 50.84
C ARG WC 797 28.56 -90.25 51.60
N THR WC 798 29.47 -89.89 52.50
CA THR WC 798 29.36 -88.63 53.23
C THR WC 798 29.49 -87.44 52.28
N SER WC 799 30.37 -87.55 51.29
CA SER WC 799 30.60 -86.43 50.37
C SER WC 799 29.37 -86.17 49.50
N ASP WC 800 28.85 -87.20 48.85
CA ASP WC 800 27.70 -86.94 47.99
C ASP WC 800 26.42 -86.74 48.79
N MET WC 801 26.37 -87.30 50.01
CA MET WC 801 25.28 -87.01 50.93
C MET WC 801 25.30 -85.56 51.36
N LEU WC 802 26.50 -85.01 51.57
CA LEU WC 802 26.64 -83.60 51.92
C LEU WC 802 26.23 -82.71 50.76
N THR WC 803 26.56 -83.15 49.54
CA THR WC 803 26.16 -82.44 48.34
C THR WC 803 24.63 -82.36 48.25
N ALA WC 804 23.96 -83.50 48.39
CA ALA WC 804 22.51 -83.54 48.32
C ALA WC 804 21.86 -82.77 49.46
N ALA WC 805 22.41 -82.91 50.67
CA ALA WC 805 21.85 -82.24 51.85
C ALA WC 805 21.97 -80.74 51.76
N THR WC 806 23.13 -80.25 51.31
CA THR WC 806 23.33 -78.82 51.12
C THR WC 806 22.40 -78.30 50.03
N GLN WC 807 22.18 -79.10 48.98
CA GLN WC 807 21.26 -78.70 47.93
C GLN WC 807 19.83 -78.54 48.44
N LEU WC 808 19.36 -79.51 49.22
CA LEU WC 808 17.97 -79.43 49.68
C LEU WC 808 17.80 -78.40 50.78
N VAL WC 809 18.84 -78.15 51.59
CA VAL WC 809 18.68 -77.09 52.57
C VAL WC 809 18.78 -75.72 51.89
N GLN WC 810 19.46 -75.65 50.76
CA GLN WC 810 19.41 -74.43 49.95
C GLN WC 810 18.02 -74.23 49.37
N ASP WC 811 17.36 -75.33 49.01
CA ASP WC 811 15.97 -75.26 48.55
C ASP WC 811 15.04 -74.81 49.67
N TRP WC 812 15.27 -75.27 50.88
CA TRP WC 812 14.41 -74.89 51.99
C TRP WC 812 14.74 -73.52 52.56
N LYS WC 813 15.88 -72.94 52.21
CA LYS WC 813 16.32 -71.71 52.85
C LYS WC 813 15.50 -70.51 52.39
N GLN WC 814 15.17 -70.43 51.11
CA GLN WC 814 14.56 -69.22 50.58
C GLN WC 814 13.04 -69.26 50.74
N VAL WC 815 12.46 -68.07 50.91
CA VAL WC 815 11.02 -67.87 50.94
C VAL WC 815 10.72 -66.64 50.10
N GLU WC 816 9.84 -66.77 49.13
CA GLU WC 816 9.56 -65.68 48.20
C GLU WC 816 8.55 -64.71 48.80
N THR WC 817 8.01 -63.82 47.96
CA THR WC 817 7.24 -62.68 48.40
C THR WC 817 5.83 -62.71 47.83
N GLN WC 818 4.90 -62.15 48.59
CA GLN WC 818 3.48 -62.09 48.24
C GLN WC 818 3.26 -61.25 46.99
N VAL WC 819 2.16 -61.53 46.29
CA VAL WC 819 1.82 -60.80 45.08
C VAL WC 819 0.45 -60.14 45.26
N TYR WC 820 0.37 -58.87 44.92
CA TYR WC 820 -0.87 -58.10 44.99
C TYR WC 820 -1.19 -57.50 43.63
N THR WC 821 -2.47 -57.55 43.26
CA THR WC 821 -2.90 -57.06 41.96
C THR WC 821 -4.20 -56.30 42.11
N GLU WC 822 -4.28 -55.14 41.44
CA GLU WC 822 -5.44 -54.26 41.45
C GLU WC 822 -6.24 -54.40 40.15
N GLY WC 823 -7.46 -53.88 40.18
CA GLY WC 823 -8.21 -53.71 38.96
C GLY WC 823 -9.33 -52.72 39.13
N THR WC 824 -10.02 -52.45 38.02
CA THR WC 824 -11.16 -51.54 38.01
C THR WC 824 -12.24 -52.02 37.06
N ALA XC 104 25.60 -119.11 9.71
CA ALA XC 104 25.92 -117.70 9.84
C ALA XC 104 24.66 -116.84 9.76
N GLU XC 105 23.77 -117.01 10.73
CA GLU XC 105 22.48 -116.32 10.68
C GLU XC 105 22.17 -115.65 12.01
N VAL XC 106 22.68 -116.21 13.11
CA VAL XC 106 22.34 -115.71 14.44
C VAL XC 106 23.01 -114.39 14.78
N ILE XC 107 23.93 -113.93 13.92
CA ILE XC 107 24.66 -112.68 14.14
C ILE XC 107 23.70 -111.50 14.15
N ASP XC 108 22.73 -111.52 13.24
CA ASP XC 108 21.74 -110.44 13.17
C ASP XC 108 20.88 -110.40 14.42
N LYS XC 109 20.48 -111.57 14.94
CA LYS XC 109 19.65 -111.59 16.13
C LYS XC 109 20.42 -111.14 17.37
N LYS XC 110 21.68 -111.58 17.47
CA LYS XC 110 22.54 -111.14 18.57
C LYS XC 110 22.77 -109.64 18.54
N ALA XC 111 23.06 -109.09 17.34
CA ALA XC 111 23.28 -107.67 17.21
C ALA XC 111 22.02 -106.86 17.48
N PHE XC 112 20.86 -107.40 17.09
CA PHE XC 112 19.60 -106.72 17.35
C PHE XC 112 19.28 -106.67 18.84
N LYS XC 113 19.49 -107.79 19.54
CA LYS XC 113 19.16 -107.79 20.96
C LYS XC 113 20.15 -106.95 21.77
N ASP XC 114 21.44 -106.96 21.41
CA ASP XC 114 22.35 -106.10 22.15
C ASP XC 114 22.17 -104.63 21.76
N MET XC 115 21.70 -104.37 20.54
CA MET XC 115 21.37 -103.01 20.14
C MET XC 115 20.19 -102.47 20.93
N THR XC 116 19.18 -103.32 21.15
CA THR XC 116 18.06 -102.93 22.00
C THR XC 116 18.52 -102.70 23.44
N ARG XC 117 19.41 -103.56 23.93
CA ARG XC 117 19.94 -103.41 25.28
C ARG XC 117 20.73 -102.12 25.44
N ASN XC 118 21.53 -101.77 24.42
CA ASN XC 118 22.32 -100.56 24.50
C ASN XC 118 21.46 -99.32 24.33
N LEU XC 119 20.41 -99.40 23.51
CA LEU XC 119 19.55 -98.25 23.31
C LEU XC 119 18.73 -97.95 24.56
N TYR XC 120 18.16 -98.97 25.18
CA TYR XC 120 17.38 -98.77 26.39
C TYR XC 120 17.88 -99.64 27.51
N PRO XC 121 18.62 -99.07 28.47
CA PRO XC 121 19.07 -99.85 29.63
C PRO XC 121 18.03 -99.94 30.73
N LEU XC 122 16.78 -99.58 30.45
CA LEU XC 122 15.73 -99.54 31.46
C LEU XC 122 14.51 -100.29 30.98
N ASN XC 123 13.99 -101.19 31.81
CA ASN XC 123 12.72 -101.84 31.52
C ASN XC 123 11.57 -100.89 31.86
N PRO XC 124 10.39 -101.10 31.27
CA PRO XC 124 9.22 -100.32 31.68
C PRO XC 124 8.87 -100.44 33.15
N GLU XC 125 9.07 -101.63 33.71
CA GLU XC 125 8.89 -101.81 35.16
C GLU XC 125 9.89 -100.96 35.93
N GLN XC 126 11.12 -100.86 35.42
CA GLN XC 126 12.11 -99.98 36.02
C GLN XC 126 11.68 -98.53 35.93
N VAL XC 127 11.03 -98.15 34.82
CA VAL XC 127 10.56 -96.78 34.64
C VAL XC 127 9.48 -96.45 35.66
N VAL XC 128 8.54 -97.38 35.87
CA VAL XC 128 7.46 -97.16 36.83
C VAL XC 128 8.02 -97.10 38.25
N LYS XC 129 8.99 -97.95 38.56
CA LYS XC 129 9.62 -97.90 39.88
C LYS XC 129 10.39 -96.61 40.08
N LEU XC 130 11.05 -96.11 39.03
CA LEU XC 130 11.76 -94.84 39.12
C LEU XC 130 10.80 -93.68 39.35
N LYS XC 131 9.65 -93.71 38.70
CA LYS XC 131 8.66 -92.66 38.91
C LYS XC 131 8.09 -92.72 40.32
N GLN XC 132 7.89 -93.94 40.84
CA GLN XC 132 7.47 -94.10 42.23
C GLN XC 132 8.52 -93.55 43.19
N ILE XC 133 9.79 -93.81 42.90
CA ILE XC 133 10.90 -93.28 43.69
C ILE XC 133 10.91 -91.76 43.64
N TYR XC 134 10.63 -91.20 42.45
CA TYR XC 134 10.63 -89.76 42.26
C TYR XC 134 9.55 -89.09 43.10
N GLU XC 135 8.31 -89.59 43.02
CA GLU XC 135 7.24 -88.97 43.79
C GLU XC 135 7.37 -89.28 45.27
N THR XC 136 8.03 -90.39 45.62
CA THR XC 136 8.35 -90.68 47.01
C THR XC 136 9.30 -89.63 47.58
N SER XC 137 10.36 -89.33 46.83
CA SER XC 137 11.31 -88.31 47.26
C SER XC 137 10.68 -86.93 47.25
N GLU XC 138 9.77 -86.67 46.33
CA GLU XC 138 9.09 -85.38 46.28
C GLU XC 138 8.19 -85.19 47.50
N TYR XC 139 7.44 -86.21 47.87
CA TYR XC 139 6.60 -86.12 49.06
C TYR XC 139 7.43 -86.03 50.32
N ALA XC 140 8.55 -86.75 50.36
CA ALA XC 140 9.45 -86.67 51.52
C ALA XC 140 10.08 -85.30 51.63
N LYS XC 141 10.39 -84.68 50.50
CA LYS XC 141 10.97 -83.35 50.51
C LYS XC 141 9.94 -82.30 50.92
N ALA XC 142 8.73 -82.39 50.38
CA ALA XC 142 7.70 -81.41 50.67
C ALA XC 142 6.98 -81.68 51.99
N ALA XC 143 7.30 -82.77 52.67
CA ALA XC 143 6.73 -83.02 53.98
C ALA XC 143 7.20 -81.98 54.98
N THR XC 144 6.31 -81.62 55.90
CA THR XC 144 6.59 -80.57 56.87
C THR XC 144 6.66 -81.15 58.27
N PRO XC 145 7.68 -80.82 59.05
CA PRO XC 145 7.82 -81.38 60.39
C PRO XC 145 6.82 -80.75 61.36
N GLY XC 146 6.58 -81.47 62.45
CA GLY XC 146 5.67 -81.00 63.47
C GLY XC 146 4.23 -81.04 62.99
N THR XC 147 3.41 -80.22 63.64
CA THR XC 147 2.03 -80.12 63.21
C THR XC 147 1.74 -78.76 62.63
N PRO XC 148 1.00 -78.69 61.52
CA PRO XC 148 0.62 -77.39 60.98
C PRO XC 148 -0.37 -76.70 61.88
N PRO XC 149 -0.39 -75.37 61.90
CA PRO XC 149 -1.34 -74.64 62.74
C PRO XC 149 -2.76 -74.73 62.21
N LYS XC 150 -3.70 -74.48 63.10
CA LYS XC 150 -5.11 -74.54 62.77
C LYS XC 150 -5.55 -73.24 62.12
N PRO XC 151 -6.11 -73.27 60.92
CA PRO XC 151 -6.56 -72.04 60.27
C PRO XC 151 -7.81 -71.43 60.92
N THR XC 152 -7.65 -70.30 61.62
CA THR XC 152 -8.75 -69.65 62.30
C THR XC 152 -8.70 -68.15 62.04
N ALA XC 153 -9.87 -67.52 62.14
CA ALA XC 153 -10.00 -66.08 62.03
C ALA XC 153 -10.77 -65.56 63.25
N THR XC 154 -10.48 -64.33 63.66
CA THR XC 154 -11.02 -63.80 64.91
C THR XC 154 -11.30 -62.31 64.80
N SER XC 155 -11.97 -61.80 65.83
CA SER XC 155 -12.19 -60.37 66.00
C SER XC 155 -11.79 -59.99 67.42
N GLN XC 156 -10.99 -58.93 67.54
CA GLN XC 156 -10.54 -58.44 68.83
C GLN XC 156 -10.91 -56.97 68.98
N PHE XC 157 -11.31 -56.62 70.20
CA PHE XC 157 -11.59 -55.23 70.53
C PHE XC 157 -10.34 -54.64 71.17
N VAL XC 158 -9.95 -53.47 70.69
CA VAL XC 158 -8.76 -52.80 71.19
C VAL XC 158 -9.17 -51.58 72.01
N ASN XC 159 -8.24 -51.10 72.80
CA ASN XC 159 -8.45 -49.86 73.55
C ASN XC 159 -7.12 -49.17 73.75
N LEU XC 160 -7.16 -47.85 73.79
CA LEU XC 160 -5.96 -47.03 73.98
C LEU XC 160 -5.81 -46.59 75.43
N SER XC 161 -6.14 -47.48 76.36
CA SER XC 161 -5.92 -47.20 77.77
C SER XC 161 -4.43 -47.12 78.05
N PRO XC 162 -3.98 -46.15 78.87
CA PRO XC 162 -2.54 -45.92 79.03
C PRO XC 162 -1.81 -46.94 79.89
N GLY XC 163 -2.47 -48.02 80.31
CA GLY XC 163 -1.79 -49.08 81.02
C GLY XC 163 -2.14 -50.44 80.47
N SER XC 164 -3.05 -50.48 79.50
CA SER XC 164 -3.54 -51.74 78.96
C SER XC 164 -2.48 -52.40 78.08
N THR XC 165 -2.56 -53.72 77.99
CA THR XC 165 -1.64 -54.49 77.18
C THR XC 165 -2.03 -54.37 75.70
N PRO XC 166 -1.09 -54.03 74.82
CA PRO XC 166 -1.43 -53.95 73.39
C PRO XC 166 -1.68 -55.33 72.82
N PRO XC 167 -2.49 -55.43 71.77
CA PRO XC 167 -2.81 -56.75 71.21
C PRO XC 167 -1.66 -57.37 70.45
N VAL XC 168 -1.71 -58.71 70.38
CA VAL XC 168 -0.72 -59.50 69.68
C VAL XC 168 -1.40 -60.13 68.45
N ILE XC 169 -0.57 -60.49 67.48
CA ILE XC 169 -1.02 -61.10 66.23
C ILE XC 169 -0.21 -62.37 65.99
N ARG XC 170 -0.90 -63.51 65.93
CA ARG XC 170 -0.25 -64.78 65.66
C ARG XC 170 -0.12 -64.96 64.15
N LEU XC 171 1.11 -65.21 63.70
CA LEU XC 171 1.40 -65.26 62.28
C LEU XC 171 2.19 -66.53 61.97
N SER XC 172 2.52 -66.70 60.70
CA SER XC 172 3.19 -67.90 60.23
C SER XC 172 4.14 -67.53 59.10
N GLN XC 173 4.86 -68.51 58.60
CA GLN XC 173 5.88 -68.27 57.59
C GLN XC 173 5.21 -68.18 56.22
N GLY XC 174 5.25 -67.00 55.63
CA GLY XC 174 4.89 -66.84 54.24
C GLY XC 174 3.42 -66.89 53.92
N PHE XC 175 2.54 -66.93 54.92
CA PHE XC 175 1.11 -66.97 54.68
C PHE XC 175 0.49 -65.65 55.08
N VAL XC 176 -0.13 -64.99 54.12
CA VAL XC 176 -0.58 -63.61 54.29
C VAL XC 176 -1.85 -63.58 55.11
N SER XC 177 -1.86 -62.73 56.13
CA SER XC 177 -3.03 -62.47 56.95
C SER XC 177 -3.62 -61.12 56.61
N SER XC 178 -4.91 -60.97 56.86
CA SER XC 178 -5.62 -59.72 56.59
C SER XC 178 -6.10 -59.12 57.90
N LEU XC 179 -5.69 -57.88 58.16
CA LEU XC 179 -6.09 -57.14 59.36
C LEU XC 179 -7.04 -56.05 58.93
N VAL XC 180 -8.30 -56.14 59.36
CA VAL XC 180 -9.34 -55.21 58.95
C VAL XC 180 -9.75 -54.39 60.15
N PHE XC 181 -9.71 -53.07 60.02
CA PHE XC 181 -9.90 -52.14 61.12
C PHE XC 181 -11.28 -51.51 61.03
N LEU XC 182 -12.08 -51.71 62.07
CA LEU XC 182 -13.39 -51.08 62.18
C LEU XC 182 -13.44 -50.30 63.47
N ASP XC 183 -14.33 -49.31 63.52
CA ASP XC 183 -14.48 -48.47 64.70
C ASP XC 183 -15.49 -49.11 65.66
N SER XC 184 -15.92 -48.34 66.66
CA SER XC 184 -16.93 -48.83 67.59
C SER XC 184 -18.29 -48.99 66.92
N THR XC 185 -18.60 -48.17 65.91
CA THR XC 185 -19.86 -48.30 65.20
C THR XC 185 -19.78 -49.30 64.05
N GLY XC 186 -18.66 -49.97 63.87
CA GLY XC 186 -18.51 -50.99 62.86
C GLY XC 186 -18.11 -50.46 61.50
N ALA XC 187 -18.06 -49.14 61.31
CA ALA XC 187 -17.59 -48.57 60.07
C ALA XC 187 -16.09 -48.80 59.94
N PRO XC 188 -15.60 -48.99 58.71
CA PRO XC 188 -14.16 -49.23 58.51
C PRO XC 188 -13.32 -48.02 58.87
N TRP XC 189 -12.07 -48.29 59.25
CA TRP XC 189 -11.18 -47.20 59.59
C TRP XC 189 -10.22 -46.93 58.45
N PRO XC 190 -10.32 -45.80 57.76
CA PRO XC 190 -9.31 -45.45 56.75
C PRO XC 190 -7.96 -45.18 57.39
N ILE XC 191 -6.90 -45.55 56.69
CA ILE XC 191 -5.56 -45.61 57.25
C ILE XC 191 -4.74 -44.46 56.69
N ALA XC 192 -3.99 -43.78 57.56
CA ALA XC 192 -3.10 -42.71 57.12
C ALA XC 192 -1.70 -43.22 56.84
N ALA XC 193 -1.03 -43.75 57.86
CA ALA XC 193 0.36 -44.17 57.70
C ALA XC 193 0.65 -45.33 58.62
N TYR XC 194 1.80 -45.97 58.41
CA TYR XC 194 2.22 -47.03 59.30
C TYR XC 194 3.74 -47.13 59.29
N ASP XC 195 4.24 -48.07 60.08
CA ASP XC 195 5.66 -48.17 60.37
C ASP XC 195 5.94 -49.59 60.84
N LEU XC 196 6.96 -50.21 60.28
CA LEU XC 196 7.26 -51.62 60.52
C LEU XC 196 8.50 -51.77 61.38
N GLY XC 197 8.51 -52.83 62.19
CA GLY XC 197 9.74 -53.34 62.75
C GLY XC 197 10.24 -54.46 61.86
N ASP XC 198 11.52 -54.37 61.49
CA ASP XC 198 12.24 -55.31 60.64
C ASP XC 198 11.56 -55.62 59.30
N PRO XC 199 11.67 -54.72 58.31
CA PRO XC 199 11.22 -55.07 56.96
C PRO XC 199 11.88 -56.31 56.36
N SER XC 200 13.07 -56.68 56.79
CA SER XC 200 13.63 -57.97 56.38
C SER XC 200 12.92 -59.14 57.02
N SER XC 201 12.10 -58.93 58.04
CA SER XC 201 11.28 -59.98 58.60
C SER XC 201 9.82 -59.90 58.20
N PHE XC 202 9.33 -58.72 57.80
CA PHE XC 202 7.92 -58.58 57.49
C PHE XC 202 7.72 -57.72 56.24
N ASN XC 203 6.75 -58.12 55.43
CA ASN XC 203 6.43 -57.45 54.18
C ASN XC 203 4.93 -57.24 54.11
N ILE XC 204 4.53 -56.08 53.60
CA ILE XC 204 3.12 -55.72 53.49
C ILE XC 204 2.85 -55.12 52.12
N GLN XC 205 1.87 -55.66 51.41
CA GLN XC 205 1.37 -55.06 50.19
C GLN XC 205 0.04 -54.36 50.53
N TRP XC 206 -0.01 -53.05 50.32
CA TRP XC 206 -1.09 -52.24 50.88
C TRP XC 206 -1.52 -51.17 49.90
N ASP XC 207 -2.77 -51.24 49.47
CA ASP XC 207 -3.38 -50.15 48.73
C ASP XC 207 -3.62 -48.97 49.67
N LYS XC 208 -3.50 -47.76 49.12
CA LYS XC 208 -3.41 -46.56 49.96
C LYS XC 208 -4.69 -46.23 50.70
N THR XC 209 -5.84 -46.68 50.22
CA THR XC 209 -7.13 -46.23 50.75
C THR XC 209 -8.01 -47.39 51.14
N SER XC 210 -7.45 -48.34 51.86
CA SER XC 210 -8.24 -49.44 52.42
C SER XC 210 -8.32 -49.27 53.93
N ASN XC 211 -9.05 -50.19 54.55
CA ASN XC 211 -9.06 -50.33 55.99
C ASN XC 211 -8.37 -51.62 56.41
N THR XC 212 -7.58 -52.22 55.53
CA THR XC 212 -6.99 -53.52 55.81
C THR XC 212 -5.51 -53.52 55.47
N LEU XC 213 -4.81 -54.43 56.11
CA LEU XC 213 -3.38 -54.66 55.92
C LEU XC 213 -3.16 -56.12 55.56
N MET XC 214 -2.44 -56.35 54.47
CA MET XC 214 -2.06 -57.69 54.04
C MET XC 214 -0.64 -57.95 54.52
N ILE XC 215 -0.50 -58.79 55.53
CA ILE XC 215 0.72 -58.91 56.31
C ILE XC 215 1.32 -60.28 56.10
N GLN XC 216 2.61 -60.33 55.76
CA GLN XC 216 3.34 -61.57 55.61
C GLN XC 216 4.60 -61.51 56.47
N ALA XC 217 5.04 -62.67 56.93
CA ALA XC 217 6.24 -62.79 57.75
C ALA XC 217 7.33 -63.48 56.94
N THR XC 218 8.48 -62.81 56.81
CA THR XC 218 9.59 -63.40 56.06
C THR XC 218 10.27 -64.51 56.81
N LYS XC 219 10.54 -64.31 58.10
CA LYS XC 219 11.26 -65.29 58.88
C LYS XC 219 10.29 -66.10 59.73
N LEU XC 220 10.83 -66.93 60.62
CA LEU XC 220 10.06 -67.94 61.32
C LEU XC 220 9.75 -67.59 62.77
N TYR XC 221 10.77 -67.24 63.55
CA TYR XC 221 10.59 -67.09 64.99
C TYR XC 221 11.00 -65.72 65.51
N ASN XC 222 11.42 -64.80 64.65
CA ASN XC 222 11.76 -63.46 65.09
C ASN XC 222 10.51 -62.58 65.05
N TYR XC 223 10.19 -61.96 66.17
CA TYR XC 223 8.94 -61.23 66.33
C TYR XC 223 9.14 -59.74 66.17
N GLY XC 224 8.08 -59.05 65.76
CA GLY XC 224 8.17 -57.62 65.49
C GLY XC 224 7.01 -56.82 66.01
N ASN XC 225 6.93 -55.54 65.64
CA ASN XC 225 5.85 -54.69 66.07
C ASN XC 225 5.44 -53.74 64.95
N LEU XC 226 4.14 -53.41 64.95
CA LEU XC 226 3.55 -52.53 63.95
C LEU XC 226 3.07 -51.26 64.64
N ALA XC 227 3.45 -50.11 64.08
CA ALA XC 227 2.90 -48.84 64.50
C ALA XC 227 2.00 -48.33 63.39
N VAL XC 228 0.82 -47.84 63.77
CA VAL XC 228 -0.18 -47.36 62.83
C VAL XC 228 -0.51 -45.92 63.20
N ARG XC 229 -0.25 -45.00 62.29
CA ARG XC 229 -0.71 -43.63 62.40
C ARG XC 229 -2.09 -43.57 61.77
N LEU XC 230 -3.09 -43.30 62.59
CA LEU XC 230 -4.48 -43.30 62.19
C LEU XC 230 -4.78 -42.05 61.36
N ARG XC 231 -5.94 -42.07 60.69
CA ARG XC 231 -6.32 -40.95 59.84
C ARG XC 231 -6.84 -39.77 60.66
N GLY XC 232 -7.94 -39.96 61.37
CA GLY XC 232 -8.52 -38.87 62.12
C GLY XC 232 -8.01 -38.81 63.54
N LEU XC 233 -7.89 -39.97 64.20
CA LEU XC 233 -7.49 -40.01 65.59
C LEU XC 233 -6.01 -39.74 65.74
N ASN XC 234 -5.67 -38.91 66.73
CA ASN XC 234 -4.29 -38.54 66.97
C ASN XC 234 -3.49 -39.68 67.59
N THR XC 235 -4.16 -40.66 68.18
CA THR XC 235 -3.49 -41.70 68.95
C THR XC 235 -2.88 -42.75 68.03
N PRO XC 236 -1.57 -42.97 68.10
CA PRO XC 236 -0.98 -44.09 67.35
C PRO XC 236 -1.35 -45.43 67.97
N VAL XC 237 -1.41 -46.46 67.13
CA VAL XC 237 -1.80 -47.79 67.56
C VAL XC 237 -0.63 -48.73 67.33
N MET XC 238 -0.14 -49.35 68.40
CA MET XC 238 1.01 -50.23 68.32
C MET XC 238 0.59 -51.64 68.69
N LEU XC 239 0.90 -52.60 67.83
CA LEU XC 239 0.61 -54.00 68.07
C LEU XC 239 1.89 -54.81 67.98
N THR XC 240 1.88 -55.98 68.60
CA THR XC 240 3.03 -56.87 68.56
C THR XC 240 2.68 -58.14 67.78
N LEU XC 241 3.52 -58.47 66.82
CA LEU XC 241 3.29 -59.60 65.92
C LEU XC 241 4.33 -60.68 66.19
N ILE XC 242 3.87 -61.91 66.35
CA ILE XC 242 4.73 -63.05 66.59
C ILE XC 242 4.44 -64.08 65.51
N PRO XC 243 5.42 -64.45 64.69
CA PRO XC 243 5.17 -65.42 63.63
C PRO XC 243 5.40 -66.86 64.10
N GLY XC 244 4.85 -67.78 63.33
CA GLY XC 244 5.12 -69.20 63.50
C GLY XC 244 4.63 -69.81 64.80
N GLN XC 245 3.42 -69.48 65.21
CA GLN XC 245 2.87 -70.03 66.43
C GLN XC 245 2.01 -71.25 66.10
N LYS XC 246 1.34 -71.78 67.12
CA LYS XC 246 0.57 -73.01 66.96
C LYS XC 246 -0.76 -72.80 66.26
N ALA XC 247 -1.20 -71.55 66.10
CA ALA XC 247 -2.45 -71.25 65.40
C ALA XC 247 -2.22 -70.08 64.48
N VAL XC 248 -2.76 -70.16 63.26
CA VAL XC 248 -2.60 -69.11 62.27
C VAL XC 248 -3.85 -68.25 62.28
N ASP XC 249 -3.66 -66.95 62.48
CA ASP XC 249 -4.73 -65.98 62.38
C ASP XC 249 -4.98 -65.69 60.90
N TYR XC 250 -6.03 -66.30 60.35
CA TYR XC 250 -6.31 -66.15 58.93
C TYR XC 250 -6.82 -64.75 58.61
N ARG XC 251 -7.68 -64.22 59.47
CA ARG XC 251 -8.20 -62.86 59.35
C ARG XC 251 -8.40 -62.34 60.76
N VAL XC 252 -8.02 -61.08 60.99
CA VAL XC 252 -8.28 -60.45 62.28
C VAL XC 252 -9.05 -59.16 62.03
N ASP XC 253 -10.26 -59.10 62.57
CA ASP XC 253 -10.98 -57.84 62.71
C ASP XC 253 -10.51 -57.16 63.98
N LEU XC 254 -10.34 -55.84 63.91
CA LEU XC 254 -9.91 -55.05 65.05
C LEU XC 254 -10.88 -53.90 65.24
N ARG XC 255 -11.63 -53.94 66.34
CA ARG XC 255 -12.66 -52.95 66.65
C ARG XC 255 -12.09 -51.92 67.60
N VAL XC 256 -12.17 -50.66 67.20
CA VAL XC 256 -11.52 -49.56 67.90
C VAL XC 256 -12.53 -48.92 68.86
N GLN XC 257 -12.04 -48.57 70.05
CA GLN XC 257 -12.87 -47.84 71.02
C GLN XC 257 -13.20 -46.43 70.54
N GLY XC 258 -12.42 -45.87 69.62
CA GLY XC 258 -12.74 -44.60 69.02
C GLY XC 258 -13.80 -44.72 67.94
N TYR XC 259 -14.08 -43.59 67.30
CA TYR XC 259 -15.17 -43.50 66.33
C TYR XC 259 -14.65 -42.97 65.01
N GLY XC 260 -14.94 -43.70 63.93
CA GLY XC 260 -14.54 -43.30 62.61
C GLY XC 260 -15.38 -42.15 62.11
N PRO XC 261 -14.83 -41.37 61.18
CA PRO XC 261 -15.66 -40.35 60.51
C PRO XC 261 -16.79 -40.95 59.71
N ASN XC 262 -16.57 -42.12 59.12
CA ASN XC 262 -17.67 -42.92 58.62
C ASN XC 262 -18.42 -43.54 59.80
N ALA XC 263 -19.73 -43.67 59.64
CA ALA XC 263 -20.57 -44.21 60.70
C ALA XC 263 -21.82 -44.86 60.12
N ASP XC 278 -31.33 -59.95 58.17
CA ASP XC 278 -30.93 -60.01 59.57
C ASP XC 278 -30.65 -61.44 60.01
N LEU XC 279 -30.98 -61.72 61.27
CA LEU XC 279 -30.91 -63.07 61.80
C LEU XC 279 -31.84 -64.00 61.04
N LEU XC 280 -33.02 -63.49 60.67
CA LEU XC 280 -33.95 -64.26 59.85
C LEU XC 280 -33.37 -64.56 58.48
N LEU XC 281 -32.64 -63.61 57.90
CA LEU XC 281 -32.00 -63.85 56.61
C LEU XC 281 -30.87 -64.87 56.71
N HIS XC 282 -30.12 -64.84 57.81
CA HIS XC 282 -29.06 -65.82 58.00
C HIS XC 282 -29.63 -67.22 58.23
N VAL XC 283 -30.76 -67.30 58.94
CA VAL XC 283 -31.45 -68.57 59.11
C VAL XC 283 -31.95 -69.09 57.76
N LEU XC 284 -32.48 -68.19 56.93
CA LEU XC 284 -32.93 -68.56 55.60
C LEU XC 284 -31.77 -69.03 54.73
N GLU XC 285 -30.61 -68.39 54.87
CA GLU XC 285 -29.41 -68.83 54.16
C GLU XC 285 -28.97 -70.20 54.63
N GLY XC 286 -29.05 -70.46 55.94
CA GLY XC 286 -28.76 -71.79 56.43
C GLY XC 286 -27.96 -71.83 57.72
N VAL XC 287 -27.23 -70.77 58.02
CA VAL XC 287 -26.44 -70.75 59.25
C VAL XC 287 -27.36 -70.54 60.44
N PRO XC 288 -27.28 -71.39 61.47
CA PRO XC 288 -28.15 -71.23 62.63
C PRO XC 288 -27.78 -69.99 63.43
N PRO XC 289 -28.71 -69.47 64.23
CA PRO XC 289 -28.36 -68.39 65.15
C PRO XC 289 -27.40 -68.91 66.21
N PRO XC 290 -26.56 -68.05 66.77
CA PRO XC 290 -25.70 -68.48 67.88
C PRO XC 290 -26.53 -68.78 69.12
N GLY XC 291 -26.07 -69.78 69.87
CA GLY XC 291 -26.81 -70.27 71.01
C GLY XC 291 -28.10 -70.98 70.63
N SER XC 292 -28.01 -71.91 69.67
CA SER XC 292 -29.18 -72.62 69.19
C SER XC 292 -29.20 -74.05 69.71
N ARG XC 293 -30.24 -74.78 69.34
CA ARG XC 293 -30.36 -76.20 69.64
C ARG XC 293 -31.19 -76.83 68.53
N ARG XC 294 -30.61 -77.82 67.86
CA ARG XC 294 -31.32 -78.48 66.78
C ARG XC 294 -32.38 -79.41 67.34
N LEU XC 295 -33.54 -79.44 66.68
CA LEU XC 295 -34.65 -80.28 67.09
C LEU XC 295 -34.86 -81.40 66.07
N VAL XC 296 -35.82 -82.26 66.36
CA VAL XC 296 -36.16 -83.39 65.50
C VAL XC 296 -37.61 -83.23 65.06
N VAL XC 297 -37.83 -83.30 63.75
CA VAL XC 297 -39.15 -83.19 63.16
C VAL XC 297 -39.30 -84.26 62.09
N SER XC 298 -40.35 -85.05 62.17
CA SER XC 298 -40.63 -86.09 61.19
C SER XC 298 -41.83 -85.71 60.36
N GLY XC 299 -42.02 -86.44 59.26
CA GLY XC 299 -43.17 -86.26 58.39
C GLY XC 299 -43.05 -85.12 57.39
N GLY XC 300 -41.95 -84.39 57.39
CA GLY XC 300 -41.77 -83.33 56.43
C GLY XC 300 -40.34 -82.83 56.48
N ASP XC 301 -39.92 -82.20 55.39
CA ASP XC 301 -38.55 -81.71 55.25
C ASP XC 301 -38.49 -80.28 55.76
N ALA XC 302 -38.04 -80.12 57.00
CA ALA XC 302 -37.88 -78.80 57.59
C ALA XC 302 -36.73 -78.83 58.55
N ARG XC 303 -36.17 -77.65 58.81
CA ARG XC 303 -35.07 -77.49 59.75
C ARG XC 303 -35.57 -76.65 60.92
N ALA XC 304 -35.36 -77.16 62.14
CA ALA XC 304 -35.87 -76.54 63.35
C ALA XC 304 -34.73 -76.14 64.26
N TRP XC 305 -34.77 -74.91 64.75
CA TRP XC 305 -33.80 -74.38 65.69
C TRP XC 305 -34.53 -73.74 66.86
N LEU XC 306 -33.98 -73.92 68.05
CA LEU XC 306 -34.51 -73.30 69.27
C LEU XC 306 -33.38 -72.54 69.95
N SER XC 307 -33.48 -71.22 70.01
CA SER XC 307 -32.47 -70.40 70.64
C SER XC 307 -33.01 -69.55 71.78
N ASN XC 308 -34.11 -68.84 71.56
CA ASN XC 308 -34.63 -67.87 72.52
C ASN XC 308 -36.09 -68.12 72.78
N GLU XC 309 -36.42 -69.38 73.10
CA GLU XC 309 -37.77 -69.85 73.45
C GLU XC 309 -38.75 -69.64 72.30
N LYS XC 310 -38.23 -69.68 71.07
CA LYS XC 310 -39.02 -69.52 69.86
C LYS XC 310 -38.43 -70.44 68.79
N MET XC 311 -39.30 -70.93 67.91
CA MET XC 311 -38.87 -71.84 66.87
C MET XC 311 -38.48 -71.06 65.62
N TYR XC 312 -37.32 -71.40 65.07
CA TYR XC 312 -36.89 -70.96 63.75
C TYR XC 312 -36.94 -72.18 62.85
N VAL XC 313 -37.90 -72.23 61.92
CA VAL XC 313 -38.07 -73.39 61.07
C VAL XC 313 -37.99 -72.95 59.61
N ARG XC 314 -37.12 -73.59 58.85
CA ARG XC 314 -36.97 -73.32 57.43
C ARG XC 314 -37.44 -74.52 56.63
N THR XC 315 -38.26 -74.26 55.61
CA THR XC 315 -38.77 -75.32 54.74
C THR XC 315 -39.17 -74.70 53.40
N ASN XC 316 -39.92 -75.46 52.61
CA ASN XC 316 -40.62 -74.93 51.45
C ASN XC 316 -42.13 -75.00 51.61
N LEU XC 317 -42.62 -75.62 52.68
CA LEU XC 317 -44.04 -75.66 52.92
C LEU XC 317 -44.53 -74.32 53.44
N THR XC 318 -45.84 -74.17 53.49
CA THR XC 318 -46.47 -73.00 54.09
C THR XC 318 -47.28 -73.44 55.30
N ILE XC 319 -47.14 -72.71 56.39
CA ILE XC 319 -47.76 -73.07 57.66
C ILE XC 319 -49.06 -72.31 57.79
N LEU XC 320 -50.12 -73.01 58.21
CA LEU XC 320 -51.45 -72.42 58.24
C LEU XC 320 -51.99 -72.21 59.64
N SER XC 321 -52.17 -73.28 60.42
CA SER XC 321 -52.95 -73.19 61.65
C SER XC 321 -52.23 -72.59 62.88
N PRO XC 322 -51.09 -73.10 63.35
CA PRO XC 322 -50.66 -72.73 64.71
C PRO XC 322 -50.01 -71.36 64.81
N GLY XC 323 -49.72 -70.72 63.69
CA GLY XC 323 -49.42 -69.30 63.68
C GLY XC 323 -47.95 -69.01 63.45
N TRP XC 324 -47.68 -67.72 63.30
CA TRP XC 324 -46.34 -67.21 63.08
C TRP XC 324 -46.30 -65.73 63.41
N LEU XC 325 -45.09 -65.21 63.60
CA LEU XC 325 -44.86 -63.81 63.85
C LEU XC 325 -43.99 -63.15 62.80
N ALA XC 326 -42.93 -63.83 62.34
CA ALA XC 326 -42.04 -63.30 61.33
C ALA XC 326 -41.83 -64.35 60.25
N SER XC 327 -41.88 -63.93 58.99
CA SER XC 327 -41.64 -64.86 57.90
C SER XC 327 -40.86 -64.19 56.80
N MET XC 328 -39.93 -64.94 56.22
CA MET XC 328 -39.18 -64.49 55.06
C MET XC 328 -39.36 -65.52 53.95
N THR XC 329 -39.87 -65.08 52.81
CA THR XC 329 -39.97 -65.92 51.62
C THR XC 329 -38.99 -65.42 50.58
N SER XC 330 -38.09 -66.30 50.13
CA SER XC 330 -37.07 -65.89 49.18
C SER XC 330 -37.58 -66.09 47.76
N ALA XC 331 -36.73 -65.75 46.79
CA ALA XC 331 -37.14 -65.82 45.39
C ALA XC 331 -37.17 -67.25 44.89
N ASP XC 332 -36.33 -68.13 45.44
CA ASP XC 332 -36.26 -69.49 44.94
C ASP XC 332 -37.44 -70.33 45.38
N GLY XC 333 -38.04 -70.01 46.52
CA GLY XC 333 -39.16 -70.78 47.01
C GLY XC 333 -38.91 -71.38 48.38
N THR XC 334 -38.09 -70.72 49.18
CA THR XC 334 -37.80 -71.16 50.53
C THR XC 334 -38.39 -70.18 51.53
N HIS XC 335 -39.00 -70.72 52.59
CA HIS XC 335 -39.64 -69.94 53.63
C HIS XC 335 -38.97 -70.20 54.97
N ALA XC 336 -38.66 -69.12 55.69
CA ALA XC 336 -38.12 -69.19 57.03
C ALA XC 336 -39.11 -68.54 57.98
N TYR XC 337 -39.52 -69.29 59.01
CA TYR XC 337 -40.51 -68.86 59.97
C TYR XC 337 -39.85 -68.66 61.32
N GLU XC 338 -39.97 -67.45 61.86
CA GLU XC 338 -39.70 -67.18 63.26
C GLU XC 338 -41.06 -67.10 63.96
N MET XC 339 -41.26 -67.99 64.94
CA MET XC 339 -42.59 -68.08 65.53
C MET XC 339 -42.50 -68.58 66.96
N GLN XC 340 -43.60 -68.42 67.68
CA GLN XC 340 -43.71 -68.83 69.07
C GLN XC 340 -43.63 -70.35 69.18
N LYS XC 341 -43.11 -70.82 70.31
CA LYS XC 341 -42.83 -72.24 70.51
C LYS XC 341 -44.10 -73.08 70.55
N SER XC 342 -44.10 -74.17 69.77
CA SER XC 342 -45.24 -75.09 69.70
C SER XC 342 -44.77 -76.45 69.24
N PRO XC 343 -45.26 -77.54 69.84
CA PRO XC 343 -44.82 -78.88 69.44
C PRO XC 343 -45.58 -79.48 68.27
N VAL XC 344 -46.70 -78.90 67.88
CA VAL XC 344 -47.57 -79.46 66.85
C VAL XC 344 -47.78 -78.41 65.77
N LEU XC 345 -47.52 -78.77 64.52
CA LEU XC 345 -47.69 -77.88 63.39
C LEU XC 345 -48.68 -78.49 62.41
N LEU XC 346 -49.27 -77.63 61.58
CA LEU XC 346 -50.18 -78.07 60.53
C LEU XC 346 -49.76 -77.43 59.22
N VAL XC 347 -49.57 -78.25 58.19
CA VAL XC 347 -49.08 -77.77 56.91
C VAL XC 347 -49.94 -78.33 55.79
N SER XC 348 -49.70 -77.81 54.58
CA SER XC 348 -50.39 -78.27 53.39
C SER XC 348 -49.40 -78.34 52.24
N TRP XC 349 -49.20 -79.55 51.73
CA TRP XC 349 -48.46 -79.76 50.48
C TRP XC 349 -49.41 -79.44 49.35
N HIS XC 350 -49.40 -78.16 48.95
CA HIS XC 350 -49.98 -77.64 47.70
C HIS XC 350 -51.45 -77.97 47.52
N GLY XC 351 -52.18 -78.21 48.60
CA GLY XC 351 -53.56 -78.61 48.48
C GLY XC 351 -53.94 -79.80 49.33
N LYS XC 352 -52.97 -80.50 49.92
CA LYS XC 352 -53.29 -81.57 50.85
C LYS XC 352 -52.79 -81.22 52.24
N VAL XC 353 -53.52 -81.65 53.26
CA VAL XC 353 -53.34 -81.18 54.64
C VAL XC 353 -52.71 -82.29 55.46
N MET XC 354 -51.63 -81.97 56.17
CA MET XC 354 -50.98 -82.94 57.04
C MET XC 354 -50.52 -82.27 58.33
N GLN XC 355 -50.22 -83.12 59.30
CA GLN XC 355 -49.71 -82.70 60.60
C GLN XC 355 -48.21 -82.87 60.63
N LEU XC 356 -47.55 -81.98 61.37
CA LEU XC 356 -46.12 -82.07 61.62
C LEU XC 356 -45.91 -82.21 63.11
N LYS XC 357 -45.30 -83.33 63.52
CA LYS XC 357 -45.01 -83.59 64.91
C LYS XC 357 -43.51 -83.44 65.14
N VAL XC 358 -43.14 -82.43 65.93
CA VAL XC 358 -41.74 -82.09 66.17
C VAL XC 358 -41.51 -82.17 67.68
N GLU XC 359 -40.49 -82.93 68.08
CA GLU XC 359 -40.19 -83.15 69.48
C GLU XC 359 -39.20 -82.10 69.99
N GLY XC 360 -39.16 -81.94 71.31
CA GLY XC 360 -38.25 -81.02 71.94
C GLY XC 360 -38.83 -79.64 72.12
N UNK YC 1 1.71 -103.91 52.16
CA UNK YC 1 1.71 -102.47 51.93
C UNK YC 1 2.16 -101.73 53.17
N UNK YC 2 1.47 -100.64 53.50
CA UNK YC 2 1.77 -99.88 54.71
C UNK YC 2 1.19 -100.63 55.89
N UNK YC 3 2.05 -101.13 56.77
CA UNK YC 3 1.64 -101.97 57.88
C UNK YC 3 1.02 -101.11 58.97
N UNK YC 4 -0.31 -101.12 59.04
CA UNK YC 4 -1.01 -100.30 60.03
C UNK YC 4 -0.82 -100.84 61.44
N UNK YC 5 -0.75 -102.16 61.61
CA UNK YC 5 -0.49 -102.75 62.91
C UNK YC 5 0.91 -102.41 63.41
N UNK YC 6 1.90 -102.47 62.52
CA UNK YC 6 3.25 -102.05 62.89
C UNK YC 6 3.33 -100.54 63.12
N UNK YC 7 2.49 -99.76 62.44
CA UNK YC 7 2.43 -98.32 62.70
C UNK YC 7 1.88 -98.02 64.09
N UNK YC 8 0.83 -98.73 64.49
CA UNK YC 8 0.28 -98.58 65.83
C UNK YC 8 1.28 -99.04 66.88
N UNK YC 9 2.00 -100.13 66.60
CA UNK YC 9 3.05 -100.60 67.51
C UNK YC 9 4.20 -99.59 67.62
N UNK YC 10 4.57 -98.96 66.50
CA UNK YC 10 5.63 -97.96 66.51
C UNK YC 10 5.22 -96.72 67.29
N UNK YC 11 3.96 -96.29 67.14
CA UNK YC 11 3.46 -95.17 67.93
C UNK YC 11 3.42 -95.50 69.42
N UNK YC 12 2.99 -96.72 69.76
CA UNK YC 12 2.94 -97.12 71.16
C UNK YC 12 4.32 -97.27 71.76
N UNK YC 13 5.30 -97.70 70.98
CA UNK YC 13 6.67 -97.78 71.48
C UNK YC 13 7.30 -96.40 71.61
N UNK YC 14 7.01 -95.50 70.66
CA UNK YC 14 7.62 -94.18 70.65
C UNK YC 14 6.88 -93.17 71.52
N UNK YC 15 5.77 -93.55 72.13
CA UNK YC 15 5.12 -92.67 73.09
C UNK YC 15 6.02 -92.38 74.29
N UNK YC 16 6.68 -93.41 74.83
CA UNK YC 16 7.64 -93.26 75.92
C UNK YC 16 8.95 -93.88 75.48
N UNK YC 17 9.94 -93.04 75.18
CA UNK YC 17 11.21 -93.56 74.66
C UNK YC 17 12.08 -94.14 75.78
N UNK YC 18 11.73 -93.85 77.04
CA UNK YC 18 12.43 -94.29 78.26
C UNK YC 18 13.88 -93.86 78.31
N UNK YC 19 14.22 -92.76 77.62
CA UNK YC 19 15.56 -92.19 77.65
C UNK YC 19 15.44 -90.71 77.31
N UNK YC 20 15.47 -89.85 78.33
CA UNK YC 20 15.35 -88.41 78.13
C UNK YC 20 16.12 -87.70 79.23
N UNK YC 21 16.86 -86.67 78.84
CA UNK YC 21 17.63 -85.87 79.79
C UNK YC 21 17.54 -84.40 79.40
N UNK YC 22 17.18 -83.55 80.35
CA UNK YC 22 17.08 -82.12 80.11
C UNK YC 22 17.88 -81.37 81.18
N UNK YC 23 18.78 -80.51 80.73
CA UNK YC 23 19.61 -79.68 81.58
C UNK YC 23 19.15 -78.23 81.49
N UNK YC 24 19.93 -77.34 82.10
CA UNK YC 24 19.64 -75.92 82.05
C UNK YC 24 20.95 -75.13 82.06
N UNK YC 25 20.88 -73.89 81.59
CA UNK YC 25 22.00 -72.97 81.61
C UNK YC 25 21.59 -71.69 82.33
N UNK YC 26 22.43 -71.25 83.26
CA UNK YC 26 22.08 -70.12 84.12
C UNK YC 26 22.23 -68.80 83.37
N UNK YC 27 21.90 -67.70 84.05
CA UNK YC 27 21.90 -66.39 83.43
C UNK YC 27 23.31 -65.87 83.18
N UNK YC 28 24.28 -66.29 84.01
CA UNK YC 28 25.66 -65.83 83.89
C UNK YC 28 26.59 -66.97 83.47
N UNK YC 29 26.10 -67.81 82.54
CA UNK YC 29 26.85 -68.90 81.89
C UNK YC 29 27.35 -69.93 82.90
N UNK YC 30 26.39 -70.58 83.56
CA UNK YC 30 26.65 -71.73 84.41
C UNK YC 30 25.73 -72.86 84.00
N UNK YC 31 26.29 -74.05 83.79
CA UNK YC 31 25.50 -75.21 83.40
C UNK YC 31 25.00 -75.94 84.63
N UNK YC 32 23.85 -76.59 84.49
CA UNK YC 32 23.28 -77.37 85.59
C UNK YC 32 22.47 -78.51 84.98
N UNK YC 33 22.98 -79.72 85.08
CA UNK YC 33 22.30 -80.91 84.56
C UNK YC 33 21.86 -81.77 85.73
N UNK YC 34 20.58 -82.12 85.76
CA UNK YC 34 20.04 -82.94 86.82
C UNK YC 34 19.90 -84.38 86.34
N UNK YC 35 19.44 -85.24 87.24
CA UNK YC 35 19.26 -86.65 86.91
C UNK YC 35 18.08 -86.84 85.97
N UNK YC 36 18.21 -87.84 85.10
CA UNK YC 36 17.22 -88.09 84.06
C UNK YC 36 15.93 -88.64 84.67
N UNK YC 37 14.85 -88.50 83.91
CA UNK YC 37 13.55 -89.04 84.28
C UNK YC 37 12.87 -89.54 83.01
N UNK YC 38 11.61 -89.96 83.16
CA UNK YC 38 10.74 -90.45 82.08
C UNK YC 38 11.34 -91.61 81.28
N UNK YC 39 17.03 -66.35 80.66
CA UNK YC 39 16.99 -67.71 80.12
C UNK YC 39 17.69 -68.69 81.05
N UNK YC 40 17.13 -68.89 82.25
CA UNK YC 40 17.73 -69.79 83.22
C UNK YC 40 17.47 -71.26 82.90
N UNK YC 41 16.45 -71.56 82.10
CA UNK YC 41 16.10 -72.93 81.74
C UNK YC 41 16.38 -73.13 80.27
N UNK YC 42 17.33 -74.00 79.94
CA UNK YC 42 17.78 -74.15 78.57
C UNK YC 42 16.85 -75.11 77.83
N UNK YC 43 16.10 -74.57 76.87
CA UNK YC 43 15.30 -75.41 76.00
C UNK YC 43 16.15 -76.18 75.00
N UNK YC 44 17.38 -75.74 74.76
CA UNK YC 44 18.31 -76.43 73.89
C UNK YC 44 19.11 -77.51 74.60
N UNK YC 45 18.93 -77.67 75.91
CA UNK YC 45 19.58 -78.74 76.65
C UNK YC 45 18.64 -79.90 76.97
N UNK YC 46 17.52 -79.99 76.26
CA UNK YC 46 16.59 -81.10 76.44
C UNK YC 46 16.74 -82.06 75.26
N UNK YC 47 16.97 -83.33 75.57
CA UNK YC 47 17.19 -84.34 74.54
C UNK YC 47 16.49 -85.62 74.94
N UNK YC 48 16.16 -86.42 73.93
CA UNK YC 48 15.52 -87.71 74.16
C UNK YC 48 15.86 -88.69 73.05
N ARG ZC 207 73.19 23.41 84.09
CA ARG ZC 207 73.79 23.31 82.76
C ARG ZC 207 72.99 22.32 81.91
N ILE ZC 208 73.31 22.24 80.62
CA ILE ZC 208 72.59 21.37 79.71
C ILE ZC 208 73.04 19.94 79.93
N ILE ZC 209 72.08 19.02 80.01
CA ILE ZC 209 72.33 17.61 80.28
C ILE ZC 209 72.01 16.83 79.02
N TYR ZC 210 72.99 16.05 78.54
CA TYR ZC 210 72.80 15.27 77.34
C TYR ZC 210 72.56 13.81 77.67
N TYR ZC 211 71.48 13.26 77.13
CA TYR ZC 211 71.24 11.83 77.11
C TYR ZC 211 71.78 11.25 75.81
N ILE ZC 212 71.82 9.93 75.76
CA ILE ZC 212 72.22 9.22 74.54
C ILE ZC 212 70.97 8.92 73.72
N GLN ZC 213 70.98 9.33 72.46
CA GLN ZC 213 69.85 9.05 71.58
C GLN ZC 213 70.01 7.71 70.86
N ALA ZC 214 71.04 7.58 70.04
CA ALA ZC 214 71.19 6.41 69.21
C ALA ZC 214 72.67 6.03 69.13
N VAL ZC 215 72.93 4.72 69.15
CA VAL ZC 215 74.28 4.20 69.11
C VAL ZC 215 74.40 3.25 67.92
N ILE ZC 216 75.28 3.60 66.99
CA ILE ZC 216 75.71 2.69 65.93
C ILE ZC 216 77.23 2.65 66.04
N PRO ZC 217 77.92 1.68 65.45
CA PRO ZC 217 79.37 1.83 65.29
C PRO ZC 217 79.67 2.96 64.32
N GLY ZC 218 80.67 3.77 64.66
CA GLY ZC 218 81.05 4.87 63.80
C GLY ZC 218 80.45 6.21 64.16
N ARG ZC 219 79.13 6.33 64.16
CA ARG ZC 219 78.45 7.57 64.52
C ARG ZC 219 77.67 7.39 65.82
N ALA ZC 220 77.31 8.50 66.45
CA ALA ZC 220 76.59 8.41 67.71
C ALA ZC 220 75.73 9.64 67.90
N TRP ZC 221 74.51 9.42 68.40
CA TRP ZC 221 73.50 10.48 68.52
C TRP ZC 221 73.26 10.79 69.99
N LEU ZC 222 73.32 12.08 70.32
CA LEU ZC 222 73.16 12.55 71.70
C LEU ZC 222 71.99 13.52 71.76
N ILE ZC 223 71.14 13.34 72.76
CA ILE ZC 223 69.95 14.16 72.95
C ILE ZC 223 70.14 14.98 74.23
N GLY ZC 224 70.01 16.31 74.09
CA GLY ZC 224 70.14 17.17 75.24
C GLY ZC 224 68.89 17.21 76.11
N SER ZC 225 69.00 17.93 77.23
CA SER ZC 225 67.86 18.09 78.12
C SER ZC 225 66.80 18.99 77.52
N ASN ZC 226 67.21 20.00 76.76
CA ASN ZC 226 66.27 20.91 76.11
C ASN ZC 226 65.72 20.35 74.81
N GLY ZC 227 66.16 19.16 74.40
CA GLY ZC 227 65.78 18.60 73.14
C GLY ZC 227 66.83 18.71 72.06
N SER ZC 228 67.97 19.33 72.35
CA SER ZC 228 69.04 19.48 71.38
C SER ZC 228 69.67 18.11 71.15
N THR ZC 229 69.32 17.46 70.05
CA THR ZC 229 69.88 16.18 69.69
C THR ZC 229 70.69 16.34 68.42
N LEU ZC 230 71.96 15.95 68.49
CA LEU ZC 230 72.85 15.98 67.33
C LEU ZC 230 73.62 14.67 67.26
N THR ZC 231 74.62 14.60 66.40
CA THR ZC 231 75.41 13.38 66.27
C THR ZC 231 76.86 13.74 66.01
N VAL ZC 232 77.75 12.82 66.41
CA VAL ZC 232 79.19 13.02 66.34
C VAL ZC 232 79.88 11.71 66.05
N ARG ZC 233 81.20 11.75 65.91
CA ARG ZC 233 82.09 10.61 65.86
C ARG ZC 233 83.00 10.67 67.08
N GLU ZC 234 83.99 9.76 67.14
CA GLU ZC 234 84.89 9.78 68.29
C GLU ZC 234 85.88 10.93 68.20
N GLY ZC 235 86.19 11.40 66.99
CA GLY ZC 235 87.04 12.57 66.88
C GLY ZC 235 86.23 13.81 66.57
N SER ZC 236 85.92 14.58 67.62
CA SER ZC 236 85.16 15.81 67.59
C SER ZC 236 85.20 16.41 68.98
N LYS ZC 237 84.93 17.71 69.05
CA LYS ZC 237 84.89 18.43 70.31
C LYS ZC 237 83.45 18.84 70.60
N ILE ZC 238 82.94 18.44 71.76
CA ILE ZC 238 81.61 18.84 72.20
C ILE ZC 238 81.79 19.97 73.22
N PRO ZC 239 81.23 21.15 72.98
CA PRO ZC 239 81.35 22.24 73.97
C PRO ZC 239 80.58 21.93 75.24
N GLY ZC 240 81.21 22.26 76.37
CA GLY ZC 240 80.63 22.02 77.67
C GLY ZC 240 80.80 20.61 78.19
N TYR ZC 241 81.40 19.72 77.40
CA TYR ZC 241 81.59 18.35 77.84
C TYR ZC 241 83.03 17.91 77.60
N GLY ZC 242 83.66 18.51 76.59
CA GLY ZC 242 85.06 18.24 76.34
C GLY ZC 242 85.33 17.56 75.02
N MET ZC 243 86.19 16.55 75.04
CA MET ZC 243 86.61 15.85 73.84
C MET ZC 243 86.11 14.41 73.91
N VAL ZC 244 85.48 13.94 72.83
CA VAL ZC 244 84.95 12.59 72.78
C VAL ZC 244 86.09 11.59 72.76
N LYS ZC 245 86.02 10.58 73.61
CA LYS ZC 245 87.10 9.62 73.74
C LYS ZC 245 86.71 8.24 73.22
N LEU ZC 246 85.65 7.64 73.75
CA LEU ZC 246 85.27 6.29 73.36
C LEU ZC 246 83.78 6.21 73.07
N ILE ZC 247 83.44 5.49 72.01
CA ILE ZC 247 82.06 5.17 71.67
C ILE ZC 247 81.89 3.68 71.85
N ASP ZC 248 80.99 3.29 72.75
CA ASP ZC 248 80.71 1.88 72.99
C ASP ZC 248 79.47 1.49 72.21
N SER ZC 249 79.62 0.49 71.33
CA SER ZC 249 78.49 0.02 70.52
C SER ZC 249 77.41 -0.59 71.39
N LEU ZC 250 77.81 -1.28 72.45
CA LEU ZC 250 76.88 -1.78 73.44
C LEU ZC 250 76.89 -0.88 74.66
N GLN ZC 251 76.14 -1.29 75.68
CA GLN ZC 251 76.17 -0.81 77.06
C GLN ZC 251 75.68 0.62 77.26
N GLY ZC 252 75.35 1.35 76.18
CA GLY ZC 252 74.74 2.67 76.28
C GLY ZC 252 75.57 3.74 76.96
N ARG ZC 253 76.88 3.76 76.69
CA ARG ZC 253 77.78 4.66 77.38
C ARG ZC 253 78.71 5.34 76.38
N ILE ZC 254 78.98 6.62 76.62
CA ILE ZC 254 79.86 7.42 75.77
C ILE ZC 254 80.82 8.17 76.67
N LEU ZC 255 82.11 8.04 76.41
CA LEU ZC 255 83.14 8.58 77.30
C LEU ZC 255 83.73 9.86 76.72
N THR ZC 256 83.87 10.87 77.57
CA THR ZC 256 84.44 12.16 77.20
C THR ZC 256 85.81 12.32 77.84
N SER ZC 257 86.51 13.38 77.43
CA SER ZC 257 87.83 13.67 77.99
C SER ZC 257 87.74 14.14 79.43
N SER ZC 258 86.64 14.81 79.80
CA SER ZC 258 86.50 15.41 81.10
C SER ZC 258 85.96 14.44 82.15
N GLY ZC 259 86.14 13.14 81.95
CA GLY ZC 259 85.67 12.17 82.91
C GLY ZC 259 84.17 12.00 82.93
N GLN ZC 260 83.50 12.31 81.83
CA GLN ZC 260 82.04 12.27 81.77
C GLN ZC 260 81.60 11.03 81.00
N VAL ZC 261 80.72 10.26 81.61
CA VAL ZC 261 80.13 9.09 80.99
C VAL ZC 261 78.69 9.45 80.66
N ILE ZC 262 78.45 9.89 79.43
CA ILE ZC 262 77.10 10.12 78.96
C ILE ZC 262 76.41 8.76 78.85
N LYS ZC 263 75.19 8.69 79.35
CA LYS ZC 263 74.42 7.46 79.37
C LYS ZC 263 73.10 7.66 78.64
N PHE ZC 264 72.38 6.56 78.46
CA PHE ZC 264 71.07 6.59 77.86
C PHE ZC 264 70.06 7.23 78.80
N SER ZC 265 68.86 7.45 78.28
CA SER ZC 265 67.78 7.94 79.12
C SER ZC 265 67.39 6.89 80.14
N GLN ZC 266 67.35 7.29 81.41
CA GLN ZC 266 67.00 6.35 82.47
C GLN ZC 266 65.52 5.96 82.39
N GLU ZC 267 64.67 6.92 82.04
CA GLU ZC 267 63.24 6.65 81.89
C GLU ZC 267 62.91 5.96 80.57
N ASP ZC 268 63.85 5.89 79.63
CA ASP ZC 268 63.66 5.17 78.37
C ASP ZC 268 64.77 4.12 78.30
N SER ZC 269 64.55 2.97 78.94
CA SER ZC 269 65.53 1.89 78.94
C SER ZC 269 64.87 0.55 79.23
N GLN AD 791 84.68 -42.88 71.96
CA GLN AD 791 84.56 -41.44 72.10
C GLN AD 791 83.69 -40.89 70.96
N GLN AD 792 83.13 -41.81 70.18
CA GLN AD 792 82.35 -41.45 68.99
C GLN AD 792 81.01 -40.85 69.33
N GLU AD 793 80.55 -41.00 70.57
CA GLU AD 793 79.33 -40.36 71.04
C GLU AD 793 79.46 -38.84 71.06
N ILE AD 794 80.68 -38.31 71.17
CA ILE AD 794 80.92 -36.87 71.04
C ILE AD 794 80.48 -36.38 69.68
N GLN AD 795 80.94 -37.06 68.63
CA GLN AD 795 80.61 -36.67 67.27
C GLN AD 795 79.16 -36.98 66.94
N GLN AD 796 78.63 -38.05 67.53
CA GLN AD 796 77.23 -38.40 67.32
C GLN AD 796 76.30 -37.36 67.90
N ARG AD 797 76.55 -36.97 69.16
CA ARG AD 797 75.76 -35.92 69.80
C ARG AD 797 75.97 -34.59 69.12
N THR AD 798 77.18 -34.34 68.62
CA THR AD 798 77.46 -33.13 67.86
C THR AD 798 76.62 -33.07 66.59
N SER AD 799 76.50 -34.20 65.89
CA SER AD 799 75.67 -34.25 64.69
C SER AD 799 74.19 -34.08 65.02
N ASP AD 800 73.75 -34.66 66.14
CA ASP AD 800 72.34 -34.55 66.54
C ASP AD 800 71.98 -33.11 66.87
N MET AD 801 72.80 -32.46 67.69
CA MET AD 801 72.56 -31.06 68.00
C MET AD 801 72.85 -30.17 66.81
N LEU AD 802 73.63 -30.63 65.85
CA LEU AD 802 73.81 -29.90 64.60
C LEU AD 802 72.52 -29.87 63.79
N THR AD 803 71.88 -31.02 63.65
CA THR AD 803 70.60 -31.08 62.93
C THR AD 803 69.53 -30.27 63.64
N ALA AD 804 69.44 -30.42 64.96
CA ALA AD 804 68.45 -29.68 65.74
C ALA AD 804 68.71 -28.18 65.68
N ALA AD 805 69.99 -27.78 65.76
CA ALA AD 805 70.35 -26.38 65.73
C ALA AD 805 70.10 -25.78 64.36
N THR AD 806 70.33 -26.57 63.30
CA THR AD 806 70.04 -26.12 61.95
C THR AD 806 68.55 -25.90 61.76
N GLN AD 807 67.74 -26.82 62.32
CA GLN AD 807 66.29 -26.67 62.25
C GLN AD 807 65.81 -25.42 62.98
N LEU AD 808 66.31 -25.21 64.20
CA LEU AD 808 65.83 -24.06 64.97
C LEU AD 808 66.41 -22.75 64.45
N VAL AD 809 67.59 -22.79 63.83
CA VAL AD 809 68.10 -21.54 63.27
C VAL AD 809 67.40 -21.24 61.96
N GLN AD 810 66.92 -22.26 61.26
CA GLN AD 810 66.02 -22.02 60.13
C GLN AD 810 64.72 -21.42 60.59
N ASP AD 811 64.25 -21.85 61.76
CA ASP AD 811 63.07 -21.24 62.36
C ASP AD 811 63.31 -19.79 62.75
N TRP AD 812 64.47 -19.50 63.35
CA TRP AD 812 64.76 -18.16 63.81
C TRP AD 812 65.10 -17.21 62.68
N LYS AD 813 65.52 -17.72 61.53
CA LYS AD 813 65.62 -16.88 60.34
C LYS AD 813 64.26 -16.40 59.89
N GLN AD 814 63.22 -17.22 60.10
CA GLN AD 814 61.90 -16.90 59.58
C GLN AD 814 61.27 -15.79 60.41
N VAL AD 815 61.04 -14.66 59.75
CA VAL AD 815 60.31 -13.53 60.32
C VAL AD 815 59.29 -13.10 59.28
N GLU AD 816 58.02 -13.06 59.67
CA GLU AD 816 56.95 -12.83 58.72
C GLU AD 816 56.49 -11.38 58.77
N THR AD 817 55.49 -11.06 57.94
CA THR AD 817 55.13 -9.69 57.64
C THR AD 817 53.97 -9.21 58.50
N GLN AD 818 53.57 -7.97 58.24
CA GLN AD 818 52.43 -7.34 58.88
C GLN AD 818 51.28 -7.19 57.89
N VAL AD 819 50.07 -7.14 58.43
CA VAL AD 819 48.84 -7.03 57.66
C VAL AD 819 48.02 -5.88 58.22
N TYR AD 820 47.72 -4.90 57.38
CA TYR AD 820 46.83 -3.79 57.75
C TYR AD 820 45.48 -4.01 57.08
N THR AD 821 44.43 -4.00 57.89
CA THR AD 821 43.09 -4.35 57.46
C THR AD 821 42.18 -3.15 57.63
N GLU AD 822 41.44 -2.82 56.57
CA GLU AD 822 40.48 -1.73 56.56
C GLU AD 822 39.20 -2.19 55.88
N GLY AD 823 38.06 -1.97 56.53
CA GLY AD 823 36.78 -2.33 55.95
C GLY AD 823 35.68 -1.40 56.43
N THR AD 824 34.63 -1.31 55.62
CA THR AD 824 33.49 -0.45 55.94
C THR AD 824 32.29 -1.26 56.39
N ALA BD 104 48.01 -72.77 85.41
CA ALA BD 104 47.41 -73.16 84.16
C ALA BD 104 46.52 -72.06 83.64
N GLU BD 105 46.38 -71.02 84.43
CA GLU BD 105 45.54 -69.88 84.08
C GLU BD 105 46.25 -68.55 84.25
N VAL BD 106 47.19 -68.46 85.20
CA VAL BD 106 47.90 -67.22 85.48
C VAL BD 106 48.87 -66.81 84.38
N ILE BD 107 49.17 -67.73 83.45
CA ILE BD 107 49.92 -67.40 82.25
C ILE BD 107 49.16 -66.34 81.45
N ASP BD 108 47.83 -66.44 81.42
CA ASP BD 108 47.00 -65.45 80.76
C ASP BD 108 47.09 -64.09 81.45
N LYS BD 109 47.16 -64.08 82.78
CA LYS BD 109 47.25 -62.82 83.52
C LYS BD 109 48.62 -62.16 83.31
N LYS BD 110 49.69 -62.96 83.34
CA LYS BD 110 51.02 -62.43 83.11
C LYS BD 110 51.18 -61.91 81.70
N ALA BD 111 50.63 -62.63 80.72
CA ALA BD 111 50.61 -62.13 79.35
C ALA BD 111 49.73 -60.90 79.23
N PHE BD 112 48.67 -60.80 80.03
CA PHE BD 112 47.78 -59.64 79.99
C PHE BD 112 48.49 -58.39 80.47
N LYS BD 113 49.21 -58.48 81.58
CA LYS BD 113 49.92 -57.30 82.06
C LYS BD 113 51.13 -56.98 81.18
N ASP BD 114 51.80 -57.98 80.62
CA ASP BD 114 52.90 -57.68 79.71
C ASP BD 114 52.37 -57.09 78.41
N MET BD 115 51.17 -57.49 77.99
CA MET BD 115 50.52 -56.90 76.84
C MET BD 115 50.13 -55.46 77.12
N THR BD 116 49.74 -55.18 78.35
CA THR BD 116 49.50 -53.79 78.76
C THR BD 116 50.78 -52.97 78.70
N ARG BD 117 51.91 -53.57 79.12
CA ARG BD 117 53.20 -52.90 79.05
C ARG BD 117 53.60 -52.60 77.60
N ASN BD 118 53.40 -53.57 76.71
CA ASN BD 118 53.74 -53.37 75.31
C ASN BD 118 52.77 -52.41 74.63
N LEU BD 119 51.52 -52.39 75.09
CA LEU BD 119 50.54 -51.46 74.52
C LEU BD 119 50.90 -50.03 74.89
N TYR BD 120 51.17 -49.77 76.16
CA TYR BD 120 51.48 -48.42 76.61
C TYR BD 120 52.84 -48.43 77.30
N PRO BD 121 53.90 -48.02 76.59
CA PRO BD 121 55.21 -47.88 77.23
C PRO BD 121 55.35 -46.64 78.10
N LEU BD 122 54.33 -45.79 78.18
CA LEU BD 122 54.41 -44.54 78.92
C LEU BD 122 53.51 -44.57 80.15
N ASN BD 123 54.10 -44.25 81.29
CA ASN BD 123 53.30 -44.02 82.49
C ASN BD 123 52.56 -42.70 82.38
N PRO BD 124 51.43 -42.54 83.08
CA PRO BD 124 50.80 -41.22 83.18
C PRO BD 124 51.70 -40.18 83.82
N GLU BD 125 52.51 -40.59 84.79
CA GLU BD 125 53.52 -39.70 85.35
C GLU BD 125 54.58 -39.36 84.32
N GLN BD 126 54.90 -40.30 83.44
CA GLN BD 126 55.81 -40.00 82.36
C GLN BD 126 55.21 -39.04 81.35
N VAL BD 127 53.89 -39.12 81.15
CA VAL BD 127 53.18 -38.11 80.37
C VAL BD 127 53.29 -36.74 81.03
N VAL BD 128 53.16 -36.72 82.37
CA VAL BD 128 53.30 -35.49 83.13
C VAL BD 128 54.69 -34.89 82.96
N LYS BD 129 55.70 -35.74 83.09
CA LYS BD 129 57.09 -35.29 82.98
C LYS BD 129 57.42 -34.84 81.56
N LEU BD 130 56.90 -35.55 80.56
CA LEU BD 130 57.15 -35.19 79.17
C LEU BD 130 56.48 -33.86 78.81
N LYS BD 131 55.25 -33.66 79.29
CA LYS BD 131 54.55 -32.41 79.03
C LYS BD 131 55.24 -31.26 79.72
N GLN BD 132 55.76 -31.49 80.94
CA GLN BD 132 56.50 -30.45 81.64
C GLN BD 132 57.81 -30.12 80.94
N ILE BD 133 58.49 -31.13 80.41
CA ILE BD 133 59.73 -30.93 79.68
C ILE BD 133 59.46 -30.13 78.40
N TYR BD 134 58.36 -30.45 77.71
CA TYR BD 134 57.97 -29.70 76.52
C TYR BD 134 57.65 -28.25 76.87
N GLU BD 135 56.93 -28.03 77.97
CA GLU BD 135 56.59 -26.67 78.38
C GLU BD 135 57.84 -25.87 78.72
N THR BD 136 58.78 -26.49 79.44
CA THR BD 136 60.03 -25.81 79.82
C THR BD 136 60.87 -25.49 78.59
N SER BD 137 61.01 -26.46 77.69
CA SER BD 137 61.81 -26.25 76.48
C SER BD 137 61.18 -25.21 75.57
N GLU BD 138 59.86 -25.23 75.44
CA GLU BD 138 59.20 -24.28 74.57
C GLU BD 138 59.23 -22.88 75.15
N TYR BD 139 59.12 -22.75 76.48
CA TYR BD 139 59.27 -21.44 77.10
C TYR BD 139 60.68 -20.90 76.95
N ALA BD 140 61.68 -21.77 77.08
CA ALA BD 140 63.05 -21.33 76.92
C ALA BD 140 63.38 -20.99 75.47
N LYS BD 141 62.74 -21.67 74.53
CA LYS BD 141 62.94 -21.34 73.13
C LYS BD 141 62.25 -20.04 72.77
N ALA BD 142 61.04 -19.82 73.30
CA ALA BD 142 60.24 -18.65 72.98
C ALA BD 142 60.67 -17.42 73.77
N ALA BD 143 61.46 -17.58 74.82
CA ALA BD 143 62.00 -16.43 75.51
C ALA BD 143 63.06 -15.76 74.65
N THR BD 144 63.30 -14.48 74.93
CA THR BD 144 64.14 -13.66 74.07
C THR BD 144 65.49 -13.36 74.72
N PRO BD 145 66.57 -13.38 73.95
CA PRO BD 145 67.88 -13.07 74.52
C PRO BD 145 68.09 -11.58 74.72
N GLY BD 146 69.02 -11.26 75.63
CA GLY BD 146 69.34 -9.88 75.92
C GLY BD 146 68.22 -9.19 76.68
N THR BD 147 68.28 -7.87 76.67
CA THR BD 147 67.25 -7.06 77.30
C THR BD 147 66.25 -6.60 76.25
N PRO BD 148 64.97 -6.89 76.42
CA PRO BD 148 63.97 -6.29 75.54
C PRO BD 148 63.87 -4.80 75.78
N PRO BD 149 63.48 -4.03 74.78
CA PRO BD 149 63.42 -2.56 74.94
C PRO BD 149 62.21 -2.13 75.77
N LYS BD 150 62.03 -0.81 75.82
CA LYS BD 150 60.92 -0.15 76.48
C LYS BD 150 60.08 0.60 75.46
N PRO BD 151 58.75 0.49 75.52
CA PRO BD 151 57.90 1.28 74.63
C PRO BD 151 57.97 2.77 74.95
N THR BD 152 57.97 3.58 73.92
CA THR BD 152 58.00 5.03 74.04
C THR BD 152 56.95 5.62 73.10
N ALA BD 153 56.20 6.58 73.62
CA ALA BD 153 55.26 7.36 72.82
C ALA BD 153 55.82 8.77 72.76
N THR BD 154 56.43 9.13 71.63
CA THR BD 154 57.20 10.37 71.55
C THR BD 154 56.55 11.35 70.59
N SER BD 155 56.56 12.62 70.97
CA SER BD 155 56.14 13.70 70.10
C SER BD 155 57.33 14.63 69.91
N GLN BD 156 57.50 15.13 68.68
CA GLN BD 156 58.68 15.90 68.36
C GLN BD 156 58.37 16.81 67.17
N PHE BD 157 59.13 17.90 67.08
CA PHE BD 157 58.94 18.91 66.05
C PHE BD 157 60.03 18.78 65.00
N VAL BD 158 59.62 18.70 63.74
CA VAL BD 158 60.55 18.57 62.63
C VAL BD 158 60.88 19.97 62.11
N ASN BD 159 62.16 20.31 62.14
CA ASN BD 159 62.61 21.60 61.64
C ASN BD 159 63.21 21.44 60.25
N LEU BD 160 62.97 22.44 59.41
CA LEU BD 160 63.38 22.42 58.00
C LEU BD 160 64.62 23.25 57.77
N SER BD 161 65.57 23.27 58.70
CA SER BD 161 66.74 24.11 58.53
C SER BD 161 67.67 23.49 57.48
N PRO BD 162 68.28 24.31 56.62
CA PRO BD 162 69.28 23.80 55.69
C PRO BD 162 70.66 23.56 56.31
N GLY BD 163 70.77 23.55 57.63
CA GLY BD 163 72.01 23.18 58.29
C GLY BD 163 71.81 22.18 59.41
N SER BD 164 70.56 21.95 59.81
CA SER BD 164 70.29 21.08 60.94
C SER BD 164 70.46 19.61 60.56
N THR BD 165 70.58 18.78 61.57
CA THR BD 165 70.69 17.35 61.40
C THR BD 165 69.31 16.71 61.31
N PRO BD 166 69.04 15.92 60.28
CA PRO BD 166 67.73 15.27 60.17
C PRO BD 166 67.56 14.20 61.22
N PRO BD 167 66.33 13.95 61.68
CA PRO BD 167 66.11 13.02 62.78
C PRO BD 167 66.18 11.56 62.37
N VAL BD 168 66.38 10.73 63.39
CA VAL BD 168 66.37 9.28 63.26
C VAL BD 168 65.19 8.72 64.05
N ILE BD 169 64.85 7.47 63.74
CA ILE BD 169 63.74 6.78 64.37
C ILE BD 169 64.19 5.39 64.79
N ARG BD 170 64.01 5.09 66.08
CA ARG BD 170 64.32 3.77 66.61
C ARG BD 170 63.24 2.78 66.20
N LEU BD 171 63.65 1.61 65.71
CA LEU BD 171 62.74 0.59 65.23
C LEU BD 171 63.19 -0.77 65.75
N SER BD 172 62.39 -1.79 65.45
CA SER BD 172 62.71 -3.16 65.88
C SER BD 172 62.02 -4.15 64.98
N GLN BD 173 62.53 -5.38 64.99
CA GLN BD 173 61.89 -6.47 64.26
C GLN BD 173 60.59 -6.89 64.94
N GLY BD 174 59.62 -7.28 64.11
CA GLY BD 174 58.35 -7.75 64.64
C GLY BD 174 57.48 -6.68 65.25
N PHE BD 175 57.72 -5.42 64.92
CA PHE BD 175 56.95 -4.32 65.47
C PHE BD 175 56.82 -3.23 64.44
N VAL BD 176 55.61 -2.69 64.31
CA VAL BD 176 55.31 -1.62 63.35
C VAL BD 176 55.09 -0.33 64.10
N SER BD 177 55.86 0.68 63.73
CA SER BD 177 55.68 2.02 64.26
C SER BD 177 54.76 2.83 63.36
N SER BD 178 54.08 3.79 63.97
CA SER BD 178 53.18 4.70 63.30
C SER BD 178 53.65 6.13 63.49
N LEU BD 179 53.71 6.87 62.39
CA LEU BD 179 54.11 8.27 62.38
C LEU BD 179 52.90 9.10 62.01
N VAL BD 180 52.54 10.06 62.87
CA VAL BD 180 51.38 10.91 62.66
C VAL BD 180 51.87 12.33 62.41
N PHE BD 181 51.43 12.91 61.30
CA PHE BD 181 51.96 14.17 60.79
C PHE BD 181 50.99 15.30 61.06
N LEU BD 182 51.50 16.39 61.62
CA LEU BD 182 50.69 17.58 61.85
C LEU BD 182 51.57 18.81 61.66
N ASP BD 183 50.94 19.92 61.31
CA ASP BD 183 51.68 21.16 61.06
C ASP BD 183 52.04 21.84 62.39
N SER BD 184 52.49 23.09 62.30
CA SER BD 184 52.85 23.83 63.50
C SER BD 184 51.65 24.14 64.37
N THR BD 185 50.48 24.29 63.75
CA THR BD 185 49.26 24.54 64.50
C THR BD 185 48.66 23.28 65.10
N GLY BD 186 49.24 22.11 64.82
CA GLY BD 186 48.69 20.87 65.30
C GLY BD 186 47.60 20.28 64.44
N ALA BD 187 47.19 20.98 63.39
CA ALA BD 187 46.21 20.44 62.47
C ALA BD 187 46.83 19.31 61.66
N PRO BD 188 46.09 18.23 61.40
CA PRO BD 188 46.69 17.06 60.73
C PRO BD 188 47.03 17.36 59.28
N TRP BD 189 48.24 16.95 58.88
CA TRP BD 189 48.68 17.15 57.51
C TRP BD 189 48.62 15.83 56.78
N PRO BD 190 47.69 15.64 55.85
CA PRO BD 190 47.66 14.42 55.06
C PRO BD 190 48.85 14.32 54.12
N ILE BD 191 49.27 13.10 53.87
CA ILE BD 191 50.50 12.81 53.14
C ILE BD 191 50.21 12.76 51.65
N ALA BD 192 51.03 13.46 50.86
CA ALA BD 192 50.90 13.36 49.41
C ALA BD 192 51.58 12.11 48.87
N ALA BD 193 52.87 11.95 49.13
CA ALA BD 193 53.60 10.81 48.58
C ALA BD 193 54.81 10.51 49.45
N TYR BD 194 55.40 9.34 49.22
CA TYR BD 194 56.62 8.97 49.93
C TYR BD 194 57.44 8.02 49.08
N ASP BD 195 58.70 7.85 49.50
CA ASP BD 195 59.62 6.92 48.86
C ASP BD 195 60.48 6.25 49.93
N LEU BD 196 60.67 4.94 49.77
CA LEU BD 196 61.54 4.16 50.62
C LEU BD 196 62.51 3.38 49.75
N GLY BD 197 63.80 3.52 50.04
CA GLY BD 197 64.78 2.63 49.46
C GLY BD 197 65.02 1.43 50.34
N ASP BD 198 65.58 0.38 49.74
CA ASP BD 198 65.84 -0.92 50.35
C ASP BD 198 64.60 -1.53 51.00
N PRO BD 199 63.67 -2.10 50.23
CA PRO BD 199 62.47 -2.70 50.83
C PRO BD 199 62.70 -4.01 51.58
N SER BD 200 63.88 -4.65 51.49
CA SER BD 200 64.02 -5.93 52.18
C SER BD 200 64.29 -5.78 53.67
N SER BD 201 64.47 -4.56 54.17
CA SER BD 201 64.53 -4.32 55.60
C SER BD 201 63.30 -3.63 56.13
N PHE BD 202 62.53 -2.96 55.27
CA PHE BD 202 61.44 -2.08 55.69
C PHE BD 202 60.26 -2.24 54.74
N ASN BD 203 59.05 -2.34 55.30
CA ASN BD 203 57.84 -2.45 54.51
C ASN BD 203 56.79 -1.49 55.04
N ILE BD 204 56.21 -0.69 54.15
CA ILE BD 204 55.33 0.41 54.52
C ILE BD 204 53.94 0.14 53.97
N GLN BD 205 52.95 0.13 54.86
CA GLN BD 205 51.55 0.10 54.47
C GLN BD 205 50.98 1.50 54.61
N TRP BD 206 50.03 1.84 53.74
CA TRP BD 206 49.59 3.22 53.62
C TRP BD 206 48.13 3.28 53.20
N ASP BD 207 47.46 4.36 53.58
CA ASP BD 207 46.25 4.83 52.94
C ASP BD 207 46.57 6.13 52.21
N LYS BD 208 46.09 6.25 50.97
CA LYS BD 208 46.63 7.21 50.00
C LYS BD 208 46.45 8.67 50.41
N THR BD 209 45.54 8.99 51.31
CA THR BD 209 45.33 10.37 51.75
C THR BD 209 45.43 10.53 53.26
N SER BD 210 46.08 9.60 53.94
CA SER BD 210 46.15 9.65 55.39
C SER BD 210 47.24 10.60 55.85
N ASN BD 211 47.25 10.85 57.16
CA ASN BD 211 48.30 11.60 57.81
C ASN BD 211 49.20 10.71 58.65
N THR BD 212 49.00 9.39 58.60
CA THR BD 212 49.74 8.45 59.41
C THR BD 212 50.39 7.41 58.51
N LEU BD 213 51.55 6.92 58.96
CA LEU BD 213 52.32 5.91 58.26
C LEU BD 213 52.61 4.75 59.19
N MET BD 214 52.48 3.53 58.66
CA MET BD 214 52.76 2.31 59.39
C MET BD 214 53.91 1.59 58.74
N ILE BD 215 54.91 1.22 59.54
CA ILE BD 215 56.15 0.64 59.01
C ILE BD 215 56.73 -0.32 60.04
N GLN BD 216 57.05 -1.54 59.62
CA GLN BD 216 57.77 -2.48 60.46
C GLN BD 216 59.11 -2.83 59.84
N ALA BD 217 60.00 -3.38 60.65
CA ALA BD 217 61.36 -3.68 60.23
C ALA BD 217 61.53 -5.17 59.97
N THR BD 218 62.34 -5.49 58.96
CA THR BD 218 62.60 -6.87 58.59
C THR BD 218 64.00 -7.33 58.99
N LYS BD 219 65.03 -6.60 58.58
CA LYS BD 219 66.38 -6.93 58.99
C LYS BD 219 66.61 -6.53 60.45
N LEU BD 220 67.72 -7.01 61.01
CA LEU BD 220 67.96 -6.86 62.44
C LEU BD 220 68.67 -5.55 62.80
N TYR BD 221 69.80 -5.27 62.16
CA TYR BD 221 70.59 -4.09 62.50
C TYR BD 221 71.02 -3.33 61.26
N ASN BD 222 70.15 -3.22 60.27
CA ASN BD 222 70.46 -2.50 59.05
C ASN BD 222 69.62 -1.24 58.99
N TYR BD 223 70.29 -0.10 59.10
CA TYR BD 223 69.65 1.20 59.08
C TYR BD 223 69.39 1.63 57.64
N GLY BD 224 68.29 2.36 57.45
CA GLY BD 224 67.98 2.92 56.15
C GLY BD 224 67.51 4.35 56.25
N ASN BD 225 66.95 4.88 55.18
CA ASN BD 225 66.44 6.24 55.15
C ASN BD 225 65.00 6.22 54.65
N LEU BD 226 64.39 7.40 54.62
CA LEU BD 226 63.02 7.54 54.17
C LEU BD 226 62.82 8.96 53.67
N ALA BD 227 62.06 9.12 52.59
CA ALA BD 227 61.70 10.44 52.09
C ALA BD 227 60.18 10.55 52.00
N VAL BD 228 59.64 11.70 52.41
CA VAL BD 228 58.21 11.94 52.36
C VAL BD 228 57.98 13.34 51.80
N ARG BD 229 56.79 13.55 51.25
CA ARG BD 229 56.36 14.86 50.77
C ARG BD 229 54.89 15.02 51.09
N LEU BD 230 54.58 16.09 51.82
CA LEU BD 230 53.21 16.38 52.23
C LEU BD 230 52.48 17.12 51.11
N ARG BD 231 51.18 17.37 51.33
CA ARG BD 231 50.34 17.94 50.28
C ARG BD 231 50.68 19.40 50.02
N GLY BD 232 50.80 20.20 51.08
CA GLY BD 232 51.04 21.61 50.90
C GLY BD 232 52.49 22.04 50.88
N LEU BD 233 53.41 21.13 51.15
CA LEU BD 233 54.82 21.46 51.28
C LEU BD 233 55.59 20.98 50.06
N ASN BD 234 56.37 21.89 49.47
CA ASN BD 234 57.27 21.53 48.39
C ASN BD 234 58.52 20.82 48.91
N THR BD 235 58.96 21.18 50.10
CA THR BD 235 60.22 20.66 50.63
C THR BD 235 60.07 19.19 51.03
N PRO BD 236 60.92 18.31 50.51
CA PRO BD 236 60.91 16.92 50.98
C PRO BD 236 61.42 16.81 52.40
N VAL BD 237 60.90 15.83 53.13
CA VAL BD 237 61.26 15.57 54.51
C VAL BD 237 61.95 14.22 54.57
N MET BD 238 63.17 14.21 55.08
CA MET BD 238 63.98 13.00 55.13
C MET BD 238 64.16 12.56 56.57
N LEU BD 239 64.05 11.26 56.80
CA LEU BD 239 64.26 10.66 58.10
C LEU BD 239 65.23 9.51 57.94
N THR BD 240 65.96 9.18 58.99
CA THR BD 240 66.79 7.99 58.97
C THR BD 240 66.28 7.01 60.01
N LEU BD 241 66.10 5.77 59.60
CA LEU BD 241 65.52 4.75 60.46
C LEU BD 241 66.61 3.76 60.86
N ILE BD 242 66.63 3.39 62.14
CA ILE BD 242 67.63 2.46 62.62
C ILE BD 242 66.93 1.40 63.48
N PRO BD 243 67.11 0.12 63.18
CA PRO BD 243 66.57 -0.92 64.04
C PRO BD 243 67.53 -1.27 65.17
N GLY BD 244 67.00 -1.92 66.19
CA GLY BD 244 67.83 -2.41 67.27
C GLY BD 244 68.27 -1.36 68.27
N GLN BD 245 67.33 -0.79 69.01
CA GLN BD 245 67.62 0.17 70.07
C GLN BD 245 66.82 -0.19 71.32
N LYS BD 246 67.34 0.24 72.47
CA LYS BD 246 66.78 -0.15 73.76
C LYS BD 246 65.50 0.59 74.12
N ALA BD 247 65.02 1.50 73.26
CA ALA BD 247 63.73 2.15 73.45
C ALA BD 247 63.00 2.12 72.11
N VAL BD 248 61.97 1.31 72.03
CA VAL BD 248 61.17 1.23 70.82
C VAL BD 248 60.15 2.36 70.85
N ASP BD 249 59.61 2.71 69.69
CA ASP BD 249 58.68 3.82 69.55
C ASP BD 249 57.36 3.29 69.02
N TYR BD 250 56.35 3.26 69.89
CA TYR BD 250 55.03 2.81 69.45
C TYR BD 250 54.28 3.89 68.67
N ARG BD 251 54.50 5.16 69.00
CA ARG BD 251 53.88 6.26 68.27
C ARG BD 251 54.87 7.41 68.19
N VAL BD 252 55.02 7.99 67.00
CA VAL BD 252 55.85 9.16 66.81
C VAL BD 252 55.00 10.26 66.19
N ASP BD 253 54.89 11.39 66.90
CA ASP BD 253 54.17 12.56 66.42
C ASP BD 253 55.17 13.54 65.84
N LEU BD 254 54.88 14.07 64.65
CA LEU BD 254 55.82 14.93 63.94
C LEU BD 254 55.16 16.27 63.62
N ARG BD 255 55.74 17.34 64.16
CA ARG BD 255 55.26 18.69 63.92
C ARG BD 255 56.09 19.35 62.82
N VAL BD 256 55.42 19.95 61.86
CA VAL BD 256 56.06 20.59 60.71
C VAL BD 256 56.19 22.07 60.98
N GLN BD 257 57.31 22.66 60.54
CA GLN BD 257 57.54 24.09 60.70
C GLN BD 257 56.53 24.92 59.91
N GLY BD 258 56.21 24.50 58.69
CA GLY BD 258 55.29 25.24 57.86
C GLY BD 258 53.84 25.02 58.25
N TYR BD 259 52.96 25.66 57.49
CA TYR BD 259 51.52 25.53 57.68
C TYR BD 259 50.96 24.51 56.69
N GLY BD 260 50.09 23.65 57.19
CA GLY BD 260 49.51 22.61 56.37
C GLY BD 260 48.23 23.04 55.69
N PRO BD 261 47.34 22.09 55.43
CA PRO BD 261 46.05 22.44 54.80
C PRO BD 261 45.12 23.17 55.75
N ASN BD 262 45.36 23.07 57.06
CA ASN BD 262 44.49 23.62 58.08
C ASN BD 262 45.34 24.22 59.19
N ALA BD 263 44.71 25.02 60.03
CA ALA BD 263 45.39 25.63 61.17
C ALA BD 263 44.75 25.21 62.49
N ASP BD 278 40.79 22.92 75.76
CA ASP BD 278 42.12 23.42 76.05
C ASP BD 278 42.83 22.56 77.10
N LEU BD 279 43.88 23.11 77.70
CA LEU BD 279 44.62 22.37 78.70
C LEU BD 279 43.80 22.14 79.97
N LEU BD 280 42.92 23.09 80.32
CA LEU BD 280 42.03 22.84 81.45
C LEU BD 280 40.97 21.79 81.10
N LEU BD 281 40.61 21.68 79.82
CA LEU BD 281 39.73 20.60 79.40
C LEU BD 281 40.43 19.26 79.49
N HIS BD 282 41.72 19.22 79.19
CA HIS BD 282 42.49 18.00 79.41
C HIS BD 282 42.68 17.70 80.90
N VAL BD 283 42.72 18.74 81.72
CA VAL BD 283 42.72 18.55 83.18
C VAL BD 283 41.42 17.92 83.63
N LEU BD 284 40.29 18.39 83.07
CA LEU BD 284 38.99 17.80 83.35
C LEU BD 284 38.93 16.35 82.88
N GLU BD 285 39.57 16.05 81.75
CA GLU BD 285 39.69 14.66 81.31
C GLU BD 285 40.52 13.84 82.28
N GLY BD 286 41.58 14.43 82.82
CA GLY BD 286 42.41 13.76 83.81
C GLY BD 286 43.89 13.94 83.58
N VAL BD 287 44.25 14.71 82.56
CA VAL BD 287 45.64 14.88 82.16
C VAL BD 287 46.19 16.11 82.88
N PRO BD 288 47.24 15.96 83.70
CA PRO BD 288 47.89 17.14 84.28
C PRO BD 288 48.57 17.95 83.20
N PRO BD 289 48.63 19.28 83.38
CA PRO BD 289 49.20 20.12 82.33
C PRO BD 289 50.71 20.04 82.32
N PRO BD 290 51.34 20.28 81.17
CA PRO BD 290 52.80 20.38 81.13
C PRO BD 290 53.29 21.66 81.79
N GLY BD 291 54.48 21.60 82.38
CA GLY BD 291 55.08 22.75 83.01
C GLY BD 291 54.51 23.12 84.36
N SER BD 292 53.74 22.24 84.99
CA SER BD 292 53.15 22.51 86.29
C SER BD 292 53.86 21.73 87.38
N ARG BD 293 53.38 21.91 88.61
CA ARG BD 293 53.87 21.19 89.77
C ARG BD 293 52.69 20.59 90.51
N ARG BD 294 52.94 19.51 91.24
CA ARG BD 294 51.90 18.88 92.03
C ARG BD 294 51.55 19.71 93.26
N LEU BD 295 50.26 19.90 93.48
CA LEU BD 295 49.77 20.67 94.62
C LEU BD 295 48.96 19.77 95.53
N VAL BD 296 49.26 19.82 96.83
CA VAL BD 296 48.68 18.91 97.81
C VAL BD 296 47.50 19.59 98.48
N VAL BD 297 46.35 18.93 98.44
CA VAL BD 297 45.12 19.42 99.06
C VAL BD 297 44.86 18.60 100.32
N SER BD 298 44.69 19.28 101.44
CA SER BD 298 44.57 18.63 102.74
C SER BD 298 43.14 18.76 103.24
N GLY BD 299 42.44 17.63 103.33
CA GLY BD 299 41.12 17.61 103.93
C GLY BD 299 40.02 17.09 103.04
N GLY BD 300 40.37 16.53 101.88
CA GLY BD 300 39.33 16.08 100.99
C GLY BD 300 39.90 15.38 99.77
N ASP BD 301 39.05 15.27 98.75
CA ASP BD 301 39.35 14.56 97.51
C ASP BD 301 39.37 15.58 96.37
N ALA BD 302 40.56 15.98 95.96
CA ALA BD 302 40.75 16.95 94.89
C ALA BD 302 42.13 16.73 94.30
N ARG BD 303 42.36 17.34 93.13
CA ARG BD 303 43.69 17.41 92.57
C ARG BD 303 43.95 18.83 92.09
N ALA BD 304 45.22 19.25 92.14
CA ALA BD 304 45.54 20.64 91.87
C ALA BD 304 46.95 20.76 91.33
N TRP BD 305 47.16 21.81 90.52
CA TRP BD 305 48.46 22.08 89.90
C TRP BD 305 48.65 23.59 89.77
N LEU BD 306 49.91 23.98 89.55
CA LEU BD 306 50.25 25.37 89.24
C LEU BD 306 51.38 25.40 88.24
N SER BD 307 51.16 26.08 87.10
CA SER BD 307 52.16 26.20 86.04
C SER BD 307 52.60 27.63 85.80
N ASN BD 308 51.66 28.56 85.61
CA ASN BD 308 51.98 29.93 85.23
C ASN BD 308 51.33 30.92 86.19
N GLU BD 309 51.56 30.72 87.50
CA GLU BD 309 50.90 31.45 88.60
C GLU BD 309 49.39 31.30 88.53
N LYS BD 310 48.94 30.12 88.09
CA LYS BD 310 47.53 29.82 87.96
C LYS BD 310 47.24 28.49 88.64
N MET BD 311 46.34 28.52 89.61
CA MET BD 311 45.89 27.32 90.28
C MET BD 311 44.83 26.63 89.43
N TYR BD 312 45.15 25.43 88.96
CA TYR BD 312 44.21 24.55 88.28
C TYR BD 312 43.71 23.52 89.28
N VAL BD 313 42.40 23.31 89.32
CA VAL BD 313 41.78 22.43 90.29
C VAL BD 313 40.82 21.49 89.58
N ARG BD 314 40.89 20.20 89.92
CA ARG BD 314 40.01 19.17 89.39
C ARG BD 314 39.31 18.50 90.57
N THR BD 315 37.99 18.59 90.60
CA THR BD 315 37.21 18.06 91.71
C THR BD 315 35.89 17.52 91.16
N ASN BD 316 35.03 17.08 92.08
CA ASN BD 316 33.61 16.94 91.79
C ASN BD 316 32.78 17.89 92.65
N LEU BD 317 33.44 18.74 93.42
CA LEU BD 317 32.78 19.61 94.38
C LEU BD 317 32.61 21.00 93.79
N THR BD 318 32.01 21.89 94.58
CA THR BD 318 31.71 23.25 94.15
C THR BD 318 32.44 24.23 95.05
N ILE BD 319 33.23 25.12 94.44
CA ILE BD 319 34.10 26.04 95.17
C ILE BD 319 33.42 27.40 95.25
N LEU BD 320 33.52 28.03 96.41
CA LEU BD 320 32.75 29.25 96.65
C LEU BD 320 33.62 30.48 96.87
N SER BD 321 34.50 30.48 97.87
CA SER BD 321 35.06 31.75 98.31
C SER BD 321 36.15 32.36 97.41
N PRO BD 322 37.27 31.70 97.10
CA PRO BD 322 38.42 32.46 96.59
C PRO BD 322 38.34 32.81 95.11
N GLY BD 323 37.20 32.58 94.47
CA GLY BD 323 37.00 33.00 93.11
C GLY BD 323 37.56 32.02 92.09
N TRP BD 324 36.98 32.08 90.89
CA TRP BD 324 37.47 31.30 89.77
C TRP BD 324 37.59 32.19 88.56
N LEU BD 325 38.51 31.85 87.68
CA LEU BD 325 38.72 32.62 86.47
C LEU BD 325 38.22 31.92 85.22
N ALA BD 326 38.27 30.59 85.18
CA ALA BD 326 37.60 29.84 84.12
C ALA BD 326 37.11 28.52 84.68
N SER BD 327 36.05 27.99 84.08
CA SER BD 327 35.38 26.82 84.63
C SER BD 327 34.82 25.94 83.53
N MET BD 328 35.02 24.64 83.67
CA MET BD 328 34.43 23.62 82.82
C MET BD 328 33.83 22.54 83.70
N THR BD 329 32.79 21.88 83.17
CA THR BD 329 32.23 20.71 83.84
C THR BD 329 31.88 19.67 82.79
N SER BD 330 31.77 18.42 83.24
CA SER BD 330 31.55 17.28 82.35
C SER BD 330 30.15 16.73 82.55
N ALA BD 331 29.85 15.68 81.78
CA ALA BD 331 28.52 15.07 81.84
C ALA BD 331 28.34 14.24 83.10
N ASP BD 332 29.41 13.66 83.63
CA ASP BD 332 29.30 12.84 84.82
C ASP BD 332 29.28 13.66 86.10
N GLY BD 333 29.47 14.97 86.01
CA GLY BD 333 29.47 15.82 87.19
C GLY BD 333 30.84 16.21 87.69
N THR BD 334 31.90 15.83 86.98
CA THR BD 334 33.25 16.23 87.36
C THR BD 334 33.51 17.65 86.87
N HIS BD 335 34.14 18.45 87.73
CA HIS BD 335 34.40 19.86 87.45
C HIS BD 335 35.88 20.16 87.43
N ALA BD 336 36.26 21.14 86.61
CA ALA BD 336 37.61 21.67 86.60
C ALA BD 336 37.52 23.19 86.55
N TYR BD 337 38.49 23.83 87.21
CA TYR BD 337 38.51 25.28 87.30
C TYR BD 337 39.94 25.77 87.25
N GLU BD 338 40.10 27.05 86.94
CA GLU BD 338 41.39 27.71 87.12
C GLU BD 338 41.17 29.12 87.66
N MET BD 339 42.06 29.52 88.56
CA MET BD 339 42.07 30.86 89.14
C MET BD 339 43.52 31.19 89.49
N GLN BD 340 43.72 32.21 90.32
CA GLN BD 340 45.06 32.48 90.83
C GLN BD 340 45.29 31.67 92.11
N LYS BD 341 46.39 31.95 92.80
CA LYS BD 341 46.79 31.16 93.94
C LYS BD 341 46.19 31.70 95.23
N SER BD 342 45.94 30.78 96.17
CA SER BD 342 45.46 31.08 97.52
C SER BD 342 45.70 29.88 98.41
N PRO BD 343 46.21 30.07 99.64
CA PRO BD 343 46.42 28.93 100.53
C PRO BD 343 45.15 28.32 101.08
N VAL BD 344 44.03 29.03 101.03
CA VAL BD 344 42.80 28.65 101.73
C VAL BD 344 41.67 28.53 100.71
N LEU BD 345 40.97 27.39 100.73
CA LEU BD 345 39.82 27.15 99.87
C LEU BD 345 38.60 26.87 100.74
N LEU BD 346 37.43 27.35 100.32
CA LEU BD 346 36.18 27.11 101.02
C LEU BD 346 35.23 26.39 100.07
N VAL BD 347 34.79 25.19 100.45
CA VAL BD 347 33.94 24.35 99.62
C VAL BD 347 32.69 24.00 100.39
N SER BD 348 31.53 24.25 99.79
CA SER BD 348 30.24 23.89 100.38
C SER BD 348 29.72 22.65 99.66
N TRP BD 349 29.85 21.51 100.29
CA TRP BD 349 29.34 20.24 99.76
C TRP BD 349 28.02 19.95 100.45
N HIS BD 350 26.92 20.20 99.72
CA HIS BD 350 25.54 19.97 100.15
C HIS BD 350 25.22 20.65 101.48
N GLY BD 351 25.62 21.91 101.59
CA GLY BD 351 25.44 22.65 102.82
C GLY BD 351 26.52 22.44 103.85
N LYS BD 352 27.51 21.59 103.57
CA LYS BD 352 28.62 21.37 104.48
C LYS BD 352 29.76 22.26 104.04
N VAL BD 353 29.95 23.36 104.75
CA VAL BD 353 30.97 24.35 104.43
C VAL BD 353 32.25 23.94 105.13
N MET BD 354 33.23 23.50 104.35
CA MET BD 354 34.50 23.06 104.89
C MET BD 354 35.62 23.81 104.20
N GLN BD 355 36.82 23.71 104.78
CA GLN BD 355 37.97 24.46 104.32
C GLN BD 355 39.11 23.51 104.00
N LEU BD 356 39.77 23.77 102.86
CA LEU BD 356 40.98 23.07 102.45
C LEU BD 356 42.16 23.99 102.61
N LYS BD 357 43.21 23.50 103.26
CA LYS BD 357 44.49 24.19 103.31
C LYS BD 357 45.43 23.49 102.32
N VAL BD 358 45.93 24.24 101.36
CA VAL BD 358 46.90 23.69 100.44
C VAL BD 358 48.30 24.05 100.96
N GLU BD 359 49.29 23.29 100.52
CA GLU BD 359 50.64 23.41 101.03
C GLU BD 359 51.58 23.86 99.91
N GLY BD 360 52.33 24.92 100.17
CA GLY BD 360 53.20 25.50 99.16
C GLY BD 360 52.55 26.66 98.43
N MET CD 23 -109.22 -25.84 80.31
CA MET CD 23 -108.87 -27.25 80.44
C MET CD 23 -107.51 -27.52 79.80
N LYS CD 24 -106.69 -26.48 79.74
CA LYS CD 24 -105.40 -26.60 79.08
C LYS CD 24 -104.43 -27.39 79.96
N PHE CD 25 -103.31 -27.76 79.37
CA PHE CD 25 -102.38 -28.69 79.99
C PHE CD 25 -101.09 -28.01 80.38
N LYS CD 26 -100.45 -28.55 81.41
CA LYS CD 26 -99.18 -28.02 81.86
C LYS CD 26 -98.39 -29.12 82.55
N LYS CD 27 -97.10 -28.94 82.60
CA LYS CD 27 -96.17 -29.79 83.31
C LYS CD 27 -95.47 -28.98 84.40
N PRO CD 28 -95.12 -29.59 85.53
CA PRO CD 28 -94.77 -28.81 86.72
C PRO CD 28 -93.49 -27.99 86.61
N PRO CD 29 -92.43 -28.43 85.91
CA PRO CD 29 -91.33 -27.46 85.73
C PRO CD 29 -91.66 -26.43 84.66
N ILE CD 30 -91.66 -25.16 85.05
CA ILE CD 30 -91.72 -24.05 84.10
C ILE CD 30 -90.95 -22.89 84.70
N ASN CD 31 -89.90 -22.45 84.03
CA ASN CD 31 -88.90 -21.61 84.67
C ASN CD 31 -88.46 -20.51 83.73
N ASN CD 32 -87.42 -19.80 84.16
CA ASN CD 32 -86.75 -18.79 83.36
C ASN CD 32 -85.96 -19.46 82.23
N PRO CD 33 -85.68 -18.74 81.15
CA PRO CD 33 -84.97 -19.36 80.02
C PRO CD 33 -83.55 -19.76 80.34
N SER CD 34 -83.06 -20.72 79.56
CA SER CD 34 -81.77 -21.36 79.77
C SER CD 34 -80.74 -20.79 78.80
N ASP CD 35 -79.56 -21.43 78.76
CA ASP CD 35 -78.54 -21.05 77.80
C ASP CD 35 -77.67 -22.26 77.45
N ASP CD 36 -77.27 -22.32 76.19
CA ASP CD 36 -76.53 -23.45 75.64
C ASP CD 36 -75.16 -23.64 76.28
N ALA CD 37 -74.51 -22.54 76.66
CA ALA CD 37 -73.22 -22.66 77.32
C ALA CD 37 -73.37 -23.34 78.67
N THR CD 38 -74.40 -22.97 79.41
CA THR CD 38 -74.71 -23.66 80.65
C THR CD 38 -75.08 -25.11 80.41
N ILE CD 39 -75.76 -25.38 79.30
CA ILE CD 39 -76.10 -26.76 78.94
C ILE CD 39 -74.84 -27.61 78.78
N LYS CD 40 -73.91 -27.12 77.97
CA LYS CD 40 -72.68 -27.85 77.72
C LYS CD 40 -71.81 -27.94 78.97
N LEU CD 41 -71.85 -26.90 79.81
CA LEU CD 41 -71.09 -26.91 81.04
C LEU CD 41 -71.59 -27.98 81.99
N ALA CD 42 -72.91 -28.11 82.13
CA ALA CD 42 -73.47 -29.16 82.97
C ALA CD 42 -73.21 -30.53 82.38
N GLU CD 43 -73.19 -30.62 81.05
CA GLU CD 43 -72.89 -31.87 80.37
C GLU CD 43 -71.48 -32.35 80.70
N ALA CD 44 -70.51 -31.44 80.76
CA ALA CD 44 -69.18 -31.82 81.20
C ALA CD 44 -69.17 -32.17 82.69
N ALA CD 45 -69.91 -31.39 83.48
CA ALA CD 45 -69.84 -31.47 84.93
C ALA CD 45 -70.34 -32.80 85.45
N VAL CD 46 -71.39 -33.35 84.84
CA VAL CD 46 -71.91 -34.63 85.31
C VAL CD 46 -70.91 -35.75 85.05
N SER CD 47 -70.17 -35.68 83.95
CA SER CD 47 -69.16 -36.70 83.65
C SER CD 47 -68.02 -36.64 84.65
N VAL CD 48 -67.56 -35.43 84.98
CA VAL CD 48 -66.51 -35.31 85.98
C VAL CD 48 -67.01 -35.76 87.35
N SER CD 49 -68.29 -35.51 87.63
CA SER CD 49 -68.87 -35.97 88.89
C SER CD 49 -68.88 -37.49 89.00
N ASP CD 50 -69.28 -38.16 87.91
CA ASP CD 50 -69.27 -39.62 87.90
C ASP CD 50 -67.87 -40.17 88.08
N SER CD 51 -66.90 -39.57 87.39
CA SER CD 51 -65.52 -40.03 87.46
C SER CD 51 -64.97 -39.86 88.87
N MET CD 52 -65.27 -38.72 89.50
CA MET CD 52 -64.81 -38.50 90.87
C MET CD 52 -65.50 -39.42 91.85
N LEU CD 53 -66.75 -39.78 91.59
CA LEU CD 53 -67.47 -40.68 92.49
C LEU CD 53 -66.84 -42.07 92.49
N GLU CD 54 -66.61 -42.62 91.29
CA GLU CD 54 -65.99 -43.94 91.26
C GLU CD 54 -64.53 -43.89 91.70
N MET CD 55 -63.87 -42.76 91.46
CA MET CD 55 -62.52 -42.47 91.96
C MET CD 55 -62.47 -42.65 93.47
N ALA CD 56 -63.39 -41.98 94.17
CA ALA CD 56 -63.44 -42.04 95.62
C ALA CD 56 -63.80 -43.43 96.11
N LYS CD 57 -64.71 -44.11 95.41
CA LYS CD 57 -65.15 -45.43 95.86
C LYS CD 57 -64.01 -46.45 95.79
N VAL CD 58 -63.28 -46.46 94.67
CA VAL CD 58 -62.22 -47.43 94.54
C VAL CD 58 -61.05 -47.08 95.45
N GLU CD 59 -60.82 -45.79 95.72
CA GLU CD 59 -59.81 -45.41 96.70
C GLU CD 59 -60.18 -45.89 98.10
N LYS CD 60 -61.45 -45.70 98.45
CA LYS CD 60 -61.94 -46.06 99.78
C LYS CD 60 -61.82 -47.55 100.03
N VAL CD 61 -62.09 -48.36 99.01
CA VAL CD 61 -61.92 -49.79 99.21
C VAL CD 61 -60.44 -50.17 99.22
N ILE CD 62 -59.64 -49.60 98.30
CA ILE CD 62 -58.29 -50.11 98.13
C ILE CD 62 -57.35 -49.68 99.27
N THR CD 63 -57.69 -48.63 100.01
CA THR CD 63 -56.89 -48.44 101.21
C THR CD 63 -57.79 -48.26 102.42
N PRO CD 64 -57.45 -48.87 103.54
CA PRO CD 64 -58.32 -48.77 104.71
C PRO CD 64 -58.08 -47.48 105.46
N PRO CD 65 -59.15 -46.79 105.87
CA PRO CD 65 -58.98 -45.66 106.79
C PRO CD 65 -58.50 -46.14 108.15
N SER CD 66 -57.76 -45.26 108.82
CA SER CD 66 -57.15 -45.58 110.09
C SER CD 66 -57.76 -44.78 111.24
N LYS CD 67 -57.73 -43.46 111.13
CA LYS CD 67 -58.11 -42.59 112.23
C LYS CD 67 -58.44 -41.23 111.67
N ASP CD 68 -59.53 -40.64 112.16
CA ASP CD 68 -59.85 -39.27 111.80
C ASP CD 68 -59.13 -38.31 112.73
N ASN CD 69 -59.10 -37.04 112.32
CA ASN CD 69 -58.34 -36.00 112.98
C ASN CD 69 -58.94 -35.55 114.31
N THR CD 70 -60.11 -36.06 114.67
CA THR CD 70 -60.83 -35.65 115.86
C THR CD 70 -60.07 -35.93 117.14
N LEU CD 71 -59.11 -36.86 117.11
CA LEU CD 71 -58.24 -37.05 118.26
C LEU CD 71 -57.35 -35.83 118.49
N THR CD 72 -56.66 -35.37 117.46
CA THR CD 72 -55.72 -34.26 117.67
C THR CD 72 -56.39 -32.90 117.62
N ILE CD 73 -57.63 -32.81 117.14
CA ILE CD 73 -58.36 -31.58 117.39
C ILE CD 73 -59.72 -31.97 117.98
N PRO CD 74 -59.91 -31.76 119.26
CA PRO CD 74 -61.25 -31.88 119.84
C PRO CD 74 -61.96 -30.54 119.76
N ASN CD 75 -63.15 -30.46 120.34
CA ASN CD 75 -63.84 -29.18 120.48
C ASN CD 75 -64.08 -28.88 121.95
N ALA CD 76 -64.19 -27.61 122.26
CA ALA CD 76 -64.40 -27.18 123.64
C ALA CD 76 -65.41 -26.04 123.63
N TYR CD 77 -65.60 -25.43 124.79
CA TYR CD 77 -66.53 -24.33 124.94
C TYR CD 77 -66.03 -23.10 124.19
N ASN CD 78 -66.98 -22.25 123.82
CA ASN CD 78 -66.85 -20.97 123.09
C ASN CD 78 -66.40 -21.15 121.66
N LEU CD 79 -66.12 -22.38 121.22
CA LEU CD 79 -65.88 -22.63 119.81
C LEU CD 79 -67.18 -22.75 119.03
N GLN CD 80 -68.32 -22.72 119.71
CA GLN CD 80 -69.59 -23.06 119.10
C GLN CD 80 -70.26 -21.89 118.44
N ALA CD 81 -69.63 -20.70 118.45
CA ALA CD 81 -70.10 -19.60 117.63
C ALA CD 81 -69.98 -19.98 116.16
N ARG CD 82 -70.89 -19.48 115.34
CA ARG CD 82 -71.04 -20.04 114.01
C ARG CD 82 -70.59 -19.05 112.95
N ALA CD 83 -70.50 -19.53 111.71
CA ALA CD 83 -69.84 -18.75 110.67
C ALA CD 83 -70.31 -19.18 109.29
N SER CD 84 -70.40 -18.20 108.40
CA SER CD 84 -70.55 -18.44 106.97
C SER CD 84 -69.34 -17.85 106.27
N VAL CD 85 -68.61 -18.67 105.54
CA VAL CD 85 -67.25 -18.34 105.12
C VAL CD 85 -67.10 -18.63 103.63
N ASP CD 86 -66.58 -17.65 102.89
CA ASP CD 86 -66.12 -17.89 101.53
C ASP CD 86 -64.73 -17.31 101.37
N TRP CD 87 -63.73 -18.17 101.26
CA TRP CD 87 -62.35 -17.72 101.14
C TRP CD 87 -61.61 -18.57 100.13
N SER CD 88 -60.80 -17.92 99.30
CA SER CD 88 -60.05 -18.61 98.26
C SER CD 88 -58.66 -18.01 98.11
N GLY CD 89 -57.96 -17.83 99.23
CA GLY CD 89 -56.62 -17.33 99.18
C GLY CD 89 -55.62 -18.19 99.95
N PRO CD 90 -54.61 -17.55 100.52
CA PRO CD 90 -53.70 -18.28 101.42
C PRO CD 90 -54.33 -18.58 102.77
N ILE CD 91 -53.57 -19.22 103.66
CA ILE CD 91 -54.13 -20.02 104.75
C ILE CD 91 -54.03 -19.29 106.09
N GLU CD 92 -52.86 -18.76 106.41
CA GLU CD 92 -52.57 -18.44 107.80
C GLU CD 92 -53.28 -17.17 108.26
N GLU CD 93 -53.62 -16.26 107.35
CA GLU CD 93 -54.36 -15.09 107.78
C GLU CD 93 -55.81 -15.42 108.06
N LEU CD 94 -56.37 -16.37 107.31
CA LEU CD 94 -57.69 -16.88 107.62
C LEU CD 94 -57.69 -17.57 108.97
N THR CD 95 -56.62 -18.30 109.25
CA THR CD 95 -56.44 -18.93 110.55
C THR CD 95 -56.33 -17.88 111.66
N ALA CD 96 -55.65 -16.78 111.38
CA ALA CD 96 -55.53 -15.71 112.37
C ALA CD 96 -56.84 -15.00 112.62
N ARG CD 97 -57.66 -14.86 111.58
CA ARG CD 97 -59.01 -14.34 111.75
C ARG CD 97 -59.83 -15.25 112.66
N ILE CD 98 -59.67 -16.55 112.48
CA ILE CD 98 -60.39 -17.51 113.33
C ILE CD 98 -59.88 -17.43 114.77
N ALA CD 99 -58.58 -17.20 114.94
CA ALA CD 99 -58.01 -17.10 116.28
C ALA CD 99 -58.51 -15.85 116.99
N LYS CD 100 -58.58 -14.74 116.25
CA LYS CD 100 -59.14 -13.51 116.79
C LYS CD 100 -60.62 -13.68 117.13
N ALA CD 101 -61.33 -14.51 116.38
CA ALA CD 101 -62.71 -14.83 116.74
C ALA CD 101 -62.78 -15.63 118.04
N ALA CD 102 -61.91 -16.62 118.20
CA ALA CD 102 -62.01 -17.50 119.35
C ALA CD 102 -61.32 -16.98 120.59
N HIS CD 103 -60.62 -15.84 120.49
CA HIS CD 103 -59.72 -15.32 121.52
C HIS CD 103 -58.67 -16.36 121.91
N PHE CD 104 -58.13 -17.06 120.92
CA PHE CD 104 -57.11 -18.06 121.16
C PHE CD 104 -55.79 -17.58 120.59
N ARG CD 105 -54.71 -17.89 121.29
CA ARG CD 105 -53.42 -17.34 120.91
C ARG CD 105 -52.86 -18.10 119.72
N PHE CD 106 -52.41 -17.35 118.73
CA PHE CD 106 -51.93 -17.91 117.48
C PHE CD 106 -50.47 -18.35 117.60
N ARG CD 107 -50.12 -19.45 116.93
CA ARG CD 107 -48.73 -19.84 116.90
C ARG CD 107 -48.41 -20.55 115.58
N VAL CD 108 -47.23 -20.25 115.04
CA VAL CD 108 -46.73 -20.85 113.81
C VAL CD 108 -45.55 -21.75 114.17
N LEU CD 109 -45.43 -22.85 113.45
CA LEU CD 109 -44.33 -23.78 113.65
C LEU CD 109 -43.74 -24.17 112.31
N GLY CD 110 -42.41 -24.21 112.25
CA GLY CD 110 -41.73 -24.39 111.00
C GLY CD 110 -41.68 -23.08 110.24
N LYS CD 111 -41.47 -23.19 108.94
CA LYS CD 111 -41.47 -22.02 108.08
C LYS CD 111 -42.29 -22.29 106.84
N SER CD 112 -42.92 -21.24 106.33
CA SER CD 112 -43.65 -21.35 105.08
C SER CD 112 -42.69 -21.60 103.92
N PRO CD 113 -43.06 -22.45 102.97
CA PRO CD 113 -42.27 -22.59 101.76
C PRO CD 113 -42.46 -21.40 100.85
N SER CD 114 -41.61 -21.33 99.83
CA SER CD 114 -41.69 -20.25 98.86
C SER CD 114 -42.97 -20.34 98.03
N VAL CD 115 -43.37 -21.56 97.69
CA VAL CD 115 -44.66 -21.76 97.04
C VAL CD 115 -45.74 -21.53 98.10
N PRO CD 116 -46.67 -20.62 97.86
CA PRO CD 116 -47.77 -20.45 98.80
C PRO CD 116 -48.72 -21.63 98.76
N VAL CD 117 -49.40 -21.86 99.87
CA VAL CD 117 -50.36 -22.95 99.98
C VAL CD 117 -51.74 -22.34 99.96
N LEU CD 118 -52.53 -22.70 98.94
CA LEU CD 118 -53.79 -22.06 98.66
C LEU CD 118 -54.93 -23.02 98.92
N ILE CD 119 -55.97 -22.52 99.58
CA ILE CD 119 -57.16 -23.31 99.85
C ILE CD 119 -58.38 -22.50 99.47
N SER CD 120 -59.45 -23.21 99.11
CA SER CD 120 -60.70 -22.58 98.73
C SER CD 120 -61.82 -23.18 99.57
N ILE CD 121 -62.65 -22.32 100.13
CA ILE CD 121 -63.75 -22.74 100.99
C ILE CD 121 -65.02 -22.06 100.51
N SER CD 122 -66.05 -22.85 100.24
CA SER CD 122 -67.38 -22.34 99.90
C SER CD 122 -68.38 -23.14 100.72
N THR CD 123 -68.71 -22.64 101.91
CA THR CD 123 -69.58 -23.35 102.82
C THR CD 123 -70.30 -22.34 103.71
N LYS CD 124 -71.24 -22.82 104.51
CA LYS CD 124 -72.09 -21.92 105.27
C LYS CD 124 -72.66 -22.62 106.50
N ASP CD 125 -72.60 -21.93 107.64
CA ASP CD 125 -73.20 -22.34 108.92
C ASP CD 125 -72.61 -23.66 109.42
N GLU CD 126 -71.37 -23.58 109.85
CA GLU CD 126 -70.72 -24.71 110.51
C GLU CD 126 -70.15 -24.27 111.85
N SER CD 127 -69.90 -25.25 112.70
CA SER CD 127 -69.08 -25.02 113.87
C SER CD 127 -67.65 -24.72 113.44
N LEU CD 128 -66.97 -23.92 114.24
CA LEU CD 128 -65.58 -23.61 113.96
C LEU CD 128 -64.69 -24.82 114.08
N ALA CD 129 -65.05 -25.76 114.94
CA ALA CD 129 -64.29 -27.00 115.07
C ALA CD 129 -64.31 -27.81 113.79
N GLU CD 130 -65.49 -27.95 113.18
CA GLU CD 130 -65.56 -28.68 111.92
C GLU CD 130 -64.99 -27.86 110.78
N ILE CD 131 -65.06 -26.53 110.87
CA ILE CD 131 -64.40 -25.67 109.88
C ILE CD 131 -62.91 -25.93 109.88
N LEU CD 132 -62.32 -25.98 111.07
CA LEU CD 132 -60.88 -26.19 111.17
C LEU CD 132 -60.51 -27.61 110.80
N ARG CD 133 -61.39 -28.57 111.08
CA ARG CD 133 -61.16 -29.94 110.61
C ARG CD 133 -61.15 -30.01 109.09
N ASP CD 134 -62.07 -29.31 108.45
CA ASP CD 134 -62.11 -29.27 107.00
C ASP CD 134 -60.90 -28.56 106.42
N ILE CD 135 -60.41 -27.53 107.12
CA ILE CD 135 -59.19 -26.84 106.71
C ILE CD 135 -58.01 -27.80 106.78
N ASP CD 136 -57.95 -28.59 107.85
CA ASP CD 136 -56.88 -29.58 107.97
C ASP CD 136 -56.96 -30.64 106.88
N TYR CD 137 -58.17 -31.07 106.53
CA TYR CD 137 -58.30 -32.08 105.50
C TYR CD 137 -57.94 -31.52 104.13
N GLN CD 138 -58.32 -30.28 103.85
CA GLN CD 138 -57.95 -29.68 102.59
C GLN CD 138 -56.48 -29.28 102.55
N ALA CD 139 -55.83 -29.21 103.71
CA ALA CD 139 -54.41 -28.85 103.75
C ALA CD 139 -53.54 -29.93 103.13
N GLY CD 140 -53.93 -31.18 103.25
CA GLY CD 140 -53.11 -32.24 102.68
C GLY CD 140 -51.86 -32.45 103.49
N LYS CD 141 -50.77 -32.78 102.82
CA LYS CD 141 -49.51 -33.06 103.47
C LYS CD 141 -48.69 -31.81 103.74
N LYS CD 142 -49.15 -30.64 103.30
CA LYS CD 142 -48.33 -29.46 103.44
C LYS CD 142 -48.33 -28.91 104.86
N ALA CD 143 -49.45 -29.01 105.56
CA ALA CD 143 -49.51 -28.42 106.90
C ALA CD 143 -50.49 -29.19 107.76
N SER CD 144 -50.51 -28.84 109.05
CA SER CD 144 -51.43 -29.40 110.01
C SER CD 144 -51.76 -28.34 111.05
N ILE CD 145 -52.85 -28.57 111.78
CA ILE CD 145 -53.34 -27.62 112.77
C ILE CD 145 -53.80 -28.38 114.01
N HIS CD 146 -53.47 -27.84 115.18
CA HIS CD 146 -53.87 -28.45 116.44
C HIS CD 146 -54.37 -27.37 117.38
N VAL CD 147 -55.20 -27.80 118.33
CA VAL CD 147 -55.75 -26.93 119.37
C VAL CD 147 -55.33 -27.48 120.72
N TYR CD 148 -54.81 -26.62 121.56
CA TYR CD 148 -54.56 -26.97 122.95
C TYR CD 148 -55.52 -26.16 123.78
N PRO CD 149 -56.67 -26.73 124.18
CA PRO CD 149 -57.75 -25.93 124.76
C PRO CD 149 -57.54 -25.59 126.21
N ASN CD 150 -56.72 -26.35 126.92
CA ASN CD 150 -56.38 -26.01 128.30
C ASN CD 150 -55.59 -24.71 128.34
N SER CD 151 -54.75 -24.48 127.35
CA SER CD 151 -53.98 -23.24 127.26
C SER CD 151 -54.49 -22.31 126.18
N GLN CD 152 -55.52 -22.73 125.43
CA GLN CD 152 -56.24 -21.91 124.45
C GLN CD 152 -55.31 -21.43 123.34
N VAL CD 153 -54.54 -22.38 122.80
CA VAL CD 153 -53.52 -22.10 121.80
C VAL CD 153 -53.93 -22.78 120.52
N VAL CD 154 -53.97 -22.02 119.43
CA VAL CD 154 -54.20 -22.57 118.11
C VAL CD 154 -52.86 -22.56 117.36
N GLU CD 155 -52.40 -23.75 116.99
CA GLU CD 155 -51.07 -23.94 116.46
C GLU CD 155 -51.19 -24.46 115.04
N LEU CD 156 -50.44 -23.85 114.12
CA LEU CD 156 -50.33 -24.34 112.76
C LEU CD 156 -48.89 -24.74 112.53
N ARG CD 157 -48.67 -26.00 112.14
CA ARG CD 157 -47.33 -26.48 111.84
C ARG CD 157 -47.21 -26.73 110.34
N TYR CD 158 -46.05 -26.40 109.81
CA TYR CD 158 -45.75 -26.67 108.42
C TYR CD 158 -45.11 -28.04 108.27
N ALA CD 159 -44.96 -28.47 107.02
CA ALA CD 159 -44.20 -29.69 106.74
C ALA CD 159 -42.71 -29.39 106.73
N LYS CD 160 -41.93 -30.32 107.27
CA LYS CD 160 -40.48 -30.18 107.28
C LYS CD 160 -39.88 -31.01 106.14
N ILE CD 161 -40.20 -30.57 104.92
CA ILE CD 161 -39.51 -31.04 103.73
C ILE CD 161 -38.93 -29.81 103.06
N TYR CD 162 -37.95 -30.04 102.19
CA TYR CD 162 -37.25 -29.04 101.36
C TYR CD 162 -36.60 -27.95 102.20
N UNK DD 1 61.75 -24.08 94.53
CA UNK DD 1 61.57 -23.49 93.21
C UNK DD 1 62.86 -22.84 92.73
N UNK DD 2 62.77 -21.57 92.34
CA UNK DD 2 63.95 -20.85 91.86
C UNK DD 2 64.89 -20.51 93.02
N UNK DD 3 66.18 -20.76 92.81
CA UNK DD 3 67.20 -20.42 93.81
C UNK DD 3 67.69 -18.99 93.55
N UNK DD 4 67.07 -18.03 94.23
CA UNK DD 4 67.41 -16.63 94.02
C UNK DD 4 68.79 -16.29 94.57
N UNK DD 5 69.17 -16.88 95.71
CA UNK DD 5 70.47 -16.59 96.31
C UNK DD 5 71.62 -17.16 95.49
N UNK DD 6 71.49 -18.42 95.04
CA UNK DD 6 72.50 -19.01 94.17
C UNK DD 6 72.53 -18.34 92.81
N UNK DD 7 71.37 -17.89 92.32
CA UNK DD 7 71.33 -17.12 91.08
C UNK DD 7 72.03 -15.77 91.22
N UNK DD 8 71.87 -15.12 92.38
CA UNK DD 8 72.57 -13.87 92.62
C UNK DD 8 74.07 -14.09 92.77
N UNK DD 9 74.46 -15.22 93.38
CA UNK DD 9 75.88 -15.55 93.50
C UNK DD 9 76.50 -15.82 92.13
N UNK DD 10 75.78 -16.54 91.26
CA UNK DD 10 76.27 -16.79 89.91
C UNK DD 10 76.31 -15.50 89.09
N UNK DD 11 75.33 -14.62 89.29
CA UNK DD 11 75.32 -13.33 88.61
C UNK DD 11 76.49 -12.46 89.05
N UNK DD 12 76.81 -12.47 90.35
CA UNK DD 12 77.94 -11.71 90.85
C UNK DD 12 79.26 -12.29 90.35
N UNK DD 13 79.37 -13.62 90.29
CA UNK DD 13 80.57 -14.25 89.76
C UNK DD 13 80.75 -13.97 88.27
N UNK DD 14 79.64 -13.89 87.52
CA UNK DD 14 79.73 -13.55 86.10
C UNK DD 14 80.06 -12.08 85.91
N UNK DD 15 79.51 -11.21 86.75
CA UNK DD 15 79.75 -9.77 86.60
C UNK DD 15 81.18 -9.41 86.99
N UNK DD 16 81.64 -9.90 88.14
CA UNK DD 16 83.03 -9.72 88.55
C UNK DD 16 83.86 -10.92 88.13
N UNK DD 17 83.74 -11.27 86.85
CA UNK DD 17 84.62 -12.25 86.25
C UNK DD 17 86.02 -11.71 85.98
N UNK DD 18 86.10 -10.40 85.75
CA UNK DD 18 87.36 -9.66 85.53
C UNK DD 18 88.18 -10.24 84.37
N UNK DD 19 87.48 -10.70 83.34
CA UNK DD 19 88.13 -11.44 82.27
C UNK DD 19 87.50 -10.99 80.94
N UNK DD 20 88.13 -10.00 80.32
CA UNK DD 20 87.72 -9.53 79.00
C UNK DD 20 88.91 -8.84 78.34
N UNK DD 21 88.81 -8.68 77.02
CA UNK DD 21 89.84 -8.01 76.25
C UNK DD 21 89.21 -7.56 74.92
N UNK DD 22 89.39 -6.28 74.59
CA UNK DD 22 88.92 -5.77 73.31
C UNK DD 22 90.09 -5.67 72.33
N UNK DD 23 89.76 -5.74 71.04
CA UNK DD 23 90.77 -5.74 70.00
C UNK DD 23 90.47 -4.66 68.98
N UNK DD 24 91.52 -4.25 68.28
CA UNK DD 24 91.43 -3.22 67.25
C UNK DD 24 92.17 -3.70 66.01
N UNK DD 25 91.67 -3.30 64.85
CA UNK DD 25 92.21 -3.74 63.57
C UNK DD 25 92.53 -2.54 62.71
N UNK DD 26 93.70 -2.58 62.07
CA UNK DD 26 94.10 -1.53 61.15
C UNK DD 26 93.62 -1.85 59.74
N UNK DD 27 93.86 -0.92 58.81
CA UNK DD 27 93.43 -1.11 57.44
C UNK DD 27 94.28 -2.15 56.70
N UNK DD 28 95.49 -2.41 57.18
CA UNK DD 28 96.38 -3.42 56.60
C UNK DD 28 96.55 -4.62 57.53
N UNK DD 29 95.49 -4.96 58.27
CA UNK DD 29 95.41 -6.14 59.14
C UNK DD 29 96.49 -6.16 60.22
N UNK DD 30 96.80 -5.00 60.77
CA UNK DD 30 97.69 -4.91 61.92
C UNK DD 30 96.84 -4.95 63.19
N UNK DD 31 96.86 -6.10 63.86
CA UNK DD 31 96.01 -6.30 65.03
C UNK DD 31 96.52 -5.50 66.21
N UNK DD 32 95.58 -4.92 66.95
CA UNK DD 32 95.89 -4.12 68.13
C UNK DD 32 95.02 -4.62 69.27
N UNK DD 33 95.64 -5.33 70.22
CA UNK DD 33 94.93 -5.89 71.36
C UNK DD 33 95.92 -6.07 72.49
N UNK DD 34 95.39 -6.42 73.67
CA UNK DD 34 96.23 -6.63 74.85
C UNK DD 34 95.84 -7.91 75.57
N UNK DD 35 96.39 -8.12 76.76
CA UNK DD 35 96.03 -9.25 77.59
C UNK DD 35 94.74 -8.96 78.33
N UNK DD 36 94.33 -9.91 79.17
CA UNK DD 36 93.11 -9.75 79.95
C UNK DD 36 93.33 -8.72 81.06
N UNK DD 37 92.36 -7.81 81.23
CA UNK DD 37 92.48 -6.75 82.21
C UNK DD 37 91.09 -6.40 82.73
N UNK DD 38 91.05 -5.38 83.59
CA UNK DD 38 89.85 -4.81 84.21
C UNK DD 38 88.99 -5.84 84.94
N UNK DD 39 86.95 0.31 61.16
CA UNK DD 39 88.12 0.46 60.31
C UNK DD 39 89.37 0.78 61.13
N UNK DD 40 89.18 1.20 62.38
CA UNK DD 40 90.30 1.48 63.28
C UNK DD 40 90.25 0.63 64.53
N UNK DD 41 89.09 0.52 65.18
CA UNK DD 41 88.97 -0.25 66.41
C UNK DD 41 87.57 -0.84 66.46
N UNK DD 42 87.49 -2.16 66.37
CA UNK DD 42 86.20 -2.83 66.34
C UNK DD 42 85.65 -2.98 67.76
N UNK DD 43 84.51 -2.32 68.02
CA UNK DD 43 83.83 -2.52 69.29
C UNK DD 43 83.24 -3.92 69.41
N UNK DD 44 82.96 -4.57 68.28
CA UNK DD 44 82.52 -5.95 68.27
C UNK DD 44 83.66 -6.93 68.51
N UNK DD 45 84.90 -6.46 68.53
CA UNK DD 45 86.04 -7.31 68.83
C UNK DD 45 86.25 -7.50 70.34
N UNK DD 46 85.38 -6.95 71.17
CA UNK DD 46 85.44 -7.18 72.60
C UNK DD 46 85.07 -8.63 72.90
N UNK DD 47 86.04 -9.41 73.36
CA UNK DD 47 85.85 -10.83 73.67
C UNK DD 47 86.21 -11.06 75.13
N UNK DD 48 85.32 -11.73 75.86
CA UNK DD 48 85.52 -11.94 77.28
C UNK DD 48 85.82 -13.41 77.61
N ILE ED 862 31.86 51.38 -29.52
CA ILE ED 862 31.23 51.91 -28.32
C ILE ED 862 30.65 53.30 -28.59
N ILE ED 863 29.34 53.42 -28.44
CA ILE ED 863 28.64 54.70 -28.50
C ILE ED 863 28.06 54.98 -27.13
N LYS ED 864 28.36 56.16 -26.59
CA LYS ED 864 27.94 56.49 -25.24
C LYS ED 864 26.42 56.72 -25.20
N THR ED 865 25.87 56.58 -23.99
CA THR ED 865 24.44 56.68 -23.74
C THR ED 865 23.94 58.10 -24.01
N GLY ED 866 22.78 58.20 -24.65
CA GLY ED 866 22.07 59.46 -24.81
C GLY ED 866 22.75 60.54 -25.63
N ASP ED 867 23.23 60.19 -26.82
CA ASP ED 867 23.88 61.16 -27.68
C ASP ED 867 22.93 61.58 -28.80
N ILE ED 868 23.41 62.48 -29.65
CA ILE ED 868 22.60 63.15 -30.66
C ILE ED 868 23.21 62.89 -32.03
N MET ED 869 22.40 62.40 -32.95
CA MET ED 869 22.83 62.27 -34.34
C MET ED 869 21.73 62.83 -35.25
N PHE ED 870 22.00 62.86 -36.55
CA PHE ED 870 21.02 63.32 -37.52
C PHE ED 870 20.98 62.35 -38.70
N ALA ED 871 19.77 62.19 -39.24
CA ALA ED 871 19.51 61.23 -40.29
C ALA ED 871 18.51 61.84 -41.26
N VAL ED 872 18.02 61.02 -42.20
CA VAL ED 872 17.11 61.47 -43.24
C VAL ED 872 15.94 60.50 -43.33
N LEU ED 873 14.72 61.01 -43.19
CA LEU ED 873 13.51 60.23 -43.41
C LEU ED 873 13.05 60.42 -44.83
N ASP ED 874 12.69 59.32 -45.48
CA ASP ED 874 12.28 59.40 -46.88
C ASP ED 874 10.91 58.78 -47.14
N THR ED 875 10.59 57.67 -46.48
CA THR ED 875 9.37 56.95 -46.80
C THR ED 875 8.22 57.49 -45.96
N SER ED 876 7.24 58.09 -46.62
CA SER ED 876 6.13 58.71 -45.91
C SER ED 876 5.18 57.66 -45.38
N VAL ED 877 4.71 57.90 -44.16
CA VAL ED 877 3.74 57.02 -43.50
C VAL ED 877 2.78 57.91 -42.72
N ASN ED 878 1.54 57.47 -42.62
CA ASN ED 878 0.52 58.17 -41.86
C ASN ED 878 0.22 57.41 -40.58
N SER ED 879 -0.29 58.14 -39.58
CA SER ED 879 -0.63 57.55 -38.29
C SER ED 879 -1.97 56.83 -38.32
N ASP ED 880 -2.13 55.91 -39.24
CA ASP ED 880 -3.31 55.06 -39.31
C ASP ED 880 -2.96 53.59 -39.49
N GLU ED 881 -1.91 53.29 -40.25
CA GLU ED 881 -1.51 51.91 -40.50
C GLU ED 881 -0.06 51.73 -40.08
N PRO ED 882 0.24 50.82 -39.15
CA PRO ED 882 1.63 50.54 -38.81
C PRO ED 882 2.40 49.94 -39.97
N GLY ED 883 3.66 50.30 -40.06
CA GLY ED 883 4.49 49.85 -41.15
C GLY ED 883 5.96 50.17 -40.94
N PRO ED 884 6.82 49.53 -41.72
CA PRO ED 884 8.25 49.82 -41.61
C PRO ED 884 8.62 51.15 -42.25
N ILE ED 885 9.49 51.88 -41.59
CA ILE ED 885 10.07 53.11 -42.11
C ILE ED 885 11.58 53.04 -41.92
N LEU ED 886 12.33 53.40 -42.95
CA LEU ED 886 13.78 53.39 -42.89
C LEU ED 886 14.33 54.79 -43.00
N ALA ED 887 15.27 55.12 -42.12
CA ALA ED 887 16.06 56.34 -42.19
C ALA ED 887 17.52 55.96 -42.38
N THR ED 888 18.34 56.95 -42.73
CA THR ED 888 19.76 56.72 -43.00
C THR ED 888 20.59 57.75 -42.27
N ILE ED 889 21.47 57.29 -41.39
CA ILE ED 889 22.32 58.16 -40.61
C ILE ED 889 23.35 58.82 -41.52
N VAL ED 890 23.44 60.14 -41.45
CA VAL ED 890 24.25 60.90 -42.39
C VAL ED 890 25.46 61.56 -41.74
N THR ED 891 25.42 61.84 -40.45
CA THR ED 891 26.51 62.58 -39.83
C THR ED 891 27.17 61.78 -38.72
N GLY ED 892 28.22 62.35 -38.12
CA GLY ED 892 28.86 61.69 -37.01
C GLY ED 892 29.68 60.49 -37.46
N LYS ED 893 29.86 59.55 -36.52
CA LYS ED 893 30.70 58.39 -36.76
C LYS ED 893 30.10 57.42 -37.77
N LEU ED 894 28.85 57.01 -37.55
CA LEU ED 894 28.23 56.03 -38.43
C LEU ED 894 27.60 56.72 -39.63
N LYS ED 895 28.22 56.56 -40.79
CA LYS ED 895 27.74 57.14 -42.03
C LYS ED 895 27.31 56.00 -42.93
N GLY ED 896 26.15 56.15 -43.56
CA GLY ED 896 25.58 55.07 -44.35
C GLY ED 896 24.87 54.01 -43.54
N SER ED 897 24.76 54.20 -42.23
CA SER ED 897 24.02 53.26 -41.40
C SER ED 897 22.53 53.41 -41.67
N LYS ED 898 21.82 52.29 -41.71
CA LYS ED 898 20.40 52.32 -41.98
C LYS ED 898 19.64 51.96 -40.71
N LEU ED 899 18.38 52.41 -40.64
CA LEU ED 899 17.62 52.32 -39.41
C LEU ED 899 16.15 52.05 -39.75
N ILE ED 900 15.69 50.85 -39.42
CA ILE ED 900 14.33 50.39 -39.69
C ILE ED 900 13.53 50.47 -38.39
N GLY ED 901 12.32 51.03 -38.47
CA GLY ED 901 11.41 51.06 -37.35
C GLY ED 901 9.96 51.34 -37.71
N SER ED 902 9.21 51.91 -36.76
CA SER ED 902 7.79 52.19 -36.93
C SER ED 902 7.45 53.42 -36.08
N PHE ED 903 6.17 53.66 -35.85
CA PHE ED 903 5.74 54.87 -35.15
C PHE ED 903 4.93 54.53 -33.91
N ASN ED 904 4.43 55.58 -33.26
CA ASN ED 904 3.65 55.45 -32.04
C ASN ED 904 2.34 56.22 -32.22
N LEU ED 905 1.41 55.97 -31.31
CA LEU ED 905 0.16 56.70 -31.32
C LEU ED 905 -0.03 57.43 -29.99
N PRO ED 906 -0.19 58.75 -30.03
CA PRO ED 906 -0.47 59.50 -28.81
C PRO ED 906 -1.97 59.61 -28.54
N SER ED 907 -2.29 59.91 -27.28
CA SER ED 907 -3.69 60.13 -26.91
C SER ED 907 -4.22 61.43 -27.49
N ASN ED 908 -3.36 62.44 -27.61
CA ASN ED 908 -3.69 63.70 -28.24
C ASN ED 908 -2.65 64.00 -29.31
N ALA ED 909 -3.09 64.57 -30.43
CA ALA ED 909 -2.31 64.59 -31.66
C ALA ED 909 -1.37 65.78 -31.77
N ASP ED 910 -1.02 66.43 -30.67
CA ASP ED 910 -0.20 67.62 -30.74
C ASP ED 910 1.29 67.32 -30.95
N LYS ED 911 1.67 66.04 -30.95
CA LYS ED 911 3.03 65.64 -31.30
C LYS ED 911 2.97 64.22 -31.84
N MET ED 912 4.09 63.78 -32.39
CA MET ED 912 4.18 62.45 -32.99
C MET ED 912 5.64 62.04 -33.01
N VAL ED 913 5.91 60.78 -32.64
CA VAL ED 913 7.28 60.28 -32.56
C VAL ED 913 7.39 58.94 -33.29
N ILE ED 914 8.63 58.60 -33.65
CA ILE ED 914 8.95 57.44 -34.47
C ILE ED 914 9.76 56.47 -33.62
N THR ED 915 9.32 55.22 -33.56
CA THR ED 915 10.08 54.19 -32.86
C THR ED 915 11.12 53.63 -33.80
N PHE ED 916 12.40 53.91 -33.52
CA PHE ED 916 13.50 53.45 -34.36
C PHE ED 916 14.39 52.53 -33.56
N ASN ED 917 14.44 51.26 -33.95
CA ASN ED 917 15.11 50.22 -33.17
C ASN ED 917 16.09 49.37 -33.97
N THR ED 918 15.82 49.11 -35.24
CA THR ED 918 16.60 48.15 -36.01
C THR ED 918 17.74 48.89 -36.70
N MET ED 919 18.94 48.79 -36.14
CA MET ED 919 20.09 49.55 -36.63
C MET ED 919 21.06 48.60 -37.35
N SER ED 920 21.32 48.88 -38.63
CA SER ED 920 22.24 48.07 -39.42
C SER ED 920 23.40 48.94 -39.91
N ILE ED 921 24.61 48.42 -39.75
CA ILE ED 921 25.83 49.11 -40.15
C ILE ED 921 26.33 48.46 -41.44
N PRO ED 922 26.65 49.24 -42.48
CA PRO ED 922 27.19 48.63 -43.71
C PRO ED 922 28.63 48.18 -43.55
N GLY ED 923 29.16 47.52 -44.59
CA GLY ED 923 30.48 46.94 -44.53
C GLY ED 923 30.45 45.49 -44.08
N ALA ED 924 30.20 45.27 -42.80
CA ALA ED 924 30.04 43.92 -42.26
C ALA ED 924 28.56 43.67 -42.01
N GLU ED 925 28.16 42.40 -42.17
CA GLU ED 925 26.77 42.00 -41.95
C GLU ED 925 26.51 41.94 -40.45
N LYS ED 926 26.33 43.11 -39.86
CA LYS ED 926 26.05 43.26 -38.43
C LYS ED 926 24.80 44.09 -38.26
N THR ED 927 24.06 43.81 -37.19
CA THR ED 927 22.79 44.51 -36.96
C THR ED 927 22.66 44.69 -35.45
N ILE ED 928 23.00 45.89 -34.97
CA ILE ED 928 22.83 46.20 -33.56
C ILE ED 928 21.37 46.53 -33.28
N SER ED 929 20.99 46.56 -32.02
CA SER ED 929 19.59 46.72 -31.68
C SER ED 929 19.37 47.90 -30.74
N ILE ED 930 19.93 49.05 -31.08
CA ILE ED 930 19.70 50.26 -30.30
C ILE ED 930 18.33 50.82 -30.69
N SER ED 931 17.47 51.01 -29.69
CA SER ED 931 16.14 51.52 -29.90
C SER ED 931 16.10 52.98 -29.44
N ALA ED 932 15.59 53.85 -30.30
CA ALA ED 932 15.55 55.27 -29.98
C ALA ED 932 14.42 55.93 -30.76
N TYR ED 933 14.25 57.22 -30.54
CA TYR ED 933 13.17 58.02 -31.11
C TYR ED 933 13.75 59.20 -31.87
N ALA ED 934 12.89 60.18 -32.17
CA ALA ED 934 13.26 61.31 -33.00
C ALA ED 934 13.08 62.63 -32.27
N ILE ED 935 13.88 63.62 -32.66
CA ILE ED 935 13.70 65.01 -32.26
C ILE ED 935 13.83 65.90 -33.49
N ASP ED 936 13.11 67.02 -33.48
CA ASP ED 936 12.88 67.80 -34.69
C ASP ED 936 14.13 68.57 -35.10
N PRO ED 937 14.60 68.41 -36.33
CA PRO ED 937 15.50 69.41 -36.91
C PRO ED 937 14.79 70.75 -37.05
N ASN ED 938 15.54 71.82 -36.76
CA ASN ED 938 15.13 73.22 -36.75
C ASN ED 938 14.00 73.55 -35.79
N THR ED 939 13.64 72.64 -34.87
CA THR ED 939 12.73 73.00 -33.78
C THR ED 939 13.25 72.49 -32.44
N ALA ED 940 13.93 71.34 -32.47
CA ALA ED 940 14.37 70.60 -31.29
C ALA ED 940 13.22 70.33 -30.33
N ARG ED 941 12.09 69.90 -30.91
CA ARG ED 941 10.89 69.61 -30.14
C ARG ED 941 10.34 68.25 -30.54
N THR ED 942 9.43 67.73 -29.73
CA THR ED 942 8.85 66.41 -29.97
C THR ED 942 7.68 66.44 -30.94
N ALA ED 943 7.28 67.62 -31.40
CA ALA ED 943 6.21 67.70 -32.39
C ALA ED 943 6.72 67.24 -33.75
N LEU ED 944 5.76 66.98 -34.65
CA LEU ED 944 6.06 66.46 -35.97
C LEU ED 944 5.70 67.48 -37.04
N ALA ED 945 6.42 67.42 -38.15
CA ALA ED 945 6.13 68.26 -39.32
C ALA ED 945 4.86 67.73 -39.99
N SER ED 946 3.72 68.16 -39.46
CA SER ED 946 2.42 67.67 -39.90
C SER ED 946 1.39 68.76 -39.65
N ARG ED 947 0.13 68.43 -39.94
CA ARG ED 947 -1.01 69.27 -39.64
C ARG ED 947 -1.96 68.55 -38.69
N THR ED 948 -2.86 69.30 -38.08
CA THR ED 948 -3.74 68.73 -37.07
C THR ED 948 -5.19 69.19 -37.15
N ASN ED 949 -5.57 70.00 -38.13
CA ASN ED 949 -6.95 70.46 -38.27
C ASN ED 949 -7.70 69.62 -39.29
N HIS ED 950 -7.45 68.30 -39.29
CA HIS ED 950 -7.77 67.42 -40.42
C HIS ED 950 -9.26 67.29 -40.66
N HIS ED 951 -10.03 66.93 -39.64
CA HIS ED 951 -11.45 66.71 -39.84
C HIS ED 951 -12.26 67.31 -38.71
N TYR ED 952 -11.90 68.51 -38.27
CA TYR ED 952 -12.75 69.23 -37.32
C TYR ED 952 -14.01 69.75 -37.99
N LEU ED 953 -13.81 70.46 -39.10
CA LEU ED 953 -14.91 71.16 -39.75
C LEU ED 953 -15.91 70.22 -40.39
N MET ED 954 -15.43 69.06 -40.88
CA MET ED 954 -16.32 68.09 -41.52
C MET ED 954 -17.35 67.54 -40.54
N ARG ED 955 -16.88 67.04 -39.40
CA ARG ED 955 -17.80 66.50 -38.42
C ARG ED 955 -18.66 67.57 -37.78
N TYR ED 956 -18.10 68.78 -37.55
CA TYR ED 956 -18.88 69.87 -36.98
C TYR ED 956 -20.03 70.29 -37.89
N GLY ED 957 -19.72 70.48 -39.18
CA GLY ED 957 -20.74 70.91 -40.12
C GLY ED 957 -21.78 69.84 -40.37
N SER ED 958 -21.36 68.56 -40.45
CA SER ED 958 -22.32 67.49 -40.66
C SER ED 958 -23.29 67.36 -39.49
N LEU ED 959 -22.75 67.45 -38.26
CA LEU ED 959 -23.58 67.36 -37.06
C LEU ED 959 -24.59 68.51 -37.00
N PHE ED 960 -24.11 69.74 -37.18
CA PHE ED 960 -24.98 70.88 -37.02
C PHE ED 960 -26.00 70.98 -38.15
N ALA ED 961 -25.63 70.55 -39.35
CA ALA ED 961 -26.58 70.56 -40.45
C ALA ED 961 -27.68 69.53 -40.27
N SER ED 962 -27.32 68.33 -39.78
CA SER ED 962 -28.33 67.30 -39.53
C SER ED 962 -29.31 67.74 -38.46
N SER ED 963 -28.79 68.34 -37.39
CA SER ED 963 -29.66 68.85 -36.33
C SER ED 963 -30.57 69.97 -36.82
N PHE ED 964 -30.03 70.88 -37.63
CA PHE ED 964 -30.83 71.97 -38.19
C PHE ED 964 -31.95 71.43 -39.09
N LEU ED 965 -31.65 70.38 -39.84
CA LEU ED 965 -32.67 69.76 -40.69
C LEU ED 965 -33.80 69.17 -39.87
N GLN ED 966 -33.43 68.45 -38.80
CA GLN ED 966 -34.41 67.90 -37.86
C GLN ED 966 -35.35 68.98 -37.33
N GLY ED 967 -34.76 70.08 -36.85
CA GLY ED 967 -35.55 71.15 -36.29
C GLY ED 967 -36.45 71.81 -37.31
N PHE ED 968 -35.95 71.94 -38.55
CA PHE ED 968 -36.71 72.62 -39.60
C PHE ED 968 -37.97 71.87 -39.92
N GLY ED 969 -37.84 70.56 -40.14
CA GLY ED 969 -39.00 69.77 -40.44
C GLY ED 969 -40.00 69.72 -39.32
N ASN ED 970 -39.54 69.48 -38.09
CA ASN ED 970 -40.51 69.31 -37.01
C ASN ED 970 -41.22 70.61 -36.64
N ALA ED 971 -40.47 71.72 -36.53
CA ALA ED 971 -41.12 72.96 -36.09
C ALA ED 971 -41.98 73.56 -37.19
N PHE ED 972 -41.54 73.48 -38.44
CA PHE ED 972 -42.36 74.04 -39.49
C PHE ED 972 -43.53 73.14 -39.85
N GLN ED 973 -43.52 71.86 -39.42
CA GLN ED 973 -44.76 71.10 -39.49
C GLN ED 973 -45.69 71.45 -38.34
N SER ED 974 -45.13 71.70 -37.16
CA SER ED 974 -45.96 71.95 -35.99
C SER ED 974 -46.63 73.32 -36.08
N ALA ED 975 -46.00 74.29 -36.74
CA ALA ED 975 -46.52 75.65 -36.76
C ALA ED 975 -47.50 75.91 -37.90
N ASN ED 976 -48.11 74.86 -38.48
CA ASN ED 976 -49.08 75.05 -39.55
C ASN ED 976 -50.41 75.57 -39.02
N THR ED 977 -50.75 75.26 -37.76
CA THR ED 977 -52.01 75.72 -37.21
C THR ED 977 -51.95 77.20 -36.86
N THR ED 978 -50.91 77.62 -36.14
CA THR ED 978 -50.82 78.99 -35.67
C THR ED 978 -50.21 79.91 -36.71
N SER ED 999 -47.51 74.23 -50.63
CA SER ED 999 -47.17 72.83 -50.82
C SER ED 999 -45.66 72.66 -50.76
N THR ED 1000 -44.95 73.59 -51.40
CA THR ED 1000 -43.49 73.54 -51.43
C THR ED 1000 -42.90 73.77 -50.05
N LEU ED 1001 -43.56 74.58 -49.22
CA LEU ED 1001 -43.16 74.72 -47.83
C LEU ED 1001 -43.29 73.40 -47.10
N GLU ED 1002 -44.38 72.67 -47.38
CA GLU ED 1002 -44.55 71.34 -46.81
C GLU ED 1002 -43.48 70.39 -47.31
N ASN ED 1003 -43.03 70.56 -48.55
CA ASN ED 1003 -41.96 69.71 -49.06
C ASN ED 1003 -40.62 70.03 -48.41
N ALA ED 1004 -40.40 71.30 -48.07
CA ALA ED 1004 -39.21 71.66 -47.29
C ALA ED 1004 -39.24 71.02 -45.91
N VAL ED 1005 -40.41 71.05 -45.28
CA VAL ED 1005 -40.67 70.34 -44.03
C VAL ED 1005 -40.33 68.87 -44.17
N ILE ED 1006 -40.82 68.27 -45.26
CA ILE ED 1006 -40.66 66.85 -45.57
C ILE ED 1006 -39.18 66.48 -45.62
N GLY ED 1007 -38.42 67.25 -46.40
CA GLY ED 1007 -37.07 66.87 -46.71
C GLY ED 1007 -36.19 66.99 -45.51
N LEU ED 1008 -36.24 68.15 -44.85
CA LEU ED 1008 -35.33 68.37 -43.74
C LEU ED 1008 -35.74 67.54 -42.54
N ALA ED 1009 -37.06 67.34 -42.36
CA ALA ED 1009 -37.62 66.49 -41.32
C ALA ED 1009 -37.05 65.10 -41.34
N THR ED 1010 -37.08 64.44 -42.49
CA THR ED 1010 -36.72 63.04 -42.41
C THR ED 1010 -35.29 62.74 -42.85
N VAL ED 1011 -34.63 63.64 -43.59
CA VAL ED 1011 -33.20 63.43 -43.76
C VAL ED 1011 -32.39 63.96 -42.58
N GLY ED 1012 -33.02 64.68 -41.63
CA GLY ED 1012 -32.28 65.09 -40.46
C GLY ED 1012 -31.88 63.93 -39.56
N LYS ED 1013 -32.81 62.99 -39.34
CA LYS ED 1013 -32.67 62.04 -38.25
C LYS ED 1013 -31.59 60.99 -38.53
N ALA ED 1014 -31.61 60.39 -39.72
CA ALA ED 1014 -30.65 59.34 -40.04
C ALA ED 1014 -29.24 59.92 -40.17
N TRP ED 1015 -29.13 61.09 -40.77
CA TRP ED 1015 -27.85 61.79 -40.83
C TRP ED 1015 -27.37 62.18 -39.44
N SER ED 1016 -28.29 62.52 -38.54
CA SER ED 1016 -27.90 62.90 -37.19
C SER ED 1016 -27.36 61.70 -36.41
N GLN ED 1017 -28.02 60.55 -36.53
CA GLN ED 1017 -27.50 59.39 -35.79
C GLN ED 1017 -26.23 58.86 -36.44
N GLN ED 1018 -26.06 59.02 -37.76
CA GLN ED 1018 -24.78 58.66 -38.36
C GLN ED 1018 -23.68 59.62 -37.93
N ALA ED 1019 -24.01 60.90 -37.74
CA ALA ED 1019 -23.02 61.85 -37.25
C ALA ED 1019 -22.63 61.54 -35.82
N GLN ED 1020 -23.59 61.11 -35.00
CA GLN ED 1020 -23.28 60.65 -33.66
C GLN ED 1020 -22.44 59.39 -33.70
N GLN ED 1021 -22.62 58.57 -34.73
CA GLN ED 1021 -21.80 57.38 -34.89
C GLN ED 1021 -20.35 57.74 -35.20
N LEU ED 1022 -20.11 58.60 -36.20
CA LEU ED 1022 -18.76 58.79 -36.71
C LEU ED 1022 -18.11 60.10 -36.28
N PHE ED 1023 -18.70 60.81 -35.32
CA PHE ED 1023 -18.16 62.10 -34.92
C PHE ED 1023 -16.83 61.97 -34.20
N ASN ED 1024 -16.64 60.89 -33.47
CA ASN ED 1024 -15.52 60.76 -32.55
C ASN ED 1024 -14.20 60.37 -33.21
N THR ED 1025 -14.09 60.51 -34.52
CA THR ED 1025 -12.88 60.09 -35.22
C THR ED 1025 -11.75 61.08 -34.95
N PRO ED 1026 -10.59 60.62 -34.48
CA PRO ED 1026 -9.50 61.54 -34.13
C PRO ED 1026 -8.83 62.10 -35.38
N THR ED 1027 -8.15 63.23 -35.19
CA THR ED 1027 -7.37 63.85 -36.26
C THR ED 1027 -5.99 63.21 -36.29
N THR ED 1028 -5.62 62.71 -37.46
CA THR ED 1028 -4.38 61.98 -37.64
C THR ED 1028 -3.19 62.93 -37.73
N VAL ED 1029 -2.00 62.33 -37.85
CA VAL ED 1029 -0.79 63.03 -38.22
C VAL ED 1029 -0.07 62.20 -39.27
N GLU ED 1030 0.86 62.84 -39.98
CA GLU ED 1030 1.57 62.18 -41.06
C GLU ED 1030 2.99 62.69 -41.14
N VAL ED 1031 3.96 61.78 -41.29
CA VAL ED 1031 5.33 62.21 -41.50
C VAL ED 1031 5.52 62.61 -42.96
N TYR ED 1032 6.63 63.29 -43.22
CA TYR ED 1032 6.90 63.81 -44.55
C TYR ED 1032 7.77 62.85 -45.34
N SER ED 1033 7.74 63.01 -46.66
CA SER ED 1033 8.48 62.14 -47.55
C SER ED 1033 9.84 62.68 -47.93
N GLY ED 1034 10.24 63.85 -47.43
CA GLY ED 1034 11.53 64.39 -47.81
C GLY ED 1034 12.24 65.17 -46.73
N THR ED 1035 11.86 64.98 -45.48
CA THR ED 1035 12.42 65.77 -44.39
C THR ED 1035 13.36 64.89 -43.56
N GLY ED 1036 14.55 65.40 -43.30
CA GLY ED 1036 15.49 64.74 -42.43
C GLY ED 1036 15.06 64.87 -40.98
N LEU ED 1037 15.86 64.28 -40.10
CA LEU ED 1037 15.46 64.18 -38.71
C LEU ED 1037 16.68 64.20 -37.81
N GLY ED 1038 16.44 64.46 -36.52
CA GLY ED 1038 17.44 64.32 -35.49
C GLY ED 1038 17.02 63.24 -34.49
N ILE ED 1039 18.02 62.55 -33.93
CA ILE ED 1039 17.79 61.38 -33.09
C ILE ED 1039 18.53 61.56 -31.77
N LEU ED 1040 17.79 61.45 -30.68
CA LEU ED 1040 18.33 61.31 -29.34
C LEU ED 1040 18.38 59.84 -28.96
N PHE ED 1041 19.48 59.42 -28.36
CA PHE ED 1041 19.70 58.01 -28.08
C PHE ED 1041 19.22 57.63 -26.69
N THR ED 1042 19.06 56.33 -26.49
CA THR ED 1042 18.54 55.77 -25.24
C THR ED 1042 19.54 54.89 -24.51
N GLN ED 1043 20.22 53.97 -25.21
CA GLN ED 1043 21.21 53.11 -24.59
C GLN ED 1043 22.48 53.06 -25.43
N ASP ED 1044 23.44 52.26 -24.99
CA ASP ED 1044 24.72 52.11 -25.67
C ASP ED 1044 24.71 50.91 -26.59
N VAL ED 1045 25.80 50.74 -27.35
CA VAL ED 1045 26.05 49.57 -28.16
C VAL ED 1045 27.52 49.18 -28.01
N THR ED 1046 27.92 48.11 -28.70
CA THR ED 1046 29.30 47.66 -28.66
C THR ED 1046 30.19 48.59 -29.47
N ARG FD 207 106.39 34.24 -8.86
CA ARG FD 207 106.76 33.01 -9.55
C ARG FD 207 105.68 31.95 -9.35
N ILE FD 208 105.40 31.17 -10.39
CA ILE FD 208 104.36 30.15 -10.29
C ILE FD 208 104.93 28.93 -9.58
N ILE FD 209 104.28 28.54 -8.48
CA ILE FD 209 104.71 27.40 -7.69
C ILE FD 209 103.65 26.32 -7.77
N TYR FD 210 103.98 25.14 -7.24
CA TYR FD 210 103.05 24.03 -7.21
C TYR FD 210 103.11 23.36 -5.85
N TYR FD 211 102.01 22.72 -5.49
CA TYR FD 211 101.91 21.96 -4.27
C TYR FD 211 101.35 20.59 -4.59
N ILE FD 212 101.88 19.57 -3.90
CA ILE FD 212 101.34 18.23 -4.05
C ILE FD 212 99.96 18.18 -3.42
N GLN FD 213 98.96 17.83 -4.22
CA GLN FD 213 97.62 17.60 -3.73
C GLN FD 213 97.30 16.12 -3.61
N ALA FD 214 97.70 15.33 -4.61
CA ALA FD 214 97.52 13.89 -4.57
C ALA FD 214 98.84 13.22 -4.91
N VAL FD 215 99.23 12.25 -4.10
CA VAL FD 215 100.40 11.41 -4.37
C VAL FD 215 99.91 9.98 -4.49
N ILE FD 216 100.21 9.35 -5.62
CA ILE FD 216 99.83 7.95 -5.86
C ILE FD 216 100.95 7.27 -6.62
N PRO FD 217 101.07 5.95 -6.47
CA PRO FD 217 102.08 5.23 -7.25
C PRO FD 217 101.70 5.14 -8.72
N GLY FD 218 102.33 5.95 -9.57
CA GLY FD 218 102.09 5.97 -10.99
C GLY FD 218 101.68 7.32 -11.54
N ARG FD 219 100.99 8.13 -10.72
CA ARG FD 219 100.50 9.42 -11.16
C ARG FD 219 100.78 10.48 -10.09
N ALA FD 220 100.74 11.75 -10.49
CA ALA FD 220 100.99 12.83 -9.54
C ALA FD 220 100.07 14.01 -9.86
N TRP FD 221 99.72 14.76 -8.82
CA TRP FD 221 98.84 15.91 -8.95
C TRP FD 221 99.44 17.13 -8.27
N LEU FD 222 99.56 18.22 -9.04
CA LEU FD 222 100.02 19.49 -8.51
C LEU FD 222 98.98 20.56 -8.80
N ILE FD 223 99.00 21.63 -8.02
CA ILE FD 223 98.11 22.76 -8.22
C ILE FD 223 98.96 24.02 -8.30
N GLY FD 224 98.79 24.79 -9.38
CA GLY FD 224 99.52 26.03 -9.52
C GLY FD 224 99.02 27.11 -8.57
N SER FD 225 99.90 28.08 -8.34
CA SER FD 225 99.55 29.22 -7.49
C SER FD 225 98.57 30.17 -8.17
N ASN FD 226 98.41 30.08 -9.49
CA ASN FD 226 97.44 30.87 -10.22
C ASN FD 226 96.05 30.25 -10.19
N GLY FD 227 95.88 29.10 -9.56
CA GLY FD 227 94.59 28.45 -9.43
C GLY FD 227 94.35 27.27 -10.35
N SER FD 228 95.22 27.05 -11.33
CA SER FD 228 95.06 25.95 -12.27
C SER FD 228 95.91 24.77 -11.80
N THR FD 229 95.28 23.60 -11.73
CA THR FD 229 95.97 22.37 -11.33
C THR FD 229 96.28 21.53 -12.57
N LEU FD 230 97.12 20.53 -12.36
CA LEU FD 230 97.55 19.64 -13.44
C LEU FD 230 97.98 18.32 -12.84
N THR FD 231 98.09 17.33 -13.71
CA THR FD 231 98.60 16.02 -13.35
C THR FD 231 99.81 15.70 -14.20
N VAL FD 232 100.70 14.87 -13.64
CA VAL FD 232 101.99 14.59 -14.25
C VAL FD 232 102.36 13.14 -13.98
N ARG FD 233 103.35 12.65 -14.73
CA ARG FD 233 103.90 11.33 -14.56
C ARG FD 233 105.37 11.47 -14.14
N GLU FD 234 106.07 10.34 -14.09
CA GLU FD 234 107.46 10.32 -13.62
C GLU FD 234 108.39 11.12 -14.51
N GLY FD 235 108.27 10.95 -15.83
CA GLY FD 235 109.03 11.78 -16.75
C GLY FD 235 108.13 12.68 -17.57
N SER FD 236 108.15 13.98 -17.29
CA SER FD 236 107.22 14.90 -17.93
C SER FD 236 107.78 16.30 -17.87
N LYS FD 237 107.30 17.15 -18.79
CA LYS FD 237 107.76 18.52 -18.91
C LYS FD 237 106.74 19.45 -18.25
N ILE FD 238 107.18 20.17 -17.24
CA ILE FD 238 106.35 21.13 -16.52
C ILE FD 238 106.88 22.52 -16.82
N PRO FD 239 106.06 23.43 -17.33
CA PRO FD 239 106.52 24.81 -17.53
C PRO FD 239 106.69 25.52 -16.19
N GLY FD 240 107.82 26.22 -16.06
CA GLY FD 240 108.18 26.87 -14.83
C GLY FD 240 109.05 26.07 -13.90
N TYR FD 241 109.19 24.76 -14.11
CA TYR FD 241 110.06 23.96 -13.26
C TYR FD 241 111.03 23.09 -14.06
N GLY FD 242 110.60 22.60 -15.22
CA GLY FD 242 111.51 21.87 -16.07
C GLY FD 242 111.07 20.47 -16.43
N MET FD 243 111.87 19.47 -16.07
CA MET FD 243 111.58 18.07 -16.39
C MET FD 243 111.62 17.27 -15.10
N VAL FD 244 110.53 16.58 -14.79
CA VAL FD 244 110.54 15.72 -13.62
C VAL FD 244 111.22 14.42 -13.97
N LYS FD 245 112.10 13.96 -13.09
CA LYS FD 245 112.90 12.77 -13.33
C LYS FD 245 112.80 11.84 -12.13
N LEU FD 246 112.59 12.41 -10.95
CA LEU FD 246 112.59 11.66 -9.70
C LEU FD 246 111.27 11.93 -8.99
N ILE FD 247 110.41 10.91 -8.91
CA ILE FD 247 109.16 10.99 -8.18
C ILE FD 247 109.03 9.74 -7.32
N ASP FD 248 108.85 9.93 -6.02
CA ASP FD 248 108.75 8.83 -5.07
C ASP FD 248 107.29 8.56 -4.72
N SER FD 249 106.98 7.28 -4.48
CA SER FD 249 105.65 6.90 -4.01
C SER FD 249 105.42 7.42 -2.60
N LEU FD 250 106.44 7.36 -1.74
CA LEU FD 250 106.34 7.82 -0.38
C LEU FD 250 107.12 9.12 -0.21
N GLN FD 251 107.08 9.65 1.02
CA GLN FD 251 107.77 10.85 1.52
C GLN FD 251 107.29 12.14 0.86
N GLY FD 252 106.32 12.09 -0.06
CA GLY FD 252 105.63 13.26 -0.56
C GLY FD 252 106.46 14.32 -1.27
N ARG FD 253 107.34 13.92 -2.19
CA ARG FD 253 108.20 14.89 -2.86
C ARG FD 253 108.24 14.60 -4.36
N ILE FD 254 108.43 15.67 -5.13
CA ILE FD 254 108.60 15.58 -6.58
C ILE FD 254 109.83 16.40 -6.95
N LEU FD 255 110.76 15.80 -7.67
CA LEU FD 255 112.01 16.45 -8.03
C LEU FD 255 112.05 16.76 -9.52
N THR FD 256 112.71 17.87 -9.87
CA THR FD 256 112.72 18.37 -11.24
C THR FD 256 114.13 18.32 -11.83
N SER FD 257 114.23 18.73 -13.10
CA SER FD 257 115.50 18.77 -13.81
C SER FD 257 116.42 19.84 -13.25
N SER FD 258 115.86 20.93 -12.75
CA SER FD 258 116.63 21.95 -12.07
C SER FD 258 116.87 21.64 -10.61
N GLY FD 259 116.56 20.42 -10.17
CA GLY FD 259 116.72 20.05 -8.78
C GLY FD 259 115.66 20.59 -7.86
N GLN FD 260 114.62 21.21 -8.41
CA GLN FD 260 113.58 21.81 -7.59
C GLN FD 260 112.70 20.73 -6.96
N VAL FD 261 112.27 20.99 -5.72
CA VAL FD 261 111.49 20.06 -4.93
C VAL FD 261 110.10 20.64 -4.74
N ILE FD 262 109.08 19.86 -5.08
CA ILE FD 262 107.69 20.26 -4.92
C ILE FD 262 107.04 19.29 -3.94
N LYS FD 263 106.38 19.84 -2.93
CA LYS FD 263 105.76 19.02 -1.90
C LYS FD 263 104.52 19.74 -1.39
N PHE FD 264 103.94 19.20 -0.34
CA PHE FD 264 102.89 19.90 0.39
C PHE FD 264 103.47 21.15 1.06
N SER FD 265 102.62 22.15 1.25
CA SER FD 265 103.07 23.37 1.89
C SER FD 265 103.27 23.16 3.38
N GLN FD 266 103.90 24.15 4.02
CA GLN FD 266 104.16 24.07 5.45
C GLN FD 266 102.86 24.14 6.26
N GLU FD 267 101.93 24.99 5.84
CA GLU FD 267 100.64 25.08 6.53
C GLU FD 267 99.67 24.00 6.09
N ASP FD 268 99.94 23.30 4.99
CA ASP FD 268 99.11 22.21 4.53
C ASP FD 268 99.89 20.92 4.73
N SER FD 269 99.79 20.35 5.93
CA SER FD 269 100.48 19.11 6.24
C SER FD 269 99.75 18.32 7.32
N GLN GD 791 113.35 -26.77 24.30
CA GLN GD 791 113.66 -25.65 23.43
C GLN GD 791 112.48 -25.38 22.50
N GLN GD 792 111.26 -25.62 23.00
CA GLN GD 792 110.05 -25.38 22.24
C GLN GD 792 109.28 -24.17 22.75
N GLU GD 793 109.94 -23.37 23.60
CA GLU GD 793 109.42 -22.08 24.02
C GLU GD 793 109.19 -21.17 22.81
N ILE GD 794 110.08 -21.27 21.81
CA ILE GD 794 109.92 -20.58 20.53
C ILE GD 794 108.60 -20.98 19.88
N GLN GD 795 108.27 -22.27 19.91
CA GLN GD 795 107.08 -22.77 19.24
C GLN GD 795 105.81 -22.29 19.92
N GLN GD 796 105.76 -22.41 21.26
CA GLN GD 796 104.55 -21.97 21.95
C GLN GD 796 104.41 -20.45 21.95
N ARG GD 797 105.53 -19.73 22.00
CA ARG GD 797 105.51 -18.27 21.91
C ARG GD 797 105.00 -17.82 20.55
N THR GD 798 105.44 -18.50 19.49
CA THR GD 798 104.97 -18.20 18.15
C THR GD 798 103.48 -18.49 18.01
N SER GD 799 103.02 -19.58 18.63
CA SER GD 799 101.61 -19.96 18.53
C SER GD 799 100.70 -18.94 19.19
N ASP GD 800 100.98 -18.60 20.46
CA ASP GD 800 100.07 -17.68 21.14
C ASP GD 800 100.22 -16.26 20.64
N MET GD 801 101.42 -15.90 20.14
CA MET GD 801 101.59 -14.64 19.45
C MET GD 801 100.75 -14.58 18.19
N LEU GD 802 100.67 -15.70 17.47
CA LEU GD 802 99.84 -15.77 16.27
C LEU GD 802 98.36 -15.60 16.60
N THR GD 803 97.92 -16.22 17.69
CA THR GD 803 96.51 -16.10 18.08
C THR GD 803 96.15 -14.66 18.44
N ALA GD 804 96.98 -14.04 19.28
CA ALA GD 804 96.70 -12.66 19.70
C ALA GD 804 96.79 -11.70 18.52
N ALA GD 805 97.78 -11.90 17.65
CA ALA GD 805 97.94 -11.03 16.50
C ALA GD 805 96.79 -11.17 15.52
N THR GD 806 96.30 -12.40 15.32
CA THR GD 806 95.16 -12.63 14.45
C THR GD 806 93.91 -11.95 14.98
N GLN GD 807 93.70 -12.03 16.29
CA GLN GD 807 92.54 -11.37 16.91
C GLN GD 807 92.61 -9.86 16.74
N LEU GD 808 93.78 -9.26 17.01
CA LEU GD 808 93.83 -7.80 16.93
C LEU GD 808 93.82 -7.31 15.49
N VAL GD 809 94.37 -8.08 14.55
CA VAL GD 809 94.32 -7.62 13.17
C VAL GD 809 92.91 -7.79 12.61
N GLN GD 810 92.14 -8.76 13.12
CA GLN GD 810 90.75 -8.84 12.73
C GLN GD 810 89.94 -7.71 13.34
N ASP GD 811 90.33 -7.26 14.53
CA ASP GD 811 89.67 -6.08 15.08
C ASP GD 811 90.02 -4.82 14.31
N TRP GD 812 91.25 -4.73 13.80
CA TRP GD 812 91.62 -3.64 12.91
C TRP GD 812 90.85 -3.68 11.62
N LYS GD 813 90.53 -4.88 11.14
CA LYS GD 813 89.74 -5.03 9.91
C LYS GD 813 88.31 -4.50 10.07
N GLN GD 814 87.82 -4.38 11.29
CA GLN GD 814 86.46 -3.91 11.51
C GLN GD 814 86.34 -2.44 11.14
N VAL GD 815 85.37 -2.13 10.29
CA VAL GD 815 85.10 -0.76 9.88
C VAL GD 815 83.61 -0.63 9.61
N GLU GD 816 82.97 0.31 10.30
CA GLU GD 816 81.52 0.47 10.22
C GLU GD 816 81.17 1.61 9.29
N THR GD 817 79.90 2.00 9.31
CA THR GD 817 79.34 2.94 8.36
C THR GD 817 78.76 4.15 9.08
N GLN GD 818 78.44 5.16 8.29
CA GLN GD 818 77.90 6.42 8.78
C GLN GD 818 76.42 6.29 9.10
N VAL GD 819 75.84 7.38 9.59
CA VAL GD 819 74.42 7.44 9.88
C VAL GD 819 73.94 8.88 9.71
N TYR GD 820 72.90 9.06 8.90
CA TYR GD 820 72.23 10.36 8.77
C TYR GD 820 70.93 10.34 9.55
N THR GD 821 70.68 11.40 10.30
CA THR GD 821 69.43 11.54 11.04
C THR GD 821 68.86 12.93 10.78
N GLU GD 822 67.54 13.01 10.71
CA GLU GD 822 66.85 14.17 10.16
C GLU GD 822 65.80 14.65 11.14
N GLY GD 823 65.32 15.86 10.91
CA GLY GD 823 64.28 16.45 11.73
C GLY GD 823 63.32 17.26 10.89
N THR GD 824 62.07 17.31 11.35
CA THR GD 824 61.03 18.10 10.70
C THR GD 824 59.93 18.44 11.68
N ALA HD 104 96.32 -24.41 69.45
CA ALA HD 104 94.91 -24.76 69.27
C ALA HD 104 94.09 -23.54 68.88
N GLU HD 105 94.79 -22.44 68.61
CA GLU HD 105 94.12 -21.20 68.18
C GLU HD 105 94.83 -20.60 66.97
N VAL HD 106 96.13 -20.89 66.83
CA VAL HD 106 96.88 -20.41 65.68
C VAL HD 106 96.50 -21.15 64.42
N ILE HD 107 95.88 -22.32 64.56
CA ILE HD 107 95.30 -23.04 63.43
C ILE HD 107 94.24 -22.18 62.75
N ASP HD 108 93.41 -21.49 63.55
CA ASP HD 108 92.38 -20.60 63.02
C ASP HD 108 92.98 -19.43 62.25
N LYS HD 109 94.05 -18.83 62.79
CA LYS HD 109 94.65 -17.68 62.13
C LYS HD 109 95.36 -18.07 60.84
N LYS HD 110 96.06 -19.20 60.87
CA LYS HD 110 96.68 -19.72 59.65
C LYS HD 110 95.64 -20.05 58.60
N ALA HD 111 94.54 -20.67 59.02
CA ALA HD 111 93.48 -21.02 58.08
C ALA HD 111 92.82 -19.78 57.51
N PHE HD 112 92.64 -18.74 58.33
CA PHE HD 112 91.99 -17.52 57.85
C PHE HD 112 92.88 -16.76 56.87
N LYS HD 113 94.18 -16.68 57.14
CA LYS HD 113 95.03 -16.00 56.16
C LYS HD 113 95.20 -16.83 54.90
N ASP HD 114 95.19 -18.17 55.01
CA ASP HD 114 95.28 -18.99 53.81
C ASP HD 114 94.03 -18.88 52.95
N MET HD 115 92.84 -18.86 53.56
CA MET HD 115 91.65 -18.67 52.75
C MET HD 115 91.52 -17.24 52.24
N THR HD 116 92.14 -16.27 52.92
CA THR HD 116 92.24 -14.93 52.35
C THR HD 116 93.09 -14.92 51.09
N ARG HD 117 94.20 -15.66 51.13
CA ARG HD 117 95.05 -15.82 49.96
C ARG HD 117 94.31 -16.51 48.82
N ASN HD 118 93.50 -17.51 49.15
CA ASN HD 118 92.71 -18.18 48.13
C ASN HD 118 91.60 -17.27 47.60
N LEU HD 119 91.07 -16.40 48.46
CA LEU HD 119 89.95 -15.55 48.07
C LEU HD 119 90.38 -14.48 47.10
N TYR HD 120 91.33 -13.64 47.50
CA TYR HD 120 91.80 -12.56 46.64
C TYR HD 120 93.29 -12.76 46.40
N PRO HD 121 93.65 -13.57 45.40
CA PRO HD 121 95.07 -13.89 45.19
C PRO HD 121 95.86 -12.72 44.62
N LEU HD 122 95.20 -11.71 44.06
CA LEU HD 122 95.87 -10.55 43.52
C LEU HD 122 95.81 -9.41 44.52
N ASN HD 123 96.95 -8.77 44.74
CA ASN HD 123 97.01 -7.66 45.67
C ASN HD 123 96.33 -6.43 45.06
N PRO HD 124 95.84 -5.51 45.90
CA PRO HD 124 95.28 -4.26 45.36
C PRO HD 124 96.25 -3.43 44.54
N GLU HD 125 97.53 -3.41 44.95
CA GLU HD 125 98.54 -2.74 44.14
C GLU HD 125 98.75 -3.46 42.82
N GLN HD 126 98.63 -4.80 42.82
CA GLN HD 126 98.71 -5.55 41.57
C GLN HD 126 97.52 -5.24 40.68
N VAL HD 127 96.35 -5.01 41.28
CA VAL HD 127 95.16 -4.59 40.53
C VAL HD 127 95.41 -3.25 39.87
N VAL HD 128 96.01 -2.32 40.62
CA VAL HD 128 96.33 -1.00 40.09
C VAL HD 128 97.33 -1.10 38.94
N LYS HD 129 98.35 -1.94 39.12
CA LYS HD 129 99.36 -2.14 38.08
C LYS HD 129 98.75 -2.77 36.83
N LEU HD 130 97.86 -3.74 37.01
CA LEU HD 130 97.19 -4.37 35.88
C LEU HD 130 96.28 -3.38 35.16
N LYS HD 131 95.62 -2.52 35.93
CA LYS HD 131 94.76 -1.49 35.35
C LYS HD 131 95.56 -0.52 34.48
N GLN HD 132 96.72 -0.10 34.98
CA GLN HD 132 97.58 0.79 34.20
C GLN HD 132 98.17 0.09 32.99
N ILE HD 133 98.51 -1.19 33.13
CA ILE HD 133 99.03 -1.97 32.02
C ILE HD 133 97.99 -2.13 30.93
N TYR HD 134 96.75 -2.39 31.33
CA TYR HD 134 95.63 -2.49 30.41
C TYR HD 134 95.38 -1.17 29.71
N GLU HD 135 95.54 -0.05 30.44
CA GLU HD 135 95.40 1.27 29.85
C GLU HD 135 96.46 1.51 28.79
N THR HD 136 97.71 1.12 29.08
CA THR HD 136 98.79 1.29 28.11
C THR HD 136 98.56 0.44 26.88
N SER HD 137 98.02 -0.77 27.07
CA SER HD 137 97.72 -1.64 25.94
C SER HD 137 96.61 -1.05 25.08
N GLU HD 138 95.60 -0.45 25.72
CA GLU HD 138 94.52 0.17 24.97
C GLU HD 138 95.03 1.35 24.17
N TYR HD 139 95.92 2.15 24.76
CA TYR HD 139 96.53 3.25 24.03
C TYR HD 139 97.42 2.75 22.91
N ALA HD 140 98.09 1.61 23.13
CA ALA HD 140 98.96 1.03 22.10
C ALA HD 140 98.17 0.57 20.90
N LYS HD 141 97.06 -0.11 21.13
CA LYS HD 141 96.24 -0.54 20.01
C LYS HD 141 95.40 0.60 19.43
N ALA HD 142 95.23 1.70 20.16
CA ALA HD 142 94.47 2.83 19.67
C ALA HD 142 95.30 3.81 18.86
N ALA HD 143 96.60 3.88 19.13
CA ALA HD 143 97.46 4.81 18.41
C ALA HD 143 97.64 4.37 16.97
N THR HD 144 97.81 5.34 16.08
CA THR HD 144 98.00 5.03 14.68
C THR HD 144 99.39 5.43 14.23
N PRO HD 145 100.03 4.61 13.39
CA PRO HD 145 101.33 4.99 12.83
C PRO HD 145 101.21 6.15 11.87
N GLY HD 146 102.31 6.89 11.73
CA GLY HD 146 102.38 7.99 10.79
C GLY HD 146 101.71 9.25 11.30
N THR HD 147 101.90 10.31 10.55
CA THR HD 147 101.24 11.57 10.86
C THR HD 147 99.77 11.48 10.49
N PRO HD 148 98.86 11.81 11.40
CA PRO HD 148 97.46 11.99 11.01
C PRO HD 148 97.34 13.18 10.08
N PRO HD 149 96.42 13.13 9.12
CA PRO HD 149 96.28 14.24 8.17
C PRO HD 149 95.69 15.46 8.83
N LYS HD 150 95.98 16.61 8.23
CA LYS HD 150 95.51 17.87 8.79
C LYS HD 150 94.05 18.10 8.43
N PRO HD 151 93.19 18.38 9.42
CA PRO HD 151 91.78 18.71 9.11
C PRO HD 151 91.66 20.02 8.35
N THR HD 152 91.25 19.94 7.09
CA THR HD 152 91.31 21.07 6.17
C THR HD 152 89.95 21.29 5.50
N ALA HD 153 89.62 22.56 5.29
CA ALA HD 153 88.42 22.96 4.55
C ALA HD 153 88.83 23.73 3.30
N THR HD 154 88.19 23.45 2.16
CA THR HD 154 88.63 23.96 0.88
C THR HD 154 87.45 24.51 0.06
N SER HD 155 87.79 25.31 -0.94
CA SER HD 155 86.83 25.79 -1.94
C SER HD 155 87.54 25.88 -3.29
N GLN HD 156 87.12 25.05 -4.24
CA GLN HD 156 87.75 24.99 -5.55
C GLN HD 156 86.75 25.41 -6.63
N PHE HD 157 87.25 25.47 -7.86
CA PHE HD 157 86.49 25.95 -8.99
C PHE HD 157 86.21 24.82 -9.98
N VAL HD 158 85.07 24.90 -10.64
CA VAL HD 158 84.59 23.89 -11.57
C VAL HD 158 84.63 24.49 -12.97
N ASN HD 159 85.35 23.82 -13.87
CA ASN HD 159 85.50 24.28 -15.24
C ASN HD 159 85.06 23.18 -16.20
N LEU HD 160 84.35 23.57 -17.26
CA LEU HD 160 83.74 22.63 -18.19
C LEU HD 160 84.38 22.68 -19.58
N SER HD 161 85.67 22.94 -19.65
CA SER HD 161 86.37 22.89 -20.92
C SER HD 161 86.56 21.43 -21.34
N PRO HD 162 86.72 21.17 -22.65
CA PRO HD 162 87.00 19.80 -23.08
C PRO HD 162 88.46 19.39 -22.99
N GLY HD 163 89.28 20.10 -22.21
CA GLY HD 163 90.66 19.70 -22.06
C GLY HD 163 91.25 19.70 -20.67
N SER HD 164 90.56 20.27 -19.68
CA SER HD 164 91.17 20.48 -18.38
C SER HD 164 91.21 19.20 -17.55
N THR HD 165 91.97 19.26 -16.47
CA THR HD 165 92.08 18.16 -15.53
C THR HD 165 90.79 18.06 -14.71
N PRO HD 166 90.24 16.86 -14.52
CA PRO HD 166 89.06 16.73 -13.66
C PRO HD 166 89.39 17.03 -12.22
N PRO HD 167 88.43 17.50 -11.43
CA PRO HD 167 88.70 17.80 -10.02
C PRO HD 167 88.95 16.56 -9.18
N VAL HD 168 89.81 16.73 -8.18
CA VAL HD 168 90.32 15.67 -7.32
C VAL HD 168 89.97 15.99 -5.88
N ILE HD 169 89.51 15.00 -5.13
CA ILE HD 169 89.11 15.17 -3.74
C ILE HD 169 89.92 14.20 -2.88
N ARG HD 170 90.68 14.76 -1.93
CA ARG HD 170 91.32 13.95 -0.91
C ARG HD 170 90.27 13.46 0.08
N LEU HD 171 90.45 12.23 0.56
CA LEU HD 171 89.49 11.60 1.44
C LEU HD 171 90.20 10.94 2.62
N SER HD 172 89.40 10.59 3.63
CA SER HD 172 89.87 9.85 4.78
C SER HD 172 88.94 8.68 5.03
N GLN HD 173 89.53 7.51 5.29
CA GLN HD 173 88.75 6.30 5.49
C GLN HD 173 87.99 6.37 6.81
N GLY HD 174 86.67 6.22 6.73
CA GLY HD 174 85.84 6.31 7.90
C GLY HD 174 85.53 7.71 8.35
N PHE HD 175 85.98 8.72 7.61
CA PHE HD 175 85.70 10.11 7.95
C PHE HD 175 84.93 10.75 6.81
N VAL HD 176 83.79 11.32 7.15
CA VAL HD 176 82.86 11.81 6.13
C VAL HD 176 83.29 13.18 5.67
N SER HD 177 83.36 13.36 4.36
CA SER HD 177 83.60 14.66 3.73
C SER HD 177 82.30 15.15 3.11
N SER HD 178 81.97 16.41 3.36
CA SER HD 178 80.75 17.01 2.83
C SER HD 178 81.12 17.98 1.72
N LEU HD 179 80.41 17.86 0.61
CA LEU HD 179 80.66 18.66 -0.58
C LEU HD 179 79.45 19.53 -0.86
N VAL HD 180 79.69 20.83 -1.00
CA VAL HD 180 78.64 21.80 -1.29
C VAL HD 180 78.94 22.44 -2.63
N PHE HD 181 77.89 22.89 -3.32
CA PHE HD 181 77.97 23.25 -4.74
C PHE HD 181 77.24 24.55 -4.97
N LEU HD 182 77.99 25.63 -5.14
CA LEU HD 182 77.44 26.94 -5.42
C LEU HD 182 77.63 27.27 -6.89
N ASP HD 183 76.73 28.09 -7.42
CA ASP HD 183 76.86 28.57 -8.78
C ASP HD 183 77.69 29.86 -8.78
N SER HD 184 77.70 30.56 -9.92
CA SER HD 184 78.43 31.82 -10.02
C SER HD 184 77.82 32.89 -9.12
N THR HD 185 76.50 32.87 -8.94
CA THR HD 185 75.85 33.83 -8.06
C THR HD 185 75.88 33.40 -6.60
N GLY HD 186 76.24 32.14 -6.32
CA GLY HD 186 76.35 31.67 -4.95
C GLY HD 186 75.19 30.84 -4.45
N ALA HD 187 74.18 30.59 -5.27
CA ALA HD 187 73.06 29.77 -4.82
C ALA HD 187 73.50 28.31 -4.74
N PRO HD 188 73.12 27.60 -3.68
CA PRO HD 188 73.43 26.17 -3.60
C PRO HD 188 72.60 25.38 -4.60
N TRP HD 189 73.29 24.68 -5.49
CA TRP HD 189 72.62 23.96 -6.57
C TRP HD 189 72.11 22.62 -6.05
N PRO HD 190 70.81 22.35 -6.11
CA PRO HD 190 70.31 21.05 -5.66
C PRO HD 190 70.70 19.93 -6.61
N ILE HD 191 70.83 18.74 -6.04
CA ILE HD 191 71.28 17.57 -6.78
C ILE HD 191 70.13 17.04 -7.64
N ALA HD 192 70.43 16.75 -8.90
CA ALA HD 192 69.50 15.96 -9.70
C ALA HD 192 69.79 14.47 -9.55
N ALA HD 193 71.00 14.04 -9.91
CA ALA HD 193 71.33 12.63 -9.83
C ALA HD 193 72.83 12.46 -9.71
N TYR HD 194 73.25 11.26 -9.32
CA TYR HD 194 74.66 10.94 -9.19
C TYR HD 194 74.89 9.46 -9.46
N ASP HD 195 76.15 9.13 -9.72
CA ASP HD 195 76.54 7.76 -10.04
C ASP HD 195 77.96 7.57 -9.52
N LEU HD 196 78.12 6.65 -8.56
CA LEU HD 196 79.39 6.38 -7.92
C LEU HD 196 79.95 5.05 -8.42
N GLY HD 197 81.19 5.05 -8.87
CA GLY HD 197 81.86 3.80 -9.15
C GLY HD 197 82.40 3.18 -7.87
N ASP HD 198 82.24 1.86 -7.76
CA ASP HD 198 82.61 1.03 -6.60
C ASP HD 198 82.03 1.53 -5.29
N PRO HD 199 80.74 1.31 -5.01
CA PRO HD 199 80.18 1.72 -3.71
C PRO HD 199 80.70 0.96 -2.51
N SER HD 200 81.57 -0.05 -2.65
CA SER HD 200 82.17 -0.66 -1.46
C SER HD 200 83.22 0.23 -0.83
N SER HD 201 83.75 1.20 -1.57
CA SER HD 201 84.74 2.09 -1.01
C SER HD 201 84.13 3.31 -0.33
N PHE HD 202 82.95 3.73 -0.76
CA PHE HD 202 82.38 4.99 -0.30
C PHE HD 202 80.90 4.82 0.01
N ASN HD 203 80.44 5.53 1.05
CA ASN HD 203 79.05 5.54 1.42
C ASN HD 203 78.47 6.93 1.21
N ILE HD 204 77.27 6.99 0.63
CA ILE HD 204 76.64 8.23 0.22
C ILE HD 204 75.32 8.37 0.95
N GLN HD 205 75.08 9.52 1.55
CA GLN HD 205 73.78 9.87 2.11
C GLN HD 205 73.34 11.21 1.54
N TRP HD 206 72.12 11.25 1.02
CA TRP HD 206 71.62 12.46 0.38
C TRP HD 206 70.10 12.45 0.37
N ASP HD 207 69.49 13.48 0.93
CA ASP HD 207 68.06 13.66 0.85
C ASP HD 207 67.71 14.41 -0.43
N LYS HD 208 66.51 14.11 -0.96
CA LYS HD 208 66.13 14.58 -2.29
C LYS HD 208 66.03 16.11 -2.35
N THR HD 209 65.57 16.73 -1.27
CA THR HD 209 65.41 18.17 -1.22
C THR HD 209 66.69 18.88 -0.79
N SER HD 210 67.79 18.16 -0.65
CA SER HD 210 69.04 18.76 -0.21
C SER HD 210 69.96 19.03 -1.39
N ASN HD 211 70.96 19.87 -1.15
CA ASN HD 211 71.98 20.19 -2.13
C ASN HD 211 73.36 19.63 -1.77
N THR HD 212 73.68 19.52 -0.49
CA THR HD 212 74.97 19.03 -0.06
C THR HD 212 75.06 17.51 -0.21
N LEU HD 213 76.29 17.00 -0.19
CA LEU HD 213 76.54 15.56 -0.29
C LEU HD 213 77.51 15.11 0.78
N MET HD 214 77.35 13.87 1.22
CA MET HD 214 78.20 13.25 2.25
C MET HD 214 78.86 12.02 1.67
N ILE HD 215 80.18 11.91 1.85
CA ILE HD 215 80.95 10.76 1.38
C ILE HD 215 81.72 10.17 2.55
N GLN HD 216 81.55 8.87 2.78
CA GLN HD 216 82.27 8.17 3.84
C GLN HD 216 83.14 7.09 3.22
N ALA HD 217 84.44 7.31 3.21
CA ALA HD 217 85.37 6.36 2.61
C ALA HD 217 85.54 5.12 3.49
N THR HD 218 85.92 4.00 2.86
CA THR HD 218 86.05 2.72 3.53
C THR HD 218 87.38 2.03 3.31
N LYS HD 219 88.04 2.26 2.18
CA LYS HD 219 89.28 1.57 1.85
C LYS HD 219 90.43 2.55 1.85
N LEU HD 220 91.58 2.10 2.35
CA LEU HD 220 92.69 3.01 2.59
C LEU HD 220 93.39 3.42 1.29
N TYR HD 221 93.61 2.48 0.39
CA TYR HD 221 94.42 2.76 -0.79
C TYR HD 221 93.66 2.40 -2.06
N ASN HD 222 92.39 2.80 -2.13
CA ASN HD 222 91.57 2.53 -3.29
C ASN HD 222 90.84 3.81 -3.67
N TYR HD 223 91.05 4.28 -4.89
CA TYR HD 223 90.46 5.53 -5.33
C TYR HD 223 89.30 5.25 -6.28
N GLY HD 224 88.37 6.20 -6.33
CA GLY HD 224 87.13 6.02 -7.07
C GLY HD 224 86.77 7.24 -7.89
N ASN HD 225 85.64 7.14 -8.57
CA ASN HD 225 85.17 8.20 -9.45
C ASN HD 225 83.67 8.37 -9.31
N LEU HD 226 83.21 9.58 -9.62
CA LEU HD 226 81.80 9.90 -9.45
C LEU HD 226 81.37 10.85 -10.56
N ALA HD 227 80.14 10.66 -11.04
CA ALA HD 227 79.52 11.59 -11.98
C ALA HD 227 78.31 12.22 -11.31
N VAL HD 228 78.23 13.54 -11.35
CA VAL HD 228 77.19 14.30 -10.68
C VAL HD 228 76.45 15.14 -11.71
N ARG HD 229 75.15 14.94 -11.83
CA ARG HD 229 74.31 15.77 -12.67
C ARG HD 229 73.45 16.65 -11.78
N LEU HD 230 73.42 17.95 -12.09
CA LEU HD 230 72.57 18.90 -11.41
C LEU HD 230 71.36 19.23 -12.26
N ARG HD 231 70.36 19.83 -11.61
CA ARG HD 231 69.03 19.93 -12.21
C ARG HD 231 69.00 20.91 -13.38
N GLY HD 232 69.55 22.11 -13.20
CA GLY HD 232 69.42 23.14 -14.21
C GLY HD 232 70.28 22.95 -15.43
N LEU HD 233 71.37 22.18 -15.32
CA LEU HD 233 72.28 22.00 -16.43
C LEU HD 233 71.84 20.79 -17.27
N ASN HD 234 72.67 20.45 -18.24
CA ASN HD 234 72.50 19.25 -19.03
C ASN HD 234 73.68 18.31 -18.92
N THR HD 235 74.90 18.84 -18.96
CA THR HD 235 76.10 18.01 -18.97
C THR HD 235 76.62 17.83 -17.55
N PRO HD 236 76.73 16.60 -17.07
CA PRO HD 236 77.18 16.38 -15.69
C PRO HD 236 78.68 16.59 -15.54
N VAL HD 237 79.12 16.54 -14.28
CA VAL HD 237 80.52 16.73 -13.92
C VAL HD 237 81.09 15.41 -13.44
N MET HD 238 82.41 15.30 -13.53
CA MET HD 238 83.14 14.11 -13.11
C MET HD 238 84.16 14.51 -12.05
N LEU HD 239 84.19 13.76 -10.95
CA LEU HD 239 85.15 13.98 -9.87
C LEU HD 239 85.86 12.68 -9.60
N THR HD 240 87.10 12.78 -9.11
CA THR HD 240 87.79 11.60 -8.61
C THR HD 240 88.09 11.77 -7.13
N LEU HD 241 88.11 10.65 -6.41
CA LEU HD 241 88.28 10.64 -4.96
C LEU HD 241 89.44 9.73 -4.61
N ILE HD 242 90.49 10.31 -4.03
CA ILE HD 242 91.66 9.56 -3.59
C ILE HD 242 91.72 9.67 -2.08
N PRO HD 243 91.75 8.57 -1.34
CA PRO HD 243 91.82 8.65 0.12
C PRO HD 243 93.26 8.69 0.61
N GLY HD 244 93.40 8.97 1.90
CA GLY HD 244 94.67 8.84 2.60
C GLY HD 244 95.79 9.80 2.22
N GLN HD 245 95.48 11.08 2.06
CA GLN HD 245 96.52 12.07 1.85
C GLN HD 245 96.94 12.66 3.19
N LYS HD 246 97.86 13.62 3.14
CA LYS HD 246 98.41 14.21 4.36
C LYS HD 246 97.55 15.36 4.91
N ALA HD 247 96.44 15.66 4.27
CA ALA HD 247 95.47 16.60 4.81
C ALA HD 247 94.08 16.11 4.44
N VAL HD 248 93.17 16.03 5.41
CA VAL HD 248 91.84 15.50 5.19
C VAL HD 248 90.91 16.66 4.84
N ASP HD 249 90.21 16.52 3.72
CA ASP HD 249 89.21 17.50 3.29
C ASP HD 249 87.98 17.36 4.17
N TYR HD 250 87.88 18.22 5.18
CA TYR HD 250 86.72 18.20 6.06
C TYR HD 250 85.47 18.65 5.34
N ARG HD 251 85.60 19.65 4.46
CA ARG HD 251 84.45 20.24 3.79
C ARG HD 251 84.93 20.95 2.54
N VAL HD 252 84.39 20.58 1.39
CA VAL HD 252 84.82 21.12 0.11
C VAL HD 252 83.66 21.87 -0.54
N ASP HD 253 83.94 23.09 -0.99
CA ASP HD 253 83.00 23.91 -1.74
C ASP HD 253 83.38 23.92 -3.21
N LEU HD 254 82.38 23.94 -4.09
CA LEU HD 254 82.62 23.92 -5.53
C LEU HD 254 81.91 25.10 -6.18
N ARG HD 255 82.70 26.02 -6.72
CA ARG HD 255 82.19 27.17 -7.45
C ARG HD 255 82.03 26.76 -8.91
N VAL HD 256 80.79 26.57 -9.36
CA VAL HD 256 80.55 26.05 -10.69
C VAL HD 256 80.50 27.18 -11.69
N GLN HD 257 80.78 26.85 -12.96
CA GLN HD 257 80.78 27.84 -14.02
C GLN HD 257 79.38 28.35 -14.31
N GLY HD 258 78.39 27.45 -14.32
CA GLY HD 258 77.04 27.83 -14.65
C GLY HD 258 76.32 28.51 -13.50
N TYR HD 259 75.05 28.81 -13.75
CA TYR HD 259 74.16 29.40 -12.77
C TYR HD 259 73.02 28.43 -12.55
N GLY HD 260 72.73 28.13 -11.28
CA GLY HD 260 71.80 27.09 -10.95
C GLY HD 260 70.35 27.51 -11.04
N PRO HD 261 69.54 27.10 -10.05
CA PRO HD 261 68.12 27.48 -10.06
C PRO HD 261 67.90 28.95 -9.77
N ASN HD 262 68.88 29.66 -9.26
CA ASN HD 262 68.74 31.05 -8.89
C ASN HD 262 69.85 31.87 -9.53
N ALA HD 263 69.59 33.17 -9.65
CA ALA HD 263 70.55 34.09 -10.22
C ALA HD 263 70.79 35.28 -9.29
N ASP HD 278 79.27 45.39 6.66
CA ASP HD 278 79.98 44.28 6.04
C ASP HD 278 80.95 43.65 7.02
N LEU HD 279 82.15 44.24 7.14
CA LEU HD 279 83.14 43.72 8.07
C LEU HD 279 82.75 43.96 9.53
N LEU HD 280 81.95 44.98 9.80
CA LEU HD 280 81.70 45.38 11.17
C LEU HD 280 80.80 44.39 11.92
N LEU HD 281 80.00 43.61 11.21
CA LEU HD 281 79.24 42.53 11.86
C LEU HD 281 80.18 41.49 12.44
N HIS HD 282 81.15 41.04 11.65
CA HIS HD 282 82.10 40.05 12.13
C HIS HD 282 83.08 40.65 13.13
N VAL HD 283 83.35 41.95 13.02
CA VAL HD 283 84.15 42.64 14.04
C VAL HD 283 83.39 42.68 15.36
N LEU HD 284 82.08 42.92 15.31
CA LEU HD 284 81.26 42.88 16.50
C LEU HD 284 81.22 41.48 17.10
N GLU HD 285 81.14 40.46 16.25
CA GLU HD 285 81.07 39.09 16.77
C GLU HD 285 82.42 38.62 17.30
N GLY HD 286 83.53 39.13 16.77
CA GLY HD 286 84.84 38.77 17.30
C GLY HD 286 85.91 38.56 16.25
N VAL HD 287 85.52 38.58 14.98
CA VAL HD 287 86.42 38.25 13.89
C VAL HD 287 87.10 39.53 13.42
N PRO HD 288 88.42 39.64 13.50
CA PRO HD 288 89.12 40.79 12.94
C PRO HD 288 89.09 40.75 11.42
N PRO HD 289 89.25 41.89 10.75
CA PRO HD 289 89.43 41.87 9.30
C PRO HD 289 90.75 41.22 8.93
N PRO HD 290 90.83 40.59 7.76
CA PRO HD 290 92.07 39.91 7.38
C PRO HD 290 93.16 40.88 7.00
N GLY HD 291 94.41 40.43 7.17
CA GLY HD 291 95.56 41.26 6.86
C GLY HD 291 95.71 42.46 7.75
N SER HD 292 95.41 42.32 9.03
CA SER HD 292 95.37 43.45 9.95
C SER HD 292 96.53 43.40 10.92
N ARG HD 293 96.97 44.59 11.33
CA ARG HD 293 98.03 44.74 12.33
C ARG HD 293 97.42 45.31 13.60
N ARG HD 294 97.65 44.61 14.71
CA ARG HD 294 97.13 45.07 16.00
C ARG HD 294 97.91 46.28 16.50
N LEU HD 295 97.27 47.05 17.37
CA LEU HD 295 97.84 48.29 17.87
C LEU HD 295 97.70 48.34 19.38
N VAL HD 296 98.65 49.01 20.02
CA VAL HD 296 98.67 49.11 21.48
C VAL HD 296 97.96 50.39 21.89
N VAL HD 297 97.02 50.26 22.81
CA VAL HD 297 96.21 51.37 23.31
C VAL HD 297 96.55 51.58 24.78
N SER HD 298 96.90 52.81 25.15
CA SER HD 298 97.46 53.11 26.46
C SER HD 298 96.36 53.42 27.47
N GLY HD 299 96.34 52.67 28.56
CA GLY HD 299 95.49 52.99 29.69
C GLY HD 299 94.01 52.75 29.48
N GLY HD 300 93.64 51.89 28.53
CA GLY HD 300 92.24 51.63 28.24
C GLY HD 300 91.99 50.17 27.99
N ASP HD 301 90.72 49.82 27.96
CA ASP HD 301 90.26 48.45 27.69
C ASP HD 301 89.54 48.47 26.34
N ALA HD 302 90.31 48.32 25.27
CA ALA HD 302 89.78 48.36 23.91
C ALA HD 302 90.74 47.62 23.00
N ARG HD 303 90.27 47.31 21.79
CA ARG HD 303 91.10 46.68 20.78
C ARG HD 303 90.99 47.45 19.48
N ALA HD 304 92.09 47.47 18.73
CA ALA HD 304 92.18 48.24 17.51
C ALA HD 304 92.79 47.40 16.39
N TRP HD 305 92.36 47.69 15.17
CA TRP HD 305 92.87 47.01 13.98
C TRP HD 305 92.99 48.01 12.85
N LEU HD 306 93.95 47.74 11.95
CA LEU HD 306 94.24 48.56 10.79
C LEU HD 306 94.34 47.67 9.57
N SER HD 307 93.45 47.88 8.61
CA SER HD 307 93.49 47.12 7.36
C SER HD 307 93.67 47.99 6.13
N ASN HD 308 92.82 48.99 5.94
CA ASN HD 308 92.76 49.79 4.72
C ASN HD 308 92.91 51.26 5.02
N GLU HD 309 93.95 51.57 5.82
CA GLU HD 309 94.28 52.94 6.27
C GLU HD 309 93.13 53.56 7.05
N LYS HD 310 92.42 52.73 7.81
CA LYS HD 310 91.31 53.17 8.65
C LYS HD 310 91.40 52.46 9.99
N MET HD 311 90.92 53.12 11.02
CA MET HD 311 90.91 52.55 12.36
C MET HD 311 89.61 51.77 12.58
N TYR HD 312 89.75 50.55 13.10
CA TYR HD 312 88.61 49.69 13.42
C TYR HD 312 88.72 49.33 14.89
N VAL HD 313 87.81 49.85 15.70
CA VAL HD 313 87.94 49.78 17.15
C VAL HD 313 86.79 48.97 17.73
N ARG HD 314 87.14 47.97 18.56
CA ARG HD 314 86.17 47.28 19.41
C ARG HD 314 86.30 47.84 20.82
N THR HD 315 85.19 48.34 21.35
CA THR HD 315 85.18 48.92 22.69
C THR HD 315 83.75 48.87 23.21
N ASN HD 316 83.49 49.64 24.27
CA ASN HD 316 82.13 49.83 24.78
C ASN HD 316 81.80 51.29 25.05
N LEU HD 317 82.79 52.17 25.11
CA LEU HD 317 82.58 53.55 25.51
C LEU HD 317 82.27 54.39 24.29
N THR HD 318 82.28 55.71 24.44
CA THR HD 318 81.92 56.61 23.35
C THR HD 318 83.12 57.48 23.01
N ILE HD 319 83.60 57.35 21.79
CA ILE HD 319 84.69 58.18 21.29
C ILE HD 319 84.10 59.49 20.79
N LEU HD 320 84.77 60.60 21.10
CA LEU HD 320 84.18 61.92 20.95
C LEU HD 320 84.79 62.75 19.83
N SER HD 321 86.12 62.96 19.86
CA SER HD 321 86.70 64.04 19.05
C SER HD 321 86.81 63.71 17.56
N PRO HD 322 87.53 62.66 17.11
CA PRO HD 322 87.78 62.54 15.67
C PRO HD 322 86.58 62.08 14.87
N GLY HD 323 85.53 61.59 15.51
CA GLY HD 323 84.34 61.16 14.82
C GLY HD 323 84.46 59.74 14.29
N TRP HD 324 83.31 59.21 13.86
CA TRP HD 324 83.22 57.86 13.34
C TRP HD 324 82.65 57.89 11.94
N LEU HD 325 83.21 57.07 11.07
CA LEU HD 325 82.61 56.88 9.75
C LEU HD 325 81.36 56.03 9.87
N ALA HD 326 81.41 54.97 10.68
CA ALA HD 326 80.23 54.15 10.90
C ALA HD 326 80.30 53.53 12.29
N SER HD 327 79.13 53.23 12.85
CA SER HD 327 79.02 52.67 14.19
C SER HD 327 78.07 51.49 14.17
N MET HD 328 78.52 50.36 14.73
CA MET HD 328 77.68 49.18 14.91
C MET HD 328 77.73 48.80 16.39
N THR HD 329 76.63 49.01 17.09
CA THR HD 329 76.53 48.67 18.50
C THR HD 329 75.55 47.52 18.66
N SER HD 330 75.91 46.56 19.51
CA SER HD 330 75.02 45.47 19.81
C SER HD 330 73.98 45.90 20.85
N ALA HD 331 73.14 44.96 21.26
CA ALA HD 331 72.13 45.27 22.26
C ALA HD 331 72.74 45.39 23.66
N ASP HD 332 73.79 44.63 23.95
CA ASP HD 332 74.34 44.61 25.29
C ASP HD 332 75.26 45.79 25.59
N GLY HD 333 75.69 46.53 24.57
CA GLY HD 333 76.55 47.67 24.76
C GLY HD 333 77.94 47.56 24.18
N THR HD 334 78.24 46.49 23.44
CA THR HD 334 79.52 46.36 22.78
C THR HD 334 79.49 47.10 21.45
N HIS HD 335 80.46 47.99 21.25
CA HIS HD 335 80.49 48.89 20.10
C HIS HD 335 81.66 48.54 19.20
N ALA HD 336 81.44 48.66 17.89
CA ALA HD 336 82.49 48.60 16.89
C ALA HD 336 82.41 49.86 16.05
N TYR HD 337 83.51 50.60 15.99
CA TYR HD 337 83.58 51.85 15.26
C TYR HD 337 84.53 51.71 14.09
N GLU HD 338 84.10 52.17 12.93
CA GLU HD 338 84.97 52.36 11.77
C GLU HD 338 85.19 53.85 11.58
N MET HD 339 86.45 54.27 11.48
CA MET HD 339 86.75 55.69 11.37
C MET HD 339 88.11 55.90 10.70
N GLN HD 340 88.47 57.17 10.54
CA GLN HD 340 89.73 57.58 9.97
C GLN HD 340 90.89 57.34 10.95
N LYS HD 341 92.11 57.59 10.47
CA LYS HD 341 93.28 57.42 11.29
C LYS HD 341 93.40 58.54 12.32
N SER HD 342 93.91 58.18 13.51
CA SER HD 342 94.17 59.15 14.57
C SER HD 342 95.26 58.63 15.50
N PRO HD 343 96.25 59.46 15.85
CA PRO HD 343 97.25 59.03 16.84
C PRO HD 343 96.80 59.17 18.29
N VAL HD 344 95.84 60.06 18.58
CA VAL HD 344 95.31 60.23 19.93
C VAL HD 344 93.78 60.20 19.85
N LEU HD 345 93.17 59.90 20.99
CA LEU HD 345 91.72 59.79 21.10
C LEU HD 345 91.23 60.54 22.33
N LEU HD 346 89.95 60.92 22.32
CA LEU HD 346 89.31 61.54 23.45
C LEU HD 346 87.98 60.85 23.69
N VAL HD 347 87.85 60.17 24.82
CA VAL HD 347 86.70 59.30 25.09
C VAL HD 347 86.02 59.75 26.36
N SER HD 348 84.70 59.97 26.28
CA SER HD 348 83.90 60.23 27.47
C SER HD 348 83.46 58.92 28.11
N TRP HD 349 83.30 58.95 29.43
CA TRP HD 349 82.88 57.79 30.20
C TRP HD 349 82.36 58.27 31.54
N HIS HD 350 81.08 58.05 31.80
CA HIS HD 350 80.43 58.24 33.11
C HIS HD 350 80.58 59.65 33.65
N GLY HD 351 80.57 60.65 32.76
CA GLY HD 351 80.70 62.02 33.17
C GLY HD 351 82.13 62.52 33.27
N LYS HD 352 83.12 61.66 33.14
CA LYS HD 352 84.50 62.10 33.04
C LYS HD 352 84.98 61.94 31.61
N VAL HD 353 86.08 62.60 31.29
CA VAL HD 353 86.65 62.58 29.95
C VAL HD 353 88.10 62.15 30.06
N MET HD 354 88.48 61.12 29.30
CA MET HD 354 89.83 60.61 29.32
C MET HD 354 90.48 60.78 27.95
N GLN HD 355 91.80 60.90 27.98
CA GLN HD 355 92.62 61.03 26.79
C GLN HD 355 93.37 59.73 26.56
N LEU HD 356 93.31 59.23 25.33
CA LEU HD 356 93.79 57.90 24.99
C LEU HD 356 94.97 58.01 24.02
N LYS HD 357 96.04 57.27 24.33
CA LYS HD 357 97.20 57.21 23.46
C LYS HD 357 97.25 55.85 22.78
N VAL HD 358 97.42 55.86 21.46
CA VAL HD 358 97.46 54.63 20.67
C VAL HD 358 98.62 54.75 19.69
N GLU HD 359 99.49 53.74 19.67
CA GLU HD 359 100.62 53.72 18.75
C GLU HD 359 100.18 53.11 17.42
N GLY HD 360 100.50 53.80 16.34
CA GLY HD 360 100.18 53.32 15.01
C GLY HD 360 101.07 53.94 13.94
N UNK ID 1 111.43 7.81 35.38
CA UNK ID 1 111.58 6.77 34.38
C UNK ID 1 111.27 7.28 32.99
N UNK ID 2 110.79 8.52 32.91
CA UNK ID 2 110.52 9.15 31.62
C UNK ID 2 111.86 9.53 30.98
N UNK ID 3 112.35 8.67 30.10
CA UNK ID 3 113.68 8.80 29.52
C UNK ID 3 113.68 9.94 28.50
N UNK ID 4 113.90 11.16 29.00
CA UNK ID 4 113.95 12.32 28.11
C UNK ID 4 115.22 12.30 27.26
N UNK ID 5 116.38 12.10 27.90
CA UNK ID 5 117.64 12.13 27.17
C UNK ID 5 117.81 10.90 26.29
N UNK ID 6 117.44 9.73 26.81
CA UNK ID 6 117.48 8.52 26.00
C UNK ID 6 116.43 8.54 24.91
N UNK ID 7 115.30 9.21 25.13
CA UNK ID 7 114.28 9.35 24.09
C UNK ID 7 114.74 10.28 22.98
N UNK ID 8 115.42 11.38 23.34
CA UNK ID 8 115.98 12.26 22.32
C UNK ID 8 117.11 11.58 21.57
N UNK ID 9 117.89 10.74 22.26
CA UNK ID 9 118.91 9.94 21.58
C UNK ID 9 118.29 8.92 20.65
N UNK ID 10 117.17 8.32 21.06
CA UNK ID 10 116.46 7.36 20.19
C UNK ID 10 115.87 8.06 18.97
N UNK ID 11 115.36 9.27 19.16
CA UNK ID 11 114.87 10.07 18.04
C UNK ID 11 116.00 10.44 17.09
N UNK ID 12 117.18 10.76 17.63
CA UNK ID 12 118.34 11.04 16.79
C UNK ID 12 118.79 9.80 16.03
N UNK ID 13 118.75 8.63 16.67
CA UNK ID 13 119.13 7.38 16.02
C UNK ID 13 118.15 7.01 14.91
N UNK ID 14 116.86 7.23 15.15
CA UNK ID 14 115.87 6.97 14.11
C UNK ID 14 115.98 7.96 12.97
N UNK ID 15 116.31 9.22 13.27
CA UNK ID 15 116.43 10.24 12.23
C UNK ID 15 117.68 10.00 11.37
N UNK ID 16 118.81 9.72 12.01
CA UNK ID 16 120.06 9.41 11.30
C UNK ID 16 120.63 8.13 11.91
N UNK ID 17 120.14 6.98 11.44
CA UNK ID 17 120.76 5.71 11.72
C UNK ID 17 121.72 5.28 10.62
N UNK ID 18 121.52 5.81 9.41
CA UNK ID 18 122.33 5.55 8.21
C UNK ID 18 122.38 4.06 7.88
N UNK ID 19 121.20 3.48 7.64
CA UNK ID 19 121.10 2.07 7.30
C UNK ID 19 119.86 1.86 6.43
N UNK ID 20 120.07 1.80 5.11
CA UNK ID 20 118.99 1.53 4.16
C UNK ID 20 119.61 1.03 2.86
N UNK ID 21 118.82 0.27 2.11
CA UNK ID 21 119.21 -0.20 0.78
C UNK ID 21 117.97 -0.45 -0.04
N UNK ID 22 118.08 -0.23 -1.36
CA UNK ID 22 116.93 -0.36 -2.25
C UNK ID 22 117.33 -1.15 -3.50
N UNK ID 23 116.34 -1.83 -4.08
CA UNK ID 23 116.56 -2.65 -5.27
C UNK ID 23 115.30 -2.62 -6.13
N UNK ID 24 115.46 -2.27 -7.40
CA UNK ID 24 114.36 -2.24 -8.35
C UNK ID 24 114.43 -3.47 -9.25
N UNK ID 25 113.56 -3.50 -10.27
CA UNK ID 25 113.54 -4.61 -11.20
C UNK ID 25 112.97 -4.14 -12.53
N UNK ID 26 113.05 -5.02 -13.53
CA UNK ID 26 112.49 -4.76 -14.84
C UNK ID 26 111.04 -5.25 -14.90
N UNK ID 27 110.47 -5.30 -16.11
CA UNK ID 27 109.06 -5.66 -16.26
C UNK ID 27 108.82 -7.13 -15.98
N UNK ID 28 109.73 -7.99 -16.40
CA UNK ID 28 109.65 -9.43 -16.12
C UNK ID 28 110.51 -9.83 -14.94
N UNK ID 29 110.59 -8.94 -13.94
CA UNK ID 29 111.30 -9.16 -12.67
C UNK ID 29 112.78 -9.45 -12.88
N UNK ID 30 113.39 -8.78 -13.85
CA UNK ID 30 114.85 -8.80 -14.01
C UNK ID 30 115.40 -7.72 -13.07
N UNK ID 31 116.05 -8.16 -11.99
CA UNK ID 31 116.34 -7.29 -10.87
C UNK ID 31 117.46 -6.32 -11.18
N UNK ID 32 117.63 -5.35 -10.27
CA UNK ID 32 118.67 -4.34 -10.36
C UNK ID 32 118.92 -3.84 -8.94
N UNK ID 33 120.01 -4.28 -8.34
CA UNK ID 33 120.38 -3.88 -6.99
C UNK ID 33 121.71 -3.15 -7.02
N UNK ID 34 121.75 -1.95 -6.46
CA UNK ID 34 122.94 -1.13 -6.39
C UNK ID 34 123.49 -1.18 -4.97
N UNK ID 35 124.49 -0.33 -4.72
CA UNK ID 35 125.05 -0.20 -3.38
C UNK ID 35 124.06 0.50 -2.45
N UNK ID 36 124.22 0.25 -1.16
CA UNK ID 36 123.31 0.81 -0.16
C UNK ID 36 123.52 2.31 -0.01
N UNK ID 37 122.41 3.03 0.09
CA UNK ID 37 122.42 4.46 0.35
C UNK ID 37 122.26 4.69 1.85
N UNK ID 38 122.07 5.96 2.22
CA UNK ID 38 121.81 6.41 3.60
C UNK ID 38 122.86 5.98 4.63
N UNK ID 39 106.33 -1.83 -12.90
CA UNK ID 39 107.14 -2.93 -12.44
C UNK ID 39 108.60 -2.50 -12.28
N UNK ID 40 108.82 -1.19 -12.27
CA UNK ID 40 110.15 -0.63 -12.15
C UNK ID 40 110.36 0.05 -10.80
N UNK ID 41 109.53 1.04 -10.47
CA UNK ID 41 109.66 1.81 -9.22
C UNK ID 41 109.22 0.91 -8.07
N UNK ID 42 110.18 0.12 -7.58
CA UNK ID 42 109.91 -0.83 -6.50
C UNK ID 42 109.69 -0.07 -5.20
N UNK ID 43 108.42 0.13 -4.85
CA UNK ID 43 108.05 1.08 -3.81
C UNK ID 43 108.47 0.59 -2.43
N UNK ID 44 108.48 -0.73 -2.23
CA UNK ID 44 109.02 -1.31 -1.00
C UNK ID 44 110.49 -1.68 -1.12
N UNK ID 45 111.22 -1.01 -2.03
CA UNK ID 45 112.62 -1.32 -2.24
C UNK ID 45 113.48 -0.89 -1.06
N UNK ID 46 113.25 0.31 -0.54
CA UNK ID 46 114.11 0.92 0.47
C UNK ID 46 113.90 0.22 1.80
N UNK ID 47 114.94 -0.48 2.27
CA UNK ID 47 114.93 -1.15 3.56
C UNK ID 47 116.35 -1.27 4.07
N UNK ID 48 116.48 -1.46 5.38
CA UNK ID 48 117.80 -1.61 5.99
C UNK ID 48 118.41 -2.96 5.66
N ARG JD 207 48.84 -51.41 -87.69
CA ARG JD 207 49.17 -52.24 -86.54
C ARG JD 207 49.19 -51.39 -85.26
N ILE JD 208 48.49 -51.84 -84.23
CA ILE JD 208 48.41 -51.13 -82.96
C ILE JD 208 49.61 -51.52 -82.11
N ILE JD 209 50.36 -50.51 -81.66
CA ILE JD 209 51.57 -50.75 -80.87
C ILE JD 209 51.17 -50.90 -79.42
N TYR JD 210 51.53 -52.03 -78.83
CA TYR JD 210 51.24 -52.31 -77.43
C TYR JD 210 52.45 -51.94 -76.57
N TYR JD 211 52.19 -51.28 -75.45
CA TYR JD 211 53.19 -50.96 -74.46
C TYR JD 211 52.82 -51.63 -73.15
N ILE JD 212 53.83 -51.83 -72.30
CA ILE JD 212 53.59 -52.44 -71.00
C ILE JD 212 53.12 -51.37 -70.04
N GLN JD 213 51.98 -51.63 -69.39
CA GLN JD 213 51.43 -50.71 -68.40
C GLN JD 213 51.80 -51.12 -66.98
N ALA JD 214 51.43 -52.34 -66.59
CA ALA JD 214 51.77 -52.87 -65.28
C ALA JD 214 52.14 -54.35 -65.43
N VAL JD 215 53.24 -54.75 -64.81
CA VAL JD 215 53.75 -56.10 -64.92
C VAL JD 215 54.01 -56.64 -63.53
N ILE JD 216 53.38 -57.76 -63.19
CA ILE JD 216 53.66 -58.52 -61.97
C ILE JD 216 53.87 -59.96 -62.44
N PRO JD 217 54.44 -60.84 -61.62
CA PRO JD 217 54.31 -62.26 -61.93
C PRO JD 217 52.85 -62.69 -61.93
N GLY JD 218 52.48 -63.50 -62.91
CA GLY JD 218 51.10 -63.91 -63.08
C GLY JD 218 50.29 -63.05 -64.03
N ARG JD 219 50.09 -61.78 -63.71
CA ARG JD 219 49.23 -60.90 -64.48
C ARG JD 219 50.03 -59.83 -65.21
N ALA JD 220 49.50 -59.38 -66.35
CA ALA JD 220 50.17 -58.37 -67.14
C ALA JD 220 49.18 -57.36 -67.68
N TRP JD 221 49.52 -56.08 -67.55
CA TRP JD 221 48.72 -55.00 -68.11
C TRP JD 221 49.46 -54.41 -69.29
N LEU JD 222 48.88 -54.53 -70.47
CA LEU JD 222 49.49 -54.06 -71.70
C LEU JD 222 48.59 -53.02 -72.33
N ILE JD 223 49.15 -51.86 -72.66
CA ILE JD 223 48.37 -50.75 -73.22
C ILE JD 223 48.75 -50.61 -74.69
N GLY JD 224 47.74 -50.68 -75.55
CA GLY JD 224 47.96 -50.49 -76.96
C GLY JD 224 47.99 -49.02 -77.34
N SER JD 225 48.34 -48.78 -78.60
CA SER JD 225 48.37 -47.42 -79.12
C SER JD 225 46.99 -46.92 -79.51
N ASN JD 226 45.97 -47.79 -79.50
CA ASN JD 226 44.61 -47.36 -79.81
C ASN JD 226 43.93 -46.68 -78.63
N GLY JD 227 44.56 -46.70 -77.45
CA GLY JD 227 43.99 -46.12 -76.25
C GLY JD 227 43.43 -47.13 -75.27
N SER JD 228 43.32 -48.40 -75.66
CA SER JD 228 42.75 -49.43 -74.80
C SER JD 228 43.87 -50.31 -74.25
N THR JD 229 43.76 -50.63 -72.97
CA THR JD 229 44.69 -51.54 -72.31
C THR JD 229 43.95 -52.79 -71.88
N LEU JD 230 44.70 -53.87 -71.75
CA LEU JD 230 44.15 -55.16 -71.35
C LEU JD 230 45.02 -55.81 -70.29
N THR JD 231 44.39 -56.42 -69.30
CA THR JD 231 45.06 -57.25 -68.33
C THR JD 231 44.83 -58.71 -68.67
N VAL JD 232 45.92 -59.45 -68.81
CA VAL JD 232 45.87 -60.83 -69.27
C VAL JD 232 46.77 -61.69 -68.39
N ARG JD 233 46.55 -63.00 -68.48
CA ARG JD 233 47.37 -63.97 -67.79
C ARG JD 233 48.54 -64.37 -68.69
N GLU JD 234 49.27 -65.41 -68.30
CA GLU JD 234 50.39 -65.87 -69.10
C GLU JD 234 49.93 -66.48 -70.43
N GLY JD 235 49.00 -67.42 -70.37
CA GLY JD 235 48.58 -68.07 -71.59
C GLY JD 235 47.37 -67.40 -72.21
N SER JD 236 47.60 -66.50 -73.16
CA SER JD 236 46.51 -65.78 -73.81
C SER JD 236 46.97 -65.35 -75.19
N LYS JD 237 46.06 -65.45 -76.15
CA LYS JD 237 46.36 -65.13 -77.54
C LYS JD 237 46.07 -63.65 -77.78
N ILE JD 238 47.09 -62.90 -78.18
CA ILE JD 238 46.94 -61.49 -78.53
C ILE JD 238 46.67 -61.42 -80.03
N PRO JD 239 45.56 -60.82 -80.45
CA PRO JD 239 45.32 -60.65 -81.89
C PRO JD 239 46.31 -59.67 -82.50
N GLY JD 240 46.79 -60.01 -83.69
CA GLY JD 240 47.75 -59.18 -84.38
C GLY JD 240 49.19 -59.34 -83.94
N TYR JD 241 49.44 -60.08 -82.85
CA TYR JD 241 50.80 -60.33 -82.41
C TYR JD 241 51.01 -61.82 -82.18
N GLY JD 242 49.94 -62.53 -81.83
CA GLY JD 242 50.02 -63.97 -81.71
C GLY JD 242 49.85 -64.50 -80.30
N MET JD 243 50.91 -65.07 -79.73
CA MET JD 243 50.83 -65.75 -78.45
C MET JD 243 52.01 -65.37 -77.58
N VAL JD 244 51.73 -64.94 -76.36
CA VAL JD 244 52.77 -64.69 -75.37
C VAL JD 244 53.00 -65.98 -74.61
N LYS JD 245 54.25 -66.45 -74.62
CA LYS JD 245 54.57 -67.73 -74.03
C LYS JD 245 55.17 -67.61 -72.63
N LEU JD 246 56.03 -66.62 -72.40
CA LEU JD 246 56.63 -66.41 -71.10
C LEU JD 246 56.46 -64.97 -70.67
N ILE JD 247 56.42 -64.75 -69.35
CA ILE JD 247 56.36 -63.43 -68.76
C ILE JD 247 57.55 -63.28 -67.84
N ASP JD 248 58.39 -62.29 -68.10
CA ASP JD 248 59.54 -61.98 -67.26
C ASP JD 248 59.29 -60.64 -66.58
N SER JD 249 59.16 -60.66 -65.26
CA SER JD 249 58.87 -59.43 -64.53
C SER JD 249 60.07 -58.50 -64.51
N LEU JD 250 61.28 -59.06 -64.48
CA LEU JD 250 62.47 -58.22 -64.53
C LEU JD 250 62.66 -57.66 -65.93
N GLN JD 251 63.11 -56.40 -65.98
CA GLN JD 251 63.50 -55.66 -67.18
C GLN JD 251 62.36 -55.42 -68.17
N GLY JD 252 61.14 -55.80 -67.84
CA GLY JD 252 59.94 -55.50 -68.63
C GLY JD 252 59.94 -56.04 -70.04
N ARG JD 253 60.25 -57.31 -70.22
CA ARG JD 253 60.34 -57.92 -71.54
C ARG JD 253 59.23 -58.94 -71.69
N ILE JD 254 58.42 -58.80 -72.75
CA ILE JD 254 57.35 -59.77 -73.03
C ILE JD 254 57.54 -60.28 -74.45
N LEU JD 255 57.69 -61.58 -74.61
CA LEU JD 255 57.86 -62.17 -75.92
C LEU JD 255 56.51 -62.56 -76.52
N THR JD 256 56.45 -62.56 -77.86
CA THR JD 256 55.27 -63.04 -78.56
C THR JD 256 55.66 -64.15 -79.53
N SER JD 257 54.63 -64.86 -80.01
CA SER JD 257 54.87 -66.04 -80.85
C SER JD 257 55.41 -65.67 -82.22
N SER JD 258 55.14 -64.46 -82.69
CA SER JD 258 55.74 -63.96 -83.93
C SER JD 258 57.06 -63.25 -83.70
N GLY JD 259 57.68 -63.48 -82.55
CA GLY JD 259 59.05 -63.07 -82.32
C GLY JD 259 59.26 -61.66 -81.83
N GLN JD 260 58.21 -60.87 -81.72
CA GLN JD 260 58.40 -59.49 -81.27
C GLN JD 260 58.40 -59.42 -79.75
N VAL JD 261 58.87 -58.28 -79.25
CA VAL JD 261 59.07 -58.04 -77.82
C VAL JD 261 58.34 -56.77 -77.43
N ILE JD 262 57.43 -56.89 -76.46
CA ILE JD 262 56.75 -55.74 -75.89
C ILE JD 262 57.53 -55.26 -74.68
N LYS JD 263 57.78 -53.94 -74.66
CA LYS JD 263 58.46 -53.25 -73.58
C LYS JD 263 57.64 -52.03 -73.18
N PHE JD 264 58.23 -51.15 -72.37
CA PHE JD 264 57.67 -49.83 -72.10
C PHE JD 264 58.06 -48.90 -73.25
N SER JD 265 57.70 -47.63 -73.15
CA SER JD 265 58.12 -46.70 -74.18
C SER JD 265 59.59 -46.32 -73.98
N GLN JD 266 60.21 -45.88 -75.08
CA GLN JD 266 61.60 -45.45 -75.03
C GLN JD 266 61.74 -44.13 -74.30
N GLU JD 267 60.88 -43.16 -74.60
CA GLU JD 267 60.94 -41.86 -73.95
C GLU JD 267 59.69 -41.53 -73.15
N ASP JD 268 58.78 -42.49 -72.94
CA ASP JD 268 57.65 -42.29 -72.01
C ASP JD 268 57.60 -43.49 -71.08
N SER JD 269 58.46 -43.47 -70.05
CA SER JD 269 58.58 -44.58 -69.12
C SER JD 269 59.37 -44.16 -67.89
N CYS KD 42 -134.29 -72.35 -5.82
CA CYS KD 42 -134.57 -72.52 -7.24
C CYS KD 42 -133.36 -73.12 -7.94
N PHE KD 43 -132.20 -73.01 -7.29
CA PHE KD 43 -130.94 -73.54 -7.81
C PHE KD 43 -129.98 -73.72 -6.65
N HIS KD 44 -129.15 -74.76 -6.76
CA HIS KD 44 -128.12 -74.99 -5.77
C HIS KD 44 -126.75 -74.80 -6.40
N PRO KD 45 -125.90 -73.95 -5.84
CA PRO KD 45 -124.60 -73.64 -6.47
C PRO KD 45 -123.65 -74.82 -6.57
N PRO KD 46 -123.57 -75.76 -5.59
CA PRO KD 46 -122.76 -76.95 -5.88
C PRO KD 46 -123.48 -77.97 -6.71
N TYR KD 47 -123.45 -77.77 -8.04
CA TYR KD 47 -123.86 -78.73 -9.07
C TYR KD 47 -125.33 -79.11 -8.99
N ASN KD 48 -126.14 -78.27 -8.33
CA ASN KD 48 -127.59 -78.39 -8.25
C ASN KD 48 -128.04 -79.73 -7.68
N ASN KD 49 -127.20 -80.32 -6.84
CA ASN KD 49 -127.41 -81.64 -6.21
C ASN KD 49 -127.67 -82.71 -7.27
N PHE KD 50 -126.99 -82.58 -8.41
CA PHE KD 50 -127.06 -83.49 -9.55
C PHE KD 50 -128.48 -83.64 -10.07
N GLN KD 51 -129.23 -82.54 -10.07
CA GLN KD 51 -130.59 -82.53 -10.57
C GLN KD 51 -130.64 -81.84 -11.92
N PRO KD 52 -131.08 -82.52 -12.97
CA PRO KD 52 -131.26 -81.85 -14.26
C PRO KD 52 -132.41 -80.86 -14.24
N ASP KD 53 -132.08 -79.57 -14.33
CA ASP KD 53 -133.06 -78.51 -14.13
C ASP KD 53 -133.68 -78.09 -15.45
N ARG KD 54 -134.79 -77.37 -15.34
CA ARG KD 54 -135.33 -76.60 -16.45
C ARG KD 54 -134.69 -75.22 -16.40
N ARG KD 55 -133.92 -74.88 -17.42
CA ARG KD 55 -133.13 -73.67 -17.37
C ARG KD 55 -133.97 -72.41 -17.60
N ALA KD 56 -134.98 -72.50 -18.46
CA ALA KD 56 -135.67 -71.31 -18.94
C ALA KD 56 -136.99 -71.03 -18.22
N VAL KD 57 -137.34 -71.82 -17.20
CA VAL KD 57 -138.62 -71.60 -16.54
C VAL KD 57 -138.57 -70.31 -15.73
N LYS KD 58 -137.43 -70.00 -15.12
CA LYS KD 58 -137.29 -68.74 -14.40
C LYS KD 58 -137.29 -67.56 -15.36
N ARG KD 59 -136.70 -67.74 -16.55
CA ARG KD 59 -136.70 -66.71 -17.57
C ARG KD 59 -138.12 -66.42 -18.05
N VAL KD 60 -138.91 -67.45 -18.32
CA VAL KD 60 -140.26 -67.20 -18.82
C VAL KD 60 -141.17 -66.70 -17.69
N GLY KD 61 -140.88 -67.07 -16.43
CA GLY KD 61 -141.64 -66.53 -15.32
C GLY KD 61 -141.41 -65.04 -15.13
N VAL KD 62 -140.15 -64.60 -15.20
CA VAL KD 62 -139.90 -63.17 -15.09
C VAL KD 62 -140.25 -62.44 -16.40
N ASP KD 63 -140.40 -63.16 -17.52
CA ASP KD 63 -140.98 -62.56 -18.70
C ASP KD 63 -142.45 -62.27 -18.51
N THR KD 64 -143.18 -63.21 -17.91
CA THR KD 64 -144.58 -62.97 -17.57
C THR KD 64 -144.70 -61.89 -16.49
N GLY KD 65 -143.70 -61.79 -15.62
CA GLY KD 65 -143.63 -60.67 -14.69
C GLY KD 65 -143.06 -59.43 -15.35
N GLY KD 88 -143.97 -62.34 -22.37
CA GLY KD 88 -144.73 -63.17 -23.29
C GLY KD 88 -144.17 -64.57 -23.44
N GLY KD 89 -145.06 -65.50 -23.79
CA GLY KD 89 -144.63 -66.87 -24.03
C GLY KD 89 -143.72 -66.99 -25.24
N THR KD 90 -143.98 -66.20 -26.28
CA THR KD 90 -143.15 -66.24 -27.48
C THR KD 90 -141.77 -65.66 -27.23
N VAL KD 91 -141.69 -64.53 -26.53
CA VAL KD 91 -140.37 -63.94 -26.24
C VAL KD 91 -139.61 -64.82 -25.26
N GLY KD 92 -140.31 -65.49 -24.35
CA GLY KD 92 -139.66 -66.47 -23.49
C GLY KD 92 -139.13 -67.68 -24.26
N LEU KD 93 -139.89 -68.16 -25.24
CA LEU KD 93 -139.46 -69.29 -26.05
C LEU KD 93 -138.27 -68.93 -26.91
N VAL KD 94 -138.26 -67.74 -27.51
CA VAL KD 94 -137.13 -67.38 -28.35
C VAL KD 94 -135.90 -67.08 -27.50
N ALA KD 95 -136.10 -66.56 -26.28
CA ALA KD 95 -134.98 -66.42 -25.36
C ALA KD 95 -134.43 -67.77 -24.94
N SER KD 96 -135.33 -68.75 -24.76
CA SER KD 96 -134.92 -70.10 -24.40
C SER KD 96 -134.10 -70.75 -25.50
N ILE KD 97 -134.55 -70.65 -26.75
CA ILE KD 97 -133.82 -71.32 -27.81
C ILE KD 97 -132.57 -70.53 -28.21
N TYR KD 98 -132.56 -69.21 -28.00
CA TYR KD 98 -131.34 -68.46 -28.22
C TYR KD 98 -130.31 -68.76 -27.15
N ARG KD 99 -130.76 -69.04 -25.93
CA ARG KD 99 -129.84 -69.40 -24.87
C ARG KD 99 -129.34 -70.83 -25.03
N ASP KD 100 -130.21 -71.74 -25.48
CA ASP KD 100 -129.88 -73.16 -25.53
C ASP KD 100 -129.53 -73.65 -26.92
N SER KD 101 -129.30 -72.74 -27.86
CA SER KD 101 -128.61 -73.12 -29.08
C SER KD 101 -127.20 -73.54 -28.72
N LYS KD 102 -126.75 -74.68 -29.27
CA LYS KD 102 -125.44 -75.23 -28.94
C LYS KD 102 -124.31 -74.35 -29.43
N ARG KD 103 -124.55 -73.53 -30.45
CA ARG KD 103 -123.55 -72.55 -30.86
C ARG KD 103 -123.29 -71.53 -29.77
N LYS KD 104 -124.35 -71.08 -29.09
CA LYS KD 104 -124.16 -70.19 -27.94
C LYS KD 104 -123.47 -70.91 -26.80
N ILE KD 105 -123.69 -72.22 -26.67
CA ILE KD 105 -123.01 -73.01 -25.64
C ILE KD 105 -121.51 -73.03 -25.91
N ILE KD 106 -121.13 -73.26 -27.15
CA ILE KD 106 -119.71 -73.27 -27.50
C ILE KD 106 -119.11 -71.87 -27.39
N ARG KD 107 -119.89 -70.84 -27.74
CA ARG KD 107 -119.40 -69.46 -27.63
C ARG KD 107 -119.16 -69.08 -26.17
N ASP KD 108 -120.04 -69.49 -25.26
CA ASP KD 108 -119.78 -69.29 -23.85
C ASP KD 108 -118.60 -70.13 -23.36
N LEU KD 109 -118.44 -71.33 -23.92
CA LEU KD 109 -117.32 -72.19 -23.54
C LEU KD 109 -115.99 -71.55 -23.87
N GLN KD 110 -115.87 -70.98 -25.05
CA GLN KD 110 -114.65 -70.29 -25.42
C GLN KD 110 -114.57 -68.88 -24.83
N LYS KD 111 -115.69 -68.36 -24.34
CA LYS KD 111 -115.60 -67.17 -23.49
C LYS KD 111 -114.99 -67.51 -22.15
N GLN KD 112 -115.24 -68.72 -21.66
CA GLN KD 112 -114.41 -69.29 -20.62
C GLN KD 112 -113.11 -69.79 -21.24
N ASP KD 113 -112.20 -70.25 -20.40
CA ASP KD 113 -110.91 -70.70 -20.95
C ASP KD 113 -110.93 -72.18 -21.30
N ILE KD 114 -111.89 -72.58 -22.12
CA ILE KD 114 -112.12 -73.99 -22.45
C ILE KD 114 -112.18 -74.10 -23.96
N GLN KD 115 -111.41 -75.01 -24.53
CA GLN KD 115 -111.21 -75.04 -25.97
C GLN KD 115 -112.00 -76.16 -26.63
N TYR KD 116 -112.82 -75.81 -27.61
CA TYR KD 116 -113.61 -76.76 -28.39
C TYR KD 116 -113.01 -76.88 -29.78
N VAL KD 117 -112.87 -78.10 -30.28
CA VAL KD 117 -112.41 -78.34 -31.64
C VAL KD 117 -113.28 -79.42 -32.27
N GLU KD 118 -113.88 -79.11 -33.42
CA GLU KD 118 -114.63 -80.09 -34.20
C GLU KD 118 -114.02 -80.23 -35.57
N TYR KD 119 -113.80 -81.47 -35.99
CA TYR KD 119 -113.18 -81.77 -37.27
C TYR KD 119 -113.49 -83.20 -37.64
N GLY KD 120 -114.17 -83.41 -38.77
CA GLY KD 120 -114.49 -84.75 -39.20
C GLY KD 120 -115.55 -85.37 -38.31
N ASP KD 121 -115.32 -86.61 -37.90
CA ASP KD 121 -116.22 -87.30 -36.99
C ASP KD 121 -115.69 -87.31 -35.56
N THR KD 122 -114.61 -86.62 -35.30
CA THR KD 122 -113.96 -86.62 -34.00
C THR KD 122 -114.12 -85.26 -33.36
N ARG KD 123 -114.59 -85.23 -32.12
CA ARG KD 123 -114.76 -83.97 -31.41
C ARG KD 123 -113.94 -83.97 -30.14
N THR KD 124 -113.29 -82.82 -29.87
CA THR KD 124 -112.31 -82.73 -28.81
C THR KD 124 -112.55 -81.51 -27.94
N LEU KD 125 -112.36 -81.71 -26.64
CA LEU KD 125 -112.45 -80.65 -25.63
C LEU KD 125 -111.14 -80.58 -24.84
N ILE KD 126 -110.66 -79.36 -24.63
CA ILE KD 126 -109.39 -79.11 -23.98
C ILE KD 126 -109.63 -78.26 -22.74
N ILE KD 127 -109.15 -78.76 -21.60
CA ILE KD 127 -109.36 -78.12 -20.30
C ILE KD 127 -107.99 -77.85 -19.68
N PRO KD 128 -107.76 -76.64 -19.14
CA PRO KD 128 -106.49 -76.36 -18.46
C PRO KD 128 -106.52 -76.76 -16.98
N THR KD 129 -105.45 -77.45 -16.58
CA THR KD 129 -105.46 -78.22 -15.35
C THR KD 129 -105.49 -77.33 -14.11
N ASP KD 130 -104.62 -76.32 -14.08
CA ASP KD 130 -104.50 -75.49 -12.89
C ASP KD 130 -105.72 -74.60 -12.71
N LYS KD 131 -106.37 -74.22 -13.81
CA LYS KD 131 -107.61 -73.48 -13.67
C LYS KD 131 -108.72 -74.37 -13.17
N TYR KD 132 -108.78 -75.62 -13.64
CA TYR KD 132 -109.88 -76.50 -13.25
C TYR KD 132 -109.42 -77.63 -12.36
N PHE KD 133 -108.50 -77.33 -11.44
CA PHE KD 133 -108.08 -78.26 -10.42
C PHE KD 133 -107.51 -77.47 -9.26
N MET KD 134 -107.43 -78.12 -8.11
CA MET KD 134 -106.53 -77.63 -7.08
C MET KD 134 -105.12 -78.09 -7.40
N PHE KD 135 -104.14 -77.31 -6.96
CA PHE KD 135 -102.78 -77.49 -7.41
C PHE KD 135 -102.15 -78.72 -6.79
N SER KD 136 -101.46 -79.51 -7.63
CA SER KD 136 -100.61 -80.63 -7.23
C SER KD 136 -101.37 -81.69 -6.45
N SER KD 137 -102.61 -81.93 -6.85
CA SER KD 137 -103.50 -82.77 -6.08
C SER KD 137 -104.60 -83.28 -6.99
N PRO KD 138 -105.21 -84.40 -6.65
CA PRO KD 138 -106.45 -84.80 -7.32
C PRO KD 138 -107.69 -84.08 -6.82
N ARG KD 139 -107.55 -83.01 -6.05
CA ARG KD 139 -108.72 -82.23 -5.67
C ARG KD 139 -109.22 -81.46 -6.87
N LEU KD 140 -110.49 -81.64 -7.17
CA LEU KD 140 -111.13 -80.83 -8.20
C LEU KD 140 -111.31 -79.41 -7.68
N ASN KD 141 -111.05 -78.43 -8.54
CA ASN KD 141 -111.37 -77.06 -8.22
C ASN KD 141 -112.89 -76.89 -8.12
N GLU KD 142 -113.32 -76.04 -7.21
CA GLU KD 142 -114.74 -75.89 -6.95
C GLU KD 142 -115.34 -74.65 -7.58
N ILE KD 143 -114.55 -73.59 -7.77
CA ILE KD 143 -115.14 -72.30 -8.07
C ILE KD 143 -115.55 -72.12 -9.52
N CYS KD 144 -115.04 -72.93 -10.44
CA CYS KD 144 -115.30 -72.74 -11.86
C CYS KD 144 -116.45 -73.62 -12.34
N TYR KD 145 -117.46 -73.77 -11.49
CA TYR KD 145 -118.62 -74.58 -11.82
C TYR KD 145 -119.46 -74.16 -13.05
N PRO KD 146 -119.54 -72.89 -13.52
CA PRO KD 146 -120.32 -72.65 -14.75
C PRO KD 146 -119.79 -73.38 -15.97
N GLY KD 147 -118.46 -73.48 -16.10
CA GLY KD 147 -117.90 -74.24 -17.20
C GLY KD 147 -118.22 -75.72 -17.12
N LEU KD 148 -118.26 -76.26 -15.92
CA LEU KD 148 -118.60 -77.66 -15.74
C LEU KD 148 -120.06 -77.93 -16.08
N ASN KD 149 -120.94 -76.99 -15.73
CA ASN KD 149 -122.33 -77.13 -16.13
C ASN KD 149 -122.49 -77.01 -17.65
N ASN KD 150 -121.69 -76.16 -18.28
CA ASN KD 150 -121.66 -76.09 -19.72
C ASN KD 150 -121.19 -77.40 -20.34
N VAL KD 151 -120.21 -78.04 -19.69
CA VAL KD 151 -119.66 -79.31 -20.17
C VAL KD 151 -120.74 -80.39 -20.16
N ILE KD 152 -121.49 -80.46 -19.05
CA ILE KD 152 -122.56 -81.44 -18.96
C ILE KD 152 -123.65 -81.16 -19.98
N ARG KD 153 -124.01 -79.87 -20.16
CA ARG KD 153 -125.07 -79.53 -21.10
C ARG KD 153 -124.68 -79.82 -22.54
N LEU KD 154 -123.41 -79.63 -22.89
CA LEU KD 154 -122.98 -80.00 -24.23
C LEU KD 154 -122.96 -81.51 -24.40
N LEU KD 155 -122.46 -82.24 -23.39
CA LEU KD 155 -122.35 -83.67 -23.52
C LEU KD 155 -123.70 -84.37 -23.46
N ASN KD 156 -124.75 -83.67 -23.05
CA ASN KD 156 -126.10 -84.21 -23.16
C ASN KD 156 -126.51 -84.44 -24.62
N PHE KD 157 -125.96 -83.66 -25.54
CA PHE KD 157 -126.43 -83.68 -26.92
C PHE KD 157 -126.01 -84.91 -27.70
N TYR KD 158 -125.07 -85.70 -27.21
CA TYR KD 158 -124.47 -86.78 -27.99
C TYR KD 158 -124.57 -88.08 -27.20
N PRO KD 159 -125.78 -88.63 -27.10
CA PRO KD 159 -126.05 -89.66 -26.10
C PRO KD 159 -125.69 -91.08 -26.52
N GLN KD 160 -124.95 -91.28 -27.61
CA GLN KD 160 -124.57 -92.63 -28.01
C GLN KD 160 -123.09 -92.83 -28.18
N SER KD 161 -122.31 -91.76 -28.34
CA SER KD 161 -120.89 -91.90 -28.64
C SER KD 161 -120.11 -92.31 -27.39
N THR KD 162 -119.20 -93.26 -27.58
CA THR KD 162 -118.24 -93.58 -26.54
C THR KD 162 -117.24 -92.45 -26.35
N ILE KD 163 -116.65 -92.39 -25.17
CA ILE KD 163 -115.83 -91.27 -24.75
C ILE KD 163 -114.43 -91.77 -24.42
N TYR KD 164 -113.41 -91.09 -24.91
CA TYR KD 164 -112.06 -91.24 -24.42
C TYR KD 164 -111.65 -89.97 -23.70
N VAL KD 165 -110.98 -90.13 -22.56
CA VAL KD 165 -110.49 -88.98 -21.79
C VAL KD 165 -109.03 -89.24 -21.42
N ALA KD 166 -108.18 -88.25 -21.66
CA ALA KD 166 -106.76 -88.42 -21.45
C ALA KD 166 -106.17 -87.21 -20.75
N GLY KD 167 -105.09 -87.45 -20.03
CA GLY KD 167 -104.44 -86.44 -19.23
C GLY KD 167 -102.99 -86.26 -19.60
N PHE KD 168 -102.51 -85.02 -19.46
CA PHE KD 168 -101.15 -84.67 -19.82
C PHE KD 168 -100.57 -83.68 -18.82
N THR KD 169 -99.27 -83.81 -18.59
CA THR KD 169 -98.56 -82.93 -17.66
C THR KD 169 -97.31 -82.33 -18.28
N ASP KD 170 -96.51 -81.64 -17.49
CA ASP KD 170 -95.23 -81.11 -17.94
C ASP KD 170 -94.12 -82.11 -17.61
N ASN KD 171 -92.87 -81.68 -17.74
CA ASN KD 171 -91.73 -82.60 -17.75
C ASN KD 171 -90.92 -82.58 -16.47
N VAL KD 172 -91.29 -81.80 -15.48
CA VAL KD 172 -90.52 -81.72 -14.25
C VAL KD 172 -91.03 -82.78 -13.29
N GLY KD 173 -90.12 -83.59 -12.76
CA GLY KD 173 -90.42 -84.51 -11.69
C GLY KD 173 -90.08 -85.94 -12.04
N SER KD 174 -90.42 -86.83 -11.11
CA SER KD 174 -90.27 -88.26 -11.35
C SER KD 174 -91.31 -88.75 -12.34
N ARG KD 175 -90.89 -89.67 -13.21
CA ARG KD 175 -91.74 -90.19 -14.26
C ARG KD 175 -92.95 -90.91 -13.69
N SER KD 176 -92.72 -91.75 -12.68
CA SER KD 176 -93.80 -92.46 -12.03
C SER KD 176 -94.78 -91.51 -11.36
N HIS KD 177 -94.25 -90.46 -10.71
CA HIS KD 177 -95.10 -89.49 -10.04
C HIS KD 177 -95.97 -88.73 -11.03
N LYS KD 178 -95.41 -88.38 -12.19
CA LYS KD 178 -96.20 -87.70 -13.21
C LYS KD 178 -97.30 -88.60 -13.72
N ARG KD 179 -97.00 -89.88 -13.91
CA ARG KD 179 -98.02 -90.83 -14.33
C ARG KD 179 -99.13 -90.95 -13.30
N LYS KD 180 -98.75 -90.97 -12.01
CA LYS KD 180 -99.73 -91.08 -10.94
C LYS KD 180 -100.66 -89.88 -10.92
N LEU KD 181 -100.10 -88.68 -11.06
CA LEU KD 181 -100.92 -87.48 -11.00
C LEU KD 181 -101.84 -87.36 -12.21
N SER KD 182 -101.32 -87.72 -13.39
CA SER KD 182 -102.13 -87.70 -14.61
C SER KD 182 -103.28 -88.68 -14.53
N GLN KD 183 -103.02 -89.88 -14.03
CA GLN KD 183 -104.06 -90.88 -13.89
C GLN KD 183 -105.10 -90.45 -12.86
N ALA KD 184 -104.65 -89.82 -11.78
CA ALA KD 184 -105.57 -89.38 -10.74
C ALA KD 184 -106.52 -88.31 -11.26
N GLN KD 185 -105.99 -87.34 -11.98
CA GLN KD 185 -106.84 -86.28 -12.52
C GLN KD 185 -107.81 -86.82 -13.54
N ALA KD 186 -107.35 -87.76 -14.37
CA ALA KD 186 -108.23 -88.39 -15.36
C ALA KD 186 -109.36 -89.15 -14.69
N GLU KD 187 -109.04 -89.89 -13.63
CA GLU KD 187 -110.08 -90.68 -12.98
C GLU KD 187 -111.08 -89.81 -12.25
N THR KD 188 -110.63 -88.68 -11.69
CA THR KD 188 -111.58 -87.78 -11.03
C THR KD 188 -112.54 -87.15 -12.00
N MET KD 189 -112.03 -86.66 -13.13
CA MET KD 189 -112.93 -86.11 -14.15
C MET KD 189 -113.82 -87.19 -14.74
N MET KD 190 -113.31 -88.42 -14.82
CA MET KD 190 -114.11 -89.57 -15.24
C MET KD 190 -115.28 -89.82 -14.29
N THR KD 191 -115.02 -89.72 -12.98
CA THR KD 191 -116.08 -89.91 -11.98
C THR KD 191 -117.14 -88.83 -12.09
N PHE KD 192 -116.70 -87.57 -12.26
CA PHE KD 192 -117.67 -86.48 -12.40
C PHE KD 192 -118.46 -86.62 -13.70
N LEU KD 193 -117.87 -87.21 -14.73
CA LEU KD 193 -118.65 -87.49 -15.93
C LEU KD 193 -119.63 -88.63 -15.70
N TRP KD 194 -119.25 -89.61 -14.88
CA TRP KD 194 -120.13 -90.73 -14.58
C TRP KD 194 -121.33 -90.29 -13.77
N ALA KD 195 -121.14 -89.30 -12.91
CA ALA KD 195 -122.18 -88.90 -11.99
C ALA KD 195 -123.23 -88.00 -12.60
N ASN KD 196 -123.42 -88.01 -13.91
CA ASN KD 196 -124.45 -87.21 -14.54
C ASN KD 196 -125.22 -88.05 -15.55
N GLY KD 197 -125.58 -89.26 -15.14
CA GLY KD 197 -126.49 -90.07 -15.92
C GLY KD 197 -125.91 -90.69 -17.16
N ILE KD 198 -124.63 -91.00 -17.17
CA ILE KD 198 -123.96 -91.62 -18.32
C ILE KD 198 -123.35 -92.93 -17.86
N ALA KD 199 -123.68 -94.00 -18.57
CA ALA KD 199 -123.29 -95.34 -18.16
C ALA KD 199 -121.79 -95.56 -18.32
N ALA KD 200 -121.23 -96.35 -17.39
CA ALA KD 200 -119.79 -96.57 -17.34
C ALA KD 200 -119.28 -97.44 -18.47
N LYS KD 201 -120.16 -98.10 -19.23
CA LYS KD 201 -119.73 -98.87 -20.37
C LYS KD 201 -119.15 -97.98 -21.46
N ARG KD 202 -119.66 -96.76 -21.59
CA ARG KD 202 -119.21 -95.85 -22.62
C ARG KD 202 -117.88 -95.19 -22.30
N LEU KD 203 -117.29 -95.48 -21.16
CA LEU KD 203 -116.26 -94.65 -20.58
C LEU KD 203 -114.96 -95.41 -20.39
N LYS KD 204 -113.84 -94.74 -20.70
CA LYS KD 204 -112.52 -95.30 -20.45
C LYS KD 204 -111.54 -94.16 -20.29
N ALA KD 205 -110.64 -94.27 -19.32
CA ALA KD 205 -109.76 -93.16 -18.94
C ALA KD 205 -108.31 -93.52 -19.16
N GLU KD 206 -107.49 -92.50 -19.43
CA GLU KD 206 -106.06 -92.67 -19.56
C GLU KD 206 -105.37 -91.34 -19.31
N GLY KD 207 -104.33 -91.36 -18.49
CA GLY KD 207 -103.49 -90.19 -18.37
C GLY KD 207 -102.06 -90.52 -18.68
N TYR KD 208 -101.54 -90.01 -19.79
CA TYR KD 208 -100.16 -90.26 -20.14
C TYR KD 208 -99.28 -89.25 -19.46
N GLY KD 209 -97.98 -89.34 -19.73
CA GLY KD 209 -97.06 -88.45 -19.08
C GLY KD 209 -96.95 -87.17 -19.87
N ASP KD 210 -95.79 -86.92 -20.47
CA ASP KD 210 -95.54 -85.71 -21.21
C ASP KD 210 -95.04 -85.99 -22.62
N LYS KD 211 -95.05 -87.24 -23.07
CA LYS KD 211 -94.44 -87.60 -24.33
C LYS KD 211 -95.22 -87.09 -25.53
N ASN KD 212 -96.50 -86.81 -25.38
CA ASN KD 212 -97.29 -86.19 -26.44
C ASN KD 212 -97.54 -84.75 -26.03
N ALA KD 213 -96.61 -83.88 -26.40
CA ALA KD 213 -96.70 -82.46 -26.08
C ALA KD 213 -97.05 -81.69 -27.33
N ILE KD 214 -98.00 -80.77 -27.20
CA ILE KD 214 -98.32 -79.83 -28.26
C ILE KD 214 -97.52 -78.55 -28.13
N SER KD 215 -96.59 -78.50 -27.18
CA SER KD 215 -95.80 -77.31 -26.97
C SER KD 215 -94.47 -77.71 -26.35
N ASP KD 216 -93.51 -76.80 -26.47
CA ASP KD 216 -92.18 -77.03 -25.92
C ASP KD 216 -92.18 -76.80 -24.41
N ASN KD 217 -91.51 -77.68 -23.69
CA ASN KD 217 -91.43 -77.56 -22.24
C ASN KD 217 -90.27 -76.68 -21.78
N ALA KD 218 -89.35 -76.31 -22.66
CA ALA KD 218 -88.23 -75.47 -22.25
C ALA KD 218 -88.68 -74.04 -22.01
N ILE KD 219 -89.47 -73.48 -22.91
CA ILE KD 219 -89.98 -72.13 -22.72
C ILE KD 219 -91.20 -72.20 -21.81
N ILE KD 220 -91.30 -71.23 -20.90
CA ILE KD 220 -92.17 -71.34 -19.73
C ILE KD 220 -93.65 -71.28 -20.12
N HIS KD 221 -94.00 -70.46 -21.12
CA HIS KD 221 -95.40 -70.35 -21.51
C HIS KD 221 -95.89 -71.63 -22.17
N GLY KD 222 -95.10 -72.21 -23.07
CA GLY KD 222 -95.46 -73.50 -23.64
C GLY KD 222 -95.43 -74.62 -22.63
N SER KD 223 -94.54 -74.52 -21.64
CA SER KD 223 -94.54 -75.46 -20.53
C SER KD 223 -95.83 -75.37 -19.73
N ALA KD 224 -96.39 -74.17 -19.62
CA ALA KD 224 -97.71 -74.04 -19.04
C ALA KD 224 -98.77 -74.64 -19.95
N GLN KD 225 -98.58 -74.50 -21.26
CA GLN KD 225 -99.58 -75.00 -22.20
C GLN KD 225 -99.64 -76.51 -22.28
N ASN KD 226 -98.55 -77.20 -21.93
CA ASN KD 226 -98.46 -78.64 -22.18
C ASN KD 226 -99.41 -79.45 -21.30
N ARG KD 227 -99.53 -79.11 -20.02
CA ARG KD 227 -100.41 -79.87 -19.14
C ARG KD 227 -101.87 -79.57 -19.46
N ARG KD 228 -102.66 -80.61 -19.68
CA ARG KD 228 -103.99 -80.43 -20.23
C ARG KD 228 -104.83 -81.67 -19.96
N ILE KD 229 -106.14 -81.52 -20.10
CA ILE KD 229 -107.05 -82.65 -20.11
C ILE KD 229 -107.83 -82.60 -21.41
N GLU KD 230 -107.79 -83.71 -22.16
CA GLU KD 230 -108.45 -83.79 -23.45
C GLU KD 230 -109.59 -84.81 -23.39
N ILE KD 231 -110.67 -84.48 -24.09
CA ILE KD 231 -111.82 -85.36 -24.22
C ILE KD 231 -112.05 -85.56 -25.70
N GLN KD 232 -111.85 -86.78 -26.18
CA GLN KD 232 -112.14 -87.16 -27.54
C GLN KD 232 -113.42 -87.97 -27.55
N TRP KD 233 -114.26 -87.78 -28.58
CA TRP KD 233 -115.28 -88.77 -28.83
C TRP KD 233 -115.63 -88.87 -30.30
N PHE KD 234 -116.14 -90.04 -30.65
CA PHE KD 234 -116.50 -90.46 -31.99
C PHE KD 234 -117.96 -90.06 -32.25
N THR KD 235 -118.55 -90.61 -33.31
CA THR KD 235 -119.96 -90.40 -33.58
C THR KD 235 -120.73 -91.71 -33.64
N SER KD 236 -120.24 -92.70 -34.37
CA SER KD 236 -120.96 -93.96 -34.52
C SER KD 236 -120.09 -95.16 -34.22
N GLN LD 791 91.46 -66.52 -35.91
CA GLN LD 791 90.46 -66.36 -36.94
C GLN LD 791 89.18 -65.75 -36.36
N GLN LD 792 89.27 -65.30 -35.10
CA GLN LD 792 88.14 -64.68 -34.44
C GLN LD 792 87.84 -63.29 -34.98
N GLU LD 793 88.80 -62.71 -35.71
CA GLU LD 793 88.59 -61.41 -36.36
C GLU LD 793 87.50 -61.48 -37.43
N ILE LD 794 87.32 -62.67 -38.03
CA ILE LD 794 86.23 -62.90 -38.96
C ILE LD 794 84.89 -62.70 -38.27
N GLN LD 795 84.71 -63.33 -37.11
CA GLN LD 795 83.46 -63.18 -36.38
C GLN LD 795 83.34 -61.79 -35.77
N GLN LD 796 84.47 -61.15 -35.48
CA GLN LD 796 84.45 -59.78 -34.96
C GLN LD 796 83.88 -58.81 -35.98
N ARG LD 797 84.43 -58.86 -37.21
CA ARG LD 797 83.90 -58.05 -38.29
C ARG LD 797 82.47 -58.45 -38.65
N THR LD 798 82.15 -59.74 -38.51
CA THR LD 798 80.78 -60.20 -38.67
C THR LD 798 79.85 -59.55 -37.67
N SER LD 799 80.30 -59.44 -36.41
CA SER LD 799 79.48 -58.85 -35.35
C SER LD 799 79.25 -57.36 -35.59
N ASP LD 800 80.33 -56.61 -35.88
CA ASP LD 800 80.14 -55.18 -36.04
C ASP LD 800 79.39 -54.84 -37.33
N MET LD 801 79.60 -55.63 -38.39
CA MET LD 801 78.79 -55.49 -39.59
C MET LD 801 77.33 -55.81 -39.33
N LEU LD 802 77.05 -56.79 -38.46
CA LEU LD 802 75.66 -57.09 -38.14
C LEU LD 802 75.01 -55.98 -37.35
N THR LD 803 75.76 -55.34 -36.45
CA THR LD 803 75.21 -54.21 -35.69
C THR LD 803 74.88 -53.04 -36.62
N ALA LD 804 75.83 -52.69 -37.49
CA ALA LD 804 75.61 -51.61 -38.45
C ALA LD 804 74.50 -51.96 -39.43
N ALA LD 805 74.41 -53.23 -39.82
CA ALA LD 805 73.40 -53.67 -40.76
C ALA LD 805 72.01 -53.62 -40.15
N THR LD 806 71.90 -53.99 -38.87
CA THR LD 806 70.61 -53.90 -38.18
C THR LD 806 70.16 -52.46 -38.05
N GLN LD 807 71.08 -51.55 -37.72
CA GLN LD 807 70.69 -50.14 -37.63
C GLN LD 807 70.30 -49.60 -39.00
N LEU LD 808 71.06 -49.95 -40.03
CA LEU LD 808 70.76 -49.46 -41.37
C LEU LD 808 69.47 -50.06 -41.92
N VAL LD 809 69.17 -51.30 -41.56
CA VAL LD 809 67.93 -51.88 -42.05
C VAL LD 809 66.75 -51.33 -41.27
N GLN LD 810 66.97 -50.88 -40.02
CA GLN LD 810 65.93 -50.13 -39.33
C GLN LD 810 65.68 -48.80 -40.02
N ASP LD 811 66.76 -48.14 -40.46
CA ASP LD 811 66.62 -46.88 -41.17
C ASP LD 811 65.93 -47.07 -42.51
N TRP LD 812 66.18 -48.20 -43.18
CA TRP LD 812 65.55 -48.45 -44.46
C TRP LD 812 64.08 -48.82 -44.32
N LYS LD 813 63.73 -49.63 -43.32
CA LYS LD 813 62.33 -49.92 -43.08
C LYS LD 813 61.59 -48.74 -42.46
N GLN LD 814 62.31 -47.74 -41.97
CA GLN LD 814 61.67 -46.50 -41.55
C GLN LD 814 61.03 -45.81 -42.74
N VAL LD 815 59.75 -45.46 -42.58
CA VAL LD 815 58.96 -44.78 -43.59
C VAL LD 815 57.83 -44.06 -42.88
N GLU LD 816 57.62 -42.79 -43.21
CA GLU LD 816 56.67 -41.96 -42.47
C GLU LD 816 55.53 -41.52 -43.37
N THR LD 817 54.72 -40.61 -42.86
CA THR LD 817 53.45 -40.21 -43.46
C THR LD 817 53.49 -38.74 -43.88
N GLN LD 818 52.64 -38.40 -44.83
CA GLN LD 818 52.61 -37.06 -45.38
C GLN LD 818 51.83 -36.11 -44.47
N VAL LD 819 51.83 -34.83 -44.85
CA VAL LD 819 51.04 -33.82 -44.18
C VAL LD 819 50.20 -33.08 -45.21
N TYR LD 820 49.08 -32.55 -44.75
CA TYR LD 820 48.13 -31.84 -45.60
C TYR LD 820 47.71 -30.59 -44.84
N THR LD 821 48.13 -29.43 -45.32
CA THR LD 821 47.90 -28.18 -44.62
C THR LD 821 47.03 -27.26 -45.47
N GLU LD 822 45.93 -26.81 -44.88
CA GLU LD 822 45.06 -25.81 -45.48
C GLU LD 822 45.35 -24.45 -44.86
N GLY LD 823 44.73 -23.42 -45.42
CA GLY LD 823 44.91 -22.07 -44.91
C GLY LD 823 43.80 -21.11 -45.29
N THR LD 824 43.28 -20.40 -44.30
CA THR LD 824 42.27 -19.39 -44.54
C THR LD 824 42.37 -18.28 -43.51
N ALA MD 104 116.04 -28.92 -17.29
CA ALA MD 104 115.08 -28.34 -16.35
C ALA MD 104 114.10 -27.46 -17.10
N GLU MD 105 114.58 -26.86 -18.17
CA GLU MD 105 113.83 -25.85 -18.91
C GLU MD 105 113.06 -26.42 -20.09
N VAL MD 106 113.68 -27.28 -20.89
CA VAL MD 106 113.02 -27.87 -22.05
C VAL MD 106 112.08 -29.01 -21.68
N ILE MD 107 112.08 -29.42 -20.41
CA ILE MD 107 111.13 -30.42 -19.91
C ILE MD 107 109.71 -29.90 -20.08
N ASP MD 108 109.49 -28.63 -19.76
CA ASP MD 108 108.18 -28.01 -19.95
C ASP MD 108 107.83 -27.91 -21.42
N LYS MD 109 108.82 -27.75 -22.30
CA LYS MD 109 108.54 -27.71 -23.74
C LYS MD 109 108.11 -29.07 -24.25
N LYS MD 110 108.81 -30.13 -23.83
CA LYS MD 110 108.43 -31.49 -24.21
C LYS MD 110 107.05 -31.85 -23.65
N ALA MD 111 106.79 -31.46 -22.41
CA ALA MD 111 105.49 -31.68 -21.79
C ALA MD 111 104.39 -30.91 -22.50
N PHE MD 112 104.69 -29.70 -22.98
CA PHE MD 112 103.71 -28.91 -23.71
C PHE MD 112 103.38 -29.54 -25.06
N LYS MD 113 104.39 -30.08 -25.74
CA LYS MD 113 104.15 -30.78 -26.99
C LYS MD 113 103.31 -32.03 -26.78
N ASP MD 114 103.64 -32.82 -25.76
CA ASP MD 114 102.85 -34.03 -25.47
C ASP MD 114 101.46 -33.68 -24.98
N MET MD 115 101.32 -32.55 -24.29
CA MET MD 115 100.01 -32.07 -23.86
C MET MD 115 99.15 -31.68 -25.05
N THR MD 116 99.77 -31.06 -26.06
CA THR MD 116 99.06 -30.76 -27.29
C THR MD 116 98.62 -32.04 -28.00
N ARG MD 117 99.50 -33.05 -28.00
CA ARG MD 117 99.16 -34.34 -28.59
C ARG MD 117 98.00 -35.01 -27.87
N ASN MD 118 98.00 -34.94 -26.54
CA ASN MD 118 96.92 -35.55 -25.77
C ASN MD 118 95.63 -34.77 -25.90
N LEU MD 119 95.73 -33.46 -26.08
CA LEU MD 119 94.53 -32.64 -26.24
C LEU MD 119 93.87 -32.88 -27.58
N TYR MD 120 94.66 -32.93 -28.65
CA TYR MD 120 94.10 -33.19 -29.97
C TYR MD 120 94.73 -34.43 -30.58
N PRO MD 121 93.97 -35.50 -30.76
CA PRO MD 121 94.54 -36.76 -31.24
C PRO MD 121 94.47 -36.98 -32.74
N LEU MD 122 94.03 -35.99 -33.52
CA LEU MD 122 93.85 -36.16 -34.95
C LEU MD 122 94.37 -34.94 -35.70
N ASN MD 123 94.86 -35.18 -36.91
CA ASN MD 123 95.29 -34.10 -37.77
C ASN MD 123 94.08 -33.35 -38.32
N PRO MD 124 94.21 -32.05 -38.61
CA PRO MD 124 93.12 -31.33 -39.26
C PRO MD 124 92.79 -31.85 -40.65
N GLU MD 125 93.80 -32.30 -41.40
CA GLU MD 125 93.54 -32.94 -42.68
C GLU MD 125 92.82 -34.27 -42.48
N GLN MD 126 93.14 -34.96 -41.39
CA GLN MD 126 92.42 -36.18 -41.05
C GLN MD 126 90.97 -35.88 -40.67
N VAL MD 127 90.75 -34.73 -40.02
CA VAL MD 127 89.39 -34.26 -39.75
C VAL MD 127 88.65 -34.01 -41.06
N VAL MD 128 89.34 -33.41 -42.03
CA VAL MD 128 88.75 -33.11 -43.33
C VAL MD 128 88.35 -34.39 -44.06
N LYS MD 129 89.25 -35.36 -44.09
CA LYS MD 129 88.92 -36.60 -44.80
C LYS MD 129 87.92 -37.46 -44.03
N LEU MD 130 87.83 -37.30 -42.70
CA LEU MD 130 86.76 -37.97 -41.97
C LEU MD 130 85.42 -37.34 -42.28
N LYS MD 131 85.38 -36.02 -42.44
CA LYS MD 131 84.17 -35.35 -42.92
C LYS MD 131 83.79 -35.84 -44.30
N GLN MD 132 84.80 -36.04 -45.16
CA GLN MD 132 84.58 -36.54 -46.51
C GLN MD 132 84.01 -37.96 -46.49
N ILE MD 133 84.58 -38.84 -45.67
CA ILE MD 133 84.11 -40.22 -45.65
C ILE MD 133 82.77 -40.31 -44.95
N TYR MD 134 82.46 -39.37 -44.05
CA TYR MD 134 81.13 -39.30 -43.46
C TYR MD 134 80.10 -38.92 -44.50
N GLU MD 135 80.42 -37.95 -45.35
CA GLU MD 135 79.54 -37.59 -46.44
C GLU MD 135 79.40 -38.74 -47.43
N THR MD 136 80.48 -39.48 -47.65
CA THR MD 136 80.45 -40.62 -48.56
C THR MD 136 79.55 -41.73 -48.04
N SER MD 137 79.64 -42.03 -46.75
CA SER MD 137 78.79 -43.04 -46.14
C SER MD 137 77.33 -42.60 -46.11
N GLU MD 138 77.10 -41.30 -45.89
CA GLU MD 138 75.73 -40.80 -45.94
C GLU MD 138 75.17 -40.86 -47.36
N TYR MD 139 76.01 -40.61 -48.37
CA TYR MD 139 75.55 -40.70 -49.74
C TYR MD 139 75.28 -42.14 -50.15
N ALA MD 140 76.07 -43.08 -49.63
CA ALA MD 140 75.80 -44.49 -49.87
C ALA MD 140 74.51 -44.92 -49.17
N LYS MD 141 74.28 -44.38 -47.96
CA LYS MD 141 73.06 -44.68 -47.22
C LYS MD 141 71.83 -44.16 -47.93
N ALA MD 142 71.91 -42.93 -48.45
CA ALA MD 142 70.80 -42.34 -49.18
C ALA MD 142 70.77 -42.76 -50.64
N ALA MD 143 71.76 -43.53 -51.08
CA ALA MD 143 71.78 -44.00 -52.46
C ALA MD 143 70.71 -45.05 -52.67
N THR MD 144 69.92 -44.88 -53.72
CA THR MD 144 68.79 -45.74 -54.00
C THR MD 144 69.12 -46.67 -55.16
N PRO MD 145 69.20 -47.98 -54.93
CA PRO MD 145 69.66 -48.89 -55.97
C PRO MD 145 68.55 -49.17 -56.97
N GLY MD 146 68.90 -49.93 -58.00
CA GLY MD 146 67.94 -50.29 -59.01
C GLY MD 146 67.67 -49.18 -60.00
N THR MD 147 66.49 -49.26 -60.61
CA THR MD 147 66.08 -48.30 -61.61
C THR MD 147 65.17 -47.25 -60.99
N PRO MD 148 65.57 -45.97 -60.94
CA PRO MD 148 64.66 -44.95 -60.43
C PRO MD 148 63.58 -44.65 -61.43
N PRO MD 149 62.37 -44.33 -60.97
CA PRO MD 149 61.26 -44.09 -61.89
C PRO MD 149 61.35 -42.71 -62.51
N LYS MD 150 60.44 -42.48 -63.45
CA LYS MD 150 60.36 -41.25 -64.20
C LYS MD 150 59.05 -40.55 -63.88
N PRO MD 151 59.08 -39.26 -63.52
CA PRO MD 151 57.85 -38.55 -63.18
C PRO MD 151 57.04 -38.22 -64.42
N THR MD 152 55.80 -38.69 -64.46
CA THR MD 152 54.91 -38.41 -65.58
C THR MD 152 53.53 -38.09 -65.06
N ALA MD 153 52.83 -37.24 -65.79
CA ALA MD 153 51.41 -36.99 -65.55
C ALA MD 153 50.62 -37.59 -66.70
N THR MD 154 49.43 -38.11 -66.39
CA THR MD 154 48.66 -38.81 -67.40
C THR MD 154 47.21 -38.35 -67.38
N SER MD 155 46.59 -38.39 -68.55
CA SER MD 155 45.15 -38.23 -68.69
C SER MD 155 44.61 -39.46 -69.41
N GLN MD 156 43.60 -40.08 -68.83
CA GLN MD 156 43.05 -41.30 -69.37
C GLN MD 156 41.53 -41.25 -69.28
N PHE MD 157 40.86 -41.77 -70.30
CA PHE MD 157 39.41 -41.80 -70.36
C PHE MD 157 38.88 -43.13 -69.83
N VAL MD 158 37.95 -43.07 -68.89
CA VAL MD 158 37.33 -44.25 -68.30
C VAL MD 158 35.87 -44.29 -68.70
N ASN MD 159 35.41 -45.45 -69.16
CA ASN MD 159 34.02 -45.68 -69.47
C ASN MD 159 33.40 -46.59 -68.41
N LEU MD 160 32.07 -46.53 -68.30
CA LEU MD 160 31.33 -47.33 -67.35
C LEU MD 160 30.70 -48.56 -67.99
N SER MD 161 31.18 -48.98 -69.15
CA SER MD 161 30.66 -50.15 -69.82
C SER MD 161 31.02 -51.41 -69.03
N PRO MD 162 30.15 -52.45 -69.07
CA PRO MD 162 30.44 -53.67 -68.31
C PRO MD 162 31.42 -54.62 -68.99
N GLY MD 163 32.18 -54.12 -69.96
CA GLY MD 163 33.30 -54.87 -70.50
C GLY MD 163 34.57 -54.06 -70.37
N SER MD 164 34.48 -52.88 -69.78
CA SER MD 164 35.62 -51.97 -69.68
C SER MD 164 36.68 -52.53 -68.74
N THR MD 165 37.93 -52.36 -69.14
CA THR MD 165 39.04 -52.76 -68.31
C THR MD 165 39.15 -51.82 -67.12
N PRO MD 166 39.20 -52.32 -65.90
CA PRO MD 166 39.41 -51.45 -64.73
C PRO MD 166 40.82 -50.86 -64.75
N PRO MD 167 40.92 -49.53 -64.74
CA PRO MD 167 42.24 -48.90 -64.84
C PRO MD 167 43.07 -49.06 -63.57
N VAL MD 168 44.37 -48.89 -63.77
CA VAL MD 168 45.37 -49.09 -62.73
C VAL MD 168 46.15 -47.78 -62.52
N ILE MD 169 46.68 -47.62 -61.33
CA ILE MD 169 47.45 -46.45 -60.95
C ILE MD 169 48.81 -46.89 -60.45
N ARG MD 170 49.87 -46.32 -61.01
CA ARG MD 170 51.24 -46.67 -60.67
C ARG MD 170 51.70 -45.83 -59.48
N LEU MD 171 52.23 -46.49 -58.45
CA LEU MD 171 52.58 -45.83 -57.18
C LEU MD 171 54.02 -46.09 -56.82
N SER MD 172 54.46 -45.44 -55.74
CA SER MD 172 55.82 -45.59 -55.24
C SER MD 172 55.88 -45.15 -53.78
N GLN MD 173 56.96 -45.54 -53.12
CA GLN MD 173 57.19 -45.18 -51.72
C GLN MD 173 57.67 -43.75 -51.62
N GLY MD 174 57.04 -42.99 -50.72
CA GLY MD 174 57.45 -41.63 -50.47
C GLY MD 174 56.98 -40.61 -51.47
N PHE MD 175 56.24 -41.01 -52.49
CA PHE MD 175 55.72 -40.08 -53.49
C PHE MD 175 54.22 -40.27 -53.61
N VAL MD 176 53.47 -39.20 -53.42
CA VAL MD 176 52.03 -39.26 -53.32
C VAL MD 176 51.44 -38.88 -54.67
N SER MD 177 50.64 -39.78 -55.22
CA SER MD 177 49.96 -39.54 -56.48
C SER MD 177 48.69 -38.74 -56.26
N SER MD 178 48.28 -38.01 -57.29
CA SER MD 178 47.12 -37.14 -57.23
C SER MD 178 46.13 -37.51 -58.33
N LEU MD 179 44.85 -37.49 -57.97
CA LEU MD 179 43.76 -37.95 -58.82
C LEU MD 179 42.73 -36.86 -58.96
N VAL MD 180 42.38 -36.52 -60.20
CA VAL MD 180 41.31 -35.58 -60.50
C VAL MD 180 40.34 -36.25 -61.47
N PHE MD 181 39.06 -36.22 -61.13
CA PHE MD 181 38.00 -36.75 -61.98
C PHE MD 181 37.37 -35.61 -62.76
N LEU MD 182 37.39 -35.72 -64.09
CA LEU MD 182 36.74 -34.77 -64.97
C LEU MD 182 35.67 -35.49 -65.77
N ASP MD 183 34.54 -34.84 -65.96
CA ASP MD 183 33.41 -35.50 -66.60
C ASP MD 183 33.57 -35.47 -68.12
N SER MD 184 32.50 -35.82 -68.84
CA SER MD 184 32.50 -35.75 -70.30
C SER MD 184 32.66 -34.33 -70.79
N THR MD 185 32.09 -33.37 -70.07
CA THR MD 185 32.33 -31.96 -70.36
C THR MD 185 33.67 -31.49 -69.82
N GLY MD 186 34.38 -32.31 -69.05
CA GLY MD 186 35.67 -31.95 -68.50
C GLY MD 186 35.62 -31.23 -67.17
N ALA MD 187 34.44 -30.92 -66.66
CA ALA MD 187 34.32 -30.26 -65.37
C ALA MD 187 34.63 -31.25 -64.24
N PRO MD 188 35.11 -30.77 -63.09
CA PRO MD 188 35.35 -31.69 -61.98
C PRO MD 188 34.05 -32.23 -61.41
N TRP MD 189 34.09 -33.49 -61.01
CA TRP MD 189 32.93 -34.16 -60.45
C TRP MD 189 33.16 -34.37 -58.96
N PRO MD 190 32.38 -33.71 -58.10
CA PRO MD 190 32.55 -33.88 -56.65
C PRO MD 190 32.22 -35.29 -56.19
N ILE MD 191 32.87 -35.69 -55.11
CA ILE MD 191 32.90 -37.08 -54.66
C ILE MD 191 32.06 -37.20 -53.39
N ALA MD 192 31.11 -38.14 -53.40
CA ALA MD 192 30.30 -38.34 -52.21
C ALA MD 192 31.03 -39.15 -51.15
N ALA MD 193 31.52 -40.34 -51.51
CA ALA MD 193 32.17 -41.19 -50.52
C ALA MD 193 33.17 -42.11 -51.21
N TYR MD 194 34.02 -42.76 -50.41
CA TYR MD 194 34.94 -43.72 -51.00
C TYR MD 194 35.29 -44.82 -50.01
N ASP MD 195 35.76 -45.93 -50.58
CA ASP MD 195 36.15 -47.13 -49.86
C ASP MD 195 37.55 -47.52 -50.31
N LEU MD 196 38.35 -48.02 -49.38
CA LEU MD 196 39.74 -48.37 -49.61
C LEU MD 196 40.01 -49.77 -49.08
N GLY MD 197 40.64 -50.62 -49.89
CA GLY MD 197 41.15 -51.88 -49.40
C GLY MD 197 42.59 -51.75 -48.94
N ASP MD 198 42.91 -52.49 -47.87
CA ASP MD 198 44.20 -52.48 -47.17
C ASP MD 198 44.63 -51.07 -46.77
N PRO MD 199 44.07 -50.52 -45.69
CA PRO MD 199 44.44 -49.14 -45.29
C PRO MD 199 45.89 -48.95 -44.89
N SER MD 200 46.62 -50.00 -44.52
CA SER MD 200 47.97 -49.82 -44.02
C SER MD 200 49.01 -49.58 -45.11
N SER MD 201 48.63 -49.66 -46.39
CA SER MD 201 49.57 -49.33 -47.46
C SER MD 201 49.41 -47.90 -47.96
N PHE MD 202 48.38 -47.18 -47.53
CA PHE MD 202 48.03 -45.92 -48.15
C PHE MD 202 47.69 -44.88 -47.10
N ASN MD 203 47.92 -43.62 -47.46
CA ASN MD 203 47.46 -42.49 -46.67
C ASN MD 203 46.73 -41.53 -47.60
N ILE MD 204 45.47 -41.25 -47.28
CA ILE MD 204 44.59 -40.48 -48.15
C ILE MD 204 44.20 -39.20 -47.44
N GLN MD 205 44.42 -38.07 -48.11
CA GLN MD 205 43.94 -36.78 -47.65
C GLN MD 205 42.84 -36.31 -48.59
N TRP MD 206 41.71 -35.91 -48.03
CA TRP MD 206 40.56 -35.57 -48.86
C TRP MD 206 39.65 -34.62 -48.11
N ASP MD 207 39.54 -33.39 -48.61
CA ASP MD 207 38.49 -32.50 -48.13
C ASP MD 207 37.14 -33.07 -48.52
N LYS MD 208 36.17 -32.94 -47.62
CA LYS MD 208 34.86 -33.56 -47.79
C LYS MD 208 34.06 -32.99 -48.94
N THR MD 209 34.44 -31.83 -49.46
CA THR MD 209 33.75 -31.18 -50.56
C THR MD 209 34.64 -31.07 -51.80
N SER MD 210 35.74 -31.80 -51.86
CA SER MD 210 36.69 -31.72 -52.95
C SER MD 210 36.62 -32.96 -53.82
N ASN MD 211 36.98 -32.78 -55.09
CA ASN MD 211 37.10 -33.90 -56.03
C ASN MD 211 38.52 -34.41 -56.14
N THR MD 212 39.44 -33.83 -55.39
CA THR MD 212 40.86 -34.12 -55.53
C THR MD 212 41.28 -35.20 -54.54
N LEU MD 213 41.99 -36.20 -55.03
CA LEU MD 213 42.53 -37.27 -54.20
C LEU MD 213 44.05 -37.20 -54.21
N MET MD 214 44.66 -37.60 -53.09
CA MET MD 214 46.11 -37.70 -53.01
C MET MD 214 46.47 -38.85 -52.09
N ILE MD 215 47.14 -39.85 -52.64
CA ILE MD 215 47.43 -41.09 -51.94
C ILE MD 215 48.92 -41.37 -52.05
N GLN MD 216 49.57 -41.62 -50.92
CA GLN MD 216 50.95 -42.07 -50.90
C GLN MD 216 51.00 -43.54 -50.54
N ALA MD 217 51.90 -44.28 -51.19
CA ALA MD 217 52.07 -45.68 -50.88
C ALA MD 217 52.99 -45.82 -49.68
N THR MD 218 52.65 -46.76 -48.79
CA THR MD 218 53.44 -47.02 -47.60
C THR MD 218 54.18 -48.34 -47.64
N LYS MD 219 53.71 -49.31 -48.40
CA LYS MD 219 54.42 -50.57 -48.62
C LYS MD 219 54.83 -50.67 -50.08
N LEU MD 220 55.99 -51.30 -50.30
CA LEU MD 220 56.67 -51.17 -51.59
C LEU MD 220 55.97 -51.93 -52.71
N TYR MD 221 55.56 -53.17 -52.45
CA TYR MD 221 55.09 -54.03 -53.53
C TYR MD 221 53.82 -54.77 -53.16
N ASN MD 222 52.84 -54.06 -52.61
CA ASN MD 222 51.53 -54.64 -52.32
C ASN MD 222 50.45 -53.79 -52.94
N TYR MD 223 49.58 -54.42 -53.73
CA TYR MD 223 48.61 -53.70 -54.55
C TYR MD 223 47.21 -53.83 -53.97
N GLY MD 224 46.38 -52.82 -54.25
CA GLY MD 224 45.08 -52.71 -53.60
C GLY MD 224 44.00 -52.22 -54.54
N ASN MD 225 42.78 -52.13 -54.00
CA ASN MD 225 41.61 -51.72 -54.75
C ASN MD 225 40.94 -50.55 -54.05
N LEU MD 226 40.29 -49.70 -54.85
CA LEU MD 226 39.61 -48.52 -54.36
C LEU MD 226 38.27 -48.39 -55.05
N ALA MD 227 37.32 -47.78 -54.36
CA ALA MD 227 36.00 -47.54 -54.92
C ALA MD 227 35.56 -46.13 -54.57
N VAL MD 228 34.93 -45.46 -55.53
CA VAL MD 228 34.49 -44.08 -55.38
C VAL MD 228 33.01 -44.01 -55.75
N ARG MD 229 32.20 -43.44 -54.86
CA ARG MD 229 30.81 -43.11 -55.14
C ARG MD 229 30.73 -41.61 -55.34
N LEU MD 230 30.37 -41.20 -56.55
CA LEU MD 230 30.24 -39.80 -56.89
C LEU MD 230 28.85 -39.29 -56.53
N ARG MD 231 28.72 -37.97 -56.52
CA ARG MD 231 27.46 -37.36 -56.13
C ARG MD 231 26.42 -37.44 -57.24
N GLY MD 232 26.86 -37.36 -58.50
CA GLY MD 232 25.93 -37.30 -59.60
C GLY MD 232 25.67 -38.62 -60.29
N LEU MD 233 25.87 -39.73 -59.59
CA LEU MD 233 25.74 -41.05 -60.17
C LEU MD 233 24.91 -41.95 -59.27
N ASN MD 234 24.87 -43.22 -59.65
CA ASN MD 234 24.36 -44.29 -58.79
C ASN MD 234 25.34 -45.44 -58.64
N THR MD 235 26.05 -45.80 -59.70
CA THR MD 235 26.97 -46.94 -59.62
C THR MD 235 28.36 -46.47 -59.23
N PRO MD 236 28.94 -47.06 -58.18
CA PRO MD 236 30.33 -46.71 -57.82
C PRO MD 236 31.34 -47.25 -58.82
N VAL MD 237 32.54 -46.68 -58.75
CA VAL MD 237 33.61 -46.94 -59.70
C VAL MD 237 34.77 -47.60 -58.96
N MET MD 238 35.26 -48.71 -59.50
CA MET MD 238 36.44 -49.36 -58.96
C MET MD 238 37.70 -48.83 -59.63
N LEU MD 239 38.82 -49.06 -58.97
CA LEU MD 239 40.11 -48.55 -59.41
C LEU MD 239 41.19 -49.40 -58.78
N THR MD 240 42.25 -49.72 -59.51
CA THR MD 240 43.30 -50.58 -58.99
C THR MD 240 44.57 -49.77 -58.76
N LEU MD 241 45.31 -50.13 -57.72
CA LEU MD 241 46.48 -49.37 -57.30
C LEU MD 241 47.66 -50.32 -57.12
N ILE MD 242 48.66 -50.20 -57.99
CA ILE MD 242 49.84 -51.06 -57.95
C ILE MD 242 51.06 -50.18 -57.75
N PRO MD 243 51.90 -50.44 -56.76
CA PRO MD 243 53.12 -49.66 -56.62
C PRO MD 243 54.27 -50.28 -57.37
N GLY MD 244 55.43 -49.63 -57.32
CA GLY MD 244 56.64 -50.18 -57.90
C GLY MD 244 56.67 -50.24 -59.42
N GLN MD 245 56.74 -49.08 -60.06
CA GLN MD 245 56.79 -49.00 -61.51
C GLN MD 245 57.94 -48.10 -61.95
N LYS MD 246 58.32 -48.25 -63.22
CA LYS MD 246 59.40 -47.46 -63.80
C LYS MD 246 59.01 -46.01 -64.03
N ALA MD 247 57.72 -45.70 -64.00
CA ALA MD 247 57.25 -44.33 -64.10
C ALA MD 247 56.20 -44.10 -63.02
N VAL MD 248 56.20 -42.89 -62.47
CA VAL MD 248 55.33 -42.53 -61.37
C VAL MD 248 54.33 -41.49 -61.86
N ASP MD 249 53.06 -41.78 -61.65
CA ASP MD 249 51.96 -40.92 -62.12
C ASP MD 249 51.71 -39.87 -61.05
N TYR MD 250 52.15 -38.64 -61.32
CA TYR MD 250 51.91 -37.56 -60.39
C TYR MD 250 50.44 -37.14 -60.40
N ARG MD 251 49.98 -36.67 -61.55
CA ARG MD 251 48.63 -36.13 -61.68
C ARG MD 251 47.90 -36.94 -62.76
N VAL MD 252 46.81 -37.59 -62.37
CA VAL MD 252 46.03 -38.43 -63.26
C VAL MD 252 44.67 -37.79 -63.43
N ASP MD 253 44.33 -37.46 -64.66
CA ASP MD 253 43.04 -36.88 -65.00
C ASP MD 253 42.18 -37.94 -65.65
N LEU MD 254 41.14 -38.37 -64.95
CA LEU MD 254 40.24 -39.40 -65.43
C LEU MD 254 39.05 -38.76 -66.11
N ARG MD 255 38.96 -38.90 -67.43
CA ARG MD 255 37.76 -38.55 -68.17
C ARG MD 255 36.75 -39.66 -67.94
N VAL MD 256 35.72 -39.36 -67.19
CA VAL MD 256 34.66 -40.34 -66.97
C VAL MD 256 33.65 -40.24 -68.10
N GLN MD 257 32.99 -41.36 -68.38
CA GLN MD 257 32.02 -41.42 -69.48
C GLN MD 257 30.80 -40.54 -69.20
N GLY MD 258 30.28 -40.61 -67.99
CA GLY MD 258 29.17 -39.76 -67.63
C GLY MD 258 29.58 -38.31 -67.47
N TYR MD 259 28.59 -37.43 -67.46
CA TYR MD 259 28.81 -36.01 -67.23
C TYR MD 259 28.15 -35.60 -65.92
N GLY MD 260 28.82 -34.72 -65.19
CA GLY MD 260 28.38 -34.35 -63.87
C GLY MD 260 27.35 -33.23 -63.89
N PRO MD 261 26.99 -32.73 -62.71
CA PRO MD 261 26.04 -31.60 -62.66
C PRO MD 261 26.62 -30.29 -63.14
N ASN MD 262 27.94 -30.15 -63.16
CA ASN MD 262 28.59 -28.93 -63.61
C ASN MD 262 29.00 -29.10 -65.07
N ALA MD 263 28.65 -28.13 -65.90
CA ALA MD 263 28.94 -28.18 -67.33
C ALA MD 263 29.81 -27.00 -67.75
N ASP MD 278 41.60 -19.50 -76.05
CA ASP MD 278 41.36 -20.82 -76.62
C ASP MD 278 42.67 -21.45 -77.10
N LEU MD 279 42.64 -22.01 -78.31
CA LEU MD 279 43.85 -22.55 -78.91
C LEU MD 279 44.87 -21.47 -79.21
N LEU MD 280 44.40 -20.27 -79.58
CA LEU MD 280 45.31 -19.14 -79.75
C LEU MD 280 45.92 -18.71 -78.42
N LEU MD 281 45.15 -18.79 -77.34
CA LEU MD 281 45.71 -18.52 -76.02
C LEU MD 281 46.72 -19.59 -75.62
N HIS MD 282 46.48 -20.83 -76.04
CA HIS MD 282 47.44 -21.89 -75.75
C HIS MD 282 48.71 -21.74 -76.59
N VAL MD 283 48.60 -21.17 -77.78
CA VAL MD 283 49.79 -20.96 -78.59
C VAL MD 283 50.50 -19.65 -78.25
N LEU MD 284 49.82 -18.74 -77.55
CA LEU MD 284 50.47 -17.50 -77.14
C LEU MD 284 51.50 -17.74 -76.05
N GLU MD 285 51.27 -18.73 -75.19
CA GLU MD 285 52.22 -19.06 -74.14
C GLU MD 285 53.42 -19.85 -74.65
N GLY MD 286 53.43 -20.24 -75.91
CA GLY MD 286 54.54 -20.97 -76.47
C GLY MD 286 54.33 -22.45 -76.61
N VAL MD 287 53.13 -22.96 -76.32
CA VAL MD 287 52.83 -24.37 -76.48
C VAL MD 287 52.12 -24.54 -77.83
N PRO MD 288 52.74 -25.18 -78.80
CA PRO MD 288 52.06 -25.41 -80.08
C PRO MD 288 50.96 -26.44 -79.93
N PRO MD 289 49.95 -26.40 -80.80
CA PRO MD 289 48.93 -27.45 -80.77
C PRO MD 289 49.52 -28.78 -81.20
N PRO MD 290 48.96 -29.89 -80.74
CA PRO MD 290 49.53 -31.20 -81.06
C PRO MD 290 49.38 -31.56 -82.54
N GLY MD 291 50.34 -32.35 -83.02
CA GLY MD 291 50.40 -32.73 -84.41
C GLY MD 291 51.17 -31.77 -85.29
N SER MD 292 51.50 -30.58 -84.78
CA SER MD 292 52.20 -29.61 -85.59
C SER MD 292 53.69 -29.92 -85.65
N ARG MD 293 54.35 -29.34 -86.65
CA ARG MD 293 55.78 -29.51 -86.84
C ARG MD 293 56.46 -28.14 -86.78
N ARG MD 294 57.74 -28.16 -86.47
CA ARG MD 294 58.52 -26.94 -86.39
C ARG MD 294 59.09 -26.60 -87.75
N LEU MD 295 58.78 -25.41 -88.25
CA LEU MD 295 59.30 -24.95 -89.53
C LEU MD 295 60.16 -23.72 -89.32
N VAL MD 296 61.21 -23.61 -90.13
CA VAL MD 296 62.25 -22.60 -89.92
C VAL MD 296 61.72 -21.24 -90.36
N VAL MD 297 61.73 -20.29 -89.44
CA VAL MD 297 61.41 -18.90 -89.75
C VAL MD 297 62.72 -18.19 -90.06
N SER MD 298 62.96 -17.90 -91.34
CA SER MD 298 64.25 -17.42 -91.81
C SER MD 298 64.23 -15.91 -91.94
N GLY MD 299 65.33 -15.28 -91.54
CA GLY MD 299 65.49 -13.85 -91.67
C GLY MD 299 64.84 -13.02 -90.58
N GLY MD 300 64.28 -13.65 -89.55
CA GLY MD 300 63.59 -12.90 -88.52
C GLY MD 300 63.58 -13.55 -87.15
N ASP MD 301 62.60 -13.17 -86.33
CA ASP MD 301 62.47 -13.64 -84.96
C ASP MD 301 61.03 -14.07 -84.73
N ALA MD 302 60.71 -15.31 -85.10
CA ALA MD 302 59.38 -15.85 -84.92
C ALA MD 302 59.47 -17.35 -84.91
N ARG MD 303 58.38 -18.00 -84.52
CA ARG MD 303 58.26 -19.44 -84.65
C ARG MD 303 56.97 -19.76 -85.38
N ALA MD 304 57.00 -20.81 -86.19
CA ALA MD 304 55.88 -21.17 -87.04
C ALA MD 304 55.61 -22.66 -86.96
N TRP MD 305 54.34 -23.02 -86.97
CA TRP MD 305 53.92 -24.41 -86.91
C TRP MD 305 52.80 -24.65 -87.90
N LEU MD 306 52.76 -25.88 -88.43
CA LEU MD 306 51.72 -26.33 -89.35
C LEU MD 306 51.18 -27.66 -88.85
N SER MD 307 49.89 -27.68 -88.54
CA SER MD 307 49.26 -28.90 -88.02
C SER MD 307 48.18 -29.43 -88.94
N ASN MD 308 47.23 -28.59 -89.32
CA ASN MD 308 46.06 -28.99 -90.10
C ASN MD 308 45.94 -28.11 -91.34
N GLU MD 309 47.06 -28.01 -92.07
CA GLU MD 309 47.33 -27.11 -93.20
C GLU MD 309 46.86 -25.68 -92.96
N LYS MD 310 46.99 -25.22 -91.72
CA LYS MD 310 46.73 -23.84 -91.35
C LYS MD 310 47.87 -23.40 -90.44
N MET MD 311 48.65 -22.43 -90.90
CA MET MD 311 49.87 -22.05 -90.21
C MET MD 311 49.55 -21.21 -88.97
N TYR MD 312 50.43 -21.34 -87.97
CA TYR MD 312 50.37 -20.53 -86.77
C TYR MD 312 51.73 -19.89 -86.57
N VAL MD 313 51.74 -18.59 -86.32
CA VAL MD 313 52.97 -17.82 -86.15
C VAL MD 313 52.93 -17.14 -84.80
N ARG MD 314 53.98 -17.36 -84.00
CA ARG MD 314 54.18 -16.63 -82.76
C ARG MD 314 55.37 -15.69 -82.93
N THR MD 315 55.18 -14.42 -82.60
CA THR MD 315 56.22 -13.42 -82.75
C THR MD 315 55.92 -12.25 -81.82
N ASN MD 316 56.62 -11.16 -82.04
CA ASN MD 316 56.34 -9.90 -81.39
C ASN MD 316 56.14 -8.77 -82.39
N LEU MD 317 56.26 -9.06 -83.69
CA LEU MD 317 56.20 -8.04 -84.72
C LEU MD 317 54.77 -7.85 -85.18
N THR MD 318 54.58 -7.11 -86.26
CA THR MD 318 53.27 -6.86 -86.83
C THR MD 318 53.24 -7.38 -88.26
N ILE MD 319 52.32 -8.30 -88.53
CA ILE MD 319 52.18 -8.86 -89.87
C ILE MD 319 51.56 -7.82 -90.79
N LEU MD 320 52.01 -7.79 -92.04
CA LEU MD 320 51.54 -6.74 -92.94
C LEU MD 320 50.80 -7.30 -94.15
N SER MD 321 51.43 -8.16 -94.95
CA SER MD 321 50.88 -8.49 -96.27
C SER MD 321 49.74 -9.51 -96.31
N PRO MD 322 49.92 -10.77 -95.91
CA PRO MD 322 49.11 -11.83 -96.52
C PRO MD 322 47.69 -11.96 -95.96
N GLY MD 323 47.38 -11.31 -94.84
CA GLY MD 323 46.05 -11.40 -94.27
C GLY MD 323 45.87 -12.64 -93.42
N TRP MD 324 45.34 -12.48 -92.21
CA TRP MD 324 45.25 -13.58 -91.28
C TRP MD 324 43.85 -14.19 -91.26
N LEU MD 325 43.67 -15.14 -90.35
CA LEU MD 325 42.36 -15.67 -90.00
C LEU MD 325 41.98 -15.40 -88.56
N ALA MD 326 42.94 -15.45 -87.63
CA ALA MD 326 42.67 -15.03 -86.26
C ALA MD 326 43.94 -14.43 -85.69
N SER MD 327 43.77 -13.50 -84.75
CA SER MD 327 44.89 -12.81 -84.13
C SER MD 327 44.70 -12.75 -82.63
N MET MD 328 45.79 -12.97 -81.89
CA MET MD 328 45.79 -12.81 -80.45
C MET MD 328 46.97 -11.95 -80.05
N THR MD 329 46.74 -11.03 -79.12
CA THR MD 329 47.74 -10.08 -78.70
C THR MD 329 47.81 -10.05 -77.20
N SER MD 330 49.00 -9.87 -76.67
CA SER MD 330 49.20 -9.80 -75.23
C SER MD 330 49.04 -8.36 -74.75
N ALA MD 331 49.04 -8.20 -73.43
CA ALA MD 331 49.09 -6.85 -72.85
C ALA MD 331 50.44 -6.21 -73.09
N ASP MD 332 51.52 -7.00 -73.07
CA ASP MD 332 52.84 -6.47 -73.37
C ASP MD 332 52.98 -6.13 -74.84
N GLY MD 333 52.53 -7.00 -75.73
CA GLY MD 333 52.60 -6.72 -77.14
C GLY MD 333 53.04 -7.87 -78.03
N THR MD 334 53.26 -9.04 -77.43
CA THR MD 334 53.58 -10.21 -78.24
C THR MD 334 52.33 -10.71 -78.97
N HIS MD 335 52.54 -11.22 -80.17
CA HIS MD 335 51.44 -11.54 -81.08
C HIS MD 335 51.50 -13.00 -81.52
N ALA MD 336 50.32 -13.54 -81.78
CA ALA MD 336 50.18 -14.85 -82.38
C ALA MD 336 49.08 -14.78 -83.44
N TYR MD 337 49.28 -15.47 -84.55
CA TYR MD 337 48.35 -15.39 -85.67
C TYR MD 337 48.07 -16.78 -86.22
N GLU MD 338 46.79 -17.05 -86.45
CA GLU MD 338 46.34 -18.20 -87.21
C GLU MD 338 46.03 -17.75 -88.63
N MET MD 339 46.58 -18.45 -89.61
CA MET MD 339 46.54 -18.01 -90.99
C MET MD 339 46.49 -19.24 -91.89
N GLN MD 340 45.99 -19.04 -93.11
CA GLN MD 340 46.22 -20.05 -94.13
C GLN MD 340 47.65 -19.92 -94.66
N LYS MD 341 48.09 -20.95 -95.38
CA LYS MD 341 49.50 -21.14 -95.66
C LYS MD 341 50.03 -20.14 -96.69
N SER MD 342 51.29 -19.73 -96.49
CA SER MD 342 52.07 -18.90 -97.41
C SER MD 342 53.53 -18.97 -97.02
N PRO MD 343 54.46 -18.97 -97.97
CA PRO MD 343 55.90 -18.96 -97.62
C PRO MD 343 56.52 -17.58 -97.47
N VAL MD 344 55.76 -16.50 -97.66
CA VAL MD 344 56.31 -15.15 -97.66
C VAL MD 344 55.54 -14.29 -96.65
N LEU MD 345 56.24 -13.30 -96.09
CA LEU MD 345 55.66 -12.45 -95.07
C LEU MD 345 56.22 -11.04 -95.20
N LEU MD 346 55.42 -10.05 -94.78
CA LEU MD 346 55.87 -8.67 -94.66
C LEU MD 346 55.64 -8.17 -93.25
N VAL MD 347 56.60 -7.41 -92.73
CA VAL MD 347 56.50 -6.84 -91.39
C VAL MD 347 56.78 -5.35 -91.47
N SER MD 348 56.13 -4.61 -90.57
CA SER MD 348 56.32 -3.17 -90.42
C SER MD 348 56.92 -2.94 -89.03
N TRP MD 349 58.24 -3.06 -88.95
CA TRP MD 349 58.97 -2.84 -87.70
C TRP MD 349 59.26 -1.35 -87.60
N HIS MD 350 58.36 -0.64 -86.93
CA HIS MD 350 58.52 0.78 -86.55
C HIS MD 350 58.72 1.67 -87.77
N GLY MD 351 57.92 1.46 -88.80
CA GLY MD 351 58.07 2.19 -90.04
C GLY MD 351 59.07 1.60 -91.01
N LYS MD 352 59.65 0.44 -90.70
CA LYS MD 352 60.58 -0.23 -91.59
C LYS MD 352 59.90 -1.48 -92.15
N VAL MD 353 59.76 -1.54 -93.47
CA VAL MD 353 59.11 -2.65 -94.12
C VAL MD 353 60.16 -3.70 -94.47
N MET MD 354 60.00 -4.89 -93.94
CA MET MD 354 60.92 -5.99 -94.24
C MET MD 354 60.16 -7.21 -94.71
N GLN MD 355 60.84 -8.04 -95.48
CA GLN MD 355 60.28 -9.28 -95.99
C GLN MD 355 60.91 -10.44 -95.24
N LEU MD 356 60.09 -11.43 -94.90
CA LEU MD 356 60.51 -12.63 -94.22
C LEU MD 356 60.14 -13.84 -95.05
N LYS MD 357 61.09 -14.76 -95.22
CA LYS MD 357 60.89 -15.99 -95.96
C LYS MD 357 60.79 -17.14 -94.96
N VAL MD 358 59.80 -17.99 -95.14
CA VAL MD 358 59.60 -19.14 -94.26
C VAL MD 358 59.40 -20.37 -95.12
N GLU MD 359 60.22 -21.40 -94.89
CA GLU MD 359 60.11 -22.64 -95.65
C GLU MD 359 58.91 -23.45 -95.17
N GLY MD 360 58.48 -24.38 -96.02
CA GLY MD 360 57.38 -25.26 -95.67
C GLY MD 360 56.72 -25.90 -96.88
N ILE ND 208 -24.97 -6.66 148.40
CA ILE ND 208 -26.14 -6.30 149.20
C ILE ND 208 -26.39 -4.80 149.09
N ILE ND 209 -27.59 -4.43 148.68
CA ILE ND 209 -27.91 -3.07 148.24
C ILE ND 209 -28.79 -2.40 149.29
N TYR ND 210 -28.37 -1.22 149.73
CA TYR ND 210 -29.15 -0.40 150.66
C TYR ND 210 -29.58 0.89 149.98
N TYR ND 211 -30.84 1.26 150.16
CA TYR ND 211 -31.39 2.47 149.57
C TYR ND 211 -32.12 3.29 150.63
N ILE ND 212 -31.93 4.59 150.58
CA ILE ND 212 -32.58 5.47 151.56
C ILE ND 212 -34.04 5.64 151.21
N GLN ND 213 -34.83 5.99 152.21
CA GLN ND 213 -36.25 6.29 152.03
C GLN ND 213 -36.53 7.77 152.25
N ALA ND 214 -36.20 8.28 153.43
CA ALA ND 214 -36.46 9.67 153.77
C ALA ND 214 -35.37 10.10 154.73
N VAL ND 215 -35.17 11.41 154.83
CA VAL ND 215 -34.09 11.96 155.63
C VAL ND 215 -34.59 13.06 156.53
N ILE ND 216 -33.88 13.26 157.64
CA ILE ND 216 -34.06 14.40 158.52
C ILE ND 216 -32.68 14.83 158.99
N PRO ND 217 -32.53 16.08 159.43
CA PRO ND 217 -31.25 16.42 160.05
C PRO ND 217 -31.09 15.68 161.37
N GLY ND 218 -30.27 14.63 161.34
CA GLY ND 218 -30.06 13.77 162.48
C GLY ND 218 -30.37 12.30 162.24
N ARG ND 219 -31.39 12.02 161.45
CA ARG ND 219 -31.91 10.67 161.30
C ARG ND 219 -32.38 10.45 159.88
N ALA ND 220 -32.47 9.18 159.47
CA ALA ND 220 -32.96 8.86 158.15
C ALA ND 220 -33.61 7.49 158.15
N TRP ND 221 -34.35 7.21 157.08
CA TRP ND 221 -34.96 5.91 156.85
C TRP ND 221 -34.30 5.28 155.64
N LEU ND 222 -33.91 4.02 155.76
CA LEU ND 222 -33.27 3.28 154.69
C LEU ND 222 -34.01 1.98 154.44
N ILE ND 223 -34.14 1.62 153.16
CA ILE ND 223 -34.64 0.31 152.77
C ILE ND 223 -33.48 -0.52 152.25
N GLY ND 224 -33.66 -1.84 152.20
CA GLY ND 224 -32.63 -2.76 151.77
C GLY ND 224 -33.02 -3.51 150.51
N SER ND 225 -32.04 -4.24 149.98
CA SER ND 225 -32.31 -5.16 148.88
C SER ND 225 -33.19 -6.31 149.34
N ASN ND 226 -32.96 -6.80 150.55
CA ASN ND 226 -33.85 -7.80 151.13
C ASN ND 226 -35.16 -7.21 151.61
N GLY ND 227 -35.23 -5.90 151.80
CA GLY ND 227 -36.43 -5.23 152.24
C GLY ND 227 -36.49 -4.86 153.70
N SER ND 228 -35.44 -5.12 154.47
CA SER ND 228 -35.45 -4.79 155.89
C SER ND 228 -35.32 -3.28 156.08
N THR ND 229 -36.21 -2.71 156.88
CA THR ND 229 -36.13 -1.29 157.17
C THR ND 229 -34.97 -1.01 158.12
N LEU ND 230 -34.48 0.22 158.08
CA LEU ND 230 -33.36 0.58 158.94
C LEU ND 230 -33.41 2.06 159.28
N THR ND 231 -33.14 2.36 160.55
CA THR ND 231 -33.10 3.73 161.04
C THR ND 231 -31.64 4.19 161.08
N VAL ND 232 -31.37 5.29 160.41
CA VAL ND 232 -30.01 5.72 160.10
C VAL ND 232 -29.65 6.86 161.03
N ARG ND 233 -28.60 6.66 161.82
CA ARG ND 233 -28.03 7.65 162.71
C ARG ND 233 -26.76 8.22 162.09
N GLU ND 234 -26.40 9.44 162.50
CA GLU ND 234 -25.19 10.09 162.00
C GLU ND 234 -23.93 9.35 162.43
N GLY ND 235 -23.99 8.64 163.56
CA GLY ND 235 -22.95 7.70 163.89
C GLY ND 235 -23.53 6.31 163.99
N SER ND 236 -23.21 5.45 163.01
CA SER ND 236 -23.77 4.11 162.99
C SER ND 236 -22.88 3.21 162.13
N LYS ND 237 -22.87 1.93 162.47
CA LYS ND 237 -22.07 0.93 161.78
C LYS ND 237 -22.98 0.01 160.98
N ILE ND 238 -22.75 -0.06 159.67
CA ILE ND 238 -23.54 -0.89 158.78
C ILE ND 238 -22.57 -1.72 157.96
N PRO ND 239 -22.72 -3.04 157.89
CA PRO ND 239 -21.77 -3.86 157.13
C PRO ND 239 -21.88 -3.62 155.63
N GLY ND 240 -20.74 -3.64 154.97
CA GLY ND 240 -20.65 -3.35 153.56
C GLY ND 240 -20.51 -1.89 153.22
N TYR ND 241 -20.68 -1.00 154.19
CA TYR ND 241 -20.50 0.43 153.94
C TYR ND 241 -19.60 1.05 155.01
N GLY ND 242 -19.61 0.47 156.20
CA GLY ND 242 -18.73 0.92 157.27
C GLY ND 242 -19.44 1.87 158.23
N MET ND 243 -18.84 3.04 158.44
CA MET ND 243 -19.28 3.99 159.45
C MET ND 243 -19.95 5.19 158.82
N VAL ND 244 -21.05 5.63 159.41
CA VAL ND 244 -21.69 6.88 159.03
C VAL ND 244 -20.95 8.02 159.71
N LYS ND 245 -20.67 9.09 158.96
CA LYS ND 245 -20.11 10.30 159.54
C LYS ND 245 -21.07 11.49 159.41
N LEU ND 246 -21.50 11.81 158.19
CA LEU ND 246 -22.34 12.96 157.96
C LEU ND 246 -23.50 12.59 157.07
N ILE ND 247 -24.67 13.15 157.36
CA ILE ND 247 -25.82 13.07 156.48
C ILE ND 247 -26.11 14.47 155.97
N ASP ND 248 -26.74 14.54 154.80
CA ASP ND 248 -27.15 15.79 154.21
C ASP ND 248 -28.63 15.76 153.90
N SER ND 249 -29.34 16.81 154.28
CA SER ND 249 -30.77 16.90 154.02
C SER ND 249 -31.06 17.67 152.73
N LEU ND 250 -30.14 18.51 152.28
CA LEU ND 250 -30.35 19.25 151.04
C LEU ND 250 -30.24 18.32 149.84
N GLN ND 251 -29.22 17.49 149.81
CA GLN ND 251 -29.01 16.53 148.74
C GLN ND 251 -29.04 15.15 149.34
N GLY ND 252 -29.71 14.22 148.68
CA GLY ND 252 -29.88 12.88 149.21
C GLY ND 252 -28.68 11.98 148.99
N ARG ND 253 -27.52 12.40 149.47
CA ARG ND 253 -26.31 11.60 149.40
C ARG ND 253 -25.75 11.42 150.80
N ILE ND 254 -25.45 10.18 151.15
CA ILE ND 254 -24.83 9.86 152.42
C ILE ND 254 -23.45 9.30 152.13
N LEU ND 255 -22.42 9.93 152.73
CA LEU ND 255 -21.06 9.49 152.59
C LEU ND 255 -20.79 8.29 153.48
N THR ND 256 -20.01 7.34 152.97
CA THR ND 256 -19.63 6.20 153.78
C THR ND 256 -18.16 6.29 154.17
N SER ND 257 -17.81 5.58 155.24
CA SER ND 257 -16.41 5.46 155.62
C SER ND 257 -15.66 4.59 154.63
N SER ND 258 -16.34 3.63 154.02
CA SER ND 258 -15.72 2.88 152.92
C SER ND 258 -15.65 3.69 151.64
N GLY ND 259 -16.32 4.83 151.57
CA GLY ND 259 -16.12 5.78 150.50
C GLY ND 259 -17.18 5.85 149.44
N GLN ND 260 -18.31 5.16 149.62
CA GLN ND 260 -19.35 5.19 148.61
C GLN ND 260 -20.50 6.08 149.06
N VAL ND 261 -21.54 6.10 148.23
CA VAL ND 261 -22.65 7.04 148.34
C VAL ND 261 -23.93 6.24 148.53
N ILE ND 262 -24.76 6.68 149.47
CA ILE ND 262 -26.11 6.16 149.61
C ILE ND 262 -27.07 7.21 149.07
N LYS ND 263 -27.99 6.78 148.20
CA LYS ND 263 -28.78 7.70 147.41
C LYS ND 263 -30.17 7.13 147.21
N PHE ND 264 -31.04 7.93 146.58
CA PHE ND 264 -32.36 7.47 146.22
C PHE ND 264 -32.31 6.57 144.99
N SER ND 265 -33.42 5.92 144.70
CA SER ND 265 -33.50 4.97 143.61
C SER ND 265 -34.60 5.38 142.64
N GLN ND 266 -34.41 5.04 141.37
CA GLN ND 266 -35.40 5.35 140.34
C GLN ND 266 -36.25 4.13 140.03
N GLY OD 26 31.96 89.50 -29.22
CA GLY OD 26 33.30 89.91 -29.59
C GLY OD 26 34.35 89.28 -28.71
N ASP OD 27 34.68 88.02 -29.01
CA ASP OD 27 35.55 87.21 -28.15
C ASP OD 27 37.00 87.66 -28.17
N THR OD 28 37.39 88.53 -29.10
CA THR OD 28 38.74 89.07 -29.09
C THR OD 28 38.90 90.14 -28.01
N GLY OD 29 38.18 91.25 -28.15
CA GLY OD 29 38.10 92.23 -27.08
C GLY OD 29 37.02 91.78 -26.13
N SER OD 30 37.32 90.74 -25.35
CA SER OD 30 36.26 89.92 -24.77
C SER OD 30 35.56 90.59 -23.62
N LEU OD 31 36.14 91.64 -23.04
CA LEU OD 31 35.43 92.44 -22.06
C LEU OD 31 34.20 93.08 -22.70
N ALA OD 32 34.42 93.77 -23.82
CA ALA OD 32 33.31 94.32 -24.60
C ALA OD 32 32.47 93.22 -25.21
N GLY OD 33 33.08 92.10 -25.58
CA GLY OD 33 32.32 91.01 -26.17
C GLY OD 33 31.34 90.37 -25.21
N LEU OD 34 31.76 90.14 -23.98
CA LEU OD 34 30.86 89.58 -23.00
C LEU OD 34 29.89 90.62 -22.47
N GLN OD 35 30.29 91.89 -22.44
CA GLN OD 35 29.31 92.93 -22.12
C GLN OD 35 28.25 93.07 -23.21
N ALA OD 36 28.62 92.78 -24.45
CA ALA OD 36 27.63 92.74 -25.53
C ALA OD 36 26.76 91.49 -25.43
N MET OD 37 27.35 90.35 -25.07
CA MET OD 37 26.60 89.12 -24.86
C MET OD 37 25.66 89.22 -23.67
N ALA OD 38 25.93 90.14 -22.74
CA ALA OD 38 25.01 90.41 -21.64
C ALA OD 38 23.68 90.93 -22.15
N ASP OD 39 23.68 91.68 -23.26
CA ASP OD 39 22.42 92.02 -23.91
C ASP OD 39 21.84 90.82 -24.63
N SER OD 40 20.51 90.77 -24.70
CA SER OD 40 19.82 89.53 -25.06
C SER OD 40 19.46 89.43 -26.53
N LYS OD 41 19.92 90.34 -27.38
CA LYS OD 41 19.63 90.23 -28.81
C LYS OD 41 20.37 89.05 -29.44
N TYR OD 42 21.59 88.80 -28.98
CA TYR OD 42 22.33 87.63 -29.46
C TYR OD 42 21.72 86.35 -28.94
N THR OD 43 21.06 86.40 -27.78
CA THR OD 43 20.37 85.21 -27.25
C THR OD 43 19.23 84.80 -28.15
N ARG OD 44 18.47 85.76 -28.67
CA ARG OD 44 17.39 85.44 -29.59
C ARG OD 44 17.89 85.25 -31.01
N ALA OD 45 19.13 85.65 -31.31
CA ALA OD 45 19.67 85.42 -32.63
C ALA OD 45 20.44 84.12 -32.77
N GLN OD 46 20.91 83.53 -31.67
CA GLN OD 46 21.75 82.35 -31.77
C GLN OD 46 20.95 81.06 -32.00
N LYS OD 47 19.71 81.00 -31.51
CA LYS OD 47 18.93 79.79 -31.63
C LYS OD 47 18.56 79.50 -33.09
N LYS OD 48 18.20 80.53 -33.84
CA LYS OD 48 17.81 80.33 -35.23
C LYS OD 48 18.99 79.93 -36.10
N GLN OD 49 20.18 80.49 -35.82
CA GLN OD 49 21.35 80.08 -36.61
C GLN OD 49 21.85 78.69 -36.19
N LYS OD 50 21.63 78.29 -34.93
CA LYS OD 50 21.91 76.91 -34.54
C LYS OD 50 20.97 75.94 -35.25
N MET OD 51 19.68 76.31 -35.36
CA MET OD 51 18.73 75.49 -36.11
C MET OD 51 19.11 75.41 -37.58
N GLY OD 52 19.57 76.51 -38.16
CA GLY OD 52 19.99 76.51 -39.55
C GLY OD 52 21.22 75.65 -39.79
N LYS OD 53 22.22 75.75 -38.92
CA LYS OD 53 23.43 74.96 -39.10
C LYS OD 53 23.23 73.50 -38.72
N ILE OD 54 22.14 73.17 -38.01
CA ILE OD 54 21.78 71.77 -37.86
C ILE OD 54 21.42 71.18 -39.21
N ARG OD 55 20.64 71.90 -40.01
CA ARG OD 55 20.21 71.39 -41.30
C ARG OD 55 21.27 71.57 -42.38
N GLU OD 56 22.14 72.58 -42.24
CA GLU OD 56 22.96 73.04 -43.35
C GLU OD 56 24.07 72.04 -43.69
N MET OD 57 24.63 71.37 -42.68
CA MET OD 57 25.86 70.63 -42.86
C MET OD 57 25.69 69.39 -43.70
N ALA OD 58 24.48 68.80 -43.70
CA ALA OD 58 24.21 67.68 -44.58
C ALA OD 58 24.24 68.10 -46.04
N LEU OD 59 23.62 69.25 -46.34
CA LEU OD 59 23.70 69.82 -47.69
C LEU OD 59 25.13 70.14 -48.05
N LYS OD 60 25.90 70.62 -47.07
CA LYS OD 60 27.31 70.93 -47.26
C LYS OD 60 28.10 69.68 -47.64
N GLU OD 61 27.85 68.57 -46.92
CA GLU OD 61 28.55 67.32 -47.18
C GLU OD 61 28.22 66.76 -48.55
N THR OD 62 26.92 66.74 -48.88
CA THR OD 62 26.49 66.21 -50.17
C THR OD 62 27.00 67.07 -51.32
N ALA OD 63 27.00 68.40 -51.13
CA ALA OD 63 27.51 69.30 -52.15
C ALA OD 63 29.00 69.08 -52.38
N LEU OD 64 29.76 68.88 -51.31
CA LEU OD 64 31.18 68.57 -51.45
C LEU OD 64 31.41 67.27 -52.22
N SER OD 65 30.61 66.24 -51.91
CA SER OD 65 30.78 64.96 -52.58
C SER OD 65 30.43 65.03 -54.07
N VAL OD 66 29.32 65.70 -54.40
CA VAL OD 66 28.94 65.74 -55.81
C VAL OD 66 29.87 66.64 -56.60
N GLY OD 67 30.41 67.69 -55.96
CA GLY OD 67 31.40 68.51 -56.62
C GLY OD 67 32.68 67.73 -56.87
N ALA OD 68 33.08 66.89 -55.91
CA ALA OD 68 34.26 66.05 -56.08
C ALA OD 68 34.08 65.10 -57.25
N GLN OD 69 32.90 64.47 -57.35
CA GLN OD 69 32.65 63.52 -58.43
C GLN OD 69 32.68 64.21 -59.79
N ALA OD 70 31.97 65.33 -59.91
CA ALA OD 70 31.89 66.02 -61.20
C ALA OD 70 33.24 66.56 -61.64
N GLY OD 71 33.98 67.16 -60.70
CA GLY OD 71 35.27 67.72 -61.05
C GLY OD 71 36.29 66.66 -61.41
N LEU OD 72 36.28 65.53 -60.68
CA LEU OD 72 37.20 64.44 -60.97
C LEU OD 72 36.94 63.88 -62.37
N ALA OD 73 35.66 63.67 -62.71
CA ALA OD 73 35.33 63.14 -64.03
C ALA OD 73 35.71 64.11 -65.15
N TRP OD 74 35.40 65.39 -64.98
CA TRP OD 74 35.62 66.35 -66.05
C TRP OD 74 37.11 66.59 -66.28
N ARG OD 75 37.88 66.74 -65.21
CA ARG OD 75 39.32 66.89 -65.38
C ARG OD 75 39.95 65.63 -65.92
N ALA OD 76 39.40 64.46 -65.58
CA ALA OD 76 39.95 63.21 -66.11
C ALA OD 76 39.78 63.13 -67.62
N LYS OD 77 38.61 63.53 -68.12
CA LYS OD 77 38.40 63.51 -69.57
C LYS OD 77 39.32 64.50 -70.27
N ILE OD 78 39.49 65.69 -69.67
CA ILE OD 78 40.35 66.71 -70.27
C ILE OD 78 41.79 66.24 -70.35
N ILE OD 79 42.30 65.68 -69.24
CA ILE OD 79 43.70 65.27 -69.22
C ILE OD 79 43.93 64.06 -70.10
N ASP OD 80 42.92 63.19 -70.27
CA ASP OD 80 43.11 62.02 -71.11
C ASP OD 80 43.15 62.42 -72.57
N GLU OD 81 42.29 63.35 -72.99
CA GLU OD 81 42.34 63.82 -74.36
C GLU OD 81 43.63 64.58 -74.64
N GLN OD 82 44.10 65.35 -73.65
CA GLN OD 82 45.34 66.07 -73.84
C GLN OD 82 46.53 65.13 -73.93
N LEU OD 83 46.48 64.02 -73.20
CA LEU OD 83 47.53 63.01 -73.33
C LEU OD 83 47.50 62.36 -74.70
N ASN OD 84 46.30 62.08 -75.23
CA ASN OD 84 46.20 61.51 -76.55
C ASN OD 84 46.63 62.47 -77.65
N LYS OD 85 46.61 63.78 -77.36
CA LYS OD 85 47.07 64.75 -78.34
C LYS OD 85 48.58 64.70 -78.60
N GLN OD 86 49.36 64.01 -77.77
CA GLN OD 86 50.81 64.07 -77.90
C GLN OD 86 51.42 62.70 -78.08
N ALA OD 87 50.87 61.92 -79.03
CA ALA OD 87 51.29 60.54 -79.17
C ALA OD 87 52.70 60.42 -79.72
N ARG OD 88 53.09 61.30 -80.63
CA ARG OD 88 54.32 61.09 -81.39
C ARG OD 88 55.56 61.29 -80.53
N ASN OD 89 55.61 62.41 -79.81
CA ASN OD 89 56.82 62.73 -79.08
C ASN OD 89 56.94 61.89 -77.82
N LEU OD 90 55.81 61.46 -77.26
CA LEU OD 90 55.82 60.53 -76.15
C LEU OD 90 56.45 59.22 -76.55
N ASP OD 91 56.04 58.69 -77.70
CA ASP OD 91 56.60 57.43 -78.17
C ASP OD 91 58.05 57.60 -78.60
N ALA OD 92 58.41 58.80 -79.06
CA ALA OD 92 59.80 59.07 -79.37
C ALA OD 92 60.67 59.04 -78.13
N ILE OD 93 60.22 59.68 -77.04
CA ILE OD 93 61.07 59.75 -75.87
C ILE OD 93 61.11 58.42 -75.13
N TYR OD 94 59.99 57.70 -75.07
CA TYR OD 94 59.97 56.45 -74.32
C TYR OD 94 60.11 55.25 -75.25
N ASP OD 95 61.23 55.18 -75.95
CA ASP OD 95 61.44 54.09 -76.89
C ASP OD 95 62.24 53.01 -76.19
N PHE OD 96 61.53 52.04 -75.61
CA PHE OD 96 62.21 50.88 -75.06
C PHE OD 96 62.80 49.98 -76.13
N ASN OD 97 62.25 50.04 -77.35
CA ASN OD 97 62.67 49.11 -78.41
C ASN OD 97 64.11 49.36 -78.83
N SER OD 98 64.59 50.58 -78.68
CA SER OD 98 66.02 50.83 -78.77
C SER OD 98 66.77 50.41 -77.52
N LEU OD 99 66.07 50.01 -76.46
CA LEU OD 99 66.73 49.70 -75.20
C LEU OD 99 66.75 48.23 -74.86
N VAL OD 100 66.00 47.39 -75.58
CA VAL OD 100 66.08 45.95 -75.31
C VAL OD 100 67.44 45.43 -75.72
N LEU OD 101 67.89 44.37 -75.04
CA LEU OD 101 69.19 43.78 -75.35
C LEU OD 101 69.06 42.82 -76.51
N GLU OD 102 70.16 42.13 -76.84
CA GLU OD 102 70.28 41.45 -78.13
C GLU OD 102 69.56 40.11 -78.17
N HIS OD 103 69.24 39.53 -77.03
CA HIS OD 103 68.56 38.24 -77.02
C HIS OD 103 67.16 38.40 -76.46
N ASN OD 104 66.52 39.52 -76.82
CA ASN OD 104 65.14 39.84 -76.47
C ASN OD 104 64.94 39.85 -74.96
N ILE OD 105 65.82 40.55 -74.26
CA ILE OD 105 65.81 40.57 -72.80
C ILE OD 105 65.67 42.01 -72.32
N LEU OD 106 64.65 42.24 -71.51
CA LEU OD 106 64.43 43.53 -70.92
C LEU OD 106 65.51 43.80 -69.88
N PRO OD 107 66.07 45.00 -69.85
CA PRO OD 107 67.05 45.35 -68.84
C PRO OD 107 66.43 45.36 -67.45
N PRO OD 108 67.18 44.93 -66.44
CA PRO OD 108 66.66 45.00 -65.08
C PRO OD 108 66.64 46.43 -64.57
N VAL OD 109 65.82 46.67 -63.57
CA VAL OD 109 65.65 48.00 -63.01
C VAL OD 109 66.63 48.17 -61.87
N LEU OD 110 67.40 49.26 -61.92
CA LEU OD 110 68.42 49.53 -60.93
C LEU OD 110 68.17 50.86 -60.24
N LEU OD 111 68.39 50.92 -58.94
CA LEU OD 111 68.20 52.16 -58.18
C LEU OD 111 69.47 52.52 -57.44
N GLU OD 112 69.69 53.83 -57.30
CA GLU OD 112 70.93 54.39 -56.79
C GLU OD 112 70.70 55.11 -55.49
N GLY OD 113 71.81 55.52 -54.86
CA GLY OD 113 71.72 56.37 -53.70
C GLY OD 113 73.04 56.99 -53.31
N ARG OD 114 73.01 58.26 -52.87
CA ARG OD 114 74.21 58.98 -52.49
C ARG OD 114 74.06 59.59 -51.11
N ASN OD 115 75.17 59.58 -50.35
CA ASN OD 115 75.33 60.24 -49.06
C ASN OD 115 74.31 59.72 -48.03
N THR OD 116 74.50 58.45 -47.69
CA THR OD 116 73.64 57.78 -46.74
C THR OD 116 74.17 57.98 -45.32
N LEU OD 117 73.27 58.41 -44.43
CA LEU OD 117 73.53 58.45 -43.01
C LEU OD 117 72.31 57.90 -42.29
N ASN OD 118 72.49 56.81 -41.57
CA ASN OD 118 71.43 56.24 -40.76
C ASN OD 118 71.80 56.33 -39.29
N LEU OD 119 70.87 56.82 -38.50
CA LEU OD 119 70.98 56.88 -37.06
C LEU OD 119 70.12 55.76 -36.50
N ALA OD 120 70.77 54.67 -36.08
CA ALA OD 120 70.02 53.56 -35.52
C ALA OD 120 69.44 53.92 -34.15
N ASP OD 121 70.27 54.49 -33.29
CA ASP OD 121 69.88 54.85 -31.94
C ASP OD 121 70.87 55.89 -31.45
N ALA OD 122 70.90 56.11 -30.14
CA ALA OD 122 71.98 56.87 -29.57
C ALA OD 122 73.30 56.09 -29.67
N GLN OD 123 74.39 56.82 -29.49
CA GLN OD 123 75.76 56.34 -29.34
C GLN OD 123 76.39 55.74 -30.60
N SER OD 124 75.62 55.61 -31.69
CA SER OD 124 76.09 54.85 -32.84
C SER OD 124 75.40 55.33 -34.11
N ILE OD 125 76.20 55.74 -35.10
CA ILE OD 125 75.71 56.17 -36.41
C ILE OD 125 76.41 55.35 -37.47
N ARG OD 126 75.76 55.18 -38.62
CA ARG OD 126 76.35 54.46 -39.75
C ARG OD 126 76.25 55.28 -41.01
N ILE OD 127 77.37 55.51 -41.69
CA ILE OD 127 77.33 56.27 -42.92
C ILE OD 127 77.89 55.45 -44.06
N SER OD 128 77.53 55.87 -45.27
CA SER OD 128 78.04 55.33 -46.51
C SER OD 128 77.96 56.42 -47.56
N ASP OD 129 78.83 56.35 -48.55
CA ASP OD 129 78.79 57.37 -49.60
C ASP OD 129 77.75 57.04 -50.65
N ARG OD 130 77.95 55.94 -51.37
CA ARG OD 130 77.04 55.56 -52.43
C ARG OD 130 76.57 54.14 -52.21
N THR OD 131 75.43 53.84 -52.81
CA THR OD 131 74.83 52.53 -52.65
C THR OD 131 73.96 52.24 -53.85
N TYR OD 132 73.80 50.96 -54.16
CA TYR OD 132 73.00 50.54 -55.30
C TYR OD 132 72.18 49.30 -54.95
N LYS OD 133 70.97 49.27 -55.50
CA LYS OD 133 69.95 48.26 -55.27
C LYS OD 133 69.41 47.80 -56.61
N VAL OD 134 69.09 46.51 -56.70
CA VAL OD 134 68.43 45.96 -57.88
C VAL OD 134 66.95 45.87 -57.59
N ALA OD 135 66.15 46.71 -58.23
CA ALA OD 135 64.72 46.76 -57.93
C ALA OD 135 63.98 45.61 -58.58
N LYS OD 136 63.94 45.59 -59.91
CA LYS OD 136 63.27 44.55 -60.66
C LYS OD 136 64.29 43.71 -61.41
N GLN OD 137 64.25 42.41 -61.19
CA GLN OD 137 65.13 41.50 -61.91
C GLN OD 137 64.73 41.44 -63.38
N ALA OD 138 65.73 41.33 -64.25
CA ALA OD 138 65.47 41.20 -65.68
C ALA OD 138 64.74 39.90 -65.98
N HIS OD 139 63.78 39.98 -66.89
CA HIS OD 139 63.02 38.80 -67.28
C HIS OD 139 62.88 38.80 -68.79
N PHE OD 140 62.11 37.82 -69.28
CA PHE OD 140 61.82 37.75 -70.69
C PHE OD 140 60.73 38.74 -71.07
N ILE OD 141 60.73 39.12 -72.33
CA ILE OD 141 59.81 40.12 -72.84
C ILE OD 141 59.39 39.72 -74.24
N THR OD 142 58.09 39.68 -74.49
CA THR OD 142 57.63 39.37 -75.82
C THR OD 142 57.44 40.63 -76.65
N THR OD 143 56.67 41.59 -76.16
CA THR OD 143 56.53 42.86 -76.83
C THR OD 143 57.08 43.96 -75.94
N PRO OD 144 57.67 45.00 -76.53
CA PRO OD 144 58.11 46.14 -75.75
C PRO OD 144 56.94 46.83 -75.08
N PRO OD 145 57.11 47.27 -73.84
CA PRO OD 145 56.04 47.99 -73.15
C PRO OD 145 55.83 49.36 -73.74
N THR OD 146 54.75 50.01 -73.32
CA THR OD 146 54.45 51.34 -73.78
C THR OD 146 53.90 52.18 -72.65
N TRP OD 147 53.96 53.50 -72.85
CA TRP OD 147 53.53 54.44 -71.83
C TRP OD 147 52.03 54.44 -71.63
N ARG OD 148 51.27 53.89 -72.58
CA ARG OD 148 49.83 53.92 -72.44
C ARG OD 148 49.37 53.02 -71.30
N GLN OD 149 50.14 51.98 -70.99
CA GLN OD 149 49.88 51.21 -69.77
C GLN OD 149 50.14 52.02 -68.52
N TYR OD 150 51.02 53.01 -68.58
CA TYR OD 150 51.44 53.71 -67.38
C TYR OD 150 50.72 55.02 -67.16
N LEU OD 151 50.24 55.67 -68.20
CA LEU OD 151 49.74 57.03 -68.06
C LEU OD 151 48.29 57.21 -68.43
N TRP OD 152 47.58 56.15 -68.84
CA TRP OD 152 46.21 56.34 -69.25
C TRP OD 152 45.31 56.52 -68.05
N MET OD 153 44.41 57.50 -68.14
CA MET OD 153 43.48 57.79 -67.07
C MET OD 153 42.15 57.13 -67.40
N ASP OD 154 41.58 56.42 -66.42
CA ASP OD 154 40.26 55.82 -66.62
C ASP OD 154 39.20 56.89 -66.54
N TYR OD 155 38.30 56.91 -67.52
CA TYR OD 155 37.19 57.86 -67.55
C TYR OD 155 35.92 57.13 -67.92
N VAL OD 156 34.92 57.19 -67.04
CA VAL OD 156 33.54 56.86 -67.34
C VAL OD 156 32.71 58.00 -66.78
N LYS OD 157 31.90 58.63 -67.62
CA LYS OD 157 31.08 59.73 -67.18
C LYS OD 157 29.93 59.21 -66.31
N PRO OD 158 29.78 59.70 -65.09
CA PRO OD 158 28.60 59.35 -64.30
C PRO OD 158 27.47 60.33 -64.56
N GLU OD 159 26.29 59.82 -64.85
CA GLU OD 159 25.16 60.68 -65.16
C GLU OD 159 24.03 60.54 -64.16
N ALA OD 160 24.30 59.98 -62.98
CA ALA OD 160 23.26 59.78 -61.96
C ALA OD 160 23.68 60.46 -60.67
N PRO OD 161 23.46 61.78 -60.54
CA PRO OD 161 23.62 62.42 -59.24
C PRO OD 161 22.43 62.10 -58.36
N ASN OD 162 22.62 61.21 -57.40
CA ASN OD 162 21.53 60.80 -56.52
C ASN OD 162 21.19 61.94 -55.58
N VAL OD 163 19.90 62.24 -55.47
CA VAL OD 163 19.43 63.44 -54.77
C VAL OD 163 18.72 62.99 -53.50
N THR OD 164 19.22 63.45 -52.36
CA THR OD 164 18.61 63.17 -51.06
C THR OD 164 17.95 64.41 -50.48
N LEU OD 165 18.62 65.55 -50.57
CA LEU OD 165 18.18 66.80 -49.98
C LEU OD 165 18.19 67.91 -51.01
N LEU OD 166 17.38 68.93 -50.78
CA LEU OD 166 17.28 70.06 -51.67
C LEU OD 166 17.34 71.35 -50.87
N PRO OD 167 17.91 72.41 -51.44
CA PRO OD 167 17.83 73.72 -50.78
C PRO OD 167 16.43 74.29 -50.88
N LYS OD 168 16.11 75.18 -49.95
CA LYS OD 168 14.81 75.83 -49.93
C LYS OD 168 14.91 77.33 -50.15
N THR OD 169 15.80 78.01 -49.43
CA THR OD 169 15.94 79.45 -49.57
C THR OD 169 17.28 79.79 -50.25
N LYS OD 170 17.48 81.09 -50.43
CA LYS OD 170 18.62 81.59 -51.18
C LYS OD 170 19.94 81.33 -50.47
N ALA OD 171 19.94 81.32 -49.14
CA ALA OD 171 21.19 81.10 -48.40
C ALA OD 171 21.70 79.67 -48.61
N GLU OD 172 20.81 78.69 -48.50
CA GLU OD 172 21.23 77.32 -48.72
C GLU OD 172 21.52 77.06 -50.19
N LYS OD 173 20.83 77.77 -51.09
CA LYS OD 173 21.19 77.69 -52.50
C LYS OD 173 22.60 78.22 -52.76
N GLU OD 174 22.96 79.33 -52.11
CA GLU OD 174 24.28 79.91 -52.28
C GLU OD 174 25.37 79.01 -51.71
N ILE OD 175 25.13 78.45 -50.53
CA ILE OD 175 26.17 77.58 -49.96
C ILE OD 175 26.25 76.29 -50.75
N TRP OD 176 25.13 75.85 -51.35
CA TRP OD 176 25.14 74.70 -52.25
C TRP OD 176 26.02 74.98 -53.46
N CYS OD 177 25.88 76.18 -54.03
CA CYS OD 177 26.68 76.57 -55.19
C CYS OD 177 28.16 76.63 -54.84
N ILE OD 178 28.50 77.30 -53.74
CA ILE OD 178 29.92 77.51 -53.47
C ILE OD 178 30.57 76.22 -52.99
N TYR OD 179 29.82 75.33 -52.34
CA TYR OD 179 30.41 74.08 -51.93
C TYR OD 179 30.57 73.12 -53.09
N THR OD 180 29.66 73.17 -54.07
CA THR OD 180 29.88 72.40 -55.31
C THR OD 180 31.11 72.91 -56.04
N GLU OD 181 31.31 74.23 -56.05
CA GLU OD 181 32.50 74.80 -56.70
C GLU OD 181 33.78 74.35 -56.00
N ARG OD 182 33.76 74.33 -54.66
CA ARG OD 182 34.93 73.85 -53.92
C ARG OD 182 35.20 72.38 -54.19
N GLY OD 183 34.15 71.57 -54.28
CA GLY OD 183 34.33 70.18 -54.66
C GLY OD 183 34.88 70.01 -56.05
N TRP OD 184 34.49 70.89 -56.96
CA TRP OD 184 35.03 70.88 -58.32
C TRP OD 184 36.53 71.10 -58.30
N LYS OD 185 36.98 72.06 -57.51
CA LYS OD 185 38.42 72.30 -57.37
C LYS OD 185 39.13 71.12 -56.73
N ASN OD 186 38.49 70.50 -55.73
CA ASN OD 186 39.10 69.36 -55.04
C ASN OD 186 39.28 68.17 -55.99
N GLY OD 187 38.28 67.91 -56.83
CA GLY OD 187 38.40 66.82 -57.79
C GLY OD 187 39.46 67.09 -58.84
N ILE OD 188 39.60 68.35 -59.25
CA ILE OD 188 40.66 68.73 -60.19
C ILE OD 188 42.03 68.45 -59.59
N ASP OD 189 42.21 68.81 -58.32
CA ASP OD 189 43.49 68.56 -57.69
C ASP OD 189 43.75 67.08 -57.46
N GLN OD 190 42.68 66.30 -57.23
CA GLN OD 190 42.83 64.86 -57.11
C GLN OD 190 43.34 64.25 -58.41
N ALA OD 191 42.78 64.69 -59.54
CA ALA OD 191 43.22 64.19 -60.84
C ALA OD 191 44.68 64.54 -61.10
N ASN OD 192 45.07 65.77 -60.74
CA ASN OD 192 46.46 66.18 -60.94
C ASN OD 192 47.43 65.38 -60.07
N THR OD 193 47.00 65.05 -58.85
CA THR OD 193 47.84 64.25 -57.97
C THR OD 193 48.04 62.84 -58.51
N ILE OD 194 46.98 62.25 -59.05
CA ILE OD 194 47.08 60.93 -59.65
C ILE OD 194 48.02 60.96 -60.85
N LEU OD 195 47.93 62.03 -61.64
CA LEU OD 195 48.81 62.19 -62.80
C LEU OD 195 50.27 62.25 -62.40
N GLU OD 196 50.59 63.05 -61.37
CA GLU OD 196 52.00 63.20 -61.03
C GLU OD 196 52.56 61.96 -60.37
N GLU OD 197 51.73 61.19 -59.66
CA GLU OD 197 52.20 59.90 -59.16
C GLU OD 197 52.50 58.95 -60.30
N ASN OD 198 51.64 58.92 -61.32
CA ASN OD 198 51.89 58.04 -62.46
C ASN OD 198 53.18 58.44 -63.20
N ILE OD 199 53.38 59.75 -63.37
CA ILE OD 199 54.53 60.18 -64.15
C ILE OD 199 55.82 59.92 -63.37
N ALA OD 200 55.75 59.96 -62.04
CA ALA OD 200 56.90 59.55 -61.25
C ALA OD 200 57.20 58.08 -61.43
N ARG OD 201 56.15 57.25 -61.57
CA ARG OD 201 56.36 55.82 -61.70
C ARG OD 201 57.07 55.47 -63.02
N ILE OD 202 56.62 56.06 -64.13
CA ILE OD 202 57.24 55.74 -65.42
C ILE OD 202 58.67 56.30 -65.47
N LYS OD 203 58.87 57.49 -64.88
CA LYS OD 203 60.21 58.05 -64.82
C LYS OD 203 61.15 57.16 -64.03
N GLU OD 204 60.63 56.55 -62.96
CA GLU OD 204 61.44 55.64 -62.15
C GLU OD 204 61.90 54.45 -62.95
N ASP OD 205 60.97 53.80 -63.67
CA ASP OD 205 61.34 52.60 -64.43
C ASP OD 205 62.33 52.93 -65.54
N PHE OD 206 62.13 54.06 -66.22
CA PHE OD 206 63.04 54.42 -67.30
C PHE OD 206 64.43 54.78 -66.79
N GLY OD 207 64.47 55.47 -65.65
CA GLY OD 207 65.76 55.76 -65.03
C GLY OD 207 66.49 54.50 -64.62
N GLY OD 208 65.73 53.49 -64.17
CA GLY OD 208 66.34 52.23 -63.78
C GLY OD 208 67.00 51.50 -64.94
N MET OD 209 66.31 51.42 -66.07
CA MET OD 209 66.90 50.69 -67.19
C MET OD 209 68.06 51.46 -67.82
N ILE OD 210 67.96 52.79 -67.90
CA ILE OD 210 69.09 53.53 -68.46
C ILE OD 210 70.27 53.50 -67.50
N LEU OD 211 70.01 53.37 -66.21
CA LEU OD 211 71.08 53.19 -65.24
C LEU OD 211 71.76 51.84 -65.44
N TYR OD 212 70.98 50.81 -65.78
CA TYR OD 212 71.58 49.50 -66.02
C TYR OD 212 72.51 49.54 -67.23
N ARG OD 213 72.07 50.21 -68.30
CA ARG OD 213 72.92 50.36 -69.47
C ARG OD 213 74.21 51.11 -69.14
N LYS OD 214 74.07 52.18 -68.35
CA LYS OD 214 75.22 52.98 -67.92
C LYS OD 214 76.21 52.15 -67.11
N LEU OD 215 75.71 51.36 -66.17
CA LEU OD 215 76.62 50.64 -65.30
C LEU OD 215 77.24 49.45 -66.02
N LEU OD 216 76.52 48.86 -66.99
CA LEU OD 216 77.13 47.81 -67.79
C LEU OD 216 78.25 48.36 -68.64
N ALA OD 217 78.09 49.59 -69.15
CA ALA OD 217 79.21 50.24 -69.80
C ALA OD 217 80.32 50.57 -68.80
N MET OD 218 79.96 50.85 -67.55
CA MET OD 218 80.94 51.09 -66.50
C MET OD 218 81.68 49.82 -66.09
N ASN OD 219 81.16 48.65 -66.49
CA ASN OD 219 81.72 47.34 -66.18
C ASN OD 219 81.72 47.10 -64.67
N MET OD 220 80.53 47.13 -64.11
CA MET OD 220 80.28 46.71 -62.74
C MET OD 220 79.24 45.61 -62.64
N VAL OD 221 78.55 45.29 -63.74
CA VAL OD 221 77.44 44.35 -63.74
C VAL OD 221 77.76 43.23 -64.71
N SER OD 222 77.51 42.00 -64.29
CA SER OD 222 77.68 40.87 -65.18
C SER OD 222 76.51 40.81 -66.16
N PRO OD 223 76.77 40.78 -67.46
CA PRO OD 223 75.67 40.62 -68.40
C PRO OD 223 75.09 39.23 -68.31
N PRO OD 224 73.79 39.08 -68.58
CA PRO OD 224 73.15 37.77 -68.41
C PRO OD 224 73.59 36.76 -69.45
N TYR OD 225 73.67 35.50 -69.04
CA TYR OD 225 74.16 34.41 -69.88
C TYR OD 225 73.01 33.48 -70.21
N VAL OD 226 72.96 33.07 -71.48
CA VAL OD 226 71.89 32.21 -71.98
C VAL OD 226 72.51 31.16 -72.90
N SER OD 227 72.20 29.90 -72.63
CA SER OD 227 72.49 28.84 -73.59
C SER OD 227 71.26 28.61 -74.45
N HIS OD 228 71.51 28.14 -75.67
CA HIS OD 228 70.44 27.59 -76.49
C HIS OD 228 70.87 26.21 -76.96
N THR OD 229 70.01 25.23 -76.71
CA THR OD 229 70.27 23.85 -77.07
C THR OD 229 69.36 23.48 -78.22
N ASP OD 230 69.95 22.92 -79.27
CA ASP OD 230 69.22 22.54 -80.46
C ASP OD 230 68.97 21.04 -80.47
N LEU OD 231 67.77 20.66 -80.91
CA LEU OD 231 67.39 19.28 -81.09
C LEU OD 231 67.07 19.06 -82.56
N GLY OD 232 66.99 17.80 -82.96
CA GLY OD 232 66.65 17.48 -84.32
C GLY OD 232 65.15 17.46 -84.53
N VAL OD 233 64.66 16.51 -85.30
CA VAL OD 233 63.23 16.32 -85.38
C VAL OD 233 62.74 15.70 -84.08
N THR OD 234 61.47 15.89 -83.76
CA THR OD 234 60.93 15.35 -82.54
C THR OD 234 59.49 14.93 -82.75
N GLY OD 235 59.02 14.05 -81.87
CA GLY OD 235 57.66 13.56 -81.92
C GLY OD 235 57.55 12.26 -82.68
N ASP OD 236 56.49 11.52 -82.37
CA ASP OD 236 56.21 10.25 -83.02
C ASP OD 236 55.47 10.51 -84.33
N GLY OD 237 54.90 9.44 -84.90
CA GLY OD 237 54.09 9.54 -86.11
C GLY OD 237 52.75 10.21 -85.92
N SER OD 238 52.37 10.53 -84.68
CA SER OD 238 51.15 11.31 -84.47
C SER OD 238 51.34 12.75 -84.89
N GLU OD 239 52.26 13.46 -84.25
CA GLU OD 239 52.58 14.82 -84.64
C GLU OD 239 54.06 15.07 -84.45
N ILE OD 240 54.57 16.09 -85.13
CA ILE OD 240 55.99 16.35 -85.21
C ILE OD 240 56.29 17.83 -85.19
N HIS OD 241 57.49 18.15 -84.75
CA HIS OD 241 58.08 19.48 -84.87
C HIS OD 241 59.42 19.32 -85.57
N ILE OD 242 59.73 20.25 -86.47
CA ILE OD 242 60.76 20.00 -87.47
C ILE OD 242 62.14 20.19 -86.88
N ASP OD 243 62.37 21.30 -86.17
CA ASP OD 243 63.65 21.54 -85.53
C ASP OD 243 63.38 22.38 -84.30
N ASP OD 244 63.64 21.81 -83.14
CA ASP OD 244 63.35 22.49 -81.89
C ASP OD 244 64.61 23.11 -81.35
N ARG OD 245 64.48 24.30 -80.77
CA ARG OD 245 65.55 24.91 -80.01
C ARG OD 245 64.96 25.42 -78.71
N VAL OD 246 65.73 25.29 -77.63
CA VAL OD 246 65.30 25.74 -76.31
C VAL OD 246 66.36 26.68 -75.77
N LEU OD 247 65.96 27.87 -75.37
CA LEU OD 247 66.85 28.89 -74.85
C LEU OD 247 66.58 29.06 -73.36
N ARG OD 248 67.61 28.87 -72.56
CA ARG OD 248 67.52 29.11 -71.12
C ARG OD 248 68.62 30.08 -70.73
N ILE OD 249 68.26 31.09 -69.99
CA ILE OD 249 69.23 31.97 -69.37
C ILE OD 249 69.45 31.48 -67.95
N THR OD 250 70.71 31.45 -67.53
CA THR OD 250 71.03 30.97 -66.20
C THR OD 250 71.59 32.05 -65.30
N ALA OD 251 72.43 32.93 -65.84
CA ALA OD 251 73.10 33.93 -65.02
C ALA OD 251 72.20 35.15 -64.92
N LEU OD 252 71.55 35.31 -63.77
CA LEU OD 252 70.91 36.57 -63.48
C LEU OD 252 71.97 37.64 -63.29
N PRO OD 253 71.75 38.85 -63.79
CA PRO OD 253 72.77 39.87 -63.70
C PRO OD 253 72.99 40.37 -62.28
N GLU OD 254 74.16 40.09 -61.73
CA GLU OD 254 74.51 40.47 -60.37
C GLU OD 254 75.54 41.59 -60.38
N LEU OD 255 75.85 42.08 -59.18
CA LEU OD 255 76.82 43.13 -58.98
C LEU OD 255 78.07 42.56 -58.35
N ASN OD 256 79.23 42.90 -58.89
CA ASN OD 256 80.48 42.41 -58.38
C ASN OD 256 80.84 43.10 -57.07
N VAL OD 257 81.65 42.43 -56.27
CA VAL OD 257 82.27 43.05 -55.10
C VAL OD 257 83.75 43.23 -55.28
N ASN OD 258 84.32 42.71 -56.36
CA ASN OD 258 85.75 42.84 -56.58
C ASN OD 258 86.02 44.20 -57.20
N SER OD 259 86.61 45.09 -56.41
CA SER OD 259 86.76 46.48 -56.84
C SER OD 259 87.95 46.70 -57.76
N ALA OD 260 88.85 45.73 -57.87
CA ALA OD 260 90.05 45.92 -58.67
C ALA OD 260 89.72 46.00 -60.15
N GLU OD 261 88.77 45.21 -60.62
CA GLU OD 261 88.41 45.14 -62.01
C GLU OD 261 87.48 46.26 -62.44
N TRP OD 262 87.27 47.26 -61.60
CA TRP OD 262 86.37 48.34 -61.92
C TRP OD 262 87.03 49.30 -62.90
N ARG OD 263 86.24 49.81 -63.84
CA ARG OD 263 86.73 50.68 -64.89
C ARG OD 263 86.19 52.08 -64.68
N ALA OD 264 87.06 53.08 -64.84
CA ALA OD 264 86.65 54.47 -64.77
C ALA OD 264 86.50 55.04 -66.17
N ALA OD 265 86.07 56.30 -66.24
CA ALA OD 265 85.92 56.99 -67.50
C ALA OD 265 86.45 58.41 -67.36
N VAL OD 266 86.86 58.99 -68.47
CA VAL OD 266 87.33 60.37 -68.51
C VAL OD 266 86.63 61.05 -69.68
N ALA OD 267 86.59 62.37 -69.65
CA ALA OD 267 85.90 63.11 -70.69
C ALA OD 267 86.79 64.17 -71.30
N LYS OD 268 86.22 65.02 -72.15
CA LYS OD 268 86.98 66.10 -72.76
C LYS OD 268 86.16 67.39 -72.82
N UNK PD 1 90.65 -38.64 -59.81
CA UNK PD 1 89.32 -39.22 -59.70
C UNK PD 1 89.27 -40.61 -60.33
N UNK PD 2 88.06 -41.05 -60.68
CA UNK PD 2 87.88 -42.33 -61.34
C UNK PD 2 88.30 -42.24 -62.81
N UNK PD 3 88.66 -43.39 -63.38
CA UNK PD 3 89.03 -43.46 -64.79
C UNK PD 3 87.87 -43.97 -65.62
N UNK PD 4 87.61 -43.27 -66.73
CA UNK PD 4 86.47 -43.61 -67.59
C UNK PD 4 86.67 -44.95 -68.28
N UNK PD 5 87.92 -45.30 -68.61
CA UNK PD 5 88.21 -46.61 -69.19
C UNK PD 5 87.93 -47.73 -68.19
N UNK PD 6 88.27 -47.51 -66.92
CA UNK PD 6 87.92 -48.46 -65.86
C UNK PD 6 86.41 -48.56 -65.69
N UNK PD 7 85.71 -47.42 -65.80
CA UNK PD 7 84.25 -47.42 -65.68
C UNK PD 7 83.59 -48.19 -66.81
N UNK PD 8 84.04 -47.98 -68.04
CA UNK PD 8 83.47 -48.68 -69.18
C UNK PD 8 83.83 -50.17 -69.16
N UNK PD 9 85.04 -50.50 -68.70
CA UNK PD 9 85.43 -51.91 -68.61
C UNK PD 9 84.65 -52.62 -67.51
N UNK PD 10 84.38 -51.94 -66.40
CA UNK PD 10 83.54 -52.50 -65.37
C UNK PD 10 82.09 -52.66 -65.85
N UNK PD 11 81.63 -51.72 -66.68
CA UNK PD 11 80.33 -51.86 -67.31
C UNK PD 11 80.29 -53.04 -68.27
N UNK PD 12 81.42 -53.30 -68.95
CA UNK PD 12 81.52 -54.49 -69.80
C UNK PD 12 81.48 -55.78 -68.97
N UNK PD 13 82.15 -55.77 -67.82
CA UNK PD 13 82.13 -56.93 -66.93
C UNK PD 13 80.76 -57.18 -66.33
N UNK PD 14 80.00 -56.11 -66.09
CA UNK PD 14 78.62 -56.25 -65.65
C UNK PD 14 77.68 -56.64 -66.79
N UNK PD 15 77.99 -56.19 -68.01
CA UNK PD 15 77.14 -56.51 -69.16
C UNK PD 15 77.26 -57.98 -69.53
N UNK PD 16 78.49 -58.48 -69.66
CA UNK PD 16 78.71 -59.90 -69.95
C UNK PD 16 79.06 -60.63 -68.66
N UNK PD 17 78.04 -60.78 -67.81
CA UNK PD 17 78.23 -61.48 -66.54
C UNK PD 17 78.46 -62.97 -66.76
N UNK PD 18 77.67 -63.57 -67.67
CA UNK PD 18 77.84 -64.95 -68.15
C UNK PD 18 77.79 -65.98 -67.01
N UNK PD 19 76.94 -65.73 -66.02
CA UNK PD 19 76.78 -66.65 -64.90
C UNK PD 19 75.35 -66.56 -64.41
N UNK PD 20 74.49 -67.46 -64.91
CA UNK PD 20 73.08 -67.47 -64.54
C UNK PD 20 72.50 -68.84 -64.87
N UNK PD 21 72.07 -69.57 -63.84
CA UNK PD 21 71.27 -70.77 -63.99
C UNK PD 21 69.98 -70.61 -63.19
N UNK PD 22 68.86 -70.92 -63.81
CA UNK PD 22 67.56 -70.69 -63.22
C UNK PD 22 67.02 -71.97 -62.59
N UNK PD 23 66.03 -71.80 -61.72
CA UNK PD 23 65.34 -72.94 -61.11
C UNK PD 23 63.89 -72.53 -60.88
N UNK PD 24 63.04 -72.81 -61.87
CA UNK PD 24 61.62 -72.51 -61.74
C UNK PD 24 60.94 -73.58 -60.87
N UNK PD 25 59.68 -73.34 -60.57
CA UNK PD 25 58.90 -74.25 -59.75
C UNK PD 25 57.56 -74.53 -60.42
N UNK PD 26 57.01 -75.71 -60.14
CA UNK PD 26 55.74 -76.13 -60.69
C UNK PD 26 54.62 -75.68 -59.76
N UNK PD 27 53.41 -76.21 -59.99
CA UNK PD 27 52.26 -75.82 -59.19
C UNK PD 27 52.33 -76.37 -57.77
N UNK PD 28 52.86 -77.58 -57.61
CA UNK PD 28 52.94 -78.24 -56.30
C UNK PD 28 54.34 -78.18 -55.71
N UNK PD 29 55.03 -77.05 -55.92
CA UNK PD 29 56.38 -76.78 -55.43
C UNK PD 29 57.39 -77.81 -55.91
N UNK PD 30 57.26 -78.24 -57.16
CA UNK PD 30 58.22 -79.13 -57.79
C UNK PD 30 59.25 -78.28 -58.54
N UNK PD 31 60.48 -78.29 -58.06
CA UNK PD 31 61.55 -77.53 -58.69
C UNK PD 31 62.13 -78.31 -59.85
N UNK PD 32 62.73 -77.59 -60.80
CA UNK PD 32 63.39 -78.19 -61.95
C UNK PD 32 64.62 -77.36 -62.27
N UNK PD 33 65.80 -77.88 -61.94
CA UNK PD 33 67.05 -77.18 -62.16
C UNK PD 33 67.58 -77.48 -63.56
N UNK PD 34 68.04 -76.45 -64.25
CA UNK PD 34 68.57 -76.56 -65.59
C UNK PD 34 69.99 -76.01 -65.66
N UNK PD 35 70.65 -76.27 -66.79
CA UNK PD 35 72.01 -75.80 -66.98
C UNK PD 35 72.05 -74.30 -67.23
N UNK PD 36 73.18 -73.69 -66.86
CA UNK PD 36 73.38 -72.26 -67.07
C UNK PD 36 73.57 -71.95 -68.55
N UNK PD 37 73.18 -70.74 -68.95
CA UNK PD 37 73.28 -70.32 -70.34
C UNK PD 37 73.73 -68.87 -70.38
N UNK PD 38 73.74 -68.31 -71.59
CA UNK PD 38 74.09 -66.91 -71.91
C UNK PD 38 75.46 -66.49 -71.38
N UNK PD 39 52.96 -68.91 -59.89
CA UNK PD 39 53.72 -70.02 -59.32
C UNK PD 39 54.26 -70.94 -60.41
N UNK PD 40 54.84 -70.34 -61.44
CA UNK PD 40 55.43 -71.09 -62.54
C UNK PD 40 56.91 -70.77 -62.76
N UNK PD 41 57.32 -69.52 -62.59
CA UNK PD 41 58.72 -69.14 -62.75
C UNK PD 41 58.96 -67.88 -61.93
N UNK PD 42 59.58 -68.03 -60.77
CA UNK PD 42 60.02 -66.86 -60.03
C UNK PD 42 61.23 -66.23 -60.71
N UNK PD 43 61.23 -64.90 -60.78
CA UNK PD 43 62.32 -64.17 -61.41
C UNK PD 43 63.59 -64.20 -60.57
N UNK PD 44 63.51 -64.62 -59.31
CA UNK PD 44 64.68 -64.91 -58.49
C UNK PD 44 65.21 -66.32 -58.71
N UNK PD 45 64.67 -67.03 -59.70
CA UNK PD 45 65.13 -68.36 -60.03
C UNK PD 45 66.57 -68.34 -60.56
N UNK PD 46 66.93 -67.32 -61.34
CA UNK PD 46 68.27 -67.23 -61.89
C UNK PD 46 69.26 -66.85 -60.79
N UNK PD 47 70.34 -67.62 -60.70
CA UNK PD 47 71.38 -67.38 -59.70
C UNK PD 47 72.74 -67.48 -60.36
N UNK PD 48 73.69 -66.69 -59.86
CA UNK PD 48 75.04 -66.66 -60.40
C UNK PD 48 75.92 -67.67 -59.68
N ARG QD 207 -16.41 -106.77 -34.59
CA ARG QD 207 -15.24 -106.97 -33.75
C ARG QD 207 -14.39 -105.70 -33.69
N ILE QD 208 -14.43 -105.02 -32.54
CA ILE QD 208 -13.70 -103.77 -32.35
C ILE QD 208 -12.23 -104.07 -32.13
N ILE QD 209 -11.37 -103.43 -32.92
CA ILE QD 209 -9.94 -103.68 -32.90
C ILE QD 209 -9.26 -102.64 -32.03
N TYR QD 210 -8.44 -103.10 -31.09
CA TYR QD 210 -7.75 -102.22 -30.17
C TYR QD 210 -6.30 -102.06 -30.60
N TYR QD 211 -5.84 -100.81 -30.61
CA TYR QD 211 -4.44 -100.49 -30.81
C TYR QD 211 -3.86 -99.94 -29.52
N ILE QD 212 -2.54 -99.98 -29.43
CA ILE QD 212 -1.87 -99.43 -28.25
C ILE QD 212 -1.82 -97.92 -28.37
N GLN QD 213 -2.38 -97.22 -27.40
CA GLN QD 213 -2.29 -95.78 -27.32
C GLN QD 213 -1.12 -95.34 -26.46
N ALA QD 214 -1.01 -95.91 -25.28
CA ALA QD 214 0.10 -95.66 -24.37
C ALA QD 214 0.50 -96.96 -23.71
N VAL QD 215 1.77 -97.08 -23.33
CA VAL QD 215 2.26 -98.31 -22.72
C VAL QD 215 3.44 -97.98 -21.81
N ILE QD 216 3.33 -98.38 -20.54
CA ILE QD 216 4.40 -98.26 -19.56
C ILE QD 216 4.69 -99.67 -19.06
N PRO QD 217 5.73 -99.91 -18.26
CA PRO QD 217 5.78 -101.16 -17.49
C PRO QD 217 4.63 -101.22 -16.49
N GLY QD 218 3.91 -102.33 -16.50
CA GLY QD 218 2.77 -102.51 -15.61
C GLY QD 218 1.42 -102.17 -16.21
N ARG QD 219 1.19 -100.92 -16.58
CA ARG QD 219 -0.09 -100.51 -17.13
C ARG QD 219 0.00 -100.38 -18.66
N ALA QD 220 -1.14 -100.55 -19.30
CA ALA QD 220 -1.23 -100.45 -20.75
C ALA QD 220 -2.48 -99.65 -21.11
N TRP QD 221 -2.46 -99.02 -22.29
CA TRP QD 221 -3.59 -98.23 -22.74
C TRP QD 221 -3.94 -98.65 -24.16
N LEU QD 222 -5.22 -98.93 -24.38
CA LEU QD 222 -5.71 -99.37 -25.68
C LEU QD 222 -6.86 -98.49 -26.15
N ILE QD 223 -6.89 -98.25 -27.46
CA ILE QD 223 -7.93 -97.48 -28.11
C ILE QD 223 -8.61 -98.38 -29.14
N GLY QD 224 -9.93 -98.49 -29.06
CA GLY QD 224 -10.69 -99.32 -29.97
C GLY QD 224 -11.09 -98.57 -31.24
N SER QD 225 -11.93 -99.23 -32.03
CA SER QD 225 -12.35 -98.68 -33.31
C SER QD 225 -13.36 -97.56 -33.14
N ASN QD 226 -14.16 -97.59 -32.09
CA ASN QD 226 -15.24 -96.64 -31.91
C ASN QD 226 -14.80 -95.39 -31.15
N GLY QD 227 -13.51 -95.26 -30.87
CA GLY QD 227 -13.01 -94.15 -30.09
C GLY QD 227 -12.95 -94.40 -28.59
N SER QD 228 -13.46 -95.54 -28.13
CA SER QD 228 -13.34 -95.89 -26.72
C SER QD 228 -11.88 -96.20 -26.39
N THR QD 229 -11.49 -95.92 -25.16
CA THR QD 229 -10.14 -96.23 -24.72
C THR QD 229 -10.18 -96.72 -23.28
N LEU QD 230 -9.18 -97.52 -22.91
CA LEU QD 230 -9.13 -98.10 -21.59
C LEU QD 230 -7.68 -98.40 -21.22
N THR QD 231 -7.49 -98.75 -19.96
CA THR QD 231 -6.17 -99.10 -19.43
C THR QD 231 -6.24 -100.46 -18.77
N VAL QD 232 -5.26 -101.31 -19.10
CA VAL QD 232 -5.23 -102.73 -18.74
C VAL QD 232 -4.05 -102.98 -17.84
N ARG QD 233 -4.27 -103.78 -16.79
CA ARG QD 233 -3.20 -104.34 -15.99
C ARG QD 233 -2.83 -105.71 -16.55
N GLU QD 234 -2.04 -106.48 -15.80
CA GLU QD 234 -1.72 -107.84 -16.22
C GLU QD 234 -2.94 -108.75 -16.12
N GLY QD 235 -3.50 -108.89 -14.92
CA GLY QD 235 -4.68 -109.72 -14.76
C GLY QD 235 -5.94 -108.88 -14.86
N SER QD 236 -6.54 -108.84 -16.04
CA SER QD 236 -7.69 -107.99 -16.28
C SER QD 236 -8.59 -108.63 -17.32
N LYS QD 237 -9.86 -108.26 -17.28
CA LYS QD 237 -10.87 -108.80 -18.17
C LYS QD 237 -11.02 -107.85 -19.37
N ILE QD 238 -10.64 -108.31 -20.54
CA ILE QD 238 -10.88 -107.58 -21.78
C ILE QD 238 -11.96 -108.32 -22.56
N PRO QD 239 -13.10 -107.68 -22.84
CA PRO QD 239 -14.18 -108.37 -23.54
C PRO QD 239 -13.82 -108.68 -24.98
N GLY QD 240 -14.17 -109.89 -25.41
CA GLY QD 240 -13.81 -110.39 -26.71
C GLY QD 240 -12.44 -111.04 -26.78
N TYR QD 241 -11.53 -110.66 -25.89
CA TYR QD 241 -10.17 -111.17 -25.89
C TYR QD 241 -9.78 -111.87 -24.60
N GLY QD 242 -10.53 -111.69 -23.51
CA GLY QD 242 -10.34 -112.48 -22.31
C GLY QD 242 -9.47 -111.84 -21.26
N MET QD 243 -8.21 -112.27 -21.21
CA MET QD 243 -7.22 -111.79 -20.25
C MET QD 243 -6.01 -111.28 -21.02
N VAL QD 244 -4.99 -110.86 -20.26
CA VAL QD 244 -3.71 -110.45 -20.84
C VAL QD 244 -2.62 -111.31 -20.20
N LYS QD 245 -1.86 -112.00 -21.05
CA LYS QD 245 -0.79 -112.86 -20.56
C LYS QD 245 0.50 -112.11 -20.35
N LEU QD 246 0.87 -111.26 -21.29
CA LEU QD 246 2.06 -110.42 -21.16
C LEU QD 246 1.76 -109.04 -21.72
N ILE QD 247 2.37 -108.03 -21.11
CA ILE QD 247 2.34 -106.66 -21.60
C ILE QD 247 3.79 -106.19 -21.65
N ASP QD 248 4.45 -106.42 -22.78
CA ASP QD 248 5.86 -106.05 -22.94
C ASP QD 248 5.93 -104.55 -23.16
N SER QD 249 6.48 -103.83 -22.18
CA SER QD 249 6.57 -102.38 -22.28
C SER QD 249 7.56 -101.97 -23.37
N LEU QD 250 8.64 -102.72 -23.52
CA LEU QD 250 9.53 -102.50 -24.65
C LEU QD 250 8.91 -103.06 -25.92
N GLN QD 251 9.31 -102.47 -27.06
CA GLN QD 251 8.97 -102.88 -28.42
C GLN QD 251 7.50 -102.80 -28.79
N GLY QD 252 6.66 -102.24 -27.90
CA GLY QD 252 5.26 -101.97 -28.20
C GLY QD 252 4.42 -103.19 -28.53
N ARG QD 253 4.61 -104.26 -27.77
CA ARG QD 253 4.04 -105.56 -28.08
C ARG QD 253 3.26 -106.04 -26.87
N ILE QD 254 2.01 -106.49 -27.06
CA ILE QD 254 1.16 -106.91 -25.96
C ILE QD 254 0.58 -108.28 -26.27
N LEU QD 255 0.77 -109.23 -25.36
CA LEU QD 255 0.15 -110.54 -25.47
C LEU QD 255 -1.29 -110.51 -24.95
N THR QD 256 -2.12 -111.39 -25.49
CA THR QD 256 -3.48 -111.57 -25.03
C THR QD 256 -3.71 -113.04 -24.68
N SER QD 257 -4.79 -113.29 -23.92
CA SER QD 257 -5.16 -114.65 -23.56
C SER QD 257 -5.63 -115.46 -24.76
N SER QD 258 -6.08 -114.81 -25.82
CA SER QD 258 -6.41 -115.48 -27.07
C SER QD 258 -5.18 -115.71 -27.94
N GLY QD 259 -4.00 -115.39 -27.43
CA GLY QD 259 -2.78 -115.46 -28.21
C GLY QD 259 -2.55 -114.26 -29.10
N GLN QD 260 -3.46 -113.29 -29.10
CA GLN QD 260 -3.38 -112.16 -30.01
C GLN QD 260 -2.31 -111.19 -29.57
N VAL QD 261 -1.61 -110.62 -30.54
CA VAL QD 261 -0.52 -109.69 -30.31
C VAL QD 261 -1.02 -108.31 -30.71
N ILE QD 262 -1.20 -107.44 -29.73
CA ILE QD 262 -1.67 -106.08 -29.97
C ILE QD 262 -0.45 -105.18 -30.07
N LYS QD 263 -0.41 -104.39 -31.14
CA LYS QD 263 0.64 -103.40 -31.36
C LYS QD 263 -0.01 -102.07 -31.73
N PHE QD 264 0.81 -101.12 -32.17
CA PHE QD 264 0.32 -99.83 -32.59
C PHE QD 264 -0.31 -99.93 -33.98
N SER QD 265 -0.82 -98.81 -34.47
CA SER QD 265 -1.20 -98.74 -35.88
C SER QD 265 0.06 -98.70 -36.75
N GLN QD 266 -0.10 -99.10 -38.01
CA GLN QD 266 0.99 -98.95 -38.96
C GLN QD 266 1.23 -97.47 -39.25
N GLU QD 267 0.15 -96.71 -39.46
CA GLU QD 267 0.30 -95.27 -39.68
C GLU QD 267 0.73 -94.57 -38.41
N ASP QD 268 0.11 -94.91 -37.28
CA ASP QD 268 0.48 -94.35 -35.98
C ASP QD 268 1.33 -95.38 -35.24
N SER QD 269 2.62 -95.40 -35.58
CA SER QD 269 3.55 -96.35 -35.00
C SER QD 269 4.59 -95.64 -34.13
N GLN RD 791 51.64 -104.88 -20.42
CA GLN RD 791 50.27 -105.33 -20.27
C GLN RD 791 49.42 -104.19 -19.72
N GLN RD 792 50.11 -103.15 -19.24
CA GLN RD 792 49.48 -102.00 -18.62
C GLN RD 792 48.76 -101.09 -19.62
N GLU RD 793 48.94 -101.32 -20.92
CA GLU RD 793 48.25 -100.54 -21.93
C GLU RD 793 46.74 -100.74 -21.87
N ILE RD 794 46.29 -101.90 -21.38
CA ILE RD 794 44.87 -102.14 -21.16
C ILE RD 794 44.34 -101.18 -20.12
N GLN RD 795 45.08 -101.02 -19.02
CA GLN RD 795 44.69 -100.12 -17.94
C GLN RD 795 44.73 -98.67 -18.41
N GLN RD 796 45.75 -98.32 -19.22
CA GLN RD 796 45.86 -96.96 -19.74
C GLN RD 796 44.70 -96.62 -20.67
N ARG RD 797 44.40 -97.53 -21.61
CA ARG RD 797 43.31 -97.31 -22.55
C ARG RD 797 41.97 -97.29 -21.83
N THR RD 798 41.83 -98.12 -20.80
CA THR RD 798 40.66 -98.09 -19.94
C THR RD 798 40.50 -96.75 -19.26
N SER RD 799 41.62 -96.19 -18.78
CA SER RD 799 41.58 -94.91 -18.06
C SER RD 799 41.16 -93.77 -18.97
N ASP RD 800 41.84 -93.62 -20.12
CA ASP RD 800 41.51 -92.47 -20.96
C ASP RD 800 40.18 -92.67 -21.68
N MET RD 801 39.82 -93.91 -21.98
CA MET RD 801 38.49 -94.18 -22.53
C MET RD 801 37.41 -93.87 -21.51
N LEU RD 802 37.68 -94.15 -20.23
CA LEU RD 802 36.76 -93.80 -19.16
C LEU RD 802 36.60 -92.30 -19.03
N THR RD 803 37.71 -91.56 -19.14
CA THR RD 803 37.67 -90.11 -19.06
C THR RD 803 36.87 -89.51 -20.21
N ALA RD 804 37.11 -90.02 -21.43
CA ALA RD 804 36.38 -89.55 -22.60
C ALA RD 804 34.90 -89.91 -22.50
N ALA RD 805 34.60 -91.10 -21.98
CA ALA RD 805 33.22 -91.52 -21.82
C ALA RD 805 32.47 -90.66 -20.81
N THR RD 806 33.14 -90.31 -19.70
CA THR RD 806 32.54 -89.43 -18.71
C THR RD 806 32.28 -88.05 -19.30
N GLN RD 807 33.23 -87.56 -20.10
CA GLN RD 807 33.06 -86.26 -20.74
C GLN RD 807 31.87 -86.26 -21.71
N LEU RD 808 31.77 -87.31 -22.53
CA LEU RD 808 30.70 -87.32 -23.51
C LEU RD 808 29.35 -87.58 -22.87
N VAL RD 809 29.30 -88.35 -21.78
CA VAL RD 809 28.01 -88.53 -21.14
C VAL RD 809 27.62 -87.28 -20.35
N GLN RD 810 28.60 -86.48 -19.92
CA GLN RD 810 28.29 -85.16 -19.39
C GLN RD 810 27.70 -84.27 -20.47
N ASP RD 811 28.19 -84.41 -21.70
CA ASP RD 811 27.56 -83.73 -22.83
C ASP RD 811 26.16 -84.28 -23.10
N TRP RD 812 25.97 -85.59 -22.93
CA TRP RD 812 24.69 -86.22 -23.24
C TRP RD 812 23.60 -85.77 -22.28
N LYS RD 813 23.92 -85.66 -21.00
CA LYS RD 813 22.89 -85.35 -20.02
C LYS RD 813 22.42 -83.90 -20.08
N GLN RD 814 23.09 -83.03 -20.83
CA GLN RD 814 22.63 -81.67 -20.96
C GLN RD 814 21.37 -81.62 -21.81
N VAL RD 815 20.38 -80.89 -21.32
CA VAL RD 815 19.19 -80.56 -22.10
C VAL RD 815 18.72 -79.18 -21.65
N GLU RD 816 18.61 -78.24 -22.59
CA GLU RD 816 18.18 -76.91 -22.23
C GLU RD 816 16.68 -76.78 -22.41
N THR RD 817 16.19 -75.55 -22.24
CA THR RD 817 14.76 -75.28 -22.21
C THR RD 817 14.31 -74.54 -23.46
N GLN RD 818 13.00 -74.52 -23.67
CA GLN RD 818 12.42 -73.81 -24.79
C GLN RD 818 12.38 -72.31 -24.51
N VAL RD 819 12.26 -71.54 -25.58
CA VAL RD 819 12.12 -70.09 -25.49
C VAL RD 819 10.92 -69.66 -26.32
N TYR RD 820 10.19 -68.68 -25.79
CA TYR RD 820 9.05 -68.10 -26.45
C TYR RD 820 9.33 -66.64 -26.76
N THR RD 821 8.94 -66.22 -27.95
CA THR RD 821 9.13 -64.85 -28.40
C THR RD 821 7.82 -64.30 -28.92
N GLU RD 822 7.45 -63.12 -28.42
CA GLU RD 822 6.23 -62.43 -28.80
C GLU RD 822 6.60 -61.09 -29.42
N GLY RD 823 6.05 -60.80 -30.59
CA GLY RD 823 6.31 -59.55 -31.26
C GLY RD 823 5.04 -58.84 -31.66
N THR RD 824 5.10 -57.51 -31.64
CA THR RD 824 3.96 -56.69 -32.05
C THR RD 824 4.41 -55.60 -33.00
N ALA SD 104 80.40 -77.92 -50.89
CA ALA SD 104 79.22 -78.42 -50.19
C ALA SD 104 78.32 -77.28 -49.77
N GLU SD 105 77.16 -77.17 -50.41
CA GLU SD 105 76.27 -76.04 -50.16
C GLU SD 105 74.78 -76.40 -50.09
N VAL SD 106 74.41 -77.67 -50.14
CA VAL SD 106 73.00 -78.06 -50.15
C VAL SD 106 72.52 -78.31 -48.73
N ILE SD 107 73.38 -77.99 -47.76
CA ILE SD 107 73.05 -78.14 -46.35
C ILE SD 107 71.88 -77.23 -45.98
N ASP SD 108 71.90 -76.00 -46.50
CA ASP SD 108 70.76 -75.08 -46.30
C ASP SD 108 69.50 -75.61 -46.95
N LYS SD 109 69.64 -76.30 -48.10
CA LYS SD 109 68.47 -76.84 -48.78
C LYS SD 109 67.84 -77.97 -47.99
N LYS SD 110 68.67 -78.87 -47.47
CA LYS SD 110 68.18 -79.95 -46.60
C LYS SD 110 67.58 -79.37 -45.32
N ALA SD 111 68.19 -78.32 -44.77
CA ALA SD 111 67.66 -77.68 -43.58
C ALA SD 111 66.31 -77.03 -43.85
N PHE SD 112 66.15 -76.40 -45.01
CA PHE SD 112 64.87 -75.80 -45.38
C PHE SD 112 63.80 -76.86 -45.55
N LYS SD 113 64.16 -77.99 -46.17
CA LYS SD 113 63.21 -79.08 -46.36
C LYS SD 113 62.77 -79.68 -45.03
N ASP SD 114 63.74 -80.03 -44.17
CA ASP SD 114 63.37 -80.68 -42.92
C ASP SD 114 62.74 -79.70 -41.94
N MET SD 115 63.04 -78.40 -42.05
CA MET SD 115 62.34 -77.43 -41.22
C MET SD 115 60.95 -77.15 -41.74
N THR SD 116 60.72 -77.31 -43.04
CA THR SD 116 59.34 -77.32 -43.53
C THR SD 116 58.57 -78.50 -42.95
N ARG SD 117 59.23 -79.66 -42.88
CA ARG SD 117 58.64 -80.84 -42.26
C ARG SD 117 58.34 -80.61 -40.79
N ASN SD 118 59.26 -79.97 -40.07
CA ASN SD 118 59.05 -79.72 -38.65
C ASN SD 118 58.05 -78.61 -38.40
N LEU SD 119 57.94 -77.66 -39.33
CA LEU SD 119 56.94 -76.62 -39.20
C LEU SD 119 55.55 -77.17 -39.42
N TYR SD 120 55.37 -78.00 -40.45
CA TYR SD 120 54.07 -78.60 -40.75
C TYR SD 120 54.21 -80.10 -40.60
N PRO SD 121 53.85 -80.64 -39.43
CA PRO SD 121 54.02 -82.08 -39.21
C PRO SD 121 52.98 -82.93 -39.90
N LEU SD 122 51.94 -82.33 -40.46
CA LEU SD 122 50.79 -83.05 -40.99
C LEU SD 122 50.83 -83.03 -42.51
N ASN SD 123 50.58 -84.18 -43.11
CA ASN SD 123 50.34 -84.22 -44.53
C ASN SD 123 49.01 -83.54 -44.84
N PRO SD 124 48.89 -82.88 -45.99
CA PRO SD 124 47.57 -82.35 -46.39
C PRO SD 124 46.52 -83.43 -46.57
N GLU SD 125 46.95 -84.61 -47.07
CA GLU SD 125 46.06 -85.76 -47.15
C GLU SD 125 45.65 -86.22 -45.76
N GLN SD 126 46.60 -86.17 -44.81
CA GLN SD 126 46.28 -86.46 -43.43
C GLN SD 126 45.34 -85.44 -42.83
N VAL SD 127 45.45 -84.18 -43.25
CA VAL SD 127 44.52 -83.13 -42.82
C VAL SD 127 43.12 -83.46 -43.30
N VAL SD 128 43.00 -83.88 -44.56
CA VAL SD 128 41.71 -84.24 -45.14
C VAL SD 128 41.10 -85.43 -44.40
N LYS SD 129 41.90 -86.47 -44.15
CA LYS SD 129 41.34 -87.65 -43.51
C LYS SD 129 41.09 -87.43 -42.03
N LEU SD 130 41.84 -86.52 -41.40
CA LEU SD 130 41.54 -86.18 -40.02
C LEU SD 130 40.26 -85.40 -39.91
N LYS SD 131 40.01 -84.53 -40.90
CA LYS SD 131 38.70 -83.88 -41.00
C LYS SD 131 37.60 -84.91 -41.19
N GLN SD 132 37.87 -85.93 -42.00
CA GLN SD 132 36.88 -86.97 -42.29
C GLN SD 132 36.52 -87.75 -41.04
N ILE SD 133 37.54 -88.20 -40.29
CA ILE SD 133 37.27 -88.93 -39.05
C ILE SD 133 36.73 -87.99 -37.99
N TYR SD 134 37.02 -86.68 -38.09
CA TYR SD 134 36.47 -85.70 -37.17
C TYR SD 134 34.96 -85.60 -37.31
N GLU SD 135 34.48 -85.39 -38.53
CA GLU SD 135 33.03 -85.33 -38.71
C GLU SD 135 32.38 -86.70 -38.59
N THR SD 136 33.15 -87.77 -38.78
CA THR SD 136 32.63 -89.11 -38.49
C THR SD 136 32.36 -89.27 -37.00
N SER SD 137 33.29 -88.82 -36.16
CA SER SD 137 33.07 -88.83 -34.72
C SER SD 137 31.95 -87.89 -34.32
N GLU SD 138 31.81 -86.77 -35.04
CA GLU SD 138 30.69 -85.87 -34.81
C GLU SD 138 29.36 -86.55 -35.12
N TYR SD 139 29.31 -87.34 -36.19
CA TYR SD 139 28.11 -88.09 -36.51
C TYR SD 139 27.83 -89.18 -35.49
N ALA SD 140 28.89 -89.83 -35.00
CA ALA SD 140 28.74 -90.87 -33.98
C ALA SD 140 28.21 -90.29 -32.68
N LYS SD 141 28.73 -89.14 -32.27
CA LYS SD 141 28.23 -88.49 -31.06
C LYS SD 141 26.96 -87.71 -31.29
N ALA SD 142 26.53 -87.56 -32.55
CA ALA SD 142 25.23 -86.99 -32.86
C ALA SD 142 24.25 -88.03 -33.37
N ALA SD 143 24.56 -89.31 -33.18
CA ALA SD 143 23.69 -90.39 -33.60
C ALA SD 143 22.42 -90.42 -32.75
N THR SD 144 21.48 -91.14 -33.20
CA THR SD 144 20.20 -91.19 -32.55
C THR SD 144 20.08 -92.41 -31.64
N PRO SD 145 19.39 -92.27 -30.49
CA PRO SD 145 19.19 -93.45 -29.65
C PRO SD 145 18.08 -94.34 -30.19
N GLY SD 146 18.47 -95.47 -30.77
CA GLY SD 146 17.48 -96.34 -31.37
C GLY SD 146 16.86 -95.74 -32.62
N THR SD 147 15.75 -96.32 -33.02
CA THR SD 147 14.99 -95.77 -34.13
C THR SD 147 14.22 -94.53 -33.67
N PRO SD 148 14.06 -93.54 -34.56
CA PRO SD 148 13.31 -92.34 -34.20
C PRO SD 148 11.82 -92.62 -34.16
N PRO SD 149 11.08 -91.87 -33.34
CA PRO SD 149 9.62 -92.05 -33.30
C PRO SD 149 8.96 -91.45 -34.53
N LYS SD 150 7.72 -91.86 -34.73
CA LYS SD 150 6.89 -91.28 -35.76
C LYS SD 150 6.29 -89.97 -35.27
N PRO SD 151 6.47 -88.87 -35.99
CA PRO SD 151 5.79 -87.61 -35.62
C PRO SD 151 4.32 -87.66 -36.05
N THR SD 152 3.42 -87.48 -35.08
CA THR SD 152 1.99 -87.53 -35.33
C THR SD 152 1.33 -86.32 -34.68
N ALA SD 153 0.28 -85.83 -35.33
CA ALA SD 153 -0.61 -84.83 -34.76
C ALA SD 153 -2.00 -85.42 -34.68
N THR SD 154 -2.70 -85.19 -33.57
CA THR SD 154 -4.00 -85.80 -33.34
C THR SD 154 -5.00 -84.78 -32.82
N SER SD 155 -6.27 -85.07 -33.06
CA SER SD 155 -7.37 -84.40 -32.39
C SER SD 155 -8.05 -85.39 -31.46
N GLN SD 156 -8.71 -84.86 -30.44
CA GLN SD 156 -9.38 -85.69 -29.46
C GLN SD 156 -10.50 -84.87 -28.82
N PHE SD 157 -11.67 -85.48 -28.69
CA PHE SD 157 -12.79 -84.87 -28.00
C PHE SD 157 -12.78 -85.38 -26.56
N VAL SD 158 -12.64 -84.45 -25.62
CA VAL SD 158 -12.41 -84.80 -24.22
C VAL SD 158 -13.69 -85.34 -23.60
N ASN SD 159 -13.59 -85.93 -22.41
CA ASN SD 159 -14.73 -86.54 -21.75
C ASN SD 159 -14.91 -85.90 -20.38
N LEU SD 160 -16.07 -85.28 -20.17
CA LEU SD 160 -16.41 -84.64 -18.90
C LEU SD 160 -17.24 -85.54 -18.01
N SER SD 161 -17.34 -86.83 -18.35
CA SER SD 161 -18.11 -87.76 -17.54
C SER SD 161 -17.41 -88.02 -16.21
N PRO SD 162 -18.18 -88.28 -15.14
CA PRO SD 162 -17.55 -88.59 -13.85
C PRO SD 162 -17.13 -90.05 -13.70
N GLY SD 163 -17.06 -90.80 -14.80
CA GLY SD 163 -16.57 -92.15 -14.77
C GLY SD 163 -15.60 -92.49 -15.89
N SER SD 164 -15.34 -91.52 -16.77
CA SER SD 164 -14.50 -91.77 -17.93
C SER SD 164 -13.02 -91.73 -17.56
N THR SD 165 -12.19 -92.09 -18.53
CA THR SD 165 -10.74 -92.14 -18.39
C THR SD 165 -10.10 -90.87 -18.95
N PRO SD 166 -9.25 -90.19 -18.19
CA PRO SD 166 -8.57 -89.00 -18.71
C PRO SD 166 -7.55 -89.38 -19.77
N PRO SD 167 -7.34 -88.53 -20.77
CA PRO SD 167 -6.39 -88.86 -21.85
C PRO SD 167 -4.93 -88.80 -21.41
N VAL SD 168 -4.13 -89.53 -22.18
CA VAL SD 168 -2.69 -89.73 -21.94
C VAL SD 168 -1.93 -89.05 -23.07
N ILE SD 169 -0.88 -88.31 -22.72
CA ILE SD 169 -0.12 -87.50 -23.67
C ILE SD 169 1.30 -88.05 -23.78
N ARG SD 170 1.74 -88.30 -25.00
CA ARG SD 170 3.12 -88.69 -25.24
C ARG SD 170 4.03 -87.47 -25.17
N LEU SD 171 5.13 -87.60 -24.44
CA LEU SD 171 6.07 -86.51 -24.27
C LEU SD 171 7.37 -86.81 -25.00
N SER SD 172 7.85 -85.84 -25.75
CA SER SD 172 9.09 -85.95 -26.50
C SER SD 172 10.23 -85.33 -25.71
N GLN SD 173 11.44 -85.82 -25.94
CA GLN SD 173 12.59 -85.29 -25.22
C GLN SD 173 12.97 -83.92 -25.75
N GLY SD 174 12.44 -82.88 -25.12
CA GLY SD 174 12.82 -81.52 -25.45
C GLY SD 174 12.05 -80.89 -26.57
N PHE SD 175 11.13 -81.60 -27.21
CA PHE SD 175 10.43 -81.07 -28.36
C PHE SD 175 9.04 -80.60 -27.96
N VAL SD 176 8.65 -79.45 -28.51
CA VAL SD 176 7.48 -78.73 -28.04
C VAL SD 176 6.22 -79.40 -28.56
N SER SD 177 5.26 -79.61 -27.66
CA SER SD 177 3.93 -80.08 -28.00
C SER SD 177 2.94 -78.96 -27.78
N SER SD 178 2.07 -78.73 -28.75
CA SER SD 178 1.05 -77.69 -28.68
C SER SD 178 -0.29 -78.34 -28.42
N LEU SD 179 -0.90 -77.99 -27.30
CA LEU SD 179 -2.20 -78.51 -26.93
C LEU SD 179 -3.20 -77.36 -27.00
N VAL SD 180 -4.20 -77.50 -27.86
CA VAL SD 180 -5.09 -76.38 -28.17
C VAL SD 180 -6.51 -76.75 -27.74
N PHE SD 181 -7.11 -75.91 -26.91
CA PHE SD 181 -8.44 -76.14 -26.37
C PHE SD 181 -9.48 -75.43 -27.21
N LEU SD 182 -10.52 -76.16 -27.61
CA LEU SD 182 -11.68 -75.60 -28.27
C LEU SD 182 -12.93 -76.18 -27.63
N ASP SD 183 -14.05 -75.47 -27.79
CA ASP SD 183 -15.31 -75.90 -27.20
C ASP SD 183 -16.04 -76.85 -28.14
N SER SD 184 -17.33 -77.08 -27.87
CA SER SD 184 -18.15 -77.98 -28.68
C SER SD 184 -18.35 -77.43 -30.08
N THR SD 185 -18.50 -76.12 -30.20
CA THR SD 185 -18.63 -75.48 -31.50
C THR SD 185 -17.28 -75.20 -32.14
N GLY SD 186 -16.18 -75.56 -31.47
CA GLY SD 186 -14.87 -75.33 -32.01
C GLY SD 186 -14.36 -73.91 -31.83
N ALA SD 187 -15.10 -73.06 -31.14
CA ALA SD 187 -14.65 -71.71 -30.90
C ALA SD 187 -13.51 -71.71 -29.88
N PRO SD 188 -12.64 -70.70 -29.89
CA PRO SD 188 -11.56 -70.66 -28.91
C PRO SD 188 -12.08 -70.45 -27.50
N TRP SD 189 -11.31 -70.97 -26.54
CA TRP SD 189 -11.70 -70.97 -25.13
C TRP SD 189 -10.42 -70.92 -24.32
N PRO SD 190 -9.99 -69.74 -23.90
CA PRO SD 190 -8.76 -69.64 -23.10
C PRO SD 190 -8.94 -70.24 -21.72
N ILE SD 191 -7.81 -70.53 -21.09
CA ILE SD 191 -7.77 -71.25 -19.83
C ILE SD 191 -7.66 -70.24 -18.70
N ALA SD 192 -8.48 -70.42 -17.66
CA ALA SD 192 -8.35 -69.55 -16.48
C ALA SD 192 -7.10 -69.90 -15.69
N ALA SD 193 -6.82 -71.18 -15.50
CA ALA SD 193 -5.71 -71.56 -14.65
C ALA SD 193 -5.13 -72.89 -15.11
N TYR SD 194 -3.88 -73.13 -14.71
CA TYR SD 194 -3.22 -74.38 -15.03
C TYR SD 194 -2.13 -74.65 -14.00
N ASP SD 195 -1.90 -75.93 -13.76
CA ASP SD 195 -0.86 -76.34 -12.82
C ASP SD 195 -0.42 -77.73 -13.23
N LEU SD 196 0.85 -78.01 -13.01
CA LEU SD 196 1.43 -79.28 -13.43
C LEU SD 196 2.16 -79.92 -12.26
N GLY SD 197 2.10 -81.24 -12.18
CA GLY SD 197 2.95 -81.95 -11.27
C GLY SD 197 4.35 -82.07 -11.83
N ASP SD 198 5.33 -82.15 -10.91
CA ASP SD 198 6.76 -82.25 -11.18
C ASP SD 198 7.24 -81.16 -12.12
N PRO SD 199 7.38 -79.92 -11.66
CA PRO SD 199 7.72 -78.80 -12.57
C PRO SD 199 9.08 -78.92 -13.23
N SER SD 200 9.99 -79.74 -12.72
CA SER SD 200 11.31 -79.86 -13.34
C SER SD 200 11.26 -80.62 -14.65
N SER SD 201 10.37 -81.60 -14.78
CA SER SD 201 10.39 -82.47 -15.95
C SER SD 201 9.86 -81.79 -17.20
N PHE SD 202 9.17 -80.67 -17.07
CA PHE SD 202 8.47 -80.07 -18.19
C PHE SD 202 8.66 -78.57 -18.20
N ASN SD 203 8.49 -77.97 -19.37
CA ASN SD 203 8.54 -76.54 -19.54
C ASN SD 203 7.19 -76.03 -20.02
N ILE SD 204 6.85 -74.80 -19.64
CA ILE SD 204 5.60 -74.16 -20.04
C ILE SD 204 5.92 -72.77 -20.54
N GLN SD 205 5.46 -72.44 -21.74
CA GLN SD 205 5.40 -71.06 -22.22
C GLN SD 205 3.94 -70.76 -22.50
N TRP SD 206 3.25 -70.15 -21.55
CA TRP SD 206 1.82 -69.93 -21.62
C TRP SD 206 1.56 -68.45 -21.89
N ASP SD 207 1.00 -68.15 -23.06
CA ASP SD 207 0.57 -66.80 -23.34
C ASP SD 207 -0.68 -66.49 -22.53
N LYS SD 208 -0.90 -65.19 -22.31
CA LYS SD 208 -1.79 -64.74 -21.24
C LYS SD 208 -3.26 -65.04 -21.53
N THR SD 209 -3.70 -64.92 -22.78
CA THR SD 209 -5.11 -65.08 -23.08
C THR SD 209 -5.37 -66.05 -24.22
N SER SD 210 -4.40 -66.91 -24.55
CA SER SD 210 -4.61 -67.85 -25.63
C SER SD 210 -5.29 -69.11 -25.12
N ASN SD 211 -5.92 -69.84 -26.04
CA ASN SD 211 -6.45 -71.16 -25.76
C ASN SD 211 -5.46 -72.25 -26.11
N THR SD 212 -4.17 -71.99 -25.96
CA THR SD 212 -3.13 -72.92 -26.35
C THR SD 212 -2.13 -73.07 -25.21
N LEU SD 213 -1.44 -74.19 -25.22
CA LEU SD 213 -0.34 -74.43 -24.29
C LEU SD 213 0.81 -75.10 -25.02
N MET SD 214 2.03 -74.74 -24.63
CA MET SD 214 3.23 -75.29 -25.24
C MET SD 214 4.06 -75.98 -24.17
N ILE SD 215 4.37 -77.25 -24.39
CA ILE SD 215 4.95 -78.11 -23.36
C ILE SD 215 6.24 -78.72 -23.90
N GLN SD 216 7.32 -78.59 -23.14
CA GLN SD 216 8.61 -79.19 -23.49
C GLN SD 216 9.04 -80.08 -22.33
N ALA SD 217 9.01 -81.39 -22.55
CA ALA SD 217 9.45 -82.33 -21.53
C ALA SD 217 10.97 -82.36 -21.45
N THR SD 218 11.47 -82.71 -20.26
CA THR SD 218 12.91 -82.68 -20.02
C THR SD 218 13.50 -84.04 -19.68
N LYS SD 219 12.85 -84.80 -18.80
CA LYS SD 219 13.37 -86.09 -18.37
C LYS SD 219 12.90 -87.20 -19.31
N LEU SD 220 13.61 -88.33 -19.25
CA LEU SD 220 13.47 -89.32 -20.32
C LEU SD 220 12.27 -90.23 -20.11
N TYR SD 221 12.13 -90.84 -18.94
CA TYR SD 221 11.08 -91.83 -18.71
C TYR SD 221 10.37 -91.59 -17.38
N ASN SD 222 10.01 -90.35 -17.12
CA ASN SD 222 9.28 -89.98 -15.91
C ASN SD 222 7.97 -89.32 -16.30
N TYR SD 223 6.88 -89.84 -15.78
CA TYR SD 223 5.55 -89.42 -16.21
C TYR SD 223 4.87 -88.57 -15.15
N GLY SD 224 3.93 -87.73 -15.60
CA GLY SD 224 3.28 -86.79 -14.72
C GLY SD 224 1.82 -86.51 -15.04
N ASN SD 225 1.25 -85.53 -14.36
CA ASN SD 225 -0.14 -85.17 -14.56
C ASN SD 225 -0.28 -83.64 -14.61
N LEU SD 226 -1.36 -83.20 -15.25
CA LEU SD 226 -1.62 -81.78 -15.42
C LEU SD 226 -3.09 -81.51 -15.14
N ALA SD 227 -3.37 -80.40 -14.48
CA ALA SD 227 -4.75 -80.02 -14.20
C ALA SD 227 -4.96 -78.56 -14.55
N VAL SD 228 -6.00 -78.28 -15.32
CA VAL SD 228 -6.35 -76.93 -15.72
C VAL SD 228 -7.77 -76.64 -15.24
N ARG SD 229 -8.09 -75.35 -15.22
CA ARG SD 229 -9.43 -74.86 -14.95
C ARG SD 229 -9.79 -73.90 -16.07
N LEU SD 230 -10.90 -74.18 -16.74
CA LEU SD 230 -11.30 -73.37 -17.87
C LEU SD 230 -11.85 -72.02 -17.41
N ARG SD 231 -11.89 -71.08 -18.35
CA ARG SD 231 -12.33 -69.74 -18.02
C ARG SD 231 -13.84 -69.67 -17.83
N GLY SD 232 -14.59 -70.37 -18.69
CA GLY SD 232 -16.04 -70.34 -18.61
C GLY SD 232 -16.66 -71.55 -17.96
N LEU SD 233 -15.87 -72.28 -17.18
CA LEU SD 233 -16.32 -73.54 -16.59
C LEU SD 233 -15.96 -73.63 -15.13
N ASN SD 234 -16.88 -74.16 -14.33
CA ASN SD 234 -16.56 -74.59 -12.97
C ASN SD 234 -15.78 -75.89 -12.96
N THR SD 235 -15.98 -76.73 -13.97
CA THR SD 235 -15.41 -78.07 -13.99
C THR SD 235 -13.93 -78.03 -14.34
N PRO SD 236 -13.05 -78.57 -13.50
CA PRO SD 236 -11.63 -78.68 -13.88
C PRO SD 236 -11.37 -79.88 -14.78
N VAL SD 237 -10.26 -79.82 -15.50
CA VAL SD 237 -9.88 -80.81 -16.48
C VAL SD 237 -8.48 -81.33 -16.16
N MET SD 238 -8.34 -82.64 -16.02
CA MET SD 238 -7.05 -83.22 -15.69
C MET SD 238 -6.65 -84.22 -16.77
N LEU SD 239 -5.40 -84.13 -17.22
CA LEU SD 239 -4.82 -85.07 -18.17
C LEU SD 239 -3.59 -85.70 -17.55
N THR SD 240 -3.15 -86.82 -18.12
CA THR SD 240 -1.88 -87.40 -17.70
C THR SD 240 -0.95 -87.49 -18.90
N LEU SD 241 0.34 -87.63 -18.63
CA LEU SD 241 1.31 -87.67 -19.72
C LEU SD 241 2.47 -88.57 -19.36
N ILE SD 242 2.84 -89.44 -20.30
CA ILE SD 242 4.02 -90.28 -20.15
C ILE SD 242 5.01 -89.91 -21.25
N PRO SD 243 6.30 -90.01 -21.01
CA PRO SD 243 7.27 -89.75 -22.07
C PRO SD 243 7.75 -91.00 -22.77
N GLY SD 244 8.57 -90.83 -23.80
CA GLY SD 244 9.33 -91.91 -24.39
C GLY SD 244 8.56 -93.00 -25.10
N GLN SD 245 7.59 -92.62 -25.92
CA GLN SD 245 6.92 -93.58 -26.78
C GLN SD 245 7.51 -93.51 -28.18
N LYS SD 246 7.04 -94.40 -29.06
CA LYS SD 246 7.49 -94.40 -30.43
C LYS SD 246 6.62 -93.54 -31.34
N ALA SD 247 5.66 -92.82 -30.77
CA ALA SD 247 4.90 -91.81 -31.51
C ALA SD 247 4.90 -90.53 -30.71
N VAL SD 248 5.25 -89.42 -31.36
CA VAL SD 248 5.42 -88.15 -30.69
C VAL SD 248 4.39 -87.15 -31.18
N ASP SD 249 3.68 -86.53 -30.23
CA ASP SD 249 2.55 -85.66 -30.51
C ASP SD 249 3.07 -84.25 -30.77
N TYR SD 250 3.01 -83.82 -32.03
CA TYR SD 250 3.32 -82.44 -32.35
C TYR SD 250 2.19 -81.49 -31.99
N ARG SD 251 0.94 -81.92 -32.13
CA ARG SD 251 -0.19 -81.05 -31.87
C ARG SD 251 -1.40 -81.88 -31.48
N VAL SD 252 -1.97 -81.59 -30.32
CA VAL SD 252 -3.17 -82.25 -29.83
C VAL SD 252 -4.29 -81.21 -29.75
N ASP SD 253 -5.36 -81.46 -30.51
CA ASP SD 253 -6.50 -80.56 -30.58
C ASP SD 253 -7.61 -81.13 -29.70
N LEU SD 254 -7.77 -80.57 -28.50
CA LEU SD 254 -8.73 -81.08 -27.54
C LEU SD 254 -10.02 -80.28 -27.60
N ARG SD 255 -11.13 -80.99 -27.75
CA ARG SD 255 -12.45 -80.39 -27.87
C ARG SD 255 -13.28 -80.72 -26.64
N VAL SD 256 -13.97 -79.72 -26.10
CA VAL SD 256 -14.73 -79.86 -24.86
C VAL SD 256 -16.17 -80.21 -25.22
N GLN SD 257 -16.72 -81.20 -24.51
CA GLN SD 257 -18.14 -81.52 -24.65
C GLN SD 257 -19.02 -80.36 -24.23
N GLY SD 258 -18.65 -79.66 -23.16
CA GLY SD 258 -19.36 -78.47 -22.77
C GLY SD 258 -19.16 -77.34 -23.74
N TYR SD 259 -20.06 -76.37 -23.68
CA TYR SD 259 -20.05 -75.22 -24.56
C TYR SD 259 -19.26 -74.09 -23.92
N GLY SD 260 -18.48 -73.40 -24.74
CA GLY SD 260 -17.67 -72.31 -24.27
C GLY SD 260 -18.44 -71.01 -24.20
N PRO SD 261 -17.72 -69.91 -23.96
CA PRO SD 261 -18.38 -68.60 -24.00
C PRO SD 261 -18.75 -68.15 -25.39
N ASN SD 262 -18.22 -68.80 -26.42
CA ASN SD 262 -18.43 -68.45 -27.80
C ASN SD 262 -18.99 -69.67 -28.53
N ALA SD 263 -20.03 -69.45 -29.32
CA ALA SD 263 -20.70 -70.54 -30.03
C ALA SD 263 -21.33 -70.06 -31.32
N ASP SD 278 -12.95 -71.75 -50.28
CA ASP SD 278 -13.17 -73.09 -49.77
C ASP SD 278 -12.53 -74.14 -50.68
N LEU SD 279 -13.33 -75.06 -51.20
CA LEU SD 279 -12.81 -76.12 -52.06
C LEU SD 279 -12.34 -75.57 -53.40
N LEU SD 280 -13.01 -74.52 -53.90
CA LEU SD 280 -12.52 -73.82 -55.09
C LEU SD 280 -11.17 -73.19 -54.84
N LEU SD 281 -10.99 -72.61 -53.64
CA LEU SD 281 -9.70 -72.05 -53.26
C LEU SD 281 -8.64 -73.13 -53.18
N HIS SD 282 -8.99 -74.29 -52.64
CA HIS SD 282 -8.04 -75.40 -52.52
C HIS SD 282 -7.62 -75.92 -53.90
N VAL SD 283 -8.57 -76.08 -54.81
CA VAL SD 283 -8.22 -76.62 -56.12
C VAL SD 283 -7.56 -75.57 -57.01
N LEU SD 284 -7.75 -74.27 -56.74
CA LEU SD 284 -6.94 -73.30 -57.45
C LEU SD 284 -5.54 -73.20 -56.88
N GLU SD 285 -5.39 -73.39 -55.56
CA GLU SD 285 -4.07 -73.40 -54.93
C GLU SD 285 -3.29 -74.65 -55.28
N GLY SD 286 -3.97 -75.74 -55.65
CA GLY SD 286 -3.31 -76.98 -56.01
C GLY SD 286 -3.66 -78.14 -55.11
N VAL SD 287 -4.64 -78.00 -54.22
CA VAL SD 287 -5.03 -79.08 -53.32
C VAL SD 287 -6.17 -79.84 -53.97
N PRO SD 288 -5.98 -81.10 -54.36
CA PRO SD 288 -7.09 -81.89 -54.90
C PRO SD 288 -8.05 -82.28 -53.80
N PRO SD 289 -9.31 -82.57 -54.13
CA PRO SD 289 -10.23 -83.08 -53.12
C PRO SD 289 -9.84 -84.48 -52.70
N PRO SD 290 -10.13 -84.87 -51.46
CA PRO SD 290 -9.84 -86.24 -51.03
C PRO SD 290 -10.74 -87.25 -51.73
N GLY SD 291 -10.21 -88.45 -51.94
CA GLY SD 291 -10.95 -89.47 -52.65
C GLY SD 291 -11.02 -89.27 -54.14
N SER SD 292 -10.09 -88.51 -54.71
CA SER SD 292 -10.08 -88.23 -56.14
C SER SD 292 -8.92 -88.93 -56.83
N ARG SD 293 -9.04 -89.08 -58.15
CA ARG SD 293 -8.02 -89.74 -58.96
C ARG SD 293 -7.76 -88.91 -60.21
N ARG SD 294 -6.58 -89.13 -60.79
CA ARG SD 294 -6.17 -88.40 -61.98
C ARG SD 294 -6.81 -89.01 -63.23
N LEU SD 295 -6.80 -88.23 -64.31
CA LEU SD 295 -7.37 -88.64 -65.58
C LEU SD 295 -6.39 -88.32 -66.70
N VAL SD 296 -6.49 -89.08 -67.80
CA VAL SD 296 -5.61 -88.93 -68.94
C VAL SD 296 -6.32 -88.09 -69.98
N VAL SD 297 -5.73 -86.94 -70.33
CA VAL SD 297 -6.33 -86.01 -71.28
C VAL SD 297 -5.38 -85.88 -72.47
N SER SD 298 -5.91 -86.08 -73.68
CA SER SD 298 -5.11 -86.07 -74.90
C SER SD 298 -4.92 -84.64 -75.37
N GLY SD 299 -3.67 -84.19 -75.42
CA GLY SD 299 -3.33 -82.90 -75.97
C GLY SD 299 -3.69 -81.72 -75.09
N GLY SD 300 -4.05 -81.94 -73.84
CA GLY SD 300 -4.50 -80.86 -72.98
C GLY SD 300 -3.62 -80.71 -71.77
N ASP SD 301 -3.37 -79.45 -71.39
CA ASP SD 301 -2.58 -79.13 -70.20
C ASP SD 301 -3.50 -78.88 -69.01
N ALA SD 302 -4.33 -79.87 -68.72
CA ALA SD 302 -5.31 -79.79 -67.64
C ALA SD 302 -5.10 -80.93 -66.67
N ARG SD 303 -4.97 -80.60 -65.39
CA ARG SD 303 -4.93 -81.58 -64.33
C ARG SD 303 -6.37 -81.85 -63.90
N ALA SD 304 -6.77 -83.11 -63.95
CA ALA SD 304 -8.16 -83.51 -63.80
C ALA SD 304 -8.32 -84.40 -62.58
N TRP SD 305 -9.30 -84.11 -61.74
CA TRP SD 305 -9.58 -84.93 -60.57
C TRP SD 305 -11.05 -85.33 -60.54
N LEU SD 306 -11.31 -86.62 -60.47
CA LEU SD 306 -12.67 -87.16 -60.41
C LEU SD 306 -12.90 -87.71 -59.02
N SER SD 307 -13.80 -87.07 -58.27
CA SER SD 307 -14.05 -87.44 -56.88
C SER SD 307 -15.48 -87.91 -56.64
N ASN SD 308 -16.47 -87.10 -56.97
CA ASN SD 308 -17.88 -87.37 -56.63
C ASN SD 308 -18.76 -87.11 -57.84
N GLU SD 309 -18.38 -87.71 -58.98
CA GLU SD 309 -19.02 -87.63 -60.32
C GLU SD 309 -19.27 -86.19 -60.79
N LYS SD 310 -18.52 -85.23 -60.25
CA LYS SD 310 -18.46 -83.87 -60.78
C LYS SD 310 -16.99 -83.51 -60.74
N MET SD 311 -16.29 -83.79 -61.82
CA MET SD 311 -14.84 -83.69 -61.83
C MET SD 311 -14.40 -82.24 -61.89
N TYR SD 312 -13.20 -82.00 -61.36
CA TYR SD 312 -12.64 -80.67 -61.24
C TYR SD 312 -11.44 -80.55 -62.17
N VAL SD 313 -11.42 -79.49 -62.97
CA VAL SD 313 -10.43 -79.28 -64.02
C VAL SD 313 -9.61 -78.05 -63.68
N ARG SD 314 -8.28 -78.20 -63.71
CA ARG SD 314 -7.33 -77.16 -63.33
C ARG SD 314 -6.37 -76.93 -64.49
N THR SD 315 -6.43 -75.75 -65.11
CA THR SD 315 -5.64 -75.51 -66.32
C THR SD 315 -5.45 -74.01 -66.52
N ASN SD 316 -5.01 -73.63 -67.71
CA ASN SD 316 -4.88 -72.23 -68.14
C ASN SD 316 -5.72 -71.95 -69.37
N LEU SD 317 -6.81 -72.69 -69.55
CA LEU SD 317 -7.61 -72.62 -70.76
C LEU SD 317 -9.02 -72.16 -70.46
N THR SD 318 -9.71 -71.68 -71.49
CA THR SD 318 -11.10 -71.26 -71.41
C THR SD 318 -11.93 -72.24 -72.23
N ILE SD 319 -12.74 -73.05 -71.54
CA ILE SD 319 -13.56 -74.06 -72.20
C ILE SD 319 -14.74 -73.42 -72.90
N LEU SD 320 -15.24 -74.07 -73.94
CA LEU SD 320 -16.24 -73.42 -74.77
C LEU SD 320 -17.53 -74.20 -74.94
N SER SD 321 -17.44 -75.52 -75.12
CA SER SD 321 -18.60 -76.31 -75.55
C SER SD 321 -19.63 -76.63 -74.46
N PRO SD 322 -19.31 -77.31 -73.34
CA PRO SD 322 -20.41 -77.81 -72.49
C PRO SD 322 -21.01 -76.78 -71.53
N GLY SD 323 -20.33 -75.66 -71.28
CA GLY SD 323 -20.83 -74.66 -70.36
C GLY SD 323 -20.36 -74.90 -68.94
N TRP SD 324 -19.77 -73.88 -68.33
CA TRP SD 324 -19.30 -74.00 -66.97
C TRP SD 324 -20.48 -74.02 -66.00
N LEU SD 325 -20.39 -74.88 -65.00
CA LEU SD 325 -21.38 -74.95 -63.94
C LEU SD 325 -20.96 -74.09 -62.75
N ALA SD 326 -19.66 -74.06 -62.46
CA ALA SD 326 -19.06 -73.13 -61.51
C ALA SD 326 -17.62 -72.96 -61.91
N SER SD 327 -17.17 -71.70 -61.95
CA SER SD 327 -15.86 -71.37 -62.49
C SER SD 327 -15.15 -70.36 -61.62
N MET SD 328 -13.83 -70.52 -61.51
CA MET SD 328 -12.95 -69.62 -60.79
C MET SD 328 -11.77 -69.24 -61.66
N THR SD 329 -11.50 -67.94 -61.75
CA THR SD 329 -10.33 -67.40 -62.43
C THR SD 329 -9.43 -66.75 -61.39
N SER SD 330 -8.17 -67.16 -61.36
CA SER SD 330 -7.27 -66.77 -60.28
C SER SD 330 -6.72 -65.36 -60.48
N ALA SD 331 -6.00 -64.89 -59.46
CA ALA SD 331 -5.30 -63.62 -59.56
C ALA SD 331 -4.14 -63.70 -60.55
N ASP SD 332 -3.40 -64.81 -60.55
CA ASP SD 332 -2.35 -65.00 -61.54
C ASP SD 332 -2.93 -65.26 -62.92
N GLY SD 333 -4.08 -65.93 -62.99
CA GLY SD 333 -4.73 -66.15 -64.27
C GLY SD 333 -4.89 -67.61 -64.67
N THR SD 334 -5.05 -68.50 -63.71
CA THR SD 334 -5.39 -69.88 -64.03
C THR SD 334 -6.89 -70.09 -63.90
N HIS SD 335 -7.37 -71.18 -64.49
CA HIS SD 335 -8.78 -71.47 -64.60
C HIS SD 335 -9.10 -72.79 -63.89
N ALA SD 336 -10.15 -72.77 -63.07
CA ALA SD 336 -10.66 -73.97 -62.42
C ALA SD 336 -12.15 -74.08 -62.73
N TYR SD 337 -12.57 -75.25 -63.19
CA TYR SD 337 -13.98 -75.46 -63.54
C TYR SD 337 -14.50 -76.73 -62.87
N GLU SD 338 -15.81 -76.76 -62.65
CA GLU SD 338 -16.47 -78.03 -62.36
C GLU SD 338 -17.19 -78.53 -63.61
N MET SD 339 -17.25 -79.85 -63.76
CA MET SD 339 -17.77 -80.41 -65.00
C MET SD 339 -18.32 -81.81 -64.78
N GLN SD 340 -19.44 -82.11 -65.46
CA GLN SD 340 -19.99 -83.45 -65.47
C GLN SD 340 -19.15 -84.37 -66.36
N LYS SD 341 -19.44 -85.66 -66.28
CA LYS SD 341 -18.63 -86.66 -66.99
C LYS SD 341 -19.04 -86.71 -68.47
N SER SD 342 -18.06 -86.49 -69.35
CA SER SD 342 -18.22 -86.54 -70.79
C SER SD 342 -16.84 -86.74 -71.42
N PRO SD 343 -16.66 -87.75 -72.28
CA PRO SD 343 -15.30 -88.06 -72.75
C PRO SD 343 -14.74 -87.10 -73.78
N VAL SD 344 -15.60 -86.33 -74.46
CA VAL SD 344 -15.20 -85.47 -75.56
C VAL SD 344 -15.49 -84.03 -75.20
N LEU SD 345 -14.51 -83.14 -75.36
CA LEU SD 345 -14.70 -81.72 -75.14
C LEU SD 345 -14.18 -80.95 -76.35
N LEU SD 346 -14.73 -79.74 -76.54
CA LEU SD 346 -14.23 -78.81 -77.56
C LEU SD 346 -13.67 -77.59 -76.86
N VAL SD 347 -12.41 -77.28 -77.13
CA VAL SD 347 -11.70 -76.19 -76.47
C VAL SD 347 -11.25 -75.19 -77.53
N SER SD 348 -11.55 -73.91 -77.30
CA SER SD 348 -11.03 -72.82 -78.10
C SER SD 348 -9.88 -72.15 -77.34
N TRP SD 349 -8.79 -71.91 -78.04
CA TRP SD 349 -7.61 -71.26 -77.47
C TRP SD 349 -7.09 -70.23 -78.48
N HIS SD 350 -7.44 -68.96 -78.25
CA HIS SD 350 -6.89 -67.80 -78.96
C HIS SD 350 -7.05 -67.91 -80.47
N GLY SD 351 -8.26 -68.21 -80.91
CA GLY SD 351 -8.54 -68.38 -82.31
C GLY SD 351 -8.34 -69.78 -82.83
N LYS SD 352 -7.80 -70.69 -82.02
CA LYS SD 352 -7.68 -72.08 -82.43
C LYS SD 352 -8.82 -72.89 -81.82
N VAL SD 353 -9.20 -73.96 -82.53
CA VAL SD 353 -10.28 -74.84 -82.10
C VAL SD 353 -9.74 -76.28 -82.13
N MET SD 354 -9.90 -77.00 -81.01
CA MET SD 354 -9.49 -78.40 -81.02
C MET SD 354 -10.42 -79.21 -80.12
N GLN SD 355 -10.24 -80.53 -80.17
CA GLN SD 355 -11.05 -81.50 -79.46
C GLN SD 355 -10.17 -82.28 -78.50
N LEU SD 356 -10.64 -82.44 -77.26
CA LEU SD 356 -9.89 -83.13 -76.22
C LEU SD 356 -10.61 -84.41 -75.80
N LYS SD 357 -9.86 -85.49 -75.68
CA LYS SD 357 -10.34 -86.76 -75.17
C LYS SD 357 -9.88 -86.92 -73.73
N VAL SD 358 -10.84 -87.08 -72.81
CA VAL SD 358 -10.53 -87.34 -71.41
C VAL SD 358 -10.97 -88.76 -71.08
N GLU SD 359 -10.08 -89.51 -70.44
CA GLU SD 359 -10.31 -90.93 -70.21
C GLU SD 359 -9.55 -91.34 -68.95
N GLY SD 360 -9.55 -92.64 -68.67
CA GLY SD 360 -8.85 -93.18 -67.51
C GLY SD 360 -8.52 -94.65 -67.65
N UNK TD 1 34.30 -100.71 -51.84
CA UNK TD 1 34.07 -99.97 -50.59
C UNK TD 1 33.49 -100.88 -49.53
N UNK TD 2 32.47 -100.41 -48.81
CA UNK TD 2 31.80 -101.21 -47.80
C UNK TD 2 30.98 -102.31 -48.47
N UNK TD 3 30.70 -103.36 -47.70
CA UNK TD 3 30.08 -104.58 -48.22
C UNK TD 3 28.60 -104.57 -47.89
N UNK TD 4 27.75 -104.34 -48.89
CA UNK TD 4 26.31 -104.30 -48.68
C UNK TD 4 25.75 -105.69 -48.43
N UNK TD 5 26.30 -106.71 -49.09
CA UNK TD 5 25.84 -108.08 -48.88
C UNK TD 5 26.21 -108.57 -47.48
N UNK TD 6 27.42 -108.25 -47.02
CA UNK TD 6 27.79 -108.58 -45.65
C UNK TD 6 27.00 -107.74 -44.65
N UNK TD 7 26.61 -106.53 -45.02
CA UNK TD 7 25.75 -105.72 -44.16
C UNK TD 7 24.37 -106.35 -43.99
N UNK TD 8 23.79 -106.84 -45.10
CA UNK TD 8 22.52 -107.53 -45.02
C UNK TD 8 22.63 -108.85 -44.26
N UNK TD 9 23.75 -109.56 -44.44
CA UNK TD 9 23.97 -110.81 -43.71
C UNK TD 9 24.12 -110.58 -42.22
N UNK TD 10 24.86 -109.53 -41.83
CA UNK TD 10 25.00 -109.21 -40.41
C UNK TD 10 23.70 -108.69 -39.81
N UNK TD 11 22.90 -107.97 -40.60
CA UNK TD 11 21.59 -107.54 -40.12
C UNK TD 11 20.66 -108.73 -39.90
N UNK TD 12 20.70 -109.71 -40.81
CA UNK TD 12 19.92 -110.92 -40.63
C UNK TD 12 20.43 -111.73 -39.43
N UNK TD 13 21.74 -111.72 -39.21
CA UNK TD 13 22.30 -112.39 -38.04
C UNK TD 13 21.88 -111.68 -36.74
N UNK TD 14 21.82 -110.35 -36.76
CA UNK TD 14 21.39 -109.60 -35.60
C UNK TD 14 19.90 -109.81 -35.33
N UNK TD 15 19.11 -110.00 -36.37
CA UNK TD 15 17.72 -110.39 -36.20
C UNK TD 15 17.63 -111.79 -35.59
N UNK TD 16 18.37 -112.74 -36.15
CA UNK TD 16 18.49 -114.09 -35.59
C UNK TD 16 19.80 -114.24 -34.80
N UNK TD 17 19.90 -113.45 -33.73
CA UNK TD 17 21.05 -113.53 -32.85
C UNK TD 17 21.15 -114.85 -32.10
N UNK TD 18 20.01 -115.56 -31.95
CA UNK TD 18 19.92 -116.88 -31.31
C UNK TD 18 20.44 -116.86 -29.88
N UNK TD 19 20.14 -115.79 -29.14
CA UNK TD 19 20.62 -115.64 -27.78
C UNK TD 19 19.60 -114.84 -26.98
N UNK TD 20 18.99 -115.49 -25.98
CA UNK TD 20 18.05 -114.83 -25.09
C UNK TD 20 18.01 -115.63 -23.78
N UNK TD 21 18.49 -115.01 -22.70
CA UNK TD 21 18.56 -115.65 -21.39
C UNK TD 21 17.48 -115.09 -20.49
N UNK TD 22 16.75 -115.97 -19.81
CA UNK TD 22 15.58 -115.60 -19.03
C UNK TD 22 15.84 -115.77 -17.55
N UNK TD 23 15.76 -114.69 -16.79
CA UNK TD 23 15.92 -114.73 -15.34
C UNK TD 23 15.12 -113.57 -14.75
N UNK TD 24 13.95 -113.89 -14.18
CA UNK TD 24 13.11 -112.87 -13.56
C UNK TD 24 13.26 -112.91 -12.05
N UNK TD 25 12.83 -111.84 -11.40
CA UNK TD 25 12.92 -111.70 -9.96
C UNK TD 25 11.53 -111.59 -9.36
N UNK TD 26 11.25 -112.40 -8.35
CA UNK TD 26 9.93 -112.45 -7.75
C UNK TD 26 9.77 -111.31 -6.73
N UNK TD 27 8.71 -111.39 -5.93
CA UNK TD 27 8.38 -110.29 -5.02
C UNK TD 27 9.34 -110.22 -3.84
N UNK TD 28 9.66 -111.36 -3.22
CA UNK TD 28 10.50 -111.41 -2.03
C UNK TD 28 11.91 -111.87 -2.34
N UNK TD 29 12.43 -111.45 -3.50
CA UNK TD 29 13.80 -111.73 -3.97
C UNK TD 29 14.08 -113.23 -4.12
N UNK TD 30 13.05 -114.03 -4.33
CA UNK TD 30 13.21 -115.44 -4.69
C UNK TD 30 13.18 -115.58 -6.20
N UNK TD 31 14.25 -115.04 -6.82
CA UNK TD 31 14.33 -114.91 -8.26
C UNK TD 31 14.42 -116.28 -8.93
N UNK TD 32 13.75 -116.41 -10.06
CA UNK TD 32 13.68 -117.68 -10.78
C UNK TD 32 14.07 -117.46 -12.23
N UNK TD 33 14.81 -118.41 -12.78
CA UNK TD 33 15.33 -118.33 -14.13
C UNK TD 33 14.83 -119.51 -14.96
N UNK TD 34 14.62 -119.26 -16.25
CA UNK TD 34 14.33 -120.33 -17.20
C UNK TD 34 15.57 -120.58 -18.05
N UNK TD 35 15.48 -121.60 -18.90
CA UNK TD 35 16.57 -121.91 -19.80
C UNK TD 35 16.65 -120.88 -20.92
N UNK TD 36 17.81 -120.84 -21.58
CA UNK TD 36 18.04 -119.88 -22.66
C UNK TD 36 17.22 -120.25 -23.89
N UNK TD 37 16.57 -119.26 -24.48
CA UNK TD 37 15.71 -119.47 -25.64
C UNK TD 37 16.17 -118.57 -26.78
N UNK TD 38 15.39 -118.60 -27.87
CA UNK TD 38 15.60 -117.82 -29.09
C UNK TD 38 16.99 -117.97 -29.71
N UNK TD 39 5.84 -106.29 -10.43
CA UNK TD 39 7.02 -106.68 -9.66
C UNK TD 39 7.43 -108.11 -10.00
N UNK TD 40 6.81 -108.67 -11.04
CA UNK TD 40 7.06 -110.05 -11.44
C UNK TD 40 8.25 -110.17 -12.36
N UNK TD 41 8.33 -109.34 -13.40
CA UNK TD 41 9.45 -109.37 -14.34
C UNK TD 41 9.51 -108.01 -15.01
N UNK TD 42 10.57 -107.24 -14.71
CA UNK TD 42 10.74 -105.94 -15.32
C UNK TD 42 11.30 -106.09 -16.73
N UNK TD 43 11.48 -104.95 -17.39
CA UNK TD 43 11.94 -104.94 -18.79
C UNK TD 43 13.37 -105.45 -18.94
N UNK TD 44 14.17 -105.40 -17.88
CA UNK TD 44 15.51 -105.98 -17.90
C UNK TD 44 15.53 -107.43 -17.44
N UNK TD 45 14.36 -108.00 -17.13
CA UNK TD 45 14.29 -109.39 -16.70
C UNK TD 45 14.68 -110.35 -17.81
N UNK TD 46 14.50 -109.95 -19.06
CA UNK TD 46 14.98 -110.70 -20.21
C UNK TD 46 16.26 -110.05 -20.74
N UNK TD 47 17.20 -110.88 -21.16
CA UNK TD 47 18.46 -110.41 -21.74
C UNK TD 47 18.94 -111.45 -22.73
N UNK TD 48 19.88 -111.04 -23.56
CA UNK TD 48 20.42 -111.94 -24.58
C UNK TD 48 21.34 -113.00 -23.99
N LEU UD 113 -130.10 -136.51 -16.68
CA LEU UD 113 -130.05 -135.54 -15.59
C LEU UD 113 -129.68 -134.17 -16.13
N ASN UD 114 -130.68 -133.38 -16.50
CA ASN UD 114 -130.44 -132.07 -17.10
C ASN UD 114 -131.26 -130.98 -16.42
N ARG UD 115 -132.43 -131.33 -15.90
CA ARG UD 115 -133.30 -130.34 -15.29
C ARG UD 115 -133.89 -130.92 -14.02
N PHE UD 116 -134.00 -130.08 -12.99
CA PHE UD 116 -134.64 -130.47 -11.74
C PHE UD 116 -135.54 -129.34 -11.27
N ARG UD 117 -136.84 -129.56 -11.32
CA ARG UD 117 -137.82 -128.62 -10.82
C ARG UD 117 -138.56 -129.26 -9.66
N TYR UD 118 -138.61 -128.56 -8.52
CA TYR UD 118 -139.26 -129.10 -7.34
C TYR UD 118 -140.24 -128.06 -6.79
N GLU UD 119 -141.51 -128.45 -6.71
CA GLU UD 119 -142.59 -127.58 -6.30
C GLU UD 119 -143.51 -128.33 -5.35
N GLY UD 120 -144.05 -127.62 -4.36
CA GLY UD 120 -145.13 -128.19 -3.58
C GLY UD 120 -144.82 -128.74 -2.19
N ALA UD 121 -144.06 -127.99 -1.40
CA ALA UD 121 -143.86 -128.21 0.04
C ALA UD 121 -143.22 -129.58 0.34
N GLY UD 122 -141.98 -129.73 -0.11
CA GLY UD 122 -141.26 -130.96 0.13
C GLY UD 122 -139.82 -130.70 0.51
N VAL UD 123 -139.18 -131.75 1.00
CA VAL UD 123 -137.79 -131.72 1.44
C VAL UD 123 -137.00 -132.66 0.54
N VAL UD 124 -136.00 -132.12 -0.14
CA VAL UD 124 -135.09 -132.88 -0.98
C VAL UD 124 -133.73 -132.89 -0.32
N THR UD 125 -133.11 -134.06 -0.25
CA THR UD 125 -131.79 -134.20 0.33
C THR UD 125 -130.95 -135.10 -0.56
N GLY UD 126 -129.79 -134.62 -0.96
CA GLY UD 126 -128.90 -135.43 -1.77
C GLY UD 126 -127.45 -135.11 -1.44
N ASN UD 127 -126.59 -136.11 -1.62
CA ASN UD 127 -125.16 -135.91 -1.43
C ASN UD 127 -124.38 -136.59 -2.54
N ASN UD 128 -123.20 -136.05 -2.82
CA ASN UD 128 -122.22 -136.59 -3.77
C ASN UD 128 -122.80 -136.75 -5.16
N LEU UD 129 -123.61 -135.77 -5.57
CA LEU UD 129 -124.17 -135.76 -6.91
C LEU UD 129 -123.14 -135.19 -7.86
N ARG UD 130 -122.77 -135.96 -8.88
CA ARG UD 130 -121.81 -135.53 -9.88
C ARG UD 130 -122.55 -135.15 -11.15
N THR UD 131 -122.41 -133.90 -11.56
CA THR UD 131 -123.12 -133.38 -12.71
C THR UD 131 -122.34 -132.21 -13.28
N SER UD 132 -122.65 -131.88 -14.54
CA SER UD 132 -121.89 -130.87 -15.28
C SER UD 132 -122.74 -129.68 -15.69
N TYR UD 133 -123.97 -129.90 -16.12
CA TYR UD 133 -124.78 -128.80 -16.65
C TYR UD 133 -126.24 -129.14 -16.43
N LEU UD 134 -126.89 -128.41 -15.53
CA LEU UD 134 -128.31 -128.61 -15.27
C LEU UD 134 -128.98 -127.28 -15.04
N ASP UD 135 -130.30 -127.33 -14.95
CA ASP UD 135 -131.13 -126.17 -14.65
C ASP UD 135 -131.96 -126.47 -13.41
N LEU UD 136 -131.86 -125.62 -12.40
CA LEU UD 136 -132.53 -125.82 -11.13
C LEU UD 136 -133.67 -124.83 -10.98
N TYR UD 137 -134.86 -125.34 -10.67
CA TYR UD 137 -136.00 -124.50 -10.36
C TYR UD 137 -136.63 -125.00 -9.06
N LEU UD 138 -136.86 -124.07 -8.15
CA LEU UD 138 -137.34 -124.41 -6.82
C LEU UD 138 -138.52 -123.52 -6.48
N ALA UD 139 -139.51 -124.08 -5.79
CA ALA UD 139 -140.67 -123.31 -5.39
C ALA UD 139 -141.31 -123.88 -4.14
N ASN UD 140 -142.15 -123.06 -3.52
CA ASN UD 140 -143.18 -123.48 -2.56
C ASN UD 140 -142.60 -124.13 -1.32
N GLU UD 141 -141.65 -123.44 -0.68
CA GLU UD 141 -140.90 -123.93 0.48
C GLU UD 141 -140.23 -125.27 0.16
N GLY UD 142 -139.34 -125.22 -0.83
CA GLY UD 142 -138.60 -126.41 -1.19
C GLY UD 142 -137.36 -126.55 -0.35
N THR UD 143 -137.43 -127.32 0.72
CA THR UD 143 -136.31 -127.47 1.65
C THR UD 143 -135.30 -128.39 0.99
N THR UD 144 -134.37 -127.80 0.24
CA THR UD 144 -133.48 -128.54 -0.64
C THR UD 144 -132.05 -128.46 -0.11
N ARG UD 145 -131.42 -129.62 0.05
CA ARG UD 145 -130.04 -129.71 0.50
C ARG UD 145 -129.23 -130.53 -0.49
N LEU UD 146 -128.12 -129.96 -0.95
CA LEU UD 146 -127.20 -130.62 -1.86
C LEU UD 146 -125.83 -130.70 -1.21
N ALA UD 147 -125.21 -131.87 -1.32
CA ALA UD 147 -123.86 -132.11 -0.82
C ALA UD 147 -123.03 -132.84 -1.86
N GLY UD 148 -123.03 -132.32 -3.09
CA GLY UD 148 -122.19 -132.82 -4.15
C GLY UD 148 -121.43 -131.71 -4.84
N ASN UD 149 -120.80 -132.00 -5.97
CA ASN UD 149 -120.10 -131.00 -6.77
C ASN UD 149 -120.95 -130.74 -8.00
N ILE UD 150 -121.76 -129.68 -7.94
CA ILE UD 150 -122.87 -129.48 -8.86
C ILE UD 150 -122.41 -128.59 -10.00
N GLY UD 151 -122.68 -129.01 -11.24
CA GLY UD 151 -122.51 -128.16 -12.40
C GLY UD 151 -123.86 -127.72 -12.95
N LEU UD 152 -124.06 -126.41 -12.99
CA LEU UD 152 -125.32 -125.82 -13.43
C LEU UD 152 -125.06 -124.40 -13.89
N GLN UD 153 -126.01 -123.86 -14.64
CA GLN UD 153 -125.92 -122.47 -15.09
C GLN UD 153 -127.11 -121.63 -14.67
N LYS UD 154 -128.32 -122.17 -14.66
CA LYS UD 154 -129.52 -121.39 -14.37
C LYS UD 154 -130.16 -121.91 -13.10
N LEU UD 155 -130.38 -121.02 -12.14
CA LEU UD 155 -131.01 -121.35 -10.87
C LEU UD 155 -132.07 -120.31 -10.58
N GLU UD 156 -133.31 -120.77 -10.44
CA GLU UD 156 -134.43 -119.89 -10.14
C GLU UD 156 -135.19 -120.43 -8.94
N ALA UD 157 -135.48 -119.55 -7.99
CA ALA UD 157 -136.33 -119.88 -6.85
C ALA UD 157 -137.49 -118.91 -6.82
N VAL UD 158 -138.68 -119.43 -6.55
CA VAL UD 158 -139.89 -118.61 -6.59
C VAL UD 158 -139.93 -117.67 -5.40
N GLY UD 159 -139.71 -118.18 -4.20
CA GLY UD 159 -139.76 -117.36 -3.01
C GLY UD 159 -140.33 -118.11 -1.84
N ASN UD 160 -140.09 -117.56 -0.65
CA ASN UD 160 -140.44 -118.16 0.65
C ASN UD 160 -139.85 -119.57 0.79
N GLY UD 161 -138.54 -119.66 0.65
CA GLY UD 161 -137.86 -120.93 0.75
C GLY UD 161 -136.47 -120.75 1.30
N VAL UD 162 -136.01 -121.75 2.04
CA VAL UD 162 -134.69 -121.77 2.64
C VAL UD 162 -133.85 -122.81 1.90
N THR UD 163 -132.62 -122.44 1.54
CA THR UD 163 -131.83 -123.29 0.65
C THR UD 163 -130.33 -123.11 0.93
N GLN UD 164 -129.67 -124.22 1.21
CA GLN UD 164 -128.22 -124.30 1.22
C GLN UD 164 -127.77 -125.19 0.08
N ILE UD 165 -126.85 -124.69 -0.75
CA ILE UD 165 -126.21 -125.48 -1.78
C ILE UD 165 -124.71 -125.45 -1.50
N ASN UD 166 -124.11 -126.63 -1.36
CA ASN UD 166 -122.72 -126.74 -0.93
C ASN UD 166 -121.91 -127.43 -2.01
N GLY UD 167 -121.09 -126.66 -2.71
CA GLY UD 167 -120.15 -127.18 -3.67
C GLY UD 167 -120.64 -127.08 -5.10
N VAL UD 168 -120.28 -126.00 -5.78
CA VAL UD 168 -120.73 -125.74 -7.14
C VAL UD 168 -119.52 -125.41 -7.98
N SER UD 169 -119.31 -126.17 -9.05
CA SER UD 169 -118.25 -125.92 -10.01
C SER UD 169 -118.92 -125.57 -11.34
N SER UD 170 -119.17 -124.28 -11.52
CA SER UD 170 -119.86 -123.78 -12.70
C SER UD 170 -118.94 -122.87 -13.48
N ARG UD 171 -118.89 -123.08 -14.79
CA ARG UD 171 -118.15 -122.17 -15.65
C ARG UD 171 -118.86 -120.83 -15.76
N ASN UD 172 -120.18 -120.83 -15.67
CA ASN UD 172 -120.97 -119.61 -15.66
C ASN UD 172 -122.23 -119.87 -14.85
N LEU UD 173 -122.84 -118.80 -14.39
CA LEU UD 173 -124.08 -118.91 -13.63
C LEU UD 173 -124.96 -117.73 -13.95
N GLN UD 174 -126.25 -117.89 -13.70
CA GLN UD 174 -127.20 -116.80 -13.84
C GLN UD 174 -128.35 -117.08 -12.88
N ILE UD 175 -128.41 -116.30 -11.80
CA ILE UD 175 -129.40 -116.47 -10.74
C ILE UD 175 -130.10 -115.15 -10.53
N VAL UD 176 -131.44 -115.17 -10.60
CA VAL UD 176 -132.25 -114.00 -10.26
C VAL UD 176 -133.49 -114.51 -9.52
N LEU UD 177 -133.79 -113.88 -8.38
CA LEU UD 177 -134.87 -114.32 -7.51
C LEU UD 177 -135.94 -113.24 -7.41
N LYS UD 178 -137.15 -113.67 -7.08
CA LYS UD 178 -138.32 -112.81 -7.15
C LYS UD 178 -139.09 -112.69 -5.84
N GLY UD 179 -139.26 -113.79 -5.10
CA GLY UD 179 -139.97 -113.74 -3.84
C GLY UD 179 -139.05 -113.44 -2.67
N ASP UD 180 -139.16 -114.23 -1.60
CA ASP UD 180 -138.38 -113.99 -0.38
C ASP UD 180 -137.57 -115.24 -0.04
N PRO UD 181 -136.44 -115.47 -0.70
CA PRO UD 181 -135.64 -116.65 -0.42
C PRO UD 181 -134.51 -116.38 0.58
N LYS UD 182 -133.98 -117.48 1.11
CA LYS UD 182 -132.92 -117.46 2.13
C LYS UD 182 -131.88 -118.48 1.71
N VAL UD 183 -130.84 -118.04 1.01
CA VAL UD 183 -129.97 -118.96 0.27
C VAL UD 183 -128.50 -118.74 0.64
N LEU UD 184 -127.78 -119.86 0.75
CA LEU UD 184 -126.33 -119.83 0.82
C LEU UD 184 -125.76 -120.75 -0.25
N ILE UD 185 -124.69 -120.30 -0.90
CA ILE UD 185 -124.09 -121.02 -2.01
C ILE UD 185 -122.59 -121.14 -1.77
N SER UD 186 -122.08 -122.36 -1.89
CA SER UD 186 -120.65 -122.62 -1.78
C SER UD 186 -120.12 -123.14 -3.10
N GLY UD 187 -118.91 -122.71 -3.47
CA GLY UD 187 -118.24 -123.21 -4.64
C GLY UD 187 -117.58 -122.09 -5.43
N PHE UD 188 -116.85 -122.50 -6.47
CA PHE UD 188 -116.16 -121.57 -7.36
C PHE UD 188 -117.13 -121.11 -8.43
N VAL UD 189 -117.43 -119.82 -8.45
CA VAL UD 189 -118.48 -119.27 -9.29
C VAL UD 189 -117.92 -118.14 -10.14
N ASN UD 190 -118.17 -118.21 -11.45
CA ASN UD 190 -117.95 -117.08 -12.34
C ASN UD 190 -119.32 -116.42 -12.55
N LEU UD 191 -119.71 -115.60 -11.58
CA LEU UD 191 -121.00 -114.93 -11.63
C LEU UD 191 -120.98 -113.80 -12.65
N ARG UD 192 -122.15 -113.47 -13.18
CA ARG UD 192 -122.23 -112.44 -14.22
C ARG UD 192 -123.09 -111.26 -13.81
N GLN UD 193 -124.34 -111.50 -13.38
CA GLN UD 193 -125.26 -110.39 -13.16
C GLN UD 193 -126.28 -110.78 -12.11
N LEU UD 194 -126.76 -109.79 -11.36
CA LEU UD 194 -127.76 -110.10 -10.33
C LEU UD 194 -128.70 -108.93 -10.10
N ASP UD 195 -129.99 -109.25 -9.97
CA ASP UD 195 -131.05 -108.28 -9.72
C ASP UD 195 -131.96 -108.79 -8.61
N MET UD 196 -132.33 -107.90 -7.70
CA MET UD 196 -133.23 -108.25 -6.61
C MET UD 196 -134.31 -107.20 -6.46
N TYR UD 197 -135.55 -107.66 -6.23
CA TYR UD 197 -136.71 -106.79 -6.16
C TYR UD 197 -137.62 -107.05 -4.98
N GLY UD 198 -137.37 -108.10 -4.19
CA GLY UD 198 -138.24 -108.40 -3.07
C GLY UD 198 -137.58 -108.23 -1.72
N LYS UD 199 -137.46 -109.33 -0.99
CA LYS UD 199 -136.87 -109.38 0.36
C LYS UD 199 -135.88 -110.52 0.45
N GLY UD 200 -134.95 -110.54 -0.51
CA GLY UD 200 -134.04 -111.67 -0.62
C GLY UD 200 -132.91 -111.62 0.38
N THR UD 201 -132.42 -112.81 0.76
CA THR UD 201 -131.23 -112.94 1.60
C THR UD 201 -130.32 -113.99 0.96
N LEU UD 202 -129.08 -113.60 0.66
CA LEU UD 202 -128.19 -114.38 -0.18
C LEU UD 202 -126.78 -114.29 0.36
N SER UD 203 -126.09 -115.43 0.38
CA SER UD 203 -124.68 -115.43 0.74
C SER UD 203 -123.89 -116.34 -0.20
N LEU UD 204 -122.70 -115.89 -0.57
CA LEU UD 204 -121.80 -116.61 -1.47
C LEU UD 204 -120.46 -116.81 -0.78
N TYR UD 205 -120.03 -118.06 -0.69
CA TYR UD 205 -118.75 -118.32 -0.06
C TYR UD 205 -117.60 -117.89 -0.95
N TRP UD 206 -117.65 -118.23 -2.24
CA TRP UD 206 -116.54 -117.91 -3.13
C TRP UD 206 -117.04 -117.46 -4.49
N ILE UD 207 -116.39 -116.43 -5.02
CA ILE UD 207 -116.61 -115.97 -6.39
C ILE UD 207 -115.26 -115.62 -6.99
N LYS UD 208 -115.01 -116.12 -8.20
CA LYS UD 208 -113.79 -115.78 -8.94
C LYS UD 208 -114.28 -115.42 -10.34
N SER UD 209 -114.69 -114.17 -10.50
CA SER UD 209 -115.34 -113.75 -11.73
C SER UD 209 -114.62 -112.56 -12.34
N ASP UD 210 -115.21 -111.99 -13.38
CA ASP UD 210 -114.56 -110.91 -14.12
C ASP UD 210 -115.29 -109.59 -13.98
N THR UD 211 -116.58 -109.55 -14.31
CA THR UD 211 -117.35 -108.31 -14.28
C THR UD 211 -118.69 -108.58 -13.62
N LEU UD 212 -119.06 -107.75 -12.66
CA LEU UD 212 -120.30 -107.92 -11.93
C LEU UD 212 -121.16 -106.67 -12.02
N THR UD 213 -122.46 -106.89 -12.21
CA THR UD 213 -123.44 -105.82 -12.28
C THR UD 213 -124.61 -106.19 -11.39
N ILE UD 214 -124.87 -105.37 -10.38
CA ILE UD 214 -125.86 -105.65 -9.36
C ILE UD 214 -126.90 -104.53 -9.36
N ARG UD 215 -128.16 -104.91 -9.42
CA ARG UD 215 -129.27 -103.97 -9.20
C ARG UD 215 -130.07 -104.44 -7.99
N ALA UD 216 -130.23 -103.56 -7.01
CA ALA UD 216 -131.01 -103.90 -5.82
C ALA UD 216 -132.10 -102.87 -5.62
N LYS UD 217 -133.33 -103.36 -5.41
CA LYS UD 217 -134.51 -102.50 -5.44
C LYS UD 217 -135.12 -102.27 -4.06
N LYS UD 218 -135.58 -103.33 -3.39
CA LYS UD 218 -136.45 -103.15 -2.22
C LYS UD 218 -135.81 -103.61 -0.92
N ALA UD 219 -135.42 -104.87 -0.81
CA ALA UD 219 -134.90 -105.39 0.45
C ALA UD 219 -134.04 -106.60 0.16
N ALA UD 220 -132.73 -106.47 0.38
CA ALA UD 220 -131.84 -107.58 0.09
C ALA UD 220 -130.65 -107.54 1.04
N LYS UD 221 -130.38 -108.68 1.65
CA LYS UD 221 -129.11 -108.93 2.32
C LYS UD 221 -128.24 -109.72 1.36
N ILE UD 222 -127.07 -109.21 1.04
CA ILE UD 222 -126.16 -109.84 0.09
C ILE UD 222 -124.79 -109.90 0.72
N GLN UD 223 -124.28 -111.11 0.91
CA GLN UD 223 -122.92 -111.30 1.40
C GLN UD 223 -122.10 -111.98 0.30
N LEU UD 224 -120.98 -111.37 -0.06
CA LEU UD 224 -120.10 -111.92 -1.08
C LEU UD 224 -118.65 -111.87 -0.57
N ALA UD 225 -117.81 -112.70 -1.18
CA ALA UD 225 -116.38 -112.67 -0.88
C ALA UD 225 -115.62 -113.27 -2.05
N GLY UD 226 -114.73 -112.50 -2.67
CA GLY UD 226 -113.94 -113.03 -3.77
C GLY UD 226 -113.16 -111.94 -4.49
N ILE UD 227 -112.78 -112.25 -5.73
CA ILE UD 227 -111.97 -111.37 -6.57
C ILE UD 227 -112.72 -111.08 -7.85
N VAL UD 228 -112.88 -109.80 -8.17
CA VAL UD 228 -113.58 -109.35 -9.37
C VAL UD 228 -112.88 -108.11 -9.89
N ASN UD 229 -112.67 -108.03 -11.20
CA ASN UD 229 -112.03 -106.85 -11.78
C ASN UD 229 -112.95 -105.64 -11.73
N ARG UD 230 -114.06 -105.70 -12.46
CA ARG UD 230 -114.91 -104.54 -12.68
C ARG UD 230 -116.26 -104.77 -12.00
N LEU UD 231 -116.72 -103.77 -11.25
CA LEU UD 231 -117.89 -103.94 -10.41
C LEU UD 231 -118.80 -102.73 -10.51
N ASP UD 232 -120.10 -102.98 -10.68
CA ASP UD 232 -121.10 -101.93 -10.75
C ASP UD 232 -122.24 -102.25 -9.81
N VAL UD 233 -122.64 -101.28 -8.99
CA VAL UD 233 -123.71 -101.47 -8.03
C VAL UD 233 -124.68 -100.29 -8.12
N GLU UD 234 -125.94 -100.59 -8.36
CA GLU UD 234 -127.03 -99.63 -8.24
C GLU UD 234 -127.92 -100.05 -7.07
N LEU UD 235 -128.10 -99.14 -6.12
CA LEU UD 235 -128.89 -99.40 -4.92
C LEU UD 235 -130.04 -98.40 -4.86
N TRP UD 236 -131.27 -98.89 -4.71
CA TRP UD 236 -132.42 -97.99 -4.73
C TRP UD 236 -132.90 -97.57 -3.35
N ASP UD 237 -133.35 -98.52 -2.52
CA ASP UD 237 -133.88 -98.17 -1.22
C ASP UD 237 -133.83 -99.39 -0.31
N PHE UD 238 -133.53 -99.13 0.98
CA PHE UD 238 -133.59 -100.12 2.07
C PHE UD 238 -132.71 -101.33 1.80
N ALA UD 239 -131.58 -101.12 1.12
CA ALA UD 239 -130.77 -102.23 0.67
C ALA UD 239 -129.43 -102.21 1.38
N GLN UD 240 -129.05 -103.36 1.91
CA GLN UD 240 -127.76 -103.55 2.53
C GLN UD 240 -126.89 -104.37 1.59
N PHE UD 241 -125.75 -103.83 1.22
CA PHE UD 241 -124.79 -104.57 0.41
C PHE UD 241 -123.49 -104.70 1.20
N LYS UD 242 -123.23 -105.90 1.67
CA LYS UD 242 -122.10 -106.17 2.55
C LYS UD 242 -120.94 -106.77 1.75
N GLY UD 243 -120.28 -105.91 0.96
CA GLY UD 243 -119.17 -106.39 0.15
C GLY UD 243 -117.84 -106.40 0.86
N LYS UD 244 -117.82 -106.86 2.11
CA LYS UD 244 -116.55 -107.10 2.77
C LYS UD 244 -115.89 -108.32 2.16
N TYR UD 245 -114.56 -108.35 2.27
CA TYR UD 245 -113.69 -109.39 1.68
C TYR UD 245 -113.92 -109.54 0.18
N LEU UD 246 -114.18 -108.43 -0.49
CA LEU UD 246 -114.37 -108.42 -1.94
C LEU UD 246 -113.40 -107.39 -2.50
N ARG UD 247 -112.18 -107.83 -2.79
CA ARG UD 247 -111.16 -106.94 -3.31
C ARG UD 247 -111.40 -106.74 -4.79
N ALA UD 248 -111.65 -105.50 -5.20
CA ALA UD 248 -112.00 -105.20 -6.57
C ALA UD 248 -110.99 -104.24 -7.17
N GLN UD 249 -110.85 -104.31 -8.50
CA GLN UD 249 -109.98 -103.38 -9.20
C GLN UD 249 -110.69 -102.05 -9.42
N ARG UD 250 -111.80 -102.08 -10.15
CA ARG UD 250 -112.56 -100.88 -10.44
C ARG UD 250 -113.94 -101.02 -9.84
N SER UD 251 -114.35 -100.04 -9.03
CA SER UD 251 -115.64 -100.12 -8.37
C SER UD 251 -116.45 -98.88 -8.66
N PHE UD 252 -117.73 -99.10 -8.99
CA PHE UD 252 -118.68 -98.03 -9.24
C PHE UD 252 -119.90 -98.27 -8.35
N VAL UD 253 -120.23 -97.30 -7.51
CA VAL UD 253 -121.38 -97.45 -6.64
C VAL UD 253 -122.25 -96.20 -6.72
N LYS UD 254 -123.54 -96.41 -6.95
CA LYS UD 254 -124.51 -95.33 -7.01
C LYS UD 254 -125.68 -95.69 -6.13
N THR UD 255 -125.90 -94.89 -5.08
CA THR UD 255 -126.88 -95.20 -4.07
C THR UD 255 -127.93 -94.10 -3.97
N HIS UD 256 -129.19 -94.49 -4.02
CA HIS UD 256 -130.30 -93.60 -3.81
C HIS UD 256 -130.68 -93.63 -2.32
N ASP UD 257 -131.89 -93.17 -1.99
CA ASP UD 257 -132.28 -92.87 -0.62
C ASP UD 257 -132.33 -94.11 0.28
N LYS UD 258 -131.71 -93.97 1.47
CA LYS UD 258 -131.71 -94.95 2.55
C LYS UD 258 -131.15 -96.30 2.09
N SER UD 259 -129.88 -96.26 1.73
CA SER UD 259 -129.19 -97.44 1.24
C SER UD 259 -127.86 -97.55 1.98
N VAL UD 260 -127.57 -98.74 2.48
CA VAL UD 260 -126.36 -98.99 3.26
C VAL UD 260 -125.49 -99.94 2.45
N ALA UD 261 -124.26 -99.54 2.19
CA ALA UD 261 -123.37 -100.43 1.45
C ALA UD 261 -121.96 -100.26 1.97
N GLU UD 262 -121.30 -101.37 2.26
CA GLU UD 262 -119.88 -101.35 2.59
C GLU UD 262 -119.14 -102.06 1.47
N ILE UD 263 -118.01 -101.46 1.06
CA ILE UD 263 -117.22 -101.90 -0.08
C ILE UD 263 -115.78 -102.08 0.36
N SER UD 264 -115.04 -102.83 -0.44
CA SER UD 264 -113.62 -103.09 -0.20
C SER UD 264 -112.83 -102.98 -1.49
N ALA UD 265 -113.04 -101.89 -2.23
CA ALA UD 265 -112.27 -101.63 -3.43
C ALA UD 265 -110.81 -101.34 -3.10
N VAL UD 266 -109.91 -101.75 -3.99
CA VAL UD 266 -108.49 -101.73 -3.70
C VAL UD 266 -107.69 -100.87 -4.65
N ASN UD 267 -108.18 -100.54 -5.84
CA ASN UD 267 -107.37 -99.80 -6.79
C ASN UD 267 -108.00 -98.47 -7.21
N HIS UD 268 -109.22 -98.48 -7.74
CA HIS UD 268 -109.89 -97.27 -8.19
C HIS UD 268 -111.36 -97.39 -7.82
N GLN UD 269 -111.85 -96.43 -7.04
CA GLN UD 269 -113.24 -96.48 -6.62
C GLN UD 269 -113.94 -95.15 -6.84
N SER UD 270 -115.20 -95.24 -7.24
CA SER UD 270 -116.03 -94.09 -7.55
C SER UD 270 -117.39 -94.27 -6.89
N SER UD 271 -117.80 -93.27 -6.11
CA SER UD 271 -118.94 -93.40 -5.22
C SER UD 271 -119.85 -92.18 -5.30
N LEU UD 272 -121.15 -92.44 -5.39
CA LEU UD 272 -122.16 -91.38 -5.38
C LEU UD 272 -123.30 -91.76 -4.45
N ALA UD 273 -123.70 -90.80 -3.61
CA ALA UD 273 -124.86 -90.97 -2.74
C ALA UD 273 -125.81 -89.79 -2.92
N THR UD 274 -127.10 -90.09 -3.03
CA THR UD 274 -128.07 -89.00 -3.16
C THR UD 274 -128.40 -88.41 -1.81
N ASP UD 275 -128.99 -89.21 -0.92
CA ASP UD 275 -129.48 -88.74 0.35
C ASP UD 275 -129.67 -89.92 1.29
N ALA UD 276 -129.40 -89.70 2.58
CA ALA UD 276 -129.64 -90.66 3.67
C ALA UD 276 -128.94 -91.99 3.43
N SER UD 277 -127.82 -91.96 2.73
CA SER UD 277 -127.18 -93.16 2.23
C SER UD 277 -125.76 -93.23 2.79
N ASP UD 278 -125.32 -94.45 3.07
CA ASP UD 278 -124.02 -94.65 3.68
C ASP UD 278 -123.17 -95.59 2.85
N ILE UD 279 -121.93 -95.17 2.60
CA ILE UD 279 -120.95 -95.97 1.87
C ILE UD 279 -119.75 -96.11 2.78
N TYR UD 280 -119.39 -97.34 3.10
CA TYR UD 280 -118.37 -97.64 4.08
C TYR UD 280 -117.23 -98.37 3.39
N TYR UD 281 -116.16 -97.67 3.10
CA TYR UD 281 -115.03 -98.29 2.43
C TYR UD 281 -114.09 -98.87 3.47
N TYR UD 282 -113.66 -100.11 3.26
CA TYR UD 282 -112.83 -100.82 4.23
C TYR UD 282 -111.41 -101.03 3.74
N ASN UD 283 -110.96 -100.19 2.81
CA ASN UD 283 -109.61 -100.36 2.27
C ASN UD 283 -109.16 -99.02 1.72
N LEU UD 284 -107.85 -98.90 1.53
CA LEU UD 284 -107.26 -97.69 0.96
C LEU UD 284 -106.92 -97.97 -0.49
N SER UD 285 -107.82 -97.57 -1.39
CA SER UD 285 -107.53 -97.70 -2.81
C SER UD 285 -106.50 -96.67 -3.22
N LYS UD 286 -105.83 -96.95 -4.34
CA LYS UD 286 -104.86 -95.99 -4.87
C LYS UD 286 -105.54 -94.78 -5.50
N THR UD 287 -106.83 -94.88 -5.83
CA THR UD 287 -107.55 -93.78 -6.45
C THR UD 287 -108.96 -93.72 -5.89
N ARG UD 288 -109.32 -92.58 -5.33
CA ARG UD 288 -110.57 -92.41 -4.61
C ARG UD 288 -111.36 -91.26 -5.21
N ALA UD 289 -112.67 -91.46 -5.35
CA ALA UD 289 -113.53 -90.35 -5.77
C ALA UD 289 -114.92 -90.51 -5.16
N ASP UD 290 -115.38 -89.47 -4.45
CA ASP UD 290 -116.59 -89.53 -3.65
C ASP UD 290 -117.46 -88.31 -3.88
N PHE UD 291 -118.78 -88.51 -3.93
CA PHE UD 291 -119.70 -87.42 -4.08
C PHE UD 291 -120.99 -87.68 -3.33
N MET UD 292 -121.47 -86.66 -2.61
CA MET UD 292 -122.74 -86.71 -1.91
C MET UD 292 -123.61 -85.55 -2.38
N ALA UD 293 -124.92 -85.80 -2.52
CA ALA UD 293 -125.84 -84.80 -3.07
C ALA UD 293 -126.59 -84.06 -1.98
N PHE UD 294 -127.32 -84.78 -1.13
CA PHE UD 294 -128.10 -84.17 -0.07
C PHE UD 294 -127.61 -84.57 1.31
N ASN UD 295 -127.71 -85.85 1.65
CA ASN UD 295 -127.38 -86.32 2.97
C ASN UD 295 -126.53 -87.57 2.89
N GLY UD 296 -125.75 -87.70 1.83
CA GLY UD 296 -124.92 -88.87 1.66
C GLY UD 296 -123.71 -88.85 2.56
N SER UD 297 -123.18 -90.04 2.83
CA SER UD 297 -122.08 -90.17 3.76
C SER UD 297 -121.12 -91.23 3.25
N VAL UD 298 -119.83 -90.94 3.33
CA VAL UD 298 -118.77 -91.86 2.93
C VAL UD 298 -117.75 -91.93 4.06
N LEU UD 299 -117.57 -93.12 4.61
CA LEU UD 299 -116.80 -93.27 5.84
C LEU UD 299 -115.89 -94.49 5.76
N ASP UD 300 -114.81 -94.44 6.52
CA ASP UD 300 -113.79 -95.48 6.51
C ASP UD 300 -114.03 -96.55 7.57
N MET UD 301 -114.22 -96.11 8.83
CA MET UD 301 -114.24 -96.92 10.06
C MET UD 301 -113.19 -98.04 10.07
N ARG UD 302 -111.96 -97.67 9.72
CA ARG UD 302 -110.86 -98.60 9.93
C ARG UD 302 -110.50 -98.65 11.40
N GLU UD 303 -109.62 -99.58 11.75
CA GLU UD 303 -109.51 -99.99 13.14
C GLU UD 303 -108.51 -99.18 13.94
N TRP UD 304 -107.65 -98.40 13.28
CA TRP UD 304 -106.73 -97.44 13.89
C TRP UD 304 -105.72 -98.12 14.82
N GLY UD 305 -105.50 -99.42 14.68
CA GLY UD 305 -104.65 -100.11 15.61
C GLY UD 305 -103.85 -101.20 14.92
N GLN UD 306 -103.92 -101.22 13.60
CA GLN UD 306 -103.11 -102.14 12.81
C GLN UD 306 -101.64 -101.78 12.98
N SER UD 307 -100.81 -102.80 13.21
CA SER UD 307 -99.39 -102.59 13.43
C SER UD 307 -98.67 -102.04 12.22
N ASP UD 308 -99.22 -102.23 11.02
CA ASP UD 308 -98.65 -101.66 9.81
C ASP UD 308 -99.74 -101.04 8.95
N LEU UD 309 -100.56 -100.19 9.57
CA LEU UD 309 -101.59 -99.49 8.83
C LEU UD 309 -100.97 -98.42 7.95
N LYS UD 310 -101.33 -98.42 6.68
CA LYS UD 310 -100.85 -97.38 5.77
C LYS UD 310 -101.79 -96.18 5.80
N ASP UD 311 -101.30 -95.08 5.28
CA ASP UD 311 -101.98 -93.79 5.40
C ASP UD 311 -102.18 -93.18 4.02
N PHE UD 312 -102.62 -91.93 4.01
CA PHE UD 312 -102.85 -91.21 2.76
C PHE UD 312 -101.53 -90.77 2.15
N ASP UD 313 -101.55 -90.64 0.82
CA ASP UD 313 -100.40 -90.13 0.08
C ASP UD 313 -100.87 -89.00 -0.81
N ARG UD 314 -100.00 -88.60 -1.75
CA ARG UD 314 -100.17 -87.36 -2.51
C ARG UD 314 -101.41 -87.36 -3.38
N TYR UD 315 -101.95 -88.52 -3.71
CA TYR UD 315 -103.02 -88.61 -4.68
C TYR UD 315 -104.30 -89.16 -4.08
N ASN UD 316 -104.41 -89.16 -2.76
CA ASN UD 316 -105.60 -89.69 -2.11
C ASN UD 316 -106.33 -88.66 -1.27
N LYS UD 317 -105.77 -87.45 -1.13
CA LYS UD 317 -106.30 -86.46 -0.19
C LYS UD 317 -107.55 -85.82 -0.77
N GLN UD 318 -108.64 -86.55 -0.70
CA GLN UD 318 -109.94 -86.03 -1.10
C GLN UD 318 -110.76 -85.86 0.16
N PHE UD 319 -110.82 -84.62 0.63
CA PHE UD 319 -111.56 -84.32 1.84
C PHE UD 319 -113.05 -84.30 1.52
N PRO UD 320 -113.86 -85.13 2.17
CA PRO UD 320 -115.30 -85.15 1.96
C PRO UD 320 -116.01 -83.97 2.62
N ASP VD 39 -105.75 -43.79 16.39
CA ASP VD 39 -104.56 -44.35 17.03
C ASP VD 39 -104.89 -44.84 18.43
N GLY VD 40 -106.17 -44.74 18.80
CA GLY VD 40 -106.62 -45.13 20.13
C GLY VD 40 -106.49 -46.61 20.36
N CYS VD 41 -105.54 -46.99 21.21
CA CYS VD 41 -105.21 -48.39 21.35
C CYS VD 41 -106.24 -49.13 22.19
N CYS VD 42 -106.82 -48.47 23.18
CA CYS VD 42 -107.98 -49.03 23.86
C CYS VD 42 -109.28 -48.42 23.32
N SER VD 43 -109.44 -48.43 21.99
CA SER VD 43 -110.65 -47.91 21.39
C SER VD 43 -111.82 -48.86 21.66
N LYS VD 44 -112.99 -48.26 21.94
CA LYS VD 44 -114.19 -48.95 22.43
C LYS VD 44 -113.91 -49.74 23.70
N MET VD 45 -112.93 -49.29 24.48
CA MET VD 45 -112.54 -49.93 25.71
C MET VD 45 -112.28 -48.82 26.71
N GLY VD 46 -111.70 -49.18 27.86
CA GLY VD 46 -111.54 -48.22 28.92
C GLY VD 46 -110.53 -47.15 28.63
N GLY VD 47 -109.27 -47.53 28.55
CA GLY VD 47 -108.21 -46.58 28.31
C GLY VD 47 -106.87 -47.19 28.67
N ILE VD 48 -105.85 -46.36 28.57
CA ILE VD 48 -104.49 -46.81 28.82
C ILE VD 48 -104.29 -46.93 30.32
N ASN VD 49 -103.85 -48.11 30.77
CA ASN VD 49 -103.45 -48.27 32.15
C ASN VD 49 -101.95 -48.08 32.32
N TYR VD 50 -101.15 -48.94 31.69
CA TYR VD 50 -99.70 -48.87 31.82
C TYR VD 50 -99.07 -49.69 30.71
N CYS VD 51 -97.83 -49.35 30.41
CA CYS VD 51 -97.04 -50.06 29.42
C CYS VD 51 -96.22 -51.14 30.13
N ASP VD 52 -96.66 -52.39 29.98
CA ASP VD 52 -95.85 -53.50 30.46
C ASP VD 52 -94.64 -53.63 29.55
N SER VD 53 -93.47 -53.28 30.08
CA SER VD 53 -92.22 -53.39 29.34
C SER VD 53 -91.68 -54.80 29.31
N SER VD 54 -92.20 -55.70 30.15
CA SER VD 54 -91.83 -57.09 30.01
C SER VD 54 -92.46 -57.70 28.78
N ALA VD 55 -93.58 -57.15 28.33
CA ALA VD 55 -94.16 -57.52 27.06
C ALA VD 55 -93.97 -56.46 25.99
N GLY VD 56 -93.56 -55.25 26.36
CA GLY VD 56 -93.43 -54.18 25.40
C GLY VD 56 -94.73 -53.59 24.94
N ARG VD 57 -95.83 -53.92 25.60
CA ARG VD 57 -97.15 -53.57 25.10
C ARG VD 57 -97.98 -52.98 26.23
N LEU VD 58 -99.03 -52.27 25.85
CA LEU VD 58 -99.87 -51.60 26.83
C LEU VD 58 -100.92 -52.57 27.35
N VAL VD 59 -101.56 -52.18 28.44
CA VAL VD 59 -102.69 -52.92 29.00
C VAL VD 59 -103.89 -51.98 29.07
N CYS VD 60 -105.01 -52.41 28.49
CA CYS VD 60 -106.21 -51.61 28.56
C CYS VD 60 -106.94 -51.85 29.88
N ASN VD 61 -107.99 -51.07 30.13
CA ASN VD 61 -108.72 -51.16 31.39
C ASN VD 61 -109.44 -52.50 31.52
N ASN VD 62 -110.12 -52.92 30.47
CA ASN VD 62 -110.47 -54.33 30.36
C ASN VD 62 -109.18 -55.11 30.14
N GLY VD 63 -109.08 -56.25 30.79
CA GLY VD 63 -107.80 -56.92 30.90
C GLY VD 63 -107.31 -57.60 29.64
N PHE VD 64 -106.97 -56.82 28.63
CA PHE VD 64 -106.49 -57.38 27.38
C PHE VD 64 -105.30 -56.60 26.88
N TYR VD 65 -104.36 -57.30 26.29
CA TYR VD 65 -103.23 -56.62 25.67
C TYR VD 65 -103.69 -55.98 24.37
N SER VD 66 -103.49 -54.68 24.26
CA SER VD 66 -103.80 -54.02 23.01
C SER VD 66 -102.77 -54.39 21.95
N THR VD 67 -103.10 -54.07 20.71
CA THR VD 67 -102.22 -54.36 19.59
C THR VD 67 -101.24 -53.24 19.30
N CYS VD 68 -101.08 -52.29 20.22
CA CYS VD 68 -100.01 -51.33 20.11
C CYS VD 68 -98.86 -51.75 21.01
N TYR VD 69 -97.65 -51.41 20.61
CA TYR VD 69 -96.49 -51.65 21.46
C TYR VD 69 -96.01 -50.35 22.06
N CYS VD 70 -95.11 -50.47 23.04
CA CYS VD 70 -94.56 -49.27 23.64
C CYS VD 70 -93.05 -49.31 23.91
N THR VD 71 -92.39 -50.46 23.83
CA THR VD 71 -90.94 -50.49 23.96
C THR VD 71 -90.31 -50.97 22.67
N ARG VD 72 -89.04 -50.60 22.49
CA ARG VD 72 -88.29 -51.10 21.35
C ARG VD 72 -88.05 -52.59 21.46
N HIS VD 73 -87.80 -53.08 22.68
CA HIS VD 73 -87.60 -54.52 22.88
C HIS VD 73 -88.97 -55.17 22.95
N ALA VD 74 -89.44 -55.69 21.82
CA ALA VD 74 -90.67 -56.46 21.79
C ALA VD 74 -90.62 -57.36 20.56
N VAL VD 75 -91.53 -58.32 20.51
CA VAL VD 75 -91.55 -59.30 19.43
C VAL VD 75 -92.20 -58.62 18.22
N MET VD 76 -91.38 -58.19 17.27
CA MET VD 76 -91.85 -57.66 16.01
C MET VD 76 -91.83 -58.74 14.95
N ASP VD 77 -92.21 -58.37 13.74
CA ASP VD 77 -92.12 -59.27 12.59
C ASP VD 77 -91.58 -58.44 11.43
N LEU VD 78 -90.28 -58.48 11.23
CA LEU VD 78 -89.64 -57.71 10.19
C LEU VD 78 -89.33 -58.60 9.00
N GLN VD 79 -89.85 -58.24 7.83
CA GLN VD 79 -89.61 -58.97 6.62
C GLN VD 79 -88.98 -58.12 5.52
N PHE VD 80 -88.83 -56.83 5.74
CA PHE VD 80 -88.21 -55.95 4.76
C PHE VD 80 -87.28 -55.00 5.50
N LEU VD 81 -86.14 -54.72 4.90
CA LEU VD 81 -85.09 -53.98 5.59
C LEU VD 81 -84.54 -52.89 4.69
N MET VD 82 -84.00 -51.85 5.32
CA MET VD 82 -83.29 -50.78 4.67
C MET VD 82 -81.80 -50.99 4.83
N GLY VD 83 -81.01 -49.98 4.46
CA GLY VD 83 -79.57 -50.06 4.57
C GLY VD 83 -78.95 -50.73 3.36
N CYS VD 84 -77.63 -50.70 3.33
CA CYS VD 84 -76.85 -51.30 2.28
C CYS VD 84 -75.69 -52.05 2.92
N CYS VD 85 -74.98 -52.83 2.09
CA CYS VD 85 -73.92 -53.74 2.52
C CYS VD 85 -74.40 -54.73 3.58
N LEU VD 86 -75.58 -55.29 3.38
CA LEU VD 86 -76.13 -56.26 4.30
C LEU VD 86 -75.37 -57.58 4.19
N TRP VD 87 -75.48 -58.37 5.27
CA TRP VD 87 -74.82 -59.67 5.43
C TRP VD 87 -73.32 -59.57 5.22
N HIS VD 88 -72.73 -58.46 5.63
CA HIS VD 88 -71.35 -58.15 5.34
C HIS VD 88 -70.82 -57.31 6.50
N GLY VD 89 -69.71 -56.63 6.28
CA GLY VD 89 -69.08 -55.87 7.33
C GLY VD 89 -69.64 -54.47 7.52
N GLY VD 90 -70.82 -54.22 6.98
CA GLY VD 90 -71.38 -52.88 7.05
C GLY VD 90 -70.72 -51.98 6.03
N VAL VD 91 -70.77 -50.69 6.33
CA VAL VD 91 -70.21 -49.68 5.44
C VAL VD 91 -68.82 -49.33 5.93
N TYR VD 92 -67.84 -49.48 5.06
CA TYR VD 92 -66.49 -49.04 5.39
C TYR VD 92 -66.45 -47.52 5.41
N PRO VD 93 -65.96 -46.91 6.47
CA PRO VD 93 -66.19 -45.48 6.65
C PRO VD 93 -65.16 -44.58 5.99
N GLN VD 94 -64.36 -45.12 5.08
CA GLN VD 94 -63.32 -44.32 4.43
C GLN VD 94 -63.93 -43.33 3.45
N LEU VD 95 -63.46 -42.09 3.50
CA LEU VD 95 -63.87 -41.08 2.53
C LEU VD 95 -63.22 -41.40 1.19
N ASN VD 96 -63.98 -42.08 0.33
CA ASN VD 96 -63.45 -42.56 -0.93
C ASN VD 96 -63.46 -41.44 -1.96
N SER VD 97 -62.32 -41.27 -2.64
CA SER VD 97 -62.28 -40.36 -3.78
C SER VD 97 -63.14 -40.90 -4.92
N SER VD 98 -63.08 -42.21 -5.15
CA SER VD 98 -63.94 -42.81 -6.15
C SER VD 98 -65.39 -42.86 -5.65
N GLY VD 99 -66.31 -43.02 -6.60
CA GLY VD 99 -67.71 -43.03 -6.26
C GLY VD 99 -68.24 -44.36 -5.77
N LEU VD 100 -67.40 -45.40 -5.74
CA LEU VD 100 -67.88 -46.71 -5.32
C LEU VD 100 -67.65 -46.90 -3.83
N VAL VD 101 -68.45 -47.80 -3.25
CA VAL VD 101 -68.38 -48.12 -1.83
C VAL VD 101 -67.98 -49.58 -1.70
N VAL VD 102 -67.49 -49.93 -0.51
CA VAL VD 102 -66.96 -51.26 -0.25
C VAL VD 102 -67.48 -51.74 1.10
N CYS VD 103 -68.07 -52.93 1.12
CA CYS VD 103 -68.41 -53.55 2.39
C CYS VD 103 -67.16 -54.12 3.03
N ASN VD 104 -67.11 -54.08 4.36
CA ASN VD 104 -65.88 -54.31 5.10
C ASN VD 104 -65.41 -55.75 5.06
N ASP VD 105 -66.21 -56.68 4.55
CA ASP VD 105 -65.71 -58.02 4.27
C ASP VD 105 -64.99 -58.10 2.94
N GLY VD 106 -64.87 -56.98 2.22
CA GLY VD 106 -64.21 -56.94 0.94
C GLY VD 106 -65.14 -56.87 -0.24
N TYR VD 107 -66.43 -57.10 -0.04
CA TYR VD 107 -67.39 -57.07 -1.13
C TYR VD 107 -67.67 -55.62 -1.54
N VAL VD 108 -68.05 -55.45 -2.80
CA VAL VD 108 -68.43 -54.15 -3.34
C VAL VD 108 -69.80 -54.28 -3.99
N SER VD 109 -70.65 -53.29 -3.74
CA SER VD 109 -72.01 -53.30 -4.23
C SER VD 109 -72.17 -52.22 -5.28
N GLU VD 110 -72.55 -52.63 -6.49
CA GLU VD 110 -72.73 -51.68 -7.57
C GLU VD 110 -73.95 -50.80 -7.32
N GLU VD 111 -75.05 -51.37 -6.82
CA GLU VD 111 -76.25 -50.57 -6.62
C GLU VD 111 -76.11 -49.64 -5.43
N CYS VD 112 -75.30 -50.00 -4.44
CA CYS VD 112 -74.97 -49.04 -3.40
C CYS VD 112 -73.95 -48.02 -3.89
N SER VD 113 -73.18 -48.36 -4.92
CA SER VD 113 -72.33 -47.41 -5.61
C SER VD 113 -73.13 -46.63 -6.63
N LEU VD 114 -72.45 -45.76 -7.37
CA LEU VD 114 -73.07 -45.01 -8.45
C LEU VD 114 -72.73 -45.64 -9.79
N GLN VD 115 -73.12 -44.97 -10.87
CA GLN VD 115 -73.04 -45.51 -12.21
C GLN VD 115 -72.38 -44.54 -13.17
N LYS VD 116 -71.73 -45.09 -14.19
CA LYS VD 116 -71.21 -44.32 -15.31
C LYS VD 116 -71.10 -45.19 -16.56
N UNK WD 1 -103.63 -77.15 24.48
CA UNK WD 1 -104.74 -76.55 25.23
C UNK WD 1 -105.83 -77.58 25.48
N UNK WD 2 -106.69 -77.77 24.46
CA UNK WD 2 -107.76 -78.78 24.44
C UNK WD 2 -108.78 -78.60 25.56
N UNK WD 3 -108.90 -77.39 26.07
CA UNK WD 3 -109.82 -77.11 27.15
C UNK WD 3 -110.08 -75.61 27.19
N UNK WD 4 -111.18 -75.24 27.82
CA UNK WD 4 -111.43 -73.86 28.16
C UNK WD 4 -112.05 -73.67 29.53
N UNK WD 5 -112.67 -74.70 30.11
CA UNK WD 5 -113.14 -74.66 31.50
C UNK WD 5 -112.95 -76.08 32.03
N UNK WD 6 -111.80 -76.32 32.64
CA UNK WD 6 -111.47 -77.65 33.11
C UNK WD 6 -112.32 -78.02 34.31
N UNK WD 7 -112.95 -79.19 34.25
CA UNK WD 7 -113.83 -79.61 35.32
C UNK WD 7 -113.02 -80.07 36.52
N UNK WD 8 -113.17 -79.35 37.64
CA UNK WD 8 -112.45 -79.65 38.86
C UNK WD 8 -113.28 -80.67 39.64
N UNK WD 9 -112.94 -81.94 39.46
CA UNK WD 9 -113.54 -83.10 40.15
C UNK WD 9 -115.05 -83.19 40.01
N UNK XD 1 17.92 -111.77 -26.95
CA UNK XD 1 16.86 -111.43 -27.88
C UNK XD 1 15.53 -111.27 -27.17
N UNK XD 2 14.58 -110.61 -27.83
CA UNK XD 2 13.25 -110.40 -27.26
C UNK XD 2 12.45 -111.67 -27.46
N UNK XD 3 12.66 -112.62 -26.55
CA UNK XD 3 12.00 -113.92 -26.61
C UNK XD 3 10.75 -113.90 -25.73
N UNK XD 4 9.58 -113.87 -26.36
CA UNK XD 4 8.32 -113.86 -25.61
C UNK XD 4 8.08 -115.17 -24.89
N UNK XD 5 8.51 -116.30 -25.48
CA UNK XD 5 8.40 -117.60 -24.84
C UNK XD 5 9.26 -117.67 -23.58
N UNK XD 6 10.50 -117.16 -23.66
CA UNK XD 6 11.37 -117.12 -22.48
C UNK XD 6 10.83 -116.15 -21.43
N UNK XD 7 10.24 -115.04 -21.87
CA UNK XD 7 9.65 -114.07 -20.94
C UNK XD 7 8.46 -114.67 -20.20
N UNK XD 8 7.61 -115.40 -20.90
CA UNK XD 8 6.48 -116.07 -20.26
C UNK XD 8 6.95 -117.18 -19.33
N UNK XD 9 8.00 -117.91 -19.72
CA UNK XD 9 8.58 -118.93 -18.87
C UNK XD 9 9.16 -118.34 -17.60
N UNK XD 10 9.84 -117.19 -17.72
CA UNK XD 10 10.39 -116.51 -16.55
C UNK XD 10 9.29 -115.97 -15.66
N UNK XD 11 8.20 -115.46 -16.26
CA UNK XD 11 7.07 -114.97 -15.48
C UNK XD 11 6.40 -116.10 -14.70
N UNK XD 12 6.21 -117.25 -15.34
CA UNK XD 12 5.63 -118.40 -14.67
C UNK XD 12 6.54 -118.94 -13.56
N UNK XD 13 7.84 -118.97 -13.83
CA UNK XD 13 8.79 -119.49 -12.85
C UNK XD 13 8.89 -118.56 -11.64
N UNK XD 14 8.85 -117.25 -11.85
CA UNK XD 14 8.89 -116.33 -10.73
C UNK XD 14 7.56 -116.29 -9.98
N UNK XD 15 6.44 -116.50 -10.69
CA UNK XD 15 5.15 -116.51 -10.03
C UNK XD 15 4.99 -117.74 -9.14
N UNK XD 16 5.34 -118.92 -9.67
CA UNK XD 16 5.32 -120.15 -8.87
C UNK XD 16 6.67 -120.30 -8.17
N UNK XD 17 6.87 -119.46 -7.15
CA UNK XD 17 8.10 -119.50 -6.37
C UNK XD 17 8.17 -120.77 -5.53
N UNK XD 18 7.03 -121.15 -4.92
CA UNK XD 18 6.83 -122.40 -4.19
C UNK XD 18 7.80 -122.57 -3.01
N UNK XD 19 8.18 -121.46 -2.38
CA UNK XD 19 9.02 -121.51 -1.18
C UNK XD 19 8.63 -120.30 -0.32
N UNK XD 20 7.72 -120.54 0.62
CA UNK XD 20 7.19 -119.48 1.46
C UNK XD 20 7.26 -119.89 2.92
N UNK XD 21 7.73 -118.96 3.76
CA UNK XD 21 7.82 -119.19 5.20
C UNK XD 21 7.47 -117.90 5.93
N UNK XD 22 6.68 -118.01 6.99
CA UNK XD 22 6.12 -116.85 7.68
C UNK XD 22 6.44 -116.89 9.16
N UNK XD 23 6.36 -115.72 9.79
CA UNK XD 23 6.56 -115.61 11.23
C UNK XD 23 5.75 -114.42 11.74
N UNK XD 24 5.50 -114.41 13.04
CA UNK XD 24 4.82 -113.31 13.70
C UNK XD 24 5.45 -113.08 15.06
N UNK XD 25 4.96 -112.05 15.75
CA UNK XD 25 5.47 -111.72 17.08
C UNK XD 25 4.29 -111.37 17.98
N UNK XD 26 4.49 -111.55 19.28
CA UNK XD 26 3.47 -111.18 20.25
C UNK XD 26 3.67 -109.72 20.66
N UNK XD 27 2.88 -109.25 21.63
CA UNK XD 27 2.93 -107.86 22.06
C UNK XD 27 4.11 -107.56 22.97
N UNK XD 28 4.89 -108.56 23.36
CA UNK XD 28 6.10 -108.37 24.15
C UNK XD 28 7.30 -109.00 23.47
N UNK XD 29 7.29 -108.99 22.12
CA UNK XD 29 8.38 -109.48 21.27
C UNK XD 29 8.69 -110.96 21.54
N UNK XD 30 7.68 -111.81 21.40
CA UNK XD 30 7.82 -113.26 21.56
C UNK XD 30 7.79 -113.90 20.19
N UNK XD 31 8.73 -114.81 19.94
CA UNK XD 31 8.85 -115.43 18.63
C UNK XD 31 7.69 -116.36 18.35
N UNK XD 32 7.21 -116.32 17.11
CA UNK XD 32 6.14 -117.20 16.65
C UNK XD 32 6.36 -117.46 15.18
N UNK XD 33 7.07 -118.54 14.87
CA UNK XD 33 7.38 -118.92 13.48
C UNK XD 33 6.99 -120.37 13.28
N UNK XD 34 6.25 -120.63 12.20
CA UNK XD 34 5.80 -121.97 11.90
C UNK XD 34 6.81 -122.67 10.99
N UNK XD 35 6.42 -123.81 10.43
CA UNK XD 35 7.20 -124.45 9.40
C UNK XD 35 6.86 -123.85 8.05
N UNK XD 36 7.48 -124.39 6.99
CA UNK XD 36 7.23 -123.90 5.65
C UNK XD 36 5.85 -124.35 5.16
N UNK XD 37 5.09 -123.41 4.61
CA UNK XD 37 3.78 -123.71 4.06
C UNK XD 37 3.50 -122.73 2.94
N UNK XD 38 2.58 -123.13 2.06
CA UNK XD 38 2.11 -122.36 0.89
C UNK XD 38 3.23 -121.87 -0.03
N UNK XD 39 -0.14 -105.45 14.97
CA UNK XD 39 0.68 -105.56 16.17
C UNK XD 39 1.17 -107.00 16.35
N UNK XD 40 0.87 -107.85 15.37
CA UNK XD 40 1.20 -109.26 15.45
C UNK XD 40 2.19 -109.71 14.38
N UNK XD 41 1.92 -109.40 13.12
CA UNK XD 41 2.77 -109.85 12.02
C UNK XD 41 3.01 -108.69 11.07
N UNK XD 42 4.27 -108.41 10.79
CA UNK XD 42 4.61 -107.45 9.76
C UNK XD 42 4.22 -107.99 8.40
N UNK XD 43 3.84 -107.08 7.49
CA UNK XD 43 3.43 -107.47 6.15
C UNK XD 43 4.58 -108.10 5.36
N UNK XD 44 5.81 -107.70 5.67
CA UNK XD 44 6.98 -108.33 5.08
C UNK XD 44 7.54 -109.44 5.96
N UNK XD 45 6.79 -109.88 6.98
CA UNK XD 45 7.27 -110.91 7.90
C UNK XD 45 7.35 -112.28 7.25
N UNK XD 46 6.68 -112.50 6.13
CA UNK XD 46 6.73 -113.75 5.40
C UNK XD 46 7.65 -113.60 4.19
N UNK XD 47 8.54 -114.57 4.00
CA UNK XD 47 9.49 -114.56 2.90
C UNK XD 47 9.04 -115.57 1.84
N UNK XD 48 8.81 -115.10 0.63
CA UNK XD 48 8.31 -115.94 -0.46
C UNK XD 48 9.39 -116.23 -1.51
N LYS YD 24 -122.72 -68.36 0.56
CA LYS YD 24 -122.79 -67.44 -0.57
C LYS YD 24 -121.45 -67.33 -1.27
N PHE YD 25 -120.43 -66.90 -0.52
CA PHE YD 25 -119.11 -66.65 -1.08
C PHE YD 25 -118.15 -67.74 -0.62
N LYS YD 26 -117.56 -68.44 -1.57
CA LYS YD 26 -116.45 -69.36 -1.31
C LYS YD 26 -115.20 -68.73 -1.87
N LYS YD 27 -114.27 -68.41 -1.01
CA LYS YD 27 -113.08 -67.67 -1.44
C LYS YD 27 -112.08 -68.61 -2.11
N PRO YD 28 -111.23 -68.07 -2.98
CA PRO YD 28 -110.02 -68.77 -3.35
C PRO YD 28 -109.01 -68.67 -2.23
N PRO YD 29 -108.01 -69.55 -2.21
CA PRO YD 29 -106.91 -69.39 -1.25
C PRO YD 29 -106.15 -68.09 -1.49
N ILE YD 30 -105.72 -67.46 -0.39
CA ILE YD 30 -105.01 -66.19 -0.48
C ILE YD 30 -103.64 -66.40 -1.11
N ASN YD 31 -102.90 -67.37 -0.64
CA ASN YD 31 -101.59 -67.66 -1.21
C ASN YD 31 -101.70 -68.66 -2.35
N ASN YD 32 -102.56 -68.36 -3.30
CA ASN YD 32 -102.72 -69.22 -4.46
C ASN YD 32 -101.53 -69.06 -5.40
N PRO YD 33 -100.93 -70.14 -5.84
CA PRO YD 33 -99.94 -70.05 -6.91
C PRO YD 33 -100.67 -69.84 -8.23
N SER YD 34 -101.00 -68.58 -8.52
CA SER YD 34 -101.82 -68.27 -9.68
C SER YD 34 -101.00 -68.01 -10.93
N ASP YD 35 -99.68 -68.11 -10.85
CA ASP YD 35 -98.81 -67.78 -11.96
C ASP YD 35 -97.95 -68.98 -12.32
N ASP YD 36 -97.64 -69.08 -13.62
CA ASP YD 36 -96.94 -70.25 -14.16
C ASP YD 36 -95.53 -70.36 -13.58
N ALA YD 37 -94.85 -69.24 -13.38
CA ALA YD 37 -93.55 -69.27 -12.74
C ALA YD 37 -93.65 -69.79 -11.30
N THR YD 38 -94.69 -69.37 -10.60
CA THR YD 38 -94.89 -69.82 -9.22
C THR YD 38 -95.19 -71.31 -9.16
N ILE YD 39 -96.01 -71.81 -10.09
CA ILE YD 39 -96.35 -73.24 -10.03
C ILE YD 39 -95.17 -74.08 -10.45
N LYS YD 40 -94.30 -73.56 -11.34
CA LYS YD 40 -93.09 -74.28 -11.68
C LYS YD 40 -92.16 -74.37 -10.49
N LEU YD 41 -92.03 -73.26 -9.76
CA LEU YD 41 -91.21 -73.27 -8.56
C LEU YD 41 -91.75 -74.22 -7.51
N ALA YD 42 -93.08 -74.24 -7.35
CA ALA YD 42 -93.68 -75.08 -6.33
C ALA YD 42 -93.54 -76.56 -6.68
N GLU YD 43 -93.66 -76.88 -7.98
CA GLU YD 43 -93.45 -78.25 -8.43
C GLU YD 43 -92.00 -78.68 -8.19
N ALA YD 44 -91.05 -77.78 -8.46
CA ALA YD 44 -89.65 -78.09 -8.18
C ALA YD 44 -89.43 -78.30 -6.69
N ALA YD 45 -90.10 -77.51 -5.86
CA ALA YD 45 -89.95 -77.65 -4.41
C ALA YD 45 -90.46 -79.00 -3.93
N VAL YD 46 -91.59 -79.44 -4.50
CA VAL YD 46 -92.13 -80.75 -4.15
C VAL YD 46 -91.17 -81.86 -4.56
N SER YD 47 -90.60 -81.74 -5.76
CA SER YD 47 -89.66 -82.74 -6.26
C SER YD 47 -88.41 -82.84 -5.39
N VAL YD 48 -87.85 -81.69 -5.01
CA VAL YD 48 -86.61 -81.76 -4.24
C VAL YD 48 -86.88 -82.20 -2.81
N SER YD 49 -88.08 -81.91 -2.28
CA SER YD 49 -88.44 -82.41 -0.96
C SER YD 49 -88.50 -83.93 -0.96
N ASP YD 50 -89.16 -84.50 -1.97
CA ASP YD 50 -89.28 -85.96 -2.05
C ASP YD 50 -87.94 -86.62 -2.29
N SER YD 51 -87.10 -86.00 -3.13
CA SER YD 51 -85.79 -86.56 -3.43
C SER YD 51 -84.90 -86.59 -2.20
N MET YD 52 -84.86 -85.47 -1.46
CA MET YD 52 -83.99 -85.42 -0.30
C MET YD 52 -84.49 -86.31 0.82
N LEU YD 53 -85.82 -86.43 0.96
CA LEU YD 53 -86.39 -87.35 1.92
C LEU YD 53 -86.01 -88.79 1.59
N GLU YD 54 -86.04 -89.15 0.30
CA GLU YD 54 -85.66 -90.49 -0.11
C GLU YD 54 -84.19 -90.75 0.14
N MET YD 55 -83.34 -89.76 -0.11
CA MET YD 55 -81.90 -89.94 0.10
C MET YD 55 -81.59 -90.14 1.57
N ALA YD 56 -82.25 -89.36 2.44
CA ALA YD 56 -82.08 -89.54 3.87
C ALA YD 56 -82.60 -90.89 4.34
N LYS YD 57 -83.70 -91.36 3.74
CA LYS YD 57 -84.26 -92.66 4.09
C LYS YD 57 -83.30 -93.79 3.73
N VAL YD 58 -82.75 -93.74 2.52
CA VAL YD 58 -81.82 -94.80 2.13
C VAL YD 58 -80.47 -94.65 2.81
N GLU YD 59 -80.19 -93.48 3.39
CA GLU YD 59 -78.91 -93.35 4.08
C GLU YD 59 -78.97 -93.79 5.53
N LYS YD 60 -80.07 -93.50 6.22
CA LYS YD 60 -80.08 -93.58 7.68
C LYS YD 60 -80.08 -95.03 8.16
N VAL YD 61 -79.16 -95.34 9.07
CA VAL YD 61 -79.03 -96.67 9.64
C VAL YD 61 -79.73 -96.69 10.99
N ILE YD 62 -80.63 -97.63 11.17
CA ILE YD 62 -81.36 -97.77 12.43
C ILE YD 62 -80.99 -99.10 13.06
N THR YD 63 -81.45 -99.30 14.28
CA THR YD 63 -81.26 -100.57 14.95
C THR YD 63 -82.61 -101.14 15.36
N PRO YD 64 -82.79 -102.45 15.25
CA PRO YD 64 -84.05 -103.06 15.69
C PRO YD 64 -84.15 -103.07 17.20
N PRO YD 65 -85.36 -103.15 17.75
CA PRO YD 65 -85.51 -103.28 19.21
C PRO YD 65 -85.21 -104.66 19.76
N SER YD 66 -84.76 -105.59 18.92
CA SER YD 66 -84.34 -106.89 19.43
C SER YD 66 -82.97 -106.80 20.10
N LYS YD 67 -82.08 -105.98 19.56
CA LYS YD 67 -80.69 -105.98 20.00
C LYS YD 67 -80.24 -104.61 20.51
N ASP YD 68 -81.18 -103.78 20.96
CA ASP YD 68 -80.82 -102.49 21.53
C ASP YD 68 -80.21 -102.70 22.91
N ASN YD 69 -78.92 -102.43 23.04
CA ASN YD 69 -78.20 -102.67 24.29
C ASN YD 69 -78.44 -101.49 25.22
N THR YD 70 -79.67 -101.41 25.71
CA THR YD 70 -80.08 -100.38 26.63
C THR YD 70 -80.77 -101.05 27.80
N LEU YD 71 -80.45 -100.58 29.01
CA LEU YD 71 -81.09 -101.14 30.20
C LEU YD 71 -82.56 -100.76 30.20
N THR YD 72 -83.41 -101.75 30.42
CA THR YD 72 -84.83 -101.53 30.51
C THR YD 72 -85.20 -101.00 31.88
N ILE YD 73 -86.48 -100.74 32.08
CA ILE YD 73 -86.98 -100.29 33.36
C ILE YD 73 -87.13 -101.51 34.26
N PRO YD 74 -86.47 -101.54 35.42
CA PRO YD 74 -86.55 -102.72 36.29
C PRO YD 74 -87.89 -102.90 36.96
N ASN YD 75 -88.66 -101.81 37.12
CA ASN YD 75 -90.01 -101.83 37.69
C ASN YD 75 -90.04 -102.37 39.12
N ALA YD 76 -89.02 -102.02 39.91
CA ALA YD 76 -89.09 -102.26 41.34
C ALA YD 76 -89.94 -101.19 42.01
N TYR YD 77 -90.43 -101.49 43.21
CA TYR YD 77 -91.34 -100.58 43.88
C TYR YD 77 -90.62 -99.34 44.41
N ASN YD 78 -89.40 -99.50 44.89
CA ASN YD 78 -88.70 -98.41 45.53
C ASN YD 78 -88.09 -97.43 44.53
N LEU YD 79 -88.08 -97.77 43.25
CA LEU YD 79 -87.46 -96.93 42.24
C LEU YD 79 -88.43 -95.93 41.61
N GLN YD 80 -89.65 -95.83 42.14
CA GLN YD 80 -90.66 -94.95 41.57
C GLN YD 80 -90.77 -93.65 42.34
N ALA YD 81 -89.65 -93.14 42.83
CA ALA YD 81 -89.63 -91.91 43.60
C ALA YD 81 -89.12 -90.76 42.75
N ARG YD 82 -89.33 -89.54 43.24
CA ARG YD 82 -89.00 -88.32 42.53
C ARG YD 82 -87.85 -87.61 43.22
N ALA YD 83 -87.00 -86.96 42.41
CA ALA YD 83 -85.88 -86.20 42.95
C ALA YD 83 -85.49 -85.15 41.91
N SER YD 84 -84.71 -84.18 42.37
CA SER YD 84 -84.09 -83.19 41.51
C SER YD 84 -82.58 -83.30 41.68
N VAL YD 85 -81.88 -83.61 40.60
CA VAL YD 85 -80.46 -83.91 40.66
C VAL YD 85 -79.74 -83.09 39.61
N ASP YD 86 -78.75 -82.31 40.03
CA ASP YD 86 -77.87 -81.60 39.13
C ASP YD 86 -76.44 -82.06 39.38
N TRP YD 87 -75.77 -82.48 38.31
CA TRP YD 87 -74.48 -83.11 38.48
C TRP YD 87 -73.72 -83.08 37.17
N SER YD 88 -72.40 -82.93 37.29
CA SER YD 88 -71.50 -83.26 36.20
C SER YD 88 -70.18 -83.68 36.84
N GLY YD 89 -69.89 -84.97 36.82
CA GLY YD 89 -68.68 -85.47 37.40
C GLY YD 89 -68.45 -86.94 37.10
N PRO YD 90 -67.73 -87.62 37.98
CA PRO YD 90 -67.51 -89.06 37.81
C PRO YD 90 -68.79 -89.83 38.10
N ILE YD 91 -68.77 -91.09 37.67
CA ILE YD 91 -69.98 -91.88 37.53
C ILE YD 91 -70.31 -92.65 38.80
N GLU YD 92 -69.30 -93.33 39.36
CA GLU YD 92 -69.55 -94.33 40.40
C GLU YD 92 -69.99 -93.68 41.70
N GLU YD 93 -69.48 -92.49 42.00
CA GLU YD 93 -69.92 -91.76 43.17
C GLU YD 93 -71.40 -91.39 43.06
N LEU YD 94 -71.81 -90.93 41.88
CA LEU YD 94 -73.20 -90.52 41.69
C LEU YD 94 -74.14 -91.71 41.77
N THR YD 95 -73.79 -92.83 41.13
CA THR YD 95 -74.70 -93.96 41.19
C THR YD 95 -74.66 -94.66 42.53
N ALA YD 96 -73.55 -94.56 43.28
CA ALA YD 96 -73.55 -95.05 44.64
C ALA YD 96 -74.46 -94.21 45.53
N ARG YD 97 -74.48 -92.90 45.31
CA ARG YD 97 -75.42 -92.04 46.02
C ARG YD 97 -76.86 -92.38 45.67
N ILE YD 98 -77.08 -92.75 44.40
CA ILE YD 98 -78.43 -93.15 43.97
C ILE YD 98 -78.86 -94.42 44.68
N ALA YD 99 -77.96 -95.39 44.76
CA ALA YD 99 -78.27 -96.65 45.44
C ALA YD 99 -78.50 -96.42 46.93
N LYS YD 100 -77.72 -95.53 47.53
CA LYS YD 100 -77.88 -95.19 48.94
C LYS YD 100 -79.22 -94.53 49.19
N ALA YD 101 -79.65 -93.67 48.28
CA ALA YD 101 -81.00 -93.10 48.38
C ALA YD 101 -82.06 -94.17 48.18
N ALA YD 102 -81.76 -95.17 47.37
CA ALA YD 102 -82.74 -96.19 47.00
C ALA YD 102 -82.72 -97.40 47.92
N HIS YD 103 -81.93 -97.36 49.01
CA HIS YD 103 -81.85 -98.42 50.01
C HIS YD 103 -81.35 -99.73 49.41
N PHE YD 104 -80.41 -99.64 48.48
CA PHE YD 104 -79.90 -100.81 47.79
C PHE YD 104 -78.39 -100.89 47.98
N ARG YD 105 -77.88 -102.12 47.94
CA ARG YD 105 -76.45 -102.27 48.03
C ARG YD 105 -75.81 -102.00 46.66
N PHE YD 106 -74.52 -101.69 46.71
CA PHE YD 106 -73.79 -101.15 45.58
C PHE YD 106 -72.50 -101.95 45.41
N ARG YD 107 -72.15 -102.25 44.17
CA ARG YD 107 -70.90 -102.95 43.94
C ARG YD 107 -70.32 -102.55 42.59
N VAL YD 108 -69.02 -102.73 42.47
CA VAL YD 108 -68.29 -102.40 41.26
C VAL YD 108 -67.40 -103.59 40.90
N LEU YD 109 -67.51 -104.06 39.67
CA LEU YD 109 -66.60 -105.05 39.12
C LEU YD 109 -65.88 -104.42 37.94
N GLY YD 110 -64.56 -104.56 37.91
CA GLY YD 110 -63.78 -104.08 36.79
C GLY YD 110 -62.67 -103.18 37.24
N LYS YD 111 -62.19 -102.37 36.31
CA LYS YD 111 -61.06 -101.47 36.54
C LYS YD 111 -61.51 -100.04 36.29
N SER YD 112 -61.31 -99.18 37.27
CA SER YD 112 -61.61 -97.76 37.07
C SER YD 112 -60.47 -97.12 36.30
N PRO YD 113 -60.75 -96.51 35.16
CA PRO YD 113 -59.68 -95.93 34.33
C PRO YD 113 -59.10 -94.67 34.96
N SER YD 114 -57.98 -94.24 34.39
CA SER YD 114 -57.28 -93.08 34.90
C SER YD 114 -58.10 -91.82 34.70
N VAL YD 115 -58.57 -91.59 33.49
CA VAL YD 115 -59.53 -90.52 33.21
C VAL YD 115 -60.93 -91.11 33.33
N PRO YD 116 -61.76 -90.60 34.22
CA PRO YD 116 -63.08 -91.21 34.41
C PRO YD 116 -64.04 -90.82 33.31
N VAL YD 117 -65.12 -91.58 33.21
CA VAL YD 117 -66.18 -91.28 32.26
C VAL YD 117 -67.15 -90.31 32.92
N LEU YD 118 -67.29 -89.12 32.31
CA LEU YD 118 -67.94 -87.99 32.96
C LEU YD 118 -69.27 -87.69 32.28
N ILE YD 119 -70.32 -87.55 33.08
CA ILE YD 119 -71.69 -87.42 32.60
C ILE YD 119 -72.32 -86.22 33.28
N SER YD 120 -73.10 -85.46 32.51
CA SER YD 120 -73.88 -84.34 33.02
C SER YD 120 -75.35 -84.72 33.05
N ILE YD 121 -75.95 -84.65 34.23
CA ILE YD 121 -77.39 -84.89 34.40
C ILE YD 121 -77.95 -83.73 35.20
N SER YD 122 -78.90 -83.00 34.61
CA SER YD 122 -79.51 -81.84 35.26
C SER YD 122 -81.02 -81.97 35.08
N THR YD 123 -81.68 -82.57 36.06
CA THR YD 123 -83.09 -82.88 35.93
C THR YD 123 -83.84 -82.44 37.17
N LYS YD 124 -85.07 -81.98 36.96
CA LYS YD 124 -85.93 -81.47 38.02
C LYS YD 124 -86.84 -82.53 38.61
N ASP YD 125 -87.49 -83.33 37.77
CA ASP YD 125 -88.45 -84.31 38.28
C ASP YD 125 -88.61 -85.44 37.28
N GLU YD 126 -88.14 -86.63 37.65
CA GLU YD 126 -88.40 -87.84 36.88
C GLU YD 126 -88.21 -89.03 37.81
N SER YD 127 -88.17 -90.22 37.22
CA SER YD 127 -87.89 -91.43 37.97
C SER YD 127 -86.41 -91.71 38.02
N LEU YD 128 -85.99 -92.29 39.14
CA LEU YD 128 -84.61 -92.73 39.29
C LEU YD 128 -84.28 -93.84 38.32
N ALA YD 129 -85.27 -94.65 37.95
CA ALA YD 129 -85.06 -95.63 36.90
C ALA YD 129 -84.78 -94.95 35.57
N GLU YD 130 -85.46 -93.83 35.30
CA GLU YD 130 -85.14 -93.07 34.09
C GLU YD 130 -83.77 -92.43 34.18
N ILE YD 131 -83.35 -92.04 35.38
CA ILE YD 131 -82.00 -91.53 35.58
C ILE YD 131 -80.98 -92.63 35.29
N LEU YD 132 -81.26 -93.84 35.75
CA LEU YD 132 -80.40 -94.98 35.46
C LEU YD 132 -80.38 -95.30 33.98
N ARG YD 133 -81.51 -95.09 33.30
CA ARG YD 133 -81.56 -95.26 31.85
C ARG YD 133 -80.67 -94.25 31.16
N ASP YD 134 -80.70 -93.01 31.63
CA ASP YD 134 -79.80 -91.99 31.10
C ASP YD 134 -78.35 -92.34 31.39
N ILE YD 135 -78.09 -92.92 32.55
CA ILE YD 135 -76.75 -93.34 32.93
C ILE YD 135 -76.23 -94.40 31.98
N ASP YD 136 -77.10 -95.37 31.66
CA ASP YD 136 -76.73 -96.42 30.73
C ASP YD 136 -76.47 -95.87 29.33
N TYR YD 137 -77.30 -94.93 28.89
CA TYR YD 137 -77.11 -94.41 27.54
C TYR YD 137 -75.87 -93.54 27.44
N GLN YD 138 -75.60 -92.75 28.46
CA GLN YD 138 -74.42 -91.89 28.38
C GLN YD 138 -73.15 -92.63 28.75
N ALA YD 139 -73.25 -93.83 29.31
CA ALA YD 139 -72.05 -94.63 29.50
C ALA YD 139 -71.49 -95.11 28.17
N GLY YD 140 -72.35 -95.33 27.20
CA GLY YD 140 -71.86 -95.79 25.91
C GLY YD 140 -71.46 -97.26 26.00
N LYS YD 141 -70.17 -97.51 25.80
CA LYS YD 141 -69.65 -98.86 25.83
C LYS YD 141 -68.64 -99.10 26.93
N LYS YD 142 -68.11 -98.05 27.56
CA LYS YD 142 -67.03 -98.22 28.52
C LYS YD 142 -67.51 -98.82 29.83
N ALA YD 143 -68.74 -98.55 30.21
CA ALA YD 143 -69.29 -99.11 31.43
C ALA YD 143 -70.68 -99.63 31.17
N SER YD 144 -71.15 -100.48 32.06
CA SER YD 144 -72.51 -100.97 32.00
C SER YD 144 -73.03 -101.13 33.42
N ILE YD 145 -74.34 -101.17 33.55
CA ILE YD 145 -74.99 -101.24 34.85
C ILE YD 145 -76.00 -102.36 34.83
N HIS YD 146 -76.03 -103.13 35.91
CA HIS YD 146 -77.00 -104.20 36.04
C HIS YD 146 -77.75 -104.05 37.34
N VAL YD 147 -79.04 -104.37 37.29
CA VAL YD 147 -79.93 -104.27 38.43
C VAL YD 147 -80.32 -105.67 38.86
N TYR YD 148 -80.03 -106.02 40.09
CA TYR YD 148 -80.55 -107.28 40.63
C TYR YD 148 -81.57 -106.96 41.70
N PRO YD 149 -82.86 -107.18 41.42
CA PRO YD 149 -83.90 -106.85 42.40
C PRO YD 149 -84.20 -107.98 43.37
N ASN YD 150 -83.62 -109.15 43.12
CA ASN YD 150 -83.82 -110.29 44.00
C ASN YD 150 -82.95 -110.17 45.25
N SER YD 151 -81.64 -110.06 45.04
CA SER YD 151 -80.72 -109.61 46.07
C SER YD 151 -80.43 -108.15 45.75
N GLN YD 152 -80.89 -107.25 46.62
CA GLN YD 152 -81.19 -105.86 46.26
C GLN YD 152 -79.89 -105.08 46.00
N VAL YD 153 -79.36 -105.26 44.79
CA VAL YD 153 -78.04 -104.72 44.48
C VAL YD 153 -78.03 -104.07 43.10
N VAL YD 154 -77.09 -103.14 42.95
CA VAL YD 154 -76.71 -102.60 41.65
C VAL YD 154 -75.24 -102.88 41.43
N GLU YD 155 -74.90 -103.23 40.19
CA GLU YD 155 -73.54 -103.63 39.85
C GLU YD 155 -73.06 -102.79 38.70
N LEU YD 156 -71.89 -102.17 38.87
CA LEU YD 156 -71.25 -101.41 37.80
C LEU YD 156 -70.18 -102.30 37.20
N ARG YD 157 -70.38 -102.73 35.96
CA ARG YD 157 -69.46 -103.60 35.27
C ARG YD 157 -68.65 -102.76 34.29
N TYR YD 158 -67.34 -102.69 34.51
CA TYR YD 158 -66.49 -102.00 33.55
C TYR YD 158 -66.33 -102.85 32.29
N ALA YD 159 -65.85 -102.22 31.23
CA ALA YD 159 -65.54 -102.91 30.00
C ALA YD 159 -64.02 -103.01 29.85
N LYS YD 160 -63.59 -103.54 28.71
CA LYS YD 160 -62.18 -103.67 28.44
C LYS YD 160 -61.78 -102.89 27.21
N ILE ZD 208 -91.01 -120.57 -2.62
CA ILE ZD 208 -92.45 -120.42 -2.71
C ILE ZD 208 -92.94 -119.39 -1.70
N ILE ZD 209 -93.57 -118.34 -2.21
CA ILE ZD 209 -94.13 -117.28 -1.38
C ILE ZD 209 -95.63 -117.21 -1.66
N TYR ZD 210 -96.42 -117.29 -0.60
CA TYR ZD 210 -97.87 -117.31 -0.72
C TYR ZD 210 -98.46 -115.96 -0.36
N TYR ZD 211 -99.71 -115.76 -0.75
CA TYR ZD 211 -100.40 -114.52 -0.47
C TYR ZD 211 -101.87 -114.80 -0.25
N ILE ZD 212 -102.43 -114.21 0.81
CA ILE ZD 212 -103.87 -114.28 1.06
C ILE ZD 212 -104.58 -113.47 -0.02
N GLN ZD 213 -105.68 -114.00 -0.53
CA GLN ZD 213 -106.50 -113.27 -1.48
C GLN ZD 213 -107.85 -112.87 -0.88
N ALA ZD 214 -108.63 -113.82 -0.40
CA ALA ZD 214 -109.92 -113.53 0.20
C ALA ZD 214 -110.05 -114.28 1.52
N VAL ZD 215 -110.60 -113.60 2.52
CA VAL ZD 215 -110.64 -114.10 3.89
C VAL ZD 215 -112.09 -114.28 4.31
N ILE ZD 216 -112.38 -115.36 5.01
CA ILE ZD 216 -113.68 -115.56 5.63
C ILE ZD 216 -113.41 -115.89 7.09
N PRO ZD 217 -114.39 -115.67 7.99
CA PRO ZD 217 -114.20 -116.17 9.36
C PRO ZD 217 -114.15 -117.69 9.37
N GLY ZD 218 -112.95 -118.22 9.61
CA GLY ZD 218 -112.76 -119.65 9.68
C GLY ZD 218 -111.91 -120.22 8.56
N ARG ZD 219 -112.14 -119.75 7.33
CA ARG ZD 219 -111.48 -120.30 6.17
C ARG ZD 219 -110.83 -119.18 5.37
N ALA ZD 220 -109.85 -119.55 4.57
CA ALA ZD 220 -109.14 -118.55 3.77
C ALA ZD 220 -108.72 -119.15 2.45
N TRP ZD 221 -108.40 -118.26 1.51
CA TRP ZD 221 -108.03 -118.63 0.17
C TRP ZD 221 -106.74 -117.91 -0.19
N LEU ZD 222 -105.77 -118.65 -0.72
CA LEU ZD 222 -104.46 -118.09 -0.92
C LEU ZD 222 -103.88 -118.58 -2.26
N ILE ZD 223 -102.97 -117.76 -2.78
CA ILE ZD 223 -102.31 -118.01 -4.05
C ILE ZD 223 -100.83 -118.16 -3.78
N GLY ZD 224 -100.15 -118.79 -4.74
CA GLY ZD 224 -98.72 -118.99 -4.67
C GLY ZD 224 -97.98 -118.27 -5.78
N SER ZD 225 -96.67 -118.15 -5.58
CA SER ZD 225 -95.79 -117.65 -6.63
C SER ZD 225 -95.72 -118.62 -7.80
N ASN ZD 226 -95.92 -119.91 -7.53
CA ASN ZD 226 -96.01 -120.94 -8.54
C ASN ZD 226 -97.40 -121.06 -9.15
N GLY ZD 227 -98.32 -120.17 -8.76
CA GLY ZD 227 -99.69 -120.29 -9.22
C GLY ZD 227 -100.50 -121.32 -8.48
N SER ZD 228 -100.02 -121.78 -7.34
CA SER ZD 228 -100.78 -122.75 -6.55
C SER ZD 228 -101.99 -122.09 -5.92
N THR ZD 229 -103.13 -122.76 -6.00
CA THR ZD 229 -104.38 -122.27 -5.46
C THR ZD 229 -104.78 -123.11 -4.25
N LEU ZD 230 -104.97 -122.48 -3.11
CA LEU ZD 230 -105.18 -123.25 -1.90
C LEU ZD 230 -106.33 -122.69 -1.08
N THR ZD 231 -107.13 -123.59 -0.53
CA THR ZD 231 -108.22 -123.28 0.39
C THR ZD 231 -107.88 -123.91 1.73
N VAL ZD 232 -108.00 -123.13 2.80
CA VAL ZD 232 -107.48 -123.54 4.10
C VAL ZD 232 -108.53 -123.31 5.18
N ARG ZD 233 -108.66 -124.27 6.08
CA ARG ZD 233 -109.50 -124.17 7.26
C ARG ZD 233 -108.69 -123.51 8.37
N GLU ZD 234 -109.17 -123.59 9.61
CA GLU ZD 234 -108.40 -123.07 10.73
C GLU ZD 234 -107.17 -123.94 11.00
N GLY ZD 235 -107.38 -125.22 11.28
CA GLY ZD 235 -106.26 -126.07 11.63
C GLY ZD 235 -105.88 -127.04 10.53
N SER ZD 236 -104.79 -126.77 9.85
CA SER ZD 236 -104.29 -127.67 8.81
C SER ZD 236 -102.81 -127.39 8.58
N LYS ZD 237 -102.17 -128.33 7.90
CA LYS ZD 237 -100.75 -128.25 7.62
C LYS ZD 237 -100.52 -127.66 6.24
N ILE ZD 238 -99.64 -126.68 6.16
CA ILE ZD 238 -99.31 -126.01 4.90
C ILE ZD 238 -97.80 -126.04 4.72
N PRO ZD 239 -97.31 -126.57 3.61
CA PRO ZD 239 -95.86 -126.59 3.38
C PRO ZD 239 -95.30 -125.20 3.15
N GLY ZD 240 -94.02 -125.04 3.49
CA GLY ZD 240 -93.34 -123.77 3.45
C GLY ZD 240 -93.46 -122.95 4.71
N TYR ZD 241 -94.54 -123.14 5.48
CA TYR ZD 241 -94.71 -122.42 6.72
C TYR ZD 241 -95.21 -123.28 7.88
N GLY ZD 242 -95.69 -124.49 7.64
CA GLY ZD 242 -96.04 -125.37 8.74
C GLY ZD 242 -97.52 -125.55 8.98
N MET ZD 243 -98.01 -125.04 10.10
CA MET ZD 243 -99.40 -125.21 10.50
C MET ZD 243 -100.00 -123.85 10.78
N VAL ZD 244 -101.19 -123.59 10.25
CA VAL ZD 244 -101.84 -122.30 10.45
C VAL ZD 244 -102.42 -122.28 11.86
N LYS ZD 245 -101.81 -121.48 12.74
CA LYS ZD 245 -102.25 -121.44 14.13
C LYS ZD 245 -103.56 -120.68 14.29
N LEU ZD 246 -103.70 -119.54 13.60
CA LEU ZD 246 -104.92 -118.77 13.70
C LEU ZD 246 -105.13 -117.97 12.42
N ILE ZD 247 -106.36 -117.50 12.25
CA ILE ZD 247 -106.78 -116.74 11.08
C ILE ZD 247 -107.61 -115.56 11.55
N ASP ZD 248 -107.25 -114.36 11.11
CA ASP ZD 248 -108.02 -113.15 11.41
C ASP ZD 248 -108.71 -112.71 10.13
N SER ZD 249 -110.04 -112.82 10.11
CA SER ZD 249 -110.79 -112.32 8.97
C SER ZD 249 -110.84 -110.80 8.97
N LEU ZD 250 -110.70 -110.18 10.14
CA LEU ZD 250 -110.86 -108.73 10.24
C LEU ZD 250 -109.68 -107.99 9.63
N GLN ZD 251 -108.46 -108.38 10.01
CA GLN ZD 251 -107.26 -107.79 9.45
C GLN ZD 251 -106.39 -108.91 8.89
N GLY ZD 252 -105.82 -108.68 7.72
CA GLY ZD 252 -105.23 -109.75 6.94
C GLY ZD 252 -103.92 -110.29 7.45
N ARG ZD 253 -103.95 -110.90 8.63
CA ARG ZD 253 -102.79 -111.57 9.19
C ARG ZD 253 -103.16 -113.01 9.47
N ILE ZD 254 -102.37 -113.93 8.92
CA ILE ZD 254 -102.53 -115.35 9.17
C ILE ZD 254 -101.26 -115.84 9.86
N LEU ZD 255 -101.41 -116.37 11.07
CA LEU ZD 255 -100.26 -116.75 11.87
C LEU ZD 255 -99.98 -118.24 11.69
N THR ZD 256 -98.72 -118.56 11.41
CA THR ZD 256 -98.29 -119.92 11.16
C THR ZD 256 -97.70 -120.54 12.42
N SER ZD 257 -97.45 -121.85 12.35
CA SER ZD 257 -96.72 -122.53 13.41
C SER ZD 257 -95.27 -122.09 13.46
N SER ZD 258 -94.70 -121.71 12.31
CA SER ZD 258 -93.32 -121.29 12.23
C SER ZD 258 -93.14 -119.80 12.49
N GLY ZD 259 -94.14 -119.14 13.08
CA GLY ZD 259 -94.04 -117.73 13.39
C GLY ZD 259 -93.98 -116.83 12.17
N GLN ZD 260 -94.82 -117.08 11.18
CA GLN ZD 260 -94.84 -116.29 9.96
C GLN ZD 260 -96.22 -115.67 9.79
N VAL ZD 261 -96.27 -114.55 9.09
CA VAL ZD 261 -97.51 -113.83 8.82
C VAL ZD 261 -97.71 -113.73 7.30
N ILE ZD 262 -98.86 -114.15 6.82
CA ILE ZD 262 -99.21 -114.00 5.42
C ILE ZD 262 -100.05 -112.75 5.26
N LYS ZD 263 -99.56 -111.82 4.44
CA LYS ZD 263 -100.26 -110.58 4.14
C LYS ZD 263 -100.56 -110.53 2.64
N PHE ZD 264 -101.14 -109.41 2.21
CA PHE ZD 264 -101.58 -109.27 0.83
C PHE ZD 264 -100.41 -108.88 -0.07
N SER ZD 265 -100.66 -108.91 -1.36
CA SER ZD 265 -99.68 -108.50 -2.35
C SER ZD 265 -99.68 -106.98 -2.49
N GLN ZD 266 -98.66 -106.48 -3.17
CA GLN ZD 266 -98.53 -105.04 -3.41
C GLN ZD 266 -98.64 -104.71 -4.90
N MET AE 23 -123.16 -54.77 27.12
CA MET AE 23 -122.59 -56.06 27.50
C MET AE 23 -121.10 -56.12 27.14
N LYS AE 24 -120.25 -55.64 28.02
CA LYS AE 24 -118.83 -55.56 27.74
C LYS AE 24 -118.11 -56.77 28.33
N PHE AE 25 -116.79 -56.75 28.27
CA PHE AE 25 -115.98 -57.91 28.63
C PHE AE 25 -114.80 -57.48 29.49
N LYS AE 26 -114.50 -58.27 30.51
CA LYS AE 26 -113.47 -57.91 31.47
C LYS AE 26 -112.67 -59.15 31.87
N LYS AE 27 -111.61 -58.88 32.63
CA LYS AE 27 -110.69 -59.84 33.21
C LYS AE 27 -110.43 -59.40 34.64
N PRO AE 28 -110.11 -60.31 35.56
CA PRO AE 28 -110.29 -60.02 37.00
C PRO AE 28 -109.38 -58.93 37.57
N PRO AE 29 -108.02 -59.04 37.55
CA PRO AE 29 -107.26 -58.14 38.42
C PRO AE 29 -107.05 -56.78 37.80
N ILE AE 30 -107.78 -55.78 38.30
CA ILE AE 30 -107.62 -54.43 37.79
C ILE AE 30 -107.03 -53.57 38.90
N ASN AE 31 -105.72 -53.45 38.91
CA ASN AE 31 -105.01 -52.79 39.99
C ASN AE 31 -104.59 -51.39 39.60
N ASN AE 32 -103.88 -50.75 40.50
CA ASN AE 32 -103.28 -49.46 40.25
C ASN AE 32 -102.10 -49.61 39.30
N PRO AE 33 -101.74 -48.56 38.57
CA PRO AE 33 -100.67 -48.66 37.57
C PRO AE 33 -99.30 -48.97 38.16
N SER AE 34 -98.45 -49.55 37.32
CA SER AE 34 -97.20 -50.15 37.73
C SER AE 34 -96.01 -49.25 37.39
N ASP AE 35 -94.81 -49.79 37.54
CA ASP AE 35 -93.61 -49.16 37.03
C ASP AE 35 -92.61 -50.21 36.58
N ASP AE 36 -91.89 -49.87 35.51
CA ASP AE 36 -90.93 -50.76 34.88
C ASP AE 36 -89.78 -51.12 35.80
N ALA AE 37 -89.39 -50.20 36.69
CA ALA AE 37 -88.34 -50.49 37.66
C ALA AE 37 -88.77 -51.63 38.58
N THR AE 38 -90.01 -51.58 39.04
CA THR AE 38 -90.55 -52.64 39.87
C THR AE 38 -90.70 -53.93 39.08
N ILE AE 39 -90.99 -53.83 37.78
CA ILE AE 39 -91.05 -55.00 36.91
C ILE AE 39 -89.70 -55.69 36.86
N LYS AE 40 -88.64 -54.91 36.65
CA LYS AE 40 -87.31 -55.50 36.58
C LYS AE 40 -86.85 -56.02 37.92
N LEU AE 41 -87.30 -55.40 39.00
CA LEU AE 41 -86.99 -55.90 40.33
C LEU AE 41 -87.60 -57.28 40.56
N ALA AE 42 -88.86 -57.46 40.12
CA ALA AE 42 -89.49 -58.77 40.21
C ALA AE 42 -88.76 -59.78 39.33
N GLU AE 43 -88.32 -59.33 38.15
CA GLU AE 43 -87.57 -60.16 37.22
C GLU AE 43 -86.29 -60.69 37.85
N ALA AE 44 -85.63 -59.85 38.64
CA ALA AE 44 -84.48 -60.35 39.38
C ALA AE 44 -84.89 -61.29 40.51
N ALA AE 45 -85.95 -60.91 41.21
CA ALA AE 45 -86.28 -61.53 42.49
C ALA AE 45 -86.70 -62.98 42.33
N VAL AE 46 -87.36 -63.31 41.22
CA VAL AE 46 -87.77 -64.69 41.01
C VAL AE 46 -86.56 -65.61 40.87
N SER AE 47 -85.54 -65.16 40.13
CA SER AE 47 -84.34 -65.96 39.92
C SER AE 47 -83.54 -66.12 41.21
N VAL AE 48 -83.44 -65.02 41.97
CA VAL AE 48 -82.73 -65.08 43.24
C VAL AE 48 -83.41 -66.04 44.20
N SER AE 49 -84.74 -65.98 44.25
CA SER AE 49 -85.50 -66.85 45.14
C SER AE 49 -85.35 -68.31 44.74
N ASP AE 50 -85.34 -68.59 43.44
CA ASP AE 50 -85.17 -69.96 42.98
C ASP AE 50 -83.81 -70.51 43.37
N SER AE 51 -82.75 -69.71 43.19
CA SER AE 51 -81.41 -70.16 43.52
C SER AE 51 -81.25 -70.40 45.00
N MET AE 52 -81.82 -69.51 45.82
CA MET AE 52 -81.76 -69.73 47.27
C MET AE 52 -82.52 -70.97 47.70
N LEU AE 53 -83.66 -71.23 47.03
CA LEU AE 53 -84.48 -72.38 47.38
C LEU AE 53 -83.75 -73.68 47.09
N GLU AE 54 -83.10 -73.77 45.93
CA GLU AE 54 -82.38 -75.01 45.64
C GLU AE 54 -81.13 -75.15 46.50
N MET AE 55 -80.51 -74.03 46.89
CA MET AE 55 -79.40 -74.10 47.84
C MET AE 55 -79.84 -74.68 49.17
N ALA AE 56 -81.00 -74.22 49.66
CA ALA AE 56 -81.52 -74.73 50.93
C ALA AE 56 -81.84 -76.21 50.84
N LYS AE 57 -82.41 -76.64 49.71
CA LYS AE 57 -82.72 -78.05 49.52
C LYS AE 57 -81.46 -78.91 49.51
N VAL AE 58 -80.42 -78.43 48.81
CA VAL AE 58 -79.18 -79.19 48.68
C VAL AE 58 -78.49 -79.33 50.03
N GLU AE 59 -78.40 -78.24 50.79
CA GLU AE 59 -77.74 -78.29 52.09
C GLU AE 59 -78.54 -79.13 53.08
N LYS AE 60 -79.86 -79.03 53.04
CA LYS AE 60 -80.70 -79.82 53.93
C LYS AE 60 -80.59 -81.30 53.62
N VAL AE 61 -80.38 -81.66 52.36
CA VAL AE 61 -80.15 -83.06 52.03
C VAL AE 61 -78.78 -83.52 52.52
N ILE AE 62 -77.73 -82.75 52.20
CA ILE AE 62 -76.38 -83.26 52.43
C ILE AE 62 -76.01 -83.22 53.91
N THR AE 63 -76.69 -82.42 54.72
CA THR AE 63 -76.34 -82.51 56.12
C THR AE 63 -77.48 -83.15 56.89
N PRO AE 64 -77.19 -83.83 58.00
CA PRO AE 64 -78.26 -84.34 58.86
C PRO AE 64 -78.65 -83.29 59.89
N PRO AE 65 -79.87 -82.77 59.85
CA PRO AE 65 -80.34 -81.92 60.95
C PRO AE 65 -80.71 -82.79 62.14
N SER AE 66 -80.20 -82.43 63.29
CA SER AE 66 -80.31 -83.38 64.40
C SER AE 66 -81.01 -82.82 65.61
N LYS AE 67 -80.73 -81.59 66.00
CA LYS AE 67 -81.18 -81.04 67.27
C LYS AE 67 -82.01 -79.79 67.05
N ASP AE 68 -83.03 -79.63 67.88
CA ASP AE 68 -83.93 -78.50 67.82
C ASP AE 68 -83.61 -77.56 68.96
N ASN AE 69 -83.65 -76.26 68.69
CA ASN AE 69 -83.27 -75.27 69.71
C ASN AE 69 -84.30 -75.13 70.82
N THR AE 70 -85.48 -75.73 70.66
CA THR AE 70 -86.49 -75.69 71.72
C THR AE 70 -86.07 -76.52 72.93
N LEU AE 71 -85.08 -77.40 72.79
CA LEU AE 71 -84.55 -78.09 73.96
C LEU AE 71 -83.90 -77.12 74.93
N THR AE 72 -83.02 -76.25 74.43
CA THR AE 72 -82.42 -75.26 75.30
C THR AE 72 -83.27 -74.02 75.45
N ILE AE 73 -84.32 -73.87 74.64
CA ILE AE 73 -85.27 -72.78 74.84
C ILE AE 73 -86.63 -73.37 75.14
N PRO AE 74 -86.95 -73.66 76.39
CA PRO AE 74 -88.31 -74.02 76.76
C PRO AE 74 -89.13 -72.75 76.94
N ASN AE 75 -90.41 -72.95 77.23
CA ASN AE 75 -91.30 -71.83 77.46
C ASN AE 75 -92.06 -72.05 78.77
N ALA AE 76 -92.46 -70.96 79.40
CA ALA AE 76 -93.19 -71.01 80.65
C ALA AE 76 -94.31 -70.00 80.57
N TYR AE 77 -94.89 -69.69 81.71
CA TYR AE 77 -95.91 -68.66 81.76
C TYR AE 77 -95.27 -67.28 81.69
N ASN AE 78 -96.13 -66.25 81.72
CA ASN AE 78 -95.88 -64.84 81.41
C ASN AE 78 -94.97 -64.67 80.19
N LEU AE 79 -95.21 -65.51 79.19
CA LEU AE 79 -94.38 -65.58 78.01
C LEU AE 79 -95.20 -65.66 76.74
N GLN AE 80 -96.49 -65.90 76.84
CA GLN AE 80 -97.33 -66.03 75.66
C GLN AE 80 -97.89 -64.70 75.22
N ALA AE 81 -97.49 -63.61 75.87
CA ALA AE 81 -97.81 -62.28 75.38
C ALA AE 81 -97.16 -62.07 74.02
N ARG AE 82 -97.79 -61.26 73.19
CA ARG AE 82 -97.42 -61.26 71.78
C ARG AE 82 -96.76 -59.93 71.41
N ALA AE 83 -96.20 -59.91 70.20
CA ALA AE 83 -95.43 -58.76 69.75
C ALA AE 83 -95.42 -58.69 68.24
N SER AE 84 -95.41 -57.45 67.73
CA SER AE 84 -95.21 -57.17 66.32
C SER AE 84 -94.06 -56.19 66.20
N VAL AE 85 -93.04 -56.54 65.41
CA VAL AE 85 -91.74 -55.91 65.56
C VAL AE 85 -91.06 -55.71 64.21
N ASP AE 86 -90.19 -54.71 64.18
CA ASP AE 86 -89.18 -54.57 63.14
C ASP AE 86 -87.94 -53.91 63.74
N TRP AE 87 -86.79 -54.52 63.53
CA TRP AE 87 -85.53 -54.05 64.08
C TRP AE 87 -84.43 -54.32 63.08
N SER AE 88 -83.51 -53.38 62.92
CA SER AE 88 -82.45 -53.51 61.94
C SER AE 88 -81.12 -53.04 62.49
N GLY AE 89 -80.76 -53.50 63.69
CA GLY AE 89 -79.52 -53.06 64.28
C GLY AE 89 -78.86 -54.07 65.21
N PRO AE 90 -78.16 -53.56 66.21
CA PRO AE 90 -77.53 -54.44 67.20
C PRO AE 90 -78.55 -55.03 68.15
N ILE AE 91 -78.12 -56.07 68.86
CA ILE AE 91 -79.04 -56.95 69.57
C ILE AE 91 -79.29 -56.55 71.02
N GLU AE 92 -78.44 -55.69 71.60
CA GLU AE 92 -78.47 -55.46 73.04
C GLU AE 92 -79.75 -54.79 73.47
N GLU AE 93 -80.12 -53.70 72.79
CA GLU AE 93 -81.31 -52.93 73.15
C GLU AE 93 -82.58 -53.75 72.97
N LEU AE 94 -82.65 -54.53 71.88
CA LEU AE 94 -83.81 -55.35 71.62
C LEU AE 94 -83.97 -56.45 72.66
N THR AE 95 -82.86 -57.09 73.02
CA THR AE 95 -82.90 -58.13 74.05
C THR AE 95 -83.30 -57.57 75.40
N ALA AE 96 -82.80 -56.38 75.74
CA ALA AE 96 -83.16 -55.76 77.01
C ALA AE 96 -84.63 -55.36 77.04
N ARG AE 97 -85.16 -54.87 75.93
CA ARG AE 97 -86.55 -54.48 75.86
C ARG AE 97 -87.47 -55.68 76.06
N ILE AE 98 -87.19 -56.78 75.36
CA ILE AE 98 -88.07 -57.94 75.55
C ILE AE 98 -87.84 -58.60 76.90
N ALA AE 99 -86.64 -58.45 77.48
CA ALA AE 99 -86.41 -58.96 78.81
C ALA AE 99 -87.25 -58.24 79.85
N LYS AE 100 -87.28 -56.91 79.78
CA LYS AE 100 -88.10 -56.18 80.74
C LYS AE 100 -89.58 -56.32 80.43
N ALA AE 101 -89.94 -56.65 79.20
CA ALA AE 101 -91.33 -57.02 78.94
C ALA AE 101 -91.66 -58.36 79.58
N ALA AE 102 -90.68 -59.26 79.63
CA ALA AE 102 -90.89 -60.56 80.24
C ALA AE 102 -90.66 -60.57 81.74
N HIS AE 103 -90.27 -59.42 82.32
CA HIS AE 103 -90.03 -59.25 83.75
C HIS AE 103 -88.95 -60.20 84.26
N PHE AE 104 -87.93 -60.41 83.44
CA PHE AE 104 -86.88 -61.34 83.77
C PHE AE 104 -85.57 -60.59 83.96
N ARG AE 105 -84.68 -61.18 84.74
CA ARG AE 105 -83.38 -60.55 84.91
C ARG AE 105 -82.52 -60.87 83.70
N PHE AE 106 -81.91 -59.83 83.15
CA PHE AE 106 -81.13 -59.93 81.93
C PHE AE 106 -79.66 -60.05 82.28
N ARG AE 107 -78.97 -61.00 81.64
CA ARG AE 107 -77.58 -61.24 81.98
C ARG AE 107 -76.78 -61.44 80.70
N VAL AE 108 -75.56 -60.92 80.70
CA VAL AE 108 -74.66 -61.00 79.54
C VAL AE 108 -73.48 -61.88 79.92
N LEU AE 109 -72.92 -62.54 78.91
CA LEU AE 109 -71.75 -63.38 79.12
C LEU AE 109 -70.75 -63.10 78.02
N GLY AE 110 -69.52 -62.77 78.42
CA GLY AE 110 -68.46 -62.48 77.49
C GLY AE 110 -68.45 -61.03 77.04
N LYS AE 111 -67.28 -60.58 76.62
CA LYS AE 111 -67.15 -59.24 76.07
C LYS AE 111 -67.71 -59.20 74.66
N SER AE 112 -68.20 -58.04 74.27
CA SER AE 112 -68.68 -57.86 72.91
C SER AE 112 -67.51 -57.79 71.94
N PRO AE 113 -67.64 -58.39 70.76
CA PRO AE 113 -66.67 -58.15 69.71
C PRO AE 113 -66.80 -56.75 69.15
N SER AE 114 -65.74 -56.30 68.50
CA SER AE 114 -65.68 -54.94 67.98
C SER AE 114 -66.63 -54.75 66.80
N VAL AE 115 -66.67 -55.72 65.90
CA VAL AE 115 -67.66 -55.67 64.82
C VAL AE 115 -69.04 -55.91 65.41
N PRO AE 116 -70.00 -55.03 65.16
CA PRO AE 116 -71.32 -55.20 65.78
C PRO AE 116 -72.10 -56.34 65.15
N VAL AE 117 -72.79 -57.09 66.00
CA VAL AE 117 -73.59 -58.21 65.54
C VAL AE 117 -74.99 -57.69 65.23
N LEU AE 118 -75.34 -57.66 63.94
CA LEU AE 118 -76.50 -56.93 63.46
C LEU AE 118 -77.53 -57.89 62.89
N ILE AE 119 -78.78 -57.73 63.32
CA ILE AE 119 -79.86 -58.64 62.96
C ILE AE 119 -81.02 -57.83 62.42
N SER AE 120 -81.53 -58.23 61.26
CA SER AE 120 -82.75 -57.67 60.71
C SER AE 120 -83.89 -58.63 61.03
N ILE AE 121 -84.95 -58.10 61.64
CA ILE AE 121 -86.13 -58.88 61.99
C ILE AE 121 -87.37 -58.06 61.63
N SER AE 122 -88.29 -58.67 60.89
CA SER AE 122 -89.53 -58.01 60.47
C SER AE 122 -90.66 -59.01 60.61
N THR AE 123 -91.37 -58.96 61.74
CA THR AE 123 -92.36 -59.99 62.02
C THR AE 123 -93.61 -59.38 62.63
N LYS AE 124 -94.70 -60.13 62.56
CA LYS AE 124 -96.03 -59.66 62.94
C LYS AE 124 -96.74 -60.71 63.75
N ASP AE 125 -97.05 -60.38 65.02
CA ASP AE 125 -97.92 -61.13 65.92
C ASP AE 125 -97.43 -62.56 66.14
N GLU AE 126 -96.27 -62.66 66.76
CA GLU AE 126 -95.65 -63.94 67.02
C GLU AE 126 -95.47 -64.12 68.53
N SER AE 127 -95.29 -65.36 68.95
CA SER AE 127 -94.99 -65.65 70.34
C SER AE 127 -93.61 -65.16 70.71
N LEU AE 128 -93.45 -64.82 71.99
CA LEU AE 128 -92.17 -64.33 72.49
C LEU AE 128 -91.09 -65.38 72.39
N ALA AE 129 -91.46 -66.64 72.64
CA ALA AE 129 -90.51 -67.73 72.50
C ALA AE 129 -90.07 -67.90 71.06
N GLU AE 130 -91.01 -67.74 70.12
CA GLU AE 130 -90.64 -67.86 68.73
C GLU AE 130 -89.78 -66.71 68.26
N ILE AE 131 -90.03 -65.51 68.79
CA ILE AE 131 -89.17 -64.38 68.48
C ILE AE 131 -87.77 -64.62 69.00
N LEU AE 132 -87.66 -65.18 70.20
CA LEU AE 132 -86.36 -65.48 70.77
C LEU AE 132 -85.63 -66.56 69.97
N ARG AE 133 -86.36 -67.56 69.51
CA ARG AE 133 -85.76 -68.61 68.69
C ARG AE 133 -85.30 -68.07 67.35
N ASP AE 134 -86.08 -67.17 66.75
CA ASP AE 134 -85.67 -66.55 65.50
C ASP AE 134 -84.45 -65.67 65.67
N ILE AE 135 -84.37 -64.98 66.81
CA ILE AE 135 -83.20 -64.16 67.11
C ILE AE 135 -81.97 -65.04 67.26
N ASP AE 136 -82.10 -66.16 67.95
CA ASP AE 136 -80.98 -67.08 68.13
C ASP AE 136 -80.53 -67.66 66.80
N TYR AE 137 -81.48 -68.01 65.94
CA TYR AE 137 -81.14 -68.56 64.64
C TYR AE 137 -80.48 -67.53 63.75
N GLN AE 138 -80.98 -66.29 63.79
CA GLN AE 138 -80.40 -65.23 62.98
C GLN AE 138 -79.00 -64.89 63.44
N ALA AE 139 -78.75 -64.98 64.74
CA ALA AE 139 -77.39 -64.80 65.25
C ALA AE 139 -76.48 -65.91 64.76
N GLY AE 140 -76.92 -67.15 64.96
CA GLY AE 140 -76.12 -68.28 64.50
C GLY AE 140 -74.82 -68.42 65.25
N LYS AE 141 -73.72 -68.10 64.59
CA LYS AE 141 -72.41 -68.39 65.13
C LYS AE 141 -72.00 -67.42 66.23
N LYS AE 142 -72.37 -66.15 66.10
CA LYS AE 142 -71.77 -65.14 66.98
C LYS AE 142 -72.37 -65.15 68.38
N ALA AE 143 -73.64 -65.53 68.53
CA ALA AE 143 -74.32 -65.37 69.81
C ALA AE 143 -75.11 -66.61 70.16
N SER AE 144 -75.53 -66.69 71.42
CA SER AE 144 -76.41 -67.76 71.85
C SER AE 144 -77.30 -67.28 72.99
N ILE AE 145 -78.45 -67.93 73.13
CA ILE AE 145 -79.51 -67.50 74.02
C ILE AE 145 -79.90 -68.67 74.91
N HIS AE 146 -80.02 -68.41 76.21
CA HIS AE 146 -80.53 -69.40 77.13
C HIS AE 146 -81.58 -68.76 78.04
N VAL AE 147 -82.55 -69.57 78.43
CA VAL AE 147 -83.64 -69.13 79.29
C VAL AE 147 -83.68 -70.04 80.50
N TYR AE 148 -83.60 -69.46 81.69
CA TYR AE 148 -83.76 -70.24 82.90
C TYR AE 148 -85.08 -69.88 83.55
N PRO AE 149 -86.07 -70.76 83.52
CA PRO AE 149 -87.40 -70.40 83.99
C PRO AE 149 -87.50 -70.37 85.50
N ASN AE 150 -86.69 -71.20 86.16
CA ASN AE 150 -86.74 -71.28 87.61
C ASN AE 150 -86.22 -70.00 88.26
N SER AE 151 -85.17 -69.45 87.71
CA SER AE 151 -84.60 -68.21 88.24
C SER AE 151 -85.07 -66.99 87.48
N GLN AE 152 -85.92 -67.16 86.45
CA GLN AE 152 -86.50 -66.09 85.65
C GLN AE 152 -85.42 -65.22 85.00
N VAL AE 153 -84.59 -65.88 84.21
CA VAL AE 153 -83.32 -65.32 83.75
C VAL AE 153 -83.23 -65.45 82.25
N VAL AE 154 -82.90 -64.35 81.58
CA VAL AE 154 -82.58 -64.37 80.16
C VAL AE 154 -81.07 -64.17 80.04
N GLU AE 155 -80.37 -65.24 79.65
CA GLU AE 155 -78.92 -65.21 79.50
C GLU AE 155 -78.59 -65.08 78.02
N LEU AE 156 -77.77 -64.09 77.69
CA LEU AE 156 -77.25 -63.91 76.35
C LEU AE 156 -75.75 -64.05 76.43
N ARG AE 157 -75.19 -64.99 75.67
CA ARG AE 157 -73.76 -65.23 75.70
C ARG AE 157 -73.16 -64.97 74.32
N TYR AE 158 -72.00 -64.32 74.31
CA TYR AE 158 -71.28 -64.14 73.07
C TYR AE 158 -70.52 -65.40 72.73
N ALA AE 159 -69.94 -65.41 71.54
CA ALA AE 159 -69.08 -66.51 71.13
C ALA AE 159 -67.65 -66.19 71.50
N LYS AE 160 -66.97 -67.15 72.12
CA LYS AE 160 -65.56 -66.99 72.46
C LYS AE 160 -64.74 -67.51 71.28
N ILE AE 161 -64.26 -66.58 70.46
CA ILE AE 161 -63.41 -66.87 69.32
C ILE AE 161 -62.53 -65.65 69.14
N TYR AE 162 -61.57 -65.73 68.20
CA TYR AE 162 -60.56 -64.71 67.90
C TYR AE 162 -59.65 -64.47 69.10
N ARG BE 207 -32.05 -103.57 30.95
CA ARG BE 207 -30.85 -103.41 31.77
C ARG BE 207 -29.94 -102.34 31.19
N ILE BE 208 -29.17 -101.68 32.04
CA ILE BE 208 -28.28 -100.62 31.59
C ILE BE 208 -26.96 -101.23 31.13
N ILE BE 209 -26.56 -100.93 29.90
CA ILE BE 209 -25.37 -101.50 29.29
C ILE BE 209 -24.28 -100.44 29.29
N TYR BE 210 -23.09 -100.83 29.74
CA TYR BE 210 -21.96 -99.93 29.85
C TYR BE 210 -20.91 -100.25 28.80
N TYR BE 211 -20.23 -99.21 28.35
CA TYR BE 211 -19.13 -99.36 27.42
C TYR BE 211 -17.99 -98.46 27.85
N ILE BE 212 -16.79 -98.80 27.42
CA ILE BE 212 -15.61 -98.03 27.81
C ILE BE 212 -15.53 -96.77 26.97
N GLN BE 213 -15.52 -95.62 27.63
CA GLN BE 213 -15.41 -94.34 26.96
C GLN BE 213 -13.99 -93.78 27.00
N ALA BE 214 -13.39 -93.70 28.18
CA ALA BE 214 -12.00 -93.26 28.30
C ALA BE 214 -11.28 -94.21 29.24
N VAL BE 215 -10.21 -94.83 28.74
CA VAL BE 215 -9.46 -95.83 29.49
C VAL BE 215 -8.05 -95.32 29.69
N ILE BE 216 -7.64 -95.22 30.96
CA ILE BE 216 -6.28 -94.89 31.35
C ILE BE 216 -5.91 -95.88 32.45
N PRO BE 217 -4.64 -96.00 32.84
CA PRO BE 217 -4.34 -96.67 34.11
C PRO BE 217 -4.94 -95.93 35.29
N GLY BE 218 -5.42 -96.69 36.26
CA GLY BE 218 -6.01 -96.12 37.45
C GLY BE 218 -7.49 -95.82 37.33
N ARG BE 219 -7.83 -94.75 36.61
CA ARG BE 219 -9.21 -94.36 36.42
C ARG BE 219 -9.78 -94.98 35.16
N ALA BE 220 -11.10 -94.90 35.03
CA ALA BE 220 -11.79 -95.39 33.84
C ALA BE 220 -13.10 -94.64 33.69
N TRP BE 221 -13.41 -94.23 32.47
CA TRP BE 221 -14.67 -93.54 32.18
C TRP BE 221 -15.54 -94.45 31.35
N LEU BE 222 -16.73 -94.74 31.86
CA LEU BE 222 -17.67 -95.64 31.24
C LEU BE 222 -18.98 -94.91 30.96
N ILE BE 223 -19.64 -95.32 29.88
CA ILE BE 223 -20.86 -94.68 29.41
C ILE BE 223 -21.99 -95.69 29.45
N GLY BE 224 -23.07 -95.35 30.15
CA GLY BE 224 -24.22 -96.21 30.23
C GLY BE 224 -25.04 -96.18 28.94
N SER BE 225 -26.02 -97.09 28.89
CA SER BE 225 -26.85 -97.23 27.70
C SER BE 225 -27.77 -96.02 27.52
N ASN BE 226 -28.34 -95.52 28.61
CA ASN BE 226 -29.22 -94.36 28.51
C ASN BE 226 -28.47 -93.05 28.38
N GLY BE 227 -27.16 -93.05 28.59
CA GLY BE 227 -26.38 -91.83 28.51
C GLY BE 227 -25.72 -91.46 29.82
N SER BE 228 -25.78 -92.35 30.79
CA SER BE 228 -25.14 -92.11 32.08
C SER BE 228 -23.63 -92.27 31.95
N THR BE 229 -22.90 -91.23 32.31
CA THR BE 229 -21.45 -91.22 32.22
C THR BE 229 -20.86 -91.20 33.63
N LEU BE 230 -19.86 -92.04 33.85
CA LEU BE 230 -19.25 -92.11 35.17
C LEU BE 230 -17.79 -92.49 35.04
N THR BE 231 -17.06 -92.37 36.14
CA THR BE 231 -15.67 -92.79 36.23
C THR BE 231 -15.46 -93.57 37.51
N VAL BE 232 -14.62 -94.59 37.43
CA VAL BE 232 -14.40 -95.54 38.52
C VAL BE 232 -12.94 -95.96 38.53
N ARG BE 233 -12.57 -96.71 39.56
CA ARG BE 233 -11.24 -97.28 39.68
C ARG BE 233 -11.35 -98.77 39.93
N GLU BE 234 -10.22 -99.41 40.28
CA GLU BE 234 -10.21 -100.85 40.53
C GLU BE 234 -11.05 -101.22 41.74
N GLY BE 235 -11.01 -100.40 42.79
CA GLY BE 235 -11.90 -100.61 43.90
C GLY BE 235 -13.10 -99.67 43.82
N SER BE 236 -14.22 -100.17 43.31
CA SER BE 236 -15.38 -99.32 43.09
C SER BE 236 -16.64 -100.17 43.07
N LYS BE 237 -17.78 -99.51 43.19
CA LYS BE 237 -19.08 -100.16 43.16
C LYS BE 237 -19.81 -99.78 41.88
N ILE BE 238 -20.49 -100.75 41.29
CA ILE BE 238 -21.26 -100.51 40.07
C ILE BE 238 -22.65 -101.09 40.24
N PRO BE 239 -23.71 -100.32 40.00
CA PRO BE 239 -25.07 -100.84 40.22
C PRO BE 239 -25.47 -101.89 39.20
N GLY BE 240 -25.97 -103.01 39.71
CA GLY BE 240 -26.35 -104.14 38.90
C GLY BE 240 -25.21 -105.02 38.48
N TYR BE 241 -23.98 -104.68 38.84
CA TYR BE 241 -22.82 -105.47 38.45
C TYR BE 241 -21.84 -105.69 39.60
N GLY BE 242 -22.03 -105.05 40.74
CA GLY BE 242 -21.32 -105.42 41.96
C GLY BE 242 -19.97 -104.73 42.09
N MET BE 243 -18.91 -105.52 42.00
CA MET BE 243 -17.55 -105.05 42.26
C MET BE 243 -16.70 -105.21 41.01
N VAL BE 244 -15.94 -104.16 40.70
CA VAL BE 244 -14.97 -104.23 39.62
C VAL BE 244 -13.76 -105.01 40.11
N LYS BE 245 -13.38 -106.04 39.35
CA LYS BE 245 -12.27 -106.90 39.74
C LYS BE 245 -10.99 -106.50 39.03
N LEU BE 246 -11.01 -106.49 37.70
CA LEU BE 246 -9.82 -106.24 36.89
C LEU BE 246 -10.06 -105.02 36.01
N ILE BE 247 -9.08 -104.12 35.99
CA ILE BE 247 -9.04 -103.01 35.05
C ILE BE 247 -7.68 -103.04 34.38
N ASP BE 248 -7.69 -103.10 33.05
CA ASP BE 248 -6.46 -103.13 32.27
C ASP BE 248 -6.49 -102.00 31.24
N SER BE 249 -5.43 -101.19 31.23
CA SER BE 249 -5.31 -100.16 30.20
C SER BE 249 -5.06 -100.77 28.83
N LEU BE 250 -4.38 -101.91 28.79
CA LEU BE 250 -4.18 -102.60 27.53
C LEU BE 250 -5.49 -103.25 27.08
N GLN BE 251 -5.81 -103.07 25.80
CA GLN BE 251 -6.85 -103.77 25.05
C GLN BE 251 -8.27 -103.52 25.53
N GLY BE 252 -8.49 -102.59 26.47
CA GLY BE 252 -9.83 -102.20 26.87
C GLY BE 252 -10.66 -103.27 27.53
N ARG BE 253 -10.09 -103.96 28.52
CA ARG BE 253 -10.76 -105.06 29.20
C ARG BE 253 -10.98 -104.69 30.66
N ILE BE 254 -12.23 -104.66 31.08
CA ILE BE 254 -12.59 -104.40 32.48
C ILE BE 254 -13.48 -105.54 32.94
N LEU BE 255 -13.08 -106.19 34.03
CA LEU BE 255 -13.85 -107.29 34.59
C LEU BE 255 -14.65 -106.84 35.80
N THR BE 256 -15.77 -107.52 36.02
CA THR BE 256 -16.70 -107.19 37.09
C THR BE 256 -17.04 -108.44 37.88
N SER BE 257 -17.55 -108.24 39.10
CA SER BE 257 -18.05 -109.37 39.87
C SER BE 257 -19.32 -109.96 39.27
N SER BE 258 -20.00 -109.22 38.39
CA SER BE 258 -21.02 -109.81 37.53
C SER BE 258 -20.43 -110.63 36.40
N GLY BE 259 -19.12 -110.56 36.18
CA GLY BE 259 -18.48 -111.32 35.14
C GLY BE 259 -18.62 -110.73 33.74
N GLN BE 260 -19.18 -109.54 33.62
CA GLN BE 260 -19.41 -108.92 32.32
C GLN BE 260 -18.20 -108.09 31.93
N VAL BE 261 -17.59 -108.44 30.80
CA VAL BE 261 -16.39 -107.76 30.33
C VAL BE 261 -16.82 -106.51 29.58
N ILE BE 262 -16.80 -105.36 30.26
CA ILE BE 262 -17.18 -104.11 29.64
C ILE BE 262 -16.08 -103.68 28.68
N LYS BE 263 -16.46 -103.35 27.46
CA LYS BE 263 -15.50 -103.02 26.41
C LYS BE 263 -16.14 -102.01 25.47
N PHE BE 264 -15.48 -101.77 24.34
CA PHE BE 264 -15.98 -100.84 23.33
C PHE BE 264 -17.04 -101.52 22.46
N SER BE 265 -17.60 -100.76 21.53
CA SER BE 265 -18.54 -101.30 20.57
C SER BE 265 -17.79 -102.11 19.51
N GLN BE 266 -18.56 -102.93 18.78
CA GLN BE 266 -17.98 -103.69 17.67
C GLN BE 266 -17.64 -102.78 16.50
N GLU BE 267 -18.57 -101.92 16.11
CA GLU BE 267 -18.39 -101.10 14.92
C GLU BE 267 -17.95 -99.68 15.22
N ASP BE 268 -18.57 -99.01 16.21
CA ASP BE 268 -18.26 -97.61 16.48
C ASP BE 268 -17.13 -97.51 17.50
N SER BE 269 -15.98 -98.06 17.11
CA SER BE 269 -14.78 -98.06 17.94
C SER BE 269 -13.53 -98.23 17.09
N ALA CE 104 46.56 -106.84 -33.39
CA ALA CE 104 46.06 -106.95 -32.02
C ALA CE 104 45.03 -105.86 -31.74
N GLU CE 105 43.76 -106.20 -31.89
CA GLU CE 105 42.67 -105.27 -31.64
C GLU CE 105 41.64 -105.76 -30.66
N VAL CE 106 41.70 -107.04 -30.26
CA VAL CE 106 40.81 -107.54 -29.21
C VAL CE 106 41.20 -107.01 -27.85
N ILE CE 107 42.43 -106.48 -27.73
CA ILE CE 107 42.85 -105.79 -26.53
C ILE CE 107 41.99 -104.56 -26.29
N ASP CE 108 41.62 -103.87 -27.38
CA ASP CE 108 40.69 -102.74 -27.29
C ASP CE 108 39.32 -103.21 -26.84
N LYS CE 109 38.88 -104.39 -27.31
CA LYS CE 109 37.58 -104.91 -26.91
C LYS CE 109 37.53 -105.25 -25.42
N LYS CE 110 38.57 -105.93 -24.93
CA LYS CE 110 38.58 -106.30 -23.52
C LYS CE 110 38.74 -105.07 -22.62
N ALA CE 111 39.53 -104.08 -23.07
CA ALA CE 111 39.66 -102.85 -22.31
C ALA CE 111 38.36 -102.06 -22.29
N PHE CE 112 37.64 -102.03 -23.41
CA PHE CE 112 36.36 -101.34 -23.46
C PHE CE 112 35.34 -102.00 -22.55
N LYS CE 113 35.30 -103.34 -22.54
CA LYS CE 113 34.28 -103.98 -21.71
C LYS CE 113 34.64 -103.91 -20.23
N ASP CE 114 35.94 -103.95 -19.86
CA ASP CE 114 36.23 -103.76 -18.45
C ASP CE 114 36.05 -102.31 -18.01
N MET CE 115 36.27 -101.36 -18.92
CA MET CE 115 35.96 -99.96 -18.63
C MET CE 115 34.47 -99.76 -18.42
N THR CE 116 33.65 -100.43 -19.24
CA THR CE 116 32.21 -100.39 -19.06
C THR CE 116 31.80 -101.02 -17.73
N ARG CE 117 32.49 -102.10 -17.36
CA ARG CE 117 32.27 -102.74 -16.06
C ARG CE 117 32.60 -101.80 -14.91
N ASN CE 118 33.71 -101.07 -15.04
CA ASN CE 118 34.10 -100.13 -14.01
C ASN CE 118 33.15 -98.96 -13.92
N LEU CE 119 32.69 -98.46 -15.08
CA LEU CE 119 31.80 -97.30 -15.11
C LEU CE 119 30.44 -97.65 -14.51
N TYR CE 120 29.84 -98.75 -14.96
CA TYR CE 120 28.58 -99.23 -14.41
C TYR CE 120 28.81 -100.61 -13.84
N PRO CE 121 29.15 -100.72 -12.56
CA PRO CE 121 29.23 -102.03 -11.91
C PRO CE 121 27.90 -102.59 -11.43
N LEU CE 122 26.79 -102.01 -11.87
CA LEU CE 122 25.46 -102.33 -11.36
C LEU CE 122 24.58 -102.82 -12.49
N ASN CE 123 23.85 -103.90 -12.26
CA ASN CE 123 22.93 -104.37 -13.28
C ASN CE 123 21.66 -103.52 -13.26
N PRO CE 124 21.00 -103.41 -14.41
CA PRO CE 124 19.65 -102.81 -14.43
C PRO CE 124 18.67 -103.53 -13.52
N GLU CE 125 18.71 -104.87 -13.51
CA GLU CE 125 17.86 -105.62 -12.59
C GLU CE 125 18.32 -105.44 -11.15
N GLN CE 126 19.62 -105.21 -10.94
CA GLN CE 126 20.09 -104.87 -9.61
C GLN CE 126 19.53 -103.54 -9.14
N VAL CE 127 19.42 -102.57 -10.05
CA VAL CE 127 18.77 -101.29 -9.74
C VAL CE 127 17.31 -101.51 -9.43
N VAL CE 128 16.67 -102.44 -10.16
CA VAL CE 128 15.27 -102.78 -9.91
C VAL CE 128 15.10 -103.36 -8.51
N LYS CE 129 16.00 -104.25 -8.13
CA LYS CE 129 15.97 -104.84 -6.80
C LYS CE 129 16.22 -103.79 -5.73
N LEU CE 130 17.10 -102.83 -6.02
CA LEU CE 130 17.36 -101.75 -5.08
C LEU CE 130 16.13 -100.87 -4.89
N LYS CE 131 15.43 -100.57 -5.97
CA LYS CE 131 14.20 -99.79 -5.87
C LYS CE 131 13.13 -100.54 -5.11
N GLN CE 132 13.05 -101.86 -5.32
CA GLN CE 132 12.08 -102.70 -4.65
C GLN CE 132 12.34 -102.75 -3.14
N ILE CE 133 13.59 -102.96 -2.74
CA ILE CE 133 13.88 -102.99 -1.32
C ILE CE 133 13.84 -101.59 -0.71
N TYR CE 134 14.02 -100.55 -1.53
CA TYR CE 134 13.87 -99.18 -1.05
C TYR CE 134 12.43 -98.89 -0.69
N GLU CE 135 11.49 -99.20 -1.58
CA GLU CE 135 10.10 -98.94 -1.28
C GLU CE 135 9.59 -99.90 -0.21
N THR CE 136 10.17 -101.09 -0.12
CA THR CE 136 9.85 -102.01 0.97
C THR CE 136 10.30 -101.44 2.31
N SER CE 137 11.50 -100.87 2.36
CA SER CE 137 12.01 -100.27 3.59
C SER CE 137 11.22 -99.03 3.97
N GLU CE 138 10.78 -98.26 2.97
CA GLU CE 138 9.93 -97.11 3.23
C GLU CE 138 8.57 -97.53 3.78
N TYR CE 139 8.02 -98.63 3.26
CA TYR CE 139 6.80 -99.18 3.82
C TYR CE 139 7.03 -99.68 5.24
N ALA CE 140 8.20 -100.26 5.50
CA ALA CE 140 8.54 -100.73 6.84
C ALA CE 140 8.62 -99.57 7.82
N LYS CE 141 9.22 -98.47 7.40
CA LYS CE 141 9.29 -97.28 8.25
C LYS CE 141 7.91 -96.67 8.47
N ALA CE 142 7.10 -96.61 7.42
CA ALA CE 142 5.78 -96.01 7.53
C ALA CE 142 4.79 -96.90 8.26
N ALA CE 143 5.08 -98.18 8.41
CA ALA CE 143 4.16 -99.09 9.06
C ALA CE 143 4.18 -98.85 10.57
N THR CE 144 3.00 -98.63 11.14
CA THR CE 144 2.86 -98.39 12.57
C THR CE 144 2.21 -99.59 13.23
N PRO CE 145 2.85 -100.20 14.23
CA PRO CE 145 2.24 -101.34 14.90
C PRO CE 145 1.02 -100.95 15.72
N GLY CE 146 0.12 -101.89 15.88
CA GLY CE 146 -1.15 -101.60 16.53
C GLY CE 146 -2.20 -101.16 15.54
N THR CE 147 -3.45 -101.44 15.88
CA THR CE 147 -4.57 -101.07 15.01
C THR CE 147 -4.79 -99.57 15.04
N PRO CE 148 -5.04 -98.93 13.90
CA PRO CE 148 -5.39 -97.52 13.91
C PRO CE 148 -6.75 -97.30 14.54
N PRO CE 149 -6.95 -96.18 15.23
CA PRO CE 149 -8.28 -95.87 15.77
C PRO CE 149 -9.24 -95.50 14.66
N LYS CE 150 -10.53 -95.62 14.98
CA LYS CE 150 -11.55 -95.41 13.96
C LYS CE 150 -12.09 -93.99 14.03
N PRO CE 151 -12.05 -93.24 12.93
CA PRO CE 151 -12.66 -91.92 12.92
C PRO CE 151 -14.17 -92.00 12.94
N THR CE 152 -14.78 -91.08 13.67
CA THR CE 152 -16.23 -91.05 13.78
C THR CE 152 -16.68 -89.64 14.11
N ALA CE 153 -17.98 -89.41 13.94
CA ALA CE 153 -18.63 -88.21 14.43
C ALA CE 153 -19.49 -88.58 15.63
N THR CE 154 -19.65 -87.62 16.54
CA THR CE 154 -20.42 -87.86 17.76
C THR CE 154 -21.05 -86.55 18.22
N SER CE 155 -22.10 -86.68 19.03
CA SER CE 155 -22.75 -85.54 19.65
C SER CE 155 -22.96 -85.82 21.13
N GLN CE 156 -22.61 -84.87 21.97
CA GLN CE 156 -22.68 -85.05 23.41
C GLN CE 156 -23.41 -83.89 24.05
N PHE CE 157 -24.25 -84.18 25.03
CA PHE CE 157 -25.07 -83.18 25.71
C PHE CE 157 -24.49 -82.88 27.09
N VAL CE 158 -24.33 -81.60 27.39
CA VAL CE 158 -23.59 -81.14 28.55
C VAL CE 158 -24.54 -80.37 29.46
N ASN CE 159 -24.68 -80.85 30.69
CA ASN CE 159 -25.40 -80.14 31.74
C ASN CE 159 -24.40 -79.63 32.76
N LEU CE 160 -24.68 -78.44 33.29
CA LEU CE 160 -23.76 -77.74 34.20
C LEU CE 160 -24.10 -77.98 35.65
N SER CE 161 -24.64 -79.15 35.98
CA SER CE 161 -24.97 -79.46 37.36
C SER CE 161 -23.70 -79.65 38.17
N PRO CE 162 -23.68 -79.21 39.44
CA PRO CE 162 -22.45 -79.26 40.22
C PRO CE 162 -22.12 -80.62 40.83
N GLY CE 163 -22.73 -81.70 40.36
CA GLY CE 163 -22.34 -83.02 40.80
C GLY CE 163 -21.99 -83.95 39.66
N SER CE 164 -22.15 -83.45 38.44
CA SER CE 164 -22.02 -84.28 37.26
C SER CE 164 -20.55 -84.49 36.89
N THR CE 165 -20.32 -85.25 35.84
CA THR CE 165 -19.00 -85.58 35.33
C THR CE 165 -18.66 -84.66 34.16
N PRO CE 166 -17.48 -84.03 34.17
CA PRO CE 166 -17.06 -83.27 33.00
C PRO CE 166 -16.79 -84.18 31.82
N PRO CE 167 -17.00 -83.70 30.59
CA PRO CE 167 -16.81 -84.56 29.42
C PRO CE 167 -15.34 -84.84 29.12
N VAL CE 168 -15.14 -86.01 28.51
CA VAL CE 168 -13.82 -86.51 28.13
C VAL CE 168 -13.82 -86.77 26.62
N ILE CE 169 -12.73 -86.35 25.96
CA ILE CE 169 -12.58 -86.50 24.51
C ILE CE 169 -11.32 -87.29 24.23
N ARG CE 170 -11.42 -88.30 23.37
CA ARG CE 170 -10.28 -89.13 23.00
C ARG CE 170 -9.66 -88.65 21.68
N LEU CE 171 -8.33 -88.55 21.66
CA LEU CE 171 -7.58 -87.93 20.57
C LEU CE 171 -6.42 -88.81 20.11
N SER CE 172 -5.57 -88.26 19.24
CA SER CE 172 -4.35 -88.91 18.77
C SER CE 172 -3.40 -87.84 18.23
N GLN CE 173 -2.24 -88.28 17.76
CA GLN CE 173 -1.17 -87.36 17.33
C GLN CE 173 -1.29 -87.09 15.84
N GLY CE 174 -1.17 -85.81 15.48
CA GLY CE 174 -1.19 -85.41 14.10
C GLY CE 174 -2.56 -85.27 13.48
N PHE CE 175 -3.63 -85.53 14.21
CA PHE CE 175 -4.98 -85.40 13.71
C PHE CE 175 -5.73 -84.38 14.54
N VAL CE 176 -6.33 -83.41 13.87
CA VAL CE 176 -6.93 -82.25 14.52
C VAL CE 176 -8.42 -82.50 14.69
N SER CE 177 -8.92 -82.27 15.89
CA SER CE 177 -10.35 -82.37 16.18
C SER CE 177 -10.99 -80.99 16.08
N SER CE 178 -12.13 -80.92 15.42
CA SER CE 178 -12.88 -79.68 15.25
C SER CE 178 -14.11 -79.75 16.17
N LEU CE 179 -13.96 -79.25 17.38
CA LEU CE 179 -15.05 -79.29 18.34
C LEU CE 179 -16.04 -78.17 18.04
N VAL CE 180 -17.32 -78.55 17.96
CA VAL CE 180 -18.40 -77.60 17.71
C VAL CE 180 -19.21 -77.46 19.00
N PHE CE 181 -19.57 -76.22 19.34
CA PHE CE 181 -20.29 -75.94 20.57
C PHE CE 181 -21.57 -75.17 20.24
N LEU CE 182 -22.70 -75.64 20.77
CA LEU CE 182 -23.96 -74.95 20.54
C LEU CE 182 -24.91 -75.18 21.70
N ASP CE 183 -25.90 -74.29 21.81
CA ASP CE 183 -26.91 -74.39 22.84
C ASP CE 183 -27.89 -75.52 22.49
N SER CE 184 -28.84 -75.76 23.40
CA SER CE 184 -29.82 -76.83 23.23
C SER CE 184 -30.76 -76.58 22.05
N THR CE 185 -30.91 -75.34 21.63
CA THR CE 185 -31.69 -75.05 20.43
C THR CE 185 -30.96 -75.43 19.15
N GLY CE 186 -29.67 -75.77 19.23
CA GLY CE 186 -28.88 -76.04 18.05
C GLY CE 186 -28.21 -74.83 17.46
N ALA CE 187 -28.50 -73.64 17.98
CA ALA CE 187 -27.86 -72.44 17.48
C ALA CE 187 -26.42 -72.40 17.95
N PRO CE 188 -25.45 -72.20 17.06
CA PRO CE 188 -24.05 -72.14 17.48
C PRO CE 188 -23.74 -70.90 18.31
N TRP CE 189 -23.57 -71.10 19.60
CA TRP CE 189 -23.21 -70.02 20.49
C TRP CE 189 -21.77 -69.62 20.23
N PRO CE 190 -21.47 -68.36 19.90
CA PRO CE 190 -20.08 -67.94 19.74
C PRO CE 190 -19.35 -67.92 21.07
N ILE CE 191 -18.04 -68.04 20.99
CA ILE CE 191 -17.19 -68.24 22.15
C ILE CE 191 -16.54 -66.92 22.52
N ALA CE 192 -16.54 -66.60 23.83
CA ALA CE 192 -15.81 -65.43 24.27
C ALA CE 192 -14.31 -65.71 24.40
N ALA CE 193 -13.94 -66.62 25.29
CA ALA CE 193 -12.52 -66.86 25.55
C ALA CE 193 -12.33 -68.26 26.10
N TYR CE 194 -11.07 -68.63 26.31
CA TYR CE 194 -10.74 -69.96 26.77
C TYR CE 194 -9.40 -69.96 27.50
N ASP CE 195 -9.21 -70.99 28.31
CA ASP CE 195 -7.97 -71.22 29.03
C ASP CE 195 -7.57 -72.68 28.84
N LEU CE 196 -6.43 -72.90 28.20
CA LEU CE 196 -5.97 -74.22 27.80
C LEU CE 196 -4.86 -74.67 28.72
N GLY CE 197 -4.85 -75.97 29.03
CA GLY CE 197 -3.76 -76.56 29.80
C GLY CE 197 -2.78 -77.26 28.88
N ASP CE 198 -1.50 -77.08 29.17
CA ASP CE 198 -0.34 -77.63 28.47
C ASP CE 198 -0.33 -77.35 26.98
N PRO CE 199 -0.02 -76.12 26.55
CA PRO CE 199 0.15 -75.86 25.11
C PRO CE 199 1.32 -76.59 24.49
N SER CE 200 2.27 -77.06 25.29
CA SER CE 200 3.34 -77.91 24.75
C SER CE 200 2.81 -79.24 24.26
N SER CE 201 1.66 -79.68 24.75
CA SER CE 201 1.04 -80.90 24.25
C SER CE 201 0.01 -80.66 23.17
N PHE CE 202 -0.67 -79.51 23.17
CA PHE CE 202 -1.78 -79.30 22.27
C PHE CE 202 -1.74 -77.90 21.67
N ASN CE 203 -2.07 -77.84 20.38
CA ASN CE 203 -2.14 -76.60 19.63
C ASN CE 203 -3.58 -76.26 19.34
N ILE CE 204 -3.93 -74.99 19.54
CA ILE CE 204 -5.30 -74.52 19.47
C ILE CE 204 -5.41 -73.51 18.34
N GLN CE 205 -6.39 -73.69 17.47
CA GLN CE 205 -6.76 -72.69 16.48
C GLN CE 205 -8.19 -72.25 16.73
N TRP CE 206 -8.40 -70.93 16.77
CA TRP CE 206 -9.73 -70.36 16.95
C TRP CE 206 -9.75 -68.99 16.28
N ASP CE 207 -10.49 -68.87 15.20
CA ASP CE 207 -10.82 -67.55 14.70
C ASP CE 207 -11.73 -66.86 15.71
N LYS CE 208 -11.50 -65.56 15.91
CA LYS CE 208 -12.04 -64.87 17.07
C LYS CE 208 -13.55 -64.69 17.03
N THR CE 209 -14.18 -64.92 15.87
CA THR CE 209 -15.62 -64.89 15.76
C THR CE 209 -16.22 -66.29 15.60
N SER CE 210 -15.39 -67.30 15.43
CA SER CE 210 -15.87 -68.66 15.21
C SER CE 210 -16.36 -69.28 16.52
N ASN CE 211 -17.30 -70.21 16.39
CA ASN CE 211 -17.81 -70.96 17.53
C ASN CE 211 -17.18 -72.33 17.66
N THR CE 212 -16.22 -72.66 16.81
CA THR CE 212 -15.60 -73.98 16.79
C THR CE 212 -14.11 -73.87 17.09
N LEU CE 213 -13.55 -74.97 17.59
CA LEU CE 213 -12.15 -75.02 17.96
C LEU CE 213 -11.43 -76.11 17.18
N MET CE 214 -10.16 -75.87 16.88
CA MET CE 214 -9.31 -76.87 16.24
C MET CE 214 -8.22 -77.25 17.22
N ILE CE 215 -8.13 -78.53 17.56
CA ILE CE 215 -7.19 -79.01 18.56
C ILE CE 215 -6.29 -80.05 17.92
N GLN CE 216 -4.98 -79.82 17.98
CA GLN CE 216 -3.97 -80.76 17.49
C GLN CE 216 -3.14 -81.26 18.65
N ALA CE 217 -2.93 -82.56 18.73
CA ALA CE 217 -2.12 -83.13 19.80
C ALA CE 217 -0.71 -83.45 19.27
N THR CE 218 0.28 -83.17 20.12
CA THR CE 218 1.69 -83.35 19.80
C THR CE 218 2.31 -84.49 20.59
N LYS CE 219 2.24 -84.42 21.91
CA LYS CE 219 2.79 -85.45 22.77
C LYS CE 219 1.91 -86.69 22.73
N LEU CE 220 2.48 -87.81 23.18
CA LEU CE 220 1.90 -89.11 22.87
C LEU CE 220 0.76 -89.47 23.81
N TYR CE 221 1.03 -89.61 25.09
CA TYR CE 221 0.03 -90.10 26.05
C TYR CE 221 0.02 -89.24 27.29
N ASN CE 222 -0.08 -87.92 27.11
CA ASN CE 222 -0.26 -86.98 28.20
C ASN CE 222 -1.60 -86.28 28.04
N TYR CE 223 -2.45 -86.40 29.04
CA TYR CE 223 -3.81 -85.87 28.95
C TYR CE 223 -3.86 -84.45 29.50
N GLY CE 224 -4.86 -83.69 29.03
CA GLY CE 224 -4.96 -82.29 29.38
C GLY CE 224 -6.41 -81.87 29.58
N ASN CE 225 -6.58 -80.60 29.91
CA ASN CE 225 -7.90 -80.05 30.19
C ASN CE 225 -7.99 -78.63 29.61
N LEU CE 226 -9.22 -78.15 29.52
CA LEU CE 226 -9.48 -76.88 28.85
C LEU CE 226 -10.79 -76.31 29.35
N ALA CE 227 -10.75 -75.07 29.83
CA ALA CE 227 -11.97 -74.37 30.21
C ALA CE 227 -12.30 -73.32 29.16
N VAL CE 228 -13.58 -72.96 29.09
CA VAL CE 228 -14.06 -72.10 28.02
C VAL CE 228 -15.20 -71.24 28.55
N ARG CE 229 -15.46 -70.13 27.85
CA ARG CE 229 -16.52 -69.19 28.19
C ARG CE 229 -17.10 -68.63 26.90
N LEU CE 230 -18.43 -68.60 26.82
CA LEU CE 230 -19.15 -68.16 25.64
C LEU CE 230 -19.60 -66.71 25.80
N ARG CE 231 -20.42 -66.25 24.85
CA ARG CE 231 -20.73 -64.82 24.74
C ARG CE 231 -21.61 -64.34 25.89
N GLY CE 232 -22.67 -65.06 26.18
CA GLY CE 232 -23.54 -64.66 27.27
C GLY CE 232 -23.29 -65.43 28.55
N LEU CE 233 -22.48 -66.48 28.46
CA LEU CE 233 -22.33 -67.40 29.57
C LEU CE 233 -21.40 -66.82 30.63
N ASN CE 234 -21.84 -66.88 31.87
CA ASN CE 234 -20.99 -66.57 33.01
C ASN CE 234 -20.31 -67.82 33.55
N THR CE 235 -21.04 -68.92 33.62
CA THR CE 235 -20.51 -70.17 34.13
C THR CE 235 -19.52 -70.78 33.14
N PRO CE 236 -18.29 -71.05 33.55
CA PRO CE 236 -17.32 -71.65 32.63
C PRO CE 236 -17.62 -73.11 32.37
N VAL CE 237 -17.20 -73.58 31.19
CA VAL CE 237 -17.40 -74.95 30.77
C VAL CE 237 -16.04 -75.59 30.60
N MET CE 238 -15.77 -76.65 31.36
CA MET CE 238 -14.47 -77.28 31.32
C MET CE 238 -14.59 -78.72 30.83
N LEU CE 239 -13.60 -79.14 30.04
CA LEU CE 239 -13.56 -80.47 29.47
C LEU CE 239 -12.15 -81.01 29.61
N THR CE 240 -12.00 -82.32 29.40
CA THR CE 240 -10.66 -82.89 29.40
C THR CE 240 -10.51 -83.84 28.22
N LEU CE 241 -9.27 -84.03 27.80
CA LEU CE 241 -8.96 -84.84 26.64
C LEU CE 241 -7.78 -85.75 26.92
N ILE CE 242 -7.91 -87.00 26.46
CA ILE CE 242 -6.86 -88.00 26.55
C ILE CE 242 -6.48 -88.38 25.12
N PRO CE 243 -5.21 -88.39 24.75
CA PRO CE 243 -4.84 -88.78 23.40
C PRO CE 243 -4.60 -90.28 23.29
N GLY CE 244 -4.57 -90.75 22.05
CA GLY CE 244 -4.13 -92.10 21.74
C GLY CE 244 -5.01 -93.23 22.21
N GLN CE 245 -6.33 -93.08 22.12
CA GLN CE 245 -7.24 -94.17 22.43
C GLN CE 245 -7.56 -94.94 21.15
N LYS CE 246 -8.57 -95.81 21.21
CA LYS CE 246 -8.88 -96.65 20.07
C LYS CE 246 -9.97 -96.09 19.16
N ALA CE 247 -10.41 -94.86 19.40
CA ALA CE 247 -11.31 -94.19 18.47
C ALA CE 247 -10.92 -92.73 18.40
N VAL CE 248 -10.83 -92.19 17.19
CA VAL CE 248 -10.48 -90.80 16.98
C VAL CE 248 -11.76 -90.02 16.72
N ASP CE 249 -11.92 -88.92 17.43
CA ASP CE 249 -13.11 -88.07 17.35
C ASP CE 249 -12.81 -86.96 16.37
N TYR CE 250 -13.12 -87.20 15.10
CA TYR CE 250 -12.95 -86.18 14.07
C TYR CE 250 -13.90 -85.01 14.28
N ARG CE 251 -15.18 -85.31 14.47
CA ARG CE 251 -16.20 -84.31 14.70
C ARG CE 251 -16.93 -84.64 16.00
N VAL CE 252 -16.93 -83.71 16.94
CA VAL CE 252 -17.78 -83.81 18.12
C VAL CE 252 -18.58 -82.52 18.22
N ASP CE 253 -19.90 -82.67 18.12
CA ASP CE 253 -20.81 -81.59 18.41
C ASP CE 253 -21.19 -81.63 19.88
N LEU CE 254 -21.32 -80.44 20.48
CA LEU CE 254 -21.58 -80.33 21.91
C LEU CE 254 -22.84 -79.53 22.12
N ARG CE 255 -23.94 -80.25 22.36
CA ARG CE 255 -25.15 -79.65 22.84
C ARG CE 255 -24.92 -79.21 24.28
N VAL CE 256 -25.34 -77.99 24.62
CA VAL CE 256 -25.27 -77.48 25.98
C VAL CE 256 -26.68 -77.22 26.46
N GLN CE 257 -26.92 -77.49 27.75
CA GLN CE 257 -28.24 -77.29 28.35
C GLN CE 257 -28.67 -75.83 28.38
N GLY CE 258 -27.73 -74.89 28.28
CA GLY CE 258 -28.07 -73.48 28.27
C GLY CE 258 -28.60 -73.05 26.93
N TYR CE 259 -28.98 -71.77 26.86
CA TYR CE 259 -29.52 -71.17 25.66
C TYR CE 259 -28.67 -69.98 25.25
N GLY CE 260 -28.36 -69.91 23.96
CA GLY CE 260 -27.51 -68.86 23.45
C GLY CE 260 -28.28 -67.62 23.05
N PRO CE 261 -27.55 -66.60 22.58
CA PRO CE 261 -28.23 -65.36 22.16
C PRO CE 261 -29.02 -65.53 20.89
N ASN CE 262 -28.63 -66.46 20.03
CA ASN CE 262 -29.41 -66.76 18.83
C ASN CE 262 -30.60 -67.60 19.26
N ALA CE 263 -31.68 -66.92 19.63
CA ALA CE 263 -32.93 -67.60 19.97
C ALA CE 263 -33.53 -68.14 18.68
N LYS CE 264 -33.36 -69.44 18.47
CA LYS CE 264 -33.75 -70.06 17.21
C LYS CE 264 -35.26 -70.13 17.03
N SER CE 265 -36.02 -70.08 18.13
CA SER CE 265 -37.47 -70.29 18.16
C SER CE 265 -37.86 -71.62 17.52
N MET CE 266 -37.08 -72.65 17.82
CA MET CE 266 -37.43 -74.00 17.38
C MET CE 266 -38.73 -74.54 17.98
N PRO CE 267 -39.05 -74.37 19.30
CA PRO CE 267 -40.38 -74.88 19.67
C PRO CE 267 -41.49 -73.89 19.34
N THR CE 268 -41.75 -73.74 18.04
CA THR CE 268 -42.80 -72.87 17.52
C THR CE 268 -43.62 -73.71 16.54
N GLU CE 269 -44.58 -74.45 17.08
CA GLU CE 269 -45.38 -75.38 16.31
C GLU CE 269 -46.82 -75.27 16.78
N GLU CE 270 -47.65 -76.24 16.42
CA GLU CE 270 -49.03 -76.27 16.88
C GLU CE 270 -49.09 -76.57 18.37
N GLY CE 271 -50.02 -75.89 19.05
CA GLY CE 271 -50.24 -76.14 20.46
C GLY CE 271 -51.69 -76.50 20.70
N ILE CE 272 -52.10 -76.50 21.96
CA ILE CE 272 -53.52 -76.67 22.24
C ILE CE 272 -54.26 -75.41 21.83
N PRO CE 273 -55.31 -75.51 21.03
CA PRO CE 273 -56.09 -74.32 20.68
C PRO CE 273 -56.78 -73.76 21.90
N PRO CE 274 -57.02 -72.45 21.94
CA PRO CE 274 -57.54 -71.83 23.16
C PRO CE 274 -58.98 -72.19 23.43
N SER CE 275 -59.41 -71.94 24.66
CA SER CE 275 -60.79 -72.18 25.05
C SER CE 275 -61.64 -71.00 24.60
N ALA CE 276 -62.89 -70.96 25.07
CA ALA CE 276 -63.73 -69.81 24.80
C ALA CE 276 -63.24 -68.60 25.59
N ASN CE 277 -63.63 -67.42 25.12
CA ASN CE 277 -63.21 -66.19 25.77
C ASN CE 277 -63.84 -66.06 27.14
N ASP CE 278 -63.11 -65.45 28.05
CA ASP CE 278 -63.56 -65.29 29.43
C ASP CE 278 -64.37 -64.03 29.64
N LEU CE 279 -64.71 -63.33 28.57
CA LEU CE 279 -65.69 -62.27 28.68
C LEU CE 279 -67.11 -62.81 28.74
N LEU CE 280 -67.28 -64.07 28.36
CA LEU CE 280 -68.59 -64.66 28.13
C LEU CE 280 -69.40 -64.77 29.40
N LEU CE 281 -68.74 -64.85 30.56
CA LEU CE 281 -69.45 -64.93 31.83
C LEU CE 281 -70.22 -63.65 32.11
N HIS CE 282 -69.54 -62.51 32.01
CA HIS CE 282 -70.21 -61.23 32.20
C HIS CE 282 -71.21 -60.97 31.09
N VAL CE 283 -70.90 -61.44 29.87
CA VAL CE 283 -71.84 -61.29 28.76
C VAL CE 283 -73.12 -62.07 29.04
N LEU CE 284 -73.00 -63.28 29.59
CA LEU CE 284 -74.16 -64.06 29.97
C LEU CE 284 -74.93 -63.38 31.09
N GLU CE 285 -74.22 -62.81 32.04
CA GLU CE 285 -74.94 -62.19 33.15
C GLU CE 285 -75.55 -60.85 32.80
N GLY CE 286 -75.15 -60.25 31.69
CA GLY CE 286 -75.65 -58.94 31.36
C GLY CE 286 -74.73 -57.82 31.79
N VAL CE 287 -73.58 -58.14 32.36
CA VAL CE 287 -72.59 -57.13 32.65
C VAL CE 287 -71.86 -56.81 31.35
N PRO CE 288 -71.93 -55.58 30.87
CA PRO CE 288 -71.13 -55.20 29.71
C PRO CE 288 -69.65 -55.19 30.09
N PRO CE 289 -68.77 -55.50 29.14
CA PRO CE 289 -67.35 -55.48 29.46
C PRO CE 289 -66.86 -54.05 29.61
N PRO CE 290 -65.79 -53.84 30.37
CA PRO CE 290 -65.23 -52.50 30.49
C PRO CE 290 -64.66 -52.00 29.18
N GLY CE 291 -64.78 -50.70 28.96
CA GLY CE 291 -64.32 -50.10 27.73
C GLY CE 291 -65.07 -50.54 26.50
N SER CE 292 -66.40 -50.57 26.56
CA SER CE 292 -67.22 -51.01 25.45
C SER CE 292 -68.42 -50.09 25.29
N ARG CE 293 -68.93 -50.05 24.06
CA ARG CE 293 -70.04 -49.18 23.71
C ARG CE 293 -71.30 -50.00 23.51
N ARG CE 294 -72.42 -49.50 24.03
CA ARG CE 294 -73.68 -50.16 23.84
C ARG CE 294 -74.19 -49.98 22.42
N LEU CE 295 -75.21 -50.74 22.08
CA LEU CE 295 -75.83 -50.71 20.76
C LEU CE 295 -77.34 -50.64 20.90
N VAL CE 296 -77.99 -50.30 19.80
CA VAL CE 296 -79.44 -50.18 19.76
C VAL CE 296 -79.97 -51.39 19.02
N VAL CE 297 -80.69 -52.25 19.73
CA VAL CE 297 -81.26 -53.45 19.16
C VAL CE 297 -82.74 -53.21 18.95
N SER CE 298 -83.25 -53.60 17.79
CA SER CE 298 -84.65 -53.40 17.48
C SER CE 298 -85.29 -54.72 17.05
N GLY CE 299 -86.58 -54.82 17.30
CA GLY CE 299 -87.39 -55.86 16.72
C GLY CE 299 -87.54 -57.13 17.54
N GLY CE 300 -86.71 -57.32 18.56
CA GLY CE 300 -86.81 -58.54 19.32
C GLY CE 300 -86.72 -58.32 20.81
N ASP CE 301 -86.00 -59.21 21.50
CA ASP CE 301 -85.78 -59.09 22.93
C ASP CE 301 -84.37 -59.59 23.22
N ALA CE 302 -83.42 -58.65 23.21
CA ALA CE 302 -82.01 -59.00 23.37
C ALA CE 302 -81.22 -57.74 23.72
N ARG CE 303 -79.98 -57.96 24.13
CA ARG CE 303 -79.04 -56.88 24.34
C ARG CE 303 -77.77 -57.18 23.59
N ALA CE 304 -77.02 -56.13 23.28
CA ALA CE 304 -75.78 -56.30 22.54
C ALA CE 304 -74.78 -55.24 22.96
N TRP CE 305 -73.51 -55.56 22.76
CA TRP CE 305 -72.45 -54.58 22.98
C TRP CE 305 -71.33 -54.77 21.98
N LEU CE 306 -70.55 -53.72 21.80
CA LEU CE 306 -69.38 -53.71 20.93
C LEU CE 306 -68.18 -53.24 21.72
N SER CE 307 -67.10 -54.03 21.70
CA SER CE 307 -65.88 -53.66 22.39
C SER CE 307 -64.68 -53.56 21.46
N ASN CE 308 -64.36 -54.61 20.72
CA ASN CE 308 -63.10 -54.73 20.01
C ASN CE 308 -63.32 -55.21 18.60
N GLU CE 309 -64.24 -54.54 17.90
CA GLU CE 309 -64.93 -54.93 16.66
C GLU CE 309 -65.31 -56.41 16.70
N LYS CE 310 -65.83 -56.83 17.85
CA LYS CE 310 -66.30 -58.18 18.07
C LYS CE 310 -67.53 -58.03 18.94
N MET CE 311 -68.71 -58.21 18.37
CA MET CE 311 -69.90 -57.90 19.13
C MET CE 311 -70.30 -59.07 19.99
N TYR CE 312 -70.92 -58.76 21.12
CA TYR CE 312 -71.41 -59.77 22.04
C TYR CE 312 -72.90 -59.58 22.19
N VAL CE 313 -73.63 -60.70 22.16
CA VAL CE 313 -75.08 -60.68 22.11
C VAL CE 313 -75.61 -61.55 23.23
N ARG CE 314 -76.48 -60.98 24.06
CA ARG CE 314 -77.17 -61.74 25.09
C ARG CE 314 -78.64 -61.78 24.77
N THR CE 315 -79.21 -62.99 24.80
CA THR CE 315 -80.60 -63.16 24.42
C THR CE 315 -81.12 -64.42 25.10
N ASN CE 316 -82.35 -64.79 24.75
CA ASN CE 316 -82.85 -66.14 24.97
C ASN CE 316 -83.48 -66.68 23.70
N LEU CE 317 -83.04 -66.18 22.55
CA LEU CE 317 -83.50 -66.64 21.27
C LEU CE 317 -82.37 -67.41 20.59
N THR CE 318 -82.60 -67.83 19.35
CA THR CE 318 -81.60 -68.60 18.61
C THR CE 318 -81.29 -67.90 17.30
N ILE CE 319 -80.03 -67.92 16.92
CA ILE CE 319 -79.48 -67.02 15.91
C ILE CE 319 -78.91 -67.85 14.77
N LEU CE 320 -79.07 -67.35 13.53
CA LEU CE 320 -78.67 -68.17 12.39
C LEU CE 320 -77.69 -67.51 11.42
N SER CE 321 -77.85 -66.21 11.14
CA SER CE 321 -77.37 -65.69 9.84
C SER CE 321 -75.85 -65.60 9.73
N PRO CE 322 -75.13 -64.76 10.49
CA PRO CE 322 -73.74 -64.49 10.09
C PRO CE 322 -72.74 -65.54 10.53
N GLY CE 323 -73.10 -66.45 11.44
CA GLY CE 323 -72.15 -67.42 11.92
C GLY CE 323 -71.34 -66.84 13.06
N TRP CE 324 -71.35 -67.48 14.22
CA TRP CE 324 -70.74 -66.86 15.37
C TRP CE 324 -69.29 -67.32 15.53
N LEU CE 325 -68.69 -66.94 16.65
CA LEU CE 325 -67.39 -67.43 17.06
C LEU CE 325 -67.41 -68.17 18.38
N ALA CE 326 -68.26 -67.79 19.33
CA ALA CE 326 -68.29 -68.51 20.59
C ALA CE 326 -69.68 -68.48 21.19
N SER CE 327 -69.98 -69.50 22.00
CA SER CE 327 -71.29 -69.68 22.59
C SER CE 327 -71.18 -69.85 24.10
N MET CE 328 -72.24 -69.46 24.80
CA MET CE 328 -72.27 -69.60 26.25
C MET CE 328 -73.73 -69.66 26.72
N THR CE 329 -74.10 -70.77 27.34
CA THR CE 329 -75.50 -71.01 27.69
C THR CE 329 -75.66 -71.08 29.20
N SER CE 330 -76.66 -70.37 29.71
CA SER CE 330 -76.92 -70.37 31.14
C SER CE 330 -77.70 -71.62 31.54
N ALA CE 331 -77.95 -71.74 32.83
CA ALA CE 331 -78.81 -72.82 33.31
C ALA CE 331 -80.28 -72.55 33.08
N ASP CE 332 -80.64 -71.31 32.73
CA ASP CE 332 -82.03 -70.93 32.51
C ASP CE 332 -82.41 -70.89 31.05
N GLY CE 333 -81.57 -71.41 30.16
CA GLY CE 333 -81.88 -71.39 28.76
C GLY CE 333 -81.57 -70.09 28.05
N THR CE 334 -80.96 -69.13 28.73
CA THR CE 334 -80.54 -67.92 28.06
C THR CE 334 -79.20 -68.14 27.36
N HIS CE 335 -79.03 -67.48 26.24
CA HIS CE 335 -77.90 -67.70 25.36
C HIS CE 335 -77.05 -66.44 25.26
N ALA CE 336 -75.76 -66.65 25.01
CA ALA CE 336 -74.82 -65.56 24.80
C ALA CE 336 -73.88 -65.95 23.67
N TYR CE 337 -73.55 -64.98 22.82
CA TYR CE 337 -72.78 -65.25 21.62
C TYR CE 337 -71.70 -64.20 21.43
N GLU CE 338 -70.52 -64.67 21.07
CA GLU CE 338 -69.44 -63.85 20.55
C GLU CE 338 -69.45 -63.98 19.04
N MET CE 339 -69.71 -62.86 18.36
CA MET CE 339 -70.03 -62.89 16.94
C MET CE 339 -69.31 -61.75 16.23
N GLN CE 340 -69.12 -61.94 14.93
CA GLN CE 340 -68.53 -60.94 14.05
C GLN CE 340 -69.50 -59.79 13.81
N LYS CE 341 -68.97 -58.73 13.23
CA LYS CE 341 -69.75 -57.51 13.03
C LYS CE 341 -70.77 -57.68 11.91
N SER CE 342 -72.01 -57.31 12.21
CA SER CE 342 -73.07 -57.27 11.22
C SER CE 342 -74.15 -56.33 11.71
N PRO CE 343 -74.87 -55.65 10.82
CA PRO CE 343 -76.03 -54.88 11.25
C PRO CE 343 -77.33 -55.66 11.24
N VAL CE 344 -77.37 -56.85 10.65
CA VAL CE 344 -78.61 -57.59 10.53
C VAL CE 344 -78.41 -59.01 11.04
N LEU CE 345 -79.48 -59.59 11.57
CA LEU CE 345 -79.48 -60.92 12.13
C LEU CE 345 -80.70 -61.67 11.65
N LEU CE 346 -80.62 -62.99 11.61
CA LEU CE 346 -81.77 -63.83 11.36
C LEU CE 346 -82.00 -64.75 12.53
N VAL CE 347 -83.22 -64.74 13.07
CA VAL CE 347 -83.55 -65.52 14.25
C VAL CE 347 -84.79 -66.35 14.00
N SER CE 348 -84.91 -67.42 14.77
CA SER CE 348 -86.02 -68.36 14.69
C SER CE 348 -86.74 -68.34 16.02
N TRP CE 349 -87.96 -67.80 16.04
CA TRP CE 349 -88.60 -67.52 17.32
C TRP CE 349 -89.38 -68.72 17.84
N HIS CE 350 -90.40 -69.15 17.14
CA HIS CE 350 -91.19 -70.31 17.53
C HIS CE 350 -91.49 -71.16 16.30
N GLY CE 351 -90.45 -71.49 15.55
CA GLY CE 351 -90.58 -72.20 14.31
C GLY CE 351 -90.77 -71.29 13.11
N LYS CE 352 -91.06 -70.02 13.35
CA LYS CE 352 -91.17 -69.01 12.32
C LYS CE 352 -89.99 -68.06 12.49
N VAL CE 353 -89.39 -67.66 11.38
CA VAL CE 353 -88.17 -66.87 11.41
C VAL CE 353 -88.48 -65.43 11.10
N MET CE 354 -87.65 -64.55 11.64
CA MET CE 354 -87.68 -63.13 11.30
C MET CE 354 -86.25 -62.61 11.37
N GLN CE 355 -86.11 -61.31 11.15
CA GLN CE 355 -84.79 -60.70 11.13
C GLN CE 355 -84.75 -59.55 12.13
N LEU CE 356 -83.56 -59.35 12.69
CA LEU CE 356 -83.31 -58.33 13.70
C LEU CE 356 -82.38 -57.28 13.13
N LYS CE 357 -82.78 -56.02 13.26
CA LYS CE 357 -82.00 -54.89 12.78
C LYS CE 357 -81.31 -54.23 13.95
N VAL CE 358 -79.98 -54.13 13.88
CA VAL CE 358 -79.17 -53.49 14.90
C VAL CE 358 -78.53 -52.27 14.27
N GLU CE 359 -78.79 -51.11 14.85
CA GLU CE 359 -78.39 -49.84 14.29
C GLU CE 359 -77.49 -49.12 15.28
N GLY CE 360 -76.30 -48.72 14.82
CA GLY CE 360 -75.36 -48.03 15.67
C GLY CE 360 -73.92 -48.43 15.42
N LEU CE 361 -73.72 -49.58 14.82
CA LEU CE 361 -72.40 -50.03 14.44
C LEU CE 361 -71.95 -49.35 13.15
N VAL DE 38 -84.03 -24.30 55.63
CA VAL DE 38 -85.33 -24.24 54.94
C VAL DE 38 -85.37 -24.90 53.53
N PRO DE 39 -84.43 -24.63 52.59
CA PRO DE 39 -84.53 -25.31 51.30
C PRO DE 39 -84.13 -26.76 51.33
N LYS DE 40 -83.30 -27.18 52.28
CA LYS DE 40 -82.91 -28.57 52.39
C LYS DE 40 -83.10 -29.07 53.81
N LEU DE 41 -82.98 -28.19 54.78
CA LEU DE 41 -83.21 -28.56 56.15
C LEU DE 41 -84.70 -28.58 56.43
N PRO DE 42 -85.27 -29.70 56.88
CA PRO DE 42 -86.69 -29.70 57.25
C PRO DE 42 -86.90 -28.99 58.58
N CYS DE 43 -87.83 -28.03 58.58
CA CYS DE 43 -87.99 -27.17 59.75
C CYS DE 43 -88.61 -27.91 60.92
N ARG DE 44 -89.67 -28.67 60.68
CA ARG DE 44 -90.33 -29.42 61.73
C ARG DE 44 -90.39 -30.88 61.33
N VAL DE 45 -90.88 -31.71 62.24
CA VAL DE 45 -91.08 -33.12 61.94
C VAL DE 45 -92.23 -33.25 60.95
N ASP DE 46 -92.10 -34.20 60.02
CA ASP DE 46 -93.05 -34.30 58.93
C ASP DE 46 -94.38 -34.83 59.41
N GLY DE 47 -95.46 -34.16 58.98
CA GLY DE 47 -96.80 -34.60 59.32
C GLY DE 47 -97.17 -34.50 60.78
N ALA DE 48 -96.86 -33.37 61.42
CA ALA DE 48 -97.30 -33.15 62.79
C ALA DE 48 -97.41 -31.65 63.04
N CYS DE 49 -98.45 -31.27 63.79
CA CYS DE 49 -98.62 -29.90 64.23
C CYS DE 49 -99.20 -29.88 65.63
N ASP DE 50 -98.65 -28.99 66.46
CA ASP DE 50 -99.02 -28.91 67.87
C ASP DE 50 -100.46 -28.48 68.04
N ALA DE 51 -100.94 -27.58 67.18
CA ALA DE 51 -102.32 -27.14 67.25
C ALA DE 51 -103.28 -28.29 66.98
N THR DE 52 -102.94 -29.12 66.00
CA THR DE 52 -103.71 -30.32 65.71
C THR DE 52 -103.69 -31.28 66.90
N ILE DE 53 -102.52 -31.43 67.53
CA ILE DE 53 -102.37 -32.34 68.66
C ILE DE 53 -103.25 -31.90 69.82
N ILE DE 54 -103.20 -30.61 70.14
CA ILE DE 54 -103.95 -30.07 71.27
C ILE DE 54 -105.45 -30.17 71.00
N LYS DE 55 -105.87 -29.80 69.79
CA LYS DE 55 -107.29 -29.83 69.44
C LYS DE 55 -107.84 -31.25 69.47
N MET DE 56 -107.09 -32.21 68.92
CA MET DE 56 -107.62 -33.56 68.91
C MET DE 56 -107.56 -34.19 70.29
N MET DE 57 -106.63 -33.77 71.14
CA MET DE 57 -106.61 -34.27 72.50
C MET DE 57 -107.80 -33.77 73.28
N THR DE 58 -108.15 -32.49 73.09
CA THR DE 58 -109.34 -31.95 73.75
C THR DE 58 -110.60 -32.60 73.20
N ASP DE 59 -110.61 -32.94 71.91
CA ASP DE 59 -111.76 -33.65 71.35
C ASP DE 59 -111.91 -35.04 71.96
N LEU DE 60 -110.80 -35.73 72.18
CA LEU DE 60 -110.85 -37.05 72.81
C LEU DE 60 -111.36 -36.96 74.24
N ASN DE 61 -110.89 -35.95 74.98
CA ASN DE 61 -111.36 -35.76 76.34
C ASN DE 61 -112.84 -35.38 76.38
N LYS DE 62 -113.30 -34.60 75.41
CA LYS DE 62 -114.73 -34.30 75.31
C LYS DE 62 -115.54 -35.54 74.95
N LYS DE 63 -114.97 -36.43 74.14
CA LYS DE 63 -115.62 -37.71 73.87
C LYS DE 63 -115.64 -38.60 75.11
N GLY DE 64 -114.73 -38.39 76.05
CA GLY DE 64 -114.76 -39.12 77.30
C GLY DE 64 -113.80 -40.27 77.36
N ILE DE 65 -113.06 -40.53 76.27
CA ILE DE 65 -111.96 -41.46 76.31
C ILE DE 65 -110.85 -40.87 77.16
N LYS DE 66 -110.35 -41.65 78.12
CA LYS DE 66 -109.41 -41.10 79.07
C LYS DE 66 -108.05 -40.89 78.42
N VAL DE 67 -107.50 -39.69 78.58
CA VAL DE 67 -106.21 -39.32 78.04
C VAL DE 67 -105.40 -38.69 79.17
N ALA DE 68 -104.18 -39.18 79.38
CA ALA DE 68 -103.35 -38.66 80.46
C ALA DE 68 -101.91 -38.53 80.01
N SER DE 69 -101.26 -37.46 80.47
CA SER DE 69 -99.90 -37.13 80.08
C SER DE 69 -99.09 -36.78 81.32
N VAL DE 70 -98.10 -37.60 81.63
CA VAL DE 70 -97.18 -37.33 82.73
C VAL DE 70 -95.76 -37.48 82.20
N GLY DE 71 -94.99 -36.40 82.25
CA GLY DE 71 -93.61 -36.46 81.81
C GLY DE 71 -93.52 -36.64 80.31
N GLN DE 72 -92.71 -37.60 79.88
CA GLN DE 72 -92.66 -38.02 78.48
C GLN DE 72 -93.48 -39.26 78.22
N ASN DE 73 -94.51 -39.50 79.03
CA ASN DE 73 -95.29 -40.72 78.96
C ASN DE 73 -96.75 -40.38 78.75
N TYR DE 74 -97.43 -41.23 77.99
CA TYR DE 74 -98.81 -40.99 77.64
C TYR DE 74 -99.61 -42.27 77.80
N LEU DE 75 -100.79 -42.13 78.40
CA LEU DE 75 -101.69 -43.24 78.66
C LEU DE 75 -103.04 -42.92 78.05
N ILE DE 76 -103.53 -43.83 77.21
CA ILE DE 76 -104.84 -43.68 76.61
C ILE DE 76 -105.68 -44.87 77.03
N SER DE 77 -106.84 -44.59 77.61
CA SER DE 77 -107.73 -45.62 78.12
C SER DE 77 -109.07 -45.52 77.43
N ILE DE 78 -109.54 -46.65 76.92
CA ILE DE 78 -110.78 -46.72 76.15
C ILE DE 78 -111.72 -47.70 76.84
N PRO DE 79 -112.96 -47.30 77.13
CA PRO DE 79 -113.92 -48.23 77.71
C PRO DE 79 -114.32 -49.31 76.73
N ALA DE 80 -114.61 -50.49 77.28
CA ALA DE 80 -114.89 -51.64 76.45
C ALA DE 80 -116.26 -51.57 75.79
N SER DE 81 -117.22 -50.95 76.46
CA SER DE 81 -118.61 -51.03 76.02
C SER DE 81 -118.84 -50.25 74.74
N ALA DE 82 -118.13 -49.14 74.57
CA ALA DE 82 -118.27 -48.36 73.36
C ALA DE 82 -117.45 -48.91 72.22
N LEU DE 83 -116.71 -49.99 72.44
CA LEU DE 83 -115.85 -50.54 71.41
C LEU DE 83 -116.28 -51.92 70.96
N PHE DE 84 -116.38 -52.87 71.88
CA PHE DE 84 -116.56 -54.26 71.51
C PHE DE 84 -118.01 -54.68 71.56
N ALA DE 85 -118.24 -55.94 71.22
CA ALA DE 85 -119.48 -56.56 71.59
C ALA DE 85 -119.40 -57.01 73.04
N ASP DE 86 -120.55 -57.38 73.59
CA ASP DE 86 -120.70 -57.66 75.01
C ASP DE 86 -120.00 -58.96 75.36
N GLN DE 87 -118.86 -58.84 76.06
CA GLN DE 87 -118.03 -59.96 76.52
C GLN DE 87 -117.62 -60.88 75.37
N SER DE 88 -117.30 -60.27 74.23
CA SER DE 88 -117.12 -61.05 73.03
C SER DE 88 -116.27 -60.30 72.03
N PRO DE 89 -115.32 -60.95 71.37
CA PRO DE 89 -114.44 -60.25 70.40
C PRO DE 89 -115.13 -60.06 69.06
N ARG DE 90 -116.03 -59.10 69.02
CA ARG DE 90 -116.66 -58.66 67.79
C ARG DE 90 -116.68 -57.14 67.78
N LEU DE 91 -116.74 -56.57 66.58
CA LEU DE 91 -116.56 -55.14 66.41
C LEU DE 91 -117.81 -54.53 65.80
N ASN DE 92 -118.26 -53.42 66.38
CA ASN DE 92 -119.26 -52.61 65.71
C ASN DE 92 -118.61 -51.87 64.54
N TRP DE 93 -119.43 -51.52 63.56
CA TRP DE 93 -118.90 -50.83 62.40
C TRP DE 93 -118.55 -49.38 62.71
N ALA DE 94 -119.16 -48.81 63.75
CA ALA DE 94 -118.84 -47.44 64.11
C ALA DE 94 -117.49 -47.32 64.81
N SER DE 95 -116.99 -48.41 65.39
CA SER DE 95 -115.75 -48.36 66.16
C SER DE 95 -114.54 -48.13 65.29
N TYR DE 96 -114.62 -48.44 64.00
CA TYR DE 96 -113.50 -48.22 63.09
C TYR DE 96 -113.22 -46.73 62.92
N SER DE 97 -114.24 -45.88 63.05
CA SER DE 97 -114.01 -44.44 63.02
C SER DE 97 -113.16 -43.99 64.20
N LEU DE 98 -113.45 -44.51 65.40
CA LEU DE 98 -112.68 -44.17 66.58
C LEU DE 98 -111.25 -44.67 66.46
N LEU DE 99 -111.09 -45.89 65.93
CA LEU DE 99 -109.76 -46.42 65.70
C LEU DE 99 -109.00 -45.60 64.66
N ASN DE 100 -109.72 -45.10 63.65
CA ASN DE 100 -109.14 -44.24 62.62
C ASN DE 100 -108.58 -42.97 63.22
N GLU DE 101 -109.38 -42.26 64.02
CA GLU DE 101 -108.91 -40.99 64.54
C GLU DE 101 -107.86 -41.19 65.63
N ILE DE 102 -107.93 -42.27 66.39
CA ILE DE 102 -106.90 -42.46 67.41
C ILE DE 102 -105.59 -42.89 66.77
N ALA DE 103 -105.65 -43.55 65.61
CA ALA DE 103 -104.42 -43.86 64.90
C ALA DE 103 -103.85 -42.60 64.27
N ALA DE 104 -104.71 -41.71 63.80
CA ALA DE 104 -104.25 -40.44 63.24
C ALA DE 104 -103.58 -39.57 64.31
N PHE DE 105 -104.13 -39.58 65.52
CA PHE DE 105 -103.45 -38.90 66.62
C PHE DE 105 -102.15 -39.60 66.98
N LEU DE 106 -102.14 -40.93 66.97
CA LEU DE 106 -100.94 -41.64 67.39
C LEU DE 106 -99.82 -41.52 66.37
N LYS DE 107 -100.14 -41.21 65.11
CA LYS DE 107 -99.10 -40.94 64.14
C LYS DE 107 -98.40 -39.60 64.38
N GLN DE 108 -98.95 -38.73 65.23
CA GLN DE 108 -98.38 -37.40 65.39
C GLN DE 108 -97.07 -37.41 66.15
N PHE DE 109 -96.80 -38.45 66.92
CA PHE DE 109 -95.62 -38.48 67.77
C PHE DE 109 -94.63 -39.50 67.25
N ARG DE 110 -93.34 -39.18 67.36
CA ARG DE 110 -92.33 -40.18 67.11
C ARG DE 110 -92.26 -41.12 68.30
N LYS DE 111 -92.38 -42.41 68.02
CA LYS DE 111 -92.53 -43.41 69.07
C LYS DE 111 -91.46 -44.46 68.92
N ILE DE 112 -91.32 -45.29 69.94
CA ILE DE 112 -90.37 -46.38 69.88
C ILE DE 112 -91.07 -47.69 70.23
N ALA DE 113 -91.76 -47.74 71.36
CA ALA DE 113 -92.39 -48.97 71.81
C ALA DE 113 -93.76 -48.67 72.40
N ILE DE 114 -94.74 -49.50 72.07
CA ILE DE 114 -96.10 -49.33 72.55
C ILE DE 114 -96.49 -50.57 73.32
N THR DE 115 -97.29 -50.39 74.36
CA THR DE 115 -97.81 -51.51 75.13
C THR DE 115 -99.33 -51.45 75.12
N VAL DE 116 -99.96 -52.59 74.85
CA VAL DE 116 -101.40 -52.73 74.80
C VAL DE 116 -101.79 -53.73 75.87
N THR DE 117 -102.64 -53.31 76.81
CA THR DE 117 -103.05 -54.17 77.90
C THR DE 117 -104.55 -54.15 78.04
N SER DE 118 -105.14 -55.32 78.20
CA SER DE 118 -106.59 -55.43 78.29
C SER DE 118 -107.04 -55.88 79.67
N TYR DE 119 -108.17 -55.33 80.13
CA TYR DE 119 -108.76 -55.66 81.40
C TYR DE 119 -110.25 -55.95 81.22
N SER DE 120 -110.73 -56.95 81.93
CA SER DE 120 -112.09 -57.43 81.79
C SER DE 120 -112.81 -57.41 83.14
N SER DE 121 -114.01 -57.97 83.15
CA SER DE 121 -114.77 -58.22 84.36
C SER DE 121 -114.72 -59.70 84.72
N LYS DE 122 -114.95 -59.98 85.99
CA LYS DE 122 -115.01 -61.37 86.46
C LYS DE 122 -116.35 -61.95 86.02
N TYR DE 123 -116.31 -62.88 85.06
CA TYR DE 123 -117.53 -63.39 84.47
C TYR DE 123 -117.75 -64.89 84.71
N VAL DE 124 -116.82 -65.74 84.30
CA VAL DE 124 -117.07 -67.19 84.38
C VAL DE 124 -115.91 -67.87 85.09
N SER DE 125 -114.69 -67.61 84.63
CA SER DE 125 -113.55 -68.44 84.97
C SER DE 125 -112.39 -67.49 85.26
N VAL DE 126 -111.18 -68.02 85.18
CA VAL DE 126 -110.01 -67.20 84.99
C VAL DE 126 -109.64 -67.12 83.51
N LYS DE 127 -109.47 -68.27 82.88
CA LYS DE 127 -108.85 -68.34 81.57
C LYS DE 127 -109.77 -67.86 80.47
N ARG DE 128 -111.08 -67.98 80.66
CA ARG DE 128 -112.02 -67.47 79.67
C ARG DE 128 -111.88 -65.96 79.53
N GLU DE 129 -111.85 -65.26 80.66
CA GLU DE 129 -111.66 -63.82 80.66
C GLU DE 129 -110.27 -63.45 80.19
N ARG DE 130 -109.27 -64.26 80.57
CA ARG DE 130 -107.90 -64.01 80.14
C ARG DE 130 -107.76 -64.11 78.62
N ALA DE 131 -108.34 -65.14 78.04
CA ALA DE 131 -108.24 -65.32 76.60
C ALA DE 131 -109.08 -64.28 75.86
N LEU DE 132 -110.19 -63.85 76.45
CA LEU DE 132 -110.95 -62.74 75.86
C LEU DE 132 -110.13 -61.47 75.80
N THR DE 133 -109.41 -61.17 76.90
CA THR DE 133 -108.54 -60.00 76.90
C THR DE 133 -107.45 -60.11 75.86
N LEU DE 134 -106.86 -61.31 75.73
CA LEU DE 134 -105.78 -61.48 74.78
C LEU DE 134 -106.26 -61.35 73.35
N ALA DE 135 -107.46 -61.86 73.06
CA ALA DE 135 -108.02 -61.72 71.72
C ALA DE 135 -108.33 -60.27 71.39
N ARG DE 136 -108.90 -59.53 72.35
CA ARG DE 136 -109.21 -58.12 72.14
C ARG DE 136 -107.94 -57.32 71.87
N SER DE 137 -106.90 -57.60 72.65
CA SER DE 137 -105.61 -56.94 72.46
C SER DE 137 -105.02 -57.28 71.11
N ARG DE 138 -105.16 -58.54 70.67
CA ARG DE 138 -104.64 -58.95 69.38
C ARG DE 138 -105.29 -58.20 68.25
N VAL DE 139 -106.62 -58.03 68.32
CA VAL DE 139 -107.34 -57.37 67.25
C VAL DE 139 -106.97 -55.89 67.16
N VAL DE 140 -106.93 -55.22 68.32
CA VAL DE 140 -106.66 -53.79 68.27
C VAL DE 140 -105.20 -53.53 67.89
N SER DE 141 -104.29 -54.39 68.33
CA SER DE 141 -102.88 -54.26 67.98
C SER DE 141 -102.65 -54.53 66.51
N GLU DE 142 -103.36 -55.51 65.96
CA GLU DE 142 -103.23 -55.84 64.55
C GLU DE 142 -103.68 -54.69 63.68
N TYR DE 143 -104.84 -54.10 64.02
CA TYR DE 143 -105.32 -53.01 63.19
C TYR DE 143 -104.45 -51.78 63.34
N LEU DE 144 -103.89 -51.53 64.52
CA LEU DE 144 -102.99 -50.41 64.67
C LEU DE 144 -101.70 -50.62 63.90
N TRP DE 145 -101.17 -51.84 63.92
CA TRP DE 145 -99.93 -52.14 63.20
C TRP DE 145 -100.15 -52.10 61.70
N SER DE 146 -101.34 -52.46 61.24
CA SER DE 146 -101.67 -52.23 59.85
C SER DE 146 -101.80 -50.75 59.55
N GLN DE 147 -102.23 -49.97 60.53
CA GLN DE 147 -102.26 -48.53 60.31
C GLN DE 147 -100.88 -47.93 60.53
N GLY DE 148 -100.79 -46.62 60.37
CA GLY DE 148 -99.56 -45.96 60.05
C GLY DE 148 -98.61 -45.63 61.18
N VAL DE 149 -98.79 -46.19 62.37
CA VAL DE 149 -97.84 -45.90 63.43
C VAL DE 149 -96.57 -46.70 63.19
N ASP DE 150 -95.45 -46.01 63.20
CA ASP DE 150 -94.16 -46.63 62.89
C ASP DE 150 -93.45 -47.07 64.16
N SER DE 151 -94.15 -47.81 65.02
CA SER DE 151 -93.50 -48.29 66.22
C SER DE 151 -92.53 -49.41 65.89
N ARG DE 152 -91.37 -49.37 66.53
CA ARG DE 152 -90.46 -50.50 66.44
C ARG DE 152 -91.05 -51.71 67.13
N ILE DE 153 -91.79 -51.50 68.22
CA ILE DE 153 -92.26 -52.59 69.05
C ILE DE 153 -93.74 -52.39 69.37
N ILE DE 154 -94.53 -53.43 69.13
CA ILE DE 154 -95.88 -53.54 69.65
C ILE DE 154 -95.90 -54.72 70.60
N PHE DE 155 -96.15 -54.44 71.88
CA PHE DE 155 -96.34 -55.47 72.89
C PHE DE 155 -97.82 -55.58 73.22
N THR DE 156 -98.33 -56.80 73.31
CA THR DE 156 -99.74 -56.99 73.63
C THR DE 156 -99.93 -58.06 74.68
N GLN DE 157 -100.76 -57.74 75.68
CA GLN DE 157 -101.14 -58.68 76.73
C GLN DE 157 -102.43 -58.21 77.40
N GLY DE 158 -103.08 -59.15 78.06
CA GLY DE 158 -104.28 -58.86 78.82
C GLY DE 158 -104.31 -59.71 80.06
N LEU DE 159 -104.92 -59.17 81.12
CA LEU DE 159 -104.81 -59.79 82.42
C LEU DE 159 -106.16 -60.14 83.04
N GLY DE 160 -107.25 -59.97 82.29
CA GLY DE 160 -108.55 -60.32 82.83
C GLY DE 160 -109.08 -59.32 83.83
N SER DE 161 -109.29 -59.75 85.06
CA SER DE 161 -109.88 -58.91 86.09
C SER DE 161 -109.08 -59.02 87.37
N ASP DE 162 -107.76 -58.85 87.26
CA ASP DE 162 -106.91 -58.98 88.43
C ASP DE 162 -106.77 -57.66 89.19
N LYS DE 163 -106.32 -56.62 88.51
CA LYS DE 163 -106.22 -55.31 89.15
C LYS DE 163 -107.34 -54.42 88.65
N PRO DE 164 -108.31 -54.09 89.48
CA PRO DE 164 -109.32 -53.13 89.08
C PRO DE 164 -108.95 -51.72 89.49
N ILE DE 165 -109.74 -50.75 89.08
CA ILE DE 165 -109.51 -49.36 89.46
C ILE DE 165 -110.80 -48.77 90.01
N THR DE 166 -111.75 -49.64 90.31
CA THR DE 166 -113.00 -49.22 90.94
C THR DE 166 -113.54 -50.40 91.72
N SER DE 167 -113.69 -50.23 93.03
CA SER DE 167 -114.25 -51.30 93.85
C SER DE 167 -115.73 -51.48 93.60
N TYR DE 168 -116.42 -50.44 93.13
CA TYR DE 168 -117.83 -50.56 92.75
C TYR DE 168 -117.91 -51.39 91.48
N THR DE 169 -118.24 -52.66 91.63
CA THR DE 169 -118.25 -53.61 90.53
C THR DE 169 -119.65 -54.16 90.28
N LEU DE 170 -120.65 -53.28 90.32
CA LEU DE 170 -122.02 -53.71 90.11
C LEU DE 170 -122.27 -54.10 88.65
N GLY DE 171 -121.82 -53.25 87.73
CA GLY DE 171 -122.09 -53.49 86.33
C GLY DE 171 -121.25 -54.61 85.77
N GLY DE 172 -121.63 -55.03 84.56
CA GLY DE 172 -120.89 -56.05 83.87
C GLY DE 172 -119.89 -55.42 82.94
N ASP DE 173 -120.17 -55.46 81.63
CA ASP DE 173 -119.29 -54.79 80.69
C ASP DE 173 -119.49 -53.29 80.70
N ARG DE 174 -120.58 -52.79 81.27
CA ARG DE 174 -120.76 -51.36 81.37
C ARG DE 174 -119.88 -50.73 82.43
N SER DE 175 -119.45 -51.51 83.42
CA SER DE 175 -118.70 -50.98 84.54
C SER DE 175 -117.30 -50.59 84.08
N PRO DE 176 -116.78 -49.44 84.55
CA PRO DE 176 -115.56 -48.88 83.94
C PRO DE 176 -114.28 -49.63 84.29
N ASN DE 177 -114.32 -50.63 85.17
CA ASN DE 177 -113.12 -51.37 85.49
C ASN DE 177 -112.66 -52.28 84.35
N ALA DE 178 -113.52 -52.55 83.39
CA ALA DE 178 -113.13 -53.33 82.21
C ALA DE 178 -112.92 -52.37 81.06
N ARG DE 179 -111.75 -52.47 80.43
CA ARG DE 179 -111.33 -51.46 79.45
C ARG DE 179 -110.10 -51.98 78.72
N VAL DE 180 -109.52 -51.13 77.88
CA VAL DE 180 -108.23 -51.38 77.29
C VAL DE 180 -107.37 -50.13 77.41
N GLU DE 181 -106.07 -50.35 77.55
CA GLU DE 181 -105.12 -49.26 77.70
C GLU DE 181 -103.99 -49.42 76.70
N ILE DE 182 -103.59 -48.30 76.12
CA ILE DE 182 -102.37 -48.22 75.35
C ILE DE 182 -101.46 -47.20 76.01
N THR DE 183 -100.30 -47.66 76.42
CA THR DE 183 -99.34 -46.84 77.13
C THR DE 183 -98.08 -46.76 76.29
N PHE DE 184 -97.51 -45.56 76.18
CA PHE DE 184 -96.27 -45.44 75.43
C PHE DE 184 -95.49 -44.24 75.90
N ARG DE 185 -94.24 -44.18 75.47
CA ARG DE 185 -93.32 -43.12 75.85
C ARG DE 185 -92.74 -42.46 74.61
N ARG DE 186 -92.94 -41.16 74.49
CA ARG DE 186 -92.26 -40.39 73.47
C ARG DE 186 -90.80 -40.24 73.84
N ALA DE 187 -89.91 -40.51 72.88
CA ALA DE 187 -88.47 -40.46 73.11
C ALA DE 187 -87.87 -39.39 72.22
N VAL DE 188 -87.17 -38.44 72.84
CA VAL DE 188 -86.43 -37.35 72.20
C VAL DE 188 -87.30 -36.53 71.25
N ARG EE 207 -27.12 -90.63 63.60
CA ARG EE 207 -25.71 -90.27 63.57
C ARG EE 207 -25.33 -89.66 62.24
N ILE EE 208 -24.69 -88.49 62.27
CA ILE EE 208 -24.21 -87.83 61.07
C ILE EE 208 -22.75 -88.19 60.86
N ILE EE 209 -22.44 -88.77 59.70
CA ILE EE 209 -21.08 -89.19 59.38
C ILE EE 209 -20.29 -88.00 58.86
N TYR EE 210 -18.98 -88.17 58.73
CA TYR EE 210 -18.12 -87.16 58.15
C TYR EE 210 -17.25 -87.81 57.08
N TYR EE 211 -16.85 -87.00 56.11
CA TYR EE 211 -16.00 -87.45 55.01
C TYR EE 211 -14.78 -86.56 54.92
N ILE EE 212 -13.69 -87.13 54.43
CA ILE EE 212 -12.43 -86.39 54.32
C ILE EE 212 -12.53 -85.43 53.15
N GLN EE 213 -12.28 -84.15 53.43
CA GLN EE 213 -12.21 -83.10 52.43
C GLN EE 213 -10.78 -82.74 52.08
N ALA EE 214 -9.90 -82.74 53.07
CA ALA EE 214 -8.48 -82.49 52.87
C ALA EE 214 -7.70 -83.20 53.95
N VAL EE 215 -6.69 -83.96 53.56
CA VAL EE 215 -5.86 -84.69 54.50
C VAL EE 215 -4.39 -84.36 54.20
N ILE EE 216 -3.68 -83.89 55.21
CA ILE EE 216 -2.24 -83.63 55.12
C ILE EE 216 -1.61 -84.29 56.33
N PRO EE 217 -0.29 -84.47 56.38
CA PRO EE 217 0.34 -84.87 57.65
C PRO EE 217 0.12 -83.81 58.72
N GLY EE 218 -0.34 -84.25 59.88
CA GLY EE 218 -0.72 -83.35 60.95
C GLY EE 218 -2.19 -83.00 60.99
N ARG EE 219 -2.70 -82.32 59.97
CA ARG EE 219 -4.05 -81.78 60.02
C ARG EE 219 -5.00 -82.59 59.14
N ALA EE 220 -6.29 -82.48 59.46
CA ALA EE 220 -7.32 -83.16 58.69
C ALA EE 220 -8.52 -82.24 58.52
N TRP EE 221 -9.27 -82.44 57.44
CA TRP EE 221 -10.48 -81.68 57.16
C TRP EE 221 -11.63 -82.63 56.93
N LEU EE 222 -12.74 -82.40 57.62
CA LEU EE 222 -13.89 -83.29 57.58
C LEU EE 222 -15.14 -82.49 57.29
N ILE EE 223 -16.06 -83.09 56.53
CA ILE EE 223 -17.32 -82.46 56.17
C ILE EE 223 -18.45 -83.44 56.47
N GLY EE 224 -19.44 -82.98 57.23
CA GLY EE 224 -20.61 -83.78 57.52
C GLY EE 224 -21.70 -83.57 56.49
N SER EE 225 -22.83 -84.21 56.72
CA SER EE 225 -23.99 -84.03 55.86
C SER EE 225 -24.82 -82.81 56.25
N ASN EE 226 -24.47 -82.13 57.35
CA ASN EE 226 -25.26 -81.01 57.84
C ASN EE 226 -25.07 -79.74 57.01
N GLY EE 227 -24.00 -79.65 56.24
CA GLY EE 227 -23.70 -78.44 55.50
C GLY EE 227 -22.59 -77.59 56.10
N SER EE 228 -21.95 -78.05 57.17
CA SER EE 228 -20.82 -77.36 57.78
C SER EE 228 -19.66 -78.33 57.93
N THR EE 229 -18.44 -77.78 57.86
CA THR EE 229 -17.22 -78.57 57.89
C THR EE 229 -16.31 -78.06 58.99
N LEU EE 230 -15.31 -78.88 59.31
CA LEU EE 230 -14.38 -78.56 60.39
C LEU EE 230 -13.02 -79.16 60.07
N THR EE 231 -12.02 -78.80 60.89
CA THR EE 231 -10.67 -79.32 60.76
C THR EE 231 -10.19 -79.82 62.12
N VAL EE 232 -9.45 -80.93 62.09
CA VAL EE 232 -9.07 -81.68 63.28
C VAL EE 232 -7.55 -81.81 63.31
N ARG EE 233 -6.98 -81.65 64.51
CA ARG EE 233 -5.59 -81.97 64.78
C ARG EE 233 -5.47 -83.44 65.19
N GLU EE 234 -4.29 -83.84 65.66
CA GLU EE 234 -4.08 -85.25 66.01
C GLU EE 234 -4.80 -85.61 67.30
N GLY EE 235 -4.67 -84.79 68.33
CA GLY EE 235 -5.35 -85.08 69.58
C GLY EE 235 -6.53 -84.17 69.80
N SER EE 236 -7.74 -84.69 69.56
CA SER EE 236 -8.93 -83.87 69.65
C SER EE 236 -10.13 -84.77 69.86
N LYS EE 237 -11.24 -84.15 70.27
CA LYS EE 237 -12.49 -84.86 70.52
C LYS EE 237 -13.55 -84.35 69.56
N ILE EE 238 -14.25 -85.26 68.90
CA ILE EE 238 -15.32 -84.93 67.97
C ILE EE 238 -16.61 -85.49 68.55
N PRO EE 239 -17.66 -84.68 68.66
CA PRO EE 239 -18.95 -85.22 69.16
C PRO EE 239 -19.57 -86.17 68.16
N GLY EE 240 -20.08 -87.28 68.70
CA GLY EE 240 -20.69 -88.31 67.90
C GLY EE 240 -19.74 -89.36 67.39
N TYR EE 241 -18.44 -89.09 67.40
CA TYR EE 241 -17.42 -90.07 67.02
C TYR EE 241 -16.49 -90.40 68.18
N GLY EE 242 -15.98 -89.40 68.87
CA GLY EE 242 -15.13 -89.67 70.02
C GLY EE 242 -13.77 -89.02 69.96
N MET EE 243 -12.73 -89.81 70.20
CA MET EE 243 -11.35 -89.34 70.21
C MET EE 243 -10.62 -89.94 69.01
N VAL EE 244 -9.94 -89.08 68.25
CA VAL EE 244 -9.19 -89.55 67.09
C VAL EE 244 -7.89 -90.19 67.56
N LYS EE 245 -7.66 -91.44 67.15
CA LYS EE 245 -6.49 -92.18 67.60
C LYS EE 245 -5.28 -91.84 66.74
N LEU EE 246 -5.40 -92.02 65.42
CA LEU EE 246 -4.31 -91.75 64.49
C LEU EE 246 -4.84 -91.03 63.26
N ILE EE 247 -3.95 -90.34 62.57
CA ILE EE 247 -4.24 -89.70 61.30
C ILE EE 247 -3.19 -90.14 60.29
N ASP EE 248 -3.63 -90.80 59.23
CA ASP EE 248 -2.75 -91.29 58.18
C ASP EE 248 -2.95 -90.44 56.93
N SER EE 249 -1.84 -89.98 56.35
CA SER EE 249 -1.89 -89.22 55.11
C SER EE 249 -2.34 -90.08 53.95
N LEU EE 250 -1.91 -91.33 53.93
CA LEU EE 250 -2.32 -92.26 52.89
C LEU EE 250 -3.51 -93.09 53.36
N GLN EE 251 -4.11 -93.81 52.40
CA GLN EE 251 -5.20 -94.77 52.54
C GLN EE 251 -6.52 -94.16 52.99
N GLY EE 252 -6.59 -92.85 53.23
CA GLY EE 252 -7.81 -92.16 53.59
C GLY EE 252 -8.46 -92.62 54.88
N ARG EE 253 -7.68 -92.75 55.94
CA ARG EE 253 -8.17 -93.35 57.18
C ARG EE 253 -7.91 -92.40 58.35
N ILE EE 254 -8.96 -92.15 59.13
CA ILE EE 254 -8.83 -91.51 60.44
C ILE EE 254 -9.39 -92.48 61.47
N LEU EE 255 -8.56 -92.86 62.43
CA LEU EE 255 -8.99 -93.77 63.48
C LEU EE 255 -9.77 -93.03 64.55
N THR EE 256 -10.67 -93.75 65.22
CA THR EE 256 -11.51 -93.15 66.25
C THR EE 256 -11.47 -94.02 67.50
N SER EE 257 -11.78 -93.39 68.64
CA SER EE 257 -11.81 -94.11 69.91
C SER EE 257 -12.99 -95.07 69.99
N SER EE 258 -14.05 -94.81 69.23
CA SER EE 258 -15.23 -95.67 69.25
C SER EE 258 -15.18 -96.76 68.19
N GLY EE 259 -14.00 -97.16 67.77
CA GLY EE 259 -13.87 -98.19 66.75
C GLY EE 259 -14.40 -97.76 65.40
N GLN EE 260 -14.11 -96.54 64.98
CA GLN EE 260 -14.60 -96.03 63.73
C GLN EE 260 -13.44 -95.56 62.85
N VAL EE 261 -13.67 -95.63 61.54
CA VAL EE 261 -12.71 -95.19 60.54
C VAL EE 261 -13.39 -94.15 59.68
N ILE EE 262 -12.81 -92.97 59.61
CA ILE EE 262 -13.30 -91.90 58.74
C ILE EE 262 -12.55 -91.97 57.42
N LYS EE 263 -13.30 -91.94 56.32
CA LYS EE 263 -12.82 -92.17 54.98
C LYS EE 263 -13.37 -91.05 54.09
N PHE EE 264 -13.02 -91.09 52.81
CA PHE EE 264 -13.66 -90.27 51.80
C PHE EE 264 -15.02 -90.85 51.46
N SER EE 265 -15.79 -90.12 50.67
CA SER EE 265 -17.02 -90.66 50.11
C SER EE 265 -16.69 -91.73 49.08
N GLN EE 266 -17.64 -92.64 48.89
CA GLN EE 266 -17.46 -93.65 47.84
C GLN EE 266 -17.55 -93.01 46.46
N GLU EE 267 -18.40 -92.00 46.30
CA GLU EE 267 -18.52 -91.28 45.05
C GLU EE 267 -17.75 -89.97 45.06
N ASP EE 268 -16.97 -89.69 46.10
CA ASP EE 268 -15.94 -88.65 46.06
C ASP EE 268 -14.64 -89.33 46.47
N SER EE 269 -13.98 -89.94 45.49
CA SER EE 269 -12.78 -90.72 45.74
C SER EE 269 -11.97 -90.89 44.45
N ILE FE 862 25.13 38.24 -50.22
CA ILE FE 862 24.72 39.02 -49.07
C ILE FE 862 23.95 40.25 -49.53
N ILE FE 863 22.71 40.36 -49.07
CA ILE FE 863 21.88 41.53 -49.31
C ILE FE 863 21.78 42.30 -48.01
N LYS FE 864 22.12 43.58 -48.07
CA LYS FE 864 22.10 44.43 -46.88
C LYS FE 864 20.67 44.65 -46.41
N THR FE 865 20.53 44.91 -45.11
CA THR FE 865 19.23 45.21 -44.53
C THR FE 865 18.73 46.54 -45.07
N GLY FE 866 17.46 46.59 -45.48
CA GLY FE 866 16.78 47.82 -45.82
C GLY FE 866 17.32 48.60 -47.01
N ASP FE 867 17.57 47.94 -48.12
CA ASP FE 867 17.99 48.63 -49.33
C ASP FE 867 16.77 48.81 -50.24
N ILE FE 868 16.96 49.58 -51.31
CA ILE FE 868 15.89 49.97 -52.22
C ILE FE 868 16.22 49.47 -53.62
N MET FE 869 15.31 48.68 -54.19
CA MET FE 869 15.41 48.21 -55.57
C MET FE 869 14.13 48.58 -56.29
N PHE FE 870 14.01 48.17 -57.55
CA PHE FE 870 12.82 48.48 -58.33
C PHE FE 870 12.24 47.21 -58.95
N ALA FE 871 10.93 47.21 -59.09
CA ALA FE 871 10.19 46.07 -59.60
C ALA FE 871 9.01 46.59 -60.43
N VAL FE 872 8.38 45.69 -61.17
CA VAL FE 872 7.26 46.03 -62.05
C VAL FE 872 6.05 45.21 -61.64
N LEU FE 873 4.91 45.88 -61.49
CA LEU FE 873 3.65 45.23 -61.21
C LEU FE 873 2.82 45.14 -62.48
N ASP FE 874 2.35 43.92 -62.78
CA ASP FE 874 1.53 43.72 -63.97
C ASP FE 874 0.19 43.07 -63.66
N THR FE 875 0.17 42.03 -62.83
CA THR FE 875 -1.06 41.29 -62.57
C THR FE 875 -1.90 42.06 -61.56
N SER FE 876 -2.89 42.79 -62.06
CA SER FE 876 -3.66 43.70 -61.22
C SER FE 876 -4.65 42.92 -60.38
N VAL FE 877 -4.88 43.42 -59.17
CA VAL FE 877 -5.78 42.78 -58.22
C VAL FE 877 -6.42 43.88 -57.38
N ASN FE 878 -7.58 43.58 -56.82
CA ASN FE 878 -8.34 44.56 -56.06
C ASN FE 878 -8.24 44.26 -54.57
N SER FE 879 -8.37 45.32 -53.76
CA SER FE 879 -8.34 45.18 -52.31
C SER FE 879 -9.70 44.77 -51.76
N ASP FE 880 -10.26 43.70 -52.28
CA ASP FE 880 -11.44 43.10 -51.70
C ASP FE 880 -11.30 41.60 -51.50
N GLU FE 881 -10.62 40.92 -52.41
CA GLU FE 881 -10.42 39.47 -52.33
C GLU FE 881 -8.93 39.20 -52.47
N PRO FE 882 -8.32 38.46 -51.53
CA PRO FE 882 -6.89 38.13 -51.65
C PRO FE 882 -6.59 37.20 -52.81
N GLY FE 883 -5.37 37.35 -53.34
CA GLY FE 883 -4.87 36.52 -54.40
C GLY FE 883 -3.38 36.68 -54.56
N PRO FE 884 -2.73 35.76 -55.27
CA PRO FE 884 -1.29 35.88 -55.47
C PRO FE 884 -0.93 36.96 -56.48
N ILE FE 885 0.10 37.76 -56.16
CA ILE FE 885 0.62 38.78 -57.06
C ILE FE 885 2.12 38.56 -57.21
N LEU FE 886 2.60 38.59 -58.45
CA LEU FE 886 4.02 38.39 -58.72
C LEU FE 886 4.58 39.59 -59.47
N ALA FE 887 5.72 40.08 -58.99
CA ALA FE 887 6.48 41.16 -59.59
C ALA FE 887 7.85 40.63 -60.02
N THR FE 888 8.62 41.48 -60.71
CA THR FE 888 9.91 41.09 -61.27
C THR FE 888 10.97 42.11 -60.88
N ILE FE 889 11.99 41.65 -60.16
CA ILE FE 889 13.14 42.50 -59.87
C ILE FE 889 13.91 42.75 -61.15
N VAL FE 890 14.16 44.02 -61.45
CA VAL FE 890 14.68 44.41 -62.76
C VAL FE 890 16.10 44.97 -62.70
N THR FE 891 16.50 45.58 -61.59
CA THR FE 891 17.81 46.22 -61.54
C THR FE 891 18.61 45.70 -60.36
N GLY FE 892 19.70 46.38 -60.02
CA GLY FE 892 20.50 45.93 -58.90
C GLY FE 892 21.25 44.67 -59.24
N LYS FE 893 21.50 43.85 -58.22
CA LYS FE 893 22.22 42.61 -58.42
C LYS FE 893 21.37 41.56 -59.13
N LEU FE 894 20.23 41.18 -58.55
CA LEU FE 894 19.40 40.13 -59.11
C LEU FE 894 18.56 40.70 -60.24
N LYS FE 895 18.60 40.03 -61.38
CA LYS FE 895 17.85 40.45 -62.56
C LYS FE 895 16.92 39.31 -62.97
N GLY FE 896 15.69 39.65 -63.30
CA GLY FE 896 14.72 38.66 -63.75
C GLY FE 896 14.14 37.79 -62.64
N SER FE 897 14.44 38.11 -61.39
CA SER FE 897 13.93 37.33 -60.27
C SER FE 897 12.46 37.63 -60.06
N LYS FE 898 11.69 36.62 -59.68
CA LYS FE 898 10.26 36.76 -59.50
C LYS FE 898 9.95 36.87 -58.01
N LEU FE 899 8.80 37.48 -57.71
CA LEU FE 899 8.43 37.77 -56.33
C LEU FE 899 6.94 37.54 -56.17
N ILE FE 900 6.58 36.52 -55.38
CA ILE FE 900 5.20 36.11 -55.13
C ILE FE 900 4.79 36.64 -53.76
N GLY FE 901 3.60 37.23 -53.70
CA GLY FE 901 3.02 37.65 -52.45
C GLY FE 901 1.52 37.92 -52.52
N SER FE 902 1.04 38.76 -51.62
CA SER FE 902 -0.37 39.10 -51.52
C SER FE 902 -0.46 40.55 -51.05
N PHE FE 903 -1.63 40.97 -50.58
CA PHE FE 903 -1.76 42.34 -50.11
C PHE FE 903 -2.31 42.37 -48.69
N ASN FE 904 -2.24 43.55 -48.09
CA ASN FE 904 -2.73 43.77 -46.74
C ASN FE 904 -3.93 44.70 -46.83
N LEU FE 905 -4.63 44.83 -45.71
CA LEU FE 905 -5.74 45.76 -45.68
C LEU FE 905 -5.49 46.89 -44.69
N PRO FE 906 -5.79 48.12 -45.06
CA PRO FE 906 -5.74 49.23 -44.11
C PRO FE 906 -7.09 49.50 -43.46
N SER FE 907 -7.04 50.16 -42.30
CA SER FE 907 -8.25 50.62 -41.66
C SER FE 907 -8.88 51.79 -42.40
N ASN FE 908 -8.06 52.66 -42.99
CA ASN FE 908 -8.51 53.77 -43.80
C ASN FE 908 -7.78 53.75 -45.14
N ALA FE 909 -8.50 54.06 -46.23
CA ALA FE 909 -8.10 53.68 -47.57
C ALA FE 909 -7.13 54.66 -48.23
N ASP FE 910 -6.53 55.56 -47.47
CA ASP FE 910 -5.61 56.55 -48.04
C ASP FE 910 -4.18 56.03 -48.12
N LYS FE 911 -3.91 54.83 -47.62
CA LYS FE 911 -2.59 54.23 -47.75
C LYS FE 911 -2.79 52.75 -48.04
N MET FE 912 -1.82 52.16 -48.74
CA MET FE 912 -1.91 50.78 -49.15
C MET FE 912 -0.51 50.23 -49.38
N VAL FE 913 -0.27 49.01 -48.90
CA VAL FE 913 1.02 48.37 -49.10
C VAL FE 913 0.79 46.94 -49.59
N ILE FE 914 1.83 46.37 -50.21
CA ILE FE 914 1.80 45.06 -50.83
C ILE FE 914 2.75 44.16 -50.05
N THR FE 915 2.25 43.01 -49.61
CA THR FE 915 3.04 42.05 -48.87
C THR FE 915 3.74 41.10 -49.84
N PHE FE 916 5.05 41.24 -49.98
CA PHE FE 916 5.83 40.45 -50.92
C PHE FE 916 6.84 39.63 -50.15
N ASN FE 917 6.75 38.31 -50.26
CA ASN FE 917 7.60 37.47 -49.41
C ASN FE 917 8.40 36.41 -50.16
N THR FE 918 7.82 35.78 -51.18
CA THR FE 918 8.46 34.61 -51.81
C THR FE 918 9.32 35.09 -52.98
N MET FE 919 10.63 35.12 -52.79
CA MET FE 919 11.55 35.61 -53.80
C MET FE 919 12.27 34.43 -54.43
N SER FE 920 12.04 34.22 -55.73
CA SER FE 920 12.69 33.13 -56.46
C SER FE 920 13.63 33.73 -57.49
N ILE FE 921 14.87 33.28 -57.48
CA ILE FE 921 15.94 33.83 -58.30
C ILE FE 921 16.33 32.78 -59.35
N PRO FE 922 16.53 33.16 -60.60
CA PRO FE 922 17.01 32.18 -61.60
C PRO FE 922 18.46 31.77 -61.41
N GLY FE 923 18.96 30.95 -62.32
CA GLY FE 923 20.29 30.37 -62.20
C GLY FE 923 20.25 29.04 -61.50
N ALA FE 924 19.95 29.06 -60.20
CA ALA FE 924 19.81 27.85 -59.40
C ALA FE 924 18.37 27.71 -58.94
N GLU FE 925 17.99 26.47 -58.64
CA GLU FE 925 16.65 26.19 -58.10
C GLU FE 925 16.64 26.60 -56.63
N LYS FE 926 16.39 27.90 -56.41
CA LYS FE 926 16.34 28.47 -55.08
C LYS FE 926 15.05 29.25 -54.93
N THR FE 927 14.58 29.36 -53.69
CA THR FE 927 13.36 30.11 -53.39
C THR FE 927 13.54 30.70 -52.00
N ILE FE 928 13.99 31.95 -51.94
CA ILE FE 928 14.24 32.60 -50.66
C ILE FE 928 12.99 33.35 -50.22
N SER FE 929 12.93 33.71 -48.94
CA SER FE 929 11.68 34.20 -48.36
C SER FE 929 11.84 35.57 -47.71
N ILE FE 930 12.43 36.52 -48.41
CA ILE FE 930 12.53 37.89 -47.90
C ILE FE 930 11.15 38.53 -47.98
N SER FE 931 10.59 38.84 -46.83
CA SER FE 931 9.28 39.45 -46.75
C SER FE 931 9.45 40.96 -46.74
N ALA FE 932 9.06 41.61 -47.83
CA ALA FE 932 9.34 43.02 -48.01
C ALA FE 932 8.11 43.70 -48.59
N TYR FE 933 8.09 45.03 -48.51
CA TYR FE 933 6.95 45.83 -48.89
C TYR FE 933 7.33 46.77 -50.04
N ALA FE 934 6.44 47.70 -50.34
CA ALA FE 934 6.57 48.58 -51.50
C ALA FE 934 6.45 50.05 -51.10
N ILE FE 935 7.17 50.88 -51.83
CA ILE FE 935 7.10 52.34 -51.73
C ILE FE 935 7.02 52.91 -53.14
N ASP FE 936 6.45 54.10 -53.25
CA ASP FE 936 6.28 54.75 -54.55
C ASP FE 936 7.63 55.27 -55.05
N PRO FE 937 8.07 54.86 -56.24
CA PRO FE 937 9.21 55.52 -56.86
C PRO FE 937 8.88 56.97 -57.16
N ASN FE 938 9.89 57.84 -56.95
CA ASN FE 938 9.88 59.29 -57.09
C ASN FE 938 8.92 59.99 -56.14
N THR FE 939 8.25 59.29 -55.22
CA THR FE 939 7.36 59.94 -54.27
C THR FE 939 7.73 59.53 -52.85
N ALA FE 940 8.03 58.23 -52.69
CA ALA FE 940 8.34 57.58 -51.42
C ALA FE 940 7.24 57.84 -50.39
N ARG FE 941 6.00 57.72 -50.86
CA ARG FE 941 4.84 57.80 -50.00
C ARG FE 941 4.04 56.53 -50.16
N THR FE 942 3.39 56.11 -49.09
CA THR FE 942 2.72 54.82 -49.05
C THR FE 942 1.30 54.86 -49.58
N ALA FE 943 0.81 56.01 -50.02
CA ALA FE 943 -0.47 56.07 -50.71
C ALA FE 943 -0.34 55.44 -52.09
N LEU FE 944 -1.42 54.80 -52.54
CA LEU FE 944 -1.41 54.01 -53.77
C LEU FE 944 -2.09 54.77 -54.90
N ALA FE 945 -1.68 54.45 -56.13
CA ALA FE 945 -2.30 54.99 -57.33
C ALA FE 945 -3.69 54.36 -57.46
N SER FE 946 -4.66 55.00 -56.83
CA SER FE 946 -6.05 54.56 -56.84
C SER FE 946 -6.94 55.77 -56.54
N ARG FE 947 -8.24 55.54 -56.59
CA ARG FE 947 -9.22 56.56 -56.22
C ARG FE 947 -9.83 56.24 -54.86
N THR FE 948 -10.35 57.28 -54.21
CA THR FE 948 -10.89 57.13 -52.87
C THR FE 948 -12.37 57.48 -52.76
N ASN FE 949 -12.98 58.03 -53.81
CA ASN FE 949 -14.36 58.53 -53.77
C ASN FE 949 -15.34 57.57 -54.42
N HIS FE 950 -15.16 56.26 -54.23
CA HIS FE 950 -15.99 55.28 -54.92
C HIS FE 950 -17.41 55.22 -54.37
N HIS FE 951 -17.55 55.18 -53.05
CA HIS FE 951 -18.82 54.84 -52.42
C HIS FE 951 -19.14 55.81 -51.31
N TYR FE 952 -19.12 57.10 -51.62
CA TYR FE 952 -19.70 58.12 -50.77
C TYR FE 952 -21.07 58.55 -51.28
N LEU FE 953 -21.10 59.05 -52.52
CA LEU FE 953 -22.27 59.73 -53.04
C LEU FE 953 -23.41 58.78 -53.34
N MET FE 954 -23.10 57.53 -53.71
CA MET FE 954 -24.14 56.55 -54.01
C MET FE 954 -24.98 56.24 -52.78
N ARG FE 955 -24.33 55.89 -51.67
CA ARG FE 955 -25.07 55.57 -50.46
C ARG FE 955 -25.69 56.81 -49.84
N TYR FE 956 -25.02 57.97 -49.96
CA TYR FE 956 -25.62 59.22 -49.47
C TYR FE 956 -26.91 59.55 -50.20
N GLY FE 957 -26.90 59.39 -51.53
CA GLY FE 957 -28.09 59.66 -52.31
C GLY FE 957 -29.21 58.67 -52.04
N SER FE 958 -28.86 57.38 -51.85
CA SER FE 958 -29.89 56.38 -51.55
C SER FE 958 -30.55 56.66 -50.20
N LEU FE 959 -29.73 57.01 -49.20
CA LEU FE 959 -30.25 57.33 -47.87
C LEU FE 959 -31.17 58.55 -47.91
N PHE FE 960 -30.70 59.62 -48.57
CA PHE FE 960 -31.48 60.84 -48.60
C PHE FE 960 -32.75 60.69 -49.42
N ALA FE 961 -32.69 59.89 -50.49
CA ALA FE 961 -33.89 59.64 -51.28
C ALA FE 961 -34.94 58.88 -50.48
N SER FE 962 -34.51 57.83 -49.76
CA SER FE 962 -35.45 57.05 -48.95
C SER FE 962 -36.06 57.89 -47.83
N SER FE 963 -35.24 58.73 -47.19
CA SER FE 963 -35.75 59.60 -46.15
C SER FE 963 -36.73 60.64 -46.68
N PHE FE 964 -36.40 61.27 -47.82
CA PHE FE 964 -37.30 62.25 -48.42
C PHE FE 964 -38.63 61.62 -48.81
N LEU FE 965 -38.59 60.37 -49.24
CA LEU FE 965 -39.82 59.65 -49.58
C LEU FE 965 -40.67 59.42 -48.34
N GLN FE 966 -40.03 58.98 -47.25
CA GLN FE 966 -40.71 58.79 -45.96
C GLN FE 966 -41.42 60.06 -45.53
N GLY FE 967 -40.69 61.18 -45.58
CA GLY FE 967 -41.25 62.45 -45.17
C GLY FE 967 -42.39 62.89 -46.05
N PHE FE 968 -42.29 62.63 -47.36
CA PHE FE 968 -43.31 63.12 -48.27
C PHE FE 968 -44.61 62.41 -48.04
N GLY FE 969 -44.55 61.10 -47.86
CA GLY FE 969 -45.76 60.36 -47.55
C GLY FE 969 -46.40 60.78 -46.24
N ASN FE 970 -45.60 60.83 -45.16
CA ASN FE 970 -46.22 61.09 -43.87
C ASN FE 970 -46.73 62.52 -43.74
N ALA FE 971 -45.94 63.52 -44.15
CA ALA FE 971 -46.36 64.89 -43.93
C ALA FE 971 -47.42 65.32 -44.94
N PHE FE 972 -47.33 64.86 -46.18
CA PHE FE 972 -48.39 65.25 -47.11
C PHE FE 972 -49.67 64.45 -46.89
N GLN FE 973 -49.61 63.32 -46.19
CA GLN FE 973 -50.85 62.74 -45.70
C GLN FE 973 -51.37 63.51 -44.50
N SER FE 974 -50.47 64.03 -43.67
CA SER FE 974 -50.86 64.73 -42.45
C SER FE 974 -51.53 66.06 -42.76
N ALA FE 975 -51.02 66.79 -43.73
CA ALA FE 975 -51.49 68.14 -43.99
C ALA FE 975 -52.73 68.17 -44.89
N ASN FE 976 -53.44 67.07 -45.00
CA ASN FE 976 -54.64 67.05 -45.85
C ASN FE 976 -55.82 67.73 -45.19
N THR FE 977 -55.85 67.76 -43.86
CA THR FE 977 -56.99 68.36 -43.16
C THR FE 977 -56.99 69.88 -43.27
N THR FE 978 -55.83 70.50 -43.10
CA THR FE 978 -55.75 71.95 -43.08
C THR FE 978 -55.51 72.53 -44.48
N SER FE 999 -56.62 62.61 -56.48
CA SER FE 999 -56.31 61.20 -56.36
C SER FE 999 -54.83 60.97 -56.61
N THR FE 1000 -54.32 61.65 -57.65
CA THR FE 1000 -52.94 61.46 -58.09
C THR FE 1000 -51.95 61.95 -57.05
N LEU FE 1001 -52.26 63.07 -56.38
CA LEU FE 1001 -51.41 63.56 -55.31
C LEU FE 1001 -51.39 62.57 -54.15
N GLU FE 1002 -52.55 61.97 -53.85
CA GLU FE 1002 -52.59 60.97 -52.80
C GLU FE 1002 -51.84 59.71 -53.21
N ASN FE 1003 -51.78 59.42 -54.49
CA ASN FE 1003 -50.99 58.28 -54.94
C ASN FE 1003 -49.49 58.58 -54.87
N ALA FE 1004 -49.11 59.85 -55.05
CA ALA FE 1004 -47.73 60.23 -54.80
C ALA FE 1004 -47.36 60.06 -53.33
N VAL FE 1005 -48.28 60.49 -52.45
CA VAL FE 1005 -48.16 60.25 -51.02
C VAL FE 1005 -48.01 58.77 -50.72
N ILE FE 1006 -48.82 57.96 -51.40
CA ILE FE 1006 -48.80 56.50 -51.29
C ILE FE 1006 -47.42 55.94 -51.62
N GLY FE 1007 -46.87 56.39 -52.76
CA GLY FE 1007 -45.69 55.76 -53.30
C GLY FE 1007 -44.50 56.08 -52.44
N LEU FE 1008 -44.31 57.38 -52.15
CA LEU FE 1008 -43.14 57.78 -51.37
C LEU FE 1008 -43.29 57.34 -49.92
N ALA FE 1009 -44.55 57.31 -49.41
CA ALA FE 1009 -44.87 56.87 -48.07
C ALA FE 1009 -44.38 55.48 -47.78
N THR FE 1010 -44.70 54.53 -48.64
CA THR FE 1010 -44.31 53.19 -48.24
C THR FE 1010 -43.04 52.70 -48.91
N VAL FE 1011 -42.56 53.32 -49.98
CA VAL FE 1011 -41.24 52.93 -50.45
C VAL FE 1011 -40.14 53.70 -49.75
N GLY FE 1012 -40.47 54.65 -48.87
CA GLY FE 1012 -39.44 55.25 -48.05
C GLY FE 1012 -38.83 54.28 -47.05
N LYS FE 1013 -39.67 53.48 -46.38
CA LYS FE 1013 -39.23 52.83 -45.16
C LYS FE 1013 -38.34 51.62 -45.43
N ALA FE 1014 -38.74 50.76 -46.36
CA ALA FE 1014 -37.93 49.57 -46.68
C ALA FE 1014 -36.61 49.96 -47.29
N TRP FE 1015 -36.63 50.96 -48.18
CA TRP FE 1015 -35.39 51.48 -48.74
C TRP FE 1015 -34.53 52.14 -47.68
N SER FE 1016 -35.16 52.77 -46.68
CA SER FE 1016 -34.40 53.42 -45.62
C SER FE 1016 -33.67 52.39 -44.76
N GLN FE 1017 -34.35 51.30 -44.41
CA GLN FE 1017 -33.67 50.32 -43.57
C GLN FE 1017 -32.64 49.53 -44.37
N GLN FE 1018 -32.87 49.34 -45.67
CA GLN FE 1018 -31.82 48.73 -46.50
C GLN FE 1018 -30.62 49.63 -46.63
N ALA FE 1019 -30.84 50.95 -46.75
CA ALA FE 1019 -29.73 51.87 -46.83
C ALA FE 1019 -28.96 51.94 -45.52
N GLN FE 1020 -29.67 51.83 -44.39
CA GLN FE 1020 -28.98 51.76 -43.11
C GLN FE 1020 -28.24 50.44 -42.97
N GLN FE 1021 -28.73 49.39 -43.64
CA GLN FE 1021 -27.99 48.13 -43.67
C GLN FE 1021 -26.70 48.26 -44.46
N LEU FE 1022 -26.74 48.86 -45.64
CA LEU FE 1022 -25.60 48.84 -46.54
C LEU FE 1022 -24.74 50.09 -46.46
N PHE FE 1023 -25.06 51.02 -45.57
CA PHE FE 1023 -24.40 52.31 -45.55
C PHE FE 1023 -22.94 52.22 -45.10
N ASN FE 1024 -22.60 51.21 -44.31
CA ASN FE 1024 -21.29 51.11 -43.70
C ASN FE 1024 -20.21 50.53 -44.61
N THR FE 1025 -20.45 50.43 -45.91
CA THR FE 1025 -19.43 49.89 -46.81
C THR FE 1025 -18.31 50.91 -47.02
N PRO FE 1026 -17.06 50.54 -46.78
CA PRO FE 1026 -15.95 51.48 -46.99
C PRO FE 1026 -15.64 51.60 -48.48
N THR FE 1027 -14.90 52.66 -48.81
CA THR FE 1027 -14.46 52.90 -50.18
C THR FE 1027 -13.25 52.03 -50.45
N THR FE 1028 -13.24 51.37 -51.61
CA THR FE 1028 -12.24 50.38 -51.94
C THR FE 1028 -11.10 51.00 -52.75
N VAL FE 1029 -9.93 50.37 -52.70
CA VAL FE 1029 -8.78 50.74 -53.51
C VAL FE 1029 -8.33 49.53 -54.30
N GLU FE 1030 -7.41 49.76 -55.24
CA GLU FE 1030 -7.02 48.74 -56.20
C GLU FE 1030 -5.66 49.07 -56.80
N VAL FE 1031 -4.77 48.08 -56.89
CA VAL FE 1031 -3.50 48.30 -57.55
C VAL FE 1031 -3.70 48.25 -59.07
N TYR FE 1032 -2.71 48.77 -59.79
CA TYR FE 1032 -2.85 48.96 -61.23
C TYR FE 1032 -2.11 47.87 -62.00
N SER FE 1033 -2.46 47.74 -63.28
CA SER FE 1033 -1.96 46.65 -64.12
C SER FE 1033 -0.68 46.98 -64.86
N GLY FE 1034 -0.17 48.20 -64.78
CA GLY FE 1034 1.08 48.51 -65.46
C GLY FE 1034 2.00 49.49 -64.74
N THR FE 1035 1.82 49.63 -63.42
CA THR FE 1035 2.50 50.66 -62.65
C THR FE 1035 3.71 50.07 -61.97
N GLY FE 1036 4.89 50.63 -62.26
CA GLY FE 1036 6.11 50.20 -61.64
C GLY FE 1036 6.18 50.60 -60.19
N LEU FE 1037 7.15 50.04 -59.49
CA LEU FE 1037 7.22 50.22 -58.05
C LEU FE 1037 8.66 50.14 -57.57
N GLY FE 1038 8.88 50.68 -56.38
CA GLY FE 1038 10.13 50.52 -55.67
C GLY FE 1038 9.91 49.71 -54.40
N ILE FE 1039 10.96 49.01 -53.97
CA ILE FE 1039 10.87 48.07 -52.86
C ILE FE 1039 11.94 48.43 -51.84
N LEU FE 1040 11.50 48.63 -50.59
CA LEU FE 1040 12.38 48.63 -49.42
C LEU FE 1040 12.48 47.22 -48.87
N PHE FE 1041 13.66 46.86 -48.40
CA PHE FE 1041 13.87 45.53 -47.84
C PHE FE 1041 13.71 45.54 -46.32
N THR FE 1042 13.57 44.35 -45.74
CA THR FE 1042 13.33 44.22 -44.31
C THR FE 1042 14.42 43.45 -43.58
N GLN FE 1043 14.82 42.28 -44.09
CA GLN FE 1043 15.85 41.47 -43.44
C GLN FE 1043 16.92 41.10 -44.47
N ASP FE 1044 18.04 40.58 -43.96
CA ASP FE 1044 19.14 40.18 -44.83
C ASP FE 1044 18.98 38.72 -45.26
N VAL FE 1045 19.67 38.36 -46.33
CA VAL FE 1045 19.78 36.98 -46.79
C VAL FE 1045 21.26 36.70 -47.09
N THR FE 1046 21.52 35.50 -47.57
CA THR FE 1046 22.88 35.11 -47.95
C THR FE 1046 23.27 35.77 -49.26
N CYS GE 42 -132.77 -51.92 59.13
CA CYS GE 42 -131.98 -51.58 57.96
C CYS GE 42 -131.06 -52.74 57.56
N PHE GE 43 -129.76 -52.49 57.52
CA PHE GE 43 -128.79 -53.48 57.08
C PHE GE 43 -127.56 -53.38 57.96
N HIS GE 44 -126.72 -54.42 57.93
CA HIS GE 44 -125.46 -54.37 58.64
C HIS GE 44 -124.29 -54.60 57.69
N PRO GE 45 -123.31 -53.71 57.69
CA PRO GE 45 -122.13 -53.87 56.80
C PRO GE 45 -121.33 -55.13 57.06
N PRO GE 46 -121.22 -55.63 58.32
CA PRO GE 46 -120.61 -56.98 58.32
C PRO GE 46 -121.62 -58.09 58.08
N TYR GE 47 -121.94 -58.25 56.80
CA TYR GE 47 -122.64 -59.41 56.22
C TYR GE 47 -124.07 -59.54 56.73
N ASN GE 48 -124.63 -58.45 57.26
CA ASN GE 48 -126.04 -58.35 57.67
C ASN GE 48 -126.42 -59.38 58.72
N ASN GE 49 -125.44 -59.79 59.53
CA ASN GE 49 -125.58 -60.79 60.59
C ASN GE 49 -126.12 -62.11 60.08
N PHE GE 50 -125.76 -62.44 58.83
CA PHE GE 50 -126.16 -63.66 58.13
C PHE GE 50 -127.68 -63.80 58.09
N GLN GE 51 -128.35 -62.70 57.78
CA GLN GE 51 -129.80 -62.68 57.66
C GLN GE 51 -130.20 -62.12 56.31
N PRO GE 52 -131.32 -62.58 55.75
CA PRO GE 52 -131.77 -62.07 54.46
C PRO GE 52 -132.20 -60.61 54.54
N ASP GE 53 -132.07 -59.92 53.40
CA ASP GE 53 -132.36 -58.51 53.33
C ASP GE 53 -133.80 -58.29 52.88
N ARG GE 54 -134.45 -57.32 53.50
CA ARG GE 54 -135.73 -56.81 53.04
C ARG GE 54 -135.54 -55.59 52.15
N ARG GE 55 -134.64 -55.71 51.17
CA ARG GE 55 -134.26 -54.55 50.37
C ARG GE 55 -135.37 -54.13 49.42
N ALA GE 56 -136.12 -55.09 48.89
CA ALA GE 56 -137.27 -54.75 48.04
C ALA GE 56 -138.33 -54.02 48.85
N VAL GE 57 -138.52 -54.41 50.10
CA VAL GE 57 -139.48 -53.71 50.95
C VAL GE 57 -138.94 -52.35 51.33
N LYS GE 58 -137.62 -52.18 51.40
CA LYS GE 58 -137.06 -50.85 51.62
C LYS GE 58 -137.25 -49.97 50.40
N ARG GE 59 -137.14 -50.57 49.20
CA ARG GE 59 -137.37 -49.83 47.96
C ARG GE 59 -138.83 -49.39 47.85
N VAL GE 60 -139.77 -50.27 48.19
CA VAL GE 60 -141.17 -49.85 48.11
C VAL GE 60 -141.51 -48.88 49.24
N GLY GE 61 -140.81 -48.95 50.37
CA GLY GE 61 -141.02 -47.97 51.42
C GLY GE 61 -140.54 -46.58 51.03
N VAL GE 62 -139.35 -46.49 50.45
CA VAL GE 62 -138.85 -45.19 50.01
C VAL GE 62 -139.55 -44.71 48.74
N ASP GE 63 -140.19 -45.62 48.00
CA ASP GE 63 -141.04 -45.18 46.90
C ASP GE 63 -142.36 -44.61 47.41
N THR GE 64 -142.97 -45.27 48.39
CA THR GE 64 -144.25 -44.82 48.93
C THR GE 64 -144.12 -43.61 49.84
N GLY GE 65 -142.94 -43.35 50.37
CA GLY GE 65 -142.74 -42.16 51.18
C GLY GE 65 -142.75 -40.88 50.36
N GLY GE 88 -145.15 -44.98 44.88
CA GLY GE 88 -146.26 -45.92 44.72
C GLY GE 88 -145.84 -47.37 44.82
N GLY GE 89 -146.82 -48.22 45.15
CA GLY GE 89 -146.55 -49.64 45.28
C GLY GE 89 -146.18 -50.28 43.96
N THR GE 90 -146.79 -49.81 42.86
CA THR GE 90 -146.52 -50.39 41.55
C THR GE 90 -145.11 -50.06 41.07
N VAL GE 91 -144.71 -48.79 41.19
CA VAL GE 91 -143.38 -48.38 40.76
C VAL GE 91 -142.32 -48.99 41.68
N GLY GE 92 -142.64 -49.11 42.97
CA GLY GE 92 -141.76 -49.82 43.88
C GLY GE 92 -141.61 -51.29 43.53
N LEU GE 93 -142.70 -51.93 43.12
CA LEU GE 93 -142.65 -53.35 42.80
C LEU GE 93 -141.89 -53.60 41.49
N VAL GE 94 -142.07 -52.73 40.50
CA VAL GE 94 -141.32 -52.95 39.26
C VAL GE 94 -139.86 -52.60 39.45
N ALA GE 95 -139.54 -51.66 40.36
CA ALA GE 95 -138.15 -51.44 40.72
C ALA GE 95 -137.59 -52.64 41.46
N SER GE 96 -138.41 -53.28 42.29
CA SER GE 96 -138.00 -54.48 43.00
C SER GE 96 -137.68 -55.62 42.04
N ILE GE 97 -138.54 -55.83 41.04
CA ILE GE 97 -138.25 -56.92 40.10
C ILE GE 97 -137.13 -56.53 39.16
N TYR GE 98 -136.91 -55.25 38.93
CA TYR GE 98 -135.77 -54.83 38.11
C TYR GE 98 -134.46 -55.05 38.85
N ARG GE 99 -134.43 -54.74 40.15
CA ARG GE 99 -133.21 -54.93 40.92
C ARG GE 99 -133.03 -56.36 41.39
N ASP GE 100 -134.07 -57.20 41.30
CA ASP GE 100 -133.92 -58.62 41.55
C ASP GE 100 -133.85 -59.43 40.27
N SER GE 101 -133.90 -58.77 39.12
CA SER GE 101 -133.67 -59.46 37.85
C SER GE 101 -132.25 -59.98 37.78
N LYS GE 102 -132.11 -61.20 37.24
CA LYS GE 102 -130.83 -61.89 37.23
C LYS GE 102 -129.80 -61.20 36.36
N ARG GE 103 -130.26 -60.58 35.26
CA ARG GE 103 -129.36 -59.84 34.38
C ARG GE 103 -128.77 -58.63 35.10
N LYS GE 104 -129.56 -57.98 35.96
CA LYS GE 104 -129.04 -56.89 36.78
C LYS GE 104 -127.97 -57.40 37.74
N ILE GE 105 -128.16 -58.60 38.28
CA ILE GE 105 -127.17 -59.20 39.18
C ILE GE 105 -125.86 -59.47 38.45
N ILE GE 106 -125.96 -60.03 37.24
CA ILE GE 106 -124.75 -60.30 36.47
C ILE GE 106 -124.07 -59.00 36.04
N ARG GE 107 -124.86 -57.96 35.75
CA ARG GE 107 -124.28 -56.68 35.39
C ARG GE 107 -123.58 -56.03 36.58
N ASP GE 108 -124.11 -56.19 37.78
CA ASP GE 108 -123.41 -55.67 38.95
C ASP GE 108 -122.14 -56.46 39.23
N LEU GE 109 -122.18 -57.77 38.97
CA LEU GE 109 -120.96 -58.56 39.08
C LEU GE 109 -119.92 -58.15 38.04
N GLN GE 110 -120.37 -57.73 36.86
CA GLN GE 110 -119.44 -57.20 35.87
C GLN GE 110 -118.98 -55.80 36.22
N LYS GE 111 -119.78 -55.05 36.98
CA LYS GE 111 -119.31 -53.77 37.51
C LYS GE 111 -118.21 -54.01 38.54
N GLN GE 112 -118.34 -55.06 39.33
CA GLN GE 112 -117.21 -55.54 40.10
C GLN GE 112 -116.29 -56.35 39.20
N ASP GE 113 -115.22 -56.88 39.78
CA ASP GE 113 -114.29 -57.70 39.01
C ASP GE 113 -114.60 -59.19 39.23
N ILE GE 114 -115.81 -59.57 38.85
CA ILE GE 114 -116.29 -60.93 39.08
C ILE GE 114 -116.58 -61.56 37.73
N GLN GE 115 -115.93 -62.68 37.44
CA GLN GE 115 -116.01 -63.26 36.11
C GLN GE 115 -117.01 -64.41 36.11
N TYR GE 116 -118.11 -64.25 35.39
CA TYR GE 116 -119.16 -65.25 35.32
C TYR GE 116 -119.21 -65.83 33.93
N VAL GE 117 -119.07 -67.15 33.82
CA VAL GE 117 -119.08 -67.83 32.54
C VAL GE 117 -120.10 -68.95 32.60
N GLU GE 118 -121.05 -68.93 31.67
CA GLU GE 118 -122.07 -69.96 31.53
C GLU GE 118 -121.90 -70.66 30.20
N TYR GE 119 -121.83 -71.98 30.23
CA TYR GE 119 -121.59 -72.75 29.02
C TYR GE 119 -122.24 -74.11 29.18
N GLY GE 120 -123.13 -74.44 28.26
CA GLY GE 120 -123.85 -75.70 28.33
C GLY GE 120 -124.82 -75.72 29.48
N ASP GE 121 -124.50 -76.49 30.51
CA ASP GE 121 -125.25 -76.49 31.75
C ASP GE 121 -124.45 -75.99 32.93
N THR GE 122 -123.16 -76.32 32.98
CA THR GE 122 -122.34 -75.97 34.11
C THR GE 122 -122.04 -74.47 34.11
N ARG GE 123 -122.00 -73.88 35.29
CA ARG GE 123 -121.73 -72.46 35.40
C ARG GE 123 -120.59 -72.22 36.37
N THR GE 124 -119.79 -71.19 36.08
CA THR GE 124 -118.53 -70.96 36.77
C THR GE 124 -118.33 -69.50 37.12
N LEU GE 125 -117.71 -69.29 38.27
CA LEU GE 125 -117.36 -67.98 38.79
C LEU GE 125 -115.87 -67.91 39.09
N ILE GE 126 -115.25 -66.81 38.72
CA ILE GE 126 -113.82 -66.59 38.90
C ILE GE 126 -113.64 -65.30 39.69
N ILE GE 127 -112.88 -65.40 40.78
CA ILE GE 127 -112.70 -64.27 41.69
C ILE GE 127 -111.21 -64.03 41.93
N PRO GE 128 -110.73 -62.80 41.76
CA PRO GE 128 -109.32 -62.51 42.02
C PRO GE 128 -108.99 -62.42 43.49
N THR GE 129 -107.85 -63.01 43.84
CA THR GE 129 -107.51 -63.26 45.24
C THR GE 129 -107.19 -61.98 45.99
N ASP GE 130 -106.37 -61.11 45.41
CA ASP GE 130 -105.95 -59.92 46.13
C ASP GE 130 -107.06 -58.90 46.23
N LYS GE 131 -107.96 -58.89 45.25
CA LYS GE 131 -109.12 -58.01 45.36
C LYS GE 131 -110.13 -58.52 46.36
N TYR GE 132 -110.24 -59.83 46.52
CA TYR GE 132 -111.19 -60.34 47.51
C TYR GE 132 -110.51 -61.23 48.54
N PHE GE 133 -109.41 -60.75 49.10
CA PHE GE 133 -108.69 -61.46 50.14
C PHE GE 133 -107.83 -60.47 50.90
N MET GE 134 -107.23 -60.94 51.97
CA MET GE 134 -106.11 -60.24 52.57
C MET GE 134 -104.82 -60.88 52.08
N PHE GE 135 -103.79 -60.06 51.94
CA PHE GE 135 -102.59 -60.49 51.23
C PHE GE 135 -101.81 -61.53 52.01
N SER GE 136 -101.43 -62.59 51.31
CA SER GE 136 -100.58 -63.67 51.82
C SER GE 136 -101.15 -64.34 53.06
N SER GE 137 -102.47 -64.38 53.16
CA SER GE 137 -103.13 -64.90 54.35
C SER GE 137 -104.51 -65.36 53.97
N PRO GE 138 -105.08 -66.34 54.66
CA PRO GE 138 -106.45 -66.76 54.39
C PRO GE 138 -107.54 -65.85 54.93
N ARG GE 139 -107.21 -64.67 55.44
CA ARG GE 139 -108.24 -63.75 55.90
C ARG GE 139 -109.00 -63.15 54.73
N LEU GE 140 -110.26 -62.81 54.97
CA LEU GE 140 -111.09 -62.20 53.94
C LEU GE 140 -110.84 -60.69 53.87
N ASN GE 141 -111.10 -60.13 52.70
CA ASN GE 141 -111.08 -58.68 52.52
C ASN GE 141 -112.44 -58.13 52.93
N GLU GE 142 -112.48 -57.35 53.99
CA GLU GE 142 -113.76 -56.86 54.45
C GLU GE 142 -114.29 -55.72 53.60
N ILE GE 143 -113.44 -55.11 52.78
CA ILE GE 143 -113.87 -53.88 52.12
C ILE GE 143 -114.78 -54.16 50.93
N CYS GE 144 -114.65 -55.31 50.30
CA CYS GE 144 -115.46 -55.64 49.13
C CYS GE 144 -116.59 -56.61 49.46
N TYR GE 145 -117.23 -56.40 50.61
CA TYR GE 145 -118.40 -57.20 50.95
C TYR GE 145 -119.61 -57.15 50.00
N PRO GE 146 -119.88 -56.09 49.20
CA PRO GE 146 -121.00 -56.21 48.26
C PRO GE 146 -120.82 -57.29 47.22
N GLY GE 147 -119.57 -57.61 46.86
CA GLY GE 147 -119.33 -58.74 45.99
C GLY GE 147 -119.76 -60.06 46.61
N LEU GE 148 -119.48 -60.23 47.90
CA LEU GE 148 -119.89 -61.46 48.58
C LEU GE 148 -121.39 -61.54 48.74
N ASN GE 149 -122.03 -60.40 49.00
CA ASN GE 149 -123.49 -60.37 49.10
C ASN GE 149 -124.14 -60.72 47.76
N ASN GE 150 -123.56 -60.22 46.67
CA ASN GE 150 -124.02 -60.60 45.35
C ASN GE 150 -123.75 -62.07 45.06
N VAL GE 151 -122.66 -62.61 45.60
CA VAL GE 151 -122.35 -64.02 45.42
C VAL GE 151 -123.42 -64.89 46.05
N ILE GE 152 -123.83 -64.54 47.27
CA ILE GE 152 -124.85 -65.34 47.94
C ILE GE 152 -126.20 -65.16 47.27
N ARG GE 153 -126.54 -63.93 46.85
CA ARG GE 153 -127.83 -63.71 46.21
C ARG GE 153 -127.89 -64.34 44.83
N LEU GE 154 -126.76 -64.47 44.14
CA LEU GE 154 -126.76 -65.20 42.88
C LEU GE 154 -126.87 -66.68 43.11
N LEU GE 155 -126.11 -67.22 44.07
CA LEU GE 155 -126.11 -68.65 44.32
C LEU GE 155 -127.38 -69.13 44.99
N ASN GE 156 -128.23 -68.22 45.45
CA ASN GE 156 -129.52 -68.62 46.00
C ASN GE 156 -130.45 -69.25 44.98
N PHE GE 157 -130.23 -69.03 43.68
CA PHE GE 157 -131.18 -69.48 42.68
C PHE GE 157 -131.13 -70.97 42.41
N TYR GE 158 -130.08 -71.67 42.79
CA TYR GE 158 -129.90 -73.08 42.42
C TYR GE 158 -129.71 -73.92 43.68
N PRO GE 159 -130.79 -74.28 44.34
CA PRO GE 159 -130.66 -74.92 45.65
C PRO GE 159 -130.47 -76.43 45.62
N GLN GE 160 -130.10 -77.01 44.48
CA GLN GE 160 -129.89 -78.45 44.43
C GLN GE 160 -128.56 -78.86 43.82
N SER GE 161 -127.82 -77.94 43.23
CA SER GE 161 -126.56 -78.30 42.60
C SER GE 161 -125.45 -78.47 43.62
N THR GE 162 -124.64 -79.51 43.43
CA THR GE 162 -123.42 -79.67 44.20
C THR GE 162 -122.45 -78.55 43.84
N ILE GE 163 -121.58 -78.19 44.77
CA ILE GE 163 -120.70 -77.05 44.61
C ILE GE 163 -119.25 -77.52 44.68
N TYR GE 164 -118.45 -77.13 43.69
CA TYR GE 164 -117.02 -77.33 43.73
C TYR GE 164 -116.34 -75.98 43.84
N VAL GE 165 -115.29 -75.90 44.67
CA VAL GE 165 -114.43 -74.73 44.72
C VAL GE 165 -112.98 -75.18 44.66
N ALA GE 166 -112.16 -74.40 43.97
CA ALA GE 166 -110.75 -74.70 43.84
C ALA GE 166 -109.95 -73.41 43.85
N GLY GE 167 -108.71 -73.53 44.29
CA GLY GE 167 -107.84 -72.37 44.49
C GLY GE 167 -106.61 -72.44 43.60
N PHE GE 168 -106.14 -71.26 43.19
CA PHE GE 168 -105.02 -71.18 42.26
C PHE GE 168 -104.05 -70.09 42.68
N THR GE 169 -102.76 -70.43 42.64
CA THR GE 169 -101.67 -69.54 42.98
C THR GE 169 -100.73 -69.38 41.80
N ASP GE 170 -99.77 -68.48 41.95
CA ASP GE 170 -98.71 -68.28 40.96
C ASP GE 170 -97.60 -69.30 41.18
N ASN GE 171 -96.46 -69.10 40.52
CA ASN GE 171 -95.45 -70.14 40.41
C ASN GE 171 -94.28 -69.96 41.37
N VAL GE 172 -94.31 -68.97 42.24
CA VAL GE 172 -93.14 -68.61 43.02
C VAL GE 172 -93.20 -69.29 44.37
N GLY GE 173 -92.14 -70.01 44.71
CA GLY GE 173 -91.93 -70.53 46.05
C GLY GE 173 -91.88 -72.04 46.08
N SER GE 174 -91.91 -72.58 47.31
CA SER GE 174 -91.93 -74.02 47.51
C SER GE 174 -93.28 -74.62 47.13
N ARG GE 175 -93.21 -75.83 46.59
CA ARG GE 175 -94.41 -76.53 46.15
C ARG GE 175 -95.36 -76.82 47.31
N SER GE 176 -94.80 -77.22 48.46
CA SER GE 176 -95.61 -77.46 49.65
C SER GE 176 -96.29 -76.19 50.12
N HIS GE 177 -95.57 -75.07 50.05
CA HIS GE 177 -96.13 -73.79 50.43
C HIS GE 177 -97.30 -73.41 49.55
N LYS GE 178 -97.13 -73.60 48.24
CA LYS GE 178 -98.21 -73.28 47.29
C LYS GE 178 -99.43 -74.15 47.54
N ARG GE 179 -99.20 -75.44 47.78
CA ARG GE 179 -100.31 -76.37 47.95
C ARG GE 179 -101.11 -76.05 49.20
N LYS GE 180 -100.43 -75.84 50.33
CA LYS GE 180 -101.20 -75.61 51.53
C LYS GE 180 -101.80 -74.21 51.58
N LEU GE 181 -101.19 -73.21 50.93
CA LEU GE 181 -101.80 -71.90 50.89
C LEU GE 181 -103.09 -71.92 50.07
N SER GE 182 -103.06 -72.60 48.92
CA SER GE 182 -104.26 -72.72 48.11
C SER GE 182 -105.34 -73.48 48.86
N GLN GE 183 -104.96 -74.55 49.56
CA GLN GE 183 -105.93 -75.35 50.28
C GLN GE 183 -106.57 -74.56 51.42
N ALA GE 184 -105.78 -73.76 52.13
CA ALA GE 184 -106.31 -72.97 53.23
C ALA GE 184 -107.27 -71.90 52.73
N GLN GE 185 -106.91 -71.22 51.64
CA GLN GE 185 -107.78 -70.17 51.12
C GLN GE 185 -109.09 -70.76 50.59
N ALA GE 186 -109.01 -71.93 49.95
CA ALA GE 186 -110.21 -72.59 49.47
C ALA GE 186 -111.11 -73.01 50.61
N GLU GE 187 -110.51 -73.52 51.70
CA GLU GE 187 -111.31 -73.91 52.84
C GLU GE 187 -111.98 -72.71 53.50
N THR GE 188 -111.31 -71.56 53.47
CA THR GE 188 -111.91 -70.34 54.01
C THR GE 188 -113.13 -69.91 53.20
N MET GE 189 -112.99 -69.92 51.87
CA MET GE 189 -114.12 -69.54 51.03
C MET GE 189 -115.28 -70.50 51.18
N MET GE 190 -114.96 -71.81 51.29
CA MET GE 190 -115.99 -72.81 51.48
C MET GE 190 -116.69 -72.62 52.82
N THR GE 191 -115.94 -72.22 53.84
CA THR GE 191 -116.54 -71.98 55.14
C THR GE 191 -117.50 -70.79 55.10
N PHE GE 192 -117.11 -69.74 54.38
CA PHE GE 192 -118.01 -68.59 54.23
C PHE GE 192 -119.27 -68.98 53.49
N LEU GE 193 -119.16 -69.87 52.51
CA LEU GE 193 -120.36 -70.40 51.86
C LEU GE 193 -121.21 -71.22 52.83
N TRP GE 194 -120.55 -71.99 53.70
CA TRP GE 194 -121.26 -72.85 54.65
C TRP GE 194 -121.98 -72.04 55.70
N ALA GE 195 -121.47 -70.86 56.00
CA ALA GE 195 -122.09 -70.02 57.01
C ALA GE 195 -123.35 -69.32 56.52
N ASN GE 196 -123.61 -69.31 55.22
CA ASN GE 196 -124.70 -68.51 54.70
C ASN GE 196 -125.93 -69.34 54.38
N GLY GE 197 -125.97 -70.60 54.80
CA GLY GE 197 -127.18 -71.38 54.70
C GLY GE 197 -127.09 -72.63 53.85
N ILE GE 198 -126.04 -72.82 53.07
CA ILE GE 198 -125.92 -74.04 52.29
C ILE GE 198 -125.37 -75.14 53.19
N ALA GE 199 -126.08 -76.26 53.26
CA ALA GE 199 -125.75 -77.34 54.18
C ALA GE 199 -124.47 -78.05 53.77
N ALA GE 200 -123.91 -78.80 54.72
CA ALA GE 200 -122.56 -79.31 54.58
C ALA GE 200 -122.44 -80.46 53.59
N LYS GE 201 -123.56 -81.06 53.17
CA LYS GE 201 -123.49 -82.21 52.30
C LYS GE 201 -123.51 -81.84 50.83
N ARG GE 202 -123.08 -80.62 50.47
CA ARG GE 202 -123.05 -80.25 49.07
C ARG GE 202 -121.81 -79.46 48.69
N LEU GE 203 -120.75 -79.52 49.49
CA LEU GE 203 -119.57 -78.71 49.27
C LEU GE 203 -118.35 -79.57 49.06
N LYS GE 204 -117.53 -79.23 48.07
CA LYS GE 204 -116.24 -79.88 47.88
C LYS GE 204 -115.19 -78.80 47.63
N ALA GE 205 -114.16 -78.78 48.48
CA ALA GE 205 -113.14 -77.75 48.45
C ALA GE 205 -111.79 -78.34 48.09
N GLU GE 206 -111.07 -77.65 47.22
CA GLU GE 206 -109.77 -78.12 46.78
C GLU GE 206 -108.91 -76.93 46.35
N GLY GE 207 -107.62 -77.00 46.65
CA GLY GE 207 -106.73 -75.97 46.18
C GLY GE 207 -105.55 -76.53 45.43
N TYR GE 208 -105.44 -76.24 44.14
CA TYR GE 208 -104.29 -76.71 43.38
C TYR GE 208 -103.16 -75.70 43.49
N GLY GE 209 -101.96 -76.15 43.15
CA GLY GE 209 -100.83 -75.25 43.18
C GLY GE 209 -100.74 -74.46 41.89
N ASP GE 210 -99.63 -74.59 41.19
CA ASP GE 210 -99.47 -74.02 39.86
C ASP GE 210 -99.60 -75.09 38.79
N LYS GE 211 -100.51 -76.03 39.02
CA LYS GE 211 -100.59 -77.23 38.19
C LYS GE 211 -101.12 -76.91 36.80
N ASN GE 212 -102.07 -76.00 36.70
CA ASN GE 212 -102.62 -75.64 35.40
C ASN GE 212 -103.11 -74.21 35.46
N ALA GE 213 -102.76 -73.44 34.43
CA ALA GE 213 -103.02 -72.02 34.41
C ALA GE 213 -103.72 -71.65 33.11
N ILE GE 214 -104.52 -70.59 33.19
CA ILE GE 214 -105.12 -70.02 31.98
C ILE GE 214 -104.20 -69.02 31.32
N SER GE 215 -103.07 -68.69 31.94
CA SER GE 215 -102.18 -67.69 31.41
C SER GE 215 -100.76 -68.07 31.78
N ASP GE 216 -99.80 -67.60 30.97
CA ASP GE 216 -98.40 -67.86 31.27
C ASP GE 216 -97.94 -67.02 32.44
N ASN GE 217 -97.19 -67.65 33.35
CA ASN GE 217 -96.73 -66.94 34.54
C ASN GE 217 -95.57 -65.98 34.26
N ALA GE 218 -94.90 -66.12 33.12
CA ALA GE 218 -93.68 -65.37 32.88
C ALA GE 218 -93.92 -63.93 32.45
N ILE GE 219 -95.17 -63.53 32.24
CA ILE GE 219 -95.50 -62.14 31.94
C ILE GE 219 -96.26 -61.61 33.15
N ILE GE 220 -96.03 -60.33 33.47
CA ILE GE 220 -96.42 -59.78 34.76
C ILE GE 220 -97.94 -59.72 34.90
N HIS GE 221 -98.61 -59.20 33.88
CA HIS GE 221 -100.06 -59.08 33.98
C HIS GE 221 -100.73 -60.44 33.88
N GLY GE 222 -100.14 -61.38 33.14
CA GLY GE 222 -100.67 -62.73 33.11
C GLY GE 222 -100.51 -63.43 34.44
N SER GE 223 -99.39 -63.21 35.13
CA SER GE 223 -99.20 -63.78 36.45
C SER GE 223 -100.15 -63.17 37.45
N ALA GE 224 -100.49 -61.89 37.27
CA ALA GE 224 -101.54 -61.30 38.07
C ALA GE 224 -102.88 -61.96 37.79
N GLN GE 225 -103.15 -62.27 36.52
CA GLN GE 225 -104.40 -62.93 36.14
C GLN GE 225 -104.46 -64.37 36.60
N ASN GE 226 -103.31 -64.98 36.86
CA ASN GE 226 -103.26 -66.40 37.13
C ASN GE 226 -103.85 -66.74 38.50
N ARG GE 227 -103.46 -66.02 39.54
CA ARG GE 227 -103.84 -66.37 40.90
C ARG GE 227 -105.30 -66.03 41.14
N ARG GE 228 -106.10 -67.01 41.56
CA ARG GE 228 -107.54 -66.83 41.49
C ARG GE 228 -108.25 -67.87 42.35
N ILE GE 229 -109.57 -67.74 42.42
CA ILE GE 229 -110.46 -68.71 43.04
C ILE GE 229 -111.53 -69.08 42.03
N GLU GE 230 -111.69 -70.37 41.76
CA GLU GE 230 -112.65 -70.89 40.81
C GLU GE 230 -113.78 -71.59 41.54
N ILE GE 231 -115.02 -71.35 41.10
CA ILE GE 231 -116.21 -71.98 41.65
C ILE GE 231 -117.01 -72.56 40.50
N GLN GE 232 -117.39 -73.83 40.62
CA GLN GE 232 -118.18 -74.50 39.59
C GLN GE 232 -119.44 -75.08 40.23
N TRP GE 233 -120.55 -75.05 39.49
CA TRP GE 233 -121.68 -75.88 39.89
C TRP GE 233 -122.49 -76.33 38.68
N PHE GE 234 -123.07 -77.51 38.84
CA PHE GE 234 -123.81 -78.25 37.82
C PHE GE 234 -125.26 -77.82 37.84
N THR GE 235 -126.14 -78.61 37.21
CA THR GE 235 -127.58 -78.42 37.34
C THR GE 235 -128.26 -79.64 37.96
N SER GE 236 -128.09 -80.82 37.39
CA SER GE 236 -128.80 -82.00 37.86
C SER GE 236 -127.93 -83.25 37.86
N LEU HE 113 -130.45 -114.00 73.53
CA LEU HE 113 -131.70 -113.27 73.28
C LEU HE 113 -131.61 -112.42 72.01
N ASN HE 114 -132.75 -111.85 71.60
CA ASN HE 114 -132.82 -111.06 70.38
C ASN HE 114 -133.48 -109.71 70.62
N ARG HE 115 -134.31 -109.64 71.66
CA ARG HE 115 -134.99 -108.39 71.98
C ARG HE 115 -135.31 -108.35 73.46
N PHE HE 116 -135.08 -107.19 74.07
CA PHE HE 116 -135.51 -106.95 75.45
C PHE HE 116 -136.29 -105.65 75.50
N ARG HE 117 -137.45 -105.69 76.13
CA ARG HE 117 -138.27 -104.51 76.36
C ARG HE 117 -138.67 -104.52 77.83
N TYR HE 118 -138.08 -103.64 78.63
CA TYR HE 118 -138.40 -103.57 80.04
C TYR HE 118 -139.36 -102.43 80.32
N GLU HE 119 -140.43 -102.75 81.06
CA GLU HE 119 -141.28 -101.78 81.71
C GLU HE 119 -141.57 -102.32 83.11
N GLY HE 120 -141.80 -101.41 84.05
CA GLY HE 120 -142.34 -101.86 85.33
C GLY HE 120 -141.63 -101.50 86.61
N ALA HE 121 -140.76 -100.49 86.57
CA ALA HE 121 -140.19 -99.81 87.74
C ALA HE 121 -139.40 -100.76 88.64
N GLY HE 122 -138.26 -101.20 88.13
CA GLY HE 122 -137.42 -102.06 88.93
C GLY HE 122 -135.97 -102.09 88.51
N VAL HE 123 -135.30 -103.19 88.82
CA VAL HE 123 -133.89 -103.40 88.53
C VAL HE 123 -133.76 -104.64 87.67
N VAL HE 124 -133.03 -104.52 86.57
CA VAL HE 124 -132.70 -105.64 85.69
C VAL HE 124 -131.18 -105.73 85.58
N THR HE 125 -130.64 -106.91 85.85
CA THR HE 125 -129.20 -107.13 85.80
C THR HE 125 -128.92 -108.36 84.95
N GLY HE 126 -128.02 -108.22 83.99
CA GLY HE 126 -127.60 -109.32 83.15
C GLY HE 126 -126.10 -109.38 83.03
N ASN HE 127 -125.52 -110.55 83.30
CA ASN HE 127 -124.08 -110.73 83.25
C ASN HE 127 -123.74 -111.82 82.26
N ASN HE 128 -122.61 -111.64 81.57
CA ASN HE 128 -122.04 -112.59 80.62
C ASN HE 128 -123.01 -112.89 79.47
N LEU HE 129 -123.29 -111.85 78.69
CA LEU HE 129 -124.20 -111.92 77.55
C LEU HE 129 -123.41 -111.81 76.26
N ARG HE 130 -123.61 -112.78 75.37
CA ARG HE 130 -122.92 -112.82 74.08
C ARG HE 130 -123.95 -113.07 72.99
N THR HE 131 -123.95 -112.22 71.96
CA THR HE 131 -124.94 -112.31 70.90
C THR HE 131 -124.38 -111.64 69.65
N SER HE 132 -125.22 -111.48 68.64
CA SER HE 132 -124.89 -110.72 67.44
C SER HE 132 -125.64 -109.39 67.41
N TYR HE 133 -126.97 -109.42 67.50
CA TYR HE 133 -127.75 -108.19 67.58
C TYR HE 133 -128.99 -108.46 68.44
N LEU HE 134 -129.27 -107.54 69.35
CA LEU HE 134 -130.55 -107.50 70.04
C LEU HE 134 -131.05 -106.06 70.10
N ASP HE 135 -132.37 -105.92 70.07
CA ASP HE 135 -133.02 -104.61 70.15
C ASP HE 135 -133.43 -104.32 71.58
N LEU HE 136 -133.09 -103.12 72.07
CA LEU HE 136 -133.36 -102.76 73.45
C LEU HE 136 -134.40 -101.65 73.53
N TYR HE 137 -135.37 -101.84 74.41
CA TYR HE 137 -136.35 -100.81 74.75
C TYR HE 137 -136.45 -100.75 76.27
N LEU HE 138 -136.36 -99.55 76.82
CA LEU HE 138 -136.39 -99.35 78.25
C LEU HE 138 -137.40 -98.28 78.61
N ALA HE 139 -138.18 -98.53 79.65
CA ALA HE 139 -139.16 -97.56 80.10
C ALA HE 139 -139.31 -97.69 81.62
N ASN HE 140 -139.72 -96.57 82.22
CA ASN HE 140 -140.23 -96.49 83.60
C ASN HE 140 -139.20 -96.98 84.61
N GLU HE 141 -138.12 -96.20 84.75
CA GLU HE 141 -137.20 -96.27 85.89
C GLU HE 141 -136.50 -97.61 86.03
N GLY HE 142 -136.26 -98.29 84.91
CA GLY HE 142 -135.60 -99.58 84.98
C GLY HE 142 -134.11 -99.45 85.07
N THR HE 143 -133.56 -99.62 86.27
CA THR HE 143 -132.11 -99.55 86.46
C THR HE 143 -131.50 -100.85 85.96
N THR HE 144 -130.73 -100.77 84.89
CA THR HE 144 -130.23 -101.95 84.20
C THR HE 144 -128.71 -101.96 84.23
N ARG HE 145 -128.15 -103.11 84.59
CA ARG HE 145 -126.71 -103.32 84.57
C ARG HE 145 -126.40 -104.51 83.67
N LEU HE 146 -125.33 -104.40 82.89
CA LEU HE 146 -124.90 -105.46 81.99
C LEU HE 146 -123.40 -105.69 82.16
N ALA HE 147 -123.00 -106.96 82.04
CA ALA HE 147 -121.61 -107.36 82.23
C ALA HE 147 -121.17 -108.31 81.13
N GLY HE 148 -121.42 -107.95 79.88
CA GLY HE 148 -121.04 -108.79 78.77
C GLY HE 148 -120.63 -107.99 77.56
N ASN HE 149 -119.96 -108.68 76.64
CA ASN HE 149 -119.59 -108.13 75.33
C ASN HE 149 -120.76 -108.36 74.40
N ILE HE 150 -121.60 -107.34 74.27
CA ILE HE 150 -122.93 -107.48 73.69
C ILE HE 150 -122.99 -106.66 72.41
N GLY HE 151 -123.46 -107.30 71.33
CA GLY HE 151 -123.68 -106.60 70.07
C GLY HE 151 -125.11 -106.13 69.97
N LEU HE 152 -125.28 -104.84 69.64
CA LEU HE 152 -126.61 -104.27 69.48
C LEU HE 152 -126.53 -103.08 68.54
N GLN HE 153 -127.63 -102.84 67.85
CA GLN HE 153 -127.72 -101.75 66.88
C GLN HE 153 -128.81 -100.75 67.21
N LYS HE 154 -129.87 -101.16 67.90
CA LYS HE 154 -130.98 -100.27 68.21
C LYS HE 154 -131.26 -100.29 69.70
N LEU HE 155 -131.12 -99.12 70.32
CA LEU HE 155 -131.49 -98.92 71.72
C LEU HE 155 -132.43 -97.73 71.81
N GLU HE 156 -133.47 -97.89 72.62
CA GLU HE 156 -134.43 -96.82 72.88
C GLU HE 156 -134.76 -96.82 74.36
N ALA HE 157 -134.72 -95.64 74.96
CA ALA HE 157 -135.10 -95.48 76.36
C ALA HE 157 -136.05 -94.29 76.46
N VAL HE 158 -137.05 -94.41 77.32
CA VAL HE 158 -138.01 -93.33 77.48
C VAL HE 158 -137.39 -92.19 78.26
N GLY HE 159 -137.01 -92.45 79.50
CA GLY HE 159 -136.42 -91.42 80.35
C GLY HE 159 -136.58 -91.79 81.81
N ASN HE 160 -135.96 -90.95 82.65
CA ASN HE 160 -135.96 -91.09 84.11
C ASN HE 160 -135.41 -92.44 84.56
N GLY HE 161 -134.32 -92.86 83.93
CA GLY HE 161 -133.67 -94.11 84.29
C GLY HE 161 -132.17 -94.00 84.17
N VAL HE 162 -131.48 -94.78 85.00
CA VAL HE 162 -130.03 -94.80 85.04
C VAL HE 162 -129.55 -96.12 84.44
N THR HE 163 -128.61 -96.04 83.50
CA THR HE 163 -128.18 -97.22 82.77
C THR HE 163 -126.67 -97.21 82.57
N GLN HE 164 -126.03 -98.34 82.89
CA GLN HE 164 -124.62 -98.56 82.64
C GLN HE 164 -124.48 -99.83 81.83
N ILE HE 165 -123.86 -99.73 80.65
CA ILE HE 165 -123.58 -100.88 79.81
C ILE HE 165 -122.09 -100.97 79.60
N ASN HE 166 -121.52 -102.14 79.86
CA ASN HE 166 -120.08 -102.35 79.92
C ASN HE 166 -119.66 -103.28 78.80
N GLY HE 167 -119.24 -102.72 77.68
CA GLY HE 167 -118.67 -103.50 76.59
C GLY HE 167 -119.67 -103.75 75.48
N VAL HE 168 -119.60 -102.95 74.42
CA VAL HE 168 -120.48 -103.11 73.26
C VAL HE 168 -119.63 -103.01 72.00
N SER HE 169 -119.77 -103.99 71.13
CA SER HE 169 -119.15 -103.96 69.82
C SER HE 169 -120.26 -104.04 68.78
N SER HE 170 -120.25 -103.13 67.81
CA SER HE 170 -121.27 -103.14 66.78
C SER HE 170 -120.75 -102.48 65.51
N ARG HE 171 -121.38 -102.82 64.40
CA ARG HE 171 -121.09 -102.24 63.10
C ARG HE 171 -121.95 -101.03 62.80
N ASN HE 172 -122.98 -100.76 63.60
CA ASN HE 172 -123.87 -99.63 63.41
C ASN HE 172 -124.58 -99.37 64.73
N LEU HE 173 -125.03 -98.13 64.89
CA LEU HE 173 -125.86 -97.72 66.02
C LEU HE 173 -126.67 -96.51 65.59
N GLN HE 174 -127.92 -96.46 66.02
CA GLN HE 174 -128.75 -95.27 65.81
C GLN HE 174 -129.70 -95.16 66.99
N ILE HE 175 -129.45 -94.18 67.85
CA ILE HE 175 -130.10 -94.06 69.16
C ILE HE 175 -130.87 -92.75 69.18
N VAL HE 176 -132.06 -92.78 69.75
CA VAL HE 176 -132.78 -91.55 70.08
C VAL HE 176 -133.44 -91.75 71.44
N LEU HE 177 -133.74 -90.63 72.10
CA LEU HE 177 -134.34 -90.67 73.42
C LEU HE 177 -135.14 -89.39 73.63
N LYS HE 178 -136.01 -89.42 74.62
CA LYS HE 178 -136.94 -88.30 74.79
C LYS HE 178 -136.95 -87.71 76.18
N GLY HE 179 -136.85 -88.53 77.22
CA GLY HE 179 -136.94 -88.01 78.56
C GLY HE 179 -135.60 -87.61 79.12
N ASP HE 180 -135.39 -87.87 80.41
CA ASP HE 180 -134.19 -87.44 81.11
C ASP HE 180 -133.52 -88.66 81.70
N PRO HE 181 -132.72 -89.38 80.92
CA PRO HE 181 -131.98 -90.51 81.48
C PRO HE 181 -130.58 -90.14 81.91
N LYS HE 182 -129.86 -91.11 82.47
CA LYS HE 182 -128.44 -90.99 82.79
C LYS HE 182 -127.83 -92.31 82.37
N VAL HE 183 -127.36 -92.36 81.12
CA VAL HE 183 -126.85 -93.60 80.55
C VAL HE 183 -125.38 -93.42 80.23
N LEU HE 184 -124.67 -94.55 80.22
CA LEU HE 184 -123.28 -94.55 79.80
C LEU HE 184 -122.94 -95.95 79.27
N ILE HE 185 -122.22 -95.98 78.16
CA ILE HE 185 -121.86 -97.21 77.47
C ILE HE 185 -120.37 -97.23 77.26
N SER HE 186 -119.77 -98.40 77.46
CA SER HE 186 -118.37 -98.64 77.12
C SER HE 186 -118.28 -99.61 75.96
N GLY HE 187 -117.19 -99.52 75.20
CA GLY HE 187 -116.96 -100.45 74.11
C GLY HE 187 -116.50 -99.84 72.80
N PHE HE 188 -117.04 -100.35 71.70
CA PHE HE 188 -116.66 -99.93 70.36
C PHE HE 188 -117.91 -99.63 69.55
N VAL HE 189 -118.02 -98.40 69.09
CA VAL HE 189 -119.25 -97.90 68.49
C VAL HE 189 -118.96 -97.38 67.10
N ASN HE 190 -119.71 -97.88 66.11
CA ASN HE 190 -119.79 -97.27 64.79
C ASN HE 190 -121.04 -96.39 64.79
N LEU HE 191 -120.88 -95.18 65.30
CA LEU HE 191 -122.00 -94.26 65.40
C LEU HE 191 -122.40 -93.76 64.02
N ARG HE 192 -123.69 -93.50 63.85
CA ARG HE 192 -124.22 -92.99 62.60
C ARG HE 192 -124.77 -91.58 62.75
N GLN HE 193 -125.73 -91.37 63.64
CA GLN HE 193 -126.39 -90.08 63.77
C GLN HE 193 -127.06 -90.02 65.13
N LEU HE 194 -127.09 -88.83 65.73
CA LEU HE 194 -127.73 -88.70 67.03
C LEU HE 194 -128.51 -87.39 67.11
N ASP HE 195 -129.73 -87.49 67.64
CA ASP HE 195 -130.59 -86.34 67.86
C ASP HE 195 -131.06 -86.35 69.31
N MET HE 196 -131.34 -85.16 69.83
CA MET HE 196 -131.87 -85.04 71.18
C MET HE 196 -132.76 -83.81 71.29
N TYR HE 197 -133.93 -84.00 71.89
CA TYR HE 197 -134.92 -82.95 72.01
C TYR HE 197 -135.37 -82.68 73.45
N GLY HE 198 -134.95 -83.48 74.41
CA GLY HE 198 -135.45 -83.34 75.77
C GLY HE 198 -134.45 -82.79 76.76
N LYS HE 199 -134.15 -83.59 77.77
CA LYS HE 199 -133.29 -83.23 78.90
C LYS HE 199 -132.28 -84.35 79.16
N GLY HE 200 -131.57 -84.75 78.11
CA GLY HE 200 -130.76 -85.96 78.15
C GLY HE 200 -129.30 -85.75 78.48
N THR HE 201 -128.74 -86.73 79.19
CA THR HE 201 -127.33 -86.77 79.57
C THR HE 201 -126.73 -88.08 79.05
N LEU HE 202 -125.51 -87.98 78.52
CA LEU HE 202 -124.93 -89.13 77.86
C LEU HE 202 -123.42 -88.98 77.77
N SER HE 203 -122.73 -90.11 77.82
CA SER HE 203 -121.28 -90.15 77.68
C SER HE 203 -120.89 -91.48 77.05
N LEU HE 204 -119.94 -91.43 76.13
CA LEU HE 204 -119.51 -92.62 75.41
C LEU HE 204 -118.01 -92.81 75.52
N TYR HE 205 -117.59 -94.08 75.54
CA TYR HE 205 -116.19 -94.39 75.79
C TYR HE 205 -115.35 -94.26 74.52
N TRP HE 206 -115.64 -95.09 73.53
CA TRP HE 206 -114.91 -95.05 72.27
C TRP HE 206 -115.90 -95.11 71.13
N ILE HE 207 -115.76 -94.21 70.17
CA ILE HE 207 -116.59 -94.18 68.98
C ILE HE 207 -115.68 -94.27 67.76
N LYS HE 208 -115.93 -95.27 66.92
CA LYS HE 208 -115.09 -95.57 65.76
C LYS HE 208 -115.97 -95.40 64.54
N SER HE 209 -116.03 -94.17 64.04
CA SER HE 209 -116.99 -93.84 63.00
C SER HE 209 -116.39 -92.79 62.08
N ASP HE 210 -116.96 -92.70 60.88
CA ASP HE 210 -116.52 -91.77 59.86
C ASP HE 210 -117.34 -90.48 59.86
N THR HE 211 -118.66 -90.59 59.81
CA THR HE 211 -119.55 -89.46 59.67
C THR HE 211 -120.40 -89.34 60.93
N LEU HE 212 -120.43 -88.14 61.52
CA LEU HE 212 -121.26 -87.88 62.68
C LEU HE 212 -122.13 -86.67 62.44
N THR HE 213 -123.39 -86.77 62.84
CA THR HE 213 -124.34 -85.68 62.72
C THR HE 213 -125.11 -85.60 64.02
N ILE HE 214 -124.88 -84.52 64.78
CA ILE HE 214 -125.46 -84.38 66.11
C ILE HE 214 -126.40 -83.19 66.11
N ARG HE 215 -127.62 -83.41 66.58
CA ARG HE 215 -128.61 -82.35 66.71
C ARG HE 215 -129.04 -82.26 68.16
N ALA HE 216 -128.91 -81.08 68.76
CA ALA HE 216 -129.32 -80.88 70.13
C ALA HE 216 -130.27 -79.69 70.22
N LYS HE 217 -131.43 -79.91 70.83
CA LYS HE 217 -132.49 -78.91 70.82
C LYS HE 217 -132.63 -78.19 72.14
N LYS HE 218 -132.91 -78.90 73.23
CA LYS HE 218 -133.37 -78.26 74.45
C LYS HE 218 -132.39 -78.37 75.61
N ALA HE 219 -132.02 -79.58 76.01
CA ALA HE 219 -131.10 -79.75 77.13
C ALA HE 219 -130.31 -81.02 76.90
N ALA HE 220 -129.04 -80.86 76.52
CA ALA HE 220 -128.18 -81.99 76.26
C ALA HE 220 -126.90 -81.82 77.05
N LYS HE 221 -126.51 -82.87 77.74
CA LYS HE 221 -125.16 -83.00 78.28
C LYS HE 221 -124.53 -84.16 77.54
N ILE HE 222 -123.51 -83.88 76.74
CA ILE HE 222 -122.91 -84.89 75.88
C ILE HE 222 -121.42 -84.91 76.15
N GLN HE 223 -120.89 -86.09 76.46
CA GLN HE 223 -119.46 -86.30 76.65
C GLN HE 223 -119.02 -87.42 75.72
N LEU HE 224 -118.10 -87.12 74.81
CA LEU HE 224 -117.68 -88.11 73.82
C LEU HE 224 -116.16 -88.21 73.79
N ALA HE 225 -115.68 -89.34 73.28
CA ALA HE 225 -114.25 -89.56 73.10
C ALA HE 225 -114.06 -90.61 72.02
N GLY HE 226 -113.22 -90.29 71.04
CA GLY HE 226 -112.97 -91.25 69.97
C GLY HE 226 -112.33 -90.57 68.78
N ILE HE 227 -112.42 -91.26 67.64
CA ILE HE 227 -111.81 -90.82 66.39
C ILE HE 227 -112.93 -90.63 65.37
N VAL HE 228 -112.98 -89.44 64.76
CA VAL HE 228 -114.01 -89.07 63.81
C VAL HE 228 -113.34 -88.52 62.57
N ASN HE 229 -113.76 -88.98 61.40
CA ASN HE 229 -113.32 -88.33 60.17
C ASN HE 229 -114.06 -87.02 59.96
N ARG HE 230 -115.37 -87.07 59.83
CA ARG HE 230 -116.18 -85.92 59.48
C ARG HE 230 -117.26 -85.72 60.51
N LEU HE 231 -117.40 -84.49 61.00
CA LEU HE 231 -118.32 -84.20 62.09
C LEU HE 231 -119.14 -82.96 61.76
N ASP HE 232 -120.45 -83.05 62.03
CA ASP HE 232 -121.34 -81.91 61.99
C ASP HE 232 -122.10 -81.84 63.30
N VAL HE 233 -122.12 -80.66 63.91
CA VAL HE 233 -122.86 -80.43 65.14
C VAL HE 233 -123.76 -79.23 64.94
N GLU HE 234 -125.03 -79.38 65.33
CA GLU HE 234 -125.97 -78.28 65.40
C GLU HE 234 -126.51 -78.23 66.82
N LEU HE 235 -126.35 -77.08 67.46
CA LEU HE 235 -126.80 -76.88 68.83
C LEU HE 235 -127.75 -75.69 68.86
N TRP HE 236 -128.88 -75.85 69.55
CA TRP HE 236 -129.93 -74.83 69.54
C TRP HE 236 -129.93 -73.94 70.78
N ASP HE 237 -130.09 -74.52 71.97
CA ASP HE 237 -130.13 -73.76 73.20
C ASP HE 237 -129.85 -74.69 74.36
N PHE HE 238 -129.07 -74.21 75.33
CA PHE HE 238 -128.72 -74.92 76.57
C PHE HE 238 -128.04 -76.26 76.27
N ALA HE 239 -127.20 -76.27 75.23
CA ALA HE 239 -126.46 -77.45 74.86
C ALA HE 239 -125.10 -77.43 75.54
N GLN HE 240 -124.62 -78.58 75.96
CA GLN HE 240 -123.29 -78.74 76.53
C GLN HE 240 -122.64 -79.90 75.81
N PHE HE 241 -121.95 -79.60 74.72
CA PHE HE 241 -121.22 -80.61 73.98
C PHE HE 241 -119.77 -80.62 74.42
N LYS HE 242 -119.26 -81.80 74.75
CA LYS HE 242 -117.88 -81.99 75.15
C LYS HE 242 -117.29 -83.03 74.22
N GLY HE 243 -116.75 -82.57 73.09
CA GLY HE 243 -115.89 -83.39 72.27
C GLY HE 243 -114.45 -83.11 72.63
N LYS HE 244 -114.25 -82.59 73.84
CA LYS HE 244 -112.92 -82.60 74.43
C LYS HE 244 -112.47 -84.04 74.57
N TYR HE 245 -111.20 -84.27 74.25
CA TYR HE 245 -110.60 -85.60 74.07
C TYR HE 245 -111.36 -86.40 73.01
N LEU HE 246 -111.74 -85.72 71.93
CA LEU HE 246 -112.25 -86.36 70.73
C LEU HE 246 -111.68 -85.63 69.53
N ARG HE 247 -111.01 -86.35 68.65
CA ARG HE 247 -110.23 -85.74 67.58
C ARG HE 247 -110.94 -85.92 66.24
N ALA HE 248 -111.00 -84.85 65.45
CA ALA HE 248 -111.72 -84.85 64.20
C ALA HE 248 -110.86 -84.24 63.10
N GLN HE 249 -111.13 -84.66 61.86
CA GLN HE 249 -110.39 -84.13 60.73
C GLN HE 249 -111.12 -82.97 60.08
N ARG HE 250 -112.42 -83.12 59.83
CA ARG HE 250 -113.26 -82.05 59.34
C ARG HE 250 -114.33 -81.79 60.38
N SER HE 251 -114.46 -80.55 60.81
CA SER HE 251 -115.44 -80.22 61.84
C SER HE 251 -116.28 -79.04 61.41
N PHE HE 252 -117.60 -79.18 61.53
CA PHE HE 252 -118.56 -78.17 61.12
C PHE HE 252 -119.49 -77.89 62.29
N VAL HE 253 -119.35 -76.71 62.90
CA VAL HE 253 -120.05 -76.40 64.14
C VAL HE 253 -121.00 -75.24 63.89
N LYS HE 254 -122.28 -75.43 64.19
CA LYS HE 254 -123.26 -74.37 64.12
C LYS HE 254 -123.99 -74.25 65.45
N THR HE 255 -124.00 -73.05 66.01
CA THR HE 255 -124.60 -72.84 67.32
C THR HE 255 -125.52 -71.64 67.31
N HIS HE 256 -126.74 -71.85 67.80
CA HIS HE 256 -127.67 -70.77 68.06
C HIS HE 256 -127.46 -70.27 69.49
N ASP HE 257 -128.45 -69.56 70.00
CA ASP HE 257 -128.32 -68.81 71.24
C ASP HE 257 -128.16 -69.71 72.46
N LYS HE 258 -127.22 -69.32 73.33
CA LYS HE 258 -126.98 -69.92 74.65
C LYS HE 258 -126.63 -71.40 74.53
N SER HE 259 -125.48 -71.64 73.91
CA SER HE 259 -124.97 -72.98 73.72
C SER HE 259 -123.50 -73.02 74.07
N VAL HE 260 -123.01 -74.20 74.44
CA VAL HE 260 -121.63 -74.39 74.84
C VAL HE 260 -121.08 -75.59 74.08
N ALA HE 261 -119.99 -75.39 73.34
CA ALA HE 261 -119.37 -76.45 72.57
C ALA HE 261 -117.86 -76.48 72.84
N GLU HE 262 -117.36 -77.66 73.18
CA GLU HE 262 -115.93 -77.91 73.30
C GLU HE 262 -115.51 -78.82 72.17
N ILE HE 263 -114.58 -78.34 71.34
CA ILE HE 263 -114.12 -79.06 70.16
C ILE HE 263 -112.62 -79.29 70.31
N SER HE 264 -112.14 -80.32 69.62
CA SER HE 264 -110.71 -80.62 69.57
C SER HE 264 -110.27 -80.96 68.16
N ALA HE 265 -110.63 -80.10 67.21
CA ALA HE 265 -110.34 -80.34 65.80
C ALA HE 265 -108.83 -80.35 65.53
N VAL HE 266 -108.45 -81.14 64.52
CA VAL HE 266 -107.04 -81.42 64.24
C VAL HE 266 -106.59 -80.79 62.94
N ASN HE 267 -107.42 -80.86 61.90
CA ASN HE 267 -107.02 -80.38 60.58
C ASN HE 267 -107.81 -79.15 60.16
N HIS HE 268 -109.13 -79.25 60.14
CA HIS HE 268 -109.97 -78.23 59.51
C HIS HE 268 -111.17 -77.96 60.39
N GLN HE 269 -111.27 -76.74 60.92
CA GLN HE 269 -112.40 -76.39 61.77
C GLN HE 269 -113.15 -75.22 61.17
N SER HE 270 -114.47 -75.36 61.16
CA SER HE 270 -115.38 -74.33 60.70
C SER HE 270 -116.41 -74.09 61.79
N SER HE 271 -116.56 -72.84 62.21
CA SER HE 271 -117.35 -72.51 63.38
C SER HE 271 -118.28 -71.33 63.13
N LEU HE 272 -119.51 -71.45 63.60
CA LEU HE 272 -120.48 -70.38 63.45
C LEU HE 272 -121.28 -70.24 64.74
N ALA HE 273 -121.37 -69.02 65.25
CA ALA HE 273 -122.15 -68.74 66.46
C ALA HE 273 -123.07 -67.56 66.22
N THR HE 274 -124.33 -67.67 66.67
CA THR HE 274 -125.26 -66.56 66.45
C THR HE 274 -125.10 -65.47 67.50
N ASP HE 275 -125.38 -65.80 68.76
CA ASP HE 275 -125.34 -64.81 69.84
C ASP HE 275 -125.25 -65.53 71.16
N ALA HE 276 -124.36 -65.06 72.03
CA ALA HE 276 -124.14 -65.59 73.38
C ALA HE 276 -123.85 -67.09 73.37
N SER HE 277 -123.11 -67.52 72.35
CA SER HE 277 -122.74 -68.91 72.17
C SER HE 277 -121.25 -69.04 72.41
N ASP HE 278 -120.84 -70.15 73.00
CA ASP HE 278 -119.44 -70.35 73.35
C ASP HE 278 -118.87 -71.52 72.58
N ILE HE 279 -117.74 -71.28 71.92
CA ILE HE 279 -117.01 -72.29 71.20
C ILE HE 279 -115.59 -72.29 71.74
N TYR HE 280 -115.12 -73.44 72.20
CA TYR HE 280 -113.80 -73.56 72.80
C TYR HE 280 -113.03 -74.64 72.06
N TYR HE 281 -111.95 -74.27 71.40
CA TYR HE 281 -111.16 -75.25 70.65
C TYR HE 281 -109.90 -75.60 71.43
N TYR HE 282 -109.89 -76.80 72.01
CA TYR HE 282 -108.77 -77.22 72.84
C TYR HE 282 -107.54 -77.62 72.04
N ASN HE 283 -107.66 -77.76 70.74
CA ASN HE 283 -106.52 -78.05 69.90
C ASN HE 283 -106.44 -77.02 68.80
N LEU HE 284 -105.24 -76.56 68.51
CA LEU HE 284 -105.01 -75.71 67.34
C LEU HE 284 -104.89 -76.60 66.12
N SER HE 285 -105.69 -76.32 65.10
CA SER HE 285 -105.69 -77.15 63.91
C SER HE 285 -104.78 -76.55 62.86
N LYS HE 286 -104.69 -77.23 61.71
CA LYS HE 286 -103.97 -76.68 60.58
C LYS HE 286 -104.76 -75.60 59.87
N THR HE 287 -106.06 -75.55 60.06
CA THR HE 287 -106.91 -74.61 59.34
C THR HE 287 -108.06 -74.17 60.23
N ARG HE 288 -108.17 -72.86 60.45
CA ARG HE 288 -109.16 -72.29 61.34
C ARG HE 288 -110.06 -71.37 60.54
N ALA HE 289 -111.37 -71.50 60.73
CA ALA HE 289 -112.29 -70.51 60.18
C ALA HE 289 -113.51 -70.43 61.06
N ASP HE 290 -113.94 -69.21 61.39
CA ASP HE 290 -115.04 -69.03 62.31
C ASP HE 290 -115.68 -67.67 62.11
N PHE HE 291 -116.96 -67.58 62.47
CA PHE HE 291 -117.71 -66.34 62.42
C PHE HE 291 -118.70 -66.29 63.57
N MET HE 292 -118.84 -65.10 64.15
CA MET HE 292 -119.78 -64.85 65.23
C MET HE 292 -120.66 -63.67 64.81
N ALA HE 293 -121.97 -63.84 64.98
CA ALA HE 293 -122.92 -62.91 64.37
C ALA HE 293 -123.20 -61.71 65.27
N PHE HE 294 -123.75 -61.95 66.46
CA PHE HE 294 -124.06 -60.87 67.38
C PHE HE 294 -123.13 -60.88 68.58
N ASN HE 295 -123.25 -61.89 69.44
CA ASN HE 295 -122.53 -61.90 70.69
C ASN HE 295 -121.90 -63.26 70.94
N GLY HE 296 -121.60 -63.97 69.87
CA GLY HE 296 -120.97 -65.26 69.99
C GLY HE 296 -119.51 -65.13 70.37
N SER HE 297 -118.89 -66.28 70.57
CA SER HE 297 -117.54 -66.28 71.10
C SER HE 297 -116.80 -67.54 70.66
N VAL HE 298 -115.59 -67.34 70.15
CA VAL HE 298 -114.71 -68.42 69.71
C VAL HE 298 -113.38 -68.21 70.43
N LEU HE 299 -112.96 -69.19 71.22
CA LEU HE 299 -111.78 -69.00 72.04
C LEU HE 299 -110.93 -70.25 72.10
N ASP HE 300 -109.62 -70.04 72.12
CA ASP HE 300 -108.67 -71.13 72.16
C ASP HE 300 -108.63 -71.78 73.53
N MET HE 301 -108.55 -70.97 74.59
CA MET HE 301 -108.46 -71.33 76.01
C MET HE 301 -107.59 -72.53 76.35
N ARG HE 302 -106.43 -72.66 75.71
CA ARG HE 302 -105.50 -73.71 76.09
C ARG HE 302 -104.78 -73.35 77.37
N GLU HE 303 -103.84 -74.21 77.79
CA GLU HE 303 -103.31 -74.14 79.14
C GLU HE 303 -102.26 -73.04 79.34
N TRP HE 304 -101.54 -72.66 78.27
CA TRP HE 304 -100.39 -71.75 78.32
C TRP HE 304 -99.30 -72.22 79.28
N GLY HE 305 -99.15 -73.52 79.47
CA GLY HE 305 -98.17 -73.97 80.44
C GLY HE 305 -97.35 -75.15 79.97
N GLN HE 306 -97.72 -75.69 78.82
CA GLN HE 306 -97.03 -76.86 78.29
C GLN HE 306 -95.65 -76.48 77.79
N SER HE 307 -94.72 -77.41 77.91
CA SER HE 307 -93.39 -77.19 77.38
C SER HE 307 -93.29 -77.49 75.90
N ASP HE 308 -94.37 -77.93 75.26
CA ASP HE 308 -94.36 -78.35 73.87
C ASP HE 308 -95.53 -77.77 73.11
N LEU HE 309 -96.00 -76.59 73.49
CA LEU HE 309 -96.98 -75.90 72.67
C LEU HE 309 -96.33 -75.39 71.40
N LYS HE 310 -97.14 -75.23 70.38
CA LYS HE 310 -96.68 -74.70 69.10
C LYS HE 310 -97.64 -73.61 68.67
N ASP HE 311 -97.08 -72.51 68.18
CA ASP HE 311 -97.85 -71.32 67.88
C ASP HE 311 -98.36 -71.36 66.45
N PHE HE 312 -98.83 -70.22 65.97
CA PHE HE 312 -99.43 -70.11 64.65
C PHE HE 312 -98.34 -69.99 63.59
N ASP HE 313 -98.76 -70.19 62.35
CA ASP HE 313 -97.92 -70.03 61.17
C ASP HE 313 -98.58 -69.04 60.22
N ARG HE 314 -98.04 -68.94 59.01
CA ARG HE 314 -98.64 -68.06 58.02
C ARG HE 314 -99.96 -68.60 57.52
N TYR HE 315 -100.17 -69.90 57.60
CA TYR HE 315 -101.32 -70.52 56.99
C TYR HE 315 -102.51 -70.63 57.91
N ASN HE 316 -102.36 -70.26 59.17
CA ASN HE 316 -103.44 -70.47 60.14
C ASN HE 316 -103.54 -69.35 61.15
N LYS HE 317 -102.92 -68.20 60.91
CA LYS HE 317 -102.96 -67.10 61.86
C LYS HE 317 -104.21 -66.25 61.62
N GLN HE 318 -105.36 -66.90 61.86
CA GLN HE 318 -106.64 -66.27 61.57
C GLN HE 318 -107.00 -65.35 62.71
N PHE HE 319 -107.16 -64.08 62.41
CA PHE HE 319 -107.55 -63.11 63.41
C PHE HE 319 -109.03 -63.27 63.73
N PRO HE 320 -109.40 -63.46 65.01
CA PRO HE 320 -110.80 -63.45 65.40
C PRO HE 320 -111.28 -62.03 65.71
N ASP IE 39 -96.29 -21.74 61.29
CA ASP IE 39 -95.09 -20.99 61.64
C ASP IE 39 -94.85 -21.02 63.15
N GLY IE 40 -95.92 -20.86 63.91
CA GLY IE 40 -95.83 -20.90 65.36
C GLY IE 40 -95.55 -22.30 65.85
N CYS IE 41 -94.33 -22.52 66.33
CA CYS IE 41 -93.95 -23.86 66.76
C CYS IE 41 -94.65 -24.24 68.06
N CYS IE 42 -94.69 -23.36 69.02
CA CYS IE 42 -95.58 -23.51 70.16
C CYS IE 42 -96.80 -22.60 70.01
N SER IE 43 -97.58 -22.85 68.95
CA SER IE 43 -98.75 -22.02 68.72
C SER IE 43 -99.95 -22.55 69.49
N LYS IE 44 -100.93 -21.67 69.68
CA LYS IE 44 -102.14 -21.78 70.52
C LYS IE 44 -101.89 -22.46 71.86
N MET IE 45 -100.77 -22.14 72.47
CA MET IE 45 -100.38 -22.64 73.78
C MET IE 45 -99.54 -21.55 74.43
N GLY IE 46 -98.74 -21.93 75.44
CA GLY IE 46 -97.99 -20.95 76.20
C GLY IE 46 -96.99 -20.16 75.37
N GLY IE 47 -96.26 -20.83 74.49
CA GLY IE 47 -95.40 -20.15 73.55
C GLY IE 47 -93.96 -20.61 73.68
N ILE IE 48 -93.10 -19.90 72.96
CA ILE IE 48 -91.70 -20.29 72.85
C ILE IE 48 -90.98 -19.94 74.14
N ASN IE 49 -90.25 -20.90 74.70
CA ASN IE 49 -89.36 -20.61 75.80
C ASN IE 49 -87.92 -20.38 75.31
N TYR IE 50 -87.29 -21.42 74.77
CA TYR IE 50 -85.91 -21.36 74.33
C TYR IE 50 -85.60 -22.59 73.49
N CYS IE 51 -84.50 -22.51 72.76
CA CYS IE 51 -84.01 -23.61 71.95
C CYS IE 51 -83.02 -24.41 72.79
N ASP IE 52 -83.46 -25.55 73.30
CA ASP IE 52 -82.54 -26.46 73.96
C ASP IE 52 -81.67 -27.13 72.93
N SER IE 53 -80.36 -26.99 73.10
CA SER IE 53 -79.39 -27.59 72.19
C SER IE 53 -79.07 -29.02 72.53
N SER IE 54 -79.47 -29.51 73.71
CA SER IE 54 -79.22 -30.91 74.03
C SER IE 54 -80.11 -31.82 73.20
N ALA IE 55 -81.40 -31.51 73.14
CA ALA IE 55 -82.29 -32.24 72.25
C ALA IE 55 -82.49 -31.54 70.92
N GLY IE 56 -82.00 -30.32 70.77
CA GLY IE 56 -82.17 -29.59 69.52
C GLY IE 56 -83.60 -29.20 69.26
N ARG IE 57 -84.34 -28.88 70.31
CA ARG IE 57 -85.77 -28.66 70.18
C ARG IE 57 -86.16 -27.34 70.85
N LEU IE 58 -87.21 -26.74 70.35
CA LEU IE 58 -87.83 -25.65 71.09
C LEU IE 58 -88.57 -26.20 72.29
N VAL IE 59 -88.64 -25.41 73.34
CA VAL IE 59 -89.44 -25.75 74.51
C VAL IE 59 -90.67 -24.88 74.50
N CYS IE 60 -91.84 -25.50 74.51
CA CYS IE 60 -93.04 -24.72 74.70
C CYS IE 60 -93.18 -24.33 76.16
N ASN IE 61 -93.94 -23.27 76.41
CA ASN IE 61 -94.10 -22.80 77.79
C ASN IE 61 -94.94 -23.78 78.61
N ASN IE 62 -95.98 -24.33 78.00
CA ASN IE 62 -96.50 -25.59 78.49
C ASN IE 62 -95.45 -26.66 78.25
N GLY IE 63 -95.22 -27.51 79.24
CA GLY IE 63 -94.02 -28.33 79.27
C GLY IE 63 -93.97 -29.48 78.28
N PHE IE 64 -93.83 -29.16 77.00
CA PHE IE 64 -93.73 -30.18 75.96
C PHE IE 64 -92.63 -29.79 75.00
N TYR IE 65 -91.99 -30.80 74.42
CA TYR IE 65 -91.04 -30.55 73.37
C TYR IE 65 -91.78 -30.29 72.06
N SER IE 66 -91.32 -29.30 71.32
CA SER IE 66 -92.05 -28.83 70.16
C SER IE 66 -91.97 -29.82 69.01
N THR IE 67 -92.84 -29.60 68.03
CA THR IE 67 -92.77 -30.35 66.80
C THR IE 67 -91.66 -29.86 65.90
N CYS IE 68 -91.17 -28.65 66.12
CA CYS IE 68 -90.14 -28.08 65.26
C CYS IE 68 -88.76 -28.58 65.65
N TYR IE 69 -87.74 -28.04 64.99
CA TYR IE 69 -86.35 -28.24 65.32
C TYR IE 69 -85.67 -26.89 65.45
N CYS IE 70 -84.56 -26.85 66.17
CA CYS IE 70 -83.83 -25.60 66.28
C CYS IE 70 -82.32 -25.69 66.11
N THR IE 71 -81.72 -26.85 66.34
CA THR IE 71 -80.32 -27.03 65.99
C THR IE 71 -80.21 -28.14 64.95
N ARG IE 72 -79.13 -28.08 64.16
CA ARG IE 72 -78.94 -29.11 63.16
C ARG IE 72 -78.55 -30.45 63.78
N HIS IE 73 -78.06 -30.46 65.02
CA HIS IE 73 -77.76 -31.71 65.70
C HIS IE 73 -78.99 -32.25 66.42
N ALA IE 74 -80.03 -32.49 65.66
CA ALA IE 74 -81.23 -33.11 66.18
C ALA IE 74 -81.40 -34.48 65.53
N VAL IE 75 -82.52 -35.12 65.78
CA VAL IE 75 -82.81 -36.44 65.23
C VAL IE 75 -83.89 -36.26 64.19
N MET IE 76 -83.49 -36.26 62.92
CA MET IE 76 -84.42 -36.15 61.81
C MET IE 76 -84.53 -37.48 61.09
N ASP IE 77 -85.72 -37.77 60.59
CA ASP IE 77 -85.96 -38.98 59.82
C ASP IE 77 -85.53 -38.68 58.38
N LEU IE 78 -84.24 -38.89 58.12
CA LEU IE 78 -83.65 -38.54 56.84
C LEU IE 78 -83.54 -39.79 55.96
N GLN IE 79 -84.21 -39.76 54.81
CA GLN IE 79 -84.17 -40.86 53.86
C GLN IE 79 -83.78 -40.45 52.45
N PHE IE 80 -83.97 -39.20 52.05
CA PHE IE 80 -83.75 -38.79 50.67
C PHE IE 80 -82.72 -37.68 50.61
N LEU IE 81 -81.86 -37.72 49.60
CA LEU IE 81 -80.70 -36.84 49.51
C LEU IE 81 -80.59 -36.22 48.12
N MET IE 82 -79.64 -35.31 48.00
CA MET IE 82 -79.18 -34.77 46.73
C MET IE 82 -77.69 -35.09 46.56
N GLY IE 83 -77.09 -34.50 45.55
CA GLY IE 83 -75.67 -34.60 45.33
C GLY IE 83 -75.31 -35.59 44.23
N CYS IE 84 -74.08 -35.47 43.75
CA CYS IE 84 -73.57 -36.34 42.70
C CYS IE 84 -72.34 -37.08 43.22
N CYS IE 85 -72.03 -38.20 42.56
CA CYS IE 85 -70.93 -39.11 42.92
C CYS IE 85 -71.05 -39.61 44.36
N LEU IE 86 -72.28 -39.89 44.78
CA LEU IE 86 -72.50 -40.40 46.10
C LEU IE 86 -72.12 -41.87 46.17
N TRP IE 87 -71.90 -42.34 47.40
CA TRP IE 87 -71.50 -43.73 47.71
C TRP IE 87 -70.19 -44.10 47.05
N HIS IE 88 -69.36 -43.09 46.82
CA HIS IE 88 -68.04 -43.19 46.25
C HIS IE 88 -67.22 -42.08 46.88
N GLY IE 89 -66.12 -41.70 46.25
CA GLY IE 89 -65.27 -40.68 46.81
C GLY IE 89 -65.76 -39.25 46.72
N GLY IE 90 -67.03 -39.02 46.39
CA GLY IE 90 -67.51 -37.68 46.19
C GLY IE 90 -67.10 -37.17 44.83
N VAL IE 91 -67.38 -35.90 44.60
CA VAL IE 91 -67.03 -35.27 43.33
C VAL IE 91 -65.57 -34.83 43.41
N TYR IE 92 -64.78 -35.27 42.45
CA TYR IE 92 -63.41 -34.81 42.36
C TYR IE 92 -63.41 -33.36 41.88
N PRO IE 93 -62.88 -32.42 42.65
CA PRO IE 93 -63.20 -31.00 42.41
C PRO IE 93 -62.32 -30.29 41.39
N GLN IE 94 -61.64 -31.02 40.52
CA GLN IE 94 -60.78 -30.34 39.55
C GLN IE 94 -61.59 -29.75 38.41
N LEU IE 95 -60.95 -28.84 37.67
CA LEU IE 95 -61.54 -28.23 36.49
C LEU IE 95 -61.20 -29.11 35.29
N ASN IE 96 -62.17 -29.85 34.80
CA ASN IE 96 -61.92 -30.78 33.71
C ASN IE 96 -62.03 -30.08 32.36
N SER IE 97 -61.22 -30.55 31.42
CA SER IE 97 -61.25 -30.00 30.07
C SER IE 97 -62.53 -30.41 29.34
N SER IE 98 -63.03 -31.61 29.60
CA SER IE 98 -64.19 -32.13 28.91
C SER IE 98 -65.38 -32.11 29.86
N GLY IE 99 -66.50 -32.65 29.39
CA GLY IE 99 -67.69 -32.82 30.18
C GLY IE 99 -67.68 -34.05 31.06
N LEU IE 100 -66.59 -34.81 31.04
CA LEU IE 100 -66.47 -35.96 31.91
C LEU IE 100 -66.27 -35.51 33.36
N VAL IE 101 -66.98 -36.16 34.28
CA VAL IE 101 -66.79 -35.95 35.71
C VAL IE 101 -66.75 -37.31 36.40
N VAL IE 102 -65.70 -37.55 37.17
CA VAL IE 102 -65.42 -38.87 37.74
C VAL IE 102 -65.26 -38.74 39.25
N CYS IE 103 -65.84 -39.68 39.98
CA CYS IE 103 -65.68 -39.72 41.43
C CYS IE 103 -64.25 -40.16 41.79
N ASN IE 104 -63.92 -40.00 43.07
CA ASN IE 104 -62.55 -40.25 43.52
C ASN IE 104 -62.20 -41.71 43.62
N ASP IE 105 -63.14 -42.63 43.43
CA ASP IE 105 -62.80 -44.03 43.36
C ASP IE 105 -62.44 -44.49 41.96
N GLY IE 106 -62.68 -43.65 40.95
CA GLY IE 106 -62.43 -44.00 39.57
C GLY IE 106 -63.67 -44.31 38.76
N TYR IE 107 -64.75 -44.70 39.41
CA TYR IE 107 -66.02 -44.89 38.72
C TYR IE 107 -66.60 -43.53 38.35
N VAL IE 108 -67.25 -43.46 37.20
CA VAL IE 108 -67.73 -42.20 36.65
C VAL IE 108 -69.25 -42.14 36.81
N SER IE 109 -69.82 -41.00 36.48
CA SER IE 109 -71.27 -40.81 36.58
C SER IE 109 -71.73 -40.07 35.34
N GLU IE 110 -72.39 -40.79 34.43
CA GLU IE 110 -72.79 -40.20 33.17
C GLU IE 110 -73.96 -39.24 33.33
N GLU IE 111 -74.78 -39.39 34.38
CA GLU IE 111 -75.83 -38.40 34.61
C GLU IE 111 -75.27 -37.13 35.22
N CYS IE 112 -74.14 -37.24 35.91
CA CYS IE 112 -73.42 -36.04 36.32
C CYS IE 112 -72.75 -35.40 35.12
N SER IE 113 -72.27 -36.22 34.19
CA SER IE 113 -71.73 -35.68 32.94
C SER IE 113 -72.85 -35.17 32.05
N LEU IE 114 -72.48 -34.40 31.03
CA LEU IE 114 -73.48 -33.83 30.15
C LEU IE 114 -73.88 -34.83 29.07
N GLN IE 115 -74.74 -34.39 28.16
CA GLN IE 115 -75.36 -35.25 27.17
C GLN IE 115 -74.95 -34.82 25.76
N LYS IE 116 -73.89 -35.42 25.24
CA LYS IE 116 -73.53 -35.28 23.84
C LYS IE 116 -72.71 -36.46 23.35
N UNK JE 1 -93.03 -48.98 79.86
CA UNK JE 1 -94.07 -48.19 80.50
C UNK JE 1 -94.94 -49.08 81.38
N UNK JE 2 -96.08 -49.52 80.82
CA UNK JE 2 -97.05 -50.43 81.41
C UNK JE 2 -97.75 -49.88 82.66
N UNK JE 3 -97.50 -48.63 83.02
CA UNK JE 3 -98.13 -48.00 84.19
C UNK JE 3 -97.93 -46.49 84.07
N UNK JE 4 -99.02 -45.73 84.00
CA UNK JE 4 -98.86 -44.29 84.01
C UNK JE 4 -98.71 -43.76 85.43
N UNK JE 5 -99.42 -44.35 86.38
CA UNK JE 5 -99.35 -43.95 87.79
C UNK JE 5 -98.93 -45.16 88.60
N UNK JE 6 -97.61 -45.32 88.77
CA UNK JE 6 -97.08 -46.44 89.52
C UNK JE 6 -97.40 -46.29 91.00
N UNK JE 7 -97.95 -47.35 91.59
CA UNK JE 7 -98.46 -47.29 92.95
C UNK JE 7 -97.32 -47.18 93.93
N UNK JE 8 -97.46 -46.28 94.90
CA UNK JE 8 -96.47 -46.12 95.95
C UNK JE 8 -97.09 -46.67 97.23
N UNK JE 9 -96.86 -47.96 97.47
CA UNK JE 9 -97.28 -48.70 98.67
C UNK JE 9 -98.78 -48.65 98.93
N UNK KE 1 1.54 -114.11 -2.80
CA UNK KE 1 2.99 -114.27 -2.64
C UNK KE 1 3.32 -114.85 -1.28
N UNK KE 2 3.00 -114.10 -0.24
CA UNK KE 2 3.28 -114.53 1.13
C UNK KE 2 2.38 -115.69 1.52
N UNK KE 3 2.83 -116.45 2.52
CA UNK KE 3 2.12 -117.64 2.98
C UNK KE 3 1.02 -117.24 3.96
N UNK KE 4 -0.23 -117.27 3.49
CA UNK KE 4 -1.34 -116.83 4.33
C UNK KE 4 -1.63 -117.83 5.45
N UNK KE 5 -1.55 -119.13 5.15
CA UNK KE 5 -1.80 -120.14 6.17
C UNK KE 5 -0.71 -120.17 7.23
N UNK KE 6 0.55 -120.07 6.81
CA UNK KE 6 1.65 -120.02 7.76
C UNK KE 6 1.63 -118.73 8.57
N UNK KE 7 1.20 -117.62 7.95
CA UNK KE 7 1.06 -116.37 8.67
C UNK KE 7 -0.07 -116.44 9.71
N UNK KE 8 -1.18 -117.09 9.37
CA UNK KE 8 -2.26 -117.28 10.32
C UNK KE 8 -1.85 -118.19 11.48
N UNK KE 9 -1.07 -119.24 11.17
CA UNK KE 9 -0.54 -120.10 12.23
C UNK KE 9 0.43 -119.36 13.13
N UNK KE 10 1.27 -118.49 12.55
CA UNK KE 10 2.19 -117.70 13.34
C UNK KE 10 1.46 -116.67 14.19
N UNK KE 11 0.37 -116.11 13.67
CA UNK KE 11 -0.44 -115.17 14.45
C UNK KE 11 -1.16 -115.87 15.60
N UNK KE 12 -1.65 -117.09 15.37
CA UNK KE 12 -2.24 -117.87 16.44
C UNK KE 12 -1.20 -118.25 17.49
N UNK KE 13 0.03 -118.57 17.06
CA UNK KE 13 1.11 -118.85 18.00
C UNK KE 13 1.51 -117.62 18.79
N UNK KE 14 1.50 -116.44 18.16
CA UNK KE 14 1.78 -115.20 18.88
C UNK KE 14 0.67 -114.84 19.85
N UNK KE 15 -0.57 -115.19 19.53
CA UNK KE 15 -1.67 -114.97 20.45
C UNK KE 15 -1.58 -115.90 21.66
N UNK KE 16 -1.34 -117.19 21.41
CA UNK KE 16 -1.18 -118.16 22.50
C UNK KE 16 -0.16 -119.21 22.08
N UNK KE 17 1.09 -118.99 22.46
CA UNK KE 17 2.17 -119.94 22.22
C UNK KE 17 2.63 -120.63 23.51
N UNK KE 18 1.71 -120.82 24.46
CA UNK KE 18 1.94 -121.52 25.75
C UNK KE 18 3.05 -120.86 26.58
N UNK KE 19 3.02 -119.54 26.66
CA UNK KE 19 3.98 -118.80 27.49
C UNK KE 19 3.38 -117.43 27.80
N UNK KE 20 3.22 -117.13 29.10
CA UNK KE 20 2.86 -115.78 29.55
C UNK KE 20 3.28 -115.65 31.01
N UNK KE 21 4.34 -114.90 31.27
CA UNK KE 21 4.87 -114.69 32.61
C UNK KE 21 4.71 -113.23 32.99
N UNK KE 22 4.17 -112.98 34.17
CA UNK KE 22 3.85 -111.61 34.60
C UNK KE 22 4.31 -111.38 36.03
N UNK KE 23 4.20 -110.12 36.45
CA UNK KE 23 4.50 -109.71 37.82
C UNK KE 23 3.71 -108.45 38.13
N UNK KE 24 3.63 -108.13 39.42
CA UNK KE 24 2.99 -106.90 39.86
C UNK KE 24 3.95 -106.13 40.76
N UNK KE 25 3.52 -104.97 41.21
CA UNK KE 25 4.31 -104.11 42.07
C UNK KE 25 3.49 -103.73 43.29
N UNK KE 26 4.19 -103.35 44.35
CA UNK KE 26 3.57 -102.89 45.59
C UNK KE 26 3.75 -101.38 45.72
N UNK KE 27 3.27 -100.85 46.84
CA UNK KE 27 3.37 -99.42 47.10
C UNK KE 27 4.70 -99.04 47.75
N UNK KE 28 5.58 -100.00 48.00
CA UNK KE 28 6.90 -99.72 48.57
C UNK KE 28 7.98 -100.56 47.92
N UNK KE 29 7.83 -100.82 46.61
CA UNK KE 29 8.78 -101.61 45.79
C UNK KE 29 9.03 -103.01 46.36
N UNK KE 30 7.98 -103.63 46.88
CA UNK KE 30 8.02 -105.02 47.30
C UNK KE 30 7.46 -105.83 46.13
N UNK KE 31 8.34 -106.18 45.19
CA UNK KE 31 7.92 -106.81 43.95
C UNK KE 31 7.49 -108.25 44.20
N UNK KE 32 6.35 -108.63 43.62
CA UNK KE 32 5.79 -109.96 43.78
C UNK KE 32 5.45 -110.52 42.41
N UNK KE 33 5.62 -111.82 42.26
CA UNK KE 33 5.34 -112.50 41.00
C UNK KE 33 4.82 -113.90 41.28
N UNK KE 34 4.25 -114.51 40.24
CA UNK KE 34 3.72 -115.86 40.35
C UNK KE 34 4.25 -116.72 39.22
N UNK KE 35 3.72 -117.94 39.08
CA UNK KE 35 4.12 -118.81 37.99
C UNK KE 35 3.54 -118.31 36.68
N UNK KE 36 4.20 -118.69 35.59
CA UNK KE 36 3.80 -118.23 34.27
C UNK KE 36 2.50 -118.88 33.83
N UNK KE 37 1.63 -118.08 33.20
CA UNK KE 37 0.35 -118.54 32.69
C UNK KE 37 0.46 -118.82 31.20
N UNK KE 38 -0.67 -119.24 30.63
CA UNK KE 38 -0.82 -119.62 29.21
C UNK KE 38 0.20 -120.66 28.74
N UNK KE 39 0.80 -97.71 40.85
CA UNK KE 39 1.99 -98.23 41.52
C UNK KE 39 1.74 -99.64 42.05
N UNK KE 40 0.45 -100.02 42.10
CA UNK KE 40 0.06 -101.33 42.59
C UNK KE 40 -0.01 -102.39 41.51
N UNK KE 41 0.14 -102.01 40.23
CA UNK KE 41 0.04 -102.94 39.12
C UNK KE 41 1.20 -102.70 38.16
N UNK KE 42 2.03 -103.72 37.94
CA UNK KE 42 3.05 -103.68 36.91
C UNK KE 42 2.43 -104.15 35.60
N UNK KE 43 1.80 -103.19 34.90
CA UNK KE 43 0.99 -103.51 33.74
C UNK KE 43 1.83 -103.94 32.55
N UNK KE 44 3.11 -103.60 32.52
CA UNK KE 44 3.99 -103.99 31.43
C UNK KE 44 4.80 -105.24 31.73
N UNK KE 45 4.56 -105.89 32.86
CA UNK KE 45 5.39 -107.01 33.29
C UNK KE 45 4.99 -108.33 32.67
N UNK KE 46 3.94 -108.37 31.85
CA UNK KE 46 3.47 -109.61 31.25
C UNK KE 46 4.14 -109.81 29.89
N UNK KE 47 4.88 -110.91 29.75
CA UNK KE 47 5.65 -111.19 28.55
C UNK KE 47 5.42 -112.63 28.11
N UNK KE 48 5.36 -112.84 26.80
CA UNK KE 48 5.11 -114.16 26.26
C UNK KE 48 6.40 -114.84 25.82
N LYS LE 24 -118.49 -46.24 60.63
CA LYS LE 24 -118.77 -46.00 59.23
C LYS LE 24 -117.60 -46.36 58.35
N PHE LE 25 -116.51 -45.62 58.50
CA PHE LE 25 -115.39 -45.68 57.59
C PHE LE 25 -114.32 -46.63 58.10
N LYS LE 26 -113.84 -47.47 57.19
CA LYS LE 26 -112.76 -48.42 57.47
C LYS LE 26 -111.83 -48.43 56.27
N LYS LE 27 -110.55 -48.25 56.53
CA LYS LE 27 -109.62 -48.00 55.44
C LYS LE 27 -108.71 -49.22 55.21
N PRO LE 28 -108.16 -49.37 54.01
CA PRO LE 28 -107.16 -50.41 53.79
C PRO LE 28 -105.85 -50.06 54.46
N PRO LE 29 -104.95 -51.03 54.65
CA PRO LE 29 -103.63 -50.70 55.19
C PRO LE 29 -102.83 -49.84 54.21
N ILE LE 30 -101.97 -48.99 54.78
CA ILE LE 30 -101.34 -47.93 54.00
C ILE LE 30 -100.27 -48.51 53.09
N ASN LE 31 -99.35 -49.29 53.65
CA ASN LE 31 -98.26 -49.84 52.85
C ASN LE 31 -98.67 -51.19 52.27
N ASN LE 32 -99.71 -51.15 51.47
CA ASN LE 32 -100.21 -52.38 50.89
C ASN LE 32 -99.66 -52.58 49.49
N PRO LE 33 -99.29 -53.80 49.14
CA PRO LE 33 -98.89 -54.07 47.75
C PRO LE 33 -100.07 -54.05 46.80
N SER LE 34 -100.57 -52.86 46.45
CA SER LE 34 -101.72 -52.77 45.54
C SER LE 34 -101.34 -53.08 44.10
N ASP LE 35 -100.06 -53.04 43.77
CA ASP LE 35 -99.58 -53.31 42.43
C ASP LE 35 -99.03 -54.73 42.34
N ASP LE 36 -99.16 -55.32 41.14
CA ASP LE 36 -98.78 -56.71 40.92
C ASP LE 36 -97.28 -56.92 41.10
N ALA LE 37 -96.47 -55.95 40.68
CA ALA LE 37 -95.04 -56.06 40.89
C ALA LE 37 -94.69 -55.99 42.36
N THR LE 38 -95.43 -55.19 43.12
CA THR LE 38 -95.26 -55.15 44.56
C THR LE 38 -95.66 -56.47 45.19
N ILE LE 39 -96.71 -57.10 44.64
CA ILE LE 39 -97.15 -58.41 45.10
C ILE LE 39 -96.05 -59.44 44.88
N LYS LE 40 -95.44 -59.41 43.70
CA LYS LE 40 -94.33 -60.31 43.39
C LYS LE 40 -93.16 -60.08 44.33
N LEU LE 41 -92.85 -58.82 44.61
CA LEU LE 41 -91.71 -58.50 45.48
C LEU LE 41 -91.94 -59.00 46.89
N ALA LE 42 -93.15 -58.80 47.43
CA ALA LE 42 -93.43 -59.25 48.78
C ALA LE 42 -93.46 -60.77 48.86
N GLU LE 43 -93.96 -61.43 47.81
CA GLU LE 43 -93.96 -62.88 47.78
C GLU LE 43 -92.54 -63.44 47.76
N ALA LE 44 -91.68 -62.82 46.96
CA ALA LE 44 -90.28 -63.25 46.89
C ALA LE 44 -89.57 -62.99 48.21
N ALA LE 45 -89.93 -61.90 48.89
CA ALA LE 45 -89.33 -61.59 50.18
C ALA LE 45 -89.68 -62.65 51.20
N VAL LE 46 -90.95 -63.08 51.20
CA VAL LE 46 -91.40 -64.16 52.07
C VAL LE 46 -90.62 -65.44 51.78
N SER LE 47 -90.45 -65.73 50.49
CA SER LE 47 -89.74 -66.94 50.06
C SER LE 47 -88.30 -66.96 50.55
N VAL LE 48 -87.57 -65.86 50.31
CA VAL LE 48 -86.16 -65.84 50.66
C VAL LE 48 -85.98 -65.80 52.16
N SER LE 49 -86.92 -65.20 52.88
CA SER LE 49 -86.86 -65.18 54.33
C SER LE 49 -86.96 -66.58 54.91
N ASP LE 50 -87.97 -67.33 54.49
CA ASP LE 50 -88.13 -68.68 55.03
C ASP LE 50 -87.03 -69.61 54.56
N SER LE 51 -86.49 -69.36 53.36
CA SER LE 51 -85.39 -70.18 52.86
C SER LE 51 -84.14 -70.00 53.70
N MET LE 52 -83.80 -68.74 54.02
CA MET LE 52 -82.64 -68.50 54.85
C MET LE 52 -82.86 -68.98 56.27
N LEU LE 53 -84.12 -68.96 56.73
CA LEU LE 53 -84.44 -69.51 58.04
C LEU LE 53 -84.16 -71.00 58.10
N GLU LE 54 -84.56 -71.74 57.06
CA GLU LE 54 -84.23 -73.16 56.97
C GLU LE 54 -82.73 -73.39 56.91
N MET LE 55 -82.03 -72.52 56.17
CA MET LE 55 -80.58 -72.62 56.05
C MET LE 55 -79.90 -72.50 57.40
N ALA LE 56 -80.28 -71.49 58.18
CA ALA LE 56 -79.68 -71.31 59.49
C ALA LE 56 -80.10 -72.41 60.45
N LYS LE 57 -81.33 -72.92 60.32
CA LYS LE 57 -81.81 -73.96 61.22
C LYS LE 57 -81.02 -75.25 61.04
N VAL LE 58 -80.75 -75.65 59.80
CA VAL LE 58 -79.88 -76.81 59.64
C VAL LE 58 -78.42 -76.46 59.78
N GLU LE 59 -78.08 -75.19 59.80
CA GLU LE 59 -76.67 -74.84 59.86
C GLU LE 59 -76.14 -74.82 61.29
N LYS LE 60 -76.84 -74.12 62.19
CA LYS LE 60 -76.25 -73.84 63.49
C LYS LE 60 -76.24 -75.08 64.38
N VAL LE 61 -75.15 -75.24 65.10
CA VAL LE 61 -74.94 -76.37 66.00
C VAL LE 61 -75.24 -75.90 67.42
N ILE LE 62 -76.11 -76.61 68.11
CA ILE LE 62 -76.41 -76.31 69.50
C ILE LE 62 -75.90 -77.42 70.37
N THR LE 63 -76.05 -77.27 71.68
CA THR LE 63 -75.62 -78.27 72.64
C THR LE 63 -76.78 -78.60 73.56
N PRO LE 64 -76.88 -79.86 74.01
CA PRO LE 64 -77.87 -80.19 75.02
C PRO LE 64 -77.51 -79.53 76.35
N PRO LE 65 -78.51 -79.19 77.16
CA PRO LE 65 -78.24 -78.55 78.45
C PRO LE 65 -77.80 -79.49 79.57
N SER LE 66 -77.42 -80.72 79.24
CA SER LE 66 -76.84 -81.62 80.22
C SER LE 66 -75.32 -81.66 80.16
N LYS LE 67 -74.73 -81.26 79.03
CA LYS LE 67 -73.29 -81.24 78.87
C LYS LE 67 -72.75 -79.81 78.84
N ASP LE 68 -73.56 -78.84 79.26
CA ASP LE 68 -73.15 -77.44 79.26
C ASP LE 68 -72.13 -77.22 80.36
N ASN LE 69 -70.86 -77.24 80.00
CA ASN LE 69 -69.77 -77.09 80.97
C ASN LE 69 -69.70 -75.62 81.39
N THR LE 70 -70.52 -75.28 82.38
CA THR LE 70 -70.50 -73.97 82.98
C THR LE 70 -70.71 -74.12 84.48
N LEU LE 71 -70.20 -73.14 85.23
CA LEU LE 71 -70.37 -73.14 86.68
C LEU LE 71 -71.76 -72.65 87.04
N THR LE 72 -72.47 -73.45 87.83
CA THR LE 72 -73.76 -72.99 88.31
C THR LE 72 -73.60 -72.30 89.66
N ILE LE 73 -74.68 -71.65 90.08
CA ILE LE 73 -74.62 -70.81 91.28
C ILE LE 73 -74.57 -71.70 92.52
N PRO LE 74 -73.63 -71.45 93.44
CA PRO LE 74 -73.58 -72.23 94.69
C PRO LE 74 -74.54 -71.76 95.77
N ASN LE 75 -75.32 -70.70 95.50
CA ASN LE 75 -76.39 -70.11 96.32
C ASN LE 75 -76.06 -69.92 97.80
N ALA LE 76 -74.80 -69.67 98.13
CA ALA LE 76 -74.43 -69.42 99.51
C ALA LE 76 -74.73 -67.98 99.89
N TYR LE 77 -75.10 -67.78 101.16
CA TYR LE 77 -75.54 -66.46 101.60
C TYR LE 77 -74.40 -65.47 101.67
N ASN LE 78 -73.16 -65.95 101.85
CA ASN LE 78 -72.02 -65.07 101.77
C ASN LE 78 -71.73 -64.61 100.34
N LEU LE 79 -72.35 -65.25 99.35
CA LEU LE 79 -72.10 -64.95 97.96
C LEU LE 79 -73.20 -64.09 97.34
N GLN LE 80 -74.04 -63.49 98.17
CA GLN LE 80 -75.17 -62.73 97.67
C GLN LE 80 -74.91 -61.24 97.65
N ALA LE 81 -73.69 -60.82 97.87
CA ALA LE 81 -73.40 -59.40 97.95
C ALA LE 81 -73.37 -58.77 96.57
N ARG LE 82 -73.39 -57.44 96.55
CA ARG LE 82 -73.37 -56.66 95.33
C ARG LE 82 -72.15 -55.75 95.34
N ALA LE 83 -71.56 -55.55 94.17
CA ALA LE 83 -70.37 -54.72 94.05
C ALA LE 83 -70.27 -54.22 92.62
N SER LE 84 -69.41 -53.23 92.44
CA SER LE 84 -68.99 -52.78 91.12
C SER LE 84 -67.55 -53.18 90.93
N VAL LE 85 -67.27 -53.90 89.86
CA VAL LE 85 -65.92 -54.37 89.60
C VAL LE 85 -65.56 -54.05 88.17
N ASP LE 86 -64.48 -53.30 87.99
CA ASP LE 86 -63.85 -53.13 86.70
C ASP LE 86 -62.48 -53.76 86.78
N TRP LE 87 -62.18 -54.65 85.85
CA TRP LE 87 -60.89 -55.31 85.82
C TRP LE 87 -60.58 -55.75 84.40
N SER LE 88 -59.35 -55.54 83.97
CA SER LE 88 -58.90 -56.04 82.68
C SER LE 88 -57.46 -56.48 82.88
N GLY LE 89 -57.28 -57.75 83.23
CA GLY LE 89 -55.95 -58.26 83.44
C GLY LE 89 -55.94 -59.72 83.81
N PRO LE 90 -54.94 -60.12 84.59
CA PRO LE 90 -54.81 -61.52 84.97
C PRO LE 90 -55.93 -61.98 85.88
N ILE LE 91 -56.20 -63.28 85.79
CA ILE LE 91 -57.37 -63.86 86.44
C ILE LE 91 -57.10 -64.13 87.91
N GLU LE 92 -55.85 -64.44 88.24
CA GLU LE 92 -55.49 -64.95 89.56
C GLU LE 92 -55.72 -63.91 90.64
N GLU LE 93 -55.28 -62.69 90.39
CA GLU LE 93 -55.40 -61.63 91.38
C GLU LE 93 -56.85 -61.25 91.62
N LEU LE 94 -57.64 -61.22 90.55
CA LEU LE 94 -59.06 -60.88 90.67
C LEU LE 94 -59.81 -61.94 91.47
N THR LE 95 -59.56 -63.21 91.18
CA THR LE 95 -60.34 -64.23 91.88
C THR LE 95 -59.89 -64.38 93.32
N ALA LE 96 -58.61 -64.11 93.61
CA ALA LE 96 -58.16 -64.11 94.99
C ALA LE 96 -58.76 -62.94 95.76
N ARG LE 97 -58.89 -61.78 95.11
CA ARG LE 97 -59.52 -60.62 95.75
C ARG LE 97 -60.98 -60.88 96.05
N ILE LE 98 -61.68 -61.54 95.14
CA ILE LE 98 -63.09 -61.84 95.37
C ILE LE 98 -63.23 -62.85 96.50
N ALA LE 99 -62.32 -63.83 96.57
CA ALA LE 99 -62.33 -64.79 97.67
C ALA LE 99 -62.08 -64.11 99.01
N LYS LE 100 -61.11 -63.19 99.05
CA LYS LE 100 -60.77 -62.48 100.26
C LYS LE 100 -61.91 -61.59 100.73
N ALA LE 101 -62.57 -60.90 99.80
CA ALA LE 101 -63.71 -60.09 100.16
C ALA LE 101 -64.94 -60.92 100.49
N ALA LE 102 -65.00 -62.16 100.01
CA ALA LE 102 -66.12 -63.04 100.28
C ALA LE 102 -65.87 -63.96 101.45
N HIS LE 103 -64.74 -63.79 102.14
CA HIS LE 103 -64.36 -64.55 103.35
C HIS LE 103 -64.24 -66.04 103.04
N PHE LE 104 -63.57 -66.35 101.94
CA PHE LE 104 -63.34 -67.71 101.53
C PHE LE 104 -61.86 -67.96 101.36
N ARG LE 105 -61.41 -69.14 101.76
CA ARG LE 105 -60.06 -69.53 101.45
C ARG LE 105 -59.95 -69.90 99.97
N PHE LE 106 -58.74 -69.86 99.45
CA PHE LE 106 -58.54 -69.99 98.02
C PHE LE 106 -57.27 -70.77 97.73
N ARG LE 107 -57.32 -71.62 96.71
CA ARG LE 107 -56.09 -72.27 96.28
C ARG LE 107 -56.09 -72.48 94.77
N VAL LE 108 -54.89 -72.73 94.26
CA VAL LE 108 -54.67 -73.01 92.85
C VAL LE 108 -54.23 -74.46 92.72
N LEU LE 109 -54.45 -75.02 91.53
CA LEU LE 109 -53.97 -76.35 91.19
C LEU LE 109 -53.50 -76.31 89.75
N GLY LE 110 -52.36 -76.91 89.49
CA GLY LE 110 -51.71 -76.81 88.21
C GLY LE 110 -50.71 -75.66 88.20
N LYS LE 111 -50.06 -75.52 87.07
CA LYS LE 111 -48.98 -74.56 86.89
C LYS LE 111 -49.49 -73.37 86.08
N SER LE 112 -49.15 -72.17 86.53
CA SER LE 112 -49.48 -71.00 85.75
C SER LE 112 -48.66 -70.99 84.46
N PRO LE 113 -49.27 -70.66 83.33
CA PRO LE 113 -48.52 -70.65 82.07
C PRO LE 113 -47.60 -69.44 82.00
N SER LE 114 -46.68 -69.51 81.04
CA SER LE 114 -45.80 -68.38 80.78
C SER LE 114 -46.60 -67.19 80.25
N VAL LE 115 -47.46 -67.43 79.27
CA VAL LE 115 -48.40 -66.40 78.85
C VAL LE 115 -49.50 -66.29 79.89
N PRO LE 116 -49.79 -65.09 80.39
CA PRO LE 116 -50.84 -64.95 81.41
C PRO LE 116 -52.22 -65.18 80.81
N VAL LE 117 -53.17 -65.49 81.67
CA VAL LE 117 -54.55 -65.66 81.27
C VAL LE 117 -55.27 -64.36 81.58
N LEU LE 118 -55.69 -63.66 80.53
CA LEU LE 118 -56.25 -62.32 80.67
C LEU LE 118 -57.73 -62.35 80.38
N ILE LE 119 -58.49 -61.64 81.20
CA ILE LE 119 -59.92 -61.44 81.03
C ILE LE 119 -60.21 -59.97 81.28
N SER LE 120 -61.46 -59.59 81.07
CA SER LE 120 -61.88 -58.21 81.31
C SER LE 120 -63.36 -58.21 81.63
N ILE LE 121 -63.70 -57.85 82.86
CA ILE LE 121 -65.07 -57.73 83.30
C ILE LE 121 -65.26 -56.33 83.87
N SER LE 122 -66.21 -55.59 83.33
CA SER LE 122 -66.52 -54.25 83.82
C SER LE 122 -68.02 -54.18 84.07
N THR LE 123 -68.41 -54.04 85.33
CA THR LE 123 -69.81 -54.07 85.69
C THR LE 123 -70.03 -53.31 86.98
N LYS LE 124 -71.30 -53.00 87.24
CA LYS LE 124 -71.69 -52.07 88.29
C LYS LE 124 -72.44 -52.69 89.44
N ASP LE 125 -73.39 -53.60 89.21
CA ASP LE 125 -74.20 -54.11 90.31
C ASP LE 125 -74.75 -55.48 89.93
N GLU LE 126 -74.18 -56.53 90.50
CA GLU LE 126 -74.66 -57.88 90.25
C GLU LE 126 -74.20 -58.79 91.39
N SER LE 127 -74.44 -60.08 91.23
CA SER LE 127 -73.98 -61.06 92.19
C SER LE 127 -72.57 -61.54 91.84
N LEU LE 128 -71.75 -61.68 92.87
CA LEU LE 128 -70.39 -62.15 92.69
C LEU LE 128 -70.37 -63.60 92.23
N ALA LE 129 -71.41 -64.37 92.54
CA ALA LE 129 -71.52 -65.71 91.97
C ALA LE 129 -71.69 -65.66 90.46
N GLU LE 130 -72.49 -64.69 89.98
CA GLU LE 130 -72.60 -64.50 88.54
C GLU LE 130 -71.30 -64.02 87.94
N ILE LE 131 -70.53 -63.24 88.71
CA ILE LE 131 -69.18 -62.85 88.28
C ILE LE 131 -68.31 -64.08 88.13
N LEU LE 132 -68.41 -65.01 89.08
CA LEU LE 132 -67.65 -66.26 89.02
C LEU LE 132 -68.05 -67.09 87.81
N ARG LE 133 -69.34 -67.13 87.52
CA ARG LE 133 -69.83 -67.87 86.36
C ARG LE 133 -69.30 -67.27 85.06
N ASP LE 134 -69.30 -65.95 84.98
CA ASP LE 134 -68.76 -65.27 83.80
C ASP LE 134 -67.27 -65.52 83.68
N ILE LE 135 -66.56 -65.58 84.81
CA ILE LE 135 -65.13 -65.83 84.77
C ILE LE 135 -64.85 -67.25 84.28
N ASP LE 136 -65.63 -68.22 84.77
CA ASP LE 136 -65.42 -69.60 84.32
C ASP LE 136 -65.79 -69.77 82.86
N TYR LE 137 -66.78 -69.03 82.37
CA TYR LE 137 -67.08 -69.07 80.95
C TYR LE 137 -65.96 -68.43 80.14
N GLN LE 138 -65.46 -67.29 80.59
CA GLN LE 138 -64.46 -66.56 79.84
C GLN LE 138 -63.11 -67.24 79.87
N ALA LE 139 -62.88 -68.11 80.85
CA ALA LE 139 -61.62 -68.82 80.96
C ALA LE 139 -61.43 -69.83 79.85
N GLY LE 140 -62.50 -70.23 79.16
CA GLY LE 140 -62.36 -71.19 78.09
C GLY LE 140 -62.02 -72.56 78.62
N LYS LE 141 -61.30 -73.32 77.81
CA LYS LE 141 -60.82 -74.63 78.23
C LYS LE 141 -59.44 -74.58 78.86
N LYS LE 142 -58.82 -73.40 78.95
CA LYS LE 142 -57.49 -73.31 79.53
C LYS LE 142 -57.51 -73.45 81.04
N ALA LE 143 -58.56 -72.96 81.69
CA ALA LE 143 -58.66 -73.02 83.13
C ALA LE 143 -60.07 -73.38 83.51
N SER LE 144 -60.24 -73.78 84.77
CA SER LE 144 -61.55 -74.13 85.28
C SER LE 144 -61.61 -73.80 86.76
N ILE LE 145 -62.82 -73.75 87.29
CA ILE LE 145 -63.05 -73.27 88.63
C ILE LE 145 -63.82 -74.33 89.42
N HIS LE 146 -63.72 -74.23 90.75
CA HIS LE 146 -64.55 -75.03 91.63
C HIS LE 146 -64.77 -74.29 92.92
N VAL LE 147 -65.92 -74.54 93.52
CA VAL LE 147 -66.35 -73.88 94.75
C VAL LE 147 -66.85 -74.95 95.71
N TYR LE 148 -66.36 -74.93 96.94
CA TYR LE 148 -66.85 -75.85 97.95
C TYR LE 148 -67.40 -75.05 99.12
N PRO LE 149 -68.70 -75.13 99.40
CA PRO LE 149 -69.29 -74.37 100.51
C PRO LE 149 -69.36 -75.12 101.84
N ASN LE 150 -69.07 -76.42 101.83
CA ASN LE 150 -68.99 -77.14 103.10
C ASN LE 150 -67.77 -76.71 103.89
N SER LE 151 -66.62 -76.66 103.24
CA SER LE 151 -65.41 -76.05 103.77
C SER LE 151 -65.07 -74.89 102.85
N GLN LE 152 -65.15 -73.67 103.39
CA GLN LE 152 -65.45 -72.50 102.57
C GLN LE 152 -64.28 -72.10 101.69
N VAL LE 153 -64.17 -72.74 100.52
CA VAL LE 153 -62.99 -72.60 99.70
C VAL LE 153 -63.37 -72.46 98.23
N VAL LE 154 -62.50 -71.80 97.48
CA VAL LE 154 -62.57 -71.75 96.03
C VAL LE 154 -61.21 -72.13 95.47
N GLU LE 155 -61.21 -72.99 94.46
CA GLU LE 155 -59.97 -73.45 93.88
C GLU LE 155 -60.02 -73.33 92.37
N LEU LE 156 -58.89 -72.98 91.79
CA LEU LE 156 -58.78 -72.94 90.34
C LEU LE 156 -57.93 -74.12 89.87
N ARG LE 157 -58.11 -74.49 88.62
CA ARG LE 157 -57.41 -75.63 88.05
C ARG LE 157 -56.97 -75.27 86.64
N TYR LE 158 -55.68 -75.19 86.42
CA TYR LE 158 -55.20 -75.06 85.05
C TYR LE 158 -55.34 -76.38 84.32
N ALA LE 159 -55.35 -76.30 82.99
CA ALA LE 159 -55.39 -77.51 82.18
C ALA LE 159 -53.96 -77.98 81.92
N LYS LE 160 -53.82 -78.93 81.00
CA LYS LE 160 -52.52 -79.49 80.69
C LYS LE 160 -51.87 -78.72 79.54
N ILE ME 208 -90.31 -101.27 67.76
CA ILE ME 208 -91.57 -100.76 67.24
C ILE ME 208 -92.03 -99.57 68.08
N ILE ME 209 -92.29 -98.46 67.42
CA ILE ME 209 -92.75 -97.27 68.13
C ILE ME 209 -94.28 -97.31 68.18
N TYR ME 210 -94.83 -96.64 69.18
CA TYR ME 210 -96.27 -96.63 69.43
C TYR ME 210 -96.79 -95.20 69.31
N TYR ME 211 -98.11 -95.07 69.33
CA TYR ME 211 -98.74 -93.75 69.29
C TYR ME 211 -100.09 -93.81 69.98
N ILE ME 212 -100.47 -92.68 70.58
CA ILE ME 212 -101.73 -92.59 71.30
C ILE ME 212 -102.82 -92.16 70.34
N GLN ME 213 -104.05 -92.59 70.64
CA GLN ME 213 -105.20 -92.29 69.80
C GLN ME 213 -106.17 -91.34 70.50
N ALA ME 214 -106.66 -91.73 71.68
CA ALA ME 214 -107.60 -90.92 72.43
C ALA ME 214 -107.45 -91.28 73.90
N VAL ME 215 -107.40 -90.26 74.75
CA VAL ME 215 -107.10 -90.44 76.17
C VAL ME 215 -108.23 -89.82 76.99
N ILE ME 216 -108.86 -90.64 77.82
CA ILE ME 216 -109.82 -90.19 78.82
C ILE ME 216 -109.03 -90.07 80.12
N PRO ME 217 -109.50 -89.36 81.14
CA PRO ME 217 -108.90 -89.52 82.46
C PRO ME 217 -109.07 -90.93 82.98
N GLY ME 218 -107.96 -91.65 83.09
CA GLY ME 218 -107.96 -92.98 83.63
C GLY ME 218 -107.46 -94.06 82.68
N ARG ME 219 -107.83 -93.97 81.41
CA ARG ME 219 -107.45 -94.98 80.44
C ARG ME 219 -106.98 -94.30 79.16
N ALA ME 220 -106.49 -95.10 78.23
CA ALA ME 220 -106.10 -94.56 76.94
C ALA ME 220 -106.23 -95.62 75.86
N TRP ME 221 -106.33 -95.17 74.62
CA TRP ME 221 -106.31 -96.02 73.45
C TRP ME 221 -104.96 -95.88 72.79
N LEU ME 222 -104.25 -97.00 72.64
CA LEU ME 222 -102.88 -97.00 72.19
C LEU ME 222 -102.77 -97.79 70.90
N ILE ME 223 -101.96 -97.29 69.97
CA ILE ME 223 -101.69 -97.99 68.72
C ILE ME 223 -100.17 -98.06 68.57
N GLY ME 224 -99.72 -99.04 67.78
CA GLY ME 224 -98.32 -99.22 67.49
C GLY ME 224 -97.97 -98.83 66.07
N SER ME 225 -96.73 -99.14 65.69
CA SER ME 225 -96.30 -98.92 64.32
C SER ME 225 -97.04 -99.86 63.36
N ASN ME 226 -97.20 -101.12 63.74
CA ASN ME 226 -97.90 -102.08 62.90
C ASN ME 226 -99.40 -101.90 62.92
N GLY ME 227 -99.94 -101.28 63.97
CA GLY ME 227 -101.38 -101.18 64.13
C GLY ME 227 -102.00 -102.20 65.04
N SER ME 228 -101.20 -102.94 65.81
CA SER ME 228 -101.75 -103.82 66.83
C SER ME 228 -102.25 -102.99 68.00
N THR ME 229 -103.52 -102.62 67.98
CA THR ME 229 -104.05 -101.69 68.98
C THR ME 229 -104.23 -102.35 70.33
N LEU ME 230 -104.37 -101.52 71.36
CA LEU ME 230 -104.65 -101.98 72.70
C LEU ME 230 -105.27 -100.83 73.49
N THR ME 231 -105.87 -101.18 74.62
CA THR ME 231 -106.45 -100.21 75.54
C THR ME 231 -105.77 -100.36 76.88
N VAL ME 232 -105.26 -99.26 77.42
CA VAL ME 232 -104.41 -99.29 78.61
C VAL ME 232 -105.16 -98.65 79.77
N ARG ME 233 -105.09 -99.32 80.93
CA ARG ME 233 -105.56 -98.80 82.20
C ARG ME 233 -104.52 -97.85 82.77
N GLU ME 234 -104.68 -97.47 84.04
CA GLU ME 234 -103.63 -96.70 84.70
C GLU ME 234 -102.39 -97.54 84.94
N GLY ME 235 -102.56 -98.73 85.48
CA GLY ME 235 -101.43 -99.62 85.70
C GLY ME 235 -101.40 -100.77 84.72
N SER ME 236 -100.51 -100.69 83.72
CA SER ME 236 -100.44 -101.73 82.70
C SER ME 236 -99.00 -101.88 82.24
N LYS ME 237 -98.66 -103.09 81.81
CA LYS ME 237 -97.29 -103.45 81.47
C LYS ME 237 -97.19 -103.72 79.97
N ILE ME 238 -96.28 -103.02 79.30
CA ILE ME 238 -96.18 -103.11 77.85
C ILE ME 238 -94.74 -103.42 77.42
N PRO ME 239 -94.54 -104.15 76.32
CA PRO ME 239 -93.18 -104.44 75.87
C PRO ME 239 -92.53 -103.24 75.21
N GLY ME 240 -91.24 -103.10 75.44
CA GLY ME 240 -90.45 -102.02 74.88
C GLY ME 240 -90.47 -100.75 75.69
N TYR ME 241 -91.45 -100.58 76.58
CA TYR ME 241 -91.58 -99.36 77.35
C TYR ME 241 -91.55 -99.61 78.85
N GLY ME 242 -92.36 -100.52 79.35
CA GLY ME 242 -92.39 -100.78 80.78
C GLY ME 242 -93.76 -100.79 81.38
N MET ME 243 -93.89 -100.30 82.61
CA MET ME 243 -95.15 -100.24 83.32
C MET ME 243 -95.67 -98.81 83.31
N VAL ME 244 -96.94 -98.64 82.96
CA VAL ME 244 -97.54 -97.31 82.92
C VAL ME 244 -97.69 -96.79 84.34
N LYS ME 245 -97.17 -95.59 84.59
CA LYS ME 245 -97.10 -95.04 85.93
C LYS ME 245 -97.94 -93.79 86.11
N LEU ME 246 -97.76 -92.79 85.26
CA LEU ME 246 -98.51 -91.54 85.37
C LEU ME 246 -99.17 -91.23 84.05
N ILE ME 247 -100.45 -90.90 84.10
CA ILE ME 247 -101.25 -90.60 82.92
C ILE ME 247 -101.83 -89.20 83.09
N ASP ME 248 -101.57 -88.32 82.13
CA ASP ME 248 -102.23 -87.03 82.06
C ASP ME 248 -103.22 -87.02 80.92
N SER ME 249 -104.41 -86.50 81.19
CA SER ME 249 -105.38 -86.27 80.15
C SER ME 249 -105.36 -84.83 79.65
N LEU ME 250 -104.77 -83.91 80.42
CA LEU ME 250 -104.69 -82.53 79.96
C LEU ME 250 -103.67 -82.39 78.85
N GLN ME 251 -102.53 -83.07 78.97
CA GLN ME 251 -101.56 -83.15 77.91
C GLN ME 251 -101.36 -84.61 77.55
N GLY ME 252 -101.20 -84.89 76.26
CA GLY ME 252 -101.05 -86.25 75.80
C GLY ME 252 -99.69 -86.85 76.10
N ARG ME 253 -99.43 -87.11 77.37
CA ARG ME 253 -98.14 -87.66 77.78
C ARG ME 253 -98.39 -88.88 78.66
N ILE ME 254 -97.78 -90.00 78.28
CA ILE ME 254 -97.82 -91.24 79.07
C ILE ME 254 -96.39 -91.78 79.12
N LEU ME 255 -95.87 -91.99 80.32
CA LEU ME 255 -94.51 -92.46 80.50
C LEU ME 255 -94.49 -93.81 81.21
N THR ME 256 -93.37 -94.51 81.06
CA THR ME 256 -93.17 -95.81 81.68
C THR ME 256 -91.89 -95.85 82.48
N SER ME 257 -91.47 -97.05 82.87
CA SER ME 257 -90.29 -97.22 83.71
C SER ME 257 -89.01 -96.89 82.97
N SER ME 258 -88.99 -97.03 81.65
CA SER ME 258 -87.76 -96.81 80.89
C SER ME 258 -87.41 -95.33 80.73
N GLY ME 259 -88.31 -94.42 81.09
CA GLY ME 259 -88.00 -93.01 81.02
C GLY ME 259 -88.36 -92.34 79.72
N GLN ME 260 -89.16 -92.98 78.88
CA GLN ME 260 -89.61 -92.38 77.63
C GLN ME 260 -91.06 -91.95 77.75
N VAL ME 261 -91.40 -90.86 77.07
CA VAL ME 261 -92.72 -90.28 77.10
C VAL ME 261 -93.30 -90.31 75.70
N ILE ME 262 -94.49 -90.89 75.57
CA ILE ME 262 -95.15 -91.00 74.28
C ILE ME 262 -96.00 -89.76 74.05
N LYS ME 263 -96.36 -89.52 72.79
CA LYS ME 263 -97.23 -88.41 72.42
C LYS ME 263 -97.97 -88.79 71.14
N PHE ME 264 -98.64 -87.82 70.53
CA PHE ME 264 -99.39 -88.05 69.31
C PHE ME 264 -98.47 -88.07 68.09
N SER ME 265 -98.97 -88.65 67.01
CA SER ME 265 -98.25 -88.64 65.75
C SER ME 265 -98.44 -87.31 65.04
N GLN ME 266 -97.55 -87.02 64.11
CA GLN ME 266 -97.67 -85.81 63.30
C GLN ME 266 -97.48 -86.13 61.83
N GLN NE 791 46.21 -86.29 69.41
CA GLN NE 791 45.07 -85.46 69.80
C GLN NE 791 44.99 -84.22 68.92
N GLN NE 792 45.28 -84.40 67.63
CA GLN NE 792 45.09 -83.34 66.66
C GLN NE 792 43.64 -83.15 66.26
N GLU NE 793 42.78 -84.11 66.61
CA GLU NE 793 41.38 -84.07 66.19
C GLU NE 793 40.60 -83.00 66.92
N ILE NE 794 41.13 -82.49 68.04
CA ILE NE 794 40.48 -81.40 68.76
C ILE NE 794 40.46 -80.15 67.90
N GLN NE 795 41.58 -79.84 67.26
CA GLN NE 795 41.70 -78.62 66.49
C GLN NE 795 40.96 -78.72 65.17
N GLN NE 796 40.75 -79.94 64.67
CA GLN NE 796 39.96 -80.13 63.47
C GLN NE 796 38.52 -79.71 63.68
N ARG NE 797 37.95 -80.10 64.82
CA ARG NE 797 36.61 -79.63 65.17
C ARG NE 797 36.62 -78.23 65.77
N THR NE 798 37.78 -77.73 66.18
CA THR NE 798 37.84 -76.35 66.61
C THR NE 798 37.86 -75.39 65.43
N SER NE 799 38.54 -75.77 64.36
CA SER NE 799 38.81 -74.85 63.26
C SER NE 799 37.54 -74.50 62.49
N ASP NE 800 36.76 -75.53 62.14
CA ASP NE 800 35.56 -75.30 61.35
C ASP NE 800 34.48 -74.62 62.17
N MET NE 801 34.44 -74.89 63.48
CA MET NE 801 33.45 -74.25 64.32
C MET NE 801 33.80 -72.79 64.62
N LEU NE 802 35.05 -72.40 64.39
CA LEU NE 802 35.42 -70.99 64.53
C LEU NE 802 34.74 -70.14 63.48
N THR NE 803 34.81 -70.57 62.21
CA THR NE 803 34.14 -69.83 61.16
C THR NE 803 32.63 -70.03 61.20
N ALA NE 804 32.19 -71.18 61.72
CA ALA NE 804 30.77 -71.45 61.81
C ALA NE 804 30.07 -70.48 62.75
N ALA NE 805 30.71 -70.18 63.88
CA ALA NE 805 30.13 -69.21 64.81
C ALA NE 805 30.33 -67.78 64.33
N THR NE 806 31.27 -67.57 63.42
CA THR NE 806 31.54 -66.22 62.96
C THR NE 806 30.42 -65.69 62.06
N GLN NE 807 29.75 -66.59 61.35
CA GLN NE 807 28.69 -66.15 60.45
C GLN NE 807 27.45 -65.71 61.21
N LEU NE 808 27.06 -66.47 62.24
CA LEU NE 808 25.82 -66.15 62.95
C LEU NE 808 25.96 -64.90 63.81
N VAL NE 809 27.17 -64.62 64.32
CA VAL NE 809 27.35 -63.37 65.03
C VAL NE 809 27.40 -62.21 64.02
N GLN NE 810 27.86 -62.48 62.80
CA GLN NE 810 27.75 -61.48 61.74
C GLN NE 810 26.29 -61.27 61.36
N ASP NE 811 25.50 -62.34 61.40
CA ASP NE 811 24.05 -62.20 61.34
C ASP NE 811 23.54 -61.44 62.56
N TRP NE 812 24.11 -61.71 63.72
CA TRP NE 812 23.68 -61.02 64.93
C TRP NE 812 24.28 -59.64 65.07
N LYS NE 813 25.16 -59.24 64.16
CA LYS NE 813 25.79 -57.91 64.27
C LYS NE 813 24.84 -56.80 63.87
N GLN NE 814 24.04 -57.02 62.82
CA GLN NE 814 23.32 -55.93 62.19
C GLN NE 814 21.85 -55.91 62.58
N VAL NE 815 21.24 -54.74 62.39
CA VAL NE 815 19.80 -54.55 62.51
C VAL NE 815 19.41 -53.43 61.57
N GLU NE 816 18.45 -53.69 60.69
CA GLU NE 816 18.12 -52.74 59.66
C GLU NE 816 16.98 -51.81 60.08
N THR NE 817 16.77 -50.76 59.30
CA THR NE 817 15.98 -49.62 59.72
C THR NE 817 14.48 -49.89 59.55
N GLN NE 818 13.70 -49.11 60.29
CA GLN NE 818 12.26 -49.08 60.12
C GLN NE 818 11.91 -48.33 58.84
N VAL NE 819 10.64 -48.42 58.45
CA VAL NE 819 10.18 -47.80 57.22
C VAL NE 819 8.95 -46.96 57.50
N TYR NE 820 8.74 -45.96 56.66
CA TYR NE 820 7.58 -45.10 56.76
C TYR NE 820 6.89 -45.04 55.41
N THR NE 821 5.56 -45.02 55.43
CA THR NE 821 4.76 -45.05 54.22
C THR NE 821 3.52 -44.20 54.42
N GLU NE 822 3.34 -43.20 53.58
CA GLU NE 822 2.15 -42.36 53.58
C GLU NE 822 1.37 -42.61 52.30
N GLY NE 823 0.05 -42.71 52.43
CA GLY NE 823 -0.84 -42.87 51.30
C GLY NE 823 -1.89 -41.77 51.28
N THR NE 824 -2.25 -41.34 50.07
CA THR NE 824 -3.31 -40.36 49.89
C THR NE 824 -3.93 -40.49 48.50
N MET OE 23 -116.08 -64.55 -34.30
CA MET OE 23 -115.39 -65.75 -33.83
C MET OE 23 -113.98 -65.45 -33.36
N LYS OE 24 -113.82 -65.16 -32.08
CA LYS OE 24 -112.49 -64.92 -31.54
C LYS OE 24 -111.76 -66.24 -31.34
N PHE OE 25 -110.44 -66.15 -31.26
CA PHE OE 25 -109.58 -67.32 -31.21
C PHE OE 25 -108.77 -67.30 -29.93
N LYS OE 26 -108.87 -68.38 -29.14
CA LYS OE 26 -108.25 -68.41 -27.83
C LYS OE 26 -107.48 -69.72 -27.63
N LYS OE 27 -106.61 -69.70 -26.63
CA LYS OE 27 -105.82 -70.82 -26.17
C LYS OE 27 -106.03 -70.96 -24.68
N PRO OE 28 -105.93 -72.17 -24.13
CA PRO OE 28 -106.46 -72.43 -22.77
C PRO OE 28 -105.76 -71.67 -21.65
N PRO OE 29 -104.41 -71.77 -21.45
CA PRO OE 29 -103.87 -71.27 -20.18
C PRO OE 29 -103.77 -69.75 -20.18
N ILE OE 30 -104.68 -69.11 -19.45
CA ILE OE 30 -104.67 -67.67 -19.24
C ILE OE 30 -104.64 -67.43 -17.74
N ASN OE 31 -103.71 -66.61 -17.29
CA ASN OE 31 -103.59 -66.30 -15.87
C ASN OE 31 -102.90 -64.95 -15.73
N ASN OE 32 -102.62 -64.57 -14.48
CA ASN OE 32 -102.02 -63.29 -14.17
C ASN OE 32 -100.60 -63.20 -14.72
N PRO OE 33 -100.12 -62.01 -15.06
CA PRO OE 33 -98.79 -61.89 -15.66
C PRO OE 33 -97.68 -62.22 -14.68
N SER OE 34 -96.52 -62.53 -15.26
CA SER OE 34 -95.40 -63.10 -14.54
C SER OE 34 -94.38 -62.03 -14.17
N ASP OE 35 -93.21 -62.48 -13.70
CA ASP OE 35 -92.07 -61.61 -13.48
C ASP OE 35 -90.80 -62.36 -13.88
N ASP OE 36 -89.89 -61.63 -14.53
CA ASP OE 36 -88.67 -62.24 -15.06
C ASP OE 36 -87.79 -62.81 -13.97
N ALA OE 37 -87.80 -62.21 -12.78
CA ALA OE 37 -87.00 -62.75 -11.68
C ALA OE 37 -87.50 -64.12 -11.26
N THR OE 38 -88.82 -64.29 -11.19
CA THR OE 38 -89.39 -65.61 -10.94
C THR OE 38 -89.10 -66.56 -12.08
N ILE OE 39 -89.04 -66.05 -13.30
CA ILE OE 39 -88.73 -66.90 -14.45
C ILE OE 39 -87.32 -67.46 -14.33
N LYS OE 40 -86.36 -66.59 -14.00
CA LYS OE 40 -84.98 -67.03 -13.79
C LYS OE 40 -84.88 -67.98 -12.60
N LEU OE 41 -85.69 -67.73 -11.57
CA LEU OE 41 -85.70 -68.57 -10.37
C LEU OE 41 -86.11 -70.00 -10.70
N ALA OE 42 -87.26 -70.14 -11.37
CA ALA OE 42 -87.74 -71.47 -11.72
C ALA OE 42 -86.86 -72.12 -12.77
N GLU OE 43 -86.24 -71.30 -13.62
CA GLU OE 43 -85.32 -71.81 -14.62
C GLU OE 43 -84.10 -72.44 -13.98
N ALA OE 44 -83.60 -71.85 -12.91
CA ALA OE 44 -82.54 -72.53 -12.16
C ALA OE 44 -83.09 -73.76 -11.45
N ALA OE 45 -84.29 -73.63 -10.89
CA ALA OE 45 -84.80 -74.62 -9.95
C ALA OE 45 -85.09 -75.95 -10.60
N VAL OE 46 -85.53 -75.93 -11.86
CA VAL OE 46 -85.81 -77.20 -12.55
C VAL OE 46 -84.52 -77.99 -12.76
N SER OE 47 -83.43 -77.30 -13.07
CA SER OE 47 -82.15 -77.97 -13.28
C SER OE 47 -81.62 -78.54 -11.98
N VAL OE 48 -81.77 -77.79 -10.89
CA VAL OE 48 -81.32 -78.29 -9.59
C VAL OE 48 -82.14 -79.51 -9.18
N SER OE 49 -83.44 -79.49 -9.48
CA SER OE 49 -84.31 -80.61 -9.17
C SER OE 49 -83.88 -81.86 -9.92
N ASP OE 50 -83.59 -81.70 -11.22
CA ASP OE 50 -83.14 -82.84 -12.02
C ASP OE 50 -81.83 -83.40 -11.51
N SER OE 51 -80.91 -82.51 -11.10
CA SER OE 51 -79.60 -82.95 -10.67
C SER OE 51 -79.66 -83.75 -9.39
N MET OE 52 -80.39 -83.25 -8.40
CA MET OE 52 -80.45 -84.00 -7.15
C MET OE 52 -81.33 -85.23 -7.26
N LEU OE 53 -82.28 -85.24 -8.21
CA LEU OE 53 -83.02 -86.46 -8.50
C LEU OE 53 -82.09 -87.54 -9.03
N GLU OE 54 -81.17 -87.14 -9.91
CA GLU OE 54 -80.19 -88.08 -10.44
C GLU OE 54 -79.28 -88.61 -9.34
N MET OE 55 -78.84 -87.72 -8.44
CA MET OE 55 -77.99 -88.14 -7.33
C MET OE 55 -78.70 -89.13 -6.42
N ALA OE 56 -79.96 -88.86 -6.11
CA ALA OE 56 -80.71 -89.76 -5.25
C ALA OE 56 -80.93 -91.10 -5.92
N LYS OE 57 -81.12 -91.09 -7.24
CA LYS OE 57 -81.28 -92.34 -7.98
C LYS OE 57 -80.02 -93.19 -7.92
N VAL OE 58 -78.86 -92.55 -8.08
CA VAL OE 58 -77.59 -93.27 -8.02
C VAL OE 58 -77.35 -93.84 -6.62
N GLU OE 59 -77.64 -93.03 -5.58
CA GLU OE 59 -77.46 -93.49 -4.21
C GLU OE 59 -78.39 -94.65 -3.87
N LYS OE 60 -79.65 -94.55 -4.30
CA LYS OE 60 -80.63 -95.60 -4.07
C LYS OE 60 -80.22 -96.89 -4.76
N VAL OE 61 -79.73 -96.79 -5.99
CA VAL OE 61 -79.40 -98.01 -6.69
C VAL OE 61 -78.04 -98.57 -6.27
N ILE OE 62 -77.19 -97.78 -5.63
CA ILE OE 62 -75.91 -98.32 -5.21
C ILE OE 62 -75.91 -98.77 -3.76
N THR OE 63 -76.90 -98.37 -2.97
CA THR OE 63 -76.96 -98.84 -1.60
C THR OE 63 -78.22 -99.67 -1.40
N PRO OE 64 -78.13 -100.81 -0.73
CA PRO OE 64 -79.32 -101.63 -0.52
C PRO OE 64 -80.09 -101.18 0.72
N PRO OE 65 -81.33 -100.72 0.55
CA PRO OE 65 -82.12 -100.35 1.72
C PRO OE 65 -82.71 -101.59 2.38
N SER OE 66 -82.50 -101.71 3.68
CA SER OE 66 -82.88 -102.92 4.40
C SER OE 66 -83.92 -102.67 5.48
N LYS OE 67 -83.68 -101.72 6.36
CA LYS OE 67 -84.46 -101.57 7.57
C LYS OE 67 -85.42 -100.40 7.43
N ASP OE 68 -86.69 -100.65 7.69
CA ASP OE 68 -87.69 -99.60 7.76
C ASP OE 68 -87.85 -99.15 9.19
N ASN OE 69 -88.10 -97.86 9.36
CA ASN OE 69 -88.23 -97.28 10.68
C ASN OE 69 -89.59 -97.51 11.31
N THR OE 70 -90.50 -98.19 10.61
CA THR OE 70 -91.83 -98.46 11.14
C THR OE 70 -91.77 -99.40 12.34
N LEU OE 71 -90.84 -100.35 12.33
CA LEU OE 71 -90.64 -101.21 13.48
C LEU OE 71 -90.18 -100.41 14.70
N THR OE 72 -89.30 -99.44 14.48
CA THR OE 72 -88.83 -98.61 15.58
C THR OE 72 -89.91 -97.67 16.06
N ILE OE 73 -90.75 -97.17 15.16
CA ILE OE 73 -91.80 -96.24 15.53
C ILE OE 73 -93.14 -96.86 15.17
N PRO OE 74 -93.70 -97.72 16.01
CA PRO OE 74 -95.00 -98.30 15.70
C PRO OE 74 -96.12 -97.33 16.00
N ASN OE 75 -97.19 -97.44 15.24
CA ASN OE 75 -98.38 -96.66 15.51
C ASN OE 75 -99.11 -97.23 16.71
N ALA OE 76 -100.05 -96.45 17.23
CA ALA OE 76 -100.93 -96.92 18.30
C ALA OE 76 -102.22 -96.12 18.21
N TYR OE 77 -103.12 -96.41 19.14
CA TYR OE 77 -104.35 -95.63 19.22
C TYR OE 77 -104.04 -94.24 19.76
N ASN OE 78 -105.02 -93.35 19.57
CA ASN OE 78 -104.97 -91.89 19.71
C ASN OE 78 -103.67 -91.30 19.17
N LEU OE 79 -103.24 -91.82 18.02
CA LEU OE 79 -102.14 -91.25 17.27
C LEU OE 79 -102.59 -90.81 15.89
N GLN OE 80 -103.90 -90.81 15.64
CA GLN OE 80 -104.43 -90.61 14.31
C GLN OE 80 -105.05 -89.23 14.13
N ALA OE 81 -104.82 -88.33 15.08
CA ALA OE 81 -105.29 -86.96 14.92
C ALA OE 81 -104.53 -86.28 13.79
N ARG OE 82 -105.15 -85.29 13.17
CA ARG OE 82 -104.54 -84.68 12.00
C ARG OE 82 -103.73 -83.46 12.38
N ALA OE 83 -102.59 -83.29 11.71
CA ALA OE 83 -101.66 -82.21 12.01
C ALA OE 83 -101.18 -81.57 10.73
N SER OE 84 -101.28 -80.25 10.65
CA SER OE 84 -100.72 -79.50 9.53
C SER OE 84 -99.82 -78.42 10.08
N VAL OE 85 -98.56 -78.41 9.63
CA VAL OE 85 -97.50 -77.74 10.37
C VAL OE 85 -96.52 -77.08 9.41
N ASP OE 86 -96.19 -75.82 9.67
CA ASP OE 86 -95.02 -75.16 9.09
C ASP OE 86 -94.06 -74.80 10.22
N TRP OE 87 -92.80 -75.20 10.06
CA TRP OE 87 -91.84 -75.02 11.15
C TRP OE 87 -90.44 -74.87 10.60
N SER OE 88 -89.65 -74.00 11.21
CA SER OE 88 -88.28 -73.79 10.76
C SER OE 88 -87.32 -73.57 11.92
N GLY OE 89 -87.44 -74.34 12.99
CA GLY OE 89 -86.62 -74.08 14.15
C GLY OE 89 -85.98 -75.30 14.78
N PRO OE 90 -85.79 -75.24 16.10
CA PRO OE 90 -85.30 -76.42 16.83
C PRO OE 90 -86.36 -77.48 16.95
N ILE OE 91 -86.01 -78.59 17.59
CA ILE OE 91 -86.73 -79.85 17.42
C ILE OE 91 -87.48 -80.24 18.69
N GLU OE 92 -86.84 -80.09 19.85
CA GLU OE 92 -87.29 -80.74 21.07
C GLU OE 92 -88.61 -80.18 21.58
N GLU OE 93 -88.77 -78.86 21.57
CA GLU OE 93 -90.01 -78.29 22.07
C GLU OE 93 -91.16 -78.53 21.10
N LEU OE 94 -90.84 -78.64 19.81
CA LEU OE 94 -91.85 -79.01 18.83
C LEU OE 94 -92.36 -80.41 19.10
N THR OE 95 -91.45 -81.34 19.38
CA THR OE 95 -91.86 -82.69 19.73
C THR OE 95 -92.61 -82.73 21.06
N ALA OE 96 -92.25 -81.83 21.98
CA ALA OE 96 -93.00 -81.73 23.23
C ALA OE 96 -94.43 -81.26 23.00
N ARG OE 97 -94.61 -80.34 22.06
CA ARG OE 97 -95.96 -79.94 21.65
C ARG OE 97 -96.72 -81.13 21.08
N ILE OE 98 -96.03 -81.96 20.28
CA ILE OE 98 -96.67 -83.14 19.69
C ILE OE 98 -97.11 -84.11 20.79
N ALA OE 99 -96.25 -84.35 21.76
CA ALA OE 99 -96.59 -85.28 22.83
C ALA OE 99 -97.69 -84.72 23.72
N LYS OE 100 -97.68 -83.40 23.95
CA LYS OE 100 -98.72 -82.77 24.75
C LYS OE 100 -100.07 -82.84 24.05
N ALA OE 101 -100.07 -82.76 22.72
CA ALA OE 101 -101.28 -83.07 21.99
C ALA OE 101 -101.64 -84.55 22.12
N ALA OE 102 -100.64 -85.41 22.21
CA ALA OE 102 -100.88 -86.84 22.26
C ALA OE 102 -101.33 -87.34 23.62
N HIS OE 103 -101.31 -86.47 24.65
CA HIS OE 103 -101.54 -86.85 26.05
C HIS OE 103 -100.56 -87.93 26.48
N PHE OE 104 -99.33 -87.81 26.03
CA PHE OE 104 -98.30 -88.81 26.28
C PHE OE 104 -97.22 -88.21 27.15
N ARG OE 105 -96.25 -89.05 27.49
CA ARG OE 105 -95.12 -88.57 28.29
C ARG OE 105 -93.87 -88.46 27.43
N PHE OE 106 -93.08 -87.44 27.73
CA PHE OE 106 -91.96 -87.00 26.93
C PHE OE 106 -90.66 -87.29 27.68
N ARG OE 107 -89.63 -87.69 26.95
CA ARG OE 107 -88.37 -87.97 27.61
C ARG OE 107 -87.21 -87.72 26.67
N VAL OE 108 -86.07 -87.35 27.25
CA VAL OE 108 -84.88 -87.01 26.48
C VAL OE 108 -83.68 -87.71 27.10
N LEU OE 109 -82.82 -88.27 26.26
CA LEU OE 109 -81.62 -88.95 26.69
C LEU OE 109 -80.43 -88.32 26.00
N GLY OE 110 -79.36 -88.09 26.76
CA GLY OE 110 -78.19 -87.46 26.22
C GLY OE 110 -78.31 -85.96 26.19
N LYS OE 111 -77.23 -85.25 26.50
CA LYS OE 111 -77.25 -83.79 26.44
C LYS OE 111 -77.29 -83.33 25.00
N SER OE 112 -77.93 -82.18 24.78
CA SER OE 112 -77.87 -81.55 23.48
C SER OE 112 -76.45 -81.08 23.21
N PRO OE 113 -75.97 -81.20 21.99
CA PRO OE 113 -74.67 -80.62 21.65
C PRO OE 113 -74.77 -79.11 21.56
N SER OE 114 -73.60 -78.49 21.51
CA SER OE 114 -73.52 -77.02 21.49
C SER OE 114 -74.07 -76.45 20.19
N VAL OE 115 -73.81 -77.10 19.07
CA VAL OE 115 -74.43 -76.69 17.83
C VAL OE 115 -75.88 -77.15 17.89
N PRO OE 116 -76.84 -76.26 17.70
CA PRO OE 116 -78.24 -76.70 17.65
C PRO OE 116 -78.53 -77.42 16.36
N VAL OE 117 -79.50 -78.32 16.41
CA VAL OE 117 -79.89 -79.14 15.27
C VAL OE 117 -81.28 -78.68 14.84
N LEU OE 118 -81.45 -78.37 13.57
CA LEU OE 118 -82.62 -77.69 13.06
C LEU OE 118 -83.28 -78.50 11.96
N ILE OE 119 -84.61 -78.56 12.00
CA ILE OE 119 -85.41 -79.26 11.00
C ILE OE 119 -86.48 -78.32 10.48
N SER OE 120 -86.59 -78.22 9.16
CA SER OE 120 -87.68 -77.48 8.53
C SER OE 120 -88.70 -78.47 8.00
N ILE OE 121 -89.98 -78.21 8.28
CA ILE OE 121 -91.06 -79.10 7.89
C ILE OE 121 -92.18 -78.29 7.25
N SER OE 122 -92.58 -78.70 6.05
CA SER OE 122 -93.73 -78.12 5.35
C SER OE 122 -94.61 -79.25 4.86
N THR OE 123 -95.77 -79.41 5.48
CA THR OE 123 -96.67 -80.51 5.16
C THR OE 123 -98.08 -80.14 5.61
N LYS OE 124 -99.01 -81.08 5.44
CA LYS OE 124 -100.42 -80.78 5.68
C LYS OE 124 -101.20 -82.08 5.89
N ASP OE 125 -101.87 -82.19 7.04
CA ASP OE 125 -102.84 -83.24 7.43
C ASP OE 125 -102.31 -84.67 7.18
N GLU OE 126 -101.27 -85.01 7.92
CA GLU OE 126 -100.77 -86.38 7.89
C GLU OE 126 -101.09 -87.09 9.20
N SER OE 127 -100.56 -88.31 9.32
CA SER OE 127 -100.54 -88.98 10.60
C SER OE 127 -99.49 -88.35 11.50
N LEU OE 128 -99.77 -88.34 12.79
CA LEU OE 128 -98.77 -87.96 13.77
C LEU OE 128 -97.60 -88.92 13.75
N ALA OE 129 -97.87 -90.21 13.56
CA ALA OE 129 -96.81 -91.20 13.48
C ALA OE 129 -95.91 -90.96 12.28
N GLU OE 130 -96.49 -90.62 11.13
CA GLU OE 130 -95.64 -90.33 9.98
C GLU OE 130 -94.94 -89.00 10.12
N ILE OE 131 -95.53 -88.06 10.85
CA ILE OE 131 -94.82 -86.82 11.17
C ILE OE 131 -93.57 -87.13 11.99
N LEU OE 132 -93.73 -88.01 12.98
CA LEU OE 132 -92.59 -88.45 13.78
C LEU OE 132 -91.57 -89.18 12.94
N ARG OE 133 -92.02 -89.98 11.97
CA ARG OE 133 -91.11 -90.69 11.08
C ARG OE 133 -90.33 -89.72 10.20
N ASP OE 134 -90.99 -88.68 9.71
CA ASP OE 134 -90.32 -87.68 8.90
C ASP OE 134 -89.29 -86.92 9.71
N ILE OE 135 -89.64 -86.60 10.95
CA ILE OE 135 -88.70 -85.93 11.84
C ILE OE 135 -87.48 -86.78 12.09
N ASP OE 136 -87.70 -88.06 12.38
CA ASP OE 136 -86.59 -88.97 12.64
C ASP OE 136 -85.75 -89.22 11.39
N TYR OE 137 -86.37 -89.22 10.22
CA TYR OE 137 -85.63 -89.37 8.98
C TYR OE 137 -84.77 -88.14 8.70
N GLN OE 138 -85.33 -86.96 8.89
CA GLN OE 138 -84.58 -85.75 8.61
C GLN OE 138 -83.53 -85.45 9.67
N ALA OE 139 -83.63 -86.09 10.84
CA ALA OE 139 -82.56 -86.00 11.81
C ALA OE 139 -81.29 -86.62 11.27
N GLY OE 140 -81.37 -87.85 10.80
CA GLY OE 140 -80.17 -88.52 10.32
C GLY OE 140 -79.32 -88.95 11.48
N LYS OE 141 -78.02 -88.64 11.40
CA LYS OE 141 -77.06 -89.13 12.38
C LYS OE 141 -76.93 -88.22 13.59
N LYS OE 142 -77.94 -87.42 13.88
CA LYS OE 142 -77.92 -86.53 15.02
C LYS OE 142 -78.71 -87.06 16.20
N ALA OE 143 -79.86 -87.68 15.96
CA ALA OE 143 -80.71 -88.12 17.05
C ALA OE 143 -81.59 -89.27 16.57
N SER OE 144 -82.35 -89.83 17.50
CA SER OE 144 -83.34 -90.82 17.16
C SER OE 144 -84.56 -90.65 18.05
N ILE OE 145 -85.71 -91.12 17.55
CA ILE OE 145 -86.98 -91.04 18.25
C ILE OE 145 -87.53 -92.44 18.43
N HIS OE 146 -87.95 -92.76 19.64
CA HIS OE 146 -88.53 -94.06 19.94
C HIS OE 146 -89.89 -93.85 20.60
N VAL OE 147 -90.79 -94.80 20.36
CA VAL OE 147 -92.12 -94.77 20.96
C VAL OE 147 -92.35 -96.08 21.67
N TYR OE 148 -92.65 -96.01 22.95
CA TYR OE 148 -93.14 -97.20 23.63
C TYR OE 148 -94.60 -96.98 23.96
N PRO OE 149 -95.51 -97.65 23.26
CA PRO OE 149 -96.92 -97.27 23.31
C PRO OE 149 -97.64 -97.87 24.51
N ASN OE 150 -97.16 -99.02 24.98
CA ASN OE 150 -97.73 -99.65 26.17
C ASN OE 150 -97.48 -98.81 27.40
N SER OE 151 -96.46 -97.97 27.39
CA SER OE 151 -96.26 -96.97 28.42
C SER OE 151 -96.54 -95.56 27.96
N GLN OE 152 -96.93 -95.37 26.68
CA GLN OE 152 -97.36 -94.09 26.11
C GLN OE 152 -96.29 -93.02 26.20
N VAL OE 153 -95.07 -93.38 25.84
CA VAL OE 153 -93.93 -92.52 26.05
C VAL OE 153 -93.17 -92.35 24.74
N VAL OE 154 -92.69 -91.13 24.51
CA VAL OE 154 -91.85 -90.79 23.38
C VAL OE 154 -90.49 -90.37 23.90
N GLU OE 155 -89.45 -90.89 23.28
CA GLU OE 155 -88.08 -90.75 23.76
C GLU OE 155 -87.25 -90.16 22.64
N LEU OE 156 -86.55 -89.06 22.94
CA LEU OE 156 -85.64 -88.42 22.01
C LEU OE 156 -84.24 -88.69 22.53
N ARG OE 157 -83.44 -89.43 21.79
CA ARG OE 157 -82.08 -89.74 22.18
C ARG OE 157 -81.12 -88.97 21.27
N TYR OE 158 -80.32 -88.11 21.87
CA TYR OE 158 -79.24 -87.47 21.12
C TYR OE 158 -78.15 -88.49 20.83
N ALA OE 159 -77.41 -88.25 19.75
CA ALA OE 159 -76.41 -89.21 19.32
C ALA OE 159 -75.17 -89.12 20.20
N LYS OE 160 -74.60 -90.27 20.51
CA LYS OE 160 -73.35 -90.33 21.27
C LYS OE 160 -72.22 -89.97 20.32
N ILE OE 161 -71.87 -88.70 20.33
CA ILE OE 161 -70.68 -88.18 19.68
C ILE OE 161 -70.30 -86.91 20.43
N TYR OE 162 -69.07 -86.45 20.21
CA TYR OE 162 -68.48 -85.25 20.82
C TYR OE 162 -68.41 -85.39 22.34
N LYS PE 60 -16.57 15.46 -84.36
CA LYS PE 60 -15.48 16.39 -84.61
C LYS PE 60 -14.35 15.61 -85.26
N GLU PE 61 -13.54 14.94 -84.43
CA GLU PE 61 -12.54 14.04 -84.97
C GLU PE 61 -13.13 12.69 -85.33
N THR PE 62 -14.31 12.39 -84.79
CA THR PE 62 -15.04 11.21 -85.17
C THR PE 62 -15.42 11.22 -86.65
N ALA PE 63 -15.60 12.41 -87.22
CA ALA PE 63 -15.83 12.53 -88.66
C ALA PE 63 -14.64 12.02 -89.44
N LEU PE 64 -13.42 12.36 -89.01
CA LEU PE 64 -12.23 11.84 -89.65
C LEU PE 64 -12.12 10.33 -89.49
N SER PE 65 -12.48 9.84 -88.30
CA SER PE 65 -12.39 8.40 -88.04
C SER PE 65 -13.36 7.61 -88.92
N VAL PE 66 -14.60 8.06 -89.00
CA VAL PE 66 -15.57 7.32 -89.82
C VAL PE 66 -15.29 7.52 -91.29
N GLY PE 67 -14.67 8.64 -91.67
CA GLY PE 67 -14.26 8.82 -93.06
C GLY PE 67 -13.17 7.85 -93.46
N ALA PE 68 -12.19 7.65 -92.58
CA ALA PE 68 -11.16 6.65 -92.81
C ALA PE 68 -11.76 5.24 -92.90
N GLN PE 69 -12.70 4.93 -92.00
CA GLN PE 69 -13.31 3.61 -92.00
C GLN PE 69 -14.12 3.35 -93.26
N ALA PE 70 -14.94 4.32 -93.67
CA ALA PE 70 -15.77 4.16 -94.85
C ALA PE 70 -14.92 4.08 -96.11
N GLY PE 71 -13.86 4.88 -96.19
CA GLY PE 71 -12.98 4.82 -97.34
C GLY PE 71 -12.25 3.51 -97.45
N LEU PE 72 -11.78 2.98 -96.31
CA LEU PE 72 -11.13 1.68 -96.29
C LEU PE 72 -12.08 0.59 -96.76
N ALA PE 73 -13.31 0.61 -96.25
CA ALA PE 73 -14.27 -0.43 -96.61
C ALA PE 73 -14.66 -0.36 -98.07
N TRP PE 74 -14.88 0.86 -98.58
CA TRP PE 74 -15.30 1.02 -99.96
C TRP PE 74 -14.20 0.58 -100.92
N ARG PE 75 -12.97 1.01 -100.65
CA ARG PE 75 -11.84 0.60 -101.50
C ARG PE 75 -11.62 -0.89 -101.42
N ALA PE 76 -11.79 -1.48 -100.24
CA ALA PE 76 -11.60 -2.91 -100.06
C ALA PE 76 -12.61 -3.70 -100.86
N LYS PE 77 -13.87 -3.25 -100.85
CA LYS PE 77 -14.90 -3.94 -101.62
C LYS PE 77 -14.66 -3.82 -103.12
N ILE PE 78 -14.17 -2.65 -103.57
CA ILE PE 78 -13.87 -2.47 -104.98
C ILE PE 78 -12.73 -3.39 -105.41
N ILE PE 79 -11.68 -3.46 -104.60
CA ILE PE 79 -10.53 -4.30 -104.92
C ILE PE 79 -10.92 -5.77 -104.92
N ASP PE 80 -11.75 -6.17 -103.96
CA ASP PE 80 -12.18 -7.56 -103.87
C ASP PE 80 -13.03 -7.97 -105.07
N GLU PE 81 -14.00 -7.13 -105.46
CA GLU PE 81 -14.84 -7.54 -106.58
C GLU PE 81 -14.09 -7.42 -107.90
N GLN PE 82 -13.08 -6.54 -107.98
CA GLN PE 82 -12.24 -6.49 -109.16
C GLN PE 82 -11.41 -7.77 -109.28
N LEU PE 83 -10.86 -8.21 -108.15
CA LEU PE 83 -10.09 -9.44 -108.11
C LEU PE 83 -10.96 -10.66 -108.42
N ASN PE 84 -12.23 -10.60 -108.03
CA ASN PE 84 -13.14 -11.70 -108.32
C ASN PE 84 -13.46 -11.76 -109.80
N LYS PE 85 -13.79 -10.62 -110.40
CA LYS PE 85 -14.19 -10.64 -111.80
C LYS PE 85 -13.00 -10.87 -112.72
N GLN PE 86 -11.78 -10.64 -112.25
CA GLN PE 86 -10.61 -11.09 -112.98
C GLN PE 86 -10.23 -12.45 -112.39
N ALA PE 87 -10.84 -13.50 -112.90
CA ALA PE 87 -10.80 -14.80 -112.22
C ALA PE 87 -9.78 -15.76 -112.79
N ARG PE 88 -9.93 -16.15 -114.05
CA ARG PE 88 -9.20 -17.33 -114.54
C ARG PE 88 -7.73 -17.07 -114.77
N ASN PE 89 -7.37 -15.83 -115.10
CA ASN PE 89 -5.96 -15.51 -115.29
C ASN PE 89 -5.18 -15.56 -113.99
N LEU PE 90 -5.88 -15.38 -112.87
CA LEU PE 90 -5.21 -15.39 -111.57
C LEU PE 90 -4.64 -16.76 -111.24
N ASP PE 91 -5.50 -17.76 -111.17
CA ASP PE 91 -5.03 -19.13 -110.96
C ASP PE 91 -4.29 -19.65 -112.18
N ALA PE 92 -4.50 -19.07 -113.35
CA ALA PE 92 -3.73 -19.46 -114.51
C ALA PE 92 -2.25 -19.09 -114.34
N ILE PE 93 -1.97 -17.86 -113.89
CA ILE PE 93 -0.58 -17.51 -113.72
C ILE PE 93 -0.03 -18.09 -112.43
N TYR PE 94 -0.88 -18.32 -111.44
CA TYR PE 94 -0.40 -18.86 -110.18
C TYR PE 94 -0.74 -20.34 -110.09
N ASP PE 95 -0.03 -21.13 -110.88
CA ASP PE 95 -0.11 -22.58 -110.74
C ASP PE 95 0.55 -22.99 -109.44
N PHE PE 96 0.05 -24.06 -108.84
CA PHE PE 96 0.75 -24.66 -107.72
C PHE PE 96 0.91 -26.15 -107.91
N ASN PE 97 -0.06 -26.77 -108.61
CA ASN PE 97 -0.11 -28.22 -108.65
C ASN PE 97 0.99 -28.80 -109.53
N SER PE 98 1.45 -28.04 -110.52
CA SER PE 98 2.65 -28.45 -111.22
C SER PE 98 3.90 -28.04 -110.46
N LEU PE 99 3.80 -27.06 -109.58
CA LEU PE 99 4.95 -26.66 -108.79
C LEU PE 99 5.25 -27.68 -107.71
N VAL PE 100 4.26 -28.45 -107.30
CA VAL PE 100 4.48 -29.44 -106.26
C VAL PE 100 5.25 -30.63 -106.84
N LEU PE 101 5.86 -31.41 -105.94
CA LEU PE 101 6.64 -32.57 -106.33
C LEU PE 101 5.74 -33.80 -106.47
N GLU PE 102 6.36 -34.97 -106.54
CA GLU PE 102 5.68 -36.22 -106.85
C GLU PE 102 5.13 -36.93 -105.62
N HIS PE 103 5.49 -36.53 -104.42
CA HIS PE 103 4.94 -37.16 -103.22
C HIS PE 103 4.08 -36.20 -102.42
N ASN PE 104 3.37 -35.31 -103.14
CA ASN PE 104 2.45 -34.32 -102.56
C ASN PE 104 3.17 -33.44 -101.54
N ILE PE 105 4.41 -33.08 -101.87
CA ILE PE 105 5.31 -32.40 -100.96
C ILE PE 105 5.67 -31.06 -101.56
N LEU PE 106 5.39 -29.99 -100.83
CA LEU PE 106 5.71 -28.66 -101.32
C LEU PE 106 7.21 -28.46 -101.28
N PRO PE 107 7.82 -28.01 -102.39
CA PRO PE 107 9.25 -27.74 -102.37
C PRO PE 107 9.56 -26.57 -101.48
N PRO PE 108 10.79 -26.47 -100.96
CA PRO PE 108 11.12 -25.37 -100.06
C PRO PE 108 11.35 -24.09 -100.85
N VAL PE 109 11.66 -23.02 -100.12
CA VAL PE 109 11.77 -21.69 -100.70
C VAL PE 109 13.21 -21.22 -100.55
N LEU PE 110 13.76 -20.63 -101.60
CA LEU PE 110 15.13 -20.19 -101.58
C LEU PE 110 15.20 -18.69 -101.84
N LEU PE 111 16.18 -18.05 -101.21
CA LEU PE 111 16.45 -16.64 -101.45
C LEU PE 111 17.91 -16.46 -101.81
N GLU PE 112 18.19 -15.42 -102.61
CA GLU PE 112 19.52 -15.13 -103.07
C GLU PE 112 19.86 -13.66 -102.87
N GLY PE 113 21.14 -13.35 -103.05
CA GLY PE 113 21.61 -11.99 -103.02
C GLY PE 113 22.85 -11.82 -103.87
N ARG PE 114 22.96 -10.71 -104.59
CA ARG PE 114 24.05 -10.51 -105.53
C ARG PE 114 24.81 -9.24 -105.22
N ASN PE 115 26.15 -9.34 -105.29
CA ASN PE 115 27.09 -8.25 -105.07
C ASN PE 115 26.89 -7.63 -103.68
N THR PE 116 27.18 -8.43 -102.68
CA THR PE 116 26.86 -8.04 -101.33
C THR PE 116 28.12 -7.61 -100.59
N LEU PE 117 27.94 -6.69 -99.65
CA LEU PE 117 29.04 -6.17 -98.85
C LEU PE 117 28.49 -5.73 -97.50
N ASN PE 118 29.24 -6.05 -96.46
CA ASN PE 118 28.97 -5.57 -95.12
C ASN PE 118 30.15 -4.73 -94.65
N LEU PE 119 29.85 -3.63 -93.98
CA LEU PE 119 30.84 -2.75 -93.39
C LEU PE 119 30.76 -2.93 -91.88
N ALA PE 120 31.80 -3.49 -91.28
CA ALA PE 120 31.75 -3.67 -89.83
C ALA PE 120 32.06 -2.36 -89.13
N ASP PE 121 33.28 -1.87 -89.31
CA ASP PE 121 33.78 -0.68 -88.65
C ASP PE 121 34.97 -0.19 -89.47
N ALA PE 122 35.80 0.65 -88.87
CA ALA PE 122 37.05 1.02 -89.50
C ALA PE 122 37.92 -0.22 -89.72
N GLN PE 123 38.58 -0.25 -90.88
CA GLN PE 123 39.51 -1.31 -91.30
C GLN PE 123 38.86 -2.67 -91.35
N SER PE 124 37.58 -2.74 -91.71
CA SER PE 124 36.86 -4.02 -91.66
C SER PE 124 35.67 -3.97 -92.62
N ILE PE 125 35.84 -4.53 -93.81
CA ILE PE 125 34.70 -4.78 -94.69
C ILE PE 125 34.80 -6.18 -95.25
N ARG PE 126 33.65 -6.70 -95.64
CA ARG PE 126 33.54 -8.09 -96.07
C ARG PE 126 32.62 -8.15 -97.27
N ILE PE 127 33.16 -8.56 -98.42
CA ILE PE 127 32.37 -8.62 -99.63
C ILE PE 127 32.19 -10.05 -100.08
N SER PE 128 31.18 -10.24 -100.91
CA SER PE 128 30.85 -11.53 -101.48
C SER PE 128 30.08 -11.31 -102.77
N ASP PE 129 30.18 -12.28 -103.67
CA ASP PE 129 29.46 -12.15 -104.94
C ASP PE 129 27.98 -12.46 -104.76
N ARG PE 130 27.65 -13.69 -104.38
CA ARG PE 130 26.27 -14.09 -104.19
C ARG PE 130 26.12 -14.85 -102.88
N THR PE 131 24.91 -14.83 -102.37
CA THR PE 131 24.52 -15.55 -101.16
C THR PE 131 23.22 -16.27 -101.43
N TYR PE 132 23.02 -17.40 -100.76
CA TYR PE 132 21.76 -18.13 -100.81
C TYR PE 132 21.37 -18.57 -99.41
N LYS PE 133 20.08 -18.45 -99.13
CA LYS PE 133 19.50 -18.67 -97.82
C LYS PE 133 18.25 -19.52 -97.98
N VAL PE 134 18.13 -20.56 -97.16
CA VAL PE 134 16.91 -21.34 -97.13
C VAL PE 134 15.86 -20.55 -96.36
N ALA PE 135 14.73 -20.27 -97.00
CA ALA PE 135 13.70 -19.48 -96.34
C ALA PE 135 12.92 -20.34 -95.36
N LYS PE 136 12.22 -21.35 -95.86
CA LYS PE 136 11.48 -22.26 -95.03
C LYS PE 136 11.76 -23.68 -95.48
N GLN PE 137 11.67 -24.62 -94.55
CA GLN PE 137 11.94 -26.00 -94.87
C GLN PE 137 10.82 -26.57 -95.72
N ALA PE 138 11.18 -27.50 -96.59
CA ALA PE 138 10.17 -28.28 -97.31
C ALA PE 138 9.39 -29.15 -96.32
N HIS PE 139 8.11 -29.32 -96.60
CA HIS PE 139 7.26 -30.11 -95.73
C HIS PE 139 6.11 -30.69 -96.54
N PHE PE 140 5.45 -31.66 -95.93
CA PHE PE 140 4.33 -32.34 -96.58
C PHE PE 140 3.13 -31.41 -96.69
N ILE PE 141 2.21 -31.80 -97.56
CA ILE PE 141 0.93 -31.12 -97.69
C ILE PE 141 -0.09 -32.10 -98.24
N THR PE 142 -1.35 -31.81 -98.00
CA THR PE 142 -2.44 -32.62 -98.53
C THR PE 142 -3.17 -31.93 -99.65
N THR PE 143 -2.93 -30.63 -99.86
CA THR PE 143 -3.67 -29.88 -100.85
C THR PE 143 -2.81 -28.71 -101.27
N PRO PE 144 -2.82 -28.32 -102.54
CA PRO PE 144 -2.08 -27.14 -102.94
C PRO PE 144 -2.74 -25.89 -102.39
N PRO PE 145 -1.99 -24.83 -102.19
CA PRO PE 145 -2.59 -23.54 -101.83
C PRO PE 145 -3.19 -22.87 -103.07
N THR PE 146 -3.67 -21.65 -102.87
CA THR PE 146 -4.09 -20.81 -103.96
C THR PE 146 -3.76 -19.37 -103.57
N TRP PE 147 -4.34 -18.42 -104.28
CA TRP PE 147 -4.00 -17.03 -104.04
C TRP PE 147 -4.94 -16.33 -103.07
N ARG PE 148 -6.04 -16.98 -102.70
CA ARG PE 148 -7.04 -16.31 -101.88
C ARG PE 148 -6.55 -16.09 -100.46
N GLN PE 149 -5.65 -16.94 -99.98
CA GLN PE 149 -5.03 -16.77 -98.69
C GLN PE 149 -3.80 -15.88 -98.75
N TYR PE 150 -3.66 -15.12 -99.80
CA TYR PE 150 -2.64 -14.09 -99.86
C TYR PE 150 -3.19 -12.75 -100.29
N LEU PE 151 -4.16 -12.74 -101.19
CA LEU PE 151 -4.57 -11.49 -101.80
C LEU PE 151 -5.93 -11.00 -101.36
N TRP PE 152 -6.72 -11.82 -100.68
CA TRP PE 152 -8.02 -11.36 -100.25
C TRP PE 152 -7.87 -10.42 -99.07
N MET PE 153 -8.68 -9.37 -99.07
CA MET PE 153 -8.77 -8.48 -97.93
C MET PE 153 -10.15 -8.60 -97.32
N ASP PE 154 -10.22 -8.49 -96.01
CA ASP PE 154 -11.48 -8.66 -95.32
C ASP PE 154 -12.42 -7.51 -95.61
N TYR PE 155 -13.70 -7.83 -95.77
CA TYR PE 155 -14.72 -6.82 -95.94
C TYR PE 155 -15.61 -6.78 -94.71
N VAL PE 156 -15.79 -5.58 -94.17
CA VAL PE 156 -16.83 -5.30 -93.20
C VAL PE 156 -17.35 -3.91 -93.53
N LYS PE 157 -18.55 -3.61 -93.05
CA LYS PE 157 -19.10 -2.28 -93.22
C LYS PE 157 -19.18 -1.60 -91.88
N PRO PE 158 -18.45 -0.50 -91.67
CA PRO PE 158 -18.51 0.21 -90.38
C PRO PE 158 -19.87 0.86 -90.23
N GLU PE 159 -20.62 0.43 -89.22
CA GLU PE 159 -22.04 0.73 -89.14
C GLU PE 159 -22.41 1.24 -87.76
N ALA PE 160 -21.63 2.17 -87.22
CA ALA PE 160 -22.00 2.86 -85.99
C ALA PE 160 -21.85 4.38 -86.12
N PRO PE 161 -22.70 5.04 -86.93
CA PRO PE 161 -22.79 6.50 -86.81
C PRO PE 161 -23.81 6.90 -85.75
N ASN PE 162 -23.36 7.50 -84.67
CA ASN PE 162 -24.26 8.05 -83.66
C ASN PE 162 -24.05 9.55 -83.61
N VAL PE 163 -25.14 10.30 -83.46
CA VAL PE 163 -25.06 11.74 -83.51
C VAL PE 163 -24.34 12.24 -82.26
N THR PE 164 -23.16 12.81 -82.47
CA THR PE 164 -22.44 13.55 -81.44
C THR PE 164 -22.44 15.03 -81.77
N LEU PE 165 -21.94 15.40 -82.94
CA LEU PE 165 -22.12 16.73 -83.48
C LEU PE 165 -23.16 16.66 -84.59
N LEU PE 166 -24.35 17.14 -84.30
CA LEU PE 166 -25.35 17.39 -85.32
C LEU PE 166 -24.90 18.62 -86.09
N PRO PE 167 -24.71 18.54 -87.40
CA PRO PE 167 -24.33 19.73 -88.16
C PRO PE 167 -25.46 20.75 -88.25
N LYS PE 168 -25.29 21.91 -87.60
CA LYS PE 168 -26.34 22.91 -87.56
C LYS PE 168 -26.04 24.16 -88.39
N THR PE 169 -24.79 24.43 -88.71
CA THR PE 169 -24.44 25.54 -89.58
C THR PE 169 -23.73 25.01 -90.81
N LYS PE 170 -23.69 25.86 -91.84
CA LYS PE 170 -23.01 25.50 -93.09
C LYS PE 170 -21.52 25.29 -92.89
N ALA PE 171 -20.90 26.08 -92.01
CA ALA PE 171 -19.49 25.87 -91.69
C ALA PE 171 -19.27 24.53 -91.01
N GLU PE 172 -20.22 24.14 -90.15
CA GLU PE 172 -20.14 22.85 -89.47
C GLU PE 172 -20.28 21.70 -90.47
N LYS PE 173 -21.23 21.81 -91.39
CA LYS PE 173 -21.35 20.82 -92.45
C LYS PE 173 -20.13 20.81 -93.35
N GLU PE 174 -19.53 21.97 -93.58
CA GLU PE 174 -18.36 22.06 -94.44
C GLU PE 174 -17.15 21.40 -93.79
N ILE PE 175 -16.93 21.65 -92.50
CA ILE PE 175 -15.77 21.04 -91.85
C ILE PE 175 -15.99 19.54 -91.68
N TRP PE 176 -17.24 19.12 -91.45
CA TRP PE 176 -17.59 17.71 -91.43
C TRP PE 176 -17.30 17.06 -92.78
N CYS PE 177 -17.68 17.75 -93.86
CA CYS PE 177 -17.47 17.23 -95.20
C CYS PE 177 -16.00 17.13 -95.54
N ILE PE 178 -15.21 18.17 -95.25
CA ILE PE 178 -13.81 18.15 -95.66
C ILE PE 178 -13.01 17.16 -94.82
N TYR PE 179 -13.40 16.98 -93.56
CA TYR PE 179 -12.69 16.01 -92.75
C TYR PE 179 -13.07 14.59 -93.16
N THR PE 180 -14.32 14.40 -93.58
CA THR PE 180 -14.70 13.12 -94.15
C THR PE 180 -13.96 12.85 -95.46
N GLU PE 181 -13.75 13.89 -96.26
CA GLU PE 181 -13.07 13.73 -97.54
C GLU PE 181 -11.62 13.33 -97.34
N ARG PE 182 -10.95 13.96 -96.37
CA ARG PE 182 -9.57 13.57 -96.14
C ARG PE 182 -9.50 12.18 -95.49
N GLY PE 183 -10.51 11.79 -94.71
CA GLY PE 183 -10.56 10.41 -94.24
C GLY PE 183 -10.73 9.41 -95.38
N TRP PE 184 -11.56 9.77 -96.36
CA TRP PE 184 -11.78 8.95 -97.56
C TRP PE 184 -10.48 8.73 -98.31
N LYS PE 185 -9.72 9.83 -98.52
CA LYS PE 185 -8.45 9.75 -99.22
C LYS PE 185 -7.44 8.91 -98.45
N ASN PE 186 -7.35 9.12 -97.13
CA ASN PE 186 -6.38 8.39 -96.32
C ASN PE 186 -6.65 6.90 -96.33
N GLY PE 187 -7.91 6.51 -96.16
CA GLY PE 187 -8.26 5.10 -96.15
C GLY PE 187 -8.00 4.43 -97.47
N ILE PE 188 -8.28 5.15 -98.57
CA ILE PE 188 -8.03 4.62 -99.91
C ILE PE 188 -6.54 4.35 -100.13
N ASP PE 189 -5.70 5.30 -99.74
CA ASP PE 189 -4.27 5.14 -99.98
C ASP PE 189 -3.67 4.03 -99.12
N GLN PE 190 -4.09 3.94 -97.85
CA GLN PE 190 -3.53 2.89 -97.03
C GLN PE 190 -4.03 1.51 -97.46
N ALA PE 191 -5.23 1.45 -98.02
CA ALA PE 191 -5.71 0.19 -98.59
C ALA PE 191 -4.86 -0.24 -99.77
N ASN PE 192 -4.48 0.72 -100.61
CA ASN PE 192 -3.60 0.40 -101.74
C ASN PE 192 -2.23 -0.08 -101.26
N THR PE 193 -1.73 0.53 -100.18
CA THR PE 193 -0.44 0.10 -99.62
C THR PE 193 -0.52 -1.32 -99.07
N ILE PE 194 -1.64 -1.65 -98.42
CA ILE PE 194 -1.88 -3.00 -97.92
C ILE PE 194 -1.86 -4.00 -99.07
N LEU PE 195 -2.49 -3.63 -100.20
CA LEU PE 195 -2.52 -4.50 -101.36
C LEU PE 195 -1.13 -4.74 -101.92
N GLU PE 196 -0.32 -3.68 -101.96
CA GLU PE 196 1.06 -3.80 -102.45
C GLU PE 196 1.86 -4.76 -101.57
N GLU PE 197 1.66 -4.67 -100.26
CA GLU PE 197 2.37 -5.57 -99.33
C GLU PE 197 1.99 -7.02 -99.57
N ASN PE 198 0.70 -7.28 -99.77
CA ASN PE 198 0.24 -8.66 -99.98
C ASN PE 198 0.80 -9.24 -101.27
N ILE PE 199 0.74 -8.46 -102.34
CA ILE PE 199 1.14 -8.99 -103.63
C ILE PE 199 2.64 -9.19 -103.68
N ALA PE 200 3.40 -8.35 -102.95
CA ALA PE 200 4.83 -8.55 -102.84
C ALA PE 200 5.15 -9.84 -102.10
N ARG PE 201 4.40 -10.14 -101.04
CA ARG PE 201 4.66 -11.34 -100.26
C ARG PE 201 4.47 -12.60 -101.10
N ILE PE 202 3.36 -12.65 -101.84
CA ILE PE 202 3.08 -13.88 -102.57
C ILE PE 202 4.00 -14.01 -103.79
N LYS PE 203 4.44 -12.87 -104.36
CA LYS PE 203 5.43 -12.93 -105.42
C LYS PE 203 6.76 -13.47 -104.90
N GLU PE 204 7.11 -13.10 -103.67
CA GLU PE 204 8.32 -13.60 -103.05
C GLU PE 204 8.30 -15.11 -102.93
N ASP PE 205 7.17 -15.64 -102.46
CA ASP PE 205 7.07 -17.09 -102.29
C ASP PE 205 7.14 -17.84 -103.62
N PHE PE 206 6.44 -17.31 -104.63
CA PHE PE 206 6.45 -17.93 -105.95
C PHE PE 206 7.85 -17.94 -106.57
N GLY PE 207 8.55 -16.80 -106.46
CA GLY PE 207 9.89 -16.71 -107.00
C GLY PE 207 10.87 -17.62 -106.28
N GLY PE 208 10.69 -17.77 -104.96
CA GLY PE 208 11.55 -18.69 -104.22
C GLY PE 208 11.37 -20.13 -104.66
N MET PE 209 10.12 -20.52 -104.95
CA MET PE 209 9.88 -21.86 -105.47
C MET PE 209 10.54 -22.07 -106.84
N ILE PE 210 10.45 -21.07 -107.70
CA ILE PE 210 11.04 -21.20 -109.04
C ILE PE 210 12.55 -21.27 -108.94
N LEU PE 211 13.12 -20.50 -108.02
CA LEU PE 211 14.56 -20.52 -107.77
C LEU PE 211 15.01 -21.88 -107.27
N TYR PE 212 14.20 -22.52 -106.41
CA TYR PE 212 14.55 -23.86 -105.95
C TYR PE 212 14.58 -24.85 -107.09
N ARG PE 213 13.59 -24.79 -107.98
CA ARG PE 213 13.57 -25.71 -109.11
C ARG PE 213 14.78 -25.50 -110.01
N LYS PE 214 15.20 -24.25 -110.18
CA LYS PE 214 16.35 -24.02 -111.04
C LYS PE 214 17.66 -24.43 -110.41
N LEU PE 215 17.78 -24.31 -109.09
CA LEU PE 215 19.01 -24.81 -108.47
C LEU PE 215 19.05 -26.33 -108.45
N LEU PE 216 17.90 -26.99 -108.34
CA LEU PE 216 17.88 -28.44 -108.45
C LEU PE 216 18.27 -28.89 -109.84
N ALA PE 217 17.79 -28.17 -110.86
CA ALA PE 217 18.20 -28.46 -112.23
C ALA PE 217 19.69 -28.22 -112.42
N MET PE 218 20.21 -27.16 -111.82
CA MET PE 218 21.61 -26.83 -111.93
C MET PE 218 22.51 -27.71 -111.05
N ASN PE 219 21.90 -28.55 -110.22
CA ASN PE 219 22.59 -29.45 -109.30
C ASN PE 219 23.45 -28.66 -108.30
N MET PE 220 22.76 -27.89 -107.47
CA MET PE 220 23.35 -27.27 -106.31
C MET PE 220 22.73 -27.75 -105.00
N VAL PE 221 21.51 -28.25 -105.05
CA VAL PE 221 20.78 -28.64 -103.86
C VAL PE 221 20.59 -30.16 -103.90
N SER PE 222 20.08 -30.70 -102.81
CA SER PE 222 19.84 -32.12 -102.72
C SER PE 222 18.34 -32.38 -102.67
N PRO PE 223 17.84 -33.31 -103.48
CA PRO PE 223 16.42 -33.64 -103.42
C PRO PE 223 16.09 -34.35 -102.12
N PRO PE 224 14.85 -34.26 -101.65
CA PRO PE 224 14.47 -34.97 -100.43
C PRO PE 224 14.44 -36.47 -100.63
N TYR PE 225 14.59 -37.20 -99.53
CA TYR PE 225 14.64 -38.67 -99.58
C TYR PE 225 13.52 -39.25 -98.74
N VAL PE 226 12.79 -40.18 -99.36
CA VAL PE 226 11.53 -40.70 -98.85
C VAL PE 226 11.71 -42.17 -98.50
N SER PE 227 11.12 -42.58 -97.39
CA SER PE 227 11.15 -43.97 -96.99
C SER PE 227 9.74 -44.41 -96.61
N HIS PE 228 9.34 -45.57 -97.10
CA HIS PE 228 8.05 -46.14 -96.74
C HIS PE 228 8.23 -47.56 -96.26
N THR PE 229 7.42 -47.92 -95.27
CA THR PE 229 7.41 -49.27 -94.71
C THR PE 229 6.00 -49.83 -94.76
N ASP PE 230 5.91 -51.12 -95.04
CA ASP PE 230 4.64 -51.80 -95.24
C ASP PE 230 4.32 -52.70 -94.06
N LEU PE 231 3.06 -52.66 -93.65
CA LEU PE 231 2.49 -53.64 -92.74
C LEU PE 231 1.28 -54.23 -93.43
N GLY PE 232 1.17 -55.56 -93.37
CA GLY PE 232 0.04 -56.24 -93.99
C GLY PE 232 -1.19 -56.20 -93.10
N VAL PE 233 -1.84 -57.35 -92.95
CA VAL PE 233 -3.04 -57.46 -92.13
C VAL PE 233 -2.66 -57.24 -90.67
N THR PE 234 -3.09 -56.12 -90.11
CA THR PE 234 -2.76 -55.74 -88.75
C THR PE 234 -4.04 -55.41 -87.99
N GLY PE 235 -3.93 -55.48 -86.66
CA GLY PE 235 -5.02 -55.15 -85.77
C GLY PE 235 -5.36 -56.31 -84.85
N ASP PE 236 -6.26 -56.02 -83.92
CA ASP PE 236 -6.71 -57.02 -82.97
C ASP PE 236 -7.94 -57.72 -83.52
N GLY PE 237 -8.62 -58.50 -82.68
CA GLY PE 237 -9.86 -59.12 -83.10
C GLY PE 237 -11.03 -58.16 -83.19
N SER PE 238 -10.88 -56.94 -82.69
CA SER PE 238 -11.94 -55.93 -82.74
C SER PE 238 -11.71 -54.84 -83.76
N GLU PE 239 -10.47 -54.51 -84.07
CA GLU PE 239 -10.16 -53.49 -85.06
C GLU PE 239 -9.16 -54.04 -86.06
N ILE PE 240 -9.30 -53.66 -87.32
CA ILE PE 240 -8.34 -54.03 -88.35
C ILE PE 240 -8.20 -52.91 -89.37
N HIS PE 241 -6.97 -52.66 -89.77
CA HIS PE 241 -6.69 -52.04 -91.05
C HIS PE 241 -6.32 -53.12 -92.05
N ILE PE 242 -6.18 -52.75 -93.30
CA ILE PE 242 -5.79 -53.69 -94.34
C ILE PE 242 -4.29 -53.61 -94.65
N ASP PE 243 -3.80 -52.43 -95.02
CA ASP PE 243 -2.41 -52.30 -95.49
C ASP PE 243 -1.81 -51.02 -94.89
N ASP PE 244 -1.22 -51.16 -93.71
CA ASP PE 244 -0.72 -50.01 -92.98
C ASP PE 244 0.61 -49.60 -93.61
N ARG PE 245 0.58 -48.55 -94.43
CA ARG PE 245 1.78 -48.09 -95.09
C ARG PE 245 2.21 -46.76 -94.48
N VAL PE 246 3.49 -46.68 -94.12
CA VAL PE 246 4.06 -45.55 -93.40
C VAL PE 246 4.99 -44.81 -94.35
N LEU PE 247 4.75 -43.51 -94.52
CA LEU PE 247 5.59 -42.67 -95.36
C LEU PE 247 6.24 -41.60 -94.50
N ARG PE 248 7.56 -41.53 -94.58
CA ARG PE 248 8.33 -40.47 -93.93
C ARG PE 248 9.37 -39.96 -94.92
N ILE PE 249 9.91 -38.78 -94.64
CA ILE PE 249 11.06 -38.28 -95.36
C ILE PE 249 12.17 -38.02 -94.37
N THR PE 250 13.34 -38.58 -94.65
CA THR PE 250 14.47 -38.47 -93.74
C THR PE 250 15.39 -37.32 -94.11
N ALA PE 251 15.95 -37.34 -95.32
CA ALA PE 251 16.92 -36.33 -95.70
C ALA PE 251 16.18 -35.06 -96.10
N LEU PE 252 16.29 -34.04 -95.26
CA LEU PE 252 15.75 -32.74 -95.61
C LEU PE 252 16.54 -32.15 -96.77
N PRO PE 253 15.88 -31.46 -97.70
CA PRO PE 253 16.60 -30.89 -98.84
C PRO PE 253 17.48 -29.73 -98.40
N GLU PE 254 18.73 -29.76 -98.83
CA GLU PE 254 19.70 -28.77 -98.41
C GLU PE 254 20.74 -28.59 -99.50
N LEU PE 255 21.43 -27.45 -99.44
CA LEU PE 255 22.41 -27.12 -100.45
C LEU PE 255 23.67 -27.93 -100.22
N ASN PE 256 24.43 -28.13 -101.29
CA ASN PE 256 25.76 -28.72 -101.18
C ASN PE 256 26.80 -27.63 -101.28
N VAL PE 257 28.00 -27.95 -100.83
CA VAL PE 257 29.12 -27.01 -100.89
C VAL PE 257 30.24 -27.48 -101.78
N ASN PE 258 30.25 -28.73 -102.19
CA ASN PE 258 31.36 -29.27 -102.96
C ASN PE 258 31.23 -28.79 -104.39
N SER PE 259 32.12 -27.86 -104.78
CA SER PE 259 31.95 -27.12 -106.02
C SER PE 259 32.21 -27.96 -107.25
N ALA PE 260 32.89 -29.11 -107.10
CA ALA PE 260 33.23 -29.91 -108.25
C ALA PE 260 32.03 -30.60 -108.89
N GLU PE 261 30.91 -30.67 -108.19
CA GLU PE 261 29.72 -31.34 -108.69
C GLU PE 261 28.71 -30.34 -109.25
N TRP PE 262 29.18 -29.24 -109.78
CA TRP PE 262 28.31 -28.14 -110.16
C TRP PE 262 28.21 -28.11 -111.68
N ARG PE 263 27.03 -28.39 -112.19
CA ARG PE 263 26.81 -28.55 -113.62
C ARG PE 263 26.23 -27.27 -114.19
N ALA PE 264 26.88 -26.72 -115.22
CA ALA PE 264 26.50 -25.43 -115.75
C ALA PE 264 25.46 -25.58 -116.86
N ALA PE 265 25.07 -24.45 -117.44
CA ALA PE 265 24.14 -24.43 -118.55
C ALA PE 265 24.64 -23.44 -119.60
N VAL PE 266 24.25 -23.68 -120.85
CA VAL PE 266 24.62 -22.77 -121.94
C VAL PE 266 23.56 -22.81 -123.02
N ALA PE 267 22.96 -21.65 -123.30
CA ALA PE 267 21.83 -21.60 -124.22
C ALA PE 267 22.32 -21.59 -125.66
N LYS PE 268 21.42 -21.29 -126.58
CA LYS PE 268 21.77 -21.09 -127.98
C LYS PE 268 20.79 -20.15 -128.67
N LYS QE 60 -40.44 -8.85 -78.24
CA LYS QE 60 -39.50 -9.14 -79.30
C LYS QE 60 -38.88 -10.52 -79.12
N GLU QE 61 -38.01 -10.62 -78.11
CA GLU QE 61 -37.31 -11.86 -77.82
C GLU QE 61 -38.29 -12.95 -77.40
N THR QE 62 -39.27 -12.59 -76.57
CA THR QE 62 -40.30 -13.54 -76.16
C THR QE 62 -41.14 -13.98 -77.35
N ALA QE 63 -41.41 -13.05 -78.27
CA ALA QE 63 -42.14 -13.40 -79.49
C ALA QE 63 -41.35 -14.39 -80.33
N LEU QE 64 -40.03 -14.18 -80.42
CA LEU QE 64 -39.18 -15.12 -81.13
C LEU QE 64 -39.20 -16.50 -80.48
N SER QE 65 -39.14 -16.54 -79.16
CA SER QE 65 -39.12 -17.81 -78.45
C SER QE 65 -40.44 -18.56 -78.59
N VAL QE 66 -41.56 -17.86 -78.49
CA VAL QE 66 -42.83 -18.57 -78.60
C VAL QE 66 -43.10 -18.97 -80.05
N GLY QE 67 -42.54 -18.22 -81.01
CA GLY QE 67 -42.60 -18.66 -82.39
C GLY QE 67 -41.82 -19.95 -82.59
N ALA QE 68 -40.66 -20.04 -81.94
CA ALA QE 68 -39.87 -21.27 -81.99
C ALA QE 68 -40.64 -22.44 -81.38
N GLN QE 69 -41.30 -22.20 -80.25
CA GLN QE 69 -42.06 -23.25 -79.58
C GLN QE 69 -43.21 -23.74 -80.45
N ALA QE 70 -43.97 -22.81 -81.01
CA ALA QE 70 -45.14 -23.16 -81.80
C ALA QE 70 -44.75 -23.88 -83.08
N GLY QE 71 -43.73 -23.39 -83.78
CA GLY QE 71 -43.30 -24.05 -84.99
C GLY QE 71 -42.72 -25.44 -84.75
N LEU QE 72 -41.91 -25.58 -83.69
CA LEU QE 72 -41.32 -26.87 -83.36
C LEU QE 72 -42.39 -27.89 -83.01
N ALA QE 73 -43.35 -27.49 -82.18
CA ALA QE 73 -44.40 -28.41 -81.77
C ALA QE 73 -45.32 -28.78 -82.93
N TRP QE 74 -45.65 -27.81 -83.77
CA TRP QE 74 -46.57 -28.08 -84.87
C TRP QE 74 -45.94 -29.00 -85.91
N ARG QE 75 -44.67 -28.75 -86.25
CA ARG QE 75 -43.99 -29.65 -87.17
C ARG QE 75 -43.79 -31.02 -86.57
N ALA QE 76 -43.59 -31.09 -85.25
CA ALA QE 76 -43.47 -32.38 -84.58
C ALA QE 76 -44.76 -33.18 -84.67
N LYS QE 77 -45.90 -32.51 -84.46
CA LYS QE 77 -47.18 -33.19 -84.55
C LYS QE 77 -47.45 -33.69 -85.96
N ILE QE 78 -47.15 -32.86 -86.96
CA ILE QE 78 -47.48 -33.28 -88.32
C ILE QE 78 -46.51 -34.37 -88.80
N ILE QE 79 -45.27 -34.37 -88.31
CA ILE QE 79 -44.39 -35.45 -88.76
C ILE QE 79 -44.70 -36.73 -88.00
N ASP QE 80 -45.23 -36.63 -86.78
CA ASP QE 80 -45.60 -37.83 -86.05
C ASP QE 80 -46.81 -38.48 -86.68
N GLU QE 81 -47.77 -37.67 -87.15
CA GLU QE 81 -48.90 -38.30 -87.83
C GLU QE 81 -48.52 -38.80 -89.22
N GLN QE 82 -47.53 -38.16 -89.86
CA GLN QE 82 -47.02 -38.70 -91.12
C GLN QE 82 -46.41 -40.07 -90.92
N LEU QE 83 -45.60 -40.21 -89.87
CA LEU QE 83 -45.05 -41.52 -89.50
C LEU QE 83 -46.15 -42.51 -89.16
N ASN QE 84 -47.19 -42.04 -88.49
CA ASN QE 84 -48.27 -42.92 -88.07
C ASN QE 84 -49.08 -43.42 -89.27
N LYS QE 85 -49.30 -42.56 -90.25
CA LYS QE 85 -50.03 -43.01 -91.42
C LYS QE 85 -49.17 -43.81 -92.37
N GLN QE 86 -47.86 -43.68 -92.30
CA GLN QE 86 -46.98 -44.48 -93.15
C GLN QE 86 -46.38 -45.56 -92.27
N ALA QE 87 -47.07 -46.70 -92.19
CA ALA QE 87 -46.77 -47.67 -91.14
C ALA QE 87 -46.18 -48.96 -91.67
N ARG QE 88 -46.89 -49.67 -92.54
CA ARG QE 88 -46.54 -51.07 -92.78
C ARG QE 88 -45.32 -51.22 -93.66
N ASN QE 89 -45.15 -50.34 -94.65
CA ASN QE 89 -43.98 -50.41 -95.49
C ASN QE 89 -42.72 -50.07 -94.73
N LEU QE 90 -42.87 -49.22 -93.70
CA LEU QE 90 -41.73 -48.80 -92.88
C LEU QE 90 -41.08 -49.98 -92.18
N ASP QE 91 -41.82 -50.65 -91.28
CA ASP QE 91 -41.22 -51.79 -90.61
C ASP QE 91 -41.12 -53.00 -91.53
N ALA QE 92 -41.87 -53.03 -92.63
CA ALA QE 92 -41.67 -54.06 -93.64
C ALA QE 92 -40.28 -53.98 -94.23
N ILE QE 93 -39.77 -52.77 -94.41
CA ILE QE 93 -38.35 -52.61 -94.72
C ILE QE 93 -37.50 -52.91 -93.49
N TYR QE 94 -37.89 -52.35 -92.34
CA TYR QE 94 -36.96 -52.18 -91.23
C TYR QE 94 -37.07 -53.26 -90.17
N ASP QE 95 -37.54 -54.45 -90.51
CA ASP QE 95 -37.55 -55.55 -89.55
C ASP QE 95 -36.13 -55.98 -89.19
N PHE QE 96 -36.01 -56.67 -88.05
CA PHE QE 96 -34.75 -57.21 -87.59
C PHE QE 96 -34.73 -58.71 -87.45
N ASN QE 97 -35.90 -59.35 -87.41
CA ASN QE 97 -36.01 -60.74 -86.98
C ASN QE 97 -35.33 -61.70 -87.94
N SER QE 98 -35.37 -61.40 -89.23
CA SER QE 98 -34.64 -62.20 -90.18
C SER QE 98 -33.13 -62.03 -90.03
N LEU QE 99 -32.68 -60.93 -89.46
CA LEU QE 99 -31.27 -60.77 -89.17
C LEU QE 99 -30.86 -61.40 -87.85
N VAL QE 100 -31.81 -61.58 -86.95
CA VAL QE 100 -31.51 -62.13 -85.63
C VAL QE 100 -31.08 -63.58 -85.76
N LEU QE 101 -29.96 -63.94 -85.15
CA LEU QE 101 -29.46 -65.30 -85.21
C LEU QE 101 -30.31 -66.24 -84.36
N GLU QE 102 -29.96 -67.53 -84.40
CA GLU QE 102 -30.85 -68.60 -83.97
C GLU QE 102 -31.02 -68.69 -82.45
N HIS QE 103 -30.18 -68.02 -81.67
CA HIS QE 103 -30.29 -68.12 -80.22
C HIS QE 103 -30.57 -66.77 -79.59
N ASN QE 104 -31.48 -66.02 -80.22
CA ASN QE 104 -32.05 -64.78 -79.67
C ASN QE 104 -30.97 -63.74 -79.40
N ILE QE 105 -29.97 -63.70 -80.28
CA ILE QE 105 -28.81 -62.84 -80.14
C ILE QE 105 -28.90 -61.76 -81.19
N LEU QE 106 -28.80 -60.52 -80.76
CA LEU QE 106 -28.63 -59.43 -81.69
C LEU QE 106 -27.26 -59.56 -82.32
N PRO QE 107 -27.16 -59.65 -83.65
CA PRO QE 107 -25.83 -59.70 -84.27
C PRO QE 107 -25.13 -58.36 -84.12
N PRO QE 108 -23.82 -58.36 -83.94
CA PRO QE 108 -23.13 -57.11 -83.59
C PRO QE 108 -23.00 -56.20 -84.79
N VAL QE 109 -22.78 -54.92 -84.50
CA VAL QE 109 -22.77 -53.86 -85.50
C VAL QE 109 -21.32 -53.59 -85.92
N LEU QE 110 -21.10 -53.50 -87.22
CA LEU QE 110 -19.76 -53.39 -87.78
C LEU QE 110 -19.65 -52.12 -88.60
N LEU QE 111 -18.46 -51.54 -88.64
CA LEU QE 111 -18.25 -50.28 -89.34
C LEU QE 111 -17.04 -50.37 -90.25
N GLU QE 112 -17.15 -49.71 -91.40
CA GLU QE 112 -16.24 -49.85 -92.53
C GLU QE 112 -15.75 -48.48 -92.96
N GLY QE 113 -14.45 -48.35 -93.13
CA GLY QE 113 -13.86 -47.15 -93.73
C GLY QE 113 -13.02 -47.54 -94.92
N ARG QE 114 -13.05 -46.70 -95.96
CA ARG QE 114 -12.36 -46.98 -97.22
C ARG QE 114 -11.38 -45.88 -97.55
N ASN QE 115 -10.16 -46.27 -97.93
CA ASN QE 115 -9.10 -45.42 -98.46
C ASN QE 115 -8.71 -44.31 -97.46
N THR QE 116 -8.14 -44.75 -96.35
CA THR QE 116 -7.85 -43.86 -95.25
C THR QE 116 -6.42 -43.35 -95.32
N LEU QE 117 -6.25 -42.08 -94.96
CA LEU QE 117 -4.94 -41.46 -94.88
C LEU QE 117 -4.99 -40.36 -93.85
N ASN QE 118 -4.05 -40.37 -92.92
CA ASN QE 118 -3.92 -39.26 -91.98
C ASN QE 118 -2.48 -38.76 -91.99
N LEU QE 119 -2.34 -37.44 -91.97
CA LEU QE 119 -1.07 -36.81 -91.70
C LEU QE 119 -0.92 -36.63 -90.20
N ALA QE 120 0.17 -37.11 -89.63
CA ALA QE 120 0.39 -36.84 -88.22
C ALA QE 120 0.95 -35.44 -88.02
N ASP QE 121 2.10 -35.18 -88.61
CA ASP QE 121 2.74 -33.87 -88.58
C ASP QE 121 3.56 -33.79 -89.86
N ALA QE 122 4.55 -32.90 -89.86
CA ALA QE 122 5.50 -32.89 -90.96
C ALA QE 122 6.27 -34.20 -90.99
N GLN QE 123 6.59 -34.64 -92.21
CA GLN QE 123 7.43 -35.81 -92.49
C GLN QE 123 6.83 -37.11 -91.98
N SER QE 124 5.50 -37.19 -91.89
CA SER QE 124 4.86 -38.38 -91.32
C SER QE 124 3.42 -38.48 -91.81
N ILE QE 125 3.15 -39.40 -92.73
CA ILE QE 125 1.78 -39.72 -93.08
C ILE QE 125 1.60 -41.22 -93.06
N ARG QE 126 0.35 -41.63 -92.87
CA ARG QE 126 0.02 -43.03 -92.69
C ARG QE 126 -1.23 -43.36 -93.49
N ILE QE 127 -1.14 -44.38 -94.33
CA ILE QE 127 -2.19 -44.68 -95.28
C ILE QE 127 -2.61 -46.15 -95.13
N SER QE 128 -3.85 -46.44 -95.51
CA SER QE 128 -4.37 -47.80 -95.55
C SER QE 128 -5.59 -47.81 -96.46
N ASP QE 129 -6.04 -49.02 -96.80
CA ASP QE 129 -7.15 -49.15 -97.73
C ASP QE 129 -8.49 -49.29 -97.00
N ARG QE 130 -8.66 -50.31 -96.19
CA ARG QE 130 -9.92 -50.54 -95.51
C ARG QE 130 -9.70 -50.76 -94.03
N THR QE 131 -10.59 -50.19 -93.22
CA THR QE 131 -10.62 -50.40 -91.80
C THR QE 131 -11.97 -50.95 -91.41
N TYR QE 132 -11.97 -51.93 -90.52
CA TYR QE 132 -13.17 -52.52 -89.98
C TYR QE 132 -13.11 -52.45 -88.47
N LYS QE 133 -14.22 -52.04 -87.85
CA LYS QE 133 -14.27 -51.82 -86.42
C LYS QE 133 -15.59 -52.34 -85.87
N VAL QE 134 -15.52 -52.97 -84.70
CA VAL QE 134 -16.73 -53.39 -83.99
C VAL QE 134 -17.28 -52.19 -83.25
N ALA QE 135 -18.56 -51.88 -83.47
CA ALA QE 135 -19.18 -50.79 -82.72
C ALA QE 135 -19.67 -51.26 -81.37
N LYS QE 136 -20.65 -52.16 -81.36
CA LYS QE 136 -21.21 -52.68 -80.12
C LYS QE 136 -21.20 -54.20 -80.19
N GLN QE 137 -20.76 -54.82 -79.11
CA GLN QE 137 -20.58 -56.25 -79.08
C GLN QE 137 -21.93 -56.97 -79.10
N ALA QE 138 -21.92 -58.17 -79.66
CA ALA QE 138 -23.12 -58.99 -79.74
C ALA QE 138 -23.60 -59.38 -78.34
N HIS QE 139 -24.92 -59.47 -78.20
CA HIS QE 139 -25.50 -59.72 -76.89
C HIS QE 139 -26.87 -60.35 -77.07
N PHE QE 140 -27.38 -60.90 -75.97
CA PHE QE 140 -28.68 -61.53 -75.98
C PHE QE 140 -29.80 -60.51 -76.14
N ILE QE 141 -30.92 -60.98 -76.64
CA ILE QE 141 -32.10 -60.15 -76.80
C ILE QE 141 -33.31 -61.02 -76.57
N THR QE 142 -34.42 -60.39 -76.20
CA THR QE 142 -35.65 -61.14 -76.03
C THR QE 142 -36.76 -60.66 -76.94
N THR QE 143 -36.56 -59.57 -77.66
CA THR QE 143 -37.53 -59.11 -78.60
C THR QE 143 -36.79 -58.36 -79.69
N PRO QE 144 -37.16 -58.53 -80.94
CA PRO QE 144 -36.58 -57.72 -82.00
C PRO QE 144 -37.04 -56.28 -81.85
N PRO QE 145 -36.13 -55.33 -81.92
CA PRO QE 145 -36.52 -53.92 -81.80
C PRO QE 145 -37.33 -53.46 -83.00
N THR QE 146 -38.00 -52.34 -82.82
CA THR QE 146 -38.77 -51.72 -83.88
C THR QE 146 -38.16 -50.37 -84.21
N TRP QE 147 -38.85 -49.60 -85.03
CA TRP QE 147 -38.37 -48.28 -85.39
C TRP QE 147 -38.80 -47.21 -84.42
N ARG QE 148 -39.70 -47.54 -83.48
CA ARG QE 148 -40.28 -46.53 -82.60
C ARG QE 148 -39.24 -45.95 -81.66
N GLN QE 149 -38.24 -46.72 -81.30
CA GLN QE 149 -37.13 -46.24 -80.50
C GLN QE 149 -36.04 -45.63 -81.35
N TYR QE 150 -36.34 -45.24 -82.58
CA TYR QE 150 -35.39 -44.49 -83.37
C TYR QE 150 -36.01 -43.29 -84.03
N LEU QE 151 -37.30 -43.35 -84.33
CA LEU QE 151 -37.92 -42.33 -85.17
C LEU QE 151 -39.12 -41.64 -84.57
N TRP QE 152 -39.78 -42.21 -83.57
CA TRP QE 152 -40.86 -41.49 -82.92
C TRP QE 152 -40.29 -40.35 -82.09
N MET QE 153 -40.89 -39.18 -82.19
CA MET QE 153 -40.40 -38.04 -81.45
C MET QE 153 -41.45 -37.56 -80.46
N ASP QE 154 -40.97 -36.96 -79.37
CA ASP QE 154 -41.84 -36.50 -78.31
C ASP QE 154 -42.63 -35.28 -78.76
N TYR QE 155 -43.79 -35.09 -78.13
CA TYR QE 155 -44.66 -34.00 -78.49
C TYR QE 155 -45.55 -33.68 -77.30
N VAL QE 156 -45.41 -32.46 -76.80
CA VAL QE 156 -46.30 -31.91 -75.79
C VAL QE 156 -47.01 -30.76 -76.46
N LYS QE 157 -48.11 -30.33 -75.87
CA LYS QE 157 -48.88 -29.22 -76.42
C LYS QE 157 -48.59 -27.98 -75.60
N PRO QE 158 -47.83 -27.02 -76.11
CA PRO QE 158 -47.71 -25.75 -75.38
C PRO QE 158 -49.01 -24.98 -75.49
N GLU QE 159 -49.78 -25.02 -74.41
CA GLU QE 159 -51.06 -24.34 -74.33
C GLU QE 159 -51.00 -23.10 -73.46
N ALA QE 160 -49.83 -22.78 -72.91
CA ALA QE 160 -49.70 -21.72 -71.91
C ALA QE 160 -48.65 -20.72 -72.42
N PRO QE 161 -49.02 -19.84 -73.33
CA PRO QE 161 -48.11 -18.74 -73.65
C PRO QE 161 -48.20 -17.71 -72.54
N ASN QE 162 -47.21 -17.71 -71.65
CA ASN QE 162 -47.24 -16.85 -70.47
C ASN QE 162 -46.94 -15.43 -70.92
N VAL QE 163 -47.94 -14.80 -71.50
CA VAL QE 163 -47.77 -13.55 -72.22
C VAL QE 163 -48.67 -12.51 -71.59
N THR QE 164 -48.06 -11.50 -71.00
CA THR QE 164 -48.71 -10.23 -70.78
C THR QE 164 -47.92 -9.12 -71.44
N LEU QE 165 -46.87 -9.46 -72.17
CA LEU QE 165 -46.06 -8.48 -72.88
C LEU QE 165 -46.50 -8.39 -74.34
N LEU QE 166 -47.78 -8.12 -74.53
CA LEU QE 166 -48.36 -7.97 -75.86
C LEU QE 166 -47.91 -6.65 -76.48
N PRO QE 167 -48.01 -6.52 -77.81
CA PRO QE 167 -47.67 -5.23 -78.44
C PRO QE 167 -48.63 -4.12 -78.07
N LYS QE 168 -48.11 -2.89 -78.13
CA LYS QE 168 -48.85 -1.69 -77.79
C LYS QE 168 -49.11 -0.81 -79.01
N THR QE 169 -48.08 -0.47 -79.77
CA THR QE 169 -48.22 0.37 -80.95
C THR QE 169 -48.12 -0.46 -82.22
N LYS QE 170 -48.29 0.23 -83.34
CA LYS QE 170 -48.44 -0.45 -84.63
C LYS QE 170 -47.13 -1.03 -85.12
N ALA QE 171 -46.04 -0.28 -84.97
CA ALA QE 171 -44.73 -0.81 -85.33
C ALA QE 171 -44.33 -1.95 -84.42
N GLU QE 172 -44.75 -1.89 -83.15
CA GLU QE 172 -44.59 -3.01 -82.24
C GLU QE 172 -45.33 -4.24 -82.74
N LYS QE 173 -46.54 -4.04 -83.28
CA LYS QE 173 -47.28 -5.16 -83.87
C LYS QE 173 -46.56 -5.71 -85.10
N GLU QE 174 -45.97 -4.84 -85.90
CA GLU QE 174 -45.26 -5.28 -87.11
C GLU QE 174 -44.03 -6.12 -86.75
N ILE QE 175 -43.22 -5.60 -85.81
CA ILE QE 175 -42.03 -6.34 -85.42
C ILE QE 175 -42.41 -7.60 -84.68
N TRP QE 176 -43.56 -7.60 -83.99
CA TRP QE 176 -44.06 -8.79 -83.33
C TRP QE 176 -44.44 -9.86 -84.36
N CYS QE 177 -45.12 -9.45 -85.42
CA CYS QE 177 -45.48 -10.38 -86.49
C CYS QE 177 -44.26 -10.98 -87.15
N ILE QE 178 -43.27 -10.14 -87.49
CA ILE QE 178 -42.12 -10.68 -88.22
C ILE QE 178 -41.22 -11.52 -87.31
N TYR QE 179 -41.14 -11.19 -86.01
CA TYR QE 179 -40.30 -11.98 -85.12
C TYR QE 179 -40.95 -13.32 -84.84
N THR QE 180 -42.27 -13.35 -84.73
CA THR QE 180 -42.97 -14.62 -84.61
C THR QE 180 -42.80 -15.47 -85.85
N GLU QE 181 -42.83 -14.85 -87.03
CA GLU QE 181 -42.59 -15.58 -88.27
C GLU QE 181 -41.20 -16.19 -88.29
N ARG QE 182 -40.20 -15.40 -87.87
CA ARG QE 182 -38.83 -15.90 -87.83
C ARG QE 182 -38.69 -17.07 -86.89
N GLY QE 183 -39.30 -16.99 -85.70
CA GLY QE 183 -39.28 -18.11 -84.78
C GLY QE 183 -40.00 -19.33 -85.32
N TRP QE 184 -41.09 -19.10 -86.06
CA TRP QE 184 -41.84 -20.18 -86.68
C TRP QE 184 -41.00 -20.96 -87.67
N LYS QE 185 -40.30 -20.24 -88.54
CA LYS QE 185 -39.45 -20.89 -89.53
C LYS QE 185 -38.27 -21.59 -88.87
N ASN QE 186 -37.72 -20.99 -87.82
CA ASN QE 186 -36.62 -21.63 -87.10
C ASN QE 186 -37.05 -22.92 -86.43
N GLY QE 187 -38.26 -22.93 -85.86
CA GLY QE 187 -38.75 -24.15 -85.22
C GLY QE 187 -38.98 -25.29 -86.20
N ILE QE 188 -39.52 -24.96 -87.38
CA ILE QE 188 -39.69 -25.97 -88.41
C ILE QE 188 -38.33 -26.52 -88.85
N ASP QE 189 -37.35 -25.63 -88.99
CA ASP QE 189 -36.01 -26.06 -89.36
C ASP QE 189 -35.39 -26.99 -88.31
N GLN QE 190 -35.61 -26.66 -87.03
CA GLN QE 190 -35.10 -27.48 -85.94
C GLN QE 190 -35.69 -28.89 -85.98
N ALA QE 191 -37.00 -28.98 -86.20
CA ALA QE 191 -37.64 -30.30 -86.23
C ALA QE 191 -37.13 -31.13 -87.40
N ASN QE 192 -36.90 -30.48 -88.55
CA ASN QE 192 -36.38 -31.21 -89.70
C ASN QE 192 -34.98 -31.75 -89.45
N THR QE 193 -34.13 -30.95 -88.80
CA THR QE 193 -32.78 -31.41 -88.51
C THR QE 193 -32.79 -32.55 -87.51
N ILE QE 194 -33.71 -32.50 -86.55
CA ILE QE 194 -33.85 -33.57 -85.56
C ILE QE 194 -34.21 -34.88 -86.23
N LEU QE 195 -35.19 -34.84 -87.14
CA LEU QE 195 -35.59 -36.04 -87.86
C LEU QE 195 -34.44 -36.60 -88.69
N GLU QE 196 -33.68 -35.71 -89.33
CA GLU QE 196 -32.57 -36.13 -90.18
C GLU QE 196 -31.50 -36.86 -89.36
N GLU QE 197 -31.21 -36.34 -88.17
CA GLU QE 197 -30.25 -37.01 -87.30
C GLU QE 197 -30.74 -38.39 -86.88
N ASN QE 198 -32.03 -38.49 -86.55
CA ASN QE 198 -32.60 -39.77 -86.11
C ASN QE 198 -32.52 -40.83 -87.20
N ILE QE 199 -32.95 -40.47 -88.41
CA ILE QE 199 -32.99 -41.43 -89.49
C ILE QE 199 -31.58 -41.81 -89.91
N ALA QE 200 -30.63 -40.90 -89.78
CA ALA QE 200 -29.24 -41.24 -90.05
C ALA QE 200 -28.71 -42.27 -89.08
N ARG QE 201 -29.08 -42.13 -87.80
CA ARG QE 201 -28.63 -43.08 -86.79
C ARG QE 201 -29.17 -44.48 -87.05
N ILE QE 202 -30.45 -44.57 -87.39
CA ILE QE 202 -31.00 -45.92 -87.56
C ILE QE 202 -30.53 -46.53 -88.88
N LYS QE 203 -30.22 -45.70 -89.89
CA LYS QE 203 -29.60 -46.20 -91.10
C LYS QE 203 -28.24 -46.81 -90.79
N GLU QE 204 -27.48 -46.14 -89.91
CA GLU QE 204 -26.18 -46.66 -89.52
C GLU QE 204 -26.29 -48.01 -88.83
N ASP QE 205 -27.27 -48.15 -87.94
CA ASP QE 205 -27.44 -49.42 -87.21
C ASP QE 205 -27.80 -50.56 -88.15
N PHE QE 206 -28.76 -50.33 -89.05
CA PHE QE 206 -29.18 -51.39 -89.97
C PHE QE 206 -28.06 -51.75 -90.93
N GLY QE 207 -27.32 -50.75 -91.40
CA GLY QE 207 -26.18 -51.02 -92.26
C GLY QE 207 -25.10 -51.80 -91.56
N GLY QE 208 -24.91 -51.56 -90.26
CA GLY QE 208 -23.94 -52.33 -89.51
C GLY QE 208 -24.32 -53.79 -89.41
N MET QE 209 -25.60 -54.07 -89.17
CA MET QE 209 -26.01 -55.47 -89.06
C MET QE 209 -25.91 -56.20 -90.39
N ILE QE 210 -26.30 -55.55 -91.49
CA ILE QE 210 -26.20 -56.22 -92.78
C ILE QE 210 -24.74 -56.35 -93.20
N LEU QE 211 -23.89 -55.45 -92.72
CA LEU QE 211 -22.45 -55.58 -92.92
C LEU QE 211 -21.91 -56.80 -92.21
N TYR QE 212 -22.41 -57.05 -91.00
CA TYR QE 212 -22.00 -58.25 -90.27
C TYR QE 212 -22.38 -59.51 -91.02
N ARG QE 213 -23.59 -59.55 -91.57
CA ARG QE 213 -24.00 -60.74 -92.30
C ARG QE 213 -23.14 -60.95 -93.55
N LYS QE 214 -22.84 -59.86 -94.27
CA LYS QE 214 -22.03 -59.99 -95.48
C LYS QE 214 -20.61 -60.44 -95.16
N LEU QE 215 -20.01 -59.90 -94.11
CA LEU QE 215 -18.68 -60.33 -93.76
C LEU QE 215 -18.67 -61.74 -93.19
N LEU QE 216 -19.76 -62.16 -92.54
CA LEU QE 216 -19.83 -63.52 -92.02
C LEU QE 216 -19.91 -64.52 -93.16
N ALA QE 217 -20.60 -64.16 -94.23
CA ALA QE 217 -20.53 -64.96 -95.45
C ALA QE 217 -19.13 -64.93 -96.04
N MET QE 218 -18.48 -63.77 -95.99
CA MET QE 218 -17.14 -63.64 -96.56
C MET QE 218 -16.06 -64.30 -95.73
N ASN QE 219 -16.40 -64.78 -94.52
CA ASN QE 219 -15.53 -65.53 -93.63
C ASN QE 219 -14.29 -64.72 -93.22
N MET QE 220 -14.57 -63.60 -92.58
CA MET QE 220 -13.56 -62.85 -91.85
C MET QE 220 -13.88 -62.77 -90.36
N VAL QE 221 -15.07 -63.18 -89.96
CA VAL QE 221 -15.57 -62.97 -88.60
C VAL QE 221 -15.91 -64.33 -88.01
N SER QE 222 -15.41 -64.57 -86.82
CA SER QE 222 -15.78 -65.74 -86.07
C SER QE 222 -17.25 -65.65 -85.68
N PRO QE 223 -18.05 -66.69 -85.93
CA PRO QE 223 -19.43 -66.68 -85.47
C PRO QE 223 -19.48 -66.75 -83.96
N PRO QE 224 -20.50 -66.17 -83.33
CA PRO QE 224 -20.62 -66.25 -81.88
C PRO QE 224 -20.92 -67.67 -81.43
N TYR QE 225 -20.22 -68.12 -80.40
CA TYR QE 225 -20.27 -69.50 -79.97
C TYR QE 225 -21.09 -69.63 -78.71
N VAL QE 226 -22.11 -70.46 -78.76
CA VAL QE 226 -23.06 -70.62 -77.67
C VAL QE 226 -22.70 -71.87 -76.90
N SER QE 227 -23.23 -71.97 -75.68
CA SER QE 227 -23.05 -73.16 -74.87
C SER QE 227 -24.21 -73.27 -73.90
N HIS QE 228 -24.43 -74.49 -73.43
CA HIS QE 228 -25.53 -74.72 -72.51
C HIS QE 228 -25.27 -75.98 -71.73
N THR QE 229 -25.62 -75.95 -70.45
CA THR QE 229 -25.59 -77.12 -69.59
C THR QE 229 -27.02 -77.47 -69.17
N ASP QE 230 -27.18 -78.71 -68.73
CA ASP QE 230 -28.49 -79.24 -68.39
C ASP QE 230 -28.50 -79.69 -66.93
N LEU QE 231 -29.60 -79.42 -66.24
CA LEU QE 231 -29.84 -79.92 -64.91
C LEU QE 231 -31.23 -80.53 -64.89
N GLY QE 232 -31.38 -81.65 -64.20
CA GLY QE 232 -32.65 -82.31 -64.11
C GLY QE 232 -33.53 -81.67 -63.07
N VAL QE 233 -34.08 -82.47 -62.15
CA VAL QE 233 -34.86 -81.92 -61.06
C VAL QE 233 -33.94 -81.19 -60.09
N THR QE 234 -34.36 -80.00 -59.65
CA THR QE 234 -33.56 -79.18 -58.77
C THR QE 234 -34.42 -78.62 -57.66
N GLY QE 235 -33.75 -78.14 -56.61
CA GLY QE 235 -34.40 -77.45 -55.52
C GLY QE 235 -34.58 -78.34 -54.30
N ASP QE 236 -35.03 -77.70 -53.22
CA ASP QE 236 -35.22 -78.37 -51.95
C ASP QE 236 -36.59 -79.03 -51.94
N GLY QE 237 -37.03 -79.47 -50.75
CA GLY QE 237 -38.36 -80.03 -50.63
C GLY QE 237 -39.47 -79.01 -50.68
N SER QE 238 -39.15 -77.72 -50.67
CA SER QE 238 -40.13 -76.66 -50.75
C SER QE 238 -40.24 -76.03 -52.12
N GLU QE 239 -39.15 -75.94 -52.87
CA GLU QE 239 -39.13 -75.33 -54.18
C GLU QE 239 -38.65 -76.31 -55.22
N ILE QE 240 -39.30 -76.34 -56.37
CA ILE QE 240 -38.84 -77.21 -57.45
C ILE QE 240 -38.96 -76.48 -58.78
N HIS QE 241 -37.91 -76.59 -59.58
CA HIS QE 241 -37.95 -76.33 -61.01
C HIS QE 241 -37.64 -77.66 -61.68
N ILE QE 242 -38.46 -78.04 -62.66
CA ILE QE 242 -38.44 -79.42 -63.13
C ILE QE 242 -37.19 -79.69 -63.95
N ASP QE 243 -36.84 -78.77 -64.85
CA ASP QE 243 -35.60 -78.88 -65.61
C ASP QE 243 -34.95 -77.51 -65.66
N ASP QE 244 -33.63 -77.48 -65.71
CA ASP QE 244 -32.88 -76.22 -65.60
C ASP QE 244 -31.85 -76.18 -66.70
N ARG QE 245 -32.08 -75.38 -67.73
CA ARG QE 245 -31.13 -75.23 -68.82
C ARG QE 245 -30.37 -73.94 -68.62
N VAL QE 246 -29.04 -74.06 -68.49
CA VAL QE 246 -28.17 -72.91 -68.37
C VAL QE 246 -27.65 -72.57 -69.76
N LEU QE 247 -28.17 -71.49 -70.33
CA LEU QE 247 -27.80 -71.03 -71.66
C LEU QE 247 -26.90 -69.82 -71.53
N ARG QE 248 -25.74 -69.87 -72.19
CA ARG QE 248 -24.84 -68.74 -72.13
C ARG QE 248 -24.00 -68.70 -73.39
N ILE QE 249 -23.28 -67.60 -73.57
CA ILE QE 249 -22.38 -67.43 -74.69
C ILE QE 249 -21.01 -67.13 -74.14
N THR QE 250 -20.00 -67.81 -74.66
CA THR QE 250 -18.65 -67.68 -74.15
C THR QE 250 -17.70 -66.99 -75.10
N ALA QE 251 -17.83 -67.20 -76.40
CA ALA QE 251 -16.93 -66.59 -77.37
C ALA QE 251 -17.66 -65.44 -78.06
N LEU QE 252 -17.16 -64.23 -77.84
CA LEU QE 252 -17.66 -63.09 -78.58
C LEU QE 252 -17.14 -63.14 -80.01
N PRO QE 253 -17.89 -62.61 -80.96
CA PRO QE 253 -17.41 -62.59 -82.35
C PRO QE 253 -16.22 -61.66 -82.51
N GLU QE 254 -15.28 -62.07 -83.35
CA GLU QE 254 -14.10 -61.27 -83.58
C GLU QE 254 -13.65 -61.42 -85.02
N LEU QE 255 -12.60 -60.70 -85.37
CA LEU QE 255 -12.08 -60.66 -86.73
C LEU QE 255 -10.78 -61.44 -86.80
N ASN QE 256 -10.66 -62.32 -87.79
CA ASN QE 256 -9.41 -63.05 -87.95
C ASN QE 256 -8.37 -62.14 -88.57
N VAL QE 257 -7.15 -62.19 -88.03
CA VAL QE 257 -6.10 -61.28 -88.48
C VAL QE 257 -5.18 -61.93 -89.49
N ASN QE 258 -5.43 -63.18 -89.85
CA ASN QE 258 -4.61 -63.84 -90.87
C ASN QE 258 -5.10 -63.41 -92.24
N SER QE 259 -4.58 -64.06 -93.28
CA SER QE 259 -5.06 -63.78 -94.62
C SER QE 259 -5.35 -65.06 -95.38
N ALA QE 260 -4.64 -66.14 -95.05
CA ALA QE 260 -4.66 -67.33 -95.88
C ALA QE 260 -5.97 -68.10 -95.79
N GLU QE 261 -6.73 -67.91 -94.72
CA GLU QE 261 -7.99 -68.59 -94.54
C GLU QE 261 -9.17 -67.82 -95.10
N TRP QE 262 -8.91 -66.72 -95.80
CA TRP QE 262 -9.98 -65.82 -96.19
C TRP QE 262 -10.82 -66.44 -97.31
N ARG QE 263 -12.00 -65.88 -97.49
CA ARG QE 263 -12.92 -66.41 -98.48
C ARG QE 263 -13.34 -65.31 -99.45
N ALA QE 264 -13.41 -65.65 -100.73
CA ALA QE 264 -13.70 -64.69 -101.78
C ALA QE 264 -14.84 -65.20 -102.65
N ALA QE 265 -15.54 -64.26 -103.27
CA ALA QE 265 -16.72 -64.56 -104.07
C ALA QE 265 -16.67 -63.79 -105.38
N VAL QE 266 -17.30 -64.36 -106.40
CA VAL QE 266 -17.30 -63.75 -107.73
C VAL QE 266 -18.65 -64.00 -108.37
N ALA QE 267 -19.28 -62.93 -108.88
CA ALA QE 267 -20.61 -63.00 -109.47
C ALA QE 267 -20.54 -63.59 -110.88
N LYS QE 268 -21.66 -63.54 -111.58
CA LYS QE 268 -21.74 -63.93 -112.98
C LYS QE 268 -22.71 -63.02 -113.71
N GLY RE 26 -79.82 -34.39 -49.24
CA GLY RE 26 -79.27 -35.32 -48.28
C GLY RE 26 -78.24 -36.26 -48.86
N ASP RE 27 -77.65 -37.09 -48.02
CA ASP RE 27 -76.63 -38.03 -48.46
C ASP RE 27 -77.21 -39.33 -49.00
N THR RE 28 -78.53 -39.48 -48.98
CA THR RE 28 -79.16 -40.69 -49.49
C THR RE 28 -79.13 -40.74 -51.02
N GLY RE 29 -79.84 -39.83 -51.66
CA GLY RE 29 -79.64 -39.59 -53.08
C GLY RE 29 -78.47 -38.66 -53.21
N SER RE 30 -77.26 -39.22 -53.06
CA SER RE 30 -76.09 -38.44 -52.66
C SER RE 30 -75.67 -37.44 -53.71
N LEU RE 31 -75.77 -37.81 -54.99
CA LEU RE 31 -75.50 -36.85 -56.05
C LEU RE 31 -76.50 -35.71 -56.05
N ALA RE 32 -77.78 -36.03 -55.79
CA ALA RE 32 -78.79 -34.98 -55.74
C ALA RE 32 -78.59 -34.06 -54.55
N GLY RE 33 -78.23 -34.62 -53.40
CA GLY RE 33 -77.99 -33.79 -52.22
C GLY RE 33 -76.76 -32.92 -52.36
N LEU RE 34 -75.69 -33.47 -52.95
CA LEU RE 34 -74.51 -32.67 -53.18
C LEU RE 34 -74.74 -31.65 -54.30
N GLN RE 35 -75.67 -31.93 -55.20
CA GLN RE 35 -76.07 -30.91 -56.16
C GLN RE 35 -76.87 -29.79 -55.48
N ALA RE 36 -77.77 -30.18 -54.58
CA ALA RE 36 -78.63 -29.21 -53.91
C ALA RE 36 -77.88 -28.38 -52.88
N MET RE 37 -76.71 -28.83 -52.46
CA MET RE 37 -75.87 -28.01 -51.60
C MET RE 37 -75.13 -26.90 -52.34
N ALA RE 38 -75.44 -26.65 -53.61
CA ALA RE 38 -74.85 -25.52 -54.31
C ALA RE 38 -75.36 -24.19 -53.77
N ASP RE 39 -76.65 -24.10 -53.49
CA ASP RE 39 -77.23 -22.89 -52.93
C ASP RE 39 -76.85 -22.75 -51.46
N SER RE 40 -77.05 -21.56 -50.92
CA SER RE 40 -76.67 -21.24 -49.56
C SER RE 40 -77.71 -21.63 -48.53
N LYS RE 41 -78.84 -22.21 -48.97
CA LYS RE 41 -79.94 -22.51 -48.06
C LYS RE 41 -79.59 -23.63 -47.10
N TYR RE 42 -78.93 -24.69 -47.59
CA TYR RE 42 -78.47 -25.73 -46.69
C TYR RE 42 -77.34 -25.25 -45.80
N THR RE 43 -76.51 -24.33 -46.31
CA THR RE 43 -75.42 -23.76 -45.51
C THR RE 43 -75.95 -22.96 -44.33
N ARG RE 44 -76.98 -22.14 -44.56
CA ARG RE 44 -77.57 -21.41 -43.45
C ARG RE 44 -78.48 -22.31 -42.60
N ALA RE 45 -78.95 -23.43 -43.15
CA ALA RE 45 -79.67 -24.40 -42.33
C ALA RE 45 -78.73 -25.15 -41.39
N GLN RE 46 -77.45 -25.29 -41.78
CA GLN RE 46 -76.46 -25.90 -40.91
C GLN RE 46 -76.23 -25.07 -39.65
N LYS RE 47 -76.31 -23.74 -39.77
CA LYS RE 47 -76.03 -22.88 -38.63
C LYS RE 47 -77.13 -22.92 -37.60
N LYS RE 48 -78.39 -23.02 -38.03
CA LYS RE 48 -79.51 -23.06 -37.10
C LYS RE 48 -79.62 -24.38 -36.36
N GLN RE 49 -78.88 -25.41 -36.79
CA GLN RE 49 -78.84 -26.67 -36.07
C GLN RE 49 -77.49 -26.95 -35.43
N LYS RE 50 -76.45 -26.16 -35.73
CA LYS RE 50 -75.19 -26.31 -35.02
C LYS RE 50 -75.35 -25.93 -33.55
N MET RE 51 -76.21 -24.96 -33.26
CA MET RE 51 -76.50 -24.59 -31.87
C MET RE 51 -77.12 -25.74 -31.11
N GLY RE 52 -78.05 -26.47 -31.74
CA GLY RE 52 -78.58 -27.67 -31.12
C GLY RE 52 -77.55 -28.77 -31.02
N LYS RE 53 -76.74 -28.95 -32.06
CA LYS RE 53 -75.71 -29.98 -32.10
C LYS RE 53 -74.58 -29.75 -31.10
N ILE RE 54 -74.48 -28.55 -30.53
CA ILE RE 54 -73.57 -28.30 -29.43
C ILE RE 54 -74.30 -28.32 -28.08
N ARG RE 55 -75.51 -27.77 -28.00
CA ARG RE 55 -76.18 -27.68 -26.72
C ARG RE 55 -76.79 -29.00 -26.27
N GLU RE 56 -76.91 -29.98 -27.18
CA GLU RE 56 -77.67 -31.17 -26.84
C GLU RE 56 -76.93 -32.12 -25.90
N MET RE 57 -75.60 -32.12 -25.91
CA MET RE 57 -74.86 -33.13 -25.14
C MET RE 57 -74.41 -32.62 -23.79
N ALA RE 58 -75.22 -31.78 -23.14
CA ALA RE 58 -74.97 -31.40 -21.76
C ALA RE 58 -76.06 -31.91 -20.83
N LEU RE 59 -77.32 -31.65 -21.17
CA LEU RE 59 -78.44 -32.06 -20.33
C LEU RE 59 -78.74 -33.55 -20.45
N LYS RE 60 -78.34 -34.17 -21.56
CA LYS RE 60 -78.72 -35.57 -21.79
C LYS RE 60 -77.99 -36.51 -20.86
N GLU RE 61 -76.74 -36.20 -20.51
CA GLU RE 61 -75.99 -37.05 -19.59
C GLU RE 61 -76.56 -36.96 -18.19
N THR RE 62 -76.96 -35.75 -17.78
CA THR RE 62 -77.62 -35.57 -16.49
C THR RE 62 -78.94 -36.33 -16.45
N ALA RE 63 -79.71 -36.26 -17.55
CA ALA RE 63 -80.97 -36.99 -17.64
C ALA RE 63 -80.76 -38.49 -17.57
N LEU RE 64 -79.74 -38.98 -18.29
CA LEU RE 64 -79.42 -40.39 -18.28
C LEU RE 64 -78.98 -40.85 -16.89
N SER RE 65 -78.21 -40.02 -16.20
CA SER RE 65 -77.71 -40.37 -14.87
C SER RE 65 -78.84 -40.44 -13.87
N VAL RE 66 -79.73 -39.45 -13.87
CA VAL RE 66 -80.81 -39.47 -12.89
C VAL RE 66 -81.80 -40.58 -13.21
N GLY RE 67 -82.02 -40.87 -14.50
CA GLY RE 67 -82.88 -41.97 -14.86
C GLY RE 67 -82.30 -43.31 -14.47
N ALA RE 68 -81.00 -43.47 -14.64
CA ALA RE 68 -80.33 -44.71 -14.26
C ALA RE 68 -80.41 -44.95 -12.76
N GLN RE 69 -80.16 -43.90 -11.97
CA GLN RE 69 -80.20 -44.08 -10.52
C GLN RE 69 -81.61 -44.37 -10.02
N ALA RE 70 -82.60 -43.62 -10.54
CA ALA RE 70 -83.98 -43.83 -10.13
C ALA RE 70 -84.49 -45.20 -10.53
N GLY RE 71 -84.17 -45.63 -11.76
CA GLY RE 71 -84.61 -46.93 -12.21
C GLY RE 71 -83.93 -48.07 -11.47
N LEU RE 72 -82.63 -47.92 -11.18
CA LEU RE 72 -81.92 -48.94 -10.43
C LEU RE 72 -82.49 -49.10 -9.04
N ALA RE 73 -82.78 -47.98 -8.37
CA ALA RE 73 -83.36 -48.04 -7.04
C ALA RE 73 -84.75 -48.66 -7.06
N TRP RE 74 -85.59 -48.21 -7.98
CA TRP RE 74 -86.98 -48.66 -7.98
C TRP RE 74 -87.11 -50.13 -8.36
N ARG RE 75 -86.37 -50.55 -9.40
CA ARG RE 75 -86.40 -51.95 -9.80
C ARG RE 75 -85.76 -52.84 -8.75
N ALA RE 76 -84.75 -52.33 -8.03
CA ALA RE 76 -84.14 -53.09 -6.94
C ALA RE 76 -85.13 -53.35 -5.83
N LYS RE 77 -85.88 -52.32 -5.44
CA LYS RE 77 -86.87 -52.47 -4.38
C LYS RE 77 -87.99 -53.40 -4.80
N ILE RE 78 -88.41 -53.31 -6.07
CA ILE RE 78 -89.48 -54.15 -6.59
C ILE RE 78 -89.05 -55.61 -6.57
N ILE RE 79 -87.84 -55.91 -7.03
CA ILE RE 79 -87.46 -57.31 -7.09
C ILE RE 79 -87.10 -57.86 -5.72
N ASP RE 80 -86.69 -57.00 -4.78
CA ASP RE 80 -86.51 -57.51 -3.42
C ASP RE 80 -87.85 -57.84 -2.79
N GLU RE 81 -88.88 -57.04 -3.09
CA GLU RE 81 -90.23 -57.35 -2.64
C GLU RE 81 -90.70 -58.69 -3.19
N GLN RE 82 -90.49 -58.90 -4.49
CA GLN RE 82 -90.92 -60.13 -5.12
C GLN RE 82 -90.09 -61.32 -4.63
N LEU RE 83 -88.84 -61.08 -4.28
CA LEU RE 83 -88.02 -62.15 -3.75
C LEU RE 83 -88.48 -62.56 -2.36
N ASN RE 84 -88.88 -61.59 -1.56
CA ASN RE 84 -89.41 -61.90 -0.24
C ASN RE 84 -90.78 -62.56 -0.32
N LYS RE 85 -91.50 -62.35 -1.41
CA LYS RE 85 -92.83 -62.92 -1.58
C LYS RE 85 -92.84 -64.45 -1.53
N GLN RE 86 -91.78 -65.09 -1.98
CA GLN RE 86 -91.77 -66.55 -2.15
C GLN RE 86 -90.63 -67.18 -1.38
N ALA RE 87 -90.52 -66.80 -0.11
CA ALA RE 87 -89.34 -67.16 0.67
C ALA RE 87 -89.30 -68.64 1.06
N ARG RE 88 -90.45 -69.31 1.14
CA ARG RE 88 -90.49 -70.65 1.70
C ARG RE 88 -89.82 -71.66 0.78
N ASN RE 89 -90.18 -71.63 -0.50
CA ASN RE 89 -89.67 -72.63 -1.42
C ASN RE 89 -88.20 -72.43 -1.72
N LEU RE 90 -87.68 -71.22 -1.49
CA LEU RE 90 -86.24 -71.00 -1.55
C LEU RE 90 -85.51 -71.89 -0.57
N ASP RE 91 -85.99 -71.92 0.67
CA ASP RE 91 -85.42 -72.80 1.67
C ASP RE 91 -85.69 -74.25 1.33
N ALA RE 92 -86.87 -74.52 0.78
CA ALA RE 92 -87.25 -75.89 0.45
C ALA RE 92 -86.38 -76.47 -0.66
N ILE RE 93 -85.85 -75.64 -1.54
CA ILE RE 93 -84.94 -76.14 -2.56
C ILE RE 93 -83.47 -75.95 -2.19
N TYR RE 94 -83.14 -75.06 -1.26
CA TYR RE 94 -81.75 -74.78 -0.93
C TYR RE 94 -81.44 -75.16 0.50
N ASP RE 95 -82.11 -76.20 0.99
CA ASP RE 95 -81.74 -76.80 2.26
C ASP RE 95 -80.29 -77.26 2.23
N PHE RE 96 -79.43 -76.54 2.94
CA PHE RE 96 -78.09 -77.00 3.18
C PHE RE 96 -77.99 -77.80 4.46
N ASN RE 97 -78.93 -77.58 5.39
CA ASN RE 97 -78.97 -78.29 6.65
C ASN RE 97 -79.19 -79.78 6.44
N SER RE 98 -79.83 -80.16 5.34
CA SER RE 98 -79.81 -81.55 4.92
C SER RE 98 -78.49 -81.96 4.32
N LEU RE 99 -77.60 -81.01 3.99
CA LEU RE 99 -76.40 -81.36 3.25
C LEU RE 99 -75.12 -81.29 4.08
N VAL RE 100 -75.17 -80.79 5.30
CA VAL RE 100 -73.96 -80.81 6.13
C VAL RE 100 -73.61 -82.24 6.50
N LEU RE 101 -72.33 -82.45 6.80
CA LEU RE 101 -71.88 -83.74 7.29
C LEU RE 101 -71.90 -83.76 8.83
N GLU RE 102 -71.60 -84.92 9.40
CA GLU RE 102 -71.93 -85.23 10.78
C GLU RE 102 -71.06 -84.51 11.80
N HIS RE 103 -69.96 -83.90 11.40
CA HIS RE 103 -69.14 -83.14 12.34
C HIS RE 103 -69.25 -81.65 12.10
N ASN RE 104 -70.46 -81.20 11.71
CA ASN RE 104 -70.76 -79.79 11.41
C ASN RE 104 -69.84 -79.21 10.35
N ILE RE 105 -69.51 -80.03 9.37
CA ILE RE 105 -68.50 -79.71 8.38
C ILE RE 105 -69.20 -79.53 7.04
N LEU RE 106 -69.00 -78.37 6.43
CA LEU RE 106 -69.52 -78.13 5.11
C LEU RE 106 -68.74 -78.97 4.10
N PRO RE 107 -69.42 -79.74 3.26
CA PRO RE 107 -68.73 -80.52 2.24
C PRO RE 107 -68.11 -79.60 1.20
N PRO RE 108 -67.05 -80.05 0.49
CA PRO RE 108 -66.32 -79.13 -0.39
C PRO RE 108 -67.04 -78.83 -1.68
N VAL RE 109 -66.37 -78.13 -2.59
CA VAL RE 109 -66.97 -77.63 -3.81
C VAL RE 109 -66.26 -78.28 -5.00
N LEU RE 110 -67.04 -78.95 -5.83
CA LEU RE 110 -66.52 -79.66 -6.99
C LEU RE 110 -66.91 -78.96 -8.27
N LEU RE 111 -66.06 -79.06 -9.28
CA LEU RE 111 -66.37 -78.54 -10.60
C LEU RE 111 -65.87 -79.50 -11.65
N GLU RE 112 -66.56 -79.53 -12.78
CA GLU RE 112 -66.33 -80.56 -13.77
C GLU RE 112 -66.45 -79.99 -15.17
N GLY RE 113 -65.88 -80.72 -16.11
CA GLY RE 113 -65.96 -80.36 -17.51
C GLY RE 113 -65.93 -81.60 -18.39
N ARG RE 114 -66.62 -81.51 -19.52
CA ARG RE 114 -66.75 -82.62 -20.44
C ARG RE 114 -66.18 -82.24 -21.79
N ASN RE 115 -65.29 -83.09 -22.32
CA ASN RE 115 -64.76 -83.04 -23.68
C ASN RE 115 -64.05 -81.72 -23.95
N THR RE 116 -62.94 -81.54 -23.25
CA THR RE 116 -62.21 -80.29 -23.38
C THR RE 116 -61.04 -80.45 -24.36
N LEU RE 117 -60.69 -79.33 -24.98
CA LEU RE 117 -59.62 -79.32 -25.97
C LEU RE 117 -58.89 -78.00 -25.90
N ASN RE 118 -57.59 -78.06 -26.16
CA ASN RE 118 -56.76 -76.88 -26.26
C ASN RE 118 -55.84 -77.02 -27.46
N LEU RE 119 -55.75 -75.92 -28.20
CA LEU RE 119 -54.82 -75.79 -29.31
C LEU RE 119 -53.80 -74.74 -28.91
N ALA RE 120 -52.58 -75.18 -28.59
CA ALA RE 120 -51.54 -74.22 -28.24
C ALA RE 120 -51.03 -73.50 -29.49
N ASP RE 121 -50.59 -74.26 -30.48
CA ASP RE 121 -50.14 -73.73 -31.76
C ASP RE 121 -50.25 -74.85 -32.78
N ALA RE 122 -49.60 -74.68 -33.91
CA ALA RE 122 -49.49 -75.75 -34.89
C ALA RE 122 -48.72 -76.93 -34.32
N GLN RE 123 -49.08 -78.12 -34.80
CA GLN RE 123 -48.48 -79.41 -34.43
C GLN RE 123 -48.56 -79.69 -32.93
N SER RE 124 -49.61 -79.21 -32.27
CA SER RE 124 -49.73 -79.36 -30.83
C SER RE 124 -51.21 -79.26 -30.47
N ILE RE 125 -51.78 -80.37 -30.02
CA ILE RE 125 -53.18 -80.42 -29.63
C ILE RE 125 -53.27 -81.25 -28.35
N ARG RE 126 -54.03 -80.77 -27.38
CA ARG RE 126 -54.28 -81.53 -26.16
C ARG RE 126 -55.77 -81.70 -25.99
N ILE RE 127 -56.23 -82.94 -25.95
CA ILE RE 127 -57.64 -83.22 -25.67
C ILE RE 127 -57.71 -83.95 -24.36
N SER RE 128 -58.84 -83.77 -23.67
CA SER RE 128 -59.06 -84.46 -22.41
C SER RE 128 -60.54 -84.77 -22.29
N ASP RE 129 -60.85 -85.94 -21.75
CA ASP RE 129 -62.22 -86.42 -21.83
C ASP RE 129 -63.10 -85.78 -20.76
N ARG RE 130 -62.80 -86.02 -19.49
CA ARG RE 130 -63.52 -85.37 -18.40
C ARG RE 130 -62.53 -84.82 -17.40
N THR RE 131 -62.88 -83.68 -16.82
CA THR RE 131 -61.98 -82.99 -15.91
C THR RE 131 -62.72 -82.58 -14.66
N TYR RE 132 -62.00 -82.62 -13.54
CA TYR RE 132 -62.56 -82.20 -12.25
C TYR RE 132 -61.55 -81.34 -11.50
N LYS RE 133 -62.07 -80.27 -10.92
CA LYS RE 133 -61.28 -79.30 -10.15
C LYS RE 133 -62.01 -79.00 -8.86
N VAL RE 134 -61.28 -79.00 -7.75
CA VAL RE 134 -61.86 -78.69 -6.46
C VAL RE 134 -61.67 -77.20 -6.19
N ALA RE 135 -62.76 -76.49 -5.92
CA ALA RE 135 -62.69 -75.04 -5.80
C ALA RE 135 -62.53 -74.60 -4.34
N LYS RE 136 -63.49 -74.91 -3.49
CA LYS RE 136 -63.46 -74.48 -2.10
C LYS RE 136 -63.25 -75.67 -1.19
N GLN RE 137 -62.22 -75.59 -0.36
CA GLN RE 137 -61.88 -76.69 0.52
C GLN RE 137 -62.91 -76.82 1.64
N ALA RE 138 -63.25 -78.06 1.97
CA ALA RE 138 -64.18 -78.34 3.04
C ALA RE 138 -63.59 -77.91 4.38
N HIS RE 139 -64.46 -77.45 5.27
CA HIS RE 139 -64.03 -76.92 6.56
C HIS RE 139 -65.18 -77.02 7.54
N PHE RE 140 -64.91 -76.60 8.77
CA PHE RE 140 -65.96 -76.50 9.77
C PHE RE 140 -66.93 -75.38 9.42
N ILE RE 141 -68.08 -75.41 10.07
CA ILE RE 141 -69.07 -74.36 9.88
C ILE RE 141 -69.90 -74.27 11.15
N THR RE 142 -70.52 -73.12 11.35
CA THR RE 142 -71.36 -72.89 12.51
C THR RE 142 -72.83 -73.12 12.18
N THR RE 143 -73.34 -72.45 11.17
CA THR RE 143 -74.73 -72.55 10.78
C THR RE 143 -74.83 -72.85 9.29
N PRO RE 144 -75.90 -73.50 8.85
CA PRO RE 144 -76.14 -73.62 7.42
C PRO RE 144 -76.45 -72.25 6.83
N PRO RE 145 -75.68 -71.81 5.83
CA PRO RE 145 -75.93 -70.51 5.22
C PRO RE 145 -77.21 -70.53 4.41
N THR RE 146 -77.94 -69.43 4.46
CA THR RE 146 -79.19 -69.32 3.73
C THR RE 146 -78.93 -68.74 2.35
N TRP RE 147 -80.01 -68.43 1.63
CA TRP RE 147 -79.92 -67.80 0.35
C TRP RE 147 -79.81 -66.28 0.43
N ARG RE 148 -80.02 -65.71 1.60
CA ARG RE 148 -80.07 -64.26 1.71
C ARG RE 148 -78.71 -63.60 1.59
N GLN RE 149 -77.63 -64.34 1.76
CA GLN RE 149 -76.30 -63.80 1.54
C GLN RE 149 -75.83 -64.06 0.13
N TYR RE 150 -76.72 -64.47 -0.76
CA TYR RE 150 -76.36 -64.68 -2.15
C TYR RE 150 -77.29 -63.92 -3.07
N LEU RE 151 -78.56 -63.82 -2.69
CA LEU RE 151 -79.56 -63.29 -3.60
C LEU RE 151 -80.13 -61.96 -3.18
N TRP RE 152 -80.13 -61.64 -1.91
CA TRP RE 152 -80.70 -60.40 -1.44
C TRP RE 152 -79.80 -59.25 -1.85
N MET RE 153 -80.38 -58.19 -2.39
CA MET RE 153 -79.65 -57.01 -2.78
C MET RE 153 -80.04 -55.83 -1.90
N ASP RE 154 -79.29 -54.74 -2.04
CA ASP RE 154 -79.54 -53.59 -1.19
C ASP RE 154 -80.70 -52.78 -1.73
N TYR RE 155 -81.18 -51.86 -0.90
CA TYR RE 155 -82.12 -50.84 -1.34
C TYR RE 155 -81.97 -49.62 -0.45
N VAL RE 156 -81.46 -48.53 -1.02
CA VAL RE 156 -81.49 -47.23 -0.40
C VAL RE 156 -82.05 -46.27 -1.42
N LYS RE 157 -83.18 -45.64 -1.09
CA LYS RE 157 -83.77 -44.66 -1.99
C LYS RE 157 -83.01 -43.35 -1.90
N PRO RE 158 -82.45 -42.84 -2.99
CA PRO RE 158 -81.91 -41.49 -2.95
C PRO RE 158 -83.00 -40.48 -3.28
N GLU RE 159 -83.31 -39.61 -2.34
CA GLU RE 159 -84.40 -38.66 -2.52
C GLU RE 159 -83.90 -37.27 -2.90
N ALA RE 160 -82.61 -37.11 -3.17
CA ALA RE 160 -82.06 -35.81 -3.51
C ALA RE 160 -81.66 -35.78 -4.97
N PRO RE 161 -82.41 -35.12 -5.84
CA PRO RE 161 -81.97 -35.00 -7.24
C PRO RE 161 -80.86 -33.98 -7.38
N ASN RE 162 -79.63 -34.46 -7.55
CA ASN RE 162 -78.46 -33.61 -7.70
C ASN RE 162 -78.38 -33.17 -9.17
N VAL RE 163 -79.21 -32.19 -9.52
CA VAL RE 163 -79.40 -31.76 -10.89
C VAL RE 163 -79.03 -30.29 -11.00
N THR RE 164 -78.20 -29.96 -11.99
CA THR RE 164 -77.82 -28.58 -12.27
C THR RE 164 -78.63 -27.98 -13.41
N LEU RE 165 -78.56 -28.58 -14.60
CA LEU RE 165 -79.18 -28.02 -15.78
C LEU RE 165 -80.69 -28.25 -15.77
N LEU RE 166 -81.42 -27.31 -16.35
CA LEU RE 166 -82.87 -27.36 -16.47
C LEU RE 166 -83.28 -27.00 -17.88
N PRO RE 167 -84.37 -27.58 -18.38
CA PRO RE 167 -84.82 -27.24 -19.74
C PRO RE 167 -85.38 -25.84 -19.84
N LYS RE 168 -85.28 -25.27 -21.04
CA LYS RE 168 -85.85 -23.97 -21.35
C LYS RE 168 -87.09 -24.06 -22.21
N THR RE 169 -87.00 -24.75 -23.34
CA THR RE 169 -88.13 -24.88 -24.25
C THR RE 169 -88.77 -26.25 -24.12
N LYS RE 170 -89.88 -26.43 -24.84
CA LYS RE 170 -90.61 -27.69 -24.82
C LYS RE 170 -89.81 -28.81 -25.46
N ALA RE 171 -88.98 -28.48 -26.46
CA ALA RE 171 -88.12 -29.48 -27.08
C ALA RE 171 -87.11 -30.01 -26.07
N GLU RE 172 -86.53 -29.11 -25.28
CA GLU RE 172 -85.62 -29.50 -24.21
C GLU RE 172 -86.35 -30.33 -23.16
N LYS RE 173 -87.59 -29.95 -22.84
CA LYS RE 173 -88.40 -30.70 -21.88
C LYS RE 173 -88.68 -32.11 -22.36
N GLU RE 174 -89.02 -32.27 -23.63
CA GLU RE 174 -89.37 -33.60 -24.12
C GLU RE 174 -88.15 -34.48 -24.32
N ILE RE 175 -87.01 -33.92 -24.76
CA ILE RE 175 -85.83 -34.76 -24.85
C ILE RE 175 -85.34 -35.13 -23.46
N TRP RE 176 -85.53 -34.24 -22.48
CA TRP RE 176 -85.25 -34.54 -21.10
C TRP RE 176 -86.11 -35.69 -20.60
N CYS RE 177 -87.41 -35.66 -20.94
CA CYS RE 177 -88.33 -36.70 -20.53
C CYS RE 177 -87.98 -38.05 -21.14
N ILE RE 178 -87.73 -38.08 -22.46
CA ILE RE 178 -87.50 -39.36 -23.10
C ILE RE 178 -86.13 -39.92 -22.74
N TYR RE 179 -85.14 -39.05 -22.47
CA TYR RE 179 -83.86 -39.59 -22.05
C TYR RE 179 -83.89 -40.06 -20.61
N THR RE 180 -84.73 -39.44 -19.78
CA THR RE 180 -84.97 -39.97 -18.44
C THR RE 180 -85.65 -41.33 -18.51
N GLU RE 181 -86.55 -41.50 -19.48
CA GLU RE 181 -87.17 -42.81 -19.71
C GLU RE 181 -86.13 -43.85 -20.12
N ARG RE 182 -85.19 -43.45 -20.98
CA ARG RE 182 -84.12 -44.35 -21.39
C ARG RE 182 -83.26 -44.75 -20.20
N GLY RE 183 -82.98 -43.80 -19.32
CA GLY RE 183 -82.23 -44.10 -18.11
C GLY RE 183 -82.97 -45.03 -17.19
N TRP RE 184 -84.29 -44.86 -17.08
CA TRP RE 184 -85.13 -45.76 -16.30
C TRP RE 184 -85.04 -47.19 -16.82
N LYS RE 185 -85.10 -47.33 -18.15
CA LYS RE 185 -84.97 -48.65 -18.76
C LYS RE 185 -83.60 -49.26 -18.53
N ASN RE 186 -82.54 -48.44 -18.63
CA ASN RE 186 -81.20 -48.95 -18.44
C ASN RE 186 -80.96 -49.39 -17.00
N GLY RE 187 -81.52 -48.65 -16.03
CA GLY RE 187 -81.41 -49.06 -14.64
C GLY RE 187 -82.12 -50.37 -14.37
N ILE RE 188 -83.29 -50.56 -14.99
CA ILE RE 188 -84.00 -51.84 -14.90
C ILE RE 188 -83.14 -52.97 -15.45
N ASP RE 189 -82.52 -52.72 -16.60
CA ASP RE 189 -81.71 -53.75 -17.25
C ASP RE 189 -80.49 -54.12 -16.40
N GLN RE 190 -79.85 -53.12 -15.79
CA GLN RE 190 -78.69 -53.36 -14.95
C GLN RE 190 -79.04 -54.18 -13.73
N ALA RE 191 -80.19 -53.86 -13.10
CA ALA RE 191 -80.62 -54.64 -11.95
C ALA RE 191 -80.89 -56.09 -12.32
N ASN RE 192 -81.49 -56.31 -13.49
CA ASN RE 192 -81.78 -57.67 -13.93
C ASN RE 192 -80.49 -58.46 -14.16
N THR RE 193 -79.48 -57.82 -14.74
CA THR RE 193 -78.22 -58.52 -14.98
C THR RE 193 -77.52 -58.88 -13.67
N ILE RE 194 -77.60 -57.98 -12.69
CA ILE RE 194 -77.01 -58.24 -11.37
C ILE RE 194 -77.68 -59.46 -10.73
N LEU RE 195 -79.00 -59.50 -10.81
CA LEU RE 195 -79.74 -60.63 -10.26
C LEU RE 195 -79.38 -61.93 -10.97
N GLU RE 196 -79.16 -61.86 -12.28
CA GLU RE 196 -78.76 -63.05 -13.04
C GLU RE 196 -77.41 -63.59 -12.58
N GLU RE 197 -76.45 -62.70 -12.34
CA GLU RE 197 -75.14 -63.14 -11.85
C GLU RE 197 -75.24 -63.80 -10.48
N ASN RE 198 -76.06 -63.23 -9.60
CA ASN RE 198 -76.21 -63.80 -8.27
C ASN RE 198 -76.86 -65.19 -8.32
N ILE RE 199 -77.86 -65.35 -9.18
CA ILE RE 199 -78.52 -66.65 -9.35
C ILE RE 199 -77.52 -67.68 -9.85
N ALA RE 200 -76.66 -67.28 -10.78
CA ALA RE 200 -75.64 -68.18 -11.31
C ALA RE 200 -74.68 -68.64 -10.22
N ARG RE 201 -74.29 -67.69 -9.35
CA ARG RE 201 -73.34 -68.01 -8.29
C ARG RE 201 -73.92 -69.01 -7.28
N ILE RE 202 -75.15 -68.77 -6.84
CA ILE RE 202 -75.70 -69.66 -5.82
C ILE RE 202 -76.03 -71.03 -6.42
N LYS RE 203 -76.42 -71.05 -7.70
CA LYS RE 203 -76.73 -72.30 -8.37
C LYS RE 203 -75.48 -73.17 -8.51
N GLU RE 204 -74.35 -72.55 -8.88
CA GLU RE 204 -73.16 -73.38 -9.04
C GLU RE 204 -72.62 -73.83 -7.70
N ASP RE 205 -72.81 -73.05 -6.64
CA ASP RE 205 -72.36 -73.53 -5.33
C ASP RE 205 -73.16 -74.75 -4.88
N PHE RE 206 -74.48 -74.72 -5.05
CA PHE RE 206 -75.28 -75.89 -4.72
C PHE RE 206 -74.97 -77.07 -5.63
N GLY RE 207 -74.68 -76.79 -6.91
CA GLY RE 207 -74.35 -77.86 -7.83
C GLY RE 207 -73.04 -78.53 -7.50
N GLY RE 208 -72.05 -77.75 -7.05
CA GLY RE 208 -70.80 -78.33 -6.62
C GLY RE 208 -70.97 -79.19 -5.39
N MET RE 209 -71.86 -78.78 -4.50
CA MET RE 209 -72.19 -79.60 -3.33
C MET RE 209 -72.78 -80.95 -3.73
N ILE RE 210 -73.80 -80.91 -4.62
CA ILE RE 210 -74.47 -82.17 -4.95
C ILE RE 210 -73.56 -83.05 -5.81
N LEU RE 211 -72.62 -82.43 -6.54
CA LEU RE 211 -71.65 -83.19 -7.31
C LEU RE 211 -70.69 -83.92 -6.40
N TYR RE 212 -70.27 -83.27 -5.31
CA TYR RE 212 -69.42 -83.95 -4.33
C TYR RE 212 -70.15 -85.12 -3.70
N ARG RE 213 -71.44 -84.93 -3.40
CA ARG RE 213 -72.20 -86.01 -2.80
C ARG RE 213 -72.33 -87.21 -3.73
N LYS RE 214 -72.57 -86.95 -5.02
CA LYS RE 214 -72.68 -88.02 -6.00
C LYS RE 214 -71.35 -88.76 -6.17
N LEU RE 215 -70.25 -88.02 -6.22
CA LEU RE 215 -68.97 -88.68 -6.45
C LEU RE 215 -68.51 -89.47 -5.24
N LEU RE 216 -68.79 -88.96 -4.03
CA LEU RE 216 -68.48 -89.72 -2.83
C LEU RE 216 -69.33 -90.97 -2.75
N ALA RE 217 -70.57 -90.90 -3.22
CA ALA RE 217 -71.40 -92.09 -3.31
C ALA RE 217 -70.81 -93.11 -4.29
N MET RE 218 -70.31 -92.65 -5.43
CA MET RE 218 -69.80 -93.60 -6.40
C MET RE 218 -68.36 -94.02 -6.12
N ASN RE 219 -67.76 -93.50 -5.04
CA ASN RE 219 -66.40 -93.83 -4.60
C ASN RE 219 -65.39 -93.41 -5.66
N MET RE 220 -65.42 -92.13 -5.97
CA MET RE 220 -64.43 -91.49 -6.83
C MET RE 220 -63.55 -90.56 -6.05
N VAL RE 221 -64.03 -90.02 -4.93
CA VAL RE 221 -63.28 -89.09 -4.10
C VAL RE 221 -62.97 -89.77 -2.77
N SER RE 222 -62.09 -89.15 -2.01
CA SER RE 222 -61.81 -89.58 -0.65
C SER RE 222 -62.59 -88.71 0.32
N PRO RE 223 -63.32 -89.30 1.27
CA PRO RE 223 -64.06 -88.50 2.24
C PRO RE 223 -63.12 -87.84 3.23
N PRO RE 224 -63.54 -86.76 3.88
CA PRO RE 224 -62.70 -86.15 4.91
C PRO RE 224 -62.65 -87.01 6.16
N TYR RE 225 -61.61 -86.80 6.95
CA TYR RE 225 -61.42 -87.59 8.16
C TYR RE 225 -61.18 -86.69 9.36
N VAL RE 226 -61.84 -87.01 10.48
CA VAL RE 226 -61.84 -86.20 11.69
C VAL RE 226 -61.27 -87.04 12.83
N SER RE 227 -60.29 -86.50 13.55
CA SER RE 227 -59.85 -87.09 14.80
C SER RE 227 -60.36 -86.25 15.96
N HIS RE 228 -60.65 -86.91 17.07
CA HIS RE 228 -61.01 -86.20 18.29
C HIS RE 228 -60.32 -86.84 19.48
N THR RE 229 -59.72 -86.01 20.32
CA THR RE 229 -59.17 -86.43 21.60
C THR RE 229 -59.90 -85.69 22.71
N ASP RE 230 -59.64 -86.10 23.94
CA ASP RE 230 -60.24 -85.41 25.08
C ASP RE 230 -59.31 -85.55 26.27
N LEU RE 231 -59.48 -84.65 27.23
CA LEU RE 231 -58.72 -84.68 28.47
C LEU RE 231 -59.68 -84.87 29.64
N GLY RE 232 -59.10 -84.92 30.84
CA GLY RE 232 -59.91 -84.94 32.05
C GLY RE 232 -60.24 -83.51 32.47
N VAL RE 233 -60.52 -83.37 33.76
CA VAL RE 233 -60.69 -82.03 34.30
C VAL RE 233 -59.33 -81.32 34.32
N THR RE 234 -59.36 -80.00 34.12
CA THR RE 234 -58.11 -79.28 33.97
C THR RE 234 -58.29 -77.83 34.40
N GLY RE 235 -57.17 -77.18 34.66
CA GLY RE 235 -57.13 -75.78 35.02
C GLY RE 235 -56.41 -75.56 36.34
N ASP RE 236 -56.28 -74.28 36.67
CA ASP RE 236 -55.60 -73.88 37.91
C ASP RE 236 -56.59 -73.95 39.07
N GLY RE 237 -56.21 -73.37 40.21
CA GLY RE 237 -57.13 -73.28 41.32
C GLY RE 237 -58.24 -72.27 41.16
N SER RE 238 -58.17 -71.42 40.13
CA SER RE 238 -59.18 -70.41 39.88
C SER RE 238 -60.09 -70.73 38.71
N GLU RE 239 -59.57 -71.34 37.66
CA GLU RE 239 -60.38 -71.72 36.50
C GLU RE 239 -60.38 -73.23 36.37
N ILE RE 240 -61.53 -73.78 36.02
CA ILE RE 240 -61.61 -75.22 35.78
C ILE RE 240 -62.55 -75.52 34.62
N HIS RE 241 -62.18 -76.54 33.85
CA HIS RE 241 -62.99 -77.08 32.77
C HIS RE 241 -63.22 -78.55 33.03
N ILE RE 242 -64.48 -78.98 32.92
CA ILE RE 242 -64.84 -80.32 33.35
C ILE RE 242 -64.58 -81.32 32.24
N ASP RE 243 -65.29 -81.19 31.13
CA ASP RE 243 -65.11 -82.09 30.01
C ASP RE 243 -64.54 -81.25 28.87
N ASP RE 244 -63.27 -81.49 28.58
CA ASP RE 244 -62.53 -80.76 27.57
C ASP RE 244 -62.25 -81.71 26.41
N ARG RE 245 -62.82 -81.41 25.24
CA ARG RE 245 -62.65 -82.23 24.06
C ARG RE 245 -62.15 -81.38 22.92
N VAL RE 246 -61.22 -81.94 22.14
CA VAL RE 246 -60.57 -81.25 21.03
C VAL RE 246 -60.80 -82.07 19.77
N LEU RE 247 -61.33 -81.42 18.73
CA LEU RE 247 -61.58 -82.08 17.46
C LEU RE 247 -60.81 -81.37 16.35
N ARG RE 248 -60.03 -82.15 15.61
CA ARG RE 248 -59.20 -81.65 14.52
C ARG RE 248 -59.41 -82.49 13.27
N ILE RE 249 -59.38 -81.82 12.13
CA ILE RE 249 -59.46 -82.47 10.85
C ILE RE 249 -58.06 -82.58 10.27
N THR RE 250 -57.66 -83.80 9.91
CA THR RE 250 -56.32 -84.03 9.42
C THR RE 250 -56.25 -84.45 7.96
N ALA RE 251 -57.32 -85.02 7.42
CA ALA RE 251 -57.31 -85.53 6.05
C ALA RE 251 -58.40 -84.83 5.25
N LEU RE 252 -57.97 -83.96 4.34
CA LEU RE 252 -58.91 -83.25 3.49
C LEU RE 252 -59.50 -84.19 2.45
N PRO RE 253 -60.66 -83.84 1.88
CA PRO RE 253 -61.14 -84.57 0.71
C PRO RE 253 -60.22 -84.34 -0.48
N GLU RE 254 -59.92 -85.42 -1.20
CA GLU RE 254 -59.09 -85.37 -2.39
C GLU RE 254 -59.65 -86.32 -3.43
N LEU RE 255 -58.90 -86.49 -4.51
CA LEU RE 255 -59.29 -87.38 -5.60
C LEU RE 255 -58.34 -88.56 -5.65
N ASN RE 256 -58.88 -89.77 -5.51
CA ASN RE 256 -58.06 -90.94 -5.73
C ASN RE 256 -57.82 -91.12 -7.22
N VAL RE 257 -56.67 -91.71 -7.56
CA VAL RE 257 -56.26 -91.87 -8.94
C VAL RE 257 -56.00 -93.32 -9.33
N ASN RE 258 -56.41 -94.27 -8.49
CA ASN RE 258 -56.21 -95.68 -8.82
C ASN RE 258 -57.20 -96.12 -9.87
N SER RE 259 -56.74 -96.94 -10.82
CA SER RE 259 -57.60 -97.40 -11.89
C SER RE 259 -58.66 -98.38 -11.38
N ALA RE 260 -58.24 -99.37 -10.60
CA ALA RE 260 -59.17 -100.42 -10.20
C ALA RE 260 -60.01 -100.04 -8.99
N GLU RE 261 -59.80 -98.86 -8.42
CA GLU RE 261 -60.53 -98.51 -7.21
C GLU RE 261 -61.97 -98.18 -7.50
N TRP RE 262 -62.27 -97.65 -8.67
CA TRP RE 262 -63.54 -96.97 -8.88
C TRP RE 262 -64.70 -97.94 -8.99
N ARG RE 263 -65.86 -97.49 -8.52
CA ARG RE 263 -67.09 -98.27 -8.59
C ARG RE 263 -68.10 -97.55 -9.47
N ALA RE 264 -68.87 -98.33 -10.20
CA ALA RE 264 -69.88 -97.81 -11.11
C ALA RE 264 -71.27 -97.96 -10.51
N ALA RE 265 -72.27 -97.57 -11.30
CA ALA RE 265 -73.65 -97.75 -10.91
C ALA RE 265 -74.49 -97.92 -12.17
N VAL RE 266 -75.46 -98.82 -12.10
CA VAL RE 266 -76.35 -99.13 -13.20
C VAL RE 266 -77.75 -98.72 -12.77
N ALA RE 267 -78.67 -98.64 -13.73
CA ALA RE 267 -80.02 -98.21 -13.41
C ALA RE 267 -81.03 -99.22 -13.93
N LYS RE 268 -82.22 -99.18 -13.32
CA LYS RE 268 -83.31 -100.06 -13.73
C LYS RE 268 -84.60 -99.28 -13.95
N LYS SE 60 -82.17 -24.81 19.25
CA LYS SE 60 -82.24 -26.21 18.85
C LYS SE 60 -81.42 -27.11 19.77
N GLU SE 61 -80.11 -26.92 19.71
CA GLU SE 61 -79.20 -27.79 20.44
C GLU SE 61 -79.30 -27.55 21.93
N THR SE 62 -79.56 -26.30 22.32
CA THR SE 62 -79.86 -26.00 23.71
C THR SE 62 -81.13 -26.69 24.16
N ALA SE 63 -82.14 -26.73 23.29
CA ALA SE 63 -83.38 -27.42 23.62
C ALA SE 63 -83.15 -28.91 23.81
N LEU SE 64 -82.34 -29.51 22.93
CA LEU SE 64 -82.04 -30.94 23.07
C LEU SE 64 -81.25 -31.23 24.33
N SER SE 65 -80.28 -30.37 24.65
CA SER SE 65 -79.46 -30.57 25.84
C SER SE 65 -80.29 -30.46 27.11
N VAL SE 66 -81.11 -29.41 27.22
CA VAL SE 66 -81.87 -29.25 28.46
C VAL SE 66 -83.01 -30.26 28.52
N GLY SE 67 -83.51 -30.73 27.37
CA GLY SE 67 -84.51 -31.77 27.39
C GLY SE 67 -83.95 -33.08 27.91
N ALA SE 68 -82.75 -33.44 27.45
CA ALA SE 68 -82.08 -34.63 27.97
C ALA SE 68 -81.80 -34.50 29.46
N GLN SE 69 -81.33 -33.32 29.89
CA GLN SE 69 -81.00 -33.11 31.29
C GLN SE 69 -82.23 -33.17 32.18
N ALA SE 70 -83.29 -32.48 31.79
CA ALA SE 70 -84.50 -32.44 32.60
C ALA SE 70 -85.18 -33.79 32.66
N GLY SE 71 -85.23 -34.50 31.52
CA GLY SE 71 -85.82 -35.81 31.52
C GLY SE 71 -85.04 -36.80 32.36
N LEU SE 72 -83.71 -36.75 32.27
CA LEU SE 72 -82.86 -37.62 33.07
C LEU SE 72 -83.05 -37.35 34.55
N ALA SE 73 -83.11 -36.07 34.92
CA ALA SE 73 -83.28 -35.71 36.32
C ALA SE 73 -84.64 -36.13 36.86
N TRP SE 74 -85.69 -35.88 36.09
CA TRP SE 74 -87.04 -36.18 36.57
C TRP SE 74 -87.26 -37.68 36.68
N ARG SE 75 -86.74 -38.44 35.70
CA ARG SE 75 -86.84 -39.87 35.78
C ARG SE 75 -86.03 -40.42 36.95
N ALA SE 76 -84.88 -39.80 37.23
CA ALA SE 76 -84.08 -40.19 38.38
C ALA SE 76 -84.84 -39.95 39.68
N LYS SE 77 -85.53 -38.81 39.77
CA LYS SE 77 -86.33 -38.48 40.95
C LYS SE 77 -87.44 -39.50 41.16
N ILE SE 78 -88.14 -39.86 40.08
CA ILE SE 78 -89.25 -40.79 40.19
C ILE SE 78 -88.76 -42.18 40.58
N ILE SE 79 -87.67 -42.62 39.95
CA ILE SE 79 -87.13 -43.95 40.23
C ILE SE 79 -86.59 -44.03 41.64
N ASP SE 80 -85.91 -42.99 42.10
CA ASP SE 80 -85.40 -42.97 43.46
C ASP SE 80 -86.55 -42.96 44.48
N GLU SE 81 -87.64 -42.26 44.16
CA GLU SE 81 -88.76 -42.22 45.09
C GLU SE 81 -89.46 -43.56 45.18
N GLN SE 82 -89.64 -44.24 44.04
CA GLN SE 82 -90.23 -45.57 44.06
C GLN SE 82 -89.33 -46.56 44.78
N LEU SE 83 -88.03 -46.46 44.54
CA LEU SE 83 -87.07 -47.37 45.14
C LEU SE 83 -86.97 -47.16 46.64
N ASN SE 84 -87.10 -45.92 47.10
CA ASN SE 84 -87.07 -45.68 48.53
C ASN SE 84 -88.38 -46.07 49.18
N LYS SE 85 -89.50 -45.89 48.48
CA LYS SE 85 -90.78 -46.24 49.05
C LYS SE 85 -90.92 -47.73 49.23
N GLN SE 86 -90.39 -48.51 48.31
CA GLN SE 86 -90.32 -49.95 48.54
C GLN SE 86 -88.96 -50.26 49.13
N ALA SE 87 -88.88 -50.26 50.46
CA ALA SE 87 -87.60 -50.30 51.14
C ALA SE 87 -87.32 -51.63 51.85
N ARG SE 88 -88.26 -52.13 52.63
CA ARG SE 88 -87.95 -53.19 53.58
C ARG SE 88 -87.73 -54.53 52.88
N ASN SE 89 -88.60 -54.87 51.92
CA ASN SE 89 -88.47 -56.14 51.22
C ASN SE 89 -87.24 -56.17 50.34
N LEU SE 90 -86.78 -55.00 49.91
CA LEU SE 90 -85.52 -54.90 49.19
C LEU SE 90 -84.36 -55.38 50.03
N ASP SE 91 -84.30 -54.93 51.29
CA ASP SE 91 -83.23 -55.35 52.18
C ASP SE 91 -83.40 -56.81 52.59
N ALA SE 92 -84.65 -57.25 52.75
CA ALA SE 92 -84.90 -58.65 53.06
C ALA SE 92 -84.49 -59.55 51.91
N ILE SE 93 -84.55 -59.06 50.67
CA ILE SE 93 -84.05 -59.83 49.55
C ILE SE 93 -82.54 -59.83 49.52
N TYR SE 94 -81.93 -58.66 49.51
CA TYR SE 94 -80.48 -58.61 49.46
C TYR SE 94 -79.85 -58.47 50.84
N ASP SE 95 -80.27 -59.30 51.78
CA ASP SE 95 -79.43 -59.56 52.94
C ASP SE 95 -78.07 -60.07 52.50
N PHE SE 96 -77.04 -59.61 53.19
CA PHE SE 96 -75.71 -60.17 53.05
C PHE SE 96 -75.16 -60.72 54.34
N ASN SE 97 -75.62 -60.21 55.48
CA ASN SE 97 -75.08 -60.59 56.78
C ASN SE 97 -75.43 -62.01 57.18
N SER SE 98 -76.44 -62.60 56.55
CA SER SE 98 -76.71 -64.02 56.76
C SER SE 98 -75.88 -64.90 55.85
N LEU SE 99 -74.85 -64.35 55.20
CA LEU SE 99 -74.03 -65.13 54.30
C LEU SE 99 -72.55 -65.11 54.67
N VAL SE 100 -72.14 -64.26 55.59
CA VAL SE 100 -70.72 -64.08 55.87
C VAL SE 100 -70.21 -65.24 56.70
N LEU SE 101 -68.93 -65.54 56.59
CA LEU SE 101 -68.35 -66.68 57.27
C LEU SE 101 -68.04 -66.34 58.72
N GLU SE 102 -67.26 -67.21 59.37
CA GLU SE 102 -67.05 -67.10 60.82
C GLU SE 102 -66.20 -65.90 61.18
N HIS SE 103 -65.09 -65.70 60.48
CA HIS SE 103 -64.18 -64.61 60.81
C HIS SE 103 -64.50 -63.32 60.07
N ASN SE 104 -65.77 -63.11 59.74
CA ASN SE 104 -66.26 -61.93 59.01
C ASN SE 104 -65.56 -61.74 57.68
N ILE SE 105 -65.20 -62.84 57.05
CA ILE SE 105 -64.62 -62.81 55.72
C ILE SE 105 -65.75 -62.88 54.72
N LEU SE 106 -65.77 -61.93 53.80
CA LEU SE 106 -66.75 -61.95 52.73
C LEU SE 106 -66.47 -63.14 51.84
N PRO SE 107 -67.46 -64.00 51.58
CA PRO SE 107 -67.23 -65.15 50.70
C PRO SE 107 -66.97 -64.69 49.28
N PRO SE 108 -66.23 -65.47 48.48
CA PRO SE 108 -65.79 -64.97 47.18
C PRO SE 108 -66.90 -64.94 46.13
N VAL SE 109 -66.52 -64.62 44.90
CA VAL SE 109 -67.45 -64.51 43.77
C VAL SE 109 -67.05 -65.53 42.73
N LEU SE 110 -68.01 -66.34 42.29
CA LEU SE 110 -67.76 -67.38 41.31
C LEU SE 110 -68.67 -67.21 40.11
N LEU SE 111 -68.33 -67.88 39.01
CA LEU SE 111 -69.15 -67.85 37.80
C LEU SE 111 -69.22 -69.21 37.15
N GLU SE 112 -70.40 -69.51 36.60
CA GLU SE 112 -70.77 -70.81 36.06
C GLU SE 112 -71.04 -70.69 34.57
N GLY SE 113 -70.47 -71.59 33.79
CA GLY SE 113 -70.79 -71.66 32.37
C GLY SE 113 -70.99 -73.10 31.92
N ARG SE 114 -72.01 -73.30 31.09
CA ARG SE 114 -72.38 -74.64 30.65
C ARG SE 114 -72.43 -74.72 29.13
N ASN SE 115 -71.86 -75.81 28.61
CA ASN SE 115 -71.87 -76.17 27.19
C ASN SE 115 -71.25 -75.07 26.33
N THR SE 116 -69.97 -74.86 26.56
CA THR SE 116 -69.21 -73.83 25.88
C THR SE 116 -68.52 -74.41 24.66
N LEU SE 117 -68.58 -73.69 23.55
CA LEU SE 117 -67.93 -74.12 22.32
C LEU SE 117 -67.04 -73.01 21.81
N ASN SE 118 -65.79 -73.35 21.51
CA ASN SE 118 -64.86 -72.42 20.89
C ASN SE 118 -64.38 -73.00 19.57
N LEU SE 119 -64.62 -72.27 18.50
CA LEU SE 119 -64.01 -72.54 17.22
C LEU SE 119 -62.70 -71.77 17.17
N ALA SE 120 -61.58 -72.48 17.05
CA ALA SE 120 -60.33 -71.75 16.85
C ALA SE 120 -60.27 -71.20 15.43
N ASP SE 121 -60.28 -72.10 14.46
CA ASP SE 121 -60.42 -71.82 13.05
C ASP SE 121 -60.88 -73.12 12.42
N ALA SE 122 -60.70 -73.24 11.11
CA ALA SE 122 -60.93 -74.51 10.45
C ALA SE 122 -59.97 -75.56 10.97
N GLN SE 123 -60.41 -76.82 10.90
CA GLN SE 123 -59.71 -78.00 11.43
C GLN SE 123 -59.42 -77.91 12.93
N SER SE 124 -60.17 -77.10 13.69
CA SER SE 124 -59.79 -76.84 15.07
C SER SE 124 -61.00 -76.38 15.88
N ILE SE 125 -61.55 -77.29 16.69
CA ILE SE 125 -62.60 -76.87 17.62
C ILE SE 125 -62.36 -77.49 18.99
N ARG SE 126 -62.88 -76.80 20.00
CA ARG SE 126 -62.80 -77.23 21.38
C ARG SE 126 -64.17 -77.09 22.00
N ILE SE 127 -64.55 -78.07 22.81
CA ILE SE 127 -65.84 -78.06 23.48
C ILE SE 127 -65.63 -78.39 24.95
N SER SE 128 -66.16 -77.53 25.82
CA SER SE 128 -66.16 -77.76 27.24
C SER SE 128 -67.58 -77.93 27.74
N ASP SE 129 -67.80 -78.97 28.54
CA ASP SE 129 -69.14 -79.17 29.06
C ASP SE 129 -69.46 -78.21 30.20
N ARG SE 130 -68.49 -77.91 31.06
CA ARG SE 130 -68.71 -76.99 32.16
C ARG SE 130 -67.43 -76.25 32.52
N THR SE 131 -67.58 -74.97 32.84
CA THR SE 131 -66.49 -74.09 33.22
C THR SE 131 -66.84 -73.39 34.51
N TYR SE 132 -65.85 -73.23 35.38
CA TYR SE 132 -66.01 -72.48 36.61
C TYR SE 132 -64.88 -71.47 36.74
N LYS SE 133 -65.24 -70.22 37.05
CA LYS SE 133 -64.27 -69.14 37.12
C LYS SE 133 -64.37 -68.40 38.44
N VAL SE 134 -63.24 -68.19 39.09
CA VAL SE 134 -63.16 -67.28 40.24
C VAL SE 134 -63.11 -65.86 39.71
N ALA SE 135 -64.02 -65.01 40.18
CA ALA SE 135 -64.08 -63.62 39.74
C ALA SE 135 -63.34 -62.68 40.67
N LYS SE 136 -63.80 -62.60 41.92
CA LYS SE 136 -63.23 -61.66 42.90
C LYS SE 136 -62.86 -62.44 44.15
N GLN SE 137 -61.64 -62.21 44.63
CA GLN SE 137 -61.10 -62.99 45.73
C GLN SE 137 -61.80 -62.64 47.04
N ALA SE 138 -61.99 -63.66 47.88
CA ALA SE 138 -62.57 -63.46 49.19
C ALA SE 138 -61.62 -62.69 50.08
N HIS SE 139 -62.15 -61.73 50.85
CA HIS SE 139 -61.34 -60.93 51.73
C HIS SE 139 -62.18 -60.42 52.89
N PHE SE 140 -61.53 -59.70 53.80
CA PHE SE 140 -62.17 -59.19 55.00
C PHE SE 140 -63.14 -58.07 54.67
N ILE SE 141 -64.14 -57.91 55.54
CA ILE SE 141 -65.00 -56.73 55.58
C ILE SE 141 -65.26 -56.37 57.03
N THR SE 142 -65.27 -55.07 57.31
CA THR SE 142 -65.69 -54.61 58.62
C THR SE 142 -67.17 -54.30 58.68
N THR SE 143 -67.87 -54.41 57.55
CA THR SE 143 -69.30 -54.16 57.53
C THR SE 143 -69.93 -55.06 56.49
N PRO SE 144 -71.18 -55.45 56.68
CA PRO SE 144 -71.93 -56.03 55.57
C PRO SE 144 -72.31 -54.95 54.58
N PRO SE 145 -72.02 -55.15 53.30
CA PRO SE 145 -72.44 -54.18 52.30
C PRO SE 145 -73.93 -54.26 52.07
N THR SE 146 -74.50 -53.15 51.64
CA THR SE 146 -75.91 -53.06 51.31
C THR SE 146 -76.10 -52.82 49.83
N TRP SE 147 -77.35 -52.65 49.44
CA TRP SE 147 -77.71 -52.36 48.07
C TRP SE 147 -77.63 -50.88 47.75
N ARG SE 148 -77.35 -50.05 48.75
CA ARG SE 148 -77.42 -48.62 48.55
C ARG SE 148 -76.30 -48.12 47.66
N GLN SE 149 -75.11 -48.70 47.80
CA GLN SE 149 -74.00 -48.33 46.92
C GLN SE 149 -74.07 -49.02 45.57
N TYR SE 150 -75.08 -49.84 45.35
CA TYR SE 150 -75.26 -50.48 44.06
C TYR SE 150 -76.47 -49.98 43.29
N LEU SE 151 -77.44 -49.37 43.96
CA LEU SE 151 -78.72 -49.09 43.32
C LEU SE 151 -79.07 -47.62 43.24
N TRP SE 152 -78.50 -46.78 44.08
CA TRP SE 152 -78.85 -45.37 44.05
C TRP SE 152 -78.24 -44.69 42.84
N MET SE 153 -78.94 -43.71 42.32
CA MET SE 153 -78.41 -42.87 41.26
C MET SE 153 -78.49 -41.41 41.67
N ASP SE 154 -77.51 -40.64 41.22
CA ASP SE 154 -77.44 -39.23 41.58
C ASP SE 154 -78.50 -38.42 40.85
N TYR SE 155 -78.81 -37.25 41.40
CA TYR SE 155 -79.86 -36.41 40.83
C TYR SE 155 -79.64 -34.97 41.27
N VAL SE 156 -79.75 -34.05 40.32
CA VAL SE 156 -79.78 -32.63 40.60
C VAL SE 156 -80.51 -31.95 39.45
N LYS SE 157 -81.50 -31.13 39.77
CA LYS SE 157 -82.24 -30.41 38.73
C LYS SE 157 -81.34 -29.36 38.10
N PRO SE 158 -81.16 -29.36 36.80
CA PRO SE 158 -80.41 -28.26 36.17
C PRO SE 158 -81.35 -27.10 35.90
N GLU SE 159 -80.94 -25.90 36.29
CA GLU SE 159 -81.76 -24.72 36.09
C GLU SE 159 -80.95 -23.62 35.43
N ALA SE 160 -80.26 -23.95 34.35
CA ALA SE 160 -79.38 -23.01 33.66
C ALA SE 160 -79.81 -22.86 32.20
N PRO SE 161 -80.79 -22.01 31.92
CA PRO SE 161 -81.10 -21.66 30.53
C PRO SE 161 -80.31 -20.45 30.08
N ASN SE 162 -79.62 -20.58 28.95
CA ASN SE 162 -78.88 -19.47 28.33
C ASN SE 162 -79.45 -19.31 26.92
N VAL SE 163 -80.18 -18.22 26.71
CA VAL SE 163 -80.97 -18.05 25.48
C VAL SE 163 -80.03 -17.77 24.33
N THR SE 164 -79.87 -18.75 23.42
CA THR SE 164 -78.92 -18.63 22.32
C THR SE 164 -79.57 -18.79 20.96
N LEU SE 165 -80.24 -19.93 20.68
CA LEU SE 165 -81.05 -20.04 19.46
C LEU SE 165 -82.45 -19.59 19.84
N LEU SE 166 -82.76 -18.35 19.48
CA LEU SE 166 -83.77 -17.56 20.18
C LEU SE 166 -85.18 -18.07 19.90
N PRO SE 167 -86.00 -18.28 20.93
CA PRO SE 167 -87.44 -18.44 20.67
C PRO SE 167 -88.03 -17.11 20.26
N LYS SE 168 -88.21 -16.92 18.95
CA LYS SE 168 -88.66 -15.63 18.44
C LYS SE 168 -90.14 -15.66 18.08
N THR SE 169 -90.50 -16.49 17.11
CA THR SE 169 -91.86 -16.60 16.65
C THR SE 169 -92.53 -17.74 17.39
N LYS SE 170 -93.82 -17.91 17.12
CA LYS SE 170 -94.54 -19.05 17.66
C LYS SE 170 -94.00 -20.36 17.08
N ALA SE 171 -93.54 -20.31 15.83
CA ALA SE 171 -92.89 -21.48 15.24
C ALA SE 171 -91.61 -21.81 15.98
N GLU SE 172 -90.83 -20.80 16.36
CA GLU SE 172 -89.63 -21.06 17.13
C GLU SE 172 -89.97 -21.58 18.52
N LYS SE 173 -91.04 -21.06 19.11
CA LYS SE 173 -91.48 -21.53 20.42
C LYS SE 173 -91.91 -22.99 20.37
N GLU SE 174 -92.64 -23.37 19.32
CA GLU SE 174 -93.09 -24.76 19.25
C GLU SE 174 -91.98 -25.71 18.84
N ILE SE 175 -91.00 -25.27 18.03
CA ILE SE 175 -89.90 -26.18 17.74
C ILE SE 175 -89.01 -26.31 18.95
N TRP SE 176 -88.91 -25.26 19.76
CA TRP SE 176 -88.28 -25.37 21.07
C TRP SE 176 -89.01 -26.36 21.95
N CYS SE 177 -90.35 -26.32 21.91
CA CYS SE 177 -91.16 -27.26 22.67
C CYS SE 177 -90.93 -28.70 22.22
N ILE SE 178 -90.96 -28.95 20.92
CA ILE SE 178 -90.90 -30.34 20.47
C ILE SE 178 -89.48 -30.89 20.54
N TYR SE 179 -88.46 -30.03 20.43
CA TYR SE 179 -87.11 -30.50 20.65
C TYR SE 179 -86.88 -30.81 22.11
N THR SE 180 -87.49 -30.04 23.00
CA THR SE 180 -87.48 -30.40 24.41
C THR SE 180 -88.26 -31.68 24.66
N GLU SE 181 -89.29 -31.95 23.86
CA GLU SE 181 -90.06 -33.18 24.02
C GLU SE 181 -89.22 -34.40 23.66
N ARG SE 182 -88.52 -34.34 22.52
CA ARG SE 182 -87.71 -35.50 22.16
C ARG SE 182 -86.50 -35.62 23.07
N GLY SE 183 -86.00 -34.50 23.61
CA GLY SE 183 -84.99 -34.57 24.64
C GLY SE 183 -85.49 -35.23 25.91
N TRP SE 184 -86.74 -34.95 26.28
CA TRP SE 184 -87.36 -35.60 27.44
C TRP SE 184 -87.46 -37.10 27.21
N LYS SE 185 -87.82 -37.50 25.98
CA LYS SE 185 -87.88 -38.90 25.61
C LYS SE 185 -86.52 -39.58 25.75
N ASN SE 186 -85.48 -38.93 25.23
CA ASN SE 186 -84.14 -39.50 25.29
C ASN SE 186 -83.63 -39.60 26.72
N GLY SE 187 -83.90 -38.59 27.54
CA GLY SE 187 -83.47 -38.64 28.93
C GLY SE 187 -84.13 -39.76 29.71
N ILE SE 188 -85.43 -39.99 29.43
CA ILE SE 188 -86.15 -41.10 30.06
C ILE SE 188 -85.52 -42.43 29.69
N ASP SE 189 -85.23 -42.62 28.40
CA ASP SE 189 -84.67 -43.90 27.97
C ASP SE 189 -83.26 -44.12 28.51
N GLN SE 190 -82.48 -43.03 28.60
CA GLN SE 190 -81.14 -43.12 29.17
C GLN SE 190 -81.18 -43.57 30.62
N ALA SE 191 -82.09 -42.98 31.40
CA ALA SE 191 -82.20 -43.35 32.81
C ALA SE 191 -82.63 -44.79 32.98
N ASN SE 192 -83.57 -45.24 32.13
CA ASN SE 192 -84.04 -46.62 32.20
C ASN SE 192 -82.92 -47.60 31.90
N THR SE 193 -82.08 -47.28 30.90
CA THR SE 193 -80.96 -48.14 30.55
C THR SE 193 -79.96 -48.24 31.70
N ILE SE 194 -79.68 -47.11 32.35
CA ILE SE 194 -78.72 -47.11 33.45
C ILE SE 194 -79.21 -47.95 34.61
N LEU SE 195 -80.50 -47.83 34.94
CA LEU SE 195 -81.08 -48.60 36.04
C LEU SE 195 -81.03 -50.10 35.76
N GLU SE 196 -81.33 -50.48 34.52
CA GLU SE 196 -81.30 -51.89 34.16
C GLU SE 196 -79.88 -52.45 34.23
N GLU SE 197 -78.89 -51.65 33.83
CA GLU SE 197 -77.50 -52.08 33.93
C GLU SE 197 -77.09 -52.32 35.37
N ASN SE 198 -77.50 -51.43 36.27
CA ASN SE 198 -77.15 -51.59 37.68
C ASN SE 198 -77.81 -52.81 38.29
N ILE SE 199 -79.07 -53.06 37.97
CA ILE SE 199 -79.75 -54.18 38.60
C ILE SE 199 -79.20 -55.50 38.07
N ALA SE 200 -78.74 -55.51 36.81
CA ALA SE 200 -78.03 -56.67 36.30
C ALA SE 200 -76.72 -56.89 37.05
N ARG SE 201 -76.04 -55.81 37.42
CA ARG SE 201 -74.77 -55.93 38.12
C ARG SE 201 -74.94 -56.54 39.49
N ILE SE 202 -75.92 -56.06 40.26
CA ILE SE 202 -76.10 -56.60 41.61
C ILE SE 202 -76.62 -58.03 41.55
N LYS SE 203 -77.44 -58.36 40.54
CA LYS SE 203 -77.87 -59.75 40.35
C LYS SE 203 -76.68 -60.67 40.13
N GLU SE 204 -75.73 -60.24 39.29
CA GLU SE 204 -74.56 -61.06 39.00
C GLU SE 204 -73.71 -61.26 40.25
N ASP SE 205 -73.59 -60.21 41.07
CA ASP SE 205 -72.75 -60.31 42.26
C ASP SE 205 -73.35 -61.28 43.28
N PHE SE 206 -74.64 -61.14 43.54
CA PHE SE 206 -75.29 -62.01 44.52
C PHE SE 206 -75.36 -63.45 44.04
N GLY SE 207 -75.53 -63.65 42.73
CA GLY SE 207 -75.53 -64.99 42.19
C GLY SE 207 -74.19 -65.67 42.36
N GLY SE 208 -73.10 -64.92 42.18
CA GLY SE 208 -71.78 -65.48 42.45
C GLY SE 208 -71.60 -65.87 43.90
N MET SE 209 -72.13 -65.06 44.81
CA MET SE 209 -72.05 -65.37 46.24
C MET SE 209 -72.76 -66.68 46.58
N ILE SE 210 -74.02 -66.79 46.15
CA ILE SE 210 -74.80 -67.96 46.57
C ILE SE 210 -74.33 -69.21 45.84
N LEU SE 211 -73.76 -69.02 44.64
CA LEU SE 211 -73.14 -70.13 43.93
C LEU SE 211 -71.93 -70.65 44.68
N TYR SE 212 -71.14 -69.75 45.29
CA TYR SE 212 -70.03 -70.20 46.12
C TYR SE 212 -70.53 -71.01 47.30
N ARG SE 213 -71.62 -70.55 47.93
CA ARG SE 213 -72.15 -71.25 49.10
C ARG SE 213 -72.56 -72.67 48.74
N LYS SE 214 -73.27 -72.83 47.64
CA LYS SE 214 -73.68 -74.18 47.25
C LYS SE 214 -72.51 -75.00 46.73
N LEU SE 215 -71.45 -74.37 46.23
CA LEU SE 215 -70.30 -75.16 45.80
C LEU SE 215 -69.53 -75.71 46.99
N LEU SE 216 -69.38 -74.89 48.03
CA LEU SE 216 -68.75 -75.39 49.26
C LEU SE 216 -69.60 -76.46 49.91
N ALA SE 217 -70.92 -76.36 49.78
CA ALA SE 217 -71.77 -77.48 50.14
C ALA SE 217 -71.49 -78.69 49.25
N MET SE 218 -71.19 -78.46 47.98
CA MET SE 218 -70.97 -79.55 47.05
C MET SE 218 -69.57 -80.14 47.14
N ASN SE 219 -68.73 -79.59 48.02
CA ASN SE 219 -67.35 -80.05 48.26
C ASN SE 219 -66.52 -79.98 46.98
N MET SE 220 -66.34 -78.74 46.54
CA MET SE 220 -65.41 -78.46 45.46
C MET SE 220 -64.54 -77.25 45.71
N VAL SE 221 -64.83 -76.43 46.71
CA VAL SE 221 -64.04 -75.26 47.05
C VAL SE 221 -63.44 -75.48 48.42
N SER SE 222 -62.15 -75.26 48.54
CA SER SE 222 -61.50 -75.29 49.83
C SER SE 222 -61.95 -74.11 50.67
N PRO SE 223 -62.36 -74.32 51.92
CA PRO SE 223 -62.68 -73.18 52.78
C PRO SE 223 -61.43 -72.41 53.14
N PRO SE 224 -61.54 -71.11 53.37
CA PRO SE 224 -60.38 -70.33 53.79
C PRO SE 224 -59.91 -70.74 55.18
N TYR SE 225 -58.61 -70.63 55.40
CA TYR SE 225 -58.00 -71.04 56.66
C TYR SE 225 -57.32 -69.86 57.32
N VAL SE 226 -57.51 -69.75 58.63
CA VAL SE 226 -57.14 -68.57 59.40
C VAL SE 226 -56.39 -69.02 60.65
N SER SE 227 -55.24 -68.38 60.92
CA SER SE 227 -54.56 -68.48 62.19
C SER SE 227 -54.79 -67.22 63.03
N HIS SE 228 -54.59 -67.38 64.33
CA HIS SE 228 -54.45 -66.24 65.21
C HIS SE 228 -53.29 -66.49 66.17
N THR SE 229 -52.52 -65.44 66.42
CA THR SE 229 -51.38 -65.49 67.32
C THR SE 229 -51.60 -64.53 68.47
N ASP SE 230 -51.38 -65.01 69.69
CA ASP SE 230 -51.59 -64.23 70.89
C ASP SE 230 -50.29 -63.63 71.38
N LEU SE 231 -50.41 -62.49 72.07
CA LEU SE 231 -49.30 -61.82 72.72
C LEU SE 231 -49.84 -61.23 74.01
N GLY SE 232 -49.01 -61.25 75.06
CA GLY SE 232 -49.42 -60.74 76.35
C GLY SE 232 -49.37 -59.23 76.46
N VAL SE 233 -48.94 -58.71 77.59
CA VAL SE 233 -48.76 -57.28 77.74
C VAL SE 233 -47.59 -56.83 76.88
N THR SE 234 -47.78 -55.76 76.13
CA THR SE 234 -46.83 -55.35 75.10
C THR SE 234 -46.34 -53.93 75.35
N GLY SE 235 -45.27 -53.58 74.66
CA GLY SE 235 -44.81 -52.21 74.60
C GLY SE 235 -43.92 -51.82 75.76
N ASP SE 236 -43.41 -50.59 75.67
CA ASP SE 236 -42.50 -50.04 76.65
C ASP SE 236 -43.30 -49.41 77.80
N GLY SE 237 -42.62 -48.63 78.63
CA GLY SE 237 -43.29 -47.93 79.70
C GLY SE 237 -44.07 -46.70 79.30
N SER SE 238 -44.01 -46.31 78.02
CA SER SE 238 -44.76 -45.15 77.57
C SER SE 238 -46.14 -45.53 77.06
N GLU SE 239 -46.20 -46.55 76.20
CA GLU SE 239 -47.44 -47.03 75.62
C GLU SE 239 -47.59 -48.50 75.97
N ILE SE 240 -48.78 -48.90 76.41
CA ILE SE 240 -49.01 -50.32 76.63
C ILE SE 240 -50.31 -50.76 75.99
N HIS SE 241 -50.39 -52.04 75.70
CA HIS SE 241 -51.61 -52.72 75.34
C HIS SE 241 -51.69 -53.97 76.20
N ILE SE 242 -52.90 -54.32 76.63
CA ILE SE 242 -53.04 -55.38 77.62
C ILE SE 242 -52.84 -56.74 76.98
N ASP SE 243 -53.60 -57.04 75.94
CA ASP SE 243 -53.33 -58.24 75.16
C ASP SE 243 -53.43 -57.90 73.69
N ASP SE 244 -52.62 -58.59 72.90
CA ASP SE 244 -52.56 -58.39 71.46
C ASP SE 244 -52.97 -59.69 70.80
N ARG SE 245 -53.85 -59.63 69.83
CA ARG SE 245 -54.11 -60.83 69.03
C ARG SE 245 -54.06 -60.43 67.57
N VAL SE 246 -53.34 -61.22 66.78
CA VAL SE 246 -53.16 -60.97 65.36
C VAL SE 246 -53.89 -62.06 64.60
N LEU SE 247 -54.77 -61.65 63.69
CA LEU SE 247 -55.61 -62.59 62.94
C LEU SE 247 -55.16 -62.57 61.49
N ARG SE 248 -54.59 -63.68 61.02
CA ARG SE 248 -54.15 -63.81 59.65
C ARG SE 248 -54.85 -64.98 59.00
N ILE SE 249 -54.93 -64.96 57.68
CA ILE SE 249 -55.37 -66.12 56.95
C ILE SE 249 -54.20 -66.56 56.07
N THR SE 250 -54.20 -67.83 55.74
CA THR SE 250 -53.14 -68.39 54.91
C THR SE 250 -53.67 -68.89 53.58
N ALA SE 251 -54.71 -69.71 53.61
CA ALA SE 251 -55.26 -70.30 52.40
C ALA SE 251 -56.38 -69.41 51.90
N LEU SE 252 -56.18 -68.79 50.74
CA LEU SE 252 -57.29 -68.24 50.00
C LEU SE 252 -58.15 -69.40 49.49
N PRO SE 253 -59.46 -69.23 49.44
CA PRO SE 253 -60.32 -70.30 48.92
C PRO SE 253 -60.09 -70.48 47.43
N GLU SE 254 -60.02 -71.74 47.02
CA GLU SE 254 -59.85 -72.06 45.61
C GLU SE 254 -60.40 -73.45 45.34
N LEU SE 255 -60.50 -73.78 44.07
CA LEU SE 255 -61.11 -75.02 43.63
C LEU SE 255 -60.07 -76.13 43.53
N ASN SE 256 -60.50 -77.35 43.81
CA ASN SE 256 -59.62 -78.50 43.71
C ASN SE 256 -59.77 -79.14 42.35
N VAL SE 257 -58.87 -80.07 42.05
CA VAL SE 257 -58.86 -80.75 40.76
C VAL SE 257 -58.98 -82.26 40.87
N ASN SE 258 -58.94 -82.81 42.08
CA ASN SE 258 -58.93 -84.26 42.23
C ASN SE 258 -60.30 -84.84 41.97
N SER SE 259 -60.33 -86.11 41.58
CA SER SE 259 -61.57 -86.76 41.21
C SER SE 259 -62.21 -87.52 42.35
N ALA SE 260 -61.54 -87.65 43.48
CA ALA SE 260 -62.03 -88.52 44.53
C ALA SE 260 -62.97 -87.84 45.49
N GLU SE 261 -62.77 -86.56 45.74
CA GLU SE 261 -63.36 -85.88 46.87
C GLU SE 261 -64.72 -85.30 46.56
N TRP SE 262 -65.26 -85.61 45.39
CA TRP SE 262 -66.50 -84.99 44.95
C TRP SE 262 -67.67 -85.58 45.71
N ARG SE 263 -68.70 -84.76 45.90
CA ARG SE 263 -69.88 -85.20 46.62
C ARG SE 263 -71.11 -84.84 45.81
N ALA SE 264 -72.04 -85.78 45.69
CA ALA SE 264 -73.27 -85.54 44.95
C ALA SE 264 -74.45 -85.43 45.90
N ALA SE 265 -75.54 -84.86 45.40
CA ALA SE 265 -76.72 -84.62 46.19
C ALA SE 265 -77.96 -85.10 45.44
N VAL SE 266 -78.94 -85.57 46.20
CA VAL SE 266 -80.19 -86.03 45.61
C VAL SE 266 -81.30 -85.83 46.63
N ALA SE 267 -82.34 -85.10 46.23
CA ALA SE 267 -83.46 -84.82 47.12
C ALA SE 267 -84.50 -85.94 47.03
N LYS SE 268 -85.69 -85.68 47.56
CA LYS SE 268 -86.79 -86.64 47.45
C LYS SE 268 -88.08 -85.92 47.11
N LYS TE 60 -74.00 -6.10 48.20
CA LYS TE 60 -73.34 -7.36 47.86
C LYS TE 60 -73.11 -8.18 49.11
N GLU TE 61 -72.07 -9.02 49.09
CA GLU TE 61 -71.80 -9.94 50.19
C GLU TE 61 -71.07 -9.29 51.35
N THR TE 62 -70.65 -8.04 51.18
CA THR TE 62 -69.90 -7.36 52.23
C THR TE 62 -70.73 -7.15 53.48
N ALA TE 63 -72.02 -6.85 53.30
CA ALA TE 63 -72.93 -6.72 54.42
C ALA TE 63 -73.06 -8.04 55.15
N LEU TE 64 -73.12 -9.15 54.40
CA LEU TE 64 -73.19 -10.48 55.00
C LEU TE 64 -71.94 -10.78 55.82
N SER TE 65 -70.77 -10.45 55.29
CA SER TE 65 -69.53 -10.76 55.99
C SER TE 65 -69.38 -9.91 57.25
N VAL TE 66 -69.72 -8.63 57.16
CA VAL TE 66 -69.56 -7.78 58.33
C VAL TE 66 -70.63 -8.11 59.37
N GLY TE 67 -71.79 -8.59 58.94
CA GLY TE 67 -72.78 -9.06 59.90
C GLY TE 67 -72.34 -10.32 60.59
N ALA TE 68 -71.60 -11.18 59.87
CA ALA TE 68 -71.02 -12.35 60.51
C ALA TE 68 -70.03 -11.97 61.57
N GLN TE 69 -69.21 -10.95 61.28
CA GLN TE 69 -68.26 -10.45 62.28
C GLN TE 69 -68.98 -9.90 63.50
N ALA TE 70 -70.05 -9.14 63.27
CA ALA TE 70 -70.77 -8.52 64.37
C ALA TE 70 -71.46 -9.55 65.24
N GLY TE 71 -72.06 -10.56 64.62
CA GLY TE 71 -72.70 -11.62 65.38
C GLY TE 71 -71.72 -12.44 66.19
N LEU TE 72 -70.54 -12.70 65.61
CA LEU TE 72 -69.49 -13.39 66.36
C LEU TE 72 -69.09 -12.60 67.58
N ALA TE 73 -68.92 -11.29 67.43
CA ALA TE 73 -68.53 -10.45 68.55
C ALA TE 73 -69.60 -10.40 69.62
N TRP TE 74 -70.87 -10.27 69.22
CA TRP TE 74 -71.93 -10.12 70.20
C TRP TE 74 -72.17 -11.40 70.98
N ARG TE 75 -72.14 -12.54 70.28
CA ARG TE 75 -72.27 -13.82 70.94
C ARG TE 75 -71.10 -14.07 71.88
N ALA TE 76 -69.90 -13.64 71.49
CA ALA TE 76 -68.73 -13.78 72.34
C ALA TE 76 -68.85 -12.96 73.61
N LYS TE 77 -69.33 -11.72 73.49
CA LYS TE 77 -69.47 -10.87 74.66
C LYS TE 77 -70.50 -11.40 75.63
N ILE TE 78 -71.64 -11.87 75.12
CA ILE TE 78 -72.66 -12.45 76.00
C ILE TE 78 -72.16 -13.72 76.65
N ILE TE 79 -71.38 -14.51 75.91
CA ILE TE 79 -70.84 -15.76 76.45
C ILE TE 79 -69.86 -15.48 77.58
N ASP TE 80 -68.98 -14.50 77.40
CA ASP TE 80 -68.05 -14.14 78.46
C ASP TE 80 -68.78 -13.56 79.66
N GLU TE 81 -69.87 -12.82 79.42
CA GLU TE 81 -70.69 -12.31 80.52
C GLU TE 81 -71.27 -13.43 81.35
N GLN TE 82 -71.87 -14.42 80.69
CA GLN TE 82 -72.50 -15.53 81.39
C GLN TE 82 -71.47 -16.39 82.12
N LEU TE 83 -70.34 -16.63 81.46
CA LEU TE 83 -69.28 -17.43 82.04
C LEU TE 83 -68.66 -16.75 83.24
N ASN TE 84 -68.58 -15.43 83.23
CA ASN TE 84 -68.09 -14.73 84.41
C ASN TE 84 -69.11 -14.78 85.53
N LYS TE 85 -70.39 -14.59 85.20
CA LYS TE 85 -71.42 -14.50 86.23
C LYS TE 85 -71.59 -15.82 86.97
N GLN TE 86 -71.52 -16.94 86.25
CA GLN TE 86 -71.43 -18.22 86.93
C GLN TE 86 -69.97 -18.47 87.23
N ALA TE 87 -69.55 -18.15 88.44
CA ALA TE 87 -68.13 -18.13 88.77
C ALA TE 87 -67.72 -19.19 89.76
N ARG TE 88 -68.41 -19.31 90.90
CA ARG TE 88 -67.85 -20.01 92.05
C ARG TE 88 -67.86 -21.52 91.85
N ASN TE 89 -68.95 -22.05 91.31
CA ASN TE 89 -69.02 -23.50 91.08
C ASN TE 89 -68.05 -23.95 90.02
N LEU TE 90 -67.66 -23.05 89.11
CA LEU TE 90 -66.71 -23.38 88.06
C LEU TE 90 -65.35 -23.75 88.65
N ASP TE 91 -64.79 -22.90 89.49
CA ASP TE 91 -63.53 -23.22 90.12
C ASP TE 91 -63.70 -24.21 91.25
N ALA TE 92 -64.93 -24.39 91.76
CA ALA TE 92 -65.17 -25.48 92.69
C ALA TE 92 -65.00 -26.82 92.00
N ILE TE 93 -65.59 -26.99 90.82
CA ILE TE 93 -65.54 -28.30 90.18
C ILE TE 93 -64.21 -28.51 89.49
N TYR TE 94 -63.56 -27.46 89.03
CA TYR TE 94 -62.22 -27.60 88.45
C TYR TE 94 -61.15 -27.20 89.46
N ASP TE 95 -61.08 -27.94 90.55
CA ASP TE 95 -59.94 -27.77 91.44
C ASP TE 95 -58.71 -28.38 90.78
N PHE TE 96 -57.54 -27.85 91.14
CA PHE TE 96 -56.31 -28.46 90.72
C PHE TE 96 -55.37 -28.59 91.91
N ASN TE 97 -55.44 -27.62 92.82
CA ASN TE 97 -54.52 -27.58 93.94
C ASN TE 97 -54.85 -28.66 94.96
N SER TE 98 -56.10 -29.11 95.01
CA SER TE 98 -56.36 -30.33 95.76
C SER TE 98 -55.79 -31.55 95.06
N LEU TE 99 -55.61 -31.49 93.74
CA LEU TE 99 -55.11 -32.62 92.97
C LEU TE 99 -53.61 -32.60 92.79
N VAL TE 100 -52.93 -31.56 93.27
CA VAL TE 100 -51.49 -31.46 93.03
C VAL TE 100 -50.75 -32.52 93.84
N LEU TE 101 -49.55 -32.85 93.38
CA LEU TE 101 -48.77 -33.89 94.01
C LEU TE 101 -47.91 -33.31 95.12
N GLU TE 102 -46.92 -34.09 95.55
CA GLU TE 102 -46.20 -33.77 96.79
C GLU TE 102 -45.29 -32.57 96.61
N HIS TE 103 -44.50 -32.55 95.54
CA HIS TE 103 -43.42 -31.57 95.40
C HIS TE 103 -43.81 -30.44 94.46
N ASN TE 104 -45.07 -30.01 94.52
CA ASN TE 104 -45.68 -29.08 93.58
C ASN TE 104 -45.52 -29.54 92.14
N ILE TE 105 -45.67 -30.85 91.94
CA ILE TE 105 -45.55 -31.46 90.64
C ILE TE 105 -46.94 -31.62 90.05
N LEU TE 106 -47.14 -31.08 88.86
CA LEU TE 106 -48.37 -31.34 88.14
C LEU TE 106 -48.33 -32.78 87.67
N PRO TE 107 -49.27 -33.63 88.10
CA PRO TE 107 -49.21 -35.03 87.73
C PRO TE 107 -49.63 -35.20 86.29
N PRO TE 108 -49.18 -36.28 85.61
CA PRO TE 108 -49.32 -36.33 84.15
C PRO TE 108 -50.73 -36.64 83.68
N VAL TE 109 -50.92 -36.89 82.39
CA VAL TE 109 -52.24 -37.20 81.86
C VAL TE 109 -52.19 -38.49 81.06
N LEU TE 110 -53.22 -39.30 81.23
CA LEU TE 110 -53.25 -40.67 80.72
C LEU TE 110 -54.50 -40.88 79.89
N LEU TE 111 -54.38 -41.72 78.87
CA LEU TE 111 -55.48 -42.04 77.99
C LEU TE 111 -55.68 -43.54 77.94
N GLU TE 112 -56.94 -43.97 78.06
CA GLU TE 112 -57.32 -45.37 78.07
C GLU TE 112 -58.32 -45.63 76.96
N GLY TE 113 -58.05 -46.64 76.15
CA GLY TE 113 -58.94 -47.06 75.09
C GLY TE 113 -59.30 -48.53 75.25
N ARG TE 114 -60.57 -48.86 74.97
CA ARG TE 114 -61.07 -50.19 75.19
C ARG TE 114 -61.61 -50.79 73.91
N ASN TE 115 -61.28 -52.07 73.69
CA ASN TE 115 -61.87 -52.93 72.66
C ASN TE 115 -61.64 -52.35 71.26
N THR TE 116 -60.37 -52.31 70.89
CA THR TE 116 -59.96 -51.70 69.64
C THR TE 116 -59.66 -52.74 68.59
N LEU TE 117 -60.07 -52.44 67.36
CA LEU TE 117 -59.78 -53.28 66.20
C LEU TE 117 -59.15 -52.41 65.13
N ASN TE 118 -58.04 -52.88 64.56
CA ASN TE 118 -57.49 -52.26 63.39
C ASN TE 118 -57.40 -53.25 62.24
N LEU TE 119 -57.83 -52.79 61.07
CA LEU TE 119 -57.56 -53.43 59.80
C LEU TE 119 -56.35 -52.70 59.22
N ALA TE 120 -55.22 -53.38 59.15
CA ALA TE 120 -54.04 -52.73 58.59
C ALA TE 120 -54.17 -52.57 57.08
N ASP TE 121 -54.59 -53.63 56.41
CA ASP TE 121 -54.81 -53.61 54.97
C ASP TE 121 -55.71 -54.79 54.64
N ALA TE 122 -55.75 -55.16 53.37
CA ALA TE 122 -56.43 -56.37 52.95
C ALA TE 122 -55.75 -57.58 53.59
N GLN TE 123 -56.52 -58.29 54.40
CA GLN TE 123 -56.11 -59.47 55.14
C GLN TE 123 -54.95 -59.18 56.10
N SER TE 124 -55.25 -58.34 57.09
CA SER TE 124 -54.39 -58.11 58.24
C SER TE 124 -55.23 -57.43 59.31
N ILE TE 125 -55.48 -58.10 60.43
CA ILE TE 125 -56.19 -57.43 61.51
C ILE TE 125 -55.54 -57.68 62.85
N ARG TE 126 -55.67 -56.68 63.70
CA ARG TE 126 -55.12 -56.67 65.05
C ARG TE 126 -56.23 -56.30 66.00
N ILE TE 127 -56.33 -57.02 67.10
CA ILE TE 127 -57.34 -56.76 68.11
C ILE TE 127 -56.65 -56.56 69.44
N SER TE 128 -56.99 -55.46 70.12
CA SER TE 128 -56.50 -55.16 71.45
C SER TE 128 -57.67 -54.89 72.39
N ASP TE 129 -57.46 -55.21 73.66
CA ASP TE 129 -58.48 -55.08 74.68
C ASP TE 129 -58.47 -53.72 75.35
N ARG TE 130 -57.32 -53.31 75.89
CA ARG TE 130 -57.16 -52.00 76.50
C ARG TE 130 -55.78 -51.46 76.15
N THR TE 131 -55.73 -50.22 75.67
CA THR TE 131 -54.48 -49.54 75.37
C THR TE 131 -54.36 -48.30 76.24
N TYR TE 132 -53.14 -48.02 76.69
CA TYR TE 132 -52.89 -46.87 77.55
C TYR TE 132 -51.73 -46.06 77.01
N LYS TE 133 -51.90 -44.74 77.04
CA LYS TE 133 -50.95 -43.79 76.44
C LYS TE 133 -50.74 -42.59 77.36
N VAL TE 134 -49.47 -42.22 77.57
CA VAL TE 134 -49.13 -41.03 78.32
C VAL TE 134 -49.14 -39.84 77.38
N ALA TE 135 -50.00 -38.86 77.64
CA ALA TE 135 -50.14 -37.75 76.70
C ALA TE 135 -49.09 -36.68 76.92
N LYS TE 136 -49.12 -36.04 78.08
CA LYS TE 136 -48.18 -34.98 78.42
C LYS TE 136 -47.40 -35.42 79.65
N GLN TE 137 -46.09 -35.35 79.54
CA GLN TE 137 -45.23 -35.77 80.63
C GLN TE 137 -45.35 -34.80 81.79
N ALA TE 138 -45.38 -35.34 83.00
CA ALA TE 138 -45.45 -34.54 84.21
C ALA TE 138 -44.19 -33.72 84.39
N HIS TE 139 -44.32 -32.60 85.09
CA HIS TE 139 -43.20 -31.71 85.34
C HIS TE 139 -43.51 -30.90 86.59
N PHE TE 140 -42.57 -30.03 86.96
CA PHE TE 140 -42.76 -29.13 88.09
C PHE TE 140 -43.65 -27.96 87.69
N ILE TE 141 -44.11 -27.22 88.70
CA ILE TE 141 -45.01 -26.09 88.49
C ILE TE 141 -44.92 -25.20 89.72
N THR TE 142 -45.31 -23.94 89.54
CA THR TE 142 -45.35 -22.99 90.63
C THR TE 142 -46.75 -22.51 90.94
N THR TE 143 -47.73 -22.88 90.14
CA THR TE 143 -49.08 -22.41 90.35
C THR TE 143 -50.05 -23.47 89.84
N PRO TE 144 -51.21 -23.60 90.48
CA PRO TE 144 -52.25 -24.42 89.91
C PRO TE 144 -52.80 -23.78 88.64
N PRO TE 145 -52.86 -24.52 87.55
CA PRO TE 145 -53.51 -23.99 86.34
C PRO TE 145 -55.00 -23.82 86.57
N THR TE 146 -55.57 -22.81 85.95
CA THR TE 146 -56.97 -22.49 86.14
C THR TE 146 -57.70 -22.55 84.82
N TRP TE 147 -59.02 -22.45 84.89
CA TRP TE 147 -59.84 -22.60 83.70
C TRP TE 147 -59.82 -21.37 82.81
N ARG TE 148 -59.28 -20.25 83.29
CA ARG TE 148 -59.34 -19.03 82.50
C ARG TE 148 -58.43 -19.08 81.29
N GLN TE 149 -57.41 -19.93 81.31
CA GLN TE 149 -56.62 -20.19 80.13
C GLN TE 149 -57.16 -21.36 79.33
N TYR TE 150 -58.41 -21.73 79.54
CA TYR TE 150 -59.03 -22.72 78.69
C TYR TE 150 -60.35 -22.21 78.13
N LEU TE 151 -61.08 -21.42 78.91
CA LEU TE 151 -62.47 -21.12 78.56
C LEU TE 151 -62.73 -19.68 78.18
N TRP TE 152 -61.92 -18.75 78.62
CA TRP TE 152 -62.25 -17.33 78.43
C TRP TE 152 -61.99 -16.95 76.98
N MET TE 153 -63.06 -16.65 76.25
CA MET TE 153 -62.93 -16.30 74.85
C MET TE 153 -62.38 -14.89 74.72
N ASP TE 154 -61.79 -14.61 73.57
CA ASP TE 154 -61.31 -13.27 73.28
C ASP TE 154 -62.48 -12.39 72.84
N TYR TE 155 -62.26 -11.07 72.91
CA TYR TE 155 -63.29 -10.12 72.55
C TYR TE 155 -62.64 -8.88 71.94
N VAL TE 156 -63.21 -8.41 70.84
CA VAL TE 156 -62.81 -7.14 70.26
C VAL TE 156 -64.01 -6.52 69.56
N LYS TE 157 -64.32 -5.29 69.90
CA LYS TE 157 -65.43 -4.58 69.26
C LYS TE 157 -65.05 -4.27 67.82
N PRO TE 158 -65.84 -4.67 66.84
CA PRO TE 158 -65.56 -4.31 65.45
C PRO TE 158 -66.14 -2.93 65.14
N GLU TE 159 -65.26 -1.96 64.95
CA GLU TE 159 -65.66 -0.57 64.81
C GLU TE 159 -65.66 -0.10 63.37
N ALA TE 160 -65.51 -0.99 62.40
CA ALA TE 160 -65.32 -0.60 61.01
C ALA TE 160 -66.39 -1.22 60.11
N PRO TE 161 -67.56 -0.60 59.99
CA PRO TE 161 -68.43 -0.93 58.85
C PRO TE 161 -68.02 -0.07 57.66
N ASN TE 162 -67.56 -0.73 56.60
CA ASN TE 162 -66.99 -0.03 55.45
C ASN TE 162 -68.10 0.68 54.68
N VAL TE 163 -68.06 2.00 54.67
CA VAL TE 163 -69.19 2.81 54.17
C VAL TE 163 -68.97 3.00 52.68
N THR TE 164 -69.18 1.92 51.93
CA THR TE 164 -69.19 1.98 50.48
C THR TE 164 -70.56 1.58 49.94
N LEU TE 165 -71.03 0.40 50.35
CA LEU TE 165 -72.26 -0.16 49.79
C LEU TE 165 -73.45 0.09 50.72
N LEU TE 166 -73.70 1.34 50.94
CA LEU TE 166 -74.90 1.67 51.68
C LEU TE 166 -76.11 1.53 50.74
N PRO TE 167 -77.25 1.09 51.25
CA PRO TE 167 -78.42 0.91 50.37
C PRO TE 167 -78.99 2.23 49.88
N LYS TE 168 -79.66 2.16 48.73
CA LYS TE 168 -80.31 3.33 48.16
C LYS TE 168 -81.73 2.99 47.73
N THR TE 169 -81.99 1.72 47.39
CA THR TE 169 -83.32 1.25 47.06
C THR TE 169 -83.76 0.19 48.05
N LYS TE 170 -85.07 -0.03 48.06
CA LYS TE 170 -85.67 -0.94 49.04
C LYS TE 170 -85.31 -2.39 48.74
N ALA TE 171 -85.10 -2.74 47.47
CA ALA TE 171 -84.61 -4.08 47.15
C ALA TE 171 -83.20 -4.29 47.71
N GLU TE 172 -82.38 -3.26 47.62
CA GLU TE 172 -81.06 -3.30 48.24
C GLU TE 172 -81.18 -3.45 49.75
N LYS TE 173 -82.15 -2.76 50.35
CA LYS TE 173 -82.41 -2.91 51.78
C LYS TE 173 -82.84 -4.33 52.12
N GLU TE 174 -83.66 -4.93 51.26
CA GLU TE 174 -84.14 -6.29 51.50
C GLU TE 174 -83.01 -7.30 51.47
N ILE TE 175 -82.17 -7.24 50.43
CA ILE TE 175 -81.07 -8.18 50.32
C ILE TE 175 -80.02 -7.90 51.40
N TRP TE 176 -79.90 -6.62 51.80
CA TRP TE 176 -79.06 -6.24 52.92
C TRP TE 176 -79.48 -6.93 54.20
N CYS TE 177 -80.78 -6.88 54.47
CA CYS TE 177 -81.34 -7.49 55.69
C CYS TE 177 -81.14 -9.00 55.69
N ILE TE 178 -81.44 -9.65 54.56
CA ILE TE 178 -81.40 -11.11 54.57
C ILE TE 178 -79.96 -11.62 54.63
N TYR TE 179 -79.04 -10.96 53.91
CA TYR TE 179 -77.66 -11.42 53.93
C TYR TE 179 -77.03 -11.15 55.29
N THR TE 180 -77.43 -10.04 55.91
CA THR TE 180 -76.95 -9.70 57.24
C THR TE 180 -77.38 -10.73 58.26
N GLU TE 181 -78.65 -11.16 58.22
CA GLU TE 181 -79.09 -12.09 59.25
C GLU TE 181 -78.49 -13.48 59.05
N ARG TE 182 -78.30 -13.91 57.79
CA ARG TE 182 -77.70 -15.23 57.64
C ARG TE 182 -76.22 -15.23 58.01
N GLY TE 183 -75.51 -14.13 57.74
CA GLY TE 183 -74.16 -14.00 58.27
C GLY TE 183 -74.12 -13.99 59.79
N TRP TE 184 -75.12 -13.34 60.40
CA TRP TE 184 -75.24 -13.27 61.84
C TRP TE 184 -75.37 -14.65 62.47
N LYS TE 185 -76.24 -15.49 61.89
CA LYS TE 185 -76.38 -16.84 62.44
C LYS TE 185 -75.14 -17.68 62.19
N ASN TE 186 -74.40 -17.40 61.10
CA ASN TE 186 -73.12 -18.07 60.89
C ASN TE 186 -72.14 -17.75 62.00
N GLY TE 187 -72.05 -16.47 62.38
CA GLY TE 187 -71.14 -16.08 63.44
C GLY TE 187 -71.51 -16.67 64.79
N ILE TE 188 -72.82 -16.77 65.04
CA ILE TE 188 -73.32 -17.40 66.27
C ILE TE 188 -72.85 -18.85 66.36
N ASP TE 189 -73.07 -19.60 65.27
CA ASP TE 189 -72.74 -21.02 65.32
C ASP TE 189 -71.24 -21.24 65.39
N GLN TE 190 -70.46 -20.35 64.76
CA GLN TE 190 -69.01 -20.47 64.82
C GLN TE 190 -68.49 -20.26 66.23
N ALA TE 191 -69.04 -19.27 66.94
CA ALA TE 191 -68.62 -19.03 68.32
C ALA TE 191 -68.96 -20.20 69.22
N ASN TE 192 -70.16 -20.78 69.04
CA ASN TE 192 -70.51 -21.95 69.85
C ASN TE 192 -69.61 -23.14 69.56
N THR TE 193 -69.17 -23.28 68.31
CA THR TE 193 -68.22 -24.33 67.98
C THR TE 193 -66.90 -24.14 68.70
N ILE TE 194 -66.43 -22.88 68.78
CA ILE TE 194 -65.19 -22.61 69.50
C ILE TE 194 -65.33 -22.96 70.98
N LEU TE 195 -66.48 -22.60 71.55
CA LEU TE 195 -66.71 -22.86 72.97
C LEU TE 195 -66.76 -24.35 73.27
N GLU TE 196 -67.39 -25.13 72.39
CA GLU TE 196 -67.48 -26.56 72.69
C GLU TE 196 -66.14 -27.26 72.47
N GLU TE 197 -65.31 -26.75 71.55
CA GLU TE 197 -63.96 -27.30 71.43
C GLU TE 197 -63.13 -27.03 72.67
N ASN TE 198 -63.27 -25.82 73.23
CA ASN TE 198 -62.53 -25.51 74.45
C ASN TE 198 -62.98 -26.35 75.63
N ILE TE 199 -64.29 -26.55 75.77
CA ILE TE 199 -64.75 -27.31 76.92
C ILE TE 199 -64.39 -28.78 76.77
N ALA TE 200 -64.34 -29.28 75.53
CA ALA TE 200 -63.89 -30.65 75.31
C ALA TE 200 -62.42 -30.81 75.67
N ARG TE 201 -61.58 -29.83 75.33
CA ARG TE 201 -60.16 -29.99 75.61
C ARG TE 201 -59.87 -29.90 77.10
N ILE TE 202 -60.60 -29.05 77.84
CA ILE TE 202 -60.28 -28.97 79.26
C ILE TE 202 -60.84 -30.19 80.00
N LYS TE 203 -61.97 -30.73 79.52
CA LYS TE 203 -62.49 -31.99 80.05
C LYS TE 203 -61.49 -33.12 79.83
N GLU TE 204 -60.84 -33.12 78.66
CA GLU TE 204 -59.82 -34.12 78.36
C GLU TE 204 -58.64 -34.02 79.31
N ASP TE 205 -58.18 -32.80 79.60
CA ASP TE 205 -57.05 -32.60 80.50
C ASP TE 205 -57.36 -33.14 81.89
N PHE TE 206 -58.52 -32.76 82.41
CA PHE TE 206 -58.86 -33.19 83.77
C PHE TE 206 -59.09 -34.69 83.85
N GLY TE 207 -59.69 -35.27 82.80
CA GLY TE 207 -59.89 -36.71 82.78
C GLY TE 207 -58.60 -37.47 82.78
N GLY TE 208 -57.61 -37.01 82.02
CA GLY TE 208 -56.31 -37.67 82.02
C GLY TE 208 -55.62 -37.58 83.37
N MET TE 209 -55.73 -36.44 84.03
CA MET TE 209 -55.13 -36.26 85.35
C MET TE 209 -55.74 -37.20 86.38
N ILE TE 210 -57.07 -37.28 86.41
CA ILE TE 210 -57.70 -38.11 87.43
C ILE TE 210 -57.52 -39.60 87.09
N LEU TE 211 -57.36 -39.92 85.81
CA LEU TE 211 -57.05 -41.29 85.45
C LEU TE 211 -55.66 -41.69 85.91
N TYR TE 212 -54.71 -40.73 85.88
CA TYR TE 212 -53.41 -41.02 86.49
C TYR TE 212 -53.55 -41.30 87.97
N ARG TE 213 -54.38 -40.50 88.65
CA ARG TE 213 -54.56 -40.70 90.09
C ARG TE 213 -55.09 -42.10 90.40
N LYS TE 214 -56.06 -42.57 89.62
CA LYS TE 214 -56.58 -43.88 89.94
C LYS TE 214 -55.75 -45.02 89.40
N LEU TE 215 -54.91 -44.78 88.40
CA LEU TE 215 -53.95 -45.80 88.04
C LEU TE 215 -52.89 -45.96 89.10
N LEU TE 216 -52.48 -44.86 89.72
CA LEU TE 216 -51.55 -44.93 90.84
C LEU TE 216 -52.19 -45.60 92.04
N ALA TE 217 -53.50 -45.41 92.21
CA ALA TE 217 -54.23 -46.17 93.21
C ALA TE 217 -54.24 -47.66 92.88
N MET TE 218 -54.36 -48.00 91.61
CA MET TE 218 -54.42 -49.40 91.20
C MET TE 218 -53.05 -50.04 91.05
N ASN TE 219 -51.98 -49.28 91.33
CA ASN TE 219 -50.59 -49.77 91.36
C ASN TE 219 -50.13 -50.21 89.97
N MET TE 220 -50.47 -49.42 88.96
CA MET TE 220 -50.07 -49.69 87.59
C MET TE 220 -49.26 -48.55 86.98
N VAL TE 221 -48.72 -47.67 87.80
CA VAL TE 221 -47.75 -46.68 87.35
C VAL TE 221 -46.72 -46.46 88.43
N SER TE 222 -45.49 -46.22 88.01
CA SER TE 222 -44.46 -45.82 88.95
C SER TE 222 -44.74 -44.40 89.42
N PRO TE 223 -44.62 -44.12 90.71
CA PRO TE 223 -44.68 -42.74 91.18
C PRO TE 223 -43.45 -41.97 90.75
N PRO TE 224 -43.51 -40.65 90.71
CA PRO TE 224 -42.30 -39.87 90.46
C PRO TE 224 -41.28 -40.02 91.58
N TYR TE 225 -40.01 -39.90 91.22
CA TYR TE 225 -38.92 -40.07 92.16
C TYR TE 225 -38.05 -38.82 92.17
N VAL TE 226 -37.69 -38.37 93.37
CA VAL TE 226 -37.03 -37.10 93.57
C VAL TE 226 -35.87 -37.29 94.53
N SER TE 227 -34.70 -36.75 94.18
CA SER TE 227 -33.60 -36.62 95.11
C SER TE 227 -33.30 -35.14 95.34
N HIS TE 228 -32.98 -34.79 96.57
CA HIS TE 228 -32.56 -33.44 96.90
C HIS TE 228 -31.20 -33.46 97.57
N THR TE 229 -30.36 -32.50 97.18
CA THR TE 229 -29.03 -32.34 97.74
C THR TE 229 -28.97 -31.07 98.57
N ASP TE 230 -28.25 -31.14 99.68
CA ASP TE 230 -28.25 -30.11 100.70
C ASP TE 230 -26.83 -29.63 100.96
N LEU TE 231 -26.62 -28.32 100.91
CA LEU TE 231 -25.33 -27.71 101.22
C LEU TE 231 -25.54 -26.55 102.18
N GLY TE 232 -24.47 -26.23 102.91
CA GLY TE 232 -24.51 -25.10 103.83
C GLY TE 232 -24.30 -23.78 103.13
N VAL TE 233 -23.45 -22.93 103.67
CA VAL TE 233 -23.14 -21.67 103.02
C VAL TE 233 -22.19 -21.92 101.86
N THR TE 234 -22.32 -21.11 100.81
CA THR TE 234 -21.47 -21.24 99.64
C THR TE 234 -20.93 -19.88 99.21
N GLY TE 235 -20.28 -19.83 98.06
CA GLY TE 235 -19.97 -18.57 97.41
C GLY TE 235 -18.75 -17.88 97.98
N ASP TE 236 -18.47 -16.72 97.39
CA ASP TE 236 -17.27 -15.96 97.72
C ASP TE 236 -17.53 -15.10 98.96
N GLY TE 237 -16.61 -14.18 99.24
CA GLY TE 237 -16.79 -13.27 100.34
C GLY TE 237 -17.76 -12.14 100.08
N SER TE 238 -18.23 -11.96 98.85
CA SER TE 238 -19.14 -10.88 98.50
C SER TE 238 -20.56 -11.33 98.23
N GLU TE 239 -20.75 -12.56 97.75
CA GLU TE 239 -22.06 -13.10 97.50
C GLU TE 239 -22.21 -14.38 98.30
N ILE TE 240 -23.22 -14.43 99.16
CA ILE TE 240 -23.40 -15.64 99.97
C ILE TE 240 -24.85 -16.07 99.96
N HIS TE 241 -25.04 -17.36 100.14
CA HIS TE 241 -26.34 -17.97 100.35
C HIS TE 241 -26.23 -18.82 101.59
N ILE TE 242 -27.26 -18.77 102.44
CA ILE TE 242 -27.21 -19.47 103.71
C ILE TE 242 -27.28 -20.97 103.48
N ASP TE 243 -28.20 -21.41 102.64
CA ASP TE 243 -28.44 -22.82 102.39
C ASP TE 243 -28.48 -23.07 100.89
N ASP TE 244 -28.33 -24.33 100.52
CA ASP TE 244 -28.52 -24.73 99.14
C ASP TE 244 -29.36 -26.00 99.13
N ARG TE 245 -30.54 -25.94 98.54
CA ARG TE 245 -31.36 -27.12 98.34
C ARG TE 245 -31.58 -27.31 96.85
N VAL TE 246 -30.98 -28.35 96.29
CA VAL TE 246 -31.15 -28.66 94.88
C VAL TE 246 -32.13 -29.81 94.78
N LEU TE 247 -33.23 -29.58 94.10
CA LEU TE 247 -34.35 -30.52 94.05
C LEU TE 247 -34.42 -31.05 92.63
N ARG TE 248 -34.16 -32.34 92.45
CA ARG TE 248 -34.14 -32.93 91.14
C ARG TE 248 -35.04 -34.15 91.11
N ILE TE 249 -35.53 -34.48 89.92
CA ILE TE 249 -36.29 -35.70 89.71
C ILE TE 249 -35.52 -36.56 88.71
N THR TE 250 -35.28 -37.81 89.09
CA THR TE 250 -34.56 -38.71 88.20
C THR TE 250 -35.51 -39.56 87.38
N ALA TE 251 -36.49 -40.19 88.01
CA ALA TE 251 -37.38 -41.12 87.33
C ALA TE 251 -38.71 -40.44 87.04
N LEU TE 252 -39.05 -40.31 85.76
CA LEU TE 252 -40.37 -39.88 85.40
C LEU TE 252 -41.36 -41.00 85.71
N PRO TE 253 -42.60 -40.64 86.07
CA PRO TE 253 -43.63 -41.67 86.24
C PRO TE 253 -43.91 -42.38 84.93
N GLU TE 254 -44.10 -43.69 85.01
CA GLU TE 254 -44.26 -44.48 83.79
C GLU TE 254 -44.98 -45.77 84.13
N LEU TE 255 -45.48 -46.43 83.07
CA LEU TE 255 -46.23 -47.66 83.22
C LEU TE 255 -45.32 -48.82 83.55
N ASN TE 256 -45.92 -49.88 84.07
CA ASN TE 256 -45.21 -51.12 84.38
C ASN TE 256 -45.71 -52.22 83.46
N VAL TE 257 -44.86 -53.22 83.26
CA VAL TE 257 -45.10 -54.23 82.24
C VAL TE 257 -45.24 -55.62 82.82
N ASN TE 258 -44.89 -55.85 84.07
CA ASN TE 258 -44.91 -57.19 84.60
C ASN TE 258 -46.33 -57.59 85.00
N SER TE 259 -46.47 -58.80 85.55
CA SER TE 259 -47.78 -59.36 85.83
C SER TE 259 -48.10 -59.50 87.30
N ALA TE 260 -47.11 -59.49 88.18
CA ALA TE 260 -47.37 -59.76 89.58
C ALA TE 260 -47.94 -58.55 90.31
N GLU TE 261 -47.58 -57.36 89.88
CA GLU TE 261 -47.83 -56.15 90.64
C GLU TE 261 -49.20 -55.57 90.38
N TRP TE 262 -50.02 -56.27 89.61
CA TRP TE 262 -51.36 -55.79 89.30
C TRP TE 262 -52.25 -55.93 90.52
N ARG TE 263 -52.86 -54.84 90.92
CA ARG TE 263 -53.68 -54.80 92.12
C ARG TE 263 -55.15 -54.77 91.72
N ALA TE 264 -55.84 -55.87 91.95
CA ALA TE 264 -57.24 -55.95 91.59
C ALA TE 264 -58.11 -55.24 92.61
N ALA TE 265 -59.20 -54.66 92.12
CA ALA TE 265 -60.12 -53.90 92.95
C ALA TE 265 -61.38 -54.69 93.23
N VAL TE 266 -62.15 -54.21 94.20
CA VAL TE 266 -63.45 -54.77 94.54
C VAL TE 266 -64.28 -53.65 95.15
N ALA TE 267 -65.58 -53.87 95.29
CA ALA TE 267 -66.46 -52.94 95.98
C ALA TE 267 -67.32 -53.74 96.94
N LYS TE 268 -68.21 -53.05 97.64
CA LYS TE 268 -69.20 -53.72 98.48
C LYS TE 268 -70.55 -53.02 98.41
N GLY UE 26 -49.94 33.47 82.26
CA GLY UE 26 -48.78 32.98 81.54
C GLY UE 26 -48.77 31.47 81.38
N ASP UE 27 -47.94 30.80 82.16
CA ASP UE 27 -47.86 29.35 82.14
C ASP UE 27 -48.18 28.70 83.47
N THR UE 28 -48.45 29.47 84.52
CA THR UE 28 -48.95 28.87 85.76
C THR UE 28 -50.40 28.43 85.59
N GLY UE 29 -51.22 29.29 85.00
CA GLY UE 29 -52.56 28.94 84.59
C GLY UE 29 -52.54 28.60 83.12
N SER UE 30 -51.56 27.80 82.71
CA SER UE 30 -51.34 27.48 81.30
C SER UE 30 -52.51 26.75 80.68
N LEU UE 31 -53.37 26.13 81.49
CA LEU UE 31 -54.67 25.70 81.01
C LEU UE 31 -55.46 26.87 80.44
N ALA UE 32 -55.54 27.97 81.20
CA ALA UE 32 -56.26 29.15 80.72
C ALA UE 32 -55.50 29.84 79.59
N GLY UE 33 -54.17 29.83 79.67
CA GLY UE 33 -53.39 30.42 78.59
C GLY UE 33 -53.50 29.66 77.29
N LEU UE 34 -53.58 28.34 77.38
CA LEU UE 34 -53.72 27.52 76.20
C LEU UE 34 -55.14 27.59 75.66
N GLN UE 35 -56.12 27.79 76.53
CA GLN UE 35 -57.45 28.13 76.06
C GLN UE 35 -57.48 29.47 75.35
N ALA UE 36 -56.73 30.44 75.85
CA ALA UE 36 -56.67 31.75 75.20
C ALA UE 36 -55.98 31.69 73.84
N MET UE 37 -54.97 30.83 73.71
CA MET UE 37 -54.34 30.67 72.41
C MET UE 37 -55.11 29.71 71.50
N ALA UE 38 -56.01 28.91 72.07
CA ALA UE 38 -56.98 28.21 71.24
C ALA UE 38 -57.99 29.20 70.68
N ASP UE 39 -58.35 30.20 71.48
CA ASP UE 39 -59.09 31.34 70.98
C ASP UE 39 -58.24 32.13 69.99
N SER UE 40 -58.90 32.76 69.02
CA SER UE 40 -58.19 33.39 67.92
C SER UE 40 -57.74 34.81 68.23
N LYS UE 41 -57.91 35.29 69.46
CA LYS UE 41 -57.48 36.66 69.74
C LYS UE 41 -55.98 36.76 69.87
N TYR UE 42 -55.29 35.66 70.18
CA TYR UE 42 -53.84 35.64 70.20
C TYR UE 42 -53.23 35.33 68.85
N THR UE 43 -54.05 34.92 67.87
CA THR UE 43 -53.52 34.61 66.54
C THR UE 43 -53.02 35.86 65.85
N ARG UE 44 -53.74 36.98 66.00
CA ARG UE 44 -53.26 38.25 65.48
C ARG UE 44 -52.09 38.80 66.27
N ALA UE 45 -51.92 38.34 67.53
CA ALA UE 45 -50.76 38.74 68.32
C ALA UE 45 -49.48 38.06 67.83
N GLN UE 46 -49.58 36.99 67.06
CA GLN UE 46 -48.41 36.35 66.51
C GLN UE 46 -47.77 37.19 65.41
N LYS UE 47 -48.56 38.02 64.73
CA LYS UE 47 -48.00 38.88 63.70
C LYS UE 47 -47.22 40.05 64.31
N LYS UE 48 -47.77 40.65 65.37
CA LYS UE 48 -47.14 41.84 65.94
C LYS UE 48 -45.92 41.52 66.78
N GLN UE 49 -45.68 40.26 67.09
CA GLN UE 49 -44.43 39.88 67.71
C GLN UE 49 -43.36 39.54 66.69
N LYS UE 50 -43.71 39.48 65.41
CA LYS UE 50 -42.72 39.20 64.38
C LYS UE 50 -41.87 40.44 64.09
N MET UE 51 -42.46 41.62 64.22
CA MET UE 51 -41.73 42.85 63.85
C MET UE 51 -40.67 43.19 64.88
N GLY UE 52 -40.95 42.96 66.17
CA GLY UE 52 -40.02 43.37 67.20
C GLY UE 52 -39.01 42.34 67.61
N LYS UE 53 -39.09 41.14 67.05
CA LYS UE 53 -38.22 40.05 67.48
C LYS UE 53 -36.94 39.96 66.69
N ILE UE 54 -36.74 40.84 65.71
CA ILE UE 54 -35.56 40.80 64.84
C ILE UE 54 -34.76 42.09 64.91
N ARG UE 55 -35.45 43.23 64.86
CA ARG UE 55 -34.77 44.52 64.79
C ARG UE 55 -34.04 44.84 66.09
N GLU UE 56 -34.54 44.35 67.22
CA GLU UE 56 -33.89 44.64 68.50
C GLU UE 56 -32.59 43.85 68.66
N MET UE 57 -32.50 42.69 68.01
CA MET UE 57 -31.36 41.81 68.22
C MET UE 57 -30.18 42.19 67.34
N ALA UE 58 -30.41 43.04 66.34
CA ALA UE 58 -29.32 43.66 65.61
C ALA UE 58 -28.88 44.96 66.25
N LEU UE 59 -29.44 45.30 67.40
CA LEU UE 59 -29.10 46.52 68.11
C LEU UE 59 -28.53 46.28 69.48
N LYS UE 60 -29.00 45.23 70.17
CA LYS UE 60 -28.70 45.09 71.59
C LYS UE 60 -27.22 44.81 71.84
N GLU UE 61 -26.61 43.97 71.00
CA GLU UE 61 -25.21 43.63 71.21
C GLU UE 61 -24.31 44.81 70.88
N THR UE 62 -24.67 45.59 69.86
CA THR UE 62 -23.92 46.80 69.54
C THR UE 62 -24.00 47.82 70.66
N ALA UE 63 -25.19 47.99 71.24
CA ALA UE 63 -25.36 48.90 72.36
C ALA UE 63 -24.56 48.44 73.56
N LEU UE 64 -24.57 47.14 73.83
CA LEU UE 64 -23.79 46.60 74.94
C LEU UE 64 -22.30 46.80 74.73
N SER UE 65 -21.84 46.63 73.49
CA SER UE 65 -20.41 46.76 73.21
C SER UE 65 -19.94 48.20 73.36
N VAL UE 66 -20.72 49.16 72.83
CA VAL UE 66 -20.27 50.55 72.96
C VAL UE 66 -20.38 51.02 74.41
N GLY UE 67 -21.36 50.51 75.16
CA GLY UE 67 -21.44 50.82 76.58
C GLY UE 67 -20.25 50.27 77.34
N ALA UE 68 -19.82 49.06 76.98
CA ALA UE 68 -18.64 48.46 77.60
C ALA UE 68 -17.40 49.27 77.32
N GLN UE 69 -17.26 49.77 76.09
CA GLN UE 69 -16.08 50.54 75.72
C GLN UE 69 -16.02 51.85 76.49
N ALA UE 70 -17.14 52.58 76.53
CA ALA UE 70 -17.16 53.87 77.23
C ALA UE 70 -16.95 53.69 78.73
N GLY UE 71 -17.57 52.66 79.31
CA GLY UE 71 -17.40 52.42 80.72
C GLY UE 71 -16.00 52.01 81.10
N LEU UE 72 -15.36 51.17 80.27
CA LEU UE 72 -14.01 50.73 80.57
C LEU UE 72 -13.03 51.90 80.50
N ALA UE 73 -13.17 52.76 79.49
CA ALA UE 73 -12.27 53.91 79.39
C ALA UE 73 -12.48 54.89 80.54
N TRP UE 74 -13.74 55.16 80.88
CA TRP UE 74 -14.05 56.09 81.95
C TRP UE 74 -13.51 55.61 83.29
N ARG UE 75 -13.77 54.34 83.61
CA ARG UE 75 -13.32 53.80 84.88
C ARG UE 75 -11.81 53.69 84.94
N ALA UE 76 -11.15 53.41 83.81
CA ALA UE 76 -9.70 53.34 83.79
C ALA UE 76 -9.08 54.68 84.12
N LYS UE 77 -9.59 55.76 83.51
CA LYS UE 77 -9.03 57.07 83.80
C LYS UE 77 -9.32 57.49 85.24
N ILE UE 78 -10.50 57.14 85.75
CA ILE UE 78 -10.85 57.51 87.12
C ILE UE 78 -9.96 56.80 88.12
N ILE UE 79 -9.70 55.50 87.92
CA ILE UE 79 -8.89 54.80 88.91
C ILE UE 79 -7.43 55.18 88.78
N ASP UE 80 -6.97 55.60 87.60
CA ASP UE 80 -5.62 56.12 87.51
C ASP UE 80 -5.48 57.44 88.27
N GLU UE 81 -6.51 58.29 88.19
CA GLU UE 81 -6.52 59.52 88.97
C GLU UE 81 -6.49 59.23 90.47
N GLN UE 82 -7.32 58.29 90.91
CA GLN UE 82 -7.37 57.95 92.32
C GLN UE 82 -6.09 57.29 92.79
N LEU UE 83 -5.43 56.53 91.91
CA LEU UE 83 -4.15 55.96 92.23
C LEU UE 83 -3.10 57.04 92.40
N ASN UE 84 -3.15 58.07 91.54
CA ASN UE 84 -2.21 59.16 91.64
C ASN UE 84 -2.43 59.98 92.90
N LYS UE 85 -3.66 60.00 93.40
CA LYS UE 85 -4.02 60.92 94.46
C LYS UE 85 -3.31 60.63 95.79
N GLN UE 86 -2.93 59.39 96.06
CA GLN UE 86 -2.39 59.03 97.37
C GLN UE 86 -1.04 58.35 97.22
N ALA UE 87 -0.17 58.95 96.43
CA ALA UE 87 1.02 58.27 95.93
C ALA UE 87 2.04 57.98 97.03
N ARG UE 88 2.16 58.86 98.02
CA ARG UE 88 3.21 58.74 99.02
C ARG UE 88 3.01 57.52 99.90
N ASN UE 89 1.76 57.22 100.24
CA ASN UE 89 1.46 56.08 101.07
C ASN UE 89 1.79 54.78 100.36
N LEU UE 90 1.66 54.74 99.03
CA LEU UE 90 1.84 53.51 98.28
C LEU UE 90 3.28 53.03 98.34
N ASP UE 91 4.22 53.86 97.91
CA ASP UE 91 5.62 53.44 98.00
C ASP UE 91 6.09 53.45 99.44
N ALA UE 92 5.47 54.27 100.29
CA ALA UE 92 5.80 54.30 101.70
C ALA UE 92 5.52 52.96 102.38
N ILE UE 93 4.47 52.26 101.95
CA ILE UE 93 4.23 50.93 102.46
C ILE UE 93 4.82 49.83 101.58
N TYR UE 94 5.18 50.14 100.34
CA TYR UE 94 5.57 49.10 99.40
C TYR UE 94 7.05 49.16 99.03
N ASP UE 95 7.86 49.86 99.82
CA ASP UE 95 9.29 49.93 99.58
C ASP UE 95 9.99 48.58 99.63
N PHE UE 96 10.49 48.10 98.51
CA PHE UE 96 11.40 46.97 98.53
C PHE UE 96 12.83 47.38 98.80
N ASN UE 97 13.12 48.70 98.71
CA ASN UE 97 14.50 49.17 98.79
C ASN UE 97 15.09 48.93 100.17
N SER UE 98 14.26 48.98 101.20
CA SER UE 98 14.71 48.49 102.49
C SER UE 98 14.89 46.98 102.50
N LEU UE 99 14.21 46.26 101.63
CA LEU UE 99 14.24 44.81 101.67
C LEU UE 99 15.33 44.18 100.82
N VAL UE 100 16.03 44.97 100.01
CA VAL UE 100 17.12 44.43 99.22
C VAL UE 100 18.24 43.95 100.14
N LEU UE 101 18.86 42.82 99.78
CA LEU UE 101 20.05 42.39 100.50
C LEU UE 101 21.24 43.25 100.12
N GLU UE 102 22.35 43.07 100.86
CA GLU UE 102 23.43 44.04 100.83
C GLU UE 102 24.22 44.03 99.52
N HIS UE 103 24.15 42.94 98.75
CA HIS UE 103 24.92 42.86 97.52
C HIS UE 103 24.09 43.24 96.30
N ASN UE 104 23.15 44.18 96.46
CA ASN UE 104 22.27 44.68 95.41
C ASN UE 104 21.49 43.54 94.76
N ILE UE 105 21.06 42.60 95.58
CA ILE UE 105 20.43 41.38 95.14
C ILE UE 105 19.03 41.33 95.76
N LEU UE 106 18.04 41.18 94.92
CA LEU UE 106 16.69 41.00 95.43
C LEU UE 106 16.60 39.63 96.09
N PRO UE 107 16.19 39.56 97.35
CA PRO UE 107 15.98 38.27 97.98
C PRO UE 107 14.84 37.53 97.29
N PRO UE 108 14.90 36.21 97.22
CA PRO UE 108 13.97 35.46 96.38
C PRO UE 108 12.60 35.36 97.03
N VAL UE 109 11.73 34.58 96.41
CA VAL UE 109 10.31 34.55 96.74
C VAL UE 109 9.95 33.16 97.23
N LEU UE 110 9.24 33.10 98.36
CA LEU UE 110 8.75 31.86 98.93
C LEU UE 110 7.23 31.86 98.96
N LEU UE 111 6.65 30.68 98.76
CA LEU UE 111 5.20 30.52 98.89
C LEU UE 111 4.94 29.34 99.81
N GLU UE 112 3.84 29.40 100.55
CA GLU UE 112 3.58 28.44 101.61
C GLU UE 112 2.16 27.93 101.55
N GLY UE 113 1.95 26.81 102.22
CA GLY UE 113 0.61 26.26 102.39
C GLY UE 113 0.52 25.47 103.68
N ARG UE 114 -0.68 25.42 104.25
CA ARG UE 114 -0.91 24.77 105.53
C ARG UE 114 -2.01 23.72 105.40
N ASN UE 115 -1.78 22.56 106.03
CA ASN UE 115 -2.76 21.50 106.22
C ASN UE 115 -3.29 20.96 104.90
N THR UE 116 -2.38 20.36 104.14
CA THR UE 116 -2.64 19.91 102.79
C THR UE 116 -3.25 18.52 102.79
N LEU UE 117 -4.33 18.36 102.02
CA LEU UE 117 -4.97 17.07 101.84
C LEU UE 117 -5.15 16.80 100.36
N ASN UE 118 -4.69 15.65 99.90
CA ASN UE 118 -4.77 15.28 98.50
C ASN UE 118 -5.35 13.88 98.38
N LEU UE 119 -6.37 13.76 97.53
CA LEU UE 119 -7.02 12.49 97.26
C LEU UE 119 -6.66 12.09 95.84
N ALA UE 120 -5.92 11.00 95.69
CA ALA UE 120 -5.56 10.54 94.36
C ALA UE 120 -6.69 9.74 93.73
N ASP UE 121 -7.09 8.67 94.39
CA ASP UE 121 -8.17 7.80 93.98
C ASP UE 121 -8.64 7.06 95.23
N ALA UE 122 -9.42 6.00 95.04
CA ALA UE 122 -9.87 5.21 96.18
C ALA UE 122 -8.70 4.54 96.89
N GLN UE 123 -8.83 4.42 98.20
CA GLN UE 123 -7.85 3.77 99.09
C GLN UE 123 -6.47 4.42 99.01
N SER UE 124 -6.43 5.74 98.87
CA SER UE 124 -5.16 6.43 98.69
C SER UE 124 -5.34 7.88 99.11
N ILE UE 125 -4.68 8.29 100.18
CA ILE UE 125 -4.76 9.67 100.63
C ILE UE 125 -3.38 10.13 101.08
N ARG UE 126 -3.02 11.35 100.71
CA ARG UE 126 -1.78 11.97 101.16
C ARG UE 126 -2.10 13.24 101.93
N ILE UE 127 -1.47 13.39 103.09
CA ILE UE 127 -1.65 14.58 103.90
C ILE UE 127 -0.28 15.14 104.24
N SER UE 128 -0.20 16.46 104.27
CA SER UE 128 1.02 17.14 104.65
C SER UE 128 0.69 18.29 105.58
N ASP UE 129 1.64 18.65 106.43
CA ASP UE 129 1.36 19.69 107.40
C ASP UE 129 1.55 21.07 106.79
N ARG UE 130 2.78 21.41 106.43
CA ARG UE 130 3.07 22.66 105.77
C ARG UE 130 3.97 22.40 104.58
N THR UE 131 3.78 23.20 103.54
CA THR UE 131 4.55 23.07 102.33
C THR UE 131 5.18 24.41 101.98
N TYR UE 132 6.44 24.35 101.59
CA TYR UE 132 7.19 25.56 101.22
C TYR UE 132 7.82 25.36 99.85
N LYS UE 133 7.59 26.33 98.97
CA LYS UE 133 8.00 26.25 97.58
C LYS UE 133 8.72 27.52 97.18
N VAL UE 134 9.87 27.36 96.52
CA VAL UE 134 10.58 28.48 95.95
C VAL UE 134 9.87 28.90 94.67
N ALA UE 135 9.58 30.20 94.55
CA ALA UE 135 8.88 30.69 93.37
C ALA UE 135 9.84 31.20 92.31
N LYS UE 136 10.59 32.25 92.64
CA LYS UE 136 11.49 32.88 91.68
C LYS UE 136 12.88 32.95 92.29
N GLN UE 137 13.87 32.49 91.54
CA GLN UE 137 15.23 32.47 92.05
C GLN UE 137 15.81 33.87 92.10
N ALA UE 138 16.58 34.14 93.14
CA ALA UE 138 17.12 35.47 93.39
C ALA UE 138 18.15 35.86 92.35
N HIS UE 139 18.07 37.11 91.87
CA HIS UE 139 18.91 37.56 90.78
C HIS UE 139 19.36 38.99 91.02
N PHE UE 140 20.45 39.36 90.36
CA PHE UE 140 21.07 40.67 90.56
C PHE UE 140 20.17 41.78 90.06
N ILE UE 141 20.18 42.89 90.77
CA ILE UE 141 19.23 43.98 90.54
C ILE UE 141 20.00 45.29 90.49
N THR UE 142 19.78 46.05 89.42
CA THR UE 142 20.37 47.38 89.34
C THR UE 142 19.50 48.42 90.04
N THR UE 143 18.21 48.46 89.71
CA THR UE 143 17.32 49.42 90.32
C THR UE 143 16.18 48.70 91.01
N PRO UE 144 15.83 49.08 92.24
CA PRO UE 144 14.70 48.45 92.90
C PRO UE 144 13.41 48.80 92.19
N PRO UE 145 12.45 47.88 92.16
CA PRO UE 145 11.21 48.10 91.42
C PRO UE 145 10.29 49.07 92.17
N THR UE 146 9.11 49.28 91.61
CA THR UE 146 8.15 50.19 92.21
C THR UE 146 6.76 49.59 92.17
N TRP UE 147 5.84 50.25 92.85
CA TRP UE 147 4.46 49.81 92.80
C TRP UE 147 3.83 50.13 91.45
N ARG UE 148 4.29 51.17 90.77
CA ARG UE 148 3.75 51.53 89.48
C ARG UE 148 4.02 50.47 88.42
N GLN UE 149 5.06 49.67 88.62
CA GLN UE 149 5.33 48.57 87.71
C GLN UE 149 4.32 47.45 87.83
N TYR UE 150 3.60 47.38 88.94
CA TYR UE 150 2.60 46.34 89.13
C TYR UE 150 1.18 46.87 89.10
N LEU UE 151 0.99 48.16 89.29
CA LEU UE 151 -0.31 48.69 89.65
C LEU UE 151 -0.90 49.66 88.66
N TRP UE 152 -0.09 50.20 87.74
CA TRP UE 152 -0.59 51.22 86.85
C TRP UE 152 -1.56 50.64 85.84
N MET UE 153 -2.63 51.35 85.59
CA MET UE 153 -3.60 50.96 84.58
C MET UE 153 -3.33 51.75 83.32
N ASP UE 154 -3.32 51.07 82.18
CA ASP UE 154 -3.22 51.76 80.91
C ASP UE 154 -4.50 52.54 80.64
N TYR UE 155 -4.37 53.62 79.89
CA TYR UE 155 -5.54 54.37 79.45
C TYR UE 155 -5.25 55.05 78.14
N VAL UE 156 -6.20 54.95 77.23
CA VAL UE 156 -6.20 55.71 75.98
C VAL UE 156 -7.62 56.21 75.79
N LYS UE 157 -7.77 57.48 75.45
CA LYS UE 157 -9.09 57.99 75.10
C LYS UE 157 -9.52 57.35 73.78
N PRO UE 158 -10.69 56.72 73.72
CA PRO UE 158 -11.19 56.23 72.44
C PRO UE 158 -12.07 57.26 71.77
N GLU UE 159 -11.78 57.55 70.51
CA GLU UE 159 -12.56 58.54 69.76
C GLU UE 159 -13.19 57.91 68.53
N ALA UE 160 -13.62 56.66 68.65
CA ALA UE 160 -14.18 55.90 67.54
C ALA UE 160 -15.55 55.37 67.92
N PRO UE 161 -16.58 56.21 67.90
CA PRO UE 161 -17.94 55.68 68.00
C PRO UE 161 -18.38 55.14 66.65
N ASN UE 162 -18.41 53.82 66.49
CA ASN UE 162 -18.80 53.21 65.24
C ASN UE 162 -20.28 52.90 65.28
N VAL UE 163 -21.05 53.55 64.42
CA VAL UE 163 -22.50 53.36 64.37
C VAL UE 163 -22.84 52.62 63.09
N THR UE 164 -23.38 51.42 63.25
CA THR UE 164 -23.87 50.67 62.10
C THR UE 164 -25.35 50.92 61.86
N LEU UE 165 -26.16 50.83 62.92
CA LEU UE 165 -27.60 50.98 62.81
C LEU UE 165 -28.08 52.03 63.81
N LEU UE 166 -29.30 52.49 63.61
CA LEU UE 166 -29.88 53.58 64.37
C LEU UE 166 -31.24 53.19 64.92
N PRO UE 167 -31.66 53.80 66.02
CA PRO UE 167 -33.07 53.66 66.43
C PRO UE 167 -33.97 54.39 65.46
N LYS UE 168 -35.21 53.92 65.39
CA LYS UE 168 -36.23 54.54 64.58
C LYS UE 168 -37.38 55.11 65.39
N THR UE 169 -37.84 54.40 66.42
CA THR UE 169 -38.89 54.86 67.30
C THR UE 169 -38.36 55.01 68.72
N LYS UE 170 -39.27 55.47 69.59
CA LYS UE 170 -38.93 55.71 70.98
C LYS UE 170 -38.62 54.41 71.72
N ALA UE 171 -39.23 53.30 71.30
CA ALA UE 171 -39.00 52.03 71.97
C ALA UE 171 -37.57 51.54 71.77
N GLU UE 172 -37.08 51.58 70.54
CA GLU UE 172 -35.69 51.23 70.31
C GLU UE 172 -34.76 52.28 70.89
N LYS UE 173 -35.22 53.55 70.98
CA LYS UE 173 -34.44 54.57 71.66
C LYS UE 173 -34.22 54.23 73.13
N GLU UE 174 -35.28 53.85 73.84
CA GLU UE 174 -35.12 53.56 75.26
C GLU UE 174 -34.40 52.23 75.51
N ILE UE 175 -34.59 51.22 74.64
CA ILE UE 175 -33.83 50.00 74.88
C ILE UE 175 -32.36 50.21 74.55
N TRP UE 176 -32.05 51.11 73.60
CA TRP UE 176 -30.67 51.49 73.34
C TRP UE 176 -30.08 52.21 74.54
N CYS UE 177 -30.87 53.08 75.17
CA CYS UE 177 -30.44 53.79 76.37
C CYS UE 177 -30.13 52.82 77.51
N ILE UE 178 -31.04 51.89 77.78
CA ILE UE 178 -30.83 51.02 78.94
C ILE UE 178 -29.74 50.00 78.67
N TYR UE 179 -29.56 49.59 77.41
CA TYR UE 179 -28.51 48.63 77.13
C TYR UE 179 -27.14 49.27 77.15
N THR UE 180 -27.05 50.54 76.72
CA THR UE 180 -25.81 51.28 76.91
C THR UE 180 -25.49 51.46 78.40
N GLU UE 181 -26.53 51.67 79.21
CA GLU UE 181 -26.34 51.76 80.66
C GLU UE 181 -25.79 50.47 81.23
N ARG UE 182 -26.35 49.34 80.78
CA ARG UE 182 -25.87 48.03 81.24
C ARG UE 182 -24.43 47.78 80.82
N GLY UE 183 -24.09 48.18 79.59
CA GLY UE 183 -22.71 48.04 79.14
C GLY UE 183 -21.76 48.90 79.93
N TRP UE 184 -22.20 50.10 80.31
CA TRP UE 184 -21.41 50.98 81.17
C TRP UE 184 -21.09 50.31 82.49
N LYS UE 185 -22.12 49.68 83.09
CA LYS UE 185 -21.92 48.94 84.34
C LYS UE 185 -20.95 47.79 84.16
N ASN UE 186 -21.07 47.06 83.04
CA ASN UE 186 -20.21 45.92 82.79
C ASN UE 186 -18.76 46.32 82.61
N GLY UE 187 -18.52 47.44 81.93
CA GLY UE 187 -17.16 47.93 81.76
C GLY UE 187 -16.51 48.33 83.08
N ILE UE 188 -17.30 48.96 83.96
CA ILE UE 188 -16.79 49.27 85.29
C ILE UE 188 -16.41 48.00 86.05
N ASP UE 189 -17.25 46.98 85.94
CA ASP UE 189 -16.98 45.73 86.64
C ASP UE 189 -15.72 45.04 86.14
N GLN UE 190 -15.51 45.07 84.82
CA GLN UE 190 -14.31 44.46 84.25
C GLN UE 190 -13.05 45.16 84.72
N ALA UE 191 -13.08 46.49 84.76
CA ALA UE 191 -11.91 47.26 85.21
C ALA UE 191 -11.59 46.94 86.67
N ASN UE 192 -12.62 46.86 87.51
CA ASN UE 192 -12.39 46.57 88.92
C ASN UE 192 -11.85 45.16 89.12
N THR UE 193 -12.27 44.21 88.30
CA THR UE 193 -11.74 42.85 88.39
C THR UE 193 -10.25 42.82 88.06
N ILE UE 194 -9.85 43.57 87.02
CA ILE UE 194 -8.43 43.60 86.65
C ILE UE 194 -7.60 44.26 87.75
N LEU UE 195 -8.17 45.29 88.38
CA LEU UE 195 -7.50 45.95 89.50
C LEU UE 195 -7.29 44.97 90.65
N GLU UE 196 -8.30 44.14 90.91
CA GLU UE 196 -8.19 43.15 91.99
C GLU UE 196 -7.10 42.13 91.70
N GLU UE 197 -7.01 41.68 90.45
CA GLU UE 197 -5.96 40.72 90.08
C GLU UE 197 -4.57 41.31 90.23
N ASN UE 198 -4.37 42.55 89.80
CA ASN UE 198 -3.04 43.15 89.90
C ASN UE 198 -2.62 43.38 91.35
N ILE UE 199 -3.54 43.85 92.18
CA ILE UE 199 -3.14 44.10 93.57
C ILE UE 199 -2.91 42.79 94.30
N ALA UE 200 -3.62 41.73 93.90
CA ALA UE 200 -3.31 40.41 94.44
C ALA UE 200 -1.92 39.95 94.05
N ARG UE 201 -1.52 40.25 92.80
CA ARG UE 201 -0.20 39.86 92.32
C ARG UE 201 0.91 40.53 93.11
N ILE UE 202 0.79 41.83 93.32
CA ILE UE 202 1.87 42.54 94.02
C ILE UE 202 1.88 42.20 95.50
N LYS UE 203 0.71 41.94 96.09
CA LYS UE 203 0.67 41.52 97.48
C LYS UE 203 1.31 40.15 97.66
N GLU UE 204 1.12 39.27 96.69
CA GLU UE 204 1.76 37.96 96.71
C GLU UE 204 3.28 38.09 96.67
N ASP UE 205 3.79 38.95 95.78
CA ASP UE 205 5.24 39.08 95.67
C ASP UE 205 5.87 39.66 96.94
N PHE UE 206 5.23 40.69 97.52
CA PHE UE 206 5.76 41.26 98.76
C PHE UE 206 5.68 40.27 99.90
N GLY UE 207 4.62 39.46 99.94
CA GLY UE 207 4.51 38.43 100.94
C GLY UE 207 5.61 37.39 100.80
N GLY UE 208 5.98 37.07 99.57
CA GLY UE 208 7.09 36.14 99.35
C GLY UE 208 8.41 36.70 99.85
N MET UE 209 8.64 38.00 99.63
CA MET UE 209 9.86 38.63 100.10
C MET UE 209 9.97 38.59 101.62
N ILE UE 210 8.89 39.00 102.31
CA ILE UE 210 8.96 39.05 103.76
C ILE UE 210 8.99 37.65 104.34
N LEU UE 211 8.40 36.69 103.64
CA LEU UE 211 8.46 35.30 104.07
C LEU UE 211 9.87 34.76 104.01
N TYR UE 212 10.61 35.14 102.96
CA TYR UE 212 12.00 34.74 102.88
C TYR UE 212 12.81 35.33 104.03
N ARG UE 213 12.56 36.59 104.35
CA ARG UE 213 13.29 37.20 105.46
C ARG UE 213 13.03 36.48 106.78
N LYS UE 214 11.77 36.12 107.02
CA LYS UE 214 11.43 35.44 108.26
C LYS UE 214 12.03 34.03 108.32
N LEU UE 215 12.03 33.32 107.20
CA LEU UE 215 12.58 31.97 107.23
C LEU UE 215 14.10 31.97 107.37
N LEU UE 216 14.77 32.95 106.74
CA LEU UE 216 16.21 33.06 106.90
C LEU UE 216 16.58 33.44 108.33
N ALA UE 217 15.72 34.21 108.99
CA ALA UE 217 15.89 34.37 110.43
C ALA UE 217 15.71 33.04 111.16
N MET UE 218 14.74 32.24 110.73
CA MET UE 218 14.42 30.99 111.42
C MET UE 218 15.43 29.88 111.15
N ASN UE 219 16.39 30.11 110.25
CA ASN UE 219 17.35 29.12 109.76
C ASN UE 219 16.61 27.94 109.12
N MET UE 220 15.95 28.27 108.02
CA MET UE 220 15.33 27.29 107.16
C MET UE 220 15.94 27.25 105.77
N VAL UE 221 16.72 28.26 105.41
CA VAL UE 221 17.27 28.39 104.08
C VAL UE 221 18.73 28.78 104.17
N SER UE 222 19.53 28.25 103.27
CA SER UE 222 20.90 28.70 103.16
C SER UE 222 20.93 30.11 102.59
N PRO UE 223 21.83 30.97 103.07
CA PRO UE 223 21.93 32.33 102.52
C PRO UE 223 22.51 32.32 101.12
N PRO UE 224 22.20 33.34 100.31
CA PRO UE 224 22.91 33.49 99.05
C PRO UE 224 24.38 33.75 99.28
N TYR UE 225 25.22 33.19 98.41
CA TYR UE 225 26.65 33.36 98.58
C TYR UE 225 27.32 33.73 97.27
N VAL UE 226 28.25 34.68 97.37
CA VAL UE 226 28.84 35.39 96.25
C VAL UE 226 30.36 35.32 96.40
N SER UE 227 31.06 35.49 95.28
CA SER UE 227 32.50 35.69 95.30
C SER UE 227 32.86 36.87 94.42
N HIS UE 228 33.96 37.52 94.80
CA HIS UE 228 34.55 38.57 93.98
C HIS UE 228 36.00 38.21 93.69
N THR UE 229 36.38 38.32 92.43
CA THR UE 229 37.76 38.17 92.01
C THR UE 229 38.26 39.52 91.55
N ASP UE 230 39.46 39.89 91.99
CA ASP UE 230 40.03 41.18 91.70
C ASP UE 230 41.22 41.02 90.76
N LEU UE 231 41.22 41.80 89.70
CA LEU UE 231 42.33 41.90 88.78
C LEU UE 231 42.72 43.35 88.67
N GLY UE 232 44.02 43.60 88.56
CA GLY UE 232 44.50 44.96 88.55
C GLY UE 232 44.36 45.62 87.20
N VAL UE 233 45.39 46.34 86.79
CA VAL UE 233 45.38 46.94 85.47
C VAL UE 233 45.54 45.85 84.43
N THR UE 234 44.74 45.91 83.37
CA THR UE 234 44.79 44.91 82.33
C THR UE 234 44.35 45.52 81.00
N GLY UE 235 44.99 45.07 79.93
CA GLY UE 235 44.65 45.56 78.60
C GLY UE 235 45.85 45.84 77.74
N ASP UE 236 45.62 46.28 76.51
CA ASP UE 236 46.69 46.61 75.58
C ASP UE 236 47.09 48.07 75.77
N GLY UE 237 47.97 48.56 74.90
CA GLY UE 237 48.36 49.95 74.94
C GLY UE 237 47.35 50.94 74.42
N SER UE 238 46.20 50.47 73.93
CA SER UE 238 45.13 51.36 73.49
C SER UE 238 44.02 51.47 74.50
N GLU UE 239 43.52 50.35 75.01
CA GLU UE 239 42.41 50.34 75.94
C GLU UE 239 42.90 49.90 77.31
N ILE UE 240 42.42 50.58 78.35
CA ILE UE 240 42.81 50.19 79.70
C ILE UE 240 41.66 50.50 80.65
N HIS UE 241 41.35 49.55 81.52
CA HIS UE 241 40.50 49.77 82.68
C HIS UE 241 41.35 49.53 83.92
N ILE UE 242 41.21 50.41 84.91
CA ILE UE 242 42.18 50.46 86.01
C ILE UE 242 41.97 49.29 86.96
N ASP UE 243 40.83 49.24 87.63
CA ASP UE 243 40.50 48.16 88.53
C ASP UE 243 39.48 47.26 87.86
N ASP UE 244 39.57 45.96 88.12
CA ASP UE 244 38.69 44.97 87.49
C ASP UE 244 38.12 44.10 88.59
N ARG UE 245 36.84 44.31 88.92
CA ARG UE 245 36.20 43.48 89.93
C ARG UE 245 35.12 42.64 89.28
N VAL UE 246 35.21 41.33 89.49
CA VAL UE 246 34.31 40.36 88.88
C VAL UE 246 33.47 39.76 89.99
N LEU UE 247 32.16 39.96 89.92
CA LEU UE 247 31.25 39.54 90.96
C LEU UE 247 30.32 38.47 90.41
N ARG UE 248 30.32 37.31 91.05
CA ARG UE 248 29.48 36.19 90.64
C ARG UE 248 28.93 35.49 91.86
N ILE UE 249 27.61 35.33 91.90
CA ILE UE 249 27.00 34.51 92.95
C ILE UE 249 27.20 33.06 92.60
N THR UE 250 27.70 32.28 93.55
CA THR UE 250 27.99 30.88 93.35
C THR UE 250 27.04 29.95 94.07
N ALA UE 251 26.43 30.39 95.17
CA ALA UE 251 25.52 29.52 95.91
C ALA UE 251 24.15 30.17 96.00
N LEU UE 252 23.17 29.55 95.37
CA LEU UE 252 21.81 30.05 95.40
C LEU UE 252 21.21 29.85 96.79
N PRO UE 253 20.22 30.66 97.17
CA PRO UE 253 19.46 30.36 98.37
C PRO UE 253 18.53 29.18 98.12
N GLU UE 254 18.56 28.22 99.03
CA GLU UE 254 17.63 27.10 98.97
C GLU UE 254 17.42 26.57 100.38
N LEU UE 255 16.36 25.77 100.52
CA LEU UE 255 15.96 25.23 101.81
C LEU UE 255 16.98 24.21 102.32
N ASN UE 256 16.94 23.97 103.62
CA ASN UE 256 17.65 22.83 104.19
C ASN UE 256 16.71 21.65 104.27
N VAL UE 257 17.29 20.46 104.24
CA VAL UE 257 16.51 19.24 104.30
C VAL UE 257 16.68 18.50 105.61
N ASN UE 258 17.68 18.84 106.41
CA ASN UE 258 17.79 18.34 107.77
C ASN UE 258 17.23 19.39 108.69
N SER UE 259 16.42 18.96 109.65
CA SER UE 259 15.73 19.89 110.52
C SER UE 259 16.44 20.11 111.83
N ALA UE 260 17.52 19.38 112.09
CA ALA UE 260 18.13 19.38 113.42
C ALA UE 260 18.83 20.68 113.75
N GLU UE 261 19.14 21.49 112.75
CA GLU UE 261 19.83 22.76 112.97
C GLU UE 261 18.87 23.93 113.00
N TRP UE 262 17.58 23.68 113.07
CA TRP UE 262 16.60 24.74 113.11
C TRP UE 262 16.63 25.46 114.45
N ARG UE 263 16.01 26.63 114.49
CA ARG UE 263 15.92 27.43 115.70
C ARG UE 263 14.49 27.88 115.91
N ALA UE 264 14.07 27.93 117.17
CA ALA UE 264 12.71 28.28 117.52
C ALA UE 264 12.60 29.75 117.91
N ALA UE 265 11.41 30.15 118.35
CA ALA UE 265 11.18 31.54 118.73
C ALA UE 265 10.04 31.60 119.72
N VAL UE 266 10.15 32.50 120.69
CA VAL UE 266 9.13 32.68 121.72
C VAL UE 266 8.73 34.14 121.76
N ALA UE 267 7.90 34.52 122.73
CA ALA UE 267 7.52 35.92 122.87
C ALA UE 267 7.21 36.17 124.34
N LYS UE 268 7.24 37.45 124.71
CA LYS UE 268 6.90 37.84 126.08
C LYS UE 268 6.00 39.07 126.09
N ALA VE 104 33.98 -115.70 -10.92
CA ALA VE 104 34.03 -114.25 -10.85
C ALA VE 104 32.63 -113.65 -10.91
N GLU VE 105 31.68 -114.45 -11.41
CA GLU VE 105 30.31 -113.98 -11.54
C GLU VE 105 29.63 -113.93 -10.18
N VAL VE 106 29.94 -114.86 -9.28
CA VAL VE 106 29.34 -114.90 -7.95
C VAL VE 106 29.84 -113.76 -7.08
N ILE VE 107 30.98 -113.17 -7.44
CA ILE VE 107 31.52 -112.02 -6.74
C ILE VE 107 30.56 -110.85 -6.83
N ASP VE 108 29.96 -110.65 -8.00
CA ASP VE 108 28.98 -109.59 -8.20
C ASP VE 108 27.74 -109.80 -7.33
N LYS VE 109 27.27 -111.04 -7.24
CA LYS VE 109 26.07 -111.33 -6.46
C LYS VE 109 26.31 -111.15 -4.97
N LYS VE 110 27.45 -111.65 -4.48
CA LYS VE 110 27.79 -111.47 -3.07
C LYS VE 110 27.99 -110.00 -2.73
N ALA VE 111 28.62 -109.26 -3.63
CA ALA VE 111 28.84 -107.82 -3.41
C ALA VE 111 27.53 -107.06 -3.36
N PHE VE 112 26.58 -107.44 -4.23
CA PHE VE 112 25.28 -106.80 -4.19
C PHE VE 112 24.54 -107.12 -2.89
N LYS VE 113 24.67 -108.36 -2.41
CA LYS VE 113 24.00 -108.76 -1.17
C LYS VE 113 24.56 -108.03 0.04
N ASP VE 114 25.89 -107.98 0.18
CA ASP VE 114 26.42 -107.26 1.32
C ASP VE 114 26.34 -105.75 1.15
N MET VE 115 26.20 -105.25 -0.08
CA MET VE 115 25.90 -103.84 -0.26
C MET VE 115 24.49 -103.53 0.20
N THR VE 116 23.56 -104.46 -0.01
CA THR VE 116 22.23 -104.32 0.57
C THR VE 116 22.29 -104.29 2.09
N ARG VE 117 23.10 -105.19 2.67
CA ARG VE 117 23.26 -105.23 4.13
C ARG VE 117 23.88 -103.95 4.68
N ASN VE 118 24.85 -103.39 3.96
CA ASN VE 118 25.50 -102.18 4.43
C ASN VE 118 24.63 -100.94 4.22
N LEU VE 119 23.82 -100.91 3.16
CA LEU VE 119 22.89 -99.81 2.98
C LEU VE 119 21.84 -99.82 4.07
N TYR VE 120 21.18 -100.96 4.26
CA TYR VE 120 20.19 -101.07 5.33
C TYR VE 120 20.66 -102.15 6.29
N PRO VE 121 21.28 -101.78 7.42
CA PRO VE 121 21.65 -102.79 8.41
C PRO VE 121 20.49 -103.33 9.20
N LEU VE 122 19.30 -102.76 9.05
CA LEU VE 122 18.10 -103.22 9.74
C LEU VE 122 17.11 -103.78 8.73
N ASN VE 123 16.60 -104.97 9.01
CA ASN VE 123 15.55 -105.56 8.20
C ASN VE 123 14.22 -104.88 8.53
N PRO VE 124 13.22 -105.00 7.63
CA PRO VE 124 11.87 -104.50 7.96
C PRO VE 124 11.27 -105.10 9.21
N GLU VE 125 11.54 -106.38 9.48
CA GLU VE 125 11.07 -106.99 10.72
C GLU VE 125 11.74 -106.37 11.94
N GLN VE 126 13.03 -106.06 11.84
CA GLN VE 126 13.73 -105.36 12.91
C GLN VE 126 13.15 -103.97 13.12
N VAL VE 127 12.80 -103.32 12.00
CA VAL VE 127 12.18 -101.99 12.05
C VAL VE 127 10.85 -102.05 12.79
N VAL VE 128 10.04 -103.05 12.48
CA VAL VE 128 8.73 -103.20 13.10
C VAL VE 128 8.87 -103.48 14.60
N LYS VE 129 9.76 -104.42 14.94
CA LYS VE 129 9.95 -104.77 16.35
C LYS VE 129 10.53 -103.61 17.14
N LEU VE 130 11.48 -102.88 16.57
CA LEU VE 130 12.08 -101.75 17.26
C LEU VE 130 11.08 -100.62 17.42
N LYS VE 131 10.19 -100.43 16.44
CA LYS VE 131 9.14 -99.42 16.57
C LYS VE 131 8.19 -99.77 17.69
N GLN VE 132 7.82 -101.05 17.80
CA GLN VE 132 6.96 -101.48 18.90
C GLN VE 132 7.65 -101.32 20.25
N ILE VE 133 8.95 -101.61 20.30
CA ILE VE 133 9.73 -101.43 21.52
C ILE VE 133 9.78 -99.97 21.92
N TYR VE 134 9.98 -99.08 20.94
CA TYR VE 134 10.01 -97.65 21.19
C TYR VE 134 8.67 -97.14 21.70
N GLU VE 135 7.58 -97.62 21.12
CA GLU VE 135 6.25 -97.22 21.57
C GLU VE 135 5.98 -97.71 22.99
N THR VE 136 6.45 -98.91 23.32
CA THR VE 136 6.36 -99.42 24.68
C THR VE 136 7.14 -98.55 25.65
N SER VE 137 8.33 -98.11 25.23
CA SER VE 137 9.17 -97.27 26.08
C SER VE 137 8.52 -95.92 26.35
N GLU VE 138 7.98 -95.28 25.31
CA GLU VE 138 7.38 -93.97 25.54
C GLU VE 138 6.06 -94.06 26.28
N TYR VE 139 5.32 -95.17 26.12
CA TYR VE 139 4.13 -95.35 26.94
C TYR VE 139 4.50 -95.57 28.41
N ALA VE 140 5.60 -96.29 28.65
CA ALA VE 140 6.09 -96.43 30.01
C ALA VE 140 6.54 -95.09 30.58
N LYS VE 141 7.11 -94.25 29.74
CA LYS VE 141 7.44 -92.89 30.13
C LYS VE 141 6.20 -92.10 30.52
N ALA VE 142 5.16 -92.17 29.69
CA ALA VE 142 3.97 -91.38 29.91
C ALA VE 142 3.04 -91.96 30.96
N ALA VE 143 3.31 -93.17 31.43
CA ALA VE 143 2.47 -93.78 32.45
C ALA VE 143 2.67 -93.09 33.79
N THR VE 144 1.57 -92.80 34.48
CA THR VE 144 1.63 -92.12 35.76
C THR VE 144 1.66 -93.12 36.90
N PRO VE 145 2.39 -92.86 37.97
CA PRO VE 145 2.43 -93.81 39.08
C PRO VE 145 1.29 -93.59 40.07
N GLY VE 146 1.05 -94.62 40.89
CA GLY VE 146 -0.04 -94.56 41.84
C GLY VE 146 -1.38 -94.72 41.15
N THR VE 147 -2.30 -93.80 41.45
CA THR VE 147 -3.58 -93.71 40.75
C THR VE 147 -3.95 -92.25 40.54
N PRO VE 148 -4.57 -91.92 39.41
CA PRO VE 148 -5.02 -90.55 39.21
C PRO VE 148 -6.22 -90.24 40.09
N PRO VE 149 -6.43 -88.98 40.43
CA PRO VE 149 -7.60 -88.61 41.23
C PRO VE 149 -8.87 -88.59 40.40
N LYS VE 150 -9.99 -88.44 41.10
CA LYS VE 150 -11.29 -88.36 40.47
C LYS VE 150 -11.63 -86.91 40.15
N PRO VE 151 -11.92 -86.56 38.91
CA PRO VE 151 -12.34 -85.20 38.60
C PRO VE 151 -13.76 -84.96 39.05
N THR VE 152 -14.00 -83.79 39.65
CA THR VE 152 -15.31 -83.50 40.20
C THR VE 152 -15.53 -82.00 40.26
N ALA VE 153 -16.79 -81.62 40.35
CA ALA VE 153 -17.20 -80.24 40.56
C ALA VE 153 -17.92 -80.12 41.90
N THR VE 154 -17.91 -78.93 42.47
CA THR VE 154 -18.52 -78.72 43.77
C THR VE 154 -19.00 -77.28 43.91
N SER VE 155 -19.96 -77.09 44.81
CA SER VE 155 -20.45 -75.77 45.20
C SER VE 155 -20.40 -75.66 46.72
N GLN VE 156 -20.05 -74.46 47.20
CA GLN VE 156 -19.82 -74.27 48.62
C GLN VE 156 -20.28 -72.88 49.02
N PHE VE 157 -20.81 -72.76 50.23
CA PHE VE 157 -21.26 -71.49 50.77
C PHE VE 157 -20.11 -70.82 51.53
N VAL VE 158 -19.75 -69.62 51.09
CA VAL VE 158 -18.67 -68.87 51.73
C VAL VE 158 -19.23 -68.16 52.95
N ASN VE 159 -18.74 -68.54 54.12
CA ASN VE 159 -19.15 -67.91 55.37
C ASN VE 159 -18.09 -66.93 55.83
N LEU VE 160 -18.53 -65.74 56.26
CA LEU VE 160 -17.65 -64.73 56.82
C LEU VE 160 -17.80 -64.60 58.32
N SER VE 161 -18.26 -65.65 58.99
CA SER VE 161 -18.41 -65.60 60.43
C SER VE 161 -17.03 -65.61 61.10
N PRO VE 162 -16.86 -64.88 62.21
CA PRO VE 162 -15.53 -64.78 62.84
C PRO VE 162 -15.18 -65.95 63.74
N GLY VE 163 -15.89 -67.07 63.60
CA GLY VE 163 -15.52 -68.31 64.24
C GLY VE 163 -15.59 -69.43 63.23
N SER VE 164 -15.93 -69.09 62.00
CA SER VE 164 -16.19 -70.07 60.96
C SER VE 164 -14.90 -70.72 60.47
N THR VE 165 -15.07 -71.92 59.92
CA THR VE 165 -13.96 -72.63 59.30
C THR VE 165 -13.68 -72.03 57.91
N PRO VE 166 -12.43 -71.74 57.58
CA PRO VE 166 -12.14 -71.15 56.27
C PRO VE 166 -12.23 -72.20 55.18
N PRO VE 167 -12.53 -71.79 53.95
CA PRO VE 167 -12.69 -72.77 52.86
C PRO VE 167 -11.37 -73.31 52.34
N VAL VE 168 -11.44 -74.57 51.89
CA VAL VE 168 -10.29 -75.35 51.45
C VAL VE 168 -10.54 -75.78 50.01
N ILE VE 169 -9.53 -75.64 49.16
CA ILE VE 169 -9.64 -76.00 47.75
C ILE VE 169 -8.67 -77.14 47.44
N ARG VE 170 -9.22 -78.25 46.96
CA ARG VE 170 -8.39 -79.38 46.52
C ARG VE 170 -7.90 -79.13 45.10
N LEU VE 171 -6.59 -79.31 44.88
CA LEU VE 171 -5.96 -78.94 43.62
C LEU VE 171 -5.06 -80.07 43.13
N SER VE 172 -4.36 -79.77 42.03
CA SER VE 172 -3.36 -80.65 41.45
C SER VE 172 -2.36 -79.83 40.67
N GLN VE 173 -1.16 -80.35 40.53
CA GLN VE 173 -0.09 -79.63 39.84
C GLN VE 173 -0.31 -79.65 38.34
N GLY VE 174 -0.24 -78.46 37.74
CA GLY VE 174 -0.40 -78.35 36.30
C GLY VE 174 -1.78 -78.65 35.80
N PHE VE 175 -2.81 -78.19 36.50
CA PHE VE 175 -4.17 -78.36 36.03
C PHE VE 175 -4.98 -77.10 36.30
N VAL VE 176 -5.88 -76.82 35.38
CA VAL VE 176 -6.71 -75.62 35.43
C VAL VE 176 -7.79 -75.81 36.47
N SER VE 177 -7.80 -74.95 37.48
CA SER VE 177 -8.83 -74.94 38.51
C SER VE 177 -9.69 -73.71 38.30
N SER VE 178 -11.00 -73.92 38.16
CA SER VE 178 -11.92 -72.86 37.81
C SER VE 178 -12.78 -72.52 39.01
N LEU VE 179 -12.87 -71.22 39.32
CA LEU VE 179 -13.68 -70.73 40.42
C LEU VE 179 -14.67 -69.71 39.88
N VAL VE 180 -15.94 -69.84 40.29
CA VAL VE 180 -16.99 -68.91 39.89
C VAL VE 180 -17.65 -68.36 41.15
N PHE VE 181 -17.70 -67.05 41.25
CA PHE VE 181 -18.11 -66.35 42.48
C PHE VE 181 -19.47 -65.69 42.27
N LEU VE 182 -20.36 -65.84 43.26
CA LEU VE 182 -21.62 -65.13 43.21
C LEU VE 182 -22.13 -64.89 44.62
N ASP VE 183 -23.09 -63.99 44.73
CA ASP VE 183 -23.61 -63.57 46.02
C ASP VE 183 -24.66 -64.57 46.51
N SER VE 184 -25.41 -64.16 47.54
CA SER VE 184 -26.52 -64.97 48.02
C SER VE 184 -27.62 -65.06 46.98
N THR VE 185 -27.78 -64.01 46.16
CA THR VE 185 -28.77 -64.04 45.08
C THR VE 185 -28.25 -64.68 43.81
N GLY VE 186 -26.96 -65.02 43.75
CA GLY VE 186 -26.40 -65.66 42.57
C GLY VE 186 -25.89 -64.72 41.49
N ALA VE 187 -25.90 -63.42 41.74
CA ALA VE 187 -25.35 -62.48 40.77
C ALA VE 187 -23.83 -62.60 40.73
N PRO VE 188 -23.22 -62.70 39.55
CA PRO VE 188 -21.76 -62.85 39.48
C PRO VE 188 -21.03 -61.59 39.92
N TRP VE 189 -20.44 -61.67 41.10
CA TRP VE 189 -19.82 -60.52 41.73
C TRP VE 189 -18.47 -60.23 41.06
N PRO VE 190 -18.27 -59.05 40.49
CA PRO VE 190 -16.97 -58.73 39.89
C PRO VE 190 -15.88 -58.61 40.94
N ILE VE 191 -14.67 -58.96 40.53
CA ILE VE 191 -13.53 -59.01 41.44
C ILE VE 191 -12.71 -57.74 41.28
N ALA VE 192 -12.36 -57.11 42.40
CA ALA VE 192 -11.63 -55.86 42.37
C ALA VE 192 -10.13 -56.06 42.49
N ALA VE 193 -9.70 -56.79 43.52
CA ALA VE 193 -8.27 -56.96 43.75
C ALA VE 193 -8.02 -58.34 44.36
N TYR VE 194 -6.79 -58.80 44.23
CA TYR VE 194 -6.45 -60.05 44.89
C TYR VE 194 -5.01 -60.02 45.37
N ASP VE 195 -4.77 -60.83 46.39
CA ASP VE 195 -3.44 -61.06 46.92
C ASP VE 195 -3.25 -62.56 47.05
N LEU VE 196 -2.03 -63.00 46.84
CA LEU VE 196 -1.73 -64.43 46.86
C LEU VE 196 -0.38 -64.66 47.50
N GLY VE 197 -0.30 -65.70 48.33
CA GLY VE 197 0.98 -66.15 48.83
C GLY VE 197 1.59 -67.18 47.90
N ASP VE 198 2.93 -67.18 47.86
CA ASP VE 198 3.78 -68.10 47.09
C ASP VE 198 3.41 -68.13 45.60
N PRO VE 199 3.81 -67.11 44.83
CA PRO VE 199 3.50 -67.10 43.39
C PRO VE 199 4.16 -68.19 42.60
N SER VE 200 5.23 -68.81 43.09
CA SER VE 200 5.84 -69.91 42.34
C SER VE 200 4.99 -71.16 42.38
N SER VE 201 4.14 -71.32 43.39
CA SER VE 201 3.30 -72.51 43.45
C SER VE 201 2.13 -72.42 42.48
N PHE VE 202 1.59 -71.22 42.26
CA PHE VE 202 0.33 -71.06 41.56
C PHE VE 202 0.43 -69.99 40.50
N ASN VE 203 -0.08 -70.29 39.32
CA ASN VE 203 -0.21 -69.35 38.23
C ASN VE 203 -1.67 -69.03 38.00
N ILE VE 204 -1.98 -67.76 37.79
CA ILE VE 204 -3.37 -67.32 37.70
C ILE VE 204 -3.47 -66.18 36.69
N GLN VE 205 -4.37 -66.32 35.72
CA GLN VE 205 -4.77 -65.23 34.86
C GLN VE 205 -6.05 -64.61 35.39
N TRP VE 206 -6.27 -63.35 35.05
CA TRP VE 206 -7.45 -62.64 35.55
C TRP VE 206 -7.78 -61.49 34.62
N ASP VE 207 -8.88 -61.61 33.89
CA ASP VE 207 -9.42 -60.44 33.23
C ASP VE 207 -9.96 -59.49 34.28
N LYS VE 208 -10.05 -58.23 33.91
CA LYS VE 208 -10.45 -57.22 34.87
C LYS VE 208 -11.92 -57.23 35.20
N THR VE 209 -12.78 -58.18 34.78
CA THR VE 209 -14.21 -58.00 34.98
C THR VE 209 -14.95 -59.21 35.53
N SER VE 210 -14.47 -60.43 35.35
CA SER VE 210 -15.32 -61.58 35.68
C SER VE 210 -15.06 -62.06 37.10
N ASN VE 211 -16.04 -62.79 37.63
CA ASN VE 211 -15.87 -63.54 38.87
C ASN VE 211 -15.05 -64.80 38.66
N THR VE 212 -14.93 -65.26 37.42
CA THR VE 212 -14.24 -66.51 37.14
C THR VE 212 -12.74 -66.35 37.32
N LEU VE 213 -12.12 -67.42 37.81
CA LEU VE 213 -10.69 -67.44 38.04
C LEU VE 213 -10.12 -68.78 37.62
N MET VE 214 -9.02 -68.73 36.88
CA MET VE 214 -8.28 -69.90 36.44
C MET VE 214 -6.97 -69.99 37.20
N ILE VE 215 -6.73 -71.14 37.83
CA ILE VE 215 -5.57 -71.35 38.69
C ILE VE 215 -4.76 -72.49 38.10
N GLN VE 216 -3.46 -72.27 37.92
CA GLN VE 216 -2.55 -73.32 37.50
C GLN VE 216 -1.56 -73.55 38.64
N ALA VE 217 -1.82 -74.57 39.44
CA ALA VE 217 -0.88 -74.95 40.48
C ALA VE 217 0.34 -75.60 39.86
N THR VE 218 1.52 -75.25 40.35
CA THR VE 218 2.77 -75.67 39.73
C THR VE 218 3.56 -76.66 40.57
N LYS VE 219 3.19 -76.88 41.83
CA LYS VE 219 3.91 -77.79 42.70
C LYS VE 219 2.99 -78.90 43.18
N LEU VE 220 3.58 -80.06 43.46
CA LEU VE 220 2.77 -81.24 43.76
C LEU VE 220 2.15 -81.18 45.16
N TYR VE 221 2.91 -80.69 46.15
CA TYR VE 221 2.45 -80.75 47.53
C TYR VE 221 2.53 -79.44 48.28
N ASN VE 222 3.21 -78.43 47.76
CA ASN VE 222 3.28 -77.15 48.44
C ASN VE 222 1.98 -76.40 48.27
N TYR VE 223 1.46 -75.87 49.37
CA TYR VE 223 0.12 -75.31 49.44
C TYR VE 223 0.19 -73.84 49.84
N GLY VE 224 -0.90 -73.12 49.58
CA GLY VE 224 -0.88 -71.69 49.79
C GLY VE 224 -2.20 -71.12 50.24
N ASN VE 225 -2.23 -69.80 50.36
CA ASN VE 225 -3.40 -69.06 50.79
C ASN VE 225 -3.65 -67.87 49.86
N LEU VE 226 -4.91 -67.48 49.78
CA LEU VE 226 -5.40 -66.52 48.80
C LEU VE 226 -6.41 -65.58 49.44
N ALA VE 227 -6.33 -64.29 49.08
CA ALA VE 227 -7.28 -63.30 49.55
C ALA VE 227 -7.87 -62.55 48.37
N VAL VE 228 -9.19 -62.35 48.40
CA VAL VE 228 -9.92 -61.70 47.33
C VAL VE 228 -10.72 -60.54 47.90
N ARG VE 229 -10.57 -59.36 47.30
CA ARG VE 229 -11.40 -58.21 47.60
C ARG VE 229 -12.33 -57.95 46.42
N LEU VE 230 -13.63 -57.94 46.71
CA LEU VE 230 -14.66 -57.72 45.70
C LEU VE 230 -14.89 -56.23 45.49
N ARG VE 231 -15.89 -55.92 44.66
CA ARG VE 231 -16.17 -54.52 44.33
C ARG VE 231 -16.85 -53.80 45.49
N GLY VE 232 -18.03 -54.27 45.87
CA GLY VE 232 -18.81 -53.59 46.88
C GLY VE 232 -18.47 -54.02 48.30
N LEU VE 233 -17.88 -55.19 48.46
CA LEU VE 233 -17.61 -55.72 49.79
C LEU VE 233 -16.41 -55.02 50.41
N ASN VE 234 -16.55 -54.66 51.68
CA ASN VE 234 -15.45 -54.03 52.41
C ASN VE 234 -14.42 -55.07 52.85
N THR VE 235 -14.83 -56.02 53.66
CA THR VE 235 -13.91 -56.99 54.21
C THR VE 235 -13.53 -58.04 53.16
N PRO VE 236 -12.27 -58.45 53.09
CA PRO VE 236 -11.86 -59.44 52.09
C PRO VE 236 -12.27 -60.84 52.50
N VAL VE 237 -12.12 -61.76 51.55
CA VAL VE 237 -12.36 -63.17 51.83
C VAL VE 237 -11.04 -63.91 51.65
N MET VE 238 -10.91 -65.04 52.33
CA MET VE 238 -9.66 -65.77 52.38
C MET VE 238 -9.91 -67.26 52.23
N LEU VE 239 -9.13 -67.89 51.36
CA LEU VE 239 -9.24 -69.31 51.05
C LEU VE 239 -7.88 -69.95 51.17
N THR VE 240 -7.85 -71.25 51.46
CA THR VE 240 -6.60 -72.00 51.35
C THR VE 240 -6.70 -72.98 50.19
N LEU VE 241 -5.54 -73.31 49.62
CA LEU VE 241 -5.50 -74.09 48.39
C LEU VE 241 -4.37 -75.10 48.51
N ILE VE 242 -4.74 -76.39 48.41
CA ILE VE 242 -3.84 -77.49 48.70
C ILE VE 242 -3.85 -78.43 47.50
N PRO VE 243 -2.72 -78.69 46.86
CA PRO VE 243 -2.69 -79.67 45.77
C PRO VE 243 -2.56 -81.08 46.31
N GLY VE 244 -2.75 -82.04 45.41
CA GLY VE 244 -2.51 -83.43 45.73
C GLY VE 244 -3.56 -84.08 46.60
N GLN VE 245 -4.79 -84.19 46.09
CA GLN VE 245 -5.88 -84.86 46.78
C GLN VE 245 -6.52 -85.86 45.84
N LYS VE 246 -7.24 -86.82 46.42
CA LYS VE 246 -7.86 -87.89 45.64
C LYS VE 246 -9.04 -87.42 44.81
N ALA VE 247 -9.57 -86.23 45.07
CA ALA VE 247 -10.62 -85.65 44.25
C ALA VE 247 -10.17 -84.25 43.82
N VAL VE 248 -10.13 -84.02 42.51
CA VAL VE 248 -9.65 -82.76 41.97
C VAL VE 248 -10.85 -81.93 41.55
N ASP VE 249 -10.92 -80.72 42.09
CA ASP VE 249 -12.06 -79.82 41.90
C ASP VE 249 -11.83 -79.03 40.64
N TYR VE 250 -12.36 -79.52 39.53
CA TYR VE 250 -12.29 -78.78 38.27
C TYR VE 250 -13.11 -77.50 38.34
N ARG VE 251 -14.23 -77.52 39.06
CA ARG VE 251 -15.15 -76.40 39.14
C ARG VE 251 -15.55 -76.17 40.60
N VAL VE 252 -15.40 -74.94 41.07
CA VAL VE 252 -15.83 -74.57 42.42
C VAL VE 252 -16.76 -73.36 42.32
N ASP VE 253 -17.99 -73.52 42.79
CA ASP VE 253 -18.96 -72.45 42.87
C ASP VE 253 -18.96 -71.87 44.27
N LEU VE 254 -18.92 -70.55 44.37
CA LEU VE 254 -18.75 -69.86 45.65
C LEU VE 254 -19.99 -69.01 45.90
N ARG VE 255 -20.85 -69.47 46.81
CA ARG VE 255 -21.99 -68.68 47.27
C ARG VE 255 -21.54 -67.87 48.48
N VAL VE 256 -21.42 -66.57 48.31
CA VAL VE 256 -20.98 -65.75 49.43
C VAL VE 256 -22.17 -65.39 50.31
N GLN VE 257 -21.87 -65.01 51.55
CA GLN VE 257 -22.91 -64.63 52.50
C GLN VE 257 -23.59 -63.33 52.09
N GLY VE 258 -22.83 -62.36 51.60
CA GLY VE 258 -23.34 -61.04 51.33
C GLY VE 258 -24.12 -60.92 50.03
N TYR VE 259 -24.26 -59.67 49.57
CA TYR VE 259 -24.95 -59.36 48.33
C TYR VE 259 -24.06 -58.48 47.46
N GLY VE 260 -23.96 -58.83 46.18
CA GLY VE 260 -23.15 -58.09 45.24
C GLY VE 260 -23.90 -56.92 44.64
N PRO VE 261 -23.32 -56.32 43.60
CA PRO VE 261 -23.95 -55.14 43.00
C PRO VE 261 -25.19 -55.45 42.18
N ASN VE 262 -25.32 -56.67 41.66
CA ASN VE 262 -26.46 -57.03 40.81
C ASN VE 262 -27.46 -57.92 41.52
N ALA VE 263 -27.57 -57.79 42.84
CA ALA VE 263 -28.52 -58.59 43.62
C ALA VE 263 -29.92 -58.05 43.40
N LYS VE 264 -30.53 -58.48 42.29
CA LYS VE 264 -31.89 -58.02 41.96
C LYS VE 264 -32.93 -58.68 42.84
N SER VE 265 -32.77 -59.98 43.09
CA SER VE 265 -33.79 -60.77 43.80
C SER VE 265 -33.59 -60.64 45.31
N MET VE 266 -33.79 -59.44 45.80
CA MET VE 266 -33.80 -59.26 47.24
C MET VE 266 -35.15 -59.70 47.79
N PRO VE 267 -35.18 -60.61 48.77
CA PRO VE 267 -36.44 -61.22 49.20
C PRO VE 267 -37.31 -60.25 49.98
N THR VE 268 -38.61 -60.56 49.99
CA THR VE 268 -39.61 -59.70 50.62
C THR VE 268 -39.57 -59.85 52.14
N GLU VE 269 -39.43 -58.73 52.83
CA GLU VE 269 -39.37 -58.68 54.29
C GLU VE 269 -40.67 -58.11 54.83
N GLU VE 270 -41.25 -58.80 55.81
CA GLU VE 270 -42.51 -58.37 56.41
C GLU VE 270 -42.57 -58.85 57.85
N GLY VE 271 -43.48 -58.28 58.62
CA GLY VE 271 -43.62 -58.61 60.03
C GLY VE 271 -45.00 -58.30 60.57
N ILE VE 272 -45.03 -57.70 61.76
CA ILE VE 272 -46.24 -57.45 62.51
C ILE VE 272 -47.02 -56.30 61.90
N PRO VE 273 -48.33 -56.42 61.73
CA PRO VE 273 -49.14 -55.28 61.29
C PRO VE 273 -49.19 -54.21 62.36
N PRO VE 274 -49.49 -52.96 62.00
CA PRO VE 274 -49.57 -51.89 63.00
C PRO VE 274 -50.71 -52.12 63.98
N SER VE 275 -50.53 -51.57 65.18
CA SER VE 275 -51.48 -51.84 66.26
C SER VE 275 -52.79 -51.10 66.03
N ALA VE 276 -52.74 -49.78 66.02
CA ALA VE 276 -53.88 -48.90 65.80
C ALA VE 276 -53.31 -47.52 65.55
N ASN VE 277 -54.16 -46.61 65.08
CA ASN VE 277 -53.75 -45.23 64.90
C ASN VE 277 -54.09 -44.46 66.17
N ASP VE 278 -53.11 -43.79 66.74
CA ASP VE 278 -53.24 -43.28 68.09
C ASP VE 278 -53.97 -41.95 68.17
N LEU VE 279 -54.30 -41.33 67.04
CA LEU VE 279 -55.04 -40.08 67.11
C LEU VE 279 -56.49 -40.29 67.49
N LEU VE 280 -56.97 -41.54 67.35
CA LEU VE 280 -58.35 -41.86 67.69
C LEU VE 280 -58.66 -41.63 69.16
N LEU VE 281 -57.65 -41.64 70.03
CA LEU VE 281 -57.88 -41.30 71.43
C LEU VE 281 -58.33 -39.86 71.58
N HIS VE 282 -57.61 -38.94 70.94
CA HIS VE 282 -57.98 -37.53 70.98
C HIS VE 282 -59.32 -37.31 70.29
N VAL VE 283 -59.55 -38.01 69.17
CA VAL VE 283 -60.81 -37.87 68.45
C VAL VE 283 -61.96 -38.37 69.29
N LEU VE 284 -61.74 -39.47 70.01
CA LEU VE 284 -62.75 -40.03 70.89
C LEU VE 284 -63.08 -39.08 72.02
N GLU VE 285 -62.05 -38.45 72.58
CA GLU VE 285 -62.30 -37.61 73.73
C GLU VE 285 -62.97 -36.30 73.35
N GLY VE 286 -62.52 -35.67 72.28
CA GLY VE 286 -63.12 -34.41 71.91
C GLY VE 286 -62.10 -33.38 71.49
N VAL VE 287 -60.82 -33.75 71.55
CA VAL VE 287 -59.73 -32.89 71.10
C VAL VE 287 -59.48 -33.21 69.62
N PRO VE 288 -59.74 -32.29 68.70
CA PRO VE 288 -59.45 -32.56 67.30
C PRO VE 288 -57.94 -32.62 67.07
N PRO VE 289 -57.49 -33.38 66.08
CA PRO VE 289 -56.06 -33.50 65.83
C PRO VE 289 -55.51 -32.21 65.26
N PRO VE 290 -54.20 -31.99 65.34
CA PRO VE 290 -53.63 -30.74 64.82
C PRO VE 290 -53.73 -30.65 63.31
N GLY VE 291 -53.94 -29.42 62.83
CA GLY VE 291 -53.95 -29.15 61.41
C GLY VE 291 -55.19 -29.56 60.68
N SER VE 292 -56.22 -30.04 61.37
CA SER VE 292 -57.39 -30.55 60.70
C SER VE 292 -58.33 -29.42 60.30
N ARG VE 293 -59.47 -29.77 59.74
CA ARG VE 293 -60.48 -28.81 59.35
C ARG VE 293 -61.81 -29.19 59.97
N ARG VE 294 -62.63 -28.19 60.23
CA ARG VE 294 -63.96 -28.45 60.75
C ARG VE 294 -64.84 -28.99 59.64
N LEU VE 295 -65.85 -29.75 60.04
CA LEU VE 295 -66.76 -30.39 59.11
C LEU VE 295 -68.19 -30.13 59.56
N VAL VE 296 -69.11 -30.21 58.62
CA VAL VE 296 -70.52 -29.99 58.90
C VAL VE 296 -71.23 -31.33 58.88
N VAL VE 297 -71.97 -31.61 59.94
CA VAL VE 297 -72.72 -32.85 60.09
C VAL VE 297 -74.18 -32.49 60.29
N SER VE 298 -75.06 -33.14 59.55
CA SER VE 298 -76.49 -32.90 59.66
C SER VE 298 -77.22 -34.19 59.96
N GLY VE 299 -78.17 -34.12 60.89
CA GLY VE 299 -79.09 -35.22 61.14
C GLY VE 299 -78.86 -35.99 62.43
N GLY VE 300 -77.81 -35.70 63.18
CA GLY VE 300 -77.55 -36.49 64.36
C GLY VE 300 -76.65 -35.78 65.32
N ASP VE 301 -76.27 -36.50 66.37
CA ASP VE 301 -75.37 -35.99 67.39
C ASP VE 301 -73.98 -36.57 67.13
N ALA VE 302 -73.25 -35.91 66.25
CA ALA VE 302 -71.92 -36.39 65.89
C ALA VE 302 -71.07 -35.22 65.44
N ARG VE 303 -69.76 -35.39 65.54
CA ARG VE 303 -68.82 -34.42 65.01
C ARG VE 303 -67.83 -35.15 64.11
N ALA VE 304 -67.14 -34.38 63.27
CA ALA VE 304 -66.22 -35.00 62.34
C ALA VE 304 -65.08 -34.05 62.03
N TRP VE 305 -63.97 -34.64 61.55
CA TRP VE 305 -62.81 -33.86 61.16
C TRP VE 305 -62.11 -34.52 59.99
N LEU VE 306 -61.30 -33.71 59.31
CA LEU VE 306 -60.49 -34.16 58.19
C LEU VE 306 -59.10 -33.58 58.34
N SER VE 307 -58.08 -34.43 58.40
CA SER VE 307 -56.69 -34.00 58.49
C SER VE 307 -55.88 -34.42 57.28
N ASN VE 308 -55.85 -35.71 56.98
CA ASN VE 308 -54.92 -36.27 55.99
C ASN VE 308 -55.66 -37.19 55.05
N GLU VE 309 -56.74 -36.65 54.46
CA GLU VE 309 -57.57 -37.31 53.45
C GLU VE 309 -58.21 -38.58 54.01
N LYS VE 310 -58.41 -38.60 55.32
CA LYS VE 310 -59.08 -39.68 56.01
C LYS VE 310 -60.07 -39.05 56.96
N MET VE 311 -61.32 -39.45 56.87
CA MET VE 311 -62.34 -38.86 57.70
C MET VE 311 -62.35 -39.49 59.09
N TYR VE 312 -62.45 -38.65 60.09
CA TYR VE 312 -62.58 -39.05 61.47
C TYR VE 312 -63.95 -38.59 61.94
N VAL VE 313 -64.63 -39.40 62.74
CA VAL VE 313 -65.96 -39.04 63.21
C VAL VE 313 -66.18 -39.56 64.61
N ARG VE 314 -66.62 -38.68 65.52
CA ARG VE 314 -66.94 -39.01 66.89
C ARG VE 314 -68.45 -39.01 67.09
N THR VE 315 -68.97 -40.10 67.64
CA THR VE 315 -70.39 -40.21 67.94
C THR VE 315 -70.55 -41.25 69.04
N ASN VE 316 -71.76 -41.74 69.22
CA ASN VE 316 -71.97 -42.88 70.08
C ASN VE 316 -72.94 -43.89 69.50
N LEU VE 317 -73.40 -43.68 68.27
CA LEU VE 317 -74.32 -44.59 67.62
C LEU VE 317 -73.50 -45.62 66.82
N THR VE 318 -74.16 -46.37 65.96
CA THR VE 318 -73.50 -47.35 65.11
C THR VE 318 -73.71 -46.99 63.65
N ILE VE 319 -72.61 -46.91 62.92
CA ILE VE 319 -72.62 -46.47 61.53
C ILE VE 319 -72.42 -47.67 60.62
N LEU VE 320 -72.99 -47.61 59.43
CA LEU VE 320 -73.03 -48.80 58.57
C LEU VE 320 -72.28 -48.65 57.26
N SER VE 321 -72.65 -47.71 56.40
CA SER VE 321 -72.53 -47.95 54.97
C SER VE 321 -71.10 -48.01 54.40
N PRO VE 322 -70.30 -46.94 54.36
CA PRO VE 322 -69.11 -46.99 53.51
C PRO VE 322 -67.92 -47.72 54.12
N GLY VE 323 -68.05 -48.29 55.31
CA GLY VE 323 -66.99 -49.07 55.89
C GLY VE 323 -65.92 -48.25 56.56
N TRP VE 324 -65.50 -48.66 57.75
CA TRP VE 324 -64.51 -47.92 58.49
C TRP VE 324 -63.23 -48.72 58.59
N LEU VE 325 -62.12 -48.00 58.75
CA LEU VE 325 -60.83 -48.64 58.84
C LEU VE 325 -60.38 -48.87 60.28
N ALA VE 326 -60.85 -48.05 61.21
CA ALA VE 326 -60.47 -48.25 62.60
C ALA VE 326 -61.57 -47.77 63.52
N SER VE 327 -61.74 -48.47 64.62
CA SER VE 327 -62.77 -48.15 65.60
C SER VE 327 -62.13 -48.02 66.97
N MET VE 328 -62.61 -47.05 67.74
CA MET VE 328 -62.13 -46.87 69.09
C MET VE 328 -63.32 -46.60 70.01
N THR VE 329 -63.27 -47.17 71.21
CA THR VE 329 -64.44 -47.18 72.07
C THR VE 329 -64.05 -46.71 73.47
N SER VE 330 -64.88 -45.84 74.04
CA SER VE 330 -64.74 -45.42 75.42
C SER VE 330 -65.40 -46.45 76.33
N ALA VE 331 -65.44 -46.14 77.62
CA ALA VE 331 -66.18 -46.99 78.53
C ALA VE 331 -67.68 -46.74 78.46
N ASP VE 332 -68.11 -45.61 77.89
CA ASP VE 332 -69.51 -45.21 77.94
C ASP VE 332 -70.25 -45.49 76.65
N GLY VE 333 -69.67 -46.24 75.73
CA GLY VE 333 -70.31 -46.44 74.46
C GLY VE 333 -70.10 -45.32 73.47
N THR VE 334 -69.27 -44.35 73.81
CA THR VE 334 -68.85 -43.34 72.85
C THR VE 334 -67.84 -43.96 71.90
N HIS VE 335 -68.07 -43.82 70.61
CA HIS VE 335 -67.20 -44.41 69.60
C HIS VE 335 -66.55 -43.32 68.77
N ALA VE 336 -65.39 -43.65 68.21
CA ALA VE 336 -64.73 -42.84 67.22
C ALA VE 336 -64.33 -43.73 66.06
N TYR VE 337 -64.48 -43.22 64.85
CA TYR VE 337 -64.24 -44.01 63.65
C TYR VE 337 -63.27 -43.31 62.73
N GLU VE 338 -62.40 -44.12 62.14
CA GLU VE 338 -61.46 -43.72 61.10
C GLU VE 338 -61.87 -44.43 59.82
N MET VE 339 -62.20 -43.66 58.79
CA MET VE 339 -62.61 -44.25 57.53
C MET VE 339 -62.12 -43.38 56.37
N GLN VE 340 -62.43 -43.82 55.16
CA GLN VE 340 -62.20 -43.02 53.97
C GLN VE 340 -63.18 -41.84 53.92
N LYS VE 341 -62.88 -40.89 53.04
CA LYS VE 341 -63.75 -39.75 52.90
C LYS VE 341 -65.01 -40.12 52.14
N SER VE 342 -66.14 -39.62 52.61
CA SER VE 342 -67.42 -39.85 51.98
C SER VE 342 -68.38 -38.79 52.45
N PRO VE 343 -69.33 -38.37 51.62
CA PRO VE 343 -70.26 -37.30 52.03
C PRO VE 343 -71.50 -37.78 52.75
N VAL VE 344 -71.68 -39.07 52.97
CA VAL VE 344 -72.95 -39.57 53.48
C VAL VE 344 -72.71 -40.86 54.26
N LEU VE 345 -73.28 -40.94 55.45
CA LEU VE 345 -73.15 -42.13 56.29
C LEU VE 345 -74.53 -42.68 56.62
N LEU VE 346 -74.57 -43.95 57.00
CA LEU VE 346 -75.82 -44.62 57.39
C LEU VE 346 -75.73 -45.05 58.84
N VAL VE 347 -76.75 -44.72 59.62
CA VAL VE 347 -76.76 -45.01 61.04
C VAL VE 347 -77.98 -45.85 61.39
N SER VE 348 -77.83 -46.62 62.46
CA SER VE 348 -78.89 -47.41 63.05
C SER VE 348 -79.16 -46.88 64.45
N TRP VE 349 -80.40 -46.48 64.70
CA TRP VE 349 -80.73 -45.76 65.92
C TRP VE 349 -81.30 -46.68 66.99
N HIS VE 350 -82.48 -47.22 66.75
CA HIS VE 350 -83.11 -48.16 67.65
C HIS VE 350 -83.71 -49.28 66.83
N GLY VE 351 -82.95 -49.74 65.85
CA GLY VE 351 -83.46 -50.56 64.79
C GLY VE 351 -83.92 -49.78 63.59
N LYS VE 352 -83.97 -48.46 63.69
CA LYS VE 352 -84.38 -47.57 62.62
C LYS VE 352 -83.14 -47.15 61.84
N VAL VE 353 -83.27 -47.01 60.53
CA VAL VE 353 -82.17 -46.62 59.66
C VAL VE 353 -82.31 -45.14 59.30
N MET VE 354 -81.21 -44.40 59.37
CA MET VE 354 -81.19 -43.01 58.93
C MET VE 354 -79.92 -42.72 58.16
N GLN VE 355 -79.96 -41.66 57.38
CA GLN VE 355 -78.82 -41.21 56.61
C GLN VE 355 -78.36 -39.84 57.11
N LEU VE 356 -77.05 -39.62 57.11
CA LEU VE 356 -76.46 -38.38 57.57
C LEU VE 356 -75.61 -37.79 56.46
N LYS VE 357 -75.69 -36.47 56.32
CA LYS VE 357 -75.03 -35.74 55.26
C LYS VE 357 -73.86 -34.96 55.84
N VAL VE 358 -72.70 -35.06 55.18
CA VAL VE 358 -71.46 -34.45 55.60
C VAL VE 358 -71.01 -33.51 54.50
N GLU VE 359 -70.57 -32.32 54.87
CA GLU VE 359 -70.16 -31.30 53.91
C GLU VE 359 -68.70 -30.95 54.13
N GLY VE 360 -68.23 -30.00 53.34
CA GLY VE 360 -66.85 -29.55 53.45
C GLY VE 360 -65.85 -30.38 52.72
N LEU VE 361 -66.29 -31.36 51.93
CA LEU VE 361 -65.39 -32.17 51.14
C LEU VE 361 -64.85 -31.38 49.96
N VAL WE 38 -60.73 6.36 81.49
CA VAL WE 38 -62.07 6.80 81.90
C VAL WE 38 -63.25 6.12 81.18
N PRO WE 39 -63.26 5.94 79.84
CA PRO WE 39 -64.37 5.17 79.25
C PRO WE 39 -64.28 3.68 79.51
N LYS WE 40 -63.10 3.18 79.89
CA LYS WE 40 -62.93 1.77 80.21
C LYS WE 40 -62.63 1.53 81.69
N LEU WE 41 -62.34 2.58 82.43
CA LEU WE 41 -62.15 2.31 83.85
C LEU WE 41 -63.34 2.86 84.64
N PRO WE 42 -63.74 2.21 85.72
CA PRO WE 42 -64.89 2.70 86.50
C PRO WE 42 -64.51 3.92 87.30
N CYS WE 43 -65.32 4.98 87.20
CA CYS WE 43 -65.05 6.19 87.95
C CYS WE 43 -65.35 6.02 89.44
N ARG WE 44 -66.14 5.01 89.80
CA ARG WE 44 -66.47 4.77 91.19
C ARG WE 44 -66.76 3.29 91.39
N VAL WE 45 -66.86 2.88 92.65
CA VAL WE 45 -67.37 1.57 92.98
C VAL WE 45 -68.84 1.50 92.60
N ASP WE 46 -69.28 0.36 92.06
CA ASP WE 46 -70.64 0.21 91.56
C ASP WE 46 -71.66 0.29 92.67
N GLY WE 47 -72.82 0.86 92.34
CA GLY WE 47 -73.92 1.00 93.27
C GLY WE 47 -73.63 1.94 94.42
N ALA WE 48 -72.93 3.04 94.15
CA ALA WE 48 -72.50 3.95 95.20
C ALA WE 48 -73.10 5.32 94.99
N CYS WE 49 -73.84 5.79 95.98
CA CYS WE 49 -74.31 7.17 96.01
C CYS WE 49 -74.32 7.54 97.48
N ASP WE 50 -73.22 8.13 97.93
CA ASP WE 50 -73.06 8.42 99.35
C ASP WE 50 -74.00 9.50 99.84
N ALA WE 51 -74.52 10.33 98.93
CA ALA WE 51 -75.63 11.22 99.28
C ALA WE 51 -76.84 10.42 99.73
N THR WE 52 -77.18 9.39 98.96
CA THR WE 52 -78.28 8.50 99.34
C THR WE 52 -77.92 7.70 100.58
N ILE WE 53 -76.63 7.45 100.80
CA ILE WE 53 -76.20 6.72 101.99
C ILE WE 53 -76.40 7.58 103.24
N ILE WE 54 -76.07 8.87 103.15
CA ILE WE 54 -76.32 9.78 104.25
C ILE WE 54 -77.82 9.94 104.46
N LYS WE 55 -78.59 9.92 103.37
CA LYS WE 55 -80.04 10.03 103.47
C LYS WE 55 -80.63 8.82 104.20
N MET WE 56 -80.22 7.62 103.83
CA MET WE 56 -80.77 6.43 104.47
C MET WE 56 -80.23 6.25 105.88
N MET WE 57 -79.04 6.77 106.16
CA MET WE 57 -78.50 6.71 107.52
C MET WE 57 -79.29 7.63 108.44
N THR WE 58 -79.61 8.83 107.95
CA THR WE 58 -80.46 9.75 108.69
C THR WE 58 -81.84 9.15 108.89
N ASP WE 59 -82.37 8.48 107.87
CA ASP WE 59 -83.69 7.86 107.99
C ASP WE 59 -83.67 6.70 108.98
N LEU WE 60 -82.55 5.97 109.04
CA LEU WE 60 -82.43 4.88 109.99
C LEU WE 60 -82.44 5.40 111.42
N ASN WE 61 -81.69 6.47 111.69
CA ASN WE 61 -81.73 7.05 113.02
C ASN WE 61 -83.06 7.73 113.30
N LYS WE 62 -83.75 8.20 112.27
CA LYS WE 62 -85.10 8.72 112.44
C LYS WE 62 -86.07 7.62 112.81
N LYS WE 63 -85.87 6.43 112.24
CA LYS WE 63 -86.63 5.27 112.67
C LYS WE 63 -86.32 4.93 114.12
N GLY WE 64 -85.07 5.11 114.53
CA GLY WE 64 -84.68 4.86 115.90
C GLY WE 64 -83.74 3.70 116.05
N ILE WE 65 -83.48 2.98 114.95
CA ILE WE 65 -82.43 1.98 114.94
C ILE WE 65 -81.10 2.69 115.07
N LYS WE 66 -80.26 2.23 116.01
CA LYS WE 66 -79.07 3.00 116.32
C LYS WE 66 -78.00 2.78 115.26
N VAL WE 67 -77.55 3.87 114.66
CA VAL WE 67 -76.40 3.88 113.76
C VAL WE 67 -75.26 4.55 114.50
N ALA WE 68 -74.12 3.88 114.55
CA ALA WE 68 -72.96 4.39 115.27
C ALA WE 68 -71.75 4.30 114.36
N SER WE 69 -71.05 5.42 114.23
CA SER WE 69 -69.91 5.53 113.32
C SER WE 69 -68.76 6.20 114.05
N VAL WE 70 -67.75 5.41 114.41
CA VAL WE 70 -66.53 5.92 115.00
C VAL WE 70 -65.37 5.24 114.30
N GLY WE 71 -64.47 6.04 113.74
CA GLY WE 71 -63.36 5.48 112.97
C GLY WE 71 -63.85 4.82 111.71
N GLN WE 72 -63.27 3.66 111.40
CA GLN WE 72 -63.75 2.81 110.31
C GLN WE 72 -64.55 1.63 110.82
N ASN WE 73 -64.93 1.64 112.09
CA ASN WE 73 -65.76 0.60 112.66
C ASN WE 73 -67.18 1.11 112.75
N TYR WE 74 -68.11 0.36 112.17
CA TYR WE 74 -69.50 0.74 112.14
C TYR WE 74 -70.34 -0.23 112.95
N LEU WE 75 -71.30 0.32 113.69
CA LEU WE 75 -72.18 -0.44 114.57
C LEU WE 75 -73.64 -0.13 114.25
N ILE WE 76 -74.45 -1.16 114.08
CA ILE WE 76 -75.89 -1.02 113.96
C ILE WE 76 -76.54 -1.81 115.07
N SER WE 77 -77.43 -1.17 115.83
CA SER WE 77 -78.11 -1.82 116.94
C SER WE 77 -79.61 -1.76 116.74
N ILE WE 78 -80.28 -2.89 116.97
CA ILE WE 78 -81.72 -3.04 116.75
C ILE WE 78 -82.35 -3.63 118.01
N PRO WE 79 -83.42 -3.02 118.52
CA PRO WE 79 -84.17 -3.63 119.63
C PRO WE 79 -84.84 -4.92 119.20
N ALA WE 80 -84.81 -5.90 120.11
CA ALA WE 80 -85.29 -7.24 119.77
C ALA WE 80 -86.81 -7.31 119.68
N SER WE 81 -87.52 -6.42 120.38
CA SER WE 81 -88.97 -6.38 120.29
C SER WE 81 -89.42 -5.92 118.91
N ALA WE 82 -88.61 -5.12 118.24
CA ALA WE 82 -88.92 -4.69 116.89
C ALA WE 82 -88.60 -5.76 115.85
N LEU WE 83 -88.09 -6.91 116.28
CA LEU WE 83 -87.72 -7.95 115.33
C LEU WE 83 -88.46 -9.25 115.56
N PHE WE 84 -88.54 -9.74 116.80
CA PHE WE 84 -89.07 -11.06 117.01
C PHE WE 84 -90.41 -10.99 117.73
N ALA WE 85 -90.93 -12.17 118.06
CA ALA WE 85 -92.03 -12.27 119.01
C ALA WE 85 -91.45 -12.34 120.41
N ASP WE 86 -92.30 -12.53 121.41
CA ASP WE 86 -91.90 -12.46 122.80
C ASP WE 86 -91.09 -13.70 123.15
N GLN WE 87 -89.77 -13.55 123.19
CA GLN WE 87 -88.79 -14.61 123.44
C GLN WE 87 -88.96 -15.77 122.46
N SER WE 88 -89.15 -15.44 121.20
CA SER WE 88 -89.36 -16.47 120.20
C SER WE 88 -88.34 -16.34 119.09
N PRO WE 89 -87.90 -17.44 118.53
CA PRO WE 89 -87.06 -17.42 117.33
C PRO WE 89 -87.86 -17.44 116.03
N ARG WE 90 -88.79 -16.51 115.89
CA ARG WE 90 -89.60 -16.42 114.69
C ARG WE 90 -89.63 -14.97 114.20
N LEU WE 91 -89.38 -14.77 112.92
CA LEU WE 91 -89.38 -13.43 112.36
C LEU WE 91 -90.79 -12.91 112.21
N ASN WE 92 -91.03 -11.70 112.68
CA ASN WE 92 -92.28 -11.03 112.38
C ASN WE 92 -92.34 -10.67 110.90
N TRP WE 93 -93.50 -10.87 110.30
CA TRP WE 93 -93.59 -10.73 108.85
C TRP WE 93 -93.50 -9.27 108.40
N ALA WE 94 -93.80 -8.33 109.29
CA ALA WE 94 -93.60 -6.93 108.94
C ALA WE 94 -92.14 -6.55 108.90
N SER WE 95 -91.27 -7.31 109.55
CA SER WE 95 -89.89 -6.90 109.72
C SER WE 95 -89.04 -7.12 108.48
N TYR WE 96 -89.57 -7.78 107.46
CA TYR WE 96 -88.77 -8.05 106.28
C TYR WE 96 -88.48 -6.78 105.48
N SER WE 97 -89.38 -5.79 105.55
CA SER WE 97 -89.10 -4.50 104.92
C SER WE 97 -87.91 -3.82 105.59
N LEU WE 98 -87.88 -3.85 106.92
CA LEU WE 98 -86.75 -3.33 107.66
C LEU WE 98 -85.48 -4.09 107.33
N LEU WE 99 -85.60 -5.40 107.15
CA LEU WE 99 -84.45 -6.23 106.78
C LEU WE 99 -83.93 -5.87 105.40
N ASN WE 100 -84.85 -5.60 104.46
CA ASN WE 100 -84.44 -5.18 103.13
C ASN WE 100 -83.74 -3.83 103.18
N GLU WE 101 -84.20 -2.93 104.04
CA GLU WE 101 -83.52 -1.66 104.23
C GLU WE 101 -82.11 -1.87 104.79
N ILE WE 102 -81.98 -2.79 105.74
CA ILE WE 102 -80.69 -3.12 106.33
C ILE WE 102 -79.73 -3.65 105.28
N ALA WE 103 -80.22 -4.55 104.42
CA ALA WE 103 -79.38 -5.11 103.38
C ALA WE 103 -79.03 -4.06 102.32
N ALA WE 104 -79.94 -3.14 102.04
CA ALA WE 104 -79.65 -2.09 101.07
C ALA WE 104 -78.58 -1.15 101.59
N PHE WE 105 -78.59 -0.87 102.89
CA PHE WE 105 -77.48 -0.14 103.48
C PHE WE 105 -76.20 -0.96 103.47
N LEU WE 106 -76.30 -2.24 103.82
CA LEU WE 106 -75.13 -3.08 104.02
C LEU WE 106 -74.41 -3.42 102.73
N LYS WE 107 -75.13 -3.38 101.60
CA LYS WE 107 -74.52 -3.69 100.32
C LYS WE 107 -73.57 -2.59 99.86
N GLN WE 108 -73.61 -1.44 100.49
CA GLN WE 108 -72.90 -0.28 99.97
C GLN WE 108 -71.40 -0.40 100.15
N PHE WE 109 -70.96 -0.81 101.32
CA PHE WE 109 -69.56 -0.65 101.70
C PHE WE 109 -68.76 -1.92 101.44
N ARG WE 110 -67.61 -1.75 100.81
CA ARG WE 110 -66.71 -2.87 100.61
C ARG WE 110 -66.13 -3.30 101.94
N LYS WE 111 -66.28 -4.59 102.27
CA LYS WE 111 -66.06 -5.05 103.62
C LYS WE 111 -65.33 -6.39 103.59
N ILE WE 112 -65.13 -6.97 104.78
CA ILE WE 112 -64.55 -8.30 104.87
C ILE WE 112 -65.41 -9.19 105.76
N ALA WE 113 -65.63 -8.74 107.00
CA ALA WE 113 -66.17 -9.59 108.04
C ALA WE 113 -67.26 -8.85 108.78
N ILE WE 114 -68.36 -9.55 109.05
CA ILE WE 114 -69.49 -8.98 109.78
C ILE WE 114 -69.71 -9.82 111.02
N THR WE 115 -69.73 -9.17 112.19
CA THR WE 115 -69.99 -9.88 113.43
C THR WE 115 -71.39 -9.55 113.92
N VAL WE 116 -72.11 -10.58 114.33
CA VAL WE 116 -73.48 -10.48 114.82
C VAL WE 116 -73.48 -10.96 116.25
N THR WE 117 -73.95 -10.11 117.16
CA THR WE 117 -74.07 -10.46 118.57
C THR WE 117 -75.51 -10.30 119.01
N SER WE 118 -75.97 -11.23 119.83
CA SER WE 118 -77.34 -11.19 120.35
C SER WE 118 -77.34 -11.11 121.87
N TYR WE 119 -78.25 -10.30 122.41
CA TYR WE 119 -78.38 -10.10 123.84
C TYR WE 119 -79.84 -10.24 124.23
N SER WE 120 -80.08 -10.72 125.45
CA SER WE 120 -81.43 -11.00 125.91
C SER WE 120 -81.58 -10.54 127.35
N SER WE 121 -82.77 -10.77 127.90
CA SER WE 121 -83.04 -10.57 129.32
C SER WE 121 -82.76 -11.86 130.07
N LYS WE 122 -83.20 -11.93 131.32
CA LYS WE 122 -83.07 -13.13 132.13
C LYS WE 122 -84.47 -13.71 132.38
N TYR WE 123 -84.73 -14.90 131.86
CA TYR WE 123 -86.09 -15.42 131.87
C TYR WE 123 -86.25 -16.70 132.68
N VAL WE 124 -85.57 -17.79 132.35
CA VAL WE 124 -85.78 -19.03 133.08
C VAL WE 124 -84.47 -19.59 133.60
N SER WE 125 -83.52 -19.84 132.70
CA SER WE 125 -82.25 -20.42 133.08
C SER WE 125 -81.18 -19.72 132.24
N VAL WE 126 -79.99 -20.27 132.20
CA VAL WE 126 -78.88 -19.66 131.49
C VAL WE 126 -78.81 -20.15 130.04
N LYS WE 127 -78.79 -21.47 129.87
CA LYS WE 127 -78.62 -22.03 128.55
C LYS WE 127 -79.85 -21.83 127.68
N ARG WE 128 -81.02 -21.63 128.29
CA ARG WE 128 -82.21 -21.31 127.53
C ARG WE 128 -82.06 -19.98 126.82
N GLU WE 129 -81.58 -18.97 127.55
CA GLU WE 129 -81.34 -17.66 126.95
C GLU WE 129 -80.21 -17.72 125.94
N ARG WE 130 -79.17 -18.50 126.24
CA ARG WE 130 -78.07 -18.67 125.31
C ARG WE 130 -78.55 -19.28 124.00
N ALA WE 131 -79.39 -20.31 124.08
CA ALA WE 131 -79.90 -20.98 122.90
C ALA WE 131 -80.81 -20.07 122.10
N LEU WE 132 -81.66 -19.29 122.78
CA LEU WE 132 -82.55 -18.38 122.07
C LEU WE 132 -81.77 -17.31 121.33
N THR WE 133 -80.74 -16.75 121.97
CA THR WE 133 -79.90 -15.75 121.31
C THR WE 133 -79.17 -16.33 120.12
N LEU WE 134 -78.67 -17.56 120.28
CA LEU WE 134 -77.95 -18.23 119.21
C LEU WE 134 -78.86 -18.48 118.01
N ALA WE 135 -80.10 -18.88 118.27
CA ALA WE 135 -81.05 -19.12 117.19
C ALA WE 135 -81.41 -17.82 116.47
N ARG WE 136 -81.63 -16.73 117.22
CA ARG WE 136 -82.00 -15.46 116.60
C ARG WE 136 -80.90 -14.93 115.70
N SER WE 137 -79.67 -14.95 116.22
CA SER WE 137 -78.53 -14.51 115.45
C SER WE 137 -78.29 -15.42 114.25
N ARG WE 138 -78.56 -16.72 114.41
CA ARG WE 138 -78.46 -17.67 113.31
C ARG WE 138 -79.43 -17.32 112.19
N VAL WE 139 -80.66 -16.97 112.54
CA VAL WE 139 -81.68 -16.71 111.53
C VAL WE 139 -81.36 -15.45 110.74
N VAL WE 140 -80.96 -14.39 111.44
CA VAL WE 140 -80.65 -13.16 110.70
C VAL WE 140 -79.38 -13.32 109.88
N SER WE 141 -78.39 -14.07 110.38
CA SER WE 141 -77.19 -14.33 109.62
C SER WE 141 -77.50 -15.16 108.38
N GLU WE 142 -78.40 -16.13 108.51
CA GLU WE 142 -78.70 -17.00 107.38
C GLU WE 142 -79.43 -16.25 106.28
N TYR WE 143 -80.41 -15.41 106.65
CA TYR WE 143 -81.09 -14.64 105.62
C TYR WE 143 -80.16 -13.61 104.99
N LEU WE 144 -79.26 -13.01 105.78
CA LEU WE 144 -78.36 -12.02 105.21
C LEU WE 144 -77.32 -12.65 104.31
N TRP WE 145 -76.80 -13.83 104.68
CA TRP WE 145 -75.85 -14.52 103.84
C TRP WE 145 -76.51 -15.02 102.57
N SER WE 146 -77.80 -15.34 102.65
CA SER WE 146 -78.56 -15.57 101.41
C SER WE 146 -78.64 -14.29 100.60
N GLN WE 147 -78.76 -13.15 101.27
CA GLN WE 147 -78.79 -11.94 100.48
C GLN WE 147 -77.39 -11.54 100.04
N GLY WE 148 -77.35 -10.59 99.11
CA GLY WE 148 -76.12 -10.20 98.46
C GLY WE 148 -75.29 -9.17 99.19
N VAL WE 149 -74.58 -9.57 100.23
CA VAL WE 149 -73.58 -8.72 100.85
C VAL WE 149 -72.25 -9.43 100.70
N ASP WE 150 -71.36 -8.84 99.91
CA ASP WE 150 -70.13 -9.51 99.51
C ASP WE 150 -69.07 -9.44 100.61
N SER WE 151 -69.39 -10.07 101.72
CA SER WE 151 -68.39 -10.33 102.74
C SER WE 151 -67.57 -11.55 102.34
N ARG WE 152 -66.55 -11.83 103.11
CA ARG WE 152 -65.98 -13.15 103.13
C ARG WE 152 -66.30 -13.90 104.40
N ILE WE 153 -66.56 -13.20 105.50
CA ILE WE 153 -66.76 -13.84 106.78
C ILE WE 153 -68.01 -13.27 107.45
N ILE WE 154 -68.89 -14.17 107.90
CA ILE WE 154 -70.00 -13.83 108.78
C ILE WE 154 -69.80 -14.63 110.05
N PHE WE 155 -69.54 -13.93 111.15
CA PHE WE 155 -69.47 -14.55 112.46
C PHE WE 155 -70.74 -14.22 113.24
N THR WE 156 -71.26 -15.22 113.94
CA THR WE 156 -72.46 -15.01 114.73
C THR WE 156 -72.32 -15.66 116.09
N GLN WE 157 -72.77 -14.93 117.12
CA GLN WE 157 -72.87 -15.46 118.47
C GLN WE 157 -73.91 -14.66 119.25
N GLY WE 158 -74.53 -15.33 120.21
CA GLY WE 158 -75.45 -14.68 121.12
C GLY WE 158 -75.20 -15.17 122.53
N LEU WE 159 -75.25 -14.24 123.48
CA LEU WE 159 -74.76 -14.54 124.82
C LEU WE 159 -75.80 -14.43 125.93
N GLY WE 160 -77.05 -14.16 125.60
CA GLY WE 160 -78.07 -14.09 126.63
C GLY WE 160 -78.11 -12.76 127.36
N SER WE 161 -77.89 -12.78 128.67
CA SER WE 161 -77.98 -11.54 129.43
C SER WE 161 -76.69 -11.29 130.19
N ASP WE 162 -75.55 -11.46 129.51
CA ASP WE 162 -74.27 -11.39 130.21
C ASP WE 162 -73.64 -10.00 130.17
N LYS WE 163 -73.92 -9.20 129.16
CA LYS WE 163 -73.40 -7.84 129.07
C LYS WE 163 -74.56 -6.89 128.87
N PRO WE 164 -75.27 -6.54 129.95
CA PRO WE 164 -76.34 -5.55 129.84
C PRO WE 164 -75.77 -4.16 129.61
N ILE WE 165 -76.61 -3.30 129.04
CA ILE WE 165 -76.22 -1.94 128.75
C ILE WE 165 -76.86 -0.94 129.70
N THR WE 166 -77.62 -1.41 130.68
CA THR WE 166 -78.20 -0.55 131.69
C THR WE 166 -78.46 -1.37 132.93
N SER WE 167 -78.75 -0.67 134.02
CA SER WE 167 -79.25 -1.30 135.22
C SER WE 167 -80.77 -1.33 135.26
N TYR WE 168 -81.44 -0.72 134.29
CA TYR WE 168 -82.89 -0.61 134.29
C TYR WE 168 -83.49 -1.91 133.76
N THR WE 169 -84.05 -2.73 134.65
CA THR WE 169 -84.47 -4.07 134.28
C THR WE 169 -85.97 -4.27 134.47
N LEU WE 170 -86.78 -3.34 133.99
CA LEU WE 170 -88.21 -3.40 134.25
C LEU WE 170 -88.91 -4.53 133.49
N GLY WE 171 -88.90 -4.44 132.16
CA GLY WE 171 -89.64 -5.36 131.33
C GLY WE 171 -88.85 -6.61 131.03
N GLY WE 172 -89.35 -7.37 130.06
CA GLY WE 172 -88.66 -8.54 129.57
C GLY WE 172 -87.97 -8.23 128.26
N ASP WE 173 -88.60 -8.64 127.15
CA ASP WE 173 -88.13 -8.23 125.84
C ASP WE 173 -88.45 -6.77 125.54
N ARG WE 174 -89.25 -6.11 126.38
CA ARG WE 174 -89.47 -4.69 126.24
C ARG WE 174 -88.22 -3.90 126.59
N SER WE 175 -87.37 -4.44 127.45
CA SER WE 175 -86.20 -3.72 127.92
C SER WE 175 -85.17 -3.57 126.80
N PRO WE 176 -84.50 -2.42 126.72
CA PRO WE 176 -83.65 -2.16 125.55
C PRO WE 176 -82.37 -2.95 125.52
N ASN WE 177 -81.99 -3.63 126.60
CA ASN WE 177 -80.75 -4.41 126.57
C ASN WE 177 -80.90 -5.66 125.71
N ALA WE 178 -82.11 -6.22 125.64
CA ALA WE 178 -82.36 -7.34 124.76
C ALA WE 178 -82.38 -6.83 123.33
N ARG WE 179 -81.42 -7.25 122.53
CA ARG WE 179 -81.12 -6.53 121.30
C ARG WE 179 -80.29 -7.40 120.38
N VAL WE 180 -80.09 -6.89 119.17
CA VAL WE 180 -79.14 -7.47 118.23
C VAL WE 180 -78.21 -6.37 117.76
N GLU WE 181 -76.91 -6.60 117.88
CA GLU WE 181 -75.90 -5.70 117.37
C GLU WE 181 -75.19 -6.36 116.19
N ILE WE 182 -74.84 -5.55 115.20
CA ILE WE 182 -73.98 -5.99 114.11
C ILE WE 182 -72.88 -4.97 113.94
N THR WE 183 -71.65 -5.46 113.89
CA THR WE 183 -70.48 -4.61 113.75
C THR WE 183 -69.66 -5.05 112.55
N PHE WE 184 -68.94 -4.10 111.98
CA PHE WE 184 -67.87 -4.45 111.05
C PHE WE 184 -66.85 -3.33 111.02
N ARG WE 185 -65.74 -3.61 110.33
CA ARG WE 185 -64.75 -2.61 110.00
C ARG WE 185 -64.73 -2.38 108.51
N ARG WE 186 -64.92 -1.13 108.10
CA ARG WE 186 -64.74 -0.77 106.71
C ARG WE 186 -63.27 -0.88 106.34
N ALA WE 187 -62.99 -1.57 105.24
CA ALA WE 187 -61.62 -1.84 104.82
C ALA WE 187 -61.33 -1.07 103.54
N VAL WE 188 -60.27 -0.27 103.56
CA VAL WE 188 -59.81 0.56 102.43
C VAL WE 188 -60.90 1.46 101.89
N CYS XE 42 -106.15 -9.65 109.73
CA CYS XE 42 -107.19 -10.41 109.03
C CYS XE 42 -106.62 -11.71 108.48
N PHE XE 43 -105.33 -11.69 108.16
CA PHE XE 43 -104.69 -12.83 107.52
C PHE XE 43 -103.19 -12.74 107.75
N HIS XE 44 -102.53 -13.89 107.74
CA HIS XE 44 -101.08 -13.92 107.82
C HIS XE 44 -100.51 -14.73 106.66
N PRO XE 45 -99.60 -14.15 105.88
CA PRO XE 45 -98.90 -14.91 104.82
C PRO XE 45 -98.10 -16.08 105.35
N PRO XE 46 -97.51 -16.01 106.59
CA PRO XE 46 -97.07 -17.33 107.08
C PRO XE 46 -98.20 -18.21 107.61
N TYR XE 47 -98.88 -18.86 106.66
CA TYR XE 47 -99.81 -19.98 106.87
C TYR XE 47 -101.02 -19.63 107.72
N ASN XE 48 -101.28 -18.32 107.88
CA ASN XE 48 -102.34 -17.79 108.72
C ASN XE 48 -102.28 -18.31 110.16
N ASN XE 49 -101.05 -18.51 110.63
CA ASN XE 49 -100.74 -18.96 112.00
C ASN XE 49 -101.42 -20.29 112.33
N PHE XE 50 -101.52 -21.15 111.32
CA PHE XE 50 -102.19 -22.46 111.39
C PHE XE 50 -103.64 -22.36 111.84
N GLN XE 51 -104.28 -21.28 111.52
CA GLN XE 51 -105.64 -21.22 112.00
C GLN XE 51 -106.61 -21.76 110.95
N PRO XE 52 -107.73 -22.30 111.39
CA PRO XE 52 -108.82 -22.53 110.45
C PRO XE 52 -109.33 -21.19 109.92
N ASP XE 53 -109.08 -20.96 108.65
CA ASP XE 53 -109.21 -19.63 108.06
C ASP XE 53 -110.67 -19.27 107.83
N ARG XE 54 -110.90 -17.99 107.54
CA ARG XE 54 -112.22 -17.49 107.18
C ARG XE 54 -112.06 -16.47 106.07
N ARG XE 55 -112.30 -16.92 104.83
CA ARG XE 55 -112.06 -16.09 103.66
C ARG XE 55 -113.32 -15.36 103.20
N ALA XE 56 -114.43 -16.08 103.11
CA ALA XE 56 -115.62 -15.57 102.42
C ALA XE 56 -116.36 -14.50 103.23
N VAL XE 57 -116.12 -14.41 104.53
CA VAL XE 57 -116.78 -13.38 105.33
C VAL XE 57 -116.25 -12.01 104.96
N LYS XE 58 -114.95 -11.91 104.70
CA LYS XE 58 -114.38 -10.66 104.20
C LYS XE 58 -114.93 -10.32 102.83
N ARG XE 59 -115.16 -11.35 102.00
CA ARG XE 59 -115.70 -11.13 100.65
C ARG XE 59 -117.12 -10.60 100.71
N VAL XE 60 -117.97 -11.19 101.55
CA VAL XE 60 -119.35 -10.71 101.63
C VAL XE 60 -119.40 -9.36 102.36
N GLY XE 61 -118.44 -9.08 103.25
CA GLY XE 61 -118.39 -7.77 103.87
C GLY XE 61 -118.04 -6.67 102.89
N VAL XE 62 -117.03 -6.90 102.05
CA VAL XE 62 -116.68 -5.87 101.07
C VAL XE 62 -117.66 -5.84 99.91
N ASP XE 63 -118.44 -6.91 99.70
CA ASP XE 63 -119.50 -6.84 98.71
C ASP XE 63 -120.72 -6.09 99.23
N THR XE 64 -121.01 -6.19 100.53
CA THR XE 64 -122.03 -5.33 101.11
C THR XE 64 -121.57 -3.88 101.13
N GLY XE 65 -120.28 -3.65 101.33
CA GLY XE 65 -119.72 -2.32 101.28
C GLY XE 65 -119.67 -1.72 99.88
N GLY XE 88 -124.39 -6.32 97.98
CA GLY XE 88 -125.42 -7.34 97.90
C GLY XE 88 -125.04 -8.62 98.62
N GLY XE 89 -125.88 -9.01 99.58
CA GLY XE 89 -125.60 -10.21 100.36
C GLY XE 89 -125.66 -11.48 99.54
N THR XE 90 -126.67 -11.59 98.67
CA THR XE 90 -126.83 -12.79 97.85
C THR XE 90 -125.73 -12.89 96.80
N VAL XE 91 -125.36 -11.77 96.18
CA VAL XE 91 -124.31 -11.82 95.18
C VAL XE 91 -122.97 -12.07 95.85
N GLY XE 92 -122.78 -11.59 97.08
CA GLY XE 92 -121.58 -11.94 97.82
C GLY XE 92 -121.53 -13.42 98.17
N LEU XE 93 -122.67 -14.00 98.54
CA LEU XE 93 -122.70 -15.41 98.88
C LEU XE 93 -122.46 -16.30 97.67
N VAL XE 94 -123.06 -15.97 96.53
CA VAL XE 94 -122.80 -16.81 95.35
C VAL XE 94 -121.43 -16.53 94.76
N ALA XE 95 -120.86 -15.35 94.98
CA ALA XE 95 -119.48 -15.11 94.63
C ALA XE 95 -118.55 -15.96 95.48
N SER XE 96 -118.89 -16.11 96.76
CA SER XE 96 -118.16 -17.03 97.63
C SER XE 96 -118.29 -18.47 97.16
N ILE XE 97 -119.49 -18.84 96.69
CA ILE XE 97 -119.73 -20.19 96.17
C ILE XE 97 -118.87 -20.44 94.94
N TYR XE 98 -118.85 -19.48 94.02
CA TYR XE 98 -118.07 -19.62 92.79
C TYR XE 98 -116.57 -19.59 93.07
N ARG XE 99 -116.14 -18.87 94.11
CA ARG XE 99 -114.73 -18.84 94.44
C ARG XE 99 -114.28 -20.14 95.10
N ASP XE 100 -115.07 -20.67 96.04
CA ASP XE 100 -114.65 -21.86 96.76
C ASP XE 100 -115.06 -23.15 96.05
N SER XE 101 -115.72 -23.04 94.89
CA SER XE 101 -116.09 -24.21 94.11
C SER XE 101 -114.85 -24.98 93.65
N LYS XE 102 -114.98 -26.31 93.65
CA LYS XE 102 -113.85 -27.22 93.52
C LYS XE 102 -113.16 -27.11 92.17
N ARG XE 103 -113.95 -26.90 91.11
CA ARG XE 103 -113.39 -26.75 89.78
C ARG XE 103 -112.52 -25.50 89.68
N LYS XE 104 -112.93 -24.41 90.34
CA LYS XE 104 -112.10 -23.22 90.35
C LYS XE 104 -110.83 -23.41 91.16
N ILE XE 105 -110.90 -24.23 92.22
CA ILE XE 105 -109.72 -24.57 93.00
C ILE XE 105 -108.72 -25.30 92.12
N ILE XE 106 -109.20 -26.27 91.35
CA ILE XE 106 -108.34 -27.06 90.48
C ILE XE 106 -107.79 -26.19 89.35
N ARG XE 107 -108.61 -25.28 88.84
CA ARG XE 107 -108.15 -24.38 87.77
C ARG XE 107 -107.09 -23.41 88.27
N ASP XE 108 -107.22 -22.94 89.52
CA ASP XE 108 -106.16 -22.11 90.09
C ASP XE 108 -104.91 -22.93 90.39
N LEU XE 109 -105.07 -24.19 90.79
CA LEU XE 109 -103.92 -25.06 90.98
C LEU XE 109 -103.19 -25.31 89.68
N GLN XE 110 -103.93 -25.39 88.58
CA GLN XE 110 -103.31 -25.48 87.27
C GLN XE 110 -102.75 -24.15 86.79
N LYS XE 111 -103.28 -23.04 87.31
CA LYS XE 111 -102.68 -21.74 87.03
C LYS XE 111 -101.32 -21.64 87.70
N GLN XE 112 -101.20 -22.17 88.90
CA GLN XE 112 -99.89 -22.43 89.45
C GLN XE 112 -99.32 -23.70 88.84
N ASP XE 113 -98.11 -24.06 89.23
CA ASP XE 113 -97.44 -25.17 88.56
C ASP XE 113 -97.67 -26.50 89.27
N ILE XE 114 -98.93 -26.86 89.48
CA ILE XE 114 -99.30 -28.03 90.26
C ILE XE 114 -100.11 -28.96 89.39
N GLN XE 115 -99.73 -30.24 89.35
CA GLN XE 115 -100.38 -31.19 88.46
C GLN XE 115 -101.34 -32.07 89.24
N TYR XE 116 -102.58 -32.13 88.78
CA TYR XE 116 -103.64 -32.86 89.47
C TYR XE 116 -104.19 -33.94 88.55
N VAL XE 117 -104.13 -35.20 88.99
CA VAL XE 117 -104.60 -36.33 88.19
C VAL XE 117 -105.67 -37.05 88.99
N GLU XE 118 -106.81 -37.28 88.35
CA GLU XE 118 -107.90 -38.05 88.92
C GLU XE 118 -108.21 -39.21 87.99
N TYR XE 119 -108.22 -40.42 88.54
CA TYR XE 119 -108.42 -41.61 87.71
C TYR XE 119 -108.98 -42.73 88.56
N GLY XE 120 -110.06 -43.34 88.09
CA GLY XE 120 -110.66 -44.46 88.78
C GLY XE 120 -111.26 -44.08 90.11
N ASP XE 121 -110.57 -44.43 91.18
CA ASP XE 121 -110.95 -44.02 92.52
C ASP XE 121 -109.79 -43.41 93.28
N THR XE 122 -108.59 -43.42 92.70
CA THR XE 122 -107.38 -42.97 93.38
C THR XE 122 -106.94 -41.66 92.77
N ARG XE 123 -106.63 -40.69 93.62
CA ARG XE 123 -106.31 -39.36 93.12
C ARG XE 123 -104.91 -38.94 93.55
N THR XE 124 -104.18 -38.37 92.60
CA THR XE 124 -102.76 -38.10 92.76
C THR XE 124 -102.42 -36.66 92.41
N LEU XE 125 -101.38 -36.16 93.06
CA LEU XE 125 -100.91 -34.79 92.93
C LEU XE 125 -99.41 -34.79 92.69
N ILE XE 126 -98.94 -33.92 91.81
CA ILE XE 126 -97.55 -33.81 91.44
C ILE XE 126 -97.08 -32.40 91.72
N ILE XE 127 -95.99 -32.28 92.49
CA ILE XE 127 -95.47 -31.00 92.95
C ILE XE 127 -94.05 -30.85 92.44
N PRO XE 128 -93.66 -29.69 91.93
CA PRO XE 128 -92.26 -29.45 91.57
C PRO XE 128 -91.44 -28.90 92.72
N THR XE 129 -90.33 -29.61 92.94
CA THR XE 129 -89.46 -29.37 94.08
C THR XE 129 -88.83 -28.00 94.03
N ASP XE 130 -88.42 -27.56 92.84
CA ASP XE 130 -87.55 -26.40 92.74
C ASP XE 130 -88.28 -25.09 92.95
N LYS XE 131 -89.60 -25.06 92.80
CA LYS XE 131 -90.34 -23.88 93.20
C LYS XE 131 -91.08 -24.07 94.51
N TYR XE 132 -91.41 -25.30 94.90
CA TYR XE 132 -92.08 -25.52 96.17
C TYR XE 132 -91.15 -26.19 97.16
N PHE XE 133 -89.89 -25.75 97.16
CA PHE XE 133 -88.92 -26.15 98.16
C PHE XE 133 -87.86 -25.07 98.24
N MET XE 134 -86.83 -25.34 99.03
CA MET XE 134 -85.59 -24.59 98.93
C MET XE 134 -84.50 -25.55 98.48
N PHE XE 135 -83.54 -25.02 97.73
CA PHE XE 135 -82.59 -25.85 97.02
C PHE XE 135 -81.63 -26.54 97.96
N SER XE 136 -81.43 -27.85 97.74
CA SER XE 136 -80.47 -28.70 98.45
C SER XE 136 -80.72 -28.71 99.94
N SER XE 137 -81.99 -28.70 100.33
CA SER XE 137 -82.34 -28.54 101.74
C SER XE 137 -83.75 -29.07 101.94
N PRO XE 138 -84.10 -29.45 103.16
CA PRO XE 138 -85.51 -29.57 103.53
C PRO XE 138 -86.14 -28.26 103.97
N ARG XE 139 -85.51 -27.12 103.72
CA ARG XE 139 -86.17 -25.86 103.96
C ARG XE 139 -87.27 -25.63 102.93
N LEU XE 140 -88.31 -24.95 103.38
CA LEU XE 140 -89.48 -24.68 102.54
C LEU XE 140 -89.47 -23.22 102.14
N ASN XE 141 -89.68 -22.96 100.86
CA ASN XE 141 -89.80 -21.59 100.40
C ASN XE 141 -91.11 -20.98 100.90
N GLU XE 142 -91.03 -19.77 101.41
CA GLU XE 142 -92.22 -19.11 101.91
C GLU XE 142 -93.03 -18.40 100.84
N ILE XE 143 -92.49 -18.22 99.65
CA ILE XE 143 -93.17 -17.43 98.63
C ILE XE 143 -94.39 -18.18 98.10
N CYS XE 144 -94.29 -19.49 97.94
CA CYS XE 144 -95.36 -20.26 97.32
C CYS XE 144 -96.39 -20.75 98.34
N TYR XE 145 -96.60 -19.99 99.41
CA TYR XE 145 -97.68 -20.28 100.33
C TYR XE 145 -99.10 -20.34 99.75
N PRO XE 146 -99.50 -19.62 98.66
CA PRO XE 146 -100.85 -19.86 98.14
C PRO XE 146 -101.08 -21.27 97.65
N GLY XE 147 -100.05 -21.90 97.08
CA GLY XE 147 -100.17 -23.29 96.69
C GLY XE 147 -100.42 -24.21 97.86
N LEU XE 148 -99.73 -23.97 98.97
CA LEU XE 148 -99.89 -24.81 100.15
C LEU XE 148 -101.26 -24.62 100.78
N ASN XE 149 -101.74 -23.38 100.82
CA ASN XE 149 -103.08 -23.12 101.34
C ASN XE 149 -104.15 -23.78 100.48
N ASN XE 150 -103.96 -23.73 99.15
CA ASN XE 150 -104.86 -24.45 98.26
C ASN XE 150 -104.76 -25.96 98.45
N VAL XE 151 -103.57 -26.47 98.76
CA VAL XE 151 -103.38 -27.90 98.97
C VAL XE 151 -104.18 -28.37 100.18
N ILE XE 152 -104.06 -27.63 101.29
CA ILE XE 152 -104.80 -28.01 102.49
C ILE XE 152 -106.29 -27.82 102.29
N ARG XE 153 -106.67 -26.76 101.58
CA ARG XE 153 -108.07 -26.49 101.28
C ARG XE 153 -108.69 -27.60 100.45
N LEU XE 154 -107.92 -28.14 99.50
CA LEU XE 154 -108.43 -29.24 98.69
C LEU XE 154 -108.46 -30.54 99.48
N LEU XE 155 -107.42 -30.83 100.26
CA LEU XE 155 -107.36 -32.10 100.95
C LEU XE 155 -108.31 -32.17 102.14
N ASN XE 156 -108.92 -31.06 102.53
CA ASN XE 156 -110.01 -31.15 103.50
C ASN XE 156 -111.23 -31.90 102.96
N PHE XE 157 -111.36 -32.05 101.65
CA PHE XE 157 -112.55 -32.65 101.07
C PHE XE 157 -112.63 -34.16 101.23
N TYR XE 158 -111.53 -34.84 101.50
CA TYR XE 158 -111.50 -36.31 101.55
C TYR XE 158 -110.97 -36.76 102.89
N PRO XE 159 -111.78 -36.70 103.94
CA PRO XE 159 -111.25 -36.87 105.29
C PRO XE 159 -111.16 -38.31 105.75
N GLN XE 160 -111.24 -39.28 104.84
CA GLN XE 160 -111.33 -40.67 105.24
C GLN XE 160 -110.09 -41.49 104.92
N SER XE 161 -109.65 -41.50 103.67
CA SER XE 161 -108.64 -42.46 103.27
C SER XE 161 -107.24 -42.02 103.69
N THR XE 162 -106.31 -42.97 103.60
CA THR XE 162 -104.93 -42.73 103.96
C THR XE 162 -104.21 -41.99 102.85
N ILE XE 163 -103.02 -41.49 103.17
CA ILE XE 163 -102.22 -40.67 102.27
C ILE XE 163 -100.84 -41.29 102.16
N TYR XE 164 -100.31 -41.32 100.94
CA TYR XE 164 -98.93 -41.72 100.68
C TYR XE 164 -98.22 -40.56 100.02
N VAL XE 165 -97.02 -40.25 100.49
CA VAL XE 165 -96.21 -39.20 99.87
C VAL XE 165 -94.85 -39.77 99.52
N ALA XE 166 -94.33 -39.36 98.35
CA ALA XE 166 -93.07 -39.86 97.87
C ALA XE 166 -92.22 -38.72 97.34
N GLY XE 167 -90.91 -38.89 97.47
CA GLY XE 167 -89.96 -37.91 97.00
C GLY XE 167 -89.06 -38.50 95.93
N PHE XE 168 -88.64 -37.65 94.99
CA PHE XE 168 -87.93 -38.10 93.80
C PHE XE 168 -86.81 -37.15 93.41
N THR XE 169 -85.69 -37.71 92.99
CA THR XE 169 -84.51 -36.97 92.57
C THR XE 169 -84.06 -37.42 91.19
N ASP XE 170 -83.06 -36.72 90.66
CA ASP XE 170 -82.35 -37.10 89.45
C ASP XE 170 -81.12 -37.91 89.81
N ASN XE 171 -80.25 -38.14 88.83
CA ASN XE 171 -79.18 -39.12 88.93
C ASN XE 171 -77.81 -38.46 89.00
N VAL XE 172 -77.61 -37.57 89.96
CA VAL XE 172 -76.33 -36.91 90.12
C VAL XE 172 -75.84 -37.10 91.54
N GLY XE 173 -74.73 -37.80 91.69
CA GLY XE 173 -74.12 -37.98 92.99
C GLY XE 173 -74.25 -39.41 93.51
N SER XE 174 -73.98 -39.55 94.81
CA SER XE 174 -74.04 -40.85 95.45
C SER XE 174 -75.46 -41.35 95.57
N ARG XE 175 -75.63 -42.66 95.43
CA ARG XE 175 -76.93 -43.28 95.61
C ARG XE 175 -77.43 -43.10 97.04
N SER XE 176 -76.52 -43.21 98.00
CA SER XE 176 -76.87 -42.96 99.40
C SER XE 176 -77.28 -41.51 99.60
N HIS XE 177 -76.59 -40.59 98.90
CA HIS XE 177 -76.94 -39.18 99.00
C HIS XE 177 -78.32 -38.90 98.44
N LYS XE 178 -78.65 -39.50 97.30
CA LYS XE 178 -79.97 -39.33 96.70
C LYS XE 178 -81.06 -39.88 97.61
N ARG XE 179 -80.84 -41.07 98.16
CA ARG XE 179 -81.83 -41.68 99.05
C ARG XE 179 -82.02 -40.85 100.30
N LYS XE 180 -80.93 -40.30 100.84
CA LYS XE 180 -81.00 -39.48 102.04
C LYS XE 180 -81.80 -38.22 101.80
N LEU XE 181 -81.52 -37.54 100.67
CA LEU XE 181 -82.22 -36.30 100.36
C LEU XE 181 -83.69 -36.55 100.13
N SER XE 182 -84.02 -37.63 99.42
CA SER XE 182 -85.41 -37.94 99.16
C SER XE 182 -86.17 -38.27 100.44
N GLN XE 183 -85.52 -39.00 101.35
CA GLN XE 183 -86.11 -39.30 102.64
C GLN XE 183 -86.40 -38.03 103.42
N ALA XE 184 -85.46 -37.08 103.38
CA ALA XE 184 -85.65 -35.82 104.10
C ALA XE 184 -86.81 -35.02 103.52
N GLN XE 185 -86.89 -34.93 102.19
CA GLN XE 185 -87.96 -34.15 101.57
C GLN XE 185 -89.32 -34.76 101.87
N ALA XE 186 -89.40 -36.09 101.81
CA ALA XE 186 -90.66 -36.77 102.07
C ALA XE 186 -91.11 -36.56 103.51
N GLU XE 187 -90.17 -36.62 104.44
CA GLU XE 187 -90.54 -36.42 105.84
C GLU XE 187 -91.01 -34.99 106.09
N THR XE 188 -90.36 -34.01 105.46
CA THR XE 188 -90.77 -32.62 105.65
C THR XE 188 -92.17 -32.36 105.10
N MET XE 189 -92.45 -32.88 103.91
CA MET XE 189 -93.78 -32.68 103.34
C MET XE 189 -94.84 -33.40 104.16
N MET XE 190 -94.51 -34.59 104.67
CA MET XE 190 -95.43 -35.35 105.50
C MET XE 190 -95.78 -34.59 106.77
N THR XE 191 -94.78 -34.04 107.45
CA THR XE 191 -95.10 -33.39 108.70
C THR XE 191 -95.77 -32.04 108.49
N PHE XE 192 -95.54 -31.39 107.35
CA PHE XE 192 -96.32 -30.19 107.06
C PHE XE 192 -97.77 -30.54 106.82
N LEU XE 193 -98.02 -31.67 106.17
CA LEU XE 193 -99.38 -32.17 106.06
C LEU XE 193 -99.96 -32.52 107.42
N TRP XE 194 -99.11 -33.03 108.32
CA TRP XE 194 -99.56 -33.47 109.63
C TRP XE 194 -100.00 -32.30 110.49
N ALA XE 195 -99.27 -31.19 110.41
CA ALA XE 195 -99.57 -30.06 111.27
C ALA XE 195 -100.86 -29.36 110.88
N ASN XE 196 -101.32 -29.53 109.65
CA ASN XE 196 -102.50 -28.78 109.26
C ASN XE 196 -103.79 -29.42 109.72
N GLY XE 197 -103.74 -30.61 110.32
CA GLY XE 197 -104.93 -31.11 110.96
C GLY XE 197 -105.17 -32.61 110.87
N ILE XE 198 -104.64 -33.26 109.85
CA ILE XE 198 -104.89 -34.68 109.68
C ILE XE 198 -103.96 -35.46 110.61
N ALA XE 199 -104.54 -36.38 111.38
CA ALA XE 199 -103.83 -37.08 112.44
C ALA XE 199 -102.86 -38.11 111.86
N ALA XE 200 -101.99 -38.60 112.74
CA ALA XE 200 -100.76 -39.26 112.32
C ALA XE 200 -100.96 -40.67 111.77
N LYS XE 201 -102.08 -41.32 112.07
CA LYS XE 201 -102.21 -42.71 111.65
C LYS XE 201 -102.54 -42.86 110.17
N ARG XE 202 -102.87 -41.78 109.48
CA ARG XE 202 -103.29 -41.83 108.09
C ARG XE 202 -102.18 -41.44 107.11
N LEU XE 203 -100.93 -41.38 107.55
CA LEU XE 203 -99.87 -40.84 106.72
C LEU XE 203 -98.75 -41.86 106.55
N LYS XE 204 -98.24 -41.96 105.33
CA LYS XE 204 -97.05 -42.76 105.07
C LYS XE 204 -96.14 -42.02 104.09
N ALA XE 205 -94.85 -42.02 104.38
CA ALA XE 205 -93.88 -41.24 103.63
C ALA XE 205 -92.76 -42.14 103.13
N GLU XE 206 -92.25 -41.80 101.95
CA GLU XE 206 -91.21 -42.60 101.31
C GLU XE 206 -90.42 -41.75 100.34
N GLY XE 207 -89.10 -41.82 100.43
CA GLY XE 207 -88.28 -41.12 99.45
C GLY XE 207 -87.53 -42.06 98.53
N TYR XE 208 -87.99 -42.18 97.29
CA TYR XE 208 -87.28 -43.01 96.33
C TYR XE 208 -86.11 -42.23 95.74
N GLY XE 209 -85.15 -42.96 95.21
CA GLY XE 209 -84.04 -42.27 94.60
C GLY XE 209 -84.39 -41.94 93.16
N ASP XE 210 -83.66 -42.51 92.22
CA ASP XE 210 -84.03 -42.46 90.82
C ASP XE 210 -84.52 -43.83 90.35
N LYS XE 211 -85.15 -44.57 91.25
CA LYS XE 211 -85.43 -45.98 90.99
C LYS XE 211 -86.55 -46.17 89.98
N ASN XE 212 -87.41 -45.19 89.81
CA ASN XE 212 -88.43 -45.22 88.77
C ASN XE 212 -88.78 -43.80 88.41
N ALA XE 213 -88.88 -43.52 87.13
CA ALA XE 213 -88.99 -42.16 86.64
C ALA XE 213 -90.19 -42.02 85.72
N ILE XE 214 -90.78 -40.82 85.74
CA ILE XE 214 -91.79 -40.46 84.74
C ILE XE 214 -91.15 -39.99 83.46
N SER XE 215 -89.84 -39.84 83.42
CA SER XE 215 -89.16 -39.18 82.32
C SER XE 215 -87.78 -39.82 82.19
N ASP XE 216 -86.88 -39.15 81.47
CA ASP XE 216 -85.54 -39.64 81.21
C ASP XE 216 -84.53 -38.60 81.68
N ASN XE 217 -83.25 -38.91 81.51
CA ASN XE 217 -82.21 -38.05 82.05
C ASN XE 217 -81.12 -37.69 81.05
N ALA XE 218 -81.29 -38.04 79.77
CA ALA XE 218 -80.30 -37.60 78.80
C ALA XE 218 -80.48 -36.15 78.40
N ILE XE 219 -81.67 -35.60 78.58
CA ILE XE 219 -82.01 -34.26 78.15
C ILE XE 219 -82.39 -33.44 79.39
N ILE XE 220 -81.95 -32.19 79.42
CA ILE XE 220 -81.93 -31.39 80.64
C ILE XE 220 -83.34 -31.08 81.13
N HIS XE 221 -84.22 -30.66 80.22
CA HIS XE 221 -85.58 -30.34 80.64
C HIS XE 221 -86.33 -31.58 81.07
N GLY XE 222 -86.03 -32.73 80.46
CA GLY XE 222 -86.56 -33.98 80.95
C GLY XE 222 -86.05 -34.33 82.34
N SER XE 223 -84.79 -34.02 82.60
CA SER XE 223 -84.24 -34.26 83.93
C SER XE 223 -84.89 -33.36 84.96
N ALA XE 224 -85.18 -32.12 84.58
CA ALA XE 224 -85.91 -31.22 85.46
C ALA XE 224 -87.34 -31.69 85.68
N GLN XE 225 -87.96 -32.28 84.67
CA GLN XE 225 -89.27 -32.87 84.83
C GLN XE 225 -89.23 -34.12 85.69
N ASN XE 226 -88.07 -34.76 85.79
CA ASN XE 226 -87.98 -36.00 86.54
C ASN XE 226 -88.10 -35.77 88.05
N ARG XE 227 -87.42 -34.76 88.58
CA ARG XE 227 -87.46 -34.53 90.02
C ARG XE 227 -88.81 -33.97 90.43
N ARG XE 228 -89.43 -34.58 91.43
CA ARG XE 228 -90.83 -34.30 91.69
C ARG XE 228 -91.19 -34.77 93.09
N ILE XE 229 -92.38 -34.36 93.52
CA ILE XE 229 -93.01 -34.86 94.73
C ILE XE 229 -94.36 -35.46 94.35
N GLU XE 230 -94.63 -36.65 94.87
CA GLU XE 230 -95.81 -37.42 94.50
C GLU XE 230 -96.72 -37.55 95.71
N ILE XE 231 -98.02 -37.31 95.49
CA ILE XE 231 -99.05 -37.47 96.51
C ILE XE 231 -100.08 -38.45 95.95
N GLN XE 232 -100.37 -39.50 96.69
CA GLN XE 232 -101.44 -40.43 96.33
C GLN XE 232 -102.42 -40.52 97.48
N TRP XE 233 -103.71 -40.54 97.17
CA TRP XE 233 -104.66 -40.98 98.18
C TRP XE 233 -105.72 -41.88 97.57
N PHE XE 234 -106.10 -42.88 98.35
CA PHE XE 234 -107.15 -43.83 98.02
C PHE XE 234 -108.50 -43.20 98.34
N THR XE 235 -109.52 -44.04 98.39
CA THR XE 235 -110.83 -43.61 98.85
C THR XE 235 -111.35 -44.45 100.01
N SER XE 236 -111.18 -45.76 99.97
CA SER XE 236 -111.69 -46.62 101.03
C SER XE 236 -110.76 -47.78 101.34
N LEU YE 113 -106.81 -63.82 144.11
CA LEU YE 113 -105.46 -63.34 143.82
C LEU YE 113 -105.39 -62.62 142.48
N ASN YE 114 -106.52 -62.06 142.05
CA ASN YE 114 -106.62 -61.42 140.74
C ASN YE 114 -107.25 -60.04 140.76
N ARG YE 115 -107.87 -59.65 141.87
CA ARG YE 115 -108.56 -58.37 141.93
C ARG YE 115 -108.41 -57.80 143.32
N PHE YE 116 -108.16 -56.49 143.41
CA PHE YE 116 -108.12 -55.88 144.72
C PHE YE 116 -108.51 -54.42 144.65
N ARG YE 117 -109.22 -54.00 145.69
CA ARG YE 117 -109.49 -52.60 145.96
C ARG YE 117 -109.06 -52.30 147.38
N TYR YE 118 -108.35 -51.20 147.58
CA TYR YE 118 -108.02 -50.74 148.93
C TYR YE 118 -108.58 -49.35 149.14
N GLU YE 119 -109.35 -49.21 150.23
CA GLU YE 119 -109.83 -47.94 150.72
C GLU YE 119 -109.76 -47.98 152.24
N GLY YE 120 -109.67 -46.81 152.85
CA GLY YE 120 -109.80 -46.73 154.30
C GLY YE 120 -108.56 -46.41 155.10
N ALA YE 121 -107.63 -45.67 154.48
CA ALA YE 121 -106.46 -45.05 155.12
C ALA YE 121 -105.56 -46.10 155.80
N GLY YE 122 -104.97 -46.95 154.97
CA GLY YE 122 -104.12 -48.00 155.49
C GLY YE 122 -102.74 -48.07 154.87
N VAL YE 123 -101.82 -48.74 155.57
CA VAL YE 123 -100.44 -48.92 155.13
C VAL YE 123 -100.23 -50.40 154.87
N VAL YE 124 -99.89 -50.75 153.64
CA VAL YE 124 -99.73 -52.14 153.23
C VAL YE 124 -98.30 -52.35 152.77
N THR YE 125 -97.71 -53.48 153.18
CA THR YE 125 -96.38 -53.89 152.75
C THR YE 125 -96.46 -55.31 152.21
N GLY YE 126 -95.88 -55.53 151.03
CA GLY YE 126 -95.93 -56.83 150.42
C GLY YE 126 -94.77 -57.15 149.50
N ASN YE 127 -94.33 -58.41 149.53
CA ASN YE 127 -93.30 -58.90 148.63
C ASN YE 127 -93.58 -60.38 148.34
N ASN YE 128 -92.91 -60.87 147.29
CA ASN YE 128 -93.02 -62.25 146.79
C ASN YE 128 -94.47 -62.59 146.42
N LEU YE 129 -95.01 -61.85 145.46
CA LEU YE 129 -96.33 -62.10 144.91
C LEU YE 129 -96.19 -62.36 143.41
N ARG YE 130 -96.87 -63.39 142.92
CA ARG YE 130 -96.80 -63.76 141.52
C ARG YE 130 -98.20 -63.98 140.97
N THR YE 131 -98.40 -63.61 139.70
CA THR YE 131 -99.67 -63.75 139.03
C THR YE 131 -99.43 -63.67 137.53
N SER YE 132 -100.53 -63.72 136.78
CA SER YE 132 -100.53 -63.31 135.38
C SER YE 132 -101.02 -61.87 135.23
N TYR YE 133 -102.17 -61.56 135.82
CA TYR YE 133 -102.73 -60.23 135.76
C TYR YE 133 -103.64 -60.04 136.97
N LEU YE 134 -103.58 -58.85 137.57
CA LEU YE 134 -104.54 -58.47 138.59
C LEU YE 134 -104.97 -57.03 138.35
N ASP YE 135 -106.20 -56.72 138.76
CA ASP YE 135 -106.76 -55.38 138.61
C ASP YE 135 -106.75 -54.65 139.95
N LEU YE 136 -106.19 -53.45 139.94
CA LEU YE 136 -105.93 -52.69 141.16
C LEU YE 136 -106.81 -51.46 141.20
N TYR YE 137 -107.43 -51.22 142.36
CA TYR YE 137 -108.22 -50.01 142.56
C TYR YE 137 -107.91 -49.47 143.95
N LEU YE 138 -107.08 -48.43 144.01
CA LEU YE 138 -106.52 -47.95 145.27
C LEU YE 138 -106.99 -46.53 145.57
N ALA YE 139 -107.10 -46.25 146.87
CA ALA YE 139 -107.56 -44.95 147.34
C ALA YE 139 -107.05 -44.73 148.75
N ASN YE 140 -107.40 -43.55 149.28
CA ASN YE 140 -107.31 -43.20 150.71
C ASN YE 140 -105.88 -43.29 151.22
N GLU YE 141 -105.03 -42.45 150.62
CA GLU YE 141 -103.60 -42.22 150.92
C GLU YE 141 -102.82 -43.49 151.25
N GLY YE 142 -103.11 -44.57 150.53
CA GLY YE 142 -102.60 -45.88 150.87
C GLY YE 142 -101.12 -46.02 150.67
N THR YE 143 -100.38 -46.06 151.77
CA THR YE 143 -98.93 -46.22 151.73
C THR YE 143 -98.67 -47.69 151.39
N THR YE 144 -98.61 -47.97 150.09
CA THR YE 144 -98.64 -49.31 149.56
C THR YE 144 -97.26 -49.62 148.98
N ARG YE 145 -96.44 -50.34 149.73
CA ARG YE 145 -95.12 -50.72 149.29
C ARG YE 145 -95.18 -52.17 148.81
N LEU YE 146 -94.88 -52.36 147.53
CA LEU YE 146 -94.97 -53.66 146.89
C LEU YE 146 -93.66 -53.93 146.17
N ALA YE 147 -93.09 -55.10 146.38
CA ALA YE 147 -91.79 -55.43 145.82
C ALA YE 147 -91.78 -56.83 145.26
N GLY YE 148 -92.88 -57.26 144.66
CA GLY YE 148 -93.00 -58.58 144.09
C GLY YE 148 -92.63 -58.62 142.63
N ASN YE 149 -93.01 -59.71 141.97
CA ASN YE 149 -92.86 -59.87 140.53
C ASN YE 149 -94.27 -60.08 139.98
N ILE YE 150 -94.96 -58.98 139.72
CA ILE YE 150 -96.40 -58.96 139.57
C ILE YE 150 -96.76 -58.55 138.15
N GLY YE 151 -97.76 -59.23 137.58
CA GLY YE 151 -98.34 -58.84 136.30
C GLY YE 151 -99.66 -58.12 136.52
N LEU YE 152 -99.89 -57.08 135.72
CA LEU YE 152 -101.08 -56.24 135.84
C LEU YE 152 -101.27 -55.46 134.56
N GLN YE 153 -102.52 -55.09 134.31
CA GLN YE 153 -102.88 -54.30 133.14
C GLN YE 153 -103.68 -53.06 133.51
N LYS YE 154 -104.51 -53.13 134.54
CA LYS YE 154 -105.37 -52.02 134.91
C LYS YE 154 -105.16 -51.67 136.38
N LEU YE 155 -104.69 -50.46 136.63
CA LEU YE 155 -104.53 -49.91 137.96
C LEU YE 155 -105.18 -48.54 137.97
N GLU YE 156 -105.98 -48.27 139.00
CA GLU YE 156 -106.63 -46.99 139.19
C GLU YE 156 -106.30 -46.44 140.57
N ALA YE 157 -106.01 -45.15 140.63
CA ALA YE 157 -105.80 -44.45 141.88
C ALA YE 157 -106.84 -43.33 141.95
N VAL YE 158 -107.58 -43.29 143.06
CA VAL YE 158 -108.69 -42.35 143.17
C VAL YE 158 -108.18 -40.92 143.32
N GLY YE 159 -107.19 -40.71 144.19
CA GLY YE 159 -106.62 -39.39 144.35
C GLY YE 159 -105.98 -39.15 145.70
N ASN YE 160 -105.00 -38.23 145.72
CA ASN YE 160 -104.25 -37.82 146.92
C ASN YE 160 -103.58 -39.00 147.61
N GLY YE 161 -103.12 -39.95 146.82
CA GLY YE 161 -102.53 -41.16 147.35
C GLY YE 161 -101.16 -41.40 146.74
N VAL YE 162 -100.25 -41.89 147.56
CA VAL YE 162 -98.86 -42.10 147.17
C VAL YE 162 -98.61 -43.60 147.14
N THR YE 163 -98.07 -44.09 146.02
CA THR YE 163 -97.87 -45.53 145.84
C THR YE 163 -96.57 -45.78 145.09
N GLN YE 164 -95.72 -46.60 145.68
CA GLN YE 164 -94.50 -47.08 145.05
C GLN YE 164 -94.60 -48.58 144.82
N ILE YE 165 -94.39 -49.01 143.58
CA ILE YE 165 -94.34 -50.42 143.22
C ILE YE 165 -93.00 -50.68 142.57
N ASN YE 166 -92.29 -51.70 143.05
CA ASN YE 166 -90.92 -51.95 142.62
C ASN YE 166 -90.84 -53.32 141.95
N GLY YE 167 -90.75 -53.32 140.63
CA GLY YE 167 -90.51 -54.53 139.87
C GLY YE 167 -91.79 -55.10 139.29
N VAL YE 168 -92.08 -54.81 138.03
CA VAL YE 168 -93.26 -55.32 137.35
C VAL YE 168 -92.83 -55.79 135.97
N SER YE 169 -93.06 -57.06 135.68
CA SER YE 169 -92.86 -57.60 134.34
C SER YE 169 -94.23 -58.04 133.85
N SER YE 170 -94.98 -57.10 133.28
CA SER YE 170 -96.27 -57.38 132.69
C SER YE 170 -96.22 -57.04 131.22
N ARG YE 171 -97.00 -57.78 130.43
CA ARG YE 171 -96.97 -57.59 128.99
C ARG YE 171 -97.65 -56.29 128.58
N ASN YE 172 -98.78 -55.98 129.17
CA ASN YE 172 -99.59 -54.85 128.74
C ASN YE 172 -99.98 -54.01 129.95
N LEU YE 173 -100.11 -52.70 129.72
CA LEU YE 173 -100.58 -51.78 130.74
C LEU YE 173 -101.53 -50.77 130.10
N GLN YE 174 -102.50 -50.32 130.88
CA GLN YE 174 -103.41 -49.26 130.46
C GLN YE 174 -103.93 -48.58 131.72
N ILE YE 175 -103.49 -47.36 131.95
CA ILE YE 175 -103.76 -46.62 133.18
C ILE YE 175 -104.44 -45.31 132.83
N VAL YE 176 -105.46 -44.94 133.60
CA VAL YE 176 -106.04 -43.60 133.56
C VAL YE 176 -106.06 -43.08 134.99
N LEU YE 177 -106.18 -41.76 135.11
CA LEU YE 177 -106.24 -41.13 136.42
C LEU YE 177 -107.33 -40.07 136.43
N LYS YE 178 -107.83 -39.78 137.64
CA LYS YE 178 -108.88 -38.79 137.82
C LYS YE 178 -108.48 -37.83 138.94
N GLY YE 179 -107.72 -38.32 139.91
CA GLY YE 179 -107.30 -37.54 141.05
C GLY YE 179 -105.85 -37.08 140.92
N ASP YE 180 -105.22 -36.88 142.07
CA ASP YE 180 -103.85 -36.36 142.12
C ASP YE 180 -103.00 -37.33 142.92
N PRO YE 181 -102.56 -38.42 142.31
CA PRO YE 181 -101.70 -39.36 143.03
C PRO YE 181 -100.23 -39.01 142.91
N LYS YE 182 -99.40 -39.80 143.58
CA LYS YE 182 -97.94 -39.68 143.53
C LYS YE 182 -97.43 -41.12 143.42
N VAL YE 183 -97.25 -41.58 142.20
CA VAL YE 183 -97.05 -42.99 141.92
C VAL YE 183 -95.72 -43.18 141.20
N LEU YE 184 -94.91 -44.09 141.72
CA LEU YE 184 -93.69 -44.50 141.02
C LEU YE 184 -93.71 -46.00 140.84
N ILE YE 185 -93.27 -46.44 139.66
CA ILE YE 185 -93.41 -47.83 139.24
C ILE YE 185 -92.10 -48.26 138.59
N SER YE 186 -91.60 -49.41 139.00
CA SER YE 186 -90.37 -49.99 138.47
C SER YE 186 -90.68 -51.24 137.66
N GLY YE 187 -89.94 -51.43 136.57
CA GLY YE 187 -90.08 -52.64 135.78
C GLY YE 187 -89.92 -52.47 134.28
N PHE YE 188 -90.54 -53.37 133.51
CA PHE YE 188 -90.46 -53.35 132.05
C PHE YE 188 -91.88 -53.47 131.50
N VAL YE 189 -92.35 -52.43 130.82
CA VAL YE 189 -93.74 -52.29 130.46
C VAL YE 189 -93.83 -51.97 128.98
N ASN YE 190 -94.66 -52.72 128.26
CA ASN YE 190 -95.14 -52.29 126.95
C ASN YE 190 -96.44 -51.55 127.18
N LEU YE 191 -96.33 -50.24 127.39
CA LEU YE 191 -97.52 -49.43 127.61
C LEU YE 191 -98.27 -49.22 126.29
N ARG YE 192 -99.49 -48.70 126.41
CA ARG YE 192 -100.31 -48.40 125.25
C ARG YE 192 -100.71 -46.94 125.18
N GLN YE 193 -101.29 -46.40 126.24
CA GLN YE 193 -102.00 -45.13 126.16
C GLN YE 193 -102.20 -44.56 127.55
N LEU YE 194 -101.92 -43.26 127.72
CA LEU YE 194 -102.09 -42.60 129.01
C LEU YE 194 -102.86 -41.31 128.85
N ASP YE 195 -103.76 -41.04 129.80
CA ASP YE 195 -104.62 -39.87 129.77
C ASP YE 195 -104.63 -39.23 131.15
N MET YE 196 -104.22 -37.97 131.23
CA MET YE 196 -104.07 -37.26 132.50
C MET YE 196 -104.93 -36.00 132.50
N TYR YE 197 -105.79 -35.88 133.52
CA TYR YE 197 -106.76 -34.80 133.57
C TYR YE 197 -106.87 -34.15 134.95
N GLY YE 198 -105.87 -34.32 135.82
CA GLY YE 198 -105.88 -33.69 137.12
C GLY YE 198 -104.61 -32.92 137.42
N LYS YE 199 -103.96 -33.29 138.52
CA LYS YE 199 -102.66 -32.77 138.93
C LYS YE 199 -101.72 -33.93 139.18
N GLY YE 200 -101.63 -34.81 138.21
CA GLY YE 200 -100.96 -36.06 138.40
C GLY YE 200 -99.46 -36.00 138.17
N THR YE 201 -98.76 -36.95 138.78
CA THR YE 201 -97.33 -37.09 138.59
C THR YE 201 -96.95 -38.56 138.63
N LEU YE 202 -96.05 -38.95 137.72
CA LEU YE 202 -95.61 -40.32 137.62
C LEU YE 202 -94.23 -40.35 136.99
N SER YE 203 -93.43 -41.32 137.44
CA SER YE 203 -92.17 -41.66 136.80
C SER YE 203 -92.14 -43.16 136.59
N LEU YE 204 -91.40 -43.59 135.57
CA LEU YE 204 -91.28 -45.01 135.27
C LEU YE 204 -89.83 -45.37 135.02
N TYR YE 205 -89.48 -46.63 135.28
CA TYR YE 205 -88.09 -47.03 135.18
C TYR YE 205 -87.69 -47.33 133.74
N TRP YE 206 -88.31 -48.34 133.13
CA TRP YE 206 -88.00 -48.69 131.75
C TRP YE 206 -89.28 -49.07 131.04
N ILE YE 207 -89.33 -48.81 129.73
CA ILE YE 207 -90.42 -49.28 128.89
C ILE YE 207 -89.84 -49.84 127.61
N LYS YE 208 -90.31 -51.01 127.20
CA LYS YE 208 -90.05 -51.58 125.89
C LYS YE 208 -91.37 -51.57 125.16
N SER YE 209 -91.55 -50.60 124.27
CA SER YE 209 -92.81 -50.50 123.55
C SER YE 209 -92.52 -50.20 122.09
N ASP YE 210 -93.59 -50.07 121.34
CA ASP YE 210 -93.53 -49.71 119.93
C ASP YE 210 -94.38 -48.49 119.61
N THR YE 211 -95.56 -48.37 120.21
CA THR YE 211 -96.46 -47.27 119.92
C THR YE 211 -97.06 -46.76 121.21
N LEU YE 212 -96.98 -45.45 121.42
CA LEU YE 212 -97.46 -44.83 122.65
C LEU YE 212 -98.22 -43.57 122.32
N THR YE 213 -99.29 -43.34 123.06
CA THR YE 213 -100.10 -42.13 122.92
C THR YE 213 -100.30 -41.50 124.29
N ILE YE 214 -99.99 -40.22 124.40
CA ILE YE 214 -100.06 -39.49 125.65
C ILE YE 214 -100.97 -38.30 125.47
N ARG YE 215 -101.96 -38.16 126.34
CA ARG YE 215 -102.83 -36.99 126.38
C ARG YE 215 -102.74 -36.38 127.76
N ALA YE 216 -102.42 -35.08 127.83
CA ALA YE 216 -102.33 -34.43 129.13
C ALA YE 216 -102.99 -33.06 129.08
N LYS YE 217 -103.89 -32.81 130.04
CA LYS YE 217 -104.80 -31.68 129.97
C LYS YE 217 -104.49 -30.58 130.96
N LYS YE 218 -104.50 -30.88 132.26
CA LYS YE 218 -104.58 -29.85 133.28
C LYS YE 218 -103.25 -29.58 133.98
N ALA YE 219 -102.69 -30.59 134.65
CA ALA YE 219 -101.42 -30.41 135.36
C ALA YE 219 -100.79 -31.79 135.47
N ALA YE 220 -99.74 -32.01 134.69
CA ALA YE 220 -99.21 -33.35 134.54
C ALA YE 220 -97.71 -33.30 134.62
N LYS YE 221 -97.13 -34.26 135.34
CA LYS YE 221 -95.70 -34.43 135.42
C LYS YE 221 -95.39 -35.89 135.11
N ILE YE 222 -94.67 -36.12 134.02
CA ILE YE 222 -94.36 -37.47 133.57
C ILE YE 222 -92.87 -37.56 133.32
N GLN YE 223 -92.22 -38.48 134.02
CA GLN YE 223 -90.78 -38.71 133.94
C GLN YE 223 -90.55 -40.12 133.43
N LEU YE 224 -90.19 -40.25 132.17
CA LEU YE 224 -90.16 -41.53 131.49
C LEU YE 224 -88.81 -41.78 130.86
N ALA YE 225 -88.48 -43.07 130.72
CA ALA YE 225 -87.27 -43.50 130.05
C ALA YE 225 -87.50 -44.91 129.50
N GLY YE 226 -87.00 -45.17 128.31
CA GLY YE 226 -87.13 -46.50 127.74
C GLY YE 226 -87.06 -46.47 126.22
N ILE YE 227 -87.62 -47.51 125.62
CA ILE YE 227 -87.51 -47.75 124.18
C ILE YE 227 -88.90 -47.75 123.58
N VAL YE 228 -89.13 -46.85 122.63
CA VAL YE 228 -90.41 -46.74 121.94
C VAL YE 228 -90.13 -46.53 120.45
N ASN YE 229 -90.79 -47.29 119.60
CA ASN YE 229 -90.64 -47.06 118.17
C ASN YE 229 -91.40 -45.83 117.71
N ARG YE 230 -92.62 -45.64 118.19
CA ARG YE 230 -93.42 -44.53 117.68
C ARG YE 230 -94.28 -43.97 118.81
N LEU YE 231 -94.27 -42.64 118.97
CA LEU YE 231 -95.09 -42.06 120.02
C LEU YE 231 -95.63 -40.70 119.62
N ASP YE 232 -96.75 -40.35 120.26
CA ASP YE 232 -97.42 -39.07 120.07
C ASP YE 232 -97.75 -38.46 121.41
N VAL YE 233 -97.53 -37.15 121.52
CA VAL YE 233 -97.79 -36.41 122.73
C VAL YE 233 -98.71 -35.24 122.40
N GLU YE 234 -99.80 -35.12 123.15
CA GLU YE 234 -100.67 -33.95 123.10
C GLU YE 234 -100.67 -33.29 124.47
N LEU YE 235 -100.29 -32.01 124.50
CA LEU YE 235 -100.26 -31.22 125.74
C LEU YE 235 -101.17 -30.02 125.61
N TRP YE 236 -102.04 -29.82 126.59
CA TRP YE 236 -102.98 -28.71 126.54
C TRP YE 236 -102.52 -27.49 127.31
N ASP YE 237 -102.32 -27.61 128.62
CA ASP YE 237 -101.90 -26.46 129.42
C ASP YE 237 -101.23 -26.95 130.70
N PHE YE 238 -100.16 -26.23 131.09
CA PHE YE 238 -99.43 -26.44 132.35
C PHE YE 238 -98.93 -27.87 132.49
N ALA YE 239 -98.45 -28.43 131.38
CA ALA YE 239 -98.04 -29.82 131.32
C ALA YE 239 -96.53 -29.92 131.22
N GLN YE 240 -95.98 -31.01 131.76
CA GLN YE 240 -94.55 -31.23 131.80
C GLN YE 240 -94.27 -32.65 131.33
N PHE YE 241 -93.65 -32.77 130.17
CA PHE YE 241 -93.20 -34.05 129.66
C PHE YE 241 -91.68 -34.04 129.76
N LYS YE 242 -91.13 -34.65 130.81
CA LYS YE 242 -89.68 -34.66 130.97
C LYS YE 242 -89.11 -35.93 130.36
N GLY YE 243 -89.29 -36.07 129.04
CA GLY YE 243 -88.86 -37.29 128.37
C GLY YE 243 -87.39 -37.35 128.03
N LYS YE 244 -86.54 -36.87 128.94
CA LYS YE 244 -85.13 -37.17 128.86
C LYS YE 244 -84.91 -38.65 129.11
N TYR YE 245 -83.84 -39.18 128.53
CA TYR YE 245 -83.42 -40.58 128.60
C TYR YE 245 -84.47 -41.55 128.05
N LEU YE 246 -85.42 -41.05 127.27
CA LEU YE 246 -86.37 -41.86 126.53
C LEU YE 246 -86.07 -41.69 125.05
N ARG YE 247 -85.66 -42.78 124.41
CA ARG YE 247 -85.23 -42.73 123.02
C ARG YE 247 -86.35 -43.24 122.14
N ALA YE 248 -86.69 -42.46 121.11
CA ALA YE 248 -87.81 -42.77 120.24
C ALA YE 248 -87.44 -42.55 118.78
N GLN YE 249 -87.89 -43.47 117.93
CA GLN YE 249 -87.64 -43.32 116.51
C GLN YE 249 -88.59 -42.30 115.89
N ARG YE 250 -89.89 -42.53 116.01
CA ARG YE 250 -90.89 -41.62 115.46
C ARG YE 250 -91.46 -40.81 116.61
N SER YE 251 -91.31 -39.50 116.54
CA SER YE 251 -91.78 -38.65 117.62
C SER YE 251 -92.71 -37.59 117.08
N PHE YE 252 -93.89 -37.48 117.67
CA PHE YE 252 -94.85 -36.46 117.29
C PHE YE 252 -95.22 -35.65 118.53
N VAL YE 253 -95.08 -34.33 118.42
CA VAL YE 253 -95.28 -33.42 119.54
C VAL YE 253 -96.26 -32.34 119.14
N LYS YE 254 -97.36 -32.22 119.88
CA LYS YE 254 -98.31 -31.13 119.67
C LYS YE 254 -98.56 -30.44 121.01
N THR YE 255 -98.15 -29.18 121.11
CA THR YE 255 -98.18 -28.45 122.37
C THR YE 255 -98.97 -27.16 122.23
N HIS YE 256 -99.97 -27.00 123.09
CA HIS YE 256 -100.75 -25.78 123.14
C HIS YE 256 -100.14 -24.82 124.15
N ASP YE 257 -100.95 -23.88 124.64
CA ASP YE 257 -100.45 -22.79 125.47
C ASP YE 257 -99.90 -23.27 126.81
N LYS YE 258 -98.72 -22.73 127.17
CA LYS YE 258 -98.05 -22.94 128.45
C LYS YE 258 -97.77 -24.42 128.70
N SER YE 259 -96.90 -24.98 127.89
CA SER YE 259 -96.60 -26.40 127.97
C SER YE 259 -95.11 -26.61 127.77
N VAL YE 260 -94.55 -27.51 128.56
CA VAL YE 260 -93.12 -27.79 128.52
C VAL YE 260 -92.95 -29.26 128.16
N ALA YE 261 -92.21 -29.51 127.10
CA ALA YE 261 -91.92 -30.88 126.71
C ALA YE 261 -90.49 -30.97 126.22
N GLU YE 262 -89.70 -31.85 126.83
CA GLU YE 262 -88.35 -32.12 126.34
C GLU YE 262 -88.27 -33.58 125.93
N ILE YE 263 -87.70 -33.81 124.75
CA ILE YE 263 -87.70 -35.12 124.10
C ILE YE 263 -86.30 -35.45 123.64
N SER YE 264 -86.11 -36.70 123.24
CA SER YE 264 -84.82 -37.22 122.82
C SER YE 264 -84.98 -38.08 121.57
N ALA YE 265 -85.62 -37.51 120.54
CA ALA YE 265 -85.90 -38.24 119.31
C ALA YE 265 -84.62 -38.66 118.58
N VAL YE 266 -84.64 -39.88 118.06
CA VAL YE 266 -83.46 -40.50 117.47
C VAL YE 266 -83.44 -40.35 115.96
N ASN YE 267 -84.57 -40.63 115.31
CA ASN YE 267 -84.61 -40.72 113.87
C ASN YE 267 -85.43 -39.61 113.23
N HIS YE 268 -86.71 -39.49 113.59
CA HIS YE 268 -87.66 -38.64 112.89
C HIS YE 268 -88.48 -37.84 113.90
N GLN YE 269 -88.44 -36.51 113.77
CA GLN YE 269 -88.98 -35.60 114.76
C GLN YE 269 -89.96 -34.63 114.11
N SER YE 270 -91.19 -34.61 114.61
CA SER YE 270 -92.19 -33.65 114.19
C SER YE 270 -92.69 -32.88 115.40
N SER YE 271 -92.63 -31.55 115.32
CA SER YE 271 -92.90 -30.71 116.49
C SER YE 271 -93.72 -29.49 116.11
N LEU YE 272 -94.84 -29.31 116.79
CA LEU YE 272 -95.71 -28.16 116.57
C LEU YE 272 -96.03 -27.50 117.90
N ALA YE 273 -95.78 -26.19 117.97
CA ALA YE 273 -96.03 -25.41 119.19
C ALA YE 273 -96.91 -24.22 118.85
N THR YE 274 -97.96 -24.02 119.63
CA THR YE 274 -98.86 -22.90 119.33
C THR YE 274 -98.30 -21.59 119.89
N ASP YE 275 -98.17 -21.49 121.20
CA ASP YE 275 -97.85 -20.23 121.84
C ASP YE 275 -97.39 -20.47 123.27
N ALA YE 276 -96.44 -19.64 123.71
CA ALA YE 276 -95.98 -19.55 125.10
C ALA YE 276 -95.48 -20.88 125.65
N SER YE 277 -94.88 -21.69 124.80
CA SER YE 277 -94.59 -23.07 125.12
C SER YE 277 -93.17 -23.39 124.69
N ASP YE 278 -92.56 -24.32 125.42
CA ASP YE 278 -91.17 -24.67 125.18
C ASP YE 278 -91.05 -26.15 124.86
N ILE YE 279 -90.42 -26.45 123.72
CA ILE YE 279 -90.08 -27.79 123.33
C ILE YE 279 -88.57 -27.86 123.24
N TYR YE 280 -87.97 -28.83 123.91
CA TYR YE 280 -86.53 -29.00 123.92
C TYR YE 280 -86.18 -30.35 123.32
N TYR YE 281 -85.08 -30.39 122.57
CA TYR YE 281 -84.59 -31.66 122.05
C TYR YE 281 -83.19 -31.91 122.59
N TYR YE 282 -82.96 -33.08 123.15
CA TYR YE 282 -81.67 -33.39 123.75
C TYR YE 282 -80.88 -34.41 122.97
N ASN YE 283 -81.26 -34.71 121.75
CA ASN YE 283 -80.42 -35.50 120.88
C ASN YE 283 -80.71 -35.12 119.44
N LEU YE 284 -79.65 -34.75 118.72
CA LEU YE 284 -79.78 -34.30 117.33
C LEU YE 284 -80.12 -35.49 116.46
N SER YE 285 -81.40 -35.62 116.12
CA SER YE 285 -81.83 -36.67 115.23
C SER YE 285 -81.42 -36.38 113.80
N LYS YE 286 -81.58 -37.38 112.94
CA LYS YE 286 -81.27 -37.18 111.53
C LYS YE 286 -82.37 -36.50 110.76
N THR YE 287 -83.59 -36.41 111.30
CA THR YE 287 -84.65 -35.67 110.63
C THR YE 287 -85.43 -34.86 111.64
N ARG YE 288 -85.44 -33.55 111.46
CA ARG YE 288 -86.05 -32.62 112.40
C ARG YE 288 -86.98 -31.69 111.64
N ALA YE 289 -88.17 -31.45 112.19
CA ALA YE 289 -89.03 -30.39 111.66
C ALA YE 289 -89.85 -29.77 112.77
N ASP YE 290 -89.81 -28.44 112.84
CA ASP YE 290 -90.39 -27.68 113.93
C ASP YE 290 -91.20 -26.53 113.38
N PHE YE 291 -92.30 -26.21 114.04
CA PHE YE 291 -93.12 -25.06 113.64
C PHE YE 291 -93.69 -24.35 114.86
N MET YE 292 -93.64 -23.03 114.82
CA MET YE 292 -94.17 -22.16 115.86
C MET YE 292 -95.30 -21.33 115.29
N ALA YE 293 -96.41 -21.25 116.03
CA ALA YE 293 -97.59 -20.52 115.53
C ALA YE 293 -97.58 -19.07 115.99
N PHE YE 294 -97.55 -18.84 117.30
CA PHE YE 294 -97.56 -17.49 117.85
C PHE YE 294 -96.31 -17.17 118.66
N ASN YE 295 -96.12 -17.86 119.77
CA ASN YE 295 -95.00 -17.52 120.64
C ASN YE 295 -94.28 -18.76 121.14
N GLY YE 296 -94.60 -19.95 120.64
CA GLY YE 296 -93.91 -21.15 121.04
C GLY YE 296 -92.50 -21.21 120.48
N SER YE 297 -91.71 -22.09 121.05
CA SER YE 297 -90.30 -22.14 120.68
C SER YE 297 -89.77 -23.55 120.81
N VAL YE 298 -88.83 -23.87 119.93
CA VAL YE 298 -88.15 -25.15 119.89
C VAL YE 298 -86.66 -24.90 120.04
N LEU YE 299 -86.03 -25.55 121.02
CA LEU YE 299 -84.67 -25.23 121.37
C LEU YE 299 -83.85 -26.47 121.65
N ASP YE 300 -82.54 -26.30 121.49
CA ASP YE 300 -81.59 -27.37 121.69
C ASP YE 300 -81.27 -27.58 123.16
N MET YE 301 -80.66 -26.58 123.78
CA MET YE 301 -80.05 -26.60 125.12
C MET YE 301 -79.33 -27.92 125.43
N ARG YE 302 -78.32 -28.21 124.60
CA ARG YE 302 -77.32 -29.21 124.92
C ARG YE 302 -76.21 -28.53 125.75
N GLU YE 303 -75.09 -29.22 125.93
CA GLU YE 303 -74.10 -28.76 126.90
C GLU YE 303 -72.93 -27.98 126.31
N TRP YE 304 -72.66 -28.16 125.01
CA TRP YE 304 -71.59 -27.51 124.24
C TRP YE 304 -70.17 -27.87 124.69
N GLY YE 305 -70.01 -28.75 125.67
CA GLY YE 305 -68.69 -28.95 126.23
C GLY YE 305 -68.19 -30.37 126.08
N GLN YE 306 -69.06 -31.25 125.60
CA GLN YE 306 -68.67 -32.61 125.29
C GLN YE 306 -67.70 -32.60 124.11
N SER YE 307 -66.65 -33.41 124.21
CA SER YE 307 -65.60 -33.45 123.21
C SER YE 307 -66.05 -34.06 121.88
N ASP YE 308 -67.23 -34.66 121.81
CA ASP YE 308 -67.64 -35.44 120.66
C ASP YE 308 -69.06 -35.11 120.23
N LEU YE 309 -69.38 -33.83 120.06
CA LEU YE 309 -70.68 -33.43 119.56
C LEU YE 309 -70.59 -33.16 118.06
N LYS YE 310 -71.47 -33.80 117.29
CA LYS YE 310 -71.53 -33.56 115.86
C LYS YE 310 -72.25 -32.26 115.56
N ASP YE 311 -71.91 -31.66 114.43
CA ASP YE 311 -72.62 -30.48 113.96
C ASP YE 311 -73.72 -30.93 113.00
N PHE YE 312 -74.30 -30.01 112.26
CA PHE YE 312 -75.32 -30.37 111.31
C PHE YE 312 -74.68 -30.86 110.01
N ASP YE 313 -75.47 -31.54 109.22
CA ASP YE 313 -75.11 -31.91 107.85
C ASP YE 313 -76.12 -31.26 106.91
N ARG YE 314 -76.09 -31.70 105.64
CA ARG YE 314 -76.97 -31.13 104.63
C ARG YE 314 -78.43 -31.47 104.87
N TYR YE 315 -78.72 -32.53 105.62
CA TYR YE 315 -80.08 -33.01 105.75
C TYR YE 315 -80.77 -32.53 107.01
N ASN YE 316 -80.08 -32.50 108.14
CA ASN YE 316 -80.69 -32.16 109.41
C ASN YE 316 -80.68 -30.67 109.69
N LYS YE 317 -80.18 -29.85 108.78
CA LYS YE 317 -79.99 -28.43 109.04
C LYS YE 317 -81.28 -27.67 108.71
N GLN YE 318 -81.84 -27.01 109.70
CA GLN YE 318 -82.99 -26.13 109.50
C GLN YE 318 -82.79 -24.85 110.30
N PHE YE 319 -83.43 -23.80 109.84
CA PHE YE 319 -83.30 -22.50 110.48
C PHE YE 319 -84.62 -22.11 111.12
N PRO YE 320 -84.76 -22.25 112.44
CA PRO YE 320 -85.98 -21.88 113.14
C PRO YE 320 -86.12 -20.38 113.30
N ASP ZE 39 -71.64 12.38 89.64
CA ASP ZE 39 -70.35 12.99 89.34
C ASP ZE 39 -69.72 13.60 90.60
N GLY ZE 40 -70.54 14.29 91.40
CA GLY ZE 40 -70.08 14.85 92.64
C GLY ZE 40 -69.76 13.77 93.64
N CYS ZE 41 -68.48 13.54 93.87
CA CYS ZE 41 -68.07 12.37 94.65
C CYS ZE 41 -68.34 12.56 96.12
N CYS ZE 42 -67.82 13.64 96.71
CA CYS ZE 42 -68.20 13.96 98.09
C CYS ZE 42 -69.36 14.94 98.12
N SER ZE 43 -70.41 14.64 97.37
CA SER ZE 43 -71.59 15.49 97.37
C SER ZE 43 -72.43 15.23 98.60
N LYS ZE 44 -73.33 16.18 98.89
CA LYS ZE 44 -74.17 16.20 100.09
C LYS ZE 44 -73.36 16.19 101.37
N MET ZE 45 -72.14 16.72 101.32
CA MET ZE 45 -71.31 16.94 102.47
C MET ZE 45 -70.61 18.28 102.25
N GLY ZE 46 -69.54 18.53 103.01
CA GLY ZE 46 -68.77 19.74 102.79
C GLY ZE 46 -68.10 19.76 101.43
N GLY ZE 47 -67.71 18.60 100.93
CA GLY ZE 47 -67.20 18.51 99.58
C GLY ZE 47 -65.87 17.79 99.58
N ILE ZE 48 -65.16 17.95 98.47
CA ILE ZE 48 -63.89 17.28 98.28
C ILE ZE 48 -62.83 17.96 99.13
N ASN ZE 49 -62.12 17.18 99.95
CA ASN ZE 49 -60.95 17.73 100.61
C ASN ZE 49 -59.72 17.64 99.72
N TYR ZE 50 -59.25 16.42 99.45
CA TYR ZE 50 -58.08 16.15 98.61
C TYR ZE 50 -57.98 14.66 98.36
N CYS ZE 51 -57.01 14.27 97.55
CA CYS ZE 51 -56.81 12.88 97.14
C CYS ZE 51 -55.68 12.28 97.95
N ASP ZE 52 -56.02 11.33 98.81
CA ASP ZE 52 -55.01 10.57 99.55
C ASP ZE 52 -54.56 9.43 98.66
N SER ZE 53 -53.35 9.56 98.12
CA SER ZE 53 -52.86 8.59 97.16
C SER ZE 53 -52.30 7.35 97.81
N SER ZE 54 -52.05 7.38 99.12
CA SER ZE 54 -51.76 6.14 99.84
C SER ZE 54 -52.98 5.25 99.82
N ALA ZE 55 -54.15 5.84 100.03
CA ALA ZE 55 -55.39 5.10 99.90
C ALA ZE 55 -55.89 5.07 98.46
N GLY ZE 56 -55.40 5.97 97.61
CA GLY ZE 56 -55.96 6.11 96.29
C GLY ZE 56 -57.40 6.57 96.29
N ARG ZE 57 -57.78 7.35 97.30
CA ARG ZE 57 -59.17 7.69 97.52
C ARG ZE 57 -59.32 9.19 97.70
N LEU ZE 58 -60.48 9.71 97.32
CA LEU ZE 58 -60.78 11.08 97.69
C LEU ZE 58 -61.15 11.15 99.16
N VAL ZE 59 -61.02 12.35 99.71
CA VAL ZE 59 -61.37 12.62 101.10
C VAL ZE 59 -62.51 13.62 101.10
N CYS ZE 60 -63.60 13.28 101.77
CA CYS ZE 60 -64.66 14.25 101.89
C CYS ZE 60 -64.33 15.23 103.00
N ASN ZE 61 -65.08 16.34 103.04
CA ASN ZE 61 -64.75 17.38 104.01
C ASN ZE 61 -65.18 17.01 105.42
N ASN ZE 62 -66.30 16.34 105.57
CA ASN ZE 62 -66.49 15.60 106.80
C ASN ZE 62 -65.61 14.36 106.75
N GLY ZE 63 -65.28 13.82 107.92
CA GLY ZE 63 -64.32 12.75 107.99
C GLY ZE 63 -64.77 11.40 107.48
N PHE ZE 64 -65.22 11.32 106.23
CA PHE ZE 64 -65.66 10.05 105.68
C PHE ZE 64 -65.06 9.84 104.30
N TYR ZE 65 -64.81 8.58 103.98
CA TYR ZE 65 -64.19 8.24 102.72
C TYR ZE 65 -65.19 8.36 101.58
N SER ZE 66 -64.70 8.81 100.43
CA SER ZE 66 -65.53 8.89 99.24
C SER ZE 66 -65.77 7.49 98.67
N THR ZE 67 -66.50 7.47 97.56
CA THR ZE 67 -66.67 6.27 96.79
C THR ZE 67 -66.04 6.37 95.41
N CYS ZE 68 -65.35 7.46 95.13
CA CYS ZE 68 -64.62 7.60 93.89
C CYS ZE 68 -63.16 7.25 94.12
N TYR ZE 69 -62.34 7.47 93.10
CA TYR ZE 69 -60.91 7.25 93.19
C TYR ZE 69 -60.17 8.43 92.59
N CYS ZE 70 -58.87 8.43 92.76
CA CYS ZE 70 -58.01 9.36 92.05
C CYS ZE 70 -56.76 8.75 91.47
N THR ZE 71 -56.34 7.57 91.93
CA THR ZE 71 -55.14 6.93 91.44
C THR ZE 71 -55.49 5.64 90.72
N ARG ZE 72 -54.70 5.33 89.70
CA ARG ZE 72 -54.85 4.06 89.03
C ARG ZE 72 -54.26 2.90 89.82
N HIS ZE 73 -53.55 3.17 90.91
CA HIS ZE 73 -53.10 2.09 91.79
C HIS ZE 73 -54.11 1.83 92.89
N ALA ZE 74 -55.37 1.64 92.54
CA ALA ZE 74 -56.42 1.58 93.54
C ALA ZE 74 -57.01 0.19 93.65
N VAL ZE 75 -57.63 -0.08 94.79
CA VAL ZE 75 -58.25 -1.39 95.01
C VAL ZE 75 -59.60 -1.39 94.29
N MET ZE 76 -59.60 -1.81 93.04
CA MET ZE 76 -60.81 -1.83 92.24
C MET ZE 76 -61.04 -3.24 91.73
N ASP ZE 77 -62.29 -3.69 91.78
CA ASP ZE 77 -62.62 -5.02 91.32
C ASP ZE 77 -62.72 -5.01 89.80
N LEU ZE 78 -62.08 -5.98 89.15
CA LEU ZE 78 -62.04 -6.06 87.70
C LEU ZE 78 -62.56 -7.42 87.26
N GLN ZE 79 -63.74 -7.43 86.66
CA GLN ZE 79 -64.41 -8.68 86.28
C GLN ZE 79 -64.76 -8.75 84.81
N PHE ZE 80 -64.18 -7.89 83.96
CA PHE ZE 80 -64.46 -7.93 82.54
C PHE ZE 80 -63.31 -7.27 81.82
N LEU ZE 81 -62.85 -7.87 80.73
CA LEU ZE 81 -61.69 -7.39 80.03
C LEU ZE 81 -61.94 -7.34 78.54
N MET ZE 82 -61.10 -6.55 77.87
CA MET ZE 82 -61.07 -6.43 76.42
C MET ZE 82 -59.86 -7.20 75.88
N GLY ZE 83 -59.60 -7.03 74.59
CA GLY ZE 83 -58.34 -7.43 74.01
C GLY ZE 83 -58.35 -8.83 73.43
N CYS ZE 84 -57.26 -9.14 72.72
CA CYS ZE 84 -57.04 -10.42 72.11
C CYS ZE 84 -55.75 -11.03 72.66
N CYS ZE 85 -55.61 -12.34 72.43
CA CYS ZE 85 -54.46 -13.15 72.89
C CYS ZE 85 -54.25 -13.05 74.40
N LEU ZE 86 -55.35 -12.93 75.14
CA LEU ZE 86 -55.27 -12.95 76.58
C LEU ZE 86 -54.95 -14.34 77.06
N TRP ZE 87 -54.30 -14.42 78.23
CA TRP ZE 87 -53.78 -15.66 78.81
C TRP ZE 87 -52.85 -16.37 77.84
N HIS ZE 88 -52.08 -15.59 77.10
CA HIS ZE 88 -51.15 -16.09 76.13
C HIS ZE 88 -49.99 -15.10 76.12
N GLY ZE 89 -49.16 -15.17 75.08
CA GLY ZE 89 -48.06 -14.24 75.03
C GLY ZE 89 -48.39 -12.85 74.57
N GLY ZE 90 -49.65 -12.56 74.24
CA GLY ZE 90 -50.01 -11.30 73.64
C GLY ZE 90 -49.89 -11.36 72.13
N VAL ZE 91 -50.33 -10.28 71.48
CA VAL ZE 91 -50.29 -10.23 70.03
C VAL ZE 91 -48.86 -10.06 69.55
N TYR ZE 92 -48.60 -10.56 68.37
CA TYR ZE 92 -47.29 -10.35 67.77
C TYR ZE 92 -47.22 -8.94 67.19
N PRO ZE 93 -46.14 -8.21 67.42
CA PRO ZE 93 -45.96 -6.93 66.74
C PRO ZE 93 -45.86 -7.05 65.23
N GLN ZE 94 -45.33 -8.16 64.72
CA GLN ZE 94 -45.31 -8.36 63.28
C GLN ZE 94 -46.71 -8.67 62.78
N LEU ZE 95 -46.95 -8.37 61.50
CA LEU ZE 95 -48.25 -8.58 60.90
C LEU ZE 95 -48.17 -9.60 59.79
N ASN ZE 96 -49.30 -10.21 59.50
CA ASN ZE 96 -49.43 -11.14 58.39
C ASN ZE 96 -49.91 -10.38 57.16
N SER ZE 97 -49.62 -10.96 55.99
CA SER ZE 97 -50.22 -10.45 54.75
C SER ZE 97 -51.73 -10.64 54.79
N SER ZE 98 -52.17 -11.80 55.24
CA SER ZE 98 -53.60 -12.04 55.45
C SER ZE 98 -54.01 -11.46 56.80
N GLY ZE 99 -55.29 -11.62 57.11
CA GLY ZE 99 -55.83 -11.19 58.38
C GLY ZE 99 -55.64 -12.17 59.52
N LEU ZE 100 -54.78 -13.16 59.32
CA LEU ZE 100 -54.43 -14.08 60.40
C LEU ZE 100 -53.66 -13.33 61.48
N VAL ZE 101 -54.03 -13.54 62.73
CA VAL ZE 101 -53.35 -12.95 63.87
C VAL ZE 101 -52.85 -14.08 64.75
N VAL ZE 102 -51.58 -14.01 65.13
CA VAL ZE 102 -50.90 -15.09 65.84
C VAL ZE 102 -50.37 -14.55 67.16
N CYS ZE 103 -50.70 -15.23 68.25
CA CYS ZE 103 -50.21 -14.82 69.56
C CYS ZE 103 -48.73 -15.16 69.71
N ASN ZE 104 -48.12 -14.58 70.74
CA ASN ZE 104 -46.67 -14.72 70.94
C ASN ZE 104 -46.27 -16.11 71.39
N ASP ZE 105 -47.18 -16.89 71.94
CA ASP ZE 105 -46.87 -18.23 72.41
C ASP ZE 105 -47.28 -19.31 71.42
N GLY ZE 106 -47.56 -18.92 70.16
CA GLY ZE 106 -47.82 -19.88 69.11
C GLY ZE 106 -49.29 -20.15 68.86
N TYR ZE 107 -50.17 -19.73 69.74
CA TYR ZE 107 -51.59 -19.89 69.51
C TYR ZE 107 -52.08 -18.92 68.44
N VAL ZE 108 -53.08 -19.35 67.67
CA VAL ZE 108 -53.70 -18.53 66.66
C VAL ZE 108 -55.18 -18.39 67.00
N SER ZE 109 -55.65 -17.15 67.09
CA SER ZE 109 -57.00 -16.85 67.53
C SER ZE 109 -57.86 -16.50 66.32
N GLU ZE 110 -58.69 -17.43 65.90
CA GLU ZE 110 -59.63 -17.14 64.83
C GLU ZE 110 -60.70 -16.15 65.26
N GLU ZE 111 -61.05 -16.13 66.54
CA GLU ZE 111 -62.09 -15.23 67.02
C GLU ZE 111 -61.64 -13.78 67.02
N CYS ZE 112 -60.34 -13.52 66.99
CA CYS ZE 112 -59.86 -12.20 66.64
C CYS ZE 112 -59.59 -12.08 65.16
N SER ZE 113 -59.24 -13.19 64.51
CA SER ZE 113 -58.90 -13.14 63.09
C SER ZE 113 -60.15 -12.98 62.24
N LEU ZE 114 -59.93 -12.68 60.96
CA LEU ZE 114 -61.02 -12.61 60.01
C LEU ZE 114 -61.09 -13.88 59.18
N GLN ZE 115 -62.29 -14.40 59.00
CA GLN ZE 115 -62.52 -15.68 58.37
C GLN ZE 115 -62.96 -15.48 56.92
N LYS ZE 116 -63.21 -16.59 56.24
CA LYS ZE 116 -63.72 -16.56 54.88
C LYS ZE 116 -64.72 -17.68 54.67
N UNK AF 1 -63.93 -7.65 115.04
CA UNK AF 1 -63.89 -6.57 116.03
C UNK AF 1 -64.70 -6.93 117.27
N UNK AF 2 -65.97 -7.28 117.04
CA UNK AF 2 -66.93 -7.78 118.03
C UNK AF 2 -67.24 -6.78 119.14
N UNK AF 3 -66.94 -5.50 118.94
CA UNK AF 3 -67.26 -4.44 119.88
C UNK AF 3 -67.21 -3.12 119.14
N UNK AF 4 -67.88 -2.12 119.71
CA UNK AF 4 -67.83 -0.78 119.15
C UNK AF 4 -67.27 0.23 120.14
N UNK AF 5 -67.80 0.30 121.35
CA UNK AF 5 -67.32 1.25 122.36
C UNK AF 5 -66.52 0.46 123.38
N UNK AF 6 -65.22 0.36 123.15
CA UNK AF 6 -64.35 -0.46 123.99
C UNK AF 6 -64.14 0.24 125.33
N UNK AF 7 -64.62 -0.39 126.39
CA UNK AF 7 -64.64 0.23 127.72
C UNK AF 7 -63.23 0.27 128.28
N UNK AF 8 -62.69 1.46 128.43
CA UNK AF 8 -61.39 1.65 129.08
C UNK AF 8 -61.63 1.65 130.59
N UNK AF 9 -61.78 0.44 131.13
CA UNK AF 9 -62.03 0.14 132.55
C UNK AF 9 -63.23 0.89 133.12
N UNK BF 1 -1.34 -113.47 25.52
CA UNK BF 1 -0.36 -112.41 25.62
C UNK BF 1 -0.08 -112.04 27.07
N UNK BF 2 -0.95 -111.19 27.62
CA UNK BF 2 -0.82 -110.81 29.02
C UNK BF 2 -1.31 -111.94 29.93
N UNK BF 3 -0.61 -112.16 31.03
CA UNK BF 3 -0.97 -113.21 31.98
C UNK BF 3 -1.86 -112.61 33.05
N UNK BF 4 -3.17 -112.72 32.85
CA UNK BF 4 -4.13 -112.13 33.79
C UNK BF 4 -4.16 -112.88 35.12
N UNK BF 5 -4.06 -114.21 35.07
CA UNK BF 5 -4.09 -115.01 36.30
C UNK BF 5 -2.85 -114.79 37.13
N UNK BF 6 -1.67 -114.81 36.48
CA UNK BF 6 -0.42 -114.52 37.18
C UNK BF 6 -0.39 -113.09 37.68
N UNK BF 7 -0.99 -112.18 36.92
CA UNK BF 7 -1.07 -110.78 37.34
C UNK BF 7 -1.93 -110.61 38.59
N UNK BF 8 -3.07 -111.31 38.64
CA UNK BF 8 -3.94 -111.22 39.81
C UNK BF 8 -3.29 -111.86 41.03
N UNK BF 9 -2.59 -112.99 40.82
CA UNK BF 9 -1.87 -113.64 41.93
C UNK BF 9 -0.74 -112.75 42.46
N UNK BF 10 0.01 -112.13 41.56
CA UNK BF 10 1.08 -111.22 41.99
C UNK BF 10 0.52 -109.97 42.63
N UNK BF 11 -0.64 -109.49 42.19
CA UNK BF 11 -1.28 -108.34 42.83
C UNK BF 11 -1.72 -108.67 44.24
N UNK BF 12 -2.27 -109.88 44.45
CA UNK BF 12 -2.67 -110.29 45.79
C UNK BF 12 -1.45 -110.48 46.70
N UNK BF 13 -0.36 -111.02 46.15
CA UNK BF 13 0.87 -111.20 46.94
C UNK BF 13 1.48 -109.85 47.30
N UNK BF 14 1.44 -108.88 46.38
CA UNK BF 14 1.93 -107.54 46.70
C UNK BF 14 1.00 -106.81 47.66
N UNK BF 15 -0.29 -107.13 47.63
CA UNK BF 15 -1.22 -106.53 48.59
C UNK BF 15 -0.96 -107.04 50.00
N UNK BF 16 -0.86 -108.36 50.17
CA UNK BF 16 -0.55 -108.95 51.48
C UNK BF 16 0.57 -109.97 51.30
N UNK BF 17 1.81 -109.50 51.30
CA UNK BF 17 2.98 -110.36 51.32
C UNK BF 17 3.48 -110.65 52.73
N UNK BF 18 2.85 -110.05 53.75
CA UNK BF 18 3.16 -110.24 55.16
C UNK BF 18 4.61 -109.90 55.51
N UNK BF 19 5.10 -108.78 54.96
CA UNK BF 19 6.45 -108.32 55.27
C UNK BF 19 6.47 -106.80 55.09
N UNK BF 20 6.33 -106.08 56.19
CA UNK BF 20 6.40 -104.61 56.17
C UNK BF 20 6.76 -104.12 57.57
N UNK BF 21 7.82 -103.31 57.66
CA UNK BF 21 8.35 -102.84 58.93
C UNK BF 21 8.17 -101.34 59.02
N UNK BF 22 7.57 -100.89 60.13
CA UNK BF 22 7.32 -99.48 60.37
C UNK BF 22 8.30 -98.96 61.40
N UNK BF 23 8.90 -97.80 61.12
CA UNK BF 23 9.87 -97.18 62.02
C UNK BF 23 9.45 -95.74 62.24
N UNK BF 24 8.79 -95.47 63.37
CA UNK BF 24 8.43 -94.11 63.74
C UNK BF 24 9.66 -93.39 64.30
N UNK BF 25 9.54 -92.08 64.44
CA UNK BF 25 10.68 -91.25 64.78
C UNK BF 25 10.50 -90.65 66.17
N UNK BF 26 11.37 -89.71 66.50
CA UNK BF 26 11.28 -88.92 67.71
C UNK BF 26 11.60 -87.46 67.36
N UNK BF 27 11.23 -86.56 68.28
CA UNK BF 27 11.42 -85.13 68.07
C UNK BF 27 12.88 -84.70 68.15
N UNK BF 28 13.75 -85.51 68.75
CA UNK BF 28 15.18 -85.27 68.75
C UNK BF 28 15.92 -86.34 67.95
N UNK BF 29 15.22 -86.95 66.98
CA UNK BF 29 15.73 -87.99 66.08
C UNK BF 29 16.28 -89.20 66.85
N UNK BF 30 15.53 -89.65 67.85
CA UNK BF 30 15.88 -90.85 68.60
C UNK BF 30 15.20 -92.07 67.99
N UNK BF 31 15.93 -93.17 67.92
CA UNK BF 31 15.46 -94.37 67.26
C UNK BF 31 14.61 -95.20 68.22
N UNK BF 32 13.31 -95.24 67.97
CA UNK BF 32 12.38 -96.05 68.75
C UNK BF 32 11.64 -96.96 67.78
N UNK BF 33 12.15 -98.17 67.58
CA UNK BF 33 11.59 -99.14 66.65
C UNK BF 33 10.81 -100.20 67.42
N UNK BF 34 9.70 -100.63 66.87
CA UNK BF 34 8.83 -101.61 67.49
C UNK BF 34 8.80 -102.90 66.69
N UNK BF 35 7.92 -103.82 67.10
CA UNK BF 35 7.77 -105.08 66.39
C UNK BF 35 7.07 -104.86 65.06
N UNK BF 36 7.66 -105.41 63.99
CA UNK BF 36 7.11 -105.25 62.65
C UNK BF 36 5.99 -106.25 62.44
N UNK BF 37 4.76 -105.75 62.40
CA UNK BF 37 3.58 -106.55 62.18
C UNK BF 37 3.10 -106.37 60.75
N UNK BF 38 2.07 -107.13 60.39
CA UNK BF 38 1.45 -107.17 59.05
C UNK BF 38 2.46 -107.45 57.93
N UNK BF 39 3.53 -84.42 64.02
CA UNK BF 39 4.44 -85.42 63.47
C UNK BF 39 4.59 -86.61 64.43
N UNK BF 40 3.72 -87.60 64.26
CA UNK BF 40 3.77 -88.83 65.05
C UNK BF 40 4.49 -89.95 64.32
N UNK BF 41 4.20 -90.12 63.02
CA UNK BF 41 4.88 -91.12 62.21
C UNK BF 41 4.92 -90.63 60.78
N UNK BF 42 6.06 -90.79 60.13
CA UNK BF 42 6.19 -90.42 58.73
C UNK BF 42 5.42 -91.40 57.85
N UNK BF 43 4.94 -90.89 56.72
CA UNK BF 43 4.17 -91.70 55.79
C UNK BF 43 5.02 -92.80 55.17
N UNK BF 44 6.33 -92.57 55.04
CA UNK BF 44 7.26 -93.58 54.59
C UNK BF 44 7.86 -94.36 55.75
N UNK BF 45 7.20 -94.38 56.91
CA UNK BF 45 7.69 -95.16 58.05
C UNK BF 45 7.61 -96.65 57.75
N UNK BF 46 6.54 -97.10 57.11
CA UNK BF 46 6.39 -98.52 56.79
C UNK BF 46 7.25 -98.86 55.57
N UNK BF 47 8.15 -99.82 55.74
CA UNK BF 47 9.04 -100.26 54.68
C UNK BF 47 9.10 -101.78 54.64
N UNK BF 48 9.38 -102.32 53.47
CA UNK BF 48 9.43 -103.77 53.28
C UNK BF 48 10.84 -104.24 52.96
N LYS CF 24 -94.13 -7.85 105.15
CA LYS CF 24 -94.58 -7.34 103.86
C LYS CF 24 -93.94 -8.12 102.72
N PHE CF 25 -92.71 -7.77 102.39
CA PHE CF 25 -91.99 -8.36 101.26
C PHE CF 25 -90.85 -9.22 101.76
N LYS CF 26 -91.00 -10.53 101.68
CA LYS CF 26 -89.87 -11.44 101.83
C LYS CF 26 -89.23 -11.60 100.46
N LYS CF 27 -88.04 -11.08 100.31
CA LYS CF 27 -87.36 -11.16 99.03
C LYS CF 27 -86.82 -12.57 98.80
N PRO CF 28 -86.85 -13.07 97.57
CA PRO CF 28 -86.18 -14.33 97.25
C PRO CF 28 -84.67 -14.14 97.25
N PRO CF 29 -83.89 -15.22 97.31
CA PRO CF 29 -82.44 -15.09 97.17
C PRO CF 29 -82.05 -14.55 95.81
N ILE CF 30 -80.96 -13.79 95.80
CA ILE CF 30 -80.63 -12.97 94.64
C ILE CF 30 -79.94 -13.79 93.56
N ASN CF 31 -78.89 -14.51 93.91
CA ASN CF 31 -78.17 -15.34 92.95
C ASN CF 31 -78.70 -16.77 92.97
N ASN CF 32 -80.00 -16.88 92.81
CA ASN CF 32 -80.63 -18.20 92.90
C ASN CF 32 -80.36 -19.01 91.64
N PRO CF 33 -80.14 -20.29 91.78
CA PRO CF 33 -80.12 -21.17 90.60
C PRO CF 33 -81.51 -21.36 90.04
N SER CF 34 -81.96 -20.43 89.20
CA SER CF 34 -83.29 -20.47 88.63
C SER CF 34 -83.31 -21.05 87.23
N ASP CF 35 -82.26 -21.76 86.84
CA ASP CF 35 -82.18 -22.41 85.54
C ASP CF 35 -82.03 -23.91 85.74
N ASP CF 36 -82.78 -24.66 84.92
CA ASP CF 36 -82.81 -26.11 85.03
C ASP CF 36 -81.48 -26.76 84.70
N ALA CF 37 -80.60 -26.07 83.97
CA ALA CF 37 -79.26 -26.62 83.80
C ALA CF 37 -78.37 -26.26 84.99
N THR CF 38 -78.51 -25.04 85.51
CA THR CF 38 -77.59 -24.65 86.56
C THR CF 38 -77.94 -25.27 87.90
N ILE CF 39 -79.15 -25.79 88.09
CA ILE CF 39 -79.40 -26.56 89.30
C ILE CF 39 -78.65 -27.88 89.24
N LYS CF 40 -78.59 -28.48 88.06
CA LYS CF 40 -77.77 -29.66 87.86
C LYS CF 40 -76.30 -29.34 88.05
N LEU CF 41 -75.89 -28.16 87.60
CA LEU CF 41 -74.52 -27.69 87.78
C LEU CF 41 -74.16 -27.55 89.25
N ALA CF 42 -75.06 -26.96 90.03
CA ALA CF 42 -74.82 -26.77 91.44
C ALA CF 42 -74.83 -28.10 92.19
N GLU CF 43 -75.70 -29.02 91.76
CA GLU CF 43 -75.73 -30.34 92.36
C GLU CF 43 -74.43 -31.08 92.09
N ALA CF 44 -73.88 -30.92 90.88
CA ALA CF 44 -72.58 -31.48 90.54
C ALA CF 44 -71.50 -30.88 91.40
N ALA CF 45 -71.60 -29.58 91.68
CA ALA CF 45 -70.63 -28.92 92.54
C ALA CF 45 -70.66 -29.50 93.95
N VAL CF 46 -71.87 -29.71 94.48
CA VAL CF 46 -72.02 -30.29 95.81
C VAL CF 46 -71.42 -31.70 95.84
N SER CF 47 -71.71 -32.49 94.81
CA SER CF 47 -71.23 -33.87 94.76
C SER CF 47 -69.72 -33.93 94.69
N VAL CF 48 -69.11 -33.10 93.85
CA VAL CF 48 -67.67 -33.16 93.69
C VAL CF 48 -66.98 -32.62 94.92
N SER CF 49 -67.61 -31.68 95.63
CA SER CF 49 -67.04 -31.16 96.87
C SER CF 49 -67.00 -32.24 97.93
N ASP CF 50 -68.12 -32.94 98.12
CA ASP CF 50 -68.17 -33.96 99.16
C ASP CF 50 -67.26 -35.14 98.84
N SER CF 51 -67.20 -35.53 97.56
CA SER CF 51 -66.36 -36.65 97.17
C SER CF 51 -64.88 -36.33 97.34
N MET CF 52 -64.46 -35.11 96.98
CA MET CF 52 -63.05 -34.77 97.15
C MET CF 52 -62.69 -34.58 98.61
N LEU CF 53 -63.65 -34.11 99.42
CA LEU CF 53 -63.45 -34.07 100.86
C LEU CF 53 -63.23 -35.48 101.42
N GLU CF 54 -64.01 -36.44 100.92
CA GLU CF 54 -63.82 -37.83 101.33
C GLU CF 54 -62.47 -38.37 100.89
N MET CF 55 -62.04 -37.97 99.69
CA MET CF 55 -60.74 -38.40 99.17
C MET CF 55 -59.61 -37.92 100.06
N ALA CF 56 -59.64 -36.65 100.45
CA ALA CF 56 -58.63 -36.11 101.34
C ALA CF 56 -58.69 -36.76 102.72
N LYS CF 57 -59.91 -37.01 103.20
CA LYS CF 57 -60.09 -37.60 104.53
C LYS CF 57 -59.51 -39.00 104.59
N VAL CF 58 -59.72 -39.79 103.55
CA VAL CF 58 -59.18 -41.14 103.58
C VAL CF 58 -57.70 -41.16 103.23
N GLU CF 59 -57.17 -40.12 102.60
CA GLU CF 59 -55.77 -40.20 102.23
C GLU CF 59 -54.83 -39.53 103.21
N LYS CF 60 -55.32 -38.72 104.14
CA LYS CF 60 -54.42 -38.04 105.07
C LYS CF 60 -53.82 -39.00 106.08
N VAL CF 61 -52.61 -38.67 106.51
CA VAL CF 61 -51.92 -39.39 107.58
C VAL CF 61 -51.75 -38.42 108.75
N ILE CF 62 -52.19 -38.86 109.93
CA ILE CF 62 -52.10 -38.04 111.13
C ILE CF 62 -51.23 -38.75 112.15
N THR CF 63 -50.85 -38.01 113.18
CA THR CF 63 -50.09 -38.55 114.28
C THR CF 63 -50.86 -38.39 115.57
N PRO CF 64 -50.82 -39.36 116.47
CA PRO CF 64 -51.51 -39.23 117.74
C PRO CF 64 -50.78 -38.24 118.63
N PRO CF 65 -51.52 -37.44 119.41
CA PRO CF 65 -50.88 -36.57 120.40
C PRO CF 65 -50.50 -37.30 121.68
N SER CF 66 -50.76 -38.60 121.75
CA SER CF 66 -50.35 -39.39 122.90
C SER CF 66 -48.83 -39.50 122.99
N LYS CF 67 -48.15 -39.56 121.86
CA LYS CF 67 -46.70 -39.71 121.87
C LYS CF 67 -46.06 -38.83 120.81
N ASP CF 68 -46.53 -37.59 120.68
CA ASP CF 68 -45.96 -36.66 119.72
C ASP CF 68 -44.60 -36.17 120.20
N ASN CF 69 -43.66 -36.05 119.26
CA ASN CF 69 -42.28 -35.74 119.60
C ASN CF 69 -42.00 -34.25 119.59
N THR CF 70 -42.82 -33.47 120.28
CA THR CF 70 -42.58 -32.05 120.44
C THR CF 70 -42.28 -31.76 121.90
N LEU CF 71 -41.30 -30.89 122.13
CA LEU CF 71 -40.95 -30.51 123.49
C LEU CF 71 -42.07 -29.70 124.12
N THR CF 72 -42.53 -30.15 125.27
CA THR CF 72 -43.59 -29.44 125.97
C THR CF 72 -43.03 -28.26 126.75
N ILE CF 73 -43.93 -27.44 127.26
CA ILE CF 73 -43.56 -26.19 127.92
C ILE CF 73 -42.99 -26.50 129.30
N PRO CF 74 -41.79 -26.00 129.63
CA PRO CF 74 -41.22 -26.25 130.97
C PRO CF 74 -41.89 -25.48 132.09
N ASN CF 75 -42.61 -24.39 131.76
CA ASN CF 75 -43.41 -23.54 132.67
C ASN CF 75 -42.66 -23.09 133.93
N ALA CF 76 -41.35 -22.92 133.84
CA ALA CF 76 -40.62 -22.30 134.93
C ALA CF 76 -40.74 -20.79 134.82
N TYR CF 77 -40.46 -20.10 135.93
CA TYR CF 77 -40.60 -18.64 135.92
C TYR CF 77 -39.49 -17.98 135.12
N ASN CF 78 -38.36 -18.64 134.93
CA ASN CF 78 -37.25 -18.06 134.20
C ASN CF 78 -37.51 -17.94 132.71
N LEU CF 79 -38.60 -18.50 132.20
CA LEU CF 79 -38.81 -18.62 130.76
C LEU CF 79 -40.16 -18.05 130.35
N GLN CF 80 -40.54 -16.90 130.90
CA GLN CF 80 -41.80 -16.27 130.54
C GLN CF 80 -41.62 -14.89 129.93
N ALA CF 81 -40.39 -14.47 129.67
CA ALA CF 81 -40.14 -13.14 129.15
C ALA CF 81 -40.47 -13.07 127.66
N ARG CF 82 -40.40 -11.86 127.13
CA ARG CF 82 -40.71 -11.60 125.73
C ARG CF 82 -39.48 -11.05 125.04
N ALA CF 83 -39.35 -11.33 123.75
CA ALA CF 83 -38.19 -10.87 123.01
C ALA CF 83 -38.55 -10.71 121.55
N SER CF 84 -37.69 -10.00 120.83
CA SER CF 84 -37.70 -9.91 119.38
C SER CF 84 -36.39 -10.51 118.89
N VAL CF 85 -36.48 -11.67 118.25
CA VAL CF 85 -35.27 -12.43 117.93
C VAL CF 85 -35.27 -12.80 116.47
N ASP CF 86 -34.15 -12.56 115.81
CA ASP CF 86 -33.96 -12.96 114.43
C ASP CF 86 -32.61 -13.66 114.30
N TRP CF 87 -32.62 -14.84 113.71
CA TRP CF 87 -31.40 -15.59 113.48
C TRP CF 87 -31.65 -16.56 112.34
N SER CF 88 -30.64 -16.79 111.53
CA SER CF 88 -30.71 -17.83 110.51
C SER CF 88 -29.29 -18.34 110.31
N GLY CF 89 -28.96 -19.44 110.99
CA GLY CF 89 -27.64 -20.00 110.86
C GLY CF 89 -27.40 -21.22 111.73
N PRO CF 90 -26.21 -21.31 112.32
CA PRO CF 90 -25.92 -22.39 113.26
C PRO CF 90 -26.77 -22.32 114.50
N ILE CF 91 -26.83 -23.45 115.18
CA ILE CF 91 -27.76 -23.65 116.28
C ILE CF 91 -27.14 -23.35 117.64
N GLU CF 92 -25.84 -23.61 117.78
CA GLU CF 92 -25.23 -23.70 119.09
C GLU CF 92 -25.06 -22.33 119.74
N GLU CF 93 -24.66 -21.33 118.95
CA GLU CF 93 -24.51 -19.98 119.47
C GLU CF 93 -25.85 -19.42 119.92
N LEU CF 94 -26.90 -19.66 119.12
CA LEU CF 94 -28.23 -19.17 119.44
C LEU CF 94 -28.77 -19.83 120.70
N THR CF 95 -28.59 -21.13 120.84
CA THR CF 95 -29.15 -21.79 122.00
C THR CF 95 -28.35 -21.48 123.26
N ALA CF 96 -27.04 -21.23 123.13
CA ALA CF 96 -26.28 -20.81 124.29
C ALA CF 96 -26.67 -19.40 124.71
N ARG CF 97 -26.96 -18.54 123.75
CA ARG CF 97 -27.39 -17.18 124.07
C ARG CF 97 -28.74 -17.18 124.76
N ILE CF 98 -29.69 -18.00 124.29
CA ILE CF 98 -30.98 -17.99 124.96
C ILE CF 98 -30.89 -18.67 126.32
N ALA CF 99 -29.97 -19.63 126.48
CA ALA CF 99 -29.74 -20.22 127.80
C ALA CF 99 -29.17 -19.20 128.77
N LYS CF 100 -28.22 -18.38 128.31
CA LYS CF 100 -27.65 -17.36 129.17
C LYS CF 100 -28.67 -16.26 129.46
N ALA CF 101 -29.59 -16.02 128.53
CA ALA CF 101 -30.69 -15.10 128.79
C ALA CF 101 -31.61 -15.65 129.88
N ALA CF 102 -31.83 -16.96 129.88
CA ALA CF 102 -32.68 -17.56 130.89
C ALA CF 102 -31.93 -17.95 132.15
N HIS CF 103 -30.63 -17.65 132.23
CA HIS CF 103 -29.76 -17.96 133.37
C HIS CF 103 -29.70 -19.46 133.63
N PHE CF 104 -29.62 -20.23 132.56
CA PHE CF 104 -29.49 -21.67 132.65
C PHE CF 104 -28.16 -22.09 132.06
N ARG CF 105 -27.52 -23.07 132.69
CA ARG CF 105 -26.33 -23.61 132.06
C ARG CF 105 -26.71 -24.47 130.87
N PHE CF 106 -25.77 -24.59 129.95
CA PHE CF 106 -26.01 -25.25 128.68
C PHE CF 106 -24.96 -26.31 128.45
N ARG CF 107 -25.39 -27.49 128.00
CA ARG CF 107 -24.50 -28.62 127.81
C ARG CF 107 -24.88 -29.35 126.54
N VAL CF 108 -23.94 -30.16 126.04
CA VAL CF 108 -24.07 -30.82 124.75
C VAL CF 108 -23.87 -32.32 124.94
N LEU CF 109 -24.42 -33.09 124.02
CA LEU CF 109 -24.22 -34.52 123.94
C LEU CF 109 -24.08 -34.90 122.48
N GLY CF 110 -23.03 -35.63 122.16
CA GLY CF 110 -22.77 -36.03 120.79
C GLY CF 110 -21.73 -35.15 120.13
N LYS CF 111 -21.49 -35.45 118.86
CA LYS CF 111 -20.48 -34.77 118.05
C LYS CF 111 -21.17 -33.94 117.00
N SER CF 112 -20.70 -32.71 116.82
CA SER CF 112 -21.28 -31.84 115.81
C SER CF 112 -20.87 -32.33 114.43
N PRO CF 113 -21.79 -32.30 113.46
CA PRO CF 113 -21.48 -32.82 112.12
C PRO CF 113 -20.58 -31.86 111.35
N SER CF 114 -20.12 -32.35 110.20
CA SER CF 114 -19.31 -31.52 109.32
C SER CF 114 -20.11 -30.34 108.77
N VAL CF 115 -21.35 -30.60 108.36
CA VAL CF 115 -22.25 -29.52 108.00
C VAL CF 115 -22.99 -29.09 109.26
N PRO CF 116 -23.34 -27.83 109.40
CA PRO CF 116 -24.11 -27.41 110.57
C PRO CF 116 -25.59 -27.64 110.35
N VAL CF 117 -26.27 -27.99 111.44
CA VAL CF 117 -27.72 -28.11 111.40
C VAL CF 117 -28.29 -26.71 111.45
N LEU CF 118 -28.88 -26.27 110.35
CA LEU CF 118 -29.24 -24.87 110.18
C LEU CF 118 -30.70 -24.64 110.52
N ILE CF 119 -30.96 -23.54 111.19
CA ILE CF 119 -32.29 -23.16 111.63
C ILE CF 119 -32.49 -21.69 111.30
N SER CF 120 -33.75 -21.27 111.29
CA SER CF 120 -34.08 -19.90 110.88
C SER CF 120 -35.34 -19.47 111.59
N ILE CF 121 -35.21 -18.61 112.59
CA ILE CF 121 -36.33 -18.12 113.37
C ILE CF 121 -36.29 -16.62 113.38
N SER CF 122 -37.39 -15.98 113.01
CA SER CF 122 -37.48 -14.53 113.05
C SER CF 122 -38.86 -14.16 113.58
N THR CF 123 -38.90 -13.50 114.72
CA THR CF 123 -40.16 -13.13 115.33
C THR CF 123 -40.01 -11.86 116.15
N LYS CF 124 -41.16 -11.23 116.41
CA LYS CF 124 -41.27 -9.92 117.03
C LYS CF 124 -41.59 -9.99 118.51
N ASP CF 125 -42.60 -10.75 118.90
CA ASP CF 125 -43.05 -10.72 120.29
C ASP CF 125 -43.72 -12.05 120.64
N GLU CF 126 -42.96 -12.93 121.27
CA GLU CF 126 -43.49 -14.12 121.94
C GLU CF 126 -42.47 -14.54 122.99
N SER CF 127 -42.60 -15.75 123.50
CA SER CF 127 -41.78 -16.14 124.63
C SER CF 127 -40.76 -17.21 124.26
N LEU CF 128 -39.78 -17.33 125.14
CA LEU CF 128 -38.63 -18.17 124.88
C LEU CF 128 -38.95 -19.65 124.98
N ALA CF 129 -40.04 -20.01 125.67
CA ALA CF 129 -40.46 -21.40 125.72
C ALA CF 129 -40.87 -21.89 124.34
N GLU CF 130 -41.75 -21.15 123.67
CA GLU CF 130 -42.12 -21.54 122.31
C GLU CF 130 -41.01 -21.25 121.32
N ILE CF 131 -40.08 -20.34 121.65
CA ILE CF 131 -38.85 -20.24 120.85
C ILE CF 131 -38.11 -21.56 120.84
N LEU CF 132 -37.93 -22.15 122.02
CA LEU CF 132 -37.23 -23.43 122.12
C LEU CF 132 -38.04 -24.54 121.47
N ARG CF 133 -39.37 -24.47 121.59
CA ARG CF 133 -40.24 -25.46 120.96
C ARG CF 133 -40.12 -25.42 119.45
N ASP CF 134 -40.11 -24.22 118.86
CA ASP CF 134 -39.98 -24.11 117.42
C ASP CF 134 -38.59 -24.52 116.96
N ILE CF 135 -37.58 -24.28 117.79
CA ILE CF 135 -36.24 -24.72 117.47
C ILE CF 135 -36.19 -26.24 117.39
N ASP CF 136 -36.81 -26.91 118.35
CA ASP CF 136 -36.85 -28.37 118.30
C ASP CF 136 -37.68 -28.88 117.15
N TYR CF 137 -38.74 -28.14 116.78
CA TYR CF 137 -39.56 -28.58 115.66
C TYR CF 137 -38.81 -28.45 114.34
N GLN CF 138 -37.98 -27.42 114.21
CA GLN CF 138 -37.16 -27.34 113.01
C GLN CF 138 -35.90 -28.17 113.10
N ALA CF 139 -35.59 -28.71 114.26
CA ALA CF 139 -34.43 -29.59 114.38
C ALA CF 139 -34.63 -30.88 113.61
N GLY CF 140 -35.81 -31.46 113.68
CA GLY CF 140 -36.06 -32.71 112.99
C GLY CF 140 -35.30 -33.85 113.63
N LYS CF 141 -34.91 -34.81 112.78
CA LYS CF 141 -34.22 -36.00 113.24
C LYS CF 141 -32.74 -35.77 113.50
N LYS CF 142 -32.21 -34.59 113.18
CA LYS CF 142 -30.78 -34.39 113.34
C LYS CF 142 -30.40 -34.24 114.81
N ALA CF 143 -31.22 -33.55 115.58
CA ALA CF 143 -30.94 -33.37 116.99
C ALA CF 143 -32.22 -33.14 117.75
N SER CF 144 -32.11 -33.16 119.07
CA SER CF 144 -33.21 -32.91 119.97
C SER CF 144 -32.71 -32.03 121.11
N ILE CF 145 -33.65 -31.57 121.93
CA ILE CF 145 -33.34 -30.64 122.99
C ILE CF 145 -33.97 -31.14 124.29
N HIS CF 146 -33.42 -30.68 125.41
CA HIS CF 146 -33.94 -31.10 126.70
C HIS CF 146 -33.76 -29.99 127.72
N VAL CF 147 -34.71 -29.92 128.65
CA VAL CF 147 -34.74 -28.92 129.70
C VAL CF 147 -34.87 -29.62 131.04
N TYR CF 148 -33.99 -29.29 131.98
CA TYR CF 148 -34.18 -29.71 133.36
C TYR CF 148 -34.30 -28.47 134.23
N PRO CF 149 -35.44 -28.28 134.88
CA PRO CF 149 -35.66 -27.05 135.65
C PRO CF 149 -35.24 -27.15 137.11
N ASN CF 150 -35.12 -28.36 137.63
CA ASN CF 150 -34.71 -28.53 139.01
C ASN CF 150 -33.25 -28.16 139.18
N SER CF 151 -32.39 -28.69 138.32
CA SER CF 151 -31.02 -28.22 138.16
C SER CF 151 -30.96 -27.54 136.81
N GLN CF 152 -30.71 -26.23 136.82
CA GLN CF 152 -31.08 -25.33 135.72
C GLN CF 152 -30.21 -25.59 134.50
N VAL CF 153 -30.58 -26.61 133.73
CA VAL CF 153 -29.71 -27.02 132.63
C VAL CF 153 -30.52 -27.23 131.37
N VAL CF 154 -29.85 -26.99 130.23
CA VAL CF 154 -30.41 -27.17 128.90
C VAL CF 154 -29.42 -27.99 128.10
N GLU CF 155 -29.87 -29.13 127.59
CA GLU CF 155 -29.00 -30.08 126.92
C GLU CF 155 -29.38 -30.20 125.45
N LEU CF 156 -28.39 -30.12 124.58
CA LEU CF 156 -28.58 -30.38 123.15
C LEU CF 156 -28.06 -31.77 122.84
N ARG CF 157 -28.94 -32.62 122.30
CA ARG CF 157 -28.62 -34.02 122.06
C ARG CF 157 -28.57 -34.27 120.56
N TYR CF 158 -27.39 -34.57 120.04
CA TYR CF 158 -27.29 -34.87 118.62
C TYR CF 158 -27.86 -36.26 118.30
N ALA CF 159 -27.91 -36.59 117.03
CA ALA CF 159 -28.22 -37.94 116.59
C ALA CF 159 -27.09 -38.48 115.72
N LYS CF 160 -26.84 -39.77 115.83
CA LYS CF 160 -25.74 -40.40 115.09
C LYS CF 160 -26.02 -40.49 113.60
N ILE DF 208 -66.20 -59.30 124.02
CA ILE DF 208 -67.28 -59.01 123.08
C ILE DF 208 -67.85 -57.62 123.39
N ILE DF 209 -68.08 -56.84 122.34
CA ILE DF 209 -68.42 -55.43 122.46
C ILE DF 209 -69.87 -55.28 122.88
N TYR DF 210 -70.12 -54.37 123.82
CA TYR DF 210 -71.46 -54.13 124.34
C TYR DF 210 -71.97 -52.78 123.87
N TYR DF 211 -73.16 -52.42 124.34
CA TYR DF 211 -73.77 -51.15 124.00
C TYR DF 211 -74.74 -50.73 125.09
N ILE DF 212 -74.86 -49.43 125.29
CA ILE DF 212 -75.77 -48.90 126.28
C ILE DF 212 -77.12 -48.68 125.62
N GLN DF 213 -78.16 -48.65 126.43
CA GLN DF 213 -79.48 -48.45 125.84
C GLN DF 213 -80.30 -47.38 126.54
N ALA DF 214 -80.25 -47.32 127.86
CA ALA DF 214 -81.06 -46.37 128.61
C ALA DF 214 -80.40 -46.10 129.94
N VAL DF 215 -80.27 -44.83 130.28
CA VAL DF 215 -79.46 -44.39 131.42
C VAL DF 215 -80.31 -43.55 132.36
N ILE DF 216 -80.40 -43.98 133.60
CA ILE DF 216 -80.92 -43.16 134.69
C ILE DF 216 -79.72 -42.85 135.59
N PRO DF 217 -79.77 -41.76 136.36
CA PRO DF 217 -78.67 -41.51 137.30
C PRO DF 217 -78.59 -42.57 138.39
N GLY DF 218 -77.55 -43.41 138.31
CA GLY DF 218 -77.36 -44.48 139.27
C GLY DF 218 -77.46 -45.87 138.69
N ARG DF 219 -78.40 -46.08 137.77
CA ARG DF 219 -78.66 -47.38 137.18
C ARG DF 219 -78.49 -47.33 135.68
N ALA DF 220 -77.91 -48.38 135.11
CA ALA DF 220 -77.70 -48.43 133.67
C ALA DF 220 -78.30 -49.70 133.09
N TRP DF 221 -78.71 -49.60 131.83
CA TRP DF 221 -79.17 -50.75 131.06
C TRP DF 221 -78.25 -50.92 129.86
N LEU DF 222 -77.79 -52.14 129.65
CA LEU DF 222 -76.84 -52.47 128.61
C LEU DF 222 -77.40 -53.56 127.72
N ILE DF 223 -77.11 -53.47 126.43
CA ILE DF 223 -77.42 -54.51 125.45
C ILE DF 223 -76.13 -54.89 124.75
N GLY DF 224 -75.80 -56.18 124.76
CA GLY DF 224 -74.56 -56.67 124.19
C GLY DF 224 -74.69 -57.09 122.74
N SER DF 225 -73.56 -57.49 122.17
CA SER DF 225 -73.54 -57.95 120.79
C SER DF 225 -74.21 -59.32 120.65
N ASN DF 226 -74.22 -60.10 121.72
CA ASN DF 226 -74.90 -61.39 121.68
C ASN DF 226 -76.42 -61.24 121.64
N GLY DF 227 -76.95 -60.17 122.22
CA GLY DF 227 -78.38 -60.02 122.35
C GLY DF 227 -78.93 -60.20 123.74
N SER DF 228 -78.13 -59.98 124.78
CA SER DF 228 -78.59 -60.06 126.15
C SER DF 228 -78.81 -58.68 126.73
N THR DF 229 -79.60 -58.62 127.80
CA THR DF 229 -79.90 -57.39 128.51
C THR DF 229 -79.28 -57.46 129.90
N LEU DF 230 -78.71 -56.33 130.34
CA LEU DF 230 -78.08 -56.28 131.66
C LEU DF 230 -78.51 -55.03 132.39
N THR DF 231 -78.98 -55.20 133.62
CA THR DF 231 -79.20 -54.09 134.54
C THR DF 231 -77.97 -54.01 135.44
N VAL DF 232 -77.28 -52.88 135.41
CA VAL DF 232 -75.98 -52.78 136.06
C VAL DF 232 -75.97 -51.56 136.97
N ARG DF 233 -75.49 -51.77 138.20
CA ARG DF 233 -75.42 -50.74 139.23
C ARG DF 233 -74.28 -49.77 138.95
N GLU DF 234 -74.08 -48.83 139.88
CA GLU DF 234 -72.94 -47.93 139.81
C GLU DF 234 -71.62 -48.65 140.03
N GLY DF 235 -71.65 -49.79 140.71
CA GLY DF 235 -70.48 -50.63 140.84
C GLY DF 235 -70.86 -52.09 140.73
N SER DF 236 -70.26 -52.79 139.76
CA SER DF 236 -70.53 -54.20 139.54
C SER DF 236 -69.39 -54.78 138.72
N LYS DF 237 -69.44 -56.09 138.52
CA LYS DF 237 -68.44 -56.78 137.72
C LYS DF 237 -69.06 -57.13 136.38
N ILE DF 238 -68.42 -56.69 135.30
CA ILE DF 238 -68.91 -56.87 133.94
C ILE DF 238 -67.88 -57.70 133.18
N PRO DF 239 -68.28 -58.81 132.55
CA PRO DF 239 -67.30 -59.77 132.02
C PRO DF 239 -66.52 -59.21 130.85
N GLY DF 240 -65.19 -59.26 130.98
CA GLY DF 240 -64.31 -58.65 130.00
C GLY DF 240 -64.11 -57.17 130.15
N TYR DF 241 -64.70 -56.54 131.15
CA TYR DF 241 -64.52 -55.10 131.27
C TYR DF 241 -64.07 -54.67 132.65
N GLY DF 242 -64.56 -55.34 133.70
CA GLY DF 242 -64.07 -55.05 135.03
C GLY DF 242 -65.09 -54.42 135.96
N MET DF 243 -64.81 -53.21 136.41
CA MET DF 243 -65.56 -52.59 137.50
C MET DF 243 -66.22 -51.30 137.03
N VAL DF 244 -67.46 -51.10 137.45
CA VAL DF 244 -68.19 -49.86 137.20
C VAL DF 244 -67.84 -48.87 138.29
N LYS DF 245 -67.50 -47.64 137.89
CA LYS DF 245 -67.21 -46.58 138.84
C LYS DF 245 -68.19 -45.43 138.72
N LEU DF 246 -68.30 -44.83 137.53
CA LEU DF 246 -69.09 -43.63 137.32
C LEU DF 246 -69.97 -43.81 136.10
N ILE DF 247 -71.25 -43.50 136.24
CA ILE DF 247 -72.22 -43.56 135.15
C ILE DF 247 -72.65 -42.13 134.85
N ASP DF 248 -72.41 -41.69 133.62
CA ASP DF 248 -72.58 -40.30 133.25
C ASP DF 248 -73.97 -40.07 132.68
N SER DF 249 -74.67 -39.07 133.20
CA SER DF 249 -76.07 -38.84 132.84
C SER DF 249 -76.24 -37.85 131.70
N LEU DF 250 -75.36 -36.87 131.58
CA LEU DF 250 -75.51 -35.87 130.53
C LEU DF 250 -75.13 -36.46 129.18
N GLN DF 251 -73.93 -37.03 129.09
CA GLN DF 251 -73.50 -37.76 127.91
C GLN DF 251 -73.46 -39.24 128.25
N GLY DF 252 -73.88 -40.07 127.30
CA GLY DF 252 -74.04 -41.48 127.55
C GLY DF 252 -72.73 -42.23 127.66
N ARG DF 253 -71.99 -42.00 128.74
CA ARG DF 253 -70.66 -42.55 128.88
C ARG DF 253 -70.56 -43.30 130.20
N ILE DF 254 -69.75 -44.36 130.20
CA ILE DF 254 -69.41 -45.12 131.41
C ILE DF 254 -67.95 -45.53 131.29
N LEU DF 255 -67.21 -45.41 132.38
CA LEU DF 255 -65.80 -45.78 132.39
C LEU DF 255 -65.61 -47.14 133.06
N THR DF 256 -64.82 -47.99 132.42
CA THR DF 256 -64.48 -49.28 132.99
C THR DF 256 -63.24 -49.13 133.86
N SER DF 257 -63.01 -50.15 134.69
CA SER DF 257 -61.77 -50.21 135.46
C SER DF 257 -60.57 -50.37 134.55
N SER DF 258 -60.75 -51.07 133.43
CA SER DF 258 -59.76 -51.04 132.37
C SER DF 258 -59.66 -49.66 131.75
N GLY DF 259 -60.79 -49.01 131.49
CA GLY DF 259 -60.77 -47.64 131.00
C GLY DF 259 -61.60 -47.37 129.76
N GLN DF 260 -62.05 -48.42 129.07
CA GLN DF 260 -62.81 -48.22 127.85
C GLN DF 260 -64.21 -47.69 128.16
N VAL DF 261 -64.80 -47.03 127.18
CA VAL DF 261 -66.04 -46.29 127.36
C VAL DF 261 -67.09 -46.84 126.41
N ILE DF 262 -68.27 -47.17 126.96
CA ILE DF 262 -69.40 -47.65 126.17
C ILE DF 262 -70.35 -46.49 125.96
N LYS DF 263 -70.71 -46.25 124.71
CA LYS DF 263 -71.59 -45.15 124.34
C LYS DF 263 -72.85 -45.71 123.66
N PHE DF 264 -73.64 -44.81 123.09
CA PHE DF 264 -74.85 -45.21 122.39
C PHE DF 264 -74.52 -45.81 121.03
N SER DF 265 -75.56 -46.26 120.34
CA SER DF 265 -75.43 -46.85 119.02
C SER DF 265 -75.22 -45.77 117.98
N GLN DF 266 -75.06 -46.21 116.73
CA GLN DF 266 -74.88 -45.27 115.62
C GLN DF 266 -75.99 -45.43 114.60
N MET EF 23 -78.98 17.12 111.10
CA MET EF 23 -77.87 16.91 112.03
C MET EF 23 -76.76 16.10 111.38
N LYS EF 24 -75.67 16.77 111.06
CA LYS EF 24 -74.61 16.13 110.29
C LYS EF 24 -73.72 15.29 111.20
N PHE EF 25 -72.79 14.57 110.57
CA PHE EF 25 -71.91 13.64 111.23
C PHE EF 25 -70.46 14.04 110.97
N LYS EF 26 -69.62 13.91 112.00
CA LYS EF 26 -68.25 14.37 111.89
C LYS EF 26 -67.30 13.36 112.50
N LYS EF 27 -66.06 13.44 112.04
CA LYS EF 27 -64.90 12.76 112.57
C LYS EF 27 -63.85 13.81 112.84
N PRO EF 28 -62.96 13.61 113.82
CA PRO EF 28 -62.22 14.74 114.40
C PRO EF 28 -61.18 15.37 113.45
N PRO EF 29 -60.22 14.62 112.82
CA PRO EF 29 -59.12 15.35 112.19
C PRO EF 29 -59.49 16.06 110.90
N ILE EF 30 -59.62 17.38 110.97
CA ILE EF 30 -59.82 18.23 109.80
C ILE EF 30 -58.72 19.28 109.82
N ASN EF 31 -58.01 19.40 108.72
CA ASN EF 31 -56.95 20.41 108.62
C ASN EF 31 -56.83 20.82 107.16
N ASN EF 32 -55.72 21.47 106.85
CA ASN EF 32 -55.44 21.90 105.49
C ASN EF 32 -55.17 20.70 104.60
N PRO EF 33 -55.36 20.85 103.28
CA PRO EF 33 -55.09 19.72 102.38
C PRO EF 33 -53.63 19.35 102.33
N SER EF 34 -53.38 18.11 101.96
CA SER EF 34 -52.05 17.53 101.93
C SER EF 34 -51.53 17.47 100.49
N ASP EF 35 -50.40 16.81 100.31
CA ASP EF 35 -49.86 16.58 98.98
C ASP EF 35 -49.10 15.27 98.95
N ASP EF 36 -49.16 14.61 97.80
CA ASP EF 36 -48.61 13.28 97.61
C ASP EF 36 -47.10 13.23 97.84
N ALA EF 37 -46.39 14.33 97.59
CA ALA EF 37 -44.96 14.34 97.85
C ALA EF 37 -44.68 14.18 99.33
N THR EF 38 -45.45 14.89 100.15
CA THR EF 38 -45.39 14.72 101.59
C THR EF 38 -45.83 13.32 101.99
N ILE EF 39 -46.81 12.78 101.28
CA ILE EF 39 -47.31 11.43 101.57
C ILE EF 39 -46.21 10.39 101.36
N LYS EF 40 -45.55 10.45 100.21
CA LYS EF 40 -44.48 9.51 99.89
C LYS EF 40 -43.28 9.70 100.80
N LEU EF 41 -43.02 10.94 101.19
CA LEU EF 41 -41.96 11.21 102.15
C LEU EF 41 -42.23 10.55 103.49
N ALA EF 42 -43.47 10.64 103.97
CA ALA EF 42 -43.82 10.02 105.24
C ALA EF 42 -43.78 8.51 105.14
N GLU EF 43 -44.25 7.96 104.02
CA GLU EF 43 -44.28 6.52 103.87
C GLU EF 43 -42.88 5.94 103.74
N ALA EF 44 -41.94 6.72 103.21
CA ALA EF 44 -40.55 6.30 103.30
C ALA EF 44 -40.05 6.40 104.73
N ALA EF 45 -40.39 7.49 105.41
CA ALA EF 45 -39.78 7.83 106.68
C ALA EF 45 -40.16 6.85 107.79
N VAL EF 46 -41.36 6.29 107.73
CA VAL EF 46 -41.79 5.38 108.78
C VAL EF 46 -40.96 4.09 108.75
N SER EF 47 -40.71 3.56 107.56
CA SER EF 47 -39.89 2.36 107.45
C SER EF 47 -38.44 2.64 107.80
N VAL EF 48 -37.96 3.83 107.41
CA VAL EF 48 -36.60 4.23 107.78
C VAL EF 48 -36.46 4.27 109.29
N SER EF 49 -37.46 4.85 109.97
CA SER EF 49 -37.43 4.99 111.41
C SER EF 49 -37.45 3.64 112.11
N ASP EF 50 -38.33 2.74 111.65
CA ASP EF 50 -38.44 1.46 112.33
C ASP EF 50 -37.20 0.60 112.15
N SER EF 51 -36.56 0.70 110.96
CA SER EF 51 -35.32 -0.03 110.74
C SER EF 51 -34.21 0.50 111.64
N MET EF 52 -34.14 1.82 111.80
CA MET EF 52 -33.15 2.41 112.70
C MET EF 52 -33.38 1.98 114.13
N LEU EF 53 -34.65 1.94 114.55
CA LEU EF 53 -35.00 1.56 115.92
C LEU EF 53 -34.61 0.13 116.22
N GLU EF 54 -34.87 -0.78 115.26
CA GLU EF 54 -34.52 -2.19 115.44
C GLU EF 54 -33.02 -2.38 115.54
N MET EF 55 -32.26 -1.68 114.67
CA MET EF 55 -30.80 -1.79 114.71
C MET EF 55 -30.25 -1.28 116.03
N ALA EF 56 -30.83 -0.18 116.53
CA ALA EF 56 -30.39 0.37 117.81
C ALA EF 56 -30.64 -0.60 118.96
N LYS EF 57 -31.80 -1.27 118.93
CA LYS EF 57 -32.12 -2.24 119.98
C LYS EF 57 -31.12 -3.40 119.99
N VAL EF 58 -30.84 -3.96 118.82
CA VAL EF 58 -29.97 -5.13 118.77
C VAL EF 58 -28.54 -4.78 119.13
N GLU EF 59 -28.07 -3.61 118.67
CA GLU EF 59 -26.74 -3.14 119.03
C GLU EF 59 -26.60 -2.92 120.53
N LYS EF 60 -27.61 -2.27 121.13
CA LYS EF 60 -27.60 -1.98 122.54
C LYS EF 60 -27.62 -3.24 123.39
N VAL EF 61 -28.31 -4.28 122.93
CA VAL EF 61 -28.27 -5.53 123.68
C VAL EF 61 -26.92 -6.19 123.57
N ILE EF 62 -26.41 -6.34 122.34
CA ILE EF 62 -25.23 -7.20 122.17
C ILE EF 62 -23.95 -6.54 122.63
N THR EF 63 -23.92 -5.23 122.84
CA THR EF 63 -22.74 -4.64 123.45
C THR EF 63 -23.15 -3.94 124.75
N PRO EF 64 -22.51 -4.23 125.87
CA PRO EF 64 -22.94 -3.65 127.14
C PRO EF 64 -22.49 -2.20 127.25
N PRO EF 65 -23.35 -1.32 127.76
CA PRO EF 65 -22.91 0.03 128.11
C PRO EF 65 -21.95 0.00 129.28
N SER EF 66 -21.06 0.99 129.33
CA SER EF 66 -19.99 1.01 130.32
C SER EF 66 -20.13 2.15 131.31
N LYS EF 67 -20.11 3.39 130.83
CA LYS EF 67 -20.02 4.55 131.71
C LYS EF 67 -20.94 5.64 131.17
N ASP EF 68 -20.73 6.86 131.65
CA ASP EF 68 -21.52 8.00 131.25
C ASP EF 68 -20.62 9.23 131.22
N ASN EF 69 -20.88 10.12 130.27
CA ASN EF 69 -20.09 11.32 130.14
C ASN EF 69 -20.49 12.41 131.12
N THR EF 70 -21.48 12.14 131.97
CA THR EF 70 -21.74 12.99 133.12
C THR EF 70 -20.53 13.06 134.04
N LEU EF 71 -19.79 11.96 134.15
CA LEU EF 71 -18.54 11.97 134.89
C LEU EF 71 -17.52 12.89 134.23
N THR EF 72 -17.46 12.87 132.90
CA THR EF 72 -16.52 13.74 132.19
C THR EF 72 -16.92 15.20 132.32
N ILE EF 73 -18.21 15.49 132.29
CA ILE EF 73 -18.69 16.86 132.37
C ILE EF 73 -19.56 16.98 133.61
N PRO EF 74 -18.97 17.30 134.76
CA PRO EF 74 -19.80 17.60 135.93
C PRO EF 74 -20.45 18.97 135.76
N ASN EF 75 -21.77 19.02 135.96
CA ASN EF 75 -22.45 20.31 135.93
C ASN EF 75 -22.09 21.10 137.18
N ALA EF 76 -21.82 22.38 136.99
CA ALA EF 76 -21.61 23.27 138.13
C ALA EF 76 -22.52 24.47 138.02
N TYR EF 77 -22.32 25.45 138.89
CA TYR EF 77 -23.09 26.68 138.82
C TYR EF 77 -22.61 27.51 137.63
N ASN EF 78 -23.32 28.62 137.39
CA ASN EF 78 -23.32 29.48 136.20
C ASN EF 78 -23.27 28.65 134.92
N LEU EF 79 -24.07 27.60 134.90
CA LEU EF 79 -24.20 26.74 133.75
C LEU EF 79 -25.66 26.46 133.44
N GLN EF 80 -26.59 26.96 134.24
CA GLN EF 80 -27.99 26.60 134.10
C GLN EF 80 -28.77 27.60 133.28
N ALA EF 81 -28.10 28.58 132.68
CA ALA EF 81 -28.74 29.38 131.64
C ALA EF 81 -29.08 28.46 130.48
N ARG EF 82 -30.18 28.75 129.80
CA ARG EF 82 -30.66 27.79 128.82
C ARG EF 82 -30.55 28.38 127.42
N ALA EF 83 -30.84 27.54 126.43
CA ALA EF 83 -30.71 27.99 125.05
C ALA EF 83 -31.62 27.18 124.15
N SER EF 84 -31.91 27.76 123.00
CA SER EF 84 -32.54 27.07 121.88
C SER EF 84 -31.64 27.27 120.67
N VAL EF 85 -31.22 26.15 120.07
CA VAL EF 85 -30.20 26.17 119.04
C VAL EF 85 -30.76 25.63 117.74
N ASP EF 86 -30.11 26.03 116.64
CA ASP EF 86 -30.35 25.43 115.34
C ASP EF 86 -29.07 25.65 114.53
N TRP EF 87 -28.26 24.61 114.39
CA TRP EF 87 -26.93 24.76 113.83
C TRP EF 87 -26.57 23.53 113.02
N SER EF 88 -25.95 23.74 111.86
CA SER EF 88 -25.53 22.62 111.02
C SER EF 88 -24.19 22.92 110.34
N GLY EF 89 -23.21 23.42 111.09
CA GLY EF 89 -21.95 23.76 110.50
C GLY EF 89 -20.76 23.00 111.08
N PRO EF 90 -19.59 23.65 111.12
CA PRO EF 90 -18.47 23.10 111.88
C PRO EF 90 -18.64 23.29 113.38
N ILE EF 91 -17.62 22.97 114.18
CA ILE EF 91 -17.81 22.67 115.59
C ILE EF 91 -17.23 23.77 116.49
N GLU EF 92 -16.00 24.19 116.22
CA GLU EF 92 -15.21 24.84 117.25
C GLU EF 92 -15.68 26.26 117.51
N GLU EF 93 -16.17 26.96 116.49
CA GLU EF 93 -16.66 28.31 116.74
C GLU EF 93 -17.99 28.29 117.47
N LEU EF 94 -18.79 27.24 117.26
CA LEU EF 94 -20.02 27.07 118.03
C LEU EF 94 -19.73 26.87 119.49
N THR EF 95 -18.71 26.05 119.80
CA THR EF 95 -18.30 25.89 121.19
C THR EF 95 -17.71 27.17 121.76
N ALA EF 96 -17.06 27.97 120.92
CA ALA EF 96 -16.56 29.27 121.38
C ALA EF 96 -17.71 30.20 121.74
N ARG EF 97 -18.79 30.16 120.96
CA ARG EF 97 -20.00 30.93 121.29
C ARG EF 97 -20.55 30.52 122.64
N ILE EF 98 -20.60 29.20 122.89
CA ILE EF 98 -21.11 28.70 124.16
C ILE EF 98 -20.22 29.14 125.32
N ALA EF 99 -18.90 29.08 125.13
CA ALA EF 99 -17.97 29.49 126.17
C ALA EF 99 -18.08 30.96 126.48
N LYS EF 100 -18.19 31.80 125.45
CA LYS EF 100 -18.29 33.23 125.67
C LYS EF 100 -19.62 33.60 126.30
N ALA EF 101 -20.66 32.81 126.06
CA ALA EF 101 -21.89 32.98 126.82
C ALA EF 101 -21.69 32.60 128.28
N ALA EF 102 -20.92 31.55 128.52
CA ALA EF 102 -20.81 30.99 129.86
C ALA EF 102 -19.69 31.60 130.68
N HIS EF 103 -19.00 32.62 130.16
CA HIS EF 103 -17.85 33.28 130.80
C HIS EF 103 -16.74 32.28 131.08
N PHE EF 104 -16.48 31.38 130.15
CA PHE EF 104 -15.46 30.36 130.33
C PHE EF 104 -14.35 30.54 129.32
N ARG EF 105 -13.14 30.17 129.73
CA ARG EF 105 -12.02 30.23 128.80
C ARG EF 105 -12.04 29.02 127.89
N PHE EF 106 -11.45 29.20 126.72
CA PHE EF 106 -11.49 28.21 125.65
C PHE EF 106 -10.09 27.67 125.41
N ARG EF 107 -9.98 26.35 125.23
CA ARG EF 107 -8.67 25.79 125.00
C ARG EF 107 -8.78 24.58 124.09
N VAL EF 108 -7.79 24.40 123.22
CA VAL EF 108 -7.81 23.32 122.24
C VAL EF 108 -6.58 22.44 122.45
N LEU EF 109 -6.67 21.23 121.91
CA LEU EF 109 -5.64 20.22 122.09
C LEU EF 109 -5.47 19.47 120.77
N GLY EF 110 -4.37 19.73 120.09
CA GLY EF 110 -4.04 19.02 118.87
C GLY EF 110 -4.48 19.78 117.63
N LYS EF 111 -3.81 19.49 116.52
CA LYS EF 111 -4.18 20.08 115.25
C LYS EF 111 -5.49 19.48 114.75
N SER EF 112 -6.34 20.34 114.18
CA SER EF 112 -7.52 19.83 113.51
C SER EF 112 -7.12 19.07 112.25
N PRO EF 113 -7.80 17.99 111.93
CA PRO EF 113 -7.57 17.33 110.65
C PRO EF 113 -8.09 18.18 109.50
N SER EF 114 -7.55 17.91 108.32
CA SER EF 114 -7.92 18.66 107.12
C SER EF 114 -9.36 18.37 106.71
N VAL EF 115 -9.87 17.20 107.04
CA VAL EF 115 -11.30 16.98 106.89
C VAL EF 115 -12.04 17.77 107.96
N PRO EF 116 -12.99 18.62 107.59
CA PRO EF 116 -13.77 19.33 108.61
C PRO EF 116 -14.68 18.37 109.35
N VAL EF 117 -14.82 18.60 110.66
CA VAL EF 117 -15.59 17.72 111.52
C VAL EF 117 -16.93 18.38 111.74
N LEU EF 118 -17.88 18.05 110.87
CA LEU EF 118 -19.16 18.72 110.89
C LEU EF 118 -20.05 18.16 111.99
N ILE EF 119 -21.13 18.89 112.28
CA ILE EF 119 -22.17 18.41 113.16
C ILE EF 119 -23.44 19.16 112.81
N SER EF 120 -24.59 18.59 113.18
CA SER EF 120 -25.87 19.26 113.04
C SER EF 120 -26.68 18.99 114.29
N ILE EF 121 -27.54 19.94 114.65
CA ILE EF 121 -28.36 19.80 115.85
C ILE EF 121 -29.62 20.62 115.69
N SER EF 122 -30.76 20.02 116.02
CA SER EF 122 -32.03 20.72 116.16
C SER EF 122 -32.61 20.36 117.51
N THR EF 123 -32.71 21.33 118.40
CA THR EF 123 -33.22 21.09 119.74
C THR EF 123 -33.76 22.39 120.29
N LYS EF 124 -34.38 22.32 121.46
CA LYS EF 124 -35.05 23.48 122.03
C LYS EF 124 -35.15 23.37 123.54
N ASP EF 125 -34.70 24.43 124.23
CA ASP EF 125 -34.83 24.62 125.67
C ASP EF 125 -34.17 23.48 126.46
N GLU EF 126 -32.86 23.41 126.32
CA GLU EF 126 -32.10 22.37 126.98
C GLU EF 126 -31.05 22.98 127.90
N SER EF 127 -30.50 22.13 128.74
CA SER EF 127 -29.35 22.50 129.55
C SER EF 127 -28.15 22.76 128.65
N LEU EF 128 -27.33 23.72 129.07
CA LEU EF 128 -26.06 23.91 128.39
C LEU EF 128 -25.16 22.69 128.54
N ALA EF 129 -25.18 22.09 129.73
CA ALA EF 129 -24.37 20.90 129.97
C ALA EF 129 -24.83 19.73 129.12
N GLU EF 130 -26.13 19.57 128.96
CA GLU EF 130 -26.62 18.48 128.12
C GLU EF 130 -26.43 18.78 126.65
N ILE EF 131 -26.45 20.07 126.28
CA ILE EF 131 -26.07 20.48 124.93
C ILE EF 131 -24.64 20.06 124.66
N LEU EF 132 -23.76 20.31 125.63
CA LEU EF 132 -22.37 19.91 125.52
C LEU EF 132 -22.24 18.40 125.40
N ARG EF 133 -23.04 17.67 126.18
CA ARG EF 133 -23.01 16.21 126.14
C ARG EF 133 -23.47 15.69 124.80
N ASP EF 134 -24.53 16.29 124.23
CA ASP EF 134 -25.03 15.85 122.94
C ASP EF 134 -24.03 16.13 121.83
N ILE EF 135 -23.37 17.29 121.90
CA ILE EF 135 -22.37 17.63 120.90
C ILE EF 135 -21.20 16.66 120.96
N ASP EF 136 -20.75 16.34 122.18
CA ASP EF 136 -19.64 15.42 122.32
C ASP EF 136 -20.02 14.01 121.90
N TYR EF 137 -21.24 13.58 122.20
CA TYR EF 137 -21.72 12.28 121.76
C TYR EF 137 -21.80 12.19 120.25
N GLN EF 138 -22.33 13.22 119.60
CA GLN EF 138 -22.47 13.18 118.16
C GLN EF 138 -21.14 13.38 117.45
N ALA EF 139 -20.16 13.99 118.11
CA ALA EF 139 -18.81 13.96 117.59
C ALA EF 139 -18.24 12.56 117.65
N GLY EF 140 -18.37 11.92 118.81
CA GLY EF 140 -17.94 10.55 118.95
C GLY EF 140 -16.44 10.36 118.93
N LYS EF 141 -15.96 9.57 117.97
CA LYS EF 141 -14.55 9.22 117.90
C LYS EF 141 -13.66 10.40 117.52
N LYS EF 142 -14.22 11.43 116.89
CA LYS EF 142 -13.38 12.49 116.35
C LYS EF 142 -12.85 13.44 117.41
N ALA EF 143 -13.60 13.64 118.49
CA ALA EF 143 -13.25 14.68 119.43
C ALA EF 143 -13.64 14.28 120.83
N SER EF 144 -13.15 15.04 121.80
CA SER EF 144 -13.62 14.91 123.17
C SER EF 144 -13.70 16.28 123.81
N ILE EF 145 -14.58 16.38 124.79
CA ILE EF 145 -14.90 17.62 125.48
C ILE EF 145 -14.64 17.41 126.96
N HIS EF 146 -13.90 18.32 127.58
CA HIS EF 146 -13.70 18.27 129.01
C HIS EF 146 -13.96 19.65 129.61
N VAL EF 147 -14.47 19.65 130.84
CA VAL EF 147 -14.81 20.87 131.55
C VAL EF 147 -14.08 20.87 132.89
N TYR EF 148 -13.35 21.95 133.16
CA TYR EF 148 -12.84 22.16 134.50
C TYR EF 148 -13.60 23.32 135.11
N PRO EF 149 -14.54 23.04 136.03
CA PRO EF 149 -15.46 24.09 136.49
C PRO EF 149 -14.82 25.04 137.48
N ASN EF 150 -13.98 24.49 138.35
CA ASN EF 150 -13.18 25.30 139.24
C ASN EF 150 -12.19 26.16 138.46
N SER EF 151 -11.70 25.65 137.34
CA SER EF 151 -10.84 26.44 136.47
C SER EF 151 -11.61 27.21 135.41
N GLN EF 152 -12.92 26.91 135.24
CA GLN EF 152 -13.81 27.62 134.32
C GLN EF 152 -13.33 27.53 132.87
N VAL EF 153 -12.91 26.34 132.48
CA VAL EF 153 -12.25 26.12 131.20
C VAL EF 153 -12.98 25.00 130.45
N VAL EF 154 -13.30 25.25 129.19
CA VAL EF 154 -13.75 24.19 128.29
C VAL EF 154 -12.60 23.84 127.35
N GLU EF 155 -12.34 22.55 127.24
CA GLU EF 155 -11.16 22.03 126.57
C GLU EF 155 -11.63 21.06 125.50
N LEU EF 156 -11.26 21.35 124.27
CA LEU EF 156 -11.62 20.53 123.12
C LEU EF 156 -10.36 19.81 122.68
N ARG EF 157 -10.39 18.49 122.69
CA ARG EF 157 -9.24 17.71 122.23
C ARG EF 157 -9.62 16.97 120.96
N TYR EF 158 -8.86 17.19 119.90
CA TYR EF 158 -9.06 16.44 118.68
C TYR EF 158 -8.51 15.03 118.86
N ALA EF 159 -8.96 14.12 118.01
CA ALA EF 159 -8.54 12.74 118.12
C ALA EF 159 -7.10 12.58 117.67
N LYS EF 160 -6.35 11.78 118.42
CA LYS EF 160 -4.99 11.42 118.02
C LYS EF 160 -5.10 10.20 117.11
N ILE EF 161 -5.08 10.46 115.81
CA ILE EF 161 -5.17 9.42 114.79
C ILE EF 161 -4.47 9.98 113.56
N TYR EF 162 -4.31 9.13 112.54
CA TYR EF 162 -3.68 9.44 111.24
C TYR EF 162 -2.23 9.87 111.43
N ARG FF 207 4.17 -45.63 104.61
CA ARG FF 207 5.29 -45.21 103.78
C ARG FF 207 4.97 -45.41 102.30
N ILE FF 208 5.33 -44.43 101.47
CA ILE FF 208 5.08 -44.48 100.05
C ILE FF 208 6.11 -45.38 99.39
N ILE FF 209 5.64 -46.35 98.59
CA ILE FF 209 6.50 -47.33 97.95
C ILE FF 209 7.09 -46.73 96.68
N TYR FF 210 8.41 -46.73 96.59
CA TYR FF 210 9.10 -46.35 95.37
C TYR FF 210 9.39 -47.59 94.52
N TYR FF 211 9.45 -47.38 93.21
CA TYR FF 211 9.82 -48.43 92.27
C TYR FF 211 10.94 -47.91 91.37
N ILE FF 212 11.78 -48.84 90.91
CA ILE FF 212 12.87 -48.48 90.02
C ILE FF 212 12.30 -48.10 88.66
N GLN FF 213 12.79 -46.99 88.10
CA GLN FF 213 12.45 -46.63 86.74
C GLN FF 213 13.40 -47.26 85.74
N ALA FF 214 14.71 -47.08 85.94
CA ALA FF 214 15.71 -47.65 85.06
C ALA FF 214 16.97 -47.93 85.88
N VAL FF 215 17.55 -49.11 85.67
CA VAL FF 215 18.75 -49.54 86.38
C VAL FF 215 19.92 -49.57 85.40
N ILE FF 216 20.92 -48.75 85.66
CA ILE FF 216 22.19 -48.80 84.96
C ILE FF 216 23.26 -49.02 86.01
N PRO FF 217 24.47 -49.44 85.61
CA PRO FF 217 25.60 -49.34 86.53
C PRO FF 217 25.92 -47.89 86.86
N GLY FF 218 26.11 -47.62 88.15
CA GLY FF 218 26.41 -46.28 88.60
C GLY FF 218 25.20 -45.48 89.06
N ARG FF 219 24.29 -45.17 88.14
CA ARG FF 219 23.12 -44.36 88.48
C ARG FF 219 21.88 -45.24 88.65
N ALA FF 220 20.93 -44.71 89.41
CA ALA FF 220 19.68 -45.41 89.65
C ALA FF 220 18.51 -44.45 89.50
N TRP FF 221 17.48 -44.87 88.76
CA TRP FF 221 16.27 -44.08 88.59
C TRP FF 221 15.13 -44.76 89.34
N LEU FF 222 14.53 -44.04 90.28
CA LEU FF 222 13.48 -44.58 91.13
C LEU FF 222 12.28 -43.66 91.10
N ILE FF 223 11.09 -44.24 91.05
CA ILE FF 223 9.84 -43.50 90.98
C ILE FF 223 8.88 -44.07 92.00
N GLY FF 224 8.28 -43.19 92.82
CA GLY FF 224 7.26 -43.57 93.76
C GLY FF 224 5.86 -43.26 93.26
N SER FF 225 4.90 -43.35 94.18
CA SER FF 225 3.51 -43.06 93.84
C SER FF 225 3.21 -41.57 93.87
N ASN FF 226 4.16 -40.73 94.30
CA ASN FF 226 3.97 -39.30 94.35
C ASN FF 226 4.14 -38.62 93.00
N GLY FF 227 4.66 -39.34 91.99
CA GLY FF 227 4.85 -38.78 90.68
C GLY FF 227 6.18 -38.09 90.46
N SER FF 228 7.11 -38.17 91.41
CA SER FF 228 8.43 -37.57 91.27
C SER FF 228 9.47 -38.66 91.01
N THR FF 229 10.24 -38.50 89.94
CA THR FF 229 11.32 -39.42 89.61
C THR FF 229 12.62 -38.87 90.17
N LEU FF 230 13.39 -39.73 90.83
CA LEU FF 230 14.65 -39.32 91.44
C LEU FF 230 15.74 -40.29 91.01
N THR FF 231 16.84 -39.75 90.50
CA THR FF 231 18.00 -40.54 90.16
C THR FF 231 19.09 -40.25 91.19
N VAL FF 232 19.77 -41.32 91.63
CA VAL FF 232 20.74 -41.24 92.72
C VAL FF 232 22.00 -42.00 92.34
N ARG FF 233 23.08 -41.66 93.04
CA ARG FF 233 24.32 -42.39 93.00
C ARG FF 233 24.29 -43.47 94.08
N GLU FF 234 25.45 -44.08 94.36
CA GLU FF 234 25.49 -45.21 95.29
C GLU FF 234 25.22 -44.75 96.72
N GLY FF 235 26.06 -43.89 97.27
CA GLY FF 235 25.94 -43.56 98.68
C GLY FF 235 25.13 -42.32 98.98
N SER FF 236 23.86 -42.48 99.35
CA SER FF 236 23.02 -41.33 99.65
C SER FF 236 21.93 -41.72 100.63
N LYS FF 237 21.43 -40.71 101.34
CA LYS FF 237 20.40 -40.88 102.34
C LYS FF 237 19.03 -40.68 101.71
N ILE FF 238 18.15 -41.67 101.87
CA ILE FF 238 16.83 -41.64 101.24
C ILE FF 238 15.79 -41.90 102.32
N PRO FF 239 14.74 -41.08 102.42
CA PRO FF 239 13.75 -41.24 103.50
C PRO FF 239 12.95 -42.52 103.34
N GLY FF 240 12.67 -43.14 104.49
CA GLY FF 240 11.94 -44.40 104.53
C GLY FF 240 12.76 -45.63 104.26
N TYR FF 241 13.96 -45.47 103.71
CA TYR FF 241 14.84 -46.58 103.40
C TYR FF 241 16.25 -46.36 103.92
N GLY FF 242 16.48 -45.27 104.65
CA GLY FF 242 17.72 -45.11 105.40
C GLY FF 242 18.83 -44.58 104.53
N MET FF 243 19.88 -45.37 104.38
CA MET FF 243 21.03 -45.00 103.57
C MET FF 243 21.27 -46.10 102.55
N VAL FF 244 21.41 -45.73 101.28
CA VAL FF 244 21.70 -46.70 100.24
C VAL FF 244 23.19 -46.98 100.25
N LYS FF 245 23.56 -48.24 100.45
CA LYS FF 245 24.94 -48.66 100.35
C LYS FF 245 25.24 -49.30 98.99
N LEU FF 246 24.40 -50.23 98.56
CA LEU FF 246 24.67 -51.03 97.38
C LEU FF 246 23.54 -50.86 96.37
N ILE FF 247 23.92 -50.72 95.10
CA ILE FF 247 22.97 -50.69 93.99
C ILE FF 247 23.38 -51.78 93.02
N ASP FF 248 22.48 -52.73 92.77
CA ASP FF 248 22.79 -53.88 91.94
C ASP FF 248 22.38 -53.58 90.49
N SER FF 249 23.37 -53.65 89.59
CA SER FF 249 23.09 -53.38 88.18
C SER FF 249 22.34 -54.53 87.51
N LEU FF 250 22.32 -55.70 88.14
CA LEU FF 250 21.58 -56.85 87.66
C LEU FF 250 20.43 -57.17 88.59
N GLN FF 251 19.55 -58.05 88.12
CA GLN FF 251 18.44 -58.68 88.84
C GLN FF 251 17.35 -57.71 89.30
N GLY FF 252 17.41 -56.44 88.93
CA GLY FF 252 16.30 -55.51 89.12
C GLY FF 252 15.93 -55.20 90.56
N ARG FF 253 16.92 -55.08 91.43
CA ARG FF 253 16.65 -54.69 92.81
C ARG FF 253 17.82 -53.88 93.35
N ILE FF 254 17.51 -53.03 94.33
CA ILE FF 254 18.51 -52.24 95.03
C ILE FF 254 18.28 -52.44 96.52
N LEU FF 255 19.34 -52.85 97.21
CA LEU FF 255 19.27 -53.16 98.63
C LEU FF 255 20.09 -52.14 99.41
N THR FF 256 19.44 -51.44 100.33
CA THR FF 256 20.08 -50.35 101.05
C THR FF 256 20.91 -50.90 102.21
N SER FF 257 21.60 -49.98 102.91
CA SER FF 257 22.28 -50.35 104.15
C SER FF 257 21.30 -50.54 105.29
N SER FF 258 20.06 -50.10 105.13
CA SER FF 258 19.01 -50.35 106.12
C SER FF 258 18.32 -51.69 105.89
N GLY FF 259 18.82 -52.52 104.98
CA GLY FF 259 18.25 -53.83 104.73
C GLY FF 259 16.99 -53.81 103.90
N GLN FF 260 16.63 -52.68 103.30
CA GLN FF 260 15.38 -52.54 102.58
C GLN FF 260 15.63 -52.63 101.08
N VAL FF 261 14.75 -53.35 100.39
CA VAL FF 261 14.93 -53.69 98.98
C VAL FF 261 13.85 -52.98 98.17
N ILE FF 262 14.27 -52.20 97.18
CA ILE FF 262 13.37 -51.58 96.22
C ILE FF 262 13.63 -52.21 94.87
N LYS FF 263 12.59 -52.72 94.23
CA LYS FF 263 12.69 -53.39 92.95
C LYS FF 263 11.78 -52.66 91.96
N PHE FF 264 11.56 -53.29 90.81
CA PHE FF 264 10.59 -52.77 89.87
C PHE FF 264 9.17 -53.13 90.32
N SER FF 265 8.20 -52.81 89.48
CA SER FF 265 6.84 -53.23 89.75
C SER FF 265 6.72 -54.74 89.58
N GLN FF 266 5.72 -55.31 90.26
CA GLN FF 266 5.45 -56.73 90.12
C GLN FF 266 4.94 -57.07 88.73
N GLU FF 267 4.07 -56.22 88.19
CA GLU FF 267 3.53 -56.42 86.85
C GLU FF 267 3.78 -55.29 85.87
N ASP FF 268 3.90 -54.05 86.35
CA ASP FF 268 4.17 -52.91 85.46
C ASP FF 268 5.67 -52.80 85.22
N SER FF 269 6.20 -53.81 84.55
CA SER FF 269 7.62 -54.00 84.43
C SER FF 269 7.93 -54.96 83.29
N ILE GF 862 11.50 20.13 -64.31
CA ILE GF 862 11.60 21.25 -63.38
C ILE GF 862 11.06 22.51 -64.04
N ILE GF 863 10.07 23.13 -63.40
CA ILE GF 863 9.52 24.42 -63.80
C ILE GF 863 9.83 25.42 -62.70
N LYS GF 864 10.31 26.60 -63.09
CA LYS GF 864 10.66 27.63 -62.12
C LYS GF 864 9.41 28.17 -61.42
N THR GF 865 9.63 28.83 -60.29
CA THR GF 865 8.52 29.36 -59.50
C THR GF 865 7.89 30.55 -60.21
N GLY GF 866 6.56 30.61 -60.20
CA GLY GF 866 5.81 31.79 -60.55
C GLY GF 866 5.93 32.30 -61.97
N ASP GF 867 5.82 31.42 -62.96
CA ASP GF 867 5.93 31.80 -64.36
C ASP GF 867 4.55 31.81 -65.01
N ILE GF 868 4.53 32.17 -66.28
CA ILE GF 868 3.30 32.46 -67.02
C ILE GF 868 3.16 31.47 -68.16
N MET GF 869 2.03 30.77 -68.21
CA MET GF 869 1.70 29.93 -69.34
C MET GF 869 0.30 30.30 -69.83
N PHE GF 870 -0.14 29.70 -70.93
CA PHE GF 870 -1.38 30.10 -71.56
C PHE GF 870 -2.21 28.87 -71.92
N ALA GF 871 -3.52 28.96 -71.65
CA ALA GF 871 -4.42 27.83 -71.78
C ALA GF 871 -5.76 28.33 -72.30
N VAL GF 872 -6.67 27.40 -72.59
CA VAL GF 872 -8.03 27.71 -73.04
C VAL GF 872 -9.00 26.80 -72.29
N LEU GF 873 -10.00 27.39 -71.66
CA LEU GF 873 -11.00 26.63 -70.91
C LEU GF 873 -12.24 26.44 -71.77
N ASP GF 874 -12.95 25.34 -71.53
CA ASP GF 874 -14.07 25.00 -72.40
C ASP GF 874 -15.37 24.68 -71.66
N THR GF 875 -15.28 23.98 -70.54
CA THR GF 875 -16.48 23.52 -69.85
C THR GF 875 -17.04 24.65 -69.01
N SER GF 876 -18.10 25.28 -69.50
CA SER GF 876 -18.64 26.47 -68.87
C SER GF 876 -19.34 26.10 -67.57
N VAL GF 877 -19.17 26.95 -66.57
CA VAL GF 877 -19.66 26.68 -65.22
C VAL GF 877 -19.97 28.01 -64.55
N ASN GF 878 -20.87 27.97 -63.58
CA ASN GF 878 -21.30 29.12 -62.81
C ASN GF 878 -20.68 29.06 -61.43
N SER GF 879 -20.68 30.20 -60.73
CA SER GF 879 -20.15 30.29 -59.38
C SER GF 879 -21.14 29.79 -58.33
N ASP GF 880 -21.71 28.63 -58.55
CA ASP GF 880 -22.77 28.16 -57.68
C ASP GF 880 -22.55 26.75 -57.14
N GLU GF 881 -22.02 25.84 -57.95
CA GLU GF 881 -21.89 24.43 -57.58
C GLU GF 881 -20.46 23.98 -57.81
N PRO GF 882 -19.71 23.65 -56.76
CA PRO GF 882 -18.31 23.25 -56.94
C PRO GF 882 -18.18 21.89 -57.60
N GLY GF 883 -17.24 21.81 -58.53
CA GLY GF 883 -17.03 20.60 -59.28
C GLY GF 883 -15.81 20.70 -60.17
N PRO GF 884 -15.43 19.59 -60.80
CA PRO GF 884 -14.26 19.58 -61.68
C PRO GF 884 -14.44 20.42 -62.94
N ILE GF 885 -13.47 21.29 -63.18
CA ILE GF 885 -13.35 22.04 -64.43
C ILE GF 885 -11.95 21.81 -64.97
N LEU GF 886 -11.81 21.69 -66.29
CA LEU GF 886 -10.53 21.38 -66.90
C LEU GF 886 -10.12 22.45 -67.91
N ALA GF 887 -8.82 22.70 -67.99
CA ALA GF 887 -8.18 23.57 -68.97
C ALA GF 887 -7.01 22.83 -69.59
N THR GF 888 -6.49 23.34 -70.70
CA THR GF 888 -5.45 22.65 -71.47
C THR GF 888 -4.34 23.61 -71.83
N ILE GF 889 -3.13 23.32 -71.34
CA ILE GF 889 -1.95 24.07 -71.76
C ILE GF 889 -1.62 23.69 -73.20
N VAL GF 890 -1.48 24.70 -74.07
CA VAL GF 890 -1.21 24.46 -75.47
C VAL GF 890 0.17 24.96 -75.89
N THR GF 891 0.77 25.90 -75.17
CA THR GF 891 2.02 26.51 -75.62
C THR GF 891 3.10 26.38 -74.56
N GLY GF 892 4.22 27.05 -74.79
CA GLY GF 892 5.28 27.05 -73.80
C GLY GF 892 5.99 25.71 -73.76
N LYS GF 893 6.57 25.42 -72.59
CA LYS GF 893 7.33 24.18 -72.41
C LYS GF 893 6.44 22.95 -72.44
N LEU GF 894 5.36 22.95 -71.67
CA LEU GF 894 4.48 21.79 -71.61
C LEU GF 894 3.40 21.92 -72.67
N LYS GF 895 3.24 20.87 -73.47
CA LYS GF 895 2.24 20.85 -74.53
C LYS GF 895 1.27 19.71 -74.24
N GLY GF 896 -0.02 20.00 -74.35
CA GLY GF 896 -1.02 18.97 -74.14
C GLY GF 896 -1.29 18.63 -72.70
N SER GF 897 -0.71 19.38 -71.77
CA SER GF 897 -1.00 19.17 -70.36
C SER GF 897 -2.42 19.61 -70.06
N LYS GF 898 -3.07 18.93 -69.12
CA LYS GF 898 -4.43 19.27 -68.75
C LYS GF 898 -4.52 19.49 -67.26
N LEU GF 899 -5.48 20.30 -66.85
CA LEU GF 899 -5.48 20.86 -65.50
C LEU GF 899 -6.91 20.91 -65.00
N ILE GF 900 -7.19 20.18 -63.93
CA ILE GF 900 -8.52 20.10 -63.33
C ILE GF 900 -8.51 20.86 -62.01
N GLY GF 901 -9.67 21.40 -61.66
CA GLY GF 901 -9.85 22.13 -60.43
C GLY GF 901 -11.28 22.61 -60.21
N SER GF 902 -11.43 23.74 -59.54
CA SER GF 902 -12.74 24.31 -59.25
C SER GF 902 -12.59 25.82 -59.23
N PHE GF 903 -13.56 26.51 -58.64
CA PHE GF 903 -13.56 27.97 -58.59
C PHE GF 903 -13.36 28.44 -57.16
N ASN GF 904 -13.48 29.76 -56.97
CA ASN GF 904 -13.39 30.35 -55.64
C ASN GF 904 -14.65 31.18 -55.42
N LEU GF 905 -14.91 31.48 -54.15
CA LEU GF 905 -16.04 32.32 -53.80
C LEU GF 905 -15.57 33.63 -53.20
N PRO GF 906 -15.95 34.76 -53.80
CA PRO GF 906 -15.59 36.05 -53.22
C PRO GF 906 -16.68 36.59 -52.31
N SER GF 907 -16.35 37.69 -51.62
CA SER GF 907 -17.41 38.45 -50.95
C SER GF 907 -18.18 39.31 -51.94
N ASN GF 908 -17.50 39.88 -52.94
CA ASN GF 908 -18.11 40.71 -53.96
C ASN GF 908 -17.68 40.22 -55.34
N ALA GF 909 -18.59 40.32 -56.30
CA ALA GF 909 -18.46 39.63 -57.58
C ALA GF 909 -17.68 40.43 -58.62
N ASP GF 910 -17.00 41.50 -58.22
CA ASP GF 910 -16.24 42.32 -59.14
C ASP GF 910 -14.95 41.64 -59.60
N LYS GF 911 -14.57 40.52 -58.98
CA LYS GF 911 -13.47 39.70 -59.47
C LYS GF 911 -13.77 38.26 -59.11
N MET GF 912 -13.08 37.35 -59.79
CA MET GF 912 -13.35 35.92 -59.66
C MET GF 912 -12.10 35.15 -60.06
N VAL GF 913 -11.73 34.15 -59.24
CA VAL GF 913 -10.56 33.35 -59.55
C VAL GF 913 -10.95 31.88 -59.56
N ILE GF 914 -10.14 31.10 -60.29
CA ILE GF 914 -10.39 29.68 -60.54
C ILE GF 914 -9.32 28.89 -59.79
N THR GF 915 -9.75 27.97 -58.94
CA THR GF 915 -8.83 27.16 -58.16
C THR GF 915 -8.44 25.93 -58.96
N PHE GF 916 -7.24 25.95 -59.54
CA PHE GF 916 -6.74 24.85 -60.35
C PHE GF 916 -5.64 24.14 -59.60
N ASN GF 917 -5.78 22.83 -59.40
CA ASN GF 917 -4.86 22.14 -58.52
C ASN GF 917 -4.29 20.84 -59.07
N THR GF 918 -4.99 20.15 -59.96
CA THR GF 918 -4.54 18.83 -60.40
C THR GF 918 -4.05 18.89 -61.84
N MET GF 919 -2.74 18.69 -62.03
CA MET GF 919 -2.11 18.79 -63.34
C MET GF 919 -1.73 17.38 -63.81
N SER GF 920 -2.25 17.00 -64.97
CA SER GF 920 -1.90 15.71 -65.57
C SER GF 920 -1.17 15.96 -66.89
N ILE GF 921 0.00 15.37 -67.01
CA ILE GF 921 0.92 15.58 -68.13
C ILE GF 921 0.90 14.33 -69.00
N PRO GF 922 0.70 14.46 -70.32
CA PRO GF 922 0.66 13.26 -71.18
C PRO GF 922 2.01 12.58 -71.34
N GLY GF 923 2.00 11.46 -72.06
CA GLY GF 923 3.21 10.68 -72.25
C GLY GF 923 3.40 9.59 -71.23
N ALA GF 924 3.74 9.95 -69.99
CA ALA GF 924 4.00 8.97 -68.95
C ALA GF 924 2.92 9.02 -67.89
N GLU GF 925 2.68 7.87 -67.25
CA GLU GF 925 1.60 7.71 -66.28
C GLU GF 925 1.97 8.42 -64.98
N LYS GF 926 1.74 9.73 -64.97
CA LYS GF 926 1.98 10.56 -63.80
C LYS GF 926 0.88 11.62 -63.73
N THR GF 927 0.69 12.19 -62.55
CA THR GF 927 -0.24 13.29 -62.38
C THR GF 927 0.34 14.17 -61.26
N ILE GF 928 1.02 15.25 -61.66
CA ILE GF 928 1.71 16.12 -60.70
C ILE GF 928 0.70 16.98 -59.97
N SER GF 929 1.15 17.68 -58.93
CA SER GF 929 0.21 18.31 -58.01
C SER GF 929 0.48 19.80 -57.81
N ILE GF 930 0.61 20.55 -58.90
CA ILE GF 930 0.81 22.00 -58.81
C ILE GF 930 -0.55 22.68 -58.73
N SER GF 931 -0.74 23.50 -57.70
CA SER GF 931 -1.95 24.29 -57.53
C SER GF 931 -1.64 25.74 -57.87
N ALA GF 932 -2.45 26.31 -58.76
CA ALA GF 932 -2.22 27.67 -59.23
C ALA GF 932 -3.55 28.27 -59.69
N TYR GF 933 -3.53 29.55 -60.01
CA TYR GF 933 -4.71 30.29 -60.39
C TYR GF 933 -4.54 30.86 -61.79
N ALA GF 934 -5.45 31.75 -62.17
CA ALA GF 934 -5.54 32.26 -63.53
C ALA GF 934 -5.56 33.79 -63.57
N ILE GF 935 -5.05 34.33 -64.67
CA ILE GF 935 -5.15 35.75 -65.00
C ILE GF 935 -5.60 35.87 -66.45
N ASP GF 936 -6.44 36.84 -66.73
CA ASP GF 936 -6.96 37.00 -68.08
C ASP GF 936 -5.88 37.56 -69.00
N PRO GF 937 -5.67 36.96 -70.17
CA PRO GF 937 -4.72 37.53 -71.12
C PRO GF 937 -5.24 38.84 -71.70
N ASN GF 938 -4.30 39.74 -72.00
CA ASN GF 938 -4.49 41.10 -72.51
C ASN GF 938 -5.31 41.97 -71.57
N THR GF 939 -5.39 41.64 -70.28
CA THR GF 939 -6.00 42.52 -69.30
C THR GF 939 -5.07 42.66 -68.10
N ALA GF 940 -4.44 41.55 -67.74
CA ALA GF 940 -3.54 41.41 -66.59
C ALA GF 940 -4.23 41.84 -65.29
N ARG GF 941 -5.51 41.49 -65.19
CA ARG GF 941 -6.30 41.74 -64.00
C ARG GF 941 -7.03 40.46 -63.63
N THR GF 942 -7.48 40.40 -62.38
CA THR GF 942 -8.11 39.19 -61.85
C THR GF 942 -9.63 39.23 -61.88
N ALA GF 943 -10.23 40.25 -62.49
CA ALA GF 943 -11.67 40.23 -62.73
C ALA GF 943 -11.99 39.25 -63.85
N LEU GF 944 -13.23 38.78 -63.88
CA LEU GF 944 -13.64 37.77 -64.83
C LEU GF 944 -14.42 38.38 -65.99
N ALA GF 945 -14.18 37.85 -67.18
CA ALA GF 945 -14.94 38.23 -68.37
C ALA GF 945 -16.31 37.58 -68.27
N SER GF 946 -17.22 38.29 -67.62
CA SER GF 946 -18.61 37.88 -67.51
C SER GF 946 -19.46 39.08 -67.19
N ARG GF 947 -20.68 38.84 -66.75
CA ARG GF 947 -21.63 39.88 -66.43
C ARG GF 947 -21.90 39.89 -64.93
N THR GF 948 -21.91 41.09 -64.35
CA THR GF 948 -21.98 41.24 -62.91
C THR GF 948 -23.16 42.09 -62.41
N ASN GF 949 -24.04 42.54 -63.30
CA ASN GF 949 -25.16 43.39 -62.93
C ASN GF 949 -26.45 42.58 -62.79
N HIS GF 950 -26.33 41.37 -62.24
CA HIS GF 950 -27.35 40.34 -62.41
C HIS GF 950 -28.64 40.63 -61.66
N HIS GF 951 -28.56 40.94 -60.37
CA HIS GF 951 -29.75 40.91 -59.54
C HIS GF 951 -29.83 42.13 -58.65
N TYR GF 952 -29.67 43.30 -59.24
CA TYR GF 952 -30.03 44.53 -58.54
C TYR GF 952 -31.47 44.94 -58.83
N LEU GF 953 -31.77 45.13 -60.11
CA LEU GF 953 -33.01 45.78 -60.50
C LEU GF 953 -34.21 44.87 -60.30
N MET GF 954 -34.01 43.54 -60.37
CA MET GF 954 -35.11 42.60 -60.17
C MET GF 954 -35.69 42.69 -58.75
N ARG GF 955 -34.81 42.59 -57.75
CA ARG GF 955 -35.28 42.66 -56.38
C ARG GF 955 -35.68 44.07 -56.00
N TYR GF 956 -35.03 45.09 -56.58
CA TYR GF 956 -35.43 46.46 -56.33
C TYR GF 956 -36.85 46.73 -56.81
N GLY GF 957 -37.18 46.27 -58.02
CA GLY GF 957 -38.50 46.48 -58.56
C GLY GF 957 -39.56 45.69 -57.81
N SER GF 958 -39.24 44.46 -57.41
CA SER GF 958 -40.19 43.66 -56.64
C SER GF 958 -40.51 44.30 -55.30
N LEU GF 959 -39.46 44.75 -54.58
CA LEU GF 959 -39.65 45.40 -53.29
C LEU GF 959 -40.43 46.70 -53.43
N PHE GF 960 -40.09 47.52 -54.42
CA PHE GF 960 -40.73 48.82 -54.55
C PHE GF 960 -42.18 48.66 -54.98
N ALA GF 961 -42.47 47.65 -55.81
CA ALA GF 961 -43.85 47.39 -56.19
C ALA GF 961 -44.68 46.91 -55.00
N SER GF 962 -44.10 46.04 -54.16
CA SER GF 962 -44.83 45.56 -52.98
C SER GF 962 -45.15 46.70 -52.02
N SER GF 963 -44.17 47.58 -51.79
CA SER GF 963 -44.37 48.71 -50.91
C SER GF 963 -45.42 49.67 -51.46
N PHE GF 964 -45.37 49.95 -52.77
CA PHE GF 964 -46.34 50.82 -53.39
C PHE GF 964 -47.75 50.27 -53.28
N LEU GF 965 -47.89 48.93 -53.40
CA LEU GF 965 -49.18 48.28 -53.22
C LEU GF 965 -49.74 48.50 -51.82
N GLN GF 966 -48.89 48.24 -50.80
CA GLN GF 966 -49.30 48.40 -49.40
C GLN GF 966 -49.77 49.83 -49.12
N GLY GF 967 -48.98 50.80 -49.59
CA GLY GF 967 -49.34 52.20 -49.39
C GLY GF 967 -50.61 52.58 -50.10
N PHE GF 968 -50.84 52.00 -51.29
CA PHE GF 968 -52.04 52.33 -52.06
C PHE GF 968 -53.28 51.91 -51.32
N GLY GF 969 -53.27 50.68 -50.82
CA GLY GF 969 -54.44 50.21 -50.11
C GLY GF 969 -54.72 50.98 -48.83
N ASN GF 970 -53.67 51.20 -48.01
CA ASN GF 970 -53.95 51.83 -46.72
C ASN GF 970 -54.32 53.31 -46.86
N ALA GF 971 -53.60 54.08 -47.67
CA ALA GF 971 -53.89 55.50 -47.72
C ALA GF 971 -55.16 55.78 -48.51
N PHE GF 972 -55.42 55.03 -49.58
CA PHE GF 972 -56.66 55.30 -50.27
C PHE GF 972 -57.87 54.73 -49.57
N GLN GF 973 -57.69 53.82 -48.62
CA GLN GF 973 -58.79 53.56 -47.71
C GLN GF 973 -58.97 54.71 -46.73
N SER GF 974 -57.86 55.23 -46.21
CA SER GF 974 -57.91 56.19 -45.13
C SER GF 974 -58.49 57.53 -45.58
N ALA GF 975 -58.33 57.87 -46.85
CA ALA GF 975 -58.74 59.18 -47.32
C ALA GF 975 -60.22 59.26 -47.71
N ASN GF 976 -61.04 58.30 -47.30
CA ASN GF 976 -62.45 58.35 -47.64
C ASN GF 976 -63.20 59.41 -46.85
N THR GF 977 -62.86 59.59 -45.58
CA THR GF 977 -63.60 60.56 -44.75
C THR GF 977 -63.18 61.99 -45.08
N THR GF 978 -61.92 62.20 -45.42
CA THR GF 978 -61.45 63.54 -45.74
C THR GF 978 -61.72 63.88 -47.22
N SER GF 999 -66.65 51.97 -55.83
CA SER GF 999 -66.67 50.52 -55.86
C SER GF 999 -65.30 49.98 -56.27
N THR GF 1000 -64.91 50.30 -57.50
CA THR GF 1000 -63.65 49.81 -58.04
C THR GF 1000 -62.45 50.42 -57.33
N LEU GF 1001 -62.57 51.65 -56.85
CA LEU GF 1001 -61.49 52.25 -56.07
C LEU GF 1001 -61.33 51.53 -54.74
N GLU GF 1002 -62.45 51.12 -54.15
CA GLU GF 1002 -62.42 50.29 -52.94
C GLU GF 1002 -61.77 48.95 -53.24
N ASN GF 1003 -62.03 48.40 -54.43
CA ASN GF 1003 -61.40 47.14 -54.81
C ASN GF 1003 -59.91 47.32 -55.08
N ALA GF 1004 -59.51 48.49 -55.55
CA ALA GF 1004 -58.09 48.81 -55.70
C ALA GF 1004 -57.40 48.84 -54.34
N VAL GF 1005 -58.07 49.46 -53.36
CA VAL GF 1005 -57.62 49.44 -51.97
C VAL GF 1005 -57.47 48.00 -51.50
N ILE GF 1006 -58.47 47.17 -51.79
CA ILE GF 1006 -58.49 45.76 -51.41
C ILE GF 1006 -57.27 45.03 -51.92
N GLY GF 1007 -57.04 45.11 -53.24
CA GLY GF 1007 -56.06 44.26 -53.86
C GLY GF 1007 -54.67 44.69 -53.47
N LEU GF 1008 -54.41 45.99 -53.56
CA LEU GF 1008 -53.04 46.46 -53.36
C LEU GF 1008 -52.68 46.40 -51.89
N ALA GF 1009 -53.63 46.73 -50.99
CA ALA GF 1009 -53.44 46.62 -49.55
C ALA GF 1009 -53.04 45.23 -49.14
N THR GF 1010 -53.80 44.23 -49.55
CA THR GF 1010 -53.56 42.95 -48.92
C THR GF 1010 -52.56 42.09 -49.67
N VAL GF 1011 -52.40 42.24 -50.98
CA VAL GF 1011 -51.31 41.52 -51.62
C VAL GF 1011 -49.98 42.26 -51.50
N GLY GF 1012 -49.97 43.51 -51.03
CA GLY GF 1012 -48.71 44.18 -50.81
C GLY GF 1012 -47.93 43.59 -49.65
N LYS GF 1013 -48.63 43.21 -48.57
CA LYS GF 1013 -47.97 42.97 -47.29
C LYS GF 1013 -47.16 41.67 -47.29
N ALA GF 1014 -47.79 40.57 -47.70
CA ALA GF 1014 -47.11 39.27 -47.69
C ALA GF 1014 -45.99 39.23 -48.72
N TRP GF 1015 -46.25 39.81 -49.89
CA TRP GF 1015 -45.20 39.93 -50.89
C TRP GF 1015 -44.08 40.85 -50.43
N SER GF 1016 -44.40 41.84 -49.60
CA SER GF 1016 -43.39 42.75 -49.07
C SER GF 1016 -42.46 42.04 -48.09
N GLN GF 1017 -43.03 41.27 -47.17
CA GLN GF 1017 -42.16 40.56 -46.24
C GLN GF 1017 -41.40 39.43 -46.94
N GLN GF 1018 -41.99 38.84 -47.99
CA GLN GF 1018 -41.25 37.87 -48.78
C GLN GF 1018 -40.10 38.54 -49.52
N ALA GF 1019 -40.31 39.77 -50.00
CA ALA GF 1019 -39.25 40.49 -50.68
C ALA GF 1019 -38.13 40.85 -49.72
N GLN GF 1020 -38.50 41.19 -48.48
CA GLN GF 1020 -37.48 41.45 -47.47
C GLN GF 1020 -36.72 40.19 -47.11
N GLN GF 1021 -37.38 39.04 -47.22
CA GLN GF 1021 -36.64 37.79 -47.12
C GLN GF 1021 -35.68 37.59 -48.28
N LEU GF 1022 -36.16 37.75 -49.51
CA LEU GF 1022 -35.39 37.32 -50.68
C LEU GF 1022 -34.41 38.38 -51.14
N PHE GF 1023 -34.37 39.55 -50.50
CA PHE GF 1023 -33.61 40.66 -51.03
C PHE GF 1023 -32.11 40.48 -50.86
N ASN GF 1024 -31.70 39.58 -49.98
CA ASN GF 1024 -30.31 39.47 -49.55
C ASN GF 1024 -29.38 38.84 -50.59
N THR GF 1025 -29.89 38.26 -51.67
CA THR GF 1025 -29.01 37.53 -52.58
C THR GF 1025 -28.26 38.49 -53.49
N PRO GF 1026 -26.94 38.50 -53.46
CA PRO GF 1026 -26.16 39.41 -54.31
C PRO GF 1026 -25.87 38.77 -55.67
N THR GF 1027 -25.07 39.47 -56.46
CA THR GF 1027 -24.81 39.11 -57.84
C THR GF 1027 -23.78 37.99 -57.92
N THR GF 1028 -23.97 37.08 -58.86
CA THR GF 1028 -23.05 35.99 -59.10
C THR GF 1028 -22.33 36.18 -60.43
N VAL GF 1029 -21.42 35.25 -60.74
CA VAL GF 1029 -20.68 35.25 -62.00
C VAL GF 1029 -20.74 33.86 -62.60
N GLU GF 1030 -20.43 33.79 -63.89
CA GLU GF 1030 -20.42 32.54 -64.64
C GLU GF 1030 -19.42 32.64 -65.77
N VAL GF 1031 -18.41 31.74 -65.76
CA VAL GF 1031 -17.37 31.79 -66.77
C VAL GF 1031 -17.90 31.28 -68.10
N TYR GF 1032 -17.21 31.65 -69.18
CA TYR GF 1032 -17.69 31.36 -70.52
C TYR GF 1032 -17.18 30.00 -70.99
N SER GF 1033 -17.78 29.50 -72.06
CA SER GF 1033 -17.38 28.23 -72.65
C SER GF 1033 -16.27 28.37 -73.68
N GLY GF 1034 -15.89 29.59 -74.05
CA GLY GF 1034 -14.94 29.77 -75.14
C GLY GF 1034 -13.91 30.86 -74.96
N THR GF 1035 -13.49 31.13 -73.74
CA THR GF 1035 -12.50 32.17 -73.46
C THR GF 1035 -11.19 31.53 -73.05
N GLY GF 1036 -10.10 32.04 -73.59
CA GLY GF 1036 -8.78 31.63 -73.18
C GLY GF 1036 -8.39 32.23 -71.85
N LEU GF 1037 -7.21 31.85 -71.40
CA LEU GF 1037 -6.74 32.25 -70.08
C LEU GF 1037 -5.22 32.21 -70.05
N GLY GF 1038 -4.65 32.92 -69.08
CA GLY GF 1038 -3.26 32.79 -68.72
C GLY GF 1038 -3.14 32.32 -67.28
N ILE GF 1039 -2.04 31.65 -66.99
CA ILE GF 1039 -1.81 31.04 -65.69
C ILE GF 1039 -0.51 31.56 -65.11
N LEU GF 1040 -0.60 32.18 -63.93
CA LEU GF 1040 0.55 32.45 -63.08
C LEU GF 1040 0.79 31.23 -62.20
N PHE GF 1041 2.06 30.96 -61.90
CA PHE GF 1041 2.37 29.79 -61.09
C PHE GF 1041 2.62 30.16 -59.64
N THR GF 1042 2.59 29.13 -58.78
CA THR GF 1042 2.74 29.28 -57.35
C THR GF 1042 3.94 28.52 -56.79
N GLN GF 1043 4.11 27.26 -57.16
CA GLN GF 1043 5.23 26.45 -56.69
C GLN GF 1043 5.83 25.68 -57.85
N ASP GF 1044 7.00 25.09 -57.60
CA ASP GF 1044 7.75 24.36 -58.61
C ASP GF 1044 7.25 22.92 -58.71
N VAL GF 1045 7.63 22.24 -59.79
CA VAL GF 1045 7.34 20.83 -60.00
C VAL GF 1045 8.59 20.16 -60.57
N THR GF 1046 8.50 18.85 -60.78
CA THR GF 1046 9.65 18.07 -61.25
C THR GF 1046 9.57 17.82 -62.74
N ALA HF 104 22.63 -114.15 34.22
CA ALA HF 104 23.12 -112.96 33.53
C ALA HF 104 22.02 -111.92 33.44
N GLU HF 105 21.12 -111.92 34.43
CA GLU HF 105 20.00 -111.00 34.44
C GLU HF 105 19.79 -110.32 35.78
N VAL HF 106 20.39 -110.82 36.87
CA VAL HF 106 20.34 -110.11 38.15
C VAL HF 106 21.30 -108.93 38.19
N ILE HF 107 22.18 -108.83 37.18
CA ILE HF 107 23.04 -107.66 37.00
C ILE HF 107 22.18 -106.42 36.84
N ASP HF 108 21.09 -106.52 36.07
CA ASP HF 108 20.19 -105.40 35.87
C ASP HF 108 19.51 -104.99 37.17
N LYS HF 109 19.12 -105.97 37.99
CA LYS HF 109 18.45 -105.67 39.25
C LYS HF 109 19.39 -105.00 40.25
N LYS HF 110 20.61 -105.53 40.39
CA LYS HF 110 21.55 -104.92 41.33
C LYS HF 110 22.04 -103.56 40.82
N ALA HF 111 22.09 -103.38 39.50
CA ALA HF 111 22.46 -102.07 38.96
C ALA HF 111 21.33 -101.06 39.17
N PHE HF 112 20.09 -101.50 39.10
CA PHE HF 112 18.98 -100.62 39.43
C PHE HF 112 19.00 -100.22 40.90
N LYS HF 113 19.29 -101.19 41.77
CA LYS HF 113 19.36 -100.90 43.20
C LYS HF 113 20.49 -99.93 43.52
N ASP HF 114 21.68 -100.17 42.96
CA ASP HF 114 22.80 -99.27 43.19
C ASP HF 114 22.57 -97.92 42.52
N MET HF 115 21.81 -97.89 41.43
CA MET HF 115 21.47 -96.63 40.78
C MET HF 115 20.59 -95.78 41.66
N THR HF 116 19.58 -96.40 42.27
CA THR HF 116 18.72 -95.70 43.20
C THR HF 116 19.52 -95.22 44.41
N ARG HF 117 20.43 -96.05 44.92
CA ARG HF 117 21.25 -95.67 46.06
C ARG HF 117 22.19 -94.52 45.73
N ASN HF 118 22.77 -94.53 44.52
CA ASN HF 118 23.67 -93.45 44.13
C ASN HF 118 22.91 -92.16 43.87
N LEU HF 119 21.72 -92.26 43.30
CA LEU HF 119 20.92 -91.06 43.03
C LEU HF 119 20.45 -90.42 44.33
N TYR HF 120 19.87 -91.20 45.22
CA TYR HF 120 19.44 -90.71 46.52
C TYR HF 120 20.13 -91.51 47.59
N PRO HF 121 21.16 -90.95 48.24
CA PRO HF 121 21.82 -91.65 49.36
C PRO HF 121 21.11 -91.49 50.69
N LEU HF 122 19.88 -90.98 50.69
CA LEU HF 122 19.18 -90.57 51.90
C LEU HF 122 17.84 -91.26 51.97
N ASN HF 123 17.53 -91.82 53.14
CA ASN HF 123 16.21 -92.35 53.38
C ASN HF 123 15.21 -91.20 53.47
N PRO HF 124 13.94 -91.44 53.13
CA PRO HF 124 12.92 -90.40 53.35
C PRO HF 124 12.77 -90.02 54.82
N GLU HF 125 12.93 -90.99 55.72
CA GLU HF 125 12.95 -90.67 57.14
C GLU HF 125 14.17 -89.83 57.50
N GLN HF 126 15.30 -90.09 56.83
CA GLN HF 126 16.49 -89.27 57.03
C GLN HF 126 16.25 -87.84 56.54
N VAL HF 127 15.51 -87.69 55.44
CA VAL HF 127 15.14 -86.38 54.94
C VAL HF 127 14.24 -85.67 55.94
N VAL HF 128 13.28 -86.41 56.52
CA VAL HF 128 12.34 -85.83 57.49
C VAL HF 128 13.09 -85.36 58.73
N LYS HF 129 13.99 -86.20 59.26
CA LYS HF 129 14.74 -85.79 60.44
C LYS HF 129 15.79 -84.74 60.13
N LEU HF 130 16.25 -84.66 58.88
CA LEU HF 130 17.12 -83.56 58.48
C LEU HF 130 16.36 -82.25 58.49
N LYS HF 131 15.13 -82.26 57.98
CA LYS HF 131 14.30 -81.07 58.06
C LYS HF 131 13.95 -80.73 59.51
N GLN HF 132 13.79 -81.76 60.34
CA GLN HF 132 13.49 -81.54 61.75
C GLN HF 132 14.66 -80.91 62.48
N ILE HF 133 15.88 -81.43 62.25
CA ILE HF 133 17.04 -80.87 62.93
C ILE HF 133 17.38 -79.50 62.35
N TYR HF 134 17.04 -79.26 61.08
CA TYR HF 134 17.20 -77.95 60.48
C TYR HF 134 16.24 -76.93 61.10
N GLU HF 135 14.99 -77.33 61.31
CA GLU HF 135 14.02 -76.48 61.99
C GLU HF 135 14.41 -76.21 63.44
N THR HF 136 14.94 -77.23 64.12
CA THR HF 136 15.38 -77.05 65.49
C THR HF 136 16.60 -76.13 65.57
N SER HF 137 17.50 -76.25 64.59
CA SER HF 137 18.63 -75.35 64.50
C SER HF 137 18.19 -73.92 64.24
N GLU HF 138 17.16 -73.75 63.41
CA GLU HF 138 16.60 -72.43 63.17
C GLU HF 138 15.97 -71.85 64.42
N TYR HF 139 15.27 -72.69 65.19
CA TYR HF 139 14.65 -72.23 66.43
C TYR HF 139 15.70 -71.82 67.45
N ALA HF 140 16.77 -72.60 67.58
CA ALA HF 140 17.83 -72.27 68.52
C ALA HF 140 18.58 -71.03 68.08
N LYS HF 141 18.75 -70.86 66.76
CA LYS HF 141 19.40 -69.66 66.24
C LYS HF 141 18.55 -68.42 66.48
N ALA HF 142 17.25 -68.54 66.30
CA ALA HF 142 16.34 -67.42 66.54
C ALA HF 142 16.01 -67.23 68.01
N ALA HF 143 16.44 -68.14 68.88
CA ALA HF 143 16.21 -67.99 70.30
C ALA HF 143 17.02 -66.84 70.86
N THR HF 144 16.40 -66.05 71.73
CA THR HF 144 17.05 -64.92 72.36
C THR HF 144 17.13 -65.15 73.87
N PRO HF 145 18.30 -65.01 74.47
CA PRO HF 145 18.47 -65.36 75.87
C PRO HF 145 18.02 -64.21 76.77
N GLY HF 146 18.21 -64.41 78.07
CA GLY HF 146 17.75 -63.44 79.04
C GLY HF 146 16.23 -63.49 79.17
N THR HF 147 15.66 -62.35 79.54
CA THR HF 147 14.22 -62.21 79.59
C THR HF 147 13.77 -61.11 78.65
N PRO HF 148 12.77 -61.35 77.81
CA PRO HF 148 12.19 -60.28 77.02
C PRO HF 148 11.45 -59.30 77.90
N PRO HF 149 11.46 -58.02 77.56
CA PRO HF 149 10.77 -57.02 78.37
C PRO HF 149 9.27 -57.09 78.20
N LYS HF 150 8.60 -56.32 79.02
CA LYS HF 150 7.15 -56.24 78.90
C LYS HF 150 6.78 -55.03 78.04
N PRO HF 151 6.02 -55.22 76.97
CA PRO HF 151 5.55 -54.09 76.17
C PRO HF 151 4.35 -53.43 76.83
N THR HF 152 4.45 -52.14 77.06
CA THR HF 152 3.43 -51.41 77.80
C THR HF 152 3.25 -50.02 77.20
N ALA HF 153 2.11 -49.42 77.49
CA ALA HF 153 1.88 -48.01 77.24
C ALA HF 153 2.18 -47.25 78.52
N THR HF 154 2.64 -46.01 78.38
CA THR HF 154 3.04 -45.21 79.52
C THR HF 154 2.66 -43.76 79.31
N SER HF 155 2.47 -43.04 80.40
CA SER HF 155 2.18 -41.62 80.36
C SER HF 155 3.05 -40.90 81.36
N GLN HF 156 3.24 -39.60 81.11
CA GLN HF 156 3.99 -38.77 82.02
C GLN HF 156 3.54 -37.33 81.89
N PHE HF 157 3.33 -36.69 83.03
CA PHE HF 157 3.12 -35.26 83.10
C PHE HF 157 4.48 -34.59 83.16
N VAL HF 158 4.92 -34.01 82.04
CA VAL HF 158 6.21 -33.38 81.95
C VAL HF 158 6.21 -32.08 82.73
N ASN HF 159 7.26 -31.86 83.49
CA ASN HF 159 7.40 -30.67 84.32
C ASN HF 159 8.54 -29.81 83.78
N LEU HF 160 8.44 -28.50 84.05
CA LEU HF 160 9.48 -27.55 83.68
C LEU HF 160 10.03 -26.86 84.92
N SER HF 161 10.30 -27.64 85.96
CA SER HF 161 10.99 -27.09 87.11
C SER HF 161 12.48 -26.92 86.78
N PRO HF 162 13.12 -25.87 87.30
CA PRO HF 162 14.54 -25.66 87.01
C PRO HF 162 15.50 -26.54 87.80
N GLY HF 163 15.00 -27.53 88.54
CA GLY HF 163 15.86 -28.47 89.23
C GLY HF 163 15.37 -29.90 89.21
N SER HF 164 14.24 -30.14 88.55
CA SER HF 164 13.65 -31.47 88.56
C SER HF 164 14.40 -32.40 87.61
N THR HF 165 14.17 -33.69 87.79
CA THR HF 165 14.82 -34.68 86.95
C THR HF 165 14.16 -34.70 85.57
N PRO HF 166 14.96 -34.82 84.50
CA PRO HF 166 14.37 -34.98 83.18
C PRO HF 166 13.76 -36.36 83.03
N PRO HF 167 12.72 -36.50 82.21
CA PRO HF 167 12.12 -37.83 82.00
C PRO HF 167 13.01 -38.77 81.21
N VAL HF 168 12.78 -40.06 81.46
CA VAL HF 168 13.59 -41.16 80.95
C VAL HF 168 12.74 -42.04 80.06
N ILE HF 169 13.26 -42.38 78.88
CA ILE HF 169 12.53 -43.13 77.88
C ILE HF 169 13.19 -44.49 77.70
N ARG HF 170 12.43 -45.55 77.91
CA ARG HF 170 12.92 -46.91 77.74
C ARG HF 170 12.96 -47.28 76.27
N LEU HF 171 14.04 -47.94 75.86
CA LEU HF 171 14.26 -48.27 74.46
C LEU HF 171 14.42 -49.78 74.28
N SER HF 172 14.09 -50.25 73.08
CA SER HF 172 14.19 -51.65 72.72
C SER HF 172 14.87 -51.79 71.37
N GLN HF 173 15.47 -52.96 71.15
CA GLN HF 173 16.25 -53.21 69.95
C GLN HF 173 15.32 -53.32 68.74
N GLY HF 174 15.34 -52.30 67.89
CA GLY HF 174 14.65 -52.33 66.62
C GLY HF 174 13.18 -51.95 66.64
N PHE HF 175 12.47 -52.29 67.72
CA PHE HF 175 11.05 -51.99 67.79
C PHE HF 175 10.86 -50.49 68.01
N VAL HF 176 9.85 -49.94 67.34
CA VAL HF 176 9.64 -48.50 67.35
C VAL HF 176 9.02 -48.08 68.66
N SER HF 177 9.51 -46.98 69.21
CA SER HF 177 8.90 -46.33 70.35
C SER HF 177 8.25 -45.05 69.89
N SER HF 178 6.99 -44.85 70.26
CA SER HF 178 6.21 -43.71 69.83
C SER HF 178 6.01 -42.75 71.00
N LEU HF 179 6.02 -41.46 70.69
CA LEU HF 179 5.84 -40.41 71.69
C LEU HF 179 4.84 -39.39 71.16
N VAL HF 180 3.80 -39.12 71.94
CA VAL HF 180 2.73 -38.23 71.53
C VAL HF 180 2.66 -37.08 72.53
N PHE HF 181 2.68 -35.85 72.03
CA PHE HF 181 2.88 -34.66 72.84
C PHE HF 181 1.62 -33.80 72.86
N LEU HF 182 1.12 -33.51 74.07
CA LEU HF 182 -0.01 -32.64 74.27
C LEU HF 182 0.28 -31.70 75.44
N ASP HF 183 -0.51 -30.65 75.56
CA ASP HF 183 -0.38 -29.75 76.71
C ASP HF 183 -1.19 -30.33 77.88
N SER HF 184 -1.35 -29.53 78.93
CA SER HF 184 -2.02 -30.04 80.13
C SER HF 184 -3.52 -30.16 79.94
N THR HF 185 -4.11 -29.33 79.08
CA THR HF 185 -5.55 -29.40 78.86
C THR HF 185 -5.95 -30.57 77.97
N GLY HF 186 -5.00 -31.18 77.25
CA GLY HF 186 -5.31 -32.28 76.37
C GLY HF 186 -5.36 -31.94 74.90
N ALA HF 187 -4.92 -30.75 74.51
CA ALA HF 187 -4.85 -30.54 73.07
C ALA HF 187 -3.46 -30.88 72.56
N PRO HF 188 -3.35 -31.49 71.38
CA PRO HF 188 -2.04 -31.90 70.87
C PRO HF 188 -1.20 -30.70 70.46
N TRP HF 189 0.00 -30.62 71.02
CA TRP HF 189 0.88 -29.50 70.75
C TRP HF 189 1.81 -29.87 69.60
N PRO HF 190 1.73 -29.20 68.45
CA PRO HF 190 2.60 -29.53 67.32
C PRO HF 190 4.06 -29.23 67.60
N ILE HF 191 4.91 -30.04 67.00
CA ILE HF 191 6.35 -29.98 67.26
C ILE HF 191 7.00 -29.06 66.26
N ALA HF 192 7.84 -28.15 66.74
CA ALA HF 192 8.56 -27.26 65.83
C ALA HF 192 9.84 -27.92 65.32
N ALA HF 193 10.78 -28.23 66.21
CA ALA HF 193 12.03 -28.84 65.79
C ALA HF 193 12.66 -29.59 66.95
N TYR HF 194 13.77 -30.26 66.65
CA TYR HF 194 14.44 -31.08 67.64
C TYR HF 194 15.90 -31.27 67.24
N ASP HF 195 16.67 -31.78 68.20
CA ASP HF 195 18.05 -32.21 67.98
C ASP HF 195 18.29 -33.48 68.78
N LEU HF 196 19.25 -34.27 68.32
CA LEU HF 196 19.48 -35.61 68.83
C LEU HF 196 20.93 -35.77 69.25
N GLY HF 197 21.18 -36.65 70.22
CA GLY HF 197 22.50 -37.16 70.47
C GLY HF 197 22.61 -38.57 69.92
N ASP HF 198 23.77 -38.88 69.36
CA ASP HF 198 24.13 -40.17 68.76
C ASP HF 198 23.13 -40.63 67.70
N PRO HF 199 23.16 -40.06 66.50
CA PRO HF 199 22.18 -40.44 65.47
C PRO HF 199 22.32 -41.87 64.96
N SER HF 200 23.46 -42.52 65.16
CA SER HF 200 23.60 -43.89 64.69
C SER HF 200 22.77 -44.87 65.50
N SER HF 201 22.45 -44.55 66.74
CA SER HF 201 21.63 -45.44 67.55
C SER HF 201 20.14 -45.23 67.35
N PHE HF 202 19.72 -44.03 66.97
CA PHE HF 202 18.31 -43.70 66.95
C PHE HF 202 17.91 -43.15 65.59
N ASN HF 203 16.90 -43.76 64.99
CA ASN HF 203 16.37 -43.32 63.71
C ASN HF 203 14.99 -42.72 63.94
N ILE HF 204 14.76 -41.53 63.37
CA ILE HF 204 13.56 -40.76 63.63
C ILE HF 204 12.84 -40.51 62.32
N GLN HF 205 11.56 -40.89 62.26
CA GLN HF 205 10.68 -40.50 61.17
C GLN HF 205 9.73 -39.46 61.76
N TRP HF 206 10.18 -38.22 61.82
CA TRP HF 206 9.36 -37.13 62.33
C TRP HF 206 8.65 -36.49 61.16
N ASP HF 207 7.35 -36.75 61.06
CA ASP HF 207 6.53 -36.00 60.12
C ASP HF 207 6.44 -34.56 60.59
N LYS HF 208 6.48 -33.64 59.63
CA LYS HF 208 6.81 -32.27 59.95
C LYS HF 208 5.67 -31.50 60.59
N THR HF 209 4.44 -32.01 60.52
CA THR HF 209 3.27 -31.29 60.99
C THR HF 209 2.46 -32.14 61.95
N SER HF 210 3.11 -32.72 62.95
CA SER HF 210 2.41 -33.56 63.92
C SER HF 210 2.93 -33.25 65.32
N ASN HF 211 2.42 -34.03 66.27
CA ASN HF 211 2.88 -34.02 67.65
C ASN HF 211 3.46 -35.37 68.04
N THR HF 212 4.01 -36.10 67.07
CA THR HF 212 4.40 -37.48 67.26
C THR HF 212 5.86 -37.67 66.90
N LEU HF 213 6.48 -38.65 67.57
CA LEU HF 213 7.87 -39.00 67.32
C LEU HF 213 8.05 -40.51 67.36
N MET HF 214 8.80 -41.03 66.39
CA MET HF 214 9.06 -42.46 66.27
C MET HF 214 10.56 -42.70 66.36
N ILE HF 215 10.97 -43.59 67.27
CA ILE HF 215 12.38 -43.86 67.53
C ILE HF 215 12.65 -45.33 67.31
N GLN HF 216 13.81 -45.64 66.72
CA GLN HF 216 14.30 -47.01 66.56
C GLN HF 216 15.67 -47.10 67.19
N ALA HF 217 15.77 -47.79 68.32
CA ALA HF 217 17.06 -47.94 68.99
C ALA HF 217 17.88 -49.00 68.26
N THR HF 218 19.02 -48.58 67.70
CA THR HF 218 19.81 -49.48 66.87
C THR HF 218 20.73 -50.35 67.70
N LYS HF 219 21.39 -49.78 68.71
CA LYS HF 219 22.30 -50.54 69.54
C LYS HF 219 21.57 -51.04 70.78
N LEU HF 220 22.30 -51.78 71.63
CA LEU HF 220 21.71 -52.47 72.77
C LEU HF 220 21.94 -51.75 74.09
N TYR HF 221 23.10 -51.11 74.28
CA TYR HF 221 23.45 -50.55 75.57
C TYR HF 221 23.84 -49.08 75.52
N ASN HF 222 23.98 -48.50 74.34
CA ASN HF 222 24.38 -47.10 74.25
C ASN HF 222 23.19 -46.21 74.56
N TYR HF 223 23.38 -45.26 75.46
CA TYR HF 223 22.31 -44.39 75.91
C TYR HF 223 22.54 -42.97 75.45
N GLY HF 224 21.44 -42.26 75.19
CA GLY HF 224 21.55 -40.94 74.58
C GLY HF 224 20.68 -39.86 75.20
N ASN HF 225 20.61 -38.71 74.55
CA ASN HF 225 19.76 -37.63 74.99
C ASN HF 225 19.09 -36.98 73.79
N LEU HF 226 17.98 -36.32 74.07
CA LEU HF 226 17.20 -35.66 73.04
C LEU HF 226 16.82 -34.26 73.52
N ALA HF 227 16.74 -33.33 72.58
CA ALA HF 227 16.16 -32.03 72.83
C ALA HF 227 15.06 -31.80 71.81
N VAL HF 228 13.93 -31.27 72.27
CA VAL HF 228 12.79 -31.00 71.40
C VAL HF 228 12.22 -29.63 71.75
N ARG HF 229 11.48 -29.06 70.82
CA ARG HF 229 10.79 -27.80 71.06
C ARG HF 229 9.59 -27.70 70.15
N LEU HF 230 8.51 -27.15 70.70
CA LEU HF 230 7.20 -27.12 70.08
C LEU HF 230 6.93 -25.76 69.44
N ARG HF 231 5.77 -25.64 68.81
CA ARG HF 231 5.47 -24.47 67.99
C ARG HF 231 5.25 -23.21 68.83
N GLY HF 232 4.45 -23.31 69.87
CA GLY HF 232 4.25 -22.19 70.76
C GLY HF 232 5.20 -22.12 71.92
N LEU HF 233 6.05 -23.13 72.06
CA LEU HF 233 6.92 -23.26 73.21
C LEU HF 233 8.25 -22.56 72.95
N ASN HF 234 8.76 -21.87 73.96
CA ASN HF 234 10.08 -21.25 73.90
C ASN HF 234 11.16 -22.07 74.58
N THR HF 235 10.84 -22.70 75.70
CA THR HF 235 11.84 -23.44 76.46
C THR HF 235 12.10 -24.79 75.79
N PRO HF 236 13.35 -25.16 75.54
CA PRO HF 236 13.65 -26.50 75.03
C PRO HF 236 13.41 -27.56 76.09
N VAL HF 237 13.06 -28.75 75.62
CA VAL HF 237 12.78 -29.90 76.48
C VAL HF 237 13.88 -30.93 76.26
N MET HF 238 14.50 -31.38 77.34
CA MET HF 238 15.58 -32.35 77.27
C MET HF 238 15.10 -33.66 77.87
N LEU HF 239 15.45 -34.76 77.22
CA LEU HF 239 14.98 -36.10 77.57
C LEU HF 239 16.16 -37.06 77.58
N THR HF 240 16.10 -38.06 78.45
CA THR HF 240 17.11 -39.10 78.50
C THR HF 240 16.57 -40.36 77.81
N LEU HF 241 17.45 -41.06 77.08
CA LEU HF 241 17.06 -42.22 76.29
C LEU HF 241 17.91 -43.40 76.75
N ILE HF 242 17.29 -44.36 77.42
CA ILE HF 242 18.00 -45.47 78.03
C ILE HF 242 17.55 -46.77 77.38
N PRO HF 243 18.45 -47.55 76.81
CA PRO HF 243 18.07 -48.82 76.20
C PRO HF 243 18.09 -49.96 77.22
N GLY HF 244 17.59 -51.11 76.77
CA GLY HF 244 17.71 -52.35 77.53
C GLY HF 244 16.97 -52.39 78.85
N GLN HF 245 15.71 -51.95 78.86
CA GLN HF 245 14.92 -51.96 80.08
C GLN HF 245 13.86 -53.05 80.01
N LYS HF 246 13.49 -53.56 81.18
CA LYS HF 246 12.54 -54.65 81.27
C LYS HF 246 11.10 -54.23 81.05
N ALA HF 247 10.83 -52.93 80.96
CA ALA HF 247 9.50 -52.41 80.66
C ALA HF 247 9.65 -51.49 79.45
N VAL HF 248 9.41 -52.02 78.27
CA VAL HF 248 9.54 -51.22 77.07
C VAL HF 248 8.21 -50.57 76.78
N ASP HF 249 8.28 -49.37 76.21
CA ASP HF 249 7.11 -48.53 76.01
C ASP HF 249 6.82 -48.46 74.52
N TYR HF 250 5.70 -49.05 74.11
CA TYR HF 250 5.25 -48.88 72.73
C TYR HF 250 4.73 -47.48 72.48
N ARG HF 251 4.33 -46.76 73.53
CA ARG HF 251 3.76 -45.43 73.41
C ARG HF 251 3.96 -44.70 74.72
N VAL HF 252 4.44 -43.45 74.64
CA VAL HF 252 4.56 -42.57 75.80
C VAL HF 252 3.76 -41.31 75.51
N ASP HF 253 2.81 -41.01 76.39
CA ASP HF 253 2.07 -39.75 76.34
C ASP HF 253 2.83 -38.71 77.15
N LEU HF 254 2.98 -37.51 76.59
CA LEU HF 254 3.71 -36.44 77.21
C LEU HF 254 2.75 -35.27 77.41
N ARG HF 255 2.24 -35.13 78.62
CA ARG HF 255 1.34 -34.05 78.97
C ARG HF 255 2.18 -32.95 79.59
N VAL HF 256 2.45 -31.90 78.82
CA VAL HF 256 3.34 -30.86 79.28
C VAL HF 256 2.58 -29.89 80.18
N GLN HF 257 3.32 -29.15 81.00
CA GLN HF 257 2.73 -28.20 81.92
C GLN HF 257 2.42 -26.86 81.26
N GLY HF 258 2.76 -26.68 80.00
CA GLY HF 258 2.41 -25.48 79.26
C GLY HF 258 1.07 -25.58 78.58
N TYR HF 259 0.85 -24.71 77.61
CA TYR HF 259 -0.39 -24.66 76.85
C TYR HF 259 -0.09 -24.52 75.36
N GLY HF 260 -0.66 -25.41 74.55
CA GLY HF 260 -0.44 -25.37 73.13
C GLY HF 260 -1.23 -24.27 72.47
N PRO HF 261 -0.96 -24.08 71.17
CA PRO HF 261 -1.76 -23.12 70.39
C PRO HF 261 -3.23 -23.53 70.32
N ASN HF 262 -3.48 -24.82 70.25
CA ASN HF 262 -4.77 -25.37 70.58
C ASN HF 262 -4.81 -25.58 72.09
N ALA HF 263 -5.89 -25.16 72.72
CA ALA HF 263 -6.05 -25.29 74.17
C ALA HF 263 -7.43 -25.82 74.47
N LYS HF 264 -7.50 -26.86 75.30
CA LYS HF 264 -8.76 -27.45 75.72
C LYS HF 264 -9.20 -26.94 77.08
N SER HF 265 -8.84 -25.72 77.44
CA SER HF 265 -9.23 -25.13 78.71
C SER HF 265 -10.64 -24.54 78.55
N MET HF 266 -11.63 -25.42 78.63
CA MET HF 266 -13.01 -25.03 78.54
C MET HF 266 -13.78 -25.57 79.74
N PRO HF 267 -14.81 -24.87 80.20
CA PRO HF 267 -15.59 -25.34 81.37
C PRO HF 267 -16.38 -26.60 81.04
N THR HF 268 -16.11 -27.65 81.80
CA THR HF 268 -16.78 -28.94 81.67
C THR HF 268 -17.15 -29.49 83.04
N GLU HF 269 -17.64 -28.62 83.92
CA GLU HF 269 -17.92 -29.01 85.30
C GLU HF 269 -19.28 -29.67 85.48
N GLU HF 270 -20.17 -29.56 84.49
CA GLU HF 270 -21.58 -29.96 84.56
C GLU HF 270 -22.26 -29.33 85.78
N GLY HF 271 -22.38 -28.00 85.70
CA GLY HF 271 -22.78 -27.22 86.85
C GLY HF 271 -24.24 -27.37 87.22
N ILE HF 272 -24.54 -26.98 88.44
CA ILE HF 272 -25.87 -27.01 89.04
C ILE HF 272 -26.68 -25.86 88.43
N PRO HF 273 -28.01 -25.90 88.50
CA PRO HF 273 -28.79 -24.73 88.10
C PRO HF 273 -28.52 -23.55 89.01
N PRO HF 274 -28.68 -22.33 88.51
CA PRO HF 274 -28.32 -21.15 89.30
C PRO HF 274 -29.33 -20.88 90.41
N SER HF 275 -29.00 -19.89 91.24
CA SER HF 275 -29.69 -19.67 92.50
C SER HF 275 -30.81 -18.65 92.42
N ALA HF 276 -30.62 -17.57 91.67
CA ALA HF 276 -31.58 -16.49 91.56
C ALA HF 276 -31.20 -15.64 90.36
N ASN HF 277 -31.79 -14.46 90.28
CA ASN HF 277 -31.30 -13.41 89.41
C ASN HF 277 -31.02 -12.16 90.23
N ASP HF 278 -29.91 -11.50 89.95
CA ASP HF 278 -29.45 -10.39 90.78
C ASP HF 278 -30.28 -9.13 90.62
N LEU HF 279 -31.17 -9.07 89.64
CA LEU HF 279 -32.04 -7.92 89.51
C LEU HF 279 -33.09 -7.87 90.60
N LEU HF 280 -33.40 -9.01 91.22
CA LEU HF 280 -34.58 -9.13 92.06
C LEU HF 280 -34.48 -8.30 93.33
N LEU HF 281 -33.26 -8.10 93.85
CA LEU HF 281 -33.11 -7.25 95.03
C LEU HF 281 -33.43 -5.80 94.71
N HIS HF 282 -32.98 -5.34 93.54
CA HIS HF 282 -33.33 -4.00 93.10
C HIS HF 282 -34.82 -3.87 92.88
N VAL HF 283 -35.45 -4.90 92.31
CA VAL HF 283 -36.89 -4.88 92.10
C VAL HF 283 -37.62 -4.89 93.44
N LEU HF 284 -37.07 -5.59 94.42
CA LEU HF 284 -37.64 -5.61 95.77
C LEU HF 284 -37.55 -4.25 96.42
N GLU HF 285 -36.50 -3.50 96.11
CA GLU HF 285 -36.36 -2.18 96.69
C GLU HF 285 -36.95 -1.07 95.82
N GLY HF 286 -37.50 -1.40 94.67
CA GLY HF 286 -38.13 -0.41 93.84
C GLY HF 286 -37.20 0.31 92.90
N VAL HF 287 -35.89 0.10 93.01
CA VAL HF 287 -34.98 0.64 92.02
C VAL HF 287 -35.08 -0.23 90.78
N PRO HF 288 -35.44 0.32 89.63
CA PRO HF 288 -35.56 -0.48 88.43
C PRO HF 288 -34.19 -0.92 87.94
N PRO HF 289 -34.12 -2.02 87.19
CA PRO HF 289 -32.84 -2.42 86.62
C PRO HF 289 -32.42 -1.46 85.53
N PRO HF 290 -31.11 -1.34 85.28
CA PRO HF 290 -30.66 -0.43 84.22
C PRO HF 290 -31.06 -0.92 82.84
N GLY HF 291 -31.32 0.04 81.96
CA GLY HF 291 -31.66 -0.27 80.59
C GLY HF 291 -33.08 -0.69 80.35
N SER HF 292 -33.91 -0.73 81.37
CA SER HF 292 -35.29 -1.17 81.22
C SER HF 292 -36.16 0.03 80.82
N ARG HF 293 -37.47 -0.15 80.84
CA ARG HF 293 -38.37 0.93 80.50
C ARG HF 293 -39.69 0.73 81.23
N ARG HF 294 -40.48 1.81 81.27
CA ARG HF 294 -41.66 1.88 82.09
C ARG HF 294 -42.74 0.93 81.60
N LEU HF 295 -43.65 0.61 82.50
CA LEU HF 295 -44.82 -0.19 82.19
C LEU HF 295 -46.03 0.44 82.86
N VAL HF 296 -47.19 0.23 82.28
CA VAL HF 296 -48.43 0.80 82.77
C VAL HF 296 -49.22 -0.31 83.43
N VAL HF 297 -49.56 -0.12 84.70
CA VAL HF 297 -50.38 -1.07 85.45
C VAL HF 297 -51.71 -0.40 85.77
N SER HF 298 -52.72 -1.21 86.01
CA SER HF 298 -54.00 -0.71 86.48
C SER HF 298 -54.70 -1.79 87.28
N GLY HF 299 -55.39 -1.38 88.36
CA GLY HF 299 -56.22 -2.27 89.13
C GLY HF 299 -55.75 -2.51 90.56
N GLY HF 300 -54.58 -2.04 90.95
CA GLY HF 300 -54.12 -2.30 92.30
C GLY HF 300 -52.75 -1.73 92.53
N ASP HF 301 -52.20 -2.07 93.69
CA ASP HF 301 -50.89 -1.57 94.11
C ASP HF 301 -49.81 -2.50 93.58
N ALA HF 302 -49.20 -2.12 92.46
CA ALA HF 302 -48.17 -2.93 91.83
C ALA HF 302 -47.39 -2.07 90.86
N ARG HF 303 -46.11 -2.42 90.68
CA ARG HF 303 -45.26 -1.76 89.71
C ARG HF 303 -44.62 -2.81 88.81
N ALA HF 304 -44.38 -2.44 87.57
CA ALA HF 304 -43.97 -3.39 86.54
C ALA HF 304 -42.86 -2.81 85.68
N TRP HF 305 -42.05 -3.71 85.12
CA TRP HF 305 -40.93 -3.30 84.27
C TRP HF 305 -40.64 -4.39 83.25
N LEU HF 306 -39.98 -3.98 82.16
CA LEU HF 306 -39.54 -4.88 81.11
C LEU HF 306 -38.12 -4.51 80.70
N SER HF 307 -37.22 -5.48 80.71
CA SER HF 307 -35.87 -5.26 80.18
C SER HF 307 -35.53 -6.22 79.04
N ASN HF 308 -35.62 -7.52 79.27
CA ASN HF 308 -35.08 -8.53 78.35
C ASN HF 308 -36.10 -9.62 78.10
N GLU HF 309 -37.32 -9.20 77.77
CA GLU HF 309 -38.45 -10.10 77.44
C GLU HF 309 -38.82 -10.96 78.64
N LYS HF 310 -38.58 -10.44 79.83
CA LYS HF 310 -39.09 -11.01 81.07
C LYS HF 310 -39.62 -9.86 81.88
N MET HF 311 -40.89 -9.87 82.22
CA MET HF 311 -41.41 -8.81 83.04
C MET HF 311 -41.01 -9.01 84.49
N TYR HF 312 -40.88 -7.90 85.20
CA TYR HF 312 -40.59 -7.88 86.61
C TYR HF 312 -41.68 -7.09 87.31
N VAL HF 313 -42.12 -7.56 88.47
CA VAL HF 313 -43.20 -6.92 89.18
C VAL HF 313 -42.92 -6.88 90.67
N ARG HF 314 -43.24 -5.76 91.29
CA ARG HF 314 -43.15 -5.59 92.74
C ARG HF 314 -44.51 -5.15 93.27
N THR HF 315 -45.01 -5.87 94.28
CA THR HF 315 -46.29 -5.55 94.88
C THR HF 315 -46.31 -6.12 96.29
N ASN HF 316 -47.50 -6.19 96.87
CA ASN HF 316 -47.70 -6.89 98.12
C ASN HF 316 -48.87 -7.86 98.05
N LEU HF 317 -49.38 -8.13 96.86
CA LEU HF 317 -50.47 -9.06 96.66
C LEU HF 317 -49.91 -10.45 96.34
N THR HF 318 -50.76 -11.36 95.88
CA THR HF 318 -50.36 -12.73 95.58
C THR HF 318 -50.75 -13.08 94.16
N ILE HF 319 -49.77 -13.12 93.26
CA ILE HF 319 -50.02 -13.40 91.85
C ILE HF 319 -50.41 -14.87 91.68
N LEU HF 320 -51.39 -15.13 90.80
CA LEU HF 320 -51.92 -16.48 90.66
C LEU HF 320 -51.68 -17.09 89.28
N SER HF 321 -52.17 -16.46 88.21
CA SER HF 321 -52.38 -17.26 87.00
C SER HF 321 -51.15 -17.56 86.13
N PRO HF 322 -50.46 -16.60 85.53
CA PRO HF 322 -49.67 -16.91 84.34
C PRO HF 322 -48.33 -17.56 84.61
N GLY HF 323 -48.06 -18.00 85.83
CA GLY HF 323 -46.81 -18.66 86.14
C GLY HF 323 -45.67 -17.68 86.34
N TRP HF 324 -44.58 -18.18 86.93
CA TRP HF 324 -43.42 -17.35 87.13
C TRP HF 324 -42.20 -18.24 87.23
N LEU HF 325 -41.03 -17.61 87.21
CA LEU HF 325 -39.76 -18.29 87.23
C LEU HF 325 -38.93 -18.02 88.46
N ALA HF 326 -39.06 -16.85 89.08
CA ALA HF 326 -38.28 -16.51 90.25
C ALA HF 326 -39.07 -15.58 91.15
N SER HF 327 -39.00 -15.85 92.45
CA SER HF 327 -39.78 -15.14 93.43
C SER HF 327 -38.91 -14.71 94.61
N MET HF 328 -39.29 -13.59 95.22
CA MET HF 328 -38.58 -13.09 96.39
C MET HF 328 -39.55 -12.37 97.30
N THR HF 329 -39.33 -12.49 98.60
CA THR HF 329 -40.14 -11.79 99.60
C THR HF 329 -39.22 -11.04 100.54
N SER HF 330 -39.56 -9.79 100.83
CA SER HF 330 -38.78 -8.95 101.74
C SER HF 330 -39.05 -9.34 103.18
N ALA HF 331 -38.56 -8.51 104.10
CA ALA HF 331 -38.84 -8.74 105.52
C ALA HF 331 -40.25 -8.37 105.90
N ASP HF 332 -40.99 -7.69 105.03
CA ASP HF 332 -42.28 -7.13 105.38
C ASP HF 332 -43.40 -7.58 104.44
N GLY HF 333 -43.25 -8.74 103.81
CA GLY HF 333 -44.29 -9.23 102.94
C GLY HF 333 -44.34 -8.59 101.57
N THR HF 334 -43.39 -7.74 101.24
CA THR HF 334 -43.31 -7.19 99.90
C THR HF 334 -42.81 -8.27 98.95
N HIS HF 335 -43.54 -8.49 97.87
CA HIS HF 335 -43.27 -9.60 96.96
C HIS HF 335 -42.78 -9.10 95.62
N ALA HF 336 -41.82 -9.84 95.06
CA ALA HF 336 -41.23 -9.53 93.77
C ALA HF 336 -41.21 -10.79 92.92
N TYR HF 337 -41.61 -10.65 91.67
CA TYR HF 337 -41.74 -11.80 90.78
C TYR HF 337 -41.15 -11.49 89.42
N GLU HF 338 -40.62 -12.53 88.78
CA GLU HF 338 -40.12 -12.45 87.42
C GLU HF 338 -40.88 -13.42 86.55
N MET HF 339 -41.61 -12.90 85.58
CA MET HF 339 -42.52 -13.72 84.78
C MET HF 339 -42.26 -13.50 83.30
N GLN HF 340 -42.93 -14.31 82.49
CA GLN HF 340 -43.04 -14.03 81.07
C GLN HF 340 -44.01 -12.89 80.83
N LYS HF 341 -43.90 -12.28 79.66
CA LYS HF 341 -44.74 -11.16 79.31
C LYS HF 341 -46.17 -11.61 79.08
N SER HF 342 -47.11 -10.93 79.73
CA SER HF 342 -48.53 -11.23 79.58
C SER HF 342 -49.27 -9.95 79.96
N PRO HF 343 -50.40 -9.65 79.32
CA PRO HF 343 -51.06 -8.38 79.60
C PRO HF 343 -52.00 -8.41 80.78
N VAL HF 344 -52.23 -9.56 81.39
CA VAL HF 344 -53.25 -9.71 82.41
C VAL HF 344 -52.66 -10.51 83.56
N LEU HF 345 -52.87 -10.02 84.78
CA LEU HF 345 -52.47 -10.73 85.99
C LEU HF 345 -53.69 -11.10 86.80
N LEU HF 346 -53.53 -12.09 87.66
CA LEU HF 346 -54.62 -12.57 88.50
C LEU HF 346 -54.13 -12.67 89.94
N VAL HF 347 -54.86 -12.04 90.86
CA VAL HF 347 -54.48 -12.02 92.27
C VAL HF 347 -55.70 -12.34 93.11
N SER HF 348 -55.44 -12.71 94.36
CA SER HF 348 -56.47 -12.88 95.37
C SER HF 348 -56.18 -11.87 96.47
N TRP HF 349 -57.03 -10.87 96.59
CA TRP HF 349 -56.74 -9.79 97.52
C TRP HF 349 -57.03 -10.21 98.94
N HIS HF 350 -58.29 -10.47 99.25
CA HIS HF 350 -58.69 -11.04 100.52
C HIS HF 350 -59.67 -12.15 100.25
N GLY HF 351 -59.28 -13.08 99.38
CA GLY HF 351 -60.15 -14.13 98.93
C GLY HF 351 -60.91 -13.76 97.67
N LYS HF 352 -61.32 -12.51 97.56
CA LYS HF 352 -61.88 -12.02 96.31
C LYS HF 352 -60.79 -12.00 95.24
N VAL HF 353 -61.12 -12.51 94.09
CA VAL HF 353 -60.16 -12.68 93.01
C VAL HF 353 -60.31 -11.52 92.04
N MET HF 354 -59.18 -11.04 91.52
CA MET HF 354 -59.16 -9.84 90.71
C MET HF 354 -58.12 -9.97 89.63
N GLN HF 355 -58.24 -9.14 88.61
CA GLN HF 355 -57.31 -9.12 87.50
C GLN HF 355 -56.62 -7.76 87.41
N LEU HF 356 -55.50 -7.75 86.72
CA LEU HF 356 -54.69 -6.57 86.50
C LEU HF 356 -54.42 -6.40 85.03
N LYS HF 357 -54.66 -5.20 84.52
CA LYS HF 357 -54.51 -4.85 83.11
C LYS HF 357 -53.20 -4.12 82.93
N VAL HF 358 -52.33 -4.66 82.09
CA VAL HF 358 -50.97 -4.16 81.93
C VAL HF 358 -50.77 -3.78 80.46
N GLU HF 359 -50.34 -2.55 80.22
CA GLU HF 359 -50.12 -2.07 78.87
C GLU HF 359 -48.66 -2.24 78.48
N GLY HF 360 -48.30 -1.66 77.33
CA GLY HF 360 -46.92 -1.58 76.92
C GLY HF 360 -46.37 -2.81 76.26
N LEU HF 361 -47.14 -3.89 76.17
CA LEU HF 361 -46.68 -5.09 75.52
C LEU HF 361 -47.13 -5.15 74.08
N VAL IF 38 -31.32 40.20 85.87
CA VAL IF 38 -31.47 41.16 86.95
C VAL IF 38 -32.83 41.04 87.73
N PRO IF 39 -33.96 40.79 87.06
CA PRO IF 39 -35.12 40.31 87.83
C PRO IF 39 -34.92 38.94 88.44
N LYS IF 40 -34.03 38.12 87.89
CA LYS IF 40 -33.73 36.83 88.49
C LYS IF 40 -32.96 36.99 89.79
N LEU IF 41 -32.03 37.94 89.83
CA LEU IF 41 -31.32 38.17 91.08
C LEU IF 41 -32.22 38.92 92.06
N PRO IF 42 -32.12 38.61 93.35
CA PRO IF 42 -32.80 39.44 94.35
C PRO IF 42 -32.10 40.78 94.50
N CYS IF 43 -32.88 41.82 94.78
CA CYS IF 43 -32.32 43.14 94.96
C CYS IF 43 -32.14 43.51 96.42
N ARG IF 44 -32.90 42.91 97.32
CA ARG IF 44 -32.81 43.22 98.73
C ARG IF 44 -33.09 41.97 99.54
N VAL IF 45 -32.73 42.00 100.81
CA VAL IF 45 -33.14 40.96 101.74
C VAL IF 45 -34.65 41.01 101.90
N ASP IF 46 -35.30 39.86 101.71
CA ASP IF 46 -36.75 39.84 101.53
C ASP IF 46 -37.49 40.14 102.84
N GLY IF 47 -38.61 40.83 102.71
CA GLY IF 47 -39.37 41.26 103.87
C GLY IF 47 -38.67 42.32 104.68
N ALA IF 48 -37.96 43.23 104.03
CA ALA IF 48 -37.28 44.32 104.70
C ALA IF 48 -37.59 45.63 103.99
N CYS IF 49 -37.96 46.63 104.77
CA CYS IF 49 -38.23 47.96 104.23
C CYS IF 49 -37.77 48.96 105.28
N ASP IF 50 -36.81 49.79 104.90
CA ASP IF 50 -36.11 50.63 105.86
C ASP IF 50 -37.03 51.68 106.48
N ALA IF 51 -37.98 52.18 105.68
CA ALA IF 51 -38.98 53.12 106.20
C ALA IF 51 -39.85 52.45 107.24
N THR IF 52 -40.21 51.19 107.00
CA THR IF 52 -40.97 50.42 107.98
C THR IF 52 -40.15 50.22 109.25
N ILE IF 53 -38.84 50.02 109.10
CA ILE IF 53 -37.95 49.83 110.25
C ILE IF 53 -37.96 51.06 111.14
N ILE IF 54 -37.71 52.22 110.54
CA ILE IF 54 -37.60 53.43 111.34
C ILE IF 54 -38.96 53.85 111.89
N LYS IF 55 -40.03 53.59 111.13
CA LYS IF 55 -41.37 53.94 111.59
C LYS IF 55 -41.79 53.11 112.80
N MET IF 56 -41.58 51.80 112.74
CA MET IF 56 -42.02 50.99 113.86
C MET IF 56 -41.10 51.14 115.07
N MET IF 57 -39.81 51.44 114.87
CA MET IF 57 -38.99 51.68 116.04
C MET IF 57 -39.33 53.01 116.69
N THR IF 58 -39.71 54.01 115.89
CA THR IF 58 -40.18 55.28 116.43
C THR IF 58 -41.45 55.09 117.24
N ASP IF 59 -42.38 54.31 116.71
CA ASP IF 59 -43.64 54.10 117.42
C ASP IF 59 -43.43 53.25 118.67
N LEU IF 60 -42.47 52.32 118.64
CA LEU IF 60 -42.16 51.53 119.82
C LEU IF 60 -41.60 52.40 120.94
N ASN IF 61 -40.65 53.26 120.60
CA ASN IF 61 -40.05 54.10 121.63
C ASN IF 61 -41.02 55.16 122.11
N LYS IF 62 -41.93 55.60 121.26
CA LYS IF 62 -42.93 56.54 121.74
C LYS IF 62 -44.05 55.86 122.52
N LYS IF 63 -44.20 54.54 122.37
CA LYS IF 63 -45.08 53.82 123.27
C LYS IF 63 -44.37 53.41 124.56
N GLY IF 64 -43.06 53.57 124.62
CA GLY IF 64 -42.36 53.52 125.90
C GLY IF 64 -41.37 52.39 126.03
N ILE IF 65 -41.31 51.48 125.07
CA ILE IF 65 -40.33 50.40 125.10
C ILE IF 65 -38.98 50.96 124.70
N LYS IF 66 -37.97 50.71 125.52
CA LYS IF 66 -36.68 51.35 125.33
C LYS IF 66 -35.94 50.71 124.16
N VAL IF 67 -35.51 51.56 123.22
CA VAL IF 67 -34.79 51.14 122.03
C VAL IF 67 -33.42 51.81 122.05
N ALA IF 68 -32.36 51.02 121.91
CA ALA IF 68 -31.01 51.54 121.97
C ALA IF 68 -30.20 51.01 120.80
N SER IF 69 -29.48 51.90 120.14
CA SER IF 69 -28.72 51.57 118.93
C SER IF 69 -27.31 52.12 119.03
N VAL IF 70 -26.34 51.23 119.26
CA VAL IF 70 -24.93 51.60 119.31
C VAL IF 70 -24.17 50.65 118.42
N GLY IF 71 -23.51 51.19 117.40
CA GLY IF 71 -22.73 50.36 116.49
C GLY IF 71 -23.61 49.43 115.68
N GLN IF 72 -23.24 48.16 115.65
CA GLN IF 72 -24.12 47.15 115.08
C GLN IF 72 -24.94 46.44 116.14
N ASN IF 73 -24.79 46.84 117.39
CA ASN IF 73 -25.46 46.17 118.50
C ASN IF 73 -26.73 46.91 118.86
N TYR IF 74 -27.80 46.17 119.04
CA TYR IF 74 -29.10 46.75 119.34
C TYR IF 74 -29.64 46.13 120.62
N LEU IF 75 -30.23 46.99 121.45
CA LEU IF 75 -30.78 46.60 122.73
C LEU IF 75 -32.26 47.00 122.78
N ILE IF 76 -33.12 46.05 123.16
CA ILE IF 76 -34.53 46.35 123.38
C ILE IF 76 -34.87 46.01 124.81
N SER IF 77 -35.39 46.99 125.55
CA SER IF 77 -35.69 46.84 126.96
C SER IF 77 -37.18 47.07 127.20
N ILE IF 78 -37.78 46.21 128.02
CA ILE IF 78 -39.21 46.23 128.30
C ILE IF 78 -39.43 46.21 129.81
N PRO IF 79 -40.25 47.11 130.35
CA PRO IF 79 -40.61 47.03 131.76
C PRO IF 79 -41.61 45.91 132.01
N ALA IF 80 -41.52 45.32 133.19
CA ALA IF 80 -42.36 44.18 133.53
C ALA IF 80 -43.79 44.57 133.87
N SER IF 81 -44.06 45.86 134.05
CA SER IF 81 -45.39 46.30 134.46
C SER IF 81 -46.42 46.06 133.37
N ALA IF 82 -46.03 46.15 132.11
CA ALA IF 82 -46.93 45.87 131.02
C ALA IF 82 -46.94 44.41 130.61
N LEU IF 83 -46.22 43.56 131.31
CA LEU IF 83 -46.12 42.17 130.90
C LEU IF 83 -46.63 41.19 131.94
N PHE IF 84 -46.38 41.45 133.21
CA PHE IF 84 -46.75 40.52 134.27
C PHE IF 84 -47.46 41.27 135.39
N ALA IF 85 -48.05 40.51 136.30
CA ALA IF 85 -48.53 41.07 137.54
C ALA IF 85 -47.41 40.96 138.58
N ASP IF 86 -47.74 41.22 139.84
CA ASP IF 86 -46.75 41.30 140.91
C ASP IF 86 -46.16 39.92 141.19
N GLN IF 87 -44.91 39.73 140.78
CA GLN IF 87 -44.17 38.46 140.88
C GLN IF 87 -44.94 37.31 140.24
N SER IF 88 -45.53 37.58 139.08
CA SER IF 88 -46.38 36.61 138.42
C SER IF 88 -45.67 36.05 137.21
N PRO IF 89 -45.32 34.79 137.18
CA PRO IF 89 -44.81 34.15 135.97
C PRO IF 89 -45.91 33.72 135.01
N ARG IF 90 -46.74 34.66 134.59
CA ARG IF 90 -47.79 34.39 133.61
C ARG IF 90 -48.05 35.67 132.84
N LEU IF 91 -48.15 35.56 131.52
CA LEU IF 91 -48.42 36.72 130.70
C LEU IF 91 -49.89 37.10 130.77
N ASN IF 92 -50.16 38.39 130.59
CA ASN IF 92 -51.54 38.83 130.42
C ASN IF 92 -51.98 38.58 129.00
N TRP IF 93 -53.30 38.57 128.80
CA TRP IF 93 -53.79 38.25 127.46
C TRP IF 93 -53.59 39.39 126.49
N ALA IF 94 -53.53 40.63 126.98
CA ALA IF 94 -53.28 41.75 126.11
C ALA IF 94 -51.82 41.85 125.68
N SER IF 95 -50.93 41.07 126.28
CA SER IF 95 -49.52 41.17 125.97
C SER IF 95 -49.16 40.59 124.62
N TYR IF 96 -50.00 39.71 124.07
CA TYR IF 96 -49.64 39.02 122.84
C TYR IF 96 -49.58 39.94 121.64
N SER IF 97 -50.33 41.06 121.68
CA SER IF 97 -50.23 42.04 120.61
C SER IF 97 -48.86 42.71 120.60
N LEU IF 98 -48.38 43.11 121.78
CA LEU IF 98 -47.05 43.70 121.88
C LEU IF 98 -45.98 42.69 121.51
N LEU IF 99 -46.20 41.43 121.86
CA LEU IF 99 -45.23 40.40 121.50
C LEU IF 99 -45.21 40.17 119.99
N ASN IF 100 -46.38 40.23 119.35
CA ASN IF 100 -46.43 40.12 117.88
C ASN IF 100 -45.75 41.32 117.22
N GLU IF 101 -45.90 42.49 117.82
CA GLU IF 101 -45.19 43.67 117.32
C GLU IF 101 -43.69 43.49 117.40
N ILE IF 102 -43.22 42.94 118.53
CA ILE IF 102 -41.79 42.73 118.72
C ILE IF 102 -41.25 41.70 117.74
N ALA IF 103 -41.99 40.61 117.53
CA ALA IF 103 -41.55 39.58 116.59
C ALA IF 103 -41.53 40.10 115.16
N ALA IF 104 -42.56 40.86 114.78
CA ALA IF 104 -42.61 41.43 113.43
C ALA IF 104 -41.52 42.45 113.23
N PHE IF 105 -41.12 43.14 114.30
CA PHE IF 105 -39.94 43.99 114.21
C PHE IF 105 -38.69 43.16 113.97
N LEU IF 106 -38.48 42.15 114.81
CA LEU IF 106 -37.19 41.48 114.86
C LEU IF 106 -36.94 40.61 113.63
N LYS IF 107 -38.00 40.17 112.95
CA LYS IF 107 -37.78 39.29 111.81
C LYS IF 107 -37.24 40.00 110.58
N GLN IF 108 -37.13 41.33 110.58
CA GLN IF 108 -36.57 42.04 109.45
C GLN IF 108 -35.08 42.28 109.57
N PHE IF 109 -34.35 41.36 110.19
CA PHE IF 109 -32.93 41.53 110.38
C PHE IF 109 -32.22 40.20 110.14
N ARG IF 110 -30.92 40.28 109.92
CA ARG IF 110 -30.08 39.10 109.85
C ARG IF 110 -29.15 39.11 111.05
N LYS IF 111 -29.06 37.98 111.72
CA LYS IF 111 -28.32 37.91 112.98
C LYS IF 111 -27.78 36.51 113.19
N ILE IF 112 -27.20 36.28 114.35
CA ILE IF 112 -26.73 34.95 114.73
C ILE IF 112 -27.28 34.57 116.10
N ALA IF 113 -27.01 35.40 117.09
CA ALA IF 113 -27.27 35.10 118.49
C ALA IF 113 -28.12 36.18 119.11
N ILE IF 114 -29.05 35.79 119.99
CA ILE IF 114 -29.87 36.74 120.73
C ILE IF 114 -29.83 36.37 122.20
N THR IF 115 -29.49 37.32 123.06
CA THR IF 115 -29.50 37.07 124.49
C THR IF 115 -30.73 37.71 125.13
N VAL IF 116 -31.41 36.93 125.97
CA VAL IF 116 -32.58 37.38 126.71
C VAL IF 116 -32.24 37.37 128.19
N THR IF 117 -32.41 38.51 128.85
CA THR IF 117 -32.06 38.65 130.25
C THR IF 117 -33.25 39.19 131.03
N SER IF 118 -33.45 38.64 132.22
CA SER IF 118 -34.56 39.06 133.06
C SER IF 118 -34.08 39.51 134.44
N TYR IF 119 -34.64 40.62 134.92
CA TYR IF 119 -34.26 41.22 136.18
C TYR IF 119 -35.51 41.71 136.90
N SER IF 120 -35.45 41.74 138.23
CA SER IF 120 -36.61 42.11 139.03
C SER IF 120 -36.12 42.76 140.32
N SER IF 121 -37.01 42.84 141.30
CA SER IF 121 -36.70 43.39 142.61
C SER IF 121 -36.75 42.28 143.66
N LYS IF 122 -36.16 42.56 144.81
CA LYS IF 122 -36.18 41.62 145.91
C LYS IF 122 -37.55 41.60 146.56
N TYR IF 123 -38.13 40.42 146.70
CA TYR IF 123 -39.44 40.28 147.33
C TYR IF 123 -39.41 39.37 148.54
N VAL IF 124 -38.79 38.20 148.44
CA VAL IF 124 -38.79 37.24 149.54
C VAL IF 124 -37.36 36.83 149.85
N SER IF 125 -36.61 36.47 148.83
CA SER IF 125 -35.39 35.70 148.98
C SER IF 125 -34.41 36.19 147.93
N VAL IF 126 -33.45 35.36 147.57
CA VAL IF 126 -32.69 35.54 146.36
C VAL IF 126 -33.05 34.49 145.31
N LYS IF 127 -33.19 33.24 145.75
CA LYS IF 127 -33.41 32.13 144.84
C LYS IF 127 -34.79 32.22 144.19
N ARG IF 128 -35.78 32.70 144.95
CA ARG IF 128 -37.12 32.85 144.43
C ARG IF 128 -37.16 33.86 143.29
N GLU IF 129 -36.46 34.97 143.46
CA GLU IF 129 -36.41 36.02 142.44
C GLU IF 129 -35.64 35.54 141.22
N ARG IF 130 -34.55 34.81 141.45
CA ARG IF 130 -33.81 34.24 140.32
C ARG IF 130 -34.66 33.26 139.53
N ALA IF 131 -35.44 32.44 140.23
CA ALA IF 131 -36.32 31.48 139.57
C ALA IF 131 -37.41 32.18 138.77
N LEU IF 132 -37.95 33.27 139.33
CA LEU IF 132 -38.97 34.05 138.63
C LEU IF 132 -38.41 34.61 137.33
N THR IF 133 -37.21 35.19 137.39
CA THR IF 133 -36.58 35.76 136.21
C THR IF 133 -36.30 34.70 135.16
N LEU IF 134 -35.78 33.54 135.59
CA LEU IF 134 -35.43 32.48 134.65
C LEU IF 134 -36.68 31.92 133.98
N ALA IF 135 -37.76 31.74 134.73
CA ALA IF 135 -38.98 31.21 134.16
C ALA IF 135 -39.61 32.19 133.16
N ARG IF 136 -39.62 33.48 133.50
CA ARG IF 136 -40.19 34.47 132.60
C ARG IF 136 -39.39 34.55 131.31
N SER IF 137 -38.06 34.50 131.43
CA SER IF 137 -37.20 34.48 130.26
C SER IF 137 -37.44 33.26 129.41
N ARG IF 138 -37.66 32.10 130.04
CA ARG IF 138 -37.94 30.88 129.30
C ARG IF 138 -39.23 31.00 128.51
N VAL IF 139 -40.26 31.57 129.12
CA VAL IF 139 -41.56 31.64 128.45
C VAL IF 139 -41.49 32.60 127.24
N VAL IF 140 -40.87 33.77 127.43
CA VAL IF 140 -40.81 34.71 126.33
C VAL IF 140 -39.88 34.20 125.23
N SER IF 141 -38.81 33.48 125.61
CA SER IF 141 -37.89 32.94 124.63
C SER IF 141 -38.54 31.86 123.79
N GLU IF 142 -39.33 30.99 124.43
CA GLU IF 142 -39.92 29.90 123.66
C GLU IF 142 -41.04 30.41 122.76
N TYR IF 143 -41.78 31.44 123.18
CA TYR IF 143 -42.79 31.99 122.29
C TYR IF 143 -42.14 32.70 121.10
N LEU IF 144 -41.03 33.41 121.34
CA LEU IF 144 -40.33 34.05 120.25
C LEU IF 144 -39.75 33.03 119.28
N TRP IF 145 -39.19 31.94 119.81
CA TRP IF 145 -38.65 30.90 118.95
C TRP IF 145 -39.74 30.20 118.16
N SER IF 146 -40.93 30.08 118.74
CA SER IF 146 -42.06 29.63 117.95
C SER IF 146 -42.41 30.62 116.86
N GLN IF 147 -42.24 31.90 117.11
CA GLN IF 147 -42.49 32.87 116.06
C GLN IF 147 -41.35 32.87 115.05
N GLY IF 148 -41.60 33.51 113.92
CA GLY IF 148 -40.70 33.46 112.79
C GLY IF 148 -39.50 34.36 112.89
N VAL IF 149 -38.52 33.96 113.70
CA VAL IF 149 -37.21 34.60 113.70
C VAL IF 149 -36.21 33.58 113.17
N ASP IF 150 -35.44 33.98 112.17
CA ASP IF 150 -34.41 33.12 111.60
C ASP IF 150 -33.10 33.25 112.38
N SER IF 151 -33.18 32.95 113.67
CA SER IF 151 -31.97 32.97 114.46
C SER IF 151 -31.17 31.70 114.23
N ARG IF 152 -30.02 31.64 114.86
CA ARG IF 152 -29.30 30.40 115.02
C ARG IF 152 -29.16 30.00 116.47
N ILE IF 153 -29.08 30.96 117.38
CA ILE IF 153 -28.98 30.63 118.80
C ILE IF 153 -29.68 31.69 119.61
N ILE IF 154 -30.54 31.25 120.53
CA ILE IF 154 -31.15 32.13 121.52
C ILE IF 154 -30.71 31.66 122.90
N PHE IF 155 -30.07 32.55 123.65
CA PHE IF 155 -29.72 32.33 125.04
C PHE IF 155 -30.77 32.97 125.93
N THR IF 156 -31.10 32.29 127.03
CA THR IF 156 -31.99 32.84 128.04
C THR IF 156 -31.36 32.73 129.40
N GLN IF 157 -31.49 33.81 130.18
CA GLN IF 157 -31.09 33.82 131.57
C GLN IF 157 -31.77 34.96 132.30
N GLY IF 158 -31.88 34.79 133.62
CA GLY IF 158 -32.29 35.86 134.49
C GLY IF 158 -31.40 35.85 135.72
N LEU IF 159 -31.44 36.96 136.45
CA LEU IF 159 -30.60 37.07 137.64
C LEU IF 159 -31.30 37.58 138.88
N GLY IF 160 -32.49 38.12 138.76
CA GLY IF 160 -33.19 38.62 139.95
C GLY IF 160 -32.96 40.12 140.14
N SER IF 161 -32.18 40.48 141.14
CA SER IF 161 -31.99 41.87 141.50
C SER IF 161 -30.51 42.17 141.69
N ASP IF 162 -29.66 41.58 140.86
CA ASP IF 162 -28.23 41.65 141.10
C ASP IF 162 -27.57 42.85 140.44
N LYS IF 163 -28.31 43.61 139.65
CA LYS IF 163 -27.79 44.86 139.08
C LYS IF 163 -28.93 45.77 138.66
N PRO IF 164 -29.33 46.73 139.49
CA PRO IF 164 -30.37 47.67 139.09
C PRO IF 164 -29.84 48.71 138.11
N ILE IF 165 -30.74 49.59 137.71
CA ILE IF 165 -30.38 50.72 136.85
C ILE IF 165 -30.86 52.04 137.43
N THR IF 166 -31.37 52.03 138.66
CA THR IF 166 -31.88 53.23 139.32
C THR IF 166 -31.84 52.99 140.82
N SER IF 167 -31.32 53.97 141.57
CA SER IF 167 -31.18 53.81 143.01
C SER IF 167 -32.50 53.78 143.74
N TYR IF 168 -33.58 54.25 143.13
CA TYR IF 168 -34.87 54.34 143.82
C TYR IF 168 -35.54 52.98 143.77
N THR IF 169 -35.47 52.23 144.87
CA THR IF 169 -35.99 50.87 144.91
C THR IF 169 -37.21 50.74 145.80
N LEU IF 170 -37.92 51.84 146.04
CA LEU IF 170 -39.02 51.79 147.01
C LEU IF 170 -40.26 51.11 146.43
N GLY IF 171 -40.50 51.26 145.13
CA GLY IF 171 -41.59 50.54 144.51
C GLY IF 171 -41.29 49.06 144.39
N GLY IF 172 -42.35 48.30 144.14
CA GLY IF 172 -42.20 46.86 144.05
C GLY IF 172 -41.85 46.45 142.63
N ASP IF 173 -42.71 45.65 142.01
CA ASP IF 173 -42.54 45.37 140.59
C ASP IF 173 -42.90 46.58 139.73
N ARG IF 174 -43.66 47.53 140.28
CA ARG IF 174 -43.98 48.74 139.56
C ARG IF 174 -42.78 49.66 139.39
N SER IF 175 -41.77 49.53 140.24
CA SER IF 175 -40.54 50.29 140.06
C SER IF 175 -39.83 49.79 138.80
N PRO IF 176 -39.29 50.71 137.98
CA PRO IF 176 -38.91 50.35 136.61
C PRO IF 176 -37.67 49.48 136.48
N ASN IF 177 -37.02 49.09 137.57
CA ASN IF 177 -35.86 48.21 137.45
C ASN IF 177 -36.25 46.77 137.12
N ALA IF 178 -37.50 46.39 137.33
CA ALA IF 178 -37.96 45.07 136.91
C ALA IF 178 -38.09 45.08 135.39
N ARG IF 179 -37.17 44.40 134.72
CA ARG IF 179 -36.97 44.64 133.31
C ARG IF 179 -36.64 43.34 132.59
N VAL IF 180 -36.83 43.37 131.28
CA VAL IF 180 -36.36 42.30 130.40
C VAL IF 180 -35.67 42.93 129.21
N GLU IF 181 -34.47 42.46 128.93
CA GLU IF 181 -33.67 42.99 127.82
C GLU IF 181 -33.40 41.89 126.82
N ILE IF 182 -33.43 42.26 125.54
CA ILE IF 182 -32.98 41.39 124.48
C ILE IF 182 -31.91 42.14 123.71
N THR IF 183 -30.73 41.54 123.65
CA THR IF 183 -29.55 42.15 123.06
C THR IF 183 -29.10 41.31 121.88
N PHE IF 184 -28.67 41.98 120.81
CA PHE IF 184 -28.12 41.26 119.67
C PHE IF 184 -27.25 42.18 118.83
N ARG IF 185 -26.61 41.58 117.83
CA ARG IF 185 -25.76 42.30 116.90
C ARG IF 185 -26.19 42.02 115.47
N ARG IF 186 -26.49 43.08 114.73
CA ARG IF 186 -26.88 42.96 113.32
C ARG IF 186 -25.62 42.67 112.51
N ALA IF 187 -25.38 41.40 112.23
CA ALA IF 187 -24.12 40.97 111.63
C ALA IF 187 -24.21 41.07 110.11
N VAL IF 188 -23.49 42.04 109.54
CA VAL IF 188 -23.27 42.22 108.10
C VAL IF 188 -24.56 42.34 107.29
N CYS JF 42 -68.33 40.48 132.14
CA CYS JF 42 -67.41 40.22 131.04
C CYS JF 42 -66.86 38.80 131.10
N PHE JF 43 -65.74 38.57 130.42
CA PHE JF 43 -65.16 37.24 130.32
C PHE JF 43 -63.68 37.38 129.97
N HIS JF 44 -62.86 36.52 130.56
CA HIS JF 44 -61.43 36.56 130.27
C HIS JF 44 -61.03 35.35 129.45
N PRO JF 45 -60.25 35.56 128.38
CA PRO JF 45 -59.83 34.45 127.50
C PRO JF 45 -59.00 33.38 128.20
N PRO JF 46 -58.19 33.70 129.23
CA PRO JF 46 -57.66 32.51 129.92
C PRO JF 46 -58.63 31.86 130.90
N TYR JF 47 -59.61 31.15 130.32
CA TYR JF 47 -60.51 30.21 131.00
C TYR JF 47 -61.32 30.87 132.11
N ASN JF 48 -61.51 32.20 131.99
CA ASN JF 48 -62.18 33.04 132.99
C ASN JF 48 -61.54 32.92 134.37
N ASN JF 49 -60.22 32.68 134.39
CA ASN JF 49 -59.41 32.55 135.61
C ASN JF 49 -59.95 31.48 136.56
N PHE JF 50 -60.51 30.42 135.97
CA PHE JF 50 -61.12 29.29 136.67
C PHE JF 50 -62.19 29.75 137.64
N GLN JF 51 -63.05 30.60 137.16
CA GLN JF 51 -64.20 31.07 137.90
C GLN JF 51 -65.47 30.71 137.14
N PRO JF 52 -66.50 30.23 137.84
CA PRO JF 52 -67.79 29.98 137.18
C PRO JF 52 -68.40 31.28 136.63
N ASP JF 53 -68.97 31.18 135.44
CA ASP JF 53 -69.32 32.37 134.67
C ASP JF 53 -70.73 32.84 135.00
N ARG JF 54 -71.02 34.06 134.55
CA ARG JF 54 -72.35 34.66 134.60
C ARG JF 54 -72.67 35.10 133.17
N ARG JF 55 -73.23 34.19 132.38
CA ARG JF 55 -73.37 34.47 130.95
C ARG JF 55 -74.67 35.21 130.60
N ALA JF 56 -75.79 34.77 131.16
CA ALA JF 56 -77.10 35.22 130.67
C ALA JF 56 -77.42 36.66 131.05
N VAL JF 57 -76.75 37.20 132.07
CA VAL JF 57 -77.06 38.54 132.53
C VAL JF 57 -76.67 39.59 131.49
N LYS JF 58 -75.54 39.37 130.80
CA LYS JF 58 -75.13 40.25 129.72
C LYS JF 58 -76.13 40.23 128.58
N ARG JF 59 -76.62 39.05 128.24
CA ARG JF 59 -77.58 38.92 127.15
C ARG JF 59 -78.91 39.57 127.49
N VAL JF 60 -79.39 39.39 128.72
CA VAL JF 60 -80.67 40.00 129.05
C VAL JF 60 -80.53 41.50 129.24
N GLY JF 61 -79.34 41.98 129.65
CA GLY JF 61 -79.11 43.41 129.72
C GLY JF 61 -79.11 44.07 128.35
N VAL JF 62 -78.44 43.46 127.38
CA VAL JF 62 -78.44 44.04 126.05
C VAL JF 62 -79.75 43.80 125.32
N ASP JF 63 -80.55 42.81 125.74
CA ASP JF 63 -81.86 42.63 125.16
C ASP JF 63 -82.87 43.63 125.72
N THR JF 64 -82.74 43.98 127.00
CA THR JF 64 -83.56 45.06 127.55
C THR JF 64 -83.13 46.40 126.98
N GLY JF 65 -81.83 46.57 126.70
CA GLY JF 65 -81.35 47.79 126.08
C GLY JF 65 -81.75 47.90 124.62
N GLY JF 88 -86.53 43.58 126.17
CA GLY JF 88 -87.16 42.29 125.99
C GLY JF 88 -86.68 41.26 127.00
N GLY JF 89 -87.28 41.30 128.19
CA GLY JF 89 -86.89 40.37 129.25
C GLY JF 89 -87.21 38.93 128.92
N THR JF 90 -88.41 38.69 128.37
CA THR JF 90 -88.82 37.32 128.06
C THR JF 90 -88.04 36.75 126.88
N VAL JF 91 -87.76 37.59 125.87
CA VAL JF 91 -86.99 37.09 124.73
C VAL JF 91 -85.52 36.88 125.13
N GLY JF 92 -85.01 37.69 126.06
CA GLY JF 92 -83.69 37.41 126.62
C GLY JF 92 -83.66 36.13 127.41
N LEU JF 93 -84.73 35.86 128.16
CA LEU JF 93 -84.84 34.61 128.92
C LEU JF 93 -84.90 33.41 127.99
N VAL JF 94 -85.68 33.50 126.91
CA VAL JF 94 -85.79 32.33 126.02
C VAL JF 94 -84.50 32.14 125.23
N ALA JF 95 -83.80 33.24 124.89
CA ALA JF 95 -82.51 33.12 124.23
C ALA JF 95 -81.48 32.48 125.14
N SER JF 96 -81.50 32.83 126.43
CA SER JF 96 -80.59 32.22 127.39
C SER JF 96 -80.90 30.74 127.58
N ILE JF 97 -82.18 30.39 127.76
CA ILE JF 97 -82.51 29.00 128.03
C ILE JF 97 -82.42 28.13 126.79
N TYR JF 98 -82.34 28.72 125.59
CA TYR JF 98 -82.03 27.89 124.44
C TYR JF 98 -80.53 27.81 124.18
N ARG JF 99 -79.80 28.91 124.36
CA ARG JF 99 -78.37 28.89 124.09
C ARG JF 99 -77.57 28.17 125.16
N ASP JF 100 -78.13 27.99 126.36
CA ASP JF 100 -77.47 27.17 127.35
C ASP JF 100 -78.00 25.75 127.37
N SER JF 101 -79.04 25.47 126.58
CA SER JF 101 -79.66 24.16 126.56
C SER JF 101 -78.72 23.12 125.97
N LYS JF 102 -79.05 21.86 126.22
CA LYS JF 102 -78.13 20.76 125.93
C LYS JF 102 -77.90 20.59 124.44
N ARG JF 103 -78.95 20.72 123.64
CA ARG JF 103 -78.87 20.41 122.22
C ARG JF 103 -78.00 21.41 121.46
N LYS JF 104 -78.07 22.69 121.84
CA LYS JF 104 -77.24 23.67 121.17
C LYS JF 104 -75.77 23.52 121.55
N ILE JF 105 -75.50 23.08 122.78
CA ILE JF 105 -74.13 22.77 123.16
C ILE JF 105 -73.60 21.59 122.37
N ILE JF 106 -74.45 20.57 122.18
CA ILE JF 106 -74.06 19.42 121.38
C ILE JF 106 -73.80 19.82 119.93
N ARG JF 107 -74.63 20.69 119.38
CA ARG JF 107 -74.42 21.15 118.02
C ARG JF 107 -73.17 22.03 117.90
N ASP JF 108 -72.82 22.77 118.96
CA ASP JF 108 -71.57 23.53 118.93
C ASP JF 108 -70.37 22.61 119.00
N LEU JF 109 -70.45 21.55 119.79
CA LEU JF 109 -69.37 20.57 119.79
C LEU JF 109 -69.26 19.85 118.47
N GLN JF 110 -70.39 19.64 117.80
CA GLN JF 110 -70.39 19.07 116.45
C GLN JF 110 -69.81 20.05 115.44
N LYS JF 111 -70.05 21.34 115.64
CA LYS JF 111 -69.42 22.37 114.83
C LYS JF 111 -67.92 22.34 115.00
N GLN JF 112 -67.46 22.16 116.22
CA GLN JF 112 -66.05 21.90 116.44
C GLN JF 112 -65.74 20.45 116.04
N ASP JF 113 -64.48 20.10 116.10
CA ASP JF 113 -64.09 18.73 115.77
C ASP JF 113 -64.06 17.85 117.00
N ILE JF 114 -65.18 17.86 117.74
CA ILE JF 114 -65.34 17.16 118.99
C ILE JF 114 -66.53 16.23 118.86
N GLN JF 115 -66.37 14.97 119.25
CA GLN JF 115 -67.42 13.98 118.99
C GLN JF 115 -68.09 13.53 120.29
N TYR JF 116 -69.41 13.45 120.27
CA TYR JF 116 -70.21 13.04 121.42
C TYR JF 116 -71.06 11.85 121.05
N VAL JF 117 -71.05 10.83 121.90
CA VAL JF 117 -71.81 9.61 121.65
C VAL JF 117 -72.63 9.26 122.88
N GLU JF 118 -73.94 9.13 122.68
CA GLU JF 118 -74.87 8.69 123.69
C GLU JF 118 -75.29 7.26 123.40
N TYR JF 119 -75.16 6.38 124.40
CA TYR JF 119 -75.48 4.97 124.19
C TYR JF 119 -75.82 4.35 125.55
N GLY JF 120 -77.11 4.19 125.81
CA GLY JF 120 -77.54 3.58 127.06
C GLY JF 120 -77.23 4.48 128.23
N ASP JF 121 -76.54 3.94 129.23
CA ASP JF 121 -76.03 4.73 130.34
C ASP JF 121 -74.62 5.25 130.09
N THR JF 122 -73.99 4.81 129.01
CA THR JF 122 -72.59 5.11 128.73
C THR JF 122 -72.52 6.34 127.85
N ARG JF 123 -71.84 7.38 128.32
CA ARG JF 123 -71.71 8.60 127.53
C ARG JF 123 -70.24 8.88 127.28
N THR JF 124 -69.90 9.09 126.01
CA THR JF 124 -68.50 9.14 125.61
C THR JF 124 -68.18 10.37 124.77
N LEU JF 125 -66.96 10.85 124.93
CA LEU JF 125 -66.46 12.05 124.28
C LEU JF 125 -65.13 11.73 123.61
N ILE JF 126 -64.98 12.17 122.37
CA ILE JF 126 -63.82 11.87 121.55
C ILE JF 126 -63.17 13.18 121.13
N ILE JF 127 -61.87 13.30 121.38
CA ILE JF 127 -61.13 14.56 121.19
C ILE JF 127 -59.88 14.29 120.35
N PRO JF 128 -59.59 15.12 119.35
CA PRO JF 128 -58.39 14.92 118.55
C PRO JF 128 -57.15 15.44 119.25
N THR JF 129 -55.99 15.05 118.72
CA THR JF 129 -54.72 15.48 119.26
C THR JF 129 -54.06 16.58 118.47
N ASP JF 130 -54.75 17.15 117.47
CA ASP JF 130 -54.13 18.14 116.61
C ASP JF 130 -54.57 19.56 116.94
N LYS JF 131 -55.87 19.84 116.90
CA LYS JF 131 -56.32 21.19 117.19
C LYS JF 131 -56.28 21.49 118.68
N TYR JF 132 -56.51 20.49 119.53
CA TYR JF 132 -56.65 20.70 120.96
C TYR JF 132 -55.41 20.23 121.71
N PHE JF 133 -54.27 20.22 121.05
CA PHE JF 133 -53.02 19.80 121.65
C PHE JF 133 -51.88 20.36 120.80
N MET JF 134 -50.91 21.00 121.44
CA MET JF 134 -49.73 21.42 120.71
C MET JF 134 -48.87 20.19 120.39
N PHE JF 135 -48.03 20.35 119.37
CA PHE JF 135 -47.41 19.20 118.72
C PHE JF 135 -46.34 18.56 119.60
N SER JF 136 -46.47 17.24 119.78
CA SER JF 136 -45.48 16.39 120.45
C SER JF 136 -45.18 16.87 121.86
N SER JF 137 -46.20 17.35 122.56
CA SER JF 137 -46.00 18.00 123.83
C SER JF 137 -47.12 17.63 124.78
N PRO JF 138 -46.85 17.62 126.08
CA PRO JF 138 -47.92 17.57 127.07
C PRO JF 138 -48.52 18.93 127.40
N ARG JF 139 -48.26 19.97 126.61
CA ARG JF 139 -48.91 21.24 126.85
C ARG JF 139 -50.27 21.27 126.15
N LEU JF 140 -51.03 22.31 126.45
CA LEU JF 140 -52.36 22.49 125.88
C LEU JF 140 -52.36 23.73 125.02
N ASN JF 141 -52.89 23.60 123.81
CA ASN JF 141 -53.00 24.75 122.93
C ASN JF 141 -54.03 25.73 123.47
N GLU JF 142 -53.70 27.02 123.39
CA GLU JF 142 -54.59 28.04 123.91
C GLU JF 142 -55.70 28.43 122.96
N ILE JF 143 -55.61 28.04 121.69
CA ILE JF 143 -56.50 28.60 120.68
C ILE JF 143 -57.90 28.01 120.81
N CYS JF 144 -58.00 26.71 121.04
CA CYS JF 144 -59.29 26.03 120.99
C CYS JF 144 -60.00 26.03 122.35
N TYR JF 145 -59.75 27.02 123.18
CA TYR JF 145 -60.41 27.17 124.46
C TYR JF 145 -61.95 27.27 124.46
N PRO JF 146 -62.65 27.69 123.38
CA PRO JF 146 -64.11 27.49 123.38
C PRO JF 146 -64.52 26.04 123.50
N GLY JF 147 -63.74 25.12 122.92
CA GLY JF 147 -64.03 23.71 123.11
C GLY JF 147 -63.90 23.27 124.55
N LEU JF 148 -62.88 23.76 125.25
CA LEU JF 148 -62.69 23.39 126.65
C LEU JF 148 -63.79 23.97 127.53
N ASN JF 149 -64.20 25.21 127.24
CA ASN JF 149 -65.31 25.81 127.97
C ASN JF 149 -66.61 25.06 127.72
N ASN JF 150 -66.81 24.60 126.49
CA ASN JF 150 -67.96 23.77 126.19
C ASN JF 150 -67.89 22.43 126.90
N VAL JF 151 -66.69 21.87 127.04
CA VAL JF 151 -66.51 20.60 127.74
C VAL JF 151 -66.91 20.74 129.20
N ILE JF 152 -66.46 21.81 129.85
CA ILE JF 152 -66.77 21.99 131.26
C ILE JF 152 -68.24 22.33 131.45
N ARG JF 153 -68.79 23.16 130.55
CA ARG JF 153 -70.20 23.50 130.58
C ARG JF 153 -71.09 22.29 130.38
N LEU JF 154 -70.65 21.34 129.55
CA LEU JF 154 -71.38 20.09 129.41
C LEU JF 154 -71.23 19.23 130.64
N LEU JF 155 -70.00 19.08 131.13
CA LEU JF 155 -69.74 18.10 132.16
C LEU JF 155 -70.23 18.52 133.53
N ASN JF 156 -70.64 19.77 133.70
CA ASN JF 156 -71.28 20.15 134.96
C ASN JF 156 -72.66 19.49 135.16
N PHE JF 157 -73.24 18.90 134.12
CA PHE JF 157 -74.60 18.39 134.21
C PHE JF 157 -74.71 17.09 134.98
N TYR JF 158 -73.60 16.40 135.24
CA TYR JF 158 -73.63 15.08 135.85
C TYR JF 158 -72.75 15.06 137.10
N PRO JF 159 -73.25 15.56 138.21
CA PRO JF 159 -72.40 15.71 139.39
C PRO JF 159 -72.25 14.47 140.23
N GLN JF 160 -72.58 13.30 139.71
CA GLN JF 160 -72.44 12.06 140.47
C GLN JF 160 -71.71 10.95 139.72
N SER JF 161 -71.55 11.06 138.41
CA SER JF 161 -70.95 9.98 137.64
C SER JF 161 -69.45 9.94 137.83
N THR JF 162 -68.90 8.72 137.81
CA THR JF 162 -67.47 8.53 137.78
C THR JF 162 -66.95 8.64 136.36
N ILE JF 163 -65.73 9.16 136.22
CA ILE JF 163 -65.19 9.52 134.91
C ILE JF 163 -63.92 8.74 134.66
N TYR JF 164 -63.72 8.34 133.41
CA TYR JF 164 -62.47 7.76 132.94
C TYR JF 164 -61.96 8.59 131.77
N VAL JF 165 -60.65 8.81 131.73
CA VAL JF 165 -60.00 9.44 130.59
C VAL JF 165 -58.84 8.57 130.14
N ALA JF 166 -58.75 8.35 128.83
CA ALA JF 166 -57.72 7.50 128.25
C ALA JF 166 -57.12 8.20 127.05
N GLY JF 167 -55.87 7.85 126.77
CA GLY JF 167 -55.12 8.48 125.69
C GLY JF 167 -54.66 7.45 124.68
N PHE JF 168 -54.57 7.89 123.42
CA PHE JF 168 -54.21 6.99 122.34
C PHE JF 168 -53.25 7.68 121.38
N THR JF 169 -52.26 6.93 120.92
CA THR JF 169 -51.24 7.40 120.00
C THR JF 169 -51.23 6.50 118.76
N ASP JF 170 -50.39 6.86 117.79
CA ASP JF 170 -50.22 6.09 116.58
C ASP JF 170 -49.07 5.09 116.75
N ASN JF 171 -48.63 4.50 115.64
CA ASN JF 171 -47.72 3.35 115.65
C ASN JF 171 -46.30 3.70 115.21
N VAL JF 172 -45.80 4.85 115.60
CA VAL JF 172 -44.46 5.24 115.18
C VAL JF 172 -43.54 5.30 116.40
N GLY JF 173 -42.26 5.07 116.16
CA GLY JF 173 -41.25 5.17 117.19
C GLY JF 173 -41.27 3.99 118.16
N SER JF 174 -40.57 4.18 119.27
CA SER JF 174 -40.56 3.17 120.32
C SER JF 174 -41.89 3.11 121.04
N ARG JF 175 -42.32 1.88 121.33
CA ARG JF 175 -43.55 1.65 122.05
C ARG JF 175 -43.49 2.21 123.47
N SER JF 176 -42.31 2.18 124.08
CA SER JF 176 -42.12 2.81 125.38
C SER JF 176 -42.37 4.30 125.31
N HIS JF 177 -41.88 4.93 124.24
CA HIS JF 177 -42.12 6.36 124.04
C HIS JF 177 -43.60 6.64 123.82
N LYS JF 178 -44.28 5.76 123.08
CA LYS JF 178 -45.73 5.87 122.91
C LYS JF 178 -46.43 5.83 124.26
N ARG JF 179 -46.02 4.90 125.11
CA ARG JF 179 -46.64 4.73 126.43
C ARG JF 179 -46.46 5.96 127.29
N LYS JF 180 -45.24 6.50 127.33
CA LYS JF 180 -44.98 7.67 128.16
C LYS JF 180 -45.75 8.89 127.67
N LEU JF 181 -45.80 9.09 126.35
CA LEU JF 181 -46.52 10.26 125.84
C LEU JF 181 -48.02 10.15 126.08
N SER JF 182 -48.56 8.93 125.95
CA SER JF 182 -49.98 8.72 126.21
C SER JF 182 -50.32 9.03 127.66
N GLN JF 183 -49.49 8.56 128.59
CA GLN JF 183 -49.72 8.81 130.00
C GLN JF 183 -49.63 10.30 130.31
N ALA JF 184 -48.68 10.99 129.68
CA ALA JF 184 -48.52 12.43 129.90
C ALA JF 184 -49.74 13.21 129.42
N GLN JF 185 -50.24 12.89 128.22
CA GLN JF 185 -51.37 13.64 127.68
C GLN JF 185 -52.64 13.40 128.48
N ALA JF 186 -52.88 12.15 128.86
CA ALA JF 186 -54.08 11.84 129.64
C ALA JF 186 -54.02 12.49 131.01
N GLU JF 187 -52.82 12.53 131.61
CA GLU JF 187 -52.66 13.19 132.89
C GLU JF 187 -52.91 14.67 132.78
N THR JF 188 -52.47 15.29 131.68
CA THR JF 188 -52.72 16.71 131.50
C THR JF 188 -54.20 17.01 131.41
N MET JF 189 -54.93 16.19 130.65
CA MET JF 189 -56.37 16.40 130.49
C MET JF 189 -57.10 16.21 131.81
N MET JF 190 -56.73 15.20 132.59
CA MET JF 190 -57.43 14.97 133.84
C MET JF 190 -57.10 16.03 134.88
N THR JF 191 -55.89 16.60 134.82
CA THR JF 191 -55.55 17.65 135.76
C THR JF 191 -56.34 18.92 135.47
N PHE JF 192 -56.48 19.26 134.17
CA PHE JF 192 -57.33 20.38 133.82
C PHE JF 192 -58.77 20.14 134.22
N LEU JF 193 -59.25 18.91 134.04
CA LEU JF 193 -60.62 18.60 134.41
C LEU JF 193 -60.85 18.69 135.91
N TRP JF 194 -59.83 18.34 136.69
CA TRP JF 194 -59.93 18.51 138.14
C TRP JF 194 -59.93 19.98 138.53
N ALA JF 195 -59.16 20.79 137.80
CA ALA JF 195 -58.97 22.18 138.17
C ALA JF 195 -60.22 23.03 138.03
N ASN JF 196 -61.26 22.54 137.39
CA ASN JF 196 -62.48 23.31 137.25
C ASN JF 196 -63.48 23.02 138.36
N GLY JF 197 -63.12 22.22 139.36
CA GLY JF 197 -63.92 22.07 140.55
C GLY JF 197 -64.45 20.68 140.79
N ILE JF 198 -64.30 19.74 139.87
CA ILE JF 198 -64.74 18.38 140.13
C ILE JF 198 -63.73 17.71 141.04
N ALA JF 199 -64.23 17.09 142.11
CA ALA JF 199 -63.38 16.59 143.18
C ALA JF 199 -62.53 15.42 142.72
N ALA JF 200 -61.37 15.27 143.36
CA ALA JF 200 -60.35 14.33 142.93
C ALA JF 200 -60.74 12.87 143.15
N LYS JF 201 -61.80 12.60 143.89
CA LYS JF 201 -62.24 11.23 144.05
C LYS JF 201 -62.84 10.67 142.78
N ARG JF 202 -63.38 11.52 141.90
CA ARG JF 202 -64.19 11.09 140.78
C ARG JF 202 -63.40 10.81 139.52
N LEU JF 203 -62.08 10.67 139.60
CA LEU JF 203 -61.26 10.60 138.41
C LEU JF 203 -60.26 9.47 138.46
N LYS JF 204 -59.89 8.99 137.28
CA LYS JF 204 -58.65 8.26 137.06
C LYS JF 204 -58.29 8.42 135.59
N ALA JF 205 -57.01 8.24 135.30
CA ALA JF 205 -56.51 8.49 133.95
C ALA JF 205 -55.62 7.35 133.50
N GLU JF 206 -55.57 7.15 132.18
CA GLU JF 206 -54.81 6.03 131.63
C GLU JF 206 -54.50 6.32 130.17
N GLY JF 207 -53.23 6.12 129.80
CA GLY JF 207 -52.84 6.27 128.40
C GLY JF 207 -52.36 4.98 127.78
N TYR JF 208 -53.12 4.45 126.84
CA TYR JF 208 -52.71 3.26 126.13
C TYR JF 208 -51.85 3.65 124.93
N GLY JF 209 -51.18 2.66 124.36
CA GLY JF 209 -50.33 2.93 123.23
C GLY JF 209 -51.09 2.73 121.93
N ASP JF 210 -50.84 1.61 121.28
CA ASP JF 210 -51.55 1.24 120.06
C ASP JF 210 -52.21 -0.12 120.24
N LYS JF 211 -52.59 -0.44 121.47
CA LYS JF 211 -53.14 -1.75 121.77
C LYS JF 211 -54.59 -1.90 121.28
N ASN JF 212 -55.27 -0.79 121.06
CA ASN JF 212 -56.66 -0.82 120.60
C ASN JF 212 -56.83 0.36 119.66
N ALA JF 213 -56.65 0.11 118.38
CA ALA JF 213 -56.76 1.13 117.35
C ALA JF 213 -58.08 0.97 116.64
N ILE JF 214 -58.80 2.07 116.48
CA ILE JF 214 -60.06 2.08 115.76
C ILE JF 214 -59.86 2.47 114.30
N SER JF 215 -58.63 2.36 113.81
CA SER JF 215 -58.32 2.70 112.43
C SER JF 215 -57.11 1.90 112.00
N ASP JF 216 -56.93 1.80 110.68
CA ASP JF 216 -55.86 1.03 110.09
C ASP JF 216 -54.67 1.94 109.81
N ASN JF 217 -53.49 1.50 110.23
CA ASN JF 217 -52.34 2.38 110.28
C ASN JF 217 -51.59 2.51 108.96
N ALA JF 218 -51.98 1.77 107.93
CA ALA JF 218 -51.29 1.92 106.65
C ALA JF 218 -51.69 3.22 105.97
N ILE JF 219 -52.92 3.65 106.13
CA ILE JF 219 -53.44 4.82 105.46
C ILE JF 219 -53.10 6.05 106.27
N ILE JF 220 -52.71 7.13 105.59
CA ILE JF 220 -52.32 8.37 106.24
C ILE JF 220 -53.49 8.96 107.01
N HIS JF 221 -54.67 8.98 106.40
CA HIS JF 221 -55.83 9.56 107.07
C HIS JF 221 -56.26 8.73 108.26
N GLY JF 222 -56.18 7.41 108.15
CA GLY JF 222 -56.50 6.55 109.27
C GLY JF 222 -55.53 6.70 110.42
N SER JF 223 -54.24 6.79 110.10
CA SER JF 223 -53.24 6.97 111.14
C SER JF 223 -53.33 8.34 111.78
N ALA JF 224 -53.77 9.35 111.03
CA ALA JF 224 -54.02 10.64 111.64
C ALA JF 224 -55.27 10.61 112.52
N GLN JF 225 -56.26 9.80 112.14
CA GLN JF 225 -57.45 9.67 112.96
C GLN JF 225 -57.21 8.89 114.23
N ASN JF 226 -56.22 8.00 114.23
CA ASN JF 226 -56.13 6.97 115.25
C ASN JF 226 -55.81 7.54 116.63
N ARG JF 227 -54.85 8.45 116.70
CA ARG JF 227 -54.48 9.03 117.98
C ARG JF 227 -55.58 9.96 118.47
N ARG JF 228 -55.92 9.86 119.75
CA ARG JF 228 -57.14 10.50 120.23
C ARG JF 228 -57.11 10.57 121.76
N ILE JF 229 -58.12 11.27 122.28
CA ILE JF 229 -58.39 11.33 123.70
C ILE JF 229 -59.82 10.86 123.91
N GLU JF 230 -59.99 9.92 124.84
CA GLU JF 230 -61.25 9.24 125.10
C GLU JF 230 -61.74 9.62 126.48
N ILE JF 231 -63.03 9.95 126.59
CA ILE JF 231 -63.69 10.24 127.85
C ILE JF 231 -64.90 9.33 127.97
N GLN JF 232 -64.97 8.55 129.04
CA GLN JF 232 -66.12 7.69 129.30
C GLN JF 232 -66.70 8.06 130.65
N TRP JF 233 -68.04 8.14 130.72
CA TRP JF 233 -68.61 8.22 132.05
C TRP JF 233 -69.96 7.52 132.12
N PHE JF 234 -70.29 7.09 133.34
CA PHE JF 234 -71.43 6.28 133.67
C PHE JF 234 -72.63 7.16 134.00
N THR JF 235 -73.66 6.55 134.57
CA THR JF 235 -74.76 7.27 135.19
C THR JF 235 -74.85 6.98 136.69
N SER JF 236 -74.89 5.71 137.07
CA SER JF 236 -74.95 5.33 138.47
C SER JF 236 -74.03 4.15 138.76
N LEU KF 113 -56.91 1.43 181.77
CA LEU KF 113 -55.64 2.10 181.48
C LEU KF 113 -55.61 2.59 180.05
N ASN KF 114 -56.78 2.94 179.50
CA ASN KF 114 -56.89 3.24 178.07
C ASN KF 114 -57.61 4.54 177.76
N ARG KF 115 -57.97 5.34 178.76
CA ARG KF 115 -58.58 6.63 178.51
C ARG KF 115 -57.94 7.65 179.43
N PHE KF 116 -57.42 8.74 178.86
CA PHE KF 116 -56.69 9.72 179.65
C PHE KF 116 -57.08 11.11 179.18
N ARG KF 117 -57.85 11.82 180.00
CA ARG KF 117 -58.21 13.20 179.75
C ARG KF 117 -57.61 14.05 180.86
N TYR KF 118 -56.73 14.97 180.49
CA TYR KF 118 -55.95 15.73 181.47
C TYR KF 118 -56.20 17.21 181.26
N GLU KF 119 -56.68 17.88 182.31
CA GLU KF 119 -57.08 19.27 182.24
C GLU KF 119 -56.60 20.00 183.48
N GLY KF 120 -56.25 21.27 183.31
CA GLY KF 120 -55.99 22.10 184.47
C GLY KF 120 -54.56 22.26 184.95
N ALA KF 121 -53.66 22.68 184.06
CA ALA KF 121 -52.33 23.22 184.39
C ALA KF 121 -51.47 22.21 185.14
N GLY KF 122 -51.12 21.14 184.42
CA GLY KF 122 -50.38 20.06 185.04
C GLY KF 122 -49.30 19.51 184.12
N VAL KF 123 -48.35 18.82 184.74
CA VAL KF 123 -47.21 18.21 184.05
C VAL KF 123 -47.23 16.72 184.35
N VAL KF 124 -47.22 15.91 183.30
CA VAL KF 124 -47.21 14.45 183.42
C VAL KF 124 -45.97 13.94 182.69
N THR KF 125 -45.21 13.07 183.36
CA THR KF 125 -44.02 12.46 182.78
C THR KF 125 -44.06 10.95 183.00
N GLY KF 126 -43.71 10.20 181.96
CA GLY KF 126 -43.68 8.75 182.09
C GLY KF 126 -42.94 8.12 180.93
N ASN KF 127 -42.73 6.81 181.06
CA ASN KF 127 -42.06 6.04 180.02
C ASN KF 127 -42.46 4.59 180.13
N ASN KF 128 -42.23 3.85 179.03
CA ASN KF 128 -42.44 2.41 178.91
C ASN KF 128 -43.89 2.02 179.16
N LEU KF 129 -44.83 2.79 178.61
CA LEU KF 129 -46.24 2.47 178.68
C LEU KF 129 -46.65 1.77 177.38
N ARG KF 130 -46.69 0.45 177.41
CA ARG KF 130 -47.07 -0.35 176.27
C ARG KF 130 -48.56 -0.64 176.33
N THR KF 131 -49.25 -0.37 175.22
CA THR KF 131 -50.70 -0.55 175.17
C THR KF 131 -51.13 -0.82 173.74
N SER KF 132 -52.27 -1.49 173.61
CA SER KF 132 -52.86 -1.68 172.30
C SER KF 132 -53.38 -0.37 171.74
N TYR KF 133 -54.17 0.35 172.52
CA TYR KF 133 -54.76 1.62 172.13
C TYR KF 133 -55.21 2.35 173.37
N LEU KF 134 -54.98 3.66 173.39
CA LEU KF 134 -55.61 4.52 174.38
C LEU KF 134 -56.06 5.81 173.70
N ASP KF 135 -57.07 6.43 174.28
CA ASP KF 135 -57.62 7.68 173.78
C ASP KF 135 -57.16 8.83 174.66
N LEU KF 136 -56.54 9.83 174.04
CA LEU KF 136 -55.89 10.90 174.78
C LEU KF 136 -56.60 12.23 174.50
N TYR KF 137 -56.91 12.94 175.57
CA TYR KF 137 -57.56 14.25 175.50
C TYR KF 137 -56.83 15.18 176.45
N LEU KF 138 -56.47 16.36 175.98
CA LEU KF 138 -55.70 17.30 176.79
C LEU KF 138 -56.30 18.69 176.69
N ALA KF 139 -56.18 19.43 177.79
CA ALA KF 139 -56.62 20.82 177.83
C ALA KF 139 -55.84 21.54 178.92
N ASN KF 140 -55.67 22.85 178.72
CA ASN KF 140 -55.27 23.82 179.74
C ASN KF 140 -53.91 23.47 180.36
N GLU KF 141 -52.88 23.60 179.52
CA GLU KF 141 -51.47 23.41 179.88
C GLU KF 141 -51.20 22.01 180.42
N GLY KF 142 -51.45 21.02 179.57
CA GLY KF 142 -51.04 19.67 179.88
C GLY KF 142 -49.68 19.38 179.29
N THR KF 143 -48.63 19.55 180.07
CA THR KF 143 -47.27 19.35 179.59
C THR KF 143 -46.93 17.87 179.77
N THR KF 144 -46.96 17.13 178.67
CA THR KF 144 -46.90 15.68 178.69
C THR KF 144 -45.61 15.19 178.05
N ARG KF 145 -44.88 14.35 178.77
CA ARG KF 145 -43.71 13.66 178.23
C ARG KF 145 -43.95 12.16 178.35
N LEU KF 146 -43.88 11.46 177.22
CA LEU KF 146 -44.06 10.01 177.16
C LEU KF 146 -42.89 9.43 176.39
N ALA KF 147 -41.98 8.77 177.10
CA ALA KF 147 -40.74 8.26 176.51
C ALA KF 147 -40.81 6.76 176.27
N GLY KF 148 -41.97 6.27 175.84
CA GLY KF 148 -42.12 4.86 175.55
C GLY KF 148 -42.62 4.61 174.14
N ASN KF 149 -43.10 3.41 173.87
CA ASN KF 149 -43.74 3.06 172.60
C ASN KF 149 -45.22 2.85 172.89
N ILE KF 150 -46.04 3.82 172.53
CA ILE KF 150 -47.42 3.90 173.01
C ILE KF 150 -48.36 3.81 171.82
N GLY KF 151 -49.35 2.92 171.93
CA GLY KF 151 -50.34 2.76 170.89
C GLY KF 151 -51.57 3.61 171.17
N LEU KF 152 -52.03 4.31 170.14
CA LEU KF 152 -53.19 5.18 170.24
C LEU KF 152 -53.78 5.37 168.85
N GLN KF 153 -54.99 5.89 168.80
CA GLN KF 153 -55.59 6.24 167.52
C GLN KF 153 -56.16 7.65 167.57
N LYS KF 154 -56.65 8.06 168.74
CA LYS KF 154 -57.33 9.35 168.87
C LYS KF 154 -56.62 10.20 169.91
N LEU KF 155 -56.12 11.36 169.48
CA LEU KF 155 -55.50 12.34 170.35
C LEU KF 155 -56.12 13.70 170.06
N GLU KF 156 -56.47 14.41 171.11
CA GLU KF 156 -57.13 15.71 170.97
C GLU KF 156 -56.55 16.70 171.97
N ALA KF 157 -56.39 17.93 171.53
CA ALA KF 157 -55.92 19.01 172.38
C ALA KF 157 -56.82 20.22 172.20
N VAL KF 158 -57.30 20.78 173.31
CA VAL KF 158 -58.24 21.90 173.24
C VAL KF 158 -57.54 23.16 172.75
N GLY KF 159 -56.38 23.47 173.33
CA GLY KF 159 -55.60 24.61 172.86
C GLY KF 159 -54.68 25.13 173.92
N ASN KF 160 -53.74 25.97 173.47
CA ASN KF 160 -52.77 26.67 174.31
C ASN KF 160 -51.90 25.71 175.13
N GLY KF 161 -51.63 24.54 174.56
CA GLY KF 161 -50.90 23.50 175.25
C GLY KF 161 -49.66 23.09 174.48
N VAL KF 162 -48.69 22.56 175.21
CA VAL KF 162 -47.42 22.12 174.64
C VAL KF 162 -47.23 20.64 174.96
N THR KF 163 -46.92 19.85 173.94
CA THR KF 163 -46.78 18.42 174.15
C THR KF 163 -45.71 17.87 173.22
N GLN KF 164 -44.76 17.15 173.78
CA GLN KF 164 -43.72 16.45 173.03
C GLN KF 164 -43.87 14.96 173.32
N ILE KF 165 -44.12 14.18 172.28
CA ILE KF 165 -44.31 12.73 172.43
C ILE KF 165 -43.20 12.04 171.67
N ASN KF 166 -42.52 11.12 172.35
CA ASN KF 166 -41.36 10.44 171.78
C ASN KF 166 -41.69 8.97 171.59
N GLY KF 167 -42.16 8.62 170.39
CA GLY KF 167 -42.36 7.24 170.01
C GLY KF 167 -43.79 6.75 170.11
N VAL KF 168 -44.49 6.70 168.98
CA VAL KF 168 -45.84 6.14 168.92
C VAL KF 168 -45.95 5.28 167.69
N SER KF 169 -46.39 4.03 167.87
CA SER KF 169 -46.64 3.13 166.76
C SER KF 169 -48.14 2.90 166.63
N SER KF 170 -48.67 3.12 165.44
CA SER KF 170 -50.10 2.93 165.18
C SER KF 170 -50.30 2.74 163.70
N ARG KF 171 -51.26 1.89 163.34
CA ARG KF 171 -51.66 1.72 161.96
C ARG KF 171 -52.88 2.54 161.60
N ASN KF 172 -53.38 3.35 162.53
CA ASN KF 172 -54.47 4.27 162.23
C ASN KF 172 -54.41 5.44 163.19
N LEU KF 173 -54.84 6.60 162.71
CA LEU KF 173 -54.85 7.79 163.52
C LEU KF 173 -55.82 8.78 162.90
N GLN KF 174 -56.35 9.67 163.73
CA GLN KF 174 -57.23 10.74 163.26
C GLN KF 174 -57.18 11.86 164.28
N ILE KF 175 -56.60 12.99 163.90
CA ILE KF 175 -56.41 14.12 164.79
C ILE KF 175 -57.16 15.32 164.22
N VAL KF 176 -57.77 16.09 165.11
CA VAL KF 176 -58.26 17.42 164.77
C VAL KF 176 -57.81 18.36 165.89
N LEU KF 177 -57.76 19.65 165.59
CA LEU KF 177 -57.35 20.64 166.56
C LEU KF 177 -58.26 21.86 166.46
N LYS KF 178 -58.31 22.62 167.55
CA LYS KF 178 -59.21 23.75 167.63
C LYS KF 178 -58.56 25.02 168.14
N GLY KF 179 -57.56 24.90 169.00
CA GLY KF 179 -56.97 26.06 169.66
C GLY KF 179 -55.63 26.44 169.08
N ASP KF 180 -54.66 26.65 169.97
CA ASP KF 180 -53.29 26.98 169.58
C ASP KF 180 -52.33 26.01 170.26
N PRO KF 181 -52.30 24.76 169.82
CA PRO KF 181 -51.43 23.78 170.49
C PRO KF 181 -50.09 23.59 169.82
N LYS KF 182 -49.23 22.79 170.45
CA LYS KF 182 -47.91 22.46 169.91
C LYS KF 182 -47.71 20.97 170.08
N VAL KF 183 -47.49 20.25 168.98
CA VAL KF 183 -47.33 18.80 169.02
C VAL KF 183 -46.15 18.39 168.16
N LEU KF 184 -45.27 17.58 168.74
CA LEU KF 184 -44.09 17.07 168.04
C LEU KF 184 -43.98 15.59 168.36
N ILE KF 185 -44.16 14.75 167.35
CA ILE KF 185 -44.25 13.30 167.54
C ILE KF 185 -43.25 12.59 166.64
N SER KF 186 -42.69 11.50 167.16
CA SER KF 186 -41.85 10.57 166.41
C SER KF 186 -42.51 9.20 166.40
N GLY KF 187 -42.21 8.43 165.36
CA GLY KF 187 -42.74 7.09 165.20
C GLY KF 187 -43.34 6.90 163.84
N PHE KF 188 -44.08 5.81 163.67
CA PHE KF 188 -44.68 5.45 162.40
C PHE KF 188 -46.19 5.40 162.56
N VAL KF 189 -46.90 6.13 161.72
CA VAL KF 189 -48.35 6.28 161.83
C VAL KF 189 -48.94 6.27 160.43
N ASN KF 190 -50.02 5.50 160.23
CA ASN KF 190 -50.78 5.57 158.99
C ASN KF 190 -51.92 6.57 159.15
N LEU KF 191 -51.56 7.85 159.10
CA LEU KF 191 -52.54 8.91 159.22
C LEU KF 191 -53.37 9.02 157.96
N ARG KF 192 -54.63 9.42 158.12
CA ARG KF 192 -55.58 9.49 157.01
C ARG KF 192 -56.01 10.92 156.70
N GLN KF 193 -56.60 11.61 157.67
CA GLN KF 193 -57.28 12.86 157.42
C GLN KF 193 -56.90 13.86 158.50
N LEU KF 194 -56.74 15.12 158.12
CA LEU KF 194 -56.31 16.14 159.08
C LEU KF 194 -56.86 17.50 158.66
N ASP KF 195 -57.59 18.13 159.58
CA ASP KF 195 -58.17 19.44 159.36
C ASP KF 195 -57.71 20.38 160.46
N MET KF 196 -57.25 21.56 160.06
CA MET KF 196 -56.69 22.53 160.98
C MET KF 196 -57.49 23.83 160.88
N TYR KF 197 -57.83 24.40 162.04
CA TYR KF 197 -58.68 25.58 162.07
C TYR KF 197 -58.16 26.72 162.93
N GLY KF 198 -57.20 26.48 163.81
CA GLY KF 198 -56.76 27.53 164.70
C GLY KF 198 -55.34 28.01 164.41
N LYS KF 199 -54.45 27.75 165.36
CA LYS KF 199 -53.05 28.12 165.29
C LYS KF 199 -52.19 26.88 165.48
N GLY KF 200 -52.49 25.86 164.69
CA GLY KF 200 -51.88 24.56 164.92
C GLY KF 200 -50.41 24.52 164.51
N THR KF 201 -49.64 23.77 165.29
CA THR KF 201 -48.20 23.65 165.08
C THR KF 201 -47.84 22.19 165.33
N LEU KF 202 -47.79 21.41 164.26
CA LEU KF 202 -47.55 19.98 164.33
C LEU KF 202 -46.31 19.61 163.53
N SER KF 203 -45.42 18.85 164.15
CA SER KF 203 -44.32 18.23 163.45
C SER KF 203 -44.36 16.74 163.71
N LEU KF 204 -44.26 15.95 162.64
CA LEU KF 204 -44.30 14.51 162.74
C LEU KF 204 -43.14 13.92 161.97
N TYR KF 205 -42.46 12.96 162.58
CA TYR KF 205 -41.20 12.50 161.99
C TYR KF 205 -41.43 11.57 160.81
N TRP KF 206 -42.14 10.48 161.01
CA TRP KF 206 -42.35 9.52 159.92
C TRP KF 206 -43.82 9.17 159.81
N ILE KF 207 -44.26 8.91 158.59
CA ILE KF 207 -45.61 8.42 158.33
C ILE KF 207 -45.53 7.36 157.24
N LYS KF 208 -46.18 6.23 157.49
CA LYS KF 208 -46.29 5.14 156.53
C LYS KF 208 -47.77 5.02 156.19
N SER KF 209 -48.19 5.79 155.19
CA SER KF 209 -49.58 5.80 154.79
C SER KF 209 -49.66 5.89 153.27
N ASP KF 210 -50.86 5.67 152.76
CA ASP KF 210 -51.13 5.80 151.34
C ASP KF 210 -51.94 7.02 151.00
N THR KF 211 -52.90 7.39 151.85
CA THR KF 211 -53.89 8.39 151.51
C THR KF 211 -53.92 9.46 152.59
N LEU KF 212 -53.70 10.70 152.18
CA LEU KF 212 -53.74 11.83 153.10
C LEU KF 212 -54.66 12.89 152.55
N THR KF 213 -55.57 13.38 153.39
CA THR KF 213 -56.46 14.47 153.01
C THR KF 213 -56.31 15.58 154.03
N ILE KF 214 -55.81 16.72 153.59
CA ILE KF 214 -55.46 17.81 154.49
C ILE KF 214 -56.30 19.03 154.12
N ARG KF 215 -56.94 19.62 155.12
CA ARG KF 215 -57.58 20.92 155.00
C ARG KF 215 -56.97 21.88 156.01
N ALA KF 216 -56.59 23.06 155.55
CA ALA KF 216 -56.05 24.08 156.46
C ALA KF 216 -56.81 25.38 156.29
N LYS KF 217 -57.26 25.95 157.40
CA LYS KF 217 -58.17 27.09 157.40
C LYS KF 217 -57.50 28.40 157.78
N LYS KF 218 -56.98 28.51 159.00
CA LYS KF 218 -56.55 29.81 159.51
C LYS KF 218 -55.04 29.91 159.71
N ALA KF 219 -54.44 29.03 160.51
CA ALA KF 219 -53.01 29.13 160.76
C ALA KF 219 -52.48 27.73 161.05
N ALA KF 220 -51.69 27.19 160.14
CA ALA KF 220 -51.13 25.86 160.30
C ALA KF 220 -49.64 25.89 160.01
N LYS KF 221 -48.89 25.23 160.87
CA LYS KF 221 -47.45 25.04 160.69
C LYS KF 221 -47.23 23.53 160.79
N ILE KF 222 -47.19 22.89 159.63
CA ILE KF 222 -47.15 21.44 159.55
C ILE KF 222 -45.81 21.04 158.95
N GLN KF 223 -45.07 20.20 159.67
CA GLN KF 223 -43.77 19.71 159.21
C GLN KF 223 -43.79 18.20 159.22
N LEU KF 224 -43.85 17.60 158.04
CA LEU KF 224 -44.00 16.16 157.89
C LEU KF 224 -42.84 15.58 157.09
N ALA KF 225 -42.68 14.26 157.19
CA ALA KF 225 -41.76 13.52 156.35
C ALA KF 225 -42.22 12.08 156.31
N GLY KF 226 -42.11 11.44 155.16
CA GLY KF 226 -42.48 10.04 155.07
C GLY KF 226 -42.84 9.64 153.64
N ILE KF 227 -43.65 8.60 153.55
CA ILE KF 227 -44.01 7.97 152.28
C ILE KF 227 -45.52 8.09 152.12
N VAL KF 228 -45.95 8.65 150.98
CA VAL KF 228 -47.36 8.88 150.71
C VAL KF 228 -47.67 8.43 149.29
N ASN KF 229 -48.72 7.62 149.14
CA ASN KF 229 -49.12 7.15 147.83
C ASN KF 229 -50.22 7.98 147.20
N ARG KF 230 -50.91 8.81 147.97
CA ARG KF 230 -51.94 9.68 147.43
C ARG KF 230 -52.10 10.84 148.39
N LEU KF 231 -51.91 12.06 147.90
CA LEU KF 231 -51.93 13.25 148.75
C LEU KF 231 -52.88 14.27 148.16
N ASP KF 232 -53.77 14.80 149.01
CA ASP KF 232 -54.65 15.87 148.63
C ASP KF 232 -54.56 16.96 149.68
N VAL KF 233 -54.30 18.19 149.24
CA VAL KF 233 -54.09 19.32 150.14
C VAL KF 233 -54.94 20.50 149.67
N GLU KF 234 -55.74 21.05 150.57
CA GLU KF 234 -56.45 22.30 150.35
C GLU KF 234 -56.02 23.31 151.40
N LEU KF 235 -55.58 24.49 150.93
CA LEU KF 235 -55.15 25.56 151.81
C LEU KF 235 -56.00 26.79 151.56
N TRP KF 236 -56.52 27.39 152.63
CA TRP KF 236 -57.42 28.51 152.48
C TRP KF 236 -56.74 29.87 152.63
N ASP KF 237 -56.21 30.19 153.81
CA ASP KF 237 -55.70 31.55 154.00
C ASP KF 237 -54.66 31.57 155.12
N PHE KF 238 -53.55 32.28 154.84
CA PHE KF 238 -52.47 32.54 155.79
C PHE KF 238 -51.89 31.26 156.37
N ALA KF 239 -51.58 30.32 155.49
CA ALA KF 239 -51.17 29.00 155.91
C ALA KF 239 -49.85 28.62 155.26
N GLN KF 240 -48.92 28.17 156.08
CA GLN KF 240 -47.69 27.56 155.62
C GLN KF 240 -47.85 26.06 155.57
N PHE KF 241 -47.16 25.44 154.62
CA PHE KF 241 -47.09 23.98 154.62
C PHE KF 241 -45.74 23.53 154.09
N LYS KF 242 -45.14 22.57 154.78
CA LYS KF 242 -43.86 22.01 154.41
C LYS KF 242 -44.06 20.55 154.04
N GLY KF 243 -43.52 20.15 152.89
CA GLY KF 243 -43.53 18.77 152.51
C GLY KF 243 -42.16 18.33 152.10
N LYS KF 244 -41.15 18.91 152.74
CA LYS KF 244 -39.79 18.50 152.54
C LYS KF 244 -39.61 17.10 153.10
N TYR KF 245 -38.77 16.32 152.42
CA TYR KF 245 -38.52 14.91 152.74
C TYR KF 245 -39.82 14.09 152.74
N LEU KF 246 -40.72 14.41 151.82
CA LEU KF 246 -42.00 13.71 151.71
C LEU KF 246 -42.19 13.37 150.25
N ARG KF 247 -41.68 12.21 149.85
CA ARG KF 247 -41.75 11.78 148.46
C ARG KF 247 -43.14 11.22 148.18
N ALA KF 248 -43.84 11.80 147.22
CA ALA KF 248 -45.25 11.50 146.98
C ALA KF 248 -45.44 10.93 145.60
N GLN KF 249 -46.39 10.01 145.47
CA GLN KF 249 -46.69 9.40 144.18
C GLN KF 249 -47.70 10.22 143.40
N ARG KF 250 -48.89 10.41 143.97
CA ARG KF 250 -49.92 11.24 143.38
C ARG KF 250 -50.11 12.45 144.28
N SER KF 251 -50.00 13.64 143.72
CA SER KF 251 -50.11 14.84 144.54
C SER KF 251 -51.10 15.81 143.93
N PHE KF 252 -52.02 16.30 144.76
CA PHE KF 252 -53.00 17.30 144.37
C PHE KF 252 -52.91 18.47 145.33
N VAL KF 253 -52.62 19.64 144.81
CA VAL KF 253 -52.46 20.84 145.61
C VAL KF 253 -53.44 21.89 145.11
N LYS KF 254 -54.25 22.42 146.03
CA LYS KF 254 -55.12 23.55 145.71
C LYS KF 254 -54.91 24.62 146.78
N THR KF 255 -54.36 25.76 146.36
CA THR KF 255 -54.01 26.84 147.27
C THR KF 255 -54.82 28.07 146.94
N HIS KF 256 -55.52 28.59 147.93
CA HIS KF 256 -56.27 29.83 147.78
C HIS KF 256 -55.38 31.01 148.18
N ASP KF 257 -55.98 32.16 148.46
CA ASP KF 257 -55.26 33.41 148.63
C ASP KF 257 -54.29 33.37 149.81
N LYS KF 258 -53.07 33.84 149.55
CA LYS KF 258 -52.00 34.00 150.55
C LYS KF 258 -51.69 32.69 151.26
N SER KF 259 -51.29 31.71 150.48
CA SER KF 259 -50.96 30.39 151.00
C SER KF 259 -49.62 29.97 150.44
N VAL KF 260 -48.78 29.42 151.31
CA VAL KF 260 -47.42 29.02 150.96
C VAL KF 260 -47.34 27.51 151.13
N ALA KF 261 -46.97 26.82 150.05
CA ALA KF 261 -46.90 25.37 150.08
C ALA KF 261 -45.59 24.90 149.48
N GLU KF 262 -44.95 23.96 150.15
CA GLU KF 262 -43.74 23.32 149.63
C GLU KF 262 -44.03 21.84 149.41
N ILE KF 263 -43.79 21.35 148.19
CA ILE KF 263 -44.14 19.99 147.79
C ILE KF 263 -42.91 19.27 147.27
N SER KF 264 -42.98 17.94 147.32
CA SER KF 264 -41.90 17.06 146.89
C SER KF 264 -42.46 15.90 146.05
N ALA KF 265 -43.24 16.22 145.02
CA ALA KF 265 -43.80 15.21 144.14
C ALA KF 265 -42.70 14.48 143.37
N VAL KF 266 -43.00 13.24 142.99
CA VAL KF 266 -42.03 12.35 142.35
C VAL KF 266 -42.46 11.98 140.93
N ASN KF 267 -43.71 11.59 140.75
CA ASN KF 267 -44.16 11.12 139.44
C ASN KF 267 -45.32 11.93 138.89
N HIS KF 268 -46.35 12.15 139.68
CA HIS KF 268 -47.63 12.66 139.18
C HIS KF 268 -48.03 13.86 140.03
N GLN KF 269 -47.98 15.04 139.43
CA GLN KF 269 -48.14 16.29 140.18
C GLN KF 269 -49.21 17.15 139.55
N SER KF 270 -50.16 17.60 140.37
CA SER KF 270 -51.20 18.52 139.94
C SER KF 270 -51.25 19.69 140.90
N SER KF 271 -51.15 20.91 140.37
CA SER KF 271 -51.04 22.08 141.23
C SER KF 271 -51.91 23.21 140.70
N LEU KF 272 -52.67 23.82 141.61
CA LEU KF 272 -53.49 24.98 141.29
C LEU KF 272 -53.32 26.04 142.35
N ALA KF 273 -53.08 27.28 141.92
CA ALA KF 273 -53.03 28.42 142.81
C ALA KF 273 -54.02 29.47 142.33
N THR KF 274 -54.69 30.12 143.28
CA THR KF 274 -55.66 31.14 142.89
C THR KF 274 -54.99 32.49 142.69
N ASP KF 275 -54.48 33.07 143.77
CA ASP KF 275 -53.92 34.41 143.72
C ASP KF 275 -53.04 34.62 144.94
N ALA KF 276 -51.91 35.31 144.72
CA ALA KF 276 -50.96 35.70 145.77
C ALA KF 276 -50.46 34.50 146.56
N SER KF 277 -50.28 33.38 145.89
CA SER KF 277 -49.98 32.12 146.53
C SER KF 277 -48.70 31.55 145.92
N ASP KF 278 -47.96 30.80 146.73
CA ASP KF 278 -46.67 30.28 146.32
C ASP KF 278 -46.65 28.77 146.45
N ILE KF 279 -46.16 28.11 145.40
CA ILE KF 279 -46.00 26.66 145.40
C ILE KF 279 -44.57 26.36 144.97
N TYR KF 280 -43.83 25.68 145.84
CA TYR KF 280 -42.41 25.42 145.59
C TYR KF 280 -42.20 23.92 145.51
N TYR KF 281 -41.84 23.43 144.32
CA TYR KF 281 -41.63 21.99 144.12
C TYR KF 281 -40.13 21.69 144.18
N TYR KF 282 -39.74 20.80 145.09
CA TYR KF 282 -38.33 20.61 145.34
C TYR KF 282 -37.78 19.34 144.71
N ASN KF 283 -38.55 18.66 143.88
CA ASN KF 283 -38.04 17.52 143.13
C ASN KF 283 -38.78 17.42 141.82
N LEU KF 284 -38.03 17.20 140.74
CA LEU KF 284 -38.62 17.16 139.41
C LEU KF 284 -39.41 15.88 139.23
N SER KF 285 -40.62 16.01 138.73
CA SER KF 285 -41.52 14.88 138.58
C SER KF 285 -41.51 14.37 137.15
N LYS KF 286 -42.01 13.15 136.97
CA LYS KF 286 -42.17 12.61 135.63
C LYS KF 286 -43.29 13.32 134.88
N THR KF 287 -44.33 13.76 135.58
CA THR KF 287 -45.45 14.43 134.96
C THR KF 287 -45.96 15.52 135.88
N ARG KF 288 -46.06 16.73 135.35
CA ARG KF 288 -46.33 17.91 136.15
C ARG KF 288 -47.31 18.81 135.44
N ALA KF 289 -48.39 19.20 136.12
CA ALA KF 289 -49.35 20.14 135.57
C ALA KF 289 -49.55 21.28 136.56
N ASP KF 290 -49.46 22.51 136.07
CA ASP KF 290 -49.44 23.70 136.90
C ASP KF 290 -50.42 24.72 136.35
N PHE KF 291 -51.23 25.32 137.24
CA PHE KF 291 -52.18 26.34 136.82
C PHE KF 291 -52.32 27.40 137.89
N MET KF 292 -52.05 28.65 137.51
CA MET KF 292 -52.25 29.82 138.37
C MET KF 292 -53.32 30.70 137.77
N ALA KF 293 -54.20 31.22 138.62
CA ALA KF 293 -55.35 31.96 138.12
C ALA KF 293 -55.07 33.46 137.96
N PHE KF 294 -54.80 34.15 139.06
CA PHE KF 294 -54.66 35.60 139.04
C PHE KF 294 -53.23 36.00 139.31
N ASN KF 295 -52.65 35.57 140.43
CA ASN KF 295 -51.32 36.02 140.85
C ASN KF 295 -50.53 34.89 141.48
N GLY KF 296 -50.95 33.65 141.31
CA GLY KF 296 -50.22 32.54 141.89
C GLY KF 296 -48.91 32.31 141.17
N SER KF 297 -47.99 31.65 141.87
CA SER KF 297 -46.67 31.39 141.31
C SER KF 297 -46.20 30.00 141.72
N VAL KF 298 -45.62 29.29 140.75
CA VAL KF 298 -45.13 27.93 140.96
C VAL KF 298 -43.68 27.88 140.53
N LEU KF 299 -42.79 27.58 141.47
CA LEU KF 299 -41.36 27.70 141.24
C LEU KF 299 -40.63 26.48 141.76
N ASP KF 300 -39.46 26.24 141.18
CA ASP KF 300 -38.66 25.09 141.54
C ASP KF 300 -37.86 25.36 142.82
N MET KF 301 -36.95 26.33 142.76
CA MET KF 301 -36.07 26.73 143.86
C MET KF 301 -35.23 25.55 144.36
N ARG KF 302 -34.37 25.07 143.47
CA ARG KF 302 -33.26 24.20 143.84
C ARG KF 302 -31.95 24.96 143.66
N GLU KF 303 -30.87 24.34 144.14
CA GLU KF 303 -29.62 25.06 144.33
C GLU KF 303 -28.81 25.26 143.05
N TRP KF 304 -29.16 24.56 141.97
CA TRP KF 304 -28.48 24.61 140.66
C TRP KF 304 -27.01 24.24 140.78
N GLY KF 305 -26.66 23.37 141.71
CA GLY KF 305 -25.27 23.05 141.94
C GLY KF 305 -25.08 21.59 142.26
N GLN KF 306 -26.12 20.80 142.03
CA GLN KF 306 -26.04 19.37 142.26
C GLN KF 306 -25.09 18.73 141.25
N SER KF 307 -24.29 17.79 141.72
CA SER KF 307 -23.40 17.08 140.81
C SER KF 307 -24.13 16.12 139.90
N ASP KF 308 -25.39 15.82 140.18
CA ASP KF 308 -26.12 14.78 139.47
C ASP KF 308 -27.57 15.19 139.25
N LEU KF 309 -27.78 16.44 138.86
CA LEU KF 309 -29.12 16.92 138.57
C LEU KF 309 -29.49 16.59 137.12
N LYS KF 310 -30.66 16.01 136.93
CA LYS KF 310 -31.20 15.75 135.61
C LYS KF 310 -32.03 16.94 135.14
N ASP KF 311 -32.32 16.97 133.85
CA ASP KF 311 -33.12 18.04 133.29
C ASP KF 311 -34.36 17.44 132.61
N PHE KF 312 -35.16 18.31 131.98
CA PHE KF 312 -36.44 17.90 131.45
C PHE KF 312 -36.27 17.05 130.20
N ASP KF 313 -37.36 16.39 129.83
CA ASP KF 313 -37.42 15.60 128.61
C ASP KF 313 -38.63 16.04 127.81
N ARG KF 314 -38.97 15.28 126.78
CA ARG KF 314 -40.14 15.61 125.96
C ARG KF 314 -41.43 15.43 126.73
N TYR KF 315 -41.47 14.48 127.64
CA TYR KF 315 -42.70 14.20 128.36
C TYR KF 315 -43.00 15.21 129.44
N ASN KF 316 -42.06 16.06 129.82
CA ASN KF 316 -42.29 16.91 130.98
C ASN KF 316 -41.80 18.33 130.81
N LYS KF 317 -41.66 18.82 129.58
CA LYS KF 317 -41.14 20.17 129.37
C LYS KF 317 -42.29 21.16 129.41
N GLN KF 318 -42.95 21.21 130.57
CA GLN KF 318 -44.13 22.02 130.77
C GLN KF 318 -43.69 23.41 131.19
N PHE KF 319 -43.87 24.37 130.31
CA PHE KF 319 -43.52 25.75 130.63
C PHE KF 319 -44.53 26.33 131.61
N PRO KF 320 -44.09 27.17 132.54
CA PRO KF 320 -45.04 27.89 133.39
C PRO KF 320 -45.72 29.05 132.68
N ASP LF 39 -37.09 49.54 96.10
CA ASP LF 39 -36.28 50.35 95.20
C ASP LF 39 -35.61 51.49 95.95
N GLY LF 40 -36.41 52.39 96.53
CA GLY LF 40 -35.88 53.48 97.33
C GLY LF 40 -35.25 52.95 98.60
N CYS LF 41 -33.93 52.98 98.67
CA CYS LF 41 -33.25 52.24 99.73
C CYS LF 41 -33.17 53.06 101.01
N CYS LF 42 -32.77 54.31 100.92
CA CYS LF 42 -32.69 55.16 102.10
C CYS LF 42 -33.95 56.02 102.22
N SER LF 43 -35.10 55.34 102.25
CA SER LF 43 -36.37 56.02 102.42
C SER LF 43 -36.47 56.61 103.82
N LYS LF 44 -36.96 57.85 103.87
CA LYS LF 44 -36.91 58.80 105.00
C LYS LF 44 -35.60 58.72 105.77
N MET LF 45 -34.49 58.66 105.04
CA MET LF 45 -33.16 58.73 105.63
C MET LF 45 -32.37 59.79 104.88
N GLY LF 46 -31.08 59.91 105.18
CA GLY LF 46 -30.29 60.98 104.59
C GLY LF 46 -30.01 60.80 103.10
N GLY LF 47 -30.11 59.58 102.60
CA GLY LF 47 -29.82 59.29 101.22
C GLY LF 47 -28.58 58.42 101.07
N ILE LF 48 -28.33 58.04 99.82
CA ILE LF 48 -27.24 57.12 99.52
C ILE LF 48 -25.91 57.85 99.71
N ASN LF 49 -25.06 57.29 100.58
CA ASN LF 49 -23.71 57.80 100.68
C ASN LF 49 -22.83 57.19 99.60
N TYR LF 50 -22.65 55.87 99.66
CA TYR LF 50 -21.87 55.11 98.69
C TYR LF 50 -22.19 53.64 98.90
N CYS LF 51 -21.49 52.77 98.18
CA CYS LF 51 -21.64 51.33 98.34
C CYS LF 51 -20.29 50.76 98.77
N ASP LF 52 -20.26 50.09 99.91
CA ASP LF 52 -19.05 49.43 100.37
C ASP LF 52 -18.94 48.10 99.66
N SER LF 53 -17.89 47.93 98.86
CA SER LF 53 -17.72 46.68 98.15
C SER LF 53 -17.16 45.59 99.03
N SER LF 54 -16.73 45.90 100.25
CA SER LF 54 -16.25 44.85 101.15
C SER LF 54 -17.40 43.99 101.64
N ALA LF 55 -18.52 44.61 102.01
CA ALA LF 55 -19.67 43.87 102.49
C ALA LF 55 -20.85 43.94 101.55
N GLY LF 56 -20.77 44.74 100.49
CA GLY LF 56 -21.81 44.72 99.47
C GLY LF 56 -23.11 45.37 99.86
N ARG LF 57 -23.11 46.18 100.91
CA ARG LF 57 -24.35 46.74 101.42
C ARG LF 57 -24.29 48.25 101.32
N LEU LF 58 -25.44 48.85 101.03
CA LEU LF 58 -25.53 50.29 100.96
C LEU LF 58 -25.45 50.90 102.36
N VAL LF 59 -24.97 52.13 102.43
CA VAL LF 59 -24.91 52.86 103.67
C VAL LF 59 -25.60 54.20 103.46
N CYS LF 60 -26.60 54.49 104.30
CA CYS LF 60 -27.34 55.74 104.17
C CYS LF 60 -26.52 56.88 104.78
N ASN LF 61 -26.99 58.12 104.56
CA ASN LF 61 -26.22 59.27 105.03
C ASN LF 61 -26.29 59.40 106.55
N ASN LF 62 -27.44 59.12 107.14
CA ASN LF 62 -27.45 58.74 108.53
C ASN LF 62 -26.77 57.37 108.64
N GLY LF 63 -25.89 57.23 109.62
CA GLY LF 63 -24.93 56.13 109.60
C GLY LF 63 -25.46 54.74 109.83
N PHE LF 64 -26.43 54.32 109.02
CA PHE LF 64 -27.04 53.01 109.15
C PHE LF 64 -26.70 52.16 107.94
N TYR LF 65 -26.39 50.90 108.18
CA TYR LF 65 -26.30 49.95 107.09
C TYR LF 65 -27.68 49.69 106.51
N SER LF 66 -27.80 49.82 105.20
CA SER LF 66 -29.10 49.65 104.58
C SER LF 66 -29.43 48.18 104.39
N THR LF 67 -30.62 47.95 103.85
CA THR LF 67 -31.07 46.62 103.51
C THR LF 67 -31.07 46.36 102.02
N CYS LF 68 -30.35 47.17 101.25
CA CYS LF 68 -30.24 46.95 99.82
C CYS LF 68 -28.90 46.32 99.48
N TYR LF 69 -28.76 45.98 98.20
CA TYR LF 69 -27.57 45.31 97.70
C TYR LF 69 -26.94 46.13 96.58
N CYS LF 70 -25.62 46.06 96.47
CA CYS LF 70 -24.97 46.73 95.36
C CYS LF 70 -23.99 45.83 94.63
N THR LF 71 -23.37 44.89 95.34
CA THR LF 71 -22.36 44.04 94.73
C THR LF 71 -22.87 42.61 94.65
N ARG LF 72 -22.56 41.97 93.53
CA ARG LF 72 -22.86 40.55 93.39
C ARG LF 72 -21.97 39.70 94.29
N HIS LF 73 -20.84 40.24 94.73
CA HIS LF 73 -19.94 39.49 95.61
C HIS LF 73 -20.32 39.67 97.07
N ALA LF 74 -21.57 39.45 97.41
CA ALA LF 74 -22.05 39.72 98.75
C ALA LF 74 -22.85 38.53 99.24
N VAL LF 75 -22.97 38.43 100.56
CA VAL LF 75 -23.68 37.31 101.16
C VAL LF 75 -25.17 37.49 100.92
N MET LF 76 -25.74 36.56 100.18
CA MET LF 76 -27.15 36.53 99.87
C MET LF 76 -27.80 35.40 100.66
N ASP LF 77 -29.06 35.15 100.36
CA ASP LF 77 -29.76 34.01 100.93
C ASP LF 77 -30.58 33.38 99.82
N LEU LF 78 -30.19 32.18 99.40
CA LEU LF 78 -30.83 31.51 98.27
C LEU LF 78 -31.21 30.12 98.68
N GLN LF 79 -32.45 29.73 98.41
CA GLN LF 79 -32.92 28.39 98.66
C GLN LF 79 -33.46 27.68 97.42
N PHE LF 80 -33.84 28.42 96.39
CA PHE LF 80 -34.31 27.83 95.14
C PHE LF 80 -33.65 28.57 93.98
N LEU LF 81 -33.27 27.83 92.95
CA LEU LF 81 -32.64 28.44 91.78
C LEU LF 81 -32.84 27.53 90.58
N MET LF 82 -32.58 28.08 89.40
CA MET LF 82 -32.96 27.49 88.13
C MET LF 82 -31.81 26.69 87.51
N GLY LF 83 -31.96 26.32 86.26
CA GLY LF 83 -30.97 25.54 85.54
C GLY LF 83 -31.35 24.08 85.43
N CYS LF 84 -30.63 23.38 84.55
CA CYS LF 84 -30.84 21.95 84.37
C CYS LF 84 -29.55 21.19 84.63
N CYS LF 85 -29.69 19.87 84.80
CA CYS LF 85 -28.59 18.94 85.11
C CYS LF 85 -27.82 19.37 86.36
N LEU LF 86 -28.58 19.84 87.35
CA LEU LF 86 -27.99 20.25 88.61
C LEU LF 86 -27.49 19.05 89.38
N TRP LF 87 -26.54 19.30 90.30
CA TRP LF 87 -25.85 18.28 91.11
C TRP LF 87 -25.20 17.22 90.23
N HIS LF 88 -24.71 17.65 89.07
CA HIS LF 88 -24.07 16.79 88.11
C HIS LF 88 -23.02 17.65 87.42
N GLY LF 89 -22.57 17.22 86.25
CA GLY LF 89 -21.59 17.98 85.51
C GLY LF 89 -22.19 19.07 84.66
N GLY LF 90 -23.45 19.42 84.90
CA GLY LF 90 -24.11 20.41 84.08
C GLY LF 90 -24.54 19.81 82.76
N VAL LF 91 -25.05 20.68 81.90
CA VAL LF 91 -25.52 20.25 80.59
C VAL LF 91 -24.31 19.99 79.70
N TYR LF 92 -24.27 18.80 79.11
CA TYR LF 92 -23.26 18.51 78.10
C TYR LF 92 -23.53 19.36 76.87
N PRO LF 93 -22.55 20.12 76.38
CA PRO LF 93 -22.78 20.98 75.22
C PRO LF 93 -22.79 20.26 73.88
N GLN LF 94 -22.87 18.93 73.85
CA GLN LF 94 -22.85 18.20 72.59
C GLN LF 94 -24.15 18.40 71.83
N LEU LF 95 -24.06 18.21 70.52
CA LEU LF 95 -25.20 18.38 69.63
C LEU LF 95 -25.90 17.03 69.52
N ASN LF 96 -26.85 16.80 70.42
CA ASN LF 96 -27.64 15.57 70.39
C ASN LF 96 -28.59 15.58 69.20
N SER LF 97 -28.96 14.38 68.74
CA SER LF 97 -29.96 14.24 67.69
C SER LF 97 -31.30 14.80 68.12
N SER LF 98 -31.91 14.21 69.14
CA SER LF 98 -33.22 14.59 69.60
C SER LF 98 -33.10 15.63 70.72
N GLY LF 99 -34.19 15.87 71.42
CA GLY LF 99 -34.22 16.66 72.63
C GLY LF 99 -33.75 15.93 73.86
N LEU LF 100 -33.24 14.72 73.70
CA LEU LF 100 -32.58 14.00 74.79
C LEU LF 100 -31.34 14.75 75.23
N VAL LF 101 -31.18 14.93 76.54
CA VAL LF 101 -30.04 15.63 77.10
C VAL LF 101 -29.43 14.79 78.20
N VAL LF 102 -28.11 14.86 78.32
CA VAL LF 102 -27.36 14.03 79.25
C VAL LF 102 -26.39 14.93 80.02
N CYS LF 103 -26.35 14.76 81.34
CA CYS LF 103 -25.39 15.51 82.13
C CYS LF 103 -24.00 14.93 81.97
N ASN LF 104 -22.99 15.75 82.31
CA ASN LF 104 -21.60 15.44 81.98
C ASN LF 104 -21.01 14.30 82.79
N ASP LF 105 -21.71 13.80 83.80
CA ASP LF 105 -21.30 12.58 84.46
C ASP LF 105 -21.93 11.35 83.83
N GLY LF 106 -22.64 11.52 82.72
CA GLY LF 106 -23.28 10.43 82.03
C GLY LF 106 -24.75 10.27 82.32
N TYR LF 107 -25.27 10.95 83.34
CA TYR LF 107 -26.66 10.82 83.69
C TYR LF 107 -27.53 11.62 82.73
N VAL LF 108 -28.71 11.10 82.44
CA VAL LF 108 -29.66 11.72 81.50
C VAL LF 108 -30.84 12.23 82.31
N SER LF 109 -31.19 13.50 82.13
CA SER LF 109 -32.31 14.12 82.82
C SER LF 109 -33.52 14.13 81.91
N GLU LF 110 -34.49 13.26 82.22
CA GLU LF 110 -35.69 13.17 81.41
C GLU LF 110 -36.55 14.43 81.52
N GLU LF 111 -36.49 15.11 82.66
CA GLU LF 111 -37.34 16.26 82.91
C GLU LF 111 -36.93 17.45 82.05
N CYS LF 112 -35.65 17.55 81.71
CA CYS LF 112 -35.26 18.49 80.69
C CYS LF 112 -35.28 17.87 79.30
N SER LF 113 -35.32 16.54 79.20
CA SER LF 113 -35.41 15.90 77.90
C SER LF 113 -36.81 16.03 77.32
N LEU LF 114 -36.86 15.99 76.00
CA LEU LF 114 -38.12 16.01 75.26
C LEU LF 114 -38.48 14.59 74.85
N GLN LF 115 -39.71 14.18 75.17
CA GLN LF 115 -40.15 12.80 74.99
C GLN LF 115 -41.37 12.76 74.09
N LYS LF 116 -41.41 11.77 73.21
CA LYS LF 116 -42.60 11.51 72.41
C LYS LF 116 -43.71 10.99 73.32
N UNK MF 1 -23.11 39.09 123.10
CA UNK MF 1 -22.86 40.42 123.62
C UNK MF 1 -23.31 40.54 125.08
N UNK MF 2 -24.62 40.36 125.30
CA UNK MF 2 -25.27 40.27 126.62
C UNK MF 2 -25.11 41.53 127.46
N UNK MF 3 -24.77 42.66 126.81
CA UNK MF 3 -24.61 43.95 127.48
C UNK MF 3 -24.56 45.02 126.41
N UNK MF 4 -25.36 46.06 126.55
CA UNK MF 4 -25.27 47.18 125.62
C UNK MF 4 -24.34 48.26 126.13
N UNK MF 5 -24.66 48.85 127.28
CA UNK MF 5 -23.85 49.93 127.84
C UNK MF 5 -22.68 49.31 128.57
N UNK MF 6 -21.48 49.51 128.05
CA UNK MF 6 -20.28 48.93 128.63
C UNK MF 6 -19.79 49.86 129.74
N UNK MF 7 -19.95 49.44 130.99
CA UNK MF 7 -19.55 50.25 132.12
C UNK MF 7 -18.03 50.32 132.22
N UNK MF 8 -17.54 51.45 132.70
CA UNK MF 8 -16.11 51.67 132.88
C UNK MF 8 -15.90 52.16 134.31
N UNK MF 9 -15.74 51.20 135.23
CA UNK MF 9 -15.54 51.41 136.68
C UNK MF 9 -16.59 52.29 137.33
N MET NF 23 -35.97 63.61 117.20
CA MET NF 23 -36.53 62.31 116.86
C MET NF 23 -35.78 61.69 115.69
N LYS NF 24 -34.74 62.37 115.23
CA LYS NF 24 -33.88 61.80 114.21
C LYS NF 24 -32.98 60.74 114.83
N PHE NF 25 -32.34 59.96 113.97
CA PHE NF 25 -31.46 58.90 114.43
C PHE NF 25 -30.18 58.92 113.60
N LYS NF 26 -29.05 59.13 114.26
CA LYS NF 26 -27.76 59.26 113.60
C LYS NF 26 -26.73 58.41 114.31
N LYS NF 27 -25.85 57.82 113.53
CA LYS NF 27 -24.63 57.21 113.99
C LYS NF 27 -23.46 58.14 113.72
N PRO NF 28 -22.45 58.18 114.59
CA PRO NF 28 -21.53 59.34 114.64
C PRO NF 28 -20.68 59.55 113.40
N PRO NF 29 -19.81 58.60 112.96
CA PRO NF 29 -18.75 59.04 112.04
C PRO NF 29 -19.23 59.19 110.61
N ILE NF 30 -19.39 60.42 110.18
CA ILE NF 30 -19.88 60.76 108.85
C ILE NF 30 -18.79 61.53 108.14
N ASN NF 31 -18.49 61.15 106.90
CA ASN NF 31 -17.48 61.83 106.13
C ASN NF 31 -17.84 61.71 104.66
N ASN NF 32 -16.88 62.06 103.80
CA ASN NF 32 -17.06 61.99 102.36
C ASN NF 32 -17.21 60.52 101.93
N PRO NF 33 -17.97 60.26 100.86
CA PRO NF 33 -18.17 58.87 100.43
C PRO NF 33 -16.89 58.24 99.91
N SER NF 34 -16.81 56.93 100.06
CA SER NF 34 -15.58 56.20 99.81
C SER NF 34 -15.56 55.64 98.40
N ASP NF 35 -14.39 55.21 97.96
CA ASP NF 35 -14.23 54.55 96.68
C ASP NF 35 -13.68 53.15 96.88
N ASP NF 36 -14.24 52.21 96.12
CA ASP NF 36 -14.00 50.79 96.27
C ASP NF 36 -12.55 50.40 96.01
N ALA NF 37 -11.89 51.08 95.06
CA ALA NF 37 -10.49 50.77 94.81
C ALA NF 37 -9.64 51.14 96.01
N THR NF 38 -9.94 52.28 96.63
CA THR NF 38 -9.26 52.69 97.85
C THR NF 38 -9.54 51.70 98.97
N ILE NF 39 -10.78 51.19 99.02
CA ILE NF 39 -11.18 50.19 100.01
C ILE NF 39 -10.32 48.94 99.86
N LYS NF 40 -10.17 48.45 98.64
CA LYS NF 40 -9.46 47.19 98.43
C LYS NF 40 -7.96 47.37 98.64
N LEU NF 41 -7.44 48.56 98.35
CA LEU NF 41 -6.05 48.87 98.68
C LEU NF 41 -5.84 48.81 100.19
N ALA NF 42 -6.76 49.38 100.95
CA ALA NF 42 -6.65 49.36 102.41
C ALA NF 42 -6.76 47.93 102.95
N GLU NF 43 -7.64 47.15 102.32
CA GLU NF 43 -7.84 45.76 102.75
C GLU NF 43 -6.58 44.93 102.53
N ALA NF 44 -5.86 45.20 101.44
CA ALA NF 44 -4.56 44.57 101.27
C ALA NF 44 -3.56 45.07 102.31
N ALA NF 45 -3.55 46.38 102.53
CA ALA NF 45 -2.50 47.02 103.32
C ALA NF 45 -2.55 46.61 104.78
N VAL NF 46 -3.75 46.33 105.30
CA VAL NF 46 -3.87 45.88 106.68
C VAL NF 46 -3.17 44.54 106.88
N SER NF 47 -3.39 43.61 105.95
CA SER NF 47 -2.76 42.31 106.02
C SER NF 47 -1.25 42.41 105.87
N VAL NF 48 -0.80 43.29 104.97
CA VAL NF 48 0.64 43.48 104.78
C VAL NF 48 1.28 44.05 106.04
N SER NF 49 0.60 44.99 106.69
CA SER NF 49 1.10 45.57 107.94
C SER NF 49 1.16 44.54 109.05
N ASP NF 50 0.17 43.65 109.10
CA ASP NF 50 0.18 42.57 110.10
C ASP NF 50 1.36 41.65 109.90
N SER NF 51 1.65 41.28 108.65
CA SER NF 51 2.79 40.42 108.37
C SER NF 51 4.10 41.09 108.74
N MET NF 52 4.21 42.40 108.48
CA MET NF 52 5.42 43.13 108.85
C MET NF 52 5.60 43.17 110.36
N LEU NF 53 4.49 43.34 111.10
CA LEU NF 53 4.56 43.39 112.55
C LEU NF 53 5.05 42.06 113.13
N GLU NF 54 4.50 40.95 112.65
CA GLU NF 54 4.91 39.68 113.23
C GLU NF 54 6.32 39.31 112.82
N MET NF 55 6.75 39.68 111.62
CA MET NF 55 8.13 39.44 111.23
C MET NF 55 9.10 40.23 112.09
N ALA NF 56 8.74 41.48 112.39
CA ALA NF 56 9.57 42.30 113.27
C ALA NF 56 9.67 41.71 114.66
N LYS NF 57 8.54 41.19 115.19
CA LYS NF 57 8.55 40.58 116.51
C LYS NF 57 9.45 39.36 116.55
N VAL NF 58 9.35 38.50 115.52
CA VAL NF 58 10.16 37.29 115.46
C VAL NF 58 11.63 37.62 115.37
N GLU NF 59 11.98 38.61 114.54
CA GLU NF 59 13.37 39.03 114.39
C GLU NF 59 13.93 39.58 115.69
N LYS NF 60 13.15 40.44 116.36
CA LYS NF 60 13.60 41.08 117.59
C LYS NF 60 13.81 40.05 118.69
N VAL NF 61 12.94 39.04 118.77
CA VAL NF 61 13.12 38.08 119.84
C VAL NF 61 14.22 37.08 119.52
N ILE NF 62 14.49 36.79 118.25
CA ILE NF 62 15.54 35.80 118.01
C ILE NF 62 16.92 36.44 118.10
N THR NF 63 17.04 37.72 117.80
CA THR NF 63 18.33 38.40 117.97
C THR NF 63 18.13 39.65 118.81
N PRO NF 64 18.66 39.67 120.03
CA PRO NF 64 18.55 40.87 120.85
C PRO NF 64 19.45 41.97 120.32
N PRO NF 65 19.11 43.23 120.56
CA PRO NF 65 20.03 44.32 120.22
C PRO NF 65 21.21 44.34 121.17
N SER NF 66 22.29 44.95 120.71
CA SER NF 66 23.50 45.07 121.53
C SER NF 66 23.81 46.51 121.87
N LYS NF 67 23.96 47.37 120.87
CA LYS NF 67 24.39 48.74 121.08
C LYS NF 67 23.31 49.69 120.56
N ASP NF 68 23.65 50.96 120.59
CA ASP NF 68 22.82 52.01 120.01
C ASP NF 68 23.73 52.96 119.25
N ASN NF 69 23.18 53.61 118.24
CA ASN NF 69 23.95 54.58 117.48
C ASN NF 69 23.92 55.97 118.09
N THR NF 70 23.32 56.12 119.26
CA THR NF 70 23.44 57.37 120.01
C THR NF 70 24.88 57.59 120.48
N LEU NF 71 25.63 56.51 120.65
CA LEU NF 71 27.04 56.63 120.98
C LEU NF 71 27.82 57.30 119.86
N THR NF 72 27.68 56.79 118.64
CA THR NF 72 28.42 57.40 117.54
C THR NF 72 27.80 58.70 117.08
N ILE NF 73 26.52 58.92 117.35
CA ILE NF 73 25.87 60.18 117.03
C ILE NF 73 25.35 60.77 118.33
N PRO NF 74 26.16 61.48 119.09
CA PRO NF 74 25.64 62.22 120.24
C PRO NF 74 25.08 63.55 119.79
N ASN NF 75 24.12 64.05 120.55
CA ASN NF 75 23.61 65.37 120.27
C ASN NF 75 24.64 66.42 120.66
N ALA NF 76 24.42 67.63 120.17
CA ALA NF 76 25.27 68.75 120.53
C ALA NF 76 24.45 70.02 120.46
N TYR NF 77 25.00 71.08 121.06
CA TYR NF 77 24.39 72.38 120.91
C TYR NF 77 24.51 72.85 119.47
N ASN NF 78 23.55 73.67 119.05
CA ASN NF 78 23.28 74.20 117.71
C ASN NF 78 22.86 73.12 116.74
N LEU NF 79 22.74 71.87 117.16
CA LEU NF 79 22.15 70.83 116.34
C LEU NF 79 20.65 70.70 116.59
N GLN NF 80 20.08 71.56 117.42
CA GLN NF 80 18.73 71.37 117.91
C GLN NF 80 17.68 72.15 117.14
N ALA NF 81 18.05 72.83 116.06
CA ALA NF 81 17.06 73.41 115.17
C ALA NF 81 16.28 72.29 114.50
N ARG NF 82 15.00 72.52 114.24
CA ARG NF 82 14.13 71.41 113.93
C ARG NF 82 13.74 71.41 112.46
N ALA NF 83 13.15 70.30 112.02
CA ALA NF 83 13.03 70.04 110.60
C ALA NF 83 11.71 69.35 110.25
N SER NF 84 11.29 69.55 109.01
CA SER NF 84 10.21 68.78 108.41
C SER NF 84 10.64 68.42 106.99
N VAL NF 85 10.45 67.17 106.60
CA VAL NF 85 11.22 66.59 105.50
C VAL NF 85 10.35 65.65 104.67
N ASP NF 86 10.37 65.84 103.35
CA ASP NF 86 9.88 64.86 102.40
C ASP NF 86 10.91 64.72 101.28
N TRP NF 87 11.57 63.57 101.21
CA TRP NF 87 12.72 63.41 100.32
C TRP NF 87 12.83 61.96 99.93
N SER NF 88 13.16 61.71 98.66
CA SER NF 88 13.32 60.34 98.17
C SER NF 88 14.47 60.24 97.18
N GLY NF 89 15.60 60.84 97.50
CA GLY NF 89 16.71 60.85 96.56
C GLY NF 89 17.99 60.21 97.07
N PRO NF 90 19.09 60.44 96.36
CA PRO NF 90 20.40 60.03 96.87
C PRO NF 90 20.80 60.89 98.06
N ILE NF 91 21.65 60.32 98.90
CA ILE NF 91 21.84 60.88 100.24
C ILE NF 91 22.73 62.11 100.28
N GLU NF 92 23.52 62.34 99.23
CA GLU NF 92 24.63 63.29 99.33
C GLU NF 92 24.14 64.71 99.44
N GLU NF 93 23.22 65.09 98.56
CA GLU NF 93 22.71 66.46 98.57
C GLU NF 93 21.89 66.72 99.82
N LEU NF 94 21.15 65.72 100.28
CA LEU NF 94 20.34 65.87 101.49
C LEU NF 94 21.22 66.08 102.72
N THR NF 95 22.30 65.30 102.84
CA THR NF 95 23.22 65.51 103.93
C THR NF 95 23.98 66.82 103.81
N ALA NF 96 24.23 67.27 102.57
CA ALA NF 96 24.87 68.56 102.37
C ALA NF 96 23.96 69.69 102.83
N ARG NF 97 22.65 69.57 102.57
CA ARG NF 97 21.70 70.54 103.08
C ARG NF 97 21.69 70.55 104.61
N ILE NF 98 21.78 69.36 105.20
CA ILE NF 98 21.83 69.26 106.67
C ILE NF 98 23.08 69.92 107.20
N ALA NF 99 24.21 69.74 106.51
CA ALA NF 99 25.46 70.37 106.93
C ALA NF 99 25.39 71.88 106.81
N LYS NF 100 24.76 72.39 105.74
CA LYS NF 100 24.61 73.82 105.55
C LYS NF 100 23.71 74.42 106.63
N ALA NF 101 22.71 73.67 107.08
CA ALA NF 101 21.94 74.12 108.23
C ALA NF 101 22.77 74.09 109.50
N ALA NF 102 23.61 73.07 109.66
CA ALA NF 102 24.29 72.86 110.92
C ALA NF 102 25.54 73.70 111.09
N HIS NF 103 25.99 74.38 110.03
CA HIS NF 103 27.27 75.10 109.99
C HIS NF 103 28.44 74.17 110.31
N PHE NF 104 28.36 72.95 109.81
CA PHE NF 104 29.39 71.95 110.06
C PHE NF 104 30.04 71.56 108.75
N ARG NF 105 31.31 71.20 108.83
CA ARG NF 105 32.02 70.78 107.65
C ARG NF 105 31.61 69.37 107.24
N PHE NF 106 31.75 69.10 105.95
CA PHE NF 106 31.21 67.92 105.31
C PHE NF 106 32.35 67.05 104.81
N ARG NF 107 32.33 65.77 105.15
CA ARG NF 107 33.43 64.91 104.75
C ARG NF 107 32.90 63.54 104.35
N VAL NF 108 33.44 63.02 103.25
CA VAL NF 108 33.00 61.77 102.68
C VAL NF 108 34.20 60.86 102.53
N LEU NF 109 34.02 59.59 102.84
CA LEU NF 109 35.11 58.63 102.82
C LEU NF 109 34.77 57.46 101.91
N GLY NF 110 35.69 57.15 101.00
CA GLY NF 110 35.53 56.04 100.10
C GLY NF 110 34.91 56.46 98.78
N LYS NF 111 35.17 55.65 97.76
CA LYS NF 111 34.55 55.83 96.47
C LYS NF 111 33.06 55.49 96.55
N SER NF 112 32.21 56.36 96.03
CA SER NF 112 30.80 56.05 95.95
C SER NF 112 30.58 54.95 94.92
N PRO NF 113 29.90 53.87 95.28
CA PRO NF 113 29.60 52.83 94.30
C PRO NF 113 28.56 53.32 93.30
N SER NF 114 28.51 52.61 92.16
CA SER NF 114 27.72 53.06 91.04
C SER NF 114 26.23 53.02 91.33
N VAL NF 115 25.78 51.98 92.02
CA VAL NF 115 24.36 51.90 92.36
C VAL NF 115 24.10 52.91 93.47
N PRO NF 116 23.18 53.84 93.26
CA PRO NF 116 22.96 54.89 94.26
C PRO NF 116 22.22 54.36 95.46
N VAL NF 117 22.33 55.10 96.55
CA VAL NF 117 21.68 54.77 97.81
C VAL NF 117 20.48 55.70 98.00
N LEU NF 118 19.29 55.13 98.10
CA LEU NF 118 18.07 55.91 98.03
C LEU NF 118 17.27 55.73 99.31
N ILE NF 119 16.88 56.85 99.92
CA ILE NF 119 16.22 56.87 101.22
C ILE NF 119 14.95 57.70 101.11
N SER NF 120 13.84 57.17 101.62
CA SER NF 120 12.59 57.91 101.72
C SER NF 120 12.34 58.29 103.18
N ILE NF 121 12.15 59.58 103.43
CA ILE NF 121 11.94 60.09 104.78
C ILE NF 121 10.70 60.97 104.77
N SER NF 122 9.78 60.72 105.70
CA SER NF 122 8.59 61.57 105.88
C SER NF 122 8.31 61.69 107.37
N THR NF 123 8.63 62.85 107.95
CA THR NF 123 8.46 63.08 109.38
C THR NF 123 8.33 64.57 109.64
N LYS NF 124 7.78 64.92 110.80
CA LYS NF 124 7.47 66.30 111.14
C LYS NF 124 8.04 66.68 112.49
N ASP NF 125 8.81 67.79 112.51
CA ASP NF 125 9.17 68.54 113.73
C ASP NF 125 9.94 67.68 114.74
N GLU NF 126 11.18 67.33 114.37
CA GLU NF 126 12.01 66.56 115.27
C GLU NF 126 13.43 67.10 115.36
N SER NF 127 14.32 66.33 115.97
CA SER NF 127 15.71 66.74 116.13
C SER NF 127 16.58 66.15 115.05
N LEU NF 128 17.63 66.90 114.71
CA LEU NF 128 18.53 66.48 113.66
C LEU NF 128 19.37 65.29 114.09
N ALA NF 129 19.61 65.13 115.39
CA ALA NF 129 20.35 63.97 115.87
C ALA NF 129 19.58 62.68 115.61
N GLU NF 130 18.29 62.68 115.96
CA GLU NF 130 17.46 61.52 115.65
C GLU NF 130 17.27 61.35 114.16
N ILE NF 131 17.25 62.47 113.41
CA ILE NF 131 17.16 62.41 111.96
C ILE NF 131 18.36 61.68 111.37
N LEU NF 132 19.55 62.05 111.84
CA LEU NF 132 20.77 61.40 111.38
C LEU NF 132 20.81 59.95 111.81
N ARG NF 133 20.26 59.65 112.98
CA ARG NF 133 20.22 58.27 113.45
C ARG NF 133 19.35 57.40 112.56
N ASP NF 134 18.15 57.89 112.20
CA ASP NF 134 17.30 57.07 111.35
C ASP NF 134 17.81 57.01 109.93
N ILE NF 135 18.50 58.07 109.49
CA ILE NF 135 19.17 58.03 108.19
C ILE NF 135 20.24 56.94 108.17
N ASP NF 136 21.02 56.86 109.25
CA ASP NF 136 22.06 55.84 109.31
C ASP NF 136 21.47 54.44 109.43
N TYR NF 137 20.35 54.31 110.13
CA TYR NF 137 19.68 53.02 110.17
C TYR NF 137 19.17 52.61 108.80
N GLN NF 138 18.57 53.54 108.07
CA GLN NF 138 18.03 53.19 106.75
C GLN NF 138 19.14 53.03 105.72
N ALA NF 139 20.35 53.51 106.02
CA ALA NF 139 21.49 53.16 105.19
C ALA NF 139 21.80 51.68 105.26
N GLY NF 140 21.48 51.04 106.38
CA GLY NF 140 21.61 49.60 106.48
C GLY NF 140 23.05 49.12 106.55
N LYS NF 141 23.49 48.47 105.49
CA LYS NF 141 24.84 47.92 105.43
C LYS NF 141 25.64 48.54 104.30
N LYS NF 142 25.36 49.79 103.98
CA LYS NF 142 26.06 50.45 102.89
C LYS NF 142 26.78 51.72 103.29
N ALA NF 143 26.36 52.38 104.35
CA ALA NF 143 27.02 53.63 104.74
C ALA NF 143 26.99 53.77 106.25
N SER NF 144 27.85 54.65 106.75
CA SER NF 144 27.86 54.93 108.17
C SER NF 144 28.07 56.42 108.40
N ILE NF 145 27.55 56.89 109.52
CA ILE NF 145 27.53 58.31 109.87
C ILE NF 145 28.31 58.51 111.17
N HIS NF 146 29.15 59.54 111.22
CA HIS NF 146 29.80 59.91 112.45
C HIS NF 146 29.83 61.43 112.57
N VAL NF 147 29.79 61.90 113.80
CA VAL NF 147 29.80 63.33 114.12
C VAL NF 147 30.90 63.61 115.12
N TYR NF 148 31.76 64.57 114.80
CA TYR NF 148 32.68 65.11 115.78
C TYR NF 148 32.21 66.51 116.15
N PRO NF 149 31.54 66.68 117.28
CA PRO NF 149 30.86 67.94 117.56
C PRO NF 149 31.81 69.06 117.94
N ASN NF 150 32.82 68.71 118.73
CA ASN NF 150 33.85 69.69 119.05
C ASN NF 150 34.65 70.08 117.82
N SER NF 151 34.82 69.15 116.89
CA SER NF 151 35.50 69.46 115.65
C SER NF 151 34.55 69.94 114.56
N GLN NF 152 33.24 69.91 114.81
CA GLN NF 152 32.19 70.40 113.90
C GLN NF 152 32.24 69.69 112.54
N VAL NF 153 32.36 68.38 112.59
CA VAL NF 153 32.65 67.56 111.43
C VAL NF 153 31.55 66.53 111.27
N VAL NF 154 30.94 66.47 110.09
CA VAL NF 154 30.01 65.42 109.72
C VAL NF 154 30.72 64.52 108.73
N GLU NF 155 31.12 63.34 109.19
CA GLU NF 155 31.94 62.43 108.40
C GLU NF 155 31.09 61.21 108.08
N LEU NF 156 30.79 61.02 106.80
CA LEU NF 156 30.09 59.83 106.38
C LEU NF 156 31.03 58.98 105.54
N ARG NF 157 30.85 57.67 105.64
CA ARG NF 157 31.72 56.75 104.94
C ARG NF 157 30.88 55.71 104.21
N TYR NF 158 31.38 55.27 103.07
CA TYR NF 158 30.72 54.19 102.38
C TYR NF 158 31.16 52.85 102.96
N ALA NF 159 30.60 51.77 102.43
CA ALA NF 159 30.96 50.44 102.87
C ALA NF 159 32.22 49.98 102.15
N LYS NF 160 33.16 49.44 102.92
CA LYS NF 160 34.29 48.74 102.34
C LYS NF 160 33.79 47.38 101.90
N ILE NF 161 33.31 47.33 100.66
CA ILE NF 161 32.71 46.12 100.09
C ILE NF 161 32.96 46.20 98.59
N TYR NF 162 32.65 45.10 97.89
CA TYR NF 162 32.73 44.94 96.44
C TYR NF 162 34.16 45.11 95.94
N ARG OF 207 28.44 -17.76 108.31
CA ARG OF 207 29.21 -18.62 107.42
C ARG OF 207 28.40 -18.97 106.17
N ILE OF 208 29.07 -19.06 105.03
CA ILE OF 208 28.43 -19.39 103.76
C ILE OF 208 29.04 -20.67 103.23
N ILE OF 209 28.17 -21.65 102.94
CA ILE OF 209 28.65 -22.93 102.44
C ILE OF 209 29.00 -22.82 100.97
N TYR OF 210 29.80 -23.76 100.50
CA TYR OF 210 30.21 -23.79 99.10
C TYR OF 210 30.20 -25.23 98.60
N TYR OF 211 29.46 -25.47 97.54
CA TYR OF 211 29.51 -26.74 96.84
C TYR OF 211 30.54 -26.64 95.73
N ILE OF 212 31.16 -27.77 95.40
CA ILE OF 212 32.12 -27.79 94.31
C ILE OF 212 31.34 -27.73 93.00
N GLN OF 213 31.55 -26.67 92.24
CA GLN OF 213 30.87 -26.53 90.96
C GLN OF 213 31.69 -27.14 89.83
N ALA OF 214 32.90 -26.62 89.61
CA ALA OF 214 33.80 -27.15 88.61
C ALA OF 214 35.15 -27.43 89.25
N VAL OF 215 35.72 -28.58 88.90
CA VAL OF 215 36.99 -29.02 89.46
C VAL OF 215 37.90 -29.44 88.32
N ILE OF 216 39.06 -28.80 88.24
CA ILE OF 216 40.12 -29.18 87.31
C ILE OF 216 41.38 -29.27 88.18
N PRO OF 217 42.47 -29.86 87.69
CA PRO OF 217 43.76 -29.65 88.36
C PRO OF 217 44.14 -28.17 88.35
N GLY OF 218 44.64 -27.71 89.49
CA GLY OF 218 45.01 -26.31 89.65
C GLY OF 218 43.89 -25.41 90.13
N ARG OF 219 42.93 -25.09 89.26
CA ARG OF 219 41.86 -24.18 89.63
C ARG OF 219 40.68 -24.93 90.22
N ALA OF 220 39.85 -24.22 90.98
CA ALA OF 220 38.66 -24.80 91.57
C ALA OF 220 37.53 -23.80 91.50
N TRP OF 221 36.29 -24.30 91.41
CA TRP OF 221 35.11 -23.47 91.35
C TRP OF 221 34.13 -23.85 92.46
N LEU OF 222 33.69 -22.85 93.20
CA LEU OF 222 32.73 -23.05 94.28
C LEU OF 222 31.55 -22.11 94.10
N ILE OF 223 30.39 -22.57 94.54
CA ILE OF 223 29.14 -21.82 94.46
C ILE OF 223 28.61 -21.62 95.87
N GLY OF 224 28.34 -20.37 96.22
CA GLY OF 224 27.95 -20.03 97.57
C GLY OF 224 26.49 -20.23 97.87
N SER OF 225 26.13 -19.92 99.12
CA SER OF 225 24.75 -20.05 99.58
C SER OF 225 23.85 -19.00 98.94
N ASN OF 226 24.34 -17.78 98.82
CA ASN OF 226 23.57 -16.70 98.22
C ASN OF 226 23.58 -16.76 96.70
N GLY OF 227 24.36 -17.66 96.11
CA GLY OF 227 24.58 -17.67 94.68
C GLY OF 227 25.91 -17.15 94.23
N SER OF 228 26.82 -16.88 95.17
CA SER OF 228 28.14 -16.35 94.82
C SER OF 228 29.02 -17.44 94.25
N THR OF 229 29.67 -17.14 93.13
CA THR OF 229 30.55 -18.06 92.44
C THR OF 229 31.98 -17.57 92.55
N LEU OF 230 32.92 -18.49 92.75
CA LEU OF 230 34.33 -18.10 92.82
C LEU OF 230 35.22 -19.21 92.29
N THR OF 231 36.14 -18.82 91.41
CA THR OF 231 37.27 -19.65 91.02
C THR OF 231 38.48 -19.27 91.85
N VAL OF 232 39.22 -20.27 92.30
CA VAL OF 232 40.36 -20.10 93.19
C VAL OF 232 41.55 -20.91 92.67
N ARG OF 233 42.73 -20.49 93.09
CA ARG OF 233 43.98 -21.20 92.83
C ARG OF 233 44.36 -22.01 94.06
N GLU OF 234 45.55 -22.61 94.03
CA GLU OF 234 45.95 -23.54 95.08
C GLU OF 234 46.22 -22.85 96.41
N GLY OF 235 47.00 -21.77 96.39
CA GLY OF 235 47.34 -21.12 97.63
C GLY OF 235 46.59 -19.83 97.87
N SER OF 236 45.58 -19.88 98.74
CA SER OF 236 44.80 -18.71 99.06
C SER OF 236 44.11 -18.92 100.41
N LYS OF 237 43.82 -17.81 101.07
CA LYS OF 237 43.11 -17.82 102.34
C LYS OF 237 41.61 -17.71 102.09
N ILE OF 238 40.87 -18.74 102.42
CA ILE OF 238 39.42 -18.78 102.21
C ILE OF 238 38.75 -18.17 103.43
N PRO OF 239 37.84 -17.20 103.26
CA PRO OF 239 37.13 -16.63 104.41
C PRO OF 239 36.20 -17.66 105.04
N GLY OF 240 36.31 -17.80 106.35
CA GLY OF 240 35.46 -18.69 107.11
C GLY OF 240 35.89 -20.14 107.12
N TYR OF 241 36.97 -20.49 106.42
CA TYR OF 241 37.44 -21.87 106.42
C TYR OF 241 38.92 -21.90 106.75
N GLY OF 242 39.62 -20.82 106.45
CA GLY OF 242 41.05 -20.75 106.69
C GLY OF 242 41.83 -20.63 105.41
N MET OF 243 42.57 -21.68 105.06
CA MET OF 243 43.48 -21.66 103.91
C MET OF 243 43.13 -22.82 102.99
N VAL OF 244 43.20 -22.58 101.68
CA VAL OF 244 43.13 -23.66 100.71
C VAL OF 244 44.43 -24.46 100.83
N LYS OF 245 44.35 -25.65 101.43
CA LYS OF 245 45.54 -26.42 101.73
C LYS OF 245 45.99 -27.27 100.54
N LEU OF 246 45.13 -28.17 100.07
CA LEU OF 246 45.42 -29.00 98.91
C LEU OF 246 44.17 -29.17 98.08
N ILE OF 247 44.33 -29.10 96.77
CA ILE OF 247 43.24 -29.29 95.82
C ILE OF 247 43.50 -30.61 95.08
N ASP OF 248 42.58 -31.54 95.21
CA ASP OF 248 42.67 -32.83 94.53
C ASP OF 248 41.58 -32.88 93.47
N SER OF 249 41.99 -33.01 92.21
CA SER OF 249 41.02 -33.17 91.14
C SER OF 249 40.35 -34.53 91.21
N LEU OF 250 41.09 -35.55 91.65
CA LEU OF 250 40.50 -36.85 91.88
C LEU OF 250 39.69 -36.83 93.16
N GLN OF 251 38.54 -37.52 93.14
CA GLN OF 251 37.59 -37.74 94.22
C GLN OF 251 36.91 -36.47 94.73
N GLY OF 252 37.21 -35.30 94.16
CA GLY OF 252 36.55 -34.05 94.52
C GLY OF 252 36.77 -33.61 95.95
N ARG OF 253 38.00 -33.72 96.45
CA ARG OF 253 38.30 -33.41 97.84
C ARG OF 253 39.26 -32.23 97.92
N ILE OF 254 38.91 -31.26 98.74
CA ILE OF 254 39.70 -30.04 98.93
C ILE OF 254 40.14 -30.00 100.38
N LEU OF 255 41.44 -29.88 100.60
CA LEU OF 255 41.96 -29.80 101.96
C LEU OF 255 41.94 -28.35 102.45
N THR OF 256 41.76 -28.20 103.76
CA THR OF 256 41.65 -26.90 104.39
C THR OF 256 42.58 -26.85 105.60
N SER OF 257 43.00 -25.64 105.96
CA SER OF 257 43.80 -25.45 107.18
C SER OF 257 43.02 -25.80 108.43
N SER OF 258 41.70 -25.61 108.40
CA SER OF 258 40.85 -26.13 109.46
C SER OF 258 40.65 -27.64 109.37
N GLY OF 259 41.01 -28.24 108.24
CA GLY OF 259 40.81 -29.66 108.02
C GLY OF 259 39.53 -30.00 107.29
N GLN OF 260 38.78 -29.01 106.83
CA GLN OF 260 37.50 -29.24 106.19
C GLN OF 260 37.68 -29.79 104.78
N VAL OF 261 36.69 -30.57 104.33
CA VAL OF 261 36.70 -31.20 103.02
C VAL OF 261 35.54 -30.64 102.23
N ILE OF 262 35.83 -29.82 101.23
CA ILE OF 262 34.80 -29.34 100.32
C ILE OF 262 34.49 -30.43 99.32
N LYS OF 263 33.21 -30.63 99.03
CA LYS OF 263 32.79 -31.72 98.15
C LYS OF 263 31.64 -31.26 97.28
N PHE OF 264 31.24 -32.14 96.36
CA PHE OF 264 30.01 -31.96 95.59
C PHE OF 264 28.80 -32.16 96.49
N SER OF 265 27.65 -31.72 96.00
CA SER OF 265 26.44 -31.82 96.81
C SER OF 265 25.94 -33.25 96.85
N GLN OF 266 25.15 -33.54 97.88
CA GLN OF 266 24.49 -34.84 97.97
C GLN OF 266 23.39 -34.94 96.92
N GLU OF 267 22.56 -33.91 96.81
CA GLU OF 267 21.48 -33.95 95.82
C GLU OF 267 21.98 -33.66 94.41
N ASP OF 268 23.16 -33.05 94.27
CA ASP OF 268 23.77 -32.80 92.97
C ASP OF 268 25.00 -33.68 92.88
N SER OF 269 24.81 -34.90 92.41
CA SER OF 269 25.89 -35.87 92.32
C SER OF 269 25.65 -36.88 91.20
N GLN PF 791 57.03 -72.32 77.58
CA GLN PF 791 56.69 -70.94 77.91
C GLN PF 791 56.53 -70.11 76.65
N GLN PF 792 56.35 -70.80 75.53
CA GLN PF 792 56.19 -70.17 74.22
C GLN PF 792 54.76 -69.74 73.94
N GLU PF 793 53.81 -70.11 74.79
CA GLU PF 793 52.42 -69.77 74.57
C GLU PF 793 52.10 -68.32 74.90
N ILE PF 794 53.04 -67.63 75.57
CA ILE PF 794 52.82 -66.24 76.01
C ILE PF 794 52.65 -65.33 74.81
N GLN PF 795 53.51 -65.50 73.80
CA GLN PF 795 53.52 -64.59 72.66
C GLN PF 795 52.28 -64.79 71.80
N GLN PF 796 51.83 -66.05 71.64
CA GLN PF 796 50.55 -66.30 71.01
C GLN PF 796 49.40 -65.80 71.85
N ARG PF 797 49.55 -65.88 73.18
CA ARG PF 797 48.57 -65.23 74.05
C ARG PF 797 48.65 -63.72 73.93
N THR PF 798 49.85 -63.16 73.76
CA THR PF 798 49.99 -61.71 73.71
C THR PF 798 49.48 -61.13 72.39
N SER PF 799 49.65 -61.86 71.29
CA SER PF 799 49.48 -61.30 69.96
C SER PF 799 48.03 -60.97 69.64
N ASP PF 800 47.12 -61.90 69.91
CA ASP PF 800 45.75 -61.74 69.44
C ASP PF 800 45.00 -60.70 70.26
N MET PF 801 45.21 -60.70 71.58
CA MET PF 801 44.44 -59.79 72.42
C MET PF 801 44.92 -58.35 72.29
N LEU PF 802 46.19 -58.16 71.94
CA LEU PF 802 46.66 -56.82 71.64
C LEU PF 802 46.00 -56.28 70.38
N THR PF 803 45.85 -57.13 69.38
CA THR PF 803 45.06 -56.75 68.21
C THR PF 803 43.60 -56.58 68.59
N ALA PF 804 43.12 -57.36 69.55
CA ALA PF 804 41.80 -57.11 70.10
C ALA PF 804 41.77 -55.82 70.90
N ALA PF 805 42.90 -55.50 71.56
CA ALA PF 805 42.96 -54.26 72.32
C ALA PF 805 42.99 -53.04 71.41
N THR PF 806 43.80 -53.10 70.35
CA THR PF 806 43.93 -51.95 69.46
C THR PF 806 42.67 -51.72 68.66
N GLN PF 807 41.92 -52.80 68.40
CA GLN PF 807 40.64 -52.63 67.72
C GLN PF 807 39.63 -51.96 68.62
N LEU PF 808 39.59 -52.37 69.89
CA LEU PF 808 38.52 -51.95 70.79
C LEU PF 808 38.63 -50.49 71.16
N VAL PF 809 39.85 -49.99 71.29
CA VAL PF 809 40.05 -48.58 71.64
C VAL PF 809 39.63 -47.69 70.50
N GLN PF 810 39.76 -48.17 69.25
CA GLN PF 810 39.36 -47.41 68.08
C GLN PF 810 37.87 -47.16 68.06
N ASP PF 811 37.10 -48.16 68.50
CA ASP PF 811 35.66 -47.97 68.67
C ASP PF 811 35.37 -46.99 69.79
N TRP PF 812 36.23 -46.97 70.82
CA TRP PF 812 36.06 -46.02 71.90
C TRP PF 812 36.56 -44.62 71.55
N LYS PF 813 37.22 -44.45 70.41
CA LYS PF 813 37.46 -43.11 69.91
C LYS PF 813 36.38 -42.63 68.95
N GLN PF 814 35.38 -43.45 68.67
CA GLN PF 814 34.36 -43.09 67.69
C GLN PF 814 33.31 -42.20 68.33
N VAL PF 815 33.25 -40.95 67.88
CA VAL PF 815 32.27 -39.97 68.35
C VAL PF 815 31.69 -39.27 67.13
N GLU PF 816 30.37 -39.26 67.03
CA GLU PF 816 29.69 -38.65 65.90
C GLU PF 816 29.03 -37.35 66.31
N THR PF 817 28.67 -36.56 65.32
CA THR PF 817 28.08 -35.24 65.53
C THR PF 817 26.59 -35.37 65.81
N GLN PF 818 25.89 -34.26 65.75
CA GLN PF 818 24.46 -34.22 65.97
C GLN PF 818 23.75 -33.79 64.70
N VAL PF 819 22.42 -33.74 64.76
CA VAL PF 819 21.59 -33.37 63.63
C VAL PF 819 20.49 -32.44 64.11
N TYR PF 820 20.40 -31.27 63.49
CA TYR PF 820 19.32 -30.33 63.77
C TYR PF 820 18.26 -30.51 62.70
N THR PF 821 17.18 -31.19 63.04
CA THR PF 821 16.11 -31.45 62.10
C THR PF 821 15.07 -30.33 62.20
N GLU PF 822 14.82 -29.69 61.07
CA GLU PF 822 13.90 -28.56 60.99
C GLU PF 822 12.79 -28.91 60.02
N GLY PF 823 11.56 -28.57 60.38
CA GLY PF 823 10.44 -28.78 59.49
C GLY PF 823 9.35 -27.74 59.70
N THR PF 824 8.57 -27.54 58.64
CA THR PF 824 7.42 -26.64 58.69
C THR PF 824 6.21 -27.31 58.09
N ALA QF 104 25.07 -105.09 56.30
CA ALA QF 104 25.33 -104.49 55.01
C ALA QF 104 24.68 -103.11 54.91
N GLU QF 105 24.07 -102.67 56.00
CA GLU QF 105 23.36 -101.40 56.01
C GLU QF 105 23.69 -100.50 57.20
N VAL QF 106 24.30 -101.02 58.27
CA VAL QF 106 24.66 -100.19 59.41
C VAL QF 106 25.81 -99.24 59.07
N ILE QF 107 26.56 -99.54 58.01
CA ILE QF 107 27.60 -98.64 57.53
C ILE QF 107 26.97 -97.34 57.00
N ASP QF 108 25.77 -97.44 56.43
CA ASP QF 108 25.04 -96.24 56.02
C ASP QF 108 24.57 -95.43 57.23
N LYS QF 109 24.24 -96.10 58.33
CA LYS QF 109 23.89 -95.39 59.56
C LYS QF 109 25.11 -94.68 60.14
N LYS QF 110 26.28 -95.31 60.04
CA LYS QF 110 27.53 -94.67 60.46
C LYS QF 110 27.82 -93.43 59.61
N ALA QF 111 27.62 -93.55 58.29
CA ALA QF 111 27.79 -92.40 57.40
C ALA QF 111 26.81 -91.30 57.73
N PHE QF 112 25.58 -91.65 58.10
CA PHE QF 112 24.58 -90.65 58.42
C PHE QF 112 24.87 -89.94 59.74
N LYS QF 113 25.38 -90.68 60.74
CA LYS QF 113 25.67 -90.02 62.01
C LYS QF 113 26.90 -89.12 61.91
N ASP QF 114 27.93 -89.55 61.17
CA ASP QF 114 29.03 -88.61 60.94
C ASP QF 114 28.62 -87.48 60.01
N MET QF 115 27.62 -87.71 59.16
CA MET QF 115 27.09 -86.67 58.31
C MET QF 115 26.43 -85.57 59.12
N THR QF 116 25.62 -85.94 60.11
CA THR QF 116 25.02 -84.95 61.00
C THR QF 116 26.11 -84.24 61.81
N ARG QF 117 27.12 -85.00 62.25
CA ARG QF 117 28.21 -84.45 63.04
C ARG QF 117 28.99 -83.39 62.26
N ASN QF 118 29.29 -83.66 61.00
CA ASN QF 118 30.03 -82.71 60.18
C ASN QF 118 29.14 -81.63 59.59
N LEU QF 119 27.83 -81.88 59.50
CA LEU QF 119 26.93 -80.85 59.01
C LEU QF 119 26.77 -79.75 60.05
N TYR QF 120 26.57 -80.12 61.31
CA TYR QF 120 26.47 -79.14 62.38
C TYR QF 120 27.52 -79.42 63.43
N PRO QF 121 28.69 -78.79 63.33
CA PRO QF 121 29.66 -78.83 64.44
C PRO QF 121 29.19 -78.08 65.67
N LEU QF 122 28.19 -77.20 65.53
CA LEU QF 122 27.67 -76.42 66.64
C LEU QF 122 26.39 -77.05 67.15
N ASN QF 123 26.31 -77.24 68.46
CA ASN QF 123 25.11 -77.72 69.11
C ASN QF 123 24.17 -76.55 69.40
N PRO QF 124 22.86 -76.80 69.50
CA PRO QF 124 21.93 -75.72 69.88
C PRO QF 124 22.21 -75.10 71.24
N GLU QF 125 22.61 -75.92 72.20
CA GLU QF 125 23.03 -75.40 73.50
C GLU QF 125 24.32 -74.60 73.37
N GLN QF 126 25.21 -74.99 72.44
CA GLN QF 126 26.39 -74.20 72.17
C GLN QF 126 26.03 -72.85 71.58
N VAL QF 127 25.00 -72.83 70.72
CA VAL QF 127 24.48 -71.58 70.17
C VAL QF 127 23.97 -70.70 71.27
N VAL QF 128 23.25 -71.30 72.22
CA VAL QF 128 22.70 -70.58 73.37
C VAL QF 128 23.82 -69.98 74.21
N LYS QF 129 24.84 -70.79 74.52
CA LYS QF 129 25.96 -70.33 75.35
C LYS QF 129 26.75 -69.24 74.66
N LEU QF 130 27.00 -69.39 73.36
CA LEU QF 130 27.76 -68.39 72.62
C LEU QF 130 27.00 -67.08 72.54
N LYS QF 131 25.69 -67.13 72.30
CA LYS QF 131 24.88 -65.91 72.25
C LYS QF 131 24.88 -65.21 73.59
N GLN QF 132 24.76 -65.98 74.68
CA GLN QF 132 24.76 -65.42 76.02
C GLN QF 132 26.08 -64.74 76.35
N ILE QF 133 27.20 -65.41 76.07
CA ILE QF 133 28.49 -64.82 76.43
C ILE QF 133 28.85 -63.70 75.47
N TYR QF 134 28.32 -63.71 74.25
CA TYR QF 134 28.57 -62.62 73.33
C TYR QF 134 27.83 -61.36 73.76
N GLU QF 135 26.58 -61.52 74.18
CA GLU QF 135 25.82 -60.39 74.71
C GLU QF 135 26.44 -59.86 75.99
N THR QF 136 26.97 -60.77 76.82
CA THR QF 136 27.69 -60.35 78.02
C THR QF 136 28.96 -59.59 77.67
N SER QF 137 29.68 -60.05 76.65
CA SER QF 137 30.91 -59.40 76.23
C SER QF 137 30.65 -58.00 75.69
N GLU QF 138 29.62 -57.84 74.86
CA GLU QF 138 29.36 -56.50 74.32
C GLU QF 138 28.76 -55.58 75.37
N TYR QF 139 28.06 -56.16 76.36
CA TYR QF 139 27.61 -55.34 77.49
C TYR QF 139 28.78 -54.84 78.31
N ALA QF 140 29.76 -55.71 78.57
CA ALA QF 140 30.95 -55.27 79.28
C ALA QF 140 31.77 -54.29 78.46
N LYS QF 141 31.73 -54.43 77.13
CA LYS QF 141 32.38 -53.48 76.24
C LYS QF 141 31.75 -52.10 76.33
N ALA QF 142 30.41 -52.05 76.30
CA ALA QF 142 29.73 -50.77 76.40
C ALA QF 142 29.76 -50.19 77.82
N ALA QF 143 29.93 -51.04 78.83
CA ALA QF 143 29.90 -50.58 80.21
C ALA QF 143 31.17 -49.82 80.55
N THR QF 144 31.01 -48.63 81.16
CA THR QF 144 32.14 -47.76 81.46
C THR QF 144 32.40 -47.71 82.95
N PRO QF 145 33.67 -47.75 83.37
CA PRO QF 145 33.99 -47.59 84.79
C PRO QF 145 33.74 -46.17 85.26
N GLY QF 146 33.48 -46.03 86.55
CA GLY QF 146 33.18 -44.74 87.14
C GLY QF 146 31.70 -44.40 87.06
N THR QF 147 31.30 -43.47 87.93
CA THR QF 147 29.90 -43.10 88.01
C THR QF 147 29.49 -42.19 86.86
N PRO QF 148 28.27 -42.34 86.33
CA PRO QF 148 27.79 -41.39 85.35
C PRO QF 148 27.33 -40.11 86.01
N PRO QF 149 27.43 -38.98 85.31
CA PRO QF 149 26.99 -37.71 85.89
C PRO QF 149 25.48 -37.63 86.02
N LYS QF 150 25.05 -36.81 86.96
CA LYS QF 150 23.62 -36.62 87.19
C LYS QF 150 23.05 -35.66 86.15
N PRO QF 151 21.92 -35.99 85.53
CA PRO QF 151 21.27 -35.04 84.62
C PRO QF 151 20.58 -33.90 85.36
N THR QF 152 21.10 -32.69 85.22
CA THR QF 152 20.66 -31.53 85.99
C THR QF 152 20.12 -30.45 85.08
N ALA QF 153 19.51 -29.45 85.71
CA ALA QF 153 19.06 -28.23 85.04
C ALA QF 153 19.46 -27.05 85.90
N THR QF 154 19.85 -25.95 85.27
CA THR QF 154 20.24 -24.76 86.02
C THR QF 154 19.55 -23.53 85.48
N SER QF 155 19.19 -22.63 86.38
CA SER QF 155 18.76 -21.28 86.05
C SER QF 155 19.66 -20.32 86.80
N GLN QF 156 20.51 -19.62 86.06
CA GLN QF 156 21.61 -18.86 86.64
C GLN QF 156 21.61 -17.45 86.08
N PHE QF 157 22.06 -16.50 86.90
CA PHE QF 157 22.08 -15.10 86.52
C PHE QF 157 23.46 -14.72 85.99
N VAL QF 158 23.47 -14.13 84.79
CA VAL QF 158 24.70 -13.61 84.21
C VAL QF 158 24.94 -12.20 84.72
N ASN QF 159 26.08 -11.98 85.36
CA ASN QF 159 26.47 -10.67 85.86
C ASN QF 159 27.47 -10.06 84.88
N LEU QF 160 27.14 -8.89 84.34
CA LEU QF 160 27.98 -8.23 83.35
C LEU QF 160 28.85 -7.15 83.96
N SER QF 161 29.19 -7.29 85.23
CA SER QF 161 30.01 -6.28 85.89
C SER QF 161 31.45 -6.33 85.36
N PRO QF 162 32.11 -5.18 85.25
CA PRO QF 162 33.46 -5.16 84.69
C PRO QF 162 34.56 -5.51 85.68
N GLY QF 163 34.21 -6.14 86.79
CA GLY QF 163 35.17 -6.68 87.71
C GLY QF 163 34.74 -8.04 88.22
N SER QF 164 33.66 -8.57 87.65
CA SER QF 164 33.06 -9.79 88.13
C SER QF 164 33.74 -11.01 87.52
N THR QF 165 33.12 -12.18 87.66
CA THR QF 165 33.64 -13.45 87.22
C THR QF 165 32.71 -14.08 86.18
N PRO QF 166 33.26 -14.62 85.10
CA PRO QF 166 32.41 -15.16 84.03
C PRO QF 166 31.81 -16.51 84.40
N PRO QF 167 30.60 -16.79 83.94
CA PRO QF 167 29.96 -18.06 84.28
C PRO QF 167 30.56 -19.26 83.56
N VAL QF 168 30.40 -20.41 84.21
CA VAL QF 168 31.01 -21.67 83.81
C VAL QF 168 29.90 -22.65 83.48
N ILE QF 169 30.10 -23.44 82.42
CA ILE QF 169 29.10 -24.39 81.94
C ILE QF 169 29.73 -25.77 81.92
N ARG QF 170 29.12 -26.69 82.65
CA ARG QF 170 29.58 -28.08 82.67
C ARG QF 170 29.03 -28.82 81.46
N LEU QF 171 29.85 -29.71 80.91
CA LEU QF 171 29.51 -30.41 79.69
C LEU QF 171 29.82 -31.90 79.80
N SER QF 172 29.13 -32.67 78.96
CA SER QF 172 29.34 -34.10 78.86
C SER QF 172 29.58 -34.45 77.40
N GLN QF 173 30.32 -35.54 77.18
CA GLN QF 173 30.74 -35.91 75.84
C GLN QF 173 29.58 -36.47 75.04
N GLY QF 174 29.37 -35.91 73.85
CA GLY QF 174 28.38 -36.39 72.93
C GLY QF 174 26.97 -35.89 73.18
N PHE QF 175 26.57 -35.73 74.43
CA PHE QF 175 25.22 -35.31 74.76
C PHE QF 175 25.09 -33.81 74.52
N VAL QF 176 24.06 -33.44 73.77
CA VAL QF 176 23.83 -32.04 73.43
C VAL QF 176 23.19 -31.35 74.62
N SER QF 177 23.80 -30.25 75.05
CA SER QF 177 23.26 -29.41 76.11
C SER QF 177 22.63 -28.18 75.49
N SER QF 178 21.52 -27.74 76.08
CA SER QF 178 20.74 -26.62 75.57
C SER QF 178 20.98 -25.39 76.44
N LEU QF 179 21.29 -24.27 75.79
CA LEU QF 179 21.45 -22.99 76.45
C LEU QF 179 20.37 -22.04 75.97
N VAL QF 180 19.68 -21.42 76.92
CA VAL QF 180 18.61 -20.49 76.63
C VAL QF 180 18.87 -19.22 77.42
N PHE QF 181 18.82 -18.08 76.73
CA PHE QF 181 19.09 -16.77 77.32
C PHE QF 181 17.80 -15.98 77.42
N LEU QF 182 17.57 -15.36 78.59
CA LEU QF 182 16.39 -14.55 78.82
C LEU QF 182 16.80 -13.26 79.54
N ASP QF 183 16.04 -12.20 79.31
CA ASP QF 183 16.32 -10.92 79.94
C ASP QF 183 15.66 -10.88 81.32
N SER QF 184 15.69 -9.70 81.95
CA SER QF 184 15.11 -9.55 83.29
C SER QF 184 13.60 -9.74 83.28
N THR QF 185 12.94 -9.42 82.17
CA THR QF 185 11.50 -9.63 82.08
C THR QF 185 11.15 -11.08 81.79
N GLY QF 186 12.14 -11.94 81.55
CA GLY QF 186 11.91 -13.33 81.23
C GLY QF 186 11.77 -13.63 79.76
N ALA QF 187 11.72 -12.60 78.91
CA ALA QF 187 11.62 -12.83 77.48
C ALA QF 187 12.97 -13.29 76.93
N PRO QF 188 12.96 -14.19 75.96
CA PRO QF 188 14.23 -14.60 75.34
C PRO QF 188 14.86 -13.48 74.54
N TRP QF 189 16.19 -13.49 74.52
CA TRP QF 189 16.96 -12.45 73.85
C TRP QF 189 17.69 -13.04 72.67
N PRO QF 190 17.38 -12.63 71.44
CA PRO QF 190 18.06 -13.20 70.27
C PRO QF 190 19.52 -12.76 70.19
N ILE QF 191 20.26 -13.46 69.36
CA ILE QF 191 21.71 -13.38 69.31
C ILE QF 191 22.13 -12.78 67.97
N ALA QF 192 23.04 -11.81 68.01
CA ALA QF 192 23.59 -11.28 66.78
C ALA QF 192 24.65 -12.21 66.20
N ALA QF 193 25.65 -12.58 67.00
CA ALA QF 193 26.72 -13.43 66.51
C ALA QF 193 27.35 -14.17 67.68
N TYR QF 194 28.12 -15.21 67.37
CA TYR QF 194 28.82 -15.95 68.39
C TYR QF 194 30.11 -16.53 67.81
N ASP QF 195 31.06 -16.79 68.70
CA ASP QF 195 32.34 -17.37 68.33
C ASP QF 195 32.82 -18.29 69.44
N LEU QF 196 33.34 -19.45 69.01
CA LEU QF 196 33.71 -20.55 69.89
C LEU QF 196 35.20 -20.82 69.77
N GLY QF 197 35.89 -20.88 70.91
CA GLY QF 197 37.25 -21.35 70.91
C GLY QF 197 37.29 -22.86 70.79
N ASP QF 198 38.26 -23.36 70.03
CA ASP QF 198 38.42 -24.76 69.63
C ASP QF 198 37.16 -25.35 69.01
N PRO QF 199 36.87 -25.04 67.74
CA PRO QF 199 35.69 -25.62 67.08
C PRO QF 199 35.76 -27.14 66.91
N SER QF 200 36.93 -27.77 67.03
CA SER QF 200 37.00 -29.21 66.93
C SER QF 200 36.42 -29.92 68.13
N SER QF 201 36.27 -29.23 69.26
CA SER QF 201 35.71 -29.87 70.44
C SER QF 201 34.19 -29.74 70.52
N PHE QF 202 33.61 -28.70 69.93
CA PHE QF 202 32.20 -28.44 70.09
C PHE QF 202 31.59 -28.01 68.76
N ASN QF 203 30.37 -28.46 68.52
CA ASN QF 203 29.61 -28.07 67.35
C ASN QF 203 28.28 -27.48 67.80
N ILE QF 204 27.85 -26.42 67.15
CA ILE QF 204 26.68 -25.66 67.58
C ILE QF 204 25.67 -25.67 66.44
N GLN QF 205 24.47 -26.16 66.73
CA GLN QF 205 23.35 -26.02 65.82
C GLN QF 205 22.51 -24.85 66.33
N TRP QF 206 22.33 -23.85 65.49
CA TRP QF 206 21.63 -22.63 65.89
C TRP QF 206 21.02 -22.01 64.65
N ASP QF 207 19.70 -21.99 64.58
CA ASP QF 207 19.02 -21.30 63.50
C ASP QF 207 19.23 -19.80 63.63
N LYS QF 208 19.02 -19.09 62.52
CA LYS QF 208 19.51 -17.73 62.35
C LYS QF 208 18.87 -16.74 63.31
N THR QF 209 17.68 -17.03 63.82
CA THR QF 209 16.91 -16.06 64.59
C THR QF 209 16.73 -16.43 66.06
N SER QF 210 16.51 -17.70 66.38
CA SER QF 210 16.20 -18.07 67.76
C SER QF 210 17.46 -18.01 68.63
N ASN QF 211 17.23 -17.98 69.94
CA ASN QF 211 18.31 -17.85 70.90
C ASN QF 211 18.80 -19.18 71.45
N THR QF 212 18.20 -20.29 71.02
CA THR QF 212 18.55 -21.59 71.58
C THR QF 212 19.89 -22.06 71.03
N LEU QF 213 20.76 -22.51 71.94
CA LEU QF 213 22.11 -22.93 71.58
C LEU QF 213 22.29 -24.39 71.96
N MET QF 214 22.47 -25.23 70.95
CA MET QF 214 22.62 -26.67 71.15
C MET QF 214 24.09 -27.02 70.96
N ILE QF 215 24.74 -27.44 72.04
CA ILE QF 215 26.19 -27.64 72.04
C ILE QF 215 26.49 -29.09 72.35
N GLN QF 216 27.25 -29.73 71.48
CA GLN QF 216 27.66 -31.12 71.66
C GLN QF 216 29.18 -31.18 71.77
N ALA QF 217 29.67 -31.79 72.86
CA ALA QF 217 31.09 -31.89 73.09
C ALA QF 217 31.67 -33.08 72.35
N THR QF 218 32.89 -32.90 71.83
CA THR QF 218 33.60 -33.95 71.11
C THR QF 218 34.79 -34.50 71.86
N LYS QF 219 35.41 -33.72 72.74
CA LYS QF 219 36.62 -34.12 73.44
C LYS QF 219 36.37 -34.13 74.93
N LEU QF 220 37.01 -35.08 75.62
CA LEU QF 220 36.63 -35.40 76.98
C LEU QF 220 37.13 -34.38 78.00
N TYR QF 221 38.31 -33.81 77.79
CA TYR QF 221 38.89 -32.92 78.78
C TYR QF 221 39.34 -31.59 78.17
N ASN QF 222 38.98 -31.32 76.93
CA ASN QF 222 39.37 -30.10 76.26
C ASN QF 222 38.30 -29.06 76.50
N TYR QF 223 38.71 -27.92 77.05
CA TYR QF 223 37.79 -26.93 77.57
C TYR QF 223 37.97 -25.61 76.83
N GLY QF 224 36.88 -24.88 76.69
CA GLY QF 224 36.93 -23.71 75.83
C GLY QF 224 36.22 -22.48 76.34
N ASN QF 225 36.17 -21.45 75.51
CA ASN QF 225 35.57 -20.18 75.83
C ASN QF 225 34.64 -19.76 74.72
N LEU QF 226 33.68 -18.90 75.06
CA LEU QF 226 32.63 -18.51 74.13
C LEU QF 226 32.40 -17.02 74.24
N ALA QF 227 32.33 -16.35 73.09
CA ALA QF 227 32.00 -14.93 73.02
C ALA QF 227 30.73 -14.76 72.22
N VAL QF 228 29.78 -14.00 72.77
CA VAL QF 228 28.47 -13.84 72.15
C VAL QF 228 28.12 -12.36 72.11
N ARG QF 229 27.68 -11.88 70.95
CA ARG QF 229 27.11 -10.55 70.79
C ARG QF 229 25.62 -10.68 70.53
N LEU QF 230 24.83 -9.86 71.23
CA LEU QF 230 23.38 -9.92 71.18
C LEU QF 230 22.81 -8.80 70.30
N ARG QF 231 21.48 -8.72 70.26
CA ARG QF 231 20.81 -7.74 69.41
C ARG QF 231 20.90 -6.34 70.01
N GLY QF 232 20.31 -6.16 71.19
CA GLY QF 232 20.31 -4.85 71.82
C GLY QF 232 21.55 -4.54 72.63
N LEU QF 233 22.53 -5.41 72.62
CA LEU QF 233 23.73 -5.25 73.43
C LEU QF 233 24.82 -4.52 72.66
N ASN QF 234 25.73 -3.92 73.42
CA ASN QF 234 27.06 -3.55 72.94
C ASN QF 234 28.15 -4.37 73.60
N THR QF 235 28.07 -4.54 74.91
CA THR QF 235 29.07 -5.31 75.64
C THR QF 235 28.82 -6.80 75.41
N PRO QF 236 29.79 -7.54 74.90
CA PRO QF 236 29.58 -8.97 74.65
C PRO QF 236 29.60 -9.76 75.95
N VAL QF 237 29.16 -11.00 75.85
CA VAL QF 237 29.14 -11.91 77.00
C VAL QF 237 30.12 -13.03 76.74
N MET QF 238 30.94 -13.32 77.75
CA MET QF 238 31.98 -14.33 77.66
C MET QF 238 31.73 -15.41 78.69
N LEU QF 239 31.70 -16.65 78.23
CA LEU QF 239 31.41 -17.80 79.07
C LEU QF 239 32.51 -18.83 78.91
N THR QF 240 32.66 -19.71 79.90
CA THR QF 240 33.59 -20.80 79.74
C THR QF 240 32.86 -22.14 79.77
N LEU QF 241 33.38 -23.09 78.99
CA LEU QF 241 32.81 -24.43 78.88
C LEU QF 241 33.85 -25.43 79.35
N ILE QF 242 33.49 -26.26 80.31
CA ILE QF 242 34.37 -27.28 80.86
C ILE QF 242 33.67 -28.62 80.69
N PRO QF 243 34.30 -29.60 80.06
CA PRO QF 243 33.71 -30.93 80.00
C PRO QF 243 34.04 -31.75 81.23
N GLY QF 244 33.56 -32.99 81.27
CA GLY QF 244 34.01 -33.97 82.24
C GLY QF 244 33.71 -33.71 83.71
N GLN QF 245 32.48 -33.33 84.03
CA GLN QF 245 32.08 -33.11 85.40
C GLN QF 245 31.32 -34.31 85.94
N LYS QF 246 30.81 -34.17 87.16
CA LYS QF 246 30.03 -35.20 87.81
C LYS QF 246 28.53 -34.94 87.75
N ALA QF 247 28.10 -33.92 86.99
CA ALA QF 247 26.68 -33.62 86.81
C ALA QF 247 26.52 -32.84 85.51
N VAL QF 248 25.86 -33.46 84.53
CA VAL QF 248 25.73 -32.88 83.20
C VAL QF 248 24.50 -31.97 83.17
N ASP QF 249 24.68 -30.74 82.71
CA ASP QF 249 23.60 -29.77 82.62
C ASP QF 249 22.86 -29.99 81.30
N TYR QF 250 21.65 -30.55 81.37
CA TYR QF 250 20.81 -30.67 80.18
C TYR QF 250 20.39 -29.30 79.67
N ARG QF 251 20.00 -28.39 80.57
CA ARG QF 251 19.64 -27.05 80.14
C ARG QF 251 20.20 -26.03 81.12
N VAL QF 252 20.69 -24.93 80.57
CA VAL QF 252 21.09 -23.76 81.35
C VAL QF 252 20.28 -22.58 80.85
N ASP QF 253 19.43 -22.05 81.72
CA ASP QF 253 18.71 -20.82 81.45
C ASP QF 253 19.48 -19.67 82.09
N LEU QF 254 19.63 -18.59 81.35
CA LEU QF 254 20.50 -17.49 81.75
C LEU QF 254 19.68 -16.22 81.88
N ARG QF 255 19.42 -15.84 83.13
CA ARG QF 255 18.76 -14.58 83.42
C ARG QF 255 19.77 -13.45 83.31
N VAL QF 256 19.44 -12.42 82.54
CA VAL QF 256 20.33 -11.29 82.31
C VAL QF 256 19.71 -10.05 82.94
N GLN QF 257 20.54 -9.25 83.60
CA GLN QF 257 20.09 -7.98 84.19
C GLN QF 257 19.68 -6.96 83.14
N GLY QF 258 20.14 -7.12 81.90
CA GLY QF 258 19.70 -6.23 80.84
C GLY QF 258 18.26 -6.47 80.44
N TYR QF 259 17.71 -5.49 79.72
CA TYR QF 259 16.33 -5.55 79.23
C TYR QF 259 16.35 -5.83 77.74
N GLY QF 260 15.72 -6.91 77.33
CA GLY QF 260 15.79 -7.39 75.97
C GLY QF 260 14.87 -6.65 75.03
N PRO QF 261 14.64 -7.22 73.84
CA PRO QF 261 13.74 -6.57 72.89
C PRO QF 261 12.28 -6.62 73.31
N ASN QF 262 11.82 -7.74 73.88
CA ASN QF 262 10.47 -7.83 74.41
C ASN QF 262 10.55 -7.60 75.92
N ALA QF 263 11.00 -6.40 76.28
CA ALA QF 263 11.05 -5.99 77.66
C ALA QF 263 9.68 -5.47 78.09
N LYS QF 264 9.64 -4.87 79.28
CA LYS QF 264 8.41 -4.38 79.94
C LYS QF 264 7.37 -5.51 80.07
N SER QF 265 7.79 -6.55 80.77
CA SER QF 265 6.90 -7.63 81.16
C SER QF 265 6.96 -7.88 82.66
N MET QF 266 7.84 -7.18 83.37
CA MET QF 266 7.90 -7.28 84.82
C MET QF 266 6.68 -6.61 85.44
N PRO QF 267 6.28 -7.03 86.64
CA PRO QF 267 5.17 -6.36 87.33
C PRO QF 267 5.50 -4.92 87.72
N THR QF 268 4.45 -4.10 87.76
CA THR QF 268 4.62 -2.68 88.06
C THR QF 268 4.91 -2.48 89.55
N GLU QF 269 5.70 -1.45 89.84
CA GLU QF 269 6.08 -1.10 91.19
C GLU QF 269 4.91 -0.48 91.95
N GLU QF 270 5.12 -0.28 93.25
CA GLU QF 270 4.12 0.38 94.08
C GLU QF 270 4.00 1.85 93.73
N GLY QF 271 2.77 2.34 93.67
CA GLY QF 271 2.54 3.74 93.37
C GLY QF 271 2.54 4.62 94.60
N ILE QF 272 3.52 5.50 94.69
CA ILE QF 272 3.49 6.55 95.72
C ILE QF 272 2.40 7.56 95.36
N PRO QF 273 1.49 7.88 96.26
CA PRO QF 273 0.45 8.86 95.97
C PRO QF 273 1.05 10.24 95.77
N PRO QF 274 0.58 10.98 94.77
CA PRO QF 274 1.18 12.28 94.46
C PRO QF 274 0.78 13.33 95.47
N SER QF 275 1.56 14.40 95.49
CA SER QF 275 1.32 15.50 96.42
C SER QF 275 0.18 16.38 95.91
N ALA QF 276 -0.05 17.47 96.63
CA ALA QF 276 -1.01 18.46 96.18
C ALA QF 276 -0.46 19.21 94.98
N ASN QF 277 -1.37 19.82 94.22
CA ASN QF 277 -0.93 20.63 93.10
C ASN QF 277 -0.27 21.90 93.59
N ASP QF 278 0.75 22.32 92.86
CA ASP QF 278 1.48 23.52 93.23
C ASP QF 278 0.72 24.80 92.89
N LEU QF 279 -0.38 24.69 92.15
CA LEU QF 279 -1.16 25.87 91.84
C LEU QF 279 -1.97 26.38 93.02
N LEU QF 280 -2.09 25.56 94.07
CA LEU QF 280 -2.86 25.95 95.24
C LEU QF 280 -2.25 27.14 95.95
N LEU QF 281 -0.94 27.30 95.89
CA LEU QF 281 -0.32 28.45 96.54
C LEU QF 281 -0.68 29.73 95.82
N HIS QF 282 -0.69 29.70 94.48
CA HIS QF 282 -1.13 30.85 93.72
C HIS QF 282 -2.60 31.15 93.97
N VAL QF 283 -3.40 30.10 94.12
CA VAL QF 283 -4.81 30.29 94.45
C VAL QF 283 -4.95 30.90 95.83
N LEU QF 284 -4.10 30.47 96.78
CA LEU QF 284 -4.15 30.99 98.14
C LEU QF 284 -3.80 32.46 98.18
N GLU QF 285 -2.84 32.86 97.36
CA GLU QF 285 -2.53 34.28 97.26
C GLU QF 285 -3.50 35.03 96.37
N GLY QF 286 -4.35 34.33 95.62
CA GLY QF 286 -5.30 34.99 94.77
C GLY QF 286 -4.85 35.25 93.36
N VAL QF 287 -3.60 34.98 93.03
CA VAL QF 287 -3.17 35.11 91.64
C VAL QF 287 -3.71 33.91 90.88
N PRO QF 288 -4.50 34.14 89.82
CA PRO QF 288 -5.03 33.01 89.05
C PRO QF 288 -3.92 32.31 88.30
N PRO QF 289 -4.08 31.01 88.01
CA PRO QF 289 -3.03 30.29 87.31
C PRO QF 289 -2.97 30.71 85.86
N PRO QF 290 -1.80 30.61 85.23
CA PRO QF 290 -1.68 31.02 83.82
C PRO QF 290 -2.46 30.11 82.89
N GLY QF 291 -2.89 30.69 81.79
CA GLY QF 291 -3.60 29.94 80.77
C GLY QF 291 -5.07 29.73 81.04
N SER QF 292 -5.60 30.25 82.14
CA SER QF 292 -6.98 30.00 82.50
C SER QF 292 -7.83 31.25 82.24
N ARG QF 293 -9.12 31.12 82.47
CA ARG QF 293 -10.07 32.21 82.25
C ARG QF 293 -11.01 32.29 83.44
N ARG QF 294 -11.62 33.46 83.60
CA ARG QF 294 -12.42 33.75 84.77
C ARG QF 294 -13.76 33.02 84.72
N LEU QF 295 -14.41 32.98 85.88
CA LEU QF 295 -15.77 32.50 86.04
C LEU QF 295 -16.59 33.60 86.70
N VAL QF 296 -17.88 33.35 86.88
CA VAL QF 296 -18.79 34.32 87.47
C VAL QF 296 -19.44 33.68 88.69
N VAL QF 297 -19.29 34.32 89.84
CA VAL QF 297 -19.74 33.79 91.12
C VAL QF 297 -20.72 34.76 91.74
N SER QF 298 -21.89 34.26 92.13
CA SER QF 298 -22.89 35.09 92.76
C SER QF 298 -23.40 34.41 94.02
N GLY QF 299 -23.93 35.21 94.94
CA GLY QF 299 -24.51 34.73 96.17
C GLY QF 299 -23.62 34.85 97.38
N GLY QF 300 -22.31 34.93 97.18
CA GLY QF 300 -21.39 35.06 98.28
C GLY QF 300 -20.15 35.81 97.82
N ASP QF 301 -19.12 35.77 98.65
CA ASP QF 301 -17.84 36.35 98.29
C ASP QF 301 -16.83 35.22 98.11
N ALA QF 302 -16.49 34.96 96.85
CA ALA QF 302 -15.56 33.89 96.51
C ALA QF 302 -14.98 34.20 95.15
N ARG QF 303 -13.90 33.51 94.82
CA ARG QF 303 -13.31 33.61 93.50
C ARG QF 303 -13.14 32.21 92.92
N ALA QF 304 -13.23 32.13 91.60
CA ALA QF 304 -13.21 30.83 90.94
C ALA QF 304 -12.57 30.95 89.58
N TRP QF 305 -11.91 29.87 89.15
CA TRP QF 305 -11.34 29.81 87.82
C TRP QF 305 -11.43 28.40 87.28
N LEU QF 306 -11.37 28.28 85.95
CA LEU QF 306 -11.45 27.00 85.26
C LEU QF 306 -10.20 26.85 84.41
N SER QF 307 -9.48 25.74 84.60
CA SER QF 307 -8.19 25.61 83.93
C SER QF 307 -8.13 24.47 82.92
N ASN QF 308 -8.31 23.24 83.37
CA ASN QF 308 -8.01 22.05 82.58
C ASN QF 308 -9.12 21.05 82.76
N GLU QF 309 -10.35 21.52 82.56
CA GLU QF 309 -11.59 20.85 82.93
C GLU QF 309 -11.64 20.58 84.43
N LYS QF 310 -11.02 21.46 85.21
CA LYS QF 310 -11.11 21.47 86.65
C LYS QF 310 -11.37 22.89 87.09
N MET QF 311 -12.21 23.07 88.09
CA MET QF 311 -12.47 24.37 88.65
C MET QF 311 -11.80 24.48 90.01
N TYR QF 312 -11.19 25.63 90.26
CA TYR QF 312 -10.50 25.92 91.49
C TYR QF 312 -11.20 27.11 92.13
N VAL QF 313 -11.50 27.00 93.42
CA VAL QF 313 -12.26 28.03 94.13
C VAL QF 313 -11.49 28.44 95.38
N ARG QF 314 -11.28 29.74 95.53
CA ARG QF 314 -10.72 30.34 96.73
C ARG QF 314 -11.78 31.15 97.45
N THR QF 315 -11.96 30.87 98.74
CA THR QF 315 -12.95 31.58 99.53
C THR QF 315 -12.54 31.52 100.99
N ASN QF 316 -13.45 31.87 101.89
CA ASN QF 316 -13.27 31.65 103.31
C ASN QF 316 -14.53 31.05 103.92
N LEU QF 317 -15.22 30.23 103.14
CA LEU QF 317 -16.41 29.53 103.57
C LEU QF 317 -16.21 28.04 103.30
N THR QF 318 -16.99 27.20 104.00
CA THR QF 318 -16.78 25.76 103.97
C THR QF 318 -17.74 25.10 103.01
N ILE QF 319 -17.21 24.37 102.06
CA ILE QF 319 -17.97 23.78 100.98
C ILE QF 319 -18.53 22.44 101.43
N LEU QF 320 -19.77 22.14 101.05
CA LEU QF 320 -20.44 20.94 101.50
C LEU QF 320 -20.72 19.92 100.40
N SER QF 321 -21.44 20.30 99.35
CA SER QF 321 -22.05 19.27 98.50
C SER QF 321 -21.11 18.50 97.57
N PRO QF 322 -20.47 19.12 96.57
CA PRO QF 322 -20.06 18.32 95.41
C PRO QF 322 -18.78 17.53 95.60
N GLY QF 323 -18.08 17.68 96.72
CA GLY QF 323 -16.79 17.07 96.90
C GLY QF 323 -15.68 17.84 96.20
N TRP QF 324 -14.45 17.53 96.59
CA TRP QF 324 -13.33 18.16 95.90
C TRP QF 324 -12.12 17.26 95.94
N LEU QF 325 -11.13 17.61 95.12
CA LEU QF 325 -9.94 16.81 94.93
C LEU QF 325 -8.74 17.33 95.70
N ALA QF 326 -8.56 18.64 95.79
CA ALA QF 326 -7.37 19.18 96.46
C ALA QF 326 -7.75 20.30 97.40
N SER QF 327 -7.07 20.35 98.56
CA SER QF 327 -7.38 21.31 99.59
C SER QF 327 -6.14 22.04 100.06
N MET QF 328 -6.31 23.32 100.39
CA MET QF 328 -5.23 24.07 101.00
C MET QF 328 -5.83 25.16 101.86
N THR QF 329 -5.11 25.51 102.92
CA THR QF 329 -5.57 26.52 103.85
C THR QF 329 -4.46 27.52 104.13
N SER QF 330 -4.82 28.79 104.23
CA SER QF 330 -3.86 29.83 104.50
C SER QF 330 -3.55 29.88 106.00
N ALA QF 331 -2.68 30.81 106.37
CA ALA QF 331 -2.39 31.00 107.78
C ALA QF 331 -3.40 31.92 108.46
N ASP QF 332 -4.38 32.43 107.71
CA ASP QF 332 -5.35 33.36 108.26
C ASP QF 332 -6.77 32.83 108.23
N GLY QF 333 -7.03 31.71 107.57
CA GLY QF 333 -8.35 31.14 107.52
C GLY QF 333 -8.97 31.04 106.15
N THR QF 334 -8.31 31.51 105.11
CA THR QF 334 -8.82 31.33 103.77
C THR QF 334 -8.63 29.90 103.32
N HIS QF 335 -9.62 29.38 102.61
CA HIS QF 335 -9.60 28.01 102.10
C HIS QF 335 -9.56 28.02 100.58
N ALA QF 336 -8.93 26.98 100.02
CA ALA QF 336 -8.83 26.82 98.58
C ALA QF 336 -9.09 25.37 98.21
N TYR QF 337 -9.91 25.14 97.20
CA TYR QF 337 -10.30 23.80 96.79
C TYR QF 337 -10.15 23.63 95.28
N GLU QF 338 -9.90 22.39 94.87
CA GLU QF 338 -9.84 22.00 93.47
C GLU QF 338 -10.74 20.81 93.24
N MET QF 339 -11.61 20.91 92.23
CA MET QF 339 -12.65 19.92 92.02
C MET QF 339 -13.08 19.92 90.56
N GLN QF 340 -14.04 19.06 90.24
CA GLN QF 340 -14.59 18.94 88.90
C GLN QF 340 -15.52 20.11 88.60
N LYS QF 341 -16.01 20.16 87.37
CA LYS QF 341 -16.98 21.17 86.99
C LYS QF 341 -18.29 20.94 87.71
N SER QF 342 -18.87 22.01 88.24
CA SER QF 342 -20.19 21.95 88.82
C SER QF 342 -20.74 23.37 88.82
N PRO QF 343 -22.01 23.57 88.59
CA PRO QF 343 -22.55 24.91 88.62
C PRO QF 343 -22.98 25.36 90.01
N VAL QF 344 -23.22 24.43 90.93
CA VAL QF 344 -23.81 24.80 92.20
C VAL QF 344 -22.95 24.27 93.35
N LEU QF 345 -23.05 24.95 94.49
CA LEU QF 345 -22.27 24.64 95.67
C LEU QF 345 -23.13 24.76 96.91
N LEU QF 346 -22.78 24.02 97.96
CA LEU QF 346 -23.43 24.11 99.25
C LEU QF 346 -22.42 24.57 100.28
N VAL QF 347 -22.80 25.56 101.09
CA VAL QF 347 -21.88 26.17 102.05
C VAL QF 347 -22.61 26.42 103.35
N SER QF 348 -21.99 26.04 104.46
CA SER QF 348 -22.40 26.50 105.78
C SER QF 348 -21.75 27.85 106.03
N TRP QF 349 -22.55 28.92 106.02
CA TRP QF 349 -21.98 30.25 106.16
C TRP QF 349 -21.68 30.56 107.62
N HIS QF 350 -22.71 30.72 108.43
CA HIS QF 350 -22.54 30.95 109.86
C HIS QF 350 -23.54 30.09 110.60
N GLY QF 351 -23.54 28.81 110.28
CA GLY QF 351 -24.54 27.89 110.77
C GLY QF 351 -25.74 27.77 109.87
N LYS QF 352 -25.83 28.59 108.83
CA LYS QF 352 -26.94 28.55 107.90
C LYS QF 352 -26.47 27.92 106.59
N VAL QF 353 -27.24 26.97 106.09
CA VAL QF 353 -26.95 26.38 104.80
C VAL QF 353 -27.28 27.39 103.70
N MET QF 354 -26.49 27.35 102.63
CA MET QF 354 -26.60 28.38 101.59
C MET QF 354 -26.09 27.82 100.28
N GLN QF 355 -26.76 28.20 99.19
CA GLN QF 355 -26.47 27.68 97.86
C GLN QF 355 -25.75 28.72 97.03
N LEU QF 356 -24.64 28.33 96.41
CA LEU QF 356 -23.81 29.23 95.61
C LEU QF 356 -23.91 28.87 94.15
N LYS QF 357 -24.22 29.85 93.31
CA LYS QF 357 -24.44 29.66 91.89
C LYS QF 357 -23.27 30.20 91.09
N VAL QF 358 -22.73 29.39 90.19
CA VAL QF 358 -21.63 29.77 89.31
C VAL QF 358 -22.10 29.62 87.88
N GLU QF 359 -22.01 30.69 87.11
CA GLU QF 359 -22.35 30.65 85.70
C GLU QF 359 -21.08 30.52 84.86
N GLY QF 360 -21.24 30.59 83.55
CA GLY QF 360 -20.08 30.62 82.67
C GLY QF 360 -19.36 29.31 82.50
N LEU QF 361 -20.03 28.18 82.70
CA LEU QF 361 -19.40 26.89 82.48
C LEU QF 361 -19.23 26.59 81.01
N VAL RF 38 2.49 67.84 72.49
CA VAL RF 38 2.62 69.27 72.70
C VAL RF 38 1.30 69.95 73.16
N PRO RF 39 0.11 69.57 72.65
CA PRO RF 39 -1.11 69.93 73.38
C PRO RF 39 -1.16 69.32 74.76
N LYS RF 40 -0.60 68.13 74.92
CA LYS RF 40 -0.48 67.52 76.24
C LYS RF 40 0.62 68.17 77.05
N LEU RF 41 1.55 68.87 76.41
CA LEU RF 41 2.57 69.60 77.12
C LEU RF 41 1.96 70.85 77.74
N PRO RF 42 2.11 71.08 79.04
CA PRO RF 42 1.66 72.34 79.62
C PRO RF 42 2.56 73.48 79.22
N CYS RF 43 1.99 74.68 79.12
CA CYS RF 43 2.78 75.87 78.81
C CYS RF 43 3.22 76.63 80.04
N ARG RF 44 2.62 76.36 81.19
CA ARG RF 44 3.03 77.01 82.43
C ARG RF 44 2.76 76.05 83.57
N VAL RF 45 3.44 76.26 84.69
CA VAL RF 45 3.14 75.48 85.88
C VAL RF 45 1.77 75.92 86.42
N ASP RF 46 1.06 74.99 87.05
CA ASP RF 46 -0.31 75.25 87.46
C ASP RF 46 -0.38 76.19 88.65
N GLY RF 47 -1.40 77.03 88.64
CA GLY RF 47 -1.55 78.05 89.66
C GLY RF 47 -0.48 79.11 89.59
N ALA RF 48 -0.16 79.60 88.39
CA ALA RF 48 0.85 80.62 88.23
C ALA RF 48 0.31 81.75 87.37
N CYS RF 49 0.40 82.97 87.88
CA CYS RF 49 0.01 84.16 87.13
C CYS RF 49 0.81 85.33 87.67
N ASP RF 50 1.69 85.85 86.84
CA ASP RF 50 2.70 86.81 87.28
C ASP RF 50 2.08 88.12 87.70
N ALA RF 51 0.99 88.51 87.04
CA ALA RF 51 0.26 89.71 87.42
C ALA RF 51 -0.31 89.57 88.83
N THR RF 52 -0.83 88.38 89.15
CA THR RF 52 -1.30 88.13 90.51
C THR RF 52 -0.16 88.16 91.50
N ILE RF 53 0.99 87.63 91.12
CA ILE RF 53 2.16 87.63 92.00
C ILE RF 53 2.59 89.05 92.32
N ILE RF 54 2.70 89.88 91.28
CA ILE RF 54 3.14 91.25 91.44
C ILE RF 54 2.13 92.06 92.24
N LYS RF 55 0.84 91.88 91.96
CA LYS RF 55 -0.14 92.68 92.66
C LYS RF 55 -0.29 92.25 94.11
N MET RF 56 -0.11 90.97 94.40
CA MET RF 56 -0.25 90.57 95.79
C MET RF 56 0.97 90.95 96.59
N MET RF 57 2.16 90.98 95.99
CA MET RF 57 3.29 91.44 96.78
C MET RF 57 3.28 92.96 96.94
N THR RF 58 2.74 93.68 95.96
CA THR RF 58 2.52 95.11 96.12
C THR RF 58 1.53 95.39 97.24
N ASP RF 59 0.46 94.60 97.28
CA ASP RF 59 -0.53 94.71 98.35
C ASP RF 59 0.07 94.39 99.70
N LEU RF 60 0.95 93.39 99.74
CA LEU RF 60 1.59 93.01 101.00
C LEU RF 60 2.50 94.10 101.53
N ASN RF 61 3.34 94.66 100.66
CA ASN RF 61 4.27 95.68 101.14
C ASN RF 61 3.55 96.97 101.48
N LYS RF 62 2.47 97.31 100.80
CA LYS RF 62 1.71 98.47 101.25
C LYS RF 62 0.84 98.14 102.45
N LYS RF 63 0.60 96.86 102.73
CA LYS RF 63 -0.08 96.50 103.97
C LYS RF 63 0.84 96.69 105.16
N GLY RF 64 2.09 96.22 105.05
CA GLY RF 64 3.02 96.42 106.14
C GLY RF 64 3.97 95.27 106.41
N ILE RF 65 3.68 94.11 105.84
CA ILE RF 65 4.59 92.97 105.93
C ILE RF 65 5.73 93.18 104.95
N LYS RF 66 6.97 93.05 105.43
CA LYS RF 66 8.13 93.39 104.63
C LYS RF 66 8.44 92.29 103.63
N VAL RF 67 8.64 92.66 102.36
CA VAL RF 67 8.96 91.73 101.29
C VAL RF 67 10.22 92.23 100.59
N ALA RF 68 11.21 91.36 100.41
CA ALA RF 68 12.44 91.78 99.78
C ALA RF 68 13.01 90.67 98.89
N SER RF 69 13.60 91.07 97.77
CA SER RF 69 14.17 90.15 96.80
C SER RF 69 15.48 90.70 96.26
N VAL RF 70 16.52 89.87 96.28
CA VAL RF 70 17.78 90.17 95.61
C VAL RF 70 18.24 88.92 94.88
N GLY RF 71 18.52 89.05 93.59
CA GLY RF 71 18.82 87.90 92.77
C GLY RF 71 17.61 87.00 92.68
N GLN RF 72 17.70 85.85 93.36
CA GLN RF 72 16.56 84.95 93.50
C GLN RF 72 16.40 84.51 94.94
N ASN RF 73 17.11 85.13 95.86
CA ASN RF 73 16.96 84.82 97.27
C ASN RF 73 15.94 85.77 97.87
N TYR RF 74 14.86 85.22 98.39
CA TYR RF 74 13.72 86.01 98.81
C TYR RF 74 13.57 85.94 100.31
N LEU RF 75 13.38 87.10 100.94
CA LEU RF 75 13.22 87.22 102.37
C LEU RF 75 11.92 87.94 102.68
N ILE RF 76 11.08 87.33 103.50
CA ILE RF 76 9.84 87.95 103.95
C ILE RF 76 9.89 88.09 105.47
N SER RF 77 9.54 89.28 105.95
CA SER RF 77 9.61 89.61 107.36
C SER RF 77 8.24 90.04 107.87
N ILE RF 78 7.93 89.60 109.09
CA ILE RF 78 6.65 89.91 109.73
C ILE RF 78 6.90 90.46 111.12
N PRO RF 79 6.30 91.60 111.46
CA PRO RF 79 6.34 92.07 112.84
C PRO RF 79 5.45 91.21 113.72
N ALA RF 80 6.01 90.83 114.87
CA ALA RF 80 5.38 89.84 115.74
C ALA RF 80 4.15 90.37 116.45
N SER RF 81 3.99 91.70 116.53
CA SER RF 81 2.87 92.26 117.27
C SER RF 81 1.56 92.05 116.54
N ALA RF 82 1.60 91.91 115.23
CA ALA RF 82 0.42 91.54 114.47
C ALA RF 82 0.21 90.04 114.42
N LEU RF 83 1.01 89.28 115.16
CA LEU RF 83 1.00 87.83 115.08
C LEU RF 83 0.66 87.17 116.40
N PHE RF 84 1.30 87.57 117.49
CA PHE RF 84 1.16 86.90 118.78
C PHE RF 84 0.58 87.87 119.80
N ALA RF 85 0.42 87.38 121.03
CA ALA RF 85 0.07 88.23 122.15
C ALA RF 85 1.37 88.71 122.80
N ASP RF 86 1.26 89.23 124.02
CA ASP RF 86 2.39 89.91 124.65
C ASP RF 86 3.45 88.94 125.13
N GLN RF 87 4.41 88.65 124.25
CA GLN RF 87 5.57 87.78 124.51
C GLN RF 87 5.12 86.38 124.91
N SER RF 88 4.36 85.76 124.02
CA SER RF 88 3.69 84.50 124.29
C SER RF 88 3.76 83.61 123.07
N PRO RF 89 3.75 82.30 123.26
CA PRO RF 89 3.55 81.37 122.14
C PRO RF 89 2.08 81.03 121.90
N ARG RF 90 1.24 82.05 121.83
CA ARG RF 90 -0.16 81.86 121.51
C ARG RF 90 -0.54 82.80 120.38
N LEU RF 91 -1.53 82.39 119.60
CA LEU RF 91 -1.87 83.10 118.37
C LEU RF 91 -3.18 83.85 118.52
N ASN RF 92 -3.19 85.08 118.03
CA ASN RF 92 -4.44 85.78 117.82
C ASN RF 92 -5.21 85.12 116.68
N TRP RF 93 -6.53 85.24 116.73
CA TRP RF 93 -7.35 84.52 115.78
C TRP RF 93 -7.26 85.12 114.37
N ALA RF 94 -7.20 86.45 114.26
CA ALA RF 94 -7.23 87.08 112.96
C ALA RF 94 -5.93 86.93 112.19
N SER RF 95 -4.88 86.44 112.83
CA SER RF 95 -3.60 86.25 112.15
C SER RF 95 -3.64 85.14 111.11
N TYR RF 96 -4.65 84.27 111.18
CA TYR RF 96 -4.76 83.18 110.22
C TYR RF 96 -5.01 83.68 108.81
N SER RF 97 -5.66 84.84 108.67
CA SER RF 97 -5.87 85.41 107.35
C SER RF 97 -4.55 85.79 106.69
N LEU RF 98 -3.67 86.45 107.46
CA LEU RF 98 -2.35 86.81 106.95
C LEU RF 98 -1.52 85.57 106.68
N LEU RF 99 -1.67 84.55 107.54
CA LEU RF 99 -0.97 83.28 107.32
C LEU RF 99 -1.42 82.63 106.02
N ASN RF 100 -2.72 82.67 105.73
CA ASN RF 100 -3.23 82.09 104.50
C ASN RF 100 -2.78 82.87 103.28
N GLU RF 101 -2.66 84.19 103.42
CA GLU RF 101 -2.15 84.98 102.30
C GLU RF 101 -0.69 84.66 102.02
N ILE RF 102 0.10 84.46 103.09
CA ILE RF 102 1.50 84.06 102.92
C ILE RF 102 1.58 82.68 102.27
N ALA RF 103 0.69 81.77 102.66
CA ALA RF 103 0.66 80.45 102.03
C ALA RF 103 0.28 80.53 100.56
N ALA RF 104 -0.66 81.41 100.23
CA ALA RF 104 -1.07 81.60 98.84
C ALA RF 104 0.09 82.16 98.02
N PHE RF 105 0.88 83.06 98.61
CA PHE RF 105 2.08 83.52 97.95
C PHE RF 105 3.09 82.39 97.77
N LEU RF 106 3.26 81.57 98.81
CA LEU RF 106 4.31 80.56 98.78
C LEU RF 106 3.99 79.42 97.84
N LYS RF 107 2.71 79.21 97.52
CA LYS RF 107 2.39 78.19 96.54
C LYS RF 107 2.77 78.58 95.12
N GLN RF 108 3.04 79.87 94.88
CA GLN RF 108 3.24 80.33 93.51
C GLN RF 108 4.58 79.92 92.93
N PHE RF 109 5.54 79.54 93.76
CA PHE RF 109 6.90 79.29 93.28
C PHE RF 109 7.26 77.82 93.46
N ARG RF 110 8.38 77.43 92.88
CA ARG RF 110 8.89 76.06 93.00
C ARG RF 110 10.24 76.10 93.70
N LYS RF 111 10.37 75.36 94.79
CA LYS RF 111 11.52 75.51 95.66
C LYS RF 111 11.84 74.20 96.35
N ILE RF 112 12.97 74.18 97.05
CA ILE RF 112 13.45 73.01 97.79
C ILE RF 112 13.30 73.20 99.28
N ALA RF 113 13.95 74.22 99.83
CA ALA RF 113 14.08 74.38 101.27
C ALA RF 113 13.61 75.76 101.69
N ILE RF 114 12.87 75.82 102.79
CA ILE RF 114 12.43 77.08 103.37
C ILE RF 114 12.98 77.18 104.78
N THR RF 115 13.60 78.30 105.09
CA THR RF 115 14.14 78.52 106.43
C THR RF 115 13.28 79.51 107.19
N VAL RF 116 12.97 79.17 108.43
CA VAL RF 116 12.11 79.96 109.31
C VAL RF 116 12.93 80.34 110.52
N THR RF 117 12.96 81.62 110.85
CA THR RF 117 13.72 82.07 112.00
C THR RF 117 12.92 83.08 112.80
N SER RF 118 13.02 82.99 114.12
CA SER RF 118 12.28 83.87 115.03
C SER RF 118 13.23 84.67 115.92
N TYR RF 119 13.08 86.00 115.92
CA TYR RF 119 13.90 86.87 116.75
C TYR RF 119 13.01 87.67 117.70
N SER RF 120 13.51 87.90 118.92
CA SER RF 120 12.68 88.54 119.93
C SER RF 120 13.36 89.70 120.65
N SER RF 121 12.69 90.24 121.66
CA SER RF 121 13.24 91.25 122.55
C SER RF 121 13.92 90.56 123.73
N LYS RF 122 14.31 91.34 124.73
CA LYS RF 122 14.97 90.82 125.92
C LYS RF 122 14.07 91.07 127.12
N TYR RF 123 13.53 90.00 127.71
CA TYR RF 123 12.52 90.18 128.75
C TYR RF 123 12.95 89.65 130.12
N VAL RF 124 13.29 88.36 130.24
CA VAL RF 124 13.65 87.83 131.55
C VAL RF 124 14.97 87.07 131.45
N SER RF 125 15.03 86.11 130.56
CA SER RF 125 16.20 85.25 130.44
C SER RF 125 16.50 85.00 128.98
N VAL RF 126 17.80 84.86 128.72
CA VAL RF 126 18.27 84.47 127.38
C VAL RF 126 17.71 83.11 127.01
N LYS RF 127 17.75 82.16 127.95
CA LYS RF 127 17.21 80.83 127.72
C LYS RF 127 15.70 80.88 127.50
N ARG RF 128 15.02 81.72 128.28
CA ARG RF 128 13.57 81.83 128.17
C ARG RF 128 13.15 82.38 126.81
N GLU RF 129 13.83 83.41 126.33
CA GLU RF 129 13.47 83.94 125.03
C GLU RF 129 13.91 83.03 123.90
N ARG RF 130 14.97 82.24 124.10
CA ARG RF 130 15.34 81.21 123.14
C ARG RF 130 14.23 80.18 122.98
N ALA RF 131 13.68 79.74 124.12
CA ALA RF 131 12.57 78.79 124.08
C ALA RF 131 11.33 79.39 123.44
N LEU RF 132 11.07 80.68 123.70
CA LEU RF 132 9.93 81.37 123.10
C LEU RF 132 10.05 81.41 121.58
N THR RF 133 11.22 81.82 121.09
CA THR RF 133 11.42 81.94 119.65
C THR RF 133 11.37 80.58 118.97
N LEU RF 134 11.91 79.55 119.64
CA LEU RF 134 11.84 78.19 119.12
C LEU RF 134 10.41 77.71 119.00
N ALA RF 135 9.58 78.01 120.01
CA ALA RF 135 8.19 77.58 119.97
C ALA RF 135 7.41 78.31 118.89
N ARG RF 136 7.66 79.61 118.72
CA ARG RF 136 6.96 80.38 117.69
C ARG RF 136 7.29 79.87 116.29
N SER RF 137 8.57 79.63 116.04
CA SER RF 137 8.99 79.11 114.75
C SER RF 137 8.44 77.71 114.52
N ARG RF 138 8.36 76.89 115.57
CA ARG RF 138 7.80 75.56 115.47
C ARG RF 138 6.33 75.60 115.06
N VAL RF 139 5.56 76.49 115.69
CA VAL RF 139 4.13 76.55 115.42
C VAL RF 139 3.88 77.02 113.99
N VAL RF 140 4.60 78.05 113.56
CA VAL RF 140 4.34 78.56 112.22
C VAL RF 140 4.82 77.58 111.15
N SER RF 141 5.88 76.81 111.43
CA SER RF 141 6.31 75.77 110.50
C SER RF 141 5.28 74.67 110.39
N GLU RF 142 4.69 74.29 111.53
CA GLU RF 142 3.69 73.23 111.54
C GLU RF 142 2.45 73.64 110.76
N TYR RF 143 1.99 74.88 110.94
CA TYR RF 143 0.81 75.31 110.22
C TYR RF 143 1.09 75.42 108.74
N LEU RF 144 2.30 75.84 108.38
CA LEU RF 144 2.61 75.89 106.95
C LEU RF 144 2.69 74.52 106.34
N TRP RF 145 3.13 73.52 107.09
CA TRP RF 145 3.12 72.17 106.54
C TRP RF 145 1.72 71.62 106.44
N SER RF 146 0.84 72.02 107.36
CA SER RF 146 -0.58 71.65 107.25
C SER RF 146 -1.20 72.27 106.03
N GLN RF 147 -0.78 73.48 105.70
CA GLN RF 147 -1.15 74.07 104.43
C GLN RF 147 -0.37 73.39 103.31
N GLY RF 148 -0.87 73.54 102.09
CA GLY RF 148 -0.28 72.83 100.97
C GLY RF 148 0.79 73.57 100.20
N VAL RF 149 1.97 73.78 100.78
CA VAL RF 149 3.07 74.41 100.08
C VAL RF 149 4.11 73.35 99.78
N ASP RF 150 4.49 73.23 98.51
CA ASP RF 150 5.35 72.15 98.05
C ASP RF 150 6.80 72.47 98.35
N SER RF 151 7.25 72.11 99.54
CA SER RF 151 8.65 72.22 99.90
C SER RF 151 9.13 70.86 100.39
N ARG RF 152 10.30 70.45 99.93
CA ARG RF 152 10.87 69.21 100.43
C ARG RF 152 11.41 69.40 101.83
N ILE RF 153 11.95 70.58 102.12
CA ILE RF 153 12.61 70.83 103.39
C ILE RF 153 12.03 72.09 104.00
N ILE RF 154 11.65 72.02 105.28
CA ILE RF 154 11.47 73.24 106.05
C ILE RF 154 12.31 73.14 107.31
N PHE RF 155 13.25 74.06 107.46
CA PHE RF 155 14.08 74.22 108.64
C PHE RF 155 13.49 75.32 109.52
N THR RF 156 13.50 75.10 110.83
CA THR RF 156 13.00 76.10 111.74
C THR RF 156 13.97 76.29 112.90
N GLN RF 157 14.19 77.55 113.26
CA GLN RF 157 14.90 77.89 114.47
C GLN RF 157 14.54 79.30 114.93
N GLY RF 158 14.74 79.53 116.22
CA GLY RF 158 14.61 80.85 116.78
C GLY RF 158 15.76 81.13 117.71
N LEU RF 159 16.06 82.41 117.88
CA LEU RF 159 17.26 82.82 118.59
C LEU RF 159 17.03 83.78 119.74
N GLY RF 160 16.03 84.64 119.70
CA GLY RF 160 15.80 85.55 120.79
C GLY RF 160 16.22 86.97 120.50
N SER RF 161 17.01 87.56 121.38
CA SER RF 161 17.51 88.92 121.24
C SER RF 161 19.01 88.94 121.18
N ASP RF 162 19.57 88.06 120.35
CA ASP RF 162 21.01 87.94 120.22
C ASP RF 162 21.55 88.64 118.98
N LYS RF 163 20.79 88.71 117.89
CA LYS RF 163 21.20 89.40 116.67
C LYS RF 163 20.15 90.46 116.37
N PRO RF 164 20.29 91.64 116.96
CA PRO RF 164 19.37 92.73 116.65
C PRO RF 164 19.64 93.28 115.26
N ILE RF 165 18.60 93.91 114.71
CA ILE RF 165 18.73 94.67 113.48
C ILE RF 165 18.38 96.13 113.68
N THR RF 166 18.08 96.55 114.90
CA THR RF 166 17.64 97.90 115.16
C THR RF 166 18.34 98.42 116.40
N SER RF 167 18.95 99.60 116.28
CA SER RF 167 19.56 100.22 117.45
C SER RF 167 18.50 100.78 118.39
N TYR RF 168 17.35 101.15 117.85
CA TYR RF 168 16.27 101.69 118.66
C TYR RF 168 15.66 100.56 119.47
N THR RF 169 16.02 100.47 120.75
CA THR RF 169 15.54 99.42 121.63
C THR RF 169 14.61 99.97 122.70
N LEU RF 170 13.76 100.92 122.33
CA LEU RF 170 12.94 101.62 123.30
C LEU RF 170 11.53 101.04 123.44
N GLY RF 171 10.97 100.49 122.37
CA GLY RF 171 9.68 99.86 122.47
C GLY RF 171 9.77 98.49 123.14
N GLY RF 172 8.60 97.96 123.47
CA GLY RF 172 8.54 96.65 124.11
C GLY RF 172 8.28 95.54 123.11
N ASP RF 173 7.11 94.92 123.20
CA ASP RF 173 6.69 93.97 122.17
C ASP RF 173 6.39 94.68 120.86
N ARG RF 174 6.03 95.96 120.92
CA ARG RF 174 5.78 96.76 119.74
C ARG RF 174 7.06 97.21 119.06
N SER RF 175 8.23 96.93 119.64
CA SER RF 175 9.48 97.28 119.00
C SER RF 175 9.68 96.49 117.72
N PRO RF 176 10.25 97.09 116.67
CA PRO RF 176 10.47 96.35 115.43
C PRO RF 176 11.58 95.33 115.52
N ASN RF 177 12.35 95.30 116.61
CA ASN RF 177 13.42 94.33 116.67
C ASN RF 177 12.94 92.92 116.96
N ALA RF 178 11.67 92.73 117.31
CA ALA RF 178 11.10 91.41 117.46
C ALA RF 178 10.25 91.09 116.25
N ARG RF 179 10.52 89.96 115.61
CA ARG RF 179 9.97 89.68 114.30
C ARG RF 179 10.18 88.21 113.95
N VAL RF 180 9.68 87.81 112.79
CA VAL RF 180 9.97 86.51 112.22
C VAL RF 180 10.28 86.67 110.74
N GLU RF 181 11.21 85.87 110.24
CA GLU RF 181 11.58 85.93 108.84
C GLU RF 181 11.58 84.54 108.22
N ILE RF 182 11.09 84.47 106.98
CA ILE RF 182 11.14 83.27 106.17
C ILE RF 182 11.99 83.57 104.95
N THR RF 183 12.81 82.61 104.58
CA THR RF 183 13.74 82.77 103.48
C THR RF 183 13.69 81.57 102.57
N PHE RF 184 13.83 81.82 101.27
CA PHE RF 184 14.04 80.72 100.33
C PHE RF 184 14.85 81.20 99.15
N ARG RF 185 15.18 80.25 98.28
CA ARG RF 185 15.87 80.50 97.03
C ARG RF 185 15.04 79.90 95.91
N ARG RF 186 14.78 80.67 94.88
CA ARG RF 186 13.94 80.20 93.80
C ARG RF 186 14.70 79.22 92.93
N ALA RF 187 14.09 78.07 92.66
CA ALA RF 187 14.78 76.96 92.02
C ALA RF 187 14.32 76.84 90.57
N VAL RF 188 15.14 77.37 89.66
CA VAL RF 188 15.08 77.09 88.23
C VAL RF 188 13.76 77.44 87.55
N CYS SF 42 -18.45 90.54 123.04
CA CYS SF 42 -19.04 89.59 122.11
C CYS SF 42 -18.67 88.16 122.48
N PHE SF 43 -17.80 87.56 121.66
CA PHE SF 43 -17.37 86.18 121.86
C PHE SF 43 -16.07 85.97 121.11
N HIS SF 44 -15.24 85.07 121.63
CA HIS SF 44 -14.02 84.71 120.95
C HIS SF 44 -14.04 83.23 120.58
N PRO SF 45 -13.86 82.88 119.31
CA PRO SF 45 -13.92 81.48 118.86
C PRO SF 45 -12.92 80.56 119.52
N PRO SF 46 -11.69 81.01 119.89
CA PRO SF 46 -10.92 80.00 120.66
C PRO SF 46 -11.33 79.89 122.12
N TYR SF 47 -12.46 79.20 122.33
CA TYR SF 47 -13.03 78.83 123.63
C TYR SF 47 -13.35 80.01 124.54
N ASN SF 48 -13.33 81.23 124.00
CA ASN SF 48 -13.67 82.48 124.69
C ASN SF 48 -12.85 82.66 125.97
N ASN SF 49 -11.57 82.28 125.89
CA ASN SF 49 -10.59 82.42 126.98
C ASN SF 49 -10.99 81.65 128.24
N PHE SF 50 -11.83 80.63 128.09
CA PHE SF 50 -12.33 79.79 129.19
C PHE SF 50 -13.00 80.62 130.28
N GLN SF 51 -13.69 81.62 129.88
CA GLN SF 51 -14.50 82.25 130.89
C GLN SF 51 -15.94 81.75 130.78
N PRO SF 52 -16.71 81.76 131.87
CA PRO SF 52 -18.13 81.43 131.77
C PRO SF 52 -18.88 82.43 130.92
N ASP SF 53 -19.31 81.97 129.75
CA ASP SF 53 -19.77 82.85 128.70
C ASP SF 53 -21.20 83.31 128.94
N ARG SF 54 -21.53 84.43 128.31
CA ARG SF 54 -22.88 85.00 128.36
C ARG SF 54 -23.39 85.16 126.94
N ARG SF 55 -24.55 84.61 126.67
CA ARG SF 55 -25.13 84.71 125.33
C ARG SF 55 -26.55 85.25 125.35
N ALA SF 56 -27.34 84.91 126.38
CA ALA SF 56 -28.73 85.32 126.44
C ALA SF 56 -28.89 86.81 126.60
N VAL SF 57 -27.93 87.47 127.24
CA VAL SF 57 -27.99 88.92 127.39
C VAL SF 57 -27.78 89.61 126.04
N LYS SF 58 -26.85 89.10 125.23
CA LYS SF 58 -26.70 89.64 123.88
C LYS SF 58 -27.91 89.33 123.02
N ARG SF 59 -28.53 88.16 123.24
CA ARG SF 59 -29.75 87.81 122.52
C ARG SF 59 -30.89 88.75 122.87
N VAL SF 60 -31.10 89.03 124.16
CA VAL SF 60 -32.21 89.92 124.52
C VAL SF 60 -31.91 91.36 124.14
N GLY SF 61 -30.62 91.75 124.10
CA GLY SF 61 -30.28 93.08 123.63
C GLY SF 61 -30.57 93.26 122.15
N VAL SF 62 -30.18 92.28 121.33
CA VAL SF 62 -30.48 92.40 119.90
C VAL SF 62 -31.95 92.14 119.60
N ASP SF 63 -32.68 91.49 120.50
CA ASP SF 63 -34.12 91.38 120.33
C ASP SF 63 -34.83 92.68 120.69
N THR SF 64 -34.32 93.41 121.69
CA THR SF 64 -34.83 94.75 121.94
C THR SF 64 -34.47 95.70 120.81
N GLY SF 65 -33.32 95.49 120.18
CA GLY SF 65 -33.00 96.21 118.97
C GLY SF 65 -33.83 95.70 117.80
N GLY SF 88 -37.85 93.07 121.97
CA GLY SF 88 -38.51 93.23 123.25
C GLY SF 88 -38.06 92.24 124.31
N GLY SF 89 -38.38 92.56 125.56
CA GLY SF 89 -37.98 91.71 126.67
C GLY SF 89 -38.66 90.35 126.66
N THR SF 90 -39.95 90.33 126.27
CA THR SF 90 -40.71 89.07 126.27
C THR SF 90 -40.21 88.13 125.17
N VAL SF 91 -40.04 88.64 123.95
CA VAL SF 91 -39.56 87.82 122.85
C VAL SF 91 -38.11 87.39 123.11
N GLY SF 92 -37.31 88.27 123.71
CA GLY SF 92 -35.95 87.89 124.08
C GLY SF 92 -35.90 86.80 125.12
N LEU SF 93 -36.77 86.88 126.13
CA LEU SF 93 -36.77 85.87 127.18
C LEU SF 93 -37.28 84.53 126.68
N VAL SF 94 -38.31 84.53 125.82
CA VAL SF 94 -38.79 83.26 125.32
C VAL SF 94 -37.79 82.67 124.33
N ALA SF 95 -37.04 83.51 123.60
CA ALA SF 95 -35.99 82.99 122.73
C ALA SF 95 -34.84 82.40 123.55
N SER SF 96 -34.51 83.04 124.68
CA SER SF 96 -33.44 82.53 125.53
C SER SF 96 -33.82 81.19 126.16
N ILE SF 97 -35.05 81.09 126.68
CA ILE SF 97 -35.43 79.81 127.27
C ILE SF 97 -35.73 78.77 126.20
N TYR SF 98 -35.98 79.20 124.96
CA TYR SF 98 -36.11 78.25 123.86
C TYR SF 98 -34.75 77.67 123.48
N ARG SF 99 -33.75 78.53 123.36
CA ARG SF 99 -32.43 78.10 122.88
C ARG SF 99 -31.51 77.63 124.00
N ASP SF 100 -31.89 77.78 125.26
CA ASP SF 100 -31.10 77.26 126.36
C ASP SF 100 -31.78 76.09 127.05
N SER SF 101 -32.85 75.56 126.47
CA SER SF 101 -33.45 74.35 126.98
C SER SF 101 -32.54 73.17 126.71
N LYS SF 102 -32.63 72.16 127.59
CA LYS SF 102 -31.75 71.00 127.51
C LYS SF 102 -31.96 70.20 126.24
N ARG SF 103 -33.22 70.04 125.85
CA ARG SF 103 -33.56 69.28 124.65
C ARG SF 103 -33.01 69.92 123.40
N LYS SF 104 -32.99 71.24 123.34
CA LYS SF 104 -32.45 71.92 122.17
C LYS SF 104 -30.95 71.72 122.06
N ILE SF 105 -30.27 71.69 123.19
CA ILE SF 105 -28.84 71.39 123.20
C ILE SF 105 -28.60 69.97 122.72
N ILE SF 106 -29.45 69.04 123.15
CA ILE SF 106 -29.35 67.65 122.71
C ILE SF 106 -29.57 67.54 121.21
N ARG SF 107 -30.56 68.25 120.69
CA ARG SF 107 -30.82 68.20 119.25
C ARG SF 107 -29.71 68.87 118.45
N ASP SF 108 -29.08 69.90 119.01
CA ASP SF 108 -27.92 70.49 118.34
C ASP SF 108 -26.75 69.52 118.30
N LEU SF 109 -26.55 68.77 119.38
CA LEU SF 109 -25.50 67.75 119.38
C LEU SF 109 -25.81 66.66 118.37
N GLN SF 110 -27.09 66.32 118.21
CA GLN SF 110 -27.46 65.31 117.24
C GLN SF 110 -27.35 65.84 115.82
N LYS SF 111 -27.53 67.15 115.63
CA LYS SF 111 -27.24 67.74 114.32
C LYS SF 111 -25.74 67.79 114.06
N GLN SF 112 -24.96 67.84 115.13
CA GLN SF 112 -23.54 67.53 114.99
C GLN SF 112 -23.38 66.02 114.93
N ASP SF 113 -22.13 65.57 114.78
CA ASP SF 113 -21.91 64.13 114.74
C ASP SF 113 -21.64 63.56 116.12
N ILE SF 114 -22.53 63.83 117.06
CA ILE SF 114 -22.33 63.51 118.46
C ILE SF 114 -23.49 62.64 118.93
N GLN SF 115 -23.19 61.59 119.67
CA GLN SF 115 -24.22 60.67 120.14
C GLN SF 115 -24.52 60.91 121.61
N TYR SF 116 -25.80 61.03 121.94
CA TYR SF 116 -26.26 61.18 123.31
C TYR SF 116 -27.13 60.00 123.67
N VAL SF 117 -26.86 59.36 124.80
CA VAL SF 117 -27.62 58.19 125.23
C VAL SF 117 -27.97 58.34 126.71
N GLU SF 118 -29.26 58.27 127.03
CA GLU SF 118 -29.74 58.24 128.41
C GLU SF 118 -30.59 56.99 128.60
N TYR SF 119 -30.26 56.21 129.62
CA TYR SF 119 -31.00 54.98 129.91
C TYR SF 119 -30.85 54.68 131.38
N GLY SF 120 -31.97 54.53 132.08
CA GLY SF 120 -31.91 54.35 133.52
C GLY SF 120 -31.59 55.65 134.22
N ASP SF 121 -30.38 55.78 134.74
CA ASP SF 121 -29.93 57.03 135.32
C ASP SF 121 -28.58 57.42 134.75
N THR SF 122 -27.78 56.43 134.38
CA THR SF 122 -26.44 56.67 133.89
C THR SF 122 -26.49 57.19 132.46
N ARG SF 123 -25.73 58.24 132.19
CA ARG SF 123 -25.81 58.88 130.88
C ARG SF 123 -24.46 58.84 130.20
N THR SF 124 -24.50 58.78 128.87
CA THR SF 124 -23.32 58.55 128.06
C THR SF 124 -23.27 59.48 126.86
N LEU SF 125 -22.07 59.98 126.60
CA LEU SF 125 -21.79 60.87 125.48
C LEU SF 125 -20.71 60.24 124.62
N ILE SF 126 -20.97 60.15 123.32
CA ILE SF 126 -20.07 59.44 122.40
C ILE SF 126 -19.58 60.42 121.35
N ILE SF 127 -18.25 60.48 121.21
CA ILE SF 127 -17.58 61.42 120.29
C ILE SF 127 -16.72 60.66 119.29
N PRO SF 128 -16.72 61.06 118.02
CA PRO SF 128 -15.81 60.45 117.04
C PRO SF 128 -14.46 61.12 116.93
N THR SF 129 -13.44 60.25 117.00
CA THR SF 129 -12.06 60.67 117.23
C THR SF 129 -11.50 61.46 116.06
N ASP SF 130 -11.60 60.89 114.86
CA ASP SF 130 -10.99 61.49 113.69
C ASP SF 130 -11.73 62.76 113.29
N LYS SF 131 -13.02 62.82 113.57
CA LYS SF 131 -13.76 64.04 113.31
C LYS SF 131 -13.34 65.16 114.24
N TYR SF 132 -13.11 64.85 115.52
CA TYR SF 132 -12.87 65.93 116.47
C TYR SF 132 -11.42 66.03 116.93
N PHE SF 133 -10.47 65.43 116.20
CA PHE SF 133 -9.07 65.61 116.51
C PHE SF 133 -8.25 65.62 115.24
N MET SF 134 -7.03 66.15 115.35
CA MET SF 134 -6.05 65.93 114.31
C MET SF 134 -5.62 64.47 114.31
N PHE SF 135 -5.34 63.95 113.11
CA PHE SF 135 -5.19 62.52 112.92
C PHE SF 135 -3.91 62.01 113.56
N SER SF 136 -4.03 60.87 114.25
CA SER SF 136 -2.92 60.09 114.80
C SER SF 136 -2.09 60.90 115.78
N SER SF 137 -2.75 61.74 116.55
CA SER SF 137 -2.05 62.65 117.44
C SER SF 137 -2.97 63.02 118.57
N PRO SF 138 -2.44 63.42 119.71
CA PRO SF 138 -3.30 63.94 120.77
C PRO SF 138 -3.68 65.41 120.60
N ARG SF 139 -3.49 65.95 119.40
CA ARG SF 139 -3.89 67.32 119.13
C ARG SF 139 -5.40 67.44 119.03
N LEU SF 140 -5.94 68.47 119.65
CA LEU SF 140 -7.36 68.77 119.59
C LEU SF 140 -7.62 69.68 118.39
N ASN SF 141 -8.62 69.34 117.59
CA ASN SF 141 -8.96 70.19 116.47
C ASN SF 141 -9.65 71.46 116.97
N GLU SF 142 -9.20 72.61 116.47
CA GLU SF 142 -9.81 73.87 116.83
C GLU SF 142 -11.11 74.13 116.10
N ILE SF 143 -11.30 73.54 114.93
CA ILE SF 143 -12.33 73.98 113.99
C ILE SF 143 -13.73 73.66 114.51
N CYS SF 144 -13.90 72.50 115.14
CA CYS SF 144 -15.22 72.04 115.55
C CYS SF 144 -15.59 72.48 116.96
N TYR SF 145 -15.12 73.65 117.39
CA TYR SF 145 -15.37 74.15 118.73
C TYR SF 145 -16.83 74.33 119.18
N PRO SF 146 -17.86 74.53 118.32
CA PRO SF 146 -19.23 74.57 118.87
C PRO SF 146 -19.67 73.29 119.54
N GLY SF 147 -19.20 72.13 119.07
CA GLY SF 147 -19.53 70.89 119.74
C GLY SF 147 -19.00 70.82 121.15
N LEU SF 148 -17.74 71.23 121.34
CA LEU SF 148 -17.14 71.19 122.66
C LEU SF 148 -17.78 72.22 123.59
N ASN SF 149 -18.15 73.38 123.04
CA ASN SF 149 -18.85 74.38 123.85
C ASN SF 149 -20.21 73.87 124.28
N ASN SF 150 -20.92 73.18 123.39
CA ASN SF 150 -22.19 72.58 123.77
C ASN SF 150 -22.00 71.47 124.78
N VAL SF 151 -20.88 70.76 124.71
CA VAL SF 151 -20.59 69.70 125.69
C VAL SF 151 -20.42 70.30 127.08
N ILE SF 152 -19.67 71.39 127.18
CA ILE SF 152 -19.49 72.04 128.48
C ILE SF 152 -20.80 72.64 128.98
N ARG SF 153 -21.57 73.25 128.07
CA ARG SF 153 -22.85 73.83 128.45
C ARG SF 153 -23.83 72.77 128.93
N LEU SF 154 -23.76 71.56 128.38
CA LEU SF 154 -24.60 70.49 128.88
C LEU SF 154 -24.08 69.95 130.21
N LEU SF 155 -22.75 69.85 130.35
CA LEU SF 155 -22.21 69.27 131.57
C LEU SF 155 -22.29 70.20 132.77
N ASN SF 156 -22.65 71.47 132.56
CA ASN SF 156 -22.96 72.33 133.70
C ASN SF 156 -24.16 71.83 134.50
N PHE SF 157 -25.09 71.12 133.85
CA PHE SF 157 -26.35 70.77 134.49
C PHE SF 157 -26.22 69.65 135.51
N TYR SF 158 -25.10 68.96 135.57
CA TYR SF 158 -24.92 67.82 136.46
C TYR SF 158 -23.69 68.03 137.30
N PRO SF 159 -23.75 68.93 138.27
CA PRO SF 159 -22.53 69.35 138.95
C PRO SF 159 -22.18 68.49 140.16
N GLN SF 160 -22.77 67.32 140.29
CA GLN SF 160 -22.54 66.53 141.49
C GLN SF 160 -21.85 65.20 141.27
N SER SF 161 -22.08 64.55 140.13
CA SER SF 161 -21.62 63.18 140.01
C SER SF 161 -20.19 63.11 139.50
N THR SF 162 -19.61 61.91 139.60
CA THR SF 162 -18.30 61.65 139.06
C THR SF 162 -18.37 61.42 137.55
N ILE SF 163 -17.22 61.53 136.89
CA ILE SF 163 -17.11 61.43 135.45
C ILE SF 163 -16.11 60.35 135.10
N TYR SF 164 -16.46 59.48 134.15
CA TYR SF 164 -15.52 58.58 133.52
C TYR SF 164 -15.39 58.92 132.05
N VAL SF 165 -14.16 58.94 131.56
CA VAL SF 165 -13.88 59.17 130.16
C VAL SF 165 -12.97 58.04 129.65
N ALA SF 166 -13.22 57.60 128.43
CA ALA SF 166 -12.59 56.42 127.88
C ALA SF 166 -12.31 56.60 126.41
N GLY SF 167 -11.23 55.97 125.96
CA GLY SF 167 -10.81 56.03 124.56
C GLY SF 167 -10.78 54.65 123.94
N PHE SF 168 -11.09 54.58 122.65
CA PHE SF 168 -11.11 53.32 121.93
C PHE SF 168 -10.63 53.49 120.49
N THR SF 169 -9.80 52.56 120.04
CA THR SF 169 -9.26 52.56 118.68
C THR SF 169 -9.41 51.18 118.06
N ASP SF 170 -9.01 51.07 116.79
CA ASP SF 170 -9.15 49.84 116.03
C ASP SF 170 -7.95 48.93 116.25
N ASN SF 171 -7.82 47.91 115.40
CA ASN SF 171 -6.93 46.79 115.63
C ASN SF 171 -5.59 46.90 114.93
N VAL SF 172 -5.30 48.00 114.26
CA VAL SF 172 -4.05 48.08 113.50
C VAL SF 172 -2.89 48.35 114.45
N GLY SF 173 -1.68 48.03 113.98
CA GLY SF 173 -0.47 48.37 114.69
C GLY SF 173 -0.19 47.49 115.89
N SER SF 174 0.77 47.92 116.70
CA SER SF 174 1.09 47.22 117.94
C SER SF 174 0.04 47.48 119.00
N ARG SF 175 -0.11 46.50 119.90
CA ARG SF 175 -1.01 46.63 121.04
C ARG SF 175 -0.57 47.77 121.94
N SER SF 176 0.74 47.89 122.15
CA SER SF 176 1.30 48.98 122.94
C SER SF 176 0.99 50.33 122.31
N HIS SF 177 1.08 50.39 120.98
CA HIS SF 177 0.74 51.60 120.24
C HIS SF 177 -0.72 51.97 120.44
N LYS SF 178 -1.61 50.97 120.39
CA LYS SF 178 -3.04 51.19 120.63
C LYS SF 178 -3.28 51.77 122.01
N ARG SF 179 -2.66 51.14 123.02
CA ARG SF 179 -2.93 51.53 124.40
C ARG SF 179 -2.44 52.93 124.69
N LYS SF 180 -1.23 53.27 124.24
CA LYS SF 180 -0.74 54.59 124.57
C LYS SF 180 -1.41 55.68 123.75
N LEU SF 181 -1.86 55.39 122.52
CA LEU SF 181 -2.61 56.39 121.78
C LEU SF 181 -3.96 56.66 122.42
N SER SF 182 -4.61 55.59 122.89
CA SER SF 182 -5.87 55.76 123.60
C SER SF 182 -5.70 56.56 124.88
N GLN SF 183 -4.62 56.29 125.62
CA GLN SF 183 -4.38 57.01 126.87
C GLN SF 183 -4.07 58.47 126.61
N ALA SF 184 -3.36 58.75 125.52
CA ALA SF 184 -3.03 60.13 125.18
C ALA SF 184 -4.28 60.93 124.84
N GLN SF 185 -5.16 60.35 124.02
CA GLN SF 185 -6.39 61.06 123.70
C GLN SF 185 -7.29 61.20 124.90
N ALA SF 186 -7.30 60.20 125.78
CA ALA SF 186 -8.10 60.26 126.98
C ALA SF 186 -7.64 61.38 127.90
N GLU SF 187 -6.34 61.52 128.08
CA GLU SF 187 -5.87 62.56 128.98
C GLU SF 187 -6.00 63.94 128.36
N THR SF 188 -5.98 64.01 127.03
CA THR SF 188 -6.29 65.27 126.35
C THR SF 188 -7.71 65.72 126.66
N MET SF 189 -8.67 64.79 126.50
CA MET SF 189 -10.06 65.11 126.82
C MET SF 189 -10.24 65.42 128.30
N MET SF 190 -9.47 64.73 129.15
CA MET SF 190 -9.49 64.96 130.59
C MET SF 190 -9.10 66.39 130.92
N THR SF 191 -8.02 66.86 130.28
CA THR SF 191 -7.55 68.21 130.55
C THR SF 191 -8.52 69.25 130.01
N PHE SF 192 -9.15 68.97 128.87
CA PHE SF 192 -10.14 69.91 128.35
C PHE SF 192 -11.35 70.01 129.25
N LEU SF 193 -11.75 68.91 129.87
CA LEU SF 193 -12.82 68.99 130.85
C LEU SF 193 -12.36 69.74 132.11
N TRP SF 194 -11.10 69.55 132.49
CA TRP SF 194 -10.56 70.25 133.64
C TRP SF 194 -10.38 71.75 133.39
N ALA SF 195 -10.38 72.16 132.14
CA ALA SF 195 -10.22 73.56 131.78
C ALA SF 195 -11.38 74.45 132.21
N ASN SF 196 -12.50 73.88 132.65
CA ASN SF 196 -13.67 74.71 132.95
C ASN SF 196 -14.19 74.42 134.35
N GLY SF 197 -13.29 74.44 135.32
CA GLY SF 197 -13.69 74.61 136.71
C GLY SF 197 -14.06 73.37 137.47
N ILE SF 198 -14.15 72.21 136.82
CA ILE SF 198 -14.49 70.98 137.52
C ILE SF 198 -13.26 70.50 138.27
N ALA SF 199 -13.44 70.14 139.54
CA ALA SF 199 -12.34 69.67 140.36
C ALA SF 199 -11.87 68.31 139.88
N ALA SF 200 -10.55 68.11 139.91
CA ALA SF 200 -9.94 66.92 139.32
C ALA SF 200 -10.24 65.66 140.11
N LYS SF 201 -10.64 65.79 141.37
CA LYS SF 201 -10.95 64.61 142.15
C LYS SF 201 -12.28 63.98 141.76
N ARG SF 202 -13.07 64.63 140.92
CA ARG SF 202 -14.25 64.02 140.32
C ARG SF 202 -13.93 63.33 138.99
N LEU SF 203 -12.65 63.24 138.63
CA LEU SF 203 -12.25 62.89 137.28
C LEU SF 203 -11.25 61.74 137.31
N LYS SF 204 -11.41 60.81 136.36
CA LYS SF 204 -10.41 59.80 136.08
C LYS SF 204 -10.65 59.29 134.66
N ALA SF 205 -9.57 58.86 134.02
CA ALA SF 205 -9.60 58.54 132.60
C ALA SF 205 -9.12 57.12 132.36
N GLU SF 206 -9.50 56.58 131.21
CA GLU SF 206 -9.02 55.27 130.79
C GLU SF 206 -9.08 55.16 129.27
N GLY SF 207 -8.00 54.68 128.69
CA GLY SF 207 -8.01 54.41 127.27
C GLY SF 207 -7.77 52.95 126.97
N TYR SF 208 -8.80 52.26 126.52
CA TYR SF 208 -8.61 50.88 126.10
C TYR SF 208 -8.24 50.84 124.63
N GLY SF 209 -7.76 49.69 124.19
CA GLY SF 209 -7.36 49.56 122.82
C GLY SF 209 -8.52 49.06 122.00
N ASP SF 210 -8.51 47.76 121.70
CA ASP SF 210 -9.55 47.12 120.92
C ASP SF 210 -10.34 46.09 121.72
N LYS SF 211 -10.28 46.16 123.05
CA LYS SF 211 -10.73 45.05 123.89
C LYS SF 211 -12.24 44.96 124.02
N ASN SF 212 -13.00 45.89 123.45
CA ASN SF 212 -14.43 45.74 123.31
C ASN SF 212 -14.84 46.60 122.12
N ALA SF 213 -15.50 45.99 121.16
CA ALA SF 213 -15.86 46.67 119.93
C ALA SF 213 -17.38 46.76 119.81
N ILE SF 214 -17.85 47.92 119.36
CA ILE SF 214 -19.27 48.07 119.11
C ILE SF 214 -19.65 47.65 117.70
N SER SF 215 -18.67 47.37 116.85
CA SER SF 215 -18.91 46.85 115.52
C SER SF 215 -17.67 46.10 115.07
N ASP SF 216 -17.81 45.36 113.98
CA ASP SF 216 -16.70 44.55 113.48
C ASP SF 216 -15.58 45.43 112.92
N ASN SF 217 -14.36 45.01 113.18
CA ASN SF 217 -13.18 45.69 112.65
C ASN SF 217 -12.82 45.27 111.24
N ALA SF 218 -13.37 44.16 110.74
CA ALA SF 218 -13.02 43.71 109.41
C ALA SF 218 -13.85 44.34 108.31
N ILE SF 219 -14.94 45.00 108.63
CA ILE SF 219 -15.68 45.78 107.66
C ILE SF 219 -15.22 47.21 107.80
N ILE SF 220 -15.21 47.95 106.69
CA ILE SF 220 -14.58 49.27 106.69
C ILE SF 220 -15.38 50.26 107.51
N HIS SF 221 -16.70 50.31 107.27
CA HIS SF 221 -17.50 51.34 107.92
C HIS SF 221 -17.68 51.07 109.40
N GLY SF 222 -17.97 49.83 109.77
CA GLY SF 222 -18.03 49.48 111.18
C GLY SF 222 -16.68 49.60 111.86
N SER SF 223 -15.60 49.35 111.13
CA SER SF 223 -14.27 49.53 111.67
C SER SF 223 -13.99 51.00 111.97
N ALA SF 224 -14.47 51.89 111.12
CA ALA SF 224 -14.36 53.32 111.42
C ALA SF 224 -15.28 53.70 112.57
N GLN SF 225 -16.45 53.07 112.67
CA GLN SF 225 -17.35 53.36 113.78
C GLN SF 225 -16.82 52.87 115.11
N ASN SF 226 -15.88 51.93 115.09
CA ASN SF 226 -15.34 51.38 116.34
C ASN SF 226 -14.60 52.42 117.17
N ARG SF 227 -13.77 53.24 116.54
CA ARG SF 227 -12.95 54.17 117.30
C ARG SF 227 -13.80 55.32 117.84
N ARG SF 228 -13.67 55.58 119.14
CA ARG SF 228 -14.65 56.44 119.81
C ARG SF 228 -14.08 56.98 121.10
N ILE SF 229 -14.76 57.99 121.62
CA ILE SF 229 -14.54 58.47 122.98
C ILE SF 229 -15.85 58.33 123.74
N GLU SF 230 -15.76 57.69 124.90
CA GLU SF 230 -16.91 57.36 125.74
C GLU SF 230 -16.89 58.25 126.98
N ILE SF 231 -18.02 58.85 127.30
CA ILE SF 231 -18.19 59.64 128.52
C ILE SF 231 -19.35 59.06 129.30
N GLN SF 232 -19.09 58.53 130.48
CA GLN SF 232 -20.12 58.02 131.35
C GLN SF 232 -20.21 58.89 132.59
N TRP SF 233 -21.42 59.18 133.03
CA TRP SF 233 -21.55 59.76 134.36
C TRP SF 233 -22.84 59.32 135.03
N PHE SF 234 -22.74 59.15 136.34
CA PHE SF 234 -23.83 58.80 137.24
C PHE SF 234 -24.66 60.02 137.58
N THR SF 235 -25.46 59.91 138.63
CA THR SF 235 -26.05 61.07 139.29
C THR SF 235 -25.61 61.19 140.72
N SER SF 236 -25.74 60.13 141.51
CA SER SF 236 -25.38 60.17 142.92
C SER SF 236 -24.87 58.81 143.41
N LEU TF 113 5.84 66.93 178.09
CA LEU TF 113 6.52 67.43 176.89
C LEU TF 113 5.66 67.22 175.66
N ASN TF 114 4.58 68.00 175.54
CA ASN TF 114 3.68 67.90 174.40
C ASN TF 114 3.30 69.23 173.78
N ARG TF 115 3.44 70.35 174.49
CA ARG TF 115 3.12 71.66 173.96
C ARG TF 115 4.35 72.54 174.09
N PHE TF 116 4.78 73.13 172.98
CA PHE TF 116 5.89 74.08 173.00
C PHE TF 116 5.43 75.34 172.29
N ARG TF 117 5.06 76.35 173.07
CA ARG TF 117 4.72 77.66 172.54
C ARG TF 117 5.80 78.64 172.97
N TYR TF 118 6.29 79.43 172.02
CA TYR TF 118 7.31 80.43 172.32
C TYR TF 118 6.94 81.75 171.66
N GLU TF 119 6.72 82.76 172.49
CA GLU TF 119 6.40 84.11 172.06
C GLU TF 119 7.23 85.08 172.88
N GLY TF 120 7.62 86.20 172.25
CA GLY TF 120 8.22 87.27 173.00
C GLY TF 120 9.72 87.44 172.89
N ALA TF 121 10.25 87.35 171.67
CA ALA TF 121 11.63 87.72 171.32
C ALA TF 121 12.65 86.90 172.10
N GLY TF 122 12.67 85.60 171.82
CA GLY TF 122 13.55 84.70 172.53
C GLY TF 122 14.13 83.65 171.60
N VAL TF 123 15.17 82.98 172.10
CA VAL TF 123 15.90 81.96 171.37
C VAL TF 123 15.74 80.63 172.08
N VAL TF 124 15.31 79.61 171.34
CA VAL TF 124 15.25 78.24 171.85
C VAL TF 124 16.25 77.42 171.04
N THR TF 125 17.14 76.73 171.74
CA THR TF 125 18.13 75.87 171.11
C THR TF 125 18.07 74.51 171.79
N GLY TF 126 17.87 73.47 170.99
CA GLY TF 126 17.79 72.13 171.53
C GLY TF 126 18.35 71.08 170.60
N ASN TF 127 19.07 70.11 171.15
CA ASN TF 127 19.57 68.98 170.38
C ASN TF 127 19.33 67.70 171.14
N ASN TF 128 19.20 66.61 170.38
CA ASN TF 128 18.96 65.25 170.88
C ASN TF 128 17.67 65.16 171.71
N LEU TF 129 16.55 65.49 171.06
CA LEU TF 129 15.23 65.38 171.64
C LEU TF 129 14.39 64.41 170.84
N ARG TF 130 13.66 63.54 171.53
CA ARG TF 130 12.83 62.52 170.91
C ARG TF 130 11.38 62.71 171.33
N THR TF 131 10.46 62.55 170.37
CA THR TF 131 9.04 62.69 170.67
C THR TF 131 8.21 61.88 169.70
N SER TF 132 6.98 61.58 170.13
CA SER TF 132 5.98 60.94 169.29
C SER TF 132 5.12 61.98 168.59
N TYR TF 133 4.48 62.84 169.38
CA TYR TF 133 3.70 63.94 168.83
C TYR TF 133 3.75 65.09 169.82
N LEU TF 134 4.02 66.29 169.31
CA LEU TF 134 3.89 67.52 170.07
C LEU TF 134 3.40 68.62 169.15
N ASP TF 135 2.77 69.63 169.76
CA ASP TF 135 2.27 70.77 169.03
C ASP TF 135 3.20 71.97 169.29
N LEU TF 136 3.68 72.57 168.21
CA LEU TF 136 4.59 73.71 168.27
C LEU TF 136 3.83 74.95 167.83
N TYR TF 137 3.96 76.03 168.59
CA TYR TF 137 3.35 77.31 168.27
C TYR TF 137 4.40 78.39 168.44
N LEU TF 138 4.86 78.95 167.33
CA LEU TF 138 5.95 79.91 167.33
C LEU TF 138 5.43 81.28 166.93
N ALA TF 139 5.86 82.31 167.67
CA ALA TF 139 5.48 83.68 167.33
C ALA TF 139 6.50 84.64 167.92
N ASN TF 140 6.51 85.86 167.36
CA ASN TF 140 7.14 87.04 167.94
C ASN TF 140 8.64 86.87 168.15
N GLU TF 141 9.33 86.53 167.06
CA GLU TF 141 10.77 86.26 167.01
C GLU TF 141 11.15 85.17 168.01
N GLY TF 142 10.66 83.97 167.73
CA GLY TF 142 11.19 82.80 168.38
C GLY TF 142 12.27 82.19 167.49
N THR TF 143 13.53 82.54 167.76
CA THR TF 143 14.65 81.99 167.00
C THR TF 143 14.85 80.56 167.45
N THR TF 144 14.34 79.63 166.66
CA THR TF 144 14.21 78.24 167.06
C THR TF 144 15.21 77.38 166.31
N ARG TF 145 16.05 76.66 167.04
CA ARG TF 145 17.00 75.71 166.47
C ARG TF 145 16.77 74.36 167.12
N LEU TF 146 16.44 73.35 166.32
CA LEU TF 146 16.19 72.01 166.82
C LEU TF 146 17.03 71.02 166.03
N ALA TF 147 17.63 70.07 166.74
CA ALA TF 147 18.51 69.07 166.13
C ALA TF 147 18.22 67.69 166.70
N GLY TF 148 16.94 67.32 166.79
CA GLY TF 148 16.57 66.04 167.34
C GLY TF 148 15.61 65.31 166.42
N ASN TF 149 15.54 63.99 166.63
CA ASN TF 149 14.57 63.15 165.93
C ASN TF 149 13.20 63.43 166.50
N ILE TF 150 12.40 64.19 165.75
CA ILE TF 150 11.18 64.80 166.27
C ILE TF 150 9.99 64.30 165.46
N GLY TF 151 9.00 63.75 166.16
CA GLY TF 151 7.73 63.37 165.57
C GLY TF 151 6.65 64.34 166.02
N LEU TF 152 5.88 64.83 165.05
CA LEU TF 152 4.77 65.72 165.33
C LEU TF 152 3.76 65.62 164.20
N GLN TF 153 2.57 66.15 164.45
CA GLN TF 153 1.49 66.19 163.48
C GLN TF 153 1.02 67.59 163.17
N LYS TF 154 0.96 68.47 164.18
CA LYS TF 154 0.48 69.83 164.00
C LYS TF 154 1.58 70.81 164.34
N LEU TF 155 1.81 71.77 163.44
CA LEU TF 155 2.77 72.84 163.62
C LEU TF 155 2.11 74.15 163.25
N GLU TF 156 2.41 75.21 164.00
CA GLU TF 156 1.87 76.52 163.72
C GLU TF 156 2.94 77.57 163.94
N ALA TF 157 3.20 78.37 162.92
CA ALA TF 157 4.06 79.54 163.01
C ALA TF 157 3.26 80.76 162.61
N VAL TF 158 3.30 81.81 163.44
CA VAL TF 158 2.56 83.02 163.13
C VAL TF 158 3.26 83.79 162.02
N GLY TF 159 4.48 84.21 162.28
CA GLY TF 159 5.26 84.94 161.28
C GLY TF 159 6.30 85.82 161.94
N ASN TF 160 6.94 86.63 161.09
CA ASN TF 160 7.85 87.71 161.50
C ASN TF 160 9.06 87.20 162.27
N GLY TF 161 9.70 86.16 161.75
CA GLY TF 161 10.88 85.62 162.38
C GLY TF 161 11.46 84.47 161.58
N VAL TF 162 12.69 84.12 161.96
CA VAL TF 162 13.41 83.01 161.32
C VAL TF 162 13.17 81.74 162.13
N THR TF 163 13.25 80.60 161.46
CA THR TF 163 13.04 79.31 162.11
C THR TF 163 13.74 78.23 161.32
N GLN TF 164 14.63 77.48 161.96
CA GLN TF 164 15.33 76.37 161.34
C GLN TF 164 15.16 75.11 162.18
N ILE TF 165 14.67 74.04 161.57
CA ILE TF 165 14.48 72.76 162.26
C ILE TF 165 15.17 71.67 161.46
N ASN TF 166 16.02 70.89 162.12
CA ASN TF 166 16.86 69.90 161.47
C ASN TF 166 16.34 68.50 161.83
N GLY TF 167 15.49 67.95 160.98
CA GLY TF 167 15.13 66.54 161.05
C GLY TF 167 13.81 66.27 161.75
N VAL TF 168 12.75 66.06 160.99
CA VAL TF 168 11.43 65.74 161.55
C VAL TF 168 10.88 64.53 160.79
N SER TF 169 10.58 63.47 161.53
CA SER TF 169 10.03 62.24 160.96
C SER TF 169 8.57 62.16 161.40
N SER TF 170 7.67 62.13 160.43
CA SER TF 170 6.24 62.10 160.73
C SER TF 170 5.50 61.28 159.69
N ARG TF 171 4.54 60.48 160.16
CA ARG TF 171 3.67 59.77 159.24
C ARG TF 171 2.61 60.68 158.63
N ASN TF 172 2.41 61.87 159.21
CA ASN TF 172 1.42 62.81 158.70
C ASN TF 172 1.78 64.18 159.25
N LEU TF 173 1.29 65.22 158.56
CA LEU TF 173 1.58 66.58 158.99
C LEU TF 173 0.45 67.50 158.56
N GLN TF 174 0.39 68.66 159.21
CA GLN TF 174 -0.47 69.75 158.78
C GLN TF 174 0.13 71.04 159.32
N ILE TF 175 0.45 71.97 158.44
CA ILE TF 175 1.07 73.23 158.82
C ILE TF 175 0.47 74.35 158.00
N VAL TF 176 0.04 75.42 158.68
CA VAL TF 176 -0.39 76.65 158.02
C VAL TF 176 0.30 77.81 158.73
N LEU TF 177 0.38 78.93 158.03
CA LEU TF 177 0.96 80.15 158.58
C LEU TF 177 0.20 81.34 158.02
N LYS TF 178 0.24 82.44 158.74
CA LYS TF 178 -0.56 83.61 158.40
C LYS TF 178 0.25 84.87 158.17
N GLY TF 179 1.27 85.13 158.96
CA GLY TF 179 2.10 86.31 158.77
C GLY TF 179 3.20 86.05 157.78
N ASP TF 180 4.39 86.57 158.06
CA ASP TF 180 5.53 86.44 157.14
C ASP TF 180 6.70 85.83 157.90
N PRO TF 181 6.74 84.50 158.01
CA PRO TF 181 7.89 83.84 158.62
C PRO TF 181 8.93 83.46 157.56
N LYS TF 182 10.06 82.96 158.05
CA LYS TF 182 11.08 82.37 157.20
C LYS TF 182 11.51 81.08 157.89
N VAL TF 183 10.81 79.99 157.60
CA VAL TF 183 11.06 78.73 158.25
C VAL TF 183 11.70 77.78 157.24
N LEU TF 184 12.40 76.79 157.77
CA LEU TF 184 12.96 75.74 156.93
C LEU TF 184 13.08 74.47 157.77
N ILE TF 185 12.77 73.34 157.14
CA ILE TF 185 12.57 72.08 157.83
C ILE TF 185 13.28 70.98 157.07
N SER TF 186 14.12 70.23 157.78
CA SER TF 186 14.66 68.98 157.28
C SER TF 186 13.79 67.82 157.77
N GLY TF 187 13.80 66.74 157.00
CA GLY TF 187 13.08 65.53 157.42
C GLY TF 187 12.37 64.75 156.33
N PHE TF 188 11.29 64.06 156.73
CA PHE TF 188 10.51 63.22 155.82
C PHE TF 188 9.04 63.39 156.19
N VAL TF 189 8.27 63.99 155.29
CA VAL TF 189 6.92 64.45 155.62
C VAL TF 189 5.93 63.87 154.62
N ASN TF 190 4.89 63.22 155.15
CA ASN TF 190 3.71 62.88 154.36
C ASN TF 190 2.74 64.05 154.47
N LEU TF 191 2.96 65.04 153.61
CA LEU TF 191 2.17 66.27 153.69
C LEU TF 191 0.80 66.06 153.08
N ARG TF 192 -0.17 66.83 153.56
CA ARG TF 192 -1.54 66.67 153.10
C ARG TF 192 -2.10 67.91 152.39
N GLN TF 193 -2.06 69.08 153.02
CA GLN TF 193 -2.66 70.25 152.41
C GLN TF 193 -1.94 71.51 152.90
N LEU TF 194 -1.91 72.54 152.06
CA LEU TF 194 -1.17 73.75 152.38
C LEU TF 194 -1.86 74.97 151.77
N ASP TF 195 -2.02 76.02 152.57
CA ASP TF 195 -2.60 77.29 152.12
C ASP TF 195 -1.71 78.43 152.60
N MET TF 196 -1.36 79.33 151.69
CA MET TF 196 -0.47 80.44 151.99
C MET TF 196 -1.13 81.75 151.59
N TYR TF 197 -1.09 82.73 152.50
CA TYR TF 197 -1.76 84.00 152.30
C TYR TF 197 -0.89 85.22 152.55
N GLY TF 198 0.29 85.07 153.13
CA GLY TF 198 1.11 86.22 153.41
C GLY TF 198 2.29 86.38 152.49
N LYS TF 199 3.48 86.50 153.07
CA LYS TF 199 4.76 86.54 152.33
C LYS TF 199 5.67 85.47 152.87
N GLY TF 200 5.13 84.25 152.95
CA GLY TF 200 5.83 83.18 153.61
C GLY TF 200 6.86 82.52 152.72
N THR TF 201 7.93 82.06 153.34
CA THR TF 201 8.99 81.33 152.66
C THR TF 201 9.25 80.03 153.42
N LEU TF 202 9.41 78.94 152.68
CA LEU TF 202 9.72 77.66 153.31
C LEU TF 202 10.38 76.74 152.30
N SER TF 203 11.02 75.69 152.83
CA SER TF 203 11.77 74.74 152.04
C SER TF 203 11.74 73.39 152.73
N LEU TF 204 11.64 72.33 151.93
CA LEU TF 204 11.52 70.97 152.43
C LEU TF 204 12.49 70.06 151.71
N TYR TF 205 13.29 69.32 152.49
CA TYR TF 205 14.34 68.48 151.92
C TYR TF 205 13.77 67.23 151.27
N TRP TF 206 13.04 66.43 152.04
CA TRP TF 206 12.44 65.22 151.51
C TRP TF 206 11.01 65.13 151.98
N ILE TF 207 10.09 64.91 151.04
CA ILE TF 207 8.70 64.67 151.36
C ILE TF 207 8.26 63.42 150.64
N LYS TF 208 7.59 62.52 151.37
CA LYS TF 208 7.09 61.28 150.82
C LYS TF 208 5.58 61.29 151.03
N SER TF 209 4.87 61.87 150.07
CA SER TF 209 3.42 61.84 150.06
C SER TF 209 2.96 61.28 148.74
N ASP TF 210 1.67 61.23 148.57
CA ASP TF 210 1.08 60.86 147.30
C ASP TF 210 0.11 61.91 146.80
N THR TF 211 -0.68 62.49 147.69
CA THR TF 211 -1.71 63.43 147.35
C THR TF 211 -1.41 64.75 148.05
N LEU TF 212 -1.36 65.83 147.27
CA LEU TF 212 -0.98 67.10 147.86
C LEU TF 212 -1.74 68.22 147.15
N THR TF 213 -2.17 69.20 147.93
CA THR TF 213 -2.89 70.35 147.40
C THR TF 213 -2.33 71.62 148.02
N ILE TF 214 -2.06 72.61 147.17
CA ILE TF 214 -1.44 73.87 147.59
C ILE TF 214 -2.25 75.01 146.98
N ARG TF 215 -2.68 75.93 147.84
CA ARG TF 215 -3.38 77.13 147.41
C ARG TF 215 -2.63 78.35 147.91
N ALA TF 216 -2.19 79.20 146.98
CA ALA TF 216 -1.31 80.32 147.31
C ALA TF 216 -1.88 81.63 146.78
N LYS TF 217 -1.89 82.65 147.64
CA LYS TF 217 -2.60 83.89 147.38
C LYS TF 217 -1.68 85.07 147.09
N LYS TF 218 -0.74 85.38 147.99
CA LYS TF 218 -0.02 86.65 147.90
C LYS TF 218 1.45 86.49 147.59
N ALA TF 219 2.21 85.79 148.43
CA ALA TF 219 3.65 85.60 148.20
C ALA TF 219 4.08 84.38 148.98
N ALA TF 220 4.40 83.30 148.28
CA ALA TF 220 4.91 82.09 148.89
C ALA TF 220 6.15 81.65 148.14
N LYS TF 221 7.27 81.56 148.83
CA LYS TF 221 8.50 81.05 148.25
C LYS TF 221 8.66 79.63 148.74
N ILE TF 222 8.20 78.69 147.93
CA ILE TF 222 8.13 77.28 148.27
C ILE TF 222 9.25 76.58 147.55
N GLN TF 223 10.17 75.99 148.29
CA GLN TF 223 11.30 75.27 147.70
C GLN TF 223 11.28 73.83 148.21
N LEU TF 224 10.81 72.92 147.37
CA LEU TF 224 10.49 71.57 147.79
C LEU TF 224 11.35 70.55 147.07
N ALA TF 225 11.55 69.40 147.72
CA ALA TF 225 12.06 68.24 147.01
C ALA TF 225 11.47 66.97 147.62
N GLY TF 226 11.09 66.02 146.77
CA GLY TF 226 10.53 64.78 147.26
C GLY TF 226 9.73 64.07 146.18
N ILE TF 227 8.92 63.11 146.62
CA ILE TF 227 8.15 62.24 145.73
C ILE TF 227 6.67 62.37 146.09
N VAL TF 228 5.84 62.65 145.09
CA VAL TF 228 4.41 62.79 145.25
C VAL TF 228 3.72 62.18 144.04
N ASN TF 229 2.70 61.33 144.28
CA ASN TF 229 1.95 60.76 143.18
C ASN TF 229 1.12 61.83 142.47
N ARG TF 230 0.34 62.58 143.23
CA ARG TF 230 -0.69 63.45 142.66
C ARG TF 230 -0.63 64.81 143.34
N LEU TF 231 -0.52 65.86 142.54
CA LEU TF 231 -0.25 67.20 143.02
C LEU TF 231 -1.20 68.19 142.36
N ASP TF 232 -1.80 69.06 143.16
CA ASP TF 232 -2.69 70.10 142.64
C ASP TF 232 -2.28 71.45 143.21
N VAL TF 233 -2.18 72.46 142.34
CA VAL TF 233 -1.64 73.76 142.71
C VAL TF 233 -2.53 74.85 142.10
N GLU TF 234 -2.96 75.79 142.95
CA GLU TF 234 -3.63 77.00 142.50
C GLU TF 234 -2.82 78.21 142.94
N LEU TF 235 -2.46 79.05 141.99
CA LEU TF 235 -1.67 80.25 142.26
C LEU TF 235 -2.46 81.47 141.83
N TRP TF 236 -2.59 82.45 142.73
CA TRP TF 236 -3.41 83.61 142.41
C TRP TF 236 -2.61 84.78 141.86
N ASP TF 237 -1.68 85.33 142.64
CA ASP TF 237 -0.89 86.47 142.17
C ASP TF 237 0.40 86.57 142.97
N PHE TF 238 1.49 86.89 142.26
CA PHE TF 238 2.81 87.17 142.84
C PHE TF 238 3.34 85.98 143.65
N ALA TF 239 3.12 84.79 143.14
CA ALA TF 239 3.58 83.58 143.80
C ALA TF 239 4.50 82.81 142.89
N GLN TF 240 5.46 82.12 143.49
CA GLN TF 240 6.52 81.42 142.78
C GLN TF 240 6.62 80.00 143.35
N PHE TF 241 6.05 79.04 142.64
CA PHE TF 241 6.09 77.64 143.06
C PHE TF 241 7.25 76.96 142.37
N LYS TF 242 8.35 76.81 143.12
CA LYS TF 242 9.54 76.12 142.64
C LYS TF 242 9.35 74.64 142.93
N GLY TF 243 8.57 73.97 142.08
CA GLY TF 243 8.40 72.54 142.22
C GLY TF 243 9.46 71.75 141.47
N LYS TF 244 10.56 72.40 141.11
CA LYS TF 244 11.72 71.71 140.56
C LYS TF 244 12.32 70.80 141.62
N TYR TF 245 12.99 69.74 141.16
CA TYR TF 245 13.54 68.66 141.97
C TYR TF 245 12.46 67.96 142.79
N LEU TF 246 11.25 67.93 142.25
CA LEU TF 246 10.11 67.28 142.87
C LEU TF 246 9.32 66.62 141.76
N ARG TF 247 9.35 65.29 141.70
CA ARG TF 247 8.74 64.55 140.61
C ARG TF 247 7.30 64.21 140.96
N ALA TF 248 6.39 64.46 140.02
CA ALA TF 248 4.97 64.20 140.22
C ALA TF 248 4.45 63.36 139.07
N GLN TF 249 3.78 62.26 139.40
CA GLN TF 249 3.14 61.45 138.37
C GLN TF 249 1.94 62.16 137.78
N ARG TF 250 1.13 62.79 138.63
CA ARG TF 250 0.00 63.58 138.20
C ARG TF 250 0.25 65.01 138.64
N SER TF 251 0.23 65.94 137.70
CA SER TF 251 0.38 67.34 138.05
C SER TF 251 -0.79 68.12 137.46
N PHE TF 252 -1.42 68.93 138.30
CA PHE TF 252 -2.52 69.80 137.89
C PHE TF 252 -2.19 71.20 138.40
N VAL TF 253 -1.89 72.11 137.49
CA VAL TF 253 -1.51 73.47 137.90
C VAL TF 253 -2.44 74.47 137.23
N LYS TF 254 -2.96 75.39 138.01
CA LYS TF 254 -3.77 76.48 137.49
C LYS TF 254 -3.27 77.80 138.06
N THR TF 255 -3.02 78.76 137.17
CA THR TF 255 -2.40 80.02 137.56
C THR TF 255 -3.20 81.19 137.02
N HIS TF 256 -3.45 82.16 137.88
CA HIS TF 256 -4.01 83.43 137.48
C HIS TF 256 -2.87 84.41 137.20
N ASP TF 257 -3.18 85.70 137.24
CA ASP TF 257 -2.25 86.73 136.78
C ASP TF 257 -0.99 86.82 137.66
N LYS TF 258 0.15 86.99 136.98
CA LYS TF 258 1.47 87.23 137.59
C LYS TF 258 1.85 86.09 138.53
N SER TF 259 2.02 84.92 137.93
CA SER TF 259 2.30 83.70 138.65
C SER TF 259 3.47 82.99 137.98
N VAL TF 260 4.28 82.29 138.78
CA VAL TF 260 5.44 81.57 138.29
C VAL TF 260 5.38 80.16 138.85
N ALA TF 261 5.52 79.16 137.97
CA ALA TF 261 5.51 77.77 138.38
C ALA TF 261 6.54 76.99 137.60
N GLU TF 262 7.20 76.04 138.25
CA GLU TF 262 8.20 75.22 137.57
C GLU TF 262 8.15 73.79 138.09
N ILE TF 263 7.79 72.86 137.21
CA ILE TF 263 7.43 71.49 137.59
C ILE TF 263 8.31 70.49 136.84
N SER TF 264 8.23 69.24 137.28
CA SER TF 264 9.09 68.15 136.80
C SER TF 264 8.31 66.86 136.58
N ALA TF 265 7.21 66.95 135.84
CA ALA TF 265 6.30 65.82 135.65
C ALA TF 265 6.95 64.68 134.86
N VAL TF 266 6.39 63.48 135.01
CA VAL TF 266 6.92 62.28 134.38
C VAL TF 266 5.90 61.63 133.44
N ASN TF 267 4.65 61.51 133.86
CA ASN TF 267 3.66 60.83 133.04
C ASN TF 267 2.52 61.74 132.61
N HIS TF 268 1.89 62.43 133.54
CA HIS TF 268 0.60 63.08 133.26
C HIS TF 268 0.66 64.51 133.77
N GLN TF 269 0.69 65.47 132.86
CA GLN TF 269 0.87 66.86 133.22
C GLN TF 269 -0.25 67.69 132.60
N SER TF 270 -0.92 68.49 133.43
CA SER TF 270 -2.01 69.34 132.98
C SER TF 270 -1.81 70.75 133.54
N SER TF 271 -1.83 71.73 132.65
CA SER TF 271 -1.45 73.09 133.00
C SER TF 271 -2.39 74.10 132.38
N LEU TF 272 -2.76 75.13 133.15
CA LEU TF 272 -3.65 76.16 132.66
C LEU TF 272 -3.24 77.52 133.22
N ALA TF 273 -3.17 78.52 132.33
CA ALA TF 273 -2.82 79.88 132.72
C ALA TF 273 -3.85 80.86 132.17
N THR TF 274 -4.21 81.84 132.99
CA THR TF 274 -5.16 82.85 132.52
C THR TF 274 -4.44 83.91 131.68
N ASP TF 275 -3.53 84.63 132.31
CA ASP TF 275 -2.81 85.73 131.67
C ASP TF 275 -1.59 86.04 132.50
N ALA TF 276 -0.51 86.48 131.83
CA ALA TF 276 0.71 86.98 132.44
C ALA TF 276 1.32 85.97 133.40
N SER TF 277 1.23 84.69 133.05
CA SER TF 277 1.67 83.61 133.91
C SER TF 277 2.75 82.83 133.20
N ASP TF 278 3.72 82.35 133.95
CA ASP TF 278 4.81 81.55 133.40
C ASP TF 278 4.81 80.18 134.04
N ILE TF 279 4.77 79.14 133.19
CA ILE TF 279 4.90 77.76 133.64
C ILE TF 279 6.05 77.14 132.88
N TYR TF 280 6.95 76.49 133.61
CA TYR TF 280 8.10 75.86 132.99
C TYR TF 280 8.15 74.40 133.41
N TYR TF 281 8.26 73.51 132.43
CA TYR TF 281 8.39 72.09 132.69
C TYR TF 281 9.82 71.67 132.39
N TYR TF 282 10.46 71.03 133.36
CA TYR TF 282 11.86 70.69 133.23
C TYR TF 282 12.10 69.25 132.77
N ASN TF 283 11.04 68.50 132.47
CA ASN TF 283 11.22 67.13 132.06
C ASN TF 283 10.17 66.78 131.03
N LEU TF 284 10.49 65.81 130.18
CA LEU TF 284 9.56 65.39 129.12
C LEU TF 284 8.63 64.34 129.69
N SER TF 285 7.39 64.75 129.98
CA SER TF 285 6.40 63.81 130.44
C SER TF 285 5.95 62.93 129.29
N LYS TF 286 5.39 61.77 129.64
CA LYS TF 286 4.82 60.92 128.60
C LYS TF 286 3.53 61.48 128.03
N THR TF 287 2.84 62.35 128.77
CA THR TF 287 1.59 62.93 128.32
C THR TF 287 1.51 64.34 128.89
N ARG TF 288 1.50 65.31 127.99
CA ARG TF 288 1.63 66.71 128.35
C ARG TF 288 0.48 67.49 127.74
N ALA TF 289 -0.18 68.31 128.55
CA ALA TF 289 -1.27 69.15 128.05
C ALA TF 289 -1.27 70.48 128.80
N ASP TF 290 -1.34 71.57 128.05
CA ASP TF 290 -1.22 72.89 128.62
C ASP TF 290 -1.99 73.89 127.77
N PHE TF 291 -2.59 74.88 128.44
CA PHE TF 291 -3.38 75.90 127.76
C PHE TF 291 -3.20 77.23 128.45
N MET TF 292 -3.18 78.29 127.65
CA MET TF 292 -3.09 79.66 128.14
C MET TF 292 -4.18 80.47 127.47
N ALA TF 293 -4.80 81.38 128.22
CA ALA TF 293 -6.00 82.05 127.71
C ALA TF 293 -5.65 83.37 127.03
N PHE TF 294 -5.04 84.28 127.76
CA PHE TF 294 -4.72 85.61 127.23
C PHE TF 294 -3.24 85.75 126.93
N ASN TF 295 -2.42 85.81 127.97
CA ASN TF 295 -1.00 86.05 127.78
C ASN TF 295 -0.18 85.11 128.65
N GLY TF 296 -0.73 83.96 129.01
CA GLY TF 296 0.04 82.96 129.70
C GLY TF 296 1.07 82.32 128.80
N SER TF 297 2.03 81.67 129.42
CA SER TF 297 3.17 81.13 128.70
C SER TF 297 3.57 79.81 129.33
N VAL TF 298 3.90 78.85 128.47
CA VAL TF 298 4.20 77.49 128.89
C VAL TF 298 5.41 77.01 128.11
N LEU TF 299 6.53 76.78 128.81
CA LEU TF 299 7.80 76.61 128.13
C LEU TF 299 8.62 75.49 128.76
N ASP TF 300 9.56 74.98 127.95
CA ASP TF 300 10.43 73.87 128.28
C ASP TF 300 11.72 74.31 128.96
N MET TF 301 12.45 75.22 128.28
CA MET TF 301 13.76 75.79 128.66
C MET TF 301 14.71 74.77 129.29
N ARG TF 302 14.85 73.62 128.64
CA ARG TF 302 15.94 72.73 128.99
C ARG TF 302 17.22 73.20 128.32
N GLU TF 303 18.34 72.60 128.73
CA GLU TF 303 19.64 73.21 128.48
C GLU TF 303 20.19 72.99 127.07
N TRP TF 304 19.64 72.03 126.33
CA TRP TF 304 20.06 71.67 124.96
C TRP TF 304 21.53 71.26 124.90
N GLY TF 305 22.09 70.76 125.99
CA GLY TF 305 23.51 70.56 126.06
C GLY TF 305 23.87 69.25 126.72
N GLN TF 306 22.88 68.54 127.22
CA GLN TF 306 23.13 67.22 127.76
C GLN TF 306 23.48 66.26 126.65
N SER TF 307 24.38 65.33 126.96
CA SER TF 307 24.78 64.31 126.02
C SER TF 307 23.80 63.15 125.97
N ASP TF 308 22.74 63.20 126.76
CA ASP TF 308 21.78 62.11 126.87
C ASP TF 308 20.36 62.64 126.86
N LEU TF 309 20.14 63.83 126.30
CA LEU TF 309 18.79 64.36 126.22
C LEU TF 309 17.99 63.61 125.18
N LYS TF 310 16.72 63.35 125.50
CA LYS TF 310 15.83 62.61 124.61
C LYS TF 310 14.98 63.56 123.79
N ASP TF 311 14.32 63.00 122.79
CA ASP TF 311 13.58 63.79 121.83
C ASP TF 311 12.07 63.62 122.06
N PHE TF 312 11.29 64.37 121.28
CA PHE TF 312 9.85 64.22 121.27
C PHE TF 312 9.44 62.91 120.63
N ASP TF 313 8.18 62.55 120.83
CA ASP TF 313 7.57 61.41 120.18
C ASP TF 313 6.27 61.88 119.55
N ARG TF 314 5.67 60.99 118.75
CA ARG TF 314 4.35 61.25 118.19
C ARG TF 314 3.32 61.39 119.30
N TYR TF 315 3.39 60.51 120.28
CA TYR TF 315 2.43 60.53 121.38
C TYR TF 315 2.63 61.73 122.29
N ASN TF 316 3.86 62.24 122.36
CA ASN TF 316 4.17 63.42 123.16
C ASN TF 316 4.21 64.69 122.34
N LYS TF 317 3.86 64.61 121.05
CA LYS TF 317 3.95 65.80 120.21
C LYS TF 317 2.83 66.77 120.53
N GLN TF 318 3.18 68.04 120.68
CA GLN TF 318 2.22 69.09 120.98
C GLN TF 318 2.63 70.33 120.21
N PHE TF 319 1.67 71.22 120.02
CA PHE TF 319 1.91 72.51 119.39
C PHE TF 319 1.22 73.59 120.21
N PRO TF 320 1.83 74.00 121.33
CA PRO TF 320 1.22 74.96 122.24
C PRO TF 320 1.12 76.36 121.66
N ASP UF 39 -1.81 84.14 78.59
CA ASP UF 39 -1.00 83.99 77.40
C ASP UF 39 0.20 84.92 77.48
N GLY UF 40 -0.06 86.19 77.78
CA GLY UF 40 1.01 87.14 77.99
C GLY UF 40 1.76 86.83 79.26
N CYS UF 41 3.00 86.34 79.10
CA CYS UF 41 3.74 85.84 80.24
C CYS UF 41 4.23 86.97 81.13
N CYS UF 42 4.77 88.03 80.52
CA CYS UF 42 5.19 89.18 81.32
C CYS UF 42 4.08 90.21 81.44
N SER UF 43 2.89 89.74 81.78
CA SER UF 43 1.75 90.64 81.96
C SER UF 43 1.91 91.37 83.28
N LYS UF 44 1.59 92.67 83.26
CA LYS UF 44 1.90 93.64 84.32
C LYS UF 44 3.39 93.67 84.65
N MET UF 45 4.21 93.35 83.65
CA MET UF 45 5.66 93.43 83.76
C MET UF 45 6.14 94.23 82.56
N GLY UF 46 7.44 94.29 82.34
CA GLY UF 46 7.94 95.15 81.30
C GLY UF 46 7.83 94.61 79.89
N GLY UF 47 7.32 93.40 79.73
CA GLY UF 47 7.31 92.74 78.44
C GLY UF 47 8.35 91.64 78.39
N ILE UF 48 8.39 90.97 77.26
CA ILE UF 48 9.26 89.82 77.09
C ILE UF 48 10.64 90.31 76.71
N ASN UF 49 11.67 89.61 77.17
CA ASN UF 49 13.00 89.84 76.60
C ASN UF 49 13.35 88.76 75.60
N TYR UF 50 13.47 87.51 76.05
CA TYR UF 50 13.83 86.38 75.19
C TYR UF 50 13.59 85.09 75.97
N CYS UF 51 14.05 83.99 75.39
CA CYS UF 51 14.02 82.67 76.01
C CYS UF 51 15.45 82.22 76.23
N ASP UF 52 15.82 82.05 77.49
CA ASP UF 52 17.06 81.36 77.80
C ASP UF 52 16.78 79.87 77.80
N SER UF 53 17.41 79.16 76.87
CA SER UF 53 17.20 77.72 76.74
C SER UF 53 17.88 76.96 77.84
N SER UF 54 18.96 77.50 78.41
CA SER UF 54 19.60 76.85 79.55
C SER UF 54 18.68 76.85 80.75
N ALA UF 55 17.95 77.94 80.95
CA ALA UF 55 16.88 77.91 81.93
C ALA UF 55 15.64 77.22 81.40
N GLY UF 56 15.52 77.09 80.08
CA GLY UF 56 14.30 76.59 79.50
C GLY UF 56 13.13 77.53 79.61
N ARG UF 57 13.38 78.81 79.90
CA ARG UF 57 12.31 79.72 80.29
C ARG UF 57 12.57 81.10 79.72
N LEU UF 58 11.54 81.93 79.78
CA LEU UF 58 11.63 83.29 79.30
C LEU UF 58 12.22 84.20 80.36
N VAL UF 59 12.51 85.44 79.96
CA VAL UF 59 12.89 86.49 80.88
C VAL UF 59 12.07 87.73 80.59
N CYS UF 60 11.54 88.35 81.64
CA CYS UF 60 10.81 89.58 81.49
C CYS UF 60 11.76 90.76 81.54
N ASN UF 61 11.26 91.94 81.18
CA ASN UF 61 12.11 93.13 81.16
C ASN UF 61 12.52 93.54 82.56
N ASN UF 62 11.60 93.51 83.51
CA ASN UF 62 12.01 93.48 84.90
C ASN UF 62 12.63 92.14 85.20
N GLY UF 63 13.61 92.15 86.10
CA GLY UF 63 14.45 90.98 86.31
C GLY UF 63 13.78 89.85 87.06
N PHE UF 64 12.82 89.19 86.43
CA PHE UF 64 12.16 88.07 87.06
C PHE UF 64 12.09 86.91 86.09
N TYR UF 65 12.45 85.73 86.57
CA TYR UF 65 12.26 84.53 85.77
C TYR UF 65 10.78 84.25 85.63
N SER UF 66 10.29 84.28 84.40
CA SER UF 66 8.88 84.05 84.16
C SER UF 66 8.52 82.60 84.43
N THR UF 67 7.24 82.40 84.72
CA THR UF 67 6.74 81.06 84.96
C THR UF 67 6.38 80.34 83.67
N CYS UF 68 6.55 80.97 82.52
CA CYS UF 68 6.27 80.31 81.26
C CYS UF 68 7.44 79.44 80.83
N TYR UF 69 7.25 78.71 79.74
CA TYR UF 69 8.25 77.82 79.20
C TYR UF 69 8.55 78.18 77.76
N CYS UF 70 9.72 77.76 77.28
CA CYS UF 70 10.02 77.84 75.86
C CYS UF 70 10.69 76.61 75.29
N THR UF 71 11.34 75.77 76.09
CA THR UF 71 11.97 74.56 75.61
C THR UF 71 11.28 73.35 76.20
N ARG UF 72 11.12 72.30 75.39
CA ARG UF 72 10.63 71.06 75.94
C ARG UF 72 11.68 70.34 76.78
N HIS UF 73 12.95 70.71 76.64
CA HIS UF 73 13.98 70.13 77.50
C HIS UF 73 14.20 70.98 78.74
N ALA UF 74 13.13 71.33 79.42
CA ALA UF 74 13.19 71.99 80.71
C ALA UF 74 12.45 71.13 81.71
N VAL UF 75 12.46 71.56 82.96
CA VAL UF 75 11.79 70.79 84.01
C VAL UF 75 10.31 71.16 84.03
N MET UF 76 9.46 70.17 83.78
CA MET UF 76 8.03 70.32 83.92
C MET UF 76 7.52 69.13 84.70
N ASP UF 77 6.63 69.38 85.66
CA ASP UF 77 6.21 68.36 86.61
C ASP UF 77 5.09 67.51 86.02
N LEU UF 78 5.44 66.73 85.01
CA LEU UF 78 4.49 65.82 84.40
C LEU UF 78 4.15 64.68 85.35
N GLN UF 79 2.86 64.40 85.50
CA GLN UF 79 2.41 63.36 86.41
C GLN UF 79 1.38 62.41 85.84
N PHE UF 80 0.80 62.71 84.70
CA PHE UF 80 -0.16 61.83 84.05
C PHE UF 80 0.30 61.57 82.63
N LEU UF 81 0.02 60.38 82.12
CA LEU UF 81 0.51 60.04 80.80
C LEU UF 81 -0.49 59.14 80.08
N MET UF 82 -0.35 59.09 78.77
CA MET UF 82 -1.24 58.36 77.88
C MET UF 82 -0.56 57.11 77.35
N GLY UF 83 -1.27 56.42 76.46
CA GLY UF 83 -0.72 55.30 75.72
C GLY UF 83 -0.70 54.00 76.49
N CYS UF 84 -1.14 52.92 75.88
CA CYS UF 84 -1.13 51.65 76.57
C CYS UF 84 0.22 50.97 76.36
N CYS UF 85 0.33 49.74 76.89
CA CYS UF 85 1.59 48.98 77.00
C CYS UF 85 2.66 49.75 77.76
N LEU UF 86 2.25 50.57 78.72
CA LEU UF 86 3.20 51.32 79.52
C LEU UF 86 3.85 50.42 80.55
N TRP UF 87 5.00 50.88 81.06
CA TRP UF 87 5.92 50.12 81.91
C TRP UF 87 6.36 48.80 81.28
N HIS UF 88 6.37 48.76 79.96
CA HIS UF 88 6.84 47.65 79.19
C HIS UF 88 7.48 48.24 77.94
N GLY UF 89 7.72 47.41 76.94
CA GLY UF 89 8.49 47.86 75.80
C GLY UF 89 7.72 48.63 74.76
N GLY UF 90 6.53 49.11 75.11
CA GLY UF 90 5.66 49.70 74.12
C GLY UF 90 4.99 48.61 73.32
N VAL UF 91 4.18 49.03 72.36
CA VAL UF 91 3.39 48.08 71.60
C VAL UF 91 4.29 47.32 70.62
N TYR UF 92 3.82 46.17 70.19
CA TYR UF 92 4.48 45.49 69.11
C TYR UF 92 4.19 46.24 67.81
N PRO UF 93 5.17 46.30 66.89
CA PRO UF 93 4.91 46.95 65.60
C PRO UF 93 4.02 46.16 64.67
N GLN UF 94 3.75 44.89 64.97
CA GLN UF 94 3.05 44.02 64.04
C GLN UF 94 1.57 44.34 63.98
N LEU UF 95 0.92 43.77 62.98
CA LEU UF 95 -0.53 43.75 62.88
C LEU UF 95 -1.04 42.38 63.31
N ASN UF 96 -2.37 42.27 63.37
CA ASN UF 96 -3.03 41.00 63.63
C ASN UF 96 -4.36 41.00 62.88
N SER UF 97 -4.89 39.80 62.65
CA SER UF 97 -6.26 39.68 62.18
C SER UF 97 -7.25 40.20 63.21
N SER UF 98 -6.98 39.96 64.49
CA SER UF 98 -7.87 40.36 65.56
C SER UF 98 -7.35 41.60 66.26
N GLY UF 99 -8.09 42.05 67.26
CA GLY UF 99 -7.76 43.20 68.05
C GLY UF 99 -6.88 42.92 69.25
N LEU UF 100 -6.26 41.75 69.31
CA LEU UF 100 -5.34 41.46 70.40
C LEU UF 100 -4.07 42.27 70.25
N VAL UF 101 -3.65 42.92 71.32
CA VAL UF 101 -2.44 43.73 71.33
C VAL UF 101 -1.50 43.17 72.40
N VAL UF 102 -0.27 42.89 72.00
CA VAL UF 102 0.76 42.39 72.91
C VAL UF 102 1.92 43.37 72.87
N CYS UF 103 2.40 43.76 74.05
CA CYS UF 103 3.50 44.69 74.13
C CYS UF 103 4.80 44.04 73.65
N ASN UF 104 5.79 44.89 73.43
CA ASN UF 104 7.07 44.46 72.84
C ASN UF 104 7.84 43.49 73.73
N ASP UF 105 7.59 43.49 75.03
CA ASP UF 105 8.26 42.56 75.92
C ASP UF 105 7.53 41.24 76.05
N GLY UF 106 6.44 41.06 75.31
CA GLY UF 106 5.69 39.83 75.37
C GLY UF 106 4.61 39.78 76.44
N TYR UF 107 4.52 40.80 77.28
CA TYR UF 107 3.43 40.85 78.25
C TYR UF 107 2.11 41.11 77.55
N VAL UF 108 1.06 40.45 78.01
CA VAL UF 108 -0.25 40.52 77.38
C VAL UF 108 -1.09 41.54 78.12
N SER UF 109 -1.76 42.40 77.37
CA SER UF 109 -2.68 43.38 77.90
C SER UF 109 -3.98 43.32 77.15
N GLU UF 110 -5.01 43.97 77.68
CA GLU UF 110 -6.34 43.91 77.09
C GLU UF 110 -7.07 45.24 77.07
N GLU UF 111 -6.55 46.26 77.74
CA GLU UF 111 -7.31 47.50 77.94
C GLU UF 111 -7.47 48.25 76.63
N CYS UF 112 -6.44 48.28 75.82
CA CYS UF 112 -6.56 48.83 74.48
C CYS UF 112 -6.96 47.76 73.48
N SER UF 113 -7.25 46.54 73.92
CA SER UF 113 -7.67 45.48 73.01
C SER UF 113 -9.18 45.46 72.87
N LEU UF 114 -9.63 45.14 71.66
CA LEU UF 114 -11.04 44.99 71.38
C LEU UF 114 -11.56 43.71 72.04
N GLN UF 115 -12.77 43.79 72.58
CA GLN UF 115 -13.32 42.66 73.33
C GLN UF 115 -14.82 42.57 73.11
N LYS UF 116 -15.30 41.36 72.78
CA LYS UF 116 -16.73 41.09 72.70
C LYS UF 116 -17.12 39.89 73.55
N UNK VF 1 19.70 79.32 102.66
CA UNK VF 1 19.50 80.76 102.62
C UNK VF 1 19.98 81.42 103.90
N UNK VF 2 19.04 81.61 104.85
CA UNK VF 2 19.29 82.06 106.22
C UNK VF 2 19.93 83.45 106.31
N UNK VF 3 19.84 84.26 105.26
CA UNK VF 3 20.44 85.59 105.25
C UNK VF 3 19.84 86.40 104.12
N UNK VF 4 19.41 87.62 104.43
CA UNK VF 4 18.93 88.51 103.38
C UNK VF 4 20.09 89.20 102.67
N UNK VF 5 20.90 89.94 103.43
CA UNK VF 5 22.02 90.68 102.90
C UNK VF 5 23.27 90.29 103.66
N UNK VF 6 24.32 89.94 102.93
CA UNK VF 6 25.59 89.58 103.53
C UNK VF 6 26.24 90.84 104.10
N UNK VF 7 26.16 90.98 105.42
CA UNK VF 7 26.78 92.13 106.07
C UNK VF 7 28.28 91.99 106.05
N UNK VF 8 28.93 92.82 105.23
CA UNK VF 8 30.39 92.78 105.07
C UNK VF 8 30.99 93.62 106.18
N UNK VF 9 31.21 92.97 107.33
CA UNK VF 9 31.78 93.56 108.55
C UNK VF 9 31.04 94.79 109.04
N UNK WF 1 23.14 -68.48 90.42
CA UNK WF 1 23.18 -67.05 90.15
C UNK WF 1 24.46 -66.44 90.69
N UNK WF 2 24.53 -65.11 90.62
CA UNK WF 2 25.68 -64.41 91.18
C UNK WF 2 25.61 -64.43 92.70
N UNK WF 3 26.79 -64.52 93.33
CA UNK WF 3 26.87 -64.59 94.78
C UNK WF 3 26.98 -63.17 95.34
N UNK WF 4 25.87 -62.68 95.90
CA UNK WF 4 25.86 -61.33 96.45
C UNK WF 4 26.70 -61.22 97.72
N UNK WF 5 26.80 -62.31 98.48
CA UNK WF 5 27.68 -62.32 99.65
C UNK WF 5 29.13 -62.18 99.24
N UNK WF 6 29.55 -62.90 98.20
CA UNK WF 6 30.89 -62.72 97.66
C UNK WF 6 31.05 -61.35 97.01
N UNK WF 7 29.96 -60.78 96.48
CA UNK WF 7 30.01 -59.43 95.91
C UNK WF 7 30.27 -58.38 96.98
N UNK WF 8 29.58 -58.49 98.12
CA UNK WF 8 29.83 -57.58 99.24
C UNK WF 8 31.21 -57.80 99.84
N UNK WF 9 31.66 -59.06 99.88
CA UNK WF 9 33.01 -59.36 100.35
C UNK WF 9 34.07 -58.75 99.43
N UNK WF 10 33.86 -58.83 98.12
CA UNK WF 10 34.79 -58.21 97.16
C UNK WF 10 34.75 -56.70 97.26
N UNK WF 11 33.57 -56.12 97.49
CA UNK WF 11 33.44 -54.68 97.64
C UNK WF 11 34.18 -54.19 98.87
N UNK WF 12 34.04 -54.89 100.00
CA UNK WF 12 34.78 -54.52 101.20
C UNK WF 12 36.27 -54.76 101.05
N UNK WF 13 36.66 -55.82 100.33
CA UNK WF 13 38.07 -56.12 100.15
C UNK WF 13 38.75 -55.09 99.25
N UNK WF 14 38.05 -54.60 98.23
CA UNK WF 14 38.60 -53.53 97.41
C UNK WF 14 38.55 -52.19 98.14
N UNK WF 15 37.57 -52.01 99.04
CA UNK WF 15 37.54 -50.82 99.88
C UNK WF 15 38.72 -50.80 100.83
N UNK WF 16 39.10 -51.95 101.37
CA UNK WF 16 40.27 -52.06 102.26
C UNK WF 16 41.49 -52.46 101.44
N UNK WF 17 41.77 -51.65 100.42
CA UNK WF 17 42.95 -51.87 99.59
C UNK WF 17 44.22 -51.52 100.34
N UNK WF 18 44.21 -50.38 101.05
CA UNK WF 18 45.33 -49.88 101.85
C UNK WF 18 46.61 -49.74 101.02
N UNK WF 19 46.47 -49.20 99.80
CA UNK WF 19 47.61 -49.12 98.89
C UNK WF 19 47.45 -47.87 98.02
N UNK WF 20 48.09 -46.78 98.43
CA UNK WF 20 48.11 -45.55 97.65
C UNK WF 20 49.29 -44.70 98.11
N UNK WF 21 50.23 -44.45 97.21
CA UNK WF 21 51.35 -43.57 97.47
C UNK WF 21 51.66 -42.80 96.20
N UNK WF 22 51.89 -41.50 96.33
CA UNK WF 22 52.06 -40.62 95.18
C UNK WF 22 53.44 -39.99 95.21
N UNK WF 23 53.75 -39.29 94.12
CA UNK WF 23 54.97 -38.51 93.99
C UNK WF 23 54.61 -37.13 93.48
N UNK WF 24 55.64 -36.30 93.32
CA UNK WF 24 55.45 -34.95 92.79
C UNK WF 24 56.73 -34.51 92.11
N UNK WF 25 56.64 -33.41 91.38
CA UNK WF 25 57.76 -32.89 90.62
C UNK WF 25 57.97 -31.41 90.95
N UNK WF 26 59.19 -30.96 90.71
CA UNK WF 26 59.56 -29.57 90.84
C UNK WF 26 59.47 -28.90 89.48
N UNK WF 27 59.88 -27.62 89.41
CA UNK WF 27 59.82 -26.89 88.15
C UNK WF 27 60.87 -27.37 87.16
N UNK WF 28 62.04 -27.77 87.66
CA UNK WF 28 63.10 -28.33 86.83
C UNK WF 28 63.10 -29.86 86.86
N UNK WF 29 61.92 -30.46 87.08
CA UNK WF 29 61.69 -31.91 87.09
C UNK WF 29 62.56 -32.62 88.12
N UNK WF 30 62.72 -32.02 89.28
CA UNK WF 30 63.39 -32.66 90.41
C UNK WF 30 62.33 -33.41 91.21
N UNK WF 31 62.13 -34.68 90.89
CA UNK WF 31 61.01 -35.45 91.42
C UNK WF 31 61.24 -35.81 92.88
N UNK WF 32 60.13 -36.09 93.56
CA UNK WF 32 60.15 -36.45 94.98
C UNK WF 32 59.01 -37.42 95.23
N UNK WF 33 59.35 -38.62 95.72
CA UNK WF 33 58.37 -39.65 96.05
C UNK WF 33 58.51 -40.02 97.52
N UNK WF 34 57.37 -40.24 98.17
CA UNK WF 34 57.32 -40.49 99.61
C UNK WF 34 56.98 -41.96 99.88
N UNK WF 35 56.84 -42.28 101.16
CA UNK WF 35 56.58 -43.63 101.60
C UNK WF 35 55.12 -44.01 101.40
N UNK WF 36 54.84 -45.30 101.48
CA UNK WF 36 53.49 -45.82 101.33
C UNK WF 36 52.68 -45.56 102.58
N UNK WF 37 51.52 -44.92 102.42
CA UNK WF 37 50.64 -44.60 103.53
C UNK WF 37 49.22 -45.02 103.20
N UNK WF 38 48.46 -45.30 104.26
CA UNK WF 38 47.07 -45.78 104.23
C UNK WF 38 46.88 -47.00 103.35
N UNK WF 39 51.76 -27.99 88.27
CA UNK WF 39 53.19 -28.26 88.30
C UNK WF 39 53.69 -28.34 89.74
N UNK WF 40 52.77 -28.60 90.67
CA UNK WF 40 53.12 -28.83 92.06
C UNK WF 40 53.16 -30.31 92.38
N UNK WF 41 52.05 -31.01 92.17
CA UNK WF 41 51.96 -32.44 92.40
C UNK WF 41 51.02 -33.04 91.39
N UNK WF 42 51.44 -34.12 90.75
CA UNK WF 42 50.58 -34.79 89.78
C UNK WF 42 49.46 -35.50 90.51
N UNK WF 43 48.22 -35.24 90.09
CA UNK WF 43 47.08 -35.95 90.68
C UNK WF 43 47.04 -37.40 90.25
N UNK WF 44 47.67 -37.74 89.13
CA UNK WF 44 47.73 -39.11 88.65
C UNK WF 44 48.96 -39.85 89.17
N UNK WF 45 49.72 -39.25 90.08
CA UNK WF 45 50.94 -39.87 90.58
C UNK WF 45 50.70 -40.94 91.63
N UNK WF 46 49.45 -41.11 92.09
CA UNK WF 46 49.15 -42.10 93.10
C UNK WF 46 49.17 -43.50 92.49
N UNK WF 47 49.88 -44.43 93.13
CA UNK WF 47 49.95 -45.81 92.70
C UNK WF 47 49.80 -46.72 93.92
N UNK WF 48 49.27 -47.92 93.68
CA UNK WF 48 49.06 -48.89 94.75
C UNK WF 48 50.37 -49.56 95.14
N LYS XF 24 -9.99 84.81 111.19
CA LYS XF 24 -11.38 84.58 110.85
C LYS XF 24 -11.58 83.18 110.28
N PHE XF 25 -10.76 82.83 109.30
CA PHE XF 25 -10.84 81.54 108.64
C PHE XF 25 -9.60 80.72 108.94
N LYS XF 26 -9.80 79.52 109.47
CA LYS XF 26 -8.75 78.54 109.66
C LYS XF 26 -9.04 77.38 108.72
N LYS XF 27 -8.20 77.20 107.75
CA LYS XF 27 -8.47 76.15 106.79
C LYS XF 27 -8.05 74.80 107.36
N PRO XF 28 -8.76 73.74 106.99
CA PRO XF 28 -8.33 72.40 107.36
C PRO XF 28 -7.10 72.00 106.55
N PRO XF 29 -6.39 70.96 106.96
CA PRO XF 29 -5.30 70.45 106.11
C PRO XF 29 -5.83 69.95 104.78
N ILE XF 30 -5.06 70.25 103.73
CA ILE XF 30 -5.56 70.07 102.38
C ILE XF 30 -5.45 68.62 101.95
N ASN XF 31 -4.26 68.04 102.05
CA ASN XF 31 -4.08 66.65 101.66
C ASN XF 31 -4.28 65.72 102.85
N ASN XF 32 -5.38 65.91 103.57
CA ASN XF 32 -5.78 65.24 104.79
C ASN XF 32 -6.53 63.96 104.47
N PRO XF 33 -6.32 62.90 105.23
CA PRO XF 33 -7.13 61.71 105.07
C PRO XF 33 -8.51 61.91 105.68
N SER XF 34 -9.41 62.55 104.93
CA SER XF 34 -10.75 62.82 105.43
C SER XF 34 -11.70 61.66 105.22
N ASP XF 35 -11.29 60.64 104.48
CA ASP XF 35 -12.12 59.48 104.22
C ASP XF 35 -11.56 58.29 105.00
N ASP XF 36 -12.46 57.38 105.39
CA ASP XF 36 -12.11 56.30 106.31
C ASP XF 36 -11.13 55.31 105.69
N ALA XF 37 -11.27 55.06 104.39
CA ALA XF 37 -10.29 54.22 103.69
C ALA XF 37 -8.90 54.85 103.75
N THR XF 38 -8.84 56.17 103.55
CA THR XF 38 -7.59 56.89 103.65
C THR XF 38 -7.04 56.86 105.06
N ILE XF 39 -7.93 56.91 106.06
CA ILE XF 39 -7.53 56.86 107.45
C ILE XF 39 -6.86 55.53 107.77
N LYS XF 40 -7.50 54.45 107.32
CA LYS XF 40 -6.97 53.11 107.53
C LYS XF 40 -5.63 52.94 106.83
N LEU XF 41 -5.52 53.46 105.60
CA LEU XF 41 -4.28 53.36 104.85
C LEU XF 41 -3.16 54.15 105.53
N ALA XF 42 -3.49 55.33 106.06
CA ALA XF 42 -2.48 56.18 106.66
C ALA XF 42 -1.93 55.58 107.95
N GLU XF 43 -2.82 55.03 108.79
CA GLU XF 43 -2.31 54.40 109.99
C GLU XF 43 -1.58 53.10 109.69
N ALA XF 44 -1.96 52.43 108.59
CA ALA XF 44 -1.16 51.29 108.13
C ALA XF 44 0.23 51.73 107.72
N ALA XF 45 0.33 52.90 107.09
CA ALA XF 45 1.62 53.43 106.69
C ALA XF 45 2.49 53.74 107.90
N VAL XF 46 1.87 54.32 108.93
CA VAL XF 46 2.59 54.61 110.16
C VAL XF 46 3.11 53.33 110.80
N SER XF 47 2.25 52.30 110.83
CA SER XF 47 2.62 51.03 111.44
C SER XF 47 3.76 50.36 110.70
N VAL XF 48 3.69 50.33 109.37
CA VAL XF 48 4.71 49.62 108.62
C VAL XF 48 6.02 50.41 108.64
N SER XF 49 5.95 51.74 108.73
CA SER XF 49 7.17 52.53 108.82
C SER XF 49 7.87 52.30 110.14
N ASP XF 50 7.09 52.22 111.23
CA ASP XF 50 7.66 51.92 112.54
C ASP XF 50 8.29 50.53 112.55
N SER XF 51 7.62 49.56 111.94
CA SER XF 51 8.13 48.19 111.93
C SER XF 51 9.43 48.10 111.14
N MET XF 52 9.50 48.78 110.00
CA MET XF 52 10.73 48.78 109.20
C MET XF 52 11.87 49.45 109.96
N LEU XF 53 11.56 50.55 110.65
CA LEU XF 53 12.58 51.25 111.43
C LEU XF 53 13.12 50.38 112.55
N GLU XF 54 12.24 49.65 113.23
CA GLU XF 54 12.67 48.83 114.35
C GLU XF 54 13.48 47.63 113.87
N MET XF 55 13.11 47.06 112.72
CA MET XF 55 13.90 45.98 112.14
C MET XF 55 15.28 46.47 111.75
N ALA XF 56 15.36 47.69 111.20
CA ALA XF 56 16.66 48.26 110.87
C ALA XF 56 17.51 48.50 112.12
N LYS XF 57 16.86 48.94 113.20
CA LYS XF 57 17.56 49.18 114.46
C LYS XF 57 18.15 47.90 115.01
N VAL XF 58 17.41 46.80 114.94
CA VAL XF 58 18.01 45.53 115.37
C VAL XF 58 18.93 44.95 114.32
N GLU XF 59 18.90 45.48 113.09
CA GLU XF 59 19.70 44.91 112.03
C GLU XF 59 21.12 45.45 112.01
N LYS XF 60 21.29 46.76 112.12
CA LYS XF 60 22.57 47.37 111.80
C LYS XF 60 23.61 47.14 112.88
N VAL XF 61 24.83 46.84 112.46
CA VAL XF 61 25.96 46.62 113.36
C VAL XF 61 26.72 47.94 113.50
N ILE XF 62 26.98 48.34 114.74
CA ILE XF 62 27.62 49.62 115.02
C ILE XF 62 28.79 49.38 115.97
N THR XF 63 29.97 49.86 115.58
CA THR XF 63 31.25 49.83 116.29
C THR XF 63 31.45 51.10 117.10
N PRO XF 64 31.99 51.00 118.32
CA PRO XF 64 32.23 52.18 119.14
C PRO XF 64 33.44 52.95 118.64
N PRO XF 65 33.53 54.24 118.95
CA PRO XF 65 34.73 55.00 118.60
C PRO XF 65 35.89 54.77 119.55
N SER XF 66 35.65 54.06 120.66
CA SER XF 66 36.73 53.72 121.59
C SER XF 66 37.77 52.83 120.93
N LYS XF 67 37.32 51.87 120.13
CA LYS XF 67 38.20 51.02 119.35
C LYS XF 67 37.96 51.22 117.86
N ASP XF 68 37.83 52.48 117.45
CA ASP XF 68 37.72 52.79 116.03
C ASP XF 68 39.07 52.52 115.36
N ASN XF 69 39.03 51.79 114.25
CA ASN XF 69 40.23 51.26 113.63
C ASN XF 69 40.61 52.14 112.43
N THR XF 70 41.20 53.29 112.74
CA THR XF 70 41.75 54.20 111.73
C THR XF 70 42.81 55.04 112.41
N LEU XF 71 43.26 56.09 111.71
CA LEU XF 71 44.24 57.03 112.22
C LEU XF 71 43.59 58.37 112.47
N THR XF 72 43.89 58.97 113.62
CA THR XF 72 43.31 60.25 113.99
C THR XF 72 44.07 61.39 113.32
N ILE XF 73 43.72 62.61 113.68
CA ILE XF 73 44.30 63.82 113.10
C ILE XF 73 45.72 64.00 113.61
N PRO XF 74 46.71 64.22 112.74
CA PRO XF 74 48.08 64.38 113.22
C PRO XF 74 48.36 65.72 113.89
N ASN XF 75 47.55 66.74 113.59
CA ASN XF 75 47.53 68.08 114.24
C ASN XF 75 48.89 68.78 114.31
N ALA XF 76 49.81 68.44 113.41
CA ALA XF 76 51.06 69.20 113.31
C ALA XF 76 50.91 70.33 112.31
N TYR XF 77 51.73 71.36 112.48
CA TYR XF 77 51.52 72.60 111.74
C TYR XF 77 51.89 72.45 110.26
N ASN XF 78 52.94 71.68 109.97
CA ASN XF 78 53.31 71.46 108.58
C ASN XF 78 52.30 70.61 107.82
N LEU XF 79 51.38 69.96 108.52
CA LEU XF 79 50.34 69.16 107.89
C LEU XF 79 49.01 69.88 107.84
N GLN XF 80 49.02 71.20 107.64
CA GLN XF 80 47.80 71.97 107.54
C GLN XF 80 47.60 72.56 106.15
N ALA XF 81 48.40 72.17 105.18
CA ALA XF 81 48.29 72.74 103.85
C ALA XF 81 47.11 72.15 103.08
N ARG XF 82 46.74 72.82 102.00
CA ARG XF 82 45.60 72.44 101.17
C ARG XF 82 46.06 72.22 99.74
N ALA XF 83 45.41 71.29 99.05
CA ALA XF 83 45.79 70.96 97.68
C ALA XF 83 44.60 70.37 96.95
N SER XF 84 44.77 70.19 95.65
CA SER XF 84 43.82 69.49 94.79
C SER XF 84 44.53 68.28 94.20
N VAL XF 85 43.94 67.10 94.40
CA VAL XF 85 44.59 65.85 94.01
C VAL XF 85 43.62 65.03 93.18
N ASP XF 86 44.09 64.58 92.02
CA ASP XF 86 43.37 63.58 91.22
C ASP XF 86 44.31 62.43 90.91
N TRP XF 87 43.88 61.22 91.24
CA TRP XF 87 44.74 60.06 91.12
C TRP XF 87 43.87 58.82 91.05
N SER XF 88 44.36 57.81 90.32
CA SER XF 88 43.76 56.49 90.35
C SER XF 88 44.89 55.48 90.10
N GLY XF 89 45.38 54.88 91.17
CA GLY XF 89 46.45 53.91 91.05
C GLY XF 89 47.02 53.47 92.38
N PRO XF 90 48.26 52.96 92.35
CA PRO XF 90 48.88 52.45 93.57
C PRO XF 90 49.21 53.56 94.55
N ILE XF 91 49.40 53.14 95.80
CA ILE XF 91 49.25 54.03 96.94
C ILE XF 91 50.57 54.63 97.39
N GLU XF 92 51.63 53.81 97.42
CA GLU XF 92 52.88 54.16 98.07
C GLU XF 92 53.56 55.36 97.42
N GLU XF 93 53.50 55.42 96.10
CA GLU XF 93 54.08 56.56 95.39
C GLU XF 93 53.33 57.85 95.73
N LEU XF 94 52.01 57.77 95.84
CA LEU XF 94 51.22 58.94 96.21
C LEU XF 94 51.55 59.39 97.63
N THR XF 95 51.75 58.43 98.54
CA THR XF 95 52.15 58.77 99.90
C THR XF 95 53.52 59.43 99.93
N ALA XF 96 54.44 58.93 99.11
CA ALA XF 96 55.78 59.51 99.05
C ALA XF 96 55.74 60.93 98.52
N ARG XF 97 54.91 61.19 97.49
CA ARG XF 97 54.78 62.54 96.97
C ARG XF 97 54.16 63.47 98.01
N ILE XF 98 53.18 62.98 98.77
CA ILE XF 98 52.53 63.77 99.80
C ILE XF 98 53.52 64.14 100.90
N ALA XF 99 54.33 63.16 101.32
CA ALA XF 99 55.35 63.42 102.33
C ALA XF 99 56.39 64.40 101.81
N LYS XF 100 56.75 64.29 100.53
CA LYS XF 100 57.72 65.19 99.94
C LYS XF 100 57.18 66.61 99.89
N ALA XF 101 55.88 66.75 99.66
CA ALA XF 101 55.28 68.08 99.75
C ALA XF 101 55.22 68.56 101.18
N ALA XF 102 55.09 67.65 102.15
CA ALA XF 102 54.88 68.02 103.53
C ALA XF 102 56.18 68.07 104.34
N HIS XF 103 57.33 67.96 103.67
CA HIS XF 103 58.67 68.03 104.30
C HIS XF 103 58.85 66.95 105.34
N PHE XF 104 58.34 65.76 105.05
CA PHE XF 104 58.46 64.63 105.95
C PHE XF 104 59.18 63.51 105.23
N ARG XF 105 60.08 62.85 105.95
CA ARG XF 105 60.69 61.65 105.41
C ARG XF 105 59.66 60.54 105.35
N PHE XF 106 59.88 59.60 104.46
CA PHE XF 106 58.91 58.55 104.23
C PHE XF 106 59.61 57.21 104.17
N ARG XF 107 59.03 56.20 104.83
CA ARG XF 107 59.61 54.87 104.72
C ARG XF 107 58.52 53.81 104.85
N VAL XF 108 58.88 52.62 104.39
CA VAL XF 108 57.96 51.49 104.33
C VAL XF 108 58.41 50.42 105.31
N LEU XF 109 57.50 49.50 105.60
CA LEU XF 109 57.75 48.42 106.54
C LEU XF 109 56.95 47.22 106.06
N GLY XF 110 57.66 46.21 105.56
CA GLY XF 110 57.05 45.00 105.06
C GLY XF 110 57.47 44.74 103.63
N LYS XF 111 56.56 44.11 102.88
CA LYS XF 111 56.79 43.79 101.48
C LYS XF 111 55.57 44.19 100.67
N SER XF 112 55.82 44.82 99.53
CA SER XF 112 54.72 45.11 98.62
C SER XF 112 54.24 43.83 97.96
N PRO XF 113 52.93 43.65 97.83
CA PRO XF 113 52.41 42.47 97.15
C PRO XF 113 52.63 42.56 95.65
N SER XF 114 52.49 41.41 95.00
CA SER XF 114 52.66 41.35 93.55
C SER XF 114 51.54 42.10 92.84
N VAL XF 115 50.30 41.87 93.25
CA VAL XF 115 49.16 42.62 92.73
C VAL XF 115 49.00 43.86 93.61
N PRO XF 116 49.24 45.05 93.09
CA PRO XF 116 49.35 46.23 93.96
C PRO XF 116 47.99 46.75 94.37
N VAL XF 117 47.95 47.32 95.57
CA VAL XF 117 46.71 47.88 96.09
C VAL XF 117 46.48 49.24 95.44
N LEU XF 118 45.29 49.43 94.88
CA LEU XF 118 45.00 50.56 94.02
C LEU XF 118 43.97 51.46 94.67
N ILE XF 119 44.19 52.77 94.59
CA ILE XF 119 43.35 53.76 95.25
C ILE XF 119 43.10 54.91 94.27
N SER XF 120 41.84 55.30 94.12
CA SER XF 120 41.47 56.47 93.35
C SER XF 120 40.94 57.54 94.30
N ILE XF 121 41.51 58.74 94.22
CA ILE XF 121 41.06 59.89 94.99
C ILE XF 121 41.00 61.10 94.07
N SER XF 122 39.85 61.76 94.05
CA SER XF 122 39.69 63.01 93.30
C SER XF 122 39.02 64.02 94.20
N THR XF 123 39.75 65.06 94.58
CA THR XF 123 39.20 66.11 95.43
C THR XF 123 39.96 67.40 95.19
N LYS XF 124 39.38 68.49 95.67
CA LYS XF 124 39.77 69.83 95.24
C LYS XF 124 40.33 70.70 96.35
N ASP XF 125 39.68 70.81 97.49
CA ASP XF 125 40.10 71.78 98.50
C ASP XF 125 39.74 71.23 99.88
N GLU XF 126 40.74 70.70 100.58
CA GLU XF 126 40.57 70.07 101.88
C GLU XF 126 41.92 70.05 102.59
N SER XF 127 42.03 69.22 103.63
CA SER XF 127 43.25 69.05 104.38
C SER XF 127 44.00 67.81 103.91
N LEU XF 128 45.32 67.91 103.87
CA LEU XF 128 46.13 66.74 103.61
C LEU XF 128 46.04 65.71 104.73
N ALA XF 129 45.73 66.15 105.95
CA ALA XF 129 45.43 65.20 107.01
C ALA XF 129 44.19 64.40 106.69
N GLU XF 130 43.17 65.06 106.13
CA GLU XF 130 42.00 64.34 105.66
C GLU XF 130 42.34 63.44 104.49
N ILE XF 131 43.31 63.85 103.65
CA ILE XF 131 43.75 63.02 102.54
C ILE XF 131 44.39 61.74 103.06
N LEU XF 132 45.23 61.87 104.08
CA LEU XF 132 45.84 60.70 104.70
C LEU XF 132 44.80 59.83 105.38
N ARG XF 133 43.78 60.46 105.97
CA ARG XF 133 42.70 59.70 106.59
C ARG XF 133 41.93 58.90 105.55
N ASP XF 134 41.64 59.52 104.40
CA ASP XF 134 40.93 58.83 103.34
C ASP XF 134 41.77 57.71 102.76
N ILE XF 135 43.08 57.94 102.68
CA ILE XF 135 44.01 56.90 102.24
C ILE XF 135 43.96 55.72 103.19
N ASP XF 136 43.98 55.98 104.49
CA ASP XF 136 44.01 54.92 105.47
C ASP XF 136 42.70 54.15 105.51
N TYR XF 137 41.58 54.84 105.31
CA TYR XF 137 40.31 54.13 105.29
C TYR XF 137 40.17 53.29 104.03
N GLN XF 138 40.51 53.86 102.87
CA GLN XF 138 40.38 53.13 101.62
C GLN XF 138 41.39 51.99 101.53
N ALA XF 139 42.45 52.04 102.33
CA ALA XF 139 43.43 50.97 102.35
C ALA XF 139 42.85 49.66 102.85
N GLY XF 140 41.81 49.72 103.68
CA GLY XF 140 41.23 48.51 104.19
C GLY XF 140 42.16 47.84 105.18
N LYS XF 141 42.22 46.52 105.11
CA LYS XF 141 43.01 45.73 106.04
C LYS XF 141 44.13 44.99 105.32
N LYS XF 142 44.82 45.67 104.41
CA LYS XF 142 46.05 45.17 103.85
C LYS XF 142 47.24 46.04 104.18
N ALA XF 143 47.03 47.30 104.48
CA ALA XF 143 48.12 48.19 104.85
C ALA XF 143 47.56 49.29 105.73
N SER XF 144 48.45 49.95 106.45
CA SER XF 144 48.08 51.09 107.29
C SER XF 144 49.20 52.10 107.25
N ILE XF 145 48.96 53.24 107.88
CA ILE XF 145 49.92 54.32 107.94
C ILE XF 145 50.10 54.75 109.39
N HIS XF 146 51.26 55.32 109.66
CA HIS XF 146 51.52 55.89 110.97
C HIS XF 146 52.29 57.19 110.79
N VAL XF 147 52.09 58.09 111.74
CA VAL XF 147 52.61 59.44 111.67
C VAL XF 147 53.51 59.67 112.87
N TYR XF 148 54.72 60.16 112.63
CA TYR XF 148 55.56 60.62 113.73
C TYR XF 148 55.91 62.08 113.52
N PRO XF 149 55.34 62.98 114.34
CA PRO XF 149 55.72 64.39 114.27
C PRO XF 149 56.87 64.78 115.16
N ASN XF 150 57.26 63.93 116.10
CA ASN XF 150 58.45 64.17 116.90
C ASN XF 150 59.70 64.10 116.03
N SER XF 151 59.83 63.03 115.26
CA SER XF 151 60.82 62.92 114.21
C SER XF 151 60.05 62.79 112.90
N GLN XF 152 60.22 63.76 112.02
CA GLN XF 152 59.23 64.11 110.99
C GLN XF 152 59.17 63.03 109.92
N VAL XF 153 58.41 61.98 110.21
CA VAL XF 153 58.40 60.82 109.31
C VAL XF 153 56.98 60.26 109.18
N VAL XF 154 56.77 59.56 108.06
CA VAL XF 154 55.57 58.77 107.83
C VAL XF 154 55.98 57.34 107.55
N GLU XF 155 55.23 56.41 108.12
CA GLU XF 155 55.52 54.99 108.04
C GLU XF 155 54.38 54.29 107.31
N LEU XF 156 54.73 53.47 106.34
CA LEU XF 156 53.74 52.71 105.58
C LEU XF 156 53.89 51.23 105.94
N ARG XF 157 52.91 50.67 106.63
CA ARG XF 157 52.99 49.33 107.17
C ARG XF 157 52.16 48.39 106.31
N TYR XF 158 52.80 47.35 105.76
CA TYR XF 158 52.04 46.34 105.04
C TYR XF 158 51.47 45.33 106.03
N ALA XF 159 50.71 44.37 105.50
CA ALA XF 159 50.27 43.23 106.28
C ALA XF 159 51.17 42.03 106.00
N LYS XF 160 50.83 40.90 106.60
CA LYS XF 160 51.65 39.71 106.48
C LYS XF 160 50.93 38.59 105.74
N ILE YF 208 24.19 44.67 142.34
CA ILE YF 208 22.92 45.37 142.49
C ILE YF 208 23.00 46.73 141.80
N ILE YF 209 21.84 47.33 141.55
CA ILE YF 209 21.74 48.58 140.81
C ILE YF 209 21.01 49.61 141.66
N TYR YF 210 21.62 50.80 141.77
CA TYR YF 210 21.04 51.92 142.50
C TYR YF 210 20.40 52.90 141.52
N TYR YF 211 19.40 53.63 142.01
CA TYR YF 211 18.67 54.59 141.20
C TYR YF 211 18.42 55.84 142.01
N ILE YF 212 18.57 56.99 141.38
CA ILE YF 212 18.32 58.25 142.07
C ILE YF 212 16.83 58.46 142.22
N GLN YF 213 16.43 59.17 143.27
CA GLN YF 213 15.02 59.43 143.51
C GLN YF 213 14.72 60.92 143.55
N ALA YF 214 15.44 61.67 144.37
CA ALA YF 214 15.31 63.12 144.40
C ALA YF 214 16.66 63.68 144.78
N VAL YF 215 17.01 64.84 144.21
CA VAL YF 215 18.37 65.35 144.27
C VAL YF 215 18.37 66.81 144.68
N ILE YF 216 19.37 67.18 145.46
CA ILE YF 216 19.65 68.56 145.88
C ILE YF 216 21.14 68.80 145.68
N PRO YF 217 21.58 70.07 145.60
CA PRO YF 217 23.02 70.30 145.64
C PRO YF 217 23.64 69.84 146.95
N GLY YF 218 24.43 68.77 146.88
CA GLY YF 218 25.10 68.26 148.05
C GLY YF 218 24.61 66.90 148.52
N ARG YF 219 23.31 66.65 148.47
CA ARG YF 219 22.73 65.43 148.97
C ARG YF 219 21.80 64.82 147.93
N ALA YF 220 21.61 63.51 148.04
CA ALA YF 220 20.62 62.85 147.21
C ALA YF 220 20.02 61.67 147.96
N TRP YF 221 18.82 61.32 147.55
CA TRP YF 221 18.11 60.15 148.05
C TRP YF 221 18.12 59.09 146.96
N LEU YF 222 18.55 57.88 147.32
CA LEU YF 222 18.78 56.80 146.37
C LEU YF 222 18.00 55.58 146.82
N ILE YF 223 17.64 54.75 145.84
CA ILE YF 223 16.90 53.51 146.08
C ILE YF 223 17.58 52.38 145.31
N GLY YF 224 17.90 51.30 146.00
CA GLY YF 224 18.53 50.16 145.36
C GLY YF 224 17.53 49.23 144.71
N SER YF 225 18.08 48.18 144.08
CA SER YF 225 17.23 47.18 143.45
C SER YF 225 16.50 46.34 144.48
N ASN YF 226 17.07 46.20 145.67
CA ASN YF 226 16.45 45.45 146.76
C ASN YF 226 15.45 46.27 147.55
N GLY YF 227 15.26 47.54 147.19
CA GLY YF 227 14.42 48.42 147.95
C GLY YF 227 15.11 49.14 149.09
N SER YF 228 16.43 48.97 149.22
CA SER YF 228 17.15 49.66 150.28
C SER YF 228 17.26 51.14 149.96
N THR YF 229 16.90 51.98 150.93
CA THR YF 229 17.02 53.41 150.78
C THR YF 229 18.41 53.87 151.21
N LEU YF 230 18.82 55.02 150.70
CA LEU YF 230 20.14 55.52 151.02
C LEU YF 230 20.16 57.03 150.88
N THR YF 231 20.97 57.67 151.72
CA THR YF 231 21.27 59.09 151.61
C THR YF 231 22.74 59.24 151.26
N VAL YF 232 23.03 59.99 150.21
CA VAL YF 232 24.40 60.12 149.73
C VAL YF 232 24.81 61.59 149.79
N ARG YF 233 25.93 61.84 150.46
CA ARG YF 233 26.58 63.13 150.61
C ARG YF 233 27.64 63.31 149.52
N GLU YF 234 28.20 64.52 149.43
CA GLU YF 234 29.38 64.74 148.60
C GLU YF 234 30.54 63.88 149.06
N GLY YF 235 30.75 63.79 150.37
CA GLY YF 235 31.66 62.80 150.89
C GLY YF 235 30.90 61.62 151.46
N SER YF 236 30.81 60.54 150.69
CA SER YF 236 30.10 59.34 151.10
C SER YF 236 30.59 58.17 150.28
N LYS YF 237 30.29 56.97 150.76
CA LYS YF 237 30.75 55.75 150.12
C LYS YF 237 29.57 54.83 149.90
N ILE YF 238 29.47 54.29 148.68
CA ILE YF 238 28.40 53.34 148.35
C ILE YF 238 29.01 51.98 148.05
N PRO YF 239 28.33 50.89 148.36
CA PRO YF 239 28.86 49.57 148.03
C PRO YF 239 28.81 49.31 146.54
N GLY YF 240 29.85 48.64 146.04
CA GLY YF 240 29.93 48.25 144.65
C GLY YF 240 30.42 49.32 143.70
N TYR YF 241 30.46 50.58 144.13
CA TYR YF 241 30.87 51.65 143.21
C TYR YF 241 31.89 52.58 143.87
N GLY YF 242 31.89 52.65 145.18
CA GLY YF 242 32.97 53.29 145.92
C GLY YF 242 32.61 54.70 146.36
N MET YF 243 33.47 55.67 146.02
CA MET YF 243 33.39 57.03 146.51
C MET YF 243 32.78 57.94 145.46
N VAL YF 244 31.83 58.77 145.87
CA VAL YF 244 31.23 59.73 144.95
C VAL YF 244 32.25 60.81 144.61
N LYS YF 245 32.50 61.00 143.32
CA LYS YF 245 33.36 62.09 142.90
C LYS YF 245 32.63 63.43 142.94
N LEU YF 246 31.44 63.49 142.35
CA LEU YF 246 30.67 64.74 142.35
C LEU YF 246 29.18 64.40 142.30
N ILE YF 247 28.38 65.38 142.70
CA ILE YF 247 26.93 65.28 142.64
C ILE YF 247 26.43 66.52 141.89
N ASP YF 248 25.71 66.29 140.79
CA ASP YF 248 25.15 67.36 139.98
C ASP YF 248 23.66 67.43 140.24
N SER YF 249 23.16 68.66 140.44
CA SER YF 249 21.73 68.82 140.69
C SER YF 249 20.97 69.12 139.39
N LEU YF 250 21.59 69.86 138.48
CA LEU YF 250 20.93 70.17 137.23
C LEU YF 250 20.91 68.96 136.31
N GLN YF 251 22.02 68.22 136.26
CA GLN YF 251 22.10 67.00 135.49
C GLN YF 251 21.96 65.82 136.44
N GLY YF 252 21.11 64.87 136.07
CA GLY YF 252 20.84 63.76 136.95
C GLY YF 252 21.85 62.64 136.85
N ARG YF 253 23.13 62.98 136.76
CA ARG YF 253 24.20 62.00 136.65
C ARG YF 253 25.15 62.22 137.82
N ILE YF 254 25.46 61.15 138.54
CA ILE YF 254 26.41 61.24 139.64
C ILE YF 254 27.49 60.20 139.40
N LEU YF 255 28.74 60.66 139.37
CA LEU YF 255 29.88 59.82 139.04
C LEU YF 255 30.57 59.32 140.30
N THR YF 256 30.99 58.05 140.26
CA THR YF 256 31.62 57.41 141.40
C THR YF 256 33.12 57.28 141.16
N SER YF 257 33.81 56.77 142.17
CA SER YF 257 35.26 56.57 142.06
C SER YF 257 35.59 55.46 141.07
N SER YF 258 34.71 54.48 140.90
CA SER YF 258 34.96 53.35 140.03
C SER YF 258 34.61 53.61 138.58
N GLY YF 259 34.48 54.87 138.18
CA GLY YF 259 34.16 55.18 136.80
C GLY YF 259 32.75 54.81 136.39
N GLN YF 260 31.84 54.71 137.35
CA GLN YF 260 30.46 54.34 137.09
C GLN YF 260 29.56 55.53 137.43
N VAL YF 261 28.58 55.78 136.56
CA VAL YF 261 27.67 56.90 136.77
C VAL YF 261 26.28 56.34 137.07
N ILE YF 262 25.52 57.10 137.84
CA ILE YF 262 24.15 56.70 138.20
C ILE YF 262 23.19 57.81 137.78
N LYS YF 263 21.98 57.39 137.43
CA LYS YF 263 20.96 58.22 136.79
C LYS YF 263 19.59 57.73 137.26
N PHE YF 264 18.55 58.10 136.52
CA PHE YF 264 17.18 57.72 136.82
C PHE YF 264 16.92 56.28 136.38
N SER YF 265 15.65 55.89 136.38
CA SER YF 265 15.21 54.57 135.95
C SER YF 265 13.99 54.69 135.07
N GLN YF 266 13.93 53.87 134.03
CA GLN YF 266 12.82 53.90 133.09
C GLN YF 266 12.25 52.50 132.87
N MET ZF 23 4.97 101.19 93.19
CA MET ZF 23 6.31 100.81 93.60
C MET ZF 23 6.79 99.64 92.76
N LYS ZF 24 7.30 99.94 91.56
CA LYS ZF 24 7.72 98.87 90.66
C LYS ZF 24 9.03 98.26 91.12
N PHE ZF 25 9.30 97.06 90.62
CA PHE ZF 25 10.42 96.25 91.06
C PHE ZF 25 11.36 96.00 89.89
N LYS ZF 26 12.63 96.34 90.07
CA LYS ZF 26 13.64 96.18 89.05
C LYS ZF 26 14.78 95.35 89.60
N LYS ZF 27 15.56 94.79 88.69
CA LYS ZF 27 16.76 94.04 89.04
C LYS ZF 27 17.89 94.52 88.14
N PRO ZF 28 19.13 94.49 88.61
CA PRO ZF 28 20.20 95.27 87.95
C PRO ZF 28 20.59 94.78 86.56
N PRO ZF 29 20.96 93.49 86.33
CA PRO ZF 29 21.49 93.18 84.99
C PRO ZF 29 20.37 93.03 83.99
N ILE ZF 30 20.18 94.05 83.16
CA ILE ZF 30 19.23 94.02 82.07
C ILE ZF 30 19.92 94.60 80.85
N ASN ZF 31 19.92 93.84 79.76
CA ASN ZF 31 20.63 94.27 78.57
C ASN ZF 31 19.94 93.68 77.35
N ASN ZF 32 20.63 93.75 76.22
CA ASN ZF 32 20.09 93.32 74.93
C ASN ZF 32 19.88 91.82 74.91
N PRO ZF 33 18.92 91.32 74.13
CA PRO ZF 33 18.67 89.88 74.11
C PRO ZF 33 19.79 89.12 73.43
N SER ZF 34 19.81 87.82 73.69
CA SER ZF 34 20.90 86.93 73.33
C SER ZF 34 20.47 85.90 72.31
N ASP ZF 35 21.35 84.94 72.04
CA ASP ZF 35 21.07 83.81 71.16
C ASP ZF 35 21.42 82.51 71.87
N ASP ZF 36 20.55 81.51 71.69
CA ASP ZF 36 20.73 80.23 72.35
C ASP ZF 36 21.98 79.50 71.86
N ALA ZF 37 22.37 79.72 70.62
CA ALA ZF 37 23.59 79.08 70.15
C ALA ZF 37 24.81 79.72 70.78
N THR ZF 38 24.78 81.03 70.99
CA THR ZF 38 25.84 81.68 71.76
C THR ZF 38 25.86 81.16 73.18
N ILE ZF 39 24.68 80.88 73.73
CA ILE ZF 39 24.57 80.30 75.06
C ILE ZF 39 25.21 78.93 75.11
N LYS ZF 40 24.97 78.11 74.09
CA LYS ZF 40 25.56 76.79 74.02
C LYS ZF 40 27.06 76.88 73.85
N LEU ZF 41 27.53 77.87 73.09
CA LEU ZF 41 28.96 78.11 72.97
C LEU ZF 41 29.57 78.49 74.32
N ALA ZF 42 28.84 79.29 75.09
CA ALA ZF 42 29.31 79.69 76.42
C ALA ZF 42 29.42 78.50 77.35
N GLU ZF 43 28.41 77.65 77.33
CA GLU ZF 43 28.43 76.51 78.24
C GLU ZF 43 29.43 75.45 77.81
N ALA ZF 44 29.83 75.43 76.54
CA ALA ZF 44 30.99 74.64 76.18
C ALA ZF 44 32.27 75.27 76.67
N ALA ZF 45 32.41 76.58 76.47
CA ALA ZF 45 33.69 77.25 76.66
C ALA ZF 45 34.07 77.32 78.12
N VAL ZF 46 33.08 77.33 79.02
CA VAL ZF 46 33.43 77.36 80.44
C VAL ZF 46 34.05 76.04 80.88
N SER ZF 47 33.57 74.92 80.34
CA SER ZF 47 34.18 73.62 80.64
C SER ZF 47 35.57 73.52 80.04
N VAL ZF 48 35.73 74.09 78.84
CA VAL ZF 48 37.06 74.14 78.23
C VAL ZF 48 38.02 74.95 79.09
N SER ZF 49 37.52 76.06 79.65
CA SER ZF 49 38.34 76.90 80.52
C SER ZF 49 38.77 76.17 81.77
N ASP ZF 50 37.86 75.40 82.37
CA ASP ZF 50 38.19 74.62 83.55
C ASP ZF 50 39.26 73.59 83.26
N SER ZF 51 39.13 72.90 82.13
CA SER ZF 51 40.11 71.87 81.76
C SER ZF 51 41.48 72.49 81.52
N MET ZF 52 41.51 73.66 80.87
CA MET ZF 52 42.79 74.32 80.61
C MET ZF 52 43.43 74.81 81.91
N LEU ZF 53 42.63 75.33 82.83
CA LEU ZF 53 43.18 75.81 84.10
C LEU ZF 53 43.79 74.67 84.90
N GLU ZF 54 43.10 73.53 84.96
CA GLU ZF 54 43.65 72.45 85.76
C GLU ZF 54 44.87 71.81 85.10
N MET ZF 55 44.91 71.76 83.76
CA MET ZF 55 46.10 71.19 83.15
C MET ZF 55 47.31 72.11 83.31
N ALA ZF 56 47.07 73.42 83.28
CA ALA ZF 56 48.16 74.36 83.54
C ALA ZF 56 48.69 74.20 84.96
N LYS ZF 57 47.77 74.05 85.92
CA LYS ZF 57 48.18 73.88 87.31
C LYS ZF 57 48.99 72.61 87.51
N VAL ZF 58 48.55 71.50 86.92
CA VAL ZF 58 49.26 70.25 87.16
C VAL ZF 58 50.61 70.23 86.45
N GLU ZF 59 50.71 70.87 85.28
CA GLU ZF 59 51.99 70.91 84.59
C GLU ZF 59 53.00 71.78 85.33
N LYS ZF 60 52.54 72.93 85.84
CA LYS ZF 60 53.40 73.83 86.60
C LYS ZF 60 53.85 73.17 87.89
N VAL ZF 61 52.95 72.44 88.57
CA VAL ZF 61 53.32 71.87 89.83
C VAL ZF 61 54.15 70.60 89.66
N ILE ZF 62 54.15 69.97 88.49
CA ILE ZF 62 55.06 68.86 88.27
C ILE ZF 62 56.44 69.36 87.90
N THR ZF 63 56.53 70.24 86.91
CA THR ZF 63 57.83 70.67 86.44
C THR ZF 63 58.15 72.03 87.01
N PRO ZF 64 59.20 72.17 87.81
CA PRO ZF 64 59.56 73.47 88.36
C PRO ZF 64 60.30 74.30 87.33
N PRO ZF 65 59.75 75.44 86.93
CA PRO ZF 65 60.47 76.29 85.97
C PRO ZF 65 61.65 76.98 86.63
N SER ZF 66 62.72 77.13 85.86
CA SER ZF 66 63.95 77.69 86.39
C SER ZF 66 64.33 78.99 85.69
N LYS ZF 67 64.36 79.00 84.37
CA LYS ZF 67 64.87 80.12 83.61
C LYS ZF 67 63.74 80.73 82.80
N ASP ZF 68 63.97 81.96 82.34
CA ASP ZF 68 62.97 82.69 81.60
C ASP ZF 68 63.66 83.57 80.56
N ASN ZF 69 62.83 84.28 79.81
CA ASN ZF 69 63.25 85.08 78.68
C ASN ZF 69 63.66 86.50 79.07
N THR ZF 70 63.64 86.80 80.37
CA THR ZF 70 64.00 88.12 80.84
C THR ZF 70 65.46 88.43 80.57
N LEU ZF 71 66.34 87.43 80.76
CA LEU ZF 71 67.74 87.62 80.47
C LEU ZF 71 68.00 87.67 78.97
N THR ZF 72 67.26 86.85 78.21
CA THR ZF 72 67.49 86.77 76.77
C THR ZF 72 67.09 88.05 76.07
N ILE ZF 73 65.98 88.64 76.49
CA ILE ZF 73 65.55 89.90 75.90
C ILE ZF 73 65.56 90.97 76.99
N PRO ZF 74 66.65 91.69 77.17
CA PRO ZF 74 66.60 92.88 78.01
C PRO ZF 74 65.91 94.01 77.26
N ASN ZF 75 65.48 95.00 78.01
CA ASN ZF 75 64.90 96.19 77.44
C ASN ZF 75 65.87 97.34 77.58
N ALA ZF 76 65.74 98.33 76.71
CA ALA ZF 76 66.59 99.50 76.77
C ALA ZF 76 65.76 100.69 76.29
N TYR ZF 77 66.45 101.79 75.99
CA TYR ZF 77 65.74 102.94 75.46
C TYR ZF 77 65.35 102.69 74.01
N ASN ZF 78 64.52 103.60 73.48
CA ASN ZF 78 63.74 103.53 72.25
C ASN ZF 78 63.10 102.15 72.08
N LEU ZF 79 62.59 101.63 73.17
CA LEU ZF 79 61.84 100.39 73.18
C LEU ZF 79 60.51 100.56 73.88
N GLN ZF 80 60.26 101.72 74.48
CA GLN ZF 80 59.07 101.95 75.26
C GLN ZF 80 57.97 102.62 74.46
N ALA ZF 81 58.13 102.67 73.14
CA ALA ZF 81 57.01 103.02 72.29
C ALA ZF 81 55.95 101.94 72.41
N ARG ZF 82 54.72 102.34 72.64
CA ARG ZF 82 53.74 101.32 72.96
C ARG ZF 82 53.04 100.85 71.70
N ALA ZF 83 52.45 99.67 71.79
CA ALA ZF 83 51.87 99.01 70.64
C ALA ZF 83 50.51 98.46 70.99
N SER ZF 84 49.69 98.29 69.96
CA SER ZF 84 48.38 97.68 70.13
C SER ZF 84 48.07 96.95 68.83
N VAL ZF 85 48.11 95.63 68.87
CA VAL ZF 85 48.22 94.82 67.66
C VAL ZF 85 47.17 93.74 67.61
N ASP ZF 86 46.94 93.24 66.40
CA ASP ZF 86 46.18 92.02 66.16
C ASP ZF 86 46.66 91.46 64.83
N TRP ZF 87 47.08 90.21 64.83
CA TRP ZF 87 47.75 89.64 63.68
C TRP ZF 87 47.62 88.13 63.73
N SER ZF 88 47.47 87.50 62.56
CA SER ZF 88 47.34 86.05 62.53
C SER ZF 88 48.09 85.43 61.36
N GLY ZF 89 49.31 85.89 61.10
CA GLY ZF 89 50.05 85.38 59.97
C GLY ZF 89 51.30 84.63 60.35
N PRO ZF 90 52.28 84.62 59.46
CA PRO ZF 90 53.61 84.11 59.82
C PRO ZF 90 54.36 85.16 60.63
N ILE ZF 91 55.48 84.72 61.20
CA ILE ZF 91 56.20 85.52 62.20
C ILE ZF 91 56.88 86.71 61.56
N GLU ZF 92 57.54 86.50 60.43
CA GLU ZF 92 58.67 87.33 60.05
C GLU ZF 92 58.23 88.71 59.58
N GLU ZF 93 57.07 88.80 58.93
CA GLU ZF 93 56.58 90.09 58.45
C GLU ZF 93 56.23 90.99 59.63
N LEU ZF 94 55.61 90.42 60.65
CA LEU ZF 94 55.27 91.18 61.85
C LEU ZF 94 56.52 91.63 62.59
N THR ZF 95 57.51 90.74 62.71
CA THR ZF 95 58.75 91.13 63.38
C THR ZF 95 59.52 92.18 62.60
N ALA ZF 96 59.47 92.12 61.26
CA ALA ZF 96 60.13 93.13 60.45
C ALA ZF 96 59.45 94.48 60.60
N ARG ZF 97 58.12 94.48 60.70
CA ARG ZF 97 57.39 95.71 61.01
C ARG ZF 97 57.82 96.29 62.34
N ILE ZF 98 57.99 95.42 63.34
CA ILE ZF 98 58.46 95.85 64.65
C ILE ZF 98 59.85 96.46 64.56
N ALA ZF 99 60.73 95.84 63.77
CA ALA ZF 99 62.10 96.33 63.65
C ALA ZF 99 62.15 97.69 62.96
N LYS ZF 100 61.35 97.88 61.91
CA LYS ZF 100 61.32 99.17 61.24
C LYS ZF 100 60.70 100.24 62.13
N ALA ZF 101 59.76 99.85 62.98
CA ALA ZF 101 59.22 100.81 63.94
C ALA ZF 101 60.25 101.18 65.00
N ALA ZF 102 61.09 100.23 65.38
CA ALA ZF 102 62.00 100.43 66.50
C ALA ZF 102 63.40 100.81 66.07
N HIS ZF 103 63.61 101.08 64.78
CA HIS ZF 103 64.85 101.68 64.25
C HIS ZF 103 66.04 100.77 64.45
N PHE ZF 104 65.84 99.47 64.32
CA PHE ZF 104 66.87 98.48 64.60
C PHE ZF 104 67.20 97.70 63.35
N ARG ZF 105 68.33 96.99 63.41
CA ARG ZF 105 68.73 96.12 62.33
C ARG ZF 105 68.06 94.77 62.48
N PHE ZF 106 67.42 94.31 61.41
CA PHE ZF 106 66.62 93.09 61.42
C PHE ZF 106 67.44 91.94 60.84
N ARG ZF 107 67.65 90.89 61.63
CA ARG ZF 107 68.53 89.81 61.21
C ARG ZF 107 67.85 88.45 61.34
N VAL ZF 108 68.15 87.56 60.40
CA VAL ZF 108 67.49 86.27 60.26
C VAL ZF 108 68.55 85.18 60.20
N LEU ZF 109 68.36 84.12 61.00
CA LEU ZF 109 69.32 83.03 61.09
C LEU ZF 109 68.63 81.69 60.91
N GLY ZF 110 69.32 80.78 60.24
CA GLY ZF 110 68.80 79.45 60.05
C GLY ZF 110 68.05 79.31 58.74
N LYS ZF 111 67.24 78.25 58.67
CA LYS ZF 111 66.45 77.95 57.50
C LYS ZF 111 64.97 78.05 57.83
N SER ZF 112 64.24 78.82 57.06
CA SER ZF 112 62.80 78.83 57.19
C SER ZF 112 62.26 77.50 56.71
N PRO ZF 113 61.55 76.74 57.53
CA PRO ZF 113 61.02 75.46 57.09
C PRO ZF 113 59.83 75.68 56.18
N SER ZF 114 59.50 74.62 55.44
CA SER ZF 114 58.39 74.68 54.49
C SER ZF 114 57.07 74.82 55.19
N VAL ZF 115 56.91 74.15 56.34
CA VAL ZF 115 55.71 74.32 57.14
C VAL ZF 115 55.76 75.71 57.76
N PRO ZF 116 54.76 76.55 57.50
CA PRO ZF 116 54.78 77.91 58.06
C PRO ZF 116 54.49 77.87 59.56
N VAL ZF 117 55.00 78.88 60.25
CA VAL ZF 117 54.83 79.01 61.68
C VAL ZF 117 53.83 80.13 61.91
N LEU ZF 118 52.68 79.79 62.48
CA LEU ZF 118 51.52 80.68 62.50
C LEU ZF 118 51.27 81.16 63.92
N ILE ZF 119 51.18 82.47 64.09
CA ILE ZF 119 51.03 83.09 65.40
C ILE ZF 119 49.81 83.99 65.40
N SER ZF 120 48.92 83.78 66.36
CA SER ZF 120 47.74 84.62 66.57
C SER ZF 120 47.92 85.46 67.83
N ILE ZF 121 47.72 86.76 67.72
CA ILE ZF 121 47.99 87.72 68.78
C ILE ZF 121 46.79 88.65 68.93
N SER ZF 122 46.34 88.86 70.16
CA SER ZF 122 45.27 89.83 70.44
C SER ZF 122 45.58 90.52 71.77
N THR ZF 123 46.18 91.69 71.71
CA THR ZF 123 46.63 92.38 72.92
C THR ZF 123 46.70 93.88 72.67
N LYS ZF 124 46.39 94.66 73.70
CA LYS ZF 124 46.28 96.11 73.58
C LYS ZF 124 47.13 96.82 74.63
N ASP ZF 125 47.89 97.83 74.18
CA ASP ZF 125 48.67 98.74 75.03
C ASP ZF 125 49.70 98.01 75.88
N GLU ZF 126 50.70 97.49 75.20
CA GLU ZF 126 51.84 96.86 75.87
C GLU ZF 126 53.13 97.57 75.46
N SER ZF 127 54.25 96.96 75.83
CA SER ZF 127 55.56 97.42 75.43
C SER ZF 127 56.16 96.47 74.41
N LEU ZF 128 57.13 97.01 73.66
CA LEU ZF 128 57.77 96.26 72.59
C LEU ZF 128 58.52 95.05 73.13
N ALA ZF 129 59.23 95.23 74.25
CA ALA ZF 129 60.03 94.15 74.81
C ALA ZF 129 59.14 93.00 75.27
N GLU ZF 130 58.01 93.32 75.88
CA GLU ZF 130 57.14 92.24 76.35
C GLU ZF 130 56.37 91.61 75.21
N ILE ZF 131 56.10 92.37 74.15
CA ILE ZF 131 55.56 91.79 72.93
C ILE ZF 131 56.54 90.78 72.33
N LEU ZF 132 57.82 91.15 72.32
CA LEU ZF 132 58.86 90.26 71.79
C LEU ZF 132 58.99 88.99 72.62
N ARG ZF 133 59.03 89.15 73.95
CA ARG ZF 133 59.12 88.00 74.85
C ARG ZF 133 57.89 87.11 74.73
N ASP ZF 134 56.72 87.73 74.59
CA ASP ZF 134 55.47 87.01 74.46
C ASP ZF 134 55.45 86.17 73.19
N ILE ZF 135 55.88 86.74 72.08
CA ILE ZF 135 55.80 85.95 70.86
C ILE ZF 135 56.92 84.93 70.79
N ASP ZF 136 58.04 85.17 71.47
CA ASP ZF 136 59.07 84.15 71.55
C ASP ZF 136 58.58 82.97 72.36
N TYR ZF 137 57.84 83.23 73.44
CA TYR ZF 137 57.19 82.16 74.18
C TYR ZF 137 56.15 81.45 73.34
N GLN ZF 138 55.43 82.20 72.52
CA GLN ZF 138 54.40 81.61 71.68
C GLN ZF 138 55.01 80.71 70.62
N ALA ZF 139 56.18 81.09 70.11
CA ALA ZF 139 56.89 80.22 69.18
C ALA ZF 139 57.39 78.98 69.89
N GLY ZF 140 58.06 79.15 71.01
CA GLY ZF 140 58.49 78.01 71.79
C GLY ZF 140 59.63 77.21 71.17
N LYS ZF 141 59.32 76.04 70.64
CA LYS ZF 141 60.33 75.11 70.16
C LYS ZF 141 60.67 75.29 68.69
N LYS ZF 142 60.09 76.27 68.02
CA LYS ZF 142 60.34 76.45 66.60
C LYS ZF 142 61.39 77.49 66.30
N ALA ZF 143 61.55 78.49 67.16
CA ALA ZF 143 62.40 79.62 66.85
C ALA ZF 143 62.94 80.20 68.14
N SER ZF 144 63.78 81.22 68.01
CA SER ZF 144 64.26 81.97 69.16
C SER ZF 144 64.54 83.40 68.74
N ILE ZF 145 64.49 84.31 69.71
CA ILE ZF 145 64.74 85.73 69.50
C ILE ZF 145 65.88 86.16 70.42
N HIS ZF 146 66.77 87.01 69.92
CA HIS ZF 146 67.74 87.68 70.77
C HIS ZF 146 67.84 89.13 70.36
N VAL ZF 147 68.24 89.96 71.32
CA VAL ZF 147 68.35 91.40 71.15
C VAL ZF 147 69.73 91.83 71.61
N TYR ZF 148 70.43 92.59 70.75
CA TYR ZF 148 71.67 93.22 71.16
C TYR ZF 148 71.45 94.73 71.14
N PRO ZF 149 71.12 95.33 72.28
CA PRO ZF 149 70.88 96.77 72.32
C PRO ZF 149 72.15 97.58 72.25
N ASN ZF 150 73.29 96.99 72.61
CA ASN ZF 150 74.57 97.63 72.43
C ASN ZF 150 74.87 97.87 70.96
N SER ZF 151 74.37 97.00 70.08
CA SER ZF 151 74.54 97.15 68.65
C SER ZF 151 73.23 97.37 67.91
N GLN ZF 152 72.11 97.49 68.64
CA GLN ZF 152 70.78 97.84 68.09
C GLN ZF 152 70.31 96.83 67.06
N VAL ZF 153 70.57 95.55 67.30
CA VAL ZF 153 70.25 94.50 66.35
C VAL ZF 153 69.25 93.55 66.98
N VAL ZF 154 68.10 93.37 66.33
CA VAL ZF 154 67.14 92.36 66.73
C VAL ZF 154 67.29 91.19 65.76
N GLU ZF 155 67.55 90.00 66.30
CA GLU ZF 155 67.92 88.86 65.50
C GLU ZF 155 67.04 87.68 65.89
N LEU ZF 156 66.54 86.97 64.89
CA LEU ZF 156 65.73 85.78 65.14
C LEU ZF 156 66.40 84.58 64.47
N ARG ZF 157 66.06 83.40 64.96
CA ARG ZF 157 66.67 82.18 64.42
C ARG ZF 157 65.64 81.06 64.39
N TYR ZF 158 65.68 80.28 63.32
CA TYR ZF 158 64.83 79.10 63.19
C TYR ZF 158 65.46 77.91 63.92
N ALA ZF 159 64.67 76.86 64.08
CA ALA ZF 159 65.11 75.69 64.83
C ALA ZF 159 65.81 74.70 63.92
N LYS ZF 160 67.02 74.31 64.29
CA LYS ZF 160 67.75 73.25 63.61
C LYS ZF 160 67.29 71.93 64.18
N ILE ZF 161 66.35 71.29 63.51
CA ILE ZF 161 65.74 70.05 63.98
C ILE ZF 161 65.71 69.10 62.79
N TYR ZF 162 65.43 67.83 63.09
CA TYR ZF 162 65.39 66.70 62.15
C TYR ZF 162 66.77 66.48 61.53
N ARG AG 207 53.54 2.25 102.05
CA ARG AG 207 52.96 3.28 101.20
C ARG AG 207 52.14 2.64 100.08
N ILE AG 208 52.19 3.20 98.88
CA ILE AG 208 51.36 2.73 97.78
C ILE AG 208 51.99 1.46 97.20
N ILE AG 209 51.22 0.40 97.17
CA ILE AG 209 51.68 -0.85 96.58
C ILE AG 209 51.60 -0.75 95.08
N TYR AG 210 52.48 -1.48 94.40
CA TYR AG 210 52.41 -1.65 92.97
C TYR AG 210 52.40 -3.14 92.70
N TYR AG 211 51.58 -3.55 91.73
CA TYR AG 211 51.46 -4.96 91.40
C TYR AG 211 51.99 -5.20 90.00
N ILE AG 212 52.33 -6.45 89.73
CA ILE AG 212 52.84 -6.85 88.44
C ILE AG 212 51.68 -7.39 87.61
N GLN AG 213 51.48 -6.83 86.43
CA GLN AG 213 50.49 -7.35 85.51
C GLN AG 213 51.10 -8.29 84.48
N ALA AG 214 52.24 -7.90 83.91
CA ALA AG 214 52.95 -8.70 82.94
C ALA AG 214 54.39 -8.87 83.37
N VAL AG 215 54.90 -10.09 83.25
CA VAL AG 215 56.27 -10.40 83.64
C VAL AG 215 56.93 -11.22 82.55
N ILE AG 216 58.05 -10.72 82.05
CA ILE AG 216 58.95 -11.48 81.19
C ILE AG 216 60.36 -11.32 81.76
N PRO AG 217 61.30 -12.15 81.34
CA PRO AG 217 62.71 -11.81 81.57
C PRO AG 217 63.06 -10.51 80.87
N GLY AG 218 63.82 -9.68 81.56
CA GLY AG 218 64.24 -8.40 81.00
C GLY AG 218 63.36 -7.20 81.26
N ARG AG 219 62.05 -7.36 81.13
CA ARG AG 219 61.12 -6.25 81.29
C ARG AG 219 60.01 -6.63 82.27
N ALA AG 220 59.52 -5.63 83.00
CA ALA AG 220 58.42 -5.85 83.92
C ALA AG 220 57.42 -4.71 83.81
N TRP AG 221 56.16 -5.01 84.11
CA TRP AG 221 55.07 -4.05 84.01
C TRP AG 221 54.38 -3.92 85.36
N LEU AG 222 54.21 -2.68 85.80
CA LEU AG 222 53.79 -2.37 87.16
C LEU AG 222 52.53 -1.52 87.16
N ILE AG 223 51.59 -1.90 88.01
CA ILE AG 223 50.35 -1.15 88.20
C ILE AG 223 50.17 -0.91 89.69
N GLY AG 224 49.99 0.36 90.07
CA GLY AG 224 49.79 0.72 91.45
C GLY AG 224 48.32 0.83 91.84
N SER AG 225 48.10 1.13 93.12
CA SER AG 225 46.74 1.26 93.64
C SER AG 225 46.05 2.52 93.17
N ASN AG 226 46.81 3.53 92.74
CA ASN AG 226 46.21 4.73 92.18
C ASN AG 226 45.75 4.54 90.74
N GLY AG 227 46.21 3.47 90.08
CA GLY AG 227 45.89 3.23 88.69
C GLY AG 227 46.98 3.59 87.71
N SER AG 228 48.15 4.03 88.18
CA SER AG 228 49.24 4.35 87.29
C SER AG 228 49.87 3.07 86.75
N THR AG 229 50.25 3.10 85.47
CA THR AG 229 50.84 1.95 84.79
C THR AG 229 52.19 2.34 84.20
N LEU AG 230 53.23 1.59 84.55
CA LEU AG 230 54.57 1.83 84.02
C LEU AG 230 55.22 0.49 83.67
N THR AG 231 56.40 0.57 83.07
CA THR AG 231 57.24 -0.59 82.83
C THR AG 231 58.68 -0.23 83.16
N VAL AG 232 59.44 -1.24 83.58
CA VAL AG 232 60.78 -1.03 84.09
C VAL AG 232 61.68 -2.18 83.64
N ARG AG 233 62.99 -1.94 83.71
CA ARG AG 233 64.02 -2.92 83.36
C ARG AG 233 64.39 -3.74 84.59
N GLU AG 234 65.46 -4.54 84.48
CA GLU AG 234 65.87 -5.39 85.59
C GLU AG 234 66.47 -4.57 86.73
N GLY AG 235 67.39 -3.67 86.41
CA GLY AG 235 67.96 -2.83 87.44
C GLY AG 235 67.73 -1.36 87.14
N SER AG 236 66.91 -0.71 87.96
CA SER AG 236 66.57 0.69 87.78
C SER AG 236 66.05 1.23 89.11
N LYS AG 237 65.58 2.47 89.08
CA LYS AG 237 65.03 3.10 90.27
C LYS AG 237 63.56 2.75 90.45
N ILE AG 238 63.09 2.86 91.68
CA ILE AG 238 61.66 2.77 91.98
C ILE AG 238 61.38 3.66 93.18
N PRO AG 239 60.51 4.67 93.03
CA PRO AG 239 60.11 5.47 94.18
C PRO AG 239 59.28 4.65 95.15
N GLY AG 240 59.52 4.87 96.44
CA GLY AG 240 58.84 4.14 97.48
C GLY AG 240 59.44 2.80 97.81
N TYR AG 241 60.39 2.30 97.02
CA TYR AG 241 61.01 1.02 97.30
C TYR AG 241 62.52 1.00 97.13
N GLY AG 242 63.12 2.01 96.52
CA GLY AG 242 64.56 2.04 96.37
C GLY AG 242 65.00 1.71 94.97
N MET AG 243 65.67 0.57 94.80
CA MET AG 243 66.13 0.12 93.49
C MET AG 243 65.58 -1.25 93.20
N VAL AG 244 65.29 -1.50 91.93
CA VAL AG 244 64.83 -2.80 91.46
C VAL AG 244 66.05 -3.73 91.49
N LYS AG 245 66.06 -4.67 92.42
CA LYS AG 245 67.21 -5.55 92.58
C LYS AG 245 67.09 -6.80 91.72
N LEU AG 246 66.07 -7.62 91.99
CA LEU AG 246 65.89 -8.89 91.30
C LEU AG 246 64.47 -9.01 90.80
N ILE AG 247 64.33 -9.43 89.55
CA ILE AG 247 63.04 -9.73 88.95
C ILE AG 247 63.06 -11.19 88.53
N ASP AG 248 62.18 -11.99 89.11
CA ASP AG 248 62.06 -13.40 88.76
C ASP AG 248 60.96 -13.56 87.72
N SER AG 249 61.30 -14.25 86.62
CA SER AG 249 60.31 -14.49 85.57
C SER AG 249 59.21 -15.41 86.07
N LEU AG 250 59.57 -16.40 86.87
CA LEU AG 250 58.59 -17.31 87.46
C LEU AG 250 58.12 -16.76 88.80
N GLN AG 251 56.88 -17.10 89.14
CA GLN AG 251 56.21 -16.82 90.41
C GLN AG 251 56.05 -15.34 90.72
N GLY AG 252 56.19 -14.47 89.71
CA GLY AG 252 55.78 -13.08 89.76
C GLY AG 252 56.37 -12.21 90.85
N ARG AG 253 57.68 -12.31 91.06
CA ARG AG 253 58.34 -11.68 92.19
C ARG AG 253 59.34 -10.65 91.72
N ILE AG 254 59.28 -9.46 92.30
CA ILE AG 254 60.27 -8.42 92.08
C ILE AG 254 60.87 -8.08 93.44
N LEU AG 255 62.19 -8.17 93.55
CA LEU AG 255 62.89 -7.89 94.79
C LEU AG 255 63.52 -6.50 94.72
N THR AG 256 63.34 -5.73 95.78
CA THR AG 256 63.86 -4.37 95.81
C THR AG 256 65.26 -4.35 96.44
N SER AG 257 65.88 -3.17 96.38
CA SER AG 257 67.17 -2.96 97.05
C SER AG 257 67.04 -3.04 98.56
N SER AG 258 65.87 -2.75 99.10
CA SER AG 258 65.58 -2.99 100.50
C SER AG 258 65.15 -4.42 100.78
N GLY AG 259 65.03 -5.24 99.74
CA GLY AG 259 64.59 -6.61 99.89
C GLY AG 259 63.09 -6.80 99.89
N GLN AG 260 62.32 -5.74 99.62
CA GLN AG 260 60.87 -5.84 99.59
C GLN AG 260 60.42 -6.65 98.38
N VAL AG 261 59.25 -7.26 98.51
CA VAL AG 261 58.73 -8.19 97.51
C VAL AG 261 57.53 -7.55 96.84
N ILE AG 262 57.55 -7.55 95.50
CA ILE AG 262 56.46 -7.04 94.67
C ILE AG 262 55.86 -8.22 93.94
N LYS AG 263 54.55 -8.40 94.08
CA LYS AG 263 53.87 -9.59 93.61
C LYS AG 263 52.60 -9.19 92.88
N PHE AG 264 51.74 -10.18 92.65
CA PHE AG 264 50.41 -9.99 92.11
C PHE AG 264 49.43 -9.71 93.24
N SER AG 265 48.21 -9.32 92.86
CA SER AG 265 47.13 -9.27 93.84
C SER AG 265 46.64 -10.68 94.14
N GLN AG 266 46.01 -10.83 95.31
CA GLN AG 266 45.33 -12.09 95.62
C GLN AG 266 44.13 -12.29 94.71
N GLU AG 267 43.39 -11.23 94.43
CA GLU AG 267 42.29 -11.33 93.47
C GLU AG 267 42.80 -11.50 92.06
N ASP AG 268 43.89 -10.79 91.71
CA ASP AG 268 44.49 -10.92 90.38
C ASP AG 268 45.46 -12.10 90.43
N SER AG 269 44.90 -13.29 90.43
CA SER AG 269 45.70 -14.51 90.54
C SER AG 269 45.18 -15.61 89.63
N GLN BG 791 69.40 -57.25 78.74
CA GLN BG 791 69.93 -55.89 78.81
C GLN BG 791 69.54 -55.12 77.56
N GLN BG 792 68.60 -55.67 76.80
CA GLN BG 792 68.11 -55.04 75.58
C GLN BG 792 66.79 -54.34 75.79
N GLU BG 793 66.35 -54.22 77.04
CA GLU BG 793 65.04 -53.64 77.33
C GLU BG 793 65.03 -52.13 77.10
N ILE BG 794 66.19 -51.48 77.26
CA ILE BG 794 66.30 -50.05 76.96
C ILE BG 794 66.09 -49.82 75.47
N GLN BG 795 66.72 -50.66 74.63
CA GLN BG 795 66.78 -50.42 73.20
C GLN BG 795 65.43 -50.56 72.54
N GLN BG 796 64.63 -51.54 72.96
CA GLN BG 796 63.26 -51.64 72.46
C GLN BG 796 62.41 -50.50 73.01
N ARG BG 797 62.68 -50.09 74.26
CA ARG BG 797 61.93 -48.97 74.82
C ARG BG 797 62.39 -47.67 74.21
N THR BG 798 63.63 -47.64 73.72
CA THR BG 798 64.07 -46.53 72.89
C THR BG 798 63.32 -46.50 71.57
N SER BG 799 62.87 -47.65 71.08
CA SER BG 799 62.16 -47.68 69.82
C SER BG 799 60.72 -47.21 69.96
N ASP BG 800 59.99 -47.78 70.91
CA ASP BG 800 58.54 -47.57 70.96
C ASP BG 800 58.19 -46.17 71.46
N MET BG 801 58.90 -45.71 72.50
CA MET BG 801 58.59 -44.44 73.10
C MET BG 801 59.00 -43.28 72.22
N LEU BG 802 59.93 -43.50 71.29
CA LEU BG 802 60.33 -42.45 70.36
C LEU BG 802 59.18 -42.09 69.43
N THR BG 803 58.49 -43.10 68.90
CA THR BG 803 57.34 -42.86 68.05
C THR BG 803 56.19 -42.26 68.86
N ALA BG 804 56.02 -42.73 70.10
CA ALA BG 804 54.91 -42.29 70.92
C ALA BG 804 55.08 -40.84 71.34
N ALA BG 805 56.28 -40.47 71.78
CA ALA BG 805 56.52 -39.10 72.26
C ALA BG 805 56.43 -38.10 71.12
N THR BG 806 56.96 -38.47 69.95
CA THR BG 806 56.80 -37.64 68.77
C THR BG 806 55.35 -37.57 68.34
N GLN BG 807 54.57 -38.61 68.64
CA GLN BG 807 53.15 -38.59 68.28
C GLN BG 807 52.39 -37.59 69.15
N LEU BG 808 52.60 -37.64 70.47
CA LEU BG 808 51.84 -36.76 71.34
C LEU BG 808 52.31 -35.32 71.25
N VAL BG 809 53.59 -35.11 70.96
CA VAL BG 809 54.08 -33.74 70.84
C VAL BG 809 53.61 -33.13 69.53
N GLN BG 810 53.22 -33.97 68.56
CA GLN BG 810 52.56 -33.46 67.37
C GLN BG 810 51.20 -32.89 67.72
N ASP BG 811 50.54 -33.48 68.72
CA ASP BG 811 49.20 -33.05 69.10
C ASP BG 811 49.21 -31.71 69.80
N TRP BG 812 50.23 -31.47 70.63
CA TRP BG 812 50.28 -30.20 71.34
C TRP BG 812 50.66 -29.07 70.39
N LYS BG 813 51.44 -29.37 69.37
CA LYS BG 813 51.63 -28.39 68.30
C LYS BG 813 50.41 -28.29 67.42
N GLN BG 814 49.56 -29.32 67.41
CA GLN BG 814 48.32 -29.25 66.65
C GLN BG 814 47.32 -28.40 67.42
N VAL BG 815 47.21 -27.13 67.01
CA VAL BG 815 46.23 -26.20 67.54
C VAL BG 815 45.45 -25.65 66.36
N GLU BG 816 44.13 -25.74 66.42
CA GLU BG 816 43.30 -25.30 65.32
C GLU BG 816 42.52 -24.04 65.69
N THR BG 817 42.35 -23.16 64.71
CA THR BG 817 41.83 -21.83 64.91
C THR BG 817 40.31 -21.84 65.04
N GLN BG 818 39.77 -20.70 65.46
CA GLN BG 818 38.34 -20.52 65.69
C GLN BG 818 37.61 -20.24 64.37
N VAL BG 819 36.29 -20.16 64.45
CA VAL BG 819 35.45 -19.74 63.33
C VAL BG 819 34.44 -18.72 63.83
N TYR BG 820 34.40 -17.55 63.18
CA TYR BG 820 33.38 -16.57 63.48
C TYR BG 820 32.10 -16.87 62.73
N THR BG 821 30.98 -16.77 63.41
CA THR BG 821 29.68 -17.06 62.84
C THR BG 821 28.76 -15.86 63.03
N GLU BG 822 28.19 -15.39 61.93
CA GLU BG 822 27.23 -14.29 61.95
C GLU BG 822 25.89 -14.80 61.46
N GLY BG 823 24.84 -14.54 62.24
CA GLY BG 823 23.50 -14.84 61.81
C GLY BG 823 22.58 -13.66 61.99
N THR BG 824 22.09 -13.09 60.89
CA THR BG 824 21.17 -11.97 60.95
C THR BG 824 19.74 -12.45 61.15
N ALA CG 104 35.11 -90.69 74.28
CA ALA CG 104 35.06 -90.10 72.94
C ALA CG 104 33.86 -89.17 72.83
N GLU CG 105 33.56 -88.46 73.92
CA GLU CG 105 32.41 -87.57 73.98
C GLU CG 105 32.72 -86.18 74.51
N VAL CG 106 33.79 -86.01 75.30
CA VAL CG 106 34.15 -84.69 75.82
C VAL CG 106 34.99 -83.88 74.85
N ILE CG 107 35.27 -84.45 73.67
CA ILE CG 107 36.01 -83.75 72.63
C ILE CG 107 35.26 -82.52 72.17
N ASP CG 108 33.93 -82.62 72.10
CA ASP CG 108 33.10 -81.50 71.70
C ASP CG 108 33.14 -80.36 72.73
N LYS CG 109 33.12 -80.72 74.02
CA LYS CG 109 33.23 -79.72 75.07
C LYS CG 109 34.58 -79.02 75.02
N LYS CG 110 35.65 -79.79 74.82
CA LYS CG 110 36.97 -79.20 74.76
C LYS CG 110 37.13 -78.29 73.53
N ALA CG 111 36.56 -78.70 72.40
CA ALA CG 111 36.59 -77.85 71.21
C ALA CG 111 35.78 -76.58 71.41
N PHE CG 112 34.63 -76.68 72.09
CA PHE CG 112 33.80 -75.51 72.33
C PHE CG 112 34.49 -74.51 73.26
N LYS CG 113 35.11 -74.99 74.34
CA LYS CG 113 35.79 -74.08 75.23
C LYS CG 113 37.05 -73.49 74.59
N ASP CG 114 37.73 -74.27 73.74
CA ASP CG 114 38.88 -73.73 73.02
C ASP CG 114 38.46 -72.66 72.03
N MET CG 115 37.31 -72.85 71.37
CA MET CG 115 36.77 -71.82 70.48
C MET CG 115 36.39 -70.57 71.25
N THR CG 116 35.90 -70.73 72.48
CA THR CG 116 35.64 -69.57 73.33
C THR CG 116 36.93 -68.82 73.64
N ARG CG 117 38.00 -69.55 73.95
CA ARG CG 117 39.31 -68.93 74.19
C ARG CG 117 39.81 -68.19 72.96
N ASN CG 118 39.61 -68.79 71.77
CA ASN CG 118 40.06 -68.15 70.54
C ASN CG 118 39.24 -66.90 70.23
N LEU CG 119 37.94 -66.95 70.47
CA LEU CG 119 37.07 -65.80 70.21
C LEU CG 119 37.41 -64.64 71.13
N TYR CG 120 37.63 -64.93 72.40
CA TYR CG 120 37.93 -63.86 73.36
C TYR CG 120 39.08 -64.28 74.26
N PRO CG 121 40.28 -63.77 73.99
CA PRO CG 121 41.41 -63.99 74.92
C PRO CG 121 41.41 -63.05 76.13
N LEU CG 122 40.33 -62.32 76.39
CA LEU CG 122 40.29 -61.34 77.46
C LEU CG 122 39.07 -61.57 78.33
N ASN CG 123 39.23 -61.34 79.62
CA ASN CG 123 38.09 -61.31 80.53
C ASN CG 123 37.26 -60.07 80.27
N PRO CG 124 35.95 -60.13 80.50
CA PRO CG 124 35.14 -58.90 80.52
C PRO CG 124 35.60 -57.89 81.55
N GLU CG 125 36.05 -58.34 82.72
CA GLU CG 125 36.61 -57.40 83.68
C GLU CG 125 37.96 -56.87 83.22
N GLN CG 126 38.68 -57.65 82.41
CA GLN CG 126 39.88 -57.13 81.76
C GLN CG 126 39.53 -56.05 80.75
N VAL CG 127 38.40 -56.22 80.06
CA VAL CG 127 37.89 -55.19 79.17
C VAL CG 127 37.55 -53.92 79.95
N VAL CG 128 36.93 -54.10 81.12
CA VAL CG 128 36.55 -52.97 81.97
C VAL CG 128 37.76 -52.22 82.49
N LYS CG 129 38.78 -52.96 82.97
CA LYS CG 129 39.98 -52.28 83.43
C LYS CG 129 40.80 -51.72 82.28
N LEU CG 130 40.65 -52.27 81.08
CA LEU CG 130 41.24 -51.66 79.90
C LEU CG 130 40.57 -50.33 79.59
N LYS CG 131 39.25 -50.26 79.77
CA LYS CG 131 38.54 -48.99 79.65
C LYS CG 131 39.00 -48.01 80.71
N GLN CG 132 39.28 -48.52 81.92
CA GLN CG 132 39.77 -47.67 83.00
C GLN CG 132 41.14 -47.08 82.68
N ILE CG 133 42.08 -47.91 82.22
CA ILE CG 133 43.41 -47.40 81.91
C ILE CG 133 43.36 -46.53 80.68
N TYR CG 134 42.41 -46.78 79.77
CA TYR CG 134 42.22 -45.92 78.61
C TYR CG 134 41.75 -44.54 79.00
N GLU CG 135 40.76 -44.47 79.89
CA GLU CG 135 40.24 -43.17 80.35
C GLU CG 135 41.27 -42.44 81.20
N THR CG 136 42.02 -43.17 82.02
CA THR CG 136 43.02 -42.55 82.87
C THR CG 136 44.20 -42.04 82.04
N SER CG 137 44.60 -42.78 81.01
CA SER CG 137 45.63 -42.31 80.09
C SER CG 137 45.18 -41.08 79.34
N GLU CG 138 43.91 -41.05 78.94
CA GLU CG 138 43.38 -39.87 78.26
C GLU CG 138 43.34 -38.67 79.20
N TYR CG 139 43.01 -38.89 80.47
CA TYR CG 139 43.00 -37.82 81.45
C TYR CG 139 44.40 -37.29 81.69
N ALA CG 140 45.39 -38.18 81.74
CA ALA CG 140 46.77 -37.75 81.89
C ALA CG 140 47.27 -37.01 80.66
N LYS CG 141 46.82 -37.45 79.48
CA LYS CG 141 47.24 -36.83 78.23
C LYS CG 141 46.68 -35.41 78.11
N ALA CG 142 45.39 -35.25 78.35
CA ALA CG 142 44.78 -33.95 78.21
C ALA CG 142 44.92 -33.10 79.46
N ALA CG 143 45.53 -33.64 80.52
CA ALA CG 143 45.86 -32.82 81.68
C ALA CG 143 46.91 -31.80 81.32
N THR CG 144 46.81 -30.62 81.94
CA THR CG 144 47.70 -29.52 81.61
C THR CG 144 48.60 -29.18 82.78
N PRO CG 145 49.90 -28.97 82.56
CA PRO CG 145 50.81 -28.63 83.64
C PRO CG 145 50.62 -27.19 84.12
N GLY CG 146 51.04 -26.96 85.36
CA GLY CG 146 51.01 -25.64 85.94
C GLY CG 146 49.65 -25.24 86.47
N THR CG 147 49.62 -24.08 87.09
CA THR CG 147 48.35 -23.48 87.48
C THR CG 147 47.64 -22.93 86.25
N PRO CG 148 46.39 -23.34 85.99
CA PRO CG 148 45.63 -22.68 84.95
C PRO CG 148 45.32 -21.24 85.34
N PRO CG 149 45.26 -20.34 84.37
CA PRO CG 149 45.06 -18.93 84.70
C PRO CG 149 43.64 -18.64 85.15
N LYS CG 150 43.49 -17.53 85.84
CA LYS CG 150 42.20 -17.10 86.37
C LYS CG 150 41.45 -16.29 85.33
N PRO CG 151 40.22 -16.67 84.99
CA PRO CG 151 39.41 -15.88 84.06
C PRO CG 151 39.01 -14.55 84.69
N THR CG 152 39.32 -13.46 84.00
CA THR CG 152 39.09 -12.12 84.54
C THR CG 152 38.45 -11.24 83.48
N ALA CG 153 37.68 -10.27 83.94
CA ALA CG 153 37.15 -9.19 83.10
C ALA CG 153 37.56 -7.86 83.70
N THR CG 154 38.27 -7.05 82.93
CA THR CG 154 38.87 -5.82 83.44
C THR CG 154 38.46 -4.64 82.58
N SER CG 155 38.56 -3.45 83.16
CA SER CG 155 38.40 -2.20 82.44
C SER CG 155 39.56 -1.29 82.80
N GLN CG 156 40.24 -0.74 81.80
CA GLN CG 156 41.39 0.13 82.00
C GLN CG 156 41.28 1.36 81.11
N PHE CG 157 42.06 2.38 81.47
CA PHE CG 157 42.06 3.64 80.76
C PHE CG 157 43.05 3.62 79.61
N VAL CG 158 42.75 4.40 78.58
CA VAL CG 158 43.59 4.60 77.41
C VAL CG 158 43.83 6.09 77.27
N ASN CG 159 45.10 6.49 77.23
CA ASN CG 159 45.45 7.90 77.22
C ASN CG 159 46.28 8.26 76.01
N LEU CG 160 46.24 9.54 75.65
CA LEU CG 160 47.09 10.12 74.62
C LEU CG 160 48.28 10.85 75.21
N SER CG 161 48.56 10.67 76.49
CA SER CG 161 49.72 11.29 77.09
C SER CG 161 51.00 10.60 76.61
N PRO CG 162 52.03 11.37 76.23
CA PRO CG 162 53.23 10.75 75.69
C PRO CG 162 54.04 10.00 76.73
N GLY CG 163 54.03 10.45 77.98
CA GLY CG 163 54.78 9.75 79.02
C GLY CG 163 54.12 8.49 79.52
N SER CG 164 52.84 8.30 79.22
CA SER CG 164 52.15 7.10 79.65
C SER CG 164 52.61 5.91 78.82
N THR CG 165 52.85 4.81 79.49
CA THR CG 165 53.15 3.58 78.77
C THR CG 165 51.89 3.04 78.12
N PRO CG 166 51.96 2.62 76.86
CA PRO CG 166 50.80 2.00 76.22
C PRO CG 166 50.47 0.66 76.85
N PRO CG 167 49.20 0.29 76.90
CA PRO CG 167 48.79 -0.87 77.71
C PRO CG 167 49.13 -2.21 77.10
N VAL CG 168 49.11 -3.21 77.97
CA VAL CG 168 49.39 -4.60 77.62
C VAL CG 168 48.09 -5.39 77.74
N ILE CG 169 48.08 -6.56 77.11
CA ILE CG 169 46.92 -7.45 77.12
C ILE CG 169 47.40 -8.86 77.41
N ARG CG 170 46.86 -9.47 78.46
CA ARG CG 170 47.18 -10.84 78.80
C ARG CG 170 46.32 -11.81 77.99
N LEU CG 171 46.97 -12.70 77.25
CA LEU CG 171 46.30 -13.65 76.38
C LEU CG 171 46.74 -15.07 76.73
N SER CG 172 46.21 -16.05 76.01
CA SER CG 172 46.53 -17.44 76.27
C SER CG 172 46.44 -18.23 74.98
N GLN CG 173 46.50 -19.56 75.12
CA GLN CG 173 46.50 -20.47 73.98
C GLN CG 173 45.06 -20.66 73.53
N GLY CG 174 44.67 -19.94 72.48
CA GLY CG 174 43.44 -20.21 71.79
C GLY CG 174 42.17 -19.74 72.48
N PHE CG 175 42.27 -19.11 73.64
CA PHE CG 175 41.09 -18.59 74.31
C PHE CG 175 40.88 -17.14 73.88
N VAL CG 176 39.69 -16.86 73.37
CA VAL CG 176 39.42 -15.61 72.66
C VAL CG 176 39.10 -14.52 73.67
N SER CG 177 39.81 -13.42 73.58
CA SER CG 177 39.51 -12.23 74.36
C SER CG 177 38.81 -11.21 73.50
N SER CG 178 37.82 -10.53 74.09
CA SER CG 178 37.10 -9.46 73.44
C SER CG 178 37.54 -8.14 74.05
N LEU CG 179 38.02 -7.25 73.20
CA LEU CG 179 38.51 -5.94 73.60
C LEU CG 179 37.53 -4.92 73.04
N VAL CG 180 36.85 -4.20 73.92
CA VAL CG 180 35.79 -3.28 73.54
C VAL CG 180 36.23 -1.87 73.90
N PHE CG 181 36.16 -0.96 72.93
CA PHE CG 181 36.74 0.37 73.05
C PHE CG 181 35.62 1.38 73.20
N LEU CG 182 35.44 1.87 74.43
CA LEU CG 182 34.39 2.83 74.74
C LEU CG 182 35.01 4.19 75.00
N ASP CG 183 34.34 5.24 74.55
CA ASP CG 183 34.91 6.58 74.66
C ASP CG 183 34.73 7.12 76.09
N SER CG 184 34.97 8.43 76.26
CA SER CG 184 35.03 9.03 77.59
C SER CG 184 33.70 8.97 78.32
N THR CG 185 32.59 9.00 77.59
CA THR CG 185 31.28 8.80 78.20
C THR CG 185 30.89 7.33 78.25
N GLY CG 186 31.76 6.43 77.80
CA GLY CG 186 31.45 5.02 77.74
C GLY CG 186 30.69 4.59 76.50
N ALA CG 187 30.40 5.51 75.59
CA ALA CG 187 29.68 5.17 74.37
C ALA CG 187 30.60 4.35 73.46
N PRO CG 188 30.03 3.50 72.60
CA PRO CG 188 30.85 2.79 71.62
C PRO CG 188 31.52 3.74 70.65
N TRP CG 189 32.76 3.43 70.29
CA TRP CG 189 33.51 4.24 69.34
C TRP CG 189 33.89 3.35 68.16
N PRO CG 190 33.34 3.60 66.97
CA PRO CG 190 33.58 2.69 65.84
C PRO CG 190 35.03 2.73 65.37
N ILE CG 191 35.47 1.59 64.85
CA ILE CG 191 36.86 1.36 64.48
C ILE CG 191 36.97 1.41 62.97
N ALA CG 192 37.85 2.28 62.48
CA ALA CG 192 38.01 2.42 61.03
C ALA CG 192 38.91 1.32 60.47
N ALA CG 193 40.10 1.16 61.03
CA ALA CG 193 41.05 0.20 60.50
C ALA CG 193 41.98 -0.25 61.60
N TYR CG 194 42.70 -1.34 61.33
CA TYR CG 194 43.70 -1.81 62.26
C TYR CG 194 44.87 -2.40 61.49
N ASP CG 195 45.91 -2.77 62.24
CA ASP CG 195 47.15 -3.23 61.67
C ASP CG 195 47.82 -4.14 62.68
N LEU CG 196 48.22 -5.32 62.22
CA LEU CG 196 48.78 -6.34 63.09
C LEU CG 196 50.06 -6.88 62.47
N GLY CG 197 51.12 -6.93 63.27
CA GLY CG 197 52.33 -7.64 62.92
C GLY CG 197 52.26 -9.06 63.47
N ASP CG 198 52.89 -9.98 62.73
CA ASP CG 198 52.87 -11.43 62.98
C ASP CG 198 51.46 -11.99 63.10
N PRO CG 199 50.74 -12.20 62.00
CA PRO CG 199 49.50 -12.99 62.08
C PRO CG 199 49.70 -14.44 62.52
N SER CG 200 50.92 -14.98 62.44
CA SER CG 200 51.12 -16.37 62.85
C SER CG 200 51.04 -16.57 64.36
N SER CG 201 51.04 -15.50 65.15
CA SER CG 201 50.90 -15.63 66.59
C SER CG 201 49.50 -15.34 67.09
N PHE CG 202 48.74 -14.51 66.39
CA PHE CG 202 47.44 -14.07 66.86
C PHE CG 202 46.44 -14.11 65.72
N ASN CG 203 45.22 -14.54 66.02
CA ASN CG 203 44.16 -14.65 65.04
C ASN CG 203 43.13 -13.56 65.30
N ILE CG 204 42.72 -12.88 64.23
CA ILE CG 204 41.85 -11.71 64.32
C ILE CG 204 40.53 -12.02 63.66
N GLN CG 205 39.44 -11.69 64.35
CA GLN CG 205 38.12 -11.60 63.75
C GLN CG 205 37.58 -10.21 63.98
N TRP CG 206 37.02 -9.60 62.93
CA TRP CG 206 36.62 -8.21 63.00
C TRP CG 206 35.32 -8.00 62.25
N ASP CG 207 34.33 -7.45 62.96
CA ASP CG 207 33.12 -7.00 62.31
C ASP CG 207 33.27 -5.54 61.91
N LYS CG 208 32.64 -5.19 60.79
CA LYS CG 208 32.98 -3.95 60.09
C LYS CG 208 32.48 -2.69 60.78
N THR CG 209 31.48 -2.80 61.66
CA THR CG 209 30.92 -1.65 62.35
C THR CG 209 31.01 -1.79 63.87
N SER CG 210 32.03 -2.48 64.37
CA SER CG 210 32.10 -2.81 65.78
C SER CG 210 33.18 -2.00 66.49
N ASN CG 211 32.91 -1.69 67.75
CA ASN CG 211 33.91 -1.22 68.69
C ASN CG 211 34.54 -2.37 69.47
N THR CG 212 34.17 -3.60 69.12
CA THR CG 212 34.62 -4.79 69.82
C THR CG 212 35.46 -5.63 68.88
N LEU CG 213 36.51 -6.24 69.44
CA LEU CG 213 37.44 -7.04 68.67
C LEU CG 213 37.67 -8.38 69.37
N MET CG 214 37.50 -9.47 68.62
CA MET CG 214 37.68 -10.82 69.14
C MET CG 214 38.99 -11.37 68.62
N ILE CG 215 39.90 -11.72 69.52
CA ILE CG 215 41.23 -12.20 69.14
C ILE CG 215 41.57 -13.42 69.99
N GLN CG 216 42.02 -14.49 69.34
CA GLN CG 216 42.71 -15.57 70.03
C GLN CG 216 44.16 -15.63 69.55
N ALA CG 217 45.02 -16.15 70.40
CA ALA CG 217 46.45 -16.19 70.13
C ALA CG 217 46.87 -17.59 69.73
N THR CG 218 47.74 -17.67 68.73
CA THR CG 218 48.14 -18.93 68.12
C THR CG 218 49.42 -19.50 68.74
N LYS CG 219 50.46 -18.69 68.83
CA LYS CG 219 51.72 -19.17 69.39
C LYS CG 219 51.65 -19.25 70.90
N LEU CG 220 52.70 -19.81 71.50
CA LEU CG 220 52.69 -20.09 72.92
C LEU CG 220 53.12 -18.87 73.74
N TYR CG 221 54.36 -18.41 73.55
CA TYR CG 221 54.91 -17.35 74.38
C TYR CG 221 55.58 -16.28 73.53
N ASN CG 222 54.89 -15.80 72.50
CA ASN CG 222 55.42 -14.77 71.63
C ASN CG 222 54.54 -13.53 71.74
N TYR CG 223 55.17 -12.39 72.01
CA TYR CG 223 54.48 -11.13 72.23
C TYR CG 223 54.41 -10.32 70.94
N GLY CG 224 53.50 -9.36 70.92
CA GLY CG 224 53.29 -8.57 69.73
C GLY CG 224 52.64 -7.24 70.04
N ASN CG 225 52.30 -6.52 68.98
CA ASN CG 225 51.70 -5.20 69.09
C ASN CG 225 50.51 -5.09 68.16
N LEU CG 226 49.66 -4.11 68.44
CA LEU CG 226 48.47 -3.84 67.66
C LEU CG 226 48.33 -2.33 67.44
N ALA CG 227 48.01 -1.94 66.21
CA ALA CG 227 47.73 -0.55 65.89
C ALA CG 227 46.30 -0.43 65.44
N VAL CG 228 45.59 0.59 65.91
CA VAL CG 228 44.18 0.77 65.58
C VAL CG 228 43.93 2.25 65.29
N ARG CG 229 43.27 2.52 64.17
CA ARG CG 229 42.76 3.86 63.87
C ARG CG 229 41.24 3.82 63.94
N LEU CG 230 40.67 4.64 64.80
CA LEU CG 230 39.22 4.72 64.92
C LEU CG 230 38.65 5.62 63.84
N ARG CG 231 37.33 5.57 63.68
CA ARG CG 231 36.67 6.44 62.71
C ARG CG 231 36.65 7.87 63.20
N GLY CG 232 36.41 8.08 64.49
CA GLY CG 232 36.37 9.42 65.04
C GLY CG 232 37.73 9.99 65.34
N LEU CG 233 38.55 9.25 66.09
CA LEU CG 233 39.85 9.75 66.49
C LEU CG 233 40.84 9.67 65.34
N ASN CG 234 41.55 10.78 65.11
CA ASN CG 234 42.56 10.79 64.07
C ASN CG 234 43.84 10.09 64.51
N THR CG 235 44.21 10.23 65.77
CA THR CG 235 45.49 9.71 66.25
C THR CG 235 45.38 8.20 66.45
N PRO CG 236 46.30 7.42 65.88
CA PRO CG 236 46.28 5.96 66.09
C PRO CG 236 46.64 5.61 67.52
N VAL CG 237 46.09 4.48 67.97
CA VAL CG 237 46.33 3.97 69.32
C VAL CG 237 47.01 2.61 69.19
N MET CG 238 48.11 2.43 69.93
CA MET CG 238 48.94 1.25 69.83
C MET CG 238 48.97 0.53 71.18
N LEU CG 239 48.79 -0.78 71.14
CA LEU CG 239 48.75 -1.63 72.32
C LEU CG 239 49.74 -2.76 72.14
N THR CG 240 50.00 -3.52 73.21
CA THR CG 240 50.81 -4.72 73.07
C THR CG 240 50.11 -5.91 73.71
N LEU CG 241 50.43 -7.09 73.19
CA LEU CG 241 49.79 -8.35 73.56
C LEU CG 241 50.86 -9.33 74.01
N ILE CG 242 50.63 -9.96 75.15
CA ILE CG 242 51.56 -10.93 75.72
C ILE CG 242 50.75 -12.15 76.16
N PRO CG 243 51.10 -13.35 75.72
CA PRO CG 243 50.46 -14.56 76.23
C PRO CG 243 51.22 -15.14 77.41
N GLY CG 244 50.65 -16.20 77.98
CA GLY CG 244 51.34 -16.94 79.03
C GLY CG 244 51.40 -16.27 80.38
N GLN CG 245 50.25 -16.14 81.05
CA GLN CG 245 50.18 -15.50 82.35
C GLN CG 245 49.39 -16.39 83.30
N LYS CG 246 49.25 -15.91 84.54
CA LYS CG 246 48.53 -16.64 85.58
C LYS CG 246 47.09 -16.17 85.74
N ALA CG 247 46.63 -15.24 84.90
CA ALA CG 247 45.24 -14.81 84.91
C ALA CG 247 44.89 -14.37 83.50
N VAL CG 248 43.72 -14.78 83.02
CA VAL CG 248 43.34 -14.54 81.64
C VAL CG 248 42.26 -13.47 81.60
N ASP CG 249 42.52 -12.40 80.85
CA ASP CG 249 41.55 -11.34 80.61
C ASP CG 249 40.58 -11.83 79.56
N TYR CG 250 39.38 -12.23 80.00
CA TYR CG 250 38.36 -12.63 79.03
C TYR CG 250 37.80 -11.42 78.29
N ARG CG 251 37.47 -10.35 79.02
CA ARG CG 251 37.02 -9.11 78.40
C ARG CG 251 37.87 -7.95 78.89
N VAL CG 252 38.29 -7.09 77.98
CA VAL CG 252 39.01 -5.88 78.34
C VAL CG 252 38.21 -4.70 77.81
N ASP CG 253 37.73 -3.86 78.72
CA ASP CG 253 37.07 -2.61 78.36
C ASP CG 253 38.10 -1.49 78.38
N LEU CG 254 38.07 -0.66 77.35
CA LEU CG 254 39.08 0.37 77.15
C LEU CG 254 38.39 1.72 77.18
N ARG CG 255 38.58 2.45 78.27
CA ARG CG 255 38.07 3.82 78.42
C ARG CG 255 39.03 4.75 77.70
N VAL CG 256 38.72 5.06 76.44
CA VAL CG 256 39.57 5.92 75.65
C VAL CG 256 39.45 7.35 76.15
N GLN CG 257 40.54 8.11 76.04
CA GLN CG 257 40.57 9.48 76.55
C GLN CG 257 39.66 10.40 75.77
N GLY CG 258 39.50 10.19 74.47
CA GLY CG 258 38.62 11.02 73.70
C GLY CG 258 37.17 10.58 73.81
N TYR CG 259 36.30 11.38 73.20
CA TYR CG 259 34.90 11.03 73.09
C TYR CG 259 34.52 10.83 71.63
N GLY CG 260 33.67 9.85 71.37
CA GLY CG 260 33.31 9.47 70.03
C GLY CG 260 32.08 10.19 69.53
N PRO CG 261 31.65 9.86 68.30
CA PRO CG 261 30.40 10.43 67.78
C PRO CG 261 29.15 9.94 68.52
N ASN CG 262 29.22 8.76 69.14
CA ASN CG 262 28.11 8.25 69.95
C ASN CG 262 28.07 8.87 71.34
N ALA CG 263 29.12 9.56 71.75
CA ALA CG 263 29.19 10.13 73.09
C ALA CG 263 28.26 11.34 73.20
N LYS CG 264 27.90 11.67 74.44
CA LYS CG 264 27.08 12.85 74.68
C LYS CG 264 27.89 14.13 74.46
N SER CG 265 28.89 14.37 75.31
CA SER CG 265 29.95 15.38 75.15
C SER CG 265 29.37 16.80 75.05
N MET CG 266 28.83 17.25 76.18
CA MET CG 266 28.48 18.66 76.38
C MET CG 266 29.29 19.20 77.54
N PRO CG 267 30.55 19.59 77.31
CA PRO CG 267 31.28 20.32 78.36
C PRO CG 267 30.99 21.80 78.28
N THR CG 268 30.51 22.38 79.37
CA THR CG 268 30.13 23.79 79.37
C THR CG 268 31.38 24.66 79.36
N GLU CG 269 31.46 25.56 78.38
CA GLU CG 269 32.60 26.45 78.21
C GLU CG 269 32.17 27.86 78.58
N GLU CG 270 32.68 28.38 79.69
CA GLU CG 270 32.37 29.74 80.09
C GLU CG 270 33.56 30.34 80.82
N GLY CG 271 33.62 31.66 80.83
CA GLY CG 271 34.72 32.39 81.41
C GLY CG 271 34.32 33.76 81.89
N ILE CG 272 35.19 34.73 81.66
CA ILE CG 272 35.02 36.08 82.20
C ILE CG 272 33.92 36.80 81.41
N PRO CG 273 32.92 37.37 82.09
CA PRO CG 273 31.88 38.11 81.38
C PRO CG 273 32.43 39.39 80.79
N PRO CG 274 31.84 39.90 79.72
CA PRO CG 274 32.40 41.08 79.04
C PRO CG 274 32.21 42.36 79.83
N SER CG 275 32.97 43.37 79.46
CA SER CG 275 32.92 44.67 80.11
C SER CG 275 31.89 45.55 79.38
N ALA CG 276 31.86 46.84 79.71
CA ALA CG 276 30.88 47.75 79.16
C ALA CG 276 31.20 48.11 77.71
N ASN CG 277 30.16 48.46 76.97
CA ASN CG 277 30.32 48.80 75.56
C ASN CG 277 30.91 50.20 75.41
N ASP CG 278 31.83 50.34 74.48
CA ASP CG 278 32.58 51.56 74.29
C ASP CG 278 31.77 52.67 73.61
N LEU CG 279 30.59 52.34 73.11
CA LEU CG 279 29.69 53.37 72.60
C LEU CG 279 29.23 54.29 73.70
N LEU CG 280 29.18 53.77 74.94
CA LEU CG 280 28.79 54.56 76.09
C LEU CG 280 29.75 55.72 76.33
N LEU CG 281 31.02 55.57 75.94
CA LEU CG 281 31.96 56.67 76.02
C LEU CG 281 31.56 57.82 75.12
N HIS CG 282 31.19 57.51 73.88
CA HIS CG 282 30.75 58.55 72.95
C HIS CG 282 29.46 59.18 73.42
N VAL CG 283 28.57 58.37 73.99
CA VAL CG 283 27.32 58.89 74.52
C VAL CG 283 27.59 59.83 75.69
N LEU CG 284 28.58 59.48 76.53
CA LEU CG 284 29.00 60.34 77.61
C LEU CG 284 29.52 61.66 77.08
N GLU CG 285 30.29 61.60 76.01
CA GLU CG 285 30.82 62.85 75.48
C GLU CG 285 29.82 63.60 74.62
N GLY CG 286 28.66 63.02 74.34
CA GLY CG 286 27.69 63.68 73.51
C GLY CG 286 27.81 63.35 72.05
N VAL CG 287 28.76 62.51 71.67
CA VAL CG 287 28.88 62.06 70.31
C VAL CG 287 27.81 60.98 70.10
N PRO CG 288 26.89 61.17 69.17
CA PRO CG 288 25.94 60.10 68.88
C PRO CG 288 26.66 58.95 68.19
N PRO CG 289 26.20 57.72 68.41
CA PRO CG 289 26.79 56.60 67.69
C PRO CG 289 26.46 56.68 66.21
N PRO CG 290 27.34 56.21 65.34
CA PRO CG 290 27.10 56.35 63.90
C PRO CG 290 25.98 55.44 63.43
N GLY CG 291 25.24 55.93 62.45
CA GLY CG 291 24.17 55.15 61.86
C GLY CG 291 22.99 54.93 62.75
N SER CG 292 22.83 55.73 63.79
CA SER CG 292 21.74 55.55 64.72
C SER CG 292 20.62 56.53 64.39
N ARG CG 293 19.63 56.58 65.26
CA ARG CG 293 18.48 57.45 65.06
C ARG CG 293 18.30 58.32 66.29
N ARG CG 294 17.95 59.58 66.06
CA ARG CG 294 17.64 60.49 67.15
C ARG CG 294 16.25 60.20 67.71
N LEU CG 295 16.01 60.67 68.93
CA LEU CG 295 14.76 60.46 69.63
C LEU CG 295 14.22 61.81 70.10
N VAL CG 296 13.08 61.77 70.77
CA VAL CG 296 12.43 62.96 71.32
C VAL CG 296 12.30 62.77 72.83
N VAL CG 297 12.82 63.72 73.60
CA VAL CG 297 12.81 63.65 75.05
C VAL CG 297 12.00 64.82 75.58
N SER CG 298 11.05 64.53 76.45
CA SER CG 298 10.18 65.56 77.01
C SER CG 298 10.07 65.43 78.51
N GLY CG 299 10.15 66.57 79.19
CA GLY CG 299 9.94 66.65 80.62
C GLY CG 299 11.16 67.06 81.43
N GLY CG 300 12.36 66.91 80.89
CA GLY CG 300 13.54 67.22 81.66
C GLY CG 300 14.76 67.45 80.78
N ASP CG 301 15.92 67.45 81.41
CA ASP CG 301 17.18 67.67 80.70
C ASP CG 301 17.79 66.32 80.38
N ALA CG 302 17.60 65.87 79.13
CA ALA CG 302 18.18 64.61 78.70
C ALA CG 302 18.27 64.60 77.18
N ARG CG 303 19.16 63.78 76.66
CA ARG CG 303 19.20 63.46 75.23
C ARG CG 303 19.29 61.95 75.09
N ALA CG 304 18.76 61.44 73.97
CA ALA CG 304 18.60 60.01 73.83
C ALA CG 304 18.77 59.59 72.37
N TRP CG 305 19.21 58.35 72.19
CA TRP CG 305 19.46 57.79 70.87
C TRP CG 305 19.07 56.32 70.83
N LEU CG 306 18.78 55.85 69.62
CA LEU CG 306 18.48 54.45 69.37
C LEU CG 306 19.29 53.97 68.18
N SER CG 307 20.04 52.89 68.38
CA SER CG 307 20.87 52.32 67.34
C SER CG 307 20.53 50.87 67.02
N ASN CG 308 20.53 50.00 68.02
CA ASN CG 308 20.41 48.56 67.86
C ASN CG 308 19.36 48.02 68.80
N GLU CG 309 18.18 48.64 68.74
CA GLU CG 309 16.99 48.39 69.59
C GLU CG 309 17.30 48.50 71.09
N LYS CG 310 18.37 49.20 71.45
CA LYS CG 310 18.74 49.44 72.83
C LYS CG 310 18.84 50.94 73.04
N MET CG 311 18.20 51.45 74.08
CA MET CG 311 18.19 52.88 74.30
C MET CG 311 19.52 53.34 74.89
N TYR CG 312 19.98 54.49 74.42
CA TYR CG 312 21.12 55.17 75.00
C TYR CG 312 20.64 56.53 75.47
N VAL CG 313 21.02 56.92 76.67
CA VAL CG 313 20.53 58.17 77.22
C VAL CG 313 21.63 58.85 78.01
N ARG CG 314 21.86 60.13 77.72
CA ARG CG 314 22.75 60.97 78.52
C ARG CG 314 21.94 62.03 79.23
N THR CG 315 22.14 62.15 80.54
CA THR CG 315 21.52 63.21 81.31
C THR CG 315 22.39 63.47 82.54
N ASN CG 316 21.85 64.21 83.48
CA ASN CG 316 22.47 64.42 84.78
C ASN CG 316 21.45 64.17 85.89
N LEU CG 317 20.47 63.35 85.60
CA LEU CG 317 19.47 62.89 86.54
C LEU CG 317 19.81 61.46 86.97
N THR CG 318 18.90 60.83 87.70
CA THR CG 318 19.14 59.48 88.22
C THR CG 318 17.94 58.59 87.86
N ILE CG 319 18.14 57.74 86.85
CA ILE CG 319 17.04 56.96 86.27
C ILE CG 319 16.59 55.89 87.26
N LEU CG 320 15.28 55.70 87.37
CA LEU CG 320 14.75 54.85 88.42
C LEU CG 320 14.02 53.62 87.91
N SER CG 321 13.04 53.79 87.02
CA SER CG 321 12.05 52.73 86.83
C SER CG 321 12.55 51.49 86.09
N PRO CG 322 12.91 51.52 84.81
CA PRO CG 322 12.95 50.27 84.06
C PRO CG 322 14.26 49.50 84.16
N GLY CG 323 15.19 49.91 85.00
CA GLY CG 323 16.48 49.27 85.08
C GLY CG 323 17.37 49.68 83.93
N TRP CG 324 18.62 49.25 84.00
CA TRP CG 324 19.56 49.52 82.92
C TRP CG 324 20.67 48.50 82.97
N LEU CG 325 21.33 48.34 81.82
CA LEU CG 325 22.36 47.32 81.68
C LEU CG 325 23.76 47.85 81.86
N ALA CG 326 24.04 49.08 81.45
CA ALA CG 326 25.38 49.61 81.64
C ALA CG 326 25.31 51.11 81.90
N SER CG 327 26.31 51.62 82.61
CA SER CG 327 26.29 53.01 83.03
C SER CG 327 27.71 53.54 83.16
N MET CG 328 27.87 54.82 82.84
CA MET CG 328 29.12 55.51 83.08
C MET CG 328 28.82 56.94 83.52
N THR CG 329 29.80 57.56 84.15
CA THR CG 329 29.66 58.91 84.65
C THR CG 329 30.86 59.73 84.25
N SER CG 330 30.65 61.03 84.09
CA SER CG 330 31.69 61.95 83.70
C SER CG 330 32.63 62.20 84.87
N ALA CG 331 33.62 63.06 84.62
CA ALA CG 331 34.45 63.52 85.72
C ALA CG 331 33.78 64.63 86.52
N ASP CG 332 32.63 65.14 86.06
CA ASP CG 332 31.96 66.24 86.74
C ASP CG 332 30.44 66.06 86.80
N GLY CG 333 29.96 64.82 86.83
CA GLY CG 333 28.55 64.61 87.13
C GLY CG 333 27.63 64.55 85.93
N THR CG 334 27.91 63.67 84.98
CA THR CG 334 27.02 63.40 83.87
C THR CG 334 26.82 61.90 83.77
N HIS CG 335 25.59 61.45 83.84
CA HIS CG 335 25.27 60.03 83.89
C HIS CG 335 24.73 59.57 82.55
N ALA CG 336 25.33 58.50 82.03
CA ALA CG 336 24.95 57.93 80.75
C ALA CG 336 24.62 56.46 80.92
N TYR CG 337 23.55 56.03 80.27
CA TYR CG 337 23.00 54.71 80.46
C TYR CG 337 22.72 54.03 79.13
N GLU CG 338 23.05 52.75 79.07
CA GLU CG 338 22.62 51.84 78.02
C GLU CG 338 21.62 50.88 78.63
N MET CG 339 20.43 50.80 78.04
CA MET CG 339 19.34 50.09 78.70
C MET CG 339 18.38 49.53 77.66
N GLN CG 340 17.41 48.78 78.18
CA GLN CG 340 16.34 48.23 77.37
C GLN CG 340 15.38 49.33 76.94
N LYS CG 341 14.66 49.09 75.84
CA LYS CG 341 13.83 50.13 75.25
C LYS CG 341 12.56 50.36 76.05
N SER CG 342 12.13 51.62 76.09
CA SER CG 342 11.00 52.02 76.91
C SER CG 342 10.44 53.31 76.38
N PRO CG 343 9.14 53.55 76.53
CA PRO CG 343 8.60 54.88 76.24
C PRO CG 343 8.65 55.84 77.42
N VAL CG 344 8.88 55.36 78.63
CA VAL CG 344 8.71 56.17 79.83
C VAL CG 344 9.87 55.95 80.76
N LEU CG 345 10.11 56.93 81.64
CA LEU CG 345 11.20 56.86 82.60
C LEU CG 345 10.74 57.46 83.93
N LEU CG 346 11.45 57.08 84.99
CA LEU CG 346 11.31 57.72 86.29
C LEU CG 346 12.66 58.21 86.77
N VAL CG 347 12.68 59.40 87.37
CA VAL CG 347 13.87 59.95 88.00
C VAL CG 347 13.51 60.56 89.34
N SER CG 348 14.54 60.81 90.13
CA SER CG 348 14.46 61.56 91.37
C SER CG 348 15.22 62.86 91.14
N TRP CG 349 14.50 63.97 91.08
CA TRP CG 349 15.13 65.18 90.60
C TRP CG 349 15.92 65.87 91.70
N HIS CG 350 15.23 66.47 92.66
CA HIS CG 350 15.90 67.14 93.77
C HIS CG 350 15.19 66.76 95.05
N GLY CG 351 14.92 65.47 95.22
CA GLY CG 351 14.01 65.07 96.27
C GLY CG 351 12.58 65.09 95.83
N LYS CG 352 12.33 65.03 94.53
CA LYS CG 352 10.98 64.97 94.00
C LYS CG 352 10.89 63.83 93.00
N VAL CG 353 9.81 63.07 93.09
CA VAL CG 353 9.54 61.99 92.15
C VAL CG 353 9.19 62.59 90.80
N MET CG 354 9.64 61.95 89.72
CA MET CG 354 9.53 62.61 88.44
C MET CG 354 9.31 61.62 87.30
N GLN CG 355 8.27 61.88 86.51
CA GLN CG 355 7.99 61.11 85.30
C GLN CG 355 8.67 61.74 84.10
N LEU CG 356 8.98 60.90 83.10
CA LEU CG 356 9.61 61.39 81.88
C LEU CG 356 9.02 60.67 80.69
N LYS CG 357 8.48 61.43 79.74
CA LYS CG 357 7.88 60.89 78.54
C LYS CG 357 8.88 60.97 77.40
N VAL CG 358 9.20 59.83 76.81
CA VAL CG 358 10.10 59.74 75.68
C VAL CG 358 9.30 59.22 74.51
N GLU CG 359 9.24 59.99 73.43
CA GLU CG 359 8.35 59.70 72.32
C GLU CG 359 9.18 59.39 71.08
N GLY CG 360 8.69 58.46 70.27
CA GLY CG 360 9.28 58.17 68.99
C GLY CG 360 9.76 56.74 68.79
N LEU CG 361 9.60 55.87 69.78
CA LEU CG 361 9.96 54.48 69.58
C LEU CG 361 8.90 53.77 68.75
N VAL DG 38 29.18 85.98 39.11
CA VAL DG 38 29.55 87.36 38.81
C VAL DG 38 28.73 88.47 39.56
N PRO DG 39 27.38 88.52 39.49
CA PRO DG 39 26.69 89.67 40.09
C PRO DG 39 26.58 89.63 41.60
N LYS DG 40 26.76 88.46 42.22
CA LYS DG 40 26.68 88.36 43.67
C LYS DG 40 27.94 88.90 44.35
N LEU DG 41 29.02 89.08 43.59
CA LEU DG 41 30.24 89.62 44.15
C LEU DG 41 30.05 91.11 44.45
N PRO DG 42 30.70 91.62 45.50
CA PRO DG 42 30.54 93.04 45.84
C PRO DG 42 31.26 93.93 44.83
N CYS DG 43 30.54 94.91 44.30
CA CYS DG 43 31.11 95.78 43.27
C CYS DG 43 32.11 96.76 43.86
N ARG DG 44 31.95 97.11 45.14
CA ARG DG 44 32.84 98.07 45.78
C ARG DG 44 33.11 97.62 47.20
N VAL DG 45 34.04 98.31 47.86
CA VAL DG 45 34.25 98.12 49.29
C VAL DG 45 33.12 98.83 50.02
N ASP DG 46 32.50 98.13 50.98
CA ASP DG 46 31.34 98.65 51.68
C ASP DG 46 31.70 99.81 52.59
N GLY DG 47 30.76 100.74 52.72
CA GLY DG 47 30.98 101.95 53.49
C GLY DG 47 32.01 102.88 52.88
N ALA DG 48 32.01 103.02 51.56
CA ALA DG 48 33.01 103.83 50.89
C ALA DG 48 32.40 104.62 49.76
N CYS DG 49 32.84 105.88 49.64
CA CYS DG 49 32.53 106.71 48.48
C CYS DG 49 33.57 107.81 48.40
N ASP DG 50 34.15 107.96 47.22
CA ASP DG 50 35.20 108.95 47.02
C ASP DG 50 34.67 110.37 47.18
N ALA DG 51 33.40 110.58 46.82
CA ALA DG 51 32.79 111.89 47.01
C ALA DG 51 32.68 112.25 48.48
N THR DG 52 32.30 111.25 49.30
CA THR DG 52 32.28 111.45 50.75
C THR DG 52 33.67 111.73 51.28
N ILE DG 53 34.68 111.04 50.71
CA ILE DG 53 36.06 111.24 51.13
C ILE DG 53 36.50 112.67 50.86
N ILE DG 54 36.21 113.16 49.65
CA ILE DG 54 36.58 114.51 49.25
C ILE DG 54 35.88 115.55 50.12
N LYS DG 55 34.58 115.34 50.36
CA LYS DG 55 33.82 116.30 51.14
C LYS DG 55 34.32 116.38 52.58
N MET DG 56 34.58 115.23 53.20
CA MET DG 56 35.00 115.28 54.59
C MET DG 56 36.43 115.78 54.73
N MET DG 57 37.30 115.52 53.75
CA MET DG 57 38.65 116.04 53.88
C MET DG 57 38.68 117.55 53.63
N THR DG 58 37.79 118.05 52.77
CA THR DG 58 37.70 119.49 52.58
C THR DG 58 37.14 120.17 53.83
N ASP DG 59 36.18 119.52 54.49
CA ASP DG 59 35.64 120.06 55.73
C ASP DG 59 36.70 120.10 56.81
N LEU DG 60 37.54 119.06 56.89
CA LEU DG 60 38.62 119.08 57.86
C LEU DG 60 39.65 120.15 57.53
N ASN DG 61 39.94 120.34 56.24
CA ASN DG 61 40.93 121.33 55.84
C ASN DG 61 40.47 122.73 56.18
N LYS DG 62 39.19 123.03 55.98
CA LYS DG 62 38.70 124.33 56.42
C LYS DG 62 38.49 124.38 57.93
N LYS DG 63 38.38 123.23 58.59
CA LYS DG 63 38.24 123.23 60.03
C LYS DG 63 39.54 123.60 60.72
N GLY DG 64 40.66 123.27 60.09
CA GLY DG 64 41.93 123.78 60.59
C GLY DG 64 42.94 122.70 60.88
N ILE DG 65 42.45 121.48 61.01
CA ILE DG 65 43.34 120.32 61.06
C ILE DG 65 43.97 120.14 59.69
N LYS DG 66 45.29 119.99 59.67
CA LYS DG 66 46.01 119.86 58.41
C LYS DG 66 45.80 118.48 57.82
N VAL DG 67 45.43 118.44 56.55
CA VAL DG 67 45.30 117.22 55.77
C VAL DG 67 46.39 117.24 54.71
N ALA DG 68 47.12 116.14 54.57
CA ALA DG 68 48.24 116.07 53.65
C ALA DG 68 48.20 114.73 52.93
N SER DG 69 48.22 114.80 51.60
CA SER DG 69 48.14 113.62 50.76
C SER DG 69 49.31 113.62 49.79
N VAL DG 70 50.11 112.55 49.81
CA VAL DG 70 51.18 112.40 48.84
C VAL DG 70 51.41 110.92 48.56
N GLY DG 71 51.24 110.52 47.31
CA GLY DG 71 51.41 109.13 46.94
C GLY DG 71 50.34 108.25 47.53
N GLN DG 72 50.77 107.23 48.26
CA GLN DG 72 49.88 106.38 49.02
C GLN DG 72 49.99 106.59 50.53
N ASN DG 73 50.85 107.50 50.97
CA ASN DG 73 51.04 107.75 52.38
C ASN DG 73 50.33 109.04 52.76
N TYR DG 74 49.46 108.96 53.75
CA TYR DG 74 48.62 110.08 54.15
C TYR DG 74 48.98 110.53 55.56
N LEU DG 75 48.94 111.84 55.76
CA LEU DG 75 49.27 112.48 57.02
C LEU DG 75 48.15 113.41 57.44
N ILE DG 76 47.76 113.34 58.71
CA ILE DG 76 46.78 114.27 59.25
C ILE DG 76 47.29 114.78 60.59
N SER DG 77 47.38 116.09 60.73
CA SER DG 77 47.93 116.69 61.94
C SER DG 77 46.92 117.63 62.57
N ILE DG 78 46.81 117.56 63.90
CA ILE DG 78 45.86 118.37 64.66
C ILE DG 78 46.64 119.13 65.72
N PRO DG 79 46.40 120.43 65.89
CA PRO DG 79 47.02 121.17 67.00
C PRO DG 79 46.49 120.71 68.35
N ALA DG 80 47.36 120.79 69.35
CA ALA DG 80 47.09 120.17 70.65
C ALA DG 80 46.02 120.92 71.45
N SER DG 81 45.98 122.24 71.34
CA SER DG 81 45.03 123.01 72.13
C SER DG 81 43.61 122.86 71.62
N ALA DG 82 43.41 122.30 70.44
CA ALA DG 82 42.08 121.91 70.02
C ALA DG 82 41.62 120.62 70.66
N LEU DG 83 42.46 119.97 71.44
CA LEU DG 83 42.11 118.70 72.04
C LEU DG 83 42.21 118.69 73.56
N PHE DG 84 43.26 119.29 74.13
CA PHE DG 84 43.46 119.21 75.57
C PHE DG 84 43.29 120.57 76.21
N ALA DG 85 43.44 120.59 77.53
CA ALA DG 85 43.66 121.84 78.23
C ALA DG 85 45.17 122.06 78.33
N ASP DG 86 45.60 123.01 79.15
CA ASP DG 86 47.00 123.42 79.18
C ASP DG 86 47.87 122.35 79.83
N GLN DG 87 48.80 121.79 79.03
CA GLN DG 87 49.84 120.85 79.47
C GLN DG 87 49.25 119.62 80.16
N SER DG 88 48.07 119.20 79.72
CA SER DG 88 47.28 118.29 80.52
C SER DG 88 46.84 117.09 79.68
N PRO DG 89 47.01 115.89 80.17
CA PRO DG 89 46.56 114.71 79.44
C PRO DG 89 45.10 114.37 79.77
N ARG DG 90 44.20 115.29 79.49
CA ARG DG 90 42.78 115.09 79.70
C ARG DG 90 42.05 115.55 78.44
N LEU DG 91 40.93 114.88 78.15
CA LEU DG 91 40.11 115.22 77.00
C LEU DG 91 38.96 116.12 77.42
N ASN DG 92 38.85 117.26 76.75
CA ASN DG 92 37.66 118.08 76.89
C ASN DG 92 36.48 117.38 76.21
N TRP DG 93 35.27 117.67 76.69
CA TRP DG 93 34.12 116.94 76.18
C TRP DG 93 33.75 117.36 74.77
N ALA DG 94 34.14 118.55 74.33
CA ALA DG 94 33.88 118.96 72.97
C ALA DG 94 34.74 118.22 71.96
N SER DG 95 35.84 117.63 72.42
CA SER DG 95 36.78 117.01 71.50
C SER DG 95 36.27 115.69 70.94
N TYR DG 96 35.27 115.07 71.59
CA TYR DG 96 34.82 113.75 71.18
C TYR DG 96 34.10 113.80 69.85
N SER DG 97 33.44 114.90 69.52
CA SER DG 97 32.84 115.05 68.21
C SER DG 97 33.88 115.05 67.11
N LEU DG 98 34.98 115.77 67.33
CA LEU DG 98 36.06 115.81 66.35
C LEU DG 98 36.77 114.48 66.26
N LEU DG 99 36.92 113.80 67.40
CA LEU DG 99 37.51 112.47 67.42
C LEU DG 99 36.65 111.47 66.68
N ASN DG 100 35.33 111.56 66.85
CA ASN DG 100 34.40 110.72 66.12
C ASN DG 100 34.47 110.98 64.64
N GLU DG 101 34.60 112.26 64.26
CA GLU DG 101 34.70 112.63 62.86
C GLU DG 101 35.96 112.07 62.21
N ILE DG 102 37.09 112.21 62.90
CA ILE DG 102 38.33 111.74 62.29
C ILE DG 102 38.39 110.21 62.30
N ALA DG 103 37.71 109.57 63.25
CA ALA DG 103 37.65 108.11 63.24
C ALA DG 103 36.81 107.61 62.08
N ALA DG 104 35.67 108.28 61.83
CA ALA DG 104 34.84 107.91 60.70
C ALA DG 104 35.54 108.19 59.38
N PHE DG 105 36.43 109.17 59.35
CA PHE DG 105 37.25 109.36 58.17
C PHE DG 105 38.24 108.22 58.00
N LEU DG 106 38.92 107.85 59.08
CA LEU DG 106 39.99 106.86 58.98
C LEU DG 106 39.46 105.47 58.72
N LYS DG 107 38.21 105.19 59.08
CA LYS DG 107 37.65 103.87 58.81
C LYS DG 107 37.40 103.63 57.33
N GLN DG 108 37.34 104.69 56.52
CA GLN DG 108 36.95 104.53 55.13
C GLN DG 108 38.02 103.81 54.31
N PHE DG 109 39.29 104.05 54.62
CA PHE DG 109 40.36 103.47 53.83
C PHE DG 109 40.68 102.06 54.29
N ARG DG 110 41.60 101.42 53.59
CA ARG DG 110 42.10 100.11 53.97
C ARG DG 110 43.56 100.26 54.37
N LYS DG 111 43.88 99.77 55.56
CA LYS DG 111 45.17 100.03 56.17
C LYS DG 111 45.76 98.73 56.70
N ILE DG 112 47.04 98.81 57.04
CA ILE DG 112 47.73 97.75 57.75
C ILE DG 112 48.35 98.27 59.04
N ALA DG 113 49.04 99.41 58.97
CA ALA DG 113 49.73 99.98 60.10
C ALA DG 113 49.36 101.44 60.26
N ILE DG 114 49.22 101.87 61.52
CA ILE DG 114 48.96 103.27 61.86
C ILE DG 114 50.08 103.75 62.74
N THR DG 115 50.47 105.02 62.60
CA THR DG 115 51.44 105.59 63.52
C THR DG 115 50.99 106.97 63.99
N VAL DG 116 51.00 107.19 65.29
CA VAL DG 116 50.61 108.45 65.89
C VAL DG 116 51.78 109.02 66.68
N THR DG 117 52.01 110.32 66.52
CA THR DG 117 53.09 111.02 67.20
C THR DG 117 52.56 112.28 67.86
N SER DG 118 53.05 112.57 69.06
CA SER DG 118 52.63 113.72 69.83
C SER DG 118 53.84 114.59 70.13
N TYR DG 119 53.69 115.89 69.94
CA TYR DG 119 54.80 116.82 70.07
C TYR DG 119 54.35 118.08 70.79
N SER DG 120 55.28 118.70 71.51
CA SER DG 120 54.94 119.76 72.45
C SER DG 120 56.11 120.73 72.55
N SER DG 121 56.07 121.59 73.58
CA SER DG 121 57.08 122.60 73.83
C SER DG 121 57.76 122.35 75.17
N LYS DG 122 58.91 122.98 75.35
CA LYS DG 122 59.67 122.79 76.59
C LYS DG 122 59.00 123.52 77.73
N TYR DG 123 58.76 122.81 78.83
CA TYR DG 123 58.14 123.40 80.01
C TYR DG 123 59.05 123.38 81.22
N VAL DG 124 59.51 122.21 81.64
CA VAL DG 124 60.28 122.08 82.86
C VAL DG 124 61.52 121.24 82.58
N SER DG 125 61.32 120.13 81.89
CA SER DG 125 62.28 119.03 81.86
C SER DG 125 62.38 118.58 80.41
N VAL DG 126 62.91 117.40 80.18
CA VAL DG 126 62.77 116.71 78.92
C VAL DG 126 61.84 115.51 79.06
N LYS DG 127 62.10 114.67 80.05
CA LYS DG 127 61.33 113.45 80.23
C LYS DG 127 59.90 113.73 80.68
N ARG DG 128 59.66 114.88 81.31
CA ARG DG 128 58.31 115.28 81.66
C ARG DG 128 57.47 115.50 80.41
N GLU DG 129 58.03 116.22 79.44
CA GLU DG 129 57.33 116.46 78.18
C GLU DG 129 57.19 115.19 77.38
N ARG DG 130 58.21 114.32 77.43
CA ARG DG 130 58.12 113.02 76.76
C ARG DG 130 57.00 112.18 77.36
N ALA DG 131 56.87 112.20 78.68
CA ALA DG 131 55.83 111.43 79.34
C ALA DG 131 54.45 112.00 79.03
N LEU DG 132 54.36 113.33 78.91
CA LEU DG 132 53.08 113.95 78.55
C LEU DG 132 52.65 113.53 77.16
N THR DG 133 53.59 113.55 76.22
CA THR DG 133 53.29 113.13 74.86
C THR DG 133 52.91 111.66 74.80
N LEU DG 134 53.61 110.83 75.58
CA LEU DG 134 53.32 109.41 75.64
C LEU DG 134 51.91 109.14 76.14
N ALA DG 135 51.52 109.85 77.19
CA ALA DG 135 50.18 109.68 77.74
C ALA DG 135 49.12 110.14 76.76
N ARG DG 136 49.36 111.27 76.08
CA ARG DG 136 48.37 111.80 75.15
C ARG DG 136 48.16 110.87 73.97
N SER DG 137 49.27 110.38 73.40
CA SER DG 137 49.19 109.48 72.27
C SER DG 137 48.56 108.15 72.68
N ARG DG 138 48.83 107.71 73.91
CA ARG DG 138 48.23 106.49 74.41
C ARG DG 138 46.71 106.62 74.53
N VAL DG 139 46.25 107.75 75.05
CA VAL DG 139 44.81 107.95 75.22
C VAL DG 139 44.10 107.98 73.88
N VAL DG 140 44.65 108.73 72.93
CA VAL DG 140 43.98 108.84 71.65
C VAL DG 140 44.06 107.52 70.87
N SER DG 141 45.15 106.77 71.06
CA SER DG 141 45.27 105.46 70.43
C SER DG 141 44.25 104.49 70.98
N GLU DG 142 44.05 104.53 72.29
CA GLU DG 142 43.07 103.66 72.93
C GLU DG 142 41.67 103.96 72.43
N TYR DG 143 41.32 105.23 72.34
CA TYR DG 143 39.96 105.57 71.93
C TYR DG 143 39.72 105.24 70.48
N LEU DG 144 40.73 105.50 69.62
CA LEU DG 144 40.59 105.17 68.21
C LEU DG 144 40.54 103.67 67.99
N TRP DG 145 41.23 102.90 68.82
CA TRP DG 145 41.13 101.46 68.71
C TRP DG 145 39.76 100.97 69.13
N SER DG 146 39.24 101.50 70.24
CA SER DG 146 38.00 100.95 70.78
C SER DG 146 36.81 101.39 69.95
N GLN DG 147 36.90 102.53 69.28
CA GLN DG 147 35.94 102.83 68.24
C GLN DG 147 36.15 101.89 67.08
N GLY DG 148 35.11 101.72 66.29
CA GLY DG 148 35.18 100.73 65.23
C GLY DG 148 36.02 101.13 64.04
N VAL DG 149 37.33 101.24 64.22
CA VAL DG 149 38.24 101.46 63.10
C VAL DG 149 38.86 100.13 62.74
N ASP DG 150 39.21 99.98 61.47
CA ASP DG 150 39.74 98.71 60.97
C ASP DG 150 41.26 98.78 60.81
N SER DG 151 41.94 99.02 61.92
CA SER DG 151 43.38 98.86 61.86
C SER DG 151 43.77 97.43 62.16
N ARG DG 152 45.02 97.13 61.92
CA ARG DG 152 45.61 95.88 62.35
C ARG DG 152 46.67 96.09 63.41
N ILE DG 153 47.53 97.08 63.22
CA ILE DG 153 48.61 97.38 64.16
C ILE DG 153 48.66 98.88 64.35
N ILE DG 154 48.65 99.34 65.60
CA ILE DG 154 48.81 100.76 65.90
C ILE DG 154 49.99 100.93 66.83
N PHE DG 155 50.98 101.70 66.37
CA PHE DG 155 52.10 102.13 67.20
C PHE DG 155 51.82 103.52 67.74
N THR DG 156 52.16 103.73 69.00
CA THR DG 156 52.11 105.06 69.59
C THR DG 156 53.45 105.38 70.20
N GLN DG 157 53.92 106.60 69.95
CA GLN DG 157 55.05 107.16 70.67
C GLN DG 157 54.97 108.67 70.62
N GLY DG 158 55.65 109.32 71.54
CA GLY DG 158 55.71 110.78 71.58
C GLY DG 158 57.05 111.22 72.07
N LEU DG 159 57.47 112.42 71.64
CA LEU DG 159 58.77 112.93 72.04
C LEU DG 159 58.67 114.35 72.60
N GLY DG 160 57.81 115.18 72.02
CA GLY DG 160 57.61 116.51 72.57
C GLY DG 160 58.28 117.63 71.81
N SER DG 161 59.34 118.19 72.38
CA SER DG 161 60.04 119.31 71.78
C SER DG 161 61.25 118.86 70.99
N ASP DG 162 61.41 117.56 70.82
CA ASP DG 162 62.66 117.02 70.30
C ASP DG 162 62.75 117.10 68.78
N LYS DG 163 61.63 117.31 68.09
CA LYS DG 163 61.62 117.48 66.64
C LYS DG 163 60.69 118.62 66.30
N PRO DG 164 61.14 119.85 66.41
CA PRO DG 164 60.27 121.00 66.14
C PRO DG 164 60.06 121.20 64.66
N ILE DG 165 59.13 122.10 64.33
CA ILE DG 165 58.80 122.40 62.95
C ILE DG 165 58.93 123.88 62.61
N THR DG 166 59.10 124.75 63.60
CA THR DG 166 59.23 126.17 63.30
C THR DG 166 60.06 126.84 64.38
N SER DG 167 60.53 128.03 64.06
CA SER DG 167 61.33 128.82 64.98
C SER DG 167 60.50 129.76 65.83
N TYR DG 168 59.20 129.83 65.59
CA TYR DG 168 58.34 130.76 66.32
C TYR DG 168 57.90 130.07 67.60
N THR DG 169 58.64 130.28 68.67
CA THR DG 169 58.34 129.65 69.95
C THR DG 169 57.70 130.62 70.93
N LEU DG 170 56.96 131.61 70.43
CA LEU DG 170 56.36 132.61 71.30
C LEU DG 170 55.15 132.07 72.05
N GLY DG 171 54.30 131.31 71.35
CA GLY DG 171 53.14 130.73 72.02
C GLY DG 171 53.53 129.59 72.94
N GLY DG 172 52.63 129.28 73.87
CA GLY DG 172 52.88 128.19 74.79
C GLY DG 172 52.24 126.93 74.27
N ASP DG 173 51.14 126.51 74.88
CA ASP DG 173 50.31 125.49 74.26
C ASP DG 173 49.46 126.04 73.13
N ARG DG 174 49.44 127.37 72.96
CA ARG DG 174 48.86 127.96 71.76
C ARG DG 174 49.80 127.88 70.57
N SER DG 175 51.05 127.49 70.77
CA SER DG 175 52.02 127.47 69.68
C SER DG 175 51.68 126.37 68.69
N PRO DG 176 51.88 126.61 67.38
CA PRO DG 176 51.43 125.63 66.38
C PRO DG 176 52.25 124.36 66.35
N ASN DG 177 53.42 124.31 66.98
CA ASN DG 177 54.18 123.07 66.96
C ASN DG 177 53.59 122.02 67.91
N ALA DG 178 52.77 122.43 68.87
CA ALA DG 178 52.13 121.48 69.77
C ALA DG 178 51.04 120.74 69.01
N ARG DG 179 51.30 119.48 68.70
CA ARG DG 179 50.53 118.83 67.64
C ARG DG 179 50.51 117.34 67.85
N VAL DG 180 49.62 116.69 67.10
CA VAL DG 180 49.59 115.24 66.98
C VAL DG 180 49.43 114.88 65.51
N GLU DG 181 50.26 113.97 65.04
CA GLU DG 181 50.25 113.52 63.66
C GLU DG 181 49.84 112.06 63.58
N ILE DG 182 48.98 111.76 62.62
CA ILE DG 182 48.62 110.38 62.29
C ILE DG 182 49.10 110.14 60.87
N THR DG 183 49.89 109.09 60.70
CA THR DG 183 50.43 108.70 59.41
C THR DG 183 50.02 107.27 59.10
N PHE DG 184 49.67 107.02 57.85
CA PHE DG 184 49.47 105.64 57.41
C PHE DG 184 49.73 105.55 55.91
N ARG DG 185 49.70 104.32 55.42
CA ARG DG 185 49.85 104.03 54.00
C ARG DG 185 48.61 103.30 53.52
N ARG DG 186 48.02 103.77 52.42
CA ARG DG 186 46.87 103.10 51.87
C ARG DG 186 47.33 101.85 51.14
N ALA DG 187 46.83 100.70 51.57
CA ALA DG 187 47.26 99.42 51.03
C ALA DG 187 46.25 98.95 50.01
N VAL DG 188 46.57 99.19 48.73
CA VAL DG 188 45.91 98.59 47.57
C VAL DG 188 44.40 98.82 47.51
N ILE EG 862 -4.41 1.35 -68.86
CA ILE EG 862 -3.98 2.60 -68.24
C ILE EG 862 -4.79 3.77 -68.78
N ILE EG 863 -5.48 4.46 -67.89
CA ILE EG 863 -6.27 5.63 -68.25
C ILE EG 863 -5.68 6.86 -67.55
N LYS EG 864 -5.32 7.86 -68.34
CA LYS EG 864 -4.81 9.11 -67.80
C LYS EG 864 -5.91 9.88 -67.08
N THR EG 865 -5.51 10.72 -66.14
CA THR EG 865 -6.43 11.53 -65.34
C THR EG 865 -7.19 12.50 -66.22
N GLY EG 866 -8.49 12.66 -65.96
CA GLY EG 866 -9.28 13.75 -66.48
C GLY EG 866 -9.49 13.84 -67.98
N ASP EG 867 -9.60 12.71 -68.65
CA ASP EG 867 -9.85 12.70 -70.09
C ASP EG 867 -11.34 12.90 -70.35
N ILE EG 868 -11.68 13.06 -71.63
CA ILE EG 868 -13.03 13.45 -72.07
C ILE EG 868 -13.58 12.37 -72.99
N MET EG 869 -14.78 11.88 -72.68
CA MET EG 869 -15.52 10.94 -73.51
C MET EG 869 -16.96 11.42 -73.62
N PHE EG 870 -17.81 10.59 -74.22
CA PHE EG 870 -19.21 10.93 -74.42
C PHE EG 870 -20.08 9.69 -74.21
N ALA EG 871 -21.35 9.92 -73.88
CA ALA EG 871 -22.28 8.83 -73.59
C ALA EG 871 -23.71 9.31 -73.83
N VAL EG 872 -24.66 8.40 -73.65
CA VAL EG 872 -26.08 8.68 -73.79
C VAL EG 872 -26.81 8.14 -72.57
N LEU EG 873 -27.62 8.97 -71.93
CA LEU EG 873 -28.40 8.60 -70.78
C LEU EG 873 -29.84 8.29 -71.21
N ASP EG 874 -30.33 7.12 -70.79
CA ASP EG 874 -31.60 6.65 -71.30
C ASP EG 874 -32.71 6.65 -70.26
N THR EG 875 -32.37 6.42 -68.98
CA THR EG 875 -33.37 6.41 -67.94
C THR EG 875 -33.63 7.83 -67.46
N SER EG 876 -34.80 8.36 -67.77
CA SER EG 876 -35.17 9.69 -67.31
C SER EG 876 -35.47 9.65 -65.83
N VAL EG 877 -35.08 10.72 -65.14
CA VAL EG 877 -35.28 10.82 -63.70
C VAL EG 877 -35.36 12.30 -63.33
N ASN EG 878 -35.97 12.57 -62.19
CA ASN EG 878 -36.18 13.93 -61.71
C ASN EG 878 -35.27 14.21 -60.52
N SER EG 879 -34.96 15.50 -60.34
CA SER EG 879 -34.21 15.94 -59.16
C SER EG 879 -35.13 16.10 -57.96
N ASP EG 880 -35.75 15.02 -57.54
CA ASP EG 880 -36.62 15.01 -56.37
C ASP EG 880 -36.28 13.90 -55.40
N GLU EG 881 -35.94 12.71 -55.89
CA GLU EG 881 -35.66 11.55 -55.05
C GLU EG 881 -34.42 10.86 -55.60
N PRO EG 882 -33.47 10.46 -54.75
CA PRO EG 882 -32.26 9.80 -55.25
C PRO EG 882 -32.54 8.44 -55.85
N GLY EG 883 -31.71 8.07 -56.82
CA GLY EG 883 -31.83 6.80 -57.48
C GLY EG 883 -30.66 6.52 -58.40
N PRO EG 884 -30.46 5.26 -58.75
CA PRO EG 884 -29.39 4.92 -59.69
C PRO EG 884 -29.73 5.31 -61.12
N ILE EG 885 -28.78 5.96 -61.78
CA ILE EG 885 -28.87 6.34 -63.19
C ILE EG 885 -27.69 5.71 -63.91
N LEU EG 886 -27.97 4.99 -65.00
CA LEU EG 886 -26.91 4.34 -65.76
C LEU EG 886 -26.91 4.86 -67.20
N ALA EG 887 -25.72 5.03 -67.75
CA ALA EG 887 -25.49 5.38 -69.13
C ALA EG 887 -24.48 4.41 -69.74
N THR EG 888 -24.30 4.51 -71.05
CA THR EG 888 -23.41 3.61 -71.79
C THR EG 888 -22.49 4.42 -72.68
N ILE EG 889 -21.19 4.24 -72.51
CA ILE EG 889 -20.21 4.95 -73.32
C ILE EG 889 -20.15 4.32 -74.70
N VAL EG 890 -20.23 5.14 -75.74
CA VAL EG 890 -20.23 4.64 -77.11
C VAL EG 890 -19.02 5.12 -77.92
N THR EG 891 -18.27 6.10 -77.43
CA THR EG 891 -17.20 6.66 -78.25
C THR EG 891 -15.82 6.32 -77.69
N GLY EG 892 -14.79 6.52 -78.50
CA GLY EG 892 -13.42 6.40 -78.05
C GLY EG 892 -13.04 4.96 -77.71
N LYS EG 893 -12.20 4.84 -76.68
CA LYS EG 893 -11.78 3.54 -76.20
C LYS EG 893 -12.94 2.76 -75.59
N LEU EG 894 -13.77 3.42 -74.78
CA LEU EG 894 -14.84 2.72 -74.07
C LEU EG 894 -16.07 2.62 -74.96
N LYS EG 895 -16.28 1.44 -75.51
CA LYS EG 895 -17.43 1.16 -76.36
C LYS EG 895 -18.26 0.08 -75.69
N GLY EG 896 -19.50 0.39 -75.37
CA GLY EG 896 -20.37 -0.58 -74.74
C GLY EG 896 -20.20 -0.71 -73.24
N SER EG 897 -19.25 0.01 -72.66
CA SER EG 897 -19.10 0.01 -71.21
C SER EG 897 -20.25 0.79 -70.59
N LYS EG 898 -20.60 0.47 -69.35
CA LYS EG 898 -21.75 1.09 -68.72
C LYS EG 898 -21.39 1.66 -67.37
N LEU EG 899 -22.20 2.60 -66.90
CA LEU EG 899 -21.84 3.42 -65.75
C LEU EG 899 -23.09 3.81 -64.98
N ILE EG 900 -23.09 3.52 -63.68
CA ILE EG 900 -24.18 3.86 -62.77
C ILE EG 900 -23.73 4.96 -61.83
N GLY EG 901 -24.70 5.69 -61.30
CA GLY EG 901 -24.46 6.74 -60.32
C GLY EG 901 -25.74 7.34 -59.78
N SER EG 902 -25.66 8.55 -59.24
CA SER EG 902 -26.83 9.25 -58.75
C SER EG 902 -26.66 10.74 -59.08
N PHE EG 903 -27.42 11.59 -58.41
CA PHE EG 903 -27.33 13.02 -58.67
C PHE EG 903 -27.11 13.77 -57.36
N ASN EG 904 -27.01 15.09 -57.48
CA ASN EG 904 -26.95 15.98 -56.33
C ASN EG 904 -27.91 17.12 -56.57
N LEU EG 905 -28.25 17.81 -55.48
CA LEU EG 905 -29.17 18.93 -55.59
C LEU EG 905 -28.43 20.25 -55.44
N PRO EG 906 -28.51 21.12 -56.44
CA PRO EG 906 -27.87 22.43 -56.34
C PRO EG 906 -28.63 23.38 -55.43
N SER EG 907 -27.93 24.42 -54.99
CA SER EG 907 -28.57 25.46 -54.19
C SER EG 907 -29.53 26.31 -55.02
N ASN EG 908 -29.17 26.61 -56.25
CA ASN EG 908 -29.98 27.37 -57.18
C ASN EG 908 -30.20 26.55 -58.44
N ALA EG 909 -31.32 26.79 -59.13
CA ALA EG 909 -31.75 25.95 -60.23
C ALA EG 909 -31.14 26.35 -61.57
N ASP EG 910 -30.01 27.04 -61.55
CA ASP EG 910 -29.35 27.50 -62.77
C ASP EG 910 -28.41 26.48 -63.37
N LYS EG 911 -28.12 25.39 -62.66
CA LYS EG 911 -27.35 24.29 -63.21
C LYS EG 911 -27.66 23.01 -62.44
N MET EG 912 -27.11 21.91 -62.92
CA MET EG 912 -27.33 20.59 -62.33
C MET EG 912 -26.20 19.67 -62.76
N VAL EG 913 -25.62 18.94 -61.80
CA VAL EG 913 -24.49 18.07 -62.09
C VAL EG 913 -24.78 16.68 -61.54
N ILE EG 914 -24.06 15.70 -62.10
CA ILE EG 914 -24.38 14.28 -61.94
C ILE EG 914 -23.14 13.56 -61.42
N THR EG 915 -23.31 12.73 -60.39
CA THR EG 915 -22.25 11.87 -59.88
C THR EG 915 -22.38 10.49 -60.51
N PHE EG 916 -21.35 10.07 -61.25
CA PHE EG 916 -21.32 8.76 -61.88
C PHE EG 916 -20.07 8.04 -61.39
N ASN EG 917 -20.24 6.88 -60.76
CA ASN EG 917 -19.10 6.28 -60.09
C ASN EG 917 -18.92 4.78 -60.35
N THR EG 918 -19.98 4.06 -60.67
CA THR EG 918 -19.88 2.60 -60.79
C THR EG 918 -19.71 2.24 -62.27
N MET EG 919 -18.47 1.95 -62.67
CA MET EG 919 -18.16 1.62 -64.06
C MET EG 919 -18.02 0.11 -64.19
N SER EG 920 -18.75 -0.47 -65.13
CA SER EG 920 -18.56 -1.87 -65.48
C SER EG 920 -18.20 -1.94 -66.96
N ILE EG 921 -17.06 -2.54 -67.25
CA ILE EG 921 -16.52 -2.66 -68.60
C ILE EG 921 -16.53 -4.15 -68.96
N PRO EG 922 -17.05 -4.52 -70.13
CA PRO EG 922 -17.20 -5.96 -70.45
C PRO EG 922 -15.89 -6.70 -70.68
N GLY EG 923 -16.01 -7.96 -71.06
CA GLY EG 923 -14.87 -8.84 -71.16
C GLY EG 923 -14.65 -9.69 -69.93
N ALA EG 924 -14.37 -9.07 -68.79
CA ALA EG 924 -14.06 -9.79 -67.57
C ALA EG 924 -15.14 -9.58 -66.52
N GLU EG 925 -15.08 -10.40 -65.47
CA GLU EG 925 -16.00 -10.30 -64.34
C GLU EG 925 -15.38 -9.40 -63.28
N LYS EG 926 -15.21 -8.13 -63.63
CA LYS EG 926 -14.64 -7.13 -62.74
C LYS EG 926 -15.50 -5.88 -62.76
N THR EG 927 -15.37 -5.07 -61.70
CA THR EG 927 -16.17 -3.86 -61.56
C THR EG 927 -15.25 -2.78 -60.96
N ILE EG 928 -14.83 -1.84 -61.79
CA ILE EG 928 -14.02 -0.72 -61.32
C ILE EG 928 -14.95 0.35 -60.74
N SER EG 929 -14.37 1.34 -60.07
CA SER EG 929 -15.19 2.35 -59.41
C SER EG 929 -14.67 3.76 -59.66
N ILE EG 930 -14.42 4.11 -60.91
CA ILE EG 930 -14.00 5.46 -61.24
C ILE EG 930 -15.20 6.39 -61.08
N SER EG 931 -15.03 7.40 -60.23
CA SER EG 931 -16.06 8.37 -59.91
C SER EG 931 -15.77 9.67 -60.65
N ALA EG 932 -16.70 10.12 -61.47
CA ALA EG 932 -16.45 11.28 -62.30
C ALA EG 932 -17.77 11.98 -62.59
N TYR EG 933 -17.67 13.10 -63.30
CA TYR EG 933 -18.78 14.00 -63.57
C TYR EG 933 -19.03 14.09 -65.06
N ALA EG 934 -19.94 15.00 -65.45
CA ALA EG 934 -20.44 15.07 -66.81
C ALA EG 934 -20.60 16.51 -67.27
N ILE EG 935 -20.70 16.67 -68.60
CA ILE EG 935 -20.83 17.98 -69.24
C ILE EG 935 -21.79 17.86 -70.42
N ASP EG 936 -22.52 18.94 -70.70
CA ASP EG 936 -23.56 18.94 -71.73
C ASP EG 936 -22.95 18.98 -73.12
N PRO EG 937 -23.42 18.16 -74.06
CA PRO EG 937 -22.83 18.16 -75.40
C PRO EG 937 -23.32 19.34 -76.23
N ASN EG 938 -22.43 19.84 -77.08
CA ASN EG 938 -22.60 20.97 -78.00
C ASN EG 938 -22.99 22.27 -77.32
N THR EG 939 -22.84 22.38 -76.00
CA THR EG 939 -22.91 23.67 -75.33
C THR EG 939 -21.71 23.79 -74.40
N ALA EG 940 -21.32 22.65 -73.82
CA ALA EG 940 -20.22 22.53 -72.85
C ALA EG 940 -20.42 23.48 -71.67
N ARG EG 941 -21.68 23.58 -71.24
CA ARG EG 941 -22.03 24.30 -70.04
C ARG EG 941 -22.74 23.34 -69.12
N THR EG 942 -22.46 23.45 -67.82
CA THR EG 942 -22.87 22.42 -66.87
C THR EG 942 -24.32 22.57 -66.41
N ALA EG 943 -25.06 23.51 -66.98
CA ALA EG 943 -26.50 23.57 -66.74
C ALA EG 943 -27.22 22.42 -67.45
N LEU EG 944 -28.37 22.04 -66.91
CA LEU EG 944 -29.15 20.93 -67.46
C LEU EG 944 -30.22 21.46 -68.40
N ALA EG 945 -30.38 20.77 -69.53
CA ALA EG 945 -31.40 21.12 -70.52
C ALA EG 945 -32.76 20.66 -69.99
N SER EG 946 -33.42 21.56 -69.28
CA SER EG 946 -34.76 21.32 -68.77
C SER EG 946 -35.45 22.67 -68.57
N ARG EG 947 -36.69 22.62 -68.11
CA ARG EG 947 -37.43 23.84 -67.82
C ARG EG 947 -37.23 24.23 -66.37
N THR EG 948 -37.26 25.53 -66.12
CA THR EG 948 -36.98 26.03 -64.78
C THR EG 948 -38.15 26.80 -64.16
N ASN EG 949 -39.23 27.01 -64.90
CA ASN EG 949 -40.37 27.80 -64.45
C ASN EG 949 -41.48 26.93 -63.90
N HIS EG 950 -41.10 25.90 -63.14
CA HIS EG 950 -42.02 24.81 -62.80
C HIS EG 950 -43.09 25.23 -61.81
N HIS EG 951 -42.73 25.90 -60.73
CA HIS EG 951 -43.68 26.15 -59.65
C HIS EG 951 -43.56 27.57 -59.13
N TYR EG 952 -43.51 28.54 -60.03
CA TYR EG 952 -43.58 29.94 -59.61
C TYR EG 952 -45.01 30.46 -59.62
N LEU EG 953 -45.69 30.26 -60.74
CA LEU EG 953 -46.98 30.89 -60.96
C LEU EG 953 -48.06 30.32 -60.06
N MET EG 954 -47.94 29.03 -59.71
CA MET EG 954 -48.93 28.40 -58.83
C MET EG 954 -48.93 29.04 -57.45
N ARG EG 955 -47.75 29.12 -56.82
CA ARG EG 955 -47.68 29.68 -55.48
C ARG EG 955 -47.91 31.19 -55.48
N TYR EG 956 -47.46 31.89 -56.54
CA TYR EG 956 -47.71 33.33 -56.62
C TYR EG 956 -49.19 33.62 -56.76
N GLY EG 957 -49.89 32.88 -57.62
CA GLY EG 957 -51.32 33.09 -57.79
C GLY EG 957 -52.11 32.71 -56.56
N SER EG 958 -51.72 31.63 -55.88
CA SER EG 958 -52.40 31.24 -54.65
C SER EG 958 -52.26 32.30 -53.57
N LEU EG 959 -51.04 32.81 -53.39
CA LEU EG 959 -50.80 33.85 -52.38
C LEU EG 959 -51.56 35.12 -52.69
N PHE EG 960 -51.50 35.57 -53.94
CA PHE EG 960 -52.17 36.80 -54.33
C PHE EG 960 -53.68 36.67 -54.23
N ALA EG 961 -54.23 35.50 -54.59
CA ALA EG 961 -55.66 35.31 -54.51
C ALA EG 961 -56.15 35.26 -53.07
N SER EG 962 -55.41 34.57 -52.19
CA SER EG 962 -55.80 34.52 -50.79
C SER EG 962 -55.75 35.89 -50.13
N SER EG 963 -54.70 36.66 -50.43
CA SER EG 963 -54.59 38.01 -49.90
C SER EG 963 -55.71 38.91 -50.41
N PHE EG 964 -55.98 38.88 -51.72
CA PHE EG 964 -57.03 39.70 -52.31
C PHE EG 964 -58.39 39.35 -51.73
N LEU EG 965 -58.61 38.08 -51.41
CA LEU EG 965 -59.84 37.66 -50.77
C LEU EG 965 -59.99 38.26 -49.38
N GLN EG 966 -58.90 38.20 -48.60
CA GLN EG 966 -58.89 38.81 -47.26
C GLN EG 966 -59.23 40.29 -47.32
N GLY EG 967 -58.58 40.99 -48.24
CA GLY EG 967 -58.82 42.42 -48.38
C GLY EG 967 -60.23 42.73 -48.83
N PHE EG 968 -60.80 41.87 -49.69
CA PHE EG 968 -62.13 42.11 -50.20
C PHE EG 968 -63.16 42.02 -49.12
N GLY EG 969 -63.05 40.97 -48.30
CA GLY EG 969 -63.98 40.82 -47.20
C GLY EG 969 -63.88 41.94 -46.18
N ASN EG 970 -62.67 42.25 -45.73
CA ASN EG 970 -62.56 43.25 -44.66
C ASN EG 970 -62.91 44.65 -45.13
N ALA EG 971 -62.43 45.06 -46.31
CA ALA EG 971 -62.68 46.43 -46.73
C ALA EG 971 -64.10 46.61 -47.23
N PHE EG 972 -64.67 45.61 -47.90
CA PHE EG 972 -66.05 45.79 -48.31
C PHE EG 972 -67.04 45.62 -47.19
N GLN EG 973 -66.64 44.99 -46.07
CA GLN EG 973 -67.46 45.11 -44.87
C GLN EG 973 -67.33 46.49 -44.26
N SER EG 974 -66.10 47.00 -44.12
CA SER EG 974 -65.90 48.23 -43.35
C SER EG 974 -66.28 49.47 -44.14
N ALA EG 975 -66.48 49.35 -45.46
CA ALA EG 975 -66.90 50.48 -46.27
C ALA EG 975 -68.41 50.69 -46.24
N ASN EG 976 -69.14 49.92 -45.42
CA ASN EG 976 -70.59 50.02 -45.36
C ASN EG 976 -71.06 51.29 -44.67
N THR EG 977 -70.18 51.97 -43.94
CA THR EG 977 -70.56 53.22 -43.29
C THR EG 977 -70.72 54.35 -44.30
N THR EG 978 -69.77 54.48 -45.22
CA THR EG 978 -69.76 55.59 -46.16
C THR EG 978 -69.91 55.12 -47.59
N SER EG 999 -77.64 42.02 -50.39
CA SER EG 999 -77.39 40.78 -49.66
C SER EG 999 -76.27 40.00 -50.32
N THR EG 1000 -76.32 39.91 -51.66
CA THR EG 1000 -75.32 39.13 -52.39
C THR EG 1000 -73.94 39.76 -52.32
N LEU EG 1001 -73.89 41.09 -52.26
CA LEU EG 1001 -72.61 41.77 -52.02
C LEU EG 1001 -72.04 41.40 -50.67
N GLU EG 1002 -72.91 41.31 -49.66
CA GLU EG 1002 -72.48 40.85 -48.34
C GLU EG 1002 -72.03 39.40 -48.39
N ASN EG 1003 -72.63 38.60 -49.27
CA ASN EG 1003 -72.19 37.21 -49.39
C ASN EG 1003 -70.83 37.12 -50.08
N ALA EG 1004 -70.55 38.04 -51.00
CA ALA EG 1004 -69.20 38.14 -51.54
C ALA EG 1004 -68.20 38.51 -50.46
N VAL EG 1005 -68.59 39.47 -49.61
CA VAL EG 1005 -67.81 39.84 -48.42
C VAL EG 1005 -67.56 38.62 -47.56
N ILE EG 1006 -68.61 37.81 -47.35
CA ILE EG 1006 -68.56 36.59 -46.55
C ILE EG 1006 -67.52 35.63 -47.08
N GLY EG 1007 -67.60 35.35 -48.38
CA GLY EG 1007 -66.82 34.26 -48.94
C GLY EG 1007 -65.36 34.63 -48.96
N LEU EG 1008 -65.05 35.83 -49.44
CA LEU EG 1008 -63.66 36.20 -49.57
C LEU EG 1008 -63.06 36.52 -48.20
N ALA EG 1009 -63.89 37.07 -47.29
CA ALA EG 1009 -63.50 37.41 -45.93
C ALA EG 1009 -63.00 36.22 -45.15
N THR EG 1010 -63.65 35.08 -45.28
CA THR EG 1010 -63.14 34.02 -44.44
C THR EG 1010 -62.41 32.91 -45.18
N VAL EG 1011 -62.56 32.76 -46.50
CA VAL EG 1011 -61.68 31.81 -47.17
C VAL EG 1011 -60.34 32.43 -47.53
N GLY EG 1012 -60.17 33.75 -47.37
CA GLY EG 1012 -58.85 34.32 -47.60
C GLY EG 1012 -57.83 33.90 -46.56
N LYS EG 1013 -58.23 33.82 -45.29
CA LYS EG 1013 -57.26 33.80 -44.19
C LYS EG 1013 -56.57 32.44 -44.06
N ALA EG 1014 -57.34 31.36 -44.08
CA ALA EG 1014 -56.76 30.02 -43.99
C ALA EG 1014 -55.92 29.70 -45.21
N TRP EG 1015 -56.39 30.13 -46.38
CA TRP EG 1015 -55.60 30.01 -47.59
C TRP EG 1015 -54.33 30.84 -47.50
N SER EG 1016 -54.39 31.99 -46.83
CA SER EG 1016 -53.21 32.84 -46.70
C SER EG 1016 -52.15 32.18 -45.84
N GLN EG 1017 -52.56 31.63 -44.70
CA GLN EG 1017 -51.57 30.99 -43.84
C GLN EG 1017 -51.06 29.69 -44.46
N GLN EG 1018 -51.91 28.97 -45.22
CA GLN EG 1018 -51.42 27.80 -45.94
C GLN EG 1018 -50.43 28.18 -47.03
N ALA EG 1019 -50.68 29.29 -47.72
CA ALA EG 1019 -49.76 29.76 -48.76
C ALA EG 1019 -48.43 30.17 -48.17
N GLN EG 1020 -48.46 30.83 -47.00
CA GLN EG 1020 -47.20 31.19 -46.35
C GLN EG 1020 -46.50 29.96 -45.79
N GLN EG 1021 -47.25 28.89 -45.51
CA GLN EG 1021 -46.61 27.63 -45.17
C GLN EG 1021 -45.89 27.03 -46.38
N LEU EG 1022 -46.56 26.96 -47.52
CA LEU EG 1022 -46.04 26.16 -48.63
C LEU EG 1022 -45.31 26.98 -49.67
N PHE EG 1023 -45.06 28.27 -49.41
CA PHE EG 1023 -44.48 29.13 -50.44
C PHE EG 1023 -43.05 28.76 -50.78
N ASN EG 1024 -42.28 28.30 -49.81
CA ASN EG 1024 -40.84 28.18 -49.96
C ASN EG 1024 -40.39 26.94 -50.73
N THR EG 1025 -41.29 26.24 -51.42
CA THR EG 1025 -40.88 25.05 -52.18
C THR EG 1025 -40.15 25.47 -53.45
N PRO EG 1026 -38.94 24.99 -53.68
CA PRO EG 1026 -38.14 25.45 -54.82
C PRO EG 1026 -38.58 24.79 -56.13
N THR EG 1027 -38.10 25.36 -57.24
CA THR EG 1027 -38.36 24.83 -58.57
C THR EG 1027 -37.43 23.66 -58.82
N THR EG 1028 -37.92 22.67 -59.55
CA THR EG 1028 -37.17 21.46 -59.80
C THR EG 1028 -36.54 21.48 -61.18
N VAL EG 1029 -35.58 20.57 -61.39
CA VAL EG 1029 -35.04 20.25 -62.70
C VAL EG 1029 -35.18 18.76 -62.90
N GLU EG 1030 -35.00 18.32 -64.14
CA GLU EG 1030 -35.25 16.92 -64.50
C GLU EG 1030 -34.37 16.52 -65.66
N VAL EG 1031 -33.75 15.34 -65.57
CA VAL EG 1031 -33.01 14.84 -66.73
C VAL EG 1031 -33.98 14.12 -67.67
N TYR EG 1032 -33.56 14.01 -68.92
CA TYR EG 1032 -34.41 13.45 -69.97
C TYR EG 1032 -34.05 12.00 -70.25
N SER EG 1033 -34.91 11.34 -71.04
CA SER EG 1033 -34.73 9.95 -71.40
C SER EG 1033 -33.92 9.76 -72.69
N GLY EG 1034 -33.58 10.83 -73.40
CA GLY EG 1034 -32.86 10.66 -74.64
C GLY EG 1034 -31.82 11.72 -74.93
N THR EG 1035 -31.31 12.37 -73.90
CA THR EG 1035 -30.38 13.49 -74.07
C THR EG 1035 -28.96 12.97 -73.93
N GLY EG 1036 -28.14 13.24 -74.93
CA GLY EG 1036 -26.75 12.84 -74.90
C GLY EG 1036 -25.96 13.65 -73.91
N LEU EG 1037 -24.73 13.20 -73.66
CA LEU EG 1037 -23.90 13.84 -72.67
C LEU EG 1037 -22.43 13.63 -72.98
N GLY EG 1038 -21.60 14.50 -72.41
CA GLY EG 1038 -20.16 14.32 -72.40
C GLY EG 1038 -19.69 14.15 -70.96
N ILE EG 1039 -18.53 13.52 -70.82
CA ILE EG 1039 -17.98 13.14 -69.52
C ILE EG 1039 -16.52 13.59 -69.45
N LEU EG 1040 -16.18 14.31 -68.39
CA LEU EG 1040 -14.79 14.48 -68.00
C LEU EG 1040 -14.49 13.53 -66.83
N PHE EG 1041 -13.24 13.14 -66.70
CA PHE EG 1041 -12.85 12.23 -65.62
C PHE EG 1041 -12.23 13.00 -64.45
N THR EG 1042 -12.11 12.31 -63.32
CA THR EG 1042 -11.52 12.90 -62.12
C THR EG 1042 -10.28 12.16 -61.64
N GLN EG 1043 -10.28 10.83 -61.62
CA GLN EG 1043 -9.11 10.07 -61.20
C GLN EG 1043 -8.78 9.02 -62.24
N ASP EG 1044 -7.70 8.27 -61.98
CA ASP EG 1044 -7.21 7.28 -62.92
C ASP EG 1044 -7.71 5.88 -62.53
N VAL EG 1045 -7.62 4.96 -63.49
CA VAL EG 1045 -7.88 3.54 -63.27
C VAL EG 1045 -6.81 2.75 -64.01
N THR EG 1046 -6.63 1.50 -63.58
CA THR EG 1046 -5.62 0.63 -64.19
C THR EG 1046 -6.24 -0.67 -64.69
N ILE FG 862 -22.49 -15.78 -62.41
CA ILE FG 862 -21.84 -14.48 -62.50
C ILE FG 862 -22.63 -13.56 -63.40
N ILE FG 863 -23.11 -12.46 -62.83
CA ILE FG 863 -23.82 -11.42 -63.55
C ILE FG 863 -22.98 -10.15 -63.47
N LYS FG 864 -22.80 -9.50 -64.61
CA LYS FG 864 -22.07 -8.23 -64.65
C LYS FG 864 -22.82 -7.16 -63.87
N THR FG 865 -22.09 -6.14 -63.42
CA THR FG 865 -22.63 -5.09 -62.57
C THR FG 865 -23.59 -4.22 -63.37
N GLY FG 866 -24.86 -4.22 -62.98
CA GLY FG 866 -25.80 -3.24 -63.48
C GLY FG 866 -26.34 -3.45 -64.87
N ASP FG 867 -26.76 -4.66 -65.21
CA ASP FG 867 -27.47 -4.89 -66.45
C ASP FG 867 -28.98 -4.78 -66.23
N ILE FG 868 -29.74 -5.14 -67.25
CA ILE FG 868 -31.17 -4.84 -67.33
C ILE FG 868 -31.94 -6.12 -67.63
N MET FG 869 -32.93 -6.41 -66.80
CA MET FG 869 -33.87 -7.50 -67.03
C MET FG 869 -35.29 -6.95 -66.95
N PHE FG 870 -36.29 -7.81 -67.17
CA PHE FG 870 -37.68 -7.35 -67.18
C PHE FG 870 -38.56 -8.35 -66.44
N ALA FG 871 -39.57 -7.83 -65.75
CA ALA FG 871 -40.42 -8.64 -64.87
C ALA FG 871 -41.85 -8.12 -64.93
N VAL FG 872 -42.74 -8.82 -64.23
CA VAL FG 872 -44.17 -8.51 -64.20
C VAL FG 872 -44.64 -8.50 -62.76
N LEU FG 873 -45.32 -7.43 -62.36
CA LEU FG 873 -45.86 -7.28 -61.02
C LEU FG 873 -47.33 -7.69 -61.01
N ASP FG 874 -47.68 -8.56 -60.06
CA ASP FG 874 -49.05 -9.06 -59.98
C ASP FG 874 -49.71 -8.68 -58.65
N THR FG 875 -48.96 -8.74 -57.56
CA THR FG 875 -49.51 -8.37 -56.26
C THR FG 875 -49.53 -6.86 -56.12
N SER FG 876 -50.72 -6.28 -56.13
CA SER FG 876 -50.85 -4.83 -56.05
C SER FG 876 -50.82 -4.39 -54.59
N VAL FG 877 -50.14 -3.27 -54.34
CA VAL FG 877 -50.00 -2.75 -52.99
C VAL FG 877 -50.20 -1.23 -53.01
N ASN FG 878 -50.56 -0.70 -51.86
CA ASN FG 878 -50.74 0.72 -51.63
C ASN FG 878 -49.45 1.32 -51.08
N SER FG 879 -49.27 2.61 -51.28
CA SER FG 879 -48.03 3.24 -50.81
C SER FG 879 -48.18 3.80 -49.41
N ASP FG 880 -48.69 3.01 -48.49
CA ASP FG 880 -48.66 3.45 -47.11
C ASP FG 880 -48.18 2.36 -46.15
N GLU FG 881 -48.52 1.11 -46.40
CA GLU FG 881 -48.23 0.02 -45.47
C GLU FG 881 -47.18 -0.90 -46.07
N PRO FG 882 -45.94 -0.82 -45.60
CA PRO FG 882 -44.85 -1.60 -46.22
C PRO FG 882 -44.99 -3.09 -45.99
N GLY FG 883 -44.58 -3.85 -47.00
CA GLY FG 883 -44.65 -5.28 -46.97
C GLY FG 883 -44.08 -5.89 -48.23
N PRO FG 884 -43.99 -7.22 -48.25
CA PRO FG 884 -43.52 -7.90 -49.46
C PRO FG 884 -44.43 -7.73 -50.67
N ILE FG 885 -43.79 -7.53 -51.81
CA ILE FG 885 -44.41 -7.50 -53.13
C ILE FG 885 -43.56 -8.34 -54.07
N LEU FG 886 -44.19 -9.16 -54.90
CA LEU FG 886 -43.48 -10.13 -55.71
C LEU FG 886 -43.61 -9.80 -57.19
N ALA FG 887 -42.53 -10.04 -57.93
CA ALA FG 887 -42.49 -10.01 -59.38
C ALA FG 887 -41.69 -11.22 -59.88
N THR FG 888 -41.82 -11.50 -61.17
CA THR FG 888 -41.25 -12.72 -61.76
C THR FG 888 -40.49 -12.36 -63.02
N ILE FG 889 -39.22 -12.77 -63.09
CA ILE FG 889 -38.45 -12.56 -64.31
C ILE FG 889 -38.90 -13.55 -65.37
N VAL FG 890 -39.20 -13.05 -66.57
CA VAL FG 890 -39.59 -13.88 -67.68
C VAL FG 890 -38.62 -13.81 -68.86
N THR FG 891 -37.60 -12.95 -68.79
CA THR FG 891 -36.68 -12.78 -69.91
C THR FG 891 -35.24 -13.00 -69.48
N GLY FG 892 -34.32 -13.04 -70.45
CA GLY FG 892 -32.92 -13.10 -70.12
C GLY FG 892 -32.48 -14.48 -69.64
N LYS FG 893 -31.43 -14.49 -68.83
CA LYS FG 893 -30.85 -15.72 -68.31
C LYS FG 893 -31.80 -16.44 -67.37
N LEU FG 894 -32.34 -15.73 -66.39
CA LEU FG 894 -33.25 -16.35 -65.45
C LEU FG 894 -34.65 -16.37 -66.05
N LYS FG 895 -35.25 -17.54 -66.09
CA LYS FG 895 -36.63 -17.69 -66.48
C LYS FG 895 -37.38 -18.34 -65.32
N GLY FG 896 -38.46 -17.71 -64.88
CA GLY FG 896 -39.22 -18.22 -63.77
C GLY FG 896 -38.64 -17.89 -62.40
N SER FG 897 -37.57 -17.12 -62.35
CA SER FG 897 -37.04 -16.68 -61.07
C SER FG 897 -37.96 -15.64 -60.45
N LYS FG 898 -38.05 -15.64 -59.12
CA LYS FG 898 -39.01 -14.77 -58.46
C LYS FG 898 -38.31 -13.84 -57.50
N LEU FG 899 -38.94 -12.70 -57.22
CA LEU FG 899 -38.25 -11.63 -56.50
C LEU FG 899 -39.27 -10.83 -55.70
N ILE FG 900 -39.09 -10.85 -54.37
CA ILE FG 900 -39.93 -10.09 -53.44
C ILE FG 900 -39.13 -8.91 -52.92
N GLY FG 901 -39.86 -7.83 -52.61
CA GLY FG 901 -39.29 -6.63 -52.04
C GLY FG 901 -40.34 -5.80 -51.32
N SER FG 902 -40.14 -4.49 -51.23
CA SER FG 902 -41.10 -3.62 -50.59
C SER FG 902 -41.03 -2.27 -51.28
N PHE FG 903 -41.71 -1.28 -50.72
CA PHE FG 903 -41.62 0.08 -51.25
C PHE FG 903 -41.02 1.00 -50.20
N ASN FG 904 -40.56 2.15 -50.66
CA ASN FG 904 -40.06 3.21 -49.79
C ASN FG 904 -40.64 4.52 -50.27
N LEU FG 905 -40.77 5.47 -49.35
CA LEU FG 905 -41.57 6.64 -49.59
C LEU FG 905 -40.75 7.78 -50.16
N PRO FG 906 -41.30 8.53 -51.11
CA PRO FG 906 -40.67 9.76 -51.57
C PRO FG 906 -41.15 10.96 -50.76
N SER FG 907 -40.36 12.04 -50.82
CA SER FG 907 -40.73 13.27 -50.14
C SER FG 907 -41.91 13.96 -50.80
N ASN FG 908 -41.99 13.88 -52.12
CA ASN FG 908 -43.06 14.48 -52.89
C ASN FG 908 -43.77 13.40 -53.69
N ALA FG 909 -45.04 13.65 -54.03
CA ALA FG 909 -45.90 12.61 -54.60
C ALA FG 909 -45.75 12.47 -56.12
N ASP FG 910 -44.63 12.93 -56.68
CA ASP FG 910 -44.43 12.97 -58.12
C ASP FG 910 -43.94 11.64 -58.70
N LYS FG 911 -43.48 10.71 -57.86
CA LYS FG 911 -42.94 9.46 -58.35
C LYS FG 911 -43.03 8.42 -57.23
N MET FG 912 -42.56 7.22 -57.54
CA MET FG 912 -42.49 6.15 -56.56
C MET FG 912 -41.43 5.15 -56.99
N VAL FG 913 -40.58 4.74 -56.04
CA VAL FG 913 -39.51 3.80 -56.32
C VAL FG 913 -39.72 2.58 -55.43
N ILE FG 914 -39.30 1.42 -55.95
CA ILE FG 914 -39.57 0.12 -55.34
C ILE FG 914 -38.23 -0.56 -55.07
N THR FG 915 -38.03 -1.00 -53.84
CA THR FG 915 -36.82 -1.73 -53.48
C THR FG 915 -37.06 -3.21 -53.71
N PHE FG 916 -36.20 -3.85 -54.49
CA PHE FG 916 -36.30 -5.28 -54.75
C PHE FG 916 -35.03 -5.95 -54.26
N ASN FG 917 -35.16 -6.79 -53.24
CA ASN FG 917 -33.98 -7.26 -52.54
C ASN FG 917 -33.93 -8.78 -52.37
N THR FG 918 -35.06 -9.46 -52.45
CA THR FG 918 -35.13 -10.88 -52.12
C THR FG 918 -35.38 -11.70 -53.38
N MET FG 919 -34.30 -12.23 -53.97
CA MET FG 919 -34.37 -12.98 -55.22
C MET FG 919 -34.23 -14.46 -54.91
N SER FG 920 -34.99 -15.29 -55.61
CA SER FG 920 -34.91 -16.74 -55.50
C SER FG 920 -34.89 -17.36 -56.90
N ILE FG 921 -34.00 -18.32 -57.09
CA ILE FG 921 -33.81 -19.02 -58.36
C ILE FG 921 -34.31 -20.45 -58.19
N PRO FG 922 -35.17 -20.95 -59.08
CA PRO FG 922 -35.68 -22.31 -58.93
C PRO FG 922 -34.65 -23.39 -59.25
N GLY FG 923 -35.02 -24.64 -59.03
CA GLY FG 923 -34.12 -25.76 -59.25
C GLY FG 923 -33.39 -26.19 -58.00
N ALA FG 924 -32.58 -25.29 -57.45
CA ALA FG 924 -31.79 -25.55 -56.26
C ALA FG 924 -32.36 -24.81 -55.06
N GLU FG 925 -32.03 -25.30 -53.87
CA GLU FG 925 -32.46 -24.68 -52.62
C GLU FG 925 -31.44 -23.63 -52.21
N LYS FG 926 -31.54 -22.45 -52.83
CA LYS FG 926 -30.66 -21.34 -52.55
C LYS FG 926 -31.49 -20.07 -52.45
N THR FG 927 -30.91 -19.04 -51.83
CA THR FG 927 -31.58 -17.76 -51.70
C THR FG 927 -30.51 -16.66 -51.79
N ILE FG 928 -30.46 -15.99 -52.94
CA ILE FG 928 -29.48 -14.94 -53.16
C ILE FG 928 -30.00 -13.62 -52.58
N SER FG 929 -29.13 -12.63 -52.46
CA SER FG 929 -29.48 -11.40 -51.77
C SER FG 929 -29.14 -10.15 -52.57
N ILE FG 930 -29.53 -10.12 -53.84
CA ILE FG 930 -29.30 -8.96 -54.69
C ILE FG 930 -30.37 -7.92 -54.40
N SER FG 931 -29.94 -6.71 -54.05
CA SER FG 931 -30.84 -5.60 -53.79
C SER FG 931 -30.75 -4.58 -54.91
N ALA FG 932 -31.86 -4.36 -55.60
CA ALA FG 932 -31.88 -3.45 -56.74
C ALA FG 932 -33.26 -2.81 -56.84
N TYR FG 933 -33.45 -2.02 -57.89
CA TYR FG 933 -34.65 -1.22 -58.09
C TYR FG 933 -35.27 -1.51 -59.45
N ALA FG 934 -36.27 -0.70 -59.82
CA ALA FG 934 -37.06 -0.93 -61.01
C ALA FG 934 -37.25 0.36 -61.81
N ILE FG 935 -37.52 0.19 -63.11
CA ILE FG 935 -37.84 1.29 -64.01
C ILE FG 935 -39.04 0.89 -64.87
N ASP FG 936 -39.78 1.88 -65.36
CA ASP FG 936 -40.97 1.59 -66.14
C ASP FG 936 -40.58 1.13 -67.54
N PRO FG 937 -41.09 -0.01 -68.00
CA PRO FG 937 -40.76 -0.48 -69.33
C PRO FG 937 -41.42 0.38 -70.41
N ASN FG 938 -40.71 0.51 -71.53
CA ASN FG 938 -41.08 1.27 -72.72
C ASN FG 938 -41.30 2.76 -72.46
N THR FG 939 -40.87 3.30 -71.32
CA THR FG 939 -40.81 4.74 -71.09
C THR FG 939 -39.50 5.09 -70.41
N ALA FG 940 -38.97 4.14 -69.63
CA ALA FG 940 -37.69 4.24 -68.91
C ALA FG 940 -37.66 5.44 -67.96
N ARG FG 941 -38.76 5.61 -67.23
CA ARG FG 941 -38.87 6.65 -66.23
C ARG FG 941 -39.25 6.02 -64.90
N THR FG 942 -38.81 6.64 -63.81
CA THR FG 942 -38.94 6.03 -62.49
C THR FG 942 -40.23 6.39 -61.77
N ALA FG 943 -41.11 7.16 -62.41
CA ALA FG 943 -42.38 7.51 -61.78
C ALA FG 943 -43.33 6.31 -61.78
N LEU FG 944 -44.44 6.46 -61.06
CA LEU FG 944 -45.43 5.39 -60.96
C LEU FG 944 -46.68 5.75 -61.76
N ALA FG 945 -47.18 4.76 -62.48
CA ALA FG 945 -48.43 4.89 -63.24
C ALA FG 945 -49.61 4.67 -62.28
N SER FG 946 -50.05 5.75 -61.67
CA SER FG 946 -51.23 5.73 -60.83
C SER FG 946 -51.80 7.14 -60.76
N ARG FG 947 -52.70 7.35 -59.83
CA ARG FG 947 -53.27 8.67 -59.60
C ARG FG 947 -52.66 9.31 -58.37
N THR FG 948 -52.29 10.57 -58.52
CA THR FG 948 -51.72 11.32 -57.42
C THR FG 948 -52.60 12.50 -56.98
N ASN FG 949 -53.78 12.66 -57.58
CA ASN FG 949 -54.69 13.76 -57.29
C ASN FG 949 -55.76 13.36 -56.29
N HIS FG 950 -55.38 12.54 -55.31
CA HIS FG 950 -56.35 11.88 -54.43
C HIS FG 950 -57.03 12.86 -53.49
N HIS FG 951 -56.26 13.71 -52.83
CA HIS FG 951 -56.76 14.50 -51.72
C HIS FG 951 -56.37 15.94 -51.87
N TYR FG 952 -56.58 16.48 -53.06
CA TYR FG 952 -56.52 17.92 -53.29
C TYR FG 952 -57.89 18.55 -53.06
N LEU FG 953 -58.86 18.06 -53.85
CA LEU FG 953 -60.21 18.60 -53.84
C LEU FG 953 -60.90 18.37 -52.50
N MET FG 954 -60.59 17.26 -51.82
CA MET FG 954 -61.28 16.94 -50.57
C MET FG 954 -60.97 17.94 -49.48
N ARG FG 955 -59.67 18.16 -49.22
CA ARG FG 955 -59.31 19.10 -48.17
C ARG FG 955 -59.57 20.55 -48.57
N TYR FG 956 -59.43 20.87 -49.87
CA TYR FG 956 -59.74 22.21 -50.33
C TYR FG 956 -61.22 22.54 -50.16
N GLY FG 957 -62.10 21.60 -50.53
CA GLY FG 957 -63.52 21.81 -50.39
C GLY FG 957 -63.96 21.88 -48.94
N SER FG 958 -63.37 21.04 -48.08
CA SER FG 958 -63.70 21.10 -46.66
C SER FG 958 -63.29 22.44 -46.05
N LEU FG 959 -62.09 22.92 -46.39
CA LEU FG 959 -61.61 24.19 -45.84
C LEU FG 959 -62.47 25.35 -46.30
N PHE FG 960 -62.76 25.41 -47.60
CA PHE FG 960 -63.54 26.52 -48.13
C PHE FG 960 -64.97 26.48 -47.61
N ALA FG 961 -65.54 25.29 -47.41
CA ALA FG 961 -66.89 25.20 -46.89
C ALA FG 961 -66.96 25.69 -45.45
N SER FG 962 -66.02 25.26 -44.61
CA SER FG 962 -66.02 25.69 -43.22
C SER FG 962 -65.81 27.20 -43.10
N SER FG 963 -64.90 27.74 -43.89
CA SER FG 963 -64.65 29.17 -43.87
C SER FG 963 -65.86 29.96 -44.36
N PHE FG 964 -66.50 29.51 -45.45
CA PHE FG 964 -67.68 30.18 -45.98
C PHE FG 964 -68.81 30.19 -44.97
N LEU FG 965 -68.94 29.10 -44.21
CA LEU FG 965 -69.94 29.03 -43.15
C LEU FG 965 -69.67 30.05 -42.06
N GLN FG 966 -68.40 30.13 -41.62
CA GLN FG 966 -68.01 31.08 -40.58
C GLN FG 966 -68.30 32.51 -41.00
N GLY FG 967 -67.90 32.85 -42.23
CA GLY FG 967 -68.12 34.19 -42.74
C GLY FG 967 -69.59 34.53 -42.88
N PHE FG 968 -70.39 33.52 -43.28
CA PHE FG 968 -71.81 33.77 -43.49
C PHE FG 968 -72.51 34.10 -42.20
N GLY FG 969 -72.22 33.31 -41.17
CA GLY FG 969 -72.84 33.58 -39.88
C GLY FG 969 -72.43 34.90 -39.29
N ASN FG 970 -71.11 35.20 -39.28
CA ASN FG 970 -70.68 36.42 -38.60
C ASN FG 970 -71.12 37.68 -39.36
N ALA FG 971 -70.96 37.71 -40.69
CA ALA FG 971 -71.30 38.94 -41.40
C ALA FG 971 -72.80 39.12 -41.51
N PHE FG 972 -73.56 38.03 -41.67
CA PHE FG 972 -74.99 38.21 -41.71
C PHE FG 972 -75.59 38.52 -40.36
N GLN FG 973 -74.92 38.14 -39.27
CA GLN FG 973 -75.37 38.64 -37.96
C GLN FG 973 -75.00 40.10 -37.78
N SER FG 974 -73.82 40.50 -38.28
CA SER FG 974 -73.37 41.87 -38.11
C SER FG 974 -74.20 42.84 -38.93
N ALA FG 975 -74.73 42.39 -40.06
CA ALA FG 975 -75.52 43.24 -40.92
C ALA FG 975 -76.99 43.30 -40.52
N ASN FG 976 -77.36 42.73 -39.36
CA ASN FG 976 -78.74 42.78 -38.89
C ASN FG 976 -79.18 44.20 -38.55
N THR FG 977 -78.31 44.99 -37.95
CA THR FG 977 -78.67 46.35 -37.59
C THR FG 977 -78.71 47.26 -38.82
N THR FG 978 -77.73 47.12 -39.71
CA THR FG 978 -77.63 48.01 -40.86
C THR FG 978 -78.11 47.33 -42.13
N SER FG 999 -86.59 35.46 -39.60
CA SER FG 999 -86.42 34.30 -38.75
C SER FG 999 -85.53 33.27 -39.42
N THR FG 1000 -85.94 32.84 -40.62
CA THR FG 1000 -85.24 31.79 -41.34
C THR FG 1000 -83.84 32.23 -41.76
N LEU FG 1001 -83.69 33.49 -42.13
CA LEU FG 1001 -82.36 34.00 -42.44
C LEU FG 1001 -81.49 34.04 -41.19
N GLU FG 1002 -82.09 34.34 -40.04
CA GLU FG 1002 -81.36 34.24 -38.79
C GLU FG 1002 -80.97 32.80 -38.47
N ASN FG 1003 -81.80 31.84 -38.89
CA ASN FG 1003 -81.44 30.45 -38.72
C ASN FG 1003 -80.29 30.04 -39.63
N ALA FG 1004 -80.22 30.65 -40.82
CA ALA FG 1004 -79.06 30.46 -41.68
C ALA FG 1004 -77.80 31.00 -41.01
N VAL FG 1005 -77.92 32.19 -40.40
CA VAL FG 1005 -76.85 32.76 -39.58
C VAL FG 1005 -76.43 31.79 -38.51
N ILE FG 1006 -77.42 31.19 -37.83
CA ILE FG 1006 -77.21 30.23 -36.74
C ILE FG 1006 -76.37 29.05 -37.20
N GLY FG 1007 -76.81 28.43 -38.32
CA GLY FG 1007 -76.23 27.16 -38.71
C GLY FG 1007 -74.83 27.35 -39.20
N LEU FG 1008 -74.63 28.32 -40.08
CA LEU FG 1008 -73.31 28.49 -40.67
C LEU FG 1008 -72.35 29.09 -39.65
N ALA FG 1009 -72.87 30.00 -38.80
CA ALA FG 1009 -72.12 30.70 -37.75
C ALA FG 1009 -71.45 29.75 -36.79
N THR FG 1010 -72.14 28.69 -36.39
CA THR FG 1010 -71.49 27.92 -35.37
C THR FG 1010 -71.05 26.54 -35.83
N VAL FG 1011 -71.57 25.98 -36.91
CA VAL FG 1011 -70.95 24.77 -37.42
C VAL FG 1011 -69.72 25.06 -38.27
N GLY FG 1012 -69.45 26.32 -38.62
CA GLY FG 1012 -68.25 26.60 -39.38
C GLY FG 1012 -66.96 26.40 -38.61
N LYS FG 1013 -66.94 26.79 -37.33
CA LYS FG 1013 -65.66 26.98 -36.65
C LYS FG 1013 -64.99 25.66 -36.28
N ALA FG 1014 -65.78 24.71 -35.77
CA ALA FG 1014 -65.23 23.40 -35.44
C ALA FG 1014 -64.76 22.67 -36.69
N TRP FG 1015 -65.50 22.83 -37.78
CA TRP FG 1015 -65.08 22.30 -39.06
C TRP FG 1015 -63.81 22.98 -39.55
N SER FG 1016 -63.65 24.28 -39.26
CA SER FG 1016 -62.46 25.01 -39.68
C SER FG 1016 -61.22 24.49 -38.95
N GLN FG 1017 -61.30 24.34 -37.63
CA GLN FG 1017 -60.13 23.86 -36.90
C GLN FG 1017 -59.85 22.39 -37.22
N GLN FG 1018 -60.89 21.59 -37.47
CA GLN FG 1018 -60.67 20.21 -37.86
C GLN FG 1018 -60.03 20.10 -39.23
N ALA FG 1019 -60.42 20.96 -40.16
CA ALA FG 1019 -59.81 20.97 -41.48
C ALA FG 1019 -58.36 21.41 -41.41
N GLN FG 1020 -58.05 22.39 -40.56
CA GLN FG 1020 -56.67 22.78 -40.36
C GLN FG 1020 -55.87 21.67 -39.70
N GLN FG 1021 -56.54 20.84 -38.88
CA GLN FG 1021 -55.87 19.67 -38.32
C GLN FG 1021 -55.56 18.65 -39.39
N LEU FG 1022 -56.54 18.29 -40.22
CA LEU FG 1022 -56.38 17.18 -41.14
C LEU FG 1022 -55.83 17.60 -42.49
N PHE FG 1023 -55.44 18.86 -42.65
CA PHE FG 1023 -55.05 19.35 -43.97
C PHE FG 1023 -53.72 18.77 -44.44
N ASN FG 1024 -52.89 18.28 -43.53
CA ASN FG 1024 -51.53 17.88 -43.87
C ASN FG 1024 -51.39 16.41 -44.26
N THR FG 1025 -52.44 15.76 -44.74
CA THR FG 1025 -52.30 14.37 -45.15
C THR FG 1025 -51.75 14.30 -46.57
N PRO FG 1026 -50.65 13.57 -46.79
CA PRO FG 1026 -50.04 13.52 -48.13
C PRO FG 1026 -50.86 12.69 -49.11
N THR FG 1027 -50.76 13.04 -50.38
CA THR FG 1027 -51.46 12.34 -51.46
C THR FG 1027 -50.69 11.08 -51.81
N THR FG 1028 -51.41 9.97 -51.93
CA THR FG 1028 -50.79 8.66 -52.06
C THR FG 1028 -50.74 8.22 -53.52
N VAL FG 1029 -49.97 7.16 -53.76
CA VAL FG 1029 -50.03 6.41 -55.01
C VAL FG 1029 -50.35 4.97 -54.65
N GLU FG 1030 -50.65 4.17 -55.68
CA GLU FG 1030 -50.90 2.76 -55.48
C GLU FG 1030 -50.59 2.01 -56.76
N VAL FG 1031 -49.63 1.08 -56.70
CA VAL FG 1031 -49.27 0.32 -57.89
C VAL FG 1031 -50.39 -0.64 -58.27
N TYR FG 1032 -50.37 -1.07 -59.53
CA TYR FG 1032 -51.48 -1.86 -60.05
C TYR FG 1032 -51.15 -3.34 -60.00
N SER FG 1033 -52.18 -4.16 -60.20
CA SER FG 1033 -52.04 -5.60 -60.16
C SER FG 1033 -51.65 -6.22 -61.49
N GLY FG 1034 -51.48 -5.42 -62.53
CA GLY FG 1034 -51.19 -5.96 -63.85
C GLY FG 1034 -50.16 -5.19 -64.64
N THR FG 1035 -49.18 -4.60 -63.96
CA THR FG 1035 -48.21 -3.72 -64.60
C THR FG 1035 -46.86 -4.40 -64.67
N GLY FG 1036 -46.30 -4.46 -65.87
CA GLY FG 1036 -44.94 -4.94 -66.05
C GLY FG 1036 -43.93 -3.92 -65.59
N LEU FG 1037 -42.67 -4.33 -65.59
CA LEU FG 1037 -41.62 -3.49 -65.06
C LEU FG 1037 -40.30 -3.88 -65.68
N GLY FG 1038 -39.38 -2.90 -65.70
CA GLY FG 1038 -38.00 -3.13 -66.10
C GLY FG 1038 -37.08 -2.92 -64.90
N ILE FG 1039 -36.00 -3.70 -64.86
CA ILE FG 1039 -35.16 -3.81 -63.68
C ILE FG 1039 -33.72 -3.52 -64.06
N LEU FG 1040 -33.12 -2.54 -63.39
CA LEU FG 1040 -31.69 -2.30 -63.47
C LEU FG 1040 -31.00 -2.89 -62.24
N PHE FG 1041 -29.77 -3.35 -62.40
CA PHE FG 1041 -29.08 -4.00 -61.29
C PHE FG 1041 -28.08 -3.07 -60.62
N THR FG 1042 -27.66 -3.48 -59.42
CA THR FG 1042 -26.83 -2.65 -58.56
C THR FG 1042 -25.49 -3.29 -58.21
N GLN FG 1043 -25.48 -4.55 -57.81
CA GLN FG 1043 -24.25 -5.21 -57.37
C GLN FG 1043 -24.10 -6.55 -58.08
N ASP FG 1044 -22.93 -7.17 -57.89
CA ASP FG 1044 -22.58 -8.42 -58.54
C ASP FG 1044 -23.05 -9.61 -57.71
N VAL FG 1045 -23.18 -10.77 -58.35
CA VAL FG 1045 -23.59 -12.01 -57.70
C VAL FG 1045 -22.58 -13.09 -58.06
N THR FG 1046 -22.84 -14.30 -57.57
CA THR FG 1046 -22.02 -15.46 -57.86
C THR FG 1046 -22.83 -16.74 -57.70
N ILE GG 862 -38.38 -28.62 -46.94
CA ILE GG 862 -37.79 -27.48 -47.63
C ILE GG 862 -38.84 -26.75 -48.45
N ILE GG 863 -39.00 -25.46 -48.16
CA ILE GG 863 -39.93 -24.59 -48.87
C ILE GG 863 -39.15 -23.42 -49.43
N LYS GG 864 -39.36 -23.13 -50.71
CA LYS GG 864 -38.59 -22.11 -51.41
C LYS GG 864 -38.92 -20.71 -50.88
N THR GG 865 -38.02 -19.77 -51.17
CA THR GG 865 -38.12 -18.43 -50.62
C THR GG 865 -39.22 -17.65 -51.32
N GLY GG 866 -40.42 -17.65 -50.75
CA GLY GG 866 -41.46 -16.77 -51.24
C GLY GG 866 -42.41 -17.38 -52.25
N ASP GG 867 -42.88 -18.58 -51.99
CA ASP GG 867 -43.78 -19.25 -52.91
C ASP GG 867 -45.24 -19.02 -52.49
N ILE GG 868 -46.14 -19.70 -53.20
CA ILE GG 868 -47.57 -19.45 -53.16
C ILE GG 868 -48.27 -20.72 -52.71
N MET GG 869 -49.12 -20.60 -51.68
CA MET GG 869 -50.02 -21.66 -51.27
C MET GG 869 -51.39 -21.05 -51.02
N PHE GG 870 -52.38 -21.88 -50.69
CA PHE GG 870 -53.73 -21.40 -50.48
C PHE GG 870 -54.32 -21.97 -49.20
N ALA GG 871 -55.18 -21.17 -48.57
CA ALA GG 871 -55.78 -21.55 -47.31
C ALA GG 871 -57.14 -20.88 -47.19
N VAL GG 872 -57.86 -21.23 -46.11
CA VAL GG 872 -59.22 -20.74 -45.88
C VAL GG 872 -59.27 -20.12 -44.49
N LEU GG 873 -59.79 -18.90 -44.41
CA LEU GG 873 -59.98 -18.19 -43.15
C LEU GG 873 -61.38 -18.43 -42.62
N ASP GG 874 -61.45 -18.85 -41.35
CA ASP GG 874 -62.73 -19.17 -40.73
C ASP GG 874 -63.00 -18.30 -39.52
N THR GG 875 -62.00 -18.10 -38.67
CA THR GG 875 -62.20 -17.37 -37.42
C THR GG 875 -62.20 -15.88 -37.71
N SER GG 876 -63.39 -15.30 -37.84
CA SER GG 876 -63.49 -13.90 -38.19
C SER GG 876 -63.31 -13.05 -36.95
N VAL GG 877 -62.73 -11.87 -37.13
CA VAL GG 877 -62.35 -11.01 -36.03
C VAL GG 877 -62.28 -9.58 -36.52
N ASN GG 878 -62.53 -8.65 -35.61
CA ASN GG 878 -62.44 -7.22 -35.85
C ASN GG 878 -60.99 -6.76 -35.66
N SER GG 879 -60.66 -5.64 -36.30
CA SER GG 879 -59.34 -5.04 -36.16
C SER GG 879 -59.23 -4.21 -34.88
N ASP GG 880 -59.53 -4.80 -33.73
CA ASP GG 880 -59.48 -4.04 -32.50
C ASP GG 880 -58.71 -4.72 -31.38
N GLU GG 881 -58.84 -6.04 -31.24
CA GLU GG 881 -58.24 -6.76 -30.12
C GLU GG 881 -57.32 -7.84 -30.67
N PRO GG 882 -56.02 -7.78 -30.41
CA PRO GG 882 -55.09 -8.77 -30.98
C PRO GG 882 -55.31 -10.15 -30.38
N GLY GG 883 -55.04 -11.16 -31.20
CA GLY GG 883 -55.20 -12.52 -30.77
C GLY GG 883 -54.87 -13.50 -31.87
N PRO GG 884 -54.91 -14.78 -31.54
CA PRO GG 884 -54.70 -15.82 -32.55
C PRO GG 884 -55.83 -15.91 -33.55
N ILE GG 885 -55.47 -15.92 -34.82
CA ILE GG 885 -56.37 -16.26 -35.92
C ILE GG 885 -55.72 -17.37 -36.72
N LEU GG 886 -56.47 -18.43 -36.98
CA LEU GG 886 -55.92 -19.59 -37.68
C LEU GG 886 -56.59 -19.74 -39.03
N ALA GG 887 -55.78 -20.07 -40.04
CA ALA GG 887 -56.24 -20.58 -41.32
C ALA GG 887 -55.68 -21.99 -41.48
N THR GG 888 -56.17 -22.69 -42.49
CA THR GG 888 -55.75 -24.08 -42.72
C THR GG 888 -55.47 -24.27 -44.20
N ILE GG 889 -54.26 -24.77 -44.50
CA ILE GG 889 -53.86 -25.06 -45.87
C ILE GG 889 -54.64 -26.27 -46.36
N VAL GG 890 -55.20 -26.16 -47.57
CA VAL GG 890 -56.04 -27.21 -48.12
C VAL GG 890 -55.39 -27.92 -49.31
N THR GG 891 -54.25 -27.45 -49.79
CA THR GG 891 -53.71 -27.98 -51.04
C THR GG 891 -52.20 -28.09 -51.02
N GLY GG 892 -51.61 -28.38 -52.19
CA GLY GG 892 -50.18 -28.36 -52.35
C GLY GG 892 -49.51 -29.53 -51.63
N LYS GG 893 -48.25 -29.33 -51.30
CA LYS GG 893 -47.50 -30.32 -50.53
C LYS GG 893 -48.04 -30.47 -49.12
N LEU GG 894 -48.27 -29.36 -48.45
CA LEU GG 894 -48.80 -29.41 -47.09
C LEU GG 894 -50.31 -29.31 -47.11
N LYS GG 895 -50.97 -30.46 -47.02
CA LYS GG 895 -52.42 -30.53 -47.07
C LYS GG 895 -52.91 -30.76 -45.65
N GLY GG 896 -53.80 -29.90 -45.18
CA GLY GG 896 -54.29 -30.04 -43.82
C GLY GG 896 -53.41 -29.46 -42.75
N SER GG 897 -52.33 -28.77 -43.13
CA SER GG 897 -51.53 -28.04 -42.17
C SER GG 897 -52.30 -26.81 -41.69
N LYS GG 898 -51.97 -26.31 -40.52
CA LYS GG 898 -52.66 -25.15 -40.00
C LYS GG 898 -51.67 -24.03 -39.70
N LEU GG 899 -52.19 -22.81 -39.54
CA LEU GG 899 -51.33 -21.63 -39.43
C LEU GG 899 -52.03 -20.59 -38.55
N ILE GG 900 -51.34 -20.18 -37.49
CA ILE GG 900 -51.84 -19.24 -36.49
C ILE GG 900 -51.06 -17.94 -36.61
N GLY GG 901 -51.77 -16.82 -36.51
CA GLY GG 901 -51.12 -15.52 -36.48
C GLY GG 901 -51.96 -14.46 -35.80
N SER GG 902 -51.67 -13.20 -36.09
CA SER GG 902 -52.41 -12.08 -35.51
C SER GG 902 -52.40 -10.94 -36.53
N PHE GG 903 -52.94 -9.80 -36.15
CA PHE GG 903 -53.02 -8.68 -37.07
C PHE GG 903 -52.22 -7.50 -36.54
N ASN GG 904 -52.22 -6.42 -37.32
CA ASN GG 904 -51.65 -5.15 -36.92
C ASN GG 904 -52.49 -4.05 -37.56
N LEU GG 905 -52.51 -2.89 -36.91
CA LEU GG 905 -53.32 -1.80 -37.40
C LEU GG 905 -52.54 -0.93 -38.35
N PRO GG 906 -53.05 -0.69 -39.55
CA PRO GG 906 -52.47 0.33 -40.43
C PRO GG 906 -52.86 1.72 -39.99
N SER GG 907 -52.05 2.70 -40.40
CA SER GG 907 -52.36 4.09 -40.08
C SER GG 907 -53.56 4.61 -40.87
N ASN GG 908 -53.82 4.03 -42.03
CA ASN GG 908 -55.00 4.34 -42.83
C ASN GG 908 -55.76 3.04 -43.07
N ALA GG 909 -57.10 3.11 -42.99
CA ALA GG 909 -57.93 1.92 -42.99
C ALA GG 909 -58.30 1.45 -44.38
N ASP GG 910 -57.56 1.86 -45.40
CA ASP GG 910 -57.82 1.44 -46.77
C ASP GG 910 -57.40 0.01 -47.05
N LYS GG 911 -56.66 -0.62 -46.13
CA LYS GG 911 -56.22 -1.99 -46.30
C LYS GG 911 -56.00 -2.58 -44.92
N MET GG 912 -55.59 -3.85 -44.90
CA MET GG 912 -55.35 -4.57 -43.66
C MET GG 912 -54.43 -5.75 -43.94
N VAL GG 913 -53.44 -5.94 -43.09
CA VAL GG 913 -52.49 -7.03 -43.28
C VAL GG 913 -52.48 -7.91 -42.04
N ILE GG 914 -52.15 -9.18 -42.26
CA ILE GG 914 -52.18 -10.21 -41.23
C ILE GG 914 -50.82 -10.86 -41.17
N THR GG 915 -50.21 -10.85 -39.99
CA THR GG 915 -48.96 -11.56 -39.77
C THR GG 915 -49.30 -13.00 -39.46
N PHE GG 916 -48.69 -13.93 -40.19
CA PHE GG 916 -48.93 -15.35 -40.03
C PHE GG 916 -47.58 -16.00 -39.72
N ASN GG 917 -47.44 -16.55 -38.52
CA ASN GG 917 -46.10 -16.97 -38.08
C ASN GG 917 -46.04 -18.41 -37.60
N THR GG 918 -47.12 -18.95 -37.06
CA THR GG 918 -47.06 -20.24 -36.37
C THR GG 918 -47.64 -21.33 -37.28
N MET GG 919 -46.76 -22.12 -37.89
CA MET GG 919 -47.17 -23.19 -38.80
C MET GG 919 -47.12 -24.51 -38.05
N SER GG 920 -48.15 -25.33 -38.23
CA SER GG 920 -48.20 -26.67 -37.66
C SER GG 920 -48.49 -27.68 -38.77
N ILE GG 921 -47.64 -28.67 -38.90
CA ILE GG 921 -47.73 -29.71 -39.92
C ILE GG 921 -48.04 -31.02 -39.22
N PRO GG 922 -48.91 -31.88 -39.79
CA PRO GG 922 -49.08 -33.23 -39.23
C PRO GG 922 -47.85 -34.12 -39.40
N GLY GG 923 -47.96 -35.36 -38.94
CA GLY GG 923 -46.86 -36.29 -39.03
C GLY GG 923 -46.04 -36.42 -37.77
N ALA GG 924 -45.27 -35.39 -37.42
CA ALA GG 924 -44.44 -35.43 -36.23
C ALA GG 924 -44.87 -34.36 -35.23
N GLU GG 925 -44.45 -34.54 -33.98
CA GLU GG 925 -44.76 -33.58 -32.92
C GLU GG 925 -43.74 -32.45 -32.96
N LYS GG 926 -44.03 -31.46 -33.81
CA LYS GG 926 -43.12 -30.36 -34.08
C LYS GG 926 -43.91 -29.07 -34.21
N THR GG 927 -43.20 -27.94 -34.17
CA THR GG 927 -43.84 -26.64 -34.37
C THR GG 927 -42.82 -25.73 -35.04
N ILE GG 928 -42.99 -25.48 -36.33
CA ILE GG 928 -42.10 -24.59 -37.07
C ILE GG 928 -42.55 -23.15 -36.90
N SER GG 929 -41.72 -22.21 -37.36
CA SER GG 929 -41.97 -20.80 -37.07
C SER GG 929 -41.77 -19.88 -38.28
N ILE GG 930 -42.35 -20.23 -39.42
CA ILE GG 930 -42.20 -19.42 -40.63
C ILE GG 930 -43.17 -18.25 -40.55
N SER GG 931 -42.64 -17.04 -40.67
CA SER GG 931 -43.43 -15.81 -40.59
C SER GG 931 -43.67 -15.26 -42.00
N ALA GG 932 -44.93 -15.07 -42.36
CA ALA GG 932 -45.27 -14.61 -43.69
C ALA GG 932 -46.61 -13.88 -43.65
N TYR GG 933 -47.01 -13.33 -44.79
CA TYR GG 933 -48.23 -12.56 -44.94
C TYR GG 933 -49.12 -13.23 -46.00
N ALA GG 934 -50.21 -12.55 -46.35
CA ALA GG 934 -51.20 -13.11 -47.27
C ALA GG 934 -51.67 -12.07 -48.27
N ILE GG 935 -52.33 -12.54 -49.34
CA ILE GG 935 -52.82 -11.70 -50.41
C ILE GG 935 -54.23 -12.13 -50.78
N ASP GG 936 -55.01 -11.21 -51.35
CA ASP GG 936 -56.42 -11.43 -51.66
C ASP GG 936 -56.57 -12.17 -52.98
N PRO GG 937 -57.22 -13.33 -53.01
CA PRO GG 937 -57.62 -13.92 -54.28
C PRO GG 937 -58.66 -13.07 -54.98
N ASN GG 938 -58.58 -13.07 -56.31
CA ASN GG 938 -59.38 -12.29 -57.26
C ASN GG 938 -59.26 -10.78 -57.07
N THR GG 939 -58.25 -10.31 -56.33
CA THR GG 939 -57.97 -8.89 -56.21
C THR GG 939 -56.49 -8.66 -56.44
N ALA GG 940 -55.69 -9.63 -56.00
CA ALA GG 940 -54.23 -9.60 -55.99
C ALA GG 940 -53.72 -8.37 -55.24
N ARG GG 941 -54.38 -8.09 -54.12
CA ARG GG 941 -54.10 -6.92 -53.33
C ARG GG 941 -54.00 -7.29 -51.86
N THR GG 942 -53.53 -6.34 -51.06
CA THR GG 942 -53.47 -6.47 -49.62
C THR GG 942 -54.59 -5.74 -48.92
N ALA GG 943 -55.58 -5.24 -49.65
CA ALA GG 943 -56.77 -4.67 -49.04
C ALA GG 943 -57.63 -5.76 -48.42
N LEU GG 944 -58.56 -5.36 -47.57
CA LEU GG 944 -59.40 -6.32 -46.88
C LEU GG 944 -60.87 -6.08 -47.15
N ALA GG 945 -61.60 -7.17 -47.32
CA ALA GG 945 -63.05 -7.14 -47.54
C ALA GG 945 -63.75 -6.84 -46.21
N SER GG 946 -64.12 -5.57 -46.06
CA SER GG 946 -64.91 -5.09 -44.94
C SER GG 946 -65.63 -3.84 -45.40
N ARG GG 947 -66.09 -3.04 -44.45
CA ARG GG 947 -66.59 -1.70 -44.75
C ARG GG 947 -65.75 -0.66 -44.02
N THR GG 948 -65.57 0.48 -44.69
CA THR GG 948 -64.69 1.52 -44.19
C THR GG 948 -65.41 2.85 -43.97
N ASN GG 949 -66.72 2.88 -44.11
CA ASN GG 949 -67.53 4.08 -43.91
C ASN GG 949 -68.21 4.07 -42.54
N HIS GG 950 -67.53 3.51 -41.53
CA HIS GG 950 -68.19 3.09 -40.30
C HIS GG 950 -68.64 4.25 -39.42
N HIS GG 951 -67.78 5.23 -39.21
CA HIS GG 951 -68.06 6.25 -38.20
C HIS GG 951 -67.79 7.63 -38.74
N TYR GG 952 -68.32 7.94 -39.91
CA TYR GG 952 -68.27 9.29 -40.43
C TYR GG 952 -69.52 10.07 -40.03
N LEU GG 953 -70.68 9.47 -40.30
CA LEU GG 953 -71.97 10.13 -40.15
C LEU GG 953 -72.28 10.43 -38.70
N MET GG 954 -71.90 9.54 -37.78
CA MET GG 954 -72.24 9.71 -36.37
C MET GG 954 -71.53 10.94 -35.79
N ARG GG 955 -70.21 11.02 -35.97
CA ARG GG 955 -69.47 12.15 -35.42
C ARG GG 955 -69.80 13.45 -36.14
N TYR GG 956 -70.00 13.41 -37.46
CA TYR GG 956 -70.36 14.61 -38.18
C TYR GG 956 -71.71 15.16 -37.73
N GLY GG 957 -72.70 14.28 -37.59
CA GLY GG 957 -74.02 14.72 -37.17
C GLY GG 957 -74.04 15.21 -35.74
N SER GG 958 -73.28 14.56 -34.85
CA SER GG 958 -73.23 14.98 -33.45
C SER GG 958 -72.60 16.36 -33.31
N LEU GG 959 -71.45 16.57 -33.97
CA LEU GG 959 -70.78 17.87 -33.89
C LEU GG 959 -71.62 18.98 -34.50
N PHE GG 960 -72.19 18.72 -35.68
CA PHE GG 960 -72.93 19.77 -36.35
C PHE GG 960 -74.24 20.07 -35.66
N ALA GG 961 -74.86 19.05 -35.04
CA ALA GG 961 -76.06 19.28 -34.26
C ALA GG 961 -75.78 20.13 -33.02
N SER GG 962 -74.70 19.81 -32.29
CA SER GG 962 -74.38 20.57 -31.09
C SER GG 962 -74.02 22.02 -31.43
N SER GG 963 -73.24 22.21 -32.50
CA SER GG 963 -72.89 23.55 -32.93
C SER GG 963 -74.10 24.34 -33.39
N PHE GG 964 -74.99 23.69 -34.15
CA PHE GG 964 -76.23 24.31 -34.60
C PHE GG 964 -77.09 24.75 -33.41
N LEU GG 965 -77.09 23.94 -32.35
CA LEU GG 965 -77.84 24.28 -31.15
C LEU GG 965 -77.25 25.51 -30.45
N GLN GG 966 -75.92 25.54 -30.34
CA GLN GG 966 -75.20 26.69 -29.79
C GLN GG 966 -75.57 27.97 -30.54
N GLY GG 967 -75.55 27.89 -31.87
CA GLY GG 967 -75.88 29.04 -32.68
C GLY GG 967 -77.31 29.49 -32.52
N PHE GG 968 -78.22 28.53 -32.39
CA PHE GG 968 -79.63 28.86 -32.29
C PHE GG 968 -79.93 29.61 -31.03
N GLY GG 969 -79.37 29.11 -29.92
CA GLY GG 969 -79.58 29.77 -28.65
C GLY GG 969 -78.98 31.16 -28.60
N ASN GG 970 -77.72 31.31 -29.04
CA ASN GG 970 -77.10 32.62 -28.90
C ASN GG 970 -77.72 33.65 -29.84
N ALA GG 971 -78.00 33.28 -31.09
CA ALA GG 971 -78.48 34.28 -32.02
C ALA GG 971 -79.94 34.65 -31.74
N PHE GG 972 -80.78 33.67 -31.40
CA PHE GG 972 -82.14 34.10 -31.09
C PHE GG 972 -82.27 34.66 -29.68
N GLN GG 973 -81.26 34.51 -28.82
CA GLN GG 973 -81.25 35.32 -27.61
C GLN GG 973 -80.86 36.75 -27.92
N SER GG 974 -79.87 36.93 -28.78
CA SER GG 974 -79.35 38.26 -29.10
C SER GG 974 -80.36 39.06 -29.91
N ALA GG 975 -81.14 38.39 -30.75
CA ALA GG 975 -82.04 39.07 -31.66
C ALA GG 975 -83.35 39.47 -31.02
N ASN GG 976 -83.46 39.38 -29.69
CA ASN GG 976 -84.66 39.84 -29.01
C ASN GG 976 -84.78 41.36 -29.03
N THR GG 977 -83.65 42.06 -29.20
CA THR GG 977 -83.71 43.51 -29.34
C THR GG 977 -84.31 43.93 -30.67
N THR GG 978 -83.85 43.34 -31.77
CA THR GG 978 -84.28 43.79 -33.10
C THR GG 978 -85.02 42.69 -33.85
N SER GG 999 -92.38 33.61 -25.82
CA SER GG 999 -92.18 32.76 -24.65
C SER GG 999 -91.59 31.42 -25.06
N THR GG 1000 -92.33 30.69 -25.89
CA THR GG 1000 -91.86 29.38 -26.35
C THR GG 1000 -90.64 29.50 -27.24
N LEU GG 1001 -90.52 30.60 -27.98
CA LEU GG 1001 -89.30 30.87 -28.73
C LEU GG 1001 -88.12 31.08 -27.79
N GLU GG 1002 -88.38 31.74 -26.66
CA GLU GG 1002 -87.35 31.88 -25.64
C GLU GG 1002 -87.01 30.54 -25.01
N ASN GG 1003 -87.99 29.63 -24.94
CA ASN GG 1003 -87.71 28.28 -24.48
C ASN GG 1003 -86.85 27.50 -25.49
N ALA GG 1004 -87.04 27.76 -26.77
CA ALA GG 1004 -86.18 27.17 -27.79
C ALA GG 1004 -84.75 27.67 -27.65
N VAL GG 1005 -84.61 28.98 -27.39
CA VAL GG 1005 -83.32 29.58 -27.06
C VAL GG 1005 -82.68 28.88 -25.90
N ILE GG 1006 -83.48 28.66 -24.84
CA ILE GG 1006 -83.04 27.98 -23.61
C ILE GG 1006 -82.43 26.63 -23.93
N GLY GG 1007 -83.18 25.83 -24.70
CA GLY GG 1007 -82.81 24.44 -24.88
C GLY GG 1007 -81.57 24.32 -25.72
N LEU GG 1008 -81.58 24.92 -26.90
CA LEU GG 1008 -80.48 24.70 -27.82
C LEU GG 1008 -79.23 25.43 -27.34
N ALA GG 1009 -79.42 26.62 -26.73
CA ALA GG 1009 -78.34 27.39 -26.14
C ALA GG 1009 -77.53 26.61 -25.15
N THR GG 1010 -78.17 25.99 -24.19
CA THR GG 1010 -77.34 25.45 -23.14
C THR GG 1010 -77.06 23.96 -23.31
N VAL GG 1011 -77.86 23.21 -24.06
CA VAL GG 1011 -77.43 21.87 -24.38
C VAL GG 1011 -76.40 21.84 -25.51
N GLY GG 1012 -76.18 22.97 -26.19
CA GLY GG 1012 -75.19 22.97 -27.26
C GLY GG 1012 -73.76 22.78 -26.77
N LYS GG 1013 -73.38 23.44 -25.68
CA LYS GG 1013 -71.97 23.59 -25.36
C LYS GG 1013 -71.34 22.28 -24.86
N ALA GG 1014 -72.01 21.61 -23.92
CA ALA GG 1014 -71.46 20.38 -23.36
C ALA GG 1014 -71.41 19.27 -24.40
N TRP GG 1015 -72.47 19.18 -25.21
CA TRP GG 1015 -72.48 18.24 -26.31
C TRP GG 1015 -71.41 18.58 -27.33
N SER GG 1016 -71.12 19.87 -27.54
CA SER GG 1016 -70.09 20.28 -28.48
C SER GG 1016 -68.71 19.85 -28.01
N GLN GG 1017 -68.40 20.08 -26.74
CA GLN GG 1017 -67.07 19.71 -26.27
C GLN GG 1017 -66.91 18.20 -26.15
N GLN GG 1018 -67.98 17.47 -25.83
CA GLN GG 1018 -67.86 16.02 -25.83
C GLN GG 1018 -67.75 15.47 -27.25
N ALA GG 1019 -68.39 16.12 -28.22
CA ALA GG 1019 -68.23 15.70 -29.61
C ALA GG 1019 -66.81 15.96 -30.10
N GLN GG 1020 -66.22 17.08 -29.68
CA GLN GG 1020 -64.84 17.34 -30.01
C GLN GG 1020 -63.92 16.35 -29.30
N GLN GG 1021 -64.33 15.86 -28.14
CA GLN GG 1021 -63.59 14.80 -27.49
C GLN GG 1021 -63.65 13.51 -28.30
N LEU GG 1022 -64.82 13.15 -28.81
CA LEU GG 1022 -65.01 11.85 -29.43
C LEU GG 1022 -64.75 11.85 -30.94
N PHE GG 1023 -64.40 12.99 -31.52
CA PHE GG 1023 -64.38 13.08 -32.98
C PHE GG 1023 -63.26 12.26 -33.63
N ASN GG 1024 -62.17 12.03 -32.92
CA ASN GG 1024 -61.02 11.38 -33.52
C ASN GG 1024 -61.07 9.85 -33.42
N THR GG 1025 -62.25 9.25 -33.32
CA THR GG 1025 -62.36 7.80 -33.31
C THR GG 1025 -62.07 7.24 -34.69
N PRO GG 1026 -61.14 6.30 -34.82
CA PRO GG 1026 -60.80 5.75 -36.14
C PRO GG 1026 -61.88 4.80 -36.64
N THR GG 1027 -61.97 4.69 -37.97
CA THR GG 1027 -62.88 3.75 -38.61
C THR GG 1027 -62.26 2.36 -38.49
N THR GG 1028 -63.10 1.37 -38.21
CA THR GG 1028 -62.60 0.03 -38.03
C THR GG 1028 -62.95 -0.86 -39.23
N VAL GG 1029 -62.32 -2.03 -39.27
CA VAL GG 1029 -62.65 -3.07 -40.22
C VAL GG 1029 -62.72 -4.40 -39.47
N GLU GG 1030 -63.47 -5.33 -40.05
CA GLU GG 1030 -63.58 -6.68 -39.50
C GLU GG 1030 -63.54 -7.67 -40.65
N VAL GG 1031 -62.71 -8.71 -40.51
CA VAL GG 1031 -62.55 -9.70 -41.57
C VAL GG 1031 -63.78 -10.58 -41.67
N TYR GG 1032 -63.85 -11.33 -42.76
CA TYR GG 1032 -65.02 -12.17 -42.98
C TYR GG 1032 -64.73 -13.61 -42.63
N SER GG 1033 -65.78 -14.33 -42.24
CA SER GG 1033 -65.64 -15.69 -41.72
C SER GG 1033 -65.56 -16.75 -42.79
N GLY GG 1034 -65.71 -16.39 -44.06
CA GLY GG 1034 -65.72 -17.40 -45.10
C GLY GG 1034 -64.92 -17.00 -46.32
N THR GG 1035 -63.87 -16.22 -46.13
CA THR GG 1035 -63.07 -15.71 -47.23
C THR GG 1035 -61.79 -16.53 -47.35
N GLY GG 1036 -61.60 -17.15 -48.51
CA GLY GG 1036 -60.37 -17.85 -48.80
C GLY GG 1036 -59.26 -16.89 -49.09
N LEU GG 1037 -58.03 -17.41 -49.07
CA LEU GG 1037 -56.87 -16.54 -49.16
C LEU GG 1037 -55.71 -17.29 -49.79
N GLY GG 1038 -54.81 -16.50 -50.38
CA GLY GG 1038 -53.54 -17.00 -50.87
C GLY GG 1038 -52.41 -16.45 -50.01
N ILE GG 1039 -51.39 -17.29 -49.82
CA ILE GG 1039 -50.30 -16.99 -48.91
C ILE GG 1039 -48.99 -17.06 -49.68
N LEU GG 1040 -48.25 -15.96 -49.70
CA LEU GG 1040 -46.87 -15.99 -50.15
C LEU GG 1040 -45.97 -16.12 -48.94
N PHE GG 1041 -44.78 -16.66 -49.15
CA PHE GG 1041 -43.85 -16.87 -48.06
C PHE GG 1041 -42.77 -15.79 -48.03
N THR GG 1042 -41.97 -15.80 -46.96
CA THR GG 1042 -40.91 -14.82 -46.81
C THR GG 1042 -39.53 -15.45 -46.75
N GLN GG 1043 -39.35 -16.46 -45.90
CA GLN GG 1043 -38.10 -17.19 -45.81
C GLN GG 1043 -38.36 -18.68 -46.00
N ASP GG 1044 -37.32 -19.47 -45.77
CA ASP GG 1044 -37.39 -20.91 -46.01
C ASP GG 1044 -37.50 -21.68 -44.70
N VAL GG 1045 -37.89 -22.95 -44.80
CA VAL GG 1045 -37.89 -23.88 -43.69
C VAL GG 1045 -37.20 -25.16 -44.14
N THR GG 1046 -37.18 -26.15 -43.26
CA THR GG 1046 -36.54 -27.42 -43.56
C THR GG 1046 -37.59 -28.50 -43.83
N ILE HG 862 -50.80 -35.98 -26.18
CA ILE HG 862 -50.34 -35.08 -27.22
C ILE HG 862 -51.53 -34.40 -27.87
N ILE HG 863 -51.44 -33.08 -28.04
CA ILE HG 863 -52.47 -32.29 -28.71
C ILE HG 863 -51.78 -31.44 -29.77
N LYS HG 864 -52.32 -31.47 -30.99
CA LYS HG 864 -51.77 -30.69 -32.10
C LYS HG 864 -51.87 -29.20 -31.82
N THR HG 865 -50.96 -28.44 -32.43
CA THR HG 865 -50.97 -26.98 -32.28
C THR HG 865 -52.16 -26.42 -33.05
N GLY HG 866 -53.02 -25.68 -32.35
CA GLY HG 866 -54.12 -24.98 -33.01
C GLY HG 866 -55.21 -25.88 -33.54
N ASP HG 867 -55.89 -26.61 -32.68
CA ASP HG 867 -57.04 -27.40 -33.06
C ASP HG 867 -58.30 -26.87 -32.36
N ILE HG 868 -59.43 -27.53 -32.64
CA ILE HG 868 -60.75 -27.05 -32.26
C ILE HG 868 -61.43 -28.09 -31.39
N MET HG 869 -61.95 -27.65 -30.25
CA MET HG 869 -62.77 -28.48 -29.36
C MET HG 869 -64.02 -27.69 -29.00
N PHE HG 870 -64.88 -28.28 -28.17
CA PHE HG 870 -66.14 -27.65 -27.82
C PHE HG 870 -66.45 -27.82 -26.34
N ALA HG 871 -67.18 -26.85 -25.78
CA ALA HG 871 -67.51 -26.87 -24.37
C ALA HG 871 -68.79 -26.09 -24.13
N VAL HG 872 -69.28 -26.16 -22.89
CA VAL HG 872 -70.55 -25.55 -22.48
C VAL HG 872 -70.26 -24.55 -21.36
N LEU HG 873 -70.76 -23.33 -21.51
CA LEU HG 873 -70.63 -22.31 -20.47
C LEU HG 873 -71.84 -22.33 -19.56
N ASP HG 874 -71.57 -22.36 -18.26
CA ASP HG 874 -72.63 -22.42 -17.26
C ASP HG 874 -72.61 -21.20 -16.36
N THR HG 875 -71.44 -20.77 -15.91
CA THR HG 875 -71.33 -19.67 -14.98
C THR HG 875 -71.32 -18.35 -15.76
N SER HG 876 -72.44 -17.64 -15.73
CA SER HG 876 -72.55 -16.37 -16.43
C SER HG 876 -71.76 -15.32 -15.67
N VAL HG 877 -71.21 -14.35 -16.42
CA VAL HG 877 -70.28 -13.39 -15.85
C VAL HG 877 -70.48 -12.04 -16.53
N ASN HG 878 -70.12 -10.99 -15.81
CA ASN HG 878 -70.13 -9.62 -16.31
C ASN HG 878 -68.71 -9.19 -16.62
N SER HG 879 -68.60 -8.20 -17.51
CA SER HG 879 -67.31 -7.61 -17.83
C SER HG 879 -67.05 -6.39 -16.96
N ASP HG 880 -67.21 -6.53 -15.67
CA ASP HG 880 -66.91 -5.41 -14.79
C ASP HG 880 -65.93 -5.80 -13.68
N GLU HG 881 -66.06 -6.99 -13.12
CA GLU HG 881 -65.15 -7.49 -12.11
C GLU HG 881 -64.65 -8.85 -12.58
N PRO HG 882 -63.35 -9.03 -12.78
CA PRO HG 882 -62.83 -10.31 -13.24
C PRO HG 882 -63.00 -11.41 -12.21
N GLY HG 883 -63.19 -12.62 -12.71
CA GLY HG 883 -63.42 -13.78 -11.87
C GLY HG 883 -63.23 -15.06 -12.66
N PRO HG 884 -63.20 -16.18 -11.96
CA PRO HG 884 -63.02 -17.46 -12.65
C PRO HG 884 -64.26 -17.89 -13.39
N ILE HG 885 -64.08 -18.37 -14.61
CA ILE HG 885 -65.16 -18.93 -15.42
C ILE HG 885 -64.70 -20.29 -15.90
N LEU HG 886 -65.57 -21.29 -15.79
CA LEU HG 886 -65.23 -22.65 -16.18
C LEU HG 886 -66.20 -23.17 -17.24
N ALA HG 887 -65.68 -24.01 -18.11
CA ALA HG 887 -66.46 -24.79 -19.07
C ALA HG 887 -66.01 -26.24 -18.99
N THR HG 888 -66.73 -27.11 -19.68
CA THR HG 888 -66.45 -28.54 -19.62
C THR HG 888 -66.50 -29.12 -21.02
N ILE HG 889 -65.44 -29.80 -21.42
CA ILE HG 889 -65.38 -30.43 -22.73
C ILE HG 889 -66.28 -31.66 -22.73
N VAL HG 890 -67.09 -31.79 -23.79
CA VAL HG 890 -68.03 -32.89 -23.90
C VAL HG 890 -67.73 -33.81 -25.07
N THR HG 891 -66.84 -33.43 -25.98
CA THR HG 891 -66.54 -34.23 -27.15
C THR HG 891 -65.05 -34.27 -27.39
N GLY HG 892 -64.63 -34.74 -28.56
CA GLY HG 892 -63.23 -34.74 -28.89
C GLY HG 892 -62.49 -35.81 -28.12
N LYS HG 893 -61.17 -35.65 -28.03
CA LYS HG 893 -60.34 -36.61 -27.31
C LYS HG 893 -60.60 -36.58 -25.81
N LEU HG 894 -60.70 -35.39 -25.23
CA LEU HG 894 -60.92 -35.27 -23.80
C LEU HG 894 -62.40 -35.20 -23.52
N LYS HG 895 -62.91 -36.13 -22.72
CA LYS HG 895 -64.31 -36.13 -22.33
C LYS HG 895 -64.38 -35.90 -20.82
N GLY HG 896 -65.25 -34.99 -20.41
CA GLY HG 896 -65.43 -34.73 -18.99
C GLY HG 896 -64.36 -33.87 -18.37
N SER HG 897 -63.40 -33.39 -19.16
CA SER HG 897 -62.40 -32.47 -18.64
C SER HG 897 -63.01 -31.10 -18.44
N LYS HG 898 -62.46 -30.34 -17.50
CA LYS HG 898 -62.99 -29.02 -17.22
C LYS HG 898 -61.88 -27.98 -17.32
N LEU HG 899 -62.27 -26.72 -17.48
CA LEU HG 899 -61.33 -25.69 -17.87
C LEU HG 899 -61.73 -24.37 -17.22
N ILE HG 900 -60.77 -23.76 -16.55
CA ILE HG 900 -60.95 -22.55 -15.74
C ILE HG 900 -60.10 -21.44 -16.32
N GLY HG 901 -60.68 -20.26 -16.48
CA GLY HG 901 -59.95 -19.09 -16.90
C GLY HG 901 -60.63 -17.79 -16.50
N SER HG 902 -60.32 -16.70 -17.20
CA SER HG 902 -60.93 -15.41 -16.93
C SER HG 902 -60.95 -14.61 -18.23
N PHE HG 903 -61.38 -13.36 -18.14
CA PHE HG 903 -61.53 -12.52 -19.32
C PHE HG 903 -60.59 -11.33 -19.24
N ASN HG 904 -60.67 -10.49 -20.27
CA ASN HG 904 -59.99 -9.22 -20.32
C ASN HG 904 -61.00 -8.18 -20.78
N LEU HG 905 -60.53 -6.94 -20.92
CA LEU HG 905 -61.43 -5.92 -21.41
C LEU HG 905 -60.93 -5.33 -22.72
N PRO HG 906 -61.81 -5.17 -23.70
CA PRO HG 906 -61.44 -4.49 -24.94
C PRO HG 906 -61.50 -2.98 -24.80
N SER HG 907 -60.91 -2.30 -25.78
CA SER HG 907 -60.99 -0.85 -25.81
C SER HG 907 -62.36 -0.36 -26.21
N ASN HG 908 -63.06 -1.10 -27.07
CA ASN HG 908 -64.38 -0.74 -27.56
C ASN HG 908 -65.34 -1.88 -27.30
N ALA HG 909 -66.64 -1.57 -27.26
CA ALA HG 909 -67.65 -2.49 -26.75
C ALA HG 909 -68.17 -3.46 -27.80
N ASP HG 910 -67.38 -3.76 -28.83
CA ASP HG 910 -67.84 -4.58 -29.94
C ASP HG 910 -67.56 -6.08 -29.75
N LYS HG 911 -66.84 -6.47 -28.71
CA LYS HG 911 -66.51 -7.88 -28.51
C LYS HG 911 -66.12 -8.13 -27.07
N MET HG 912 -65.71 -9.37 -26.80
CA MET HG 912 -65.25 -9.82 -25.50
C MET HG 912 -64.51 -11.14 -25.71
N VAL HG 913 -63.28 -11.23 -25.21
CA VAL HG 913 -62.52 -12.46 -25.35
C VAL HG 913 -62.15 -12.99 -23.97
N ILE HG 914 -61.98 -14.31 -23.91
CA ILE HG 914 -61.81 -15.06 -22.68
C ILE HG 914 -60.46 -15.76 -22.72
N THR HG 915 -59.66 -15.58 -21.69
CA THR HG 915 -58.39 -16.30 -21.58
C THR HG 915 -58.62 -17.58 -20.82
N PHE HG 916 -58.37 -18.72 -21.48
CA PHE HG 916 -58.56 -20.03 -20.88
C PHE HG 916 -57.21 -20.70 -20.71
N ASN HG 917 -56.80 -20.91 -19.47
CA ASN HG 917 -55.45 -21.37 -19.19
C ASN HG 917 -55.40 -22.62 -18.31
N THR HG 918 -56.41 -22.84 -17.48
CA THR HG 918 -56.34 -23.82 -16.41
C THR HG 918 -57.15 -25.05 -16.80
N MET HG 919 -56.50 -26.01 -17.45
CA MET HG 919 -57.19 -27.21 -17.94
C MET HG 919 -56.94 -28.34 -16.96
N SER HG 920 -58.00 -29.04 -16.58
CA SER HG 920 -57.90 -30.21 -15.72
C SER HG 920 -58.61 -31.38 -16.39
N ILE HG 921 -57.94 -32.52 -16.41
CA ILE HG 921 -58.42 -33.74 -17.08
C ILE HG 921 -58.70 -34.77 -16.00
N PRO HG 922 -59.70 -35.63 -16.15
CA PRO HG 922 -59.79 -36.82 -15.29
C PRO HG 922 -58.71 -37.84 -15.62
N GLY HG 923 -58.75 -38.97 -14.92
CA GLY HG 923 -57.75 -40.01 -15.10
C GLY HG 923 -56.59 -39.96 -14.12
N ALA HG 924 -55.72 -38.96 -14.24
CA ALA HG 924 -54.57 -38.84 -13.35
C ALA HG 924 -54.58 -37.49 -12.65
N GLU HG 925 -53.85 -37.43 -11.53
CA GLU HG 925 -53.69 -36.18 -10.79
C GLU HG 925 -52.62 -35.35 -11.49
N LYS HG 926 -53.06 -34.60 -12.50
CA LYS HG 926 -52.22 -33.74 -13.29
C LYS HG 926 -52.95 -32.44 -13.54
N THR HG 927 -52.20 -31.36 -13.78
CA THR HG 927 -52.80 -30.06 -14.00
C THR HG 927 -52.01 -29.37 -15.12
N ILE HG 928 -52.51 -29.47 -16.34
CA ILE HG 928 -51.84 -28.85 -17.49
C ILE HG 928 -52.21 -27.38 -17.54
N SER HG 929 -51.40 -26.60 -18.28
CA SER HG 929 -51.58 -25.16 -18.30
C SER HG 929 -51.61 -24.62 -19.72
N ILE HG 930 -52.41 -25.24 -20.59
CA ILE HG 930 -52.54 -24.78 -21.96
C ILE HG 930 -53.34 -23.48 -21.96
N SER HG 931 -52.72 -22.42 -22.45
CA SER HG 931 -53.32 -21.10 -22.47
C SER HG 931 -53.89 -20.84 -23.86
N ALA HG 932 -55.21 -20.92 -23.97
CA ALA HG 932 -55.86 -20.81 -25.27
C ALA HG 932 -57.11 -19.95 -25.12
N TYR HG 933 -57.73 -19.63 -26.24
CA TYR HG 933 -58.92 -18.80 -26.25
C TYR HG 933 -60.09 -19.59 -26.81
N ALA HG 934 -61.23 -18.92 -26.94
CA ALA HG 934 -62.46 -19.55 -27.37
C ALA HG 934 -63.06 -18.80 -28.55
N ILE HG 935 -63.86 -19.52 -29.35
CA ILE HG 935 -64.53 -18.95 -30.51
C ILE HG 935 -66.02 -19.24 -30.39
N ASP HG 936 -66.83 -18.21 -30.61
CA ASP HG 936 -68.28 -18.40 -30.53
C ASP HG 936 -68.77 -19.14 -31.76
N PRO HG 937 -69.49 -20.24 -31.58
CA PRO HG 937 -70.07 -20.95 -32.73
C PRO HG 937 -71.25 -20.18 -33.28
N ASN HG 938 -71.63 -20.55 -34.51
CA ASN HG 938 -72.72 -20.02 -35.33
C ASN HG 938 -72.49 -18.57 -35.76
N THR HG 939 -71.36 -17.96 -35.43
CA THR HG 939 -70.99 -16.67 -36.00
C THR HG 939 -69.51 -16.70 -36.38
N ALA HG 940 -68.75 -17.57 -35.70
CA ALA HG 940 -67.31 -17.74 -35.86
C ALA HG 940 -66.57 -16.42 -35.65
N ARG HG 941 -66.98 -15.72 -34.61
CA ARG HG 941 -66.33 -14.49 -34.18
C ARG HG 941 -66.10 -14.55 -32.68
N THR HG 942 -65.31 -13.60 -32.18
CA THR HG 942 -65.01 -13.52 -30.76
C THR HG 942 -65.80 -12.42 -30.06
N ALA HG 943 -67.03 -12.17 -30.49
CA ALA HG 943 -67.83 -11.10 -29.89
C ALA HG 943 -68.61 -11.61 -28.68
N LEU HG 944 -69.66 -10.87 -28.34
CA LEU HG 944 -70.57 -11.27 -27.27
C LEU HG 944 -72.01 -11.23 -27.75
N ALA HG 945 -72.78 -12.26 -27.37
CA ALA HG 945 -74.22 -12.31 -27.63
C ALA HG 945 -74.96 -11.71 -26.43
N SER HG 946 -74.98 -10.39 -26.39
CA SER HG 946 -75.67 -9.65 -25.33
C SER HG 946 -75.96 -8.25 -25.85
N ARG HG 947 -76.24 -7.35 -24.92
CA ARG HG 947 -76.57 -5.98 -25.25
C ARG HG 947 -75.34 -5.09 -25.10
N THR HG 948 -75.23 -4.12 -26.01
CA THR HG 948 -74.14 -3.14 -25.96
C THR HG 948 -74.64 -1.72 -25.84
N ASN HG 949 -75.95 -1.50 -25.70
CA ASN HG 949 -76.57 -0.19 -25.67
C ASN HG 949 -76.86 0.25 -24.23
N HIS HG 950 -75.91 -0.02 -23.32
CA HIS HG 950 -76.22 -0.05 -21.90
C HIS HG 950 -76.42 1.35 -21.30
N HIS HG 951 -75.45 2.23 -21.43
CA HIS HG 951 -75.50 3.47 -20.67
C HIS HG 951 -75.20 4.66 -21.56
N TYR HG 952 -75.88 4.70 -22.70
CA TYR HG 952 -75.89 5.88 -23.55
C TYR HG 952 -77.00 6.84 -23.14
N LEU HG 953 -78.22 6.30 -23.04
CA LEU HG 953 -79.42 7.11 -22.87
C LEU HG 953 -79.45 7.81 -21.52
N MET HG 954 -78.99 7.13 -20.47
CA MET HG 954 -79.00 7.69 -19.12
C MET HG 954 -78.12 8.94 -19.04
N ARG HG 955 -76.88 8.84 -19.50
CA ARG HG 955 -75.98 9.98 -19.40
C ARG HG 955 -76.35 11.09 -20.38
N TYR HG 956 -76.82 10.74 -21.59
CA TYR HG 956 -77.21 11.76 -22.55
C TYR HG 956 -78.41 12.56 -22.05
N GLY HG 957 -79.43 11.86 -21.54
CA GLY HG 957 -80.60 12.54 -21.02
C GLY HG 957 -80.31 13.35 -19.76
N SER HG 958 -79.43 12.83 -18.89
CA SER HG 958 -79.07 13.56 -17.68
C SER HG 958 -78.36 14.86 -18.00
N LEU HG 959 -77.36 14.81 -18.89
CA LEU HG 959 -76.62 16.00 -19.28
C LEU HG 959 -77.52 17.01 -19.98
N PHE HG 960 -78.36 16.52 -20.90
CA PHE HG 960 -79.22 17.42 -21.66
C PHE HG 960 -80.27 18.06 -20.78
N ALA HG 961 -80.81 17.33 -19.81
CA ALA HG 961 -81.78 17.91 -18.89
C ALA HG 961 -81.14 18.96 -17.98
N SER HG 962 -79.93 18.68 -17.49
CA SER HG 962 -79.24 19.64 -16.62
C SER HG 962 -78.94 20.93 -17.38
N SER HG 963 -78.49 20.81 -18.62
CA SER HG 963 -78.23 21.98 -19.44
C SER HG 963 -79.51 22.75 -19.74
N PHE HG 964 -80.60 22.04 -20.04
CA PHE HG 964 -81.88 22.70 -20.29
C PHE HG 964 -82.36 23.48 -19.06
N LEU HG 965 -82.10 22.93 -17.88
CA LEU HG 965 -82.45 23.61 -16.64
C LEU HG 965 -81.65 24.90 -16.47
N GLN HG 966 -80.34 24.81 -16.72
CA GLN HG 966 -79.46 25.98 -16.69
C GLN HG 966 -79.97 27.07 -17.62
N GLY HG 967 -80.31 26.68 -18.84
CA GLY HG 967 -80.78 27.63 -19.82
C GLY HG 967 -82.09 28.27 -19.44
N PHE HG 968 -82.99 27.49 -18.84
CA PHE HG 968 -84.30 28.02 -18.50
C PHE HG 968 -84.20 29.07 -17.43
N GLY HG 969 -83.39 28.79 -16.41
CA GLY HG 969 -83.20 29.77 -15.36
C GLY HG 969 -82.55 31.05 -15.84
N ASN HG 970 -81.44 30.92 -16.59
CA ASN HG 970 -80.73 32.14 -16.96
C ASN HG 970 -81.51 32.98 -17.97
N ALA HG 971 -82.09 32.36 -19.00
CA ALA HG 971 -82.74 33.15 -20.03
C ALA HG 971 -84.08 33.70 -19.55
N PHE HG 972 -84.84 32.92 -18.79
CA PHE HG 972 -86.09 33.47 -18.33
C PHE HG 972 -85.93 34.39 -17.13
N GLN HG 973 -84.74 34.45 -16.52
CA GLN HG 973 -84.45 35.57 -15.65
C GLN HG 973 -84.00 36.79 -16.44
N SER HG 974 -83.27 36.57 -17.53
CA SER HG 974 -82.68 37.70 -18.24
C SER HG 974 -83.70 38.48 -19.03
N ALA HG 975 -84.64 37.80 -19.68
CA ALA HG 975 -85.55 38.45 -20.61
C ALA HG 975 -86.77 39.06 -19.94
N ASN HG 976 -86.70 39.33 -18.64
CA ASN HG 976 -87.87 39.80 -17.90
C ASN HG 976 -88.27 41.22 -18.31
N THR HG 977 -87.31 42.03 -18.75
CA THR HG 977 -87.63 43.38 -19.18
C THR HG 977 -88.40 43.37 -20.49
N THR HG 978 -87.99 42.53 -21.45
CA THR HG 978 -88.63 42.50 -22.75
C THR HG 978 -89.84 41.57 -22.76
N SER HG 999 -94.63 35.43 -10.78
CA SER HG 999 -94.04 34.98 -9.52
C SER HG 999 -93.72 33.50 -9.60
N THR HG 1000 -94.73 32.69 -9.93
CA THR HG 1000 -94.53 31.26 -10.07
C THR HG 1000 -93.60 30.93 -11.22
N LEU HG 1001 -93.68 31.72 -12.30
CA LEU HG 1001 -92.71 31.58 -13.37
C LEU HG 1001 -91.31 31.92 -12.90
N GLU HG 1002 -91.19 32.91 -12.01
CA GLU HG 1002 -89.90 33.21 -11.40
C GLU HG 1002 -89.43 32.07 -10.52
N ASN HG 1003 -90.36 31.32 -9.91
CA ASN HG 1003 -89.96 30.16 -9.14
C ASN HG 1003 -89.47 29.02 -10.03
N ALA HG 1004 -90.06 28.91 -11.22
CA ALA HG 1004 -89.52 27.97 -12.21
C ALA HG 1004 -88.11 28.36 -12.63
N VAL HG 1005 -87.90 29.68 -12.83
CA VAL HG 1005 -86.58 30.24 -13.09
C VAL HG 1005 -85.62 29.85 -11.99
N ILE HG 1006 -86.07 30.00 -10.73
CA ILE HG 1006 -85.30 29.69 -9.53
C ILE HG 1006 -84.80 28.25 -9.57
N GLY HG 1007 -85.74 27.33 -9.81
CA GLY HG 1007 -85.46 25.93 -9.60
C GLY HG 1007 -84.52 25.43 -10.65
N LEU HG 1008 -84.85 25.69 -11.92
CA LEU HG 1008 -84.02 25.18 -12.99
C LEU HG 1008 -82.69 25.93 -13.05
N ALA HG 1009 -82.72 27.22 -12.64
CA ALA HG 1009 -81.55 28.08 -12.60
C ALA HG 1009 -80.44 27.54 -11.75
N THR HG 1010 -80.76 27.08 -10.56
CA THR HG 1010 -79.62 26.62 -9.78
C THR HG 1010 -79.50 25.13 -9.65
N VAL HG 1011 -80.52 24.33 -9.97
CA VAL HG 1011 -80.27 22.90 -10.03
C VAL HG 1011 -79.65 22.49 -11.36
N GLY HG 1012 -79.59 23.38 -12.35
CA GLY HG 1012 -78.92 23.02 -13.59
C GLY HG 1012 -77.43 22.82 -13.42
N LYS HG 1013 -76.76 23.72 -12.69
CA LYS HG 1013 -75.31 23.82 -12.74
C LYS HG 1013 -74.62 22.66 -12.06
N ALA HG 1014 -75.05 22.32 -10.85
CA ALA HG 1014 -74.42 21.24 -10.09
C ALA HG 1014 -74.69 19.89 -10.76
N TRP HG 1015 -75.90 19.69 -11.25
CA TRP HG 1015 -76.19 18.48 -12.00
C TRP HG 1015 -75.42 18.43 -13.31
N SER HG 1016 -75.13 19.59 -13.90
CA SER HG 1016 -74.34 19.64 -15.12
C SER HG 1016 -72.91 19.21 -14.88
N GLN HG 1017 -72.30 19.72 -13.80
CA GLN HG 1017 -70.93 19.32 -13.54
C GLN HG 1017 -70.86 17.87 -13.06
N GLN HG 1018 -71.90 17.37 -12.40
CA GLN HG 1018 -71.90 15.95 -12.04
C GLN HG 1018 -72.08 15.08 -13.26
N ALA HG 1019 -72.86 15.53 -14.24
CA ALA HG 1019 -72.97 14.80 -15.50
C ALA HG 1019 -71.64 14.79 -16.24
N GLN HG 1020 -70.92 15.91 -16.20
CA GLN HG 1020 -69.58 15.96 -16.77
C GLN HG 1020 -68.63 15.05 -16.02
N GLN HG 1021 -68.88 14.86 -14.72
CA GLN HG 1021 -68.07 13.94 -13.93
C GLN HG 1021 -68.29 12.49 -14.34
N LEU HG 1022 -69.54 12.07 -14.44
CA LEU HG 1022 -69.85 10.66 -14.67
C LEU HG 1022 -70.13 10.32 -16.12
N PHE HG 1023 -69.82 11.24 -17.05
CA PHE HG 1023 -70.17 11.01 -18.45
C PHE HG 1023 -69.34 9.90 -19.09
N ASN HG 1024 -68.18 9.58 -18.54
CA ASN HG 1024 -67.27 8.67 -19.22
C ASN HG 1024 -67.30 7.23 -18.68
N THR HG 1025 -68.40 6.77 -18.10
CA THR HG 1025 -68.46 5.39 -17.65
C THR HG 1025 -68.66 4.46 -18.84
N PRO HG 1026 -67.81 3.45 -19.02
CA PRO HG 1026 -67.86 2.61 -20.23
C PRO HG 1026 -69.07 1.67 -20.20
N THR HG 1027 -69.44 1.21 -21.39
CA THR HG 1027 -70.56 0.30 -21.59
C THR HG 1027 -70.09 -1.12 -21.37
N THR HG 1028 -70.88 -1.90 -20.64
CA THR HG 1028 -70.50 -3.25 -20.27
C THR HG 1028 -70.96 -4.25 -21.34
N VAL HG 1029 -70.49 -5.50 -21.20
CA VAL HG 1029 -71.04 -6.65 -21.88
C VAL HG 1029 -71.17 -7.76 -20.84
N GLU HG 1030 -72.00 -8.76 -21.16
CA GLU HG 1030 -72.31 -9.79 -20.18
C GLU HG 1030 -72.58 -11.12 -20.85
N VAL HG 1031 -71.75 -12.14 -20.55
CA VAL HG 1031 -71.99 -13.46 -21.10
C VAL HG 1031 -73.17 -14.11 -20.38
N TYR HG 1032 -73.71 -15.17 -20.98
CA TYR HG 1032 -74.90 -15.81 -20.43
C TYR HG 1032 -74.57 -17.16 -19.82
N SER HG 1033 -75.59 -17.78 -19.22
CA SER HG 1033 -75.39 -18.96 -18.37
C SER HG 1033 -75.66 -20.28 -19.07
N GLY HG 1034 -76.06 -20.27 -20.34
CA GLY HG 1034 -76.36 -21.52 -21.00
C GLY HG 1034 -75.95 -21.54 -22.47
N THR HG 1035 -74.96 -20.73 -22.83
CA THR HG 1035 -74.54 -20.59 -24.21
C THR HG 1035 -73.30 -21.42 -24.45
N GLY HG 1036 -73.35 -22.29 -25.46
CA GLY HG 1036 -72.23 -23.14 -25.77
C GLY HG 1036 -71.11 -22.37 -26.45
N LEU HG 1037 -69.98 -23.05 -26.61
CA LEU HG 1037 -68.80 -22.38 -27.15
C LEU HG 1037 -67.88 -23.38 -27.82
N GLY HG 1038 -67.06 -22.85 -28.73
CA GLY HG 1038 -65.96 -23.59 -29.32
C GLY HG 1038 -64.63 -23.00 -28.89
N ILE HG 1039 -63.60 -23.85 -28.90
CA ILE HG 1039 -62.30 -23.52 -28.33
C ILE HG 1039 -61.24 -23.80 -29.39
N LEU HG 1040 -60.40 -22.81 -29.66
CA LEU HG 1040 -59.24 -22.97 -30.53
C LEU HG 1040 -57.96 -22.85 -29.72
N PHE HG 1041 -57.03 -23.76 -29.97
CA PHE HG 1041 -55.86 -23.90 -29.11
C PHE HG 1041 -54.67 -23.10 -29.64
N THR HG 1042 -53.65 -22.99 -28.80
CA THR HG 1042 -52.51 -22.13 -29.08
C THR HG 1042 -51.19 -22.88 -29.15
N GLN HG 1043 -50.90 -23.76 -28.20
CA GLN HG 1043 -49.68 -24.56 -28.23
C GLN HG 1043 -50.00 -26.00 -27.88
N ASP HG 1044 -48.95 -26.83 -27.80
CA ASP HG 1044 -49.10 -28.26 -27.61
C ASP HG 1044 -48.93 -28.65 -26.14
N VAL HG 1045 -49.50 -29.80 -25.78
CA VAL HG 1045 -49.33 -30.41 -24.47
C VAL HG 1045 -48.92 -31.87 -24.66
N THR HG 1046 -48.56 -32.53 -23.57
CA THR HG 1046 -48.16 -33.93 -23.60
C THR HG 1046 -49.01 -34.78 -22.67
N ILE IG 862 -58.25 -35.98 -1.32
CA ILE IG 862 -58.05 -35.75 -2.75
C ILE IG 862 -59.36 -35.27 -3.37
N ILE IG 863 -59.32 -34.05 -3.92
CA ILE IG 863 -60.46 -33.45 -4.59
C ILE IG 863 -59.98 -32.96 -5.96
N LYS IG 864 -60.72 -33.34 -7.00
CA LYS IG 864 -60.40 -32.93 -8.36
C LYS IG 864 -60.55 -31.41 -8.52
N THR IG 865 -59.77 -30.86 -9.44
CA THR IG 865 -59.72 -29.42 -9.65
C THR IG 865 -61.05 -28.91 -10.21
N GLY IG 866 -61.57 -27.84 -9.61
CA GLY IG 866 -62.71 -27.15 -10.15
C GLY IG 866 -64.01 -27.93 -10.16
N ASP IG 867 -64.32 -28.63 -9.07
CA ASP IG 867 -65.60 -29.30 -8.95
C ASP IG 867 -66.57 -28.37 -8.23
N ILE IG 868 -67.84 -28.75 -8.25
CA ILE IG 868 -68.94 -27.93 -7.74
C ILE IG 868 -69.58 -28.65 -6.58
N MET IG 869 -69.71 -27.95 -5.45
CA MET IG 869 -70.42 -28.44 -4.28
C MET IG 869 -71.42 -27.39 -3.84
N PHE IG 870 -72.11 -27.67 -2.74
CA PHE IG 870 -73.08 -26.73 -2.19
C PHE IG 870 -72.76 -26.42 -0.74
N ALA IG 871 -73.07 -25.20 -0.35
CA ALA IG 871 -72.93 -24.79 1.04
C ALA IG 871 -74.13 -23.92 1.38
N VAL IG 872 -74.23 -23.57 2.66
CA VAL IG 872 -75.29 -22.69 3.14
C VAL IG 872 -74.64 -21.51 3.85
N LEU IG 873 -75.01 -20.30 3.45
CA LEU IG 873 -74.49 -19.09 4.06
C LEU IG 873 -75.47 -18.56 5.09
N ASP IG 874 -74.97 -18.37 6.30
CA ASP IG 874 -75.82 -17.99 7.42
C ASP IG 874 -75.46 -16.59 7.92
N THR IG 875 -74.19 -16.24 7.85
CA THR IG 875 -73.69 -15.04 8.49
C THR IG 875 -73.78 -13.87 7.52
N SER IG 876 -74.83 -13.06 7.66
CA SER IG 876 -75.03 -11.93 6.77
C SER IG 876 -74.13 -10.79 7.18
N VAL IG 877 -73.49 -10.16 6.18
CA VAL IG 877 -72.56 -9.07 6.43
C VAL IG 877 -72.72 -8.04 5.33
N ASN IG 878 -72.31 -6.82 5.62
CA ASN IG 878 -72.40 -5.69 4.71
C ASN IG 878 -71.04 -5.48 4.03
N SER IG 879 -71.09 -4.88 2.85
CA SER IG 879 -69.88 -4.63 2.09
C SER IG 879 -69.32 -3.25 2.39
N ASP IG 880 -69.18 -2.94 3.64
CA ASP IG 880 -68.56 -1.67 3.99
C ASP IG 880 -67.54 -1.82 5.10
N GLU IG 881 -67.83 -2.66 6.10
CA GLU IG 881 -66.91 -2.91 7.19
C GLU IG 881 -66.57 -4.39 7.16
N PRO IG 882 -65.41 -4.77 6.65
CA PRO IG 882 -65.15 -6.18 6.33
C PRO IG 882 -64.93 -7.04 7.56
N GLY IG 883 -65.09 -8.34 7.37
CA GLY IG 883 -64.91 -9.29 8.44
C GLY IG 883 -64.92 -10.73 7.97
N PRO IG 884 -64.63 -11.65 8.88
CA PRO IG 884 -64.77 -13.07 8.56
C PRO IG 884 -66.21 -13.49 8.35
N ILE IG 885 -66.43 -14.41 7.40
CA ILE IG 885 -67.73 -15.00 7.12
C ILE IG 885 -67.56 -16.51 7.00
N LEU IG 886 -68.53 -17.26 7.53
CA LEU IG 886 -68.45 -18.71 7.53
C LEU IG 886 -69.64 -19.31 6.77
N ALA IG 887 -69.41 -20.45 6.14
CA ALA IG 887 -70.43 -21.29 5.53
C ALA IG 887 -70.15 -22.76 5.88
N THR IG 888 -71.15 -23.60 5.60
CA THR IG 888 -71.09 -25.01 5.98
C THR IG 888 -71.63 -25.87 4.84
N ILE IG 889 -70.89 -26.92 4.50
CA ILE IG 889 -71.33 -27.85 3.47
C ILE IG 889 -72.45 -28.75 4.02
N VAL IG 890 -73.47 -28.99 3.22
CA VAL IG 890 -74.60 -29.81 3.65
C VAL IG 890 -74.71 -31.13 2.92
N THR IG 891 -73.87 -31.39 1.92
CA THR IG 891 -73.90 -32.68 1.22
C THR IG 891 -72.51 -33.07 0.75
N GLY IG 892 -72.44 -34.01 -0.20
CA GLY IG 892 -71.16 -34.35 -0.80
C GLY IG 892 -70.36 -35.30 0.07
N LYS IG 893 -69.12 -35.54 -0.35
CA LYS IG 893 -68.24 -36.40 0.42
C LYS IG 893 -67.82 -35.74 1.73
N LEU IG 894 -67.48 -34.47 1.68
CA LEU IG 894 -67.24 -33.72 2.91
C LEU IG 894 -68.56 -33.12 3.37
N LYS IG 895 -69.07 -33.64 4.48
CA LYS IG 895 -70.38 -33.26 4.99
C LYS IG 895 -70.18 -32.52 6.29
N GLY IG 896 -70.81 -31.35 6.42
CA GLY IG 896 -70.67 -30.56 7.62
C GLY IG 896 -69.35 -29.85 7.75
N SER IG 897 -68.57 -29.78 6.68
CA SER IG 897 -67.30 -29.08 6.72
C SER IG 897 -67.53 -27.58 6.77
N LYS IG 898 -66.62 -26.87 7.44
CA LYS IG 898 -66.80 -25.45 7.68
C LYS IG 898 -65.79 -24.65 6.87
N LEU IG 899 -66.17 -23.41 6.53
CA LEU IG 899 -65.39 -22.61 5.60
C LEU IG 899 -65.45 -21.15 6.02
N ILE IG 900 -64.28 -20.54 6.26
CA ILE IG 900 -64.15 -19.15 6.66
C ILE IG 900 -63.45 -18.38 5.55
N GLY IG 901 -63.92 -17.15 5.30
CA GLY IG 901 -63.24 -16.23 4.41
C GLY IG 901 -63.72 -14.80 4.59
N SER IG 902 -63.69 -14.02 3.52
CA SER IG 902 -64.06 -12.61 3.58
C SER IG 902 -64.68 -12.24 2.23
N PHE IG 903 -64.75 -10.94 1.95
CA PHE IG 903 -65.18 -10.50 0.63
C PHE IG 903 -64.14 -9.60 0.01
N ASN IG 904 -64.49 -9.04 -1.14
CA ASN IG 904 -63.75 -7.97 -1.77
C ASN IG 904 -64.75 -6.90 -2.18
N LEU IG 905 -64.24 -5.72 -2.47
CA LEU IG 905 -65.13 -4.70 -2.96
C LEU IG 905 -64.98 -4.55 -4.47
N PRO IG 906 -66.08 -4.63 -5.21
CA PRO IG 906 -66.04 -4.34 -6.64
C PRO IG 906 -65.86 -2.85 -6.90
N SER IG 907 -65.54 -2.54 -8.15
CA SER IG 907 -65.38 -1.15 -8.55
C SER IG 907 -66.70 -0.39 -8.55
N ASN IG 908 -67.76 -1.01 -9.05
CA ASN IG 908 -69.10 -0.45 -9.03
C ASN IG 908 -70.02 -1.42 -8.31
N ALA IG 909 -71.22 -0.97 -7.95
CA ALA IG 909 -72.09 -1.70 -7.04
C ALA IG 909 -72.97 -2.72 -7.74
N ASP IG 910 -72.56 -3.23 -8.89
CA ASP IG 910 -73.42 -4.09 -9.70
C ASP IG 910 -73.34 -5.57 -9.33
N LYS IG 911 -72.34 -5.97 -8.54
CA LYS IG 911 -72.18 -7.39 -8.22
C LYS IG 911 -71.38 -7.51 -6.93
N MET IG 912 -71.13 -8.76 -6.53
CA MET IG 912 -70.35 -9.04 -5.35
C MET IG 912 -69.83 -10.47 -5.40
N VAL IG 913 -68.52 -10.64 -5.20
CA VAL IG 913 -67.93 -11.97 -5.13
C VAL IG 913 -67.27 -12.13 -3.76
N ILE IG 914 -67.16 -13.38 -3.33
CA ILE IG 914 -66.83 -13.73 -1.95
C ILE IG 914 -65.59 -14.60 -1.95
N THR IG 915 -64.59 -14.21 -1.17
CA THR IG 915 -63.33 -14.94 -1.09
C THR IG 915 -63.36 -15.88 0.11
N PHE IG 916 -63.18 -17.18 -0.15
CA PHE IG 916 -63.15 -18.19 0.91
C PHE IG 916 -61.83 -18.93 0.81
N ASN IG 917 -61.09 -19.01 1.92
CA ASN IG 917 -59.82 -19.71 1.84
C ASN IG 917 -59.56 -20.68 2.99
N THR IG 918 -60.24 -20.53 4.12
CA THR IG 918 -59.93 -21.36 5.30
C THR IG 918 -60.95 -22.47 5.43
N MET IG 919 -60.55 -23.70 5.06
CA MET IG 919 -61.45 -24.84 5.06
C MET IG 919 -61.06 -25.78 6.21
N SER IG 920 -62.07 -26.32 6.89
CA SER IG 920 -61.85 -27.36 7.88
C SER IG 920 -62.86 -28.48 7.72
N ILE IG 921 -62.41 -29.70 7.94
CA ILE IG 921 -63.21 -30.92 7.87
C ILE IG 921 -63.38 -31.42 9.29
N PRO IG 922 -64.58 -31.88 9.69
CA PRO IG 922 -64.74 -32.45 11.03
C PRO IG 922 -63.97 -33.74 11.25
N GLY IG 923 -63.92 -34.20 12.49
CA GLY IG 923 -63.15 -35.38 12.85
C GLY IG 923 -61.75 -35.11 13.37
N ALA IG 924 -60.84 -34.66 12.50
CA ALA IG 924 -59.45 -34.52 12.87
C ALA IG 924 -59.10 -33.05 13.14
N GLU IG 925 -58.00 -32.86 13.85
CA GLU IG 925 -57.54 -31.53 14.26
C GLU IG 925 -56.65 -30.94 13.17
N LYS IG 926 -57.26 -30.67 12.01
CA LYS IG 926 -56.54 -30.19 10.85
C LYS IG 926 -57.28 -29.02 10.24
N THR IG 927 -56.53 -28.15 9.55
CA THR IG 927 -57.10 -26.94 8.96
C THR IG 927 -56.39 -26.69 7.65
N ILE IG 928 -57.03 -27.08 6.54
CA ILE IG 928 -56.44 -26.92 5.21
C ILE IG 928 -56.73 -25.52 4.67
N SER IG 929 -56.07 -25.17 3.56
CA SER IG 929 -56.11 -23.79 3.06
C SER IG 929 -56.45 -23.69 1.58
N ILE IG 930 -57.52 -24.35 1.15
CA ILE IG 930 -57.98 -24.21 -0.24
C ILE IG 930 -58.69 -22.88 -0.37
N SER IG 931 -58.23 -22.05 -1.30
CA SER IG 931 -58.85 -20.76 -1.59
C SER IG 931 -59.71 -20.90 -2.84
N ALA IG 932 -61.00 -20.66 -2.69
CA ALA IG 932 -61.93 -20.91 -3.77
C ALA IG 932 -63.01 -19.83 -3.75
N TYR IG 933 -63.84 -19.83 -4.78
CA TYR IG 933 -64.90 -18.85 -4.96
C TYR IG 933 -66.26 -19.54 -4.99
N ALA IG 934 -67.30 -18.76 -5.21
CA ALA IG 934 -68.66 -19.23 -5.09
C ALA IG 934 -69.54 -18.68 -6.21
N ILE IG 935 -70.64 -19.40 -6.47
CA ILE IG 935 -71.59 -19.03 -7.51
C ILE IG 935 -73.01 -19.17 -6.95
N ASP IG 936 -73.93 -18.42 -7.53
CA ASP IG 936 -75.33 -18.49 -7.14
C ASP IG 936 -76.00 -19.67 -7.81
N PRO IG 937 -76.52 -20.63 -7.05
CA PRO IG 937 -77.37 -21.67 -7.65
C PRO IG 937 -78.69 -21.06 -8.09
N ASN IG 938 -79.25 -21.67 -9.14
CA ASN IG 938 -80.50 -21.31 -9.81
C ASN IG 938 -80.51 -19.90 -10.37
N THR IG 939 -79.37 -19.24 -10.50
CA THR IG 939 -79.25 -18.02 -11.30
C THR IG 939 -78.02 -18.12 -12.19
N ALA IG 940 -77.00 -18.85 -11.69
CA ALA IG 940 -75.73 -19.11 -12.36
C ALA IG 940 -75.00 -17.84 -12.76
N ARG IG 941 -75.05 -16.85 -11.86
CA ARG IG 941 -74.28 -15.63 -12.01
C ARG IG 941 -73.54 -15.38 -10.71
N THR IG 942 -72.49 -14.55 -10.77
CA THR IG 942 -71.67 -14.31 -9.60
C THR IG 942 -71.96 -12.96 -8.95
N ALA IG 943 -73.14 -12.39 -9.15
CA ALA IG 943 -73.50 -11.16 -8.45
C ALA IG 943 -74.06 -11.46 -7.07
N LEU IG 944 -74.78 -10.48 -6.51
CA LEU IG 944 -75.42 -10.65 -5.21
C LEU IG 944 -76.90 -10.38 -5.28
N ALA IG 945 -77.69 -11.19 -4.57
CA ALA IG 945 -79.13 -11.01 -4.46
C ALA IG 945 -79.43 -10.07 -3.29
N SER IG 946 -79.36 -8.78 -3.59
CA SER IG 946 -79.65 -7.74 -2.61
C SER IG 946 -80.18 -6.52 -3.34
N ARG IG 947 -80.22 -5.40 -2.64
CA ARG IG 947 -80.64 -4.13 -3.22
C ARG IG 947 -79.46 -3.17 -3.26
N THR IG 948 -79.39 -2.38 -4.32
CA THR IG 948 -78.25 -1.49 -4.54
C THR IG 948 -78.65 -0.02 -4.65
N ASN IG 949 -79.93 0.31 -4.52
CA ASN IG 949 -80.45 1.63 -4.83
C ASN IG 949 -80.62 2.48 -3.58
N HIS IG 950 -79.71 2.35 -2.63
CA HIS IG 950 -79.92 2.93 -1.30
C HIS IG 950 -79.54 4.39 -1.25
N HIS IG 951 -78.48 4.77 -1.95
CA HIS IG 951 -77.85 6.06 -1.75
C HIS IG 951 -77.68 6.78 -3.06
N TYR IG 952 -78.75 6.85 -3.83
CA TYR IG 952 -78.87 7.79 -4.93
C TYR IG 952 -79.86 8.90 -4.60
N LEU IG 953 -81.04 8.52 -4.13
CA LEU IG 953 -82.14 9.44 -3.98
C LEU IG 953 -81.91 10.43 -2.85
N MET IG 954 -81.24 10.00 -1.79
CA MET IG 954 -80.97 10.89 -0.65
C MET IG 954 -80.05 12.04 -1.05
N ARG IG 955 -78.94 11.72 -1.70
CA ARG IG 955 -78.00 12.76 -2.10
C ARG IG 955 -78.56 13.60 -3.23
N TYR IG 956 -79.34 12.99 -4.13
CA TYR IG 956 -79.99 13.76 -5.18
C TYR IG 956 -80.97 14.78 -4.61
N GLY IG 957 -81.78 14.35 -3.63
CA GLY IG 957 -82.72 15.27 -3.02
C GLY IG 957 -82.06 16.38 -2.22
N SER IG 958 -80.96 16.05 -1.54
CA SER IG 958 -80.21 17.08 -0.81
C SER IG 958 -79.63 18.13 -1.76
N LEU IG 959 -79.04 17.68 -2.88
CA LEU IG 959 -78.48 18.59 -3.87
C LEU IG 959 -79.54 19.49 -4.46
N PHE IG 960 -80.68 18.89 -4.86
CA PHE IG 960 -81.74 19.67 -5.49
C PHE IG 960 -82.38 20.64 -4.52
N ALA IG 961 -82.53 20.25 -3.24
CA ALA IG 961 -83.06 21.16 -2.24
C ALA IG 961 -82.15 22.36 -2.02
N SER IG 962 -80.85 22.11 -1.84
CA SER IG 962 -79.92 23.20 -1.59
C SER IG 962 -79.82 24.16 -2.78
N SER IG 963 -79.77 23.60 -3.99
CA SER IG 963 -79.70 24.43 -5.18
C SER IG 963 -80.96 25.27 -5.36
N PHE IG 964 -82.14 24.65 -5.19
CA PHE IG 964 -83.39 25.38 -5.30
C PHE IG 964 -83.48 26.50 -4.27
N LEU IG 965 -82.90 26.28 -3.08
CA LEU IG 965 -82.89 27.32 -2.05
C LEU IG 965 -82.02 28.49 -2.47
N GLN IG 966 -80.83 28.20 -3.01
CA GLN IG 966 -79.93 29.23 -3.52
C GLN IG 966 -80.62 30.08 -4.57
N GLY IG 967 -81.27 29.42 -5.54
CA GLY IG 967 -81.96 30.12 -6.60
C GLY IG 967 -83.11 30.96 -6.08
N PHE IG 968 -83.79 30.47 -5.04
CA PHE IG 968 -84.94 31.19 -4.52
C PHE IG 968 -84.54 32.50 -3.89
N GLY IG 969 -83.50 32.43 -3.05
CA GLY IG 969 -83.02 33.65 -2.42
C GLY IG 969 -82.52 34.67 -3.42
N ASN IG 970 -81.65 34.23 -4.36
CA ASN IG 970 -81.06 35.22 -5.24
C ASN IG 970 -82.06 35.80 -6.24
N ALA IG 971 -82.93 34.97 -6.83
CA ALA IG 971 -83.81 35.51 -7.85
C ALA IG 971 -84.96 36.30 -7.26
N PHE IG 972 -85.54 35.86 -6.14
CA PHE IG 972 -86.60 36.68 -5.59
C PHE IG 972 -86.08 37.90 -4.86
N GLN IG 973 -84.80 37.95 -4.52
CA GLN IG 973 -84.24 39.24 -4.15
C GLN IG 973 -83.96 40.10 -5.37
N SER IG 974 -83.57 39.47 -6.49
CA SER IG 974 -83.16 40.23 -7.67
C SER IG 974 -84.34 40.91 -8.33
N ALA IG 975 -85.47 40.23 -8.44
CA ALA IG 975 -86.60 40.77 -9.16
C ALA IG 975 -87.50 41.64 -8.29
N ASN IG 976 -86.97 42.19 -7.19
CA ASN IG 976 -87.76 43.07 -6.34
C ASN IG 976 -88.03 44.40 -7.02
N THR IG 977 -87.16 44.82 -7.94
CA THR IG 977 -87.43 46.04 -8.69
C THR IG 977 -88.50 45.82 -9.76
N THR IG 978 -88.44 44.71 -10.49
CA THR IG 978 -89.31 44.50 -11.64
C THR IG 978 -90.71 44.03 -11.22
N SER IG 999 -93.08 41.47 3.46
CA SER IG 999 -92.01 41.17 4.39
C SER IG 999 -91.69 39.68 4.40
N THR IG 1000 -92.74 38.86 4.47
CA THR IG 1000 -92.55 37.42 4.64
C THR IG 1000 -91.97 36.76 3.40
N LEU IG 1001 -92.27 37.29 2.22
CA LEU IG 1001 -91.61 36.81 1.01
C LEU IG 1001 -90.12 37.13 1.04
N GLU IG 1002 -89.78 38.30 1.60
CA GLU IG 1002 -88.38 38.63 1.82
C GLU IG 1002 -87.76 37.72 2.86
N ASN IG 1003 -88.56 37.24 3.81
CA ASN IG 1003 -88.06 36.27 4.78
C ASN IG 1003 -87.81 34.91 4.13
N ALA IG 1004 -88.63 34.54 3.14
CA ALA IG 1004 -88.36 33.35 2.35
C ALA IG 1004 -87.06 33.49 1.56
N VAL IG 1005 -86.85 34.68 0.99
CA VAL IG 1005 -85.58 35.02 0.34
C VAL IG 1005 -84.42 34.84 1.31
N ILE IG 1006 -84.59 35.36 2.53
CA ILE IG 1006 -83.59 35.28 3.60
C ILE IG 1006 -83.20 33.83 3.85
N GLY IG 1007 -84.22 32.98 4.06
CA GLY IG 1007 -83.99 31.66 4.57
C GLY IG 1007 -83.32 30.82 3.51
N LEU IG 1008 -83.90 30.81 2.31
CA LEU IG 1008 -83.41 29.91 1.29
C LEU IG 1008 -82.09 30.44 0.71
N ALA IG 1009 -81.94 31.78 0.69
CA ALA IG 1009 -80.74 32.46 0.24
C ALA IG 1009 -79.52 32.04 1.00
N THR IG 1010 -79.57 32.06 2.33
CA THR IG 1010 -78.31 31.74 2.97
C THR IG 1010 -78.22 30.33 3.51
N VAL IG 1011 -79.32 29.58 3.64
CA VAL IG 1011 -79.13 28.17 3.92
C VAL IG 1011 -78.82 27.38 2.67
N GLY IG 1012 -78.95 27.97 1.48
CA GLY IG 1012 -78.63 27.24 0.28
C GLY IG 1012 -77.15 26.92 0.12
N LYS IG 1013 -76.29 27.90 0.40
CA LYS IG 1013 -74.90 27.83 -0.06
C LYS IG 1013 -74.09 26.79 0.71
N ALA IG 1014 -74.12 26.85 2.04
CA ALA IG 1014 -73.35 25.92 2.85
C ALA IG 1014 -73.86 24.51 2.70
N TRP IG 1015 -75.18 24.35 2.62
CA TRP IG 1015 -75.78 23.05 2.36
C TRP IG 1015 -75.38 22.53 0.99
N SER IG 1016 -75.25 23.43 0.01
CA SER IG 1016 -74.85 23.02 -1.33
C SER IG 1016 -73.42 22.50 -1.35
N GLN IG 1017 -72.51 23.22 -0.71
CA GLN IG 1017 -71.13 22.74 -0.71
C GLN IG 1017 -70.96 21.48 0.15
N GLN IG 1018 -71.75 21.35 1.22
CA GLN IG 1018 -71.70 20.13 2.01
C GLN IG 1018 -72.25 18.93 1.24
N ALA IG 1019 -73.33 19.14 0.48
CA ALA IG 1019 -73.89 18.05 -0.32
C ALA IG 1019 -72.96 17.69 -1.47
N GLN IG 1020 -72.27 18.68 -2.03
CA GLN IG 1020 -71.26 18.39 -3.05
C GLN IG 1020 -70.08 17.65 -2.46
N GLN IG 1021 -69.80 17.89 -1.17
CA GLN IG 1021 -68.79 17.10 -0.49
C GLN IG 1021 -69.24 15.65 -0.32
N LEU IG 1022 -70.48 15.44 0.14
CA LEU IG 1022 -70.91 14.11 0.55
C LEU IG 1022 -71.52 13.31 -0.58
N PHE IG 1023 -71.60 13.87 -1.79
CA PHE IG 1023 -72.30 13.20 -2.89
C PHE IG 1023 -71.61 11.94 -3.36
N ASN IG 1024 -70.31 11.85 -3.17
CA ASN IG 1024 -69.52 10.76 -3.73
C ASN IG 1024 -69.50 9.50 -2.88
N THR IG 1025 -70.38 9.38 -1.90
CA THR IG 1025 -70.39 8.17 -1.07
C THR IG 1025 -71.09 7.03 -1.81
N PRO IG 1026 -70.45 5.88 -1.98
CA PRO IG 1026 -71.01 4.81 -2.82
C PRO IG 1026 -72.15 4.08 -2.11
N THR IG 1027 -72.92 3.36 -2.92
CA THR IG 1027 -73.98 2.48 -2.42
C THR IG 1027 -73.36 1.19 -1.94
N THR IG 1028 -73.88 0.65 -0.85
CA THR IG 1028 -73.41 -0.62 -0.33
C THR IG 1028 -74.33 -1.75 -0.76
N VAL IG 1029 -73.75 -2.93 -0.95
CA VAL IG 1029 -74.50 -4.16 -1.14
C VAL IG 1029 -74.32 -4.97 0.13
N GLU IG 1030 -75.19 -5.96 0.32
CA GLU IG 1030 -75.19 -6.69 1.58
C GLU IG 1030 -75.66 -8.11 1.37
N VAL IG 1031 -74.85 -9.08 1.80
CA VAL IG 1031 -75.24 -10.46 1.62
C VAL IG 1031 -76.30 -10.84 2.65
N TYR IG 1032 -76.99 -11.94 2.38
CA TYR IG 1032 -78.14 -12.33 3.17
C TYR IG 1032 -77.81 -13.45 4.15
N SER IG 1033 -78.70 -13.63 5.12
CA SER IG 1033 -78.46 -14.55 6.21
C SER IG 1033 -79.02 -15.95 5.98
N GLY IG 1034 -79.73 -16.17 4.88
CA GLY IG 1034 -80.38 -17.46 4.74
C GLY IG 1034 -80.38 -18.05 3.35
N THR IG 1035 -79.40 -17.71 2.53
CA THR IG 1035 -79.36 -18.15 1.15
C THR IG 1035 -78.28 -19.20 0.99
N GLY IG 1036 -78.66 -20.34 0.40
CA GLY IG 1036 -77.71 -21.35 0.02
C GLY IG 1036 -76.88 -20.88 -1.15
N LEU IG 1037 -75.76 -21.56 -1.35
CA LEU IG 1037 -74.81 -21.14 -2.37
C LEU IG 1037 -74.12 -22.36 -2.97
N GLY IG 1038 -73.55 -22.15 -4.16
CA GLY IG 1038 -72.75 -23.15 -4.82
C GLY IG 1038 -71.29 -22.72 -4.88
N ILE IG 1039 -70.40 -23.70 -4.80
CA ILE IG 1039 -68.97 -23.47 -4.68
C ILE IG 1039 -68.25 -24.19 -5.81
N LEU IG 1040 -67.46 -23.45 -6.57
CA LEU IG 1040 -66.48 -24.06 -7.48
C LEU IG 1040 -65.14 -24.14 -6.77
N PHE IG 1041 -64.32 -25.10 -7.18
CA PHE IG 1041 -62.96 -25.17 -6.69
C PHE IG 1041 -62.00 -24.45 -7.62
N THR IG 1042 -60.84 -24.09 -7.08
CA THR IG 1042 -59.79 -23.45 -7.86
C THR IG 1042 -58.54 -24.29 -7.96
N GLN IG 1043 -58.01 -24.77 -6.83
CA GLN IG 1043 -56.91 -25.71 -6.83
C GLN IG 1043 -57.33 -26.95 -6.08
N ASP IG 1044 -56.41 -27.92 -6.00
CA ASP IG 1044 -56.70 -29.20 -5.40
C ASP IG 1044 -56.24 -29.24 -3.95
N VAL IG 1045 -56.59 -30.32 -3.25
CA VAL IG 1045 -56.19 -30.54 -1.87
C VAL IG 1045 -55.71 -31.98 -1.74
N THR IG 1046 -55.01 -32.24 -0.64
CA THR IG 1046 -54.45 -33.56 -0.34
C THR IG 1046 -55.55 -34.60 -0.14
N ILE JG 862 -58.06 -29.45 22.76
CA ILE JG 862 -58.14 -28.94 21.39
C ILE JG 862 -59.51 -28.35 21.13
N ILE JG 863 -59.53 -27.06 20.80
CA ILE JG 863 -60.73 -26.39 20.36
C ILE JG 863 -60.59 -26.13 18.87
N LYS JG 864 -61.56 -26.61 18.10
CA LYS JG 864 -61.42 -26.65 16.65
C LYS JG 864 -61.58 -25.26 16.04
N THR JG 865 -61.21 -25.16 14.78
CA THR JG 865 -61.29 -23.91 14.03
C THR JG 865 -62.75 -23.58 13.73
N GLY JG 866 -63.11 -22.31 13.84
CA GLY JG 866 -64.36 -21.80 13.31
C GLY JG 866 -65.63 -22.33 13.95
N ASP JG 867 -65.68 -22.38 15.26
CA ASP JG 867 -66.88 -22.80 15.98
C ASP JG 867 -67.39 -21.64 16.83
N ILE JG 868 -68.47 -21.89 17.58
CA ILE JG 868 -69.24 -20.84 18.24
C ILE JG 868 -69.18 -21.05 19.75
N MET JG 869 -68.97 -19.95 20.47
CA MET JG 869 -69.08 -19.91 21.92
C MET JG 869 -69.90 -18.66 22.29
N PHE JG 870 -70.20 -18.52 23.57
CA PHE JG 870 -71.02 -17.41 24.06
C PHE JG 870 -70.51 -16.90 25.39
N ALA JG 871 -70.81 -15.64 25.66
CA ALA JG 871 -70.40 -14.99 26.90
C ALA JG 871 -71.35 -13.83 27.16
N VAL JG 872 -70.95 -12.94 28.07
CA VAL JG 872 -71.74 -11.77 28.40
C VAL JG 872 -70.81 -10.57 28.45
N LEU JG 873 -71.17 -9.50 27.73
CA LEU JG 873 -70.51 -8.22 27.86
C LEU JG 873 -71.09 -7.50 29.08
N ASP JG 874 -70.19 -7.00 29.92
CA ASP JG 874 -70.60 -6.43 31.19
C ASP JG 874 -70.10 -5.01 31.32
N THR JG 875 -69.09 -4.65 30.54
CA THR JG 875 -68.56 -3.28 30.57
C THR JG 875 -69.38 -2.40 29.63
N SER JG 876 -69.75 -1.22 30.09
CA SER JG 876 -70.32 -0.21 29.22
C SER JG 876 -69.25 0.81 28.85
N VAL JG 877 -69.13 1.05 27.54
CA VAL JG 877 -68.14 1.99 27.01
C VAL JG 877 -68.62 2.44 25.63
N ASN JG 878 -68.22 3.65 25.25
CA ASN JG 878 -68.55 4.24 23.97
C ASN JG 878 -67.34 4.13 23.05
N SER JG 879 -67.58 4.39 21.76
CA SER JG 879 -66.49 4.58 20.81
C SER JG 879 -65.97 6.01 20.90
N ASP JG 880 -65.47 6.39 22.06
CA ASP JG 880 -64.92 7.71 22.35
C ASP JG 880 -63.52 7.63 22.93
N GLU JG 881 -63.27 6.65 23.79
CA GLU JG 881 -61.95 6.42 24.37
C GLU JG 881 -61.79 4.92 24.45
N PRO JG 882 -60.93 4.31 23.62
CA PRO JG 882 -60.64 2.90 23.77
C PRO JG 882 -59.95 2.61 25.09
N GLY JG 883 -60.24 1.44 25.64
CA GLY JG 883 -59.72 1.07 26.93
C GLY JG 883 -59.81 -0.42 27.16
N PRO JG 884 -59.30 -0.87 28.30
CA PRO JG 884 -59.41 -2.29 28.64
C PRO JG 884 -60.84 -2.68 28.93
N ILE JG 885 -61.49 -3.43 28.04
CA ILE JG 885 -62.84 -3.90 28.25
C ILE JG 885 -62.81 -5.42 28.34
N LEU JG 886 -63.54 -5.98 29.30
CA LEU JG 886 -63.47 -7.41 29.56
C LEU JG 886 -64.88 -8.02 29.54
N ALA JG 887 -64.98 -9.17 28.90
CA ALA JG 887 -66.10 -10.08 29.05
C ALA JG 887 -65.62 -11.31 29.82
N THR JG 888 -66.56 -12.16 30.19
CA THR JG 888 -66.24 -13.34 31.00
C THR JG 888 -66.85 -14.57 30.32
N ILE JG 889 -66.02 -15.57 30.08
CA ILE JG 889 -66.49 -16.82 29.51
C ILE JG 889 -67.33 -17.56 30.53
N VAL JG 890 -68.62 -17.66 30.25
CA VAL JG 890 -69.57 -18.16 31.22
C VAL JG 890 -70.10 -19.55 30.88
N THR JG 891 -70.32 -19.86 29.61
CA THR JG 891 -70.94 -21.12 29.24
C THR JG 891 -70.00 -21.86 28.30
N GLY JG 892 -70.48 -22.95 27.70
CA GLY JG 892 -69.56 -23.76 26.95
C GLY JG 892 -68.75 -24.63 27.88
N LYS JG 893 -67.44 -24.38 27.92
CA LYS JG 893 -66.60 -25.21 28.77
C LYS JG 893 -65.80 -24.39 29.78
N LEU JG 894 -65.21 -23.27 29.36
CA LEU JG 894 -64.18 -22.63 30.16
C LEU JG 894 -64.77 -21.83 31.31
N LYS JG 895 -64.37 -22.17 32.53
CA LYS JG 895 -64.99 -21.66 33.75
C LYS JG 895 -64.09 -20.60 34.37
N GLY JG 896 -64.70 -19.48 34.75
CA GLY JG 896 -63.98 -18.40 35.40
C GLY JG 896 -63.09 -17.61 34.47
N SER JG 897 -63.12 -17.90 33.18
CA SER JG 897 -62.16 -17.34 32.26
C SER JG 897 -62.54 -15.91 31.92
N LYS JG 898 -61.55 -15.03 31.92
CA LYS JG 898 -61.75 -13.63 31.61
C LYS JG 898 -61.24 -13.34 30.20
N LEU JG 899 -61.67 -12.20 29.67
CA LEU JG 899 -61.37 -11.83 28.28
C LEU JG 899 -61.21 -10.31 28.22
N ILE JG 900 -59.97 -9.85 28.25
CA ILE JG 900 -59.61 -8.45 28.11
C ILE JG 900 -59.33 -8.18 26.64
N GLY JG 901 -59.88 -7.08 26.13
CA GLY JG 901 -59.51 -6.55 24.84
C GLY JG 901 -60.05 -5.17 24.61
N SER JG 902 -60.40 -4.87 23.36
CA SER JG 902 -60.74 -3.52 22.95
C SER JG 902 -61.83 -3.61 21.90
N PHE JG 903 -62.15 -2.47 21.29
CA PHE JG 903 -63.08 -2.43 20.19
C PHE JG 903 -62.37 -1.93 18.95
N ASN JG 904 -63.14 -1.78 17.87
CA ASN JG 904 -62.61 -1.29 16.61
C ASN JG 904 -63.29 0.02 16.28
N LEU JG 905 -62.70 0.74 15.35
CA LEU JG 905 -63.36 1.90 14.80
C LEU JG 905 -63.65 1.66 13.33
N PRO JG 906 -64.91 1.52 12.96
CA PRO JG 906 -65.25 1.33 11.55
C PRO JG 906 -65.30 2.66 10.80
N SER JG 907 -65.32 2.56 9.48
CA SER JG 907 -65.45 3.74 8.64
C SER JG 907 -66.82 4.38 8.77
N ASN JG 908 -67.86 3.56 8.94
CA ASN JG 908 -69.23 4.04 9.07
C ASN JG 908 -69.84 3.45 10.33
N ALA JG 909 -70.73 4.22 10.95
CA ALA JG 909 -71.20 3.95 12.32
C ALA JG 909 -72.42 3.04 12.36
N ASP JG 910 -72.65 2.24 11.34
CA ASP JG 910 -73.78 1.33 11.33
C ASP JG 910 -73.49 0.04 12.07
N LYS JG 911 -72.26 -0.17 12.53
CA LYS JG 911 -71.89 -1.39 13.24
C LYS JG 911 -70.66 -1.11 14.09
N MET JG 912 -70.19 -2.16 14.76
CA MET JG 912 -69.02 -2.13 15.62
C MET JG 912 -68.56 -3.56 15.82
N VAL JG 913 -67.23 -3.80 15.81
CA VAL JG 913 -66.70 -5.11 16.13
C VAL JG 913 -65.80 -4.98 17.35
N ILE JG 914 -65.62 -6.10 18.04
CA ILE JG 914 -64.90 -6.14 19.30
C ILE JG 914 -63.63 -6.93 19.11
N THR JG 915 -62.51 -6.35 19.51
CA THR JG 915 -61.21 -7.01 19.49
C THR JG 915 -60.99 -7.68 20.84
N PHE JG 916 -61.20 -8.99 20.91
CA PHE JG 916 -61.02 -9.74 22.15
C PHE JG 916 -59.98 -10.82 21.94
N ASN JG 917 -58.86 -10.70 22.66
CA ASN JG 917 -57.71 -11.59 22.53
C ASN JG 917 -57.20 -12.13 23.87
N THR JG 918 -57.33 -11.36 24.95
CA THR JG 918 -56.70 -11.74 26.21
C THR JG 918 -57.64 -12.67 26.96
N MET JG 919 -57.43 -13.98 26.78
CA MET JG 919 -58.29 -15.01 27.34
C MET JG 919 -57.51 -15.76 28.41
N SER JG 920 -58.01 -15.75 29.65
CA SER JG 920 -57.32 -16.39 30.75
C SER JG 920 -58.26 -17.28 31.55
N ILE JG 921 -57.87 -18.53 31.74
CA ILE JG 921 -58.56 -19.49 32.61
C ILE JG 921 -57.86 -19.46 33.96
N PRO JG 922 -58.59 -19.29 35.07
CA PRO JG 922 -57.93 -19.12 36.38
C PRO JG 922 -57.40 -20.40 37.00
N GLY JG 923 -56.96 -20.28 38.25
CA GLY JG 923 -56.52 -21.40 39.05
C GLY JG 923 -55.03 -21.67 38.93
N ALA JG 924 -54.61 -22.22 37.80
CA ALA JG 924 -53.20 -22.43 37.52
C ALA JG 924 -52.70 -21.28 36.67
N GLU JG 925 -51.43 -20.92 36.90
CA GLU JG 925 -50.86 -19.68 36.38
C GLU JG 925 -50.64 -19.84 34.88
N LYS JG 926 -51.72 -19.64 34.12
CA LYS JG 926 -51.67 -19.71 32.66
C LYS JG 926 -52.62 -18.67 32.09
N THR JG 927 -52.33 -18.26 30.85
CA THR JG 927 -53.17 -17.31 30.12
C THR JG 927 -52.87 -17.53 28.64
N ILE JG 928 -53.86 -18.03 27.90
CA ILE JG 928 -53.68 -18.26 26.47
C ILE JG 928 -53.90 -16.96 25.71
N SER JG 929 -53.55 -16.94 24.42
CA SER JG 929 -53.58 -15.69 23.66
C SER JG 929 -54.47 -15.81 22.43
N ILE JG 930 -55.67 -16.33 22.59
CA ILE JG 930 -56.57 -16.57 21.47
C ILE JG 930 -57.37 -15.31 21.18
N SER JG 931 -57.29 -14.82 19.94
CA SER JG 931 -58.08 -13.69 19.49
C SER JG 931 -59.22 -14.20 18.61
N ALA JG 932 -60.39 -13.58 18.75
CA ALA JG 932 -61.54 -13.97 17.96
C ALA JG 932 -62.42 -12.75 17.77
N TYR JG 933 -63.44 -12.89 16.93
CA TYR JG 933 -64.32 -11.77 16.59
C TYR JG 933 -65.74 -12.02 17.08
N ALA JG 934 -66.60 -11.06 16.78
CA ALA JG 934 -67.90 -10.94 17.43
C ALA JG 934 -69.03 -11.04 16.42
N ILE JG 935 -70.08 -11.75 16.80
CA ILE JG 935 -71.32 -11.83 16.05
C ILE JG 935 -72.47 -11.56 17.01
N ASP JG 936 -73.60 -11.12 16.47
CA ASP JG 936 -74.76 -10.83 17.28
C ASP JG 936 -75.35 -12.14 17.80
N PRO JG 937 -75.47 -12.30 19.11
CA PRO JG 937 -76.29 -13.39 19.63
C PRO JG 937 -77.74 -13.17 19.22
N ASN JG 938 -78.40 -14.27 18.87
CA ASN JG 938 -79.83 -14.34 18.61
C ASN JG 938 -80.32 -13.48 17.44
N THR JG 939 -79.41 -12.87 16.65
CA THR JG 939 -79.82 -12.01 15.54
C THR JG 939 -78.99 -12.26 14.29
N ALA JG 940 -77.82 -12.89 14.48
CA ALA JG 940 -76.87 -13.25 13.43
C ALA JG 940 -76.42 -12.03 12.62
N ARG JG 941 -75.79 -11.11 13.33
CA ARG JG 941 -75.37 -9.83 12.77
C ARG JG 941 -74.00 -9.46 13.34
N THR JG 942 -73.46 -8.34 12.88
CA THR JG 942 -72.17 -7.85 13.33
C THR JG 942 -72.22 -6.42 13.87
N ALA JG 943 -73.39 -5.94 14.27
CA ALA JG 943 -73.54 -4.54 14.65
C ALA JG 943 -73.55 -4.35 16.16
N LEU JG 944 -73.89 -3.13 16.57
CA LEU JG 944 -74.06 -2.78 17.97
C LEU JG 944 -75.48 -2.29 18.23
N ALA JG 945 -76.06 -2.71 19.34
CA ALA JG 945 -77.37 -2.27 19.79
C ALA JG 945 -77.22 -0.96 20.55
N SER JG 946 -77.38 0.15 19.82
CA SER JG 946 -77.42 1.47 20.42
C SER JG 946 -78.20 2.37 19.47
N ARG JG 947 -78.21 3.66 19.78
CA ARG JG 947 -78.79 4.66 18.89
C ARG JG 947 -77.73 5.20 17.95
N THR JG 948 -78.18 5.76 16.84
CA THR JG 948 -77.26 6.22 15.81
C THR JG 948 -77.58 7.60 15.26
N ASN JG 949 -78.60 8.29 15.77
CA ASN JG 949 -78.95 9.64 15.35
C ASN JG 949 -78.40 10.68 16.32
N HIS JG 950 -77.19 10.47 16.83
CA HIS JG 950 -76.66 11.24 17.95
C HIS JG 950 -76.40 12.69 17.60
N HIS JG 951 -75.74 12.95 16.49
CA HIS JG 951 -75.34 14.30 16.13
C HIS JG 951 -75.60 14.56 14.67
N TYR JG 952 -76.83 14.32 14.23
CA TYR JG 952 -77.27 14.78 12.92
C TYR JG 952 -78.00 16.11 13.02
N LEU JG 953 -79.09 16.12 13.79
CA LEU JG 953 -79.96 17.27 13.84
C LEU JG 953 -79.33 18.43 14.60
N MET JG 954 -78.40 18.14 15.50
CA MET JG 954 -77.71 19.19 16.24
C MET JG 954 -76.89 20.08 15.31
N ARG JG 955 -76.01 19.45 14.51
CA ARG JG 955 -75.17 20.23 13.61
C ARG JG 955 -75.98 20.84 12.47
N TYR JG 956 -77.00 20.12 11.97
CA TYR JG 956 -77.84 20.68 10.91
C TYR JG 956 -78.60 21.91 11.40
N GLY JG 957 -79.15 21.85 12.61
CA GLY JG 957 -79.88 22.99 13.14
C GLY JG 957 -79.00 24.17 13.45
N SER JG 958 -77.79 23.91 13.97
CA SER JG 958 -76.84 24.99 14.21
C SER JG 958 -76.46 25.69 12.92
N LEU JG 959 -76.18 24.91 11.87
CA LEU JG 959 -75.84 25.45 10.56
C LEU JG 959 -76.97 26.30 10.00
N PHE JG 960 -78.19 25.75 10.02
CA PHE JG 960 -79.31 26.43 9.41
C PHE JG 960 -79.71 27.68 10.18
N ALA JG 961 -79.58 27.66 11.51
CA ALA JG 961 -79.87 28.85 12.30
C ALA JG 961 -78.88 29.97 12.00
N SER JG 962 -77.59 29.64 11.92
CA SER JG 962 -76.59 30.66 11.63
C SER JG 962 -76.80 31.24 10.24
N SER JG 963 -77.13 30.37 9.27
CA SER JG 963 -77.37 30.84 7.92
C SER JG 963 -78.60 31.74 7.82
N PHE JG 964 -79.70 31.33 8.47
CA PHE JG 964 -80.93 32.13 8.44
C PHE JG 964 -80.71 33.49 9.07
N LEU JG 965 -79.90 33.54 10.13
CA LEU JG 965 -79.58 34.81 10.76
C LEU JG 965 -78.79 35.71 9.82
N GLN JG 966 -77.81 35.14 9.13
CA GLN JG 966 -77.02 35.87 8.14
C GLN JG 966 -77.90 36.50 7.07
N GLY JG 967 -78.79 35.67 6.51
CA GLY JG 967 -79.68 36.15 5.46
C GLY JG 967 -80.63 37.22 5.95
N PHE JG 968 -81.08 37.09 7.21
CA PHE JG 968 -82.03 38.05 7.74
C PHE JG 968 -81.42 39.42 7.88
N GLY JG 969 -80.21 39.46 8.44
CA GLY JG 969 -79.55 40.75 8.57
C GLY JG 969 -79.23 41.40 7.25
N ASN JG 970 -78.66 40.64 6.30
CA ASN JG 970 -78.26 41.29 5.05
C ASN JG 970 -79.45 41.69 4.20
N ALA JG 971 -80.47 40.84 4.08
CA ALA JG 971 -81.58 41.19 3.20
C ALA JG 971 -82.48 42.24 3.81
N PHE JG 972 -82.69 42.22 5.12
CA PHE JG 972 -83.51 43.27 5.68
C PHE JG 972 -82.74 44.59 5.82
N GLN JG 973 -81.41 44.56 5.77
CA GLN JG 973 -80.71 45.82 5.59
C GLN JG 973 -80.79 46.31 4.15
N SER JG 974 -80.77 45.38 3.19
CA SER JG 974 -80.83 45.78 1.79
C SER JG 974 -82.21 46.32 1.41
N ALA JG 975 -83.25 45.85 2.11
CA ALA JG 975 -84.62 46.23 1.79
C ALA JG 975 -85.04 47.57 2.39
N ASN JG 976 -84.09 48.34 2.92
CA ASN JG 976 -84.43 49.63 3.51
C ASN JG 976 -84.80 50.67 2.46
N THR JG 977 -84.27 50.54 1.24
CA THR JG 977 -84.63 51.48 0.19
C THR JG 977 -86.05 51.24 -0.30
N THR JG 978 -86.42 49.97 -0.53
CA THR JG 978 -87.74 49.64 -1.03
C THR JG 978 -88.47 48.73 -0.05
N SER JG 999 -86.91 51.43 14.21
CA SER JG 999 -85.68 51.26 14.97
C SER JG 999 -85.48 49.79 15.35
N THR JG 1000 -86.52 49.20 15.93
CA THR JG 1000 -86.43 47.85 16.46
C THR JG 1000 -86.24 46.80 15.36
N LEU JG 1001 -86.85 47.03 14.20
CA LEU JG 1001 -86.61 46.13 13.08
C LEU JG 1001 -85.17 46.24 12.60
N GLU JG 1002 -84.60 47.44 12.66
CA GLU JG 1002 -83.19 47.62 12.36
C GLU JG 1002 -82.32 46.95 13.42
N ASN JG 1003 -82.81 46.87 14.65
CA ASN JG 1003 -82.11 46.11 15.67
C ASN JG 1003 -82.18 44.61 15.41
N ALA JG 1004 -83.28 44.15 14.83
CA ALA JG 1004 -83.36 42.75 14.39
C ALA JG 1004 -82.35 42.47 13.29
N VAL JG 1005 -82.21 43.43 12.35
CA VAL JG 1005 -81.19 43.38 11.31
C VAL JG 1005 -79.81 43.23 11.93
N ILE JG 1006 -79.54 44.04 12.96
CA ILE JG 1006 -78.28 44.04 13.70
C ILE JG 1006 -77.99 42.66 14.24
N GLY JG 1007 -78.96 42.08 14.95
CA GLY JG 1007 -78.69 40.92 15.75
C GLY JG 1007 -78.46 39.72 14.89
N LEU JG 1008 -79.37 39.49 13.95
CA LEU JG 1008 -79.24 38.32 13.09
C LEU JG 1008 -78.06 38.48 12.15
N ALA JG 1009 -77.82 39.72 11.69
CA ALA JG 1009 -76.71 40.04 10.79
C ALA JG 1009 -75.37 39.64 11.33
N THR JG 1010 -75.11 39.95 12.59
CA THR JG 1010 -73.73 39.73 13.00
C THR JG 1010 -73.56 38.53 13.92
N VAL JG 1011 -74.62 38.03 14.56
CA VAL JG 1011 -74.45 36.73 15.20
C VAL JG 1011 -74.60 35.58 14.22
N GLY JG 1012 -75.02 35.85 12.97
CA GLY JG 1012 -75.00 34.78 11.98
C GLY JG 1012 -73.60 34.34 11.60
N LYS JG 1013 -72.67 35.29 11.48
CA LYS JG 1013 -71.43 35.05 10.74
C LYS JG 1013 -70.45 34.19 11.53
N ALA JG 1014 -70.16 34.58 12.77
CA ALA JG 1014 -69.21 33.82 13.58
C ALA JG 1014 -69.74 32.44 13.90
N TRP JG 1015 -71.05 32.35 14.16
CA TRP JG 1015 -71.69 31.07 14.37
C TRP JG 1015 -71.65 30.21 13.11
N SER JG 1016 -71.74 30.84 11.93
CA SER JG 1016 -71.70 30.10 10.67
C SER JG 1016 -70.33 29.49 10.44
N GLN JG 1017 -69.27 30.28 10.62
CA GLN JG 1017 -67.94 29.73 10.40
C GLN JG 1017 -67.57 28.72 11.49
N GLN JG 1018 -68.08 28.90 12.70
CA GLN JG 1018 -67.84 27.91 13.74
C GLN JG 1018 -68.58 26.61 13.46
N ALA JG 1019 -69.78 26.69 12.90
CA ALA JG 1019 -70.50 25.48 12.53
C ALA JG 1019 -69.80 24.76 11.38
N GLN JG 1020 -69.26 25.52 10.43
CA GLN JG 1020 -68.47 24.91 9.36
C GLN JG 1020 -67.18 24.30 9.91
N GLN JG 1021 -66.68 24.83 11.02
CA GLN JG 1021 -65.58 24.17 11.71
C GLN JG 1021 -66.02 22.85 12.34
N LEU JG 1022 -67.15 22.85 13.03
CA LEU JG 1022 -67.50 21.73 13.90
C LEU JG 1022 -68.39 20.68 13.24
N PHE JG 1023 -68.70 20.82 11.96
CA PHE JG 1023 -69.71 19.97 11.34
C PHE JG 1023 -69.26 18.52 11.21
N ASN JG 1024 -67.96 18.28 11.14
CA ASN JG 1024 -67.42 17.00 10.73
C ASN JG 1024 -67.35 15.96 11.85
N THR JG 1025 -68.03 16.14 12.98
CA THR JG 1025 -67.93 15.17 14.07
C THR JG 1025 -68.80 13.95 13.77
N PRO JG 1026 -68.23 12.74 13.78
CA PRO JG 1026 -69.00 11.55 13.42
C PRO JG 1026 -69.89 11.08 14.57
N THR JG 1027 -70.91 10.30 14.23
CA THR JG 1027 -71.87 9.77 15.18
C THR JG 1027 -71.25 8.59 15.92
N THR JG 1028 -71.43 8.55 17.23
CA THR JG 1028 -70.86 7.50 18.05
C THR JG 1028 -71.84 6.34 18.21
N VAL JG 1029 -71.31 5.23 18.71
CA VAL JG 1029 -72.10 4.10 19.21
C VAL JG 1029 -71.49 3.66 20.53
N GLU JG 1030 -72.36 3.27 21.47
CA GLU JG 1030 -71.90 2.96 22.82
C GLU JG 1030 -72.37 1.57 23.21
N VAL JG 1031 -71.44 0.76 23.73
CA VAL JG 1031 -71.80 -0.60 24.10
C VAL JG 1031 -72.56 -0.58 25.42
N TYR JG 1032 -73.33 -1.64 25.65
CA TYR JG 1032 -74.11 -1.76 26.87
C TYR JG 1032 -73.34 -2.54 27.92
N SER JG 1033 -73.79 -2.39 29.17
CA SER JG 1033 -73.21 -3.15 30.27
C SER JG 1033 -73.96 -4.42 30.58
N GLY JG 1034 -74.98 -4.76 29.80
CA GLY JG 1034 -75.85 -5.86 30.19
C GLY JG 1034 -76.29 -6.79 29.10
N THR JG 1035 -75.47 -6.98 28.07
CA THR JG 1035 -75.83 -7.82 26.94
C THR JG 1035 -74.88 -9.00 26.85
N GLY JG 1036 -75.43 -10.17 26.54
CA GLY JG 1036 -74.63 -11.30 26.15
C GLY JG 1036 -74.14 -11.16 24.72
N LEU JG 1037 -73.18 -12.00 24.37
CA LEU JG 1037 -72.59 -11.96 23.04
C LEU JG 1037 -72.24 -13.37 22.60
N GLY JG 1038 -72.14 -13.53 21.27
CA GLY JG 1038 -71.68 -14.76 20.67
C GLY JG 1038 -70.38 -14.53 19.91
N ILE JG 1039 -69.56 -15.57 19.86
CA ILE JG 1039 -68.20 -15.47 19.34
C ILE JG 1039 -67.97 -16.63 18.38
N LEU JG 1040 -67.53 -16.31 17.17
CA LEU JG 1040 -66.95 -17.31 16.27
C LEU JG 1040 -65.44 -17.30 16.45
N PHE JG 1041 -64.81 -18.44 16.19
CA PHE JG 1041 -63.38 -18.57 16.45
C PHE JG 1041 -62.56 -18.43 15.18
N THR JG 1042 -61.31 -17.99 15.35
CA THR JG 1042 -60.45 -17.58 14.26
C THR JG 1042 -59.24 -18.48 14.07
N GLN JG 1043 -58.54 -18.84 15.14
CA GLN JG 1043 -57.41 -19.75 15.07
C GLN JG 1043 -57.56 -20.84 16.11
N ASP JG 1044 -56.68 -21.84 16.05
CA ASP JG 1044 -56.73 -23.01 16.91
C ASP JG 1044 -55.92 -22.77 18.19
N VAL JG 1045 -56.13 -23.61 19.20
CA VAL JG 1045 -55.52 -23.44 20.50
C VAL JG 1045 -55.16 -24.80 21.08
N THR JG 1046 -54.61 -24.78 22.29
CA THR JG 1046 -54.23 -25.99 23.02
C THR JG 1046 -55.45 -26.63 23.68
N ILE KG 862 -51.10 -15.64 44.43
CA ILE KG 862 -51.32 -15.33 43.03
C ILE KG 862 -52.63 -14.57 42.88
N ILE KG 863 -52.53 -13.37 42.31
CA ILE KG 863 -53.70 -12.55 42.01
C ILE KG 863 -54.06 -12.79 40.56
N LYS KG 864 -55.31 -13.19 40.34
CA LYS KG 864 -55.75 -13.62 39.02
C LYS KG 864 -55.84 -12.45 38.05
N THR KG 865 -55.63 -12.75 36.78
CA THR KG 865 -55.69 -11.75 35.72
C THR KG 865 -57.14 -11.35 35.50
N GLY KG 866 -57.41 -10.04 35.50
CA GLY KG 866 -58.73 -9.53 35.23
C GLY KG 866 -59.81 -9.89 36.24
N ASP KG 867 -59.51 -9.76 37.53
CA ASP KG 867 -60.50 -9.94 38.56
C ASP KG 867 -61.03 -8.57 38.99
N ILE KG 868 -61.95 -8.60 39.96
CA ILE KG 868 -62.67 -7.42 40.41
C ILE KG 868 -62.38 -7.19 41.89
N MET KG 869 -61.97 -5.98 42.23
CA MET KG 869 -61.80 -5.57 43.61
C MET KG 869 -62.41 -4.18 43.79
N PHE KG 870 -62.23 -3.59 44.97
CA PHE KG 870 -62.75 -2.27 45.23
C PHE KG 870 -61.76 -1.44 46.04
N ALA KG 871 -61.77 -0.14 45.78
CA ALA KG 871 -60.96 0.80 46.53
C ALA KG 871 -61.75 2.09 46.68
N VAL KG 872 -61.13 3.08 47.29
CA VAL KG 872 -61.77 4.37 47.54
C VAL KG 872 -60.86 5.47 47.02
N LEU KG 873 -61.39 6.29 46.13
CA LEU KG 873 -60.70 7.49 45.68
C LEU KG 873 -61.17 8.67 46.49
N ASP KG 874 -60.21 9.35 47.12
CA ASP KG 874 -60.56 10.44 48.02
C ASP KG 874 -59.90 11.73 47.57
N THR KG 875 -58.99 11.65 46.61
CA THR KG 875 -58.32 12.84 46.15
C THR KG 875 -59.06 13.42 44.96
N SER KG 876 -59.69 14.58 45.15
CA SER KG 876 -60.35 15.28 44.07
C SER KG 876 -59.29 15.97 43.22
N VAL KG 877 -59.40 15.78 41.91
CA VAL KG 877 -58.49 16.43 40.96
C VAL KG 877 -59.24 16.63 39.66
N ASN KG 878 -59.04 17.80 39.07
CA ASN KG 878 -59.60 18.15 37.77
C ASN KG 878 -58.85 17.40 36.68
N SER KG 879 -59.49 17.28 35.53
CA SER KG 879 -58.81 16.80 34.34
C SER KG 879 -58.07 17.96 33.68
N ASP KG 880 -57.14 18.56 34.38
CA ASP KG 880 -56.36 19.67 33.86
C ASP KG 880 -54.86 19.44 33.98
N GLU KG 881 -54.41 18.85 35.08
CA GLU KG 881 -52.99 18.66 35.34
C GLU KG 881 -52.78 17.24 35.86
N PRO KG 882 -52.12 16.38 35.08
CA PRO KG 882 -51.81 15.04 35.57
C PRO KG 882 -50.79 15.07 36.69
N GLY KG 883 -50.93 14.13 37.62
CA GLY KG 883 -50.04 14.05 38.75
C GLY KG 883 -50.37 12.86 39.62
N PRO KG 884 -49.61 12.68 40.70
CA PRO KG 884 -49.88 11.57 41.61
C PRO KG 884 -51.20 11.69 42.35
N ILE KG 885 -52.09 10.73 42.08
CA ILE KG 885 -53.36 10.56 42.78
C ILE KG 885 -53.38 9.15 43.36
N LEU KG 886 -54.25 8.90 44.34
CA LEU KG 886 -54.17 7.68 45.14
C LEU KG 886 -55.54 7.04 45.31
N ALA KG 887 -55.54 5.72 45.54
CA ALA KG 887 -56.64 4.99 46.14
C ALA KG 887 -56.05 3.87 47.00
N THR KG 888 -56.86 3.27 47.85
CA THR KG 888 -56.41 2.22 48.74
C THR KG 888 -57.42 1.09 48.72
N ILE KG 889 -56.95 -0.13 48.44
CA ILE KG 889 -57.82 -1.28 48.28
C ILE KG 889 -58.39 -1.65 49.64
N VAL KG 890 -59.73 -1.70 49.72
CA VAL KG 890 -60.41 -1.77 51.00
C VAL KG 890 -60.99 -3.15 51.31
N THR KG 891 -61.40 -3.91 50.29
CA THR KG 891 -61.98 -5.21 50.54
C THR KG 891 -61.19 -6.26 49.78
N GLY KG 892 -61.76 -7.46 49.66
CA GLY KG 892 -61.11 -8.50 48.90
C GLY KG 892 -59.89 -9.03 49.65
N LYS KG 893 -58.97 -9.62 48.89
CA LYS KG 893 -57.76 -10.12 49.51
C LYS KG 893 -56.85 -9.00 49.97
N LEU KG 894 -56.80 -7.90 49.22
CA LEU KG 894 -55.85 -6.84 49.54
C LEU KG 894 -56.50 -5.80 50.43
N LYS KG 895 -56.21 -5.88 51.71
CA LYS KG 895 -56.58 -4.87 52.70
C LYS KG 895 -55.28 -4.26 53.22
N GLY KG 896 -55.22 -2.94 53.24
CA GLY KG 896 -53.99 -2.27 53.58
C GLY KG 896 -53.06 -2.07 52.41
N SER KG 897 -53.33 -2.75 51.30
CA SER KG 897 -52.63 -2.45 50.06
C SER KG 897 -53.27 -1.24 49.41
N LYS KG 898 -52.48 -0.48 48.66
CA LYS KG 898 -52.96 0.73 48.02
C LYS KG 898 -52.31 0.89 46.65
N LEU KG 899 -52.77 1.89 45.89
CA LEU KG 899 -52.41 2.01 44.49
C LEU KG 899 -52.42 3.49 44.11
N ILE KG 900 -51.27 3.99 43.67
CA ILE KG 900 -51.10 5.37 43.24
C ILE KG 900 -50.86 5.41 41.75
N GLY KG 901 -51.05 6.60 41.18
CA GLY KG 901 -50.86 6.85 39.76
C GLY KG 901 -51.36 8.21 39.32
N SER KG 902 -52.12 8.27 38.23
CA SER KG 902 -52.53 9.53 37.63
C SER KG 902 -53.86 9.32 36.92
N PHE KG 903 -54.18 10.19 35.97
CA PHE KG 903 -55.33 10.00 35.10
C PHE KG 903 -54.92 10.11 33.65
N ASN KG 904 -55.93 10.06 32.78
CA ASN KG 904 -55.76 10.29 31.35
C ASN KG 904 -56.81 11.29 30.91
N LEU KG 905 -56.47 12.09 29.93
CA LEU KG 905 -57.44 13.00 29.35
C LEU KG 905 -58.17 12.33 28.20
N PRO KG 906 -59.46 12.59 28.04
CA PRO KG 906 -60.20 12.10 26.88
C PRO KG 906 -60.21 13.10 25.74
N SER KG 907 -60.61 12.61 24.57
CA SER KG 907 -60.76 13.50 23.42
C SER KG 907 -62.03 14.34 23.49
N ASN KG 908 -63.11 13.78 24.04
CA ASN KG 908 -64.40 14.45 24.12
C ASN KG 908 -64.80 14.63 25.58
N ALA KG 909 -66.02 15.12 25.80
CA ALA KG 909 -66.47 15.57 27.12
C ALA KG 909 -67.28 14.52 27.88
N ASP KG 910 -66.95 13.24 27.75
CA ASP KG 910 -67.84 12.18 28.19
C ASP KG 910 -67.29 11.31 29.30
N LYS KG 911 -65.98 11.20 29.46
CA LYS KG 911 -65.46 10.25 30.45
C LYS KG 911 -64.16 10.78 31.04
N MET KG 912 -63.65 10.01 32.00
CA MET KG 912 -62.32 10.19 32.55
C MET KG 912 -61.89 8.82 33.07
N VAL KG 913 -60.66 8.41 32.75
CA VAL KG 913 -60.13 7.16 33.27
C VAL KG 913 -58.90 7.49 34.11
N ILE KG 914 -58.58 6.56 35.01
CA ILE KG 914 -57.56 6.78 36.03
C ILE KG 914 -56.33 5.93 35.68
N THR KG 915 -55.22 6.60 35.44
CA THR KG 915 -53.95 5.94 35.18
C THR KG 915 -53.38 5.48 36.52
N PHE KG 916 -53.60 4.21 36.85
CA PHE KG 916 -53.13 3.66 38.12
C PHE KG 916 -52.10 2.58 37.85
N ASN KG 917 -50.90 2.73 38.40
CA ASN KG 917 -49.79 1.88 38.00
C ASN KG 917 -48.94 1.36 39.14
N THR KG 918 -48.97 2.01 40.32
CA THR KG 918 -48.04 1.59 41.37
C THR KG 918 -48.83 1.03 42.55
N MET KG 919 -48.72 -0.27 42.75
CA MET KG 919 -49.41 -0.99 43.82
C MET KG 919 -48.40 -1.29 44.93
N SER KG 920 -48.82 -1.10 46.17
CA SER KG 920 -47.98 -1.35 47.34
C SER KG 920 -48.76 -2.15 48.37
N ILE KG 921 -48.13 -3.20 48.88
CA ILE KG 921 -48.66 -4.01 49.98
C ILE KG 921 -47.68 -3.89 51.15
N PRO KG 922 -48.14 -3.57 52.36
CA PRO KG 922 -47.20 -3.25 53.44
C PRO KG 922 -46.46 -4.46 54.02
N GLY KG 923 -45.75 -4.22 55.13
CA GLY KG 923 -44.94 -5.22 55.78
C GLY KG 923 -43.47 -5.23 55.40
N ALA KG 924 -43.14 -5.65 54.18
CA ALA KG 924 -41.76 -5.73 53.76
C ALA KG 924 -41.45 -4.61 52.77
N GLU KG 925 -40.16 -4.26 52.68
CA GLU KG 925 -39.72 -3.15 51.84
C GLU KG 925 -39.68 -3.59 50.39
N LYS KG 926 -40.88 -3.71 49.80
CA LYS KG 926 -41.07 -4.21 48.45
C LYS KG 926 -42.24 -3.48 47.81
N THR KG 927 -42.27 -3.48 46.48
CA THR KG 927 -43.33 -2.79 45.73
C THR KG 927 -43.57 -3.54 44.43
N ILE KG 928 -44.81 -3.99 44.22
CA ILE KG 928 -45.19 -4.66 42.98
C ILE KG 928 -45.46 -3.61 41.91
N SER KG 929 -45.63 -4.05 40.67
CA SER KG 929 -45.71 -3.15 39.53
C SER KG 929 -46.88 -3.47 38.60
N ILE KG 930 -48.05 -3.69 39.16
CA ILE KG 930 -49.24 -3.93 38.35
C ILE KG 930 -49.88 -2.58 38.01
N SER KG 931 -50.17 -2.37 36.74
CA SER KG 931 -50.86 -1.18 36.28
C SER KG 931 -52.23 -1.56 35.74
N ALA KG 932 -53.26 -0.93 36.27
CA ALA KG 932 -54.63 -1.30 35.89
C ALA KG 932 -55.52 -0.07 35.96
N TYR KG 933 -56.71 -0.18 35.39
CA TYR KG 933 -57.63 0.93 35.23
C TYR KG 933 -58.89 0.67 36.03
N ALA KG 934 -59.91 1.50 35.80
CA ALA KG 934 -61.04 1.62 36.72
C ALA KG 934 -62.36 1.22 36.06
N ILE KG 935 -63.32 0.84 36.90
CA ILE KG 935 -64.68 0.55 36.48
C ILE KG 935 -65.65 1.21 37.43
N ASP KG 936 -66.87 1.45 36.96
CA ASP KG 936 -67.89 2.13 37.74
C ASP KG 936 -68.40 1.21 38.83
N PRO KG 937 -68.40 1.64 40.09
CA PRO KG 937 -69.03 0.86 41.14
C PRO KG 937 -70.54 0.79 40.94
N ASN KG 938 -71.04 -0.45 40.87
CA ASN KG 938 -72.44 -0.84 40.76
C ASN KG 938 -73.17 -0.24 39.56
N THR KG 939 -72.47 0.22 38.52
CA THR KG 939 -73.14 0.71 37.32
C THR KG 939 -72.52 0.10 36.08
N ALA KG 940 -71.26 -0.33 36.20
CA ALA KG 940 -70.49 -1.06 35.18
C ALA KG 940 -70.33 -0.22 33.91
N ARG KG 941 -69.70 0.93 34.08
CA ARG KG 941 -69.48 1.90 33.02
C ARG KG 941 -68.04 2.40 33.09
N THR KG 942 -67.75 3.43 32.30
CA THR KG 942 -66.41 3.96 32.20
C THR KG 942 -66.30 5.47 32.47
N ALA KG 943 -67.41 6.16 32.70
CA ALA KG 943 -67.37 7.60 32.80
C ALA KG 943 -67.14 8.07 34.23
N LEU KG 944 -67.10 9.39 34.40
CA LEU KG 944 -66.98 10.01 35.71
C LEU KG 944 -68.29 10.71 36.07
N ALA KG 945 -68.74 10.48 37.30
CA ALA KG 945 -69.94 11.13 37.83
C ALA KG 945 -69.58 12.54 38.28
N SER KG 946 -69.60 13.46 37.33
CA SER KG 946 -69.36 14.87 37.62
C SER KG 946 -70.13 15.70 36.61
N ARG KG 947 -69.90 16.99 36.64
CA ARG KG 947 -70.52 17.92 35.71
C ARG KG 947 -69.67 18.04 34.46
N THR KG 948 -70.34 18.29 33.34
CA THR KG 948 -69.64 18.51 32.07
C THR KG 948 -70.07 19.78 31.37
N ASN KG 949 -71.02 20.54 31.91
CA ASN KG 949 -71.59 21.70 31.25
C ASN KG 949 -70.92 22.99 31.70
N HIS KG 950 -69.61 22.94 31.95
CA HIS KG 950 -68.95 24.04 32.63
C HIS KG 950 -68.75 25.26 31.73
N HIS KG 951 -68.33 25.06 30.50
CA HIS KG 951 -67.84 26.16 29.70
C HIS KG 951 -68.36 26.10 28.28
N TYR KG 952 -69.68 25.94 28.14
CA TYR KG 952 -70.35 26.20 26.88
C TYR KG 952 -70.96 27.59 26.86
N LEU KG 953 -71.69 27.92 27.93
CA LEU KG 953 -72.55 29.09 27.94
C LEU KG 953 -71.74 30.38 28.01
N MET KG 954 -70.59 30.36 28.69
CA MET KG 954 -69.80 31.58 28.81
C MET KG 954 -69.22 32.01 27.47
N ARG KG 955 -68.61 31.08 26.74
CA ARG KG 955 -68.04 31.44 25.45
C ARG KG 955 -69.13 31.74 24.43
N TYR KG 956 -70.27 31.04 24.50
CA TYR KG 956 -71.36 31.35 23.59
C TYR KG 956 -71.93 32.75 23.85
N GLY KG 957 -72.12 33.10 25.12
CA GLY KG 957 -72.64 34.41 25.45
C GLY KG 957 -71.69 35.53 25.10
N SER KG 958 -70.39 35.32 25.33
CA SER KG 958 -69.39 36.32 24.96
C SER KG 958 -69.36 36.54 23.46
N LEU KG 959 -69.42 35.45 22.69
CA LEU KG 959 -69.41 35.53 21.23
C LEU KG 959 -70.64 36.28 20.72
N PHE KG 960 -71.82 35.89 21.21
CA PHE KG 960 -73.06 36.52 20.76
C PHE KG 960 -73.14 37.98 21.16
N ALA KG 961 -72.65 38.32 22.36
CA ALA KG 961 -72.69 39.70 22.81
C ALA KG 961 -71.79 40.59 21.97
N SER KG 962 -70.56 40.13 21.70
CA SER KG 962 -69.63 40.92 20.91
C SER KG 962 -70.12 41.08 19.47
N SER KG 963 -70.70 40.01 18.91
CA SER KG 963 -71.28 40.08 17.57
C SER KG 963 -72.43 41.07 17.51
N PHE KG 964 -73.34 41.01 18.49
CA PHE KG 964 -74.48 41.92 18.55
C PHE KG 964 -74.03 43.36 18.68
N LEU KG 965 -72.95 43.58 19.42
CA LEU KG 965 -72.42 44.92 19.59
C LEU KG 965 -71.87 45.47 18.28
N GLN KG 966 -71.06 44.65 17.59
CA GLN KG 966 -70.48 45.02 16.29
C GLN KG 966 -71.57 45.40 15.31
N GLY KG 967 -72.62 44.57 15.25
CA GLY KG 967 -73.72 44.84 14.34
C GLY KG 967 -74.50 46.07 14.71
N PHE KG 968 -74.64 46.34 16.02
CA PHE KG 968 -75.42 47.49 16.44
C PHE KG 968 -74.74 48.77 16.03
N GLY KG 969 -73.43 48.83 16.23
CA GLY KG 969 -72.70 50.01 15.81
C GLY KG 969 -72.73 50.23 14.31
N ASN KG 970 -72.39 49.19 13.52
CA ASN KG 970 -72.29 49.42 12.09
C ASN KG 970 -73.66 49.68 11.45
N ALA KG 971 -74.69 48.91 11.81
CA ALA KG 971 -75.96 49.10 11.12
C ALA KG 971 -76.70 50.32 11.64
N PHE KG 972 -76.59 50.65 12.92
CA PHE KG 972 -77.26 51.85 13.37
C PHE KG 972 -76.48 53.10 13.02
N GLN KG 973 -75.22 52.96 12.61
CA GLN KG 973 -74.59 54.06 11.88
C GLN KG 973 -75.04 54.09 10.44
N SER KG 974 -75.28 52.92 9.84
CA SER KG 974 -75.64 52.83 8.43
C SER KG 974 -77.02 53.42 8.14
N ALA KG 975 -77.98 53.17 9.02
CA ALA KG 975 -79.35 53.60 8.78
C ALA KG 975 -79.60 55.05 9.17
N ASN KG 976 -78.55 55.83 9.40
CA ASN KG 976 -78.72 57.22 9.81
C ASN KG 976 -79.19 58.11 8.66
N THR KG 977 -78.97 57.67 7.43
CA THR KG 977 -79.44 58.45 6.28
C THR KG 977 -80.95 58.34 6.15
N THR KG 978 -81.50 57.13 6.27
CA THR KG 978 -82.93 56.93 6.06
C THR KG 978 -83.62 56.55 7.36
N SER KG 999 -77.88 62.65 20.41
CA SER KG 999 -76.46 62.43 20.63
C SER KG 999 -76.22 61.05 21.20
N THR KG 1000 -77.01 60.73 22.24
CA THR KG 1000 -76.78 59.52 23.01
C THR KG 1000 -77.02 58.26 22.20
N LEU KG 1001 -77.92 58.32 21.21
CA LEU KG 1001 -78.09 57.20 20.30
C LEU KG 1001 -76.84 56.97 19.46
N GLU KG 1002 -76.22 58.06 19.00
CA GLU KG 1002 -74.93 57.96 18.32
C GLU KG 1002 -73.86 57.43 19.24
N ASN KG 1003 -73.96 57.76 20.53
CA ASN KG 1003 -72.99 57.24 21.50
C ASN KG 1003 -73.21 55.76 21.75
N ALA KG 1004 -74.46 55.30 21.67
CA ALA KG 1004 -74.73 53.87 21.73
C ALA KG 1004 -74.12 53.15 20.54
N VAL KG 1005 -74.27 53.75 19.35
CA VAL KG 1005 -73.62 53.28 18.13
C VAL KG 1005 -72.13 53.18 18.33
N ILE KG 1006 -71.54 54.22 18.94
CA ILE KG 1006 -70.12 54.29 19.24
C ILE KG 1006 -69.69 53.11 20.10
N GLY KG 1007 -70.44 52.88 21.19
CA GLY KG 1007 -69.96 51.97 22.20
C GLY KG 1007 -70.01 50.55 21.72
N LEU KG 1008 -71.15 50.18 21.15
CA LEU KG 1008 -71.30 48.81 20.67
C LEU KG 1008 -70.44 48.59 19.44
N ALA KG 1009 -70.30 49.63 18.60
CA ALA KG 1009 -69.46 49.62 17.40
C ALA KG 1009 -68.03 49.22 17.68
N THR KG 1010 -67.41 49.89 18.63
CA THR KG 1010 -66.00 49.62 18.76
C THR KG 1010 -65.65 48.63 19.85
N VAL KG 1011 -66.54 48.36 20.82
CA VAL KG 1011 -66.24 47.27 21.72
C VAL KG 1011 -66.70 45.93 21.18
N GLY KG 1012 -67.45 45.90 20.07
CA GLY KG 1012 -67.77 44.62 19.47
C GLY KG 1012 -66.57 43.91 18.90
N LYS KG 1013 -65.72 44.64 18.18
CA LYS KG 1013 -64.75 44.01 17.29
C LYS KG 1013 -63.63 43.31 18.04
N ALA KG 1014 -63.02 44.01 19.00
CA ALA KG 1014 -61.91 43.43 19.75
C ALA KG 1014 -62.38 42.27 20.62
N TRP KG 1015 -63.55 42.43 21.23
CA TRP KG 1015 -64.13 41.36 22.02
C TRP KG 1015 -64.49 40.16 21.15
N SER KG 1016 -64.91 40.41 19.91
CA SER KG 1016 -65.28 39.31 19.01
C SER KG 1016 -64.06 38.53 18.57
N GLN KG 1017 -62.97 39.22 18.23
CA GLN KG 1017 -61.78 38.48 17.84
C GLN KG 1017 -61.14 37.80 19.04
N GLN KG 1018 -61.27 38.37 20.24
CA GLN KG 1018 -60.83 37.65 21.43
C GLN KG 1018 -61.67 36.42 21.70
N ALA KG 1019 -62.97 36.49 21.45
CA ALA KG 1019 -63.82 35.32 21.61
C ALA KG 1019 -63.47 34.24 20.59
N GLN KG 1020 -63.14 34.64 19.37
CA GLN KG 1020 -62.69 33.67 18.39
C GLN KG 1020 -61.33 33.10 18.76
N GLN KG 1021 -60.54 33.85 19.52
CA GLN KG 1021 -59.31 33.30 20.05
C GLN KG 1021 -59.58 32.24 21.12
N LEU KG 1022 -60.43 32.54 22.09
CA LEU KG 1022 -60.54 31.69 23.27
C LEU KG 1022 -61.74 30.77 23.27
N PHE KG 1023 -62.44 30.63 22.13
CA PHE KG 1023 -63.64 29.79 22.11
C PHE KG 1023 -63.31 28.30 22.25
N ASN KG 1024 -62.12 27.89 21.84
CA ASN KG 1024 -61.79 26.49 21.67
C ASN KG 1024 -61.41 25.77 22.98
N THR KG 1025 -61.65 26.36 24.14
CA THR KG 1025 -61.28 25.71 25.39
C THR KG 1025 -62.31 24.63 25.73
N PRO KG 1026 -61.88 23.38 25.97
CA PRO KG 1026 -62.83 22.29 26.20
C PRO KG 1026 -63.43 22.35 27.60
N THR KG 1027 -64.55 21.63 27.77
CA THR KG 1027 -65.21 21.51 29.05
C THR KG 1027 -64.64 20.32 29.80
N THR KG 1028 -64.08 20.56 30.97
CA THR KG 1028 -63.34 19.54 31.68
C THR KG 1028 -64.25 18.72 32.58
N VAL KG 1029 -63.66 17.69 33.19
CA VAL KG 1029 -64.31 16.86 34.20
C VAL KG 1029 -63.41 16.85 35.43
N GLU KG 1030 -64.00 16.49 36.56
CA GLU KG 1030 -63.25 16.45 37.81
C GLU KG 1030 -63.71 15.27 38.65
N VAL KG 1031 -62.75 14.49 39.16
CA VAL KG 1031 -63.12 13.44 40.09
C VAL KG 1031 -63.44 14.05 41.45
N TYR KG 1032 -64.19 13.31 42.25
CA TYR KG 1032 -64.65 13.86 43.51
C TYR KG 1032 -63.73 13.47 44.65
N SER KG 1033 -63.90 14.16 45.76
CA SER KG 1033 -63.08 13.94 46.94
C SER KG 1033 -63.57 12.82 47.82
N GLY KG 1034 -64.68 12.16 47.46
CA GLY KG 1034 -65.18 11.10 48.30
C GLY KG 1034 -65.81 9.93 47.57
N THR KG 1035 -65.41 9.67 46.34
CA THR KG 1035 -66.08 8.67 45.52
C THR KG 1035 -65.27 7.38 45.50
N GLY KG 1036 -65.87 6.31 46.03
CA GLY KG 1036 -65.28 5.00 45.94
C GLY KG 1036 -65.47 4.41 44.55
N LEU KG 1037 -64.73 3.33 44.30
CA LEU KG 1037 -64.68 2.80 42.95
C LEU KG 1037 -64.40 1.31 42.96
N GLY KG 1038 -64.75 0.66 41.85
CA GLY KG 1038 -64.41 -0.72 41.61
C GLY KG 1038 -63.23 -0.81 40.65
N ILE KG 1039 -62.55 -1.95 40.68
CA ILE KG 1039 -61.27 -2.13 40.01
C ILE KG 1039 -61.32 -3.42 39.20
N LEU KG 1040 -61.03 -3.30 37.90
CA LEU KG 1040 -60.70 -4.44 37.05
C LEU KG 1040 -59.19 -4.62 37.05
N PHE KG 1041 -58.75 -5.85 36.86
CA PHE KG 1041 -57.31 -6.08 36.78
C PHE KG 1041 -56.85 -6.27 35.33
N THR KG 1042 -55.54 -6.11 35.13
CA THR KG 1042 -54.90 -6.20 33.82
C THR KG 1042 -53.83 -7.27 33.75
N GLN KG 1043 -52.92 -7.33 34.73
CA GLN KG 1043 -51.85 -8.32 34.78
C GLN KG 1043 -51.73 -8.86 36.20
N ASP KG 1044 -50.83 -9.85 36.37
CA ASP KG 1044 -50.68 -10.52 37.65
C ASP KG 1044 -49.35 -10.19 38.31
N VAL KG 1045 -49.26 -10.48 39.60
CA VAL KG 1045 -48.01 -10.42 40.37
C VAL KG 1045 -47.91 -11.69 41.22
N THR KG 1046 -46.88 -11.76 42.05
CA THR KG 1046 -46.69 -12.89 42.93
C THR KG 1046 -46.18 -12.45 44.30
N ILE LG 862 -38.04 2.68 56.42
CA ILE LG 862 -38.92 2.22 55.36
C ILE LG 862 -40.29 2.85 55.51
N ILE LG 863 -40.73 3.53 54.46
CA ILE LG 863 -42.03 4.19 54.43
C ILE LG 863 -42.85 3.55 53.32
N LYS LG 864 -44.11 3.24 53.62
CA LYS LG 864 -45.02 2.62 52.68
C LYS LG 864 -45.25 3.52 51.48
N THR LG 865 -45.25 2.91 50.29
CA THR LG 865 -45.29 3.65 49.04
C THR LG 865 -46.67 4.26 48.82
N GLY LG 866 -46.79 5.56 49.11
CA GLY LG 866 -48.01 6.28 48.83
C GLY LG 866 -48.87 6.59 50.04
N ASP LG 867 -48.32 6.46 51.24
CA ASP LG 867 -49.06 6.76 52.45
C ASP LG 867 -49.17 8.27 52.64
N ILE LG 868 -49.90 8.68 53.67
CA ILE LG 868 -50.20 10.09 53.92
C ILE LG 868 -49.63 10.49 55.28
N MET LG 869 -49.05 11.68 55.33
CA MET LG 869 -48.55 12.31 56.53
C MET LG 869 -49.00 13.77 56.54
N PHE LG 870 -48.50 14.54 57.49
CA PHE LG 870 -48.86 15.95 57.59
C PHE LG 870 -47.63 16.82 57.69
N ALA LG 871 -47.77 18.05 57.23
CA ALA LG 871 -46.76 19.07 57.42
C ALA LG 871 -47.46 20.42 57.49
N VAL LG 872 -46.68 21.47 57.72
CA VAL LG 872 -47.15 22.84 57.62
C VAL LG 872 -46.16 23.61 56.77
N LEU LG 873 -46.66 24.28 55.74
CA LEU LG 873 -45.82 25.14 54.93
C LEU LG 873 -45.88 26.55 55.48
N ASP LG 874 -44.79 27.28 55.31
CA ASP LG 874 -44.61 28.54 56.02
C ASP LG 874 -44.00 29.59 55.12
N THR LG 875 -43.51 29.16 53.96
CA THR LG 875 -42.88 30.07 53.02
C THR LG 875 -43.96 30.91 52.34
N SER LG 876 -43.69 32.20 52.19
CA SER LG 876 -44.59 33.07 51.43
C SER LG 876 -43.96 33.41 50.08
N VAL LG 877 -44.68 33.04 49.02
CA VAL LG 877 -44.21 33.25 47.65
C VAL LG 877 -45.41 33.24 46.72
N ASN LG 878 -45.29 34.00 45.63
CA ASN LG 878 -46.32 34.09 44.60
C ASN LG 878 -45.97 33.18 43.44
N SER LG 879 -47.00 32.71 42.73
CA SER LG 879 -46.82 31.86 41.56
C SER LG 879 -46.42 32.66 40.32
N ASP LG 880 -45.41 33.47 40.42
CA ASP LG 880 -44.80 34.18 39.31
C ASP LG 880 -43.30 33.97 39.26
N GLU LG 881 -42.64 33.85 40.41
CA GLU LG 881 -41.21 33.64 40.48
C GLU LG 881 -41.00 32.32 41.23
N PRO LG 882 -40.65 31.24 40.54
CA PRO LG 882 -40.40 29.97 41.21
C PRO LG 882 -39.22 30.05 42.16
N GLY LG 883 -39.39 29.39 43.30
CA GLY LG 883 -38.41 29.45 44.35
C GLY LG 883 -38.53 28.28 45.29
N PRO LG 884 -37.49 28.07 46.09
CA PRO LG 884 -37.52 26.95 47.04
C PRO LG 884 -38.53 27.19 48.15
N ILE LG 885 -39.37 26.19 48.40
CA ILE LG 885 -40.36 26.23 49.47
C ILE LG 885 -40.12 25.05 50.38
N LEU LG 886 -40.27 25.26 51.69
CA LEU LG 886 -40.02 24.22 52.68
C LEU LG 886 -41.25 24.02 53.56
N ALA LG 887 -41.49 22.76 53.91
CA ALA LG 887 -42.48 22.35 54.88
C ALA LG 887 -41.81 21.48 55.94
N THR LG 888 -42.54 21.23 57.02
CA THR LG 888 -41.99 20.56 58.19
C THR LG 888 -42.98 19.53 58.71
N ILE LG 889 -42.57 18.26 58.73
CA ILE LG 889 -43.42 17.19 59.23
C ILE LG 889 -43.53 17.32 60.75
N VAL LG 890 -44.75 17.21 61.26
CA VAL LG 890 -45.02 17.56 62.64
C VAL LG 890 -45.34 16.34 63.51
N THR LG 891 -45.90 15.29 62.96
CA THR LG 891 -46.35 14.18 63.78
C THR LG 891 -45.94 12.84 63.19
N GLY LG 892 -46.44 11.75 63.77
CA GLY LG 892 -46.11 10.45 63.25
C GLY LG 892 -44.68 10.07 63.58
N LYS LG 893 -44.12 9.23 62.72
CA LYS LG 893 -42.76 8.75 62.91
C LYS LG 893 -41.74 9.85 62.71
N LEU LG 894 -41.89 10.64 61.66
CA LEU LG 894 -40.94 11.71 61.39
C LEU LG 894 -41.36 12.98 62.11
N LYS LG 895 -40.52 13.43 63.04
CA LYS LG 895 -40.76 14.67 63.77
C LYS LG 895 -39.57 15.58 63.54
N GLY LG 896 -39.85 16.81 63.11
CA GLY LG 896 -38.77 17.71 62.79
C GLY LG 896 -38.10 17.46 61.46
N SER LG 897 -38.63 16.55 60.66
CA SER LG 897 -38.11 16.34 59.32
C SER LG 897 -38.55 17.48 58.42
N LYS LG 898 -37.64 17.93 57.56
CA LYS LG 898 -37.94 19.08 56.72
C LYS LG 898 -37.93 18.67 55.26
N LEU LG 899 -38.65 19.44 54.43
CA LEU LG 899 -38.89 19.02 53.05
C LEU LG 899 -38.90 20.25 52.16
N ILE LG 900 -37.93 20.30 51.24
CA ILE LG 900 -37.70 21.43 50.35
C ILE LG 900 -38.02 21.01 48.92
N GLY LG 901 -38.79 21.84 48.21
CA GLY LG 901 -39.09 21.64 46.81
C GLY LG 901 -39.57 22.91 46.14
N SER LG 902 -40.47 22.81 45.17
CA SER LG 902 -40.85 23.95 44.34
C SER LG 902 -42.31 23.79 43.94
N PHE LG 903 -42.72 24.53 42.92
CA PHE LG 903 -44.02 24.34 42.30
C PHE LG 903 -43.87 24.35 40.79
N ASN LG 904 -45.00 24.23 40.10
CA ASN LG 904 -45.06 24.45 38.66
C ASN LG 904 -46.42 25.05 38.34
N LEU LG 905 -46.50 25.68 37.17
CA LEU LG 905 -47.68 26.44 36.80
C LEU LG 905 -48.61 25.63 35.91
N PRO LG 906 -49.92 25.75 36.10
CA PRO LG 906 -50.87 25.01 35.27
C PRO LG 906 -51.33 25.81 34.05
N SER LG 907 -51.99 25.09 33.14
CA SER LG 907 -52.53 25.74 31.95
C SER LG 907 -53.72 26.62 32.27
N ASN LG 908 -54.55 26.22 33.23
CA ASN LG 908 -55.67 27.01 33.69
C ASN LG 908 -55.51 27.26 35.19
N ALA LG 909 -55.95 28.44 35.63
CA ALA LG 909 -55.55 29.00 36.92
C ALA LG 909 -56.41 28.56 38.09
N ASP LG 910 -57.08 27.42 37.98
CA ASP LG 910 -58.01 27.00 39.03
C ASP LG 910 -57.33 26.35 40.22
N LYS LG 911 -56.03 26.09 40.16
CA LYS LG 911 -55.40 25.30 41.20
C LYS LG 911 -53.92 25.61 41.27
N MET LG 912 -53.23 24.87 42.15
CA MET LG 912 -51.79 24.96 42.28
C MET LG 912 -51.29 23.65 42.86
N VAL LG 913 -50.34 23.01 42.18
CA VAL LG 913 -49.73 21.80 42.67
C VAL LG 913 -48.25 22.08 42.96
N ILE LG 914 -47.68 21.27 43.84
CA ILE LG 914 -46.43 21.58 44.52
C ILE LG 914 -45.43 20.46 44.24
N THR LG 915 -44.19 20.83 43.96
CA THR LG 915 -43.10 19.88 43.83
C THR LG 915 -42.40 19.74 45.18
N PHE LG 916 -42.23 18.51 45.65
CA PHE LG 916 -41.46 18.25 46.87
C PHE LG 916 -40.57 17.04 46.66
N ASN LG 917 -39.26 17.26 46.69
CA ASN LG 917 -38.34 16.17 46.38
C ASN LG 917 -37.18 16.04 47.36
N THR LG 918 -36.82 17.11 48.06
CA THR LG 918 -35.64 17.07 48.91
C THR LG 918 -36.09 16.89 50.37
N MET LG 919 -35.93 15.68 50.87
CA MET LG 919 -36.34 15.33 52.24
C MET LG 919 -35.10 15.22 53.11
N SER LG 920 -35.12 15.87 54.26
CA SER LG 920 -34.05 15.76 55.23
C SER LG 920 -34.63 15.28 56.56
N ILE LG 921 -34.17 14.12 57.01
CA ILE LG 921 -34.54 13.52 58.28
C ILE LG 921 -33.51 13.97 59.32
N PRO LG 922 -33.92 14.44 60.49
CA PRO LG 922 -32.94 14.87 61.50
C PRO LG 922 -32.17 13.71 62.11
N GLY LG 923 -31.28 14.04 63.04
CA GLY LG 923 -30.43 13.04 63.64
C GLY LG 923 -29.08 12.95 62.96
N ALA LG 924 -29.03 12.43 61.74
CA ALA LG 924 -27.76 12.22 61.07
C ALA LG 924 -27.60 13.18 59.90
N GLU LG 925 -26.36 13.26 59.41
CA GLU LG 925 -26.01 14.08 58.26
C GLU LG 925 -26.39 13.33 56.99
N LYS LG 926 -27.68 13.37 56.67
CA LYS LG 926 -28.24 12.62 55.57
C LYS LG 926 -29.32 13.46 54.90
N THR LG 927 -29.58 13.16 53.62
CA THR LG 927 -30.65 13.84 52.90
C THR LG 927 -31.16 12.86 51.84
N ILE LG 928 -32.38 12.36 52.05
CA ILE LG 928 -33.01 11.44 51.10
C ILE LG 928 -33.63 12.23 49.97
N SER LG 929 -34.02 11.53 48.90
CA SER LG 929 -34.52 12.21 47.71
C SER LG 929 -35.86 11.64 47.26
N ILE LG 930 -36.77 11.42 48.18
CA ILE LG 930 -38.12 11.00 47.84
C ILE LG 930 -38.83 12.19 47.21
N SER LG 931 -39.37 12.00 46.01
CA SER LG 931 -40.04 13.05 45.28
C SER LG 931 -41.53 12.77 45.25
N ALA LG 932 -42.29 13.49 46.07
CA ALA LG 932 -43.69 13.16 46.28
C ALA LG 932 -44.46 14.46 46.42
N TYR LG 933 -45.77 14.38 46.23
CA TYR LG 933 -46.60 15.57 46.14
C TYR LG 933 -47.59 15.59 47.31
N ALA LG 934 -48.49 16.57 47.29
CA ALA LG 934 -49.33 16.87 48.44
C ALA LG 934 -50.80 16.96 48.03
N ILE LG 935 -51.68 16.96 49.04
CA ILE LG 935 -53.11 17.13 48.85
C ILE LG 935 -53.57 18.23 49.81
N ASP LG 936 -54.68 18.87 49.47
CA ASP LG 936 -55.21 19.88 50.36
C ASP LG 936 -55.99 19.23 51.49
N PRO LG 937 -55.66 19.53 52.74
CA PRO LG 937 -56.46 19.00 53.86
C PRO LG 937 -57.82 19.64 53.93
N ASN LG 938 -58.77 18.88 54.48
CA ASN LG 938 -60.13 19.25 54.88
C ASN LG 938 -61.05 19.60 53.72
N THR LG 939 -60.59 19.54 52.47
CA THR LG 939 -61.49 19.66 51.33
C THR LG 939 -61.10 18.61 50.31
N ALA LG 940 -59.89 18.05 50.49
CA ALA LG 940 -59.38 16.88 49.79
C ALA LG 940 -59.30 17.10 48.29
N ARG LG 941 -58.63 18.18 47.92
CA ARG LG 941 -58.38 18.51 46.53
C ARG LG 941 -56.88 18.70 46.33
N THR LG 942 -56.51 19.16 45.14
CA THR LG 942 -55.12 19.43 44.82
C THR LG 942 -54.85 20.90 44.50
N ALA LG 943 -55.73 21.80 44.93
CA ALA LG 943 -55.62 23.21 44.58
C ALA LG 943 -54.86 23.99 45.65
N LEU LG 944 -54.97 25.31 45.56
CA LEU LG 944 -54.53 26.21 46.62
C LEU LG 944 -55.69 27.09 47.06
N ALA LG 945 -55.79 27.33 48.36
CA ALA LG 945 -56.75 28.29 48.90
C ALA LG 945 -56.12 29.68 48.83
N SER LG 946 -56.51 30.42 47.81
CA SER LG 946 -56.01 31.77 47.59
C SER LG 946 -57.02 32.53 46.75
N ARG LG 947 -56.57 33.62 46.15
CA ARG LG 947 -57.40 34.47 45.32
C ARG LG 947 -56.95 34.38 43.86
N THR LG 948 -57.94 34.36 42.97
CA THR LG 948 -57.67 34.19 41.55
C THR LG 948 -58.32 35.24 40.65
N ASN LG 949 -59.03 36.21 41.21
CA ASN LG 949 -59.80 37.18 40.43
C ASN LG 949 -59.00 38.44 40.15
N HIS LG 950 -57.69 38.28 39.95
CA HIS LG 950 -56.78 39.43 39.96
C HIS LG 950 -56.90 40.25 38.69
N HIS LG 951 -56.90 39.59 37.54
CA HIS LG 951 -56.64 40.23 36.26
C HIS LG 951 -57.65 39.78 35.23
N TYR LG 952 -58.93 39.89 35.55
CA TYR LG 952 -59.98 39.82 34.54
C TYR LG 952 -60.58 41.19 34.27
N LEU LG 953 -61.03 41.84 35.34
CA LEU LG 953 -61.74 43.10 35.22
C LEU LG 953 -60.83 44.22 34.76
N MET LG 954 -59.55 44.17 35.13
CA MET LG 954 -58.61 45.22 34.76
C MET LG 954 -58.38 45.25 33.25
N ARG LG 955 -58.06 44.11 32.66
CA ARG LG 955 -57.83 44.06 31.22
C ARG LG 955 -59.11 44.27 30.43
N TYR LG 956 -60.24 43.73 30.91
CA TYR LG 956 -61.51 43.95 30.20
C TYR LG 956 -61.90 45.42 30.20
N GLY LG 957 -61.77 46.08 31.35
CA GLY LG 957 -62.11 47.50 31.42
C GLY LG 957 -61.18 48.37 30.60
N SER LG 958 -59.88 48.05 30.59
CA SER LG 958 -58.93 48.81 29.79
C SER LG 958 -59.23 48.69 28.30
N LEU LG 959 -59.50 47.46 27.84
CA LEU LG 959 -59.85 47.25 26.44
C LEU LG 959 -61.12 47.97 26.05
N PHE LG 960 -62.15 47.85 26.88
CA PHE LG 960 -63.44 48.45 26.56
C PHE LG 960 -63.37 49.96 26.58
N ALA LG 961 -62.61 50.54 27.51
CA ALA LG 961 -62.46 51.99 27.57
C ALA LG 961 -61.73 52.51 26.33
N SER LG 962 -60.64 51.86 25.94
CA SER LG 962 -59.89 52.33 24.78
C SER LG 962 -60.70 52.20 23.49
N SER LG 963 -61.44 51.10 23.36
CA SER LG 963 -62.31 50.90 22.21
C SER LG 963 -63.40 51.96 22.14
N PHE LG 964 -64.08 52.21 23.26
CA PHE LG 964 -65.15 53.21 23.32
C PHE LG 964 -64.64 54.60 22.99
N LEU LG 965 -63.40 54.89 23.40
CA LEU LG 965 -62.77 56.16 23.04
C LEU LG 965 -62.57 56.28 21.53
N GLN LG 966 -62.04 55.22 20.91
CA GLN LG 966 -61.83 55.20 19.46
C GLN LG 966 -63.13 55.47 18.72
N GLY LG 967 -64.18 54.75 19.11
CA GLY LG 967 -65.46 54.88 18.45
C GLY LG 967 -66.07 56.25 18.64
N PHE LG 968 -65.87 56.85 19.83
CA PHE LG 968 -66.49 58.13 20.11
C PHE LG 968 -65.89 59.21 19.27
N GLY LG 969 -64.56 59.22 19.17
CA GLY LG 969 -63.91 60.21 18.35
C GLY LG 969 -64.29 60.10 16.87
N ASN LG 970 -64.18 58.89 16.30
CA ASN LG 970 -64.41 58.81 14.86
C ASN LG 970 -65.88 59.00 14.49
N ALA LG 971 -66.81 58.39 15.23
CA ALA LG 971 -68.21 58.49 14.81
C ALA LG 971 -68.80 59.85 15.16
N PHE LG 972 -68.41 60.45 16.30
CA PHE LG 972 -68.92 61.77 16.59
C PHE LG 972 -68.30 62.84 15.71
N GLN LG 973 -67.11 62.59 15.15
CA GLN LG 973 -66.67 63.48 14.09
C GLN LG 973 -67.43 63.22 12.80
N SER LG 974 -67.75 61.96 12.51
CA SER LG 974 -68.36 61.59 11.25
C SER LG 974 -69.79 62.10 11.12
N ALA LG 975 -70.54 62.12 12.21
CA ALA LG 975 -71.95 62.47 12.15
C ALA LG 975 -72.20 63.97 12.23
N ASN LG 976 -71.18 64.80 11.98
CA ASN LG 976 -71.36 66.24 12.06
C ASN LG 976 -72.15 66.77 10.87
N THR LG 977 -72.16 66.06 9.75
CA THR LG 977 -72.83 66.57 8.56
C THR LG 977 -74.34 66.48 8.69
N THR LG 978 -74.85 65.37 9.20
CA THR LG 978 -76.30 65.17 9.25
C THR LG 978 -76.86 65.40 10.65
N SER LG 999 -67.26 73.01 19.67
CA SER LG 999 -65.95 73.39 20.20
C SER LG 999 -65.51 72.41 21.26
N THR LG 1000 -66.15 72.46 22.43
CA THR LG 1000 -65.83 71.52 23.50
C THR LG 1000 -66.20 70.10 23.13
N LEU LG 1001 -67.32 69.93 22.43
CA LEU LG 1001 -67.71 68.62 21.93
C LEU LG 1001 -66.70 68.12 20.90
N GLU LG 1002 -66.19 69.05 20.09
CA GLU LG 1002 -65.10 68.73 19.17
C GLU LG 1002 -63.85 68.31 19.93
N ASN LG 1003 -63.61 68.91 21.10
CA ASN LG 1003 -62.45 68.52 21.90
C ASN LG 1003 -62.65 67.15 22.55
N ALA LG 1004 -63.89 66.80 22.87
CA ALA LG 1004 -64.18 65.44 23.29
C ALA LG 1004 -63.89 64.44 22.17
N VAL LG 1005 -64.31 64.78 20.96
CA VAL LG 1005 -63.99 64.02 19.74
C VAL LG 1005 -62.48 63.86 19.62
N ILE LG 1006 -61.76 64.96 19.83
CA ILE LG 1006 -60.30 65.00 19.76
C ILE LG 1006 -59.68 63.99 20.73
N GLY LG 1007 -60.11 64.06 21.99
CA GLY LG 1007 -59.39 63.37 23.04
C GLY LG 1007 -59.61 61.89 22.92
N LEU LG 1008 -60.86 61.49 22.73
CA LEU LG 1008 -61.14 60.07 22.66
C LEU LG 1008 -60.67 59.50 21.33
N ALA LG 1009 -60.73 60.32 20.26
CA ALA LG 1009 -60.33 59.96 18.91
C ALA LG 1009 -58.89 59.52 18.83
N THR LG 1010 -58.00 60.16 19.57
CA THR LG 1010 -56.64 59.70 19.38
C THR LG 1010 -56.04 59.04 20.61
N VAL LG 1011 -56.60 59.20 21.81
CA VAL LG 1011 -56.11 58.35 22.89
C VAL LG 1011 -56.70 56.95 22.84
N GLY LG 1012 -57.73 56.70 22.01
CA GLY LG 1012 -58.28 55.37 21.94
C GLY LG 1012 -57.34 54.36 21.31
N LYS LG 1013 -56.67 54.75 20.22
CA LYS LG 1013 -56.05 53.77 19.33
C LYS LG 1013 -54.81 53.13 19.94
N ALA LG 1014 -53.89 53.96 20.44
CA ALA LG 1014 -52.66 53.43 21.01
C ALA LG 1014 -52.94 52.65 22.29
N TRP LG 1015 -53.86 53.15 23.10
CA TRP LG 1015 -54.28 52.41 24.29
C TRP LG 1015 -54.95 51.10 23.91
N SER LG 1016 -55.67 51.07 22.79
CA SER LG 1016 -56.33 49.85 22.35
C SER LG 1016 -55.33 48.79 21.93
N GLN LG 1017 -54.32 49.19 21.16
CA GLN LG 1017 -53.32 48.19 20.75
C GLN LG 1017 -52.44 47.76 21.92
N GLN LG 1018 -52.18 48.67 22.88
CA GLN LG 1018 -51.45 48.26 24.07
C GLN LG 1018 -52.27 47.29 24.93
N ALA LG 1019 -53.58 47.50 25.02
CA ALA LG 1019 -54.43 46.55 25.71
C ALA LG 1019 -54.47 45.21 25.01
N GLN LG 1020 -54.46 45.22 23.67
CA GLN LG 1020 -54.38 43.98 22.91
C GLN LG 1020 -53.05 43.28 23.15
N GLN LG 1021 -52.00 44.05 23.39
CA GLN LG 1021 -50.71 43.46 23.74
C GLN LG 1021 -50.75 42.81 25.11
N LEU LG 1022 -51.23 43.52 26.13
CA LEU LG 1022 -51.10 43.04 27.50
C LEU LG 1022 -52.30 42.25 27.97
N PHE LG 1023 -53.22 41.90 27.08
CA PHE LG 1023 -54.44 41.20 27.48
C PHE LG 1023 -54.16 39.79 28.00
N ASN LG 1024 -53.09 39.16 27.54
CA ASN LG 1024 -52.89 37.73 27.77
C ASN LG 1024 -52.25 37.40 29.11
N THR LG 1025 -52.22 38.31 30.06
CA THR LG 1025 -51.53 38.05 31.33
C THR LG 1025 -52.39 37.14 32.20
N PRO LG 1026 -51.87 36.01 32.66
CA PRO LG 1026 -52.67 35.07 33.45
C PRO LG 1026 -52.93 35.61 34.85
N THR LG 1027 -54.00 35.09 35.47
CA THR LG 1027 -54.34 35.40 36.84
C THR LG 1027 -53.52 34.51 37.75
N THR LG 1028 -52.79 35.12 38.68
CA THR LG 1028 -51.89 34.38 39.53
C THR LG 1028 -52.62 33.78 40.71
N VAL LG 1029 -51.95 32.85 41.38
CA VAL LG 1029 -52.31 32.40 42.71
C VAL LG 1029 -51.12 32.68 43.60
N GLU LG 1030 -51.33 32.60 44.90
CA GLU LG 1030 -50.23 32.83 45.84
C GLU LG 1030 -50.30 31.77 46.93
N VAL LG 1031 -49.13 31.27 47.32
CA VAL LG 1031 -49.07 30.41 48.49
C VAL LG 1031 -49.16 31.27 49.75
N TYR LG 1032 -49.54 30.63 50.85
CA TYR LG 1032 -49.63 31.33 52.12
C TYR LG 1032 -48.41 31.02 52.97
N SER LG 1033 -48.11 31.93 53.88
CA SER LG 1033 -47.04 31.69 54.84
C SER LG 1033 -47.54 31.01 56.10
N GLY LG 1034 -48.81 30.62 56.16
CA GLY LG 1034 -49.34 30.09 57.40
C GLY LG 1034 -50.28 28.91 57.33
N THR LG 1035 -50.13 28.03 56.36
CA THR LG 1035 -51.11 26.97 56.14
C THR LG 1035 -50.45 25.60 56.29
N GLY LG 1036 -51.16 24.69 56.97
CA GLY LG 1036 -50.78 23.29 57.01
C GLY LG 1036 -51.26 22.56 55.76
N LEU LG 1037 -50.84 21.30 55.66
CA LEU LG 1037 -51.08 20.49 54.47
C LEU LG 1037 -50.87 19.02 54.80
N GLY LG 1038 -51.36 18.16 53.90
CA GLY LG 1038 -51.11 16.74 53.96
C GLY LG 1038 -50.33 16.26 52.74
N ILE LG 1039 -49.45 15.28 52.97
CA ILE LG 1039 -48.49 14.82 51.98
C ILE LG 1039 -48.67 13.33 51.74
N LEU LG 1040 -48.84 12.94 50.49
CA LEU LG 1040 -48.77 11.54 50.12
C LEU LG 1040 -47.38 11.22 49.56
N PHE LG 1041 -47.03 9.95 49.58
CA PHE LG 1041 -45.74 9.50 49.05
C PHE LG 1041 -45.89 9.01 47.61
N THR LG 1042 -44.75 8.79 46.96
CA THR LG 1042 -44.72 8.28 45.59
C THR LG 1042 -43.79 7.08 45.42
N GLN LG 1043 -42.63 7.08 46.06
CA GLN LG 1043 -41.65 6.01 45.89
C GLN LG 1043 -41.14 5.58 47.26
N ASP LG 1044 -40.22 4.62 47.26
CA ASP LG 1044 -39.75 4.00 48.49
C ASP LG 1044 -38.39 4.54 48.91
N VAL LG 1045 -38.09 4.37 50.20
CA VAL LG 1045 -36.88 4.89 50.82
C VAL LG 1045 -36.24 3.77 51.63
N THR LG 1046 -35.17 4.11 52.35
CA THR LG 1046 -34.52 3.16 53.26
C THR LG 1046 -33.90 3.88 54.45
N ILE MG 862 -20.94 21.07 60.18
CA ILE MG 862 -22.20 20.49 59.74
C ILE MG 862 -23.36 21.37 60.16
N ILE MG 863 -23.88 22.14 59.20
CA ILE MG 863 -25.10 22.90 59.40
C ILE MG 863 -26.21 22.17 58.66
N LYS MG 864 -27.25 21.79 59.40
CA LYS MG 864 -28.29 20.95 58.86
C LYS MG 864 -29.13 21.73 57.85
N THR MG 865 -29.73 20.98 56.91
CA THR MG 865 -30.47 21.57 55.80
C THR MG 865 -31.76 22.20 56.30
N GLY MG 866 -32.04 23.42 55.84
CA GLY MG 866 -33.31 24.07 56.12
C GLY MG 866 -33.43 24.67 57.51
N ASP MG 867 -32.61 25.67 57.80
CA ASP MG 867 -32.73 26.43 59.03
C ASP MG 867 -32.82 27.92 58.72
N ILE MG 868 -32.91 28.72 59.79
CA ILE MG 868 -33.18 30.14 59.75
C ILE MG 868 -32.08 30.87 60.52
N MET MG 869 -31.46 31.86 59.88
CA MET MG 869 -30.51 32.75 60.50
C MET MG 869 -30.89 34.18 60.15
N PHE MG 870 -30.20 35.16 60.74
CA PHE MG 870 -30.51 36.57 60.53
C PHE MG 870 -29.23 37.36 60.35
N ALA MG 871 -29.32 38.42 59.55
CA ALA MG 871 -28.17 39.17 59.10
C ALA MG 871 -28.57 40.62 58.85
N VAL MG 872 -27.66 41.39 58.26
CA VAL MG 872 -27.90 42.80 57.96
C VAL MG 872 -27.41 43.11 56.56
N LEU MG 873 -28.28 43.71 55.76
CA LEU MG 873 -27.91 44.34 54.49
C LEU MG 873 -27.74 45.83 54.72
N ASP MG 874 -26.65 46.38 54.19
CA ASP MG 874 -26.30 47.75 54.51
C ASP MG 874 -26.03 48.58 53.27
N THR MG 875 -26.05 47.96 52.09
CA THR MG 875 -25.70 48.67 50.86
C THR MG 875 -26.96 49.03 50.09
N SER MG 876 -26.87 50.09 49.28
CA SER MG 876 -27.94 50.45 48.37
C SER MG 876 -27.56 50.10 46.94
N VAL MG 877 -28.47 49.42 46.26
CA VAL MG 877 -28.36 49.17 44.82
C VAL MG 877 -29.78 48.98 44.28
N ASN MG 878 -30.06 49.63 43.15
CA ASN MG 878 -31.31 49.48 42.44
C ASN MG 878 -31.26 48.21 41.61
N SER MG 879 -32.44 47.68 41.29
CA SER MG 879 -32.54 46.50 40.43
C SER MG 879 -32.33 46.84 38.96
N ASP MG 880 -31.23 47.48 38.64
CA ASP MG 880 -30.82 47.84 37.29
C ASP MG 880 -29.39 47.45 36.99
N GLU MG 881 -28.49 47.58 37.96
CA GLU MG 881 -27.09 47.21 37.78
C GLU MG 881 -26.76 46.18 38.85
N PRO MG 882 -26.62 44.90 38.48
CA PRO MG 882 -26.14 43.91 39.45
C PRO MG 882 -24.70 44.18 39.85
N GLY MG 883 -24.38 43.82 41.08
CA GLY MG 883 -23.08 44.10 41.62
C GLY MG 883 -22.79 43.35 42.90
N PRO MG 884 -21.54 43.41 43.35
CA PRO MG 884 -21.18 42.75 44.60
C PRO MG 884 -21.75 43.47 45.81
N ILE MG 885 -22.72 42.85 46.49
CA ILE MG 885 -23.24 43.39 47.74
C ILE MG 885 -22.90 42.42 48.86
N LEU MG 886 -22.40 42.96 49.98
CA LEU MG 886 -21.95 42.19 51.13
C LEU MG 886 -22.91 42.40 52.29
N ALA MG 887 -23.57 41.33 52.70
CA ALA MG 887 -24.35 41.31 53.92
C ALA MG 887 -23.54 40.62 55.01
N THR MG 888 -23.92 40.84 56.27
CA THR MG 888 -23.12 40.35 57.38
C THR MG 888 -23.99 39.49 58.29
N ILE MG 889 -23.68 38.20 58.31
CA ILE MG 889 -24.33 37.26 59.21
C ILE MG 889 -23.89 37.58 60.63
N VAL MG 890 -24.87 37.78 61.52
CA VAL MG 890 -24.58 38.30 62.84
C VAL MG 890 -24.93 37.33 63.96
N THR MG 891 -25.96 36.50 63.80
CA THR MG 891 -26.41 35.74 64.95
C THR MG 891 -26.38 34.25 64.71
N GLY MG 892 -26.84 33.47 65.69
CA GLY MG 892 -26.68 32.05 65.61
C GLY MG 892 -25.22 31.68 65.83
N LYS MG 893 -24.81 30.59 65.19
CA LYS MG 893 -23.43 30.13 65.32
C LYS MG 893 -22.45 31.05 64.62
N LEU MG 894 -22.89 31.73 63.57
CA LEU MG 894 -21.99 32.55 62.78
C LEU MG 894 -22.12 34.02 63.16
N LYS MG 895 -21.01 34.59 63.62
CA LYS MG 895 -20.93 36.00 63.98
C LYS MG 895 -19.76 36.59 63.21
N GLY MG 896 -19.99 37.74 62.59
CA GLY MG 896 -18.96 38.36 61.79
C GLY MG 896 -18.76 37.74 60.43
N SER MG 897 -19.59 36.75 60.09
CA SER MG 897 -19.48 36.10 58.79
C SER MG 897 -19.98 37.05 57.71
N LYS MG 898 -19.30 37.05 56.57
CA LYS MG 898 -19.66 37.93 55.48
C LYS MG 898 -20.24 37.11 54.33
N LEU MG 899 -21.05 37.76 53.50
CA LEU MG 899 -21.78 37.06 52.46
C LEU MG 899 -21.92 37.99 51.26
N ILE MG 900 -21.18 37.69 50.21
CA ILE MG 900 -21.16 38.46 49.00
C ILE MG 900 -22.07 37.79 47.98
N GLY MG 901 -22.92 38.60 47.33
CA GLY MG 901 -23.72 38.16 46.21
C GLY MG 901 -24.32 39.27 45.37
N SER MG 902 -25.40 38.98 44.67
CA SER MG 902 -26.11 39.95 43.85
C SER MG 902 -27.57 39.50 43.77
N PHE MG 903 -28.37 40.22 42.98
CA PHE MG 903 -29.81 40.00 42.97
C PHE MG 903 -30.23 39.28 41.69
N ASN MG 904 -31.55 39.19 41.54
CA ASN MG 904 -32.17 38.68 40.32
C ASN MG 904 -33.25 39.65 39.91
N LEU MG 905 -33.62 39.60 38.64
CA LEU MG 905 -34.76 40.35 38.18
C LEU MG 905 -35.96 39.44 38.03
N PRO MG 906 -37.04 39.69 38.73
CA PRO MG 906 -38.27 38.94 38.50
C PRO MG 906 -38.91 39.33 37.17
N SER MG 907 -39.77 38.43 36.69
CA SER MG 907 -40.55 38.74 35.49
C SER MG 907 -41.57 39.83 35.75
N ASN MG 908 -42.19 39.81 36.92
CA ASN MG 908 -43.07 40.87 37.38
C ASN MG 908 -42.61 41.31 38.76
N ALA MG 909 -42.67 42.62 39.00
CA ALA MG 909 -41.86 43.28 40.03
C ALA MG 909 -42.50 43.30 41.41
N ASP MG 910 -43.31 42.30 41.74
CA ASP MG 910 -44.03 42.29 43.00
C ASP MG 910 -43.19 41.81 44.17
N LYS MG 911 -41.97 41.35 43.91
CA LYS MG 911 -41.10 40.86 44.97
C LYS MG 911 -39.65 41.05 44.51
N MET MG 912 -38.73 40.72 45.42
CA MET MG 912 -37.32 40.79 45.09
C MET MG 912 -36.57 39.84 46.01
N VAL MG 913 -35.68 39.02 45.42
CA VAL MG 913 -34.81 38.15 46.21
C VAL MG 913 -33.36 38.40 45.78
N ILE MG 914 -32.45 38.06 46.68
CA ILE MG 914 -31.02 38.24 46.48
C ILE MG 914 -30.38 36.86 46.39
N THR MG 915 -29.56 36.66 45.37
CA THR MG 915 -28.80 35.42 45.22
C THR MG 915 -27.53 35.54 46.03
N PHE MG 916 -27.44 34.77 47.12
CA PHE MG 916 -26.32 34.86 48.04
C PHE MG 916 -25.58 33.54 48.06
N ASN MG 917 -24.30 33.57 47.71
CA ASN MG 917 -23.48 32.38 47.55
C ASN MG 917 -22.12 32.46 48.23
N THR MG 918 -21.51 33.64 48.32
CA THR MG 918 -20.15 33.69 48.82
C THR MG 918 -20.17 33.95 50.32
N MET MG 919 -20.18 32.88 51.11
CA MET MG 919 -20.26 32.97 52.56
C MET MG 919 -18.91 32.61 53.16
N SER MG 920 -18.39 33.49 54.03
CA SER MG 920 -17.10 33.28 54.68
C SER MG 920 -17.22 33.60 56.17
N ILE MG 921 -16.51 32.84 56.99
CA ILE MG 921 -16.40 33.09 58.43
C ILE MG 921 -14.97 33.55 58.72
N PRO MG 922 -14.77 34.51 59.62
CA PRO MG 922 -13.40 34.88 59.99
C PRO MG 922 -12.72 33.87 60.92
N GLY MG 923 -11.58 34.27 61.46
CA GLY MG 923 -10.79 33.39 62.30
C GLY MG 923 -9.73 32.67 61.50
N ALA MG 924 -10.15 31.75 60.63
CA ALA MG 924 -9.25 31.10 59.70
C ALA MG 924 -9.54 31.62 58.30
N GLU MG 925 -8.52 31.52 57.44
CA GLU MG 925 -8.64 31.95 56.05
C GLU MG 925 -9.43 30.91 55.27
N LYS MG 926 -10.75 30.99 55.40
CA LYS MG 926 -11.65 30.00 54.81
C LYS MG 926 -12.85 30.71 54.20
N THR MG 927 -13.42 30.06 53.18
CA THR MG 927 -14.66 30.52 52.57
C THR MG 927 -15.40 29.30 52.04
N ILE MG 928 -16.50 28.96 52.67
CA ILE MG 928 -17.35 27.86 52.22
C ILE MG 928 -18.18 28.34 51.04
N SER MG 929 -18.83 27.41 50.34
CA SER MG 929 -19.54 27.76 49.11
C SER MG 929 -21.03 27.47 49.21
N ILE MG 930 -21.66 27.83 50.34
CA ILE MG 930 -23.09 27.64 50.48
C ILE MG 930 -23.80 28.75 49.73
N SER MG 931 -24.68 28.36 48.81
CA SER MG 931 -25.56 29.30 48.14
C SER MG 931 -26.97 29.04 48.64
N ALA MG 932 -27.62 30.09 49.14
CA ALA MG 932 -28.96 29.97 49.66
C ALA MG 932 -29.72 31.26 49.38
N TYR MG 933 -30.96 31.33 49.84
CA TYR MG 933 -31.84 32.44 49.52
C TYR MG 933 -32.33 33.13 50.78
N ALA MG 934 -33.27 34.06 50.59
CA ALA MG 934 -33.62 35.04 51.59
C ALA MG 934 -35.05 34.84 52.07
N ILE MG 935 -35.27 35.12 53.35
CA ILE MG 935 -36.60 35.24 53.93
C ILE MG 935 -36.68 36.59 54.63
N ASP MG 936 -37.88 37.15 54.68
CA ASP MG 936 -38.05 38.53 55.13
C ASP MG 936 -37.86 38.62 56.64
N PRO MG 937 -37.01 39.51 57.13
CA PRO MG 937 -37.13 39.94 58.52
C PRO MG 937 -38.49 40.60 58.70
N ASN MG 938 -39.14 40.23 59.81
CA ASN MG 938 -40.45 40.68 60.29
C ASN MG 938 -41.61 40.23 59.42
N THR MG 939 -41.39 39.53 58.31
CA THR MG 939 -42.52 39.07 57.52
C THR MG 939 -42.39 37.61 57.08
N ALA MG 940 -41.16 37.14 56.90
CA ALA MG 940 -40.83 35.80 56.38
C ALA MG 940 -41.50 35.53 55.04
N ARG MG 941 -41.39 36.53 54.16
CA ARG MG 941 -41.89 36.47 52.80
C ARG MG 941 -40.72 36.73 51.86
N THR MG 942 -41.00 36.75 50.57
CA THR MG 942 -39.95 36.86 49.56
C THR MG 942 -39.88 38.23 48.90
N ALA MG 943 -40.59 39.23 49.43
CA ALA MG 943 -40.62 40.54 48.80
C ALA MG 943 -39.45 41.41 49.25
N LEU MG 944 -39.51 42.68 48.88
CA LEU MG 944 -38.58 43.70 49.35
C LEU MG 944 -39.34 44.91 49.87
N ALA MG 945 -38.72 45.60 50.83
CA ALA MG 945 -39.20 46.91 51.29
C ALA MG 945 -38.85 47.94 50.23
N SER MG 946 -39.76 48.11 49.27
CA SER MG 946 -39.64 49.15 48.26
C SER MG 946 -41.04 49.50 47.77
N ARG MG 947 -41.13 50.64 47.08
CA ARG MG 947 -42.34 51.04 46.40
C ARG MG 947 -42.34 50.46 44.98
N THR MG 948 -43.51 50.51 44.34
CA THR MG 948 -43.65 49.91 43.02
C THR MG 948 -44.34 50.81 42.00
N ASN MG 949 -44.63 52.06 42.33
CA ASN MG 949 -45.44 52.94 41.48
C ASN MG 949 -44.59 53.85 40.62
N HIS MG 950 -43.40 53.41 40.23
CA HIS MG 950 -42.40 54.32 39.69
C HIS MG 950 -42.70 54.71 38.24
N HIS MG 951 -43.25 53.79 37.47
CA HIS MG 951 -43.34 53.99 36.02
C HIS MG 951 -44.70 53.57 35.49
N TYR MG 952 -45.75 54.09 36.10
CA TYR MG 952 -47.07 54.03 35.50
C TYR MG 952 -47.51 55.39 34.96
N LEU MG 953 -47.51 56.38 35.86
CA LEU MG 953 -48.08 57.69 35.56
C LEU MG 953 -47.26 58.42 34.50
N MET MG 954 -45.94 58.23 34.51
CA MET MG 954 -45.05 58.90 33.58
C MET MG 954 -45.37 58.53 32.13
N ARG MG 955 -45.40 57.23 31.85
CA ARG MG 955 -45.65 56.78 30.49
C ARG MG 955 -47.10 57.01 30.09
N TYR MG 956 -48.06 56.83 31.01
CA TYR MG 956 -49.45 57.02 30.65
C TYR MG 956 -49.76 58.47 30.33
N GLY MG 957 -49.24 59.39 31.15
CA GLY MG 957 -49.44 60.81 30.88
C GLY MG 957 -48.76 61.27 29.61
N SER MG 958 -47.55 60.78 29.34
CA SER MG 958 -46.87 61.14 28.10
C SER MG 958 -47.62 60.66 26.88
N LEU MG 959 -48.08 59.41 26.90
CA LEU MG 959 -48.84 58.84 25.80
C LEU MG 959 -50.15 59.60 25.57
N PHE MG 960 -50.89 59.85 26.66
CA PHE MG 960 -52.19 60.49 26.53
C PHE MG 960 -52.06 61.94 26.07
N ALA MG 961 -51.04 62.65 26.54
CA ALA MG 961 -50.84 64.02 26.10
C ALA MG 961 -50.47 64.09 24.62
N SER MG 962 -49.58 63.19 24.17
CA SER MG 962 -49.20 63.19 22.76
C SER MG 962 -50.38 62.86 21.86
N SER MG 963 -51.19 61.88 22.28
CA SER MG 963 -52.36 61.51 21.50
C SER MG 963 -53.39 62.63 21.45
N PHE MG 964 -53.66 63.26 22.59
CA PHE MG 964 -54.63 64.36 22.63
C PHE MG 964 -54.17 65.54 21.77
N LEU MG 965 -52.86 65.75 21.72
CA LEU MG 965 -52.30 66.77 20.84
C LEU MG 965 -52.55 66.45 19.38
N GLN MG 966 -52.30 65.19 18.99
CA GLN MG 966 -52.54 64.74 17.62
C GLN MG 966 -53.99 64.95 17.22
N GLY MG 967 -54.89 64.55 18.10
CA GLY MG 967 -56.31 64.69 17.84
C GLY MG 967 -56.74 66.14 17.72
N PHE MG 968 -56.13 67.01 18.53
CA PHE MG 968 -56.55 68.41 18.54
C PHE MG 968 -56.17 69.08 17.25
N GLY MG 969 -54.94 68.84 16.79
CA GLY MG 969 -54.52 69.44 15.54
C GLY MG 969 -55.33 68.95 14.35
N ASN MG 970 -55.49 67.63 14.21
CA ASN MG 970 -56.16 67.15 13.00
C ASN MG 970 -57.64 67.47 13.01
N ALA MG 971 -58.34 67.31 14.15
CA ALA MG 971 -59.78 67.50 14.14
C ALA MG 971 -60.15 68.98 14.13
N PHE MG 972 -59.39 69.83 14.82
CA PHE MG 972 -59.73 71.23 14.73
C PHE MG 972 -59.25 71.86 13.43
N GLN MG 973 -58.38 71.19 12.67
CA GLN MG 973 -58.19 71.62 11.30
C GLN MG 973 -59.30 71.09 10.40
N SER MG 974 -59.83 69.91 10.69
CA SER MG 974 -60.85 69.31 9.86
C SER MG 974 -62.18 70.04 9.99
N ALA MG 975 -62.50 70.52 11.18
CA ALA MG 975 -63.78 71.15 11.44
C ALA MG 975 -63.81 72.62 11.06
N ASN MG 976 -62.82 73.09 10.31
CA ASN MG 976 -62.77 74.50 9.94
C ASN MG 976 -63.83 74.86 8.92
N THR MG 977 -64.21 73.92 8.06
CA THR MG 977 -65.13 74.23 6.97
C THR MG 977 -66.56 74.39 7.47
N THR MG 978 -67.01 73.53 8.37
CA THR MG 978 -68.40 73.53 8.80
C THR MG 978 -68.56 74.06 10.23
N SER MG 999 -56.92 82.81 13.90
CA SER MG 999 -55.47 82.81 13.78
C SER MG 999 -54.82 82.06 14.93
N THR MG 1000 -55.09 82.53 16.15
CA THR MG 1000 -54.47 81.93 17.34
C THR MG 1000 -54.97 80.51 17.58
N LEU MG 1001 -56.26 80.26 17.32
CA LEU MG 1001 -56.77 78.89 17.41
C LEU MG 1001 -56.11 78.01 16.35
N GLU MG 1002 -55.83 78.57 15.18
CA GLU MG 1002 -55.10 77.84 14.15
C GLU MG 1002 -53.67 77.55 14.60
N ASN MG 1003 -53.10 78.42 15.43
CA ASN MG 1003 -51.76 78.15 15.97
C ASN MG 1003 -51.81 77.09 17.05
N ALA MG 1004 -52.91 77.01 17.79
CA ALA MG 1004 -53.11 75.88 18.70
C ALA MG 1004 -53.21 74.57 17.94
N VAL MG 1005 -53.95 74.60 16.83
CA VAL MG 1005 -54.03 73.47 15.89
C VAL MG 1005 -52.63 73.06 15.44
N ILE MG 1006 -51.82 74.07 15.07
CA ILE MG 1006 -50.45 73.89 14.63
C ILE MG 1006 -49.63 73.15 15.68
N GLY MG 1007 -49.71 73.64 16.93
CA GLY MG 1007 -48.76 73.20 17.93
C GLY MG 1007 -49.06 71.78 18.33
N LEU MG 1008 -50.31 71.51 18.61
CA LEU MG 1008 -50.68 70.19 19.07
C LEU MG 1008 -50.60 69.19 17.91
N ALA MG 1009 -50.96 69.65 16.70
CA ALA MG 1009 -50.90 68.88 15.46
C ALA MG 1009 -49.55 68.28 15.20
N THR MG 1010 -48.50 69.07 15.36
CA THR MG 1010 -47.25 68.56 14.86
C THR MG 1010 -46.27 68.20 15.96
N VAL MG 1011 -46.45 68.69 17.19
CA VAL MG 1011 -45.67 68.09 18.26
C VAL MG 1011 -46.30 66.81 18.79
N GLY MG 1012 -47.52 66.48 18.37
CA GLY MG 1012 -48.12 65.22 18.82
C GLY MG 1012 -47.43 63.98 18.29
N LYS MG 1013 -47.05 63.99 17.01
CA LYS MG 1013 -46.75 62.74 16.31
C LYS MG 1013 -45.42 62.13 16.73
N ALA MG 1014 -44.35 62.94 16.71
CA ALA MG 1014 -43.04 62.44 17.10
C ALA MG 1014 -43.03 62.06 18.57
N TRP MG 1015 -43.72 62.83 19.40
CA TRP MG 1015 -43.87 62.50 20.80
C TRP MG 1015 -44.63 61.20 20.99
N SER MG 1016 -45.63 60.95 20.16
CA SER MG 1016 -46.43 59.73 20.29
C SER MG 1016 -45.63 58.50 19.91
N GLN MG 1017 -44.87 58.57 18.83
CA GLN MG 1017 -44.07 57.41 18.46
C GLN MG 1017 -42.90 57.22 19.44
N GLN MG 1018 -42.38 58.31 20.01
CA GLN MG 1018 -41.37 58.18 21.04
C GLN MG 1018 -41.94 57.54 22.30
N ALA MG 1019 -43.19 57.87 22.64
CA ALA MG 1019 -43.84 57.25 23.79
C ALA MG 1019 -44.10 55.77 23.54
N GLN MG 1020 -44.47 55.41 22.31
CA GLN MG 1020 -44.57 54.00 21.93
C GLN MG 1020 -43.24 53.30 22.05
N GLN MG 1021 -42.15 54.01 21.75
CA GLN MG 1021 -40.83 53.43 21.92
C GLN MG 1021 -40.49 53.20 23.39
N LEU MG 1022 -40.73 54.19 24.25
CA LEU MG 1022 -40.24 54.13 25.61
C LEU MG 1022 -41.27 53.60 26.60
N PHE MG 1023 -42.43 53.12 26.13
CA PHE MG 1023 -43.50 52.73 27.03
C PHE MG 1023 -43.17 51.50 27.85
N ASN MG 1024 -42.23 50.67 27.38
CA ASN MG 1024 -41.97 49.34 27.92
C ASN MG 1024 -41.08 49.34 29.16
N THR MG 1025 -40.82 50.47 29.78
CA THR MG 1025 -39.91 50.49 30.93
C THR MG 1025 -40.62 49.92 32.16
N PRO MG 1026 -40.06 48.90 32.81
CA PRO MG 1026 -40.73 48.28 33.94
C PRO MG 1026 -40.61 49.15 35.19
N THR MG 1027 -41.54 48.95 36.12
CA THR MG 1027 -41.50 49.61 37.40
C THR MG 1027 -40.44 48.91 38.24
N THR MG 1028 -39.43 49.67 38.66
CA THR MG 1028 -38.26 49.07 39.29
C THR MG 1028 -38.47 48.92 40.79
N VAL MG 1029 -37.50 48.27 41.43
CA VAL MG 1029 -37.38 48.23 42.88
C VAL MG 1029 -35.92 48.48 43.22
N GLU MG 1030 -35.68 48.86 44.47
CA GLU MG 1030 -34.33 49.14 44.93
C GLU MG 1030 -34.17 48.60 46.35
N VAL MG 1031 -33.03 47.97 46.61
CA VAL MG 1031 -32.75 47.49 47.95
C VAL MG 1031 -32.43 48.66 48.87
N TYR MG 1032 -32.53 48.42 50.17
CA TYR MG 1032 -32.25 49.45 51.15
C TYR MG 1032 -30.82 49.34 51.66
N SER MG 1033 -30.20 50.49 51.88
CA SER MG 1033 -28.92 50.55 52.58
C SER MG 1033 -29.09 50.65 54.08
N GLY MG 1034 -30.28 50.36 54.61
CA GLY MG 1034 -30.50 50.38 56.04
C GLY MG 1034 -31.48 49.33 56.54
N THR MG 1035 -31.54 48.16 55.91
CA THR MG 1035 -32.48 47.12 56.30
C THR MG 1035 -31.78 45.77 56.39
N GLY MG 1036 -31.94 45.12 57.53
CA GLY MG 1036 -31.39 43.79 57.73
C GLY MG 1036 -32.17 42.72 56.98
N LEU MG 1037 -31.76 41.47 57.17
CA LEU MG 1037 -32.36 40.37 56.43
C LEU MG 1037 -32.44 39.11 57.29
N GLY MG 1038 -33.20 38.14 56.77
CA GLY MG 1038 -33.19 36.79 57.29
C GLY MG 1038 -32.85 35.79 56.18
N ILE MG 1039 -32.41 34.61 56.58
CA ILE MG 1039 -31.87 33.62 55.66
C ILE MG 1039 -32.45 32.24 55.99
N LEU MG 1040 -33.00 31.57 54.98
CA LEU MG 1040 -33.25 30.14 55.05
C LEU MG 1040 -32.15 29.40 54.32
N PHE MG 1041 -31.92 28.16 54.72
CA PHE MG 1041 -30.86 27.35 54.12
C PHE MG 1041 -31.36 26.52 52.94
N THR MG 1042 -30.42 26.11 52.09
CA THR MG 1042 -30.69 25.28 50.93
C THR MG 1042 -29.95 23.95 50.95
N GLN MG 1043 -28.65 23.96 51.21
CA GLN MG 1043 -27.86 22.75 51.33
C GLN MG 1043 -26.95 22.86 52.55
N ASP MG 1044 -26.18 21.80 52.81
CA ASP MG 1044 -25.38 21.71 54.03
C ASP MG 1044 -23.92 22.04 53.75
N VAL MG 1045 -23.14 22.13 54.83
CA VAL MG 1045 -21.71 22.40 54.78
C VAL MG 1045 -21.02 21.49 55.78
N THR MG 1046 -19.71 21.69 55.93
CA THR MG 1046 -18.94 20.91 56.89
C THR MG 1046 -18.08 21.81 57.77
N GLY NG 26 -55.55 -19.20 -80.77
CA GLY NG 26 -55.18 -20.51 -80.30
C GLY NG 26 -53.77 -20.87 -80.69
N ASP NG 27 -53.52 -22.16 -80.92
CA ASP NG 27 -52.19 -22.59 -81.38
C ASP NG 27 -52.26 -23.70 -82.41
N THR NG 28 -53.38 -23.86 -83.11
CA THR NG 28 -53.50 -24.94 -84.10
C THR NG 28 -52.86 -24.55 -85.43
N GLY NG 29 -53.46 -23.60 -86.13
CA GLY NG 29 -52.82 -22.93 -87.24
C GLY NG 29 -52.09 -21.77 -86.62
N SER NG 30 -50.97 -22.08 -85.96
CA SER NG 30 -50.51 -21.24 -84.86
C SER NG 30 -49.94 -19.92 -85.32
N LEU NG 31 -49.63 -19.76 -86.61
CA LEU NG 31 -49.36 -18.43 -87.12
C LEU NG 31 -50.60 -17.56 -87.02
N ALA NG 32 -51.74 -18.10 -87.45
CA ALA NG 32 -53.00 -17.40 -87.24
C ALA NG 32 -53.36 -17.35 -85.77
N GLY NG 33 -52.91 -18.33 -84.99
CA GLY NG 33 -53.13 -18.29 -83.56
C GLY NG 33 -52.41 -17.13 -82.88
N LEU NG 34 -51.16 -16.89 -83.28
CA LEU NG 34 -50.44 -15.74 -82.77
C LEU NG 34 -51.01 -14.44 -83.31
N GLN NG 35 -51.52 -14.45 -84.55
CA GLN NG 35 -52.17 -13.26 -85.05
C GLN NG 35 -53.46 -12.97 -84.30
N ALA NG 36 -54.15 -14.00 -83.82
CA ALA NG 36 -55.32 -13.81 -82.96
C ALA NG 36 -54.89 -13.33 -81.58
N MET NG 37 -53.74 -13.81 -81.10
CA MET NG 37 -53.18 -13.33 -79.86
C MET NG 37 -52.74 -11.88 -79.96
N ALA NG 38 -52.42 -11.43 -81.17
CA ALA NG 38 -52.07 -10.03 -81.39
C ALA NG 38 -53.26 -9.10 -81.19
N ASP NG 39 -54.48 -9.61 -81.31
CA ASP NG 39 -55.67 -8.80 -81.05
C ASP NG 39 -55.78 -8.49 -79.56
N SER NG 40 -56.35 -7.32 -79.26
CA SER NG 40 -56.39 -6.85 -77.88
C SER NG 40 -57.56 -7.40 -77.07
N LYS NG 41 -58.57 -7.99 -77.72
CA LYS NG 41 -59.69 -8.54 -76.95
C LYS NG 41 -59.27 -9.80 -76.22
N TYR NG 42 -58.30 -10.53 -76.77
CA TYR NG 42 -57.70 -11.65 -76.08
C TYR NG 42 -56.94 -11.18 -74.84
N THR NG 43 -56.37 -9.97 -74.89
CA THR NG 43 -55.64 -9.44 -73.73
C THR NG 43 -56.60 -9.13 -72.59
N ARG NG 44 -57.71 -8.45 -72.89
CA ARG NG 44 -58.66 -8.11 -71.85
C ARG NG 44 -59.53 -9.28 -71.44
N ALA NG 45 -59.49 -10.40 -72.17
CA ALA NG 45 -60.07 -11.62 -71.64
C ALA NG 45 -59.07 -12.37 -70.76
N GLN NG 46 -57.80 -12.41 -71.17
CA GLN NG 46 -56.79 -13.17 -70.45
C GLN NG 46 -56.46 -12.53 -69.10
N LYS NG 47 -56.46 -11.20 -69.05
CA LYS NG 47 -56.10 -10.51 -67.82
C LYS NG 47 -57.17 -10.69 -66.74
N LYS NG 48 -58.45 -10.69 -67.13
CA LYS NG 48 -59.48 -11.00 -66.15
C LYS NG 48 -59.53 -12.49 -65.83
N GLN NG 49 -59.16 -13.35 -66.79
CA GLN NG 49 -59.21 -14.78 -66.51
C GLN NG 49 -58.05 -15.26 -65.65
N LYS NG 50 -56.95 -14.48 -65.55
CA LYS NG 50 -55.80 -14.92 -64.75
C LYS NG 50 -56.13 -14.98 -63.27
N MET NG 51 -56.83 -13.97 -62.75
CA MET NG 51 -57.18 -13.93 -61.34
C MET NG 51 -58.18 -15.03 -60.97
N GLY NG 52 -59.06 -15.39 -61.90
CA GLY NG 52 -59.88 -16.57 -61.71
C GLY NG 52 -59.06 -17.85 -61.76
N LYS NG 53 -58.05 -17.89 -62.64
CA LYS NG 53 -57.21 -19.08 -62.81
C LYS NG 53 -56.44 -19.39 -61.54
N ILE NG 54 -55.93 -18.37 -60.86
CA ILE NG 54 -55.26 -18.62 -59.59
C ILE NG 54 -56.25 -18.93 -58.47
N ARG NG 55 -57.54 -18.68 -58.68
CA ARG NG 55 -58.54 -18.84 -57.63
C ARG NG 55 -59.29 -20.16 -57.73
N GLU NG 56 -59.92 -20.42 -58.87
CA GLU NG 56 -60.99 -21.42 -58.93
C GLU NG 56 -60.47 -22.85 -58.86
N MET NG 57 -59.16 -23.06 -59.03
CA MET NG 57 -58.63 -24.41 -59.08
C MET NG 57 -58.68 -25.10 -57.73
N ALA NG 58 -58.76 -24.33 -56.63
CA ALA NG 58 -58.77 -24.91 -55.30
C ALA NG 58 -60.06 -25.68 -55.02
N LEU NG 59 -61.19 -25.20 -55.55
CA LEU NG 59 -62.46 -25.86 -55.27
C LEU NG 59 -62.58 -27.21 -55.97
N LYS NG 60 -61.81 -27.42 -57.04
CA LYS NG 60 -61.94 -28.63 -57.84
C LYS NG 60 -61.51 -29.86 -57.05
N GLU NG 61 -60.43 -29.74 -56.28
CA GLU NG 61 -59.98 -30.88 -55.48
C GLU NG 61 -60.94 -31.17 -54.35
N THR NG 62 -61.57 -30.14 -53.79
CA THR NG 62 -62.59 -30.34 -52.77
C THR NG 62 -63.78 -31.09 -53.34
N ALA NG 63 -64.21 -30.70 -54.54
CA ALA NG 63 -65.30 -31.40 -55.23
C ALA NG 63 -64.92 -32.84 -55.51
N LEU NG 64 -63.67 -33.05 -55.92
CA LEU NG 64 -63.16 -34.40 -56.17
C LEU NG 64 -63.18 -35.24 -54.91
N SER NG 65 -62.78 -34.66 -53.78
CA SER NG 65 -62.71 -35.41 -52.53
C SER NG 65 -64.09 -35.80 -52.03
N VAL NG 66 -65.05 -34.86 -52.09
CA VAL NG 66 -66.37 -35.19 -51.56
C VAL NG 66 -67.09 -36.17 -52.48
N GLY NG 67 -66.89 -36.05 -53.80
CA GLY NG 67 -67.46 -37.02 -54.71
C GLY NG 67 -66.84 -38.39 -54.54
N ALA NG 68 -65.54 -38.42 -54.27
CA ALA NG 68 -64.84 -39.69 -54.06
C ALA NG 68 -65.36 -40.39 -52.82
N GLN NG 69 -65.54 -39.65 -51.72
CA GLN NG 69 -66.03 -40.25 -50.49
C GLN NG 69 -67.44 -40.80 -50.65
N ALA NG 70 -68.32 -39.98 -51.23
CA ALA NG 70 -69.71 -40.39 -51.38
C ALA NG 70 -69.84 -41.58 -52.32
N GLY NG 71 -69.11 -41.56 -53.44
CA GLY NG 71 -69.19 -42.66 -54.38
C GLY NG 71 -68.62 -43.96 -53.83
N LEU NG 72 -67.50 -43.88 -53.11
CA LEU NG 72 -66.89 -45.08 -52.55
C LEU NG 72 -67.82 -45.73 -51.53
N ALA NG 73 -68.39 -44.92 -50.62
CA ALA NG 73 -69.27 -45.49 -49.61
C ALA NG 73 -70.54 -46.06 -50.20
N TRP NG 74 -71.14 -45.35 -51.16
CA TRP NG 74 -72.41 -45.79 -51.71
C TRP NG 74 -72.24 -47.05 -52.55
N ARG NG 75 -71.16 -47.12 -53.34
CA ARG NG 75 -70.87 -48.32 -54.10
C ARG NG 75 -70.54 -49.49 -53.18
N ALA NG 76 -69.91 -49.22 -52.03
CA ALA NG 76 -69.64 -50.28 -51.06
C ALA NG 76 -70.94 -50.86 -50.49
N LYS NG 77 -71.91 -49.99 -50.21
CA LYS NG 77 -73.18 -50.50 -49.69
C LYS NG 77 -73.92 -51.32 -50.74
N ILE NG 78 -73.86 -50.87 -52.00
CA ILE NG 78 -74.50 -51.59 -53.09
C ILE NG 78 -73.87 -52.97 -53.27
N ILE NG 79 -72.55 -53.04 -53.21
CA ILE NG 79 -71.89 -54.32 -53.47
C ILE NG 79 -72.02 -55.26 -52.28
N ASP NG 80 -72.16 -54.72 -51.06
CA ASP NG 80 -72.41 -55.59 -49.92
C ASP NG 80 -73.82 -56.18 -49.99
N GLU NG 81 -74.79 -55.37 -50.40
CA GLU NG 81 -76.15 -55.87 -50.60
C GLU NG 81 -76.20 -56.94 -51.68
N GLN NG 82 -75.47 -56.69 -52.77
CA GLN NG 82 -75.43 -57.65 -53.87
C GLN NG 82 -74.74 -58.94 -53.44
N LEU NG 83 -73.70 -58.84 -52.62
CA LEU NG 83 -73.02 -60.02 -52.11
C LEU NG 83 -73.93 -60.82 -51.18
N ASN NG 84 -74.72 -60.12 -50.37
CA ASN NG 84 -75.67 -60.79 -49.50
C ASN NG 84 -76.77 -61.49 -50.29
N LYS NG 85 -77.08 -60.99 -51.49
CA LYS NG 85 -78.18 -61.55 -52.28
C LYS NG 85 -77.93 -63.00 -52.69
N GLN NG 86 -76.69 -63.35 -53.05
CA GLN NG 86 -76.38 -64.68 -53.59
C GLN NG 86 -75.54 -65.51 -52.62
N ALA NG 87 -75.91 -65.48 -51.34
CA ALA NG 87 -75.04 -66.07 -50.32
C ALA NG 87 -74.99 -67.58 -50.39
N ARG NG 88 -76.09 -68.24 -50.79
CA ARG NG 88 -76.14 -69.69 -50.73
C ARG NG 88 -75.25 -70.33 -51.79
N ASN NG 89 -75.20 -69.74 -52.99
CA ASN NG 89 -74.36 -70.29 -54.03
C ASN NG 89 -72.89 -70.08 -53.73
N LEU NG 90 -72.56 -69.05 -52.94
CA LEU NG 90 -71.17 -68.82 -52.57
C LEU NG 90 -70.67 -69.91 -51.65
N ASP NG 91 -71.46 -70.30 -50.65
CA ASP NG 91 -71.09 -71.43 -49.83
C ASP NG 91 -71.18 -72.73 -50.60
N ALA NG 92 -72.03 -72.77 -51.62
CA ALA NG 92 -72.09 -73.95 -52.48
C ALA NG 92 -70.78 -74.15 -53.24
N ILE NG 93 -70.20 -73.07 -53.76
CA ILE NG 93 -68.98 -73.25 -54.53
C ILE NG 93 -67.78 -73.34 -53.61
N TYR NG 94 -67.75 -72.59 -52.52
CA TYR NG 94 -66.54 -72.46 -51.74
C TYR NG 94 -66.60 -73.32 -50.48
N ASP NG 95 -66.69 -74.62 -50.70
CA ASP NG 95 -66.70 -75.57 -49.60
C ASP NG 95 -65.28 -75.74 -49.11
N PHE NG 96 -64.93 -75.01 -48.06
CA PHE NG 96 -63.70 -75.33 -47.35
C PHE NG 96 -63.80 -76.68 -46.67
N ASN NG 97 -64.98 -76.99 -46.14
CA ASN NG 97 -65.14 -78.08 -45.18
C ASN NG 97 -64.92 -79.44 -45.83
N SER NG 98 -65.19 -79.56 -47.12
CA SER NG 98 -64.85 -80.79 -47.82
C SER NG 98 -63.35 -80.93 -48.00
N LEU NG 99 -62.62 -79.83 -48.04
CA LEU NG 99 -61.21 -79.87 -48.39
C LEU NG 99 -60.32 -80.25 -47.21
N VAL NG 100 -60.87 -80.39 -46.02
CA VAL NG 100 -60.06 -80.59 -44.82
C VAL NG 100 -59.62 -82.04 -44.74
N LEU NG 101 -58.40 -82.25 -44.25
CA LEU NG 101 -57.91 -83.60 -44.06
C LEU NG 101 -58.42 -84.18 -42.75
N GLU NG 102 -58.02 -85.42 -42.46
CA GLU NG 102 -58.73 -86.23 -41.48
C GLU NG 102 -58.46 -85.84 -40.03
N HIS NG 103 -57.39 -85.10 -39.76
CA HIS NG 103 -57.13 -84.63 -38.41
C HIS NG 103 -57.35 -83.13 -38.30
N ASN NG 104 -58.33 -82.62 -39.04
CA ASN NG 104 -58.70 -81.21 -39.11
C ASN NG 104 -57.50 -80.35 -39.52
N ILE NG 105 -57.03 -80.63 -40.72
CA ILE NG 105 -55.82 -80.02 -41.26
C ILE NG 105 -56.19 -79.14 -42.43
N LEU NG 106 -55.86 -77.87 -42.34
CA LEU NG 106 -55.95 -76.99 -43.49
C LEU NG 106 -54.93 -77.45 -44.52
N PRO NG 107 -55.33 -77.64 -45.78
CA PRO NG 107 -54.39 -78.10 -46.77
C PRO NG 107 -53.39 -77.02 -47.10
N PRO NG 108 -52.17 -77.38 -47.47
CA PRO NG 108 -51.17 -76.37 -47.81
C PRO NG 108 -51.44 -75.82 -49.20
N VAL NG 109 -50.72 -74.75 -49.53
CA VAL NG 109 -50.97 -73.98 -50.74
C VAL NG 109 -49.78 -74.17 -51.68
N LEU NG 110 -50.07 -74.44 -52.94
CA LEU NG 110 -49.04 -74.68 -53.95
C LEU NG 110 -49.24 -73.75 -55.14
N LEU NG 111 -48.13 -73.31 -55.70
CA LEU NG 111 -48.13 -72.42 -56.86
C LEU NG 111 -47.36 -73.08 -57.99
N GLU NG 112 -47.96 -73.09 -59.18
CA GLU NG 112 -47.39 -73.73 -60.35
C GLU NG 112 -47.20 -72.70 -61.44
N GLY NG 113 -46.00 -72.66 -62.01
CA GLY NG 113 -45.72 -71.79 -63.14
C GLY NG 113 -45.17 -72.60 -64.29
N ARG NG 114 -45.41 -72.12 -65.51
CA ARG NG 114 -44.97 -72.80 -66.71
C ARG NG 114 -44.16 -71.87 -67.58
N ASN NG 115 -43.18 -72.46 -68.27
CA ASN NG 115 -42.33 -71.81 -69.27
C ASN NG 115 -41.58 -70.62 -68.66
N THR NG 116 -40.69 -70.95 -67.73
CA THR NG 116 -39.94 -69.92 -67.01
C THR NG 116 -38.69 -69.55 -67.81
N LEU NG 117 -38.50 -68.26 -68.03
CA LEU NG 117 -37.28 -67.75 -68.61
C LEU NG 117 -36.84 -66.53 -67.81
N ASN NG 118 -35.56 -66.47 -67.49
CA ASN NG 118 -34.97 -65.27 -66.94
C ASN NG 118 -33.75 -64.88 -67.75
N LEU NG 119 -33.63 -63.58 -67.99
CA LEU NG 119 -32.47 -62.97 -68.60
C LEU NG 119 -31.73 -62.23 -67.49
N ALA NG 120 -30.69 -62.85 -66.95
CA ALA NG 120 -29.96 -62.23 -65.85
C ALA NG 120 -29.17 -61.03 -66.35
N ASP NG 121 -28.36 -61.22 -67.38
CA ASP NG 121 -27.62 -60.16 -68.05
C ASP NG 121 -27.24 -60.69 -69.42
N ALA NG 122 -26.32 -60.02 -70.09
CA ALA NG 122 -25.72 -60.62 -71.27
C ALA NG 122 -24.93 -61.85 -70.87
N GLN NG 123 -24.83 -62.78 -71.82
CA GLN NG 123 -24.20 -64.11 -71.64
C GLN NG 123 -24.82 -64.90 -70.50
N SER NG 124 -26.13 -64.75 -70.28
CA SER NG 124 -26.78 -65.46 -69.16
C SER NG 124 -28.27 -65.57 -69.45
N ILE NG 125 -28.73 -66.80 -69.70
CA ILE NG 125 -30.14 -67.07 -69.92
C ILE NG 125 -30.48 -68.35 -69.16
N ARG NG 126 -31.52 -68.31 -68.35
CA ARG NG 126 -31.95 -69.49 -67.59
C ARG NG 126 -33.35 -69.90 -68.02
N ILE NG 127 -33.51 -71.20 -68.26
CA ILE NG 127 -34.74 -71.77 -68.79
C ILE NG 127 -35.23 -72.86 -67.84
N SER NG 128 -36.50 -72.78 -67.45
CA SER NG 128 -37.15 -73.85 -66.73
C SER NG 128 -38.47 -74.18 -67.42
N ASP NG 129 -38.81 -75.46 -67.39
CA ASP NG 129 -40.08 -75.90 -67.96
C ASP NG 129 -41.25 -75.55 -67.06
N ARG NG 130 -41.28 -76.13 -65.86
CA ARG NG 130 -42.31 -75.84 -64.88
C ARG NG 130 -41.65 -75.62 -63.53
N THR NG 131 -42.42 -75.02 -62.62
CA THR NG 131 -41.93 -74.78 -61.27
C THR NG 131 -43.09 -74.82 -60.30
N TYR NG 132 -42.78 -75.19 -59.05
CA TYR NG 132 -43.75 -75.27 -57.98
C TYR NG 132 -43.16 -74.70 -56.69
N LYS NG 133 -44.02 -74.01 -55.95
CA LYS NG 133 -43.67 -73.23 -54.77
C LYS NG 133 -44.66 -73.50 -53.65
N VAL NG 134 -44.14 -73.73 -52.44
CA VAL NG 134 -44.98 -73.84 -51.25
C VAL NG 134 -45.28 -72.45 -50.74
N ALA NG 135 -46.56 -72.11 -50.63
CA ALA NG 135 -46.94 -70.77 -50.18
C ALA NG 135 -47.21 -70.73 -48.69
N LYS NG 136 -48.18 -71.50 -48.21
CA LYS NG 136 -48.48 -71.61 -46.80
C LYS NG 136 -48.38 -73.07 -46.40
N GLN NG 137 -47.48 -73.36 -45.46
CA GLN NG 137 -47.35 -74.71 -44.96
C GLN NG 137 -48.59 -75.10 -44.18
N ALA NG 138 -49.03 -76.35 -44.35
CA ALA NG 138 -50.24 -76.84 -43.72
C ALA NG 138 -50.09 -76.87 -42.20
N HIS NG 139 -51.21 -76.70 -41.50
CA HIS NG 139 -51.18 -76.68 -40.04
C HIS NG 139 -52.50 -77.16 -39.49
N PHE NG 140 -52.62 -77.07 -38.16
CA PHE NG 140 -53.85 -77.39 -37.48
C PHE NG 140 -54.91 -76.34 -37.77
N ILE NG 141 -56.16 -76.71 -37.55
CA ILE NG 141 -57.27 -75.79 -37.68
C ILE NG 141 -58.33 -76.15 -36.67
N THR NG 142 -59.20 -75.19 -36.39
CA THR NG 142 -60.28 -75.37 -35.44
C THR NG 142 -61.66 -75.32 -36.06
N THR NG 143 -61.78 -74.61 -37.18
CA THR NG 143 -63.05 -74.45 -37.86
C THR NG 143 -62.76 -74.14 -39.32
N PRO NG 144 -63.60 -74.58 -40.24
CA PRO NG 144 -63.40 -74.23 -41.62
C PRO NG 144 -63.66 -72.75 -41.85
N PRO NG 145 -62.67 -72.04 -42.38
CA PRO NG 145 -62.89 -70.63 -42.72
C PRO NG 145 -63.86 -70.50 -43.88
N THR NG 146 -64.77 -69.55 -43.77
CA THR NG 146 -65.69 -69.30 -44.87
C THR NG 146 -65.11 -68.24 -45.79
N TRP NG 147 -65.95 -67.68 -46.65
CA TRP NG 147 -65.52 -66.64 -47.56
C TRP NG 147 -65.64 -65.24 -46.98
N ARG NG 148 -66.31 -65.10 -45.85
CA ARG NG 148 -66.65 -63.77 -45.35
C ARG NG 148 -65.43 -63.00 -44.85
N GLN NG 149 -64.34 -63.68 -44.53
CA GLN NG 149 -63.10 -62.99 -44.22
C GLN NG 149 -62.27 -62.72 -45.46
N TYR NG 150 -62.80 -63.03 -46.63
CA TYR NG 150 -62.15 -62.69 -47.88
C TYR NG 150 -62.99 -61.78 -48.74
N LEU NG 151 -64.31 -61.89 -48.70
CA LEU NG 151 -65.15 -61.27 -49.69
C LEU NG 151 -66.07 -60.19 -49.14
N TRP NG 152 -66.15 -60.02 -47.83
CA TRP NG 152 -67.01 -58.98 -47.32
C TRP NG 152 -66.36 -57.63 -47.48
N MET NG 153 -67.13 -56.65 -47.92
CA MET NG 153 -66.65 -55.28 -47.95
C MET NG 153 -67.06 -54.59 -46.67
N ASP NG 154 -66.11 -53.90 -46.05
CA ASP NG 154 -66.43 -53.14 -44.85
C ASP NG 154 -67.25 -51.91 -45.22
N TYR NG 155 -68.32 -51.66 -44.47
CA TYR NG 155 -69.13 -50.48 -44.66
C TYR NG 155 -69.16 -49.66 -43.39
N VAL NG 156 -69.11 -48.35 -43.56
CA VAL NG 156 -69.47 -47.40 -42.52
C VAL NG 156 -70.40 -46.39 -43.16
N LYS NG 157 -71.17 -45.71 -42.33
CA LYS NG 157 -72.01 -44.64 -42.82
C LYS NG 157 -71.34 -43.32 -42.50
N PRO NG 158 -70.89 -42.55 -43.48
CA PRO NG 158 -70.46 -41.18 -43.22
C PRO NG 158 -71.60 -40.20 -43.48
N GLU NG 159 -71.74 -39.23 -42.56
CA GLU NG 159 -72.83 -38.27 -42.63
C GLU NG 159 -72.35 -36.85 -42.44
N ALA NG 160 -71.08 -36.58 -42.75
CA ALA NG 160 -70.49 -35.26 -42.49
C ALA NG 160 -69.83 -34.69 -43.72
N PRO NG 161 -70.59 -34.02 -44.59
CA PRO NG 161 -69.95 -33.20 -45.63
C PRO NG 161 -69.37 -31.95 -44.99
N ASN NG 162 -68.05 -31.94 -44.80
CA ASN NG 162 -67.38 -30.87 -44.08
C ASN NG 162 -66.49 -30.14 -45.08
N VAL NG 163 -67.06 -29.16 -45.77
CA VAL NG 163 -66.38 -28.42 -46.81
C VAL NG 163 -66.26 -26.97 -46.38
N THR NG 164 -65.03 -26.45 -46.41
CA THR NG 164 -64.85 -25.03 -46.14
C THR NG 164 -65.32 -24.18 -47.31
N LEU NG 165 -65.03 -24.62 -48.53
CA LEU NG 165 -65.27 -23.81 -49.72
C LEU NG 165 -66.73 -23.83 -50.12
N LEU NG 166 -67.16 -22.74 -50.73
CA LEU NG 166 -68.51 -22.57 -51.25
C LEU NG 166 -68.44 -21.90 -52.60
N PRO NG 167 -69.39 -22.17 -53.50
CA PRO NG 167 -69.44 -21.43 -54.76
C PRO NG 167 -69.97 -20.01 -54.53
N LYS NG 168 -69.75 -19.18 -55.54
CA LYS NG 168 -70.30 -17.82 -55.56
C LYS NG 168 -71.19 -17.60 -56.77
N THR NG 169 -70.73 -17.96 -57.95
CA THR NG 169 -71.46 -17.79 -59.19
C THR NG 169 -71.94 -19.13 -59.72
N LYS NG 170 -72.76 -19.04 -60.76
CA LYS NG 170 -73.28 -20.23 -61.43
C LYS NG 170 -72.17 -21.03 -62.08
N ALA NG 171 -71.11 -20.36 -62.54
CA ALA NG 171 -69.96 -21.06 -63.11
C ALA NG 171 -69.29 -21.92 -62.06
N GLU NG 172 -69.11 -21.37 -60.85
CA GLU NG 172 -68.54 -22.12 -59.75
C GLU NG 172 -69.43 -23.29 -59.37
N LYS NG 173 -70.75 -23.06 -59.38
CA LYS NG 173 -71.70 -24.12 -59.06
C LYS NG 173 -71.62 -25.27 -60.06
N GLU NG 174 -71.55 -24.95 -61.35
CA GLU NG 174 -71.56 -26.02 -62.34
C GLU NG 174 -70.21 -26.73 -62.44
N ILE NG 175 -69.09 -26.03 -62.23
CA ILE NG 175 -67.83 -26.75 -62.23
C ILE NG 175 -67.73 -27.61 -60.99
N TRP NG 176 -68.35 -27.16 -59.89
CA TRP NG 176 -68.48 -27.97 -58.70
C TRP NG 176 -69.31 -29.22 -58.98
N CYS NG 177 -70.37 -29.06 -59.76
CA CYS NG 177 -71.22 -30.20 -60.13
C CYS NG 177 -70.46 -31.21 -60.96
N ILE NG 178 -69.73 -30.75 -61.99
CA ILE NG 178 -69.11 -31.70 -62.89
C ILE NG 178 -67.92 -32.39 -62.22
N TYR NG 179 -67.21 -31.68 -61.35
CA TYR NG 179 -66.10 -32.35 -60.67
C TYR NG 179 -66.59 -33.26 -59.57
N THR NG 180 -67.77 -32.96 -59.01
CA THR NG 180 -68.45 -33.90 -58.14
C THR NG 180 -68.80 -35.18 -58.89
N GLU NG 181 -69.26 -35.04 -60.14
CA GLU NG 181 -69.58 -36.22 -60.94
C GLU NG 181 -68.34 -37.07 -61.21
N ARG NG 182 -67.23 -36.42 -61.53
CA ARG NG 182 -66.00 -37.16 -61.79
C ARG NG 182 -65.50 -37.87 -60.53
N GLY NG 183 -65.59 -37.20 -59.38
CA GLY NG 183 -65.21 -37.84 -58.13
C GLY NG 183 -66.11 -39.00 -57.76
N TRP NG 184 -67.41 -38.87 -58.05
CA TRP NG 184 -68.37 -39.94 -57.80
C TRP NG 184 -68.02 -41.18 -58.62
N LYS NG 185 -67.71 -40.97 -59.91
CA LYS NG 185 -67.33 -42.10 -60.76
C LYS NG 185 -66.02 -42.72 -60.32
N ASN NG 186 -65.06 -41.90 -59.89
CA ASN NG 186 -63.77 -42.42 -59.46
C ASN NG 186 -63.89 -43.25 -58.19
N GLY NG 187 -64.77 -42.83 -57.28
CA GLY NG 187 -65.03 -43.63 -56.10
C GLY NG 187 -65.65 -44.97 -56.43
N ILE NG 188 -66.57 -44.99 -57.42
CA ILE NG 188 -67.16 -46.25 -57.87
C ILE NG 188 -66.09 -47.17 -58.42
N ASP NG 189 -65.20 -46.62 -59.24
CA ASP NG 189 -64.15 -47.43 -59.85
C ASP NG 189 -63.17 -47.96 -58.80
N GLN NG 190 -62.89 -47.14 -57.79
CA GLN NG 190 -61.99 -47.57 -56.72
C GLN NG 190 -62.58 -48.74 -55.94
N ALA NG 191 -63.87 -48.68 -55.63
CA ALA NG 191 -64.51 -49.79 -54.92
C ALA NG 191 -64.51 -51.06 -55.75
N ASN NG 192 -64.74 -50.93 -57.07
CA ASN NG 192 -64.72 -52.10 -57.93
C ASN NG 192 -63.33 -52.73 -57.99
N THR NG 193 -62.29 -51.89 -57.99
CA THR NG 193 -60.92 -52.40 -57.98
C THR NG 193 -60.62 -53.13 -56.67
N ILE NG 194 -61.15 -52.62 -55.56
CA ILE NG 194 -60.99 -53.30 -54.27
C ILE NG 194 -61.60 -54.69 -54.31
N LEU NG 195 -62.80 -54.80 -54.89
CA LEU NG 195 -63.45 -56.09 -55.06
C LEU NG 195 -62.61 -57.03 -55.91
N GLU NG 196 -62.02 -56.50 -56.99
CA GLU NG 196 -61.20 -57.33 -57.88
C GLU NG 196 -59.98 -57.89 -57.17
N GLU NG 197 -59.35 -57.07 -56.33
CA GLU NG 197 -58.20 -57.56 -55.56
C GLU NG 197 -58.58 -58.66 -54.58
N ASN NG 198 -59.72 -58.47 -53.89
CA ASN NG 198 -60.18 -59.50 -52.95
C ASN NG 198 -60.51 -60.80 -53.66
N ILE NG 199 -61.19 -60.72 -54.81
CA ILE NG 199 -61.61 -61.94 -55.47
C ILE NG 199 -60.42 -62.66 -56.07
N ALA NG 200 -59.38 -61.92 -56.49
CA ALA NG 200 -58.15 -62.57 -56.93
C ALA NG 200 -57.47 -63.32 -55.79
N ARG NG 201 -57.46 -62.72 -54.60
CA ARG NG 201 -56.82 -63.38 -53.46
C ARG NG 201 -57.54 -64.66 -53.07
N ILE NG 202 -58.87 -64.64 -53.03
CA ILE NG 202 -59.57 -65.86 -52.63
C ILE NG 202 -59.49 -66.90 -53.74
N LYS NG 203 -59.38 -66.46 -55.00
CA LYS NG 203 -59.20 -67.37 -56.11
C LYS NG 203 -57.89 -68.13 -55.99
N GLU NG 204 -56.81 -67.42 -55.66
CA GLU NG 204 -55.53 -68.11 -55.61
C GLU NG 204 -55.46 -69.04 -54.40
N ASP NG 205 -56.13 -68.69 -53.30
CA ASP NG 205 -56.15 -69.60 -52.16
C ASP NG 205 -56.88 -70.90 -52.48
N PHE NG 206 -58.05 -70.79 -53.13
CA PHE NG 206 -58.83 -71.98 -53.46
C PHE NG 206 -58.11 -72.83 -54.50
N GLY NG 207 -57.49 -72.19 -55.48
CA GLY NG 207 -56.75 -72.91 -56.49
C GLY NG 207 -55.53 -73.62 -55.93
N GLY NG 208 -54.88 -73.01 -54.94
CA GLY NG 208 -53.75 -73.66 -54.30
C GLY NG 208 -54.15 -74.91 -53.56
N MET NG 209 -55.30 -74.86 -52.88
CA MET NG 209 -55.77 -76.07 -52.19
C MET NG 209 -56.15 -77.18 -53.17
N ILE NG 210 -56.79 -76.80 -54.28
CA ILE NG 210 -57.14 -77.78 -55.31
C ILE NG 210 -55.89 -78.40 -55.91
N LEU NG 211 -54.86 -77.59 -56.10
CA LEU NG 211 -53.62 -78.09 -56.65
C LEU NG 211 -52.89 -79.00 -55.68
N TYR NG 212 -53.06 -78.75 -54.37
CA TYR NG 212 -52.52 -79.70 -53.40
C TYR NG 212 -53.16 -81.05 -53.54
N ARG NG 213 -54.49 -81.09 -53.71
CA ARG NG 213 -55.15 -82.38 -53.86
C ARG NG 213 -54.70 -83.08 -55.14
N LYS NG 214 -54.55 -82.31 -56.22
CA LYS NG 214 -54.08 -82.86 -57.49
C LYS NG 214 -52.68 -83.45 -57.36
N LEU NG 215 -51.78 -82.73 -56.70
CA LEU NG 215 -50.41 -83.22 -56.62
C LEU NG 215 -50.26 -84.39 -55.65
N LEU NG 216 -51.08 -84.41 -54.60
CA LEU NG 216 -51.06 -85.55 -53.69
C LEU NG 216 -51.55 -86.80 -54.39
N ALA NG 217 -52.55 -86.66 -55.27
CA ALA NG 217 -52.91 -87.77 -56.14
C ALA NG 217 -51.77 -88.12 -57.08
N MET NG 218 -51.03 -87.10 -57.54
CA MET NG 218 -49.94 -87.32 -58.48
C MET NG 218 -48.73 -87.97 -57.84
N ASN NG 219 -48.70 -88.04 -56.51
CA ASN NG 219 -47.61 -88.65 -55.73
C ASN NG 219 -46.28 -87.93 -55.99
N MET NG 220 -46.30 -86.63 -55.72
CA MET NG 220 -45.12 -85.81 -55.74
C MET NG 220 -44.89 -85.15 -54.40
N VAL NG 221 -45.81 -85.30 -53.45
CA VAL NG 221 -45.75 -84.62 -52.17
C VAL NG 221 -45.98 -85.63 -51.06
N SER NG 222 -45.13 -85.56 -50.05
CA SER NG 222 -45.32 -86.38 -48.86
C SER NG 222 -46.58 -85.95 -48.12
N PRO NG 223 -47.35 -86.89 -47.60
CA PRO NG 223 -48.54 -86.53 -46.85
C PRO NG 223 -48.16 -85.97 -45.49
N PRO NG 224 -49.06 -85.26 -44.83
CA PRO NG 224 -48.84 -84.95 -43.41
C PRO NG 224 -48.80 -86.22 -42.58
N TYR NG 225 -47.94 -86.21 -41.57
CA TYR NG 225 -47.80 -87.35 -40.69
C TYR NG 225 -47.87 -86.88 -39.25
N VAL NG 226 -48.77 -87.49 -38.48
CA VAL NG 226 -49.10 -87.03 -37.15
C VAL NG 226 -48.93 -88.18 -36.16
N SER NG 227 -48.12 -87.98 -35.15
CA SER NG 227 -48.00 -88.91 -34.05
C SER NG 227 -48.91 -88.49 -32.91
N HIS NG 228 -49.11 -89.42 -32.00
CA HIS NG 228 -49.93 -89.15 -30.83
C HIS NG 228 -49.49 -90.06 -29.71
N THR NG 229 -49.53 -89.53 -28.49
CA THR NG 229 -49.50 -90.35 -27.29
C THR NG 229 -50.78 -90.06 -26.52
N ASP NG 230 -51.17 -91.00 -25.69
CA ASP NG 230 -52.34 -90.75 -24.86
C ASP NG 230 -52.11 -91.41 -23.51
N LEU NG 231 -52.29 -90.62 -22.46
CA LEU NG 231 -52.04 -91.07 -21.11
C LEU NG 231 -53.36 -91.14 -20.37
N GLY NG 232 -53.41 -92.01 -19.36
CA GLY NG 232 -54.64 -92.23 -18.64
C GLY NG 232 -54.90 -91.15 -17.62
N VAL NG 233 -55.36 -91.55 -16.44
CA VAL NG 233 -55.66 -90.59 -15.41
C VAL NG 233 -54.36 -89.98 -14.91
N THR NG 234 -54.35 -88.66 -14.76
CA THR NG 234 -53.18 -87.96 -14.24
C THR NG 234 -53.62 -86.66 -13.60
N GLY NG 235 -52.80 -86.18 -12.67
CA GLY NG 235 -53.05 -84.96 -11.96
C GLY NG 235 -52.75 -85.13 -10.48
N ASP NG 236 -53.09 -84.11 -9.71
CA ASP NG 236 -52.93 -84.16 -8.27
C ASP NG 236 -54.25 -84.61 -7.63
N GLY NG 237 -54.33 -84.51 -6.31
CA GLY NG 237 -55.56 -84.83 -5.61
C GLY NG 237 -56.66 -83.80 -5.72
N SER NG 238 -56.39 -82.66 -6.36
CA SER NG 238 -57.40 -81.64 -6.58
C SER NG 238 -57.82 -81.49 -8.03
N GLU NG 239 -56.94 -81.82 -8.98
CA GLU NG 239 -57.25 -81.73 -10.40
C GLU NG 239 -57.09 -83.09 -11.02
N ILE NG 240 -58.07 -83.52 -11.79
CA ILE NG 240 -57.90 -84.73 -12.59
C ILE NG 240 -58.41 -84.50 -14.01
N HIS NG 241 -57.75 -85.17 -14.94
CA HIS NG 241 -58.26 -85.41 -16.27
C HIS NG 241 -58.30 -86.92 -16.47
N ILE NG 242 -59.42 -87.42 -16.97
CA ILE NG 242 -59.61 -88.87 -17.03
C ILE NG 242 -58.78 -89.47 -18.14
N ASP NG 243 -58.92 -88.96 -19.35
CA ASP NG 243 -58.11 -89.37 -20.48
C ASP NG 243 -57.48 -88.14 -21.09
N ASP NG 244 -56.15 -88.16 -21.25
CA ASP NG 244 -55.39 -86.99 -21.71
C ASP NG 244 -54.60 -87.40 -22.94
N ARG NG 245 -55.03 -86.94 -24.10
CA ARG NG 245 -54.42 -87.32 -25.37
C ARG NG 245 -53.63 -86.14 -25.93
N VAL NG 246 -52.37 -86.40 -26.27
CA VAL NG 246 -51.48 -85.43 -26.87
C VAL NG 246 -51.29 -85.78 -28.33
N LEU NG 247 -51.58 -84.85 -29.21
CA LEU NG 247 -51.46 -85.07 -30.65
C LEU NG 247 -50.51 -84.05 -31.24
N ARG NG 248 -49.53 -84.52 -32.01
CA ARG NG 248 -48.53 -83.62 -32.56
C ARG NG 248 -48.15 -84.06 -33.96
N ILE NG 249 -48.03 -83.09 -34.86
CA ILE NG 249 -47.67 -83.36 -36.25
C ILE NG 249 -46.16 -83.32 -36.36
N THR NG 250 -45.57 -84.40 -36.89
CA THR NG 250 -44.13 -84.53 -36.90
C THR NG 250 -43.51 -84.27 -38.25
N ALA NG 251 -44.27 -84.44 -39.33
CA ALA NG 251 -43.74 -84.31 -40.69
C ALA NG 251 -44.59 -83.32 -41.46
N LEU NG 252 -44.00 -82.17 -41.78
CA LEU NG 252 -44.66 -81.23 -42.66
C LEU NG 252 -44.71 -81.79 -44.07
N PRO NG 253 -45.82 -81.59 -44.78
CA PRO NG 253 -45.90 -82.06 -46.16
C PRO NG 253 -44.99 -81.26 -47.07
N GLU NG 254 -44.16 -81.96 -47.83
CA GLU NG 254 -43.25 -81.29 -48.74
C GLU NG 254 -43.06 -82.13 -49.99
N LEU NG 255 -42.57 -81.49 -51.05
CA LEU NG 255 -42.38 -82.17 -52.31
C LEU NG 255 -41.17 -83.08 -52.26
N ASN NG 256 -41.20 -84.13 -53.06
CA ASN NG 256 -40.06 -85.04 -53.20
C ASN NG 256 -39.26 -84.66 -54.44
N VAL NG 257 -37.99 -85.05 -54.44
CA VAL NG 257 -37.14 -84.89 -55.61
C VAL NG 257 -36.75 -86.22 -56.23
N ASN NG 258 -37.10 -87.33 -55.60
CA ASN NG 258 -36.89 -88.64 -56.21
C ASN NG 258 -37.88 -88.79 -57.35
N SER NG 259 -37.44 -88.49 -58.55
CA SER NG 259 -38.36 -88.35 -59.66
C SER NG 259 -38.85 -89.67 -60.22
N ALA NG 260 -38.17 -90.78 -59.89
CA ALA NG 260 -38.57 -92.07 -60.44
C ALA NG 260 -39.90 -92.57 -59.89
N GLU NG 261 -40.33 -92.03 -58.75
CA GLU NG 261 -41.53 -92.48 -58.08
C GLU NG 261 -42.72 -91.59 -58.39
N TRP NG 262 -42.79 -91.07 -59.60
CA TRP NG 262 -43.80 -90.11 -59.99
C TRP NG 262 -44.92 -90.83 -60.72
N ARG NG 263 -46.13 -90.72 -60.19
CA ARG NG 263 -47.29 -91.42 -60.73
C ARG NG 263 -47.70 -90.80 -62.06
N ALA NG 264 -48.27 -91.63 -62.92
CA ALA NG 264 -48.66 -91.19 -64.25
C ALA NG 264 -50.10 -90.71 -64.26
N ALA NG 265 -50.64 -90.48 -65.46
CA ALA NG 265 -52.03 -90.14 -65.66
C ALA NG 265 -52.42 -90.55 -67.07
N VAL NG 266 -53.71 -90.83 -67.26
CA VAL NG 266 -54.22 -91.29 -68.55
C VAL NG 266 -55.69 -90.87 -68.63
N ALA NG 267 -56.30 -90.99 -69.80
CA ALA NG 267 -57.74 -90.78 -69.93
C ALA NG 267 -58.26 -91.68 -71.04
N LYS NG 268 -59.58 -91.87 -71.04
CA LYS NG 268 -60.24 -92.62 -72.10
C LYS NG 268 -61.45 -91.88 -72.62
N CYS OG 42 26.65 126.15 83.29
CA CYS OG 42 25.51 125.45 83.85
C CYS OG 42 25.95 124.15 84.51
N PHE OG 43 26.44 123.22 83.70
CA PHE OG 43 26.82 121.91 84.19
C PHE OG 43 27.83 121.31 83.22
N HIS OG 44 28.74 120.50 83.75
CA HIS OG 44 29.72 119.83 82.92
C HIS OG 44 29.54 118.32 82.98
N PRO OG 45 29.52 117.64 81.84
CA PRO OG 45 29.48 116.18 81.80
C PRO OG 45 30.65 115.50 82.53
N PRO OG 46 31.90 116.08 82.56
CA PRO OG 46 32.84 115.31 83.40
C PRO OG 46 32.68 115.58 84.88
N TYR OG 47 31.58 115.05 85.44
CA TYR OG 47 31.23 115.09 86.86
C TYR OG 47 31.15 116.52 87.41
N ASN OG 48 30.95 117.49 86.51
CA ASN OG 48 30.95 118.93 86.79
C ASN OG 48 32.21 119.37 87.53
N ASN OG 49 33.32 118.70 87.22
CA ASN OG 49 34.66 118.99 87.77
C ASN OG 49 34.69 118.91 89.30
N PHE OG 50 33.84 118.05 89.86
CA PHE OG 50 33.73 117.80 91.32
C PHE OG 50 33.43 119.05 92.11
N GLN OG 51 32.73 119.99 91.51
CA GLN OG 51 32.19 121.10 92.26
C GLN OG 51 30.90 120.67 92.95
N PRO OG 52 30.48 121.40 93.98
CA PRO OG 52 29.11 121.23 94.47
C PRO OG 52 28.09 121.53 93.38
N ASP OG 53 27.05 120.72 93.34
CA ASP OG 53 26.10 120.75 92.24
C ASP OG 53 25.20 121.97 92.34
N ARG OG 54 25.05 122.70 91.23
CA ARG OG 54 24.18 123.85 91.15
C ARG OG 54 23.14 123.53 90.08
N ARG OG 55 22.08 122.85 90.48
CA ARG OG 55 21.00 122.50 89.59
C ARG OG 55 19.66 123.07 90.02
N ALA OG 56 19.41 123.17 91.32
CA ALA OG 56 18.16 123.74 91.81
C ALA OG 56 18.06 125.23 91.49
N VAL OG 57 19.19 125.94 91.59
CA VAL OG 57 19.20 127.35 91.22
C VAL OG 57 18.98 127.51 89.73
N LYS OG 58 19.51 126.58 88.93
CA LYS OG 58 19.24 126.58 87.50
C LYS OG 58 17.76 126.33 87.21
N ARG OG 59 17.15 125.43 87.98
CA ARG OG 59 15.72 125.14 87.78
C ARG OG 59 14.86 126.34 88.12
N VAL OG 60 15.13 127.00 89.25
CA VAL OG 60 14.30 128.16 89.59
C VAL OG 60 14.59 129.35 88.68
N GLY OG 61 15.84 129.47 88.17
CA GLY OG 61 16.13 130.51 87.20
C GLY OG 61 15.43 130.29 85.88
N VAL OG 62 15.44 129.05 85.38
CA VAL OG 62 14.79 128.76 84.12
C VAL OG 62 13.27 128.75 84.27
N ASP OG 63 12.76 128.56 85.48
CA ASP OG 63 11.34 128.73 85.71
C ASP OG 63 10.95 130.20 85.76
N THR OG 64 11.76 131.03 86.42
CA THR OG 64 11.46 132.45 86.55
C THR OG 64 11.83 133.26 85.32
N GLY OG 65 12.47 132.65 84.33
CA GLY OG 65 12.73 133.32 83.07
C GLY OG 65 11.47 133.57 82.25
N GLY OG 88 6.04 133.11 89.33
CA GLY OG 88 6.70 131.91 88.87
C GLY OG 88 7.72 131.37 89.85
N GLY OG 89 8.07 132.20 90.84
CA GLY OG 89 9.00 131.76 91.87
C GLY OG 89 8.44 130.65 92.72
N THR OG 90 7.13 130.68 92.98
CA THR OG 90 6.47 129.67 93.79
C THR OG 90 6.49 128.30 93.10
N VAL OG 91 6.10 128.28 91.82
CA VAL OG 91 6.08 127.01 91.09
C VAL OG 91 7.51 126.53 90.83
N GLY OG 92 8.45 127.46 90.64
CA GLY OG 92 9.84 127.07 90.52
C GLY OG 92 10.41 126.45 91.78
N LEU OG 93 10.07 127.00 92.94
CA LEU OG 93 10.57 126.46 94.20
C LEU OG 93 9.94 125.11 94.53
N VAL OG 94 8.64 124.95 94.26
CA VAL OG 94 8.03 123.67 94.57
C VAL OG 94 8.49 122.61 93.58
N ALA OG 95 8.80 123.00 92.33
CA ALA OG 95 9.41 122.06 91.40
C ALA OG 95 10.82 121.70 91.85
N SER OG 96 11.54 122.66 92.42
CA SER OG 96 12.88 122.41 92.93
C SER OG 96 12.86 121.41 94.08
N ILE OG 97 11.94 121.58 95.03
CA ILE OG 97 11.89 120.65 96.14
C ILE OG 97 11.31 119.31 95.71
N TYR OG 98 10.50 119.28 94.64
CA TYR OG 98 10.12 118.02 94.01
C TYR OG 98 11.34 117.32 93.44
N ARG OG 99 12.26 118.10 92.87
CA ARG OG 99 13.49 117.53 92.32
C ARG OG 99 14.41 117.00 93.42
N ASP OG 100 14.59 117.76 94.49
CA ASP OG 100 15.51 117.34 95.54
C ASP OG 100 14.86 116.43 96.56
N SER OG 101 13.58 116.11 96.39
CA SER OG 101 12.93 115.14 97.25
C SER OG 101 13.58 113.77 97.11
N LYS OG 102 13.78 113.11 98.24
CA LYS OG 102 14.54 111.86 98.25
C LYS OG 102 13.78 110.74 97.55
N ARG OG 103 12.46 110.78 97.61
CA ARG OG 103 11.64 109.80 96.90
C ARG OG 103 11.82 109.91 95.40
N LYS OG 104 11.96 111.14 94.89
CA LYS OG 104 12.22 111.34 93.46
C LYS OG 104 13.57 110.77 93.06
N ILE OG 105 14.56 110.92 93.95
CA ILE OG 105 15.90 110.38 93.69
C ILE OG 105 15.86 108.87 93.63
N ILE OG 106 15.15 108.25 94.57
CA ILE OG 106 15.04 106.80 94.60
C ILE OG 106 14.27 106.29 93.38
N ARG OG 107 13.23 107.01 92.97
CA ARG OG 107 12.47 106.60 91.80
C ARG OG 107 13.29 106.76 90.52
N ASP OG 108 14.15 107.77 90.45
CA ASP OG 108 15.03 107.89 89.29
C ASP OG 108 16.09 106.80 89.25
N LEU OG 109 16.59 106.40 90.42
CA LEU OG 109 17.52 105.28 90.46
C LEU OG 109 16.82 103.97 90.11
N GLN OG 110 15.53 103.86 90.46
CA GLN OG 110 14.75 102.70 90.05
C GLN OG 110 14.48 102.71 88.57
N LYS OG 111 14.36 103.91 87.99
CA LYS OG 111 14.30 104.04 86.54
C LYS OG 111 15.62 103.60 85.92
N GLN OG 112 16.71 103.88 86.60
CA GLN OG 112 17.98 103.28 86.22
C GLN OG 112 18.04 101.84 86.72
N ASP OG 113 19.14 101.17 86.44
CA ASP OG 113 19.30 99.79 86.86
C ASP OG 113 20.01 99.69 88.21
N ILE OG 114 19.51 100.43 89.20
CA ILE OG 114 20.22 100.61 90.46
C ILE OG 114 19.36 100.00 91.56
N GLN OG 115 19.92 99.02 92.27
CA GLN OG 115 19.12 98.28 93.23
C GLN OG 115 19.27 98.91 94.60
N TYR OG 116 18.18 99.45 95.13
CA TYR OG 116 18.19 100.15 96.41
C TYR OG 116 17.37 99.36 97.42
N VAL OG 117 17.96 99.11 98.59
CA VAL OG 117 17.26 98.38 99.64
C VAL OG 117 17.44 99.13 100.95
N GLU OG 118 16.32 99.46 101.60
CA GLU OG 118 16.31 99.98 102.95
C GLU OG 118 15.58 99.00 103.84
N TYR OG 119 16.21 98.61 104.94
CA TYR OG 119 15.63 97.65 105.86
C TYR OG 119 16.23 97.86 107.24
N GLY OG 120 15.40 98.24 108.19
CA GLY OG 120 15.91 98.58 109.52
C GLY OG 120 16.67 99.89 109.46
N ASP OG 121 17.85 99.91 110.05
CA ASP OG 121 18.73 101.07 110.02
C ASP OG 121 19.92 100.88 109.09
N THR OG 122 20.03 99.72 108.45
CA THR OG 122 21.12 99.41 107.55
C THR OG 122 20.60 99.48 106.13
N ARG OG 123 21.31 100.18 105.26
CA ARG OG 123 20.86 100.35 103.90
C ARG OG 123 21.93 99.89 102.93
N THR OG 124 21.48 99.34 101.79
CA THR OG 124 22.37 98.76 100.80
C THR OG 124 22.02 99.25 99.40
N LEU OG 125 23.07 99.41 98.61
CA LEU OG 125 22.99 99.85 97.22
C LEU OG 125 23.77 98.89 96.35
N ILE OG 126 23.17 98.43 95.25
CA ILE OG 126 23.78 97.46 94.37
C ILE OG 126 23.90 98.06 92.98
N ILE OG 127 25.10 97.97 92.42
CA ILE OG 127 25.44 98.57 91.14
C ILE OG 127 25.89 97.46 90.20
N PRO OG 128 25.34 97.38 88.97
CA PRO OG 128 25.74 96.33 88.03
C PRO OG 128 27.08 96.62 87.40
N THR OG 129 28.02 95.69 87.60
CA THR OG 129 29.38 95.85 87.09
C THR OG 129 29.41 95.89 85.57
N ASP OG 130 28.63 95.01 84.95
CA ASP OG 130 28.67 94.87 83.50
C ASP OG 130 28.13 96.12 82.80
N LYS OG 131 27.07 96.72 83.33
CA LYS OG 131 26.54 97.91 82.68
C LYS OG 131 27.33 99.15 83.06
N TYR OG 132 27.68 99.32 84.33
CA TYR OG 132 28.26 100.58 84.78
C TYR OG 132 29.78 100.57 84.84
N PHE OG 133 30.42 99.54 84.29
CA PHE OG 133 31.87 99.46 84.30
C PHE OG 133 32.39 99.25 82.89
N MET OG 134 33.61 99.71 82.64
CA MET OG 134 34.27 99.32 81.42
C MET OG 134 34.62 97.85 81.49
N PHE OG 135 34.41 97.15 80.38
CA PHE OG 135 34.44 95.69 80.38
C PHE OG 135 35.85 95.15 80.59
N SER OG 136 35.93 94.12 81.44
CA SER OG 136 37.13 93.31 81.69
C SER OG 136 38.30 94.14 82.20
N SER OG 137 38.00 95.21 82.92
CA SER OG 137 39.01 96.18 83.32
C SER OG 137 38.48 96.94 84.51
N PRO OG 138 39.35 97.43 85.38
CA PRO OG 138 38.88 98.21 86.53
C PRO OG 138 38.46 99.63 86.19
N ARG OG 139 38.45 100.01 84.92
CA ARG OG 139 37.92 101.30 84.53
C ARG OG 139 36.39 101.27 84.55
N LEU OG 140 35.81 102.46 84.45
CA LEU OG 140 34.37 102.61 84.51
C LEU OG 140 33.88 103.39 83.31
N ASN OG 141 32.67 103.09 82.87
CA ASN OG 141 32.05 103.86 81.80
C ASN OG 141 31.71 105.26 82.27
N GLU OG 142 32.05 106.25 81.47
CA GLU OG 142 31.70 107.62 81.79
C GLU OG 142 30.36 108.04 81.23
N ILE OG 143 29.79 107.26 80.32
CA ILE OG 143 28.53 107.66 79.68
C ILE OG 143 27.38 107.58 80.67
N CYS OG 144 27.45 106.66 81.62
CA CYS OG 144 26.39 106.51 82.61
C CYS OG 144 26.60 107.37 83.84
N TYR OG 145 27.24 108.51 83.69
CA TYR OG 145 27.42 109.52 84.74
C TYR OG 145 26.16 110.05 85.45
N PRO OG 146 24.94 110.09 84.87
CA PRO OG 146 23.80 110.49 85.70
C PRO OG 146 23.54 109.57 86.88
N GLY OG 147 23.80 108.27 86.72
CA GLY OG 147 23.70 107.36 87.84
C GLY OG 147 24.66 107.71 88.96
N LEU OG 148 25.90 108.03 88.62
CA LEU OG 148 26.88 108.37 89.64
C LEU OG 148 26.57 109.70 90.30
N ASN OG 149 26.04 110.66 89.54
CA ASN OG 149 25.61 111.91 90.14
C ASN OG 149 24.46 111.70 91.12
N ASN OG 150 23.53 110.81 90.77
CA ASN OG 150 22.44 110.48 91.68
C ASN OG 150 22.95 109.75 92.91
N VAL OG 151 23.97 108.91 92.73
CA VAL OG 151 24.55 108.19 93.86
C VAL OG 151 25.21 109.15 94.84
N ILE OG 152 25.95 110.12 94.32
CA ILE OG 152 26.60 111.11 95.20
C ILE OG 152 25.56 111.99 95.88
N ARG OG 153 24.52 112.41 95.15
CA ARG OG 153 23.48 113.22 95.75
C ARG OG 153 22.68 112.44 96.79
N LEU OG 154 22.54 111.13 96.62
CA LEU OG 154 21.86 110.34 97.63
C LEU OG 154 22.72 110.15 98.88
N LEU OG 155 23.99 109.82 98.69
CA LEU OG 155 24.82 109.54 99.85
C LEU OG 155 25.44 110.80 100.44
N ASN OG 156 25.05 111.97 99.95
CA ASN OG 156 25.44 113.21 100.61
C ASN OG 156 24.78 113.39 101.98
N PHE OG 157 23.70 112.67 102.27
CA PHE OG 157 22.83 113.04 103.37
C PHE OG 157 23.32 112.62 104.76
N TYR OG 158 24.17 111.59 104.86
CA TYR OG 158 24.53 111.02 106.15
C TYR OG 158 26.04 111.10 106.34
N PRO OG 159 26.55 112.25 106.77
CA PRO OG 159 28.00 112.45 106.76
C PRO OG 159 28.73 111.88 107.97
N GLN OG 160 28.10 110.98 108.72
CA GLN OG 160 28.70 110.47 109.94
C GLN OG 160 28.90 108.97 109.95
N SER OG 161 28.03 108.21 109.31
CA SER OG 161 28.08 106.76 109.39
C SER OG 161 29.20 106.19 108.55
N THR OG 162 29.64 105.00 108.93
CA THR OG 162 30.66 104.29 108.17
C THR OG 162 30.01 103.56 107.00
N ILE OG 163 30.75 103.48 105.90
CA ILE OG 163 30.27 102.84 104.68
C ILE OG 163 31.24 101.72 104.30
N TYR OG 164 30.73 100.51 104.24
CA TYR OG 164 31.47 99.38 103.70
C TYR OG 164 31.15 99.24 102.22
N VAL OG 165 32.16 98.88 101.44
CA VAL OG 165 31.99 98.64 100.00
C VAL OG 165 32.65 97.33 99.63
N ALA OG 166 31.94 96.50 98.88
CA ALA OG 166 32.40 95.17 98.54
C ALA OG 166 32.10 94.87 97.08
N GLY OG 167 32.85 93.94 96.53
CA GLY OG 167 32.71 93.59 95.12
C GLY OG 167 32.53 92.11 94.91
N PHE OG 168 31.80 91.76 93.86
CA PHE OG 168 31.50 90.36 93.57
C PHE OG 168 31.59 90.10 92.09
N THR OG 169 32.06 88.90 91.74
CA THR OG 169 32.22 88.48 90.36
C THR OG 169 31.58 87.12 90.12
N ASP OG 170 31.77 86.57 88.92
CA ASP OG 170 31.28 85.25 88.58
C ASP OG 170 32.36 84.21 88.86
N ASN OG 171 32.19 83.01 88.32
CA ASN OG 171 32.92 81.84 88.80
C ASN OG 171 34.05 81.37 87.90
N VAL OG 172 34.15 81.82 86.66
CA VAL OG 172 34.97 81.16 85.67
C VAL OG 172 36.29 81.92 85.52
N GLY OG 173 37.41 81.20 85.72
CA GLY OG 173 38.75 81.74 85.65
C GLY OG 173 39.55 81.40 86.87
N SER OG 174 40.72 82.04 87.00
CA SER OG 174 41.55 81.86 88.19
C SER OG 174 40.95 82.59 89.37
N ARG OG 175 40.95 81.90 90.52
CA ARG OG 175 40.35 82.44 91.73
C ARG OG 175 41.13 83.65 92.24
N SER OG 176 42.46 83.56 92.24
CA SER OG 176 43.30 84.66 92.69
C SER OG 176 43.14 85.87 91.79
N HIS OG 177 43.08 85.62 90.48
CA HIS OG 177 42.86 86.67 89.52
C HIS OG 177 41.51 87.33 89.74
N LYS OG 178 40.48 86.52 90.06
CA LYS OG 178 39.16 87.06 90.37
C LYS OG 178 39.20 87.93 91.61
N ARG OG 179 39.94 87.48 92.62
CA ARG OG 179 40.02 88.21 93.88
C ARG OG 179 40.66 89.58 93.67
N LYS OG 180 41.78 89.62 92.96
CA LYS OG 180 42.43 90.90 92.78
C LYS OG 180 41.69 91.79 91.80
N LEU OG 181 40.95 91.21 90.86
CA LEU OG 181 40.12 92.02 89.98
C LEU OG 181 38.98 92.68 90.74
N SER OG 182 38.34 91.93 91.63
CA SER OG 182 37.28 92.50 92.46
C SER OG 182 37.85 93.58 93.37
N GLN OG 183 39.06 93.35 93.91
CA GLN OG 183 39.70 94.35 94.74
C GLN OG 183 39.99 95.63 93.95
N ALA OG 184 40.41 95.48 92.70
CA ALA OG 184 40.70 96.64 91.87
C ALA OG 184 39.44 97.44 91.60
N GLN OG 185 38.34 96.76 91.28
CA GLN OG 185 37.10 97.47 91.02
C GLN OG 185 36.57 98.16 92.27
N ALA OG 186 36.69 97.48 93.40
CA ALA OG 186 36.25 98.06 94.66
C ALA OG 186 37.07 99.29 95.03
N GLU OG 187 38.37 99.23 94.82
CA GLU OG 187 39.19 100.37 95.18
C GLU OG 187 39.02 101.52 94.19
N THR OG 188 38.64 101.22 92.95
CA THR OG 188 38.29 102.29 92.02
C THR OG 188 37.05 103.04 92.48
N MET OG 189 36.02 102.29 92.89
CA MET OG 189 34.82 102.93 93.44
C MET OG 189 35.14 103.68 94.73
N MET OG 190 36.05 103.14 95.53
CA MET OG 190 36.51 103.80 96.74
C MET OG 190 37.16 105.14 96.42
N THR OG 191 37.97 105.18 95.37
CA THR OG 191 38.63 106.41 94.96
C THR OG 191 37.62 107.45 94.49
N PHE OG 192 36.60 107.01 93.74
CA PHE OG 192 35.54 107.93 93.31
C PHE OG 192 34.80 108.52 94.50
N LEU OG 193 34.44 107.66 95.46
CA LEU OG 193 33.73 108.12 96.64
C LEU OG 193 34.59 109.04 97.49
N TRP OG 194 35.90 108.81 97.53
CA TRP OG 194 36.78 109.69 98.28
C TRP OG 194 36.92 111.03 97.60
N ALA OG 195 37.05 111.03 96.28
CA ALA OG 195 37.20 112.28 95.56
C ALA OG 195 35.91 113.08 95.52
N ASN OG 196 34.79 112.47 95.83
CA ASN OG 196 33.55 113.24 95.90
C ASN OG 196 33.32 113.90 97.25
N GLY OG 197 34.38 114.17 98.00
CA GLY OG 197 34.25 115.02 99.17
C GLY OG 197 33.92 114.32 100.47
N ILE OG 198 34.29 113.05 100.60
CA ILE OG 198 34.10 112.31 101.85
C ILE OG 198 35.46 111.81 102.30
N ALA OG 199 35.80 112.08 103.55
CA ALA OG 199 37.13 111.82 104.08
C ALA OG 199 37.41 110.34 104.21
N ALA OG 200 38.70 110.01 104.24
CA ALA OG 200 39.17 108.64 104.19
C ALA OG 200 39.10 107.93 105.52
N LYS OG 201 38.71 108.60 106.59
CA LYS OG 201 38.59 107.93 107.87
C LYS OG 201 37.30 107.14 107.98
N ARG OG 202 36.41 107.23 106.99
CA ARG OG 202 35.12 106.59 107.06
C ARG OG 202 34.97 105.40 106.11
N LEU OG 203 36.01 105.03 105.39
CA LEU OG 203 35.87 104.08 104.30
C LEU OG 203 36.89 102.95 104.39
N LYS OG 204 36.44 101.75 104.05
CA LYS OG 204 37.34 100.64 103.77
C LYS OG 204 36.66 99.76 102.74
N ALA OG 205 37.46 99.07 101.93
CA ALA OG 205 36.97 98.40 100.75
C ALA OG 205 37.36 96.94 100.75
N GLU OG 206 36.57 96.13 100.06
CA GLU OG 206 36.83 94.71 99.97
C GLU OG 206 36.17 94.11 98.75
N GLY OG 207 36.85 93.16 98.12
CA GLY OG 207 36.28 92.47 96.97
C GLY OG 207 36.46 90.97 97.07
N TYR OG 208 35.37 90.22 97.00
CA TYR OG 208 35.42 88.78 97.08
C TYR OG 208 35.28 88.19 95.69
N GLY OG 209 35.31 86.87 95.64
CA GLY OG 209 35.15 86.18 94.38
C GLY OG 209 33.71 85.73 94.24
N ASP OG 210 33.47 84.48 94.60
CA ASP OG 210 32.13 83.93 94.68
C ASP OG 210 31.92 83.28 96.03
N LYS OG 211 32.27 84.01 97.08
CA LYS OG 211 32.19 83.44 98.43
C LYS OG 211 30.75 83.34 98.90
N ASN OG 212 29.91 84.28 98.50
CA ASN OG 212 28.47 84.19 98.74
C ASN OG 212 27.80 84.77 97.50
N ALA OG 213 27.51 83.91 96.54
CA ALA OG 213 26.77 84.35 95.37
C ALA OG 213 25.29 84.37 95.70
N ILE OG 214 24.64 85.49 95.39
CA ILE OG 214 23.20 85.57 95.65
C ILE OG 214 22.40 84.88 94.57
N SER OG 215 23.05 84.40 93.52
CA SER OG 215 22.36 83.75 92.42
C SER OG 215 23.14 82.49 92.06
N ASP OG 216 22.46 81.60 91.35
CA ASP OG 216 23.14 80.43 90.81
C ASP OG 216 24.10 80.85 89.71
N ASN OG 217 25.25 80.17 89.63
CA ASN OG 217 26.24 80.53 88.63
C ASN OG 217 26.19 79.65 87.39
N ALA OG 218 25.53 78.51 87.44
CA ALA OG 218 25.48 77.65 86.27
C ALA OG 218 24.48 78.10 85.24
N ILE OG 219 23.59 79.03 85.59
CA ILE OG 219 22.57 79.51 84.69
C ILE OG 219 22.97 80.91 84.22
N ILE OG 220 22.54 81.27 83.02
CA ILE OG 220 23.10 82.43 82.34
C ILE OG 220 22.68 83.73 83.02
N HIS OG 221 21.40 83.84 83.35
CA HIS OG 221 20.93 85.08 83.95
C HIS OG 221 21.40 85.20 85.40
N GLY OG 222 21.51 84.08 86.11
CA GLY OG 222 22.07 84.12 87.44
C GLY OG 222 23.54 84.47 87.43
N SER OG 223 24.27 84.00 86.41
CA SER OG 223 25.65 84.39 86.24
C SER OG 223 25.77 85.86 85.90
N ALA OG 224 24.77 86.41 85.21
CA ALA OG 224 24.71 87.85 85.05
C ALA OG 224 24.49 88.55 86.39
N GLN OG 225 23.65 87.98 87.24
CA GLN OG 225 23.36 88.63 88.51
C GLN OG 225 24.51 88.55 89.50
N ASN OG 226 25.37 87.54 89.39
CA ASN OG 226 26.37 87.29 90.41
C ASN OG 226 27.43 88.38 90.48
N ARG OG 227 27.73 89.02 89.35
CA ARG OG 227 28.71 90.11 89.35
C ARG OG 227 28.02 91.39 89.76
N ARG OG 228 28.53 92.03 90.81
CA ARG OG 228 27.82 93.17 91.39
C ARG OG 228 28.79 94.00 92.22
N ILE OG 229 28.34 95.20 92.57
CA ILE OG 229 29.03 96.08 93.50
C ILE OG 229 28.07 96.39 94.65
N GLU OG 230 28.51 96.10 95.87
CA GLU OG 230 27.70 96.19 97.07
C GLU OG 230 28.15 97.38 97.90
N ILE OG 231 27.18 98.15 98.41
CA ILE OG 231 27.42 99.26 99.31
C ILE OG 231 26.52 99.06 100.52
N GLN OG 232 27.11 98.95 101.70
CA GLN OG 232 26.36 98.86 102.95
C GLN OG 232 26.70 100.05 103.81
N TRP OG 233 25.71 100.60 104.51
CA TRP OG 233 26.04 101.56 105.56
C TRP OG 233 25.00 101.56 106.67
N PHE OG 234 25.51 101.87 107.87
CA PHE OG 234 24.77 101.96 109.11
C PHE OG 234 24.22 103.37 109.28
N THR OG 235 23.79 103.68 110.50
CA THR OG 235 23.54 105.06 110.90
C THR OG 235 24.48 105.50 112.01
N SER OG 236 24.58 104.73 113.08
CA SER OG 236 25.58 104.96 114.11
C SER OG 236 26.59 103.82 114.09
N LEU PG 113 66.29 115.91 132.37
CA LEU PG 113 65.92 117.18 131.77
C LEU PG 113 64.46 117.14 131.30
N ASN PG 114 63.68 118.13 131.71
CA ASN PG 114 62.25 118.17 131.42
C ASN PG 114 61.94 119.02 130.19
N ARG PG 115 62.37 120.27 130.21
CA ARG PG 115 62.07 121.19 129.12
C ARG PG 115 63.23 122.14 128.95
N PHE PG 116 63.54 122.47 127.70
CA PHE PG 116 64.55 123.47 127.38
C PHE PG 116 63.92 124.54 126.50
N ARG PG 117 64.21 125.80 126.81
CA ARG PG 117 63.74 126.92 126.02
C ARG PG 117 64.94 127.80 125.67
N TYR PG 118 64.91 128.36 124.46
CA TYR PG 118 66.00 129.22 124.02
C TYR PG 118 65.48 130.44 123.30
N GLU PG 119 65.97 131.60 123.73
CA GLU PG 119 65.83 132.87 123.02
C GLU PG 119 67.18 133.55 123.02
N GLY PG 120 67.22 134.79 122.56
CA GLY PG 120 68.42 135.58 122.65
C GLY PG 120 69.43 135.37 121.56
N ALA PG 121 69.13 134.51 120.57
CA ALA PG 121 69.92 134.29 119.35
C ALA PG 121 71.35 133.84 119.67
N GLY PG 122 71.43 132.65 120.29
CA GLY PG 122 72.70 132.07 120.67
C GLY PG 122 72.96 130.74 119.99
N VAL PG 123 74.09 130.13 120.37
CA VAL PG 123 74.58 128.89 119.80
C VAL PG 123 74.66 127.85 120.92
N VAL PG 124 74.04 126.70 120.70
CA VAL PG 124 74.07 125.59 121.66
C VAL PG 124 74.65 124.36 120.96
N THR PG 125 75.62 123.72 121.61
CA THR PG 125 76.16 122.43 121.18
C THR PG 125 76.05 121.45 122.33
N GLY PG 126 75.31 120.36 122.14
CA GLY PG 126 75.13 119.40 123.21
C GLY PG 126 75.10 117.96 122.73
N ASN PG 127 75.87 117.10 123.39
CA ASN PG 127 76.03 115.74 122.92
C ASN PG 127 75.84 114.77 124.07
N ASN PG 128 75.39 113.55 123.71
CA ASN PG 128 75.24 112.40 124.61
C ASN PG 128 74.26 112.70 125.75
N LEU PG 129 73.03 113.03 125.36
CA LEU PG 129 71.97 113.30 126.32
C LEU PG 129 70.87 112.27 126.16
N ARG PG 130 70.29 111.85 127.29
CA ARG PG 130 69.28 110.80 127.30
C ARG PG 130 68.07 111.26 128.10
N THR PG 131 66.90 110.81 127.68
CA THR PG 131 65.67 111.08 128.42
C THR PG 131 64.63 110.03 128.07
N SER PG 132 63.57 110.00 128.87
CA SER PG 132 62.34 109.38 128.41
C SER PG 132 61.56 110.35 127.53
N TYR PG 133 61.51 111.62 127.94
CA TYR PG 133 60.89 112.68 127.16
C TYR PG 133 61.44 114.01 127.66
N LEU PG 134 61.71 114.92 126.73
CA LEU PG 134 61.86 116.32 127.08
C LEU PG 134 61.27 117.18 125.97
N ASP PG 135 60.91 118.41 126.33
CA ASP PG 135 60.31 119.34 125.40
C ASP PG 135 61.32 120.40 124.98
N LEU PG 136 61.17 120.88 123.76
CA LEU PG 136 62.02 121.91 123.19
C LEU PG 136 61.18 123.08 122.73
N TYR PG 137 61.59 124.28 123.10
CA TYR PG 137 61.01 125.50 122.57
C TYR PG 137 62.16 126.41 122.17
N LEU PG 138 62.13 126.90 120.93
CA LEU PG 138 63.23 127.66 120.37
C LEU PG 138 62.68 128.90 119.69
N ALA PG 139 63.46 129.98 119.73
CA ALA PG 139 63.02 131.21 119.09
C ALA PG 139 64.22 132.01 118.59
N ASN PG 140 64.05 132.57 117.39
CA ASN PG 140 64.84 133.69 116.87
C ASN PG 140 66.33 133.35 116.75
N GLU PG 141 66.59 132.41 115.83
CA GLU PG 141 67.94 132.01 115.40
C GLU PG 141 68.72 131.43 116.58
N GLY PG 142 68.17 130.36 117.14
CA GLY PG 142 68.94 129.58 118.09
C GLY PG 142 69.68 128.49 117.35
N THR PG 143 70.94 128.73 117.02
CA THR PG 143 71.70 127.77 116.23
C THR PG 143 72.04 126.57 117.10
N THR PG 144 71.39 125.44 116.83
CA THR PG 144 71.37 124.34 117.76
C THR PG 144 71.95 123.08 117.12
N ARG PG 145 72.84 122.41 117.87
CA ARG PG 145 73.44 121.15 117.45
C ARG PG 145 73.22 120.14 118.57
N LEU PG 146 72.58 119.02 118.24
CA LEU PG 146 72.30 117.98 119.21
C LEU PG 146 72.85 116.65 118.72
N ALA PG 147 73.57 115.96 119.58
CA ALA PG 147 74.26 114.73 119.20
C ALA PG 147 74.07 113.65 120.24
N GLY PG 148 72.95 113.68 120.96
CA GLY PG 148 72.59 112.64 121.89
C GLY PG 148 71.34 111.92 121.44
N ASN PG 149 71.06 110.80 122.10
CA ASN PG 149 69.89 109.98 121.79
C ASN PG 149 68.77 110.45 122.71
N ILE PG 150 68.00 111.42 122.22
CA ILE PG 150 66.92 112.02 122.98
C ILE PG 150 65.61 111.66 122.30
N GLY PG 151 64.73 110.97 123.04
CA GLY PG 151 63.39 110.74 122.56
C GLY PG 151 62.45 111.83 123.05
N LEU PG 152 61.84 112.56 122.13
CA LEU PG 152 61.02 113.71 122.48
C LEU PG 152 59.68 113.63 121.77
N GLN PG 153 58.66 114.16 122.42
CA GLN PG 153 57.31 114.13 121.90
C GLN PG 153 56.87 115.48 121.34
N LYS PG 154 57.49 116.58 121.75
CA LYS PG 154 57.10 117.89 121.29
C LYS PG 154 58.32 118.67 120.81
N LEU PG 155 58.07 119.61 119.90
CA LEU PG 155 59.12 120.45 119.36
C LEU PG 155 58.46 121.73 118.84
N GLU PG 156 58.75 122.86 119.48
CA GLU PG 156 58.19 124.14 119.05
C GLU PG 156 59.32 125.08 118.69
N ALA PG 157 59.25 125.65 117.49
CA ALA PG 157 60.19 126.64 117.02
C ALA PG 157 59.43 127.82 116.44
N VAL PG 158 59.89 129.03 116.75
CA VAL PG 158 59.25 130.22 116.21
C VAL PG 158 59.48 130.31 114.71
N GLY PG 159 60.73 130.14 114.29
CA GLY PG 159 61.09 130.28 112.88
C GLY PG 159 62.46 130.92 112.72
N ASN PG 160 63.01 130.81 111.49
CA ASN PG 160 64.28 131.43 111.09
C ASN PG 160 65.45 130.98 111.96
N GLY PG 161 65.44 129.72 112.37
CA GLY PG 161 66.50 129.19 113.20
C GLY PG 161 67.00 127.86 112.65
N VAL PG 162 68.31 127.65 112.77
CA VAL PG 162 68.97 126.50 112.19
C VAL PG 162 69.27 125.48 113.28
N THR PG 163 68.89 124.23 113.03
CA THR PG 163 68.99 123.18 114.02
C THR PG 163 69.34 121.87 113.34
N GLN PG 164 70.39 121.20 113.82
CA GLN PG 164 70.74 119.87 113.35
C GLN PG 164 70.75 118.93 114.56
N ILE PG 165 69.89 117.92 114.53
CA ILE PG 165 69.79 116.94 115.59
C ILE PG 165 70.09 115.57 115.00
N ASN PG 166 71.01 114.85 115.61
CA ASN PG 166 71.45 113.55 115.13
C ASN PG 166 71.00 112.48 116.13
N GLY PG 167 69.90 111.81 115.81
CA GLY PG 167 69.48 110.66 116.59
C GLY PG 167 68.38 110.94 117.57
N VAL PG 168 67.14 110.62 117.20
CA VAL PG 168 65.98 110.75 118.07
C VAL PG 168 65.24 109.42 118.06
N SER PG 169 65.07 108.83 119.24
CA SER PG 169 64.39 107.55 119.39
C SER PG 169 63.16 107.79 120.24
N SER PG 170 62.06 108.19 119.60
CA SER PG 170 60.85 108.56 120.31
C SER PG 170 59.67 107.72 119.83
N ARG PG 171 58.87 107.26 120.78
CA ARG PG 171 57.66 106.52 120.43
C ARG PG 171 56.61 107.45 119.82
N ASN PG 172 56.60 108.72 120.20
CA ASN PG 172 55.70 109.69 119.64
C ASN PG 172 56.44 111.00 119.45
N LEU PG 173 55.96 111.80 118.51
CA LEU PG 173 56.48 113.13 118.27
C LEU PG 173 55.41 113.93 117.54
N GLN PG 174 55.18 115.16 117.99
CA GLN PG 174 54.24 116.06 117.33
C GLN PG 174 54.97 117.33 116.92
N ILE PG 175 54.79 117.73 115.66
CA ILE PG 175 55.56 118.81 115.05
C ILE PG 175 54.60 119.89 114.56
N VAL PG 176 54.84 121.12 115.00
CA VAL PG 176 54.09 122.28 114.53
C VAL PG 176 54.97 123.51 114.66
N LEU PG 177 55.09 124.27 113.58
CA LEU PG 177 55.81 125.54 113.56
C LEU PG 177 54.94 126.59 112.89
N LYS PG 178 55.40 127.84 112.93
CA LYS PG 178 54.63 128.93 112.36
C LYS PG 178 55.45 129.81 111.43
N GLY PG 179 56.75 129.94 111.69
CA GLY PG 179 57.65 130.73 110.88
C GLY PG 179 58.30 129.90 109.81
N ASP PG 180 59.55 130.26 109.49
CA ASP PG 180 60.32 129.57 108.45
C ASP PG 180 61.64 129.08 109.02
N PRO PG 181 61.63 127.98 109.76
CA PRO PG 181 62.89 127.44 110.25
C PRO PG 181 63.48 126.41 109.31
N LYS PG 182 64.65 125.88 109.66
CA LYS PG 182 65.32 124.84 108.91
C LYS PG 182 65.59 123.68 109.86
N VAL PG 183 65.10 122.49 109.53
CA VAL PG 183 65.27 121.31 110.37
C VAL PG 183 65.56 120.10 109.50
N LEU PG 184 66.60 119.37 109.87
CA LEU PG 184 67.06 118.18 109.13
C LEU PG 184 67.54 117.18 110.17
N ILE PG 185 66.66 116.24 110.52
CA ILE PG 185 66.88 115.40 111.69
C ILE PG 185 67.01 113.96 111.26
N SER PG 186 68.01 113.27 111.82
CA SER PG 186 68.16 111.84 111.66
C SER PG 186 67.72 111.12 112.92
N GLY PG 187 67.43 109.83 112.77
CA GLY PG 187 66.97 108.99 113.86
C GLY PG 187 65.95 107.99 113.36
N PHE PG 188 65.13 107.50 114.28
CA PHE PG 188 64.01 106.60 113.94
C PHE PG 188 62.83 107.03 114.78
N VAL PG 189 61.89 107.73 114.16
CA VAL PG 189 60.83 108.44 114.85
C VAL PG 189 59.49 107.88 114.42
N ASN PG 190 58.61 107.64 115.39
CA ASN PG 190 57.22 107.29 115.10
C ASN PG 190 56.38 108.56 115.30
N LEU PG 191 56.37 109.40 114.27
CA LEU PG 191 55.58 110.62 114.28
C LEU PG 191 54.11 110.30 113.98
N ARG PG 192 53.25 111.27 114.28
CA ARG PG 192 51.82 111.10 114.01
C ARG PG 192 51.30 112.09 112.99
N GLN PG 193 51.43 113.39 113.25
CA GLN PG 193 50.72 114.39 112.47
C GLN PG 193 51.70 115.48 112.05
N LEU PG 194 51.40 116.13 110.92
CA LEU PG 194 52.23 117.24 110.47
C LEU PG 194 51.38 118.29 109.78
N ASP PG 195 51.51 119.53 110.26
CA ASP PG 195 50.76 120.67 109.74
C ASP PG 195 51.72 121.81 109.45
N MET PG 196 51.63 122.36 108.24
CA MET PG 196 52.53 123.40 107.79
C MET PG 196 51.72 124.61 107.34
N TYR PG 197 52.13 125.80 107.81
CA TYR PG 197 51.42 127.02 107.49
C TYR PG 197 52.33 128.18 107.08
N GLY PG 198 53.62 127.94 106.86
CA GLY PG 198 54.51 129.02 106.48
C GLY PG 198 55.27 128.77 105.20
N LYS PG 199 56.58 129.00 105.23
CA LYS PG 199 57.47 128.71 104.12
C LYS PG 199 58.50 127.70 104.61
N GLY PG 200 57.99 126.63 105.22
CA GLY PG 200 58.83 125.76 106.02
C GLY PG 200 59.69 124.80 105.19
N THR PG 201 60.80 124.41 105.80
CA THR PG 201 61.75 123.47 105.22
C THR PG 201 62.02 122.38 106.23
N LEU PG 202 61.93 121.12 105.80
CA LEU PG 202 62.04 120.02 106.74
C LEU PG 202 62.49 118.75 106.04
N SER PG 203 63.46 118.07 106.63
CA SER PG 203 63.85 116.73 106.17
C SER PG 203 64.05 115.81 107.37
N LEU PG 204 63.53 114.60 107.25
CA LEU PG 204 63.75 113.56 108.24
C LEU PG 204 64.36 112.34 107.57
N TYR PG 205 65.41 111.79 108.18
CA TYR PG 205 66.15 110.72 107.53
C TYR PG 205 65.36 109.43 107.49
N TRP PG 206 64.79 109.03 108.62
CA TRP PG 206 64.01 107.80 108.67
C TRP PG 206 62.79 108.02 109.53
N ILE PG 207 61.68 107.40 109.15
CA ILE PG 207 60.46 107.41 109.94
C ILE PG 207 59.89 106.00 109.94
N LYS PG 208 59.57 105.50 111.13
CA LYS PG 208 58.89 104.22 111.30
C LYS PG 208 57.61 104.51 112.06
N SER PG 209 56.59 104.91 111.32
CA SER PG 209 55.27 105.17 111.86
C SER PG 209 54.28 104.29 111.14
N ASP PG 210 53.00 104.44 111.50
CA ASP PG 210 51.94 103.64 110.91
C ASP PG 210 51.05 104.46 110.00
N THR PG 211 50.52 105.57 110.50
CA THR PG 211 49.57 106.38 109.76
C THR PG 211 50.07 107.81 109.73
N LEU PG 212 49.99 108.45 108.57
CA LEU PG 212 50.52 109.79 108.36
C LEU PG 212 49.43 110.72 107.90
N THR PG 213 49.31 111.85 108.60
CA THR PG 213 48.37 112.91 108.26
C THR PG 213 49.19 114.17 108.02
N ILE PG 214 49.30 114.59 106.76
CA ILE PG 214 50.10 115.77 106.44
C ILE PG 214 49.22 116.78 105.72
N ARG PG 215 49.17 117.98 106.27
CA ARG PG 215 48.41 119.10 105.72
C ARG PG 215 49.36 120.28 105.50
N ALA PG 216 49.37 120.84 104.29
CA ALA PG 216 50.28 121.92 103.97
C ALA PG 216 49.54 123.07 103.30
N LYS PG 217 49.81 124.28 103.77
CA LYS PG 217 49.00 125.45 103.41
C LYS PG 217 49.68 126.38 102.41
N LYS PG 218 50.86 126.92 102.73
CA LYS PG 218 51.39 128.06 102.02
C LYS PG 218 52.62 127.76 101.17
N ALA PG 219 53.69 127.25 101.78
CA ALA PG 219 54.92 126.96 101.06
C ALA PG 219 55.70 125.95 101.88
N ALA PG 220 55.80 124.73 101.37
CA ALA PG 220 56.42 123.65 102.14
C ALA PG 220 57.51 122.99 101.31
N LYS PG 221 58.55 122.55 102.00
CA LYS PG 221 59.64 121.80 101.39
C LYS PG 221 59.86 120.58 102.27
N ILE PG 222 59.20 119.49 101.95
CA ILE PG 222 59.17 118.32 102.82
C ILE PG 222 59.92 117.17 102.17
N GLN PG 223 60.87 116.60 102.91
CA GLN PG 223 61.60 115.43 102.46
C GLN PG 223 61.56 114.38 103.55
N LEU PG 224 61.04 113.20 103.22
CA LEU PG 224 60.89 112.11 104.17
C LEU PG 224 61.29 110.81 103.49
N ALA PG 225 61.56 109.79 104.30
CA ALA PG 225 61.92 108.48 103.78
C ALA PG 225 61.61 107.42 104.82
N GLY PG 226 60.93 106.36 104.40
CA GLY PG 226 60.60 105.29 105.33
C GLY PG 226 59.38 104.50 104.86
N ILE PG 227 58.71 103.88 105.82
CA ILE PG 227 57.59 102.98 105.58
C ILE PG 227 56.38 103.54 106.31
N VAL PG 228 55.29 103.77 105.57
CA VAL PG 228 54.04 104.22 106.16
C VAL PG 228 52.93 103.32 105.67
N ASN PG 229 52.15 102.76 106.59
CA ASN PG 229 51.08 101.84 106.20
C ASN PG 229 49.91 102.57 105.57
N ARG PG 230 49.71 103.84 105.91
CA ARG PG 230 48.56 104.58 105.39
C ARG PG 230 48.88 106.07 105.49
N LEU PG 231 48.97 106.75 104.37
CA LEU PG 231 49.35 108.16 104.38
C LEU PG 231 48.35 108.99 103.58
N ASP PG 232 48.07 110.19 104.08
CA ASP PG 232 47.14 111.10 103.43
C ASP PG 232 47.73 112.50 103.42
N VAL PG 233 47.83 113.07 102.21
CA VAL PG 233 48.44 114.38 101.99
C VAL PG 233 47.39 115.32 101.43
N GLU PG 234 47.27 116.49 102.05
CA GLU PG 234 46.44 117.57 101.53
C GLU PG 234 47.34 118.76 101.25
N LEU PG 235 47.38 119.19 100.00
CA LEU PG 235 48.25 120.29 99.59
C LEU PG 235 47.41 121.42 99.04
N TRP PG 236 47.59 122.62 99.59
CA TRP PG 236 46.80 123.73 99.09
C TRP PG 236 47.47 124.44 97.91
N ASP PG 237 48.64 125.03 98.14
CA ASP PG 237 49.28 125.79 97.07
C ASP PG 237 50.77 125.89 97.36
N PHE PG 238 51.57 125.83 96.28
CA PHE PG 238 53.01 126.13 96.29
C PHE PG 238 53.78 125.25 97.27
N ALA PG 239 53.32 124.02 97.45
CA ALA PG 239 53.97 123.06 98.33
C ALA PG 239 54.75 122.06 97.50
N GLN PG 240 55.85 121.57 98.07
CA GLN PG 240 56.77 120.66 97.41
C GLN PG 240 57.03 119.52 98.39
N PHE PG 241 56.26 118.45 98.25
CA PHE PG 241 56.45 117.26 99.07
C PHE PG 241 57.14 116.21 98.20
N LYS PG 242 58.43 116.03 98.42
CA LYS PG 242 59.21 115.13 97.59
C LYS PG 242 59.31 113.77 98.29
N GLY PG 243 58.18 113.11 98.42
CA GLY PG 243 58.15 111.85 99.14
C GLY PG 243 58.64 110.65 98.37
N LYS PG 244 59.70 110.83 97.58
CA LYS PG 244 60.43 109.71 97.05
C LYS PG 244 61.18 109.02 98.17
N TYR PG 245 61.54 107.75 97.93
CA TYR PG 245 62.15 106.84 98.91
C TYR PG 245 61.29 106.68 100.15
N LEU PG 246 59.98 106.81 100.00
CA LEU PG 246 59.02 106.69 101.10
C LEU PG 246 58.01 105.64 100.66
N ARG PG 247 58.33 104.38 100.95
CA ARG PG 247 57.50 103.27 100.49
C ARG PG 247 56.22 103.20 101.31
N ALA PG 248 55.09 103.18 100.62
CA ALA PG 248 53.80 103.29 101.28
C ALA PG 248 52.86 102.20 100.81
N GLN PG 249 52.00 101.76 101.72
CA GLN PG 249 50.99 100.79 101.37
C GLN PG 249 49.75 101.47 100.81
N ARG PG 250 49.19 102.42 101.55
CA ARG PG 250 48.00 103.15 101.13
C ARG PG 250 48.37 104.60 100.95
N SER PG 251 48.02 105.16 99.80
CA SER PG 251 48.34 106.55 99.52
C SER PG 251 47.10 107.31 99.10
N PHE PG 252 46.85 108.43 99.76
CA PHE PG 252 45.79 109.35 99.37
C PHE PG 252 46.41 110.72 99.14
N VAL PG 253 46.24 111.26 97.94
CA VAL PG 253 46.79 112.56 97.61
C VAL PG 253 45.68 113.46 97.10
N LYS PG 254 45.49 114.61 97.74
CA LYS PG 254 44.58 115.62 97.23
C LYS PG 254 45.36 116.92 97.07
N THR PG 255 45.47 117.39 95.82
CA THR PG 255 46.27 118.56 95.51
C THR PG 255 45.44 119.63 94.83
N HIS PG 256 45.50 120.84 95.39
CA HIS PG 256 44.85 121.99 94.79
C HIS PG 256 45.84 122.70 93.87
N ASP PG 257 45.58 123.96 93.54
CA ASP PG 257 46.31 124.68 92.51
C ASP PG 257 47.79 124.85 92.83
N LYS PG 258 48.63 124.54 91.84
CA LYS PG 258 50.08 124.72 91.87
C LYS PG 258 50.72 123.97 93.03
N SER PG 259 50.64 122.65 92.96
CA SER PG 259 51.14 121.79 94.02
C SER PG 259 52.04 120.73 93.40
N VAL PG 260 53.07 120.34 94.15
CA VAL PG 260 54.10 119.44 93.65
C VAL PG 260 54.19 118.27 94.61
N ALA PG 261 53.86 117.07 94.12
CA ALA PG 261 53.91 115.88 94.95
C ALA PG 261 54.68 114.78 94.23
N GLU PG 262 55.70 114.26 94.88
CA GLU PG 262 56.49 113.15 94.39
C GLU PG 262 56.12 111.94 95.24
N ILE PG 263 55.41 111.00 94.67
CA ILE PG 263 54.72 109.96 95.43
C ILE PG 263 55.36 108.62 95.15
N SER PG 264 55.37 107.76 96.17
CA SER PG 264 56.02 106.45 96.13
C SER PG 264 55.10 105.37 96.71
N ALA PG 265 53.87 105.30 96.21
CA ALA PG 265 52.95 104.25 96.62
C ALA PG 265 53.38 102.91 96.06
N VAL PG 266 53.18 101.84 96.83
CA VAL PG 266 53.56 100.51 96.38
C VAL PG 266 52.37 99.58 96.17
N ASN PG 267 51.24 99.83 96.83
CA ASN PG 267 50.14 98.87 96.76
C ASN PG 267 48.88 99.50 96.20
N HIS PG 268 48.39 100.57 96.80
CA HIS PG 268 47.09 101.15 96.48
C HIS PG 268 47.21 102.66 96.52
N GLN PG 269 46.86 103.30 95.40
CA GLN PG 269 47.13 104.71 95.19
C GLN PG 269 45.88 105.41 94.68
N SER PG 270 45.46 106.44 95.41
CA SER PG 270 44.33 107.27 95.02
C SER PG 270 44.76 108.72 95.00
N SER PG 271 44.51 109.40 93.88
CA SER PG 271 45.08 110.72 93.67
C SER PG 271 44.11 111.64 92.94
N LEU PG 272 44.05 112.88 93.39
CA LEU PG 272 43.17 113.88 92.78
C LEU PG 272 43.93 115.19 92.63
N ALA PG 273 43.81 115.81 91.46
CA ALA PG 273 44.47 117.06 91.17
C ALA PG 273 43.48 118.05 90.59
N THR PG 274 43.43 119.26 91.16
CA THR PG 274 42.40 120.21 90.71
C THR PG 274 42.81 120.92 89.42
N ASP PG 275 43.87 121.72 89.46
CA ASP PG 275 44.26 122.52 88.30
C ASP PG 275 45.74 122.83 88.40
N ALA PG 276 46.49 122.46 87.35
CA ALA PG 276 47.95 122.60 87.27
C ALA PG 276 48.66 121.95 88.45
N SER PG 277 48.12 120.85 88.96
CA SER PG 277 48.67 120.19 90.12
C SER PG 277 49.43 118.95 89.66
N ASP PG 278 50.70 118.89 90.00
CA ASP PG 278 51.62 117.90 89.46
C ASP PG 278 51.83 116.78 90.45
N ILE PG 279 51.51 115.56 90.03
CA ILE PG 279 51.83 114.35 90.77
C ILE PG 279 52.77 113.52 89.94
N TYR PG 280 53.89 113.14 90.51
CA TYR PG 280 54.86 112.30 89.82
C TYR PG 280 55.06 111.06 90.66
N TYR PG 281 54.55 109.93 90.18
CA TYR PG 281 54.59 108.69 90.95
C TYR PG 281 55.78 107.86 90.50
N TYR PG 282 56.58 107.42 91.45
CA TYR PG 282 57.84 106.77 91.16
C TYR PG 282 57.83 105.31 91.56
N ASN PG 283 56.67 104.68 91.54
CA ASN PG 283 56.56 103.23 91.65
C ASN PG 283 55.27 102.82 90.98
N LEU PG 284 55.12 101.52 90.79
CA LEU PG 284 53.97 100.98 90.09
C LEU PG 284 53.17 100.12 91.06
N SER PG 285 52.18 100.73 91.69
CA SER PG 285 51.32 99.99 92.59
C SER PG 285 50.38 99.08 91.82
N LYS PG 286 49.87 98.07 92.52
CA LYS PG 286 48.91 97.16 91.90
C LYS PG 286 47.53 97.78 91.75
N THR PG 287 47.25 98.86 92.46
CA THR PG 287 45.99 99.59 92.26
C THR PG 287 46.29 101.06 92.06
N ARG PG 288 45.91 101.59 90.92
CA ARG PG 288 46.21 102.95 90.54
C ARG PG 288 44.92 103.64 90.16
N ALA PG 289 44.66 104.81 90.75
CA ALA PG 289 43.45 105.54 90.42
C ALA PG 289 43.70 107.04 90.59
N ASP PG 290 43.44 107.79 89.52
CA ASP PG 290 43.76 109.20 89.45
C ASP PG 290 42.58 109.97 88.86
N PHE PG 291 42.48 111.24 89.23
CA PHE PG 291 41.47 112.11 88.66
C PHE PG 291 42.02 113.53 88.51
N MET PG 292 41.66 114.15 87.39
CA MET PG 292 42.00 115.54 87.09
C MET PG 292 40.71 116.34 87.01
N ALA PG 293 40.71 117.55 87.57
CA ALA PG 293 39.52 118.38 87.58
C ALA PG 293 39.51 119.43 86.48
N PHE PG 294 40.52 120.29 86.46
CA PHE PG 294 40.60 121.35 85.45
C PHE PG 294 41.83 121.22 84.58
N ASN PG 295 43.01 121.31 85.18
CA ASN PG 295 44.27 121.22 84.45
C ASN PG 295 45.27 120.35 85.22
N GLY PG 296 44.77 119.42 86.02
CA GLY PG 296 45.64 118.59 86.84
C GLY PG 296 46.45 117.62 86.01
N SER PG 297 47.44 117.02 86.65
CA SER PG 297 48.40 116.20 85.93
C SER PG 297 48.94 115.12 86.85
N VAL PG 298 48.75 113.86 86.45
CA VAL PG 298 49.32 112.72 87.14
C VAL PG 298 50.19 111.97 86.13
N LEU PG 299 51.48 111.87 86.42
CA LEU PG 299 52.41 111.28 85.47
C LEU PG 299 53.49 110.50 86.22
N ASP PG 300 54.13 109.59 85.48
CA ASP PG 300 55.05 108.66 86.08
C ASP PG 300 56.46 109.24 86.22
N MET PG 301 57.08 109.58 85.08
CA MET PG 301 58.47 110.02 84.96
C MET PG 301 59.44 109.00 85.57
N ARG PG 302 59.49 107.84 84.95
CA ARG PG 302 60.60 106.92 85.18
C ARG PG 302 61.60 107.01 84.04
N GLU PG 303 62.77 106.41 84.26
CA GLU PG 303 63.94 106.70 83.44
C GLU PG 303 63.91 106.02 82.07
N TRP PG 304 63.02 105.05 81.86
CA TRP PG 304 62.85 104.29 80.62
C TRP PG 304 64.11 103.54 80.20
N GLY PG 305 65.02 103.26 81.12
CA GLY PG 305 66.30 102.70 80.76
C GLY PG 305 66.78 101.70 81.79
N GLN PG 306 65.94 101.40 82.76
CA GLN PG 306 66.20 100.32 83.67
C GLN PG 306 66.11 98.99 82.91
N SER PG 307 67.01 98.08 83.22
CA SER PG 307 66.97 96.76 82.59
C SER PG 307 65.84 95.88 83.13
N ASP PG 308 65.14 96.31 84.19
CA ASP PG 308 64.22 95.42 84.87
C ASP PG 308 62.95 96.13 85.32
N LEU PG 309 62.51 97.15 84.60
CA LEU PG 309 61.27 97.82 84.94
C LEU PG 309 60.08 96.94 84.55
N LYS PG 310 59.19 96.70 85.51
CA LYS PG 310 58.00 95.92 85.24
C LYS PG 310 57.01 96.72 84.39
N ASP PG 311 56.20 95.99 83.65
CA ASP PG 311 55.32 96.56 82.64
C ASP PG 311 53.89 96.66 83.18
N PHE PG 312 53.02 97.24 82.37
CA PHE PG 312 51.60 97.30 82.70
C PHE PG 312 50.98 95.91 82.64
N ASP PG 313 49.78 95.80 83.22
CA ASP PG 313 49.12 94.52 83.30
C ASP PG 313 47.62 94.75 83.33
N ARG PG 314 46.88 93.73 83.76
CA ARG PG 314 45.42 93.77 83.76
C ARG PG 314 44.89 94.79 84.76
N TYR PG 315 45.47 94.83 85.94
CA TYR PG 315 44.87 95.45 87.10
C TYR PG 315 45.44 96.83 87.36
N ASN PG 316 46.16 97.38 86.40
CA ASN PG 316 46.79 98.67 86.57
C ASN PG 316 46.71 99.54 85.33
N LYS PG 317 46.10 99.06 84.25
CA LYS PG 317 46.09 99.78 82.98
C LYS PG 317 44.95 100.80 82.98
N GLN PG 318 45.08 101.79 83.84
CA GLN PG 318 44.15 102.91 83.87
C GLN PG 318 44.73 103.98 82.96
N PHE PG 319 44.12 104.14 81.80
CA PHE PG 319 44.46 105.24 80.93
C PHE PG 319 44.05 106.54 81.59
N PRO PG 320 44.94 107.50 81.78
CA PRO PG 320 44.51 108.80 82.28
C PRO PG 320 43.85 109.66 81.20
N ASP QG 39 26.82 103.88 41.30
CA ASP QG 39 27.34 103.20 40.12
C ASP QG 39 28.56 103.94 39.57
N GLY QG 40 28.50 105.27 39.60
CA GLY QG 40 29.62 106.07 39.15
C GLY QG 40 30.70 106.10 40.21
N CYS QG 41 31.79 105.38 39.95
CA CYS QG 41 32.83 105.24 40.97
C CYS QG 41 33.62 106.52 41.17
N CYS QG 42 34.04 107.16 40.08
CA CYS QG 42 34.81 108.40 40.23
C CYS QG 42 33.90 109.63 40.17
N SER QG 43 32.86 109.62 40.97
CA SER QG 43 32.00 110.78 41.09
C SER QG 43 32.66 111.82 41.98
N LYS QG 44 32.33 113.10 41.72
CA LYS QG 44 32.93 114.27 42.37
C LYS QG 44 34.45 114.28 42.25
N MET QG 45 34.96 113.74 41.16
CA MET QG 45 36.38 113.71 40.87
C MET QG 45 36.53 114.01 39.39
N GLY QG 46 37.71 113.74 38.85
CA GLY QG 46 37.92 114.03 37.45
C GLY QG 46 37.26 113.06 36.49
N GLY QG 47 36.70 111.97 36.98
CA GLY QG 47 36.14 110.94 36.14
C GLY QG 47 37.04 109.73 36.05
N ILE QG 48 36.50 108.68 35.42
CA ILE QG 48 37.23 107.43 35.31
C ILE QG 48 38.34 107.56 34.29
N ASN QG 49 39.52 107.06 34.63
CA ASN QG 49 40.61 107.03 33.66
C ASN QG 49 40.71 105.67 32.95
N TYR QG 50 41.02 104.62 33.70
CA TYR QG 50 41.20 103.27 33.16
C TYR QG 50 41.29 102.30 34.34
N CYS QG 51 41.15 101.02 34.04
CA CYS QG 51 41.31 99.97 35.05
C CYS QG 51 42.70 99.39 34.96
N ASP QG 52 43.28 99.12 36.12
CA ASP QG 52 44.54 98.39 36.21
C ASP QG 52 44.27 97.02 36.81
N SER QG 53 44.61 95.98 36.07
CA SER QG 53 44.45 94.63 36.56
C SER QG 53 45.58 94.19 37.47
N SER QG 54 46.68 94.94 37.52
CA SER QG 54 47.73 94.61 38.46
C SER QG 54 47.29 94.87 39.89
N ALA QG 55 46.43 95.86 40.08
CA ALA QG 55 45.78 96.04 41.36
C ALA QG 55 44.32 95.63 41.34
N GLY QG 56 43.74 95.39 40.18
CA GLY QG 56 42.31 95.14 40.10
C GLY QG 56 41.49 96.35 40.50
N ARG QG 57 41.97 97.54 40.21
CA ARG QG 57 41.32 98.76 40.68
C ARG QG 57 41.14 99.73 39.54
N LEU QG 58 40.08 100.53 39.64
CA LEU QG 58 39.88 101.64 38.73
C LEU QG 58 40.81 102.78 39.09
N VAL QG 59 41.01 103.69 38.13
CA VAL QG 59 41.81 104.89 38.34
C VAL QG 59 40.93 106.08 38.03
N CYS QG 60 40.82 107.00 38.98
CA CYS QG 60 40.12 108.23 38.67
C CYS QG 60 41.05 109.17 37.91
N ASN QG 61 40.49 110.26 37.37
CA ASN QG 61 41.32 111.15 36.58
C ASN QG 61 42.22 112.03 37.45
N ASN QG 62 41.87 112.24 38.70
CA ASN QG 62 42.88 112.66 39.64
C ASN QG 62 43.66 111.44 40.09
N GLY QG 63 44.89 111.67 40.53
CA GLY QG 63 45.76 110.54 40.86
C GLY QG 63 45.47 109.85 42.17
N PHE QG 64 44.22 109.53 42.44
CA PHE QG 64 43.82 108.79 43.61
C PHE QG 64 43.29 107.43 43.20
N TYR QG 65 43.61 106.43 44.00
CA TYR QG 65 43.07 105.10 43.73
C TYR QG 65 41.57 105.08 44.03
N SER QG 66 40.85 104.27 43.28
CA SER QG 66 39.40 104.25 43.37
C SER QG 66 38.92 103.48 44.59
N THR QG 67 37.62 103.21 44.61
CA THR QG 67 36.99 102.41 45.63
C THR QG 67 36.20 101.25 45.05
N CYS QG 68 36.34 100.99 43.76
CA CYS QG 68 35.60 99.94 43.10
C CYS QG 68 36.58 98.86 42.64
N TYR QG 69 36.05 97.89 41.90
CA TYR QG 69 36.87 96.81 41.35
C TYR QG 69 36.55 96.65 39.87
N CYS QG 70 37.51 96.12 39.13
CA CYS QG 70 37.27 95.75 37.74
C CYS QG 70 37.53 94.28 37.44
N THR QG 71 38.45 93.64 38.14
CA THR QG 71 38.70 92.22 37.94
C THR QG 71 38.41 91.46 39.21
N ARG QG 72 38.01 90.19 39.05
CA ARG QG 72 37.87 89.33 40.20
C ARG QG 72 39.21 88.98 40.83
N HIS QG 73 40.30 89.07 40.07
CA HIS QG 73 41.63 88.85 40.62
C HIS QG 73 42.09 90.13 41.30
N ALA QG 74 41.58 90.35 42.51
CA ALA QG 74 41.98 91.49 43.32
C ALA QG 74 41.75 91.14 44.78
N VAL QG 75 41.95 92.11 45.66
CA VAL QG 75 41.91 91.87 47.10
C VAL QG 75 40.55 92.34 47.60
N MET QG 76 39.57 91.44 47.57
CA MET QG 76 38.26 91.70 48.12
C MET QG 76 38.11 90.97 49.44
N ASP QG 77 37.54 91.65 50.43
CA ASP QG 77 37.36 91.07 51.75
C ASP QG 77 36.00 90.38 51.81
N LEU QG 78 36.02 89.06 51.87
CA LEU QG 78 34.79 88.26 51.91
C LEU QG 78 34.71 87.54 53.23
N GLN QG 79 33.57 87.66 53.90
CA GLN QG 79 33.35 86.91 55.13
C GLN QG 79 32.05 86.14 55.05
N PHE QG 80 31.69 85.66 53.87
CA PHE QG 80 30.45 84.94 53.71
C PHE QG 80 30.55 84.06 52.48
N LEU QG 81 29.91 82.89 52.56
CA LEU QG 81 29.88 81.97 51.43
C LEU QG 81 28.47 81.44 51.25
N MET QG 82 28.24 80.86 50.09
CA MET QG 82 26.92 80.37 49.74
C MET QG 82 27.06 79.05 48.99
N GLY QG 83 26.20 78.11 49.32
CA GLY QG 83 26.28 76.79 48.75
C GLY QG 83 26.64 75.73 49.80
N CYS QG 84 26.29 74.49 49.49
CA CYS QG 84 26.43 73.40 50.45
C CYS QG 84 27.55 72.46 50.02
N CYS QG 85 27.71 71.39 50.81
CA CYS QG 85 28.87 70.49 50.77
C CYS QG 85 30.17 71.24 50.94
N LEU QG 86 30.14 72.32 51.70
CA LEU QG 86 31.33 73.08 51.99
C LEU QG 86 32.21 72.32 52.96
N TRP QG 87 33.51 72.60 52.89
CA TRP QG 87 34.53 72.02 53.78
C TRP QG 87 34.58 70.51 53.70
N HIS QG 88 34.23 69.99 52.53
CA HIS QG 88 34.34 68.58 52.22
C HIS QG 88 34.75 68.52 50.75
N GLY QG 89 34.59 67.36 50.15
CA GLY QG 89 35.02 67.19 48.78
C GLY QG 89 34.10 67.77 47.73
N GLY QG 90 33.08 68.54 48.10
CA GLY QG 90 32.16 69.09 47.14
C GLY QG 90 31.01 68.14 46.85
N VAL QG 91 30.01 68.68 46.15
CA VAL QG 91 28.79 67.93 45.88
C VAL QG 91 29.08 66.83 44.87
N TYR QG 92 28.65 65.61 45.18
CA TYR QG 92 28.92 64.47 44.32
C TYR QG 92 28.16 64.59 43.00
N PRO QG 93 28.79 64.27 41.88
CA PRO QG 93 28.17 64.54 40.58
C PRO QG 93 27.18 63.50 40.10
N GLN QG 94 26.67 62.64 40.98
CA GLN QG 94 25.64 61.71 40.57
C GLN QG 94 24.27 62.19 41.04
N LEU QG 95 23.23 61.65 40.41
CA LEU QG 95 21.85 62.02 40.70
C LEU QG 95 21.17 60.85 41.39
N ASN QG 96 20.97 60.97 42.69
CA ASN QG 96 20.37 59.90 43.48
C ASN QG 96 18.85 59.91 43.31
N SER QG 97 18.26 58.73 43.54
CA SER QG 97 16.80 58.64 43.62
C SER QG 97 16.27 59.41 44.81
N SER QG 98 16.96 59.33 45.94
CA SER QG 98 16.55 60.09 47.11
C SER QG 98 17.01 61.53 47.00
N GLY QG 99 16.49 62.37 47.89
CA GLY QG 99 16.91 63.74 48.04
C GLY QG 99 18.12 63.90 48.92
N LEU QG 100 18.72 62.80 49.35
CA LEU QG 100 19.93 62.83 50.15
C LEU QG 100 21.10 63.31 49.29
N VAL QG 101 21.86 64.27 49.79
CA VAL QG 101 22.99 64.83 49.07
C VAL QG 101 24.25 64.54 49.86
N VAL QG 102 25.24 63.94 49.19
CA VAL QG 102 26.43 63.42 49.85
C VAL QG 102 27.65 64.12 49.27
N CYS QG 103 28.52 64.60 50.14
CA CYS QG 103 29.75 65.21 49.67
C CYS QG 103 30.77 64.12 49.34
N ASN QG 104 31.84 64.53 48.66
CA ASN QG 104 32.86 63.57 48.24
C ASN QG 104 33.70 63.05 49.39
N ASP QG 105 33.59 63.66 50.57
CA ASP QG 105 34.08 63.02 51.78
C ASP QG 105 33.18 61.87 52.23
N GLY QG 106 31.99 61.75 51.67
CA GLY QG 106 31.02 60.79 52.14
C GLY QG 106 30.11 61.32 53.21
N TYR QG 107 30.35 62.53 53.69
CA TYR QG 107 29.49 63.16 54.67
C TYR QG 107 28.17 63.58 54.03
N VAL QG 108 27.12 63.64 54.84
CA VAL QG 108 25.77 63.91 54.38
C VAL QG 108 25.30 65.24 54.94
N SER QG 109 24.84 66.13 54.08
CA SER QG 109 24.32 67.43 54.49
C SER QG 109 22.81 67.35 54.56
N GLU QG 110 22.28 67.29 55.78
CA GLU QG 110 20.84 67.34 55.98
C GLU QG 110 20.27 68.69 55.59
N GLU QG 111 21.02 69.75 55.87
CA GLU QG 111 20.59 71.11 55.60
C GLU QG 111 20.54 71.41 54.11
N CYS QG 112 21.25 70.66 53.29
CA CYS QG 112 21.03 70.74 51.86
C CYS QG 112 20.03 69.71 51.37
N SER QG 113 19.88 68.60 52.07
CA SER QG 113 18.91 67.60 51.66
C SER QG 113 17.50 68.05 52.02
N LEU QG 114 16.52 67.45 51.36
CA LEU QG 114 15.13 67.77 51.65
C LEU QG 114 14.56 66.77 52.65
N GLN QG 115 13.52 67.22 53.33
CA GLN QG 115 12.91 66.45 54.40
C GLN QG 115 11.77 65.59 53.85
N LYS QG 116 10.94 65.06 54.73
CA LYS QG 116 9.75 64.32 54.34
C LYS QG 116 8.62 64.56 55.33
N UNK RG 1 55.95 103.86 58.31
CA UNK RG 1 55.89 105.24 57.81
C UNK RG 1 56.69 106.18 58.69
N UNK RG 2 56.01 106.75 59.70
CA UNK RG 2 56.61 107.60 60.74
C UNK RG 2 57.32 108.82 60.18
N UNK RG 3 56.85 109.32 59.03
CA UNK RG 3 57.44 110.48 58.39
C UNK RG 3 56.44 111.06 57.41
N UNK RG 4 56.72 112.25 56.95
CA UNK RG 4 55.89 112.84 55.91
C UNK RG 4 56.70 113.36 54.74
N UNK RG 5 57.89 113.90 54.99
CA UNK RG 5 58.72 114.43 53.93
C UNK RG 5 60.17 114.33 54.38
N UNK RG 6 60.97 113.59 53.63
CA UNK RG 6 62.38 113.45 53.96
C UNK RG 6 63.11 114.73 53.59
N UNK RG 7 63.43 115.53 54.61
CA UNK RG 7 64.24 116.72 54.39
C UNK RG 7 65.65 116.30 53.98
N UNK RG 8 66.22 117.03 53.04
CA UNK RG 8 67.54 116.72 52.52
C UNK RG 8 68.59 117.51 53.30
N UNK RG 9 69.49 116.80 53.98
CA UNK RG 9 70.62 117.35 54.76
C UNK RG 9 70.21 118.37 55.81
N GLY SG 26 -75.75 1.80 65.40
CA GLY SG 26 -74.35 1.43 65.58
C GLY SG 26 -74.09 -0.03 65.28
N ASP SG 27 -73.34 -0.68 66.17
CA ASP SG 27 -73.01 -2.10 66.02
C ASP SG 27 -73.06 -2.84 67.35
N THR SG 28 -73.79 -2.33 68.33
CA THR SG 28 -73.87 -3.00 69.63
C THR SG 28 -74.91 -4.11 69.61
N GLY SG 29 -76.19 -3.74 69.49
CA GLY SG 29 -77.25 -4.71 69.26
C GLY SG 29 -77.39 -4.83 67.76
N SER SG 30 -76.38 -5.47 67.16
CA SER SG 30 -75.97 -5.06 65.83
C SER SG 30 -76.89 -5.55 64.73
N LEU SG 31 -77.81 -6.47 65.01
CA LEU SG 31 -78.89 -6.71 64.06
C LEU SG 31 -79.73 -5.46 63.89
N ALA SG 32 -80.19 -4.91 65.01
CA ALA SG 32 -80.86 -3.62 65.00
C ALA SG 32 -79.93 -2.50 64.57
N GLY SG 33 -78.64 -2.61 64.90
CA GLY SG 33 -77.68 -1.59 64.52
C GLY SG 33 -77.47 -1.49 63.02
N LEU SG 34 -77.36 -2.63 62.35
CA LEU SG 34 -77.18 -2.64 60.92
C LEU SG 34 -78.47 -2.32 60.19
N GLN SG 35 -79.61 -2.77 60.72
CA GLN SG 35 -80.88 -2.36 60.13
C GLN SG 35 -81.12 -0.87 60.30
N ALA SG 36 -80.60 -0.28 61.38
CA ALA SG 36 -80.69 1.17 61.56
C ALA SG 36 -79.72 1.90 60.64
N MET SG 37 -78.51 1.35 60.45
CA MET SG 37 -77.57 1.99 59.55
C MET SG 37 -77.97 1.82 58.09
N ALA SG 38 -78.90 0.90 57.81
CA ALA SG 38 -79.51 0.82 56.49
C ALA SG 38 -80.33 2.06 56.15
N ASP SG 39 -80.76 2.83 57.15
CA ASP SG 39 -81.49 4.06 56.90
C ASP SG 39 -80.57 5.11 56.28
N SER SG 40 -81.17 5.99 55.48
CA SER SG 40 -80.41 6.90 54.62
C SER SG 40 -79.89 8.13 55.35
N LYS SG 41 -80.45 8.48 56.51
CA LYS SG 41 -79.99 9.66 57.23
C LYS SG 41 -78.59 9.46 57.79
N TYR SG 42 -78.28 8.23 58.23
CA TYR SG 42 -76.91 7.90 58.58
C TYR SG 42 -76.00 7.92 57.36
N THR SG 43 -76.52 7.58 56.18
CA THR SG 43 -75.71 7.61 54.97
C THR SG 43 -75.37 9.05 54.57
N ARG SG 44 -76.32 9.96 54.70
CA ARG SG 44 -75.99 11.36 54.40
C ARG SG 44 -75.21 12.03 55.52
N ALA SG 45 -75.29 11.50 56.74
CA ALA SG 45 -74.40 11.96 57.80
C ALA SG 45 -73.02 11.35 57.71
N GLN SG 46 -72.86 10.28 56.93
CA GLN SG 46 -71.55 9.68 56.72
C GLN SG 46 -70.63 10.62 55.93
N LYS SG 47 -71.21 11.38 55.00
CA LYS SG 47 -70.41 12.24 54.13
C LYS SG 47 -69.71 13.35 54.90
N LYS SG 48 -70.40 13.95 55.87
CA LYS SG 48 -69.77 15.01 56.64
C LYS SG 48 -68.77 14.47 57.64
N GLN SG 49 -68.98 13.25 58.15
CA GLN SG 49 -68.06 12.75 59.17
C GLN SG 49 -66.82 12.12 58.57
N LYS SG 50 -66.89 11.58 57.35
CA LYS SG 50 -65.71 10.92 56.77
C LYS SG 50 -64.65 11.92 56.37
N MET SG 51 -65.06 13.06 55.80
CA MET SG 51 -64.11 14.09 55.41
C MET SG 51 -63.42 14.71 56.62
N GLY SG 52 -64.15 14.82 57.74
CA GLY SG 52 -63.49 15.20 58.99
C GLY SG 52 -62.54 14.12 59.47
N LYS SG 53 -62.96 12.85 59.39
CA LYS SG 53 -62.15 11.75 59.90
C LYS SG 53 -60.92 11.47 59.06
N ILE SG 54 -60.82 12.03 57.86
CA ILE SG 54 -59.66 11.75 57.03
C ILE SG 54 -58.40 12.46 57.54
N ARG SG 55 -58.52 13.52 58.34
CA ARG SG 55 -57.33 14.31 58.61
C ARG SG 55 -57.16 14.80 60.06
N GLU SG 56 -58.24 14.81 60.85
CA GLU SG 56 -58.29 15.68 62.02
C GLU SG 56 -57.40 15.23 63.17
N MET SG 57 -56.89 14.00 63.13
CA MET SG 57 -56.19 13.42 64.27
C MET SG 57 -54.85 14.07 64.56
N ALA SG 58 -54.31 14.85 63.63
CA ALA SG 58 -53.02 15.49 63.83
C ALA SG 58 -53.03 16.53 64.94
N LEU SG 59 -54.20 17.12 65.23
CA LEU SG 59 -54.27 18.10 66.30
C LEU SG 59 -54.14 17.44 67.67
N LYS SG 60 -54.56 16.17 67.78
CA LYS SG 60 -54.56 15.50 69.07
C LYS SG 60 -53.14 15.29 69.58
N GLU SG 61 -52.22 14.92 68.69
CA GLU SG 61 -50.83 14.74 69.07
C GLU SG 61 -50.21 16.05 69.54
N THR SG 62 -50.54 17.15 68.85
CA THR SG 62 -50.03 18.46 69.24
C THR SG 62 -50.56 18.87 70.61
N ALA SG 63 -51.86 18.64 70.83
CA ALA SG 63 -52.46 18.99 72.10
C ALA SG 63 -51.89 18.17 73.23
N LEU SG 64 -51.66 16.88 73.00
CA LEU SG 64 -51.07 16.02 74.01
C LEU SG 64 -49.63 16.43 74.30
N SER SG 65 -48.89 16.84 73.28
CA SER SG 65 -47.51 17.27 73.48
C SER SG 65 -47.44 18.54 74.32
N VAL SG 66 -48.27 19.54 74.00
CA VAL SG 66 -48.19 20.78 74.75
C VAL SG 66 -48.75 20.60 76.16
N GLY SG 67 -49.75 19.72 76.33
CA GLY SG 67 -50.26 19.45 77.65
C GLY SG 67 -49.25 18.74 78.51
N ALA SG 68 -48.51 17.80 77.92
CA ALA SG 68 -47.44 17.12 78.63
C ALA SG 68 -46.36 18.09 79.07
N GLN SG 69 -45.98 19.01 78.18
CA GLN SG 69 -44.95 20.00 78.51
C GLN SG 69 -45.40 20.91 79.65
N ALA SG 70 -46.61 21.44 79.55
CA ALA SG 70 -47.09 22.38 80.56
C ALA SG 70 -47.29 21.73 81.91
N GLY SG 71 -47.90 20.54 81.92
CA GLY SG 71 -48.14 19.85 83.18
C GLY SG 71 -46.85 19.39 83.84
N LEU SG 72 -45.90 18.90 83.04
CA LEU SG 72 -44.62 18.46 83.59
C LEU SG 72 -43.87 19.63 84.21
N ALA SG 73 -43.83 20.77 83.51
CA ALA SG 73 -43.11 21.92 84.03
C ALA SG 73 -43.77 22.46 85.30
N TRP SG 74 -45.09 22.61 85.29
CA TRP SG 74 -45.77 23.21 86.43
C TRP SG 74 -45.72 22.30 87.65
N ARG SG 75 -45.93 21.00 87.46
CA ARG SG 75 -45.85 20.07 88.56
C ARG SG 75 -44.43 19.97 89.11
N ALA SG 76 -43.42 20.08 88.24
CA ALA SG 76 -42.04 20.11 88.69
C ALA SG 76 -41.77 21.32 89.57
N LYS SG 77 -42.30 22.48 89.18
CA LYS SG 77 -42.11 23.69 89.98
C LYS SG 77 -42.78 23.55 91.34
N ILE SG 78 -44.00 23.01 91.36
CA ILE SG 78 -44.74 22.85 92.60
C ILE SG 78 -44.01 21.90 93.55
N ILE SG 79 -43.52 20.78 93.01
CA ILE SG 79 -42.88 19.81 93.89
C ILE SG 79 -41.52 20.29 94.35
N ASP SG 80 -40.82 21.11 93.55
CA ASP SG 80 -39.56 21.64 94.01
C ASP SG 80 -39.75 22.65 95.12
N GLU SG 81 -40.80 23.49 95.00
CA GLU SG 81 -41.13 24.41 96.07
C GLU SG 81 -41.53 23.68 97.34
N GLN SG 82 -42.32 22.62 97.19
CA GLN SG 82 -42.79 21.85 98.33
C GLN SG 82 -41.64 21.12 99.02
N LEU SG 83 -40.69 20.62 98.23
CA LEU SG 83 -39.52 19.97 98.81
C LEU SG 83 -38.64 20.97 99.53
N ASN SG 84 -38.51 22.18 98.98
CA ASN SG 84 -37.72 23.21 99.64
C ASN SG 84 -38.34 23.64 100.94
N LYS SG 85 -39.67 23.57 101.04
CA LYS SG 85 -40.38 23.96 102.25
C LYS SG 85 -40.03 23.07 103.44
N GLN SG 86 -39.62 21.84 103.19
CA GLN SG 86 -39.49 20.87 104.26
C GLN SG 86 -38.03 20.48 104.50
N ALA SG 87 -37.18 21.49 104.58
CA ALA SG 87 -35.74 21.25 104.50
C ALA SG 87 -35.18 20.57 105.75
N ARG SG 88 -35.61 20.99 106.94
CA ARG SG 88 -34.85 20.68 108.15
C ARG SG 88 -34.96 19.21 108.55
N ASN SG 89 -36.18 18.67 108.53
CA ASN SG 89 -36.37 17.29 108.92
C ASN SG 89 -35.75 16.32 107.95
N LEU SG 90 -35.53 16.74 106.70
CA LEU SG 90 -34.85 15.90 105.73
C LEU SG 90 -33.41 15.66 106.13
N ASP SG 91 -32.68 16.73 106.49
CA ASP SG 91 -31.32 16.57 106.96
C ASP SG 91 -31.29 15.92 108.32
N ALA SG 92 -32.36 16.08 109.10
CA ALA SG 92 -32.47 15.37 110.36
C ALA SG 92 -32.53 13.87 110.15
N ILE SG 93 -33.31 13.42 109.17
CA ILE SG 93 -33.48 11.98 109.04
C ILE SG 93 -32.32 11.34 108.28
N TYR SG 94 -31.79 12.03 107.26
CA TYR SG 94 -30.75 11.39 106.45
C TYR SG 94 -29.37 11.91 106.81
N ASP SG 95 -28.98 11.66 108.06
CA ASP SG 95 -27.69 12.12 108.54
C ASP SG 95 -26.62 11.20 107.98
N PHE SG 96 -26.13 11.56 106.80
CA PHE SG 96 -24.97 10.89 106.25
C PHE SG 96 -23.73 11.17 107.07
N ASN SG 97 -23.66 12.36 107.68
CA ASN SG 97 -22.46 12.79 108.39
C ASN SG 97 -22.23 11.96 109.64
N SER SG 98 -23.29 11.56 110.31
CA SER SG 98 -23.13 10.69 111.47
C SER SG 98 -22.81 9.26 111.08
N LEU SG 99 -23.02 8.88 109.83
CA LEU SG 99 -22.91 7.48 109.44
C LEU SG 99 -21.52 7.07 109.04
N VAL SG 100 -20.60 8.02 108.93
CA VAL SG 100 -19.27 7.71 108.40
C VAL SG 100 -18.46 6.98 109.46
N LEU SG 101 -17.48 6.20 109.00
CA LEU SG 101 -16.62 5.45 109.89
C LEU SG 101 -15.54 6.35 110.47
N GLU SG 102 -14.66 5.75 111.25
CA GLU SG 102 -13.64 6.48 112.00
C GLU SG 102 -12.52 7.02 111.13
N HIS SG 103 -12.40 6.56 109.89
CA HIS SG 103 -11.33 7.03 109.01
C HIS SG 103 -11.89 7.73 107.78
N ASN SG 104 -13.05 8.38 107.95
CA ASN SG 104 -13.80 9.04 106.88
C ASN SG 104 -14.07 8.09 105.72
N ILE SG 105 -14.68 6.96 106.05
CA ILE SG 105 -14.92 5.89 105.10
C ILE SG 105 -16.42 5.74 104.93
N LEU SG 106 -16.89 5.88 103.71
CA LEU SG 106 -18.27 5.55 103.38
C LEU SG 106 -18.46 4.05 103.54
N PRO SG 107 -19.51 3.62 104.21
CA PRO SG 107 -19.77 2.19 104.36
C PRO SG 107 -20.17 1.59 103.03
N PRO SG 108 -20.02 0.28 102.85
CA PRO SG 108 -20.45 -0.34 101.60
C PRO SG 108 -21.97 -0.50 101.58
N VAL SG 109 -22.45 -1.10 100.51
CA VAL SG 109 -23.89 -1.25 100.27
C VAL SG 109 -24.23 -2.73 100.28
N LEU SG 110 -25.18 -3.10 101.13
CA LEU SG 110 -25.54 -4.49 101.36
C LEU SG 110 -27.00 -4.71 101.03
N LEU SG 111 -27.30 -5.85 100.43
CA LEU SG 111 -28.67 -6.25 100.13
C LEU SG 111 -28.90 -7.65 100.64
N GLU SG 112 -30.09 -7.89 101.17
CA GLU SG 112 -30.44 -9.17 101.75
C GLU SG 112 -31.77 -9.64 101.18
N GLY SG 113 -31.78 -10.83 100.61
CA GLY SG 113 -32.97 -11.41 99.99
C GLY SG 113 -33.41 -12.64 100.76
N ARG SG 114 -34.72 -12.77 100.97
CA ARG SG 114 -35.28 -13.80 101.82
C ARG SG 114 -36.19 -14.74 101.03
N ASN SG 115 -35.99 -16.04 101.26
CA ASN SG 115 -36.87 -17.13 100.81
C ASN SG 115 -37.00 -17.15 99.29
N THR SG 116 -35.87 -17.43 98.65
CA THR SG 116 -35.76 -17.36 97.21
C THR SG 116 -35.94 -18.74 96.59
N LEU SG 117 -36.91 -18.84 95.68
CA LEU SG 117 -37.09 -19.98 94.82
C LEU SG 117 -36.59 -19.64 93.43
N ASN SG 118 -35.93 -20.60 92.79
CA ASN SG 118 -35.53 -20.45 91.40
C ASN SG 118 -35.93 -21.68 90.61
N LEU SG 119 -36.60 -21.43 89.49
CA LEU SG 119 -36.95 -22.44 88.52
C LEU SG 119 -36.15 -22.11 87.27
N ALA SG 120 -34.93 -22.64 87.19
CA ALA SG 120 -34.10 -22.44 86.02
C ALA SG 120 -34.72 -23.11 84.80
N ASP SG 121 -35.29 -24.29 84.99
CA ASP SG 121 -36.00 -25.02 83.95
C ASP SG 121 -36.88 -26.04 84.64
N ALA SG 122 -37.42 -26.97 83.86
CA ALA SG 122 -38.13 -28.10 84.44
C ALA SG 122 -37.14 -29.06 85.07
N GLN SG 123 -37.66 -29.90 85.99
CA GLN SG 123 -36.97 -31.03 86.60
C GLN SG 123 -35.77 -30.64 87.45
N SER SG 124 -35.65 -29.37 87.83
CA SER SG 124 -34.48 -28.91 88.56
C SER SG 124 -34.84 -27.61 89.25
N ILE SG 125 -34.96 -27.64 90.58
CA ILE SG 125 -35.36 -26.48 91.35
C ILE SG 125 -34.23 -26.11 92.31
N ARG SG 126 -34.03 -24.82 92.50
CA ARG SG 126 -33.05 -24.33 93.47
C ARG SG 126 -33.77 -23.57 94.57
N ILE SG 127 -33.40 -23.85 95.82
CA ILE SG 127 -34.06 -23.25 96.96
C ILE SG 127 -33.01 -22.69 97.91
N SER SG 128 -33.20 -21.44 98.32
CA SER SG 128 -32.45 -20.88 99.43
C SER SG 128 -33.39 -20.05 100.27
N ASP SG 129 -33.06 -19.91 101.55
CA ASP SG 129 -33.88 -19.08 102.43
C ASP SG 129 -33.33 -17.68 102.58
N ARG SG 130 -32.02 -17.50 102.69
CA ARG SG 130 -31.45 -16.17 102.86
C ARG SG 130 -30.20 -16.02 102.01
N THR SG 131 -30.01 -14.83 101.47
CA THR SG 131 -28.85 -14.57 100.65
C THR SG 131 -28.45 -13.10 100.78
N TYR SG 132 -27.17 -12.83 100.55
CA TYR SG 132 -26.61 -11.50 100.73
C TYR SG 132 -25.72 -11.11 99.56
N LYS SG 133 -25.86 -9.86 99.13
CA LYS SG 133 -25.18 -9.28 97.99
C LYS SG 133 -24.51 -7.98 98.39
N VAL SG 134 -23.31 -7.75 97.90
CA VAL SG 134 -22.63 -6.46 98.03
C VAL SG 134 -22.79 -5.71 96.73
N ALA SG 135 -23.36 -4.52 96.80
CA ALA SG 135 -23.62 -3.75 95.57
C ALA SG 135 -22.51 -2.77 95.27
N LYS SG 136 -22.27 -1.82 96.16
CA LYS SG 136 -21.22 -0.83 95.99
C LYS SG 136 -20.16 -1.11 97.04
N GLN SG 137 -18.93 -1.35 96.58
CA GLN SG 137 -17.82 -1.55 97.50
C GLN SG 137 -17.50 -0.25 98.20
N ALA SG 138 -17.20 -0.35 99.50
CA ALA SG 138 -16.84 0.81 100.29
C ALA SG 138 -15.55 1.43 99.79
N HIS SG 139 -15.42 2.74 100.01
CA HIS SG 139 -14.32 3.50 99.44
C HIS SG 139 -14.11 4.76 100.26
N PHE SG 140 -13.16 5.58 99.81
CA PHE SG 140 -12.86 6.84 100.47
C PHE SG 140 -13.96 7.86 100.21
N ILE SG 141 -13.96 8.92 101.01
CA ILE SG 141 -14.93 10.00 100.86
C ILE SG 141 -14.30 11.28 101.40
N THR SG 142 -14.88 12.41 101.01
CA THR SG 142 -14.53 13.70 101.57
C THR SG 142 -15.70 14.35 102.29
N THR SG 143 -16.86 14.38 101.65
CA THR SG 143 -18.00 15.05 102.25
C THR SG 143 -19.19 14.10 102.26
N PRO SG 144 -20.07 14.23 103.25
CA PRO SG 144 -21.26 13.39 103.28
C PRO SG 144 -22.21 13.76 102.17
N PRO SG 145 -22.65 12.79 101.39
CA PRO SG 145 -23.54 13.08 100.25
C PRO SG 145 -24.96 13.28 100.73
N THR SG 146 -25.46 14.50 100.58
CA THR SG 146 -26.78 14.84 101.10
C THR SG 146 -27.88 14.35 100.17
N TRP SG 147 -29.10 14.81 100.40
CA TRP SG 147 -30.24 14.35 99.63
C TRP SG 147 -30.44 15.11 98.34
N ARG SG 148 -29.71 16.20 98.13
CA ARG SG 148 -30.02 17.07 97.00
C ARG SG 148 -29.56 16.47 95.69
N GLN SG 149 -28.64 15.53 95.72
CA GLN SG 149 -28.24 14.83 94.50
C GLN SG 149 -29.08 13.59 94.26
N TYR SG 150 -30.08 13.34 95.08
CA TYR SG 150 -31.01 12.26 94.85
C TYR SG 150 -32.43 12.73 94.61
N LEU SG 151 -32.84 13.86 95.19
CA LEU SG 151 -34.25 14.22 95.18
C LEU SG 151 -34.56 15.56 94.52
N TRP SG 152 -33.59 16.43 94.33
CA TRP SG 152 -33.89 17.73 93.77
C TRP SG 152 -34.21 17.60 92.29
N MET SG 153 -35.32 18.20 91.89
CA MET SG 153 -35.78 18.10 90.52
C MET SG 153 -35.29 19.30 89.72
N ASP SG 154 -35.01 19.08 88.45
CA ASP SG 154 -34.59 20.16 87.57
C ASP SG 154 -35.79 20.96 87.09
N TYR SG 155 -35.62 22.27 87.02
CA TYR SG 155 -36.66 23.17 86.56
C TYR SG 155 -36.07 24.14 85.56
N VAL SG 156 -36.83 24.40 84.51
CA VAL SG 156 -36.57 25.50 83.60
C VAL SG 156 -37.89 26.20 83.39
N LYS SG 157 -37.82 27.43 82.89
CA LYS SG 157 -39.04 28.11 82.48
C LYS SG 157 -39.10 28.10 80.96
N PRO SG 158 -40.01 27.33 80.37
CA PRO SG 158 -40.20 27.44 78.92
C PRO SG 158 -41.25 28.49 78.58
N GLU SG 159 -40.92 29.39 77.67
CA GLU SG 159 -41.83 30.46 77.28
C GLU SG 159 -42.10 30.43 75.78
N ALA SG 160 -42.03 29.25 75.17
CA ALA SG 160 -42.15 29.12 73.72
C ALA SG 160 -43.21 28.08 73.35
N PRO SG 161 -44.49 28.43 73.43
CA PRO SG 161 -45.53 27.59 72.83
C PRO SG 161 -45.68 27.92 71.36
N ASN SG 162 -45.20 27.04 70.49
CA ASN SG 162 -45.34 27.23 69.06
C ASN SG 162 -46.34 26.19 68.55
N VAL SG 163 -47.61 26.59 68.46
CA VAL SG 163 -48.68 25.71 68.06
C VAL SG 163 -49.04 26.02 66.62
N THR SG 164 -48.61 25.16 65.70
CA THR SG 164 -48.86 25.38 64.29
C THR SG 164 -50.30 25.10 63.90
N LEU SG 165 -50.96 24.16 64.56
CA LEU SG 165 -52.33 23.81 64.24
C LEU SG 165 -53.28 24.61 65.11
N LEU SG 166 -54.36 25.10 64.52
CA LEU SG 166 -55.33 25.87 65.27
C LEU SG 166 -56.73 25.35 64.99
N PRO SG 167 -57.64 25.46 65.95
CA PRO SG 167 -59.04 25.12 65.68
C PRO SG 167 -59.68 26.15 64.78
N LYS SG 168 -60.83 25.78 64.23
CA LYS SG 168 -61.65 26.68 63.43
C LYS SG 168 -63.00 26.96 64.07
N THR SG 169 -63.73 25.93 64.50
CA THR SG 169 -65.02 26.08 65.13
C THR SG 169 -64.97 25.58 66.57
N LYS SG 170 -66.15 25.60 67.20
CA LYS SG 170 -66.25 25.33 68.63
C LYS SG 170 -65.99 23.87 68.95
N ALA SG 171 -66.29 22.96 68.03
CA ALA SG 171 -66.09 21.54 68.27
C ALA SG 171 -64.61 21.19 68.36
N GLU SG 172 -63.83 21.64 67.38
CA GLU SG 172 -62.40 21.42 67.46
C GLU SG 172 -61.78 22.22 68.59
N LYS SG 173 -62.37 23.37 68.94
CA LYS SG 173 -61.93 24.13 70.10
C LYS SG 173 -62.08 23.33 71.39
N GLU SG 174 -63.24 22.70 71.59
CA GLU SG 174 -63.45 22.00 72.84
C GLU SG 174 -62.73 20.67 72.89
N ILE SG 175 -62.57 19.99 71.75
CA ILE SG 175 -61.77 18.78 71.80
C ILE SG 175 -60.29 19.12 71.99
N TRP SG 176 -59.86 20.30 71.52
CA TRP SG 176 -58.53 20.79 71.80
C TRP SG 176 -58.35 21.03 73.29
N CYS SG 177 -59.37 21.62 73.92
CA CYS SG 177 -59.33 21.85 75.37
C CYS SG 177 -59.26 20.55 76.15
N ILE SG 178 -60.08 19.57 75.79
CA ILE SG 178 -60.11 18.35 76.58
C ILE SG 178 -58.85 17.52 76.36
N TYR SG 179 -58.28 17.57 75.15
CA TYR SG 179 -57.03 16.85 74.93
C TYR SG 179 -55.89 17.51 75.67
N THR SG 180 -55.94 18.84 75.80
CA THR SG 180 -54.95 19.52 76.62
C THR SG 180 -55.10 19.16 78.08
N GLU SG 181 -56.35 18.95 78.53
CA GLU SG 181 -56.57 18.46 79.89
C GLU SG 181 -55.93 17.10 80.09
N ARG SG 182 -56.09 16.21 79.12
CA ARG SG 182 -55.49 14.88 79.20
C ARG SG 182 -53.96 14.95 79.26
N GLY SG 183 -53.36 15.80 78.42
CA GLY SG 183 -51.92 15.96 78.44
C GLY SG 183 -51.41 16.56 79.74
N TRP SG 184 -52.19 17.48 80.30
CA TRP SG 184 -51.86 18.10 81.58
C TRP SG 184 -51.80 17.05 82.69
N LYS SG 185 -52.83 16.20 82.75
CA LYS SG 185 -52.87 15.16 83.77
C LYS SG 185 -51.76 14.13 83.55
N ASN SG 186 -51.46 13.82 82.28
CA ASN SG 186 -50.39 12.87 81.99
C ASN SG 186 -49.03 13.40 82.43
N GLY SG 187 -48.78 14.69 82.23
CA GLY SG 187 -47.53 15.26 82.68
C GLY SG 187 -47.38 15.24 84.18
N ILE SG 188 -48.48 15.52 84.90
CA ILE SG 188 -48.45 15.45 86.35
C ILE SG 188 -48.13 14.05 86.83
N ASP SG 189 -48.77 13.04 86.21
CA ASP SG 189 -48.53 11.65 86.59
C ASP SG 189 -47.08 11.24 86.31
N GLN SG 190 -46.53 11.71 85.19
CA GLN SG 190 -45.16 11.36 84.84
C GLN SG 190 -44.18 11.92 85.85
N ALA SG 191 -44.41 13.17 86.29
CA ALA SG 191 -43.55 13.76 87.30
C ALA SG 191 -43.60 12.99 88.61
N ASN SG 192 -44.81 12.57 89.00
CA ASN SG 192 -44.95 11.81 90.25
C ASN SG 192 -44.25 10.46 90.16
N THR SG 193 -44.27 9.85 88.97
CA THR SG 193 -43.55 8.59 88.78
C THR SG 193 -42.05 8.77 88.96
N ILE SG 194 -41.51 9.88 88.42
CA ILE SG 194 -40.08 10.15 88.56
C ILE SG 194 -39.72 10.37 90.02
N LEU SG 195 -40.57 11.09 90.75
CA LEU SG 195 -40.33 11.33 92.17
C LEU SG 195 -40.29 10.02 92.95
N GLU SG 196 -41.23 9.10 92.63
CA GLU SG 196 -41.28 7.81 93.32
C GLU SG 196 -40.02 7.00 93.06
N GLU SG 197 -39.51 7.04 91.82
CA GLU SG 197 -38.28 6.32 91.50
C GLU SG 197 -37.09 6.89 92.28
N ASN SG 198 -37.00 8.21 92.40
CA ASN SG 198 -35.88 8.80 93.11
C ASN SG 198 -35.94 8.52 94.61
N ILE SG 199 -37.12 8.59 95.21
CA ILE SG 199 -37.21 8.37 96.65
C ILE SG 199 -36.97 6.90 96.97
N ALA SG 200 -37.35 6.00 96.06
CA ALA SG 200 -37.00 4.60 96.25
C ALA SG 200 -35.49 4.39 96.18
N ARG SG 201 -34.82 5.13 95.29
CA ARG SG 201 -33.38 4.99 95.14
C ARG SG 201 -32.64 5.42 96.41
N ILE SG 202 -33.02 6.57 96.96
CA ILE SG 202 -32.31 7.04 98.15
C ILE SG 202 -32.64 6.17 99.36
N LYS SG 203 -33.87 5.66 99.43
CA LYS SG 203 -34.23 4.77 100.53
C LYS SG 203 -33.42 3.47 100.50
N GLU SG 204 -33.24 2.89 99.31
CA GLU SG 204 -32.51 1.63 99.27
C GLU SG 204 -31.03 1.83 99.51
N ASP SG 205 -30.47 2.98 99.13
CA ASP SG 205 -29.07 3.24 99.45
C ASP SG 205 -28.86 3.36 100.96
N PHE SG 206 -29.76 4.09 101.64
CA PHE SG 206 -29.64 4.19 103.08
C PHE SG 206 -29.89 2.85 103.77
N GLY SG 207 -30.77 2.03 103.20
CA GLY SG 207 -31.00 0.71 103.74
C GLY SG 207 -29.77 -0.18 103.64
N GLY SG 208 -29.04 -0.05 102.53
CA GLY SG 208 -27.78 -0.78 102.40
C GLY SG 208 -26.77 -0.38 103.45
N MET SG 209 -26.69 0.93 103.74
CA MET SG 209 -25.76 1.39 104.76
C MET SG 209 -26.11 0.87 106.15
N ILE SG 210 -27.40 0.95 106.51
CA ILE SG 210 -27.77 0.53 107.85
C ILE SG 210 -27.68 -1.00 107.99
N LEU SG 211 -27.86 -1.71 106.87
CA LEU SG 211 -27.69 -3.15 106.89
C LEU SG 211 -26.23 -3.52 107.12
N TYR SG 212 -25.31 -2.76 106.54
CA TYR SG 212 -23.89 -3.01 106.79
C TYR SG 212 -23.55 -2.79 108.25
N ARG SG 213 -24.08 -1.72 108.84
CA ARG SG 213 -23.86 -1.47 110.27
C ARG SG 213 -24.38 -2.62 111.12
N LYS SG 214 -25.56 -3.14 110.75
CA LYS SG 214 -26.16 -4.25 111.48
C LYS SG 214 -25.32 -5.51 111.40
N LEU SG 215 -24.82 -5.83 110.22
CA LEU SG 215 -24.08 -7.08 110.09
C LEU SG 215 -22.68 -7.00 110.70
N LEU SG 216 -22.04 -5.83 110.64
CA LEU SG 216 -20.76 -5.67 111.30
C LEU SG 216 -20.93 -5.74 112.80
N ALA SG 217 -22.05 -5.24 113.32
CA ALA SG 217 -22.38 -5.47 114.72
C ALA SG 217 -22.57 -6.97 114.99
N MET SG 218 -23.25 -7.66 114.09
CA MET SG 218 -23.52 -9.08 114.26
C MET SG 218 -22.29 -9.95 114.03
N ASN SG 219 -21.17 -9.37 113.60
CA ASN SG 219 -19.93 -10.07 113.26
C ASN SG 219 -20.18 -11.07 112.14
N MET SG 220 -20.58 -10.53 111.00
CA MET SG 220 -20.79 -11.30 109.79
C MET SG 220 -19.87 -10.87 108.66
N VAL SG 221 -19.17 -9.75 108.81
CA VAL SG 221 -18.30 -9.22 107.77
C VAL SG 221 -16.97 -8.82 108.39
N SER SG 222 -16.00 -8.66 107.55
CA SER SG 222 -14.73 -8.09 107.95
C SER SG 222 -14.86 -6.58 108.03
N PRO SG 223 -14.45 -5.95 109.13
CA PRO SG 223 -14.41 -4.49 109.16
C PRO SG 223 -13.32 -3.97 108.23
N PRO SG 224 -13.46 -2.75 107.71
CA PRO SG 224 -12.44 -2.22 106.81
C PRO SG 224 -11.14 -1.96 107.54
N TYR SG 225 -10.03 -2.15 106.83
CA TYR SG 225 -8.73 -2.04 107.45
C TYR SG 225 -7.81 -1.15 106.63
N VAL SG 226 -7.12 -0.25 107.33
CA VAL SG 226 -6.31 0.78 106.71
C VAL SG 226 -4.90 0.69 107.28
N SER SG 227 -3.91 0.60 106.41
CA SER SG 227 -2.54 0.79 106.82
C SER SG 227 -2.11 2.21 106.50
N HIS SG 228 -1.07 2.66 107.18
CA HIS SG 228 -0.54 3.97 106.87
C HIS SG 228 0.95 3.99 107.12
N THR SG 229 1.64 4.73 106.27
CA THR SG 229 3.05 5.04 106.47
C THR SG 229 3.18 6.55 106.57
N ASP SG 230 4.30 6.99 107.13
CA ASP SG 230 4.54 8.41 107.25
C ASP SG 230 6.04 8.65 107.30
N LEU SG 231 6.49 9.60 106.50
CA LEU SG 231 7.88 10.03 106.51
C LEU SG 231 7.94 11.44 107.02
N GLY SG 232 9.14 11.85 107.42
CA GLY SG 232 9.33 13.17 107.97
C GLY SG 232 9.42 14.21 106.87
N VAL SG 233 10.48 15.02 106.91
CA VAL SG 233 10.70 15.99 105.87
C VAL SG 233 11.06 15.27 104.56
N THR SG 234 10.86 15.97 103.45
CA THR SG 234 11.06 15.36 102.15
C THR SG 234 11.38 16.46 101.14
N GLY SG 235 11.85 16.03 99.97
CA GLY SG 235 12.06 16.93 98.86
C GLY SG 235 13.45 17.55 98.87
N ASP SG 236 13.67 18.41 97.89
CA ASP SG 236 14.95 19.06 97.69
C ASP SG 236 14.96 20.41 98.40
N GLY SG 237 15.99 21.22 98.14
CA GLY SG 237 16.05 22.56 98.68
C GLY SG 237 15.15 23.55 97.99
N SER SG 238 14.47 23.15 96.92
CA SER SG 238 13.52 24.01 96.23
C SER SG 238 12.08 23.70 96.55
N GLU SG 239 11.78 22.51 97.07
CA GLU SG 239 10.42 22.15 97.46
C GLU SG 239 10.46 21.28 98.70
N ILE SG 240 9.65 21.61 99.72
CA ILE SG 240 9.55 20.76 100.89
C ILE SG 240 8.10 20.66 101.36
N HIS SG 241 7.81 19.54 102.02
CA HIS SG 241 6.68 19.40 102.91
C HIS SG 241 7.22 18.95 104.27
N ILE SG 242 6.49 19.31 105.33
CA ILE SG 242 6.99 19.09 106.67
C ILE SG 242 6.92 17.61 107.04
N ASP SG 243 5.73 17.04 107.05
CA ASP SG 243 5.55 15.63 107.36
C ASP SG 243 4.59 15.04 106.35
N ASP SG 244 4.95 13.89 105.79
CA ASP SG 244 4.21 13.31 104.68
C ASP SG 244 3.54 12.03 105.17
N ARG SG 245 2.22 12.01 105.18
CA ARG SG 245 1.46 10.85 105.64
C ARG SG 245 0.69 10.24 104.48
N VAL SG 246 0.89 8.94 104.28
CA VAL SG 246 0.24 8.19 103.23
C VAL SG 246 -0.67 7.17 103.89
N LEU SG 247 -1.95 7.24 103.59
CA LEU SG 247 -2.93 6.33 104.16
C LEU SG 247 -3.55 5.52 103.02
N ARG SG 248 -3.46 4.19 103.12
CA ARG SG 248 -4.00 3.33 102.09
C ARG SG 248 -4.81 2.21 102.72
N ILE SG 249 -5.95 1.92 102.12
CA ILE SG 249 -6.86 0.90 102.62
C ILE SG 249 -6.52 -0.42 101.95
N THR SG 250 -6.37 -1.47 102.75
CA THR SG 250 -5.95 -2.75 102.21
C THR SG 250 -7.06 -3.78 102.18
N ALA SG 251 -7.92 -3.81 103.18
CA ALA SG 251 -8.93 -4.85 103.31
C ALA SG 251 -10.30 -4.25 103.06
N LEU SG 252 -10.84 -4.51 101.88
CA LEU SG 252 -12.22 -4.15 101.61
C LEU SG 252 -13.15 -5.00 102.46
N PRO SG 253 -14.22 -4.42 102.98
CA PRO SG 253 -15.15 -5.21 103.79
C PRO SG 253 -15.91 -6.22 102.96
N GLU SG 254 -16.00 -7.43 103.48
CA GLU SG 254 -16.70 -8.50 102.78
C GLU SG 254 -17.19 -9.53 103.79
N LEU SG 255 -18.14 -10.34 103.36
CA LEU SG 255 -18.76 -11.31 104.26
C LEU SG 255 -17.85 -12.52 104.47
N ASN SG 256 -18.00 -13.14 105.62
CA ASN SG 256 -17.25 -14.34 105.95
C ASN SG 256 -18.04 -15.59 105.57
N VAL SG 257 -17.34 -16.70 105.41
CA VAL SG 257 -17.99 -17.97 105.16
C VAL SG 257 -17.86 -18.94 106.34
N ASN SG 258 -16.96 -18.68 107.27
CA ASN SG 258 -16.84 -19.55 108.45
C ASN SG 258 -17.94 -19.15 109.42
N SER SG 259 -19.13 -19.69 109.17
CA SER SG 259 -20.32 -19.22 109.85
C SER SG 259 -20.42 -19.70 111.29
N ALA SG 260 -19.58 -20.66 111.70
CA ALA SG 260 -19.65 -21.17 113.06
C ALA SG 260 -19.12 -20.18 114.09
N GLU SG 261 -18.46 -19.10 113.67
CA GLU SG 261 -17.99 -18.07 114.56
C GLU SG 261 -18.94 -16.89 114.61
N TRP SG 262 -20.14 -17.04 114.07
CA TRP SG 262 -21.09 -15.95 114.09
C TRP SG 262 -21.65 -15.73 115.50
N ARG SG 263 -21.84 -14.47 115.84
CA ARG SG 263 -22.36 -14.09 117.15
C ARG SG 263 -23.84 -13.75 117.03
N ALA SG 264 -24.66 -14.41 117.83
CA ALA SG 264 -26.10 -14.24 117.73
C ALA SG 264 -26.56 -13.09 118.63
N ALA SG 265 -27.87 -12.94 118.76
CA ALA SG 265 -28.44 -11.86 119.54
C ALA SG 265 -29.72 -12.35 120.21
N VAL SG 266 -30.24 -11.53 121.12
CA VAL SG 266 -31.49 -11.79 121.81
C VAL SG 266 -32.06 -10.43 122.20
N ALA SG 267 -33.32 -10.41 122.66
CA ALA SG 267 -33.91 -9.17 123.12
C ALA SG 267 -34.60 -9.39 124.45
N LYS SG 268 -35.21 -8.33 124.97
CA LYS SG 268 -35.99 -8.38 126.20
C LYS SG 268 -37.22 -7.49 126.10
N UNK TG 1 40.92 -45.87 98.10
CA UNK TG 1 41.16 -44.76 97.17
C UNK TG 1 42.58 -44.21 97.34
N UNK TG 2 42.79 -42.98 96.90
CA UNK TG 2 44.09 -42.34 97.08
C UNK TG 2 44.27 -41.93 98.54
N UNK TG 3 45.53 -41.86 98.96
CA UNK TG 3 45.88 -41.61 100.35
C UNK TG 3 46.31 -40.16 100.54
N UNK TG 4 45.56 -39.42 101.35
CA UNK TG 4 45.88 -38.02 101.60
C UNK TG 4 47.17 -37.87 102.41
N UNK TG 5 47.47 -38.84 103.28
CA UNK TG 5 48.70 -38.78 104.07
C UNK TG 5 49.94 -38.94 103.18
N UNK TG 6 49.92 -39.92 102.27
CA UNK TG 6 51.02 -40.08 101.32
C UNK TG 6 51.08 -38.90 100.35
N UNK TG 7 49.92 -38.33 100.00
CA UNK TG 7 49.90 -37.15 99.14
C UNK TG 7 50.54 -35.95 99.81
N UNK TG 8 50.23 -35.74 101.09
CA UNK TG 8 50.84 -34.64 101.83
C UNK TG 8 52.33 -34.87 102.05
N UNK TG 9 52.74 -36.14 102.25
CA UNK TG 9 54.15 -36.44 102.42
C UNK TG 9 54.94 -36.22 101.14
N UNK TG 10 54.37 -36.60 100.00
CA UNK TG 10 55.02 -36.34 98.71
C UNK TG 10 55.06 -34.86 98.40
N UNK TG 11 54.00 -34.12 98.76
CA UNK TG 11 54.00 -32.67 98.59
C UNK TG 11 55.03 -32.01 99.49
N UNK TG 12 55.23 -32.54 100.70
CA UNK TG 12 56.25 -32.02 101.60
C UNK TG 12 57.65 -32.30 101.06
N UNK TG 13 57.87 -33.49 100.50
CA UNK TG 13 59.16 -33.82 99.89
C UNK TG 13 59.46 -32.93 98.69
N UNK TG 14 58.44 -32.66 97.87
CA UNK TG 14 58.63 -31.76 96.73
C UNK TG 14 58.81 -30.31 97.17
N UNK TG 15 58.13 -29.89 98.24
CA UNK TG 15 58.24 -28.52 98.70
C UNK TG 15 59.60 -28.26 99.32
N UNK TG 16 59.96 -29.03 100.34
CA UNK TG 16 61.31 -28.96 100.88
C UNK TG 16 62.21 -30.00 100.25
N UNK TG 17 62.20 -30.08 98.91
CA UNK TG 17 63.23 -30.83 98.20
C UNK TG 17 64.54 -30.07 98.21
N UNK TG 18 64.47 -28.74 98.13
CA UNK TG 18 65.62 -27.83 98.08
C UNK TG 18 66.57 -28.19 96.94
N UNK TG 19 65.99 -28.53 95.79
CA UNK TG 19 66.74 -29.00 94.64
C UNK TG 19 66.71 -27.91 93.57
N UNK TG 20 67.72 -27.04 93.59
CA UNK TG 20 67.84 -25.97 92.61
C UNK TG 20 69.29 -25.55 92.52
N UNK TG 21 69.94 -25.80 91.38
CA UNK TG 21 71.31 -25.40 91.13
C UNK TG 21 71.38 -24.64 89.83
N UNK TG 22 71.87 -23.40 89.88
CA UNK TG 22 71.68 -22.43 88.81
C UNK TG 22 72.99 -22.10 88.11
N UNK TG 23 72.86 -21.53 86.91
CA UNK TG 23 73.97 -20.97 86.15
C UNK TG 23 73.52 -19.64 85.55
N UNK TG 24 74.42 -18.68 85.48
CA UNK TG 24 74.07 -17.34 85.00
C UNK TG 24 74.83 -17.02 83.73
N UNK TG 25 74.24 -16.14 82.92
CA UNK TG 25 74.83 -15.69 81.67
C UNK TG 25 75.30 -14.24 81.82
N UNK TG 26 76.17 -13.83 80.91
CA UNK TG 26 76.62 -12.46 80.84
C UNK TG 26 76.18 -11.84 79.52
N UNK TG 27 76.58 -10.58 79.31
CA UNK TG 27 76.32 -9.92 78.04
C UNK TG 27 77.27 -10.40 76.95
N UNK TG 28 78.46 -10.85 77.31
CA UNK TG 28 79.50 -11.24 76.36
C UNK TG 28 79.56 -12.75 76.14
N UNK TG 29 78.41 -13.43 76.28
CA UNK TG 29 78.25 -14.88 76.06
C UNK TG 29 79.19 -15.70 76.93
N UNK TG 30 79.35 -15.29 78.18
CA UNK TG 30 80.13 -16.02 79.17
C UNK TG 30 79.21 -16.43 80.31
N UNK TG 31 79.27 -17.71 80.68
CA UNK TG 31 78.46 -18.24 81.76
C UNK TG 31 79.29 -18.37 83.03
N UNK TG 32 78.59 -18.43 84.16
CA UNK TG 32 79.21 -18.67 85.44
C UNK TG 32 78.34 -19.61 86.25
N UNK TG 33 78.95 -20.60 86.88
CA UNK TG 33 78.26 -21.54 87.74
C UNK TG 33 78.74 -21.34 89.17
N UNK TG 34 77.80 -21.14 90.08
CA UNK TG 34 78.10 -20.91 91.48
C UNK TG 34 77.72 -22.15 92.30
N UNK TG 35 77.97 -22.06 93.60
CA UNK TG 35 77.59 -23.12 94.52
C UNK TG 35 76.07 -23.20 94.64
N UNK TG 36 75.57 -24.42 94.80
CA UNK TG 36 74.14 -24.62 94.97
C UNK TG 36 73.69 -24.11 96.33
N UNK TG 37 72.61 -23.34 96.34
CA UNK TG 37 72.05 -22.78 97.55
C UNK TG 37 70.54 -22.95 97.54
N UNK TG 38 69.96 -23.04 98.75
CA UNK TG 38 68.52 -23.20 98.99
C UNK TG 38 67.91 -24.39 98.26
N UNK TG 39 70.16 -11.14 79.49
CA UNK TG 39 71.41 -11.87 79.40
C UNK TG 39 72.10 -11.96 80.74
N UNK TG 40 71.31 -12.07 81.81
CA UNK TG 40 71.84 -12.18 83.16
C UNK TG 40 71.54 -13.54 83.79
N UNK TG 41 70.28 -13.94 83.85
CA UNK TG 41 69.91 -15.19 84.51
C UNK TG 41 68.64 -15.72 83.86
N UNK TG 42 68.77 -16.79 83.08
CA UNK TG 42 67.61 -17.38 82.43
C UNK TG 42 66.81 -18.20 83.43
N UNK TG 43 65.55 -18.44 83.06
CA UNK TG 43 64.69 -19.28 83.89
C UNK TG 43 65.05 -20.76 83.79
N UNK TG 44 65.84 -21.15 82.81
CA UNK TG 44 66.30 -22.52 82.66
C UNK TG 44 67.60 -22.78 83.41
N UNK TG 45 67.92 -21.95 84.40
CA UNK TG 45 69.18 -22.08 85.12
C UNK TG 45 69.17 -23.28 86.06
N UNK TG 46 68.01 -23.61 86.63
CA UNK TG 46 67.94 -24.52 87.77
C UNK TG 46 68.25 -25.96 87.39
N UNK TG 47 69.04 -26.63 88.24
CA UNK TG 47 69.35 -28.05 88.10
C UNK TG 47 69.17 -28.72 89.45
N UNK TG 48 68.82 -30.00 89.40
CA UNK TG 48 68.60 -30.77 90.62
C UNK TG 48 69.92 -31.14 91.30
N LYS UG 24 30.69 116.85 73.10
CA LYS UG 24 29.25 116.66 73.04
C LYS UG 24 28.88 115.24 73.36
N PHE UG 25 29.06 114.34 72.40
CA PHE UG 25 28.68 112.95 72.55
C PHE UG 25 29.90 112.06 72.47
N LYS UG 26 30.01 111.13 73.40
CA LYS UG 26 31.05 110.11 73.38
C LYS UG 26 30.42 108.80 72.95
N LYS UG 27 30.99 108.17 71.95
CA LYS UG 27 30.43 106.93 71.45
C LYS UG 27 30.87 105.75 72.33
N PRO UG 28 30.05 104.71 72.41
CA PRO UG 28 30.49 103.47 73.03
C PRO UG 28 31.38 102.71 72.06
N PRO UG 29 32.11 101.70 72.52
CA PRO UG 29 32.83 100.83 71.58
C PRO UG 29 31.86 100.11 70.66
N ILE UG 30 32.23 100.03 69.38
CA ILE UG 30 31.33 99.48 68.37
C ILE UG 30 31.23 97.97 68.55
N ASN UG 31 32.36 97.29 68.68
CA ASN UG 31 32.31 95.86 68.95
C ASN UG 31 32.39 95.60 70.45
N ASN UG 32 31.51 96.26 71.20
CA ASN UG 32 31.44 96.04 72.63
C ASN UG 32 30.51 94.86 72.89
N PRO UG 33 30.97 93.83 73.55
CA PRO UG 33 30.05 92.76 73.96
C PRO UG 33 29.16 93.24 75.08
N SER UG 34 28.00 93.80 74.73
CA SER UG 34 27.02 94.22 75.73
C SER UG 34 25.95 93.16 75.98
N ASP UG 35 26.28 91.88 75.77
CA ASP UG 35 25.34 90.80 75.97
C ASP UG 35 25.90 89.80 76.97
N ASP UG 36 24.99 89.22 77.77
CA ASP UG 36 25.37 88.36 78.87
C ASP UG 36 26.05 87.09 78.42
N ALA UG 37 25.69 86.56 77.25
CA ALA UG 37 26.43 85.45 76.71
C ALA UG 37 27.83 85.88 76.30
N THR UG 38 27.91 87.03 75.64
CA THR UG 38 29.15 87.44 74.99
C THR UG 38 30.22 87.81 76.00
N ILE UG 39 29.83 88.41 77.12
CA ILE UG 39 30.81 88.78 78.15
C ILE UG 39 31.44 87.53 78.74
N LYS UG 40 30.63 86.50 78.97
CA LYS UG 40 31.12 85.25 79.51
C LYS UG 40 32.06 84.58 78.52
N LEU UG 41 31.70 84.64 77.23
CA LEU UG 41 32.56 84.09 76.18
C LEU UG 41 33.91 84.79 76.16
N ALA UG 42 33.91 86.11 76.26
CA ALA UG 42 35.14 86.88 76.15
C ALA UG 42 36.05 86.65 77.36
N GLU UG 43 35.48 86.61 78.55
CA GLU UG 43 36.35 86.40 79.72
C GLU UG 43 36.86 84.97 79.77
N ALA UG 44 36.07 84.00 79.29
CA ALA UG 44 36.57 82.64 79.17
C ALA UG 44 37.71 82.57 78.16
N ALA UG 45 37.60 83.34 77.08
CA ALA UG 45 38.69 83.40 76.10
C ALA UG 45 39.95 83.97 76.71
N VAL UG 46 39.81 84.99 77.56
CA VAL UG 46 40.95 85.57 78.25
C VAL UG 46 41.62 84.54 79.14
N SER UG 47 40.81 83.78 79.87
CA SER UG 47 41.34 82.76 80.76
C SER UG 47 42.08 81.66 80.00
N VAL UG 48 41.53 81.24 78.86
CA VAL UG 48 42.15 80.18 78.08
C VAL UG 48 43.46 80.65 77.47
N SER UG 49 43.49 81.91 76.98
CA SER UG 49 44.72 82.47 76.44
C SER UG 49 45.79 82.58 77.51
N ASP UG 50 45.40 82.98 78.71
CA ASP UG 50 46.35 83.07 79.83
C ASP UG 50 46.88 81.69 80.20
N SER UG 51 46.01 80.68 80.16
CA SER UG 51 46.45 79.31 80.44
C SER UG 51 47.46 78.82 79.41
N MET UG 52 47.22 79.13 78.14
CA MET UG 52 48.16 78.70 77.10
C MET UG 52 49.50 79.40 77.23
N LEU UG 53 49.47 80.71 77.56
CA LEU UG 53 50.70 81.44 77.82
C LEU UG 53 51.46 80.84 79.00
N GLU UG 54 50.72 80.45 80.04
CA GLU UG 54 51.34 79.87 81.23
C GLU UG 54 51.98 78.52 80.93
N MET UG 55 51.32 77.70 80.11
CA MET UG 55 51.89 76.40 79.78
C MET UG 55 53.14 76.55 78.92
N ALA UG 56 53.14 77.54 78.03
CA ALA UG 56 54.36 77.84 77.28
C ALA UG 56 55.48 78.34 78.20
N LYS UG 57 55.11 79.13 79.22
CA LYS UG 57 56.07 79.61 80.21
C LYS UG 57 56.71 78.46 80.95
N VAL UG 58 55.92 77.44 81.30
CA VAL UG 58 56.45 76.27 81.96
C VAL UG 58 57.34 75.49 81.00
N GLU UG 59 56.87 75.27 79.79
CA GLU UG 59 57.49 74.27 78.93
C GLU UG 59 58.78 74.75 78.29
N LYS UG 60 58.80 76.00 77.82
CA LYS UG 60 59.84 76.42 76.90
C LYS UG 60 61.19 76.60 77.60
N VAL UG 61 62.23 76.05 76.99
CA VAL UG 61 63.57 76.18 77.52
C VAL UG 61 64.25 77.34 76.81
N ILE UG 62 65.24 77.93 77.49
CA ILE UG 62 66.07 78.98 76.93
C ILE UG 62 67.52 78.59 77.12
N THR UG 63 68.41 79.50 76.75
CA THR UG 63 69.83 79.34 76.96
C THR UG 63 70.41 80.64 77.51
N PRO UG 64 71.41 80.57 78.37
CA PRO UG 64 72.05 81.78 78.85
C PRO UG 64 72.86 82.45 77.76
N PRO UG 65 72.62 83.73 77.48
CA PRO UG 65 73.44 84.45 76.50
C PRO UG 65 74.85 84.69 76.97
N SER UG 66 75.11 84.61 78.28
CA SER UG 66 76.46 84.65 78.79
C SER UG 66 77.17 83.31 78.65
N LYS UG 67 76.43 82.23 78.40
CA LYS UG 67 77.03 80.91 78.30
C LYS UG 67 76.43 80.17 77.10
N ASP UG 68 76.36 80.87 75.98
CA ASP UG 68 75.85 80.30 74.74
C ASP UG 68 76.99 79.83 73.86
N ASN UG 69 76.68 78.96 72.91
CA ASN UG 69 77.69 78.43 72.00
C ASN UG 69 77.39 78.91 70.59
N THR UG 70 77.98 80.05 70.23
CA THR UG 70 77.85 80.63 68.90
C THR UG 70 79.04 81.55 68.68
N LEU UG 71 79.70 81.42 67.52
CA LEU UG 71 80.83 82.28 67.21
C LEU UG 71 80.40 83.73 67.04
N THR UG 72 81.13 84.64 67.67
CA THR UG 72 80.78 86.04 67.64
C THR UG 72 81.51 86.77 66.52
N ILE UG 73 81.32 88.08 66.47
CA ILE UG 73 81.83 88.92 65.39
C ILE UG 73 83.30 89.22 65.60
N PRO UG 74 84.16 88.87 64.64
CA PRO UG 74 85.59 89.20 64.79
C PRO UG 74 85.91 90.67 64.62
N ASN UG 75 85.03 91.44 63.97
CA ASN UG 75 85.07 92.88 63.70
C ASN UG 75 86.44 93.45 63.33
N ALA UG 76 87.18 92.79 62.45
CA ALA UG 76 88.30 93.43 61.81
C ALA UG 76 87.80 94.33 60.68
N TYR UG 77 88.68 95.21 60.20
CA TYR UG 77 88.23 96.24 59.25
C TYR UG 77 87.92 95.66 57.88
N ASN UG 78 88.71 94.71 57.41
CA ASN UG 78 88.52 94.18 56.06
C ASN UG 78 87.27 93.31 55.94
N LEU UG 79 86.67 92.89 57.04
CA LEU UG 79 85.51 92.04 57.02
C LEU UG 79 84.21 92.82 56.93
N GLN UG 80 84.28 94.13 56.80
CA GLN UG 80 83.07 94.96 56.82
C GLN UG 80 82.62 95.33 55.42
N ALA UG 81 83.05 94.57 54.41
CA ALA UG 81 82.73 94.91 53.04
C ALA UG 81 81.27 94.58 52.72
N ARG UG 82 80.82 95.06 51.58
CA ARG UG 82 79.45 94.88 51.14
C ARG UG 82 79.43 94.01 49.89
N ALA UG 83 78.64 92.93 49.92
CA ALA UG 83 78.59 91.97 48.83
C ALA UG 83 77.24 91.27 48.84
N SER UG 84 77.04 90.40 47.86
CA SER UG 84 75.82 89.61 47.76
C SER UG 84 76.21 88.23 47.24
N VAL UG 85 75.42 87.22 47.59
CA VAL UG 85 75.80 85.84 47.28
C VAL UG 85 74.56 84.98 47.23
N ASP UG 86 74.67 83.82 46.58
CA ASP UG 86 73.63 82.80 46.61
C ASP UG 86 74.31 81.46 46.42
N TRP UG 87 74.04 80.53 47.33
CA TRP UG 87 74.73 79.26 47.33
C TRP UG 87 73.91 78.25 48.10
N SER UG 88 73.96 77.00 47.66
CA SER UG 88 73.40 75.91 48.46
C SER UG 88 74.21 74.66 48.13
N GLY UG 89 75.21 74.38 48.95
CA GLY UG 89 76.01 73.20 48.73
C GLY UG 89 77.06 72.98 49.79
N PRO UG 90 78.21 72.43 49.41
CA PRO UG 90 79.28 72.19 50.38
C PRO UG 90 79.86 73.48 50.93
N ILE UG 91 80.37 73.37 52.14
CA ILE UG 91 80.71 74.55 52.93
C ILE UG 91 82.13 75.04 52.69
N GLU UG 92 83.06 74.13 52.47
CA GLU UG 92 84.49 74.43 52.54
C GLU UG 92 84.93 75.34 51.41
N GLU UG 93 84.43 75.10 50.20
CA GLU UG 93 84.81 75.95 49.08
C GLU UG 93 84.19 77.33 49.22
N LEU UG 94 83.00 77.42 49.82
CA LEU UG 94 82.40 78.73 50.11
C LEU UG 94 83.24 79.51 51.11
N THR UG 95 83.73 78.82 52.14
CA THR UG 95 84.62 79.46 53.10
C THR UG 95 85.91 79.91 52.45
N ALA UG 96 86.45 79.09 51.55
CA ALA UG 96 87.68 79.43 50.84
C ALA UG 96 87.49 80.68 49.99
N ARG UG 97 86.36 80.75 49.28
CA ARG UG 97 86.14 81.89 48.40
C ARG UG 97 85.86 83.16 49.20
N ILE UG 98 85.16 83.05 50.32
CA ILE UG 98 84.89 84.26 51.08
C ILE UG 98 86.15 84.72 51.80
N ALA UG 99 87.04 83.80 52.17
CA ALA UG 99 88.33 84.18 52.71
C ALA UG 99 89.18 84.85 51.65
N LYS UG 100 89.10 84.36 50.42
CA LYS UG 100 89.84 84.97 49.32
C LYS UG 100 89.34 86.38 49.05
N ALA UG 101 88.03 86.59 49.14
CA ALA UG 101 87.49 87.93 49.01
C ALA UG 101 87.87 88.79 50.20
N ALA UG 102 88.09 88.19 51.36
CA ALA UG 102 88.50 88.93 52.54
C ALA UG 102 90.00 89.15 52.60
N HIS UG 103 90.76 88.60 51.65
CA HIS UG 103 92.23 88.63 51.63
C HIS UG 103 92.80 88.00 52.90
N PHE UG 104 92.21 86.89 53.30
CA PHE UG 104 92.65 86.15 54.47
C PHE UG 104 93.09 84.76 54.05
N ARG UG 105 94.10 84.25 54.74
CA ARG UG 105 94.46 82.86 54.53
C ARG UG 105 93.46 81.95 55.21
N PHE UG 106 93.43 80.70 54.77
CA PHE UG 106 92.34 79.80 55.12
C PHE UG 106 92.89 78.39 55.31
N ARG UG 107 92.61 77.79 56.46
CA ARG UG 107 93.15 76.48 56.78
C ARG UG 107 92.09 75.55 57.35
N VAL UG 108 92.33 74.25 57.18
CA VAL UG 108 91.36 73.21 57.46
C VAL UG 108 91.96 72.26 58.48
N LEU UG 109 91.26 72.02 59.57
CA LEU UG 109 91.64 71.05 60.57
C LEU UG 109 90.54 70.00 60.70
N GLY UG 110 90.95 68.74 60.64
CA GLY UG 110 90.02 67.63 60.69
C GLY UG 110 89.84 67.01 59.32
N LYS UG 111 88.94 66.03 59.27
CA LYS UG 111 88.68 65.27 58.05
C LYS UG 111 87.26 65.51 57.60
N SER UG 112 87.08 65.77 56.33
CA SER UG 112 85.74 65.86 55.78
C SER UG 112 85.11 64.48 55.74
N PRO UG 113 83.86 64.32 56.15
CA PRO UG 113 83.23 63.01 56.12
C PRO UG 113 82.87 62.58 54.72
N SER UG 114 82.44 61.33 54.61
CA SER UG 114 82.02 60.80 53.31
C SER UG 114 80.77 61.49 52.81
N VAL UG 115 79.74 61.56 53.64
CA VAL UG 115 78.61 62.43 53.33
C VAL UG 115 79.08 63.85 53.65
N PRO UG 116 79.03 64.76 52.70
CA PRO UG 116 79.55 66.10 52.93
C PRO UG 116 78.59 66.93 53.77
N VAL UG 117 79.08 68.08 54.21
CA VAL UG 117 78.29 69.02 54.98
C VAL UG 117 77.67 70.03 54.04
N LEU UG 118 76.37 70.20 54.12
CA LEU UG 118 75.64 71.07 53.19
C LEU UG 118 74.95 72.19 53.93
N ILE UG 119 74.99 73.38 53.34
CA ILE UG 119 74.33 74.56 53.89
C ILE UG 119 73.70 75.30 52.73
N SER UG 120 72.95 76.34 53.05
CA SER UG 120 72.30 77.14 52.02
C SER UG 120 72.11 78.55 52.52
N ILE UG 121 72.43 79.53 51.68
CA ILE UG 121 72.22 80.93 52.01
C ILE UG 121 72.06 81.71 50.72
N SER UG 122 71.01 82.52 50.64
CA SER UG 122 70.80 83.43 49.53
C SER UG 122 70.58 84.81 50.11
N THR UG 123 71.43 85.77 49.75
CA THR UG 123 71.36 87.07 50.40
C THR UG 123 71.88 88.17 49.49
N LYS UG 124 71.36 89.37 49.72
CA LYS UG 124 71.76 90.57 49.01
C LYS UG 124 72.62 91.50 49.85
N ASP UG 125 72.27 91.74 51.11
CA ASP UG 125 73.04 92.64 51.98
C ASP UG 125 73.15 92.03 53.37
N GLU UG 126 74.19 91.23 53.56
CA GLU UG 126 74.64 90.80 54.88
C GLU UG 126 76.16 90.88 54.88
N SER UG 127 76.74 91.36 55.98
CA SER UG 127 78.18 91.53 56.03
C SER UG 127 78.87 90.18 56.08
N LEU UG 128 80.18 90.22 55.84
CA LEU UG 128 80.99 89.00 55.85
C LEU UG 128 80.98 88.37 57.24
N ALA UG 129 80.95 89.21 58.27
CA ALA UG 129 80.76 88.72 59.63
C ALA UG 129 79.41 88.04 59.78
N GLU UG 130 78.38 88.59 59.14
CA GLU UG 130 77.06 87.98 59.24
C GLU UG 130 77.00 86.64 58.52
N ILE UG 131 77.68 86.54 57.37
CA ILE UG 131 77.71 85.28 56.64
C ILE UG 131 78.51 84.24 57.41
N LEU UG 132 79.61 84.67 58.04
CA LEU UG 132 80.41 83.76 58.85
C LEU UG 132 79.63 83.27 60.06
N ARG UG 133 78.88 84.17 60.68
CA ARG UG 133 78.03 83.82 61.81
C ARG UG 133 76.93 82.85 61.39
N ASP UG 134 76.35 83.08 60.20
CA ASP UG 134 75.34 82.18 59.68
C ASP UG 134 75.90 80.81 59.39
N ILE UG 135 77.12 80.77 58.86
CA ILE UG 135 77.78 79.50 58.59
C ILE UG 135 78.03 78.74 59.87
N ASP UG 136 78.47 79.45 60.92
CA ASP UG 136 78.69 78.83 62.22
C ASP UG 136 77.39 78.30 62.81
N TYR UG 137 76.31 79.07 62.71
CA TYR UG 137 75.05 78.66 63.29
C TYR UG 137 74.43 77.50 62.53
N GLN UG 138 74.62 77.46 61.22
CA GLN UG 138 74.09 76.37 60.44
C GLN UG 138 75.01 75.17 60.40
N ALA UG 139 76.23 75.30 60.92
CA ALA UG 139 77.13 74.15 60.99
C ALA UG 139 76.62 73.07 61.93
N GLY UG 140 76.03 73.48 63.06
CA GLY UG 140 75.66 72.48 64.03
C GLY UG 140 76.88 71.95 64.74
N LYS UG 141 76.81 70.68 65.13
CA LYS UG 141 77.89 70.05 65.86
C LYS UG 141 78.86 69.31 64.96
N LYS UG 142 78.71 69.42 63.63
CA LYS UG 142 79.65 68.77 62.74
C LYS UG 142 80.99 69.47 62.74
N ALA UG 143 80.99 70.79 62.69
CA ALA UG 143 82.22 71.55 62.57
C ALA UG 143 81.99 72.95 63.10
N SER UG 144 83.07 73.72 63.15
CA SER UG 144 83.01 75.11 63.56
C SER UG 144 84.14 75.87 62.89
N ILE UG 145 84.25 77.15 63.23
CA ILE UG 145 85.17 78.05 62.56
C ILE UG 145 85.78 79.00 63.59
N HIS UG 146 87.03 79.37 63.35
CA HIS UG 146 87.72 80.31 64.22
C HIS UG 146 88.47 81.31 63.38
N VAL UG 147 88.42 82.57 63.81
CA VAL UG 147 88.99 83.68 63.06
C VAL UG 147 90.11 84.30 63.88
N TYR UG 148 91.29 84.44 63.26
CA TYR UG 148 92.37 85.14 63.90
C TYR UG 148 92.66 86.41 63.10
N PRO UG 149 92.53 87.58 63.71
CA PRO UG 149 92.83 88.84 63.01
C PRO UG 149 94.25 89.34 63.22
N ASN UG 150 95.00 88.75 64.14
CA ASN UG 150 96.40 89.13 64.31
C ASN UG 150 97.23 88.75 63.10
N SER UG 151 97.26 87.46 62.78
CA SER UG 151 97.68 86.98 61.47
C SER UG 151 96.40 86.61 60.73
N GLN UG 152 96.21 87.22 59.56
CA GLN UG 152 94.89 87.30 58.93
C GLN UG 152 94.44 85.96 58.41
N VAL UG 153 93.81 85.15 59.27
CA VAL UG 153 93.55 83.76 58.90
C VAL UG 153 92.20 83.31 59.46
N VAL UG 154 91.62 82.31 58.79
CA VAL UG 154 90.43 81.63 59.27
C VAL UG 154 90.70 80.12 59.24
N GLU UG 155 90.03 79.41 60.12
CA GLU UG 155 90.18 77.96 60.22
C GLU UG 155 88.82 77.33 60.31
N LEU UG 156 88.58 76.34 59.45
CA LEU UG 156 87.43 75.46 59.57
C LEU UG 156 87.89 74.17 60.24
N ARG UG 157 87.24 73.82 61.35
CA ARG UG 157 87.67 72.70 62.18
C ARG UG 157 86.52 71.75 62.39
N TYR UG 158 86.72 70.49 62.02
CA TYR UG 158 85.68 69.49 62.17
C TYR UG 158 85.59 69.01 63.61
N ALA UG 159 84.67 68.08 63.87
CA ALA UG 159 84.55 67.44 65.17
C ALA UG 159 84.79 65.95 65.01
N LYS UG 160 85.20 65.31 66.11
CA LYS UG 160 85.55 63.90 66.08
C LYS UG 160 84.32 63.00 66.03
N ILE VG 208 71.59 82.81 104.47
CA ILE VG 208 70.64 83.84 104.84
C ILE VG 208 70.68 84.98 103.81
N ILE VG 209 69.52 85.35 103.30
CA ILE VG 209 69.40 86.43 102.34
C ILE VG 209 68.96 87.69 103.08
N TYR VG 210 69.01 88.82 102.38
CA TYR VG 210 68.59 90.09 102.95
C TYR VG 210 67.70 90.83 101.96
N TYR VG 211 67.23 92.01 102.37
CA TYR VG 211 66.32 92.78 101.55
C TYR VG 211 66.41 94.26 101.90
N ILE VG 212 66.37 95.11 100.89
CA ILE VG 212 66.37 96.54 101.11
C ILE VG 212 64.96 97.00 101.46
N GLN VG 213 64.89 98.00 102.34
CA GLN VG 213 63.62 98.57 102.75
C GLN VG 213 63.49 100.03 102.38
N ALA VG 214 64.45 100.87 102.77
CA ALA VG 214 64.43 102.27 102.41
C ALA VG 214 65.86 102.75 102.24
N VAL VG 215 66.09 103.55 101.19
CA VAL VG 215 67.44 103.96 100.81
C VAL VG 215 67.49 105.47 100.65
N ILE VG 216 68.70 105.99 100.71
CA ILE VG 216 68.99 107.41 100.50
C ILE VG 216 70.31 107.52 99.75
N PRO VG 217 70.55 108.64 99.05
CA PRO VG 217 71.91 108.88 98.56
C PRO VG 217 72.86 109.05 99.72
N GLY VG 218 73.74 108.08 99.92
CA GLY VG 218 74.70 108.15 101.00
C GLY VG 218 74.66 106.99 101.97
N ARG VG 219 73.46 106.52 102.29
CA ARG VG 219 73.33 105.42 103.23
C ARG VG 219 72.04 104.67 102.94
N ALA VG 220 71.95 103.45 103.46
CA ALA VG 220 70.78 102.63 103.19
C ALA VG 220 70.41 101.80 104.41
N TRP VG 221 69.17 101.31 104.38
CA TRP VG 221 68.61 100.49 105.43
C TRP VG 221 68.20 99.15 104.86
N LEU VG 222 68.45 98.08 105.61
CA LEU VG 222 68.40 96.73 105.08
C LEU VG 222 67.78 95.78 106.09
N ILE VG 223 66.89 94.90 105.62
CA ILE VG 223 66.26 93.89 106.46
C ILE VG 223 66.63 92.52 105.89
N GLY VG 224 66.45 91.49 106.72
CA GLY VG 224 66.60 90.13 106.25
C GLY VG 224 65.38 89.29 106.56
N SER VG 225 65.45 87.99 106.30
CA SER VG 225 64.36 87.10 106.68
C SER VG 225 64.33 86.89 108.19
N ASN VG 226 65.48 87.02 108.85
CA ASN VG 226 65.59 86.87 110.29
C ASN VG 226 65.09 88.09 111.05
N GLY VG 227 64.83 89.21 110.36
CA GLY VG 227 64.41 90.41 111.05
C GLY VG 227 65.53 91.23 111.63
N SER VG 228 66.76 91.05 111.17
CA SER VG 228 67.89 91.84 111.63
C SER VG 228 67.97 93.13 110.82
N THR VG 229 67.96 94.26 111.51
CA THR VG 229 68.02 95.57 110.87
C THR VG 229 69.47 96.01 110.75
N LEU VG 230 69.89 96.34 109.53
CA LEU VG 230 71.25 96.78 109.27
C LEU VG 230 71.22 98.12 108.56
N THR VG 231 72.15 99.00 108.92
CA THR VG 231 72.31 100.28 108.27
C THR VG 231 73.70 100.33 107.65
N VAL VG 232 73.77 100.73 106.37
CA VAL VG 232 74.99 100.60 105.61
C VAL VG 232 75.41 101.95 105.05
N ARG VG 233 76.70 102.25 105.21
CA ARG VG 233 77.37 103.36 104.56
C ARG VG 233 77.79 102.94 103.15
N GLU VG 234 78.43 103.87 102.42
CA GLU VG 234 78.90 103.59 101.08
C GLU VG 234 79.99 102.53 101.06
N GLY VG 235 80.94 102.62 101.98
CA GLY VG 235 81.94 101.59 102.08
C GLY VG 235 81.92 100.92 103.43
N SER VG 236 81.47 99.67 103.47
CA SER VG 236 81.35 98.94 104.72
C SER VG 236 81.33 97.46 104.40
N LYS VG 237 81.60 96.66 105.42
CA LYS VG 237 81.67 95.22 105.30
C LYS VG 237 80.33 94.63 105.73
N ILE VG 238 79.82 93.69 104.92
CA ILE VG 238 78.58 93.01 105.27
C ILE VG 238 78.77 91.52 105.04
N PRO VG 239 78.42 90.68 106.01
CA PRO VG 239 78.53 89.23 105.80
C PRO VG 239 77.54 88.74 104.76
N GLY VG 240 77.97 87.73 104.01
CA GLY VG 240 77.15 87.11 103.01
C GLY VG 240 77.23 87.76 101.64
N TYR VG 241 77.73 88.99 101.55
CA TYR VG 241 77.87 89.66 100.27
C TYR VG 241 79.25 90.31 100.16
N GLY VG 242 79.85 90.65 101.29
CA GLY VG 242 81.19 91.17 101.32
C GLY VG 242 81.29 92.65 101.66
N MET VG 243 81.69 93.45 100.68
CA MET VG 243 81.85 94.89 100.85
C MET VG 243 80.99 95.61 99.82
N VAL VG 244 80.29 96.65 100.27
CA VAL VG 244 79.41 97.39 99.37
C VAL VG 244 80.26 98.26 98.46
N LYS VG 245 80.10 98.07 97.15
CA LYS VG 245 80.88 98.81 96.17
C LYS VG 245 80.20 100.13 95.79
N LEU VG 246 78.89 100.14 95.67
CA LEU VG 246 78.16 101.32 95.24
C LEU VG 246 76.70 101.17 95.65
N ILE VG 247 76.10 102.28 96.09
CA ILE VG 247 74.66 102.37 96.29
C ILE VG 247 74.12 103.39 95.31
N ASP VG 248 72.82 103.32 95.07
CA ASP VG 248 72.15 104.28 94.19
C ASP VG 248 70.69 104.42 94.59
N SER VG 249 70.24 105.66 94.67
CA SER VG 249 68.83 105.94 94.96
C SER VG 249 68.00 106.24 93.73
N LEU VG 250 68.62 106.29 92.54
CA LEU VG 250 67.82 106.43 91.33
C LEU VG 250 67.04 105.16 91.06
N GLN VG 251 67.65 104.00 91.30
CA GLN VG 251 66.95 102.74 91.21
C GLN VG 251 67.56 101.78 92.22
N GLY VG 252 66.76 100.81 92.65
CA GLY VG 252 67.15 99.95 93.76
C GLY VG 252 68.23 98.94 93.45
N ARG VG 253 69.45 99.42 93.20
CA ARG VG 253 70.57 98.54 92.98
C ARG VG 253 71.72 98.95 93.90
N ILE VG 254 72.28 97.98 94.62
CA ILE VG 254 73.43 98.18 95.47
C ILE VG 254 74.47 97.13 95.10
N LEU VG 255 75.72 97.56 94.93
CA LEU VG 255 76.77 96.70 94.40
C LEU VG 255 77.61 96.14 95.54
N THR VG 256 77.76 94.82 95.57
CA THR VG 256 78.48 94.13 96.63
C THR VG 256 79.80 93.60 96.09
N SER VG 257 80.50 92.84 96.93
CA SER VG 257 81.80 92.33 96.55
C SER VG 257 81.70 91.19 95.54
N SER VG 258 80.76 90.27 95.75
CA SER VG 258 80.69 89.04 94.98
C SER VG 258 79.88 89.19 93.70
N GLY VG 259 79.45 90.40 93.36
CA GLY VG 259 78.66 90.62 92.17
C GLY VG 259 77.17 90.51 92.37
N GLN VG 260 76.70 90.10 93.55
CA GLN VG 260 75.29 90.09 93.84
C GLN VG 260 74.80 91.52 94.09
N VAL VG 261 73.57 91.79 93.69
CA VAL VG 261 72.92 93.06 93.94
C VAL VG 261 71.56 92.79 94.58
N ILE VG 262 71.30 93.45 95.72
CA ILE VG 262 70.05 93.25 96.45
C ILE VG 262 69.02 94.26 95.96
N LYS VG 263 67.88 93.76 95.52
CA LYS VG 263 66.75 94.57 95.12
C LYS VG 263 65.63 94.42 96.15
N PHE VG 264 64.49 95.03 95.88
CA PHE VG 264 63.36 94.94 96.79
C PHE VG 264 62.71 93.57 96.71
N SER VG 265 61.83 93.30 97.67
CA SER VG 265 61.09 92.06 97.71
C SER VG 265 59.84 92.19 96.85
N GLN VG 266 58.95 91.21 96.93
CA GLN VG 266 57.69 91.26 96.20
C GLN VG 266 56.51 91.22 97.17
N LYS WG 60 -1.47 72.64 49.68
CA LYS WG 60 -1.44 71.42 50.47
C LYS WG 60 -0.10 71.29 51.19
N GLU WG 61 0.41 70.07 51.32
CA GLU WG 61 1.57 69.81 52.17
C GLU WG 61 2.87 70.31 51.58
N THR WG 62 2.87 70.68 50.30
CA THR WG 62 4.07 71.27 49.70
C THR WG 62 4.43 72.59 50.37
N ALA WG 63 3.42 73.35 50.78
CA ALA WG 63 3.64 74.56 51.55
C ALA WG 63 4.30 74.24 52.89
N LEU WG 64 3.89 73.15 53.53
CA LEU WG 64 4.52 72.73 54.77
C LEU WG 64 5.98 72.36 54.57
N SER WG 65 6.26 71.65 53.48
CA SER WG 65 7.63 71.23 53.18
C SER WG 65 8.52 72.43 52.88
N VAL WG 66 8.04 73.35 52.06
CA VAL WG 66 8.87 74.52 51.77
C VAL WG 66 8.91 75.47 52.95
N GLY WG 67 7.94 75.41 53.86
CA GLY WG 67 8.06 76.16 55.10
C GLY WG 67 9.17 75.62 55.97
N ALA WG 68 9.31 74.30 56.00
CA ALA WG 68 10.45 73.69 56.67
C ALA WG 68 11.76 74.11 56.02
N GLN WG 69 11.78 74.13 54.69
CA GLN WG 69 12.98 74.53 53.97
C GLN WG 69 13.33 75.98 54.23
N ALA WG 70 12.34 76.86 54.21
CA ALA WG 70 12.57 78.28 54.41
C ALA WG 70 13.03 78.58 55.82
N GLY WG 71 12.40 77.95 56.82
CA GLY WG 71 12.79 78.17 58.20
C GLY WG 71 14.19 77.66 58.48
N LEU WG 72 14.53 76.47 57.99
CA LEU WG 72 15.88 75.93 58.17
C LEU WG 72 16.92 76.80 57.49
N ALA WG 73 16.63 77.27 56.27
CA ALA WG 73 17.59 78.08 55.53
C ALA WG 73 17.80 79.43 56.19
N TRP WG 74 16.71 80.07 56.62
CA TRP WG 74 16.84 81.38 57.26
C TRP WG 74 17.55 81.28 58.60
N ARG WG 75 17.24 80.23 59.37
CA ARG WG 75 17.90 80.05 60.66
C ARG WG 75 19.38 79.77 60.48
N ALA WG 76 19.73 78.97 59.47
CA ALA WG 76 21.13 78.70 59.18
C ALA WG 76 21.86 79.98 58.77
N LYS WG 77 21.22 80.80 57.94
CA LYS WG 77 21.80 82.06 57.51
C LYS WG 77 22.01 82.99 58.69
N ILE WG 78 21.02 83.06 59.59
CA ILE WG 78 21.11 83.91 60.77
C ILE WG 78 22.23 83.45 61.68
N ILE WG 79 22.32 82.14 61.91
CA ILE WG 79 23.29 81.68 62.87
C ILE WG 79 24.69 81.70 62.29
N ASP WG 80 24.83 81.61 60.97
CA ASP WG 80 26.14 81.78 60.39
C ASP WG 80 26.56 83.24 60.44
N GLU WG 81 25.61 84.16 60.28
CA GLU WG 81 25.92 85.56 60.44
C GLU WG 81 26.34 85.89 61.86
N GLN WG 82 25.67 85.29 62.83
CA GLN WG 82 26.02 85.50 64.23
C GLN WG 82 27.39 84.94 64.55
N LEU WG 83 27.69 83.76 64.02
CA LEU WG 83 29.00 83.16 64.22
C LEU WG 83 30.09 83.97 63.55
N ASN WG 84 29.80 84.55 62.38
CA ASN WG 84 30.77 85.39 61.71
C ASN WG 84 31.00 86.69 62.48
N LYS WG 85 29.95 87.21 63.12
CA LYS WG 85 30.09 88.40 63.95
C LYS WG 85 30.96 88.12 65.16
N GLN WG 86 30.75 86.99 65.82
CA GLN WG 86 31.58 86.62 66.96
C GLN WG 86 32.67 85.70 66.44
N ALA WG 87 33.74 86.30 65.94
CA ALA WG 87 34.76 85.54 65.22
C ALA WG 87 36.06 85.41 65.99
N ARG WG 88 36.63 86.50 66.48
CA ARG WG 88 38.03 86.46 66.91
C ARG WG 88 38.21 85.75 68.23
N ASN WG 89 37.21 85.80 69.12
CA ASN WG 89 37.35 85.03 70.35
C ASN WG 89 37.26 83.55 70.08
N LEU WG 90 36.60 83.16 69.00
CA LEU WG 90 36.41 81.75 68.68
C LEU WG 90 37.72 81.08 68.29
N ASP WG 91 38.38 81.59 67.25
CA ASP WG 91 39.67 81.03 66.92
C ASP WG 91 40.76 81.46 67.89
N ALA WG 92 40.51 82.49 68.70
CA ALA WG 92 41.40 82.76 69.82
C ALA WG 92 41.34 81.63 70.84
N ILE WG 93 40.14 81.11 71.10
CA ILE WG 93 39.97 80.14 72.18
C ILE WG 93 40.21 78.71 71.71
N TYR WG 94 40.04 78.42 70.43
CA TYR WG 94 40.26 77.07 69.93
C TYR WG 94 41.62 76.97 69.24
N ASP WG 95 42.68 77.18 70.01
CA ASP WG 95 44.02 77.18 69.47
C ASP WG 95 44.46 75.73 69.26
N PHE WG 96 44.32 75.23 68.04
CA PHE WG 96 44.93 73.96 67.72
C PHE WG 96 46.45 74.08 67.66
N ASN WG 97 46.94 75.21 67.14
CA ASN WG 97 48.34 75.30 66.76
C ASN WG 97 49.28 75.37 67.94
N SER WG 98 48.84 75.85 69.09
CA SER WG 98 49.69 75.74 70.25
C SER WG 98 49.70 74.34 70.83
N LEU WG 99 48.78 73.47 70.41
CA LEU WG 99 48.75 72.12 70.91
C LEU WG 99 49.56 71.14 70.07
N VAL WG 100 50.05 71.56 68.92
CA VAL WG 100 50.79 70.66 68.05
C VAL WG 100 52.16 70.42 68.65
N LEU WG 101 52.66 69.20 68.47
CA LEU WG 101 53.93 68.80 69.06
C LEU WG 101 55.09 69.37 68.26
N GLU WG 102 56.28 68.87 68.54
CA GLU WG 102 57.48 69.41 67.89
C GLU WG 102 57.54 69.03 66.42
N HIS WG 103 57.16 67.80 66.09
CA HIS WG 103 57.41 67.26 64.76
C HIS WG 103 56.25 67.47 63.81
N ASN WG 104 55.52 68.59 63.96
CA ASN WG 104 54.38 68.97 63.10
C ASN WG 104 53.31 67.87 63.10
N ILE WG 105 53.07 67.30 64.27
CA ILE WG 105 52.26 66.11 64.42
C ILE WG 105 51.10 66.41 65.36
N LEU WG 106 49.90 66.13 64.90
CA LEU WG 106 48.72 66.27 65.74
C LEU WG 106 48.77 65.20 66.82
N PRO WG 107 48.76 65.58 68.10
CA PRO WG 107 48.69 64.58 69.15
C PRO WG 107 47.31 63.94 69.17
N PRO WG 108 47.20 62.69 69.64
CA PRO WG 108 45.95 61.96 69.42
C PRO WG 108 44.82 62.37 70.34
N VAL WG 109 43.73 61.62 70.28
CA VAL WG 109 42.49 61.94 70.97
C VAL WG 109 42.16 60.80 71.92
N LEU WG 110 41.89 61.14 73.17
CA LEU WG 110 41.69 60.15 74.22
C LEU WG 110 40.31 60.30 74.84
N LEU WG 111 39.69 59.17 75.16
CA LEU WG 111 38.40 59.13 75.81
C LEU WG 111 38.54 58.54 77.20
N GLU WG 112 37.87 59.15 78.17
CA GLU WG 112 37.95 58.73 79.55
C GLU WG 112 36.55 58.46 80.10
N GLY WG 113 36.50 57.62 81.11
CA GLY WG 113 35.23 57.29 81.74
C GLY WG 113 35.43 56.88 83.18
N ARG WG 114 34.42 57.15 84.01
CA ARG WG 114 34.50 56.99 85.45
C ARG WG 114 33.40 56.08 85.96
N ASN WG 115 33.79 55.13 86.84
CA ASN WG 115 32.90 54.30 87.66
C ASN WG 115 31.95 53.47 86.80
N THR WG 116 32.53 52.56 86.06
CA THR WG 116 31.80 51.78 85.08
C THR WG 116 31.27 50.51 85.71
N LEU WG 117 30.12 50.06 85.22
CA LEU WG 117 29.54 48.80 85.65
C LEU WG 117 28.77 48.20 84.49
N ASN WG 118 29.08 46.95 84.17
CA ASN WG 118 28.32 46.21 83.18
C ASN WG 118 27.76 44.96 83.82
N LEU WG 119 26.47 44.78 83.69
CA LEU WG 119 25.82 43.53 84.06
C LEU WG 119 25.72 42.67 82.82
N ALA WG 120 26.34 41.48 82.85
CA ALA WG 120 26.27 40.64 81.67
C ALA WG 120 24.92 39.94 81.60
N ASP WG 121 24.53 39.32 82.69
CA ASP WG 121 23.22 38.71 82.89
C ASP WG 121 23.07 38.55 84.39
N ALA WG 122 22.17 37.68 84.82
CA ALA WG 122 22.21 37.24 86.21
C ALA WG 122 23.50 36.49 86.46
N GLN WG 123 23.95 36.52 87.71
CA GLN WG 123 25.17 35.86 88.21
C GLN WG 123 26.42 36.37 87.51
N SER WG 124 26.42 37.62 87.04
CA SER WG 124 27.56 38.12 86.27
C SER WG 124 27.54 39.65 86.30
N ILE WG 125 28.40 40.23 87.14
CA ILE WG 125 28.58 41.68 87.10
C ILE WG 125 30.06 42.00 87.07
N ARG WG 126 30.40 43.06 86.33
CA ARG WG 126 31.79 43.45 86.17
C ARG WG 126 31.89 44.95 86.40
N ILE WG 127 32.66 45.34 87.42
CA ILE WG 127 32.75 46.74 87.79
C ILE WG 127 34.20 47.20 87.60
N SER WG 128 34.33 48.49 87.33
CA SER WG 128 35.62 49.12 87.08
C SER WG 128 35.53 50.57 87.52
N ASP WG 129 36.69 51.16 87.75
CA ASP WG 129 36.75 52.53 88.24
C ASP WG 129 36.94 53.54 87.11
N ARG WG 130 37.97 53.37 86.29
CA ARG WG 130 38.27 54.31 85.22
C ARG WG 130 38.69 53.56 83.97
N THR WG 131 38.25 54.08 82.82
CA THR WG 131 38.56 53.50 81.52
C THR WG 131 39.11 54.57 80.61
N TYR WG 132 40.13 54.19 79.84
CA TYR WG 132 40.81 55.08 78.90
C TYR WG 132 40.92 54.38 77.56
N LYS WG 133 40.58 55.10 76.49
CA LYS WG 133 40.55 54.55 75.14
C LYS WG 133 41.18 55.53 74.17
N VAL WG 134 42.08 55.05 73.32
CA VAL WG 134 42.53 55.84 72.19
C VAL WG 134 41.44 55.87 71.14
N ALA WG 135 41.04 57.06 70.72
CA ALA WG 135 40.03 57.15 69.68
C ALA WG 135 40.65 57.05 68.29
N LYS WG 136 41.52 57.98 67.95
CA LYS WG 136 42.21 57.97 66.67
C LYS WG 136 43.70 58.04 66.91
N GLN WG 137 44.43 57.14 66.24
CA GLN WG 137 45.88 57.12 66.35
C GLN WG 137 46.46 58.39 65.75
N ALA WG 138 47.45 58.95 66.45
CA ALA WG 138 48.09 60.19 66.02
C ALA WG 138 48.82 59.99 64.70
N HIS WG 139 48.95 61.07 63.95
CA HIS WG 139 49.46 61.01 62.60
C HIS WG 139 50.02 62.37 62.21
N PHE WG 140 50.35 62.50 60.93
CA PHE WG 140 50.95 63.72 60.43
C PHE WG 140 49.90 64.71 59.95
N ILE WG 141 50.20 65.99 60.11
CA ILE WG 141 49.40 67.07 59.56
C ILE WG 141 50.32 68.06 58.91
N THR WG 142 49.80 68.80 57.94
CA THR WG 142 50.59 69.85 57.30
C THR WG 142 50.18 71.24 57.76
N THR WG 143 49.05 71.37 58.43
CA THR WG 143 48.57 72.65 58.91
C THR WG 143 47.65 72.38 60.08
N PRO WG 144 47.55 73.30 61.03
CA PRO WG 144 46.50 73.20 62.02
C PRO WG 144 45.14 73.30 61.37
N PRO WG 145 44.18 72.56 61.86
CA PRO WG 145 42.80 72.77 61.41
C PRO WG 145 42.19 73.99 62.08
N THR WG 146 40.90 74.21 61.84
CA THR WG 146 40.20 75.28 62.54
C THR WG 146 38.81 74.76 62.90
N TRP WG 147 37.94 75.68 63.27
CA TRP WG 147 36.60 75.31 63.67
C TRP WG 147 35.64 75.23 62.50
N ARG WG 148 36.07 75.64 61.31
CA ARG WG 148 35.12 75.82 60.22
C ARG WG 148 34.64 74.50 59.65
N GLN WG 149 35.45 73.47 59.72
CA GLN WG 149 35.04 72.13 59.32
C GLN WG 149 34.33 71.41 60.45
N TYR WG 150 33.92 72.10 61.48
CA TYR WG 150 33.10 71.55 62.54
C TYR WG 150 31.84 72.36 62.79
N LEU WG 151 31.88 73.66 62.58
CA LEU WG 151 30.83 74.54 63.07
C LEU WG 151 30.01 75.20 61.99
N TRP WG 152 30.58 75.43 60.81
CA TRP WG 152 29.85 76.13 59.77
C TRP WG 152 28.75 75.21 59.24
N MET WG 153 27.55 75.74 59.13
CA MET WG 153 26.45 74.99 58.56
C MET WG 153 26.07 75.57 57.21
N ASP WG 154 25.67 74.69 56.31
CA ASP WG 154 25.59 75.07 54.91
C ASP WG 154 24.38 75.94 54.66
N TYR WG 155 24.47 76.75 53.61
CA TYR WG 155 23.40 77.68 53.29
C TYR WG 155 23.20 77.80 51.79
N VAL WG 156 21.96 77.60 51.36
CA VAL WG 156 21.53 77.90 50.01
C VAL WG 156 20.22 78.66 50.11
N LYS WG 157 19.78 79.19 48.99
CA LYS WG 157 18.47 79.82 48.94
C LYS WG 157 17.52 78.91 48.18
N PRO WG 158 16.62 78.23 48.85
CA PRO WG 158 15.56 77.49 48.15
C PRO WG 158 14.52 78.49 47.67
N GLU WG 159 14.48 78.70 46.36
CA GLU WG 159 13.91 79.93 45.82
C GLU WG 159 12.74 79.73 44.88
N ALA WG 160 12.48 78.52 44.41
CA ALA WG 160 11.56 78.30 43.30
C ALA WG 160 10.44 77.36 43.70
N PRO WG 161 9.35 77.88 44.29
CA PRO WG 161 8.13 77.07 44.36
C PRO WG 161 7.40 77.16 43.03
N ASN WG 162 7.13 76.00 42.44
CA ASN WG 162 6.46 75.92 41.15
C ASN WG 162 5.03 76.43 41.26
N VAL WG 163 4.47 76.89 40.14
CA VAL WG 163 3.16 77.52 40.20
C VAL WG 163 2.12 76.41 40.18
N THR WG 164 1.95 75.78 41.34
CA THR WG 164 1.13 74.58 41.49
C THR WG 164 0.01 74.78 42.50
N LEU WG 165 0.37 75.20 43.71
CA LEU WG 165 -0.59 75.34 44.81
C LEU WG 165 -0.50 76.79 45.27
N LEU WG 166 -1.38 77.62 44.76
CA LEU WG 166 -1.35 79.00 45.17
C LEU WG 166 -2.67 79.38 45.81
N PRO WG 167 -2.63 80.10 46.93
CA PRO WG 167 -3.88 80.46 47.60
C PRO WG 167 -4.64 81.53 46.85
N LYS WG 168 -5.95 81.35 46.78
CA LYS WG 168 -6.83 82.35 46.17
C LYS WG 168 -8.07 82.64 47.00
N THR WG 169 -8.47 81.79 47.93
CA THR WG 169 -9.55 82.06 48.86
C THR WG 169 -9.03 82.09 50.28
N LYS WG 170 -9.93 82.44 51.20
CA LYS WG 170 -9.55 82.66 52.59
C LYS WG 170 -9.10 81.38 53.28
N ALA WG 171 -9.81 80.28 53.02
CA ALA WG 171 -9.53 79.02 53.71
C ALA WG 171 -8.20 78.43 53.26
N GLU WG 172 -7.96 78.43 51.94
CA GLU WG 172 -6.68 77.94 51.45
C GLU WG 172 -5.55 78.88 51.86
N LYS WG 173 -5.84 80.18 51.96
CA LYS WG 173 -4.85 81.14 52.44
C LYS WG 173 -4.46 80.87 53.88
N GLU WG 174 -5.44 80.62 54.74
CA GLU WG 174 -5.11 80.43 56.15
C GLU WG 174 -4.50 79.06 56.42
N ILE WG 175 -4.89 78.02 55.68
CA ILE WG 175 -4.21 76.74 55.87
C ILE WG 175 -2.79 76.82 55.32
N TRP WG 176 -2.58 77.63 54.27
CA TRP WG 176 -1.24 77.89 53.76
C TRP WG 176 -0.40 78.60 54.81
N CYS WG 177 -1.00 79.59 55.49
CA CYS WG 177 -0.30 80.33 56.52
C CYS WG 177 0.06 79.44 57.71
N ILE WG 178 -0.87 78.60 58.17
CA ILE WG 178 -0.56 77.81 59.35
C ILE WG 178 0.41 76.69 59.02
N TYR WG 179 0.31 76.10 57.82
CA TYR WG 179 1.26 75.08 57.40
C TYR WG 179 2.65 75.69 57.25
N THR WG 180 2.72 76.91 56.73
CA THR WG 180 3.96 77.66 56.67
C THR WG 180 4.54 77.89 58.06
N GLU WG 181 3.68 78.21 59.03
CA GLU WG 181 4.14 78.49 60.39
C GLU WG 181 4.74 77.25 61.04
N ARG WG 182 4.05 76.11 60.94
CA ARG WG 182 4.57 74.92 61.60
C ARG WG 182 5.78 74.34 60.86
N GLY WG 183 5.84 74.53 59.54
CA GLY WG 183 7.06 74.21 58.83
C GLY WG 183 8.23 75.06 59.30
N TRP WG 184 7.98 76.36 59.50
CA TRP WG 184 9.00 77.29 59.98
C TRP WG 184 9.55 76.86 61.33
N LYS WG 185 8.64 76.49 62.24
CA LYS WG 185 9.04 76.04 63.57
C LYS WG 185 9.83 74.74 63.51
N ASN WG 186 9.40 73.82 62.66
CA ASN WG 186 10.09 72.54 62.51
C ASN WG 186 11.52 72.73 61.99
N GLY WG 187 11.68 73.62 61.01
CA GLY WG 187 13.01 73.90 60.49
C GLY WG 187 13.92 74.54 61.51
N ILE WG 188 13.35 75.42 62.34
CA ILE WG 188 14.10 76.03 63.45
C ILE WG 188 14.62 74.95 64.39
N ASP WG 189 13.75 74.01 64.76
CA ASP WG 189 14.11 72.97 65.71
C ASP WG 189 15.20 72.06 65.14
N GLN WG 190 15.08 71.70 63.87
CA GLN WG 190 16.06 70.81 63.25
C GLN WG 190 17.43 71.48 63.15
N ALA WG 191 17.45 72.78 62.83
CA ALA WG 191 18.72 73.49 62.73
C ALA WG 191 19.42 73.56 64.08
N ASN WG 192 18.65 73.81 65.15
CA ASN WG 192 19.25 73.86 66.48
C ASN WG 192 19.82 72.52 66.90
N THR WG 193 19.12 71.44 66.52
CA THR WG 193 19.62 70.10 66.79
C THR WG 193 20.95 69.85 66.10
N ILE WG 194 21.05 70.27 64.84
CA ILE WG 194 22.27 70.07 64.08
C ILE WG 194 23.45 70.82 64.71
N LEU WG 195 23.19 72.06 65.13
CA LEU WG 195 24.25 72.87 65.71
C LEU WG 195 24.75 72.29 67.02
N GLU WG 196 23.84 71.76 67.85
CA GLU WG 196 24.29 71.24 69.13
C GLU WG 196 25.04 69.91 68.96
N GLU WG 197 24.70 69.14 67.92
CA GLU WG 197 25.52 67.96 67.61
C GLU WG 197 26.93 68.36 67.18
N ASN WG 198 27.04 69.43 66.40
CA ASN WG 198 28.36 69.93 65.99
C ASN WG 198 29.19 70.38 67.19
N ILE WG 199 28.54 71.08 68.13
CA ILE WG 199 29.19 71.54 69.35
C ILE WG 199 29.73 70.36 70.13
N ALA WG 200 28.92 69.30 70.24
CA ALA WG 200 29.37 68.10 70.93
C ALA WG 200 30.58 67.47 70.26
N ARG WG 201 30.59 67.46 68.92
CA ARG WG 201 31.70 66.86 68.19
C ARG WG 201 33.01 67.60 68.45
N ILE WG 202 32.97 68.93 68.38
CA ILE WG 202 34.23 69.66 68.49
C ILE WG 202 34.71 69.70 69.93
N LYS WG 203 33.78 69.70 70.90
CA LYS WG 203 34.17 69.61 72.29
C LYS WG 203 34.84 68.27 72.57
N GLU WG 204 34.33 67.20 71.96
CA GLU WG 204 34.92 65.88 72.12
C GLU WG 204 36.34 65.85 71.58
N ASP WG 205 36.58 66.48 70.42
CA ASP WG 205 37.90 66.44 69.83
C ASP WG 205 38.92 67.22 70.67
N PHE WG 206 38.54 68.41 71.14
CA PHE WG 206 39.45 69.21 71.94
C PHE WG 206 39.73 68.55 73.29
N GLY WG 207 38.70 67.90 73.86
CA GLY WG 207 38.90 67.18 75.10
C GLY WG 207 39.85 66.02 74.94
N GLY WG 208 39.80 65.37 73.77
CA GLY WG 208 40.74 64.28 73.52
C GLY WG 208 42.18 64.72 73.45
N MET WG 209 42.45 65.82 72.74
CA MET WG 209 43.84 66.24 72.61
C MET WG 209 44.39 66.79 73.93
N ILE WG 210 43.56 67.52 74.68
CA ILE WG 210 44.06 67.99 75.98
C ILE WG 210 44.18 66.83 76.97
N LEU WG 211 43.40 65.76 76.79
CA LEU WG 211 43.57 64.60 77.63
C LEU WG 211 44.87 63.89 77.35
N TYR WG 212 45.31 63.88 76.09
CA TYR WG 212 46.64 63.36 75.78
C TYR WG 212 47.72 64.18 76.46
N ARG WG 213 47.57 65.51 76.46
CA ARG WG 213 48.55 66.34 77.14
C ARG WG 213 48.60 66.03 78.64
N LYS WG 214 47.42 65.81 79.23
CA LYS WG 214 47.34 65.42 80.64
C LYS WG 214 48.04 64.10 80.90
N LEU WG 215 47.84 63.12 80.03
CA LEU WG 215 48.42 61.80 80.28
C LEU WG 215 49.93 61.81 80.12
N LEU WG 216 50.44 62.55 79.13
CA LEU WG 216 51.89 62.62 78.98
C LEU WG 216 52.52 63.41 80.11
N ALA WG 217 51.77 64.36 80.68
CA ALA WG 217 52.21 64.96 81.93
C ALA WG 217 52.25 63.91 83.04
N MET WG 218 51.27 63.03 83.06
CA MET WG 218 51.15 62.03 84.10
C MET WG 218 52.09 60.84 83.92
N ASN WG 219 52.82 60.80 82.81
CA ASN WG 219 53.64 59.66 82.38
C ASN WG 219 52.75 58.42 82.21
N MET WG 220 51.89 58.49 81.20
CA MET WG 220 51.00 57.40 80.85
C MET WG 220 51.15 56.94 79.41
N VAL WG 221 51.88 57.66 78.58
CA VAL WG 221 52.01 57.35 77.17
C VAL WG 221 53.44 57.58 76.73
N SER WG 222 53.95 56.67 75.93
CA SER WG 222 55.20 56.94 75.24
C SER WG 222 54.96 58.02 74.21
N PRO WG 223 55.80 59.05 74.15
CA PRO WG 223 55.68 60.07 73.11
C PRO WG 223 56.00 59.47 71.75
N PRO WG 224 55.48 60.04 70.67
CA PRO WG 224 55.74 59.48 69.34
C PRO WG 224 57.21 59.60 68.97
N TYR WG 225 57.68 58.63 68.19
CA TYR WG 225 59.10 58.44 67.95
C TYR WG 225 59.40 58.61 66.47
N VAL WG 226 60.39 59.44 66.17
CA VAL WG 226 60.76 59.72 64.80
C VAL WG 226 62.09 59.06 64.48
N SER WG 227 62.43 59.03 63.19
CA SER WG 227 63.75 58.62 62.74
C SER WG 227 63.99 59.28 61.39
N HIS WG 228 65.12 59.96 61.25
CA HIS WG 228 65.46 60.63 60.01
C HIS WG 228 66.71 59.98 59.42
N THR WG 229 66.63 59.67 58.14
CA THR WG 229 67.79 59.23 57.38
C THR WG 229 68.15 60.32 56.38
N ASP WG 230 69.45 60.54 56.23
CA ASP WG 230 69.96 61.64 55.45
C ASP WG 230 70.45 61.15 54.09
N LEU WG 231 70.08 61.86 53.05
CA LEU WG 231 70.60 61.64 51.71
C LEU WG 231 71.25 62.91 51.24
N GLY WG 232 72.45 62.80 50.70
CA GLY WG 232 73.08 63.94 50.07
C GLY WG 232 72.58 64.10 48.65
N VAL WG 233 73.50 64.31 47.72
CA VAL WG 233 73.12 64.42 46.32
C VAL WG 233 72.67 63.06 45.80
N THR WG 234 71.73 63.09 44.87
CA THR WG 234 71.18 61.86 44.32
C THR WG 234 70.55 62.16 42.97
N GLY WG 235 70.28 61.10 42.22
CA GLY WG 235 69.62 61.21 40.93
C GLY WG 235 70.60 61.12 39.78
N ASP WG 236 70.05 61.23 38.57
CA ASP WG 236 70.83 61.17 37.34
C ASP WG 236 71.31 62.57 36.98
N GLY WG 237 71.86 62.73 35.78
CA GLY WG 237 72.28 64.03 35.32
C GLY WG 237 71.17 64.95 34.89
N SER WG 238 69.93 64.49 34.90
CA SER WG 238 68.79 65.31 34.50
C SER WG 238 67.92 65.77 35.66
N GLU WG 239 67.65 64.91 36.64
CA GLU WG 239 66.82 65.26 37.78
C GLU WG 239 67.66 65.21 39.04
N ILE WG 240 67.70 66.31 39.78
CA ILE WG 240 68.53 66.35 40.99
C ILE WG 240 67.79 67.03 42.11
N HIS WG 241 68.06 66.56 43.33
CA HIS WG 241 67.77 67.27 44.55
C HIS WG 241 69.04 67.34 45.38
N ILE WG 242 69.22 68.45 46.09
CA ILE WG 242 70.48 68.68 46.78
C ILE WG 242 70.58 67.81 48.02
N ASP WG 243 69.70 68.01 48.99
CA ASP WG 243 69.70 67.20 50.20
C ASP WG 243 68.29 66.69 50.44
N ASP WG 244 68.20 65.48 50.99
CA ASP WG 244 66.93 64.79 51.16
C ASP WG 244 66.86 64.25 52.58
N ARG WG 245 66.02 64.84 53.41
CA ARG WG 245 65.80 64.35 54.76
C ARG WG 245 64.56 63.49 54.76
N VAL WG 246 64.70 62.22 55.13
CA VAL WG 246 63.61 61.27 55.10
C VAL WG 246 63.18 60.99 56.53
N LEU WG 247 61.92 61.30 56.83
CA LEU WG 247 61.39 61.20 58.18
C LEU WG 247 60.35 60.09 58.23
N ARG WG 248 60.48 59.21 59.21
CA ARG WG 248 59.46 58.20 59.44
C ARG WG 248 59.17 58.11 60.92
N ILE WG 249 57.94 57.74 61.25
CA ILE WG 249 57.51 57.60 62.63
C ILE WG 249 57.47 56.11 62.94
N THR WG 250 58.30 55.69 63.89
CA THR WG 250 58.42 54.29 64.21
C THR WG 250 57.41 53.86 65.26
N ALA WG 251 57.48 54.46 66.44
CA ALA WG 251 56.63 54.06 67.56
C ALA WG 251 55.48 55.04 67.67
N LEU WG 252 54.26 54.55 67.41
CA LEU WG 252 53.08 55.34 67.67
C LEU WG 252 52.85 55.44 69.17
N PRO WG 253 52.25 56.53 69.64
CA PRO WG 253 51.95 56.64 71.07
C PRO WG 253 50.92 55.63 71.51
N GLU WG 254 51.10 55.09 72.71
CA GLU WG 254 50.16 54.14 73.28
C GLU WG 254 50.29 54.17 74.80
N LEU WG 255 49.26 53.65 75.47
CA LEU WG 255 49.26 53.62 76.93
C LEU WG 255 50.27 52.60 77.45
N ASN WG 256 50.72 52.81 78.68
CA ASN WG 256 51.56 51.86 79.36
C ASN WG 256 50.73 51.01 80.31
N VAL WG 257 51.20 49.81 80.57
CA VAL WG 257 50.58 48.96 81.59
C VAL WG 257 51.45 48.85 82.82
N ASN WG 258 52.62 49.46 82.83
CA ASN WG 258 53.51 49.38 83.98
C ASN WG 258 53.18 50.53 84.90
N SER WG 259 52.17 50.32 85.74
CA SER WG 259 51.67 51.37 86.62
C SER WG 259 52.58 51.64 87.79
N ALA WG 260 53.61 50.82 88.02
CA ALA WG 260 54.60 51.11 89.04
C ALA WG 260 55.45 52.31 88.69
N GLU WG 261 55.52 52.69 87.42
CA GLU WG 261 56.22 53.87 86.97
C GLU WG 261 55.31 55.07 86.86
N TRP WG 262 54.04 54.94 87.22
CA TRP WG 262 53.12 56.05 87.14
C TRP WG 262 53.46 57.07 88.23
N ARG WG 263 53.47 58.34 87.84
CA ARG WG 263 53.83 59.40 88.75
C ARG WG 263 52.62 60.26 89.09
N ALA WG 264 52.46 60.55 90.36
CA ALA WG 264 51.33 61.32 90.83
C ALA WG 264 51.63 62.81 90.79
N ALA WG 265 50.68 63.60 91.28
CA ALA WG 265 50.82 65.04 91.27
C ALA WG 265 49.99 65.62 92.39
N VAL WG 266 50.60 66.53 93.16
CA VAL WG 266 49.93 67.16 94.28
C VAL WG 266 50.07 68.66 94.12
N ALA WG 267 48.94 69.37 94.20
CA ALA WG 267 48.90 70.80 93.98
C ALA WG 267 49.20 71.53 95.30
N LYS WG 268 48.86 72.82 95.33
CA LYS WG 268 48.97 73.62 96.55
C LYS WG 268 47.78 74.55 96.74
#